data_5FLZ
#
_entry.id   5FLZ
#
_cell.length_a   1.000
_cell.length_b   1.000
_cell.length_c   1.000
_cell.angle_alpha   90.00
_cell.angle_beta   90.00
_cell.angle_gamma   90.00
#
_symmetry.space_group_name_H-M   'P 1'
#
loop_
_entity.id
_entity.type
_entity.pdbx_description
1 polymer 'SPINDLE POLE BODY COMPONENT SPC97'
2 polymer 'SPINDLE POLE BODY COMPONENT SPC98'
3 polymer 'TUBULIN GAMMA CHAIN'
4 polymer 'SPINDLE POLE BODY COMPONENT 110'
#
loop_
_entity_poly.entity_id
_entity_poly.type
_entity_poly.pdbx_seq_one_letter_code
_entity_poly.pdbx_strand_id
1 'polypeptide(L)'
;MEIKEVDDRAELLRYTNNIPLLGKLVNHQPLWSTNPKLKSFSLEKISAPDQRRVQEALVVKDLLNVLIGLEGTYIRYFND
YEPSDPETPIEFKIAKKMDPSFKTFSRRIVRYGKQYMILTRAYEKWSDTSFGMVLQRFAYEIRRFLEDVYLKTLVERLER
DFNKVPNFSIRELEQIINETEVNKQMELLYNIYEEIFREIEERRTNQSSQEDFNNFMDSMKNESSLHLRLMVAFDTTVYP
VPKGGAILKIFQQKILENLGDRSSVMFLKKLLNNISQDYCTMLYEWLTQGILNDPYQEFMTYDDLEGKTDNIFDTRDRAW
DTQYFIRKDVLLRDCDSEEDKNLLFKMLRTGILLKVVRASLQIPTIPSNSSDITIQEINDFADLMEGSNLELYVDKCYSR
ANEIFLKLFFQGYDLINVLKHLQQIFLGYQSGHNVLKFLTKNMGELTKHYRNDNNANYDKLLQNFELERQSENPNNLMRQ
LLMIQFDTETLPQVLSHYLQIYPEVPENNSANDDSDPLMHANNFKNMNAILFDELSKERTGAYHGSNLELYTPKSAIYHL
KFDINIPYPLNIIISRTCMIKYQIILRYQLVLQYHSRLLDETWMDLNKTPSWKYRGYSHTVKRRIVRATRVLHAKMNHFI
KTIMEYFNQNVIDKEVYSLEKCYRNPTLAVAIQNELEGGLTNIMTNRCLSDLIPLQLQIFDIVYKFCKFIKSMRAKLCQL
DPVLYEKHKSGMMKTLNEGYRTNNGGQEDVGYQEDAALELIQKLIEYISNASSIFRKCLINFTQELSTEKFDFYDSSSVD
AAGIERVLYSIVPPRSASASSQR
;
A
2 'polypeptide(L)'
;MELEPTLFGIIEALAPQLLSQSHLQTFVSDVVNLLRSSTKSATQLGPLIDFYKLQSLDSPETTIMWHKIEKFLDALFGIQ
NTDDMVKYLSVFQSLLPSNYRAKIVQKSSGLNMENLANHEHLLSPVRAPSIYTEASFENMDRFSERRSMVSSPNRYVPSS
TYSSVTLRQLSNPYYVNTIPEEDILKYVSYTLLATTSALFPFDHEQIQIPSKIPNFESGLLHLIFEAGLLYQSLGYKVEK
FRMLNISPMKKALIIEISEELQNYTAFVNNLVSSGTVVSLKSLYREIYENIIRLRIYCRFTEHLEELSGDTFLIELNIFK
SHGDLTIRKIATNLFNSMISLYYEYLMNWLTKGLLRATYGEFFIAENTDTNGTDDDFIYHIPIEFNQERVPAFIPKELAY
KIFMIGKSYIFLEKYCKEVQWTNEFSKKYHVLYQSNSYRGISTNFFEIINDQYSEIVNHTNQILNQKFHYRDVVFALKNI
LLMGKSDFMDALIEKANDILATPSDSLPNYKLTRVLQEAVQLSSLRHLMNSPRNSSVINGLDARVLDLGHGSVGWDVFTL
DYILYPPLSLVLNVNRPFGRKEYLRIFNFLWRFKKNNYFYQKEMLKSNDIIRSFKKIRGYNPLIRDIINKLSRISILRTQ
FQQFNSKMESYYLNCIIEENFKEMTRKLQRTENKSQNQFDLIRLNNGTIELNGILTPKAEVLTKSSSSKPQKHAIEKTLN
IDELESVHNTFLTNILSHKLFATNTSEISVGDYSGQPYPTSLVLLLNSVYEFVKVYCNLNDIGYEIFIKMNLNDHEASNG
LLGKFNTNLKEIVSQYKNFKDRLYIFRADLKNDGDEELFLLSKSLR
;
B
3 'polypeptide(L)'
;MGGEIITLQAGQCGNHVGKFLWSQLAKEHAIGTDGLSQLPDSSTERDDDTKPFFRENCRNKFTPRAIMMDSEPSVIADVE
NTFRGFFDPRNTWVASDGASAGNSWANGYDIGTRNQDDILNKIDKEIDSTDNFEGFQLLHSVAGGTGSGLGSNLLEALCD
RYPKKILTTYSVFPARSSEVVVQSYNTILALRRLIEDSDATVVFDNASLLNISGKVFRNPNIDLQHTNQLISTIISSVTN
SIRFPSYMYSSMSSIYSTLIPSPELHFLSPSFTPFTSDYIHDDIAHKCHSSYDVMLDLLDPSNSLVSTAMNNPTYFNVYN
TIIGNVEPRQISRAMTKLQQRIKFPSWSSSAMHVNIGRRSPYLPLQPNENEVSGMMLSNMSTVVNVFENACNTFDKVFAK
GAFLNNYNVGDLFQSMQNVQDEFAESREVVQSLMEDYVAAEQDSYLDDVLVDDENMVGELEEDLDADGDHKLV
;
C,D
4 'polypeptide(L)'
;(UNK)(UNK)(UNK)(UNK)(UNK)(UNK)(UNK)(UNK)(UNK)(UNK)(UNK)(UNK)(UNK)(UNK)(UNK)(UNK)
(UNK)(UNK)(UNK)(UNK)(UNK)(UNK)(UNK)(UNK)(UNK)(UNK)(UNK)(UNK)(UNK)(UNK)(UNK)(UNK)
(UNK)(UNK)(UNK)(UNK)(UNK)(UNK)(UNK)(UNK)(UNK)(UNK)(UNK)(UNK)
;
E,F
#
# COMPACT_ATOMS: atom_id res chain seq x y z
N GLN A 55 84.32 63.02 15.57
CA GLN A 55 83.98 62.49 14.27
C GLN A 55 83.41 61.17 14.48
N GLU A 56 84.21 60.35 15.23
CA GLU A 56 83.97 58.97 15.58
C GLU A 56 82.73 58.77 16.44
N ALA A 57 82.56 59.71 17.42
CA ALA A 57 81.46 59.83 18.33
C ALA A 57 80.19 60.09 17.59
N LEU A 58 80.33 60.97 16.57
CA LEU A 58 79.20 61.37 15.79
C LEU A 58 78.67 60.19 15.02
N VAL A 59 79.63 59.38 14.50
CA VAL A 59 79.30 58.22 13.68
C VAL A 59 78.56 57.19 14.43
N VAL A 60 79.00 56.89 15.67
CA VAL A 60 78.32 55.89 16.53
C VAL A 60 76.90 56.34 16.94
N LYS A 61 76.66 57.67 17.24
CA LYS A 61 75.38 58.24 17.58
C LYS A 61 74.49 58.15 16.37
N ASP A 62 75.03 58.41 15.18
CA ASP A 62 74.34 58.30 13.90
C ASP A 62 73.98 56.79 13.67
N LEU A 63 74.85 55.87 14.04
CA LEU A 63 74.70 54.40 13.88
C LEU A 63 73.61 53.83 14.62
N LEU A 64 73.40 54.25 15.90
CA LEU A 64 72.33 53.83 16.74
C LEU A 64 71.01 54.19 16.24
N ASN A 65 70.96 55.42 15.75
CA ASN A 65 69.76 55.96 15.16
C ASN A 65 69.39 55.18 13.88
N VAL A 66 70.38 54.82 13.05
CA VAL A 66 70.15 54.09 11.78
C VAL A 66 69.56 52.66 11.97
N LEU A 67 70.18 52.04 13.03
CA LEU A 67 69.93 50.68 13.37
C LEU A 67 68.51 50.36 13.78
N ILE A 68 67.85 51.35 14.49
CA ILE A 68 66.49 51.08 14.74
C ILE A 68 65.64 51.06 13.44
N GLY A 69 66.03 51.77 12.34
CA GLY A 69 65.47 51.60 11.07
C GLY A 69 64.13 52.32 11.02
N LEU A 70 64.19 53.56 11.62
CA LEU A 70 63.00 54.45 11.50
C LEU A 70 62.78 54.99 10.13
N GLU A 71 61.52 55.31 9.72
CA GLU A 71 61.15 55.86 8.45
C GLU A 71 61.15 57.36 8.50
N GLY A 72 61.01 58.09 7.35
CA GLY A 72 61.11 59.49 7.41
C GLY A 72 61.01 60.11 6.06
N THR A 73 61.47 61.36 5.95
CA THR A 73 61.54 62.06 4.68
C THR A 73 62.95 61.87 4.19
N TYR A 74 63.91 61.70 5.12
CA TYR A 74 65.31 61.61 4.61
C TYR A 74 65.54 60.24 4.01
N ILE A 75 64.80 59.26 4.52
CA ILE A 75 64.79 57.86 4.13
C ILE A 75 63.60 57.70 3.31
N ARG A 76 63.80 57.59 1.99
CA ARG A 76 62.68 57.71 1.07
C ARG A 76 62.24 56.34 0.65
N TYR A 77 61.04 56.28 0.00
CA TYR A 77 60.21 55.15 -0.26
C TYR A 77 60.07 54.96 -1.72
N PHE A 78 60.33 53.72 -2.18
CA PHE A 78 60.08 53.32 -3.53
C PHE A 78 59.03 52.25 -3.26
N ASN A 79 57.90 52.31 -3.99
CA ASN A 79 56.65 51.63 -3.59
C ASN A 79 56.83 50.15 -3.54
N ASP A 80 57.40 49.47 -4.52
CA ASP A 80 57.52 48.04 -4.62
C ASP A 80 58.43 47.51 -3.54
N ILE A 90 62.18 49.49 -4.78
CA ILE A 90 63.04 48.59 -3.89
C ILE A 90 62.36 48.44 -2.55
N GLU A 91 61.82 49.51 -2.00
CA GLU A 91 61.25 49.58 -0.62
C GLU A 91 61.77 50.91 -0.22
N PHE A 92 62.01 51.08 1.12
CA PHE A 92 62.61 52.27 1.61
C PHE A 92 64.13 52.20 1.27
N LYS A 93 64.73 53.27 0.78
CA LYS A 93 66.15 53.31 0.63
C LYS A 93 66.58 54.62 1.09
N ILE A 94 67.83 54.79 1.62
CA ILE A 94 68.46 56.05 2.08
C ILE A 94 69.81 56.07 1.50
N ALA A 95 70.38 57.30 1.33
CA ALA A 95 71.68 57.60 0.83
C ALA A 95 72.73 57.02 1.78
N LYS A 96 73.83 56.49 1.25
CA LYS A 96 74.87 55.86 2.00
C LYS A 96 76.04 56.79 1.88
N LYS A 97 76.98 56.91 2.90
CA LYS A 97 78.02 57.93 2.85
C LYS A 97 78.69 57.84 4.20
N MET A 98 79.58 56.87 4.38
CA MET A 98 80.07 56.54 5.66
C MET A 98 81.48 56.25 5.40
N ASP A 99 82.19 55.87 6.48
CA ASP A 99 83.49 55.35 6.49
C ASP A 99 83.43 54.02 5.72
N PRO A 100 84.51 53.58 5.08
CA PRO A 100 84.56 52.37 4.28
C PRO A 100 84.21 51.16 5.22
N SER A 101 84.71 51.23 6.47
CA SER A 101 84.58 50.25 7.52
C SER A 101 83.08 50.07 7.85
N PHE A 102 82.42 51.20 8.22
CA PHE A 102 81.07 51.27 8.65
C PHE A 102 80.14 50.96 7.55
N LYS A 103 80.45 51.48 6.30
CA LYS A 103 79.65 51.34 5.12
C LYS A 103 79.46 49.92 4.72
N THR A 104 80.52 49.05 4.81
CA THR A 104 80.51 47.66 4.55
C THR A 104 79.58 46.91 5.57
N PHE A 105 79.75 47.28 6.87
CA PHE A 105 78.96 46.62 7.92
C PHE A 105 77.51 46.94 7.68
N SER A 106 77.28 48.18 7.33
CA SER A 106 75.92 48.79 7.08
C SER A 106 75.26 48.05 5.92
N ARG A 107 76.00 47.56 4.90
CA ARG A 107 75.49 46.73 3.83
C ARG A 107 75.02 45.43 4.31
N ARG A 108 75.78 44.78 5.22
CA ARG A 108 75.24 43.45 5.68
C ARG A 108 73.94 43.55 6.43
N ILE A 109 74.01 44.58 7.25
CA ILE A 109 72.93 44.95 8.16
C ILE A 109 71.61 45.29 7.45
N VAL A 110 71.80 45.90 6.27
CA VAL A 110 70.77 46.41 5.38
C VAL A 110 69.93 45.16 5.03
N ARG A 111 70.61 43.94 4.79
CA ARG A 111 69.96 42.77 4.51
C ARG A 111 69.08 42.28 5.57
N TYR A 112 69.51 42.30 6.83
CA TYR A 112 68.60 41.88 7.90
C TYR A 112 67.36 42.75 7.94
N GLY A 113 67.52 44.07 7.85
CA GLY A 113 66.46 45.02 8.04
C GLY A 113 65.32 44.98 7.09
N LYS A 114 65.82 44.67 5.79
CA LYS A 114 65.03 44.46 4.58
C LYS A 114 64.16 43.24 4.85
N GLN A 115 64.70 42.11 5.34
CA GLN A 115 63.82 41.07 5.64
C GLN A 115 62.83 41.41 6.68
N TYR A 116 63.19 42.10 7.76
CA TYR A 116 62.22 42.41 8.78
C TYR A 116 60.97 43.16 8.30
N MET A 117 61.19 44.13 7.47
CA MET A 117 60.23 44.92 6.76
C MET A 117 59.38 44.23 5.74
N ILE A 118 60.06 43.32 5.01
CA ILE A 118 59.38 42.43 3.95
C ILE A 118 58.42 41.51 4.75
N LEU A 119 58.93 40.97 5.92
CA LEU A 119 58.17 40.01 6.65
C LEU A 119 56.86 40.54 7.14
N THR A 120 56.90 41.76 7.70
CA THR A 120 55.70 42.42 8.18
C THR A 120 54.68 42.63 7.06
N ARG A 121 55.21 42.97 5.84
CA ARG A 121 54.41 43.18 4.72
C ARG A 121 53.65 41.93 4.30
N ALA A 122 54.40 40.80 4.34
CA ALA A 122 54.06 39.48 3.97
C ALA A 122 52.96 39.07 4.88
N TYR A 123 53.20 39.45 6.19
CA TYR A 123 52.28 39.04 7.23
C TYR A 123 50.89 39.57 7.05
N GLU A 124 50.71 40.86 6.64
CA GLU A 124 49.44 41.52 6.43
C GLU A 124 48.65 40.83 5.41
N LYS A 125 49.40 40.41 4.31
CA LYS A 125 48.82 39.84 3.19
C LYS A 125 48.10 38.55 3.50
N TRP A 126 48.85 37.69 4.28
CA TRP A 126 48.47 36.36 4.60
C TRP A 126 47.33 36.43 5.56
N SER A 127 47.26 37.42 6.42
CA SER A 127 46.21 37.59 7.40
C SER A 127 45.85 39.02 7.47
N ASP A 128 44.56 39.23 7.14
CA ASP A 128 43.89 40.53 7.19
C ASP A 128 42.36 40.13 7.19
N THR A 129 41.88 39.55 6.04
CA THR A 129 40.58 38.99 5.93
C THR A 129 40.68 38.03 4.76
N SER A 130 41.93 37.60 4.38
CA SER A 130 42.28 36.48 3.56
C SER A 130 41.45 35.25 3.68
N PHE A 131 41.70 34.35 2.63
CA PHE A 131 41.11 33.07 2.59
C PHE A 131 42.24 32.16 2.64
N GLY A 132 42.07 30.85 3.05
CA GLY A 132 43.13 29.84 3.16
C GLY A 132 43.17 29.81 4.68
N MET A 133 42.40 28.92 5.33
CA MET A 133 42.28 28.86 6.78
C MET A 133 43.53 28.49 7.37
N VAL A 134 44.14 27.57 6.72
CA VAL A 134 45.41 27.03 7.02
C VAL A 134 46.53 28.05 6.92
N LEU A 135 46.39 28.88 5.82
CA LEU A 135 47.33 29.86 5.41
C LEU A 135 47.51 30.96 6.47
N GLN A 136 46.34 31.36 6.97
CA GLN A 136 46.32 32.30 8.08
C GLN A 136 46.89 31.83 9.34
N ARG A 137 46.59 30.53 9.66
CA ARG A 137 46.82 29.93 10.92
C ARG A 137 48.33 29.85 11.17
N PHE A 138 49.05 29.56 10.09
CA PHE A 138 50.46 29.66 10.13
C PHE A 138 51.01 31.05 10.33
N ALA A 139 50.40 32.02 9.55
CA ALA A 139 50.91 33.36 9.54
C ALA A 139 50.81 34.06 10.82
N TYR A 140 49.69 33.90 11.55
CA TYR A 140 49.49 34.53 12.83
C TYR A 140 50.43 34.00 13.86
N GLU A 141 50.61 32.66 13.80
CA GLU A 141 51.52 32.10 14.77
C GLU A 141 52.95 32.49 14.61
N ILE A 142 53.46 32.53 13.40
CA ILE A 142 54.83 32.90 13.09
C ILE A 142 55.02 34.37 13.47
N ARG A 143 54.00 35.24 13.11
CA ARG A 143 54.23 36.71 13.39
C ARG A 143 54.35 36.97 14.88
N ARG A 144 53.50 36.29 15.65
CA ARG A 144 53.51 36.41 17.07
C ARG A 144 54.82 35.88 17.61
N PHE A 145 55.39 34.71 17.15
CA PHE A 145 56.62 34.24 17.71
C PHE A 145 57.83 35.13 17.41
N LEU A 146 57.97 35.62 16.13
CA LEU A 146 59.07 36.45 15.69
C LEU A 146 58.99 37.71 16.47
N GLU A 147 57.78 38.29 16.66
CA GLU A 147 57.71 39.52 17.42
C GLU A 147 58.18 39.35 18.81
N ASP A 148 57.80 38.22 19.55
CA ASP A 148 58.18 38.13 20.88
C ASP A 148 59.76 38.07 21.09
N VAL A 149 60.42 37.22 20.27
CA VAL A 149 61.83 37.10 20.39
C VAL A 149 62.54 38.39 20.06
N TYR A 150 62.18 39.06 18.93
CA TYR A 150 62.90 40.22 18.42
C TYR A 150 62.82 41.38 19.30
N LEU A 151 61.59 41.61 19.78
CA LEU A 151 61.15 42.75 20.58
C LEU A 151 61.89 42.70 21.84
N LYS A 152 61.97 41.55 22.52
CA LYS A 152 62.53 41.48 23.85
C LYS A 152 64.04 41.84 23.74
N THR A 153 64.69 41.19 22.78
CA THR A 153 66.05 41.16 22.59
C THR A 153 66.59 42.44 22.22
N LEU A 154 65.95 43.09 21.26
CA LEU A 154 66.35 44.33 20.64
C LEU A 154 66.29 45.40 21.64
N VAL A 155 65.17 45.44 22.43
CA VAL A 155 64.82 46.55 23.35
C VAL A 155 65.81 46.64 24.40
N GLU A 156 66.15 45.40 24.89
CA GLU A 156 67.00 45.27 25.99
C GLU A 156 68.41 45.83 25.53
N ARG A 157 68.79 45.45 24.29
CA ARG A 157 70.03 45.81 23.70
C ARG A 157 70.21 47.32 23.48
N LEU A 158 69.23 48.09 22.97
CA LEU A 158 69.32 49.47 22.74
C LEU A 158 69.44 50.24 24.00
N GLU A 159 68.64 49.81 25.05
CA GLU A 159 68.76 50.45 26.29
C GLU A 159 70.13 50.28 26.96
N ARG A 160 70.84 49.09 26.93
CA ARG A 160 72.08 48.84 27.57
C ARG A 160 73.12 49.74 26.89
N ASP A 161 73.09 49.85 25.52
CA ASP A 161 73.98 50.62 24.76
C ASP A 161 73.94 52.10 24.93
N PHE A 162 72.72 52.71 25.02
CA PHE A 162 72.48 54.07 25.29
C PHE A 162 72.95 54.41 26.75
N ASN A 163 72.56 53.53 27.71
CA ASN A 163 72.62 53.71 29.16
C ASN A 163 74.00 53.86 29.60
N LYS A 164 74.91 53.03 29.10
CA LYS A 164 76.29 52.93 29.62
C LYS A 164 77.09 54.12 29.42
N VAL A 165 77.08 54.52 28.18
CA VAL A 165 77.74 55.69 27.60
C VAL A 165 76.64 55.93 26.53
N PRO A 166 76.45 57.10 25.88
CA PRO A 166 75.41 57.31 24.96
C PRO A 166 75.37 56.39 23.79
N ASN A 167 76.42 55.74 23.36
CA ASN A 167 76.44 54.69 22.38
C ASN A 167 77.49 53.57 22.78
N PHE A 168 77.25 52.35 22.25
CA PHE A 168 78.14 51.35 22.48
C PHE A 168 77.92 50.33 21.36
N SER A 169 78.98 49.48 21.09
CA SER A 169 79.03 48.70 19.86
C SER A 169 78.08 47.43 19.84
N ILE A 170 77.39 47.39 18.68
CA ILE A 170 76.40 46.57 18.19
C ILE A 170 76.74 45.15 17.97
N ARG A 171 77.96 44.95 17.50
CA ARG A 171 78.35 43.83 16.74
C ARG A 171 78.23 42.48 17.36
N GLU A 172 78.63 42.32 18.67
CA GLU A 172 78.56 41.12 19.46
C GLU A 172 77.10 40.82 19.65
N LEU A 173 76.36 41.90 19.93
CA LEU A 173 74.92 41.79 20.26
C LEU A 173 74.13 41.24 19.14
N GLU A 174 74.47 41.79 17.97
CA GLU A 174 73.95 41.48 16.62
C GLU A 174 74.26 40.12 16.20
N GLN A 175 75.45 39.62 16.49
CA GLN A 175 75.76 38.30 16.01
C GLN A 175 74.86 37.25 16.62
N ILE A 176 74.62 37.35 17.96
CA ILE A 176 73.83 36.38 18.58
C ILE A 176 72.40 36.36 18.13
N ILE A 177 71.83 37.54 18.10
CA ILE A 177 70.48 37.73 17.79
C ILE A 177 70.21 37.22 16.39
N ASN A 178 71.23 37.55 15.51
CA ASN A 178 71.23 37.25 14.10
C ASN A 178 71.11 35.83 13.88
N GLU A 179 71.83 34.92 14.61
CA GLU A 179 71.65 33.58 14.11
C GLU A 179 70.32 32.98 14.22
N THR A 180 69.73 33.18 15.39
CA THR A 180 68.43 32.55 15.69
C THR A 180 67.41 33.10 14.69
N GLU A 181 67.41 34.47 14.53
CA GLU A 181 66.37 35.12 13.80
C GLU A 181 66.35 34.71 12.34
N VAL A 182 67.60 34.80 11.77
CA VAL A 182 67.89 34.89 10.36
C VAL A 182 67.32 33.63 9.70
N ASN A 183 67.73 32.50 10.35
CA ASN A 183 67.70 31.17 9.76
C ASN A 183 66.21 30.82 9.52
N LYS A 184 65.40 30.97 10.53
CA LYS A 184 63.99 30.44 10.57
C LYS A 184 63.17 31.22 9.57
N GLN A 185 63.28 32.55 9.72
CA GLN A 185 62.36 33.47 9.04
C GLN A 185 62.54 33.53 7.58
N MET A 186 63.84 33.59 7.12
CA MET A 186 64.27 33.84 5.82
C MET A 186 63.83 32.76 4.99
N GLU A 187 63.98 31.44 5.43
CA GLU A 187 63.83 30.21 4.69
C GLU A 187 62.39 30.12 4.37
N LEU A 188 61.48 30.43 5.34
CA LEU A 188 60.11 30.31 5.23
C LEU A 188 59.56 31.21 4.15
N LEU A 189 59.99 32.50 4.19
CA LEU A 189 59.48 33.56 3.35
C LEU A 189 59.91 33.37 1.98
N TYR A 190 61.15 32.86 1.74
CA TYR A 190 61.64 32.58 0.41
C TYR A 190 60.83 31.55 -0.41
N ASN A 191 60.42 30.44 0.23
CA ASN A 191 59.58 29.43 -0.42
C ASN A 191 58.23 29.94 -0.81
N ILE A 192 57.68 30.71 0.10
CA ILE A 192 56.38 31.26 0.11
C ILE A 192 56.29 32.21 -1.05
N TYR A 193 57.36 33.04 -1.30
CA TYR A 193 57.42 34.13 -2.31
C TYR A 193 57.29 33.38 -3.67
N GLU A 194 58.01 32.25 -3.78
CA GLU A 194 58.01 31.46 -5.02
C GLU A 194 56.65 30.93 -5.24
N GLU A 195 55.92 30.38 -4.22
CA GLU A 195 54.64 29.77 -4.30
C GLU A 195 53.57 30.88 -4.70
N ILE A 196 53.64 32.09 -4.19
CA ILE A 196 52.71 33.13 -4.43
C ILE A 196 52.73 33.49 -5.89
N PHE A 197 53.99 33.53 -6.47
CA PHE A 197 54.30 33.82 -7.85
C PHE A 197 53.70 32.73 -8.73
N ARG A 198 53.85 31.51 -8.29
CA ARG A 198 53.42 30.35 -8.94
C ARG A 198 51.92 30.35 -9.07
N GLU A 199 51.25 30.82 -7.99
CA GLU A 199 49.77 30.91 -7.98
C GLU A 199 49.32 31.87 -9.00
N ILE A 200 50.00 33.03 -9.20
CA ILE A 200 49.57 34.01 -10.24
C ILE A 200 49.72 33.33 -11.58
N GLU A 201 50.82 32.58 -11.80
CA GLU A 201 51.08 31.86 -13.00
C GLU A 201 50.08 30.78 -13.27
N GLU A 202 49.58 29.99 -12.20
CA GLU A 202 48.54 28.98 -12.38
C GLU A 202 47.20 29.59 -12.85
N ARG A 203 46.92 30.75 -12.18
CA ARG A 203 45.69 31.46 -12.43
C ARG A 203 45.66 31.97 -13.87
N ARG A 204 46.82 32.48 -14.39
CA ARG A 204 47.02 32.94 -15.79
C ARG A 204 46.88 31.82 -16.80
N THR A 205 47.41 30.66 -16.46
CA THR A 205 47.52 29.56 -17.39
C THR A 205 47.96 28.26 -16.64
N LYS A 243 45.19 21.50 -3.42
CA LYS A 243 45.85 22.60 -2.59
C LYS A 243 46.27 22.08 -1.26
N GLY A 244 45.42 21.35 -0.47
CA GLY A 244 45.72 20.95 0.87
C GLY A 244 47.00 20.08 0.92
N GLY A 245 47.06 19.04 0.14
CA GLY A 245 48.09 18.06 0.09
C GLY A 245 49.37 18.78 -0.42
N ALA A 246 49.22 19.76 -1.35
CA ALA A 246 50.28 20.56 -1.78
C ALA A 246 50.89 21.39 -0.67
N ILE A 247 50.14 22.00 0.25
CA ILE A 247 50.74 22.69 1.37
C ILE A 247 51.54 21.85 2.33
N LEU A 248 51.07 20.62 2.69
CA LEU A 248 51.67 19.63 3.46
C LEU A 248 52.95 19.14 2.77
N LYS A 249 52.87 18.97 1.45
CA LYS A 249 53.95 18.48 0.63
C LYS A 249 55.16 19.36 0.57
N ILE A 250 54.87 20.72 0.41
CA ILE A 250 55.80 21.79 0.34
C ILE A 250 56.53 21.83 1.67
N PHE A 251 55.76 21.65 2.83
CA PHE A 251 56.32 21.64 4.19
C PHE A 251 57.24 20.45 4.40
N GLN A 252 56.85 19.31 3.83
CA GLN A 252 57.61 18.09 3.82
C GLN A 252 58.91 18.18 3.10
N GLN A 253 58.93 18.89 1.95
CA GLN A 253 60.10 19.12 1.10
C GLN A 253 61.04 19.95 1.85
N LYS A 254 60.46 20.96 2.55
CA LYS A 254 61.25 21.91 3.38
C LYS A 254 61.94 21.25 4.56
N ILE A 255 61.32 20.27 5.25
CA ILE A 255 61.96 19.55 6.30
C ILE A 255 63.09 18.76 5.81
N LEU A 256 62.81 18.14 4.62
CA LEU A 256 63.73 17.30 3.95
C LEU A 256 64.97 18.10 3.49
N GLU A 257 64.99 19.33 3.00
CA GLU A 257 66.12 20.08 2.70
C GLU A 257 66.99 20.51 3.98
N ASN A 258 66.22 20.82 5.10
CA ASN A 258 66.61 21.23 6.35
C ASN A 258 67.42 20.28 7.18
N LEU A 259 67.21 18.92 6.89
CA LEU A 259 67.65 17.81 7.63
C LEU A 259 69.10 17.93 8.04
N GLY A 260 69.36 17.85 9.35
CA GLY A 260 70.77 17.85 9.84
C GLY A 260 71.13 19.11 10.48
N ASP A 261 70.12 19.93 10.76
CA ASP A 261 70.16 21.05 11.59
C ASP A 261 68.96 21.00 12.55
N ARG A 262 69.38 20.75 13.77
CA ARG A 262 68.40 20.45 14.88
C ARG A 262 67.30 21.52 15.07
N SER A 263 67.79 22.78 15.10
CA SER A 263 67.12 24.00 15.44
C SER A 263 66.00 24.26 14.45
N SER A 264 66.37 24.22 13.18
CA SER A 264 65.47 24.47 12.12
C SER A 264 64.29 23.45 12.08
N VAL A 265 64.50 22.19 12.01
CA VAL A 265 63.56 21.21 11.90
C VAL A 265 62.65 21.15 13.09
N MET A 266 63.26 21.38 14.29
CA MET A 266 62.41 21.47 15.53
C MET A 266 61.42 22.58 15.45
N PHE A 267 61.81 23.86 14.99
CA PHE A 267 60.88 24.94 14.81
C PHE A 267 59.87 24.69 13.79
N LEU A 268 60.37 24.16 12.62
CA LEU A 268 59.48 23.93 11.58
C LEU A 268 58.46 22.88 11.94
N LYS A 269 58.94 21.81 12.69
CA LYS A 269 58.06 20.76 13.10
C LYS A 269 57.03 21.20 14.00
N LYS A 270 57.30 22.13 14.93
CA LYS A 270 56.32 22.69 15.74
C LYS A 270 55.21 23.46 15.07
N LEU A 271 55.59 24.26 14.03
CA LEU A 271 54.58 24.88 13.19
C LEU A 271 53.79 23.90 12.37
N LEU A 272 54.49 22.85 11.90
CA LEU A 272 53.79 21.86 11.17
C LEU A 272 52.77 21.25 12.06
N ASN A 273 53.17 20.99 13.31
CA ASN A 273 52.27 20.28 14.14
C ASN A 273 50.97 20.91 14.34
N ASN A 274 50.97 22.27 14.67
CA ASN A 274 49.78 23.06 14.98
C ASN A 274 48.82 23.06 13.74
N ILE A 275 49.41 23.20 12.57
CA ILE A 275 48.79 23.26 11.27
C ILE A 275 48.20 21.85 11.06
N SER A 276 48.97 20.82 11.44
CA SER A 276 48.48 19.45 11.35
C SER A 276 47.32 19.12 12.21
N GLN A 277 47.11 19.83 13.30
CA GLN A 277 46.03 19.80 14.19
C GLN A 277 44.73 20.08 13.55
N ASP A 278 44.67 21.06 12.59
CA ASP A 278 43.51 21.33 11.74
C ASP A 278 43.20 20.25 10.79
N TYR A 279 44.25 19.69 10.23
CA TYR A 279 44.16 18.59 9.35
C TYR A 279 43.64 17.38 10.07
N CYS A 280 44.16 17.11 11.27
CA CYS A 280 43.81 15.96 12.08
C CYS A 280 42.35 16.03 12.48
N THR A 281 41.81 17.29 12.83
CA THR A 281 40.39 17.50 13.16
C THR A 281 39.47 17.25 12.08
N MET A 282 39.79 17.69 10.82
CA MET A 282 38.94 17.44 9.65
C MET A 282 38.94 15.91 9.32
N LEU A 283 40.11 15.26 9.43
CA LEU A 283 40.24 13.86 9.17
C LEU A 283 39.49 13.00 10.09
N TYR A 284 39.60 13.42 11.43
CA TYR A 284 38.96 12.87 12.49
C TYR A 284 37.49 12.99 12.30
N GLU A 285 36.95 14.16 11.82
CA GLU A 285 35.51 14.46 11.74
C GLU A 285 34.98 13.43 10.77
N TRP A 286 35.72 13.26 9.66
CA TRP A 286 35.34 12.44 8.55
C TRP A 286 35.31 10.98 8.92
N LEU A 287 36.45 10.46 9.42
CA LEU A 287 36.61 9.08 9.75
C LEU A 287 35.70 8.66 10.91
N THR A 288 35.53 9.46 11.97
CA THR A 288 34.61 9.07 12.95
C THR A 288 33.15 9.37 12.66
N GLN A 289 32.85 10.52 11.97
CA GLN A 289 31.44 10.95 11.80
C GLN A 289 31.06 11.37 10.45
N GLY A 290 31.79 11.00 9.45
CA GLY A 290 31.43 11.28 8.03
C GLY A 290 31.25 12.72 7.69
N ILE A 291 31.88 13.75 8.34
CA ILE A 291 31.61 15.16 8.03
C ILE A 291 32.91 15.76 7.68
N LEU A 292 32.93 16.44 6.47
CA LEU A 292 34.13 17.21 6.08
C LEU A 292 33.97 18.60 6.61
N ASN A 293 34.94 19.51 6.35
CA ASN A 293 34.75 20.88 6.81
C ASN A 293 35.18 21.84 5.76
N ASP A 294 34.42 22.87 5.43
CA ASP A 294 34.70 23.72 4.36
C ASP A 294 34.24 25.12 4.69
N PRO A 295 35.13 26.08 5.00
CA PRO A 295 34.75 27.46 5.25
C PRO A 295 34.52 28.10 3.86
N TYR A 296 35.40 27.73 2.89
CA TYR A 296 35.60 28.37 1.65
C TYR A 296 36.45 27.31 0.98
N GLN A 297 36.13 25.99 1.27
CA GLN A 297 36.78 24.80 0.85
C GLN A 297 38.10 24.58 1.59
N GLU A 298 38.28 23.34 2.01
CA GLU A 298 39.59 22.93 2.60
C GLU A 298 39.76 21.49 2.26
N PHE A 299 38.99 21.04 1.18
CA PHE A 299 39.11 19.76 0.62
C PHE A 299 38.84 19.99 -0.85
N MET A 300 39.21 18.98 -1.66
CA MET A 300 39.11 19.04 -3.04
C MET A 300 37.88 18.28 -3.46
N THR A 301 37.10 17.76 -2.55
CA THR A 301 35.79 17.21 -2.74
C THR A 301 34.82 18.30 -2.28
N TYR A 302 33.82 18.52 -3.14
CA TYR A 302 32.83 19.57 -2.93
C TYR A 302 31.57 18.79 -3.16
N ASP A 303 30.46 19.15 -2.48
CA ASP A 303 29.22 18.54 -2.70
C ASP A 303 28.56 19.09 -3.94
N ASP A 304 28.00 18.20 -4.76
CA ASP A 304 27.58 18.67 -6.07
C ASP A 304 26.07 19.01 -5.83
N TRP A 320 18.16 15.75 -1.71
CA TRP A 320 17.54 14.41 -1.91
C TRP A 320 18.35 13.44 -1.14
N ASP A 321 19.56 13.24 -1.67
CA ASP A 321 20.58 12.25 -1.17
C ASP A 321 22.04 12.67 -1.47
N THR A 322 22.18 13.63 -2.43
CA THR A 322 23.45 14.35 -2.83
C THR A 322 24.55 13.49 -3.28
N GLN A 323 25.62 14.07 -3.88
CA GLN A 323 26.82 13.32 -4.20
C GLN A 323 27.95 14.27 -3.96
N TYR A 324 29.25 13.85 -4.11
CA TYR A 324 30.33 14.71 -3.95
C TYR A 324 31.21 14.34 -5.11
N PHE A 325 32.08 15.33 -5.58
CA PHE A 325 33.11 15.10 -6.60
C PHE A 325 34.16 16.03 -6.37
N ILE A 326 35.26 15.74 -7.13
CA ILE A 326 36.48 16.44 -7.00
C ILE A 326 36.50 17.55 -8.09
N ARG A 327 36.83 18.79 -7.66
CA ARG A 327 36.95 19.94 -8.59
C ARG A 327 38.36 19.95 -8.99
N LYS A 328 38.51 19.70 -10.35
CA LYS A 328 39.78 19.44 -10.86
C LYS A 328 40.83 20.58 -10.81
N ASP A 329 40.36 21.85 -10.99
CA ASP A 329 41.39 22.86 -11.17
C ASP A 329 42.38 23.04 -10.08
N VAL A 330 41.93 23.10 -8.82
CA VAL A 330 42.62 23.25 -7.54
C VAL A 330 43.34 22.02 -7.12
N LEU A 331 42.92 20.81 -7.67
CA LEU A 331 43.23 19.46 -7.28
C LEU A 331 44.64 19.25 -6.79
N LEU A 332 44.87 18.57 -5.60
CA LEU A 332 46.11 18.50 -4.83
C LEU A 332 47.21 17.69 -5.56
N ARG A 333 48.39 18.22 -5.38
CA ARG A 333 49.67 17.79 -5.93
C ARG A 333 50.10 16.48 -5.44
N ASP A 334 49.78 16.23 -4.19
CA ASP A 334 50.21 15.00 -3.47
C ASP A 334 49.75 13.69 -3.95
N CYS A 335 48.52 13.62 -4.49
CA CYS A 335 47.87 12.37 -4.92
C CYS A 335 47.77 12.07 -6.44
N ASP A 336 48.71 12.61 -7.26
CA ASP A 336 48.68 12.42 -8.74
C ASP A 336 49.78 11.53 -9.14
N SER A 337 49.34 10.47 -9.84
CA SER A 337 49.97 9.36 -10.44
C SER A 337 48.84 8.37 -10.41
N GLU A 338 48.88 7.36 -11.29
CA GLU A 338 47.86 6.33 -11.50
C GLU A 338 47.76 5.53 -10.25
N GLU A 339 48.90 5.10 -9.73
CA GLU A 339 48.97 4.28 -8.54
C GLU A 339 48.48 5.09 -7.28
N ASP A 340 48.95 6.40 -7.23
CA ASP A 340 48.60 7.26 -6.17
C ASP A 340 47.20 7.50 -6.21
N LYS A 341 46.58 7.71 -7.37
CA LYS A 341 45.15 7.87 -7.40
C LYS A 341 44.41 6.62 -7.01
N ASN A 342 44.81 5.37 -7.35
CA ASN A 342 44.00 4.19 -7.03
C ASN A 342 43.87 3.98 -5.56
N LEU A 343 45.00 4.25 -4.91
CA LEU A 343 45.14 4.21 -3.46
C LEU A 343 44.30 5.18 -2.81
N LEU A 344 44.23 6.40 -3.38
CA LEU A 344 43.38 7.50 -2.97
C LEU A 344 41.94 7.09 -3.14
N PHE A 345 41.55 6.33 -4.23
CA PHE A 345 40.18 6.04 -4.45
C PHE A 345 39.67 5.24 -3.34
N LYS A 346 40.50 4.27 -2.89
CA LYS A 346 40.15 3.33 -1.79
C LYS A 346 39.99 4.14 -0.51
N MET A 347 40.84 5.16 -0.30
CA MET A 347 40.76 6.02 0.87
C MET A 347 39.49 6.83 0.89
N LEU A 348 39.09 7.29 -0.30
CA LEU A 348 37.90 8.07 -0.58
C LEU A 348 36.69 7.25 -0.30
N ARG A 349 36.76 6.00 -0.69
CA ARG A 349 35.65 5.00 -0.66
C ARG A 349 35.30 4.81 0.81
N THR A 350 36.26 4.74 1.77
CA THR A 350 36.07 4.70 3.19
C THR A 350 35.43 5.96 3.59
N GLY A 351 35.88 7.10 3.05
CA GLY A 351 35.23 8.37 3.39
C GLY A 351 33.76 8.54 2.96
N ILE A 352 33.37 8.07 1.80
CA ILE A 352 32.05 8.08 1.32
C ILE A 352 31.21 7.20 2.19
N LEU A 353 31.71 6.04 2.63
CA LEU A 353 31.00 5.06 3.42
C LEU A 353 30.65 5.71 4.74
N LEU A 354 31.55 6.52 5.32
CA LEU A 354 31.40 7.23 6.51
C LEU A 354 30.32 8.33 6.39
N LYS A 355 30.23 9.09 5.26
CA LYS A 355 29.21 10.11 5.02
C LYS A 355 27.82 9.50 4.89
N VAL A 356 27.67 8.32 4.25
CA VAL A 356 26.49 7.54 4.12
C VAL A 356 25.99 7.01 5.47
N VAL A 357 26.94 6.65 6.40
CA VAL A 357 26.65 6.24 7.77
C VAL A 357 26.07 7.47 8.50
N ARG A 358 26.56 8.66 8.24
CA ARG A 358 25.97 9.79 8.77
C ARG A 358 24.56 10.09 8.28
N ALA A 359 24.29 9.80 6.98
CA ALA A 359 22.97 9.92 6.41
C ALA A 359 21.95 9.02 7.07
N SER A 360 22.46 7.90 7.52
CA SER A 360 21.76 6.88 8.30
C SER A 360 21.26 7.35 9.65
N LEU A 361 21.16 8.69 9.92
CA LEU A 361 20.74 9.30 11.15
C LEU A 361 19.26 9.55 10.99
N GLN A 362 18.63 8.94 9.99
CA GLN A 362 17.21 8.84 9.73
C GLN A 362 16.63 8.09 10.86
N ILE A 363 17.40 6.99 11.29
CA ILE A 363 17.19 6.25 12.56
C ILE A 363 18.45 6.78 13.20
N PRO A 364 18.49 7.71 14.16
CA PRO A 364 19.73 8.43 14.72
C PRO A 364 20.90 7.53 14.97
N THR A 365 22.08 8.05 14.56
CA THR A 365 23.32 7.51 14.90
C THR A 365 24.15 8.64 15.24
N ILE A 366 24.75 8.60 16.42
CA ILE A 366 25.80 9.44 16.88
C ILE A 366 26.70 8.33 17.34
N PRO A 367 27.84 7.95 16.67
CA PRO A 367 28.76 6.92 17.16
C PRO A 367 29.19 7.10 18.61
N SER A 368 28.96 6.09 19.44
CA SER A 368 29.39 6.17 20.78
C SER A 368 29.64 4.81 21.27
N ASN A 369 29.28 3.77 20.44
CA ASN A 369 29.53 2.40 20.77
C ASN A 369 31.03 2.17 20.82
N SER A 370 31.49 1.25 21.65
CA SER A 370 32.86 0.80 21.83
C SER A 370 33.40 0.41 20.47
N SER A 371 34.44 1.10 19.93
CA SER A 371 34.86 0.92 18.58
C SER A 371 36.41 0.90 18.63
N ASP A 372 37.02 1.74 17.78
CA ASP A 372 38.41 1.84 17.53
C ASP A 372 38.72 3.33 17.86
N ILE A 373 37.86 3.98 18.65
CA ILE A 373 37.83 5.36 18.92
C ILE A 373 39.05 5.94 19.58
N THR A 374 39.63 5.27 20.59
CA THR A 374 40.65 5.81 21.43
C THR A 374 41.81 6.03 20.52
N ILE A 375 42.06 5.07 19.63
CA ILE A 375 43.25 4.99 18.78
C ILE A 375 43.28 6.14 17.85
N GLN A 376 42.09 6.46 17.28
CA GLN A 376 41.87 7.61 16.41
C GLN A 376 42.04 8.93 17.03
N GLU A 377 41.60 9.10 18.27
CA GLU A 377 41.77 10.31 19.11
C GLU A 377 43.23 10.57 19.35
N ILE A 378 44.05 9.48 19.65
CA ILE A 378 45.49 9.61 19.84
C ILE A 378 46.12 10.08 18.57
N ASN A 379 45.64 9.51 17.44
CA ASN A 379 46.13 9.77 16.12
C ASN A 379 45.88 11.20 15.80
N ASP A 380 44.72 11.86 16.16
CA ASP A 380 44.46 13.21 15.82
C ASP A 380 45.49 14.09 16.54
N PHE A 381 45.81 13.74 17.82
CA PHE A 381 46.78 14.45 18.59
C PHE A 381 48.17 14.35 18.06
N ALA A 382 48.49 13.23 17.37
CA ALA A 382 49.85 12.82 17.00
C ALA A 382 50.74 13.75 16.25
N ASP A 383 50.11 14.41 15.17
CA ASP A 383 50.71 15.23 14.18
C ASP A 383 50.82 14.11 13.12
N LEU A 384 50.16 14.25 11.96
CA LEU A 384 50.20 13.17 11.04
C LEU A 384 50.65 13.71 9.76
N MET A 385 51.69 13.04 9.19
CA MET A 385 52.38 13.51 8.08
C MET A 385 52.93 12.15 7.47
N GLU A 386 52.39 10.99 7.85
CA GLU A 386 52.93 9.73 7.36
C GLU A 386 51.88 9.14 6.48
N GLY A 387 52.15 8.68 5.24
CA GLY A 387 51.19 7.98 4.51
C GLY A 387 50.86 6.64 5.11
N SER A 388 51.95 5.93 5.48
CA SER A 388 51.70 4.63 6.03
C SER A 388 50.88 4.54 7.35
N ASN A 389 51.20 5.40 8.33
CA ASN A 389 50.47 5.30 9.58
C ASN A 389 49.04 5.61 9.36
N LEU A 390 48.82 6.66 8.53
CA LEU A 390 47.46 7.08 8.34
C LEU A 390 46.62 6.07 7.67
N GLU A 391 47.15 5.37 6.62
CA GLU A 391 46.47 4.39 5.88
C GLU A 391 46.18 3.20 6.66
N LEU A 392 47.07 2.84 7.60
CA LEU A 392 46.84 1.80 8.57
C LEU A 392 45.65 2.06 9.45
N TYR A 393 45.56 3.32 9.88
CA TYR A 393 44.46 3.85 10.59
C TYR A 393 43.18 3.81 9.83
N VAL A 394 43.11 4.22 8.54
CA VAL A 394 41.87 4.27 7.73
C VAL A 394 41.41 2.90 7.57
N ASP A 395 42.28 1.89 7.34
CA ASP A 395 41.81 0.56 7.20
C ASP A 395 41.09 0.11 8.42
N LYS A 396 41.65 0.46 9.62
CA LYS A 396 41.10 0.03 10.85
C LYS A 396 39.71 0.61 11.07
N CYS A 397 39.57 1.91 10.76
CA CYS A 397 38.36 2.69 10.87
C CYS A 397 37.27 2.24 9.95
N TYR A 398 37.75 1.90 8.71
CA TYR A 398 36.91 1.44 7.61
C TYR A 398 36.25 0.18 8.03
N SER A 399 37.05 -0.75 8.54
CA SER A 399 36.56 -2.10 8.81
C SER A 399 35.41 -1.91 9.80
N ARG A 400 35.61 -1.08 10.82
CA ARG A 400 34.62 -0.80 11.83
C ARG A 400 33.36 -0.11 11.32
N ALA A 401 33.56 0.81 10.41
CA ALA A 401 32.46 1.51 9.75
C ALA A 401 31.60 0.65 8.92
N ASN A 402 32.25 -0.34 8.17
CA ASN A 402 31.54 -1.31 7.43
C ASN A 402 30.85 -2.27 8.31
N GLU A 403 31.48 -2.75 9.41
CA GLU A 403 30.84 -3.69 10.32
C GLU A 403 29.59 -3.16 10.95
N ILE A 404 29.67 -1.90 11.37
CA ILE A 404 28.53 -1.12 11.90
C ILE A 404 27.42 -0.88 10.95
N PHE A 405 27.77 -0.66 9.69
CA PHE A 405 26.80 -0.50 8.61
C PHE A 405 26.02 -1.68 8.35
N LEU A 406 26.76 -2.78 8.28
CA LEU A 406 26.22 -4.08 8.11
C LEU A 406 25.30 -4.54 9.16
N LYS A 407 25.72 -4.33 10.44
CA LYS A 407 24.98 -4.73 11.69
C LYS A 407 23.65 -3.99 11.66
N LEU A 408 23.71 -2.70 11.28
CA LEU A 408 22.56 -1.80 11.16
C LEU A 408 21.57 -2.29 10.15
N PHE A 409 22.06 -2.69 8.96
CA PHE A 409 21.28 -3.14 7.81
C PHE A 409 20.59 -4.44 8.03
N PHE A 410 21.41 -5.45 8.43
CA PHE A 410 21.20 -6.78 8.48
C PHE A 410 20.18 -6.97 9.50
N GLN A 411 20.26 -6.34 10.71
CA GLN A 411 19.18 -6.48 11.70
C GLN A 411 19.08 -5.07 12.22
N GLY A 412 17.83 -4.81 12.52
CA GLY A 412 17.46 -3.47 12.91
C GLY A 412 17.05 -2.59 11.72
N TYR A 413 17.17 -3.09 10.42
CA TYR A 413 16.70 -2.54 9.21
C TYR A 413 16.21 -3.67 8.40
N ASP A 414 16.53 -4.91 8.86
CA ASP A 414 16.19 -6.15 8.32
C ASP A 414 16.40 -6.32 6.80
N LEU A 415 17.68 -6.17 6.35
CA LEU A 415 18.23 -6.22 5.04
C LEU A 415 17.93 -7.62 4.53
N ILE A 416 18.05 -8.64 5.36
CA ILE A 416 17.99 -9.97 4.87
C ILE A 416 16.69 -10.37 4.18
N ASN A 417 15.63 -9.88 4.77
CA ASN A 417 14.33 -10.10 4.33
C ASN A 417 13.96 -9.51 3.00
N VAL A 418 14.44 -8.28 2.87
CA VAL A 418 14.32 -7.50 1.67
C VAL A 418 15.11 -8.08 0.60
N LEU A 419 16.32 -8.67 0.86
CA LEU A 419 17.09 -9.30 -0.14
C LEU A 419 16.32 -10.42 -0.77
N LYS A 420 15.61 -11.25 0.07
CA LYS A 420 14.79 -12.35 -0.40
C LYS A 420 13.68 -11.91 -1.33
N HIS A 421 13.07 -10.78 -0.94
CA HIS A 421 12.00 -10.10 -1.69
C HIS A 421 12.41 -9.70 -2.99
N LEU A 422 13.64 -9.21 -3.11
CA LEU A 422 14.31 -8.78 -4.35
C LEU A 422 14.53 -9.91 -5.23
N GLN A 423 14.98 -11.06 -4.70
CA GLN A 423 15.23 -12.30 -5.43
C GLN A 423 13.96 -12.81 -6.01
N GLN A 424 12.87 -12.66 -5.26
CA GLN A 424 11.52 -12.89 -5.74
C GLN A 424 10.99 -12.09 -6.89
N ILE A 425 11.00 -10.72 -6.77
CA ILE A 425 10.54 -9.91 -7.88
C ILE A 425 11.53 -9.69 -8.99
N PHE A 426 12.74 -9.17 -8.74
CA PHE A 426 13.63 -8.72 -9.72
C PHE A 426 14.15 -9.85 -10.50
N LEU A 427 14.56 -10.90 -9.77
CA LEU A 427 14.94 -12.15 -10.38
C LEU A 427 13.75 -12.92 -10.96
N GLY A 428 12.54 -12.68 -10.31
CA GLY A 428 11.28 -13.12 -10.83
C GLY A 428 11.03 -14.55 -10.72
N TYR A 429 11.75 -15.24 -9.82
CA TYR A 429 11.81 -16.63 -9.75
C TYR A 429 10.63 -17.10 -8.91
N GLN A 430 9.74 -16.23 -8.33
CA GLN A 430 8.65 -16.60 -7.41
C GLN A 430 7.58 -15.62 -7.70
N SER A 431 7.24 -15.41 -8.95
CA SER A 431 6.14 -14.55 -9.33
C SER A 431 5.42 -15.23 -10.45
N GLY A 432 5.41 -16.60 -10.52
CA GLY A 432 4.95 -17.25 -11.72
C GLY A 432 3.51 -17.10 -12.04
N HIS A 433 2.67 -17.16 -11.00
CA HIS A 433 1.27 -17.18 -11.09
C HIS A 433 0.83 -15.89 -11.64
N ASN A 434 1.43 -14.77 -11.15
CA ASN A 434 1.09 -13.50 -11.58
C ASN A 434 1.35 -13.29 -13.11
N VAL A 435 2.48 -13.78 -13.64
CA VAL A 435 2.82 -13.62 -15.07
C VAL A 435 1.87 -14.33 -15.91
N LEU A 436 1.43 -15.52 -15.51
CA LEU A 436 0.43 -16.21 -16.24
C LEU A 436 -0.89 -15.48 -16.31
N LYS A 437 -1.41 -15.02 -15.19
CA LYS A 437 -2.68 -14.40 -15.18
C LYS A 437 -2.62 -13.00 -15.83
N PHE A 438 -1.44 -12.29 -15.72
CA PHE A 438 -1.19 -11.00 -16.39
C PHE A 438 -1.28 -11.14 -17.94
N LEU A 439 -0.68 -12.29 -18.52
CA LEU A 439 -0.76 -12.60 -19.89
C LEU A 439 -2.15 -12.94 -20.34
N THR A 440 -2.93 -13.67 -19.51
CA THR A 440 -4.20 -14.18 -20.00
C THR A 440 -5.12 -12.93 -20.33
N LYS A 441 -5.17 -11.97 -19.43
CA LYS A 441 -5.91 -10.77 -19.64
C LYS A 441 -5.13 -9.91 -20.56
N ASN A 442 -5.78 -9.49 -21.63
CA ASN A 442 -5.29 -8.61 -22.65
C ASN A 442 -4.38 -9.31 -23.62
N MET A 443 -4.68 -10.62 -24.00
CA MET A 443 -3.85 -11.45 -24.87
C MET A 443 -3.79 -10.87 -26.28
N GLY A 444 -4.88 -10.42 -26.83
CA GLY A 444 -5.03 -9.86 -28.15
C GLY A 444 -4.30 -8.56 -28.39
N GLU A 445 -4.29 -7.64 -27.36
CA GLU A 445 -3.76 -6.37 -27.23
C GLU A 445 -2.22 -6.38 -27.21
N LEU A 446 -1.71 -7.41 -26.57
CA LEU A 446 -0.24 -7.68 -26.49
C LEU A 446 0.30 -8.24 -27.78
N THR A 447 -0.48 -9.01 -28.53
CA THR A 447 -0.07 -9.58 -29.77
C THR A 447 0.29 -8.55 -30.80
N LYS A 448 -0.58 -7.47 -30.75
CA LYS A 448 -0.39 -6.30 -31.60
C LYS A 448 0.53 -5.32 -30.96
N HIS A 449 0.83 -4.22 -31.68
CA HIS A 449 1.62 -3.15 -31.25
C HIS A 449 0.72 -2.22 -30.46
N TYR A 450 1.36 -1.24 -29.84
CA TYR A 450 0.77 -0.26 -29.00
C TYR A 450 -0.30 0.44 -29.76
N ARG A 451 -1.45 0.47 -29.10
CA ARG A 451 -2.52 1.39 -29.44
C ARG A 451 -2.81 2.05 -28.15
N ASN A 452 -3.45 3.18 -28.12
CA ASN A 452 -3.80 4.00 -27.00
C ASN A 452 -4.66 3.24 -26.02
N ASP A 453 -5.65 2.45 -26.56
CA ASP A 453 -6.55 1.80 -25.70
C ASP A 453 -5.87 0.66 -24.97
N ASN A 454 -4.78 0.07 -25.61
CA ASN A 454 -3.99 -1.05 -25.17
C ASN A 454 -3.49 -0.81 -23.80
N ASN A 455 -2.94 0.44 -23.70
CA ASN A 455 -2.27 1.11 -22.65
C ASN A 455 -3.15 1.26 -21.41
N ALA A 456 -4.47 1.64 -21.67
CA ALA A 456 -5.48 1.91 -20.61
C ALA A 456 -5.76 0.61 -19.87
N ASN A 457 -5.94 -0.42 -20.72
CA ASN A 457 -6.19 -1.75 -20.27
C ASN A 457 -5.04 -2.36 -19.50
N TYR A 458 -3.85 -2.17 -20.03
CA TYR A 458 -2.61 -2.69 -19.49
C TYR A 458 -2.32 -2.16 -18.13
N ASP A 459 -2.54 -0.85 -17.90
CA ASP A 459 -2.40 -0.05 -16.69
C ASP A 459 -3.43 -0.57 -15.70
N LYS A 460 -4.72 -1.01 -16.08
CA LYS A 460 -5.77 -1.52 -15.24
C LYS A 460 -5.37 -2.78 -14.63
N LEU A 461 -4.72 -3.67 -15.50
CA LEU A 461 -4.26 -4.94 -15.01
C LEU A 461 -3.14 -4.78 -13.92
N LEU A 462 -2.32 -3.71 -14.22
CA LEU A 462 -1.32 -3.32 -13.23
C LEU A 462 -1.90 -2.86 -11.87
N GLN A 463 -2.94 -2.01 -11.90
CA GLN A 463 -3.63 -1.49 -10.71
C GLN A 463 -4.32 -2.62 -10.06
N ASN A 464 -4.95 -3.55 -10.79
CA ASN A 464 -5.54 -4.68 -10.09
C ASN A 464 -4.60 -5.54 -9.31
N PHE A 465 -3.40 -5.88 -9.85
CA PHE A 465 -2.37 -6.76 -9.28
C PHE A 465 -1.80 -6.08 -8.04
N GLU A 466 -1.65 -4.76 -8.05
CA GLU A 466 -1.23 -3.99 -6.89
C GLU A 466 -2.16 -4.04 -5.73
N LEU A 467 -3.39 -4.39 -5.94
CA LEU A 467 -4.37 -4.71 -4.92
C LEU A 467 -4.25 -6.13 -4.40
N GLU A 468 -3.83 -7.11 -5.23
CA GLU A 468 -3.98 -8.60 -5.03
C GLU A 468 -2.96 -9.25 -4.15
N ARG A 469 -1.64 -8.90 -4.15
CA ARG A 469 -0.72 -9.52 -3.21
C ARG A 469 0.02 -8.51 -2.42
N GLN A 470 0.73 -9.09 -1.42
CA GLN A 470 1.52 -8.47 -0.39
C GLN A 470 0.55 -7.89 0.59
N SER A 471 0.60 -8.52 1.80
CA SER A 471 -0.25 -8.04 2.94
C SER A 471 0.54 -8.51 4.13
N GLU A 472 1.88 -8.66 3.97
CA GLU A 472 2.86 -9.07 4.95
C GLU A 472 3.46 -7.92 5.64
N ASN A 473 2.78 -6.75 5.44
CA ASN A 473 3.37 -5.46 5.77
C ASN A 473 2.32 -4.38 5.71
N PRO A 474 2.46 -3.20 6.41
CA PRO A 474 1.62 -2.13 6.28
C PRO A 474 1.65 -1.57 4.86
N ASN A 475 2.83 -1.57 4.22
CA ASN A 475 3.19 -0.97 2.92
C ASN A 475 3.87 -2.00 2.06
N ASN A 476 3.27 -2.25 0.88
CA ASN A 476 3.72 -3.28 0.00
C ASN A 476 4.95 -2.72 -0.61
N LEU A 477 6.14 -3.24 -0.36
CA LEU A 477 7.28 -2.90 -1.25
C LEU A 477 7.19 -3.28 -2.68
N MET A 478 6.78 -4.50 -2.98
CA MET A 478 6.83 -5.00 -4.34
C MET A 478 5.95 -4.30 -5.23
N ARG A 479 4.70 -4.20 -4.72
CA ARG A 479 3.62 -3.73 -5.56
C ARG A 479 3.81 -2.27 -5.85
N GLN A 480 4.08 -1.49 -4.78
CA GLN A 480 4.16 -0.03 -4.88
C GLN A 480 5.37 0.42 -5.64
N LEU A 481 6.59 -0.09 -5.32
CA LEU A 481 7.85 0.44 -5.79
C LEU A 481 8.06 -0.02 -7.21
N LEU A 482 7.45 -1.14 -7.64
CA LEU A 482 7.75 -1.75 -8.95
C LEU A 482 6.44 -1.75 -9.70
N MET A 483 6.55 -1.20 -10.92
CA MET A 483 5.46 -1.19 -11.87
C MET A 483 6.12 -1.61 -13.15
N ILE A 484 5.34 -2.05 -14.16
CA ILE A 484 5.76 -2.51 -15.43
C ILE A 484 5.38 -1.46 -16.49
N GLN A 485 6.26 -1.17 -17.51
CA GLN A 485 6.11 -0.02 -18.44
C GLN A 485 5.78 -0.40 -19.86
N PHE A 486 5.08 0.49 -20.57
CA PHE A 486 4.85 0.23 -22.01
C PHE A 486 5.33 1.47 -22.87
N ASP A 487 6.05 1.24 -23.97
CA ASP A 487 6.44 2.31 -24.88
C ASP A 487 5.39 2.57 -25.97
N THR A 488 5.19 3.87 -26.21
CA THR A 488 4.15 4.40 -27.11
C THR A 488 4.57 4.34 -28.54
N GLU A 489 3.54 4.20 -29.40
CA GLU A 489 3.67 4.11 -30.85
C GLU A 489 2.65 5.13 -31.26
N THR A 490 1.39 4.74 -31.39
CA THR A 490 0.31 5.56 -31.85
C THR A 490 -0.53 6.08 -30.68
N LYS A 554 5.62 -2.02 -33.32
CA LYS A 554 5.71 -3.36 -34.02
C LYS A 554 4.89 -4.43 -33.34
N SER A 555 5.21 -4.62 -32.02
CA SER A 555 4.49 -5.51 -31.23
C SER A 555 4.63 -5.00 -29.90
N ALA A 556 3.76 -5.35 -28.89
CA ALA A 556 3.82 -4.86 -27.53
C ALA A 556 5.02 -5.32 -26.89
N ILE A 557 5.42 -6.56 -27.18
CA ILE A 557 6.33 -7.40 -26.47
C ILE A 557 7.65 -6.65 -26.43
N TYR A 558 8.02 -6.03 -27.60
CA TYR A 558 9.24 -5.22 -27.62
C TYR A 558 9.19 -3.97 -26.75
N HIS A 559 8.03 -3.32 -26.79
CA HIS A 559 7.72 -2.09 -26.18
C HIS A 559 7.67 -2.17 -24.68
N LEU A 560 7.50 -3.38 -24.11
CA LEU A 560 7.46 -3.49 -22.68
C LEU A 560 8.90 -3.38 -22.13
N LYS A 561 8.93 -2.80 -20.93
CA LYS A 561 10.10 -2.55 -20.07
C LYS A 561 9.50 -2.59 -18.69
N PHE A 562 10.30 -2.66 -17.64
CA PHE A 562 9.88 -2.84 -16.28
C PHE A 562 10.53 -1.67 -15.62
N ASP A 563 9.81 -0.98 -14.68
CA ASP A 563 10.27 0.26 -14.06
C ASP A 563 10.25 0.16 -12.57
N ILE A 564 11.21 0.72 -11.85
CA ILE A 564 11.29 0.75 -10.42
C ILE A 564 11.33 2.21 -9.96
N ASN A 565 10.51 2.54 -8.90
CA ASN A 565 10.42 3.77 -8.18
C ASN A 565 11.21 3.49 -6.97
N ILE A 566 12.14 4.41 -6.64
CA ILE A 566 13.15 4.21 -5.62
C ILE A 566 12.71 4.44 -4.13
N PRO A 567 13.35 3.68 -3.18
CA PRO A 567 13.09 3.83 -1.76
C PRO A 567 14.10 4.82 -1.19
N TYR A 568 14.44 4.70 0.10
CA TYR A 568 15.38 5.59 0.79
C TYR A 568 15.41 4.82 2.05
N PRO A 569 16.50 4.47 2.75
CA PRO A 569 17.91 4.88 2.42
C PRO A 569 18.42 3.75 1.58
N LEU A 570 17.56 2.81 1.27
CA LEU A 570 17.87 1.64 0.50
C LEU A 570 18.29 1.99 -0.89
N ASN A 571 17.79 3.16 -1.40
CA ASN A 571 18.10 3.68 -2.72
C ASN A 571 19.55 3.84 -3.09
N ILE A 572 20.44 4.13 -2.12
CA ILE A 572 21.87 4.29 -2.29
C ILE A 572 22.59 3.05 -2.85
N ILE A 573 22.21 1.88 -2.40
CA ILE A 573 22.59 0.54 -2.83
C ILE A 573 22.33 0.19 -4.25
N ILE A 574 21.11 0.47 -4.66
CA ILE A 574 20.61 0.15 -5.99
C ILE A 574 21.29 1.12 -7.02
N SER A 575 21.54 0.66 -8.27
CA SER A 575 22.22 1.50 -9.23
C SER A 575 21.54 1.28 -10.60
N ARG A 576 21.87 2.18 -11.50
CA ARG A 576 21.08 2.23 -12.69
C ARG A 576 21.24 0.94 -13.48
N THR A 577 22.46 0.44 -13.47
CA THR A 577 22.86 -0.71 -14.17
C THR A 577 22.17 -1.93 -13.69
N CYS A 578 22.05 -2.03 -12.30
CA CYS A 578 21.45 -3.16 -11.73
C CYS A 578 19.96 -3.41 -12.10
N MET A 579 19.19 -2.25 -12.10
CA MET A 579 17.76 -2.32 -12.49
C MET A 579 17.52 -2.73 -13.95
N ILE A 580 18.38 -2.25 -14.79
CA ILE A 580 18.40 -2.66 -16.18
C ILE A 580 18.76 -4.08 -16.45
N LYS A 581 19.70 -4.67 -15.67
CA LYS A 581 20.03 -6.04 -15.76
C LYS A 581 18.80 -6.91 -15.46
N TYR A 582 18.14 -6.61 -14.29
CA TYR A 582 16.94 -7.35 -13.86
C TYR A 582 15.78 -7.25 -14.83
N GLN A 583 15.55 -6.06 -15.43
CA GLN A 583 14.44 -5.82 -16.33
C GLN A 583 14.54 -6.62 -17.52
N ILE A 584 15.80 -6.87 -18.03
CA ILE A 584 16.11 -7.75 -19.09
C ILE A 584 15.85 -9.23 -18.87
N ILE A 585 16.31 -9.80 -17.64
CA ILE A 585 15.93 -11.18 -17.40
C ILE A 585 14.44 -11.32 -17.33
N LEU A 586 13.71 -10.37 -16.74
CA LEU A 586 12.32 -10.42 -16.71
C LEU A 586 11.65 -10.46 -18.11
N ARG A 587 12.12 -9.70 -19.10
CA ARG A 587 11.57 -9.63 -20.40
C ARG A 587 11.69 -10.97 -21.20
N TYR A 588 12.87 -11.58 -21.11
CA TYR A 588 13.12 -12.85 -21.83
C TYR A 588 12.29 -13.88 -21.23
N GLN A 589 12.17 -13.84 -19.86
CA GLN A 589 11.42 -14.85 -19.07
C GLN A 589 9.99 -14.85 -19.42
N LEU A 590 9.58 -13.60 -19.49
CA LEU A 590 8.21 -13.27 -19.80
C LEU A 590 7.89 -13.76 -21.20
N VAL A 591 8.86 -13.62 -22.11
CA VAL A 591 8.68 -14.02 -23.49
C VAL A 591 8.44 -15.44 -23.76
N LEU A 592 9.23 -16.35 -22.98
CA LEU A 592 9.15 -17.75 -22.90
C LEU A 592 7.82 -18.08 -22.30
N GLN A 593 7.42 -17.41 -21.27
CA GLN A 593 6.24 -17.71 -20.59
C GLN A 593 4.99 -17.55 -21.39
N TYR A 594 4.85 -16.45 -22.23
CA TYR A 594 3.60 -16.31 -22.99
C TYR A 594 3.43 -17.33 -24.07
N HIS A 595 4.60 -17.62 -24.73
CA HIS A 595 4.57 -18.62 -25.76
C HIS A 595 4.16 -20.04 -25.28
N SER A 596 4.67 -20.43 -24.12
CA SER A 596 4.34 -21.73 -23.53
C SER A 596 2.91 -21.84 -23.25
N ARG A 597 2.22 -20.75 -22.70
CA ARG A 597 0.85 -20.80 -22.33
C ARG A 597 -0.02 -21.02 -23.47
N LEU A 598 0.34 -20.30 -24.60
CA LEU A 598 -0.32 -20.44 -25.84
C LEU A 598 -0.12 -21.79 -26.45
N LEU A 599 1.06 -22.46 -26.36
CA LEU A 599 1.28 -23.74 -26.91
C LEU A 599 0.44 -24.83 -26.19
N ASP A 600 0.40 -24.73 -24.86
CA ASP A 600 -0.49 -25.59 -24.11
C ASP A 600 -2.01 -25.50 -24.32
N GLU A 601 -2.55 -24.24 -24.48
CA GLU A 601 -3.97 -24.14 -24.55
C GLU A 601 -4.57 -24.77 -25.81
N THR A 602 -3.80 -24.57 -26.94
CA THR A 602 -4.07 -25.09 -28.26
C THR A 602 -4.06 -26.57 -28.35
N TRP A 603 -3.04 -27.20 -27.71
CA TRP A 603 -2.92 -28.65 -27.64
C TRP A 603 -4.03 -29.28 -26.82
N MET A 604 -4.36 -28.68 -25.67
CA MET A 604 -5.33 -29.27 -24.73
C MET A 604 -6.65 -29.38 -25.52
N ASP A 605 -6.97 -28.33 -26.33
CA ASP A 605 -8.14 -28.32 -27.15
C ASP A 605 -8.31 -29.34 -28.19
N LEU A 606 -7.16 -29.61 -28.85
CA LEU A 606 -6.91 -30.53 -29.95
C LEU A 606 -7.03 -31.86 -29.50
N ASN A 607 -6.75 -32.21 -28.22
CA ASN A 607 -6.91 -33.57 -27.77
C ASN A 607 -8.34 -34.11 -27.67
N LYS A 608 -9.31 -33.17 -27.55
CA LYS A 608 -10.74 -33.28 -27.50
C LYS A 608 -11.35 -33.54 -28.82
N THR A 609 -12.57 -34.16 -28.87
CA THR A 609 -13.36 -34.62 -29.96
C THR A 609 -13.71 -33.53 -30.93
N PRO A 610 -14.23 -32.31 -30.70
CA PRO A 610 -14.74 -31.45 -31.74
C PRO A 610 -13.77 -31.12 -32.82
N SER A 611 -12.43 -31.03 -32.61
CA SER A 611 -11.48 -30.64 -33.67
C SER A 611 -11.18 -31.74 -34.65
N TRP A 612 -11.42 -33.00 -34.28
CA TRP A 612 -11.13 -34.13 -35.07
C TRP A 612 -12.39 -34.96 -35.40
N LYS A 613 -12.39 -35.30 -36.66
CA LYS A 613 -13.38 -36.19 -37.28
C LYS A 613 -14.78 -35.71 -37.41
N TYR A 614 -15.16 -35.47 -38.73
CA TYR A 614 -16.40 -34.85 -39.22
C TYR A 614 -17.38 -36.02 -39.12
N ARG A 623 -7.12 -37.05 -43.16
CA ARG A 623 -6.59 -38.18 -42.48
C ARG A 623 -5.14 -38.05 -42.12
N ARG A 624 -4.26 -37.98 -43.13
CA ARG A 624 -2.82 -37.83 -42.90
C ARG A 624 -2.41 -36.50 -42.32
N ILE A 625 -3.06 -35.41 -42.74
CA ILE A 625 -2.85 -34.02 -42.45
C ILE A 625 -3.01 -33.82 -40.96
N VAL A 626 -3.92 -34.61 -40.35
CA VAL A 626 -4.15 -34.60 -38.93
C VAL A 626 -2.97 -35.00 -38.16
N ARG A 627 -2.34 -36.09 -38.71
CA ARG A 627 -1.13 -36.71 -38.17
C ARG A 627 0.00 -35.80 -38.26
N ALA A 628 0.09 -35.00 -39.38
CA ALA A 628 1.20 -34.01 -39.49
C ALA A 628 1.04 -32.97 -38.40
N THR A 629 -0.17 -32.45 -38.17
CA THR A 629 -0.36 -31.42 -37.09
C THR A 629 0.00 -31.95 -35.67
N ARG A 630 -0.32 -33.20 -35.37
CA ARG A 630 -0.08 -33.85 -34.18
C ARG A 630 1.39 -34.02 -33.84
N VAL A 631 2.23 -34.48 -34.84
CA VAL A 631 3.60 -34.61 -34.71
C VAL A 631 4.40 -33.31 -34.53
N LEU A 632 4.03 -32.30 -35.39
CA LEU A 632 4.73 -31.04 -35.33
C LEU A 632 4.52 -30.39 -33.99
N HIS A 633 3.24 -30.43 -33.44
CA HIS A 633 2.85 -29.91 -32.15
C HIS A 633 3.57 -30.52 -30.98
N ALA A 634 3.70 -31.88 -30.96
CA ALA A 634 4.43 -32.65 -29.92
C ALA A 634 5.85 -32.22 -29.89
N LYS A 635 6.47 -32.10 -31.14
CA LYS A 635 7.90 -31.76 -31.27
C LYS A 635 8.13 -30.40 -30.76
N MET A 636 7.32 -29.37 -31.05
CA MET A 636 7.49 -28.01 -30.61
C MET A 636 7.43 -27.84 -29.15
N ASN A 637 6.54 -28.59 -28.47
CA ASN A 637 6.39 -28.65 -27.01
C ASN A 637 7.64 -29.21 -26.33
N HIS A 638 8.20 -30.21 -27.03
CA HIS A 638 9.44 -30.67 -26.55
C HIS A 638 10.58 -29.70 -26.59
N PHE A 639 10.63 -29.04 -27.71
CA PHE A 639 11.69 -28.04 -27.94
C PHE A 639 11.71 -26.89 -26.95
N ILE A 640 10.52 -26.30 -26.72
CA ILE A 640 10.33 -25.26 -25.71
C ILE A 640 10.60 -25.69 -24.24
N LYS A 641 10.19 -26.88 -23.79
CA LYS A 641 10.50 -27.47 -22.51
C LYS A 641 12.00 -27.74 -22.30
N THR A 642 12.74 -28.18 -23.37
CA THR A 642 14.18 -28.36 -23.25
C THR A 642 14.89 -27.04 -23.08
N ILE A 643 14.42 -26.00 -23.81
CA ILE A 643 14.89 -24.64 -23.72
C ILE A 643 14.70 -24.11 -22.34
N MET A 644 13.50 -24.25 -21.74
CA MET A 644 13.14 -23.71 -20.48
C MET A 644 14.03 -24.38 -19.39
N GLU A 645 14.33 -25.71 -19.48
CA GLU A 645 15.18 -26.42 -18.55
C GLU A 645 16.53 -25.81 -18.55
N TYR A 646 17.14 -25.54 -19.74
CA TYR A 646 18.49 -25.02 -19.84
C TYR A 646 18.58 -23.55 -19.34
N PHE A 647 17.56 -22.73 -19.77
CA PHE A 647 17.49 -21.34 -19.39
C PHE A 647 17.44 -21.25 -17.79
N ASN A 648 16.54 -22.09 -17.16
CA ASN A 648 16.44 -22.03 -15.73
C ASN A 648 17.66 -22.63 -15.02
N GLN A 649 18.18 -23.87 -15.44
CA GLN A 649 19.31 -24.46 -14.71
C GLN A 649 20.57 -23.76 -14.86
N ASN A 650 20.95 -23.58 -16.15
CA ASN A 650 22.26 -23.22 -16.59
C ASN A 650 22.52 -21.75 -16.33
N VAL A 651 21.45 -20.88 -16.17
CA VAL A 651 21.56 -19.50 -16.01
C VAL A 651 21.19 -19.34 -14.59
N ILE A 652 19.85 -19.29 -14.34
CA ILE A 652 19.20 -18.80 -13.03
C ILE A 652 19.62 -19.66 -11.81
N ASP A 653 19.43 -20.95 -11.89
CA ASP A 653 19.65 -21.83 -10.77
C ASP A 653 21.09 -21.79 -10.35
N LYS A 654 22.01 -21.77 -11.39
CA LYS A 654 23.39 -21.66 -11.15
C LYS A 654 23.84 -20.35 -10.49
N GLU A 655 23.34 -19.17 -11.01
CA GLU A 655 23.78 -17.95 -10.44
C GLU A 655 23.25 -17.77 -9.03
N VAL A 656 21.94 -18.22 -8.78
CA VAL A 656 21.37 -18.03 -7.49
C VAL A 656 22.00 -18.76 -6.38
N TYR A 657 22.51 -19.99 -6.77
CA TYR A 657 23.19 -20.92 -5.90
C TYR A 657 24.43 -20.26 -5.34
N SER A 658 25.14 -19.64 -6.34
CA SER A 658 26.30 -18.86 -6.04
C SER A 658 26.14 -17.60 -5.24
N LEU A 659 25.07 -16.92 -5.45
CA LEU A 659 24.75 -15.69 -4.77
C LEU A 659 24.61 -15.94 -3.30
N GLU A 660 23.88 -17.09 -2.97
CA GLU A 660 23.54 -17.48 -1.64
C GLU A 660 24.77 -17.81 -0.87
N LYS A 661 25.73 -18.46 -1.55
CA LYS A 661 26.96 -18.82 -0.84
C LYS A 661 27.68 -17.65 -0.44
N CYS A 662 27.77 -16.67 -1.44
CA CYS A 662 28.56 -15.52 -1.19
C CYS A 662 28.02 -14.75 -0.03
N TYR A 663 26.68 -14.53 0.16
CA TYR A 663 26.26 -13.89 1.33
C TYR A 663 26.51 -14.62 2.61
N ARG A 664 26.24 -15.94 2.71
CA ARG A 664 26.47 -16.57 4.07
C ARG A 664 27.88 -16.70 4.63
N ASN A 665 28.77 -17.15 3.73
CA ASN A 665 30.11 -17.65 4.05
C ASN A 665 31.00 -16.56 4.57
N PRO A 666 31.02 -15.45 3.81
CA PRO A 666 31.45 -14.20 4.26
C PRO A 666 30.28 -13.36 4.53
N THR A 667 30.01 -13.13 5.82
CA THR A 667 29.02 -12.13 6.23
C THR A 667 29.85 -10.88 6.46
N LEU A 668 29.94 -10.02 5.42
CA LEU A 668 30.66 -8.84 5.46
C LEU A 668 29.99 -7.90 4.45
N ALA A 669 30.13 -6.56 4.52
CA ALA A 669 29.61 -5.57 3.66
C ALA A 669 30.21 -5.77 2.27
N VAL A 670 31.53 -6.14 2.33
CA VAL A 670 32.42 -6.35 1.11
C VAL A 670 31.78 -7.48 0.32
N ALA A 671 31.22 -8.50 1.09
CA ALA A 671 30.60 -9.68 0.47
C ALA A 671 29.36 -9.31 -0.41
N ILE A 672 28.49 -8.32 0.01
CA ILE A 672 27.32 -7.83 -0.72
C ILE A 672 27.76 -7.18 -2.01
N GLN A 673 28.82 -6.29 -1.95
CA GLN A 673 29.43 -5.56 -3.14
C GLN A 673 29.99 -6.56 -4.23
N ASN A 674 30.64 -7.59 -3.76
CA ASN A 674 31.17 -8.69 -4.54
C ASN A 674 30.07 -9.35 -5.21
N GLU A 675 29.00 -9.66 -4.37
CA GLU A 675 27.87 -10.40 -4.88
C GLU A 675 27.15 -9.63 -5.91
N LEU A 676 27.00 -8.27 -5.78
CA LEU A 676 26.23 -7.47 -6.71
C LEU A 676 26.89 -7.54 -8.06
N GLU A 677 28.19 -7.49 -8.09
CA GLU A 677 28.96 -7.52 -9.26
C GLU A 677 28.71 -8.84 -10.01
N GLY A 678 28.61 -9.99 -9.21
CA GLY A 678 28.35 -11.41 -9.62
C GLY A 678 26.91 -11.40 -10.22
N GLY A 679 25.98 -10.73 -9.61
CA GLY A 679 24.63 -10.72 -10.10
C GLY A 679 24.48 -10.02 -11.49
N LEU A 680 25.21 -8.93 -11.67
CA LEU A 680 25.32 -8.28 -13.01
C LEU A 680 26.04 -9.11 -14.15
N THR A 681 27.13 -9.80 -13.71
CA THR A 681 27.65 -10.86 -14.55
C THR A 681 26.85 -12.12 -14.54
N ASN A 682 27.16 -13.05 -15.48
CA ASN A 682 26.48 -14.29 -15.76
C ASN A 682 25.21 -13.98 -16.51
N ILE A 683 24.45 -12.86 -16.06
CA ILE A 683 23.32 -12.46 -16.94
C ILE A 683 24.02 -11.82 -18.19
N MET A 684 25.15 -10.99 -17.98
CA MET A 684 25.86 -10.27 -18.95
C MET A 684 26.56 -11.18 -19.86
N THR A 685 27.17 -12.27 -19.40
CA THR A 685 27.78 -13.37 -20.17
C THR A 685 26.77 -14.08 -20.95
N ASN A 686 25.60 -14.41 -20.35
CA ASN A 686 24.52 -15.17 -20.95
C ASN A 686 23.95 -14.38 -22.11
N ARG A 687 23.85 -13.04 -22.00
CA ARG A 687 23.44 -12.14 -22.98
C ARG A 687 24.34 -12.32 -24.18
N CYS A 688 25.66 -12.33 -23.98
CA CYS A 688 26.62 -12.50 -25.04
C CYS A 688 26.57 -13.88 -25.64
N LEU A 689 26.45 -14.93 -24.77
CA LEU A 689 26.40 -16.25 -25.35
C LEU A 689 25.16 -16.56 -26.15
N SER A 690 23.97 -16.12 -25.75
CA SER A 690 22.70 -16.56 -26.33
C SER A 690 22.14 -15.28 -26.93
N ASP A 691 21.59 -15.44 -28.14
CA ASP A 691 21.11 -14.34 -28.96
C ASP A 691 20.18 -15.01 -29.93
N LEU A 692 19.40 -16.01 -29.35
CA LEU A 692 18.40 -16.93 -29.85
C LEU A 692 17.11 -16.37 -30.33
N ILE A 693 16.61 -15.34 -29.60
CA ILE A 693 15.24 -14.81 -29.57
C ILE A 693 14.82 -14.30 -30.90
N PRO A 694 15.53 -13.57 -31.73
CA PRO A 694 14.95 -13.11 -32.99
C PRO A 694 14.54 -14.18 -33.95
N LEU A 695 15.39 -15.32 -33.97
CA LEU A 695 15.11 -16.45 -34.75
C LEU A 695 13.94 -17.13 -34.28
N GLN A 696 13.93 -17.27 -32.90
CA GLN A 696 12.92 -18.03 -32.25
C GLN A 696 11.54 -17.44 -32.50
N LEU A 697 11.56 -16.16 -32.44
CA LEU A 697 10.46 -15.24 -32.63
C LEU A 697 9.92 -15.35 -33.97
N GLN A 698 10.79 -15.58 -35.01
CA GLN A 698 10.26 -15.82 -36.35
C GLN A 698 9.47 -17.08 -36.43
N ILE A 699 10.04 -18.13 -35.80
CA ILE A 699 9.36 -19.35 -35.73
C ILE A 699 8.05 -19.21 -34.91
N PHE A 700 8.00 -18.43 -33.77
CA PHE A 700 6.75 -18.21 -32.95
C PHE A 700 5.63 -17.62 -33.77
N ASP A 701 5.90 -16.64 -34.66
CA ASP A 701 4.92 -15.99 -35.50
C ASP A 701 4.32 -17.02 -36.45
N ILE A 702 5.18 -17.91 -37.02
CA ILE A 702 4.66 -18.97 -37.93
C ILE A 702 3.72 -19.89 -37.16
N VAL A 703 4.16 -20.20 -35.85
CA VAL A 703 3.42 -20.97 -34.87
C VAL A 703 2.09 -20.36 -34.54
N TYR A 704 2.03 -18.96 -34.33
CA TYR A 704 0.83 -18.23 -34.05
C TYR A 704 -0.17 -18.26 -35.15
N LYS A 705 0.35 -18.12 -36.34
CA LYS A 705 -0.47 -18.32 -37.53
C LYS A 705 -1.01 -19.77 -37.63
N PHE A 706 -0.18 -20.76 -37.37
CA PHE A 706 -0.59 -22.14 -37.51
C PHE A 706 -1.73 -22.56 -36.63
N CYS A 707 -1.50 -22.19 -35.33
CA CYS A 707 -2.43 -22.38 -34.24
C CYS A 707 -3.75 -21.59 -34.43
N LYS A 708 -3.66 -20.39 -34.99
CA LYS A 708 -4.82 -19.51 -35.23
C LYS A 708 -5.68 -20.26 -36.20
N PHE A 709 -5.13 -20.91 -37.27
CA PHE A 709 -5.83 -21.64 -38.23
C PHE A 709 -6.46 -22.83 -37.62
N ILE A 710 -5.73 -23.57 -36.73
CA ILE A 710 -6.12 -24.88 -36.13
C ILE A 710 -7.39 -24.71 -35.28
N LYS A 711 -7.55 -23.60 -34.58
CA LYS A 711 -8.66 -23.26 -33.74
C LYS A 711 -10.02 -23.23 -34.48
N SER A 712 -10.07 -22.91 -35.83
CA SER A 712 -11.29 -22.93 -36.53
C SER A 712 -12.20 -24.19 -36.68
N MET A 713 -11.64 -25.43 -36.60
CA MET A 713 -12.25 -26.75 -36.68
C MET A 713 -13.16 -26.92 -37.88
N ARG A 714 -14.21 -27.89 -37.80
CA ARG A 714 -15.18 -27.95 -38.87
C ARG A 714 -16.50 -27.21 -38.32
N GLU A 754 -14.25 -29.79 -48.10
CA GLU A 754 -14.62 -29.67 -49.49
C GLU A 754 -13.37 -29.26 -50.29
N ASP A 755 -13.53 -28.62 -51.49
CA ASP A 755 -12.56 -28.17 -52.41
C ASP A 755 -11.74 -27.09 -51.72
N ALA A 756 -12.35 -26.12 -50.98
CA ALA A 756 -11.60 -25.04 -50.37
C ALA A 756 -10.56 -25.46 -49.36
N ALA A 757 -10.91 -26.48 -48.50
CA ALA A 757 -10.12 -26.94 -47.44
C ALA A 757 -8.82 -27.46 -47.94
N LEU A 758 -8.94 -28.21 -49.05
CA LEU A 758 -7.84 -28.89 -49.65
C LEU A 758 -6.81 -27.96 -50.16
N GLU A 759 -7.24 -26.79 -50.80
CA GLU A 759 -6.41 -25.74 -51.38
C GLU A 759 -5.65 -25.05 -50.33
N LEU A 760 -6.39 -24.72 -49.25
CA LEU A 760 -5.81 -24.08 -48.08
C LEU A 760 -4.82 -24.95 -47.40
N ILE A 761 -5.05 -26.30 -47.31
CA ILE A 761 -4.27 -27.38 -46.69
C ILE A 761 -2.95 -27.37 -47.41
N GLN A 762 -3.01 -27.19 -48.74
CA GLN A 762 -1.86 -27.26 -49.61
C GLN A 762 -1.03 -26.14 -49.21
N LYS A 763 -1.62 -24.95 -49.00
CA LYS A 763 -0.83 -23.74 -48.65
C LYS A 763 -0.09 -23.90 -47.29
N LEU A 764 -0.86 -24.53 -46.34
CA LEU A 764 -0.34 -24.86 -45.01
C LEU A 764 0.81 -25.81 -45.06
N ILE A 765 0.72 -26.85 -46.02
CA ILE A 765 1.64 -27.90 -46.18
C ILE A 765 2.98 -27.41 -46.59
N GLU A 766 3.05 -26.41 -47.51
CA GLU A 766 4.41 -25.91 -47.88
C GLU A 766 4.98 -25.26 -46.63
N TYR A 767 4.20 -24.56 -45.80
CA TYR A 767 4.51 -23.75 -44.60
C TYR A 767 5.11 -24.75 -43.63
N ILE A 768 4.45 -25.92 -43.49
CA ILE A 768 4.93 -27.03 -42.61
C ILE A 768 6.21 -27.68 -42.91
N SER A 769 6.44 -27.91 -44.22
CA SER A 769 7.70 -28.51 -44.66
C SER A 769 8.85 -27.63 -44.35
N ASN A 770 8.66 -26.27 -44.57
CA ASN A 770 9.75 -25.31 -44.32
C ASN A 770 10.03 -25.29 -42.91
N ALA A 771 8.92 -25.21 -42.07
CA ALA A 771 9.11 -25.26 -40.58
C ALA A 771 9.75 -26.53 -40.14
N SER A 772 9.42 -27.69 -40.69
CA SER A 772 10.01 -28.97 -40.43
C SER A 772 11.41 -29.00 -40.82
N SER A 773 11.82 -28.45 -41.94
CA SER A 773 13.24 -28.48 -42.36
C SER A 773 14.15 -27.70 -41.43
N ILE A 774 13.77 -26.46 -40.92
CA ILE A 774 14.52 -25.60 -39.95
C ILE A 774 14.64 -26.32 -38.65
N PHE A 775 13.50 -27.00 -38.25
CA PHE A 775 13.49 -27.72 -36.96
C PHE A 775 14.50 -28.82 -37.01
N ARG A 776 14.61 -29.47 -38.19
CA ARG A 776 15.56 -30.56 -38.44
C ARG A 776 17.01 -30.10 -38.33
N LYS A 777 17.31 -28.91 -38.89
CA LYS A 777 18.54 -28.18 -38.73
C LYS A 777 18.79 -27.79 -37.26
N CYS A 778 17.76 -27.38 -36.53
CA CYS A 778 17.88 -26.89 -35.22
C CYS A 778 18.36 -27.95 -34.26
N LEU A 779 18.10 -29.22 -34.47
CA LEU A 779 18.53 -30.35 -33.60
C LEU A 779 19.98 -30.42 -33.48
N ILE A 780 20.69 -30.09 -34.62
CA ILE A 780 22.15 -30.04 -34.80
C ILE A 780 22.80 -28.98 -33.90
N ASN A 781 22.16 -27.81 -33.72
CA ASN A 781 22.52 -26.63 -32.93
C ASN A 781 22.70 -26.98 -31.48
N PHE A 782 21.81 -27.82 -30.87
CA PHE A 782 21.81 -28.23 -29.43
C PHE A 782 23.09 -28.94 -29.09
N THR A 783 23.53 -29.85 -30.07
CA THR A 783 24.91 -30.43 -30.10
C THR A 783 26.05 -29.39 -30.27
N GLN A 784 25.96 -28.56 -31.37
CA GLN A 784 26.85 -27.52 -31.55
C GLN A 784 26.13 -26.44 -32.33
N GLU A 785 26.12 -25.22 -31.63
CA GLU A 785 25.29 -24.02 -31.91
C GLU A 785 25.11 -23.66 -33.39
N LEU A 786 24.16 -22.72 -33.68
CA LEU A 786 23.85 -22.09 -34.97
C LEU A 786 23.12 -22.96 -35.93
N SER A 787 21.88 -22.53 -36.44
CA SER A 787 21.19 -23.20 -37.51
C SER A 787 21.23 -22.22 -38.70
N THR A 788 21.87 -22.60 -39.80
CA THR A 788 22.16 -21.79 -40.98
C THR A 788 20.87 -21.62 -41.64
N GLU A 789 20.06 -22.74 -41.63
CA GLU A 789 18.79 -22.79 -42.37
C GLU A 789 17.75 -21.73 -41.97
N LYS A 790 17.52 -21.47 -40.66
CA LYS A 790 16.57 -20.47 -40.34
C LYS A 790 17.04 -19.11 -40.76
N PHE A 791 18.42 -18.82 -40.59
CA PHE A 791 19.02 -17.54 -40.93
C PHE A 791 18.82 -17.38 -42.40
N ASP A 792 19.10 -18.52 -43.17
CA ASP A 792 18.99 -18.58 -44.55
C ASP A 792 17.58 -18.39 -45.05
N PHE A 793 16.58 -18.90 -44.40
CA PHE A 793 15.16 -18.58 -44.81
C PHE A 793 14.85 -17.11 -44.68
N TYR A 794 15.25 -16.44 -43.56
CA TYR A 794 14.93 -15.02 -43.55
C TYR A 794 15.56 -14.25 -44.62
N ASP A 795 16.85 -14.55 -44.90
CA ASP A 795 17.67 -13.92 -45.92
C ASP A 795 17.06 -14.10 -47.28
N SER A 796 16.54 -15.34 -47.55
CA SER A 796 16.03 -15.73 -48.85
C SER A 796 14.85 -14.83 -49.13
N SER A 797 14.10 -14.68 -48.08
CA SER A 797 12.91 -13.80 -48.10
C SER A 797 13.32 -12.40 -48.30
N SER A 798 14.42 -11.98 -47.69
CA SER A 798 14.99 -10.59 -47.87
C SER A 798 15.29 -10.40 -49.38
N VAL A 799 16.03 -11.29 -49.93
CA VAL A 799 16.46 -11.44 -51.25
C VAL A 799 17.02 -12.77 -51.35
N ASP A 800 16.54 -13.52 -52.37
CA ASP A 800 16.79 -14.84 -52.61
C ASP A 800 18.23 -14.99 -53.09
N PRO B 180 63.47 64.15 25.89
CA PRO B 180 62.20 64.60 26.46
C PRO B 180 61.19 63.51 26.54
N GLU B 181 61.65 62.22 26.53
CA GLU B 181 60.84 61.07 26.34
C GLU B 181 59.82 60.84 27.46
N GLU B 182 60.16 61.06 28.69
CA GLU B 182 59.27 60.75 29.80
C GLU B 182 58.06 61.63 29.68
N ASP B 183 58.28 62.97 29.38
CA ASP B 183 57.18 63.97 29.24
C ASP B 183 56.31 63.62 28.09
N ILE B 184 56.99 63.16 27.01
CA ILE B 184 56.30 62.76 25.80
C ILE B 184 55.48 61.55 26.20
N LEU B 185 55.97 60.59 27.02
CA LEU B 185 55.25 59.36 27.39
C LEU B 185 54.06 59.70 28.14
N LYS B 186 53.99 60.60 29.10
CA LYS B 186 52.78 60.92 29.83
C LYS B 186 51.78 61.49 28.88
N TYR B 187 52.13 62.33 27.93
CA TYR B 187 51.23 62.96 26.96
C TYR B 187 50.57 61.88 26.11
N VAL B 188 51.44 60.87 25.63
CA VAL B 188 51.13 59.77 24.79
C VAL B 188 50.15 58.90 25.58
N SER B 189 50.32 58.65 26.84
CA SER B 189 49.54 57.72 27.63
C SER B 189 48.15 58.22 27.68
N TYR B 190 48.03 59.50 27.88
CA TYR B 190 46.79 60.17 27.86
C TYR B 190 46.17 60.11 26.46
N THR B 191 47.05 60.20 25.44
CA THR B 191 46.55 60.14 24.07
C THR B 191 45.88 58.84 23.68
N LEU B 192 46.43 57.73 24.10
CA LEU B 192 45.82 56.44 23.83
C LEU B 192 44.48 56.27 24.43
N LEU B 193 44.21 56.95 25.57
CA LEU B 193 42.90 56.99 26.16
C LEU B 193 41.93 57.92 25.35
N ALA B 194 42.40 58.66 24.32
CA ALA B 194 41.62 59.52 23.46
C ALA B 194 41.52 60.97 24.00
N THR B 195 42.56 61.45 24.80
CA THR B 195 42.58 62.79 25.20
C THR B 195 43.92 63.36 24.84
N THR B 196 43.85 64.38 23.96
CA THR B 196 44.98 65.01 23.25
C THR B 196 45.77 65.74 24.31
N SER B 197 46.96 66.19 23.89
CA SER B 197 47.96 66.90 24.74
C SER B 197 48.28 68.12 24.07
N ALA B 198 49.00 68.94 24.79
CA ALA B 198 49.37 70.25 24.32
C ALA B 198 50.35 70.32 23.17
N LEU B 199 50.99 69.21 22.86
CA LEU B 199 51.86 69.13 21.78
C LEU B 199 51.31 68.29 20.56
N PHE B 200 50.06 67.72 20.71
CA PHE B 200 49.45 66.93 19.64
C PHE B 200 48.17 67.73 19.13
N PRO B 201 48.01 67.81 17.81
CA PRO B 201 46.78 68.47 17.29
C PRO B 201 45.96 67.34 16.89
N PHE B 202 45.31 66.76 17.88
CA PHE B 202 44.38 65.67 17.65
C PHE B 202 43.15 66.32 18.06
N ASP B 203 42.10 66.16 17.33
CA ASP B 203 40.89 66.88 17.48
C ASP B 203 39.77 65.94 17.31
N HIS B 204 38.98 66.10 16.23
CA HIS B 204 37.99 65.18 15.80
C HIS B 204 38.73 64.45 14.72
N GLU B 205 40.09 64.47 14.71
CA GLU B 205 40.94 63.93 13.73
C GLU B 205 42.21 63.54 14.44
N GLN B 206 43.12 62.90 13.70
CA GLN B 206 44.42 62.43 14.08
C GLN B 206 45.31 63.56 14.52
N ILE B 207 46.59 63.21 14.78
CA ILE B 207 47.62 64.17 14.91
C ILE B 207 47.86 64.73 13.55
N GLN B 208 47.42 65.99 13.20
CA GLN B 208 47.49 66.63 11.93
C GLN B 208 48.93 66.93 11.56
N ILE B 209 49.64 67.43 12.52
CA ILE B 209 51.13 67.42 12.43
C ILE B 209 51.73 67.23 13.80
N PRO B 210 52.93 66.73 14.01
CA PRO B 210 53.63 66.77 15.33
C PRO B 210 54.31 68.06 15.52
N SER B 211 54.24 68.64 16.75
CA SER B 211 54.70 69.99 16.98
C SER B 211 56.24 70.09 16.86
N LYS B 212 56.98 69.00 17.23
CA LYS B 212 58.36 68.77 16.91
C LYS B 212 58.34 67.95 15.69
N ILE B 213 59.11 68.31 14.63
CA ILE B 213 59.07 67.65 13.37
C ILE B 213 60.02 66.57 13.02
N PRO B 214 60.96 65.95 13.88
CA PRO B 214 61.87 64.92 13.36
C PRO B 214 61.28 63.67 12.82
N ASN B 215 62.00 63.10 11.81
CA ASN B 215 61.64 61.95 11.01
C ASN B 215 61.42 60.79 11.89
N PHE B 216 62.33 60.71 12.87
CA PHE B 216 62.50 59.64 13.88
C PHE B 216 61.18 59.52 14.62
N GLU B 217 60.61 60.70 15.12
CA GLU B 217 59.40 60.86 15.86
C GLU B 217 58.27 60.56 14.98
N SER B 218 58.36 61.01 13.68
CA SER B 218 57.36 60.95 12.66
C SER B 218 56.98 59.53 12.34
N GLY B 219 58.04 58.68 12.27
CA GLY B 219 57.88 57.25 11.98
C GLY B 219 57.20 56.57 13.04
N LEU B 220 57.54 56.92 14.26
CA LEU B 220 56.72 56.43 15.46
C LEU B 220 55.32 56.94 15.43
N LEU B 221 55.17 58.18 14.98
CA LEU B 221 53.93 58.93 14.90
C LEU B 221 52.93 58.26 13.95
N HIS B 222 53.44 57.60 12.82
CA HIS B 222 52.50 56.98 11.91
C HIS B 222 51.70 55.87 12.59
N LEU B 223 52.44 54.99 13.33
CA LEU B 223 51.82 53.89 14.10
C LEU B 223 50.98 54.41 15.21
N ILE B 224 51.39 55.51 15.96
CA ILE B 224 50.51 56.10 16.95
C ILE B 224 49.26 56.69 16.44
N PHE B 225 49.33 57.34 15.21
CA PHE B 225 48.14 57.98 14.67
C PHE B 225 46.99 57.06 14.37
N GLU B 226 47.27 55.81 13.84
CA GLU B 226 46.39 54.78 13.61
C GLU B 226 45.77 54.37 14.87
N ALA B 227 46.59 54.20 15.96
CA ALA B 227 46.14 53.83 17.28
C ALA B 227 45.12 54.76 17.95
N GLY B 228 45.35 56.03 17.83
CA GLY B 228 44.47 57.06 18.35
C GLY B 228 43.21 57.19 17.72
N LEU B 229 43.18 56.97 16.40
CA LEU B 229 42.05 56.98 15.49
C LEU B 229 41.08 55.95 15.83
N LEU B 230 41.60 54.70 16.11
CA LEU B 230 40.77 53.60 16.52
C LEU B 230 40.05 53.76 17.87
N TYR B 231 40.75 54.34 18.88
CA TYR B 231 40.20 54.69 20.19
C TYR B 231 39.00 55.68 20.03
N GLN B 232 39.19 56.68 19.13
CA GLN B 232 38.23 57.70 18.87
C GLN B 232 37.00 57.07 18.22
N SER B 233 37.23 56.10 17.28
CA SER B 233 36.19 55.30 16.60
C SER B 233 35.43 54.43 17.49
N LEU B 234 36.06 53.71 18.43
CA LEU B 234 35.37 52.86 19.32
C LEU B 234 34.43 53.64 20.14
N GLY B 235 34.86 54.81 20.69
CA GLY B 235 34.04 55.64 21.47
C GLY B 235 32.85 56.15 20.76
N TYR B 236 33.07 56.47 19.47
CA TYR B 236 32.02 56.92 18.56
C TYR B 236 30.92 55.85 18.36
N LYS B 237 31.32 54.59 18.12
CA LYS B 237 30.47 53.50 17.91
C LYS B 237 29.63 53.17 19.14
N VAL B 238 30.30 53.14 20.31
CA VAL B 238 29.73 52.77 21.58
C VAL B 238 28.61 53.65 21.88
N GLU B 239 28.81 55.05 21.65
CA GLU B 239 27.93 56.16 21.89
C GLU B 239 26.68 56.00 21.03
N LYS B 240 26.90 55.58 19.76
CA LYS B 240 25.94 55.35 18.75
C LYS B 240 25.02 54.27 19.16
N PHE B 241 25.56 53.16 19.66
CA PHE B 241 24.76 51.99 20.02
C PHE B 241 24.05 52.28 21.35
N ARG B 242 24.63 53.12 22.13
CA ARG B 242 24.00 53.75 23.26
C ARG B 242 23.24 54.90 22.84
N MET B 243 22.22 54.50 22.16
CA MET B 243 21.17 55.44 21.77
C MET B 243 19.89 54.57 21.75
N LEU B 244 19.98 53.27 22.21
CA LEU B 244 18.88 52.43 22.49
C LEU B 244 18.07 52.19 21.23
N ASN B 245 18.72 51.59 20.21
CA ASN B 245 18.24 51.44 18.92
C ASN B 245 17.70 50.10 18.61
N ILE B 246 18.51 49.00 18.24
CA ILE B 246 17.96 47.80 17.69
C ILE B 246 18.18 46.67 18.62
N SER B 247 18.14 45.42 18.12
CA SER B 247 18.18 44.09 18.75
C SER B 247 18.83 43.88 20.07
N PRO B 248 18.31 42.83 20.80
CA PRO B 248 19.06 42.22 21.94
C PRO B 248 20.24 41.53 21.43
N MET B 249 20.31 41.16 20.14
CA MET B 249 21.43 40.57 19.53
C MET B 249 22.56 41.63 19.54
N LYS B 250 22.19 42.84 19.25
CA LYS B 250 22.99 44.00 19.13
C LYS B 250 23.59 44.30 20.50
N LYS B 251 22.71 44.17 21.54
CA LYS B 251 23.02 44.42 22.95
C LYS B 251 24.06 43.53 23.39
N ALA B 252 23.99 42.28 22.96
CA ALA B 252 24.91 41.23 23.37
C ALA B 252 26.30 41.60 22.92
N LEU B 253 26.35 42.23 21.72
CA LEU B 253 27.59 42.74 21.14
C LEU B 253 28.24 43.90 21.84
N ILE B 254 27.40 44.90 22.31
CA ILE B 254 27.81 46.00 23.13
C ILE B 254 28.42 45.53 24.43
N ILE B 255 27.79 44.48 25.07
CA ILE B 255 28.31 43.91 26.28
C ILE B 255 29.69 43.29 26.02
N GLU B 256 29.94 42.53 24.89
CA GLU B 256 31.21 41.94 24.56
C GLU B 256 32.35 42.93 24.28
N ILE B 257 32.05 44.01 23.54
CA ILE B 257 32.98 45.04 23.29
C ILE B 257 33.37 45.74 24.56
N SER B 258 32.33 46.05 25.43
CA SER B 258 32.44 46.72 26.67
C SER B 258 33.37 45.98 27.54
N GLU B 259 33.38 44.60 27.52
CA GLU B 259 34.26 43.71 28.25
C GLU B 259 35.61 43.90 27.79
N GLU B 260 35.81 44.05 26.45
CA GLU B 260 37.15 44.15 25.89
C GLU B 260 37.84 45.48 26.31
N LEU B 261 37.10 46.51 26.50
CA LEU B 261 37.78 47.74 26.88
C LEU B 261 38.39 47.62 28.22
N GLN B 262 37.82 46.66 29.06
CA GLN B 262 38.44 46.35 30.43
C GLN B 262 39.89 45.93 30.31
N ASN B 263 40.22 45.14 29.30
CA ASN B 263 41.58 44.62 29.04
C ASN B 263 42.57 45.77 28.81
N TYR B 264 42.13 46.79 28.09
CA TYR B 264 42.95 47.92 27.78
C TYR B 264 43.35 48.56 28.97
N THR B 265 42.37 48.80 29.88
CA THR B 265 42.62 49.55 31.09
C THR B 265 43.65 48.87 31.86
N ALA B 266 43.54 47.54 31.83
CA ALA B 266 44.47 46.72 32.51
C ALA B 266 45.87 46.90 31.98
N PHE B 267 45.98 46.99 30.69
CA PHE B 267 47.20 47.31 30.08
C PHE B 267 47.65 48.64 30.51
N VAL B 268 46.86 49.72 30.57
CA VAL B 268 47.37 51.02 30.96
C VAL B 268 47.94 50.98 32.37
N ASN B 269 47.28 50.39 33.39
CA ASN B 269 48.00 50.32 34.71
C ASN B 269 49.22 49.50 34.61
N ASN B 270 49.22 48.41 33.79
CA ASN B 270 50.36 47.52 33.68
C ASN B 270 51.56 48.30 33.13
N LEU B 271 51.42 49.16 32.11
CA LEU B 271 52.51 49.98 31.54
C LEU B 271 53.06 50.92 32.58
N VAL B 272 52.12 51.56 33.36
CA VAL B 272 52.50 52.42 34.41
C VAL B 272 53.27 51.68 35.49
N SER B 273 52.76 50.44 35.88
CA SER B 273 53.23 49.55 36.91
C SER B 273 54.63 49.14 36.66
N SER B 274 55.04 49.04 35.36
CA SER B 274 56.41 48.67 34.92
C SER B 274 57.40 49.36 35.77
N GLY B 275 57.31 50.73 35.98
CA GLY B 275 58.24 51.49 36.80
C GLY B 275 59.53 51.71 36.18
N THR B 276 59.77 51.15 34.90
CA THR B 276 60.93 51.40 34.16
C THR B 276 60.60 52.41 33.11
N VAL B 277 61.60 53.15 32.61
CA VAL B 277 61.30 53.99 31.48
C VAL B 277 60.92 53.14 30.32
N VAL B 278 59.75 53.46 29.72
CA VAL B 278 59.17 52.74 28.62
C VAL B 278 59.25 53.71 27.44
N SER B 279 59.65 53.23 26.27
CA SER B 279 59.84 54.02 25.06
C SER B 279 58.59 53.96 24.28
N LEU B 280 58.46 54.75 23.22
CA LEU B 280 57.36 54.57 22.31
C LEU B 280 57.43 53.25 21.53
N LYS B 281 58.69 52.82 21.26
CA LYS B 281 59.07 51.57 20.61
C LYS B 281 58.54 50.38 21.44
N SER B 282 58.81 50.54 22.77
CA SER B 282 58.40 49.63 23.78
C SER B 282 56.90 49.60 23.87
N LEU B 283 56.22 50.79 23.77
CA LEU B 283 54.81 50.86 23.95
C LEU B 283 54.17 49.99 22.93
N TYR B 284 54.69 50.02 21.67
CA TYR B 284 54.10 49.26 20.56
C TYR B 284 54.19 47.74 20.76
N ARG B 285 55.41 47.30 21.19
CA ARG B 285 55.60 45.95 21.32
C ARG B 285 54.78 45.29 22.32
N GLU B 286 54.67 45.94 23.51
CA GLU B 286 53.89 45.45 24.57
C GLU B 286 52.39 45.35 24.26
N ILE B 287 51.80 46.30 23.55
CA ILE B 287 50.38 46.30 23.22
C ILE B 287 50.01 45.96 21.76
N TYR B 288 50.70 44.97 21.14
CA TYR B 288 50.42 44.58 19.83
C TYR B 288 49.08 43.88 19.78
N GLU B 289 48.89 43.01 20.78
CA GLU B 289 47.86 42.00 20.77
C GLU B 289 46.47 42.66 20.65
N ASN B 290 46.23 43.84 21.39
CA ASN B 290 45.07 44.70 21.33
C ASN B 290 44.82 45.35 20.05
N ILE B 291 45.87 45.70 19.21
CA ILE B 291 45.72 46.18 17.91
C ILE B 291 45.14 45.24 17.06
N ILE B 292 45.53 43.96 17.17
CA ILE B 292 44.95 42.94 16.36
C ILE B 292 43.48 42.65 16.72
N ARG B 293 43.14 42.45 18.03
CA ARG B 293 41.82 42.02 18.31
C ARG B 293 40.78 43.13 17.95
N LEU B 294 41.12 44.34 18.35
CA LEU B 294 40.33 45.52 18.23
C LEU B 294 39.98 45.81 16.79
N ARG B 295 40.98 45.62 15.90
CA ARG B 295 40.82 45.87 14.50
C ARG B 295 39.81 44.90 13.81
N ILE B 296 39.92 43.61 14.29
CA ILE B 296 38.94 42.66 13.80
C ILE B 296 37.53 43.07 14.20
N TYR B 297 37.29 43.48 15.44
CA TYR B 297 36.01 43.85 15.97
C TYR B 297 35.42 45.01 15.20
N CYS B 298 36.25 45.99 14.69
CA CYS B 298 35.75 46.97 13.77
C CYS B 298 35.26 46.41 12.46
N ARG B 299 35.81 45.35 11.90
CA ARG B 299 35.36 44.82 10.66
C ARG B 299 33.88 44.40 10.77
N PHE B 300 33.56 43.74 11.87
CA PHE B 300 32.20 43.31 12.14
C PHE B 300 31.31 44.44 12.24
N THR B 301 31.72 45.52 12.95
CA THR B 301 31.00 46.72 13.23
C THR B 301 30.71 47.45 11.95
N GLU B 302 31.66 47.53 10.95
CA GLU B 302 31.33 48.28 9.75
C GLU B 302 30.21 47.59 9.00
N HIS B 303 30.29 46.28 8.87
CA HIS B 303 29.26 45.53 8.18
C HIS B 303 27.88 45.55 8.82
N LEU B 304 27.86 45.59 10.13
CA LEU B 304 26.70 45.70 10.94
C LEU B 304 25.85 46.97 10.69
N GLU B 305 26.50 48.09 10.30
CA GLU B 305 25.91 49.41 10.00
C GLU B 305 24.78 49.32 8.95
N GLU B 306 24.97 48.40 7.97
CA GLU B 306 24.00 48.02 6.99
C GLU B 306 22.91 47.13 7.50
N LEU B 307 23.34 46.18 8.27
CA LEU B 307 22.47 45.07 8.70
C LEU B 307 21.63 45.49 9.86
N SER B 308 20.43 44.90 9.95
CA SER B 308 19.38 45.15 10.84
C SER B 308 18.66 43.78 10.86
N GLY B 309 18.45 43.18 12.01
CA GLY B 309 17.62 42.00 12.35
C GLY B 309 18.30 40.71 12.14
N ASP B 310 17.62 39.78 11.38
CA ASP B 310 17.96 38.42 11.17
C ASP B 310 19.30 38.19 10.43
N THR B 311 19.80 39.15 9.63
CA THR B 311 21.03 39.18 8.92
C THR B 311 22.21 39.13 9.85
N PHE B 312 22.14 39.67 11.10
CA PHE B 312 23.11 39.54 12.08
C PHE B 312 23.40 38.07 12.38
N LEU B 313 22.37 37.24 12.42
CA LEU B 313 22.46 35.80 12.64
C LEU B 313 23.24 35.11 11.54
N ILE B 314 23.11 35.48 10.24
CA ILE B 314 23.87 34.80 9.12
C ILE B 314 25.42 35.13 9.24
N GLU B 315 25.71 36.39 9.50
CA GLU B 315 26.99 37.09 9.66
C GLU B 315 27.63 36.38 10.83
N LEU B 316 26.91 36.11 11.97
CA LEU B 316 27.41 35.39 13.15
C LEU B 316 27.74 34.05 12.79
N ASN B 317 26.96 33.36 11.91
CA ASN B 317 27.24 31.98 11.57
C ASN B 317 28.56 31.90 10.80
N ILE B 318 28.79 32.79 9.76
CA ILE B 318 29.96 32.72 8.93
C ILE B 318 31.18 32.97 9.73
N PHE B 319 31.13 34.03 10.60
CA PHE B 319 32.26 34.45 11.34
C PHE B 319 32.81 33.37 12.28
N LYS B 320 31.84 32.61 12.89
CA LYS B 320 32.09 31.54 13.71
C LYS B 320 32.85 30.40 13.12
N SER B 321 32.59 30.15 11.82
CA SER B 321 33.33 29.13 11.06
C SER B 321 34.81 29.42 10.88
N HIS B 322 35.21 30.74 10.78
CA HIS B 322 36.62 31.10 10.58
C HIS B 322 37.41 30.76 11.76
N GLY B 323 38.63 30.21 11.54
CA GLY B 323 39.61 29.58 12.40
C GLY B 323 40.31 30.76 13.08
N ASP B 324 41.64 30.52 13.31
CA ASP B 324 42.52 31.24 14.15
C ASP B 324 42.07 31.21 15.58
N LEU B 325 42.84 30.67 16.56
CA LEU B 325 42.29 30.39 17.83
C LEU B 325 41.59 31.49 18.61
N THR B 326 42.18 32.66 18.67
CA THR B 326 41.66 33.83 19.25
C THR B 326 40.46 34.40 18.60
N ILE B 327 40.52 34.43 17.23
CA ILE B 327 39.40 35.01 16.41
C ILE B 327 38.11 34.26 16.42
N ARG B 328 38.32 32.95 16.28
CA ARG B 328 37.30 31.97 16.36
C ARG B 328 36.68 31.95 17.80
N LYS B 329 37.57 32.12 18.84
CA LYS B 329 37.22 32.14 20.24
C LYS B 329 36.33 33.33 20.52
N ILE B 330 36.68 34.50 19.96
CA ILE B 330 35.81 35.68 20.18
C ILE B 330 34.43 35.35 19.57
N ALA B 331 34.47 34.74 18.35
CA ALA B 331 33.28 34.58 17.57
C ALA B 331 32.23 33.62 18.35
N THR B 332 32.79 32.61 18.95
CA THR B 332 32.13 31.56 19.78
C THR B 332 31.45 32.19 20.99
N ASN B 333 32.17 33.16 21.62
CA ASN B 333 31.62 33.86 22.77
C ASN B 333 30.39 34.61 22.37
N LEU B 334 30.38 35.27 21.20
CA LEU B 334 29.23 36.01 20.75
C LEU B 334 28.02 35.08 20.49
N PHE B 335 28.29 33.89 19.94
CA PHE B 335 27.32 32.83 19.64
C PHE B 335 26.65 32.33 20.92
N ASN B 336 27.51 32.10 21.98
CA ASN B 336 26.92 31.64 23.21
C ASN B 336 25.90 32.62 23.78
N SER B 337 26.19 33.97 23.81
CA SER B 337 25.18 34.92 24.31
C SER B 337 23.92 35.03 23.45
N MET B 338 24.10 34.96 22.13
CA MET B 338 22.90 34.86 21.33
C MET B 338 22.08 33.66 21.48
N ILE B 339 22.70 32.43 21.60
CA ILE B 339 21.83 31.27 21.58
C ILE B 339 20.81 31.22 22.71
N SER B 340 21.25 31.82 23.83
CA SER B 340 20.49 32.18 24.94
C SER B 340 19.26 33.12 24.70
N LEU B 341 19.36 34.07 23.74
CA LEU B 341 18.23 34.90 23.32
C LEU B 341 17.12 34.11 22.63
N TYR B 342 17.55 33.17 21.76
CA TYR B 342 16.76 32.14 21.14
C TYR B 342 16.10 31.21 22.10
N TYR B 343 16.78 30.68 23.09
CA TYR B 343 16.27 29.71 24.05
C TYR B 343 15.12 30.29 24.83
N GLU B 344 15.25 31.62 25.16
CA GLU B 344 14.25 32.48 25.80
C GLU B 344 12.95 32.60 24.92
N TYR B 345 13.18 32.85 23.58
CA TYR B 345 12.06 32.94 22.64
C TYR B 345 11.35 31.64 22.46
N LEU B 346 12.17 30.57 22.39
CA LEU B 346 11.67 29.20 22.33
C LEU B 346 10.87 28.81 23.52
N MET B 347 11.41 29.18 24.70
CA MET B 347 10.90 28.81 25.99
C MET B 347 9.49 29.39 26.11
N ASN B 348 9.31 30.62 25.63
CA ASN B 348 8.07 31.36 25.61
C ASN B 348 7.05 30.62 24.81
N TRP B 349 7.58 30.21 23.60
CA TRP B 349 6.80 29.57 22.59
C TRP B 349 6.32 28.23 23.03
N LEU B 350 7.24 27.35 23.43
CA LEU B 350 6.79 26.04 23.80
C LEU B 350 5.88 25.96 25.06
N THR B 351 6.19 26.71 26.10
CA THR B 351 5.38 26.66 27.30
C THR B 351 4.15 27.50 27.39
N LYS B 352 4.12 28.72 26.79
CA LYS B 352 2.97 29.55 27.01
C LYS B 352 2.49 29.99 25.65
N GLY B 353 2.92 29.34 24.51
CA GLY B 353 2.40 29.65 23.15
C GLY B 353 2.72 31.13 22.87
N LEU B 354 3.74 31.69 23.47
CA LEU B 354 4.08 33.12 23.43
C LEU B 354 5.34 33.29 22.59
N LEU B 355 5.44 34.40 21.77
CA LEU B 355 6.58 34.61 20.95
C LEU B 355 6.71 36.11 20.69
N ARG B 356 8.03 36.51 20.57
CA ARG B 356 8.48 37.89 20.44
C ARG B 356 9.54 37.91 19.33
N ALA B 357 9.32 38.75 18.31
CA ALA B 357 10.09 38.83 17.04
C ALA B 357 10.80 40.13 16.93
N THR B 358 10.46 41.07 17.86
CA THR B 358 11.13 42.35 18.08
C THR B 358 11.52 43.08 16.83
N TYR B 359 12.78 43.04 16.35
CA TYR B 359 13.31 43.94 15.35
C TYR B 359 13.40 43.26 14.05
N GLY B 360 12.90 42.01 13.98
CA GLY B 360 12.87 41.20 12.79
C GLY B 360 13.80 40.04 12.87
N GLU B 361 13.64 39.25 13.97
CA GLU B 361 14.37 38.01 14.12
C GLU B 361 13.32 37.03 14.64
N PHE B 362 13.81 35.75 14.95
CA PHE B 362 12.97 34.54 15.02
C PHE B 362 12.31 34.23 13.69
N PHE B 363 11.07 33.63 13.66
CA PHE B 363 10.45 33.23 12.39
C PHE B 363 8.97 33.18 12.48
N ILE B 364 8.34 33.62 13.61
CA ILE B 364 6.83 33.60 13.68
C ILE B 364 6.27 34.97 13.40
N ALA B 365 5.24 35.06 12.48
CA ALA B 365 4.61 36.33 12.12
C ALA B 365 3.11 36.03 12.33
N GLU B 366 2.33 37.06 12.80
CA GLU B 366 0.89 37.22 12.86
C GLU B 366 0.56 37.63 11.57
N ASN B 367 -0.64 37.34 11.06
CA ASN B 367 -1.16 37.70 9.79
C ASN B 367 -0.33 37.28 8.58
N TYR B 379 -11.31 41.10 9.52
CA TYR B 379 -10.95 40.08 10.55
C TYR B 379 -9.98 39.17 9.87
N HIS B 380 -8.88 38.94 10.57
CA HIS B 380 -7.83 38.04 10.11
C HIS B 380 -7.43 37.17 11.30
N ILE B 381 -6.56 37.67 12.20
CA ILE B 381 -6.14 37.04 13.43
C ILE B 381 -5.66 35.57 13.38
N PRO B 382 -4.54 35.24 12.69
CA PRO B 382 -3.89 33.94 12.69
C PRO B 382 -2.42 34.16 13.19
N ILE B 383 -1.69 33.08 13.55
CA ILE B 383 -0.27 33.13 13.87
C ILE B 383 0.41 32.01 13.04
N GLU B 384 1.56 32.22 12.36
CA GLU B 384 2.10 31.26 11.42
C GLU B 384 3.58 31.42 11.27
N PHE B 385 4.25 30.39 10.60
CA PHE B 385 5.67 30.32 10.40
C PHE B 385 6.12 30.90 9.16
N ASN B 386 7.27 31.62 9.21
CA ASN B 386 7.91 32.29 8.11
C ASN B 386 9.02 31.29 7.70
N GLN B 387 8.83 30.38 6.69
CA GLN B 387 9.73 29.21 6.44
C GLN B 387 11.15 29.62 6.01
N GLU B 388 11.23 30.77 5.17
CA GLU B 388 12.50 31.30 4.75
C GLU B 388 13.36 31.75 5.96
N ARG B 389 12.69 32.36 7.01
CA ARG B 389 13.38 32.73 8.20
C ARG B 389 13.73 31.54 9.13
N VAL B 390 12.99 30.33 9.06
CA VAL B 390 13.46 29.21 9.87
C VAL B 390 14.90 28.87 9.62
N PRO B 391 15.71 28.75 10.72
CA PRO B 391 17.13 28.48 10.57
C PRO B 391 17.35 27.00 10.41
N ALA B 392 18.47 26.59 9.81
CA ALA B 392 18.72 25.19 9.74
C ALA B 392 19.84 24.86 10.66
N PHE B 393 20.28 25.79 11.56
CA PHE B 393 21.39 25.60 12.50
C PHE B 393 20.95 24.68 13.52
N ILE B 394 19.69 24.83 13.85
CA ILE B 394 18.89 24.03 14.58
C ILE B 394 17.97 23.61 13.44
N PRO B 395 17.84 22.39 12.91
CA PRO B 395 17.29 22.11 11.57
C PRO B 395 15.96 22.69 11.26
N LYS B 396 15.67 22.96 10.02
CA LYS B 396 14.39 23.49 9.65
C LYS B 396 13.32 22.58 10.04
N GLU B 397 13.54 21.20 9.88
CA GLU B 397 12.57 20.18 10.20
C GLU B 397 12.23 20.20 11.62
N LEU B 398 13.21 20.38 12.47
CA LEU B 398 13.13 20.39 13.90
C LEU B 398 12.29 21.55 14.34
N ALA B 399 12.51 22.70 13.72
CA ALA B 399 11.82 24.02 13.91
C ALA B 399 10.40 23.96 13.54
N TYR B 400 10.09 23.22 12.43
CA TYR B 400 8.71 23.02 11.99
C TYR B 400 7.81 22.30 12.93
N LYS B 401 8.36 21.23 13.55
CA LYS B 401 7.70 20.47 14.64
C LYS B 401 7.44 21.31 15.82
N ILE B 402 8.43 22.20 16.21
CA ILE B 402 8.38 23.17 17.33
C ILE B 402 7.30 24.14 17.10
N PHE B 403 7.16 24.63 15.83
CA PHE B 403 6.14 25.66 15.44
C PHE B 403 4.82 25.12 15.75
N MET B 404 4.58 23.84 15.34
CA MET B 404 3.27 23.19 15.49
C MET B 404 2.85 23.03 16.90
N ILE B 405 3.81 22.61 17.74
CA ILE B 405 3.66 22.46 19.18
C ILE B 405 3.35 23.75 19.92
N GLY B 406 4.04 24.91 19.65
CA GLY B 406 3.76 26.21 20.29
C GLY B 406 2.34 26.71 19.96
N LYS B 407 2.03 26.53 18.66
CA LYS B 407 0.83 26.97 18.05
C LYS B 407 -0.37 26.31 18.62
N SER B 408 -0.23 25.02 18.84
CA SER B 408 -1.13 24.14 19.46
C SER B 408 -1.37 24.57 20.92
N TYR B 409 -0.28 24.97 21.63
CA TYR B 409 -0.47 25.38 22.99
C TYR B 409 -1.29 26.59 23.13
N ILE B 410 -1.06 27.60 22.29
CA ILE B 410 -1.80 28.85 22.41
C ILE B 410 -3.28 28.59 22.14
N PHE B 411 -3.50 27.73 21.11
CA PHE B 411 -4.77 27.40 20.61
C PHE B 411 -5.62 26.68 21.67
N LEU B 412 -5.01 25.81 22.48
CA LEU B 412 -5.57 25.13 23.53
C LEU B 412 -6.03 26.07 24.59
N GLU B 413 -5.21 27.11 24.85
CA GLU B 413 -5.58 28.09 25.84
C GLU B 413 -6.74 28.82 25.52
N LYS B 414 -6.89 29.22 24.22
CA LYS B 414 -8.01 29.95 23.70
C LYS B 414 -9.26 29.15 23.77
N TYR B 415 -9.06 27.81 23.64
CA TYR B 415 -10.18 26.90 23.72
C TYR B 415 -10.89 26.95 25.04
N CYS B 416 -9.99 26.82 26.10
CA CYS B 416 -10.32 26.75 27.54
C CYS B 416 -9.08 27.18 28.18
N LYS B 417 -9.26 27.99 29.25
CA LYS B 417 -8.26 28.60 30.09
C LYS B 417 -7.54 27.47 30.74
N GLU B 418 -8.35 26.58 31.44
CA GLU B 418 -7.89 25.38 32.15
C GLU B 418 -7.42 24.43 31.15
N VAL B 419 -6.04 24.28 31.15
CA VAL B 419 -5.24 23.33 30.34
C VAL B 419 -4.47 22.45 31.32
N GLN B 420 -3.73 21.45 30.79
CA GLN B 420 -2.84 20.55 31.49
C GLN B 420 -1.76 21.51 32.11
N TRP B 421 -1.77 21.58 33.48
CA TRP B 421 -1.10 22.61 34.28
C TRP B 421 0.31 22.23 34.72
N THR B 422 0.40 21.36 35.71
CA THR B 422 1.63 21.38 36.53
C THR B 422 2.83 21.02 35.65
N ASN B 423 2.54 20.20 34.58
CA ASN B 423 3.37 19.70 33.52
C ASN B 423 4.03 20.82 32.72
N GLU B 424 3.31 21.96 32.40
CA GLU B 424 3.84 23.05 31.67
C GLU B 424 4.98 23.70 32.43
N PHE B 425 4.83 23.88 33.77
CA PHE B 425 5.69 24.53 34.69
C PHE B 425 6.92 23.73 34.81
N SER B 426 6.82 22.34 34.81
CA SER B 426 7.92 21.41 34.89
C SER B 426 8.71 21.64 33.65
N LYS B 427 8.06 21.87 32.47
CA LYS B 427 8.53 22.01 31.15
C LYS B 427 9.34 23.28 31.14
N LYS B 428 8.92 24.30 31.81
CA LYS B 428 9.63 25.53 31.85
C LYS B 428 10.96 25.32 32.56
N TYR B 429 10.90 24.54 33.63
CA TYR B 429 12.00 24.21 34.43
C TYR B 429 12.93 23.49 33.54
N HIS B 430 12.47 22.52 32.61
CA HIS B 430 13.28 21.71 31.77
C HIS B 430 14.03 22.42 30.73
N VAL B 431 13.37 23.46 30.11
CA VAL B 431 14.11 24.29 29.17
C VAL B 431 15.23 25.05 29.77
N LEU B 432 14.93 25.55 30.97
CA LEU B 432 15.77 26.24 31.84
C LEU B 432 16.86 25.31 32.24
N TYR B 433 16.57 24.02 32.48
CA TYR B 433 17.63 23.04 32.72
C TYR B 433 18.60 22.90 31.59
N GLN B 434 18.22 22.81 30.28
CA GLN B 434 19.24 22.71 29.23
C GLN B 434 20.06 23.89 29.14
N SER B 435 19.44 25.09 29.33
CA SER B 435 20.08 26.42 29.40
C SER B 435 21.09 26.55 30.53
N ASN B 436 20.95 25.80 31.59
CA ASN B 436 21.73 25.84 32.83
C ASN B 436 23.12 25.37 32.71
N SER B 437 23.35 24.41 31.85
CA SER B 437 24.62 23.79 31.55
C SER B 437 24.84 23.81 30.07
N TYR B 438 24.05 24.60 29.30
CA TYR B 438 24.02 24.69 27.87
C TYR B 438 25.29 24.48 27.08
N ARG B 439 25.02 23.77 25.94
CA ARG B 439 26.02 23.47 25.00
C ARG B 439 25.26 23.52 23.74
N GLY B 440 24.00 23.95 23.75
CA GLY B 440 23.27 23.98 22.49
C GLY B 440 22.94 22.72 21.90
N ILE B 441 22.64 21.77 22.74
CA ILE B 441 22.32 20.42 22.27
C ILE B 441 20.84 20.33 21.97
N SER B 442 20.51 20.57 20.63
CA SER B 442 19.11 20.57 20.06
C SER B 442 18.57 19.19 20.13
N THR B 443 19.32 18.08 19.87
CA THR B 443 18.63 16.75 19.89
C THR B 443 18.06 16.51 21.24
N ASN B 444 18.77 16.72 22.38
CA ASN B 444 18.19 16.52 23.70
C ASN B 444 17.07 17.42 24.07
N PHE B 445 17.16 18.66 23.68
CA PHE B 445 16.15 19.70 23.83
C PHE B 445 14.83 19.34 23.07
N PHE B 446 15.03 18.82 21.80
CA PHE B 446 13.95 18.22 21.07
C PHE B 446 13.37 17.00 21.73
N GLU B 447 14.20 16.11 22.32
CA GLU B 447 13.72 14.91 22.94
C GLU B 447 12.77 15.20 24.02
N ILE B 448 13.11 16.24 24.88
CA ILE B 448 12.28 16.63 26.02
C ILE B 448 11.02 17.16 25.50
N ILE B 449 11.14 17.96 24.42
CA ILE B 449 10.05 18.54 23.71
C ILE B 449 9.18 17.49 23.05
N ASN B 450 9.77 16.46 22.40
CA ASN B 450 9.04 15.38 21.75
C ASN B 450 8.20 14.54 22.65
N ASP B 451 8.72 14.26 23.87
CA ASP B 451 7.99 13.56 24.91
C ASP B 451 6.77 14.38 25.34
N GLN B 452 6.99 15.79 25.52
CA GLN B 452 5.91 16.59 25.89
C GLN B 452 4.90 16.61 24.78
N TYR B 453 5.29 16.62 23.46
CA TYR B 453 4.33 16.68 22.42
C TYR B 453 3.43 15.49 22.42
N SER B 454 3.98 14.31 22.52
CA SER B 454 3.17 13.09 22.44
C SER B 454 2.13 12.92 23.54
N GLU B 455 2.59 13.26 24.77
CA GLU B 455 1.76 13.28 25.88
C GLU B 455 0.66 14.29 25.77
N ILE B 456 0.96 15.50 25.26
CA ILE B 456 0.04 16.59 25.05
C ILE B 456 -0.97 16.34 24.03
N VAL B 457 -0.62 15.69 22.89
CA VAL B 457 -1.61 15.32 21.85
C VAL B 457 -2.57 14.23 22.39
N ASN B 458 -2.02 13.24 23.12
CA ASN B 458 -2.81 12.18 23.67
C ASN B 458 -3.81 12.72 24.73
N HIS B 459 -3.38 13.59 25.61
CA HIS B 459 -4.20 14.32 26.64
C HIS B 459 -5.15 15.24 25.98
N THR B 460 -4.80 15.87 24.85
CA THR B 460 -5.68 16.74 24.08
C THR B 460 -6.78 15.92 23.40
N ASN B 461 -6.44 14.69 22.93
CA ASN B 461 -7.46 13.83 22.39
C ASN B 461 -8.40 13.56 23.57
N GLN B 462 -7.97 13.25 24.87
CA GLN B 462 -8.91 12.94 25.84
C GLN B 462 -9.79 14.15 26.07
N ILE B 463 -9.20 15.37 26.09
CA ILE B 463 -9.87 16.58 26.27
C ILE B 463 -10.98 16.86 25.16
N LEU B 464 -10.73 16.65 23.89
CA LEU B 464 -11.64 16.83 22.81
C LEU B 464 -12.74 15.77 22.80
N ASN B 465 -12.31 14.46 22.84
CA ASN B 465 -13.19 13.32 22.66
C ASN B 465 -14.11 13.15 23.71
N GLN B 466 -13.56 13.04 24.93
CA GLN B 466 -14.26 12.80 26.10
C GLN B 466 -15.01 14.04 26.58
N LYS B 467 -14.35 15.17 26.64
CA LYS B 467 -14.98 16.33 27.24
C LYS B 467 -15.98 16.91 26.34
N PHE B 468 -15.58 17.10 25.07
CA PHE B 468 -16.45 17.88 24.17
C PHE B 468 -16.75 17.10 22.96
N HIS B 469 -17.00 15.75 23.21
CA HIS B 469 -17.67 14.80 22.40
C HIS B 469 -17.14 14.84 20.92
N TYR B 470 -15.81 14.99 20.67
CA TYR B 470 -15.35 15.15 19.31
C TYR B 470 -15.62 14.02 18.43
N ARG B 471 -15.37 12.77 18.91
CA ARG B 471 -15.54 11.55 18.16
C ARG B 471 -17.06 11.49 17.76
N ASP B 472 -17.92 11.90 18.67
CA ASP B 472 -19.34 11.97 18.57
C ASP B 472 -19.72 13.04 17.51
N VAL B 473 -19.02 14.19 17.49
CA VAL B 473 -19.29 15.29 16.59
C VAL B 473 -19.02 14.95 15.19
N VAL B 474 -17.90 14.22 14.84
CA VAL B 474 -17.67 13.83 13.47
C VAL B 474 -18.67 12.94 12.85
N PHE B 475 -19.14 11.97 13.62
CA PHE B 475 -20.20 10.99 13.34
C PHE B 475 -21.46 11.66 13.05
N ALA B 476 -21.80 12.69 13.92
CA ALA B 476 -22.95 13.59 13.84
C ALA B 476 -22.95 14.44 12.62
N LEU B 477 -21.70 14.89 12.27
CA LEU B 477 -21.53 15.78 11.09
C LEU B 477 -21.94 14.96 9.92
N LYS B 478 -21.49 13.69 9.90
CA LYS B 478 -21.73 12.73 8.78
C LYS B 478 -23.21 12.47 8.63
N ASN B 479 -23.87 12.35 9.79
CA ASN B 479 -25.37 12.24 9.93
C ASN B 479 -26.07 13.45 9.42
N ILE B 480 -25.71 14.69 9.79
CA ILE B 480 -26.36 15.88 9.36
C ILE B 480 -25.95 16.42 7.96
N LEU B 481 -24.58 16.70 7.73
CA LEU B 481 -24.13 17.32 6.52
C LEU B 481 -24.21 16.42 5.24
N LEU B 482 -23.87 15.12 5.38
CA LEU B 482 -24.04 14.13 4.35
C LEU B 482 -25.38 13.44 4.43
N MET B 483 -26.24 13.85 5.38
CA MET B 483 -27.62 13.64 5.54
C MET B 483 -27.90 12.22 5.75
N GLY B 484 -27.02 11.48 6.47
CA GLY B 484 -27.20 10.14 6.80
C GLY B 484 -27.90 10.19 8.10
N LYS B 485 -29.23 10.51 8.11
CA LYS B 485 -29.99 10.56 9.35
C LYS B 485 -31.42 10.58 8.87
N SER B 486 -31.80 9.41 8.25
CA SER B 486 -32.93 9.31 7.35
C SER B 486 -34.28 9.50 8.04
N ASP B 487 -34.37 9.12 9.33
CA ASP B 487 -35.58 9.25 10.12
C ASP B 487 -36.06 10.65 10.35
N PHE B 488 -35.04 11.44 10.67
CA PHE B 488 -35.21 12.86 10.80
C PHE B 488 -35.63 13.53 9.51
N MET B 489 -34.97 13.17 8.43
CA MET B 489 -35.22 13.83 7.11
C MET B 489 -36.64 13.62 6.56
N ASP B 490 -37.15 12.37 6.74
CA ASP B 490 -38.46 11.96 6.33
C ASP B 490 -39.39 12.83 7.13
N ALA B 491 -39.17 12.97 8.40
CA ALA B 491 -40.02 13.76 9.25
C ALA B 491 -40.05 15.24 8.97
N LEU B 492 -38.83 15.81 8.69
CA LEU B 492 -38.66 17.23 8.35
C LEU B 492 -39.44 17.59 7.09
N ILE B 493 -39.28 16.75 6.11
CA ILE B 493 -40.03 16.86 4.93
C ILE B 493 -41.55 16.72 5.13
N GLU B 494 -42.04 15.77 6.01
CA GLU B 494 -43.50 15.66 6.19
C GLU B 494 -44.09 16.85 6.79
N LYS B 495 -43.48 17.37 7.85
CA LYS B 495 -43.96 18.55 8.49
C LYS B 495 -43.83 19.79 7.63
N ALA B 496 -42.67 19.97 6.98
CA ALA B 496 -42.39 21.15 6.21
C ALA B 496 -43.15 21.38 4.96
N ASN B 497 -43.59 20.26 4.25
CA ASN B 497 -43.88 20.21 2.85
C ASN B 497 -44.87 21.32 2.35
N ASP B 498 -45.86 21.47 3.22
CA ASP B 498 -46.91 22.41 3.05
C ASP B 498 -46.54 23.87 2.98
N ILE B 499 -45.64 24.25 3.92
CA ILE B 499 -45.03 25.52 4.14
C ILE B 499 -44.06 25.95 3.07
N LEU B 500 -43.27 24.96 2.56
CA LEU B 500 -42.29 25.19 1.48
C LEU B 500 -42.87 25.36 0.09
N ALA B 501 -43.98 24.70 -0.10
CA ALA B 501 -44.78 24.78 -1.24
C ALA B 501 -45.24 26.17 -1.47
N THR B 502 -45.54 26.98 -0.36
CA THR B 502 -45.95 28.36 -0.29
C THR B 502 -44.57 29.08 -0.35
N PRO B 503 -44.41 30.09 -1.24
CA PRO B 503 -43.34 31.06 -1.23
C PRO B 503 -42.92 31.57 0.19
N SER B 504 -41.66 31.78 0.37
CA SER B 504 -41.04 32.15 1.62
C SER B 504 -41.36 33.58 2.06
N ASP B 505 -41.37 33.74 3.44
CA ASP B 505 -41.57 35.00 4.16
C ASP B 505 -40.83 34.74 5.48
N SER B 506 -40.79 35.78 6.32
CA SER B 506 -40.20 35.86 7.58
C SER B 506 -40.73 34.87 8.63
N LEU B 507 -42.06 34.66 8.65
CA LEU B 507 -42.67 33.75 9.58
C LEU B 507 -42.44 32.24 9.34
N PRO B 508 -42.31 31.79 8.13
CA PRO B 508 -42.01 30.41 7.83
C PRO B 508 -40.80 29.96 8.57
N ASN B 509 -39.80 30.89 8.73
CA ASN B 509 -38.47 30.66 9.32
C ASN B 509 -38.65 30.14 10.78
N TYR B 510 -39.57 30.76 11.52
CA TYR B 510 -39.92 30.32 12.86
C TYR B 510 -40.58 28.96 12.86
N LYS B 511 -41.56 28.70 11.94
CA LYS B 511 -42.18 27.40 11.89
C LYS B 511 -41.22 26.32 11.54
N LEU B 512 -40.31 26.57 10.55
CA LEU B 512 -39.34 25.66 10.10
C LEU B 512 -38.40 25.34 11.21
N THR B 513 -38.03 26.36 12.04
CA THR B 513 -37.21 26.08 13.19
C THR B 513 -37.90 25.19 14.22
N ARG B 514 -39.20 25.36 14.45
CA ARG B 514 -40.04 24.61 15.29
C ARG B 514 -40.17 23.18 14.81
N VAL B 515 -40.38 23.00 13.48
CA VAL B 515 -40.38 21.75 12.74
C VAL B 515 -39.06 21.01 12.86
N LEU B 516 -37.90 21.81 12.87
CA LEU B 516 -36.52 21.37 13.04
C LEU B 516 -36.35 20.73 14.46
N GLN B 517 -36.90 21.41 15.45
CA GLN B 517 -36.89 21.03 16.87
C GLN B 517 -37.70 19.76 17.03
N GLU B 518 -38.85 19.72 16.32
CA GLU B 518 -39.76 18.55 16.30
C GLU B 518 -39.16 17.33 15.68
N ALA B 519 -38.38 17.58 14.59
CA ALA B 519 -37.61 16.58 13.82
C ALA B 519 -36.55 15.94 14.69
N VAL B 520 -35.88 16.69 15.57
CA VAL B 520 -34.86 16.15 16.46
C VAL B 520 -35.44 15.17 17.38
N GLN B 521 -36.69 15.50 17.94
CA GLN B 521 -37.46 14.63 18.82
C GLN B 521 -37.91 13.36 18.11
N LEU B 522 -38.38 13.51 16.85
CA LEU B 522 -38.86 12.47 15.98
C LEU B 522 -37.84 11.45 15.61
N SER B 523 -36.59 11.87 15.42
CA SER B 523 -35.43 11.06 15.11
C SER B 523 -34.87 10.25 16.29
N SER B 524 -35.44 10.49 17.48
CA SER B 524 -35.22 9.69 18.65
C SER B 524 -33.77 9.89 19.10
N LEU B 525 -33.25 11.15 19.35
CA LEU B 525 -31.98 11.41 19.70
C LEU B 525 -32.01 11.98 21.02
N ARG B 526 -31.30 11.40 21.97
CA ARG B 526 -31.48 11.88 23.32
C ARG B 526 -30.34 11.61 24.22
N HIS B 527 -30.22 12.40 25.31
CA HIS B 527 -29.27 12.41 26.35
C HIS B 527 -29.48 11.26 27.29
N LEU B 528 -28.36 10.59 27.62
CA LEU B 528 -28.28 9.45 28.53
C LEU B 528 -26.94 9.45 29.09
N MET B 529 -25.92 10.14 28.50
CA MET B 529 -24.58 10.09 29.11
C MET B 529 -23.83 11.19 28.48
N ASN B 530 -24.53 12.39 28.51
CA ASN B 530 -24.17 13.55 27.76
C ASN B 530 -24.08 13.45 26.30
N SER B 531 -25.17 12.84 25.70
CA SER B 531 -25.38 12.49 24.28
C SER B 531 -26.35 13.61 23.97
N PRO B 532 -27.22 13.64 22.83
CA PRO B 532 -27.94 14.76 22.41
C PRO B 532 -28.64 15.46 23.53
N ARG B 533 -28.21 16.71 23.76
CA ARG B 533 -28.53 17.81 24.64
C ARG B 533 -27.32 18.62 24.67
N ASN B 534 -26.18 17.91 24.64
CA ASN B 534 -24.83 18.28 24.69
C ASN B 534 -24.27 17.95 23.31
N SER B 535 -25.20 17.78 22.30
CA SER B 535 -24.77 17.43 20.95
C SER B 535 -24.80 18.60 20.01
N SER B 536 -24.16 18.52 18.81
CA SER B 536 -24.00 19.41 17.69
C SER B 536 -25.33 19.65 17.15
N VAL B 537 -26.16 18.62 17.06
CA VAL B 537 -27.54 18.85 16.58
C VAL B 537 -28.44 19.66 17.52
N ILE B 538 -28.48 19.42 18.87
CA ILE B 538 -29.33 20.22 19.77
C ILE B 538 -28.94 21.64 19.88
N ASN B 539 -27.67 21.91 20.18
CA ASN B 539 -27.04 23.09 20.45
C ASN B 539 -26.90 23.88 19.20
N GLY B 540 -26.29 23.25 18.20
CA GLY B 540 -25.77 23.87 17.05
C GLY B 540 -26.67 24.31 15.95
N LEU B 541 -27.85 23.73 15.72
CA LEU B 541 -28.62 24.12 14.56
C LEU B 541 -29.75 25.01 14.83
N ASP B 542 -29.80 26.01 13.87
CA ASP B 542 -30.77 27.10 13.70
C ASP B 542 -31.00 27.00 12.21
N ALA B 543 -32.25 27.36 11.81
CA ALA B 543 -32.57 27.37 10.44
C ALA B 543 -32.39 28.75 9.84
N ARG B 544 -31.82 28.73 8.59
CA ARG B 544 -31.43 29.94 7.90
C ARG B 544 -32.17 30.12 6.63
N VAL B 545 -32.35 31.40 6.21
CA VAL B 545 -33.01 31.68 5.04
C VAL B 545 -31.87 32.48 4.42
N LEU B 546 -31.49 32.07 3.16
CA LEU B 546 -30.49 32.68 2.38
C LEU B 546 -30.62 32.10 1.01
N ASP B 547 -30.94 32.99 0.06
CA ASP B 547 -31.12 32.69 -1.29
C ASP B 547 -31.05 33.92 -2.18
N LEU B 548 -30.49 33.66 -3.34
CA LEU B 548 -30.40 34.56 -4.48
C LEU B 548 -31.72 34.54 -5.15
N GLY B 549 -32.60 35.56 -4.85
CA GLY B 549 -33.92 35.66 -5.39
C GLY B 549 -34.97 34.93 -4.66
N HIS B 550 -36.21 35.19 -5.19
CA HIS B 550 -37.27 34.50 -4.62
C HIS B 550 -37.96 33.72 -5.70
N GLY B 551 -38.35 32.50 -5.42
CA GLY B 551 -39.05 31.71 -6.45
C GLY B 551 -40.50 31.86 -6.33
N SER B 552 -41.25 30.79 -6.53
CA SER B 552 -42.67 30.64 -6.28
C SER B 552 -42.75 29.59 -5.16
N VAL B 553 -41.56 29.15 -4.68
CA VAL B 553 -41.43 28.09 -3.65
C VAL B 553 -40.39 28.54 -2.65
N GLY B 554 -40.76 28.18 -1.45
CA GLY B 554 -40.01 28.17 -0.20
C GLY B 554 -38.85 27.23 -0.31
N TRP B 555 -38.99 26.05 -1.06
CA TRP B 555 -38.04 24.93 -0.98
C TRP B 555 -36.64 25.34 -1.37
N ASP B 556 -36.53 26.10 -2.46
CA ASP B 556 -35.28 26.57 -3.03
C ASP B 556 -34.51 27.49 -2.14
N VAL B 557 -35.26 28.34 -1.44
CA VAL B 557 -34.85 29.31 -0.62
C VAL B 557 -34.16 28.75 0.63
N PHE B 558 -34.48 27.49 1.05
CA PHE B 558 -34.05 26.97 2.33
C PHE B 558 -32.57 26.69 2.49
N THR B 559 -32.05 26.98 3.68
CA THR B 559 -30.73 26.59 4.16
C THR B 559 -30.85 26.44 5.67
N LEU B 560 -29.70 25.85 6.11
CA LEU B 560 -29.47 25.35 7.46
C LEU B 560 -28.24 25.98 8.04
N ASP B 561 -28.20 26.40 9.36
CA ASP B 561 -27.11 27.18 9.93
C ASP B 561 -26.62 26.39 11.14
N TYR B 562 -25.30 26.27 11.32
CA TYR B 562 -24.54 25.63 12.38
C TYR B 562 -23.79 26.70 13.01
N ILE B 563 -23.90 26.74 14.42
CA ILE B 563 -23.36 27.74 15.33
C ILE B 563 -21.89 27.43 15.66
N LEU B 564 -21.05 28.49 15.79
CA LEU B 564 -19.64 28.66 16.10
C LEU B 564 -19.07 27.52 16.81
N TYR B 565 -17.85 27.15 16.40
CA TYR B 565 -17.15 25.97 16.80
C TYR B 565 -15.71 26.50 17.01
N PRO B 566 -15.00 26.34 18.11
CA PRO B 566 -13.72 27.04 18.28
C PRO B 566 -12.58 26.64 17.40
N PRO B 567 -12.43 25.51 16.79
CA PRO B 567 -11.43 25.21 15.70
C PRO B 567 -11.40 26.26 14.57
N LEU B 568 -12.50 26.98 14.43
CA LEU B 568 -12.68 27.76 13.27
C LEU B 568 -13.09 29.12 13.66
N SER B 569 -12.69 29.63 14.84
CA SER B 569 -13.06 30.90 15.41
C SER B 569 -12.09 31.89 14.98
N LEU B 570 -11.10 31.48 14.23
CA LEU B 570 -10.01 32.40 13.79
C LEU B 570 -9.32 31.88 12.58
N VAL B 571 -9.89 30.78 11.99
CA VAL B 571 -9.41 30.07 10.85
C VAL B 571 -10.49 30.38 9.77
N LEU B 572 -11.82 30.46 10.06
CA LEU B 572 -12.79 30.77 8.98
C LEU B 572 -13.64 32.01 9.32
N ASN B 573 -13.18 32.55 10.46
CA ASN B 573 -13.79 33.69 10.98
C ASN B 573 -13.27 34.98 10.15
N VAL B 574 -12.44 34.72 9.15
CA VAL B 574 -11.63 35.57 8.29
C VAL B 574 -12.37 36.26 7.13
N ASN B 575 -11.72 36.97 6.24
CA ASN B 575 -12.33 37.56 5.06
C ASN B 575 -12.95 36.50 4.06
N ARG B 576 -12.71 35.18 4.24
CA ARG B 576 -13.26 34.16 3.34
C ARG B 576 -13.73 33.04 4.28
N PRO B 577 -15.02 32.68 4.15
CA PRO B 577 -15.60 31.56 4.92
C PRO B 577 -15.71 30.51 3.84
N PHE B 578 -14.62 30.10 3.19
CA PHE B 578 -14.48 29.10 2.15
C PHE B 578 -14.93 27.71 2.60
N GLY B 579 -14.47 27.22 3.77
CA GLY B 579 -14.70 25.83 4.29
C GLY B 579 -16.17 25.51 4.44
N ARG B 580 -16.89 26.51 5.02
CA ARG B 580 -18.34 26.51 5.16
C ARG B 580 -19.15 26.57 3.80
N LYS B 581 -18.69 27.33 2.81
CA LYS B 581 -19.20 27.26 1.49
C LYS B 581 -19.05 25.89 0.83
N GLU B 582 -17.89 25.18 0.98
CA GLU B 582 -17.75 23.88 0.31
C GLU B 582 -18.71 22.86 0.75
N TYR B 583 -18.81 22.77 2.09
CA TYR B 583 -19.62 21.79 2.80
C TYR B 583 -21.03 21.99 2.40
N LEU B 584 -21.45 23.25 2.24
CA LEU B 584 -22.71 23.67 1.80
C LEU B 584 -23.07 23.21 0.44
N ARG B 585 -22.03 23.21 -0.41
CA ARG B 585 -22.30 22.75 -1.74
C ARG B 585 -22.69 21.38 -1.79
N ILE B 586 -22.00 20.49 -1.07
CA ILE B 586 -22.32 19.07 -0.99
C ILE B 586 -23.66 18.82 -0.38
N PHE B 587 -23.94 19.65 0.62
CA PHE B 587 -25.19 19.60 1.46
C PHE B 587 -26.39 19.77 0.61
N ASN B 588 -26.34 20.71 -0.38
CA ASN B 588 -27.39 20.98 -1.35
C ASN B 588 -27.69 19.91 -2.28
N PHE B 589 -26.62 19.28 -2.79
CA PHE B 589 -26.74 18.22 -3.80
C PHE B 589 -27.46 17.06 -3.15
N LEU B 590 -27.05 16.77 -1.89
CA LEU B 590 -27.72 15.76 -1.14
C LEU B 590 -29.17 16.11 -0.88
N TRP B 591 -29.48 17.37 -0.45
CA TRP B 591 -30.74 17.83 -0.07
C TRP B 591 -31.72 17.78 -1.17
N ARG B 592 -31.37 18.10 -2.48
CA ARG B 592 -32.28 18.01 -3.59
C ARG B 592 -32.74 16.58 -3.96
N PHE B 593 -31.77 15.64 -3.84
CA PHE B 593 -31.97 14.21 -4.00
C PHE B 593 -32.94 13.69 -2.98
N LYS B 594 -32.78 14.05 -1.62
CA LYS B 594 -33.72 13.74 -0.57
C LYS B 594 -35.04 14.35 -0.72
N LYS B 595 -35.15 15.55 -1.16
CA LYS B 595 -36.41 16.19 -1.37
C LYS B 595 -37.22 15.54 -2.41
N ASN B 596 -36.62 15.23 -3.56
CA ASN B 596 -37.25 14.46 -4.62
C ASN B 596 -37.59 13.06 -4.11
N ASN B 597 -36.77 12.38 -3.30
CA ASN B 597 -36.96 11.05 -2.82
C ASN B 597 -38.17 10.90 -1.99
N TYR B 598 -38.39 11.90 -1.06
CA TYR B 598 -39.59 11.93 -0.22
C TYR B 598 -40.78 12.11 -1.12
N PHE B 599 -40.69 13.05 -2.19
CA PHE B 599 -41.84 13.27 -3.04
C PHE B 599 -42.27 12.02 -3.82
N TYR B 600 -41.21 11.27 -4.37
CA TYR B 600 -41.41 10.03 -5.06
C TYR B 600 -42.05 9.00 -4.09
N GLN B 601 -41.62 8.77 -2.82
CA GLN B 601 -42.35 7.90 -1.98
C GLN B 601 -43.73 8.38 -1.72
N LYS B 602 -43.92 9.67 -1.52
CA LYS B 602 -45.26 10.18 -1.17
C LYS B 602 -46.24 9.93 -2.27
N GLU B 603 -45.80 10.18 -3.51
CA GLU B 603 -46.59 10.11 -4.71
C GLU B 603 -47.12 8.70 -4.91
N MET B 604 -46.17 7.73 -4.76
CA MET B 604 -46.41 6.35 -4.97
C MET B 604 -47.45 5.80 -3.95
N LEU B 605 -47.24 6.19 -2.64
CA LEU B 605 -47.98 5.69 -1.53
C LEU B 605 -49.45 6.06 -1.69
N LYS B 606 -49.68 7.36 -2.15
CA LYS B 606 -51.00 7.99 -2.28
C LYS B 606 -51.81 7.13 -3.26
N SER B 607 -51.10 6.65 -4.38
CA SER B 607 -51.64 5.90 -5.48
C SER B 607 -52.10 4.48 -5.19
N ASN B 608 -51.42 3.92 -4.14
CA ASN B 608 -51.70 2.55 -3.68
C ASN B 608 -53.08 2.59 -3.10
N ASP B 609 -53.57 3.76 -2.60
CA ASP B 609 -54.85 4.01 -2.11
C ASP B 609 -55.95 3.64 -3.15
N ILE B 610 -55.72 4.02 -4.46
CA ILE B 610 -56.48 3.80 -5.68
C ILE B 610 -56.62 5.13 -6.41
N ILE B 611 -56.31 6.28 -5.75
CA ILE B 611 -56.33 7.52 -6.50
C ILE B 611 -55.27 8.50 -6.00
N ARG B 612 -54.84 9.33 -6.98
CA ARG B 612 -53.97 10.42 -6.90
C ARG B 612 -52.52 9.89 -6.82
N ILE B 628 -60.13 -1.64 -13.76
CA ILE B 628 -59.88 -2.08 -15.17
C ILE B 628 -58.40 -2.31 -15.31
N ASN B 629 -58.06 -2.72 -16.54
CA ASN B 629 -56.71 -3.14 -16.99
C ASN B 629 -55.68 -1.95 -16.90
N LYS B 630 -56.19 -0.71 -17.16
CA LYS B 630 -55.46 0.51 -17.12
C LYS B 630 -54.83 0.70 -15.78
N LEU B 631 -55.53 0.29 -14.70
CA LEU B 631 -55.04 0.43 -13.36
C LEU B 631 -53.72 -0.34 -13.14
N SER B 632 -53.66 -1.62 -13.65
CA SER B 632 -52.48 -2.40 -13.52
C SER B 632 -51.39 -1.86 -14.33
N ARG B 633 -51.74 -1.32 -15.54
CA ARG B 633 -50.69 -0.82 -16.40
C ARG B 633 -49.88 0.37 -15.79
N ILE B 634 -50.63 1.36 -15.22
CA ILE B 634 -49.97 2.43 -14.53
C ILE B 634 -49.18 1.95 -13.34
N SER B 635 -49.70 0.95 -12.54
CA SER B 635 -49.11 0.58 -11.26
C SER B 635 -47.70 0.01 -11.45
N ILE B 636 -47.49 -0.84 -12.52
CA ILE B 636 -46.18 -1.41 -12.83
C ILE B 636 -45.28 -0.23 -13.29
N LEU B 637 -45.76 0.74 -14.18
CA LEU B 637 -44.93 1.76 -14.73
C LEU B 637 -44.38 2.60 -13.63
N ARG B 638 -45.26 3.02 -12.60
CA ARG B 638 -44.85 3.85 -11.56
C ARG B 638 -43.72 3.26 -10.74
N THR B 639 -43.84 2.01 -10.40
CA THR B 639 -42.92 1.26 -9.56
C THR B 639 -41.60 1.14 -10.21
N GLN B 640 -41.54 0.88 -11.56
CA GLN B 640 -40.32 0.71 -12.29
C GLN B 640 -39.54 2.02 -12.29
N PHE B 641 -40.25 3.12 -12.50
CA PHE B 641 -39.58 4.39 -12.56
C PHE B 641 -38.89 4.72 -11.22
N GLN B 642 -39.55 4.42 -10.12
CA GLN B 642 -39.08 4.60 -8.80
C GLN B 642 -37.91 3.72 -8.47
N GLN B 643 -37.96 2.50 -9.03
CA GLN B 643 -36.94 1.48 -8.80
C GLN B 643 -35.57 1.84 -9.34
N PHE B 644 -35.48 2.37 -10.60
CA PHE B 644 -34.22 2.81 -11.22
C PHE B 644 -33.61 3.96 -10.52
N ASN B 645 -34.41 5.03 -10.19
CA ASN B 645 -33.83 6.14 -9.44
C ASN B 645 -33.27 5.82 -8.03
N SER B 646 -34.03 4.99 -7.32
CA SER B 646 -33.72 4.52 -6.05
C SER B 646 -32.38 3.67 -5.94
N LYS B 647 -32.20 2.88 -7.01
CA LYS B 647 -31.10 1.96 -7.24
C LYS B 647 -29.90 2.81 -7.43
N MET B 648 -30.12 3.93 -8.20
CA MET B 648 -29.10 4.90 -8.49
C MET B 648 -28.53 5.61 -7.28
N GLU B 649 -29.44 5.96 -6.38
CA GLU B 649 -29.24 6.63 -5.10
C GLU B 649 -28.42 5.71 -4.12
N SER B 650 -28.71 4.37 -4.14
CA SER B 650 -28.08 3.25 -3.42
C SER B 650 -26.66 3.31 -3.83
N TYR B 651 -26.39 3.34 -5.18
CA TYR B 651 -25.02 3.33 -5.67
C TYR B 651 -24.28 4.57 -5.33
N TYR B 652 -24.89 5.74 -5.46
CA TYR B 652 -24.17 6.94 -5.02
C TYR B 652 -23.76 6.93 -3.58
N LEU B 653 -24.62 6.58 -2.63
CA LEU B 653 -24.26 6.54 -1.23
C LEU B 653 -23.30 5.52 -0.85
N ASN B 654 -23.57 4.32 -1.33
CA ASN B 654 -22.78 3.19 -0.94
C ASN B 654 -21.43 3.30 -1.57
N CYS B 655 -21.41 3.43 -2.95
CA CYS B 655 -20.14 3.28 -3.57
C CYS B 655 -19.19 4.37 -3.37
N ILE B 656 -19.62 5.62 -3.39
CA ILE B 656 -18.79 6.79 -3.12
C ILE B 656 -18.68 7.09 -1.69
N ILE B 657 -19.80 7.53 -1.02
CA ILE B 657 -19.74 8.19 0.22
C ILE B 657 -19.30 7.29 1.34
N GLU B 658 -19.95 6.15 1.59
CA GLU B 658 -19.79 5.27 2.74
C GLU B 658 -18.47 4.69 2.71
N GLU B 659 -17.98 4.23 1.54
CA GLU B 659 -16.68 3.70 1.39
C GLU B 659 -15.70 4.80 1.69
N ASN B 660 -15.75 6.10 1.21
CA ASN B 660 -14.72 7.08 1.42
C ASN B 660 -14.60 7.44 2.89
N PHE B 661 -15.78 7.66 3.61
CA PHE B 661 -15.79 8.03 5.04
C PHE B 661 -15.20 6.89 5.83
N LYS B 662 -15.48 5.65 5.50
CA LYS B 662 -15.00 4.49 6.26
C LYS B 662 -13.52 4.42 6.28
N GLU B 663 -12.96 4.63 5.09
CA GLU B 663 -11.53 4.60 4.92
C GLU B 663 -10.83 5.65 5.68
N MET B 664 -11.42 6.81 5.68
CA MET B 664 -10.97 7.93 6.47
C MET B 664 -10.91 7.77 7.96
N THR B 665 -12.03 7.20 8.51
CA THR B 665 -12.10 6.91 9.94
C THR B 665 -11.13 5.87 10.38
N ARG B 666 -10.94 4.79 9.63
CA ARG B 666 -10.02 3.77 10.06
C ARG B 666 -8.64 4.23 10.14
N LYS B 667 -8.27 5.00 9.12
CA LYS B 667 -6.97 5.60 8.96
C LYS B 667 -6.70 6.56 10.10
N LEU B 668 -7.65 7.36 10.62
CA LEU B 668 -7.61 8.09 11.87
C LEU B 668 -7.56 7.23 13.08
N GLN B 669 -8.30 6.12 13.16
CA GLN B 669 -8.28 5.25 14.34
C GLN B 669 -6.97 4.52 14.45
N ARG B 670 -6.38 4.03 13.37
CA ARG B 670 -5.29 3.12 13.43
C ARG B 670 -4.07 3.77 14.15
N THR B 671 -3.81 5.07 13.75
CA THR B 671 -2.87 5.91 14.51
C THR B 671 -3.23 6.08 15.96
N LEU B 719 -1.68 14.70 16.42
CA LEU B 719 -3.11 15.16 16.42
C LEU B 719 -3.12 16.58 16.00
N ASN B 720 -3.81 16.87 14.88
CA ASN B 720 -3.73 18.25 14.41
C ASN B 720 -5.08 18.43 13.78
N ILE B 721 -5.40 19.72 13.57
CA ILE B 721 -6.58 20.30 12.95
C ILE B 721 -6.60 19.87 11.57
N ASP B 722 -5.35 19.81 11.01
CA ASP B 722 -5.11 19.55 9.62
C ASP B 722 -5.62 18.21 9.12
N GLU B 723 -5.53 17.20 10.02
CA GLU B 723 -5.91 15.79 9.74
C GLU B 723 -7.42 15.78 9.44
N LEU B 724 -8.23 16.62 10.14
CA LEU B 724 -9.65 16.77 9.89
C LEU B 724 -9.80 17.32 8.50
N GLU B 725 -9.04 18.39 8.26
CA GLU B 725 -9.20 19.06 7.00
C GLU B 725 -8.85 18.20 5.81
N SER B 726 -7.77 17.39 5.90
CA SER B 726 -7.27 16.55 4.95
C SER B 726 -8.25 15.48 4.55
N VAL B 727 -8.78 14.76 5.60
CA VAL B 727 -9.75 13.66 5.40
C VAL B 727 -11.04 14.25 4.73
N HIS B 728 -11.50 15.44 5.14
CA HIS B 728 -12.62 16.07 4.55
C HIS B 728 -12.42 16.41 3.11
N ASN B 729 -11.15 16.90 2.90
CA ASN B 729 -10.70 17.41 1.57
C ASN B 729 -10.76 16.27 0.60
N THR B 730 -10.29 15.10 1.10
CA THR B 730 -10.13 13.87 0.27
C THR B 730 -11.52 13.50 -0.13
N PHE B 731 -12.52 13.60 0.75
CA PHE B 731 -13.91 13.23 0.55
C PHE B 731 -14.43 14.08 -0.55
N LEU B 732 -14.20 15.40 -0.46
CA LEU B 732 -14.70 16.41 -1.25
C LEU B 732 -14.11 16.27 -2.65
N THR B 733 -12.79 15.88 -2.72
CA THR B 733 -12.15 15.65 -4.03
C THR B 733 -12.75 14.52 -4.77
N ASN B 734 -13.08 13.39 -4.14
CA ASN B 734 -13.61 12.31 -4.90
C ASN B 734 -14.96 12.64 -5.50
N ILE B 735 -15.78 13.34 -4.68
CA ILE B 735 -17.01 13.85 -5.13
C ILE B 735 -16.92 14.85 -6.25
N LEU B 736 -15.88 15.75 -6.31
CA LEU B 736 -15.70 16.76 -7.37
C LEU B 736 -15.44 16.03 -8.69
N SER B 737 -14.58 14.98 -8.66
CA SER B 737 -14.29 14.25 -9.87
C SER B 737 -15.49 13.58 -10.49
N HIS B 738 -16.32 12.92 -9.54
CA HIS B 738 -17.54 12.25 -9.93
C HIS B 738 -18.55 13.15 -10.46
N LYS B 739 -18.69 14.37 -9.87
CA LYS B 739 -19.57 15.41 -10.21
C LYS B 739 -19.33 15.86 -11.62
N LEU B 740 -18.05 16.10 -11.94
CA LEU B 740 -17.75 16.67 -13.21
C LEU B 740 -18.01 15.76 -14.35
N PHE B 741 -17.58 14.52 -14.31
CA PHE B 741 -17.98 13.65 -15.36
C PHE B 741 -19.42 13.20 -15.39
N ALA B 742 -19.87 12.51 -14.32
CA ALA B 742 -21.25 12.00 -14.43
C ALA B 742 -22.36 13.02 -14.10
N THR B 743 -22.29 13.60 -12.86
CA THR B 743 -23.46 14.14 -12.22
C THR B 743 -23.32 15.65 -12.29
N GLN B 756 -21.96 15.74 -16.93
CA GLN B 756 -23.13 16.57 -16.71
C GLN B 756 -24.51 16.08 -16.94
N PRO B 757 -24.90 15.02 -17.57
CA PRO B 757 -26.24 14.62 -17.73
C PRO B 757 -27.12 14.18 -16.61
N TYR B 758 -26.60 13.53 -15.59
CA TYR B 758 -27.37 12.69 -14.71
C TYR B 758 -28.44 13.38 -13.83
N PRO B 759 -28.13 14.44 -13.13
CA PRO B 759 -29.15 15.28 -12.53
C PRO B 759 -30.14 15.91 -13.45
N THR B 760 -29.75 16.12 -14.78
CA THR B 760 -30.68 16.62 -15.73
C THR B 760 -31.79 15.70 -15.98
N SER B 761 -31.32 14.45 -16.14
CA SER B 761 -32.30 13.42 -16.26
C SER B 761 -33.18 13.19 -15.04
N LEU B 762 -32.62 13.15 -13.80
CA LEU B 762 -33.38 12.92 -12.64
C LEU B 762 -34.51 13.97 -12.35
N VAL B 763 -34.18 15.24 -12.58
CA VAL B 763 -35.18 16.34 -12.40
C VAL B 763 -36.39 16.28 -13.31
N LEU B 764 -36.21 15.88 -14.60
CA LEU B 764 -37.25 15.66 -15.61
C LEU B 764 -38.15 14.54 -15.19
N LEU B 765 -37.60 13.40 -14.61
CA LEU B 765 -38.39 12.25 -14.14
C LEU B 765 -39.35 12.69 -13.04
N LEU B 766 -38.78 13.62 -12.16
CA LEU B 766 -39.63 14.16 -11.04
C LEU B 766 -40.84 14.93 -11.46
N ASN B 767 -40.65 15.76 -12.54
CA ASN B 767 -41.76 16.45 -13.15
C ASN B 767 -42.81 15.56 -13.77
N SER B 768 -42.41 14.55 -14.47
CA SER B 768 -43.28 13.64 -15.12
C SER B 768 -44.20 12.84 -14.18
N VAL B 769 -43.66 12.41 -13.00
CA VAL B 769 -44.44 11.80 -11.95
C VAL B 769 -45.46 12.72 -11.38
N TYR B 770 -45.24 14.03 -11.12
CA TYR B 770 -46.20 15.03 -10.60
C TYR B 770 -47.32 15.22 -11.56
N GLU B 771 -46.97 15.26 -12.95
CA GLU B 771 -47.93 15.45 -13.98
C GLU B 771 -48.88 14.29 -13.97
N PHE B 772 -48.42 13.01 -13.86
CA PHE B 772 -49.28 11.87 -13.70
C PHE B 772 -50.14 11.84 -12.50
N VAL B 773 -49.54 12.15 -11.33
CA VAL B 773 -50.23 12.13 -10.07
C VAL B 773 -51.38 13.06 -10.06
N LYS B 774 -51.15 14.26 -10.67
CA LYS B 774 -52.13 15.34 -10.85
C LYS B 774 -53.23 14.94 -11.70
N VAL B 775 -52.96 14.22 -12.81
CA VAL B 775 -53.94 13.73 -13.76
C VAL B 775 -54.87 12.73 -13.09
N TYR B 776 -54.25 11.86 -12.29
CA TYR B 776 -54.82 10.69 -11.63
C TYR B 776 -55.94 11.13 -10.63
N CYS B 777 -55.67 12.21 -9.89
CA CYS B 777 -56.70 12.58 -8.93
C CYS B 777 -58.01 12.95 -9.61
N ASN B 778 -57.90 13.59 -10.74
CA ASN B 778 -59.02 14.13 -11.51
C ASN B 778 -60.03 13.19 -12.01
N LEU B 779 -59.64 11.88 -12.31
CA LEU B 779 -60.36 10.87 -13.02
C LEU B 779 -61.69 10.63 -12.52
N ASN B 780 -61.92 10.51 -11.12
CA ASN B 780 -63.20 10.38 -10.59
C ASN B 780 -63.10 10.71 -9.06
N SER B 798 -65.96 13.64 -17.08
CA SER B 798 -66.03 12.15 -17.39
C SER B 798 -65.21 11.75 -18.56
N ASN B 799 -65.76 11.96 -19.81
CA ASN B 799 -65.14 11.59 -21.11
C ASN B 799 -63.91 12.28 -21.41
N GLY B 800 -63.84 13.55 -21.12
CA GLY B 800 -62.77 14.45 -21.34
C GLY B 800 -61.61 13.98 -20.48
N LEU B 801 -61.87 13.57 -19.23
CA LEU B 801 -60.86 13.08 -18.35
C LEU B 801 -60.23 11.83 -18.87
N LEU B 802 -61.03 10.87 -19.41
CA LEU B 802 -60.53 9.65 -19.97
C LEU B 802 -59.65 9.98 -21.24
N GLY B 803 -60.01 10.91 -22.18
CA GLY B 803 -59.35 11.22 -23.40
C GLY B 803 -57.99 11.80 -23.05
N LYS B 804 -57.88 12.67 -22.07
CA LYS B 804 -56.68 13.20 -21.58
C LYS B 804 -55.72 12.25 -20.92
N PHE B 805 -56.30 11.30 -20.10
CA PHE B 805 -55.57 10.28 -19.36
C PHE B 805 -54.84 9.29 -20.34
N ASN B 806 -55.52 8.87 -21.44
CA ASN B 806 -54.98 7.95 -22.48
C ASN B 806 -53.81 8.59 -23.19
N THR B 807 -53.98 9.93 -23.49
CA THR B 807 -52.89 10.66 -24.13
C THR B 807 -51.67 10.73 -23.26
N ASN B 808 -51.92 11.03 -22.03
CA ASN B 808 -50.84 11.19 -21.04
C ASN B 808 -50.09 9.90 -20.81
N LEU B 809 -50.81 8.74 -20.82
CA LEU B 809 -50.22 7.45 -20.64
C LEU B 809 -49.26 7.05 -21.75
N LYS B 810 -49.61 7.34 -23.01
CA LYS B 810 -48.83 7.03 -24.15
C LYS B 810 -47.57 7.80 -24.04
N GLU B 811 -47.72 9.04 -23.62
CA GLU B 811 -46.61 9.93 -23.57
C GLU B 811 -45.53 9.54 -22.62
N ILE B 812 -45.92 9.02 -21.41
CA ILE B 812 -45.03 8.54 -20.38
C ILE B 812 -44.25 7.38 -20.85
N VAL B 813 -44.95 6.48 -21.61
CA VAL B 813 -44.24 5.34 -22.19
C VAL B 813 -43.13 5.70 -23.22
N SER B 814 -43.30 6.68 -24.14
CA SER B 814 -42.18 7.04 -25.06
C SER B 814 -40.99 7.62 -24.44
N GLN B 815 -41.28 8.49 -23.42
CA GLN B 815 -40.27 9.08 -22.57
C GLN B 815 -39.62 7.94 -21.77
N TYR B 816 -40.33 6.91 -21.29
CA TYR B 816 -39.66 5.85 -20.56
C TYR B 816 -38.66 5.04 -21.42
N LYS B 817 -39.06 4.71 -22.71
CA LYS B 817 -38.32 3.90 -23.58
C LYS B 817 -36.98 4.46 -23.96
N ASN B 818 -36.96 5.77 -24.21
CA ASN B 818 -35.74 6.61 -24.46
C ASN B 818 -34.87 6.63 -23.25
N PHE B 819 -35.42 6.78 -22.03
CA PHE B 819 -34.70 6.77 -20.79
C PHE B 819 -34.04 5.40 -20.60
N LYS B 820 -34.75 4.31 -20.95
CA LYS B 820 -34.28 2.96 -20.79
C LYS B 820 -33.04 2.68 -21.60
N ASP B 821 -33.01 3.26 -22.82
CA ASP B 821 -31.86 3.14 -23.70
C ASP B 821 -30.67 3.81 -23.15
N ARG B 822 -30.84 5.00 -22.54
CA ARG B 822 -29.75 5.79 -21.86
C ARG B 822 -29.35 4.91 -20.78
N LEU B 823 -30.29 4.24 -20.06
CA LEU B 823 -30.05 3.52 -18.81
C LEU B 823 -29.12 2.37 -19.00
N TYR B 824 -29.24 1.70 -20.17
CA TYR B 824 -28.46 0.66 -20.54
C TYR B 824 -27.02 1.10 -20.71
N ILE B 825 -26.77 2.36 -21.38
CA ILE B 825 -25.44 2.88 -21.63
C ILE B 825 -24.87 3.13 -20.23
N PHE B 826 -25.74 3.65 -19.34
CA PHE B 826 -25.35 3.95 -17.99
C PHE B 826 -24.93 2.73 -17.15
N ARG B 827 -25.64 1.56 -17.31
CA ARG B 827 -25.31 0.30 -16.69
C ARG B 827 -24.01 -0.21 -17.09
N ALA B 828 -23.66 -0.05 -18.38
CA ALA B 828 -22.39 -0.41 -18.89
C ALA B 828 -21.30 0.40 -18.25
N ASP B 829 -21.60 1.70 -18.05
CA ASP B 829 -20.69 2.66 -17.38
C ASP B 829 -20.40 2.31 -15.94
N LEU B 830 -21.38 1.88 -15.17
CA LEU B 830 -21.12 1.40 -13.83
C LEU B 830 -20.25 0.13 -13.84
N LYS B 831 -20.48 -0.79 -14.78
CA LYS B 831 -19.67 -2.00 -14.85
C LYS B 831 -18.22 -1.88 -15.22
N ASN B 832 -17.87 -1.02 -16.23
CA ASN B 832 -16.49 -0.79 -16.61
C ASN B 832 -15.84 0.03 -15.59
N ASP B 833 -16.68 0.83 -14.93
CA ASP B 833 -16.50 1.87 -13.95
C ASP B 833 -16.60 3.16 -14.66
N GLY B 834 -16.38 3.18 -15.96
CA GLY B 834 -16.63 4.31 -16.79
C GLY B 834 -16.32 3.65 -18.15
N ASP B 835 -17.42 3.33 -18.92
CA ASP B 835 -17.39 2.86 -20.28
C ASP B 835 -17.18 3.95 -21.23
N GLU B 836 -16.98 3.63 -22.53
CA GLU B 836 -16.80 4.68 -23.48
C GLU B 836 -18.10 5.40 -23.76
N GLU B 837 -19.21 4.67 -23.95
CA GLU B 837 -20.39 5.17 -24.63
C GLU B 837 -21.01 6.29 -23.95
N LEU B 838 -21.06 6.30 -22.56
CA LEU B 838 -21.57 7.32 -21.74
C LEU B 838 -20.72 8.49 -21.95
N PHE B 839 -19.39 8.36 -22.10
CA PHE B 839 -18.43 9.40 -22.28
C PHE B 839 -18.79 10.16 -23.47
N LEU B 840 -19.14 9.44 -24.54
CA LEU B 840 -19.60 10.06 -25.76
C LEU B 840 -20.87 10.86 -25.64
N LEU B 841 -21.82 10.28 -24.88
CA LEU B 841 -23.11 10.94 -24.72
C LEU B 841 -22.96 12.27 -24.00
N SER B 842 -22.16 12.26 -22.87
CA SER B 842 -21.91 13.47 -22.19
C SER B 842 -21.18 14.56 -22.91
N LYS B 843 -20.17 14.22 -23.75
CA LYS B 843 -19.31 15.03 -24.65
C LYS B 843 -20.19 15.71 -25.70
N SER B 844 -21.21 14.98 -26.33
CA SER B 844 -22.15 15.45 -27.38
C SER B 844 -23.00 16.60 -26.77
N LEU B 845 -23.51 16.46 -25.47
CA LEU B 845 -24.32 17.46 -24.82
C LEU B 845 -23.62 18.77 -24.62
N ARG B 846 -22.35 18.57 -24.12
CA ARG B 846 -21.35 19.58 -23.90
C ARG B 846 -20.91 20.18 -25.26
N MET C 1 -8.52 -18.08 -6.65
CA MET C 1 -7.24 -17.46 -6.39
C MET C 1 -6.26 -18.29 -7.21
N GLY C 2 -5.89 -19.54 -6.67
CA GLY C 2 -5.17 -20.62 -7.26
C GLY C 2 -6.00 -21.36 -8.27
N GLY C 3 -5.42 -22.36 -8.99
CA GLY C 3 -6.13 -23.26 -9.90
C GLY C 3 -6.67 -24.38 -9.12
N GLU C 4 -7.92 -24.13 -8.58
CA GLU C 4 -8.40 -25.01 -7.56
C GLU C 4 -8.93 -26.31 -8.12
N ILE C 5 -8.77 -27.37 -7.23
CA ILE C 5 -8.82 -28.73 -7.61
C ILE C 5 -9.83 -29.40 -6.76
N ILE C 6 -10.73 -30.24 -7.25
CA ILE C 6 -11.68 -30.98 -6.48
C ILE C 6 -11.20 -32.41 -6.63
N THR C 7 -11.16 -33.08 -5.48
CA THR C 7 -10.74 -34.45 -5.43
C THR C 7 -12.05 -35.18 -5.16
N LEU C 8 -12.23 -36.22 -5.94
CA LEU C 8 -13.44 -37.01 -5.75
C LEU C 8 -13.05 -38.34 -5.27
N GLN C 9 -13.59 -38.90 -4.12
CA GLN C 9 -13.16 -40.16 -3.55
C GLN C 9 -14.35 -41.10 -3.62
N ALA C 10 -14.09 -42.28 -4.24
CA ALA C 10 -15.11 -43.25 -4.53
C ALA C 10 -14.57 -44.57 -4.10
N GLY C 11 -15.36 -45.52 -3.49
CA GLY C 11 -14.92 -46.89 -3.23
C GLY C 11 -14.18 -46.91 -1.98
N GLN C 12 -13.86 -48.15 -1.42
CA GLN C 12 -13.25 -48.36 -0.19
C GLN C 12 -11.82 -47.80 -0.26
N CYS C 13 -11.10 -48.21 -1.37
CA CYS C 13 -9.69 -47.94 -1.61
C CYS C 13 -9.54 -46.44 -1.78
N GLY C 14 -10.43 -45.81 -2.62
CA GLY C 14 -10.36 -44.42 -2.94
C GLY C 14 -10.50 -43.59 -1.64
N ASN C 15 -11.46 -43.99 -0.74
CA ASN C 15 -11.69 -43.32 0.51
C ASN C 15 -10.54 -43.53 1.47
N HIS C 16 -9.92 -44.74 1.54
CA HIS C 16 -8.80 -44.97 2.40
C HIS C 16 -7.61 -44.17 1.97
N VAL C 17 -7.15 -44.15 0.71
CA VAL C 17 -5.94 -43.40 0.34
C VAL C 17 -6.29 -41.96 0.51
N GLY C 18 -7.52 -41.49 0.14
CA GLY C 18 -7.91 -40.05 0.12
C GLY C 18 -7.85 -39.39 1.51
N LYS C 19 -8.29 -40.11 2.55
CA LYS C 19 -8.19 -39.76 3.93
C LYS C 19 -6.75 -39.69 4.40
N PHE C 20 -5.93 -40.67 4.00
CA PHE C 20 -4.51 -40.64 4.35
C PHE C 20 -3.80 -39.51 3.71
N LEU C 21 -4.19 -39.21 2.51
CA LEU C 21 -3.48 -38.20 1.75
C LEU C 21 -3.55 -36.88 2.52
N TRP C 22 -4.79 -36.54 3.04
CA TRP C 22 -5.08 -35.24 3.78
C TRP C 22 -4.30 -35.25 5.03
N SER C 23 -4.15 -36.42 5.70
CA SER C 23 -3.34 -36.59 6.88
C SER C 23 -1.87 -36.27 6.64
N GLN C 24 -1.23 -36.68 5.55
CA GLN C 24 0.16 -36.35 5.17
C GLN C 24 0.37 -34.97 4.92
N LEU C 25 -0.51 -34.21 4.16
CA LEU C 25 -0.40 -32.86 3.90
C LEU C 25 -0.49 -32.01 5.16
N ALA C 26 -1.43 -32.36 6.13
CA ALA C 26 -1.65 -31.69 7.38
C ALA C 26 -0.37 -31.77 8.18
N LYS C 27 0.30 -32.99 8.19
CA LYS C 27 1.60 -33.07 8.93
C LYS C 27 2.61 -32.14 8.30
N GLU C 28 2.70 -32.19 6.93
CA GLU C 28 3.75 -31.53 6.19
C GLU C 28 3.62 -30.01 6.35
N HIS C 29 2.38 -29.45 6.36
CA HIS C 29 2.17 -28.04 6.33
C HIS C 29 1.88 -27.53 7.79
N ALA C 30 2.38 -28.30 8.82
CA ALA C 30 2.27 -28.02 10.25
C ALA C 30 0.96 -27.46 10.77
N ILE C 31 -0.07 -28.24 10.58
CA ILE C 31 -1.40 -27.93 10.96
C ILE C 31 -1.95 -29.15 11.68
N GLY C 32 -3.00 -29.04 12.46
CA GLY C 32 -3.70 -30.03 13.15
C GLY C 32 -4.36 -31.07 12.33
N THR C 33 -5.16 -31.82 13.10
CA THR C 33 -5.86 -32.97 12.73
C THR C 33 -7.20 -32.43 12.21
N ASP C 34 -7.46 -31.09 12.27
CA ASP C 34 -8.49 -30.35 11.61
C ASP C 34 -7.96 -29.06 11.02
N GLY C 35 -6.66 -29.13 10.69
CA GLY C 35 -5.96 -28.10 9.96
C GLY C 35 -5.75 -26.87 10.77
N LEU C 36 -5.52 -26.97 12.07
CA LEU C 36 -5.34 -25.90 12.96
C LEU C 36 -3.91 -25.60 13.06
N SER C 37 -3.54 -24.29 12.72
CA SER C 37 -2.19 -23.77 12.61
C SER C 37 -1.48 -23.61 13.94
N GLN C 38 -0.15 -23.81 13.94
CA GLN C 38 0.48 -23.62 15.27
C GLN C 38 0.97 -22.28 15.23
N LEU C 39 1.49 -21.83 16.43
CA LEU C 39 1.84 -20.42 16.63
C LEU C 39 2.84 -19.80 15.62
N PRO C 40 3.98 -20.40 15.18
CA PRO C 40 4.89 -19.81 14.23
C PRO C 40 4.32 -19.76 12.83
N ASP C 41 3.11 -20.31 12.61
CA ASP C 41 2.51 -20.46 11.27
C ASP C 41 1.48 -19.35 11.05
N SER C 42 1.25 -18.54 12.10
CA SER C 42 0.37 -17.33 12.16
C SER C 42 1.29 -16.14 12.01
N SER C 43 2.48 -16.38 11.48
CA SER C 43 3.51 -15.40 11.24
C SER C 43 3.32 -15.13 9.80
N THR C 44 4.14 -14.26 9.13
CA THR C 44 4.10 -13.90 7.72
C THR C 44 4.82 -14.93 6.93
N GLU C 45 4.17 -15.35 5.82
CA GLU C 45 4.57 -16.22 4.74
C GLU C 45 4.50 -17.68 5.18
N ARG C 46 3.91 -18.53 4.26
CA ARG C 46 4.00 -19.96 4.31
C ARG C 46 3.89 -20.35 2.86
N ASP C 47 4.00 -21.63 2.51
CA ASP C 47 3.90 -22.12 1.10
C ASP C 47 2.48 -21.85 0.58
N ASP C 48 2.30 -21.63 -0.77
CA ASP C 48 1.00 -21.37 -1.37
C ASP C 48 0.34 -22.61 -1.82
N ASP C 49 0.31 -23.65 -0.94
CA ASP C 49 -0.39 -24.87 -1.17
C ASP C 49 -1.88 -24.69 -1.01
N THR C 50 -2.18 -23.70 -0.14
CA THR C 50 -3.39 -23.45 0.54
C THR C 50 -4.61 -23.35 -0.33
N LYS C 51 -4.76 -22.30 -1.22
CA LYS C 51 -5.94 -22.16 -1.98
C LYS C 51 -6.18 -23.19 -3.04
N PRO C 52 -5.23 -23.79 -3.86
CA PRO C 52 -5.59 -24.88 -4.77
C PRO C 52 -6.16 -26.07 -4.14
N PHE C 53 -5.54 -26.62 -3.10
CA PHE C 53 -5.88 -27.84 -2.43
C PHE C 53 -6.90 -27.74 -1.31
N PHE C 54 -6.84 -26.62 -0.66
CA PHE C 54 -7.51 -26.35 0.64
C PHE C 54 -8.37 -25.22 0.44
N ARG C 55 -9.37 -25.10 1.37
CA ARG C 55 -10.11 -23.82 1.54
C ARG C 55 -10.05 -23.46 2.97
N GLU C 56 -10.31 -22.20 3.21
CA GLU C 56 -10.32 -21.50 4.43
C GLU C 56 -11.65 -21.21 4.91
N ASN C 57 -11.85 -21.53 6.23
CA ASN C 57 -12.92 -20.83 6.98
C ASN C 57 -12.45 -19.39 7.29
N CYS C 58 -11.14 -19.15 7.16
CA CYS C 58 -10.43 -17.90 7.49
C CYS C 58 -10.58 -17.50 8.94
N ARG C 59 -10.11 -18.39 9.78
CA ARG C 59 -9.84 -18.28 11.17
C ARG C 59 -8.55 -19.11 11.25
N ASN C 60 -7.93 -19.53 10.03
CA ASN C 60 -6.72 -20.37 9.93
C ASN C 60 -6.95 -21.83 10.07
N LYS C 61 -8.26 -22.20 10.00
CA LYS C 61 -8.69 -23.62 9.95
C LYS C 61 -8.83 -24.04 8.53
N PHE C 62 -7.81 -24.84 8.02
CA PHE C 62 -7.76 -25.33 6.65
C PHE C 62 -8.67 -26.55 6.53
N THR C 63 -9.35 -26.74 5.41
CA THR C 63 -10.23 -27.81 5.13
C THR C 63 -9.88 -28.40 3.73
N PRO C 64 -9.93 -29.76 3.57
CA PRO C 64 -9.64 -30.36 2.27
C PRO C 64 -10.77 -30.12 1.32
N ARG C 65 -10.40 -29.85 0.03
CA ARG C 65 -11.22 -29.70 -1.08
C ARG C 65 -11.40 -31.05 -1.68
N ALA C 66 -12.22 -31.87 -0.99
CA ALA C 66 -12.46 -33.28 -1.25
C ALA C 66 -13.91 -33.61 -1.13
N ILE C 67 -14.39 -34.55 -1.98
CA ILE C 67 -15.76 -35.01 -2.07
C ILE C 67 -15.60 -36.54 -1.71
N MET C 68 -16.46 -37.03 -0.75
CA MET C 68 -16.47 -38.47 -0.40
C MET C 68 -17.73 -39.14 -0.72
N MET C 69 -17.59 -40.24 -1.41
CA MET C 69 -18.73 -41.00 -1.85
C MET C 69 -18.35 -42.42 -1.53
N ASP C 70 -19.31 -43.26 -1.04
CA ASP C 70 -19.22 -44.66 -0.67
C ASP C 70 -20.53 -44.88 -0.01
N SER C 71 -20.67 -45.95 0.77
CA SER C 71 -21.75 -46.21 1.59
C SER C 71 -21.29 -46.05 2.98
N GLU C 72 -21.88 -46.80 3.87
CA GLU C 72 -21.63 -46.63 5.30
C GLU C 72 -20.23 -46.99 5.82
N PRO C 73 -19.51 -48.03 5.49
CA PRO C 73 -18.25 -48.37 6.10
C PRO C 73 -17.12 -47.34 6.18
N SER C 74 -16.78 -46.73 4.98
CA SER C 74 -15.64 -45.82 4.87
C SER C 74 -15.98 -44.55 5.66
N VAL C 75 -17.26 -44.11 5.49
CA VAL C 75 -17.78 -42.86 6.11
C VAL C 75 -17.66 -43.05 7.60
N ILE C 76 -17.97 -44.26 8.10
CA ILE C 76 -17.99 -44.59 9.53
C ILE C 76 -16.59 -44.44 10.08
N ALA C 77 -15.52 -44.85 9.40
CA ALA C 77 -14.15 -44.69 9.79
C ALA C 77 -13.75 -43.22 9.91
N ASP C 78 -14.17 -42.33 8.94
CA ASP C 78 -13.94 -40.91 9.00
C ASP C 78 -14.61 -40.28 10.20
N VAL C 79 -15.82 -40.67 10.53
CA VAL C 79 -16.65 -40.18 11.66
C VAL C 79 -16.03 -40.55 12.99
N GLU C 80 -15.37 -41.68 13.11
CA GLU C 80 -14.81 -42.10 14.41
C GLU C 80 -13.68 -41.16 14.81
N ASN C 81 -12.91 -40.71 13.78
CA ASN C 81 -11.81 -39.81 13.87
C ASN C 81 -12.31 -38.35 13.90
N THR C 82 -11.32 -37.48 14.05
CA THR C 82 -11.28 -36.01 14.10
C THR C 82 -10.95 -35.63 12.71
N PHE C 83 -11.14 -36.49 11.68
CA PHE C 83 -10.93 -36.13 10.29
C PHE C 83 -12.31 -35.83 9.67
N ARG C 84 -13.45 -35.90 10.43
CA ARG C 84 -14.80 -35.67 10.00
C ARG C 84 -15.05 -34.21 10.03
N GLY C 85 -14.54 -33.55 11.03
CA GLY C 85 -14.60 -32.15 11.21
C GLY C 85 -13.63 -31.29 10.41
N PHE C 86 -12.61 -31.92 9.82
CA PHE C 86 -11.56 -31.45 9.00
C PHE C 86 -12.21 -31.27 7.67
N PHE C 87 -13.09 -32.26 7.31
CA PHE C 87 -13.62 -32.32 5.95
C PHE C 87 -14.97 -31.77 6.10
N ASP C 88 -15.43 -30.99 5.03
CA ASP C 88 -16.72 -30.47 5.01
C ASP C 88 -17.73 -31.57 4.86
N PRO C 89 -18.66 -31.78 5.78
CA PRO C 89 -19.63 -32.85 5.76
C PRO C 89 -20.61 -32.80 4.60
N ARG C 90 -20.93 -31.58 4.01
CA ARG C 90 -21.80 -31.55 2.78
C ARG C 90 -21.09 -32.15 1.63
N ASN C 91 -19.73 -32.06 1.48
CA ASN C 91 -19.02 -32.63 0.34
C ASN C 91 -19.07 -34.17 0.43
N THR C 92 -19.36 -34.78 1.61
CA THR C 92 -19.47 -36.17 1.91
C THR C 92 -20.87 -36.59 1.72
N TRP C 93 -21.13 -37.61 0.89
CA TRP C 93 -22.37 -38.18 0.49
C TRP C 93 -22.33 -39.62 0.68
N VAL C 94 -23.35 -40.12 1.40
CA VAL C 94 -23.46 -41.54 1.72
C VAL C 94 -24.82 -42.09 1.35
N ALA C 95 -24.86 -43.18 0.54
CA ALA C 95 -26.09 -43.73 0.14
C ALA C 95 -26.03 -45.24 0.22
N SER C 96 -27.24 -45.83 0.31
CA SER C 96 -27.48 -47.21 0.17
C SER C 96 -28.82 -47.41 -0.59
N ASP C 97 -29.16 -48.64 -0.80
CA ASP C 97 -30.19 -49.04 -1.65
C ASP C 97 -30.47 -50.37 -1.09
N GLY C 98 -31.57 -51.01 -1.39
CA GLY C 98 -31.99 -52.31 -0.90
C GLY C 98 -31.33 -53.45 -1.66
N ALA C 99 -30.41 -53.07 -2.58
CA ALA C 99 -29.75 -53.91 -3.54
C ALA C 99 -28.58 -53.01 -3.84
N SER C 100 -27.56 -53.12 -3.00
CA SER C 100 -26.44 -52.20 -2.99
C SER C 100 -25.43 -52.67 -4.00
N ALA C 101 -24.39 -51.82 -4.23
CA ALA C 101 -23.30 -52.07 -5.16
C ALA C 101 -22.78 -53.47 -5.16
N GLY C 102 -22.33 -53.91 -3.96
CA GLY C 102 -22.10 -55.32 -3.69
C GLY C 102 -20.87 -55.87 -4.41
N ASN C 103 -20.03 -54.94 -4.92
CA ASN C 103 -18.81 -55.14 -5.62
C ASN C 103 -19.12 -55.74 -6.97
N SER C 104 -20.26 -55.29 -7.62
CA SER C 104 -20.76 -55.72 -8.94
C SER C 104 -21.04 -54.35 -9.56
N TRP C 105 -20.59 -54.17 -10.85
CA TRP C 105 -20.76 -52.93 -11.57
C TRP C 105 -22.20 -52.54 -11.85
N ALA C 106 -23.09 -53.49 -12.25
CA ALA C 106 -24.39 -53.22 -12.66
C ALA C 106 -25.28 -52.61 -11.60
N ASN C 107 -25.28 -53.06 -10.28
CA ASN C 107 -25.93 -52.55 -9.19
C ASN C 107 -25.46 -51.19 -8.84
N GLY C 108 -24.14 -50.95 -8.89
CA GLY C 108 -23.50 -49.68 -8.53
C GLY C 108 -23.93 -48.70 -9.56
N TYR C 109 -23.99 -49.08 -10.86
CA TYR C 109 -24.44 -48.35 -11.96
C TYR C 109 -25.93 -48.00 -11.94
N ASP C 110 -26.87 -48.94 -11.60
CA ASP C 110 -28.30 -48.66 -11.50
C ASP C 110 -28.60 -47.72 -10.48
N ILE C 111 -27.88 -47.85 -9.33
CA ILE C 111 -28.02 -46.87 -8.24
C ILE C 111 -27.55 -45.51 -8.70
N GLY C 112 -26.43 -45.53 -9.52
CA GLY C 112 -25.80 -44.29 -9.98
C GLY C 112 -26.77 -43.42 -10.77
N THR C 113 -27.59 -44.15 -11.60
CA THR C 113 -28.61 -43.51 -12.42
C THR C 113 -29.69 -42.83 -11.56
N ARG C 114 -30.10 -43.46 -10.40
CA ARG C 114 -31.15 -43.00 -9.47
C ARG C 114 -30.73 -41.66 -8.82
N ASN C 115 -29.43 -41.61 -8.45
CA ASN C 115 -28.87 -40.46 -7.81
C ASN C 115 -28.00 -39.68 -8.75
N GLN C 116 -28.44 -39.58 -10.05
CA GLN C 116 -27.76 -38.83 -11.03
C GLN C 116 -27.81 -37.36 -10.69
N ASP C 117 -29.02 -36.91 -10.25
CA ASP C 117 -29.33 -35.60 -9.81
C ASP C 117 -28.61 -35.14 -8.63
N ASP C 118 -28.55 -36.08 -7.61
CA ASP C 118 -28.00 -35.79 -6.36
C ASP C 118 -26.47 -35.46 -6.47
N ILE C 119 -25.69 -36.30 -7.21
CA ILE C 119 -24.29 -36.23 -7.33
C ILE C 119 -23.96 -34.95 -8.06
N LEU C 120 -24.74 -34.62 -9.15
CA LEU C 120 -24.48 -33.44 -9.92
C LEU C 120 -24.74 -32.21 -9.11
N ASN C 121 -25.77 -32.22 -8.17
CA ASN C 121 -25.97 -31.05 -7.29
C ASN C 121 -24.80 -30.79 -6.43
N LYS C 122 -24.23 -31.89 -5.93
CA LYS C 122 -23.18 -31.86 -4.90
C LYS C 122 -21.98 -31.21 -5.61
N ILE C 123 -21.77 -31.71 -6.83
CA ILE C 123 -20.65 -31.31 -7.64
C ILE C 123 -20.78 -29.85 -8.02
N ASP C 124 -21.97 -29.43 -8.51
CA ASP C 124 -22.17 -28.02 -8.92
C ASP C 124 -21.97 -27.12 -7.77
N LYS C 125 -22.35 -27.45 -6.49
CA LYS C 125 -22.28 -26.63 -5.30
C LYS C 125 -20.85 -26.27 -4.97
N GLU C 126 -19.93 -27.32 -4.95
CA GLU C 126 -18.55 -27.27 -4.72
C GLU C 126 -17.91 -26.50 -5.84
N ILE C 127 -18.37 -26.66 -7.12
CA ILE C 127 -17.88 -25.90 -8.25
C ILE C 127 -18.26 -24.48 -8.02
N ASP C 128 -19.49 -24.16 -7.65
CA ASP C 128 -19.91 -22.77 -7.55
C ASP C 128 -19.03 -22.13 -6.43
N SER C 129 -18.68 -22.87 -5.36
CA SER C 129 -18.02 -22.37 -4.21
C SER C 129 -16.57 -22.00 -4.52
N THR C 130 -16.05 -22.55 -5.67
CA THR C 130 -14.68 -22.57 -6.08
C THR C 130 -14.36 -21.22 -6.83
N ASP C 131 -13.09 -20.70 -6.66
CA ASP C 131 -12.61 -19.61 -7.45
C ASP C 131 -11.50 -20.13 -8.30
N ASN C 132 -11.71 -19.96 -9.62
CA ASN C 132 -10.71 -20.43 -10.65
C ASN C 132 -10.51 -21.93 -10.68
N PHE C 133 -11.56 -22.65 -11.09
CA PHE C 133 -11.54 -24.09 -10.91
C PHE C 133 -10.68 -24.57 -12.12
N GLU C 134 -9.59 -25.21 -11.76
CA GLU C 134 -8.81 -25.85 -12.75
C GLU C 134 -9.32 -27.18 -13.30
N GLY C 135 -9.76 -28.03 -12.31
CA GLY C 135 -10.20 -29.37 -12.72
C GLY C 135 -10.33 -30.37 -11.67
N PHE C 136 -10.54 -31.66 -12.05
CA PHE C 136 -10.79 -32.68 -11.17
C PHE C 136 -9.72 -33.74 -11.13
N GLN C 137 -9.62 -34.39 -9.98
CA GLN C 137 -8.71 -35.49 -9.74
C GLN C 137 -9.77 -36.48 -9.27
N LEU C 138 -9.78 -37.75 -9.87
CA LEU C 138 -10.62 -38.78 -9.35
C LEU C 138 -9.74 -39.75 -8.78
N LEU C 139 -10.05 -40.15 -7.46
CA LEU C 139 -9.34 -41.12 -6.65
C LEU C 139 -10.28 -42.27 -6.50
N HIS C 140 -9.93 -43.54 -6.91
CA HIS C 140 -10.90 -44.66 -6.87
C HIS C 140 -10.35 -45.96 -7.09
N SER C 141 -11.24 -46.94 -6.99
CA SER C 141 -11.06 -48.36 -7.10
C SER C 141 -11.80 -49.07 -8.19
N VAL C 142 -11.20 -50.13 -8.77
CA VAL C 142 -11.90 -50.98 -9.74
C VAL C 142 -12.11 -52.32 -9.05
N ALA C 143 -11.87 -52.38 -7.71
CA ALA C 143 -12.15 -53.47 -6.78
C ALA C 143 -13.10 -52.91 -5.80
N GLY C 144 -13.84 -51.89 -6.22
CA GLY C 144 -14.80 -51.20 -5.41
C GLY C 144 -16.11 -51.48 -6.05
N GLY C 145 -17.17 -51.30 -5.27
CA GLY C 145 -18.49 -51.40 -5.81
C GLY C 145 -18.86 -50.14 -6.46
N THR C 146 -18.61 -49.13 -5.59
CA THR C 146 -18.93 -47.72 -5.67
C THR C 146 -18.00 -47.12 -6.63
N GLY C 147 -16.65 -47.35 -6.43
CA GLY C 147 -15.63 -46.73 -7.19
C GLY C 147 -15.82 -47.15 -8.65
N SER C 148 -16.14 -48.49 -8.86
CA SER C 148 -16.47 -48.86 -10.19
C SER C 148 -17.79 -48.32 -10.75
N GLY C 149 -18.87 -48.71 -10.14
CA GLY C 149 -20.18 -48.46 -10.73
C GLY C 149 -20.71 -47.05 -10.77
N LEU C 150 -20.67 -46.43 -9.58
CA LEU C 150 -21.04 -45.06 -9.27
C LEU C 150 -20.03 -44.17 -10.00
N GLY C 151 -18.77 -44.63 -9.97
CA GLY C 151 -17.67 -43.99 -10.65
C GLY C 151 -17.90 -43.89 -12.16
N SER C 152 -18.42 -45.01 -12.83
CA SER C 152 -18.65 -45.02 -14.23
C SER C 152 -19.67 -44.05 -14.57
N ASN C 153 -20.73 -43.86 -13.81
CA ASN C 153 -21.70 -42.87 -14.09
C ASN C 153 -21.20 -41.45 -14.03
N LEU C 154 -20.43 -41.12 -12.99
CA LEU C 154 -19.94 -39.81 -12.71
C LEU C 154 -19.00 -39.40 -13.81
N LEU C 155 -18.18 -40.36 -14.36
CA LEU C 155 -17.23 -40.15 -15.42
C LEU C 155 -17.92 -39.73 -16.64
N GLU C 156 -19.08 -40.37 -16.96
CA GLU C 156 -19.95 -40.06 -18.10
C GLU C 156 -20.55 -38.72 -17.96
N ALA C 157 -21.01 -38.44 -16.72
CA ALA C 157 -21.70 -37.16 -16.50
C ALA C 157 -20.76 -35.99 -16.70
N LEU C 158 -19.49 -36.14 -16.17
CA LEU C 158 -18.42 -35.13 -16.20
C LEU C 158 -18.05 -34.85 -17.60
N CYS C 159 -18.05 -35.93 -18.49
CA CYS C 159 -17.74 -35.83 -19.96
C CYS C 159 -18.65 -34.89 -20.71
N ASP C 160 -19.91 -35.09 -20.53
CA ASP C 160 -20.98 -34.35 -21.22
C ASP C 160 -21.07 -33.00 -20.79
N ARG C 161 -21.08 -32.81 -19.42
CA ARG C 161 -21.41 -31.61 -18.78
C ARG C 161 -20.44 -30.43 -19.02
N TYR C 162 -19.14 -30.70 -18.82
CA TYR C 162 -18.14 -29.75 -18.95
C TYR C 162 -17.02 -30.29 -19.75
N PRO C 163 -16.56 -29.75 -20.89
CA PRO C 163 -15.45 -30.25 -21.66
C PRO C 163 -14.23 -29.37 -21.51
N LYS C 164 -14.40 -28.17 -20.95
CA LYS C 164 -13.52 -27.08 -20.74
C LYS C 164 -12.45 -27.42 -19.79
N LYS C 165 -12.73 -28.08 -18.62
CA LYS C 165 -11.83 -28.39 -17.51
C LYS C 165 -11.22 -29.73 -17.65
N ILE C 166 -9.97 -29.87 -17.00
CA ILE C 166 -9.15 -31.06 -17.13
C ILE C 166 -9.62 -32.01 -16.09
N LEU C 167 -9.63 -33.30 -16.54
CA LEU C 167 -10.03 -34.46 -15.74
C LEU C 167 -8.88 -35.39 -15.70
N THR C 168 -8.36 -35.72 -14.43
CA THR C 168 -7.24 -36.66 -14.20
C THR C 168 -7.78 -37.80 -13.32
N THR C 169 -7.32 -39.06 -13.49
CA THR C 169 -7.80 -40.07 -12.62
C THR C 169 -6.54 -40.71 -12.17
N TYR C 170 -6.63 -41.21 -10.94
CA TYR C 170 -5.72 -42.14 -10.20
C TYR C 170 -6.56 -43.38 -10.04
N SER C 171 -6.30 -44.40 -10.82
CA SER C 171 -7.16 -45.61 -10.78
C SER C 171 -6.35 -46.69 -10.24
N VAL C 172 -6.87 -47.38 -9.15
CA VAL C 172 -6.09 -48.59 -8.64
C VAL C 172 -6.54 -49.79 -9.23
N PHE C 173 -5.65 -50.63 -9.84
CA PHE C 173 -5.88 -51.85 -10.56
C PHE C 173 -5.63 -52.95 -9.47
N PRO C 174 -6.33 -54.15 -9.44
CA PRO C 174 -6.26 -55.16 -8.43
C PRO C 174 -4.87 -55.64 -7.99
N ALA C 175 -4.77 -56.22 -6.74
CA ALA C 175 -3.49 -56.73 -6.31
C ALA C 175 -3.46 -58.08 -6.85
N ARG C 176 -2.35 -58.47 -7.47
CA ARG C 176 -2.00 -59.80 -7.95
C ARG C 176 -3.16 -60.44 -8.82
N SER C 177 -3.22 -61.81 -8.84
CA SER C 177 -4.03 -62.63 -9.61
C SER C 177 -5.46 -62.57 -9.19
N SER C 178 -6.33 -62.88 -10.21
CA SER C 178 -7.78 -62.90 -10.20
C SER C 178 -8.42 -63.18 -8.94
N GLU C 179 -9.42 -62.34 -8.53
CA GLU C 179 -10.07 -62.58 -7.26
C GLU C 179 -11.44 -63.31 -7.48
N VAL C 180 -12.16 -62.94 -8.55
CA VAL C 180 -13.42 -63.53 -8.76
C VAL C 180 -13.28 -63.81 -10.29
N VAL C 181 -14.16 -64.70 -10.81
CA VAL C 181 -14.22 -65.14 -12.20
C VAL C 181 -14.68 -63.96 -12.96
N VAL C 182 -15.72 -63.22 -12.50
CA VAL C 182 -16.32 -62.11 -13.26
C VAL C 182 -15.42 -60.85 -13.26
N GLN C 183 -14.26 -60.84 -12.61
CA GLN C 183 -13.33 -59.72 -12.52
C GLN C 183 -13.01 -59.03 -13.81
N SER C 184 -12.76 -59.78 -14.95
CA SER C 184 -12.46 -59.19 -16.29
C SER C 184 -13.58 -58.39 -16.81
N TYR C 185 -14.86 -58.79 -16.60
CA TYR C 185 -16.05 -58.08 -16.95
C TYR C 185 -16.16 -56.78 -16.17
N ASN C 186 -15.99 -56.75 -14.84
CA ASN C 186 -15.99 -55.57 -14.03
C ASN C 186 -14.94 -54.57 -14.39
N THR C 187 -13.73 -55.05 -14.64
CA THR C 187 -12.57 -54.35 -15.06
C THR C 187 -12.68 -53.69 -16.42
N ILE C 188 -13.17 -54.35 -17.52
CA ILE C 188 -13.35 -53.78 -18.85
C ILE C 188 -14.39 -52.72 -18.79
N LEU C 189 -15.54 -52.95 -18.05
CA LEU C 189 -16.60 -51.99 -17.97
C LEU C 189 -16.16 -50.62 -17.35
N ALA C 190 -15.37 -50.64 -16.28
CA ALA C 190 -14.82 -49.48 -15.75
C ALA C 190 -13.83 -48.86 -16.68
N LEU C 191 -12.98 -49.73 -17.32
CA LEU C 191 -11.91 -49.38 -18.26
C LEU C 191 -12.49 -48.64 -19.47
N ARG C 192 -13.73 -48.93 -19.88
CA ARG C 192 -14.41 -48.22 -20.98
C ARG C 192 -14.62 -46.75 -20.72
N ARG C 193 -15.05 -46.54 -19.43
CA ARG C 193 -15.29 -45.22 -19.04
C ARG C 193 -13.97 -44.45 -18.93
N LEU C 194 -12.99 -45.14 -18.42
CA LEU C 194 -11.70 -44.54 -18.29
C LEU C 194 -11.07 -44.19 -19.61
N ILE C 195 -11.17 -45.02 -20.66
CA ILE C 195 -10.62 -44.54 -21.95
C ILE C 195 -11.44 -43.37 -22.49
N GLU C 196 -12.75 -43.45 -22.52
CA GLU C 196 -13.50 -42.48 -23.25
C GLU C 196 -13.68 -41.14 -22.46
N ASP C 197 -14.00 -41.28 -21.23
CA ASP C 197 -14.47 -40.07 -20.50
C ASP C 197 -13.42 -39.21 -19.97
N SER C 198 -12.12 -39.72 -19.85
CA SER C 198 -11.05 -38.97 -19.30
C SER C 198 -10.01 -38.53 -20.36
N ASP C 199 -9.37 -37.43 -20.00
CA ASP C 199 -8.25 -36.78 -20.70
C ASP C 199 -6.97 -37.42 -20.25
N ALA C 200 -6.78 -37.75 -18.93
CA ALA C 200 -5.60 -38.41 -18.56
C ALA C 200 -5.78 -39.40 -17.44
N THR C 201 -5.11 -40.53 -17.50
CA THR C 201 -5.26 -41.57 -16.43
C THR C 201 -3.89 -42.06 -15.94
N VAL C 202 -3.70 -41.95 -14.63
CA VAL C 202 -2.54 -42.49 -13.94
C VAL C 202 -2.93 -43.84 -13.37
N VAL C 203 -2.36 -44.92 -13.90
CA VAL C 203 -2.68 -46.26 -13.47
C VAL C 203 -1.77 -46.56 -12.30
N PHE C 204 -2.35 -47.01 -11.12
CA PHE C 204 -1.57 -47.52 -9.95
C PHE C 204 -1.90 -48.95 -9.73
N ASP C 205 -0.93 -49.82 -10.03
CA ASP C 205 -1.16 -51.23 -10.02
C ASP C 205 -0.85 -51.73 -8.67
N ASN C 206 -1.84 -52.33 -8.04
CA ASN C 206 -1.72 -52.74 -6.67
C ASN C 206 -0.73 -53.84 -6.50
N ALA C 207 -0.56 -54.74 -7.49
CA ALA C 207 0.27 -55.92 -7.42
C ALA C 207 1.74 -55.49 -7.15
N SER C 208 2.12 -54.50 -7.89
CA SER C 208 3.44 -53.89 -7.92
C SER C 208 3.59 -53.19 -6.57
N LEU C 209 2.50 -52.48 -6.14
CA LEU C 209 2.44 -51.71 -4.91
C LEU C 209 2.58 -52.54 -3.68
N LEU C 210 1.93 -53.71 -3.72
CA LEU C 210 1.89 -54.74 -2.73
C LEU C 210 3.25 -55.36 -2.60
N ASN C 211 4.00 -55.60 -3.68
CA ASN C 211 5.29 -56.22 -3.54
C ASN C 211 6.24 -55.40 -2.74
N ILE C 212 6.16 -54.05 -3.02
CA ILE C 212 6.89 -53.08 -2.23
C ILE C 212 6.48 -53.03 -0.75
N SER C 213 5.16 -53.02 -0.51
CA SER C 213 4.57 -52.96 0.83
C SER C 213 4.87 -54.17 1.63
N GLY C 214 4.72 -55.40 1.08
CA GLY C 214 5.08 -56.52 1.82
C GLY C 214 6.53 -56.63 2.08
N LYS C 215 7.33 -56.53 1.01
CA LYS C 215 8.74 -56.69 1.24
C LYS C 215 9.49 -55.52 1.90
N VAL C 216 9.35 -54.25 1.37
CA VAL C 216 10.18 -53.17 1.81
C VAL C 216 9.79 -52.73 3.17
N PHE C 217 8.46 -52.40 3.30
CA PHE C 217 7.97 -51.93 4.53
C PHE C 217 7.85 -52.98 5.58
N ARG C 218 7.61 -54.22 5.14
CA ARG C 218 7.47 -55.37 5.97
C ARG C 218 6.13 -55.34 6.74
N ASN C 219 5.20 -56.19 6.14
CA ASN C 219 3.92 -56.35 6.78
C ASN C 219 3.76 -57.82 6.72
N PRO C 220 3.78 -58.56 7.91
CA PRO C 220 3.63 -60.02 7.99
C PRO C 220 2.25 -60.44 7.51
N ASN C 221 1.20 -59.62 7.86
CA ASN C 221 -0.11 -59.72 7.27
C ASN C 221 -0.31 -58.43 6.56
N ILE C 222 -0.42 -58.39 5.16
CA ILE C 222 -0.55 -57.23 4.39
C ILE C 222 -2.06 -57.04 4.08
N ASP C 223 -2.41 -55.73 3.75
CA ASP C 223 -3.75 -55.43 3.34
C ASP C 223 -3.64 -54.27 2.45
N LEU C 224 -4.84 -53.97 1.84
CA LEU C 224 -5.08 -52.85 0.92
C LEU C 224 -4.90 -51.56 1.59
N GLN C 225 -5.34 -51.49 2.84
CA GLN C 225 -5.22 -50.24 3.60
C GLN C 225 -3.79 -49.84 3.85
N HIS C 226 -2.92 -50.88 4.12
CA HIS C 226 -1.48 -50.75 4.32
C HIS C 226 -0.83 -50.28 3.05
N THR C 227 -1.20 -50.85 1.87
CA THR C 227 -0.61 -50.53 0.59
C THR C 227 -0.98 -49.07 0.25
N ASN C 228 -2.17 -48.65 0.62
CA ASN C 228 -2.72 -47.36 0.25
C ASN C 228 -1.89 -46.20 0.84
N GLN C 229 -1.18 -46.51 1.95
CA GLN C 229 -0.32 -45.61 2.60
C GLN C 229 0.78 -45.22 1.60
N LEU C 230 1.30 -46.22 0.83
CA LEU C 230 2.32 -45.95 -0.17
C LEU C 230 1.76 -45.14 -1.26
N ILE C 231 0.54 -45.45 -1.69
CA ILE C 231 -0.03 -44.72 -2.84
C ILE C 231 -0.24 -43.24 -2.51
N SER C 232 -0.74 -42.92 -1.26
CA SER C 232 -1.07 -41.54 -0.73
C SER C 232 0.24 -40.77 -0.69
N THR C 233 1.42 -41.49 -0.35
CA THR C 233 2.73 -40.96 -0.40
C THR C 233 3.22 -40.61 -1.84
N ILE C 234 2.91 -41.51 -2.79
CA ILE C 234 3.27 -41.24 -4.20
C ILE C 234 2.46 -40.02 -4.79
N ILE C 235 1.20 -39.97 -4.61
CA ILE C 235 0.40 -38.92 -5.04
C ILE C 235 0.72 -37.57 -4.41
N SER C 236 0.99 -37.54 -3.08
CA SER C 236 1.30 -36.33 -2.42
C SER C 236 2.59 -35.72 -2.84
N SER C 237 3.65 -36.48 -3.04
CA SER C 237 4.94 -36.02 -3.41
C SER C 237 4.95 -35.42 -4.77
N VAL C 238 4.16 -35.98 -5.72
CA VAL C 238 4.00 -35.60 -7.12
C VAL C 238 3.41 -34.20 -7.28
N THR C 239 2.50 -33.85 -6.27
CA THR C 239 1.99 -32.53 -6.02
C THR C 239 2.86 -31.57 -5.27
N ASN C 240 4.02 -32.05 -4.70
CA ASN C 240 4.91 -31.19 -3.93
C ASN C 240 5.36 -29.94 -4.59
N SER C 241 5.74 -29.98 -5.89
CA SER C 241 6.15 -28.85 -6.68
C SER C 241 5.09 -27.87 -7.07
N ILE C 242 3.80 -28.30 -7.11
CA ILE C 242 2.66 -27.50 -7.37
C ILE C 242 2.39 -26.66 -6.15
N ARG C 243 2.43 -27.27 -4.99
CA ARG C 243 2.15 -26.76 -3.68
C ARG C 243 3.40 -26.00 -3.25
N PHE C 244 4.54 -26.16 -3.90
CA PHE C 244 5.71 -25.47 -3.43
C PHE C 244 5.95 -24.24 -4.35
N PRO C 245 5.83 -22.99 -3.93
CA PRO C 245 6.06 -21.90 -4.84
C PRO C 245 7.53 -21.76 -5.15
N SER C 246 7.74 -21.26 -6.42
CA SER C 246 8.96 -20.98 -7.16
C SER C 246 8.74 -21.78 -8.46
N TYR C 247 7.68 -22.56 -8.54
CA TYR C 247 7.44 -23.43 -9.69
C TYR C 247 6.07 -23.10 -10.18
N MET C 248 6.00 -23.27 -11.52
CA MET C 248 4.90 -22.79 -12.39
C MET C 248 5.27 -23.53 -13.67
N TYR C 249 6.29 -24.43 -13.67
CA TYR C 249 6.64 -25.37 -14.72
C TYR C 249 6.21 -26.70 -14.28
N SER C 250 5.76 -26.75 -13.02
CA SER C 250 5.24 -27.87 -12.33
C SER C 250 3.83 -28.18 -12.59
N SER C 251 3.20 -27.04 -13.07
CA SER C 251 1.97 -26.78 -13.69
C SER C 251 1.43 -27.99 -14.44
N MET C 252 0.12 -28.20 -14.16
CA MET C 252 -0.66 -29.37 -14.60
C MET C 252 -0.80 -29.40 -16.10
N SER C 253 -1.12 -28.23 -16.69
CA SER C 253 -1.26 -28.01 -18.10
C SER C 253 0.04 -28.19 -18.84
N SER C 254 1.22 -27.60 -18.41
CA SER C 254 2.39 -27.73 -19.23
C SER C 254 2.89 -29.12 -19.24
N ILE C 255 2.69 -29.86 -18.10
CA ILE C 255 3.03 -31.24 -17.92
C ILE C 255 2.21 -32.09 -18.79
N TYR C 256 0.88 -31.83 -18.87
CA TYR C 256 -0.01 -32.57 -19.63
C TYR C 256 0.25 -32.48 -21.15
N SER C 257 0.53 -31.24 -21.64
CA SER C 257 0.77 -30.94 -22.96
C SER C 257 1.98 -31.67 -23.47
N THR C 258 3.04 -31.70 -22.70
CA THR C 258 4.33 -32.32 -23.03
C THR C 258 4.21 -33.78 -23.05
N LEU C 259 3.47 -34.41 -22.04
CA LEU C 259 3.27 -35.84 -21.93
C LEU C 259 2.31 -36.57 -22.93
N ILE C 260 1.18 -35.84 -23.25
CA ILE C 260 -0.05 -36.40 -23.91
C ILE C 260 -0.18 -35.62 -25.14
N PRO C 261 0.01 -36.17 -26.37
CA PRO C 261 -0.13 -35.42 -27.57
C PRO C 261 -1.22 -36.01 -28.47
N SER C 262 -2.05 -37.00 -27.98
CA SER C 262 -3.23 -37.47 -28.62
C SER C 262 -4.09 -38.24 -27.61
N PRO C 263 -5.42 -38.48 -27.75
CA PRO C 263 -6.26 -39.00 -26.60
C PRO C 263 -6.09 -40.50 -26.60
N GLU C 264 -5.40 -41.17 -27.60
CA GLU C 264 -5.14 -42.55 -27.77
C GLU C 264 -4.15 -43.08 -26.82
N LEU C 265 -3.07 -42.33 -26.45
CA LEU C 265 -2.16 -42.61 -25.32
C LEU C 265 -2.56 -41.63 -24.29
N HIS C 266 -2.63 -42.15 -23.06
CA HIS C 266 -2.83 -41.29 -21.91
C HIS C 266 -2.72 -42.10 -20.66
N PHE C 267 -2.31 -43.38 -20.75
CA PHE C 267 -2.12 -44.23 -19.58
C PHE C 267 -0.69 -43.96 -19.13
N LEU C 268 -0.58 -43.54 -17.81
CA LEU C 268 0.71 -43.16 -17.29
C LEU C 268 1.07 -44.28 -16.36
N SER C 269 2.38 -44.51 -16.20
CA SER C 269 2.98 -45.35 -15.21
C SER C 269 3.90 -44.40 -14.46
N PRO C 270 3.89 -44.53 -13.15
CA PRO C 270 4.90 -43.89 -12.34
C PRO C 270 6.01 -44.86 -11.89
N SER C 271 7.18 -44.30 -11.51
CA SER C 271 8.23 -45.05 -10.86
C SER C 271 8.75 -44.09 -9.83
N PHE C 272 9.40 -44.74 -8.76
CA PHE C 272 9.57 -44.02 -7.54
C PHE C 272 10.79 -44.46 -6.83
N THR C 273 11.32 -43.48 -6.08
CA THR C 273 12.41 -43.67 -5.09
C THR C 273 12.26 -42.59 -4.09
N PRO C 274 12.48 -42.70 -2.74
CA PRO C 274 12.89 -43.87 -1.95
C PRO C 274 11.60 -44.63 -1.59
N PHE C 275 11.79 -45.86 -1.04
CA PHE C 275 10.67 -46.48 -0.36
C PHE C 275 11.13 -46.76 1.06
N THR C 276 12.41 -46.35 1.36
CA THR C 276 13.10 -46.52 2.65
C THR C 276 12.70 -45.33 3.46
N SER C 277 12.96 -45.39 4.75
CA SER C 277 12.69 -44.46 5.88
C SER C 277 11.35 -44.71 6.48
N ASP C 278 11.21 -45.92 7.11
CA ASP C 278 10.07 -46.21 7.93
C ASP C 278 10.55 -47.04 9.08
N TYR C 279 10.18 -46.75 10.33
CA TYR C 279 10.44 -47.62 11.50
C TYR C 279 11.93 -47.71 11.60
N ILE C 280 12.65 -46.63 11.86
CA ILE C 280 14.07 -46.66 11.77
C ILE C 280 14.81 -47.61 12.59
N HIS C 281 15.52 -48.57 11.95
CA HIS C 281 16.33 -49.56 12.67
C HIS C 281 17.24 -50.07 11.62
N ASP C 282 17.24 -49.55 10.37
CA ASP C 282 18.18 -49.90 9.34
C ASP C 282 18.63 -48.68 8.78
N ASP C 283 19.68 -48.86 8.01
CA ASP C 283 20.37 -47.72 7.36
C ASP C 283 19.50 -47.09 6.33
N ILE C 284 19.61 -45.79 6.19
CA ILE C 284 18.95 -44.91 5.33
C ILE C 284 20.05 -44.11 4.83
N ALA C 285 20.17 -43.92 3.53
CA ALA C 285 21.40 -43.24 3.10
C ALA C 285 20.96 -42.72 1.72
N HIS C 286 21.64 -41.60 1.28
CA HIS C 286 21.36 -40.81 0.12
C HIS C 286 21.89 -41.54 -1.06
N LYS C 287 21.16 -41.46 -2.18
CA LYS C 287 21.48 -42.28 -3.31
C LYS C 287 22.28 -41.36 -4.15
N CYS C 288 22.03 -41.29 -5.46
CA CYS C 288 22.52 -40.26 -6.35
C CYS C 288 21.57 -40.39 -7.54
N HIS C 289 21.75 -39.52 -8.59
CA HIS C 289 20.97 -39.47 -9.80
C HIS C 289 20.96 -40.76 -10.64
N SER C 290 22.18 -41.39 -10.83
CA SER C 290 22.27 -42.66 -11.60
C SER C 290 21.58 -43.77 -10.99
N SER C 291 21.75 -43.90 -9.64
CA SER C 291 21.18 -44.93 -8.85
C SER C 291 19.67 -44.74 -8.94
N TYR C 292 19.16 -43.48 -8.87
CA TYR C 292 17.76 -43.19 -8.86
C TYR C 292 17.13 -43.64 -10.16
N ASP C 293 17.73 -43.34 -11.33
CA ASP C 293 17.18 -43.68 -12.66
C ASP C 293 17.10 -45.18 -12.91
N VAL C 294 18.17 -45.95 -12.44
CA VAL C 294 18.35 -47.37 -12.55
C VAL C 294 17.27 -48.09 -11.69
N MET C 295 16.92 -47.59 -10.48
CA MET C 295 15.92 -48.35 -9.69
C MET C 295 14.53 -48.44 -10.30
N LEU C 296 14.11 -47.39 -10.98
CA LEU C 296 12.82 -47.12 -11.53
C LEU C 296 12.33 -48.15 -12.56
N ASP C 297 13.30 -48.77 -13.33
CA ASP C 297 13.06 -49.72 -14.44
C ASP C 297 12.60 -51.02 -13.89
N LEU C 298 13.04 -51.41 -12.62
CA LEU C 298 12.64 -52.63 -12.04
C LEU C 298 11.18 -52.70 -11.71
N LEU C 299 10.54 -53.90 -12.01
CA LEU C 299 9.09 -54.05 -12.22
C LEU C 299 8.30 -53.99 -10.93
N ASP C 300 8.56 -54.90 -9.98
CA ASP C 300 7.84 -54.87 -8.71
C ASP C 300 8.40 -53.83 -7.80
N PRO C 301 9.62 -53.27 -7.87
CA PRO C 301 10.00 -52.09 -7.11
C PRO C 301 9.37 -50.82 -7.62
N SER C 302 8.83 -50.75 -8.88
CA SER C 302 8.19 -49.58 -9.38
C SER C 302 6.76 -49.82 -9.11
N ASN C 303 5.96 -48.78 -9.05
CA ASN C 303 4.58 -48.83 -8.59
C ASN C 303 3.59 -49.57 -9.53
N SER C 304 3.98 -49.71 -10.79
CA SER C 304 3.10 -50.29 -11.73
C SER C 304 3.47 -51.70 -12.27
N LEU C 305 2.45 -52.62 -12.38
CA LEU C 305 2.78 -54.01 -12.83
C LEU C 305 2.24 -53.90 -14.21
N VAL C 306 3.11 -53.76 -15.22
CA VAL C 306 2.63 -53.63 -16.60
C VAL C 306 2.80 -54.87 -17.37
N SER C 307 3.43 -55.93 -16.70
CA SER C 307 3.89 -57.21 -17.20
C SER C 307 4.92 -57.00 -18.31
N THR C 308 6.02 -56.20 -18.11
CA THR C 308 7.10 -56.01 -19.10
C THR C 308 8.01 -57.16 -19.08
N ALA C 309 8.70 -57.26 -20.22
CA ALA C 309 9.68 -58.22 -20.45
C ALA C 309 11.01 -57.52 -20.27
N MET C 310 12.02 -58.07 -19.53
CA MET C 310 13.33 -57.55 -19.41
C MET C 310 13.44 -56.04 -19.02
N ASN C 311 12.50 -55.61 -18.12
CA ASN C 311 12.57 -54.42 -17.36
C ASN C 311 12.68 -53.25 -18.21
N ASN C 312 11.62 -52.98 -19.00
CA ASN C 312 11.40 -51.92 -19.90
C ASN C 312 12.45 -51.63 -21.00
N PRO C 313 12.63 -52.49 -21.97
CA PRO C 313 13.42 -52.23 -23.16
C PRO C 313 12.41 -51.89 -24.20
N THR C 314 11.13 -51.72 -23.76
CA THR C 314 9.93 -51.45 -24.47
C THR C 314 9.86 -49.98 -24.94
N TYR C 315 8.99 -49.67 -25.95
CA TYR C 315 8.85 -48.39 -26.55
C TYR C 315 8.24 -47.36 -25.59
N PHE C 316 9.00 -46.27 -25.29
CA PHE C 316 8.58 -45.16 -24.49
C PHE C 316 8.04 -44.22 -25.53
N ASN C 317 6.78 -43.74 -25.28
CA ASN C 317 6.31 -42.57 -26.02
C ASN C 317 6.88 -41.33 -25.44
N VAL C 318 6.93 -41.17 -24.04
CA VAL C 318 7.52 -39.96 -23.53
C VAL C 318 7.95 -40.28 -22.13
N TYR C 319 8.96 -39.46 -21.63
CA TYR C 319 9.58 -39.73 -20.35
C TYR C 319 9.63 -38.37 -19.77
N ASN C 320 9.31 -38.20 -18.42
CA ASN C 320 9.55 -37.05 -17.66
C ASN C 320 10.14 -37.65 -16.44
N THR C 321 11.30 -37.10 -15.96
CA THR C 321 11.88 -37.59 -14.66
C THR C 321 11.92 -36.45 -13.76
N ILE C 322 11.42 -36.59 -12.60
CA ILE C 322 11.35 -35.55 -11.58
C ILE C 322 12.25 -35.87 -10.34
N ILE C 323 13.28 -35.00 -10.13
CA ILE C 323 14.23 -35.24 -9.15
C ILE C 323 13.93 -34.32 -7.99
N GLY C 324 13.98 -34.95 -6.77
CA GLY C 324 13.71 -34.27 -5.52
C GLY C 324 14.88 -34.35 -4.62
N ASN C 325 15.33 -33.13 -4.21
CA ASN C 325 16.39 -32.74 -3.40
C ASN C 325 17.25 -31.85 -4.16
N VAL C 326 18.29 -31.34 -3.46
CA VAL C 326 19.42 -30.54 -3.92
C VAL C 326 20.48 -31.58 -4.28
N GLU C 327 20.90 -31.54 -5.56
CA GLU C 327 22.04 -32.32 -5.88
C GLU C 327 22.47 -31.65 -7.12
N PRO C 328 23.81 -31.49 -7.45
CA PRO C 328 24.34 -31.11 -8.76
C PRO C 328 23.70 -31.68 -9.89
N ARG C 329 23.03 -30.79 -10.59
CA ARG C 329 22.40 -31.06 -11.82
C ARG C 329 23.29 -31.44 -12.98
N GLN C 330 24.49 -30.86 -13.03
CA GLN C 330 25.41 -30.96 -14.16
C GLN C 330 25.91 -32.37 -14.40
N ILE C 331 26.13 -33.01 -13.27
CA ILE C 331 26.71 -34.34 -13.18
C ILE C 331 25.78 -35.24 -13.85
N SER C 332 24.46 -35.01 -13.49
CA SER C 332 23.36 -35.70 -14.03
C SER C 332 23.13 -35.42 -15.47
N ARG C 333 23.37 -34.16 -15.86
CA ARG C 333 23.00 -33.83 -17.24
C ARG C 333 23.84 -34.53 -18.26
N ALA C 334 25.15 -34.61 -17.95
CA ALA C 334 26.02 -35.38 -18.78
C ALA C 334 25.72 -36.87 -18.80
N MET C 335 25.38 -37.41 -17.57
CA MET C 335 25.05 -38.81 -17.53
C MET C 335 23.78 -39.11 -18.30
N THR C 336 22.75 -38.28 -18.23
CA THR C 336 21.49 -38.34 -18.96
C THR C 336 21.60 -38.19 -20.40
N LYS C 337 22.56 -37.32 -20.91
CA LYS C 337 22.86 -37.17 -22.25
C LYS C 337 23.43 -38.49 -22.81
N LEU C 338 24.31 -39.16 -22.05
CA LEU C 338 24.71 -40.54 -22.43
C LEU C 338 23.57 -41.62 -22.33
N GLN C 339 22.70 -41.58 -21.39
CA GLN C 339 21.61 -42.56 -21.22
C GLN C 339 20.56 -42.58 -22.38
N GLN C 340 20.22 -41.38 -22.95
CA GLN C 340 19.44 -41.32 -24.15
C GLN C 340 20.19 -41.84 -25.34
N ARG C 341 21.49 -41.52 -25.49
CA ARG C 341 22.24 -41.98 -26.58
C ARG C 341 22.30 -43.56 -26.55
N ILE C 342 22.52 -44.23 -25.35
CA ILE C 342 22.55 -45.72 -25.26
C ILE C 342 21.19 -46.16 -25.67
N LYS C 343 20.20 -45.34 -25.32
CA LYS C 343 18.79 -45.56 -25.58
C LYS C 343 18.26 -46.81 -24.87
N PHE C 344 17.88 -46.75 -23.52
CA PHE C 344 17.25 -47.93 -22.88
C PHE C 344 15.95 -48.42 -23.62
N PRO C 345 14.99 -47.62 -24.07
CA PRO C 345 13.73 -48.15 -24.70
C PRO C 345 14.02 -48.42 -26.12
N SER C 346 12.90 -48.40 -26.91
CA SER C 346 12.94 -48.51 -28.30
C SER C 346 12.40 -47.16 -28.81
N TRP C 347 12.65 -46.90 -30.10
CA TRP C 347 12.22 -45.75 -30.75
C TRP C 347 12.25 -46.08 -32.18
N SER C 348 11.50 -45.18 -32.88
CA SER C 348 11.41 -45.17 -34.32
C SER C 348 12.13 -43.90 -34.73
N SER C 349 12.44 -43.81 -36.04
CA SER C 349 13.16 -42.73 -36.61
C SER C 349 12.06 -41.81 -37.18
N SER C 350 10.78 -42.07 -36.77
CA SER C 350 9.69 -41.26 -37.29
C SER C 350 9.31 -40.30 -36.26
N ALA C 351 9.93 -40.41 -35.06
CA ALA C 351 9.77 -39.37 -34.01
C ALA C 351 11.01 -39.29 -33.25
N MET C 352 11.25 -38.13 -32.68
CA MET C 352 12.45 -37.84 -31.89
C MET C 352 12.37 -38.55 -30.56
N HIS C 353 13.51 -38.67 -29.80
CA HIS C 353 13.41 -39.19 -28.46
C HIS C 353 13.26 -37.99 -27.53
N VAL C 354 12.08 -37.90 -26.91
CA VAL C 354 11.69 -36.74 -26.11
C VAL C 354 11.73 -37.25 -24.72
N ASN C 355 12.63 -36.51 -24.01
CA ASN C 355 12.96 -36.74 -22.68
C ASN C 355 12.94 -35.46 -21.92
N ILE C 356 12.19 -35.43 -20.77
CA ILE C 356 11.97 -34.17 -20.11
C ILE C 356 12.51 -34.44 -18.72
N GLY C 357 12.94 -33.37 -17.99
CA GLY C 357 13.40 -33.57 -16.66
C GLY C 357 12.86 -32.40 -15.87
N ARG C 358 12.38 -32.63 -14.60
CA ARG C 358 11.93 -31.69 -13.72
C ARG C 358 12.69 -31.85 -12.47
N ARG C 359 13.04 -30.71 -11.79
CA ARG C 359 13.75 -30.69 -10.54
C ARG C 359 12.80 -29.98 -9.65
N SER C 360 12.71 -30.52 -8.36
CA SER C 360 11.76 -29.94 -7.46
C SER C 360 12.47 -30.08 -6.11
N PRO C 361 12.20 -29.25 -5.07
CA PRO C 361 12.94 -29.28 -3.88
C PRO C 361 11.96 -29.93 -2.87
N TYR C 362 11.97 -29.48 -1.62
CA TYR C 362 11.18 -29.97 -0.51
C TYR C 362 10.72 -28.73 0.19
N LEU C 363 9.54 -28.94 0.90
CA LEU C 363 8.97 -27.86 1.70
C LEU C 363 9.81 -27.42 2.90
N PRO C 364 9.95 -26.21 3.31
CA PRO C 364 10.71 -25.78 4.45
C PRO C 364 9.66 -25.53 5.61
N LEU C 365 8.36 -25.92 5.46
CA LEU C 365 7.35 -25.99 6.48
C LEU C 365 7.60 -27.30 7.29
N GLN C 366 8.48 -28.18 6.86
CA GLN C 366 8.81 -29.32 7.65
C GLN C 366 10.28 -29.50 7.40
N PRO C 367 11.02 -30.13 8.35
CA PRO C 367 12.48 -30.41 8.32
C PRO C 367 12.77 -31.46 7.28
N ASN C 368 13.97 -31.38 6.65
CA ASN C 368 14.46 -32.29 5.64
C ASN C 368 15.80 -32.74 5.83
N GLU C 369 16.18 -33.90 5.25
CA GLU C 369 17.54 -34.39 5.34
C GLU C 369 18.28 -34.23 4.04
N ASN C 370 17.54 -33.76 3.02
CA ASN C 370 17.95 -33.57 1.64
C ASN C 370 18.49 -34.89 1.07
N GLU C 371 17.65 -35.93 1.07
CA GLU C 371 17.99 -37.25 0.55
C GLU C 371 17.51 -37.32 -0.90
N VAL C 372 18.32 -37.93 -1.81
CA VAL C 372 18.03 -38.14 -3.21
C VAL C 372 16.86 -39.01 -3.46
N SER C 373 15.90 -38.30 -4.11
CA SER C 373 14.65 -38.92 -4.31
C SER C 373 14.21 -38.62 -5.70
N GLY C 374 13.12 -39.30 -6.18
CA GLY C 374 12.55 -38.92 -7.46
C GLY C 374 11.25 -39.57 -7.63
N MET C 375 10.39 -39.02 -8.58
CA MET C 375 9.31 -39.71 -9.21
C MET C 375 9.56 -39.52 -10.67
N MET C 376 9.16 -40.52 -11.47
CA MET C 376 9.14 -40.52 -12.92
C MET C 376 7.74 -40.68 -13.39
N LEU C 377 7.34 -39.86 -14.44
CA LEU C 377 6.12 -40.07 -15.11
C LEU C 377 6.38 -40.29 -16.55
N SER C 378 5.90 -41.48 -17.02
CA SER C 378 6.15 -41.93 -18.39
C SER C 378 4.87 -42.60 -18.88
N ASN C 379 4.79 -42.50 -20.23
CA ASN C 379 3.82 -43.12 -21.09
C ASN C 379 4.48 -44.20 -21.81
N MET C 380 4.17 -45.50 -21.44
CA MET C 380 4.78 -46.67 -22.10
C MET C 380 3.91 -47.73 -22.62
N SER C 381 4.28 -48.34 -23.79
CA SER C 381 3.48 -49.27 -24.54
C SER C 381 3.32 -50.60 -23.77
N THR C 382 4.23 -50.94 -22.82
CA THR C 382 4.31 -52.20 -22.15
C THR C 382 3.04 -52.53 -21.32
N VAL C 383 2.22 -51.51 -20.90
CA VAL C 383 0.95 -51.66 -20.10
C VAL C 383 -0.07 -52.57 -20.82
N VAL C 384 0.04 -52.58 -22.14
CA VAL C 384 -0.83 -53.32 -23.05
C VAL C 384 -0.73 -54.83 -22.74
N ASN C 385 0.38 -55.35 -22.18
CA ASN C 385 0.43 -56.78 -21.85
C ASN C 385 -0.71 -57.13 -20.86
N VAL C 386 -1.06 -56.24 -19.92
CA VAL C 386 -2.17 -56.33 -18.98
C VAL C 386 -3.52 -56.32 -19.55
N PHE C 387 -3.65 -55.38 -20.57
CA PHE C 387 -4.86 -55.29 -21.30
C PHE C 387 -5.19 -56.53 -22.12
N GLU C 388 -4.16 -57.17 -22.73
CA GLU C 388 -4.28 -58.44 -23.48
C GLU C 388 -4.73 -59.58 -22.58
N ASN C 389 -4.23 -59.64 -21.35
CA ASN C 389 -4.55 -60.62 -20.39
C ASN C 389 -6.03 -60.52 -19.99
N ALA C 390 -6.56 -59.29 -19.78
CA ALA C 390 -7.92 -58.95 -19.49
C ALA C 390 -8.88 -59.25 -20.56
N CYS C 391 -8.47 -58.96 -21.79
CA CYS C 391 -9.15 -59.25 -22.97
C CYS C 391 -9.29 -60.78 -23.12
N ASN C 392 -8.24 -61.63 -22.86
CA ASN C 392 -8.28 -63.06 -22.98
C ASN C 392 -9.24 -63.67 -22.06
N THR C 393 -9.27 -63.25 -20.76
CA THR C 393 -10.18 -63.68 -19.78
C THR C 393 -11.57 -63.27 -20.19
N PHE C 394 -11.72 -62.02 -20.73
CA PHE C 394 -12.99 -61.51 -21.16
C PHE C 394 -13.51 -62.32 -22.26
N ASP C 395 -12.77 -62.74 -23.31
CA ASP C 395 -13.19 -63.51 -24.41
C ASP C 395 -13.68 -64.85 -24.03
N LYS C 396 -12.93 -65.42 -23.10
CA LYS C 396 -13.24 -66.75 -22.53
C LYS C 396 -14.57 -66.79 -21.74
N VAL C 397 -14.95 -65.78 -20.87
CA VAL C 397 -16.20 -65.77 -20.20
C VAL C 397 -17.30 -65.66 -21.18
N PHE C 398 -17.07 -64.83 -22.27
CA PHE C 398 -18.08 -64.64 -23.31
C PHE C 398 -18.44 -65.91 -24.09
N ALA C 399 -17.39 -66.65 -24.47
CA ALA C 399 -17.38 -67.85 -25.23
C ALA C 399 -18.16 -68.91 -24.50
N LYS C 400 -17.95 -69.01 -23.16
CA LYS C 400 -18.62 -70.08 -22.42
C LYS C 400 -20.10 -69.85 -22.42
N GLY C 401 -20.53 -68.56 -22.41
CA GLY C 401 -21.89 -68.20 -22.37
C GLY C 401 -22.36 -68.34 -20.97
N ALA C 402 -21.57 -68.57 -19.96
CA ALA C 402 -21.93 -68.84 -18.64
C ALA C 402 -21.35 -67.80 -17.79
N PHE C 403 -22.09 -67.35 -16.64
CA PHE C 403 -21.72 -66.33 -15.70
C PHE C 403 -21.84 -64.92 -16.29
N LEU C 404 -22.53 -64.85 -17.51
CA LEU C 404 -22.89 -63.60 -18.16
C LEU C 404 -24.16 -62.99 -17.42
N ASN C 405 -24.86 -63.98 -16.82
CA ASN C 405 -26.16 -63.92 -16.27
C ASN C 405 -26.31 -62.80 -15.27
N ASN C 406 -25.32 -62.63 -14.29
CA ASN C 406 -25.62 -61.67 -13.22
C ASN C 406 -25.77 -60.23 -13.70
N TYR C 407 -24.92 -59.83 -14.68
CA TYR C 407 -25.05 -58.58 -15.34
C TYR C 407 -26.28 -58.44 -16.16
N ASN C 408 -26.60 -59.56 -16.88
CA ASN C 408 -27.69 -59.64 -17.87
C ASN C 408 -29.06 -59.41 -17.26
N VAL C 409 -29.31 -59.77 -15.97
CA VAL C 409 -30.59 -59.55 -15.40
C VAL C 409 -31.07 -58.08 -15.29
N GLY C 410 -30.09 -57.15 -15.07
CA GLY C 410 -30.29 -55.68 -15.04
C GLY C 410 -30.78 -55.38 -16.36
N ASP C 411 -31.59 -54.31 -16.44
CA ASP C 411 -32.24 -53.94 -17.69
C ASP C 411 -31.32 -53.58 -18.86
N LEU C 412 -30.19 -52.86 -18.65
CA LEU C 412 -29.26 -52.30 -19.59
C LEU C 412 -28.63 -53.37 -20.39
N PHE C 413 -28.23 -54.47 -19.73
CA PHE C 413 -27.65 -55.63 -20.30
C PHE C 413 -28.64 -56.57 -20.84
N GLN C 414 -29.92 -56.46 -20.44
CA GLN C 414 -30.94 -57.30 -20.96
C GLN C 414 -31.37 -56.87 -22.35
N SER C 415 -31.46 -55.51 -22.58
CA SER C 415 -31.94 -54.87 -23.81
C SER C 415 -30.93 -55.11 -24.90
N MET C 416 -29.65 -55.02 -24.46
CA MET C 416 -28.57 -55.17 -25.42
C MET C 416 -27.54 -55.81 -24.61
N GLN C 417 -26.94 -56.94 -25.11
CA GLN C 417 -25.77 -57.60 -24.54
C GLN C 417 -24.70 -57.38 -25.63
N ASN C 418 -25.06 -56.51 -26.61
CA ASN C 418 -24.34 -56.05 -27.76
C ASN C 418 -23.25 -55.23 -27.29
N VAL C 419 -23.49 -54.42 -26.20
CA VAL C 419 -22.59 -53.45 -25.65
C VAL C 419 -21.37 -54.02 -25.21
N GLN C 420 -21.30 -55.18 -24.59
CA GLN C 420 -20.03 -55.71 -24.15
C GLN C 420 -19.15 -56.04 -25.32
N ASP C 421 -19.77 -56.62 -26.39
CA ASP C 421 -19.11 -57.09 -27.60
C ASP C 421 -18.45 -55.92 -28.33
N GLU C 422 -19.18 -54.76 -28.39
CA GLU C 422 -18.75 -53.54 -29.01
C GLU C 422 -17.56 -53.04 -28.29
N PHE C 423 -17.56 -53.07 -26.90
CA PHE C 423 -16.36 -52.67 -26.12
C PHE C 423 -15.12 -53.56 -26.37
N ALA C 424 -15.24 -54.89 -26.44
CA ALA C 424 -14.21 -55.82 -26.65
C ALA C 424 -13.51 -55.57 -27.95
N GLU C 425 -14.36 -55.27 -28.98
CA GLU C 425 -13.92 -54.97 -30.36
C GLU C 425 -13.19 -53.72 -30.35
N SER C 426 -13.63 -52.66 -29.67
CA SER C 426 -13.02 -51.37 -29.55
C SER C 426 -11.64 -51.48 -28.85
N ARG C 427 -11.67 -52.26 -27.82
CA ARG C 427 -10.55 -52.45 -26.91
C ARG C 427 -9.43 -53.10 -27.68
N GLU C 428 -9.74 -54.02 -28.67
CA GLU C 428 -8.75 -54.66 -29.57
C GLU C 428 -8.12 -53.62 -30.45
N VAL C 429 -8.93 -52.63 -30.90
CA VAL C 429 -8.50 -51.41 -31.67
C VAL C 429 -7.57 -50.55 -30.85
N VAL C 430 -7.77 -50.31 -29.56
CA VAL C 430 -6.89 -49.50 -28.71
C VAL C 430 -5.50 -50.19 -28.60
N GLN C 431 -5.51 -51.50 -28.38
CA GLN C 431 -4.29 -52.27 -28.35
C GLN C 431 -3.60 -52.23 -29.67
N SER C 432 -4.31 -52.31 -30.83
CA SER C 432 -3.74 -52.29 -32.17
C SER C 432 -3.01 -50.99 -32.52
N LEU C 433 -3.59 -49.85 -32.12
CA LEU C 433 -3.02 -48.56 -32.27
C LEU C 433 -1.79 -48.32 -31.50
N MET C 434 -1.73 -48.83 -30.25
CA MET C 434 -0.52 -48.79 -29.38
C MET C 434 0.62 -49.60 -30.01
N GLU C 435 0.38 -50.75 -30.64
CA GLU C 435 1.34 -51.53 -31.32
C GLU C 435 1.91 -50.86 -32.55
N ASP C 436 1.03 -50.11 -33.30
CA ASP C 436 1.37 -49.36 -34.50
C ASP C 436 2.28 -48.25 -34.17
N TYR C 437 2.05 -47.68 -32.97
CA TYR C 437 2.87 -46.63 -32.37
C TYR C 437 4.27 -46.98 -32.12
N VAL C 438 4.62 -48.25 -31.87
CA VAL C 438 6.02 -48.65 -31.69
C VAL C 438 6.79 -48.45 -33.05
N ALA C 439 6.07 -48.65 -34.17
CA ALA C 439 6.78 -48.52 -35.40
C ALA C 439 6.86 -47.06 -35.96
N ALA C 440 7.59 -46.99 -37.10
CA ALA C 440 7.69 -45.82 -37.92
C ALA C 440 6.42 -45.42 -38.55
N GLU C 441 5.60 -46.43 -38.83
CA GLU C 441 4.36 -46.49 -39.53
C GLU C 441 3.25 -45.61 -38.94
N GLN C 442 3.43 -45.24 -37.64
CA GLN C 442 2.51 -44.52 -36.74
C GLN C 442 2.05 -43.24 -37.36
N ASP C 443 2.91 -42.44 -38.04
CA ASP C 443 2.47 -41.19 -38.68
C ASP C 443 2.32 -41.41 -40.16
N SER C 444 2.21 -40.32 -41.01
CA SER C 444 1.92 -40.31 -42.41
C SER C 444 3.15 -40.74 -43.12
N TYR C 445 4.35 -40.76 -42.49
CA TYR C 445 5.63 -41.18 -43.03
C TYR C 445 5.88 -42.41 -42.08
N MET D 1 -42.42 6.79 16.75
CA MET D 1 -41.30 7.15 15.86
C MET D 1 -40.94 5.87 15.13
N GLY D 2 -40.67 6.01 13.84
CA GLY D 2 -40.26 4.99 12.90
C GLY D 2 -41.43 4.32 12.26
N GLY D 3 -42.64 4.73 12.69
CA GLY D 3 -43.88 4.21 12.18
C GLY D 3 -44.26 2.84 12.94
N GLU D 4 -45.30 2.87 13.81
CA GLU D 4 -45.55 1.74 14.72
C GLU D 4 -46.26 0.60 14.01
N ILE D 5 -45.97 -0.61 14.48
CA ILE D 5 -46.56 -1.85 14.02
C ILE D 5 -47.22 -2.57 15.13
N ILE D 6 -48.40 -3.13 14.86
CA ILE D 6 -49.22 -3.95 15.76
C ILE D 6 -49.15 -5.36 15.13
N THR D 7 -48.87 -6.38 15.97
CA THR D 7 -48.77 -7.78 15.54
C THR D 7 -50.06 -8.36 16.06
N LEU D 8 -50.71 -9.17 15.20
CA LEU D 8 -51.86 -9.93 15.54
C LEU D 8 -51.44 -11.33 15.44
N GLN D 9 -51.68 -12.08 16.51
CA GLN D 9 -51.27 -13.45 16.64
C GLN D 9 -52.52 -14.21 16.76
N ALA D 10 -52.71 -15.21 15.90
CA ALA D 10 -53.94 -15.90 15.67
C ALA D 10 -53.43 -17.28 15.71
N GLY D 11 -54.19 -18.21 16.29
CA GLY D 11 -53.92 -19.61 16.30
C GLY D 11 -52.73 -19.98 17.19
N GLN D 12 -52.34 -21.24 17.32
CA GLN D 12 -51.37 -21.83 18.25
C GLN D 12 -50.03 -21.24 17.91
N CYS D 13 -49.77 -21.29 16.65
CA CYS D 13 -48.48 -21.08 16.04
C CYS D 13 -48.00 -19.65 16.23
N GLY D 14 -48.92 -18.67 15.93
CA GLY D 14 -48.66 -17.25 16.06
C GLY D 14 -48.33 -16.88 17.42
N ASN D 15 -49.11 -17.45 18.38
CA ASN D 15 -48.89 -17.13 19.79
C ASN D 15 -47.53 -17.67 20.25
N HIS D 16 -47.10 -18.92 19.81
CA HIS D 16 -45.88 -19.62 20.16
C HIS D 16 -44.63 -18.91 19.63
N VAL D 17 -44.72 -18.58 18.32
CA VAL D 17 -43.71 -17.87 17.50
C VAL D 17 -43.66 -16.49 18.07
N GLY D 18 -44.79 -15.87 18.46
CA GLY D 18 -44.77 -14.58 19.09
C GLY D 18 -43.99 -14.54 20.45
N LYS D 19 -44.11 -15.55 21.33
CA LYS D 19 -43.43 -15.61 22.63
C LYS D 19 -41.90 -15.64 22.43
N PHE D 20 -41.51 -16.42 21.48
CA PHE D 20 -40.08 -16.57 21.08
C PHE D 20 -39.52 -15.34 20.52
N LEU D 21 -40.31 -14.58 19.72
CA LEU D 21 -39.94 -13.33 19.07
C LEU D 21 -39.58 -12.34 20.15
N TRP D 22 -40.44 -12.31 21.19
CA TRP D 22 -40.24 -11.36 22.26
C TRP D 22 -38.99 -11.61 23.01
N SER D 23 -38.60 -12.89 23.31
CA SER D 23 -37.38 -13.15 23.99
C SER D 23 -36.26 -12.67 23.20
N GLN D 24 -36.33 -12.89 21.84
CA GLN D 24 -35.23 -12.51 20.96
C GLN D 24 -35.04 -10.96 20.90
N LEU D 25 -36.11 -10.15 20.78
CA LEU D 25 -36.05 -8.66 20.80
C LEU D 25 -35.60 -8.13 22.10
N ALA D 26 -36.08 -8.74 23.23
CA ALA D 26 -35.71 -8.37 24.55
C ALA D 26 -34.23 -8.51 24.90
N LYS D 27 -33.60 -9.58 24.45
CA LYS D 27 -32.12 -9.81 24.56
C LYS D 27 -31.27 -8.87 23.83
N GLU D 28 -31.72 -8.66 22.56
CA GLU D 28 -31.01 -7.88 21.55
C GLU D 28 -30.97 -6.40 22.00
N HIS D 29 -32.04 -5.87 22.56
CA HIS D 29 -32.18 -4.48 22.97
C HIS D 29 -31.81 -4.27 24.40
N ALA D 30 -31.04 -5.21 25.07
CA ALA D 30 -30.53 -5.12 26.41
C ALA D 30 -31.61 -4.67 27.42
N ILE D 31 -32.74 -5.37 27.48
CA ILE D 31 -33.85 -5.13 28.37
C ILE D 31 -34.23 -6.55 28.90
N GLY D 32 -35.00 -6.50 30.01
CA GLY D 32 -35.36 -7.58 30.93
C GLY D 32 -36.44 -8.42 30.26
N THR D 33 -36.96 -9.40 31.04
CA THR D 33 -37.99 -10.43 30.76
C THR D 33 -39.29 -9.87 31.33
N ASP D 34 -39.18 -8.63 31.82
CA ASP D 34 -40.24 -7.71 32.22
C ASP D 34 -40.03 -6.35 31.57
N GLY D 35 -39.04 -6.29 30.66
CA GLY D 35 -38.72 -5.10 29.90
C GLY D 35 -37.98 -4.14 30.64
N LEU D 36 -37.64 -4.42 31.91
CA LEU D 36 -36.89 -3.53 32.73
C LEU D 36 -35.50 -3.30 32.14
N SER D 37 -35.09 -2.00 31.96
CA SER D 37 -33.80 -1.59 31.39
C SER D 37 -32.60 -2.26 32.06
N GLN D 38 -31.44 -2.27 31.35
CA GLN D 38 -30.23 -2.80 31.98
C GLN D 38 -29.57 -1.63 32.72
N LEU D 39 -29.32 -1.74 34.05
CA LEU D 39 -28.94 -0.61 34.87
C LEU D 39 -27.67 0.13 34.43
N PRO D 40 -26.39 -0.33 34.37
CA PRO D 40 -25.24 0.52 33.79
C PRO D 40 -25.52 0.91 32.38
N ASP D 41 -24.76 1.83 31.71
CA ASP D 41 -25.05 2.22 30.29
C ASP D 41 -24.86 1.04 29.36
N SER D 42 -25.99 0.55 28.90
CA SER D 42 -26.04 -0.48 27.89
C SER D 42 -26.72 -0.02 26.64
N SER D 43 -27.16 1.28 26.65
CA SER D 43 -27.94 1.87 25.63
C SER D 43 -27.99 3.36 25.88
N THR D 44 -27.25 4.26 25.13
CA THR D 44 -27.12 5.67 25.37
C THR D 44 -27.53 6.32 24.07
N GLU D 45 -28.49 5.69 23.30
CA GLU D 45 -29.04 6.04 22.05
C GLU D 45 -28.16 5.61 20.93
N ARG D 46 -27.32 4.58 21.22
CA ARG D 46 -26.53 3.82 20.28
C ARG D 46 -27.41 3.07 19.37
N ASP D 47 -28.58 2.65 19.95
CA ASP D 47 -29.64 2.08 19.19
C ASP D 47 -30.83 2.81 19.76
N ASP D 48 -31.85 2.71 18.95
CA ASP D 48 -33.18 3.20 19.27
C ASP D 48 -34.07 1.95 19.53
N ASP D 49 -34.54 1.76 20.76
CA ASP D 49 -35.18 0.56 21.08
C ASP D 49 -36.55 0.87 20.49
N THR D 50 -37.06 -0.06 19.75
CA THR D 50 -38.16 0.00 18.81
C THR D 50 -39.50 0.23 19.54
N LYS D 51 -39.95 1.51 19.55
CA LYS D 51 -41.29 1.90 19.88
C LYS D 51 -42.29 1.26 18.88
N PRO D 52 -42.01 0.86 17.61
CA PRO D 52 -42.98 0.05 16.86
C PRO D 52 -43.37 -1.27 17.51
N PHE D 53 -42.56 -1.97 18.24
CA PHE D 53 -42.94 -3.31 18.76
C PHE D 53 -43.13 -3.15 20.25
N PHE D 54 -42.76 -1.99 20.81
CA PHE D 54 -42.79 -1.76 22.23
C PHE D 54 -43.59 -0.61 22.58
N ARG D 55 -44.05 -0.58 23.84
CA ARG D 55 -44.50 0.65 24.37
C ARG D 55 -43.80 0.64 25.64
N GLU D 56 -43.62 1.86 26.11
CA GLU D 56 -42.89 2.26 27.30
C GLU D 56 -43.95 2.60 28.29
N ASN D 57 -43.75 2.07 29.46
CA ASN D 57 -44.53 2.43 30.71
C ASN D 57 -43.67 3.46 31.26
N CYS D 58 -44.06 4.08 32.41
CA CYS D 58 -43.25 5.16 32.95
C CYS D 58 -42.52 4.69 34.18
N ARG D 59 -42.55 3.35 34.48
CA ARG D 59 -41.61 2.56 35.29
C ARG D 59 -40.38 2.21 34.47
N ASN D 60 -40.63 2.38 33.12
CA ASN D 60 -39.76 2.14 31.97
C ASN D 60 -39.53 0.68 31.79
N LYS D 61 -40.65 -0.04 31.92
CA LYS D 61 -40.68 -1.46 31.76
C LYS D 61 -41.36 -1.53 30.48
N PHE D 62 -40.64 -2.02 29.49
CA PHE D 62 -41.05 -2.05 28.11
C PHE D 62 -42.01 -3.18 28.05
N THR D 63 -43.06 -3.03 27.16
CA THR D 63 -44.09 -4.00 27.04
C THR D 63 -44.26 -4.26 25.58
N PRO D 64 -44.50 -5.42 24.98
CA PRO D 64 -44.74 -5.61 23.55
C PRO D 64 -46.12 -5.07 23.14
N ARG D 65 -46.31 -4.38 21.93
CA ARG D 65 -47.49 -3.87 21.33
C ARG D 65 -48.07 -4.99 20.50
N ALA D 66 -48.72 -5.97 21.09
CA ALA D 66 -49.17 -7.16 20.40
C ALA D 66 -50.55 -7.56 20.85
N ILE D 67 -51.43 -8.17 20.01
CA ILE D 67 -52.73 -8.64 20.39
C ILE D 67 -52.66 -10.11 20.10
N MET D 68 -53.06 -10.91 21.05
CA MET D 68 -53.10 -12.33 21.01
C MET D 68 -54.47 -12.70 21.05
N MET D 69 -54.84 -13.62 20.07
CA MET D 69 -56.12 -14.23 19.98
C MET D 69 -55.73 -15.66 19.71
N ASP D 70 -56.45 -16.54 20.39
CA ASP D 70 -56.33 -17.97 20.39
C ASP D 70 -57.30 -18.39 21.53
N SER D 71 -57.14 -19.62 22.06
CA SER D 71 -57.73 -20.00 23.31
C SER D 71 -56.62 -20.00 24.28
N GLU D 72 -56.82 -20.69 25.44
CA GLU D 72 -56.05 -20.61 26.69
C GLU D 72 -54.63 -21.13 26.55
N PRO D 73 -54.22 -22.24 25.92
CA PRO D 73 -52.91 -22.89 26.15
C PRO D 73 -51.69 -22.06 25.94
N SER D 74 -51.57 -21.33 24.79
CA SER D 74 -50.34 -20.63 24.47
C SER D 74 -50.15 -19.46 25.44
N VAL D 75 -51.25 -18.73 25.71
CA VAL D 75 -51.22 -17.62 26.59
C VAL D 75 -50.81 -18.02 28.01
N ILE D 76 -51.29 -19.23 28.44
CA ILE D 76 -50.99 -19.79 29.76
C ILE D 76 -49.50 -20.04 29.98
N ALA D 77 -48.82 -20.58 28.93
CA ALA D 77 -47.44 -20.90 28.98
C ALA D 77 -46.65 -19.64 29.24
N ASP D 78 -47.00 -18.49 28.56
CA ASP D 78 -46.33 -17.22 28.83
C ASP D 78 -46.51 -16.66 30.20
N VAL D 79 -47.76 -16.74 30.73
CA VAL D 79 -48.21 -16.31 31.96
C VAL D 79 -47.55 -17.15 33.05
N GLU D 80 -47.23 -18.49 32.79
CA GLU D 80 -46.50 -19.24 33.79
C GLU D 80 -45.11 -18.76 33.97
N ASN D 81 -44.55 -18.35 32.83
CA ASN D 81 -43.22 -17.93 32.73
C ASN D 81 -43.11 -16.56 33.29
N THR D 82 -41.84 -16.27 33.46
CA THR D 82 -41.37 -14.93 33.88
C THR D 82 -41.37 -13.94 32.67
N PHE D 83 -41.95 -14.43 31.56
CA PHE D 83 -42.09 -13.64 30.37
C PHE D 83 -43.30 -12.72 30.53
N ARG D 84 -44.20 -13.01 31.54
CA ARG D 84 -45.34 -12.17 31.89
C ARG D 84 -44.70 -10.91 32.41
N GLY D 85 -45.25 -9.73 32.02
CA GLY D 85 -44.67 -8.43 32.39
C GLY D 85 -43.89 -7.90 31.20
N PHE D 86 -43.96 -8.72 30.12
CA PHE D 86 -43.57 -8.41 28.77
C PHE D 86 -44.71 -8.99 28.04
N PHE D 87 -45.93 -8.95 28.66
CA PHE D 87 -47.18 -9.55 28.25
C PHE D 87 -48.04 -8.40 28.59
N ASP D 88 -49.36 -8.46 28.30
CA ASP D 88 -50.39 -7.63 28.79
C ASP D 88 -51.57 -8.55 28.84
N PRO D 89 -52.14 -8.83 29.98
CA PRO D 89 -53.29 -9.64 30.09
C PRO D 89 -54.48 -8.97 29.37
N ARG D 90 -54.60 -7.66 29.21
CA ARG D 90 -55.69 -7.05 28.40
C ARG D 90 -55.67 -7.33 26.87
N ASN D 91 -54.49 -7.48 26.32
CA ASN D 91 -54.30 -7.77 24.87
C ASN D 91 -54.72 -9.19 24.56
N THR D 92 -54.81 -10.05 25.56
CA THR D 92 -54.96 -11.45 25.54
C THR D 92 -56.42 -11.70 25.60
N TRP D 93 -56.89 -12.49 24.57
CA TRP D 93 -58.34 -12.82 24.41
C TRP D 93 -58.20 -14.32 24.22
N VAL D 94 -59.06 -14.97 25.03
CA VAL D 94 -59.09 -16.43 25.07
C VAL D 94 -60.56 -16.60 24.87
N ALA D 95 -60.82 -17.47 23.85
CA ALA D 95 -62.05 -18.06 23.57
C ALA D 95 -62.68 -18.83 24.72
N SER D 96 -63.95 -18.50 24.94
CA SER D 96 -64.79 -19.20 25.87
C SER D 96 -66.19 -19.04 25.15
N ASP D 97 -66.20 -18.96 23.83
CA ASP D 97 -67.31 -18.66 23.02
C ASP D 97 -66.93 -19.17 21.61
N GLY D 98 -65.84 -19.97 21.64
CA GLY D 98 -65.33 -20.55 20.40
C GLY D 98 -66.07 -21.80 20.10
N ALA D 99 -66.14 -22.70 21.15
CA ALA D 99 -66.82 -23.96 21.25
C ALA D 99 -66.50 -24.85 20.03
N SER D 100 -65.24 -25.05 19.76
CA SER D 100 -64.69 -25.93 18.77
C SER D 100 -64.74 -25.31 17.36
N ALA D 101 -63.58 -24.88 16.78
CA ALA D 101 -63.41 -24.46 15.38
C ALA D 101 -63.70 -25.59 14.50
N GLY D 102 -63.31 -26.76 14.97
CA GLY D 102 -63.57 -28.07 14.28
C GLY D 102 -62.77 -28.43 13.10
N ASN D 103 -61.86 -27.46 12.76
CA ASN D 103 -61.06 -27.45 11.57
C ASN D 103 -61.92 -26.91 10.39
N SER D 104 -62.76 -25.92 10.71
CA SER D 104 -63.65 -25.39 9.73
C SER D 104 -63.44 -23.85 9.81
N TRP D 105 -63.25 -23.26 8.58
CA TRP D 105 -62.93 -21.85 8.43
C TRP D 105 -64.06 -21.03 8.89
N ALA D 106 -65.31 -21.45 8.49
CA ALA D 106 -66.53 -20.72 8.58
C ALA D 106 -66.80 -20.46 10.04
N ASN D 107 -66.54 -21.54 10.84
CA ASN D 107 -66.81 -21.65 12.24
C ASN D 107 -65.98 -20.62 12.90
N GLY D 108 -64.67 -20.48 12.47
CA GLY D 108 -63.75 -19.48 13.00
C GLY D 108 -64.08 -18.08 12.67
N TYR D 109 -64.52 -17.90 11.39
CA TYR D 109 -64.78 -16.61 10.86
C TYR D 109 -65.90 -16.04 11.59
N ASP D 110 -66.94 -16.85 11.79
CA ASP D 110 -68.09 -16.61 12.51
C ASP D 110 -67.98 -16.35 14.01
N ILE D 111 -67.12 -17.02 14.76
CA ILE D 111 -66.91 -16.70 16.17
C ILE D 111 -66.30 -15.38 16.33
N GLY D 112 -65.37 -15.01 15.38
CA GLY D 112 -64.74 -13.74 15.34
C GLY D 112 -65.76 -12.62 15.23
N THR D 113 -66.87 -12.79 14.37
CA THR D 113 -67.96 -11.83 14.21
C THR D 113 -68.81 -11.52 15.36
N ARG D 114 -69.04 -12.56 16.11
CA ARG D 114 -69.77 -12.57 17.33
C ARG D 114 -69.09 -11.79 18.42
N ASN D 115 -67.71 -11.95 18.53
CA ASN D 115 -67.03 -11.21 19.61
C ASN D 115 -66.27 -10.02 18.96
N GLN D 116 -66.90 -9.33 17.89
CA GLN D 116 -66.20 -8.27 17.20
C GLN D 116 -65.93 -7.13 18.04
N ASP D 117 -66.83 -6.65 18.86
CA ASP D 117 -66.62 -5.49 19.64
C ASP D 117 -65.54 -5.55 20.71
N ASP D 118 -65.46 -6.61 21.58
CA ASP D 118 -64.52 -6.83 22.69
C ASP D 118 -63.22 -6.93 22.09
N ILE D 119 -63.08 -7.59 20.93
CA ILE D 119 -61.86 -7.72 20.12
C ILE D 119 -61.39 -6.42 19.51
N LEU D 120 -62.28 -5.65 19.01
CA LEU D 120 -62.08 -4.39 18.38
C LEU D 120 -61.58 -3.41 19.46
N ASN D 121 -62.05 -3.52 20.75
CA ASN D 121 -61.66 -2.77 21.95
C ASN D 121 -60.22 -2.97 22.26
N LYS D 122 -59.68 -4.25 22.15
CA LYS D 122 -58.24 -4.48 22.37
C LYS D 122 -57.45 -3.80 21.27
N ILE D 123 -57.92 -3.94 20.04
CA ILE D 123 -57.24 -3.36 18.90
C ILE D 123 -57.26 -1.81 18.98
N ASP D 124 -58.42 -1.19 19.28
CA ASP D 124 -58.61 0.26 19.35
C ASP D 124 -57.74 0.87 20.46
N LYS D 125 -57.59 0.22 21.58
CA LYS D 125 -56.75 0.64 22.72
C LYS D 125 -55.28 0.76 22.36
N GLU D 126 -54.82 -0.26 21.63
CA GLU D 126 -53.55 -0.43 21.01
C GLU D 126 -53.34 0.61 19.89
N ILE D 127 -54.32 0.93 19.07
CA ILE D 127 -54.36 1.92 18.00
C ILE D 127 -54.21 3.26 18.68
N ASP D 128 -54.94 3.53 19.78
CA ASP D 128 -54.99 4.83 20.47
C ASP D 128 -53.64 5.23 21.14
N SER D 129 -52.90 4.25 21.68
CA SER D 129 -51.54 4.55 22.20
C SER D 129 -50.64 4.88 21.08
N THR D 130 -50.89 4.54 19.76
CA THR D 130 -50.07 4.75 18.63
C THR D 130 -49.65 6.13 18.29
N ASP D 131 -48.46 6.43 17.79
CA ASP D 131 -48.07 7.84 17.41
C ASP D 131 -48.54 7.94 15.99
N ASN D 132 -47.80 7.48 14.96
CA ASN D 132 -48.33 7.42 13.66
C ASN D 132 -48.07 5.95 13.20
N PHE D 133 -49.19 5.27 12.82
CA PHE D 133 -49.24 3.88 12.61
C PHE D 133 -48.72 3.58 11.30
N GLU D 134 -47.65 2.74 11.23
CA GLU D 134 -47.21 2.24 9.94
C GLU D 134 -48.07 1.24 9.37
N GLY D 135 -48.44 0.24 10.25
CA GLY D 135 -49.26 -0.90 9.75
C GLY D 135 -49.30 -2.09 10.63
N PHE D 136 -49.82 -3.15 10.07
CA PHE D 136 -50.13 -4.34 10.86
C PHE D 136 -49.29 -5.52 10.39
N GLN D 137 -48.93 -6.50 11.25
CA GLN D 137 -48.38 -7.79 10.82
C GLN D 137 -49.36 -8.87 11.43
N LEU D 138 -49.88 -9.85 10.68
CA LEU D 138 -50.75 -10.90 11.08
C LEU D 138 -49.91 -12.14 10.98
N LEU D 139 -49.87 -12.90 12.09
CA LEU D 139 -49.10 -14.11 12.23
C LEU D 139 -50.11 -15.16 12.32
N HIS D 140 -50.08 -16.20 11.43
CA HIS D 140 -51.03 -17.27 11.54
C HIS D 140 -50.72 -18.44 10.64
N SER D 141 -51.50 -19.51 10.69
CA SER D 141 -51.40 -20.74 9.83
C SER D 141 -52.64 -20.92 9.08
N VAL D 142 -52.54 -21.49 7.88
CA VAL D 142 -53.68 -21.71 7.06
C VAL D 142 -53.81 -23.19 6.90
N ALA D 143 -55.10 -23.59 7.01
CA ALA D 143 -55.57 -24.98 6.96
C ALA D 143 -55.96 -25.31 8.30
N GLY D 144 -55.97 -24.25 9.17
CA GLY D 144 -56.35 -24.39 10.57
C GLY D 144 -57.84 -24.19 10.60
N GLY D 145 -58.47 -24.37 11.77
CA GLY D 145 -59.78 -23.84 11.97
C GLY D 145 -59.70 -22.41 12.39
N THR D 146 -58.86 -22.12 13.47
CA THR D 146 -58.62 -20.87 14.18
C THR D 146 -57.82 -20.03 13.33
N GLY D 147 -56.67 -20.62 12.87
CA GLY D 147 -55.57 -19.93 12.22
C GLY D 147 -56.11 -19.35 10.97
N SER D 148 -56.97 -20.13 10.29
CA SER D 148 -57.65 -19.70 9.09
C SER D 148 -58.72 -18.66 9.24
N GLY D 149 -59.82 -19.02 9.99
CA GLY D 149 -61.11 -18.33 10.02
C GLY D 149 -61.13 -17.02 10.68
N LEU D 150 -60.62 -16.97 11.95
CA LEU D 150 -60.64 -15.79 12.75
C LEU D 150 -59.77 -14.74 12.19
N GLY D 151 -58.54 -15.05 11.62
CA GLY D 151 -57.58 -14.14 10.94
C GLY D 151 -58.12 -13.53 9.72
N SER D 152 -58.82 -14.30 8.90
CA SER D 152 -59.47 -13.77 7.73
C SER D 152 -60.52 -12.83 8.06
N ASN D 153 -61.30 -13.07 9.16
CA ASN D 153 -62.36 -12.21 9.52
C ASN D 153 -61.85 -10.83 9.95
N LEU D 154 -60.76 -10.84 10.72
CA LEU D 154 -60.17 -9.66 11.26
C LEU D 154 -59.59 -8.79 10.13
N LEU D 155 -59.00 -9.50 9.16
CA LEU D 155 -58.31 -8.81 8.08
C LEU D 155 -59.14 -7.98 7.18
N GLU D 156 -60.38 -8.53 6.84
CA GLU D 156 -61.40 -7.87 6.05
C GLU D 156 -61.95 -6.71 6.79
N ALA D 157 -62.19 -6.82 8.08
CA ALA D 157 -62.66 -5.68 8.91
C ALA D 157 -61.58 -4.59 8.94
N LEU D 158 -60.32 -4.95 9.09
CA LEU D 158 -59.24 -3.97 9.25
C LEU D 158 -59.12 -3.21 8.01
N CYS D 159 -59.33 -3.87 6.83
CA CYS D 159 -59.24 -3.36 5.50
C CYS D 159 -60.19 -2.21 5.28
N ASP D 160 -61.44 -2.35 5.65
CA ASP D 160 -62.53 -1.41 5.62
C ASP D 160 -62.28 -0.32 6.65
N ARG D 161 -61.93 -0.64 7.92
CA ARG D 161 -61.86 0.35 8.98
C ARG D 161 -60.74 1.27 8.76
N TYR D 162 -59.55 0.79 8.48
CA TYR D 162 -58.43 1.70 8.28
C TYR D 162 -57.88 1.45 6.88
N PRO D 163 -58.21 2.32 5.95
CA PRO D 163 -57.86 2.00 4.57
C PRO D 163 -56.55 2.69 4.12
N LYS D 164 -55.88 3.42 4.99
CA LYS D 164 -54.77 4.18 4.63
C LYS D 164 -53.52 3.52 5.13
N LYS D 165 -53.53 2.30 5.78
CA LYS D 165 -52.37 1.67 6.41
C LYS D 165 -52.02 0.36 5.81
N ILE D 166 -50.81 -0.19 6.06
CA ILE D 166 -50.21 -1.32 5.48
C ILE D 166 -50.70 -2.54 6.20
N LEU D 167 -51.09 -3.64 5.51
CA LEU D 167 -51.48 -4.91 6.15
C LEU D 167 -50.56 -5.89 5.58
N THR D 168 -49.72 -6.53 6.47
CA THR D 168 -48.81 -7.59 6.09
C THR D 168 -49.30 -8.81 6.85
N THR D 169 -49.12 -10.02 6.25
CA THR D 169 -49.46 -11.23 7.02
C THR D 169 -48.27 -12.10 6.75
N TYR D 170 -47.86 -12.93 7.68
CA TYR D 170 -46.88 -13.96 7.71
C TYR D 170 -47.70 -15.16 7.82
N SER D 171 -47.83 -15.87 6.71
CA SER D 171 -48.81 -16.98 6.55
C SER D 171 -48.12 -18.38 6.45
N VAL D 172 -48.53 -19.41 7.24
CA VAL D 172 -47.88 -20.75 7.06
C VAL D 172 -48.81 -21.47 6.09
N PHE D 173 -48.23 -21.92 4.93
CA PHE D 173 -48.94 -22.69 3.98
C PHE D 173 -48.74 -24.17 4.17
N PRO D 174 -49.66 -25.09 3.79
CA PRO D 174 -49.40 -26.47 4.12
C PRO D 174 -48.31 -27.16 3.26
N ALA D 175 -48.66 -27.59 2.01
CA ALA D 175 -47.85 -28.25 1.01
C ALA D 175 -48.39 -28.13 -0.36
N ARG D 176 -47.70 -28.64 -1.45
CA ARG D 176 -48.09 -28.44 -2.86
C ARG D 176 -48.69 -29.74 -3.34
N SER D 177 -49.13 -30.49 -2.36
CA SER D 177 -49.78 -31.80 -2.33
C SER D 177 -50.69 -31.78 -1.12
N SER D 178 -51.51 -32.88 -1.03
CA SER D 178 -52.53 -32.99 0.05
C SER D 178 -52.59 -34.46 0.48
N GLU D 179 -52.77 -34.66 1.76
CA GLU D 179 -53.20 -35.96 2.28
C GLU D 179 -54.52 -35.82 2.90
N VAL D 180 -54.93 -34.58 3.23
CA VAL D 180 -56.17 -34.21 3.94
C VAL D 180 -56.76 -33.43 2.84
N VAL D 181 -57.98 -33.73 2.41
CA VAL D 181 -58.55 -33.05 1.31
C VAL D 181 -59.22 -31.74 1.72
N VAL D 182 -59.91 -31.62 2.88
CA VAL D 182 -60.63 -30.44 3.32
C VAL D 182 -59.81 -29.25 3.81
N GLN D 183 -58.41 -29.51 3.70
CA GLN D 183 -57.40 -28.49 3.70
C GLN D 183 -57.75 -27.38 2.72
N SER D 184 -58.20 -27.85 1.51
CA SER D 184 -58.46 -27.09 0.35
C SER D 184 -59.62 -26.18 0.58
N TYR D 185 -60.69 -26.59 1.35
CA TYR D 185 -61.79 -25.73 1.66
C TYR D 185 -61.31 -24.53 2.58
N ASN D 186 -60.54 -24.87 3.63
CA ASN D 186 -60.07 -23.94 4.55
C ASN D 186 -59.21 -22.97 3.88
N THR D 187 -58.31 -23.45 3.04
CA THR D 187 -57.40 -22.61 2.32
C THR D 187 -58.01 -21.75 1.28
N ILE D 188 -58.99 -22.12 0.40
CA ILE D 188 -59.68 -21.35 -0.60
C ILE D 188 -60.58 -20.26 -0.05
N LEU D 189 -61.38 -20.50 0.99
CA LEU D 189 -62.16 -19.43 1.63
C LEU D 189 -61.31 -18.36 2.27
N ALA D 190 -60.20 -18.82 2.94
CA ALA D 190 -59.28 -17.89 3.55
C ALA D 190 -58.56 -17.06 2.57
N LEU D 191 -58.12 -17.69 1.45
CA LEU D 191 -57.29 -17.15 0.37
C LEU D 191 -57.89 -15.98 -0.29
N ARG D 192 -59.27 -15.92 -0.40
CA ARG D 192 -59.77 -14.75 -1.03
C ARG D 192 -59.45 -13.48 -0.31
N ARG D 193 -59.67 -13.56 1.04
CA ARG D 193 -59.46 -12.45 1.94
C ARG D 193 -57.92 -12.14 1.96
N LEU D 194 -57.06 -13.18 1.96
CA LEU D 194 -55.64 -12.91 2.02
C LEU D 194 -55.08 -12.23 0.80
N ILE D 195 -55.61 -12.55 -0.42
CA ILE D 195 -55.23 -11.94 -1.67
C ILE D 195 -55.68 -10.55 -1.75
N GLU D 196 -56.94 -10.23 -1.48
CA GLU D 196 -57.34 -8.84 -1.58
C GLU D 196 -56.96 -8.01 -0.41
N ASP D 197 -57.21 -8.46 0.83
CA ASP D 197 -57.13 -7.59 2.05
C ASP D 197 -55.73 -7.54 2.54
N SER D 198 -54.79 -8.42 2.07
CA SER D 198 -53.34 -8.18 2.46
C SER D 198 -52.63 -7.63 1.26
N ASP D 199 -51.77 -6.64 1.62
CA ASP D 199 -50.95 -5.88 0.70
C ASP D 199 -49.64 -6.53 0.48
N ALA D 200 -49.24 -7.40 1.51
CA ALA D 200 -48.14 -8.32 1.43
C ALA D 200 -48.43 -9.60 2.12
N THR D 201 -48.07 -10.75 1.51
CA THR D 201 -48.16 -11.98 2.31
C THR D 201 -46.88 -12.75 2.20
N VAL D 202 -46.24 -13.08 3.35
CA VAL D 202 -45.00 -13.87 3.43
C VAL D 202 -45.35 -15.30 3.68
N VAL D 203 -45.08 -16.15 2.71
CA VAL D 203 -45.38 -17.55 2.72
C VAL D 203 -44.27 -18.29 3.36
N PHE D 204 -44.66 -19.13 4.41
CA PHE D 204 -43.75 -20.12 4.90
C PHE D 204 -44.31 -21.53 4.63
N ASP D 205 -43.70 -22.30 3.69
CA ASP D 205 -44.34 -23.48 3.28
C ASP D 205 -43.82 -24.57 4.18
N ASN D 206 -44.78 -25.22 4.89
CA ASN D 206 -44.55 -26.07 6.03
C ASN D 206 -43.76 -27.38 5.75
N ALA D 207 -43.92 -27.87 4.49
CA ALA D 207 -43.11 -28.98 4.04
C ALA D 207 -41.59 -28.65 4.04
N SER D 208 -41.34 -27.42 3.49
CA SER D 208 -40.06 -26.92 3.30
C SER D 208 -39.43 -26.59 4.60
N LEU D 209 -40.22 -25.98 5.51
CA LEU D 209 -39.87 -25.52 6.80
C LEU D 209 -39.46 -26.75 7.65
N LEU D 210 -40.20 -27.85 7.44
CA LEU D 210 -40.04 -29.15 8.13
C LEU D 210 -38.70 -29.66 7.72
N ASN D 211 -38.27 -29.55 6.46
CA ASN D 211 -37.05 -30.09 5.99
C ASN D 211 -35.93 -29.43 6.72
N ILE D 212 -36.00 -28.15 6.96
CA ILE D 212 -34.99 -27.43 7.65
C ILE D 212 -34.89 -27.90 9.10
N SER D 213 -36.07 -28.10 9.75
CA SER D 213 -36.12 -28.57 11.07
C SER D 213 -35.60 -29.92 11.22
N GLY D 214 -35.96 -30.86 10.38
CA GLY D 214 -35.49 -32.19 10.47
C GLY D 214 -33.96 -32.31 10.18
N LYS D 215 -33.49 -31.69 9.09
CA LYS D 215 -32.16 -31.78 8.58
C LYS D 215 -31.18 -31.08 9.42
N VAL D 216 -31.42 -29.76 9.69
CA VAL D 216 -30.58 -28.88 10.52
C VAL D 216 -30.66 -29.18 11.92
N PHE D 217 -31.87 -29.18 12.53
CA PHE D 217 -31.86 -29.31 14.04
C PHE D 217 -31.54 -30.69 14.51
N ARG D 218 -31.90 -31.73 13.66
CA ARG D 218 -31.61 -33.12 13.91
C ARG D 218 -31.87 -33.50 15.38
N ASN D 219 -33.18 -33.43 15.76
CA ASN D 219 -33.65 -34.04 16.99
C ASN D 219 -34.88 -34.82 16.62
N PRO D 220 -34.95 -36.04 17.14
CA PRO D 220 -36.08 -36.85 16.78
C PRO D 220 -37.40 -36.53 17.54
N ASN D 221 -37.32 -35.67 18.54
CA ASN D 221 -38.37 -35.39 19.48
C ASN D 221 -39.08 -34.15 18.94
N ILE D 222 -38.64 -33.58 17.84
CA ILE D 222 -39.09 -32.38 17.13
C ILE D 222 -40.62 -32.36 16.99
N ASP D 223 -41.15 -31.15 17.13
CA ASP D 223 -42.55 -30.70 16.96
C ASP D 223 -42.45 -29.25 16.46
N LEU D 224 -43.69 -28.64 16.45
CA LEU D 224 -44.01 -27.33 15.98
C LEU D 224 -43.27 -26.32 16.87
N GLN D 225 -43.14 -26.55 18.24
CA GLN D 225 -42.53 -25.68 19.22
C GLN D 225 -41.17 -25.48 18.89
N HIS D 226 -40.55 -26.60 18.52
CA HIS D 226 -39.20 -26.63 18.07
C HIS D 226 -38.99 -25.88 16.75
N THR D 227 -39.92 -26.05 15.82
CA THR D 227 -39.94 -25.41 14.50
C THR D 227 -40.14 -23.92 14.46
N ASN D 228 -40.95 -23.40 15.44
CA ASN D 228 -41.32 -22.06 15.64
C ASN D 228 -40.17 -21.12 15.94
N GLN D 229 -39.11 -21.63 16.51
CA GLN D 229 -37.81 -21.05 16.81
C GLN D 229 -37.11 -20.67 15.50
N LEU D 230 -37.22 -21.50 14.43
CA LEU D 230 -36.77 -21.24 13.02
C LEU D 230 -37.64 -20.13 12.41
N ILE D 231 -39.02 -20.11 12.59
CA ILE D 231 -39.85 -19.01 12.09
C ILE D 231 -39.48 -17.69 12.76
N SER D 232 -39.28 -17.63 14.13
CA SER D 232 -38.93 -16.45 14.87
C SER D 232 -37.59 -15.81 14.54
N THR D 233 -36.52 -16.61 14.21
CA THR D 233 -35.23 -16.11 13.79
C THR D 233 -35.47 -15.45 12.41
N ILE D 234 -36.29 -16.09 11.56
CA ILE D 234 -36.51 -15.57 10.22
C ILE D 234 -37.26 -14.23 10.25
N ILE D 235 -38.38 -14.17 11.08
CA ILE D 235 -39.27 -13.03 11.20
C ILE D 235 -38.46 -11.87 11.77
N SER D 236 -37.55 -12.09 12.75
CA SER D 236 -36.81 -11.07 13.45
C SER D 236 -35.85 -10.43 12.52
N SER D 237 -35.25 -11.24 11.59
CA SER D 237 -34.25 -10.68 10.62
C SER D 237 -34.88 -9.71 9.68
N VAL D 238 -36.11 -9.88 9.23
CA VAL D 238 -36.82 -9.02 8.29
C VAL D 238 -37.07 -7.65 8.87
N THR D 239 -37.23 -7.68 10.22
CA THR D 239 -37.47 -6.47 11.00
C THR D 239 -36.31 -5.69 11.35
N ASN D 240 -35.10 -6.23 11.00
CA ASN D 240 -33.88 -5.44 11.40
C ASN D 240 -34.01 -3.95 10.94
N SER D 241 -34.46 -3.61 9.69
CA SER D 241 -34.39 -2.22 9.28
C SER D 241 -35.30 -1.30 10.02
N ILE D 242 -36.44 -1.69 10.60
CA ILE D 242 -37.24 -0.87 11.44
C ILE D 242 -36.77 -0.62 12.78
N ARG D 243 -36.21 -1.66 13.45
CA ARG D 243 -35.75 -1.64 14.80
C ARG D 243 -34.47 -0.92 14.81
N PHE D 244 -33.76 -0.79 13.60
CA PHE D 244 -32.55 -0.06 13.71
C PHE D 244 -32.59 0.96 12.57
N PRO D 245 -33.05 2.22 12.80
CA PRO D 245 -33.14 3.16 11.70
C PRO D 245 -31.88 3.91 11.53
N SER D 246 -30.81 3.51 12.19
CA SER D 246 -29.59 4.20 12.43
C SER D 246 -28.60 3.81 11.28
N TYR D 247 -29.20 3.04 10.36
CA TYR D 247 -28.70 2.57 9.13
C TYR D 247 -29.34 3.44 8.11
N MET D 248 -28.50 4.23 7.45
CA MET D 248 -29.04 5.39 6.88
C MET D 248 -29.16 5.19 5.42
N TYR D 249 -29.60 3.95 5.12
CA TYR D 249 -29.84 3.56 3.76
C TYR D 249 -30.73 2.36 3.97
N SER D 250 -31.10 1.98 5.26
CA SER D 250 -32.09 0.99 5.42
C SER D 250 -33.01 1.65 6.34
N SER D 251 -34.22 1.85 5.88
CA SER D 251 -35.29 2.34 6.68
C SER D 251 -36.46 1.65 5.91
N MET D 252 -37.26 1.01 6.73
CA MET D 252 -38.29 -0.01 6.41
C MET D 252 -39.38 0.50 5.57
N SER D 253 -40.00 1.70 5.88
CA SER D 253 -41.18 2.18 5.26
C SER D 253 -40.99 2.45 3.89
N SER D 254 -39.82 3.18 3.55
CA SER D 254 -39.50 3.60 2.20
C SER D 254 -39.15 2.37 1.39
N ILE D 255 -38.53 1.34 2.02
CA ILE D 255 -38.06 0.10 1.45
C ILE D 255 -39.21 -0.65 0.99
N TYR D 256 -40.29 -0.69 1.91
CA TYR D 256 -41.54 -1.40 1.67
C TYR D 256 -42.18 -0.83 0.48
N SER D 257 -42.21 0.55 0.40
CA SER D 257 -42.87 1.26 -0.67
C SER D 257 -42.38 0.97 -2.11
N THR D 258 -41.05 0.91 -2.30
CA THR D 258 -40.30 0.61 -3.48
C THR D 258 -40.43 -0.75 -3.94
N LEU D 259 -40.32 -1.77 -2.96
CA LEU D 259 -40.14 -3.17 -3.40
C LEU D 259 -41.35 -3.66 -4.00
N ILE D 260 -42.54 -3.29 -3.53
CA ILE D 260 -43.83 -3.79 -3.87
C ILE D 260 -44.14 -3.40 -5.28
N PRO D 261 -44.49 -4.27 -6.20
CA PRO D 261 -44.60 -3.91 -7.65
C PRO D 261 -46.05 -3.41 -7.90
N SER D 262 -46.90 -3.78 -6.93
CA SER D 262 -48.31 -3.61 -6.83
C SER D 262 -48.75 -4.82 -6.07
N PRO D 263 -49.83 -4.77 -5.30
CA PRO D 263 -50.21 -5.88 -4.33
C PRO D 263 -50.73 -7.08 -5.08
N GLU D 264 -50.86 -7.08 -6.42
CA GLU D 264 -51.33 -8.12 -7.31
C GLU D 264 -50.35 -9.26 -7.12
N LEU D 265 -49.06 -8.95 -7.14
CA LEU D 265 -48.01 -9.93 -6.81
C LEU D 265 -47.50 -9.46 -5.48
N HIS D 266 -47.55 -10.39 -4.51
CA HIS D 266 -47.18 -10.01 -3.15
C HIS D 266 -47.04 -11.25 -2.33
N PHE D 267 -47.01 -12.51 -2.97
CA PHE D 267 -46.72 -13.64 -2.14
C PHE D 267 -45.25 -13.67 -2.19
N LEU D 268 -44.59 -13.61 -1.03
CA LEU D 268 -43.11 -13.56 -0.95
C LEU D 268 -42.66 -14.93 -0.32
N SER D 269 -41.38 -15.33 -0.67
CA SER D 269 -40.78 -16.52 -0.20
C SER D 269 -39.53 -16.01 0.48
N PRO D 270 -39.22 -16.51 1.67
CA PRO D 270 -37.84 -16.34 2.23
C PRO D 270 -36.99 -17.55 1.94
N SER D 271 -35.68 -17.30 2.02
CA SER D 271 -34.54 -18.14 2.13
C SER D 271 -33.44 -17.58 3.04
N PHE D 272 -32.62 -18.38 3.65
CA PHE D 272 -31.69 -17.81 4.64
C PHE D 272 -30.42 -18.66 4.63
N THR D 273 -29.27 -18.10 4.92
CA THR D 273 -28.10 -18.87 5.08
C THR D 273 -27.20 -18.07 6.11
N PRO D 274 -26.52 -18.66 7.06
CA PRO D 274 -26.50 -20.13 7.37
C PRO D 274 -27.66 -20.29 8.41
N PHE D 275 -27.40 -20.77 9.62
CA PHE D 275 -28.42 -20.93 10.60
C PHE D 275 -27.80 -20.69 11.91
N THR D 276 -28.56 -20.17 12.91
CA THR D 276 -28.06 -19.97 14.26
C THR D 276 -28.62 -21.12 15.12
N SER D 277 -27.84 -21.55 16.10
CA SER D 277 -28.35 -22.61 16.93
C SER D 277 -29.52 -22.13 17.82
N ASP D 278 -30.43 -23.08 18.01
CA ASP D 278 -31.58 -22.83 18.89
C ASP D 278 -32.02 -24.13 19.60
N TYR D 279 -31.69 -25.28 18.93
CA TYR D 279 -32.07 -26.57 19.49
C TYR D 279 -30.97 -27.56 19.13
N ILE D 280 -29.75 -27.10 18.70
CA ILE D 280 -28.70 -27.91 18.15
C ILE D 280 -27.35 -27.20 18.47
N HIS D 281 -26.21 -27.82 18.08
CA HIS D 281 -24.85 -27.27 18.33
C HIS D 281 -24.63 -26.04 17.67
N ASP D 282 -23.80 -25.15 18.28
CA ASP D 282 -23.43 -23.78 17.95
C ASP D 282 -22.99 -23.70 16.53
N ASP D 283 -23.15 -22.45 16.00
CA ASP D 283 -22.74 -22.09 14.65
C ASP D 283 -21.32 -21.74 14.88
N ILE D 284 -20.48 -22.57 14.28
CA ILE D 284 -19.00 -22.48 14.24
C ILE D 284 -18.64 -22.55 12.74
N ALA D 285 -19.64 -22.33 11.92
CA ALA D 285 -19.33 -22.47 10.57
C ALA D 285 -19.04 -21.07 10.05
N HIS D 286 -17.78 -20.77 9.81
CA HIS D 286 -17.39 -19.51 9.22
C HIS D 286 -16.84 -19.90 7.82
N LYS D 287 -16.98 -18.94 6.91
CA LYS D 287 -16.68 -19.03 5.52
C LYS D 287 -16.49 -17.60 5.01
N CYS D 288 -15.94 -17.49 3.79
CA CYS D 288 -15.49 -16.23 3.24
C CYS D 288 -16.58 -15.27 2.85
N HIS D 289 -16.29 -14.00 2.52
CA HIS D 289 -17.24 -13.04 1.99
C HIS D 289 -17.81 -13.52 0.65
N SER D 290 -16.86 -14.06 -0.19
CA SER D 290 -17.18 -14.70 -1.45
C SER D 290 -18.09 -15.92 -1.21
N SER D 291 -17.83 -16.78 -0.20
CA SER D 291 -18.55 -17.92 0.14
C SER D 291 -19.97 -17.47 0.51
N TYR D 292 -20.04 -16.40 1.29
CA TYR D 292 -21.23 -15.80 1.86
C TYR D 292 -22.07 -15.36 0.66
N ASP D 293 -21.37 -14.69 -0.27
CA ASP D 293 -22.04 -14.13 -1.44
C ASP D 293 -22.62 -15.23 -2.30
N VAL D 294 -21.91 -16.36 -2.48
CA VAL D 294 -22.38 -17.47 -3.30
C VAL D 294 -23.68 -18.10 -2.70
N MET D 295 -23.61 -18.25 -1.38
CA MET D 295 -24.68 -18.97 -0.65
C MET D 295 -26.00 -18.38 -0.70
N LEU D 296 -26.16 -17.06 -0.75
CA LEU D 296 -27.36 -16.23 -0.91
C LEU D 296 -28.09 -16.46 -2.22
N ASP D 297 -27.31 -16.80 -3.31
CA ASP D 297 -27.84 -17.04 -4.59
C ASP D 297 -28.53 -18.39 -4.66
N LEU D 298 -28.17 -19.39 -3.77
CA LEU D 298 -28.69 -20.77 -3.83
C LEU D 298 -29.91 -20.72 -2.96
N LEU D 299 -30.95 -21.40 -3.33
CA LEU D 299 -32.22 -21.58 -2.69
C LEU D 299 -32.23 -23.09 -2.27
N ASP D 300 -31.05 -23.68 -2.20
CA ASP D 300 -30.88 -25.06 -1.85
C ASP D 300 -31.30 -25.33 -0.39
N PRO D 301 -31.23 -24.45 0.48
CA PRO D 301 -31.90 -24.60 1.75
C PRO D 301 -33.27 -23.93 1.58
N SER D 302 -34.33 -24.80 1.37
CA SER D 302 -35.65 -24.33 1.09
C SER D 302 -36.43 -24.26 2.36
N ASN D 303 -36.77 -23.02 2.69
CA ASN D 303 -37.51 -22.69 3.90
C ASN D 303 -38.95 -22.41 3.48
N SER D 304 -39.06 -22.23 2.19
CA SER D 304 -40.43 -22.16 1.57
C SER D 304 -40.33 -22.69 0.23
N LEU D 305 -41.36 -23.41 -0.21
CA LEU D 305 -41.65 -23.93 -1.59
C LEU D 305 -42.98 -23.26 -1.91
N VAL D 306 -42.90 -22.17 -2.74
CA VAL D 306 -44.05 -21.55 -3.31
C VAL D 306 -43.95 -21.78 -4.84
N SER D 307 -42.97 -22.64 -5.25
CA SER D 307 -42.63 -23.12 -6.59
C SER D 307 -41.51 -22.26 -7.17
N THR D 308 -40.78 -21.53 -6.35
CA THR D 308 -39.56 -20.79 -6.72
C THR D 308 -38.33 -21.61 -6.44
N ALA D 309 -38.51 -22.66 -5.61
CA ALA D 309 -37.44 -23.57 -5.32
C ALA D 309 -37.57 -24.83 -6.15
N MET D 310 -38.71 -25.12 -6.76
CA MET D 310 -38.83 -26.21 -7.71
C MET D 310 -38.09 -25.78 -8.97
N ASN D 311 -38.45 -24.65 -9.58
CA ASN D 311 -38.02 -24.16 -10.87
C ASN D 311 -38.28 -22.71 -11.00
N ASN D 312 -37.48 -22.15 -11.90
CA ASN D 312 -37.50 -20.70 -12.18
C ASN D 312 -37.52 -20.50 -13.76
N PRO D 313 -38.67 -20.57 -14.41
CA PRO D 313 -38.78 -20.33 -15.84
C PRO D 313 -39.56 -19.07 -16.20
N THR D 314 -40.25 -18.48 -15.23
CA THR D 314 -41.13 -17.32 -15.50
C THR D 314 -40.17 -16.12 -15.25
N TYR D 315 -40.46 -15.32 -14.13
CA TYR D 315 -39.59 -14.21 -13.78
C TYR D 315 -39.85 -13.82 -12.39
N PHE D 316 -38.87 -13.19 -11.79
CA PHE D 316 -38.85 -12.67 -10.43
C PHE D 316 -39.34 -11.27 -10.57
N ASN D 317 -40.32 -10.88 -9.78
CA ASN D 317 -40.82 -9.55 -9.74
C ASN D 317 -39.95 -8.67 -8.92
N VAL D 318 -39.44 -9.10 -7.73
CA VAL D 318 -38.50 -8.31 -6.99
C VAL D 318 -37.80 -9.29 -6.09
N TYR D 319 -36.60 -8.89 -5.69
CA TYR D 319 -35.73 -9.65 -4.89
C TYR D 319 -35.14 -8.64 -4.02
N ASN D 320 -35.07 -8.99 -2.70
CA ASN D 320 -34.42 -8.18 -1.72
C ASN D 320 -33.53 -9.08 -0.91
N THR D 321 -32.28 -8.56 -0.72
CA THR D 321 -31.25 -9.36 -0.07
C THR D 321 -30.98 -8.52 1.16
N ILE D 322 -30.98 -9.24 2.36
CA ILE D 322 -30.85 -8.72 3.67
C ILE D 322 -29.48 -9.17 4.18
N ILE D 323 -28.53 -8.18 4.39
CA ILE D 323 -27.24 -8.64 4.88
C ILE D 323 -27.17 -8.20 6.33
N GLY D 324 -26.75 -9.15 7.27
CA GLY D 324 -26.45 -8.89 8.65
C GLY D 324 -25.02 -9.32 8.95
N ASN D 325 -24.30 -8.31 9.51
CA ASN D 325 -22.88 -8.26 9.90
C ASN D 325 -22.12 -7.43 8.95
N VAL D 326 -21.37 -6.43 9.52
CA VAL D 326 -20.41 -5.67 8.74
C VAL D 326 -19.21 -6.57 8.34
N GLU D 327 -18.64 -6.35 7.11
CA GLU D 327 -17.59 -7.09 6.59
C GLU D 327 -17.08 -6.29 5.52
N PRO D 328 -15.75 -6.21 5.13
CA PRO D 328 -15.28 -5.33 4.09
C PRO D 328 -16.15 -4.90 2.87
N ARG D 329 -16.54 -3.57 2.93
CA ARG D 329 -17.48 -2.92 1.97
C ARG D 329 -17.05 -2.90 0.56
N GLN D 330 -15.75 -2.73 0.30
CA GLN D 330 -15.16 -2.64 -1.07
C GLN D 330 -15.31 -3.88 -1.87
N ILE D 331 -15.13 -5.02 -1.22
CA ILE D 331 -15.31 -6.37 -1.55
C ILE D 331 -16.75 -6.63 -1.77
N SER D 332 -17.58 -6.02 -0.85
CA SER D 332 -19.02 -6.22 -0.98
C SER D 332 -19.50 -5.61 -2.22
N ARG D 333 -19.00 -4.39 -2.62
CA ARG D 333 -19.30 -3.87 -3.95
C ARG D 333 -18.76 -4.56 -5.15
N ALA D 334 -17.50 -5.06 -5.14
CA ALA D 334 -17.01 -5.78 -6.27
C ALA D 334 -17.80 -7.07 -6.52
N MET D 335 -18.21 -7.89 -5.50
CA MET D 335 -19.03 -9.05 -5.66
C MET D 335 -20.44 -8.66 -6.18
N THR D 336 -20.95 -7.53 -5.64
CA THR D 336 -22.29 -7.14 -5.96
C THR D 336 -22.49 -6.79 -7.42
N LYS D 337 -21.41 -6.16 -8.07
CA LYS D 337 -21.44 -5.81 -9.47
C LYS D 337 -21.55 -7.11 -10.27
N LEU D 338 -20.85 -8.20 -9.85
CA LEU D 338 -20.88 -9.48 -10.47
C LEU D 338 -22.19 -10.12 -10.33
N GLN D 339 -22.84 -10.02 -9.16
CA GLN D 339 -24.17 -10.53 -9.14
C GLN D 339 -25.20 -9.86 -10.00
N GLN D 340 -25.25 -8.54 -10.17
CA GLN D 340 -26.29 -7.89 -11.01
C GLN D 340 -26.08 -8.24 -12.42
N ARG D 341 -24.79 -8.25 -12.91
CA ARG D 341 -24.43 -8.69 -14.18
C ARG D 341 -24.66 -10.09 -14.59
N ILE D 342 -24.41 -11.04 -13.71
CA ILE D 342 -24.59 -12.45 -13.88
C ILE D 342 -26.01 -12.83 -14.08
N LYS D 343 -27.02 -12.10 -13.46
CA LYS D 343 -28.39 -12.33 -13.63
C LYS D 343 -28.85 -13.73 -13.31
N PHE D 344 -28.75 -14.09 -12.00
CA PHE D 344 -29.22 -15.31 -11.47
C PHE D 344 -30.73 -15.49 -11.61
N PRO D 345 -31.59 -14.54 -11.28
CA PRO D 345 -33.07 -14.64 -11.38
C PRO D 345 -33.42 -14.75 -12.86
N SER D 346 -34.65 -15.23 -13.17
CA SER D 346 -35.23 -15.36 -14.51
C SER D 346 -35.95 -14.01 -14.71
N TRP D 347 -36.26 -13.68 -15.96
CA TRP D 347 -36.68 -12.39 -16.31
C TRP D 347 -37.73 -12.41 -17.40
N SER D 348 -38.55 -11.30 -17.43
CA SER D 348 -39.60 -11.11 -18.35
C SER D 348 -39.03 -10.22 -19.52
N SER D 349 -39.94 -9.76 -20.44
CA SER D 349 -39.55 -9.06 -21.67
C SER D 349 -39.43 -7.55 -21.37
N SER D 350 -39.42 -7.04 -20.10
CA SER D 350 -39.33 -5.62 -19.90
C SER D 350 -38.70 -5.38 -18.57
N ALA D 351 -38.70 -6.41 -17.69
CA ALA D 351 -38.04 -6.47 -16.41
C ALA D 351 -36.86 -7.35 -16.64
N MET D 352 -35.56 -6.88 -16.50
CA MET D 352 -34.37 -7.67 -16.66
C MET D 352 -33.53 -7.38 -15.43
N HIS D 353 -33.87 -6.40 -14.62
CA HIS D 353 -33.23 -6.11 -13.36
C HIS D 353 -34.26 -5.41 -12.48
N VAL D 354 -34.16 -5.91 -11.27
CA VAL D 354 -34.93 -5.43 -10.13
C VAL D 354 -34.64 -6.38 -9.02
N ASN D 355 -33.41 -6.37 -8.45
CA ASN D 355 -32.91 -7.14 -7.41
C ASN D 355 -32.19 -6.09 -6.55
N ILE D 356 -32.51 -6.03 -5.21
CA ILE D 356 -31.84 -5.11 -4.28
C ILE D 356 -31.23 -5.78 -3.09
N GLY D 357 -30.20 -5.14 -2.43
CA GLY D 357 -29.54 -5.70 -1.34
C GLY D 357 -29.35 -4.61 -0.32
N ARG D 358 -29.50 -4.84 1.02
CA ARG D 358 -29.27 -3.92 2.06
C ARG D 358 -28.32 -4.52 2.98
N ARG D 359 -27.40 -3.67 3.57
CA ARG D 359 -26.37 -4.17 4.46
C ARG D 359 -26.53 -3.53 5.77
N SER D 360 -26.43 -4.25 6.92
CA SER D 360 -26.63 -3.76 8.33
C SER D 360 -25.61 -4.55 9.15
N PRO D 361 -25.17 -3.98 10.26
CA PRO D 361 -24.39 -4.69 11.14
C PRO D 361 -25.24 -5.31 12.33
N TYR D 362 -24.61 -6.35 12.92
CA TYR D 362 -24.88 -6.95 14.23
C TYR D 362 -24.78 -5.93 15.36
N LEU D 363 -25.57 -6.16 16.43
CA LEU D 363 -25.52 -5.31 17.61
C LEU D 363 -24.46 -5.91 18.50
N PRO D 364 -23.73 -5.18 19.34
CA PRO D 364 -22.68 -5.79 20.23
C PRO D 364 -23.24 -6.20 21.52
N LEU D 365 -24.59 -6.05 21.76
CA LEU D 365 -25.17 -6.57 22.94
C LEU D 365 -25.16 -8.09 22.90
N GLN D 366 -25.09 -8.65 21.68
CA GLN D 366 -24.87 -10.02 21.39
C GLN D 366 -23.39 -10.35 21.53
N PRO D 367 -22.96 -11.58 21.83
CA PRO D 367 -21.55 -11.95 21.83
C PRO D 367 -21.01 -11.76 20.41
N ASN D 368 -19.92 -10.96 20.32
CA ASN D 368 -19.27 -10.56 19.04
C ASN D 368 -18.82 -11.77 18.27
N GLU D 369 -18.93 -11.66 16.97
CA GLU D 369 -18.47 -12.78 16.08
C GLU D 369 -18.12 -12.23 14.73
N ASN D 370 -17.39 -13.01 13.93
CA ASN D 370 -17.10 -12.46 12.60
C ASN D 370 -17.71 -13.42 11.58
N GLU D 371 -18.83 -14.14 11.97
CA GLU D 371 -19.64 -14.85 11.02
C GLU D 371 -20.70 -13.93 10.47
N VAL D 372 -21.08 -14.07 9.15
CA VAL D 372 -21.96 -13.23 8.40
C VAL D 372 -23.16 -14.12 8.14
N SER D 373 -24.33 -13.47 7.96
CA SER D 373 -25.53 -14.16 7.65
C SER D 373 -26.33 -13.32 6.77
N GLY D 374 -27.42 -13.80 6.17
CA GLY D 374 -28.31 -13.01 5.36
C GLY D 374 -29.58 -13.73 5.09
N MET D 375 -30.55 -13.00 4.67
CA MET D 375 -31.88 -13.49 4.37
C MET D 375 -32.24 -13.06 3.04
N MET D 376 -33.01 -13.83 2.28
CA MET D 376 -33.55 -13.36 1.01
C MET D 376 -34.98 -13.36 1.25
N LEU D 377 -35.67 -12.29 0.81
CA LEU D 377 -37.13 -12.13 0.67
C LEU D 377 -37.34 -11.78 -0.78
N SER D 378 -38.16 -12.59 -1.52
CA SER D 378 -38.34 -12.31 -2.92
C SER D 378 -39.79 -12.57 -3.23
N ASN D 379 -40.33 -11.88 -4.28
CA ASN D 379 -41.66 -11.98 -4.93
C ASN D 379 -41.56 -12.67 -6.36
N MET D 380 -42.06 -13.88 -6.57
CA MET D 380 -41.97 -14.59 -7.93
C MET D 380 -43.33 -15.05 -8.42
N SER D 381 -43.61 -14.98 -9.71
CA SER D 381 -44.81 -15.18 -10.55
C SER D 381 -45.20 -16.63 -10.68
N THR D 382 -44.23 -17.52 -10.24
CA THR D 382 -44.30 -18.95 -10.11
C THR D 382 -45.32 -19.40 -9.12
N VAL D 383 -45.72 -18.45 -8.18
CA VAL D 383 -46.66 -18.66 -7.12
C VAL D 383 -48.00 -19.19 -7.68
N VAL D 384 -48.33 -18.90 -8.95
CA VAL D 384 -49.57 -19.21 -9.57
C VAL D 384 -49.82 -20.71 -9.50
N ASN D 385 -48.80 -21.47 -9.53
CA ASN D 385 -48.88 -22.95 -9.45
C ASN D 385 -49.58 -23.52 -8.23
N VAL D 386 -49.41 -22.86 -7.04
CA VAL D 386 -49.98 -23.11 -5.76
C VAL D 386 -51.48 -22.87 -5.87
N PHE D 387 -51.85 -21.79 -6.59
CA PHE D 387 -53.28 -21.54 -6.88
C PHE D 387 -53.85 -22.68 -7.77
N GLU D 388 -53.05 -23.18 -8.75
CA GLU D 388 -53.46 -24.18 -9.71
C GLU D 388 -53.80 -25.48 -9.03
N ASN D 389 -52.93 -25.82 -8.04
CA ASN D 389 -53.03 -26.98 -7.14
C ASN D 389 -54.24 -26.95 -6.33
N ALA D 390 -54.52 -25.72 -5.79
CA ALA D 390 -55.54 -25.41 -4.92
C ALA D 390 -56.85 -25.61 -5.60
N CYS D 391 -56.87 -25.19 -6.91
CA CYS D 391 -58.00 -25.40 -7.79
C CYS D 391 -58.24 -26.90 -7.99
N ASN D 392 -57.15 -27.79 -8.12
CA ASN D 392 -57.31 -29.21 -8.33
C ASN D 392 -57.95 -29.90 -7.13
N THR D 393 -57.45 -29.47 -6.01
CA THR D 393 -57.96 -29.99 -4.69
C THR D 393 -59.39 -29.61 -4.51
N PHE D 394 -59.71 -28.35 -4.88
CA PHE D 394 -61.03 -27.67 -4.77
C PHE D 394 -62.03 -28.38 -5.59
N ASP D 395 -61.68 -28.75 -6.84
CA ASP D 395 -62.58 -29.53 -7.70
C ASP D 395 -62.89 -30.93 -7.10
N LYS D 396 -61.86 -31.57 -6.54
CA LYS D 396 -61.90 -32.88 -5.93
C LYS D 396 -62.90 -33.05 -4.78
N VAL D 397 -62.81 -32.11 -3.86
CA VAL D 397 -63.57 -32.04 -2.70
C VAL D 397 -65.01 -31.73 -2.97
N PHE D 398 -65.27 -30.76 -3.89
CA PHE D 398 -66.52 -30.23 -4.24
C PHE D 398 -67.26 -31.36 -4.94
N ALA D 399 -66.50 -32.20 -5.72
CA ALA D 399 -66.98 -33.39 -6.36
C ALA D 399 -67.54 -34.41 -5.30
N LYS D 400 -66.93 -34.65 -4.16
CA LYS D 400 -67.57 -35.55 -3.12
C LYS D 400 -68.85 -35.03 -2.51
N GLY D 401 -68.87 -33.68 -2.33
CA GLY D 401 -69.97 -33.10 -1.69
C GLY D 401 -69.80 -33.32 -0.17
N ALA D 402 -68.59 -33.10 0.41
CA ALA D 402 -68.30 -33.32 1.82
C ALA D 402 -68.88 -32.21 2.65
N PHE D 403 -69.77 -32.48 3.67
CA PHE D 403 -70.26 -31.50 4.68
C PHE D 403 -70.90 -30.20 4.11
N LEU D 404 -71.96 -30.25 3.26
CA LEU D 404 -72.50 -29.04 2.73
C LEU D 404 -73.44 -28.41 3.61
N ASN D 405 -73.98 -29.09 4.62
CA ASN D 405 -74.93 -28.67 5.61
C ASN D 405 -74.60 -27.36 6.37
N ASN D 406 -73.43 -27.26 6.84
CA ASN D 406 -73.02 -26.01 7.56
C ASN D 406 -72.98 -24.75 6.71
N TYR D 407 -72.58 -25.00 5.45
CA TYR D 407 -72.59 -23.94 4.47
C TYR D 407 -73.97 -23.41 4.12
N ASN D 408 -74.99 -24.36 3.96
CA ASN D 408 -76.35 -24.07 3.43
C ASN D 408 -77.12 -23.06 4.30
N VAL D 409 -76.91 -23.00 5.63
CA VAL D 409 -77.64 -22.05 6.48
C VAL D 409 -77.34 -20.62 6.07
N GLY D 410 -76.05 -20.45 5.70
CA GLY D 410 -75.48 -19.19 5.28
C GLY D 410 -76.02 -18.81 3.94
N ASP D 411 -76.37 -17.50 3.86
CA ASP D 411 -76.99 -16.95 2.69
C ASP D 411 -76.14 -17.00 1.49
N LEU D 412 -74.86 -16.79 1.69
CA LEU D 412 -73.83 -16.71 0.67
C LEU D 412 -73.76 -18.04 -0.07
N PHE D 413 -73.87 -19.15 0.65
CA PHE D 413 -73.47 -20.43 0.16
C PHE D 413 -74.81 -21.28 0.01
N GLN D 414 -76.02 -20.64 -0.33
CA GLN D 414 -77.36 -21.36 -0.33
C GLN D 414 -77.47 -22.52 -1.31
N SER D 415 -76.93 -22.36 -2.50
CA SER D 415 -76.98 -23.27 -3.55
C SER D 415 -75.72 -24.05 -3.52
N MET D 416 -75.22 -24.45 -2.27
CA MET D 416 -73.92 -24.97 -1.87
C MET D 416 -72.89 -23.89 -1.98
N GLN D 417 -71.54 -24.14 -1.80
CA GLN D 417 -70.56 -23.00 -1.64
C GLN D 417 -70.40 -22.24 -2.94
N ASN D 418 -71.17 -21.12 -3.07
CA ASN D 418 -71.10 -20.17 -4.17
C ASN D 418 -69.84 -19.38 -4.12
N VAL D 419 -69.36 -19.00 -2.96
CA VAL D 419 -68.18 -18.21 -2.72
C VAL D 419 -66.94 -18.82 -3.23
N GLN D 420 -66.83 -20.10 -3.06
CA GLN D 420 -65.75 -20.92 -3.63
C GLN D 420 -65.83 -20.95 -5.13
N ASP D 421 -67.03 -21.06 -5.78
CA ASP D 421 -67.17 -21.00 -7.25
C ASP D 421 -66.75 -19.66 -7.80
N GLU D 422 -67.13 -18.57 -7.10
CA GLU D 422 -66.87 -17.17 -7.48
C GLU D 422 -65.31 -16.96 -7.47
N PHE D 423 -64.71 -17.53 -6.37
CA PHE D 423 -63.27 -17.45 -6.12
C PHE D 423 -62.54 -18.17 -7.26
N ALA D 424 -63.03 -19.40 -7.70
CA ALA D 424 -62.42 -20.24 -8.72
C ALA D 424 -62.29 -19.51 -10.00
N GLU D 425 -63.35 -18.75 -10.41
CA GLU D 425 -63.21 -18.00 -11.63
C GLU D 425 -62.18 -16.85 -11.44
N SER D 426 -62.24 -16.16 -10.23
CA SER D 426 -61.43 -14.97 -9.94
C SER D 426 -59.99 -15.26 -9.96
N ARG D 427 -59.64 -16.41 -9.33
CA ARG D 427 -58.24 -16.87 -9.25
C ARG D 427 -57.70 -17.23 -10.63
N GLU D 428 -58.49 -17.82 -11.56
CA GLU D 428 -58.03 -18.13 -12.91
C GLU D 428 -57.71 -16.83 -13.74
N VAL D 429 -58.51 -15.80 -13.57
CA VAL D 429 -58.21 -14.60 -14.29
C VAL D 429 -56.85 -14.02 -13.82
N VAL D 430 -56.54 -14.02 -12.51
CA VAL D 430 -55.30 -13.54 -11.96
C VAL D 430 -54.09 -14.32 -12.38
N GLN D 431 -54.20 -15.66 -12.40
CA GLN D 431 -53.15 -16.58 -12.83
C GLN D 431 -52.76 -16.38 -14.33
N SER D 432 -53.78 -16.17 -15.23
CA SER D 432 -53.55 -15.88 -16.63
C SER D 432 -52.82 -14.57 -16.79
N LEU D 433 -53.23 -13.58 -15.96
CA LEU D 433 -52.71 -12.27 -15.99
C LEU D 433 -51.28 -12.18 -15.63
N MET D 434 -50.77 -12.93 -14.67
CA MET D 434 -49.42 -12.97 -14.20
C MET D 434 -48.51 -13.54 -15.21
N GLU D 435 -49.00 -14.51 -16.04
CA GLU D 435 -48.32 -15.04 -17.17
C GLU D 435 -48.14 -14.00 -18.20
N ASP D 436 -49.11 -13.07 -18.50
CA ASP D 436 -48.97 -12.07 -19.58
C ASP D 436 -47.85 -11.11 -19.32
N TYR D 437 -47.62 -10.75 -18.04
CA TYR D 437 -46.54 -9.95 -17.50
C TYR D 437 -45.08 -10.45 -17.63
N VAL D 438 -44.90 -11.80 -17.71
CA VAL D 438 -43.66 -12.47 -18.08
C VAL D 438 -43.33 -12.18 -19.53
N ALA D 439 -44.39 -11.90 -20.34
CA ALA D 439 -44.26 -11.89 -21.83
C ALA D 439 -44.28 -10.43 -22.23
N ALA D 440 -44.22 -10.25 -23.59
CA ALA D 440 -44.14 -8.96 -24.26
C ALA D 440 -45.30 -8.01 -24.04
N GLU D 441 -46.50 -8.61 -23.89
CA GLU D 441 -47.78 -7.85 -23.84
C GLU D 441 -47.93 -6.87 -22.72
N GLN D 442 -47.04 -7.01 -21.65
CA GLN D 442 -46.91 -6.11 -20.49
C GLN D 442 -46.71 -4.67 -20.89
N ASP D 443 -45.90 -4.41 -21.95
CA ASP D 443 -45.80 -3.04 -22.56
C ASP D 443 -46.14 -3.32 -23.94
N SER D 444 -47.23 -2.66 -24.38
CA SER D 444 -47.61 -2.76 -25.76
C SER D 444 -48.12 -1.48 -26.32
N TYR D 445 -47.39 -0.90 -27.34
CA TYR D 445 -47.96 0.25 -28.04
C TYR D 445 -47.51 0.29 -29.50
N UNK E 1 30.24 47.73 5.47
CA UNK E 1 30.85 46.44 5.10
C UNK E 1 32.12 46.62 4.27
N UNK E 2 32.22 45.92 3.12
CA UNK E 2 33.30 45.99 2.18
C UNK E 2 33.35 47.33 1.58
N UNK E 3 32.17 47.93 1.33
CA UNK E 3 31.97 49.14 0.66
C UNK E 3 32.61 50.36 1.40
N UNK E 4 32.56 50.40 2.77
CA UNK E 4 33.10 51.52 3.59
C UNK E 4 34.59 51.61 3.46
N UNK E 5 35.19 50.38 3.45
CA UNK E 5 36.62 50.16 3.23
C UNK E 5 37.00 50.62 1.88
N UNK E 6 36.17 50.35 0.87
CA UNK E 6 36.42 50.79 -0.50
C UNK E 6 36.41 52.34 -0.69
N UNK E 7 35.52 53.05 0.07
CA UNK E 7 35.39 54.52 -0.06
C UNK E 7 36.64 55.28 0.14
N UNK E 8 37.39 54.78 1.17
CA UNK E 8 38.67 55.26 1.64
C UNK E 8 39.76 55.18 0.60
N UNK E 9 39.76 54.04 -0.19
CA UNK E 9 40.59 53.77 -1.28
C UNK E 9 40.37 54.66 -2.38
N UNK E 10 39.07 55.02 -2.70
CA UNK E 10 38.78 55.95 -3.80
C UNK E 10 39.39 57.34 -3.40
N UNK E 11 39.19 57.70 -2.16
CA UNK E 11 39.58 58.98 -1.67
C UNK E 11 41.07 59.06 -1.78
N UNK E 12 41.65 57.95 -1.44
CA UNK E 12 43.07 57.82 -1.34
C UNK E 12 43.64 58.05 -2.70
N UNK E 13 43.06 57.38 -3.71
CA UNK E 13 43.54 57.28 -5.07
C UNK E 13 43.57 58.68 -5.62
N UNK E 14 42.50 59.55 -5.36
CA UNK E 14 42.53 60.93 -5.75
C UNK E 14 43.61 61.75 -5.09
N UNK E 15 43.81 61.48 -3.80
CA UNK E 15 44.77 62.08 -3.03
C UNK E 15 46.20 61.82 -3.46
N UNK E 16 46.49 60.55 -3.90
CA UNK E 16 47.85 60.13 -4.23
C UNK E 16 48.45 60.92 -5.32
N UNK E 17 47.60 61.21 -6.33
CA UNK E 17 48.03 62.19 -7.30
C UNK E 17 48.19 63.59 -6.85
N UNK E 18 47.29 64.18 -6.10
CA UNK E 18 47.29 65.53 -5.57
C UNK E 18 48.48 65.67 -4.66
N UNK E 19 48.84 64.63 -3.84
CA UNK E 19 49.99 64.54 -2.96
C UNK E 19 51.29 64.60 -3.75
N UNK E 20 51.34 63.86 -4.84
CA UNK E 20 52.64 63.82 -5.58
C UNK E 20 52.92 65.20 -6.16
N UNK E 21 51.94 65.87 -6.77
CA UNK E 21 52.23 67.18 -7.30
C UNK E 21 52.64 68.24 -6.31
N UNK E 22 52.18 68.08 -5.08
CA UNK E 22 52.38 69.00 -3.90
C UNK E 22 53.92 69.10 -3.57
N UNK E 23 54.47 67.87 -3.54
CA UNK E 23 55.84 67.65 -3.29
C UNK E 23 56.71 68.20 -4.37
N UNK E 24 56.27 68.00 -5.56
CA UNK E 24 56.92 68.45 -6.77
C UNK E 24 57.01 69.98 -6.76
N UNK E 25 55.89 70.71 -6.33
CA UNK E 25 55.87 72.09 -6.10
C UNK E 25 56.81 72.56 -4.96
N UNK E 26 56.87 71.80 -3.80
CA UNK E 26 57.69 72.08 -2.70
C UNK E 26 59.06 72.02 -2.88
N UNK E 27 59.59 70.91 -3.40
CA UNK E 27 60.91 70.52 -3.59
C UNK E 27 61.60 71.32 -4.67
N UNK E 28 60.85 71.83 -5.63
CA UNK E 28 61.37 72.68 -6.65
C UNK E 28 61.84 73.98 -6.05
N UNK E 29 61.28 74.49 -4.89
CA UNK E 29 61.65 75.73 -4.18
C UNK E 29 63.07 75.62 -3.68
N UNK E 30 63.49 74.44 -3.20
CA UNK E 30 64.79 74.17 -2.62
C UNK E 30 65.89 74.46 -3.57
N UNK E 31 65.62 74.18 -4.84
CA UNK E 31 66.52 74.35 -5.96
C UNK E 31 66.83 75.78 -6.26
N UNK E 32 65.80 76.64 -6.22
CA UNK E 32 65.94 78.08 -6.32
C UNK E 32 66.67 78.61 -5.17
N UNK E 33 66.44 78.16 -3.95
CA UNK E 33 67.08 78.55 -2.74
C UNK E 33 68.55 78.17 -2.92
N UNK E 34 68.92 77.05 -3.44
CA UNK E 34 70.29 76.69 -3.68
C UNK E 34 70.97 77.55 -4.73
N UNK E 35 70.24 77.91 -5.83
CA UNK E 35 70.73 78.68 -6.98
C UNK E 35 71.13 80.09 -6.58
N UNK E 36 70.47 80.78 -5.61
CA UNK E 36 70.80 82.10 -5.11
C UNK E 36 72.10 82.13 -4.41
N UNK E 37 72.30 81.07 -3.59
CA UNK E 37 73.53 80.85 -2.78
C UNK E 37 74.68 80.62 -3.69
N UNK E 38 74.44 79.88 -4.86
CA UNK E 38 75.49 79.50 -5.84
C UNK E 38 76.04 80.74 -6.51
N UNK E 39 75.13 81.66 -6.82
CA UNK E 39 75.49 82.93 -7.46
C UNK E 39 76.41 83.71 -6.57
N UNK E 40 76.00 83.79 -5.21
CA UNK E 40 76.74 84.61 -4.23
C UNK E 40 78.15 84.10 -3.97
N UNK E 41 78.28 82.79 -3.72
CA UNK E 41 79.49 82.12 -3.41
C UNK E 41 80.42 82.14 -4.64
N UNK E 42 79.87 81.92 -5.83
CA UNK E 42 80.64 81.96 -7.11
C UNK E 42 81.39 83.24 -7.44
N UNK E 43 80.75 84.38 -7.25
CA UNK E 43 81.26 85.61 -7.61
C UNK E 43 82.46 85.94 -6.76
N UNK E 44 82.40 85.76 -5.48
CA UNK E 44 83.47 86.11 -4.60
C UNK E 44 84.70 85.15 -4.88
N UNK F 1 31.24 46.96 -20.51
CA UNK F 1 30.54 47.28 -19.24
C UNK F 1 31.04 48.58 -18.72
N UNK F 2 30.30 49.08 -17.64
CA UNK F 2 30.60 50.22 -16.85
C UNK F 2 31.83 50.00 -16.13
N UNK F 3 32.11 48.75 -15.58
CA UNK F 3 33.21 48.35 -14.82
C UNK F 3 34.50 48.50 -15.54
N UNK F 4 34.59 48.13 -16.82
CA UNK F 4 35.76 48.26 -17.67
C UNK F 4 36.07 49.76 -17.86
N UNK F 5 35.02 50.56 -18.08
CA UNK F 5 35.13 52.02 -18.32
C UNK F 5 35.76 52.75 -17.10
N UNK F 6 35.29 52.28 -15.84
CA UNK F 6 35.67 52.63 -14.47
C UNK F 6 37.01 52.15 -14.21
N UNK F 7 37.45 50.97 -14.63
CA UNK F 7 38.78 50.42 -14.48
C UNK F 7 39.82 51.20 -15.18
N UNK F 8 39.51 51.65 -16.43
CA UNK F 8 40.39 52.40 -17.33
C UNK F 8 40.80 53.67 -16.72
N UNK F 9 39.84 54.35 -15.98
CA UNK F 9 40.09 55.63 -15.33
C UNK F 9 41.20 55.50 -14.28
N UNK F 10 41.25 54.40 -13.50
CA UNK F 10 42.31 54.14 -12.55
C UNK F 10 43.67 53.97 -13.29
N UNK F 11 43.75 53.25 -14.45
CA UNK F 11 44.99 53.04 -15.20
C UNK F 11 45.48 54.37 -15.68
N UNK F 12 44.66 55.30 -16.17
CA UNK F 12 45.12 56.63 -16.62
C UNK F 12 45.73 57.36 -15.53
N UNK F 13 45.15 57.40 -14.34
CA UNK F 13 45.68 58.09 -13.13
C UNK F 13 46.93 57.47 -12.63
N UNK F 14 46.92 56.14 -12.63
CA UNK F 14 48.14 55.34 -12.27
C UNK F 14 49.27 55.65 -13.25
N UNK F 15 49.05 55.80 -14.58
CA UNK F 15 50.13 56.19 -15.49
C UNK F 15 50.74 57.59 -15.17
N UNK F 16 49.80 58.58 -14.84
CA UNK F 16 50.14 59.89 -14.40
C UNK F 16 50.94 59.89 -13.13
N UNK F 17 50.57 59.04 -12.13
CA UNK F 17 51.16 58.88 -10.79
C UNK F 17 52.54 58.41 -10.98
N UNK F 18 52.82 57.41 -11.92
CA UNK F 18 54.14 56.86 -12.15
C UNK F 18 55.08 57.90 -12.61
N UNK F 19 54.64 58.73 -13.65
CA UNK F 19 55.47 59.79 -14.26
C UNK F 19 55.81 60.77 -13.22
N UNK F 20 54.88 61.15 -12.29
CA UNK F 20 55.12 62.09 -11.21
C UNK F 20 56.19 61.68 -10.28
N UNK F 21 56.31 60.38 -10.07
CA UNK F 21 57.22 59.64 -9.22
C UNK F 21 58.57 59.63 -9.80
N UNK F 22 58.66 59.34 -11.15
CA UNK F 22 59.80 59.28 -12.00
C UNK F 22 60.41 60.64 -12.06
N UNK F 23 59.63 61.73 -12.28
CA UNK F 23 60.13 63.15 -12.34
C UNK F 23 60.58 63.61 -10.99
N UNK F 24 59.92 63.18 -9.91
CA UNK F 24 60.21 63.55 -8.53
C UNK F 24 61.48 63.04 -8.07
N UNK F 25 61.84 61.81 -8.46
CA UNK F 25 63.14 61.18 -8.14
C UNK F 25 64.33 61.75 -8.88
N UNK F 26 64.12 62.25 -10.13
CA UNK F 26 65.15 63.06 -10.82
C UNK F 26 65.48 64.38 -10.11
N UNK F 27 64.56 65.01 -9.34
CA UNK F 27 64.68 66.23 -8.55
C UNK F 27 65.68 65.94 -7.45
N UNK F 28 65.63 64.71 -6.88
CA UNK F 28 66.57 64.17 -5.91
C UNK F 28 67.90 64.25 -6.54
N UNK F 29 68.11 63.81 -7.79
CA UNK F 29 69.36 63.86 -8.41
C UNK F 29 69.81 65.28 -8.71
N UNK F 30 68.92 66.14 -9.20
CA UNK F 30 69.15 67.53 -9.61
C UNK F 30 69.64 68.29 -8.39
N UNK F 31 69.04 68.00 -7.23
CA UNK F 31 69.40 68.59 -5.91
C UNK F 31 70.84 68.22 -5.38
N UNK F 32 71.25 66.95 -5.69
CA UNK F 32 72.64 66.39 -5.46
C UNK F 32 73.74 67.18 -6.28
N UNK F 33 73.45 67.46 -7.57
CA UNK F 33 74.45 68.17 -8.43
C UNK F 33 74.64 69.55 -7.95
N UNK F 34 73.48 70.21 -7.64
CA UNK F 34 73.49 71.54 -7.08
C UNK F 34 74.11 71.61 -5.67
N UNK F 35 74.00 70.45 -4.84
CA UNK F 35 74.66 70.38 -3.50
C UNK F 35 76.13 70.40 -3.64
N UNK F 36 76.65 69.58 -4.62
CA UNK F 36 78.06 69.49 -4.90
C UNK F 36 78.53 70.85 -5.43
N UNK F 37 77.76 71.58 -6.24
CA UNK F 37 78.12 72.96 -6.77
C UNK F 37 78.31 73.92 -5.63
N UNK F 38 77.57 73.89 -4.50
CA UNK F 38 77.80 74.76 -3.38
C UNK F 38 79.13 74.31 -2.75
N UNK F 39 79.41 73.09 -2.62
CA UNK F 39 80.55 72.64 -1.88
C UNK F 39 81.83 73.08 -2.40
N UNK F 40 82.00 72.90 -3.76
CA UNK F 40 83.23 73.42 -4.37
C UNK F 40 83.30 74.91 -4.40
N UNK F 41 82.16 75.54 -4.53
CA UNK F 41 81.96 77.02 -4.38
C UNK F 41 82.31 77.56 -2.98
N UNK F 42 82.02 76.84 -1.85
CA UNK F 42 82.22 77.26 -0.46
C UNK F 42 83.67 77.47 -0.31
N UNK F 43 84.49 76.48 -0.83
CA UNK F 43 85.90 76.37 -0.68
C UNK F 43 86.61 77.55 -1.30
N UNK F 44 86.30 77.89 -2.58
CA UNK F 44 86.90 79.02 -3.34
C UNK F 44 86.31 80.33 -2.80
N GLN A 55 85.81 64.15 14.11
CA GLN A 55 85.77 62.98 13.24
C GLN A 55 85.53 61.76 13.96
N GLU A 56 86.38 61.41 14.96
CA GLU A 56 86.27 60.22 15.79
C GLU A 56 85.01 60.35 16.59
N ALA A 57 84.79 61.56 17.12
CA ALA A 57 83.57 61.89 17.85
C ALA A 57 82.38 61.83 16.99
N LEU A 58 82.42 62.32 15.73
CA LEU A 58 81.27 62.21 14.83
C LEU A 58 80.96 60.74 14.55
N VAL A 59 82.00 59.89 14.33
CA VAL A 59 81.81 58.47 14.06
C VAL A 59 81.21 57.76 15.18
N VAL A 60 81.60 58.03 16.38
CA VAL A 60 80.88 57.32 17.47
C VAL A 60 79.42 57.70 17.59
N LYS A 61 79.11 59.01 17.46
CA LYS A 61 77.73 59.51 17.61
C LYS A 61 76.81 58.94 16.51
N ASP A 62 77.23 58.84 15.28
CA ASP A 62 76.61 58.36 14.07
C ASP A 62 76.38 56.97 14.29
N LEU A 63 77.28 56.17 14.95
CA LEU A 63 77.09 54.83 15.10
C LEU A 63 75.89 54.64 15.96
N LEU A 64 75.74 55.44 17.10
CA LEU A 64 74.49 55.37 17.91
C LEU A 64 73.18 55.79 17.18
N ASN A 65 73.18 56.88 16.42
CA ASN A 65 71.95 57.27 15.79
C ASN A 65 71.48 56.21 14.78
N VAL A 66 72.42 55.66 14.02
CA VAL A 66 72.03 54.66 13.01
C VAL A 66 71.53 53.45 13.65
N LEU A 67 72.18 53.11 14.83
CA LEU A 67 71.84 51.90 15.54
C LEU A 67 70.44 51.77 16.02
N ILE A 68 69.81 52.90 16.44
CA ILE A 68 68.36 52.74 16.82
C ILE A 68 67.35 52.52 15.67
N GLY A 69 67.83 52.92 14.49
CA GLY A 69 67.38 52.41 13.21
C GLY A 69 66.30 53.24 12.78
N LEU A 70 66.68 54.45 12.26
CA LEU A 70 65.77 55.39 11.73
C LEU A 70 65.51 55.02 10.29
N GLU A 71 64.17 55.04 10.06
CA GLU A 71 63.56 54.86 8.77
C GLU A 71 62.71 56.12 8.61
N GLY A 72 63.31 57.36 8.55
CA GLY A 72 62.57 58.62 8.65
C GLY A 72 62.24 59.23 7.27
N THR A 73 62.46 60.58 7.14
CA THR A 73 62.19 61.45 6.03
C THR A 73 63.47 61.78 5.29
N TYR A 74 64.60 61.10 5.55
CA TYR A 74 65.80 61.25 4.68
C TYR A 74 66.14 59.93 4.16
N ILE A 75 65.52 58.87 4.63
CA ILE A 75 65.58 57.51 4.11
C ILE A 75 64.20 57.40 3.47
N ARG A 76 64.13 57.63 2.10
CA ARG A 76 62.86 57.86 1.48
C ARG A 76 62.37 56.47 1.03
N TYR A 77 61.06 56.27 0.63
CA TYR A 77 60.25 55.02 0.39
C TYR A 77 59.87 55.09 -1.04
N PHE A 78 60.19 53.94 -1.72
CA PHE A 78 59.67 53.68 -3.17
C PHE A 78 58.75 52.47 -2.93
N ASN A 79 57.46 52.41 -3.36
CA ASN A 79 56.56 51.41 -2.84
C ASN A 79 57.09 49.99 -3.26
N ASP A 80 57.46 49.78 -4.55
CA ASP A 80 57.78 48.47 -5.06
C ASP A 80 58.43 48.71 -6.45
N ILE A 90 61.47 49.73 -4.82
CA ILE A 90 62.80 49.56 -4.18
C ILE A 90 62.60 49.34 -2.74
N GLU A 91 61.66 50.09 -2.10
CA GLU A 91 61.35 50.05 -0.70
C GLU A 91 62.23 51.17 -0.19
N PHE A 92 62.63 51.01 1.11
CA PHE A 92 63.44 52.04 1.73
C PHE A 92 64.80 52.15 1.01
N LYS A 93 65.17 53.38 0.69
CA LYS A 93 66.47 53.63 0.26
C LYS A 93 66.96 54.83 1.09
N ILE A 94 68.34 54.81 1.33
CA ILE A 94 69.05 55.74 2.14
C ILE A 94 70.26 56.28 1.47
N ALA A 95 70.61 57.53 1.87
CA ALA A 95 71.76 58.37 1.54
C ALA A 95 73.01 57.63 1.89
N LYS A 96 74.06 57.61 0.97
CA LYS A 96 75.33 56.96 1.27
C LYS A 96 76.42 57.95 1.31
N LYS A 97 77.29 57.82 2.32
CA LYS A 97 78.34 58.82 2.61
C LYS A 97 78.77 58.47 4.02
N MET A 98 79.74 57.58 4.11
CA MET A 98 80.30 57.17 5.40
C MET A 98 81.56 56.46 5.12
N ASP A 99 82.39 56.24 6.19
CA ASP A 99 83.66 55.51 6.11
C ASP A 99 83.41 54.05 5.60
N PRO A 100 84.42 53.30 4.98
CA PRO A 100 84.28 51.97 4.48
C PRO A 100 83.68 51.01 5.49
N SER A 101 84.15 51.02 6.76
CA SER A 101 83.88 50.00 7.79
C SER A 101 82.42 50.01 8.13
N PHE A 102 81.86 51.26 8.24
CA PHE A 102 80.56 51.54 8.59
C PHE A 102 79.75 51.02 7.53
N LYS A 103 80.18 51.28 6.27
CA LYS A 103 79.46 50.95 5.10
C LYS A 103 79.27 49.45 4.99
N THR A 104 80.37 48.64 5.30
CA THR A 104 80.29 47.18 5.15
C THR A 104 79.22 46.64 6.06
N PHE A 105 79.26 47.19 7.32
CA PHE A 105 78.32 46.73 8.34
C PHE A 105 76.92 47.08 7.91
N SER A 106 76.73 48.29 7.37
CA SER A 106 75.40 48.75 6.89
C SER A 106 74.74 47.96 5.80
N ARG A 107 75.68 47.45 4.89
CA ARG A 107 75.29 46.69 3.74
C ARG A 107 74.63 45.37 4.19
N ARG A 108 75.17 44.71 5.21
CA ARG A 108 74.47 43.60 5.77
C ARG A 108 73.17 44.04 6.52
N ILE A 109 73.24 45.19 7.25
CA ILE A 109 72.17 45.61 8.08
C ILE A 109 70.88 45.87 7.34
N VAL A 110 70.95 46.37 6.10
CA VAL A 110 69.84 46.71 5.23
C VAL A 110 68.98 45.53 4.84
N ARG A 111 69.68 44.38 4.61
CA ARG A 111 69.04 43.10 4.37
C ARG A 111 68.20 42.69 5.64
N TYR A 112 68.79 42.84 6.89
CA TYR A 112 68.14 42.45 8.09
C TYR A 112 66.86 43.23 8.21
N GLY A 113 67.02 44.57 7.93
CA GLY A 113 65.93 45.50 8.04
C GLY A 113 64.84 45.16 7.04
N LYS A 114 65.23 44.75 5.88
CA LYS A 114 64.33 44.47 4.81
C LYS A 114 63.56 43.25 5.09
N GLN A 115 64.21 42.25 5.69
CA GLN A 115 63.59 40.99 5.97
C GLN A 115 62.44 41.12 6.91
N TYR A 116 62.58 41.98 7.93
CA TYR A 116 61.49 42.35 8.79
C TYR A 116 60.28 42.97 8.16
N MET A 117 60.55 43.88 7.23
CA MET A 117 59.53 44.54 6.44
C MET A 117 58.78 43.60 5.53
N ILE A 118 59.48 42.65 4.84
CA ILE A 118 58.82 41.73 3.95
C ILE A 118 57.95 40.79 4.68
N LEU A 119 58.42 40.23 5.85
CA LEU A 119 57.53 39.36 6.62
C LEU A 119 56.26 40.15 7.05
N THR A 120 56.44 41.44 7.45
CA THR A 120 55.37 42.34 7.86
C THR A 120 54.30 42.46 6.77
N ARG A 121 54.71 42.59 5.51
CA ARG A 121 53.78 42.72 4.38
C ARG A 121 52.98 41.47 4.24
N ALA A 122 53.66 40.26 4.36
CA ALA A 122 53.09 38.91 4.21
C ALA A 122 52.03 38.55 5.23
N TYR A 123 52.27 38.83 6.51
CA TYR A 123 51.28 38.51 7.58
C TYR A 123 50.03 39.37 7.39
N GLU A 124 50.17 40.65 6.97
CA GLU A 124 49.10 41.63 6.64
C GLU A 124 48.23 41.10 5.60
N LYS A 125 48.79 40.41 4.52
CA LYS A 125 48.13 39.96 3.30
C LYS A 125 47.14 38.94 3.74
N TRP A 126 47.58 37.99 4.61
CA TRP A 126 46.64 36.94 5.03
C TRP A 126 45.62 37.50 5.95
N SER A 127 45.98 38.55 6.75
CA SER A 127 45.06 39.31 7.55
C SER A 127 44.06 39.99 6.67
N ASP A 128 42.87 40.22 7.27
CA ASP A 128 41.93 41.13 6.66
C ASP A 128 41.44 40.68 5.31
N THR A 129 40.96 39.42 5.41
CA THR A 129 40.44 38.46 4.51
C THR A 129 41.51 37.46 4.39
N SER A 130 41.23 36.35 5.16
CA SER A 130 41.84 35.08 5.12
C SER A 130 41.17 34.26 4.02
N PHE A 131 42.00 33.49 3.27
CA PHE A 131 41.59 32.53 2.29
C PHE A 131 42.49 31.32 2.57
N GLY A 132 43.64 31.58 3.22
CA GLY A 132 44.75 30.70 3.58
C GLY A 132 44.91 30.86 5.03
N MET A 133 43.98 30.28 5.75
CA MET A 133 43.71 30.36 7.15
C MET A 133 44.80 29.76 7.96
N VAL A 134 45.34 28.62 7.53
CA VAL A 134 46.38 27.86 8.15
C VAL A 134 47.63 28.78 8.09
N LEU A 135 47.87 29.47 6.92
CA LEU A 135 48.91 30.44 6.89
C LEU A 135 48.74 31.66 7.85
N GLN A 136 47.57 32.25 7.97
CA GLN A 136 47.44 33.41 8.86
C GLN A 136 47.71 33.03 10.24
N ARG A 137 47.23 31.84 10.72
CA ARG A 137 47.47 31.36 11.99
C ARG A 137 48.91 31.05 12.25
N PHE A 138 49.58 30.56 11.18
CA PHE A 138 51.01 30.08 11.27
C PHE A 138 51.80 31.34 11.64
N ALA A 139 51.43 32.43 10.87
CA ALA A 139 52.04 33.62 10.85
C ALA A 139 51.95 34.29 12.10
N TYR A 140 50.76 34.22 12.80
CA TYR A 140 50.64 34.93 13.99
C TYR A 140 51.52 34.49 15.05
N GLU A 141 51.62 33.13 15.19
CA GLU A 141 52.41 32.66 16.33
C GLU A 141 53.90 32.96 16.17
N ILE A 142 54.42 32.75 14.93
CA ILE A 142 55.82 32.98 14.73
C ILE A 142 56.07 34.43 14.95
N ARG A 143 55.22 35.35 14.43
CA ARG A 143 55.55 36.74 14.43
C ARG A 143 55.66 37.20 15.78
N ARG A 144 54.75 36.76 16.69
CA ARG A 144 54.71 37.18 18.08
C ARG A 144 55.89 36.80 18.77
N PHE A 145 56.39 35.54 18.54
CA PHE A 145 57.54 34.92 19.13
C PHE A 145 58.74 35.73 18.72
N LEU A 146 58.84 36.09 17.36
CA LEU A 146 60.03 36.76 16.83
C LEU A 146 60.16 38.11 17.48
N GLU A 147 59.06 38.85 17.64
CA GLU A 147 59.00 40.23 18.14
C GLU A 147 59.47 40.43 19.49
N ASP A 148 59.02 39.43 20.37
CA ASP A 148 59.36 39.43 21.75
C ASP A 148 60.87 39.31 21.98
N VAL A 149 61.56 38.37 21.26
CA VAL A 149 62.99 38.19 21.41
C VAL A 149 63.72 39.43 21.01
N TYR A 150 63.35 39.95 19.80
CA TYR A 150 64.09 40.98 19.19
C TYR A 150 64.06 42.24 19.95
N LEU A 151 62.87 42.65 20.42
CA LEU A 151 62.54 43.82 21.12
C LEU A 151 63.19 43.91 22.46
N LYS A 152 63.17 42.79 23.25
CA LYS A 152 63.63 42.72 24.60
C LYS A 152 65.09 42.96 24.53
N THR A 153 65.83 42.27 23.61
CA THR A 153 67.26 42.29 23.50
C THR A 153 67.62 43.70 23.13
N LEU A 154 66.99 44.34 22.10
CA LEU A 154 67.42 45.54 21.47
C LEU A 154 67.28 46.66 22.47
N VAL A 155 66.13 46.79 23.27
CA VAL A 155 65.81 47.86 24.20
C VAL A 155 66.86 47.80 25.35
N GLU A 156 67.20 46.55 25.89
CA GLU A 156 68.09 46.36 26.95
C GLU A 156 69.48 46.89 26.38
N ARG A 157 69.90 46.57 25.08
CA ARG A 157 71.12 47.01 24.51
C ARG A 157 71.21 48.41 24.35
N LEU A 158 70.13 49.08 23.88
CA LEU A 158 70.08 50.43 23.49
C LEU A 158 70.29 51.29 24.78
N GLU A 159 69.66 50.94 25.89
CA GLU A 159 69.83 51.62 27.15
C GLU A 159 71.26 51.44 27.58
N ARG A 160 71.90 50.23 27.41
CA ARG A 160 73.25 50.01 27.90
C ARG A 160 74.28 50.86 27.23
N ASP A 161 74.14 50.96 25.87
CA ASP A 161 75.07 51.53 24.91
C ASP A 161 75.15 53.00 25.15
N PHE A 162 73.95 53.68 25.42
CA PHE A 162 74.01 55.07 25.90
C PHE A 162 74.65 55.17 27.29
N ASN A 163 74.31 54.34 28.30
CA ASN A 163 74.67 54.59 29.70
C ASN A 163 76.17 54.61 29.94
N LYS A 164 76.90 53.64 29.33
CA LYS A 164 78.34 53.48 29.65
C LYS A 164 79.18 54.73 29.18
N VAL A 165 79.03 55.15 27.93
CA VAL A 165 79.61 56.36 27.27
C VAL A 165 78.39 56.61 26.39
N PRO A 166 77.99 57.79 25.89
CA PRO A 166 76.70 58.02 25.13
C PRO A 166 76.61 57.13 23.89
N ASN A 167 77.66 56.39 23.44
CA ASN A 167 77.70 55.61 22.26
C ASN A 167 78.55 54.43 22.52
N PHE A 168 78.18 53.24 21.91
CA PHE A 168 78.86 52.00 22.03
C PHE A 168 78.74 51.14 20.79
N SER A 169 79.45 49.99 20.89
CA SER A 169 79.74 49.05 19.83
C SER A 169 78.56 48.28 19.26
N ILE A 170 78.35 48.28 17.95
CA ILE A 170 77.39 47.52 17.19
C ILE A 170 77.60 46.03 17.22
N ARG A 171 78.90 45.65 17.24
CA ARG A 171 79.30 44.33 16.86
C ARG A 171 78.69 43.20 17.64
N GLU A 172 78.72 43.38 18.95
CA GLU A 172 78.34 42.32 19.87
C GLU A 172 76.84 42.02 19.73
N LEU A 173 76.07 43.12 19.60
CA LEU A 173 74.62 43.17 19.43
C LEU A 173 74.22 42.47 18.14
N GLU A 174 74.97 42.77 17.01
CA GLU A 174 74.66 42.23 15.65
C GLU A 174 74.81 40.71 15.77
N GLN A 175 75.88 40.19 16.48
CA GLN A 175 76.20 38.68 16.42
C GLN A 175 75.08 37.91 17.03
N ILE A 176 74.54 38.32 18.16
CA ILE A 176 73.47 37.51 18.78
C ILE A 176 72.19 37.48 17.89
N ILE A 177 71.88 38.71 17.47
CA ILE A 177 70.62 39.03 16.81
C ILE A 177 70.56 38.26 15.52
N ASN A 178 71.74 38.21 14.88
CA ASN A 178 71.86 37.58 13.59
C ASN A 178 71.50 36.19 13.50
N GLU A 179 71.92 35.41 14.48
CA GLU A 179 71.73 34.02 14.50
C GLU A 179 70.30 33.69 14.56
N THR A 180 69.57 34.39 15.47
CA THR A 180 68.21 34.01 15.74
C THR A 180 67.33 34.14 14.59
N GLU A 181 67.49 35.38 14.02
CA GLU A 181 66.74 35.84 12.86
C GLU A 181 66.96 34.96 11.69
N VAL A 182 68.20 34.69 11.38
CA VAL A 182 68.59 34.33 10.02
C VAL A 182 67.88 33.09 9.58
N ASN A 183 68.01 32.07 10.49
CA ASN A 183 67.53 30.74 10.15
C ASN A 183 66.06 30.86 10.05
N LYS A 184 65.37 31.43 11.01
CA LYS A 184 63.92 31.18 11.10
C LYS A 184 63.18 31.81 9.90
N GLN A 185 63.50 33.14 9.77
CA GLN A 185 62.73 34.02 8.97
C GLN A 185 62.96 33.65 7.57
N MET A 186 64.30 33.39 7.30
CA MET A 186 64.74 33.38 5.95
C MET A 186 64.15 32.26 5.15
N GLU A 187 64.11 31.00 5.79
CA GLU A 187 63.64 29.86 5.01
C GLU A 187 62.20 30.01 4.66
N LEU A 188 61.50 30.38 5.69
CA LEU A 188 60.08 30.35 5.60
C LEU A 188 59.55 31.32 4.55
N LEU A 189 60.11 32.55 4.62
CA LEU A 189 59.65 33.57 3.77
C LEU A 189 59.93 33.37 2.33
N TYR A 190 61.14 32.82 2.00
CA TYR A 190 61.66 32.58 0.70
C TYR A 190 60.81 31.67 -0.05
N ASN A 191 60.38 30.63 0.66
CA ASN A 191 59.51 29.57 0.14
C ASN A 191 58.16 30.19 -0.24
N ILE A 192 57.66 31.05 0.64
CA ILE A 192 56.37 31.61 0.65
C ILE A 192 56.17 32.44 -0.59
N TYR A 193 57.26 33.22 -0.89
CA TYR A 193 57.36 34.07 -1.98
C TYR A 193 57.31 33.26 -3.23
N GLU A 194 57.98 32.11 -3.25
CA GLU A 194 57.96 31.26 -4.39
C GLU A 194 56.57 30.74 -4.63
N GLU A 195 55.81 30.39 -3.60
CA GLU A 195 54.46 29.98 -3.74
C GLU A 195 53.59 31.09 -4.30
N ILE A 196 53.72 32.40 -3.89
CA ILE A 196 52.88 33.53 -4.28
C ILE A 196 52.91 33.82 -5.75
N PHE A 197 54.17 33.74 -6.25
CA PHE A 197 54.46 33.80 -7.66
C PHE A 197 53.85 32.61 -8.41
N ARG A 198 54.01 31.44 -7.79
CA ARG A 198 53.68 30.22 -8.50
C ARG A 198 52.12 30.30 -8.79
N GLU A 199 51.37 30.78 -7.74
CA GLU A 199 49.91 30.83 -7.71
C GLU A 199 49.42 31.75 -8.78
N ILE A 200 50.08 32.88 -8.96
CA ILE A 200 49.79 33.82 -10.03
C ILE A 200 50.05 33.16 -11.39
N GLU A 201 51.10 32.38 -11.65
CA GLU A 201 51.23 31.72 -12.96
C GLU A 201 50.03 30.73 -13.19
N GLU A 202 49.61 29.99 -12.20
CA GLU A 202 48.60 28.92 -12.28
C GLU A 202 47.26 29.45 -12.69
N ARG A 203 46.92 30.59 -12.15
CA ARG A 203 45.73 31.38 -12.44
C ARG A 203 45.70 31.89 -13.80
N ARG A 204 46.84 32.35 -14.38
CA ARG A 204 46.92 32.90 -15.67
C ARG A 204 46.54 31.92 -16.73
N THR A 205 46.97 30.66 -16.66
CA THR A 205 46.73 29.64 -17.71
C THR A 205 45.57 28.76 -17.18
N LYS A 243 46.79 26.28 -3.81
CA LYS A 243 46.17 24.98 -3.84
C LYS A 243 46.46 24.07 -2.61
N GLY A 244 45.46 23.68 -1.93
CA GLY A 244 45.60 23.22 -0.58
C GLY A 244 46.51 21.99 -0.37
N GLY A 245 46.20 21.01 -1.10
CA GLY A 245 46.91 19.74 -0.90
C GLY A 245 48.41 19.80 -1.26
N ALA A 246 48.68 20.63 -2.32
CA ALA A 246 49.98 20.97 -2.77
C ALA A 246 50.76 21.71 -1.78
N ILE A 247 50.14 22.65 -1.06
CA ILE A 247 50.85 23.38 0.00
C ILE A 247 51.31 22.47 1.14
N LEU A 248 50.45 21.53 1.55
CA LEU A 248 50.73 20.66 2.70
C LEU A 248 51.98 19.81 2.34
N LYS A 249 52.04 19.34 1.09
CA LYS A 249 53.13 18.60 0.48
C LYS A 249 54.34 19.47 0.41
N ILE A 250 54.24 20.74 0.06
CA ILE A 250 55.31 21.70 -0.14
C ILE A 250 55.99 21.92 1.19
N PHE A 251 55.18 22.03 2.32
CA PHE A 251 55.67 22.15 3.60
C PHE A 251 56.46 20.96 4.09
N GLN A 252 55.98 19.75 3.73
CA GLN A 252 56.78 18.54 3.97
C GLN A 252 58.04 18.51 3.22
N GLN A 253 58.04 18.98 1.97
CA GLN A 253 59.22 19.03 1.11
C GLN A 253 60.27 19.99 1.66
N LYS A 254 59.84 21.15 2.16
CA LYS A 254 60.64 22.17 2.71
C LYS A 254 61.28 21.63 3.96
N ILE A 255 60.55 20.79 4.72
CA ILE A 255 61.13 20.17 5.95
C ILE A 255 62.32 19.25 5.58
N LEU A 256 62.18 18.45 4.49
CA LEU A 256 63.12 17.51 4.00
C LEU A 256 64.39 18.16 3.55
N GLU A 257 64.35 19.33 2.86
CA GLU A 257 65.50 20.14 2.45
C GLU A 257 66.18 20.63 3.69
N ASN A 258 65.36 21.13 4.61
CA ASN A 258 65.69 21.82 5.83
C ASN A 258 66.28 20.84 6.78
N LEU A 259 65.92 19.55 6.57
CA LEU A 259 66.25 18.43 7.39
C LEU A 259 67.68 18.40 7.72
N GLY A 260 68.55 18.85 6.77
CA GLY A 260 70.07 18.96 6.97
C GLY A 260 70.38 19.96 8.17
N ASP A 261 70.06 21.31 8.09
CA ASP A 261 70.31 22.30 9.12
C ASP A 261 69.05 22.32 9.93
N ARG A 262 68.85 21.35 10.93
CA ARG A 262 67.63 21.27 11.65
C ARG A 262 67.82 22.04 12.92
N SER A 263 66.70 22.45 13.48
CA SER A 263 66.50 23.28 14.69
C SER A 263 65.63 24.40 14.26
N SER A 264 65.73 24.74 12.92
CA SER A 264 64.88 25.55 12.12
C SER A 264 63.73 24.69 11.85
N VAL A 265 64.05 23.47 11.45
CA VAL A 265 63.18 22.41 11.13
C VAL A 265 62.28 22.06 12.34
N MET A 266 62.89 21.87 13.54
CA MET A 266 62.25 21.43 14.68
C MET A 266 61.18 22.46 15.15
N PHE A 267 61.46 23.76 15.12
CA PHE A 267 60.54 24.85 15.39
C PHE A 267 59.44 24.84 14.40
N LEU A 268 59.75 24.72 13.08
CA LEU A 268 58.91 24.76 11.98
C LEU A 268 58.01 23.62 12.16
N LYS A 269 58.51 22.49 12.66
CA LYS A 269 57.69 21.32 12.93
C LYS A 269 56.62 21.61 13.97
N LYS A 270 56.99 22.34 15.04
CA LYS A 270 56.00 22.72 16.08
C LYS A 270 54.85 23.55 15.49
N LEU A 271 55.17 24.51 14.61
CA LEU A 271 54.23 25.35 14.00
C LEU A 271 53.35 24.64 13.03
N LEU A 272 53.92 23.59 12.39
CA LEU A 272 53.17 22.67 11.58
C LEU A 272 52.23 21.90 12.44
N ASN A 273 52.68 21.44 13.68
CA ASN A 273 52.02 20.50 14.48
C ASN A 273 50.68 20.97 14.90
N ASN A 274 50.66 22.23 15.37
CA ASN A 274 49.38 22.73 15.78
C ASN A 274 48.47 22.95 14.57
N ILE A 275 49.00 23.26 13.41
CA ILE A 275 48.27 23.28 12.12
C ILE A 275 47.77 21.91 11.70
N SER A 276 48.58 20.88 11.79
CA SER A 276 48.04 19.50 11.51
C SER A 276 47.01 19.00 12.42
N GLN A 277 46.86 19.47 13.73
CA GLN A 277 45.78 19.15 14.54
C GLN A 277 44.42 19.51 14.08
N ASP A 278 44.33 20.73 13.48
CA ASP A 278 43.03 21.21 12.91
C ASP A 278 42.57 20.34 11.75
N TYR A 279 43.52 19.91 10.89
CA TYR A 279 43.29 19.00 9.81
C TYR A 279 42.86 17.66 10.19
N CYS A 280 43.59 17.11 11.19
CA CYS A 280 43.41 15.75 11.66
C CYS A 280 42.03 15.61 12.22
N THR A 281 41.56 16.66 12.91
CA THR A 281 40.22 16.73 13.45
C THR A 281 39.20 16.73 12.44
N MET A 282 39.42 17.50 11.33
CA MET A 282 38.49 17.54 10.18
C MET A 282 38.42 16.18 9.55
N LEU A 283 39.55 15.56 9.38
CA LEU A 283 39.82 14.27 8.80
C LEU A 283 39.15 13.16 9.66
N TYR A 284 39.22 13.23 11.04
CA TYR A 284 38.60 12.28 11.91
C TYR A 284 37.19 12.29 11.89
N GLU A 285 36.62 13.50 11.83
CA GLU A 285 35.22 13.86 11.62
C GLU A 285 34.83 13.35 10.34
N TRP A 286 35.60 13.47 9.28
CA TRP A 286 35.19 12.90 8.07
C TRP A 286 35.18 11.37 8.30
N LEU A 287 36.22 10.65 8.74
CA LEU A 287 36.20 9.21 8.73
C LEU A 287 35.16 8.65 9.74
N THR A 288 35.07 9.23 10.93
CA THR A 288 34.18 8.70 11.91
C THR A 288 32.80 9.23 11.80
N GLN A 289 32.44 10.47 11.31
CA GLN A 289 31.02 10.78 11.21
C GLN A 289 30.68 11.39 9.82
N GLY A 290 31.64 11.30 8.80
CA GLY A 290 31.44 11.88 7.49
C GLY A 290 31.32 13.41 7.55
N ILE A 291 31.84 14.11 8.65
CA ILE A 291 31.55 15.54 8.79
C ILE A 291 32.75 16.17 8.07
N LEU A 292 32.44 17.09 7.12
CA LEU A 292 33.35 18.04 6.47
C LEU A 292 32.51 19.24 6.13
N ASN A 293 33.09 20.41 5.87
CA ASN A 293 32.39 21.57 5.43
C ASN A 293 33.06 22.16 4.23
N ASP A 294 34.34 22.52 4.48
CA ASP A 294 35.24 23.16 3.56
C ASP A 294 34.81 24.53 3.10
N PRO A 295 34.74 25.60 3.95
CA PRO A 295 34.17 26.89 3.53
C PRO A 295 35.11 27.68 2.57
N TYR A 296 36.32 27.32 2.63
CA TYR A 296 37.32 27.92 1.83
C TYR A 296 38.03 26.80 1.13
N GLN A 297 37.34 25.62 0.98
CA GLN A 297 37.82 24.59 0.12
C GLN A 297 39.03 23.92 0.67
N GLU A 298 38.99 23.37 1.94
CA GLU A 298 40.07 22.79 2.62
C GLU A 298 40.35 21.33 2.39
N PHE A 299 39.37 20.63 1.77
CA PHE A 299 39.49 19.22 1.44
C PHE A 299 39.17 19.18 0.00
N MET A 300 39.84 18.39 -0.85
CA MET A 300 39.78 18.28 -2.32
C MET A 300 38.49 17.74 -2.88
N THR A 301 37.67 17.20 -1.89
CA THR A 301 36.34 16.86 -2.22
C THR A 301 35.45 17.99 -1.73
N TYR A 302 34.55 18.29 -2.69
CA TYR A 302 33.63 19.44 -2.60
C TYR A 302 32.37 18.78 -2.92
N ASP A 303 31.28 19.30 -2.33
CA ASP A 303 29.98 18.74 -2.49
C ASP A 303 29.57 19.22 -3.84
N ASP A 304 29.05 18.24 -4.62
CA ASP A 304 28.35 18.45 -5.88
C ASP A 304 26.99 18.01 -5.42
N TRP A 320 15.92 12.26 -1.10
CA TRP A 320 17.11 12.92 -1.78
C TRP A 320 18.34 12.47 -1.13
N ASP A 321 19.46 12.95 -1.67
CA ASP A 321 20.83 12.54 -1.25
C ASP A 321 21.67 13.61 -1.85
N THR A 322 22.96 13.66 -1.54
CA THR A 322 23.84 14.56 -2.23
C THR A 322 25.13 13.83 -2.31
N GLN A 323 25.83 14.01 -3.44
CA GLN A 323 27.09 13.47 -3.74
C GLN A 323 28.21 14.45 -3.57
N TYR A 324 29.45 13.89 -3.80
CA TYR A 324 30.73 14.61 -3.73
C TYR A 324 31.56 14.19 -4.89
N PHE A 325 32.47 15.04 -5.30
CA PHE A 325 33.36 14.99 -6.40
C PHE A 325 34.60 15.84 -6.05
N ILE A 326 35.63 15.75 -6.95
CA ILE A 326 36.92 16.42 -6.90
C ILE A 326 36.93 17.70 -7.71
N ARG A 327 37.46 18.76 -7.07
CA ARG A 327 37.68 20.07 -7.72
C ARG A 327 39.17 19.99 -7.92
N LYS A 328 39.50 19.88 -9.19
CA LYS A 328 40.77 19.46 -9.65
C LYS A 328 41.94 20.42 -9.34
N ASP A 329 41.70 21.82 -9.29
CA ASP A 329 42.75 22.81 -9.04
C ASP A 329 43.47 22.67 -7.71
N VAL A 330 42.66 22.39 -6.58
CA VAL A 330 43.30 22.14 -5.30
C VAL A 330 44.07 20.83 -5.13
N LEU A 331 43.63 19.80 -5.95
CA LEU A 331 44.05 18.40 -5.76
C LEU A 331 45.38 18.07 -5.16
N LEU A 332 45.44 17.05 -4.26
CA LEU A 332 46.51 16.49 -3.55
C LEU A 332 47.49 15.85 -4.44
N ARG A 333 48.76 16.26 -4.37
CA ARG A 333 49.84 15.79 -5.11
C ARG A 333 50.16 14.39 -4.80
N ASP A 334 50.02 13.97 -3.43
CA ASP A 334 50.38 12.71 -2.85
C ASP A 334 49.57 11.55 -3.48
N CYS A 335 48.29 11.74 -3.83
CA CYS A 335 47.47 10.76 -4.35
C CYS A 335 47.27 10.98 -5.85
N ASP A 336 48.33 11.45 -6.53
CA ASP A 336 48.26 11.59 -7.94
C ASP A 336 49.14 10.54 -8.58
N SER A 337 48.55 9.75 -9.48
CA SER A 337 49.09 8.61 -10.24
C SER A 337 47.86 7.74 -10.29
N GLU A 338 47.87 6.73 -11.22
CA GLU A 338 46.76 5.78 -11.28
C GLU A 338 46.75 5.01 -9.92
N GLU A 339 47.89 4.44 -9.41
CA GLU A 339 47.92 3.62 -8.20
C GLU A 339 47.63 4.50 -6.97
N ASP A 340 48.20 5.66 -7.01
CA ASP A 340 48.11 6.65 -6.01
C ASP A 340 46.73 7.23 -5.83
N LYS A 341 46.04 7.48 -6.92
CA LYS A 341 44.64 7.85 -6.84
C LYS A 341 43.71 6.76 -6.30
N ASN A 342 43.96 5.49 -6.65
CA ASN A 342 43.25 4.25 -6.36
C ASN A 342 43.22 3.93 -4.90
N LEU A 343 44.39 4.24 -4.34
CA LEU A 343 44.54 4.25 -2.90
C LEU A 343 43.78 5.26 -2.14
N LEU A 344 43.73 6.48 -2.71
CA LEU A 344 42.94 7.53 -2.18
C LEU A 344 41.47 7.11 -2.29
N PHE A 345 41.08 6.44 -3.37
CA PHE A 345 39.72 6.08 -3.64
C PHE A 345 39.20 5.18 -2.59
N LYS A 346 40.06 4.18 -2.16
CA LYS A 346 39.60 3.26 -1.13
C LYS A 346 39.33 3.97 0.17
N MET A 347 40.23 4.94 0.50
CA MET A 347 40.06 5.66 1.69
C MET A 347 38.81 6.55 1.72
N LEU A 348 38.49 7.23 0.56
CA LEU A 348 37.38 8.10 0.29
C LEU A 348 36.06 7.37 0.34
N ARG A 349 35.95 6.13 -0.17
CA ARG A 349 34.75 5.27 -0.21
C ARG A 349 34.40 4.97 1.26
N THR A 350 35.36 4.69 2.14
CA THR A 350 35.17 4.40 3.57
C THR A 350 34.63 5.55 4.31
N GLY A 351 35.17 6.74 3.97
CA GLY A 351 34.78 8.05 4.59
C GLY A 351 33.28 8.36 4.23
N ILE A 352 32.92 8.05 3.00
CA ILE A 352 31.54 8.17 2.50
C ILE A 352 30.54 7.29 3.15
N LEU A 353 30.96 6.05 3.35
CA LEU A 353 30.25 4.90 3.86
C LEU A 353 29.78 5.23 5.31
N LEU A 354 30.70 5.91 6.09
CA LEU A 354 30.41 6.46 7.38
C LEU A 354 29.42 7.59 7.38
N LYS A 355 29.49 8.49 6.41
CA LYS A 355 28.50 9.57 6.30
C LYS A 355 27.14 9.01 6.06
N VAL A 356 26.98 7.94 5.22
CA VAL A 356 25.70 7.29 5.01
C VAL A 356 25.07 6.54 6.26
N VAL A 357 25.88 5.93 7.13
CA VAL A 357 25.23 5.45 8.38
C VAL A 357 24.70 6.57 9.24
N ARG A 358 25.43 7.67 9.27
CA ARG A 358 24.98 8.91 9.97
C ARG A 358 23.78 9.51 9.32
N ALA A 359 23.70 9.46 7.96
CA ALA A 359 22.62 10.03 7.19
C ALA A 359 21.25 9.47 7.43
N SER A 360 21.28 8.16 7.70
CA SER A 360 20.11 7.38 8.05
C SER A 360 19.41 7.78 9.29
N LEU A 361 19.88 8.87 9.87
CA LEU A 361 19.64 9.47 11.15
C LEU A 361 20.12 8.59 12.18
N GLN A 362 21.21 9.03 12.83
CA GLN A 362 21.90 8.20 13.80
C GLN A 362 22.37 9.10 14.89
N ILE A 363 22.96 8.47 15.92
CA ILE A 363 23.59 9.05 17.03
C ILE A 363 24.94 9.46 16.50
N PRO A 364 25.63 10.36 17.14
CA PRO A 364 26.81 10.95 16.60
C PRO A 364 28.02 10.30 17.28
N THR A 365 28.30 9.02 16.93
CA THR A 365 29.44 8.21 17.30
C THR A 365 29.14 7.55 18.59
N ILE A 366 29.04 6.21 18.59
CA ILE A 366 28.76 5.50 19.83
C ILE A 366 30.13 4.95 20.08
N PRO A 367 30.60 4.80 21.28
CA PRO A 367 31.99 4.40 21.60
C PRO A 367 31.99 2.90 21.80
N SER A 368 30.85 2.35 21.47
CA SER A 368 30.72 0.93 21.36
C SER A 368 31.19 0.62 19.93
N ASN A 369 32.09 -0.36 19.86
CA ASN A 369 32.62 -1.06 18.66
C ASN A 369 33.57 -0.20 17.91
N SER A 370 34.33 0.68 18.67
CA SER A 370 35.31 1.56 18.10
C SER A 370 36.60 1.33 18.80
N SER A 371 36.70 2.17 19.92
CA SER A 371 37.79 2.27 20.85
C SER A 371 39.04 2.78 20.04
N ASP A 372 38.79 3.66 19.03
CA ASP A 372 39.81 4.22 18.19
C ASP A 372 39.96 5.70 18.53
N ILE A 373 39.73 6.06 19.85
CA ILE A 373 39.89 7.30 20.48
C ILE A 373 41.36 7.69 20.53
N THR A 374 42.13 6.64 20.82
CA THR A 374 43.51 6.61 20.89
C THR A 374 44.18 6.94 19.52
N ILE A 375 43.62 6.35 18.41
CA ILE A 375 44.17 6.74 17.14
C ILE A 375 43.96 8.20 16.83
N GLN A 376 42.81 8.76 17.10
CA GLN A 376 42.58 10.16 16.77
C GLN A 376 43.47 11.10 17.52
N GLU A 377 43.67 10.86 18.84
CA GLU A 377 44.53 11.77 19.67
C GLU A 377 45.89 11.78 19.22
N ILE A 378 46.42 10.53 18.89
CA ILE A 378 47.73 10.33 18.38
C ILE A 378 47.88 10.97 17.01
N ASN A 379 46.91 10.90 16.14
CA ASN A 379 46.89 11.50 14.89
C ASN A 379 46.95 12.98 14.87
N ASP A 380 46.24 13.57 15.73
CA ASP A 380 46.26 15.05 15.67
C ASP A 380 47.61 15.60 15.95
N PHE A 381 48.27 14.95 16.97
CA PHE A 381 49.71 15.13 17.30
C PHE A 381 50.65 14.70 16.24
N ALA A 382 50.22 13.64 15.46
CA ALA A 382 51.18 12.89 14.66
C ALA A 382 52.06 13.53 13.68
N ASP A 383 51.43 14.40 12.85
CA ASP A 383 52.22 15.04 11.78
C ASP A 383 52.94 14.00 10.89
N LEU A 384 52.24 12.99 10.28
CA LEU A 384 52.87 11.98 9.52
C LEU A 384 52.03 11.95 8.25
N MET A 385 52.72 11.77 7.14
CA MET A 385 52.12 11.82 5.82
C MET A 385 52.27 10.49 5.27
N GLU A 386 52.69 9.50 6.08
CA GLU A 386 52.91 8.10 5.61
C GLU A 386 51.57 7.45 5.36
N GLY A 387 51.67 6.50 4.43
CA GLY A 387 50.61 5.60 3.94
C GLY A 387 50.10 4.63 5.04
N SER A 388 51.08 4.10 5.81
CA SER A 388 50.85 3.04 6.80
C SER A 388 49.90 3.45 7.93
N ASN A 389 50.12 4.65 8.49
CA ASN A 389 49.25 5.20 9.50
C ASN A 389 47.82 5.50 9.07
N LEU A 390 47.78 6.06 7.81
CA LEU A 390 46.54 6.36 7.17
C LEU A 390 45.74 5.13 6.88
N GLU A 391 46.42 4.04 6.43
CA GLU A 391 45.82 2.78 6.23
C GLU A 391 45.28 2.09 7.47
N LEU A 392 45.96 2.12 8.71
CA LEU A 392 45.35 1.61 9.95
C LEU A 392 44.10 2.31 10.25
N TYR A 393 44.04 3.62 10.05
CA TYR A 393 42.93 4.45 10.42
C TYR A 393 41.75 4.01 9.65
N VAL A 394 41.96 3.81 8.32
CA VAL A 394 40.94 3.36 7.32
C VAL A 394 40.42 1.98 7.68
N ASP A 395 41.34 1.01 7.97
CA ASP A 395 40.73 -0.27 8.24
C ASP A 395 39.89 -0.35 9.49
N LYS A 396 40.32 0.42 10.54
CA LYS A 396 39.64 0.52 11.78
C LYS A 396 38.26 1.19 11.61
N CYS A 397 38.14 2.33 10.84
CA CYS A 397 36.90 2.98 10.66
C CYS A 397 35.95 2.19 9.88
N TYR A 398 36.55 1.47 8.87
CA TYR A 398 35.89 0.64 7.95
C TYR A 398 35.28 -0.54 8.65
N SER A 399 36.03 -1.29 9.50
CA SER A 399 35.47 -2.42 10.18
C SER A 399 34.27 -2.18 11.10
N ARG A 400 34.33 -1.07 11.92
CA ARG A 400 33.27 -0.70 12.80
C ARG A 400 32.06 -0.38 11.97
N ALA A 401 32.29 0.36 10.85
CA ALA A 401 31.24 0.81 9.93
C ALA A 401 30.52 -0.36 9.25
N ASN A 402 31.29 -1.42 8.86
CA ASN A 402 30.79 -2.67 8.33
C ASN A 402 29.99 -3.52 9.31
N GLU A 403 30.48 -3.67 10.59
CA GLU A 403 29.65 -4.43 11.51
C GLU A 403 28.37 -3.74 11.77
N ILE A 404 28.38 -2.35 11.96
CA ILE A 404 27.22 -1.51 12.17
C ILE A 404 26.34 -1.50 11.02
N PHE A 405 26.85 -1.52 9.79
CA PHE A 405 26.07 -1.43 8.56
C PHE A 405 25.21 -2.67 8.51
N LEU A 406 25.84 -3.85 8.79
CA LEU A 406 25.09 -5.11 8.79
C LEU A 406 24.05 -4.99 9.78
N LYS A 407 24.38 -4.53 11.01
CA LYS A 407 23.40 -4.45 12.05
C LYS A 407 22.20 -3.55 11.68
N LEU A 408 22.41 -2.39 11.06
CA LEU A 408 21.35 -1.49 10.61
C LEU A 408 20.42 -2.05 9.59
N PHE A 409 21.01 -2.67 8.56
CA PHE A 409 20.26 -3.31 7.53
C PHE A 409 19.59 -4.53 8.03
N PHE A 410 20.32 -5.50 8.63
CA PHE A 410 19.75 -6.78 9.05
C PHE A 410 18.77 -6.61 10.23
N GLN A 411 19.16 -5.84 11.29
CA GLN A 411 18.32 -5.67 12.44
C GLN A 411 17.60 -4.35 12.39
N GLY A 412 16.29 -4.30 12.75
CA GLY A 412 15.43 -3.19 12.61
C GLY A 412 15.03 -2.79 11.24
N TYR A 413 15.71 -3.25 10.14
CA TYR A 413 15.39 -2.88 8.79
C TYR A 413 15.57 -4.10 7.95
N ASP A 414 15.46 -5.34 8.50
CA ASP A 414 15.60 -6.68 7.99
C ASP A 414 16.04 -6.87 6.52
N LEU A 415 17.35 -7.03 6.35
CA LEU A 415 18.06 -7.28 5.14
C LEU A 415 17.64 -8.53 4.44
N ILE A 416 17.39 -9.62 5.20
CA ILE A 416 16.98 -10.87 4.61
C ILE A 416 15.66 -10.69 3.81
N ASN A 417 14.68 -9.92 4.42
CA ASN A 417 13.41 -9.69 3.85
C ASN A 417 13.36 -8.91 2.52
N VAL A 418 14.18 -7.87 2.52
CA VAL A 418 14.33 -7.10 1.30
C VAL A 418 14.99 -7.93 0.25
N LEU A 419 15.95 -8.81 0.63
CA LEU A 419 16.64 -9.72 -0.27
C LEU A 419 15.63 -10.58 -0.90
N LYS A 420 14.64 -11.11 -0.14
CA LYS A 420 13.59 -11.96 -0.62
C LYS A 420 12.80 -11.21 -1.66
N HIS A 421 12.48 -9.91 -1.44
CA HIS A 421 11.73 -9.09 -2.37
C HIS A 421 12.43 -8.91 -3.67
N LEU A 422 13.78 -8.74 -3.65
CA LEU A 422 14.59 -8.66 -4.89
C LEU A 422 14.55 -9.92 -5.64
N GLN A 423 14.65 -11.09 -4.88
CA GLN A 423 14.53 -12.35 -5.56
C GLN A 423 13.18 -12.62 -6.20
N GLN A 424 12.08 -12.15 -5.53
CA GLN A 424 10.73 -12.33 -6.02
C GLN A 424 10.57 -11.63 -7.34
N ILE A 425 10.89 -10.33 -7.40
CA ILE A 425 10.71 -9.63 -8.62
C ILE A 425 11.73 -9.74 -9.70
N PHE A 426 13.03 -9.48 -9.50
CA PHE A 426 14.09 -9.56 -10.55
C PHE A 426 14.35 -10.96 -10.98
N LEU A 427 14.51 -11.82 -9.96
CA LEU A 427 14.66 -13.29 -10.18
C LEU A 427 13.38 -13.89 -10.65
N GLY A 428 12.29 -13.26 -10.18
CA GLY A 428 11.07 -13.49 -10.87
C GLY A 428 10.31 -14.78 -10.55
N TYR A 429 11.06 -15.74 -10.04
CA TYR A 429 10.72 -17.20 -10.00
C TYR A 429 9.55 -17.42 -9.16
N GLN A 430 9.42 -16.62 -8.15
CA GLN A 430 8.35 -16.61 -7.18
C GLN A 430 6.96 -16.31 -7.60
N SER A 431 6.75 -15.20 -8.36
CA SER A 431 5.30 -14.73 -8.49
C SER A 431 4.46 -15.47 -9.55
N GLY A 432 5.14 -16.30 -10.40
CA GLY A 432 4.64 -17.39 -11.19
C GLY A 432 3.22 -17.30 -11.68
N HIS A 433 2.29 -17.73 -10.74
CA HIS A 433 0.84 -17.84 -11.08
C HIS A 433 0.20 -16.56 -11.51
N ASN A 434 0.41 -15.42 -10.82
CA ASN A 434 -0.25 -14.18 -11.13
C ASN A 434 0.19 -13.81 -12.45
N VAL A 435 1.46 -13.99 -12.82
CA VAL A 435 2.08 -13.57 -13.99
C VAL A 435 1.53 -14.23 -15.24
N LEU A 436 1.27 -15.52 -15.10
CA LEU A 436 0.64 -16.33 -16.10
C LEU A 436 -0.76 -15.78 -16.38
N LYS A 437 -1.57 -15.50 -15.27
CA LYS A 437 -2.95 -15.09 -15.39
C LYS A 437 -2.99 -13.73 -15.89
N PHE A 438 -1.96 -12.98 -15.56
CA PHE A 438 -1.79 -11.61 -16.12
C PHE A 438 -1.66 -11.61 -17.58
N LEU A 439 -0.85 -12.54 -18.12
CA LEU A 439 -0.78 -12.76 -19.51
C LEU A 439 -2.03 -13.21 -20.17
N THR A 440 -2.84 -14.12 -19.55
CA THR A 440 -4.12 -14.69 -20.04
C THR A 440 -5.12 -13.43 -20.20
N LYS A 441 -5.25 -12.53 -19.21
CA LYS A 441 -6.13 -11.36 -19.36
C LYS A 441 -5.60 -10.42 -20.42
N ASN A 442 -4.31 -10.15 -20.49
CA ASN A 442 -3.66 -9.16 -21.32
C ASN A 442 -3.52 -9.68 -22.79
N MET A 443 -3.67 -11.00 -23.09
CA MET A 443 -3.18 -11.73 -24.23
C MET A 443 -3.56 -11.18 -25.57
N GLY A 444 -4.82 -10.76 -25.69
CA GLY A 444 -5.36 -10.17 -26.85
C GLY A 444 -4.72 -8.86 -27.23
N GLU A 445 -4.51 -8.10 -26.18
CA GLU A 445 -3.86 -6.81 -26.27
C GLU A 445 -2.39 -6.88 -26.64
N LEU A 446 -1.63 -7.91 -26.15
CA LEU A 446 -0.18 -7.93 -26.33
C LEU A 446 0.28 -8.28 -27.67
N THR A 447 -0.51 -9.16 -28.39
CA THR A 447 -0.10 -9.59 -29.76
C THR A 447 -0.05 -8.31 -30.60
N LYS A 448 -1.03 -7.38 -30.38
CA LYS A 448 -1.16 -6.13 -31.14
C LYS A 448 0.10 -5.21 -31.10
N HIS A 449 0.32 -4.41 -32.17
CA HIS A 449 1.43 -3.53 -32.29
C HIS A 449 1.46 -2.43 -31.26
N TYR A 450 0.34 -1.78 -30.99
CA TYR A 450 0.34 -0.68 -30.04
C TYR A 450 -0.99 -0.09 -29.89
N ARG A 451 -1.37 0.20 -28.59
CA ARG A 451 -2.61 0.74 -28.20
C ARG A 451 -2.47 1.08 -26.71
N ASN A 452 -3.37 2.03 -26.19
CA ASN A 452 -3.37 2.54 -24.81
C ASN A 452 -4.33 1.75 -23.96
N ASP A 453 -5.03 0.82 -24.53
CA ASP A 453 -5.99 0.01 -23.74
C ASP A 453 -5.31 -0.97 -22.81
N ASN A 454 -4.04 -1.37 -23.26
CA ASN A 454 -3.06 -2.22 -22.59
C ASN A 454 -2.79 -1.68 -21.20
N ASN A 455 -2.62 -0.32 -21.14
CA ASN A 455 -2.45 0.43 -19.93
C ASN A 455 -3.49 0.43 -18.89
N ALA A 456 -4.77 0.53 -19.34
CA ALA A 456 -5.87 0.49 -18.53
C ALA A 456 -5.97 -0.90 -17.86
N ASN A 457 -5.78 -1.97 -18.65
CA ASN A 457 -5.80 -3.38 -18.17
C ASN A 457 -4.67 -3.63 -17.19
N TYR A 458 -3.50 -3.09 -17.51
CA TYR A 458 -2.36 -3.24 -16.66
C TYR A 458 -2.60 -2.62 -15.39
N ASP A 459 -3.20 -1.47 -15.31
CA ASP A 459 -3.52 -0.70 -14.04
C ASP A 459 -4.50 -1.47 -13.21
N LYS A 460 -5.50 -2.09 -13.81
CA LYS A 460 -6.40 -2.85 -13.00
C LYS A 460 -5.67 -4.06 -12.34
N LEU A 461 -4.87 -4.77 -13.10
CA LEU A 461 -4.09 -5.92 -12.67
C LEU A 461 -3.12 -5.51 -11.58
N LEU A 462 -2.57 -4.30 -11.81
CA LEU A 462 -1.67 -3.57 -10.96
C LEU A 462 -2.29 -3.18 -9.56
N GLN A 463 -3.50 -2.72 -9.61
CA GLN A 463 -4.29 -2.48 -8.46
C GLN A 463 -4.63 -3.81 -7.71
N ASN A 464 -4.96 -4.87 -8.38
CA ASN A 464 -5.32 -6.23 -7.84
C ASN A 464 -4.16 -6.78 -7.07
N PHE A 465 -2.97 -6.52 -7.70
CA PHE A 465 -1.67 -6.85 -7.20
C PHE A 465 -1.29 -6.02 -6.00
N GLU A 466 -1.74 -4.73 -5.93
CA GLU A 466 -1.49 -3.89 -4.71
C GLU A 466 -2.11 -4.56 -3.53
N LEU A 467 -3.37 -5.11 -3.65
CA LEU A 467 -4.03 -5.88 -2.56
C LEU A 467 -3.25 -7.13 -2.29
N GLU A 468 -2.82 -7.83 -3.35
CA GLU A 468 -2.14 -9.09 -3.18
C GLU A 468 -0.85 -8.97 -2.45
N ARG A 469 -0.09 -7.87 -2.56
CA ARG A 469 1.30 -7.69 -1.99
C ARG A 469 1.43 -7.46 -0.55
N GLN A 470 0.28 -7.13 0.15
CA GLN A 470 0.23 -6.91 1.54
C GLN A 470 0.54 -8.27 2.15
N SER A 471 1.56 -8.22 3.05
CA SER A 471 2.01 -9.31 3.94
C SER A 471 2.87 -8.64 4.92
N GLU A 472 3.12 -7.35 4.76
CA GLU A 472 4.01 -6.48 5.55
C GLU A 472 3.45 -5.18 5.95
N ASN A 473 3.09 -4.30 4.97
CA ASN A 473 2.71 -2.98 5.34
C ASN A 473 2.05 -2.48 4.04
N PRO A 474 1.20 -1.40 4.09
CA PRO A 474 0.43 -0.87 2.94
C PRO A 474 1.29 -0.41 1.83
N ASN A 475 2.56 -0.07 2.12
CA ASN A 475 3.46 0.33 1.10
C ASN A 475 4.50 -0.76 1.15
N ASN A 476 5.01 -1.28 -0.01
CA ASN A 476 6.07 -2.19 -0.12
C ASN A 476 6.99 -1.99 -1.35
N LEU A 477 8.11 -2.65 -1.33
CA LEU A 477 9.16 -2.61 -2.25
C LEU A 477 8.68 -3.04 -3.61
N MET A 478 7.85 -4.06 -3.66
CA MET A 478 7.34 -4.66 -4.89
C MET A 478 6.52 -3.68 -5.63
N ARG A 479 5.57 -3.04 -4.87
CA ARG A 479 4.57 -2.23 -5.48
C ARG A 479 5.12 -0.97 -6.10
N GLN A 480 5.90 -0.26 -5.28
CA GLN A 480 6.45 1.12 -5.40
C GLN A 480 7.47 1.08 -6.42
N LEU A 481 8.44 0.14 -6.27
CA LEU A 481 9.51 0.11 -7.20
C LEU A 481 9.18 -0.51 -8.48
N LEU A 482 8.23 -1.51 -8.45
CA LEU A 482 7.84 -2.07 -9.75
C LEU A 482 6.41 -1.85 -10.06
N MET A 483 6.17 -1.16 -11.21
CA MET A 483 4.95 -1.04 -11.95
C MET A 483 5.35 -1.09 -13.39
N ILE A 484 4.49 -1.43 -14.37
CA ILE A 484 4.78 -1.63 -15.82
C ILE A 484 4.25 -0.41 -16.53
N GLN A 485 5.04 0.01 -17.48
CA GLN A 485 4.92 1.11 -18.32
C GLN A 485 4.81 0.56 -19.69
N PHE A 486 4.05 1.25 -20.61
CA PHE A 486 3.94 0.93 -22.08
C PHE A 486 4.37 2.09 -22.85
N ASP A 487 5.18 1.85 -23.91
CA ASP A 487 5.45 2.96 -24.80
C ASP A 487 4.87 2.50 -26.02
N THR A 488 4.76 3.40 -27.05
CA THR A 488 4.23 3.27 -28.37
C THR A 488 2.66 3.23 -28.40
N GLU A 489 2.08 4.35 -28.82
CA GLU A 489 0.63 4.70 -28.86
C GLU A 489 -0.13 4.64 -27.57
N THR A 490 0.48 5.31 -26.62
CA THR A 490 0.02 5.48 -25.25
C THR A 490 -0.21 6.94 -25.00
N LYS A 554 5.11 -3.70 -34.32
CA LYS A 554 5.25 -5.20 -34.19
C LYS A 554 4.36 -5.65 -33.06
N SER A 555 4.87 -5.55 -31.79
CA SER A 555 4.15 -6.01 -30.65
C SER A 555 4.55 -5.21 -29.50
N ALA A 556 3.77 -5.40 -28.45
CA ALA A 556 3.94 -4.70 -27.18
C ALA A 556 5.23 -4.95 -26.48
N ILE A 557 5.70 -6.25 -26.54
CA ILE A 557 6.70 -6.81 -25.66
C ILE A 557 7.95 -5.99 -25.82
N TYR A 558 8.32 -5.59 -27.09
CA TYR A 558 9.57 -4.88 -27.19
C TYR A 558 9.60 -3.54 -26.40
N HIS A 559 8.47 -2.81 -26.46
CA HIS A 559 8.39 -1.45 -26.09
C HIS A 559 7.90 -1.26 -24.61
N LEU A 560 8.22 -2.29 -23.79
CA LEU A 560 7.82 -2.49 -22.41
C LEU A 560 8.93 -1.97 -21.60
N LYS A 561 8.58 -1.25 -20.59
CA LYS A 561 9.40 -0.58 -19.63
C LYS A 561 8.62 -0.57 -18.37
N PHE A 562 9.36 -0.25 -17.25
CA PHE A 562 8.92 -0.29 -15.90
C PHE A 562 9.11 0.98 -15.18
N ASP A 563 8.11 1.30 -14.31
CA ASP A 563 7.83 2.64 -13.71
C ASP A 563 7.74 2.60 -12.21
N ILE A 564 8.36 3.59 -11.62
CA ILE A 564 8.38 3.84 -10.20
C ILE A 564 7.56 5.17 -10.03
N ASN A 565 6.65 5.15 -9.08
CA ASN A 565 5.73 6.28 -8.83
C ASN A 565 5.99 7.17 -7.64
N ILE A 566 5.41 6.91 -6.44
CA ILE A 566 5.65 7.69 -5.26
C ILE A 566 6.21 6.96 -4.13
N PRO A 567 7.44 6.49 -4.11
CA PRO A 567 7.99 5.91 -2.96
C PRO A 567 8.36 6.94 -1.91
N TYR A 568 8.47 6.50 -0.60
CA TYR A 568 8.98 7.31 0.44
C TYR A 568 9.46 6.35 1.63
N PRO A 569 10.58 6.36 2.28
CA PRO A 569 11.69 7.22 1.94
C PRO A 569 13.06 6.58 2.13
N LEU A 570 13.26 5.43 2.90
CA LEU A 570 14.47 4.72 3.25
C LEU A 570 15.24 4.16 2.00
N ASN A 571 14.56 3.91 0.93
CA ASN A 571 14.96 3.18 -0.27
C ASN A 571 16.17 3.78 -0.97
N ILE A 572 16.30 5.17 -0.83
CA ILE A 572 17.29 5.95 -1.55
C ILE A 572 18.71 5.57 -1.21
N ILE A 573 18.91 5.18 0.06
CA ILE A 573 20.09 4.49 0.55
C ILE A 573 20.49 3.30 -0.27
N ILE A 574 19.54 2.38 -0.73
CA ILE A 574 19.86 1.13 -1.46
C ILE A 574 20.28 1.47 -2.89
N SER A 575 21.21 0.58 -3.39
CA SER A 575 21.88 0.79 -4.63
C SER A 575 20.98 0.52 -5.82
N ARG A 576 20.53 1.64 -6.40
CA ARG A 576 19.61 2.04 -7.45
C ARG A 576 20.11 1.58 -8.78
N THR A 577 21.43 1.70 -8.94
CA THR A 577 22.06 1.43 -10.24
C THR A 577 22.04 0.07 -10.83
N CYS A 578 22.26 -0.92 -9.97
CA CYS A 578 22.13 -2.35 -10.23
C CYS A 578 20.77 -2.74 -10.56
N MET A 579 19.74 -2.23 -9.86
CA MET A 579 18.33 -2.64 -10.06
C MET A 579 17.94 -2.22 -11.44
N ILE A 580 18.42 -1.08 -12.04
CA ILE A 580 18.10 -0.70 -13.41
C ILE A 580 18.61 -1.75 -14.28
N LYS A 581 19.81 -2.35 -14.06
CA LYS A 581 20.35 -3.38 -14.90
C LYS A 581 19.45 -4.59 -14.86
N TYR A 582 19.06 -5.03 -13.63
CA TYR A 582 18.28 -6.23 -13.29
C TYR A 582 16.92 -6.31 -13.96
N GLN A 583 16.29 -5.09 -14.04
CA GLN A 583 14.98 -4.87 -14.66
C GLN A 583 14.89 -5.20 -16.11
N ILE A 584 16.04 -4.88 -16.78
CA ILE A 584 16.20 -5.15 -18.18
C ILE A 584 16.21 -6.64 -18.36
N ILE A 585 16.95 -7.39 -17.49
CA ILE A 585 17.04 -8.82 -17.52
C ILE A 585 15.64 -9.43 -17.21
N LEU A 586 14.90 -8.88 -16.29
CA LEU A 586 13.53 -9.33 -15.97
C LEU A 586 12.62 -9.30 -17.19
N ARG A 587 12.70 -8.23 -18.01
CA ARG A 587 11.91 -8.05 -19.21
C ARG A 587 12.20 -9.08 -20.23
N TYR A 588 13.55 -9.44 -20.46
CA TYR A 588 14.02 -10.46 -21.34
C TYR A 588 13.57 -11.79 -20.88
N GLN A 589 13.66 -12.03 -19.60
CA GLN A 589 13.25 -13.25 -19.02
C GLN A 589 11.74 -13.55 -19.17
N LEU A 590 10.93 -12.50 -18.93
CA LEU A 590 9.48 -12.55 -19.10
C LEU A 590 9.21 -12.80 -20.59
N VAL A 591 9.91 -12.24 -21.59
CA VAL A 591 9.64 -12.39 -23.01
C VAL A 591 9.75 -13.79 -23.53
N LEU A 592 10.79 -14.52 -23.09
CA LEU A 592 10.89 -15.96 -23.36
C LEU A 592 9.72 -16.67 -22.71
N GLN A 593 9.43 -16.22 -21.51
CA GLN A 593 8.40 -16.76 -20.69
C GLN A 593 7.01 -16.57 -21.31
N TYR A 594 6.77 -15.37 -21.91
CA TYR A 594 5.43 -15.10 -22.51
C TYR A 594 5.14 -15.90 -23.73
N HIS A 595 6.15 -16.07 -24.60
CA HIS A 595 5.97 -16.89 -25.77
C HIS A 595 5.67 -18.27 -25.37
N SER A 596 6.32 -18.75 -24.33
CA SER A 596 6.05 -20.02 -23.71
C SER A 596 4.74 -20.22 -23.15
N ARG A 597 4.16 -19.27 -22.46
CA ARG A 597 2.81 -19.42 -21.92
C ARG A 597 1.80 -19.58 -23.03
N LEU A 598 1.99 -18.74 -24.14
CA LEU A 598 1.08 -18.75 -25.30
C LEU A 598 1.17 -20.09 -26.00
N LEU A 599 2.42 -20.65 -26.09
CA LEU A 599 2.67 -21.93 -26.75
C LEU A 599 1.92 -23.02 -26.01
N ASP A 600 1.98 -22.99 -24.63
CA ASP A 600 1.38 -23.98 -23.77
C ASP A 600 -0.13 -24.03 -23.91
N GLU A 601 -0.81 -22.83 -24.04
CA GLU A 601 -2.18 -22.68 -24.21
C GLU A 601 -2.76 -23.21 -25.50
N THR A 602 -2.07 -23.00 -26.63
CA THR A 602 -2.50 -23.51 -27.93
C THR A 602 -2.48 -25.02 -27.87
N TRP A 603 -1.46 -25.60 -27.26
CA TRP A 603 -1.16 -27.02 -27.21
C TRP A 603 -2.21 -27.75 -26.43
N MET A 604 -2.61 -27.19 -25.29
CA MET A 604 -3.72 -27.66 -24.46
C MET A 604 -5.11 -27.61 -25.26
N ASP A 605 -5.28 -26.51 -26.05
CA ASP A 605 -6.49 -26.26 -26.78
C ASP A 605 -6.71 -27.34 -27.71
N LEU A 606 -5.69 -27.90 -28.40
CA LEU A 606 -5.70 -28.85 -29.47
C LEU A 606 -6.25 -30.23 -29.13
N ASN A 607 -6.08 -30.62 -27.86
CA ASN A 607 -6.51 -31.97 -27.44
C ASN A 607 -8.03 -32.13 -27.45
N LYS A 608 -8.84 -31.06 -27.40
CA LYS A 608 -10.32 -31.03 -27.46
C LYS A 608 -10.98 -31.91 -28.56
N THR A 609 -12.26 -32.17 -28.39
CA THR A 609 -13.21 -32.94 -29.17
C THR A 609 -13.40 -32.49 -30.62
N PRO A 610 -13.66 -31.18 -30.95
CA PRO A 610 -13.99 -30.75 -32.28
C PRO A 610 -12.92 -31.08 -33.27
N SER A 611 -11.60 -31.18 -32.82
CA SER A 611 -10.54 -31.27 -33.79
C SER A 611 -10.52 -32.68 -34.34
N TRP A 612 -11.15 -33.64 -33.59
CA TRP A 612 -11.18 -35.04 -34.02
C TRP A 612 -12.26 -35.19 -35.08
N LYS A 613 -11.99 -36.11 -36.02
CA LYS A 613 -12.75 -36.57 -37.20
C LYS A 613 -14.29 -36.37 -37.20
N TYR A 614 -14.78 -35.83 -38.43
CA TYR A 614 -16.10 -35.50 -38.86
C TYR A 614 -17.03 -36.68 -38.70
N ARG A 623 -7.82 -35.17 -42.94
CA ARG A 623 -7.23 -36.52 -43.21
C ARG A 623 -5.77 -36.53 -42.90
N ARG A 624 -4.91 -36.35 -43.91
CA ARG A 624 -3.49 -36.48 -43.82
C ARG A 624 -3.00 -35.29 -42.88
N ILE A 625 -3.63 -34.16 -43.04
CA ILE A 625 -3.30 -32.87 -42.41
C ILE A 625 -3.27 -32.82 -40.92
N VAL A 626 -4.33 -33.61 -40.44
CA VAL A 626 -4.75 -33.81 -39.07
C VAL A 626 -3.61 -34.40 -38.33
N ARG A 627 -2.99 -35.41 -39.00
CA ARG A 627 -1.85 -36.00 -38.39
C ARG A 627 -0.71 -35.00 -38.32
N ALA A 628 -0.58 -34.18 -39.38
CA ALA A 628 0.58 -33.28 -39.45
C ALA A 628 0.61 -32.29 -38.35
N THR A 629 -0.54 -31.68 -38.06
CA THR A 629 -0.68 -30.68 -36.98
C THR A 629 -0.35 -31.21 -35.58
N ARG A 630 -0.81 -32.45 -35.30
CA ARG A 630 -0.50 -33.09 -34.06
C ARG A 630 1.02 -33.32 -33.81
N VAL A 631 1.68 -33.76 -34.87
CA VAL A 631 3.13 -34.07 -34.68
C VAL A 631 3.91 -32.82 -34.39
N LEU A 632 3.64 -31.67 -35.22
CA LEU A 632 4.33 -30.47 -35.05
C LEU A 632 4.10 -29.85 -33.67
N HIS A 633 2.83 -29.84 -33.21
CA HIS A 633 2.70 -29.32 -31.84
C HIS A 633 3.49 -30.06 -30.76
N ALA A 634 3.45 -31.42 -30.78
CA ALA A 634 4.10 -32.16 -29.79
C ALA A 634 5.61 -31.96 -29.74
N LYS A 635 6.28 -31.97 -30.87
CA LYS A 635 7.69 -31.78 -30.91
C LYS A 635 8.11 -30.43 -30.47
N MET A 636 7.40 -29.33 -30.90
CA MET A 636 7.77 -27.97 -30.54
C MET A 636 7.74 -27.75 -29.07
N ASN A 637 6.70 -28.35 -28.42
CA ASN A 637 6.52 -28.24 -27.02
C ASN A 637 7.61 -28.86 -26.19
N HIS A 638 8.14 -30.05 -26.58
CA HIS A 638 9.25 -30.66 -25.98
C HIS A 638 10.49 -29.88 -26.09
N PHE A 639 10.74 -29.31 -27.31
CA PHE A 639 11.94 -28.55 -27.56
C PHE A 639 12.09 -27.31 -26.67
N ILE A 640 11.00 -26.55 -26.56
CA ILE A 640 10.87 -25.37 -25.78
C ILE A 640 11.05 -25.65 -24.29
N LYS A 641 10.38 -26.77 -23.88
CA LYS A 641 10.48 -27.26 -22.53
C LYS A 641 11.92 -27.64 -22.12
N THR A 642 12.62 -28.22 -23.07
CA THR A 642 14.05 -28.54 -22.96
C THR A 642 14.91 -27.24 -22.90
N ILE A 643 14.63 -26.20 -23.68
CA ILE A 643 15.26 -24.94 -23.59
C ILE A 643 14.99 -24.24 -22.28
N MET A 644 13.81 -24.22 -21.69
CA MET A 644 13.48 -23.58 -20.40
C MET A 644 14.25 -24.19 -19.26
N GLU A 645 14.34 -25.54 -19.30
CA GLU A 645 15.06 -26.30 -18.32
C GLU A 645 16.50 -25.85 -18.33
N TYR A 646 17.15 -25.80 -19.48
CA TYR A 646 18.57 -25.48 -19.51
C TYR A 646 18.88 -24.02 -19.07
N PHE A 647 18.03 -23.06 -19.57
CA PHE A 647 18.25 -21.64 -19.18
C PHE A 647 18.14 -21.55 -17.68
N ASN A 648 17.08 -22.12 -17.06
CA ASN A 648 16.85 -21.85 -15.64
C ASN A 648 17.88 -22.47 -14.81
N GLN A 649 18.17 -23.76 -15.03
CA GLN A 649 19.04 -24.52 -14.20
C GLN A 649 20.47 -24.15 -14.35
N ASN A 650 21.05 -24.06 -15.60
CA ASN A 650 22.41 -23.90 -15.92
C ASN A 650 22.89 -22.49 -15.68
N VAL A 651 22.07 -21.42 -16.02
CA VAL A 651 22.49 -20.04 -15.78
C VAL A 651 22.01 -19.59 -14.43
N ILE A 652 20.64 -19.60 -14.21
CA ILE A 652 20.05 -18.85 -13.12
C ILE A 652 20.39 -19.47 -11.88
N ASP A 653 20.09 -20.74 -11.73
CA ASP A 653 20.03 -21.44 -10.51
C ASP A 653 21.47 -21.38 -9.97
N LYS A 654 22.49 -21.62 -10.87
CA LYS A 654 23.85 -21.63 -10.46
C LYS A 654 24.26 -20.28 -9.94
N GLU A 655 23.95 -19.15 -10.62
CA GLU A 655 24.42 -17.89 -10.14
C GLU A 655 23.81 -17.50 -8.80
N VAL A 656 22.48 -17.76 -8.57
CA VAL A 656 21.75 -17.42 -7.35
C VAL A 656 22.40 -18.15 -6.14
N TYR A 657 22.81 -19.44 -6.34
CA TYR A 657 23.43 -20.34 -5.35
C TYR A 657 24.76 -19.73 -4.84
N SER A 658 25.55 -19.25 -5.83
CA SER A 658 26.80 -18.62 -5.62
C SER A 658 26.85 -17.28 -4.84
N LEU A 659 25.82 -16.38 -5.06
CA LEU A 659 25.66 -15.15 -4.25
C LEU A 659 25.46 -15.43 -2.83
N GLU A 660 24.61 -16.43 -2.59
CA GLU A 660 24.12 -16.82 -1.32
C GLU A 660 25.22 -17.32 -0.47
N LYS A 661 26.14 -18.10 -1.03
CA LYS A 661 27.34 -18.63 -0.37
C LYS A 661 28.12 -17.43 0.04
N CYS A 662 28.30 -16.44 -0.91
CA CYS A 662 29.13 -15.35 -0.55
C CYS A 662 28.57 -14.57 0.67
N TYR A 663 27.21 -14.33 0.76
CA TYR A 663 26.78 -13.61 1.95
C TYR A 663 27.01 -14.33 3.22
N ARG A 664 26.70 -15.66 3.16
CA ARG A 664 26.59 -16.68 4.25
C ARG A 664 27.83 -17.07 4.94
N ASN A 665 28.98 -17.28 4.22
CA ASN A 665 30.18 -17.82 4.88
C ASN A 665 30.73 -16.74 5.84
N PRO A 666 31.02 -15.51 5.60
CA PRO A 666 31.40 -14.44 6.55
C PRO A 666 30.14 -13.85 6.94
N THR A 667 30.08 -12.53 7.42
CA THR A 667 28.82 -11.82 7.63
C THR A 667 29.18 -10.36 7.44
N LEU A 668 30.02 -10.04 6.43
CA LEU A 668 30.64 -8.81 6.37
C LEU A 668 30.13 -8.21 5.13
N ALA A 669 30.21 -6.83 5.10
CA ALA A 669 29.74 -5.86 4.13
C ALA A 669 30.40 -6.06 2.81
N VAL A 670 31.72 -6.40 2.82
CA VAL A 670 32.52 -6.59 1.64
C VAL A 670 31.96 -7.72 0.81
N ALA A 671 31.45 -8.84 1.47
CA ALA A 671 30.81 -9.97 0.80
C ALA A 671 29.57 -9.59 0.04
N ILE A 672 28.65 -8.64 0.50
CA ILE A 672 27.46 -8.20 -0.28
C ILE A 672 27.81 -7.46 -1.61
N GLN A 673 28.74 -6.50 -1.47
CA GLN A 673 29.16 -5.66 -2.62
C GLN A 673 29.81 -6.57 -3.67
N ASN A 674 30.59 -7.59 -3.12
CA ASN A 674 31.29 -8.59 -3.94
C ASN A 674 30.21 -9.37 -4.77
N GLU A 675 29.17 -9.86 -4.06
CA GLU A 675 28.10 -10.65 -4.66
C GLU A 675 27.25 -9.94 -5.66
N LEU A 676 26.90 -8.64 -5.38
CA LEU A 676 26.04 -7.83 -6.19
C LEU A 676 26.79 -7.63 -7.54
N GLU A 677 28.10 -7.39 -7.40
CA GLU A 677 29.00 -7.19 -8.56
C GLU A 677 29.08 -8.47 -9.47
N GLY A 678 29.14 -9.63 -8.79
CA GLY A 678 29.26 -10.97 -9.37
C GLY A 678 28.04 -11.19 -10.19
N GLY A 679 26.82 -10.77 -9.61
CA GLY A 679 25.53 -10.89 -10.23
C GLY A 679 25.56 -10.05 -11.46
N LEU A 680 26.08 -8.83 -11.43
CA LEU A 680 26.10 -7.97 -12.60
C LEU A 680 26.97 -8.63 -13.62
N THR A 681 28.09 -9.20 -13.25
CA THR A 681 29.04 -9.84 -14.15
C THR A 681 28.53 -11.07 -14.89
N ASN A 682 27.80 -11.90 -14.15
CA ASN A 682 27.10 -13.03 -14.63
C ASN A 682 26.03 -12.65 -15.61
N ILE A 683 25.31 -11.55 -15.37
CA ILE A 683 24.30 -10.96 -16.20
C ILE A 683 24.97 -10.57 -17.49
N MET A 684 26.23 -10.02 -17.48
CA MET A 684 26.93 -9.57 -18.70
C MET A 684 27.23 -10.78 -19.54
N THR A 685 27.68 -11.88 -18.80
CA THR A 685 28.09 -13.16 -19.36
C THR A 685 26.89 -13.82 -20.03
N ASN A 686 25.72 -13.79 -19.41
CA ASN A 686 24.47 -14.32 -19.83
C ASN A 686 23.98 -13.67 -21.10
N ARG A 687 24.19 -12.35 -21.22
CA ARG A 687 23.87 -11.53 -22.41
C ARG A 687 24.72 -12.13 -23.62
N CYS A 688 26.05 -12.36 -23.41
CA CYS A 688 26.89 -12.81 -24.47
C CYS A 688 26.54 -14.27 -24.96
N LEU A 689 26.28 -15.19 -23.95
CA LEU A 689 25.97 -16.59 -24.17
C LEU A 689 24.69 -16.88 -24.90
N SER A 690 23.64 -16.18 -24.57
CA SER A 690 22.32 -16.47 -25.12
C SER A 690 21.97 -15.57 -26.28
N ASP A 691 21.48 -16.19 -27.33
CA ASP A 691 21.26 -15.46 -28.57
C ASP A 691 20.10 -16.29 -29.14
N LEU A 692 19.11 -16.60 -28.26
CA LEU A 692 17.86 -17.38 -28.48
C LEU A 692 16.89 -16.71 -29.36
N ILE A 693 16.68 -15.32 -29.29
CA ILE A 693 15.53 -14.55 -29.81
C ILE A 693 15.28 -14.56 -31.32
N PRO A 694 16.26 -14.55 -32.26
CA PRO A 694 15.81 -14.55 -33.69
C PRO A 694 15.06 -15.87 -34.03
N LEU A 695 15.49 -17.05 -33.50
CA LEU A 695 14.86 -18.31 -33.78
C LEU A 695 13.55 -18.28 -33.17
N GLN A 696 13.49 -17.79 -31.89
CA GLN A 696 12.34 -17.89 -31.09
C GLN A 696 11.16 -17.09 -31.71
N LEU A 697 11.52 -15.92 -32.22
CA LEU A 697 10.62 -15.07 -32.91
C LEU A 697 10.07 -15.68 -34.19
N GLN A 698 10.93 -16.42 -34.93
CA GLN A 698 10.45 -17.15 -36.08
C GLN A 698 9.46 -18.27 -35.73
N ILE A 699 9.75 -19.05 -34.64
CA ILE A 699 8.76 -20.05 -34.19
C ILE A 699 7.46 -19.46 -33.75
N PHE A 700 7.65 -18.33 -33.04
CA PHE A 700 6.51 -17.71 -32.39
C PHE A 700 5.38 -17.30 -33.35
N ASP A 701 5.73 -16.69 -34.51
CA ASP A 701 4.81 -16.36 -35.59
C ASP A 701 4.23 -17.53 -36.27
N ILE A 702 5.02 -18.66 -36.47
CA ILE A 702 4.61 -19.90 -37.07
C ILE A 702 3.51 -20.61 -36.24
N VAL A 703 3.68 -20.60 -34.88
CA VAL A 703 2.62 -21.05 -33.92
C VAL A 703 1.34 -20.17 -33.99
N TYR A 704 1.46 -18.84 -34.04
CA TYR A 704 0.25 -18.03 -34.09
C TYR A 704 -0.59 -18.30 -35.28
N LYS A 705 0.08 -18.43 -36.44
CA LYS A 705 -0.52 -18.72 -37.72
C LYS A 705 -1.19 -20.06 -37.72
N PHE A 706 -0.48 -21.02 -37.11
CA PHE A 706 -1.05 -22.37 -36.89
C PHE A 706 -2.29 -22.37 -36.03
N CYS A 707 -2.32 -21.71 -34.84
CA CYS A 707 -3.36 -21.59 -33.89
C CYS A 707 -4.53 -20.92 -34.58
N LYS A 708 -4.30 -19.85 -35.44
CA LYS A 708 -5.32 -19.01 -36.01
C LYS A 708 -6.10 -19.88 -36.92
N PHE A 709 -5.42 -20.77 -37.73
CA PHE A 709 -5.96 -21.75 -38.57
C PHE A 709 -6.84 -22.76 -37.73
N ILE A 710 -6.24 -23.27 -36.61
CA ILE A 710 -6.84 -24.35 -35.81
C ILE A 710 -8.21 -23.97 -35.21
N LYS A 711 -8.47 -22.70 -34.69
CA LYS A 711 -9.72 -22.32 -33.97
C LYS A 711 -11.07 -22.53 -34.72
N SER A 712 -11.10 -22.20 -36.05
CA SER A 712 -12.16 -22.49 -36.95
C SER A 712 -12.36 -23.99 -37.24
N MET A 713 -13.64 -24.45 -37.36
CA MET A 713 -13.95 -25.88 -37.55
C MET A 713 -15.19 -25.96 -38.43
N ARG A 714 -15.67 -27.17 -38.75
CA ARG A 714 -16.81 -27.41 -39.53
C ARG A 714 -17.50 -28.56 -38.90
N GLU A 754 -16.90 -33.85 -48.22
CA GLU A 754 -17.73 -33.01 -49.08
C GLU A 754 -17.08 -32.18 -50.08
N ASP A 755 -17.80 -31.59 -51.00
CA ASP A 755 -17.13 -30.79 -51.97
C ASP A 755 -16.40 -29.56 -51.49
N ALA A 756 -17.03 -28.79 -50.57
CA ALA A 756 -16.45 -27.52 -50.06
C ALA A 756 -15.16 -27.80 -49.35
N ALA A 757 -15.18 -28.94 -48.57
CA ALA A 757 -14.14 -29.55 -47.74
C ALA A 757 -12.92 -29.86 -48.57
N LEU A 758 -13.03 -30.38 -49.81
CA LEU A 758 -11.92 -30.69 -50.68
C LEU A 758 -11.17 -29.44 -51.10
N GLU A 759 -11.90 -28.33 -51.37
CA GLU A 759 -11.36 -27.07 -51.73
C GLU A 759 -10.62 -26.55 -50.57
N LEU A 760 -11.23 -26.65 -49.39
CA LEU A 760 -10.64 -26.04 -48.15
C LEU A 760 -9.31 -26.76 -47.85
N ILE A 761 -9.32 -28.08 -48.08
CA ILE A 761 -8.14 -28.94 -47.95
C ILE A 761 -7.08 -28.47 -48.90
N GLN A 762 -7.37 -28.05 -50.17
CA GLN A 762 -6.32 -27.64 -51.04
C GLN A 762 -5.60 -26.40 -50.57
N LYS A 763 -6.35 -25.36 -50.05
CA LYS A 763 -5.71 -24.20 -49.55
C LYS A 763 -4.78 -24.42 -48.34
N LEU A 764 -5.33 -25.26 -47.40
CA LEU A 764 -4.70 -25.73 -46.25
C LEU A 764 -3.48 -26.56 -46.46
N ILE A 765 -3.48 -27.45 -47.46
CA ILE A 765 -2.33 -28.25 -47.81
C ILE A 765 -1.09 -27.44 -48.34
N GLU A 766 -1.42 -26.37 -49.15
CA GLU A 766 -0.34 -25.44 -49.53
C GLU A 766 0.25 -24.68 -48.28
N TYR A 767 -0.58 -24.26 -47.32
CA TYR A 767 -0.15 -23.62 -46.11
C TYR A 767 0.72 -24.47 -45.21
N ILE A 768 0.30 -25.76 -44.99
CA ILE A 768 1.13 -26.68 -44.22
C ILE A 768 2.38 -26.87 -44.91
N SER A 769 2.38 -26.98 -46.25
CA SER A 769 3.61 -27.32 -46.99
C SER A 769 4.77 -26.34 -46.94
N ASN A 770 4.43 -25.03 -47.13
CA ASN A 770 5.51 -24.05 -46.95
C ASN A 770 5.96 -23.99 -45.55
N ALA A 771 5.00 -23.97 -44.54
CA ALA A 771 5.46 -24.03 -43.15
C ALA A 771 6.22 -25.25 -42.79
N SER A 772 5.84 -26.51 -43.26
CA SER A 772 6.48 -27.73 -42.99
C SER A 772 7.92 -27.69 -43.53
N SER A 773 8.15 -27.16 -44.70
CA SER A 773 9.51 -27.16 -45.23
C SER A 773 10.45 -26.32 -44.41
N ILE A 774 9.98 -25.13 -43.97
CA ILE A 774 10.76 -24.23 -43.14
C ILE A 774 11.01 -24.85 -41.80
N PHE A 775 9.97 -25.53 -41.23
CA PHE A 775 10.09 -26.18 -39.91
C PHE A 775 11.17 -27.15 -39.98
N ARG A 776 11.24 -27.94 -41.07
CA ARG A 776 12.16 -29.04 -41.30
C ARG A 776 13.54 -28.43 -41.35
N LYS A 777 13.67 -27.25 -41.96
CA LYS A 777 14.94 -26.58 -41.93
C LYS A 777 15.41 -26.20 -40.50
N CYS A 778 14.42 -25.72 -39.65
CA CYS A 778 14.67 -25.50 -38.28
C CYS A 778 15.08 -26.69 -37.46
N LEU A 779 14.58 -27.93 -37.74
CA LEU A 779 14.81 -29.12 -36.98
C LEU A 779 16.24 -29.65 -36.81
N ILE A 780 17.07 -29.55 -37.79
CA ILE A 780 18.47 -29.97 -37.75
C ILE A 780 19.28 -29.17 -36.64
N ASN A 781 18.93 -27.84 -36.64
CA ASN A 781 19.59 -26.89 -35.82
C ASN A 781 19.42 -27.21 -34.32
N PHE A 782 18.19 -27.72 -34.01
CA PHE A 782 17.84 -28.26 -32.73
C PHE A 782 18.68 -29.46 -32.39
N THR A 783 18.90 -30.36 -33.38
CA THR A 783 19.69 -31.59 -33.19
C THR A 783 21.16 -31.30 -32.89
N GLN A 784 21.78 -30.47 -33.80
CA GLN A 784 23.23 -30.31 -33.87
C GLN A 784 23.85 -29.54 -32.68
N GLU A 785 23.13 -28.58 -32.05
CA GLU A 785 23.50 -27.62 -31.06
C GLU A 785 24.60 -26.69 -31.65
N LEU A 786 24.45 -25.29 -31.64
CA LEU A 786 25.41 -24.36 -32.21
C LEU A 786 25.00 -24.28 -33.68
N SER A 787 24.27 -23.26 -33.96
CA SER A 787 23.66 -23.08 -35.26
C SER A 787 23.85 -21.72 -35.89
N THR A 788 24.73 -21.73 -36.88
CA THR A 788 24.94 -20.78 -37.98
C THR A 788 23.82 -20.91 -38.95
N GLU A 789 23.45 -22.18 -39.25
CA GLU A 789 22.49 -22.60 -40.20
C GLU A 789 21.07 -22.04 -39.90
N LYS A 790 20.68 -21.95 -38.62
CA LYS A 790 19.32 -21.46 -38.26
C LYS A 790 19.15 -20.01 -38.71
N PHE A 791 20.22 -19.19 -38.44
CA PHE A 791 20.25 -17.78 -38.75
C PHE A 791 20.11 -17.70 -40.21
N ASP A 792 20.81 -18.57 -40.96
CA ASP A 792 20.69 -18.52 -42.41
C ASP A 792 19.26 -18.80 -42.88
N PHE A 793 18.56 -19.77 -42.30
CA PHE A 793 17.23 -20.22 -42.62
C PHE A 793 16.22 -19.15 -42.42
N TYR A 794 16.31 -18.36 -41.33
CA TYR A 794 15.55 -17.17 -41.07
C TYR A 794 15.78 -16.07 -42.11
N ASP A 795 17.05 -15.81 -42.53
CA ASP A 795 17.41 -14.85 -43.57
C ASP A 795 16.76 -15.26 -44.96
N SER A 796 16.84 -16.58 -45.30
CA SER A 796 16.31 -17.19 -46.48
C SER A 796 14.84 -17.03 -46.62
N SER A 797 14.16 -17.18 -45.45
CA SER A 797 12.70 -17.10 -45.37
C SER A 797 12.07 -15.72 -45.59
N SER A 798 12.87 -14.56 -45.55
CA SER A 798 12.48 -13.23 -45.90
C SER A 798 12.86 -12.93 -47.36
N VAL A 799 14.15 -13.09 -47.83
CA VAL A 799 14.62 -12.91 -49.17
C VAL A 799 15.64 -14.09 -49.28
N ASP A 800 15.52 -14.88 -50.38
CA ASP A 800 16.26 -16.12 -50.61
C ASP A 800 17.68 -15.63 -51.00
N PRO B 180 61.20 64.80 23.18
CA PRO B 180 61.97 63.48 23.20
C PRO B 180 62.49 63.22 24.56
N GLU B 181 61.58 63.40 25.60
CA GLU B 181 62.02 63.38 26.95
C GLU B 181 60.99 62.50 27.68
N GLU B 182 61.06 62.39 29.04
CA GLU B 182 60.31 61.46 29.93
C GLU B 182 58.88 61.85 29.88
N ASP B 183 58.65 63.17 29.96
CA ASP B 183 57.50 63.93 30.12
C ASP B 183 56.71 63.74 28.87
N ILE B 184 57.45 63.74 27.78
CA ILE B 184 56.86 63.48 26.45
C ILE B 184 56.29 62.10 26.37
N LEU B 185 56.94 61.11 26.93
CA LEU B 185 56.48 59.76 27.05
C LEU B 185 55.26 59.74 27.80
N LYS B 186 55.23 60.55 28.92
CA LYS B 186 54.05 60.57 29.72
C LYS B 186 52.86 61.13 28.95
N TYR B 187 53.08 62.21 28.15
CA TYR B 187 52.04 62.89 27.41
C TYR B 187 51.38 61.97 26.32
N VAL B 188 52.23 61.17 25.59
CA VAL B 188 51.92 60.13 24.60
C VAL B 188 51.16 59.02 25.25
N SER B 189 51.55 58.64 26.48
CA SER B 189 50.86 57.66 27.24
C SER B 189 49.47 58.13 27.54
N TYR B 190 49.24 59.41 27.89
CA TYR B 190 47.84 59.83 28.09
C TYR B 190 47.07 59.79 26.87
N THR B 191 47.67 60.15 25.68
CA THR B 191 47.11 60.18 24.34
C THR B 191 46.67 58.84 23.95
N LEU B 192 47.40 57.78 24.24
CA LEU B 192 47.27 56.33 23.88
C LEU B 192 45.98 55.75 24.45
N LEU B 193 45.50 56.24 25.58
CA LEU B 193 44.25 56.06 26.29
C LEU B 193 43.10 56.78 25.63
N ALA B 194 43.42 57.56 24.61
CA ALA B 194 42.54 58.36 23.84
C ALA B 194 42.11 59.62 24.50
N THR B 195 42.91 60.17 25.47
CA THR B 195 42.67 61.58 25.94
C THR B 195 43.88 62.29 25.46
N THR B 196 43.66 63.16 24.46
CA THR B 196 44.74 63.83 23.77
C THR B 196 45.29 64.82 24.68
N SER B 197 46.53 65.34 24.42
CA SER B 197 47.05 66.34 25.27
C SER B 197 47.20 67.50 24.34
N ALA B 198 47.85 68.62 24.72
CA ALA B 198 48.13 69.79 23.93
C ALA B 198 49.36 69.63 23.08
N LEU B 199 50.15 68.59 23.26
CA LEU B 199 51.34 68.33 22.46
C LEU B 199 50.92 67.38 21.38
N PHE B 200 49.61 67.16 21.25
CA PHE B 200 49.02 66.41 20.09
C PHE B 200 47.83 67.17 19.57
N PRO B 201 47.90 67.78 18.35
CA PRO B 201 46.76 68.42 17.66
C PRO B 201 45.65 67.50 17.29
N PHE B 202 45.77 66.16 17.46
CA PHE B 202 44.70 65.21 17.18
C PHE B 202 43.54 65.68 18.09
N ASP B 203 42.36 65.63 17.49
CA ASP B 203 41.12 65.88 18.20
C ASP B 203 40.02 65.21 17.43
N HIS B 204 40.19 65.08 16.12
CA HIS B 204 39.25 64.49 15.26
C HIS B 204 39.88 63.89 14.04
N GLU B 205 41.14 64.36 13.81
CA GLU B 205 41.82 64.18 12.61
C GLU B 205 43.27 63.99 13.01
N GLN B 206 44.05 63.64 12.00
CA GLN B 206 45.43 63.36 12.16
C GLN B 206 46.16 64.48 12.72
N ILE B 207 47.20 64.21 13.58
CA ILE B 207 48.06 65.10 14.29
C ILE B 207 48.80 65.96 13.35
N GLN B 208 48.86 67.22 13.73
CA GLN B 208 49.68 68.10 13.03
C GLN B 208 50.90 68.22 13.84
N ILE B 209 51.99 67.62 13.24
CA ILE B 209 53.34 67.40 13.79
C ILE B 209 53.89 68.58 14.60
N PRO B 210 54.09 68.58 15.86
CA PRO B 210 54.71 69.63 16.63
C PRO B 210 56.26 69.56 16.37
N SER B 211 56.86 70.74 16.47
CA SER B 211 58.28 70.82 16.22
C SER B 211 59.11 70.18 17.39
N LYS B 212 60.39 69.73 17.03
CA LYS B 212 61.31 69.04 17.94
C LYS B 212 60.80 67.60 18.19
N ILE B 213 60.60 66.88 17.00
CA ILE B 213 60.12 65.54 16.97
C ILE B 213 60.85 64.92 15.82
N PRO B 214 61.40 63.73 15.86
CA PRO B 214 61.92 63.02 14.70
C PRO B 214 60.94 62.08 14.15
N ASN B 215 61.31 61.62 12.88
CA ASN B 215 60.66 60.77 11.95
C ASN B 215 60.39 59.43 12.55
N PHE B 216 61.31 58.90 13.29
CA PHE B 216 61.37 57.58 13.87
C PHE B 216 60.21 57.43 14.76
N GLU B 217 60.07 58.47 15.57
CA GLU B 217 59.00 58.70 16.51
C GLU B 217 57.72 58.98 15.82
N SER B 218 57.69 59.74 14.70
CA SER B 218 56.53 60.06 13.97
C SER B 218 55.87 58.84 13.44
N GLY B 219 56.64 57.78 12.90
CA GLY B 219 56.10 56.46 12.40
C GLY B 219 55.44 55.73 13.49
N LEU B 220 55.95 55.63 14.76
CA LEU B 220 55.33 54.97 15.82
C LEU B 220 54.03 55.72 16.10
N LEU B 221 54.11 57.12 16.08
CA LEU B 221 52.97 57.97 16.32
C LEU B 221 51.88 57.79 15.28
N HIS B 222 52.16 57.55 13.98
CA HIS B 222 51.26 57.39 12.90
C HIS B 222 50.41 56.16 13.14
N LEU B 223 51.06 55.03 13.64
CA LEU B 223 50.46 53.82 14.06
C LEU B 223 49.62 54.04 15.21
N ILE B 224 50.10 54.90 16.16
CA ILE B 224 49.31 55.28 17.32
C ILE B 224 48.09 56.03 16.89
N PHE B 225 48.14 56.90 15.80
CA PHE B 225 47.08 57.76 15.34
C PHE B 225 45.95 56.87 14.92
N GLU B 226 46.26 55.70 14.29
CA GLU B 226 45.16 54.82 13.91
C GLU B 226 44.41 54.35 15.13
N ALA B 227 45.18 53.98 16.15
CA ALA B 227 44.58 53.48 17.39
C ALA B 227 43.67 54.30 18.12
N GLY B 228 44.07 55.63 18.24
CA GLY B 228 43.27 56.62 18.93
C GLY B 228 41.94 56.92 18.21
N LEU B 229 42.03 56.86 16.86
CA LEU B 229 41.02 57.02 15.91
C LEU B 229 40.05 55.91 16.14
N LEU B 230 40.56 54.69 16.41
CA LEU B 230 39.71 53.57 16.77
C LEU B 230 38.97 53.77 18.06
N TYR B 231 39.57 54.31 19.10
CA TYR B 231 38.81 54.57 20.30
C TYR B 231 37.62 55.50 20.12
N GLN B 232 37.86 56.57 19.36
CA GLN B 232 36.90 57.59 19.05
C GLN B 232 35.74 57.12 18.26
N SER B 233 36.02 56.24 17.25
CA SER B 233 35.03 55.66 16.44
C SER B 233 34.13 54.76 17.27
N LEU B 234 34.85 54.01 18.13
CA LEU B 234 34.19 53.02 18.92
C LEU B 234 33.16 53.58 19.84
N GLY B 235 33.54 54.69 20.59
CA GLY B 235 32.65 55.34 21.53
C GLY B 235 31.44 55.89 20.77
N TYR B 236 31.69 56.43 19.52
CA TYR B 236 30.58 56.96 18.70
C TYR B 236 29.55 55.90 18.31
N LYS B 237 30.10 54.75 17.83
CA LYS B 237 29.31 53.70 17.37
C LYS B 237 28.47 53.10 18.39
N VAL B 238 29.05 52.79 19.56
CA VAL B 238 28.35 52.20 20.70
C VAL B 238 27.29 53.04 21.22
N GLU B 239 27.52 54.31 21.31
CA GLU B 239 26.50 55.25 21.75
C GLU B 239 25.35 55.25 20.90
N LYS B 240 25.55 55.18 19.56
CA LYS B 240 24.53 55.28 18.52
C LYS B 240 23.65 54.13 18.67
N PHE B 241 24.21 52.88 18.86
CA PHE B 241 23.43 51.74 19.08
C PHE B 241 22.78 51.66 20.42
N ARG B 242 23.40 52.25 21.46
CA ARG B 242 22.85 52.31 22.83
C ARG B 242 21.77 53.39 23.06
N MET B 243 20.82 53.71 22.18
CA MET B 243 19.89 54.75 22.25
C MET B 243 18.59 53.99 22.30
N LEU B 244 18.07 53.56 21.17
CA LEU B 244 16.92 52.71 21.04
C LEU B 244 17.06 52.26 19.68
N ASN B 245 17.43 51.04 19.51
CA ASN B 245 17.75 50.39 18.28
C ASN B 245 17.16 48.99 18.19
N ILE B 246 17.15 48.45 16.95
CA ILE B 246 16.58 47.18 16.53
C ILE B 246 17.22 46.04 17.27
N SER B 247 16.36 45.12 17.74
CA SER B 247 16.60 43.79 18.19
C SER B 247 17.24 43.80 19.63
N PRO B 248 16.90 42.94 20.56
CA PRO B 248 17.58 42.80 21.90
C PRO B 248 18.91 42.11 21.54
N MET B 249 18.93 41.39 20.43
CA MET B 249 20.06 40.56 20.01
C MET B 249 21.25 41.34 19.69
N LYS B 250 21.03 42.48 19.03
CA LYS B 250 22.03 43.52 18.73
C LYS B 250 22.49 44.11 19.93
N LYS B 251 21.60 44.49 20.88
CA LYS B 251 21.95 45.12 22.19
C LYS B 251 22.83 44.20 22.97
N ALA B 252 22.56 42.87 23.03
CA ALA B 252 23.38 41.91 23.75
C ALA B 252 24.78 41.76 23.23
N LEU B 253 24.88 41.83 21.84
CA LEU B 253 26.13 41.82 21.10
C LEU B 253 26.85 43.07 21.50
N ILE B 254 26.20 44.25 21.51
CA ILE B 254 26.89 45.51 21.82
C ILE B 254 27.49 45.48 23.29
N ILE B 255 26.72 44.89 24.26
CA ILE B 255 27.20 44.73 25.56
C ILE B 255 28.40 43.86 25.60
N GLU B 256 28.47 42.78 24.87
CA GLU B 256 29.67 42.02 24.80
C GLU B 256 30.90 42.75 24.21
N ILE B 257 30.84 43.49 23.07
CA ILE B 257 31.97 44.18 22.54
C ILE B 257 32.39 45.23 23.51
N SER B 258 31.40 46.01 24.08
CA SER B 258 31.72 47.00 25.11
C SER B 258 32.43 46.36 26.25
N GLU B 259 32.08 45.12 26.64
CA GLU B 259 32.69 44.41 27.75
C GLU B 259 34.11 44.13 27.41
N GLU B 260 34.38 43.74 26.12
CA GLU B 260 35.70 43.52 25.68
C GLU B 260 36.55 44.79 25.60
N LEU B 261 35.97 45.94 25.25
CA LEU B 261 36.78 47.15 25.20
C LEU B 261 37.21 47.57 26.56
N GLN B 262 36.40 47.20 27.66
CA GLN B 262 36.91 47.50 29.02
C GLN B 262 38.30 46.87 29.25
N ASN B 263 38.50 45.60 28.76
CA ASN B 263 39.73 44.90 28.98
C ASN B 263 40.97 45.54 28.44
N TYR B 264 40.75 46.10 27.22
CA TYR B 264 41.78 46.85 26.55
C TYR B 264 42.35 48.06 27.32
N THR B 265 41.30 48.80 27.82
CA THR B 265 41.61 49.88 28.77
C THR B 265 42.22 49.44 30.02
N ALA B 266 41.78 48.25 30.55
CA ALA B 266 42.40 47.70 31.75
C ALA B 266 43.85 47.39 31.49
N PHE B 267 44.23 46.83 30.37
CA PHE B 267 45.58 46.44 30.01
C PHE B 267 46.53 47.65 29.95
N VAL B 268 46.03 48.81 29.27
CA VAL B 268 46.76 50.03 29.26
C VAL B 268 46.95 50.65 30.63
N ASN B 269 45.91 50.55 31.47
CA ASN B 269 45.96 50.97 32.86
C ASN B 269 46.98 50.13 33.59
N ASN B 270 47.05 48.83 33.34
CA ASN B 270 47.87 47.86 33.90
C ASN B 270 49.34 48.17 33.58
N LEU B 271 49.55 48.52 32.29
CA LEU B 271 50.92 48.82 31.77
C LEU B 271 51.59 50.01 32.45
N VAL B 272 50.73 51.05 32.70
CA VAL B 272 51.32 52.16 33.40
C VAL B 272 51.30 51.75 34.82
N SER B 273 52.51 51.99 35.45
CA SER B 273 52.84 51.49 36.73
C SER B 273 52.97 50.00 36.76
N SER B 274 53.66 49.47 35.72
CA SER B 274 54.16 48.14 35.55
C SER B 274 55.33 48.23 34.66
N GLY B 275 56.11 49.30 34.81
CA GLY B 275 57.26 49.59 34.03
C GLY B 275 56.77 50.48 32.92
N THR B 276 57.20 51.77 33.00
CA THR B 276 56.73 52.88 32.17
C THR B 276 57.81 53.68 31.61
N VAL B 277 59.01 53.48 32.13
CA VAL B 277 60.26 54.08 31.71
C VAL B 277 60.62 53.57 30.33
N VAL B 278 60.40 52.26 30.06
CA VAL B 278 60.51 51.48 28.92
C VAL B 278 60.01 52.11 27.72
N SER B 279 60.57 51.58 26.61
CA SER B 279 60.23 52.13 25.33
C SER B 279 58.81 51.98 24.93
N LEU B 280 58.20 53.03 24.28
CA LEU B 280 56.80 53.03 23.82
C LEU B 280 56.70 51.96 22.75
N LYS B 281 57.77 51.76 21.97
CA LYS B 281 57.85 50.76 20.97
C LYS B 281 57.67 49.37 21.50
N SER B 282 58.36 48.96 22.68
CA SER B 282 58.24 47.67 23.24
C SER B 282 56.87 47.37 23.73
N LEU B 283 56.27 48.42 24.32
CA LEU B 283 54.91 48.45 24.81
C LEU B 283 53.84 48.26 23.76
N TYR B 284 54.07 48.96 22.61
CA TYR B 284 53.18 48.95 21.39
C TYR B 284 53.15 47.54 20.81
N ARG B 285 54.32 46.88 20.72
CA ARG B 285 54.45 45.46 20.30
C ARG B 285 53.78 44.57 21.24
N GLU B 286 53.96 44.86 22.57
CA GLU B 286 53.38 43.91 23.48
C GLU B 286 51.85 43.90 23.31
N ILE B 287 51.23 45.07 23.14
CA ILE B 287 49.76 45.03 23.03
C ILE B 287 49.35 45.19 21.57
N TYR B 288 50.14 44.54 20.68
CA TYR B 288 49.99 44.64 19.25
C TYR B 288 48.69 43.96 18.88
N GLU B 289 48.45 42.73 19.47
CA GLU B 289 47.30 41.88 19.12
C GLU B 289 46.06 42.54 19.36
N ASN B 290 45.90 43.31 20.49
CA ASN B 290 44.63 43.99 20.74
C ASN B 290 44.32 45.05 19.72
N ILE B 291 45.33 45.70 19.10
CA ILE B 291 44.98 46.72 18.08
C ILE B 291 44.30 46.08 16.90
N ILE B 292 44.76 44.89 16.55
CA ILE B 292 44.20 44.04 15.43
C ILE B 292 42.81 43.55 15.80
N ARG B 293 42.65 42.98 17.04
CA ARG B 293 41.42 42.26 17.43
C ARG B 293 40.31 43.25 17.44
N LEU B 294 40.55 44.43 18.11
CA LEU B 294 39.50 45.44 18.17
C LEU B 294 39.15 45.92 16.77
N ARG B 295 40.17 46.08 15.92
CA ARG B 295 40.01 46.66 14.57
C ARG B 295 39.13 45.83 13.66
N ILE B 296 39.30 44.48 13.61
CA ILE B 296 38.59 43.58 12.70
C ILE B 296 37.19 43.68 13.12
N TYR B 297 36.85 43.64 14.42
CA TYR B 297 35.51 43.76 14.86
C TYR B 297 34.87 45.05 14.51
N CYS B 298 35.61 46.15 14.45
CA CYS B 298 35.09 47.37 13.91
C CYS B 298 34.66 47.38 12.48
N ARG B 299 35.30 46.66 11.58
CA ARG B 299 34.97 46.47 10.24
C ARG B 299 33.63 45.81 10.09
N PHE B 300 33.36 44.71 10.94
CA PHE B 300 32.08 44.11 11.08
C PHE B 300 31.02 45.09 11.55
N THR B 301 31.31 45.97 12.61
CA THR B 301 30.33 46.95 13.08
C THR B 301 29.97 47.98 12.02
N GLU B 302 30.91 48.44 11.20
CA GLU B 302 30.55 49.37 10.20
C GLU B 302 29.61 48.76 9.20
N HIS B 303 29.88 47.54 8.68
CA HIS B 303 29.03 46.87 7.68
C HIS B 303 27.69 46.51 8.19
N LEU B 304 27.68 46.18 9.49
CA LEU B 304 26.63 45.70 10.37
C LEU B 304 25.51 46.68 10.45
N GLU B 305 25.85 48.01 10.27
CA GLU B 305 24.90 49.07 10.37
C GLU B 305 23.76 48.91 9.39
N GLU B 306 24.14 48.35 8.16
CA GLU B 306 23.22 48.12 7.05
C GLU B 306 22.30 47.06 7.33
N LEU B 307 22.84 45.97 7.95
CA LEU B 307 22.16 44.69 8.16
C LEU B 307 21.42 44.75 9.48
N SER B 308 20.44 43.87 9.66
CA SER B 308 19.60 43.89 10.82
C SER B 308 19.37 42.41 11.02
N GLY B 309 18.75 42.09 12.20
CA GLY B 309 18.30 40.83 12.61
C GLY B 309 19.17 39.66 12.30
N ASP B 310 18.50 38.82 11.50
CA ASP B 310 18.85 37.41 11.17
C ASP B 310 20.18 37.33 10.42
N THR B 311 20.64 38.43 9.74
CA THR B 311 21.89 38.41 9.05
C THR B 311 23.11 38.17 9.84
N PHE B 312 23.03 38.66 11.08
CA PHE B 312 24.06 38.50 12.10
C PHE B 312 24.46 37.17 12.54
N LEU B 313 23.48 36.25 12.67
CA LEU B 313 23.56 34.87 13.11
C LEU B 313 24.48 34.05 12.21
N ILE B 314 24.36 34.35 10.89
CA ILE B 314 25.17 33.85 9.86
C ILE B 314 26.54 34.32 9.98
N GLU B 315 26.74 35.67 10.24
CA GLU B 315 28.07 36.28 10.25
C GLU B 315 28.91 35.66 11.35
N LEU B 316 28.29 35.54 12.56
CA LEU B 316 28.98 34.78 13.65
C LEU B 316 29.25 33.38 13.40
N ASN B 317 28.30 32.67 12.73
CA ASN B 317 28.55 31.30 12.45
C ASN B 317 29.66 31.09 11.54
N ILE B 318 29.69 31.84 10.36
CA ILE B 318 30.77 31.63 9.30
C ILE B 318 32.15 31.98 9.90
N PHE B 319 32.24 33.09 10.65
CA PHE B 319 33.46 33.53 11.26
C PHE B 319 33.99 32.62 12.31
N LYS B 320 33.29 31.91 13.11
CA LYS B 320 33.88 30.96 14.02
C LYS B 320 34.71 29.85 13.40
N SER B 321 34.24 29.49 12.15
CA SER B 321 34.87 28.62 11.21
C SER B 321 36.18 29.14 10.63
N HIS B 322 36.25 30.47 10.49
CA HIS B 322 37.31 31.16 9.86
C HIS B 322 38.46 31.37 10.89
N GLY B 323 39.65 31.49 10.32
CA GLY B 323 40.94 31.48 10.92
C GLY B 323 41.19 32.44 12.07
N ASP B 324 42.42 32.18 12.56
CA ASP B 324 42.94 32.67 13.80
C ASP B 324 42.17 32.15 15.08
N LEU B 325 42.84 31.45 16.00
CA LEU B 325 42.16 30.75 17.09
C LEU B 325 41.27 31.67 17.94
N THR B 326 41.89 32.86 18.26
CA THR B 326 41.31 33.83 19.12
C THR B 326 40.04 34.43 18.51
N ILE B 327 40.08 34.74 17.21
CA ILE B 327 38.95 35.38 16.57
C ILE B 327 37.86 34.43 16.53
N ARG B 328 38.25 33.19 16.13
CA ARG B 328 37.23 32.21 16.00
C ARG B 328 36.52 32.00 17.37
N LYS B 329 37.35 31.93 18.43
CA LYS B 329 36.90 31.75 19.78
C LYS B 329 35.99 32.87 20.27
N ILE B 330 36.28 34.13 20.02
CA ILE B 330 35.56 35.29 20.47
C ILE B 330 34.19 35.23 19.89
N ALA B 331 34.07 34.95 18.56
CA ALA B 331 32.87 34.84 17.75
C ALA B 331 32.02 33.75 18.26
N THR B 332 32.59 32.56 18.71
CA THR B 332 31.80 31.46 19.31
C THR B 332 31.10 31.91 20.60
N ASN B 333 31.84 32.68 21.41
CA ASN B 333 31.31 33.07 22.72
C ASN B 333 30.09 33.91 22.52
N LEU B 334 30.13 34.84 21.48
CA LEU B 334 28.99 35.69 21.22
C LEU B 334 27.82 34.90 20.80
N PHE B 335 28.15 33.85 19.97
CA PHE B 335 27.15 33.01 19.33
C PHE B 335 26.28 32.27 20.40
N ASN B 336 26.87 31.67 21.48
CA ASN B 336 26.15 30.99 22.53
C ASN B 336 25.24 31.97 23.17
N SER B 337 25.69 33.26 23.40
CA SER B 337 24.82 34.23 24.01
C SER B 337 23.68 34.58 23.20
N MET B 338 23.80 34.72 21.90
CA MET B 338 22.68 35.10 21.03
C MET B 338 21.63 33.93 21.09
N ILE B 339 22.17 32.71 21.06
CA ILE B 339 21.44 31.43 21.09
C ILE B 339 20.65 31.39 22.40
N SER B 340 21.17 32.01 23.50
CA SER B 340 20.41 32.16 24.73
C SER B 340 19.08 32.88 24.58
N LEU B 341 19.08 33.88 23.73
CA LEU B 341 17.97 34.69 23.40
C LEU B 341 16.99 33.90 22.67
N TYR B 342 17.45 32.99 21.79
CA TYR B 342 16.60 32.01 21.17
C TYR B 342 15.99 31.12 22.12
N TYR B 343 16.71 30.56 23.10
CA TYR B 343 16.16 29.55 24.05
C TYR B 343 15.07 30.19 24.81
N GLU B 344 15.22 31.45 25.14
CA GLU B 344 14.28 32.26 25.87
C GLU B 344 13.09 32.33 24.98
N TYR B 345 13.17 32.52 23.62
CA TYR B 345 12.09 32.60 22.72
C TYR B 345 11.32 31.29 22.61
N LEU B 346 12.09 30.20 22.54
CA LEU B 346 11.61 28.79 22.60
C LEU B 346 10.94 28.54 23.88
N MET B 347 11.49 28.97 25.00
CA MET B 347 10.91 28.67 26.30
C MET B 347 9.63 29.19 26.52
N ASN B 348 9.42 30.48 26.06
CA ASN B 348 8.30 31.36 26.20
C ASN B 348 7.22 30.67 25.48
N TRP B 349 7.59 30.16 24.31
CA TRP B 349 6.72 29.57 23.32
C TRP B 349 6.17 28.34 23.89
N LEU B 350 7.09 27.45 24.31
CA LEU B 350 6.66 26.13 24.84
C LEU B 350 5.84 26.25 26.08
N THR B 351 6.25 27.09 27.03
CA THR B 351 5.71 27.18 28.36
C THR B 351 4.43 28.04 28.56
N LYS B 352 4.24 29.15 27.73
CA LYS B 352 3.10 30.01 27.84
C LYS B 352 2.47 30.18 26.49
N GLY B 353 2.86 29.38 25.49
CA GLY B 353 2.21 29.43 24.19
C GLY B 353 2.41 30.63 23.32
N LEU B 354 3.08 31.73 23.88
CA LEU B 354 3.42 33.00 23.20
C LEU B 354 4.86 33.11 23.15
N LEU B 355 5.41 33.61 21.99
CA LEU B 355 6.80 33.68 21.73
C LEU B 355 6.93 35.04 21.28
N ARG B 356 8.02 35.66 21.70
CA ARG B 356 8.27 37.01 21.44
C ARG B 356 9.46 37.11 20.54
N ALA B 357 9.41 37.82 19.43
CA ALA B 357 10.61 37.88 18.58
C ALA B 357 10.96 39.33 18.36
N THR B 358 10.24 40.26 18.98
CA THR B 358 10.48 41.67 19.06
C THR B 358 10.35 42.29 17.71
N TYR B 359 11.40 42.29 16.91
CA TYR B 359 11.51 42.90 15.59
C TYR B 359 11.52 41.87 14.47
N GLY B 360 11.07 40.62 14.85
CA GLY B 360 10.93 39.54 13.92
C GLY B 360 12.27 38.86 13.71
N GLU B 361 12.93 38.63 14.85
CA GLU B 361 14.17 37.91 14.93
C GLU B 361 13.94 36.45 14.88
N PHE B 362 12.69 35.95 14.98
CA PHE B 362 12.47 34.48 15.05
C PHE B 362 12.07 34.11 13.61
N PHE B 363 10.94 33.34 13.52
CA PHE B 363 10.39 32.73 12.29
C PHE B 363 8.91 32.76 12.51
N ILE B 364 8.35 33.71 13.33
CA ILE B 364 6.92 33.88 13.63
C ILE B 364 6.43 35.03 12.79
N ALA B 365 5.31 34.89 12.10
CA ALA B 365 4.66 35.85 11.28
C ALA B 365 3.33 36.09 11.95
N GLU B 366 2.86 37.32 11.80
CA GLU B 366 1.62 37.64 12.41
C GLU B 366 0.47 36.93 11.89
N ASN B 367 0.46 36.71 10.55
CA ASN B 367 -0.63 35.91 9.99
C ASN B 367 -0.12 35.58 8.53
N TYR B 379 -11.83 38.88 15.61
CA TYR B 379 -10.86 37.79 15.30
C TYR B 379 -10.48 37.85 13.86
N HIS B 380 -9.15 37.89 13.60
CA HIS B 380 -8.64 38.09 12.27
C HIS B 380 -7.24 37.54 12.08
N ILE B 381 -6.68 37.07 13.23
CA ILE B 381 -5.24 36.83 13.20
C ILE B 381 -4.97 35.40 13.60
N PRO B 382 -4.69 34.44 12.76
CA PRO B 382 -4.11 33.19 13.10
C PRO B 382 -2.59 33.20 12.89
N ILE B 383 -1.78 32.89 13.96
CA ILE B 383 -0.32 33.00 13.89
C ILE B 383 0.25 32.00 12.84
N GLU B 384 1.39 32.23 12.19
CA GLU B 384 1.96 31.27 11.22
C GLU B 384 3.42 31.43 11.39
N PHE B 385 4.10 30.49 10.70
CA PHE B 385 5.47 30.27 10.52
C PHE B 385 5.94 31.05 9.37
N ASN B 386 7.11 31.62 9.59
CA ASN B 386 7.83 32.35 8.58
C ASN B 386 8.94 31.49 8.04
N GLN B 387 8.61 30.76 7.01
CA GLN B 387 9.39 29.73 6.35
C GLN B 387 10.61 30.34 5.68
N GLU B 388 10.48 31.58 5.14
CA GLU B 388 11.55 32.28 4.52
C GLU B 388 12.66 32.50 5.47
N ARG B 389 12.31 32.87 6.75
CA ARG B 389 13.22 33.06 7.80
C ARG B 389 13.83 31.84 8.46
N VAL B 390 13.16 30.69 8.30
CA VAL B 390 13.57 29.39 8.90
C VAL B 390 15.01 29.15 9.11
N PRO B 391 15.57 28.51 10.14
CA PRO B 391 16.99 28.21 10.28
C PRO B 391 17.22 26.82 9.77
N ALA B 392 18.49 26.39 9.93
CA ALA B 392 18.88 25.05 9.57
C ALA B 392 20.16 24.81 10.40
N PHE B 393 20.41 25.74 11.32
CA PHE B 393 21.44 25.74 12.41
C PHE B 393 21.01 24.67 13.32
N ILE B 394 19.63 24.45 13.35
CA ILE B 394 18.95 23.38 13.98
C ILE B 394 17.93 23.22 12.91
N PRO B 395 17.75 22.08 12.31
CA PRO B 395 16.94 21.81 11.09
C PRO B 395 15.70 22.58 10.97
N LYS B 396 15.32 22.98 9.72
CA LYS B 396 14.20 23.73 9.32
C LYS B 396 12.91 23.05 9.65
N GLU B 397 12.83 21.70 9.56
CA GLU B 397 11.78 20.81 9.94
C GLU B 397 11.48 20.87 11.42
N LEU B 398 12.61 20.90 12.27
CA LEU B 398 12.52 20.91 13.70
C LEU B 398 11.88 22.14 14.17
N ALA B 399 12.22 23.28 13.52
CA ALA B 399 11.69 24.57 13.79
C ALA B 399 10.25 24.68 13.53
N TYR B 400 9.78 24.03 12.40
CA TYR B 400 8.37 23.97 11.96
C TYR B 400 7.58 23.27 12.98
N LYS B 401 8.09 22.17 13.55
CA LYS B 401 7.54 21.27 14.51
C LYS B 401 7.20 21.81 15.85
N ILE B 402 8.15 22.69 16.40
CA ILE B 402 8.07 23.52 17.62
C ILE B 402 6.99 24.56 17.45
N PHE B 403 6.92 25.12 16.19
CA PHE B 403 5.97 26.08 15.79
C PHE B 403 4.57 25.54 15.89
N MET B 404 4.40 24.33 15.40
CA MET B 404 3.15 23.68 15.51
C MET B 404 2.78 23.47 16.99
N ILE B 405 3.72 23.02 17.86
CA ILE B 405 3.41 22.71 19.26
C ILE B 405 2.96 23.96 19.97
N GLY B 406 3.66 25.07 19.68
CA GLY B 406 3.45 26.36 20.19
C GLY B 406 2.14 27.01 19.90
N LYS B 407 1.71 26.83 18.65
CA LYS B 407 0.45 27.31 18.16
C LYS B 407 -0.68 26.63 18.84
N SER B 408 -0.51 25.29 19.02
CA SER B 408 -1.50 24.54 19.70
C SER B 408 -1.67 24.99 21.12
N TYR B 409 -0.60 25.29 21.85
CA TYR B 409 -0.69 25.63 23.26
C TYR B 409 -1.45 26.90 23.56
N ILE B 410 -1.21 27.98 22.77
CA ILE B 410 -2.01 29.14 22.81
C ILE B 410 -3.46 28.99 22.37
N PHE B 411 -3.73 28.22 21.31
CA PHE B 411 -5.06 27.88 20.96
C PHE B 411 -5.83 27.13 21.86
N LEU B 412 -5.16 26.13 22.51
CA LEU B 412 -5.89 25.26 23.41
C LEU B 412 -6.40 26.10 24.60
N GLU B 413 -5.59 27.09 25.17
CA GLU B 413 -6.06 27.93 26.23
C GLU B 413 -7.16 28.77 25.85
N LYS B 414 -7.13 29.31 24.55
CA LYS B 414 -8.11 30.05 23.86
C LYS B 414 -9.38 29.21 23.63
N TYR B 415 -9.26 27.87 23.48
CA TYR B 415 -10.43 26.97 23.39
C TYR B 415 -11.31 27.05 24.61
N CYS B 416 -10.52 27.01 25.71
CA CYS B 416 -10.88 27.28 27.07
C CYS B 416 -9.63 26.65 27.73
N LYS B 417 -9.29 27.34 28.83
CA LYS B 417 -8.12 27.09 29.60
C LYS B 417 -8.02 25.66 30.06
N GLU B 418 -6.85 25.10 29.74
CA GLU B 418 -6.38 23.84 30.18
C GLU B 418 -5.49 24.25 31.27
N VAL B 419 -5.67 23.74 32.48
CA VAL B 419 -4.93 24.14 33.59
C VAL B 419 -3.56 23.46 33.44
N GLN B 420 -2.50 24.30 33.31
CA GLN B 420 -1.10 23.83 33.08
C GLN B 420 -0.70 23.34 34.39
N TRP B 421 0.22 22.40 34.38
CA TRP B 421 0.52 21.59 35.47
C TRP B 421 2.03 21.57 35.54
N THR B 422 2.62 20.38 35.79
CA THR B 422 3.97 20.30 35.92
C THR B 422 4.67 20.55 34.62
N ASN B 423 4.02 20.45 33.44
CA ASN B 423 4.65 20.68 32.18
C ASN B 423 5.32 21.99 31.91
N GLU B 424 4.68 23.12 32.40
CA GLU B 424 5.23 24.38 32.18
C GLU B 424 6.60 24.57 32.85
N PHE B 425 6.54 23.96 34.10
CA PHE B 425 7.54 23.88 35.02
C PHE B 425 8.68 23.11 34.48
N SER B 426 8.40 21.99 33.80
CA SER B 426 9.37 21.13 33.18
C SER B 426 10.07 21.89 32.06
N LYS B 427 9.37 22.70 31.28
CA LYS B 427 9.99 23.49 30.21
C LYS B 427 10.98 24.53 30.66
N LYS B 428 10.67 25.19 31.78
CA LYS B 428 11.55 26.16 32.38
C LYS B 428 12.76 25.36 32.75
N TYR B 429 12.53 24.08 33.31
CA TYR B 429 13.62 23.28 33.84
C TYR B 429 14.55 22.93 32.73
N HIS B 430 13.98 22.56 31.59
CA HIS B 430 14.75 22.06 30.43
C HIS B 430 15.65 23.08 29.91
N VAL B 431 15.14 24.35 29.86
CA VAL B 431 15.91 25.54 29.39
C VAL B 431 17.08 25.81 30.34
N LEU B 432 16.76 25.63 31.65
CA LEU B 432 17.80 25.76 32.69
C LEU B 432 18.88 24.71 32.54
N TYR B 433 18.46 23.46 32.19
CA TYR B 433 19.38 22.35 31.92
C TYR B 433 20.31 22.65 30.76
N GLN B 434 19.72 23.26 29.63
CA GLN B 434 20.62 23.69 28.51
C GLN B 434 21.53 24.86 28.89
N SER B 435 21.06 25.87 29.67
CA SER B 435 21.87 26.90 30.11
C SER B 435 23.05 26.40 30.98
N ASN B 436 22.90 25.31 31.67
CA ASN B 436 23.86 24.63 32.55
C ASN B 436 24.97 23.99 31.66
N SER B 437 24.61 23.59 30.46
CA SER B 437 25.45 22.93 29.51
C SER B 437 26.10 24.02 28.68
N TYR B 438 27.44 24.02 28.62
CA TYR B 438 28.15 25.09 27.91
C TYR B 438 27.84 25.08 26.41
N ARG B 439 27.66 23.83 25.93
CA ARG B 439 27.24 23.41 24.66
C ARG B 439 25.77 23.91 24.49
N GLY B 440 24.77 23.46 25.27
CA GLY B 440 23.42 23.99 25.18
C GLY B 440 22.60 23.06 24.42
N ILE B 441 23.07 21.79 24.38
CA ILE B 441 22.61 20.61 23.71
C ILE B 441 21.31 20.65 23.11
N SER B 442 21.26 20.91 21.76
CA SER B 442 20.03 20.83 21.10
C SER B 442 19.46 19.46 21.11
N THR B 443 20.20 18.35 20.79
CA THR B 443 19.63 17.07 20.48
C THR B 443 18.83 16.59 21.65
N ASN B 444 19.36 16.69 22.87
CA ASN B 444 18.72 16.26 24.10
C ASN B 444 17.52 17.12 24.49
N PHE B 445 17.54 18.40 24.22
CA PHE B 445 16.46 19.30 24.34
C PHE B 445 15.38 18.92 23.37
N PHE B 446 15.81 18.59 22.17
CA PHE B 446 14.83 18.21 21.20
C PHE B 446 14.04 16.96 21.67
N GLU B 447 14.83 15.98 22.17
CA GLU B 447 14.31 14.72 22.65
C GLU B 447 13.29 14.95 23.79
N ILE B 448 13.56 15.82 24.77
CA ILE B 448 12.65 16.13 25.82
C ILE B 448 11.41 16.87 25.35
N ILE B 449 11.49 17.88 24.47
CA ILE B 449 10.36 18.62 23.97
C ILE B 449 9.52 17.75 23.13
N ASN B 450 10.10 16.92 22.18
CA ASN B 450 9.28 16.11 21.30
C ASN B 450 8.46 15.01 22.07
N ASP B 451 9.06 14.49 23.19
CA ASP B 451 8.30 13.65 24.13
C ASP B 451 7.17 14.36 24.82
N GLN B 452 7.42 15.63 25.23
CA GLN B 452 6.44 16.40 25.98
C GLN B 452 5.30 16.63 25.00
N TYR B 453 5.68 16.94 23.78
CA TYR B 453 4.75 17.27 22.70
C TYR B 453 3.84 16.05 22.38
N SER B 454 4.48 14.86 22.25
CA SER B 454 3.65 13.63 21.90
C SER B 454 2.55 13.36 23.00
N GLU B 455 2.91 13.51 24.25
CA GLU B 455 2.08 13.39 25.38
C GLU B 455 1.01 14.42 25.40
N ILE B 456 1.41 15.69 25.04
CA ILE B 456 0.55 16.86 25.02
C ILE B 456 -0.48 16.69 24.01
N VAL B 457 -0.12 16.13 22.84
CA VAL B 457 -1.14 15.80 21.90
C VAL B 457 -2.07 14.69 22.34
N ASN B 458 -1.49 13.60 22.91
CA ASN B 458 -2.41 12.41 23.27
C ASN B 458 -3.41 12.87 24.33
N HIS B 459 -2.89 13.60 25.36
CA HIS B 459 -3.69 14.06 26.48
C HIS B 459 -4.71 15.06 25.98
N THR B 460 -4.40 15.85 24.98
CA THR B 460 -5.30 16.82 24.35
C THR B 460 -6.38 16.07 23.63
N ASN B 461 -6.01 15.00 23.01
CA ASN B 461 -7.00 14.24 22.26
C ASN B 461 -8.06 13.79 23.29
N GLN B 462 -7.67 13.25 24.45
CA GLN B 462 -8.59 12.87 25.47
C GLN B 462 -9.38 14.02 25.99
N ILE B 463 -8.72 15.24 26.15
CA ILE B 463 -9.43 16.39 26.57
C ILE B 463 -10.55 16.80 25.61
N LEU B 464 -10.24 16.79 24.29
CA LEU B 464 -11.25 17.09 23.26
C LEU B 464 -12.27 16.08 23.11
N ASN B 465 -11.85 14.81 22.90
CA ASN B 465 -12.78 13.78 22.48
C ASN B 465 -13.73 13.47 23.56
N GLN B 466 -13.14 13.09 24.71
CA GLN B 466 -13.95 12.65 25.79
C GLN B 466 -14.67 13.76 26.51
N LYS B 467 -13.91 14.89 26.85
CA LYS B 467 -14.38 15.92 27.73
C LYS B 467 -15.41 16.77 27.01
N PHE B 468 -15.09 17.16 25.77
CA PHE B 468 -16.01 18.01 25.07
C PHE B 468 -16.40 17.40 23.73
N HIS B 469 -16.51 16.07 23.82
CA HIS B 469 -17.21 15.21 22.88
C HIS B 469 -16.94 15.41 21.42
N TYR B 470 -15.72 15.83 21.04
CA TYR B 470 -15.30 16.13 19.72
C TYR B 470 -15.36 14.99 18.72
N ARG B 471 -14.87 13.78 19.08
CA ARG B 471 -14.83 12.57 18.26
C ARG B 471 -16.21 12.15 17.87
N ASP B 472 -17.09 12.26 18.88
CA ASP B 472 -18.48 11.94 18.93
C ASP B 472 -19.19 12.88 17.99
N VAL B 473 -18.76 14.17 18.02
CA VAL B 473 -19.36 15.22 17.20
C VAL B 473 -19.03 14.88 15.72
N VAL B 474 -17.82 14.37 15.42
CA VAL B 474 -17.53 13.98 14.04
C VAL B 474 -18.53 12.92 13.50
N PHE B 475 -18.82 11.89 14.35
CA PHE B 475 -19.70 10.76 14.03
C PHE B 475 -21.11 11.24 13.70
N ALA B 476 -21.58 12.22 14.54
CA ALA B 476 -22.84 12.98 14.42
C ALA B 476 -22.76 13.72 13.15
N LEU B 477 -21.55 14.27 12.75
CA LEU B 477 -21.48 15.11 11.60
C LEU B 477 -21.81 14.32 10.39
N LYS B 478 -21.28 13.13 10.30
CA LYS B 478 -21.58 12.20 9.20
C LYS B 478 -23.02 11.85 9.23
N ASN B 479 -23.56 11.63 10.42
CA ASN B 479 -24.98 11.29 10.57
C ASN B 479 -25.99 12.40 10.08
N ILE B 480 -25.81 13.63 10.57
CA ILE B 480 -26.78 14.74 10.33
C ILE B 480 -26.55 15.40 8.99
N LEU B 481 -25.28 15.92 8.71
CA LEU B 481 -24.94 16.65 7.54
C LEU B 481 -25.03 15.76 6.35
N LEU B 482 -24.47 14.52 6.41
CA LEU B 482 -24.52 13.69 5.27
C LEU B 482 -25.81 12.85 5.21
N MET B 483 -26.60 12.85 6.32
CA MET B 483 -27.91 12.25 6.56
C MET B 483 -27.78 10.73 6.68
N GLY B 484 -26.87 10.26 7.51
CA GLY B 484 -26.74 8.89 7.93
C GLY B 484 -27.46 8.94 9.24
N LYS B 485 -28.72 9.33 9.28
CA LYS B 485 -29.58 9.37 10.39
C LYS B 485 -30.85 9.64 9.67
N SER B 486 -31.50 8.63 9.01
CA SER B 486 -32.56 8.81 8.06
C SER B 486 -33.77 9.46 8.69
N ASP B 487 -34.03 9.07 9.94
CA ASP B 487 -35.28 9.33 10.57
C ASP B 487 -35.59 10.74 10.79
N PHE B 488 -34.55 11.53 11.28
CA PHE B 488 -34.76 12.92 11.48
C PHE B 488 -35.15 13.65 10.16
N MET B 489 -34.42 13.40 9.00
CA MET B 489 -34.69 14.06 7.73
C MET B 489 -36.04 13.71 7.21
N ASP B 490 -36.48 12.40 7.33
CA ASP B 490 -37.78 12.01 6.85
C ASP B 490 -38.83 12.70 7.66
N ALA B 491 -38.68 12.77 8.97
CA ALA B 491 -39.70 13.48 9.77
C ALA B 491 -39.74 14.95 9.48
N LEU B 492 -38.60 15.66 9.33
CA LEU B 492 -38.57 17.11 8.99
C LEU B 492 -39.18 17.34 7.71
N ILE B 493 -38.90 16.56 6.64
CA ILE B 493 -39.45 16.77 5.33
C ILE B 493 -40.95 16.58 5.27
N GLU B 494 -41.47 15.59 5.96
CA GLU B 494 -42.87 15.22 6.00
C GLU B 494 -43.68 16.36 6.55
N LYS B 495 -43.21 16.91 7.67
CA LYS B 495 -43.90 18.00 8.37
C LYS B 495 -43.80 19.23 7.64
N ALA B 496 -42.58 19.46 7.07
CA ALA B 496 -42.24 20.71 6.36
C ALA B 496 -42.88 21.05 5.01
N ASN B 497 -43.26 19.95 4.29
CA ASN B 497 -43.56 19.97 2.89
C ASN B 497 -44.51 21.01 2.42
N ASP B 498 -45.58 21.19 3.25
CA ASP B 498 -46.77 21.94 2.93
C ASP B 498 -46.42 23.37 2.64
N ILE B 499 -45.59 23.99 3.48
CA ILE B 499 -45.04 25.30 3.42
C ILE B 499 -44.05 25.52 2.39
N LEU B 500 -43.18 24.49 2.14
CA LEU B 500 -42.05 24.60 1.20
C LEU B 500 -42.54 24.50 -0.13
N ALA B 501 -43.67 23.78 -0.37
CA ALA B 501 -44.31 23.67 -1.63
C ALA B 501 -44.75 25.04 -2.14
N THR B 502 -45.20 25.94 -1.27
CA THR B 502 -45.47 27.31 -1.54
C THR B 502 -44.28 28.15 -1.30
N PRO B 503 -44.39 29.44 -1.61
CA PRO B 503 -43.35 30.33 -1.23
C PRO B 503 -43.34 30.42 0.28
N SER B 504 -42.25 30.87 0.85
CA SER B 504 -42.10 30.75 2.28
C SER B 504 -41.67 32.18 2.60
N ASP B 505 -41.67 32.70 3.88
CA ASP B 505 -41.06 33.97 4.22
C ASP B 505 -40.60 33.80 5.65
N SER B 506 -40.55 34.96 6.41
CA SER B 506 -40.04 35.02 7.74
C SER B 506 -40.75 34.22 8.69
N LEU B 507 -42.10 34.15 8.68
CA LEU B 507 -42.90 33.33 9.65
C LEU B 507 -42.72 31.85 9.48
N PRO B 508 -42.57 31.41 8.20
CA PRO B 508 -42.18 30.03 7.85
C PRO B 508 -40.90 29.58 8.47
N ASN B 509 -39.89 30.42 8.58
CA ASN B 509 -38.59 30.07 9.17
C ASN B 509 -38.61 29.62 10.60
N TYR B 510 -39.38 30.37 11.43
CA TYR B 510 -39.51 30.08 12.90
C TYR B 510 -40.15 28.79 13.02
N LYS B 511 -41.20 28.63 12.20
CA LYS B 511 -42.12 27.49 12.27
C LYS B 511 -41.30 26.22 11.94
N LEU B 512 -40.41 26.36 10.91
CA LEU B 512 -39.48 25.39 10.40
C LEU B 512 -38.43 25.05 11.41
N THR B 513 -37.92 26.03 12.25
CA THR B 513 -37.00 25.81 13.27
C THR B 513 -37.62 24.93 14.29
N ARG B 514 -38.92 25.17 14.57
CA ARG B 514 -39.64 24.38 15.46
C ARG B 514 -39.82 22.93 15.01
N VAL B 515 -40.15 22.76 13.70
CA VAL B 515 -40.36 21.49 13.02
C VAL B 515 -39.05 20.75 13.05
N LEU B 516 -37.88 21.45 12.94
CA LEU B 516 -36.53 20.88 12.96
C LEU B 516 -36.32 20.21 14.27
N GLN B 517 -36.74 20.94 15.34
CA GLN B 517 -36.62 20.46 16.70
C GLN B 517 -37.52 19.30 16.88
N GLU B 518 -38.77 19.39 16.30
CA GLU B 518 -39.70 18.25 16.47
C GLU B 518 -39.16 17.00 15.87
N ALA B 519 -38.55 17.11 14.67
CA ALA B 519 -37.94 15.99 14.08
C ALA B 519 -36.79 15.32 14.85
N VAL B 520 -35.84 16.14 15.48
CA VAL B 520 -34.70 15.61 16.19
C VAL B 520 -35.24 14.81 17.36
N GLN B 521 -36.33 15.30 18.04
CA GLN B 521 -37.09 14.72 19.12
C GLN B 521 -37.76 13.36 18.76
N LEU B 522 -38.37 13.33 17.57
CA LEU B 522 -39.06 12.27 17.00
C LEU B 522 -38.09 11.15 16.77
N SER B 523 -36.86 11.56 16.38
CA SER B 523 -35.79 10.65 16.11
C SER B 523 -35.18 10.02 17.25
N SER B 524 -35.55 10.36 18.48
CA SER B 524 -35.15 9.91 19.77
C SER B 524 -33.73 10.25 20.05
N LEU B 525 -33.38 11.51 19.85
CA LEU B 525 -32.03 12.03 20.20
C LEU B 525 -32.24 12.76 21.47
N ARG B 526 -31.69 12.09 22.51
CA ARG B 526 -31.78 12.52 23.90
C ARG B 526 -30.60 12.12 24.65
N HIS B 527 -30.49 12.38 25.97
CA HIS B 527 -29.35 12.10 26.83
C HIS B 527 -29.10 10.67 27.06
N LEU B 528 -30.19 9.94 27.17
CA LEU B 528 -30.09 8.52 27.49
C LEU B 528 -29.83 7.73 26.24
N MET B 529 -30.77 7.80 25.20
CA MET B 529 -30.54 7.15 23.92
C MET B 529 -29.86 8.09 23.09
N ASN B 530 -28.56 7.81 22.78
CA ASN B 530 -27.57 8.63 22.19
C ASN B 530 -26.98 9.49 23.30
N SER B 531 -25.84 10.15 22.98
CA SER B 531 -25.00 10.97 23.77
C SER B 531 -25.77 11.88 24.70
N PRO B 532 -25.04 12.31 25.76
CA PRO B 532 -25.55 13.30 26.76
C PRO B 532 -26.18 14.48 26.17
N ARG B 533 -26.95 15.08 27.05
CA ARG B 533 -27.59 16.32 26.70
C ARG B 533 -26.59 17.43 26.65
N ASN B 534 -25.53 17.26 27.34
CA ASN B 534 -24.43 18.21 27.33
C ASN B 534 -23.90 18.45 25.93
N SER B 535 -23.92 17.45 25.07
CA SER B 535 -23.45 17.36 23.70
C SER B 535 -24.20 18.29 22.68
N SER B 536 -23.42 18.56 21.60
CA SER B 536 -23.55 19.49 20.50
C SER B 536 -24.76 19.18 19.68
N VAL B 537 -25.15 17.90 19.56
CA VAL B 537 -26.17 17.33 18.69
C VAL B 537 -27.49 17.84 19.13
N ILE B 538 -27.72 17.80 20.48
CA ILE B 538 -29.00 18.26 21.06
C ILE B 538 -29.08 19.70 20.85
N ASN B 539 -27.96 20.32 21.31
CA ASN B 539 -27.90 21.72 21.56
C ASN B 539 -27.89 22.59 20.38
N GLY B 540 -27.00 22.30 19.40
CA GLY B 540 -26.49 23.17 18.47
C GLY B 540 -27.21 23.73 17.27
N LEU B 541 -28.15 22.98 16.73
CA LEU B 541 -28.55 23.37 15.35
C LEU B 541 -29.84 24.11 15.43
N ASP B 542 -29.88 25.25 14.64
CA ASP B 542 -30.92 26.33 14.42
C ASP B 542 -31.04 26.50 12.90
N ALA B 543 -32.18 26.86 12.32
CA ALA B 543 -32.20 26.99 10.91
C ALA B 543 -31.96 28.44 10.51
N ARG B 544 -31.16 28.54 9.40
CA ARG B 544 -30.61 29.68 8.87
C ARG B 544 -31.21 29.94 7.47
N VAL B 545 -31.28 31.20 7.11
CA VAL B 545 -31.69 31.58 5.70
C VAL B 545 -30.59 32.39 5.21
N LEU B 546 -29.94 32.01 4.05
CA LEU B 546 -28.89 32.69 3.43
C LEU B 546 -29.43 32.93 2.02
N ASP B 547 -28.93 34.06 1.37
CA ASP B 547 -29.39 34.54 0.13
C ASP B 547 -29.13 33.61 -0.94
N LEU B 548 -30.19 32.95 -1.46
CA LEU B 548 -30.18 32.04 -2.55
C LEU B 548 -31.12 32.65 -3.57
N GLY B 549 -32.01 33.54 -3.13
CA GLY B 549 -32.78 34.49 -3.91
C GLY B 549 -34.09 33.94 -4.48
N HIS B 550 -34.66 32.78 -4.07
CA HIS B 550 -35.81 32.18 -4.62
C HIS B 550 -37.04 32.42 -3.77
N GLY B 551 -37.92 33.38 -4.13
CA GLY B 551 -39.25 33.54 -3.54
C GLY B 551 -40.34 33.05 -4.44
N SER B 552 -39.87 32.33 -5.54
CA SER B 552 -40.59 31.64 -6.55
C SER B 552 -41.25 30.44 -5.86
N VAL B 553 -40.43 29.79 -5.02
CA VAL B 553 -40.85 28.63 -4.30
C VAL B 553 -39.98 28.49 -3.05
N GLY B 554 -40.54 28.06 -1.85
CA GLY B 554 -39.98 28.18 -0.58
C GLY B 554 -38.71 27.42 -0.28
N TRP B 555 -38.56 26.17 -0.78
CA TRP B 555 -37.53 25.30 -0.29
C TRP B 555 -36.09 25.70 -0.48
N ASP B 556 -35.70 26.26 -1.68
CA ASP B 556 -34.28 26.44 -1.97
C ASP B 556 -33.57 27.42 -1.00
N VAL B 557 -34.16 28.54 -0.55
CA VAL B 557 -33.55 29.52 0.34
C VAL B 557 -33.23 29.03 1.73
N PHE B 558 -33.96 28.06 2.20
CA PHE B 558 -33.79 27.49 3.52
C PHE B 558 -32.50 26.77 3.66
N THR B 559 -31.87 26.98 4.82
CA THR B 559 -30.61 26.26 5.13
C THR B 559 -30.51 26.06 6.62
N LEU B 560 -29.51 25.24 7.07
CA LEU B 560 -29.45 24.82 8.43
C LEU B 560 -28.08 25.31 8.87
N ASP B 561 -28.03 25.84 10.19
CA ASP B 561 -26.75 26.36 10.76
C ASP B 561 -26.54 25.67 12.08
N TYR B 562 -25.23 25.23 12.26
CA TYR B 562 -24.75 24.37 13.30
C TYR B 562 -23.83 25.41 13.94
N ILE B 563 -23.92 25.60 15.26
CA ILE B 563 -23.19 26.55 16.11
C ILE B 563 -21.72 26.51 16.02
N LEU B 564 -20.96 27.54 16.52
CA LEU B 564 -19.57 27.65 16.45
C LEU B 564 -18.72 26.62 17.19
N TYR B 565 -17.62 26.02 16.57
CA TYR B 565 -16.87 24.98 17.30
C TYR B 565 -15.47 25.57 17.25
N PRO B 566 -14.78 26.06 18.31
CA PRO B 566 -13.60 26.93 18.29
C PRO B 566 -12.45 26.65 17.34
N PRO B 567 -11.88 25.54 16.92
CA PRO B 567 -10.83 25.38 15.88
C PRO B 567 -11.46 25.45 14.54
N LEU B 568 -12.78 25.69 14.35
CA LEU B 568 -13.44 25.58 13.07
C LEU B 568 -14.17 26.86 12.81
N SER B 569 -13.92 27.86 13.69
CA SER B 569 -14.64 29.11 13.60
C SER B 569 -13.79 30.30 14.09
N LEU B 570 -12.82 29.97 14.97
CA LEU B 570 -11.88 30.87 15.51
C LEU B 570 -10.48 30.54 14.97
N VAL B 571 -10.62 30.06 13.68
CA VAL B 571 -9.50 29.73 12.85
C VAL B 571 -9.93 30.43 11.58
N LEU B 572 -11.21 30.67 11.28
CA LEU B 572 -11.72 31.37 10.23
C LEU B 572 -12.05 32.72 10.84
N ASN B 573 -11.95 33.71 9.93
CA ASN B 573 -11.67 35.09 10.21
C ASN B 573 -12.81 35.82 9.66
N VAL B 574 -12.89 37.10 9.97
CA VAL B 574 -13.96 38.01 9.74
C VAL B 574 -14.09 38.23 8.24
N ASN B 575 -13.03 37.97 7.41
CA ASN B 575 -13.10 38.11 5.98
C ASN B 575 -12.63 36.91 5.30
N ARG B 576 -12.29 35.90 6.11
CA ARG B 576 -11.73 34.69 5.47
C ARG B 576 -12.52 33.49 6.06
N PRO B 577 -13.74 33.15 5.55
CA PRO B 577 -14.56 32.01 6.15
C PRO B 577 -14.71 30.97 5.10
N PHE B 578 -13.57 30.56 4.43
CA PHE B 578 -13.43 29.68 3.37
C PHE B 578 -13.70 28.22 3.68
N GLY B 579 -13.13 27.75 4.84
CA GLY B 579 -13.38 26.34 5.21
C GLY B 579 -14.82 26.01 5.56
N ARG B 580 -15.54 26.86 6.32
CA ARG B 580 -16.92 26.61 6.75
C ARG B 580 -17.82 26.59 5.52
N LYS B 581 -17.45 27.50 4.57
CA LYS B 581 -18.10 27.68 3.35
C LYS B 581 -18.06 26.44 2.50
N GLU B 582 -16.90 25.66 2.48
CA GLU B 582 -16.69 24.47 1.72
C GLU B 582 -17.61 23.47 2.18
N TYR B 583 -17.64 23.34 3.55
CA TYR B 583 -18.43 22.27 4.16
C TYR B 583 -19.88 22.47 3.78
N LEU B 584 -20.31 23.72 3.75
CA LEU B 584 -21.63 24.14 3.35
C LEU B 584 -21.99 23.77 1.90
N ARG B 585 -21.06 23.84 0.93
CA ARG B 585 -21.33 23.51 -0.41
C ARG B 585 -21.65 22.01 -0.46
N ILE B 586 -20.90 21.11 0.25
CA ILE B 586 -21.24 19.74 0.20
C ILE B 586 -22.57 19.44 0.74
N PHE B 587 -22.87 20.13 1.85
CA PHE B 587 -24.14 19.99 2.48
C PHE B 587 -25.34 20.29 1.57
N ASN B 588 -25.22 21.42 0.84
CA ASN B 588 -26.33 21.82 0.00
C ASN B 588 -26.58 20.89 -1.13
N PHE B 589 -25.48 20.34 -1.72
CA PHE B 589 -25.69 19.49 -2.82
C PHE B 589 -26.45 18.19 -2.33
N LEU B 590 -26.04 17.54 -1.18
CA LEU B 590 -26.76 16.40 -0.65
C LEU B 590 -28.24 16.67 -0.21
N TRP B 591 -28.49 17.76 0.45
CA TRP B 591 -29.75 18.21 0.94
C TRP B 591 -30.83 18.42 -0.10
N ARG B 592 -30.39 19.05 -1.17
CA ARG B 592 -31.33 19.34 -2.30
C ARG B 592 -31.82 18.00 -2.91
N PHE B 593 -30.86 17.05 -2.97
CA PHE B 593 -31.18 15.75 -3.50
C PHE B 593 -32.20 15.00 -2.63
N LYS B 594 -31.97 15.07 -1.29
CA LYS B 594 -32.85 14.41 -0.36
C LYS B 594 -34.23 14.86 -0.31
N LYS B 595 -34.49 16.17 -0.37
CA LYS B 595 -35.79 16.72 -0.39
C LYS B 595 -36.60 16.36 -1.70
N ASN B 596 -35.84 16.47 -2.83
CA ASN B 596 -36.49 16.16 -4.07
C ASN B 596 -36.91 14.72 -4.13
N ASN B 597 -36.03 13.76 -3.62
CA ASN B 597 -36.22 12.38 -3.66
C ASN B 597 -37.41 11.97 -2.90
N TYR B 598 -37.62 12.63 -1.70
CA TYR B 598 -38.80 12.45 -0.84
C TYR B 598 -40.02 12.92 -1.57
N PHE B 599 -39.96 14.04 -2.31
CA PHE B 599 -41.16 14.55 -3.00
C PHE B 599 -41.67 13.62 -4.05
N TYR B 600 -40.80 13.00 -4.80
CA TYR B 600 -41.27 12.08 -5.84
C TYR B 600 -41.97 10.85 -5.20
N GLN B 601 -41.33 10.40 -4.14
CA GLN B 601 -41.71 9.24 -3.36
C GLN B 601 -43.02 9.49 -2.84
N LYS B 602 -43.29 10.71 -2.39
CA LYS B 602 -44.58 11.10 -1.83
C LYS B 602 -45.67 11.02 -2.91
N GLU B 603 -45.33 11.39 -4.18
CA GLU B 603 -46.32 11.32 -5.31
C GLU B 603 -46.78 9.93 -5.54
N MET B 604 -45.86 9.00 -5.54
CA MET B 604 -46.03 7.65 -5.71
C MET B 604 -46.88 7.17 -4.52
N LEU B 605 -46.55 7.58 -3.27
CA LEU B 605 -47.15 7.03 -2.14
C LEU B 605 -48.64 7.27 -2.07
N LYS B 606 -49.06 8.50 -2.53
CA LYS B 606 -50.48 8.87 -2.77
C LYS B 606 -51.27 7.96 -3.76
N SER B 607 -50.60 7.61 -4.88
CA SER B 607 -50.98 6.84 -6.02
C SER B 607 -51.09 5.39 -5.77
N ASN B 608 -50.35 4.86 -4.69
CA ASN B 608 -50.38 3.41 -4.39
C ASN B 608 -51.75 3.01 -3.88
N ASP B 609 -52.34 3.97 -3.08
CA ASP B 609 -53.59 3.72 -2.44
C ASP B 609 -54.67 3.20 -3.35
N ILE B 610 -55.65 2.33 -2.87
CA ILE B 610 -56.82 1.89 -3.61
C ILE B 610 -57.65 3.07 -4.03
N ILE B 611 -57.76 4.07 -3.03
CA ILE B 611 -58.41 5.40 -3.16
C ILE B 611 -57.69 6.03 -4.24
N ARG B 612 -58.43 6.53 -5.21
CA ARG B 612 -57.90 7.15 -6.41
C ARG B 612 -57.90 8.63 -6.37
N ILE B 628 -58.84 -0.27 -15.79
CA ILE B 628 -58.38 -1.64 -15.57
C ILE B 628 -56.91 -1.58 -15.74
N ASN B 629 -56.51 -1.57 -17.00
CA ASN B 629 -55.20 -1.76 -17.68
C ASN B 629 -54.34 -0.61 -17.21
N LYS B 630 -55.01 0.57 -17.08
CA LYS B 630 -54.39 1.80 -16.69
C LYS B 630 -53.69 1.75 -15.34
N LEU B 631 -54.35 1.05 -14.35
CA LEU B 631 -53.77 0.93 -13.04
C LEU B 631 -52.44 0.17 -13.15
N SER B 632 -52.27 -0.89 -13.95
CA SER B 632 -51.07 -1.63 -14.10
C SER B 632 -50.04 -0.76 -14.71
N ARG B 633 -50.47 0.08 -15.71
CA ARG B 633 -49.45 0.92 -16.34
C ARG B 633 -48.81 1.96 -15.48
N ILE B 634 -49.60 2.69 -14.66
CA ILE B 634 -49.14 3.72 -13.79
C ILE B 634 -48.16 3.16 -12.71
N SER B 635 -48.46 1.98 -12.19
CA SER B 635 -47.77 1.28 -11.18
C SER B 635 -46.37 0.91 -11.61
N ILE B 636 -46.20 0.42 -12.92
CA ILE B 636 -44.90 0.13 -13.40
C ILE B 636 -44.06 1.28 -13.57
N LEU B 637 -44.61 2.38 -14.20
CA LEU B 637 -43.68 3.53 -14.38
C LEU B 637 -43.12 4.13 -13.14
N ARG B 638 -44.08 4.33 -12.13
CA ARG B 638 -43.56 4.92 -10.89
C ARG B 638 -42.47 4.07 -10.22
N THR B 639 -42.70 2.69 -10.14
CA THR B 639 -41.83 1.77 -9.42
C THR B 639 -40.47 1.64 -10.06
N GLN B 640 -40.37 1.63 -11.42
CA GLN B 640 -39.08 1.61 -12.15
C GLN B 640 -38.30 2.83 -11.88
N PHE B 641 -38.95 4.08 -11.89
CA PHE B 641 -38.11 5.28 -11.76
C PHE B 641 -37.37 5.38 -10.38
N GLN B 642 -38.07 4.97 -9.27
CA GLN B 642 -37.62 4.84 -7.92
C GLN B 642 -36.51 3.74 -7.79
N GLN B 643 -36.67 2.62 -8.52
CA GLN B 643 -35.75 1.45 -8.53
C GLN B 643 -34.44 2.01 -9.12
N PHE B 644 -34.49 2.80 -10.18
CA PHE B 644 -33.28 3.38 -10.81
C PHE B 644 -32.55 4.33 -9.85
N ASN B 645 -33.29 5.24 -9.16
CA ASN B 645 -32.63 6.17 -8.25
C ASN B 645 -31.97 5.53 -7.13
N SER B 646 -32.68 4.48 -6.54
CA SER B 646 -32.20 3.71 -5.39
C SER B 646 -30.93 2.96 -5.70
N LYS B 647 -30.73 2.37 -6.88
CA LYS B 647 -29.39 1.78 -7.14
C LYS B 647 -28.19 2.78 -7.28
N MET B 648 -28.42 3.91 -7.99
CA MET B 648 -27.37 4.94 -8.08
C MET B 648 -27.04 5.53 -6.74
N GLU B 649 -28.02 5.81 -5.89
CA GLU B 649 -27.76 6.29 -4.58
C GLU B 649 -27.03 5.31 -3.70
N SER B 650 -27.31 4.02 -3.78
CA SER B 650 -26.74 2.84 -2.99
C SER B 650 -25.30 2.85 -3.28
N TYR B 651 -24.95 2.83 -4.55
CA TYR B 651 -23.56 2.70 -4.96
C TYR B 651 -22.88 3.98 -4.45
N TYR B 652 -23.50 5.12 -4.63
CA TYR B 652 -22.82 6.39 -4.20
C TYR B 652 -22.52 6.40 -2.70
N LEU B 653 -23.52 6.00 -1.90
CA LEU B 653 -23.30 6.06 -0.49
C LEU B 653 -22.25 5.06 -0.06
N ASN B 654 -22.44 3.81 -0.53
CA ASN B 654 -21.70 2.71 0.05
C ASN B 654 -20.29 2.68 -0.42
N CYS B 655 -20.13 2.79 -1.78
CA CYS B 655 -18.83 2.69 -2.34
C CYS B 655 -18.00 3.87 -2.06
N ILE B 656 -18.48 5.08 -2.20
CA ILE B 656 -17.71 6.23 -2.02
C ILE B 656 -17.62 6.76 -0.65
N ILE B 657 -18.78 7.16 -0.18
CA ILE B 657 -18.88 8.04 1.04
C ILE B 657 -18.47 7.29 2.26
N GLU B 658 -19.17 6.13 2.45
CA GLU B 658 -19.03 5.31 3.60
C GLU B 658 -17.64 4.75 3.64
N GLU B 659 -17.09 4.28 2.50
CA GLU B 659 -15.72 3.78 2.44
C GLU B 659 -14.59 4.77 2.73
N ASN B 660 -14.64 6.00 2.17
CA ASN B 660 -13.67 7.00 2.37
C ASN B 660 -13.67 7.49 3.82
N PHE B 661 -14.87 7.65 4.45
CA PHE B 661 -14.99 7.94 5.85
C PHE B 661 -14.46 6.90 6.79
N LYS B 662 -14.73 5.59 6.47
CA LYS B 662 -14.27 4.50 7.26
C LYS B 662 -12.79 4.41 7.31
N GLU B 663 -12.11 4.62 6.17
CA GLU B 663 -10.71 4.59 6.11
C GLU B 663 -10.10 5.69 6.93
N MET B 664 -10.75 6.88 6.87
CA MET B 664 -10.26 7.99 7.63
C MET B 664 -10.22 7.77 9.13
N THR B 665 -11.34 7.17 9.61
CA THR B 665 -11.51 6.99 11.03
C THR B 665 -10.40 6.06 11.49
N ARG B 666 -10.17 5.02 10.66
CA ARG B 666 -9.20 4.03 11.01
C ARG B 666 -7.79 4.67 11.09
N LYS B 667 -7.38 5.55 10.11
CA LYS B 667 -6.03 6.10 10.12
C LYS B 667 -5.76 6.88 11.39
N LEU B 668 -6.80 7.70 11.77
CA LEU B 668 -6.74 8.63 12.90
C LEU B 668 -6.60 7.78 14.15
N GLN B 669 -7.37 6.65 14.28
CA GLN B 669 -7.43 5.80 15.46
C GLN B 669 -6.13 5.04 15.63
N ARG B 670 -5.58 4.53 14.47
CA ARG B 670 -4.44 3.62 14.44
C ARG B 670 -3.15 4.20 15.00
N THR B 671 -2.85 5.46 14.59
CA THR B 671 -1.64 6.08 15.04
C THR B 671 -1.80 6.18 16.58
N LEU B 719 -0.89 14.28 15.83
CA LEU B 719 -2.38 14.57 15.58
C LEU B 719 -2.54 15.96 16.05
N ASN B 720 -3.11 16.85 15.20
CA ASN B 720 -3.47 18.21 15.45
C ASN B 720 -4.70 18.39 14.66
N ILE B 721 -5.21 19.62 14.63
CA ILE B 721 -6.43 20.00 14.03
C ILE B 721 -6.41 19.82 12.50
N ASP B 722 -5.26 20.11 11.90
CA ASP B 722 -4.98 20.13 10.47
C ASP B 722 -5.27 18.80 9.91
N GLU B 723 -5.03 17.71 10.72
CA GLU B 723 -5.29 16.33 10.33
C GLU B 723 -6.70 15.93 10.05
N LEU B 724 -7.65 16.51 10.82
CA LEU B 724 -9.11 16.47 10.72
C LEU B 724 -9.51 17.18 9.44
N GLU B 725 -8.92 18.39 9.22
CA GLU B 725 -9.20 19.12 7.99
C GLU B 725 -8.78 18.41 6.77
N SER B 726 -7.59 17.76 6.79
CA SER B 726 -7.05 17.01 5.70
C SER B 726 -7.94 15.92 5.31
N VAL B 727 -8.35 15.13 6.34
CA VAL B 727 -9.20 13.96 6.24
C VAL B 727 -10.52 14.38 5.70
N HIS B 728 -11.04 15.52 6.12
CA HIS B 728 -12.24 16.09 5.55
C HIS B 728 -11.97 16.47 4.06
N ASN B 729 -10.75 17.04 3.71
CA ASN B 729 -10.44 17.61 2.41
C ASN B 729 -10.41 16.52 1.28
N THR B 730 -9.91 15.33 1.59
CA THR B 730 -9.79 14.14 0.77
C THR B 730 -11.24 13.63 0.47
N PHE B 731 -12.09 13.68 1.51
CA PHE B 731 -13.50 13.36 1.46
C PHE B 731 -14.09 14.32 0.44
N LEU B 732 -13.77 15.62 0.56
CA LEU B 732 -14.27 16.69 -0.31
C LEU B 732 -13.76 16.39 -1.67
N THR B 733 -12.47 15.98 -1.91
CA THR B 733 -11.84 15.86 -3.22
C THR B 733 -12.58 14.81 -4.00
N ASN B 734 -13.02 13.61 -3.36
CA ASN B 734 -13.67 12.57 -4.17
C ASN B 734 -14.98 13.15 -4.71
N ILE B 735 -15.71 13.88 -3.88
CA ILE B 735 -17.03 14.45 -4.23
C ILE B 735 -16.96 15.42 -5.34
N LEU B 736 -15.96 16.26 -5.38
CA LEU B 736 -15.74 17.22 -6.39
C LEU B 736 -15.46 16.50 -7.72
N SER B 737 -14.65 15.50 -7.76
CA SER B 737 -14.34 14.83 -9.05
C SER B 737 -15.65 14.19 -9.71
N HIS B 738 -16.38 13.49 -8.77
CA HIS B 738 -17.64 12.79 -9.18
C HIS B 738 -18.69 13.74 -9.63
N LYS B 739 -18.79 14.96 -9.00
CA LYS B 739 -19.64 16.08 -9.32
C LYS B 739 -19.35 16.55 -10.71
N LEU B 740 -18.08 16.79 -11.11
CA LEU B 740 -17.70 17.43 -12.34
C LEU B 740 -18.05 16.52 -13.50
N PHE B 741 -17.67 15.22 -13.39
CA PHE B 741 -17.92 14.29 -14.52
C PHE B 741 -19.42 13.97 -14.67
N ALA B 742 -20.13 13.41 -13.61
CA ALA B 742 -21.50 12.88 -13.68
C ALA B 742 -22.48 14.09 -13.59
N THR B 743 -22.37 14.89 -12.52
CA THR B 743 -23.52 15.66 -12.01
C THR B 743 -23.42 17.07 -12.67
N GLN B 756 -22.69 16.60 -16.20
CA GLN B 756 -24.06 17.11 -16.36
C GLN B 756 -25.11 16.05 -16.55
N PRO B 757 -24.93 14.77 -16.91
CA PRO B 757 -26.10 13.98 -17.18
C PRO B 757 -27.08 13.74 -16.09
N TYR B 758 -26.58 13.58 -14.84
CA TYR B 758 -27.50 13.14 -13.82
C TYR B 758 -28.59 14.06 -13.46
N PRO B 759 -28.50 15.36 -13.16
CA PRO B 759 -29.66 16.20 -12.85
C PRO B 759 -30.61 16.21 -14.03
N THR B 760 -30.13 16.03 -15.25
CA THR B 760 -31.03 16.16 -16.41
C THR B 760 -32.04 15.04 -16.46
N SER B 761 -31.47 13.82 -16.14
CA SER B 761 -32.41 12.70 -16.05
C SER B 761 -33.41 12.85 -14.87
N LEU B 762 -32.84 13.27 -13.67
CA LEU B 762 -33.72 13.39 -12.47
C LEU B 762 -34.81 14.46 -12.65
N VAL B 763 -34.49 15.62 -13.29
CA VAL B 763 -35.53 16.65 -13.43
C VAL B 763 -36.63 16.20 -14.27
N LEU B 764 -36.33 15.37 -15.42
CA LEU B 764 -37.41 14.87 -16.21
C LEU B 764 -38.34 13.89 -15.41
N LEU B 765 -37.78 12.98 -14.59
CA LEU B 765 -38.57 12.04 -13.76
C LEU B 765 -39.46 12.79 -12.79
N LEU B 766 -38.95 13.88 -12.10
CA LEU B 766 -39.72 14.61 -11.14
C LEU B 766 -40.96 15.22 -11.69
N ASN B 767 -40.77 15.77 -12.92
CA ASN B 767 -41.84 16.35 -13.67
C ASN B 767 -42.91 15.32 -14.05
N SER B 768 -42.51 14.06 -14.46
CA SER B 768 -43.47 12.99 -14.77
C SER B 768 -44.28 12.58 -13.56
N VAL B 769 -43.74 12.47 -12.32
CA VAL B 769 -44.55 12.13 -11.21
C VAL B 769 -45.69 13.05 -10.84
N TYR B 770 -45.38 14.35 -10.87
CA TYR B 770 -46.26 15.43 -10.46
C TYR B 770 -47.48 15.44 -11.36
N GLU B 771 -47.11 15.20 -12.70
CA GLU B 771 -48.13 15.10 -13.78
C GLU B 771 -49.00 13.93 -13.48
N PHE B 772 -48.47 12.75 -13.08
CA PHE B 772 -49.30 11.58 -12.85
C PHE B 772 -50.35 11.82 -11.75
N VAL B 773 -49.96 12.35 -10.67
CA VAL B 773 -50.90 12.51 -9.55
C VAL B 773 -52.20 13.41 -9.79
N LYS B 774 -52.10 14.49 -10.50
CA LYS B 774 -53.20 15.39 -10.82
C LYS B 774 -54.26 14.68 -11.63
N VAL B 775 -53.76 13.92 -12.64
CA VAL B 775 -54.68 13.08 -13.40
C VAL B 775 -55.29 12.03 -12.49
N TYR B 776 -54.52 11.38 -11.66
CA TYR B 776 -54.92 10.25 -10.87
C TYR B 776 -56.04 10.64 -9.91
N CYS B 777 -55.97 11.84 -9.26
CA CYS B 777 -56.82 12.45 -8.32
C CYS B 777 -58.13 12.70 -8.93
N ASN B 778 -58.33 12.99 -10.22
CA ASN B 778 -59.63 13.41 -10.79
C ASN B 778 -60.75 12.48 -10.60
N LEU B 779 -60.63 11.14 -10.79
CA LEU B 779 -61.70 10.15 -10.54
C LEU B 779 -62.99 10.50 -11.29
N ASN B 780 -64.22 10.03 -10.91
CA ASN B 780 -65.44 10.28 -11.62
C ASN B 780 -66.47 9.91 -10.54
N SER B 798 -64.51 14.52 -17.28
CA SER B 798 -65.30 13.21 -17.24
C SER B 798 -64.78 12.40 -18.38
N ASN B 799 -65.54 12.27 -19.46
CA ASN B 799 -65.11 11.37 -20.58
C ASN B 799 -63.84 11.79 -21.19
N GLY B 800 -63.69 13.12 -21.38
CA GLY B 800 -62.55 13.70 -22.09
C GLY B 800 -61.23 13.44 -21.38
N LEU B 801 -61.25 13.55 -20.05
CA LEU B 801 -60.12 13.39 -19.18
C LEU B 801 -59.56 11.95 -19.24
N LEU B 802 -60.45 10.93 -19.26
CA LEU B 802 -60.19 9.48 -19.34
C LEU B 802 -59.52 9.17 -20.64
N GLY B 803 -59.97 9.79 -21.74
CA GLY B 803 -59.29 9.67 -23.09
C GLY B 803 -57.89 10.22 -23.07
N LYS B 804 -57.64 11.42 -22.42
CA LYS B 804 -56.42 12.20 -22.35
C LYS B 804 -55.40 11.41 -21.61
N PHE B 805 -55.85 10.75 -20.55
CA PHE B 805 -55.08 9.95 -19.58
C PHE B 805 -54.53 8.76 -20.40
N ASN B 806 -55.40 8.19 -21.25
CA ASN B 806 -54.95 7.06 -22.05
C ASN B 806 -53.92 7.38 -23.02
N THR B 807 -54.11 8.53 -23.69
CA THR B 807 -53.28 9.00 -24.76
C THR B 807 -51.86 9.27 -24.19
N ASN B 808 -51.80 9.91 -22.97
CA ASN B 808 -50.69 10.27 -22.20
C ASN B 808 -49.90 9.07 -21.69
N LEU B 809 -50.52 7.97 -21.26
CA LEU B 809 -49.86 6.83 -20.79
C LEU B 809 -49.05 6.16 -21.88
N LYS B 810 -49.61 6.10 -23.07
CA LYS B 810 -48.91 5.54 -24.23
C LYS B 810 -47.68 6.45 -24.56
N GLU B 811 -47.86 7.81 -24.49
CA GLU B 811 -46.66 8.71 -24.68
C GLU B 811 -45.57 8.60 -23.62
N ILE B 812 -45.97 8.49 -22.27
CA ILE B 812 -44.91 8.49 -21.26
C ILE B 812 -44.08 7.18 -21.40
N VAL B 813 -44.68 6.02 -21.66
CA VAL B 813 -44.03 4.74 -21.79
C VAL B 813 -43.09 4.86 -22.98
N SER B 814 -43.53 5.55 -24.11
CA SER B 814 -42.65 5.67 -25.29
C SER B 814 -41.40 6.45 -25.00
N GLN B 815 -41.55 7.52 -24.27
CA GLN B 815 -40.42 8.33 -23.87
C GLN B 815 -39.44 7.65 -22.95
N TYR B 816 -40.01 6.88 -21.98
CA TYR B 816 -39.36 6.15 -20.97
C TYR B 816 -38.53 5.14 -21.52
N LYS B 817 -38.96 4.43 -22.59
CA LYS B 817 -38.22 3.37 -23.34
C LYS B 817 -37.06 3.93 -23.98
N ASN B 818 -37.13 5.14 -24.56
CA ASN B 818 -35.93 5.77 -25.16
C ASN B 818 -34.87 6.10 -24.10
N PHE B 819 -35.35 6.67 -22.94
CA PHE B 819 -34.47 6.99 -21.81
C PHE B 819 -33.89 5.81 -21.15
N LYS B 820 -34.59 4.68 -20.97
CA LYS B 820 -34.19 3.39 -20.38
C LYS B 820 -33.14 2.80 -21.18
N ASP B 821 -33.21 2.94 -22.51
CA ASP B 821 -32.21 2.42 -23.40
C ASP B 821 -30.92 3.12 -23.18
N ARG B 822 -30.91 4.51 -22.96
CA ARG B 822 -29.70 5.27 -22.75
C ARG B 822 -29.09 4.80 -21.49
N LEU B 823 -29.94 4.55 -20.48
CA LEU B 823 -29.58 4.16 -19.14
C LEU B 823 -28.95 2.85 -19.05
N TYR B 824 -29.37 1.88 -19.84
CA TYR B 824 -28.81 0.55 -19.94
C TYR B 824 -27.42 0.63 -20.45
N ILE B 825 -27.14 1.48 -21.43
CA ILE B 825 -25.78 1.73 -21.90
C ILE B 825 -24.93 2.37 -20.82
N PHE B 826 -25.55 3.31 -20.12
CA PHE B 826 -24.95 4.09 -19.06
C PHE B 826 -24.50 3.23 -17.88
N ARG B 827 -25.41 2.25 -17.61
CA ARG B 827 -25.24 1.33 -16.60
C ARG B 827 -23.99 0.42 -16.85
N ALA B 828 -23.78 0.02 -18.14
CA ALA B 828 -22.72 -0.89 -18.57
C ALA B 828 -21.44 -0.26 -18.30
N ASP B 829 -21.40 1.04 -18.61
CA ASP B 829 -20.19 1.85 -18.45
C ASP B 829 -19.75 1.96 -17.00
N LEU B 830 -20.81 2.11 -16.14
CA LEU B 830 -20.71 2.25 -14.71
C LEU B 830 -20.20 1.04 -14.12
N LYS B 831 -20.55 -0.18 -14.60
CA LYS B 831 -20.06 -1.41 -14.09
C LYS B 831 -18.58 -1.45 -14.33
N ASN B 832 -18.17 -1.05 -15.61
CA ASN B 832 -16.83 -0.96 -16.17
C ASN B 832 -15.93 -0.04 -15.37
N ASP B 833 -16.54 0.80 -14.49
CA ASP B 833 -15.84 1.73 -13.67
C ASP B 833 -15.28 2.77 -14.58
N GLY B 834 -16.27 3.53 -15.21
CA GLY B 834 -16.06 4.50 -16.20
C GLY B 834 -16.00 3.90 -17.61
N ASP B 835 -16.42 4.80 -18.58
CA ASP B 835 -16.31 4.25 -19.90
C ASP B 835 -16.25 5.45 -20.74
N GLU B 836 -15.89 5.16 -22.05
CA GLU B 836 -15.71 6.10 -23.09
C GLU B 836 -17.09 6.74 -23.38
N GLU B 837 -18.10 5.91 -23.37
CA GLU B 837 -19.44 6.14 -23.80
C GLU B 837 -20.06 7.25 -23.00
N LEU B 838 -19.86 7.33 -21.70
CA LEU B 838 -20.39 8.40 -20.91
C LEU B 838 -19.78 9.69 -21.21
N PHE B 839 -18.45 9.63 -21.52
CA PHE B 839 -17.69 10.77 -21.96
C PHE B 839 -18.28 11.28 -23.17
N LEU B 840 -18.59 10.39 -24.09
CA LEU B 840 -19.22 10.75 -25.39
C LEU B 840 -20.65 11.47 -25.25
N LEU B 841 -21.50 10.98 -24.28
CA LEU B 841 -22.75 11.62 -23.87
C LEU B 841 -22.48 12.97 -23.29
N SER B 842 -21.44 13.09 -22.43
CA SER B 842 -20.98 14.34 -21.90
C SER B 842 -20.48 15.32 -22.94
N LYS B 843 -19.75 14.76 -23.95
CA LYS B 843 -19.24 15.59 -25.02
C LYS B 843 -20.36 16.25 -25.79
N SER B 844 -21.42 15.44 -26.11
CA SER B 844 -22.53 15.89 -26.85
C SER B 844 -23.22 17.05 -26.13
N LEU B 845 -23.38 16.86 -24.82
CA LEU B 845 -23.99 17.81 -23.92
C LEU B 845 -23.19 19.07 -23.85
N ARG B 846 -21.78 19.00 -23.82
CA ARG B 846 -21.03 20.28 -23.87
C ARG B 846 -20.56 20.55 -25.34
N MET C 1 -7.72 -18.41 -6.21
CA MET C 1 -6.44 -18.41 -7.00
C MET C 1 -6.69 -18.43 -8.45
N GLY C 2 -7.01 -19.58 -9.00
CA GLY C 2 -7.57 -19.69 -10.32
C GLY C 2 -6.82 -20.85 -10.94
N GLY C 3 -6.83 -21.99 -10.25
CA GLY C 3 -6.23 -23.13 -10.77
C GLY C 3 -6.67 -24.29 -9.85
N GLU C 4 -7.96 -24.35 -9.44
CA GLU C 4 -8.42 -25.24 -8.42
C GLU C 4 -8.59 -26.61 -8.91
N ILE C 5 -8.41 -27.52 -7.90
CA ILE C 5 -8.51 -28.94 -8.15
C ILE C 5 -9.45 -29.52 -7.11
N ILE C 6 -10.36 -30.38 -7.67
CA ILE C 6 -11.32 -31.12 -6.91
C ILE C 6 -10.87 -32.59 -6.98
N THR C 7 -10.87 -33.27 -5.80
CA THR C 7 -10.56 -34.62 -5.67
C THR C 7 -11.83 -35.38 -5.38
N LEU C 8 -12.05 -36.50 -6.11
CA LEU C 8 -13.24 -37.21 -5.95
C LEU C 8 -12.67 -38.49 -5.39
N GLN C 9 -13.21 -38.99 -4.29
CA GLN C 9 -12.77 -40.18 -3.66
C GLN C 9 -13.98 -41.14 -3.76
N ALA C 10 -13.65 -42.31 -4.35
CA ALA C 10 -14.60 -43.39 -4.61
C ALA C 10 -13.97 -44.67 -4.16
N GLY C 11 -14.85 -45.60 -3.60
CA GLY C 11 -14.53 -46.94 -3.12
C GLY C 11 -13.78 -46.85 -1.82
N GLN C 12 -13.33 -48.01 -1.36
CA GLN C 12 -12.67 -48.26 -0.12
C GLN C 12 -11.36 -47.63 -0.12
N CYS C 13 -10.60 -47.79 -1.23
CA CYS C 13 -9.27 -47.32 -1.46
C CYS C 13 -9.38 -45.78 -1.48
N GLY C 14 -10.33 -45.23 -2.23
CA GLY C 14 -10.35 -43.77 -2.31
C GLY C 14 -10.53 -43.03 -1.08
N ASN C 15 -11.46 -43.50 -0.27
CA ASN C 15 -11.74 -42.88 0.97
C ASN C 15 -10.54 -43.11 1.86
N HIS C 16 -9.88 -44.25 1.86
CA HIS C 16 -8.66 -44.59 2.64
C HIS C 16 -7.38 -43.79 2.28
N VAL C 17 -7.05 -43.72 0.98
CA VAL C 17 -5.89 -42.93 0.51
C VAL C 17 -6.17 -41.48 0.73
N GLY C 18 -7.48 -41.08 0.49
CA GLY C 18 -7.83 -39.66 0.60
C GLY C 18 -7.60 -39.17 2.07
N LYS C 19 -7.98 -39.98 3.08
CA LYS C 19 -7.77 -39.62 4.44
C LYS C 19 -6.29 -39.49 4.80
N PHE C 20 -5.44 -40.49 4.33
CA PHE C 20 -3.97 -40.52 4.59
C PHE C 20 -3.29 -39.32 3.90
N LEU C 21 -3.66 -38.85 2.68
CA LEU C 21 -3.05 -37.72 2.02
C LEU C 21 -3.18 -36.49 2.78
N TRP C 22 -4.41 -36.26 3.25
CA TRP C 22 -4.68 -34.97 3.88
C TRP C 22 -3.91 -34.77 5.16
N SER C 23 -3.75 -35.88 5.99
CA SER C 23 -2.95 -36.01 7.14
C SER C 23 -1.44 -35.82 6.97
N GLN C 24 -0.96 -36.37 5.85
CA GLN C 24 0.40 -36.29 5.47
C GLN C 24 0.79 -34.89 5.20
N LEU C 25 -0.12 -34.16 4.44
CA LEU C 25 0.07 -32.76 4.08
C LEU C 25 0.06 -31.86 5.34
N ALA C 26 -0.87 -32.17 6.26
CA ALA C 26 -1.02 -31.49 7.57
C ALA C 26 0.21 -31.63 8.44
N LYS C 27 0.83 -32.82 8.45
CA LYS C 27 2.07 -33.10 9.14
C LYS C 27 3.20 -32.27 8.60
N GLU C 28 3.27 -32.22 7.26
CA GLU C 28 4.32 -31.54 6.51
C GLU C 28 4.33 -30.03 6.68
N HIS C 29 3.12 -29.38 6.73
CA HIS C 29 3.13 -27.97 6.74
C HIS C 29 2.90 -27.40 8.12
N ALA C 30 3.23 -28.25 9.15
CA ALA C 30 3.13 -27.97 10.54
C ALA C 30 1.75 -27.90 11.04
N ILE C 31 0.71 -27.88 10.07
CA ILE C 31 -0.71 -27.68 10.31
C ILE C 31 -1.29 -28.75 11.27
N GLY C 32 -2.37 -28.39 12.01
CA GLY C 32 -2.87 -29.34 13.00
C GLY C 32 -3.70 -30.40 12.29
N THR C 33 -4.42 -31.19 13.06
CA THR C 33 -5.20 -32.32 12.51
C THR C 33 -6.61 -31.95 12.08
N ASP C 34 -6.95 -30.63 11.89
CA ASP C 34 -8.16 -30.19 11.37
C ASP C 34 -7.84 -29.07 10.45
N GLY C 35 -6.61 -28.58 10.51
CA GLY C 35 -6.17 -27.47 9.61
C GLY C 35 -5.80 -26.24 10.41
N LEU C 36 -5.38 -26.53 11.69
CA LEU C 36 -4.82 -25.53 12.62
C LEU C 36 -3.65 -24.82 12.02
N SER C 37 -3.81 -23.54 12.07
CA SER C 37 -2.87 -22.64 11.52
C SER C 37 -1.88 -22.22 12.60
N GLN C 38 -0.56 -22.07 12.15
CA GLN C 38 0.59 -21.79 13.05
C GLN C 38 0.87 -20.33 12.93
N LEU C 39 0.09 -19.48 13.59
CA LEU C 39 0.21 -18.03 13.72
C LEU C 39 1.35 -17.56 14.58
N PRO C 40 1.85 -18.25 15.65
CA PRO C 40 2.96 -17.69 16.43
C PRO C 40 4.26 -17.76 15.66
N ASP C 41 4.34 -18.69 14.65
CA ASP C 41 5.49 -18.95 13.89
C ASP C 41 5.49 -18.40 12.53
N SER C 42 4.36 -17.81 12.08
CA SER C 42 4.27 -17.21 10.76
C SER C 42 3.17 -16.13 10.61
N SER C 43 3.36 -15.32 9.60
CA SER C 43 2.55 -14.13 9.40
C SER C 43 2.81 -13.64 7.96
N THR C 44 3.58 -14.37 7.13
CA THR C 44 3.97 -14.04 5.82
C THR C 44 3.94 -15.39 5.11
N GLU C 45 3.67 -15.28 3.76
CA GLU C 45 3.48 -16.37 2.85
C GLU C 45 4.08 -17.79 3.14
N ARG C 46 3.19 -18.82 3.00
CA ARG C 46 3.56 -20.17 3.19
C ARG C 46 3.27 -20.91 1.83
N ASP C 47 2.47 -21.99 1.89
CA ASP C 47 2.13 -22.92 0.86
C ASP C 47 1.36 -22.33 -0.29
N ASP C 48 1.67 -22.67 -1.59
CA ASP C 48 0.94 -22.22 -2.76
C ASP C 48 -0.08 -23.31 -3.08
N ASP C 49 -0.09 -24.39 -2.27
CA ASP C 49 -0.89 -25.58 -2.31
C ASP C 49 -2.33 -25.35 -1.96
N THR C 50 -2.42 -24.30 -1.02
CA THR C 50 -3.53 -24.05 -0.19
C THR C 50 -4.76 -23.87 -0.93
N LYS C 51 -4.78 -22.82 -1.72
CA LYS C 51 -6.08 -22.45 -2.30
C LYS C 51 -6.50 -23.54 -3.31
N PRO C 52 -5.72 -24.15 -4.19
CA PRO C 52 -6.24 -25.23 -5.01
C PRO C 52 -6.81 -26.49 -4.42
N PHE C 53 -6.08 -27.13 -3.38
CA PHE C 53 -6.48 -28.32 -2.77
C PHE C 53 -7.44 -28.09 -1.65
N PHE C 54 -7.37 -26.94 -0.86
CA PHE C 54 -8.04 -26.66 0.32
C PHE C 54 -8.84 -25.41 0.09
N ARG C 55 -9.84 -25.22 0.90
CA ARG C 55 -10.58 -24.00 0.91
C ARG C 55 -10.59 -23.72 2.42
N GLU C 56 -10.86 -22.42 2.71
CA GLU C 56 -10.93 -21.88 4.04
C GLU C 56 -12.35 -21.79 4.48
N ASN C 57 -12.61 -22.20 5.75
CA ASN C 57 -13.87 -22.39 6.38
C ASN C 57 -13.83 -21.44 7.63
N CYS C 58 -14.96 -21.09 8.26
CA CYS C 58 -15.14 -20.12 9.25
C CYS C 58 -14.71 -20.46 10.63
N ARG C 59 -13.39 -20.70 10.79
CA ARG C 59 -12.77 -20.97 12.07
C ARG C 59 -11.25 -20.91 11.77
N ASN C 60 -10.80 -20.51 10.57
CA ASN C 60 -9.44 -20.39 10.06
C ASN C 60 -8.71 -21.72 9.84
N LYS C 61 -9.54 -22.70 9.44
CA LYS C 61 -9.16 -24.02 9.21
C LYS C 61 -9.33 -24.28 7.79
N PHE C 62 -8.32 -25.02 7.16
CA PHE C 62 -8.31 -25.48 5.85
C PHE C 62 -9.08 -26.66 5.89
N THR C 63 -9.85 -26.83 4.82
CA THR C 63 -10.60 -28.08 4.66
C THR C 63 -10.26 -28.44 3.23
N PRO C 64 -10.09 -29.73 2.90
CA PRO C 64 -9.94 -30.08 1.49
C PRO C 64 -11.24 -29.90 0.80
N ARG C 65 -11.22 -29.37 -0.45
CA ARG C 65 -12.37 -29.32 -1.35
C ARG C 65 -12.22 -30.60 -2.17
N ALA C 66 -12.76 -31.65 -1.51
CA ALA C 66 -12.67 -32.99 -1.99
C ALA C 66 -14.06 -33.49 -1.73
N ILE C 67 -14.59 -34.42 -2.63
CA ILE C 67 -15.90 -34.98 -2.45
C ILE C 67 -15.75 -36.45 -2.28
N MET C 68 -16.35 -37.00 -1.24
CA MET C 68 -16.17 -38.37 -0.91
C MET C 68 -17.53 -38.94 -1.16
N MET C 69 -17.54 -40.04 -1.94
CA MET C 69 -18.66 -40.85 -2.37
C MET C 69 -18.20 -42.27 -2.14
N ASP C 70 -19.12 -43.10 -1.62
CA ASP C 70 -18.94 -44.50 -1.31
C ASP C 70 -20.20 -44.92 -0.59
N SER C 71 -20.27 -46.00 0.16
CA SER C 71 -21.26 -46.36 1.20
C SER C 71 -20.79 -46.01 2.68
N GLU C 72 -21.56 -46.63 3.66
CA GLU C 72 -21.44 -46.22 5.02
C GLU C 72 -20.10 -46.53 5.61
N PRO C 73 -19.43 -47.71 5.46
CA PRO C 73 -18.29 -48.14 6.36
C PRO C 73 -17.16 -47.11 6.37
N SER C 74 -16.78 -46.67 5.10
CA SER C 74 -15.65 -45.77 5.00
C SER C 74 -15.96 -44.43 5.55
N VAL C 75 -17.16 -43.92 5.20
CA VAL C 75 -17.62 -42.61 5.47
C VAL C 75 -17.67 -42.41 7.01
N ILE C 76 -18.10 -43.40 7.85
CA ILE C 76 -18.08 -43.32 9.25
C ILE C 76 -16.70 -43.21 9.90
N ALA C 77 -15.68 -43.98 9.34
CA ALA C 77 -14.33 -43.95 9.75
C ALA C 77 -13.72 -42.63 9.56
N ASP C 78 -13.98 -41.95 8.43
CA ASP C 78 -13.46 -40.63 8.26
C ASP C 78 -13.96 -39.58 9.24
N VAL C 79 -15.26 -39.56 9.56
CA VAL C 79 -15.79 -38.63 10.48
C VAL C 79 -15.27 -38.93 11.94
N GLU C 80 -15.02 -40.28 12.22
CA GLU C 80 -14.71 -40.86 13.50
C GLU C 80 -13.34 -40.42 13.90
N ASN C 81 -12.43 -40.21 12.97
CA ASN C 81 -11.10 -39.73 13.36
C ASN C 81 -11.16 -38.24 13.58
N THR C 82 -10.19 -37.70 14.32
CA THR C 82 -10.12 -36.25 14.59
C THR C 82 -9.46 -35.54 13.34
N PHE C 83 -10.39 -35.33 12.30
CA PHE C 83 -10.10 -34.85 10.99
C PHE C 83 -11.37 -34.20 10.54
N ARG C 84 -12.19 -33.78 11.53
CA ARG C 84 -13.56 -33.34 11.32
C ARG C 84 -13.64 -31.85 10.92
N GLY C 85 -12.48 -31.19 10.92
CA GLY C 85 -12.18 -29.87 10.51
C GLY C 85 -11.49 -30.08 9.13
N PHE C 86 -11.29 -31.36 8.70
CA PHE C 86 -10.76 -31.62 7.38
C PHE C 86 -11.80 -32.37 6.62
N PHE C 87 -13.03 -32.49 7.22
CA PHE C 87 -14.18 -33.12 6.55
C PHE C 87 -15.37 -32.21 6.72
N ASP C 88 -16.00 -31.78 5.60
CA ASP C 88 -17.20 -31.06 5.71
C ASP C 88 -18.28 -32.08 5.53
N PRO C 89 -19.32 -32.08 6.25
CA PRO C 89 -20.42 -33.06 5.97
C PRO C 89 -21.14 -32.94 4.65
N ARG C 90 -21.20 -31.74 4.00
CA ARG C 90 -21.90 -31.66 2.76
C ARG C 90 -21.22 -32.42 1.61
N ASN C 91 -19.87 -32.48 1.65
CA ASN C 91 -19.01 -33.16 0.70
C ASN C 91 -19.12 -34.71 0.79
N THR C 92 -19.69 -35.20 1.97
CA THR C 92 -19.77 -36.58 2.30
C THR C 92 -21.07 -37.19 1.86
N TRP C 93 -20.88 -38.28 1.03
CA TRP C 93 -22.09 -38.97 0.48
C TRP C 93 -21.87 -40.45 0.82
N VAL C 94 -22.94 -41.03 1.39
CA VAL C 94 -23.13 -42.41 1.80
C VAL C 94 -24.46 -42.78 1.16
N ALA C 95 -24.49 -43.86 0.35
CA ALA C 95 -25.75 -44.33 -0.23
C ALA C 95 -25.52 -45.75 -0.49
N SER C 96 -26.65 -46.57 -0.45
CA SER C 96 -26.50 -47.98 -0.71
C SER C 96 -27.91 -48.46 -1.15
N ASP C 97 -28.92 -47.46 -1.31
CA ASP C 97 -30.27 -47.77 -1.68
C ASP C 97 -30.93 -48.96 -1.05
N GLY C 98 -31.86 -49.68 -1.82
CA GLY C 98 -32.69 -50.71 -1.34
C GLY C 98 -32.02 -52.04 -1.18
N ALA C 99 -30.86 -52.13 -1.87
CA ALA C 99 -30.14 -53.25 -2.07
C ALA C 99 -28.86 -52.75 -2.47
N SER C 100 -27.72 -53.28 -1.97
CA SER C 100 -26.40 -52.78 -2.16
C SER C 100 -25.81 -53.09 -3.52
N ALA C 101 -24.69 -52.32 -3.87
CA ALA C 101 -23.95 -52.60 -5.13
C ALA C 101 -23.42 -54.05 -5.20
N GLY C 102 -22.81 -54.52 -4.06
CA GLY C 102 -22.41 -55.87 -3.77
C GLY C 102 -21.22 -56.27 -4.58
N ASN C 103 -20.40 -55.29 -4.95
CA ASN C 103 -19.07 -55.33 -5.67
C ASN C 103 -19.29 -55.77 -7.08
N SER C 104 -20.33 -55.16 -7.72
CA SER C 104 -20.65 -55.46 -9.14
C SER C 104 -20.89 -54.12 -9.85
N TRP C 105 -20.39 -54.01 -11.09
CA TRP C 105 -20.35 -52.87 -11.82
C TRP C 105 -21.80 -52.42 -12.12
N ALA C 106 -22.67 -53.36 -12.49
CA ALA C 106 -23.98 -53.03 -13.01
C ALA C 106 -24.85 -52.34 -12.00
N ASN C 107 -24.82 -52.80 -10.75
CA ASN C 107 -25.53 -52.31 -9.59
C ASN C 107 -25.10 -50.93 -9.20
N GLY C 108 -23.81 -50.79 -9.30
CA GLY C 108 -23.21 -49.56 -8.96
C GLY C 108 -23.58 -48.46 -9.93
N TYR C 109 -23.61 -48.80 -11.24
CA TYR C 109 -23.95 -47.94 -12.35
C TYR C 109 -25.44 -47.52 -12.25
N ASP C 110 -26.28 -48.52 -11.95
CA ASP C 110 -27.75 -48.40 -11.89
C ASP C 110 -28.08 -47.46 -10.79
N ILE C 111 -27.34 -47.57 -9.66
CA ILE C 111 -27.46 -46.67 -8.48
C ILE C 111 -27.06 -45.26 -8.84
N GLY C 112 -26.03 -45.16 -9.68
CA GLY C 112 -25.63 -43.88 -10.21
C GLY C 112 -26.69 -43.10 -10.94
N THR C 113 -27.51 -43.80 -11.76
CA THR C 113 -28.66 -43.26 -12.47
C THR C 113 -29.67 -42.71 -11.53
N ARG C 114 -30.00 -43.33 -10.34
CA ARG C 114 -31.00 -42.85 -9.43
C ARG C 114 -30.70 -41.52 -8.85
N ASN C 115 -29.41 -41.31 -8.47
CA ASN C 115 -28.98 -40.05 -7.91
C ASN C 115 -28.16 -39.29 -8.95
N GLN C 116 -28.50 -39.29 -10.20
CA GLN C 116 -27.69 -38.66 -11.24
C GLN C 116 -27.64 -37.14 -11.04
N ASP C 117 -28.90 -36.71 -10.73
CA ASP C 117 -29.20 -35.28 -10.49
C ASP C 117 -28.49 -34.72 -9.29
N ASP C 118 -28.55 -35.54 -8.18
CA ASP C 118 -28.20 -35.36 -6.85
C ASP C 118 -26.74 -35.18 -6.68
N ILE C 119 -26.00 -36.09 -7.37
CA ILE C 119 -24.58 -35.98 -7.37
C ILE C 119 -24.07 -34.81 -8.03
N LEU C 120 -24.67 -34.53 -9.22
CA LEU C 120 -24.32 -33.43 -10.14
C LEU C 120 -24.63 -32.07 -9.42
N ASN C 121 -25.63 -32.01 -8.56
CA ASN C 121 -25.98 -30.88 -7.77
C ASN C 121 -24.95 -30.43 -6.85
N LYS C 122 -24.37 -31.47 -6.19
CA LYS C 122 -23.39 -31.30 -5.17
C LYS C 122 -22.09 -30.75 -5.70
N ILE C 123 -21.63 -31.32 -6.82
CA ILE C 123 -20.50 -31.07 -7.63
C ILE C 123 -20.66 -29.76 -8.26
N ASP C 124 -21.88 -29.35 -8.83
CA ASP C 124 -22.11 -28.02 -9.44
C ASP C 124 -21.91 -26.95 -8.33
N LYS C 125 -22.32 -27.23 -7.09
CA LYS C 125 -22.15 -26.32 -5.94
C LYS C 125 -20.67 -26.04 -5.70
N GLU C 126 -19.84 -27.06 -5.70
CA GLU C 126 -18.39 -27.06 -5.51
C GLU C 126 -17.62 -26.36 -6.61
N ILE C 127 -18.07 -26.63 -7.82
CA ILE C 127 -17.64 -26.05 -9.10
C ILE C 127 -18.04 -24.60 -9.03
N ASP C 128 -19.26 -24.22 -8.57
CA ASP C 128 -19.67 -22.81 -8.43
C ASP C 128 -18.84 -22.10 -7.41
N SER C 129 -18.40 -22.78 -6.37
CA SER C 129 -17.59 -22.25 -5.28
C SER C 129 -16.20 -21.89 -5.72
N THR C 130 -15.74 -22.41 -6.86
CA THR C 130 -14.37 -22.22 -7.37
C THR C 130 -13.90 -20.81 -7.66
N ASP C 131 -12.56 -20.64 -7.94
CA ASP C 131 -12.02 -19.37 -8.26
C ASP C 131 -11.55 -19.29 -9.73
N ASN C 132 -11.42 -20.54 -10.30
CA ASN C 132 -11.27 -20.89 -11.76
C ASN C 132 -10.64 -22.21 -11.60
N PHE C 133 -11.47 -23.21 -12.04
CA PHE C 133 -11.16 -24.60 -11.94
C PHE C 133 -10.30 -25.09 -13.05
N GLU C 134 -9.11 -25.68 -12.71
CA GLU C 134 -8.31 -26.42 -13.63
C GLU C 134 -8.86 -27.79 -14.00
N GLY C 135 -9.27 -28.53 -12.99
CA GLY C 135 -9.65 -29.94 -13.33
C GLY C 135 -9.72 -30.88 -12.16
N PHE C 136 -9.85 -32.21 -12.54
CA PHE C 136 -10.23 -33.21 -11.57
C PHE C 136 -9.16 -34.11 -11.34
N GLN C 137 -9.25 -34.63 -10.10
CA GLN C 137 -8.52 -35.84 -9.76
C GLN C 137 -9.56 -36.80 -9.27
N LEU C 138 -9.50 -38.06 -9.94
CA LEU C 138 -10.36 -39.14 -9.46
C LEU C 138 -9.43 -40.12 -8.88
N LEU C 139 -9.72 -40.49 -7.67
CA LEU C 139 -8.99 -41.54 -6.94
C LEU C 139 -9.87 -42.75 -6.76
N HIS C 140 -9.40 -43.96 -7.21
CA HIS C 140 -10.13 -45.18 -6.83
C HIS C 140 -9.47 -46.50 -7.20
N SER C 141 -10.16 -47.52 -6.77
CA SER C 141 -10.09 -48.93 -7.05
C SER C 141 -11.39 -49.36 -7.65
N VAL C 142 -11.25 -50.41 -8.53
CA VAL C 142 -12.44 -51.08 -9.08
C VAL C 142 -12.90 -52.25 -8.25
N ALA C 143 -12.47 -52.14 -6.91
CA ALA C 143 -12.79 -53.15 -5.90
C ALA C 143 -14.17 -52.75 -5.19
N GLY C 144 -14.73 -51.53 -5.62
CA GLY C 144 -16.04 -50.94 -5.19
C GLY C 144 -17.04 -51.62 -6.00
N GLY C 145 -18.27 -51.64 -5.58
CA GLY C 145 -19.38 -51.85 -6.38
C GLY C 145 -19.74 -50.52 -7.01
N THR C 146 -19.80 -49.66 -5.98
CA THR C 146 -20.15 -48.25 -6.00
C THR C 146 -18.97 -47.53 -6.61
N GLY C 147 -17.76 -47.82 -6.02
CA GLY C 147 -16.56 -47.07 -6.42
C GLY C 147 -16.26 -47.28 -7.87
N SER C 148 -16.43 -48.56 -8.27
CA SER C 148 -16.38 -48.75 -9.66
C SER C 148 -17.55 -48.26 -10.53
N GLY C 149 -18.77 -48.76 -10.27
CA GLY C 149 -19.92 -48.67 -11.16
C GLY C 149 -20.52 -47.25 -11.30
N LEU C 150 -20.78 -46.68 -10.14
CA LEU C 150 -21.29 -45.33 -9.97
C LEU C 150 -20.21 -44.39 -10.42
N GLY C 151 -18.93 -44.65 -10.13
CA GLY C 151 -17.80 -43.81 -10.55
C GLY C 151 -17.81 -43.73 -12.06
N SER C 152 -18.06 -44.90 -12.73
CA SER C 152 -18.13 -44.90 -14.18
C SER C 152 -19.22 -44.15 -14.82
N ASN C 153 -20.41 -44.14 -14.19
CA ASN C 153 -21.62 -43.43 -14.70
C ASN C 153 -21.36 -41.94 -14.69
N LEU C 154 -20.79 -41.45 -13.56
CA LEU C 154 -20.39 -40.09 -13.28
C LEU C 154 -19.33 -39.64 -14.22
N LEU C 155 -18.36 -40.58 -14.57
CA LEU C 155 -17.26 -40.24 -15.44
C LEU C 155 -17.79 -39.81 -16.87
N GLU C 156 -18.87 -40.53 -17.43
CA GLU C 156 -19.45 -40.10 -18.67
C GLU C 156 -20.12 -38.80 -18.55
N ALA C 157 -20.87 -38.59 -17.37
CA ALA C 157 -21.62 -37.35 -17.28
C ALA C 157 -20.70 -36.15 -17.26
N LEU C 158 -19.63 -36.30 -16.46
CA LEU C 158 -18.62 -35.30 -16.08
C LEU C 158 -17.89 -34.86 -17.23
N CYS C 159 -17.63 -35.79 -18.15
CA CYS C 159 -16.98 -35.51 -19.45
C CYS C 159 -17.73 -34.50 -20.33
N ASP C 160 -19.01 -34.84 -20.43
CA ASP C 160 -20.09 -34.28 -21.20
C ASP C 160 -20.55 -33.00 -20.78
N ARG C 161 -20.82 -32.80 -19.47
CA ARG C 161 -21.33 -31.56 -18.98
C ARG C 161 -20.37 -30.38 -19.14
N TYR C 162 -19.12 -30.48 -18.64
CA TYR C 162 -18.16 -29.38 -18.75
C TYR C 162 -17.09 -30.14 -19.55
N PRO C 163 -16.89 -29.66 -20.79
CA PRO C 163 -15.82 -30.38 -21.58
C PRO C 163 -14.80 -29.33 -21.98
N LYS C 164 -14.03 -28.75 -21.01
CA LYS C 164 -12.95 -27.80 -21.42
C LYS C 164 -12.02 -27.85 -20.26
N LYS C 165 -12.29 -28.75 -19.37
CA LYS C 165 -11.46 -28.94 -18.19
C LYS C 165 -10.95 -30.35 -18.21
N ILE C 166 -9.86 -30.56 -17.47
CA ILE C 166 -9.09 -31.84 -17.48
C ILE C 166 -9.61 -32.90 -16.54
N LEU C 167 -9.69 -34.18 -16.85
CA LEU C 167 -10.07 -35.15 -15.86
C LEU C 167 -8.87 -36.13 -15.79
N THR C 168 -8.25 -36.25 -14.60
CA THR C 168 -7.07 -37.02 -14.37
C THR C 168 -7.55 -38.00 -13.35
N THR C 169 -6.99 -39.25 -13.45
CA THR C 169 -7.31 -40.25 -12.52
C THR C 169 -6.11 -40.95 -12.09
N TYR C 170 -6.14 -41.41 -10.82
CA TYR C 170 -5.24 -42.41 -10.29
C TYR C 170 -6.05 -43.71 -10.06
N SER C 171 -5.81 -44.66 -10.99
CA SER C 171 -6.65 -45.80 -11.13
C SER C 171 -5.81 -47.06 -10.66
N VAL C 172 -6.29 -47.92 -9.77
CA VAL C 172 -5.68 -49.14 -9.39
C VAL C 172 -6.13 -50.32 -10.20
N PHE C 173 -5.22 -51.03 -10.82
CA PHE C 173 -5.51 -52.23 -11.65
C PHE C 173 -5.22 -53.33 -10.72
N PRO C 174 -5.97 -54.43 -10.75
CA PRO C 174 -5.72 -55.59 -9.85
C PRO C 174 -4.58 -56.32 -10.34
N ALA C 175 -4.78 -57.43 -11.11
CA ALA C 175 -3.75 -58.26 -11.64
C ALA C 175 -4.39 -58.92 -12.86
N ARG C 176 -3.79 -59.92 -13.57
CA ARG C 176 -4.26 -60.53 -14.80
C ARG C 176 -5.00 -61.77 -14.56
N SER C 177 -5.11 -62.18 -13.30
CA SER C 177 -5.77 -63.37 -12.88
C SER C 177 -6.91 -62.82 -12.00
N SER C 178 -8.09 -63.57 -11.87
CA SER C 178 -9.23 -63.20 -11.12
C SER C 178 -9.30 -63.99 -9.95
N GLU C 179 -9.51 -63.32 -8.80
CA GLU C 179 -9.70 -64.00 -7.52
C GLU C 179 -11.18 -64.45 -7.47
N VAL C 180 -12.13 -63.67 -8.02
CA VAL C 180 -13.55 -63.92 -8.07
C VAL C 180 -13.80 -63.90 -9.48
N VAL C 181 -14.46 -64.97 -10.07
CA VAL C 181 -14.54 -65.09 -11.56
C VAL C 181 -15.05 -63.88 -12.33
N VAL C 182 -16.15 -63.26 -11.87
CA VAL C 182 -16.76 -62.10 -12.55
C VAL C 182 -16.00 -60.81 -12.43
N GLN C 183 -14.88 -60.91 -11.70
CA GLN C 183 -13.98 -59.72 -11.57
C GLN C 183 -13.57 -59.04 -12.89
N SER C 184 -13.26 -59.85 -13.93
CA SER C 184 -12.91 -59.37 -15.28
C SER C 184 -13.98 -58.64 -16.07
N TYR C 185 -15.29 -59.02 -15.96
CA TYR C 185 -16.35 -58.33 -16.67
C TYR C 185 -16.47 -56.96 -16.14
N ASN C 186 -16.45 -56.84 -14.79
CA ASN C 186 -16.53 -55.60 -14.04
C ASN C 186 -15.36 -54.70 -14.34
N THR C 187 -14.15 -55.22 -14.37
CA THR C 187 -12.93 -54.54 -14.59
C THR C 187 -12.94 -53.93 -16.00
N ILE C 188 -13.40 -54.68 -17.02
CA ILE C 188 -13.56 -54.16 -18.37
C ILE C 188 -14.54 -53.06 -18.52
N LEU C 189 -15.76 -53.23 -17.95
CA LEU C 189 -16.91 -52.36 -18.03
C LEU C 189 -16.58 -50.99 -17.42
N ALA C 190 -15.85 -50.99 -16.26
CA ALA C 190 -15.24 -49.79 -15.75
C ALA C 190 -14.18 -49.23 -16.62
N LEU C 191 -13.22 -50.04 -17.24
CA LEU C 191 -12.15 -49.49 -18.05
C LEU C 191 -12.63 -48.75 -19.28
N ARG C 192 -13.78 -49.10 -19.94
CA ARG C 192 -14.21 -48.39 -21.12
C ARG C 192 -14.47 -46.95 -20.79
N ARG C 193 -15.19 -46.75 -19.64
CA ARG C 193 -15.46 -45.43 -19.16
C ARG C 193 -14.20 -44.76 -18.70
N LEU C 194 -13.22 -45.42 -18.03
CA LEU C 194 -11.97 -44.71 -17.65
C LEU C 194 -11.11 -44.25 -18.81
N ILE C 195 -11.00 -45.05 -19.88
CA ILE C 195 -10.18 -44.72 -21.01
C ILE C 195 -10.77 -43.53 -21.77
N GLU C 196 -12.09 -43.51 -22.10
CA GLU C 196 -12.75 -42.58 -22.93
C GLU C 196 -12.97 -41.33 -22.12
N ASP C 197 -13.52 -41.48 -20.91
CA ASP C 197 -13.97 -40.22 -20.26
C ASP C 197 -12.89 -39.50 -19.58
N SER C 198 -11.71 -40.09 -19.34
CA SER C 198 -10.56 -39.43 -18.84
C SER C 198 -9.76 -38.81 -19.98
N ASP C 199 -8.78 -37.96 -19.62
CA ASP C 199 -7.84 -37.35 -20.51
C ASP C 199 -6.43 -37.75 -20.08
N ALA C 200 -6.35 -38.26 -18.82
CA ALA C 200 -5.14 -38.81 -18.28
C ALA C 200 -5.54 -39.82 -17.40
N THR C 201 -4.78 -40.89 -17.45
CA THR C 201 -4.91 -42.00 -16.54
C THR C 201 -3.50 -42.38 -16.03
N VAL C 202 -3.35 -42.41 -14.69
CA VAL C 202 -2.16 -42.91 -14.00
C VAL C 202 -2.49 -44.30 -13.64
N VAL C 203 -1.74 -45.27 -14.24
CA VAL C 203 -2.00 -46.66 -13.98
C VAL C 203 -1.25 -47.20 -12.69
N PHE C 204 -2.00 -47.82 -11.74
CA PHE C 204 -1.40 -48.40 -10.55
C PHE C 204 -1.53 -49.86 -10.49
N ASP C 205 -0.48 -50.69 -10.66
CA ASP C 205 -0.70 -52.13 -10.68
C ASP C 205 -0.51 -52.63 -9.25
N ASN C 206 -1.56 -53.29 -8.67
CA ASN C 206 -1.69 -53.75 -7.31
C ASN C 206 -0.67 -54.83 -7.04
N ALA C 207 -0.36 -55.61 -8.07
CA ALA C 207 0.62 -56.67 -8.04
C ALA C 207 2.05 -56.12 -7.66
N SER C 208 2.44 -55.01 -8.26
CA SER C 208 3.71 -54.35 -7.99
C SER C 208 3.78 -53.65 -6.65
N LEU C 209 2.59 -52.99 -6.36
CA LEU C 209 2.30 -52.29 -5.14
C LEU C 209 2.33 -53.09 -3.90
N LEU C 210 1.73 -54.33 -3.97
CA LEU C 210 1.76 -55.35 -2.93
C LEU C 210 3.13 -55.89 -2.71
N ASN C 211 3.99 -56.15 -3.79
CA ASN C 211 5.34 -56.73 -3.69
C ASN C 211 6.18 -55.77 -2.92
N ILE C 212 6.01 -54.40 -3.16
CA ILE C 212 6.71 -53.35 -2.48
C ILE C 212 6.41 -53.34 -1.02
N SER C 213 5.14 -53.45 -0.74
CA SER C 213 4.65 -53.46 0.61
C SER C 213 5.14 -54.68 1.39
N GLY C 214 5.11 -55.90 0.73
CA GLY C 214 5.57 -57.12 1.43
C GLY C 214 6.97 -56.97 1.62
N LYS C 215 7.78 -56.63 0.54
CA LYS C 215 9.19 -56.68 0.68
C LYS C 215 9.77 -55.56 1.62
N VAL C 216 9.49 -54.29 1.22
CA VAL C 216 10.04 -53.16 1.88
C VAL C 216 9.43 -52.74 3.20
N PHE C 217 8.10 -52.71 3.08
CA PHE C 217 7.35 -52.17 4.18
C PHE C 217 6.91 -53.23 5.18
N ARG C 218 7.54 -54.42 5.16
CA ARG C 218 7.50 -55.68 5.92
C ARG C 218 6.28 -55.81 6.87
N ASN C 219 5.23 -56.57 6.39
CA ASN C 219 4.07 -56.81 7.17
C ASN C 219 3.79 -58.23 7.14
N PRO C 220 3.36 -58.89 8.23
CA PRO C 220 3.13 -60.32 8.20
C PRO C 220 1.87 -60.57 7.39
N ASN C 221 1.01 -59.58 7.43
CA ASN C 221 -0.26 -59.62 6.70
C ASN C 221 -0.41 -58.38 5.86
N ILE C 222 -0.48 -58.48 4.51
CA ILE C 222 -0.07 -57.34 3.64
C ILE C 222 -1.19 -56.29 3.52
N ASP C 223 -2.36 -56.70 2.95
CA ASP C 223 -3.56 -55.84 2.66
C ASP C 223 -3.42 -54.48 2.00
N LEU C 224 -4.61 -54.02 1.54
CA LEU C 224 -4.80 -52.78 0.88
C LEU C 224 -4.49 -51.59 1.75
N GLN C 225 -4.86 -51.66 2.99
CA GLN C 225 -4.88 -50.59 3.89
C GLN C 225 -3.46 -49.96 4.02
N HIS C 226 -2.45 -50.77 4.10
CA HIS C 226 -1.02 -50.60 4.06
C HIS C 226 -0.48 -50.05 2.72
N THR C 227 -1.02 -50.63 1.60
CA THR C 227 -0.71 -50.35 0.20
C THR C 227 -1.16 -48.99 -0.22
N ASN C 228 -2.33 -48.48 0.36
CA ASN C 228 -2.89 -47.18 0.21
C ASN C 228 -2.00 -46.05 0.75
N GLN C 229 -1.15 -46.42 1.80
CA GLN C 229 -0.16 -45.53 2.38
C GLN C 229 0.86 -45.20 1.33
N LEU C 230 1.22 -46.15 0.54
CA LEU C 230 2.14 -46.09 -0.53
C LEU C 230 1.62 -45.22 -1.62
N ILE C 231 0.27 -45.34 -2.01
CA ILE C 231 -0.39 -44.58 -3.11
C ILE C 231 -0.38 -43.17 -2.73
N SER C 232 -0.69 -42.88 -1.45
CA SER C 232 -0.82 -41.61 -0.75
C SER C 232 0.47 -40.93 -0.81
N THR C 233 1.67 -41.59 -0.64
CA THR C 233 2.96 -41.03 -0.70
C THR C 233 3.26 -40.51 -2.15
N ILE C 234 2.90 -41.33 -3.19
CA ILE C 234 3.09 -41.05 -4.59
C ILE C 234 2.20 -39.87 -4.97
N ILE C 235 0.93 -39.79 -4.62
CA ILE C 235 0.07 -38.66 -4.89
C ILE C 235 0.51 -37.42 -4.22
N SER C 236 0.96 -37.47 -2.93
CA SER C 236 1.40 -36.30 -2.14
C SER C 236 2.64 -35.73 -2.78
N SER C 237 3.56 -36.57 -3.22
CA SER C 237 4.83 -36.13 -3.78
C SER C 237 4.65 -35.36 -5.06
N VAL C 238 3.63 -35.73 -5.86
CA VAL C 238 3.33 -35.17 -7.11
C VAL C 238 2.99 -33.78 -6.91
N THR C 239 2.37 -33.40 -5.78
CA THR C 239 2.02 -32.05 -5.46
C THR C 239 3.11 -31.21 -4.90
N ASN C 240 4.34 -31.71 -4.60
CA ASN C 240 5.36 -30.88 -3.94
C ASN C 240 5.67 -29.52 -4.59
N SER C 241 5.79 -29.64 -5.96
CA SER C 241 6.25 -28.62 -6.85
C SER C 241 5.28 -27.38 -6.98
N ILE C 242 4.00 -27.70 -6.66
CA ILE C 242 2.95 -26.78 -6.65
C ILE C 242 3.08 -25.84 -5.42
N ARG C 243 3.37 -26.43 -4.24
CA ARG C 243 3.43 -25.76 -3.00
C ARG C 243 4.77 -24.99 -2.84
N PHE C 244 5.82 -25.31 -3.69
CA PHE C 244 6.98 -24.43 -3.69
C PHE C 244 6.70 -23.24 -4.61
N PRO C 245 7.07 -22.03 -4.25
CA PRO C 245 6.79 -20.83 -5.00
C PRO C 245 7.80 -20.65 -6.09
N SER C 246 9.00 -21.41 -6.07
CA SER C 246 10.00 -21.23 -7.02
C SER C 246 9.46 -21.80 -8.29
N TYR C 247 8.66 -22.89 -8.21
CA TYR C 247 8.13 -23.49 -9.40
C TYR C 247 6.71 -23.19 -9.64
N MET C 248 6.25 -23.28 -10.97
CA MET C 248 4.96 -22.81 -11.37
C MET C 248 4.73 -23.55 -12.66
N TYR C 249 5.73 -24.39 -13.02
CA TYR C 249 5.66 -25.23 -14.21
C TYR C 249 5.15 -26.56 -13.84
N SER C 250 4.68 -26.59 -12.59
CA SER C 250 4.06 -27.70 -11.85
C SER C 250 2.70 -27.96 -12.40
N SER C 251 1.96 -26.78 -12.62
CA SER C 251 0.66 -26.74 -13.25
C SER C 251 0.32 -27.81 -14.38
N MET C 252 -1.01 -28.16 -14.36
CA MET C 252 -1.65 -29.25 -15.02
C MET C 252 -1.55 -29.12 -16.48
N SER C 253 -1.80 -27.92 -17.08
CA SER C 253 -1.70 -27.81 -18.49
C SER C 253 -0.30 -28.02 -19.00
N SER C 254 0.71 -27.40 -18.38
CA SER C 254 1.96 -27.57 -18.99
C SER C 254 2.51 -29.00 -18.94
N ILE C 255 2.31 -29.74 -17.83
CA ILE C 255 2.77 -31.10 -17.83
C ILE C 255 2.04 -32.02 -18.85
N TYR C 256 0.71 -31.92 -18.94
CA TYR C 256 -0.12 -32.73 -19.83
C TYR C 256 0.17 -32.36 -21.26
N SER C 257 0.42 -31.07 -21.65
CA SER C 257 0.64 -30.63 -23.01
C SER C 257 1.84 -31.35 -23.50
N THR C 258 2.94 -31.46 -22.71
CA THR C 258 4.14 -32.23 -23.12
C THR C 258 3.87 -33.76 -23.22
N LEU C 259 3.20 -34.33 -22.22
CA LEU C 259 2.97 -35.70 -22.10
C LEU C 259 2.03 -36.33 -23.09
N ILE C 260 0.96 -35.56 -23.43
CA ILE C 260 -0.13 -35.94 -24.31
C ILE C 260 0.30 -35.47 -25.70
N PRO C 261 0.54 -36.29 -26.75
CA PRO C 261 0.80 -35.82 -28.10
C PRO C 261 -0.42 -36.03 -28.91
N SER C 262 -1.24 -37.09 -28.57
CA SER C 262 -2.40 -37.39 -29.32
C SER C 262 -3.24 -37.95 -28.15
N PRO C 263 -4.55 -37.88 -28.14
CA PRO C 263 -5.30 -38.15 -26.92
C PRO C 263 -5.27 -39.59 -26.52
N GLU C 264 -4.95 -40.54 -27.51
CA GLU C 264 -5.03 -41.96 -27.17
C GLU C 264 -3.99 -42.44 -26.24
N LEU C 265 -2.85 -41.72 -26.09
CA LEU C 265 -1.67 -42.03 -25.29
C LEU C 265 -1.87 -41.09 -24.15
N HIS C 266 -2.13 -41.68 -23.01
CA HIS C 266 -2.47 -40.84 -21.87
C HIS C 266 -2.27 -41.77 -20.65
N PHE C 267 -1.72 -42.96 -20.80
CA PHE C 267 -1.43 -43.78 -19.65
C PHE C 267 -0.09 -43.44 -19.18
N LEU C 268 0.03 -43.01 -17.91
CA LEU C 268 1.34 -42.79 -17.31
C LEU C 268 1.57 -43.91 -16.31
N SER C 269 2.86 -44.28 -16.05
CA SER C 269 3.26 -45.21 -15.05
C SER C 269 4.22 -44.40 -14.17
N PRO C 270 4.16 -44.52 -12.82
CA PRO C 270 5.15 -43.89 -11.95
C PRO C 270 6.20 -44.82 -11.52
N SER C 271 7.35 -44.24 -11.03
CA SER C 271 8.37 -44.99 -10.25
C SER C 271 8.83 -43.93 -9.23
N PHE C 272 9.28 -44.30 -8.06
CA PHE C 272 9.60 -43.33 -7.01
C PHE C 272 10.73 -43.99 -6.20
N THR C 273 11.63 -43.21 -5.55
CA THR C 273 12.71 -43.50 -4.74
C THR C 273 12.74 -42.27 -3.81
N PRO C 274 13.01 -42.41 -2.49
CA PRO C 274 13.28 -43.69 -1.75
C PRO C 274 11.97 -44.33 -1.37
N PHE C 275 12.04 -45.65 -0.89
CA PHE C 275 10.95 -46.36 -0.16
C PHE C 275 11.61 -47.10 0.98
N THR C 276 13.00 -47.10 0.94
CA THR C 276 13.94 -47.63 1.98
C THR C 276 13.92 -46.88 3.30
N SER C 277 13.85 -45.55 3.17
CA SER C 277 13.86 -44.68 4.27
C SER C 277 12.61 -44.74 5.11
N ASP C 278 12.76 -45.29 6.28
CA ASP C 278 11.65 -45.52 7.17
C ASP C 278 12.19 -45.22 8.54
N TYR C 279 11.32 -44.87 9.51
CA TYR C 279 11.60 -44.61 10.85
C TYR C 279 11.63 -45.91 11.63
N ILE C 280 12.71 -46.67 11.59
CA ILE C 280 12.75 -47.94 12.28
C ILE C 280 14.21 -48.08 12.54
N HIS C 281 14.80 -49.21 12.97
CA HIS C 281 16.23 -49.52 13.21
C HIS C 281 17.04 -49.25 11.97
N ASP C 282 16.51 -49.51 10.81
CA ASP C 282 17.16 -49.25 9.55
C ASP C 282 17.53 -47.82 9.30
N ASP C 283 18.71 -47.54 8.61
CA ASP C 283 19.13 -46.22 8.27
C ASP C 283 18.34 -45.47 7.19
N ILE C 284 18.68 -44.20 6.99
CA ILE C 284 18.03 -43.33 6.03
C ILE C 284 18.85 -43.52 4.82
N ALA C 285 18.55 -44.57 3.98
CA ALA C 285 19.34 -45.07 2.93
C ALA C 285 19.16 -44.40 1.62
N HIS C 286 20.33 -43.80 1.16
CA HIS C 286 20.36 -43.12 -0.14
C HIS C 286 21.72 -43.36 -0.79
N LYS C 287 21.93 -42.81 -2.02
CA LYS C 287 23.15 -43.14 -2.81
C LYS C 287 23.23 -42.02 -3.67
N CYS C 288 24.29 -42.12 -4.52
CA CYS C 288 24.61 -41.16 -5.62
C CYS C 288 23.55 -40.97 -6.65
N HIS C 289 23.62 -39.79 -7.27
CA HIS C 289 22.64 -39.36 -8.30
C HIS C 289 22.66 -40.27 -9.50
N SER C 290 23.82 -40.78 -9.90
CA SER C 290 24.13 -41.75 -10.92
C SER C 290 23.52 -43.11 -10.70
N SER C 291 23.59 -43.63 -9.48
CA SER C 291 22.90 -44.83 -9.04
C SER C 291 21.39 -44.64 -9.17
N TYR C 292 20.98 -43.48 -8.71
CA TYR C 292 19.65 -43.10 -8.60
C TYR C 292 19.02 -43.07 -10.00
N ASP C 293 19.68 -42.43 -11.04
CA ASP C 293 19.19 -42.23 -12.38
C ASP C 293 19.02 -43.55 -13.06
N VAL C 294 19.88 -44.53 -12.85
CA VAL C 294 19.59 -45.87 -13.32
C VAL C 294 18.33 -46.53 -12.63
N MET C 295 18.12 -46.38 -11.24
CA MET C 295 17.15 -47.03 -10.35
C MET C 295 15.67 -46.68 -10.60
N LEU C 296 15.38 -45.47 -11.04
CA LEU C 296 14.01 -45.13 -11.41
C LEU C 296 13.44 -45.99 -12.55
N ASP C 297 14.33 -46.41 -13.48
CA ASP C 297 13.84 -47.21 -14.56
C ASP C 297 13.50 -48.61 -14.06
N LEU C 298 14.25 -49.04 -12.97
CA LEU C 298 14.02 -50.47 -12.56
C LEU C 298 12.64 -50.82 -12.09
N LEU C 299 12.17 -52.11 -12.40
CA LEU C 299 10.77 -52.51 -12.39
C LEU C 299 10.15 -52.71 -11.03
N ASP C 300 10.91 -53.12 -9.95
CA ASP C 300 10.43 -53.29 -8.63
C ASP C 300 10.29 -51.97 -7.93
N PRO C 301 11.23 -51.03 -8.25
CA PRO C 301 10.99 -49.63 -7.93
C PRO C 301 9.81 -49.00 -8.54
N SER C 302 9.40 -49.38 -9.74
CA SER C 302 8.21 -48.95 -10.42
C SER C 302 7.15 -49.48 -9.59
N ASN C 303 5.99 -48.78 -9.63
CA ASN C 303 4.81 -49.14 -8.81
C ASN C 303 3.84 -49.75 -9.82
N SER C 304 4.35 -50.23 -10.98
CA SER C 304 3.52 -50.91 -11.96
C SER C 304 4.43 -52.00 -12.60
N LEU C 305 3.76 -53.10 -13.04
CA LEU C 305 4.44 -54.22 -13.65
C LEU C 305 3.62 -54.49 -14.77
N VAL C 306 4.24 -54.52 -16.01
CA VAL C 306 3.50 -54.77 -17.22
C VAL C 306 4.11 -55.91 -18.01
N SER C 307 4.80 -56.82 -17.23
CA SER C 307 5.54 -58.02 -17.71
C SER C 307 6.68 -57.55 -18.63
N THR C 308 7.47 -56.60 -18.14
CA THR C 308 8.46 -55.78 -18.87
C THR C 308 9.71 -56.49 -18.64
N ALA C 309 10.71 -56.24 -19.55
CA ALA C 309 12.07 -56.60 -19.40
C ALA C 309 12.85 -55.37 -19.43
N MET C 310 12.21 -54.20 -19.69
CA MET C 310 12.68 -52.81 -19.81
C MET C 310 13.38 -52.57 -21.12
N ASN C 311 13.24 -51.32 -21.63
CA ASN C 311 13.80 -50.77 -22.91
C ASN C 311 13.20 -51.58 -23.97
N ASN C 312 11.92 -52.08 -23.81
CA ASN C 312 11.14 -52.91 -24.70
C ASN C 312 11.21 -52.24 -26.06
N PRO C 313 11.12 -52.99 -27.19
CA PRO C 313 11.10 -52.41 -28.54
C PRO C 313 9.81 -51.50 -28.73
N THR C 314 8.82 -51.61 -27.77
CA THR C 314 7.58 -50.77 -27.78
C THR C 314 7.90 -49.54 -27.01
N TYR C 315 8.60 -48.60 -27.74
CA TYR C 315 9.24 -47.39 -27.25
C TYR C 315 8.60 -46.49 -26.25
N PHE C 316 9.42 -45.53 -25.80
CA PHE C 316 8.96 -44.59 -24.83
C PHE C 316 8.47 -43.44 -25.57
N ASN C 317 7.18 -43.06 -25.19
CA ASN C 317 6.47 -41.95 -25.81
C ASN C 317 6.91 -40.61 -25.31
N VAL C 318 7.12 -40.53 -23.94
CA VAL C 318 7.61 -39.35 -23.24
C VAL C 318 8.16 -39.88 -22.00
N TYR C 319 9.15 -39.19 -21.40
CA TYR C 319 9.78 -39.63 -20.20
C TYR C 319 9.90 -38.33 -19.48
N ASN C 320 9.62 -38.29 -18.19
CA ASN C 320 9.81 -37.21 -17.27
C ASN C 320 10.51 -37.68 -16.05
N THR C 321 11.56 -36.91 -15.63
CA THR C 321 12.33 -37.25 -14.45
C THR C 321 12.16 -36.13 -13.56
N ILE C 322 11.73 -36.35 -12.24
CA ILE C 322 11.62 -35.37 -11.23
C ILE C 322 12.70 -35.66 -10.19
N ILE C 323 13.64 -34.70 -10.05
CA ILE C 323 14.81 -34.87 -9.26
C ILE C 323 14.50 -33.97 -8.17
N GLY C 324 14.73 -34.56 -6.95
CA GLY C 324 14.51 -33.87 -5.68
C GLY C 324 15.88 -33.91 -5.06
N ASN C 325 16.40 -32.77 -4.70
CA ASN C 325 17.74 -32.68 -4.18
C ASN C 325 17.91 -31.24 -3.88
N VAL C 326 18.59 -30.89 -2.74
CA VAL C 326 18.86 -29.52 -2.33
C VAL C 326 20.31 -29.25 -2.58
N GLU C 327 21.03 -30.26 -3.08
CA GLU C 327 22.51 -30.14 -3.37
C GLU C 327 22.73 -29.71 -4.81
N PRO C 328 23.83 -29.04 -5.24
CA PRO C 328 24.32 -28.80 -6.58
C PRO C 328 23.89 -29.77 -7.61
N ARG C 329 23.00 -29.28 -8.51
CA ARG C 329 22.28 -29.90 -9.64
C ARG C 329 23.11 -30.45 -10.73
N GLN C 330 24.24 -29.78 -11.00
CA GLN C 330 25.12 -29.92 -12.20
C GLN C 330 25.83 -31.25 -12.39
N ILE C 331 26.33 -31.90 -11.27
CA ILE C 331 27.08 -33.13 -11.34
C ILE C 331 26.07 -34.16 -11.88
N SER C 332 24.84 -34.10 -11.31
CA SER C 332 23.64 -34.96 -11.60
C SER C 332 23.16 -34.70 -12.98
N ARG C 333 23.19 -33.41 -13.39
CA ARG C 333 22.79 -32.93 -14.73
C ARG C 333 23.72 -33.47 -15.71
N ALA C 334 25.04 -33.46 -15.42
CA ALA C 334 25.95 -33.96 -16.48
C ALA C 334 25.69 -35.41 -16.72
N MET C 335 25.43 -36.18 -15.62
CA MET C 335 25.19 -37.52 -15.72
C MET C 335 23.96 -37.86 -16.52
N THR C 336 22.85 -37.14 -16.27
CA THR C 336 21.67 -37.40 -16.95
C THR C 336 21.77 -37.15 -18.43
N LYS C 337 22.50 -36.10 -18.78
CA LYS C 337 22.72 -35.63 -20.12
C LYS C 337 23.42 -36.66 -20.88
N LEU C 338 24.41 -37.33 -20.18
CA LEU C 338 25.24 -38.40 -20.72
C LEU C 338 24.50 -39.64 -21.04
N GLN C 339 23.52 -39.98 -20.11
CA GLN C 339 22.65 -41.14 -20.24
C GLN C 339 21.75 -40.96 -21.50
N GLN C 340 21.34 -39.70 -21.64
CA GLN C 340 20.51 -39.38 -22.78
C GLN C 340 21.24 -39.47 -24.16
N ARG C 341 22.54 -38.96 -24.20
CA ARG C 341 23.43 -38.89 -25.32
C ARG C 341 23.78 -40.34 -25.72
N ILE C 342 23.94 -41.20 -24.64
CA ILE C 342 24.29 -42.60 -24.70
C ILE C 342 23.27 -43.41 -25.46
N LYS C 343 21.97 -42.99 -25.33
CA LYS C 343 20.87 -43.63 -25.97
C LYS C 343 20.61 -44.87 -25.24
N PHE C 344 20.47 -44.65 -23.95
CA PHE C 344 20.06 -45.58 -22.94
C PHE C 344 18.66 -45.97 -23.20
N PRO C 345 17.74 -45.12 -23.61
CA PRO C 345 16.36 -45.57 -24.04
C PRO C 345 16.34 -46.36 -25.33
N SER C 346 15.14 -46.56 -25.91
CA SER C 346 14.82 -47.19 -27.15
C SER C 346 13.73 -46.37 -27.83
N TRP C 347 13.87 -46.12 -29.14
CA TRP C 347 13.07 -45.15 -29.79
C TRP C 347 12.69 -45.60 -31.20
N SER C 348 11.77 -44.83 -31.75
CA SER C 348 11.28 -44.89 -33.07
C SER C 348 12.31 -44.27 -34.07
N SER C 349 12.26 -44.74 -35.31
CA SER C 349 13.11 -44.38 -36.41
C SER C 349 12.79 -42.93 -36.82
N SER C 350 11.52 -42.51 -36.74
CA SER C 350 11.03 -41.16 -37.26
C SER C 350 10.83 -40.18 -36.23
N ALA C 351 11.30 -40.49 -35.01
CA ALA C 351 11.14 -39.67 -33.89
C ALA C 351 12.33 -39.76 -32.98
N MET C 352 12.40 -38.82 -31.95
CA MET C 352 13.57 -38.73 -31.17
C MET C 352 13.06 -38.21 -29.90
N HIS C 353 13.89 -38.32 -28.87
CA HIS C 353 13.71 -38.09 -27.49
C HIS C 353 12.65 -37.15 -27.11
N VAL C 354 11.84 -37.56 -26.13
CA VAL C 354 11.01 -36.58 -25.54
C VAL C 354 11.30 -36.96 -24.09
N ASN C 355 12.28 -36.26 -23.54
CA ASN C 355 12.74 -36.48 -22.21
C ASN C 355 12.92 -35.17 -21.48
N ILE C 356 12.26 -35.04 -20.34
CA ILE C 356 12.26 -33.78 -19.64
C ILE C 356 12.79 -34.08 -18.25
N GLY C 357 13.40 -33.14 -17.51
CA GLY C 357 13.83 -33.32 -16.17
C GLY C 357 13.39 -32.12 -15.46
N ARG C 358 12.96 -32.25 -14.17
CA ARG C 358 12.52 -31.24 -13.28
C ARG C 358 13.36 -31.38 -12.11
N ARG C 359 13.76 -30.28 -11.48
CA ARG C 359 14.55 -30.25 -10.27
C ARG C 359 13.74 -29.59 -9.26
N SER C 360 13.70 -30.01 -7.97
CA SER C 360 12.97 -29.47 -6.85
C SER C 360 13.78 -29.66 -5.60
N PRO C 361 13.48 -28.75 -4.64
CA PRO C 361 14.00 -28.95 -3.33
C PRO C 361 12.98 -29.80 -2.51
N TYR C 362 12.67 -29.43 -1.21
CA TYR C 362 11.75 -30.10 -0.36
C TYR C 362 11.05 -29.01 0.48
N LEU C 363 10.07 -29.33 1.36
CA LEU C 363 9.17 -28.41 2.11
C LEU C 363 9.96 -27.98 3.38
N PRO C 364 10.26 -26.68 3.61
CA PRO C 364 10.89 -26.06 4.71
C PRO C 364 10.46 -26.50 6.08
N LEU C 365 9.13 -26.57 6.26
CA LEU C 365 8.58 -26.93 7.55
C LEU C 365 8.74 -28.45 7.99
N GLN C 366 9.05 -29.34 7.09
CA GLN C 366 9.54 -30.64 7.49
C GLN C 366 11.06 -30.60 7.36
N PRO C 367 11.80 -31.19 8.27
CA PRO C 367 13.30 -31.16 8.25
C PRO C 367 13.79 -31.71 6.90
N ASN C 368 14.44 -30.89 6.10
CA ASN C 368 14.97 -31.27 4.81
C ASN C 368 16.05 -32.20 4.88
N GLU C 369 16.18 -33.16 3.89
CA GLU C 369 17.33 -34.01 3.76
C GLU C 369 18.10 -33.49 2.57
N ASN C 370 19.33 -33.84 2.47
CA ASN C 370 20.23 -33.42 1.42
C ASN C 370 20.45 -34.56 0.48
N GLU C 371 19.81 -35.67 0.90
CA GLU C 371 19.95 -36.94 0.23
C GLU C 371 19.06 -37.00 -1.07
N VAL C 372 19.69 -37.21 -2.28
CA VAL C 372 18.92 -37.20 -3.53
C VAL C 372 17.81 -38.26 -3.64
N SER C 373 16.67 -37.86 -4.15
CA SER C 373 15.56 -38.68 -4.30
C SER C 373 14.94 -38.34 -5.62
N GLY C 374 14.00 -39.22 -6.07
CA GLY C 374 13.39 -38.78 -7.40
C GLY C 374 12.15 -39.50 -7.69
N MET C 375 11.36 -38.99 -8.63
CA MET C 375 10.15 -39.59 -9.10
C MET C 375 10.35 -39.65 -10.59
N MET C 376 9.75 -40.68 -11.29
CA MET C 376 9.80 -40.94 -12.74
C MET C 376 8.40 -40.84 -13.13
N LEU C 377 8.02 -40.11 -14.18
CA LEU C 377 6.69 -40.24 -14.65
C LEU C 377 6.99 -40.64 -16.04
N SER C 378 6.56 -41.82 -16.54
CA SER C 378 6.90 -42.01 -17.97
C SER C 378 5.79 -42.64 -18.62
N ASN C 379 5.68 -42.40 -19.97
CA ASN C 379 4.69 -42.97 -20.82
C ASN C 379 5.42 -43.96 -21.71
N MET C 380 5.23 -45.26 -21.49
CA MET C 380 5.82 -46.26 -22.38
C MET C 380 4.74 -47.23 -22.83
N SER C 381 4.80 -47.69 -24.08
CA SER C 381 3.74 -48.41 -24.71
C SER C 381 3.46 -49.79 -24.17
N THR C 382 4.42 -50.34 -23.44
CA THR C 382 4.58 -51.70 -22.82
C THR C 382 3.47 -51.91 -21.81
N VAL C 383 2.92 -50.80 -21.32
CA VAL C 383 1.79 -50.70 -20.38
C VAL C 383 0.53 -51.43 -20.85
N VAL C 384 0.38 -51.55 -22.15
CA VAL C 384 -0.71 -52.18 -22.88
C VAL C 384 -0.92 -53.66 -22.50
N ASN C 385 0.19 -54.33 -22.11
CA ASN C 385 0.19 -55.76 -21.94
C ASN C 385 -0.84 -56.25 -20.91
N VAL C 386 -1.04 -55.56 -19.81
CA VAL C 386 -2.05 -55.87 -18.84
C VAL C 386 -3.38 -55.73 -19.44
N PHE C 387 -3.60 -54.66 -20.24
CA PHE C 387 -4.93 -54.42 -20.75
C PHE C 387 -5.38 -55.53 -21.71
N GLU C 388 -4.47 -56.08 -22.55
CA GLU C 388 -4.63 -57.21 -23.37
C GLU C 388 -4.88 -58.45 -22.55
N ASN C 389 -4.21 -58.64 -21.39
CA ASN C 389 -4.44 -59.89 -20.59
C ASN C 389 -5.91 -59.91 -20.14
N ALA C 390 -6.39 -58.77 -19.69
CA ALA C 390 -7.76 -58.62 -19.20
C ALA C 390 -8.85 -58.82 -20.24
N CYS C 391 -8.64 -58.34 -21.41
CA CYS C 391 -9.42 -58.53 -22.57
C CYS C 391 -9.46 -59.94 -22.98
N ASN C 392 -8.30 -60.69 -22.93
CA ASN C 392 -8.20 -62.12 -23.22
C ASN C 392 -9.07 -62.87 -22.19
N THR C 393 -8.99 -62.57 -20.86
CA THR C 393 -9.70 -63.27 -19.81
C THR C 393 -11.18 -63.10 -20.01
N PHE C 394 -11.57 -61.88 -20.36
CA PHE C 394 -12.98 -61.52 -20.60
C PHE C 394 -13.51 -62.38 -21.82
N ASP C 395 -12.69 -62.53 -22.89
CA ASP C 395 -13.09 -63.23 -24.08
C ASP C 395 -13.41 -64.61 -23.80
N LYS C 396 -12.58 -65.28 -22.98
CA LYS C 396 -12.79 -66.62 -22.60
C LYS C 396 -14.09 -66.89 -21.83
N VAL C 397 -14.34 -65.97 -20.86
CA VAL C 397 -15.53 -66.13 -20.03
C VAL C 397 -16.80 -66.00 -20.86
N PHE C 398 -16.72 -65.02 -21.88
CA PHE C 398 -17.73 -64.69 -22.87
C PHE C 398 -18.02 -65.84 -23.79
N ALA C 399 -16.94 -66.50 -24.26
CA ALA C 399 -16.88 -67.58 -25.15
C ALA C 399 -17.61 -68.80 -24.63
N LYS C 400 -17.44 -69.14 -23.33
CA LYS C 400 -18.17 -70.23 -22.63
C LYS C 400 -19.65 -69.81 -22.49
N GLY C 401 -19.90 -68.50 -22.33
CA GLY C 401 -21.12 -67.87 -22.19
C GLY C 401 -21.56 -68.18 -20.76
N ALA C 402 -20.65 -67.97 -19.75
CA ALA C 402 -20.85 -68.36 -18.32
C ALA C 402 -20.69 -67.13 -17.50
N PHE C 403 -21.67 -66.92 -16.66
CA PHE C 403 -21.73 -65.92 -15.62
C PHE C 403 -21.88 -64.53 -16.21
N LEU C 404 -22.52 -64.52 -17.37
CA LEU C 404 -23.06 -63.37 -17.93
C LEU C 404 -24.38 -62.94 -17.35
N ASN C 405 -25.13 -63.92 -16.72
CA ASN C 405 -26.56 -63.88 -16.41
C ASN C 405 -27.03 -62.60 -15.60
N ASN C 406 -26.29 -62.28 -14.57
CA ASN C 406 -26.60 -61.13 -13.69
C ASN C 406 -26.48 -59.88 -14.46
N TYR C 407 -25.52 -59.73 -15.42
CA TYR C 407 -25.39 -58.58 -16.29
C TYR C 407 -26.52 -58.44 -17.17
N ASN C 408 -26.91 -59.63 -17.68
CA ASN C 408 -28.04 -59.70 -18.51
C ASN C 408 -29.37 -59.25 -18.02
N VAL C 409 -29.54 -59.47 -16.68
CA VAL C 409 -30.69 -59.08 -15.93
C VAL C 409 -30.93 -57.60 -15.99
N GLY C 410 -29.82 -56.81 -16.07
CA GLY C 410 -29.82 -55.35 -16.14
C GLY C 410 -30.37 -55.04 -17.48
N ASP C 411 -31.27 -54.05 -17.63
CA ASP C 411 -32.04 -53.69 -18.85
C ASP C 411 -31.03 -53.27 -19.97
N LEU C 412 -29.95 -52.60 -19.51
CA LEU C 412 -28.88 -52.00 -20.30
C LEU C 412 -28.16 -53.06 -21.07
N PHE C 413 -27.94 -54.27 -20.45
CA PHE C 413 -27.32 -55.38 -21.13
C PHE C 413 -28.27 -56.54 -21.33
N GLN C 414 -29.56 -56.29 -21.47
CA GLN C 414 -30.62 -57.23 -21.69
C GLN C 414 -30.51 -57.77 -23.08
N SER C 415 -30.19 -56.91 -24.11
CA SER C 415 -30.08 -57.15 -25.56
C SER C 415 -28.89 -58.11 -25.76
N MET C 416 -27.82 -57.84 -24.94
CA MET C 416 -26.58 -58.55 -24.93
C MET C 416 -25.65 -57.64 -24.21
N GLN C 417 -24.48 -58.16 -23.79
CA GLN C 417 -23.31 -57.48 -23.27
C GLN C 417 -22.56 -57.00 -24.52
N ASN C 418 -23.26 -56.33 -25.46
CA ASN C 418 -22.67 -55.89 -26.73
C ASN C 418 -21.68 -54.82 -26.51
N VAL C 419 -21.93 -53.91 -25.57
CA VAL C 419 -21.19 -52.73 -25.21
C VAL C 419 -19.78 -53.12 -24.79
N GLN C 420 -19.70 -54.27 -24.04
CA GLN C 420 -18.51 -54.95 -23.64
C GLN C 420 -17.82 -55.51 -24.80
N ASP C 421 -18.54 -56.13 -25.80
CA ASP C 421 -17.86 -56.77 -26.93
C ASP C 421 -17.13 -55.76 -27.77
N GLU C 422 -17.80 -54.60 -27.99
CA GLU C 422 -17.31 -53.48 -28.74
C GLU C 422 -16.17 -52.89 -28.09
N PHE C 423 -16.19 -52.73 -26.73
CA PHE C 423 -15.00 -52.19 -26.11
C PHE C 423 -13.75 -53.05 -26.26
N ALA C 424 -13.89 -54.39 -26.11
CA ALA C 424 -12.84 -55.33 -26.13
C ALA C 424 -12.06 -55.28 -27.43
N GLU C 425 -12.75 -55.16 -28.52
CA GLU C 425 -12.25 -55.06 -29.86
C GLU C 425 -11.53 -53.77 -30.08
N SER C 426 -12.15 -52.70 -29.52
CA SER C 426 -11.72 -51.30 -29.54
C SER C 426 -10.43 -51.07 -28.78
N ARG C 427 -10.31 -51.73 -27.55
CA ARG C 427 -9.04 -51.65 -26.85
C ARG C 427 -7.89 -52.35 -27.60
N GLU C 428 -8.11 -53.46 -28.30
CA GLU C 428 -7.08 -54.14 -29.05
C GLU C 428 -6.65 -53.20 -30.17
N VAL C 429 -7.59 -52.44 -30.86
CA VAL C 429 -7.34 -51.60 -31.99
C VAL C 429 -6.47 -50.49 -31.55
N VAL C 430 -6.60 -49.92 -30.34
CA VAL C 430 -5.68 -48.88 -29.72
C VAL C 430 -4.32 -49.43 -29.50
N GLN C 431 -4.34 -50.69 -29.01
CA GLN C 431 -3.10 -51.43 -28.70
C GLN C 431 -2.22 -51.64 -29.92
N SER C 432 -2.92 -52.00 -31.04
CA SER C 432 -2.32 -52.18 -32.37
C SER C 432 -1.74 -50.90 -32.82
N LEU C 433 -2.41 -49.72 -32.63
CA LEU C 433 -1.97 -48.37 -33.08
C LEU C 433 -0.75 -47.86 -32.40
N MET C 434 -0.68 -48.19 -31.10
CA MET C 434 0.33 -47.84 -30.11
C MET C 434 1.66 -48.45 -30.53
N GLU C 435 1.64 -49.70 -31.06
CA GLU C 435 2.69 -50.46 -31.66
C GLU C 435 3.19 -49.92 -32.94
N ASP C 436 2.28 -49.37 -33.79
CA ASP C 436 2.71 -48.85 -35.10
C ASP C 436 3.61 -47.68 -34.87
N TYR C 437 3.39 -46.93 -33.76
CA TYR C 437 4.07 -45.73 -33.37
C TYR C 437 5.60 -45.96 -33.08
N VAL C 438 5.95 -47.22 -32.62
CA VAL C 438 7.18 -47.60 -32.19
C VAL C 438 8.23 -47.62 -33.20
N ALA C 439 7.84 -47.91 -34.46
CA ALA C 439 8.81 -48.02 -35.61
C ALA C 439 8.51 -47.05 -36.67
N ALA C 440 8.80 -47.35 -37.91
CA ALA C 440 8.65 -46.46 -39.03
C ALA C 440 7.27 -46.07 -39.36
N GLU C 441 6.35 -47.02 -39.06
CA GLU C 441 4.96 -47.01 -39.42
C GLU C 441 4.19 -45.84 -38.90
N GLN C 442 4.76 -45.16 -37.87
CA GLN C 442 4.22 -44.08 -37.20
C GLN C 442 3.81 -42.98 -38.06
N ASP C 443 4.56 -42.58 -39.13
CA ASP C 443 4.15 -41.66 -40.15
C ASP C 443 3.08 -42.40 -40.94
N SER C 444 1.88 -41.76 -40.89
CA SER C 444 0.72 -42.33 -41.37
C SER C 444 0.08 -41.27 -42.26
N TYR C 445 0.87 -40.22 -42.59
CA TYR C 445 0.55 -39.26 -43.60
C TYR C 445 0.64 -39.89 -45.03
N MET D 1 -36.93 5.97 18.04
CA MET D 1 -37.22 6.50 16.63
C MET D 1 -38.70 6.41 16.29
N GLY D 2 -39.47 5.43 16.85
CA GLY D 2 -40.87 5.26 16.70
C GLY D 2 -41.26 4.71 15.31
N GLY D 3 -42.60 4.69 15.07
CA GLY D 3 -43.17 4.19 13.86
C GLY D 3 -43.50 2.79 14.08
N GLU D 4 -44.62 2.67 14.79
CA GLU D 4 -44.94 1.37 15.40
C GLU D 4 -45.52 0.39 14.48
N ILE D 5 -45.28 -0.93 14.76
CA ILE D 5 -45.82 -2.08 14.00
C ILE D 5 -46.46 -2.86 15.12
N ILE D 6 -47.69 -3.35 14.81
CA ILE D 6 -48.47 -4.16 15.80
C ILE D 6 -48.56 -5.56 15.22
N THR D 7 -48.30 -6.60 16.04
CA THR D 7 -48.26 -8.00 15.68
C THR D 7 -49.48 -8.72 16.28
N LEU D 8 -50.12 -9.51 15.45
CA LEU D 8 -51.36 -10.22 15.75
C LEU D 8 -50.91 -11.68 15.71
N GLN D 9 -51.19 -12.43 16.72
CA GLN D 9 -50.83 -13.82 16.85
C GLN D 9 -52.18 -14.53 16.87
N ALA D 10 -52.30 -15.51 15.93
CA ALA D 10 -53.49 -16.29 15.81
C ALA D 10 -53.08 -17.79 15.72
N GLY D 11 -53.85 -18.65 16.36
CA GLY D 11 -53.59 -20.10 16.47
C GLY D 11 -52.51 -20.38 17.44
N GLN D 12 -52.28 -21.67 17.63
CA GLN D 12 -51.27 -22.10 18.61
C GLN D 12 -49.95 -21.67 18.15
N CYS D 13 -49.63 -21.96 16.85
CA CYS D 13 -48.31 -21.82 16.28
C CYS D 13 -47.87 -20.40 16.26
N GLY D 14 -48.71 -19.55 15.78
CA GLY D 14 -48.57 -18.11 15.56
C GLY D 14 -48.29 -17.53 17.00
N ASN D 15 -49.04 -17.99 18.02
CA ASN D 15 -48.85 -17.52 19.38
C ASN D 15 -47.58 -17.93 20.08
N HIS D 16 -47.22 -19.22 19.75
CA HIS D 16 -46.10 -19.91 20.22
C HIS D 16 -44.84 -19.29 19.77
N VAL D 17 -44.76 -19.00 18.46
CA VAL D 17 -43.63 -18.27 17.89
C VAL D 17 -43.56 -16.89 18.38
N GLY D 18 -44.71 -16.22 18.49
CA GLY D 18 -44.86 -14.80 18.86
C GLY D 18 -44.35 -14.57 20.21
N LYS D 19 -44.64 -15.51 21.16
CA LYS D 19 -44.12 -15.56 22.52
C LYS D 19 -42.53 -15.73 22.52
N PHE D 20 -41.96 -16.61 21.70
CA PHE D 20 -40.55 -16.78 21.54
C PHE D 20 -39.90 -15.58 20.97
N LEU D 21 -40.59 -14.92 20.01
CA LEU D 21 -40.00 -13.75 19.33
C LEU D 21 -39.77 -12.75 20.33
N TRP D 22 -40.75 -12.50 21.25
CA TRP D 22 -40.55 -11.39 22.18
C TRP D 22 -39.42 -11.67 23.13
N SER D 23 -39.31 -12.93 23.57
CA SER D 23 -38.25 -13.35 24.50
C SER D 23 -36.86 -13.13 23.91
N GLN D 24 -36.68 -13.43 22.63
CA GLN D 24 -35.43 -13.41 21.91
C GLN D 24 -34.90 -11.97 21.79
N LEU D 25 -35.87 -11.08 21.44
CA LEU D 25 -35.56 -9.67 21.31
C LEU D 25 -35.21 -9.03 22.64
N ALA D 26 -35.94 -9.39 23.72
CA ALA D 26 -35.65 -8.73 24.94
C ALA D 26 -34.32 -8.93 25.51
N LYS D 27 -33.96 -10.26 25.45
CA LYS D 27 -32.74 -10.80 25.88
C LYS D 27 -31.62 -10.21 25.06
N GLU D 28 -31.78 -10.06 23.67
CA GLU D 28 -30.79 -9.61 22.81
C GLU D 28 -30.51 -8.14 23.11
N HIS D 29 -31.51 -7.28 23.47
CA HIS D 29 -31.22 -5.90 23.65
C HIS D 29 -31.11 -5.56 25.04
N ALA D 30 -30.77 -6.49 25.99
CA ALA D 30 -30.43 -6.23 27.35
C ALA D 30 -31.60 -5.61 28.12
N ILE D 31 -32.92 -5.94 27.85
CA ILE D 31 -34.14 -5.37 28.39
C ILE D 31 -34.75 -6.48 29.19
N GLY D 32 -34.10 -7.68 29.14
CA GLY D 32 -34.43 -8.59 30.21
C GLY D 32 -35.50 -9.50 29.72
N THR D 33 -36.63 -9.67 30.45
CA THR D 33 -37.65 -10.63 30.10
C THR D 33 -38.86 -10.24 30.98
N ASP D 34 -38.65 -9.18 31.80
CA ASP D 34 -39.70 -8.51 32.54
C ASP D 34 -39.93 -7.15 31.97
N GLY D 35 -39.04 -6.68 31.05
CA GLY D 35 -39.14 -5.52 30.21
C GLY D 35 -38.38 -4.44 30.90
N LEU D 36 -37.84 -4.60 32.11
CA LEU D 36 -37.11 -3.50 32.73
C LEU D 36 -35.76 -3.50 32.10
N SER D 37 -35.42 -2.37 31.52
CA SER D 37 -34.39 -2.05 30.63
C SER D 37 -32.97 -2.42 31.13
N GLN D 38 -31.94 -1.98 30.34
CA GLN D 38 -30.56 -2.25 30.64
C GLN D 38 -30.07 -1.57 31.90
N LEU D 39 -29.16 -2.11 32.73
CA LEU D 39 -28.66 -1.45 33.95
C LEU D 39 -27.34 -0.80 33.67
N PRO D 40 -26.27 -1.40 33.09
CA PRO D 40 -25.03 -0.68 32.88
C PRO D 40 -25.09 0.24 31.70
N ASP D 41 -25.17 1.62 31.88
CA ASP D 41 -25.34 2.46 30.76
C ASP D 41 -24.53 3.70 31.16
N SER D 42 -23.54 4.18 30.33
CA SER D 42 -22.93 5.45 30.54
C SER D 42 -23.81 6.46 29.91
N SER D 43 -24.24 6.23 28.72
CA SER D 43 -25.08 6.96 27.87
C SER D 43 -24.96 6.21 26.62
N THR D 44 -25.65 5.06 26.55
CA THR D 44 -25.45 4.15 25.45
C THR D 44 -26.84 3.91 24.84
N GLU D 45 -26.80 3.52 23.53
CA GLU D 45 -27.98 3.18 22.73
C GLU D 45 -27.48 2.06 21.94
N ARG D 46 -28.07 0.88 22.04
CA ARG D 46 -27.69 -0.13 21.03
C ARG D 46 -28.62 -0.40 19.92
N ASP D 47 -29.87 0.05 20.00
CA ASP D 47 -30.92 -0.24 19.03
C ASP D 47 -32.10 0.77 19.30
N ASP D 48 -33.01 0.83 18.33
CA ASP D 48 -34.31 1.40 18.47
C ASP D 48 -35.38 0.38 18.02
N ASP D 49 -35.29 -0.91 18.47
CA ASP D 49 -36.28 -1.95 18.34
C ASP D 49 -37.48 -1.59 19.25
N THR D 50 -37.14 -0.92 20.36
CA THR D 50 -37.94 -0.67 21.48
C THR D 50 -39.23 0.03 21.16
N LYS D 51 -39.21 1.24 20.66
CA LYS D 51 -40.41 1.93 20.48
C LYS D 51 -41.33 1.32 19.45
N PRO D 52 -41.00 0.88 18.28
CA PRO D 52 -41.96 0.21 17.40
C PRO D 52 -42.66 -1.08 17.90
N PHE D 53 -41.83 -2.00 18.50
CA PHE D 53 -42.47 -3.24 18.89
C PHE D 53 -43.13 -3.17 20.23
N PHE D 54 -42.47 -2.36 21.08
CA PHE D 54 -42.74 -2.35 22.55
C PHE D 54 -43.10 -0.96 22.94
N ARG D 55 -43.75 -0.84 24.11
CA ARG D 55 -44.03 0.39 24.69
C ARG D 55 -43.70 0.21 26.21
N GLU D 56 -43.42 1.31 26.96
CA GLU D 56 -42.94 1.34 28.31
C GLU D 56 -43.95 1.90 29.27
N ASN D 57 -44.15 1.28 30.43
CA ASN D 57 -45.01 1.77 31.49
C ASN D 57 -44.46 3.00 32.18
N CYS D 58 -44.85 3.23 33.39
CA CYS D 58 -44.33 4.34 34.12
C CYS D 58 -43.30 3.75 35.04
N ARG D 59 -42.64 2.63 34.66
CA ARG D 59 -41.59 2.08 35.47
C ARG D 59 -40.49 1.61 34.56
N ASN D 60 -40.60 1.93 33.24
CA ASN D 60 -39.71 1.55 32.27
C ASN D 60 -39.71 0.08 31.95
N LYS D 61 -40.87 -0.61 32.02
CA LYS D 61 -41.00 -2.08 31.74
C LYS D 61 -41.69 -2.16 30.45
N PHE D 62 -40.91 -2.52 29.36
CA PHE D 62 -41.40 -2.48 28.01
C PHE D 62 -42.22 -3.73 27.83
N THR D 63 -43.37 -3.68 27.08
CA THR D 63 -44.29 -4.79 26.72
C THR D 63 -44.50 -4.72 25.20
N PRO D 64 -44.64 -5.87 24.40
CA PRO D 64 -44.85 -5.84 22.97
C PRO D 64 -46.30 -5.39 22.82
N ARG D 65 -46.51 -4.55 21.75
CA ARG D 65 -47.73 -3.97 21.34
C ARG D 65 -48.27 -4.95 20.39
N ALA D 66 -48.85 -5.99 21.01
CA ALA D 66 -49.14 -7.23 20.43
C ALA D 66 -50.46 -7.75 20.87
N ILE D 67 -51.19 -8.47 20.00
CA ILE D 67 -52.50 -9.00 20.20
C ILE D 67 -52.28 -10.49 20.05
N MET D 68 -52.79 -11.23 21.04
CA MET D 68 -52.76 -12.66 21.17
C MET D 68 -54.26 -13.01 21.09
N MET D 69 -54.51 -13.96 20.17
CA MET D 69 -55.85 -14.45 19.98
C MET D 69 -55.77 -15.92 19.86
N ASP D 70 -56.72 -16.59 20.45
CA ASP D 70 -56.88 -18.09 20.51
C ASP D 70 -57.94 -18.46 21.54
N SER D 71 -57.83 -19.66 22.11
CA SER D 71 -58.49 -20.04 23.34
C SER D 71 -57.51 -19.83 24.46
N GLU D 72 -57.70 -20.63 25.55
CA GLU D 72 -56.96 -20.61 26.81
C GLU D 72 -55.46 -21.02 26.86
N PRO D 73 -54.96 -22.09 26.25
CA PRO D 73 -53.73 -22.79 26.47
C PRO D 73 -52.50 -21.95 26.30
N SER D 74 -52.32 -21.13 25.20
CA SER D 74 -51.12 -20.36 24.94
C SER D 74 -51.06 -19.30 25.90
N VAL D 75 -52.24 -18.68 26.17
CA VAL D 75 -52.28 -17.58 27.15
C VAL D 75 -51.81 -17.99 28.55
N ILE D 76 -52.26 -19.18 28.94
CA ILE D 76 -51.91 -19.84 30.23
C ILE D 76 -50.42 -20.17 30.27
N ALA D 77 -49.75 -20.68 29.18
CA ALA D 77 -48.36 -21.05 29.14
C ALA D 77 -47.49 -19.89 29.40
N ASP D 78 -47.80 -18.69 28.81
CA ASP D 78 -47.11 -17.33 28.93
C ASP D 78 -47.23 -16.82 30.40
N VAL D 79 -48.38 -17.10 31.02
CA VAL D 79 -48.57 -16.76 32.39
C VAL D 79 -47.68 -17.58 33.36
N GLU D 80 -47.31 -18.84 33.08
CA GLU D 80 -46.39 -19.72 33.91
C GLU D 80 -45.01 -19.23 33.86
N ASN D 81 -44.64 -18.71 32.69
CA ASN D 81 -43.38 -18.12 32.53
C ASN D 81 -43.46 -16.73 33.03
N THR D 82 -42.29 -15.99 33.20
CA THR D 82 -42.20 -14.67 33.61
C THR D 82 -42.30 -13.75 32.37
N PHE D 83 -42.90 -14.24 31.30
CA PHE D 83 -43.23 -13.51 30.10
C PHE D 83 -44.50 -12.76 30.26
N ARG D 84 -45.11 -12.77 31.41
CA ARG D 84 -46.31 -11.99 31.85
C ARG D 84 -45.75 -11.09 32.87
N GLY D 85 -46.14 -9.76 32.79
CA GLY D 85 -45.25 -8.75 33.38
C GLY D 85 -44.33 -8.45 32.25
N PHE D 86 -44.80 -8.67 31.03
CA PHE D 86 -44.07 -8.36 29.83
C PHE D 86 -45.09 -8.69 28.79
N PHE D 87 -46.38 -8.54 29.20
CA PHE D 87 -47.50 -8.80 28.28
C PHE D 87 -48.71 -7.97 28.79
N ASP D 88 -49.63 -7.53 27.86
CA ASP D 88 -50.74 -6.73 28.10
C ASP D 88 -51.89 -7.71 28.09
N PRO D 89 -52.56 -8.03 29.17
CA PRO D 89 -53.66 -8.95 29.23
C PRO D 89 -54.91 -8.48 28.44
N ARG D 90 -55.19 -7.13 28.19
CA ARG D 90 -56.30 -6.72 27.45
C ARG D 90 -56.33 -7.09 25.95
N ASN D 91 -55.18 -7.11 25.31
CA ASN D 91 -54.86 -7.58 23.99
C ASN D 91 -54.91 -9.10 23.81
N THR D 92 -54.83 -9.76 24.96
CA THR D 92 -54.81 -11.16 25.10
C THR D 92 -56.27 -11.52 25.21
N TRP D 93 -56.65 -12.45 24.31
CA TRP D 93 -58.07 -12.80 24.02
C TRP D 93 -58.12 -14.31 24.18
N VAL D 94 -59.03 -14.79 25.01
CA VAL D 94 -59.19 -16.14 25.35
C VAL D 94 -60.64 -16.27 25.07
N ALA D 95 -60.95 -17.24 24.17
CA ALA D 95 -62.24 -17.51 23.64
C ALA D 95 -63.11 -18.24 24.70
N SER D 96 -64.49 -17.88 24.92
CA SER D 96 -65.35 -18.43 25.98
C SER D 96 -66.80 -18.44 25.53
N ASP D 97 -66.96 -18.32 24.18
CA ASP D 97 -68.23 -18.17 23.47
C ASP D 97 -68.49 -19.25 22.54
N GLY D 98 -67.54 -20.20 22.46
CA GLY D 98 -67.65 -21.39 21.66
C GLY D 98 -66.28 -21.56 21.01
N ALA D 99 -65.81 -22.85 20.92
CA ALA D 99 -64.46 -23.15 20.65
C ALA D 99 -64.34 -24.50 20.04
N SER D 100 -65.42 -24.99 19.45
CA SER D 100 -65.38 -26.21 18.64
C SER D 100 -65.54 -25.66 17.24
N ALA D 101 -64.41 -25.89 16.50
CA ALA D 101 -64.28 -25.56 15.07
C ALA D 101 -64.29 -26.82 14.42
N GLY D 102 -63.52 -27.78 14.94
CA GLY D 102 -63.51 -29.04 14.29
C GLY D 102 -62.52 -28.97 13.16
N ASN D 103 -61.82 -27.78 13.00
CA ASN D 103 -60.81 -27.50 11.94
C ASN D 103 -61.44 -26.85 10.78
N SER D 104 -62.60 -26.27 10.98
CA SER D 104 -63.33 -25.65 9.94
C SER D 104 -63.30 -24.17 10.06
N TRP D 105 -63.21 -23.49 8.90
CA TRP D 105 -63.08 -22.10 8.66
C TRP D 105 -64.34 -21.45 9.15
N ALA D 106 -65.57 -21.98 8.92
CA ALA D 106 -66.87 -21.29 9.19
C ALA D 106 -67.05 -21.05 10.66
N ASN D 107 -66.67 -22.04 11.51
CA ASN D 107 -66.66 -21.89 12.93
C ASN D 107 -65.75 -20.89 13.48
N GLY D 108 -64.52 -20.81 12.97
CA GLY D 108 -63.52 -19.81 13.45
C GLY D 108 -63.93 -18.41 13.11
N TYR D 109 -64.46 -18.27 11.90
CA TYR D 109 -64.89 -17.02 11.30
C TYR D 109 -66.07 -16.48 12.06
N ASP D 110 -67.04 -17.36 12.35
CA ASP D 110 -68.25 -17.02 13.12
C ASP D 110 -68.01 -16.59 14.58
N ILE D 111 -67.04 -17.29 15.21
CA ILE D 111 -66.66 -16.85 16.57
C ILE D 111 -66.06 -15.48 16.47
N GLY D 112 -65.27 -15.15 15.40
CA GLY D 112 -64.80 -13.88 15.09
C GLY D 112 -65.84 -12.81 14.77
N THR D 113 -66.91 -13.20 14.14
CA THR D 113 -68.06 -12.39 13.75
C THR D 113 -68.80 -11.84 14.96
N ARG D 114 -68.91 -12.72 15.99
CA ARG D 114 -69.33 -12.49 17.35
C ARG D 114 -68.07 -12.11 18.04
N ASN D 115 -68.22 -11.58 19.25
CA ASN D 115 -67.09 -11.06 20.10
C ASN D 115 -66.48 -9.88 19.32
N GLN D 116 -67.21 -9.10 18.48
CA GLN D 116 -66.85 -8.05 17.58
C GLN D 116 -66.39 -6.86 18.31
N ASP D 117 -67.13 -6.59 19.38
CA ASP D 117 -66.99 -5.56 20.35
C ASP D 117 -65.72 -5.73 21.14
N ASP D 118 -65.40 -7.01 21.55
CA ASP D 118 -64.15 -7.29 22.27
C ASP D 118 -62.94 -7.07 21.44
N ILE D 119 -62.96 -7.52 20.22
CA ILE D 119 -61.84 -7.32 19.25
C ILE D 119 -61.72 -5.83 18.86
N LEU D 120 -62.83 -5.08 18.62
CA LEU D 120 -62.72 -3.68 18.20
C LEU D 120 -62.10 -2.86 19.35
N ASN D 121 -62.35 -3.17 20.68
CA ASN D 121 -61.75 -2.56 21.83
C ASN D 121 -60.26 -2.74 21.89
N LYS D 122 -59.74 -3.97 21.63
CA LYS D 122 -58.30 -4.06 21.65
C LYS D 122 -57.65 -3.33 20.54
N ILE D 123 -58.20 -3.36 19.29
CA ILE D 123 -57.66 -2.67 18.07
C ILE D 123 -57.74 -1.21 18.35
N ASP D 124 -58.86 -0.68 18.87
CA ASP D 124 -58.92 0.76 19.11
C ASP D 124 -57.99 1.31 20.14
N LYS D 125 -57.74 0.55 21.24
CA LYS D 125 -56.81 0.88 22.27
C LYS D 125 -55.41 0.89 21.72
N GLU D 126 -55.07 -0.06 20.92
CA GLU D 126 -53.76 -0.13 20.24
C GLU D 126 -53.48 0.94 19.20
N ILE D 127 -54.41 1.31 18.39
CA ILE D 127 -54.30 2.33 17.40
C ILE D 127 -54.11 3.64 18.12
N ASP D 128 -54.89 3.98 19.24
CA ASP D 128 -54.73 5.22 19.98
C ASP D 128 -53.36 5.21 20.61
N SER D 129 -52.87 4.01 21.05
CA SER D 129 -51.57 3.82 21.67
C SER D 129 -50.45 4.05 20.66
N THR D 130 -50.66 3.93 19.42
CA THR D 130 -49.62 4.11 18.40
C THR D 130 -49.69 5.40 17.90
N ASP D 131 -48.50 6.09 18.05
CA ASP D 131 -48.23 7.44 17.59
C ASP D 131 -48.24 7.64 16.10
N ASN D 132 -47.61 6.74 15.30
CA ASN D 132 -47.70 6.87 13.88
C ASN D 132 -47.64 5.41 13.46
N PHE D 133 -48.78 4.81 13.02
CA PHE D 133 -48.76 3.38 12.62
C PHE D 133 -48.29 2.99 11.25
N GLU D 134 -47.18 2.16 11.20
CA GLU D 134 -46.84 1.70 9.85
C GLU D 134 -47.80 0.60 9.34
N GLY D 135 -48.10 -0.35 10.23
CA GLY D 135 -48.97 -1.31 9.80
C GLY D 135 -48.98 -2.53 10.70
N PHE D 136 -49.67 -3.58 10.24
CA PHE D 136 -49.95 -4.74 10.95
C PHE D 136 -49.27 -5.89 10.35
N GLN D 137 -49.00 -6.84 11.22
CA GLN D 137 -48.49 -8.17 10.87
C GLN D 137 -49.47 -9.19 11.50
N LEU D 138 -49.95 -10.14 10.72
CA LEU D 138 -50.71 -11.25 11.20
C LEU D 138 -49.85 -12.49 11.05
N LEU D 139 -49.70 -13.33 12.10
CA LEU D 139 -48.95 -14.50 12.12
C LEU D 139 -50.07 -15.56 12.25
N HIS D 140 -50.14 -16.53 11.29
CA HIS D 140 -51.20 -17.51 11.48
C HIS D 140 -51.05 -18.62 10.51
N SER D 141 -51.97 -19.65 10.63
CA SER D 141 -51.91 -20.81 9.78
C SER D 141 -53.25 -20.87 9.02
N VAL D 142 -53.20 -21.39 7.72
CA VAL D 142 -54.45 -21.56 6.99
C VAL D 142 -54.93 -22.98 7.12
N ALA D 143 -54.24 -23.88 7.90
CA ALA D 143 -54.72 -25.25 8.05
C ALA D 143 -55.51 -25.34 9.29
N GLY D 144 -55.53 -24.29 10.18
CA GLY D 144 -56.30 -24.11 11.37
C GLY D 144 -57.76 -23.95 11.07
N GLY D 145 -58.55 -24.12 12.13
CA GLY D 145 -59.93 -23.67 12.17
C GLY D 145 -59.96 -22.23 12.55
N THR D 146 -59.30 -22.02 13.70
CA THR D 146 -59.17 -20.84 14.46
C THR D 146 -58.19 -20.03 13.72
N GLY D 147 -57.01 -20.64 13.29
CA GLY D 147 -55.96 -19.98 12.64
C GLY D 147 -56.39 -19.37 11.35
N SER D 148 -57.21 -20.14 10.52
CA SER D 148 -57.80 -19.76 9.29
C SER D 148 -58.98 -18.72 9.35
N GLY D 149 -60.10 -18.99 10.06
CA GLY D 149 -61.37 -18.30 10.00
C GLY D 149 -61.26 -16.91 10.63
N LEU D 150 -60.74 -16.82 11.89
CA LEU D 150 -60.64 -15.62 12.69
C LEU D 150 -59.73 -14.63 12.08
N GLY D 151 -58.56 -15.10 11.52
CA GLY D 151 -57.55 -14.29 10.95
C GLY D 151 -58.08 -13.54 9.74
N SER D 152 -58.88 -14.31 8.90
CA SER D 152 -59.58 -13.75 7.78
C SER D 152 -60.68 -12.70 8.01
N ASN D 153 -61.44 -12.91 9.13
CA ASN D 153 -62.47 -11.99 9.66
C ASN D 153 -61.79 -10.73 10.07
N LEU D 154 -60.64 -10.73 10.83
CA LEU D 154 -59.95 -9.53 11.20
C LEU D 154 -59.37 -8.78 10.08
N LEU D 155 -58.84 -9.51 9.09
CA LEU D 155 -58.26 -8.86 7.95
C LEU D 155 -59.32 -8.01 7.15
N GLU D 156 -60.53 -8.59 6.99
CA GLU D 156 -61.67 -7.94 6.31
C GLU D 156 -62.13 -6.74 7.15
N ALA D 157 -62.22 -6.86 8.50
CA ALA D 157 -62.66 -5.73 9.37
C ALA D 157 -61.67 -4.64 9.29
N LEU D 158 -60.37 -4.92 9.35
CA LEU D 158 -59.33 -3.92 9.32
C LEU D 158 -59.24 -3.15 8.06
N CYS D 159 -59.47 -3.85 6.99
CA CYS D 159 -59.34 -3.41 5.59
C CYS D 159 -60.24 -2.25 5.45
N ASP D 160 -61.48 -2.50 5.92
CA ASP D 160 -62.56 -1.64 5.92
C ASP D 160 -62.45 -0.42 6.95
N ARG D 161 -62.04 -0.72 8.23
CA ARG D 161 -62.15 0.33 9.30
C ARG D 161 -61.31 1.47 9.10
N TYR D 162 -60.02 1.30 8.86
CA TYR D 162 -59.13 2.39 8.56
C TYR D 162 -58.30 2.01 7.33
N PRO D 163 -58.42 2.61 6.18
CA PRO D 163 -57.70 2.05 5.00
C PRO D 163 -56.67 3.08 4.69
N LYS D 164 -55.45 3.02 5.33
CA LYS D 164 -54.27 3.93 5.09
C LYS D 164 -52.97 3.15 5.47
N LYS D 165 -53.02 2.20 6.42
CA LYS D 165 -51.89 1.36 6.90
C LYS D 165 -51.72 0.06 6.20
N ILE D 166 -50.46 -0.51 6.16
CA ILE D 166 -50.04 -1.66 5.42
C ILE D 166 -50.30 -2.95 6.23
N LEU D 167 -50.74 -3.99 5.58
CA LEU D 167 -51.10 -5.19 6.27
C LEU D 167 -50.18 -6.12 5.63
N THR D 168 -49.28 -6.85 6.39
CA THR D 168 -48.29 -7.81 5.94
C THR D 168 -48.75 -9.07 6.73
N THR D 169 -48.63 -10.29 6.14
CA THR D 169 -48.96 -11.43 6.88
C THR D 169 -47.78 -12.35 6.69
N TYR D 170 -47.49 -13.25 7.70
CA TYR D 170 -46.63 -14.41 7.60
C TYR D 170 -47.55 -15.57 7.71
N SER D 171 -47.79 -16.21 6.46
CA SER D 171 -48.75 -17.25 6.39
C SER D 171 -48.19 -18.57 6.19
N VAL D 172 -48.61 -19.53 7.06
CA VAL D 172 -47.99 -20.79 7.00
C VAL D 172 -48.87 -21.58 6.12
N PHE D 173 -48.19 -22.09 5.01
CA PHE D 173 -48.71 -22.94 3.98
C PHE D 173 -48.32 -24.33 4.38
N PRO D 174 -49.04 -25.40 4.11
CA PRO D 174 -48.63 -26.83 4.40
C PRO D 174 -47.73 -27.17 3.23
N ALA D 175 -47.64 -28.49 2.96
CA ALA D 175 -47.06 -29.09 1.74
C ALA D 175 -47.59 -28.58 0.42
N ARG D 176 -46.88 -28.79 -0.70
CA ARG D 176 -47.32 -28.41 -2.04
C ARG D 176 -48.47 -29.23 -2.42
N SER D 177 -48.42 -30.55 -2.05
CA SER D 177 -49.46 -31.51 -2.38
C SER D 177 -50.47 -31.48 -1.27
N SER D 178 -51.58 -32.18 -1.49
CA SER D 178 -52.74 -32.44 -0.71
C SER D 178 -52.49 -33.66 0.13
N GLU D 179 -53.41 -33.77 1.19
CA GLU D 179 -53.36 -34.82 2.17
C GLU D 179 -54.62 -34.97 2.89
N VAL D 180 -55.61 -34.16 2.44
CA VAL D 180 -57.00 -34.14 2.92
C VAL D 180 -57.70 -33.38 1.85
N VAL D 181 -59.04 -33.53 1.79
CA VAL D 181 -59.74 -32.95 0.60
C VAL D 181 -60.32 -31.63 0.94
N VAL D 182 -60.67 -31.41 2.25
CA VAL D 182 -61.27 -30.16 2.69
C VAL D 182 -60.22 -29.02 2.71
N GLN D 183 -58.91 -29.32 2.41
CA GLN D 183 -57.76 -28.47 2.33
C GLN D 183 -58.16 -27.30 1.42
N SER D 184 -58.90 -27.61 0.32
CA SER D 184 -59.39 -26.68 -0.65
C SER D 184 -60.44 -25.60 -0.12
N TYR D 185 -61.36 -26.04 0.78
CA TYR D 185 -62.26 -25.08 1.43
C TYR D 185 -61.53 -24.17 2.28
N ASN D 186 -60.61 -24.67 3.13
CA ASN D 186 -59.82 -23.77 3.99
C ASN D 186 -58.96 -22.76 3.26
N THR D 187 -58.27 -23.34 2.24
CA THR D 187 -57.37 -22.43 1.45
C THR D 187 -58.22 -21.34 0.71
N ILE D 188 -59.36 -21.72 0.02
CA ILE D 188 -60.18 -20.88 -0.81
C ILE D 188 -60.78 -19.76 0.02
N LEU D 189 -61.39 -20.13 1.14
CA LEU D 189 -62.08 -19.23 2.00
C LEU D 189 -61.19 -18.18 2.62
N ALA D 190 -59.97 -18.50 3.07
CA ALA D 190 -58.94 -17.68 3.55
C ALA D 190 -58.33 -16.80 2.47
N LEU D 191 -58.14 -17.38 1.26
CA LEU D 191 -57.46 -16.78 0.13
C LEU D 191 -58.14 -15.55 -0.34
N ARG D 192 -59.45 -15.58 -0.22
CA ARG D 192 -60.30 -14.56 -0.71
C ARG D 192 -59.97 -13.24 0.00
N ARG D 193 -59.85 -13.39 1.36
CA ARG D 193 -59.36 -12.37 2.30
C ARG D 193 -57.91 -12.04 2.12
N LEU D 194 -57.06 -13.10 1.83
CA LEU D 194 -55.71 -12.78 1.54
C LEU D 194 -55.40 -11.90 0.30
N ILE D 195 -56.10 -12.11 -0.87
CA ILE D 195 -55.90 -11.29 -2.01
C ILE D 195 -56.40 -9.83 -1.89
N GLU D 196 -57.63 -9.73 -1.38
CA GLU D 196 -58.21 -8.45 -1.40
C GLU D 196 -57.68 -7.63 -0.23
N ASP D 197 -57.67 -8.20 1.03
CA ASP D 197 -57.40 -7.43 2.27
C ASP D 197 -55.94 -7.23 2.63
N SER D 198 -55.06 -7.99 1.95
CA SER D 198 -53.62 -7.84 2.27
C SER D 198 -52.91 -6.93 1.28
N ASP D 199 -51.75 -6.42 1.67
CA ASP D 199 -50.95 -5.49 0.91
C ASP D 199 -49.71 -6.27 0.72
N ALA D 200 -49.34 -7.22 1.64
CA ALA D 200 -48.19 -8.05 1.49
C ALA D 200 -48.38 -9.52 2.11
N THR D 201 -47.86 -10.64 1.49
CA THR D 201 -48.09 -11.94 2.04
C THR D 201 -46.74 -12.66 2.08
N VAL D 202 -46.20 -13.14 3.18
CA VAL D 202 -44.98 -13.97 3.16
C VAL D 202 -45.36 -15.47 3.19
N VAL D 203 -45.07 -16.26 2.19
CA VAL D 203 -45.43 -17.66 2.18
C VAL D 203 -44.36 -18.49 2.86
N PHE D 204 -44.77 -19.34 3.85
CA PHE D 204 -43.87 -20.26 4.54
C PHE D 204 -44.31 -21.68 4.18
N ASP D 205 -43.48 -22.37 3.37
CA ASP D 205 -43.91 -23.72 2.94
C ASP D 205 -43.31 -24.70 3.96
N ASN D 206 -44.19 -25.45 4.63
CA ASN D 206 -43.88 -26.23 5.79
C ASN D 206 -42.88 -27.35 5.46
N ALA D 207 -42.84 -27.87 4.24
CA ALA D 207 -41.93 -28.96 3.81
C ALA D 207 -40.50 -28.58 3.98
N SER D 208 -40.26 -27.37 3.53
CA SER D 208 -39.05 -26.72 3.48
C SER D 208 -38.67 -26.39 4.89
N LEU D 209 -39.55 -25.92 5.77
CA LEU D 209 -39.38 -25.56 7.13
C LEU D 209 -38.97 -26.77 7.90
N LEU D 210 -39.51 -28.02 7.65
CA LEU D 210 -39.15 -29.29 8.29
C LEU D 210 -37.75 -29.64 7.96
N ASN D 211 -37.31 -29.42 6.73
CA ASN D 211 -36.02 -29.93 6.37
C ASN D 211 -34.95 -29.32 7.25
N ILE D 212 -34.99 -27.99 7.48
CA ILE D 212 -34.06 -27.26 8.39
C ILE D 212 -34.28 -27.68 9.79
N SER D 213 -35.56 -27.88 10.20
CA SER D 213 -35.91 -28.21 11.57
C SER D 213 -35.28 -29.55 11.99
N GLY D 214 -35.40 -30.63 11.13
CA GLY D 214 -34.67 -31.87 11.43
C GLY D 214 -33.19 -31.67 11.28
N LYS D 215 -32.78 -31.11 10.08
CA LYS D 215 -31.31 -31.03 9.73
C LYS D 215 -30.50 -30.03 10.49
N VAL D 216 -30.88 -28.77 10.48
CA VAL D 216 -30.03 -27.77 11.13
C VAL D 216 -30.08 -27.84 12.65
N PHE D 217 -31.26 -27.82 13.32
CA PHE D 217 -31.29 -27.75 14.79
C PHE D 217 -30.89 -29.11 15.42
N ARG D 218 -31.17 -30.23 14.75
CA ARG D 218 -30.81 -31.57 15.17
C ARG D 218 -31.55 -31.89 16.36
N ASN D 219 -32.56 -32.79 16.14
CA ASN D 219 -33.22 -33.41 17.25
C ASN D 219 -33.65 -34.71 16.65
N PRO D 220 -33.64 -35.86 17.35
CA PRO D 220 -34.06 -37.12 16.76
C PRO D 220 -35.50 -37.13 16.66
N ASN D 221 -36.15 -36.29 17.40
CA ASN D 221 -37.55 -36.27 17.40
C ASN D 221 -37.94 -34.84 17.26
N ILE D 222 -38.72 -34.42 16.25
CA ILE D 222 -39.01 -32.98 16.05
C ILE D 222 -40.34 -32.82 16.69
N ASP D 223 -40.49 -31.71 17.42
CA ASP D 223 -41.65 -31.33 18.13
C ASP D 223 -42.12 -30.05 17.47
N LEU D 224 -43.38 -29.65 17.61
CA LEU D 224 -43.93 -28.40 17.05
C LEU D 224 -43.17 -27.26 17.79
N GLN D 225 -42.88 -27.43 19.13
CA GLN D 225 -42.16 -26.51 20.00
C GLN D 225 -40.78 -26.29 19.53
N HIS D 226 -40.16 -27.36 19.05
CA HIS D 226 -38.82 -27.24 18.61
C HIS D 226 -38.65 -26.36 17.45
N THR D 227 -39.58 -26.56 16.53
CA THR D 227 -39.61 -25.93 15.22
C THR D 227 -39.85 -24.45 15.26
N ASN D 228 -40.62 -23.98 16.20
CA ASN D 228 -40.98 -22.58 16.44
C ASN D 228 -39.74 -21.74 16.77
N GLN D 229 -38.66 -22.37 17.35
CA GLN D 229 -37.40 -21.68 17.60
C GLN D 229 -36.78 -21.22 16.31
N LEU D 230 -36.89 -22.03 15.26
CA LEU D 230 -36.39 -21.71 13.93
C LEU D 230 -37.11 -20.59 13.29
N ILE D 231 -38.45 -20.57 13.36
CA ILE D 231 -39.33 -19.61 12.81
C ILE D 231 -39.14 -18.25 13.43
N SER D 232 -38.97 -18.25 14.78
CA SER D 232 -38.73 -16.99 15.52
C SER D 232 -37.37 -16.38 15.01
N THR D 233 -36.32 -17.17 14.70
CA THR D 233 -35.07 -16.59 14.20
C THR D 233 -35.26 -15.94 12.92
N ILE D 234 -36.04 -16.60 12.02
CA ILE D 234 -36.27 -16.16 10.64
C ILE D 234 -37.08 -14.85 10.60
N ILE D 235 -38.20 -14.82 11.34
CA ILE D 235 -39.10 -13.72 11.51
C ILE D 235 -38.37 -12.56 12.16
N SER D 236 -37.51 -12.75 13.15
CA SER D 236 -36.78 -11.67 13.83
C SER D 236 -35.84 -10.98 12.86
N SER D 237 -35.10 -11.73 12.01
CA SER D 237 -34.18 -11.19 11.12
C SER D 237 -34.85 -10.33 10.04
N VAL D 238 -36.08 -10.60 9.50
CA VAL D 238 -36.50 -9.74 8.35
C VAL D 238 -36.68 -8.24 8.77
N THR D 239 -37.04 -7.97 10.07
CA THR D 239 -37.30 -6.62 10.52
C THR D 239 -36.03 -5.84 10.75
N ASN D 240 -34.86 -6.52 10.81
CA ASN D 240 -33.68 -5.91 11.38
C ASN D 240 -33.36 -4.55 10.80
N SER D 241 -33.44 -4.36 9.41
CA SER D 241 -33.00 -3.12 8.80
C SER D 241 -33.86 -1.89 9.02
N ILE D 242 -35.18 -2.06 9.26
CA ILE D 242 -36.08 -0.94 9.56
C ILE D 242 -35.88 -0.41 10.99
N ARG D 243 -35.72 -1.34 12.01
CA ARG D 243 -35.57 -0.93 13.36
C ARG D 243 -34.15 -0.41 13.61
N PHE D 244 -33.20 -0.65 12.70
CA PHE D 244 -31.91 -0.03 12.74
C PHE D 244 -32.05 1.19 11.81
N PRO D 245 -32.08 2.40 12.41
CA PRO D 245 -32.18 3.58 11.63
C PRO D 245 -30.82 3.85 10.99
N SER D 246 -30.79 4.93 10.23
CA SER D 246 -29.72 5.37 9.44
C SER D 246 -29.55 4.69 8.11
N TYR D 247 -30.71 4.11 7.63
CA TYR D 247 -30.76 3.50 6.37
C TYR D 247 -32.02 4.01 5.84
N MET D 248 -31.92 4.65 4.68
CA MET D 248 -32.87 5.51 4.08
C MET D 248 -33.70 4.89 2.99
N TYR D 249 -33.55 3.48 2.85
CA TYR D 249 -34.29 2.66 1.95
C TYR D 249 -34.73 1.54 2.80
N SER D 250 -34.78 1.75 4.14
CA SER D 250 -35.33 0.77 5.03
C SER D 250 -36.57 1.28 5.51
N SER D 251 -36.90 2.62 5.34
CA SER D 251 -38.18 3.28 5.57
C SER D 251 -39.30 2.47 5.06
N MET D 252 -40.45 2.53 5.78
CA MET D 252 -41.62 1.75 5.47
C MET D 252 -42.17 2.10 4.09
N SER D 253 -42.28 3.43 3.82
CA SER D 253 -42.92 3.81 2.59
C SER D 253 -42.14 3.30 1.38
N SER D 254 -40.81 3.45 1.28
CA SER D 254 -39.99 3.13 0.15
C SER D 254 -39.88 1.60 -0.03
N ILE D 255 -39.91 0.84 1.08
CA ILE D 255 -39.81 -0.59 0.96
C ILE D 255 -41.02 -1.16 0.27
N TYR D 256 -42.16 -0.62 0.74
CA TYR D 256 -43.37 -0.93 0.09
C TYR D 256 -43.35 -0.47 -1.34
N SER D 257 -42.87 0.75 -1.75
CA SER D 257 -42.91 1.19 -3.09
C SER D 257 -42.20 0.45 -4.14
N THR D 258 -40.94 0.04 -3.85
CA THR D 258 -39.99 -0.69 -4.64
C THR D 258 -40.35 -2.17 -4.92
N LEU D 259 -40.78 -2.79 -3.82
CA LEU D 259 -40.98 -4.26 -3.86
C LEU D 259 -42.10 -4.77 -4.67
N ILE D 260 -43.25 -4.01 -4.60
CA ILE D 260 -44.41 -4.28 -5.35
C ILE D 260 -44.36 -3.53 -6.62
N PRO D 261 -44.67 -4.09 -7.86
CA PRO D 261 -44.60 -3.30 -9.09
C PRO D 261 -45.98 -3.16 -9.84
N SER D 262 -46.95 -3.92 -9.43
CA SER D 262 -48.39 -3.92 -9.83
C SER D 262 -49.12 -4.40 -8.60
N PRO D 263 -50.31 -3.93 -8.27
CA PRO D 263 -50.96 -4.22 -6.99
C PRO D 263 -51.55 -5.62 -7.02
N GLU D 264 -51.56 -6.18 -8.21
CA GLU D 264 -52.01 -7.58 -8.40
C GLU D 264 -51.14 -8.55 -7.64
N LEU D 265 -49.71 -8.27 -7.58
CA LEU D 265 -48.66 -9.07 -6.95
C LEU D 265 -48.27 -8.49 -5.70
N HIS D 266 -47.69 -9.36 -4.78
CA HIS D 266 -47.27 -8.97 -3.52
C HIS D 266 -47.02 -10.17 -2.71
N PHE D 267 -46.99 -11.40 -3.36
CA PHE D 267 -46.77 -12.64 -2.62
C PHE D 267 -45.21 -12.84 -2.58
N LEU D 268 -44.57 -12.96 -1.42
CA LEU D 268 -43.17 -13.05 -1.21
C LEU D 268 -42.87 -14.43 -0.78
N SER D 269 -41.64 -14.85 -1.14
CA SER D 269 -40.96 -15.98 -0.61
C SER D 269 -39.68 -15.43 0.00
N PRO D 270 -39.30 -15.99 1.22
CA PRO D 270 -38.01 -15.62 1.85
C PRO D 270 -36.97 -16.70 1.56
N SER D 271 -35.69 -16.29 1.70
CA SER D 271 -34.56 -17.18 1.77
C SER D 271 -33.68 -16.50 2.82
N PHE D 272 -32.85 -17.40 3.48
CA PHE D 272 -32.10 -16.95 4.65
C PHE D 272 -30.91 -17.72 4.72
N THR D 273 -29.88 -17.05 5.26
CA THR D 273 -28.65 -17.67 5.74
C THR D 273 -28.20 -16.70 6.79
N PRO D 274 -27.62 -17.10 7.91
CA PRO D 274 -27.38 -18.45 8.41
C PRO D 274 -28.59 -18.99 9.18
N PHE D 275 -28.39 -19.56 10.39
CA PHE D 275 -29.52 -19.96 11.26
C PHE D 275 -29.09 -19.71 12.71
N THR D 276 -27.81 -20.08 13.04
CA THR D 276 -27.09 -20.11 14.28
C THR D 276 -27.44 -18.98 15.22
N SER D 277 -28.11 -19.45 16.33
CA SER D 277 -28.62 -18.66 17.44
C SER D 277 -28.88 -19.55 18.62
N ASP D 278 -28.96 -20.89 18.36
CA ASP D 278 -29.05 -21.94 19.40
C ASP D 278 -28.89 -23.35 18.85
N TYR D 279 -28.34 -23.46 17.60
CA TYR D 279 -28.20 -24.73 16.90
C TYR D 279 -26.79 -25.07 16.76
N ILE D 280 -26.48 -26.34 16.66
CA ILE D 280 -25.13 -26.93 16.50
C ILE D 280 -24.52 -26.38 15.30
N HIS D 281 -23.45 -25.55 15.49
CA HIS D 281 -22.76 -24.94 14.42
C HIS D 281 -21.45 -24.73 15.13
N ASP D 282 -21.46 -23.82 16.19
CA ASP D 282 -20.39 -23.56 17.12
C ASP D 282 -19.14 -23.20 16.42
N ASP D 283 -19.26 -22.35 15.38
CA ASP D 283 -18.19 -21.92 14.53
C ASP D 283 -18.57 -20.47 14.25
N ILE D 284 -17.81 -19.78 13.40
CA ILE D 284 -18.07 -18.46 12.97
C ILE D 284 -19.09 -18.71 11.83
N ALA D 285 -20.11 -17.87 11.53
CA ALA D 285 -20.90 -18.04 10.35
C ALA D 285 -20.29 -17.14 9.26
N HIS D 286 -18.89 -17.02 9.24
CA HIS D 286 -18.12 -16.37 8.18
C HIS D 286 -17.09 -17.42 7.75
N LYS D 287 -17.36 -18.08 6.66
CA LYS D 287 -16.50 -19.02 6.06
C LYS D 287 -15.96 -18.51 4.75
N CYS D 288 -16.19 -17.19 4.48
CA CYS D 288 -15.76 -16.46 3.31
C CYS D 288 -16.97 -15.58 3.05
N HIS D 289 -16.80 -14.40 2.45
CA HIS D 289 -17.84 -13.49 1.89
C HIS D 289 -18.50 -14.28 0.82
N SER D 290 -17.76 -15.08 0.01
CA SER D 290 -18.26 -15.88 -1.04
C SER D 290 -19.22 -16.95 -0.61
N SER D 291 -18.83 -17.60 0.49
CA SER D 291 -19.56 -18.73 1.10
C SER D 291 -20.90 -18.32 1.55
N TYR D 292 -21.00 -17.12 2.16
CA TYR D 292 -22.22 -16.48 2.61
C TYR D 292 -23.15 -16.19 1.38
N ASP D 293 -22.59 -15.60 0.32
CA ASP D 293 -23.36 -15.23 -0.85
C ASP D 293 -23.98 -16.39 -1.63
N VAL D 294 -23.21 -17.53 -1.75
CA VAL D 294 -23.63 -18.78 -2.30
C VAL D 294 -24.69 -19.41 -1.47
N MET D 295 -24.62 -19.42 -0.06
CA MET D 295 -25.57 -20.03 0.75
C MET D 295 -26.92 -19.42 0.70
N LEU D 296 -26.99 -18.07 0.48
CA LEU D 296 -28.14 -17.34 0.36
C LEU D 296 -29.08 -17.74 -0.79
N ASP D 297 -28.46 -18.17 -1.91
CA ASP D 297 -29.01 -18.66 -3.13
C ASP D 297 -29.54 -20.02 -3.09
N LEU D 298 -29.05 -20.88 -2.15
CA LEU D 298 -29.51 -22.26 -2.06
C LEU D 298 -30.69 -22.20 -1.12
N LEU D 299 -31.75 -22.80 -1.75
CA LEU D 299 -33.06 -22.80 -1.18
C LEU D 299 -33.23 -24.10 -0.48
N ASP D 300 -32.13 -24.87 -0.29
CA ASP D 300 -32.11 -26.17 0.38
C ASP D 300 -32.10 -25.94 1.86
N PRO D 301 -31.29 -25.07 2.35
CA PRO D 301 -31.40 -24.69 3.77
C PRO D 301 -32.14 -23.46 3.88
N SER D 302 -33.46 -23.61 3.76
CA SER D 302 -34.42 -22.63 3.86
C SER D 302 -35.78 -23.13 4.26
N ASN D 303 -36.68 -22.16 4.57
CA ASN D 303 -38.03 -22.32 5.08
C ASN D 303 -39.10 -22.04 4.05
N SER D 304 -38.69 -21.95 2.74
CA SER D 304 -39.64 -21.83 1.74
C SER D 304 -39.35 -22.57 0.46
N LEU D 305 -40.35 -23.25 -0.16
CA LEU D 305 -40.08 -24.12 -1.24
C LEU D 305 -41.38 -24.43 -1.79
N VAL D 306 -41.92 -23.38 -2.48
CA VAL D 306 -43.08 -23.44 -3.30
C VAL D 306 -42.54 -23.28 -4.74
N SER D 307 -41.25 -23.72 -4.95
CA SER D 307 -40.57 -23.64 -6.23
C SER D 307 -39.84 -24.94 -6.28
N THR D 308 -38.89 -24.94 -7.20
CA THR D 308 -37.91 -25.95 -7.38
C THR D 308 -36.61 -25.29 -7.26
N ALA D 309 -35.59 -26.01 -6.70
CA ALA D 309 -34.37 -25.36 -6.33
C ALA D 309 -33.48 -25.48 -7.56
N MET D 310 -32.74 -24.34 -7.98
CA MET D 310 -32.64 -23.00 -7.49
C MET D 310 -33.45 -22.15 -8.39
N ASN D 311 -33.90 -20.98 -7.75
CA ASN D 311 -34.83 -19.99 -8.26
C ASN D 311 -36.01 -20.56 -9.09
N ASN D 312 -36.47 -19.91 -10.14
CA ASN D 312 -37.49 -20.46 -11.04
C ASN D 312 -37.25 -20.05 -12.49
N PRO D 313 -37.52 -20.89 -13.48
CA PRO D 313 -37.41 -20.60 -14.89
C PRO D 313 -38.54 -19.72 -15.39
N THR D 314 -39.40 -19.47 -14.47
CA THR D 314 -40.52 -18.58 -14.60
C THR D 314 -40.12 -17.33 -14.04
N TYR D 315 -40.48 -16.28 -14.77
CA TYR D 315 -40.18 -14.87 -14.63
C TYR D 315 -40.34 -14.35 -13.19
N PHE D 316 -39.40 -13.62 -12.65
CA PHE D 316 -39.30 -13.00 -11.37
C PHE D 316 -39.87 -11.54 -11.44
N ASN D 317 -40.78 -11.18 -10.48
CA ASN D 317 -41.35 -9.90 -10.25
C ASN D 317 -40.37 -8.98 -9.47
N VAL D 318 -39.68 -9.51 -8.41
CA VAL D 318 -38.83 -8.60 -7.62
C VAL D 318 -37.71 -9.29 -6.84
N TYR D 319 -36.56 -8.63 -6.52
CA TYR D 319 -35.56 -9.32 -5.70
C TYR D 319 -35.05 -8.28 -4.74
N ASN D 320 -34.95 -8.69 -3.44
CA ASN D 320 -34.44 -7.89 -2.32
C ASN D 320 -33.50 -8.70 -1.56
N THR D 321 -32.33 -8.11 -1.22
CA THR D 321 -31.25 -8.74 -0.52
C THR D 321 -31.22 -7.84 0.73
N ILE D 322 -31.20 -8.40 1.94
CA ILE D 322 -30.91 -7.67 3.17
C ILE D 322 -29.59 -8.21 3.60
N ILE D 323 -28.57 -7.36 3.62
CA ILE D 323 -27.20 -7.66 3.97
C ILE D 323 -26.91 -7.16 5.43
N GLY D 324 -26.29 -8.07 6.28
CA GLY D 324 -25.72 -7.79 7.55
C GLY D 324 -24.33 -8.29 7.51
N ASN D 325 -23.38 -7.34 7.78
CA ASN D 325 -21.97 -7.65 7.55
C ASN D 325 -21.08 -7.00 8.52
N VAL D 326 -19.77 -7.39 8.60
CA VAL D 326 -18.75 -6.78 9.37
C VAL D 326 -17.51 -6.82 8.48
N GLU D 327 -17.63 -7.72 7.48
CA GLU D 327 -16.76 -7.87 6.34
C GLU D 327 -16.88 -6.62 5.51
N PRO D 328 -15.90 -5.84 5.20
CA PRO D 328 -15.89 -4.65 4.29
C PRO D 328 -16.77 -4.61 3.11
N ARG D 329 -17.50 -3.46 2.95
CA ARG D 329 -18.62 -3.25 2.08
C ARG D 329 -18.23 -3.43 0.63
N GLN D 330 -17.03 -3.05 0.13
CA GLN D 330 -16.52 -3.04 -1.23
C GLN D 330 -16.46 -4.43 -1.78
N ILE D 331 -16.04 -5.48 -1.01
CA ILE D 331 -16.03 -6.89 -1.44
C ILE D 331 -17.42 -7.32 -1.69
N SER D 332 -18.33 -6.96 -0.74
CA SER D 332 -19.72 -7.27 -0.92
C SER D 332 -20.34 -6.56 -2.10
N ARG D 333 -19.95 -5.31 -2.39
CA ARG D 333 -20.42 -4.53 -3.53
C ARG D 333 -20.04 -5.12 -4.80
N ALA D 334 -18.74 -5.58 -4.98
CA ALA D 334 -18.17 -6.15 -6.19
C ALA D 334 -18.89 -7.37 -6.50
N MET D 335 -19.21 -8.25 -5.46
CA MET D 335 -19.99 -9.44 -5.68
C MET D 335 -21.38 -9.11 -6.11
N THR D 336 -22.04 -8.06 -5.53
CA THR D 336 -23.46 -7.61 -5.81
C THR D 336 -23.57 -7.20 -7.28
N LYS D 337 -22.55 -6.57 -7.87
CA LYS D 337 -22.43 -6.28 -9.29
C LYS D 337 -22.38 -7.54 -10.12
N LEU D 338 -21.63 -8.55 -9.65
CA LEU D 338 -21.52 -9.85 -10.31
C LEU D 338 -22.80 -10.61 -10.32
N GLN D 339 -23.53 -10.58 -9.20
CA GLN D 339 -24.85 -11.18 -9.08
C GLN D 339 -25.83 -10.54 -10.01
N GLN D 340 -25.80 -9.16 -10.16
CA GLN D 340 -26.78 -8.57 -11.12
C GLN D 340 -26.45 -8.99 -12.57
N ARG D 341 -25.16 -8.97 -12.98
CA ARG D 341 -24.77 -9.25 -14.32
C ARG D 341 -25.02 -10.68 -14.79
N ILE D 342 -24.70 -11.65 -13.89
CA ILE D 342 -24.87 -13.06 -14.12
C ILE D 342 -26.29 -13.42 -14.33
N LYS D 343 -27.22 -12.69 -13.66
CA LYS D 343 -28.70 -12.80 -13.91
C LYS D 343 -29.12 -14.26 -13.74
N PHE D 344 -29.09 -14.71 -12.49
CA PHE D 344 -29.60 -16.08 -12.20
C PHE D 344 -31.12 -16.27 -12.46
N PRO D 345 -32.12 -15.52 -12.11
CA PRO D 345 -33.56 -15.84 -12.37
C PRO D 345 -34.00 -15.29 -13.71
N SER D 346 -35.22 -15.49 -14.03
CA SER D 346 -35.88 -15.22 -15.29
C SER D 346 -36.67 -13.99 -15.07
N TRP D 347 -37.23 -13.38 -16.17
CA TRP D 347 -37.91 -12.16 -16.05
C TRP D 347 -38.90 -12.00 -17.15
N SER D 348 -39.78 -11.00 -16.99
CA SER D 348 -40.77 -10.68 -17.94
C SER D 348 -40.16 -9.97 -19.06
N SER D 349 -40.91 -9.91 -20.18
CA SER D 349 -40.50 -9.38 -21.41
C SER D 349 -39.91 -8.01 -21.38
N SER D 350 -40.65 -7.04 -20.76
CA SER D 350 -40.36 -5.61 -20.82
C SER D 350 -39.85 -5.09 -19.49
N ALA D 351 -39.85 -6.00 -18.48
CA ALA D 351 -39.30 -5.81 -17.11
C ALA D 351 -38.35 -6.92 -16.87
N MET D 352 -37.05 -6.54 -16.86
CA MET D 352 -35.90 -7.37 -16.64
C MET D 352 -35.03 -6.49 -15.67
N HIS D 353 -34.63 -7.08 -14.54
CA HIS D 353 -33.80 -6.52 -13.48
C HIS D 353 -34.43 -5.55 -12.67
N VAL D 354 -34.69 -6.03 -11.43
CA VAL D 354 -35.15 -5.32 -10.31
C VAL D 354 -34.50 -6.05 -9.15
N ASN D 355 -33.42 -5.38 -8.64
CA ASN D 355 -32.58 -5.89 -7.53
C ASN D 355 -32.38 -4.72 -6.62
N ILE D 356 -32.74 -5.00 -5.34
CA ILE D 356 -32.52 -3.98 -4.31
C ILE D 356 -31.69 -4.73 -3.29
N GLY D 357 -30.91 -3.85 -2.57
CA GLY D 357 -30.13 -4.24 -1.44
C GLY D 357 -30.29 -3.26 -0.32
N ARG D 358 -30.31 -3.77 0.89
CA ARG D 358 -30.45 -3.02 2.08
C ARG D 358 -29.28 -3.43 2.92
N ARG D 359 -28.70 -2.46 3.74
CA ARG D 359 -27.46 -2.73 4.48
C ARG D 359 -27.86 -2.55 5.98
N SER D 360 -27.41 -3.45 6.86
CA SER D 360 -27.68 -3.41 8.29
C SER D 360 -26.53 -3.92 9.06
N PRO D 361 -26.40 -3.46 10.31
CA PRO D 361 -25.38 -3.84 11.30
C PRO D 361 -25.92 -4.81 12.32
N TYR D 362 -25.25 -4.92 13.54
CA TYR D 362 -25.66 -5.84 14.49
C TYR D 362 -25.88 -5.15 15.86
N LEU D 363 -26.25 -6.09 16.83
CA LEU D 363 -26.44 -5.78 18.22
C LEU D 363 -25.15 -6.38 18.77
N PRO D 364 -24.29 -5.67 19.62
CA PRO D 364 -23.02 -6.12 20.16
C PRO D 364 -23.21 -6.60 21.56
N LEU D 365 -24.51 -6.77 22.07
CA LEU D 365 -24.86 -7.37 23.36
C LEU D 365 -24.40 -8.77 23.39
N GLN D 366 -24.54 -9.45 22.20
CA GLN D 366 -24.13 -10.84 22.10
C GLN D 366 -22.70 -10.92 21.77
N PRO D 367 -21.88 -11.75 22.32
CA PRO D 367 -20.44 -11.80 21.97
C PRO D 367 -20.10 -11.66 20.45
N ASN D 368 -19.30 -10.58 20.15
CA ASN D 368 -18.93 -10.20 18.91
C ASN D 368 -18.03 -11.24 18.32
N GLU D 369 -18.11 -11.34 16.99
CA GLU D 369 -17.32 -12.18 16.15
C GLU D 369 -17.76 -11.55 14.89
N ASN D 370 -16.91 -11.68 13.81
CA ASN D 370 -17.17 -11.21 12.48
C ASN D 370 -18.19 -12.12 11.96
N GLU D 371 -19.39 -11.60 11.58
CA GLU D 371 -20.51 -12.39 11.20
C GLU D 371 -21.12 -11.81 9.87
N VAL D 372 -21.35 -12.69 8.84
CA VAL D 372 -22.08 -12.14 7.70
C VAL D 372 -23.47 -12.89 7.59
N SER D 373 -24.60 -12.16 7.35
CA SER D 373 -25.88 -12.75 7.27
C SER D 373 -26.58 -12.12 6.18
N GLY D 374 -27.71 -12.70 5.73
CA GLY D 374 -28.54 -12.08 4.78
C GLY D 374 -29.83 -12.76 4.77
N MET D 375 -30.85 -12.02 4.26
CA MET D 375 -32.19 -12.51 3.93
C MET D 375 -32.45 -12.21 2.63
N MET D 376 -33.24 -12.99 1.94
CA MET D 376 -33.63 -12.73 0.55
C MET D 376 -35.12 -12.57 0.68
N LEU D 377 -35.76 -11.53 0.02
CA LEU D 377 -37.22 -11.35 -0.13
C LEU D 377 -37.36 -11.26 -1.62
N SER D 378 -38.14 -12.15 -2.26
CA SER D 378 -38.31 -12.09 -3.74
C SER D 378 -39.72 -12.47 -3.94
N ASN D 379 -40.29 -11.91 -5.08
CA ASN D 379 -41.60 -12.18 -5.67
C ASN D 379 -41.46 -12.96 -6.98
N MET D 380 -41.99 -14.20 -6.99
CA MET D 380 -41.78 -15.18 -8.01
C MET D 380 -43.21 -15.65 -8.44
N SER D 381 -43.29 -15.92 -9.74
CA SER D 381 -44.43 -16.32 -10.51
C SER D 381 -44.87 -17.72 -10.13
N THR D 382 -43.94 -18.52 -9.52
CA THR D 382 -44.22 -19.93 -9.22
C THR D 382 -45.38 -20.15 -8.20
N VAL D 383 -45.68 -19.07 -7.35
CA VAL D 383 -46.77 -19.07 -6.42
C VAL D 383 -48.09 -19.30 -7.15
N VAL D 384 -48.28 -19.04 -8.47
CA VAL D 384 -49.49 -19.24 -9.31
C VAL D 384 -49.88 -20.77 -9.27
N ASN D 385 -48.83 -21.62 -9.14
CA ASN D 385 -49.02 -23.04 -9.12
C ASN D 385 -49.96 -23.53 -7.96
N VAL D 386 -49.86 -22.84 -6.81
CA VAL D 386 -50.61 -23.00 -5.62
C VAL D 386 -52.03 -22.67 -5.95
N PHE D 387 -52.32 -21.61 -6.73
CA PHE D 387 -53.67 -21.26 -7.16
C PHE D 387 -54.24 -22.30 -8.07
N GLU D 388 -53.46 -22.93 -9.00
CA GLU D 388 -53.86 -24.03 -9.86
C GLU D 388 -54.29 -25.36 -9.20
N ASN D 389 -53.61 -25.76 -8.13
CA ASN D 389 -53.86 -26.85 -7.26
C ASN D 389 -55.17 -26.59 -6.59
N ALA D 390 -55.36 -25.34 -6.16
CA ALA D 390 -56.57 -24.97 -5.53
C ALA D 390 -57.78 -25.11 -6.42
N CYS D 391 -57.68 -24.68 -7.73
CA CYS D 391 -58.81 -24.87 -8.54
C CYS D 391 -59.20 -26.30 -8.73
N ASN D 392 -58.07 -27.10 -8.94
CA ASN D 392 -58.38 -28.49 -9.28
C ASN D 392 -59.09 -29.27 -8.18
N THR D 393 -58.57 -29.11 -6.98
CA THR D 393 -59.04 -29.72 -5.82
C THR D 393 -60.43 -29.20 -5.50
N PHE D 394 -60.65 -27.85 -5.69
CA PHE D 394 -61.92 -27.14 -5.41
C PHE D 394 -63.06 -27.63 -6.25
N ASP D 395 -62.75 -27.83 -7.58
CA ASP D 395 -63.74 -28.31 -8.57
C ASP D 395 -64.24 -29.68 -8.20
N LYS D 396 -63.36 -30.58 -7.77
CA LYS D 396 -63.84 -31.85 -7.29
C LYS D 396 -64.71 -31.96 -6.11
N VAL D 397 -64.35 -31.18 -5.01
CA VAL D 397 -65.15 -31.17 -3.78
C VAL D 397 -66.56 -30.60 -3.91
N PHE D 398 -66.58 -29.55 -4.75
CA PHE D 398 -67.79 -28.89 -5.27
C PHE D 398 -68.67 -29.80 -6.18
N ALA D 399 -67.98 -30.55 -7.09
CA ALA D 399 -68.64 -31.44 -8.10
C ALA D 399 -69.44 -32.49 -7.39
N LYS D 400 -68.91 -33.11 -6.30
CA LYS D 400 -69.54 -34.23 -5.55
C LYS D 400 -70.85 -33.83 -4.80
N GLY D 401 -70.91 -32.60 -4.27
CA GLY D 401 -72.00 -32.15 -3.52
C GLY D 401 -71.98 -32.74 -2.17
N ALA D 402 -70.67 -33.02 -1.72
CA ALA D 402 -70.42 -33.61 -0.44
C ALA D 402 -69.06 -33.06 -0.05
N PHE D 403 -68.83 -33.04 1.24
CA PHE D 403 -67.69 -32.52 2.03
C PHE D 403 -67.88 -31.10 2.31
N LEU D 404 -69.06 -30.47 2.00
CA LEU D 404 -69.55 -29.11 2.27
C LEU D 404 -69.97 -29.10 3.68
N ASN D 405 -70.31 -30.24 4.27
CA ASN D 405 -71.05 -30.46 5.52
C ASN D 405 -70.44 -29.76 6.67
N ASN D 406 -69.07 -29.77 6.93
CA ASN D 406 -68.41 -29.17 8.07
C ASN D 406 -68.56 -27.63 8.07
N TYR D 407 -68.53 -27.04 6.86
CA TYR D 407 -68.79 -25.58 6.51
C TYR D 407 -70.21 -25.18 6.79
N ASN D 408 -71.09 -26.09 6.45
CA ASN D 408 -72.56 -25.96 6.46
C ASN D 408 -73.20 -25.70 7.76
N VAL D 409 -72.59 -26.18 8.85
CA VAL D 409 -73.08 -25.97 10.17
C VAL D 409 -73.10 -24.43 10.45
N GLY D 410 -72.15 -23.65 9.88
CA GLY D 410 -72.12 -22.18 9.87
C GLY D 410 -73.24 -21.67 8.91
N ASP D 411 -73.78 -20.45 9.20
CA ASP D 411 -74.92 -19.70 8.57
C ASP D 411 -74.68 -19.32 7.13
N LEU D 412 -73.40 -18.97 6.80
CA LEU D 412 -72.87 -18.54 5.53
C LEU D 412 -73.01 -19.66 4.46
N PHE D 413 -72.82 -20.96 4.79
CA PHE D 413 -72.86 -22.04 3.84
C PHE D 413 -74.03 -22.92 4.17
N GLN D 414 -75.04 -22.17 4.68
CA GLN D 414 -76.40 -22.70 4.85
C GLN D 414 -77.27 -21.68 4.23
N SER D 415 -76.73 -20.82 3.27
CA SER D 415 -77.49 -19.73 2.66
C SER D 415 -76.79 -19.32 1.42
N MET D 416 -75.55 -19.82 1.12
CA MET D 416 -74.81 -19.52 -0.09
C MET D 416 -74.06 -20.85 -0.36
N GLN D 417 -73.87 -21.04 -1.68
CA GLN D 417 -73.24 -22.07 -2.29
C GLN D 417 -72.56 -21.45 -3.46
N ASN D 418 -73.16 -20.24 -3.86
CA ASN D 418 -72.70 -19.37 -4.92
C ASN D 418 -71.40 -18.67 -4.61
N VAL D 419 -71.15 -18.26 -3.36
CA VAL D 419 -70.02 -17.43 -2.99
C VAL D 419 -68.70 -18.12 -3.31
N GLN D 420 -68.67 -19.48 -3.07
CA GLN D 420 -67.52 -20.28 -3.32
C GLN D 420 -67.26 -20.31 -4.77
N ASP D 421 -68.34 -20.40 -5.48
CA ASP D 421 -68.26 -20.50 -6.89
C ASP D 421 -67.62 -19.21 -7.63
N GLU D 422 -68.02 -18.03 -7.11
CA GLU D 422 -67.57 -16.76 -7.53
C GLU D 422 -66.07 -16.51 -7.27
N PHE D 423 -65.66 -16.96 -6.06
CA PHE D 423 -64.26 -16.87 -5.76
C PHE D 423 -63.39 -17.66 -6.66
N ALA D 424 -63.76 -18.90 -7.01
CA ALA D 424 -63.07 -19.80 -7.87
C ALA D 424 -62.89 -19.10 -9.27
N GLU D 425 -63.96 -18.40 -9.77
CA GLU D 425 -63.85 -17.77 -11.04
C GLU D 425 -62.91 -16.59 -11.08
N SER D 426 -62.89 -15.67 -10.04
CA SER D 426 -61.94 -14.64 -9.92
C SER D 426 -60.55 -15.14 -9.79
N ARG D 427 -60.32 -16.22 -8.98
CA ARG D 427 -58.96 -16.70 -8.77
C ARG D 427 -58.35 -17.25 -10.06
N GLU D 428 -59.19 -17.92 -10.90
CA GLU D 428 -58.82 -18.40 -12.24
C GLU D 428 -58.48 -17.22 -13.16
N VAL D 429 -59.20 -16.11 -13.11
CA VAL D 429 -58.96 -14.80 -13.79
C VAL D 429 -57.63 -14.18 -13.27
N VAL D 430 -57.27 -14.22 -11.98
CA VAL D 430 -56.01 -13.72 -11.36
C VAL D 430 -54.93 -14.53 -11.97
N GLN D 431 -55.04 -15.88 -12.13
CA GLN D 431 -53.94 -16.66 -12.67
C GLN D 431 -53.67 -16.16 -14.12
N SER D 432 -54.79 -15.97 -14.86
CA SER D 432 -54.74 -15.67 -16.29
C SER D 432 -54.09 -14.32 -16.55
N LEU D 433 -54.37 -13.28 -15.72
CA LEU D 433 -53.81 -11.90 -15.72
C LEU D 433 -52.36 -11.89 -15.45
N MET D 434 -51.85 -12.77 -14.47
CA MET D 434 -50.48 -12.80 -14.02
C MET D 434 -49.57 -13.30 -15.14
N GLU D 435 -50.16 -14.23 -15.91
CA GLU D 435 -49.52 -14.87 -17.07
C GLU D 435 -49.27 -13.84 -18.25
N ASP D 436 -50.23 -12.88 -18.45
CA ASP D 436 -50.19 -11.88 -19.47
C ASP D 436 -49.03 -10.93 -19.22
N TYR D 437 -48.72 -10.69 -17.96
CA TYR D 437 -47.71 -9.82 -17.50
C TYR D 437 -46.31 -10.22 -17.95
N VAL D 438 -46.00 -11.48 -18.23
CA VAL D 438 -44.74 -11.91 -18.81
C VAL D 438 -44.59 -11.39 -20.18
N ALA D 439 -45.71 -11.21 -20.92
CA ALA D 439 -45.69 -10.84 -22.33
C ALA D 439 -45.38 -9.41 -22.45
N ALA D 440 -44.98 -9.08 -23.67
CA ALA D 440 -44.69 -7.71 -24.16
C ALA D 440 -45.98 -6.89 -24.10
N GLU D 441 -47.08 -7.60 -24.27
CA GLU D 441 -48.45 -7.15 -24.30
C GLU D 441 -48.80 -6.44 -22.90
N GLN D 442 -48.04 -6.64 -21.75
CA GLN D 442 -48.21 -6.07 -20.40
C GLN D 442 -48.27 -4.53 -20.63
N ASP D 443 -47.43 -3.95 -21.52
CA ASP D 443 -47.57 -2.55 -21.89
C ASP D 443 -48.21 -2.42 -23.30
N SER D 444 -48.75 -1.19 -23.61
CA SER D 444 -49.41 -0.94 -24.87
C SER D 444 -48.51 0.02 -25.64
N TYR D 445 -47.22 -0.02 -25.40
CA TYR D 445 -46.27 0.73 -26.26
C TYR D 445 -46.39 2.23 -26.17
N UNK E 1 32.39 47.66 6.50
CA UNK E 1 32.08 47.75 5.07
C UNK E 1 33.31 47.77 4.19
N UNK E 2 33.27 46.91 3.11
CA UNK E 2 34.28 46.84 2.07
C UNK E 2 34.19 48.20 1.34
N UNK E 3 32.96 48.67 1.21
CA UNK E 3 32.48 49.86 0.49
C UNK E 3 33.11 51.03 1.10
N UNK E 4 33.15 51.04 2.42
CA UNK E 4 33.73 52.11 3.25
C UNK E 4 35.25 52.18 3.04
N UNK E 5 35.95 51.03 2.91
CA UNK E 5 37.37 51.09 2.50
C UNK E 5 37.56 51.65 1.18
N UNK E 6 36.75 51.21 0.16
CA UNK E 6 36.91 51.48 -1.26
C UNK E 6 36.76 52.92 -1.63
N UNK E 7 35.79 53.67 -1.10
CA UNK E 7 35.68 55.09 -1.37
C UNK E 7 36.90 55.93 -0.86
N UNK E 8 37.54 55.49 0.29
CA UNK E 8 38.76 55.99 0.94
C UNK E 8 39.88 55.82 -0.04
N UNK E 9 39.93 54.62 -0.76
CA UNK E 9 41.01 54.27 -1.71
C UNK E 9 41.02 55.19 -2.89
N UNK E 10 39.87 55.53 -3.41
CA UNK E 10 39.73 56.46 -4.54
C UNK E 10 40.21 57.92 -4.22
N UNK E 11 39.75 58.35 -3.03
CA UNK E 11 40.10 59.59 -2.40
C UNK E 11 41.59 59.54 -2.15
N UNK E 12 42.18 58.41 -1.69
CA UNK E 12 43.58 58.23 -1.46
C UNK E 12 44.37 58.36 -2.71
N UNK E 13 44.02 57.64 -3.81
CA UNK E 13 44.84 57.69 -5.02
C UNK E 13 44.80 59.15 -5.60
N UNK E 14 43.64 59.85 -5.59
CA UNK E 14 43.66 61.19 -6.13
C UNK E 14 44.57 62.20 -5.42
N UNK E 15 44.53 62.04 -4.11
CA UNK E 15 45.32 62.77 -3.12
C UNK E 15 46.76 62.55 -3.35
N UNK E 16 47.25 61.26 -3.65
CA UNK E 16 48.65 60.87 -3.82
C UNK E 16 49.18 61.69 -4.94
N UNK E 17 48.39 61.87 -6.02
CA UNK E 17 48.83 62.65 -7.12
C UNK E 17 48.97 64.10 -6.77
N UNK E 18 48.00 64.68 -6.04
CA UNK E 18 48.01 66.08 -5.63
C UNK E 18 49.18 66.39 -4.66
N UNK E 19 49.52 65.44 -3.73
CA UNK E 19 50.61 65.40 -2.81
C UNK E 19 51.97 65.35 -3.59
N UNK E 20 52.06 64.57 -4.74
CA UNK E 20 53.26 64.38 -5.49
C UNK E 20 53.66 65.66 -6.11
N UNK E 21 52.68 66.44 -6.66
CA UNK E 21 53.04 67.70 -7.28
C UNK E 21 53.66 68.70 -6.29
N UNK E 22 53.24 68.57 -5.01
CA UNK E 22 53.80 69.35 -3.89
C UNK E 22 55.23 69.11 -3.60
N UNK E 23 55.65 67.80 -3.59
CA UNK E 23 56.99 67.40 -3.40
C UNK E 23 57.84 67.94 -4.55
N UNK E 24 57.35 67.84 -5.81
CA UNK E 24 58.09 68.39 -6.95
C UNK E 24 58.30 69.85 -6.89
N UNK E 25 57.26 70.74 -6.58
CA UNK E 25 57.33 72.20 -6.52
C UNK E 25 58.24 72.67 -5.37
N UNK E 26 58.13 71.96 -4.31
CA UNK E 26 58.85 72.15 -3.04
C UNK E 26 60.33 71.88 -3.23
N UNK E 27 60.78 70.72 -3.90
CA UNK E 27 62.17 70.31 -4.06
C UNK E 27 62.75 71.36 -5.08
N UNK E 28 61.94 71.91 -5.98
CA UNK E 28 62.36 72.95 -6.82
C UNK E 28 62.69 74.30 -6.27
N UNK E 29 62.04 74.67 -5.06
CA UNK E 29 62.22 75.97 -4.32
C UNK E 29 63.65 75.95 -3.88
N UNK E 30 64.21 74.83 -3.47
CA UNK E 30 65.60 74.64 -3.01
C UNK E 30 66.57 74.95 -4.07
N UNK E 31 66.14 74.64 -5.28
CA UNK E 31 66.98 74.91 -6.41
C UNK E 31 67.18 76.39 -6.67
N UNK E 32 66.15 77.19 -6.53
CA UNK E 32 66.16 78.64 -6.73
C UNK E 32 67.05 79.37 -5.69
N UNK E 33 66.83 78.96 -4.39
CA UNK E 33 67.58 79.54 -3.28
C UNK E 33 69.05 79.11 -3.43
N UNK E 34 69.27 77.81 -3.87
CA UNK E 34 70.60 77.20 -3.97
C UNK E 34 71.40 77.90 -5.05
N UNK E 35 70.81 78.26 -6.23
CA UNK E 35 71.35 79.02 -7.33
C UNK E 35 71.71 80.46 -6.94
N UNK E 36 70.92 81.05 -6.03
CA UNK E 36 71.25 82.38 -5.55
C UNK E 36 72.57 82.46 -4.72
N UNK E 37 72.72 81.39 -3.94
CA UNK E 37 73.84 81.12 -3.09
C UNK E 37 75.11 80.91 -3.80
N UNK E 38 75.00 80.24 -4.93
CA UNK E 38 76.07 79.92 -5.91
C UNK E 38 76.56 81.21 -6.55
N UNK E 39 75.62 82.14 -6.86
CA UNK E 39 75.92 83.51 -7.42
C UNK E 39 76.78 84.25 -6.38
N UNK E 40 76.31 84.20 -5.11
CA UNK E 40 76.84 84.97 -3.97
C UNK E 40 78.20 84.51 -3.63
N UNK E 41 78.37 83.15 -3.53
CA UNK E 41 79.60 82.51 -3.28
C UNK E 41 80.62 82.69 -4.36
N UNK E 42 80.22 82.52 -5.67
CA UNK E 42 81.07 82.52 -6.84
C UNK E 42 81.84 83.79 -7.08
N UNK E 43 81.22 85.03 -6.88
CA UNK E 43 81.99 86.26 -7.02
C UNK E 43 83.05 86.37 -5.88
N UNK E 44 82.74 86.09 -4.64
CA UNK E 44 83.66 86.18 -3.57
C UNK E 44 84.64 85.00 -3.56
N UNK F 1 31.79 47.90 -21.81
CA UNK F 1 31.09 47.95 -20.45
C UNK F 1 31.67 49.11 -19.59
N UNK F 2 30.94 49.59 -18.53
CA UNK F 2 31.29 50.70 -17.65
C UNK F 2 32.59 50.40 -16.88
N UNK F 3 32.72 49.13 -16.42
CA UNK F 3 33.75 48.68 -15.61
C UNK F 3 35.07 48.82 -16.28
N UNK F 4 35.21 48.49 -17.61
CA UNK F 4 36.42 48.61 -18.37
C UNK F 4 36.84 50.03 -18.52
N UNK F 5 35.89 50.94 -18.74
CA UNK F 5 36.09 52.41 -18.79
C UNK F 5 36.59 52.93 -17.49
N UNK F 6 35.97 52.51 -16.33
CA UNK F 6 36.31 53.01 -15.04
C UNK F 6 37.73 52.57 -14.63
N UNK F 7 37.99 51.30 -15.01
CA UNK F 7 39.28 50.71 -14.71
C UNK F 7 40.42 51.46 -15.35
N UNK F 8 40.18 51.83 -16.62
CA UNK F 8 41.17 52.54 -17.43
C UNK F 8 41.58 53.90 -16.86
N UNK F 9 40.61 54.66 -16.28
CA UNK F 9 40.85 55.98 -15.65
C UNK F 9 41.76 55.90 -14.49
N UNK F 10 41.62 54.83 -13.63
CA UNK F 10 42.49 54.56 -12.52
C UNK F 10 43.89 54.35 -13.04
N UNK F 11 44.04 53.55 -14.15
CA UNK F 11 45.32 53.24 -14.71
C UNK F 11 45.99 54.49 -15.21
N UNK F 12 45.21 55.40 -15.83
CA UNK F 12 45.85 56.60 -16.30
C UNK F 12 46.46 57.45 -15.23
N UNK F 13 45.76 57.58 -14.08
CA UNK F 13 46.10 58.35 -12.90
C UNK F 13 47.30 57.73 -12.21
N UNK F 14 47.38 56.34 -12.09
CA UNK F 14 48.55 55.60 -11.54
C UNK F 14 49.83 55.87 -12.45
N UNK F 15 49.64 55.89 -13.78
CA UNK F 15 50.72 56.23 -14.76
C UNK F 15 51.26 57.65 -14.61
N UNK F 16 50.38 58.63 -14.39
CA UNK F 16 50.77 60.00 -14.14
C UNK F 16 51.61 60.17 -12.89
N UNK F 17 51.19 59.40 -11.78
CA UNK F 17 51.82 59.32 -10.51
C UNK F 17 53.21 58.78 -10.62
N UNK F 18 53.29 57.71 -11.41
CA UNK F 18 54.53 56.97 -11.60
C UNK F 18 55.59 57.84 -12.27
N UNK F 19 55.14 58.59 -13.33
CA UNK F 19 56.07 59.52 -13.96
C UNK F 19 56.53 60.56 -12.98
N UNK F 20 55.64 61.03 -12.13
CA UNK F 20 55.80 61.99 -11.06
C UNK F 20 56.78 61.61 -9.99
N UNK F 21 56.97 60.28 -9.72
CA UNK F 21 57.94 59.68 -8.85
C UNK F 21 59.31 59.80 -9.58
N UNK F 22 59.37 59.42 -10.89
CA UNK F 22 60.57 59.35 -11.71
C UNK F 22 61.18 60.67 -11.91
N UNK F 23 60.28 61.62 -12.21
CA UNK F 23 60.52 62.99 -12.46
C UNK F 23 61.01 63.67 -11.15
N UNK F 24 60.41 63.19 -10.00
CA UNK F 24 60.76 63.56 -8.66
C UNK F 24 62.09 63.17 -8.18
N UNK F 25 62.53 61.99 -8.63
CA UNK F 25 63.86 61.54 -8.32
C UNK F 25 64.89 62.30 -8.95
N UNK F 26 64.68 62.82 -10.21
CA UNK F 26 65.56 63.64 -11.03
C UNK F 26 65.87 64.92 -10.26
N UNK F 27 64.87 65.40 -9.47
CA UNK F 27 65.07 66.48 -8.55
C UNK F 27 65.97 66.17 -7.41
N UNK F 28 65.97 64.92 -6.83
CA UNK F 28 66.85 64.44 -5.73
C UNK F 28 68.30 64.66 -6.20
N UNK F 29 68.54 64.19 -7.44
CA UNK F 29 69.83 64.32 -8.15
C UNK F 29 70.13 65.77 -8.53
N UNK F 30 69.21 66.59 -9.04
CA UNK F 30 69.54 68.03 -9.42
C UNK F 30 69.97 68.70 -8.14
N UNK F 31 69.24 68.43 -7.04
CA UNK F 31 69.66 69.00 -5.80
C UNK F 31 70.99 68.48 -5.32
N UNK F 32 71.41 67.23 -5.53
CA UNK F 32 72.67 66.54 -5.14
C UNK F 32 73.83 67.20 -5.75
N UNK F 33 73.62 67.53 -7.00
CA UNK F 33 74.57 68.26 -7.85
C UNK F 33 74.74 69.70 -7.41
N UNK F 34 73.59 70.38 -7.06
CA UNK F 34 73.55 71.78 -6.51
C UNK F 34 74.27 71.75 -5.20
N UNK F 35 74.13 70.66 -4.44
CA UNK F 35 74.78 70.59 -3.14
C UNK F 35 76.28 70.59 -3.19
N UNK F 36 76.89 69.76 -4.10
CA UNK F 36 78.33 69.62 -4.26
C UNK F 36 78.82 70.87 -4.83
N UNK F 37 78.04 71.53 -5.65
CA UNK F 37 78.38 72.79 -6.26
C UNK F 37 78.70 73.92 -5.30
N UNK F 38 77.87 73.92 -4.16
CA UNK F 38 78.02 74.81 -3.11
C UNK F 38 79.35 74.52 -2.48
N UNK F 39 79.66 73.20 -2.32
CA UNK F 39 80.90 72.77 -1.62
C UNK F 39 82.14 73.31 -2.27
N UNK F 40 82.18 73.15 -3.60
CA UNK F 40 83.34 73.63 -4.39
C UNK F 40 83.46 75.14 -4.29
N UNK F 41 82.32 75.90 -4.38
CA UNK F 41 82.10 77.32 -4.43
C UNK F 41 82.54 78.03 -3.14
N UNK F 42 82.22 77.45 -1.96
CA UNK F 42 82.54 77.81 -0.69
C UNK F 42 84.05 77.73 -0.52
N UNK F 43 84.71 76.71 -1.02
CA UNK F 43 86.13 76.45 -0.98
C UNK F 43 86.78 77.57 -1.71
N UNK F 44 86.26 77.94 -2.88
CA UNK F 44 86.68 79.04 -3.78
C UNK F 44 86.29 80.41 -3.04
N GLN A 55 74.75 67.09 20.93
CA GLN A 55 74.78 66.51 22.21
C GLN A 55 75.27 65.14 22.16
N GLU A 56 75.62 64.61 23.38
CA GLU A 56 76.09 63.23 23.55
C GLU A 56 74.98 62.28 23.19
N ALA A 57 73.73 62.60 23.61
CA ALA A 57 72.58 61.85 23.26
C ALA A 57 72.41 61.91 21.78
N LEU A 58 72.63 63.08 21.09
CA LEU A 58 72.35 63.28 19.68
C LEU A 58 73.22 62.36 18.80
N VAL A 59 74.57 62.19 19.11
CA VAL A 59 75.47 61.37 18.39
C VAL A 59 75.13 59.91 18.43
N VAL A 60 74.73 59.52 19.71
CA VAL A 60 74.30 58.15 20.03
C VAL A 60 73.08 57.70 19.33
N LYS A 61 72.15 58.67 19.24
CA LYS A 61 70.84 58.67 18.58
C LYS A 61 71.05 58.50 17.13
N ASP A 62 72.09 59.15 16.49
CA ASP A 62 72.30 58.89 15.09
C ASP A 62 72.66 57.49 14.78
N LEU A 63 73.58 56.90 15.68
CA LEU A 63 73.98 55.52 15.41
C LEU A 63 72.78 54.57 15.57
N LEU A 64 72.00 54.86 16.59
CA LEU A 64 70.79 54.10 16.97
C LEU A 64 69.72 54.13 15.86
N ASN A 65 69.56 55.35 15.31
CA ASN A 65 68.52 55.63 14.39
C ASN A 65 68.74 54.79 13.12
N VAL A 66 70.02 54.63 12.70
CA VAL A 66 70.33 53.76 11.48
C VAL A 66 69.91 52.32 11.75
N LEU A 67 70.28 51.89 12.93
CA LEU A 67 70.02 50.59 13.48
C LEU A 67 68.56 50.19 13.65
N ILE A 68 67.61 51.09 13.99
CA ILE A 68 66.14 50.88 14.05
C ILE A 68 65.57 50.62 12.71
N GLY A 69 66.17 51.11 11.57
CA GLY A 69 65.85 50.69 10.29
C GLY A 69 64.36 50.83 9.97
N LEU A 70 63.81 52.00 10.14
CA LEU A 70 62.58 52.48 9.78
C LEU A 70 62.87 53.65 8.88
N GLU A 71 61.88 54.35 8.31
CA GLU A 71 62.01 55.49 7.39
C GLU A 71 62.00 56.83 8.03
N GLY A 72 62.30 57.90 7.28
CA GLY A 72 62.25 59.27 7.75
C GLY A 72 62.19 60.09 6.56
N THR A 73 62.55 61.37 6.70
CA THR A 73 62.54 62.30 5.60
C THR A 73 63.90 62.10 4.87
N TYR A 74 64.95 61.71 5.61
CA TYR A 74 66.29 61.58 5.13
C TYR A 74 66.57 60.19 4.59
N ILE A 75 66.04 59.05 5.24
CA ILE A 75 66.16 57.68 4.81
C ILE A 75 64.86 57.35 4.23
N ARG A 76 64.85 57.39 2.93
CA ARG A 76 63.63 57.49 2.16
C ARG A 76 63.18 56.17 1.78
N TYR A 77 61.92 56.21 1.31
CA TYR A 77 61.13 55.06 0.83
C TYR A 77 60.78 55.15 -0.69
N PHE A 78 61.21 54.12 -1.38
CA PHE A 78 60.72 53.77 -2.66
C PHE A 78 59.95 52.56 -2.34
N ASN A 79 58.70 52.56 -2.89
CA ASN A 79 57.62 51.74 -2.29
C ASN A 79 57.83 50.23 -2.39
N ASP A 80 58.30 49.73 -3.61
CA ASP A 80 58.49 48.29 -3.66
C ASP A 80 60.03 48.16 -3.88
N ILE A 90 62.72 50.72 -5.48
CA ILE A 90 63.70 49.87 -4.77
C ILE A 90 63.37 49.25 -3.39
N GLU A 91 62.94 50.13 -2.43
CA GLU A 91 62.67 49.93 -1.02
C GLU A 91 63.33 51.15 -0.34
N PHE A 92 63.77 51.00 0.84
CA PHE A 92 64.51 51.97 1.56
C PHE A 92 65.91 52.18 1.07
N LYS A 93 66.31 53.52 1.03
CA LYS A 93 67.58 53.89 0.57
C LYS A 93 67.98 54.97 1.55
N ILE A 94 69.32 55.10 1.71
CA ILE A 94 69.84 56.15 2.54
C ILE A 94 70.96 56.88 1.89
N ALA A 95 71.08 58.15 2.35
CA ALA A 95 72.11 59.06 1.97
C ALA A 95 73.46 58.42 2.46
N LYS A 96 74.61 58.44 1.70
CA LYS A 96 75.86 57.80 1.97
C LYS A 96 76.71 58.52 2.97
N LYS A 97 77.85 59.16 2.57
CA LYS A 97 78.82 59.77 3.44
C LYS A 97 79.42 58.81 4.44
N MET A 98 80.07 57.79 3.89
CA MET A 98 80.57 56.73 4.72
C MET A 98 82.07 56.51 4.65
N ASP A 99 82.69 56.16 5.84
CA ASP A 99 84.05 55.65 5.85
C ASP A 99 83.96 54.15 5.36
N PRO A 100 85.00 53.43 5.04
CA PRO A 100 84.92 52.08 4.55
C PRO A 100 84.33 51.19 5.58
N SER A 101 84.67 51.56 6.84
CA SER A 101 84.41 51.07 8.13
C SER A 101 82.90 51.09 8.14
N PHE A 102 82.25 52.30 8.02
CA PHE A 102 80.88 52.56 8.12
C PHE A 102 80.17 51.82 6.90
N LYS A 103 80.71 51.80 5.65
CA LYS A 103 80.06 51.16 4.51
C LYS A 103 79.83 49.72 4.68
N THR A 104 80.78 48.92 5.24
CA THR A 104 80.65 47.47 5.42
C THR A 104 79.54 47.21 6.36
N PHE A 105 79.52 48.03 7.46
CA PHE A 105 78.52 48.07 8.47
C PHE A 105 77.09 48.38 7.89
N SER A 106 76.97 49.42 6.98
CA SER A 106 75.77 49.74 6.30
C SER A 106 75.26 48.61 5.40
N ARG A 107 76.22 47.94 4.80
CA ARG A 107 75.94 46.76 3.95
C ARG A 107 75.38 45.58 4.62
N ARG A 108 75.95 45.21 5.79
CA ARG A 108 75.45 44.18 6.66
C ARG A 108 74.09 44.56 7.20
N ILE A 109 73.89 45.81 7.61
CA ILE A 109 72.64 46.35 8.10
C ILE A 109 71.57 46.32 7.04
N VAL A 110 71.99 46.53 5.74
CA VAL A 110 71.07 46.55 4.63
C VAL A 110 70.43 45.17 4.58
N ARG A 111 71.16 44.03 4.83
CA ARG A 111 70.43 42.76 4.68
C ARG A 111 69.30 42.61 5.64
N TYR A 112 69.56 42.92 6.89
CA TYR A 112 68.63 42.73 8.00
C TYR A 112 67.40 43.48 7.74
N GLY A 113 67.57 44.72 7.29
CA GLY A 113 66.46 45.63 6.99
C GLY A 113 65.63 45.16 5.89
N LYS A 114 66.18 44.50 4.90
CA LYS A 114 65.41 43.90 3.84
C LYS A 114 64.47 42.86 4.34
N GLN A 115 64.96 41.93 5.23
CA GLN A 115 64.22 40.78 5.82
C GLN A 115 63.03 41.29 6.65
N TYR A 116 63.29 42.37 7.37
CA TYR A 116 62.29 43.06 8.23
C TYR A 116 61.15 43.53 7.42
N MET A 117 61.44 44.14 6.26
CA MET A 117 60.46 44.65 5.35
C MET A 117 59.67 43.54 4.82
N ILE A 118 60.31 42.40 4.47
CA ILE A 118 59.51 41.30 3.87
C ILE A 118 58.52 40.75 4.90
N LEU A 119 58.90 40.53 6.21
CA LEU A 119 58.07 39.99 7.25
C LEU A 119 56.84 40.81 7.55
N THR A 120 57.07 42.14 7.64
CA THR A 120 55.92 43.04 7.83
C THR A 120 54.97 42.98 6.73
N ARG A 121 55.47 42.84 5.47
CA ARG A 121 54.70 42.67 4.23
C ARG A 121 53.96 41.37 4.34
N ALA A 122 54.55 40.30 4.80
CA ALA A 122 54.00 39.03 4.86
C ALA A 122 52.84 39.05 5.77
N TYR A 123 52.95 39.75 7.00
CA TYR A 123 51.93 39.75 7.95
C TYR A 123 50.67 40.37 7.38
N GLU A 124 50.82 41.51 6.60
CA GLU A 124 49.82 42.24 5.87
C GLU A 124 49.10 41.32 4.90
N LYS A 125 49.81 40.40 4.17
CA LYS A 125 49.30 39.52 3.17
C LYS A 125 48.38 38.67 3.88
N TRP A 126 48.81 38.14 5.04
CA TRP A 126 47.95 37.26 5.77
C TRP A 126 46.82 37.94 6.41
N SER A 127 46.97 39.27 6.79
CA SER A 127 45.91 40.05 7.39
C SER A 127 44.82 40.37 6.37
N ASP A 128 43.57 40.45 6.93
CA ASP A 128 42.31 40.66 6.30
C ASP A 128 41.98 39.35 5.69
N THR A 129 41.12 39.29 4.68
CA THR A 129 40.74 38.14 3.95
C THR A 129 41.89 37.51 3.10
N SER A 130 42.22 36.24 3.42
CA SER A 130 43.34 35.55 2.84
C SER A 130 42.86 34.09 2.66
N PHE A 131 43.17 33.46 1.50
CA PHE A 131 43.04 32.08 1.24
C PHE A 131 43.87 31.33 2.18
N GLY A 132 43.30 30.28 2.79
CA GLY A 132 44.06 29.44 3.69
C GLY A 132 43.99 30.12 5.01
N MET A 133 42.96 29.78 5.75
CA MET A 133 42.72 30.18 7.09
C MET A 133 43.86 29.48 7.94
N VAL A 134 44.22 28.22 7.56
CA VAL A 134 45.26 27.41 8.20
C VAL A 134 46.59 28.14 8.02
N LEU A 135 46.83 28.71 6.78
CA LEU A 135 48.03 29.47 6.38
C LEU A 135 48.08 30.79 7.20
N GLN A 136 46.93 31.45 7.35
CA GLN A 136 46.87 32.69 8.13
C GLN A 136 47.24 32.46 9.56
N ARG A 137 46.77 31.31 10.15
CA ARG A 137 47.05 30.96 11.50
C ARG A 137 48.50 30.73 11.79
N PHE A 138 49.15 30.08 10.80
CA PHE A 138 50.59 29.67 10.77
C PHE A 138 51.37 30.98 10.79
N ALA A 139 50.96 31.98 9.96
CA ALA A 139 51.58 33.30 9.95
C ALA A 139 51.45 34.01 11.28
N TYR A 140 50.24 33.91 11.91
CA TYR A 140 50.08 34.73 13.05
C TYR A 140 50.96 34.36 14.15
N GLU A 141 51.11 33.00 14.39
CA GLU A 141 51.88 32.57 15.49
C GLU A 141 53.31 32.86 15.32
N ILE A 142 53.80 32.68 14.08
CA ILE A 142 55.16 32.91 13.74
C ILE A 142 55.52 34.39 13.90
N ARG A 143 54.60 35.23 13.41
CA ARG A 143 54.94 36.65 13.42
C ARG A 143 55.17 37.22 14.72
N ARG A 144 54.27 36.77 15.65
CA ARG A 144 54.26 37.15 16.99
C ARG A 144 55.54 36.64 17.68
N PHE A 145 55.96 35.38 17.43
CA PHE A 145 57.08 34.87 18.12
C PHE A 145 58.39 35.66 17.76
N LEU A 146 58.60 35.93 16.47
CA LEU A 146 59.76 36.63 15.92
C LEU A 146 59.79 37.98 16.46
N GLU A 147 58.65 38.59 16.48
CA GLU A 147 58.57 39.97 16.85
C GLU A 147 59.05 40.16 18.29
N ASP A 148 58.65 39.18 19.17
CA ASP A 148 58.92 39.24 20.55
C ASP A 148 60.32 39.16 20.93
N VAL A 149 61.01 38.27 20.28
CA VAL A 149 62.33 38.02 20.47
C VAL A 149 63.19 39.24 20.13
N TYR A 150 62.87 39.74 18.91
CA TYR A 150 63.63 40.75 18.26
C TYR A 150 63.53 42.07 19.08
N LEU A 151 62.28 42.48 19.53
CA LEU A 151 62.10 43.70 20.22
C LEU A 151 62.74 43.75 21.63
N LYS A 152 62.56 42.68 22.39
CA LYS A 152 62.94 42.55 23.76
C LYS A 152 64.46 42.72 23.74
N THR A 153 65.17 41.99 22.84
CA THR A 153 66.62 41.85 22.90
C THR A 153 67.18 43.14 22.70
N LEU A 154 66.66 43.79 21.67
CA LEU A 154 67.19 45.02 21.17
C LEU A 154 67.04 46.14 22.14
N VAL A 155 65.84 46.29 22.79
CA VAL A 155 65.64 47.44 23.67
C VAL A 155 66.50 47.44 24.88
N GLU A 156 66.62 46.29 25.49
CA GLU A 156 67.41 46.12 26.66
C GLU A 156 68.88 46.34 26.33
N ARG A 157 69.35 45.83 25.20
CA ARG A 157 70.70 45.95 24.85
C ARG A 157 71.11 47.36 24.59
N LEU A 158 70.30 48.11 23.89
CA LEU A 158 70.55 49.49 23.52
C LEU A 158 70.56 50.41 24.71
N GLU A 159 69.67 50.18 25.66
CA GLU A 159 69.68 50.99 26.89
C GLU A 159 70.89 50.85 27.71
N ARG A 160 71.40 49.62 27.86
CA ARG A 160 72.62 49.31 28.61
C ARG A 160 73.84 49.98 27.96
N ASP A 161 73.88 49.89 26.61
CA ASP A 161 74.96 50.32 25.79
C ASP A 161 75.09 51.82 25.89
N PHE A 162 73.95 52.54 25.86
CA PHE A 162 73.86 54.01 26.02
C PHE A 162 74.26 54.42 27.36
N ASN A 163 73.75 53.68 28.36
CA ASN A 163 74.02 53.99 29.75
C ASN A 163 75.50 53.88 30.11
N LYS A 164 76.17 52.79 29.73
CA LYS A 164 77.49 52.44 30.22
C LYS A 164 78.47 53.50 29.79
N VAL A 165 78.47 53.85 28.51
CA VAL A 165 79.26 54.86 27.91
C VAL A 165 78.30 55.26 26.86
N PRO A 166 78.19 56.50 26.50
CA PRO A 166 77.22 56.96 25.48
C PRO A 166 77.28 56.20 24.17
N ASN A 167 78.45 56.14 23.49
CA ASN A 167 78.57 55.48 22.16
C ASN A 167 78.96 54.04 22.39
N PHE A 168 78.77 53.10 21.41
CA PHE A 168 79.12 51.70 21.54
C PHE A 168 79.65 51.28 20.19
N SER A 169 79.34 50.09 19.76
CA SER A 169 80.05 49.51 18.64
C SER A 169 79.24 48.55 17.81
N ILE A 170 79.88 48.04 16.71
CA ILE A 170 79.41 47.03 15.80
C ILE A 170 79.16 45.64 16.44
N ARG A 171 80.05 45.28 17.45
CA ARG A 171 80.17 43.95 17.96
C ARG A 171 78.92 43.33 18.62
N GLU A 172 78.22 44.04 19.39
CA GLU A 172 77.08 43.52 20.09
C GLU A 172 75.97 43.12 19.18
N LEU A 173 75.70 43.83 18.11
CA LEU A 173 74.73 43.55 17.14
C LEU A 173 75.00 42.34 16.36
N GLU A 174 76.32 42.08 16.05
CA GLU A 174 76.69 40.82 15.43
C GLU A 174 76.39 39.63 16.32
N GLN A 175 76.56 39.81 17.64
CA GLN A 175 76.30 38.71 18.53
C GLN A 175 74.83 38.40 18.55
N ILE A 176 73.96 39.44 18.55
CA ILE A 176 72.57 39.41 18.66
C ILE A 176 72.00 38.67 17.40
N ILE A 177 72.65 38.92 16.27
CA ILE A 177 72.40 38.44 15.03
C ILE A 177 72.58 36.94 15.02
N ASN A 178 73.42 36.43 15.89
CA ASN A 178 73.57 34.94 16.06
C ASN A 178 72.25 34.24 16.51
N GLU A 179 71.50 34.94 17.44
CA GLU A 179 70.20 34.47 17.90
C GLU A 179 69.26 34.47 16.71
N THR A 180 69.45 35.56 15.93
CA THR A 180 68.65 35.99 14.78
C THR A 180 68.79 35.00 13.67
N GLU A 181 69.83 34.16 13.64
CA GLU A 181 70.10 33.16 12.63
C GLU A 181 69.10 32.05 12.51
N VAL A 182 68.46 31.60 13.60
CA VAL A 182 67.40 30.65 13.56
C VAL A 182 66.22 31.26 12.75
N ASN A 183 66.00 32.59 12.94
CA ASN A 183 65.05 33.48 12.34
C ASN A 183 65.20 33.74 10.91
N LYS A 184 66.39 33.54 10.30
CA LYS A 184 66.70 33.45 8.88
C LYS A 184 66.05 32.28 8.18
N GLN A 185 65.81 31.16 8.85
CA GLN A 185 65.01 30.14 8.24
C GLN A 185 63.60 30.62 8.03
N MET A 186 63.01 31.46 8.87
CA MET A 186 61.69 31.95 8.63
C MET A 186 61.54 32.83 7.43
N GLU A 187 62.69 33.50 7.15
CA GLU A 187 62.95 34.26 5.95
C GLU A 187 62.98 33.50 4.66
N LEU A 188 63.44 32.26 4.68
CA LEU A 188 63.40 31.27 3.64
C LEU A 188 62.02 30.94 3.24
N LEU A 189 61.07 30.83 4.24
CA LEU A 189 59.75 30.45 4.04
C LEU A 189 58.93 31.38 3.19
N TYR A 190 59.16 32.68 3.31
CA TYR A 190 58.50 33.66 2.52
C TYR A 190 58.83 33.58 1.10
N ASN A 191 60.10 33.19 0.83
CA ASN A 191 60.58 32.99 -0.59
C ASN A 191 59.73 31.85 -1.21
N ILE A 192 59.41 30.77 -0.46
CA ILE A 192 58.56 29.69 -0.84
C ILE A 192 57.18 30.16 -1.10
N TYR A 193 56.62 31.11 -0.27
CA TYR A 193 55.32 31.72 -0.41
C TYR A 193 55.25 32.52 -1.72
N GLU A 194 56.33 33.25 -2.07
CA GLU A 194 56.46 34.00 -3.35
C GLU A 194 56.47 33.14 -4.62
N GLU A 195 57.17 32.00 -4.53
CA GLU A 195 57.23 30.99 -5.57
C GLU A 195 55.85 30.41 -5.84
N ILE A 196 55.11 30.14 -4.71
CA ILE A 196 53.72 29.62 -4.77
C ILE A 196 52.83 30.67 -5.48
N PHE A 197 53.01 31.97 -5.17
CA PHE A 197 52.23 33.08 -5.67
C PHE A 197 52.40 33.21 -7.20
N ARG A 198 53.64 33.04 -7.68
CA ARG A 198 53.97 33.11 -9.10
C ARG A 198 53.21 31.95 -9.78
N GLU A 199 53.13 30.78 -9.13
CA GLU A 199 52.46 29.62 -9.66
C GLU A 199 51.01 29.96 -9.74
N ILE A 200 50.37 30.64 -8.80
CA ILE A 200 48.91 30.83 -8.89
C ILE A 200 48.58 31.68 -10.09
N GLU A 201 49.37 32.69 -10.27
CA GLU A 201 49.32 33.60 -11.42
C GLU A 201 49.59 32.96 -12.71
N GLU A 202 50.52 32.05 -12.85
CA GLU A 202 50.90 31.38 -14.09
C GLU A 202 49.71 30.56 -14.51
N ARG A 203 49.05 29.90 -13.52
CA ARG A 203 47.93 29.05 -13.67
C ARG A 203 46.77 29.87 -14.22
N ARG A 204 46.60 31.13 -13.64
CA ARG A 204 45.54 32.04 -13.98
C ARG A 204 45.74 32.46 -15.44
N THR A 205 47.02 32.68 -15.86
CA THR A 205 47.39 33.06 -17.20
C THR A 205 48.83 32.67 -17.43
N LYS A 243 45.53 23.45 -5.44
CA LYS A 243 45.77 24.66 -4.58
C LYS A 243 46.17 24.47 -3.15
N GLY A 244 45.19 24.22 -2.26
CA GLY A 244 45.37 24.07 -0.80
C GLY A 244 46.32 22.93 -0.42
N GLY A 245 46.01 21.72 -0.94
CA GLY A 245 46.53 20.47 -0.66
C GLY A 245 47.93 20.36 -1.10
N ALA A 246 48.25 21.00 -2.27
CA ALA A 246 49.53 21.21 -2.71
C ALA A 246 50.31 22.04 -1.78
N ILE A 247 49.73 23.07 -1.19
CA ILE A 247 50.51 23.99 -0.36
C ILE A 247 51.02 23.26 0.86
N LEU A 248 50.18 22.41 1.48
CA LEU A 248 50.55 21.53 2.59
C LEU A 248 51.60 20.56 2.22
N LYS A 249 51.47 19.99 1.04
CA LYS A 249 52.34 18.96 0.50
C LYS A 249 53.74 19.50 0.35
N ILE A 250 53.84 20.76 -0.15
CA ILE A 250 55.00 21.53 -0.49
C ILE A 250 55.71 21.72 0.86
N PHE A 251 54.96 22.04 1.93
CA PHE A 251 55.54 22.22 3.24
C PHE A 251 56.08 20.96 3.71
N GLN A 252 55.44 19.77 3.51
CA GLN A 252 56.08 18.54 3.95
C GLN A 252 57.36 18.30 3.16
N GLN A 253 57.42 18.56 1.87
CA GLN A 253 58.63 18.38 1.05
C GLN A 253 59.73 19.28 1.41
N LYS A 254 59.48 20.62 1.73
CA LYS A 254 60.49 21.62 2.08
C LYS A 254 61.13 21.19 3.35
N ILE A 255 60.36 20.64 4.30
CA ILE A 255 60.89 20.26 5.61
C ILE A 255 61.92 19.15 5.50
N LEU A 256 61.68 18.13 4.59
CA LEU A 256 62.60 17.13 4.25
C LEU A 256 63.83 17.72 3.50
N GLU A 257 63.60 18.67 2.61
CA GLU A 257 64.65 19.25 1.81
C GLU A 257 65.71 20.07 2.59
N ASN A 258 65.26 20.97 3.56
CA ASN A 258 66.10 21.57 4.46
C ASN A 258 66.69 20.71 5.54
N LEU A 259 65.97 19.64 5.99
CA LEU A 259 66.40 18.74 7.04
C LEU A 259 67.90 18.54 7.18
N GLY A 260 68.55 18.71 8.36
CA GLY A 260 69.95 18.61 8.61
C GLY A 260 70.47 19.64 9.54
N ASP A 261 69.74 20.79 9.49
CA ASP A 261 69.91 21.91 10.34
C ASP A 261 68.79 21.85 11.35
N ARG A 262 69.11 21.07 12.40
CA ARG A 262 68.16 20.63 13.30
C ARG A 262 67.33 21.69 14.07
N SER A 263 67.88 22.84 14.58
CA SER A 263 67.06 23.80 15.30
C SER A 263 65.96 24.42 14.50
N SER A 264 66.31 24.93 13.34
CA SER A 264 65.53 25.67 12.44
C SER A 264 64.51 24.68 11.93
N VAL A 265 64.93 23.52 11.51
CA VAL A 265 64.05 22.50 10.99
C VAL A 265 63.07 22.09 12.03
N MET A 266 63.46 21.86 13.35
CA MET A 266 62.67 21.38 14.44
C MET A 266 61.61 22.42 14.70
N PHE A 267 61.87 23.76 14.63
CA PHE A 267 60.98 24.93 14.86
C PHE A 267 59.93 24.75 13.82
N LEU A 268 60.38 24.57 12.56
CA LEU A 268 59.37 24.41 11.51
C LEU A 268 58.54 23.14 11.73
N LYS A 269 59.19 22.11 12.23
CA LYS A 269 58.56 20.84 12.46
C LYS A 269 57.39 20.95 13.49
N LYS A 270 57.58 21.73 14.62
CA LYS A 270 56.56 22.06 15.70
C LYS A 270 55.45 22.83 15.06
N LEU A 271 55.85 23.74 14.11
CA LEU A 271 54.89 24.59 13.40
C LEU A 271 53.97 23.84 12.53
N LEU A 272 54.61 22.82 11.88
CA LEU A 272 53.96 21.91 10.98
C LEU A 272 52.95 21.11 11.76
N ASN A 273 53.29 20.60 13.01
CA ASN A 273 52.34 19.81 13.82
C ASN A 273 51.18 20.65 14.13
N ASN A 274 51.45 21.91 14.50
CA ASN A 274 50.42 22.81 14.92
C ASN A 274 49.39 23.11 13.85
N ILE A 275 49.87 23.29 12.57
CA ILE A 275 48.91 23.44 11.44
C ILE A 275 48.15 22.19 11.14
N SER A 276 48.93 21.03 11.21
CA SER A 276 48.43 19.70 10.99
C SER A 276 47.43 19.23 11.89
N GLN A 277 47.31 19.75 13.17
CA GLN A 277 46.28 19.39 14.10
C GLN A 277 45.00 19.72 13.46
N ASP A 278 44.91 20.86 12.73
CA ASP A 278 43.68 21.28 12.09
C ASP A 278 43.30 20.30 10.91
N TYR A 279 44.32 19.79 10.18
CA TYR A 279 44.19 18.89 9.18
C TYR A 279 43.65 17.54 9.65
N CYS A 280 44.27 17.11 10.73
CA CYS A 280 43.95 15.95 11.41
C CYS A 280 42.54 15.97 12.04
N THR A 281 42.15 17.10 12.55
CA THR A 281 40.78 17.34 13.17
C THR A 281 39.70 17.19 12.06
N MET A 282 39.91 17.77 10.87
CA MET A 282 39.04 17.70 9.71
C MET A 282 39.04 16.25 9.21
N LEU A 283 40.19 15.56 9.26
CA LEU A 283 40.45 14.21 8.82
C LEU A 283 39.60 13.29 9.73
N TYR A 284 39.67 13.68 11.03
CA TYR A 284 38.98 12.94 12.11
C TYR A 284 37.50 13.02 12.01
N GLU A 285 36.94 14.22 11.63
CA GLU A 285 35.54 14.47 11.38
C GLU A 285 35.07 13.59 10.24
N TRP A 286 35.85 13.47 9.13
CA TRP A 286 35.49 12.53 8.08
C TRP A 286 35.53 11.05 8.47
N LEU A 287 36.72 10.66 8.87
CA LEU A 287 36.83 9.30 9.17
C LEU A 287 36.03 8.84 10.37
N THR A 288 35.92 9.61 11.49
CA THR A 288 35.08 9.22 12.58
C THR A 288 33.64 9.48 12.39
N GLN A 289 33.27 10.64 11.76
CA GLN A 289 31.87 11.02 11.75
C GLN A 289 31.43 11.57 10.45
N GLY A 290 32.00 11.17 9.32
CA GLY A 290 31.43 11.48 8.04
C GLY A 290 31.01 12.86 7.74
N ILE A 291 31.88 13.85 7.94
CA ILE A 291 31.56 15.25 7.64
C ILE A 291 32.87 16.01 7.43
N LEU A 292 32.81 17.11 6.74
CA LEU A 292 33.83 18.00 6.46
C LEU A 292 33.14 19.26 6.15
N ASN A 293 33.93 20.40 6.06
CA ASN A 293 33.44 21.62 5.70
C ASN A 293 34.59 22.44 5.02
N ASP A 294 34.15 23.40 4.15
CA ASP A 294 35.11 24.33 3.52
C ASP A 294 34.64 25.73 3.85
N PRO A 295 35.46 26.53 4.60
CA PRO A 295 35.12 27.90 4.80
C PRO A 295 36.12 28.76 4.09
N TYR A 296 37.37 28.29 4.00
CA TYR A 296 38.32 29.02 3.09
C TYR A 296 38.84 28.09 2.08
N GLN A 297 38.23 26.89 2.08
CA GLN A 297 38.48 25.71 1.21
C GLN A 297 39.71 24.96 1.71
N GLU A 298 39.45 23.70 2.22
CA GLU A 298 40.57 23.01 2.72
C GLU A 298 40.51 21.64 2.21
N PHE A 299 39.60 21.37 1.29
CA PHE A 299 39.48 20.08 0.59
C PHE A 299 39.03 20.49 -0.81
N MET A 300 38.93 19.41 -1.63
CA MET A 300 38.61 19.47 -3.02
C MET A 300 37.37 18.64 -3.27
N THR A 301 36.54 18.33 -2.21
CA THR A 301 35.28 17.58 -2.35
C THR A 301 34.10 18.55 -2.32
N TYR A 302 33.12 18.41 -3.26
CA TYR A 302 32.08 19.35 -3.37
C TYR A 302 30.77 18.50 -3.42
N ASP A 303 29.71 19.08 -2.95
CA ASP A 303 28.29 18.53 -2.91
C ASP A 303 27.68 18.63 -4.27
N ASP A 304 26.71 17.75 -4.45
CA ASP A 304 26.00 17.50 -5.64
C ASP A 304 26.91 16.86 -6.73
N TRP A 320 16.56 10.74 -2.78
CA TRP A 320 16.96 12.18 -2.78
C TRP A 320 18.05 12.15 -1.78
N ASP A 321 19.33 12.35 -2.11
CA ASP A 321 20.37 12.15 -1.09
C ASP A 321 21.66 12.86 -1.40
N THR A 322 21.75 13.44 -2.61
CA THR A 322 22.98 14.06 -3.18
C THR A 322 24.18 13.17 -3.19
N GLN A 323 25.17 13.69 -3.90
CA GLN A 323 26.44 13.04 -4.30
C GLN A 323 27.50 14.01 -4.04
N TYR A 324 28.74 13.46 -4.14
CA TYR A 324 29.88 14.30 -3.76
C TYR A 324 30.86 13.97 -4.87
N PHE A 325 31.83 14.82 -5.26
CA PHE A 325 32.77 14.45 -6.29
C PHE A 325 33.99 15.31 -6.03
N ILE A 326 35.06 15.03 -6.80
CA ILE A 326 36.32 15.80 -6.64
C ILE A 326 36.35 16.98 -7.56
N ARG A 327 36.75 18.18 -7.03
CA ARG A 327 37.13 19.33 -7.76
C ARG A 327 38.61 19.15 -8.18
N LYS A 328 38.88 19.07 -9.55
CA LYS A 328 40.18 18.79 -10.05
C LYS A 328 41.25 19.79 -9.78
N ASP A 329 40.90 21.10 -9.83
CA ASP A 329 41.79 22.22 -9.65
C ASP A 329 42.39 22.28 -8.25
N VAL A 330 41.56 21.96 -7.24
CA VAL A 330 41.90 22.04 -5.85
C VAL A 330 42.88 20.96 -5.34
N LEU A 331 42.91 19.83 -6.01
CA LEU A 331 43.70 18.64 -5.66
C LEU A 331 44.93 18.65 -4.79
N LEU A 332 45.04 17.58 -3.98
CA LEU A 332 46.17 17.30 -3.06
C LEU A 332 46.76 16.10 -3.80
N ARG A 333 48.09 16.13 -4.08
CA ARG A 333 48.73 15.09 -4.90
C ARG A 333 49.39 14.14 -3.94
N ASP A 334 49.69 12.88 -4.44
CA ASP A 334 50.23 11.78 -3.71
C ASP A 334 50.78 10.90 -4.80
N CYS A 335 50.27 11.03 -6.07
CA CYS A 335 50.92 10.70 -7.28
C CYS A 335 49.96 10.92 -8.28
N ASP A 336 49.93 10.14 -9.38
CA ASP A 336 49.08 10.33 -10.46
C ASP A 336 48.91 8.93 -10.88
N SER A 337 47.96 8.79 -11.86
CA SER A 337 47.60 7.59 -12.49
C SER A 337 46.63 6.76 -11.53
N GLU A 338 46.43 5.51 -11.84
CA GLU A 338 45.62 4.66 -11.05
C GLU A 338 46.16 4.44 -9.66
N GLU A 339 47.44 4.43 -9.52
CA GLU A 339 48.02 4.10 -8.24
C GLU A 339 47.66 5.03 -7.09
N ASP A 340 47.67 6.34 -7.53
CA ASP A 340 47.29 7.49 -6.71
C ASP A 340 45.86 7.33 -6.25
N LYS A 341 44.99 7.04 -7.28
CA LYS A 341 43.62 6.88 -7.17
C LYS A 341 43.18 5.76 -6.36
N ASN A 342 43.80 4.54 -6.41
CA ASN A 342 43.33 3.45 -5.62
C ASN A 342 43.49 3.78 -4.16
N LEU A 343 44.58 4.43 -3.72
CA LEU A 343 44.71 4.85 -2.37
C LEU A 343 43.72 5.89 -1.95
N LEU A 344 43.45 6.87 -2.77
CA LEU A 344 42.53 7.91 -2.44
C LEU A 344 41.10 7.52 -2.28
N PHE A 345 40.70 6.58 -3.18
CA PHE A 345 39.38 5.96 -3.26
C PHE A 345 39.22 5.19 -1.99
N LYS A 346 40.27 4.49 -1.47
CA LYS A 346 40.03 3.80 -0.23
C LYS A 346 39.73 4.66 0.98
N MET A 347 40.47 5.77 1.08
CA MET A 347 40.20 6.79 2.10
C MET A 347 38.87 7.51 1.97
N LEU A 348 38.51 7.80 0.68
CA LEU A 348 37.27 8.53 0.30
C LEU A 348 36.09 7.74 0.66
N ARG A 349 36.20 6.43 0.39
CA ARG A 349 35.18 5.41 0.69
C ARG A 349 34.94 5.24 2.17
N THR A 350 36.01 5.26 3.00
CA THR A 350 35.87 5.11 4.43
C THR A 350 35.05 6.27 5.07
N GLY A 351 35.38 7.45 4.57
CA GLY A 351 34.80 8.68 4.96
C GLY A 351 33.35 8.79 4.60
N ILE A 352 32.97 8.32 3.41
CA ILE A 352 31.62 8.20 2.84
C ILE A 352 30.84 7.29 3.67
N LEU A 353 31.39 6.14 4.17
CA LEU A 353 30.59 5.12 4.89
C LEU A 353 30.09 5.88 6.11
N LEU A 354 30.98 6.73 6.75
CA LEU A 354 30.55 7.48 7.90
C LEU A 354 29.46 8.49 7.57
N LYS A 355 29.56 9.17 6.43
CA LYS A 355 28.53 10.02 5.98
C LYS A 355 27.17 9.42 5.68
N VAL A 356 27.17 8.20 5.06
CA VAL A 356 25.93 7.41 4.78
C VAL A 356 25.27 7.01 6.14
N VAL A 357 26.14 6.75 7.12
CA VAL A 357 25.77 6.52 8.50
C VAL A 357 25.12 7.65 9.17
N ARG A 358 25.58 8.89 8.90
CA ARG A 358 24.90 10.13 9.40
C ARG A 358 23.51 10.26 8.74
N ALA A 359 23.45 9.84 7.44
CA ALA A 359 22.24 9.86 6.69
C ALA A 359 21.12 8.99 7.24
N SER A 360 21.61 7.85 7.81
CA SER A 360 20.88 6.78 8.40
C SER A 360 20.07 7.05 9.59
N LEU A 361 19.92 8.25 10.03
CA LEU A 361 19.44 8.70 11.30
C LEU A 361 18.01 8.36 11.66
N GLN A 362 17.38 7.43 10.87
CA GLN A 362 16.01 6.90 11.05
C GLN A 362 16.10 6.15 12.37
N ILE A 363 17.26 5.50 12.66
CA ILE A 363 17.58 4.94 13.89
C ILE A 363 18.71 5.88 14.25
N PRO A 364 18.52 6.94 14.97
CA PRO A 364 19.43 8.11 15.05
C PRO A 364 20.95 7.89 15.22
N THR A 365 21.71 8.64 14.40
CA THR A 365 23.17 8.51 14.37
C THR A 365 23.74 9.13 15.62
N ILE A 366 24.90 8.49 16.08
CA ILE A 366 25.55 8.89 17.34
C ILE A 366 27.01 8.47 17.11
N PRO A 367 27.97 9.12 17.70
CA PRO A 367 29.35 8.56 17.82
C PRO A 367 29.40 7.33 18.74
N SER A 368 30.69 6.91 18.93
CA SER A 368 31.18 5.87 19.85
C SER A 368 30.39 4.51 19.76
N ASN A 369 30.32 3.72 20.83
CA ASN A 369 29.74 2.40 20.97
C ASN A 369 30.75 1.38 20.42
N SER A 370 32.04 1.65 20.86
CA SER A 370 33.26 0.83 20.70
C SER A 370 33.51 0.58 19.25
N SER A 371 34.47 1.33 18.74
CA SER A 371 34.98 1.21 17.42
C SER A 371 36.42 1.71 17.33
N ASP A 372 37.22 1.68 18.44
CA ASP A 372 38.62 2.03 18.52
C ASP A 372 38.81 3.43 18.36
N ILE A 373 37.85 4.19 18.93
CA ILE A 373 37.61 5.61 18.88
C ILE A 373 38.78 6.35 19.54
N THR A 374 39.27 5.79 20.68
CA THR A 374 40.32 6.32 21.48
C THR A 374 41.59 6.37 20.69
N ILE A 375 41.85 5.30 19.89
CA ILE A 375 42.97 5.23 18.94
C ILE A 375 42.82 6.28 17.98
N GLN A 376 41.59 6.53 17.47
CA GLN A 376 41.39 7.51 16.39
C GLN A 376 41.75 8.89 16.98
N GLU A 377 41.36 9.22 18.23
CA GLU A 377 41.56 10.52 18.80
C GLU A 377 43.01 10.95 19.01
N ILE A 378 43.86 9.95 19.51
CA ILE A 378 45.25 9.98 19.71
C ILE A 378 45.97 10.18 18.36
N ASN A 379 45.48 9.47 17.32
CA ASN A 379 46.01 9.46 16.05
C ASN A 379 45.88 10.89 15.48
N ASP A 380 44.74 11.58 15.71
CA ASP A 380 44.51 12.94 15.26
C ASP A 380 45.46 13.86 15.94
N PHE A 381 45.74 13.65 17.21
CA PHE A 381 46.75 14.39 17.96
C PHE A 381 48.20 14.14 17.45
N ALA A 382 48.49 12.94 16.89
CA ALA A 382 49.83 12.49 16.69
C ALA A 382 50.70 13.47 15.83
N ASP A 383 50.14 13.93 14.72
CA ASP A 383 50.69 14.95 13.79
C ASP A 383 51.89 14.38 12.99
N LEU A 384 51.78 13.09 12.48
CA LEU A 384 52.78 12.51 11.60
C LEU A 384 52.09 12.45 10.30
N MET A 385 52.84 12.71 9.23
CA MET A 385 52.23 12.90 7.98
C MET A 385 52.56 11.74 6.99
N GLU A 386 53.37 10.75 7.38
CA GLU A 386 53.69 9.59 6.60
C GLU A 386 52.42 8.89 6.16
N GLY A 387 52.33 8.41 5.00
CA GLY A 387 51.18 7.74 4.46
C GLY A 387 50.91 6.44 5.16
N SER A 388 52.00 5.63 5.46
CA SER A 388 51.85 4.27 5.94
C SER A 388 51.14 4.15 7.26
N ASN A 389 51.48 5.05 8.29
CA ASN A 389 50.87 4.99 9.57
C ASN A 389 49.42 5.28 9.48
N LEU A 390 49.10 6.31 8.66
CA LEU A 390 47.79 6.78 8.51
C LEU A 390 46.97 5.72 7.89
N GLU A 391 47.45 5.01 6.91
CA GLU A 391 46.69 4.02 6.15
C GLU A 391 46.31 2.94 7.03
N LEU A 392 47.16 2.50 8.01
CA LEU A 392 46.88 1.42 8.91
C LEU A 392 45.63 1.74 9.70
N TYR A 393 45.58 2.95 10.16
CA TYR A 393 44.44 3.50 10.86
C TYR A 393 43.19 3.53 10.03
N VAL A 394 43.31 3.99 8.70
CA VAL A 394 42.22 4.25 7.78
C VAL A 394 41.55 2.89 7.54
N ASP A 395 42.45 1.87 7.33
CA ASP A 395 41.87 0.60 7.26
C ASP A 395 41.21 0.21 8.58
N LYS A 396 41.70 0.53 9.81
CA LYS A 396 41.03 0.13 11.05
C LYS A 396 39.62 0.71 11.34
N CYS A 397 39.45 2.02 11.12
CA CYS A 397 38.27 2.73 11.23
C CYS A 397 37.35 2.26 10.20
N TYR A 398 37.91 1.94 8.99
CA TYR A 398 37.02 1.51 7.94
C TYR A 398 36.39 0.19 8.27
N SER A 399 37.18 -0.77 8.74
CA SER A 399 36.58 -2.09 9.12
C SER A 399 35.55 -2.12 10.20
N ARG A 400 35.83 -1.35 11.24
CA ARG A 400 34.93 -1.07 12.30
C ARG A 400 33.69 -0.39 11.90
N ALA A 401 33.77 0.60 11.01
CA ALA A 401 32.63 1.27 10.45
C ALA A 401 31.84 0.34 9.62
N ASN A 402 32.50 -0.58 8.81
CA ASN A 402 31.88 -1.46 7.86
C ASN A 402 31.08 -2.46 8.73
N GLU A 403 31.70 -2.91 9.83
CA GLU A 403 31.06 -3.80 10.69
C GLU A 403 29.86 -3.22 11.38
N ILE A 404 30.02 -1.99 11.84
CA ILE A 404 28.95 -1.25 12.46
C ILE A 404 27.84 -1.00 11.47
N PHE A 405 28.11 -0.78 10.16
CA PHE A 405 27.19 -0.59 9.13
C PHE A 405 26.38 -1.83 8.84
N LEU A 406 27.03 -2.97 8.85
CA LEU A 406 26.36 -4.22 8.76
C LEU A 406 25.43 -4.60 9.88
N LYS A 407 25.81 -4.33 11.15
CA LYS A 407 24.93 -4.43 12.33
C LYS A 407 23.73 -3.62 12.21
N LEU A 408 23.84 -2.37 11.74
CA LEU A 408 22.73 -1.45 11.49
C LEU A 408 21.83 -1.92 10.47
N PHE A 409 22.35 -2.41 9.39
CA PHE A 409 21.59 -2.87 8.31
C PHE A 409 20.84 -4.12 8.62
N PHE A 410 21.62 -5.09 9.05
CA PHE A 410 21.21 -6.44 9.22
C PHE A 410 20.21 -6.41 10.37
N GLN A 411 20.47 -5.75 11.49
CA GLN A 411 19.55 -5.78 12.66
C GLN A 411 19.02 -4.47 12.95
N GLY A 412 17.68 -4.43 13.09
CA GLY A 412 16.89 -3.23 13.22
C GLY A 412 16.69 -2.33 12.04
N TYR A 413 17.09 -2.84 10.83
CA TYR A 413 16.63 -2.27 9.64
C TYR A 413 16.39 -3.39 8.72
N ASP A 414 16.52 -4.64 9.28
CA ASP A 414 16.23 -6.01 8.78
C ASP A 414 16.54 -6.13 7.28
N LEU A 415 17.85 -5.84 6.92
CA LEU A 415 18.37 -5.93 5.57
C LEU A 415 18.24 -7.28 4.94
N ILE A 416 18.52 -8.34 5.71
CA ILE A 416 18.58 -9.71 5.32
C ILE A 416 17.21 -10.11 4.71
N ASN A 417 16.11 -9.62 5.33
CA ASN A 417 14.81 -9.87 4.97
C ASN A 417 14.45 -9.32 3.62
N VAL A 418 14.96 -8.09 3.46
CA VAL A 418 14.77 -7.27 2.27
C VAL A 418 15.43 -7.99 1.15
N LEU A 419 16.63 -8.61 1.41
CA LEU A 419 17.29 -9.35 0.36
C LEU A 419 16.40 -10.44 -0.09
N LYS A 420 15.72 -11.14 0.84
CA LYS A 420 14.78 -12.24 0.46
C LYS A 420 13.68 -11.70 -0.45
N HIS A 421 13.09 -10.48 -0.11
CA HIS A 421 12.04 -9.89 -0.94
C HIS A 421 12.53 -9.46 -2.33
N LEU A 422 13.80 -8.93 -2.44
CA LEU A 422 14.36 -8.56 -3.69
C LEU A 422 14.52 -9.81 -4.50
N GLN A 423 15.03 -10.90 -3.79
CA GLN A 423 15.35 -12.11 -4.45
C GLN A 423 14.10 -12.71 -5.03
N GLN A 424 12.90 -12.61 -4.34
CA GLN A 424 11.67 -13.03 -4.89
C GLN A 424 11.30 -12.21 -6.12
N ILE A 425 11.30 -10.87 -6.02
CA ILE A 425 10.78 -10.12 -7.19
C ILE A 425 11.71 -9.96 -8.36
N PHE A 426 12.87 -9.33 -8.05
CA PHE A 426 13.83 -8.86 -9.01
C PHE A 426 14.49 -10.01 -9.69
N LEU A 427 14.79 -11.05 -8.87
CA LEU A 427 15.58 -12.10 -9.40
C LEU A 427 14.60 -13.18 -9.90
N GLY A 428 14.11 -12.95 -11.11
CA GLY A 428 13.62 -14.06 -11.97
C GLY A 428 12.20 -14.45 -11.61
N TYR A 429 11.54 -13.93 -10.53
CA TYR A 429 10.32 -14.29 -9.92
C TYR A 429 10.54 -15.62 -9.26
N GLN A 430 10.66 -15.67 -7.91
CA GLN A 430 10.77 -16.81 -7.07
C GLN A 430 9.39 -17.09 -6.58
N SER A 431 8.32 -16.68 -7.28
CA SER A 431 6.92 -17.22 -7.11
C SER A 431 6.29 -17.19 -8.42
N GLY A 432 6.51 -18.29 -9.20
CA GLY A 432 6.08 -18.39 -10.55
C GLY A 432 4.59 -18.38 -10.78
N HIS A 433 3.77 -18.93 -9.84
CA HIS A 433 2.34 -19.14 -9.92
C HIS A 433 1.58 -17.82 -10.11
N ASN A 434 1.97 -16.76 -9.39
CA ASN A 434 1.40 -15.48 -9.42
C ASN A 434 1.49 -14.90 -10.81
N VAL A 435 2.72 -14.99 -11.43
CA VAL A 435 3.04 -14.53 -12.77
C VAL A 435 2.31 -15.29 -13.79
N LEU A 436 2.15 -16.61 -13.67
CA LEU A 436 1.44 -17.46 -14.57
C LEU A 436 0.01 -17.04 -14.66
N LYS A 437 -0.64 -16.86 -13.54
CA LYS A 437 -2.01 -16.44 -13.53
C LYS A 437 -2.23 -14.93 -13.93
N PHE A 438 -1.27 -14.07 -13.62
CA PHE A 438 -1.19 -12.71 -14.05
C PHE A 438 -1.15 -12.64 -15.55
N LEU A 439 -0.36 -13.50 -16.09
CA LEU A 439 -0.09 -13.80 -17.50
C LEU A 439 -1.32 -14.29 -18.14
N THR A 440 -2.12 -15.13 -17.42
CA THR A 440 -3.38 -15.61 -17.85
C THR A 440 -4.30 -14.48 -18.06
N LYS A 441 -4.52 -13.53 -17.13
CA LYS A 441 -5.46 -12.46 -17.20
C LYS A 441 -5.12 -11.42 -18.24
N ASN A 442 -3.79 -11.07 -18.42
CA ASN A 442 -3.29 -10.01 -19.23
C ASN A 442 -3.39 -10.36 -20.67
N MET A 443 -3.51 -11.72 -21.00
CA MET A 443 -3.08 -12.47 -22.19
C MET A 443 -3.63 -11.84 -23.47
N GLY A 444 -4.90 -11.41 -23.51
CA GLY A 444 -5.70 -10.79 -24.49
C GLY A 444 -5.18 -9.49 -24.88
N GLU A 445 -4.71 -8.75 -23.85
CA GLU A 445 -4.12 -7.40 -23.95
C GLU A 445 -2.73 -7.40 -24.62
N LEU A 446 -1.90 -8.46 -24.35
CA LEU A 446 -0.54 -8.56 -24.95
C LEU A 446 -0.45 -8.98 -26.41
N THR A 447 -1.32 -9.82 -26.98
CA THR A 447 -1.27 -10.38 -28.34
C THR A 447 -1.34 -9.32 -29.41
N LYS A 448 -2.09 -8.23 -29.18
CA LYS A 448 -2.34 -7.02 -29.95
C LYS A 448 -1.08 -6.38 -30.38
N HIS A 449 -1.20 -5.57 -31.51
CA HIS A 449 -0.05 -4.76 -32.02
C HIS A 449 -0.02 -3.47 -31.20
N TYR A 450 1.06 -2.70 -31.30
CA TYR A 450 1.31 -1.46 -30.65
C TYR A 450 0.21 -0.53 -31.12
N ARG A 451 -0.47 0.12 -30.13
CA ARG A 451 -1.51 1.07 -30.34
C ARG A 451 -1.57 1.83 -29.02
N ASN A 452 -2.12 3.05 -29.12
CA ASN A 452 -2.28 3.96 -28.00
C ASN A 452 -3.16 3.47 -26.84
N ASP A 453 -4.27 2.75 -27.19
CA ASP A 453 -5.20 2.36 -26.22
C ASP A 453 -4.77 1.28 -25.35
N ASN A 454 -3.85 0.45 -25.93
CA ASN A 454 -3.32 -0.75 -25.43
C ASN A 454 -2.74 -0.66 -24.06
N ASN A 455 -1.96 0.44 -23.97
CA ASN A 455 -1.28 0.88 -22.81
C ASN A 455 -2.18 1.15 -21.66
N ALA A 456 -3.25 1.86 -21.96
CA ALA A 456 -4.24 2.27 -21.04
C ALA A 456 -4.93 1.11 -20.45
N ASN A 457 -5.29 0.17 -21.36
CA ASN A 457 -6.10 -1.00 -20.97
C ASN A 457 -5.20 -1.80 -20.03
N TYR A 458 -3.86 -1.84 -20.37
CA TYR A 458 -2.88 -2.51 -19.61
C TYR A 458 -2.72 -1.95 -18.24
N ASP A 459 -2.73 -0.64 -18.15
CA ASP A 459 -2.51 0.14 -17.00
C ASP A 459 -3.67 -0.11 -16.06
N LYS A 460 -4.98 -0.21 -16.45
CA LYS A 460 -6.00 -0.56 -15.51
C LYS A 460 -5.85 -1.87 -14.91
N LEU A 461 -5.48 -2.80 -15.82
CA LEU A 461 -5.16 -4.17 -15.53
C LEU A 461 -4.00 -4.37 -14.63
N LEU A 462 -2.93 -3.56 -14.83
CA LEU A 462 -1.79 -3.48 -13.99
C LEU A 462 -2.14 -3.00 -12.66
N GLN A 463 -2.97 -1.95 -12.50
CA GLN A 463 -3.38 -1.41 -11.22
C GLN A 463 -4.25 -2.45 -10.43
N ASN A 464 -5.17 -3.12 -11.11
CA ASN A 464 -6.07 -4.14 -10.55
C ASN A 464 -5.24 -5.25 -9.99
N PHE A 465 -4.15 -5.63 -10.72
CA PHE A 465 -3.36 -6.64 -10.15
C PHE A 465 -2.64 -6.18 -8.91
N GLU A 466 -2.22 -4.92 -8.78
CA GLU A 466 -1.62 -4.35 -7.61
C GLU A 466 -2.52 -4.44 -6.41
N LEU A 467 -3.86 -4.11 -6.59
CA LEU A 467 -4.75 -4.17 -5.50
C LEU A 467 -4.93 -5.63 -5.11
N GLU A 468 -5.07 -6.57 -6.06
CA GLU A 468 -5.37 -8.00 -5.91
C GLU A 468 -4.34 -8.82 -5.10
N ARG A 469 -3.06 -8.44 -5.10
CA ARG A 469 -2.05 -9.20 -4.43
C ARG A 469 -1.59 -8.59 -3.12
N GLN A 470 -2.48 -7.83 -2.52
CA GLN A 470 -2.35 -7.12 -1.29
C GLN A 470 -1.30 -7.63 -0.32
N SER A 471 -0.21 -6.78 -0.12
CA SER A 471 0.97 -6.99 0.79
C SER A 471 0.61 -7.28 2.16
N GLU A 472 1.20 -8.28 2.85
CA GLU A 472 1.08 -8.69 4.17
C GLU A 472 1.55 -7.51 4.98
N ASN A 473 2.65 -6.90 4.46
CA ASN A 473 3.29 -5.74 5.11
C ASN A 473 2.42 -4.58 5.16
N PRO A 474 2.55 -3.74 6.24
CA PRO A 474 1.69 -2.49 6.37
C PRO A 474 1.79 -1.62 5.17
N ASN A 475 2.92 -1.58 4.49
CA ASN A 475 3.09 -0.81 3.32
C ASN A 475 3.62 -1.78 2.24
N ASN A 476 3.36 -1.40 1.00
CA ASN A 476 3.70 -2.09 -0.17
C ASN A 476 5.19 -2.09 -0.43
N LEU A 477 5.63 -3.20 -1.08
CA LEU A 477 6.90 -3.22 -1.69
C LEU A 477 6.97 -4.11 -2.83
N MET A 478 5.94 -4.97 -3.06
CA MET A 478 5.98 -5.98 -4.13
C MET A 478 5.84 -5.35 -5.44
N ARG A 479 4.92 -4.38 -5.52
CA ARG A 479 4.57 -3.58 -6.67
C ARG A 479 4.89 -2.19 -6.48
N GLN A 480 5.71 -1.92 -5.50
CA GLN A 480 6.33 -0.64 -5.42
C GLN A 480 7.57 -0.75 -6.31
N LEU A 481 8.25 -1.90 -6.12
CA LEU A 481 9.52 -2.09 -6.72
C LEU A 481 9.37 -2.83 -7.97
N LEU A 482 8.23 -2.56 -8.77
CA LEU A 482 8.02 -3.12 -10.10
C LEU A 482 6.70 -2.81 -10.71
N MET A 483 6.73 -2.05 -11.89
CA MET A 483 5.53 -1.79 -12.68
C MET A 483 5.97 -1.88 -14.08
N ILE A 484 4.99 -2.14 -15.00
CA ILE A 484 5.29 -2.36 -16.40
C ILE A 484 4.88 -1.17 -17.28
N GLN A 485 5.73 -0.73 -18.27
CA GLN A 485 5.48 0.41 -19.13
C GLN A 485 5.42 -0.21 -20.44
N PHE A 486 4.62 0.44 -21.36
CA PHE A 486 4.57 0.08 -22.70
C PHE A 486 4.86 1.29 -23.52
N ASP A 487 5.65 1.15 -24.57
CA ASP A 487 6.02 2.20 -25.48
C ASP A 487 4.92 2.33 -26.49
N THR A 488 4.55 1.23 -27.12
CA THR A 488 3.44 1.04 -28.08
C THR A 488 3.29 2.18 -29.10
N GLU A 489 2.06 2.62 -29.54
CA GLU A 489 1.92 3.84 -30.30
C GLU A 489 1.60 4.91 -29.25
N THR A 490 1.65 4.53 -27.94
CA THR A 490 1.25 5.47 -26.88
C THR A 490 2.33 6.55 -26.73
N LYS A 554 6.09 -3.31 -33.51
CA LYS A 554 5.75 -4.64 -34.11
C LYS A 554 4.68 -5.26 -33.26
N SER A 555 4.75 -5.39 -31.91
CA SER A 555 3.69 -5.84 -31.05
C SER A 555 3.92 -5.24 -29.67
N ALA A 556 3.06 -5.52 -28.69
CA ALA A 556 3.11 -4.95 -27.33
C ALA A 556 4.45 -5.45 -26.65
N ILE A 557 4.82 -6.71 -26.90
CA ILE A 557 5.91 -7.43 -26.26
C ILE A 557 7.23 -6.81 -26.42
N TYR A 558 7.52 -6.30 -27.65
CA TYR A 558 8.77 -5.67 -28.02
C TYR A 558 8.95 -4.49 -27.24
N HIS A 559 7.80 -3.72 -27.06
CA HIS A 559 7.81 -2.42 -26.47
C HIS A 559 7.51 -2.44 -24.97
N LEU A 560 7.85 -3.53 -24.23
CA LEU A 560 7.41 -3.73 -22.81
C LEU A 560 8.68 -3.59 -21.97
N LYS A 561 8.64 -2.80 -20.92
CA LYS A 561 9.72 -2.56 -19.97
C LYS A 561 9.13 -2.34 -18.63
N PHE A 562 9.97 -2.35 -17.58
CA PHE A 562 9.57 -2.25 -16.22
C PHE A 562 10.29 -1.10 -15.53
N ASP A 563 9.55 -0.37 -14.66
CA ASP A 563 9.97 0.78 -13.95
C ASP A 563 9.63 0.53 -12.56
N ILE A 564 10.58 0.92 -11.65
CA ILE A 564 10.40 0.74 -10.16
C ILE A 564 10.39 1.99 -9.51
N ASN A 565 9.36 2.17 -8.65
CA ASN A 565 9.21 3.37 -7.84
C ASN A 565 10.14 3.20 -6.64
N ILE A 566 11.13 4.17 -6.56
CA ILE A 566 12.33 3.99 -5.68
C ILE A 566 12.11 3.72 -4.17
N PRO A 567 12.87 2.91 -3.45
CA PRO A 567 12.75 2.70 -1.97
C PRO A 567 13.64 3.82 -1.33
N TYR A 568 13.57 4.03 -0.03
CA TYR A 568 14.41 5.06 0.56
C TYR A 568 14.73 4.44 1.97
N PRO A 569 15.98 4.56 2.54
CA PRO A 569 17.21 5.08 1.97
C PRO A 569 17.98 4.09 1.18
N LEU A 570 17.34 2.93 0.92
CA LEU A 570 17.81 1.61 0.29
C LEU A 570 18.20 1.89 -1.18
N ASN A 571 17.70 2.88 -1.88
CA ASN A 571 18.05 3.23 -3.19
C ASN A 571 19.56 3.49 -3.36
N ILE A 572 20.19 3.96 -2.26
CA ILE A 572 21.67 4.21 -2.18
C ILE A 572 22.44 2.95 -2.43
N ILE A 573 21.91 1.86 -1.81
CA ILE A 573 22.55 0.60 -2.08
C ILE A 573 22.48 0.01 -3.49
N ILE A 574 21.29 0.02 -4.17
CA ILE A 574 21.11 -0.62 -5.53
C ILE A 574 21.51 0.47 -6.49
N SER A 575 22.11 0.03 -7.64
CA SER A 575 22.54 0.86 -8.72
C SER A 575 21.49 0.88 -9.76
N ARG A 576 21.34 2.02 -10.55
CA ARG A 576 20.37 2.30 -11.59
C ARG A 576 20.63 1.29 -12.70
N THR A 577 21.97 1.08 -12.91
CA THR A 577 22.48 0.17 -13.85
C THR A 577 22.08 -1.26 -13.43
N CYS A 578 22.11 -1.60 -12.17
CA CYS A 578 21.78 -2.93 -11.66
C CYS A 578 20.35 -3.27 -11.96
N MET A 579 19.37 -2.30 -11.79
CA MET A 579 17.99 -2.45 -11.98
C MET A 579 17.68 -2.71 -13.45
N ILE A 580 18.39 -2.14 -14.40
CA ILE A 580 18.28 -2.33 -15.83
C ILE A 580 18.63 -3.79 -16.16
N LYS A 581 19.66 -4.29 -15.43
CA LYS A 581 20.03 -5.70 -15.65
C LYS A 581 18.95 -6.72 -15.28
N TYR A 582 18.33 -6.59 -14.07
CA TYR A 582 17.21 -7.42 -13.78
C TYR A 582 16.05 -7.23 -14.78
N GLN A 583 15.93 -5.91 -15.15
CA GLN A 583 14.86 -5.57 -16.11
C GLN A 583 14.91 -6.26 -17.43
N ILE A 584 16.07 -6.40 -18.07
CA ILE A 584 16.24 -7.10 -19.33
C ILE A 584 15.99 -8.61 -19.21
N ILE A 585 16.51 -9.35 -18.10
CA ILE A 585 16.23 -10.69 -18.04
C ILE A 585 14.81 -11.08 -17.88
N LEU A 586 14.05 -10.35 -17.06
CA LEU A 586 12.63 -10.52 -16.71
C LEU A 586 11.82 -10.41 -18.00
N ARG A 587 12.18 -9.41 -18.81
CA ARG A 587 11.48 -9.16 -20.04
C ARG A 587 11.55 -10.26 -21.05
N TYR A 588 12.78 -10.80 -21.13
CA TYR A 588 13.10 -11.96 -21.95
C TYR A 588 12.38 -13.19 -21.51
N GLN A 589 12.45 -13.47 -20.19
CA GLN A 589 11.83 -14.61 -19.61
C GLN A 589 10.37 -14.51 -19.82
N LEU A 590 9.76 -13.40 -19.65
CA LEU A 590 8.35 -13.21 -19.81
C LEU A 590 7.84 -13.43 -21.19
N VAL A 591 8.58 -13.02 -22.19
CA VAL A 591 8.23 -13.22 -23.58
C VAL A 591 8.18 -14.63 -23.94
N LEU A 592 9.10 -15.45 -23.43
CA LEU A 592 9.11 -16.88 -23.55
C LEU A 592 7.93 -17.51 -22.84
N GLN A 593 7.60 -17.02 -21.61
CA GLN A 593 6.55 -17.57 -20.76
C GLN A 593 5.24 -17.37 -21.47
N TYR A 594 5.04 -16.21 -22.14
CA TYR A 594 3.82 -15.83 -22.77
C TYR A 594 3.62 -16.80 -23.94
N HIS A 595 4.72 -17.01 -24.68
CA HIS A 595 4.50 -17.92 -25.84
C HIS A 595 4.18 -19.35 -25.37
N SER A 596 4.80 -19.85 -24.24
CA SER A 596 4.44 -21.16 -23.70
C SER A 596 2.99 -21.27 -23.28
N ARG A 597 2.42 -20.24 -22.61
CA ARG A 597 1.04 -20.27 -22.22
C ARG A 597 0.15 -20.39 -23.41
N LEU A 598 0.50 -19.67 -24.48
CA LEU A 598 -0.32 -19.84 -25.70
C LEU A 598 -0.28 -21.21 -26.36
N LEU A 599 0.96 -21.77 -26.39
CA LEU A 599 1.17 -23.03 -27.04
C LEU A 599 0.42 -24.18 -26.32
N ASP A 600 0.54 -24.22 -24.99
CA ASP A 600 -0.19 -25.34 -24.27
C ASP A 600 -1.74 -25.23 -24.41
N GLU A 601 -2.36 -24.03 -24.44
CA GLU A 601 -3.81 -23.94 -24.57
C GLU A 601 -4.27 -24.47 -25.88
N THR A 602 -3.46 -24.17 -26.96
CA THR A 602 -3.80 -24.61 -28.31
C THR A 602 -3.83 -26.17 -28.36
N TRP A 603 -2.84 -26.78 -27.76
CA TRP A 603 -2.53 -28.20 -27.82
C TRP A 603 -3.57 -29.05 -27.11
N MET A 604 -3.99 -28.58 -25.90
CA MET A 604 -5.04 -29.10 -25.10
C MET A 604 -6.34 -29.06 -25.84
N ASP A 605 -6.55 -27.93 -26.58
CA ASP A 605 -7.74 -27.79 -27.41
C ASP A 605 -7.91 -28.79 -28.54
N LEU A 606 -6.81 -29.21 -29.27
CA LEU A 606 -6.89 -30.15 -30.36
C LEU A 606 -7.30 -31.48 -29.99
N ASN A 607 -6.99 -31.97 -28.72
CA ASN A 607 -7.28 -33.26 -28.27
C ASN A 607 -8.80 -33.46 -28.12
N LYS A 608 -9.50 -32.33 -27.94
CA LYS A 608 -10.93 -32.31 -27.95
C LYS A 608 -11.40 -32.51 -29.35
N THR A 609 -12.48 -31.81 -29.75
CA THR A 609 -13.20 -31.88 -31.03
C THR A 609 -12.46 -31.51 -32.26
N PRO A 610 -11.50 -30.58 -32.39
CA PRO A 610 -11.06 -30.22 -33.72
C PRO A 610 -10.39 -31.32 -34.54
N SER A 611 -9.69 -32.27 -33.91
CA SER A 611 -9.11 -33.39 -34.64
C SER A 611 -10.12 -34.54 -34.98
N TRP A 612 -11.25 -34.58 -34.26
CA TRP A 612 -12.11 -35.73 -34.37
C TRP A 612 -13.04 -35.55 -35.60
N LYS A 613 -13.23 -36.73 -36.27
CA LYS A 613 -13.94 -36.89 -37.58
C LYS A 613 -15.33 -36.34 -37.58
N TYR A 614 -15.84 -35.89 -38.75
CA TYR A 614 -17.07 -35.31 -39.08
C TYR A 614 -17.79 -36.42 -39.78
N ARG A 623 -7.17 -35.64 -41.55
CA ARG A 623 -6.52 -36.75 -42.31
C ARG A 623 -5.10 -36.83 -42.03
N ARG A 624 -4.36 -36.80 -43.21
CA ARG A 624 -2.92 -36.90 -43.19
C ARG A 624 -2.31 -35.66 -42.66
N ILE A 625 -2.83 -34.42 -42.93
CA ILE A 625 -2.38 -33.23 -42.41
C ILE A 625 -2.47 -33.29 -40.88
N VAL A 626 -3.51 -33.92 -40.27
CA VAL A 626 -3.65 -33.97 -38.88
C VAL A 626 -2.52 -34.66 -38.21
N ARG A 627 -2.01 -35.85 -38.77
CA ARG A 627 -0.99 -36.71 -38.16
C ARG A 627 0.31 -35.88 -38.10
N ALA A 628 0.51 -35.07 -39.18
CA ALA A 628 1.67 -34.17 -39.26
C ALA A 628 1.60 -33.13 -38.15
N THR A 629 0.42 -32.51 -37.92
CA THR A 629 0.28 -31.53 -36.90
C THR A 629 0.55 -32.06 -35.54
N ARG A 630 0.07 -33.30 -35.22
CA ARG A 630 0.20 -33.81 -33.92
C ARG A 630 1.65 -33.98 -33.47
N VAL A 631 2.48 -34.52 -34.32
CA VAL A 631 3.93 -34.78 -34.21
C VAL A 631 4.64 -33.51 -34.16
N LEU A 632 4.32 -32.53 -35.04
CA LEU A 632 5.07 -31.32 -35.08
C LEU A 632 5.01 -30.53 -33.82
N HIS A 633 3.81 -30.39 -33.24
CA HIS A 633 3.53 -29.65 -32.02
C HIS A 633 4.26 -30.26 -30.89
N ALA A 634 4.29 -31.60 -30.86
CA ALA A 634 4.82 -32.41 -29.89
C ALA A 634 6.30 -32.23 -29.73
N LYS A 635 7.03 -32.17 -30.92
CA LYS A 635 8.42 -31.96 -31.08
C LYS A 635 8.74 -30.61 -30.56
N MET A 636 7.97 -29.53 -30.87
CA MET A 636 8.23 -28.17 -30.45
C MET A 636 8.14 -28.05 -28.93
N ASN A 637 7.17 -28.77 -28.24
CA ASN A 637 7.13 -28.74 -26.73
C ASN A 637 8.27 -29.40 -26.08
N HIS A 638 8.75 -30.50 -26.70
CA HIS A 638 10.02 -31.09 -26.14
C HIS A 638 11.17 -30.17 -26.27
N PHE A 639 11.29 -29.58 -27.45
CA PHE A 639 12.32 -28.58 -27.73
C PHE A 639 12.21 -27.46 -26.75
N ILE A 640 11.03 -26.77 -26.55
CA ILE A 640 11.03 -25.63 -25.61
C ILE A 640 11.32 -25.90 -24.16
N LYS A 641 10.73 -27.00 -23.67
CA LYS A 641 10.85 -27.47 -22.33
C LYS A 641 12.28 -27.79 -22.02
N THR A 642 13.09 -28.37 -22.97
CA THR A 642 14.48 -28.54 -22.73
C THR A 642 15.21 -27.25 -22.63
N ILE A 643 15.01 -26.15 -23.49
CA ILE A 643 15.74 -24.92 -23.44
C ILE A 643 15.58 -24.29 -22.12
N MET A 644 14.25 -24.22 -21.67
CA MET A 644 13.77 -23.55 -20.54
C MET A 644 14.44 -24.22 -19.36
N GLU A 645 14.54 -25.60 -19.44
CA GLU A 645 15.12 -26.48 -18.38
C GLU A 645 16.56 -26.15 -18.15
N TYR A 646 17.42 -26.06 -19.19
CA TYR A 646 18.80 -25.86 -19.15
C TYR A 646 18.96 -24.42 -18.65
N PHE A 647 18.16 -23.49 -19.13
CA PHE A 647 18.20 -22.09 -18.63
C PHE A 647 17.94 -22.02 -17.12
N ASN A 648 16.93 -22.71 -16.60
CA ASN A 648 16.67 -22.69 -15.14
C ASN A 648 17.75 -23.39 -14.38
N GLN A 649 18.15 -24.61 -14.69
CA GLN A 649 19.12 -25.23 -13.83
C GLN A 649 20.54 -24.59 -13.90
N ASN A 650 21.05 -24.41 -15.15
CA ASN A 650 22.41 -23.98 -15.37
C ASN A 650 22.64 -22.58 -15.10
N VAL A 651 21.73 -21.65 -15.42
CA VAL A 651 21.94 -20.23 -15.05
C VAL A 651 21.37 -19.90 -13.72
N ILE A 652 20.00 -20.04 -13.52
CA ILE A 652 19.33 -19.37 -12.45
C ILE A 652 19.75 -19.97 -11.21
N ASP A 653 19.68 -21.33 -11.08
CA ASP A 653 19.94 -21.98 -9.75
C ASP A 653 21.36 -21.81 -9.24
N LYS A 654 22.35 -21.98 -10.18
CA LYS A 654 23.75 -21.88 -9.81
C LYS A 654 23.99 -20.47 -9.35
N GLU A 655 23.47 -19.48 -10.14
CA GLU A 655 23.78 -18.12 -9.82
C GLU A 655 23.18 -17.70 -8.50
N VAL A 656 21.92 -18.06 -8.21
CA VAL A 656 21.31 -17.62 -6.93
C VAL A 656 22.11 -18.28 -5.81
N TYR A 657 22.49 -19.53 -6.10
CA TYR A 657 23.27 -20.24 -5.04
C TYR A 657 24.55 -19.57 -4.65
N SER A 658 25.39 -19.11 -5.63
CA SER A 658 26.63 -18.42 -5.32
C SER A 658 26.46 -17.12 -4.58
N LEU A 659 25.44 -16.38 -4.96
CA LEU A 659 25.14 -15.06 -4.31
C LEU A 659 24.84 -15.37 -2.80
N GLU A 660 24.02 -16.44 -2.59
CA GLU A 660 23.62 -16.82 -1.27
C GLU A 660 24.77 -17.26 -0.31
N LYS A 661 25.67 -18.05 -0.88
CA LYS A 661 26.83 -18.55 -0.18
C LYS A 661 27.65 -17.40 0.19
N CYS A 662 27.87 -16.43 -0.74
CA CYS A 662 28.78 -15.34 -0.49
C CYS A 662 28.32 -14.46 0.68
N TYR A 663 26.99 -14.17 0.80
CA TYR A 663 26.56 -13.47 1.95
C TYR A 663 26.69 -14.16 3.26
N ARG A 664 26.31 -15.47 3.17
CA ARG A 664 26.03 -16.35 4.31
C ARG A 664 27.15 -16.74 5.17
N ASN A 665 28.35 -17.05 4.53
CA ASN A 665 29.55 -17.60 5.24
C ASN A 665 30.11 -16.57 6.15
N PRO A 666 30.39 -15.35 5.73
CA PRO A 666 30.97 -14.36 6.62
C PRO A 666 29.78 -13.45 6.77
N THR A 667 29.92 -12.09 6.86
CA THR A 667 28.84 -11.10 6.79
C THR A 667 29.83 -9.86 6.63
N LEU A 668 30.32 -9.67 5.35
CA LEU A 668 31.33 -8.82 4.90
C LEU A 668 30.54 -7.96 3.95
N ALA A 669 30.62 -6.55 4.05
CA ALA A 669 29.90 -5.73 3.15
C ALA A 669 30.41 -5.92 1.70
N VAL A 670 31.73 -6.12 1.61
CA VAL A 670 32.42 -6.32 0.38
C VAL A 670 31.95 -7.51 -0.43
N ALA A 671 31.61 -8.59 0.36
CA ALA A 671 31.04 -9.77 -0.15
C ALA A 671 29.70 -9.52 -0.81
N ILE A 672 28.86 -8.62 -0.26
CA ILE A 672 27.58 -8.30 -0.93
C ILE A 672 27.86 -7.66 -2.24
N GLN A 673 28.81 -6.75 -2.25
CA GLN A 673 29.20 -6.07 -3.50
C GLN A 673 29.78 -7.04 -4.51
N ASN A 674 30.53 -7.98 -4.04
CA ASN A 674 31.18 -8.96 -4.82
C ASN A 674 30.17 -9.84 -5.63
N GLU A 675 29.19 -10.36 -4.86
CA GLU A 675 28.04 -11.18 -5.35
C GLU A 675 27.20 -10.36 -6.27
N LEU A 676 26.88 -9.10 -5.93
CA LEU A 676 26.07 -8.25 -6.81
C LEU A 676 26.62 -7.91 -8.13
N GLU A 677 27.91 -7.67 -8.18
CA GLU A 677 28.67 -7.53 -9.44
C GLU A 677 28.62 -8.86 -10.21
N GLY A 678 28.76 -9.92 -9.34
CA GLY A 678 28.96 -11.30 -9.79
C GLY A 678 27.70 -11.70 -10.58
N GLY A 679 26.47 -11.37 -10.08
CA GLY A 679 25.19 -11.61 -10.64
C GLY A 679 25.17 -10.84 -11.94
N LEU A 680 25.63 -9.54 -12.04
CA LEU A 680 25.58 -8.72 -13.27
C LEU A 680 26.51 -9.30 -14.31
N THR A 681 27.72 -9.80 -13.92
CA THR A 681 28.69 -10.43 -14.88
C THR A 681 28.23 -11.68 -15.56
N ASN A 682 27.53 -12.56 -14.76
CA ASN A 682 26.92 -13.77 -15.27
C ASN A 682 25.81 -13.41 -16.25
N ILE A 683 25.07 -12.31 -15.90
CA ILE A 683 23.95 -11.79 -16.76
C ILE A 683 24.47 -11.34 -18.12
N MET A 684 25.69 -10.65 -18.18
CA MET A 684 26.39 -10.11 -19.41
C MET A 684 26.85 -11.21 -20.35
N THR A 685 27.45 -12.22 -19.73
CA THR A 685 27.88 -13.38 -20.35
C THR A 685 26.78 -14.17 -20.94
N ASN A 686 25.59 -14.34 -20.18
CA ASN A 686 24.45 -15.10 -20.66
C ASN A 686 23.86 -14.47 -21.93
N ARG A 687 23.81 -13.10 -21.99
CA ARG A 687 23.32 -12.34 -23.14
C ARG A 687 24.16 -12.64 -24.44
N CYS A 688 25.52 -12.56 -24.28
CA CYS A 688 26.35 -12.72 -25.47
C CYS A 688 26.26 -14.22 -25.85
N LEU A 689 26.21 -15.15 -24.85
CA LEU A 689 26.13 -16.58 -25.07
C LEU A 689 24.91 -17.05 -25.83
N SER A 690 23.70 -16.51 -25.49
CA SER A 690 22.42 -17.07 -25.90
C SER A 690 21.58 -15.97 -26.60
N ASP A 691 21.93 -15.59 -27.81
CA ASP A 691 21.06 -14.67 -28.66
C ASP A 691 19.89 -15.35 -29.39
N LEU A 692 19.17 -16.29 -28.78
CA LEU A 692 18.15 -17.18 -29.31
C LEU A 692 16.82 -16.53 -29.79
N ILE A 693 16.36 -15.50 -29.03
CA ILE A 693 15.07 -14.84 -29.06
C ILE A 693 14.77 -14.25 -30.41
N PRO A 694 15.43 -13.50 -31.21
CA PRO A 694 14.91 -13.00 -32.54
C PRO A 694 14.53 -14.09 -33.48
N LEU A 695 15.26 -15.23 -33.52
CA LEU A 695 14.82 -16.42 -34.27
C LEU A 695 13.59 -17.06 -33.75
N GLN A 696 13.62 -17.20 -32.45
CA GLN A 696 12.56 -17.91 -31.75
C GLN A 696 11.24 -17.24 -31.95
N LEU A 697 11.22 -15.89 -31.90
CA LEU A 697 10.05 -15.07 -32.06
C LEU A 697 9.49 -15.27 -33.50
N GLN A 698 10.29 -15.42 -34.55
CA GLN A 698 9.71 -15.74 -35.84
C GLN A 698 8.97 -17.05 -35.98
N ILE A 699 9.53 -18.19 -35.48
CA ILE A 699 8.84 -19.41 -35.53
C ILE A 699 7.60 -19.37 -34.68
N PHE A 700 7.64 -18.68 -33.53
CA PHE A 700 6.51 -18.51 -32.65
C PHE A 700 5.32 -17.81 -33.34
N ASP A 701 5.61 -16.78 -34.12
CA ASP A 701 4.64 -16.05 -34.90
C ASP A 701 3.99 -16.96 -35.94
N ILE A 702 4.73 -17.78 -36.68
CA ILE A 702 4.09 -18.70 -37.67
C ILE A 702 3.22 -19.72 -37.00
N VAL A 703 3.74 -20.17 -35.81
CA VAL A 703 3.03 -21.03 -34.96
C VAL A 703 1.74 -20.43 -34.50
N TYR A 704 1.74 -19.17 -34.12
CA TYR A 704 0.46 -18.51 -33.71
C TYR A 704 -0.51 -18.44 -34.87
N LYS A 705 -0.13 -18.15 -36.17
CA LYS A 705 -1.09 -18.00 -37.27
C LYS A 705 -1.78 -19.35 -37.44
N PHE A 706 -1.01 -20.48 -37.38
CA PHE A 706 -1.45 -21.82 -37.46
C PHE A 706 -2.40 -22.09 -36.32
N CYS A 707 -2.08 -21.72 -35.02
CA CYS A 707 -2.99 -21.91 -33.95
C CYS A 707 -4.30 -21.19 -34.18
N LYS A 708 -4.16 -19.98 -34.67
CA LYS A 708 -5.35 -19.22 -34.88
C LYS A 708 -6.22 -19.86 -35.88
N PHE A 709 -5.73 -20.39 -37.07
CA PHE A 709 -6.61 -20.91 -38.03
C PHE A 709 -7.39 -22.15 -37.45
N ILE A 710 -6.50 -22.98 -36.85
CA ILE A 710 -6.71 -24.45 -36.53
C ILE A 710 -7.80 -24.62 -35.58
N LYS A 711 -7.98 -23.67 -34.60
CA LYS A 711 -8.90 -23.81 -33.54
C LYS A 711 -10.37 -24.11 -33.96
N SER A 712 -10.76 -23.38 -35.14
CA SER A 712 -12.02 -23.59 -35.80
C SER A 712 -11.95 -24.80 -36.69
N MET A 713 -13.05 -25.65 -36.78
CA MET A 713 -13.16 -26.85 -37.51
C MET A 713 -14.60 -27.06 -37.72
N ARG A 714 -14.99 -27.54 -38.98
CA ARG A 714 -16.37 -27.70 -39.30
C ARG A 714 -16.79 -28.97 -38.59
N GLU A 754 -16.41 -31.61 -49.48
CA GLU A 754 -16.49 -30.11 -49.27
C GLU A 754 -15.38 -29.53 -50.08
N ASP A 755 -15.73 -28.66 -51.10
CA ASP A 755 -14.81 -28.01 -52.07
C ASP A 755 -13.84 -27.10 -51.31
N ALA A 756 -14.38 -26.31 -50.41
CA ALA A 756 -13.72 -25.29 -49.71
C ALA A 756 -12.67 -25.97 -48.90
N ALA A 757 -13.00 -27.12 -48.31
CA ALA A 757 -12.13 -27.85 -47.41
C ALA A 757 -10.87 -28.30 -48.17
N LEU A 758 -10.96 -28.80 -49.41
CA LEU A 758 -9.83 -29.24 -50.13
C LEU A 758 -8.83 -28.25 -50.53
N GLU A 759 -9.41 -27.10 -50.98
CA GLU A 759 -8.72 -25.94 -51.54
C GLU A 759 -8.01 -25.35 -50.39
N LEU A 760 -8.65 -25.26 -49.22
CA LEU A 760 -7.98 -24.77 -48.03
C LEU A 760 -6.81 -25.63 -47.56
N ILE A 761 -7.00 -26.98 -47.66
CA ILE A 761 -6.05 -27.99 -47.29
C ILE A 761 -4.75 -27.91 -48.13
N GLN A 762 -4.76 -27.65 -49.41
CA GLN A 762 -3.52 -27.55 -50.13
C GLN A 762 -2.62 -26.35 -49.74
N LYS A 763 -3.28 -25.19 -49.41
CA LYS A 763 -2.64 -24.02 -48.88
C LYS A 763 -1.94 -24.23 -47.60
N LEU A 764 -2.68 -24.97 -46.69
CA LEU A 764 -2.16 -25.41 -45.42
C LEU A 764 -1.03 -26.37 -45.61
N ILE A 765 -1.08 -27.27 -46.56
CA ILE A 765 -0.08 -28.21 -46.84
C ILE A 765 1.25 -27.51 -47.30
N GLU A 766 1.22 -26.44 -48.12
CA GLU A 766 2.49 -25.81 -48.44
C GLU A 766 3.09 -25.18 -47.24
N TYR A 767 2.18 -24.59 -46.39
CA TYR A 767 2.59 -23.88 -45.21
C TYR A 767 3.31 -24.78 -44.24
N ILE A 768 2.73 -25.98 -43.94
CA ILE A 768 3.20 -27.02 -43.05
C ILE A 768 4.52 -27.57 -43.59
N SER A 769 4.67 -27.82 -44.95
CA SER A 769 5.94 -28.42 -45.52
C SER A 769 7.10 -27.46 -45.34
N ASN A 770 6.97 -26.11 -45.62
CA ASN A 770 8.06 -25.17 -45.50
C ASN A 770 8.48 -24.99 -44.05
N ALA A 771 7.46 -24.90 -43.14
CA ALA A 771 7.64 -24.89 -41.71
C ALA A 771 8.29 -26.14 -41.17
N SER A 772 7.92 -27.36 -41.67
CA SER A 772 8.51 -28.58 -41.28
C SER A 772 9.95 -28.71 -41.61
N SER A 773 10.30 -28.16 -42.82
CA SER A 773 11.73 -28.16 -43.22
C SER A 773 12.62 -27.31 -42.26
N ILE A 774 12.17 -26.08 -41.91
CA ILE A 774 12.92 -25.24 -40.94
C ILE A 774 13.01 -25.85 -39.55
N PHE A 775 11.95 -26.48 -39.03
CA PHE A 775 11.95 -27.16 -37.76
C PHE A 775 12.88 -28.31 -37.74
N ARG A 776 13.02 -29.13 -38.85
CA ARG A 776 13.90 -30.29 -38.92
C ARG A 776 15.31 -29.81 -38.76
N LYS A 777 15.70 -28.62 -39.40
CA LYS A 777 16.99 -27.96 -39.27
C LYS A 777 17.16 -27.53 -37.84
N CYS A 778 16.06 -27.06 -37.24
CA CYS A 778 16.04 -26.59 -35.86
C CYS A 778 16.42 -27.69 -34.92
N LEU A 779 16.01 -28.95 -35.24
CA LEU A 779 16.38 -30.15 -34.40
C LEU A 779 17.87 -30.31 -34.37
N ILE A 780 18.56 -30.04 -35.51
CA ILE A 780 19.97 -30.06 -35.63
C ILE A 780 20.66 -29.03 -34.74
N ASN A 781 20.10 -27.75 -34.63
CA ASN A 781 20.79 -26.67 -33.87
C ASN A 781 21.04 -27.00 -32.45
N PHE A 782 20.06 -27.67 -31.74
CA PHE A 782 20.25 -28.03 -30.37
C PHE A 782 21.44 -29.02 -30.26
N THR A 783 21.63 -30.01 -31.10
CA THR A 783 22.70 -30.97 -31.04
C THR A 783 24.11 -30.37 -31.23
N GLN A 784 24.22 -29.40 -32.19
CA GLN A 784 25.40 -28.62 -32.38
C GLN A 784 25.75 -27.73 -31.18
N GLU A 785 27.01 -27.15 -31.15
CA GLU A 785 27.51 -26.10 -30.37
C GLU A 785 27.43 -24.80 -31.06
N LEU A 786 26.84 -24.82 -32.32
CA LEU A 786 26.85 -23.81 -33.28
C LEU A 786 25.46 -23.41 -33.60
N SER A 787 25.51 -22.44 -34.50
CA SER A 787 24.38 -21.63 -34.78
C SER A 787 24.22 -21.61 -36.30
N THR A 788 24.48 -22.76 -37.04
CA THR A 788 24.52 -22.80 -38.52
C THR A 788 23.13 -22.66 -39.05
N GLU A 789 22.21 -23.39 -38.37
CA GLU A 789 20.79 -23.57 -38.72
C GLU A 789 20.17 -22.18 -38.74
N LYS A 790 20.49 -21.29 -37.76
CA LYS A 790 19.93 -20.00 -37.53
C LYS A 790 20.21 -19.10 -38.71
N PHE A 791 21.46 -19.20 -39.37
CA PHE A 791 21.76 -18.50 -40.60
C PHE A 791 20.83 -18.85 -41.66
N ASP A 792 20.54 -20.16 -41.86
CA ASP A 792 19.66 -20.70 -42.92
C ASP A 792 18.19 -20.25 -42.84
N PHE A 793 17.67 -20.14 -41.65
CA PHE A 793 16.34 -19.52 -41.51
C PHE A 793 16.28 -18.04 -41.96
N TYR A 794 17.40 -17.29 -41.62
CA TYR A 794 17.55 -15.86 -41.94
C TYR A 794 17.50 -15.64 -43.42
N ASP A 795 18.24 -16.56 -44.05
CA ASP A 795 18.24 -16.63 -45.50
C ASP A 795 16.82 -16.91 -46.11
N SER A 796 16.06 -17.87 -45.53
CA SER A 796 14.76 -18.16 -46.10
C SER A 796 13.77 -17.04 -46.08
N SER A 797 13.79 -16.23 -45.00
CA SER A 797 13.07 -14.99 -44.78
C SER A 797 13.40 -13.82 -45.67
N SER A 798 14.70 -13.39 -45.77
CA SER A 798 15.20 -12.29 -46.55
C SER A 798 15.04 -12.48 -48.07
N VAL A 799 15.44 -13.69 -48.57
CA VAL A 799 15.58 -13.98 -49.92
C VAL A 799 16.09 -15.40 -50.06
N ASP A 800 15.29 -16.24 -50.86
CA ASP A 800 15.82 -17.59 -51.17
C ASP A 800 16.51 -17.42 -52.54
N PRO B 180 64.17 65.93 25.17
CA PRO B 180 63.01 66.34 26.06
C PRO B 180 61.97 65.26 26.00
N GLU B 181 62.40 64.02 26.15
CA GLU B 181 61.53 62.82 26.18
C GLU B 181 60.74 62.64 27.39
N GLU B 182 61.09 63.25 28.56
CA GLU B 182 60.39 63.07 29.83
C GLU B 182 58.92 63.55 29.64
N ASP B 183 58.82 64.67 28.85
CA ASP B 183 57.60 65.25 28.34
C ASP B 183 56.83 64.38 27.38
N ILE B 184 57.59 63.65 26.51
CA ILE B 184 57.07 62.66 25.60
C ILE B 184 56.47 61.48 26.39
N LEU B 185 57.09 61.08 27.51
CA LEU B 185 56.63 60.05 28.34
C LEU B 185 55.31 60.38 29.04
N LYS B 186 55.17 61.66 29.44
CA LYS B 186 53.87 62.17 29.82
C LYS B 186 52.87 62.18 28.72
N TYR B 187 53.32 62.53 27.52
CA TYR B 187 52.40 62.62 26.36
C TYR B 187 51.81 61.29 25.98
N VAL B 188 52.67 60.22 26.05
CA VAL B 188 52.32 58.80 25.78
C VAL B 188 51.30 58.30 26.75
N SER B 189 51.49 58.70 28.00
CA SER B 189 50.56 58.33 29.03
C SER B 189 49.22 58.95 28.74
N TYR B 190 49.19 60.24 28.28
CA TYR B 190 47.96 60.89 27.88
C TYR B 190 47.28 60.19 26.66
N THR B 191 48.15 59.77 25.70
CA THR B 191 47.81 59.11 24.46
C THR B 191 47.15 57.76 24.65
N LEU B 192 47.62 56.93 25.61
CA LEU B 192 47.16 55.52 25.72
C LEU B 192 45.73 55.37 26.03
N LEU B 193 45.16 56.37 26.69
CA LEU B 193 43.75 56.58 26.99
C LEU B 193 43.03 57.03 25.75
N ALA B 194 43.80 57.34 24.63
CA ALA B 194 43.32 57.79 23.33
C ALA B 194 42.87 59.20 23.46
N THR B 195 43.52 59.94 24.47
CA THR B 195 43.32 61.26 24.96
C THR B 195 44.48 62.08 24.28
N THR B 196 44.14 63.36 23.87
CA THR B 196 44.89 64.42 23.22
C THR B 196 45.94 64.95 24.12
N SER B 197 47.15 65.35 23.60
CA SER B 197 48.29 65.91 24.24
C SER B 197 48.35 67.29 23.75
N ALA B 198 49.19 68.00 24.50
CA ALA B 198 49.36 69.41 24.27
C ALA B 198 49.79 69.99 22.89
N LEU B 199 50.76 69.36 22.20
CA LEU B 199 51.23 69.81 20.95
C LEU B 199 50.86 68.68 19.94
N PHE B 200 49.94 67.74 20.36
CA PHE B 200 49.39 66.82 19.42
C PHE B 200 47.92 67.11 19.30
N PRO B 201 47.40 67.62 18.19
CA PRO B 201 45.92 67.82 18.07
C PRO B 201 45.38 66.68 17.29
N PHE B 202 44.92 65.67 18.04
CA PHE B 202 44.16 64.64 17.43
C PHE B 202 42.84 64.66 18.02
N ASP B 203 41.82 64.89 17.07
CA ASP B 203 40.41 64.98 17.32
C ASP B 203 39.83 64.28 16.19
N HIS B 204 38.85 64.85 15.49
CA HIS B 204 38.38 64.30 14.20
C HIS B 204 39.51 64.56 13.20
N GLU B 205 40.22 65.73 13.45
CA GLU B 205 41.35 66.09 12.66
C GLU B 205 42.55 65.30 13.06
N GLN B 206 43.61 65.28 12.22
CA GLN B 206 44.75 64.44 12.40
C GLN B 206 45.70 65.21 13.22
N ILE B 207 46.51 64.56 13.95
CA ILE B 207 47.69 65.01 14.67
C ILE B 207 48.60 65.74 13.75
N GLN B 208 48.98 66.93 14.23
CA GLN B 208 49.97 67.85 13.56
C GLN B 208 51.08 67.87 14.50
N ILE B 209 52.22 67.50 13.89
CA ILE B 209 53.40 67.21 14.69
C ILE B 209 54.13 68.47 15.14
N PRO B 210 54.79 68.45 16.26
CA PRO B 210 55.52 69.60 16.72
C PRO B 210 56.88 69.43 16.14
N SER B 211 57.76 70.41 16.35
CA SER B 211 59.09 70.49 15.78
C SER B 211 60.14 70.16 16.83
N LYS B 212 59.94 69.03 17.52
CA LYS B 212 60.88 68.45 18.45
C LYS B 212 60.41 67.04 18.58
N ILE B 213 59.76 66.44 17.51
CA ILE B 213 59.33 65.12 17.40
C ILE B 213 60.23 64.50 16.32
N PRO B 214 60.87 63.38 16.43
CA PRO B 214 61.65 62.82 15.35
C PRO B 214 60.79 61.96 14.51
N ASN B 215 61.45 61.45 13.46
CA ASN B 215 60.95 60.54 12.43
C ASN B 215 60.48 59.20 13.00
N PHE B 216 61.21 58.71 14.08
CA PHE B 216 60.91 57.53 14.88
C PHE B 216 59.57 57.57 15.36
N GLU B 217 59.25 58.65 16.06
CA GLU B 217 58.06 58.81 16.83
C GLU B 217 56.99 58.99 15.86
N SER B 218 57.29 59.68 14.73
CA SER B 218 56.34 59.98 13.68
C SER B 218 55.76 58.69 13.07
N GLY B 219 56.63 57.71 12.86
CA GLY B 219 56.35 56.41 12.34
C GLY B 219 55.44 55.64 13.24
N LEU B 220 55.79 55.71 14.51
CA LEU B 220 54.92 55.13 15.53
C LEU B 220 53.64 55.80 15.58
N LEU B 221 53.65 57.11 15.49
CA LEU B 221 52.52 58.01 15.60
C LEU B 221 51.50 57.76 14.56
N HIS B 222 51.98 57.40 13.31
CA HIS B 222 51.06 57.16 12.25
C HIS B 222 50.25 55.98 12.63
N LEU B 223 50.96 54.84 13.12
CA LEU B 223 50.31 53.59 13.38
C LEU B 223 49.30 53.76 14.55
N ILE B 224 49.73 54.57 15.58
CA ILE B 224 48.96 55.00 16.65
C ILE B 224 47.75 55.83 16.34
N PHE B 225 47.83 56.70 15.33
CA PHE B 225 46.76 57.54 14.86
C PHE B 225 45.65 56.73 14.36
N GLU B 226 45.96 55.56 13.71
CA GLU B 226 44.90 54.64 13.23
C GLU B 226 44.12 54.14 14.43
N ALA B 227 44.95 53.74 15.42
CA ALA B 227 44.40 53.25 16.72
C ALA B 227 43.54 54.15 17.50
N GLY B 228 43.88 55.40 17.61
CA GLY B 228 43.16 56.44 18.26
C GLY B 228 41.89 56.75 17.52
N LEU B 229 41.91 56.66 16.13
CA LEU B 229 40.80 56.97 15.28
C LEU B 229 39.74 55.88 15.64
N LEU B 230 40.23 54.58 15.81
CA LEU B 230 39.32 53.49 16.12
C LEU B 230 38.62 53.68 17.44
N TYR B 231 39.38 54.12 18.43
CA TYR B 231 38.89 54.41 19.76
C TYR B 231 37.79 55.49 19.78
N GLN B 232 37.88 56.60 18.97
CA GLN B 232 36.85 57.59 18.82
C GLN B 232 35.56 57.05 18.14
N SER B 233 35.82 56.24 17.12
CA SER B 233 34.81 55.68 16.19
C SER B 233 33.85 54.75 16.90
N LEU B 234 34.49 53.86 17.77
CA LEU B 234 33.80 52.90 18.62
C LEU B 234 32.98 53.64 19.56
N GLY B 235 33.54 54.75 20.14
CA GLY B 235 32.82 55.54 21.14
C GLY B 235 31.54 56.11 20.60
N TYR B 236 31.50 56.68 19.33
CA TYR B 236 30.26 57.22 18.77
C TYR B 236 29.21 56.21 18.57
N LYS B 237 29.71 55.05 18.00
CA LYS B 237 28.90 53.87 17.64
C LYS B 237 28.24 53.31 18.81
N VAL B 238 29.01 53.11 19.91
CA VAL B 238 28.34 52.56 21.14
C VAL B 238 27.29 53.44 21.71
N GLU B 239 27.55 54.77 21.74
CA GLU B 239 26.73 55.81 22.33
C GLU B 239 25.35 55.91 21.66
N LYS B 240 25.36 55.83 20.28
CA LYS B 240 24.20 55.86 19.42
C LYS B 240 23.34 54.66 19.69
N PHE B 241 24.02 53.51 19.75
CA PHE B 241 23.42 52.16 19.84
C PHE B 241 22.90 51.94 21.18
N ARG B 242 23.43 52.53 22.25
CA ARG B 242 22.92 52.61 23.62
C ARG B 242 21.56 53.23 23.74
N MET B 243 20.71 52.61 24.65
CA MET B 243 19.28 53.00 24.85
C MET B 243 18.50 52.49 23.63
N LEU B 244 17.92 53.33 22.77
CA LEU B 244 17.42 52.97 21.46
C LEU B 244 18.46 52.40 20.54
N ASN B 245 18.02 51.60 19.52
CA ASN B 245 18.57 50.74 18.51
C ASN B 245 18.16 49.33 18.85
N ILE B 246 17.87 48.63 17.73
CA ILE B 246 17.30 47.29 17.69
C ILE B 246 18.23 46.25 18.24
N SER B 247 17.62 45.05 18.41
CA SER B 247 18.28 43.84 18.49
C SER B 247 18.88 43.63 19.88
N PRO B 248 18.44 42.61 20.61
CA PRO B 248 18.97 42.15 21.87
C PRO B 248 20.24 41.46 21.61
N MET B 249 20.34 40.92 20.39
CA MET B 249 21.41 40.14 19.89
C MET B 249 22.60 41.05 19.80
N LYS B 250 22.23 42.25 19.31
CA LYS B 250 23.16 43.42 19.17
C LYS B 250 23.51 43.87 20.55
N LYS B 251 22.57 43.89 21.53
CA LYS B 251 22.89 44.33 22.86
C LYS B 251 23.98 43.50 23.54
N ALA B 252 23.91 42.19 23.29
CA ALA B 252 24.89 41.24 23.76
C ALA B 252 26.27 41.52 23.17
N LEU B 253 26.30 41.93 21.90
CA LEU B 253 27.53 42.26 21.15
C LEU B 253 28.13 43.46 21.92
N ILE B 254 27.32 44.54 22.24
CA ILE B 254 27.80 45.72 22.85
C ILE B 254 28.39 45.51 24.17
N ILE B 255 27.76 44.59 24.98
CA ILE B 255 28.31 44.29 26.27
C ILE B 255 29.73 43.70 26.04
N GLU B 256 29.81 42.81 25.02
CA GLU B 256 31.11 42.14 24.73
C GLU B 256 32.13 43.13 24.34
N ILE B 257 31.86 44.11 23.41
CA ILE B 257 32.86 45.06 23.03
C ILE B 257 33.22 45.92 24.26
N SER B 258 32.23 46.41 25.01
CA SER B 258 32.59 47.26 26.13
C SER B 258 33.55 46.63 27.10
N GLU B 259 33.29 45.32 27.31
CA GLU B 259 34.14 44.52 28.15
C GLU B 259 35.47 44.25 27.57
N GLU B 260 35.64 44.07 26.25
CA GLU B 260 36.99 43.94 25.68
C GLU B 260 37.72 45.17 25.88
N LEU B 261 37.00 46.26 25.76
CA LEU B 261 37.44 47.65 25.97
C LEU B 261 37.79 47.81 27.39
N GLN B 262 37.17 47.06 28.32
CA GLN B 262 37.57 47.17 29.70
C GLN B 262 38.83 46.35 30.03
N ASN B 263 39.08 45.27 29.27
CA ASN B 263 40.26 44.47 29.31
C ASN B 263 41.39 45.25 28.73
N TYR B 264 41.15 46.18 27.76
CA TYR B 264 42.10 47.06 27.11
C TYR B 264 42.50 48.06 28.22
N THR B 265 41.45 48.55 28.92
CA THR B 265 41.65 49.57 29.97
C THR B 265 42.44 48.92 31.04
N ALA B 266 42.19 47.64 31.32
CA ALA B 266 42.84 46.83 32.36
C ALA B 266 44.27 46.79 31.98
N PHE B 267 44.63 46.58 30.71
CA PHE B 267 45.92 46.45 30.19
C PHE B 267 46.73 47.72 30.35
N VAL B 268 46.05 48.94 30.13
CA VAL B 268 46.70 50.24 30.32
C VAL B 268 47.10 50.38 31.75
N ASN B 269 46.21 49.88 32.68
CA ASN B 269 46.47 49.93 34.08
C ASN B 269 47.65 49.12 34.36
N ASN B 270 47.77 47.94 33.66
CA ASN B 270 48.93 47.07 33.87
C ASN B 270 50.16 47.75 33.46
N LEU B 271 50.04 48.48 32.28
CA LEU B 271 51.21 49.18 31.75
C LEU B 271 51.81 50.27 32.65
N VAL B 272 50.91 51.06 33.29
CA VAL B 272 51.30 52.04 34.33
C VAL B 272 51.93 51.37 35.59
N SER B 273 51.46 50.15 36.07
CA SER B 273 51.91 49.38 37.16
C SER B 273 53.33 49.02 37.10
N SER B 274 53.75 48.50 35.85
CA SER B 274 55.12 48.26 35.37
C SER B 274 55.76 49.59 35.51
N GLY B 275 55.42 50.54 34.55
CA GLY B 275 55.91 51.90 34.57
C GLY B 275 57.22 51.87 33.86
N THR B 276 57.42 50.89 33.07
CA THR B 276 58.68 50.71 32.33
C THR B 276 58.93 51.87 31.44
N VAL B 277 60.18 52.28 31.32
CA VAL B 277 60.65 53.50 30.72
C VAL B 277 61.03 53.28 29.36
N VAL B 278 60.87 52.02 28.98
CA VAL B 278 61.08 51.43 27.64
C VAL B 278 60.39 52.14 26.57
N SER B 279 60.87 52.08 25.28
CA SER B 279 60.37 52.79 24.17
C SER B 279 58.94 52.46 23.94
N LEU B 280 58.29 53.48 23.24
CA LEU B 280 56.95 53.38 22.76
C LEU B 280 56.94 52.28 21.75
N LYS B 281 58.07 52.08 21.04
CA LYS B 281 58.23 50.93 20.06
C LYS B 281 58.03 49.61 20.73
N SER B 282 58.74 49.39 21.87
CA SER B 282 58.50 48.21 22.62
C SER B 282 57.14 48.10 23.18
N LEU B 283 56.59 49.24 23.65
CA LEU B 283 55.27 49.35 24.37
C LEU B 283 54.18 48.82 23.51
N TYR B 284 54.22 49.21 22.20
CA TYR B 284 53.28 49.00 21.10
C TYR B 284 53.27 47.56 20.88
N ARG B 285 54.48 46.94 20.87
CA ARG B 285 54.69 45.51 20.66
C ARG B 285 54.08 44.70 21.75
N GLU B 286 54.30 45.19 22.98
CA GLU B 286 53.87 44.50 24.18
C GLU B 286 52.29 44.40 24.30
N ILE B 287 51.61 45.45 23.86
CA ILE B 287 50.21 45.53 23.63
C ILE B 287 49.88 45.46 22.13
N TYR B 288 50.59 44.62 21.39
CA TYR B 288 50.42 44.56 19.93
C TYR B 288 49.10 43.98 19.58
N GLU B 289 48.83 42.96 20.32
CA GLU B 289 47.74 42.03 20.18
C GLU B 289 46.35 42.67 20.28
N ASN B 290 46.22 43.64 21.15
CA ASN B 290 44.97 44.34 21.29
C ASN B 290 44.66 45.04 20.07
N ILE B 291 45.73 45.53 19.35
CA ILE B 291 45.51 46.37 18.09
C ILE B 291 44.83 45.59 17.01
N ILE B 292 45.29 44.37 16.85
CA ILE B 292 44.79 43.47 15.88
C ILE B 292 43.38 43.04 16.39
N ARG B 293 43.08 42.71 17.73
CA ARG B 293 41.81 42.16 18.20
C ARG B 293 40.71 43.20 17.92
N LEU B 294 41.12 44.39 18.29
CA LEU B 294 40.28 45.55 18.30
C LEU B 294 39.81 45.76 16.87
N ARG B 295 40.80 45.65 15.91
CA ARG B 295 40.63 45.95 14.48
C ARG B 295 39.69 45.01 13.83
N ILE B 296 39.77 43.70 14.16
CA ILE B 296 38.97 42.65 13.65
C ILE B 296 37.54 42.87 13.97
N TYR B 297 37.24 43.26 15.27
CA TYR B 297 36.01 43.53 15.82
C TYR B 297 35.34 44.69 15.05
N CYS B 298 36.20 45.60 14.63
CA CYS B 298 35.82 46.83 13.94
C CYS B 298 35.19 46.46 12.63
N ARG B 299 35.69 45.41 11.97
CA ARG B 299 35.17 45.06 10.69
C ARG B 299 33.68 44.72 10.71
N PHE B 300 33.35 43.93 11.82
CA PHE B 300 32.03 43.42 12.04
C PHE B 300 30.98 44.52 12.20
N THR B 301 31.51 45.49 13.03
CA THR B 301 30.71 46.69 13.28
C THR B 301 30.41 47.51 12.08
N GLU B 302 31.41 47.66 11.21
CA GLU B 302 31.41 48.42 10.07
C GLU B 302 30.39 47.87 9.04
N HIS B 303 30.32 46.49 8.79
CA HIS B 303 29.30 45.99 7.96
C HIS B 303 27.85 46.14 8.49
N LEU B 304 27.73 46.10 9.90
CA LEU B 304 26.56 46.38 10.59
C LEU B 304 26.03 47.79 10.39
N GLU B 305 26.82 48.76 10.02
CA GLU B 305 26.42 50.07 9.60
C GLU B 305 25.43 50.00 8.46
N GLU B 306 25.56 49.06 7.49
CA GLU B 306 24.68 48.85 6.35
C GLU B 306 23.37 48.25 6.81
N LEU B 307 23.44 47.21 7.62
CA LEU B 307 22.26 46.47 7.89
C LEU B 307 22.72 45.93 9.21
N SER B 308 21.70 45.91 10.09
CA SER B 308 21.79 45.33 11.36
C SER B 308 20.51 44.52 11.36
N GLY B 309 20.39 43.68 12.42
CA GLY B 309 19.20 42.88 12.53
C GLY B 309 19.46 41.39 12.34
N ASP B 310 18.55 40.74 11.54
CA ASP B 310 18.58 39.28 11.30
C ASP B 310 19.90 39.08 10.59
N THR B 311 20.53 40.09 9.90
CA THR B 311 21.82 40.02 9.23
C THR B 311 22.99 39.68 10.15
N PHE B 312 22.89 40.13 11.47
CA PHE B 312 23.76 39.62 12.43
C PHE B 312 23.84 38.15 12.67
N LEU B 313 22.65 37.46 12.65
CA LEU B 313 22.68 36.04 12.91
C LEU B 313 23.49 35.30 11.86
N ILE B 314 23.40 35.69 10.51
CA ILE B 314 24.13 35.13 9.41
C ILE B 314 25.64 35.41 9.45
N GLU B 315 25.98 36.71 9.78
CA GLU B 315 27.33 37.13 9.92
C GLU B 315 27.99 36.40 11.04
N LEU B 316 27.30 36.26 12.16
CA LEU B 316 27.74 35.53 13.31
C LEU B 316 27.95 34.04 12.96
N ASN B 317 27.09 33.43 12.17
CA ASN B 317 27.25 32.04 11.80
C ASN B 317 28.53 31.81 10.97
N ILE B 318 28.80 32.72 9.97
CA ILE B 318 29.99 32.56 9.15
C ILE B 318 31.24 32.70 9.92
N PHE B 319 31.44 33.77 10.81
CA PHE B 319 32.78 34.08 11.37
C PHE B 319 33.18 32.94 12.35
N LYS B 320 32.24 32.25 13.02
CA LYS B 320 32.64 31.08 13.83
C LYS B 320 33.36 29.99 13.03
N SER B 321 32.99 29.94 11.70
CA SER B 321 33.55 28.86 10.80
C SER B 321 35.02 29.03 10.54
N HIS B 322 35.48 30.26 10.55
CA HIS B 322 36.86 30.60 10.31
C HIS B 322 37.70 30.00 11.38
N GLY B 323 38.94 29.73 10.90
CA GLY B 323 39.98 29.14 11.68
C GLY B 323 40.80 30.23 12.31
N ASP B 324 42.16 30.04 12.51
CA ASP B 324 42.92 31.00 13.19
C ASP B 324 42.56 31.11 14.59
N LEU B 325 43.32 30.49 15.52
CA LEU B 325 42.79 30.14 16.89
C LEU B 325 42.21 31.31 17.66
N THR B 326 42.95 32.49 17.61
CA THR B 326 42.45 33.63 18.29
C THR B 326 41.11 34.20 17.75
N ILE B 327 40.97 34.32 16.36
CA ILE B 327 39.78 34.80 15.71
C ILE B 327 38.68 33.90 15.86
N ARG B 328 38.89 32.62 15.64
CA ARG B 328 37.80 31.64 15.76
C ARG B 328 37.25 31.67 17.14
N LYS B 329 38.17 31.76 18.13
CA LYS B 329 37.79 31.74 19.52
C LYS B 329 36.96 32.90 19.93
N ILE B 330 37.28 34.16 19.46
CA ILE B 330 36.43 35.28 19.79
C ILE B 330 35.08 35.11 19.19
N ALA B 331 35.02 34.74 17.90
CA ALA B 331 33.79 34.66 17.14
C ALA B 331 32.78 33.67 17.74
N THR B 332 33.36 32.56 18.21
CA THR B 332 32.65 31.55 18.90
C THR B 332 32.01 31.94 20.24
N ASN B 333 32.78 32.76 21.05
CA ASN B 333 32.29 33.23 22.30
C ASN B 333 31.09 34.14 22.15
N LEU B 334 31.14 35.01 21.07
CA LEU B 334 30.01 35.89 20.69
C LEU B 334 28.81 35.13 20.27
N PHE B 335 28.98 33.99 19.49
CA PHE B 335 28.02 33.05 19.08
C PHE B 335 27.25 32.40 20.26
N ASN B 336 27.84 31.89 21.33
CA ASN B 336 27.09 31.35 22.43
C ASN B 336 26.28 32.47 23.03
N SER B 337 26.82 33.66 23.11
CA SER B 337 26.05 34.76 23.71
C SER B 337 24.79 35.10 22.83
N MET B 338 24.90 35.10 21.47
CA MET B 338 23.81 35.33 20.52
C MET B 338 22.76 34.32 20.55
N ILE B 339 23.13 33.01 20.67
CA ILE B 339 22.25 31.95 20.82
C ILE B 339 21.48 32.11 22.09
N SER B 340 22.01 32.70 23.18
CA SER B 340 21.30 32.84 24.41
C SER B 340 19.99 33.55 24.38
N LEU B 341 19.98 34.57 23.58
CA LEU B 341 18.81 35.35 23.16
C LEU B 341 17.88 34.59 22.29
N TYR B 342 18.42 33.76 21.37
CA TYR B 342 17.64 32.99 20.43
C TYR B 342 16.72 31.99 21.07
N TYR B 343 17.40 31.31 21.98
CA TYR B 343 17.01 30.25 22.93
C TYR B 343 15.97 30.79 23.82
N GLU B 344 16.12 32.09 24.18
CA GLU B 344 15.18 32.86 24.97
C GLU B 344 13.86 33.00 24.34
N TYR B 345 13.90 33.29 23.04
CA TYR B 345 12.70 33.44 22.22
C TYR B 345 12.02 32.11 22.19
N LEU B 346 12.83 31.06 22.01
CA LEU B 346 12.31 29.75 21.89
C LEU B 346 11.60 29.36 23.14
N MET B 347 12.16 29.61 24.32
CA MET B 347 11.61 29.31 25.60
C MET B 347 10.35 30.06 25.89
N ASN B 348 10.20 31.35 25.54
CA ASN B 348 9.00 32.11 25.74
C ASN B 348 7.83 31.55 24.99
N TRP B 349 8.17 31.23 23.72
CA TRP B 349 7.27 30.70 22.73
C TRP B 349 6.84 29.33 23.16
N LEU B 350 7.70 28.37 23.44
CA LEU B 350 7.35 27.03 23.84
C LEU B 350 6.63 26.96 25.19
N THR B 351 6.97 27.71 26.28
CA THR B 351 6.27 27.58 27.50
C THR B 351 5.01 28.34 27.51
N LYS B 352 4.87 29.54 26.89
CA LYS B 352 3.68 30.26 27.01
C LYS B 352 3.09 30.81 25.76
N GLY B 353 3.50 30.27 24.59
CA GLY B 353 2.96 30.60 23.29
C GLY B 353 3.46 31.92 22.82
N LEU B 354 4.30 32.65 23.71
CA LEU B 354 4.62 34.06 23.42
C LEU B 354 5.61 34.26 22.30
N LEU B 355 5.45 35.42 21.60
CA LEU B 355 6.20 35.81 20.53
C LEU B 355 6.84 37.03 21.11
N ARG B 356 8.07 37.22 20.72
CA ARG B 356 8.91 38.31 21.09
C ARG B 356 9.89 38.31 20.02
N ALA B 357 9.30 38.39 18.78
CA ALA B 357 10.14 38.45 17.58
C ALA B 357 10.96 39.72 17.61
N THR B 358 10.28 40.79 18.09
CA THR B 358 10.77 42.15 18.45
C THR B 358 11.17 43.01 17.21
N TYR B 359 12.26 42.73 16.63
CA TYR B 359 12.78 43.35 15.51
C TYR B 359 12.95 42.39 14.39
N GLY B 360 12.21 41.20 14.38
CA GLY B 360 12.18 40.26 13.26
C GLY B 360 13.12 39.15 13.20
N GLU B 361 13.85 38.96 14.25
CA GLU B 361 14.78 37.89 14.49
C GLU B 361 14.17 36.52 14.49
N PHE B 362 13.14 36.34 15.30
CA PHE B 362 12.63 35.04 15.68
C PHE B 362 11.89 34.45 14.45
N PHE B 363 11.84 33.13 14.24
CA PHE B 363 11.40 32.65 12.97
C PHE B 363 9.97 32.70 12.68
N ILE B 364 9.16 33.12 13.74
CA ILE B 364 7.71 33.06 13.75
C ILE B 364 7.18 34.46 13.50
N ALA B 365 6.20 34.57 12.58
CA ALA B 365 5.55 35.76 12.09
C ALA B 365 4.05 35.59 12.14
N GLU B 366 3.39 36.69 12.46
CA GLU B 366 1.93 36.78 12.47
C GLU B 366 1.50 37.08 11.09
N ASN B 367 0.37 36.55 10.63
CA ASN B 367 -0.18 36.67 9.29
C ASN B 367 -1.24 37.70 9.37
N TYR B 379 -11.20 39.19 14.67
CA TYR B 379 -10.49 38.31 13.72
C TYR B 379 -9.58 37.37 14.54
N HIS B 380 -9.27 36.28 13.78
CA HIS B 380 -8.26 35.42 14.30
C HIS B 380 -7.03 35.79 13.47
N ILE B 381 -5.83 35.84 14.06
CA ILE B 381 -4.56 36.14 13.38
C ILE B 381 -3.79 34.85 13.48
N PRO B 382 -3.63 34.06 12.40
CA PRO B 382 -2.84 32.82 12.45
C PRO B 382 -1.37 33.27 12.48
N ILE B 383 -0.56 32.41 13.22
CA ILE B 383 0.86 32.64 13.34
C ILE B 383 1.46 31.45 12.75
N GLU B 384 2.67 31.61 12.12
CA GLU B 384 3.27 30.60 11.31
C GLU B 384 4.77 30.84 11.31
N PHE B 385 5.46 29.77 10.85
CA PHE B 385 6.96 29.68 10.74
C PHE B 385 7.24 30.24 9.38
N ASN B 386 8.30 30.99 9.36
CA ASN B 386 8.86 31.59 8.20
C ASN B 386 10.01 30.70 7.93
N GLN B 387 9.81 29.67 7.11
CA GLN B 387 10.58 28.56 6.84
C GLN B 387 11.88 28.97 6.20
N GLU B 388 11.92 30.07 5.34
CA GLU B 388 13.28 30.47 4.85
C GLU B 388 14.19 30.84 6.06
N ARG B 389 13.63 31.60 7.09
CA ARG B 389 14.30 32.11 8.22
C ARG B 389 14.68 31.13 9.28
N VAL B 390 13.99 29.99 9.37
CA VAL B 390 14.27 28.96 10.44
C VAL B 390 15.61 28.39 10.37
N PRO B 391 16.43 28.15 11.40
CA PRO B 391 17.83 27.80 11.32
C PRO B 391 17.97 26.43 10.88
N ALA B 392 19.19 26.01 10.52
CA ALA B 392 19.48 24.63 10.15
C ALA B 392 20.38 24.05 11.17
N PHE B 393 20.74 24.90 12.13
CA PHE B 393 21.58 24.64 13.32
C PHE B 393 20.59 23.98 14.29
N ILE B 394 19.38 24.55 14.49
CA ILE B 394 18.43 23.75 15.21
C ILE B 394 17.55 23.37 14.04
N PRO B 395 17.54 22.12 13.59
CA PRO B 395 17.01 21.77 12.23
C PRO B 395 15.71 22.41 11.89
N LYS B 396 15.32 22.61 10.56
CA LYS B 396 14.09 23.17 10.10
C LYS B 396 12.93 22.39 10.50
N GLU B 397 13.09 21.06 10.51
CA GLU B 397 12.14 20.09 10.87
C GLU B 397 11.75 20.25 12.28
N LEU B 398 12.79 20.51 13.14
CA LEU B 398 12.65 20.74 14.57
C LEU B 398 11.87 22.02 14.77
N ALA B 399 12.08 23.11 13.98
CA ALA B 399 11.39 24.33 14.12
C ALA B 399 9.93 24.22 13.87
N TYR B 400 9.48 23.45 12.83
CA TYR B 400 8.13 23.24 12.48
C TYR B 400 7.40 22.57 13.55
N LYS B 401 8.04 21.53 14.19
CA LYS B 401 7.48 20.88 15.32
C LYS B 401 7.32 21.71 16.55
N ILE B 402 8.30 22.54 16.84
CA ILE B 402 8.27 23.39 17.98
C ILE B 402 7.15 24.34 17.82
N PHE B 403 6.96 24.86 16.58
CA PHE B 403 5.99 25.80 16.18
C PHE B 403 4.63 25.16 16.40
N MET B 404 4.49 23.87 15.99
CA MET B 404 3.19 23.21 16.13
C MET B 404 2.73 23.07 17.57
N ILE B 405 3.58 22.68 18.53
CA ILE B 405 3.27 22.56 19.95
C ILE B 405 2.92 23.92 20.58
N GLY B 406 3.68 24.98 20.24
CA GLY B 406 3.32 26.32 20.77
C GLY B 406 1.96 26.80 20.29
N LYS B 407 1.64 26.55 19.05
CA LYS B 407 0.41 26.98 18.39
C LYS B 407 -0.77 26.36 19.06
N SER B 408 -0.55 25.07 19.40
CA SER B 408 -1.46 24.14 20.06
C SER B 408 -1.74 24.72 21.40
N TYR B 409 -0.77 25.27 22.12
CA TYR B 409 -0.95 25.84 23.45
C TYR B 409 -1.89 27.00 23.36
N ILE B 410 -1.72 27.83 22.29
CA ILE B 410 -2.66 28.98 22.03
C ILE B 410 -4.06 28.51 21.78
N PHE B 411 -4.24 27.43 21.02
CA PHE B 411 -5.48 26.79 20.72
C PHE B 411 -6.17 26.24 22.00
N LEU B 412 -5.37 25.68 23.00
CA LEU B 412 -5.91 25.21 24.28
C LEU B 412 -6.49 26.38 25.06
N GLU B 413 -5.79 27.58 24.98
CA GLU B 413 -6.24 28.72 25.70
C GLU B 413 -7.51 29.18 25.15
N LYS B 414 -7.76 29.14 23.80
CA LYS B 414 -9.12 29.50 23.39
C LYS B 414 -10.21 28.58 23.94
N TYR B 415 -9.83 27.29 23.89
CA TYR B 415 -10.69 26.13 24.22
C TYR B 415 -11.08 26.20 25.65
N CYS B 416 -10.19 26.57 26.55
CA CYS B 416 -10.41 26.29 27.95
C CYS B 416 -9.43 27.17 28.60
N LYS B 417 -9.65 27.42 29.91
CA LYS B 417 -8.61 28.16 30.60
C LYS B 417 -7.55 27.32 31.28
N GLU B 418 -7.82 25.97 31.40
CA GLU B 418 -6.87 25.19 32.22
C GLU B 418 -5.49 25.13 31.60
N VAL B 419 -5.33 24.71 30.29
CA VAL B 419 -4.17 24.66 29.52
C VAL B 419 -2.95 24.04 30.12
N GLN B 420 -3.17 22.79 30.50
CA GLN B 420 -2.35 21.91 31.26
C GLN B 420 -1.28 22.52 32.07
N TRP B 421 -1.46 22.88 33.35
CA TRP B 421 -0.70 23.59 34.29
C TRP B 421 0.67 23.03 34.29
N THR B 422 0.81 21.72 34.47
CA THR B 422 2.17 21.18 34.57
C THR B 422 3.03 21.16 33.37
N ASN B 423 2.53 21.31 32.15
CA ASN B 423 3.39 21.50 30.98
C ASN B 423 4.33 22.71 31.09
N GLU B 424 3.86 23.87 31.68
CA GLU B 424 4.63 25.06 31.87
C GLU B 424 5.79 24.78 32.81
N PHE B 425 5.45 23.97 33.86
CA PHE B 425 6.36 23.68 34.89
C PHE B 425 7.47 22.84 34.36
N SER B 426 7.10 21.85 33.52
CA SER B 426 7.97 20.96 32.87
C SER B 426 8.89 21.58 31.92
N LYS B 427 8.40 22.60 31.09
CA LYS B 427 9.22 23.42 30.13
C LYS B 427 10.21 24.23 30.82
N LYS B 428 9.82 24.78 32.07
CA LYS B 428 10.73 25.46 32.93
C LYS B 428 11.80 24.57 33.50
N TYR B 429 11.57 23.30 33.89
CA TYR B 429 12.51 22.35 34.47
C TYR B 429 13.49 22.17 33.46
N HIS B 430 13.08 21.98 32.14
CA HIS B 430 13.90 21.79 30.98
C HIS B 430 14.80 23.01 30.61
N VAL B 431 14.24 24.26 30.74
CA VAL B 431 15.02 25.43 30.54
C VAL B 431 16.12 25.66 31.55
N LEU B 432 15.92 25.35 32.83
CA LEU B 432 16.97 25.20 33.81
C LEU B 432 17.94 24.07 33.55
N TYR B 433 17.41 22.91 33.09
CA TYR B 433 18.25 21.81 32.83
C TYR B 433 19.31 21.98 31.85
N GLN B 434 18.98 22.67 30.66
CA GLN B 434 20.02 22.90 29.70
C GLN B 434 21.02 23.82 30.26
N SER B 435 20.62 24.85 31.06
CA SER B 435 21.45 25.90 31.54
C SER B 435 22.59 25.43 32.45
N ASN B 436 22.37 24.29 33.13
CA ASN B 436 23.39 23.67 33.93
C ASN B 436 24.48 23.09 33.03
N SER B 437 24.09 22.57 31.83
CA SER B 437 25.12 22.01 31.03
C SER B 437 25.93 22.98 30.25
N TYR B 438 25.29 23.48 29.18
CA TYR B 438 25.89 24.24 28.13
C TYR B 438 24.80 25.15 27.51
N ARG B 439 23.66 25.36 28.13
CA ARG B 439 22.56 26.14 27.72
C ARG B 439 21.87 25.39 26.63
N GLY B 440 20.87 25.98 25.99
CA GLY B 440 20.10 25.42 24.95
C GLY B 440 20.99 25.30 23.76
N ILE B 441 21.30 24.08 23.39
CA ILE B 441 22.07 23.73 22.12
C ILE B 441 21.01 22.84 21.47
N SER B 442 21.22 22.47 20.19
CA SER B 442 20.15 21.68 19.54
C SER B 442 20.03 20.32 20.24
N THR B 443 21.21 19.70 20.61
CA THR B 443 21.11 18.35 21.24
C THR B 443 20.60 18.45 22.59
N ASN B 444 20.03 17.29 23.15
CA ASN B 444 19.56 17.07 24.48
C ASN B 444 18.23 17.74 24.76
N PHE B 445 18.15 18.98 24.21
CA PHE B 445 17.10 19.96 24.11
C PHE B 445 16.11 19.52 23.11
N PHE B 446 16.55 19.02 21.97
CA PHE B 446 15.63 18.53 20.99
C PHE B 446 14.96 17.24 21.47
N GLU B 447 15.72 16.36 22.20
CA GLU B 447 15.26 15.13 22.77
C GLU B 447 14.21 15.36 23.69
N ILE B 448 14.38 16.31 24.60
CA ILE B 448 13.31 16.69 25.53
C ILE B 448 12.19 17.30 24.82
N ILE B 449 12.40 18.17 23.81
CA ILE B 449 11.36 18.80 23.09
C ILE B 449 10.55 17.77 22.34
N ASN B 450 11.22 16.76 21.69
CA ASN B 450 10.56 15.71 20.92
C ASN B 450 9.69 14.92 21.87
N ASP B 451 10.21 14.70 23.10
CA ASP B 451 9.51 13.93 24.14
C ASP B 451 8.24 14.76 24.48
N GLN B 452 8.33 16.09 24.64
CA GLN B 452 7.29 17.02 25.09
C GLN B 452 6.27 17.00 23.97
N TYR B 453 6.63 16.93 22.71
CA TYR B 453 5.81 17.01 21.59
C TYR B 453 4.85 15.80 21.58
N SER B 454 5.38 14.54 21.71
CA SER B 454 4.58 13.29 21.72
C SER B 454 3.62 13.31 22.85
N GLU B 455 4.13 13.80 24.02
CA GLU B 455 3.42 13.93 25.26
C GLU B 455 2.30 14.87 25.14
N ILE B 456 2.52 15.99 24.55
CA ILE B 456 1.52 17.07 24.24
C ILE B 456 0.52 16.51 23.25
N VAL B 457 0.94 15.72 22.25
CA VAL B 457 0.01 15.11 21.28
C VAL B 457 -0.94 14.14 21.97
N ASN B 458 -0.41 13.23 22.87
CA ASN B 458 -1.28 12.38 23.62
C ASN B 458 -2.20 13.07 24.53
N HIS B 459 -1.69 14.08 25.31
CA HIS B 459 -2.40 14.78 26.32
C HIS B 459 -3.51 15.60 25.64
N THR B 460 -3.24 16.12 24.39
CA THR B 460 -4.26 16.79 23.60
C THR B 460 -5.25 15.81 23.12
N ASN B 461 -4.83 14.62 22.75
CA ASN B 461 -5.76 13.61 22.32
C ASN B 461 -6.68 13.32 23.48
N GLN B 462 -6.19 13.12 24.75
CA GLN B 462 -7.04 12.93 25.91
C GLN B 462 -7.95 14.13 26.19
N ILE B 463 -7.43 15.42 26.09
CA ILE B 463 -8.22 16.67 26.47
C ILE B 463 -9.36 16.74 25.55
N LEU B 464 -9.08 16.47 24.28
CA LEU B 464 -10.07 16.49 23.27
C LEU B 464 -11.08 15.34 23.41
N ASN B 465 -10.59 14.14 23.50
CA ASN B 465 -11.33 12.88 23.43
C ASN B 465 -12.24 12.64 24.63
N GLN B 466 -11.57 12.67 25.76
CA GLN B 466 -12.21 12.47 27.07
C GLN B 466 -13.01 13.64 27.53
N LYS B 467 -12.39 14.88 27.47
CA LYS B 467 -13.08 16.09 27.96
C LYS B 467 -14.17 16.48 27.08
N PHE B 468 -13.82 16.62 25.78
CA PHE B 468 -14.72 16.90 24.69
C PHE B 468 -15.03 15.52 24.16
N HIS B 469 -15.13 15.31 22.87
CA HIS B 469 -15.85 14.31 22.27
C HIS B 469 -15.81 14.68 20.81
N TYR B 470 -14.64 15.12 20.27
CA TYR B 470 -14.52 15.51 18.88
C TYR B 470 -14.72 14.35 17.94
N ARG B 471 -14.15 13.16 18.27
CA ARG B 471 -14.36 11.92 17.53
C ARG B 471 -15.86 11.56 17.47
N ASP B 472 -16.55 11.72 18.62
CA ASP B 472 -17.94 11.37 18.71
C ASP B 472 -18.71 12.34 17.88
N VAL B 473 -18.25 13.65 17.94
CA VAL B 473 -18.82 14.80 17.22
C VAL B 473 -18.59 14.56 15.72
N VAL B 474 -17.48 13.93 15.22
CA VAL B 474 -17.47 13.56 13.79
C VAL B 474 -18.56 12.62 13.39
N PHE B 475 -18.86 11.54 14.18
CA PHE B 475 -19.91 10.54 13.86
C PHE B 475 -21.25 11.24 13.75
N ALA B 476 -21.60 12.14 14.73
CA ALA B 476 -22.76 12.97 14.84
C ALA B 476 -22.90 13.97 13.73
N LEU B 477 -21.82 14.58 13.24
CA LEU B 477 -21.79 15.38 12.04
C LEU B 477 -22.10 14.59 10.80
N LYS B 478 -21.57 13.37 10.60
CA LYS B 478 -21.90 12.47 9.53
C LYS B 478 -23.31 12.18 9.57
N ASN B 479 -23.85 11.93 10.75
CA ASN B 479 -25.29 11.68 10.82
C ASN B 479 -26.26 12.80 10.38
N ILE B 480 -26.08 14.04 10.86
CA ILE B 480 -26.91 15.24 10.42
C ILE B 480 -26.49 15.84 9.10
N LEU B 481 -25.31 16.35 8.94
CA LEU B 481 -24.88 17.09 7.81
C LEU B 481 -24.72 16.18 6.62
N LEU B 482 -24.20 14.98 6.85
CA LEU B 482 -23.97 14.01 5.72
C LEU B 482 -25.04 12.97 5.70
N MET B 483 -26.18 13.21 6.40
CA MET B 483 -27.38 12.43 6.35
C MET B 483 -27.26 10.92 6.52
N GLY B 484 -26.60 10.49 7.61
CA GLY B 484 -26.39 9.13 7.79
C GLY B 484 -27.56 8.45 8.52
N LYS B 485 -28.12 9.27 9.48
CA LYS B 485 -29.26 8.95 10.28
C LYS B 485 -30.41 9.33 9.40
N SER B 486 -31.11 8.35 8.76
CA SER B 486 -32.20 8.47 7.80
C SER B 486 -33.42 9.12 8.42
N ASP B 487 -33.73 8.72 9.69
CA ASP B 487 -35.00 9.02 10.28
C ASP B 487 -35.20 10.50 10.42
N PHE B 488 -34.20 11.21 10.82
CA PHE B 488 -34.32 12.59 11.17
C PHE B 488 -34.77 13.30 9.92
N MET B 489 -34.15 12.95 8.75
CA MET B 489 -34.39 13.65 7.53
C MET B 489 -35.75 13.53 7.03
N ASP B 490 -36.21 12.26 7.22
CA ASP B 490 -37.53 11.91 6.85
C ASP B 490 -38.57 12.71 7.66
N ALA B 491 -38.36 12.90 9.04
CA ALA B 491 -39.24 13.67 9.86
C ALA B 491 -39.19 15.12 9.38
N LEU B 492 -38.03 15.65 9.02
CA LEU B 492 -37.99 16.98 8.64
C LEU B 492 -38.80 17.27 7.40
N ILE B 493 -38.68 16.41 6.33
CA ILE B 493 -39.42 16.61 5.12
C ILE B 493 -40.94 16.54 5.46
N GLU B 494 -41.44 15.57 6.28
CA GLU B 494 -42.85 15.31 6.50
C GLU B 494 -43.46 16.56 7.11
N LYS B 495 -42.80 17.19 8.12
CA LYS B 495 -43.37 18.35 8.66
C LYS B 495 -43.34 19.56 7.69
N ALA B 496 -42.16 19.72 7.04
CA ALA B 496 -41.94 20.88 6.17
C ALA B 496 -42.70 21.00 4.87
N ASN B 497 -43.06 19.88 4.26
CA ASN B 497 -43.43 19.79 2.82
C ASN B 497 -44.46 20.78 2.39
N ASP B 498 -45.50 21.00 3.25
CA ASP B 498 -46.54 21.96 2.82
C ASP B 498 -46.08 23.39 2.62
N ILE B 499 -45.27 23.85 3.59
CA ILE B 499 -44.76 25.16 3.72
C ILE B 499 -43.75 25.57 2.73
N LEU B 500 -42.85 24.64 2.40
CA LEU B 500 -41.82 24.88 1.43
C LEU B 500 -42.35 24.80 0.02
N ALA B 501 -43.41 24.04 -0.27
CA ALA B 501 -44.02 23.89 -1.57
C ALA B 501 -44.55 25.26 -2.12
N THR B 502 -45.08 26.07 -1.19
CA THR B 502 -45.56 27.39 -1.49
C THR B 502 -44.30 28.27 -1.32
N PRO B 503 -44.16 29.42 -1.96
CA PRO B 503 -43.15 30.52 -1.75
C PRO B 503 -42.65 30.87 -0.37
N SER B 504 -41.36 31.32 -0.28
CA SER B 504 -40.66 31.75 0.88
C SER B 504 -41.23 33.00 1.34
N ASP B 505 -41.25 33.18 2.72
CA ASP B 505 -41.55 34.39 3.43
C ASP B 505 -41.06 34.19 4.83
N SER B 506 -41.21 35.24 5.68
CA SER B 506 -40.66 35.44 7.05
C SER B 506 -41.10 34.45 8.15
N LEU B 507 -42.47 34.14 8.09
CA LEU B 507 -43.18 33.34 9.08
C LEU B 507 -42.69 31.85 8.90
N PRO B 508 -42.34 31.31 7.74
CA PRO B 508 -41.90 29.97 7.63
C PRO B 508 -40.74 29.53 8.44
N ASN B 509 -39.76 30.53 8.52
CA ASN B 509 -38.53 30.35 9.08
C ASN B 509 -38.67 29.95 10.58
N TYR B 510 -39.61 30.66 11.33
CA TYR B 510 -39.87 30.40 12.72
C TYR B 510 -40.51 28.99 12.86
N LYS B 511 -41.49 28.69 11.95
CA LYS B 511 -42.27 27.44 12.06
C LYS B 511 -41.30 26.23 11.88
N LEU B 512 -40.38 26.44 10.90
CA LEU B 512 -39.36 25.50 10.43
C LEU B 512 -38.33 25.19 11.47
N THR B 513 -37.93 26.19 12.32
CA THR B 513 -37.06 26.05 13.52
C THR B 513 -37.82 25.15 14.58
N ARG B 514 -39.11 25.36 14.73
CA ARG B 514 -39.90 24.51 15.62
C ARG B 514 -39.96 23.10 15.08
N VAL B 515 -40.11 22.91 13.74
CA VAL B 515 -39.99 21.59 13.20
C VAL B 515 -38.66 20.96 13.43
N LEU B 516 -37.56 21.74 13.42
CA LEU B 516 -36.27 21.20 13.63
C LEU B 516 -36.18 20.60 14.99
N GLN B 517 -36.68 21.24 16.04
CA GLN B 517 -36.60 20.71 17.40
C GLN B 517 -37.41 19.47 17.52
N GLU B 518 -38.63 19.59 16.82
CA GLU B 518 -39.55 18.48 16.81
C GLU B 518 -38.95 17.29 16.18
N ALA B 519 -38.19 17.47 15.05
CA ALA B 519 -37.58 16.40 14.37
C ALA B 519 -36.56 15.69 15.23
N VAL B 520 -35.70 16.40 16.03
CA VAL B 520 -34.67 15.76 16.82
C VAL B 520 -35.30 14.86 17.80
N GLN B 521 -36.36 15.33 18.46
CA GLN B 521 -37.04 14.64 19.47
C GLN B 521 -37.67 13.46 18.87
N LEU B 522 -38.25 13.60 17.67
CA LEU B 522 -39.02 12.60 16.94
C LEU B 522 -38.15 11.43 16.58
N SER B 523 -36.85 11.68 16.20
CA SER B 523 -35.83 10.68 15.86
C SER B 523 -35.32 9.95 17.17
N SER B 524 -35.84 10.43 18.30
CA SER B 524 -35.69 9.88 19.60
C SER B 524 -34.27 9.69 19.86
N LEU B 525 -33.37 10.73 19.69
CA LEU B 525 -31.95 10.71 20.12
C LEU B 525 -31.92 10.41 21.63
N ARG B 526 -30.87 9.60 22.00
CA ARG B 526 -30.73 9.08 23.35
C ARG B 526 -29.35 9.56 23.77
N HIS B 527 -29.29 9.91 25.11
CA HIS B 527 -27.98 10.43 25.56
C HIS B 527 -27.95 10.18 27.00
N LEU B 528 -28.48 9.05 27.48
CA LEU B 528 -28.38 8.69 28.87
C LEU B 528 -28.13 7.23 28.98
N MET B 529 -27.39 6.97 30.06
CA MET B 529 -26.80 5.79 30.65
C MET B 529 -25.33 6.04 30.84
N ASN B 530 -24.79 7.10 30.13
CA ASN B 530 -23.42 7.45 30.25
C ASN B 530 -23.24 8.87 30.05
N SER B 531 -24.43 9.61 29.95
CA SER B 531 -24.61 11.00 29.75
C SER B 531 -23.76 11.65 28.61
N PRO B 532 -24.12 11.57 27.31
CA PRO B 532 -23.75 12.50 26.17
C PRO B 532 -24.62 13.77 26.36
N ARG B 533 -25.55 13.80 27.32
CA ARG B 533 -26.68 14.76 27.37
C ARG B 533 -26.16 16.22 27.46
N ASN B 534 -25.02 16.36 28.20
CA ASN B 534 -24.38 17.65 28.34
C ASN B 534 -23.78 18.17 27.04
N SER B 535 -23.52 17.25 26.06
CA SER B 535 -22.96 17.60 24.81
C SER B 535 -23.90 18.33 23.90
N SER B 536 -23.39 18.91 22.82
CA SER B 536 -24.16 19.62 21.91
C SER B 536 -24.82 18.72 20.88
N VAL B 537 -25.53 17.73 21.35
CA VAL B 537 -26.02 16.63 20.59
C VAL B 537 -27.48 16.71 20.41
N ILE B 538 -28.11 17.51 21.30
CA ILE B 538 -29.52 17.85 21.27
C ILE B 538 -29.50 19.39 21.11
N ASN B 539 -28.28 19.99 20.90
CA ASN B 539 -28.07 21.35 20.85
C ASN B 539 -27.30 21.71 19.62
N GLY B 540 -27.49 22.98 19.21
CA GLY B 540 -26.68 23.51 18.12
C GLY B 540 -27.29 23.81 16.77
N LEU B 541 -28.62 23.90 16.66
CA LEU B 541 -29.36 24.21 15.38
C LEU B 541 -29.76 25.77 15.34
N ASP B 542 -29.52 26.37 14.17
CA ASP B 542 -30.09 27.70 13.69
C ASP B 542 -30.50 27.44 12.31
N ALA B 543 -31.59 28.11 11.75
CA ALA B 543 -31.92 28.02 10.36
C ALA B 543 -31.24 29.29 9.83
N ARG B 544 -30.60 29.25 8.66
CA ARG B 544 -29.99 30.38 7.98
C ARG B 544 -30.79 30.58 6.70
N VAL B 545 -30.92 31.81 6.13
CA VAL B 545 -31.76 32.24 5.04
C VAL B 545 -30.76 32.87 4.17
N LEU B 546 -30.72 32.36 2.89
CA LEU B 546 -29.94 32.82 1.79
C LEU B 546 -30.58 33.92 1.12
N ASP B 547 -29.63 34.62 0.35
CA ASP B 547 -29.82 35.67 -0.60
C ASP B 547 -29.38 35.21 -1.94
N LEU B 548 -29.28 33.90 -2.17
CA LEU B 548 -29.06 33.21 -3.38
C LEU B 548 -30.20 32.36 -3.72
N GLY B 549 -31.10 32.11 -2.75
CA GLY B 549 -32.40 31.53 -3.05
C GLY B 549 -33.34 32.58 -3.59
N HIS B 550 -34.62 32.07 -3.76
CA HIS B 550 -35.59 33.00 -4.33
C HIS B 550 -36.88 32.68 -3.60
N GLY B 551 -37.92 33.45 -3.86
CA GLY B 551 -39.25 33.36 -3.35
C GLY B 551 -40.07 32.72 -4.34
N SER B 552 -39.42 32.07 -5.38
CA SER B 552 -40.06 31.27 -6.47
C SER B 552 -40.69 30.08 -5.74
N VAL B 553 -39.88 29.41 -4.83
CA VAL B 553 -40.36 28.32 -4.02
C VAL B 553 -39.75 28.41 -2.69
N GLY B 554 -40.41 27.89 -1.65
CA GLY B 554 -39.91 27.89 -0.34
C GLY B 554 -38.66 27.13 -0.22
N TRP B 555 -38.47 25.97 -0.94
CA TRP B 555 -37.41 25.06 -0.67
C TRP B 555 -36.04 25.62 -0.81
N ASP B 556 -35.86 26.37 -1.88
CA ASP B 556 -34.50 26.82 -2.28
C ASP B 556 -33.84 27.73 -1.29
N VAL B 557 -34.64 28.65 -0.63
CA VAL B 557 -33.98 29.58 0.19
C VAL B 557 -33.31 28.98 1.48
N PHE B 558 -33.87 27.82 1.97
CA PHE B 558 -33.54 27.37 3.27
C PHE B 558 -32.08 26.86 3.39
N THR B 559 -31.48 27.20 4.58
CA THR B 559 -30.21 26.67 4.89
C THR B 559 -30.19 26.50 6.36
N LEU B 560 -29.15 25.75 6.80
CA LEU B 560 -29.00 25.26 8.11
C LEU B 560 -27.67 25.74 8.55
N ASP B 561 -27.53 26.22 9.87
CA ASP B 561 -26.29 26.58 10.43
C ASP B 561 -26.19 25.84 11.73
N TYR B 562 -24.98 25.33 11.99
CA TYR B 562 -24.62 24.65 13.20
C TYR B 562 -23.51 25.48 13.83
N ILE B 563 -23.62 25.77 15.16
CA ILE B 563 -22.82 26.54 16.03
C ILE B 563 -21.32 26.18 15.95
N LEU B 564 -20.45 27.14 16.22
CA LEU B 564 -19.04 27.04 16.12
C LEU B 564 -18.37 26.44 17.31
N TYR B 565 -17.10 26.15 17.18
CA TYR B 565 -16.31 25.31 18.06
C TYR B 565 -14.93 25.77 17.87
N PRO B 566 -13.91 25.33 18.60
CA PRO B 566 -12.50 25.69 18.49
C PRO B 566 -11.87 25.24 17.19
N PRO B 567 -12.24 24.22 16.48
CA PRO B 567 -11.80 23.98 15.17
C PRO B 567 -12.20 25.05 14.24
N LEU B 568 -13.19 25.93 14.57
CA LEU B 568 -13.87 26.73 13.70
C LEU B 568 -13.85 28.14 14.22
N SER B 569 -13.10 28.35 15.34
CA SER B 569 -12.90 29.67 15.95
C SER B 569 -11.67 30.28 15.45
N LEU B 570 -11.28 29.90 14.23
CA LEU B 570 -10.15 30.51 13.61
C LEU B 570 -10.35 30.44 12.12
N VAL B 571 -11.52 30.10 11.60
CA VAL B 571 -11.85 30.21 10.17
C VAL B 571 -13.16 30.98 10.14
N LEU B 572 -13.65 31.53 11.23
CA LEU B 572 -14.88 32.30 11.34
C LEU B 572 -14.60 33.50 12.19
N ASN B 573 -13.54 33.51 12.97
CA ASN B 573 -13.30 34.67 13.83
C ASN B 573 -12.86 35.78 12.88
N VAL B 574 -11.92 35.39 11.97
CA VAL B 574 -11.37 36.16 10.82
C VAL B 574 -12.46 36.82 9.94
N ASN B 575 -11.98 37.68 8.99
CA ASN B 575 -12.80 38.27 7.96
C ASN B 575 -12.46 37.57 6.70
N ARG B 576 -12.51 36.23 6.70
CA ARG B 576 -12.47 35.51 5.41
C ARG B 576 -12.96 34.10 5.62
N PRO B 577 -14.27 33.86 5.64
CA PRO B 577 -14.91 32.56 5.94
C PRO B 577 -14.83 31.47 4.96
N PHE B 578 -13.95 31.61 3.91
CA PHE B 578 -13.97 30.76 2.81
C PHE B 578 -13.88 29.20 3.04
N GLY B 579 -13.18 28.65 4.03
CA GLY B 579 -13.21 27.25 4.43
C GLY B 579 -14.56 26.68 4.82
N ARG B 580 -15.27 27.47 5.65
CA ARG B 580 -16.58 27.12 6.07
C ARG B 580 -17.52 27.14 4.88
N LYS B 581 -17.17 28.06 3.95
CA LYS B 581 -17.89 28.09 2.66
C LYS B 581 -17.81 26.89 1.87
N GLU B 582 -16.63 26.15 1.74
CA GLU B 582 -16.49 24.93 1.00
C GLU B 582 -17.29 23.82 1.60
N TYR B 583 -17.32 23.61 2.95
CA TYR B 583 -18.15 22.67 3.69
C TYR B 583 -19.57 23.00 3.51
N LEU B 584 -19.97 24.32 3.45
CA LEU B 584 -21.32 24.72 3.19
C LEU B 584 -21.81 24.24 1.79
N ARG B 585 -20.91 24.26 0.78
CA ARG B 585 -21.27 23.81 -0.54
C ARG B 585 -21.59 22.40 -0.64
N ILE B 586 -20.80 21.49 0.03
CA ILE B 586 -21.08 20.06 -0.05
C ILE B 586 -22.36 19.72 0.57
N PHE B 587 -22.63 20.40 1.72
CA PHE B 587 -23.86 20.25 2.52
C PHE B 587 -25.13 20.48 1.66
N ASN B 588 -25.11 21.61 0.90
CA ASN B 588 -26.33 22.03 0.11
C ASN B 588 -26.64 21.09 -0.96
N PHE B 589 -25.55 20.48 -1.61
CA PHE B 589 -25.72 19.54 -2.73
C PHE B 589 -26.43 18.31 -2.26
N LEU B 590 -25.91 17.71 -1.03
CA LEU B 590 -26.47 16.55 -0.46
C LEU B 590 -27.93 16.85 -0.07
N TRP B 591 -28.25 18.02 0.57
CA TRP B 591 -29.56 18.31 1.09
C TRP B 591 -30.62 18.33 0.09
N ARG B 592 -30.26 18.93 -1.08
CA ARG B 592 -31.12 19.14 -2.22
C ARG B 592 -31.56 17.80 -2.82
N PHE B 593 -30.63 16.81 -2.92
CA PHE B 593 -30.87 15.46 -3.40
C PHE B 593 -31.83 14.77 -2.51
N LYS B 594 -31.62 14.91 -1.18
CA LYS B 594 -32.47 14.29 -0.18
C LYS B 594 -33.93 14.86 -0.30
N LYS B 595 -34.07 16.21 -0.55
CA LYS B 595 -35.44 16.79 -0.64
C LYS B 595 -36.23 16.22 -1.85
N ASN B 596 -35.62 16.06 -3.06
CA ASN B 596 -36.25 15.38 -4.18
C ASN B 596 -36.58 13.87 -3.99
N ASN B 597 -35.67 13.07 -3.40
CA ASN B 597 -35.81 11.67 -3.23
C ASN B 597 -36.95 11.33 -2.31
N TYR B 598 -37.13 12.16 -1.22
CA TYR B 598 -38.32 12.10 -0.43
C TYR B 598 -39.57 12.45 -1.26
N PHE B 599 -39.48 13.50 -2.13
CA PHE B 599 -40.67 13.90 -2.90
C PHE B 599 -41.14 12.89 -3.88
N TYR B 600 -40.23 12.14 -4.63
CA TYR B 600 -40.64 11.16 -5.52
C TYR B 600 -41.30 10.03 -4.74
N GLN B 601 -40.77 9.59 -3.56
CA GLN B 601 -41.30 8.50 -2.85
C GLN B 601 -42.67 8.77 -2.44
N LYS B 602 -43.00 10.05 -1.96
CA LYS B 602 -44.34 10.46 -1.55
C LYS B 602 -45.27 10.40 -2.77
N GLU B 603 -44.76 10.84 -3.96
CA GLU B 603 -45.63 10.95 -5.09
C GLU B 603 -46.21 9.59 -5.49
N MET B 604 -45.33 8.53 -5.58
CA MET B 604 -45.60 7.15 -5.82
C MET B 604 -46.38 6.53 -4.69
N LEU B 605 -46.01 6.91 -3.44
CA LEU B 605 -46.70 6.39 -2.25
C LEU B 605 -48.15 6.73 -2.31
N LYS B 606 -48.43 8.00 -2.70
CA LYS B 606 -49.72 8.66 -2.84
C LYS B 606 -50.53 7.98 -3.88
N SER B 607 -49.96 7.53 -4.99
CA SER B 607 -50.61 6.89 -6.09
C SER B 607 -51.19 5.53 -5.82
N ASN B 608 -50.61 4.68 -4.90
CA ASN B 608 -51.08 3.25 -4.66
C ASN B 608 -52.43 3.35 -3.98
N ASP B 609 -52.69 4.48 -3.18
CA ASP B 609 -54.03 4.75 -2.70
C ASP B 609 -54.69 5.29 -3.91
N ILE B 610 -55.75 4.55 -4.37
CA ILE B 610 -56.38 4.68 -5.62
C ILE B 610 -56.97 6.12 -5.76
N ILE B 611 -57.15 6.60 -7.04
CA ILE B 611 -57.56 7.85 -7.58
C ILE B 611 -56.89 9.05 -6.83
N ARG B 612 -55.60 8.93 -6.55
CA ARG B 612 -54.79 9.84 -5.83
C ARG B 612 -53.43 9.91 -6.63
N ILE B 628 -59.29 -0.78 -16.86
CA ILE B 628 -59.20 -2.27 -16.77
C ILE B 628 -57.74 -2.61 -16.74
N ASN B 629 -57.18 -2.89 -17.95
CA ASN B 629 -55.73 -3.09 -18.24
C ASN B 629 -55.01 -1.77 -17.97
N LYS B 630 -55.72 -0.65 -18.22
CA LYS B 630 -55.10 0.64 -18.11
C LYS B 630 -54.52 0.86 -16.77
N LEU B 631 -55.19 0.45 -15.63
CA LEU B 631 -54.96 0.55 -14.19
C LEU B 631 -53.71 -0.20 -13.77
N SER B 632 -53.51 -1.37 -14.41
CA SER B 632 -52.25 -2.06 -14.30
C SER B 632 -51.09 -1.29 -14.91
N ARG B 633 -51.30 -0.65 -16.09
CA ARG B 633 -50.19 0.07 -16.71
C ARG B 633 -49.70 1.25 -15.96
N ILE B 634 -50.55 2.10 -15.36
CA ILE B 634 -50.05 3.15 -14.47
C ILE B 634 -49.32 2.58 -13.30
N SER B 635 -49.76 1.46 -12.62
CA SER B 635 -49.04 0.96 -11.53
C SER B 635 -47.58 0.53 -11.87
N ILE B 636 -47.40 -0.19 -12.97
CA ILE B 636 -46.06 -0.64 -13.34
C ILE B 636 -45.22 0.53 -13.65
N LEU B 637 -45.66 1.57 -14.48
CA LEU B 637 -44.75 2.63 -14.91
C LEU B 637 -44.16 3.45 -13.75
N ARG B 638 -45.02 3.86 -12.78
CA ARG B 638 -44.51 4.64 -11.63
C ARG B 638 -43.51 3.89 -10.84
N THR B 639 -43.75 2.56 -10.54
CA THR B 639 -42.83 1.70 -9.79
C THR B 639 -41.62 1.47 -10.47
N GLN B 640 -41.61 1.29 -11.83
CA GLN B 640 -40.33 1.00 -12.50
C GLN B 640 -39.39 2.11 -12.38
N PHE B 641 -39.86 3.33 -12.54
CA PHE B 641 -39.07 4.54 -12.44
C PHE B 641 -38.50 4.79 -11.10
N GLN B 642 -39.34 4.43 -10.09
CA GLN B 642 -38.94 4.52 -8.70
C GLN B 642 -37.82 3.58 -8.43
N GLN B 643 -37.77 2.34 -9.06
CA GLN B 643 -36.73 1.40 -8.85
C GLN B 643 -35.44 1.87 -9.36
N PHE B 644 -35.47 2.48 -10.58
CA PHE B 644 -34.23 2.95 -11.22
C PHE B 644 -33.56 4.15 -10.37
N ASN B 645 -34.39 5.14 -9.93
CA ASN B 645 -33.88 6.18 -9.12
C ASN B 645 -33.33 5.75 -7.80
N SER B 646 -34.09 4.82 -7.15
CA SER B 646 -33.74 4.32 -5.84
C SER B 646 -32.42 3.67 -5.83
N LYS B 647 -32.11 2.91 -6.92
CA LYS B 647 -30.93 2.12 -7.10
C LYS B 647 -29.79 3.05 -7.24
N MET B 648 -29.87 4.22 -7.97
CA MET B 648 -28.90 5.23 -8.11
C MET B 648 -28.60 5.87 -6.79
N GLU B 649 -29.65 6.19 -6.00
CA GLU B 649 -29.44 6.90 -4.71
C GLU B 649 -28.65 6.14 -3.72
N SER B 650 -29.02 4.85 -3.74
CA SER B 650 -28.44 3.79 -3.00
C SER B 650 -26.99 3.61 -3.29
N TYR B 651 -26.69 3.48 -4.60
CA TYR B 651 -25.37 3.22 -5.13
C TYR B 651 -24.46 4.47 -4.85
N TYR B 652 -24.94 5.69 -5.04
CA TYR B 652 -24.15 6.89 -4.69
C TYR B 652 -23.81 6.84 -3.20
N LEU B 653 -24.80 6.50 -2.37
CA LEU B 653 -24.51 6.49 -1.00
C LEU B 653 -23.55 5.41 -0.50
N ASN B 654 -23.84 4.19 -0.90
CA ASN B 654 -23.05 3.12 -0.36
C ASN B 654 -21.65 3.19 -1.02
N CYS B 655 -21.57 3.21 -2.31
CA CYS B 655 -20.30 2.91 -2.89
C CYS B 655 -19.25 3.98 -2.77
N ILE B 656 -19.61 5.25 -2.99
CA ILE B 656 -18.67 6.33 -2.75
C ILE B 656 -18.63 6.93 -1.40
N ILE B 657 -19.85 7.50 -0.95
CA ILE B 657 -19.88 8.38 0.30
C ILE B 657 -19.62 7.61 1.54
N GLU B 658 -20.36 6.52 1.85
CA GLU B 658 -20.13 5.86 3.09
C GLU B 658 -18.78 5.21 3.17
N GLU B 659 -18.33 4.55 2.09
CA GLU B 659 -16.98 3.87 2.12
C GLU B 659 -15.88 4.76 2.27
N ASN B 660 -15.87 5.94 1.54
CA ASN B 660 -14.76 6.85 1.60
C ASN B 660 -14.67 7.42 2.99
N PHE B 661 -15.83 7.75 3.50
CA PHE B 661 -15.88 8.32 4.87
C PHE B 661 -15.33 7.31 5.93
N LYS B 662 -15.60 5.96 5.86
CA LYS B 662 -15.08 4.97 6.79
C LYS B 662 -13.59 4.96 6.70
N GLU B 663 -12.97 5.01 5.51
CA GLU B 663 -11.55 4.85 5.39
C GLU B 663 -10.78 5.90 6.03
N MET B 664 -11.35 7.15 5.87
CA MET B 664 -10.73 8.32 6.46
C MET B 664 -10.62 8.16 8.00
N THR B 665 -11.81 7.67 8.58
CA THR B 665 -12.01 7.42 9.96
C THR B 665 -11.00 6.28 10.32
N ARG B 666 -10.81 5.21 9.53
CA ARG B 666 -10.01 4.04 9.82
C ARG B 666 -8.56 4.46 9.99
N LYS B 667 -8.04 5.32 9.11
CA LYS B 667 -6.64 5.71 9.22
C LYS B 667 -6.38 6.33 10.54
N LEU B 668 -7.34 7.23 10.89
CA LEU B 668 -7.27 8.07 12.09
C LEU B 668 -7.25 7.23 13.31
N GLN B 669 -8.17 6.24 13.34
CA GLN B 669 -8.53 5.30 14.39
C GLN B 669 -7.45 4.29 14.61
N ARG B 670 -6.86 3.79 13.55
CA ARG B 670 -5.84 2.76 13.46
C ARG B 670 -4.65 3.30 14.24
N THR B 671 -4.17 4.55 14.06
CA THR B 671 -3.16 5.04 14.86
C THR B 671 -3.68 5.41 16.32
N LEU B 719 -1.41 14.63 16.61
CA LEU B 719 -2.86 15.25 16.64
C LEU B 719 -2.72 16.70 16.20
N ASN B 720 -3.49 17.08 15.15
CA ASN B 720 -3.35 18.36 14.49
C ASN B 720 -4.69 18.56 13.85
N ILE B 721 -5.04 19.87 13.56
CA ILE B 721 -6.15 20.43 12.96
C ILE B 721 -6.14 19.89 11.57
N ASP B 722 -4.89 19.78 11.00
CA ASP B 722 -4.59 19.44 9.66
C ASP B 722 -5.17 18.15 9.33
N GLU B 723 -5.18 17.15 10.32
CA GLU B 723 -5.71 15.83 10.10
C GLU B 723 -7.20 15.81 9.78
N LEU B 724 -7.95 16.77 10.41
CA LEU B 724 -9.33 17.03 10.13
C LEU B 724 -9.57 17.54 8.73
N GLU B 725 -8.75 18.55 8.38
CA GLU B 725 -8.83 19.28 7.13
C GLU B 725 -8.60 18.33 5.93
N SER B 726 -7.66 17.41 6.10
CA SER B 726 -7.22 16.36 5.24
C SER B 726 -8.36 15.44 4.99
N VAL B 727 -9.09 14.89 6.05
CA VAL B 727 -10.23 13.96 5.89
C VAL B 727 -11.31 14.69 5.17
N HIS B 728 -11.57 15.97 5.45
CA HIS B 728 -12.65 16.74 4.77
C HIS B 728 -12.26 16.86 3.31
N ASN B 729 -11.00 17.03 3.05
CA ASN B 729 -10.41 17.21 1.67
C ASN B 729 -10.67 16.00 0.86
N THR B 730 -10.47 14.78 1.44
CA THR B 730 -10.63 13.53 0.72
C THR B 730 -12.04 13.26 0.22
N PHE B 731 -12.96 13.57 1.20
CA PHE B 731 -14.32 13.46 0.97
C PHE B 731 -14.65 14.39 -0.16
N LEU B 732 -14.21 15.68 -0.10
CA LEU B 732 -14.52 16.69 -1.07
C LEU B 732 -14.00 16.53 -2.38
N THR B 733 -12.75 16.10 -2.63
CA THR B 733 -12.18 15.86 -3.93
C THR B 733 -12.84 14.70 -4.68
N ASN B 734 -13.21 13.60 -4.01
CA ASN B 734 -13.81 12.56 -4.65
C ASN B 734 -15.18 12.98 -5.18
N ILE B 735 -15.91 13.73 -4.42
CA ILE B 735 -17.14 14.28 -4.75
C ILE B 735 -17.00 15.26 -5.93
N LEU B 736 -15.90 16.05 -6.03
CA LEU B 736 -15.68 16.90 -7.17
C LEU B 736 -15.49 16.27 -8.43
N SER B 737 -14.65 15.14 -8.49
CA SER B 737 -14.47 14.50 -9.80
C SER B 737 -15.70 13.94 -10.31
N HIS B 738 -16.40 13.28 -9.36
CA HIS B 738 -17.60 12.57 -9.75
C HIS B 738 -18.74 13.43 -10.23
N LYS B 739 -18.87 14.65 -9.61
CA LYS B 739 -19.83 15.56 -9.94
C LYS B 739 -19.67 16.04 -11.32
N LEU B 740 -18.42 16.36 -11.61
CA LEU B 740 -18.13 16.97 -12.87
C LEU B 740 -18.31 16.10 -14.00
N PHE B 741 -17.81 14.87 -13.95
CA PHE B 741 -18.11 13.95 -15.06
C PHE B 741 -19.56 13.46 -15.15
N ALA B 742 -20.04 12.80 -14.11
CA ALA B 742 -21.44 12.25 -13.95
C ALA B 742 -22.60 13.16 -13.55
N THR B 743 -22.37 13.78 -12.41
CA THR B 743 -23.50 14.18 -11.58
C THR B 743 -23.50 15.72 -11.27
N GLN B 756 -22.03 16.15 -14.82
CA GLN B 756 -23.16 17.12 -15.08
C GLN B 756 -24.42 16.46 -15.71
N PRO B 757 -24.46 15.48 -16.58
CA PRO B 757 -25.67 15.07 -17.26
C PRO B 757 -26.79 14.48 -16.38
N TYR B 758 -26.46 13.75 -15.31
CA TYR B 758 -27.49 13.04 -14.60
C TYR B 758 -28.57 13.88 -13.89
N PRO B 759 -28.33 14.88 -13.14
CA PRO B 759 -29.35 15.72 -12.53
C PRO B 759 -30.31 16.43 -13.41
N THR B 760 -29.85 16.70 -14.63
CA THR B 760 -30.56 17.31 -15.69
C THR B 760 -31.67 16.40 -16.13
N SER B 761 -31.26 15.06 -16.26
CA SER B 761 -32.19 13.98 -16.66
C SER B 761 -33.27 13.71 -15.58
N LEU B 762 -32.82 13.74 -14.31
CA LEU B 762 -33.61 13.52 -13.18
C LEU B 762 -34.70 14.56 -13.06
N VAL B 763 -34.40 15.86 -13.28
CA VAL B 763 -35.33 16.95 -13.20
C VAL B 763 -36.41 16.94 -14.25
N LEU B 764 -36.09 16.50 -15.52
CA LEU B 764 -37.14 16.25 -16.41
C LEU B 764 -38.05 15.11 -15.91
N LEU B 765 -37.57 14.05 -15.31
CA LEU B 765 -38.39 12.94 -14.73
C LEU B 765 -39.32 13.33 -13.62
N LEU B 766 -38.87 14.20 -12.67
CA LEU B 766 -39.62 14.65 -11.56
C LEU B 766 -40.87 15.29 -12.01
N ASN B 767 -40.76 16.15 -13.11
CA ASN B 767 -41.85 16.82 -13.70
C ASN B 767 -42.84 15.95 -14.25
N SER B 768 -42.42 14.87 -14.95
CA SER B 768 -43.31 13.88 -15.50
C SER B 768 -44.12 13.15 -14.50
N VAL B 769 -43.50 12.74 -13.32
CA VAL B 769 -44.19 12.10 -12.18
C VAL B 769 -45.25 13.01 -11.64
N TYR B 770 -44.90 14.32 -11.51
CA TYR B 770 -45.80 15.31 -10.91
C TYR B 770 -47.03 15.48 -11.73
N GLU B 771 -46.95 15.51 -13.12
CA GLU B 771 -48.03 15.54 -14.06
C GLU B 771 -48.82 14.28 -13.90
N PHE B 772 -48.11 13.13 -13.82
CA PHE B 772 -48.78 11.85 -13.70
C PHE B 772 -49.65 11.70 -12.51
N VAL B 773 -49.10 12.02 -11.28
CA VAL B 773 -49.90 11.98 -10.08
C VAL B 773 -51.02 12.94 -10.18
N LYS B 774 -50.79 14.12 -10.81
CA LYS B 774 -51.79 15.15 -10.87
C LYS B 774 -53.04 14.73 -11.61
N VAL B 775 -52.86 14.12 -12.80
CA VAL B 775 -53.93 13.59 -13.69
C VAL B 775 -54.68 12.51 -12.98
N TYR B 776 -53.92 11.63 -12.28
CA TYR B 776 -54.51 10.53 -11.52
C TYR B 776 -55.42 11.04 -10.38
N CYS B 777 -54.92 12.11 -9.73
CA CYS B 777 -55.64 12.64 -8.62
C CYS B 777 -56.96 13.17 -8.98
N ASN B 778 -57.08 13.88 -10.17
CA ASN B 778 -58.35 14.52 -10.52
C ASN B 778 -59.51 13.64 -10.70
N LEU B 779 -59.32 12.49 -11.38
CA LEU B 779 -60.31 11.54 -11.88
C LEU B 779 -61.49 11.24 -10.97
N ASN B 780 -62.66 10.78 -11.51
CA ASN B 780 -63.81 10.40 -10.73
C ASN B 780 -63.74 8.92 -10.39
N SER B 798 -66.14 13.70 -17.40
CA SER B 798 -65.99 12.26 -17.35
C SER B 798 -65.05 11.84 -18.41
N ASN B 799 -65.60 11.87 -19.66
CA ASN B 799 -64.99 11.38 -20.89
C ASN B 799 -63.77 12.19 -21.20
N GLY B 800 -63.85 13.56 -21.03
CA GLY B 800 -62.73 14.42 -21.40
C GLY B 800 -61.45 14.19 -20.59
N LEU B 801 -61.61 14.02 -19.26
CA LEU B 801 -60.50 13.83 -18.32
C LEU B 801 -59.78 12.51 -18.68
N LEU B 802 -60.62 11.45 -18.99
CA LEU B 802 -60.19 10.08 -19.29
C LEU B 802 -59.34 10.04 -20.58
N GLY B 803 -59.84 10.87 -21.61
CA GLY B 803 -59.18 10.92 -22.92
C GLY B 803 -57.76 11.46 -22.89
N LYS B 804 -57.68 12.52 -22.11
CA LYS B 804 -56.43 13.10 -21.80
C LYS B 804 -55.52 12.17 -21.01
N PHE B 805 -56.06 11.43 -20.05
CA PHE B 805 -55.29 10.52 -19.30
C PHE B 805 -54.65 9.35 -20.19
N ASN B 806 -55.39 8.74 -21.14
CA ASN B 806 -54.84 7.70 -21.99
C ASN B 806 -53.76 8.19 -22.90
N THR B 807 -53.95 9.40 -23.45
CA THR B 807 -52.96 10.02 -24.35
C THR B 807 -51.68 10.27 -23.57
N ASN B 808 -51.82 10.73 -22.35
CA ASN B 808 -50.71 11.08 -21.46
C ASN B 808 -49.94 9.81 -21.20
N LEU B 809 -50.68 8.67 -20.99
CA LEU B 809 -50.01 7.39 -20.64
C LEU B 809 -49.11 6.95 -21.81
N LYS B 810 -49.53 7.09 -23.09
CA LYS B 810 -48.81 6.83 -24.26
C LYS B 810 -47.58 7.74 -24.43
N GLU B 811 -47.66 9.07 -24.19
CA GLU B 811 -46.58 10.01 -24.38
C GLU B 811 -45.42 9.75 -23.42
N ILE B 812 -45.72 9.46 -22.10
CA ILE B 812 -44.78 9.03 -21.03
C ILE B 812 -44.15 7.72 -21.36
N VAL B 813 -44.77 6.67 -21.89
CA VAL B 813 -44.07 5.44 -22.23
C VAL B 813 -42.97 5.57 -23.34
N SER B 814 -43.26 6.37 -24.37
CA SER B 814 -42.31 6.68 -25.41
C SER B 814 -41.12 7.48 -24.87
N GLN B 815 -41.44 8.37 -24.00
CA GLN B 815 -40.36 9.15 -23.34
C GLN B 815 -39.46 8.21 -22.50
N TYR B 816 -40.05 7.27 -21.77
CA TYR B 816 -39.49 6.25 -20.89
C TYR B 816 -38.64 5.36 -21.64
N LYS B 817 -39.04 4.94 -22.85
CA LYS B 817 -38.25 4.03 -23.70
C LYS B 817 -36.90 4.60 -24.09
N ASN B 818 -36.87 5.90 -24.44
CA ASN B 818 -35.56 6.56 -24.74
C ASN B 818 -34.66 6.62 -23.57
N PHE B 819 -35.27 6.97 -22.43
CA PHE B 819 -34.64 7.12 -21.11
C PHE B 819 -34.10 5.84 -20.68
N LYS B 820 -34.77 4.69 -20.90
CA LYS B 820 -34.43 3.34 -20.64
C LYS B 820 -33.21 2.90 -21.44
N ASP B 821 -33.09 3.31 -22.75
CA ASP B 821 -31.98 3.09 -23.58
C ASP B 821 -30.79 3.77 -23.03
N ARG B 822 -30.94 4.99 -22.50
CA ARG B 822 -29.95 5.77 -21.92
C ARG B 822 -29.36 5.07 -20.67
N LEU B 823 -30.22 4.44 -19.80
CA LEU B 823 -29.88 3.75 -18.64
C LEU B 823 -29.04 2.54 -19.07
N TYR B 824 -29.32 1.90 -20.20
CA TYR B 824 -28.62 0.71 -20.62
C TYR B 824 -27.13 0.99 -20.85
N ILE B 825 -26.87 2.17 -21.50
CA ILE B 825 -25.53 2.81 -21.68
C ILE B 825 -25.05 3.09 -20.31
N PHE B 826 -25.96 3.53 -19.51
CA PHE B 826 -25.53 3.77 -18.10
C PHE B 826 -25.02 2.51 -17.35
N ARG B 827 -25.65 1.34 -17.52
CA ARG B 827 -25.34 0.03 -16.96
C ARG B 827 -23.97 -0.36 -17.48
N ALA B 828 -23.61 -0.06 -18.74
CA ALA B 828 -22.33 -0.31 -19.33
C ALA B 828 -21.29 0.53 -18.61
N ASP B 829 -21.60 1.83 -18.23
CA ASP B 829 -20.66 2.62 -17.47
C ASP B 829 -20.34 2.11 -16.17
N LEU B 830 -21.31 1.60 -15.37
CA LEU B 830 -20.99 1.09 -14.07
C LEU B 830 -20.09 -0.16 -14.23
N LYS B 831 -20.40 -0.98 -15.25
CA LYS B 831 -19.85 -2.35 -15.38
C LYS B 831 -18.37 -2.31 -15.53
N ASN B 832 -17.90 -1.39 -16.37
CA ASN B 832 -16.53 -1.08 -16.67
C ASN B 832 -16.56 0.33 -16.36
N ASP B 833 -16.00 0.71 -15.17
CA ASP B 833 -16.11 2.08 -14.63
C ASP B 833 -15.57 3.11 -15.60
N GLY B 834 -16.61 3.90 -16.10
CA GLY B 834 -16.42 4.95 -17.04
C GLY B 834 -16.24 4.41 -18.42
N ASP B 835 -17.43 4.04 -18.90
CA ASP B 835 -17.68 3.54 -20.26
C ASP B 835 -17.47 4.65 -21.22
N GLU B 836 -17.04 4.33 -22.43
CA GLU B 836 -16.80 5.28 -23.46
C GLU B 836 -17.99 5.94 -24.01
N GLU B 837 -19.11 5.14 -24.26
CA GLU B 837 -20.33 5.59 -24.84
C GLU B 837 -20.99 6.63 -24.03
N LEU B 838 -20.92 6.39 -22.74
CA LEU B 838 -21.38 7.35 -21.75
C LEU B 838 -20.60 8.68 -21.66
N PHE B 839 -19.22 8.47 -21.82
CA PHE B 839 -18.26 9.46 -21.85
C PHE B 839 -18.54 10.46 -22.98
N LEU B 840 -18.86 9.94 -24.17
CA LEU B 840 -19.24 10.63 -25.42
C LEU B 840 -20.54 11.36 -25.16
N LEU B 841 -21.53 10.71 -24.48
CA LEU B 841 -22.83 11.38 -24.33
C LEU B 841 -22.80 12.69 -23.55
N SER B 842 -22.06 12.57 -22.45
CA SER B 842 -21.77 13.73 -21.61
C SER B 842 -21.03 14.81 -22.40
N LYS B 843 -20.14 14.31 -23.31
CA LYS B 843 -19.35 15.10 -24.23
C LYS B 843 -20.21 15.90 -25.20
N SER B 844 -21.34 15.20 -25.75
CA SER B 844 -22.22 15.85 -26.73
C SER B 844 -22.82 16.99 -26.08
N LEU B 845 -23.33 16.80 -24.82
CA LEU B 845 -24.06 17.86 -24.15
C LEU B 845 -23.20 19.07 -23.94
N ARG B 846 -21.98 18.80 -23.43
CA ARG B 846 -20.97 19.81 -23.12
C ARG B 846 -20.08 19.99 -24.40
N MET C 1 -5.37 -17.85 -4.62
CA MET C 1 -5.36 -17.84 -6.09
C MET C 1 -6.20 -18.97 -6.72
N GLY C 2 -6.34 -18.93 -8.05
CA GLY C 2 -7.02 -19.86 -8.96
C GLY C 2 -6.35 -21.19 -9.04
N GLY C 3 -6.76 -21.95 -10.07
CA GLY C 3 -6.29 -23.33 -10.41
C GLY C 3 -6.71 -24.40 -9.41
N GLU C 4 -8.02 -24.35 -9.10
CA GLU C 4 -8.49 -25.28 -8.14
C GLU C 4 -8.63 -26.65 -8.78
N ILE C 5 -8.44 -27.59 -7.89
CA ILE C 5 -8.57 -29.00 -8.08
C ILE C 5 -9.57 -29.44 -7.10
N ILE C 6 -10.50 -30.23 -7.59
CA ILE C 6 -11.48 -30.96 -6.85
C ILE C 6 -11.18 -32.37 -7.00
N THR C 7 -11.17 -33.06 -5.84
CA THR C 7 -10.69 -34.45 -5.72
C THR C 7 -11.99 -35.18 -5.55
N LEU C 8 -12.09 -36.27 -6.36
CA LEU C 8 -13.20 -37.08 -6.10
C LEU C 8 -12.59 -38.34 -5.63
N GLN C 9 -13.08 -38.75 -4.46
CA GLN C 9 -12.61 -40.04 -3.91
C GLN C 9 -13.79 -40.95 -3.75
N ALA C 10 -13.55 -42.14 -4.41
CA ALA C 10 -14.54 -43.13 -4.78
C ALA C 10 -14.07 -44.53 -4.36
N GLY C 11 -15.02 -45.36 -3.93
CA GLY C 11 -14.86 -46.70 -3.48
C GLY C 11 -14.38 -46.63 -2.09
N GLN C 12 -14.16 -47.79 -1.54
CA GLN C 12 -13.65 -47.97 -0.18
C GLN C 12 -12.22 -47.46 -0.08
N CYS C 13 -11.40 -47.89 -1.12
CA CYS C 13 -10.03 -47.74 -1.50
C CYS C 13 -9.73 -46.31 -1.86
N GLY C 14 -10.50 -45.54 -2.69
CA GLY C 14 -10.19 -44.16 -3.06
C GLY C 14 -10.20 -43.29 -1.80
N ASN C 15 -11.23 -43.56 -0.95
CA ASN C 15 -11.54 -42.73 0.20
C ASN C 15 -10.48 -42.87 1.26
N HIS C 16 -10.01 -44.15 1.36
CA HIS C 16 -9.07 -44.59 2.34
C HIS C 16 -7.75 -43.93 2.09
N VAL C 17 -7.31 -43.99 0.82
CA VAL C 17 -6.10 -43.36 0.34
C VAL C 17 -6.31 -41.84 0.40
N GLY C 18 -7.48 -41.22 0.09
CA GLY C 18 -7.66 -39.79 0.15
C GLY C 18 -7.53 -39.22 1.45
N LYS C 19 -8.06 -39.92 2.44
CA LYS C 19 -7.94 -39.51 3.85
C LYS C 19 -6.54 -39.47 4.32
N PHE C 20 -5.68 -40.52 3.96
CA PHE C 20 -4.25 -40.56 4.33
C PHE C 20 -3.48 -39.44 3.64
N LEU C 21 -3.84 -39.13 2.39
CA LEU C 21 -3.18 -38.10 1.62
C LEU C 21 -3.33 -36.83 2.27
N TRP C 22 -4.55 -36.41 2.78
CA TRP C 22 -4.65 -35.14 3.47
C TRP C 22 -4.00 -35.02 4.72
N SER C 23 -3.99 -36.06 5.58
CA SER C 23 -3.38 -36.14 6.92
C SER C 23 -1.87 -35.91 6.77
N GLN C 24 -1.26 -36.54 5.73
CA GLN C 24 0.11 -36.45 5.44
C GLN C 24 0.41 -35.00 5.09
N LEU C 25 -0.48 -34.34 4.24
CA LEU C 25 -0.26 -32.97 3.85
C LEU C 25 -0.37 -32.06 5.02
N ALA C 26 -1.25 -32.33 5.92
CA ALA C 26 -1.44 -31.50 7.12
C ALA C 26 -0.19 -31.46 8.00
N LYS C 27 0.50 -32.64 8.20
CA LYS C 27 1.70 -32.70 9.03
C LYS C 27 2.75 -31.89 8.39
N GLU C 28 2.91 -32.14 7.06
CA GLU C 28 4.06 -31.71 6.22
C GLU C 28 4.01 -30.23 6.22
N HIS C 29 2.79 -29.60 6.17
CA HIS C 29 2.66 -28.18 6.03
C HIS C 29 2.39 -27.38 7.24
N ALA C 30 2.81 -27.90 8.46
CA ALA C 30 2.56 -27.24 9.66
C ALA C 30 1.05 -26.89 9.98
N ILE C 31 0.24 -27.93 10.09
CA ILE C 31 -1.19 -27.81 10.31
C ILE C 31 -1.44 -28.88 11.25
N GLY C 32 -2.41 -28.67 12.10
CA GLY C 32 -2.93 -29.69 13.05
C GLY C 32 -3.82 -30.56 12.25
N THR C 33 -4.69 -31.27 12.96
CA THR C 33 -5.47 -32.34 12.40
C THR C 33 -6.86 -31.96 12.05
N ASP C 34 -7.12 -30.64 12.04
CA ASP C 34 -8.32 -30.01 11.65
C ASP C 34 -8.32 -28.82 10.81
N GLY C 35 -7.09 -28.40 10.39
CA GLY C 35 -6.75 -27.33 9.44
C GLY C 35 -6.36 -26.08 10.06
N LEU C 36 -6.47 -25.98 11.40
CA LEU C 36 -5.95 -24.88 12.17
C LEU C 36 -4.48 -24.98 12.24
N SER C 37 -3.68 -23.96 11.86
CA SER C 37 -2.25 -23.95 11.72
C SER C 37 -1.49 -24.14 13.00
N GLN C 38 -0.34 -24.87 13.05
CA GLN C 38 0.34 -25.21 14.31
C GLN C 38 1.58 -24.36 14.19
N LEU C 39 1.52 -23.34 13.33
CA LEU C 39 2.50 -22.34 13.15
C LEU C 39 1.99 -20.95 13.54
N PRO C 40 2.37 -20.43 14.68
CA PRO C 40 1.72 -19.23 15.28
C PRO C 40 2.16 -17.97 14.49
N ASP C 41 3.41 -17.79 14.10
CA ASP C 41 3.94 -16.81 13.22
C ASP C 41 3.28 -16.80 11.87
N SER C 42 3.17 -15.58 11.23
CA SER C 42 2.66 -15.49 9.90
C SER C 42 3.22 -14.28 9.26
N SER C 43 3.79 -14.38 8.04
CA SER C 43 4.57 -13.26 7.47
C SER C 43 4.46 -13.32 5.96
N THR C 44 4.26 -14.63 5.49
CA THR C 44 4.20 -15.15 4.14
C THR C 44 4.55 -16.65 4.14
N GLU C 45 4.66 -17.17 5.40
CA GLU C 45 5.03 -18.42 5.77
C GLU C 45 4.20 -19.54 5.20
N ARG C 46 4.84 -20.65 4.98
CA ARG C 46 4.39 -21.88 4.28
C ARG C 46 4.07 -21.70 2.81
N ASP C 47 3.92 -22.88 2.12
CA ASP C 47 3.68 -23.11 0.74
C ASP C 47 2.42 -22.49 0.21
N ASP C 48 2.07 -22.75 -1.05
CA ASP C 48 0.86 -22.14 -1.58
C ASP C 48 -0.06 -23.18 -2.20
N ASP C 49 -0.08 -24.41 -1.59
CA ASP C 49 -0.90 -25.53 -1.92
C ASP C 49 -2.27 -25.22 -1.50
N THR C 50 -2.43 -24.38 -0.46
CA THR C 50 -3.58 -24.29 0.38
C THR C 50 -4.78 -24.01 -0.51
N LYS C 51 -4.89 -22.89 -1.29
CA LYS C 51 -6.11 -22.57 -1.90
C LYS C 51 -6.57 -23.54 -3.01
N PRO C 52 -5.71 -24.03 -3.90
CA PRO C 52 -6.05 -25.02 -4.90
C PRO C 52 -6.54 -26.28 -4.37
N PHE C 53 -5.87 -26.93 -3.33
CA PHE C 53 -6.28 -28.23 -2.85
C PHE C 53 -7.35 -28.12 -1.77
N PHE C 54 -7.36 -27.06 -0.95
CA PHE C 54 -8.14 -26.82 0.28
C PHE C 54 -9.01 -25.57 0.12
N ARG C 55 -10.03 -25.49 1.02
CA ARG C 55 -10.99 -24.45 1.14
C ARG C 55 -10.85 -24.08 2.54
N GLU C 56 -11.32 -22.87 2.92
CA GLU C 56 -11.15 -22.18 4.16
C GLU C 56 -12.41 -21.74 4.82
N ASN C 57 -12.52 -22.13 6.10
CA ASN C 57 -13.41 -21.52 7.06
C ASN C 57 -12.47 -20.45 7.62
N CYS C 58 -12.78 -19.12 7.57
CA CYS C 58 -11.80 -18.06 7.56
C CYS C 58 -11.32 -17.70 8.97
N ARG C 59 -11.29 -18.79 9.83
CA ARG C 59 -10.60 -18.84 11.15
C ARG C 59 -9.27 -19.62 10.94
N ASN C 60 -8.84 -19.65 9.66
CA ASN C 60 -7.61 -20.28 9.17
C ASN C 60 -7.73 -21.78 9.42
N LYS C 61 -8.86 -22.43 9.03
CA LYS C 61 -8.97 -23.80 9.04
C LYS C 61 -9.20 -24.16 7.60
N PHE C 62 -8.33 -25.05 7.16
CA PHE C 62 -8.35 -25.70 5.89
C PHE C 62 -9.23 -26.91 5.94
N THR C 63 -10.06 -27.11 4.91
CA THR C 63 -10.76 -28.35 4.84
C THR C 63 -10.44 -28.77 3.40
N PRO C 64 -10.20 -30.03 3.05
CA PRO C 64 -9.88 -30.41 1.71
C PRO C 64 -10.97 -30.34 0.72
N ARG C 65 -10.70 -29.89 -0.55
CA ARG C 65 -11.62 -29.72 -1.70
C ARG C 65 -11.67 -31.17 -2.23
N ALA C 66 -12.46 -32.06 -1.57
CA ALA C 66 -12.65 -33.43 -1.87
C ALA C 66 -14.13 -33.65 -1.68
N ILE C 67 -14.67 -34.50 -2.53
CA ILE C 67 -16.04 -35.07 -2.43
C ILE C 67 -15.85 -36.58 -2.29
N MET C 68 -16.60 -37.15 -1.26
CA MET C 68 -16.54 -38.52 -0.97
C MET C 68 -17.85 -39.21 -1.37
N MET C 69 -17.67 -40.34 -2.08
CA MET C 69 -18.81 -41.14 -2.44
C MET C 69 -18.44 -42.57 -2.22
N ASP C 70 -19.35 -43.33 -1.63
CA ASP C 70 -19.22 -44.70 -1.20
C ASP C 70 -20.52 -45.00 -0.40
N SER C 71 -20.59 -46.14 0.43
CA SER C 71 -21.64 -46.57 1.35
C SER C 71 -21.00 -46.29 2.66
N GLU C 72 -21.38 -47.10 3.67
CA GLU C 72 -21.03 -47.00 5.06
C GLU C 72 -19.60 -47.13 5.40
N PRO C 73 -18.82 -48.13 4.96
CA PRO C 73 -17.44 -48.39 5.52
C PRO C 73 -16.54 -47.16 5.63
N SER C 74 -16.35 -46.39 4.44
CA SER C 74 -15.55 -45.17 4.45
C SER C 74 -16.12 -44.03 5.30
N VAL C 75 -17.44 -43.73 5.10
CA VAL C 75 -18.06 -42.58 5.81
C VAL C 75 -17.99 -42.72 7.32
N ILE C 76 -18.20 -43.95 7.94
CA ILE C 76 -18.08 -44.11 9.38
C ILE C 76 -16.68 -43.87 9.76
N ALA C 77 -15.67 -44.33 8.91
CA ALA C 77 -14.32 -44.19 9.24
C ALA C 77 -13.92 -42.73 9.36
N ASP C 78 -14.35 -41.79 8.45
CA ASP C 78 -14.04 -40.39 8.50
C ASP C 78 -14.54 -39.63 9.67
N VAL C 79 -15.79 -40.01 10.09
CA VAL C 79 -16.32 -39.36 11.31
C VAL C 79 -15.60 -39.65 12.59
N GLU C 80 -15.14 -40.89 12.67
CA GLU C 80 -14.50 -41.56 13.81
C GLU C 80 -13.07 -41.04 13.99
N ASN C 81 -12.48 -40.56 12.85
CA ASN C 81 -11.16 -40.08 12.82
C ASN C 81 -11.27 -38.68 13.34
N THR C 82 -10.14 -38.11 13.91
CA THR C 82 -10.19 -36.79 14.48
C THR C 82 -10.00 -35.71 13.35
N PHE C 83 -10.03 -36.22 12.09
CA PHE C 83 -9.77 -35.50 10.87
C PHE C 83 -11.17 -35.17 10.46
N ARG C 84 -11.76 -34.36 11.39
CA ARG C 84 -13.05 -33.83 11.46
C ARG C 84 -13.07 -32.37 10.99
N GLY C 85 -11.89 -31.77 10.73
CA GLY C 85 -11.73 -30.37 10.38
C GLY C 85 -11.31 -30.42 8.89
N PHE C 86 -10.85 -31.63 8.51
CA PHE C 86 -10.56 -32.12 7.22
C PHE C 86 -11.63 -33.11 6.84
N PHE C 87 -12.88 -32.64 7.04
CA PHE C 87 -14.07 -33.38 6.78
C PHE C 87 -15.07 -32.25 6.64
N ASP C 88 -16.02 -32.38 5.72
CA ASP C 88 -17.11 -31.44 5.61
C ASP C 88 -18.33 -32.20 5.26
N PRO C 89 -19.38 -32.11 6.06
CA PRO C 89 -20.52 -32.96 5.76
C PRO C 89 -21.19 -32.67 4.48
N ARG C 90 -21.00 -31.40 4.06
CA ARG C 90 -21.60 -30.87 2.83
C ARG C 90 -21.02 -31.57 1.57
N ASN C 91 -19.66 -31.88 1.75
CA ASN C 91 -18.84 -32.67 0.87
C ASN C 91 -19.11 -34.13 0.83
N THR C 92 -19.79 -34.64 1.83
CA THR C 92 -20.04 -36.08 2.04
C THR C 92 -21.33 -36.47 1.28
N TRP C 93 -21.27 -37.50 0.37
CA TRP C 93 -22.40 -38.07 -0.27
C TRP C 93 -22.32 -39.56 0.03
N VAL C 94 -23.35 -40.10 0.64
CA VAL C 94 -23.48 -41.50 0.88
C VAL C 94 -24.82 -42.00 0.40
N ALA C 95 -24.74 -43.01 -0.51
CA ALA C 95 -26.01 -43.60 -0.96
C ALA C 95 -25.86 -45.07 -0.72
N SER C 96 -26.98 -45.68 -0.27
CA SER C 96 -27.05 -47.12 0.01
C SER C 96 -28.42 -47.65 -0.31
N ASP C 97 -29.20 -46.75 -0.95
CA ASP C 97 -30.56 -46.98 -1.38
C ASP C 97 -30.55 -47.89 -2.56
N GLY C 98 -31.54 -48.84 -2.57
CA GLY C 98 -31.42 -49.94 -3.55
C GLY C 98 -30.54 -51.06 -3.11
N ALA C 99 -30.09 -51.14 -1.84
CA ALA C 99 -29.48 -52.29 -1.24
C ALA C 99 -28.01 -52.38 -1.54
N SER C 100 -27.34 -51.31 -1.93
CA SER C 100 -25.84 -51.12 -2.12
C SER C 100 -25.42 -51.62 -3.43
N ALA C 101 -24.15 -51.36 -3.83
CA ALA C 101 -23.63 -51.88 -5.13
C ALA C 101 -23.28 -53.35 -5.05
N GLY C 102 -22.62 -53.74 -3.92
CA GLY C 102 -22.46 -55.04 -3.46
C GLY C 102 -21.21 -55.72 -4.03
N ASN C 103 -20.38 -54.85 -4.79
CA ASN C 103 -19.33 -55.22 -5.75
C ASN C 103 -19.91 -55.83 -6.98
N SER C 104 -20.95 -55.17 -7.52
CA SER C 104 -21.46 -55.43 -8.85
C SER C 104 -21.45 -54.08 -9.45
N TRP C 105 -20.81 -54.03 -10.58
CA TRP C 105 -20.53 -52.79 -11.25
C TRP C 105 -21.86 -52.20 -11.74
N ALA C 106 -22.69 -53.11 -12.27
CA ALA C 106 -23.91 -52.86 -13.01
C ALA C 106 -24.89 -52.18 -12.05
N ASN C 107 -24.94 -52.69 -10.77
CA ASN C 107 -25.73 -52.21 -9.69
C ASN C 107 -25.28 -50.85 -9.32
N GLY C 108 -23.94 -50.59 -9.32
CA GLY C 108 -23.34 -49.33 -8.95
C GLY C 108 -23.67 -48.29 -9.84
N TYR C 109 -23.60 -48.65 -11.17
CA TYR C 109 -23.99 -47.80 -12.26
C TYR C 109 -25.47 -47.52 -12.25
N ASP C 110 -26.38 -48.55 -12.04
CA ASP C 110 -27.84 -48.41 -11.98
C ASP C 110 -28.40 -47.57 -10.86
N ILE C 111 -27.84 -47.59 -9.63
CA ILE C 111 -28.22 -46.64 -8.59
C ILE C 111 -27.85 -45.19 -8.92
N GLY C 112 -26.66 -44.98 -9.56
CA GLY C 112 -26.14 -43.70 -10.01
C GLY C 112 -26.97 -43.00 -10.96
N THR C 113 -27.60 -43.74 -11.93
CA THR C 113 -28.49 -43.28 -12.95
C THR C 113 -29.73 -42.69 -12.28
N ARG C 114 -30.21 -43.34 -11.20
CA ARG C 114 -31.31 -42.79 -10.41
C ARG C 114 -31.01 -41.53 -9.67
N ASN C 115 -29.80 -41.47 -9.08
CA ASN C 115 -29.45 -40.40 -8.19
C ASN C 115 -28.47 -39.58 -9.06
N GLN C 116 -28.78 -39.44 -10.36
CA GLN C 116 -27.98 -38.74 -11.34
C GLN C 116 -27.98 -37.27 -10.99
N ASP C 117 -29.14 -36.71 -10.63
CA ASP C 117 -29.35 -35.35 -10.25
C ASP C 117 -28.63 -35.02 -8.97
N ASP C 118 -28.72 -36.00 -7.97
CA ASP C 118 -28.29 -35.86 -6.59
C ASP C 118 -26.80 -35.66 -6.58
N ILE C 119 -26.10 -36.46 -7.41
CA ILE C 119 -24.70 -36.40 -7.60
C ILE C 119 -24.26 -35.15 -8.31
N LEU C 120 -25.05 -34.81 -9.35
CA LEU C 120 -24.80 -33.65 -10.19
C LEU C 120 -24.93 -32.36 -9.47
N ASN C 121 -25.89 -32.30 -8.51
CA ASN C 121 -26.13 -31.19 -7.62
C ASN C 121 -24.97 -30.95 -6.74
N LYS C 122 -24.33 -32.05 -6.25
CA LYS C 122 -23.16 -32.10 -5.42
C LYS C 122 -21.90 -31.59 -6.07
N ILE C 123 -21.76 -32.04 -7.34
CA ILE C 123 -20.68 -31.55 -8.20
C ILE C 123 -20.83 -30.08 -8.48
N ASP C 124 -22.11 -29.65 -8.89
CA ASP C 124 -22.29 -28.22 -9.25
C ASP C 124 -22.09 -27.29 -8.19
N LYS C 125 -22.50 -27.61 -6.88
CA LYS C 125 -22.20 -26.73 -5.78
C LYS C 125 -20.73 -26.55 -5.60
N GLU C 126 -19.99 -27.64 -5.59
CA GLU C 126 -18.59 -27.62 -5.32
C GLU C 126 -17.86 -26.89 -6.38
N ILE C 127 -18.26 -27.06 -7.68
CA ILE C 127 -17.67 -26.33 -8.78
C ILE C 127 -17.95 -24.82 -8.75
N ASP C 128 -19.24 -24.52 -8.46
CA ASP C 128 -19.61 -23.13 -8.47
C ASP C 128 -18.89 -22.38 -7.41
N SER C 129 -18.68 -23.00 -6.24
CA SER C 129 -18.14 -22.29 -5.06
C SER C 129 -16.69 -21.82 -5.20
N THR C 130 -15.90 -22.40 -6.17
CA THR C 130 -14.57 -22.24 -6.65
C THR C 130 -14.31 -20.78 -6.95
N ASP C 131 -12.99 -20.47 -7.10
CA ASP C 131 -12.50 -19.16 -7.55
C ASP C 131 -11.73 -19.24 -8.86
N ASN C 132 -11.62 -20.43 -9.38
CA ASN C 132 -11.21 -20.59 -10.77
C ASN C 132 -10.77 -22.01 -10.78
N PHE C 133 -11.59 -22.90 -11.38
CA PHE C 133 -11.42 -24.30 -11.55
C PHE C 133 -10.50 -24.67 -12.70
N GLU C 134 -9.35 -25.30 -12.33
CA GLU C 134 -8.48 -25.99 -13.33
C GLU C 134 -9.01 -27.33 -13.84
N GLY C 135 -9.47 -28.16 -12.89
CA GLY C 135 -10.01 -29.46 -13.22
C GLY C 135 -10.23 -30.49 -12.10
N PHE C 136 -10.46 -31.75 -12.51
CA PHE C 136 -10.84 -32.73 -11.56
C PHE C 136 -9.74 -33.69 -11.60
N GLN C 137 -9.60 -34.34 -10.40
CA GLN C 137 -8.82 -35.48 -10.09
C GLN C 137 -9.77 -36.50 -9.48
N LEU C 138 -9.77 -37.76 -10.04
CA LEU C 138 -10.48 -38.82 -9.44
C LEU C 138 -9.51 -39.88 -8.92
N LEU C 139 -9.78 -40.24 -7.67
CA LEU C 139 -8.89 -41.17 -6.95
C LEU C 139 -9.69 -42.44 -6.73
N HIS C 140 -9.23 -43.69 -7.14
CA HIS C 140 -9.91 -44.93 -6.72
C HIS C 140 -9.13 -46.09 -7.16
N SER C 141 -9.72 -47.30 -6.74
CA SER C 141 -9.45 -48.60 -7.25
C SER C 141 -10.83 -49.06 -7.77
N VAL C 142 -10.81 -49.95 -8.78
CA VAL C 142 -12.07 -50.53 -9.28
C VAL C 142 -12.34 -51.81 -8.50
N ALA C 143 -11.89 -51.74 -7.17
CA ALA C 143 -12.12 -52.66 -6.14
C ALA C 143 -13.43 -52.36 -5.39
N GLY C 144 -14.11 -51.28 -5.91
CA GLY C 144 -15.40 -50.99 -5.38
C GLY C 144 -16.37 -51.55 -6.33
N GLY C 145 -17.68 -51.65 -5.90
CA GLY C 145 -18.86 -51.79 -6.67
C GLY C 145 -19.25 -50.47 -7.10
N THR C 146 -19.30 -49.62 -6.04
CA THR C 146 -19.71 -48.23 -6.02
C THR C 146 -18.57 -47.56 -6.69
N GLY C 147 -17.33 -47.76 -6.25
CA GLY C 147 -16.19 -47.03 -6.71
C GLY C 147 -15.98 -47.24 -8.21
N SER C 148 -16.11 -48.53 -8.71
CA SER C 148 -16.06 -48.75 -10.14
C SER C 148 -17.27 -48.26 -10.92
N GLY C 149 -18.53 -48.69 -10.63
CA GLY C 149 -19.75 -48.48 -11.32
C GLY C 149 -20.36 -47.09 -11.28
N LEU C 150 -20.53 -46.58 -10.02
CA LEU C 150 -21.12 -45.32 -9.87
C LEU C 150 -20.22 -44.28 -10.41
N GLY C 151 -18.89 -44.47 -10.21
CA GLY C 151 -17.80 -43.64 -10.60
C GLY C 151 -17.86 -43.55 -12.16
N SER C 152 -18.11 -44.75 -12.80
CA SER C 152 -18.17 -44.87 -14.25
C SER C 152 -19.35 -44.05 -14.73
N ASN C 153 -20.49 -44.06 -13.99
CA ASN C 153 -21.68 -43.26 -14.31
C ASN C 153 -21.43 -41.76 -14.29
N LEU C 154 -20.71 -41.33 -13.23
CA LEU C 154 -20.32 -39.97 -12.92
C LEU C 154 -19.39 -39.42 -13.98
N LEU C 155 -18.47 -40.21 -14.51
CA LEU C 155 -17.54 -39.85 -15.53
C LEU C 155 -18.25 -39.52 -16.78
N GLU C 156 -19.38 -40.28 -17.19
CA GLU C 156 -20.12 -40.05 -18.38
C GLU C 156 -20.78 -38.74 -18.25
N ALA C 157 -21.43 -38.34 -17.06
CA ALA C 157 -22.13 -37.14 -16.90
C ALA C 157 -21.26 -35.89 -17.00
N LEU C 158 -20.06 -35.97 -16.36
CA LEU C 158 -19.12 -34.85 -16.35
C LEU C 158 -18.60 -34.49 -17.69
N CYS C 159 -18.41 -35.51 -18.59
CA CYS C 159 -18.04 -35.44 -20.00
C CYS C 159 -19.04 -34.64 -20.72
N ASP C 160 -20.35 -34.96 -20.49
CA ASP C 160 -21.45 -34.36 -21.22
C ASP C 160 -21.60 -32.90 -20.85
N ARG C 161 -21.65 -32.62 -19.52
CA ARG C 161 -21.91 -31.35 -18.99
C ARG C 161 -20.76 -30.39 -19.35
N TYR C 162 -19.43 -30.65 -19.19
CA TYR C 162 -18.44 -29.70 -19.57
C TYR C 162 -17.17 -30.46 -19.66
N PRO C 163 -16.55 -30.60 -20.87
CA PRO C 163 -15.38 -31.50 -21.09
C PRO C 163 -14.15 -30.63 -21.15
N LYS C 164 -14.26 -29.26 -20.94
CA LYS C 164 -13.27 -28.25 -21.09
C LYS C 164 -12.13 -28.42 -20.15
N LYS C 165 -12.43 -28.60 -18.92
CA LYS C 165 -11.53 -28.86 -17.81
C LYS C 165 -10.78 -30.16 -17.97
N ILE C 166 -9.64 -30.32 -17.30
CA ILE C 166 -8.77 -31.47 -17.37
C ILE C 166 -9.28 -32.51 -16.39
N LEU C 167 -9.28 -33.80 -16.81
CA LEU C 167 -9.64 -34.93 -15.92
C LEU C 167 -8.43 -35.77 -15.95
N THR C 168 -7.86 -35.95 -14.74
CA THR C 168 -6.79 -36.85 -14.59
C THR C 168 -7.34 -37.77 -13.58
N THR C 169 -6.94 -39.06 -13.74
CA THR C 169 -7.28 -40.06 -12.74
C THR C 169 -6.10 -40.80 -12.33
N TYR C 170 -6.12 -41.32 -11.05
CA TYR C 170 -5.22 -42.23 -10.45
C TYR C 170 -6.03 -43.48 -10.31
N SER C 171 -5.85 -44.50 -11.18
CA SER C 171 -6.68 -45.69 -11.07
C SER C 171 -5.89 -46.84 -10.63
N VAL C 172 -6.27 -47.59 -9.56
CA VAL C 172 -5.47 -48.77 -9.14
C VAL C 172 -5.99 -50.03 -9.83
N PHE C 173 -5.16 -50.72 -10.58
CA PHE C 173 -5.62 -51.85 -11.40
C PHE C 173 -5.39 -52.96 -10.43
N PRO C 174 -6.18 -54.02 -10.44
CA PRO C 174 -5.89 -55.11 -9.47
C PRO C 174 -4.98 -56.11 -10.21
N ALA C 175 -4.52 -57.17 -9.54
CA ALA C 175 -3.82 -58.36 -10.09
C ALA C 175 -4.88 -59.22 -10.70
N ARG C 176 -4.52 -59.85 -11.89
CA ARG C 176 -5.41 -60.52 -12.81
C ARG C 176 -5.83 -61.80 -12.32
N SER C 177 -5.21 -62.24 -11.24
CA SER C 177 -5.57 -63.43 -10.56
C SER C 177 -6.17 -63.01 -9.27
N SER C 178 -7.45 -63.41 -9.13
CA SER C 178 -8.24 -63.18 -7.90
C SER C 178 -9.23 -64.30 -7.81
N GLU C 179 -9.90 -64.36 -6.65
CA GLU C 179 -10.83 -65.45 -6.36
C GLU C 179 -12.04 -65.44 -7.22
N VAL C 180 -12.57 -64.20 -7.42
CA VAL C 180 -13.84 -63.96 -8.07
C VAL C 180 -13.43 -63.97 -9.55
N VAL C 181 -14.07 -64.87 -10.26
CA VAL C 181 -13.75 -65.13 -11.66
C VAL C 181 -14.35 -64.12 -12.60
N VAL C 182 -15.44 -63.44 -12.10
CA VAL C 182 -16.14 -62.34 -12.79
C VAL C 182 -15.37 -61.00 -12.88
N GLN C 183 -14.19 -61.00 -12.31
CA GLN C 183 -13.31 -59.84 -12.18
C GLN C 183 -13.12 -59.08 -13.41
N SER C 184 -12.90 -59.89 -14.49
CA SER C 184 -12.53 -59.48 -15.82
C SER C 184 -13.62 -58.69 -16.47
N TYR C 185 -14.90 -59.05 -16.13
CA TYR C 185 -16.04 -58.29 -16.55
C TYR C 185 -16.00 -56.99 -15.97
N ASN C 186 -15.79 -56.94 -14.67
CA ASN C 186 -15.97 -55.69 -13.88
C ASN C 186 -15.02 -54.58 -14.35
N THR C 187 -13.76 -54.97 -14.58
CA THR C 187 -12.72 -54.13 -15.06
C THR C 187 -12.91 -53.63 -16.44
N ILE C 188 -13.32 -54.51 -17.37
CA ILE C 188 -13.50 -54.24 -18.83
C ILE C 188 -14.62 -53.19 -18.97
N LEU C 189 -15.78 -53.37 -18.24
CA LEU C 189 -16.93 -52.37 -18.26
C LEU C 189 -16.49 -51.00 -17.74
N ALA C 190 -15.64 -50.88 -16.62
CA ALA C 190 -15.12 -49.57 -16.12
C ALA C 190 -14.19 -48.94 -17.12
N LEU C 191 -13.27 -49.71 -17.82
CA LEU C 191 -12.31 -49.24 -18.78
C LEU C 191 -12.90 -48.57 -19.97
N ARG C 192 -14.14 -48.97 -20.42
CA ARG C 192 -14.77 -48.20 -21.47
C ARG C 192 -15.00 -46.79 -21.07
N ARG C 193 -15.45 -46.60 -19.82
CA ARG C 193 -15.62 -45.25 -19.29
C ARG C 193 -14.40 -44.53 -19.10
N LEU C 194 -13.32 -45.20 -18.58
CA LEU C 194 -12.04 -44.59 -18.32
C LEU C 194 -11.41 -44.15 -19.61
N ILE C 195 -11.55 -44.95 -20.68
CA ILE C 195 -10.94 -44.44 -21.89
C ILE C 195 -11.62 -43.19 -22.47
N GLU C 196 -12.95 -43.21 -22.62
CA GLU C 196 -13.57 -42.12 -23.38
C GLU C 196 -13.72 -40.94 -22.48
N ASP C 197 -14.13 -41.16 -21.21
CA ASP C 197 -14.54 -40.00 -20.36
C ASP C 197 -13.37 -39.36 -19.76
N SER C 198 -12.17 -40.02 -19.74
CA SER C 198 -11.01 -39.34 -19.20
C SER C 198 -9.96 -39.13 -20.23
N ASP C 199 -9.22 -38.01 -20.06
CA ASP C 199 -8.16 -37.58 -20.91
C ASP C 199 -6.82 -38.02 -20.36
N ALA C 200 -6.59 -38.35 -19.04
CA ALA C 200 -5.30 -38.94 -18.56
C ALA C 200 -5.77 -39.85 -17.44
N THR C 201 -5.14 -41.03 -17.38
CA THR C 201 -5.21 -42.11 -16.38
C THR C 201 -3.77 -42.48 -15.97
N VAL C 202 -3.50 -42.39 -14.64
CA VAL C 202 -2.22 -42.89 -14.11
C VAL C 202 -2.52 -44.26 -13.59
N VAL C 203 -1.91 -45.32 -14.20
CA VAL C 203 -2.29 -46.67 -13.84
C VAL C 203 -1.39 -47.07 -12.67
N PHE C 204 -2.00 -47.60 -11.56
CA PHE C 204 -1.32 -48.07 -10.43
C PHE C 204 -1.54 -49.52 -10.41
N ASP C 205 -0.52 -50.38 -10.70
CA ASP C 205 -0.71 -51.85 -10.81
C ASP C 205 -0.48 -52.49 -9.50
N ASN C 206 -1.56 -53.20 -8.99
CA ASN C 206 -1.56 -53.81 -7.69
C ASN C 206 -0.63 -54.92 -7.50
N ALA C 207 -0.33 -55.73 -8.49
CA ALA C 207 0.57 -56.87 -8.30
C ALA C 207 2.01 -56.51 -7.83
N SER C 208 2.48 -55.47 -8.55
CA SER C 208 3.71 -54.90 -8.37
C SER C 208 3.83 -54.10 -7.09
N LEU C 209 2.74 -53.31 -6.75
CA LEU C 209 2.55 -52.57 -5.54
C LEU C 209 2.43 -53.43 -4.34
N LEU C 210 1.68 -54.59 -4.48
CA LEU C 210 1.50 -55.48 -3.36
C LEU C 210 2.81 -56.15 -2.90
N ASN C 211 3.65 -56.59 -3.83
CA ASN C 211 4.98 -57.07 -3.50
C ASN C 211 5.87 -56.00 -2.91
N ILE C 212 5.79 -54.68 -3.35
CA ILE C 212 6.54 -53.69 -2.81
C ILE C 212 6.32 -53.39 -1.34
N SER C 213 5.12 -53.30 -0.87
CA SER C 213 4.66 -53.08 0.50
C SER C 213 5.09 -54.22 1.30
N GLY C 214 4.80 -55.44 0.71
CA GLY C 214 5.07 -56.63 1.42
C GLY C 214 6.55 -56.86 1.58
N LYS C 215 7.33 -56.82 0.52
CA LYS C 215 8.73 -57.10 0.68
C LYS C 215 9.53 -56.05 1.41
N VAL C 216 9.54 -54.77 0.84
CA VAL C 216 10.30 -53.67 1.24
C VAL C 216 9.75 -53.02 2.47
N PHE C 217 8.40 -52.66 2.58
CA PHE C 217 7.90 -52.00 3.81
C PHE C 217 7.81 -53.00 4.96
N ARG C 218 7.58 -54.27 4.62
CA ARG C 218 7.55 -55.38 5.53
C ARG C 218 6.27 -55.31 6.32
N ASN C 219 5.42 -56.36 6.19
CA ASN C 219 4.22 -56.52 6.88
C ASN C 219 4.16 -58.08 6.95
N PRO C 220 3.80 -58.71 8.00
CA PRO C 220 3.95 -60.11 8.21
C PRO C 220 2.73 -60.83 7.78
N ASN C 221 1.63 -60.05 7.55
CA ASN C 221 0.32 -60.40 7.05
C ASN C 221 0.05 -59.05 6.41
N ILE C 222 -0.36 -59.10 5.12
CA ILE C 222 -0.39 -57.92 4.25
C ILE C 222 -1.84 -57.50 4.03
N ASP C 223 -2.02 -56.22 3.62
CA ASP C 223 -3.35 -55.80 3.31
C ASP C 223 -3.28 -54.51 2.45
N LEU C 224 -4.51 -54.15 1.90
CA LEU C 224 -4.77 -53.12 0.91
C LEU C 224 -4.40 -51.78 1.53
N GLN C 225 -4.69 -51.65 2.85
CA GLN C 225 -4.52 -50.45 3.68
C GLN C 225 -3.09 -50.04 3.75
N HIS C 226 -2.23 -51.03 3.87
CA HIS C 226 -0.78 -50.86 3.90
C HIS C 226 -0.35 -50.31 2.57
N THR C 227 -0.78 -50.88 1.44
CA THR C 227 -0.40 -50.56 0.08
C THR C 227 -0.89 -49.23 -0.32
N ASN C 228 -2.07 -48.81 0.17
CA ASN C 228 -2.63 -47.46 -0.07
C ASN C 228 -1.79 -46.35 0.49
N GLN C 229 -0.98 -46.64 1.59
CA GLN C 229 -0.05 -45.72 2.20
C GLN C 229 1.08 -45.27 1.26
N LEU C 230 1.56 -46.23 0.43
CA LEU C 230 2.59 -46.09 -0.58
C LEU C 230 2.10 -45.18 -1.64
N ILE C 231 0.78 -45.43 -2.05
CA ILE C 231 0.12 -44.66 -3.04
C ILE C 231 -0.08 -43.26 -2.63
N SER C 232 -0.47 -43.10 -1.33
CA SER C 232 -0.82 -41.84 -0.76
C SER C 232 0.36 -40.90 -0.80
N THR C 233 1.57 -41.44 -0.51
CA THR C 233 2.85 -40.80 -0.52
C THR C 233 3.18 -40.41 -1.94
N ILE C 234 2.94 -41.25 -2.93
CA ILE C 234 3.31 -40.94 -4.34
C ILE C 234 2.52 -39.83 -4.85
N ILE C 235 1.16 -39.91 -4.61
CA ILE C 235 0.24 -38.87 -5.00
C ILE C 235 0.50 -37.56 -4.26
N SER C 236 0.79 -37.59 -3.01
CA SER C 236 1.11 -36.37 -2.28
C SER C 236 2.35 -35.70 -2.68
N SER C 237 3.48 -36.47 -2.85
CA SER C 237 4.73 -35.91 -3.26
C SER C 237 4.74 -35.36 -4.70
N VAL C 238 3.97 -36.06 -5.64
CA VAL C 238 4.01 -35.65 -7.09
C VAL C 238 3.37 -34.20 -7.26
N THR C 239 2.40 -33.81 -6.35
CA THR C 239 1.73 -32.51 -6.33
C THR C 239 2.59 -31.45 -5.57
N ASN C 240 3.70 -31.81 -4.85
CA ASN C 240 4.66 -30.97 -4.16
C ASN C 240 5.20 -29.91 -5.09
N SER C 241 5.53 -30.23 -6.37
CA SER C 241 6.22 -29.40 -7.33
C SER C 241 5.33 -28.23 -7.74
N ILE C 242 3.95 -28.46 -7.59
CA ILE C 242 2.95 -27.44 -7.85
C ILE C 242 2.98 -26.44 -6.74
N ARG C 243 3.02 -26.88 -5.44
CA ARG C 243 2.98 -25.98 -4.29
C ARG C 243 4.19 -25.22 -3.87
N PHE C 244 5.40 -25.56 -4.29
CA PHE C 244 6.63 -24.79 -4.20
C PHE C 244 6.51 -23.63 -5.15
N PRO C 245 7.01 -22.44 -4.69
CA PRO C 245 7.06 -21.32 -5.59
C PRO C 245 8.38 -21.34 -6.31
N SER C 246 8.55 -20.47 -7.33
CA SER C 246 9.62 -20.35 -8.24
C SER C 246 9.38 -21.25 -9.43
N TYR C 247 8.10 -21.75 -9.64
CA TYR C 247 7.63 -22.63 -10.67
C TYR C 247 6.19 -22.25 -10.88
N MET C 248 5.76 -22.79 -12.08
CA MET C 248 4.57 -22.49 -12.78
C MET C 248 4.65 -23.40 -13.99
N TYR C 249 5.70 -24.34 -13.99
CA TYR C 249 6.13 -25.27 -14.99
C TYR C 249 5.51 -26.58 -14.48
N SER C 250 4.98 -26.64 -13.23
CA SER C 250 4.27 -27.76 -12.66
C SER C 250 2.76 -27.56 -12.85
N SER C 251 2.40 -26.69 -13.82
CA SER C 251 1.01 -26.48 -14.13
C SER C 251 0.51 -27.70 -14.76
N MET C 252 -0.76 -27.99 -14.62
CA MET C 252 -1.34 -29.25 -15.14
C MET C 252 -1.25 -29.28 -16.62
N SER C 253 -1.53 -28.08 -17.24
CA SER C 253 -1.55 -27.87 -18.64
C SER C 253 -0.22 -28.12 -19.34
N SER C 254 0.94 -27.60 -18.88
CA SER C 254 2.18 -27.80 -19.63
C SER C 254 2.68 -29.18 -19.55
N ILE C 255 2.35 -29.73 -18.34
CA ILE C 255 2.74 -31.09 -18.13
C ILE C 255 2.01 -31.98 -19.02
N TYR C 256 0.69 -31.73 -19.16
CA TYR C 256 -0.16 -32.53 -19.94
C TYR C 256 0.29 -32.42 -21.37
N SER C 257 0.61 -31.24 -21.87
CA SER C 257 0.86 -31.02 -23.32
C SER C 257 2.06 -31.88 -23.75
N THR C 258 3.04 -31.80 -22.86
CA THR C 258 4.27 -32.52 -23.09
C THR C 258 4.18 -34.04 -23.07
N LEU C 259 3.45 -34.61 -21.99
CA LEU C 259 3.33 -36.00 -21.72
C LEU C 259 2.45 -36.69 -22.69
N ILE C 260 1.31 -35.94 -23.08
CA ILE C 260 0.28 -36.38 -24.00
C ILE C 260 0.15 -35.43 -25.16
N PRO C 261 0.39 -35.78 -26.42
CA PRO C 261 0.13 -34.86 -27.55
C PRO C 261 -0.88 -35.47 -28.50
N SER C 262 -1.70 -36.54 -28.14
CA SER C 262 -2.71 -37.09 -28.96
C SER C 262 -3.63 -37.76 -27.96
N PRO C 263 -4.96 -37.93 -28.22
CA PRO C 263 -5.98 -38.16 -27.18
C PRO C 263 -5.98 -39.67 -26.89
N GLU C 264 -5.33 -40.44 -27.76
CA GLU C 264 -5.39 -41.90 -27.72
C GLU C 264 -4.36 -42.29 -26.76
N LEU C 265 -3.14 -41.61 -26.72
CA LEU C 265 -2.10 -42.03 -25.80
C LEU C 265 -2.34 -41.29 -24.56
N HIS C 266 -2.63 -42.03 -23.43
CA HIS C 266 -2.89 -41.27 -22.20
C HIS C 266 -2.73 -42.22 -20.96
N PHE C 267 -2.25 -43.48 -21.15
CA PHE C 267 -2.05 -44.30 -20.02
C PHE C 267 -0.63 -43.97 -19.53
N LEU C 268 -0.44 -43.54 -18.30
CA LEU C 268 0.79 -43.23 -17.74
C LEU C 268 1.09 -44.31 -16.77
N SER C 269 2.43 -44.49 -16.62
CA SER C 269 2.89 -45.49 -15.65
C SER C 269 3.71 -44.52 -14.83
N PRO C 270 3.63 -44.58 -13.50
CA PRO C 270 4.51 -43.89 -12.58
C PRO C 270 5.54 -44.89 -12.15
N SER C 271 6.72 -44.37 -11.66
CA SER C 271 7.67 -45.17 -11.03
C SER C 271 8.10 -44.23 -9.97
N PHE C 272 8.55 -44.74 -8.81
CA PHE C 272 8.91 -43.91 -7.69
C PHE C 272 10.00 -44.64 -6.95
N THR C 273 10.90 -43.87 -6.25
CA THR C 273 11.84 -44.34 -5.34
C THR C 273 12.21 -43.24 -4.33
N PRO C 274 12.39 -43.49 -3.04
CA PRO C 274 12.30 -44.78 -2.28
C PRO C 274 11.21 -44.46 -1.28
N PHE C 275 11.15 -45.16 -0.18
CA PHE C 275 10.19 -44.87 0.85
C PHE C 275 10.54 -45.68 2.05
N THR C 276 11.66 -46.45 2.12
CA THR C 276 12.04 -47.24 3.26
C THR C 276 13.46 -47.21 3.32
N SER C 277 13.95 -45.98 3.31
CA SER C 277 15.32 -45.69 3.18
C SER C 277 15.55 -44.41 3.96
N ASP C 278 14.49 -43.71 4.27
CA ASP C 278 14.55 -42.42 4.87
C ASP C 278 14.03 -42.57 6.35
N TYR C 279 13.50 -43.78 6.70
CA TYR C 279 13.02 -44.11 7.98
C TYR C 279 13.71 -45.28 8.55
N ILE C 280 14.25 -45.06 9.80
CA ILE C 280 14.94 -46.08 10.48
C ILE C 280 14.02 -46.76 11.45
N HIS C 281 14.00 -48.14 11.31
CA HIS C 281 13.36 -49.00 12.28
C HIS C 281 14.48 -49.93 12.67
N ASP C 282 15.40 -50.13 11.68
CA ASP C 282 16.66 -50.82 11.89
C ASP C 282 17.67 -50.47 10.81
N ASP C 283 17.19 -49.91 9.68
CA ASP C 283 18.08 -49.52 8.61
C ASP C 283 17.52 -48.45 7.74
N ILE C 284 18.48 -47.64 7.22
CA ILE C 284 18.28 -46.58 6.23
C ILE C 284 19.31 -46.80 5.11
N ALA C 285 18.93 -46.56 3.86
CA ALA C 285 19.81 -46.52 2.70
C ALA C 285 19.70 -45.16 2.20
N HIS C 286 20.73 -44.80 1.29
CA HIS C 286 20.92 -43.52 0.63
C HIS C 286 21.19 -43.65 -0.83
N LYS C 287 20.99 -42.54 -1.57
CA LYS C 287 21.12 -42.68 -3.07
C LYS C 287 21.67 -41.35 -3.69
N CYS C 288 22.19 -41.49 -4.88
CA CYS C 288 22.65 -40.39 -5.75
C CYS C 288 21.73 -40.28 -6.92
N HIS C 289 21.94 -39.38 -7.85
CA HIS C 289 21.07 -39.15 -8.98
C HIS C 289 21.09 -40.34 -9.89
N SER C 290 22.24 -41.05 -10.12
CA SER C 290 22.33 -42.22 -10.97
C SER C 290 21.61 -43.40 -10.45
N SER C 291 21.71 -43.55 -9.08
CA SER C 291 21.06 -44.59 -8.24
C SER C 291 19.53 -44.46 -8.29
N TYR C 292 19.01 -43.27 -8.25
CA TYR C 292 17.68 -42.90 -8.35
C TYR C 292 17.20 -43.34 -9.78
N ASP C 293 18.03 -43.03 -10.88
CA ASP C 293 17.63 -43.25 -12.23
C ASP C 293 17.46 -44.79 -12.51
N VAL C 294 18.39 -45.62 -11.93
CA VAL C 294 18.39 -47.04 -12.09
C VAL C 294 17.22 -47.60 -11.43
N MET C 295 16.81 -47.12 -10.21
CA MET C 295 15.71 -47.73 -9.48
C MET C 295 14.44 -47.68 -10.09
N LEU C 296 14.17 -46.60 -10.85
CA LEU C 296 13.00 -46.37 -11.62
C LEU C 296 12.64 -47.35 -12.74
N ASP C 297 13.62 -47.99 -13.41
CA ASP C 297 13.40 -48.97 -14.39
C ASP C 297 12.90 -50.31 -13.85
N LEU C 298 13.27 -50.66 -12.54
CA LEU C 298 13.01 -51.95 -11.99
C LEU C 298 11.48 -52.15 -11.88
N LEU C 299 11.00 -53.33 -12.20
CA LEU C 299 9.64 -53.59 -12.52
C LEU C 299 8.63 -53.75 -11.39
N ASP C 300 9.06 -53.95 -10.15
CA ASP C 300 8.08 -53.85 -9.03
C ASP C 300 8.07 -52.42 -8.57
N PRO C 301 9.14 -51.62 -8.55
CA PRO C 301 9.06 -50.10 -8.41
C PRO C 301 8.16 -49.44 -9.47
N SER C 302 7.99 -50.10 -10.61
CA SER C 302 7.18 -49.58 -11.71
C SER C 302 5.87 -50.25 -11.54
N ASN C 303 4.79 -49.54 -11.88
CA ASN C 303 3.48 -49.99 -11.53
C ASN C 303 2.72 -50.18 -12.74
N SER C 304 3.27 -51.11 -13.46
CA SER C 304 2.68 -51.62 -14.67
C SER C 304 3.28 -52.99 -14.87
N LEU C 305 2.65 -53.96 -15.62
CA LEU C 305 3.26 -55.21 -15.82
C LEU C 305 4.22 -55.03 -16.94
N VAL C 306 5.48 -55.33 -16.68
CA VAL C 306 6.58 -55.10 -17.54
C VAL C 306 6.86 -56.33 -18.30
N SER C 307 6.84 -56.22 -19.63
CA SER C 307 6.91 -57.35 -20.58
C SER C 307 8.34 -57.88 -20.84
N THR C 308 9.32 -57.01 -21.00
CA THR C 308 10.71 -57.43 -21.12
C THR C 308 11.50 -56.67 -20.04
N ALA C 309 12.27 -57.51 -19.29
CA ALA C 309 13.30 -57.18 -18.23
C ALA C 309 12.94 -55.89 -17.57
N MET C 310 13.90 -54.96 -17.42
CA MET C 310 13.77 -53.71 -16.73
C MET C 310 13.58 -52.60 -17.71
N ASN C 311 14.28 -52.82 -18.91
CA ASN C 311 14.23 -51.87 -20.02
C ASN C 311 13.68 -52.65 -21.14
N ASN C 312 12.46 -52.11 -21.52
CA ASN C 312 11.67 -52.68 -22.58
C ASN C 312 12.14 -52.14 -23.88
N PRO C 313 12.15 -52.92 -24.94
CA PRO C 313 12.60 -52.54 -26.24
C PRO C 313 11.45 -51.66 -26.82
N THR C 314 10.26 -51.60 -26.16
CA THR C 314 9.12 -50.89 -26.60
C THR C 314 9.50 -49.42 -26.54
N TYR C 315 9.05 -48.65 -27.54
CA TYR C 315 9.28 -47.22 -27.64
C TYR C 315 8.57 -46.45 -26.63
N PHE C 316 9.27 -45.56 -25.88
CA PHE C 316 8.78 -44.79 -24.81
C PHE C 316 8.43 -43.52 -25.47
N ASN C 317 7.23 -43.01 -25.22
CA ASN C 317 6.78 -41.78 -25.76
C ASN C 317 7.36 -40.61 -25.00
N VAL C 318 7.43 -40.52 -23.64
CA VAL C 318 7.99 -39.28 -23.00
C VAL C 318 8.41 -39.73 -21.62
N TYR C 319 9.42 -39.01 -21.03
CA TYR C 319 9.79 -39.28 -19.66
C TYR C 319 9.87 -37.96 -19.07
N ASN C 320 9.37 -37.90 -17.78
CA ASN C 320 9.55 -36.72 -17.06
C ASN C 320 10.01 -37.41 -15.81
N THR C 321 11.15 -36.88 -15.29
CA THR C 321 11.77 -37.38 -14.10
C THR C 321 11.81 -36.14 -13.17
N ILE C 322 11.32 -36.22 -11.96
CA ILE C 322 11.33 -35.21 -10.96
C ILE C 322 12.30 -35.67 -9.91
N ILE C 323 13.34 -34.83 -9.74
CA ILE C 323 14.38 -35.22 -8.77
C ILE C 323 14.19 -34.31 -7.63
N GLY C 324 14.21 -34.89 -6.38
CA GLY C 324 13.91 -34.12 -5.21
C GLY C 324 15.03 -34.23 -4.25
N ASN C 325 15.56 -33.03 -3.87
CA ASN C 325 16.43 -32.81 -2.68
C ASN C 325 17.34 -31.72 -3.15
N VAL C 326 18.26 -31.41 -2.24
CA VAL C 326 19.34 -30.53 -2.54
C VAL C 326 20.48 -31.40 -2.82
N GLU C 327 21.11 -31.18 -4.00
CA GLU C 327 22.24 -31.93 -4.40
C GLU C 327 22.81 -30.92 -5.40
N PRO C 328 24.10 -30.82 -5.73
CA PRO C 328 24.66 -30.09 -6.83
C PRO C 328 24.03 -30.57 -8.13
N ARG C 329 23.41 -29.68 -8.83
CA ARG C 329 22.78 -29.84 -10.05
C ARG C 329 23.70 -30.23 -11.22
N GLN C 330 24.99 -29.67 -11.23
CA GLN C 330 25.81 -29.85 -12.40
C GLN C 330 26.18 -31.24 -12.75
N ILE C 331 26.50 -32.03 -11.70
CA ILE C 331 27.06 -33.33 -11.95
C ILE C 331 26.01 -34.24 -12.63
N SER C 332 24.82 -34.04 -12.05
CA SER C 332 23.61 -34.67 -12.43
C SER C 332 23.23 -34.27 -13.84
N ARG C 333 23.46 -32.99 -14.13
CA ARG C 333 23.20 -32.46 -15.47
C ARG C 333 24.09 -33.04 -16.49
N ALA C 334 25.35 -33.26 -16.13
CA ALA C 334 26.32 -33.90 -17.02
C ALA C 334 25.96 -35.28 -17.35
N MET C 335 25.48 -36.05 -16.33
CA MET C 335 24.89 -37.39 -16.46
C MET C 335 23.62 -37.58 -17.19
N THR C 336 22.62 -36.67 -17.05
CA THR C 336 21.38 -36.78 -17.82
C THR C 336 21.67 -36.61 -19.28
N LYS C 337 22.59 -35.70 -19.61
CA LYS C 337 22.94 -35.44 -20.95
C LYS C 337 23.55 -36.53 -21.71
N LEU C 338 24.42 -37.28 -21.07
CA LEU C 338 24.98 -38.49 -21.53
C LEU C 338 23.93 -39.59 -21.67
N GLN C 339 22.98 -39.63 -20.68
CA GLN C 339 21.99 -40.63 -20.62
C GLN C 339 21.10 -40.64 -21.86
N GLN C 340 20.71 -39.39 -22.33
CA GLN C 340 19.91 -39.24 -23.54
C GLN C 340 20.72 -39.68 -24.73
N ARG C 341 21.98 -39.24 -24.85
CA ARG C 341 22.95 -39.40 -25.95
C ARG C 341 23.40 -40.79 -26.23
N ILE C 342 23.62 -41.61 -25.15
CA ILE C 342 24.08 -42.96 -25.17
C ILE C 342 23.18 -43.94 -25.86
N LYS C 343 21.81 -43.68 -25.85
CA LYS C 343 20.68 -44.32 -26.51
C LYS C 343 20.20 -45.56 -25.83
N PHE C 344 20.52 -45.62 -24.51
CA PHE C 344 19.88 -46.59 -23.59
C PHE C 344 18.39 -46.42 -23.40
N PRO C 345 17.66 -45.38 -23.64
CA PRO C 345 16.19 -45.34 -23.66
C PRO C 345 15.92 -45.72 -25.06
N SER C 346 14.78 -46.49 -25.31
CA SER C 346 14.38 -46.97 -26.63
C SER C 346 13.82 -45.87 -27.40
N TRP C 347 14.03 -45.96 -28.72
CA TRP C 347 13.83 -44.86 -29.66
C TRP C 347 12.98 -45.46 -30.79
N SER C 348 12.68 -44.61 -31.78
CA SER C 348 11.85 -44.97 -32.98
C SER C 348 12.35 -44.08 -34.04
N SER C 349 12.13 -44.58 -35.22
CA SER C 349 12.40 -43.92 -36.55
C SER C 349 11.60 -42.66 -36.74
N SER C 350 10.35 -42.80 -36.25
CA SER C 350 9.40 -41.83 -36.39
C SER C 350 9.75 -40.57 -35.57
N ALA C 351 10.24 -40.69 -34.33
CA ALA C 351 10.51 -39.44 -33.65
C ALA C 351 11.41 -39.74 -32.43
N MET C 352 12.01 -38.66 -31.82
CA MET C 352 12.87 -38.76 -30.73
C MET C 352 12.23 -39.08 -29.50
N HIS C 353 12.94 -39.82 -28.59
CA HIS C 353 12.43 -40.10 -27.26
C HIS C 353 12.47 -38.89 -26.40
N VAL C 354 11.28 -38.32 -25.99
CA VAL C 354 11.36 -37.06 -25.36
C VAL C 354 11.70 -37.34 -23.89
N ASN C 355 12.65 -36.53 -23.31
CA ASN C 355 13.18 -36.76 -22.01
C ASN C 355 13.20 -35.44 -21.40
N ILE C 356 12.50 -35.27 -20.21
CA ILE C 356 12.34 -34.02 -19.56
C ILE C 356 12.84 -34.33 -18.22
N GLY C 357 13.35 -33.28 -17.45
CA GLY C 357 13.70 -33.38 -16.05
C GLY C 357 13.14 -32.18 -15.37
N ARG C 358 12.67 -32.34 -14.11
CA ARG C 358 12.15 -31.37 -13.23
C ARG C 358 12.92 -31.46 -11.97
N ARG C 359 13.21 -30.37 -11.34
CA ARG C 359 14.07 -30.35 -10.17
C ARG C 359 13.20 -29.79 -9.05
N SER C 360 13.31 -30.36 -7.82
CA SER C 360 12.46 -29.87 -6.80
C SER C 360 13.28 -29.95 -5.50
N PRO C 361 12.97 -29.13 -4.51
CA PRO C 361 13.71 -29.17 -3.29
C PRO C 361 12.88 -29.87 -2.17
N TYR C 362 13.15 -29.57 -0.89
CA TYR C 362 12.43 -29.99 0.22
C TYR C 362 11.68 -28.91 0.90
N LEU C 363 10.44 -29.28 1.29
CA LEU C 363 9.55 -28.39 2.15
C LEU C 363 10.29 -28.01 3.47
N PRO C 364 10.19 -26.85 4.09
CA PRO C 364 10.85 -26.31 5.32
C PRO C 364 10.67 -27.22 6.50
N LEU C 365 9.43 -27.63 6.82
CA LEU C 365 9.17 -28.45 7.94
C LEU C 365 9.25 -29.86 7.42
N GLN C 366 10.05 -30.65 8.12
CA GLN C 366 10.28 -32.07 7.76
C GLN C 366 10.96 -32.65 8.98
N PRO C 367 11.00 -33.99 9.16
CA PRO C 367 11.77 -34.61 10.24
C PRO C 367 13.16 -34.61 9.80
N ASN C 368 13.41 -34.44 8.47
CA ASN C 368 14.70 -34.38 7.85
C ASN C 368 15.44 -35.74 7.83
N GLU C 369 16.03 -36.02 6.63
CA GLU C 369 16.89 -37.09 6.33
C GLU C 369 17.16 -36.91 4.83
N ASN C 370 18.20 -36.15 4.43
CA ASN C 370 18.60 -35.68 3.15
C ASN C 370 19.34 -36.69 2.30
N GLU C 371 18.67 -37.17 1.23
CA GLU C 371 19.29 -38.11 0.29
C GLU C 371 18.51 -37.88 -0.94
N VAL C 372 19.02 -38.40 -2.02
CA VAL C 372 18.32 -38.10 -3.28
C VAL C 372 17.03 -38.90 -3.36
N SER C 373 15.89 -38.40 -3.87
CA SER C 373 14.69 -39.24 -4.13
C SER C 373 14.09 -38.73 -5.47
N GLY C 374 13.17 -39.50 -6.03
CA GLY C 374 12.59 -38.93 -7.19
C GLY C 374 11.34 -39.73 -7.55
N MET C 375 10.46 -39.11 -8.39
CA MET C 375 9.30 -39.89 -8.81
C MET C 375 9.44 -39.68 -10.35
N MET C 376 9.05 -40.65 -11.16
CA MET C 376 9.06 -40.58 -12.58
C MET C 376 7.70 -40.72 -13.07
N LEU C 377 7.32 -39.94 -14.10
CA LEU C 377 6.09 -40.08 -14.79
C LEU C 377 6.35 -40.23 -16.26
N SER C 378 5.93 -41.39 -16.93
CA SER C 378 6.35 -41.63 -18.28
C SER C 378 5.19 -42.17 -18.99
N ASN C 379 5.17 -41.98 -20.31
CA ASN C 379 4.17 -42.54 -21.16
C ASN C 379 4.88 -43.67 -21.94
N MET C 380 4.56 -44.98 -21.65
CA MET C 380 5.34 -46.09 -22.11
C MET C 380 4.42 -47.04 -22.72
N SER C 381 4.75 -47.66 -23.86
CA SER C 381 3.85 -48.57 -24.55
C SER C 381 3.92 -50.05 -24.01
N THR C 382 4.67 -50.24 -22.93
CA THR C 382 4.64 -51.44 -22.15
C THR C 382 3.31 -51.76 -21.51
N VAL C 383 2.46 -50.77 -21.32
CA VAL C 383 1.14 -50.89 -20.68
C VAL C 383 0.30 -51.92 -21.38
N VAL C 384 0.51 -52.20 -22.69
CA VAL C 384 -0.28 -53.16 -23.43
C VAL C 384 -0.19 -54.52 -22.83
N ASN C 385 0.98 -54.82 -22.12
CA ASN C 385 1.08 -56.18 -21.52
C ASN C 385 -0.07 -56.46 -20.63
N VAL C 386 -0.58 -55.50 -19.85
CA VAL C 386 -1.78 -55.72 -19.03
C VAL C 386 -3.01 -55.96 -19.83
N PHE C 387 -3.10 -55.10 -20.94
CA PHE C 387 -4.24 -55.05 -21.85
C PHE C 387 -4.53 -56.31 -22.63
N GLU C 388 -3.44 -57.00 -23.11
CA GLU C 388 -3.57 -58.20 -23.80
C GLU C 388 -4.17 -59.28 -22.93
N ASN C 389 -3.71 -59.35 -21.64
CA ASN C 389 -4.30 -60.33 -20.72
C ASN C 389 -5.71 -60.20 -20.38
N ALA C 390 -6.17 -58.95 -20.11
CA ALA C 390 -7.55 -58.61 -19.79
C ALA C 390 -8.46 -58.93 -20.90
N CYS C 391 -8.04 -58.57 -22.16
CA CYS C 391 -8.89 -58.78 -23.34
C CYS C 391 -9.10 -60.23 -23.64
N ASN C 392 -8.07 -61.06 -23.52
CA ASN C 392 -8.15 -62.49 -23.67
C ASN C 392 -9.01 -63.16 -22.67
N THR C 393 -8.81 -62.87 -21.37
CA THR C 393 -9.41 -63.61 -20.28
C THR C 393 -10.89 -63.27 -20.33
N PHE C 394 -11.22 -62.06 -20.73
CA PHE C 394 -12.60 -61.67 -20.92
C PHE C 394 -13.29 -62.41 -21.93
N ASP C 395 -12.60 -62.60 -23.16
CA ASP C 395 -13.31 -63.32 -24.20
C ASP C 395 -13.62 -64.73 -23.82
N LYS C 396 -12.75 -65.52 -23.27
CA LYS C 396 -13.04 -66.92 -23.05
C LYS C 396 -14.17 -67.21 -22.05
N VAL C 397 -14.31 -66.40 -20.91
CA VAL C 397 -15.37 -66.51 -19.98
C VAL C 397 -16.72 -66.15 -20.56
N PHE C 398 -16.68 -65.15 -21.47
CA PHE C 398 -17.79 -64.62 -22.27
C PHE C 398 -18.39 -65.64 -23.15
N ALA C 399 -17.45 -66.34 -23.85
CA ALA C 399 -17.71 -67.35 -24.85
C ALA C 399 -18.45 -68.45 -24.16
N LYS C 400 -18.01 -68.82 -22.91
CA LYS C 400 -18.60 -69.86 -22.17
C LYS C 400 -19.98 -69.55 -21.75
N GLY C 401 -20.21 -68.25 -21.57
CA GLY C 401 -21.55 -67.74 -21.35
C GLY C 401 -22.06 -67.93 -19.96
N ALA C 402 -21.27 -68.56 -19.04
CA ALA C 402 -21.62 -68.76 -17.66
C ALA C 402 -20.98 -67.74 -16.82
N PHE C 403 -21.71 -67.37 -15.73
CA PHE C 403 -21.28 -66.41 -14.70
C PHE C 403 -21.51 -64.97 -15.19
N LEU C 404 -22.09 -64.84 -16.42
CA LEU C 404 -22.56 -63.69 -17.17
C LEU C 404 -23.93 -63.39 -16.75
N ASN C 405 -24.58 -64.36 -16.03
CA ASN C 405 -25.94 -64.24 -15.52
C ASN C 405 -26.18 -63.08 -14.64
N ASN C 406 -25.16 -62.73 -13.80
CA ASN C 406 -25.25 -61.65 -12.97
C ASN C 406 -25.44 -60.27 -13.63
N TYR C 407 -24.66 -60.07 -14.71
CA TYR C 407 -24.66 -58.90 -15.55
C TYR C 407 -25.99 -58.71 -16.28
N ASN C 408 -26.44 -59.91 -16.76
CA ASN C 408 -27.52 -60.04 -17.73
C ASN C 408 -28.77 -59.49 -17.08
N VAL C 409 -28.90 -59.62 -15.74
CA VAL C 409 -30.06 -59.15 -15.08
C VAL C 409 -30.32 -57.63 -15.18
N GLY C 410 -29.27 -56.84 -15.22
CA GLY C 410 -29.31 -55.41 -15.39
C GLY C 410 -29.62 -55.07 -16.83
N ASP C 411 -30.05 -53.83 -17.09
CA ASP C 411 -30.56 -53.23 -18.34
C ASP C 411 -29.45 -53.32 -19.36
N LEU C 412 -28.18 -53.09 -18.82
CA LEU C 412 -26.96 -52.99 -19.65
C LEU C 412 -26.67 -54.29 -20.31
N PHE C 413 -26.91 -55.45 -19.69
CA PHE C 413 -26.70 -56.68 -20.42
C PHE C 413 -28.07 -57.38 -20.58
N GLN C 414 -29.20 -56.65 -20.58
CA GLN C 414 -30.48 -57.32 -20.91
C GLN C 414 -30.81 -56.77 -22.29
N SER C 415 -30.37 -55.54 -22.56
CA SER C 415 -30.33 -54.88 -23.81
C SER C 415 -28.92 -54.60 -24.29
N MET C 416 -28.56 -55.27 -25.44
CA MET C 416 -27.29 -55.40 -26.08
C MET C 416 -26.43 -56.35 -25.20
N GLN C 417 -25.12 -56.59 -25.62
CA GLN C 417 -23.96 -57.32 -25.06
C GLN C 417 -22.71 -56.65 -25.80
N ASN C 418 -22.95 -55.41 -26.31
CA ASN C 418 -22.07 -54.64 -27.14
C ASN C 418 -20.85 -54.10 -26.39
N VAL C 419 -20.96 -53.76 -25.04
CA VAL C 419 -19.95 -53.07 -24.30
C VAL C 419 -18.72 -53.93 -24.30
N GLN C 420 -18.79 -55.29 -24.16
CA GLN C 420 -17.64 -56.19 -24.14
C GLN C 420 -16.94 -56.14 -25.51
N ASP C 421 -17.78 -56.15 -26.58
CA ASP C 421 -17.35 -56.21 -27.94
C ASP C 421 -16.51 -55.03 -28.37
N GLU C 422 -16.97 -53.80 -27.94
CA GLU C 422 -16.45 -52.44 -28.14
C GLU C 422 -15.15 -52.30 -27.47
N PHE C 423 -14.96 -52.88 -26.21
CA PHE C 423 -13.67 -52.91 -25.60
C PHE C 423 -12.67 -53.80 -26.39
N ALA C 424 -13.11 -54.97 -26.90
CA ALA C 424 -12.22 -55.91 -27.55
C ALA C 424 -11.52 -55.25 -28.71
N GLU C 425 -12.33 -54.45 -29.44
CA GLU C 425 -11.93 -53.62 -30.51
C GLU C 425 -11.08 -52.44 -30.14
N SER C 426 -11.50 -51.72 -29.02
CA SER C 426 -10.76 -50.55 -28.65
C SER C 426 -9.35 -50.96 -28.19
N ARG C 427 -9.17 -52.08 -27.50
CA ARG C 427 -7.82 -52.59 -27.11
C ARG C 427 -7.01 -52.88 -28.29
N GLU C 428 -7.58 -53.47 -29.36
CA GLU C 428 -6.86 -53.66 -30.55
C GLU C 428 -6.31 -52.43 -31.29
N VAL C 429 -7.14 -51.36 -31.42
CA VAL C 429 -6.71 -50.18 -32.09
C VAL C 429 -5.58 -49.57 -31.26
N VAL C 430 -5.69 -49.61 -29.95
CA VAL C 430 -4.78 -48.97 -29.01
C VAL C 430 -3.42 -49.56 -29.17
N GLN C 431 -3.42 -50.90 -29.26
CA GLN C 431 -2.18 -51.63 -29.50
C GLN C 431 -1.56 -51.29 -30.78
N SER C 432 -2.42 -51.18 -31.81
CA SER C 432 -2.00 -50.98 -33.14
C SER C 432 -1.27 -49.59 -33.28
N LEU C 433 -1.78 -48.55 -32.59
CA LEU C 433 -1.22 -47.26 -32.66
C LEU C 433 0.17 -47.22 -32.07
N MET C 434 0.35 -47.92 -30.91
CA MET C 434 1.57 -47.96 -30.14
C MET C 434 2.62 -48.65 -30.97
N GLU C 435 2.21 -49.67 -31.85
CA GLU C 435 3.01 -50.21 -32.87
C GLU C 435 3.39 -49.26 -34.02
N ASP C 436 2.41 -48.42 -34.46
CA ASP C 436 2.66 -47.54 -35.59
C ASP C 436 3.69 -46.54 -35.23
N TYR C 437 3.74 -46.10 -33.94
CA TYR C 437 4.69 -45.13 -33.53
C TYR C 437 6.15 -45.63 -33.68
N VAL C 438 6.47 -46.95 -33.64
CA VAL C 438 7.75 -47.50 -33.78
C VAL C 438 8.20 -47.19 -35.23
N ALA C 439 7.18 -47.10 -36.23
CA ALA C 439 7.40 -47.03 -37.63
C ALA C 439 7.46 -45.66 -38.11
N ALA C 440 8.29 -45.46 -39.14
CA ALA C 440 8.40 -44.23 -39.88
C ALA C 440 7.10 -43.94 -40.66
N GLU C 441 6.34 -45.01 -41.13
CA GLU C 441 5.16 -44.91 -41.98
C GLU C 441 4.04 -44.17 -41.32
N GLN C 442 4.09 -44.02 -39.97
CA GLN C 442 3.12 -43.27 -39.12
C GLN C 442 2.95 -41.88 -39.62
N ASP C 443 4.15 -41.37 -39.98
CA ASP C 443 4.32 -40.05 -40.58
C ASP C 443 3.79 -39.97 -41.93
N SER C 444 3.14 -38.85 -42.26
CA SER C 444 2.45 -38.56 -43.47
C SER C 444 3.40 -37.82 -44.45
N TYR C 445 3.18 -36.45 -44.63
CA TYR C 445 3.93 -35.54 -45.62
C TYR C 445 5.42 -35.38 -45.37
N MET D 1 -39.93 10.14 11.95
CA MET D 1 -41.43 10.03 12.05
C MET D 1 -41.89 8.71 12.45
N GLY D 2 -43.15 8.55 12.91
CA GLY D 2 -43.59 7.26 13.34
C GLY D 2 -43.82 6.28 12.25
N GLY D 3 -44.09 5.04 12.66
CA GLY D 3 -44.32 3.98 11.69
C GLY D 3 -44.69 2.70 12.40
N GLU D 4 -45.75 2.72 13.33
CA GLU D 4 -45.94 1.63 14.23
C GLU D 4 -46.60 0.41 13.56
N ILE D 5 -46.28 -0.78 14.12
CA ILE D 5 -46.68 -2.11 13.68
C ILE D 5 -47.33 -2.76 14.86
N ILE D 6 -48.48 -3.41 14.53
CA ILE D 6 -49.23 -4.20 15.48
C ILE D 6 -49.12 -5.64 14.97
N THR D 7 -48.81 -6.61 15.87
CA THR D 7 -48.66 -8.03 15.46
C THR D 7 -49.91 -8.78 16.00
N LEU D 8 -50.53 -9.61 15.16
CA LEU D 8 -51.76 -10.34 15.44
C LEU D 8 -51.24 -11.72 15.44
N GLN D 9 -51.60 -12.44 16.54
CA GLN D 9 -51.20 -13.82 16.81
C GLN D 9 -52.63 -14.49 16.82
N ALA D 10 -52.76 -15.56 15.96
CA ALA D 10 -54.04 -16.26 15.87
C ALA D 10 -53.77 -17.71 15.92
N GLY D 11 -54.65 -18.46 16.61
CA GLY D 11 -54.54 -19.92 16.70
C GLY D 11 -53.40 -20.33 17.57
N GLN D 12 -53.11 -21.63 17.71
CA GLN D 12 -52.09 -22.14 18.63
C GLN D 12 -50.68 -21.69 18.20
N CYS D 13 -50.39 -21.89 16.88
CA CYS D 13 -49.11 -21.72 16.16
C CYS D 13 -48.65 -20.31 16.13
N GLY D 14 -49.56 -19.40 15.78
CA GLY D 14 -49.34 -17.98 15.71
C GLY D 14 -48.98 -17.43 17.08
N ASN D 15 -49.71 -17.90 18.08
CA ASN D 15 -49.36 -17.58 19.49
C ASN D 15 -48.06 -18.20 19.95
N HIS D 16 -47.74 -19.43 19.58
CA HIS D 16 -46.60 -20.19 20.00
C HIS D 16 -45.25 -19.53 19.54
N VAL D 17 -45.18 -19.17 18.22
CA VAL D 17 -44.14 -18.42 17.61
C VAL D 17 -44.07 -17.02 18.07
N GLY D 18 -45.18 -16.29 18.29
CA GLY D 18 -45.19 -14.92 18.73
C GLY D 18 -44.56 -14.81 20.08
N LYS D 19 -44.87 -15.75 20.94
CA LYS D 19 -44.34 -15.80 22.30
C LYS D 19 -42.88 -15.92 22.30
N PHE D 20 -42.34 -16.81 21.47
CA PHE D 20 -40.89 -16.92 21.31
C PHE D 20 -40.24 -15.67 20.77
N LEU D 21 -40.90 -14.94 19.76
CA LEU D 21 -40.39 -13.82 19.11
C LEU D 21 -40.16 -12.71 20.16
N TRP D 22 -41.20 -12.54 21.00
CA TRP D 22 -41.10 -11.46 22.02
C TRP D 22 -40.06 -11.72 23.11
N SER D 23 -39.91 -12.93 23.55
CA SER D 23 -38.87 -13.24 24.57
C SER D 23 -37.57 -12.93 24.03
N GLN D 24 -37.36 -13.25 22.73
CA GLN D 24 -36.16 -13.06 21.96
C GLN D 24 -35.77 -11.58 21.78
N LEU D 25 -36.82 -10.75 21.41
CA LEU D 25 -36.50 -9.31 21.16
C LEU D 25 -36.01 -8.60 22.39
N ALA D 26 -36.74 -8.97 23.53
CA ALA D 26 -36.41 -8.42 24.77
C ALA D 26 -35.05 -8.74 25.24
N LYS D 27 -34.62 -10.01 25.06
CA LYS D 27 -33.33 -10.57 25.46
C LYS D 27 -32.19 -9.94 24.68
N GLU D 28 -32.39 -9.80 23.36
CA GLU D 28 -31.51 -9.29 22.38
C GLU D 28 -31.21 -7.82 22.56
N HIS D 29 -32.21 -7.04 22.97
CA HIS D 29 -32.22 -5.57 23.05
C HIS D 29 -31.94 -5.03 24.43
N ALA D 30 -31.23 -5.86 25.29
CA ALA D 30 -30.55 -5.43 26.52
C ALA D 30 -31.54 -4.72 27.41
N ILE D 31 -32.77 -5.34 27.51
CA ILE D 31 -33.84 -4.87 28.29
C ILE D 31 -34.25 -6.17 28.96
N GLY D 32 -34.93 -6.04 30.10
CA GLY D 32 -35.31 -7.15 30.96
C GLY D 32 -36.45 -7.90 30.31
N THR D 33 -36.99 -8.87 31.11
CA THR D 33 -38.00 -9.83 30.60
C THR D 33 -39.40 -9.24 30.70
N ASP D 34 -39.50 -8.00 31.25
CA ASP D 34 -40.69 -7.22 31.31
C ASP D 34 -40.43 -6.07 30.34
N GLY D 35 -39.16 -6.05 29.85
CA GLY D 35 -38.65 -5.13 28.91
C GLY D 35 -38.13 -3.90 29.63
N LEU D 36 -37.79 -3.99 30.98
CA LEU D 36 -37.27 -2.84 31.69
C LEU D 36 -35.95 -2.46 31.20
N SER D 37 -35.71 -1.11 30.89
CA SER D 37 -34.39 -0.54 30.52
C SER D 37 -33.39 -0.80 31.65
N GLN D 38 -32.18 -1.35 31.27
CA GLN D 38 -31.32 -1.90 32.36
C GLN D 38 -29.89 -1.56 32.09
N LEU D 39 -28.98 -1.54 33.05
CA LEU D 39 -27.57 -1.28 33.08
C LEU D 39 -27.26 0.04 32.60
N PRO D 40 -26.01 0.43 32.70
CA PRO D 40 -25.60 1.70 32.06
C PRO D 40 -24.92 1.34 30.72
N ASP D 41 -25.70 0.73 29.75
CA ASP D 41 -25.06 0.25 28.52
C ASP D 41 -25.75 0.81 27.33
N SER D 42 -24.93 1.51 26.57
CA SER D 42 -25.21 2.16 25.27
C SER D 42 -26.19 3.32 25.40
N SER D 43 -25.74 4.57 25.10
CA SER D 43 -26.48 5.84 25.32
C SER D 43 -26.97 6.34 24.05
N THR D 44 -26.80 5.63 22.94
CA THR D 44 -27.27 6.02 21.61
C THR D 44 -28.36 4.99 21.34
N GLU D 45 -29.33 5.13 20.41
CA GLU D 45 -30.38 4.12 20.13
C GLU D 45 -29.68 2.78 19.81
N ARG D 46 -30.14 1.74 20.48
CA ARG D 46 -29.66 0.39 20.17
C ARG D 46 -30.47 -0.09 18.95
N ASP D 47 -31.79 0.25 18.97
CA ASP D 47 -32.88 -0.18 18.05
C ASP D 47 -33.85 0.97 17.71
N ASP D 48 -34.49 0.69 16.58
CA ASP D 48 -35.62 1.41 16.01
C ASP D 48 -36.70 0.47 15.68
N ASP D 49 -36.56 -0.76 16.18
CA ASP D 49 -37.56 -1.79 16.31
C ASP D 49 -38.51 -1.35 17.42
N THR D 50 -37.97 -0.58 18.39
CA THR D 50 -38.49 -0.20 19.68
C THR D 50 -39.78 0.45 19.55
N LYS D 51 -39.89 1.65 18.99
CA LYS D 51 -41.00 2.50 18.92
C LYS D 51 -42.13 1.92 18.06
N PRO D 52 -41.97 1.31 16.85
CA PRO D 52 -43.08 0.64 16.20
C PRO D 52 -43.72 -0.56 16.91
N PHE D 53 -42.83 -1.47 17.40
CA PHE D 53 -43.32 -2.66 17.99
C PHE D 53 -43.68 -2.54 19.47
N PHE D 54 -43.04 -1.72 20.26
CA PHE D 54 -43.20 -1.66 21.72
C PHE D 54 -43.61 -0.26 22.01
N ARG D 55 -44.18 -0.07 23.20
CA ARG D 55 -44.58 1.24 23.65
C ARG D 55 -44.02 1.13 25.05
N GLU D 56 -43.83 2.26 25.76
CA GLU D 56 -43.19 2.11 27.06
C GLU D 56 -44.33 2.40 28.12
N ASN D 57 -44.43 1.52 29.16
CA ASN D 57 -45.12 1.65 30.44
C ASN D 57 -44.34 2.51 31.37
N CYS D 58 -45.04 3.32 32.21
CA CYS D 58 -44.55 4.22 33.16
C CYS D 58 -44.06 3.62 34.40
N ARG D 59 -42.95 2.76 34.29
CA ARG D 59 -41.94 2.47 35.33
C ARG D 59 -40.73 2.22 34.45
N ASN D 60 -40.75 2.57 33.07
CA ASN D 60 -39.71 2.58 32.09
C ASN D 60 -39.49 1.21 31.44
N LYS D 61 -40.44 0.24 31.60
CA LYS D 61 -40.36 -0.97 30.80
C LYS D 61 -41.09 -0.82 29.54
N PHE D 62 -40.49 -1.43 28.45
CA PHE D 62 -41.13 -1.51 27.17
C PHE D 62 -42.11 -2.68 27.12
N THR D 63 -43.24 -2.54 26.40
CA THR D 63 -44.25 -3.62 26.32
C THR D 63 -44.48 -3.72 24.84
N PRO D 64 -44.68 -4.89 24.25
CA PRO D 64 -45.09 -5.02 22.91
C PRO D 64 -46.53 -4.66 22.58
N ARG D 65 -46.71 -3.99 21.40
CA ARG D 65 -47.99 -3.83 20.70
C ARG D 65 -48.37 -5.10 19.98
N ALA D 66 -48.97 -6.11 20.67
CA ALA D 66 -49.17 -7.32 19.98
C ALA D 66 -50.53 -7.75 20.46
N ILE D 67 -51.38 -8.39 19.65
CA ILE D 67 -52.70 -8.92 20.08
C ILE D 67 -52.72 -10.40 19.96
N MET D 68 -53.23 -11.10 21.06
CA MET D 68 -53.30 -12.56 21.04
C MET D 68 -54.84 -12.97 21.04
N MET D 69 -55.30 -13.90 20.10
CA MET D 69 -56.54 -14.51 20.13
C MET D 69 -56.31 -15.98 19.79
N ASP D 70 -57.05 -16.85 20.49
CA ASP D 70 -57.23 -18.29 20.26
C ASP D 70 -57.98 -18.65 21.55
N SER D 71 -57.99 -19.94 21.88
CA SER D 71 -58.46 -20.42 23.15
C SER D 71 -57.49 -20.13 24.26
N GLU D 72 -57.30 -20.96 25.24
CA GLU D 72 -56.50 -20.62 26.41
C GLU D 72 -55.00 -20.91 26.25
N PRO D 73 -54.36 -21.54 25.36
CA PRO D 73 -52.88 -21.73 25.47
C PRO D 73 -52.16 -20.50 25.17
N SER D 74 -50.85 -20.40 25.50
CA SER D 74 -49.84 -19.50 25.18
C SER D 74 -49.83 -18.58 26.31
N VAL D 75 -50.98 -17.96 26.75
CA VAL D 75 -51.09 -17.16 27.91
C VAL D 75 -50.70 -17.89 29.29
N ILE D 76 -51.09 -19.21 29.48
CA ILE D 76 -50.76 -20.00 30.63
C ILE D 76 -49.24 -20.23 30.73
N ALA D 77 -48.55 -20.49 29.58
CA ALA D 77 -47.13 -20.60 29.59
C ALA D 77 -46.40 -19.36 30.01
N ASP D 78 -46.89 -18.15 29.45
CA ASP D 78 -46.25 -16.86 29.54
C ASP D 78 -46.16 -16.44 30.99
N VAL D 79 -47.27 -16.71 31.71
CA VAL D 79 -47.26 -16.28 33.09
C VAL D 79 -46.30 -17.02 33.99
N GLU D 80 -46.01 -18.31 33.70
CA GLU D 80 -44.96 -19.11 34.32
C GLU D 80 -43.60 -18.64 33.92
N ASN D 81 -43.44 -18.15 32.62
CA ASN D 81 -42.18 -17.74 32.14
C ASN D 81 -41.83 -16.44 32.76
N THR D 82 -40.50 -16.21 32.77
CA THR D 82 -39.98 -15.03 33.41
C THR D 82 -40.51 -13.73 32.79
N PHE D 83 -40.77 -13.71 31.43
CA PHE D 83 -41.43 -12.64 30.86
C PHE D 83 -42.92 -12.73 31.11
N ARG D 84 -43.45 -11.61 31.48
CA ARG D 84 -44.77 -11.50 31.90
C ARG D 84 -45.16 -10.03 32.01
N GLY D 85 -44.22 -9.13 31.83
CA GLY D 85 -44.39 -7.73 31.77
C GLY D 85 -44.20 -7.24 30.35
N PHE D 86 -43.79 -8.13 29.49
CA PHE D 86 -43.53 -8.02 28.07
C PHE D 86 -44.66 -8.71 27.33
N PHE D 87 -45.70 -8.97 28.15
CA PHE D 87 -46.92 -9.63 27.90
C PHE D 87 -47.85 -8.56 28.28
N ASP D 88 -49.03 -8.54 27.57
CA ASP D 88 -50.10 -7.60 27.92
C ASP D 88 -51.30 -8.49 28.04
N PRO D 89 -51.85 -8.70 29.22
CA PRO D 89 -53.05 -9.41 29.42
C PRO D 89 -54.25 -8.71 28.82
N ARG D 90 -54.17 -7.42 28.59
CA ARG D 90 -55.35 -6.67 28.07
C ARG D 90 -55.64 -7.20 26.63
N ASN D 91 -54.59 -7.53 25.82
CA ASN D 91 -54.54 -7.95 24.51
C ASN D 91 -54.99 -9.34 24.36
N THR D 92 -55.04 -10.10 25.51
CA THR D 92 -55.26 -11.58 25.42
C THR D 92 -56.65 -12.06 25.52
N TRP D 93 -57.10 -12.87 24.52
CA TRP D 93 -58.45 -13.35 24.43
C TRP D 93 -58.44 -14.83 24.31
N VAL D 94 -59.24 -15.46 25.16
CA VAL D 94 -59.27 -16.85 25.53
C VAL D 94 -60.73 -17.18 25.34
N ALA D 95 -61.09 -18.17 24.49
CA ALA D 95 -62.46 -18.41 24.16
C ALA D 95 -63.24 -18.99 25.27
N SER D 96 -64.50 -18.48 25.34
CA SER D 96 -65.60 -18.81 26.22
C SER D 96 -66.64 -19.51 25.34
N ASP D 97 -66.43 -19.49 24.03
CA ASP D 97 -67.42 -19.90 23.03
C ASP D 97 -66.61 -20.19 21.84
N GLY D 98 -65.83 -21.27 21.80
CA GLY D 98 -64.94 -21.66 20.72
C GLY D 98 -65.57 -22.54 19.71
N ALA D 99 -66.70 -23.12 20.20
CA ALA D 99 -67.49 -24.02 19.41
C ALA D 99 -66.71 -25.24 18.89
N SER D 100 -66.83 -25.54 17.57
CA SER D 100 -66.35 -26.75 16.93
C SER D 100 -65.40 -26.31 15.87
N ALA D 101 -64.54 -25.31 16.25
CA ALA D 101 -63.61 -24.64 15.34
C ALA D 101 -62.34 -25.28 15.78
N GLY D 102 -61.56 -25.81 14.85
CA GLY D 102 -60.29 -26.35 15.07
C GLY D 102 -59.71 -26.78 13.74
N ASN D 103 -60.62 -26.97 12.74
CA ASN D 103 -60.26 -27.50 11.43
C ASN D 103 -61.38 -27.23 10.52
N SER D 104 -62.40 -26.51 10.98
CA SER D 104 -63.59 -26.14 10.30
C SER D 104 -63.55 -24.65 10.19
N TRP D 105 -63.46 -24.08 8.95
CA TRP D 105 -63.27 -22.68 8.75
C TRP D 105 -64.45 -21.89 9.24
N ALA D 106 -65.65 -22.42 8.88
CA ALA D 106 -66.91 -21.74 8.94
C ALA D 106 -67.20 -21.39 10.30
N ASN D 107 -66.91 -22.38 11.23
CA ASN D 107 -67.02 -22.15 12.61
C ASN D 107 -66.06 -21.05 13.20
N GLY D 108 -64.77 -21.02 12.70
CA GLY D 108 -63.83 -19.98 13.12
C GLY D 108 -64.20 -18.67 12.66
N TYR D 109 -64.70 -18.48 11.43
CA TYR D 109 -65.06 -17.22 10.86
C TYR D 109 -66.26 -16.69 11.63
N ASP D 110 -67.23 -17.56 11.87
CA ASP D 110 -68.54 -17.22 12.50
C ASP D 110 -68.34 -16.74 13.86
N ILE D 111 -67.39 -17.32 14.64
CA ILE D 111 -67.08 -16.78 15.95
C ILE D 111 -66.48 -15.47 15.96
N GLY D 112 -65.61 -15.16 14.99
CA GLY D 112 -65.01 -13.84 14.82
C GLY D 112 -65.99 -12.74 14.63
N THR D 113 -67.06 -13.05 13.81
CA THR D 113 -68.09 -12.09 13.54
C THR D 113 -68.81 -11.71 14.89
N ARG D 114 -69.05 -12.65 15.83
CA ARG D 114 -69.72 -12.36 17.12
C ARG D 114 -68.88 -11.47 17.94
N ASN D 115 -67.59 -11.81 17.87
CA ASN D 115 -66.52 -11.40 18.72
C ASN D 115 -65.74 -10.30 17.99
N GLN D 116 -66.53 -9.45 17.24
CA GLN D 116 -66.10 -8.28 16.60
C GLN D 116 -65.70 -7.21 17.53
N ASP D 117 -66.53 -7.08 18.63
CA ASP D 117 -66.39 -6.06 19.65
C ASP D 117 -65.15 -6.23 20.35
N ASP D 118 -64.83 -7.48 20.80
CA ASP D 118 -63.64 -7.86 21.58
C ASP D 118 -62.36 -7.62 20.81
N ILE D 119 -62.30 -8.03 19.52
CA ILE D 119 -61.15 -7.64 18.76
C ILE D 119 -61.11 -6.13 18.61
N LEU D 120 -62.18 -5.35 18.33
CA LEU D 120 -62.14 -3.90 18.21
C LEU D 120 -61.85 -3.18 19.52
N ASN D 121 -62.26 -3.67 20.70
CA ASN D 121 -61.87 -3.00 21.96
C ASN D 121 -60.38 -2.95 22.13
N LYS D 122 -59.74 -4.10 21.85
CA LYS D 122 -58.30 -4.31 21.86
C LYS D 122 -57.68 -3.54 20.79
N ILE D 123 -58.22 -3.58 19.55
CA ILE D 123 -57.62 -2.83 18.42
C ILE D 123 -57.68 -1.28 18.66
N ASP D 124 -58.89 -0.82 19.07
CA ASP D 124 -59.04 0.62 19.18
C ASP D 124 -58.12 1.17 20.22
N LYS D 125 -57.90 0.41 21.36
CA LYS D 125 -57.03 0.79 22.39
C LYS D 125 -55.57 0.91 21.96
N GLU D 126 -55.06 -0.14 21.15
CA GLU D 126 -53.77 -0.38 20.61
C GLU D 126 -53.48 0.71 19.58
N ILE D 127 -54.49 1.08 18.72
CA ILE D 127 -54.53 2.09 17.67
C ILE D 127 -54.36 3.47 18.33
N ASP D 128 -55.17 3.65 19.48
CA ASP D 128 -55.04 4.91 20.21
C ASP D 128 -53.65 5.06 20.80
N SER D 129 -53.03 3.94 21.26
CA SER D 129 -51.71 4.03 21.81
C SER D 129 -50.62 4.38 20.78
N THR D 130 -50.98 4.16 19.48
CA THR D 130 -50.09 4.30 18.41
C THR D 130 -50.26 5.59 17.71
N ASP D 131 -49.17 6.11 17.16
CA ASP D 131 -49.17 7.37 16.50
C ASP D 131 -49.60 7.22 14.99
N ASN D 132 -48.58 7.41 14.09
CA ASN D 132 -48.79 7.21 12.65
C ASN D 132 -48.65 5.76 12.35
N PHE D 133 -49.77 4.96 12.23
CA PHE D 133 -49.70 3.52 12.13
C PHE D 133 -49.38 3.08 10.74
N GLU D 134 -48.26 2.38 10.69
CA GLU D 134 -47.84 1.85 9.42
C GLU D 134 -48.64 0.62 8.92
N GLY D 135 -48.89 -0.37 9.83
CA GLY D 135 -49.69 -1.51 9.49
C GLY D 135 -49.59 -2.73 10.41
N PHE D 136 -50.19 -3.75 9.88
CA PHE D 136 -50.38 -4.97 10.67
C PHE D 136 -49.62 -6.13 10.12
N GLN D 137 -49.21 -7.10 10.98
CA GLN D 137 -48.59 -8.35 10.55
C GLN D 137 -49.40 -9.45 11.21
N LEU D 138 -49.91 -10.43 10.38
CA LEU D 138 -50.78 -11.46 10.93
C LEU D 138 -49.96 -12.76 10.95
N LEU D 139 -49.95 -13.51 12.09
CA LEU D 139 -49.25 -14.77 12.17
C LEU D 139 -50.32 -15.77 12.36
N HIS D 140 -50.29 -16.78 11.40
CA HIS D 140 -51.36 -17.78 11.38
C HIS D 140 -51.05 -18.92 10.46
N SER D 141 -51.98 -19.93 10.41
CA SER D 141 -52.02 -21.10 9.62
C SER D 141 -53.25 -20.99 8.83
N VAL D 142 -53.22 -21.55 7.59
CA VAL D 142 -54.34 -21.47 6.74
C VAL D 142 -55.11 -22.83 6.53
N ALA D 143 -54.57 -23.94 7.09
CA ALA D 143 -55.02 -25.29 7.15
C ALA D 143 -55.97 -25.53 8.32
N GLY D 144 -55.79 -24.75 9.41
CA GLY D 144 -56.55 -24.80 10.65
C GLY D 144 -58.00 -24.29 10.48
N GLY D 145 -58.90 -24.49 11.46
CA GLY D 145 -60.21 -23.87 11.47
C GLY D 145 -60.16 -22.48 12.00
N THR D 146 -59.54 -22.40 13.20
CA THR D 146 -59.39 -21.23 14.08
C THR D 146 -58.40 -20.34 13.45
N GLY D 147 -57.17 -20.84 13.13
CA GLY D 147 -56.14 -19.96 12.72
C GLY D 147 -56.51 -19.21 11.48
N SER D 148 -57.13 -19.96 10.54
CA SER D 148 -57.65 -19.58 9.26
C SER D 148 -58.86 -18.64 9.28
N GLY D 149 -60.03 -19.04 9.83
CA GLY D 149 -61.35 -18.37 9.78
C GLY D 149 -61.46 -17.10 10.58
N LEU D 150 -61.08 -17.11 11.86
CA LEU D 150 -61.08 -15.93 12.71
C LEU D 150 -59.99 -14.92 12.08
N GLY D 151 -58.86 -15.43 11.63
CA GLY D 151 -57.87 -14.61 11.02
C GLY D 151 -58.47 -13.97 9.72
N SER D 152 -59.23 -14.67 8.84
CA SER D 152 -59.86 -14.15 7.64
C SER D 152 -60.93 -13.04 7.91
N ASN D 153 -61.72 -13.22 9.11
CA ASN D 153 -62.79 -12.41 9.53
C ASN D 153 -62.20 -11.04 9.84
N LEU D 154 -61.06 -11.09 10.57
CA LEU D 154 -60.29 -9.94 10.97
C LEU D 154 -59.70 -9.21 9.82
N LEU D 155 -59.18 -9.92 8.84
CA LEU D 155 -58.48 -9.35 7.72
C LEU D 155 -59.39 -8.47 6.92
N GLU D 156 -60.70 -8.89 6.74
CA GLU D 156 -61.81 -8.20 6.13
C GLU D 156 -62.16 -7.00 6.96
N ALA D 157 -62.19 -7.17 8.35
CA ALA D 157 -62.56 -6.08 9.21
C ALA D 157 -61.60 -4.95 9.14
N LEU D 158 -60.27 -5.25 9.13
CA LEU D 158 -59.14 -4.38 8.98
C LEU D 158 -59.20 -3.72 7.63
N CYS D 159 -59.61 -4.38 6.54
CA CYS D 159 -59.71 -3.70 5.27
C CYS D 159 -60.63 -2.56 5.25
N ASP D 160 -61.84 -2.90 5.80
CA ASP D 160 -63.04 -2.04 5.78
C ASP D 160 -62.80 -0.83 6.77
N ARG D 161 -62.35 -1.10 8.07
CA ARG D 161 -62.19 -0.15 9.11
C ARG D 161 -61.12 0.87 8.88
N TYR D 162 -59.90 0.27 8.60
CA TYR D 162 -58.76 1.00 8.22
C TYR D 162 -58.46 0.89 6.71
N PRO D 163 -58.64 1.84 5.83
CA PRO D 163 -58.35 1.71 4.38
C PRO D 163 -57.14 2.49 4.00
N LYS D 164 -56.29 2.92 4.95
CA LYS D 164 -55.06 3.75 4.72
C LYS D 164 -53.77 3.08 5.13
N LYS D 165 -53.85 1.81 5.49
CA LYS D 165 -52.77 1.09 6.14
C LYS D 165 -52.53 -0.23 5.51
N ILE D 166 -51.36 -0.76 5.84
CA ILE D 166 -50.76 -2.01 5.33
C ILE D 166 -51.20 -3.20 6.06
N LEU D 167 -51.46 -4.32 5.35
CA LEU D 167 -51.66 -5.65 5.80
C LEU D 167 -50.64 -6.52 5.12
N THR D 168 -49.86 -7.18 5.99
CA THR D 168 -48.93 -8.22 5.66
C THR D 168 -49.23 -9.50 6.37
N THR D 169 -49.02 -10.69 5.81
CA THR D 169 -49.37 -11.78 6.57
C THR D 169 -48.12 -12.58 6.51
N TYR D 170 -47.97 -13.36 7.53
CA TYR D 170 -47.00 -14.42 7.70
C TYR D 170 -47.87 -15.66 7.68
N SER D 171 -47.91 -16.41 6.57
CA SER D 171 -48.75 -17.52 6.46
C SER D 171 -47.94 -18.79 6.45
N VAL D 172 -48.32 -19.75 7.33
CA VAL D 172 -47.62 -21.00 7.26
C VAL D 172 -48.46 -21.85 6.33
N PHE D 173 -47.85 -22.40 5.28
CA PHE D 173 -48.34 -23.34 4.30
C PHE D 173 -47.93 -24.75 4.59
N PRO D 174 -48.69 -25.82 4.34
CA PRO D 174 -48.25 -27.18 4.56
C PRO D 174 -47.32 -27.52 3.45
N ALA D 175 -46.89 -28.84 3.38
CA ALA D 175 -46.06 -29.40 2.38
C ALA D 175 -46.98 -29.83 1.28
N ARG D 176 -47.49 -31.08 1.28
CA ARG D 176 -48.40 -31.52 0.28
C ARG D 176 -49.25 -32.73 0.59
N SER D 177 -48.89 -33.38 1.69
CA SER D 177 -49.46 -34.54 2.24
C SER D 177 -49.93 -34.26 3.66
N SER D 178 -51.13 -34.84 3.97
CA SER D 178 -51.82 -34.63 5.26
C SER D 178 -52.75 -35.79 5.38
N GLU D 179 -53.33 -35.88 6.58
CA GLU D 179 -54.25 -36.95 6.90
C GLU D 179 -55.71 -36.58 6.74
N VAL D 180 -55.96 -35.22 6.57
CA VAL D 180 -57.22 -34.72 6.54
C VAL D 180 -57.41 -34.41 5.11
N VAL D 181 -58.60 -33.87 4.79
CA VAL D 181 -58.84 -33.53 3.41
C VAL D 181 -59.47 -32.19 3.32
N VAL D 182 -60.03 -31.64 4.45
CA VAL D 182 -60.76 -30.44 4.40
C VAL D 182 -59.93 -29.29 4.26
N GLN D 183 -58.54 -29.49 4.23
CA GLN D 183 -57.56 -28.44 4.04
C GLN D 183 -57.86 -27.57 2.84
N SER D 184 -58.32 -28.18 1.71
CA SER D 184 -58.54 -27.48 0.45
C SER D 184 -59.66 -26.44 0.59
N TYR D 185 -60.75 -26.79 1.34
CA TYR D 185 -61.87 -25.85 1.67
C TYR D 185 -61.38 -24.75 2.52
N ASN D 186 -60.60 -25.12 3.60
CA ASN D 186 -60.09 -23.98 4.47
C ASN D 186 -59.24 -23.03 3.66
N THR D 187 -58.31 -23.52 2.81
CA THR D 187 -57.41 -22.72 2.07
C THR D 187 -58.15 -21.84 1.12
N ILE D 188 -59.12 -22.34 0.41
CA ILE D 188 -59.92 -21.66 -0.59
C ILE D 188 -60.68 -20.53 -0.12
N LEU D 189 -61.42 -20.78 1.00
CA LEU D 189 -62.27 -19.80 1.62
C LEU D 189 -61.47 -18.62 2.15
N ALA D 190 -60.30 -18.95 2.75
CA ALA D 190 -59.43 -17.99 3.22
C ALA D 190 -58.75 -17.17 2.13
N LEU D 191 -58.34 -17.87 1.05
CA LEU D 191 -57.46 -17.39 -0.01
C LEU D 191 -58.10 -16.25 -0.78
N ARG D 192 -59.48 -16.25 -0.84
CA ARG D 192 -60.20 -15.14 -1.42
C ARG D 192 -59.93 -13.82 -0.66
N ARG D 193 -60.01 -13.94 0.72
CA ARG D 193 -59.74 -12.74 1.62
C ARG D 193 -58.28 -12.34 1.50
N LEU D 194 -57.43 -13.39 1.44
CA LEU D 194 -56.01 -13.14 1.41
C LEU D 194 -55.63 -12.43 0.14
N ILE D 195 -56.20 -12.68 -1.07
CA ILE D 195 -55.82 -11.88 -2.22
C ILE D 195 -56.26 -10.46 -2.12
N GLU D 196 -57.62 -10.21 -1.85
CA GLU D 196 -58.19 -8.88 -1.92
C GLU D 196 -57.91 -8.10 -0.71
N ASP D 197 -58.05 -8.65 0.51
CA ASP D 197 -57.84 -7.87 1.72
C ASP D 197 -56.45 -7.72 2.23
N SER D 198 -55.52 -8.51 1.66
CA SER D 198 -54.15 -8.35 2.01
C SER D 198 -53.41 -7.55 1.03
N ASP D 199 -52.17 -7.26 1.42
CA ASP D 199 -51.27 -6.45 0.56
C ASP D 199 -49.97 -7.12 0.31
N ALA D 200 -49.47 -8.05 1.26
CA ALA D 200 -48.24 -8.84 1.10
C ALA D 200 -48.48 -10.10 1.75
N THR D 201 -48.03 -11.26 1.23
CA THR D 201 -48.18 -12.57 1.91
C THR D 201 -46.79 -13.20 1.87
N VAL D 202 -46.27 -13.57 3.10
CA VAL D 202 -45.00 -14.12 3.27
C VAL D 202 -45.40 -15.58 3.30
N VAL D 203 -44.94 -16.37 2.31
CA VAL D 203 -45.26 -17.83 2.25
C VAL D 203 -44.19 -18.51 2.99
N PHE D 204 -44.54 -19.40 3.97
CA PHE D 204 -43.66 -20.37 4.70
C PHE D 204 -44.05 -21.81 4.42
N ASP D 205 -43.29 -22.61 3.64
CA ASP D 205 -43.59 -23.96 3.24
C ASP D 205 -43.01 -24.96 4.25
N ASN D 206 -43.89 -25.80 4.80
CA ASN D 206 -43.65 -26.78 5.86
C ASN D 206 -42.69 -27.84 5.32
N ALA D 207 -42.59 -28.26 4.00
CA ALA D 207 -41.69 -29.26 3.50
C ALA D 207 -40.28 -28.90 3.70
N SER D 208 -39.98 -27.61 3.37
CA SER D 208 -38.71 -26.90 3.49
C SER D 208 -38.34 -26.67 4.91
N LEU D 209 -39.39 -26.29 5.73
CA LEU D 209 -39.33 -26.13 7.16
C LEU D 209 -39.02 -27.41 7.86
N LEU D 210 -39.59 -28.53 7.42
CA LEU D 210 -39.27 -29.79 8.03
C LEU D 210 -37.73 -30.09 7.80
N ASN D 211 -37.17 -29.82 6.53
CA ASN D 211 -35.80 -30.18 6.23
C ASN D 211 -34.75 -29.54 7.08
N ILE D 212 -34.97 -28.27 7.38
CA ILE D 212 -34.14 -27.48 8.30
C ILE D 212 -34.19 -27.98 9.71
N SER D 213 -35.40 -28.32 10.16
CA SER D 213 -35.67 -28.74 11.53
C SER D 213 -34.93 -30.02 11.74
N GLY D 214 -35.07 -30.95 10.76
CA GLY D 214 -34.39 -32.22 10.93
C GLY D 214 -32.90 -32.09 10.90
N LYS D 215 -32.33 -31.42 9.88
CA LYS D 215 -30.93 -31.31 9.62
C LYS D 215 -30.22 -30.42 10.55
N VAL D 216 -30.64 -29.14 10.68
CA VAL D 216 -30.01 -28.08 11.39
C VAL D 216 -30.14 -28.36 12.85
N PHE D 217 -31.35 -28.62 13.36
CA PHE D 217 -31.69 -28.83 14.79
C PHE D 217 -31.24 -30.12 15.39
N ARG D 218 -31.14 -31.23 14.57
CA ARG D 218 -30.66 -32.51 15.01
C ARG D 218 -31.45 -33.04 16.29
N ASN D 219 -32.79 -32.97 16.16
CA ASN D 219 -33.58 -33.44 17.25
C ASN D 219 -34.56 -34.32 16.53
N PRO D 220 -34.41 -35.66 16.62
CA PRO D 220 -35.42 -36.55 16.17
C PRO D 220 -36.62 -36.50 17.09
N ASN D 221 -37.82 -36.43 16.43
CA ASN D 221 -39.15 -36.55 17.04
C ASN D 221 -39.29 -35.11 17.55
N ILE D 222 -39.20 -34.22 16.61
CA ILE D 222 -39.14 -32.80 16.74
C ILE D 222 -40.29 -32.25 17.56
N ASP D 223 -40.06 -31.21 18.40
CA ASP D 223 -40.99 -30.57 19.26
C ASP D 223 -41.33 -29.21 18.60
N LEU D 224 -42.50 -28.69 18.89
CA LEU D 224 -42.94 -27.42 18.37
C LEU D 224 -42.05 -26.33 18.87
N GLN D 225 -41.62 -26.47 20.12
CA GLN D 225 -40.76 -25.51 20.74
C GLN D 225 -39.43 -25.39 20.10
N HIS D 226 -38.78 -26.44 19.62
CA HIS D 226 -37.49 -26.49 18.86
C HIS D 226 -37.60 -25.80 17.52
N THR D 227 -38.74 -26.15 16.81
CA THR D 227 -39.05 -25.63 15.53
C THR D 227 -39.37 -24.19 15.60
N ASN D 228 -40.01 -23.66 16.66
CA ASN D 228 -40.32 -22.24 16.84
C ASN D 228 -39.03 -21.39 16.91
N GLN D 229 -37.89 -21.97 17.42
CA GLN D 229 -36.65 -21.27 17.57
C GLN D 229 -36.16 -20.81 16.19
N LEU D 230 -36.34 -21.73 15.18
CA LEU D 230 -35.97 -21.40 13.78
C LEU D 230 -36.85 -20.28 13.24
N ILE D 231 -38.10 -20.40 13.50
CA ILE D 231 -39.10 -19.50 12.92
C ILE D 231 -38.89 -18.08 13.38
N SER D 232 -38.64 -17.82 14.71
CA SER D 232 -38.40 -16.59 15.39
C SER D 232 -37.14 -15.84 15.01
N THR D 233 -36.07 -16.63 14.73
CA THR D 233 -34.83 -16.19 14.16
C THR D 233 -35.12 -15.67 12.78
N ILE D 234 -35.97 -16.45 12.03
CA ILE D 234 -36.29 -16.01 10.66
C ILE D 234 -37.05 -14.75 10.75
N ILE D 235 -38.09 -14.65 11.60
CA ILE D 235 -39.07 -13.49 11.71
C ILE D 235 -38.27 -12.26 12.13
N SER D 236 -37.33 -12.39 13.09
CA SER D 236 -36.47 -11.45 13.69
C SER D 236 -35.46 -10.90 12.68
N SER D 237 -34.90 -11.71 11.78
CA SER D 237 -33.87 -11.37 10.79
C SER D 237 -34.25 -10.42 9.72
N VAL D 238 -35.48 -10.51 9.24
CA VAL D 238 -36.01 -9.56 8.22
C VAL D 238 -36.11 -8.21 8.78
N THR D 239 -36.28 -8.08 10.11
CA THR D 239 -36.41 -6.88 10.90
C THR D 239 -35.12 -6.22 11.18
N ASN D 240 -33.93 -6.82 10.94
CA ASN D 240 -32.63 -6.31 11.13
C ASN D 240 -32.50 -4.93 10.52
N SER D 241 -33.03 -4.72 9.31
CA SER D 241 -33.03 -3.46 8.58
C SER D 241 -33.92 -2.38 9.14
N ILE D 242 -35.01 -2.70 9.94
CA ILE D 242 -35.90 -1.69 10.58
C ILE D 242 -35.20 -1.06 11.77
N ARG D 243 -34.54 -1.98 12.52
CA ARG D 243 -33.75 -1.57 13.69
C ARG D 243 -32.42 -0.97 13.52
N PHE D 244 -31.97 -1.10 12.27
CA PHE D 244 -30.98 -0.16 11.86
C PHE D 244 -31.45 0.63 10.70
N PRO D 245 -31.91 1.86 10.93
CA PRO D 245 -32.37 2.72 9.93
C PRO D 245 -31.12 3.58 9.59
N SER D 246 -30.59 3.35 8.38
CA SER D 246 -29.42 3.99 7.84
C SER D 246 -29.76 4.31 6.41
N TYR D 247 -30.88 3.71 5.83
CA TYR D 247 -31.38 4.03 4.56
C TYR D 247 -32.79 4.43 4.89
N MET D 248 -33.52 5.07 3.95
CA MET D 248 -34.90 5.53 4.27
C MET D 248 -35.85 4.51 3.68
N TYR D 249 -35.25 3.46 3.03
CA TYR D 249 -35.93 2.35 2.56
C TYR D 249 -35.71 1.15 3.46
N SER D 250 -35.19 1.41 4.71
CA SER D 250 -35.03 0.60 5.89
C SER D 250 -36.41 0.39 6.51
N SER D 251 -37.25 1.42 6.35
CA SER D 251 -38.69 1.28 6.61
C SER D 251 -39.43 0.22 5.73
N MET D 252 -40.37 -0.48 6.39
CA MET D 252 -41.13 -1.57 5.83
C MET D 252 -41.96 -1.09 4.64
N SER D 253 -42.66 0.01 4.79
CA SER D 253 -43.62 0.52 3.83
C SER D 253 -42.88 0.89 2.56
N SER D 254 -41.72 1.56 2.67
CA SER D 254 -40.98 2.05 1.55
C SER D 254 -40.38 0.96 0.75
N ILE D 255 -39.98 -0.14 1.39
CA ILE D 255 -39.45 -1.28 0.77
C ILE D 255 -40.46 -1.94 -0.04
N TYR D 256 -41.71 -2.09 0.51
CA TYR D 256 -42.84 -2.73 -0.27
C TYR D 256 -43.34 -1.90 -1.42
N SER D 257 -43.43 -0.56 -1.35
CA SER D 257 -43.80 0.26 -2.54
C SER D 257 -42.85 0.20 -3.76
N THR D 258 -41.56 0.24 -3.42
CA THR D 258 -40.51 0.10 -4.43
C THR D 258 -40.39 -1.28 -5.12
N LEU D 259 -40.47 -2.35 -4.29
CA LEU D 259 -40.28 -3.73 -4.72
C LEU D 259 -41.35 -4.27 -5.52
N ILE D 260 -42.62 -3.94 -5.22
CA ILE D 260 -43.79 -4.61 -5.80
C ILE D 260 -44.45 -3.61 -6.76
N PRO D 261 -44.63 -3.93 -8.02
CA PRO D 261 -45.19 -2.93 -8.94
C PRO D 261 -46.66 -2.99 -8.98
N SER D 262 -47.28 -4.06 -8.61
CA SER D 262 -48.76 -4.14 -8.62
C SER D 262 -49.08 -5.05 -7.55
N PRO D 263 -50.26 -4.97 -6.92
CA PRO D 263 -50.68 -5.76 -5.73
C PRO D 263 -51.25 -6.97 -6.30
N GLU D 264 -51.15 -7.30 -7.67
CA GLU D 264 -51.52 -8.55 -8.42
C GLU D 264 -50.59 -9.66 -7.95
N LEU D 265 -49.28 -9.23 -7.97
CA LEU D 265 -48.24 -10.04 -7.45
C LEU D 265 -47.91 -9.55 -6.01
N HIS D 266 -47.87 -10.42 -4.98
CA HIS D 266 -47.53 -9.93 -3.69
C HIS D 266 -47.00 -11.09 -2.91
N PHE D 267 -46.71 -12.21 -3.59
CA PHE D 267 -46.28 -13.37 -2.95
C PHE D 267 -44.81 -13.34 -2.77
N LEU D 268 -44.34 -13.41 -1.52
CA LEU D 268 -42.96 -13.37 -1.29
C LEU D 268 -42.59 -14.73 -0.89
N SER D 269 -41.31 -15.06 -1.17
CA SER D 269 -40.61 -16.18 -0.68
C SER D 269 -39.42 -15.58 0.07
N PRO D 270 -39.06 -16.08 1.19
CA PRO D 270 -37.80 -15.75 1.82
C PRO D 270 -36.81 -16.88 1.55
N SER D 271 -35.50 -16.55 1.71
CA SER D 271 -34.45 -17.48 1.85
C SER D 271 -33.54 -16.86 2.84
N PHE D 272 -32.79 -17.73 3.55
CA PHE D 272 -32.05 -17.25 4.75
C PHE D 272 -30.81 -18.08 4.89
N THR D 273 -29.79 -17.37 5.49
CA THR D 273 -28.56 -18.06 5.79
C THR D 273 -27.90 -17.27 6.96
N PRO D 274 -27.25 -17.91 7.94
CA PRO D 274 -27.24 -19.34 8.14
C PRO D 274 -28.33 -19.59 9.04
N PHE D 275 -28.14 -20.58 9.95
CA PHE D 275 -29.02 -21.08 10.95
C PHE D 275 -28.32 -21.56 12.20
N THR D 276 -27.05 -21.17 12.36
CA THR D 276 -26.37 -21.50 13.58
C THR D 276 -26.53 -20.35 14.60
N SER D 277 -27.61 -20.48 15.43
CA SER D 277 -27.94 -19.50 16.36
C SER D 277 -29.07 -19.99 17.19
N ASP D 278 -29.41 -21.24 16.99
CA ASP D 278 -30.51 -21.89 17.69
C ASP D 278 -30.08 -23.21 18.03
N TYR D 279 -29.00 -23.76 17.42
CA TYR D 279 -28.55 -25.08 17.73
C TYR D 279 -27.21 -25.20 17.08
N ILE D 280 -26.32 -24.41 17.69
CA ILE D 280 -25.07 -24.14 17.10
C ILE D 280 -24.05 -25.25 16.86
N HIS D 281 -23.10 -25.02 15.93
CA HIS D 281 -21.98 -25.94 15.69
C HIS D 281 -20.95 -25.03 15.14
N ASP D 282 -21.27 -23.72 14.97
CA ASP D 282 -20.40 -22.77 14.29
C ASP D 282 -20.81 -21.52 14.99
N ASP D 283 -19.89 -20.53 15.07
CA ASP D 283 -20.15 -19.31 15.81
C ASP D 283 -19.60 -18.18 15.04
N ILE D 284 -18.64 -18.36 14.09
CA ILE D 284 -18.16 -17.27 13.30
C ILE D 284 -17.80 -17.95 12.00
N ALA D 285 -17.35 -17.06 11.05
CA ALA D 285 -17.11 -17.35 9.69
C ALA D 285 -15.71 -16.88 9.28
N HIS D 286 -15.24 -17.46 8.11
CA HIS D 286 -13.98 -17.13 7.44
C HIS D 286 -14.27 -17.68 6.04
N LYS D 287 -15.58 -18.00 5.75
CA LYS D 287 -16.13 -18.34 4.48
C LYS D 287 -16.72 -17.03 3.96
N CYS D 288 -16.17 -16.53 2.84
CA CYS D 288 -16.49 -15.29 2.19
C CYS D 288 -17.93 -14.86 1.81
N HIS D 289 -18.00 -13.61 1.24
CA HIS D 289 -19.22 -12.93 0.74
C HIS D 289 -19.81 -13.75 -0.37
N SER D 290 -18.95 -14.31 -1.20
CA SER D 290 -19.38 -15.24 -2.20
C SER D 290 -19.99 -16.48 -1.65
N SER D 291 -19.40 -17.05 -0.54
CA SER D 291 -19.97 -18.29 0.12
C SER D 291 -21.34 -18.12 0.69
N TYR D 292 -21.50 -16.89 1.34
CA TYR D 292 -22.71 -16.32 1.92
C TYR D 292 -23.78 -16.13 0.73
N ASP D 293 -23.43 -15.53 -0.42
CA ASP D 293 -24.33 -15.22 -1.56
C ASP D 293 -24.95 -16.51 -2.20
N VAL D 294 -24.02 -17.52 -2.31
CA VAL D 294 -24.28 -18.84 -2.83
C VAL D 294 -25.25 -19.54 -1.92
N MET D 295 -25.14 -19.40 -0.59
CA MET D 295 -26.08 -20.11 0.31
C MET D 295 -27.47 -19.68 0.20
N LEU D 296 -27.78 -18.34 -0.10
CA LEU D 296 -29.16 -17.87 -0.30
C LEU D 296 -29.86 -18.51 -1.47
N ASP D 297 -29.10 -18.88 -2.54
CA ASP D 297 -29.64 -19.49 -3.70
C ASP D 297 -30.13 -20.94 -3.50
N LEU D 298 -29.52 -21.68 -2.65
CA LEU D 298 -29.70 -23.14 -2.37
C LEU D 298 -31.13 -23.37 -1.73
N LEU D 299 -31.85 -24.51 -1.98
CA LEU D 299 -33.18 -24.84 -1.62
C LEU D 299 -33.42 -25.20 -0.18
N ASP D 300 -32.53 -25.84 0.63
CA ASP D 300 -32.72 -26.05 2.00
C ASP D 300 -32.59 -24.73 2.78
N PRO D 301 -31.59 -23.77 2.47
CA PRO D 301 -31.53 -22.47 3.15
C PRO D 301 -32.84 -21.77 2.88
N SER D 302 -33.54 -22.12 1.78
CA SER D 302 -34.76 -21.44 1.42
C SER D 302 -35.92 -21.98 2.19
N ASN D 303 -37.08 -21.26 2.39
CA ASN D 303 -37.95 -21.78 3.44
C ASN D 303 -39.20 -22.03 2.76
N SER D 304 -39.23 -21.89 1.38
CA SER D 304 -40.30 -22.16 0.58
C SER D 304 -39.82 -22.96 -0.63
N LEU D 305 -40.76 -23.69 -1.21
CA LEU D 305 -40.45 -24.64 -2.30
C LEU D 305 -40.39 -23.94 -3.64
N VAL D 306 -39.27 -24.33 -4.40
CA VAL D 306 -39.02 -23.80 -5.68
C VAL D 306 -38.96 -25.08 -6.50
N SER D 307 -39.74 -25.08 -7.59
CA SER D 307 -40.01 -26.22 -8.37
C SER D 307 -38.77 -26.67 -9.08
N THR D 308 -38.45 -27.99 -9.01
CA THR D 308 -37.36 -28.59 -9.72
C THR D 308 -37.44 -28.49 -11.27
N ALA D 309 -36.28 -28.56 -11.90
CA ALA D 309 -36.03 -28.17 -13.28
C ALA D 309 -36.65 -29.28 -14.13
N MET D 310 -37.42 -28.90 -15.18
CA MET D 310 -37.79 -27.53 -15.51
C MET D 310 -38.99 -27.67 -16.41
N ASN D 311 -39.59 -26.53 -16.73
CA ASN D 311 -40.63 -26.41 -17.71
C ASN D 311 -40.31 -25.10 -18.34
N ASN D 312 -39.65 -24.19 -17.66
CA ASN D 312 -39.34 -22.81 -18.14
C ASN D 312 -38.67 -22.25 -16.92
N PRO D 313 -37.47 -21.51 -17.04
CA PRO D 313 -36.79 -20.83 -15.90
C PRO D 313 -37.74 -20.02 -15.06
N THR D 314 -37.55 -20.13 -13.75
CA THR D 314 -38.45 -19.59 -12.73
C THR D 314 -38.35 -18.05 -12.71
N TYR D 315 -39.43 -17.37 -13.12
CA TYR D 315 -39.31 -15.93 -13.36
C TYR D 315 -39.44 -15.23 -12.04
N PHE D 316 -38.36 -14.46 -11.74
CA PHE D 316 -38.30 -13.71 -10.56
C PHE D 316 -38.84 -12.30 -10.88
N ASN D 317 -39.84 -11.76 -10.09
CA ASN D 317 -40.36 -10.44 -10.23
C ASN D 317 -39.49 -9.34 -9.61
N VAL D 318 -38.97 -9.58 -8.39
CA VAL D 318 -38.13 -8.71 -7.64
C VAL D 318 -37.34 -9.51 -6.62
N TYR D 319 -36.15 -8.99 -6.21
CA TYR D 319 -35.23 -9.64 -5.30
C TYR D 319 -34.70 -8.53 -4.39
N ASN D 320 -34.66 -8.86 -3.13
CA ASN D 320 -34.02 -8.03 -2.11
C ASN D 320 -33.14 -8.89 -1.26
N THR D 321 -31.91 -8.44 -1.05
CA THR D 321 -30.94 -9.10 -0.19
C THR D 321 -30.67 -8.03 0.83
N ILE D 322 -30.80 -8.56 2.09
CA ILE D 322 -30.67 -7.87 3.33
C ILE D 322 -29.46 -8.46 3.84
N ILE D 323 -28.38 -7.61 4.00
CA ILE D 323 -27.14 -8.09 4.39
C ILE D 323 -26.82 -7.64 5.88
N GLY D 324 -26.35 -8.62 6.71
CA GLY D 324 -25.72 -8.26 7.97
C GLY D 324 -24.36 -8.81 7.95
N ASN D 325 -23.28 -8.00 8.20
CA ASN D 325 -21.93 -8.42 8.29
C ASN D 325 -21.12 -7.46 9.14
N VAL D 326 -19.86 -7.85 9.40
CA VAL D 326 -18.98 -7.18 10.17
C VAL D 326 -17.69 -7.24 9.41
N GLU D 327 -17.60 -8.27 8.53
CA GLU D 327 -16.59 -8.46 7.51
C GLU D 327 -16.55 -7.32 6.48
N PRO D 328 -15.34 -6.95 5.91
CA PRO D 328 -15.17 -5.83 5.03
C PRO D 328 -16.32 -5.51 4.06
N ARG D 329 -16.94 -4.29 4.30
CA ARG D 329 -18.07 -3.87 3.49
C ARG D 329 -17.74 -3.68 2.01
N GLN D 330 -16.55 -3.15 1.70
CA GLN D 330 -16.18 -2.90 0.31
C GLN D 330 -16.05 -4.13 -0.47
N ILE D 331 -15.51 -5.25 0.13
CA ILE D 331 -15.40 -6.51 -0.51
C ILE D 331 -16.81 -7.06 -0.81
N SER D 332 -17.82 -6.98 0.14
CA SER D 332 -19.16 -7.53 0.00
C SER D 332 -19.87 -6.76 -1.14
N ARG D 333 -19.59 -5.40 -1.23
CA ARG D 333 -20.12 -4.55 -2.28
C ARG D 333 -19.59 -4.98 -3.65
N ALA D 334 -18.28 -5.29 -3.75
CA ALA D 334 -17.60 -5.66 -5.00
C ALA D 334 -18.12 -6.93 -5.51
N MET D 335 -18.35 -7.81 -4.52
CA MET D 335 -18.97 -9.12 -4.72
C MET D 335 -20.33 -8.95 -5.24
N THR D 336 -21.07 -8.01 -4.68
CA THR D 336 -22.44 -7.68 -5.06
C THR D 336 -22.52 -7.17 -6.43
N LYS D 337 -21.54 -6.36 -6.95
CA LYS D 337 -21.66 -5.91 -8.39
C LYS D 337 -21.61 -7.10 -9.27
N LEU D 338 -20.72 -8.09 -8.94
CA LEU D 338 -20.60 -9.28 -9.68
C LEU D 338 -21.77 -10.20 -9.63
N GLN D 339 -22.37 -10.25 -8.46
CA GLN D 339 -23.52 -11.04 -8.20
C GLN D 339 -24.66 -10.56 -9.15
N GLN D 340 -24.81 -9.22 -9.29
CA GLN D 340 -25.86 -8.75 -10.19
C GLN D 340 -25.62 -9.05 -11.69
N ARG D 341 -24.38 -8.90 -12.20
CA ARG D 341 -23.98 -9.13 -13.57
C ARG D 341 -24.14 -10.57 -14.09
N ILE D 342 -23.78 -11.56 -13.20
CA ILE D 342 -23.77 -12.98 -13.49
C ILE D 342 -25.20 -13.47 -13.77
N LYS D 343 -26.29 -12.87 -13.13
CA LYS D 343 -27.73 -13.09 -13.26
C LYS D 343 -28.04 -14.41 -12.67
N PHE D 344 -27.93 -14.53 -11.33
CA PHE D 344 -28.42 -15.72 -10.60
C PHE D 344 -29.91 -16.00 -10.78
N PRO D 345 -30.86 -14.98 -10.68
CA PRO D 345 -32.22 -15.10 -11.01
C PRO D 345 -32.43 -15.27 -12.55
N SER D 346 -33.65 -15.21 -13.05
CA SER D 346 -33.93 -15.29 -14.40
C SER D 346 -35.02 -14.24 -14.62
N TRP D 347 -35.18 -13.77 -15.93
CA TRP D 347 -35.91 -12.53 -16.12
C TRP D 347 -36.73 -12.53 -17.35
N SER D 348 -37.70 -11.58 -17.36
CA SER D 348 -38.62 -11.34 -18.46
C SER D 348 -38.10 -10.12 -19.17
N SER D 349 -38.76 -9.86 -20.28
CA SER D 349 -38.44 -8.76 -21.20
C SER D 349 -38.95 -7.45 -20.57
N SER D 350 -40.11 -7.53 -19.97
CA SER D 350 -40.74 -6.39 -19.33
C SER D 350 -39.90 -5.88 -18.17
N ALA D 351 -39.56 -6.67 -17.20
CA ALA D 351 -38.79 -6.36 -16.00
C ALA D 351 -37.66 -7.29 -15.87
N MET D 352 -36.42 -6.75 -15.74
CA MET D 352 -35.19 -7.54 -15.71
C MET D 352 -34.17 -6.68 -14.92
N HIS D 353 -33.33 -7.37 -14.18
CA HIS D 353 -32.30 -6.91 -13.28
C HIS D 353 -32.90 -5.83 -12.26
N VAL D 354 -34.00 -6.22 -11.65
CA VAL D 354 -34.55 -5.32 -10.66
C VAL D 354 -34.39 -6.09 -9.43
N ASN D 355 -33.12 -6.04 -8.89
CA ASN D 355 -32.61 -6.72 -7.72
C ASN D 355 -31.85 -5.64 -6.98
N ILE D 356 -32.24 -5.51 -5.66
CA ILE D 356 -31.85 -4.43 -4.88
C ILE D 356 -31.20 -4.92 -3.60
N GLY D 357 -30.34 -4.05 -2.95
CA GLY D 357 -29.70 -4.47 -1.77
C GLY D 357 -29.67 -3.40 -0.65
N ARG D 358 -29.78 -3.96 0.64
CA ARG D 358 -29.76 -3.11 1.80
C ARG D 358 -28.67 -3.75 2.59
N ARG D 359 -27.82 -2.94 3.32
CA ARG D 359 -26.78 -3.41 4.21
C ARG D 359 -27.03 -2.94 5.59
N SER D 360 -26.81 -3.74 6.62
CA SER D 360 -27.13 -3.29 7.97
C SER D 360 -26.09 -3.89 8.90
N PRO D 361 -25.72 -3.33 10.08
CA PRO D 361 -24.79 -3.87 11.05
C PRO D 361 -25.58 -4.83 11.92
N TYR D 362 -24.93 -5.52 12.85
CA TYR D 362 -25.53 -6.32 13.93
C TYR D 362 -25.75 -5.43 15.11
N LEU D 363 -26.31 -6.04 16.17
CA LEU D 363 -26.58 -5.43 17.46
C LEU D 363 -26.18 -6.61 18.20
N PRO D 364 -24.92 -6.81 18.59
CA PRO D 364 -24.56 -7.88 19.51
C PRO D 364 -24.67 -7.32 20.89
N LEU D 365 -24.41 -8.22 21.89
CA LEU D 365 -24.37 -7.93 23.33
C LEU D 365 -24.04 -9.21 23.93
N GLN D 366 -23.99 -10.29 23.10
CA GLN D 366 -23.54 -11.67 23.24
C GLN D 366 -22.14 -11.54 22.73
N PRO D 367 -21.27 -12.52 23.00
CA PRO D 367 -19.94 -12.58 22.47
C PRO D 367 -19.87 -12.37 20.94
N ASN D 368 -18.93 -11.47 20.60
CA ASN D 368 -18.70 -10.86 19.32
C ASN D 368 -18.26 -11.94 18.33
N GLU D 369 -19.07 -12.04 17.25
CA GLU D 369 -18.94 -12.94 16.15
C GLU D 369 -18.32 -12.24 14.97
N ASN D 370 -17.92 -13.09 14.02
CA ASN D 370 -17.32 -12.63 12.79
C ASN D 370 -18.12 -13.41 11.73
N GLU D 371 -19.26 -13.93 12.15
CA GLU D 371 -20.31 -14.57 11.34
C GLU D 371 -20.91 -13.56 10.38
N VAL D 372 -21.31 -13.99 9.15
CA VAL D 372 -21.96 -13.15 8.18
C VAL D 372 -23.27 -13.76 7.94
N SER D 373 -24.38 -13.01 7.71
CA SER D 373 -25.70 -13.54 7.53
C SER D 373 -26.31 -12.71 6.49
N GLY D 374 -27.50 -13.15 5.99
CA GLY D 374 -28.37 -12.36 5.18
C GLY D 374 -29.67 -13.03 5.17
N MET D 375 -30.62 -12.23 4.70
CA MET D 375 -32.01 -12.66 4.51
C MET D 375 -32.21 -12.18 3.09
N MET D 376 -33.10 -12.98 2.32
CA MET D 376 -33.58 -12.71 1.01
C MET D 376 -35.04 -12.56 1.18
N LEU D 377 -35.58 -11.55 0.55
CA LEU D 377 -36.94 -11.33 0.34
C LEU D 377 -37.11 -11.30 -1.13
N SER D 378 -37.95 -12.15 -1.75
CA SER D 378 -38.09 -12.11 -3.18
C SER D 378 -39.43 -12.32 -3.47
N ASN D 379 -39.84 -11.80 -4.61
CA ASN D 379 -41.10 -12.07 -5.18
C ASN D 379 -40.86 -12.92 -6.39
N MET D 380 -41.22 -14.31 -6.33
CA MET D 380 -40.91 -15.24 -7.41
C MET D 380 -42.23 -16.04 -7.81
N SER D 381 -42.34 -16.33 -9.14
CA SER D 381 -43.46 -16.96 -9.88
C SER D 381 -43.67 -18.37 -9.56
N THR D 382 -42.69 -19.11 -8.98
CA THR D 382 -42.82 -20.54 -8.78
C THR D 382 -43.97 -20.92 -7.82
N VAL D 383 -44.40 -19.89 -6.94
CA VAL D 383 -45.47 -19.97 -5.98
C VAL D 383 -46.76 -20.37 -6.62
N VAL D 384 -46.98 -20.08 -7.97
CA VAL D 384 -48.15 -20.48 -8.67
C VAL D 384 -48.46 -21.98 -8.68
N ASN D 385 -47.37 -22.79 -8.60
CA ASN D 385 -47.57 -24.20 -8.45
C ASN D 385 -48.34 -24.55 -7.27
N VAL D 386 -48.13 -23.80 -6.19
CA VAL D 386 -48.81 -24.04 -4.95
C VAL D 386 -50.28 -23.85 -5.16
N PHE D 387 -50.65 -22.74 -5.93
CA PHE D 387 -52.04 -22.39 -6.22
C PHE D 387 -52.76 -23.41 -7.08
N GLU D 388 -52.09 -24.03 -8.04
CA GLU D 388 -52.62 -25.09 -8.83
C GLU D 388 -52.98 -26.30 -8.17
N ASN D 389 -52.07 -26.66 -7.23
CA ASN D 389 -52.29 -27.74 -6.34
C ASN D 389 -53.50 -27.43 -5.46
N ALA D 390 -53.68 -26.12 -4.92
CA ALA D 390 -54.84 -25.88 -4.07
C ALA D 390 -56.22 -26.05 -4.80
N CYS D 391 -56.29 -25.57 -6.07
CA CYS D 391 -57.39 -25.68 -6.97
C CYS D 391 -57.73 -27.14 -7.28
N ASN D 392 -56.65 -28.00 -7.53
CA ASN D 392 -56.80 -29.42 -7.80
C ASN D 392 -57.38 -30.22 -6.63
N THR D 393 -56.87 -29.91 -5.36
CA THR D 393 -57.37 -30.48 -4.16
C THR D 393 -58.81 -30.08 -3.86
N PHE D 394 -59.20 -28.78 -4.13
CA PHE D 394 -60.48 -28.20 -3.93
C PHE D 394 -61.46 -28.91 -4.75
N ASP D 395 -61.09 -29.19 -6.04
CA ASP D 395 -61.98 -29.96 -6.93
C ASP D 395 -62.25 -31.39 -6.44
N LYS D 396 -61.18 -32.03 -5.89
CA LYS D 396 -61.45 -33.34 -5.35
C LYS D 396 -62.48 -33.35 -4.15
N VAL D 397 -62.37 -32.47 -3.15
CA VAL D 397 -63.26 -32.43 -2.01
C VAL D 397 -64.64 -32.09 -2.42
N PHE D 398 -64.82 -31.16 -3.41
CA PHE D 398 -65.97 -30.64 -3.99
C PHE D 398 -66.77 -31.66 -4.74
N ALA D 399 -66.08 -32.51 -5.54
CA ALA D 399 -66.64 -33.61 -6.29
C ALA D 399 -67.20 -34.58 -5.32
N LYS D 400 -66.53 -34.88 -4.16
CA LYS D 400 -67.06 -35.88 -3.27
C LYS D 400 -68.32 -35.53 -2.62
N GLY D 401 -68.49 -34.23 -2.32
CA GLY D 401 -69.72 -33.72 -1.72
C GLY D 401 -69.71 -34.06 -0.24
N ALA D 402 -68.66 -33.49 0.40
CA ALA D 402 -68.21 -33.76 1.70
C ALA D 402 -68.59 -32.52 2.51
N PHE D 403 -69.45 -32.67 3.57
CA PHE D 403 -69.81 -31.74 4.58
C PHE D 403 -70.03 -30.32 4.00
N LEU D 404 -71.13 -30.21 3.25
CA LEU D 404 -71.73 -28.99 2.87
C LEU D 404 -72.54 -28.34 3.91
N ASN D 405 -73.11 -29.05 4.93
CA ASN D 405 -74.08 -28.61 5.92
C ASN D 405 -73.74 -27.37 6.76
N ASN D 406 -72.58 -27.17 7.37
CA ASN D 406 -72.20 -26.05 8.18
C ASN D 406 -72.16 -24.81 7.37
N TYR D 407 -71.73 -24.87 6.08
CA TYR D 407 -71.64 -23.89 5.04
C TYR D 407 -72.98 -23.37 4.59
N ASN D 408 -73.97 -24.28 4.45
CA ASN D 408 -75.27 -24.01 3.95
C ASN D 408 -76.09 -23.00 4.75
N VAL D 409 -75.87 -22.99 6.05
CA VAL D 409 -76.55 -22.14 7.02
C VAL D 409 -76.29 -20.67 6.62
N GLY D 410 -75.08 -20.54 6.10
CA GLY D 410 -74.55 -19.34 5.61
C GLY D 410 -75.07 -18.91 4.31
N ASP D 411 -75.39 -17.58 4.27
CA ASP D 411 -76.09 -16.89 3.20
C ASP D 411 -75.34 -16.86 1.83
N LEU D 412 -74.02 -16.72 1.85
CA LEU D 412 -72.97 -16.69 0.80
C LEU D 412 -73.02 -18.00 0.06
N PHE D 413 -73.23 -19.13 0.80
CA PHE D 413 -73.00 -20.39 0.21
C PHE D 413 -74.29 -21.23 0.01
N GLN D 414 -75.44 -20.64 -0.20
CA GLN D 414 -76.72 -21.34 -0.34
C GLN D 414 -76.77 -22.03 -1.65
N SER D 415 -76.38 -21.28 -2.73
CA SER D 415 -76.46 -21.82 -4.07
C SER D 415 -75.13 -22.42 -4.37
N MET D 416 -74.75 -23.45 -3.55
CA MET D 416 -73.48 -24.06 -3.51
C MET D 416 -72.45 -23.03 -2.99
N GLN D 417 -71.18 -23.46 -2.95
CA GLN D 417 -70.10 -22.74 -2.31
C GLN D 417 -69.58 -21.64 -3.26
N ASN D 418 -70.35 -20.50 -3.31
CA ASN D 418 -70.22 -19.51 -4.35
C ASN D 418 -68.92 -18.83 -4.23
N VAL D 419 -68.54 -18.64 -2.99
CA VAL D 419 -67.33 -17.92 -2.66
C VAL D 419 -66.11 -18.59 -3.32
N GLN D 420 -66.04 -19.94 -3.26
CA GLN D 420 -65.00 -20.72 -3.90
C GLN D 420 -65.02 -20.66 -5.39
N ASP D 421 -66.22 -20.69 -6.05
CA ASP D 421 -66.31 -20.60 -7.43
C ASP D 421 -65.78 -19.32 -7.97
N GLU D 422 -66.17 -18.22 -7.25
CA GLU D 422 -65.78 -16.89 -7.59
C GLU D 422 -64.21 -16.72 -7.46
N PHE D 423 -63.60 -17.25 -6.43
CA PHE D 423 -62.15 -17.31 -6.29
C PHE D 423 -61.47 -18.17 -7.37
N ALA D 424 -61.99 -19.38 -7.76
CA ALA D 424 -61.36 -20.31 -8.75
C ALA D 424 -61.19 -19.62 -10.05
N GLU D 425 -62.21 -18.85 -10.42
CA GLU D 425 -62.18 -17.91 -11.59
C GLU D 425 -61.25 -16.70 -11.42
N SER D 426 -61.20 -16.04 -10.24
CA SER D 426 -60.33 -14.94 -10.00
C SER D 426 -58.85 -15.24 -10.08
N ARG D 427 -58.37 -16.37 -9.50
CA ARG D 427 -57.01 -16.88 -9.41
C ARG D 427 -56.39 -17.23 -10.77
N GLU D 428 -57.24 -17.85 -11.76
CA GLU D 428 -56.75 -18.12 -13.08
C GLU D 428 -56.40 -16.87 -13.86
N VAL D 429 -57.14 -15.76 -13.72
CA VAL D 429 -56.85 -14.48 -14.31
C VAL D 429 -55.50 -13.91 -13.77
N VAL D 430 -55.19 -13.99 -12.42
CA VAL D 430 -53.90 -13.58 -11.90
C VAL D 430 -52.77 -14.45 -12.47
N GLN D 431 -52.87 -15.83 -12.56
CA GLN D 431 -51.89 -16.77 -13.06
C GLN D 431 -51.56 -16.48 -14.49
N SER D 432 -52.62 -16.17 -15.36
CA SER D 432 -52.46 -15.85 -16.69
C SER D 432 -51.71 -14.61 -16.75
N LEU D 433 -51.97 -13.64 -15.87
CA LEU D 433 -51.36 -12.29 -15.90
C LEU D 433 -49.86 -12.42 -15.64
N MET D 434 -49.42 -13.26 -14.71
CA MET D 434 -48.05 -13.49 -14.36
C MET D 434 -47.29 -14.05 -15.50
N GLU D 435 -47.96 -14.96 -16.31
CA GLU D 435 -47.36 -15.42 -17.53
C GLU D 435 -47.20 -14.32 -18.56
N ASP D 436 -48.20 -13.41 -18.63
CA ASP D 436 -48.15 -12.33 -19.56
C ASP D 436 -46.99 -11.36 -19.28
N TYR D 437 -46.58 -11.16 -18.01
CA TYR D 437 -45.40 -10.25 -17.68
C TYR D 437 -44.16 -10.83 -18.34
N VAL D 438 -44.05 -12.17 -18.56
CA VAL D 438 -42.93 -12.83 -19.16
C VAL D 438 -42.80 -12.41 -20.55
N ALA D 439 -43.92 -12.02 -21.19
CA ALA D 439 -43.90 -11.43 -22.51
C ALA D 439 -43.98 -9.97 -22.49
N ALA D 440 -43.23 -9.28 -23.37
CA ALA D 440 -43.18 -7.80 -23.45
C ALA D 440 -44.49 -7.24 -23.80
N GLU D 441 -45.24 -8.02 -24.60
CA GLU D 441 -46.39 -7.70 -25.39
C GLU D 441 -47.47 -7.25 -24.48
N GLN D 442 -47.39 -7.50 -23.18
CA GLN D 442 -48.32 -7.19 -22.07
C GLN D 442 -48.63 -5.71 -22.15
N ASP D 443 -47.49 -4.97 -22.34
CA ASP D 443 -47.41 -3.57 -22.57
C ASP D 443 -46.98 -3.47 -23.96
N SER D 444 -47.99 -3.07 -24.74
CA SER D 444 -47.96 -2.94 -26.12
C SER D 444 -47.45 -1.56 -26.51
N TYR D 445 -47.72 -0.53 -25.73
CA TYR D 445 -47.27 0.86 -25.94
C TYR D 445 -47.33 1.42 -24.56
N UNK E 1 31.48 49.60 4.58
CA UNK E 1 32.39 48.40 4.79
C UNK E 1 33.36 48.32 3.67
N UNK E 2 33.28 47.38 2.75
CA UNK E 2 34.16 47.18 1.57
C UNK E 2 33.91 48.38 0.70
N UNK E 3 32.65 48.88 0.58
CA UNK E 3 32.39 49.98 -0.24
C UNK E 3 33.07 51.23 0.23
N UNK E 4 33.09 51.50 1.58
CA UNK E 4 33.74 52.66 2.15
C UNK E 4 35.22 52.66 1.99
N UNK E 5 35.87 51.54 2.12
CA UNK E 5 37.31 51.51 1.84
C UNK E 5 37.64 51.85 0.37
N UNK E 6 36.86 51.31 -0.61
CA UNK E 6 37.13 51.57 -1.99
C UNK E 6 37.03 53.03 -2.42
N UNK E 7 36.01 53.77 -1.91
CA UNK E 7 35.69 55.15 -2.06
C UNK E 7 36.82 55.99 -1.52
N UNK E 8 37.43 55.56 -0.37
CA UNK E 8 38.62 56.05 0.25
C UNK E 8 39.76 55.88 -0.68
N UNK E 9 39.95 54.74 -1.38
CA UNK E 9 41.05 54.48 -2.28
C UNK E 9 40.98 55.41 -3.43
N UNK E 10 39.82 55.72 -4.04
CA UNK E 10 39.68 56.55 -5.20
C UNK E 10 40.16 57.91 -4.82
N UNK E 11 39.71 58.38 -3.66
CA UNK E 11 39.94 59.76 -3.05
C UNK E 11 41.36 59.82 -2.86
N UNK E 12 41.97 58.75 -2.35
CA UNK E 12 43.39 58.61 -2.04
C UNK E 12 44.23 58.64 -3.25
N UNK E 13 43.97 57.89 -4.36
CA UNK E 13 44.86 57.90 -5.56
C UNK E 13 44.88 59.22 -6.09
N UNK E 14 43.69 59.96 -6.10
CA UNK E 14 43.76 61.33 -6.47
C UNK E 14 44.64 62.23 -5.53
N UNK E 15 44.57 61.94 -4.17
CA UNK E 15 45.33 62.67 -3.22
C UNK E 15 46.77 62.58 -3.44
N UNK E 16 47.27 61.40 -3.76
CA UNK E 16 48.68 61.07 -3.97
C UNK E 16 49.32 61.89 -5.13
N UNK E 17 48.51 62.00 -6.18
CA UNK E 17 48.93 62.77 -7.31
C UNK E 17 49.08 64.29 -7.04
N UNK E 18 48.09 64.89 -6.34
CA UNK E 18 48.11 66.31 -5.90
C UNK E 18 49.27 66.48 -4.98
N UNK E 19 49.51 65.52 -3.98
CA UNK E 19 50.55 65.45 -2.91
C UNK E 19 51.90 65.32 -3.56
N UNK E 20 52.03 64.58 -4.66
CA UNK E 20 53.22 64.45 -5.47
C UNK E 20 53.56 65.79 -6.10
N UNK E 21 52.59 66.50 -6.64
CA UNK E 21 52.76 67.83 -7.17
C UNK E 21 53.22 68.85 -6.09
N UNK E 22 52.80 68.54 -4.80
CA UNK E 22 53.29 69.37 -3.74
C UNK E 22 54.76 69.33 -3.48
N UNK E 23 55.19 68.06 -3.54
CA UNK E 23 56.58 67.71 -3.37
C UNK E 23 57.44 68.39 -4.48
N UNK E 24 56.92 68.39 -5.73
CA UNK E 24 57.60 69.00 -6.88
C UNK E 24 57.73 70.48 -6.51
N UNK E 25 56.68 71.15 -6.00
CA UNK E 25 56.57 72.63 -5.74
C UNK E 25 57.61 72.95 -4.70
N UNK E 26 57.74 72.07 -3.67
CA UNK E 26 58.61 72.26 -2.58
C UNK E 26 60.05 72.26 -2.98
N UNK E 27 60.51 71.14 -3.75
CA UNK E 27 61.91 70.80 -4.14
C UNK E 27 62.37 71.80 -5.16
N UNK E 28 61.49 72.41 -5.96
CA UNK E 28 61.75 73.43 -6.91
C UNK E 28 62.25 74.73 -6.35
N UNK E 29 61.81 75.05 -5.04
CA UNK E 29 62.16 76.25 -4.25
C UNK E 29 63.57 76.19 -3.97
N UNK E 30 64.09 74.94 -3.61
CA UNK E 30 65.44 74.64 -3.26
C UNK E 30 66.40 74.90 -4.37
N UNK E 31 65.92 74.59 -5.63
CA UNK E 31 66.82 74.82 -6.75
C UNK E 31 67.01 76.28 -6.99
N UNK E 32 65.95 77.09 -6.84
CA UNK E 32 66.04 78.57 -6.93
C UNK E 32 66.87 79.18 -5.81
N UNK E 33 66.72 78.66 -4.56
CA UNK E 33 67.43 79.12 -3.38
C UNK E 33 68.87 78.85 -3.54
N UNK E 34 69.21 77.67 -4.05
CA UNK E 34 70.59 77.26 -4.34
C UNK E 34 71.17 78.05 -5.49
N UNK E 35 70.39 78.42 -6.51
CA UNK E 35 70.96 79.25 -7.66
C UNK E 35 71.44 80.65 -7.20
N UNK E 36 70.67 81.16 -6.21
CA UNK E 36 70.97 82.42 -5.52
C UNK E 36 72.28 82.23 -4.73
N UNK E 37 72.36 81.08 -4.09
CA UNK E 37 73.52 80.79 -3.29
C UNK E 37 74.88 80.57 -4.00
N UNK E 38 74.73 79.98 -5.20
CA UNK E 38 75.81 79.81 -6.20
C UNK E 38 76.27 81.19 -6.68
N UNK E 39 75.32 82.14 -6.94
CA UNK E 39 75.60 83.50 -7.29
C UNK E 39 76.36 84.27 -6.20
N UNK E 40 75.98 84.23 -4.91
CA UNK E 40 76.71 85.02 -3.90
C UNK E 40 78.07 84.51 -3.70
N UNK E 41 78.20 83.15 -3.60
CA UNK E 41 79.47 82.52 -3.38
C UNK E 41 80.39 82.74 -4.50
N UNK E 42 79.91 82.58 -5.80
CA UNK E 42 80.60 82.65 -7.02
C UNK E 42 81.24 84.02 -7.05
N UNK E 43 80.53 85.15 -6.71
CA UNK E 43 81.23 86.48 -6.78
C UNK E 43 82.32 86.58 -5.71
N UNK E 44 82.02 86.15 -4.47
CA UNK E 44 82.90 86.10 -3.33
C UNK E 44 84.09 85.17 -3.46
N UNK F 1 31.76 46.51 -20.27
CA UNK F 1 30.78 47.38 -19.59
C UNK F 1 31.26 48.74 -19.02
N UNK F 2 30.44 49.41 -18.24
CA UNK F 2 30.64 50.65 -17.56
C UNK F 2 31.74 50.47 -16.54
N UNK F 3 31.84 49.35 -15.86
CA UNK F 3 32.80 49.15 -14.85
C UNK F 3 34.19 49.21 -15.26
N UNK F 4 34.41 48.56 -16.44
CA UNK F 4 35.71 48.46 -17.18
C UNK F 4 36.18 49.87 -17.65
N UNK F 5 35.21 50.65 -18.13
CA UNK F 5 35.36 52.05 -18.51
C UNK F 5 35.80 52.73 -17.14
N UNK F 6 35.22 52.50 -15.90
CA UNK F 6 35.58 53.15 -14.66
C UNK F 6 36.97 52.72 -14.15
N UNK F 7 37.32 51.43 -14.34
CA UNK F 7 38.59 50.87 -14.02
C UNK F 7 39.73 51.49 -14.81
N UNK F 8 39.59 51.71 -16.16
CA UNK F 8 40.65 52.22 -17.05
C UNK F 8 41.05 53.63 -16.68
N UNK F 9 40.02 54.40 -16.17
CA UNK F 9 40.24 55.74 -15.62
C UNK F 9 41.16 55.70 -14.40
N UNK F 10 41.02 54.70 -13.55
CA UNK F 10 41.78 54.41 -12.42
C UNK F 10 43.29 54.15 -12.79
N UNK F 11 43.58 53.37 -13.85
CA UNK F 11 44.94 53.14 -14.32
C UNK F 11 45.59 54.39 -14.78
N UNK F 12 44.79 55.25 -15.45
CA UNK F 12 45.17 56.43 -16.18
C UNK F 12 45.85 57.39 -15.23
N UNK F 13 45.17 57.52 -14.08
CA UNK F 13 45.59 58.36 -12.90
C UNK F 13 46.77 57.84 -12.23
N UNK F 14 46.85 56.47 -12.10
CA UNK F 14 47.97 55.82 -11.53
C UNK F 14 49.18 56.05 -12.42
N UNK F 15 49.06 56.03 -13.81
CA UNK F 15 50.18 56.33 -14.75
C UNK F 15 50.69 57.72 -14.58
N UNK F 16 49.79 58.71 -14.43
CA UNK F 16 50.10 60.12 -14.28
C UNK F 16 50.92 60.33 -13.08
N UNK F 17 50.55 59.65 -11.93
CA UNK F 17 51.13 59.59 -10.67
C UNK F 17 52.57 59.01 -10.80
N UNK F 18 52.77 57.87 -11.58
CA UNK F 18 54.01 57.13 -11.67
C UNK F 18 55.01 58.11 -12.33
N UNK F 19 54.61 58.77 -13.39
CA UNK F 19 55.44 59.76 -14.14
C UNK F 19 55.81 60.96 -13.28
N UNK F 20 54.92 61.45 -12.48
CA UNK F 20 55.11 62.55 -11.53
C UNK F 20 56.22 62.23 -10.46
N UNK F 21 56.43 60.89 -10.07
CA UNK F 21 57.36 60.28 -9.17
C UNK F 21 58.70 60.33 -9.82
N UNK F 22 58.66 59.91 -11.09
CA UNK F 22 59.82 59.62 -11.94
C UNK F 22 60.61 60.88 -12.17
N UNK F 23 59.83 61.91 -12.55
CA UNK F 23 60.27 63.25 -12.80
C UNK F 23 60.70 63.86 -11.42
N UNK F 24 60.06 63.51 -10.31
CA UNK F 24 60.40 64.01 -8.98
C UNK F 24 61.79 63.57 -8.50
N UNK F 25 62.23 62.37 -8.85
CA UNK F 25 63.46 61.77 -8.47
C UNK F 25 64.61 62.47 -9.20
N UNK F 26 64.36 62.98 -10.41
CA UNK F 26 65.32 63.90 -11.06
C UNK F 26 65.65 65.18 -10.27
N UNK F 27 64.63 65.79 -9.57
CA UNK F 27 64.82 66.97 -8.73
C UNK F 27 65.68 66.58 -7.53
N UNK F 28 65.52 65.27 -7.04
CA UNK F 28 66.37 64.73 -5.98
C UNK F 28 67.86 64.77 -6.30
N UNK F 29 68.16 64.34 -7.57
CA UNK F 29 69.41 64.19 -8.25
C UNK F 29 69.96 65.63 -8.53
N UNK F 30 69.14 66.60 -9.03
CA UNK F 30 69.50 67.97 -9.30
C UNK F 30 69.96 68.55 -7.97
N UNK F 31 69.22 68.26 -6.93
CA UNK F 31 69.54 68.75 -5.62
C UNK F 31 70.85 68.27 -5.09
N UNK F 32 71.29 67.00 -5.33
CA UNK F 32 72.52 66.49 -4.92
C UNK F 32 73.67 67.25 -5.58
N UNK F 33 73.40 67.49 -6.85
CA UNK F 33 74.38 68.02 -7.79
C UNK F 33 74.76 69.44 -7.45
N UNK F 34 73.74 70.28 -7.16
CA UNK F 34 73.87 71.61 -6.66
C UNK F 34 74.46 71.61 -5.25
N UNK F 35 74.23 70.63 -4.37
CA UNK F 35 74.79 70.59 -3.10
C UNK F 35 76.26 70.49 -3.14
N UNK F 36 76.90 69.64 -3.97
CA UNK F 36 78.30 69.57 -4.18
C UNK F 36 78.91 70.74 -4.91
N UNK F 37 78.15 71.43 -5.91
CA UNK F 37 78.61 72.69 -6.52
C UNK F 37 78.82 73.80 -5.55
N UNK F 38 77.86 73.90 -4.57
CA UNK F 38 77.90 74.94 -3.51
C UNK F 38 79.16 74.70 -2.69
N UNK F 39 79.47 73.37 -2.37
CA UNK F 39 80.65 73.00 -1.60
C UNK F 39 81.88 73.54 -2.33
N UNK F 40 82.00 73.31 -3.65
CA UNK F 40 83.18 73.63 -4.50
C UNK F 40 83.39 75.11 -4.48
N UNK F 41 82.30 75.88 -4.60
CA UNK F 41 82.21 77.32 -4.77
C UNK F 41 82.71 78.00 -3.54
N UNK F 42 82.33 77.40 -2.36
CA UNK F 42 82.63 77.94 -1.03
C UNK F 42 84.07 77.90 -0.90
N UNK F 43 84.71 76.72 -1.20
CA UNK F 43 86.20 76.52 -1.00
C UNK F 43 87.03 77.35 -1.95
N UNK F 44 86.64 77.46 -3.25
CA UNK F 44 87.35 78.27 -4.18
C UNK F 44 87.10 79.79 -3.86
N GLN A 55 84.70 61.90 11.59
CA GLN A 55 85.16 62.06 12.99
C GLN A 55 84.60 60.94 13.77
N GLU A 56 85.41 60.39 14.77
CA GLU A 56 85.19 59.25 15.62
C GLU A 56 84.06 59.44 16.52
N ALA A 57 83.84 60.58 17.14
CA ALA A 57 82.68 60.84 17.97
C ALA A 57 81.34 60.86 17.23
N LEU A 58 81.47 61.50 16.06
CA LEU A 58 80.39 61.76 15.19
C LEU A 58 79.78 60.48 14.62
N VAL A 59 80.64 59.47 14.24
CA VAL A 59 80.39 58.08 13.75
C VAL A 59 79.71 57.33 14.90
N VAL A 60 80.12 57.46 16.20
CA VAL A 60 79.48 56.77 17.31
C VAL A 60 78.04 57.15 17.52
N LYS A 61 77.85 58.50 17.37
CA LYS A 61 76.52 59.14 17.49
C LYS A 61 75.60 58.62 16.42
N ASP A 62 76.12 58.50 15.24
CA ASP A 62 75.43 58.11 14.05
C ASP A 62 74.91 56.67 14.28
N LEU A 63 75.75 55.80 14.86
CA LEU A 63 75.50 54.37 15.07
C LEU A 63 74.34 54.12 15.97
N LEU A 64 74.27 54.94 17.03
CA LEU A 64 73.08 54.82 17.86
C LEU A 64 71.80 55.20 17.08
N ASN A 65 71.81 56.27 16.29
CA ASN A 65 70.64 56.69 15.52
C ASN A 65 70.17 55.67 14.53
N VAL A 66 71.15 55.06 13.82
CA VAL A 66 71.09 54.12 12.70
C VAL A 66 70.31 52.86 13.11
N LEU A 67 70.62 52.31 14.29
CA LEU A 67 70.27 50.97 14.76
C LEU A 67 68.79 50.79 14.86
N ILE A 68 67.98 51.84 15.15
CA ILE A 68 66.60 51.67 15.27
C ILE A 68 66.03 51.32 13.94
N GLY A 69 66.69 51.75 12.91
CA GLY A 69 66.50 51.37 11.58
C GLY A 69 65.06 51.66 11.02
N LEU A 70 64.32 52.72 11.50
CA LEU A 70 62.98 52.99 10.98
C LEU A 70 63.03 54.01 9.86
N GLU A 71 61.89 54.23 9.16
CA GLU A 71 61.88 55.14 7.97
C GLU A 71 61.43 56.52 8.38
N GLY A 72 61.81 57.45 7.56
CA GLY A 72 61.42 58.86 7.83
C GLY A 72 61.48 59.57 6.50
N THR A 73 61.90 60.86 6.66
CA THR A 73 62.26 61.81 5.64
C THR A 73 63.74 61.58 5.40
N TYR A 74 64.36 60.68 6.18
CA TYR A 74 65.79 60.46 6.00
C TYR A 74 65.92 59.36 5.05
N ILE A 75 65.58 58.13 5.50
CA ILE A 75 65.72 56.92 4.77
C ILE A 75 64.31 56.66 4.22
N ARG A 76 64.14 57.04 2.90
CA ARG A 76 62.82 57.12 2.29
C ARG A 76 62.52 55.69 1.71
N TYR A 77 61.19 55.46 1.42
CA TYR A 77 60.60 54.26 0.97
C TYR A 77 60.02 54.35 -0.48
N PHE A 78 60.50 53.51 -1.43
CA PHE A 78 59.82 53.53 -2.74
C PHE A 78 59.16 52.18 -2.67
N ASN A 79 57.83 52.06 -2.81
CA ASN A 79 57.03 50.83 -2.78
C ASN A 79 57.41 50.10 -4.02
N ASP A 80 57.13 48.83 -3.95
CA ASP A 80 57.29 47.94 -5.11
C ASP A 80 55.91 47.28 -5.31
N ILE A 90 62.08 50.70 -5.13
CA ILE A 90 63.47 50.50 -4.57
C ILE A 90 63.51 49.77 -3.30
N GLU A 91 62.52 50.21 -2.40
CA GLU A 91 62.34 49.84 -1.06
C GLU A 91 63.10 50.96 -0.35
N PHE A 92 63.75 50.65 0.76
CA PHE A 92 64.52 51.58 1.45
C PHE A 92 65.68 52.15 0.61
N LYS A 93 65.87 53.50 0.53
CA LYS A 93 67.14 54.02 0.19
C LYS A 93 67.41 55.11 1.19
N ILE A 94 68.73 55.34 1.40
CA ILE A 94 69.19 56.27 2.47
C ILE A 94 70.20 57.22 1.89
N ALA A 95 70.42 58.48 2.42
CA ALA A 95 71.43 59.40 2.04
C ALA A 95 72.75 58.74 2.39
N LYS A 96 73.82 58.87 1.50
CA LYS A 96 75.04 58.14 1.81
C LYS A 96 76.15 59.12 2.13
N LYS A 97 77.20 58.60 2.83
CA LYS A 97 78.44 59.27 3.18
C LYS A 97 78.86 58.33 4.38
N MET A 98 79.88 57.50 4.05
CA MET A 98 80.40 56.58 5.01
C MET A 98 81.84 56.32 4.68
N ASP A 99 82.57 55.62 5.61
CA ASP A 99 83.90 55.14 5.32
C ASP A 99 83.59 53.73 4.97
N PRO A 100 84.59 52.99 4.38
CA PRO A 100 84.54 51.62 3.95
C PRO A 100 84.01 50.71 4.97
N SER A 101 84.46 50.90 6.25
CA SER A 101 84.17 49.97 7.35
C SER A 101 82.79 49.88 7.69
N PHE A 102 82.18 51.14 7.72
CA PHE A 102 80.80 51.42 7.98
C PHE A 102 79.94 50.89 6.95
N LYS A 103 80.30 51.15 5.66
CA LYS A 103 79.50 50.88 4.53
C LYS A 103 79.28 49.37 4.43
N THR A 104 80.29 48.52 4.70
CA THR A 104 80.20 47.09 4.71
C THR A 104 79.22 46.62 5.81
N PHE A 105 79.36 47.31 7.03
CA PHE A 105 78.48 47.00 8.13
C PHE A 105 77.09 47.35 7.71
N SER A 106 76.79 48.46 7.02
CA SER A 106 75.55 48.94 6.62
C SER A 106 74.84 47.92 5.67
N ARG A 107 75.66 47.14 4.83
CA ARG A 107 75.03 46.14 3.98
C ARG A 107 74.46 45.09 4.81
N ARG A 108 75.23 44.69 5.84
CA ARG A 108 74.84 43.67 6.71
C ARG A 108 73.57 44.01 7.56
N ILE A 109 73.54 45.33 8.01
CA ILE A 109 72.39 45.92 8.70
C ILE A 109 71.07 45.96 7.85
N VAL A 110 71.15 46.26 6.48
CA VAL A 110 70.09 46.21 5.57
C VAL A 110 69.57 44.91 5.45
N ARG A 111 70.42 43.79 5.47
CA ARG A 111 69.82 42.49 5.41
C ARG A 111 68.88 42.16 6.54
N TYR A 112 69.34 42.45 7.75
CA TYR A 112 68.44 42.35 8.91
C TYR A 112 67.16 43.21 8.84
N GLY A 113 67.19 44.52 8.48
CA GLY A 113 66.01 45.39 8.45
C GLY A 113 64.93 45.04 7.49
N LYS A 114 65.43 44.50 6.34
CA LYS A 114 64.67 43.99 5.28
C LYS A 114 63.85 42.90 5.85
N GLN A 115 64.44 41.92 6.58
CA GLN A 115 63.63 40.83 6.98
C GLN A 115 62.51 41.19 7.84
N TYR A 116 62.76 42.10 8.85
CA TYR A 116 61.65 42.52 9.69
C TYR A 116 60.51 43.16 8.95
N MET A 117 60.79 44.03 7.95
CA MET A 117 59.87 44.69 7.11
C MET A 117 59.12 43.67 6.19
N ILE A 118 59.79 42.67 5.61
CA ILE A 118 59.27 41.77 4.60
C ILE A 118 58.24 40.96 5.30
N LEU A 119 58.58 40.56 6.52
CA LEU A 119 57.55 39.87 7.32
C LEU A 119 56.26 40.74 7.66
N THR A 120 56.36 42.06 8.00
CA THR A 120 55.24 42.95 8.27
C THR A 120 54.25 43.00 7.05
N ARG A 121 54.83 43.08 5.80
CA ARG A 121 54.01 43.02 4.56
C ARG A 121 53.32 41.71 4.36
N ALA A 122 54.07 40.64 4.59
CA ALA A 122 53.60 39.26 4.39
C ALA A 122 52.46 38.95 5.33
N TYR A 123 52.58 39.38 6.64
CA TYR A 123 51.63 39.23 7.77
C TYR A 123 50.43 39.90 7.42
N GLU A 124 50.53 41.07 6.77
CA GLU A 124 49.46 41.98 6.38
C GLU A 124 48.53 41.25 5.49
N LYS A 125 49.00 40.49 4.52
CA LYS A 125 48.23 39.71 3.57
C LYS A 125 47.45 38.58 4.16
N TRP A 126 48.23 37.94 4.99
CA TRP A 126 47.79 36.72 5.69
C TRP A 126 46.75 37.04 6.78
N SER A 127 46.83 38.30 7.38
CA SER A 127 45.88 38.92 8.23
C SER A 127 44.80 39.54 7.30
N ASP A 128 43.58 39.89 7.88
CA ASP A 128 42.50 40.46 7.12
C ASP A 128 41.95 39.40 6.15
N THR A 129 41.70 39.71 4.86
CA THR A 129 41.34 38.75 3.89
C THR A 129 42.60 37.85 3.52
N SER A 130 42.33 36.53 3.52
CA SER A 130 43.36 35.52 3.27
C SER A 130 42.74 34.33 2.64
N PHE A 131 43.57 33.35 2.27
CA PHE A 131 43.15 32.13 1.65
C PHE A 131 43.90 31.16 2.43
N GLY A 132 43.19 30.07 2.82
CA GLY A 132 43.83 29.07 3.65
C GLY A 132 43.66 29.59 5.12
N MET A 133 42.91 28.76 5.91
CA MET A 133 42.78 28.83 7.36
C MET A 133 44.17 28.53 7.95
N VAL A 134 44.82 27.56 7.26
CA VAL A 134 46.21 27.20 7.58
C VAL A 134 47.12 28.39 7.30
N LEU A 135 46.99 29.21 6.20
CA LEU A 135 47.89 30.34 6.11
C LEU A 135 47.77 31.45 7.24
N GLN A 136 46.50 31.81 7.60
CA GLN A 136 46.23 32.86 8.61
C GLN A 136 46.72 32.43 9.97
N ARG A 137 46.54 31.16 10.39
CA ARG A 137 47.00 30.61 11.67
C ARG A 137 48.48 30.57 11.83
N PHE A 138 49.16 30.28 10.73
CA PHE A 138 50.59 30.32 10.61
C PHE A 138 51.17 31.70 10.80
N ALA A 139 50.52 32.63 10.15
CA ALA A 139 51.04 33.99 10.19
C ALA A 139 51.01 34.52 11.63
N TYR A 140 49.91 34.24 12.43
CA TYR A 140 49.74 34.72 13.75
C TYR A 140 50.82 34.16 14.75
N GLU A 141 51.09 32.85 14.56
CA GLU A 141 52.10 32.20 15.43
C GLU A 141 53.44 32.77 15.23
N ILE A 142 53.81 32.90 14.00
CA ILE A 142 55.09 33.30 13.60
C ILE A 142 55.37 34.70 14.06
N ARG A 143 54.33 35.64 13.87
CA ARG A 143 54.45 37.05 14.07
C ARG A 143 54.75 37.27 15.58
N ARG A 144 54.03 36.48 16.39
CA ARG A 144 54.05 36.52 17.86
C ARG A 144 55.38 36.13 18.37
N PHE A 145 56.05 35.05 17.85
CA PHE A 145 57.30 34.53 18.33
C PHE A 145 58.37 35.51 18.12
N LEU A 146 58.37 36.07 16.91
CA LEU A 146 59.34 36.95 16.33
C LEU A 146 59.37 38.20 17.10
N GLU A 147 58.16 38.65 17.44
CA GLU A 147 57.90 39.93 18.23
C GLU A 147 58.54 39.83 19.60
N ASP A 148 58.38 38.61 20.25
CA ASP A 148 58.81 38.33 21.58
C ASP A 148 60.29 38.53 21.52
N VAL A 149 60.98 38.00 20.53
CA VAL A 149 62.42 38.03 20.52
C VAL A 149 62.87 39.49 20.48
N TYR A 150 62.26 40.24 19.57
CA TYR A 150 62.64 41.51 19.14
C TYR A 150 62.48 42.41 20.26
N LEU A 151 61.34 42.35 21.05
CA LEU A 151 61.13 43.31 22.09
C LEU A 151 62.21 43.20 23.19
N LYS A 152 62.44 41.94 23.63
CA LYS A 152 63.32 41.83 24.76
C LYS A 152 64.76 42.27 24.56
N THR A 153 65.32 41.76 23.44
CA THR A 153 66.71 41.89 23.11
C THR A 153 67.05 43.27 22.82
N LEU A 154 66.23 43.94 22.04
CA LEU A 154 66.42 45.20 21.46
C LEU A 154 66.42 46.28 22.51
N VAL A 155 65.42 46.24 23.47
CA VAL A 155 65.26 47.24 24.45
C VAL A 155 66.42 47.30 25.36
N GLU A 156 66.93 46.13 25.81
CA GLU A 156 68.03 45.93 26.68
C GLU A 156 69.21 46.46 25.97
N ARG A 157 69.39 46.17 24.69
CA ARG A 157 70.54 46.64 24.06
C ARG A 157 70.60 48.14 23.98
N LEU A 158 69.45 48.81 23.65
CA LEU A 158 69.37 50.19 23.43
C LEU A 158 69.62 51.05 24.67
N GLU A 159 69.09 50.57 25.76
CA GLU A 159 69.20 51.07 27.10
C GLU A 159 70.62 51.03 27.62
N ARG A 160 71.31 49.90 27.39
CA ARG A 160 72.73 49.71 27.71
C ARG A 160 73.65 50.65 26.90
N ASP A 161 73.41 50.83 25.60
CA ASP A 161 74.22 51.57 24.67
C ASP A 161 74.20 53.06 25.02
N PHE A 162 72.97 53.59 25.36
CA PHE A 162 72.74 54.92 25.91
C PHE A 162 73.43 55.00 27.29
N ASN A 163 73.24 53.92 28.14
CA ASN A 163 73.60 53.98 29.53
C ASN A 163 75.09 54.23 29.72
N LYS A 164 75.89 53.49 28.97
CA LYS A 164 77.31 53.42 29.29
C LYS A 164 77.96 54.82 29.17
N VAL A 165 77.70 55.33 27.94
CA VAL A 165 78.10 56.67 27.52
C VAL A 165 76.94 56.93 26.55
N PRO A 166 76.53 58.20 26.24
CA PRO A 166 75.54 58.38 25.23
C PRO A 166 76.14 58.02 23.92
N ASN A 167 75.31 57.33 23.17
CA ASN A 167 75.71 56.66 21.97
C ASN A 167 76.67 55.45 22.22
N PHE A 168 76.68 54.39 21.37
CA PHE A 168 77.51 53.27 21.43
C PHE A 168 77.78 52.51 20.11
N SER A 169 78.49 51.39 20.25
CA SER A 169 79.32 50.74 19.27
C SER A 169 78.71 49.59 18.45
N ILE A 170 79.48 49.19 17.45
CA ILE A 170 79.45 48.19 16.44
C ILE A 170 79.47 46.73 17.00
N ARG A 171 80.15 46.54 18.10
CA ARG A 171 80.50 45.34 18.79
C ARG A 171 79.32 44.50 19.21
N GLU A 172 78.27 45.05 19.77
CA GLU A 172 77.12 44.33 20.23
C GLU A 172 76.28 43.68 19.16
N LEU A 173 76.14 44.32 18.01
CA LEU A 173 75.23 44.05 16.94
C LEU A 173 75.53 42.68 16.38
N GLU A 174 76.78 42.34 16.32
CA GLU A 174 77.40 41.06 15.88
C GLU A 174 76.91 39.93 16.87
N GLN A 175 76.73 40.30 18.13
CA GLN A 175 76.15 39.41 19.09
C GLN A 175 74.75 39.07 18.86
N ILE A 176 73.98 40.12 18.50
CA ILE A 176 72.53 40.04 18.20
C ILE A 176 72.34 39.16 16.98
N ILE A 177 73.27 39.22 16.01
CA ILE A 177 73.23 38.44 14.82
C ILE A 177 73.27 36.95 15.03
N ASN A 178 73.87 36.57 16.18
CA ASN A 178 73.87 35.16 16.53
C ASN A 178 72.33 34.73 16.69
N GLU A 179 71.56 35.63 17.25
CA GLU A 179 70.07 35.53 17.41
C GLU A 179 69.35 35.53 16.09
N THR A 180 69.85 36.36 15.16
CA THR A 180 69.33 36.65 13.81
C THR A 180 69.44 35.37 12.98
N GLU A 181 70.28 34.42 13.37
CA GLU A 181 70.42 33.15 12.71
C GLU A 181 69.14 32.28 12.82
N VAL A 182 68.36 32.35 13.93
CA VAL A 182 67.02 31.74 14.01
C VAL A 182 66.03 32.32 13.02
N ASN A 183 66.19 33.66 12.81
CA ASN A 183 65.47 34.52 11.86
C ASN A 183 65.75 34.16 10.34
N LYS A 184 66.86 33.47 10.03
CA LYS A 184 67.37 32.97 8.83
C LYS A 184 66.41 31.95 8.32
N GLN A 185 65.70 31.26 9.32
CA GLN A 185 64.55 30.37 9.09
C GLN A 185 63.33 31.10 8.45
N MET A 186 63.11 32.41 8.81
CA MET A 186 62.07 33.32 8.29
C MET A 186 62.21 33.65 6.84
N GLU A 187 63.47 33.61 6.39
CA GLU A 187 63.79 33.70 4.95
C GLU A 187 63.28 32.51 4.09
N LEU A 188 63.17 31.35 4.64
CA LEU A 188 62.59 30.26 4.04
C LEU A 188 61.13 30.50 3.74
N LEU A 189 60.46 31.21 4.67
CA LEU A 189 58.99 31.44 4.53
C LEU A 189 58.74 32.25 3.28
N TYR A 190 59.62 33.16 2.89
CA TYR A 190 59.54 33.92 1.67
C TYR A 190 59.67 33.10 0.50
N ASN A 191 60.47 32.03 0.52
CA ASN A 191 60.55 31.03 -0.56
C ASN A 191 59.27 30.29 -0.82
N ILE A 192 58.56 29.91 0.20
CA ILE A 192 57.23 29.29 0.13
C ILE A 192 56.29 30.27 -0.57
N TYR A 193 56.44 31.57 -0.16
CA TYR A 193 55.59 32.70 -0.73
C TYR A 193 55.97 32.72 -2.22
N GLU A 194 57.24 32.54 -2.65
CA GLU A 194 57.58 32.55 -3.99
C GLU A 194 56.96 31.43 -4.74
N GLU A 195 56.85 30.21 -4.21
CA GLU A 195 56.17 29.13 -4.86
C GLU A 195 54.72 29.45 -5.03
N ILE A 196 54.02 30.05 -4.08
CA ILE A 196 52.64 30.39 -4.07
C ILE A 196 52.38 31.36 -5.16
N PHE A 197 53.29 32.34 -5.32
CA PHE A 197 53.28 33.38 -6.24
C PHE A 197 53.39 32.72 -7.65
N ARG A 198 54.19 31.68 -7.88
CA ARG A 198 54.24 30.84 -9.11
C ARG A 198 52.96 30.09 -9.34
N GLU A 199 52.36 29.51 -8.32
CA GLU A 199 51.13 28.90 -8.59
C GLU A 199 49.99 29.79 -9.02
N ILE A 200 49.87 30.99 -8.40
CA ILE A 200 48.89 31.93 -8.82
C ILE A 200 49.15 32.41 -10.18
N GLU A 201 50.44 32.71 -10.50
CA GLU A 201 50.76 33.29 -11.79
C GLU A 201 50.42 32.39 -12.96
N GLU A 202 50.69 31.03 -12.79
CA GLU A 202 50.44 30.04 -13.72
C GLU A 202 48.97 29.89 -13.94
N ARG A 203 48.10 29.96 -12.92
CA ARG A 203 46.67 29.84 -13.08
C ARG A 203 46.18 30.98 -13.86
N ARG A 204 46.73 32.20 -13.58
CA ARG A 204 46.33 33.40 -14.29
C ARG A 204 46.64 33.44 -15.80
N THR A 205 47.88 32.93 -16.24
CA THR A 205 48.43 33.01 -17.64
C THR A 205 47.92 31.75 -18.29
N LYS A 243 45.87 24.13 -4.86
CA LYS A 243 45.83 25.19 -3.76
C LYS A 243 46.31 24.57 -2.42
N GLY A 244 45.40 24.37 -1.38
CA GLY A 244 45.65 24.07 0.03
C GLY A 244 46.44 22.80 0.30
N GLY A 245 45.94 21.65 -0.28
CA GLY A 245 46.41 20.36 -0.02
C GLY A 245 47.81 20.24 -0.47
N ALA A 246 48.13 20.95 -1.62
CA ALA A 246 49.48 21.13 -2.07
C ALA A 246 50.42 21.91 -1.16
N ILE A 247 49.88 22.99 -0.53
CA ILE A 247 50.72 23.82 0.23
C ILE A 247 51.32 23.02 1.39
N LEU A 248 50.46 22.18 2.01
CA LEU A 248 50.88 21.40 3.06
C LEU A 248 51.92 20.40 2.62
N LYS A 249 51.71 19.79 1.41
CA LYS A 249 52.69 18.79 0.91
C LYS A 249 54.03 19.40 0.61
N ILE A 250 54.08 20.59 0.01
CA ILE A 250 55.22 21.32 -0.38
C ILE A 250 55.93 21.65 0.84
N PHE A 251 55.26 22.02 1.93
CA PHE A 251 55.92 22.36 3.19
C PHE A 251 56.62 21.16 3.77
N GLN A 252 56.03 19.93 3.65
CA GLN A 252 56.62 18.71 4.08
C GLN A 252 57.93 18.40 3.35
N GLN A 253 57.97 18.67 2.01
CA GLN A 253 59.13 18.48 1.20
C GLN A 253 60.25 19.38 1.59
N LYS A 254 59.85 20.63 1.87
CA LYS A 254 60.71 21.75 2.31
C LYS A 254 61.26 21.43 3.64
N ILE A 255 60.55 20.80 4.55
CA ILE A 255 60.95 20.35 5.86
C ILE A 255 61.99 19.32 5.77
N LEU A 256 61.78 18.41 4.81
CA LEU A 256 62.74 17.34 4.51
C LEU A 256 64.08 17.93 3.94
N GLU A 257 64.00 18.96 3.08
CA GLU A 257 65.09 19.61 2.51
C GLU A 257 65.87 20.31 3.58
N ASN A 258 65.12 21.02 4.48
CA ASN A 258 65.65 21.95 5.41
C ASN A 258 66.44 21.18 6.46
N LEU A 259 66.01 19.91 6.81
CA LEU A 259 66.59 18.88 7.74
C LEU A 259 68.07 18.81 7.45
N GLY A 260 68.90 18.99 8.47
CA GLY A 260 70.32 19.35 8.29
C GLY A 260 70.64 20.41 9.30
N ASP A 261 69.74 21.43 9.24
CA ASP A 261 69.61 22.48 10.21
C ASP A 261 68.57 22.16 11.30
N ARG A 262 69.01 21.43 12.33
CA ARG A 262 68.25 20.77 13.32
C ARG A 262 67.34 21.69 14.14
N SER A 263 67.82 22.89 14.52
CA SER A 263 66.96 23.81 15.19
C SER A 263 65.80 24.23 14.40
N SER A 264 66.06 24.64 13.15
CA SER A 264 65.06 25.26 12.30
C SER A 264 64.00 24.25 11.94
N VAL A 265 64.45 23.02 11.48
CA VAL A 265 63.57 21.93 11.10
C VAL A 265 62.77 21.55 12.30
N MET A 266 63.30 21.51 13.54
CA MET A 266 62.50 21.15 14.71
C MET A 266 61.43 22.11 14.90
N PHE A 267 61.72 23.42 14.74
CA PHE A 267 60.82 24.49 14.87
C PHE A 267 59.70 24.38 13.82
N LEU A 268 60.07 24.11 12.55
CA LEU A 268 59.16 24.02 11.45
C LEU A 268 58.16 22.96 11.57
N LYS A 269 58.61 21.77 12.11
CA LYS A 269 57.82 20.58 12.49
C LYS A 269 56.81 20.91 13.59
N LYS A 270 57.18 21.74 14.70
CA LYS A 270 56.30 22.16 15.77
C LYS A 270 55.15 22.97 15.13
N LEU A 271 55.54 23.87 14.14
CA LEU A 271 54.60 24.69 13.46
C LEU A 271 53.66 23.88 12.60
N LEU A 272 54.13 22.82 11.97
CA LEU A 272 53.51 21.82 11.17
C LEU A 272 52.56 21.04 12.00
N ASN A 273 52.93 20.73 13.22
CA ASN A 273 52.17 20.04 14.19
C ASN A 273 50.94 20.92 14.39
N ASN A 274 51.15 22.29 14.57
CA ASN A 274 49.97 23.07 14.84
C ASN A 274 48.94 23.22 13.73
N ILE A 275 49.44 23.17 12.51
CA ILE A 275 48.69 23.12 11.32
C ILE A 275 47.90 21.87 11.29
N SER A 276 48.56 20.77 11.68
CA SER A 276 48.00 19.47 11.53
C SER A 276 46.77 19.28 12.37
N GLN A 277 46.62 20.03 13.43
CA GLN A 277 45.48 19.93 14.32
C GLN A 277 44.28 20.18 13.48
N ASP A 278 44.37 21.14 12.51
CA ASP A 278 43.37 21.55 11.56
C ASP A 278 43.05 20.44 10.58
N TYR A 279 44.13 19.65 10.16
CA TYR A 279 44.03 18.51 9.30
C TYR A 279 43.20 17.44 9.98
N CYS A 280 43.53 17.24 11.29
CA CYS A 280 42.92 16.25 12.12
C CYS A 280 41.52 16.53 12.28
N THR A 281 41.16 17.80 12.41
CA THR A 281 39.77 18.17 12.68
C THR A 281 38.98 17.75 11.50
N MET A 282 39.55 18.02 10.25
CA MET A 282 38.85 17.56 9.06
C MET A 282 38.84 16.09 9.03
N LEU A 283 39.92 15.40 9.41
CA LEU A 283 39.91 13.93 9.38
C LEU A 283 38.92 13.34 10.32
N TYR A 284 38.88 13.82 11.63
CA TYR A 284 38.07 13.22 12.64
C TYR A 284 36.64 13.43 12.33
N GLU A 285 36.26 14.58 11.79
CA GLU A 285 34.86 14.78 11.46
C GLU A 285 34.41 13.83 10.46
N TRP A 286 35.24 13.61 9.41
CA TRP A 286 34.97 12.73 8.40
C TRP A 286 34.90 11.26 8.81
N LEU A 287 36.03 10.82 9.36
CA LEU A 287 36.15 9.46 9.78
C LEU A 287 35.31 8.94 10.91
N THR A 288 35.14 9.79 11.99
CA THR A 288 34.30 9.43 13.08
C THR A 288 32.85 9.76 12.88
N GLN A 289 32.50 10.87 12.15
CA GLN A 289 31.07 11.29 12.06
C GLN A 289 30.62 11.57 10.66
N GLY A 290 31.36 11.16 9.64
CA GLY A 290 30.96 11.27 8.22
C GLY A 290 30.68 12.52 7.58
N ILE A 291 31.46 13.59 7.94
CA ILE A 291 31.14 14.84 7.38
C ILE A 291 32.40 15.75 7.41
N LEU A 292 32.60 16.81 6.59
CA LEU A 292 33.99 17.40 6.48
C LEU A 292 33.63 18.64 5.66
N ASN A 293 34.02 19.89 6.05
CA ASN A 293 33.61 21.03 5.28
C ASN A 293 34.56 22.09 5.81
N ASP A 294 34.64 23.17 4.96
CA ASP A 294 35.36 24.34 5.26
C ASP A 294 34.60 25.54 4.69
N PRO A 295 34.78 26.81 5.08
CA PRO A 295 34.08 27.97 4.44
C PRO A 295 34.77 28.31 3.24
N TYR A 296 36.09 28.07 3.20
CA TYR A 296 36.75 28.26 1.89
C TYR A 296 36.56 27.01 1.02
N GLN A 297 36.18 25.84 1.67
CA GLN A 297 36.02 24.55 1.08
C GLN A 297 37.33 23.98 0.65
N GLU A 298 38.24 24.02 1.59
CA GLU A 298 39.56 23.37 1.48
C GLU A 298 39.38 21.89 1.82
N PHE A 299 39.18 21.12 0.73
CA PHE A 299 38.66 19.80 0.69
C PHE A 299 38.40 19.84 -0.76
N MET A 300 39.18 19.10 -1.57
CA MET A 300 39.30 19.08 -2.99
C MET A 300 38.08 18.51 -3.63
N THR A 301 37.43 17.59 -2.90
CA THR A 301 36.18 17.05 -3.28
C THR A 301 35.22 17.74 -2.49
N TYR A 302 34.20 18.13 -3.21
CA TYR A 302 33.11 19.00 -2.72
C TYR A 302 31.84 18.31 -3.03
N ASP A 303 30.81 18.45 -2.18
CA ASP A 303 29.51 17.94 -2.22
C ASP A 303 28.59 18.64 -3.16
N ASP A 304 27.60 17.94 -3.63
CA ASP A 304 26.69 18.51 -4.61
C ASP A 304 27.41 18.77 -5.96
N TRP A 320 18.07 15.84 -1.31
CA TRP A 320 17.54 14.48 -1.55
C TRP A 320 18.63 13.46 -1.21
N ASP A 321 19.65 13.22 -2.08
CA ASP A 321 20.63 12.14 -1.84
C ASP A 321 22.04 12.72 -2.01
N THR A 322 22.27 13.62 -2.98
CA THR A 322 23.50 14.22 -3.32
C THR A 322 24.75 13.38 -3.56
N GLN A 323 25.79 13.87 -4.36
CA GLN A 323 27.03 13.10 -4.68
C GLN A 323 28.05 14.17 -4.68
N TYR A 324 29.28 13.75 -4.92
CA TYR A 324 30.49 14.61 -4.75
C TYR A 324 31.35 14.31 -5.94
N PHE A 325 32.17 15.33 -6.20
CA PHE A 325 33.20 15.29 -7.25
C PHE A 325 34.24 16.22 -6.88
N ILE A 326 35.36 16.14 -7.60
CA ILE A 326 36.65 16.75 -7.42
C ILE A 326 36.64 18.04 -8.29
N ARG A 327 37.10 19.22 -7.70
CA ARG A 327 37.41 20.53 -8.21
C ARG A 327 38.86 20.71 -8.32
N LYS A 328 39.28 20.81 -9.60
CA LYS A 328 40.67 20.63 -9.98
C LYS A 328 41.66 21.62 -9.41
N ASP A 329 41.32 22.89 -9.24
CA ASP A 329 42.20 23.99 -8.81
C ASP A 329 42.81 23.67 -7.46
N VAL A 330 41.98 23.06 -6.45
CA VAL A 330 42.32 22.71 -5.11
C VAL A 330 43.29 21.51 -4.90
N LEU A 331 43.32 20.60 -5.79
CA LEU A 331 44.13 19.36 -5.69
C LEU A 331 45.34 19.25 -4.71
N LEU A 332 45.24 18.21 -3.88
CA LEU A 332 46.17 17.75 -2.94
C LEU A 332 46.94 16.80 -3.74
N ARG A 333 48.23 16.92 -3.67
CA ARG A 333 49.18 16.27 -4.55
C ARG A 333 49.55 14.85 -4.03
N ASP A 334 48.70 13.92 -4.40
CA ASP A 334 49.02 12.56 -4.18
C ASP A 334 47.94 11.73 -4.89
N CYS A 335 47.04 12.30 -5.73
CA CYS A 335 46.05 11.62 -6.52
C CYS A 335 46.62 10.63 -7.50
N ASP A 336 47.54 11.15 -8.42
CA ASP A 336 48.15 10.45 -9.47
C ASP A 336 48.88 9.17 -8.91
N SER A 337 48.74 8.04 -9.68
CA SER A 337 49.13 6.70 -9.44
C SER A 337 47.83 6.04 -9.12
N GLU A 338 47.68 4.82 -9.60
CA GLU A 338 46.65 3.89 -9.41
C GLU A 338 46.49 3.44 -8.02
N GLU A 339 47.57 3.06 -7.34
CA GLU A 339 47.56 2.57 -5.97
C GLU A 339 47.16 3.77 -5.10
N ASP A 340 47.68 5.01 -5.34
CA ASP A 340 47.52 6.17 -4.50
C ASP A 340 46.07 6.47 -4.51
N LYS A 341 45.42 6.34 -5.72
CA LYS A 341 44.02 6.52 -5.86
C LYS A 341 43.23 5.49 -5.10
N ASN A 342 43.63 4.23 -5.09
CA ASN A 342 42.85 3.20 -4.45
C ASN A 342 42.72 3.46 -2.98
N LEU A 343 43.81 3.91 -2.31
CA LEU A 343 43.70 4.30 -0.92
C LEU A 343 42.83 5.50 -0.69
N LEU A 344 42.94 6.46 -1.57
CA LEU A 344 42.28 7.75 -1.37
C LEU A 344 40.81 7.55 -1.39
N PHE A 345 40.48 6.67 -2.37
CA PHE A 345 39.14 6.29 -2.66
C PHE A 345 38.43 5.60 -1.57
N LYS A 346 39.20 4.69 -0.91
CA LYS A 346 38.73 3.87 0.20
C LYS A 346 38.35 4.73 1.34
N MET A 347 39.18 5.77 1.64
CA MET A 347 38.98 6.77 2.72
C MET A 347 37.73 7.58 2.46
N LEU A 348 37.53 7.97 1.18
CA LEU A 348 36.47 8.80 0.72
C LEU A 348 35.11 8.09 0.95
N ARG A 349 35.20 6.81 0.64
CA ARG A 349 34.15 5.81 0.84
C ARG A 349 33.85 5.66 2.32
N THR A 350 34.87 5.60 3.21
CA THR A 350 34.62 5.36 4.64
C THR A 350 33.83 6.56 5.19
N GLY A 351 34.22 7.76 4.77
CA GLY A 351 33.53 8.90 5.25
C GLY A 351 32.06 9.09 4.85
N ILE A 352 31.74 8.78 3.53
CA ILE A 352 30.39 8.72 3.01
C ILE A 352 29.62 7.61 3.68
N LEU A 353 30.26 6.41 3.93
CA LEU A 353 29.57 5.24 4.50
C LEU A 353 29.09 5.67 5.87
N LEU A 354 29.98 6.44 6.66
CA LEU A 354 29.66 6.89 7.96
C LEU A 354 28.48 7.90 7.91
N LYS A 355 28.45 8.80 6.88
CA LYS A 355 27.32 9.74 6.71
C LYS A 355 26.00 9.03 6.40
N VAL A 356 25.94 7.96 5.61
CA VAL A 356 24.63 7.24 5.33
C VAL A 356 24.02 6.62 6.57
N VAL A 357 24.87 6.11 7.46
CA VAL A 357 24.51 5.74 8.80
C VAL A 357 24.08 6.95 9.59
N ARG A 358 24.63 8.19 9.51
CA ARG A 358 24.14 9.29 10.25
C ARG A 358 22.75 9.72 9.86
N ALA A 359 22.57 9.62 8.51
CA ALA A 359 21.47 10.24 7.81
C ALA A 359 20.14 9.73 8.25
N SER A 360 20.09 8.47 8.64
CA SER A 360 18.93 7.82 9.24
C SER A 360 18.49 8.38 10.60
N LEU A 361 18.96 9.63 10.91
CA LEU A 361 18.94 10.34 12.27
C LEU A 361 19.63 9.62 13.32
N GLN A 362 20.88 9.18 13.18
CA GLN A 362 21.44 8.30 14.13
C GLN A 362 22.88 8.65 14.26
N ILE A 363 23.57 7.78 15.18
CA ILE A 363 24.97 7.85 15.52
C ILE A 363 25.62 9.23 15.73
N PRO A 364 25.56 9.78 16.90
CA PRO A 364 26.25 10.97 17.17
C PRO A 364 27.72 10.65 17.52
N THR A 365 27.92 9.34 17.89
CA THR A 365 29.04 8.61 18.35
C THR A 365 28.40 7.47 19.13
N ILE A 366 29.10 6.23 19.18
CA ILE A 366 28.58 5.16 20.02
C ILE A 366 29.81 4.86 20.99
N PRO A 367 29.53 4.55 22.33
CA PRO A 367 30.58 4.32 23.29
C PRO A 367 30.86 2.78 23.25
N SER A 368 29.91 1.90 22.74
CA SER A 368 30.04 0.49 22.78
C SER A 368 30.81 -0.08 21.65
N ASN A 369 30.88 0.59 20.55
CA ASN A 369 31.70 0.29 19.45
C ASN A 369 32.52 1.44 19.40
N SER A 370 33.83 1.13 19.41
CA SER A 370 34.89 2.08 19.63
C SER A 370 36.19 1.52 18.96
N SER A 371 36.92 2.48 18.33
CA SER A 371 38.17 2.35 17.71
C SER A 371 38.98 3.14 18.64
N ASP A 372 39.65 4.25 18.18
CA ASP A 372 40.47 5.13 18.99
C ASP A 372 40.71 6.32 18.11
N ILE A 373 39.83 7.27 18.40
CA ILE A 373 39.76 8.65 17.96
C ILE A 373 40.94 9.36 18.50
N THR A 374 41.35 9.03 19.81
CA THR A 374 42.45 9.49 20.58
C THR A 374 43.79 9.14 19.85
N ILE A 375 43.93 7.93 19.23
CA ILE A 375 45.05 7.40 18.46
C ILE A 375 45.09 8.34 17.23
N GLN A 376 43.95 8.74 16.67
CA GLN A 376 43.95 9.59 15.43
C GLN A 376 44.53 11.00 15.56
N GLU A 377 44.18 11.62 16.74
CA GLU A 377 44.70 12.93 17.20
C GLU A 377 46.16 12.76 17.44
N ILE A 378 46.57 11.61 18.07
CA ILE A 378 47.94 11.33 18.41
C ILE A 378 48.79 11.21 17.16
N ASN A 379 48.22 10.55 16.10
CA ASN A 379 48.86 10.53 14.84
C ASN A 379 48.98 11.92 14.23
N ASP A 380 47.94 12.85 14.31
CA ASP A 380 48.12 14.15 13.68
C ASP A 380 49.19 15.00 14.27
N PHE A 381 49.33 14.98 15.62
CA PHE A 381 50.42 15.65 16.31
C PHE A 381 51.77 15.07 15.97
N ALA A 382 51.76 13.74 15.71
CA ALA A 382 52.95 13.02 15.30
C ALA A 382 53.54 13.54 14.10
N ASP A 383 52.67 13.79 13.12
CA ASP A 383 52.87 14.31 11.79
C ASP A 383 53.45 13.25 10.91
N LEU A 384 52.59 12.20 10.72
CA LEU A 384 52.88 11.00 9.95
C LEU A 384 51.93 11.07 8.80
N MET A 385 52.52 11.01 7.57
CA MET A 385 51.80 11.26 6.34
C MET A 385 51.91 10.08 5.41
N GLU A 386 52.46 8.95 5.96
CA GLU A 386 52.54 7.66 5.30
C GLU A 386 51.11 7.13 5.21
N GLY A 387 50.87 6.28 4.20
CA GLY A 387 49.63 5.56 3.96
C GLY A 387 49.39 4.58 5.09
N SER A 388 50.48 3.85 5.52
CA SER A 388 50.33 2.81 6.44
C SER A 388 49.77 3.08 7.83
N ASN A 389 50.23 4.16 8.52
CA ASN A 389 49.68 4.49 9.85
C ASN A 389 48.26 4.83 9.86
N LEU A 390 47.90 5.66 8.86
CA LEU A 390 46.61 6.19 8.54
C LEU A 390 45.71 4.96 8.14
N GLU A 391 46.23 4.02 7.39
CA GLU A 391 45.40 2.93 6.89
C GLU A 391 44.86 2.10 8.02
N LEU A 392 45.70 1.84 9.10
CA LEU A 392 45.28 1.12 10.28
C LEU A 392 44.15 1.77 10.91
N TYR A 393 44.24 3.10 10.97
CA TYR A 393 43.18 3.85 11.53
C TYR A 393 41.90 3.72 10.73
N VAL A 394 41.98 3.83 9.37
CA VAL A 394 40.76 3.77 8.53
C VAL A 394 40.18 2.47 8.62
N ASP A 395 40.99 1.44 8.64
CA ASP A 395 40.41 0.13 8.63
C ASP A 395 39.60 -0.17 9.82
N LYS A 396 40.10 0.35 10.96
CA LYS A 396 39.41 0.23 12.24
C LYS A 396 38.10 0.95 12.23
N CYS A 397 37.99 2.21 11.72
CA CYS A 397 36.73 2.91 11.71
C CYS A 397 35.74 2.22 10.76
N TYR A 398 36.26 1.69 9.67
CA TYR A 398 35.54 1.09 8.60
C TYR A 398 34.82 -0.12 9.07
N SER A 399 35.54 -1.00 9.79
CA SER A 399 35.01 -2.25 10.33
C SER A 399 33.92 -1.94 11.27
N ARG A 400 34.07 -0.84 12.11
CA ARG A 400 33.13 -0.42 13.10
C ARG A 400 31.86 -0.08 12.43
N ALA A 401 31.94 0.67 11.31
CA ALA A 401 30.90 1.09 10.41
C ALA A 401 30.22 -0.12 9.77
N ASN A 402 31.02 -1.13 9.41
CA ASN A 402 30.58 -2.38 8.78
C ASN A 402 29.68 -3.17 9.69
N GLU A 403 30.06 -3.31 11.02
CA GLU A 403 29.35 -4.02 12.05
C GLU A 403 28.00 -3.36 12.30
N ILE A 404 28.03 -2.05 12.37
CA ILE A 404 26.83 -1.24 12.51
C ILE A 404 25.91 -1.38 11.35
N PHE A 405 26.49 -1.57 10.15
CA PHE A 405 25.87 -1.81 8.87
C PHE A 405 25.04 -3.08 8.90
N LEU A 406 25.66 -4.22 9.35
CA LEU A 406 24.99 -5.49 9.37
C LEU A 406 23.79 -5.34 10.21
N LYS A 407 24.01 -4.76 11.45
CA LYS A 407 22.96 -4.47 12.40
C LYS A 407 21.91 -3.54 11.83
N LEU A 408 22.29 -2.45 11.11
CA LEU A 408 21.38 -1.44 10.63
C LEU A 408 20.29 -1.91 9.71
N PHE A 409 20.82 -2.71 8.76
CA PHE A 409 20.12 -3.39 7.79
C PHE A 409 19.36 -4.59 8.41
N PHE A 410 20.04 -5.52 9.17
CA PHE A 410 19.41 -6.71 9.63
C PHE A 410 18.34 -6.59 10.66
N GLN A 411 18.75 -5.89 11.71
CA GLN A 411 17.90 -5.68 12.83
C GLN A 411 16.81 -4.73 12.54
N GLY A 412 17.28 -3.49 12.08
CA GLY A 412 16.49 -2.29 11.89
C GLY A 412 15.65 -2.28 10.65
N TYR A 413 16.33 -2.58 9.50
CA TYR A 413 15.68 -2.41 8.18
C TYR A 413 15.22 -3.73 7.68
N ASP A 414 15.34 -4.80 8.60
CA ASP A 414 14.74 -6.11 8.49
C ASP A 414 15.18 -6.75 7.18
N LEU A 415 16.51 -6.86 6.88
CA LEU A 415 17.11 -7.10 5.58
C LEU A 415 16.67 -8.36 4.95
N ILE A 416 16.57 -9.46 5.76
CA ILE A 416 16.35 -10.82 5.26
C ILE A 416 15.05 -10.92 4.43
N ASN A 417 13.97 -10.29 4.85
CA ASN A 417 12.73 -10.26 4.09
C ASN A 417 12.91 -9.49 2.78
N VAL A 418 13.67 -8.38 2.75
CA VAL A 418 13.99 -7.55 1.69
C VAL A 418 14.78 -8.34 0.68
N LEU A 419 15.71 -9.27 1.14
CA LEU A 419 16.44 -10.12 0.28
C LEU A 419 15.46 -10.99 -0.46
N LYS A 420 14.42 -11.53 0.27
CA LYS A 420 13.37 -12.36 -0.27
C LYS A 420 12.64 -11.60 -1.37
N HIS A 421 12.36 -10.31 -1.16
CA HIS A 421 11.74 -9.35 -2.03
C HIS A 421 12.57 -9.05 -3.31
N LEU A 422 13.90 -8.99 -3.21
CA LEU A 422 14.80 -8.92 -4.40
C LEU A 422 14.68 -10.07 -5.19
N GLN A 423 14.65 -11.26 -4.53
CA GLN A 423 14.39 -12.51 -5.23
C GLN A 423 13.00 -12.43 -5.84
N GLN A 424 11.97 -11.86 -5.24
CA GLN A 424 10.68 -11.87 -5.85
C GLN A 424 10.67 -11.19 -7.15
N ILE A 425 11.12 -9.93 -7.23
CA ILE A 425 11.11 -9.28 -8.49
C ILE A 425 12.15 -9.55 -9.47
N PHE A 426 13.39 -9.35 -9.05
CA PHE A 426 14.56 -9.49 -9.86
C PHE A 426 14.67 -10.88 -10.33
N LEU A 427 14.59 -11.91 -9.39
CA LEU A 427 14.69 -13.25 -9.71
C LEU A 427 13.49 -13.67 -10.48
N GLY A 428 12.30 -13.02 -10.21
CA GLY A 428 11.07 -13.03 -10.97
C GLY A 428 10.40 -14.37 -10.95
N TYR A 429 10.95 -15.30 -10.17
CA TYR A 429 10.57 -16.71 -10.23
C TYR A 429 9.60 -17.05 -9.12
N GLN A 430 8.93 -16.06 -8.43
CA GLN A 430 8.13 -16.28 -7.32
C GLN A 430 6.70 -15.88 -7.59
N SER A 431 6.35 -15.54 -8.80
CA SER A 431 5.07 -15.04 -9.10
C SER A 431 4.65 -15.49 -10.47
N GLY A 432 5.00 -16.71 -10.88
CA GLY A 432 4.85 -17.24 -12.25
C GLY A 432 3.36 -17.33 -12.58
N HIS A 433 2.64 -17.82 -11.63
CA HIS A 433 1.20 -18.09 -11.76
C HIS A 433 0.38 -16.92 -11.97
N ASN A 434 0.65 -15.88 -11.23
CA ASN A 434 -0.04 -14.60 -11.32
C ASN A 434 0.16 -13.95 -12.65
N VAL A 435 1.40 -14.04 -13.15
CA VAL A 435 1.75 -13.58 -14.50
C VAL A 435 1.05 -14.38 -15.60
N LEU A 436 0.92 -15.74 -15.43
CA LEU A 436 0.25 -16.49 -16.39
C LEU A 436 -1.27 -16.07 -16.51
N LYS A 437 -1.95 -15.89 -15.34
CA LYS A 437 -3.29 -15.46 -15.31
C LYS A 437 -3.41 -14.01 -15.92
N PHE A 438 -2.44 -13.15 -15.61
CA PHE A 438 -2.35 -11.83 -16.15
C PHE A 438 -2.19 -11.85 -17.69
N LEU A 439 -1.28 -12.68 -18.24
CA LEU A 439 -0.84 -12.84 -19.59
C LEU A 439 -2.01 -13.20 -20.37
N THR A 440 -2.92 -14.07 -19.85
CA THR A 440 -4.16 -14.60 -20.39
C THR A 440 -5.11 -13.47 -20.68
N LYS A 441 -5.40 -12.61 -19.64
CA LYS A 441 -6.38 -11.50 -19.75
C LYS A 441 -5.83 -10.34 -20.62
N ASN A 442 -4.53 -10.09 -20.60
CA ASN A 442 -3.93 -9.12 -21.51
C ASN A 442 -3.80 -9.50 -22.97
N MET A 443 -3.83 -10.82 -23.22
CA MET A 443 -3.30 -11.52 -24.39
C MET A 443 -3.78 -11.05 -25.74
N GLY A 444 -5.17 -10.76 -25.88
CA GLY A 444 -5.81 -10.34 -27.13
C GLY A 444 -5.14 -9.05 -27.50
N GLU A 445 -4.86 -8.13 -26.51
CA GLU A 445 -4.27 -6.81 -26.74
C GLU A 445 -2.83 -7.00 -27.12
N LEU A 446 -2.17 -8.00 -26.53
CA LEU A 446 -0.76 -8.19 -26.83
C LEU A 446 -0.43 -8.79 -28.15
N THR A 447 -1.29 -9.68 -28.69
CA THR A 447 -1.15 -10.41 -29.96
C THR A 447 -1.07 -9.38 -31.13
N LYS A 448 -1.88 -8.29 -31.09
CA LYS A 448 -1.65 -7.18 -32.02
C LYS A 448 -0.76 -6.15 -31.50
N HIS A 449 -0.26 -5.36 -32.48
CA HIS A 449 0.61 -4.27 -32.19
C HIS A 449 0.09 -3.27 -31.23
N TYR A 450 0.94 -2.62 -30.45
CA TYR A 450 0.61 -1.51 -29.54
C TYR A 450 0.02 -0.29 -30.23
N ARG A 451 -1.06 0.33 -29.65
CA ARG A 451 -1.47 1.65 -29.98
C ARG A 451 -1.47 2.43 -28.73
N ASN A 452 -1.71 3.73 -28.79
CA ASN A 452 -1.79 4.70 -27.74
C ASN A 452 -2.96 4.25 -26.88
N ASP A 453 -4.04 3.70 -27.41
CA ASP A 453 -5.12 3.19 -26.61
C ASP A 453 -4.95 1.91 -25.84
N ASN A 454 -4.05 1.07 -26.44
CA ASN A 454 -3.58 -0.18 -25.96
C ASN A 454 -3.04 0.02 -24.60
N ASN A 455 -2.24 1.07 -24.41
CA ASN A 455 -1.65 1.50 -23.16
C ASN A 455 -2.75 1.75 -22.17
N ALA A 456 -3.84 2.46 -22.45
CA ALA A 456 -4.88 2.84 -21.56
C ALA A 456 -5.56 1.59 -21.12
N ASN A 457 -5.90 0.61 -22.01
CA ASN A 457 -6.47 -0.61 -21.52
C ASN A 457 -5.63 -1.43 -20.63
N TYR A 458 -4.32 -1.54 -21.04
CA TYR A 458 -3.36 -2.33 -20.29
C TYR A 458 -3.26 -1.72 -18.95
N ASP A 459 -3.23 -0.38 -18.86
CA ASP A 459 -3.04 0.35 -17.60
C ASP A 459 -4.17 0.09 -16.66
N LYS A 460 -5.41 0.04 -17.12
CA LYS A 460 -6.44 -0.27 -16.14
C LYS A 460 -6.31 -1.69 -15.53
N LEU A 461 -6.01 -2.70 -16.45
CA LEU A 461 -5.74 -4.10 -16.12
C LEU A 461 -4.52 -4.28 -15.23
N LEU A 462 -3.45 -3.54 -15.37
CA LEU A 462 -2.28 -3.48 -14.51
C LEU A 462 -2.65 -2.92 -13.17
N GLN A 463 -3.44 -1.85 -13.16
CA GLN A 463 -3.83 -1.21 -11.90
C GLN A 463 -4.69 -2.09 -11.10
N ASN A 464 -5.65 -2.72 -11.79
CA ASN A 464 -6.59 -3.66 -11.18
C ASN A 464 -5.83 -4.81 -10.66
N PHE A 465 -4.75 -5.28 -11.36
CA PHE A 465 -3.91 -6.40 -10.98
C PHE A 465 -3.15 -6.07 -9.75
N GLU A 466 -2.70 -4.77 -9.70
CA GLU A 466 -1.84 -4.33 -8.54
C GLU A 466 -2.57 -4.43 -7.31
N LEU A 467 -3.88 -3.97 -7.33
CA LEU A 467 -4.79 -4.11 -6.22
C LEU A 467 -5.09 -5.47 -5.88
N GLU A 468 -5.29 -6.26 -6.98
CA GLU A 468 -5.64 -7.67 -6.86
C GLU A 468 -4.64 -8.47 -6.20
N ARG A 469 -3.34 -8.08 -6.33
CA ARG A 469 -2.19 -8.88 -5.81
C ARG A 469 -1.65 -8.28 -4.55
N GLN A 470 -2.48 -7.51 -3.83
CA GLN A 470 -2.18 -6.84 -2.56
C GLN A 470 -1.72 -7.75 -1.46
N SER A 471 -0.65 -7.25 -0.83
CA SER A 471 0.07 -7.88 0.23
C SER A 471 0.66 -6.85 1.10
N GLU A 472 0.75 -7.27 2.39
CA GLU A 472 1.14 -6.51 3.50
C GLU A 472 2.27 -7.27 4.20
N ASN A 473 2.27 -7.36 5.50
CA ASN A 473 3.46 -7.73 6.21
C ASN A 473 4.50 -6.62 6.12
N PRO A 474 3.78 -5.55 6.55
CA PRO A 474 3.93 -4.16 6.15
C PRO A 474 4.55 -3.94 4.76
N ASN A 475 3.68 -3.97 3.67
CA ASN A 475 4.00 -3.78 2.32
C ASN A 475 5.11 -4.61 1.74
N ASN A 476 5.57 -4.24 0.54
CA ASN A 476 6.58 -5.04 -0.04
C ASN A 476 6.90 -4.30 -1.35
N LEU A 477 8.17 -4.49 -1.77
CA LEU A 477 8.90 -3.93 -2.87
C LEU A 477 8.26 -4.32 -4.16
N MET A 478 7.86 -5.54 -4.38
CA MET A 478 7.28 -6.01 -5.57
C MET A 478 6.00 -5.39 -5.86
N ARG A 479 5.19 -5.32 -4.84
CA ARG A 479 3.90 -4.68 -4.97
C ARG A 479 4.09 -3.16 -5.23
N GLN A 480 4.84 -2.45 -4.39
CA GLN A 480 4.92 -0.98 -4.51
C GLN A 480 5.76 -0.50 -5.69
N LEU A 481 6.98 -0.93 -5.86
CA LEU A 481 7.92 -0.26 -6.77
C LEU A 481 7.65 -0.62 -8.28
N LEU A 482 7.14 -1.83 -8.61
CA LEU A 482 7.01 -2.25 -9.97
C LEU A 482 5.89 -1.54 -10.62
N MET A 483 6.18 -1.00 -11.80
CA MET A 483 5.24 -0.44 -12.82
C MET A 483 5.70 -0.99 -14.27
N ILE A 484 4.65 -1.15 -15.08
CA ILE A 484 4.89 -1.68 -16.44
C ILE A 484 4.86 -0.55 -17.48
N GLN A 485 5.82 -0.66 -18.38
CA GLN A 485 6.00 0.35 -19.39
C GLN A 485 5.65 -0.21 -20.77
N PHE A 486 5.21 0.70 -21.62
CA PHE A 486 5.08 0.57 -23.03
C PHE A 486 5.82 1.59 -23.73
N ASP A 487 6.57 1.23 -24.81
CA ASP A 487 7.32 2.13 -25.68
C ASP A 487 6.30 2.65 -26.63
N THR A 488 6.67 3.46 -27.63
CA THR A 488 5.87 4.05 -28.72
C THR A 488 5.28 3.05 -29.64
N GLU A 489 4.20 3.44 -30.38
CA GLU A 489 3.49 2.61 -31.35
C GLU A 489 4.25 2.61 -32.64
N THR A 490 3.85 1.70 -33.53
CA THR A 490 4.52 1.56 -34.85
C THR A 490 4.00 2.71 -35.82
N LYS A 554 7.81 -3.14 -33.20
CA LYS A 554 7.27 -4.01 -34.27
C LYS A 554 5.91 -4.32 -33.90
N SER A 555 5.69 -4.83 -32.63
CA SER A 555 4.45 -5.34 -32.16
C SER A 555 4.39 -4.76 -30.74
N ALA A 556 3.26 -5.12 -30.02
CA ALA A 556 3.03 -4.79 -28.60
C ALA A 556 4.02 -5.46 -27.77
N ILE A 557 4.37 -6.70 -28.17
CA ILE A 557 5.26 -7.57 -27.46
C ILE A 557 6.65 -6.91 -27.34
N TYR A 558 7.09 -6.30 -28.40
CA TYR A 558 8.36 -5.59 -28.52
C TYR A 558 8.43 -4.36 -27.56
N HIS A 559 7.28 -3.56 -27.46
CA HIS A 559 7.20 -2.35 -26.70
C HIS A 559 7.18 -2.51 -25.23
N LEU A 560 6.86 -3.74 -24.69
CA LEU A 560 6.59 -4.07 -23.29
C LEU A 560 7.99 -3.98 -22.56
N LYS A 561 8.04 -3.17 -21.43
CA LYS A 561 9.21 -3.13 -20.60
C LYS A 561 8.71 -2.93 -19.23
N PHE A 562 9.55 -3.09 -18.22
CA PHE A 562 9.25 -2.98 -16.81
C PHE A 562 10.07 -1.82 -16.28
N ASP A 563 9.52 -0.96 -15.39
CA ASP A 563 10.28 0.12 -14.76
C ASP A 563 9.92 0.00 -13.31
N ILE A 564 10.94 -0.06 -12.45
CA ILE A 564 10.82 -0.25 -11.01
C ILE A 564 11.29 1.07 -10.41
N ASN A 565 10.48 1.58 -9.47
CA ASN A 565 10.64 2.76 -8.62
C ASN A 565 11.79 2.48 -7.66
N ILE A 566 12.35 3.52 -7.00
CA ILE A 566 13.48 3.40 -5.99
C ILE A 566 13.02 3.22 -4.56
N PRO A 567 13.55 2.46 -3.64
CA PRO A 567 13.18 2.54 -2.21
C PRO A 567 13.85 3.67 -1.57
N TYR A 568 14.14 3.73 -0.23
CA TYR A 568 14.81 4.87 0.39
C TYR A 568 14.82 4.38 1.89
N PRO A 569 15.91 4.52 2.68
CA PRO A 569 17.22 5.15 2.32
C PRO A 569 18.01 4.17 1.63
N LEU A 570 17.47 2.99 1.51
CA LEU A 570 18.01 1.74 1.11
C LEU A 570 18.45 1.98 -0.35
N ASN A 571 17.83 2.91 -1.08
CA ASN A 571 18.15 3.14 -2.49
C ASN A 571 19.59 3.47 -2.79
N ILE A 572 20.25 4.05 -1.84
CA ILE A 572 21.68 4.42 -1.94
C ILE A 572 22.57 3.23 -2.27
N ILE A 573 22.28 2.08 -1.56
CA ILE A 573 22.96 0.81 -1.67
C ILE A 573 22.85 0.17 -3.03
N ILE A 574 21.66 0.17 -3.58
CA ILE A 574 21.45 -0.48 -4.84
C ILE A 574 21.89 0.51 -5.92
N SER A 575 21.86 0.11 -7.24
CA SER A 575 22.24 0.93 -8.36
C SER A 575 21.23 0.81 -9.39
N ARG A 576 21.05 1.88 -10.18
CA ARG A 576 20.06 2.07 -11.27
C ARG A 576 20.24 1.09 -12.37
N THR A 577 21.46 0.84 -12.78
CA THR A 577 21.92 0.06 -13.88
C THR A 577 21.55 -1.37 -13.67
N CYS A 578 21.74 -1.84 -12.42
CA CYS A 578 21.48 -3.21 -12.02
C CYS A 578 20.04 -3.61 -12.15
N MET A 579 19.15 -2.70 -11.72
CA MET A 579 17.75 -2.88 -11.92
C MET A 579 17.27 -2.93 -13.34
N ILE A 580 17.83 -2.15 -14.23
CA ILE A 580 17.56 -2.15 -15.62
C ILE A 580 17.95 -3.41 -16.24
N LYS A 581 19.11 -3.99 -15.87
CA LYS A 581 19.52 -5.27 -16.35
C LYS A 581 18.61 -6.36 -15.97
N TYR A 582 18.17 -6.42 -14.72
CA TYR A 582 17.15 -7.38 -14.37
C TYR A 582 15.86 -7.22 -15.14
N GLN A 583 15.41 -6.02 -15.49
CA GLN A 583 14.26 -5.84 -16.40
C GLN A 583 14.52 -6.49 -17.69
N ILE A 584 15.77 -6.42 -18.30
CA ILE A 584 16.00 -7.11 -19.55
C ILE A 584 15.89 -8.57 -19.47
N ILE A 585 16.51 -9.17 -18.34
CA ILE A 585 16.36 -10.61 -18.11
C ILE A 585 14.96 -10.99 -17.90
N LEU A 586 14.16 -10.21 -17.16
CA LEU A 586 12.81 -10.42 -16.84
C LEU A 586 11.94 -10.44 -18.08
N ARG A 587 12.27 -9.53 -19.02
CA ARG A 587 11.64 -9.44 -20.32
C ARG A 587 11.83 -10.69 -21.12
N TYR A 588 13.08 -11.23 -21.15
CA TYR A 588 13.43 -12.33 -21.96
C TYR A 588 12.65 -13.51 -21.39
N GLN A 589 12.62 -13.64 -20.07
CA GLN A 589 12.00 -14.72 -19.38
C GLN A 589 10.54 -14.74 -19.64
N LEU A 590 9.98 -13.54 -19.62
CA LEU A 590 8.57 -13.39 -19.82
C LEU A 590 8.14 -13.79 -21.20
N VAL A 591 9.00 -13.46 -22.19
CA VAL A 591 8.70 -13.78 -23.55
C VAL A 591 8.59 -15.31 -23.77
N LEU A 592 9.50 -16.05 -23.13
CA LEU A 592 9.44 -17.50 -23.16
C LEU A 592 8.19 -18.05 -22.45
N GLN A 593 7.80 -17.54 -21.28
CA GLN A 593 6.66 -18.03 -20.47
C GLN A 593 5.38 -17.80 -21.21
N TYR A 594 5.28 -16.66 -21.89
CA TYR A 594 4.01 -16.30 -22.55
C TYR A 594 3.82 -17.20 -23.70
N HIS A 595 4.92 -17.54 -24.48
CA HIS A 595 4.71 -18.49 -25.48
C HIS A 595 4.26 -19.83 -24.95
N SER A 596 4.80 -20.29 -23.75
CA SER A 596 4.38 -21.54 -23.13
C SER A 596 2.98 -21.69 -22.72
N ARG A 597 2.37 -20.63 -22.11
CA ARG A 597 0.95 -20.65 -21.84
C ARG A 597 0.06 -20.70 -23.05
N LEU A 598 0.45 -19.89 -24.15
CA LEU A 598 -0.37 -19.93 -25.36
C LEU A 598 -0.31 -21.30 -26.07
N LEU A 599 0.89 -21.92 -26.07
CA LEU A 599 1.07 -23.23 -26.62
C LEU A 599 0.32 -24.31 -25.93
N ASP A 600 0.36 -24.21 -24.54
CA ASP A 600 -0.27 -25.28 -23.82
C ASP A 600 -1.78 -25.39 -24.04
N GLU A 601 -2.41 -24.24 -24.09
CA GLU A 601 -3.84 -24.14 -24.14
C GLU A 601 -4.42 -24.71 -25.45
N THR A 602 -3.65 -24.41 -26.51
CA THR A 602 -3.91 -24.85 -27.84
C THR A 602 -3.89 -26.27 -27.93
N TRP A 603 -2.86 -26.92 -27.28
CA TRP A 603 -2.67 -28.35 -27.37
C TRP A 603 -3.80 -29.03 -26.69
N MET A 604 -4.20 -28.55 -25.51
CA MET A 604 -5.34 -29.23 -24.82
C MET A 604 -6.67 -29.27 -25.65
N ASP A 605 -6.98 -28.16 -26.35
CA ASP A 605 -8.11 -28.14 -27.31
C ASP A 605 -7.92 -29.15 -28.46
N LEU A 606 -6.66 -29.33 -28.98
CA LEU A 606 -6.38 -30.03 -30.23
C LEU A 606 -6.67 -31.45 -30.23
N ASN A 607 -6.54 -32.11 -29.07
CA ASN A 607 -6.74 -33.49 -28.81
C ASN A 607 -8.17 -33.90 -28.92
N LYS A 608 -9.15 -32.91 -28.80
CA LYS A 608 -10.60 -33.31 -28.88
C LYS A 608 -11.24 -33.13 -30.23
N THR A 609 -12.11 -32.10 -30.35
CA THR A 609 -12.96 -31.92 -31.44
C THR A 609 -12.38 -31.73 -32.91
N PRO A 610 -11.38 -31.02 -33.29
CA PRO A 610 -10.92 -30.78 -34.64
C PRO A 610 -10.49 -31.96 -35.38
N SER A 611 -10.00 -32.93 -34.60
CA SER A 611 -9.29 -33.97 -35.21
C SER A 611 -10.12 -35.06 -35.86
N TRP A 612 -11.45 -35.16 -35.46
CA TRP A 612 -12.38 -36.11 -35.84
C TRP A 612 -13.05 -35.75 -37.14
N LYS A 613 -13.86 -36.71 -37.61
CA LYS A 613 -14.78 -36.67 -38.72
C LYS A 613 -16.02 -35.76 -38.42
N TYR A 614 -16.56 -35.21 -39.57
CA TYR A 614 -17.72 -34.32 -39.62
C TYR A 614 -18.92 -35.38 -39.74
N ARG A 623 -6.55 -35.29 -42.40
CA ARG A 623 -6.31 -36.70 -42.07
C ARG A 623 -4.88 -36.85 -41.74
N ARG A 624 -4.03 -36.90 -42.72
CA ARG A 624 -2.59 -36.96 -42.58
C ARG A 624 -2.06 -35.59 -41.99
N ILE A 625 -2.60 -34.38 -42.46
CA ILE A 625 -2.12 -33.07 -42.05
C ILE A 625 -2.18 -32.79 -40.56
N VAL A 626 -3.30 -33.36 -40.00
CA VAL A 626 -3.73 -33.24 -38.59
C VAL A 626 -2.64 -33.89 -37.74
N ARG A 627 -2.13 -35.05 -38.20
CA ARG A 627 -1.08 -35.84 -37.62
C ARG A 627 0.33 -35.13 -37.65
N ALA A 628 0.62 -34.38 -38.77
CA ALA A 628 1.77 -33.56 -38.90
C ALA A 628 1.69 -32.50 -37.87
N THR A 629 0.50 -31.84 -37.70
CA THR A 629 0.33 -30.88 -36.67
C THR A 629 0.55 -31.48 -35.25
N ARG A 630 0.05 -32.75 -34.98
CA ARG A 630 0.32 -33.39 -33.68
C ARG A 630 1.73 -33.66 -33.30
N VAL A 631 2.55 -34.23 -34.24
CA VAL A 631 3.91 -34.48 -33.92
C VAL A 631 4.66 -33.20 -33.74
N LEU A 632 4.45 -32.22 -34.68
CA LEU A 632 5.21 -31.04 -34.75
C LEU A 632 5.07 -30.26 -33.46
N HIS A 633 3.80 -30.12 -32.99
CA HIS A 633 3.49 -29.37 -31.76
C HIS A 633 4.09 -29.90 -30.52
N ALA A 634 4.10 -31.26 -30.38
CA ALA A 634 4.65 -32.00 -29.31
C ALA A 634 6.14 -31.81 -29.17
N LYS A 635 6.88 -31.85 -30.38
CA LYS A 635 8.30 -31.58 -30.49
C LYS A 635 8.59 -30.16 -30.08
N MET A 636 7.81 -29.20 -30.63
CA MET A 636 7.99 -27.81 -30.24
C MET A 636 7.75 -27.50 -28.73
N ASN A 637 6.74 -28.13 -28.10
CA ASN A 637 6.43 -27.97 -26.67
C ASN A 637 7.56 -28.52 -25.84
N HIS A 638 8.15 -29.63 -26.30
CA HIS A 638 9.29 -30.23 -25.65
C HIS A 638 10.42 -29.24 -25.77
N PHE A 639 10.61 -28.66 -26.97
CA PHE A 639 11.84 -27.87 -27.14
C PHE A 639 11.86 -26.60 -26.26
N ILE A 640 10.66 -25.89 -26.22
CA ILE A 640 10.65 -24.68 -25.45
C ILE A 640 10.86 -24.91 -23.98
N LYS A 641 10.24 -26.01 -23.44
CA LYS A 641 10.45 -26.34 -22.07
C LYS A 641 11.91 -26.67 -21.69
N THR A 642 12.69 -27.44 -22.53
CA THR A 642 14.09 -27.78 -22.27
C THR A 642 14.97 -26.59 -22.34
N ILE A 643 14.78 -25.68 -23.26
CA ILE A 643 15.60 -24.47 -23.30
C ILE A 643 15.42 -23.68 -22.06
N MET A 644 14.12 -23.52 -21.58
CA MET A 644 13.88 -22.72 -20.36
C MET A 644 14.47 -23.33 -19.20
N GLU A 645 14.45 -24.69 -19.15
CA GLU A 645 15.05 -25.36 -18.06
C GLU A 645 16.55 -25.14 -17.92
N TYR A 646 17.23 -25.29 -19.06
CA TYR A 646 18.70 -25.29 -19.17
C TYR A 646 19.27 -23.99 -18.88
N PHE A 647 18.65 -22.91 -19.38
CA PHE A 647 18.90 -21.47 -19.12
C PHE A 647 18.77 -21.16 -17.64
N ASN A 648 17.63 -21.62 -17.12
CA ASN A 648 17.37 -21.44 -15.72
C ASN A 648 18.36 -22.20 -14.83
N GLN A 649 18.60 -23.52 -15.04
CA GLN A 649 19.46 -24.24 -14.18
C GLN A 649 20.87 -23.82 -14.33
N ASN A 650 21.41 -23.80 -15.55
CA ASN A 650 22.84 -23.65 -15.79
C ASN A 650 23.32 -22.28 -15.49
N VAL A 651 22.65 -21.16 -15.89
CA VAL A 651 23.11 -19.88 -15.40
C VAL A 651 22.46 -19.52 -14.16
N ILE A 652 21.16 -19.38 -14.11
CA ILE A 652 20.56 -18.58 -12.98
C ILE A 652 20.65 -19.24 -11.66
N ASP A 653 20.14 -20.45 -11.50
CA ASP A 653 19.98 -21.12 -10.26
C ASP A 653 21.33 -21.42 -9.51
N LYS A 654 22.36 -21.83 -10.33
CA LYS A 654 23.69 -21.98 -9.91
C LYS A 654 24.29 -20.73 -9.48
N GLU A 655 24.13 -19.60 -10.19
CA GLU A 655 24.70 -18.34 -9.85
C GLU A 655 24.12 -17.81 -8.59
N VAL A 656 22.78 -17.88 -8.48
CA VAL A 656 22.08 -17.40 -7.28
C VAL A 656 22.46 -18.21 -6.05
N TYR A 657 22.64 -19.50 -6.23
CA TYR A 657 23.07 -20.31 -5.15
C TYR A 657 24.44 -19.87 -4.62
N SER A 658 25.44 -19.60 -5.47
CA SER A 658 26.66 -19.12 -4.94
C SER A 658 26.59 -17.77 -4.27
N LEU A 659 25.78 -16.86 -4.78
CA LEU A 659 25.71 -15.51 -4.29
C LEU A 659 25.26 -15.49 -2.90
N GLU A 660 24.18 -16.34 -2.62
CA GLU A 660 23.67 -16.46 -1.26
C GLU A 660 24.70 -17.07 -0.36
N LYS A 661 25.50 -18.09 -0.80
CA LYS A 661 26.55 -18.72 -0.03
C LYS A 661 27.68 -17.76 0.36
N CYS A 662 28.18 -16.94 -0.52
CA CYS A 662 29.14 -15.87 -0.34
C CYS A 662 28.59 -14.79 0.61
N TYR A 663 27.26 -14.48 0.47
CA TYR A 663 26.59 -13.65 1.37
C TYR A 663 26.55 -14.22 2.84
N ARG A 664 26.26 -15.55 3.01
CA ARG A 664 26.09 -16.21 4.27
C ARG A 664 27.32 -16.38 5.07
N ASN A 665 28.43 -16.71 4.39
CA ASN A 665 29.58 -17.10 5.18
C ASN A 665 30.21 -16.04 6.04
N PRO A 666 30.53 -14.81 5.45
CA PRO A 666 30.94 -13.66 6.26
C PRO A 666 29.77 -12.81 6.22
N THR A 667 29.96 -11.49 6.33
CA THR A 667 29.00 -10.49 6.23
C THR A 667 29.66 -9.27 5.75
N LEU A 668 30.84 -9.41 5.08
CA LEU A 668 31.67 -8.31 4.61
C LEU A 668 30.92 -7.48 3.56
N ALA A 669 30.73 -6.20 3.79
CA ALA A 669 29.93 -5.38 2.99
C ALA A 669 30.31 -5.21 1.55
N VAL A 670 31.61 -5.11 1.37
CA VAL A 670 32.21 -5.06 0.02
C VAL A 670 31.91 -6.30 -0.84
N ALA A 671 31.92 -7.46 -0.18
CA ALA A 671 31.65 -8.75 -0.76
C ALA A 671 30.28 -8.92 -1.33
N ILE A 672 29.32 -8.31 -0.64
CA ILE A 672 27.92 -8.30 -0.94
C ILE A 672 27.73 -7.54 -2.24
N GLN A 673 28.39 -6.36 -2.33
CA GLN A 673 28.42 -5.54 -3.48
C GLN A 673 29.04 -6.19 -4.67
N ASN A 674 30.14 -6.93 -4.41
CA ASN A 674 30.97 -7.64 -5.39
C ASN A 674 30.12 -8.65 -6.05
N GLU A 675 29.41 -9.43 -5.23
CA GLU A 675 28.58 -10.62 -5.43
C GLU A 675 27.45 -10.09 -6.24
N LEU A 676 26.90 -8.86 -6.03
CA LEU A 676 25.84 -8.24 -6.82
C LEU A 676 26.44 -8.05 -8.22
N GLU A 677 27.75 -7.64 -8.26
CA GLU A 677 28.41 -7.41 -9.62
C GLU A 677 28.47 -8.68 -10.45
N GLY A 678 28.83 -9.77 -9.78
CA GLY A 678 29.09 -11.13 -10.30
C GLY A 678 27.85 -11.62 -10.90
N GLY A 679 26.72 -11.33 -10.16
CA GLY A 679 25.40 -11.75 -10.46
C GLY A 679 24.93 -11.07 -11.72
N LEU A 680 25.29 -9.79 -11.85
CA LEU A 680 24.98 -9.08 -13.01
C LEU A 680 25.72 -9.56 -14.19
N THR A 681 27.03 -9.92 -14.10
CA THR A 681 27.75 -10.49 -15.23
C THR A 681 27.21 -11.94 -15.26
N ASN A 682 27.57 -12.71 -16.37
CA ASN A 682 27.31 -14.11 -16.68
C ASN A 682 25.91 -14.40 -17.07
N ILE A 683 24.92 -13.71 -16.34
CA ILE A 683 23.50 -13.74 -16.73
C ILE A 683 23.48 -12.89 -17.95
N MET A 684 24.25 -11.77 -18.01
CA MET A 684 24.35 -11.08 -19.22
C MET A 684 24.99 -11.91 -20.24
N THR A 685 26.07 -12.65 -19.97
CA THR A 685 26.79 -13.27 -21.04
C THR A 685 26.00 -14.32 -21.79
N ASN A 686 25.20 -15.25 -21.05
CA ASN A 686 24.52 -16.37 -21.63
C ASN A 686 23.50 -15.85 -22.54
N ARG A 687 22.90 -14.71 -22.23
CA ARG A 687 21.98 -13.90 -23.09
C ARG A 687 22.45 -13.45 -24.42
N CYS A 688 23.64 -12.83 -24.39
CA CYS A 688 24.29 -12.26 -25.53
C CYS A 688 24.71 -13.40 -26.49
N LEU A 689 25.27 -14.47 -25.85
CA LEU A 689 25.75 -15.63 -26.57
C LEU A 689 24.63 -16.37 -27.29
N SER A 690 23.45 -16.52 -26.60
CA SER A 690 22.41 -17.29 -27.22
C SER A 690 21.30 -16.37 -27.72
N ASP A 691 21.43 -15.93 -28.98
CA ASP A 691 20.56 -15.06 -29.77
C ASP A 691 19.36 -15.73 -30.42
N LEU A 692 18.82 -16.66 -29.64
CA LEU A 692 17.76 -17.60 -30.02
C LEU A 692 16.40 -16.91 -30.22
N ILE A 693 16.07 -15.83 -29.47
CA ILE A 693 14.73 -15.32 -29.43
C ILE A 693 14.27 -14.77 -30.79
N PRO A 694 14.89 -14.12 -31.77
CA PRO A 694 14.16 -13.65 -32.98
C PRO A 694 13.64 -14.92 -33.78
N LEU A 695 14.49 -16.02 -33.77
CA LEU A 695 14.19 -17.25 -34.46
C LEU A 695 12.97 -17.96 -33.84
N GLN A 696 12.98 -18.01 -32.45
CA GLN A 696 11.91 -18.62 -31.64
C GLN A 696 10.62 -17.80 -31.93
N LEU A 697 10.72 -16.44 -32.08
CA LEU A 697 9.67 -15.56 -32.46
C LEU A 697 9.08 -15.79 -33.84
N GLN A 698 9.91 -16.13 -34.79
CA GLN A 698 9.42 -16.58 -36.07
C GLN A 698 8.63 -17.87 -36.02
N ILE A 699 9.03 -18.92 -35.25
CA ILE A 699 8.36 -20.20 -35.07
C ILE A 699 7.00 -19.90 -34.38
N PHE A 700 7.01 -18.93 -33.44
CA PHE A 700 5.85 -18.51 -32.73
C PHE A 700 4.75 -17.97 -33.64
N ASP A 701 5.12 -17.14 -34.66
CA ASP A 701 4.07 -16.58 -35.60
C ASP A 701 3.43 -17.70 -36.39
N ILE A 702 4.22 -18.68 -36.87
CA ILE A 702 3.86 -19.82 -37.62
C ILE A 702 2.88 -20.70 -36.75
N VAL A 703 3.21 -20.84 -35.52
CA VAL A 703 2.38 -21.48 -34.50
C VAL A 703 1.04 -20.76 -34.32
N TYR A 704 1.02 -19.37 -34.21
CA TYR A 704 -0.22 -18.60 -34.00
C TYR A 704 -1.11 -18.84 -35.18
N LYS A 705 -0.57 -18.90 -36.45
CA LYS A 705 -1.26 -19.06 -37.66
C LYS A 705 -1.99 -20.41 -37.57
N PHE A 706 -1.23 -21.44 -37.04
CA PHE A 706 -1.76 -22.77 -36.78
C PHE A 706 -2.91 -22.77 -35.78
N CYS A 707 -2.75 -22.07 -34.63
CA CYS A 707 -3.79 -21.98 -33.57
C CYS A 707 -5.05 -21.43 -34.17
N LYS A 708 -4.93 -20.35 -35.01
CA LYS A 708 -6.00 -19.63 -35.65
C LYS A 708 -6.72 -20.61 -36.62
N PHE A 709 -5.97 -21.39 -37.36
CA PHE A 709 -6.54 -22.37 -38.31
C PHE A 709 -7.39 -23.49 -37.77
N ILE A 710 -6.84 -24.17 -36.66
CA ILE A 710 -7.37 -25.30 -35.93
C ILE A 710 -8.69 -25.01 -35.29
N LYS A 711 -8.90 -23.72 -34.76
CA LYS A 711 -10.14 -23.24 -34.28
C LYS A 711 -11.31 -23.27 -35.19
N SER A 712 -11.04 -23.12 -36.50
CA SER A 712 -12.05 -22.99 -37.52
C SER A 712 -13.03 -24.11 -37.58
N MET A 713 -12.49 -25.35 -37.35
CA MET A 713 -13.19 -26.67 -37.42
C MET A 713 -13.77 -26.90 -38.72
N ARG A 714 -14.70 -27.86 -38.80
CA ARG A 714 -15.21 -28.37 -40.06
C ARG A 714 -16.46 -29.22 -39.59
N GLU A 754 -16.12 -28.48 -48.80
CA GLU A 754 -15.75 -29.90 -49.36
C GLU A 754 -14.65 -29.55 -50.34
N ASP A 755 -15.10 -28.88 -51.48
CA ASP A 755 -14.22 -28.47 -52.54
C ASP A 755 -13.24 -27.46 -52.00
N ALA A 756 -13.83 -26.55 -51.18
CA ALA A 756 -13.11 -25.49 -50.56
C ALA A 756 -12.04 -25.97 -49.64
N ALA A 757 -12.37 -27.08 -48.89
CA ALA A 757 -11.42 -27.65 -47.88
C ALA A 757 -10.16 -28.09 -48.61
N LEU A 758 -10.25 -28.63 -49.85
CA LEU A 758 -9.10 -29.09 -50.64
C LEU A 758 -8.14 -28.03 -50.95
N GLU A 759 -8.67 -26.83 -51.27
CA GLU A 759 -7.82 -25.68 -51.67
C GLU A 759 -6.93 -25.24 -50.47
N LEU A 760 -7.72 -25.14 -49.32
CA LEU A 760 -7.13 -24.70 -48.07
C LEU A 760 -6.03 -25.68 -47.57
N ILE A 761 -6.27 -26.95 -47.66
CA ILE A 761 -5.34 -27.94 -47.20
C ILE A 761 -4.01 -27.80 -47.98
N GLN A 762 -4.09 -27.53 -49.32
CA GLN A 762 -2.95 -27.42 -50.17
C GLN A 762 -2.00 -26.19 -49.83
N LYS A 763 -2.52 -24.98 -49.64
CA LYS A 763 -1.79 -23.73 -49.33
C LYS A 763 -1.14 -23.89 -48.00
N LEU A 764 -1.87 -24.58 -47.09
CA LEU A 764 -1.56 -24.97 -45.70
C LEU A 764 -0.35 -25.86 -45.82
N ILE A 765 -0.32 -26.78 -46.83
CA ILE A 765 0.73 -27.76 -46.98
C ILE A 765 2.09 -27.10 -47.29
N GLU A 766 1.97 -26.04 -48.24
CA GLU A 766 3.19 -25.31 -48.68
C GLU A 766 3.77 -24.54 -47.50
N TYR A 767 2.87 -23.98 -46.63
CA TYR A 767 3.21 -23.23 -45.42
C TYR A 767 4.00 -24.12 -44.51
N ILE A 768 3.53 -25.41 -44.37
CA ILE A 768 4.18 -26.45 -43.57
C ILE A 768 5.55 -26.72 -44.09
N SER A 769 5.73 -26.79 -45.42
CA SER A 769 6.97 -27.19 -46.00
C SER A 769 8.08 -26.17 -45.66
N ASN A 770 7.69 -24.92 -45.76
CA ASN A 770 8.64 -23.80 -45.40
C ASN A 770 9.03 -23.91 -43.92
N ALA A 771 8.05 -24.05 -43.12
CA ALA A 771 8.19 -24.03 -41.68
C ALA A 771 9.07 -25.15 -41.17
N SER A 772 8.82 -26.38 -41.84
CA SER A 772 9.47 -27.60 -41.63
C SER A 772 10.91 -27.46 -41.98
N SER A 773 11.24 -26.70 -43.08
CA SER A 773 12.68 -26.52 -43.41
C SER A 773 13.45 -25.71 -42.34
N ILE A 774 12.82 -24.60 -41.80
CA ILE A 774 13.42 -23.85 -40.69
C ILE A 774 13.57 -24.62 -39.37
N PHE A 775 12.57 -25.40 -39.02
CA PHE A 775 12.50 -26.32 -37.88
C PHE A 775 13.61 -27.34 -37.96
N ARG A 776 13.83 -27.90 -39.25
CA ARG A 776 14.86 -28.93 -39.55
C ARG A 776 16.21 -28.33 -39.26
N LYS A 777 16.48 -27.04 -39.70
CA LYS A 777 17.73 -26.36 -39.46
C LYS A 777 17.88 -26.19 -38.07
N CYS A 778 16.72 -25.90 -37.32
CA CYS A 778 16.72 -25.74 -35.91
C CYS A 778 17.15 -26.94 -35.07
N LEU A 779 16.82 -28.16 -35.56
CA LEU A 779 16.94 -29.50 -34.96
C LEU A 779 18.40 -29.71 -34.61
N ILE A 780 19.18 -29.22 -35.56
CA ILE A 780 20.66 -29.28 -35.49
C ILE A 780 21.17 -28.56 -34.36
N ASN A 781 20.62 -27.37 -34.04
CA ASN A 781 21.11 -26.56 -32.99
C ASN A 781 21.13 -27.16 -31.68
N PHE A 782 20.12 -27.96 -31.37
CA PHE A 782 20.06 -28.59 -30.06
C PHE A 782 21.23 -29.50 -29.76
N THR A 783 21.59 -30.40 -30.75
CA THR A 783 22.71 -31.33 -30.72
C THR A 783 24.14 -30.73 -30.74
N GLN A 784 24.39 -29.81 -31.72
CA GLN A 784 25.71 -29.16 -31.90
C GLN A 784 25.93 -28.16 -30.82
N GLU A 785 24.83 -27.52 -30.32
CA GLU A 785 24.79 -26.31 -29.55
C GLU A 785 25.11 -25.04 -30.38
N LEU A 786 25.45 -25.20 -31.70
CA LEU A 786 25.72 -24.15 -32.65
C LEU A 786 24.76 -24.49 -33.70
N SER A 787 24.59 -23.60 -34.70
CA SER A 787 23.73 -23.89 -35.85
C SER A 787 23.55 -22.55 -36.44
N THR A 788 24.39 -22.39 -37.57
CA THR A 788 24.52 -21.31 -38.46
C THR A 788 23.26 -21.18 -39.37
N GLU A 789 22.84 -22.41 -39.79
CA GLU A 789 21.85 -22.79 -40.79
C GLU A 789 20.46 -22.32 -40.51
N LYS A 790 20.04 -22.36 -39.20
CA LYS A 790 18.75 -21.81 -38.87
C LYS A 790 18.55 -20.35 -39.07
N PHE A 791 19.57 -19.53 -38.75
CA PHE A 791 19.53 -18.11 -39.07
C PHE A 791 19.43 -17.97 -40.56
N ASP A 792 20.22 -18.82 -41.36
CA ASP A 792 20.42 -18.71 -42.80
C ASP A 792 19.05 -18.84 -43.50
N PHE A 793 18.09 -19.69 -43.08
CA PHE A 793 16.78 -19.73 -43.72
C PHE A 793 16.10 -18.44 -43.51
N TYR A 794 16.20 -17.83 -42.32
CA TYR A 794 15.54 -16.58 -42.09
C TYR A 794 15.88 -15.43 -43.02
N ASP A 795 17.23 -15.33 -43.19
CA ASP A 795 17.85 -14.48 -44.18
C ASP A 795 17.45 -14.82 -45.57
N SER A 796 17.35 -16.10 -45.99
CA SER A 796 17.03 -16.56 -47.29
C SER A 796 15.65 -16.24 -47.72
N SER A 797 14.75 -16.16 -46.70
CA SER A 797 13.34 -15.77 -47.04
C SER A 797 13.31 -14.37 -47.57
N SER A 798 14.24 -13.45 -47.05
CA SER A 798 14.32 -12.06 -47.40
C SER A 798 14.51 -11.78 -48.85
N VAL A 799 15.59 -12.40 -49.31
CA VAL A 799 16.06 -12.36 -50.72
C VAL A 799 16.62 -13.76 -50.79
N ASP A 800 16.16 -14.58 -51.79
CA ASP A 800 16.65 -15.91 -51.95
C ASP A 800 17.82 -15.86 -52.93
N PRO B 180 61.72 65.96 26.75
CA PRO B 180 61.11 65.28 25.64
C PRO B 180 60.50 64.06 26.00
N GLU B 181 61.33 63.02 26.29
CA GLU B 181 60.87 61.66 26.36
C GLU B 181 59.92 61.51 27.56
N GLU B 182 60.16 62.05 28.75
CA GLU B 182 59.35 61.82 29.82
C GLU B 182 57.94 62.36 29.64
N ASP B 183 57.94 63.61 29.16
CA ASP B 183 56.78 64.46 28.94
C ASP B 183 55.92 63.81 27.93
N ILE B 184 56.55 63.29 26.91
CA ILE B 184 56.01 62.52 25.77
C ILE B 184 55.44 61.29 26.16
N LEU B 185 56.00 60.57 27.01
CA LEU B 185 55.44 59.40 27.56
C LEU B 185 54.20 59.69 28.33
N LYS B 186 54.15 60.83 29.07
CA LYS B 186 52.93 61.20 29.71
C LYS B 186 51.70 61.50 28.76
N TYR B 187 52.05 62.28 27.64
CA TYR B 187 51.14 62.67 26.61
C TYR B 187 50.61 61.39 25.91
N VAL B 188 51.50 60.36 25.64
CA VAL B 188 51.17 59.13 25.00
C VAL B 188 50.22 58.35 25.84
N SER B 189 50.44 58.41 27.21
CA SER B 189 49.50 57.73 28.09
C SER B 189 48.15 58.29 28.03
N TYR B 190 47.98 59.62 27.90
CA TYR B 190 46.71 60.24 27.69
C TYR B 190 46.11 59.83 26.42
N THR B 191 46.91 59.78 25.35
CA THR B 191 46.55 59.56 23.97
C THR B 191 46.08 58.16 23.81
N LEU B 192 46.65 57.07 24.44
CA LEU B 192 46.25 55.64 24.35
C LEU B 192 44.80 55.48 24.70
N LEU B 193 44.29 56.26 25.72
CA LEU B 193 42.90 56.22 26.20
C LEU B 193 41.97 56.88 25.21
N ALA B 194 42.51 57.56 24.17
CA ALA B 194 41.96 58.38 23.09
C ALA B 194 41.73 59.79 23.58
N THR B 195 42.63 60.53 24.30
CA THR B 195 42.44 61.90 24.58
C THR B 195 43.59 62.73 23.94
N THR B 196 43.32 63.96 23.45
CA THR B 196 44.16 65.00 22.86
C THR B 196 45.04 65.50 23.94
N SER B 197 46.25 65.84 23.60
CA SER B 197 47.23 66.34 24.52
C SER B 197 47.55 67.74 24.17
N ALA B 198 48.46 68.37 24.99
CA ALA B 198 48.93 69.71 24.85
C ALA B 198 49.86 69.76 23.69
N LEU B 199 50.42 68.56 23.40
CA LEU B 199 51.44 68.27 22.38
C LEU B 199 50.65 67.92 21.15
N PHE B 200 50.23 66.72 21.02
CA PHE B 200 49.39 66.20 19.93
C PHE B 200 48.14 67.01 19.66
N PRO B 201 47.80 67.38 18.44
CA PRO B 201 46.45 67.97 18.26
C PRO B 201 45.45 67.02 17.86
N PHE B 202 45.76 65.70 17.88
CA PHE B 202 44.87 64.68 17.52
C PHE B 202 43.57 64.75 18.32
N ASP B 203 42.52 65.21 17.66
CA ASP B 203 41.23 65.31 18.34
C ASP B 203 40.34 64.38 17.53
N HIS B 204 39.13 64.77 17.20
CA HIS B 204 38.16 64.03 16.34
C HIS B 204 38.78 64.00 14.98
N GLU B 205 39.39 65.15 14.52
CA GLU B 205 39.97 65.21 13.21
C GLU B 205 41.46 64.90 13.36
N GLN B 206 42.15 64.36 12.33
CA GLN B 206 43.42 63.81 12.32
C GLN B 206 44.51 64.71 12.86
N ILE B 207 45.63 64.05 13.23
CA ILE B 207 46.74 64.71 13.79
C ILE B 207 47.42 65.57 12.75
N GLN B 208 48.09 66.63 13.30
CA GLN B 208 48.79 67.69 12.61
C GLN B 208 50.20 67.81 12.98
N ILE B 209 50.62 66.82 13.85
CA ILE B 209 51.96 66.55 14.33
C ILE B 209 52.99 67.80 14.33
N PRO B 210 53.24 68.51 15.41
CA PRO B 210 54.16 69.56 15.65
C PRO B 210 55.59 69.35 15.28
N SER B 211 56.37 70.47 15.21
CA SER B 211 57.75 70.44 14.78
C SER B 211 58.68 69.41 15.38
N LYS B 212 59.04 69.55 16.68
CA LYS B 212 60.15 68.78 17.21
C LYS B 212 59.62 67.53 17.91
N ILE B 213 58.97 66.73 16.95
CA ILE B 213 58.59 65.41 17.17
C ILE B 213 59.47 64.74 16.12
N PRO B 214 60.57 64.07 16.41
CA PRO B 214 61.41 63.36 15.45
C PRO B 214 60.67 62.51 14.42
N ASN B 215 61.33 62.18 13.33
CA ASN B 215 60.89 61.37 12.17
C ASN B 215 60.48 59.98 12.62
N PHE B 216 61.31 59.42 13.47
CA PHE B 216 61.26 58.13 14.12
C PHE B 216 60.02 57.98 14.88
N GLU B 217 59.73 59.03 15.74
CA GLU B 217 58.59 59.08 16.62
C GLU B 217 57.45 59.18 15.72
N SER B 218 57.55 59.97 14.64
CA SER B 218 56.47 60.31 13.71
C SER B 218 55.99 59.01 13.07
N GLY B 219 56.89 58.02 12.68
CA GLY B 219 56.39 56.80 12.15
C GLY B 219 55.51 55.94 13.07
N LEU B 220 56.02 55.89 14.35
CA LEU B 220 55.41 55.15 15.40
C LEU B 220 54.03 55.68 15.64
N LEU B 221 53.95 57.01 15.63
CA LEU B 221 52.91 57.86 15.76
C LEU B 221 51.93 57.71 14.59
N HIS B 222 52.38 57.39 13.35
CA HIS B 222 51.49 57.18 12.22
C HIS B 222 50.63 56.00 12.51
N LEU B 223 51.26 54.85 13.09
CA LEU B 223 50.48 53.63 13.47
C LEU B 223 49.53 53.92 14.53
N ILE B 224 50.02 54.65 15.58
CA ILE B 224 49.18 54.95 16.78
C ILE B 224 47.98 55.82 16.37
N PHE B 225 48.04 56.79 15.39
CA PHE B 225 46.89 57.66 15.04
C PHE B 225 45.70 56.90 14.50
N GLU B 226 45.94 55.80 13.70
CA GLU B 226 44.89 54.89 13.24
C GLU B 226 44.19 54.27 14.44
N ALA B 227 44.98 53.75 15.41
CA ALA B 227 44.45 53.02 16.57
C ALA B 227 43.51 53.82 17.41
N GLY B 228 43.97 55.15 17.63
CA GLY B 228 43.34 56.24 18.37
C GLY B 228 42.02 56.69 17.70
N LEU B 229 42.00 56.70 16.34
CA LEU B 229 40.87 56.99 15.48
C LEU B 229 39.71 56.02 15.66
N LEU B 230 40.11 54.69 15.77
CA LEU B 230 39.23 53.57 15.94
C LEU B 230 38.54 53.72 17.21
N TYR B 231 39.32 54.06 18.23
CA TYR B 231 38.76 54.24 19.58
C TYR B 231 37.68 55.29 19.59
N GLN B 232 37.82 56.47 18.90
CA GLN B 232 36.82 57.51 18.85
C GLN B 232 35.52 57.22 18.17
N SER B 233 35.65 56.53 17.07
CA SER B 233 34.65 56.05 16.23
C SER B 233 33.79 54.99 17.00
N LEU B 234 34.44 54.02 17.74
CA LEU B 234 33.77 52.95 18.42
C LEU B 234 32.88 53.56 19.51
N GLY B 235 33.48 54.58 20.19
CA GLY B 235 32.71 55.28 21.22
C GLY B 235 31.45 55.93 20.69
N TYR B 236 31.57 56.56 19.42
CA TYR B 236 30.44 57.25 18.82
C TYR B 236 29.34 56.26 18.52
N LYS B 237 29.69 55.06 17.91
CA LYS B 237 28.79 54.02 17.49
C LYS B 237 28.06 53.40 18.66
N VAL B 238 28.74 53.08 19.78
CA VAL B 238 28.22 52.51 21.04
C VAL B 238 27.29 53.47 21.61
N GLU B 239 27.60 54.76 21.58
CA GLU B 239 26.82 55.76 22.22
C GLU B 239 25.43 55.81 21.64
N LYS B 240 25.36 55.67 20.29
CA LYS B 240 24.15 55.72 19.53
C LYS B 240 23.29 54.56 19.89
N PHE B 241 23.98 53.37 19.96
CA PHE B 241 23.34 52.08 20.28
C PHE B 241 23.00 52.13 21.70
N ARG B 242 23.68 52.91 22.61
CA ARG B 242 23.20 53.00 23.92
C ARG B 242 21.91 53.74 23.93
N MET B 243 21.82 54.90 23.28
CA MET B 243 20.58 55.74 23.27
C MET B 243 19.44 54.95 22.61
N LEU B 244 19.73 54.48 21.43
CA LEU B 244 18.75 53.81 20.59
C LEU B 244 19.32 52.67 19.79
N ASN B 245 18.68 51.45 19.96
CA ASN B 245 19.10 50.28 19.38
C ASN B 245 17.93 49.33 19.36
N ILE B 246 17.97 48.41 18.35
CA ILE B 246 16.91 47.47 18.15
C ILE B 246 17.62 46.19 18.22
N SER B 247 16.80 45.09 18.47
CA SER B 247 17.22 43.71 18.48
C SER B 247 18.06 43.42 19.69
N PRO B 248 17.69 42.48 20.51
CA PRO B 248 18.48 42.08 21.67
C PRO B 248 19.77 41.37 21.25
N MET B 249 19.86 40.77 20.00
CA MET B 249 21.12 40.22 19.60
C MET B 249 22.16 41.28 19.45
N LYS B 250 21.78 42.41 18.84
CA LYS B 250 22.70 43.53 18.66
C LYS B 250 23.08 44.12 20.01
N LYS B 251 22.06 44.25 20.89
CA LYS B 251 22.30 44.84 22.16
C LYS B 251 23.33 44.06 23.00
N ALA B 252 23.19 42.68 22.92
CA ALA B 252 24.05 41.71 23.46
C ALA B 252 25.46 41.69 22.88
N LEU B 253 25.62 42.02 21.55
CA LEU B 253 26.91 42.29 20.94
C LEU B 253 27.51 43.48 21.54
N ILE B 254 26.81 44.68 21.71
CA ILE B 254 27.41 45.88 22.24
C ILE B 254 27.85 45.59 23.60
N ILE B 255 27.03 44.84 24.26
CA ILE B 255 27.42 44.43 25.58
C ILE B 255 28.73 43.62 25.62
N GLU B 256 28.90 42.65 24.75
CA GLU B 256 30.10 41.89 24.77
C GLU B 256 31.32 42.61 24.31
N ILE B 257 31.28 43.53 23.33
CA ILE B 257 32.45 44.32 23.01
C ILE B 257 32.88 45.18 24.19
N SER B 258 31.83 45.77 24.79
CA SER B 258 31.97 46.76 25.89
C SER B 258 32.76 46.16 27.05
N GLU B 259 32.57 44.87 27.38
CA GLU B 259 33.33 44.22 28.36
C GLU B 259 34.75 44.02 27.96
N GLU B 260 34.96 43.76 26.68
CA GLU B 260 36.25 43.59 26.20
C GLU B 260 37.08 44.84 26.29
N LEU B 261 36.48 45.93 26.07
CA LEU B 261 37.12 47.19 26.24
C LEU B 261 37.45 47.61 27.68
N GLN B 262 36.69 47.08 28.68
CA GLN B 262 37.09 47.39 30.04
C GLN B 262 38.52 46.99 30.35
N ASN B 263 38.79 45.79 29.75
CA ASN B 263 40.09 45.19 29.77
C ASN B 263 41.26 45.90 29.18
N TYR B 264 41.02 46.58 27.99
CA TYR B 264 42.07 47.35 27.24
C TYR B 264 42.53 48.40 28.09
N THR B 265 41.56 49.12 28.71
CA THR B 265 41.86 50.27 29.52
C THR B 265 42.67 49.84 30.68
N ALA B 266 42.33 48.56 31.29
CA ALA B 266 43.11 47.99 32.41
C ALA B 266 44.49 47.69 32.15
N PHE B 267 44.82 47.13 30.94
CA PHE B 267 46.15 46.96 30.46
C PHE B 267 46.93 48.22 30.37
N VAL B 268 46.32 49.31 29.79
CA VAL B 268 47.05 50.58 29.74
C VAL B 268 47.40 51.14 31.01
N ASN B 269 46.56 51.23 32.02
CA ASN B 269 46.99 51.69 33.34
C ASN B 269 47.99 50.80 34.06
N ASN B 270 47.83 49.53 33.86
CA ASN B 270 48.80 48.58 34.32
C ASN B 270 50.12 48.82 33.70
N LEU B 271 50.13 49.04 32.38
CA LEU B 271 51.36 49.26 31.67
C LEU B 271 52.07 50.48 32.08
N VAL B 272 51.39 51.57 32.38
CA VAL B 272 51.92 52.82 32.90
C VAL B 272 52.70 52.50 34.14
N SER B 273 52.11 51.78 35.11
CA SER B 273 52.70 51.32 36.30
C SER B 273 53.75 50.34 35.95
N SER B 274 53.38 49.06 35.88
CA SER B 274 54.28 47.96 35.52
C SER B 274 54.61 48.03 34.06
N GLY B 275 55.86 48.45 33.86
CA GLY B 275 56.41 48.58 32.57
C GLY B 275 56.60 50.02 32.39
N THR B 276 57.44 50.60 33.30
CA THR B 276 57.60 52.03 33.33
C THR B 276 58.90 52.36 32.77
N VAL B 277 59.81 51.35 32.38
CA VAL B 277 61.19 51.71 31.92
C VAL B 277 61.18 51.62 30.41
N VAL B 278 60.07 51.17 29.92
CA VAL B 278 59.90 51.03 28.50
C VAL B 278 59.87 52.26 27.60
N SER B 279 60.10 51.96 26.28
CA SER B 279 60.09 52.84 25.20
C SER B 279 58.64 52.55 24.66
N LEU B 280 58.19 53.57 23.98
CA LEU B 280 56.90 53.65 23.34
C LEU B 280 56.87 52.54 22.29
N LYS B 281 58.02 52.26 21.67
CA LYS B 281 58.26 51.24 20.71
C LYS B 281 57.92 49.88 21.25
N SER B 282 58.41 49.61 22.49
CA SER B 282 58.30 48.41 23.23
C SER B 282 56.90 48.02 23.63
N LEU B 283 56.25 49.11 24.08
CA LEU B 283 54.86 49.18 24.62
C LEU B 283 53.99 48.82 23.45
N TYR B 284 54.45 49.38 22.20
CA TYR B 284 53.70 49.21 20.98
C TYR B 284 53.65 47.78 20.69
N ARG B 285 54.73 47.07 20.86
CA ARG B 285 54.67 45.65 20.51
C ARG B 285 53.74 44.87 21.32
N GLU B 286 53.87 45.11 22.68
CA GLU B 286 53.07 44.25 23.56
C GLU B 286 51.59 44.37 23.47
N ILE B 287 51.06 45.65 23.32
CA ILE B 287 49.68 45.97 23.16
C ILE B 287 49.08 45.65 21.82
N TYR B 288 49.91 45.38 20.80
CA TYR B 288 49.58 45.25 19.39
C TYR B 288 48.45 44.31 19.17
N GLU B 289 48.35 43.12 19.81
CA GLU B 289 47.43 42.12 19.60
C GLU B 289 46.06 42.68 19.85
N ASN B 290 45.82 43.53 20.84
CA ASN B 290 44.49 44.07 21.05
C ASN B 290 44.06 44.91 19.92
N ILE B 291 44.95 45.62 19.20
CA ILE B 291 44.65 46.41 18.06
C ILE B 291 44.12 45.58 16.87
N ILE B 292 44.72 44.35 16.69
CA ILE B 292 44.41 43.46 15.58
C ILE B 292 43.05 43.02 15.81
N ARG B 293 42.68 42.58 17.02
CA ARG B 293 41.42 41.97 17.34
C ARG B 293 40.45 43.07 17.15
N LEU B 294 40.71 44.26 17.64
CA LEU B 294 39.79 45.34 17.66
C LEU B 294 39.39 45.67 16.30
N ARG B 295 40.33 45.70 15.35
CA ARG B 295 40.15 46.19 13.99
C ARG B 295 39.19 45.26 13.25
N ILE B 296 39.30 43.94 13.47
CA ILE B 296 38.40 43.00 12.87
C ILE B 296 37.01 43.34 13.39
N TYR B 297 36.75 43.59 14.70
CA TYR B 297 35.34 43.80 15.12
C TYR B 297 34.66 44.96 14.49
N CYS B 298 35.45 45.99 14.22
CA CYS B 298 34.90 47.20 13.65
C CYS B 298 34.27 47.04 12.29
N ARG B 299 34.87 46.12 11.50
CA ARG B 299 34.44 45.91 10.11
C ARG B 299 33.00 45.39 10.02
N PHE B 300 32.75 44.46 10.94
CA PHE B 300 31.43 43.93 11.26
C PHE B 300 30.50 45.00 11.64
N THR B 301 30.92 45.89 12.50
CA THR B 301 30.04 46.98 12.98
C THR B 301 29.63 47.89 11.82
N GLU B 302 30.53 48.15 10.87
CA GLU B 302 30.31 49.03 9.70
C GLU B 302 29.16 48.43 8.88
N HIS B 303 29.17 47.16 8.51
CA HIS B 303 28.08 46.61 7.76
C HIS B 303 26.81 46.58 8.60
N LEU B 304 26.99 46.43 9.92
CA LEU B 304 25.87 46.16 10.83
C LEU B 304 24.79 47.20 10.81
N GLU B 305 25.15 48.45 10.45
CA GLU B 305 24.22 49.58 10.49
C GLU B 305 22.94 49.20 9.62
N GLU B 306 23.17 48.54 8.46
CA GLU B 306 22.17 48.19 7.54
C GLU B 306 21.34 46.99 8.14
N LEU B 307 22.09 46.03 8.67
CA LEU B 307 21.71 44.72 9.07
C LEU B 307 20.90 44.76 10.28
N SER B 308 20.03 43.67 10.51
CA SER B 308 19.03 43.53 11.55
C SER B 308 18.80 42.06 11.55
N GLY B 309 17.90 41.59 12.50
CA GLY B 309 17.41 40.25 12.75
C GLY B 309 18.32 39.10 12.47
N ASP B 310 17.78 38.13 11.64
CA ASP B 310 18.34 36.85 11.43
C ASP B 310 19.69 36.81 10.81
N THR B 311 20.09 37.80 10.07
CA THR B 311 21.31 37.81 9.24
C THR B 311 22.64 37.69 10.08
N PHE B 312 22.57 38.27 11.33
CA PHE B 312 23.62 38.22 12.31
C PHE B 312 24.09 36.86 12.71
N LEU B 313 23.17 35.90 12.87
CA LEU B 313 23.45 34.44 13.11
C LEU B 313 24.21 33.73 12.02
N ILE B 314 23.92 34.06 10.72
CA ILE B 314 24.57 33.56 9.55
C ILE B 314 25.95 34.05 9.61
N GLU B 315 26.22 35.36 9.89
CA GLU B 315 27.51 35.98 9.91
C GLU B 315 28.33 35.33 11.01
N LEU B 316 27.74 35.07 12.22
CA LEU B 316 28.44 34.42 13.35
C LEU B 316 28.86 33.04 13.01
N ASN B 317 28.00 32.23 12.28
CA ASN B 317 28.30 30.82 11.97
C ASN B 317 29.49 30.78 11.07
N ILE B 318 29.51 31.66 10.02
CA ILE B 318 30.62 31.74 9.14
C ILE B 318 31.94 32.22 9.79
N PHE B 319 31.87 33.28 10.63
CA PHE B 319 33.05 33.77 11.36
C PHE B 319 33.71 32.78 12.31
N LYS B 320 32.95 31.96 13.07
CA LYS B 320 33.47 30.86 13.85
C LYS B 320 34.17 29.66 13.17
N SER B 321 33.74 29.44 11.92
CA SER B 321 34.35 28.35 11.13
C SER B 321 35.78 28.59 10.84
N HIS B 322 36.03 29.97 10.67
CA HIS B 322 37.25 30.51 10.27
C HIS B 322 38.25 30.20 11.20
N GLY B 323 39.43 29.88 10.63
CA GLY B 323 40.66 29.48 11.25
C GLY B 323 41.21 30.53 12.12
N ASP B 324 42.36 30.25 12.68
CA ASP B 324 42.96 31.07 13.67
C ASP B 324 42.14 30.85 14.93
N LEU B 325 42.86 30.44 16.00
CA LEU B 325 42.33 30.19 17.31
C LEU B 325 41.60 31.37 17.87
N THR B 326 42.15 32.56 17.77
CA THR B 326 41.61 33.70 18.38
C THR B 326 40.29 34.07 17.80
N ILE B 327 40.20 33.97 16.42
CA ILE B 327 39.10 34.38 15.62
C ILE B 327 37.96 33.55 15.94
N ARG B 328 38.18 32.24 15.93
CA ARG B 328 37.18 31.27 16.28
C ARG B 328 36.62 31.36 17.72
N LYS B 329 37.54 31.61 18.75
CA LYS B 329 37.12 31.77 20.15
C LYS B 329 36.20 32.92 20.37
N ILE B 330 36.56 34.15 19.73
CA ILE B 330 35.73 35.25 19.90
C ILE B 330 34.39 34.98 19.25
N ALA B 331 34.38 34.41 18.05
CA ALA B 331 33.17 34.18 17.36
C ALA B 331 32.13 33.20 18.07
N THR B 332 32.68 32.08 18.73
CA THR B 332 31.81 31.27 19.54
C THR B 332 31.24 31.90 20.69
N ASN B 333 32.08 32.74 21.43
CA ASN B 333 31.68 33.41 22.63
C ASN B 333 30.51 34.36 22.44
N LEU B 334 30.53 35.08 21.30
CA LEU B 334 29.43 35.94 20.90
C LEU B 334 28.14 35.20 20.60
N PHE B 335 28.31 34.06 19.90
CA PHE B 335 27.30 33.10 19.49
C PHE B 335 26.63 32.51 20.66
N ASN B 336 27.31 32.11 21.76
CA ASN B 336 26.78 31.47 22.92
C ASN B 336 25.77 32.35 23.61
N SER B 337 26.03 33.67 23.65
CA SER B 337 24.94 34.54 24.18
C SER B 337 23.72 34.51 23.26
N MET B 338 23.89 34.50 21.90
CA MET B 338 22.70 34.50 21.04
C MET B 338 21.87 33.29 21.17
N ILE B 339 22.51 32.16 21.23
CA ILE B 339 21.76 30.93 21.39
C ILE B 339 20.99 30.79 22.64
N SER B 340 21.51 31.43 23.80
CA SER B 340 20.69 31.68 24.94
C SER B 340 19.46 32.43 24.83
N LEU B 341 19.46 33.49 23.97
CA LEU B 341 18.30 34.26 23.75
C LEU B 341 17.30 33.45 23.06
N TYR B 342 17.77 32.61 22.11
CA TYR B 342 16.94 31.66 21.39
C TYR B 342 16.35 30.70 22.32
N TYR B 343 17.09 30.12 23.28
CA TYR B 343 16.48 29.14 24.17
C TYR B 343 15.37 29.65 24.98
N GLU B 344 15.54 30.92 25.46
CA GLU B 344 14.49 31.65 26.13
C GLU B 344 13.33 31.92 25.29
N TYR B 345 13.53 32.34 24.03
CA TYR B 345 12.48 32.66 23.15
C TYR B 345 11.64 31.44 22.87
N LEU B 346 12.37 30.34 22.61
CA LEU B 346 11.80 29.00 22.29
C LEU B 346 11.01 28.52 23.42
N MET B 347 11.52 28.69 24.65
CA MET B 347 10.84 28.26 25.87
C MET B 347 9.58 28.98 26.06
N ASN B 348 9.49 30.33 25.80
CA ASN B 348 8.33 31.14 25.96
C ASN B 348 7.23 30.64 25.06
N TRP B 349 7.58 30.34 23.81
CA TRP B 349 6.76 30.01 22.74
C TRP B 349 6.18 28.67 23.11
N LEU B 350 7.01 27.67 23.43
CA LEU B 350 6.50 26.32 23.77
C LEU B 350 5.68 26.30 25.08
N THR B 351 6.18 27.02 26.14
CA THR B 351 5.65 26.91 27.49
C THR B 351 4.46 27.76 27.80
N LYS B 352 4.41 28.95 27.15
CA LYS B 352 3.38 29.90 27.48
C LYS B 352 2.79 30.31 26.19
N GLY B 353 3.03 29.58 25.09
CA GLY B 353 2.31 29.80 23.92
C GLY B 353 2.57 31.01 23.06
N LEU B 354 3.52 31.93 23.53
CA LEU B 354 3.76 33.16 22.84
C LEU B 354 5.25 33.48 22.92
N LEU B 355 5.76 34.44 22.04
CA LEU B 355 7.17 34.96 21.95
C LEU B 355 7.04 35.99 20.89
N ARG B 356 7.59 37.16 21.11
CA ARG B 356 7.57 38.27 20.21
C ARG B 356 8.85 38.26 19.59
N ALA B 357 8.80 38.25 18.28
CA ALA B 357 9.90 38.26 17.41
C ALA B 357 10.64 39.54 17.60
N THR B 358 9.91 40.63 17.82
CA THR B 358 10.40 41.92 18.29
C THR B 358 10.83 42.75 17.06
N TYR B 359 11.63 42.19 16.18
CA TYR B 359 12.13 42.88 15.09
C TYR B 359 12.31 41.78 14.04
N GLY B 360 11.55 40.68 13.97
CA GLY B 360 11.63 39.68 12.96
C GLY B 360 12.85 38.86 13.22
N GLU B 361 13.12 38.49 14.51
CA GLU B 361 14.29 37.78 14.78
C GLU B 361 14.00 36.28 15.02
N PHE B 362 12.80 35.78 14.56
CA PHE B 362 12.30 34.48 15.07
C PHE B 362 11.69 33.81 13.93
N PHE B 363 10.38 33.32 14.09
CA PHE B 363 9.58 32.62 13.13
C PHE B 363 8.13 32.77 13.36
N ILE B 364 7.75 33.78 14.13
CA ILE B 364 6.31 34.05 14.41
C ILE B 364 5.98 35.24 13.55
N ALA B 365 4.84 35.14 12.80
CA ALA B 365 4.28 36.19 12.02
C ALA B 365 2.87 36.42 12.31
N GLU B 366 2.43 37.69 12.15
CA GLU B 366 1.05 38.10 12.21
C GLU B 366 0.28 37.73 10.93
N ASN B 367 -1.04 37.50 11.13
CA ASN B 367 -2.01 37.21 10.11
C ASN B 367 -1.69 35.85 9.53
N TYR B 379 -12.02 39.29 15.01
CA TYR B 379 -11.62 38.85 13.63
C TYR B 379 -11.45 37.41 13.62
N HIS B 380 -10.53 36.96 14.46
CA HIS B 380 -10.04 35.56 14.74
C HIS B 380 -8.85 35.43 13.84
N ILE B 381 -8.03 36.44 13.88
CA ILE B 381 -6.80 36.59 13.12
C ILE B 381 -5.85 35.52 13.47
N PRO B 382 -5.12 34.96 12.48
CA PRO B 382 -4.19 33.86 12.80
C PRO B 382 -2.82 34.34 12.96
N ILE B 383 -1.87 33.41 13.16
CA ILE B 383 -0.52 33.73 13.32
C ILE B 383 0.09 32.61 12.47
N GLU B 384 1.34 32.81 12.04
CA GLU B 384 1.99 31.78 11.23
C GLU B 384 3.55 31.77 11.28
N PHE B 385 4.07 30.72 10.64
CA PHE B 385 5.48 30.32 10.63
C PHE B 385 6.28 31.04 9.59
N ASN B 386 7.52 31.44 9.87
CA ASN B 386 8.44 31.91 8.85
C ASN B 386 9.51 30.91 8.58
N GLN B 387 9.21 30.02 7.62
CA GLN B 387 10.09 28.89 7.19
C GLN B 387 11.34 29.46 6.56
N GLU B 388 11.29 30.59 5.80
CA GLU B 388 12.49 31.19 5.28
C GLU B 388 13.44 31.61 6.37
N ARG B 389 12.83 32.18 7.47
CA ARG B 389 13.69 32.56 8.58
C ARG B 389 14.23 31.40 9.40
N VAL B 390 13.64 30.16 9.52
CA VAL B 390 14.24 29.17 10.45
C VAL B 390 15.51 28.66 9.84
N PRO B 391 16.48 28.20 10.67
CA PRO B 391 17.74 27.82 10.15
C PRO B 391 17.76 26.34 10.07
N ALA B 392 18.88 25.66 9.76
CA ALA B 392 18.96 24.20 9.75
C ALA B 392 19.64 23.76 11.02
N PHE B 393 20.14 24.70 11.93
CA PHE B 393 20.96 24.40 13.09
C PHE B 393 20.07 23.72 14.17
N ILE B 394 18.89 24.36 14.26
CA ILE B 394 17.69 23.83 14.90
C ILE B 394 16.93 23.44 13.68
N PRO B 395 16.78 22.15 13.36
CA PRO B 395 16.41 21.64 12.04
C PRO B 395 15.00 22.02 11.78
N LYS B 396 14.77 22.37 10.51
CA LYS B 396 13.54 23.07 10.08
C LYS B 396 12.26 22.30 10.33
N GLU B 397 12.29 20.92 10.14
CA GLU B 397 11.07 20.11 10.37
C GLU B 397 10.66 20.18 11.82
N LEU B 398 11.62 20.11 12.75
CA LEU B 398 11.53 20.16 14.12
C LEU B 398 10.97 21.54 14.57
N ALA B 399 11.43 22.65 13.96
CA ALA B 399 10.89 24.02 14.11
C ALA B 399 9.49 24.16 13.68
N TYR B 400 9.03 23.53 12.61
CA TYR B 400 7.62 23.52 12.24
C TYR B 400 6.80 22.86 13.27
N LYS B 401 7.31 21.71 13.83
CA LYS B 401 6.57 20.98 14.80
C LYS B 401 6.35 21.77 16.03
N ILE B 402 7.35 22.47 16.41
CA ILE B 402 7.47 23.29 17.57
C ILE B 402 6.44 24.43 17.34
N PHE B 403 6.32 24.99 16.11
CA PHE B 403 5.38 25.98 15.82
C PHE B 403 3.95 25.52 16.02
N MET B 404 3.59 24.34 15.52
CA MET B 404 2.21 23.89 15.59
C MET B 404 1.84 23.74 17.08
N ILE B 405 2.77 23.13 17.87
CA ILE B 405 2.51 22.90 19.26
C ILE B 405 2.37 24.27 19.94
N GLY B 406 3.24 25.32 19.66
CA GLY B 406 2.99 26.55 20.36
C GLY B 406 1.71 27.20 20.08
N LYS B 407 1.23 27.27 18.84
CA LYS B 407 -0.09 27.89 18.59
C LYS B 407 -1.26 27.15 19.23
N SER B 408 -1.21 25.77 19.16
CA SER B 408 -2.18 24.91 19.68
C SER B 408 -2.22 25.08 21.19
N TYR B 409 -1.09 25.24 21.83
CA TYR B 409 -0.94 25.45 23.21
C TYR B 409 -1.51 26.71 23.77
N ILE B 410 -1.32 27.91 23.07
CA ILE B 410 -2.02 29.08 23.56
C ILE B 410 -3.47 28.99 23.52
N PHE B 411 -3.99 28.35 22.40
CA PHE B 411 -5.42 28.22 22.23
C PHE B 411 -5.93 27.35 23.33
N LEU B 412 -5.23 26.30 23.72
CA LEU B 412 -5.66 25.29 24.63
C LEU B 412 -5.92 25.81 25.99
N GLU B 413 -5.07 26.74 26.46
CA GLU B 413 -5.23 27.44 27.67
C GLU B 413 -6.44 28.29 27.57
N LYS B 414 -6.76 28.96 26.45
CA LYS B 414 -7.89 29.82 26.36
C LYS B 414 -9.20 29.02 26.55
N TYR B 415 -9.20 27.72 26.09
CA TYR B 415 -10.19 26.73 26.32
C TYR B 415 -10.45 26.46 27.79
N CYS B 416 -9.34 26.29 28.59
CA CYS B 416 -9.24 26.33 30.08
C CYS B 416 -8.77 24.92 30.33
N LYS B 417 -9.15 24.26 31.46
CA LYS B 417 -8.78 22.87 31.94
C LYS B 417 -7.31 22.79 32.32
N GLU B 418 -6.44 22.42 31.32
CA GLU B 418 -5.00 22.27 31.32
C GLU B 418 -4.51 23.67 31.60
N VAL B 419 -3.59 23.70 32.55
CA VAL B 419 -3.03 24.88 33.12
C VAL B 419 -1.72 24.31 33.43
N GLN B 420 -0.68 25.12 33.50
CA GLN B 420 0.70 24.74 33.73
C GLN B 420 0.92 24.04 35.09
N TRP B 421 1.75 23.04 35.03
CA TRP B 421 2.00 22.17 36.11
C TRP B 421 3.43 22.01 36.00
N THR B 422 3.87 20.70 36.04
CA THR B 422 5.29 20.26 35.92
C THR B 422 5.82 20.48 34.59
N ASN B 423 4.91 20.68 33.57
CA ASN B 423 5.29 21.12 32.21
C ASN B 423 6.08 22.45 32.24
N GLU B 424 5.70 23.42 33.14
CA GLU B 424 6.41 24.61 33.39
C GLU B 424 7.83 24.43 33.93
N PHE B 425 7.94 23.48 34.86
CA PHE B 425 9.13 23.10 35.52
C PHE B 425 10.18 22.47 34.62
N SER B 426 9.60 21.62 33.80
CA SER B 426 10.39 20.89 32.91
C SER B 426 11.08 21.75 31.91
N LYS B 427 10.33 22.80 31.38
CA LYS B 427 10.82 23.84 30.46
C LYS B 427 11.94 24.72 31.11
N LYS B 428 11.71 25.11 32.41
CA LYS B 428 12.64 25.98 33.22
C LYS B 428 13.91 25.20 33.40
N TYR B 429 13.82 23.88 33.65
CA TYR B 429 14.86 22.95 33.69
C TYR B 429 15.55 22.75 32.36
N HIS B 430 14.83 22.68 31.25
CA HIS B 430 15.41 22.43 29.95
C HIS B 430 16.33 23.54 29.55
N VAL B 431 15.90 24.83 29.86
CA VAL B 431 16.66 25.97 29.56
C VAL B 431 17.95 25.90 30.37
N LEU B 432 17.89 25.47 31.64
CA LEU B 432 19.11 25.36 32.47
C LEU B 432 20.06 24.35 31.99
N TYR B 433 19.56 23.16 31.50
CA TYR B 433 20.33 22.08 30.95
C TYR B 433 21.18 22.47 29.70
N GLN B 434 20.55 23.24 28.76
CA GLN B 434 21.29 23.76 27.61
C GLN B 434 22.32 24.78 27.97
N SER B 435 21.98 25.64 28.96
CA SER B 435 22.89 26.54 29.65
C SER B 435 24.00 25.84 30.42
N ASN B 436 23.85 24.64 30.94
CA ASN B 436 24.83 23.75 31.64
C ASN B 436 25.86 23.24 30.66
N SER B 437 25.42 23.07 29.47
CA SER B 437 26.29 22.77 28.35
C SER B 437 26.76 24.06 27.80
N TYR B 438 27.88 24.14 27.08
CA TYR B 438 28.43 25.36 26.52
C TYR B 438 27.39 25.93 25.51
N ARG B 439 26.94 25.00 24.62
CA ARG B 439 25.95 25.30 23.66
C ARG B 439 24.81 24.33 23.99
N GLY B 440 23.54 24.76 23.81
CA GLY B 440 22.32 23.97 23.86
C GLY B 440 22.32 22.85 22.88
N ILE B 441 22.52 21.66 23.44
CA ILE B 441 22.69 20.37 22.85
C ILE B 441 21.52 20.05 22.00
N SER B 442 21.77 19.72 20.71
CA SER B 442 20.74 19.45 19.76
C SER B 442 19.92 18.25 20.03
N THR B 443 20.60 17.16 20.40
CA THR B 443 19.91 15.84 20.66
C THR B 443 18.91 16.01 21.83
N ASN B 444 19.41 16.71 22.86
CA ASN B 444 18.68 17.05 24.01
C ASN B 444 17.50 17.94 23.74
N PHE B 445 17.67 18.96 22.88
CA PHE B 445 16.45 19.75 22.63
C PHE B 445 15.44 18.93 21.90
N PHE B 446 15.90 18.16 20.89
CA PHE B 446 15.06 17.34 19.99
C PHE B 446 14.28 16.19 20.68
N GLU B 447 14.93 15.44 21.63
CA GLU B 447 14.32 14.36 22.43
C GLU B 447 13.30 15.02 23.27
N ILE B 448 13.51 16.25 23.82
CA ILE B 448 12.66 17.00 24.72
C ILE B 448 11.45 17.31 23.91
N ILE B 449 11.57 17.66 22.59
CA ILE B 449 10.42 17.99 21.73
C ILE B 449 9.64 16.69 21.59
N ASN B 450 10.24 15.53 21.36
CA ASN B 450 9.44 14.38 21.15
C ASN B 450 8.61 14.04 22.37
N ASP B 451 9.27 14.26 23.53
CA ASP B 451 8.66 13.88 24.78
C ASP B 451 7.42 14.63 25.05
N GLN B 452 7.55 15.98 24.85
CA GLN B 452 6.40 16.87 24.96
C GLN B 452 5.37 16.69 23.91
N TYR B 453 5.79 16.38 22.66
CA TYR B 453 4.93 16.15 21.56
C TYR B 453 4.06 14.99 21.71
N SER B 454 4.56 13.79 22.18
CA SER B 454 3.73 12.68 22.44
C SER B 454 2.74 13.00 23.53
N GLU B 455 3.27 13.67 24.59
CA GLU B 455 2.48 13.89 25.74
C GLU B 455 1.27 14.71 25.55
N ILE B 456 1.44 15.82 24.79
CA ILE B 456 0.45 16.86 24.38
C ILE B 456 -0.51 16.18 23.48
N VAL B 457 0.03 15.24 22.58
CA VAL B 457 -0.85 14.54 21.72
C VAL B 457 -1.77 13.69 22.56
N ASN B 458 -1.36 12.89 23.55
CA ASN B 458 -2.28 12.04 24.28
C ASN B 458 -3.23 12.84 25.05
N HIS B 459 -2.75 13.95 25.75
CA HIS B 459 -3.60 14.77 26.60
C HIS B 459 -4.67 15.50 25.78
N THR B 460 -4.33 15.88 24.55
CA THR B 460 -5.25 16.47 23.63
C THR B 460 -6.25 15.45 23.20
N ASN B 461 -5.95 14.15 22.95
CA ASN B 461 -6.91 13.21 22.46
C ASN B 461 -8.07 13.04 23.40
N GLN B 462 -7.64 12.88 24.67
CA GLN B 462 -8.58 12.93 25.79
C GLN B 462 -9.32 14.15 25.92
N ILE B 463 -8.69 15.32 25.82
CA ILE B 463 -9.31 16.63 25.94
C ILE B 463 -10.34 16.86 24.94
N LEU B 464 -10.08 16.51 23.62
CA LEU B 464 -10.97 16.69 22.62
C LEU B 464 -12.13 15.80 22.74
N ASN B 465 -11.86 14.48 22.79
CA ASN B 465 -12.91 13.53 22.62
C ASN B 465 -13.84 13.47 23.78
N GLN B 466 -13.22 13.30 24.99
CA GLN B 466 -13.97 13.21 26.20
C GLN B 466 -14.51 14.46 26.63
N LYS B 467 -13.62 15.51 26.66
CA LYS B 467 -14.08 16.75 27.29
C LYS B 467 -15.02 17.56 26.47
N PHE B 468 -14.75 17.76 25.14
CA PHE B 468 -15.69 18.58 24.36
C PHE B 468 -16.04 17.84 23.14
N HIS B 469 -16.23 16.52 23.26
CA HIS B 469 -16.92 15.63 22.38
C HIS B 469 -16.66 15.77 20.89
N TYR B 470 -15.41 16.19 20.42
CA TYR B 470 -15.16 16.40 19.05
C TYR B 470 -15.26 15.14 18.20
N ARG B 471 -14.70 14.03 18.66
CA ARG B 471 -14.57 12.78 18.00
C ARG B 471 -15.98 12.28 17.68
N ASP B 472 -16.82 12.52 18.68
CA ASP B 472 -18.20 12.18 18.88
C ASP B 472 -18.97 12.91 17.82
N VAL B 473 -18.55 14.18 17.69
CA VAL B 473 -19.08 15.18 16.81
C VAL B 473 -18.82 14.82 15.43
N VAL B 474 -17.66 14.24 15.02
CA VAL B 474 -17.36 13.82 13.68
C VAL B 474 -18.40 12.78 13.28
N PHE B 475 -18.72 11.79 14.19
CA PHE B 475 -19.77 10.81 13.88
C PHE B 475 -21.13 11.42 13.68
N ALA B 476 -21.47 12.43 14.51
CA ALA B 476 -22.66 13.28 14.47
C ALA B 476 -22.62 14.01 13.17
N LEU B 477 -21.49 14.53 12.66
CA LEU B 477 -21.38 15.22 11.41
C LEU B 477 -21.70 14.28 10.28
N LYS B 478 -21.19 13.02 10.36
CA LYS B 478 -21.62 12.00 9.40
C LYS B 478 -23.17 11.71 9.49
N ASN B 479 -23.72 11.61 10.67
CA ASN B 479 -25.13 11.33 10.80
C ASN B 479 -26.01 12.44 10.21
N ILE B 480 -25.69 13.77 10.55
CA ILE B 480 -26.61 14.77 10.08
C ILE B 480 -26.37 15.07 8.62
N LEU B 481 -25.17 15.51 8.25
CA LEU B 481 -24.71 16.02 6.94
C LEU B 481 -24.63 15.00 5.86
N LEU B 482 -24.00 13.80 6.15
CA LEU B 482 -23.92 12.80 5.11
C LEU B 482 -25.17 11.94 4.99
N MET B 483 -26.15 12.35 5.82
CA MET B 483 -27.55 11.93 5.86
C MET B 483 -27.56 10.48 6.33
N GLY B 484 -26.68 10.10 7.31
CA GLY B 484 -26.47 8.84 8.02
C GLY B 484 -27.81 8.45 8.69
N LYS B 485 -28.38 9.30 9.57
CA LYS B 485 -29.68 9.06 10.10
C LYS B 485 -30.82 9.44 9.20
N SER B 486 -31.21 8.48 8.38
CA SER B 486 -32.13 8.65 7.22
C SER B 486 -33.50 8.94 7.75
N ASP B 487 -33.86 8.46 8.95
CA ASP B 487 -35.14 8.57 9.51
C ASP B 487 -35.53 10.07 9.84
N PHE B 488 -34.52 10.87 10.35
CA PHE B 488 -34.74 12.29 10.65
C PHE B 488 -35.08 13.15 9.44
N MET B 489 -34.39 13.04 8.27
CA MET B 489 -34.72 13.74 7.03
C MET B 489 -36.02 13.34 6.43
N ASP B 490 -36.35 12.00 6.48
CA ASP B 490 -37.58 11.60 5.86
C ASP B 490 -38.78 12.24 6.57
N ALA B 491 -38.73 12.20 7.91
CA ALA B 491 -39.67 12.90 8.78
C ALA B 491 -39.70 14.38 8.75
N LEU B 492 -38.52 15.05 8.67
CA LEU B 492 -38.41 16.47 8.72
C LEU B 492 -39.08 17.12 7.56
N ILE B 493 -38.80 16.50 6.38
CA ILE B 493 -39.38 16.91 5.13
C ILE B 493 -40.87 16.68 5.15
N GLU B 494 -41.34 15.50 5.70
CA GLU B 494 -42.78 15.11 5.65
C GLU B 494 -43.60 16.13 6.44
N LYS B 495 -43.14 16.52 7.66
CA LYS B 495 -43.82 17.49 8.44
C LYS B 495 -43.77 18.86 7.88
N ALA B 496 -42.62 19.29 7.36
CA ALA B 496 -42.31 20.57 6.81
C ALA B 496 -43.04 20.82 5.48
N ASN B 497 -43.32 19.73 4.73
CA ASN B 497 -43.63 19.74 3.34
C ASN B 497 -44.71 20.72 2.95
N ASP B 498 -45.78 20.82 3.72
CA ASP B 498 -46.86 21.78 3.48
C ASP B 498 -46.47 23.27 3.54
N ILE B 499 -45.65 23.68 4.56
CA ILE B 499 -45.21 25.07 4.71
C ILE B 499 -44.23 25.53 3.60
N LEU B 500 -43.34 24.61 3.26
CA LEU B 500 -42.26 24.78 2.33
C LEU B 500 -42.77 24.76 0.97
N ALA B 501 -43.86 24.04 0.68
CA ALA B 501 -44.50 23.87 -0.62
C ALA B 501 -44.97 25.21 -1.21
N THR B 502 -45.47 26.13 -0.35
CA THR B 502 -45.98 27.46 -0.68
C THR B 502 -44.74 28.33 -0.70
N PRO B 503 -44.71 29.35 -1.54
CA PRO B 503 -43.69 30.35 -1.64
C PRO B 503 -43.04 30.90 -0.42
N SER B 504 -41.73 31.30 -0.53
CA SER B 504 -40.99 31.82 0.59
C SER B 504 -41.49 33.25 0.99
N ASP B 505 -41.50 33.54 2.31
CA ASP B 505 -41.82 34.80 2.93
C ASP B 505 -40.81 34.93 4.09
N SER B 506 -41.35 34.66 5.28
CA SER B 506 -40.65 34.87 6.51
C SER B 506 -41.21 34.11 7.62
N LEU B 507 -42.43 33.54 7.41
CA LEU B 507 -43.15 32.62 8.28
C LEU B 507 -42.45 31.35 8.35
N PRO B 508 -41.85 30.67 7.33
CA PRO B 508 -41.37 29.25 7.52
C PRO B 508 -40.35 29.03 8.61
N ASN B 509 -39.41 29.99 8.98
CA ASN B 509 -38.25 29.82 9.94
C ASN B 509 -38.72 29.49 11.24
N TYR B 510 -39.74 30.16 11.86
CA TYR B 510 -40.37 29.62 13.02
C TYR B 510 -41.17 28.50 12.54
N LYS B 511 -41.66 27.55 13.45
CA LYS B 511 -42.47 26.47 13.03
C LYS B 511 -41.58 25.44 12.49
N LEU B 512 -40.75 25.68 11.43
CA LEU B 512 -39.79 24.73 10.83
C LEU B 512 -38.86 24.48 11.92
N THR B 513 -38.43 25.42 12.73
CA THR B 513 -37.47 25.31 13.80
C THR B 513 -37.99 24.45 14.88
N ARG B 514 -39.33 24.55 15.27
CA ARG B 514 -39.90 23.62 16.26
C ARG B 514 -39.94 22.26 15.71
N VAL B 515 -40.30 22.15 14.38
CA VAL B 515 -40.28 20.88 13.67
C VAL B 515 -38.91 20.31 13.64
N LEU B 516 -37.82 21.09 13.50
CA LEU B 516 -36.42 20.63 13.40
C LEU B 516 -36.03 19.96 14.71
N GLN B 517 -36.45 20.59 15.87
CA GLN B 517 -36.33 20.00 17.14
C GLN B 517 -37.22 18.72 17.26
N GLU B 518 -38.43 18.77 16.76
CA GLU B 518 -39.30 17.65 16.84
C GLU B 518 -38.73 16.42 16.06
N ALA B 519 -38.09 16.52 14.89
CA ALA B 519 -37.61 15.36 14.11
C ALA B 519 -36.55 14.58 14.92
N VAL B 520 -35.62 15.21 15.62
CA VAL B 520 -34.59 14.59 16.50
C VAL B 520 -35.19 13.88 17.66
N GLN B 521 -36.23 14.43 18.28
CA GLN B 521 -36.88 13.66 19.39
C GLN B 521 -37.57 12.41 18.79
N LEU B 522 -38.25 12.55 17.56
CA LEU B 522 -38.90 11.46 16.80
C LEU B 522 -37.91 10.40 16.40
N SER B 523 -36.70 10.74 16.06
CA SER B 523 -35.58 9.90 15.67
C SER B 523 -35.10 9.20 16.91
N SER B 524 -35.67 9.50 18.11
CA SER B 524 -35.27 8.81 19.31
C SER B 524 -33.80 8.87 19.68
N LEU B 525 -33.17 10.02 19.48
CA LEU B 525 -31.74 10.15 19.78
C LEU B 525 -31.74 10.62 21.16
N ARG B 526 -30.88 10.00 22.02
CA ARG B 526 -30.71 10.39 23.40
C ARG B 526 -29.48 9.79 23.77
N HIS B 527 -28.35 10.52 23.58
CA HIS B 527 -27.08 10.15 24.03
C HIS B 527 -27.11 10.15 25.59
N LEU B 528 -26.27 9.38 26.30
CA LEU B 528 -26.25 9.24 27.71
C LEU B 528 -24.86 8.84 27.99
N MET B 529 -24.15 9.71 28.78
CA MET B 529 -22.82 9.56 29.23
C MET B 529 -22.69 10.60 30.33
N ASN B 530 -23.78 11.36 30.68
CA ASN B 530 -24.06 12.31 31.64
C ASN B 530 -24.31 13.53 30.74
N SER B 531 -24.57 13.34 29.40
CA SER B 531 -25.01 14.37 28.58
C SER B 531 -26.13 13.71 27.83
N PRO B 532 -27.39 14.10 28.20
CA PRO B 532 -28.56 13.45 27.66
C PRO B 532 -29.10 13.98 26.43
N ARG B 533 -29.07 15.30 26.21
CA ARG B 533 -29.68 15.98 25.03
C ARG B 533 -28.91 17.31 24.87
N ASN B 534 -27.72 17.63 25.50
CA ASN B 534 -26.88 18.70 25.00
C ASN B 534 -26.02 18.16 23.86
N SER B 535 -26.66 17.40 22.94
CA SER B 535 -26.09 16.92 21.73
C SER B 535 -25.90 17.96 20.78
N SER B 536 -25.15 17.61 19.73
CA SER B 536 -24.79 18.52 18.67
C SER B 536 -25.85 19.11 17.88
N VAL B 537 -26.93 18.36 17.62
CA VAL B 537 -28.09 18.68 16.87
C VAL B 537 -28.85 19.75 17.54
N ILE B 538 -29.00 19.50 18.90
CA ILE B 538 -29.73 20.26 19.88
C ILE B 538 -28.97 21.54 20.01
N ASN B 539 -27.65 21.52 20.21
CA ASN B 539 -26.86 22.76 20.33
C ASN B 539 -26.61 23.59 19.08
N GLY B 540 -26.16 22.90 18.04
CA GLY B 540 -25.59 23.29 16.74
C GLY B 540 -26.43 23.87 15.63
N LEU B 541 -27.80 23.57 15.50
CA LEU B 541 -28.50 23.98 14.32
C LEU B 541 -29.31 25.27 14.55
N ASP B 542 -29.33 26.16 13.53
CA ASP B 542 -30.15 27.26 13.41
C ASP B 542 -30.59 27.12 11.98
N ALA B 543 -31.79 27.49 11.67
CA ALA B 543 -32.28 27.30 10.30
C ALA B 543 -32.08 28.59 9.62
N ARG B 544 -31.61 28.37 8.34
CA ARG B 544 -30.91 29.43 7.59
C ARG B 544 -31.73 29.81 6.44
N VAL B 545 -31.63 31.05 5.92
CA VAL B 545 -32.31 31.50 4.79
C VAL B 545 -31.11 32.07 3.92
N LEU B 546 -31.10 31.79 2.66
CA LEU B 546 -29.94 31.98 1.80
C LEU B 546 -30.18 33.19 0.91
N ASP B 547 -29.09 34.07 0.86
CA ASP B 547 -29.00 35.25 0.06
C ASP B 547 -29.33 34.77 -1.36
N LEU B 548 -28.67 33.66 -1.78
CA LEU B 548 -28.98 33.15 -3.11
C LEU B 548 -30.34 32.39 -3.09
N GLY B 549 -31.09 32.35 -4.25
CA GLY B 549 -32.40 31.73 -4.37
C GLY B 549 -33.45 32.79 -4.16
N HIS B 550 -34.60 32.63 -4.82
CA HIS B 550 -35.72 33.53 -4.76
C HIS B 550 -36.94 32.72 -4.64
N GLY B 551 -38.10 33.44 -4.27
CA GLY B 551 -39.37 32.85 -4.24
C GLY B 551 -39.89 32.29 -5.51
N SER B 552 -40.88 31.47 -5.29
CA SER B 552 -41.68 30.65 -6.23
C SER B 552 -42.15 29.53 -5.39
N VAL B 553 -41.28 29.03 -4.49
CA VAL B 553 -41.38 27.98 -3.53
C VAL B 553 -40.52 28.43 -2.36
N GLY B 554 -40.86 27.82 -1.19
CA GLY B 554 -40.22 27.92 0.09
C GLY B 554 -38.79 27.38 -0.01
N TRP B 555 -38.71 26.30 -0.87
CA TRP B 555 -37.59 25.37 -0.99
C TRP B 555 -36.33 26.10 -1.43
N ASP B 556 -36.43 27.07 -2.47
CA ASP B 556 -35.19 27.61 -3.11
C ASP B 556 -34.31 28.43 -2.08
N VAL B 557 -34.96 29.29 -1.22
CA VAL B 557 -34.20 29.99 -0.18
C VAL B 557 -33.70 29.10 0.97
N PHE B 558 -34.33 27.86 1.19
CA PHE B 558 -34.21 27.17 2.38
C PHE B 558 -32.85 26.64 2.53
N THR B 559 -32.28 26.81 3.78
CA THR B 559 -31.01 26.20 4.09
C THR B 559 -31.08 25.91 5.55
N LEU B 560 -30.09 25.12 5.94
CA LEU B 560 -29.73 24.69 7.28
C LEU B 560 -28.37 25.18 7.57
N ASP B 561 -28.12 25.60 8.86
CA ASP B 561 -26.85 26.14 9.23
C ASP B 561 -26.44 25.35 10.53
N TYR B 562 -25.13 24.98 10.49
CA TYR B 562 -24.62 24.48 11.77
C TYR B 562 -23.62 25.49 11.97
N ILE B 563 -23.58 26.13 13.16
CA ILE B 563 -22.65 27.12 13.59
C ILE B 563 -21.66 26.35 14.45
N LEU B 564 -20.46 26.52 14.07
CA LEU B 564 -19.29 25.82 14.62
C LEU B 564 -18.87 26.73 15.75
N TYR B 565 -17.91 26.16 16.48
CA TYR B 565 -17.41 26.70 17.71
C TYR B 565 -16.01 26.21 17.79
N PRO B 566 -15.26 26.48 18.85
CA PRO B 566 -13.83 26.14 19.02
C PRO B 566 -13.64 24.69 18.95
N PRO B 567 -12.50 24.35 18.52
CA PRO B 567 -11.38 25.14 18.09
C PRO B 567 -11.59 25.71 16.75
N LEU B 568 -12.58 25.20 16.00
CA LEU B 568 -12.72 25.73 14.65
C LEU B 568 -13.03 27.16 14.49
N SER B 569 -13.66 27.87 15.43
CA SER B 569 -13.87 29.32 15.37
C SER B 569 -12.61 30.13 15.15
N LEU B 570 -11.41 29.69 15.68
CA LEU B 570 -10.17 30.34 15.43
C LEU B 570 -9.75 30.35 13.89
N VAL B 571 -9.97 29.20 13.24
CA VAL B 571 -9.69 28.84 11.89
C VAL B 571 -10.46 29.84 10.95
N LEU B 572 -11.87 30.00 11.25
CA LEU B 572 -12.76 30.87 10.57
C LEU B 572 -12.54 32.27 11.02
N ASN B 573 -12.57 33.19 10.06
CA ASN B 573 -11.93 34.48 10.17
C ASN B 573 -12.84 35.40 9.45
N VAL B 574 -12.95 36.69 9.85
CA VAL B 574 -13.67 37.77 9.17
C VAL B 574 -12.81 38.25 8.07
N ASN B 575 -11.54 37.76 7.96
CA ASN B 575 -10.79 38.05 6.75
C ASN B 575 -11.57 37.39 5.59
N ARG B 576 -12.16 36.19 5.75
CA ARG B 576 -12.72 35.35 4.68
C ARG B 576 -13.00 34.06 5.40
N PRO B 577 -14.25 33.61 5.43
CA PRO B 577 -14.52 32.45 6.25
C PRO B 577 -14.87 31.50 5.12
N PHE B 578 -13.79 31.02 4.36
CA PHE B 578 -13.75 30.14 3.26
C PHE B 578 -14.19 28.75 3.55
N GLY B 579 -13.64 28.15 4.65
CA GLY B 579 -13.81 26.73 4.95
C GLY B 579 -15.24 26.37 5.19
N ARG B 580 -15.97 27.26 5.95
CA ARG B 580 -17.33 27.04 6.26
C ARG B 580 -18.14 27.00 4.99
N LYS B 581 -17.83 27.85 3.98
CA LYS B 581 -18.50 27.84 2.68
C LYS B 581 -18.30 26.51 1.95
N GLU B 582 -17.13 25.92 1.95
CA GLU B 582 -16.96 24.66 1.23
C GLU B 582 -17.75 23.56 1.83
N TYR B 583 -17.74 23.40 3.18
CA TYR B 583 -18.50 22.36 3.88
C TYR B 583 -20.00 22.56 3.57
N LEU B 584 -20.49 23.87 3.55
CA LEU B 584 -21.87 24.17 3.15
C LEU B 584 -22.14 23.77 1.73
N ARG B 585 -21.16 23.94 0.78
CA ARG B 585 -21.54 23.55 -0.60
C ARG B 585 -21.83 22.06 -0.70
N ILE B 586 -20.97 21.21 -0.04
CA ILE B 586 -21.10 19.80 -0.18
C ILE B 586 -22.41 19.36 0.38
N PHE B 587 -22.80 19.93 1.55
CA PHE B 587 -24.09 19.67 2.29
C PHE B 587 -25.32 19.94 1.45
N ASN B 588 -25.31 21.12 0.69
CA ASN B 588 -26.32 21.67 -0.16
C ASN B 588 -26.55 20.71 -1.31
N PHE B 589 -25.53 20.09 -1.90
CA PHE B 589 -25.63 19.05 -2.94
C PHE B 589 -26.23 17.79 -2.41
N LEU B 590 -25.84 17.31 -1.20
CA LEU B 590 -26.49 16.11 -0.63
C LEU B 590 -27.96 16.46 -0.43
N TRP B 591 -28.21 17.68 0.13
CA TRP B 591 -29.59 18.15 0.49
C TRP B 591 -30.54 18.27 -0.57
N ARG B 592 -30.17 18.79 -1.72
CA ARG B 592 -31.10 18.94 -2.89
C ARG B 592 -31.48 17.60 -3.35
N PHE B 593 -30.57 16.59 -3.41
CA PHE B 593 -30.84 15.26 -3.75
C PHE B 593 -31.82 14.64 -2.82
N LYS B 594 -31.60 14.78 -1.45
CA LYS B 594 -32.51 14.11 -0.53
C LYS B 594 -33.97 14.61 -0.57
N LYS B 595 -34.11 15.96 -0.75
CA LYS B 595 -35.36 16.70 -0.82
C LYS B 595 -36.19 16.42 -2.04
N ASN B 596 -35.46 16.37 -3.22
CA ASN B 596 -36.08 16.00 -4.44
C ASN B 596 -36.50 14.62 -4.40
N ASN B 597 -35.74 13.72 -3.75
CA ASN B 597 -36.05 12.31 -3.54
C ASN B 597 -37.32 12.16 -2.74
N TYR B 598 -37.51 12.94 -1.67
CA TYR B 598 -38.77 13.00 -0.92
C TYR B 598 -39.97 13.49 -1.67
N PHE B 599 -39.87 14.52 -2.46
CA PHE B 599 -40.94 15.05 -3.29
C PHE B 599 -41.33 14.04 -4.30
N TYR B 600 -40.36 13.34 -4.91
CA TYR B 600 -40.62 12.27 -5.90
C TYR B 600 -41.39 11.10 -5.15
N GLN B 601 -40.89 10.75 -3.96
CA GLN B 601 -41.40 9.63 -3.21
C GLN B 601 -42.78 9.81 -2.80
N LYS B 602 -43.18 11.07 -2.38
CA LYS B 602 -44.59 11.29 -1.96
C LYS B 602 -45.48 11.09 -2.99
N GLU B 603 -45.10 11.52 -4.25
CA GLU B 603 -45.93 11.39 -5.37
C GLU B 603 -46.32 9.94 -5.77
N MET B 604 -45.27 9.16 -5.74
CA MET B 604 -45.28 7.72 -5.98
C MET B 604 -46.06 6.95 -4.98
N LEU B 605 -45.89 7.28 -3.64
CA LEU B 605 -46.58 6.71 -2.50
C LEU B 605 -48.03 6.88 -2.51
N LYS B 606 -48.41 8.10 -2.95
CA LYS B 606 -49.75 8.49 -3.07
C LYS B 606 -50.69 7.70 -3.92
N SER B 607 -50.24 7.28 -5.10
CA SER B 607 -50.89 6.51 -6.10
C SER B 607 -51.16 5.08 -5.65
N ASN B 608 -50.16 4.57 -4.75
CA ASN B 608 -50.05 3.19 -4.26
C ASN B 608 -50.73 3.01 -2.93
N ASP B 609 -51.96 3.63 -2.88
CA ASP B 609 -52.89 3.54 -1.84
C ASP B 609 -53.91 2.76 -2.61
N ILE B 610 -54.92 3.55 -3.03
CA ILE B 610 -55.90 3.07 -3.99
C ILE B 610 -56.42 4.35 -4.53
N ILE B 611 -55.95 5.52 -4.01
CA ILE B 611 -56.60 6.86 -4.41
C ILE B 611 -56.24 7.35 -5.78
N ARG B 612 -57.28 7.97 -6.37
CA ARG B 612 -57.21 8.57 -7.66
C ARG B 612 -57.27 7.50 -8.78
N ILE B 628 -59.76 -0.32 -15.93
CA ILE B 628 -59.56 -1.76 -15.82
C ILE B 628 -58.11 -2.05 -16.21
N ASN B 629 -57.66 -1.74 -17.49
CA ASN B 629 -56.32 -1.81 -18.08
C ASN B 629 -55.34 -0.89 -17.41
N LYS B 630 -55.83 0.29 -16.95
CA LYS B 630 -55.12 1.43 -16.41
C LYS B 630 -54.31 1.09 -15.20
N LEU B 631 -54.97 0.34 -14.27
CA LEU B 631 -54.30 0.02 -13.01
C LEU B 631 -53.15 -0.96 -13.41
N SER B 632 -52.15 -1.20 -12.48
CA SER B 632 -51.02 -2.06 -12.73
C SER B 632 -49.94 -1.53 -13.63
N ARG B 633 -50.33 -0.79 -14.66
CA ARG B 633 -49.40 -0.10 -15.58
C ARG B 633 -48.82 1.03 -14.79
N ILE B 634 -49.64 1.78 -14.05
CA ILE B 634 -49.25 2.85 -13.14
C ILE B 634 -48.39 2.33 -12.06
N SER B 635 -48.70 1.16 -11.46
CA SER B 635 -47.97 0.57 -10.34
C SER B 635 -46.60 0.23 -10.75
N ILE B 636 -46.42 -0.38 -11.99
CA ILE B 636 -45.10 -0.78 -12.56
C ILE B 636 -44.22 0.39 -12.86
N LEU B 637 -44.74 1.51 -13.50
CA LEU B 637 -43.97 2.74 -13.84
C LEU B 637 -43.43 3.38 -12.55
N ARG B 638 -44.28 3.45 -11.53
CA ARG B 638 -43.88 3.98 -10.17
C ARG B 638 -42.74 3.12 -9.56
N THR B 639 -42.83 1.76 -9.62
CA THR B 639 -41.84 0.87 -9.08
C THR B 639 -40.53 1.05 -9.88
N GLN B 640 -40.60 1.28 -11.17
CA GLN B 640 -39.39 1.48 -11.96
C GLN B 640 -38.54 2.67 -11.57
N PHE B 641 -39.18 3.88 -11.41
CA PHE B 641 -38.37 5.09 -11.05
C PHE B 641 -37.79 4.93 -9.69
N GLN B 642 -38.53 4.32 -8.75
CA GLN B 642 -38.09 4.12 -7.36
C GLN B 642 -36.90 3.19 -7.20
N GLN B 643 -36.84 2.13 -8.02
CA GLN B 643 -35.69 1.25 -8.10
C GLN B 643 -34.46 1.89 -8.71
N PHE B 644 -34.65 2.72 -9.80
CA PHE B 644 -33.49 3.35 -10.45
C PHE B 644 -32.76 4.33 -9.54
N ASN B 645 -33.58 5.19 -8.88
CA ASN B 645 -33.07 6.15 -7.89
C ASN B 645 -32.41 5.52 -6.66
N SER B 646 -33.03 4.41 -6.08
CA SER B 646 -32.50 3.71 -4.93
C SER B 646 -31.17 3.15 -5.16
N LYS B 647 -30.89 2.63 -6.37
CA LYS B 647 -29.70 2.03 -6.85
C LYS B 647 -28.66 3.06 -6.94
N MET B 648 -28.95 4.27 -7.50
CA MET B 648 -27.98 5.35 -7.57
C MET B 648 -27.53 5.78 -6.26
N GLU B 649 -28.47 5.95 -5.29
CA GLU B 649 -28.19 6.46 -3.97
C GLU B 649 -27.32 5.49 -3.29
N SER B 650 -27.62 4.19 -3.49
CA SER B 650 -26.88 3.12 -2.84
C SER B 650 -25.37 3.14 -3.22
N TYR B 651 -25.02 3.18 -4.52
CA TYR B 651 -23.73 3.00 -5.01
C TYR B 651 -22.88 4.17 -4.58
N TYR B 652 -23.48 5.37 -4.69
CA TYR B 652 -22.80 6.56 -4.17
C TYR B 652 -22.46 6.54 -2.74
N LEU B 653 -23.45 6.14 -1.88
CA LEU B 653 -23.29 6.15 -0.45
C LEU B 653 -22.32 5.10 -0.10
N ASN B 654 -22.53 3.87 -0.67
CA ASN B 654 -21.79 2.72 -0.20
C ASN B 654 -20.34 2.75 -0.60
N CYS B 655 -20.06 2.89 -1.89
CA CYS B 655 -18.73 2.92 -2.45
C CYS B 655 -17.93 4.16 -2.17
N ILE B 656 -18.53 5.35 -2.28
CA ILE B 656 -17.80 6.54 -2.00
C ILE B 656 -17.80 6.90 -0.53
N ILE B 657 -19.00 7.27 0.04
CA ILE B 657 -19.02 8.00 1.27
C ILE B 657 -18.60 7.17 2.49
N GLU B 658 -19.31 5.96 2.66
CA GLU B 658 -19.17 5.11 3.78
C GLU B 658 -17.78 4.53 3.90
N GLU B 659 -17.20 4.06 2.72
CA GLU B 659 -15.82 3.47 2.55
C GLU B 659 -14.71 4.50 2.87
N ASN B 660 -14.82 5.78 2.37
CA ASN B 660 -13.79 6.75 2.68
C ASN B 660 -13.75 7.01 4.12
N PHE B 661 -14.98 7.15 4.72
CA PHE B 661 -15.11 7.56 6.06
C PHE B 661 -14.50 6.61 7.05
N LYS B 662 -14.71 5.27 6.78
CA LYS B 662 -14.28 4.13 7.49
C LYS B 662 -12.81 4.24 7.46
N GLU B 663 -12.22 4.52 6.30
CA GLU B 663 -10.76 4.55 6.27
C GLU B 663 -10.18 5.69 7.12
N MET B 664 -10.84 6.85 7.10
CA MET B 664 -10.34 7.97 7.84
C MET B 664 -10.21 7.76 9.30
N THR B 665 -11.27 7.17 9.92
CA THR B 665 -11.29 6.84 11.26
C THR B 665 -10.35 5.78 11.65
N ARG B 666 -10.15 4.75 10.88
CA ARG B 666 -9.17 3.74 11.15
C ARG B 666 -7.76 4.26 11.13
N LYS B 667 -7.32 5.11 10.12
CA LYS B 667 -6.00 5.65 10.07
C LYS B 667 -5.76 6.49 11.26
N LEU B 668 -6.82 7.27 11.68
CA LEU B 668 -6.71 8.05 12.88
C LEU B 668 -6.49 7.09 14.08
N GLN B 669 -7.24 5.98 14.18
CA GLN B 669 -7.18 5.11 15.34
C GLN B 669 -5.84 4.37 15.46
N ARG B 670 -5.30 3.81 14.31
CA ARG B 670 -4.21 2.83 14.37
C ARG B 670 -3.00 3.40 14.94
N THR B 671 -2.57 4.61 14.55
CA THR B 671 -1.36 5.24 15.09
C THR B 671 -1.69 5.74 16.53
N LEU B 719 -0.15 14.78 15.93
CA LEU B 719 -1.61 14.83 15.64
C LEU B 719 -2.14 16.08 16.23
N ASN B 720 -3.05 16.65 15.50
CA ASN B 720 -3.57 17.94 15.74
C ASN B 720 -4.85 17.85 15.09
N ILE B 721 -5.64 18.87 15.23
CA ILE B 721 -6.92 19.15 14.69
C ILE B 721 -6.89 19.28 13.20
N ASP B 722 -5.79 19.96 12.72
CA ASP B 722 -5.77 20.35 11.29
C ASP B 722 -5.78 19.09 10.45
N GLU B 723 -5.19 17.89 10.91
CA GLU B 723 -5.09 16.59 10.26
C GLU B 723 -6.46 16.01 10.06
N LEU B 724 -7.43 16.15 10.98
CA LEU B 724 -8.77 15.74 10.89
C LEU B 724 -9.53 16.53 9.83
N GLU B 725 -9.35 17.77 9.86
CA GLU B 725 -9.92 18.71 8.83
C GLU B 725 -9.37 18.38 7.45
N SER B 726 -8.06 18.04 7.33
CA SER B 726 -7.34 17.63 6.12
C SER B 726 -7.86 16.39 5.56
N VAL B 727 -8.02 15.32 6.37
CA VAL B 727 -8.51 14.04 5.92
C VAL B 727 -9.93 14.22 5.43
N HIS B 728 -10.74 15.05 6.13
CA HIS B 728 -12.06 15.39 5.72
C HIS B 728 -12.10 16.13 4.38
N ASN B 729 -11.16 17.09 4.18
CA ASN B 729 -11.10 17.83 2.96
C ASN B 729 -10.73 17.01 1.76
N THR B 730 -9.77 16.04 1.96
CA THR B 730 -9.30 15.16 0.89
C THR B 730 -10.49 14.33 0.42
N PHE B 731 -11.28 13.83 1.38
CA PHE B 731 -12.52 13.00 1.09
C PHE B 731 -13.54 13.79 0.24
N LEU B 732 -13.82 15.03 0.66
CA LEU B 732 -14.74 16.00 0.11
C LEU B 732 -14.21 16.41 -1.27
N THR B 733 -12.89 16.54 -1.41
CA THR B 733 -12.27 16.85 -2.68
C THR B 733 -12.57 15.63 -3.61
N ASN B 734 -12.52 14.37 -3.21
CA ASN B 734 -12.74 13.25 -4.12
C ASN B 734 -14.16 13.30 -4.68
N ILE B 735 -15.07 13.71 -3.80
CA ILE B 735 -16.42 13.89 -4.11
C ILE B 735 -16.54 14.94 -5.16
N LEU B 736 -15.77 15.99 -5.08
CA LEU B 736 -15.75 17.16 -5.97
C LEU B 736 -15.27 16.73 -7.35
N SER B 737 -14.24 15.76 -7.31
CA SER B 737 -13.71 15.17 -8.51
C SER B 737 -14.83 14.41 -9.33
N HIS B 738 -15.66 13.58 -8.60
CA HIS B 738 -16.75 12.91 -9.27
C HIS B 738 -17.79 13.78 -9.80
N LYS B 739 -18.03 14.87 -9.02
CA LYS B 739 -19.10 15.83 -9.24
C LYS B 739 -18.85 16.50 -10.59
N LEU B 740 -17.64 16.88 -10.84
CA LEU B 740 -17.28 17.58 -12.05
C LEU B 740 -17.39 16.69 -13.23
N PHE B 741 -16.86 15.46 -13.19
CA PHE B 741 -17.02 14.59 -14.37
C PHE B 741 -18.42 14.02 -14.70
N ALA B 742 -19.00 13.22 -13.69
CA ALA B 742 -20.33 12.68 -13.81
C ALA B 742 -21.42 13.65 -13.41
N THR B 743 -21.41 14.25 -12.19
CA THR B 743 -22.62 14.66 -11.44
C THR B 743 -22.58 16.19 -11.60
N GLN B 756 -21.44 16.59 -15.49
CA GLN B 756 -22.69 17.24 -15.84
C GLN B 756 -23.81 16.45 -16.47
N PRO B 757 -23.56 15.27 -17.11
CA PRO B 757 -24.63 14.45 -17.65
C PRO B 757 -25.64 13.91 -16.61
N TYR B 758 -25.17 13.49 -15.34
CA TYR B 758 -26.07 12.91 -14.45
C TYR B 758 -27.20 13.77 -13.91
N PRO B 759 -27.04 15.05 -13.41
CA PRO B 759 -28.11 15.87 -12.94
C PRO B 759 -29.14 16.15 -13.97
N THR B 760 -28.79 16.22 -15.28
CA THR B 760 -29.62 16.47 -16.37
C THR B 760 -30.59 15.33 -16.61
N SER B 761 -30.16 14.05 -16.48
CA SER B 761 -30.98 12.89 -16.59
C SER B 761 -31.99 12.86 -15.43
N LEU B 762 -31.46 13.17 -14.14
CA LEU B 762 -32.38 13.01 -12.94
C LEU B 762 -33.57 14.02 -13.06
N VAL B 763 -33.30 15.25 -13.53
CA VAL B 763 -34.33 16.24 -13.67
C VAL B 763 -35.33 15.89 -14.70
N LEU B 764 -34.93 15.21 -15.76
CA LEU B 764 -35.86 14.78 -16.78
C LEU B 764 -36.88 13.77 -16.22
N LEU B 765 -36.34 12.85 -15.35
CA LEU B 765 -37.29 11.95 -14.61
C LEU B 765 -38.30 12.70 -13.74
N LEU B 766 -37.79 13.79 -13.05
CA LEU B 766 -38.53 14.59 -12.10
C LEU B 766 -39.75 15.19 -12.80
N ASN B 767 -39.58 15.72 -14.06
CA ASN B 767 -40.65 16.33 -14.77
C ASN B 767 -41.64 15.23 -15.05
N SER B 768 -41.16 13.98 -15.45
CA SER B 768 -42.11 12.96 -15.80
C SER B 768 -42.99 12.56 -14.69
N VAL B 769 -42.40 12.47 -13.51
CA VAL B 769 -43.28 12.09 -12.37
C VAL B 769 -44.43 13.01 -12.03
N TYR B 770 -44.15 14.34 -12.12
CA TYR B 770 -45.07 15.46 -11.83
C TYR B 770 -46.11 15.41 -12.85
N GLU B 771 -45.73 15.08 -14.09
CA GLU B 771 -46.64 15.05 -15.19
C GLU B 771 -47.70 14.00 -15.00
N PHE B 772 -47.17 12.84 -14.58
CA PHE B 772 -47.93 11.74 -14.17
C PHE B 772 -48.86 11.96 -12.99
N VAL B 773 -48.44 12.52 -11.85
CA VAL B 773 -49.19 12.78 -10.71
C VAL B 773 -50.27 13.75 -10.91
N LYS B 774 -50.03 14.75 -11.79
CA LYS B 774 -50.93 15.82 -12.11
C LYS B 774 -52.12 15.27 -12.69
N VAL B 775 -51.95 14.33 -13.64
CA VAL B 775 -53.10 13.71 -14.28
C VAL B 775 -53.99 12.92 -13.32
N TYR B 776 -53.30 12.10 -12.41
CA TYR B 776 -54.08 11.32 -11.49
C TYR B 776 -54.88 12.09 -10.57
N CYS B 777 -54.30 13.15 -10.02
CA CYS B 777 -54.92 14.07 -9.14
C CYS B 777 -56.07 14.88 -9.72
N ASN B 778 -55.97 15.14 -11.00
CA ASN B 778 -56.93 15.81 -11.84
C ASN B 778 -58.20 15.16 -11.87
N LEU B 779 -58.18 13.82 -12.04
CA LEU B 779 -59.28 12.90 -12.31
C LEU B 779 -60.02 13.38 -13.57
N ASN B 780 -59.14 13.62 -14.57
CA ASN B 780 -59.37 14.18 -15.87
C ASN B 780 -57.98 14.08 -16.48
N SER B 798 -67.17 13.31 -18.46
CA SER B 798 -66.85 11.82 -18.36
C SER B 798 -66.02 11.28 -19.47
N ASN B 799 -66.48 11.51 -20.70
CA ASN B 799 -65.89 11.17 -22.01
C ASN B 799 -64.58 11.92 -22.16
N GLY B 800 -64.60 13.15 -21.74
CA GLY B 800 -63.45 14.04 -21.82
C GLY B 800 -62.28 13.52 -21.01
N LEU B 801 -62.63 13.04 -19.77
CA LEU B 801 -61.65 12.53 -18.84
C LEU B 801 -60.98 11.29 -19.42
N LEU B 802 -61.84 10.43 -20.02
CA LEU B 802 -61.42 9.16 -20.52
C LEU B 802 -60.38 9.24 -21.68
N GLY B 803 -60.66 10.22 -22.64
CA GLY B 803 -59.81 10.51 -23.75
C GLY B 803 -58.51 11.03 -23.32
N LYS B 804 -58.53 11.89 -22.35
CA LYS B 804 -57.31 12.44 -21.78
C LYS B 804 -56.44 11.39 -21.04
N PHE B 805 -57.04 10.46 -20.27
CA PHE B 805 -56.34 9.45 -19.48
C PHE B 805 -55.54 8.53 -20.40
N ASN B 806 -56.16 8.12 -21.54
CA ASN B 806 -55.46 7.41 -22.61
C ASN B 806 -54.38 8.16 -23.31
N THR B 807 -54.57 9.43 -23.70
CA THR B 807 -53.58 10.24 -24.46
C THR B 807 -52.35 10.45 -23.71
N ASN B 808 -52.52 10.77 -22.36
CA ASN B 808 -51.48 10.95 -21.38
C ASN B 808 -50.75 9.69 -21.14
N LEU B 809 -51.43 8.49 -21.10
CA LEU B 809 -50.75 7.23 -20.85
C LEU B 809 -49.80 7.01 -22.02
N LYS B 810 -50.18 7.30 -23.30
CA LYS B 810 -49.23 7.13 -24.37
C LYS B 810 -47.98 8.05 -24.36
N GLU B 811 -48.13 9.38 -24.08
CA GLU B 811 -46.95 10.22 -24.11
C GLU B 811 -45.93 9.83 -23.05
N ILE B 812 -46.43 9.52 -21.83
CA ILE B 812 -45.46 9.18 -20.73
C ILE B 812 -44.71 7.88 -21.08
N VAL B 813 -45.36 6.80 -21.64
CA VAL B 813 -44.70 5.57 -21.98
C VAL B 813 -43.65 5.80 -23.08
N SER B 814 -43.98 6.62 -24.05
CA SER B 814 -43.07 6.85 -25.16
C SER B 814 -41.83 7.49 -24.67
N GLN B 815 -41.92 8.50 -23.76
CA GLN B 815 -40.74 9.17 -23.23
C GLN B 815 -39.89 8.23 -22.41
N TYR B 816 -40.52 7.36 -21.59
CA TYR B 816 -39.84 6.37 -20.77
C TYR B 816 -39.09 5.34 -21.53
N LYS B 817 -39.65 4.81 -22.65
CA LYS B 817 -39.06 3.78 -23.47
C LYS B 817 -37.73 4.29 -24.02
N ASN B 818 -37.72 5.61 -24.50
CA ASN B 818 -36.55 6.14 -25.03
C ASN B 818 -35.49 6.29 -24.08
N PHE B 819 -35.97 6.81 -22.87
CA PHE B 819 -35.02 7.07 -21.83
C PHE B 819 -34.43 5.78 -21.38
N LYS B 820 -35.18 4.62 -21.24
CA LYS B 820 -34.75 3.38 -20.68
C LYS B 820 -33.63 2.84 -21.55
N ASP B 821 -33.71 2.91 -22.88
CA ASP B 821 -32.57 2.34 -23.65
C ASP B 821 -31.26 3.03 -23.45
N ARG B 822 -31.36 4.35 -23.38
CA ARG B 822 -30.26 5.28 -23.17
C ARG B 822 -29.63 5.06 -21.87
N LEU B 823 -30.47 4.84 -20.86
CA LEU B 823 -30.12 4.53 -19.56
C LEU B 823 -29.41 3.20 -19.51
N TYR B 824 -29.73 2.17 -20.27
CA TYR B 824 -29.11 0.91 -20.20
C TYR B 824 -27.68 1.07 -20.58
N ILE B 825 -27.33 1.91 -21.65
CA ILE B 825 -26.02 2.24 -22.17
C ILE B 825 -25.26 2.95 -21.13
N PHE B 826 -25.96 3.89 -20.44
CA PHE B 826 -25.39 4.52 -19.31
C PHE B 826 -25.04 3.62 -18.19
N ARG B 827 -25.89 2.61 -17.90
CA ARG B 827 -25.67 1.68 -16.83
C ARG B 827 -24.41 0.85 -16.97
N ALA B 828 -24.21 0.48 -18.30
CA ALA B 828 -23.05 -0.23 -18.66
C ALA B 828 -21.74 0.46 -18.47
N ASP B 829 -21.79 1.72 -18.78
CA ASP B 829 -20.66 2.65 -18.64
C ASP B 829 -20.26 2.79 -17.14
N LEU B 830 -21.30 2.84 -16.24
CA LEU B 830 -21.11 2.89 -14.80
C LEU B 830 -20.44 1.69 -14.24
N LYS B 831 -20.77 0.47 -14.75
CA LYS B 831 -20.30 -0.82 -14.39
C LYS B 831 -18.90 -0.88 -14.66
N ASN B 832 -18.45 -0.40 -15.81
CA ASN B 832 -17.01 -0.36 -16.07
C ASN B 832 -16.27 0.76 -15.33
N ASP B 833 -17.00 1.83 -15.00
CA ASP B 833 -16.46 3.05 -14.52
C ASP B 833 -15.62 3.78 -15.60
N GLY B 834 -16.29 3.77 -16.81
CA GLY B 834 -15.83 4.56 -17.98
C GLY B 834 -15.97 3.64 -19.14
N ASP B 835 -16.93 3.94 -20.01
CA ASP B 835 -17.14 3.37 -21.34
C ASP B 835 -17.45 4.62 -22.14
N GLU B 836 -17.88 4.40 -23.41
CA GLU B 836 -18.15 5.28 -24.49
C GLU B 836 -19.39 6.10 -24.16
N GLU B 837 -20.49 5.61 -23.55
CA GLU B 837 -21.67 6.45 -23.39
C GLU B 837 -21.53 7.72 -22.59
N LEU B 838 -20.75 7.75 -21.48
CA LEU B 838 -20.53 9.02 -20.74
C LEU B 838 -19.77 10.05 -21.53
N PHE B 839 -18.78 9.55 -22.27
CA PHE B 839 -17.98 10.37 -23.12
C PHE B 839 -18.80 11.12 -24.17
N LEU B 840 -19.72 10.38 -24.83
CA LEU B 840 -20.64 10.96 -25.79
C LEU B 840 -21.58 11.98 -25.16
N LEU B 841 -22.09 11.68 -23.96
CA LEU B 841 -23.00 12.71 -23.33
C LEU B 841 -22.25 13.99 -23.02
N SER B 842 -21.08 13.83 -22.53
CA SER B 842 -20.19 14.99 -22.27
C SER B 842 -19.79 15.73 -23.60
N LYS B 843 -19.59 14.89 -24.66
CA LYS B 843 -19.30 15.39 -26.00
C LYS B 843 -20.47 16.22 -26.52
N SER B 844 -21.70 15.75 -26.36
CA SER B 844 -22.85 16.48 -26.84
C SER B 844 -23.07 17.75 -26.09
N LEU B 845 -22.77 17.75 -24.77
CA LEU B 845 -22.77 18.96 -23.97
C LEU B 845 -21.80 20.01 -24.36
N ARG B 846 -20.53 19.60 -24.67
CA ARG B 846 -19.41 20.48 -24.99
C ARG B 846 -19.15 20.16 -26.43
N MET C 1 -6.27 -19.07 -5.65
CA MET C 1 -5.70 -18.74 -7.03
C MET C 1 -6.85 -18.52 -8.08
N GLY C 2 -6.74 -19.39 -9.17
CA GLY C 2 -7.75 -19.52 -10.20
C GLY C 2 -7.35 -20.73 -10.91
N GLY C 3 -6.97 -21.75 -10.12
CA GLY C 3 -6.48 -22.98 -10.60
C GLY C 3 -6.72 -24.06 -9.59
N GLU C 4 -7.97 -24.08 -9.04
CA GLU C 4 -8.34 -24.94 -7.90
C GLU C 4 -8.53 -26.37 -8.28
N ILE C 5 -8.28 -27.35 -7.40
CA ILE C 5 -8.34 -28.75 -7.76
C ILE C 5 -9.18 -29.52 -6.85
N ILE C 6 -10.07 -30.35 -7.47
CA ILE C 6 -11.12 -31.06 -6.82
C ILE C 6 -10.81 -32.56 -6.84
N THR C 7 -10.96 -33.22 -5.71
CA THR C 7 -10.62 -34.62 -5.53
C THR C 7 -11.86 -35.39 -5.36
N LEU C 8 -12.01 -36.55 -6.06
CA LEU C 8 -13.16 -37.40 -5.96
C LEU C 8 -12.63 -38.67 -5.36
N GLN C 9 -13.26 -39.14 -4.22
CA GLN C 9 -12.69 -40.35 -3.62
C GLN C 9 -13.83 -41.33 -3.76
N ALA C 10 -13.56 -42.47 -4.36
CA ALA C 10 -14.58 -43.40 -4.64
C ALA C 10 -14.07 -44.72 -4.18
N GLY C 11 -15.05 -45.52 -3.59
CA GLY C 11 -14.82 -46.85 -3.16
C GLY C 11 -13.99 -46.80 -1.88
N GLN C 12 -13.63 -47.98 -1.33
CA GLN C 12 -12.95 -48.19 -0.08
C GLN C 12 -11.57 -47.63 -0.18
N CYS C 13 -10.80 -47.95 -1.25
CA CYS C 13 -9.42 -47.53 -1.42
C CYS C 13 -9.28 -46.08 -1.53
N GLY C 14 -10.12 -45.48 -2.39
CA GLY C 14 -10.11 -44.11 -2.81
C GLY C 14 -10.32 -43.27 -1.64
N ASN C 15 -11.28 -43.66 -0.74
CA ASN C 15 -11.44 -42.97 0.54
C ASN C 15 -10.41 -43.15 1.48
N HIS C 16 -9.88 -44.37 1.59
CA HIS C 16 -8.81 -44.65 2.54
C HIS C 16 -7.53 -43.92 2.28
N VAL C 17 -7.07 -43.95 0.98
CA VAL C 17 -5.87 -43.32 0.46
C VAL C 17 -6.05 -41.88 0.58
N GLY C 18 -7.29 -41.33 0.30
CA GLY C 18 -7.59 -39.92 0.31
C GLY C 18 -7.40 -39.25 1.65
N LYS C 19 -7.84 -39.97 2.71
CA LYS C 19 -7.67 -39.61 4.13
C LYS C 19 -6.27 -39.51 4.49
N PHE C 20 -5.46 -40.51 4.05
CA PHE C 20 -4.03 -40.64 4.37
C PHE C 20 -3.27 -39.46 3.73
N LEU C 21 -3.75 -39.10 2.49
CA LEU C 21 -3.23 -37.99 1.66
C LEU C 21 -3.34 -36.62 2.30
N TRP C 22 -4.56 -36.32 2.90
CA TRP C 22 -4.75 -35.03 3.58
C TRP C 22 -3.84 -35.03 4.85
N SER C 23 -3.60 -36.12 5.60
CA SER C 23 -2.71 -36.21 6.74
C SER C 23 -1.23 -35.94 6.41
N GLN C 24 -0.84 -36.51 5.21
CA GLN C 24 0.54 -36.35 4.73
C GLN C 24 0.76 -34.92 4.47
N LEU C 25 -0.20 -34.22 3.82
CA LEU C 25 -0.11 -32.78 3.61
C LEU C 25 -0.16 -31.90 4.81
N ALA C 26 -1.01 -32.24 5.79
CA ALA C 26 -1.18 -31.47 7.01
C ALA C 26 0.04 -31.41 7.76
N LYS C 27 0.72 -32.55 7.83
CA LYS C 27 1.96 -32.87 8.61
C LYS C 27 3.01 -32.05 7.95
N GLU C 28 3.05 -32.06 6.60
CA GLU C 28 4.08 -31.27 5.83
C GLU C 28 3.92 -29.77 6.02
N HIS C 29 2.66 -29.27 6.08
CA HIS C 29 2.59 -27.87 6.18
C HIS C 29 2.26 -27.38 7.59
N ALA C 30 2.61 -28.15 8.62
CA ALA C 30 2.54 -27.79 10.01
C ALA C 30 1.28 -27.11 10.50
N ILE C 31 0.12 -27.71 10.15
CA ILE C 31 -1.21 -27.34 10.59
C ILE C 31 -1.66 -28.60 11.30
N GLY C 32 -2.63 -28.45 12.22
CA GLY C 32 -3.09 -29.47 13.15
C GLY C 32 -3.82 -30.56 12.35
N THR C 33 -4.61 -31.33 13.15
CA THR C 33 -5.37 -32.47 12.69
C THR C 33 -6.75 -32.15 12.09
N ASP C 34 -7.15 -30.88 12.17
CA ASP C 34 -8.40 -30.30 11.67
C ASP C 34 -8.11 -29.27 10.56
N GLY C 35 -6.74 -29.09 10.26
CA GLY C 35 -6.17 -28.23 9.28
C GLY C 35 -5.91 -26.91 9.83
N LEU C 36 -6.05 -26.81 11.12
CA LEU C 36 -5.78 -25.78 12.02
C LEU C 36 -4.64 -24.90 11.70
N SER C 37 -4.88 -23.64 11.31
CA SER C 37 -3.88 -22.63 10.88
C SER C 37 -2.97 -22.30 12.04
N GLN C 38 -1.60 -22.41 11.91
CA GLN C 38 -0.64 -22.28 12.99
C GLN C 38 0.17 -21.06 12.79
N LEU C 39 -0.50 -19.86 12.87
CA LEU C 39 0.03 -18.56 12.72
C LEU C 39 1.22 -18.22 13.64
N PRO C 40 1.36 -18.65 14.88
CA PRO C 40 2.60 -18.37 15.73
C PRO C 40 3.89 -18.86 15.19
N ASP C 41 3.89 -19.86 14.31
CA ASP C 41 5.02 -20.51 13.69
C ASP C 41 5.52 -19.50 12.73
N SER C 42 6.64 -19.76 12.07
CA SER C 42 7.06 -18.90 11.01
C SER C 42 6.30 -19.24 9.69
N SER C 43 5.39 -20.32 9.68
CA SER C 43 4.62 -20.75 8.54
C SER C 43 3.62 -19.77 7.97
N THR C 44 3.47 -18.56 8.55
CA THR C 44 2.54 -17.56 8.29
C THR C 44 2.58 -17.06 6.81
N GLU C 45 3.79 -16.59 6.29
CA GLU C 45 3.94 -16.18 4.87
C GLU C 45 4.11 -17.43 3.97
N ARG C 46 4.66 -18.59 4.51
CA ARG C 46 5.21 -19.66 3.68
C ARG C 46 4.23 -20.28 2.73
N ASP C 47 3.00 -20.60 3.21
CA ASP C 47 2.10 -21.43 2.47
C ASP C 47 1.52 -20.78 1.23
N ASP C 48 1.40 -21.60 0.19
CA ASP C 48 0.76 -21.14 -1.02
C ASP C 48 0.10 -22.30 -1.70
N ASP C 49 0.22 -23.45 -1.03
CA ASP C 49 -0.30 -24.75 -1.39
C ASP C 49 -1.82 -24.66 -1.13
N THR C 50 -2.16 -23.75 -0.17
CA THR C 50 -3.39 -23.65 0.55
C THR C 50 -4.51 -23.39 -0.41
N LYS C 51 -4.56 -22.30 -1.18
CA LYS C 51 -5.77 -21.99 -1.90
C LYS C 51 -6.03 -23.05 -2.94
N PRO C 52 -5.20 -23.59 -3.76
CA PRO C 52 -5.52 -24.73 -4.71
C PRO C 52 -6.02 -26.05 -4.04
N PHE C 53 -5.37 -26.61 -2.98
CA PHE C 53 -5.77 -27.83 -2.36
C PHE C 53 -6.85 -27.58 -1.36
N PHE C 54 -6.82 -26.44 -0.62
CA PHE C 54 -7.65 -26.26 0.57
C PHE C 54 -8.50 -24.99 0.40
N ARG C 55 -9.55 -24.96 1.21
CA ARG C 55 -10.40 -23.83 1.35
C ARG C 55 -10.60 -23.61 2.83
N GLU C 56 -11.06 -22.39 3.21
CA GLU C 56 -11.06 -22.00 4.55
C GLU C 56 -12.40 -22.10 5.23
N ASN C 57 -12.37 -22.55 6.49
CA ASN C 57 -13.58 -22.76 7.28
C ASN C 57 -13.88 -21.50 7.88
N CYS C 58 -15.07 -21.46 8.50
CA CYS C 58 -15.63 -20.27 9.12
C CYS C 58 -15.00 -20.07 10.49
N ARG C 59 -13.97 -20.96 10.77
CA ARG C 59 -13.01 -20.73 11.78
C ARG C 59 -11.73 -21.02 11.06
N ASN C 60 -10.56 -20.70 11.71
CA ASN C 60 -9.23 -20.58 11.09
C ASN C 60 -8.56 -21.99 10.87
N LYS C 61 -9.28 -22.88 10.15
CA LYS C 61 -8.88 -24.12 9.70
C LYS C 61 -9.11 -24.36 8.24
N PHE C 62 -8.10 -24.95 7.61
CA PHE C 62 -8.13 -25.32 6.22
C PHE C 62 -8.88 -26.61 6.14
N THR C 63 -9.71 -26.80 5.14
CA THR C 63 -10.38 -28.02 4.89
C THR C 63 -10.13 -28.26 3.43
N PRO C 64 -9.88 -29.49 2.97
CA PRO C 64 -9.61 -29.81 1.62
C PRO C 64 -10.84 -29.71 0.78
N ARG C 65 -10.72 -29.23 -0.47
CA ARG C 65 -11.66 -29.25 -1.55
C ARG C 65 -11.75 -30.67 -2.07
N ALA C 66 -12.48 -31.60 -1.39
CA ALA C 66 -12.62 -33.03 -1.78
C ALA C 66 -13.98 -33.41 -1.47
N ILE C 67 -14.56 -34.33 -2.31
CA ILE C 67 -15.88 -35.06 -2.22
C ILE C 67 -15.61 -36.54 -2.02
N MET C 68 -16.40 -37.18 -1.09
CA MET C 68 -16.24 -38.61 -0.73
C MET C 68 -17.58 -39.21 -1.17
N MET C 69 -17.52 -40.26 -1.95
CA MET C 69 -18.70 -41.01 -2.39
C MET C 69 -18.39 -42.46 -2.28
N ASP C 70 -19.47 -43.18 -1.78
CA ASP C 70 -19.53 -44.62 -1.64
C ASP C 70 -20.70 -44.89 -0.82
N SER C 71 -20.75 -46.04 -0.09
CA SER C 71 -21.79 -46.31 0.90
C SER C 71 -21.24 -46.11 2.30
N GLU C 72 -21.91 -46.76 3.26
CA GLU C 72 -21.69 -46.53 4.66
C GLU C 72 -20.33 -46.88 5.21
N PRO C 73 -19.69 -48.04 5.09
CA PRO C 73 -18.45 -48.34 5.79
C PRO C 73 -17.29 -47.36 5.75
N SER C 74 -16.76 -46.86 4.54
CA SER C 74 -15.60 -45.98 4.47
C SER C 74 -15.96 -44.66 5.08
N VAL C 75 -17.12 -44.10 4.75
CA VAL C 75 -17.58 -42.81 5.19
C VAL C 75 -17.73 -42.79 6.66
N ILE C 76 -18.26 -43.88 7.26
CA ILE C 76 -18.49 -43.94 8.69
C ILE C 76 -17.17 -43.87 9.54
N ALA C 77 -16.08 -44.52 8.98
CA ALA C 77 -14.80 -44.50 9.64
C ALA C 77 -14.26 -43.14 9.80
N ASP C 78 -14.42 -42.24 8.76
CA ASP C 78 -14.04 -40.87 8.73
C ASP C 78 -14.81 -40.07 9.80
N VAL C 79 -16.10 -40.38 9.95
CA VAL C 79 -17.00 -39.67 10.89
C VAL C 79 -16.55 -39.87 12.37
N GLU C 80 -16.01 -41.04 12.63
CA GLU C 80 -15.56 -41.49 13.89
C GLU C 80 -14.36 -40.62 14.27
N ASN C 81 -13.57 -40.33 13.24
CA ASN C 81 -12.26 -39.68 13.43
C ASN C 81 -12.51 -38.33 13.90
N THR C 82 -11.63 -37.78 14.78
CA THR C 82 -11.75 -36.46 15.31
C THR C 82 -10.80 -35.57 14.48
N PHE C 83 -10.56 -36.04 13.24
CA PHE C 83 -9.73 -35.45 12.17
C PHE C 83 -10.52 -34.45 11.44
N ARG C 84 -11.94 -34.47 11.63
CA ARG C 84 -12.88 -33.59 10.99
C ARG C 84 -12.64 -32.17 11.22
N GLY C 85 -12.80 -31.28 10.17
CA GLY C 85 -12.15 -30.01 10.07
C GLY C 85 -11.49 -30.19 8.74
N PHE C 86 -11.27 -31.46 8.26
CA PHE C 86 -10.74 -31.85 6.99
C PHE C 86 -11.92 -32.33 6.18
N PHE C 87 -13.04 -32.59 6.92
CA PHE C 87 -14.24 -33.07 6.26
C PHE C 87 -15.43 -32.38 6.94
N ASP C 88 -16.45 -32.12 6.09
CA ASP C 88 -17.61 -31.44 6.54
C ASP C 88 -18.70 -32.33 5.97
N PRO C 89 -19.93 -32.28 6.47
CA PRO C 89 -21.07 -33.19 6.11
C PRO C 89 -21.56 -33.11 4.67
N ARG C 90 -21.30 -31.93 3.98
CA ARG C 90 -21.60 -31.85 2.52
C ARG C 90 -20.65 -32.76 1.80
N ASN C 91 -19.40 -32.92 2.27
CA ASN C 91 -18.46 -33.83 1.53
C ASN C 91 -18.78 -35.26 1.71
N THR C 92 -19.61 -35.63 2.69
CA THR C 92 -19.96 -37.07 2.89
C THR C 92 -21.16 -37.45 2.07
N TRP C 93 -21.06 -38.47 1.20
CA TRP C 93 -22.15 -38.93 0.39
C TRP C 93 -22.17 -40.43 0.55
N VAL C 94 -23.35 -40.96 0.96
CA VAL C 94 -23.56 -42.37 1.35
C VAL C 94 -24.73 -42.83 0.55
N ALA C 95 -24.56 -44.00 -0.14
CA ALA C 95 -25.52 -44.71 -0.82
C ALA C 95 -26.09 -45.84 0.06
N SER C 96 -27.33 -46.27 -0.32
CA SER C 96 -28.01 -47.34 0.33
C SER C 96 -29.21 -47.64 -0.59
N ASP C 97 -29.38 -47.00 -1.79
CA ASP C 97 -30.55 -47.07 -2.67
C ASP C 97 -30.52 -48.46 -3.35
N GLY C 98 -31.62 -49.25 -3.36
CA GLY C 98 -31.58 -50.59 -3.95
C GLY C 98 -30.85 -51.60 -3.05
N ALA C 99 -30.51 -51.18 -1.78
CA ALA C 99 -29.74 -52.05 -0.84
C ALA C 99 -28.35 -52.28 -1.44
N SER C 100 -27.71 -51.17 -1.88
CA SER C 100 -26.28 -51.05 -2.29
C SER C 100 -25.84 -51.82 -3.50
N ALA C 101 -24.64 -51.48 -4.08
CA ALA C 101 -24.25 -52.06 -5.33
C ALA C 101 -23.79 -53.48 -4.98
N GLY C 102 -22.96 -53.63 -3.92
CA GLY C 102 -22.68 -54.97 -3.50
C GLY C 102 -21.50 -55.48 -4.35
N ASN C 103 -20.49 -54.65 -4.72
CA ASN C 103 -19.28 -54.91 -5.46
C ASN C 103 -19.51 -55.52 -6.78
N SER C 104 -20.33 -54.82 -7.61
CA SER C 104 -20.71 -55.13 -8.95
C SER C 104 -20.95 -53.77 -9.59
N TRP C 105 -20.35 -53.66 -10.77
CA TRP C 105 -20.34 -52.51 -11.68
C TRP C 105 -21.69 -52.20 -12.22
N ALA C 106 -22.50 -53.20 -12.64
CA ALA C 106 -23.80 -52.98 -13.19
C ALA C 106 -24.74 -52.31 -12.28
N ASN C 107 -24.67 -52.83 -11.07
CA ASN C 107 -25.39 -52.30 -9.89
C ASN C 107 -24.91 -50.86 -9.52
N GLY C 108 -23.65 -50.54 -9.57
CA GLY C 108 -23.06 -49.28 -9.24
C GLY C 108 -23.50 -48.27 -10.26
N TYR C 109 -23.50 -48.72 -11.55
CA TYR C 109 -23.83 -47.97 -12.70
C TYR C 109 -25.29 -47.63 -12.60
N ASP C 110 -26.22 -48.61 -12.29
CA ASP C 110 -27.58 -48.21 -12.08
C ASP C 110 -27.89 -47.32 -10.85
N ILE C 111 -27.18 -47.43 -9.68
CA ILE C 111 -27.38 -46.67 -8.50
C ILE C 111 -27.04 -45.22 -8.90
N GLY C 112 -26.01 -45.01 -9.74
CA GLY C 112 -25.61 -43.79 -10.38
C GLY C 112 -26.64 -43.21 -11.32
N THR C 113 -27.51 -43.97 -12.03
CA THR C 113 -28.60 -43.57 -12.91
C THR C 113 -29.64 -42.81 -12.14
N ARG C 114 -29.92 -43.35 -10.91
CA ARG C 114 -30.81 -42.72 -10.03
C ARG C 114 -29.88 -41.82 -9.23
N ASN C 115 -30.35 -40.81 -8.51
CA ASN C 115 -29.64 -39.81 -7.78
C ASN C 115 -28.53 -39.09 -8.53
N GLN C 116 -28.59 -39.07 -9.83
CA GLN C 116 -27.58 -38.59 -10.77
C GLN C 116 -27.43 -37.15 -10.64
N ASP C 117 -28.62 -36.48 -10.55
CA ASP C 117 -28.93 -35.10 -10.34
C ASP C 117 -28.47 -34.59 -8.98
N ASP C 118 -28.71 -35.44 -7.96
CA ASP C 118 -28.29 -35.22 -6.61
C ASP C 118 -26.77 -35.12 -6.40
N ILE C 119 -26.06 -36.06 -7.01
CA ILE C 119 -24.61 -36.08 -7.03
C ILE C 119 -24.12 -34.91 -7.81
N LEU C 120 -24.78 -34.60 -8.97
CA LEU C 120 -24.40 -33.44 -9.72
C LEU C 120 -24.57 -32.10 -9.05
N ASN C 121 -25.62 -31.96 -8.22
CA ASN C 121 -25.96 -30.79 -7.40
C ASN C 121 -24.80 -30.50 -6.43
N LYS C 122 -24.20 -31.55 -5.80
CA LYS C 122 -23.10 -31.50 -4.85
C LYS C 122 -21.85 -30.97 -5.60
N ILE C 123 -21.60 -31.54 -6.80
CA ILE C 123 -20.51 -31.27 -7.67
C ILE C 123 -20.55 -29.81 -8.23
N ASP C 124 -21.66 -29.31 -8.72
CA ASP C 124 -21.88 -27.87 -9.18
C ASP C 124 -21.68 -26.88 -8.06
N LYS C 125 -22.13 -27.33 -6.84
CA LYS C 125 -22.01 -26.54 -5.61
C LYS C 125 -20.51 -26.29 -5.35
N GLU C 126 -19.67 -27.36 -5.44
CA GLU C 126 -18.29 -27.35 -5.22
C GLU C 126 -17.62 -26.53 -6.22
N ILE C 127 -18.09 -26.67 -7.48
CA ILE C 127 -17.50 -26.02 -8.64
C ILE C 127 -17.68 -24.51 -8.55
N ASP C 128 -18.91 -24.08 -8.18
CA ASP C 128 -19.32 -22.67 -7.95
C ASP C 128 -18.57 -22.12 -6.79
N SER C 129 -18.29 -22.98 -5.80
CA SER C 129 -17.40 -22.48 -4.74
C SER C 129 -15.93 -22.21 -4.98
N THR C 130 -15.36 -22.71 -6.14
CA THR C 130 -13.97 -22.57 -6.39
C THR C 130 -13.59 -21.19 -6.94
N ASP C 131 -12.27 -20.94 -7.10
CA ASP C 131 -11.79 -19.62 -7.60
C ASP C 131 -11.49 -19.73 -9.08
N ASN C 132 -11.66 -20.94 -9.63
CA ASN C 132 -11.71 -21.32 -10.99
C ASN C 132 -11.07 -22.70 -10.94
N PHE C 133 -11.90 -23.74 -11.37
CA PHE C 133 -11.54 -25.06 -11.26
C PHE C 133 -10.76 -25.43 -12.39
N GLU C 134 -9.48 -25.88 -12.18
CA GLU C 134 -8.58 -26.33 -13.15
C GLU C 134 -9.01 -27.67 -13.56
N GLY C 135 -9.34 -28.57 -12.61
CA GLY C 135 -9.84 -29.85 -13.02
C GLY C 135 -9.81 -30.79 -11.83
N PHE C 136 -10.04 -32.04 -12.11
CA PHE C 136 -10.40 -33.08 -11.20
C PHE C 136 -9.37 -34.13 -11.11
N GLN C 137 -9.34 -34.73 -9.92
CA GLN C 137 -8.63 -35.99 -9.78
C GLN C 137 -9.64 -36.91 -9.22
N LEU C 138 -9.81 -38.10 -9.86
CA LEU C 138 -10.66 -39.11 -9.31
C LEU C 138 -9.75 -40.20 -8.85
N LEU C 139 -9.95 -40.60 -7.60
CA LEU C 139 -9.15 -41.55 -6.93
C LEU C 139 -10.01 -42.73 -6.69
N HIS C 140 -9.66 -44.02 -7.10
CA HIS C 140 -10.55 -45.10 -6.72
C HIS C 140 -9.95 -46.41 -7.07
N SER C 141 -10.71 -47.40 -6.64
CA SER C 141 -10.39 -48.78 -6.75
C SER C 141 -11.50 -49.34 -7.58
N VAL C 142 -11.23 -50.37 -8.35
CA VAL C 142 -12.24 -51.00 -9.18
C VAL C 142 -13.05 -51.98 -8.22
N ALA C 143 -12.37 -52.15 -7.02
CA ALA C 143 -12.78 -52.99 -5.94
C ALA C 143 -14.18 -52.60 -5.46
N GLY C 144 -14.55 -51.28 -5.51
CA GLY C 144 -15.86 -50.84 -5.19
C GLY C 144 -17.00 -51.38 -6.17
N GLY C 145 -18.30 -51.30 -5.79
CA GLY C 145 -19.54 -51.41 -6.58
C GLY C 145 -19.85 -50.06 -7.20
N THR C 146 -19.90 -49.03 -6.33
CA THR C 146 -20.13 -47.63 -6.57
C THR C 146 -18.87 -47.09 -7.21
N GLY C 147 -17.65 -47.30 -6.69
CA GLY C 147 -16.45 -46.62 -7.18
C GLY C 147 -16.23 -47.00 -8.59
N SER C 148 -16.41 -48.31 -8.99
CA SER C 148 -16.27 -48.80 -10.34
C SER C 148 -17.51 -48.31 -11.19
N GLY C 149 -18.83 -48.67 -10.78
CA GLY C 149 -20.00 -48.37 -11.56
C GLY C 149 -20.47 -46.94 -11.66
N LEU C 150 -20.64 -46.32 -10.48
CA LEU C 150 -21.14 -44.98 -10.19
C LEU C 150 -20.16 -43.96 -10.71
N GLY C 151 -18.81 -44.17 -10.59
CA GLY C 151 -17.71 -43.35 -11.14
C GLY C 151 -17.89 -43.39 -12.63
N SER C 152 -18.23 -44.55 -13.21
CA SER C 152 -18.38 -44.67 -14.65
C SER C 152 -19.51 -43.84 -15.21
N ASN C 153 -20.61 -43.84 -14.49
CA ASN C 153 -21.75 -42.93 -14.90
C ASN C 153 -21.40 -41.48 -14.79
N LEU C 154 -20.72 -41.04 -13.65
CA LEU C 154 -20.33 -39.65 -13.41
C LEU C 154 -19.33 -39.19 -14.34
N LEU C 155 -18.38 -39.99 -14.79
CA LEU C 155 -17.35 -39.61 -15.72
C LEU C 155 -17.87 -39.22 -17.01
N GLU C 156 -18.92 -40.01 -17.55
CA GLU C 156 -19.51 -39.73 -18.79
C GLU C 156 -20.26 -38.41 -18.77
N ALA C 157 -21.01 -38.09 -17.66
CA ALA C 157 -21.62 -36.74 -17.53
C ALA C 157 -20.61 -35.62 -17.42
N LEU C 158 -19.57 -35.82 -16.63
CA LEU C 158 -18.63 -34.76 -16.46
C LEU C 158 -17.86 -34.30 -17.66
N CYS C 159 -17.47 -35.26 -18.58
CA CYS C 159 -16.89 -34.95 -19.80
C CYS C 159 -17.73 -34.10 -20.67
N ASP C 160 -19.03 -34.47 -20.83
CA ASP C 160 -19.97 -33.80 -21.71
C ASP C 160 -20.37 -32.44 -21.32
N ARG C 161 -20.83 -32.35 -20.03
CA ARG C 161 -21.55 -31.17 -19.53
C ARG C 161 -20.69 -29.90 -19.46
N TYR C 162 -19.51 -30.01 -18.85
CA TYR C 162 -18.66 -28.86 -18.62
C TYR C 162 -17.77 -28.73 -19.71
N PRO C 163 -17.27 -27.59 -20.11
CA PRO C 163 -16.34 -27.35 -21.25
C PRO C 163 -15.03 -27.78 -20.94
N LYS C 164 -14.14 -28.09 -21.93
CA LYS C 164 -12.76 -28.55 -21.78
C LYS C 164 -12.04 -28.03 -20.54
N LYS C 165 -11.73 -28.99 -19.68
CA LYS C 165 -11.04 -28.80 -18.34
C LYS C 165 -10.42 -30.22 -18.15
N ILE C 166 -9.44 -30.36 -17.23
CA ILE C 166 -8.70 -31.62 -17.10
C ILE C 166 -9.50 -32.59 -16.17
N LEU C 167 -9.53 -33.92 -16.55
CA LEU C 167 -9.88 -34.99 -15.74
C LEU C 167 -8.62 -35.91 -15.70
N THR C 168 -8.05 -36.15 -14.45
CA THR C 168 -6.93 -37.00 -14.24
C THR C 168 -7.51 -38.00 -13.31
N THR C 169 -7.02 -39.28 -13.49
CA THR C 169 -7.45 -40.28 -12.50
C THR C 169 -6.21 -41.00 -12.03
N TYR C 170 -6.39 -41.43 -10.80
CA TYR C 170 -5.53 -42.32 -10.10
C TYR C 170 -6.30 -43.53 -9.92
N SER C 171 -5.94 -44.57 -10.78
CA SER C 171 -6.79 -45.73 -10.90
C SER C 171 -6.20 -47.01 -10.35
N VAL C 172 -6.91 -47.84 -9.49
CA VAL C 172 -6.21 -49.07 -9.11
C VAL C 172 -6.58 -50.18 -10.05
N PHE C 173 -5.54 -50.84 -10.70
CA PHE C 173 -5.63 -51.98 -11.60
C PHE C 173 -5.31 -53.18 -10.80
N PRO C 174 -5.95 -54.42 -10.91
CA PRO C 174 -5.52 -55.64 -10.20
C PRO C 174 -4.55 -56.46 -10.97
N ALA C 175 -4.30 -57.67 -10.42
CA ALA C 175 -3.52 -58.78 -10.94
C ALA C 175 -4.00 -59.37 -12.23
N ARG C 176 -3.08 -60.15 -12.86
CA ARG C 176 -3.23 -60.78 -14.16
C ARG C 176 -4.26 -61.85 -14.11
N SER C 177 -4.25 -62.44 -12.93
CA SER C 177 -5.17 -63.48 -12.51
C SER C 177 -6.40 -62.84 -11.93
N SER C 178 -7.66 -63.30 -12.11
CA SER C 178 -8.88 -62.74 -11.62
C SER C 178 -9.25 -63.53 -10.38
N GLU C 179 -9.51 -62.80 -9.32
CA GLU C 179 -9.88 -63.22 -8.02
C GLU C 179 -11.23 -63.97 -8.10
N VAL C 180 -12.27 -63.23 -8.58
CA VAL C 180 -13.64 -63.68 -8.78
C VAL C 180 -13.70 -63.67 -10.32
N VAL C 181 -14.45 -64.62 -10.93
CA VAL C 181 -14.37 -64.81 -12.34
C VAL C 181 -15.01 -63.69 -13.10
N VAL C 182 -16.02 -63.05 -12.45
CA VAL C 182 -16.75 -61.96 -13.02
C VAL C 182 -15.96 -60.64 -13.05
N GLN C 183 -14.71 -60.63 -12.49
CA GLN C 183 -13.73 -59.52 -12.44
C GLN C 183 -13.52 -58.86 -13.75
N SER C 184 -13.44 -59.77 -14.79
CA SER C 184 -13.03 -59.39 -16.13
C SER C 184 -13.99 -58.32 -16.78
N TYR C 185 -15.32 -58.56 -16.49
CA TYR C 185 -16.48 -57.82 -16.92
C TYR C 185 -16.39 -56.44 -16.27
N ASN C 186 -16.13 -56.43 -14.93
CA ASN C 186 -16.12 -55.16 -14.18
C ASN C 186 -15.09 -54.15 -14.67
N THR C 187 -13.87 -54.73 -14.90
CA THR C 187 -12.69 -54.01 -15.35
C THR C 187 -13.02 -53.46 -16.74
N ILE C 188 -13.65 -54.34 -17.60
CA ILE C 188 -13.94 -53.93 -18.98
C ILE C 188 -14.84 -52.71 -19.14
N LEU C 189 -15.96 -52.78 -18.43
CA LEU C 189 -17.03 -51.86 -18.47
C LEU C 189 -16.62 -50.46 -17.97
N ALA C 190 -15.81 -50.53 -16.90
CA ALA C 190 -15.27 -49.31 -16.31
C ALA C 190 -14.26 -48.66 -17.33
N LEU C 191 -13.44 -49.54 -17.97
CA LEU C 191 -12.40 -49.05 -18.81
C LEU C 191 -12.95 -48.19 -20.02
N ARG C 192 -14.17 -48.36 -20.60
CA ARG C 192 -14.71 -47.71 -21.76
C ARG C 192 -14.80 -46.26 -21.41
N ARG C 193 -15.28 -45.96 -20.18
CA ARG C 193 -15.40 -44.68 -19.59
C ARG C 193 -14.05 -44.08 -19.27
N LEU C 194 -13.03 -44.86 -18.76
CA LEU C 194 -11.72 -44.37 -18.51
C LEU C 194 -10.91 -43.88 -19.79
N ILE C 195 -11.08 -44.60 -20.93
CA ILE C 195 -10.57 -44.24 -22.19
C ILE C 195 -11.16 -42.95 -22.78
N GLU C 196 -12.54 -42.91 -22.74
CA GLU C 196 -13.25 -41.79 -23.31
C GLU C 196 -13.27 -40.50 -22.46
N ASP C 197 -13.64 -40.61 -21.19
CA ASP C 197 -13.81 -39.46 -20.28
C ASP C 197 -12.55 -39.07 -19.53
N SER C 198 -11.42 -39.79 -19.66
CA SER C 198 -10.24 -39.33 -18.96
C SER C 198 -9.25 -38.98 -20.05
N ASP C 199 -8.83 -37.74 -19.88
CA ASP C 199 -7.75 -37.13 -20.58
C ASP C 199 -6.38 -37.79 -20.17
N ALA C 200 -6.21 -38.20 -18.89
CA ALA C 200 -4.95 -38.83 -18.43
C ALA C 200 -5.28 -39.87 -17.42
N THR C 201 -4.66 -41.01 -17.38
CA THR C 201 -4.83 -42.05 -16.45
C THR C 201 -3.46 -42.46 -15.94
N VAL C 202 -3.34 -42.38 -14.58
CA VAL C 202 -2.21 -42.80 -13.86
C VAL C 202 -2.61 -44.19 -13.40
N VAL C 203 -1.91 -45.14 -14.04
CA VAL C 203 -2.18 -46.54 -13.76
C VAL C 203 -1.35 -46.98 -12.50
N PHE C 204 -2.08 -47.54 -11.54
CA PHE C 204 -1.48 -48.13 -10.38
C PHE C 204 -1.69 -49.63 -10.35
N ASP C 205 -0.69 -50.51 -10.58
CA ASP C 205 -0.82 -51.95 -10.65
C ASP C 205 -0.51 -52.39 -9.32
N ASN C 206 -1.47 -53.10 -8.66
CA ASN C 206 -1.47 -53.68 -7.37
C ASN C 206 -0.49 -54.81 -7.22
N ALA C 207 -0.16 -55.58 -8.23
CA ALA C 207 0.81 -56.64 -8.10
C ALA C 207 2.12 -56.05 -7.70
N SER C 208 2.51 -54.96 -8.38
CA SER C 208 3.83 -54.34 -8.18
C SER C 208 3.85 -53.62 -6.83
N LEU C 209 2.76 -53.00 -6.47
CA LEU C 209 2.55 -52.39 -5.17
C LEU C 209 2.59 -53.27 -4.00
N LEU C 210 1.96 -54.47 -4.11
CA LEU C 210 1.91 -55.43 -3.01
C LEU C 210 3.30 -55.92 -2.72
N ASN C 211 4.12 -56.21 -3.80
CA ASN C 211 5.44 -56.67 -3.62
C ASN C 211 6.40 -55.77 -2.88
N ILE C 212 6.33 -54.41 -3.18
CA ILE C 212 6.99 -53.32 -2.55
C ILE C 212 6.58 -53.20 -1.14
N SER C 213 5.27 -53.26 -0.85
CA SER C 213 4.76 -52.96 0.43
C SER C 213 5.33 -54.05 1.38
N GLY C 214 5.29 -55.32 0.98
CA GLY C 214 5.79 -56.38 1.76
C GLY C 214 7.32 -56.32 1.91
N LYS C 215 8.14 -56.19 0.74
CA LYS C 215 9.47 -56.39 0.84
C LYS C 215 10.16 -55.22 1.49
N VAL C 216 9.93 -53.98 0.98
CA VAL C 216 10.52 -52.77 1.58
C VAL C 216 9.93 -52.30 2.90
N PHE C 217 8.57 -52.16 2.89
CA PHE C 217 7.92 -51.61 4.05
C PHE C 217 7.86 -52.46 5.26
N ARG C 218 7.83 -53.80 5.04
CA ARG C 218 7.71 -54.83 6.05
C ARG C 218 6.32 -54.88 6.64
N ASN C 219 5.59 -55.99 6.40
CA ASN C 219 4.31 -56.23 6.98
C ASN C 219 4.27 -57.77 7.19
N PRO C 220 4.14 -58.39 8.39
CA PRO C 220 4.07 -59.80 8.71
C PRO C 220 2.90 -60.44 8.05
N ASN C 221 1.81 -59.68 7.87
CA ASN C 221 0.67 -60.02 7.16
C ASN C 221 0.48 -58.66 6.52
N ILE C 222 0.60 -58.66 5.17
CA ILE C 222 0.52 -57.61 4.19
C ILE C 222 -0.99 -57.33 3.93
N ASP C 223 -1.40 -56.06 3.75
CA ASP C 223 -2.82 -55.83 3.54
C ASP C 223 -2.88 -54.82 2.52
N LEU C 224 -4.12 -54.49 2.00
CA LEU C 224 -4.32 -53.32 1.12
C LEU C 224 -4.05 -52.07 1.92
N GLN C 225 -4.38 -52.02 3.19
CA GLN C 225 -4.36 -50.91 4.03
C GLN C 225 -2.97 -50.39 4.17
N HIS C 226 -2.03 -51.33 4.24
CA HIS C 226 -0.66 -51.10 4.28
C HIS C 226 -0.18 -50.44 2.96
N THR C 227 -0.66 -50.97 1.86
CA THR C 227 -0.29 -50.71 0.46
C THR C 227 -0.74 -49.29 0.06
N ASN C 228 -1.89 -48.83 0.67
CA ASN C 228 -2.60 -47.57 0.53
C ASN C 228 -1.72 -46.35 0.94
N GLN C 229 -0.82 -46.56 1.91
CA GLN C 229 0.17 -45.62 2.44
C GLN C 229 1.14 -45.20 1.37
N LEU C 230 1.57 -46.12 0.49
CA LEU C 230 2.41 -45.89 -0.60
C LEU C 230 1.64 -45.00 -1.61
N ILE C 231 0.38 -45.36 -1.83
CA ILE C 231 -0.45 -44.73 -2.90
C ILE C 231 -0.62 -43.28 -2.57
N SER C 232 -0.91 -42.96 -1.26
CA SER C 232 -1.05 -41.67 -0.79
C SER C 232 0.25 -40.89 -0.91
N THR C 233 1.46 -41.49 -0.67
CA THR C 233 2.71 -40.74 -0.83
C THR C 233 2.94 -40.32 -2.27
N ILE C 234 2.76 -41.24 -3.25
CA ILE C 234 3.00 -41.03 -4.66
C ILE C 234 1.96 -40.02 -5.24
N ILE C 235 0.63 -40.06 -4.92
CA ILE C 235 -0.30 -39.07 -5.42
C ILE C 235 0.06 -37.73 -4.88
N SER C 236 0.48 -37.64 -3.54
CA SER C 236 0.91 -36.39 -2.96
C SER C 236 2.25 -35.89 -3.59
N SER C 237 3.22 -36.75 -3.78
CA SER C 237 4.54 -36.39 -4.26
C SER C 237 4.62 -35.82 -5.68
N VAL C 238 3.77 -36.29 -6.64
CA VAL C 238 3.74 -35.87 -8.01
C VAL C 238 3.30 -34.42 -8.22
N THR C 239 2.43 -33.94 -7.30
CA THR C 239 1.89 -32.60 -7.22
C THR C 239 2.81 -31.67 -6.55
N ASN C 240 3.94 -32.20 -5.99
CA ASN C 240 4.78 -31.33 -5.16
C ASN C 240 5.21 -30.03 -5.72
N SER C 241 5.69 -30.02 -7.00
CA SER C 241 6.35 -28.84 -7.52
C SER C 241 5.45 -27.67 -7.73
N ILE C 242 4.16 -27.96 -7.94
CA ILE C 242 3.18 -26.87 -8.20
C ILE C 242 2.84 -26.14 -6.95
N ARG C 243 2.63 -26.91 -5.86
CA ARG C 243 2.28 -26.37 -4.60
C ARG C 243 3.39 -25.81 -3.77
N PHE C 244 4.65 -26.06 -4.07
CA PHE C 244 5.76 -25.45 -3.33
C PHE C 244 6.05 -24.01 -3.77
N PRO C 245 6.56 -23.16 -2.83
CA PRO C 245 6.92 -21.79 -3.16
C PRO C 245 8.05 -21.66 -4.19
N SER C 246 7.90 -20.77 -5.20
CA SER C 246 8.94 -20.36 -6.15
C SER C 246 9.13 -21.49 -7.20
N TYR C 247 8.15 -22.37 -7.28
CA TYR C 247 8.10 -23.35 -8.32
C TYR C 247 6.64 -23.39 -8.56
N MET C 248 6.36 -23.21 -9.87
CA MET C 248 4.99 -23.11 -10.36
C MET C 248 5.04 -23.07 -11.86
N TYR C 249 6.22 -23.39 -12.41
CA TYR C 249 6.48 -23.43 -13.81
C TYR C 249 5.89 -24.74 -14.31
N SER C 250 6.02 -25.82 -13.50
CA SER C 250 5.31 -27.04 -13.71
C SER C 250 3.83 -26.73 -13.63
N SER C 251 3.04 -27.19 -14.68
CA SER C 251 1.63 -27.03 -14.61
C SER C 251 1.12 -28.35 -15.09
N MET C 252 -0.20 -28.61 -14.79
CA MET C 252 -0.96 -29.81 -15.26
C MET C 252 -1.05 -29.76 -16.73
N SER C 253 -1.38 -28.51 -17.29
CA SER C 253 -1.54 -28.21 -18.68
C SER C 253 -0.23 -28.38 -19.35
N SER C 254 0.93 -27.90 -18.79
CA SER C 254 2.27 -27.99 -19.41
C SER C 254 2.80 -29.35 -19.51
N ILE C 255 2.51 -30.18 -18.42
CA ILE C 255 2.89 -31.55 -18.33
C ILE C 255 2.11 -32.39 -19.31
N TYR C 256 0.76 -32.18 -19.46
CA TYR C 256 -0.23 -32.83 -20.28
C TYR C 256 0.18 -32.57 -21.74
N SER C 257 0.59 -31.28 -22.04
CA SER C 257 0.99 -30.96 -23.44
C SER C 257 2.21 -31.78 -23.84
N THR C 258 3.21 -31.90 -22.96
CA THR C 258 4.37 -32.71 -23.39
C THR C 258 4.17 -34.20 -23.53
N LEU C 259 3.48 -34.87 -22.54
CA LEU C 259 3.24 -36.28 -22.56
C LEU C 259 2.25 -36.82 -23.61
N ILE C 260 1.13 -36.05 -23.76
CA ILE C 260 0.10 -36.58 -24.51
C ILE C 260 0.03 -35.60 -25.67
N PRO C 261 0.02 -36.13 -26.91
CA PRO C 261 -0.18 -35.21 -28.05
C PRO C 261 -1.29 -35.78 -28.94
N SER C 262 -1.87 -36.93 -28.51
CA SER C 262 -2.96 -37.67 -29.15
C SER C 262 -3.76 -38.32 -28.01
N PRO C 263 -5.06 -38.39 -28.04
CA PRO C 263 -5.92 -38.91 -26.98
C PRO C 263 -5.89 -40.42 -26.93
N GLU C 264 -5.31 -41.12 -27.93
CA GLU C 264 -5.21 -42.55 -27.88
C GLU C 264 -4.07 -42.96 -27.04
N LEU C 265 -3.03 -42.09 -26.86
CA LEU C 265 -1.86 -42.30 -26.00
C LEU C 265 -2.23 -41.55 -24.75
N HIS C 266 -2.49 -42.29 -23.60
CA HIS C 266 -2.75 -41.42 -22.45
C HIS C 266 -2.66 -42.25 -21.19
N PHE C 267 -2.33 -43.54 -21.28
CA PHE C 267 -2.07 -44.16 -20.02
C PHE C 267 -0.60 -43.89 -19.65
N LEU C 268 -0.23 -43.29 -18.49
CA LEU C 268 1.07 -43.06 -17.98
C LEU C 268 1.28 -43.96 -16.87
N SER C 269 2.53 -44.36 -16.64
CA SER C 269 2.99 -45.13 -15.56
C SER C 269 4.00 -44.30 -14.85
N PRO C 270 4.00 -44.27 -13.54
CA PRO C 270 4.94 -43.54 -12.74
C PRO C 270 6.02 -44.49 -12.22
N SER C 271 7.18 -43.95 -11.85
CA SER C 271 8.23 -44.61 -11.13
C SER C 271 8.78 -43.69 -10.17
N PHE C 272 9.38 -44.38 -9.15
CA PHE C 272 9.84 -43.77 -7.89
C PHE C 272 11.05 -44.34 -7.20
N THR C 273 11.72 -43.43 -6.52
CA THR C 273 12.85 -43.65 -5.65
C THR C 273 12.85 -42.52 -4.73
N PRO C 274 13.15 -42.61 -3.44
CA PRO C 274 13.30 -43.75 -2.62
C PRO C 274 11.89 -44.14 -2.17
N PHE C 275 11.75 -44.82 -1.02
CA PHE C 275 10.58 -45.09 -0.26
C PHE C 275 11.17 -44.83 1.11
N THR C 276 12.14 -45.64 1.62
CA THR C 276 12.71 -45.51 2.97
C THR C 276 14.12 -45.16 2.59
N SER C 277 14.87 -44.32 3.40
CA SER C 277 16.16 -43.93 3.06
C SER C 277 16.90 -43.42 4.29
N ASP C 278 16.19 -43.50 5.44
CA ASP C 278 16.54 -43.08 6.77
C ASP C 278 15.27 -43.38 7.60
N TYR C 279 14.78 -44.64 7.63
CA TYR C 279 13.61 -45.04 8.34
C TYR C 279 13.75 -45.11 9.87
N ILE C 280 15.02 -45.51 10.19
CA ILE C 280 15.65 -45.65 11.51
C ILE C 280 14.89 -46.61 12.32
N HIS C 281 14.84 -47.91 11.83
CA HIS C 281 14.25 -48.97 12.60
C HIS C 281 15.34 -49.97 12.65
N ASP C 282 16.11 -49.93 11.58
CA ASP C 282 17.25 -50.72 11.33
C ASP C 282 18.00 -49.96 10.24
N ASP C 283 17.39 -48.87 9.73
CA ASP C 283 18.00 -47.90 8.88
C ASP C 283 18.22 -48.36 7.45
N ILE C 284 18.25 -47.39 6.48
CA ILE C 284 18.45 -47.62 5.10
C ILE C 284 19.42 -46.45 4.75
N ALA C 285 20.30 -46.56 3.75
CA ALA C 285 21.37 -45.57 3.51
C ALA C 285 20.78 -44.49 2.61
N HIS C 286 21.54 -43.33 2.43
CA HIS C 286 21.18 -42.42 1.38
C HIS C 286 21.63 -42.98 0.03
N LYS C 287 20.99 -42.30 -1.00
CA LYS C 287 21.24 -42.81 -2.35
C LYS C 287 21.91 -41.82 -3.17
N CYS C 288 22.35 -42.22 -4.38
CA CYS C 288 23.24 -41.37 -5.20
C CYS C 288 22.44 -41.05 -6.47
N HIS C 289 23.03 -40.14 -7.30
CA HIS C 289 22.43 -39.85 -8.54
C HIS C 289 22.34 -41.03 -9.51
N SER C 290 23.44 -41.93 -9.60
CA SER C 290 23.39 -43.09 -10.40
C SER C 290 22.25 -44.00 -9.98
N SER C 291 22.11 -44.23 -8.67
CA SER C 291 21.12 -45.05 -8.00
C SER C 291 19.75 -44.51 -8.30
N TYR C 292 19.54 -43.17 -8.29
CA TYR C 292 18.27 -42.54 -8.56
C TYR C 292 17.97 -42.92 -9.98
N ASP C 293 18.90 -42.80 -10.99
CA ASP C 293 18.51 -43.21 -12.38
C ASP C 293 18.20 -44.69 -12.50
N VAL C 294 19.00 -45.60 -11.85
CA VAL C 294 18.77 -47.05 -12.07
C VAL C 294 17.41 -47.59 -11.54
N MET C 295 16.89 -47.16 -10.34
CA MET C 295 15.67 -47.73 -9.78
C MET C 295 14.35 -47.46 -10.61
N LEU C 296 14.14 -46.34 -11.28
CA LEU C 296 13.01 -45.95 -11.97
C LEU C 296 12.61 -46.93 -13.10
N ASP C 297 13.67 -47.54 -13.69
CA ASP C 297 13.65 -48.51 -14.77
C ASP C 297 13.15 -49.82 -14.28
N LEU C 298 13.36 -50.17 -12.97
CA LEU C 298 13.10 -51.56 -12.53
C LEU C 298 11.66 -51.72 -12.35
N LEU C 299 11.03 -52.75 -12.96
CA LEU C 299 9.56 -52.91 -13.11
C LEU C 299 8.87 -53.04 -11.76
N ASP C 300 9.50 -53.56 -10.63
CA ASP C 300 8.81 -53.82 -9.38
C ASP C 300 9.11 -52.66 -8.51
N PRO C 301 10.28 -51.94 -8.54
CA PRO C 301 10.43 -50.71 -7.84
C PRO C 301 9.63 -49.56 -8.46
N SER C 302 9.07 -49.81 -9.65
CA SER C 302 8.10 -48.94 -10.23
C SER C 302 6.82 -49.22 -9.52
N ASN C 303 5.73 -48.31 -9.72
CA ASN C 303 4.53 -48.47 -8.96
C ASN C 303 3.61 -49.38 -9.72
N SER C 304 4.05 -49.79 -10.93
CA SER C 304 3.26 -50.66 -11.79
C SER C 304 4.20 -51.62 -12.45
N LEU C 305 3.80 -52.89 -12.63
CA LEU C 305 4.61 -53.93 -13.28
C LEU C 305 3.67 -54.49 -14.39
N VAL C 306 4.31 -54.60 -15.57
CA VAL C 306 3.66 -55.00 -16.73
C VAL C 306 4.69 -55.81 -17.54
N SER C 307 4.38 -57.02 -17.87
CA SER C 307 5.29 -57.87 -18.65
C SER C 307 6.64 -58.01 -17.94
N THR C 308 7.75 -58.24 -18.71
CA THR C 308 9.04 -58.36 -18.23
C THR C 308 9.82 -57.51 -19.18
N ALA C 309 11.08 -57.14 -18.76
CA ALA C 309 11.86 -56.15 -19.48
C ALA C 309 11.61 -54.75 -18.97
N MET C 310 12.65 -54.14 -18.40
CA MET C 310 12.57 -52.80 -17.86
C MET C 310 12.24 -51.83 -18.98
N ASN C 311 12.90 -52.09 -20.16
CA ASN C 311 12.76 -51.27 -21.32
C ASN C 311 12.47 -52.42 -22.23
N ASN C 312 11.24 -52.54 -22.79
CA ASN C 312 10.86 -53.45 -23.80
C ASN C 312 11.29 -53.01 -25.20
N PRO C 313 11.19 -53.88 -26.21
CA PRO C 313 11.34 -53.58 -27.66
C PRO C 313 10.32 -52.60 -28.13
N THR C 314 9.06 -52.63 -27.58
CA THR C 314 8.06 -51.63 -27.92
C THR C 314 8.58 -50.38 -27.37
N TYR C 315 8.57 -49.22 -28.11
CA TYR C 315 9.14 -47.93 -27.67
C TYR C 315 8.44 -47.35 -26.46
N PHE C 316 9.20 -46.40 -25.85
CA PHE C 316 8.70 -45.42 -24.91
C PHE C 316 8.34 -44.26 -25.88
N ASN C 317 7.12 -43.73 -25.67
CA ASN C 317 6.64 -42.59 -26.39
C ASN C 317 7.23 -41.38 -25.83
N VAL C 318 7.28 -41.15 -24.51
CA VAL C 318 7.67 -39.94 -23.86
C VAL C 318 8.12 -40.16 -22.47
N TYR C 319 8.95 -39.22 -21.98
CA TYR C 319 9.56 -39.15 -20.65
C TYR C 319 9.56 -37.74 -20.10
N ASN C 320 9.19 -37.72 -18.77
CA ASN C 320 9.38 -36.65 -17.88
C ASN C 320 9.99 -37.23 -16.59
N THR C 321 11.11 -36.58 -16.01
CA THR C 321 11.70 -37.01 -14.82
C THR C 321 11.58 -35.84 -13.87
N ILE C 322 11.11 -36.09 -12.64
CA ILE C 322 11.02 -35.07 -11.59
C ILE C 322 12.05 -35.42 -10.59
N ILE C 323 13.03 -34.51 -10.45
CA ILE C 323 14.29 -34.72 -9.76
C ILE C 323 14.03 -33.98 -8.48
N GLY C 324 14.32 -34.65 -7.36
CA GLY C 324 14.19 -34.09 -6.04
C GLY C 324 15.51 -34.13 -5.37
N ASN C 325 16.02 -32.95 -4.89
CA ASN C 325 17.28 -32.68 -4.27
C ASN C 325 17.86 -31.36 -4.63
N VAL C 326 18.61 -30.82 -3.74
CA VAL C 326 19.24 -29.53 -3.95
C VAL C 326 20.71 -29.82 -4.22
N GLU C 327 21.12 -31.07 -4.30
CA GLU C 327 22.41 -31.59 -4.71
C GLU C 327 22.71 -31.20 -6.16
N PRO C 328 23.95 -31.04 -6.63
CA PRO C 328 24.25 -30.78 -8.05
C PRO C 328 23.47 -31.40 -9.20
N ARG C 329 22.78 -30.46 -10.01
CA ARG C 329 22.06 -30.70 -11.24
C ARG C 329 22.98 -31.18 -12.25
N GLN C 330 24.21 -30.64 -12.15
CA GLN C 330 25.24 -30.91 -13.13
C GLN C 330 25.74 -32.28 -13.28
N ILE C 331 25.93 -33.01 -12.17
CA ILE C 331 26.29 -34.40 -12.19
C ILE C 331 25.29 -35.32 -12.77
N SER C 332 24.04 -35.11 -12.39
CA SER C 332 22.87 -35.78 -12.88
C SER C 332 22.56 -35.50 -14.34
N ARG C 333 22.82 -34.27 -14.74
CA ARG C 333 22.70 -33.71 -16.03
C ARG C 333 23.67 -34.35 -16.95
N ALA C 334 24.90 -34.52 -16.46
CA ALA C 334 25.90 -35.21 -17.23
C ALA C 334 25.55 -36.64 -17.51
N MET C 335 25.01 -37.33 -16.46
CA MET C 335 24.60 -38.69 -16.57
C MET C 335 23.50 -38.99 -17.46
N THR C 336 22.40 -38.13 -17.52
CA THR C 336 21.35 -38.22 -18.53
C THR C 336 21.86 -37.99 -19.90
N LYS C 337 22.85 -37.02 -20.08
CA LYS C 337 23.31 -36.61 -21.36
C LYS C 337 23.99 -37.79 -22.09
N LEU C 338 24.78 -38.53 -21.31
CA LEU C 338 25.51 -39.73 -21.75
C LEU C 338 24.58 -40.89 -22.11
N GLN C 339 23.52 -41.05 -21.29
CA GLN C 339 22.51 -42.03 -21.45
C GLN C 339 21.75 -41.91 -22.75
N GLN C 340 21.47 -40.64 -23.06
CA GLN C 340 20.73 -40.23 -24.25
C GLN C 340 21.55 -40.49 -25.44
N ARG C 341 22.88 -40.14 -25.34
CA ARG C 341 23.86 -40.22 -26.40
C ARG C 341 24.06 -41.70 -26.83
N ILE C 342 24.11 -42.66 -25.84
CA ILE C 342 24.16 -44.14 -26.01
C ILE C 342 22.87 -44.62 -26.63
N LYS C 343 21.70 -43.89 -26.30
CA LYS C 343 20.33 -44.19 -26.70
C LYS C 343 19.94 -45.46 -26.17
N PHE C 344 20.29 -45.58 -24.87
CA PHE C 344 20.01 -46.53 -23.90
C PHE C 344 18.52 -46.89 -23.86
N PRO C 345 17.56 -45.92 -23.84
CA PRO C 345 16.21 -46.37 -24.08
C PRO C 345 15.88 -46.62 -25.52
N SER C 346 14.77 -47.35 -25.84
CA SER C 346 14.33 -47.67 -27.13
C SER C 346 13.24 -46.66 -27.26
N TRP C 347 13.23 -45.82 -28.32
CA TRP C 347 12.39 -44.69 -28.38
C TRP C 347 12.07 -44.38 -29.86
N SER C 348 10.87 -43.71 -30.00
CA SER C 348 10.27 -43.28 -31.21
C SER C 348 11.22 -42.90 -32.46
N SER C 349 10.83 -43.38 -33.66
CA SER C 349 11.58 -43.36 -34.91
C SER C 349 10.91 -42.38 -35.86
N SER C 350 9.67 -41.98 -35.55
CA SER C 350 8.83 -41.11 -36.32
C SER C 350 9.04 -39.76 -35.77
N ALA C 351 10.03 -39.52 -34.83
CA ALA C 351 10.24 -38.28 -34.17
C ALA C 351 11.68 -38.37 -33.67
N MET C 352 12.15 -37.17 -33.13
CA MET C 352 13.41 -36.88 -32.44
C MET C 352 13.01 -36.65 -30.99
N HIS C 353 13.81 -37.25 -30.09
CA HIS C 353 13.87 -37.43 -28.68
C HIS C 353 13.27 -36.34 -27.88
N VAL C 354 12.31 -36.75 -26.99
CA VAL C 354 11.52 -35.96 -26.06
C VAL C 354 11.76 -36.66 -24.80
N ASN C 355 12.74 -36.11 -24.08
CA ASN C 355 13.07 -36.49 -22.71
C ASN C 355 13.30 -35.12 -22.02
N ILE C 356 12.49 -34.86 -20.97
CA ILE C 356 12.67 -33.64 -20.27
C ILE C 356 12.87 -34.02 -18.80
N GLY C 357 13.47 -33.17 -17.96
CA GLY C 357 13.69 -33.33 -16.55
C GLY C 357 13.31 -32.06 -15.94
N ARG C 358 12.76 -32.16 -14.75
CA ARG C 358 12.27 -31.10 -13.95
C ARG C 358 13.02 -31.30 -12.66
N ARG C 359 13.47 -30.22 -12.01
CA ARG C 359 14.25 -30.24 -10.83
C ARG C 359 13.37 -29.56 -9.81
N SER C 360 13.32 -30.08 -8.52
CA SER C 360 12.55 -29.42 -7.53
C SER C 360 13.29 -29.66 -6.25
N PRO C 361 13.22 -28.72 -5.26
CA PRO C 361 13.78 -28.94 -3.94
C PRO C 361 12.86 -29.80 -3.12
N TYR C 362 13.22 -29.88 -1.81
CA TYR C 362 12.51 -30.61 -0.72
C TYR C 362 11.28 -29.87 -0.21
N LEU C 363 10.81 -30.28 0.95
CA LEU C 363 9.73 -29.66 1.74
C LEU C 363 10.39 -28.59 2.53
N PRO C 364 10.12 -27.27 2.37
CA PRO C 364 10.90 -26.22 2.96
C PRO C 364 10.66 -26.04 4.47
N LEU C 365 9.35 -26.08 4.89
CA LEU C 365 8.96 -25.71 6.25
C LEU C 365 9.46 -26.65 7.30
N GLN C 366 9.03 -27.93 7.00
CA GLN C 366 9.41 -29.20 7.64
C GLN C 366 10.83 -29.47 7.21
N PRO C 367 11.79 -29.56 8.12
CA PRO C 367 13.16 -29.81 7.77
C PRO C 367 13.39 -31.30 7.34
N ASN C 368 14.11 -31.57 6.26
CA ASN C 368 14.27 -32.96 5.87
C ASN C 368 15.73 -33.21 5.63
N GLU C 369 16.19 -34.52 5.77
CA GLU C 369 17.54 -34.88 5.41
C GLU C 369 17.89 -34.76 3.95
N ASN C 370 19.18 -34.56 3.59
CA ASN C 370 19.64 -34.36 2.24
C ASN C 370 19.80 -35.70 1.68
N GLU C 371 19.07 -35.96 0.59
CA GLU C 371 19.00 -37.28 -0.06
C GLU C 371 18.52 -36.99 -1.40
N VAL C 372 18.68 -37.97 -2.36
CA VAL C 372 18.26 -37.79 -3.70
C VAL C 372 16.96 -38.50 -3.74
N SER C 373 16.05 -37.95 -4.61
CA SER C 373 14.82 -38.60 -4.90
C SER C 373 14.53 -38.36 -6.37
N GLY C 374 13.57 -39.11 -6.86
CA GLY C 374 13.06 -38.76 -8.21
C GLY C 374 11.83 -39.47 -8.52
N MET C 375 11.06 -39.00 -9.56
CA MET C 375 9.92 -39.68 -10.13
C MET C 375 10.24 -39.75 -11.60
N MET C 376 9.79 -40.79 -12.28
CA MET C 376 9.76 -40.79 -13.75
C MET C 376 8.31 -40.86 -14.06
N LEU C 377 7.77 -40.10 -14.98
CA LEU C 377 6.47 -40.31 -15.49
C LEU C 377 6.58 -40.50 -16.90
N SER C 378 6.14 -41.64 -17.33
CA SER C 378 6.36 -42.01 -18.69
C SER C 378 5.19 -42.69 -19.27
N ASN C 379 5.04 -42.55 -20.64
CA ASN C 379 4.08 -43.17 -21.50
C ASN C 379 4.84 -44.19 -22.37
N MET C 380 4.57 -45.48 -22.08
CA MET C 380 5.12 -46.59 -22.84
C MET C 380 4.06 -47.51 -23.22
N SER C 381 4.18 -48.13 -24.41
CA SER C 381 3.28 -49.00 -25.16
C SER C 381 3.12 -50.34 -24.55
N THR C 382 4.02 -50.77 -23.67
CA THR C 382 3.98 -52.02 -22.99
C THR C 382 2.80 -52.17 -22.09
N VAL C 383 2.16 -51.06 -21.64
CA VAL C 383 1.01 -50.99 -20.70
C VAL C 383 -0.14 -51.82 -21.25
N VAL C 384 -0.27 -51.95 -22.56
CA VAL C 384 -1.34 -52.64 -23.32
C VAL C 384 -1.45 -54.09 -23.01
N ASN C 385 -0.38 -54.75 -22.52
CA ASN C 385 -0.36 -56.12 -22.12
C ASN C 385 -1.39 -56.52 -20.97
N VAL C 386 -1.61 -55.54 -20.03
CA VAL C 386 -2.55 -55.77 -18.96
C VAL C 386 -3.95 -55.96 -19.50
N PHE C 387 -4.32 -55.09 -20.50
CA PHE C 387 -5.51 -55.02 -21.25
C PHE C 387 -5.71 -56.25 -22.16
N GLU C 388 -4.63 -56.77 -22.80
CA GLU C 388 -4.81 -57.96 -23.66
C GLU C 388 -5.22 -59.18 -22.87
N ASN C 389 -4.67 -59.27 -21.58
CA ASN C 389 -4.97 -60.40 -20.74
C ASN C 389 -6.40 -60.49 -20.35
N ALA C 390 -6.89 -59.24 -20.03
CA ALA C 390 -8.28 -59.01 -19.73
C ALA C 390 -9.14 -59.34 -21.00
N CYS C 391 -8.67 -58.96 -22.21
CA CYS C 391 -9.49 -59.23 -23.41
C CYS C 391 -9.72 -60.67 -23.63
N ASN C 392 -8.63 -61.44 -23.45
CA ASN C 392 -8.70 -62.90 -23.51
C ASN C 392 -9.57 -63.61 -22.46
N THR C 393 -9.49 -63.23 -21.17
CA THR C 393 -10.33 -63.86 -20.13
C THR C 393 -11.75 -63.43 -20.52
N PHE C 394 -11.99 -62.18 -21.00
CA PHE C 394 -13.31 -61.79 -21.37
C PHE C 394 -13.88 -62.54 -22.48
N ASP C 395 -13.06 -62.81 -23.54
CA ASP C 395 -13.50 -63.58 -24.72
C ASP C 395 -13.92 -64.97 -24.40
N LYS C 396 -13.19 -65.71 -23.58
CA LYS C 396 -13.62 -67.04 -23.16
C LYS C 396 -14.84 -67.13 -22.37
N VAL C 397 -15.00 -66.18 -21.42
CA VAL C 397 -16.12 -66.22 -20.47
C VAL C 397 -17.44 -66.07 -21.18
N PHE C 398 -17.46 -65.11 -22.21
CA PHE C 398 -18.48 -64.84 -23.12
C PHE C 398 -18.76 -66.08 -24.04
N ALA C 399 -17.68 -66.72 -24.52
CA ALA C 399 -17.73 -67.84 -25.43
C ALA C 399 -18.47 -69.04 -24.87
N LYS C 400 -18.23 -69.42 -23.60
CA LYS C 400 -18.92 -70.55 -22.97
C LYS C 400 -20.38 -70.20 -22.77
N GLY C 401 -20.69 -68.91 -22.55
CA GLY C 401 -22.04 -68.36 -22.38
C GLY C 401 -22.60 -68.41 -20.96
N ALA C 402 -21.70 -68.62 -20.01
CA ALA C 402 -21.90 -68.72 -18.59
C ALA C 402 -21.10 -67.64 -17.83
N PHE C 403 -21.79 -67.10 -16.71
CA PHE C 403 -21.39 -66.00 -15.86
C PHE C 403 -21.74 -64.64 -16.40
N LEU C 404 -22.46 -64.55 -17.52
CA LEU C 404 -23.05 -63.34 -18.13
C LEU C 404 -24.26 -62.94 -17.36
N ASN C 405 -24.98 -63.86 -16.63
CA ASN C 405 -26.33 -63.78 -16.30
C ASN C 405 -26.74 -62.54 -15.62
N ASN C 406 -26.00 -62.08 -14.60
CA ASN C 406 -26.24 -60.93 -13.77
C ASN C 406 -26.15 -59.64 -14.58
N TYR C 407 -25.24 -59.52 -15.58
CA TYR C 407 -25.24 -58.33 -16.35
C TYR C 407 -26.50 -58.18 -17.17
N ASN C 408 -26.96 -59.30 -17.80
CA ASN C 408 -28.01 -59.48 -18.81
C ASN C 408 -29.33 -58.98 -18.23
N VAL C 409 -29.52 -59.08 -16.91
CA VAL C 409 -30.73 -58.61 -16.22
C VAL C 409 -30.94 -57.13 -16.43
N GLY C 410 -29.76 -56.40 -16.48
CA GLY C 410 -29.76 -54.92 -16.61
C GLY C 410 -30.50 -54.60 -17.95
N ASP C 411 -31.33 -53.50 -18.13
CA ASP C 411 -32.24 -53.25 -19.29
C ASP C 411 -31.53 -53.06 -20.50
N LEU C 412 -30.38 -52.40 -20.38
CA LEU C 412 -29.41 -52.11 -21.46
C LEU C 412 -28.95 -53.45 -22.05
N PHE C 413 -28.62 -54.43 -21.17
CA PHE C 413 -28.10 -55.79 -21.51
C PHE C 413 -29.18 -56.76 -21.88
N GLN C 414 -30.43 -56.39 -21.50
CA GLN C 414 -31.60 -57.17 -21.86
C GLN C 414 -31.99 -56.89 -23.31
N SER C 415 -31.59 -55.70 -23.86
CA SER C 415 -31.87 -55.33 -25.23
C SER C 415 -30.98 -56.16 -26.10
N MET C 416 -29.73 -56.43 -25.55
CA MET C 416 -28.64 -57.13 -26.11
C MET C 416 -27.36 -56.61 -25.44
N GLN C 417 -26.39 -57.57 -25.17
CA GLN C 417 -25.09 -57.33 -24.50
C GLN C 417 -23.99 -57.02 -25.53
N ASN C 418 -24.39 -56.35 -26.55
CA ASN C 418 -23.61 -56.07 -27.73
C ASN C 418 -22.45 -55.12 -27.55
N VAL C 419 -22.77 -54.16 -26.66
CA VAL C 419 -22.00 -53.05 -26.28
C VAL C 419 -20.76 -53.49 -25.69
N GLN C 420 -20.75 -54.60 -24.87
CA GLN C 420 -19.58 -55.12 -24.25
C GLN C 420 -18.57 -55.68 -25.23
N ASP C 421 -19.12 -56.44 -26.21
CA ASP C 421 -18.34 -57.09 -27.21
C ASP C 421 -17.70 -56.01 -28.11
N GLU C 422 -18.47 -54.90 -28.31
CA GLU C 422 -17.93 -53.77 -29.08
C GLU C 422 -16.77 -53.11 -28.37
N PHE C 423 -16.88 -52.89 -27.00
CA PHE C 423 -15.85 -52.29 -26.22
C PHE C 423 -14.58 -53.25 -26.25
N ALA C 424 -14.70 -54.53 -26.11
CA ALA C 424 -13.54 -55.45 -26.14
C ALA C 424 -12.77 -55.40 -27.43
N GLU C 425 -13.39 -55.31 -28.62
CA GLU C 425 -12.72 -55.19 -29.90
C GLU C 425 -12.06 -53.90 -30.06
N SER C 426 -12.79 -52.87 -29.59
CA SER C 426 -12.45 -51.47 -29.75
C SER C 426 -11.10 -51.22 -29.05
N ARG C 427 -10.98 -51.83 -27.82
CA ARG C 427 -9.86 -51.72 -26.89
C ARG C 427 -8.71 -52.37 -27.59
N GLU C 428 -8.95 -53.45 -28.38
CA GLU C 428 -7.89 -54.10 -29.10
C GLU C 428 -7.25 -53.11 -30.12
N VAL C 429 -8.13 -52.29 -30.81
CA VAL C 429 -7.63 -51.27 -31.76
C VAL C 429 -6.82 -50.20 -31.17
N VAL C 430 -7.15 -49.74 -29.97
CA VAL C 430 -6.40 -48.72 -29.29
C VAL C 430 -4.99 -49.20 -28.99
N GLN C 431 -4.88 -50.50 -28.52
CA GLN C 431 -3.66 -51.16 -28.18
C GLN C 431 -2.80 -51.24 -29.49
N SER C 432 -3.40 -51.58 -30.62
CA SER C 432 -2.71 -51.72 -31.86
C SER C 432 -2.10 -50.44 -32.34
N LEU C 433 -2.78 -49.31 -32.16
CA LEU C 433 -2.32 -47.98 -32.64
C LEU C 433 -1.08 -47.64 -31.87
N MET C 434 -1.01 -48.00 -30.56
CA MET C 434 0.13 -47.74 -29.72
C MET C 434 1.32 -48.51 -30.22
N GLU C 435 1.22 -49.78 -30.68
CA GLU C 435 2.24 -50.63 -31.24
C GLU C 435 2.73 -50.08 -32.51
N ASP C 436 1.83 -49.53 -33.37
CA ASP C 436 2.11 -48.93 -34.67
C ASP C 436 2.96 -47.69 -34.51
N TYR C 437 2.83 -46.93 -33.41
CA TYR C 437 3.58 -45.70 -33.16
C TYR C 437 5.07 -45.95 -33.01
N VAL C 438 5.47 -47.20 -32.56
CA VAL C 438 6.87 -47.63 -32.42
C VAL C 438 7.51 -47.67 -33.78
N ALA C 439 6.68 -48.00 -34.76
CA ALA C 439 7.12 -48.02 -36.11
C ALA C 439 7.15 -46.66 -36.70
N ALA C 440 8.11 -46.56 -37.68
CA ALA C 440 8.31 -45.50 -38.63
C ALA C 440 7.18 -45.32 -39.59
N GLU C 441 6.56 -46.48 -39.86
CA GLU C 441 5.40 -46.66 -40.71
C GLU C 441 4.24 -45.91 -40.19
N GLN C 442 4.20 -45.46 -38.88
CA GLN C 442 3.03 -44.75 -38.26
C GLN C 442 2.73 -43.58 -39.13
N ASP C 443 3.81 -42.81 -39.56
CA ASP C 443 3.78 -41.76 -40.57
C ASP C 443 2.76 -42.03 -41.74
N SER C 444 2.13 -40.87 -42.14
CA SER C 444 1.15 -40.78 -43.23
C SER C 444 1.70 -39.82 -44.18
N TYR C 445 3.07 -39.66 -44.23
CA TYR C 445 3.75 -38.80 -45.19
C TYR C 445 5.12 -39.41 -45.53
N MET D 1 -38.03 6.81 14.93
CA MET D 1 -39.33 6.15 15.17
C MET D 1 -39.49 5.37 13.82
N GLY D 2 -40.52 5.65 12.91
CA GLY D 2 -40.59 4.99 11.65
C GLY D 2 -41.97 4.47 11.40
N GLY D 3 -42.92 4.52 12.34
CA GLY D 3 -44.23 3.94 12.24
C GLY D 3 -44.31 2.72 13.04
N GLU D 4 -45.41 2.69 13.87
CA GLU D 4 -45.62 1.54 14.76
C GLU D 4 -46.13 0.38 13.90
N ILE D 5 -45.82 -0.82 14.32
CA ILE D 5 -46.36 -1.99 13.71
C ILE D 5 -46.95 -2.78 14.81
N ILE D 6 -48.22 -3.32 14.65
CA ILE D 6 -48.83 -4.26 15.61
C ILE D 6 -49.02 -5.63 15.06
N THR D 7 -48.68 -6.62 15.84
CA THR D 7 -48.60 -7.98 15.40
C THR D 7 -49.84 -8.61 16.03
N LEU D 8 -50.50 -9.39 15.13
CA LEU D 8 -51.82 -10.07 15.29
C LEU D 8 -51.46 -11.54 15.25
N GLN D 9 -51.91 -12.23 16.35
CA GLN D 9 -51.58 -13.57 16.52
C GLN D 9 -52.80 -14.46 16.53
N ALA D 10 -52.82 -15.50 15.61
CA ALA D 10 -53.95 -16.37 15.29
C ALA D 10 -53.51 -17.80 15.28
N GLY D 11 -54.41 -18.70 15.80
CA GLY D 11 -54.18 -20.12 15.85
C GLY D 11 -52.94 -20.45 16.75
N GLN D 12 -52.68 -21.77 16.90
CA GLN D 12 -51.67 -22.36 17.80
C GLN D 12 -50.26 -22.01 17.41
N CYS D 13 -49.88 -22.12 16.13
CA CYS D 13 -48.59 -21.92 15.49
C CYS D 13 -48.25 -20.47 15.68
N GLY D 14 -49.26 -19.62 15.34
CA GLY D 14 -49.01 -18.22 15.42
C GLY D 14 -48.68 -17.72 16.80
N ASN D 15 -49.44 -18.18 17.87
CA ASN D 15 -49.22 -17.85 19.25
C ASN D 15 -47.92 -18.43 19.83
N HIS D 16 -47.53 -19.69 19.50
CA HIS D 16 -46.23 -20.24 19.94
C HIS D 16 -45.03 -19.47 19.36
N VAL D 17 -45.04 -19.22 18.05
CA VAL D 17 -43.99 -18.54 17.30
C VAL D 17 -44.04 -17.10 17.81
N GLY D 18 -45.22 -16.50 18.10
CA GLY D 18 -45.28 -15.15 18.64
C GLY D 18 -44.63 -14.98 19.95
N LYS D 19 -44.82 -15.97 20.86
CA LYS D 19 -44.19 -15.92 22.11
C LYS D 19 -42.69 -15.92 22.12
N PHE D 20 -42.10 -16.80 21.30
CA PHE D 20 -40.65 -16.99 21.23
C PHE D 20 -40.05 -15.71 20.68
N LEU D 21 -40.79 -15.06 19.71
CA LEU D 21 -40.33 -13.91 18.96
C LEU D 21 -40.14 -12.81 20.02
N TRP D 22 -41.09 -12.58 21.01
CA TRP D 22 -40.96 -11.51 21.98
C TRP D 22 -39.84 -11.73 22.89
N SER D 23 -39.63 -13.02 23.28
CA SER D 23 -38.58 -13.44 24.11
C SER D 23 -37.22 -13.21 23.50
N GLN D 24 -37.04 -13.45 22.15
CA GLN D 24 -35.81 -13.21 21.55
C GLN D 24 -35.30 -11.86 21.46
N LEU D 25 -36.33 -11.10 21.08
CA LEU D 25 -36.10 -9.68 20.91
C LEU D 25 -35.73 -9.02 22.23
N ALA D 26 -36.33 -9.40 23.35
CA ALA D 26 -36.01 -8.81 24.60
C ALA D 26 -34.56 -9.00 25.00
N LYS D 27 -34.12 -10.22 24.75
CA LYS D 27 -32.73 -10.52 25.08
C LYS D 27 -31.83 -9.72 24.26
N GLU D 28 -32.11 -9.59 22.92
CA GLU D 28 -31.28 -8.98 21.92
C GLU D 28 -31.17 -7.49 22.19
N HIS D 29 -32.18 -6.82 22.69
CA HIS D 29 -32.16 -5.41 22.76
C HIS D 29 -31.82 -5.02 24.18
N ALA D 30 -31.14 -5.91 24.91
CA ALA D 30 -30.52 -5.65 26.17
C ALA D 30 -31.48 -5.11 27.26
N ILE D 31 -32.54 -5.88 27.57
CA ILE D 31 -33.54 -5.56 28.55
C ILE D 31 -33.91 -6.86 29.14
N GLY D 32 -34.73 -6.74 30.19
CA GLY D 32 -35.07 -7.92 30.98
C GLY D 32 -36.08 -8.84 30.35
N THR D 33 -36.57 -9.79 31.19
CA THR D 33 -37.50 -10.90 30.82
C THR D 33 -38.95 -10.38 31.07
N ASP D 34 -38.99 -9.14 31.59
CA ASP D 34 -40.19 -8.47 31.83
C ASP D 34 -40.11 -7.31 30.88
N GLY D 35 -38.87 -7.03 30.32
CA GLY D 35 -38.69 -6.05 29.34
C GLY D 35 -38.33 -4.69 29.96
N LEU D 36 -37.88 -4.66 31.25
CA LEU D 36 -37.25 -3.58 31.95
C LEU D 36 -36.00 -3.16 31.27
N SER D 37 -35.78 -1.78 31.39
CA SER D 37 -34.67 -1.09 30.89
C SER D 37 -33.55 -1.30 31.89
N GLN D 38 -32.42 -1.79 31.37
CA GLN D 38 -31.21 -2.14 32.07
C GLN D 38 -30.45 -0.86 32.34
N LEU D 39 -29.74 -1.02 33.51
CA LEU D 39 -29.06 0.06 34.11
C LEU D 39 -27.67 -0.08 33.79
N PRO D 40 -26.97 -1.21 33.49
CA PRO D 40 -25.57 -1.19 33.13
C PRO D 40 -25.36 -0.55 31.73
N ASP D 41 -26.40 -0.37 30.94
CA ASP D 41 -26.27 0.37 29.63
C ASP D 41 -26.30 1.82 30.12
N SER D 42 -25.17 2.49 29.85
CA SER D 42 -24.85 3.86 30.25
C SER D 42 -24.26 4.48 29.02
N SER D 43 -24.97 4.16 27.87
CA SER D 43 -24.65 4.54 26.56
C SER D 43 -25.91 4.98 25.96
N THR D 44 -25.80 5.64 24.79
CA THR D 44 -26.88 5.94 23.88
C THR D 44 -27.71 4.74 23.51
N GLU D 45 -28.95 4.96 23.09
CA GLU D 45 -29.75 3.93 22.58
C GLU D 45 -29.19 3.31 21.31
N ARG D 46 -29.36 1.97 21.18
CA ARG D 46 -28.84 1.23 20.01
C ARG D 46 -30.06 0.90 19.18
N ASP D 47 -31.09 0.45 19.89
CA ASP D 47 -32.34 -0.09 19.42
C ASP D 47 -33.31 0.91 18.78
N ASP D 48 -34.17 0.52 17.85
CA ASP D 48 -35.26 1.30 17.31
C ASP D 48 -36.39 0.41 16.85
N ASP D 49 -36.33 -0.91 17.21
CA ASP D 49 -37.39 -1.82 17.14
C ASP D 49 -38.38 -1.64 18.20
N THR D 50 -37.86 -1.07 19.36
CA THR D 50 -38.48 -0.88 20.66
C THR D 50 -39.76 -0.14 20.53
N LYS D 51 -39.70 1.17 20.13
CA LYS D 51 -40.92 2.03 20.06
C LYS D 51 -41.90 1.59 18.99
N PRO D 52 -41.51 1.24 17.73
CA PRO D 52 -42.49 0.82 16.77
C PRO D 52 -43.25 -0.40 17.23
N PHE D 53 -42.61 -1.54 17.73
CA PHE D 53 -43.43 -2.71 18.08
C PHE D 53 -44.02 -2.71 19.42
N PHE D 54 -43.26 -2.17 20.42
CA PHE D 54 -43.49 -2.34 21.83
C PHE D 54 -43.68 -0.92 22.29
N ARG D 55 -44.27 -0.65 23.48
CA ARG D 55 -44.48 0.70 23.94
C ARG D 55 -44.00 0.65 25.43
N GLU D 56 -43.62 1.81 26.02
CA GLU D 56 -43.00 1.81 27.27
C GLU D 56 -43.99 2.19 28.22
N ASN D 57 -44.12 1.41 29.31
CA ASN D 57 -44.99 1.57 30.43
C ASN D 57 -44.21 2.47 31.30
N CYS D 58 -44.88 3.40 32.05
CA CYS D 58 -44.13 4.33 32.90
C CYS D 58 -43.52 3.65 34.19
N ARG D 59 -43.18 2.34 34.14
CA ARG D 59 -42.39 1.62 35.08
C ARG D 59 -41.00 1.48 34.49
N ASN D 60 -40.78 1.92 33.23
CA ASN D 60 -39.54 1.86 32.49
C ASN D 60 -39.36 0.51 31.93
N LYS D 61 -40.45 -0.23 31.83
CA LYS D 61 -40.45 -1.51 31.20
C LYS D 61 -41.17 -1.36 29.92
N PHE D 62 -40.56 -1.89 28.88
CA PHE D 62 -41.17 -1.99 27.56
C PHE D 62 -42.19 -3.16 27.71
N THR D 63 -43.36 -3.07 27.07
CA THR D 63 -44.40 -4.11 27.16
C THR D 63 -44.63 -4.26 25.65
N PRO D 64 -44.87 -5.51 25.17
CA PRO D 64 -45.21 -5.69 23.74
C PRO D 64 -46.55 -5.15 23.54
N ARG D 65 -46.81 -4.43 22.38
CA ARG D 65 -48.08 -3.83 22.07
C ARG D 65 -48.67 -4.62 20.86
N ALA D 66 -49.01 -5.91 21.13
CA ALA D 66 -49.35 -6.96 20.13
C ALA D 66 -50.37 -7.63 20.72
N ILE D 67 -51.30 -8.12 19.86
CA ILE D 67 -52.57 -8.63 20.31
C ILE D 67 -52.62 -10.09 19.88
N MET D 68 -53.05 -10.92 20.89
CA MET D 68 -53.03 -12.36 20.69
C MET D 68 -54.52 -12.75 20.76
N MET D 69 -55.01 -13.55 19.81
CA MET D 69 -56.34 -14.09 19.92
C MET D 69 -56.17 -15.51 19.49
N ASP D 70 -56.87 -16.43 20.21
CA ASP D 70 -56.92 -17.82 20.00
C ASP D 70 -57.65 -18.16 21.26
N SER D 71 -57.53 -19.42 21.72
CA SER D 71 -57.96 -19.80 23.12
C SER D 71 -56.67 -19.65 23.95
N GLU D 72 -56.36 -20.80 24.60
CA GLU D 72 -55.34 -20.96 25.60
C GLU D 72 -53.96 -20.81 25.16
N PRO D 73 -53.46 -21.13 24.01
CA PRO D 73 -52.03 -21.01 23.68
C PRO D 73 -51.39 -19.71 24.06
N SER D 74 -50.12 -19.78 24.55
CA SER D 74 -49.23 -18.70 24.88
C SER D 74 -49.47 -18.07 26.19
N VAL D 75 -50.72 -17.44 26.48
CA VAL D 75 -51.03 -16.68 27.69
C VAL D 75 -50.88 -17.54 28.96
N ILE D 76 -51.32 -18.84 28.90
CA ILE D 76 -51.12 -19.76 30.02
C ILE D 76 -49.65 -19.99 30.26
N ALA D 77 -48.84 -20.14 29.19
CA ALA D 77 -47.44 -20.23 29.17
C ALA D 77 -46.73 -18.99 29.66
N ASP D 78 -47.15 -17.76 29.35
CA ASP D 78 -46.51 -16.58 29.77
C ASP D 78 -46.49 -16.39 31.24
N VAL D 79 -47.61 -16.72 31.92
CA VAL D 79 -47.67 -16.64 33.36
C VAL D 79 -46.81 -17.57 34.05
N GLU D 80 -46.62 -18.81 33.48
CA GLU D 80 -45.84 -19.88 33.98
C GLU D 80 -44.38 -19.53 33.86
N ASN D 81 -44.01 -18.76 32.77
CA ASN D 81 -42.63 -18.49 32.54
C ASN D 81 -42.36 -17.08 33.03
N THR D 82 -41.07 -16.78 33.20
CA THR D 82 -40.52 -15.55 33.58
C THR D 82 -40.80 -14.49 32.49
N PHE D 83 -41.46 -14.82 31.43
CA PHE D 83 -41.87 -13.88 30.41
C PHE D 83 -43.28 -13.45 30.72
N ARG D 84 -43.56 -13.29 32.03
CA ARG D 84 -44.86 -12.94 32.56
C ARG D 84 -44.98 -11.46 32.64
N GLY D 85 -43.99 -10.73 32.15
CA GLY D 85 -44.01 -9.32 32.14
C GLY D 85 -43.98 -8.84 30.71
N PHE D 86 -43.51 -9.72 29.81
CA PHE D 86 -43.21 -9.36 28.43
C PHE D 86 -44.28 -10.00 27.59
N PHE D 87 -45.41 -9.37 27.69
CA PHE D 87 -46.73 -9.53 27.03
C PHE D 87 -47.52 -8.64 27.95
N ASP D 88 -48.71 -8.27 27.47
CA ASP D 88 -49.73 -7.45 28.20
C ASP D 88 -50.95 -8.28 28.36
N PRO D 89 -51.48 -8.55 29.57
CA PRO D 89 -52.63 -9.42 29.70
C PRO D 89 -53.88 -8.84 29.04
N ARG D 90 -54.05 -7.52 28.90
CA ARG D 90 -55.26 -6.97 28.39
C ARG D 90 -55.41 -7.32 26.92
N ASN D 91 -54.25 -7.42 26.23
CA ASN D 91 -54.08 -7.69 24.85
C ASN D 91 -54.40 -9.14 24.47
N THR D 92 -54.42 -10.02 25.50
CA THR D 92 -54.53 -11.47 25.33
C THR D 92 -55.96 -11.70 25.44
N TRP D 93 -56.56 -12.36 24.38
CA TRP D 93 -57.96 -12.64 24.14
C TRP D 93 -57.95 -14.14 23.98
N VAL D 94 -58.84 -14.68 24.82
CA VAL D 94 -59.07 -16.14 25.08
C VAL D 94 -60.52 -16.24 24.91
N ALA D 95 -60.95 -17.13 24.02
CA ALA D 95 -62.31 -17.33 23.62
C ALA D 95 -62.87 -18.39 24.58
N SER D 96 -64.23 -18.41 24.75
CA SER D 96 -65.09 -19.18 25.61
C SER D 96 -65.80 -20.17 24.79
N ASP D 97 -65.59 -20.06 23.43
CA ASP D 97 -66.35 -20.79 22.48
C ASP D 97 -65.41 -20.90 21.26
N GLY D 98 -65.89 -21.63 20.23
CA GLY D 98 -65.23 -21.90 19.05
C GLY D 98 -66.08 -22.66 18.09
N ALA D 99 -67.14 -23.27 18.61
CA ALA D 99 -68.20 -23.96 17.80
C ALA D 99 -67.74 -25.40 17.48
N SER D 100 -66.74 -25.87 18.34
CA SER D 100 -66.04 -27.08 18.28
C SER D 100 -64.78 -26.93 17.63
N ALA D 101 -64.79 -26.48 16.35
CA ALA D 101 -63.61 -26.17 15.55
C ALA D 101 -62.59 -27.23 15.44
N GLY D 102 -61.47 -26.94 14.79
CA GLY D 102 -60.35 -27.91 14.79
C GLY D 102 -60.27 -28.41 13.43
N ASN D 103 -59.56 -27.52 12.62
CA ASN D 103 -59.27 -27.55 11.21
C ASN D 103 -60.56 -27.32 10.43
N SER D 104 -61.56 -26.56 11.01
CA SER D 104 -62.87 -26.28 10.49
C SER D 104 -62.92 -24.79 10.29
N TRP D 105 -62.83 -24.43 9.01
CA TRP D 105 -62.67 -23.03 8.58
C TRP D 105 -63.93 -22.26 8.99
N ALA D 106 -65.04 -22.88 8.74
CA ALA D 106 -66.35 -22.28 9.00
C ALA D 106 -66.60 -21.97 10.42
N ASN D 107 -66.19 -22.92 11.34
CA ASN D 107 -66.33 -22.71 12.79
C ASN D 107 -65.49 -21.60 13.33
N GLY D 108 -64.20 -21.42 12.85
CA GLY D 108 -63.33 -20.29 13.20
C GLY D 108 -63.72 -18.94 12.70
N TYR D 109 -64.18 -18.87 11.44
CA TYR D 109 -64.62 -17.67 10.81
C TYR D 109 -65.88 -17.17 11.48
N ASP D 110 -66.82 -18.14 11.71
CA ASP D 110 -68.11 -17.75 12.24
C ASP D 110 -68.02 -17.17 13.63
N ILE D 111 -67.12 -17.75 14.49
CA ILE D 111 -66.98 -17.25 15.79
C ILE D 111 -66.39 -15.81 15.77
N GLY D 112 -65.44 -15.55 14.83
CA GLY D 112 -64.83 -14.26 14.66
C GLY D 112 -65.78 -13.11 14.35
N THR D 113 -66.75 -13.43 13.48
CA THR D 113 -67.90 -12.55 13.17
C THR D 113 -68.85 -12.28 14.35
N ARG D 114 -69.11 -13.22 15.25
CA ARG D 114 -69.89 -13.20 16.46
C ARG D 114 -69.31 -12.24 17.43
N ASN D 115 -68.00 -12.33 17.52
CA ASN D 115 -67.15 -11.55 18.38
C ASN D 115 -66.35 -10.58 17.63
N GLN D 116 -67.00 -9.97 16.58
CA GLN D 116 -66.46 -8.91 15.77
C GLN D 116 -66.29 -7.66 16.61
N ASP D 117 -67.30 -7.37 17.42
CA ASP D 117 -67.33 -6.16 18.27
C ASP D 117 -66.28 -6.04 19.38
N ASP D 118 -66.13 -7.25 20.07
CA ASP D 118 -65.25 -7.48 21.25
C ASP D 118 -63.86 -7.31 20.75
N ILE D 119 -63.59 -7.91 19.57
CA ILE D 119 -62.26 -7.93 18.91
C ILE D 119 -61.96 -6.53 18.55
N LEU D 120 -62.86 -5.78 18.00
CA LEU D 120 -62.68 -4.38 17.62
C LEU D 120 -62.43 -3.51 18.72
N ASN D 121 -63.06 -3.75 19.98
CA ASN D 121 -62.78 -3.01 21.15
C ASN D 121 -61.30 -3.10 21.62
N LYS D 122 -60.74 -4.32 21.53
CA LYS D 122 -59.27 -4.70 21.75
C LYS D 122 -58.48 -4.00 20.73
N ILE D 123 -58.87 -4.05 19.47
CA ILE D 123 -58.21 -3.50 18.32
C ILE D 123 -58.19 -2.09 18.46
N ASP D 124 -59.28 -1.38 18.81
CA ASP D 124 -59.39 0.02 18.97
C ASP D 124 -58.47 0.55 20.10
N LYS D 125 -58.31 -0.19 21.22
CA LYS D 125 -57.42 0.15 22.29
C LYS D 125 -56.04 0.24 21.68
N GLU D 126 -55.69 -0.80 20.86
CA GLU D 126 -54.34 -0.86 20.23
C GLU D 126 -54.13 0.18 19.23
N ILE D 127 -55.12 0.50 18.46
CA ILE D 127 -55.03 1.49 17.40
C ILE D 127 -54.81 2.90 18.08
N ASP D 128 -55.54 3.21 19.14
CA ASP D 128 -55.41 4.43 19.78
C ASP D 128 -54.08 4.67 20.49
N SER D 129 -53.45 3.57 21.08
CA SER D 129 -52.11 3.56 21.66
C SER D 129 -50.97 3.74 20.60
N THR D 130 -51.23 3.54 19.28
CA THR D 130 -50.23 3.82 18.27
C THR D 130 -50.26 5.30 17.77
N ASP D 131 -49.15 5.72 17.25
CA ASP D 131 -48.97 7.19 16.86
C ASP D 131 -49.15 7.24 15.35
N ASN D 132 -48.05 7.26 14.58
CA ASN D 132 -48.21 7.09 13.17
C ASN D 132 -48.06 5.49 12.93
N PHE D 133 -49.20 4.91 12.65
CA PHE D 133 -49.30 3.49 12.60
C PHE D 133 -48.93 3.16 11.21
N GLU D 134 -47.84 2.31 11.02
CA GLU D 134 -47.51 1.79 9.64
C GLU D 134 -48.51 0.74 9.10
N GLY D 135 -48.82 -0.29 9.93
CA GLY D 135 -49.66 -1.40 9.56
C GLY D 135 -49.53 -2.60 10.51
N PHE D 136 -50.13 -3.78 10.03
CA PHE D 136 -50.50 -4.97 10.78
C PHE D 136 -49.55 -6.00 10.25
N GLN D 137 -49.20 -6.99 11.11
CA GLN D 137 -48.63 -8.31 10.74
C GLN D 137 -49.48 -9.35 11.27
N LEU D 138 -49.99 -10.37 10.47
CA LEU D 138 -50.74 -11.48 11.03
C LEU D 138 -49.96 -12.65 10.94
N LEU D 139 -49.83 -13.41 12.06
CA LEU D 139 -49.12 -14.62 12.09
C LEU D 139 -50.05 -15.84 12.25
N HIS D 140 -50.00 -16.83 11.33
CA HIS D 140 -50.85 -17.94 11.50
C HIS D 140 -50.56 -19.06 10.53
N SER D 141 -51.37 -20.12 10.77
CA SER D 141 -51.42 -21.28 9.94
C SER D 141 -52.77 -21.49 9.39
N VAL D 142 -53.05 -22.04 8.14
CA VAL D 142 -54.25 -22.21 7.46
C VAL D 142 -54.78 -23.64 7.68
N ALA D 143 -54.09 -24.39 8.57
CA ALA D 143 -54.42 -25.77 8.96
C ALA D 143 -55.06 -25.85 10.30
N GLY D 144 -55.32 -24.60 10.80
CA GLY D 144 -55.99 -24.34 12.08
C GLY D 144 -57.43 -24.29 11.72
N GLY D 145 -58.28 -24.33 12.71
CA GLY D 145 -59.67 -23.98 12.64
C GLY D 145 -59.71 -22.47 12.80
N THR D 146 -59.04 -22.04 13.94
CA THR D 146 -58.87 -20.73 14.39
C THR D 146 -57.86 -20.03 13.55
N GLY D 147 -56.65 -20.60 13.35
CA GLY D 147 -55.66 -19.88 12.63
C GLY D 147 -56.19 -19.60 11.24
N SER D 148 -56.78 -20.62 10.65
CA SER D 148 -57.32 -20.35 9.25
C SER D 148 -58.45 -19.43 9.22
N GLY D 149 -59.63 -19.82 9.84
CA GLY D 149 -60.88 -19.09 9.76
C GLY D 149 -60.94 -17.81 10.51
N LEU D 150 -60.59 -17.71 11.82
CA LEU D 150 -60.77 -16.43 12.53
C LEU D 150 -59.80 -15.46 11.91
N GLY D 151 -58.59 -15.96 11.58
CA GLY D 151 -57.57 -15.12 10.98
C GLY D 151 -57.93 -14.50 9.66
N SER D 152 -58.53 -15.35 8.78
CA SER D 152 -59.17 -14.90 7.46
C SER D 152 -60.38 -13.92 7.62
N ASN D 153 -61.23 -14.07 8.66
CA ASN D 153 -62.35 -13.19 8.97
C ASN D 153 -61.75 -11.87 9.34
N LEU D 154 -60.69 -11.87 10.12
CA LEU D 154 -60.07 -10.67 10.61
C LEU D 154 -59.42 -9.81 9.56
N LEU D 155 -58.77 -10.43 8.50
CA LEU D 155 -58.24 -9.66 7.42
C LEU D 155 -59.25 -8.96 6.66
N GLU D 156 -60.42 -9.65 6.46
CA GLU D 156 -61.48 -9.09 5.68
C GLU D 156 -61.99 -7.91 6.40
N ALA D 157 -62.18 -7.97 7.73
CA ALA D 157 -62.68 -6.85 8.48
C ALA D 157 -61.70 -5.67 8.44
N LEU D 158 -60.37 -5.95 8.56
CA LEU D 158 -59.38 -4.93 8.70
C LEU D 158 -59.31 -4.01 7.45
N CYS D 159 -59.44 -4.62 6.32
CA CYS D 159 -59.41 -4.11 4.96
C CYS D 159 -60.52 -3.12 4.94
N ASP D 160 -61.74 -3.49 5.40
CA ASP D 160 -62.92 -2.69 5.38
C ASP D 160 -62.73 -1.57 6.35
N ARG D 161 -62.30 -1.94 7.57
CA ARG D 161 -62.38 -0.99 8.68
C ARG D 161 -61.38 0.24 8.49
N TYR D 162 -60.10 -0.09 8.12
CA TYR D 162 -59.04 0.84 7.69
C TYR D 162 -58.35 0.50 6.47
N PRO D 163 -58.50 1.22 5.39
CA PRO D 163 -57.85 0.85 4.06
C PRO D 163 -56.84 1.96 3.85
N LYS D 164 -55.99 2.35 4.85
CA LYS D 164 -55.01 3.44 4.66
C LYS D 164 -53.60 3.02 5.18
N LYS D 165 -53.43 1.73 5.54
CA LYS D 165 -52.21 1.14 6.14
C LYS D 165 -52.11 -0.25 5.52
N ILE D 166 -50.88 -0.90 5.73
CA ILE D 166 -50.48 -2.19 5.13
C ILE D 166 -50.95 -3.31 5.98
N LEU D 167 -51.38 -4.37 5.32
CA LEU D 167 -51.67 -5.63 6.03
C LEU D 167 -50.72 -6.57 5.34
N THR D 168 -49.88 -7.17 6.20
CA THR D 168 -48.87 -8.14 5.79
C THR D 168 -49.26 -9.38 6.57
N THR D 169 -49.07 -10.58 5.98
CA THR D 169 -49.31 -11.77 6.76
C THR D 169 -48.04 -12.54 6.53
N TYR D 170 -47.70 -13.36 7.57
CA TYR D 170 -46.73 -14.37 7.56
C TYR D 170 -47.53 -15.56 7.69
N SER D 171 -47.70 -16.32 6.58
CA SER D 171 -48.61 -17.45 6.48
C SER D 171 -47.83 -18.75 6.36
N VAL D 172 -48.15 -19.73 7.20
CA VAL D 172 -47.55 -21.04 7.03
C VAL D 172 -48.50 -21.86 6.15
N PHE D 173 -47.94 -22.33 5.03
CA PHE D 173 -48.46 -23.22 4.06
C PHE D 173 -47.95 -24.60 4.43
N PRO D 174 -48.72 -25.73 4.23
CA PRO D 174 -48.29 -27.02 4.66
C PRO D 174 -47.40 -27.70 3.65
N ALA D 175 -47.84 -27.88 2.41
CA ALA D 175 -47.04 -28.41 1.28
C ALA D 175 -47.62 -27.89 -0.02
N ARG D 176 -46.88 -28.06 -1.17
CA ARG D 176 -47.34 -27.65 -2.49
C ARG D 176 -48.08 -28.77 -3.18
N SER D 177 -48.52 -29.68 -2.30
CA SER D 177 -49.49 -30.77 -2.61
C SER D 177 -50.25 -30.95 -1.39
N SER D 178 -51.58 -31.37 -1.60
CA SER D 178 -52.55 -31.86 -0.61
C SER D 178 -52.09 -33.17 -0.15
N GLU D 179 -52.42 -33.47 1.15
CA GLU D 179 -52.20 -34.72 1.80
C GLU D 179 -53.39 -35.13 2.65
N VAL D 180 -54.28 -34.21 3.13
CA VAL D 180 -55.37 -34.57 3.88
C VAL D 180 -56.56 -34.16 3.06
N VAL D 181 -57.67 -34.97 3.08
CA VAL D 181 -58.74 -34.78 2.20
C VAL D 181 -59.38 -33.36 2.28
N VAL D 182 -59.66 -32.96 3.50
CA VAL D 182 -60.36 -31.72 3.75
C VAL D 182 -59.52 -30.48 3.56
N GLN D 183 -58.17 -30.68 3.25
CA GLN D 183 -57.21 -29.59 2.97
C GLN D 183 -57.72 -28.61 1.99
N SER D 184 -58.35 -29.22 0.95
CA SER D 184 -58.78 -28.51 -0.24
C SER D 184 -59.85 -27.52 0.07
N TYR D 185 -60.80 -27.87 0.98
CA TYR D 185 -61.76 -26.92 1.45
C TYR D 185 -61.19 -25.77 2.25
N ASN D 186 -60.32 -26.11 3.23
CA ASN D 186 -59.72 -25.17 4.14
C ASN D 186 -58.86 -24.12 3.43
N THR D 187 -58.06 -24.59 2.50
CA THR D 187 -57.34 -23.68 1.58
C THR D 187 -58.18 -22.82 0.65
N ILE D 188 -59.23 -23.39 -0.01
CA ILE D 188 -60.03 -22.61 -0.99
C ILE D 188 -60.66 -21.45 -0.27
N LEU D 189 -61.35 -21.58 0.87
CA LEU D 189 -61.97 -20.48 1.55
C LEU D 189 -61.01 -19.42 2.11
N ALA D 190 -59.95 -19.80 2.67
CA ALA D 190 -59.00 -18.80 3.11
C ALA D 190 -58.28 -18.02 2.00
N LEU D 191 -57.91 -18.74 0.93
CA LEU D 191 -56.98 -18.16 -0.08
C LEU D 191 -57.54 -16.93 -0.82
N ARG D 192 -58.91 -16.92 -0.93
CA ARG D 192 -59.62 -15.79 -1.40
C ARG D 192 -59.44 -14.53 -0.50
N ARG D 193 -59.53 -14.80 0.82
CA ARG D 193 -59.32 -13.66 1.76
C ARG D 193 -57.93 -13.15 1.78
N LEU D 194 -56.96 -14.06 1.68
CA LEU D 194 -55.52 -13.74 1.53
C LEU D 194 -55.22 -13.02 0.19
N ILE D 195 -55.79 -13.33 -1.04
CA ILE D 195 -55.45 -12.60 -2.22
C ILE D 195 -56.00 -11.21 -2.18
N GLU D 196 -57.34 -11.06 -1.78
CA GLU D 196 -57.98 -9.75 -1.93
C GLU D 196 -57.51 -8.92 -0.73
N ASP D 197 -57.53 -9.41 0.51
CA ASP D 197 -57.28 -8.52 1.68
C ASP D 197 -55.87 -8.16 2.14
N SER D 198 -54.84 -8.95 1.57
CA SER D 198 -53.48 -8.65 1.84
C SER D 198 -52.84 -7.87 0.76
N ASP D 199 -51.95 -6.97 1.15
CA ASP D 199 -51.03 -6.13 0.37
C ASP D 199 -49.74 -6.98 0.21
N ALA D 200 -49.36 -7.71 1.26
CA ALA D 200 -48.20 -8.62 1.15
C ALA D 200 -48.38 -9.81 1.98
N THR D 201 -47.95 -11.04 1.47
CA THR D 201 -48.08 -12.31 2.10
C THR D 201 -46.75 -13.08 2.12
N VAL D 202 -46.17 -13.50 3.29
CA VAL D 202 -44.91 -14.26 3.37
C VAL D 202 -45.20 -15.72 3.46
N VAL D 203 -44.81 -16.55 2.38
CA VAL D 203 -45.19 -17.93 2.38
C VAL D 203 -44.08 -18.71 3.15
N PHE D 204 -44.52 -19.48 4.13
CA PHE D 204 -43.65 -20.44 4.86
C PHE D 204 -44.06 -21.87 4.59
N ASP D 205 -43.28 -22.68 3.81
CA ASP D 205 -43.75 -24.02 3.57
C ASP D 205 -43.13 -24.85 4.64
N ASN D 206 -44.02 -25.46 5.48
CA ASN D 206 -43.53 -26.21 6.62
C ASN D 206 -42.85 -27.51 6.24
N ALA D 207 -42.98 -28.08 4.98
CA ALA D 207 -42.15 -29.22 4.51
C ALA D 207 -40.65 -28.96 4.50
N SER D 208 -40.32 -27.76 3.95
CA SER D 208 -38.94 -27.34 3.83
C SER D 208 -38.44 -26.98 5.18
N LEU D 209 -39.24 -26.34 6.02
CA LEU D 209 -38.89 -25.89 7.44
C LEU D 209 -38.55 -27.14 8.24
N LEU D 210 -39.30 -28.19 8.08
CA LEU D 210 -39.01 -29.40 8.81
C LEU D 210 -37.67 -29.98 8.45
N ASN D 211 -37.33 -30.00 7.17
CA ASN D 211 -36.06 -30.56 6.75
C ASN D 211 -34.86 -29.85 7.37
N ILE D 212 -34.86 -28.54 7.46
CA ILE D 212 -33.84 -27.76 8.09
C ILE D 212 -33.68 -28.06 9.57
N SER D 213 -34.82 -28.18 10.25
CA SER D 213 -35.02 -28.36 11.67
C SER D 213 -34.45 -29.62 12.01
N GLY D 214 -34.73 -30.65 11.20
CA GLY D 214 -34.10 -31.97 11.39
C GLY D 214 -32.59 -31.93 11.12
N LYS D 215 -32.15 -31.33 10.00
CA LYS D 215 -30.76 -31.40 9.60
C LYS D 215 -29.80 -30.56 10.44
N VAL D 216 -30.08 -29.25 10.57
CA VAL D 216 -29.29 -28.26 11.29
C VAL D 216 -29.36 -28.32 12.77
N PHE D 217 -30.60 -28.29 13.30
CA PHE D 217 -30.78 -28.27 14.74
C PHE D 217 -30.44 -29.63 15.36
N ARG D 218 -30.67 -30.75 14.58
CA ARG D 218 -30.30 -32.14 14.93
C ARG D 218 -30.54 -32.75 16.23
N ASN D 219 -31.74 -32.51 16.81
CA ASN D 219 -32.13 -33.13 18.03
C ASN D 219 -32.66 -34.42 17.68
N PRO D 220 -32.79 -35.46 18.53
CA PRO D 220 -33.35 -36.73 18.22
C PRO D 220 -34.74 -36.63 17.70
N ASN D 221 -35.43 -35.51 17.91
CA ASN D 221 -36.68 -35.41 17.26
C ASN D 221 -36.99 -33.93 17.28
N ILE D 222 -38.08 -33.61 16.58
CA ILE D 222 -38.59 -32.30 16.31
C ILE D 222 -40.00 -32.08 16.87
N ASP D 223 -40.09 -30.99 17.64
CA ASP D 223 -41.30 -30.44 18.22
C ASP D 223 -41.44 -29.06 17.75
N LEU D 224 -42.55 -28.44 18.16
CA LEU D 224 -42.96 -27.08 17.82
C LEU D 224 -41.97 -25.99 18.33
N GLN D 225 -41.45 -26.16 19.56
CA GLN D 225 -40.43 -25.22 20.10
C GLN D 225 -39.20 -25.24 19.24
N HIS D 226 -38.79 -26.43 18.72
CA HIS D 226 -37.62 -26.64 17.94
C HIS D 226 -37.67 -25.84 16.72
N THR D 227 -38.82 -25.95 15.99
CA THR D 227 -39.12 -25.28 14.78
C THR D 227 -39.35 -23.76 14.92
N ASN D 228 -39.93 -23.36 16.10
CA ASN D 228 -40.17 -21.93 16.36
C ASN D 228 -38.89 -21.11 16.42
N GLN D 229 -37.77 -21.82 16.83
CA GLN D 229 -36.54 -21.26 16.94
C GLN D 229 -35.92 -20.71 15.68
N LEU D 230 -36.18 -21.50 14.61
CA LEU D 230 -35.95 -20.95 13.29
C LEU D 230 -36.85 -19.79 12.92
N ILE D 231 -38.16 -19.90 13.24
CA ILE D 231 -39.10 -18.97 12.70
C ILE D 231 -38.88 -17.56 13.19
N SER D 232 -38.60 -17.50 14.54
CA SER D 232 -38.32 -16.25 15.21
C SER D 232 -37.06 -15.66 14.70
N THR D 233 -36.04 -16.44 14.36
CA THR D 233 -34.78 -15.99 13.88
C THR D 233 -34.98 -15.36 12.54
N ILE D 234 -35.81 -16.00 11.69
CA ILE D 234 -36.10 -15.42 10.36
C ILE D 234 -36.91 -14.18 10.45
N ILE D 235 -37.97 -14.10 11.28
CA ILE D 235 -38.83 -12.94 11.43
C ILE D 235 -38.03 -11.77 11.94
N SER D 236 -37.10 -12.02 12.93
CA SER D 236 -36.30 -11.11 13.71
C SER D 236 -35.35 -10.41 12.79
N SER D 237 -34.71 -11.09 11.80
CA SER D 237 -33.66 -10.60 10.89
C SER D 237 -34.25 -9.52 10.01
N VAL D 238 -35.56 -9.72 9.67
CA VAL D 238 -36.35 -8.80 8.81
C VAL D 238 -36.47 -7.55 9.57
N THR D 239 -36.49 -7.60 10.88
CA THR D 239 -36.68 -6.40 11.67
C THR D 239 -35.38 -5.58 11.84
N ASN D 240 -34.22 -6.13 11.42
CA ASN D 240 -32.97 -5.55 11.54
C ASN D 240 -32.94 -4.16 10.98
N SER D 241 -33.61 -3.94 9.79
CA SER D 241 -33.46 -2.67 9.07
C SER D 241 -34.16 -1.50 9.83
N ILE D 242 -35.16 -1.94 10.70
CA ILE D 242 -35.90 -1.02 11.54
C ILE D 242 -35.10 -0.55 12.70
N ARG D 243 -34.33 -1.50 13.35
CA ARG D 243 -33.69 -1.19 14.57
C ARG D 243 -32.43 -0.38 14.51
N PHE D 244 -31.78 -0.28 13.30
CA PHE D 244 -30.54 0.54 13.14
C PHE D 244 -31.12 1.81 12.56
N PRO D 245 -30.83 2.98 13.06
CA PRO D 245 -31.48 4.23 12.61
C PRO D 245 -30.78 4.76 11.32
N SER D 246 -29.82 4.02 10.63
CA SER D 246 -28.96 4.57 9.70
C SER D 246 -29.00 3.65 8.60
N TYR D 247 -30.03 2.76 8.57
CA TYR D 247 -30.30 1.84 7.51
C TYR D 247 -31.79 1.73 7.36
N MET D 248 -32.29 2.93 7.31
CA MET D 248 -33.71 3.25 7.20
C MET D 248 -33.99 3.79 5.86
N TYR D 249 -32.90 3.84 5.01
CA TYR D 249 -32.92 4.02 3.59
C TYR D 249 -33.68 2.90 2.99
N SER D 250 -33.46 1.70 3.54
CA SER D 250 -34.23 0.49 3.24
C SER D 250 -34.77 0.15 4.60
N SER D 251 -36.02 0.39 4.93
CA SER D 251 -36.75 -0.14 6.11
C SER D 251 -37.73 -1.13 5.59
N MET D 252 -38.77 -1.62 6.35
CA MET D 252 -39.67 -2.62 5.86
C MET D 252 -40.47 -2.13 4.66
N SER D 253 -41.04 -0.90 4.80
CA SER D 253 -41.95 -0.25 3.85
C SER D 253 -41.29 0.05 2.52
N SER D 254 -40.04 0.59 2.63
CA SER D 254 -39.21 1.00 1.52
C SER D 254 -38.72 -0.21 0.71
N ILE D 255 -38.45 -1.38 1.38
CA ILE D 255 -38.07 -2.64 0.75
C ILE D 255 -39.20 -3.15 -0.02
N TYR D 256 -40.45 -3.11 0.62
CA TYR D 256 -41.58 -3.65 0.01
C TYR D 256 -41.97 -2.89 -1.21
N SER D 257 -41.88 -1.59 -1.27
CA SER D 257 -42.24 -0.74 -2.31
C SER D 257 -41.43 -1.11 -3.58
N THR D 258 -40.07 -1.34 -3.52
CA THR D 258 -39.18 -1.67 -4.61
C THR D 258 -39.47 -3.04 -5.10
N LEU D 259 -39.69 -4.00 -4.12
CA LEU D 259 -39.90 -5.40 -4.35
C LEU D 259 -41.26 -5.69 -4.98
N ILE D 260 -42.40 -5.03 -4.67
CA ILE D 260 -43.76 -5.33 -5.10
C ILE D 260 -43.95 -4.36 -6.33
N PRO D 261 -44.12 -4.82 -7.57
CA PRO D 261 -44.35 -3.93 -8.74
C PRO D 261 -45.75 -3.41 -8.83
N SER D 262 -46.67 -4.24 -8.38
CA SER D 262 -48.14 -4.18 -8.53
C SER D 262 -48.71 -5.03 -7.41
N PRO D 263 -50.00 -4.89 -7.09
CA PRO D 263 -50.54 -5.63 -5.97
C PRO D 263 -51.05 -6.95 -6.43
N GLU D 264 -50.82 -7.31 -7.77
CA GLU D 264 -51.11 -8.54 -8.43
C GLU D 264 -50.23 -9.64 -7.93
N LEU D 265 -48.98 -9.21 -7.87
CA LEU D 265 -47.93 -10.05 -7.41
C LEU D 265 -47.50 -9.43 -6.11
N HIS D 266 -47.57 -10.26 -5.09
CA HIS D 266 -47.33 -9.82 -3.66
C HIS D 266 -47.11 -11.01 -2.83
N PHE D 267 -47.12 -12.16 -3.49
CA PHE D 267 -46.89 -13.39 -2.78
C PHE D 267 -45.39 -13.53 -2.80
N LEU D 268 -44.74 -13.65 -1.59
CA LEU D 268 -43.31 -13.58 -1.44
C LEU D 268 -42.84 -14.91 -1.12
N SER D 269 -41.58 -15.23 -1.52
CA SER D 269 -40.81 -16.41 -1.10
C SER D 269 -39.54 -15.91 -0.38
N PRO D 270 -39.15 -16.56 0.73
CA PRO D 270 -37.90 -16.23 1.40
C PRO D 270 -36.85 -17.22 1.04
N SER D 271 -35.59 -16.88 1.26
CA SER D 271 -34.44 -17.73 1.12
C SER D 271 -33.57 -17.26 2.33
N PHE D 272 -32.72 -18.16 2.86
CA PHE D 272 -31.95 -17.78 4.01
C PHE D 272 -30.69 -18.53 3.80
N THR D 273 -29.60 -17.97 4.33
CA THR D 273 -28.31 -18.54 4.13
C THR D 273 -27.56 -18.07 5.37
N PRO D 274 -26.72 -18.86 6.10
CA PRO D 274 -26.37 -20.20 5.90
C PRO D 274 -27.08 -21.07 6.81
N PHE D 275 -27.21 -22.39 6.43
CA PHE D 275 -27.75 -23.48 7.19
C PHE D 275 -26.75 -24.56 7.07
N THR D 276 -25.48 -24.18 6.68
CA THR D 276 -24.41 -25.12 6.62
C THR D 276 -23.49 -24.58 7.71
N SER D 277 -23.74 -23.35 8.23
CA SER D 277 -22.93 -22.75 9.28
C SER D 277 -23.70 -21.98 10.23
N ASP D 278 -23.44 -22.13 11.59
CA ASP D 278 -24.05 -21.38 12.66
C ASP D 278 -23.20 -21.49 13.92
N TYR D 279 -22.06 -22.10 13.82
CA TYR D 279 -21.23 -22.24 14.96
C TYR D 279 -20.59 -21.01 15.29
N ILE D 280 -20.53 -20.73 16.66
CA ILE D 280 -20.15 -19.50 17.29
C ILE D 280 -18.64 -19.60 17.07
N HIS D 281 -18.04 -18.41 17.08
CA HIS D 281 -16.61 -18.18 16.96
C HIS D 281 -16.34 -16.79 17.67
N ASP D 282 -17.26 -16.27 18.45
CA ASP D 282 -17.25 -15.21 19.46
C ASP D 282 -17.53 -13.88 18.68
N ASP D 283 -16.53 -13.22 17.99
CA ASP D 283 -16.59 -11.91 17.39
C ASP D 283 -15.74 -11.79 16.09
N ILE D 284 -15.36 -13.00 15.60
CA ILE D 284 -14.48 -13.08 14.42
C ILE D 284 -15.05 -14.06 13.50
N ALA D 285 -14.53 -14.10 12.25
CA ALA D 285 -14.91 -15.12 11.35
C ALA D 285 -13.96 -15.07 10.17
N HIS D 286 -13.95 -16.18 9.49
CA HIS D 286 -13.03 -16.29 8.36
C HIS D 286 -13.77 -16.91 7.11
N LYS D 287 -15.11 -16.74 7.04
CA LYS D 287 -15.94 -17.35 6.01
C LYS D 287 -15.83 -16.34 4.86
N CYS D 288 -15.63 -16.73 3.61
CA CYS D 288 -15.44 -15.78 2.56
C CYS D 288 -16.69 -15.08 2.33
N HIS D 289 -16.61 -13.77 2.07
CA HIS D 289 -17.77 -13.05 1.64
C HIS D 289 -18.28 -13.56 0.33
N SER D 290 -17.34 -13.92 -0.55
CA SER D 290 -17.76 -14.42 -1.85
C SER D 290 -18.58 -15.69 -1.65
N SER D 291 -18.22 -16.60 -0.72
CA SER D 291 -18.91 -17.81 -0.47
C SER D 291 -20.36 -17.51 0.04
N TYR D 292 -20.52 -16.52 1.01
CA TYR D 292 -21.83 -16.14 1.53
C TYR D 292 -22.59 -15.65 0.33
N ASP D 293 -22.06 -14.75 -0.55
CA ASP D 293 -22.87 -14.14 -1.65
C ASP D 293 -23.32 -15.16 -2.73
N VAL D 294 -22.48 -16.12 -3.07
CA VAL D 294 -22.88 -17.13 -3.98
C VAL D 294 -24.03 -18.01 -3.46
N MET D 295 -23.91 -18.35 -2.15
CA MET D 295 -24.76 -19.27 -1.46
C MET D 295 -26.13 -18.68 -1.37
N LEU D 296 -26.32 -17.33 -1.29
CA LEU D 296 -27.62 -16.65 -1.16
C LEU D 296 -28.39 -16.93 -2.42
N ASP D 297 -27.71 -17.18 -3.57
CA ASP D 297 -28.34 -17.43 -4.83
C ASP D 297 -28.92 -18.82 -4.90
N LEU D 298 -28.30 -19.74 -4.10
CA LEU D 298 -28.62 -21.10 -4.07
C LEU D 298 -29.95 -21.28 -3.35
N LEU D 299 -30.46 -22.54 -3.47
CA LEU D 299 -31.76 -23.07 -3.15
C LEU D 299 -31.49 -24.21 -2.17
N ASP D 300 -30.16 -24.59 -1.95
CA ASP D 300 -29.94 -25.68 -1.01
C ASP D 300 -30.42 -25.27 0.45
N PRO D 301 -30.08 -24.09 0.91
CA PRO D 301 -30.80 -23.60 2.09
C PRO D 301 -32.04 -22.83 1.68
N SER D 302 -33.21 -23.26 2.19
CA SER D 302 -34.48 -22.59 1.83
C SER D 302 -35.41 -22.61 3.01
N ASN D 303 -36.62 -22.01 2.87
CA ASN D 303 -37.53 -21.92 3.99
C ASN D 303 -38.88 -22.22 3.43
N SER D 304 -39.13 -22.07 2.08
CA SER D 304 -40.41 -22.46 1.46
C SER D 304 -40.00 -23.34 0.30
N LEU D 305 -40.65 -24.45 0.08
CA LEU D 305 -40.28 -25.43 -0.84
C LEU D 305 -40.00 -25.01 -2.29
N VAL D 306 -38.71 -25.12 -2.68
CA VAL D 306 -38.35 -24.51 -3.96
C VAL D 306 -38.63 -25.58 -4.97
N SER D 307 -39.64 -25.36 -5.84
CA SER D 307 -40.14 -26.45 -6.67
C SER D 307 -39.26 -26.62 -7.86
N THR D 308 -39.22 -27.80 -8.47
CA THR D 308 -38.33 -28.15 -9.55
C THR D 308 -38.80 -27.65 -10.88
N ALA D 309 -38.01 -26.85 -11.71
CA ALA D 309 -38.29 -26.39 -13.05
C ALA D 309 -38.42 -27.52 -13.97
N MET D 310 -39.44 -27.38 -14.88
CA MET D 310 -39.70 -28.39 -15.93
C MET D 310 -40.07 -27.64 -17.26
N ASN D 311 -39.02 -27.37 -18.09
CA ASN D 311 -39.06 -26.67 -19.40
C ASN D 311 -39.47 -25.21 -19.24
N ASN D 312 -39.17 -24.58 -18.09
CA ASN D 312 -39.46 -23.22 -18.13
C ASN D 312 -38.35 -22.68 -17.27
N PRO D 313 -37.66 -21.56 -17.68
CA PRO D 313 -36.66 -20.95 -16.73
C PRO D 313 -37.39 -20.28 -15.63
N THR D 314 -37.07 -20.61 -14.34
CA THR D 314 -37.78 -20.03 -13.23
C THR D 314 -37.39 -18.65 -13.08
N TYR D 315 -38.36 -17.77 -13.32
CA TYR D 315 -38.21 -16.36 -13.59
C TYR D 315 -38.30 -15.66 -12.34
N PHE D 316 -37.39 -14.80 -11.85
CA PHE D 316 -37.57 -13.98 -10.72
C PHE D 316 -38.18 -12.64 -11.26
N ASN D 317 -39.33 -12.21 -10.59
CA ASN D 317 -39.97 -11.04 -10.95
C ASN D 317 -39.25 -9.81 -10.34
N VAL D 318 -38.79 -9.87 -9.02
CA VAL D 318 -38.14 -8.78 -8.38
C VAL D 318 -37.39 -9.41 -7.27
N TYR D 319 -36.24 -8.82 -6.80
CA TYR D 319 -35.37 -9.44 -5.79
C TYR D 319 -34.85 -8.42 -4.76
N ASN D 320 -34.86 -8.73 -3.40
CA ASN D 320 -34.18 -7.92 -2.41
C ASN D 320 -33.39 -8.86 -1.51
N THR D 321 -32.12 -8.53 -1.15
CA THR D 321 -31.19 -9.31 -0.34
C THR D 321 -30.95 -8.37 0.83
N ILE D 322 -31.07 -8.99 2.05
CA ILE D 322 -30.77 -8.35 3.29
C ILE D 322 -29.54 -8.97 3.87
N ILE D 323 -28.49 -8.13 4.00
CA ILE D 323 -27.15 -8.55 4.49
C ILE D 323 -27.04 -8.05 5.86
N GLY D 324 -26.55 -8.94 6.74
CA GLY D 324 -26.32 -8.79 8.19
C GLY D 324 -24.85 -9.01 8.51
N ASN D 325 -24.22 -8.00 9.14
CA ASN D 325 -22.78 -7.90 9.46
C ASN D 325 -22.27 -6.96 8.44
N VAL D 326 -21.23 -6.23 8.92
CA VAL D 326 -20.41 -5.48 7.89
C VAL D 326 -19.07 -6.03 8.14
N GLU D 327 -18.68 -6.90 7.14
CA GLU D 327 -17.35 -7.33 7.03
C GLU D 327 -16.99 -6.73 5.72
N PRO D 328 -15.96 -5.86 5.63
CA PRO D 328 -15.52 -5.10 4.49
C PRO D 328 -16.42 -4.94 3.31
N ARG D 329 -17.32 -3.83 3.37
CA ARG D 329 -18.50 -3.63 2.58
C ARG D 329 -18.20 -3.55 1.14
N GLN D 330 -17.05 -2.93 0.83
CA GLN D 330 -16.74 -2.73 -0.60
C GLN D 330 -16.58 -3.94 -1.41
N ILE D 331 -15.90 -4.92 -0.84
CA ILE D 331 -15.74 -6.22 -1.45
C ILE D 331 -16.99 -6.99 -1.59
N SER D 332 -17.81 -6.97 -0.53
CA SER D 332 -19.04 -7.66 -0.55
C SER D 332 -19.96 -7.06 -1.61
N ARG D 333 -19.92 -5.68 -1.74
CA ARG D 333 -20.71 -4.91 -2.63
C ARG D 333 -20.28 -5.24 -4.07
N ALA D 334 -19.02 -5.40 -4.36
CA ALA D 334 -18.39 -5.72 -5.60
C ALA D 334 -18.82 -7.12 -6.02
N MET D 335 -18.91 -8.07 -5.08
CA MET D 335 -19.35 -9.48 -5.36
C MET D 335 -20.77 -9.37 -5.88
N THR D 336 -21.66 -8.51 -5.18
CA THR D 336 -23.06 -8.33 -5.47
C THR D 336 -23.27 -7.79 -6.77
N LYS D 337 -22.39 -6.85 -7.25
CA LYS D 337 -22.44 -6.20 -8.58
C LYS D 337 -22.24 -7.25 -9.68
N LEU D 338 -21.31 -8.23 -9.51
CA LEU D 338 -21.07 -9.30 -10.45
C LEU D 338 -22.17 -10.24 -10.61
N GLN D 339 -22.79 -10.58 -9.41
CA GLN D 339 -23.89 -11.51 -9.27
C GLN D 339 -25.11 -11.02 -9.96
N GLN D 340 -25.31 -9.63 -9.92
CA GLN D 340 -26.21 -8.91 -10.72
C GLN D 340 -25.90 -8.94 -12.15
N ARG D 341 -24.64 -8.77 -12.67
CA ARG D 341 -24.35 -8.85 -14.13
C ARG D 341 -24.53 -10.20 -14.77
N ILE D 342 -24.15 -11.27 -14.04
CA ILE D 342 -24.28 -12.65 -14.56
C ILE D 342 -25.68 -13.16 -14.83
N LYS D 343 -26.65 -12.64 -14.05
CA LYS D 343 -28.08 -12.82 -14.31
C LYS D 343 -28.45 -14.27 -13.95
N PHE D 344 -28.07 -14.66 -12.68
CA PHE D 344 -28.47 -15.92 -12.14
C PHE D 344 -30.00 -15.95 -11.92
N PRO D 345 -30.73 -14.82 -11.58
CA PRO D 345 -32.16 -14.77 -11.70
C PRO D 345 -32.45 -14.62 -13.16
N SER D 346 -33.45 -15.29 -13.71
CA SER D 346 -33.80 -15.21 -15.12
C SER D 346 -34.80 -14.04 -15.29
N TRP D 347 -34.67 -13.28 -16.40
CA TRP D 347 -35.45 -12.09 -16.61
C TRP D 347 -36.21 -12.51 -17.93
N SER D 348 -37.14 -11.63 -18.36
CA SER D 348 -38.03 -11.91 -19.40
C SER D 348 -38.42 -10.65 -20.07
N SER D 349 -39.34 -10.77 -21.12
CA SER D 349 -39.88 -9.66 -21.78
C SER D 349 -40.81 -8.85 -20.97
N SER D 350 -40.72 -7.51 -20.96
CA SER D 350 -41.47 -6.55 -20.20
C SER D 350 -41.00 -6.68 -18.78
N ALA D 351 -39.73 -7.05 -18.62
CA ALA D 351 -39.16 -7.39 -17.33
C ALA D 351 -37.70 -7.18 -17.51
N MET D 352 -37.00 -6.91 -16.38
CA MET D 352 -35.57 -6.69 -16.42
C MET D 352 -35.08 -6.81 -15.04
N HIS D 353 -33.79 -7.04 -14.84
CA HIS D 353 -33.19 -7.18 -13.51
C HIS D 353 -33.36 -5.91 -12.56
N VAL D 354 -34.00 -6.17 -11.44
CA VAL D 354 -34.21 -5.15 -10.42
C VAL D 354 -33.71 -6.03 -9.24
N ASN D 355 -32.48 -5.70 -8.75
CA ASN D 355 -31.98 -6.51 -7.66
C ASN D 355 -31.51 -5.43 -6.70
N ILE D 356 -31.97 -5.37 -5.42
CA ILE D 356 -31.54 -4.35 -4.46
C ILE D 356 -30.98 -5.16 -3.28
N GLY D 357 -30.04 -4.51 -2.56
CA GLY D 357 -29.43 -5.16 -1.43
C GLY D 357 -29.37 -4.14 -0.37
N ARG D 358 -29.56 -4.42 0.93
CA ARG D 358 -29.33 -3.52 2.01
C ARG D 358 -28.44 -4.23 2.94
N ARG D 359 -27.49 -3.52 3.50
CA ARG D 359 -26.44 -4.11 4.42
C ARG D 359 -26.68 -3.36 5.72
N SER D 360 -26.61 -4.09 6.85
CA SER D 360 -26.76 -3.48 8.17
C SER D 360 -25.85 -4.17 9.08
N PRO D 361 -25.35 -3.54 10.10
CA PRO D 361 -24.45 -4.23 11.02
C PRO D 361 -25.24 -5.07 12.07
N TYR D 362 -24.53 -5.84 12.93
CA TYR D 362 -25.12 -6.58 14.02
C TYR D 362 -25.05 -5.67 15.21
N LEU D 363 -25.77 -6.07 16.25
CA LEU D 363 -25.96 -5.38 17.49
C LEU D 363 -24.79 -5.54 18.40
N PRO D 364 -24.14 -4.47 18.87
CA PRO D 364 -22.98 -4.58 19.75
C PRO D 364 -23.45 -4.96 21.17
N LEU D 365 -24.74 -4.96 21.44
CA LEU D 365 -25.33 -5.31 22.70
C LEU D 365 -25.10 -6.75 23.13
N GLN D 366 -24.79 -7.58 22.15
CA GLN D 366 -24.30 -8.88 22.34
C GLN D 366 -23.04 -9.03 21.43
N PRO D 367 -22.14 -9.99 21.70
CA PRO D 367 -21.00 -10.29 20.83
C PRO D 367 -21.53 -11.06 19.63
N ASN D 368 -21.08 -10.79 18.38
CA ASN D 368 -21.52 -11.68 17.33
C ASN D 368 -20.29 -11.78 16.46
N GLU D 369 -20.07 -13.00 15.88
CA GLU D 369 -19.03 -13.40 14.91
C GLU D 369 -19.02 -12.47 13.74
N ASN D 370 -17.85 -12.22 13.08
CA ASN D 370 -17.84 -11.39 11.93
C ASN D 370 -18.29 -12.09 10.63
N GLU D 371 -19.03 -13.20 10.76
CA GLU D 371 -19.66 -13.87 9.70
C GLU D 371 -20.82 -13.14 9.18
N VAL D 372 -20.97 -13.14 7.82
CA VAL D 372 -22.02 -12.38 7.15
C VAL D 372 -23.09 -13.38 6.80
N SER D 373 -24.30 -12.99 7.09
CA SER D 373 -25.46 -13.84 6.86
C SER D 373 -26.63 -12.98 6.26
N GLY D 374 -27.68 -13.72 5.73
CA GLY D 374 -28.68 -12.98 4.95
C GLY D 374 -29.98 -13.62 4.76
N MET D 375 -30.96 -12.81 4.44
CA MET D 375 -32.27 -13.36 4.08
C MET D 375 -32.58 -12.71 2.74
N MET D 376 -33.21 -13.44 1.84
CA MET D 376 -33.55 -12.98 0.53
C MET D 376 -34.99 -12.97 0.49
N LEU D 377 -35.60 -11.93 0.00
CA LEU D 377 -37.02 -11.95 -0.26
C LEU D 377 -37.12 -11.63 -1.67
N SER D 378 -37.78 -12.51 -2.40
CA SER D 378 -37.90 -12.46 -3.83
C SER D 378 -39.29 -12.96 -4.17
N ASN D 379 -39.86 -12.47 -5.35
CA ASN D 379 -41.05 -13.08 -5.92
C ASN D 379 -40.44 -13.68 -7.14
N MET D 380 -40.54 -14.99 -7.13
CA MET D 380 -39.86 -15.95 -7.98
C MET D 380 -41.00 -16.84 -8.50
N SER D 381 -40.91 -17.36 -9.75
CA SER D 381 -42.01 -18.07 -10.30
C SER D 381 -42.41 -19.39 -9.73
N THR D 382 -41.67 -19.99 -8.68
CA THR D 382 -42.00 -21.22 -8.05
C THR D 382 -43.35 -21.06 -7.35
N VAL D 383 -43.68 -19.77 -7.00
CA VAL D 383 -44.86 -19.30 -6.32
C VAL D 383 -46.12 -19.76 -7.10
N VAL D 384 -46.06 -19.97 -8.50
CA VAL D 384 -47.19 -20.47 -9.30
C VAL D 384 -47.62 -21.84 -8.76
N ASN D 385 -46.71 -22.71 -8.13
CA ASN D 385 -46.99 -24.05 -7.62
C ASN D 385 -48.12 -23.91 -6.60
N VAL D 386 -48.13 -22.79 -5.86
CA VAL D 386 -49.18 -22.50 -4.87
C VAL D 386 -50.48 -22.41 -5.58
N PHE D 387 -50.45 -21.67 -6.74
CA PHE D 387 -51.62 -21.41 -7.53
C PHE D 387 -52.21 -22.68 -8.14
N GLU D 388 -51.32 -23.61 -8.61
CA GLU D 388 -51.63 -24.85 -9.28
C GLU D 388 -52.38 -25.71 -8.31
N ASN D 389 -51.92 -25.64 -7.04
CA ASN D 389 -52.47 -26.23 -5.84
C ASN D 389 -53.84 -25.67 -5.59
N ALA D 390 -54.06 -24.31 -5.75
CA ALA D 390 -55.39 -23.74 -5.63
C ALA D 390 -56.39 -24.23 -6.63
N CYS D 391 -55.94 -24.36 -7.91
CA CYS D 391 -56.77 -24.89 -8.96
C CYS D 391 -57.25 -26.27 -8.71
N ASN D 392 -56.33 -27.16 -8.31
CA ASN D 392 -56.49 -28.54 -8.05
C ASN D 392 -57.45 -28.70 -6.84
N THR D 393 -57.26 -27.91 -5.77
CA THR D 393 -58.17 -27.96 -4.57
C THR D 393 -59.62 -27.51 -4.95
N PHE D 394 -59.85 -26.51 -5.84
CA PHE D 394 -61.11 -26.09 -6.28
C PHE D 394 -61.79 -27.16 -6.99
N ASP D 395 -61.02 -27.82 -7.84
CA ASP D 395 -61.51 -28.98 -8.59
C ASP D 395 -61.92 -30.20 -7.74
N LYS D 396 -61.10 -30.50 -6.68
CA LYS D 396 -61.37 -31.64 -5.81
C LYS D 396 -62.69 -31.54 -4.99
N VAL D 397 -62.98 -30.33 -4.45
CA VAL D 397 -64.18 -30.12 -3.73
C VAL D 397 -65.42 -30.27 -4.64
N PHE D 398 -65.41 -29.75 -5.96
CA PHE D 398 -66.42 -29.83 -6.97
C PHE D 398 -66.70 -31.20 -7.41
N ALA D 399 -65.70 -32.00 -7.60
CA ALA D 399 -65.72 -33.41 -7.99
C ALA D 399 -66.38 -34.33 -7.00
N LYS D 400 -66.09 -34.11 -5.63
CA LYS D 400 -66.56 -35.06 -4.55
C LYS D 400 -68.01 -35.06 -4.44
N GLY D 401 -68.67 -33.92 -4.63
CA GLY D 401 -70.10 -33.63 -4.60
C GLY D 401 -70.89 -34.01 -3.34
N ALA D 402 -70.14 -34.19 -2.23
CA ALA D 402 -70.57 -34.64 -0.91
C ALA D 402 -69.68 -34.02 0.04
N PHE D 403 -70.03 -33.90 1.38
CA PHE D 403 -69.29 -33.40 2.47
C PHE D 403 -69.45 -31.92 2.28
N LEU D 404 -70.30 -31.39 1.41
CA LEU D 404 -70.62 -30.04 1.24
C LEU D 404 -71.57 -29.57 2.33
N ASN D 405 -72.35 -30.50 2.95
CA ASN D 405 -73.53 -30.15 3.75
C ASN D 405 -73.20 -29.11 4.78
N ASN D 406 -72.05 -29.31 5.59
CA ASN D 406 -71.82 -28.40 6.73
C ASN D 406 -71.58 -26.94 6.30
N TYR D 407 -70.93 -26.83 5.14
CA TYR D 407 -70.61 -25.55 4.50
C TYR D 407 -71.89 -24.81 4.02
N ASN D 408 -72.87 -25.53 3.46
CA ASN D 408 -74.01 -25.04 2.74
C ASN D 408 -75.02 -24.19 3.41
N VAL D 409 -75.21 -24.38 4.72
CA VAL D 409 -76.18 -23.69 5.52
C VAL D 409 -75.98 -22.16 5.61
N GLY D 410 -74.75 -21.56 5.54
CA GLY D 410 -74.58 -20.16 5.50
C GLY D 410 -75.02 -19.58 4.20
N ASP D 411 -75.32 -18.26 4.31
CA ASP D 411 -75.84 -17.45 3.19
C ASP D 411 -74.76 -17.36 2.04
N LEU D 412 -73.46 -17.32 2.41
CA LEU D 412 -72.35 -17.16 1.50
C LEU D 412 -72.31 -18.34 0.53
N PHE D 413 -72.66 -19.49 1.13
CA PHE D 413 -72.47 -20.79 0.59
C PHE D 413 -73.78 -21.50 0.19
N GLN D 414 -74.81 -20.70 -0.10
CA GLN D 414 -76.14 -21.23 -0.16
C GLN D 414 -76.43 -22.04 -1.42
N SER D 415 -75.83 -21.71 -2.60
CA SER D 415 -76.07 -22.47 -3.82
C SER D 415 -74.75 -23.05 -4.13
N MET D 416 -74.58 -24.29 -3.85
CA MET D 416 -73.33 -25.04 -3.96
C MET D 416 -72.43 -24.43 -2.85
N GLN D 417 -71.44 -23.59 -3.31
CA GLN D 417 -70.67 -22.70 -2.53
C GLN D 417 -70.32 -21.66 -3.55
N ASN D 418 -70.98 -20.45 -3.39
CA ASN D 418 -70.86 -19.38 -4.35
C ASN D 418 -69.44 -18.75 -4.30
N VAL D 419 -68.92 -18.72 -3.07
CA VAL D 419 -67.62 -18.15 -2.76
C VAL D 419 -66.51 -18.98 -3.51
N GLN D 420 -66.59 -20.33 -3.71
CA GLN D 420 -65.64 -21.12 -4.34
C GLN D 420 -65.57 -20.72 -5.87
N ASP D 421 -66.78 -20.48 -6.45
CA ASP D 421 -66.97 -20.15 -7.83
C ASP D 421 -66.28 -18.81 -8.09
N GLU D 422 -66.45 -17.86 -7.11
CA GLU D 422 -65.88 -16.55 -7.26
C GLU D 422 -64.41 -16.61 -7.27
N PHE D 423 -63.84 -17.44 -6.39
CA PHE D 423 -62.44 -17.66 -6.23
C PHE D 423 -61.80 -18.26 -7.45
N ALA D 424 -62.49 -19.26 -8.08
CA ALA D 424 -62.07 -19.98 -9.21
C ALA D 424 -61.84 -19.06 -10.41
N GLU D 425 -62.79 -18.06 -10.55
CA GLU D 425 -62.62 -17.11 -11.62
C GLU D 425 -61.46 -16.24 -11.49
N SER D 426 -61.32 -15.70 -10.24
CA SER D 426 -60.37 -14.64 -9.86
C SER D 426 -58.96 -15.15 -10.07
N ARG D 427 -58.74 -16.42 -9.61
CA ARG D 427 -57.45 -17.03 -9.73
C ARG D 427 -56.96 -17.27 -11.12
N GLU D 428 -57.84 -17.62 -12.09
CA GLU D 428 -57.44 -17.85 -13.37
C GLU D 428 -56.87 -16.55 -13.94
N VAL D 429 -57.55 -15.39 -13.64
CA VAL D 429 -57.14 -14.13 -14.23
C VAL D 429 -55.74 -13.79 -13.76
N VAL D 430 -55.40 -14.02 -12.44
CA VAL D 430 -54.08 -13.76 -11.83
C VAL D 430 -53.04 -14.59 -12.48
N GLN D 431 -53.18 -15.87 -12.70
CA GLN D 431 -52.12 -16.70 -13.37
C GLN D 431 -51.87 -16.27 -14.74
N SER D 432 -52.93 -15.87 -15.55
CA SER D 432 -52.77 -15.42 -16.93
C SER D 432 -51.95 -14.23 -16.99
N LEU D 433 -52.17 -13.31 -16.00
CA LEU D 433 -51.47 -12.01 -15.83
C LEU D 433 -50.00 -12.18 -15.54
N MET D 434 -49.61 -13.15 -14.70
CA MET D 434 -48.22 -13.48 -14.43
C MET D 434 -47.48 -14.00 -15.67
N GLU D 435 -48.24 -14.81 -16.53
CA GLU D 435 -47.86 -15.34 -17.77
C GLU D 435 -47.62 -14.21 -18.76
N ASP D 436 -48.49 -13.17 -18.71
CA ASP D 436 -48.31 -12.02 -19.61
C ASP D 436 -46.99 -11.26 -19.24
N TYR D 437 -46.58 -11.31 -17.97
CA TYR D 437 -45.43 -10.62 -17.50
C TYR D 437 -44.24 -11.13 -18.25
N VAL D 438 -44.27 -12.43 -18.68
CA VAL D 438 -43.16 -12.98 -19.40
C VAL D 438 -43.03 -12.39 -20.74
N ALA D 439 -44.23 -12.04 -21.23
CA ALA D 439 -44.55 -11.62 -22.62
C ALA D 439 -44.39 -10.13 -22.80
N ALA D 440 -44.22 -9.76 -24.10
CA ALA D 440 -44.15 -8.34 -24.54
C ALA D 440 -45.46 -7.53 -24.32
N GLU D 441 -46.61 -8.18 -24.44
CA GLU D 441 -47.99 -7.60 -24.42
C GLU D 441 -48.33 -6.91 -23.14
N GLN D 442 -47.53 -7.16 -22.02
CA GLN D 442 -47.61 -6.40 -20.71
C GLN D 442 -47.49 -4.93 -20.99
N ASP D 443 -46.58 -4.62 -21.92
CA ASP D 443 -46.51 -3.29 -22.52
C ASP D 443 -47.11 -3.21 -23.88
N SER D 444 -48.36 -2.68 -24.09
CA SER D 444 -49.15 -2.69 -25.38
C SER D 444 -49.19 -1.30 -25.86
N TYR D 445 -48.28 -0.92 -26.77
CA TYR D 445 -48.22 0.40 -27.35
C TYR D 445 -47.69 0.36 -28.78
N UNK E 1 29.30 49.46 2.74
CA UNK E 1 29.89 48.15 2.82
C UNK E 1 31.36 48.19 2.43
N UNK E 2 32.03 47.02 2.24
CA UNK E 2 33.41 46.78 1.93
C UNK E 2 33.80 47.31 0.55
N UNK E 3 32.90 47.19 -0.42
CA UNK E 3 33.09 47.66 -1.82
C UNK E 3 33.23 49.13 -1.79
N UNK E 4 32.39 49.81 -0.94
CA UNK E 4 32.23 51.28 -0.70
C UNK E 4 33.51 51.75 -0.10
N UNK E 5 34.14 50.97 0.82
CA UNK E 5 35.37 51.26 1.49
C UNK E 5 36.57 51.36 0.54
N UNK E 6 36.64 50.42 -0.42
CA UNK E 6 37.59 50.47 -1.51
C UNK E 6 37.31 51.69 -2.47
N UNK E 7 35.96 52.09 -2.71
CA UNK E 7 35.73 53.34 -3.48
C UNK E 7 36.32 54.64 -2.94
N UNK E 8 36.26 54.72 -1.61
CA UNK E 8 36.73 55.71 -0.69
C UNK E 8 38.20 55.84 -0.78
N UNK E 9 38.86 54.65 -0.87
CA UNK E 9 40.27 54.48 -1.01
C UNK E 9 40.76 55.03 -2.29
N UNK E 10 39.98 54.83 -3.33
CA UNK E 10 40.29 55.52 -4.59
C UNK E 10 40.24 57.07 -4.45
N UNK E 11 39.20 57.50 -3.75
CA UNK E 11 38.87 58.93 -3.61
C UNK E 11 39.97 59.68 -2.90
N UNK E 12 40.49 59.03 -1.90
CA UNK E 12 41.64 59.26 -1.07
C UNK E 12 42.88 59.20 -1.97
N UNK E 13 43.11 58.15 -2.86
CA UNK E 13 44.28 57.97 -3.63
C UNK E 13 44.42 59.14 -4.56
N UNK E 14 43.36 59.67 -5.19
CA UNK E 14 43.49 60.79 -6.04
C UNK E 14 44.01 62.05 -5.30
N UNK E 15 43.58 62.29 -4.04
CA UNK E 15 44.00 63.37 -3.25
C UNK E 15 45.52 63.23 -3.04
N UNK E 16 46.00 61.96 -2.78
CA UNK E 16 47.34 61.63 -2.45
C UNK E 16 48.17 62.06 -3.64
N UNK E 17 47.69 61.87 -4.88
CA UNK E 17 48.33 62.16 -6.14
C UNK E 17 48.46 63.68 -6.18
N UNK E 18 47.45 64.46 -5.81
CA UNK E 18 47.58 65.92 -5.73
C UNK E 18 48.60 66.30 -4.73
N UNK E 19 48.59 65.64 -3.56
CA UNK E 19 49.45 65.92 -2.41
C UNK E 19 50.82 65.73 -2.81
N UNK E 20 51.11 64.67 -3.64
CA UNK E 20 52.36 64.24 -4.14
C UNK E 20 52.96 65.27 -5.02
N UNK E 21 52.12 65.83 -5.99
CA UNK E 21 52.53 66.86 -6.92
C UNK E 21 52.88 68.18 -6.16
N UNK E 22 52.29 68.51 -4.95
CA UNK E 22 52.72 69.63 -4.16
C UNK E 22 54.14 69.46 -3.74
N UNK E 23 54.53 68.25 -3.34
CA UNK E 23 55.87 67.94 -2.92
C UNK E 23 56.88 68.09 -3.97
N UNK E 24 56.58 67.66 -5.17
CA UNK E 24 57.44 67.71 -6.30
C UNK E 24 57.81 69.17 -6.62
N UNK E 25 56.78 70.09 -6.66
CA UNK E 25 56.91 71.49 -6.94
C UNK E 25 57.67 72.24 -5.90
N UNK E 26 57.48 71.84 -4.61
CA UNK E 26 58.09 72.32 -3.39
C UNK E 26 59.55 71.97 -3.51
N UNK E 27 59.90 70.69 -3.92
CA UNK E 27 61.29 70.23 -3.94
C UNK E 27 62.13 70.89 -5.00
N UNK E 28 61.50 71.35 -6.09
CA UNK E 28 62.06 72.13 -7.14
C UNK E 28 62.54 73.52 -6.67
N UNK E 29 61.72 74.12 -5.69
CA UNK E 29 61.82 75.47 -5.13
C UNK E 29 63.11 75.43 -4.40
N UNK E 30 63.54 74.35 -3.77
CA UNK E 30 64.72 74.11 -3.04
C UNK E 30 66.00 74.27 -3.77
N UNK E 31 65.94 73.84 -5.03
CA UNK E 31 66.93 73.92 -6.07
C UNK E 31 67.17 75.32 -6.53
N UNK E 32 66.10 76.07 -6.67
CA UNK E 32 66.06 77.52 -6.97
C UNK E 32 66.67 78.29 -5.78
N UNK E 33 66.34 77.77 -4.51
CA UNK E 33 66.76 78.36 -3.21
C UNK E 33 68.34 78.29 -3.12
N UNK E 34 68.82 77.04 -3.50
CA UNK E 34 70.20 76.65 -3.62
C UNK E 34 70.82 77.45 -4.73
N UNK E 35 70.16 77.75 -5.87
CA UNK E 35 70.70 78.50 -7.03
C UNK E 35 71.07 79.92 -6.67
N UNK E 36 70.36 80.68 -5.79
CA UNK E 36 70.70 82.03 -5.41
C UNK E 36 71.98 82.06 -4.54
N UNK E 37 72.04 81.04 -3.66
CA UNK E 37 73.15 80.74 -2.76
C UNK E 37 74.42 80.42 -3.47
N UNK E 38 74.32 79.62 -4.54
CA UNK E 38 75.42 79.25 -5.41
C UNK E 38 75.90 80.56 -6.12
N UNK E 39 74.93 81.46 -6.58
CA UNK E 39 75.32 82.70 -7.23
C UNK E 39 76.13 83.57 -6.25
N UNK E 40 75.62 83.74 -5.00
CA UNK E 40 76.18 84.63 -3.99
C UNK E 40 77.62 84.08 -3.60
N UNK E 41 77.80 82.73 -3.34
CA UNK E 41 79.05 82.10 -2.92
C UNK E 41 80.08 82.22 -4.02
N UNK E 42 79.71 81.89 -5.30
CA UNK E 42 80.63 81.73 -6.43
C UNK E 42 81.36 83.02 -6.67
N UNK E 43 80.68 84.21 -6.55
CA UNK E 43 81.44 85.48 -6.83
C UNK E 43 82.48 85.68 -5.79
N UNK E 44 82.13 85.50 -4.53
CA UNK E 44 83.01 85.76 -3.41
C UNK E 44 84.36 85.05 -3.48
N UNK F 1 30.90 47.01 -21.39
CA UNK F 1 30.35 47.32 -20.08
C UNK F 1 31.14 48.41 -19.39
N UNK F 2 30.41 48.97 -18.40
CA UNK F 2 30.78 50.13 -17.58
C UNK F 2 32.05 49.90 -16.73
N UNK F 3 32.25 48.70 -16.13
CA UNK F 3 33.40 48.43 -15.20
C UNK F 3 34.72 48.54 -15.78
N UNK F 4 34.90 47.95 -17.04
CA UNK F 4 36.19 47.85 -17.74
C UNK F 4 36.63 49.29 -18.11
N UNK F 5 35.63 50.10 -18.55
CA UNK F 5 35.90 51.53 -18.86
C UNK F 5 36.40 52.28 -17.62
N UNK F 6 35.77 51.95 -16.39
CA UNK F 6 36.11 52.65 -15.17
C UNK F 6 37.52 52.31 -14.86
N UNK F 7 37.92 51.01 -15.01
CA UNK F 7 39.22 50.51 -14.69
C UNK F 7 40.29 51.16 -15.54
N UNK F 8 40.04 51.35 -16.85
CA UNK F 8 40.92 51.90 -17.86
C UNK F 8 41.25 53.34 -17.42
N UNK F 9 40.31 54.09 -16.87
CA UNK F 9 40.61 55.44 -16.31
C UNK F 9 41.60 55.41 -15.18
N UNK F 10 41.54 54.42 -14.23
CA UNK F 10 42.40 54.22 -13.08
C UNK F 10 43.85 53.94 -13.60
N UNK F 11 44.07 53.13 -14.66
CA UNK F 11 45.35 52.82 -15.18
C UNK F 11 46.01 54.02 -15.69
N UNK F 12 45.27 54.95 -16.41
CA UNK F 12 45.70 56.13 -17.10
C UNK F 12 46.29 56.97 -15.96
N UNK F 13 45.61 57.11 -14.82
CA UNK F 13 46.00 57.88 -13.68
C UNK F 13 47.21 57.26 -13.00
N UNK F 14 47.29 55.95 -12.92
CA UNK F 14 48.46 55.25 -12.39
C UNK F 14 49.62 55.56 -13.17
N UNK F 15 49.46 55.58 -14.48
CA UNK F 15 50.54 55.86 -15.41
C UNK F 15 51.07 57.30 -15.14
N UNK F 16 50.22 58.28 -14.92
CA UNK F 16 50.47 59.64 -14.58
C UNK F 16 51.26 59.78 -13.24
N UNK F 17 50.86 58.98 -12.26
CA UNK F 17 51.51 58.89 -10.96
C UNK F 17 52.95 58.46 -11.05
N UNK F 18 53.18 57.43 -11.90
CA UNK F 18 54.43 56.69 -12.15
C UNK F 18 55.34 57.69 -12.76
N UNK F 19 54.88 58.51 -13.72
CA UNK F 19 55.66 59.63 -14.21
C UNK F 19 55.96 60.63 -13.20
N UNK F 20 55.06 60.99 -12.25
CA UNK F 20 55.29 61.97 -11.14
C UNK F 20 56.41 61.57 -10.19
N UNK F 21 56.56 60.19 -10.01
CA UNK F 21 57.65 59.48 -9.25
C UNK F 21 58.96 59.55 -10.02
N UNK F 22 58.98 59.27 -11.32
CA UNK F 22 60.11 59.13 -12.20
C UNK F 22 60.84 60.45 -12.20
N UNK F 23 60.11 61.58 -12.43
CA UNK F 23 60.46 62.93 -12.52
C UNK F 23 60.89 63.34 -11.05
N UNK F 24 60.22 62.71 -10.01
CA UNK F 24 60.43 63.04 -8.60
C UNK F 24 61.89 62.64 -8.24
N UNK F 25 62.47 61.54 -8.82
CA UNK F 25 63.87 61.11 -8.53
C UNK F 25 64.82 62.11 -9.09
N UNK F 26 64.54 62.77 -10.25
CA UNK F 26 65.39 63.72 -10.93
C UNK F 26 65.78 64.78 -10.07
N UNK F 27 64.80 65.23 -9.26
CA UNK F 27 65.05 66.32 -8.36
C UNK F 27 66.07 66.05 -7.26
N UNK F 28 66.02 64.84 -6.73
CA UNK F 28 66.88 64.18 -5.73
C UNK F 28 68.29 64.20 -6.28
N UNK F 29 68.45 63.84 -7.59
CA UNK F 29 69.65 63.76 -8.28
C UNK F 29 70.15 65.15 -8.50
N UNK F 30 69.23 66.07 -8.89
CA UNK F 30 69.62 67.48 -9.12
C UNK F 30 70.13 68.08 -7.80
N UNK F 31 69.52 67.81 -6.63
CA UNK F 31 69.85 68.42 -5.33
C UNK F 31 71.21 67.97 -4.97
N UNK F 32 71.69 66.72 -5.30
CA UNK F 32 73.05 66.15 -4.95
C UNK F 32 74.19 66.97 -5.57
N UNK F 33 73.95 67.28 -6.86
CA UNK F 33 74.85 67.96 -7.77
C UNK F 33 75.05 69.37 -7.30
N UNK F 34 73.89 70.04 -6.94
CA UNK F 34 73.90 71.41 -6.34
C UNK F 34 74.58 71.51 -4.96
N UNK F 35 74.50 70.49 -4.17
CA UNK F 35 75.22 70.28 -2.91
C UNK F 35 76.77 70.13 -3.09
N UNK F 36 77.22 69.30 -4.18
CA UNK F 36 78.65 69.17 -4.40
C UNK F 36 79.19 70.56 -4.87
N UNK F 37 78.34 71.22 -5.66
CA UNK F 37 78.60 72.55 -6.23
C UNK F 37 78.83 73.59 -5.13
N UNK F 38 78.03 73.48 -4.07
CA UNK F 38 78.04 74.37 -2.87
C UNK F 38 79.39 74.21 -2.15
N UNK F 39 79.94 72.94 -2.03
CA UNK F 39 81.23 72.70 -1.43
C UNK F 39 82.37 73.40 -2.18
N UNK F 40 82.39 73.31 -3.52
CA UNK F 40 83.47 73.88 -4.29
C UNK F 40 83.58 75.40 -4.16
N UNK F 41 82.42 76.05 -4.22
CA UNK F 41 82.09 77.45 -4.19
C UNK F 41 82.54 77.97 -2.83
N UNK F 42 82.25 77.25 -1.72
CA UNK F 42 82.51 77.66 -0.35
C UNK F 42 83.99 77.77 -0.14
N UNK F 43 84.77 76.74 -0.59
CA UNK F 43 86.16 76.73 -0.36
C UNK F 43 86.81 77.90 -1.17
N UNK F 44 86.36 78.03 -2.50
CA UNK F 44 86.76 79.13 -3.42
C UNK F 44 86.33 80.51 -2.78
N GLN A 55 85.79 63.95 14.90
CA GLN A 55 85.12 63.06 13.90
C GLN A 55 84.81 61.67 14.33
N GLU A 56 85.68 61.18 15.30
CA GLU A 56 85.49 59.94 16.00
C GLU A 56 84.18 60.05 16.78
N ALA A 57 83.97 61.25 17.34
CA ALA A 57 82.76 61.58 18.09
C ALA A 57 81.57 61.53 17.23
N LEU A 58 81.65 62.02 15.97
CA LEU A 58 80.55 62.00 15.06
C LEU A 58 80.17 60.56 14.69
N VAL A 59 81.18 59.67 14.45
CA VAL A 59 80.90 58.31 14.08
C VAL A 59 80.20 57.60 15.17
N VAL A 60 80.63 57.77 16.44
CA VAL A 60 79.97 57.03 17.47
C VAL A 60 78.51 57.38 17.72
N LYS A 61 78.22 58.73 17.69
CA LYS A 61 76.80 59.21 17.81
C LYS A 61 75.95 58.74 16.68
N ASP A 62 76.53 58.78 15.46
CA ASP A 62 75.90 58.40 14.23
C ASP A 62 75.55 56.94 14.15
N LEU A 63 76.44 56.14 14.70
CA LEU A 63 76.30 54.73 14.79
C LEU A 63 75.15 54.38 15.66
N LEU A 64 74.93 55.02 16.76
CA LEU A 64 73.86 54.83 17.60
C LEU A 64 72.53 55.15 16.95
N ASN A 65 72.40 56.26 16.20
CA ASN A 65 71.17 56.49 15.48
C ASN A 65 70.73 55.61 14.38
N VAL A 66 71.73 55.17 13.56
CA VAL A 66 71.47 54.32 12.38
C VAL A 66 70.94 53.07 12.83
N LEU A 67 71.50 52.52 13.95
CA LEU A 67 71.19 51.24 14.55
C LEU A 67 69.77 51.20 15.03
N ILE A 68 69.22 52.34 15.48
CA ILE A 68 67.75 52.40 15.83
C ILE A 68 66.98 52.18 14.54
N GLY A 69 67.52 52.50 13.39
CA GLY A 69 66.96 52.13 12.08
C GLY A 69 65.49 52.32 11.91
N LEU A 70 64.95 53.63 11.88
CA LEU A 70 63.61 53.95 11.78
C LEU A 70 63.37 54.53 10.36
N GLU A 71 62.18 55.26 10.09
CA GLU A 71 61.82 55.74 8.76
C GLU A 71 61.45 57.17 8.91
N GLY A 72 61.43 57.93 7.82
CA GLY A 72 61.04 59.35 7.84
C GLY A 72 60.55 59.74 6.45
N THR A 73 60.82 60.99 6.03
CA THR A 73 60.55 61.44 4.70
C THR A 73 61.90 61.58 3.92
N TYR A 74 63.00 61.51 4.65
CA TYR A 74 64.35 61.65 4.07
C TYR A 74 64.82 60.25 3.73
N ILE A 75 64.07 59.22 4.22
CA ILE A 75 64.11 57.89 3.95
C ILE A 75 62.88 57.65 3.07
N ARG A 76 63.09 57.47 1.75
CA ARG A 76 62.08 57.47 0.75
C ARG A 76 61.60 56.10 0.58
N TYR A 77 60.40 56.03 -0.09
CA TYR A 77 59.73 54.81 -0.31
C TYR A 77 59.56 54.44 -1.72
N PHE A 78 60.03 53.23 -2.07
CA PHE A 78 59.81 52.62 -3.37
C PHE A 78 58.95 51.47 -2.98
N ASN A 79 57.82 51.27 -3.66
CA ASN A 79 56.78 50.40 -3.05
C ASN A 79 57.14 48.98 -2.86
N ASP A 80 57.72 48.37 -3.92
CA ASP A 80 57.87 46.89 -3.84
C ASP A 80 59.36 46.59 -3.69
N ILE A 90 62.13 49.12 -5.02
CA ILE A 90 63.15 48.79 -3.98
C ILE A 90 62.57 48.28 -2.71
N GLU A 91 61.97 49.27 -1.99
CA GLU A 91 61.41 49.25 -0.66
C GLU A 91 61.81 50.54 -0.07
N PHE A 92 61.99 50.72 1.27
CA PHE A 92 62.50 51.96 1.87
C PHE A 92 63.91 52.02 1.48
N LYS A 93 64.45 53.21 1.16
CA LYS A 93 65.83 53.32 0.75
C LYS A 93 66.32 54.56 1.50
N ILE A 94 67.69 54.54 1.78
CA ILE A 94 68.32 55.68 2.39
C ILE A 94 69.49 55.82 1.46
N ALA A 95 69.98 57.09 1.26
CA ALA A 95 71.14 57.44 0.54
C ALA A 95 72.34 56.88 1.30
N LYS A 96 73.39 56.29 0.62
CA LYS A 96 74.60 55.84 1.37
C LYS A 96 75.72 56.81 1.12
N LYS A 97 76.74 56.74 2.05
CA LYS A 97 77.83 57.68 2.10
C LYS A 97 78.44 57.52 3.41
N MET A 98 79.76 57.88 3.38
CA MET A 98 80.77 57.89 4.34
C MET A 98 81.16 56.55 4.89
N ASP A 99 82.42 56.29 4.76
CA ASP A 99 83.21 55.23 5.42
C ASP A 99 82.97 53.84 4.90
N PRO A 100 83.98 53.09 4.40
CA PRO A 100 83.86 51.74 3.84
C PRO A 100 83.36 50.81 4.89
N SER A 101 83.81 50.98 6.15
CA SER A 101 83.53 50.07 7.26
C SER A 101 82.04 50.05 7.60
N PHE A 102 81.44 51.28 7.67
CA PHE A 102 80.00 51.50 7.95
C PHE A 102 79.21 50.95 6.83
N LYS A 103 79.54 51.14 5.50
CA LYS A 103 78.72 50.58 4.38
C LYS A 103 78.65 49.09 4.41
N THR A 104 79.76 48.40 4.71
CA THR A 104 79.76 47.01 4.73
C THR A 104 78.81 46.45 5.86
N PHE A 105 78.82 47.03 7.04
CA PHE A 105 77.97 46.69 8.19
C PHE A 105 76.53 46.98 7.80
N SER A 106 76.32 48.21 7.12
CA SER A 106 75.07 48.77 6.66
C SER A 106 74.48 47.78 5.68
N ARG A 107 75.34 47.10 4.80
CA ARG A 107 74.90 46.10 3.90
C ARG A 107 74.43 44.93 4.63
N ARG A 108 75.16 44.45 5.70
CA ARG A 108 74.75 43.22 6.42
C ARG A 108 73.40 43.48 7.13
N ILE A 109 73.22 44.71 7.70
CA ILE A 109 72.10 45.33 8.39
C ILE A 109 70.91 45.41 7.46
N VAL A 110 71.17 45.69 6.18
CA VAL A 110 70.12 45.79 5.17
C VAL A 110 69.35 44.55 5.13
N ARG A 111 69.98 43.34 5.11
CA ARG A 111 69.33 42.06 5.01
C ARG A 111 68.44 41.84 6.18
N TYR A 112 68.90 42.19 7.42
CA TYR A 112 68.19 42.09 8.66
C TYR A 112 66.99 42.87 8.60
N GLY A 113 67.11 44.11 8.08
CA GLY A 113 66.04 45.11 7.84
C GLY A 113 65.04 44.64 6.83
N LYS A 114 65.52 43.90 5.78
CA LYS A 114 64.68 43.40 4.80
C LYS A 114 63.73 42.42 5.35
N GLN A 115 64.21 41.46 6.21
CA GLN A 115 63.31 40.52 6.70
C GLN A 115 62.13 41.03 7.58
N TYR A 116 62.38 41.97 8.47
CA TYR A 116 61.38 42.68 9.26
C TYR A 116 60.31 43.42 8.38
N MET A 117 60.74 44.12 7.30
CA MET A 117 59.88 44.84 6.43
C MET A 117 58.98 43.95 5.65
N ILE A 118 59.57 42.79 5.15
CA ILE A 118 58.97 41.87 4.33
C ILE A 118 57.85 41.08 5.02
N LEU A 119 58.16 40.71 6.33
CA LEU A 119 57.22 40.03 7.23
C LEU A 119 56.01 40.88 7.45
N THR A 120 56.08 42.21 7.66
CA THR A 120 54.89 43.01 7.93
C THR A 120 53.95 42.88 6.78
N ARG A 121 54.46 42.83 5.58
CA ARG A 121 53.64 42.66 4.40
C ARG A 121 52.93 41.32 4.41
N ALA A 122 53.61 40.22 4.80
CA ALA A 122 53.09 38.86 4.78
C ALA A 122 51.94 38.85 5.77
N TYR A 123 52.14 39.51 6.95
CA TYR A 123 51.16 39.46 8.05
C TYR A 123 49.80 40.06 7.74
N GLU A 124 49.94 41.24 7.07
CA GLU A 124 48.89 42.12 6.55
C GLU A 124 48.06 41.35 5.54
N LYS A 125 48.73 40.51 4.74
CA LYS A 125 48.31 39.77 3.54
C LYS A 125 47.21 38.84 4.00
N TRP A 126 47.48 38.16 5.13
CA TRP A 126 46.70 36.99 5.50
C TRP A 126 45.95 37.39 6.66
N SER A 127 45.43 38.65 6.68
CA SER A 127 44.56 39.16 7.66
C SER A 127 43.71 40.10 6.84
N ASP A 128 42.45 40.10 7.31
CA ASP A 128 41.35 40.88 6.80
C ASP A 128 41.07 40.47 5.38
N THR A 129 41.32 39.15 5.01
CA THR A 129 41.20 38.72 3.63
C THR A 129 40.54 37.40 3.71
N SER A 130 40.85 36.32 4.50
CA SER A 130 41.96 36.16 5.44
C SER A 130 42.97 35.20 4.89
N PHE A 131 42.90 35.00 3.58
CA PHE A 131 43.81 34.24 2.69
C PHE A 131 44.66 33.26 3.31
N GLY A 132 44.20 32.00 3.34
CA GLY A 132 44.83 30.82 3.90
C GLY A 132 44.55 30.74 5.36
N MET A 133 43.93 29.71 5.91
CA MET A 133 43.85 29.40 7.37
C MET A 133 45.18 29.03 7.95
N VAL A 134 46.04 28.29 7.25
CA VAL A 134 47.38 27.94 7.67
C VAL A 134 48.18 29.27 7.71
N LEU A 135 47.95 30.15 6.74
CA LEU A 135 48.71 31.41 6.61
C LEU A 135 48.49 32.30 7.76
N GLN A 136 47.26 32.51 8.24
CA GLN A 136 46.98 33.42 9.33
C GLN A 136 47.69 32.85 10.55
N ARG A 137 47.61 31.50 10.66
CA ARG A 137 48.14 30.84 11.77
C ARG A 137 49.66 30.96 11.90
N PHE A 138 50.34 30.90 10.71
CA PHE A 138 51.77 31.10 10.61
C PHE A 138 52.13 32.52 11.03
N ALA A 139 51.38 33.48 10.51
CA ALA A 139 51.71 34.91 10.72
C ALA A 139 51.68 35.33 12.19
N TYR A 140 50.69 34.85 12.96
CA TYR A 140 50.54 35.05 14.34
C TYR A 140 51.63 34.39 15.12
N GLU A 141 52.00 33.11 14.74
CA GLU A 141 53.05 32.50 15.55
C GLU A 141 54.38 33.19 15.38
N ILE A 142 54.76 33.63 14.16
CA ILE A 142 55.95 34.38 14.02
C ILE A 142 55.86 35.67 14.75
N ARG A 143 54.71 36.39 14.60
CA ARG A 143 54.71 37.71 15.01
C ARG A 143 54.95 37.80 16.48
N ARG A 144 54.30 36.86 17.30
CA ARG A 144 54.63 36.91 18.66
C ARG A 144 56.06 36.57 18.90
N PHE A 145 56.67 35.60 18.28
CA PHE A 145 57.98 35.05 18.65
C PHE A 145 59.02 36.07 18.41
N LEU A 146 58.93 36.75 17.25
CA LEU A 146 59.84 37.79 16.74
C LEU A 146 59.75 38.96 17.73
N GLU A 147 58.57 39.33 18.19
CA GLU A 147 58.47 40.44 19.06
C GLU A 147 59.22 40.16 20.35
N ASP A 148 59.09 38.91 20.90
CA ASP A 148 59.76 38.72 22.13
C ASP A 148 61.26 38.86 22.02
N VAL A 149 61.96 38.27 21.02
CA VAL A 149 63.38 38.41 20.88
C VAL A 149 63.79 39.76 20.65
N TYR A 150 63.05 40.39 19.67
CA TYR A 150 63.62 41.53 19.05
C TYR A 150 63.68 42.60 20.06
N LEU A 151 62.52 42.69 20.83
CA LEU A 151 62.24 43.76 21.72
C LEU A 151 63.30 43.72 22.86
N LYS A 152 63.52 42.50 23.41
CA LYS A 152 64.34 42.35 24.64
C LYS A 152 65.75 42.75 24.44
N THR A 153 66.30 42.15 23.33
CA THR A 153 67.73 42.38 23.04
C THR A 153 68.11 43.78 22.71
N LEU A 154 67.31 44.39 21.83
CA LEU A 154 67.58 45.68 21.38
C LEU A 154 67.45 46.75 22.44
N VAL A 155 66.31 46.70 23.26
CA VAL A 155 66.02 47.77 24.24
C VAL A 155 67.09 47.85 25.35
N GLU A 156 67.53 46.70 25.84
CA GLU A 156 68.52 46.57 26.89
C GLU A 156 69.83 47.10 26.40
N ARG A 157 70.16 46.72 25.19
CA ARG A 157 71.41 47.25 24.63
C ARG A 157 71.48 48.73 24.38
N LEU A 158 70.36 49.34 23.79
CA LEU A 158 70.39 50.77 23.43
C LEU A 158 70.49 51.67 24.68
N GLU A 159 69.74 51.32 25.78
CA GLU A 159 69.74 51.95 27.08
C GLU A 159 71.08 51.81 27.77
N ARG A 160 71.72 50.61 27.65
CA ARG A 160 73.13 50.28 28.14
C ARG A 160 74.20 51.07 27.46
N ASP A 161 74.11 51.24 26.13
CA ASP A 161 74.97 51.84 25.30
C ASP A 161 74.98 53.24 25.70
N PHE A 162 73.81 53.90 25.97
CA PHE A 162 73.74 55.24 26.44
C PHE A 162 74.32 55.35 27.80
N ASN A 163 74.01 54.42 28.76
CA ASN A 163 74.43 54.50 30.16
C ASN A 163 75.94 54.53 30.37
N LYS A 164 76.74 53.65 29.75
CA LYS A 164 78.22 53.57 29.98
C LYS A 164 78.86 54.85 29.51
N VAL A 165 78.59 55.22 28.24
CA VAL A 165 79.22 56.36 27.54
C VAL A 165 78.10 56.80 26.63
N PRO A 166 77.94 57.97 26.07
CA PRO A 166 76.73 58.30 25.29
C PRO A 166 76.29 57.32 24.19
N ASN A 167 77.25 56.50 23.62
CA ASN A 167 76.99 55.59 22.49
C ASN A 167 77.81 54.38 22.83
N PHE A 168 77.65 53.20 22.20
CA PHE A 168 78.44 51.99 22.49
C PHE A 168 78.44 50.93 21.35
N SER A 169 79.12 49.80 21.58
CA SER A 169 79.64 48.77 20.66
C SER A 169 78.62 47.66 20.39
N ILE A 170 78.00 47.83 19.18
CA ILE A 170 77.01 47.01 18.51
C ILE A 170 77.39 45.56 18.13
N ARG A 171 78.67 45.34 17.64
CA ARG A 171 79.06 44.28 16.79
C ARG A 171 78.84 42.87 17.29
N GLU A 172 79.13 42.49 18.59
CA GLU A 172 78.86 41.16 19.11
C GLU A 172 77.38 40.91 19.20
N LEU A 173 76.74 42.02 19.63
CA LEU A 173 75.35 42.02 20.06
C LEU A 173 74.49 41.64 18.92
N GLU A 174 74.84 42.27 17.74
CA GLU A 174 74.10 42.15 16.51
C GLU A 174 74.14 40.79 16.01
N GLN A 175 75.33 40.19 16.16
CA GLN A 175 75.45 38.81 15.76
C GLN A 175 74.58 37.86 16.53
N ILE A 176 74.44 37.91 17.89
CA ILE A 176 73.72 36.82 18.58
C ILE A 176 72.26 36.95 18.08
N ILE A 177 71.66 38.21 18.10
CA ILE A 177 70.26 38.34 17.76
C ILE A 177 70.03 37.91 16.32
N ASN A 178 70.98 38.25 15.40
CA ASN A 178 71.01 37.90 13.99
C ASN A 178 71.11 36.45 13.70
N GLU A 179 71.90 35.61 14.50
CA GLU A 179 71.83 34.24 14.14
C GLU A 179 70.48 33.60 14.32
N THR A 180 69.85 33.79 15.44
CA THR A 180 68.67 33.05 15.75
C THR A 180 67.56 33.38 14.78
N GLU A 181 67.44 34.73 14.62
CA GLU A 181 66.30 35.26 13.78
C GLU A 181 66.32 34.80 12.40
N VAL A 182 67.57 35.00 11.79
CA VAL A 182 67.72 34.97 10.33
C VAL A 182 67.25 33.61 9.91
N ASN A 183 67.82 32.53 10.53
CA ASN A 183 67.93 31.23 9.97
C ASN A 183 66.52 30.73 9.80
N LYS A 184 65.79 30.84 10.91
CA LYS A 184 64.54 30.14 10.93
C LYS A 184 63.57 30.77 9.92
N GLN A 185 63.52 32.13 10.10
CA GLN A 185 62.55 32.99 9.56
C GLN A 185 62.72 33.08 8.11
N MET A 186 63.93 33.21 7.66
CA MET A 186 64.24 33.59 6.32
C MET A 186 63.81 32.60 5.28
N GLU A 187 64.15 31.32 5.74
CA GLU A 187 63.93 30.20 4.83
C GLU A 187 62.53 29.99 4.56
N LEU A 188 61.74 30.04 5.69
CA LEU A 188 60.39 29.66 5.57
C LEU A 188 59.56 30.56 4.69
N LEU A 189 59.74 31.86 4.97
CA LEU A 189 58.97 32.91 4.39
C LEU A 189 59.26 33.09 2.97
N TYR A 190 60.51 32.89 2.61
CA TYR A 190 60.94 32.94 1.19
C TYR A 190 60.29 31.81 0.36
N ASN A 191 60.17 30.56 0.91
CA ASN A 191 59.62 29.38 0.25
C ASN A 191 58.22 29.65 -0.09
N ILE A 192 57.55 30.22 0.90
CA ILE A 192 56.17 30.57 0.79
C ILE A 192 55.92 31.67 -0.26
N TYR A 193 56.80 32.72 -0.33
CA TYR A 193 56.62 33.75 -1.29
C TYR A 193 56.72 33.31 -2.71
N GLU A 194 57.76 32.40 -2.92
CA GLU A 194 57.95 31.86 -4.21
C GLU A 194 56.74 31.04 -4.63
N GLU A 195 56.21 30.25 -3.74
CA GLU A 195 55.05 29.42 -4.10
C GLU A 195 53.79 30.24 -4.45
N ILE A 196 53.43 31.34 -3.72
CA ILE A 196 52.26 32.16 -3.99
C ILE A 196 52.39 32.89 -5.35
N PHE A 197 53.57 33.40 -5.70
CA PHE A 197 53.78 34.04 -7.02
C PHE A 197 53.56 32.93 -8.08
N ARG A 198 54.07 31.67 -7.88
CA ARG A 198 53.92 30.57 -8.85
C ARG A 198 52.47 30.29 -8.94
N GLU A 199 51.64 30.26 -7.82
CA GLU A 199 50.23 29.95 -7.95
C GLU A 199 49.39 30.91 -8.73
N ILE A 200 49.62 32.24 -8.56
CA ILE A 200 48.86 33.30 -9.33
C ILE A 200 49.22 33.19 -10.83
N GLU A 201 50.55 32.97 -11.19
CA GLU A 201 51.06 32.89 -12.49
C GLU A 201 50.43 31.70 -13.19
N GLU A 202 50.24 30.57 -12.51
CA GLU A 202 49.59 29.41 -12.93
C GLU A 202 48.11 29.57 -13.18
N ARG A 203 47.44 30.33 -12.36
CA ARG A 203 46.05 30.60 -12.52
C ARG A 203 45.88 31.33 -13.79
N ARG A 204 46.73 32.29 -14.15
CA ARG A 204 46.62 32.87 -15.42
C ARG A 204 46.94 31.85 -16.55
N THR A 205 47.95 30.97 -16.44
CA THR A 205 48.23 30.04 -17.42
C THR A 205 49.17 29.03 -16.90
N LYS A 243 46.26 22.98 -3.93
CA LYS A 243 46.29 24.14 -3.07
C LYS A 243 46.72 23.62 -1.68
N GLY A 244 45.80 23.33 -0.70
CA GLY A 244 46.21 22.97 0.67
C GLY A 244 47.12 21.74 0.86
N GLY A 245 46.68 20.57 0.28
CA GLY A 245 47.32 19.29 0.55
C GLY A 245 48.72 19.25 0.01
N ALA A 246 48.87 19.90 -1.18
CA ALA A 246 50.11 20.18 -1.85
C ALA A 246 51.03 21.07 -1.01
N ILE A 247 50.47 22.14 -0.31
CA ILE A 247 51.23 23.02 0.52
C ILE A 247 51.86 22.33 1.67
N LEU A 248 51.15 21.42 2.33
CA LEU A 248 51.60 20.56 3.42
C LEU A 248 52.75 19.60 2.96
N LYS A 249 52.59 19.08 1.73
CA LYS A 249 53.50 18.19 1.08
C LYS A 249 54.79 18.92 0.84
N ILE A 250 54.71 20.24 0.42
CA ILE A 250 55.85 21.05 0.17
C ILE A 250 56.65 21.27 1.36
N PHE A 251 55.93 21.52 2.46
CA PHE A 251 56.64 21.82 3.72
C PHE A 251 57.47 20.69 4.25
N GLN A 252 56.94 19.40 4.15
CA GLN A 252 57.69 18.23 4.55
C GLN A 252 58.90 18.03 3.70
N GLN A 253 58.76 18.26 2.43
CA GLN A 253 59.86 18.10 1.52
C GLN A 253 60.96 19.06 1.77
N LYS A 254 60.56 20.32 2.08
CA LYS A 254 61.41 21.45 2.49
C LYS A 254 62.13 21.29 3.70
N ILE A 255 61.48 20.67 4.69
CA ILE A 255 62.00 20.30 6.02
C ILE A 255 63.10 19.29 5.85
N LEU A 256 62.86 18.33 4.90
CA LEU A 256 63.93 17.38 4.41
C LEU A 256 65.05 18.03 3.68
N GLU A 257 64.86 19.08 2.86
CA GLU A 257 65.95 19.75 2.26
C GLU A 257 66.77 20.47 3.31
N ASN A 258 66.13 21.08 4.33
CA ASN A 258 66.74 21.79 5.35
C ASN A 258 67.63 20.94 6.17
N LEU A 259 67.16 19.65 6.36
CA LEU A 259 67.49 18.64 7.30
C LEU A 259 68.82 18.81 7.91
N GLY A 260 68.76 18.86 9.26
CA GLY A 260 69.80 19.28 10.18
C GLY A 260 69.57 20.73 10.46
N ASP A 261 70.44 21.58 11.16
CA ASP A 261 70.03 22.85 11.68
C ASP A 261 68.95 22.60 12.64
N ARG A 262 69.31 21.76 13.62
CA ARG A 262 68.36 21.02 14.34
C ARG A 262 67.19 21.84 14.85
N SER A 263 67.50 23.04 15.28
CA SER A 263 66.66 24.09 15.83
C SER A 263 65.62 24.52 14.85
N SER A 264 66.07 24.81 13.56
CA SER A 264 65.13 25.31 12.56
C SER A 264 64.24 24.20 12.33
N VAL A 265 64.72 23.00 12.02
CA VAL A 265 63.86 21.85 11.57
C VAL A 265 62.87 21.58 12.61
N MET A 266 63.33 21.61 13.89
CA MET A 266 62.51 21.38 15.03
C MET A 266 61.41 22.47 15.19
N PHE A 267 61.78 23.81 14.92
CA PHE A 267 60.79 24.93 15.00
C PHE A 267 59.64 24.74 14.00
N LEU A 268 60.05 24.45 12.77
CA LEU A 268 59.19 24.21 11.67
C LEU A 268 58.33 23.04 11.85
N LYS A 269 58.86 21.97 12.41
CA LYS A 269 58.09 20.78 12.79
C LYS A 269 57.02 21.08 13.86
N LYS A 270 57.30 21.84 14.86
CA LYS A 270 56.31 22.28 15.79
C LYS A 270 55.25 23.14 15.16
N LEU A 271 55.59 24.12 14.21
CA LEU A 271 54.57 24.87 13.62
C LEU A 271 53.71 23.95 12.80
N LEU A 272 54.30 22.94 12.10
CA LEU A 272 53.61 22.06 11.21
C LEU A 272 52.57 21.27 11.95
N ASN A 273 53.01 20.77 13.14
CA ASN A 273 52.23 19.91 13.98
C ASN A 273 50.98 20.69 14.41
N ASN A 274 51.13 22.04 14.77
CA ASN A 274 49.93 22.80 15.18
C ASN A 274 48.90 22.93 14.10
N ILE A 275 49.33 23.16 12.81
CA ILE A 275 48.55 23.25 11.64
C ILE A 275 47.93 21.96 11.33
N SER A 276 48.74 20.83 11.49
CA SER A 276 48.25 19.54 11.23
C SER A 276 47.12 19.12 12.12
N GLN A 277 47.01 19.70 13.33
CA GLN A 277 45.94 19.33 14.19
C GLN A 277 44.59 19.63 13.54
N ASP A 278 44.50 20.79 12.81
CA ASP A 278 43.16 21.13 12.22
C ASP A 278 42.77 20.25 11.19
N TYR A 279 43.74 19.80 10.41
CA TYR A 279 43.58 18.79 9.45
C TYR A 279 43.21 17.41 9.93
N CYS A 280 43.95 16.96 11.01
CA CYS A 280 43.77 15.64 11.67
C CYS A 280 42.38 15.45 12.31
N THR A 281 41.95 16.57 12.94
CA THR A 281 40.60 16.72 13.48
C THR A 281 39.54 16.71 12.37
N MET A 282 39.81 17.41 11.26
CA MET A 282 38.90 17.43 10.10
C MET A 282 38.80 16.05 9.52
N LEU A 283 39.92 15.32 9.39
CA LEU A 283 40.08 13.99 8.89
C LEU A 283 39.33 13.02 9.81
N TYR A 284 39.43 13.16 11.16
CA TYR A 284 38.85 12.35 12.23
C TYR A 284 37.41 12.45 12.11
N GLU A 285 36.91 13.65 11.92
CA GLU A 285 35.53 14.08 11.75
C GLU A 285 34.94 13.42 10.58
N TRP A 286 35.71 13.39 9.45
CA TRP A 286 35.26 12.75 8.18
C TRP A 286 35.12 11.22 8.45
N LEU A 287 36.21 10.60 8.88
CA LEU A 287 36.20 9.19 8.97
C LEU A 287 35.32 8.59 9.98
N THR A 288 35.34 9.27 11.17
CA THR A 288 34.57 8.86 12.29
C THR A 288 33.10 9.30 12.34
N GLN A 289 32.72 10.47 11.84
CA GLN A 289 31.40 11.05 12.07
C GLN A 289 30.81 11.55 10.78
N GLY A 290 31.38 11.01 9.65
CA GLY A 290 30.96 11.15 8.31
C GLY A 290 30.99 12.62 7.81
N ILE A 291 31.76 13.53 8.46
CA ILE A 291 31.72 14.98 8.15
C ILE A 291 33.03 15.60 7.78
N LEU A 292 32.94 16.24 6.58
CA LEU A 292 33.96 17.06 5.89
C LEU A 292 33.34 18.39 5.83
N ASN A 293 34.12 19.44 5.44
CA ASN A 293 33.57 20.79 5.30
C ASN A 293 34.59 21.62 4.52
N ASP A 294 34.18 22.72 3.91
CA ASP A 294 34.90 23.72 3.27
C ASP A 294 34.44 25.01 4.02
N PRO A 295 35.31 25.62 4.76
CA PRO A 295 34.97 26.84 5.57
C PRO A 295 35.44 28.04 4.75
N TYR A 296 36.29 27.76 3.77
CA TYR A 296 36.84 28.83 3.02
C TYR A 296 37.13 28.31 1.63
N GLN A 297 36.48 27.16 1.22
CA GLN A 297 36.67 26.43 0.02
C GLN A 297 38.00 25.79 0.20
N GLU A 298 38.18 25.30 1.42
CA GLU A 298 39.33 24.59 1.81
C GLU A 298 38.95 23.22 2.24
N PHE A 299 39.04 22.36 1.21
CA PHE A 299 38.75 20.99 1.12
C PHE A 299 38.64 20.68 -0.33
N MET A 300 39.32 19.60 -0.70
CA MET A 300 39.45 19.14 -2.15
C MET A 300 38.15 18.61 -2.72
N THR A 301 37.44 17.84 -1.91
CA THR A 301 36.14 17.32 -2.22
C THR A 301 35.14 18.17 -1.52
N TYR A 302 34.08 18.51 -2.35
CA TYR A 302 33.05 19.47 -2.05
C TYR A 302 31.82 18.67 -2.37
N ASP A 303 30.72 18.97 -1.70
CA ASP A 303 29.48 18.29 -1.98
C ASP A 303 29.00 18.84 -3.31
N ASP A 304 28.18 18.01 -3.98
CA ASP A 304 27.59 18.15 -5.32
C ASP A 304 28.68 18.10 -6.38
N TRP A 320 15.96 11.62 -2.59
CA TRP A 320 16.39 12.98 -2.62
C TRP A 320 17.54 13.00 -1.70
N ASP A 321 18.73 13.10 -2.26
CA ASP A 321 19.93 13.12 -1.56
C ASP A 321 21.00 13.47 -2.59
N THR A 322 22.28 13.78 -2.20
CA THR A 322 23.27 14.25 -3.13
C THR A 322 24.60 13.52 -2.89
N GLN A 323 25.54 13.69 -3.91
CA GLN A 323 26.89 13.08 -3.98
C GLN A 323 27.95 14.21 -3.75
N TYR A 324 29.21 14.01 -3.93
CA TYR A 324 30.38 14.84 -3.82
C TYR A 324 31.23 14.56 -5.03
N PHE A 325 32.11 15.48 -5.36
CA PHE A 325 33.15 15.15 -6.36
C PHE A 325 34.22 16.13 -5.96
N ILE A 326 35.38 15.92 -6.58
CA ILE A 326 36.64 16.68 -6.39
C ILE A 326 36.69 17.84 -7.38
N ARG A 327 37.03 19.04 -6.93
CA ARG A 327 37.43 20.14 -7.89
C ARG A 327 38.86 20.05 -8.17
N LYS A 328 39.13 19.91 -9.50
CA LYS A 328 40.47 19.68 -9.94
C LYS A 328 41.46 20.82 -9.67
N ASP A 329 41.01 22.12 -9.75
CA ASP A 329 41.91 23.26 -9.56
C ASP A 329 42.59 23.27 -8.20
N VAL A 330 41.74 22.93 -7.16
CA VAL A 330 42.06 22.82 -5.74
C VAL A 330 42.91 21.62 -5.48
N LEU A 331 42.83 20.55 -6.31
CA LEU A 331 43.34 19.15 -6.11
C LEU A 331 44.64 19.13 -5.34
N LEU A 332 44.83 18.23 -4.42
CA LEU A 332 46.09 18.00 -3.82
C LEU A 332 47.03 17.11 -4.59
N ARG A 333 48.30 17.49 -4.54
CA ARG A 333 49.43 17.02 -5.26
C ARG A 333 49.73 15.56 -4.91
N ASP A 334 49.44 15.12 -3.67
CA ASP A 334 49.73 13.86 -3.05
C ASP A 334 49.22 12.57 -3.65
N CYS A 335 47.98 12.56 -4.17
CA CYS A 335 47.45 11.28 -4.63
C CYS A 335 47.37 11.19 -6.11
N ASP A 336 48.33 11.82 -6.82
CA ASP A 336 48.31 11.66 -8.23
C ASP A 336 49.29 10.54 -8.63
N SER A 337 48.75 9.55 -9.47
CA SER A 337 49.32 8.33 -9.94
C SER A 337 48.13 7.46 -9.86
N GLU A 338 48.11 6.43 -10.63
CA GLU A 338 47.06 5.44 -10.71
C GLU A 338 46.95 4.65 -9.39
N GLU A 339 48.11 4.17 -8.87
CA GLU A 339 48.17 3.41 -7.69
C GLU A 339 47.79 4.25 -6.47
N ASP A 340 48.30 5.49 -6.53
CA ASP A 340 48.09 6.49 -5.50
C ASP A 340 46.63 6.86 -5.47
N LYS A 341 46.02 7.02 -6.65
CA LYS A 341 44.62 7.37 -6.80
C LYS A 341 43.79 6.22 -6.18
N ASN A 342 44.19 4.94 -6.40
CA ASN A 342 43.44 3.91 -5.86
C ASN A 342 43.46 3.90 -4.35
N LEU A 343 44.61 4.24 -3.76
CA LEU A 343 44.77 4.29 -2.35
C LEU A 343 43.88 5.37 -1.80
N LEU A 344 43.76 6.53 -2.45
CA LEU A 344 42.89 7.59 -2.08
C LEU A 344 41.52 7.24 -2.20
N PHE A 345 41.10 6.50 -3.22
CA PHE A 345 39.75 6.06 -3.33
C PHE A 345 39.33 5.19 -2.26
N LYS A 346 40.17 4.23 -1.75
CA LYS A 346 39.77 3.33 -0.63
C LYS A 346 39.52 4.16 0.61
N MET A 347 40.35 5.19 0.85
CA MET A 347 40.02 6.08 1.96
C MET A 347 38.75 6.83 1.80
N LEU A 348 38.53 7.33 0.53
CA LEU A 348 37.38 8.19 0.27
C LEU A 348 36.02 7.45 0.47
N ARG A 349 35.98 6.15 -0.03
CA ARG A 349 34.80 5.24 0.17
C ARG A 349 34.64 5.01 1.61
N THR A 350 35.62 4.77 2.36
CA THR A 350 35.48 4.50 3.80
C THR A 350 34.89 5.68 4.50
N GLY A 351 35.30 6.92 4.18
CA GLY A 351 34.76 8.14 4.68
C GLY A 351 33.36 8.39 4.28
N ILE A 352 33.09 8.05 3.08
CA ILE A 352 31.76 8.11 2.50
C ILE A 352 30.84 7.10 3.21
N LEU A 353 31.25 5.86 3.58
CA LEU A 353 30.54 4.82 4.23
C LEU A 353 30.12 5.30 5.58
N LEU A 354 31.03 6.02 6.28
CA LEU A 354 30.67 6.66 7.50
C LEU A 354 29.62 7.73 7.22
N LYS A 355 29.70 8.54 6.18
CA LYS A 355 28.76 9.57 5.94
C LYS A 355 27.34 9.11 5.67
N VAL A 356 27.18 7.97 4.93
CA VAL A 356 25.86 7.44 4.81
C VAL A 356 25.23 6.91 6.07
N VAL A 357 26.04 6.35 6.94
CA VAL A 357 25.61 5.88 8.27
C VAL A 357 25.18 7.00 9.11
N ARG A 358 25.90 8.18 8.95
CA ARG A 358 25.56 9.42 9.59
C ARG A 358 24.20 9.94 8.99
N ALA A 359 23.95 9.74 7.70
CA ALA A 359 22.82 10.34 7.00
C ALA A 359 21.57 9.86 7.62
N SER A 360 21.60 8.56 8.09
CA SER A 360 20.55 7.89 8.83
C SER A 360 20.18 8.52 10.24
N LEU A 361 20.73 9.74 10.53
CA LEU A 361 20.97 10.71 11.63
C LEU A 361 20.10 10.68 12.78
N GLN A 362 18.98 9.83 12.72
CA GLN A 362 18.08 9.54 13.76
C GLN A 362 18.91 9.01 14.90
N ILE A 363 19.90 8.21 14.53
CA ILE A 363 20.83 7.66 15.46
C ILE A 363 22.13 8.45 15.25
N PRO A 364 22.64 9.22 16.21
CA PRO A 364 23.90 9.94 15.97
C PRO A 364 24.94 8.95 16.36
N THR A 365 25.87 8.72 15.39
CA THR A 365 26.91 7.77 15.61
C THR A 365 27.76 8.05 16.78
N ILE A 366 27.96 7.07 17.73
CA ILE A 366 28.85 7.23 18.89
C ILE A 366 29.55 5.93 19.16
N PRO A 367 30.80 5.89 19.70
CA PRO A 367 31.44 4.72 20.10
C PRO A 367 30.71 4.11 21.27
N SER A 368 30.12 2.95 21.07
CA SER A 368 29.34 2.24 22.01
C SER A 368 29.73 0.80 21.95
N ASN A 369 30.64 0.51 21.01
CA ASN A 369 31.35 -0.69 20.78
C ASN A 369 32.68 -0.36 20.03
N SER A 370 33.26 0.84 20.16
CA SER A 370 34.46 1.24 19.48
C SER A 370 35.69 1.74 20.34
N SER A 371 36.95 1.32 19.94
CA SER A 371 38.19 1.82 20.48
C SER A 371 38.90 2.72 19.55
N ASP A 372 38.17 3.21 18.55
CA ASP A 372 38.59 4.04 17.50
C ASP A 372 38.91 5.39 17.94
N ILE A 373 38.17 5.94 18.92
CA ILE A 373 38.38 7.36 19.30
C ILE A 373 39.70 7.61 19.86
N THR A 374 40.23 6.83 20.78
CA THR A 374 41.48 6.96 21.48
C THR A 374 42.64 6.88 20.59
N ILE A 375 42.71 6.01 19.63
CA ILE A 375 43.77 5.82 18.66
C ILE A 375 43.85 7.05 17.75
N GLN A 376 42.65 7.52 17.37
CA GLN A 376 42.46 8.71 16.61
C GLN A 376 42.92 9.94 17.34
N GLU A 377 42.68 10.11 18.65
CA GLU A 377 43.09 11.25 19.44
C GLU A 377 44.55 11.43 19.57
N ILE A 378 45.28 10.26 19.75
CA ILE A 378 46.76 10.14 19.77
C ILE A 378 47.33 10.49 18.45
N ASN A 379 46.63 10.00 17.43
CA ASN A 379 46.91 10.13 15.99
C ASN A 379 46.86 11.58 15.62
N ASP A 380 45.86 12.39 16.12
CA ASP A 380 45.76 13.79 15.78
C ASP A 380 47.02 14.55 16.30
N PHE A 381 47.47 14.19 17.51
CA PHE A 381 48.66 14.76 18.08
C PHE A 381 49.84 14.37 17.33
N ALA A 382 49.92 13.20 16.72
CA ALA A 382 51.12 12.62 16.09
C ALA A 382 51.76 13.44 15.03
N ASP A 383 50.84 13.89 14.15
CA ASP A 383 51.06 14.38 12.81
C ASP A 383 51.43 13.21 11.98
N LEU A 384 52.69 13.22 11.50
CA LEU A 384 53.28 12.18 10.69
C LEU A 384 52.46 11.78 9.49
N MET A 385 53.00 12.06 8.22
CA MET A 385 52.32 11.69 7.09
C MET A 385 52.94 10.42 6.71
N GLU A 386 52.11 9.43 6.50
CA GLU A 386 52.49 8.05 6.04
C GLU A 386 51.18 7.51 5.72
N GLY A 387 51.01 6.94 4.46
CA GLY A 387 49.76 6.43 4.07
C GLY A 387 49.33 5.19 4.89
N SER A 388 50.29 4.34 5.12
CA SER A 388 50.18 3.10 5.83
C SER A 388 49.71 3.27 7.31
N ASN A 389 50.19 4.21 8.16
CA ASN A 389 49.70 4.34 9.50
C ASN A 389 48.23 4.75 9.56
N LEU A 390 47.84 5.73 8.69
CA LEU A 390 46.52 6.27 8.56
C LEU A 390 45.66 5.16 8.06
N GLU A 391 46.27 4.31 7.14
CA GLU A 391 45.55 3.18 6.48
C GLU A 391 45.09 2.13 7.43
N LEU A 392 46.01 1.83 8.46
CA LEU A 392 45.65 0.95 9.53
C LEU A 392 44.49 1.51 10.27
N TYR A 393 44.40 2.84 10.56
CA TYR A 393 43.30 3.50 11.22
C TYR A 393 42.06 3.29 10.34
N VAL A 394 42.20 3.50 8.98
CA VAL A 394 41.05 3.43 8.03
C VAL A 394 40.50 2.06 7.96
N ASP A 395 41.36 0.99 7.92
CA ASP A 395 40.87 -0.41 7.95
C ASP A 395 40.10 -0.64 9.27
N LYS A 396 40.56 -0.08 10.36
CA LYS A 396 39.85 -0.11 11.69
C LYS A 396 38.47 0.57 11.74
N CYS A 397 38.28 1.79 11.20
CA CYS A 397 37.08 2.57 11.09
C CYS A 397 36.11 1.92 10.16
N TYR A 398 36.68 1.35 9.05
CA TYR A 398 35.96 0.69 7.98
C TYR A 398 35.32 -0.53 8.71
N SER A 399 36.10 -1.37 9.51
CA SER A 399 35.62 -2.63 10.01
C SER A 399 34.46 -2.51 10.91
N ARG A 400 34.52 -1.41 11.80
CA ARG A 400 33.36 -0.97 12.61
C ARG A 400 32.18 -0.57 11.77
N ALA A 401 32.39 0.22 10.71
CA ALA A 401 31.39 0.78 9.83
C ALA A 401 30.69 -0.32 9.13
N ASN A 402 31.39 -1.40 8.68
CA ASN A 402 30.89 -2.52 7.92
C ASN A 402 29.92 -3.28 8.77
N GLU A 403 30.35 -3.54 10.00
CA GLU A 403 29.59 -4.28 10.97
C GLU A 403 28.35 -3.59 11.34
N ILE A 404 28.42 -2.30 11.57
CA ILE A 404 27.28 -1.41 11.88
C ILE A 404 26.26 -1.32 10.80
N PHE A 405 26.78 -1.32 9.51
CA PHE A 405 25.97 -1.27 8.29
C PHE A 405 25.22 -2.59 8.18
N LEU A 406 25.96 -3.65 8.54
CA LEU A 406 25.35 -4.96 8.51
C LEU A 406 24.09 -4.98 9.47
N LYS A 407 24.33 -4.47 10.72
CA LYS A 407 23.29 -4.41 11.71
C LYS A 407 22.05 -3.55 11.31
N LEU A 408 22.35 -2.42 10.64
CA LEU A 408 21.31 -1.50 10.16
C LEU A 408 20.34 -2.16 9.18
N PHE A 409 20.92 -2.85 8.21
CA PHE A 409 20.18 -3.62 7.30
C PHE A 409 19.53 -4.79 7.92
N PHE A 410 20.32 -5.65 8.60
CA PHE A 410 19.92 -6.89 9.09
C PHE A 410 18.87 -6.84 10.22
N GLN A 411 19.18 -6.14 11.30
CA GLN A 411 18.28 -5.93 12.47
C GLN A 411 17.18 -5.01 12.16
N GLY A 412 17.51 -3.76 11.70
CA GLY A 412 16.52 -2.70 11.64
C GLY A 412 15.52 -2.70 10.53
N TYR A 413 16.18 -2.84 9.31
CA TYR A 413 15.45 -3.03 8.10
C TYR A 413 14.90 -4.44 7.74
N ASP A 414 15.49 -5.48 8.38
CA ASP A 414 15.24 -6.92 8.16
C ASP A 414 15.65 -7.29 6.80
N LEU A 415 16.97 -7.28 6.60
CA LEU A 415 17.69 -7.59 5.35
C LEU A 415 17.48 -8.90 4.74
N ILE A 416 17.48 -9.94 5.57
CA ILE A 416 17.31 -11.30 5.13
C ILE A 416 16.01 -11.46 4.43
N ASN A 417 14.90 -10.77 4.92
CA ASN A 417 13.65 -10.76 4.23
C ASN A 417 13.74 -10.08 2.88
N VAL A 418 14.51 -8.96 2.84
CA VAL A 418 14.62 -8.02 1.72
C VAL A 418 15.20 -8.72 0.61
N LEU A 419 16.22 -9.59 0.93
CA LEU A 419 16.90 -10.41 -0.03
C LEU A 419 15.91 -11.34 -0.73
N LYS A 420 15.01 -11.91 0.10
CA LYS A 420 13.91 -12.80 -0.27
C LYS A 420 12.99 -12.06 -1.21
N HIS A 421 12.72 -10.76 -0.96
CA HIS A 421 11.96 -9.86 -1.82
C HIS A 421 12.55 -9.70 -3.12
N LEU A 422 13.84 -9.50 -3.15
CA LEU A 422 14.55 -9.24 -4.36
C LEU A 422 14.40 -10.43 -5.27
N GLN A 423 14.48 -11.63 -4.69
CA GLN A 423 14.28 -12.83 -5.46
C GLN A 423 12.87 -12.92 -6.11
N GLN A 424 11.84 -12.45 -5.30
CA GLN A 424 10.41 -12.54 -5.69
C GLN A 424 10.22 -11.74 -6.97
N ILE A 425 10.56 -10.44 -6.83
CA ILE A 425 10.53 -9.56 -7.98
C ILE A 425 11.67 -9.50 -9.03
N PHE A 426 12.93 -9.23 -8.65
CA PHE A 426 13.89 -9.11 -9.68
C PHE A 426 14.16 -10.30 -10.43
N LEU A 427 14.37 -11.45 -9.65
CA LEU A 427 14.74 -12.75 -10.17
C LEU A 427 13.53 -13.34 -10.89
N GLY A 428 12.22 -13.01 -10.44
CA GLY A 428 10.96 -13.34 -11.12
C GLY A 428 10.85 -14.83 -11.03
N TYR A 429 11.28 -15.30 -9.88
CA TYR A 429 11.33 -16.75 -9.58
C TYR A 429 10.09 -17.17 -8.82
N GLN A 430 9.07 -16.33 -8.62
CA GLN A 430 7.98 -16.68 -7.78
C GLN A 430 6.83 -15.89 -8.39
N SER A 431 5.61 -16.23 -7.98
CA SER A 431 4.29 -15.79 -8.42
C SER A 431 3.91 -16.25 -9.81
N GLY A 432 4.12 -17.58 -10.15
CA GLY A 432 3.83 -18.06 -11.58
C GLY A 432 2.36 -17.99 -11.91
N HIS A 433 1.47 -18.34 -10.96
CA HIS A 433 0.04 -18.30 -11.19
C HIS A 433 -0.40 -16.95 -11.48
N ASN A 434 0.03 -15.94 -10.73
CA ASN A 434 -0.37 -14.58 -10.89
C ASN A 434 0.05 -13.96 -12.27
N VAL A 435 1.28 -14.19 -12.74
CA VAL A 435 1.78 -13.70 -14.03
C VAL A 435 1.03 -14.36 -15.18
N LEU A 436 0.69 -15.63 -15.09
CA LEU A 436 -0.01 -16.39 -16.05
C LEU A 436 -1.38 -15.77 -16.22
N LYS A 437 -2.15 -15.50 -15.19
CA LYS A 437 -3.52 -14.93 -15.27
C LYS A 437 -3.48 -13.48 -15.68
N PHE A 438 -2.38 -12.71 -15.31
CA PHE A 438 -2.14 -11.34 -15.80
C PHE A 438 -2.00 -11.45 -17.35
N LEU A 439 -1.25 -12.48 -17.84
CA LEU A 439 -0.96 -12.79 -19.23
C LEU A 439 -2.21 -13.11 -19.90
N THR A 440 -3.12 -13.86 -19.21
CA THR A 440 -4.37 -14.32 -19.73
C THR A 440 -5.21 -13.09 -20.05
N LYS A 441 -5.29 -12.18 -19.11
CA LYS A 441 -6.13 -11.04 -19.30
C LYS A 441 -5.69 -10.01 -20.26
N ASN A 442 -4.37 -9.77 -20.31
CA ASN A 442 -3.73 -8.89 -21.25
C ASN A 442 -3.64 -9.40 -22.64
N MET A 443 -3.78 -10.77 -22.73
CA MET A 443 -3.34 -11.49 -23.92
C MET A 443 -3.95 -10.99 -25.19
N GLY A 444 -5.28 -10.67 -25.27
CA GLY A 444 -5.87 -10.27 -26.53
C GLY A 444 -5.23 -8.99 -27.02
N GLU A 445 -4.99 -8.00 -26.22
CA GLU A 445 -4.39 -6.77 -26.61
C GLU A 445 -2.87 -6.98 -26.96
N LEU A 446 -2.09 -7.87 -26.27
CA LEU A 446 -0.60 -7.93 -26.53
C LEU A 446 -0.34 -8.66 -27.79
N THR A 447 -1.18 -9.65 -28.16
CA THR A 447 -0.94 -10.47 -29.33
C THR A 447 -0.88 -9.50 -30.55
N LYS A 448 -1.80 -8.49 -30.48
CA LYS A 448 -1.92 -7.34 -31.35
C LYS A 448 -0.77 -6.38 -31.05
N HIS A 449 -0.28 -5.79 -32.13
CA HIS A 449 0.73 -4.81 -32.04
C HIS A 449 0.40 -3.55 -31.26
N TYR A 450 1.47 -2.78 -30.88
CA TYR A 450 1.43 -1.58 -30.04
C TYR A 450 0.15 -0.72 -30.26
N ARG A 451 -0.49 -0.26 -29.18
CA ARG A 451 -1.67 0.54 -29.28
C ARG A 451 -1.79 1.46 -28.15
N ASN A 452 -2.70 2.47 -28.27
CA ASN A 452 -2.76 3.55 -27.36
C ASN A 452 -3.57 3.20 -26.11
N ASP A 453 -4.76 2.49 -26.27
CA ASP A 453 -5.57 2.11 -25.16
C ASP A 453 -5.08 1.06 -24.32
N ASN A 454 -4.21 0.19 -24.88
CA ASN A 454 -3.63 -1.02 -24.26
C ASN A 454 -3.00 -0.73 -22.92
N ASN A 455 -2.22 0.36 -22.99
CA ASN A 455 -1.40 0.84 -21.89
C ASN A 455 -2.27 1.11 -20.72
N ALA A 456 -3.43 1.76 -21.00
CA ALA A 456 -4.36 2.13 -19.93
C ALA A 456 -4.94 0.88 -19.31
N ASN A 457 -5.32 -0.09 -20.11
CA ASN A 457 -5.96 -1.25 -19.63
C ASN A 457 -5.07 -2.06 -18.81
N TYR A 458 -3.77 -2.12 -19.25
CA TYR A 458 -2.70 -2.79 -18.63
C TYR A 458 -2.36 -2.28 -17.26
N ASP A 459 -2.34 -0.99 -17.10
CA ASP A 459 -2.12 -0.33 -15.84
C ASP A 459 -3.19 -0.68 -14.85
N LYS A 460 -4.49 -0.71 -15.21
CA LYS A 460 -5.63 -1.05 -14.39
C LYS A 460 -5.54 -2.51 -13.98
N LEU A 461 -5.09 -3.44 -14.91
CA LEU A 461 -4.87 -4.79 -14.53
C LEU A 461 -3.82 -4.86 -13.49
N LEU A 462 -2.71 -4.10 -13.54
CA LEU A 462 -1.62 -4.07 -12.63
C LEU A 462 -2.12 -3.60 -11.28
N GLN A 463 -2.97 -2.52 -11.27
CA GLN A 463 -3.43 -1.87 -10.04
C GLN A 463 -4.25 -2.67 -9.23
N ASN A 464 -5.25 -3.42 -9.90
CA ASN A 464 -6.20 -4.23 -9.16
C ASN A 464 -5.37 -5.25 -8.56
N PHE A 465 -4.25 -5.74 -9.25
CA PHE A 465 -3.50 -6.73 -8.65
C PHE A 465 -2.75 -6.30 -7.42
N GLU A 466 -2.29 -5.04 -7.33
CA GLU A 466 -1.69 -4.50 -6.14
C GLU A 466 -2.52 -4.53 -4.89
N LEU A 467 -3.78 -4.17 -5.11
CA LEU A 467 -4.82 -4.32 -4.10
C LEU A 467 -5.09 -5.75 -3.77
N GLU A 468 -5.14 -6.58 -4.85
CA GLU A 468 -5.46 -8.04 -4.79
C GLU A 468 -4.59 -8.94 -4.00
N ARG A 469 -3.23 -8.55 -4.00
CA ARG A 469 -2.20 -9.38 -3.35
C ARG A 469 -2.17 -9.22 -1.79
N GLN A 470 -2.84 -8.20 -1.29
CA GLN A 470 -2.96 -7.98 0.17
C GLN A 470 -1.78 -8.45 1.03
N SER A 471 -0.67 -7.66 0.91
CA SER A 471 0.51 -7.72 1.68
C SER A 471 0.41 -7.87 3.20
N GLU A 472 1.53 -8.51 3.73
CA GLU A 472 1.73 -8.82 5.17
C GLU A 472 2.32 -7.64 5.89
N ASN A 473 2.56 -6.57 5.10
CA ASN A 473 3.18 -5.32 5.51
C ASN A 473 2.17 -4.30 5.01
N PRO A 474 2.12 -3.06 5.52
CA PRO A 474 1.10 -2.15 5.05
C PRO A 474 1.49 -1.56 3.78
N ASN A 475 2.84 -1.49 3.58
CA ASN A 475 3.48 -0.99 2.40
C ASN A 475 4.37 -2.05 1.74
N ASN A 476 4.24 -2.23 0.38
CA ASN A 476 4.95 -3.30 -0.32
C ASN A 476 5.77 -2.75 -1.49
N LEU A 477 7.00 -3.18 -1.47
CA LEU A 477 8.01 -2.86 -2.44
C LEU A 477 7.73 -3.31 -3.89
N MET A 478 7.24 -4.61 -3.99
CA MET A 478 7.00 -5.20 -5.21
C MET A 478 5.93 -4.55 -6.00
N ARG A 479 4.76 -4.31 -5.32
CA ARG A 479 3.56 -3.79 -5.90
C ARG A 479 3.54 -2.43 -6.40
N GLN A 480 3.93 -1.55 -5.47
CA GLN A 480 3.87 -0.10 -5.52
C GLN A 480 4.84 0.51 -6.38
N LEU A 481 6.17 0.12 -6.21
CA LEU A 481 7.33 0.78 -6.74
C LEU A 481 7.39 0.32 -8.22
N LEU A 482 6.85 -0.86 -8.55
CA LEU A 482 6.73 -1.47 -9.81
C LEU A 482 5.59 -0.84 -10.53
N MET A 483 5.87 -0.33 -11.74
CA MET A 483 5.06 0.42 -12.69
C MET A 483 5.36 -0.23 -14.04
N ILE A 484 4.45 0.01 -15.02
CA ILE A 484 4.45 -0.54 -16.35
C ILE A 484 4.95 0.62 -17.30
N GLN A 485 5.84 0.31 -18.29
CA GLN A 485 6.27 1.21 -19.33
C GLN A 485 5.81 0.64 -20.63
N PHE A 486 5.50 1.56 -21.62
CA PHE A 486 5.29 1.30 -22.97
C PHE A 486 6.31 2.22 -23.72
N ASP A 487 7.05 1.76 -24.76
CA ASP A 487 8.04 2.64 -25.48
C ASP A 487 7.50 3.41 -26.57
N THR A 488 6.31 2.99 -27.17
CA THR A 488 5.60 3.62 -28.29
C THR A 488 4.08 3.33 -28.27
N GLU A 489 3.31 4.46 -28.27
CA GLU A 489 1.86 4.50 -28.24
C GLU A 489 1.24 4.20 -26.88
N THR A 490 0.85 5.30 -26.25
CA THR A 490 0.30 5.22 -24.92
C THR A 490 -1.04 5.95 -24.92
N LYS A 554 7.05 -2.33 -34.04
CA LYS A 554 7.52 -3.72 -34.20
C LYS A 554 6.37 -4.57 -33.62
N SER A 555 6.33 -4.81 -32.30
CA SER A 555 5.28 -5.57 -31.63
C SER A 555 5.10 -4.75 -30.42
N ALA A 556 3.95 -5.03 -29.80
CA ALA A 556 3.56 -4.56 -28.48
C ALA A 556 4.52 -5.11 -27.39
N ILE A 557 4.87 -6.35 -27.60
CA ILE A 557 5.73 -7.09 -26.76
C ILE A 557 7.11 -6.56 -26.57
N TYR A 558 7.74 -6.08 -27.70
CA TYR A 558 9.07 -5.47 -27.75
C TYR A 558 9.14 -4.22 -26.95
N HIS A 559 8.07 -3.34 -27.07
CA HIS A 559 7.92 -2.04 -26.54
C HIS A 559 7.25 -2.01 -25.20
N LEU A 560 7.44 -3.13 -24.47
CA LEU A 560 6.75 -3.21 -23.18
C LEU A 560 7.83 -3.54 -22.14
N LYS A 561 7.92 -2.81 -21.06
CA LYS A 561 8.97 -3.01 -20.02
C LYS A 561 8.31 -2.58 -18.75
N PHE A 562 8.92 -2.94 -17.55
CA PHE A 562 8.50 -2.61 -16.25
C PHE A 562 9.56 -1.86 -15.63
N ASP A 563 9.21 -0.86 -14.79
CA ASP A 563 10.19 -0.13 -14.02
C ASP A 563 9.79 -0.15 -12.57
N ILE A 564 10.76 -0.46 -11.62
CA ILE A 564 10.39 -0.44 -10.23
C ILE A 564 11.23 0.67 -9.66
N ASN A 565 10.58 1.55 -8.82
CA ASN A 565 11.12 2.68 -8.11
C ASN A 565 11.99 2.13 -7.04
N ILE A 566 12.63 3.00 -6.24
CA ILE A 566 13.66 2.78 -5.28
C ILE A 566 13.22 3.24 -3.87
N PRO A 567 13.90 2.85 -2.75
CA PRO A 567 13.40 3.38 -1.47
C PRO A 567 14.47 3.78 -0.45
N TYR A 568 14.54 5.10 -0.06
CA TYR A 568 15.43 5.64 0.97
C TYR A 568 15.16 4.96 2.33
N PRO A 569 16.24 4.67 3.12
CA PRO A 569 17.66 4.93 2.92
C PRO A 569 18.26 3.91 2.03
N LEU A 570 17.54 2.80 1.76
CA LEU A 570 18.04 1.64 1.09
C LEU A 570 18.49 1.91 -0.28
N ASN A 571 17.89 2.91 -0.88
CA ASN A 571 18.05 3.20 -2.27
C ASN A 571 19.50 3.43 -2.71
N ILE A 572 20.36 3.93 -1.85
CA ILE A 572 21.73 4.27 -2.37
C ILE A 572 22.46 3.08 -2.91
N ILE A 573 22.28 2.01 -2.18
CA ILE A 573 22.78 0.68 -2.55
C ILE A 573 22.22 0.21 -3.85
N ILE A 574 20.92 0.41 -4.14
CA ILE A 574 20.17 -0.01 -5.34
C ILE A 574 20.64 0.82 -6.51
N SER A 575 21.01 0.16 -7.65
CA SER A 575 21.56 0.73 -8.81
C SER A 575 20.57 0.58 -9.84
N ARG A 576 20.29 1.66 -10.60
CA ARG A 576 19.32 1.83 -11.68
C ARG A 576 19.76 0.88 -12.75
N THR A 577 21.08 0.76 -13.04
CA THR A 577 21.63 -0.19 -14.04
C THR A 577 21.30 -1.62 -13.70
N CYS A 578 21.44 -2.00 -12.39
CA CYS A 578 21.15 -3.38 -12.05
C CYS A 578 19.74 -3.74 -12.34
N MET A 579 18.87 -2.86 -12.04
CA MET A 579 17.42 -2.97 -12.25
C MET A 579 17.00 -3.08 -13.73
N ILE A 580 17.63 -2.33 -14.65
CA ILE A 580 17.38 -2.29 -16.13
C ILE A 580 17.69 -3.62 -16.71
N LYS A 581 18.79 -4.24 -16.20
CA LYS A 581 19.18 -5.58 -16.57
C LYS A 581 18.13 -6.62 -16.19
N TYR A 582 17.64 -6.58 -14.95
CA TYR A 582 16.64 -7.50 -14.43
C TYR A 582 15.39 -7.40 -15.25
N GLN A 583 15.00 -6.19 -15.67
CA GLN A 583 13.82 -6.06 -16.50
C GLN A 583 13.95 -6.73 -17.82
N ILE A 584 15.15 -6.76 -18.54
CA ILE A 584 15.35 -7.52 -19.79
C ILE A 584 15.23 -8.99 -19.60
N ILE A 585 15.84 -9.52 -18.53
CA ILE A 585 15.79 -10.90 -18.29
C ILE A 585 14.42 -11.42 -18.04
N LEU A 586 13.68 -10.62 -17.29
CA LEU A 586 12.25 -10.80 -17.01
C LEU A 586 11.34 -10.77 -18.26
N ARG A 587 11.70 -9.86 -19.18
CA ARG A 587 11.04 -9.77 -20.47
C ARG A 587 11.29 -11.05 -21.31
N TYR A 588 12.54 -11.63 -21.32
CA TYR A 588 12.80 -12.82 -22.09
C TYR A 588 12.06 -13.95 -21.57
N GLN A 589 12.07 -14.14 -20.27
CA GLN A 589 11.45 -15.28 -19.60
C GLN A 589 9.93 -15.24 -19.79
N LEU A 590 9.32 -13.99 -19.68
CA LEU A 590 7.95 -13.80 -19.93
C LEU A 590 7.60 -14.13 -21.39
N VAL A 591 8.42 -13.79 -22.44
CA VAL A 591 8.08 -14.14 -23.79
C VAL A 591 7.97 -15.60 -24.08
N LEU A 592 8.86 -16.47 -23.53
CA LEU A 592 8.72 -17.88 -23.63
C LEU A 592 7.46 -18.39 -22.92
N GLN A 593 7.19 -17.90 -21.69
CA GLN A 593 6.12 -18.30 -20.89
C GLN A 593 4.81 -18.01 -21.42
N TYR A 594 4.59 -16.81 -22.04
CA TYR A 594 3.23 -16.48 -22.50
C TYR A 594 2.89 -17.42 -23.69
N HIS A 595 3.92 -17.64 -24.57
CA HIS A 595 3.72 -18.49 -25.72
C HIS A 595 3.47 -19.93 -25.28
N SER A 596 4.09 -20.34 -24.18
CA SER A 596 3.84 -21.65 -23.57
C SER A 596 2.41 -21.87 -23.12
N ARG A 597 1.87 -20.78 -22.49
CA ARG A 597 0.53 -20.86 -22.01
C ARG A 597 -0.55 -21.02 -23.14
N LEU A 598 -0.32 -20.25 -24.21
CA LEU A 598 -1.18 -20.22 -25.42
C LEU A 598 -1.14 -21.58 -26.09
N LEU A 599 0.09 -22.14 -26.02
CA LEU A 599 0.38 -23.43 -26.51
C LEU A 599 -0.35 -24.55 -25.81
N ASP A 600 -0.39 -24.51 -24.45
CA ASP A 600 -1.10 -25.48 -23.70
C ASP A 600 -2.55 -25.51 -23.95
N GLU A 601 -3.13 -24.29 -24.07
CA GLU A 601 -4.56 -24.17 -24.14
C GLU A 601 -5.09 -24.79 -25.43
N THR A 602 -4.26 -24.53 -26.51
CA THR A 602 -4.48 -25.04 -27.83
C THR A 602 -4.43 -26.56 -27.91
N TRP A 603 -3.39 -27.15 -27.24
CA TRP A 603 -3.25 -28.54 -27.33
C TRP A 603 -4.39 -29.26 -26.69
N MET A 604 -4.85 -28.77 -25.48
CA MET A 604 -5.92 -29.47 -24.77
C MET A 604 -7.19 -29.59 -25.52
N ASP A 605 -7.53 -28.43 -26.15
CA ASP A 605 -8.74 -28.36 -26.93
C ASP A 605 -8.91 -29.25 -28.11
N LEU A 606 -7.79 -29.44 -28.79
CA LEU A 606 -7.54 -30.19 -29.95
C LEU A 606 -7.67 -31.70 -29.81
N ASN A 607 -7.38 -32.34 -28.61
CA ASN A 607 -7.41 -33.76 -28.41
C ASN A 607 -8.91 -34.27 -28.47
N LYS A 608 -9.76 -33.30 -28.14
CA LYS A 608 -11.19 -33.39 -28.24
C LYS A 608 -11.65 -33.32 -29.66
N THR A 609 -12.81 -32.68 -29.94
CA THR A 609 -13.55 -32.66 -31.17
C THR A 609 -12.90 -32.03 -32.42
N PRO A 610 -12.08 -30.96 -32.39
CA PRO A 610 -11.67 -30.22 -33.58
C PRO A 610 -10.84 -31.05 -34.56
N SER A 611 -10.05 -32.00 -34.17
CA SER A 611 -9.33 -32.86 -35.08
C SER A 611 -10.19 -33.94 -35.67
N TRP A 612 -11.30 -34.32 -35.04
CA TRP A 612 -12.11 -35.43 -35.45
C TRP A 612 -13.12 -35.11 -36.52
N LYS A 613 -13.58 -36.24 -37.15
CA LYS A 613 -14.40 -36.27 -38.33
C LYS A 613 -15.80 -35.80 -38.26
N TYR A 614 -16.23 -35.15 -39.36
CA TYR A 614 -17.52 -34.57 -39.61
C TYR A 614 -18.44 -35.65 -40.04
N ARG A 623 -7.43 -36.24 -42.82
CA ARG A 623 -6.92 -37.57 -42.59
C ARG A 623 -5.44 -37.36 -42.39
N ARG A 624 -4.66 -37.02 -43.46
CA ARG A 624 -3.28 -36.69 -43.34
C ARG A 624 -2.81 -35.49 -42.67
N ILE A 625 -3.59 -34.43 -42.84
CA ILE A 625 -3.40 -33.18 -42.24
C ILE A 625 -3.38 -33.15 -40.71
N VAL A 626 -4.27 -34.05 -40.15
CA VAL A 626 -4.52 -34.34 -38.78
C VAL A 626 -3.23 -34.87 -38.10
N ARG A 627 -2.54 -35.78 -38.79
CA ARG A 627 -1.34 -36.40 -38.43
C ARG A 627 -0.18 -35.42 -38.34
N ALA A 628 -0.12 -34.42 -39.34
CA ALA A 628 0.86 -33.36 -39.37
C ALA A 628 0.64 -32.50 -38.16
N THR A 629 -0.62 -32.18 -37.84
CA THR A 629 -0.95 -31.32 -36.66
C THR A 629 -0.50 -31.88 -35.30
N ARG A 630 -0.61 -33.17 -35.11
CA ARG A 630 -0.24 -34.01 -33.96
C ARG A 630 1.23 -34.01 -33.74
N VAL A 631 1.99 -34.12 -34.81
CA VAL A 631 3.45 -34.12 -34.78
C VAL A 631 3.85 -32.79 -34.33
N LEU A 632 3.21 -31.72 -34.90
CA LEU A 632 3.59 -30.32 -34.70
C LEU A 632 3.48 -29.95 -33.18
N HIS A 633 2.40 -30.40 -32.51
CA HIS A 633 2.16 -30.28 -31.06
C HIS A 633 3.21 -30.96 -30.33
N ALA A 634 3.63 -32.16 -30.70
CA ALA A 634 4.76 -32.79 -30.07
C ALA A 634 6.15 -32.14 -30.17
N LYS A 635 6.56 -31.66 -31.40
CA LYS A 635 7.92 -31.10 -31.57
C LYS A 635 7.97 -29.85 -30.80
N MET A 636 6.92 -29.06 -30.83
CA MET A 636 6.83 -27.75 -30.14
C MET A 636 6.94 -27.95 -28.68
N ASN A 637 6.32 -29.01 -28.12
CA ASN A 637 6.46 -29.24 -26.70
C ASN A 637 7.89 -29.59 -26.37
N HIS A 638 8.58 -30.35 -27.25
CA HIS A 638 9.91 -30.77 -27.00
C HIS A 638 10.87 -29.60 -26.96
N PHE A 639 10.76 -28.67 -27.93
CA PHE A 639 11.61 -27.48 -27.98
C PHE A 639 11.36 -26.57 -26.80
N ILE A 640 10.08 -26.29 -26.44
CA ILE A 640 9.82 -25.40 -25.35
C ILE A 640 10.42 -25.88 -24.04
N LYS A 641 10.28 -27.26 -23.78
CA LYS A 641 10.88 -27.93 -22.65
C LYS A 641 12.40 -27.90 -22.58
N THR A 642 13.20 -28.08 -23.69
CA THR A 642 14.62 -28.04 -23.62
C THR A 642 14.99 -26.58 -23.33
N ILE A 643 14.35 -25.51 -23.89
CA ILE A 643 14.84 -24.21 -23.49
C ILE A 643 14.67 -23.96 -22.00
N MET A 644 13.51 -24.30 -21.45
CA MET A 644 13.23 -23.98 -20.09
C MET A 644 14.16 -24.63 -19.14
N GLU A 645 14.49 -25.92 -19.40
CA GLU A 645 15.37 -26.71 -18.51
C GLU A 645 16.69 -26.10 -18.37
N TYR A 646 17.27 -25.78 -19.53
CA TYR A 646 18.55 -25.18 -19.68
C TYR A 646 18.64 -23.68 -19.20
N PHE A 647 17.63 -22.84 -19.53
CA PHE A 647 17.55 -21.53 -19.05
C PHE A 647 17.49 -21.53 -17.56
N ASN A 648 16.69 -22.43 -16.89
CA ASN A 648 16.71 -22.43 -15.48
C ASN A 648 18.00 -22.89 -14.91
N GLN A 649 18.59 -24.02 -15.31
CA GLN A 649 19.75 -24.60 -14.65
C GLN A 649 21.13 -23.86 -14.86
N ASN A 650 21.43 -23.58 -16.19
CA ASN A 650 22.70 -23.02 -16.57
C ASN A 650 22.68 -21.55 -16.18
N VAL A 651 21.53 -20.92 -16.05
CA VAL A 651 21.60 -19.49 -15.83
C VAL A 651 21.22 -19.18 -14.40
N ILE A 652 19.86 -19.12 -14.16
CA ILE A 652 19.30 -18.46 -12.96
C ILE A 652 19.77 -19.23 -11.70
N ASP A 653 19.54 -20.53 -11.68
CA ASP A 653 19.70 -21.37 -10.51
C ASP A 653 21.12 -21.36 -10.05
N LYS A 654 22.10 -21.48 -10.99
CA LYS A 654 23.50 -21.55 -10.66
C LYS A 654 24.00 -20.24 -10.03
N GLU A 655 23.61 -19.08 -10.63
CA GLU A 655 24.04 -17.79 -10.06
C GLU A 655 23.50 -17.51 -8.77
N VAL A 656 22.20 -17.84 -8.58
CA VAL A 656 21.61 -17.68 -7.22
C VAL A 656 22.23 -18.50 -6.23
N TYR A 657 22.64 -19.75 -6.57
CA TYR A 657 23.31 -20.57 -5.61
C TYR A 657 24.61 -19.97 -5.15
N SER A 658 25.51 -19.42 -6.06
CA SER A 658 26.76 -18.88 -5.58
C SER A 658 26.60 -17.73 -4.71
N LEU A 659 25.62 -16.88 -5.04
CA LEU A 659 25.24 -15.69 -4.31
C LEU A 659 24.81 -16.07 -2.91
N GLU A 660 24.02 -17.17 -2.70
CA GLU A 660 23.64 -17.51 -1.36
C GLU A 660 24.77 -17.91 -0.50
N LYS A 661 25.66 -18.70 -1.13
CA LYS A 661 26.79 -19.08 -0.37
C LYS A 661 27.69 -17.91 0.07
N CYS A 662 28.04 -17.02 -0.84
CA CYS A 662 29.03 -15.98 -0.49
C CYS A 662 28.48 -15.08 0.64
N TYR A 663 27.13 -14.70 0.66
CA TYR A 663 26.67 -13.94 1.82
C TYR A 663 26.69 -14.72 3.07
N ARG A 664 26.27 -15.98 3.02
CA ARG A 664 26.06 -16.86 4.18
C ARG A 664 27.24 -17.30 4.96
N ASN A 665 28.35 -17.66 4.25
CA ASN A 665 29.55 -18.28 4.87
C ASN A 665 30.28 -17.23 5.76
N PRO A 666 30.55 -16.04 5.27
CA PRO A 666 30.90 -14.96 6.13
C PRO A 666 29.67 -14.13 6.31
N THR A 667 29.76 -12.78 6.31
CA THR A 667 28.62 -11.90 6.24
C THR A 667 29.20 -10.57 5.80
N LEU A 668 30.47 -10.55 5.37
CA LEU A 668 31.29 -9.37 4.98
C LEU A 668 30.64 -8.49 3.90
N ALA A 669 30.46 -7.17 4.20
CA ALA A 669 29.70 -6.25 3.47
C ALA A 669 30.19 -5.95 2.10
N VAL A 670 31.59 -5.90 1.90
CA VAL A 670 32.21 -5.74 0.62
C VAL A 670 31.82 -6.87 -0.25
N ALA A 671 31.75 -8.13 0.36
CA ALA A 671 31.37 -9.38 -0.33
C ALA A 671 29.99 -9.42 -0.89
N ILE A 672 29.02 -8.81 -0.24
CA ILE A 672 27.67 -8.65 -0.74
C ILE A 672 27.74 -7.82 -1.94
N GLN A 673 28.42 -6.71 -1.94
CA GLN A 673 28.45 -5.70 -3.03
C GLN A 673 29.04 -6.39 -4.27
N ASN A 674 30.08 -7.23 -4.09
CA ASN A 674 30.77 -8.10 -5.08
C ASN A 674 29.92 -9.07 -5.70
N GLU A 675 29.11 -9.83 -4.91
CA GLU A 675 28.24 -10.85 -5.37
C GLU A 675 27.18 -10.29 -6.25
N LEU A 676 26.66 -9.13 -5.84
CA LEU A 676 25.68 -8.46 -6.66
C LEU A 676 26.18 -7.97 -8.00
N GLU A 677 27.37 -7.48 -8.09
CA GLU A 677 28.04 -7.12 -9.31
C GLU A 677 28.27 -8.24 -10.30
N GLY A 678 28.74 -9.38 -9.73
CA GLY A 678 29.10 -10.61 -10.38
C GLY A 678 27.95 -11.25 -11.00
N GLY A 679 26.76 -11.31 -10.32
CA GLY A 679 25.56 -11.88 -10.79
C GLY A 679 25.17 -11.08 -12.02
N LEU A 680 25.22 -9.71 -11.99
CA LEU A 680 24.87 -8.87 -13.15
C LEU A 680 25.89 -9.13 -14.24
N THR A 681 27.23 -9.31 -13.99
CA THR A 681 28.23 -9.57 -14.99
C THR A 681 27.96 -10.95 -15.64
N ASN A 682 27.58 -11.97 -14.85
CA ASN A 682 27.39 -13.36 -15.31
C ASN A 682 26.24 -13.43 -16.29
N ILE A 683 25.13 -12.66 -16.00
CA ILE A 683 23.95 -12.39 -16.89
C ILE A 683 24.31 -11.68 -18.13
N MET A 684 25.32 -10.77 -17.98
CA MET A 684 25.79 -10.00 -19.19
C MET A 684 26.42 -11.12 -20.09
N THR A 685 27.24 -12.09 -19.55
CA THR A 685 27.94 -13.11 -20.30
C THR A 685 26.94 -14.03 -20.98
N ASN A 686 25.90 -14.41 -20.23
CA ASN A 686 24.75 -15.25 -20.62
C ASN A 686 23.95 -14.57 -21.71
N ARG A 687 23.86 -13.27 -21.67
CA ARG A 687 23.25 -12.45 -22.67
C ARG A 687 23.95 -12.72 -23.97
N CYS A 688 25.29 -12.65 -23.95
CA CYS A 688 26.18 -12.70 -25.13
C CYS A 688 26.10 -14.09 -25.69
N LEU A 689 26.11 -15.12 -24.86
CA LEU A 689 26.07 -16.55 -25.32
C LEU A 689 24.79 -16.84 -26.00
N SER A 690 23.61 -16.40 -25.51
CA SER A 690 22.29 -16.70 -25.99
C SER A 690 21.85 -15.81 -27.09
N ASP A 691 21.45 -16.46 -28.14
CA ASP A 691 21.27 -15.83 -29.46
C ASP A 691 20.21 -16.59 -30.21
N LEU A 692 19.24 -17.21 -29.46
CA LEU A 692 18.06 -17.94 -29.85
C LEU A 692 17.10 -17.08 -30.52
N ILE A 693 16.96 -15.82 -30.02
CA ILE A 693 15.77 -15.02 -30.28
C ILE A 693 15.45 -14.63 -31.79
N PRO A 694 16.23 -14.30 -32.80
CA PRO A 694 15.68 -14.03 -34.13
C PRO A 694 14.95 -15.33 -34.75
N LEU A 695 15.53 -16.52 -34.56
CA LEU A 695 14.90 -17.73 -35.03
C LEU A 695 13.64 -18.03 -34.27
N GLN A 696 13.65 -17.81 -32.94
CA GLN A 696 12.52 -18.05 -32.08
C GLN A 696 11.30 -17.18 -32.37
N LEU A 697 11.49 -15.88 -32.73
CA LEU A 697 10.47 -14.89 -33.03
C LEU A 697 9.66 -15.36 -34.28
N GLN A 698 10.38 -15.91 -35.31
CA GLN A 698 9.72 -16.33 -36.47
C GLN A 698 8.82 -17.52 -36.11
N ILE A 699 9.30 -18.52 -35.25
CA ILE A 699 8.55 -19.68 -34.79
C ILE A 699 7.35 -19.21 -34.02
N PHE A 700 7.42 -18.18 -33.08
CA PHE A 700 6.26 -17.74 -32.32
C PHE A 700 5.17 -17.34 -33.21
N ASP A 701 5.56 -16.57 -34.29
CA ASP A 701 4.57 -16.08 -35.23
C ASP A 701 3.86 -17.29 -35.93
N ILE A 702 4.61 -18.33 -36.33
CA ILE A 702 4.10 -19.50 -37.05
C ILE A 702 3.11 -20.24 -36.17
N VAL A 703 3.47 -20.39 -34.85
CA VAL A 703 2.63 -21.07 -33.88
C VAL A 703 1.31 -20.31 -33.84
N TYR A 704 1.32 -18.95 -33.78
CA TYR A 704 0.10 -18.21 -33.68
C TYR A 704 -0.81 -18.37 -34.93
N LYS A 705 -0.18 -18.36 -36.12
CA LYS A 705 -0.93 -18.60 -37.38
C LYS A 705 -1.52 -20.03 -37.43
N PHE A 706 -0.78 -20.99 -36.99
CA PHE A 706 -1.19 -22.38 -36.91
C PHE A 706 -2.40 -22.56 -35.97
N CYS A 707 -2.43 -22.03 -34.73
CA CYS A 707 -3.62 -22.19 -33.87
C CYS A 707 -4.83 -21.58 -34.47
N LYS A 708 -4.56 -20.39 -35.16
CA LYS A 708 -5.63 -19.67 -35.81
C LYS A 708 -6.35 -20.42 -36.96
N PHE A 709 -5.55 -21.04 -37.86
CA PHE A 709 -6.05 -21.85 -38.96
C PHE A 709 -6.78 -23.09 -38.48
N ILE A 710 -6.15 -23.85 -37.50
CA ILE A 710 -6.71 -25.06 -36.95
C ILE A 710 -8.03 -25.08 -36.20
N LYS A 711 -8.32 -24.08 -35.37
CA LYS A 711 -9.59 -23.95 -34.60
C LYS A 711 -10.86 -23.89 -35.46
N SER A 712 -10.62 -23.35 -36.67
CA SER A 712 -11.67 -22.99 -37.65
C SER A 712 -12.59 -24.12 -38.02
N MET A 713 -12.07 -25.38 -37.98
CA MET A 713 -12.85 -26.62 -38.32
C MET A 713 -13.49 -26.63 -39.69
N ARG A 714 -14.38 -27.69 -39.85
CA ARG A 714 -15.05 -27.95 -41.07
C ARG A 714 -16.08 -26.87 -41.26
N GLU A 754 -18.54 -30.24 -48.83
CA GLU A 754 -17.26 -30.22 -48.09
C GLU A 754 -16.05 -30.61 -48.89
N ASP A 755 -16.20 -30.97 -50.17
CA ASP A 755 -15.07 -31.33 -51.14
C ASP A 755 -14.22 -30.15 -51.43
N ALA A 756 -14.82 -28.99 -51.65
CA ALA A 756 -14.05 -27.77 -51.80
C ALA A 756 -13.25 -27.39 -50.59
N ALA A 757 -13.83 -27.61 -49.43
CA ALA A 757 -13.23 -27.21 -48.19
C ALA A 757 -11.94 -27.90 -47.98
N LEU A 758 -11.84 -29.20 -48.33
CA LEU A 758 -10.61 -29.94 -48.25
C LEU A 758 -9.53 -29.40 -49.12
N GLU A 759 -9.83 -28.93 -50.30
CA GLU A 759 -8.94 -28.35 -51.32
C GLU A 759 -8.41 -27.14 -50.82
N LEU A 760 -9.23 -26.25 -50.27
CA LEU A 760 -8.81 -24.97 -49.73
C LEU A 760 -7.89 -25.18 -48.55
N ILE A 761 -8.32 -26.18 -47.74
CA ILE A 761 -7.51 -26.57 -46.62
C ILE A 761 -6.15 -27.05 -47.01
N GLN A 762 -6.04 -27.80 -48.09
CA GLN A 762 -4.78 -28.39 -48.60
C GLN A 762 -3.86 -27.29 -49.02
N LYS A 763 -4.32 -26.18 -49.69
CA LYS A 763 -3.45 -25.07 -50.06
C LYS A 763 -2.88 -24.43 -48.83
N LEU A 764 -3.74 -24.23 -47.78
CA LEU A 764 -3.31 -23.61 -46.56
C LEU A 764 -2.24 -24.39 -45.81
N ILE A 765 -2.48 -25.70 -45.83
CA ILE A 765 -1.68 -26.69 -45.21
C ILE A 765 -0.35 -26.72 -45.93
N GLU A 766 -0.39 -26.55 -47.28
CA GLU A 766 0.79 -26.61 -48.05
C GLU A 766 1.78 -25.49 -47.78
N TYR A 767 1.28 -24.25 -47.51
CA TYR A 767 2.16 -23.16 -47.21
C TYR A 767 2.84 -23.53 -45.92
N ILE A 768 1.99 -24.06 -44.96
CA ILE A 768 2.45 -24.44 -43.59
C ILE A 768 3.53 -25.54 -43.70
N SER A 769 3.40 -26.57 -44.59
CA SER A 769 4.30 -27.64 -44.87
C SER A 769 5.57 -27.21 -45.36
N ASN A 770 5.72 -26.21 -46.34
CA ASN A 770 7.07 -25.75 -46.71
C ASN A 770 7.74 -25.07 -45.53
N ALA A 771 7.09 -24.13 -44.79
CA ALA A 771 7.63 -23.33 -43.71
C ALA A 771 8.08 -24.22 -42.54
N SER A 772 7.25 -25.22 -42.27
CA SER A 772 7.40 -26.26 -41.34
C SER A 772 8.61 -27.08 -41.69
N SER A 773 8.85 -27.41 -42.97
CA SER A 773 9.95 -28.28 -43.45
C SER A 773 11.32 -27.61 -43.22
N ILE A 774 11.44 -26.27 -43.44
CA ILE A 774 12.64 -25.53 -43.17
C ILE A 774 12.95 -25.57 -41.61
N PHE A 775 11.95 -25.37 -40.73
CA PHE A 775 11.99 -25.42 -39.25
C PHE A 775 12.44 -26.72 -38.81
N ARG A 776 11.87 -27.80 -39.49
CA ARG A 776 12.07 -29.21 -39.16
C ARG A 776 13.54 -29.49 -39.35
N LYS A 777 14.18 -28.94 -40.42
CA LYS A 777 15.68 -28.99 -40.75
C LYS A 777 16.52 -28.26 -39.63
N CYS A 778 16.01 -27.09 -39.05
CA CYS A 778 16.59 -26.49 -37.85
C CYS A 778 16.57 -27.33 -36.58
N LEU A 779 15.57 -28.18 -36.30
CA LEU A 779 15.36 -28.95 -35.07
C LEU A 779 16.55 -29.87 -34.78
N ILE A 780 17.11 -30.43 -35.90
CA ILE A 780 18.24 -31.30 -35.79
C ILE A 780 19.45 -30.54 -35.20
N ASN A 781 19.65 -29.29 -35.73
CA ASN A 781 20.67 -28.34 -35.34
C ASN A 781 20.55 -27.89 -33.93
N PHE A 782 19.34 -27.81 -33.40
CA PHE A 782 19.05 -27.36 -32.05
C PHE A 782 19.73 -28.21 -30.92
N THR A 783 19.73 -29.58 -31.00
CA THR A 783 20.47 -30.29 -29.97
C THR A 783 21.97 -30.05 -30.02
N GLN A 784 22.72 -30.14 -31.14
CA GLN A 784 24.11 -29.82 -31.31
C GLN A 784 24.49 -28.36 -30.96
N GLU A 785 25.81 -28.19 -30.64
CA GLU A 785 26.39 -27.01 -30.09
C GLU A 785 26.70 -26.01 -31.12
N LEU A 786 26.02 -24.83 -31.08
CA LEU A 786 26.25 -23.64 -31.95
C LEU A 786 26.39 -23.87 -33.41
N SER A 787 25.46 -24.63 -34.04
CA SER A 787 25.44 -24.98 -35.40
C SER A 787 24.97 -23.75 -36.16
N THR A 788 25.61 -23.54 -37.34
CA THR A 788 25.56 -22.55 -38.28
C THR A 788 24.18 -22.64 -39.03
N GLU A 789 23.70 -23.88 -39.38
CA GLU A 789 22.60 -24.30 -40.27
C GLU A 789 21.26 -23.77 -39.76
N LYS A 790 20.90 -23.76 -38.48
CA LYS A 790 19.63 -23.24 -37.95
C LYS A 790 19.59 -21.74 -38.25
N PHE A 791 20.76 -21.02 -38.02
CA PHE A 791 20.89 -19.58 -38.33
C PHE A 791 20.70 -19.30 -39.82
N ASP A 792 21.34 -20.17 -40.66
CA ASP A 792 21.28 -20.16 -42.17
C ASP A 792 19.82 -20.38 -42.57
N PHE A 793 19.09 -21.32 -41.92
CA PHE A 793 17.66 -21.62 -42.15
C PHE A 793 16.74 -20.43 -41.78
N TYR A 794 16.99 -19.70 -40.66
CA TYR A 794 16.16 -18.45 -40.44
C TYR A 794 16.39 -17.37 -41.61
N ASP A 795 17.62 -17.05 -42.01
CA ASP A 795 17.90 -15.98 -42.98
C ASP A 795 17.34 -16.35 -44.35
N SER A 796 17.48 -17.70 -44.67
CA SER A 796 16.93 -18.32 -45.87
C SER A 796 15.44 -18.24 -45.98
N SER A 797 14.72 -18.52 -44.82
CA SER A 797 13.27 -18.40 -44.77
C SER A 797 12.92 -16.94 -44.98
N SER A 798 13.57 -15.95 -44.37
CA SER A 798 13.25 -14.51 -44.39
C SER A 798 13.31 -14.01 -45.82
N VAL A 799 14.51 -14.16 -46.53
CA VAL A 799 14.76 -13.69 -47.87
C VAL A 799 15.50 -14.80 -48.57
N ASP A 800 15.21 -15.05 -49.87
CA ASP A 800 15.85 -16.04 -50.73
C ASP A 800 17.27 -15.52 -51.04
N PRO B 180 63.73 64.82 24.69
CA PRO B 180 63.31 65.38 26.03
C PRO B 180 62.31 64.29 26.51
N GLU B 181 62.80 63.07 26.69
CA GLU B 181 61.84 61.91 26.81
C GLU B 181 60.98 61.95 28.05
N GLU B 182 61.23 62.68 29.16
CA GLU B 182 60.24 62.68 30.30
C GLU B 182 58.88 63.19 30.03
N ASP B 183 58.86 64.29 29.18
CA ASP B 183 57.65 64.81 28.69
C ASP B 183 56.93 63.83 27.76
N ILE B 184 57.67 63.09 26.86
CA ILE B 184 57.11 62.22 25.90
C ILE B 184 56.38 61.12 26.57
N LEU B 185 56.97 60.55 27.73
CA LEU B 185 56.38 59.47 28.50
C LEU B 185 55.15 59.82 29.08
N LYS B 186 55.04 61.02 29.64
CA LYS B 186 53.73 61.36 30.11
C LYS B 186 52.72 61.53 28.98
N TYR B 187 53.20 62.11 27.87
CA TYR B 187 52.40 62.49 26.69
C TYR B 187 51.75 61.28 26.04
N VAL B 188 52.52 60.14 25.93
CA VAL B 188 52.04 58.86 25.40
C VAL B 188 51.00 58.33 26.31
N SER B 189 51.21 58.48 27.68
CA SER B 189 50.22 57.93 28.67
C SER B 189 48.89 58.68 28.48
N TYR B 190 48.93 60.00 28.27
CA TYR B 190 47.77 60.83 28.02
C TYR B 190 47.09 60.50 26.69
N THR B 191 47.89 60.24 25.68
CA THR B 191 47.58 59.92 24.29
C THR B 191 46.86 58.58 24.23
N LEU B 192 47.31 57.61 25.02
CA LEU B 192 46.71 56.29 25.03
C LEU B 192 45.25 56.29 25.47
N LEU B 193 44.85 57.28 26.32
CA LEU B 193 43.45 57.44 26.74
C LEU B 193 42.53 57.96 25.59
N ALA B 194 43.18 58.43 24.46
CA ALA B 194 42.70 59.05 23.26
C ALA B 194 42.30 60.48 23.52
N THR B 195 43.19 61.19 24.17
CA THR B 195 43.12 62.60 24.30
C THR B 195 44.50 63.14 24.13
N THR B 196 44.86 64.07 23.16
CA THR B 196 46.22 64.62 23.06
C THR B 196 46.71 65.40 24.22
N SER B 197 48.08 65.64 24.35
CA SER B 197 48.63 66.39 25.40
C SER B 197 48.39 67.87 25.30
N ALA B 198 48.41 68.34 23.98
CA ALA B 198 48.17 69.72 23.59
C ALA B 198 49.03 69.88 22.36
N LEU B 199 50.27 69.32 22.32
CA LEU B 199 51.25 69.48 21.27
C LEU B 199 50.70 69.02 19.99
N PHE B 200 50.14 67.77 20.00
CA PHE B 200 49.56 67.17 18.89
C PHE B 200 48.19 67.79 18.64
N PRO B 201 47.77 68.03 17.43
CA PRO B 201 46.57 68.78 17.23
C PRO B 201 45.59 67.69 17.12
N PHE B 202 44.76 67.51 18.20
CA PHE B 202 43.66 66.53 18.18
C PHE B 202 42.64 67.02 17.13
N ASP B 203 41.97 66.05 16.50
CA ASP B 203 40.95 66.35 15.55
C ASP B 203 39.85 65.33 15.90
N HIS B 204 38.57 65.68 15.58
CA HIS B 204 37.31 64.89 15.80
C HIS B 204 37.40 63.64 14.93
N GLU B 205 37.98 63.95 13.73
CA GLU B 205 38.46 63.06 12.75
C GLU B 205 39.84 62.65 13.21
N GLN B 206 40.74 62.51 12.22
CA GLN B 206 42.04 61.93 12.40
C GLN B 206 43.01 63.04 12.82
N ILE B 207 43.62 62.78 13.96
CA ILE B 207 44.64 63.56 14.66
C ILE B 207 45.85 63.56 13.78
N GLN B 208 46.41 64.77 13.49
CA GLN B 208 47.54 64.84 12.57
C GLN B 208 48.66 65.30 13.34
N ILE B 209 49.88 65.40 12.63
CA ILE B 209 51.17 65.81 13.17
C ILE B 209 51.12 67.31 13.60
N PRO B 210 51.96 67.64 14.58
CA PRO B 210 52.08 68.99 15.11
C PRO B 210 52.78 69.75 14.07
N SER B 211 53.65 69.09 13.30
CA SER B 211 54.47 69.65 12.20
C SER B 211 55.74 70.35 12.69
N LYS B 212 56.18 69.97 13.86
CA LYS B 212 57.32 70.60 14.42
C LYS B 212 58.41 69.56 14.44
N ILE B 213 58.09 68.36 14.96
CA ILE B 213 58.98 67.23 15.14
C ILE B 213 59.55 66.79 13.84
N PRO B 214 60.63 66.05 13.83
CA PRO B 214 61.28 65.67 12.63
C PRO B 214 60.74 64.31 12.18
N ASN B 215 61.23 63.77 11.04
CA ASN B 215 60.72 62.59 10.36
C ASN B 215 60.66 61.28 11.09
N PHE B 216 61.72 61.00 11.87
CA PHE B 216 61.93 59.85 12.70
C PHE B 216 60.76 59.75 13.70
N GLU B 217 60.49 60.83 14.42
CA GLU B 217 59.44 60.85 15.42
C GLU B 217 58.15 60.68 14.71
N SER B 218 57.98 61.34 13.55
CA SER B 218 56.72 61.40 12.80
C SER B 218 56.28 59.97 12.37
N GLY B 219 57.23 59.10 11.99
CA GLY B 219 56.96 57.72 11.61
C GLY B 219 56.38 56.92 12.79
N LEU B 220 56.93 57.01 14.04
CA LEU B 220 56.32 56.34 15.20
C LEU B 220 54.92 56.92 15.39
N LEU B 221 54.84 58.27 15.20
CA LEU B 221 53.54 59.01 15.31
C LEU B 221 52.53 58.51 14.34
N HIS B 222 52.97 58.17 13.17
CA HIS B 222 52.10 57.66 12.11
C HIS B 222 51.42 56.36 12.53
N LEU B 223 52.20 55.43 13.09
CA LEU B 223 51.69 54.21 13.53
C LEU B 223 50.75 54.41 14.71
N ILE B 224 51.08 55.33 15.72
CA ILE B 224 50.21 55.58 16.90
C ILE B 224 48.84 56.18 16.42
N PHE B 225 48.81 56.98 15.30
CA PHE B 225 47.66 57.57 14.71
C PHE B 225 46.62 56.59 14.30
N GLU B 226 46.97 55.49 13.66
CA GLU B 226 45.97 54.50 13.33
C GLU B 226 45.43 53.97 14.61
N ALA B 227 46.28 53.68 15.64
CA ALA B 227 45.75 53.13 16.87
C ALA B 227 44.70 54.01 17.57
N GLY B 228 44.93 55.30 17.69
CA GLY B 228 44.13 56.34 18.25
C GLY B 228 42.94 56.68 17.57
N LEU B 229 43.03 56.60 16.21
CA LEU B 229 41.95 56.80 15.23
C LEU B 229 40.90 55.78 15.45
N LEU B 230 41.31 54.48 15.60
CA LEU B 230 40.36 53.38 15.75
C LEU B 230 39.69 53.64 17.07
N TYR B 231 40.54 54.08 18.10
CA TYR B 231 39.92 54.33 19.44
C TYR B 231 38.79 55.34 19.45
N GLN B 232 38.97 56.46 18.69
CA GLN B 232 38.03 57.55 18.52
C GLN B 232 36.78 57.04 17.80
N SER B 233 36.94 56.19 16.77
CA SER B 233 35.86 55.70 16.00
C SER B 233 34.99 54.87 16.86
N LEU B 234 35.65 53.99 17.70
CA LEU B 234 35.01 53.05 18.56
C LEU B 234 34.17 53.76 19.55
N GLY B 235 34.73 54.84 20.15
CA GLY B 235 33.96 55.60 21.06
C GLY B 235 32.69 56.22 20.44
N TYR B 236 32.80 56.67 19.19
CA TYR B 236 31.68 57.26 18.50
C TYR B 236 30.61 56.37 18.33
N LYS B 237 30.85 55.11 17.88
CA LYS B 237 29.88 54.09 17.57
C LYS B 237 29.16 53.66 18.72
N VAL B 238 29.92 53.33 19.83
CA VAL B 238 29.38 52.72 21.01
C VAL B 238 28.38 53.56 21.62
N GLU B 239 28.75 54.90 21.68
CA GLU B 239 28.02 55.99 22.21
C GLU B 239 26.78 56.17 21.48
N LYS B 240 26.79 56.10 20.14
CA LYS B 240 25.59 56.28 19.37
C LYS B 240 24.67 55.13 19.72
N PHE B 241 25.19 53.87 19.81
CA PHE B 241 24.44 52.65 19.86
C PHE B 241 23.88 52.47 21.25
N ARG B 242 24.45 53.08 22.32
CA ARG B 242 24.09 53.08 23.71
C ARG B 242 22.87 53.83 23.92
N MET B 243 22.64 55.05 23.34
CA MET B 243 21.53 55.90 23.69
C MET B 243 20.17 55.30 23.42
N LEU B 244 19.86 54.76 22.22
CA LEU B 244 18.65 54.09 21.98
C LEU B 244 18.74 53.41 20.62
N ASN B 245 18.86 52.08 20.51
CA ASN B 245 19.10 51.45 19.26
C ASN B 245 18.61 50.09 19.46
N ILE B 246 18.26 49.45 18.28
CA ILE B 246 17.53 48.25 18.03
C ILE B 246 18.28 46.98 18.38
N SER B 247 17.48 45.85 18.42
CA SER B 247 17.90 44.42 18.42
C SER B 247 18.47 43.97 19.75
N PRO B 248 18.00 42.88 20.48
CA PRO B 248 18.60 42.39 21.70
C PRO B 248 19.87 41.65 21.38
N MET B 249 19.93 41.14 20.11
CA MET B 249 21.08 40.50 19.57
C MET B 249 22.19 41.55 19.47
N LYS B 250 21.81 42.78 19.09
CA LYS B 250 22.74 43.89 19.10
C LYS B 250 23.23 44.21 20.48
N LYS B 251 22.34 44.26 21.52
CA LYS B 251 22.57 44.60 22.87
C LYS B 251 23.59 43.64 23.48
N ALA B 252 23.48 42.32 23.18
CA ALA B 252 24.43 41.32 23.66
C ALA B 252 25.77 41.60 23.07
N LEU B 253 25.90 42.11 21.81
CA LEU B 253 27.21 42.52 21.22
C LEU B 253 27.75 43.71 21.96
N ILE B 254 26.91 44.76 22.26
CA ILE B 254 27.23 46.01 22.79
C ILE B 254 27.85 45.80 24.10
N ILE B 255 27.21 44.84 24.89
CA ILE B 255 27.75 44.47 26.18
C ILE B 255 29.12 43.84 26.06
N GLU B 256 29.19 42.95 25.05
CA GLU B 256 30.42 42.20 24.81
C GLU B 256 31.60 43.03 24.35
N ILE B 257 31.41 44.06 23.47
CA ILE B 257 32.46 45.01 23.06
C ILE B 257 32.84 45.74 24.28
N SER B 258 31.89 46.23 25.17
CA SER B 258 32.29 46.89 26.40
C SER B 258 33.17 46.11 27.33
N GLU B 259 32.97 44.77 27.45
CA GLU B 259 33.77 43.82 28.24
C GLU B 259 35.11 43.74 27.66
N GLU B 260 35.21 43.76 26.31
CA GLU B 260 36.45 43.72 25.61
C GLU B 260 37.27 44.98 25.88
N LEU B 261 36.65 46.13 26.04
CA LEU B 261 37.33 47.32 26.37
C LEU B 261 37.94 47.29 27.81
N GLN B 262 37.36 46.49 28.71
CA GLN B 262 37.83 46.34 30.04
C GLN B 262 39.28 45.93 29.97
N ASN B 263 39.60 45.03 29.03
CA ASN B 263 40.92 44.54 28.83
C ASN B 263 42.00 45.57 28.51
N TYR B 264 41.56 46.48 27.72
CA TYR B 264 42.32 47.58 27.19
C TYR B 264 42.78 48.43 28.37
N THR B 265 41.84 48.71 29.31
CA THR B 265 41.99 49.42 30.53
C THR B 265 42.96 48.71 31.37
N ALA B 266 42.77 47.31 31.34
CA ALA B 266 43.70 46.49 32.20
C ALA B 266 45.10 46.70 31.71
N PHE B 267 45.41 46.83 30.39
CA PHE B 267 46.79 47.17 29.90
C PHE B 267 47.29 48.43 30.31
N VAL B 268 46.47 49.48 30.29
CA VAL B 268 46.94 50.87 30.61
C VAL B 268 47.41 50.89 32.09
N ASN B 269 46.67 50.19 32.93
CA ASN B 269 47.03 49.87 34.30
C ASN B 269 48.28 49.13 34.35
N ASN B 270 48.46 48.14 33.43
CA ASN B 270 49.63 47.27 33.41
C ASN B 270 50.83 48.19 33.10
N LEU B 271 50.61 49.13 32.13
CA LEU B 271 51.64 50.08 31.64
C LEU B 271 52.06 50.96 32.76
N VAL B 272 51.09 51.45 33.61
CA VAL B 272 51.35 52.22 34.83
C VAL B 272 52.16 51.37 35.85
N SER B 273 51.84 50.03 35.98
CA SER B 273 52.49 49.09 36.83
C SER B 273 53.95 48.92 36.52
N SER B 274 54.28 48.92 35.20
CA SER B 274 55.59 48.85 34.63
C SER B 274 56.34 50.04 35.21
N GLY B 275 56.06 51.32 34.78
CA GLY B 275 56.69 52.38 35.60
C GLY B 275 58.17 52.50 35.20
N THR B 276 58.58 51.81 34.19
CA THR B 276 59.90 51.77 33.65
C THR B 276 59.69 52.26 32.26
N VAL B 277 60.80 52.74 31.63
CA VAL B 277 60.84 53.45 30.37
C VAL B 277 59.82 53.05 29.32
N VAL B 278 59.73 51.76 28.88
CA VAL B 278 58.82 51.37 27.75
C VAL B 278 59.13 52.13 26.50
N SER B 279 59.64 51.42 25.42
CA SER B 279 59.78 52.04 24.10
C SER B 279 58.42 51.88 23.45
N LEU B 280 58.15 52.55 22.28
CA LEU B 280 56.87 52.47 21.52
C LEU B 280 56.81 51.08 21.09
N LYS B 281 57.97 50.37 20.75
CA LYS B 281 57.87 49.01 20.31
C LYS B 281 57.23 48.08 21.32
N SER B 282 57.71 48.26 22.54
CA SER B 282 57.29 47.46 23.67
C SER B 282 55.82 47.76 23.94
N LEU B 283 55.39 49.07 23.76
CA LEU B 283 53.98 49.48 23.90
C LEU B 283 53.10 48.81 22.83
N TYR B 284 53.55 48.73 21.58
CA TYR B 284 52.84 48.12 20.47
C TYR B 284 52.66 46.64 20.70
N ARG B 285 53.70 45.93 21.18
CA ARG B 285 53.73 44.53 21.59
C ARG B 285 52.83 44.30 22.74
N GLU B 286 52.72 45.07 23.88
CA GLU B 286 51.77 44.72 24.91
C GLU B 286 50.26 44.81 24.56
N ILE B 287 49.85 45.81 23.73
CA ILE B 287 48.45 45.97 23.39
C ILE B 287 48.40 45.39 21.99
N TYR B 288 49.20 44.29 21.63
CA TYR B 288 49.06 43.78 20.27
C TYR B 288 47.74 43.15 19.99
N GLU B 289 47.15 42.33 20.88
CA GLU B 289 45.85 41.74 20.61
C GLU B 289 44.80 42.77 20.37
N ASN B 290 44.72 43.83 21.15
CA ASN B 290 43.60 44.72 21.07
C ASN B 290 43.43 45.44 19.79
N ILE B 291 44.55 45.79 19.13
CA ILE B 291 44.56 46.52 17.89
C ILE B 291 43.91 45.65 16.78
N ILE B 292 44.25 44.32 16.80
CA ILE B 292 43.82 43.36 15.81
C ILE B 292 42.33 43.12 15.98
N ARG B 293 41.91 42.90 17.26
CA ARG B 293 40.53 42.57 17.50
C ARG B 293 39.61 43.69 17.14
N LEU B 294 39.96 44.93 17.51
CA LEU B 294 39.20 46.09 17.27
C LEU B 294 38.95 46.35 15.78
N ARG B 295 39.97 46.18 14.87
CA ARG B 295 39.87 46.39 13.46
C ARG B 295 38.91 45.41 12.81
N ILE B 296 38.90 44.07 13.14
CA ILE B 296 38.02 43.18 12.54
C ILE B 296 36.67 43.58 12.89
N TYR B 297 36.46 43.88 14.16
CA TYR B 297 35.14 44.18 14.67
C TYR B 297 34.49 45.37 14.08
N CYS B 298 35.29 46.44 13.72
CA CYS B 298 34.65 47.56 13.08
C CYS B 298 33.97 47.19 11.78
N ARG B 299 34.53 46.26 10.99
CA ARG B 299 34.04 45.87 9.66
C ARG B 299 32.60 45.30 9.78
N PHE B 300 32.48 44.44 10.84
CA PHE B 300 31.27 43.72 11.15
C PHE B 300 30.14 44.72 11.45
N THR B 301 30.48 45.81 12.24
CA THR B 301 29.66 46.92 12.65
C THR B 301 29.17 47.75 11.51
N GLU B 302 30.01 48.03 10.44
CA GLU B 302 29.52 48.85 9.34
C GLU B 302 28.48 48.17 8.56
N HIS B 303 28.64 46.84 8.26
CA HIS B 303 27.61 46.07 7.55
C HIS B 303 26.33 45.99 8.40
N LEU B 304 26.62 46.02 9.75
CA LEU B 304 25.57 45.96 10.76
C LEU B 304 24.54 47.13 10.63
N GLU B 305 24.86 48.36 10.21
CA GLU B 305 23.82 49.41 10.16
C GLU B 305 22.65 49.04 9.27
N GLU B 306 23.03 48.34 8.18
CA GLU B 306 22.18 47.72 7.11
C GLU B 306 21.43 46.46 7.53
N LEU B 307 21.92 45.71 8.57
CA LEU B 307 21.54 44.36 8.77
C LEU B 307 20.86 44.38 10.00
N SER B 308 20.06 43.33 10.34
CA SER B 308 19.40 43.12 11.65
C SER B 308 19.07 41.66 11.74
N GLY B 309 18.67 41.14 12.91
CA GLY B 309 18.22 39.79 13.13
C GLY B 309 19.06 38.68 12.61
N ASP B 310 18.37 37.79 11.72
CA ASP B 310 18.85 36.53 11.44
C ASP B 310 20.22 36.55 10.76
N THR B 311 20.65 37.58 10.04
CA THR B 311 21.88 37.59 9.32
C THR B 311 23.13 37.51 10.22
N PHE B 312 22.97 37.92 11.49
CA PHE B 312 23.95 37.86 12.48
C PHE B 312 24.45 36.53 12.77
N LEU B 313 23.57 35.57 12.74
CA LEU B 313 23.88 34.15 12.90
C LEU B 313 24.73 33.60 11.86
N ILE B 314 24.47 34.10 10.66
CA ILE B 314 25.19 33.74 9.46
C ILE B 314 26.60 34.27 9.56
N GLU B 315 26.83 35.53 10.00
CA GLU B 315 28.12 36.19 10.17
C GLU B 315 28.97 35.45 11.27
N LEU B 316 28.29 35.12 12.41
CA LEU B 316 28.91 34.47 13.56
C LEU B 316 29.40 33.14 13.21
N ASN B 317 28.64 32.41 12.38
CA ASN B 317 29.02 31.12 11.93
C ASN B 317 30.21 31.19 11.14
N ILE B 318 30.22 32.15 10.22
CA ILE B 318 31.38 32.27 9.33
C ILE B 318 32.61 32.67 10.10
N PHE B 319 32.51 33.65 11.08
CA PHE B 319 33.72 34.07 11.72
C PHE B 319 34.43 33.01 12.47
N LYS B 320 33.62 32.15 13.15
CA LYS B 320 34.09 30.92 13.80
C LYS B 320 34.69 29.93 12.89
N SER B 321 34.21 29.91 11.61
CA SER B 321 34.78 29.08 10.60
C SER B 321 36.17 29.54 10.32
N HIS B 322 36.38 30.86 10.44
CA HIS B 322 37.68 31.43 10.02
C HIS B 322 38.72 31.12 11.00
N GLY B 323 39.91 30.96 10.40
CA GLY B 323 41.09 30.37 10.96
C GLY B 323 41.63 31.26 11.94
N ASP B 324 42.62 30.77 12.63
CA ASP B 324 43.27 31.37 13.82
C ASP B 324 42.25 31.37 14.92
N LEU B 325 42.68 30.72 16.01
CA LEU B 325 41.84 30.32 17.13
C LEU B 325 41.19 31.45 17.68
N THR B 326 41.91 32.59 17.79
CA THR B 326 41.45 33.69 18.51
C THR B 326 40.12 34.29 17.91
N ILE B 327 40.02 34.50 16.58
CA ILE B 327 38.79 35.07 16.07
C ILE B 327 37.67 34.02 16.24
N ARG B 328 38.01 32.75 15.93
CA ARG B 328 37.03 31.74 16.01
C ARG B 328 36.42 31.57 17.38
N LYS B 329 37.28 31.58 18.36
CA LYS B 329 36.98 31.38 19.77
C LYS B 329 36.09 32.54 20.21
N ILE B 330 36.43 33.77 19.74
CA ILE B 330 35.61 34.95 20.07
C ILE B 330 34.16 34.91 19.56
N ALA B 331 34.05 34.47 18.25
CA ALA B 331 32.85 34.39 17.57
C ALA B 331 32.00 33.38 18.30
N THR B 332 32.49 32.26 18.85
CA THR B 332 31.66 31.30 19.54
C THR B 332 31.02 31.87 20.75
N ASN B 333 31.81 32.66 21.48
CA ASN B 333 31.33 33.34 22.67
C ASN B 333 30.22 34.29 22.45
N LEU B 334 30.27 35.04 21.31
CA LEU B 334 29.22 35.99 20.82
C LEU B 334 27.95 35.21 20.54
N PHE B 335 28.12 34.01 19.92
CA PHE B 335 27.09 33.05 19.51
C PHE B 335 26.42 32.63 20.75
N ASN B 336 27.21 32.31 21.81
CA ASN B 336 26.74 31.82 23.06
C ASN B 336 25.78 32.78 23.64
N SER B 337 26.03 34.14 23.66
CA SER B 337 25.04 35.06 24.19
C SER B 337 23.78 35.13 23.28
N MET B 338 23.99 35.02 21.97
CA MET B 338 22.85 35.07 21.05
C MET B 338 21.92 33.95 21.25
N ILE B 339 22.50 32.71 21.42
CA ILE B 339 21.65 31.60 21.47
C ILE B 339 20.66 31.69 22.66
N SER B 340 21.14 32.35 23.75
CA SER B 340 20.44 32.57 24.96
C SER B 340 19.13 33.30 24.70
N LEU B 341 19.10 34.26 23.73
CA LEU B 341 17.96 35.01 23.29
C LEU B 341 17.00 34.08 22.64
N TYR B 342 17.50 33.14 21.85
CA TYR B 342 16.78 32.11 21.15
C TYR B 342 16.07 31.18 22.09
N TYR B 343 16.76 30.70 23.19
CA TYR B 343 16.17 29.87 24.19
C TYR B 343 15.09 30.51 24.90
N GLU B 344 15.23 31.81 25.20
CA GLU B 344 14.26 32.69 25.80
C GLU B 344 13.00 32.80 24.92
N TYR B 345 13.19 33.02 23.61
CA TYR B 345 12.09 33.09 22.62
C TYR B 345 11.41 31.76 22.48
N LEU B 346 12.15 30.63 22.40
CA LEU B 346 11.64 29.29 22.26
C LEU B 346 10.81 29.04 23.45
N MET B 347 11.33 29.36 24.64
CA MET B 347 10.68 29.15 25.91
C MET B 347 9.43 29.90 26.08
N ASN B 348 9.40 31.19 25.58
CA ASN B 348 8.30 32.10 25.56
C ASN B 348 7.19 31.50 24.77
N TRP B 349 7.55 30.95 23.58
CA TRP B 349 6.66 30.35 22.66
C TRP B 349 6.07 29.08 23.15
N LEU B 350 6.94 28.09 23.55
CA LEU B 350 6.42 26.86 24.02
C LEU B 350 5.63 26.88 25.27
N THR B 351 6.13 27.65 26.30
CA THR B 351 5.48 27.67 27.65
C THR B 351 4.32 28.68 27.74
N LYS B 352 4.30 29.87 27.11
CA LYS B 352 3.07 30.70 27.23
C LYS B 352 2.62 31.17 25.87
N GLY B 353 2.84 30.49 24.72
CA GLY B 353 2.13 30.81 23.47
C GLY B 353 2.30 32.25 23.04
N LEU B 354 3.55 32.83 23.22
CA LEU B 354 3.84 34.22 22.99
C LEU B 354 5.21 34.35 22.45
N LEU B 355 5.49 35.46 21.70
CA LEU B 355 6.80 35.74 21.04
C LEU B 355 6.89 37.20 20.82
N ARG B 356 8.05 37.63 20.36
CA ARG B 356 8.22 39.03 19.97
C ARG B 356 9.34 39.05 19.01
N ALA B 357 9.00 39.10 17.70
CA ALA B 357 9.90 39.14 16.64
C ALA B 357 10.31 40.61 16.41
N THR B 358 11.02 41.16 17.33
CA THR B 358 11.12 42.57 17.65
C THR B 358 11.87 43.33 16.52
N TYR B 359 12.90 42.67 15.78
CA TYR B 359 13.63 43.32 14.69
C TYR B 359 13.94 42.30 13.56
N GLY B 360 12.99 41.40 13.39
CA GLY B 360 13.12 40.43 12.33
C GLY B 360 13.71 39.18 12.88
N GLU B 361 13.61 38.91 14.27
CA GLU B 361 14.18 37.81 14.90
C GLU B 361 13.10 36.74 14.93
N PHE B 362 13.54 35.51 15.22
CA PHE B 362 12.80 34.25 15.16
C PHE B 362 12.48 34.01 13.71
N PHE B 363 11.42 33.15 13.53
CA PHE B 363 11.11 32.51 12.25
C PHE B 363 9.68 32.00 12.37
N ILE B 364 8.96 32.40 13.50
CA ILE B 364 7.53 32.28 13.60
C ILE B 364 7.02 33.67 13.38
N ALA B 365 6.01 33.92 12.52
CA ALA B 365 5.64 35.22 11.99
C ALA B 365 4.18 35.43 12.26
N GLU B 366 3.78 36.69 12.49
CA GLU B 366 2.40 37.00 12.68
C GLU B 366 1.68 37.27 11.44
N ASN B 367 0.43 36.64 11.40
CA ASN B 367 -0.41 36.64 10.25
C ASN B 367 -1.16 37.97 10.10
N TYR B 379 -8.65 38.87 13.71
CA TYR B 379 -7.98 37.56 13.54
C TYR B 379 -8.11 36.69 14.77
N HIS B 380 -8.16 35.39 14.59
CA HIS B 380 -8.22 34.29 15.53
C HIS B 380 -6.98 33.48 15.32
N ILE B 381 -6.39 33.59 14.12
CA ILE B 381 -5.12 33.07 13.86
C ILE B 381 -4.28 34.30 13.44
N PRO B 382 -3.41 34.82 14.33
CA PRO B 382 -2.54 35.95 13.97
C PRO B 382 -1.17 35.40 14.07
N ILE B 383 -1.01 34.10 13.80
CA ILE B 383 0.35 33.58 13.78
C ILE B 383 0.44 32.39 12.86
N GLU B 384 1.63 32.26 12.23
CA GLU B 384 1.93 31.32 11.16
C GLU B 384 3.37 31.03 11.26
N PHE B 385 3.87 30.06 10.46
CA PHE B 385 5.32 29.73 10.36
C PHE B 385 5.88 30.63 9.31
N ASN B 386 7.06 31.17 9.62
CA ASN B 386 7.83 31.84 8.67
C ASN B 386 9.00 30.93 8.31
N GLN B 387 8.82 30.13 7.20
CA GLN B 387 9.64 29.19 6.66
C GLN B 387 10.89 29.84 6.10
N GLU B 388 10.74 31.10 5.57
CA GLU B 388 11.84 31.84 4.94
C GLU B 388 12.98 32.14 5.80
N ARG B 389 12.72 32.51 7.02
CA ARG B 389 13.72 32.75 8.00
C ARG B 389 14.36 31.56 8.58
N VAL B 390 13.70 30.35 8.52
CA VAL B 390 14.02 29.29 9.50
C VAL B 390 15.46 28.84 9.46
N PRO B 391 15.91 28.32 10.62
CA PRO B 391 17.27 27.94 10.84
C PRO B 391 17.40 26.53 10.20
N ALA B 392 18.73 26.17 10.18
CA ALA B 392 19.39 25.03 9.70
C ALA B 392 20.59 24.79 10.56
N PHE B 393 20.84 25.83 11.46
CA PHE B 393 21.81 25.75 12.56
C PHE B 393 21.32 24.57 13.46
N ILE B 394 20.00 24.55 13.63
CA ILE B 394 19.17 23.54 14.10
C ILE B 394 18.19 23.42 12.94
N PRO B 395 18.01 22.26 12.33
CA PRO B 395 17.32 22.05 11.08
C PRO B 395 15.98 22.70 10.84
N LYS B 396 15.64 22.79 9.57
CA LYS B 396 14.36 23.31 9.23
C LYS B 396 13.20 22.49 9.76
N GLU B 397 13.37 21.09 9.77
CA GLU B 397 12.34 20.18 10.24
C GLU B 397 12.09 20.40 11.70
N LEU B 398 13.17 20.61 12.47
CA LEU B 398 13.22 20.70 13.94
C LEU B 398 12.42 21.94 14.34
N ALA B 399 12.68 23.01 13.53
CA ALA B 399 11.95 24.22 13.66
C ALA B 399 10.48 24.07 13.34
N TYR B 400 10.08 23.27 12.26
CA TYR B 400 8.65 23.06 11.93
C TYR B 400 7.85 22.36 12.95
N LYS B 401 8.44 21.32 13.61
CA LYS B 401 7.90 20.60 14.70
C LYS B 401 7.67 21.44 15.95
N ILE B 402 8.65 22.32 16.17
CA ILE B 402 8.69 23.25 17.28
C ILE B 402 7.52 24.22 17.12
N PHE B 403 7.21 24.69 15.87
CA PHE B 403 6.12 25.50 15.54
C PHE B 403 4.88 24.69 15.91
N MET B 404 4.81 23.35 15.56
CA MET B 404 3.57 22.69 15.79
C MET B 404 3.13 22.58 17.25
N ILE B 405 4.07 22.25 18.17
CA ILE B 405 3.80 22.23 19.63
C ILE B 405 3.42 23.61 20.15
N GLY B 406 4.07 24.71 19.72
CA GLY B 406 3.87 26.11 20.17
C GLY B 406 2.41 26.53 19.77
N LYS B 407 2.08 26.09 18.55
CA LYS B 407 0.83 26.34 17.93
C LYS B 407 -0.24 25.64 18.70
N SER B 408 0.00 24.41 19.17
CA SER B 408 -0.95 23.69 19.93
C SER B 408 -1.19 24.44 21.22
N TYR B 409 -0.11 24.98 21.80
CA TYR B 409 -0.14 25.59 23.17
C TYR B 409 -1.03 26.83 23.15
N ILE B 410 -0.92 27.71 22.10
CA ILE B 410 -1.70 28.84 21.88
C ILE B 410 -3.18 28.55 21.63
N PHE B 411 -3.38 27.49 20.85
CA PHE B 411 -4.64 26.95 20.33
C PHE B 411 -5.40 26.54 21.56
N LEU B 412 -4.69 26.00 22.59
CA LEU B 412 -5.29 25.62 23.86
C LEU B 412 -5.84 26.74 24.60
N GLU B 413 -5.20 27.95 24.60
CA GLU B 413 -5.74 29.12 25.20
C GLU B 413 -6.97 29.59 24.49
N LYS B 414 -6.98 29.41 23.18
CA LYS B 414 -8.10 29.63 22.33
C LYS B 414 -9.24 28.71 22.60
N TYR B 415 -8.92 27.40 22.95
CA TYR B 415 -9.79 26.30 23.35
C TYR B 415 -10.59 26.71 24.54
N CYS B 416 -9.87 27.38 25.48
CA CYS B 416 -10.29 28.02 26.65
C CYS B 416 -10.30 27.02 27.69
N LYS B 417 -9.63 25.90 27.49
CA LYS B 417 -9.65 24.91 28.51
C LYS B 417 -8.45 25.21 29.39
N GLU B 418 -8.31 24.52 30.53
CA GLU B 418 -7.25 24.48 31.48
C GLU B 418 -5.89 24.67 30.90
N VAL B 419 -5.35 25.81 31.32
CA VAL B 419 -3.99 26.21 31.11
C VAL B 419 -3.07 25.33 31.81
N GLN B 420 -2.35 24.41 31.10
CA GLN B 420 -1.54 23.43 31.73
C GLN B 420 -0.43 24.05 32.63
N TRP B 421 -0.22 23.43 33.80
CA TRP B 421 0.63 23.91 34.85
C TRP B 421 1.96 23.29 34.79
N THR B 422 2.00 21.97 34.59
CA THR B 422 3.15 21.10 34.68
C THR B 422 4.26 21.32 33.63
N ASN B 423 3.75 21.86 32.50
CA ASN B 423 4.63 22.31 31.42
C ASN B 423 5.61 23.28 31.75
N GLU B 424 5.18 24.25 32.61
CA GLU B 424 6.11 25.31 33.05
C GLU B 424 7.29 24.82 33.79
N PHE B 425 7.07 23.86 34.74
CA PHE B 425 8.21 23.43 35.56
C PHE B 425 9.21 22.70 34.66
N SER B 426 8.66 21.89 33.72
CA SER B 426 9.61 21.17 32.80
C SER B 426 10.41 22.07 31.99
N LYS B 427 9.79 23.20 31.45
CA LYS B 427 10.44 24.18 30.58
C LYS B 427 11.59 24.92 31.31
N LYS B 428 11.37 25.19 32.63
CA LYS B 428 12.33 25.79 33.53
C LYS B 428 13.44 24.81 33.65
N TYR B 429 13.15 23.49 33.77
CA TYR B 429 14.27 22.55 33.95
C TYR B 429 15.11 22.54 32.76
N HIS B 430 14.45 22.56 31.59
CA HIS B 430 15.14 22.57 30.32
C HIS B 430 15.98 23.76 30.02
N VAL B 431 15.58 25.00 30.35
CA VAL B 431 16.48 26.13 30.17
C VAL B 431 17.64 26.04 31.04
N LEU B 432 17.45 25.55 32.31
CA LEU B 432 18.47 25.26 33.33
C LEU B 432 19.37 24.17 32.87
N TYR B 433 18.85 23.12 32.18
CA TYR B 433 19.67 22.01 31.62
C TYR B 433 20.61 22.52 30.62
N GLN B 434 20.11 23.47 29.70
CA GLN B 434 20.94 24.01 28.65
C GLN B 434 22.06 24.84 29.24
N SER B 435 21.78 25.60 30.32
CA SER B 435 22.76 26.38 31.05
C SER B 435 23.88 25.49 31.69
N ASN B 436 23.60 24.23 32.05
CA ASN B 436 24.55 23.31 32.72
C ASN B 436 25.57 22.97 31.68
N SER B 437 25.15 22.92 30.46
CA SER B 437 25.90 22.59 29.33
C SER B 437 26.62 23.78 28.92
N TYR B 438 27.46 23.68 27.87
CA TYR B 438 28.24 24.81 27.28
C TYR B 438 27.35 25.99 26.90
N ARG B 439 26.29 25.80 26.10
CA ARG B 439 25.32 26.79 25.73
C ARG B 439 24.04 26.06 25.97
N GLY B 440 23.97 24.84 25.49
CA GLY B 440 22.81 23.98 25.63
C GLY B 440 23.15 22.84 24.64
N ILE B 441 22.34 21.71 24.76
CA ILE B 441 22.47 20.59 23.86
C ILE B 441 21.12 20.57 23.17
N SER B 442 21.02 20.98 21.82
CA SER B 442 19.85 21.07 21.05
C SER B 442 19.26 19.70 20.84
N THR B 443 20.06 18.68 20.58
CA THR B 443 19.54 17.37 20.32
C THR B 443 18.83 16.84 21.44
N ASN B 444 19.42 16.91 22.65
CA ASN B 444 18.83 16.34 23.82
C ASN B 444 17.61 17.08 24.17
N PHE B 445 17.72 18.42 23.96
CA PHE B 445 16.61 19.26 24.23
C PHE B 445 15.40 18.97 23.34
N PHE B 446 15.61 18.78 22.04
CA PHE B 446 14.57 18.54 21.02
C PHE B 446 13.87 17.21 21.35
N GLU B 447 14.72 16.23 21.80
CA GLU B 447 14.23 14.88 22.16
C GLU B 447 13.24 15.00 23.24
N ILE B 448 13.53 15.89 24.22
CA ILE B 448 12.83 16.22 25.35
C ILE B 448 11.52 16.87 25.00
N ILE B 449 11.60 17.80 24.02
CA ILE B 449 10.41 18.35 23.52
C ILE B 449 9.55 17.33 22.83
N ASN B 450 10.09 16.42 21.99
CA ASN B 450 9.35 15.51 21.14
C ASN B 450 8.54 14.62 21.99
N ASP B 451 9.07 14.15 23.13
CA ASP B 451 8.39 13.29 24.01
C ASP B 451 7.22 13.99 24.68
N GLN B 452 7.43 15.22 25.00
CA GLN B 452 6.50 16.08 25.58
C GLN B 452 5.42 16.32 24.47
N TYR B 453 5.79 16.45 23.20
CA TYR B 453 4.84 16.72 22.20
C TYR B 453 3.93 15.52 22.09
N SER B 454 4.45 14.29 22.07
CA SER B 454 3.62 13.15 21.94
C SER B 454 2.68 13.06 23.09
N GLU B 455 3.19 13.32 24.34
CA GLU B 455 2.42 13.34 25.54
C GLU B 455 1.32 14.33 25.58
N ILE B 456 1.56 15.58 25.14
CA ILE B 456 0.54 16.57 25.04
C ILE B 456 -0.54 16.28 24.03
N VAL B 457 -0.12 15.70 22.85
CA VAL B 457 -1.00 15.43 21.67
C VAL B 457 -2.00 14.35 22.26
N ASN B 458 -1.47 13.33 22.98
CA ASN B 458 -2.37 12.30 23.52
C ASN B 458 -3.26 12.87 24.55
N HIS B 459 -2.72 13.73 25.49
CA HIS B 459 -3.57 14.28 26.56
C HIS B 459 -4.68 15.18 26.04
N THR B 460 -4.38 15.92 24.95
CA THR B 460 -5.25 16.78 24.26
C THR B 460 -6.25 15.89 23.62
N ASN B 461 -5.82 14.65 23.11
CA ASN B 461 -6.82 13.77 22.49
C ASN B 461 -7.82 13.35 23.54
N GLN B 462 -7.40 12.98 24.67
CA GLN B 462 -8.29 12.56 25.76
C GLN B 462 -9.18 13.66 26.19
N ILE B 463 -8.61 14.91 26.29
CA ILE B 463 -9.38 16.08 26.64
C ILE B 463 -10.49 16.42 25.62
N LEU B 464 -10.16 16.33 24.32
CA LEU B 464 -11.10 16.62 23.26
C LEU B 464 -12.15 15.62 23.18
N ASN B 465 -11.72 14.33 23.04
CA ASN B 465 -12.54 13.27 22.84
C ASN B 465 -13.34 12.97 24.03
N GLN B 466 -12.81 12.75 25.24
CA GLN B 466 -13.57 12.48 26.42
C GLN B 466 -14.25 13.62 26.95
N LYS B 467 -13.53 14.70 27.14
CA LYS B 467 -14.11 15.78 28.00
C LYS B 467 -15.09 16.54 27.16
N PHE B 468 -14.86 16.89 25.87
CA PHE B 468 -15.70 17.78 25.13
C PHE B 468 -16.22 16.91 23.96
N HIS B 469 -16.23 15.58 24.04
CA HIS B 469 -16.96 14.65 23.21
C HIS B 469 -16.71 14.81 21.72
N TYR B 470 -15.48 15.38 21.33
CA TYR B 470 -15.20 15.85 19.99
C TYR B 470 -15.22 14.81 18.93
N ARG B 471 -14.59 13.65 19.17
CA ARG B 471 -14.48 12.61 18.26
C ARG B 471 -15.91 12.10 17.88
N ASP B 472 -16.74 12.11 18.94
CA ASP B 472 -18.07 11.69 19.08
C ASP B 472 -18.88 12.57 18.26
N VAL B 473 -18.59 13.87 18.28
CA VAL B 473 -19.25 14.93 17.52
C VAL B 473 -18.95 14.84 16.06
N VAL B 474 -17.70 14.44 15.63
CA VAL B 474 -17.42 14.26 14.17
C VAL B 474 -18.37 13.16 13.66
N PHE B 475 -18.55 12.10 14.50
CA PHE B 475 -19.40 10.97 14.21
C PHE B 475 -20.79 11.44 14.03
N ALA B 476 -21.30 12.36 14.93
CA ALA B 476 -22.62 12.94 14.88
C ALA B 476 -22.81 13.73 13.62
N LEU B 477 -21.77 14.47 13.20
CA LEU B 477 -21.73 15.36 12.05
C LEU B 477 -21.93 14.51 10.90
N LYS B 478 -21.27 13.36 10.79
CA LYS B 478 -21.48 12.48 9.63
C LYS B 478 -22.88 11.93 9.54
N ASN B 479 -23.49 11.53 10.65
CA ASN B 479 -24.81 11.05 10.71
C ASN B 479 -25.77 12.13 10.29
N ILE B 480 -25.71 13.36 10.83
CA ILE B 480 -26.70 14.44 10.49
C ILE B 480 -26.43 15.21 9.14
N LEU B 481 -25.19 15.76 9.05
CA LEU B 481 -24.72 16.67 8.01
C LEU B 481 -24.65 15.91 6.74
N LEU B 482 -24.03 14.69 6.86
CA LEU B 482 -23.73 13.87 5.71
C LEU B 482 -24.89 12.85 5.54
N MET B 483 -26.06 13.10 6.27
CA MET B 483 -27.20 12.26 6.23
C MET B 483 -26.91 10.75 6.27
N GLY B 484 -26.04 10.27 7.24
CA GLY B 484 -25.82 8.91 7.43
C GLY B 484 -26.98 8.25 8.14
N LYS B 485 -27.72 9.07 9.01
CA LYS B 485 -28.97 8.82 9.70
C LYS B 485 -29.88 9.38 8.71
N SER B 486 -30.40 8.51 7.82
CA SER B 486 -31.31 8.89 6.79
C SER B 486 -32.65 9.33 7.37
N ASP B 487 -32.97 8.64 8.51
CA ASP B 487 -34.26 8.73 9.16
C ASP B 487 -34.59 10.10 9.67
N PHE B 488 -33.64 10.84 10.34
CA PHE B 488 -33.94 12.20 10.88
C PHE B 488 -34.33 13.21 9.71
N MET B 489 -33.56 13.26 8.57
CA MET B 489 -33.73 14.12 7.41
C MET B 489 -35.06 13.78 6.73
N ASP B 490 -35.44 12.43 6.65
CA ASP B 490 -36.66 11.98 6.04
C ASP B 490 -37.83 12.47 6.76
N ALA B 491 -37.76 12.39 8.13
CA ALA B 491 -38.78 13.01 8.97
C ALA B 491 -38.84 14.51 8.84
N LEU B 492 -37.68 15.23 8.76
CA LEU B 492 -37.74 16.70 8.62
C LEU B 492 -38.44 17.18 7.35
N ILE B 493 -38.11 16.51 6.26
CA ILE B 493 -38.63 16.82 4.97
C ILE B 493 -40.14 16.61 4.90
N GLU B 494 -40.59 15.47 5.46
CA GLU B 494 -42.01 15.00 5.48
C GLU B 494 -42.81 15.96 6.19
N LYS B 495 -42.29 16.32 7.37
CA LYS B 495 -43.04 17.29 8.24
C LYS B 495 -43.03 18.62 7.60
N ALA B 496 -41.93 19.19 7.02
CA ALA B 496 -41.73 20.49 6.39
C ALA B 496 -42.45 20.79 5.06
N ASN B 497 -42.70 19.70 4.29
CA ASN B 497 -42.94 19.73 2.91
C ASN B 497 -44.02 20.70 2.43
N ASP B 498 -45.15 20.77 3.20
CA ASP B 498 -46.29 21.59 2.89
C ASP B 498 -45.95 23.09 2.95
N ILE B 499 -45.19 23.40 3.96
CA ILE B 499 -44.75 24.70 4.23
C ILE B 499 -43.75 25.25 3.23
N LEU B 500 -42.81 24.39 2.73
CA LEU B 500 -41.84 24.82 1.79
C LEU B 500 -42.35 24.98 0.41
N ALA B 501 -43.38 24.25 0.02
CA ALA B 501 -44.10 24.30 -1.29
C ALA B 501 -44.65 25.69 -1.43
N THR B 502 -45.05 26.39 -0.37
CA THR B 502 -45.60 27.74 -0.46
C THR B 502 -44.42 28.67 -0.31
N PRO B 503 -44.54 29.83 -1.10
CA PRO B 503 -43.48 30.87 -1.18
C PRO B 503 -42.86 31.27 0.09
N SER B 504 -41.58 31.69 0.00
CA SER B 504 -40.73 32.26 1.01
C SER B 504 -41.44 33.25 1.95
N ASP B 505 -41.33 32.96 3.27
CA ASP B 505 -41.95 33.71 4.37
C ASP B 505 -41.14 33.32 5.60
N SER B 506 -41.15 34.31 6.60
CA SER B 506 -40.28 34.22 7.73
C SER B 506 -40.91 33.38 8.84
N LEU B 507 -42.22 33.07 8.77
CA LEU B 507 -43.00 32.22 9.67
C LEU B 507 -42.62 30.75 9.53
N PRO B 508 -42.25 30.25 8.33
CA PRO B 508 -41.84 28.97 8.11
C PRO B 508 -40.72 28.56 8.98
N ASN B 509 -39.82 29.52 9.21
CA ASN B 509 -38.57 29.34 9.87
C ASN B 509 -38.78 28.84 11.27
N TYR B 510 -39.76 29.42 12.01
CA TYR B 510 -40.13 29.10 13.35
C TYR B 510 -40.70 27.77 13.41
N LYS B 511 -41.53 27.53 12.43
CA LYS B 511 -42.23 26.32 12.21
C LYS B 511 -41.31 25.10 12.01
N LEU B 512 -40.26 25.35 11.23
CA LEU B 512 -39.07 24.60 10.88
C LEU B 512 -38.21 24.33 12.02
N THR B 513 -38.01 25.23 12.95
CA THR B 513 -37.27 25.02 14.17
C THR B 513 -37.96 23.96 15.08
N ARG B 514 -39.33 24.04 15.19
CA ARG B 514 -40.03 23.11 16.01
C ARG B 514 -39.93 21.79 15.42
N VAL B 515 -40.05 21.70 14.09
CA VAL B 515 -39.99 20.50 13.29
C VAL B 515 -38.59 19.87 13.49
N LEU B 516 -37.53 20.69 13.61
CA LEU B 516 -36.15 20.32 13.84
C LEU B 516 -36.10 19.67 15.10
N GLN B 517 -36.77 20.22 16.17
CA GLN B 517 -36.77 19.66 17.50
C GLN B 517 -37.48 18.34 17.46
N GLU B 518 -38.61 18.24 16.76
CA GLU B 518 -39.53 17.08 16.67
C GLU B 518 -38.97 15.97 16.12
N ALA B 519 -38.10 16.12 15.10
CA ALA B 519 -37.28 15.15 14.41
C ALA B 519 -36.34 14.56 15.30
N VAL B 520 -35.69 15.32 16.22
CA VAL B 520 -34.77 14.79 17.23
C VAL B 520 -35.45 13.86 18.14
N GLN B 521 -36.69 14.18 18.60
CA GLN B 521 -37.54 13.35 19.46
C GLN B 521 -38.03 12.12 18.81
N LEU B 522 -38.42 12.29 17.50
CA LEU B 522 -38.90 11.23 16.67
C LEU B 522 -37.88 10.13 16.39
N SER B 523 -36.59 10.50 16.16
CA SER B 523 -35.50 9.61 15.88
C SER B 523 -35.02 8.94 17.00
N SER B 524 -35.60 9.26 18.14
CA SER B 524 -35.30 8.57 19.40
C SER B 524 -33.84 8.77 19.71
N LEU B 525 -33.38 10.04 19.64
CA LEU B 525 -32.02 10.44 19.97
C LEU B 525 -31.98 10.50 21.43
N ARG B 526 -31.09 9.62 21.97
CA ARG B 526 -30.98 9.09 23.37
C ARG B 526 -29.50 9.41 23.54
N HIS B 527 -29.26 10.34 24.46
CA HIS B 527 -27.88 10.76 24.81
C HIS B 527 -28.05 11.55 26.02
N LEU B 528 -29.19 11.21 26.78
CA LEU B 528 -29.55 12.04 27.92
C LEU B 528 -28.95 11.31 29.09
N MET B 529 -27.96 10.49 28.85
CA MET B 529 -27.13 9.83 29.82
C MET B 529 -25.95 10.61 30.28
N ASN B 530 -24.78 10.01 30.50
CA ASN B 530 -23.55 10.70 30.78
C ASN B 530 -23.14 11.63 29.60
N SER B 531 -23.42 11.03 28.42
CA SER B 531 -23.08 11.57 27.11
C SER B 531 -23.88 12.89 27.01
N PRO B 532 -23.40 13.92 26.27
CA PRO B 532 -24.00 15.22 26.16
C PRO B 532 -25.52 15.06 26.09
N ARG B 533 -26.30 15.44 27.12
CA ARG B 533 -27.68 15.66 27.29
C ARG B 533 -27.88 16.83 26.44
N ASN B 534 -26.89 17.82 26.70
CA ASN B 534 -26.60 18.94 25.93
C ASN B 534 -25.85 18.63 24.70
N SER B 535 -26.51 17.85 23.84
CA SER B 535 -25.90 17.31 22.68
C SER B 535 -25.47 18.50 21.80
N SER B 536 -24.35 18.44 21.09
CA SER B 536 -23.95 19.42 20.11
C SER B 536 -24.87 19.55 18.95
N VAL B 537 -25.50 18.48 18.50
CA VAL B 537 -26.46 18.72 17.39
C VAL B 537 -27.69 19.54 17.75
N ILE B 538 -28.27 19.25 18.95
CA ILE B 538 -29.40 19.91 19.46
C ILE B 538 -29.02 21.38 19.79
N ASN B 539 -27.95 21.54 20.56
CA ASN B 539 -27.46 22.78 21.18
C ASN B 539 -26.89 23.71 20.05
N GLY B 540 -26.02 23.05 19.24
CA GLY B 540 -25.22 23.68 18.26
C GLY B 540 -26.05 24.12 17.00
N LEU B 541 -27.13 23.39 16.63
CA LEU B 541 -27.77 23.86 15.43
C LEU B 541 -28.95 24.77 15.64
N ASP B 542 -28.94 25.79 14.79
CA ASP B 542 -29.95 26.83 14.76
C ASP B 542 -30.20 26.89 13.27
N ALA B 543 -31.46 27.16 12.87
CA ALA B 543 -31.73 27.32 11.50
C ALA B 543 -31.75 28.75 11.04
N ARG B 544 -31.22 29.02 9.86
CA ARG B 544 -31.04 30.33 9.26
C ARG B 544 -31.78 30.35 7.99
N VAL B 545 -32.19 31.58 7.68
CA VAL B 545 -32.70 31.91 6.41
C VAL B 545 -31.82 33.05 6.01
N LEU B 546 -31.27 32.98 4.79
CA LEU B 546 -30.42 33.96 4.15
C LEU B 546 -29.70 33.15 3.13
N ASP B 547 -29.89 33.38 1.85
CA ASP B 547 -29.23 32.64 0.81
C ASP B 547 -29.02 33.56 -0.43
N LEU B 548 -28.44 33.05 -1.56
CA LEU B 548 -28.28 33.78 -2.80
C LEU B 548 -29.21 33.06 -3.74
N GLY B 549 -30.10 32.22 -3.21
CA GLY B 549 -31.12 31.44 -3.98
C GLY B 549 -32.43 31.99 -3.61
N HIS B 550 -33.37 32.07 -4.57
CA HIS B 550 -34.69 32.53 -4.29
C HIS B 550 -35.57 31.99 -5.32
N GLY B 551 -36.86 31.77 -4.90
CA GLY B 551 -37.92 31.42 -5.76
C GLY B 551 -39.20 31.79 -5.23
N SER B 552 -40.25 31.08 -5.73
CA SER B 552 -41.59 31.11 -5.19
C SER B 552 -41.76 29.97 -4.27
N VAL B 553 -40.68 29.55 -3.64
CA VAL B 553 -40.72 28.48 -2.64
C VAL B 553 -39.69 28.81 -1.48
N GLY B 554 -39.99 28.31 -0.26
CA GLY B 554 -39.24 28.33 0.91
C GLY B 554 -37.90 27.57 0.79
N TRP B 555 -37.89 26.42 0.07
CA TRP B 555 -36.72 25.53 0.16
C TRP B 555 -35.34 26.10 -0.25
N ASP B 556 -35.18 26.86 -1.39
CA ASP B 556 -33.89 27.38 -1.85
C ASP B 556 -33.25 28.36 -0.89
N VAL B 557 -34.06 29.19 -0.21
CA VAL B 557 -33.72 30.20 0.79
C VAL B 557 -33.09 29.63 2.07
N PHE B 558 -33.45 28.34 2.38
CA PHE B 558 -33.16 27.67 3.63
C PHE B 558 -31.70 27.39 3.78
N THR B 559 -31.27 27.60 5.05
CA THR B 559 -29.94 27.20 5.33
C THR B 559 -29.98 26.77 6.85
N LEU B 560 -28.85 26.07 7.23
CA LEU B 560 -28.66 25.56 8.58
C LEU B 560 -27.38 26.11 9.10
N ASP B 561 -27.28 26.53 10.42
CA ASP B 561 -26.04 27.17 10.89
C ASP B 561 -25.63 26.42 12.13
N TYR B 562 -24.34 26.12 12.28
CA TYR B 562 -23.67 25.43 13.41
C TYR B 562 -22.69 26.34 14.07
N ILE B 563 -22.75 26.48 15.39
CA ILE B 563 -22.12 27.50 16.23
C ILE B 563 -20.58 27.27 16.23
N LEU B 564 -19.75 28.33 16.38
CA LEU B 564 -18.38 28.42 16.31
C LEU B 564 -17.77 28.10 17.66
N TYR B 565 -16.95 27.03 17.67
CA TYR B 565 -16.24 26.50 18.77
C TYR B 565 -15.11 25.91 17.91
N PRO B 566 -13.84 25.86 18.38
CA PRO B 566 -12.71 25.19 17.72
C PRO B 566 -13.00 23.84 17.05
N PRO B 567 -12.42 23.65 15.84
CA PRO B 567 -11.47 24.46 15.22
C PRO B 567 -12.07 25.55 14.49
N LEU B 568 -13.43 25.53 14.29
CA LEU B 568 -14.15 26.36 13.38
C LEU B 568 -14.07 27.93 13.64
N SER B 569 -13.90 28.31 14.92
CA SER B 569 -13.74 29.71 15.32
C SER B 569 -12.64 30.47 14.62
N LEU B 570 -11.66 29.67 14.22
CA LEU B 570 -10.43 30.08 13.58
C LEU B 570 -10.72 30.79 12.28
N VAL B 571 -11.73 30.25 11.47
CA VAL B 571 -12.13 30.81 10.21
C VAL B 571 -12.47 32.24 10.31
N LEU B 572 -13.19 32.66 11.33
CA LEU B 572 -13.59 34.06 11.45
C LEU B 572 -12.34 34.81 11.88
N ASN B 573 -11.81 35.73 11.07
CA ASN B 573 -10.67 36.49 11.31
C ASN B 573 -11.04 37.87 11.31
N VAL B 574 -10.78 38.48 10.16
CA VAL B 574 -11.11 39.78 9.60
C VAL B 574 -12.30 39.54 8.75
N ASN B 575 -12.43 38.27 8.38
CA ASN B 575 -13.42 37.47 7.67
C ASN B 575 -12.94 37.20 6.25
N ARG B 576 -11.68 37.10 6.05
CA ARG B 576 -11.03 36.96 4.75
C ARG B 576 -11.30 35.61 4.15
N PRO B 577 -11.24 34.46 4.87
CA PRO B 577 -11.65 33.14 4.42
C PRO B 577 -13.02 32.91 3.74
N PHE B 578 -13.16 31.64 3.33
CA PHE B 578 -14.30 30.98 2.67
C PHE B 578 -13.95 29.57 2.96
N GLY B 579 -13.21 29.26 4.09
CA GLY B 579 -12.95 27.93 4.60
C GLY B 579 -14.18 27.14 5.16
N ARG B 580 -14.99 27.79 6.13
CA ARG B 580 -16.17 27.31 6.82
C ARG B 580 -17.16 27.26 5.63
N LYS B 581 -17.11 28.21 4.72
CA LYS B 581 -17.91 28.44 3.60
C LYS B 581 -17.72 27.32 2.65
N GLU B 582 -16.49 26.79 2.40
CA GLU B 582 -16.18 25.75 1.50
C GLU B 582 -16.84 24.46 1.98
N TYR B 583 -16.74 24.20 3.31
CA TYR B 583 -17.57 23.18 3.94
C TYR B 583 -19.06 23.33 3.89
N LEU B 584 -19.52 24.63 4.06
CA LEU B 584 -20.96 24.88 3.88
C LEU B 584 -21.54 24.58 2.55
N ARG B 585 -20.80 24.87 1.44
CA ARG B 585 -21.19 24.61 0.02
C ARG B 585 -21.24 23.06 -0.24
N ILE B 586 -20.26 22.28 0.27
CA ILE B 586 -20.32 20.81 0.00
C ILE B 586 -21.57 20.20 0.69
N PHE B 587 -21.89 20.71 1.93
CA PHE B 587 -23.09 20.44 2.70
C PHE B 587 -24.31 20.75 1.86
N ASN B 588 -24.30 21.89 1.16
CA ASN B 588 -25.50 22.31 0.37
C ASN B 588 -25.89 21.40 -0.75
N PHE B 589 -24.80 20.95 -1.47
CA PHE B 589 -24.99 20.05 -2.64
C PHE B 589 -25.57 18.78 -2.22
N LEU B 590 -25.04 18.18 -1.15
CA LEU B 590 -25.66 16.96 -0.58
C LEU B 590 -27.07 17.06 -0.01
N TRP B 591 -27.27 18.19 0.74
CA TRP B 591 -28.57 18.48 1.40
C TRP B 591 -29.68 18.64 0.31
N ARG B 592 -29.35 19.28 -0.81
CA ARG B 592 -30.14 19.45 -2.02
C ARG B 592 -30.55 18.24 -2.75
N PHE B 593 -29.60 17.31 -2.88
CA PHE B 593 -29.81 16.07 -3.53
C PHE B 593 -30.88 15.22 -2.85
N LYS B 594 -30.73 15.15 -1.54
CA LYS B 594 -31.67 14.50 -0.64
C LYS B 594 -33.01 15.15 -0.63
N LYS B 595 -32.99 16.53 -0.70
CA LYS B 595 -34.22 17.30 -0.61
C LYS B 595 -35.19 17.01 -1.72
N ASN B 596 -34.56 17.02 -2.94
CA ASN B 596 -35.25 16.66 -4.24
C ASN B 596 -35.68 15.27 -4.28
N ASN B 597 -34.80 14.32 -3.68
CA ASN B 597 -35.05 12.87 -3.62
C ASN B 597 -36.27 12.54 -2.89
N TYR B 598 -36.40 13.23 -1.80
CA TYR B 598 -37.59 13.16 -0.97
C TYR B 598 -38.88 13.66 -1.66
N PHE B 599 -38.76 14.80 -2.40
CA PHE B 599 -39.95 15.26 -3.05
C PHE B 599 -40.42 14.25 -4.09
N TYR B 600 -39.38 13.68 -4.78
CA TYR B 600 -39.67 12.68 -5.72
C TYR B 600 -40.36 11.49 -5.12
N GLN B 601 -39.83 10.94 -3.91
CA GLN B 601 -40.41 9.79 -3.27
C GLN B 601 -41.78 10.05 -2.87
N LYS B 602 -42.04 11.32 -2.30
CA LYS B 602 -43.30 11.61 -1.67
C LYS B 602 -44.48 11.54 -2.63
N GLU B 603 -44.22 12.07 -3.84
CA GLU B 603 -45.16 12.11 -5.03
C GLU B 603 -45.44 10.68 -5.45
N MET B 604 -44.41 9.81 -5.53
CA MET B 604 -44.40 8.47 -5.87
C MET B 604 -45.16 7.68 -4.79
N LEU B 605 -44.93 7.98 -3.50
CA LEU B 605 -45.62 7.31 -2.40
C LEU B 605 -47.14 7.56 -2.54
N LYS B 606 -47.54 8.80 -2.89
CA LYS B 606 -48.95 9.21 -3.00
C LYS B 606 -49.68 8.33 -4.01
N SER B 607 -49.00 8.04 -5.12
CA SER B 607 -49.53 7.26 -6.18
C SER B 607 -49.80 5.82 -5.91
N ASN B 608 -49.03 5.17 -5.02
CA ASN B 608 -49.14 3.80 -4.60
C ASN B 608 -50.46 3.63 -3.80
N ASP B 609 -50.94 4.73 -3.12
CA ASP B 609 -52.15 4.57 -2.34
C ASP B 609 -53.34 4.31 -3.19
N ILE B 610 -54.07 3.24 -2.78
CA ILE B 610 -55.00 2.51 -3.61
C ILE B 610 -55.99 3.53 -4.14
N ILE B 611 -56.51 4.37 -3.20
CA ILE B 611 -57.55 5.32 -3.55
C ILE B 611 -56.85 6.59 -3.40
N ARG B 612 -56.56 7.21 -4.56
CA ARG B 612 -55.84 8.43 -4.64
C ARG B 612 -56.34 9.15 -5.94
N ILE B 628 -57.61 0.12 -14.89
CA ILE B 628 -57.15 -1.20 -15.35
C ILE B 628 -55.62 -1.24 -15.38
N ASN B 629 -55.02 -1.07 -16.54
CA ASN B 629 -53.55 -1.20 -16.79
C ASN B 629 -52.57 -0.16 -16.14
N LYS B 630 -53.01 1.14 -16.10
CA LYS B 630 -52.21 2.31 -15.80
C LYS B 630 -51.64 2.30 -14.37
N LEU B 631 -52.43 1.78 -13.40
CA LEU B 631 -52.03 1.73 -12.00
C LEU B 631 -50.81 0.89 -11.88
N SER B 632 -50.83 -0.26 -12.67
CA SER B 632 -49.71 -1.17 -12.65
C SER B 632 -48.43 -0.59 -13.15
N ARG B 633 -48.59 0.24 -14.25
CA ARG B 633 -47.49 0.89 -14.92
C ARG B 633 -46.82 1.94 -13.99
N ILE B 634 -47.55 2.78 -13.24
CA ILE B 634 -46.95 3.76 -12.34
C ILE B 634 -46.20 3.03 -11.32
N SER B 635 -46.68 1.84 -10.76
CA SER B 635 -45.94 1.07 -9.81
C SER B 635 -44.51 0.52 -10.31
N ILE B 636 -44.46 -0.07 -11.59
CA ILE B 636 -43.21 -0.71 -12.15
C ILE B 636 -42.19 0.39 -12.35
N LEU B 637 -42.72 1.47 -12.89
CA LEU B 637 -41.93 2.64 -13.20
C LEU B 637 -41.33 3.19 -11.89
N ARG B 638 -42.16 3.27 -10.75
CA ARG B 638 -41.72 3.76 -9.48
C ARG B 638 -40.58 2.97 -8.94
N THR B 639 -40.69 1.66 -9.02
CA THR B 639 -39.69 0.81 -8.56
C THR B 639 -38.41 0.88 -9.37
N GLN B 640 -38.47 0.97 -10.76
CA GLN B 640 -37.19 0.98 -11.51
C GLN B 640 -36.48 2.21 -11.14
N PHE B 641 -37.14 3.44 -11.08
CA PHE B 641 -36.46 4.66 -10.72
C PHE B 641 -35.89 4.70 -9.38
N GLN B 642 -36.60 4.13 -8.38
CA GLN B 642 -36.05 4.05 -7.09
C GLN B 642 -34.78 3.26 -6.93
N GLN B 643 -34.72 2.08 -7.63
CA GLN B 643 -33.52 1.21 -7.56
C GLN B 643 -32.35 1.96 -8.25
N PHE B 644 -32.58 2.65 -9.40
CA PHE B 644 -31.46 3.38 -9.95
C PHE B 644 -30.90 4.47 -8.99
N ASN B 645 -31.72 5.36 -8.50
CA ASN B 645 -31.11 6.38 -7.69
C ASN B 645 -30.49 5.88 -6.32
N SER B 646 -31.21 4.87 -5.73
CA SER B 646 -30.86 4.27 -4.49
C SER B 646 -29.58 3.62 -4.46
N LYS B 647 -29.34 2.97 -5.61
CA LYS B 647 -28.09 2.28 -5.92
C LYS B 647 -27.00 3.33 -6.11
N MET B 648 -27.18 4.47 -6.75
CA MET B 648 -26.11 5.46 -6.93
C MET B 648 -25.66 6.00 -5.63
N GLU B 649 -26.65 6.31 -4.73
CA GLU B 649 -26.49 6.75 -3.41
C GLU B 649 -25.78 5.77 -2.45
N SER B 650 -26.10 4.45 -2.58
CA SER B 650 -25.55 3.39 -1.83
C SER B 650 -24.10 3.25 -2.05
N TYR B 651 -23.71 3.23 -3.33
CA TYR B 651 -22.35 3.06 -3.80
C TYR B 651 -21.60 4.27 -3.36
N TYR B 652 -22.15 5.50 -3.53
CA TYR B 652 -21.43 6.68 -3.11
C TYR B 652 -21.07 6.78 -1.64
N LEU B 653 -21.99 6.45 -0.76
CA LEU B 653 -21.76 6.35 0.68
C LEU B 653 -20.81 5.24 1.10
N ASN B 654 -20.97 4.02 0.65
CA ASN B 654 -20.08 2.97 1.14
C ASN B 654 -18.69 3.20 0.47
N CYS B 655 -18.54 3.35 -0.89
CA CYS B 655 -17.19 3.47 -1.50
C CYS B 655 -16.44 4.76 -1.36
N ILE B 656 -16.99 6.01 -1.41
CA ILE B 656 -16.14 7.15 -1.10
C ILE B 656 -16.13 7.55 0.39
N ILE B 657 -17.30 7.95 0.99
CA ILE B 657 -17.30 8.71 2.23
C ILE B 657 -16.87 7.85 3.35
N GLU B 658 -17.56 6.68 3.43
CA GLU B 658 -17.36 5.80 4.55
C GLU B 658 -15.98 5.24 4.60
N GLU B 659 -15.37 4.84 3.47
CA GLU B 659 -13.99 4.27 3.32
C GLU B 659 -13.02 5.34 3.71
N ASN B 660 -13.19 6.58 3.23
CA ASN B 660 -12.22 7.63 3.55
C ASN B 660 -12.18 7.99 5.01
N PHE B 661 -13.35 8.12 5.69
CA PHE B 661 -13.51 8.26 7.08
C PHE B 661 -13.00 7.04 7.81
N LYS B 662 -13.19 5.77 7.37
CA LYS B 662 -12.74 4.61 8.11
C LYS B 662 -11.23 4.54 8.30
N GLU B 663 -10.51 4.84 7.21
CA GLU B 663 -9.09 4.82 7.32
C GLU B 663 -8.60 5.93 8.23
N MET B 664 -9.27 7.12 8.26
CA MET B 664 -8.83 8.25 9.07
C MET B 664 -8.85 7.93 10.52
N THR B 665 -10.00 7.25 10.84
CA THR B 665 -10.24 6.80 12.23
C THR B 665 -9.20 5.77 12.68
N ARG B 666 -8.91 4.83 11.69
CA ARG B 666 -8.04 3.69 11.88
C ARG B 666 -6.62 4.20 12.21
N LYS B 667 -6.13 5.20 11.45
CA LYS B 667 -4.83 5.79 11.65
C LYS B 667 -4.81 6.39 12.98
N LEU B 668 -5.82 7.06 13.49
CA LEU B 668 -5.91 7.65 14.77
C LEU B 668 -5.83 6.64 15.85
N GLN B 669 -6.50 5.54 15.73
CA GLN B 669 -6.47 4.51 16.72
C GLN B 669 -5.16 3.83 16.78
N ARG B 670 -4.50 3.54 15.64
CA ARG B 670 -3.28 2.73 15.55
C ARG B 670 -2.06 3.30 16.33
N THR B 671 -1.76 4.68 16.06
CA THR B 671 -0.63 5.39 16.64
C THR B 671 -0.92 5.81 18.14
N LEU B 719 -3.39 14.13 12.89
CA LEU B 719 -3.23 14.42 14.35
C LEU B 719 -3.91 15.70 14.79
N ASN B 720 -4.10 16.81 13.99
CA ASN B 720 -4.70 17.99 14.53
C ASN B 720 -5.83 18.22 13.60
N ILE B 721 -5.89 19.46 13.08
CA ILE B 721 -6.90 20.04 12.19
C ILE B 721 -6.96 19.42 10.79
N ASP B 722 -5.72 19.08 10.37
CA ASP B 722 -5.26 18.59 9.11
C ASP B 722 -5.93 17.27 8.77
N GLU B 723 -6.23 16.46 9.81
CA GLU B 723 -7.02 15.27 9.65
C GLU B 723 -8.47 15.50 9.16
N LEU B 724 -9.20 16.51 9.55
CA LEU B 724 -10.54 16.91 9.10
C LEU B 724 -10.62 17.37 7.72
N GLU B 725 -9.60 18.21 7.44
CA GLU B 725 -9.41 18.78 6.15
C GLU B 725 -9.16 17.67 5.17
N SER B 726 -8.36 16.70 5.54
CA SER B 726 -8.09 15.54 4.74
C SER B 726 -9.29 14.77 4.49
N VAL B 727 -10.15 14.42 5.45
CA VAL B 727 -11.32 13.62 5.10
C VAL B 727 -12.24 14.38 4.10
N HIS B 728 -12.36 15.71 4.41
CA HIS B 728 -13.11 16.68 3.62
C HIS B 728 -12.55 16.83 2.25
N ASN B 729 -11.22 16.89 2.11
CA ASN B 729 -10.59 17.05 0.90
C ASN B 729 -10.82 15.93 0.00
N THR B 730 -10.73 14.65 0.55
CA THR B 730 -10.90 13.47 -0.25
C THR B 730 -12.28 13.39 -0.77
N PHE B 731 -13.25 13.67 0.06
CA PHE B 731 -14.67 13.65 -0.25
C PHE B 731 -14.95 14.63 -1.33
N LEU B 732 -14.47 15.91 -1.23
CA LEU B 732 -14.65 16.98 -2.11
C LEU B 732 -14.01 16.64 -3.47
N THR B 733 -12.82 16.00 -3.49
CA THR B 733 -12.23 15.58 -4.76
C THR B 733 -13.07 14.58 -5.55
N ASN B 734 -13.65 13.53 -4.87
CA ASN B 734 -14.43 12.54 -5.47
C ASN B 734 -15.68 13.01 -6.12
N ILE B 735 -16.36 13.96 -5.43
CA ILE B 735 -17.55 14.57 -5.83
C ILE B 735 -17.27 15.32 -7.15
N LEU B 736 -16.05 16.01 -7.24
CA LEU B 736 -15.67 16.79 -8.44
C LEU B 736 -15.45 16.02 -9.68
N SER B 737 -14.80 14.84 -9.49
CA SER B 737 -14.54 13.93 -10.55
C SER B 737 -15.89 13.43 -11.15
N HIS B 738 -16.81 13.07 -10.21
CA HIS B 738 -18.11 12.58 -10.41
C HIS B 738 -18.98 13.70 -11.09
N LYS B 739 -18.74 14.93 -10.68
CA LYS B 739 -19.39 16.13 -11.17
C LYS B 739 -19.19 16.28 -12.69
N LEU B 740 -17.90 16.19 -13.12
CA LEU B 740 -17.61 16.55 -14.48
C LEU B 740 -18.19 15.52 -15.37
N PHE B 741 -17.97 14.22 -15.05
CA PHE B 741 -18.43 13.27 -15.98
C PHE B 741 -19.94 13.14 -16.05
N ALA B 742 -20.49 12.75 -14.86
CA ALA B 742 -21.94 12.53 -14.75
C ALA B 742 -22.79 13.78 -14.58
N THR B 743 -22.45 14.65 -13.59
CA THR B 743 -23.44 15.48 -12.88
C THR B 743 -23.43 16.91 -13.29
N GLN B 756 -22.24 15.51 -17.38
CA GLN B 756 -23.46 16.27 -17.15
C GLN B 756 -24.75 15.56 -17.47
N PRO B 757 -25.02 14.33 -17.91
CA PRO B 757 -26.42 13.91 -18.24
C PRO B 757 -27.38 13.71 -17.09
N TYR B 758 -26.88 13.17 -15.91
CA TYR B 758 -27.68 12.62 -14.83
C TYR B 758 -28.58 13.54 -14.10
N PRO B 759 -28.35 14.72 -13.57
CA PRO B 759 -29.31 15.50 -12.89
C PRO B 759 -30.47 15.94 -13.85
N THR B 760 -30.16 16.08 -15.14
CA THR B 760 -31.09 16.50 -16.13
C THR B 760 -32.19 15.46 -16.23
N SER B 761 -31.75 14.18 -16.30
CA SER B 761 -32.61 13.03 -16.44
C SER B 761 -33.49 12.79 -15.26
N LEU B 762 -32.95 12.90 -14.00
CA LEU B 762 -33.76 12.84 -12.80
C LEU B 762 -34.79 13.93 -12.60
N VAL B 763 -34.44 15.22 -12.93
CA VAL B 763 -35.32 16.36 -12.87
C VAL B 763 -36.53 16.15 -13.83
N LEU B 764 -36.32 15.56 -15.05
CA LEU B 764 -37.38 15.31 -16.00
C LEU B 764 -38.36 14.33 -15.45
N LEU B 765 -37.82 13.29 -14.73
CA LEU B 765 -38.65 12.26 -14.06
C LEU B 765 -39.53 12.83 -13.05
N LEU B 766 -38.98 13.84 -12.26
CA LEU B 766 -39.71 14.51 -11.20
C LEU B 766 -40.89 15.22 -11.69
N ASN B 767 -40.73 15.88 -12.82
CA ASN B 767 -41.81 16.63 -13.42
C ASN B 767 -42.95 15.74 -13.76
N SER B 768 -42.59 14.56 -14.34
CA SER B 768 -43.58 13.61 -14.76
C SER B 768 -44.35 13.14 -13.69
N VAL B 769 -43.82 12.87 -12.52
CA VAL B 769 -44.53 12.41 -11.37
C VAL B 769 -45.57 13.32 -10.87
N TYR B 770 -45.31 14.60 -10.83
CA TYR B 770 -46.25 15.62 -10.40
C TYR B 770 -47.41 15.65 -11.34
N GLU B 771 -47.17 15.52 -12.68
CA GLU B 771 -48.20 15.39 -13.69
C GLU B 771 -49.05 14.15 -13.57
N PHE B 772 -48.47 12.98 -13.31
CA PHE B 772 -49.19 11.74 -13.08
C PHE B 772 -50.10 11.77 -11.94
N VAL B 773 -49.59 12.28 -10.78
CA VAL B 773 -50.36 12.41 -9.59
C VAL B 773 -51.52 13.33 -9.82
N LYS B 774 -51.28 14.38 -10.60
CA LYS B 774 -52.36 15.42 -10.81
C LYS B 774 -53.61 14.82 -11.52
N VAL B 775 -53.35 14.00 -12.58
CA VAL B 775 -54.36 13.30 -13.36
C VAL B 775 -55.10 12.32 -12.46
N TYR B 776 -54.30 11.49 -11.68
CA TYR B 776 -54.68 10.39 -10.91
C TYR B 776 -55.55 10.88 -9.82
N CYS B 777 -55.24 12.05 -9.14
CA CYS B 777 -56.04 12.49 -7.99
C CYS B 777 -57.44 12.89 -8.23
N ASN B 778 -57.78 13.50 -9.41
CA ASN B 778 -59.08 13.89 -9.75
C ASN B 778 -60.09 12.78 -9.84
N LEU B 779 -59.77 11.62 -10.47
CA LEU B 779 -60.65 10.53 -10.63
C LEU B 779 -62.01 11.00 -11.25
N ASN B 780 -63.07 10.12 -11.12
CA ASN B 780 -64.44 10.37 -11.64
C ASN B 780 -65.43 9.61 -10.72
N SER B 798 -64.16 14.60 -18.39
CA SER B 798 -64.28 13.12 -18.19
C SER B 798 -63.66 12.28 -19.27
N ASN B 799 -64.18 12.34 -20.49
CA ASN B 799 -63.71 11.78 -21.75
C ASN B 799 -62.37 12.40 -22.17
N GLY B 800 -62.29 13.73 -21.98
CA GLY B 800 -61.04 14.47 -22.29
C GLY B 800 -59.87 14.03 -21.45
N LEU B 801 -60.08 13.80 -20.16
CA LEU B 801 -59.09 13.35 -19.21
C LEU B 801 -58.56 12.00 -19.58
N LEU B 802 -59.45 11.06 -19.97
CA LEU B 802 -59.10 9.75 -20.32
C LEU B 802 -58.23 9.69 -21.59
N GLY B 803 -58.61 10.57 -22.58
CA GLY B 803 -57.87 10.66 -23.84
C GLY B 803 -56.51 11.13 -23.56
N LYS B 804 -56.39 12.16 -22.66
CA LYS B 804 -55.13 12.90 -22.33
C LYS B 804 -54.16 11.86 -21.66
N PHE B 805 -54.64 10.99 -20.77
CA PHE B 805 -53.87 9.99 -20.08
C PHE B 805 -53.30 8.93 -20.98
N ASN B 806 -54.04 8.43 -21.99
CA ASN B 806 -53.56 7.45 -22.87
C ASN B 806 -52.40 8.05 -23.69
N THR B 807 -52.52 9.35 -24.13
CA THR B 807 -51.46 10.01 -24.86
C THR B 807 -50.18 10.21 -24.06
N ASN B 808 -50.37 10.63 -22.85
CA ASN B 808 -49.24 10.94 -21.92
C ASN B 808 -48.45 9.70 -21.63
N LEU B 809 -49.16 8.56 -21.46
CA LEU B 809 -48.54 7.22 -21.18
C LEU B 809 -47.68 6.69 -22.31
N LYS B 810 -48.18 6.90 -23.65
CA LYS B 810 -47.41 6.44 -24.80
C LYS B 810 -46.11 7.12 -24.92
N GLU B 811 -46.27 8.47 -24.71
CA GLU B 811 -45.17 9.43 -24.75
C GLU B 811 -44.17 9.17 -23.66
N ILE B 812 -44.71 8.87 -22.45
CA ILE B 812 -43.80 8.60 -21.29
C ILE B 812 -43.01 7.38 -21.48
N VAL B 813 -43.60 6.31 -22.04
CA VAL B 813 -42.93 5.04 -22.31
C VAL B 813 -41.78 5.14 -23.27
N SER B 814 -41.97 5.98 -24.41
CA SER B 814 -40.97 6.21 -25.38
C SER B 814 -39.72 6.93 -24.89
N GLN B 815 -39.92 7.95 -24.07
CA GLN B 815 -38.84 8.68 -23.49
C GLN B 815 -38.02 7.82 -22.54
N TYR B 816 -38.76 7.01 -21.74
CA TYR B 816 -38.17 6.15 -20.72
C TYR B 816 -37.30 5.10 -21.29
N LYS B 817 -37.75 4.50 -22.43
CA LYS B 817 -37.01 3.43 -23.10
C LYS B 817 -35.74 3.83 -23.62
N ASN B 818 -35.64 5.05 -24.29
CA ASN B 818 -34.39 5.59 -24.86
C ASN B 818 -33.35 5.90 -23.76
N PHE B 819 -33.84 6.50 -22.65
CA PHE B 819 -33.08 6.84 -21.44
C PHE B 819 -32.59 5.55 -20.81
N LYS B 820 -33.39 4.43 -20.69
CA LYS B 820 -33.10 3.22 -20.10
C LYS B 820 -31.95 2.59 -20.87
N ASP B 821 -31.90 2.71 -22.19
CA ASP B 821 -30.85 2.18 -23.03
C ASP B 821 -29.56 2.88 -22.71
N ARG B 822 -29.56 4.22 -22.48
CA ARG B 822 -28.45 4.99 -22.17
C ARG B 822 -27.91 4.51 -20.82
N LEU B 823 -28.82 4.21 -19.90
CA LEU B 823 -28.56 3.72 -18.58
C LEU B 823 -27.96 2.38 -18.48
N TYR B 824 -28.29 1.41 -19.43
CA TYR B 824 -27.53 0.21 -19.45
C TYR B 824 -26.08 0.41 -19.79
N ILE B 825 -25.75 1.30 -20.82
CA ILE B 825 -24.37 1.56 -21.19
C ILE B 825 -23.58 2.25 -20.01
N PHE B 826 -24.24 3.15 -19.33
CA PHE B 826 -23.76 3.89 -18.13
C PHE B 826 -23.48 3.01 -16.97
N ARG B 827 -24.29 2.02 -16.81
CA ARG B 827 -24.20 0.97 -15.84
C ARG B 827 -22.94 0.12 -16.03
N ALA B 828 -22.55 -0.16 -17.35
CA ALA B 828 -21.32 -0.83 -17.74
C ALA B 828 -20.16 0.02 -17.30
N ASP B 829 -20.19 1.39 -17.40
CA ASP B 829 -19.10 2.27 -16.97
C ASP B 829 -18.84 2.11 -15.53
N LEU B 830 -19.92 2.05 -14.71
CA LEU B 830 -19.74 1.88 -13.28
C LEU B 830 -19.17 0.56 -12.90
N LYS B 831 -19.47 -0.49 -13.63
CA LYS B 831 -19.04 -1.85 -13.48
C LYS B 831 -17.59 -2.01 -13.61
N ASN B 832 -17.07 -1.34 -14.63
CA ASN B 832 -15.67 -1.28 -14.94
C ASN B 832 -15.30 0.18 -14.86
N ASP B 833 -14.73 0.73 -15.97
CA ASP B 833 -14.39 2.10 -16.24
C ASP B 833 -14.62 2.36 -17.61
N GLY B 834 -15.29 3.50 -17.96
CA GLY B 834 -15.53 3.86 -19.29
C GLY B 834 -16.68 3.15 -19.93
N ASP B 835 -17.44 3.96 -20.80
CA ASP B 835 -18.36 3.42 -21.64
C ASP B 835 -18.39 4.42 -22.76
N GLU B 836 -18.88 4.08 -23.93
CA GLU B 836 -18.99 4.98 -25.02
C GLU B 836 -20.07 6.09 -24.77
N GLU B 837 -21.33 5.75 -24.27
CA GLU B 837 -22.44 6.70 -24.15
C GLU B 837 -22.29 7.85 -23.31
N LEU B 838 -21.69 7.69 -22.07
CA LEU B 838 -21.47 8.74 -21.17
C LEU B 838 -20.51 9.71 -21.67
N PHE B 839 -19.48 9.18 -22.37
CA PHE B 839 -18.39 9.92 -22.92
C PHE B 839 -18.93 10.97 -23.84
N LEU B 840 -19.84 10.55 -24.75
CA LEU B 840 -20.55 11.41 -25.72
C LEU B 840 -21.44 12.35 -25.03
N LEU B 841 -22.09 11.86 -24.00
CA LEU B 841 -23.03 12.69 -23.26
C LEU B 841 -22.37 13.89 -22.57
N SER B 842 -21.16 13.63 -21.94
CA SER B 842 -20.31 14.65 -21.33
C SER B 842 -19.85 15.54 -22.38
N LYS B 843 -19.44 15.00 -23.59
CA LYS B 843 -19.04 15.87 -24.73
C LYS B 843 -20.09 16.80 -25.36
N SER B 844 -21.36 16.32 -25.51
CA SER B 844 -22.57 17.00 -26.06
C SER B 844 -22.79 18.21 -25.18
N LEU B 845 -22.71 18.05 -23.85
CA LEU B 845 -23.05 19.00 -22.82
C LEU B 845 -21.77 19.34 -22.18
N ARG B 846 -20.98 20.04 -22.93
CA ARG B 846 -19.68 20.43 -22.48
C ARG B 846 -19.80 21.47 -21.27
N MET C 1 -3.97 -18.73 -5.72
CA MET C 1 -5.30 -18.14 -5.77
C MET C 1 -6.38 -19.09 -6.34
N GLY C 2 -6.45 -19.07 -7.67
CA GLY C 2 -7.32 -19.86 -8.57
C GLY C 2 -6.53 -21.13 -8.91
N GLY C 3 -7.09 -21.78 -9.91
CA GLY C 3 -6.59 -23.01 -10.39
C GLY C 3 -6.81 -24.13 -9.43
N GLU C 4 -8.03 -24.34 -8.90
CA GLU C 4 -8.42 -25.22 -7.80
C GLU C 4 -8.51 -26.62 -8.35
N ILE C 5 -8.29 -27.64 -7.49
CA ILE C 5 -8.40 -28.99 -7.92
C ILE C 5 -9.37 -29.49 -6.88
N ILE C 6 -10.33 -30.30 -7.34
CA ILE C 6 -11.28 -30.91 -6.52
C ILE C 6 -10.99 -32.38 -6.60
N THR C 7 -10.98 -33.12 -5.44
CA THR C 7 -10.57 -34.48 -5.33
C THR C 7 -11.83 -35.27 -5.08
N LEU C 8 -11.97 -36.33 -5.81
CA LEU C 8 -13.10 -37.22 -5.81
C LEU C 8 -12.52 -38.47 -5.27
N GLN C 9 -13.16 -39.02 -4.16
CA GLN C 9 -12.66 -40.27 -3.60
C GLN C 9 -13.75 -41.28 -3.75
N ALA C 10 -13.36 -42.41 -4.44
CA ALA C 10 -14.33 -43.43 -4.81
C ALA C 10 -13.80 -44.77 -4.46
N GLY C 11 -14.75 -45.68 -3.99
CA GLY C 11 -14.36 -46.99 -3.45
C GLY C 11 -13.64 -46.86 -2.05
N GLN C 12 -13.37 -48.04 -1.43
CA GLN C 12 -12.81 -48.31 -0.15
C GLN C 12 -11.39 -47.77 -0.21
N CYS C 13 -10.63 -48.14 -1.30
CA CYS C 13 -9.23 -47.81 -1.56
C CYS C 13 -9.06 -46.33 -1.74
N GLY C 14 -9.91 -45.65 -2.61
CA GLY C 14 -9.87 -44.25 -2.85
C GLY C 14 -10.12 -43.51 -1.55
N ASN C 15 -11.13 -43.98 -0.76
CA ASN C 15 -11.43 -43.26 0.49
C ASN C 15 -10.32 -43.35 1.59
N HIS C 16 -9.75 -44.61 1.74
CA HIS C 16 -8.68 -44.92 2.65
C HIS C 16 -7.44 -44.23 2.27
N VAL C 17 -7.05 -44.24 0.97
CA VAL C 17 -5.88 -43.49 0.42
C VAL C 17 -6.21 -42.01 0.55
N GLY C 18 -7.47 -41.50 0.24
CA GLY C 18 -7.81 -40.09 0.31
C GLY C 18 -7.64 -39.52 1.76
N LYS C 19 -8.04 -40.27 2.81
CA LYS C 19 -7.97 -39.90 4.19
C LYS C 19 -6.52 -39.68 4.68
N PHE C 20 -5.66 -40.60 4.25
CA PHE C 20 -4.25 -40.64 4.53
C PHE C 20 -3.53 -39.48 3.85
N LEU C 21 -3.95 -39.05 2.62
CA LEU C 21 -3.42 -37.93 1.91
C LEU C 21 -3.61 -36.66 2.73
N TRP C 22 -4.82 -36.42 3.27
CA TRP C 22 -5.12 -35.15 4.04
C TRP C 22 -4.35 -35.07 5.30
N SER C 23 -4.24 -36.28 5.91
CA SER C 23 -3.42 -36.45 7.08
C SER C 23 -1.94 -36.15 6.86
N GLN C 24 -1.34 -36.56 5.71
CA GLN C 24 0.10 -36.31 5.33
C GLN C 24 0.34 -34.83 5.07
N LEU C 25 -0.61 -34.21 4.35
CA LEU C 25 -0.50 -32.76 4.02
C LEU C 25 -0.58 -31.92 5.23
N ALA C 26 -1.48 -32.23 6.23
CA ALA C 26 -1.66 -31.45 7.52
C ALA C 26 -0.42 -31.48 8.29
N LYS C 27 0.25 -32.69 8.37
CA LYS C 27 1.44 -32.93 9.14
C LYS C 27 2.56 -32.12 8.58
N GLU C 28 2.63 -32.11 7.23
CA GLU C 28 3.72 -31.54 6.44
C GLU C 28 3.90 -30.06 6.51
N HIS C 29 2.74 -29.34 6.50
CA HIS C 29 2.64 -27.94 6.47
C HIS C 29 2.40 -27.30 7.84
N ALA C 30 2.79 -28.00 8.95
CA ALA C 30 2.60 -27.64 10.35
C ALA C 30 1.18 -27.30 10.56
N ILE C 31 0.26 -28.21 10.51
CA ILE C 31 -1.13 -27.90 10.65
C ILE C 31 -1.75 -29.05 11.44
N GLY C 32 -2.79 -28.71 12.22
CA GLY C 32 -3.37 -29.65 13.12
C GLY C 32 -4.29 -30.63 12.44
N THR C 33 -4.91 -31.54 13.20
CA THR C 33 -5.74 -32.62 12.71
C THR C 33 -7.01 -32.14 11.97
N ASP C 34 -7.58 -31.00 12.33
CA ASP C 34 -8.76 -30.44 11.65
C ASP C 34 -8.47 -29.21 10.85
N GLY C 35 -7.16 -28.98 10.63
CA GLY C 35 -6.63 -28.02 9.67
C GLY C 35 -6.28 -26.80 10.50
N LEU C 36 -6.09 -26.92 11.82
CA LEU C 36 -5.80 -25.84 12.68
C LEU C 36 -4.50 -25.25 12.49
N SER C 37 -4.53 -23.94 12.26
CA SER C 37 -3.34 -23.14 12.04
C SER C 37 -2.54 -23.15 13.32
N GLN C 38 -1.17 -23.20 13.23
CA GLN C 38 -0.26 -23.24 14.37
C GLN C 38 0.62 -22.03 14.31
N LEU C 39 1.09 -21.61 15.49
CA LEU C 39 1.88 -20.44 15.58
C LEU C 39 3.15 -20.22 14.83
N PRO C 40 4.05 -21.18 14.60
CA PRO C 40 5.24 -20.89 13.78
C PRO C 40 4.88 -20.72 12.25
N ASP C 41 3.63 -20.94 11.99
CA ASP C 41 3.10 -20.76 10.65
C ASP C 41 2.01 -19.78 10.60
N SER C 42 1.75 -18.95 11.71
CA SER C 42 0.81 -17.88 11.57
C SER C 42 1.72 -16.69 11.56
N SER C 43 3.03 -16.95 11.45
CA SER C 43 4.12 -15.95 11.40
C SER C 43 4.23 -15.35 10.03
N THR C 44 4.29 -16.32 9.08
CA THR C 44 4.21 -16.13 7.67
C THR C 44 3.90 -17.42 6.89
N GLU C 45 3.55 -17.35 5.61
CA GLU C 45 3.15 -18.48 4.83
C GLU C 45 4.16 -18.53 3.79
N ARG C 46 4.37 -19.71 3.20
CA ARG C 46 5.22 -20.06 2.08
C ARG C 46 4.52 -21.09 1.26
N ASP C 47 3.62 -21.86 1.87
CA ASP C 47 2.71 -22.85 1.21
C ASP C 47 1.85 -22.18 0.18
N ASP C 48 1.75 -22.79 -1.09
CA ASP C 48 0.91 -22.40 -2.19
C ASP C 48 -0.03 -23.54 -2.49
N ASP C 49 -0.07 -24.68 -1.63
CA ASP C 49 -0.92 -25.78 -1.86
C ASP C 49 -2.29 -25.45 -1.40
N THR C 50 -2.39 -24.41 -0.59
CA THR C 50 -3.57 -24.08 0.19
C THR C 50 -4.75 -23.84 -0.61
N LYS C 51 -4.79 -22.81 -1.54
CA LYS C 51 -5.97 -22.43 -2.27
C LYS C 51 -6.46 -23.55 -3.13
N PRO C 52 -5.69 -24.23 -3.94
CA PRO C 52 -6.17 -25.31 -4.76
C PRO C 52 -6.76 -26.54 -4.04
N PHE C 53 -6.04 -27.14 -2.96
CA PHE C 53 -6.53 -28.27 -2.25
C PHE C 53 -7.49 -28.01 -1.12
N PHE C 54 -7.27 -26.83 -0.42
CA PHE C 54 -7.85 -26.50 0.82
C PHE C 54 -8.67 -25.27 0.69
N ARG C 55 -9.61 -25.08 1.61
CA ARG C 55 -10.40 -23.94 1.65
C ARG C 55 -10.33 -23.56 3.14
N GLU C 56 -10.62 -22.29 3.49
CA GLU C 56 -10.62 -21.81 4.84
C GLU C 56 -12.12 -21.81 5.09
N ASN C 57 -12.39 -22.29 6.38
CA ASN C 57 -13.76 -22.51 6.83
C ASN C 57 -14.39 -21.18 7.16
N CYS C 58 -14.38 -20.82 8.49
CA CYS C 58 -14.99 -19.64 9.07
C CYS C 58 -14.23 -19.25 10.36
N ARG C 59 -13.18 -20.03 10.71
CA ARG C 59 -12.38 -19.85 11.87
C ARG C 59 -10.92 -20.09 11.68
N ASN C 60 -10.44 -19.90 10.41
CA ASN C 60 -9.09 -20.04 10.05
C ASN C 60 -8.53 -21.44 10.28
N LYS C 61 -9.36 -22.44 9.92
CA LYS C 61 -9.02 -23.85 9.78
C LYS C 61 -9.05 -24.15 8.32
N PHE C 62 -8.06 -24.88 7.82
CA PHE C 62 -8.04 -25.29 6.48
C PHE C 62 -8.95 -26.53 6.29
N THR C 63 -9.71 -26.74 5.17
CA THR C 63 -10.58 -27.93 5.02
C THR C 63 -10.31 -28.53 3.71
N PRO C 64 -10.31 -29.85 3.47
CA PRO C 64 -10.04 -30.45 2.13
C PRO C 64 -11.19 -30.19 1.30
N ARG C 65 -10.91 -29.92 0.04
CA ARG C 65 -11.85 -29.75 -1.00
C ARG C 65 -11.82 -31.09 -1.65
N ALA C 66 -12.45 -32.05 -0.96
CA ALA C 66 -12.49 -33.44 -1.35
C ALA C 66 -13.89 -33.89 -1.06
N ILE C 67 -14.39 -34.79 -1.90
CA ILE C 67 -15.71 -35.42 -1.80
C ILE C 67 -15.52 -36.92 -1.61
N MET C 68 -16.30 -37.48 -0.63
CA MET C 68 -16.23 -38.89 -0.35
C MET C 68 -17.50 -39.43 -0.77
N MET C 69 -17.40 -40.50 -1.58
CA MET C 69 -18.62 -41.10 -2.18
C MET C 69 -18.33 -42.59 -2.05
N ASP C 70 -19.44 -43.34 -1.66
CA ASP C 70 -19.57 -44.79 -1.55
C ASP C 70 -20.88 -44.88 -0.78
N SER C 71 -21.03 -46.06 -0.05
CA SER C 71 -22.11 -46.27 0.89
C SER C 71 -21.56 -45.93 2.23
N GLU C 72 -22.06 -46.62 3.28
CA GLU C 72 -21.78 -46.39 4.64
C GLU C 72 -20.34 -46.67 5.07
N PRO C 73 -19.67 -47.86 4.69
CA PRO C 73 -18.40 -48.39 5.32
C PRO C 73 -17.19 -47.43 5.53
N SER C 74 -16.72 -46.78 4.41
CA SER C 74 -15.58 -45.95 4.49
C SER C 74 -16.02 -44.75 5.33
N VAL C 75 -17.21 -44.25 5.05
CA VAL C 75 -17.80 -43.05 5.61
C VAL C 75 -17.96 -43.10 7.16
N ILE C 76 -18.35 -44.20 7.80
CA ILE C 76 -18.43 -44.25 9.30
C ILE C 76 -17.07 -44.09 9.86
N ALA C 77 -16.07 -44.72 9.20
CA ALA C 77 -14.68 -44.57 9.69
C ALA C 77 -14.16 -43.23 9.70
N ASP C 78 -14.46 -42.48 8.56
CA ASP C 78 -13.94 -41.11 8.45
C ASP C 78 -14.49 -40.19 9.48
N VAL C 79 -15.79 -40.38 9.78
CA VAL C 79 -16.50 -39.71 10.84
C VAL C 79 -16.07 -40.04 12.31
N GLU C 80 -15.64 -41.33 12.58
CA GLU C 80 -15.22 -41.70 13.86
C GLU C 80 -13.89 -41.02 14.36
N ASN C 81 -12.98 -40.78 13.36
CA ASN C 81 -11.65 -40.27 13.61
C ASN C 81 -11.78 -38.84 13.88
N THR C 82 -10.68 -38.21 14.42
CA THR C 82 -10.65 -36.77 14.86
C THR C 82 -10.14 -35.91 13.69
N PHE C 83 -10.30 -36.51 12.43
CA PHE C 83 -10.05 -35.80 11.15
C PHE C 83 -11.45 -35.59 10.51
N ARG C 84 -12.46 -35.95 11.29
CA ARG C 84 -13.84 -35.73 10.71
C ARG C 84 -14.20 -34.21 10.64
N GLY C 85 -13.49 -33.31 11.38
CA GLY C 85 -13.81 -31.91 11.44
C GLY C 85 -13.00 -31.16 10.45
N PHE C 86 -11.98 -31.81 9.88
CA PHE C 86 -11.07 -31.31 8.87
C PHE C 86 -11.92 -31.28 7.62
N PHE C 87 -12.61 -32.44 7.37
CA PHE C 87 -13.55 -32.85 6.31
C PHE C 87 -14.76 -31.97 6.56
N ASP C 88 -15.57 -31.66 5.49
CA ASP C 88 -16.81 -31.08 5.67
C ASP C 88 -17.87 -32.20 5.62
N PRO C 89 -18.87 -32.32 6.51
CA PRO C 89 -19.88 -33.38 6.47
C PRO C 89 -20.76 -33.28 5.24
N ARG C 90 -20.91 -32.09 4.65
CA ARG C 90 -21.70 -31.94 3.45
C ARG C 90 -21.04 -32.67 2.28
N ASN C 91 -19.72 -32.73 2.23
CA ASN C 91 -18.93 -33.39 1.18
C ASN C 91 -19.03 -34.88 1.28
N THR C 92 -19.46 -35.50 2.46
CA THR C 92 -19.45 -36.94 2.77
C THR C 92 -20.83 -37.50 2.35
N TRP C 93 -20.69 -38.55 1.49
CA TRP C 93 -21.91 -39.09 0.95
C TRP C 93 -22.06 -40.58 1.06
N VAL C 94 -23.23 -41.00 1.58
CA VAL C 94 -23.60 -42.35 1.81
C VAL C 94 -24.92 -42.49 1.17
N ALA C 95 -25.06 -43.50 0.28
CA ALA C 95 -26.35 -43.74 -0.29
C ALA C 95 -26.32 -45.21 -0.39
N SER C 96 -27.42 -45.93 0.07
CA SER C 96 -27.51 -47.38 -0.02
C SER C 96 -28.90 -47.82 -0.42
N ASP C 97 -29.54 -46.90 -1.14
CA ASP C 97 -30.90 -47.11 -1.58
C ASP C 97 -30.93 -48.05 -2.78
N GLY C 98 -32.01 -48.86 -2.88
CA GLY C 98 -32.24 -49.78 -3.91
C GLY C 98 -31.64 -51.06 -3.50
N ALA C 99 -31.43 -51.27 -2.16
CA ALA C 99 -30.73 -52.31 -1.45
C ALA C 99 -29.28 -52.39 -1.80
N SER C 100 -28.38 -52.04 -0.84
CA SER C 100 -26.96 -52.11 -0.84
C SER C 100 -26.36 -51.33 -1.98
N ALA C 101 -25.11 -51.72 -2.37
CA ALA C 101 -24.47 -51.06 -3.45
C ALA C 101 -24.53 -52.00 -4.65
N GLY C 102 -24.78 -53.31 -4.33
CA GLY C 102 -25.08 -54.44 -5.23
C GLY C 102 -23.84 -55.10 -5.67
N ASN C 103 -22.69 -54.45 -5.27
CA ASN C 103 -21.39 -54.88 -5.48
C ASN C 103 -21.13 -55.42 -6.90
N SER C 104 -21.54 -54.59 -7.85
CA SER C 104 -21.27 -54.92 -9.25
C SER C 104 -21.22 -53.57 -9.90
N TRP C 105 -20.63 -53.48 -11.14
CA TRP C 105 -20.49 -52.25 -11.89
C TRP C 105 -21.90 -51.69 -12.30
N ALA C 106 -22.68 -52.66 -12.75
CA ALA C 106 -24.00 -52.37 -13.27
C ALA C 106 -24.92 -51.80 -12.34
N ASN C 107 -24.86 -52.35 -11.12
CA ASN C 107 -25.59 -52.03 -9.92
C ASN C 107 -25.26 -50.65 -9.43
N GLY C 108 -23.97 -50.29 -9.49
CA GLY C 108 -23.34 -49.04 -9.24
C GLY C 108 -23.72 -48.04 -10.21
N TYR C 109 -23.82 -48.37 -11.51
CA TYR C 109 -24.26 -47.45 -12.46
C TYR C 109 -25.73 -47.11 -12.17
N ASP C 110 -26.54 -48.14 -11.88
CA ASP C 110 -27.98 -47.98 -11.62
C ASP C 110 -28.24 -47.16 -10.38
N ILE C 111 -27.43 -47.34 -9.29
CA ILE C 111 -27.55 -46.42 -8.18
C ILE C 111 -27.11 -44.91 -8.53
N GLY C 112 -26.08 -44.76 -9.39
CA GLY C 112 -25.74 -43.37 -9.84
C GLY C 112 -26.80 -42.50 -10.59
N THR C 113 -27.64 -43.07 -11.52
CA THR C 113 -28.79 -42.55 -12.19
C THR C 113 -29.93 -42.21 -11.32
N ARG C 114 -30.17 -43.04 -10.30
CA ARG C 114 -31.16 -42.95 -9.29
C ARG C 114 -30.89 -41.76 -8.45
N ASN C 115 -29.59 -41.52 -8.14
CA ASN C 115 -29.08 -40.47 -7.31
C ASN C 115 -28.39 -39.45 -8.19
N GLN C 116 -28.96 -39.11 -9.35
CA GLN C 116 -28.34 -38.15 -10.24
C GLN C 116 -28.27 -36.80 -9.73
N ASP C 117 -29.31 -36.24 -9.11
CA ASP C 117 -29.44 -34.91 -8.58
C ASP C 117 -28.46 -34.69 -7.45
N ASP C 118 -28.31 -35.65 -6.51
CA ASP C 118 -27.54 -35.46 -5.26
C ASP C 118 -26.03 -35.26 -5.69
N ILE C 119 -25.67 -36.08 -6.72
CA ILE C 119 -24.42 -36.12 -7.33
C ILE C 119 -24.19 -34.79 -8.07
N LEU C 120 -25.19 -34.26 -8.88
CA LEU C 120 -24.94 -33.02 -9.63
C LEU C 120 -24.77 -31.87 -8.62
N ASN C 121 -25.50 -31.92 -7.49
CA ASN C 121 -25.48 -30.99 -6.41
C ASN C 121 -24.08 -30.89 -5.78
N LYS C 122 -23.38 -32.02 -5.58
CA LYS C 122 -22.09 -32.12 -4.91
C LYS C 122 -21.12 -31.40 -5.84
N ILE C 123 -21.22 -31.74 -7.17
CA ILE C 123 -20.35 -31.25 -8.23
C ILE C 123 -20.49 -29.75 -8.41
N ASP C 124 -21.71 -29.24 -8.49
CA ASP C 124 -21.97 -27.79 -8.56
C ASP C 124 -21.53 -26.92 -7.43
N LYS C 125 -21.70 -27.45 -6.17
CA LYS C 125 -21.39 -26.75 -4.99
C LYS C 125 -19.96 -26.44 -4.89
N GLU C 126 -19.23 -27.51 -5.25
CA GLU C 126 -17.75 -27.53 -5.32
C GLU C 126 -17.30 -26.66 -6.36
N ILE C 127 -17.99 -26.65 -7.55
CA ILE C 127 -17.65 -25.80 -8.70
C ILE C 127 -17.85 -24.33 -8.35
N ASP C 128 -18.97 -24.02 -7.73
CA ASP C 128 -19.22 -22.65 -7.29
C ASP C 128 -18.18 -22.24 -6.22
N SER C 129 -17.72 -23.22 -5.35
CA SER C 129 -16.81 -22.94 -4.36
C SER C 129 -15.40 -22.60 -4.81
N THR C 130 -15.02 -22.95 -6.03
CA THR C 130 -13.65 -22.70 -6.39
C THR C 130 -13.42 -21.28 -6.80
N ASP C 131 -12.13 -20.83 -6.96
CA ASP C 131 -11.90 -19.48 -7.26
C ASP C 131 -11.48 -19.35 -8.72
N ASN C 132 -11.39 -20.53 -9.42
CA ASN C 132 -11.19 -20.82 -10.81
C ASN C 132 -10.86 -22.29 -10.86
N PHE C 133 -11.68 -23.09 -11.49
CA PHE C 133 -11.50 -24.49 -11.38
C PHE C 133 -10.42 -24.97 -12.35
N GLU C 134 -9.26 -25.54 -12.01
CA GLU C 134 -8.35 -26.10 -12.96
C GLU C 134 -8.91 -27.45 -13.44
N GLY C 135 -9.42 -28.34 -12.54
CA GLY C 135 -9.97 -29.62 -12.93
C GLY C 135 -10.13 -30.51 -11.71
N PHE C 136 -10.40 -31.76 -12.06
CA PHE C 136 -10.83 -32.84 -11.15
C PHE C 136 -9.76 -33.90 -11.14
N GLN C 137 -9.70 -34.56 -9.93
CA GLN C 137 -8.87 -35.72 -9.64
C GLN C 137 -9.76 -36.85 -9.16
N LEU C 138 -9.64 -38.09 -9.71
CA LEU C 138 -10.38 -39.25 -9.21
C LEU C 138 -9.41 -40.19 -8.61
N LEU C 139 -9.63 -40.66 -7.31
CA LEU C 139 -8.81 -41.65 -6.71
C LEU C 139 -9.64 -42.86 -6.60
N HIS C 140 -9.20 -44.00 -7.14
CA HIS C 140 -9.88 -45.25 -6.82
C HIS C 140 -9.25 -46.54 -7.34
N SER C 141 -9.89 -47.67 -6.96
CA SER C 141 -9.86 -49.09 -7.38
C SER C 141 -11.28 -49.40 -7.87
N VAL C 142 -11.23 -50.36 -8.80
CA VAL C 142 -12.39 -51.05 -9.35
C VAL C 142 -12.80 -52.10 -8.32
N ALA C 143 -13.73 -51.71 -7.37
CA ALA C 143 -14.16 -52.54 -6.31
C ALA C 143 -15.40 -51.88 -5.84
N GLY C 144 -16.11 -52.65 -5.04
CA GLY C 144 -17.30 -52.20 -4.39
C GLY C 144 -18.40 -52.24 -5.41
N GLY C 145 -19.61 -51.71 -5.12
CA GLY C 145 -20.60 -51.42 -6.16
C GLY C 145 -20.38 -50.15 -6.77
N THR C 146 -20.25 -49.14 -5.89
CA THR C 146 -20.18 -47.71 -6.08
C THR C 146 -18.88 -47.41 -6.64
N GLY C 147 -17.66 -47.80 -6.16
CA GLY C 147 -16.47 -47.18 -6.68
C GLY C 147 -16.31 -47.45 -8.20
N SER C 148 -16.60 -48.69 -8.60
CA SER C 148 -16.64 -49.16 -10.05
C SER C 148 -17.77 -48.60 -10.87
N GLY C 149 -19.11 -48.90 -10.50
CA GLY C 149 -20.18 -48.46 -11.35
C GLY C 149 -20.50 -46.99 -11.42
N LEU C 150 -20.66 -46.37 -10.27
CA LEU C 150 -21.15 -45.05 -10.03
C LEU C 150 -20.09 -44.08 -10.63
N GLY C 151 -18.72 -44.35 -10.49
CA GLY C 151 -17.67 -43.58 -10.96
C GLY C 151 -17.69 -43.45 -12.42
N SER C 152 -17.97 -44.62 -13.12
CA SER C 152 -18.16 -44.70 -14.54
C SER C 152 -19.40 -43.95 -15.01
N ASN C 153 -20.55 -43.94 -14.26
CA ASN C 153 -21.64 -43.18 -14.60
C ASN C 153 -21.28 -41.66 -14.52
N LEU C 154 -20.58 -41.27 -13.48
CA LEU C 154 -20.18 -39.94 -13.20
C LEU C 154 -19.21 -39.47 -14.29
N LEU C 155 -18.30 -40.33 -14.79
CA LEU C 155 -17.27 -40.07 -15.83
C LEU C 155 -17.90 -39.72 -17.14
N GLU C 156 -19.05 -40.50 -17.47
CA GLU C 156 -19.84 -40.26 -18.64
C GLU C 156 -20.50 -38.90 -18.58
N ALA C 157 -21.03 -38.60 -17.38
CA ALA C 157 -21.68 -37.37 -17.15
C ALA C 157 -20.78 -36.18 -17.26
N LEU C 158 -19.51 -36.31 -16.72
CA LEU C 158 -18.52 -35.27 -16.69
C LEU C 158 -18.05 -34.84 -18.00
N CYS C 159 -17.92 -35.81 -18.90
CA CYS C 159 -17.60 -35.68 -20.33
C CYS C 159 -18.60 -34.92 -21.09
N ASP C 160 -19.88 -35.19 -20.92
CA ASP C 160 -21.01 -34.40 -21.47
C ASP C 160 -21.22 -33.03 -20.81
N ARG C 161 -21.24 -32.94 -19.46
CA ARG C 161 -21.62 -31.75 -18.77
C ARG C 161 -20.73 -30.51 -18.88
N TYR C 162 -19.44 -30.68 -18.56
CA TYR C 162 -18.24 -29.81 -18.58
C TYR C 162 -17.24 -30.43 -19.57
N PRO C 163 -17.19 -29.82 -20.73
CA PRO C 163 -16.31 -30.36 -21.81
C PRO C 163 -15.11 -29.43 -21.83
N LYS C 164 -14.85 -28.70 -20.72
CA LYS C 164 -13.84 -27.70 -20.74
C LYS C 164 -12.64 -28.26 -19.97
N LYS C 165 -12.74 -28.27 -18.62
CA LYS C 165 -11.75 -28.48 -17.64
C LYS C 165 -11.15 -29.85 -17.54
N ILE C 166 -9.89 -29.98 -16.96
CA ILE C 166 -9.04 -31.10 -17.11
C ILE C 166 -9.36 -32.15 -16.14
N LEU C 167 -9.30 -33.48 -16.60
CA LEU C 167 -9.65 -34.55 -15.69
C LEU C 167 -8.43 -35.41 -15.60
N THR C 168 -7.89 -35.59 -14.37
CA THR C 168 -6.80 -36.53 -14.13
C THR C 168 -7.37 -37.53 -13.14
N THR C 169 -6.88 -38.80 -13.41
CA THR C 169 -7.38 -39.86 -12.61
C THR C 169 -6.16 -40.59 -12.16
N TYR C 170 -6.29 -41.22 -10.99
CA TYR C 170 -5.39 -42.17 -10.35
C TYR C 170 -6.08 -43.44 -10.35
N SER C 171 -5.74 -44.37 -11.22
CA SER C 171 -6.51 -45.58 -11.36
C SER C 171 -5.78 -46.82 -10.84
N VAL C 172 -6.38 -47.66 -10.03
CA VAL C 172 -5.75 -48.91 -9.57
C VAL C 172 -6.19 -50.00 -10.52
N PHE C 173 -5.16 -50.70 -11.12
CA PHE C 173 -5.38 -51.82 -11.98
C PHE C 173 -5.17 -53.08 -11.23
N PRO C 174 -5.92 -54.13 -11.46
CA PRO C 174 -5.77 -55.34 -10.71
C PRO C 174 -4.62 -56.16 -11.24
N ALA C 175 -4.87 -57.19 -12.08
CA ALA C 175 -3.95 -58.16 -12.60
C ALA C 175 -4.61 -58.80 -13.77
N ARG C 176 -4.24 -60.00 -14.19
CA ARG C 176 -4.76 -60.59 -15.43
C ARG C 176 -5.57 -61.84 -15.06
N SER C 177 -5.58 -62.23 -13.74
CA SER C 177 -6.23 -63.35 -13.13
C SER C 177 -6.54 -62.82 -11.77
N SER C 178 -7.66 -63.24 -11.20
CA SER C 178 -8.19 -62.73 -9.91
C SER C 178 -9.04 -63.70 -9.14
N GLU C 179 -9.45 -63.39 -7.86
CA GLU C 179 -10.27 -64.09 -6.86
C GLU C 179 -11.60 -64.57 -7.37
N VAL C 180 -12.00 -63.88 -8.42
CA VAL C 180 -13.29 -64.08 -9.06
C VAL C 180 -13.11 -63.77 -10.49
N VAL C 181 -13.71 -64.51 -11.49
CA VAL C 181 -13.56 -64.29 -12.90
C VAL C 181 -14.35 -63.21 -13.47
N VAL C 182 -15.40 -62.63 -12.80
CA VAL C 182 -16.19 -61.48 -13.29
C VAL C 182 -15.47 -60.16 -13.24
N GLN C 183 -14.22 -60.16 -12.72
CA GLN C 183 -13.27 -59.04 -12.70
C GLN C 183 -13.06 -58.44 -14.08
N SER C 184 -13.03 -59.34 -15.13
CA SER C 184 -12.86 -59.05 -16.50
C SER C 184 -13.96 -58.25 -17.11
N TYR C 185 -15.25 -58.49 -16.73
CA TYR C 185 -16.35 -57.60 -17.15
C TYR C 185 -16.18 -56.28 -16.52
N ASN C 186 -15.93 -56.37 -15.11
CA ASN C 186 -15.91 -55.07 -14.34
C ASN C 186 -14.86 -54.12 -14.79
N THR C 187 -13.55 -54.64 -15.04
CA THR C 187 -12.50 -53.74 -15.40
C THR C 187 -12.82 -53.16 -16.77
N ILE C 188 -13.24 -53.97 -17.81
CA ILE C 188 -13.42 -53.51 -19.15
C ILE C 188 -14.49 -52.50 -19.14
N LEU C 189 -15.67 -52.70 -18.41
CA LEU C 189 -16.71 -51.67 -18.44
C LEU C 189 -16.31 -50.32 -17.88
N ALA C 190 -15.55 -50.22 -16.76
CA ALA C 190 -15.01 -49.05 -16.20
C ALA C 190 -13.94 -48.43 -17.10
N LEU C 191 -13.08 -49.27 -17.72
CA LEU C 191 -12.01 -48.82 -18.53
C LEU C 191 -12.36 -47.99 -19.70
N ARG C 192 -13.54 -48.30 -20.32
CA ARG C 192 -14.04 -47.60 -21.48
C ARG C 192 -14.25 -46.14 -21.13
N ARG C 193 -14.86 -45.99 -19.92
CA ARG C 193 -15.15 -44.69 -19.37
C ARG C 193 -13.90 -43.90 -19.02
N LEU C 194 -12.95 -44.69 -18.45
CA LEU C 194 -11.64 -44.03 -18.17
C LEU C 194 -10.85 -43.56 -19.43
N ILE C 195 -10.84 -44.35 -20.57
CA ILE C 195 -10.18 -44.03 -21.76
C ILE C 195 -10.76 -42.85 -22.49
N GLU C 196 -12.04 -42.79 -22.69
CA GLU C 196 -12.78 -41.81 -23.41
C GLU C 196 -13.02 -40.49 -22.60
N ASP C 197 -13.50 -40.62 -21.32
CA ASP C 197 -13.91 -39.33 -20.57
C ASP C 197 -12.88 -38.59 -19.92
N SER C 198 -11.69 -39.22 -19.76
CA SER C 198 -10.56 -38.63 -19.06
C SER C 198 -9.47 -38.21 -20.03
N ASP C 199 -8.77 -37.08 -19.73
CA ASP C 199 -7.58 -36.64 -20.46
C ASP C 199 -6.32 -37.25 -19.90
N ALA C 200 -6.35 -37.77 -18.62
CA ALA C 200 -5.06 -38.35 -18.12
C ALA C 200 -5.33 -39.49 -17.23
N THR C 201 -4.54 -40.61 -17.32
CA THR C 201 -4.83 -41.73 -16.38
C THR C 201 -3.40 -42.02 -15.89
N VAL C 202 -3.12 -41.97 -14.57
CA VAL C 202 -1.89 -42.64 -14.04
C VAL C 202 -2.29 -44.01 -13.50
N VAL C 203 -1.72 -45.15 -14.06
CA VAL C 203 -2.05 -46.53 -13.76
C VAL C 203 -1.21 -47.03 -12.61
N PHE C 204 -1.85 -47.60 -11.57
CA PHE C 204 -1.12 -48.22 -10.50
C PHE C 204 -1.42 -49.68 -10.50
N ASP C 205 -0.50 -50.56 -10.85
CA ASP C 205 -0.87 -52.02 -10.94
C ASP C 205 -0.55 -52.71 -9.58
N ASN C 206 -1.65 -53.29 -9.06
CA ASN C 206 -1.74 -53.71 -7.68
C ASN C 206 -0.75 -54.86 -7.42
N ALA C 207 -0.38 -55.71 -8.35
CA ALA C 207 0.54 -56.86 -8.23
C ALA C 207 1.95 -56.41 -7.82
N SER C 208 2.36 -55.37 -8.48
CA SER C 208 3.64 -54.77 -8.28
C SER C 208 3.75 -54.08 -6.92
N LEU C 209 2.62 -53.37 -6.67
CA LEU C 209 2.40 -52.67 -5.46
C LEU C 209 2.37 -53.51 -4.23
N LEU C 210 1.71 -54.72 -4.32
CA LEU C 210 1.61 -55.64 -3.23
C LEU C 210 2.90 -56.20 -2.81
N ASN C 211 3.74 -56.57 -3.90
CA ASN C 211 5.07 -57.20 -3.61
C ASN C 211 6.01 -56.25 -2.83
N ILE C 212 5.94 -54.92 -3.29
CA ILE C 212 6.72 -53.88 -2.67
C ILE C 212 6.28 -53.72 -1.21
N SER C 213 4.92 -53.71 -1.01
CA SER C 213 4.40 -53.45 0.32
C SER C 213 4.73 -54.55 1.34
N GLY C 214 4.61 -55.79 0.85
CA GLY C 214 5.03 -56.93 1.65
C GLY C 214 6.53 -56.96 1.91
N LYS C 215 7.41 -56.86 0.85
CA LYS C 215 8.85 -56.90 1.09
C LYS C 215 9.50 -55.61 1.67
N VAL C 216 9.28 -54.46 1.05
CA VAL C 216 9.90 -53.21 1.48
C VAL C 216 9.24 -52.56 2.80
N PHE C 217 7.85 -52.39 2.80
CA PHE C 217 7.29 -51.74 3.92
C PHE C 217 7.25 -52.53 5.22
N ARG C 218 7.17 -53.92 5.01
CA ARG C 218 7.24 -55.01 5.94
C ARG C 218 6.27 -54.89 7.15
N ASN C 219 5.45 -55.94 7.24
CA ASN C 219 4.35 -56.02 8.15
C ASN C 219 4.24 -57.48 8.43
N PRO C 220 3.37 -58.01 9.38
CA PRO C 220 3.25 -59.43 9.67
C PRO C 220 2.37 -60.16 8.62
N ASN C 221 1.43 -59.45 7.92
CA ASN C 221 0.60 -60.01 6.98
C ASN C 221 0.36 -58.85 6.06
N ILE C 222 0.37 -59.16 4.76
CA ILE C 222 0.39 -58.17 3.70
C ILE C 222 -1.05 -57.83 3.41
N ASP C 223 -1.36 -56.53 3.11
CA ASP C 223 -2.81 -56.23 2.92
C ASP C 223 -2.73 -54.88 2.21
N LEU C 224 -3.91 -54.51 1.62
CA LEU C 224 -4.28 -53.33 0.85
C LEU C 224 -4.14 -52.12 1.77
N GLN C 225 -4.47 -52.22 3.04
CA GLN C 225 -4.38 -51.12 4.01
C GLN C 225 -2.87 -50.72 4.11
N HIS C 226 -1.88 -51.68 4.07
CA HIS C 226 -0.46 -51.37 4.00
C HIS C 226 -0.12 -50.66 2.77
N THR C 227 -0.67 -51.14 1.61
CA THR C 227 -0.31 -50.70 0.30
C THR C 227 -0.77 -49.29 0.09
N ASN C 228 -1.91 -48.96 0.72
CA ASN C 228 -2.52 -47.69 0.54
C ASN C 228 -1.65 -46.56 1.01
N GLN C 229 -0.77 -46.82 1.98
CA GLN C 229 0.25 -45.93 2.50
C GLN C 229 1.23 -45.57 1.35
N LEU C 230 1.59 -46.49 0.50
CA LEU C 230 2.52 -46.21 -0.67
C LEU C 230 1.82 -45.25 -1.65
N ILE C 231 0.48 -45.59 -1.93
CA ILE C 231 -0.28 -44.87 -2.90
C ILE C 231 -0.44 -43.37 -2.47
N SER C 232 -0.71 -43.16 -1.15
CA SER C 232 -0.89 -41.89 -0.48
C SER C 232 0.35 -41.08 -0.59
N THR C 233 1.57 -41.72 -0.44
CA THR C 233 2.90 -41.04 -0.52
C THR C 233 3.12 -40.47 -1.89
N ILE C 234 2.81 -41.24 -2.95
CA ILE C 234 3.03 -40.93 -4.39
C ILE C 234 2.10 -39.78 -4.74
N ILE C 235 0.81 -39.88 -4.32
CA ILE C 235 -0.28 -38.91 -4.63
C ILE C 235 -0.03 -37.54 -4.03
N SER C 236 0.51 -37.52 -2.76
CA SER C 236 0.95 -36.31 -2.14
C SER C 236 2.19 -35.70 -2.86
N SER C 237 3.10 -36.56 -3.33
CA SER C 237 4.39 -36.15 -3.86
C SER C 237 4.23 -35.39 -5.13
N VAL C 238 3.20 -35.77 -5.93
CA VAL C 238 3.01 -35.04 -7.22
C VAL C 238 2.68 -33.53 -7.13
N THR C 239 1.92 -33.06 -6.12
CA THR C 239 1.56 -31.69 -5.89
C THR C 239 2.65 -30.93 -5.18
N ASN C 240 3.75 -31.62 -4.76
CA ASN C 240 4.85 -31.00 -4.04
C ASN C 240 5.42 -29.78 -4.71
N SER C 241 5.58 -29.86 -6.09
CA SER C 241 6.24 -28.87 -6.92
C SER C 241 5.46 -27.55 -7.00
N ILE C 242 4.16 -27.69 -6.85
CA ILE C 242 3.12 -26.74 -6.89
C ILE C 242 3.19 -25.93 -5.55
N ARG C 243 3.46 -26.58 -4.40
CA ARG C 243 3.48 -25.92 -3.12
C ARG C 243 4.74 -25.10 -2.93
N PHE C 244 5.80 -25.39 -3.74
CA PHE C 244 6.96 -24.49 -3.72
C PHE C 244 6.71 -23.23 -4.52
N PRO C 245 7.36 -22.12 -4.23
CA PRO C 245 7.12 -20.91 -4.93
C PRO C 245 8.14 -20.79 -5.97
N SER C 246 9.34 -21.42 -5.77
CA SER C 246 10.52 -21.14 -6.60
C SER C 246 10.44 -21.81 -7.94
N TYR C 247 9.68 -22.93 -7.85
CA TYR C 247 9.35 -23.75 -8.95
C TYR C 247 7.84 -23.75 -8.93
N MET C 248 7.14 -23.56 -10.02
CA MET C 248 5.73 -23.54 -10.22
C MET C 248 5.59 -23.30 -11.68
N TYR C 249 6.70 -23.52 -12.42
CA TYR C 249 6.81 -23.49 -13.85
C TYR C 249 6.97 -24.92 -14.34
N SER C 250 6.73 -25.83 -13.34
CA SER C 250 6.58 -27.32 -13.54
C SER C 250 5.13 -27.52 -13.25
N SER C 251 4.31 -26.50 -13.48
CA SER C 251 2.86 -26.50 -13.37
C SER C 251 2.19 -27.68 -13.96
N MET C 252 0.94 -27.88 -13.52
CA MET C 252 0.04 -28.96 -13.90
C MET C 252 -0.25 -28.88 -15.38
N SER C 253 -0.59 -27.65 -15.93
CA SER C 253 -1.04 -27.52 -17.31
C SER C 253 -0.03 -27.89 -18.33
N SER C 254 1.20 -27.39 -18.15
CA SER C 254 2.36 -27.55 -19.08
C SER C 254 2.79 -28.96 -19.10
N ILE C 255 2.70 -29.71 -17.88
CA ILE C 255 2.99 -31.11 -17.69
C ILE C 255 1.99 -31.92 -18.51
N TYR C 256 0.73 -31.58 -18.44
CA TYR C 256 -0.33 -32.27 -19.24
C TYR C 256 -0.13 -32.06 -20.72
N SER C 257 0.21 -30.86 -21.21
CA SER C 257 0.38 -30.62 -22.65
C SER C 257 1.51 -31.48 -23.27
N THR C 258 2.67 -31.54 -22.54
CA THR C 258 3.84 -32.33 -22.95
C THR C 258 3.51 -33.83 -22.91
N LEU C 259 2.84 -34.41 -21.85
CA LEU C 259 2.53 -35.84 -21.88
C LEU C 259 1.49 -36.27 -22.81
N ILE C 260 0.38 -35.42 -22.95
CA ILE C 260 -0.81 -35.62 -23.84
C ILE C 260 -0.81 -34.49 -24.90
N PRO C 261 -0.27 -34.74 -26.11
CA PRO C 261 -0.45 -33.87 -27.23
C PRO C 261 -1.37 -34.63 -28.15
N SER C 262 -1.69 -35.98 -28.00
CA SER C 262 -2.58 -36.70 -28.84
C SER C 262 -3.52 -37.50 -27.95
N PRO C 263 -4.74 -37.89 -28.17
CA PRO C 263 -5.54 -38.54 -27.18
C PRO C 263 -5.36 -39.97 -27.29
N GLU C 264 -4.37 -40.33 -28.13
CA GLU C 264 -3.93 -41.68 -28.33
C GLU C 264 -2.69 -42.01 -27.48
N LEU C 265 -2.19 -41.07 -26.63
CA LEU C 265 -1.14 -41.43 -25.71
C LEU C 265 -1.51 -40.65 -24.49
N HIS C 266 -1.73 -41.29 -23.32
CA HIS C 266 -2.14 -40.64 -22.11
C HIS C 266 -2.18 -41.57 -20.91
N PHE C 267 -1.74 -42.84 -21.09
CA PHE C 267 -1.62 -43.75 -20.03
C PHE C 267 -0.26 -43.66 -19.41
N LEU C 268 -0.14 -43.42 -18.07
CA LEU C 268 1.13 -43.22 -17.47
C LEU C 268 1.59 -44.35 -16.56
N SER C 269 2.93 -44.45 -16.49
CA SER C 269 3.54 -45.33 -15.54
C SER C 269 4.40 -44.42 -14.64
N PRO C 270 4.40 -44.69 -13.32
CA PRO C 270 5.38 -44.17 -12.38
C PRO C 270 6.50 -45.14 -12.03
N SER C 271 7.62 -44.61 -11.55
CA SER C 271 8.60 -45.35 -10.89
C SER C 271 8.91 -44.25 -9.89
N PHE C 272 9.35 -44.81 -8.73
CA PHE C 272 9.56 -43.98 -7.56
C PHE C 272 10.69 -44.66 -6.85
N THR C 273 11.49 -43.85 -6.11
CA THR C 273 12.54 -44.27 -5.20
C THR C 273 12.57 -43.16 -4.17
N PRO C 274 12.70 -43.39 -2.94
CA PRO C 274 12.85 -44.74 -2.28
C PRO C 274 11.61 -44.87 -1.34
N PHE C 275 11.59 -46.01 -0.61
CA PHE C 275 10.72 -46.45 0.45
C PHE C 275 11.68 -47.15 1.38
N THR C 276 12.97 -46.75 1.52
CA THR C 276 13.95 -47.41 2.33
C THR C 276 13.71 -47.06 3.80
N SER C 277 13.05 -45.93 4.04
CA SER C 277 12.77 -45.47 5.31
C SER C 277 11.28 -45.36 5.14
N ASP C 278 10.52 -46.13 5.87
CA ASP C 278 9.08 -45.99 5.69
C ASP C 278 8.42 -46.64 6.96
N TYR C 279 9.28 -47.30 7.78
CA TYR C 279 8.82 -48.22 8.82
C TYR C 279 9.81 -48.17 9.95
N ILE C 280 9.54 -48.73 11.16
CA ILE C 280 10.41 -48.84 12.33
C ILE C 280 11.90 -48.88 11.94
N HIS C 281 12.66 -47.81 12.41
CA HIS C 281 14.04 -47.55 11.96
C HIS C 281 14.98 -48.36 12.71
N ASP C 282 15.72 -49.19 11.96
CA ASP C 282 16.79 -50.03 12.45
C ASP C 282 17.59 -50.23 11.21
N ASP C 283 17.12 -49.72 10.06
CA ASP C 283 17.75 -49.79 8.76
C ASP C 283 18.58 -48.55 8.72
N ILE C 284 19.76 -48.62 8.02
CA ILE C 284 20.54 -47.42 7.81
C ILE C 284 20.65 -47.02 6.37
N ALA C 285 20.08 -47.76 5.41
CA ALA C 285 20.19 -47.54 3.98
C ALA C 285 19.55 -46.27 3.60
N HIS C 286 20.23 -45.44 2.73
CA HIS C 286 19.76 -44.22 2.21
C HIS C 286 20.55 -43.98 0.96
N LYS C 287 20.00 -43.26 0.00
CA LYS C 287 20.49 -43.23 -1.35
C LYS C 287 21.34 -42.07 -1.70
N CYS C 288 22.21 -42.28 -2.73
CA CYS C 288 23.00 -41.14 -3.25
C CYS C 288 22.24 -40.81 -4.53
N HIS C 289 22.51 -39.63 -5.14
CA HIS C 289 21.73 -39.13 -6.24
C HIS C 289 21.78 -40.01 -7.50
N SER C 290 23.01 -40.54 -7.71
CA SER C 290 23.32 -41.46 -8.71
C SER C 290 22.57 -42.80 -8.52
N SER C 291 22.45 -43.33 -7.29
CA SER C 291 21.60 -44.59 -6.94
C SER C 291 20.18 -44.33 -7.29
N TYR C 292 19.62 -43.17 -6.95
CA TYR C 292 18.26 -42.88 -7.24
C TYR C 292 18.07 -42.85 -8.73
N ASP C 293 19.01 -42.14 -9.40
CA ASP C 293 18.89 -41.90 -10.84
C ASP C 293 18.94 -43.13 -11.65
N VAL C 294 19.81 -44.17 -11.40
CA VAL C 294 19.65 -45.40 -12.18
C VAL C 294 18.36 -46.17 -11.89
N MET C 295 17.88 -46.26 -10.68
CA MET C 295 16.71 -47.05 -10.33
C MET C 295 15.47 -46.56 -10.90
N LEU C 296 15.31 -45.26 -11.08
CA LEU C 296 14.12 -44.63 -11.63
C LEU C 296 13.74 -44.96 -13.01
N ASP C 297 14.71 -45.25 -13.90
CA ASP C 297 14.35 -45.81 -15.24
C ASP C 297 13.90 -47.23 -15.30
N LEU C 298 14.37 -47.99 -14.30
CA LEU C 298 14.11 -49.39 -14.21
C LEU C 298 12.78 -49.75 -13.57
N LEU C 299 12.37 -51.03 -13.72
CA LEU C 299 11.15 -51.50 -13.17
C LEU C 299 11.51 -52.33 -11.95
N ASP C 300 12.74 -52.16 -11.46
CA ASP C 300 13.37 -52.67 -10.23
C ASP C 300 12.63 -51.99 -9.07
N PRO C 301 12.15 -50.73 -9.20
CA PRO C 301 11.06 -50.33 -8.31
C PRO C 301 9.94 -50.59 -9.22
N SER C 302 9.10 -51.51 -8.77
CA SER C 302 7.98 -51.98 -9.60
C SER C 302 6.77 -51.35 -8.88
N ASN C 303 5.96 -50.66 -9.68
CA ASN C 303 4.83 -49.83 -9.27
C ASN C 303 3.82 -50.11 -10.30
N SER C 304 4.19 -50.42 -11.52
CA SER C 304 3.33 -50.91 -12.57
C SER C 304 3.89 -52.19 -13.14
N LEU C 305 3.03 -53.02 -13.73
CA LEU C 305 3.35 -54.31 -14.34
C LEU C 305 3.17 -54.27 -15.83
N VAL C 306 4.12 -54.95 -16.55
CA VAL C 306 4.10 -55.09 -18.00
C VAL C 306 3.86 -56.55 -18.14
N SER C 307 4.95 -57.35 -18.16
CA SER C 307 5.06 -58.75 -18.27
C SER C 307 6.45 -59.08 -17.90
N THR C 308 7.25 -58.05 -17.64
CA THR C 308 8.67 -58.15 -17.31
C THR C 308 9.16 -56.88 -16.63
N ALA C 309 10.18 -56.96 -15.78
CA ALA C 309 10.84 -55.93 -15.08
C ALA C 309 12.25 -56.36 -15.03
N MET C 310 13.13 -56.05 -16.02
CA MET C 310 12.73 -55.21 -17.18
C MET C 310 13.40 -55.78 -18.43
N ASN C 311 12.58 -55.85 -19.50
CA ASN C 311 12.99 -56.34 -20.84
C ASN C 311 12.30 -55.30 -21.73
N ASN C 312 12.09 -54.02 -21.27
CA ASN C 312 11.26 -53.07 -21.98
C ASN C 312 12.13 -51.85 -22.22
N PRO C 313 12.88 -51.69 -23.30
CA PRO C 313 13.56 -50.48 -23.61
C PRO C 313 12.89 -49.93 -24.78
N THR C 314 11.56 -50.11 -24.91
CA THR C 314 10.68 -49.63 -25.95
C THR C 314 10.88 -48.14 -26.01
N TYR C 315 10.25 -47.49 -27.01
CA TYR C 315 10.30 -46.09 -27.28
C TYR C 315 9.68 -45.34 -26.06
N PHE C 316 10.35 -44.37 -25.62
CA PHE C 316 9.82 -43.43 -24.64
C PHE C 316 9.21 -42.37 -25.45
N ASN C 317 7.93 -42.15 -25.11
CA ASN C 317 7.09 -41.15 -25.71
C ASN C 317 7.48 -39.80 -25.13
N VAL C 318 7.62 -39.83 -23.82
CA VAL C 318 8.20 -38.75 -23.07
C VAL C 318 8.71 -39.34 -21.78
N TYR C 319 9.72 -38.69 -21.11
CA TYR C 319 10.29 -39.13 -19.94
C TYR C 319 10.49 -37.82 -19.18
N ASN C 320 10.13 -37.82 -17.87
CA ASN C 320 10.36 -36.64 -17.00
C ASN C 320 10.93 -37.20 -15.78
N THR C 321 11.96 -36.66 -15.27
CA THR C 321 12.41 -37.02 -13.98
C THR C 321 12.36 -35.83 -13.11
N ILE C 322 11.77 -36.04 -11.88
CA ILE C 322 11.42 -35.11 -10.86
C ILE C 322 12.34 -35.44 -9.70
N ILE C 323 13.24 -34.50 -9.32
CA ILE C 323 14.26 -34.67 -8.34
C ILE C 323 13.72 -33.94 -7.09
N GLY C 324 13.87 -34.67 -5.99
CA GLY C 324 13.39 -34.38 -4.68
C GLY C 324 14.52 -34.35 -3.64
N ASN C 325 14.66 -33.20 -2.90
CA ASN C 325 15.58 -32.87 -1.83
C ASN C 325 16.91 -32.39 -2.30
N VAL C 326 17.40 -31.38 -1.58
CA VAL C 326 18.61 -30.65 -1.75
C VAL C 326 19.86 -31.45 -2.11
N GLU C 327 20.61 -30.88 -3.13
CA GLU C 327 21.82 -31.55 -3.60
C GLU C 327 22.42 -30.73 -4.66
N PRO C 328 23.59 -31.16 -5.17
CA PRO C 328 24.26 -30.45 -6.24
C PRO C 328 23.76 -31.09 -7.53
N ARG C 329 22.82 -30.34 -8.19
CA ARG C 329 22.01 -30.70 -9.29
C ARG C 329 22.85 -30.98 -10.51
N GLN C 330 23.98 -30.22 -10.69
CA GLN C 330 24.80 -30.30 -11.91
C GLN C 330 25.44 -31.63 -12.10
N ILE C 331 25.99 -32.35 -11.04
CA ILE C 331 26.56 -33.64 -11.27
C ILE C 331 25.58 -34.68 -11.69
N SER C 332 24.39 -34.67 -11.08
CA SER C 332 23.34 -35.62 -11.41
C SER C 332 22.89 -35.41 -12.80
N ARG C 333 22.75 -34.09 -13.16
CA ARG C 333 22.24 -33.71 -14.42
C ARG C 333 23.23 -34.08 -15.49
N ALA C 334 24.54 -33.93 -15.20
CA ALA C 334 25.67 -34.23 -16.11
C ALA C 334 25.62 -35.73 -16.41
N MET C 335 25.28 -36.57 -15.37
CA MET C 335 25.10 -38.00 -15.58
C MET C 335 23.96 -38.31 -16.50
N THR C 336 22.80 -37.64 -16.28
CA THR C 336 21.58 -37.91 -16.99
C THR C 336 21.70 -37.59 -18.45
N LYS C 337 22.45 -36.51 -18.76
CA LYS C 337 22.80 -35.97 -20.00
C LYS C 337 23.60 -36.92 -20.75
N LEU C 338 24.53 -37.64 -20.10
CA LEU C 338 25.36 -38.69 -20.73
C LEU C 338 24.43 -39.86 -21.10
N GLN C 339 23.43 -40.23 -20.28
CA GLN C 339 22.49 -41.33 -20.57
C GLN C 339 21.70 -41.09 -21.86
N GLN C 340 21.25 -39.78 -22.07
CA GLN C 340 20.59 -39.37 -23.27
C GLN C 340 21.52 -39.45 -24.46
N ARG C 341 22.83 -38.98 -24.30
CA ARG C 341 23.71 -38.88 -25.41
C ARG C 341 23.97 -40.31 -25.96
N ILE C 342 24.19 -41.30 -25.06
CA ILE C 342 24.41 -42.73 -25.40
C ILE C 342 23.18 -43.29 -26.04
N LYS C 343 22.01 -42.76 -25.58
CA LYS C 343 20.69 -43.19 -26.07
C LYS C 343 20.53 -44.61 -25.54
N PHE C 344 20.36 -44.76 -24.23
CA PHE C 344 20.18 -46.07 -23.62
C PHE C 344 18.91 -46.87 -24.04
N PRO C 345 17.71 -46.36 -24.33
CA PRO C 345 16.66 -47.20 -24.83
C PRO C 345 16.72 -47.31 -26.31
N SER C 346 15.90 -48.26 -26.86
CA SER C 346 15.50 -48.47 -28.24
C SER C 346 14.47 -47.44 -28.46
N TRP C 347 14.70 -46.81 -29.67
CA TRP C 347 14.10 -45.62 -30.05
C TRP C 347 13.52 -45.78 -31.42
N SER C 348 12.37 -45.03 -31.72
CA SER C 348 11.66 -44.95 -33.05
C SER C 348 12.46 -44.04 -33.97
N SER C 349 12.28 -44.26 -35.29
CA SER C 349 12.82 -43.36 -36.33
C SER C 349 11.84 -42.28 -36.77
N SER C 350 10.61 -42.22 -36.17
CA SER C 350 9.53 -41.36 -36.54
C SER C 350 9.64 -39.98 -35.89
N ALA C 351 10.14 -39.93 -34.63
CA ALA C 351 10.33 -38.72 -33.87
C ALA C 351 11.34 -38.79 -32.80
N MET C 352 11.94 -37.63 -32.42
CA MET C 352 12.86 -37.56 -31.26
C MET C 352 12.13 -37.72 -30.04
N HIS C 353 12.60 -38.52 -29.04
CA HIS C 353 11.94 -38.60 -27.77
C HIS C 353 12.23 -37.37 -26.97
N VAL C 354 11.15 -36.96 -26.26
CA VAL C 354 11.16 -35.85 -25.32
C VAL C 354 11.70 -36.36 -24.04
N ASN C 355 12.72 -35.67 -23.44
CA ASN C 355 13.37 -36.10 -22.26
C ASN C 355 13.44 -34.80 -21.43
N ILE C 356 12.85 -34.83 -20.21
CA ILE C 356 12.64 -33.69 -19.34
C ILE C 356 13.23 -33.93 -17.97
N GLY C 357 13.64 -32.83 -17.19
CA GLY C 357 13.97 -32.90 -15.82
C GLY C 357 13.34 -31.76 -15.00
N ARG C 358 12.96 -32.05 -13.76
CA ARG C 358 12.35 -31.13 -12.84
C ARG C 358 13.27 -31.27 -11.60
N ARG C 359 13.55 -30.13 -10.96
CA ARG C 359 14.21 -30.09 -9.67
C ARG C 359 13.28 -29.44 -8.64
N SER C 360 13.29 -30.05 -7.42
CA SER C 360 12.36 -29.62 -6.41
C SER C 360 13.13 -29.82 -5.13
N PRO C 361 12.88 -29.03 -4.05
CA PRO C 361 13.46 -29.28 -2.71
C PRO C 361 12.30 -29.99 -1.91
N TYR C 362 12.34 -30.09 -0.58
CA TYR C 362 11.39 -30.71 0.24
C TYR C 362 11.06 -29.49 1.11
N LEU C 363 9.98 -29.59 1.80
CA LEU C 363 9.38 -28.56 2.58
C LEU C 363 10.18 -28.32 3.76
N PRO C 364 10.49 -27.08 3.98
CA PRO C 364 11.36 -26.65 5.11
C PRO C 364 10.50 -26.45 6.37
N LEU C 365 9.16 -26.68 6.25
CA LEU C 365 8.15 -26.78 7.30
C LEU C 365 8.25 -28.10 8.07
N GLN C 366 8.84 -29.15 7.42
CA GLN C 366 9.26 -30.33 8.20
C GLN C 366 10.72 -30.38 8.14
N PRO C 367 11.37 -30.90 9.19
CA PRO C 367 12.83 -31.11 9.20
C PRO C 367 13.22 -31.85 7.87
N ASN C 368 14.47 -31.66 7.39
CA ASN C 368 14.83 -32.36 6.19
C ASN C 368 15.77 -33.38 6.68
N GLU C 369 15.77 -34.49 5.95
CA GLU C 369 16.45 -35.73 6.10
C GLU C 369 17.48 -35.98 4.99
N ASN C 370 18.49 -36.84 5.39
CA ASN C 370 19.68 -37.17 4.64
C ASN C 370 19.50 -37.70 3.20
N GLU C 371 18.51 -38.55 3.05
CA GLU C 371 18.25 -39.17 1.73
C GLU C 371 17.76 -38.17 0.69
N VAL C 372 18.14 -38.47 -0.54
CA VAL C 372 17.67 -37.72 -1.66
C VAL C 372 16.77 -38.65 -2.37
N SER C 373 15.73 -38.09 -3.10
CA SER C 373 14.57 -38.88 -3.63
C SER C 373 14.22 -38.46 -5.05
N GLY C 374 13.37 -39.32 -5.67
CA GLY C 374 12.97 -38.96 -6.99
C GLY C 374 11.76 -39.66 -7.50
N MET C 375 11.09 -39.12 -8.53
CA MET C 375 9.97 -39.75 -9.16
C MET C 375 10.36 -39.72 -10.57
N MET C 376 9.96 -40.72 -11.30
CA MET C 376 10.03 -40.61 -12.74
C MET C 376 8.57 -40.73 -13.15
N LEU C 377 8.12 -39.84 -14.06
CA LEU C 377 6.78 -39.96 -14.51
C LEU C 377 7.03 -40.06 -16.01
N SER C 378 6.59 -41.21 -16.70
CA SER C 378 6.86 -41.38 -18.09
C SER C 378 5.65 -41.98 -18.71
N ASN C 379 5.53 -41.71 -20.08
CA ASN C 379 4.68 -42.26 -21.09
C ASN C 379 5.61 -43.13 -21.96
N MET C 380 5.41 -44.49 -21.84
CA MET C 380 6.19 -45.48 -22.48
C MET C 380 5.27 -46.37 -23.23
N SER C 381 5.74 -46.79 -24.35
CA SER C 381 4.98 -47.55 -25.26
C SER C 381 4.66 -48.93 -24.84
N THR C 382 5.43 -49.44 -23.88
CA THR C 382 5.37 -50.77 -23.29
C THR C 382 4.10 -51.07 -22.61
N VAL C 383 3.33 -50.04 -22.19
CA VAL C 383 2.07 -50.00 -21.45
C VAL C 383 1.07 -50.80 -22.21
N VAL C 384 1.15 -50.98 -23.56
CA VAL C 384 0.31 -51.72 -24.42
C VAL C 384 0.17 -53.14 -24.09
N ASN C 385 1.21 -53.83 -23.49
CA ASN C 385 1.22 -55.21 -23.05
C ASN C 385 0.13 -55.39 -22.04
N VAL C 386 -0.16 -54.38 -21.11
CA VAL C 386 -1.15 -54.49 -20.07
C VAL C 386 -2.51 -54.68 -20.70
N PHE C 387 -2.70 -53.88 -21.73
CA PHE C 387 -3.93 -54.00 -22.44
C PHE C 387 -4.06 -55.33 -23.15
N GLU C 388 -3.01 -55.97 -23.78
CA GLU C 388 -3.19 -57.25 -24.43
C GLU C 388 -3.62 -58.36 -23.44
N ASN C 389 -3.02 -58.32 -22.22
CA ASN C 389 -3.31 -59.38 -21.23
C ASN C 389 -4.79 -59.29 -20.83
N ALA C 390 -5.23 -57.99 -20.66
CA ALA C 390 -6.62 -57.73 -20.28
C ALA C 390 -7.66 -58.20 -21.37
N CYS C 391 -7.27 -57.93 -22.61
CA CYS C 391 -8.13 -58.40 -23.72
C CYS C 391 -8.20 -59.84 -23.72
N ASN C 392 -7.10 -60.57 -23.44
CA ASN C 392 -7.09 -62.02 -23.43
C ASN C 392 -8.01 -62.62 -22.39
N THR C 393 -7.94 -62.09 -21.09
CA THR C 393 -8.85 -62.68 -20.12
C THR C 393 -10.30 -62.36 -20.44
N PHE C 394 -10.67 -61.11 -20.94
CA PHE C 394 -12.07 -60.77 -21.20
C PHE C 394 -12.65 -61.62 -22.28
N ASP C 395 -11.96 -61.82 -23.40
CA ASP C 395 -12.43 -62.58 -24.58
C ASP C 395 -12.62 -64.02 -24.12
N LYS C 396 -11.71 -64.47 -23.26
CA LYS C 396 -11.74 -65.89 -22.76
C LYS C 396 -13.00 -66.10 -21.97
N VAL C 397 -13.46 -65.10 -21.07
CA VAL C 397 -14.63 -65.23 -20.19
C VAL C 397 -15.87 -65.32 -21.02
N PHE C 398 -15.85 -64.49 -22.11
CA PHE C 398 -16.89 -64.48 -23.17
C PHE C 398 -16.93 -65.82 -23.94
N ALA C 399 -15.76 -66.47 -24.32
CA ALA C 399 -15.66 -67.71 -25.05
C ALA C 399 -16.28 -68.79 -24.28
N LYS C 400 -16.04 -68.85 -22.94
CA LYS C 400 -16.62 -69.84 -22.10
C LYS C 400 -18.20 -69.59 -22.06
N GLY C 401 -18.70 -68.27 -22.10
CA GLY C 401 -20.10 -68.01 -22.13
C GLY C 401 -20.99 -68.30 -20.90
N ALA C 402 -20.42 -68.10 -19.71
CA ALA C 402 -21.01 -68.39 -18.43
C ALA C 402 -20.67 -67.25 -17.58
N PHE C 403 -21.58 -66.98 -16.66
CA PHE C 403 -21.64 -65.86 -15.65
C PHE C 403 -21.99 -64.49 -16.27
N LEU C 404 -22.68 -64.55 -17.45
CA LEU C 404 -23.26 -63.45 -18.21
C LEU C 404 -24.58 -63.02 -17.57
N ASN C 405 -25.23 -63.96 -16.79
CA ASN C 405 -26.55 -63.94 -16.15
C ASN C 405 -26.78 -62.73 -15.33
N ASN C 406 -25.72 -62.43 -14.44
CA ASN C 406 -25.77 -61.35 -13.51
C ASN C 406 -25.85 -59.98 -14.05
N TYR C 407 -25.11 -59.74 -15.20
CA TYR C 407 -25.16 -58.53 -15.96
C TYR C 407 -26.49 -58.32 -16.62
N ASN C 408 -27.09 -59.35 -17.17
CA ASN C 408 -28.30 -59.22 -18.05
C ASN C 408 -29.46 -58.60 -17.37
N VAL C 409 -29.64 -58.87 -16.02
CA VAL C 409 -30.68 -58.49 -15.08
C VAL C 409 -30.69 -56.94 -15.04
N GLY C 410 -29.56 -56.34 -15.22
CA GLY C 410 -29.39 -54.94 -15.31
C GLY C 410 -29.96 -54.33 -16.58
N ASP C 411 -30.36 -53.01 -16.49
CA ASP C 411 -30.95 -52.32 -17.54
C ASP C 411 -30.06 -52.22 -18.76
N LEU C 412 -28.72 -51.97 -18.55
CA LEU C 412 -27.74 -51.77 -19.61
C LEU C 412 -27.51 -52.91 -20.56
N PHE C 413 -27.53 -54.16 -20.01
CA PHE C 413 -27.17 -55.38 -20.68
C PHE C 413 -28.45 -56.20 -20.78
N GLN C 414 -29.60 -55.43 -20.83
CA GLN C 414 -30.88 -56.08 -20.94
C GLN C 414 -31.11 -56.91 -22.23
N SER C 415 -30.63 -56.40 -23.41
CA SER C 415 -30.85 -56.87 -24.76
C SER C 415 -29.69 -56.39 -25.54
N MET C 416 -28.66 -55.83 -24.87
CA MET C 416 -27.41 -55.39 -25.51
C MET C 416 -26.44 -56.38 -25.12
N GLN C 417 -25.56 -56.66 -26.06
CA GLN C 417 -24.53 -57.55 -25.80
C GLN C 417 -23.48 -57.21 -26.75
N ASN C 418 -23.78 -56.23 -27.69
CA ASN C 418 -22.85 -55.76 -28.58
C ASN C 418 -21.74 -54.97 -27.97
N VAL C 419 -22.06 -54.13 -26.91
CA VAL C 419 -21.17 -53.11 -26.36
C VAL C 419 -19.91 -53.66 -25.77
N GLN C 420 -19.87 -54.81 -25.10
CA GLN C 420 -18.70 -55.38 -24.54
C GLN C 420 -17.69 -55.85 -25.60
N ASP C 421 -18.20 -56.50 -26.69
CA ASP C 421 -17.50 -56.97 -27.83
C ASP C 421 -16.91 -55.80 -28.54
N GLU C 422 -17.71 -54.66 -28.63
CA GLU C 422 -17.28 -53.43 -29.25
C GLU C 422 -16.14 -52.83 -28.58
N PHE C 423 -16.11 -52.76 -27.25
CA PHE C 423 -14.94 -52.28 -26.50
C PHE C 423 -13.71 -53.12 -26.75
N ALA C 424 -13.88 -54.43 -26.78
CA ALA C 424 -12.86 -55.41 -27.02
C ALA C 424 -12.16 -55.26 -28.32
N GLU C 425 -12.86 -54.98 -29.37
CA GLU C 425 -12.33 -54.67 -30.65
C GLU C 425 -11.62 -53.37 -30.70
N SER C 426 -12.20 -52.35 -30.08
CA SER C 426 -11.66 -50.96 -29.99
C SER C 426 -10.39 -50.85 -29.32
N ARG C 427 -10.24 -51.59 -28.19
CA ARG C 427 -9.12 -51.61 -27.39
C ARG C 427 -7.92 -52.08 -28.02
N GLU C 428 -8.02 -53.11 -28.92
CA GLU C 428 -6.88 -53.48 -29.71
C GLU C 428 -6.39 -52.42 -30.66
N VAL C 429 -7.32 -51.68 -31.33
CA VAL C 429 -6.93 -50.78 -32.35
C VAL C 429 -6.03 -49.74 -31.85
N VAL C 430 -6.41 -49.20 -30.69
CA VAL C 430 -5.65 -48.14 -30.01
C VAL C 430 -4.33 -48.66 -29.61
N GLN C 431 -4.28 -49.93 -29.13
CA GLN C 431 -3.18 -50.67 -28.66
C GLN C 431 -2.14 -50.87 -29.70
N SER C 432 -2.60 -51.15 -31.00
CA SER C 432 -1.81 -51.24 -32.21
C SER C 432 -1.13 -49.97 -32.53
N LEU C 433 -1.81 -48.79 -32.38
CA LEU C 433 -1.23 -47.50 -32.62
C LEU C 433 -0.10 -47.09 -31.67
N MET C 434 -0.27 -47.45 -30.43
CA MET C 434 0.63 -47.37 -29.30
C MET C 434 1.89 -48.19 -29.57
N GLU C 435 1.75 -49.38 -30.19
CA GLU C 435 2.86 -50.15 -30.72
C GLU C 435 3.57 -49.51 -31.87
N ASP C 436 2.74 -48.83 -32.77
CA ASP C 436 3.20 -48.20 -33.95
C ASP C 436 4.09 -46.98 -33.59
N TYR C 437 3.91 -46.22 -32.46
CA TYR C 437 4.71 -45.14 -32.17
C TYR C 437 6.19 -45.56 -32.00
N VAL C 438 6.50 -46.77 -31.56
CA VAL C 438 7.82 -47.39 -31.52
C VAL C 438 8.38 -47.63 -32.85
N ALA C 439 7.63 -47.92 -33.88
CA ALA C 439 8.15 -48.23 -35.20
C ALA C 439 8.02 -47.00 -36.04
N ALA C 440 8.68 -47.05 -37.23
CA ALA C 440 8.81 -46.02 -38.25
C ALA C 440 7.48 -45.67 -38.91
N GLU C 441 6.59 -46.66 -39.05
CA GLU C 441 5.31 -46.60 -39.75
C GLU C 441 4.42 -45.50 -39.08
N GLN C 442 4.65 -44.99 -37.83
CA GLN C 442 3.70 -44.08 -37.15
C GLN C 442 3.28 -42.87 -37.88
N ASP C 443 4.30 -42.27 -38.51
CA ASP C 443 4.02 -41.32 -39.52
C ASP C 443 3.48 -42.05 -40.74
N SER C 444 2.22 -41.66 -41.10
CA SER C 444 1.42 -42.29 -42.11
C SER C 444 0.94 -41.25 -43.05
N TYR C 445 1.36 -39.98 -42.95
CA TYR C 445 0.91 -38.90 -43.86
C TYR C 445 1.25 -39.35 -45.35
N MET D 1 -38.06 5.79 15.62
CA MET D 1 -38.98 6.36 14.62
C MET D 1 -40.38 5.86 14.67
N GLY D 2 -41.23 6.63 14.02
CA GLY D 2 -42.57 6.29 13.78
C GLY D 2 -42.74 5.12 12.84
N GLY D 3 -44.02 4.77 12.57
CA GLY D 3 -44.28 3.65 11.73
C GLY D 3 -44.35 2.37 12.50
N GLU D 4 -45.42 2.31 13.48
CA GLU D 4 -45.64 1.23 14.34
C GLU D 4 -46.25 0.07 13.63
N ILE D 5 -46.01 -1.17 14.08
CA ILE D 5 -46.65 -2.32 13.60
C ILE D 5 -47.18 -2.92 14.86
N ILE D 6 -48.39 -3.40 14.78
CA ILE D 6 -48.97 -4.22 15.88
C ILE D 6 -49.09 -5.50 15.22
N THR D 7 -48.76 -6.56 15.99
CA THR D 7 -48.75 -7.90 15.58
C THR D 7 -49.92 -8.56 16.25
N LEU D 8 -50.65 -9.34 15.39
CA LEU D 8 -51.89 -10.03 15.65
C LEU D 8 -51.40 -11.53 15.63
N GLN D 9 -51.65 -12.28 16.67
CA GLN D 9 -51.19 -13.64 16.82
C GLN D 9 -52.44 -14.42 16.88
N ALA D 10 -52.63 -15.42 16.02
CA ALA D 10 -53.84 -16.17 15.85
C ALA D 10 -53.51 -17.66 15.86
N GLY D 11 -54.43 -18.43 16.50
CA GLY D 11 -54.30 -19.83 16.56
C GLY D 11 -53.10 -20.17 17.34
N GLN D 12 -52.92 -21.48 17.46
CA GLN D 12 -51.92 -22.18 18.17
C GLN D 12 -50.64 -21.93 17.56
N CYS D 13 -50.54 -22.06 16.22
CA CYS D 13 -49.30 -21.88 15.54
C CYS D 13 -48.75 -20.45 15.65
N GLY D 14 -49.63 -19.42 15.44
CA GLY D 14 -49.39 -17.98 15.49
C GLY D 14 -48.93 -17.52 16.87
N ASN D 15 -49.61 -18.07 17.92
CA ASN D 15 -49.28 -17.77 19.28
C ASN D 15 -47.93 -18.36 19.65
N HIS D 16 -47.62 -19.57 19.19
CA HIS D 16 -46.34 -20.18 19.52
C HIS D 16 -45.22 -19.36 18.92
N VAL D 17 -45.25 -18.99 17.57
CA VAL D 17 -44.17 -18.19 16.94
C VAL D 17 -44.13 -16.81 17.56
N GLY D 18 -45.41 -16.18 17.81
CA GLY D 18 -45.51 -14.85 18.45
C GLY D 18 -44.95 -14.68 19.83
N LYS D 19 -45.20 -15.66 20.72
CA LYS D 19 -44.63 -15.66 22.05
C LYS D 19 -43.18 -15.73 22.09
N PHE D 20 -42.60 -16.57 21.22
CA PHE D 20 -41.18 -16.67 20.98
C PHE D 20 -40.52 -15.49 20.43
N LEU D 21 -41.14 -14.73 19.51
CA LEU D 21 -40.74 -13.56 18.78
C LEU D 21 -40.44 -12.48 19.86
N TRP D 22 -41.37 -12.25 20.85
CA TRP D 22 -41.15 -11.20 21.79
C TRP D 22 -40.00 -11.49 22.67
N SER D 23 -39.88 -12.81 23.04
CA SER D 23 -38.83 -13.34 23.88
C SER D 23 -37.49 -13.17 23.34
N GLN D 24 -37.36 -13.37 22.03
CA GLN D 24 -36.10 -13.14 21.35
C GLN D 24 -35.68 -11.69 21.31
N LEU D 25 -36.60 -10.77 21.03
CA LEU D 25 -36.24 -9.38 20.94
C LEU D 25 -35.78 -8.92 22.25
N ALA D 26 -36.50 -9.39 23.33
CA ALA D 26 -36.25 -8.93 24.76
C ALA D 26 -34.86 -9.33 25.12
N LYS D 27 -34.46 -10.53 24.73
CA LYS D 27 -33.12 -11.02 24.94
C LYS D 27 -32.07 -10.23 24.19
N GLU D 28 -32.40 -9.92 22.89
CA GLU D 28 -31.55 -9.32 21.93
C GLU D 28 -31.17 -7.90 22.28
N HIS D 29 -32.07 -7.01 22.84
CA HIS D 29 -31.70 -5.64 23.10
C HIS D 29 -31.31 -5.50 24.57
N ALA D 30 -30.90 -6.67 25.18
CA ALA D 30 -30.41 -6.80 26.51
C ALA D 30 -31.23 -6.13 27.60
N ILE D 31 -32.60 -6.31 27.57
CA ILE D 31 -33.49 -5.84 28.57
C ILE D 31 -34.14 -7.06 29.21
N GLY D 32 -34.70 -6.89 30.40
CA GLY D 32 -35.33 -7.89 31.19
C GLY D 32 -36.41 -8.76 30.51
N THR D 33 -36.80 -9.77 31.31
CA THR D 33 -37.79 -10.67 30.82
C THR D 33 -39.11 -10.15 31.14
N ASP D 34 -39.17 -9.01 31.93
CA ASP D 34 -40.43 -8.36 32.24
C ASP D 34 -40.42 -7.08 31.38
N GLY D 35 -39.22 -6.87 30.72
CA GLY D 35 -39.12 -5.90 29.64
C GLY D 35 -38.76 -4.53 30.28
N LEU D 36 -38.45 -4.52 31.52
CA LEU D 36 -37.89 -3.31 32.08
C LEU D 36 -36.62 -2.88 31.37
N SER D 37 -36.29 -1.56 31.34
CA SER D 37 -35.03 -1.03 30.78
C SER D 37 -33.72 -1.66 31.29
N GLN D 38 -32.66 -1.48 30.54
CA GLN D 38 -31.38 -2.02 30.79
C GLN D 38 -30.58 -0.98 31.49
N LEU D 39 -30.06 -1.25 32.74
CA LEU D 39 -29.17 -0.54 33.56
C LEU D 39 -27.88 -0.52 32.89
N PRO D 40 -27.16 -1.56 32.42
CA PRO D 40 -25.85 -1.44 31.89
C PRO D 40 -25.63 -0.68 30.62
N ASP D 41 -25.00 0.49 30.83
CA ASP D 41 -24.75 1.46 29.78
C ASP D 41 -24.35 2.77 30.45
N SER D 42 -23.38 3.52 29.84
CA SER D 42 -23.07 4.81 30.27
C SER D 42 -23.46 5.79 29.24
N SER D 43 -23.98 5.25 28.12
CA SER D 43 -24.52 5.93 26.92
C SER D 43 -25.34 4.84 26.31
N THR D 44 -26.48 5.26 25.70
CA THR D 44 -27.46 4.31 25.16
C THR D 44 -27.88 4.93 23.80
N GLU D 45 -28.28 4.01 22.86
CA GLU D 45 -28.70 4.14 21.49
C GLU D 45 -27.99 3.04 20.78
N ARG D 46 -28.59 1.86 20.87
CA ARG D 46 -28.02 0.72 20.22
C ARG D 46 -29.08 -0.12 19.56
N ASP D 47 -30.38 0.32 19.52
CA ASP D 47 -31.46 -0.34 18.78
C ASP D 47 -32.60 0.68 18.58
N ASP D 48 -33.51 0.36 17.60
CA ASP D 48 -34.61 1.23 17.13
C ASP D 48 -35.84 0.32 16.99
N ASP D 49 -35.79 -0.89 17.61
CA ASP D 49 -36.84 -1.85 17.71
C ASP D 49 -37.99 -1.43 18.60
N THR D 50 -37.59 -0.60 19.62
CA THR D 50 -38.39 -0.13 20.78
C THR D 50 -39.58 0.58 20.31
N LYS D 51 -39.48 1.72 19.58
CA LYS D 51 -40.70 2.37 19.32
C LYS D 51 -41.76 1.66 18.41
N PRO D 52 -41.42 1.06 17.21
CA PRO D 52 -42.40 0.34 16.43
C PRO D 52 -43.07 -0.82 17.01
N PHE D 53 -42.30 -1.71 17.66
CA PHE D 53 -42.76 -2.95 18.23
C PHE D 53 -43.32 -2.85 19.64
N PHE D 54 -42.73 -1.89 20.39
CA PHE D 54 -42.89 -1.78 21.78
C PHE D 54 -43.48 -0.44 22.06
N ARG D 55 -44.09 -0.34 23.29
CA ARG D 55 -44.69 0.83 23.80
C ARG D 55 -44.14 0.84 25.16
N GLU D 56 -44.25 2.06 25.69
CA GLU D 56 -43.60 2.41 26.90
C GLU D 56 -44.63 2.48 27.93
N ASN D 57 -44.38 1.81 29.08
CA ASN D 57 -45.26 1.94 30.28
C ASN D 57 -44.35 2.28 31.49
N CYS D 58 -45.06 2.47 32.64
CA CYS D 58 -44.58 2.56 34.00
C CYS D 58 -43.23 1.87 34.25
N ARG D 59 -42.31 2.71 34.82
CA ARG D 59 -41.06 2.31 35.40
C ARG D 59 -40.00 2.22 34.31
N ASN D 60 -40.25 2.84 33.11
CA ASN D 60 -39.50 2.76 31.94
C ASN D 60 -39.31 1.34 31.53
N LYS D 61 -40.45 0.67 31.33
CA LYS D 61 -40.52 -0.73 31.02
C LYS D 61 -41.18 -0.90 29.66
N PHE D 62 -40.51 -1.46 28.70
CA PHE D 62 -40.98 -1.61 27.39
C PHE D 62 -41.83 -2.82 27.40
N THR D 63 -42.97 -2.71 26.66
CA THR D 63 -43.88 -3.82 26.60
C THR D 63 -44.17 -4.06 25.14
N PRO D 64 -44.37 -5.25 24.66
CA PRO D 64 -44.68 -5.53 23.28
C PRO D 64 -46.07 -5.07 23.00
N ARG D 65 -46.30 -4.47 21.81
CA ARG D 65 -47.52 -4.09 21.22
C ARG D 65 -48.08 -5.33 20.55
N ALA D 66 -48.84 -6.12 21.24
CA ALA D 66 -49.33 -7.42 20.71
C ALA D 66 -50.74 -7.67 21.04
N ILE D 67 -51.42 -8.35 20.05
CA ILE D 67 -52.77 -8.83 20.22
C ILE D 67 -52.63 -10.33 20.09
N MET D 68 -53.25 -11.01 21.04
CA MET D 68 -53.38 -12.42 21.02
C MET D 68 -54.83 -12.74 20.86
N MET D 69 -55.15 -13.58 19.92
CA MET D 69 -56.50 -14.02 19.80
C MET D 69 -56.35 -15.52 19.52
N ASP D 70 -57.19 -16.42 20.12
CA ASP D 70 -57.25 -17.79 19.82
C ASP D 70 -58.12 -18.43 20.94
N SER D 71 -57.94 -19.73 21.23
CA SER D 71 -58.53 -20.45 22.32
C SER D 71 -57.64 -20.42 23.55
N GLU D 72 -57.93 -21.23 24.63
CA GLU D 72 -57.31 -21.24 25.90
C GLU D 72 -55.82 -21.68 25.89
N PRO D 73 -55.35 -22.74 25.30
CA PRO D 73 -54.05 -23.47 25.54
C PRO D 73 -52.84 -22.54 25.61
N SER D 74 -52.66 -21.78 24.57
CA SER D 74 -51.47 -20.99 24.37
C SER D 74 -51.30 -19.85 25.32
N VAL D 75 -52.42 -19.13 25.60
CA VAL D 75 -52.53 -17.94 26.49
C VAL D 75 -52.18 -18.37 27.91
N ILE D 76 -52.63 -19.62 28.28
CA ILE D 76 -52.39 -20.27 29.58
C ILE D 76 -50.84 -20.48 29.69
N ALA D 77 -50.22 -20.86 28.50
CA ALA D 77 -48.73 -21.03 28.42
C ALA D 77 -47.95 -19.78 28.73
N ASP D 78 -48.47 -18.59 28.18
CA ASP D 78 -47.86 -17.28 28.34
C ASP D 78 -47.82 -16.85 29.75
N VAL D 79 -48.90 -17.14 30.56
CA VAL D 79 -48.89 -16.72 31.99
C VAL D 79 -47.80 -17.46 32.85
N GLU D 80 -47.46 -18.72 32.58
CA GLU D 80 -46.59 -19.43 33.45
C GLU D 80 -45.14 -18.89 33.46
N ASN D 81 -44.57 -18.43 32.40
CA ASN D 81 -43.21 -18.12 32.25
C ASN D 81 -42.92 -16.78 32.97
N THR D 82 -41.62 -16.39 33.07
CA THR D 82 -41.08 -15.19 33.63
C THR D 82 -41.10 -14.04 32.65
N PHE D 83 -41.81 -14.36 31.56
CA PHE D 83 -42.14 -13.41 30.58
C PHE D 83 -43.65 -12.99 30.75
N ARG D 84 -44.17 -13.25 31.98
CA ARG D 84 -45.47 -12.85 32.46
C ARG D 84 -45.69 -11.34 32.44
N GLY D 85 -44.66 -10.63 32.88
CA GLY D 85 -44.79 -9.18 32.96
C GLY D 85 -44.46 -8.53 31.70
N PHE D 86 -44.20 -9.34 30.64
CA PHE D 86 -43.74 -8.88 29.35
C PHE D 86 -44.93 -9.28 28.46
N PHE D 87 -46.22 -9.16 28.93
CA PHE D 87 -47.47 -9.56 28.29
C PHE D 87 -48.54 -8.65 28.87
N ASP D 88 -49.51 -8.29 27.99
CA ASP D 88 -50.61 -7.47 28.33
C ASP D 88 -51.82 -8.39 28.23
N PRO D 89 -52.48 -8.75 29.32
CA PRO D 89 -53.62 -9.62 29.33
C PRO D 89 -54.83 -9.06 28.66
N ARG D 90 -54.99 -7.70 28.55
CA ARG D 90 -56.22 -7.10 28.08
C ARG D 90 -56.40 -7.41 26.62
N ASN D 91 -55.28 -7.50 25.84
CA ASN D 91 -55.13 -7.83 24.38
C ASN D 91 -55.39 -9.27 24.03
N THR D 92 -55.31 -10.13 25.02
CA THR D 92 -55.32 -11.59 24.99
C THR D 92 -56.71 -12.04 25.10
N TRP D 93 -57.14 -12.87 24.12
CA TRP D 93 -58.53 -13.27 23.97
C TRP D 93 -58.38 -14.75 23.80
N VAL D 94 -59.15 -15.39 24.63
CA VAL D 94 -59.24 -16.81 24.82
C VAL D 94 -60.67 -16.95 24.66
N ALA D 95 -60.97 -17.89 23.70
CA ALA D 95 -62.30 -18.20 23.30
C ALA D 95 -63.25 -18.67 24.47
N SER D 96 -64.53 -18.27 24.42
CA SER D 96 -65.51 -18.66 25.42
C SER D 96 -66.68 -19.30 24.75
N ASP D 97 -66.77 -19.11 23.45
CA ASP D 97 -67.77 -19.69 22.56
C ASP D 97 -66.94 -19.71 21.26
N GLY D 98 -66.99 -20.87 20.60
CA GLY D 98 -66.27 -21.14 19.40
C GLY D 98 -66.16 -22.62 19.18
N ALA D 99 -67.10 -23.37 19.69
CA ALA D 99 -67.06 -24.84 19.62
C ALA D 99 -67.29 -25.28 18.23
N SER D 100 -66.41 -26.22 17.78
CA SER D 100 -66.30 -26.98 16.67
C SER D 100 -65.55 -26.25 15.57
N ALA D 101 -64.53 -25.42 15.99
CA ALA D 101 -63.64 -24.72 15.10
C ALA D 101 -62.36 -25.54 14.96
N GLY D 102 -62.54 -26.92 14.95
CA GLY D 102 -61.40 -27.82 14.74
C GLY D 102 -61.19 -28.15 13.34
N ASN D 103 -60.41 -27.27 12.66
CA ASN D 103 -60.15 -27.31 11.23
C ASN D 103 -61.42 -27.10 10.46
N SER D 104 -62.19 -26.10 10.91
CA SER D 104 -63.41 -25.66 10.37
C SER D 104 -63.38 -24.12 10.37
N TRP D 105 -63.19 -23.54 9.17
CA TRP D 105 -62.98 -22.15 8.87
C TRP D 105 -64.14 -21.46 9.26
N ALA D 106 -65.30 -21.99 8.93
CA ALA D 106 -66.53 -21.30 9.07
C ALA D 106 -66.88 -20.98 10.47
N ASN D 107 -66.61 -21.99 11.37
CA ASN D 107 -66.84 -21.77 12.79
C ASN D 107 -65.94 -20.63 13.30
N GLY D 108 -64.61 -20.58 12.90
CA GLY D 108 -63.76 -19.46 13.33
C GLY D 108 -64.12 -18.15 12.78
N TYR D 109 -64.50 -18.10 11.47
CA TYR D 109 -64.83 -16.84 10.79
C TYR D 109 -66.05 -16.30 11.39
N ASP D 110 -67.08 -17.12 11.62
CA ASP D 110 -68.34 -16.68 12.07
C ASP D 110 -68.31 -16.06 13.49
N ILE D 111 -67.47 -16.60 14.36
CA ILE D 111 -67.31 -16.14 15.67
C ILE D 111 -66.73 -14.82 15.80
N GLY D 112 -65.77 -14.48 14.92
CA GLY D 112 -65.13 -13.21 14.93
C GLY D 112 -66.09 -12.03 14.77
N THR D 113 -67.11 -12.27 13.87
CA THR D 113 -68.27 -11.37 13.63
C THR D 113 -69.18 -11.15 14.86
N ARG D 114 -69.35 -12.21 15.58
CA ARG D 114 -70.14 -12.28 16.87
C ARG D 114 -69.47 -11.46 17.86
N ASN D 115 -68.08 -11.53 17.95
CA ASN D 115 -67.34 -10.80 18.98
C ASN D 115 -66.56 -9.59 18.45
N GLN D 116 -67.22 -8.87 17.50
CA GLN D 116 -66.64 -7.77 16.76
C GLN D 116 -66.34 -6.58 17.68
N ASP D 117 -67.29 -6.25 18.58
CA ASP D 117 -67.17 -5.15 19.51
C ASP D 117 -66.03 -5.35 20.53
N ASP D 118 -65.97 -6.57 21.06
CA ASP D 118 -64.92 -6.93 22.06
C ASP D 118 -63.51 -6.91 21.52
N ILE D 119 -63.34 -7.50 20.34
CA ILE D 119 -62.09 -7.62 19.67
C ILE D 119 -61.64 -6.19 19.27
N LEU D 120 -62.60 -5.34 18.76
CA LEU D 120 -62.37 -4.05 18.26
C LEU D 120 -61.90 -3.18 19.43
N ASN D 121 -62.39 -3.40 20.70
CA ASN D 121 -62.04 -2.68 21.91
C ASN D 121 -60.53 -2.79 22.15
N LYS D 122 -59.87 -3.94 22.01
CA LYS D 122 -58.52 -4.23 22.05
C LYS D 122 -57.78 -3.56 20.87
N ILE D 123 -58.26 -3.68 19.57
CA ILE D 123 -57.58 -3.25 18.38
C ILE D 123 -57.50 -1.75 18.46
N ASP D 124 -58.59 -1.09 18.78
CA ASP D 124 -58.64 0.43 18.83
C ASP D 124 -57.70 0.94 19.85
N LYS D 125 -57.66 0.22 21.00
CA LYS D 125 -56.80 0.68 22.12
C LYS D 125 -55.31 0.60 21.73
N GLU D 126 -54.89 -0.50 21.03
CA GLU D 126 -53.52 -0.73 20.62
C GLU D 126 -53.13 0.28 19.61
N ILE D 127 -54.08 0.54 18.77
CA ILE D 127 -53.91 1.49 17.66
C ILE D 127 -53.78 2.92 18.23
N ASP D 128 -54.56 3.37 19.21
CA ASP D 128 -54.54 4.76 19.78
C ASP D 128 -53.23 4.99 20.44
N SER D 129 -52.57 3.95 21.13
CA SER D 129 -51.35 4.07 21.82
C SER D 129 -50.17 4.31 20.89
N THR D 130 -50.34 3.98 19.62
CA THR D 130 -49.33 4.10 18.58
C THR D 130 -49.27 5.54 18.15
N ASP D 131 -48.05 6.03 17.78
CA ASP D 131 -47.72 7.37 17.19
C ASP D 131 -48.35 7.37 15.79
N ASN D 132 -47.48 7.16 14.79
CA ASN D 132 -47.89 7.04 13.35
C ASN D 132 -47.73 5.60 13.04
N PHE D 133 -48.97 5.02 12.88
CA PHE D 133 -49.13 3.61 12.69
C PHE D 133 -48.88 3.16 11.24
N GLU D 134 -47.87 2.27 11.07
CA GLU D 134 -47.57 1.82 9.80
C GLU D 134 -48.60 0.82 9.15
N GLY D 135 -49.01 -0.21 9.98
CA GLY D 135 -49.91 -1.24 9.52
C GLY D 135 -49.78 -2.34 10.56
N PHE D 136 -50.37 -3.49 10.12
CA PHE D 136 -50.65 -4.67 10.92
C PHE D 136 -49.76 -5.74 10.41
N GLN D 137 -49.39 -6.68 11.32
CA GLN D 137 -48.68 -7.89 10.98
C GLN D 137 -49.57 -9.02 11.49
N LEU D 138 -49.90 -10.05 10.72
CA LEU D 138 -50.56 -11.20 11.13
C LEU D 138 -49.71 -12.39 11.11
N LEU D 139 -49.75 -13.13 12.25
CA LEU D 139 -49.06 -14.47 12.37
C LEU D 139 -50.18 -15.45 12.48
N HIS D 140 -50.18 -16.39 11.55
CA HIS D 140 -51.21 -17.45 11.52
C HIS D 140 -50.91 -18.46 10.52
N SER D 141 -51.75 -19.54 10.50
CA SER D 141 -51.70 -20.70 9.65
C SER D 141 -53.01 -20.61 8.91
N VAL D 142 -52.97 -21.12 7.64
CA VAL D 142 -54.07 -21.22 6.74
C VAL D 142 -54.92 -22.44 6.78
N ALA D 143 -54.38 -23.62 7.22
CA ALA D 143 -55.05 -24.84 7.12
C ALA D 143 -55.98 -25.11 8.31
N GLY D 144 -55.73 -24.39 9.40
CA GLY D 144 -56.29 -24.51 10.72
C GLY D 144 -57.71 -24.16 10.67
N GLY D 145 -58.43 -24.36 11.77
CA GLY D 145 -59.70 -23.73 11.94
C GLY D 145 -59.38 -22.36 12.44
N THR D 146 -58.58 -22.32 13.53
CA THR D 146 -58.38 -21.26 14.36
C THR D 146 -57.47 -20.17 13.76
N GLY D 147 -56.24 -20.55 13.20
CA GLY D 147 -55.37 -19.57 12.55
C GLY D 147 -56.11 -18.99 11.35
N SER D 148 -56.77 -19.79 10.59
CA SER D 148 -57.47 -19.43 9.42
C SER D 148 -58.73 -18.59 9.57
N GLY D 149 -59.76 -19.05 10.23
CA GLY D 149 -61.10 -18.47 10.08
C GLY D 149 -61.26 -17.18 10.66
N LEU D 150 -60.84 -17.06 11.91
CA LEU D 150 -60.77 -15.83 12.68
C LEU D 150 -59.78 -14.93 12.01
N GLY D 151 -58.63 -15.40 11.51
CA GLY D 151 -57.65 -14.56 10.87
C GLY D 151 -58.15 -13.86 9.67
N SER D 152 -58.89 -14.61 8.80
CA SER D 152 -59.49 -14.15 7.65
C SER D 152 -60.53 -13.13 7.98
N ASN D 153 -61.23 -13.39 9.12
CA ASN D 153 -62.28 -12.44 9.50
C ASN D 153 -61.66 -11.11 9.84
N LEU D 154 -60.54 -11.12 10.62
CA LEU D 154 -59.89 -9.95 11.06
C LEU D 154 -59.32 -9.20 9.83
N LEU D 155 -58.77 -9.87 8.82
CA LEU D 155 -58.22 -9.22 7.70
C LEU D 155 -59.14 -8.40 6.89
N GLU D 156 -60.39 -8.87 6.63
CA GLU D 156 -61.50 -8.29 5.98
C GLU D 156 -61.95 -7.13 6.80
N ALA D 157 -62.03 -7.24 8.17
CA ALA D 157 -62.49 -6.24 9.01
C ALA D 157 -61.60 -5.01 9.04
N LEU D 158 -60.27 -5.26 9.09
CA LEU D 158 -59.16 -4.33 9.17
C LEU D 158 -59.14 -3.51 7.97
N CYS D 159 -59.43 -4.21 6.85
CA CYS D 159 -59.52 -3.64 5.52
C CYS D 159 -60.62 -2.47 5.45
N ASP D 160 -61.79 -2.78 5.96
CA ASP D 160 -62.91 -1.87 6.04
C ASP D 160 -62.63 -0.81 7.07
N ARG D 161 -62.10 -1.14 8.24
CA ARG D 161 -61.88 -0.14 9.26
C ARG D 161 -60.84 0.86 8.88
N TYR D 162 -59.67 0.40 8.47
CA TYR D 162 -58.64 1.27 8.10
C TYR D 162 -58.28 0.96 6.68
N PRO D 163 -58.44 1.93 5.76
CA PRO D 163 -57.98 1.77 4.38
C PRO D 163 -56.88 2.75 4.01
N LYS D 164 -55.65 2.61 4.54
CA LYS D 164 -54.67 3.59 4.12
C LYS D 164 -53.34 3.07 4.60
N LYS D 165 -53.34 1.87 5.17
CA LYS D 165 -52.26 1.18 5.95
C LYS D 165 -52.00 -0.16 5.43
N ILE D 166 -50.78 -0.72 5.67
CA ILE D 166 -50.25 -1.91 5.10
C ILE D 166 -50.65 -3.03 5.95
N LEU D 167 -50.99 -4.10 5.24
CA LEU D 167 -51.29 -5.35 5.96
C LEU D 167 -50.26 -6.26 5.43
N THR D 168 -49.45 -6.87 6.34
CA THR D 168 -48.57 -7.95 5.98
C THR D 168 -48.93 -9.11 6.76
N THR D 169 -48.78 -10.35 6.20
CA THR D 169 -49.09 -11.51 7.02
C THR D 169 -47.92 -12.47 6.76
N TYR D 170 -47.63 -13.26 7.82
CA TYR D 170 -46.70 -14.35 7.73
C TYR D 170 -47.54 -15.54 7.89
N SER D 171 -47.82 -16.25 6.72
CA SER D 171 -48.76 -17.28 6.63
C SER D 171 -47.96 -18.47 6.46
N VAL D 172 -48.23 -19.52 7.28
CA VAL D 172 -47.54 -20.77 7.04
C VAL D 172 -48.53 -21.44 6.08
N PHE D 173 -47.97 -21.79 4.92
CA PHE D 173 -48.74 -22.56 3.96
C PHE D 173 -48.36 -24.07 4.21
N PRO D 174 -49.27 -24.99 3.97
CA PRO D 174 -49.08 -26.35 4.24
C PRO D 174 -48.25 -26.99 3.17
N ALA D 175 -47.73 -28.24 3.40
CA ALA D 175 -46.91 -28.84 2.36
C ALA D 175 -47.92 -29.44 1.33
N ARG D 176 -47.39 -30.28 0.36
CA ARG D 176 -48.27 -30.85 -0.67
C ARG D 176 -48.60 -32.26 -0.29
N SER D 177 -47.98 -32.78 0.87
CA SER D 177 -48.52 -34.04 1.48
C SER D 177 -49.62 -33.57 2.38
N SER D 178 -50.67 -34.33 2.57
CA SER D 178 -51.82 -34.06 3.43
C SER D 178 -52.07 -35.25 4.26
N GLU D 179 -52.97 -35.05 5.24
CA GLU D 179 -53.26 -36.02 6.21
C GLU D 179 -54.81 -36.17 6.34
N VAL D 180 -55.51 -35.08 5.82
CA VAL D 180 -56.97 -34.98 5.83
C VAL D 180 -57.42 -34.22 4.56
N VAL D 181 -58.75 -34.34 4.23
CA VAL D 181 -59.27 -33.69 3.01
C VAL D 181 -59.91 -32.32 3.35
N VAL D 182 -60.45 -32.18 4.58
CA VAL D 182 -61.19 -30.86 4.92
C VAL D 182 -60.23 -29.70 5.06
N GLN D 183 -58.93 -30.01 4.96
CA GLN D 183 -57.77 -29.12 4.77
C GLN D 183 -58.06 -28.15 3.60
N SER D 184 -58.63 -28.72 2.51
CA SER D 184 -58.89 -28.11 1.32
C SER D 184 -59.91 -27.01 1.41
N TYR D 185 -60.98 -27.20 2.22
CA TYR D 185 -61.99 -26.09 2.41
C TYR D 185 -61.26 -24.96 3.13
N ASN D 186 -60.53 -25.28 4.16
CA ASN D 186 -59.95 -24.23 4.92
C ASN D 186 -58.96 -23.34 4.11
N THR D 187 -58.10 -24.03 3.33
CA THR D 187 -57.13 -23.37 2.47
C THR D 187 -57.73 -22.53 1.35
N ILE D 188 -58.76 -23.07 0.63
CA ILE D 188 -59.33 -22.24 -0.40
C ILE D 188 -60.10 -21.01 0.08
N LEU D 189 -60.90 -21.15 1.08
CA LEU D 189 -61.71 -20.09 1.69
C LEU D 189 -60.86 -19.00 2.25
N ALA D 190 -59.75 -19.33 2.89
CA ALA D 190 -58.85 -18.37 3.50
C ALA D 190 -58.18 -17.56 2.39
N LEU D 191 -57.78 -18.33 1.30
CA LEU D 191 -57.03 -17.76 0.22
C LEU D 191 -57.68 -16.68 -0.54
N ARG D 192 -59.05 -16.65 -0.67
CA ARG D 192 -59.80 -15.60 -1.32
C ARG D 192 -59.61 -14.24 -0.59
N ARG D 193 -59.70 -14.28 0.75
CA ARG D 193 -59.45 -13.20 1.66
C ARG D 193 -58.00 -12.82 1.63
N LEU D 194 -57.07 -13.77 1.57
CA LEU D 194 -55.65 -13.40 1.55
C LEU D 194 -55.26 -12.66 0.34
N ILE D 195 -55.83 -13.09 -0.83
CA ILE D 195 -55.56 -12.44 -2.10
C ILE D 195 -56.16 -11.09 -2.10
N GLU D 196 -57.40 -10.78 -1.77
CA GLU D 196 -57.98 -9.45 -1.78
C GLU D 196 -57.67 -8.55 -0.48
N ASP D 197 -57.77 -9.13 0.73
CA ASP D 197 -57.67 -8.42 1.96
C ASP D 197 -56.25 -8.11 2.46
N SER D 198 -55.20 -8.80 1.95
CA SER D 198 -53.82 -8.38 2.17
C SER D 198 -53.28 -7.64 0.96
N ASP D 199 -52.28 -6.82 1.22
CA ASP D 199 -51.42 -6.27 0.21
C ASP D 199 -50.04 -6.89 0.22
N ALA D 200 -49.70 -7.74 1.33
CA ALA D 200 -48.49 -8.50 1.22
C ALA D 200 -48.71 -9.77 1.91
N THR D 201 -48.22 -10.88 1.34
CA THR D 201 -48.19 -12.16 2.07
C THR D 201 -46.81 -12.77 1.87
N VAL D 202 -46.19 -13.06 3.04
CA VAL D 202 -44.90 -13.75 3.15
C VAL D 202 -45.32 -15.22 3.37
N VAL D 203 -45.00 -16.03 2.32
CA VAL D 203 -45.39 -17.40 2.19
C VAL D 203 -44.34 -18.12 2.91
N PHE D 204 -44.66 -18.99 3.89
CA PHE D 204 -43.78 -19.95 4.57
C PHE D 204 -44.24 -21.32 4.25
N ASP D 205 -43.41 -22.02 3.41
CA ASP D 205 -43.79 -23.30 2.96
C ASP D 205 -43.21 -24.26 3.98
N ASN D 206 -44.10 -25.08 4.68
CA ASN D 206 -43.90 -25.95 5.74
C ASN D 206 -43.04 -27.10 5.41
N ALA D 207 -42.98 -27.63 4.10
CA ALA D 207 -42.10 -28.71 3.68
C ALA D 207 -40.66 -28.34 3.87
N SER D 208 -40.32 -27.08 3.46
CA SER D 208 -38.99 -26.51 3.38
C SER D 208 -38.60 -26.37 4.85
N LEU D 209 -39.57 -25.87 5.69
CA LEU D 209 -39.25 -25.63 7.03
C LEU D 209 -38.91 -26.90 7.80
N LEU D 210 -39.62 -28.02 7.47
CA LEU D 210 -39.39 -29.31 8.17
C LEU D 210 -38.08 -29.90 7.97
N ASN D 211 -37.59 -29.84 6.70
CA ASN D 211 -36.33 -30.45 6.35
C ASN D 211 -35.25 -29.73 7.13
N ILE D 212 -35.33 -28.42 7.43
CA ILE D 212 -34.46 -27.65 8.30
C ILE D 212 -34.50 -28.16 9.69
N SER D 213 -35.72 -28.41 10.22
CA SER D 213 -36.00 -28.84 11.60
C SER D 213 -35.35 -30.21 11.80
N GLY D 214 -35.57 -31.10 10.84
CA GLY D 214 -34.89 -32.40 10.90
C GLY D 214 -33.32 -32.25 10.69
N LYS D 215 -32.82 -31.49 9.65
CA LYS D 215 -31.36 -31.37 9.29
C LYS D 215 -30.57 -30.64 10.17
N VAL D 216 -30.87 -29.34 10.38
CA VAL D 216 -29.96 -28.42 11.12
C VAL D 216 -30.00 -28.62 12.48
N PHE D 217 -31.23 -28.67 13.07
CA PHE D 217 -31.39 -28.60 14.58
C PHE D 217 -30.85 -29.81 15.31
N ARG D 218 -30.89 -31.05 14.70
CA ARG D 218 -30.39 -32.28 15.34
C ARG D 218 -30.99 -32.74 16.60
N ASN D 219 -32.32 -32.86 16.63
CA ASN D 219 -32.98 -33.43 17.74
C ASN D 219 -33.97 -34.34 17.06
N PRO D 220 -33.89 -35.67 17.19
CA PRO D 220 -34.95 -36.57 16.66
C PRO D 220 -36.22 -36.33 17.52
N ASN D 221 -37.37 -36.24 16.88
CA ASN D 221 -38.67 -36.09 17.48
C ASN D 221 -38.79 -34.68 17.91
N ILE D 222 -38.81 -33.74 16.91
CA ILE D 222 -38.92 -32.28 17.10
C ILE D 222 -40.10 -31.90 17.89
N ASP D 223 -39.94 -30.93 18.76
CA ASP D 223 -41.00 -30.47 19.58
C ASP D 223 -41.30 -29.12 18.97
N LEU D 224 -42.36 -28.40 19.49
CA LEU D 224 -42.79 -27.09 18.95
C LEU D 224 -41.66 -26.07 19.18
N GLN D 225 -40.98 -26.17 20.36
CA GLN D 225 -39.81 -25.44 20.76
C GLN D 225 -38.62 -25.67 19.83
N HIS D 226 -38.37 -26.92 19.35
CA HIS D 226 -37.20 -27.20 18.49
C HIS D 226 -37.28 -26.45 17.21
N THR D 227 -38.47 -26.52 16.58
CA THR D 227 -38.81 -25.81 15.34
C THR D 227 -38.88 -24.31 15.62
N ASN D 228 -39.34 -23.86 16.82
CA ASN D 228 -39.47 -22.47 17.08
C ASN D 228 -38.13 -21.73 17.03
N GLN D 229 -36.96 -22.36 17.35
CA GLN D 229 -35.74 -21.62 17.39
C GLN D 229 -35.48 -21.09 15.97
N LEU D 230 -35.73 -21.84 14.89
CA LEU D 230 -35.57 -21.48 13.50
C LEU D 230 -36.46 -20.43 13.08
N ILE D 231 -37.72 -20.59 13.50
CA ILE D 231 -38.71 -19.62 13.21
C ILE D 231 -38.48 -18.23 13.83
N SER D 232 -38.05 -18.24 15.11
CA SER D 232 -37.72 -17.03 15.81
C SER D 232 -36.57 -16.35 15.13
N THR D 233 -35.50 -17.07 14.62
CA THR D 233 -34.48 -16.37 13.87
C THR D 233 -34.97 -15.68 12.59
N ILE D 234 -35.76 -16.41 11.73
CA ILE D 234 -36.16 -15.89 10.48
C ILE D 234 -37.10 -14.74 10.66
N ILE D 235 -38.14 -14.83 11.56
CA ILE D 235 -39.10 -13.78 11.83
C ILE D 235 -38.47 -12.53 12.46
N SER D 236 -37.50 -12.64 13.40
CA SER D 236 -36.75 -11.57 14.03
C SER D 236 -35.90 -10.91 13.01
N SER D 237 -35.18 -11.67 12.17
CA SER D 237 -34.20 -11.05 11.25
C SER D 237 -34.80 -10.15 10.21
N VAL D 238 -35.98 -10.42 9.69
CA VAL D 238 -36.60 -9.63 8.64
C VAL D 238 -36.91 -8.25 9.10
N THR D 239 -37.17 -8.14 10.36
CA THR D 239 -37.50 -6.92 11.05
C THR D 239 -36.26 -6.16 11.35
N ASN D 240 -35.07 -6.74 11.16
CA ASN D 240 -33.82 -6.11 11.52
C ASN D 240 -33.61 -4.76 10.93
N SER D 241 -34.04 -4.52 9.67
CA SER D 241 -33.67 -3.25 8.96
C SER D 241 -34.33 -1.98 9.55
N ILE D 242 -35.50 -2.10 10.24
CA ILE D 242 -36.10 -1.00 10.95
C ILE D 242 -35.33 -0.79 12.23
N ARG D 243 -34.98 -1.94 12.90
CA ARG D 243 -34.36 -1.82 14.15
C ARG D 243 -32.94 -1.49 14.16
N PHE D 244 -32.27 -1.62 13.02
CA PHE D 244 -30.90 -1.15 12.89
C PHE D 244 -30.81 0.35 12.72
N PRO D 245 -30.31 1.19 13.60
CA PRO D 245 -30.31 2.67 13.45
C PRO D 245 -29.43 3.09 12.37
N SER D 246 -29.94 4.19 11.76
CA SER D 246 -29.21 4.95 10.75
C SER D 246 -29.41 4.48 9.40
N TYR D 247 -29.23 3.20 9.28
CA TYR D 247 -29.48 2.48 8.06
C TYR D 247 -30.92 2.33 8.01
N MET D 248 -31.59 3.30 7.40
CA MET D 248 -33.06 3.36 7.43
C MET D 248 -33.38 3.79 6.04
N TYR D 249 -32.54 3.39 5.10
CA TYR D 249 -32.79 3.42 3.71
C TYR D 249 -33.61 2.21 3.59
N SER D 250 -33.32 1.15 4.45
CA SER D 250 -34.26 0.11 4.55
C SER D 250 -34.67 0.10 5.96
N SER D 251 -36.01 0.01 6.01
CA SER D 251 -36.80 -0.11 7.13
C SER D 251 -37.89 -0.90 6.63
N MET D 252 -38.93 -1.15 7.47
CA MET D 252 -40.10 -1.91 7.13
C MET D 252 -40.87 -1.16 6.05
N SER D 253 -41.04 0.17 6.11
CA SER D 253 -41.77 0.96 5.15
C SER D 253 -41.13 0.93 3.81
N SER D 254 -39.82 1.11 3.78
CA SER D 254 -38.98 1.25 2.66
C SER D 254 -38.83 -0.07 1.91
N ILE D 255 -38.88 -1.18 2.72
CA ILE D 255 -38.82 -2.56 2.31
C ILE D 255 -40.08 -2.77 1.52
N TYR D 256 -41.26 -2.26 2.04
CA TYR D 256 -42.60 -2.43 1.36
C TYR D 256 -42.58 -1.70 0.06
N SER D 257 -42.03 -0.49 -0.01
CA SER D 257 -41.95 0.28 -1.27
C SER D 257 -41.14 -0.40 -2.36
N THR D 258 -39.89 -0.99 -2.02
CA THR D 258 -39.02 -1.64 -2.99
C THR D 258 -39.62 -2.95 -3.57
N LEU D 259 -40.16 -3.80 -2.71
CA LEU D 259 -40.59 -5.09 -3.10
C LEU D 259 -41.76 -5.22 -4.00
N ILE D 260 -42.83 -4.44 -3.86
CA ILE D 260 -44.02 -4.57 -4.64
C ILE D 260 -43.72 -3.68 -5.82
N PRO D 261 -43.75 -4.12 -7.07
CA PRO D 261 -43.64 -3.22 -8.21
C PRO D 261 -44.93 -3.10 -8.91
N SER D 262 -46.00 -3.77 -8.50
CA SER D 262 -47.34 -3.72 -9.10
C SER D 262 -48.15 -4.28 -8.04
N PRO D 263 -49.44 -3.96 -7.77
CA PRO D 263 -50.13 -4.44 -6.59
C PRO D 263 -50.64 -5.84 -6.84
N GLU D 264 -50.52 -6.31 -8.04
CA GLU D 264 -51.08 -7.66 -8.41
C GLU D 264 -50.00 -8.67 -7.99
N LEU D 265 -48.71 -8.22 -7.99
CA LEU D 265 -47.63 -9.09 -7.58
C LEU D 265 -47.10 -8.59 -6.29
N HIS D 266 -47.24 -9.37 -5.29
CA HIS D 266 -46.99 -9.07 -3.85
C HIS D 266 -46.78 -10.38 -3.08
N PHE D 267 -46.53 -11.57 -3.71
CA PHE D 267 -46.35 -12.82 -2.98
C PHE D 267 -44.88 -12.84 -2.65
N LEU D 268 -44.47 -12.97 -1.32
CA LEU D 268 -43.09 -12.98 -1.03
C LEU D 268 -42.79 -14.33 -0.63
N SER D 269 -41.58 -14.78 -0.86
CA SER D 269 -40.89 -15.97 -0.41
C SER D 269 -39.69 -15.52 0.33
N PRO D 270 -39.29 -16.08 1.44
CA PRO D 270 -38.08 -15.77 2.04
C PRO D 270 -37.08 -16.84 1.72
N SER D 271 -35.80 -16.49 1.84
CA SER D 271 -34.72 -17.49 1.93
C SER D 271 -33.80 -16.97 2.92
N PHE D 272 -33.00 -17.88 3.56
CA PHE D 272 -32.02 -17.48 4.63
C PHE D 272 -30.85 -18.47 4.57
N THR D 273 -29.71 -17.98 4.99
CA THR D 273 -28.56 -18.81 5.28
C THR D 273 -27.89 -17.96 6.33
N PRO D 274 -27.30 -18.46 7.34
CA PRO D 274 -27.20 -19.87 7.66
C PRO D 274 -28.01 -20.09 8.93
N PHE D 275 -28.25 -21.38 9.30
CA PHE D 275 -28.92 -21.66 10.54
C PHE D 275 -28.02 -22.65 11.28
N THR D 276 -27.10 -23.34 10.53
CA THR D 276 -26.27 -24.44 11.07
C THR D 276 -25.16 -24.00 11.92
N SER D 277 -24.44 -22.96 11.29
CA SER D 277 -23.05 -22.64 11.53
C SER D 277 -22.87 -22.16 12.98
N ASP D 278 -21.78 -22.54 13.70
CA ASP D 278 -21.63 -22.20 15.10
C ASP D 278 -20.91 -20.94 15.21
N TYR D 279 -21.66 -19.95 15.80
CA TYR D 279 -21.30 -18.58 15.84
C TYR D 279 -20.01 -18.45 16.66
N ILE D 280 -19.14 -17.49 16.21
CA ILE D 280 -17.88 -17.25 16.86
C ILE D 280 -18.07 -15.86 17.36
N HIS D 281 -17.92 -15.67 18.72
CA HIS D 281 -18.23 -14.41 19.44
C HIS D 281 -17.01 -13.64 19.76
N ASP D 282 -15.89 -14.02 19.11
CA ASP D 282 -14.57 -13.42 19.30
C ASP D 282 -14.31 -12.49 18.15
N ASP D 283 -15.21 -12.61 17.13
CA ASP D 283 -15.34 -11.89 15.94
C ASP D 283 -14.19 -12.27 14.98
N ILE D 284 -13.88 -13.56 14.91
CA ILE D 284 -12.98 -14.19 14.03
C ILE D 284 -13.81 -15.01 13.08
N ALA D 285 -13.51 -14.96 11.73
CA ALA D 285 -14.12 -15.84 10.70
C ALA D 285 -13.17 -15.83 9.54
N HIS D 286 -13.41 -16.79 8.66
CA HIS D 286 -12.76 -16.93 7.36
C HIS D 286 -13.70 -17.43 6.32
N LYS D 287 -14.91 -17.04 6.49
CA LYS D 287 -15.97 -17.34 5.63
C LYS D 287 -16.17 -16.04 4.95
N CYS D 288 -16.73 -16.12 3.71
CA CYS D 288 -16.93 -14.97 2.81
C CYS D 288 -18.40 -14.67 2.71
N HIS D 289 -18.64 -13.41 2.30
CA HIS D 289 -19.91 -12.91 1.96
C HIS D 289 -20.43 -13.63 0.81
N SER D 290 -19.54 -13.95 -0.07
CA SER D 290 -19.66 -14.76 -1.28
C SER D 290 -20.15 -16.16 -0.92
N SER D 291 -19.61 -16.76 0.25
CA SER D 291 -19.90 -18.02 0.82
C SER D 291 -21.38 -18.05 1.25
N TYR D 292 -21.96 -16.98 1.92
CA TYR D 292 -23.36 -16.83 2.32
C TYR D 292 -24.10 -16.83 0.97
N ASP D 293 -23.62 -16.09 -0.03
CA ASP D 293 -24.42 -15.92 -1.27
C ASP D 293 -24.62 -17.15 -2.06
N VAL D 294 -23.63 -18.11 -2.22
CA VAL D 294 -23.84 -19.37 -2.86
C VAL D 294 -24.78 -20.24 -2.08
N MET D 295 -24.68 -20.31 -0.68
CA MET D 295 -25.44 -21.09 0.26
C MET D 295 -26.90 -20.76 0.35
N LEU D 296 -27.25 -19.45 0.10
CA LEU D 296 -28.62 -18.91 0.10
C LEU D 296 -29.58 -19.53 -0.85
N ASP D 297 -28.94 -19.90 -1.99
CA ASP D 297 -29.62 -20.48 -3.14
C ASP D 297 -30.05 -21.93 -2.93
N LEU D 298 -29.36 -22.73 -2.03
CA LEU D 298 -29.76 -24.08 -1.73
C LEU D 298 -31.08 -24.18 -1.04
N LEU D 299 -31.86 -25.26 -1.45
CA LEU D 299 -33.27 -25.49 -1.04
C LEU D 299 -33.43 -25.69 0.43
N ASP D 300 -32.53 -26.44 1.10
CA ASP D 300 -32.70 -26.73 2.50
C ASP D 300 -32.54 -25.42 3.32
N PRO D 301 -31.54 -24.54 3.08
CA PRO D 301 -31.54 -23.32 3.91
C PRO D 301 -32.70 -22.36 3.55
N SER D 302 -33.33 -22.56 2.33
CA SER D 302 -34.50 -21.83 1.99
C SER D 302 -35.78 -22.39 2.56
N ASN D 303 -36.79 -21.42 2.83
CA ASN D 303 -38.08 -21.70 3.53
C ASN D 303 -39.24 -21.76 2.51
N SER D 304 -38.99 -21.77 1.16
CA SER D 304 -39.95 -21.95 0.11
C SER D 304 -39.20 -22.79 -0.98
N LEU D 305 -39.98 -23.39 -1.85
CA LEU D 305 -39.55 -24.26 -2.92
C LEU D 305 -39.16 -23.34 -4.09
N VAL D 306 -38.13 -23.82 -4.84
CA VAL D 306 -37.62 -23.26 -6.07
C VAL D 306 -37.78 -24.35 -7.11
N SER D 307 -38.29 -24.00 -8.28
CA SER D 307 -38.90 -24.94 -9.20
C SER D 307 -38.00 -26.12 -9.54
N THR D 308 -38.63 -27.27 -9.88
CA THR D 308 -37.95 -28.53 -10.14
C THR D 308 -38.65 -29.18 -11.37
N ALA D 309 -39.49 -28.39 -12.03
CA ALA D 309 -40.18 -28.78 -13.25
C ALA D 309 -40.35 -27.46 -13.98
N MET D 310 -40.72 -27.41 -15.29
CA MET D 310 -40.93 -28.62 -16.19
C MET D 310 -39.97 -28.46 -17.37
N ASN D 311 -39.82 -27.25 -17.90
CA ASN D 311 -38.87 -26.90 -18.91
C ASN D 311 -38.75 -25.37 -18.82
N ASN D 312 -39.71 -24.69 -18.17
CA ASN D 312 -39.73 -23.27 -17.99
C ASN D 312 -38.77 -22.95 -16.88
N PRO D 313 -37.88 -21.94 -16.95
CA PRO D 313 -37.11 -21.41 -15.83
C PRO D 313 -38.01 -20.72 -14.86
N THR D 314 -37.52 -20.63 -13.62
CA THR D 314 -38.18 -19.90 -12.57
C THR D 314 -37.82 -18.44 -12.71
N TYR D 315 -38.78 -17.62 -13.15
CA TYR D 315 -38.59 -16.20 -13.41
C TYR D 315 -38.71 -15.58 -12.02
N PHE D 316 -37.64 -14.97 -11.49
CA PHE D 316 -37.62 -14.20 -10.27
C PHE D 316 -38.06 -12.84 -10.83
N ASN D 317 -39.10 -12.19 -10.19
CA ASN D 317 -39.48 -10.87 -10.55
C ASN D 317 -38.58 -9.90 -9.93
N VAL D 318 -38.20 -10.03 -8.69
CA VAL D 318 -37.49 -9.03 -7.92
C VAL D 318 -36.78 -9.71 -6.80
N TYR D 319 -35.69 -9.18 -6.30
CA TYR D 319 -34.90 -9.59 -5.19
C TYR D 319 -34.46 -8.46 -4.39
N ASN D 320 -34.54 -8.62 -3.03
CA ASN D 320 -33.96 -7.59 -2.16
C ASN D 320 -33.19 -8.45 -1.22
N THR D 321 -31.96 -8.18 -0.97
CA THR D 321 -31.06 -8.90 -0.13
C THR D 321 -30.49 -8.11 1.02
N ILE D 322 -30.54 -8.59 2.26
CA ILE D 322 -30.07 -7.95 3.45
C ILE D 322 -28.86 -8.72 3.89
N ILE D 323 -27.71 -8.06 3.93
CA ILE D 323 -26.46 -8.71 4.35
C ILE D 323 -26.20 -8.22 5.80
N GLY D 324 -25.90 -9.15 6.71
CA GLY D 324 -25.68 -8.79 8.06
C GLY D 324 -24.35 -9.24 8.51
N ASN D 325 -23.53 -8.29 8.99
CA ASN D 325 -22.24 -8.30 9.65
C ASN D 325 -21.42 -7.36 8.88
N VAL D 326 -20.47 -6.71 9.57
CA VAL D 326 -19.51 -5.93 8.87
C VAL D 326 -18.38 -6.76 8.40
N GLU D 327 -18.24 -6.76 7.11
CA GLU D 327 -17.17 -7.36 6.33
C GLU D 327 -16.72 -6.28 5.36
N PRO D 328 -15.56 -6.32 4.68
CA PRO D 328 -15.04 -5.21 3.79
C PRO D 328 -16.17 -4.75 2.81
N ARG D 329 -16.69 -3.45 2.92
CA ARG D 329 -17.92 -3.13 2.08
C ARG D 329 -17.66 -3.24 0.60
N GLN D 330 -16.41 -2.75 0.08
CA GLN D 330 -16.06 -2.74 -1.29
C GLN D 330 -15.91 -4.09 -1.96
N ILE D 331 -15.31 -5.10 -1.32
CA ILE D 331 -15.27 -6.40 -1.92
C ILE D 331 -16.70 -6.99 -2.01
N SER D 332 -17.55 -6.80 -0.99
CA SER D 332 -18.92 -7.29 -0.93
C SER D 332 -19.77 -6.64 -2.02
N ARG D 333 -19.60 -5.36 -2.26
CA ARG D 333 -20.25 -4.58 -3.26
C ARG D 333 -19.91 -5.04 -4.64
N ALA D 334 -18.56 -5.32 -4.86
CA ALA D 334 -18.02 -5.89 -6.08
C ALA D 334 -18.55 -7.24 -6.35
N MET D 335 -18.73 -8.13 -5.33
CA MET D 335 -19.38 -9.43 -5.48
C MET D 335 -20.84 -9.27 -5.93
N THR D 336 -21.58 -8.32 -5.30
CA THR D 336 -23.00 -8.07 -5.52
C THR D 336 -23.20 -7.68 -6.96
N LYS D 337 -22.26 -6.85 -7.47
CA LYS D 337 -22.31 -6.27 -8.82
C LYS D 337 -22.26 -7.41 -9.85
N LEU D 338 -21.40 -8.38 -9.55
CA LEU D 338 -21.33 -9.56 -10.37
C LEU D 338 -22.60 -10.40 -10.30
N GLN D 339 -23.25 -10.64 -9.14
CA GLN D 339 -24.47 -11.44 -9.07
C GLN D 339 -25.62 -10.92 -9.84
N GLN D 340 -25.80 -9.62 -9.82
CA GLN D 340 -26.86 -8.93 -10.52
C GLN D 340 -26.65 -8.99 -11.99
N ARG D 341 -25.40 -8.80 -12.46
CA ARG D 341 -25.04 -8.88 -13.81
C ARG D 341 -25.24 -10.17 -14.45
N ILE D 342 -24.88 -11.26 -13.75
CA ILE D 342 -25.25 -12.52 -14.29
C ILE D 342 -26.69 -12.83 -14.46
N LYS D 343 -27.57 -12.35 -13.56
CA LYS D 343 -28.95 -12.36 -13.77
C LYS D 343 -29.49 -13.72 -13.64
N PHE D 344 -29.61 -14.16 -12.34
CA PHE D 344 -30.31 -15.36 -11.92
C PHE D 344 -31.71 -15.33 -12.39
N PRO D 345 -32.55 -14.28 -12.30
CA PRO D 345 -33.89 -14.14 -12.89
C PRO D 345 -33.83 -14.41 -14.35
N SER D 346 -34.98 -14.82 -14.83
CA SER D 346 -35.26 -14.84 -16.32
C SER D 346 -36.46 -13.90 -16.42
N TRP D 347 -36.49 -13.14 -17.54
CA TRP D 347 -37.30 -12.03 -17.55
C TRP D 347 -37.89 -11.98 -18.93
N SER D 348 -38.99 -11.21 -18.96
CA SER D 348 -39.94 -10.98 -19.93
C SER D 348 -39.49 -9.73 -20.75
N SER D 349 -40.31 -9.32 -21.76
CA SER D 349 -39.99 -8.20 -22.58
C SER D 349 -40.68 -6.94 -22.03
N SER D 350 -41.32 -7.10 -20.83
CA SER D 350 -42.05 -6.05 -20.25
C SER D 350 -41.09 -5.06 -19.67
N ALA D 351 -40.01 -5.46 -19.08
CA ALA D 351 -39.07 -4.64 -18.45
C ALA D 351 -37.91 -5.68 -18.26
N MET D 352 -37.03 -5.40 -17.27
CA MET D 352 -35.86 -6.18 -16.98
C MET D 352 -35.80 -6.37 -15.47
N HIS D 353 -34.91 -7.27 -14.99
CA HIS D 353 -34.67 -7.61 -13.56
C HIS D 353 -34.47 -6.51 -12.59
N VAL D 354 -35.13 -6.61 -11.42
CA VAL D 354 -34.93 -5.64 -10.32
C VAL D 354 -34.32 -6.44 -9.24
N ASN D 355 -33.01 -6.12 -8.94
CA ASN D 355 -32.27 -6.72 -7.82
C ASN D 355 -31.52 -5.68 -7.02
N ILE D 356 -31.87 -5.64 -5.75
CA ILE D 356 -31.21 -4.73 -4.85
C ILE D 356 -30.64 -5.55 -3.71
N GLY D 357 -29.61 -4.96 -3.13
CA GLY D 357 -28.91 -5.46 -1.97
C GLY D 357 -28.70 -4.22 -1.04
N ARG D 358 -28.80 -4.52 0.30
CA ARG D 358 -28.55 -3.67 1.41
C ARG D 358 -27.51 -4.38 2.33
N ARG D 359 -26.52 -3.63 2.94
CA ARG D 359 -25.46 -4.11 3.78
C ARG D 359 -25.55 -3.50 5.18
N SER D 360 -25.38 -4.26 6.33
CA SER D 360 -25.42 -3.76 7.68
C SER D 360 -24.50 -4.47 8.68
N PRO D 361 -24.07 -3.75 9.76
CA PRO D 361 -23.42 -4.45 10.89
C PRO D 361 -24.35 -5.24 11.74
N TYR D 362 -24.03 -5.62 13.04
CA TYR D 362 -24.82 -6.27 13.95
C TYR D 362 -24.96 -5.42 15.19
N LEU D 363 -25.94 -5.73 16.03
CA LEU D 363 -26.24 -5.14 17.27
C LEU D 363 -25.17 -5.64 18.26
N PRO D 364 -24.78 -4.91 19.20
CA PRO D 364 -23.67 -5.27 20.07
C PRO D 364 -24.06 -5.57 21.48
N LEU D 365 -25.40 -5.60 21.79
CA LEU D 365 -25.86 -5.89 23.18
C LEU D 365 -25.44 -7.26 23.59
N GLN D 366 -25.57 -8.31 22.75
CA GLN D 366 -25.13 -9.63 22.96
C GLN D 366 -23.70 -9.68 22.52
N PRO D 367 -22.91 -10.83 22.79
CA PRO D 367 -21.53 -11.07 22.33
C PRO D 367 -21.37 -10.77 20.91
N ASN D 368 -20.16 -10.39 20.46
CA ASN D 368 -20.00 -10.07 19.05
C ASN D 368 -20.24 -11.27 18.18
N GLU D 369 -20.28 -11.09 16.86
CA GLU D 369 -20.52 -12.11 15.89
C GLU D 369 -19.86 -11.62 14.65
N ASN D 370 -19.36 -12.58 13.80
CA ASN D 370 -18.68 -12.26 12.61
C ASN D 370 -18.90 -13.25 11.58
N GLU D 371 -19.82 -14.15 11.84
CA GLU D 371 -20.24 -15.06 10.76
C GLU D 371 -21.42 -14.53 10.02
N VAL D 372 -21.06 -13.83 8.90
CA VAL D 372 -21.89 -13.23 7.90
C VAL D 372 -23.20 -14.10 7.61
N SER D 373 -24.37 -13.35 7.56
CA SER D 373 -25.65 -14.00 7.42
C SER D 373 -26.36 -13.13 6.41
N GLY D 374 -27.48 -13.65 5.91
CA GLY D 374 -28.33 -12.86 5.06
C GLY D 374 -29.67 -13.41 4.88
N MET D 375 -30.53 -12.48 4.48
CA MET D 375 -31.88 -12.82 4.11
C MET D 375 -32.23 -12.36 2.74
N MET D 376 -33.07 -13.14 2.02
CA MET D 376 -33.48 -12.68 0.71
C MET D 376 -35.03 -12.56 0.81
N LEU D 377 -35.60 -11.47 0.15
CA LEU D 377 -37.00 -11.21 0.02
C LEU D 377 -37.15 -11.17 -1.47
N SER D 378 -38.03 -12.04 -1.95
CA SER D 378 -38.22 -12.25 -3.36
C SER D 378 -39.62 -12.49 -3.71
N ASN D 379 -39.89 -12.06 -4.99
CA ASN D 379 -41.13 -12.41 -5.65
C ASN D 379 -40.67 -13.39 -6.68
N MET D 380 -41.13 -14.56 -6.55
CA MET D 380 -40.82 -15.70 -7.42
C MET D 380 -41.99 -16.45 -8.09
N SER D 381 -41.80 -16.94 -9.35
CA SER D 381 -42.78 -17.58 -10.21
C SER D 381 -43.07 -18.97 -9.67
N THR D 382 -42.24 -19.58 -8.69
CA THR D 382 -42.49 -20.92 -8.13
C THR D 382 -43.82 -20.85 -7.45
N VAL D 383 -44.25 -19.60 -6.98
CA VAL D 383 -45.46 -19.42 -6.32
C VAL D 383 -46.68 -19.84 -7.09
N VAL D 384 -46.61 -19.86 -8.45
CA VAL D 384 -47.77 -20.31 -9.33
C VAL D 384 -48.20 -21.75 -9.03
N ASN D 385 -47.28 -22.64 -8.57
CA ASN D 385 -47.55 -24.01 -8.25
C ASN D 385 -48.67 -24.02 -7.15
N VAL D 386 -48.61 -23.06 -6.24
CA VAL D 386 -49.52 -22.99 -5.22
C VAL D 386 -50.97 -22.78 -5.70
N PHE D 387 -51.13 -21.89 -6.74
CA PHE D 387 -52.41 -21.55 -7.36
C PHE D 387 -53.02 -22.76 -8.02
N GLU D 388 -52.12 -23.53 -8.70
CA GLU D 388 -52.58 -24.77 -9.25
C GLU D 388 -53.01 -25.86 -8.32
N ASN D 389 -52.31 -25.93 -7.18
CA ASN D 389 -52.60 -26.86 -6.07
C ASN D 389 -53.96 -26.55 -5.50
N ALA D 390 -54.30 -25.25 -5.33
CA ALA D 390 -55.53 -24.84 -4.81
C ALA D 390 -56.65 -25.25 -5.75
N CYS D 391 -56.45 -25.18 -7.07
CA CYS D 391 -57.44 -25.61 -8.01
C CYS D 391 -57.78 -27.18 -7.87
N ASN D 392 -56.66 -27.98 -7.70
CA ASN D 392 -56.68 -29.42 -7.51
C ASN D 392 -57.38 -29.79 -6.22
N THR D 393 -57.05 -29.15 -5.13
CA THR D 393 -57.59 -29.36 -3.85
C THR D 393 -59.02 -29.01 -3.80
N PHE D 394 -59.47 -27.93 -4.44
CA PHE D 394 -60.87 -27.58 -4.61
C PHE D 394 -61.63 -28.57 -5.40
N ASP D 395 -61.08 -29.12 -6.54
CA ASP D 395 -61.77 -30.08 -7.33
C ASP D 395 -62.12 -31.38 -6.62
N LYS D 396 -61.23 -32.05 -5.85
CA LYS D 396 -61.54 -33.26 -5.06
C LYS D 396 -62.52 -33.11 -3.94
N VAL D 397 -62.34 -31.99 -3.23
CA VAL D 397 -63.19 -31.68 -2.09
C VAL D 397 -64.58 -31.47 -2.58
N PHE D 398 -64.81 -30.80 -3.77
CA PHE D 398 -66.09 -30.64 -4.39
C PHE D 398 -66.68 -31.89 -4.79
N ALA D 399 -65.83 -32.73 -5.38
CA ALA D 399 -66.20 -34.00 -5.92
C ALA D 399 -66.73 -34.92 -4.94
N LYS D 400 -66.16 -34.99 -3.73
CA LYS D 400 -66.53 -35.89 -2.65
C LYS D 400 -67.91 -35.54 -2.13
N GLY D 401 -68.19 -34.26 -2.15
CA GLY D 401 -69.31 -33.46 -1.79
C GLY D 401 -70.18 -33.92 -0.65
N ALA D 402 -69.50 -33.87 0.56
CA ALA D 402 -70.09 -34.24 1.80
C ALA D 402 -69.55 -33.24 2.75
N PHE D 403 -70.15 -33.13 3.91
CA PHE D 403 -69.88 -32.18 4.98
C PHE D 403 -70.06 -30.74 4.53
N LEU D 404 -71.01 -30.50 3.58
CA LEU D 404 -71.40 -29.19 3.03
C LEU D 404 -72.26 -28.54 4.02
N ASN D 405 -72.95 -29.31 4.93
CA ASN D 405 -74.10 -28.99 5.76
C ASN D 405 -73.93 -27.76 6.64
N ASN D 406 -72.76 -27.67 7.39
CA ASN D 406 -72.59 -26.60 8.32
C ASN D 406 -72.52 -25.19 7.61
N TYR D 407 -71.90 -25.19 6.40
CA TYR D 407 -71.69 -24.06 5.47
C TYR D 407 -72.99 -23.51 4.91
N ASN D 408 -73.91 -24.45 4.58
CA ASN D 408 -75.11 -24.31 3.85
C ASN D 408 -76.06 -23.43 4.47
N VAL D 409 -76.08 -23.37 5.81
CA VAL D 409 -76.94 -22.47 6.61
C VAL D 409 -76.66 -21.01 6.30
N GLY D 410 -75.35 -20.70 5.99
CA GLY D 410 -74.91 -19.45 5.59
C GLY D 410 -75.48 -19.10 4.19
N ASP D 411 -75.62 -17.77 4.00
CA ASP D 411 -76.22 -17.15 2.83
C ASP D 411 -75.45 -17.45 1.54
N LEU D 412 -74.08 -17.47 1.67
CA LEU D 412 -73.15 -17.69 0.65
C LEU D 412 -73.25 -18.96 0.02
N PHE D 413 -73.57 -20.08 0.75
CA PHE D 413 -73.47 -21.43 0.36
C PHE D 413 -74.93 -22.07 0.25
N GLN D 414 -75.97 -21.24 0.07
CA GLN D 414 -77.36 -21.75 0.23
C GLN D 414 -77.76 -22.76 -0.79
N SER D 415 -77.23 -22.60 -2.07
CA SER D 415 -77.67 -23.49 -3.15
C SER D 415 -76.65 -23.52 -4.14
N MET D 416 -75.64 -22.78 -3.88
CA MET D 416 -74.51 -22.54 -4.82
C MET D 416 -73.50 -22.13 -3.82
N GLN D 417 -72.21 -22.51 -3.94
CA GLN D 417 -71.17 -22.26 -2.99
C GLN D 417 -70.40 -21.15 -3.63
N ASN D 418 -70.95 -19.91 -3.42
CA ASN D 418 -70.44 -18.82 -4.21
C ASN D 418 -69.01 -18.47 -3.85
N VAL D 419 -68.68 -18.53 -2.58
CA VAL D 419 -67.39 -18.14 -2.16
C VAL D 419 -66.31 -19.03 -2.84
N GLN D 420 -66.58 -20.34 -3.04
CA GLN D 420 -65.65 -21.21 -3.71
C GLN D 420 -65.50 -20.84 -5.12
N ASP D 421 -66.64 -20.52 -5.77
CA ASP D 421 -66.69 -20.18 -7.17
C ASP D 421 -65.95 -18.87 -7.42
N GLU D 422 -66.11 -17.93 -6.53
CA GLU D 422 -65.55 -16.59 -6.56
C GLU D 422 -64.01 -16.68 -6.49
N PHE D 423 -63.53 -17.57 -5.64
CA PHE D 423 -62.09 -17.94 -5.45
C PHE D 423 -61.48 -18.50 -6.71
N ALA D 424 -62.27 -19.39 -7.36
CA ALA D 424 -61.76 -19.95 -8.63
C ALA D 424 -61.50 -18.84 -9.61
N GLU D 425 -62.43 -17.79 -9.70
CA GLU D 425 -62.20 -16.70 -10.70
C GLU D 425 -61.02 -15.89 -10.30
N SER D 426 -60.92 -15.58 -8.98
CA SER D 426 -59.77 -14.73 -8.53
C SER D 426 -58.41 -15.41 -8.77
N ARG D 427 -58.32 -16.73 -8.46
CA ARG D 427 -57.07 -17.54 -8.65
C ARG D 427 -56.76 -17.66 -10.18
N GLU D 428 -57.76 -17.83 -11.10
CA GLU D 428 -57.55 -17.94 -12.50
C GLU D 428 -57.07 -16.60 -13.02
N VAL D 429 -57.54 -15.42 -12.51
CA VAL D 429 -56.92 -14.22 -12.93
C VAL D 429 -55.45 -14.10 -12.57
N VAL D 430 -54.95 -14.49 -11.40
CA VAL D 430 -53.50 -14.36 -11.07
C VAL D 430 -52.66 -15.18 -11.94
N GLN D 431 -53.13 -16.50 -12.23
CA GLN D 431 -52.46 -17.47 -13.04
C GLN D 431 -52.32 -16.98 -14.47
N SER D 432 -53.42 -16.34 -14.99
CA SER D 432 -53.37 -15.71 -16.32
C SER D 432 -52.37 -14.58 -16.32
N LEU D 433 -52.28 -13.76 -15.28
CA LEU D 433 -51.48 -12.52 -15.28
C LEU D 433 -50.05 -12.86 -15.38
N MET D 434 -49.63 -14.00 -14.68
CA MET D 434 -48.24 -14.37 -14.69
C MET D 434 -47.77 -14.77 -15.99
N GLU D 435 -48.69 -15.46 -16.74
CA GLU D 435 -48.49 -15.87 -18.12
C GLU D 435 -48.41 -14.60 -19.05
N ASP D 436 -49.31 -13.58 -18.75
CA ASP D 436 -49.51 -12.32 -19.54
C ASP D 436 -48.26 -11.51 -19.45
N TYR D 437 -47.55 -11.60 -18.29
CA TYR D 437 -46.39 -10.84 -17.92
C TYR D 437 -45.30 -11.11 -18.87
N VAL D 438 -45.21 -12.27 -19.49
CA VAL D 438 -44.09 -12.61 -20.40
C VAL D 438 -44.06 -11.75 -21.68
N ALA D 439 -45.22 -11.34 -22.21
CA ALA D 439 -45.39 -10.63 -23.40
C ALA D 439 -45.29 -9.15 -23.03
N ALA D 440 -44.51 -8.35 -23.85
CA ALA D 440 -44.20 -6.91 -23.72
C ALA D 440 -45.49 -6.14 -23.82
N GLU D 441 -46.44 -6.63 -24.67
CA GLU D 441 -47.61 -5.88 -25.22
C GLU D 441 -48.62 -5.45 -24.17
N GLN D 442 -48.58 -5.94 -22.92
CA GLN D 442 -49.37 -5.51 -21.79
C GLN D 442 -49.27 -4.10 -21.52
N ASP D 443 -48.10 -3.41 -21.78
CA ASP D 443 -47.89 -1.99 -21.49
C ASP D 443 -48.19 -1.17 -22.73
N SER D 444 -49.25 -1.63 -23.51
CA SER D 444 -49.63 -0.98 -24.78
C SER D 444 -48.42 -1.03 -25.66
N TYR D 445 -48.12 -0.03 -26.57
CA TYR D 445 -47.07 -0.04 -27.66
C TYR D 445 -45.81 -0.40 -27.01
N UNK E 1 34.98 48.38 6.52
CA UNK E 1 34.43 47.46 5.47
C UNK E 1 35.38 47.57 4.28
N UNK E 2 35.33 46.58 3.30
CA UNK E 2 36.09 46.64 2.05
C UNK E 2 35.60 47.81 1.28
N UNK E 3 34.29 48.08 1.39
CA UNK E 3 33.54 49.18 0.70
C UNK E 3 34.18 50.48 1.20
N UNK E 4 34.44 50.63 2.54
CA UNK E 4 35.05 51.82 2.99
C UNK E 4 36.43 51.94 2.46
N UNK E 5 37.19 50.82 2.36
CA UNK E 5 38.52 50.90 1.86
C UNK E 5 38.58 51.37 0.47
N UNK E 6 37.61 50.86 -0.35
CA UNK E 6 37.58 51.19 -1.80
C UNK E 6 37.39 52.72 -1.97
N UNK E 7 36.48 53.30 -1.10
CA UNK E 7 36.21 54.72 -1.07
C UNK E 7 37.42 55.65 -0.76
N UNK E 8 38.23 55.12 0.28
CA UNK E 8 39.47 55.73 0.69
C UNK E 8 40.48 55.71 -0.47
N UNK E 9 40.51 54.54 -1.22
CA UNK E 9 41.39 54.23 -2.32
C UNK E 9 41.19 55.16 -3.50
N UNK E 10 39.91 55.49 -3.80
CA UNK E 10 39.67 56.47 -4.86
C UNK E 10 40.21 57.86 -4.53
N UNK E 11 39.94 58.34 -3.28
CA UNK E 11 40.25 59.59 -2.72
C UNK E 11 41.73 59.62 -2.69
N UNK E 12 42.39 58.50 -2.30
CA UNK E 12 43.80 58.31 -2.30
C UNK E 12 44.47 58.41 -3.73
N UNK E 13 44.00 57.68 -4.77
CA UNK E 13 44.77 57.70 -6.01
C UNK E 13 44.78 59.12 -6.58
N UNK E 14 43.59 59.85 -6.52
CA UNK E 14 43.48 61.18 -7.03
C UNK E 14 44.42 62.13 -6.29
N UNK E 15 44.45 61.91 -4.95
CA UNK E 15 45.21 62.62 -3.97
C UNK E 15 46.73 62.50 -4.16
N UNK E 16 47.18 61.24 -4.55
CA UNK E 16 48.59 60.85 -4.78
C UNK E 16 49.19 61.61 -5.76
N UNK E 17 48.41 61.84 -6.80
CA UNK E 17 48.90 62.56 -7.94
C UNK E 17 49.18 64.03 -7.51
N UNK E 18 48.23 64.58 -6.81
CA UNK E 18 48.44 65.88 -6.22
C UNK E 18 49.54 65.96 -5.14
N UNK E 19 49.73 64.97 -4.21
CA UNK E 19 50.76 65.01 -3.19
C UNK E 19 52.13 65.01 -3.88
N UNK E 20 52.25 64.20 -4.98
CA UNK E 20 53.46 64.02 -5.73
C UNK E 20 53.83 65.38 -6.34
N UNK E 21 52.80 66.06 -6.86
CA UNK E 21 52.89 67.34 -7.57
C UNK E 21 53.39 68.39 -6.62
N UNK E 22 53.02 68.32 -5.34
CA UNK E 22 53.54 69.22 -4.33
C UNK E 22 54.96 69.11 -4.04
N UNK E 23 55.45 67.88 -3.96
CA UNK E 23 56.74 67.55 -3.58
C UNK E 23 57.72 68.17 -4.60
N UNK E 24 57.37 68.00 -5.89
CA UNK E 24 58.15 68.43 -7.03
C UNK E 24 58.36 69.97 -7.05
N UNK E 25 57.27 70.75 -6.80
CA UNK E 25 57.24 72.17 -6.81
C UNK E 25 58.16 72.65 -5.71
N UNK E 26 58.07 71.96 -4.46
CA UNK E 26 58.78 72.28 -3.17
C UNK E 26 60.23 72.06 -3.44
N UNK E 27 60.66 70.85 -4.03
CA UNK E 27 62.09 70.57 -4.27
C UNK E 27 62.69 71.45 -5.33
N UNK E 28 61.83 71.90 -6.29
CA UNK E 28 62.21 72.89 -7.25
C UNK E 28 62.57 74.34 -6.71
N UNK E 29 61.83 74.80 -5.61
CA UNK E 29 62.02 76.13 -5.03
C UNK E 29 63.44 76.17 -4.37
N UNK E 30 63.84 75.04 -3.82
CA UNK E 30 65.15 74.86 -3.15
C UNK E 30 66.27 75.13 -4.15
N UNK E 31 66.05 74.81 -5.44
CA UNK E 31 67.06 74.96 -6.53
C UNK E 31 67.35 76.44 -6.69
N UNK E 32 66.31 77.29 -6.71
CA UNK E 32 66.39 78.75 -6.91
C UNK E 32 67.14 79.30 -5.72
N UNK E 33 66.84 78.79 -4.50
CA UNK E 33 67.44 79.21 -3.16
C UNK E 33 68.90 78.90 -3.18
N UNK E 34 69.27 77.60 -3.69
CA UNK E 34 70.61 77.13 -3.91
C UNK E 34 71.32 77.88 -4.96
N UNK E 35 70.71 78.12 -6.16
CA UNK E 35 71.38 78.77 -7.28
C UNK E 35 71.67 80.24 -6.97
N UNK E 36 70.86 80.91 -6.10
CA UNK E 36 71.16 82.33 -5.68
C UNK E 36 72.40 82.36 -4.86
N UNK E 37 72.47 81.34 -4.00
CA UNK E 37 73.50 81.11 -3.06
C UNK E 37 74.77 80.82 -3.77
N UNK E 38 74.69 80.06 -4.92
CA UNK E 38 75.83 79.68 -5.80
C UNK E 38 76.34 80.90 -6.38
N UNK E 39 75.49 81.85 -6.86
CA UNK E 39 75.92 83.13 -7.44
C UNK E 39 76.63 84.01 -6.52
N UNK E 40 76.09 84.26 -5.31
CA UNK E 40 76.55 85.13 -4.28
C UNK E 40 77.87 84.59 -3.77
N UNK E 41 77.95 83.27 -3.54
CA UNK E 41 79.07 82.56 -3.01
C UNK E 41 80.19 82.62 -4.05
N UNK E 42 79.93 82.42 -5.41
CA UNK E 42 80.89 82.48 -6.43
C UNK E 42 81.64 83.79 -6.46
N UNK E 43 80.90 84.91 -6.29
CA UNK E 43 81.53 86.27 -6.44
C UNK E 43 82.53 86.55 -5.33
N UNK E 44 82.10 86.14 -4.13
CA UNK E 44 82.89 86.21 -2.96
C UNK E 44 84.10 85.33 -3.05
N UNK F 1 30.87 47.91 -22.01
CA UNK F 1 30.12 48.18 -20.69
C UNK F 1 30.75 49.24 -19.83
N UNK F 2 29.99 49.93 -18.83
CA UNK F 2 30.48 51.06 -17.97
C UNK F 2 31.60 50.61 -17.09
N UNK F 3 31.49 49.39 -16.56
CA UNK F 3 32.33 48.92 -15.46
C UNK F 3 33.80 48.90 -15.82
N UNK F 4 34.00 48.39 -17.02
CA UNK F 4 35.31 48.21 -17.61
C UNK F 4 35.90 49.62 -17.84
N UNK F 5 35.07 50.61 -18.32
CA UNK F 5 35.40 52.00 -18.51
C UNK F 5 35.74 52.73 -17.24
N UNK F 6 35.04 52.42 -16.13
CA UNK F 6 35.28 52.99 -14.79
C UNK F 6 36.66 52.52 -14.28
N UNK F 7 36.98 51.22 -14.48
CA UNK F 7 38.17 50.59 -14.08
C UNK F 7 39.33 51.27 -14.83
N UNK F 8 39.14 51.54 -16.19
CA UNK F 8 40.15 52.02 -17.07
C UNK F 8 40.69 53.40 -16.69
N UNK F 9 39.78 54.24 -16.21
CA UNK F 9 40.04 55.66 -15.85
C UNK F 9 41.06 55.62 -14.73
N UNK F 10 40.95 54.65 -13.78
CA UNK F 10 41.83 54.44 -12.64
C UNK F 10 43.23 54.14 -13.15
N UNK F 11 43.39 53.25 -14.21
CA UNK F 11 44.63 52.80 -14.69
C UNK F 11 45.40 54.02 -15.22
N UNK F 12 44.65 54.91 -15.81
CA UNK F 12 45.06 56.24 -16.43
C UNK F 12 45.66 57.14 -15.44
N UNK F 13 44.96 57.29 -14.25
CA UNK F 13 45.44 58.10 -13.17
C UNK F 13 46.65 57.47 -12.59
N UNK F 14 46.76 56.17 -12.46
CA UNK F 14 47.84 55.39 -11.94
C UNK F 14 49.04 55.62 -12.80
N UNK F 15 48.86 55.67 -14.17
CA UNK F 15 49.96 55.97 -15.12
C UNK F 15 50.56 57.31 -14.88
N UNK F 16 49.70 58.39 -14.65
CA UNK F 16 49.98 59.74 -14.43
C UNK F 16 50.83 60.01 -13.18
N UNK F 17 50.52 59.27 -12.09
CA UNK F 17 51.25 59.21 -10.86
C UNK F 17 52.66 58.70 -11.05
N UNK F 18 52.86 57.65 -11.92
CA UNK F 18 54.11 56.87 -12.21
C UNK F 18 55.06 57.91 -12.75
N UNK F 19 54.56 58.72 -13.76
CA UNK F 19 55.40 59.70 -14.39
C UNK F 19 55.91 60.81 -13.40
N UNK F 20 54.97 61.23 -12.47
CA UNK F 20 55.16 62.18 -11.36
C UNK F 20 56.21 61.68 -10.32
N UNK F 21 56.32 60.35 -10.15
CA UNK F 21 57.22 59.63 -9.26
C UNK F 21 58.63 59.69 -9.78
N UNK F 22 58.72 59.41 -11.11
CA UNK F 22 59.97 59.33 -11.91
C UNK F 22 60.69 60.61 -11.94
N UNK F 23 59.88 61.66 -12.22
CA UNK F 23 60.25 63.04 -12.30
C UNK F 23 60.64 63.54 -10.97
N UNK F 24 60.01 63.14 -9.86
CA UNK F 24 60.24 63.69 -8.52
C UNK F 24 61.62 63.31 -8.07
N UNK F 25 62.06 62.08 -8.55
CA UNK F 25 63.37 61.64 -8.26
C UNK F 25 64.39 62.51 -8.95
N UNK F 26 64.11 63.02 -10.13
CA UNK F 26 65.02 63.90 -10.91
C UNK F 26 65.41 65.11 -10.13
N UNK F 27 64.42 65.71 -9.33
CA UNK F 27 64.68 66.84 -8.51
C UNK F 27 65.67 66.47 -7.42
N UNK F 28 65.63 65.23 -6.84
CA UNK F 28 66.52 64.70 -5.81
C UNK F 28 67.94 64.79 -6.34
N UNK F 29 68.11 64.34 -7.57
CA UNK F 29 69.30 64.25 -8.38
C UNK F 29 69.78 65.65 -8.78
N UNK F 30 68.87 66.52 -9.21
CA UNK F 30 69.18 67.94 -9.63
C UNK F 30 69.79 68.61 -8.41
N UNK F 31 69.19 68.38 -7.20
CA UNK F 31 69.59 69.03 -5.93
C UNK F 31 70.99 68.56 -5.48
N UNK F 32 71.46 67.32 -5.71
CA UNK F 32 72.77 66.84 -5.46
C UNK F 32 73.79 67.60 -6.28
N UNK F 33 73.43 67.84 -7.55
CA UNK F 33 74.32 68.54 -8.44
C UNK F 33 74.44 69.91 -7.90
N UNK F 34 73.35 70.62 -7.51
CA UNK F 34 73.41 71.90 -6.99
C UNK F 34 74.16 71.95 -5.62
N UNK F 35 74.04 70.87 -4.73
CA UNK F 35 74.64 70.73 -3.38
C UNK F 35 76.16 70.67 -3.45
N UNK F 36 76.75 69.89 -4.44
CA UNK F 36 78.20 69.78 -4.75
C UNK F 36 78.75 71.10 -5.27
N UNK F 37 77.89 71.80 -6.05
CA UNK F 37 78.22 73.11 -6.57
C UNK F 37 78.50 74.06 -5.45
N UNK F 38 77.68 74.06 -4.31
CA UNK F 38 77.89 74.93 -3.19
C UNK F 38 79.18 74.63 -2.49
N UNK F 39 79.49 73.33 -2.30
CA UNK F 39 80.59 72.77 -1.59
C UNK F 39 81.84 73.30 -2.19
N UNK F 40 82.03 73.27 -3.54
CA UNK F 40 83.21 73.62 -4.28
C UNK F 40 83.46 75.08 -4.08
N UNK F 41 82.37 75.86 -4.20
CA UNK F 41 82.26 77.33 -4.11
C UNK F 41 82.63 77.79 -2.77
N UNK F 42 82.15 77.01 -1.74
CA UNK F 42 82.28 77.33 -0.34
C UNK F 42 83.66 77.34 0.00
N UNK F 43 84.40 76.30 -0.43
CA UNK F 43 85.84 76.26 -0.25
C UNK F 43 86.51 77.30 -1.06
N UNK F 44 86.25 77.59 -2.39
CA UNK F 44 86.96 78.60 -3.21
C UNK F 44 86.67 79.99 -2.59
N GLN A 55 85.29 63.08 11.83
CA GLN A 55 85.82 63.09 13.24
C GLN A 55 85.29 61.91 14.00
N GLU A 56 85.99 61.51 15.06
CA GLU A 56 85.79 60.32 15.91
C GLU A 56 84.45 60.40 16.61
N ALA A 57 84.17 61.62 17.16
CA ALA A 57 82.94 62.02 17.91
C ALA A 57 81.76 61.94 16.92
N LEU A 58 81.93 62.44 15.69
CA LEU A 58 80.90 62.31 14.66
C LEU A 58 80.64 60.82 14.35
N VAL A 59 81.66 59.97 14.25
CA VAL A 59 81.48 58.58 13.93
C VAL A 59 80.71 57.86 15.04
N VAL A 60 80.92 58.07 16.35
CA VAL A 60 80.20 57.40 17.46
C VAL A 60 78.74 57.74 17.51
N LYS A 61 78.47 59.00 17.31
CA LYS A 61 77.11 59.52 17.19
C LYS A 61 76.30 59.00 16.04
N ASP A 62 77.04 58.88 14.85
CA ASP A 62 76.52 58.39 13.60
C ASP A 62 76.11 56.94 13.81
N LEU A 63 76.97 56.26 14.56
CA LEU A 63 76.76 54.84 14.88
C LEU A 63 75.59 54.54 15.68
N LEU A 64 75.29 55.34 16.75
CA LEU A 64 74.26 55.21 17.71
C LEU A 64 72.88 55.32 17.07
N ASN A 65 72.71 56.31 16.15
CA ASN A 65 71.51 56.54 15.47
C ASN A 65 71.10 55.40 14.52
N VAL A 66 72.13 54.80 13.81
CA VAL A 66 72.04 53.70 12.89
C VAL A 66 71.54 52.50 13.65
N LEU A 67 72.01 52.25 14.93
CA LEU A 67 71.70 50.99 15.60
C LEU A 67 70.16 50.74 15.81
N ILE A 68 69.37 51.79 16.03
CA ILE A 68 67.92 51.68 16.30
C ILE A 68 67.25 51.14 15.03
N GLY A 69 67.89 51.40 13.84
CA GLY A 69 67.29 50.85 12.64
C GLY A 69 66.08 51.56 12.33
N LEU A 70 66.33 52.78 11.81
CA LEU A 70 65.35 53.82 11.50
C LEU A 70 64.71 53.65 10.22
N GLU A 71 63.58 54.38 10.17
CA GLU A 71 62.77 54.56 9.11
C GLU A 71 62.45 56.09 9.17
N GLY A 72 62.54 56.72 7.96
CA GLY A 72 62.25 58.10 7.88
C GLY A 72 61.78 58.56 6.56
N THR A 73 62.05 59.84 6.20
CA THR A 73 61.67 60.52 4.94
C THR A 73 62.92 60.73 4.09
N TYR A 74 64.10 60.17 4.53
CA TYR A 74 65.34 60.20 3.82
C TYR A 74 65.56 58.81 3.39
N ILE A 75 64.71 57.87 3.87
CA ILE A 75 64.64 56.45 3.48
C ILE A 75 63.42 56.49 2.60
N ARG A 76 63.68 56.46 1.30
CA ARG A 76 62.59 56.67 0.41
C ARG A 76 61.98 55.29 0.14
N TYR A 77 60.72 55.28 -0.36
CA TYR A 77 59.85 54.09 -0.54
C TYR A 77 59.58 53.92 -2.01
N PHE A 78 59.88 52.76 -2.55
CA PHE A 78 59.34 52.42 -3.83
C PHE A 78 58.44 51.27 -3.49
N ASN A 79 57.17 51.35 -4.03
CA ASN A 79 56.10 50.59 -3.42
C ASN A 79 56.34 49.04 -3.49
N ASP A 80 56.70 48.56 -4.72
CA ASP A 80 56.87 47.20 -4.92
C ASP A 80 58.00 47.04 -5.92
N ILE A 90 60.97 48.63 -4.86
CA ILE A 90 62.16 48.36 -4.05
C ILE A 90 61.88 48.22 -2.58
N GLU A 91 60.97 49.04 -2.07
CA GLU A 91 60.66 49.07 -0.70
C GLU A 91 61.59 50.14 -0.21
N PHE A 92 62.10 50.07 1.04
CA PHE A 92 62.99 51.09 1.57
C PHE A 92 64.28 51.17 0.77
N LYS A 93 64.78 52.36 0.49
CA LYS A 93 66.14 52.38 0.05
C LYS A 93 66.73 53.58 0.63
N ILE A 94 68.01 53.62 0.81
CA ILE A 94 68.76 54.62 1.55
C ILE A 94 69.82 55.24 0.81
N ALA A 95 70.13 56.50 1.21
CA ALA A 95 71.39 57.12 0.82
C ALA A 95 72.55 56.28 1.41
N LYS A 96 73.57 56.03 0.57
CA LYS A 96 74.72 55.26 0.95
C LYS A 96 75.74 56.40 1.01
N LYS A 97 76.62 56.49 2.05
CA LYS A 97 77.50 57.68 2.09
C LYS A 97 78.41 57.46 3.29
N MET A 98 79.55 58.15 3.23
CA MET A 98 80.58 58.12 4.18
C MET A 98 81.29 56.78 4.24
N ASP A 99 82.29 56.73 5.19
CA ASP A 99 83.02 55.58 5.54
C ASP A 99 82.71 54.09 5.05
N PRO A 100 83.58 53.49 4.17
CA PRO A 100 83.41 52.16 3.56
C PRO A 100 83.40 51.02 4.59
N SER A 101 84.11 51.17 5.69
CA SER A 101 84.29 50.14 6.69
C SER A 101 82.98 49.88 7.32
N PHE A 102 82.34 50.93 7.91
CA PHE A 102 81.07 50.82 8.50
C PHE A 102 79.99 50.63 7.48
N LYS A 103 80.02 51.38 6.34
CA LYS A 103 78.92 51.22 5.44
C LYS A 103 78.84 49.86 4.78
N THR A 104 79.94 49.17 4.52
CA THR A 104 79.89 47.77 4.09
C THR A 104 79.21 46.83 5.15
N PHE A 105 79.50 47.14 6.47
CA PHE A 105 78.86 46.46 7.56
C PHE A 105 77.40 46.68 7.64
N SER A 106 77.04 47.94 7.42
CA SER A 106 75.66 48.42 7.41
C SER A 106 74.82 47.79 6.36
N ARG A 107 75.43 47.47 5.21
CA ARG A 107 74.78 46.87 4.07
C ARG A 107 74.33 45.49 4.43
N ARG A 108 75.16 44.76 5.22
CA ARG A 108 74.78 43.47 5.68
C ARG A 108 73.55 43.66 6.64
N ILE A 109 73.68 44.73 7.42
CA ILE A 109 72.54 45.14 8.31
C ILE A 109 71.27 45.52 7.52
N VAL A 110 71.39 46.14 6.30
CA VAL A 110 70.30 46.42 5.39
C VAL A 110 69.62 45.21 5.11
N ARG A 111 70.37 44.10 4.87
CA ARG A 111 69.69 42.88 4.44
C ARG A 111 68.73 42.38 5.44
N TYR A 112 69.25 42.41 6.72
CA TYR A 112 68.44 42.05 7.93
C TYR A 112 67.18 42.91 8.06
N GLY A 113 67.34 44.24 7.86
CA GLY A 113 66.13 45.12 8.07
C GLY A 113 65.01 44.87 7.06
N LYS A 114 65.34 44.53 5.81
CA LYS A 114 64.46 44.20 4.76
C LYS A 114 63.70 43.00 5.12
N GLN A 115 64.40 41.88 5.62
CA GLN A 115 63.65 40.68 5.83
C GLN A 115 62.53 40.79 6.86
N TYR A 116 62.86 41.51 8.02
CA TYR A 116 61.89 41.73 9.11
C TYR A 116 60.70 42.47 8.57
N MET A 117 60.89 43.51 7.74
CA MET A 117 59.89 44.39 7.12
C MET A 117 59.00 43.72 6.10
N ILE A 118 59.62 42.86 5.29
CA ILE A 118 58.90 42.12 4.24
C ILE A 118 57.96 41.16 4.97
N LEU A 119 58.44 40.47 6.01
CA LEU A 119 57.59 39.49 6.73
C LEU A 119 56.37 40.07 7.36
N THR A 120 56.47 41.26 7.97
CA THR A 120 55.32 41.93 8.56
C THR A 120 54.27 42.17 7.53
N ARG A 121 54.73 42.58 6.30
CA ARG A 121 53.83 42.83 5.23
C ARG A 121 53.05 41.63 4.79
N ALA A 122 53.77 40.51 4.61
CA ALA A 122 53.28 39.24 4.08
C ALA A 122 52.27 38.66 4.99
N TYR A 123 52.58 38.75 6.28
CA TYR A 123 51.73 38.28 7.34
C TYR A 123 50.39 39.07 7.26
N GLU A 124 50.41 40.46 7.04
CA GLU A 124 49.20 41.24 6.98
C GLU A 124 48.27 40.84 5.84
N LYS A 125 48.84 40.46 4.63
CA LYS A 125 48.14 40.16 3.42
C LYS A 125 47.29 39.03 3.63
N TRP A 126 47.77 37.98 4.27
CA TRP A 126 47.03 36.73 4.35
C TRP A 126 46.67 36.53 5.77
N SER A 127 46.29 37.64 6.45
CA SER A 127 45.77 37.58 7.81
C SER A 127 44.80 38.70 7.81
N ASP A 128 44.18 39.08 6.62
CA ASP A 128 43.14 40.02 6.51
C ASP A 128 42.15 39.42 5.60
N THR A 129 42.60 38.41 4.84
CA THR A 129 41.88 37.74 3.84
C THR A 129 42.21 36.25 4.11
N SER A 130 41.45 35.39 3.39
CA SER A 130 41.87 34.02 3.43
C SER A 130 41.93 33.49 2.04
N PHE A 131 42.92 32.57 1.76
CA PHE A 131 42.80 31.64 0.67
C PHE A 131 42.97 30.29 1.20
N GLY A 132 43.40 30.15 2.46
CA GLY A 132 43.64 28.95 3.08
C GLY A 132 43.44 29.30 4.51
N MET A 133 42.67 28.50 5.22
CA MET A 133 42.38 28.60 6.61
C MET A 133 43.72 28.33 7.38
N VAL A 134 44.46 27.37 6.79
CA VAL A 134 45.72 26.82 7.08
C VAL A 134 46.75 27.92 6.95
N LEU A 135 46.63 28.78 5.87
CA LEU A 135 47.58 29.85 5.66
C LEU A 135 47.44 30.87 6.77
N GLN A 136 46.18 31.20 7.16
CA GLN A 136 46.00 32.19 8.20
C GLN A 136 46.55 31.77 9.58
N ARG A 137 46.34 30.45 9.93
CA ARG A 137 46.72 29.86 11.18
C ARG A 137 48.23 29.91 11.27
N PHE A 138 48.85 29.66 10.08
CA PHE A 138 50.33 29.78 9.96
C PHE A 138 50.81 31.17 10.16
N ALA A 139 50.17 32.17 9.55
CA ALA A 139 50.70 33.52 9.65
C ALA A 139 50.71 33.99 11.09
N TYR A 140 49.59 33.67 11.84
CA TYR A 140 49.45 34.17 13.18
C TYR A 140 50.47 33.62 14.08
N GLU A 141 50.71 32.30 13.93
CA GLU A 141 51.71 31.75 14.80
C GLU A 141 53.13 32.25 14.61
N ILE A 142 53.56 32.40 13.27
CA ILE A 142 54.84 32.87 13.01
C ILE A 142 55.18 34.30 13.45
N ARG A 143 54.25 35.26 13.23
CA ARG A 143 54.37 36.66 13.60
C ARG A 143 54.52 36.83 15.06
N ARG A 144 53.73 36.03 15.84
CA ARG A 144 53.86 36.17 17.27
C ARG A 144 55.21 35.73 17.73
N PHE A 145 55.81 34.57 17.23
CA PHE A 145 57.06 34.00 17.74
C PHE A 145 58.15 34.97 17.44
N LEU A 146 58.15 35.54 16.19
CA LEU A 146 59.19 36.46 15.82
C LEU A 146 59.18 37.70 16.63
N GLU A 147 57.98 38.28 16.87
CA GLU A 147 57.88 39.59 17.55
C GLU A 147 58.38 39.43 18.93
N ASP A 148 58.11 38.30 19.67
CA ASP A 148 58.40 38.16 21.10
C ASP A 148 59.84 38.27 21.33
N VAL A 149 60.54 37.58 20.45
CA VAL A 149 61.98 37.37 20.49
C VAL A 149 62.57 38.70 20.33
N TYR A 150 62.11 39.40 19.30
CA TYR A 150 62.76 40.57 18.69
C TYR A 150 62.79 41.70 19.65
N LEU A 151 61.58 41.84 20.26
CA LEU A 151 61.17 42.98 21.01
C LEU A 151 62.15 43.02 22.24
N LYS A 152 62.30 41.84 22.81
CA LYS A 152 62.97 41.58 24.03
C LYS A 152 64.42 41.97 23.86
N THR A 153 65.06 41.46 22.72
CA THR A 153 66.44 41.50 22.42
C THR A 153 66.84 42.93 22.26
N LEU A 154 65.98 43.65 21.44
CA LEU A 154 66.37 44.93 20.90
C LEU A 154 66.51 45.92 22.05
N VAL A 155 65.44 45.94 22.99
CA VAL A 155 65.30 46.90 23.99
C VAL A 155 66.40 46.72 24.96
N GLU A 156 66.73 45.45 25.27
CA GLU A 156 67.81 45.23 26.21
C GLU A 156 69.10 45.74 25.64
N ARG A 157 69.46 45.53 24.33
CA ARG A 157 70.72 46.07 23.89
C ARG A 157 70.73 47.56 23.93
N LEU A 158 69.68 48.26 23.49
CA LEU A 158 69.78 49.73 23.21
C LEU A 158 70.04 50.37 24.55
N GLU A 159 69.31 49.90 25.65
CA GLU A 159 69.34 50.41 26.94
C GLU A 159 70.67 50.29 27.56
N ARG A 160 71.28 49.11 27.34
CA ARG A 160 72.68 48.95 27.74
C ARG A 160 73.73 49.82 27.07
N ASP A 161 73.69 50.01 25.69
CA ASP A 161 74.64 50.82 25.02
C ASP A 161 74.56 52.27 25.40
N PHE A 162 73.30 52.79 25.55
CA PHE A 162 73.06 54.12 25.85
C PHE A 162 73.59 54.43 27.21
N ASN A 163 73.28 53.51 28.19
CA ASN A 163 73.55 53.82 29.58
C ASN A 163 74.97 53.98 29.92
N LYS A 164 75.75 53.04 29.41
CA LYS A 164 77.22 53.13 29.74
C LYS A 164 78.00 54.41 29.19
N VAL A 165 77.80 54.66 27.94
CA VAL A 165 78.24 55.92 27.30
C VAL A 165 77.13 56.14 26.33
N PRO A 166 76.77 57.38 25.91
CA PRO A 166 75.63 57.70 25.00
C PRO A 166 75.70 57.01 23.73
N ASN A 167 76.84 56.33 23.34
CA ASN A 167 77.09 55.63 22.05
C ASN A 167 77.93 54.38 22.27
N PHE A 168 77.65 53.30 21.53
CA PHE A 168 78.32 52.08 21.75
C PHE A 168 78.29 51.29 20.48
N SER A 169 79.17 50.29 20.46
CA SER A 169 79.55 49.51 19.33
C SER A 169 78.49 48.56 18.89
N ILE A 170 78.52 48.35 17.53
CA ILE A 170 77.76 47.52 16.60
C ILE A 170 77.78 46.02 16.78
N ARG A 171 79.00 45.57 17.15
CA ARG A 171 79.35 44.21 17.24
C ARG A 171 78.55 43.44 18.20
N GLU A 172 78.28 43.92 19.37
CA GLU A 172 77.77 43.12 20.42
C GLU A 172 76.36 42.72 20.06
N LEU A 173 75.72 43.74 19.43
CA LEU A 173 74.38 43.55 18.81
C LEU A 173 74.33 42.55 17.71
N GLU A 174 75.34 42.52 16.92
CA GLU A 174 75.47 41.61 15.84
C GLU A 174 75.50 40.19 16.32
N GLN A 175 76.17 39.91 17.48
CA GLN A 175 76.30 38.60 18.08
C GLN A 175 74.90 38.19 18.55
N ILE A 176 74.09 39.06 19.14
CA ILE A 176 72.74 38.56 19.47
C ILE A 176 71.87 38.18 18.24
N ILE A 177 72.07 39.01 17.16
CA ILE A 177 71.48 38.97 15.91
C ILE A 177 71.90 37.67 15.27
N ASN A 178 73.06 37.04 15.62
CA ASN A 178 73.31 35.70 15.11
C ASN A 178 72.30 34.67 15.53
N GLU A 179 71.83 34.80 16.81
CA GLU A 179 70.75 33.91 17.25
C GLU A 179 69.51 34.16 16.49
N THR A 180 69.21 35.48 16.21
CA THR A 180 68.10 35.91 15.44
C THR A 180 68.04 35.54 13.99
N GLU A 181 69.23 35.22 13.46
CA GLU A 181 69.41 34.77 12.06
C GLU A 181 68.82 33.50 11.70
N VAL A 182 68.76 32.52 12.68
CA VAL A 182 68.12 31.27 12.40
C VAL A 182 66.69 31.54 12.08
N ASN A 183 66.02 32.51 12.72
CA ASN A 183 64.67 32.94 12.42
C ASN A 183 64.49 33.61 11.03
N LYS A 184 65.62 34.15 10.41
CA LYS A 184 65.78 34.82 9.15
C LYS A 184 65.47 33.86 8.04
N GLN A 185 65.76 32.58 8.33
CA GLN A 185 65.57 31.44 7.53
C GLN A 185 64.12 31.23 7.24
N MET A 186 63.25 31.53 8.23
CA MET A 186 61.78 31.28 8.19
C MET A 186 61.16 32.19 7.10
N GLU A 187 61.72 33.34 6.79
CA GLU A 187 61.31 34.24 5.73
C GLU A 187 61.43 33.74 4.31
N LEU A 188 62.49 32.91 4.14
CA LEU A 188 62.89 32.29 2.93
C LEU A 188 61.88 31.34 2.42
N LEU A 189 61.27 30.62 3.32
CA LEU A 189 60.16 29.73 3.09
C LEU A 189 59.02 30.62 2.61
N TYR A 190 58.85 31.91 3.09
CA TYR A 190 57.88 32.78 2.46
C TYR A 190 58.26 33.05 1.05
N ASN A 191 59.55 33.17 0.64
CA ASN A 191 59.90 33.43 -0.71
C ASN A 191 59.42 32.28 -1.59
N ILE A 192 59.50 31.04 -1.09
CA ILE A 192 59.05 29.87 -1.80
C ILE A 192 57.60 29.92 -2.01
N TYR A 193 56.82 30.39 -0.99
CA TYR A 193 55.36 30.49 -0.89
C TYR A 193 54.85 31.44 -1.96
N GLU A 194 55.64 32.53 -2.16
CA GLU A 194 55.44 33.52 -3.11
C GLU A 194 55.57 32.99 -4.54
N GLU A 195 56.56 32.10 -4.79
CA GLU A 195 56.77 31.52 -6.03
C GLU A 195 55.61 30.72 -6.38
N ILE A 196 55.06 30.00 -5.40
CA ILE A 196 53.92 29.20 -5.60
C ILE A 196 52.73 30.05 -5.98
N PHE A 197 52.58 31.19 -5.29
CA PHE A 197 51.45 32.01 -5.56
C PHE A 197 51.46 32.55 -6.95
N ARG A 198 52.66 32.97 -7.45
CA ARG A 198 52.82 33.48 -8.84
C ARG A 198 52.58 32.46 -9.84
N GLU A 199 53.03 31.27 -9.55
CA GLU A 199 52.93 30.08 -10.49
C GLU A 199 51.49 29.73 -10.68
N ILE A 200 50.75 29.77 -9.59
CA ILE A 200 49.34 29.51 -9.55
C ILE A 200 48.65 30.57 -10.37
N GLU A 201 49.08 31.82 -10.27
CA GLU A 201 48.49 32.89 -11.07
C GLU A 201 48.70 32.72 -12.55
N GLU A 202 49.91 32.26 -12.93
CA GLU A 202 50.31 31.98 -14.27
C GLU A 202 49.49 30.87 -14.91
N ARG A 203 49.18 29.82 -14.20
CA ARG A 203 48.34 28.72 -14.74
C ARG A 203 46.87 29.16 -15.02
N ARG A 204 46.38 30.07 -14.12
CA ARG A 204 45.14 30.76 -14.26
C ARG A 204 45.07 31.64 -15.40
N THR A 205 46.10 32.46 -15.69
CA THR A 205 46.09 33.53 -16.73
C THR A 205 46.53 32.91 -18.04
N LYS A 243 46.01 22.46 -4.99
CA LYS A 243 46.15 23.73 -4.23
C LYS A 243 46.27 23.66 -2.80
N GLY A 244 45.18 23.51 -2.05
CA GLY A 244 45.19 23.54 -0.65
C GLY A 244 46.09 22.52 0.08
N GLY A 245 45.89 21.16 -0.24
CA GLY A 245 46.52 19.99 0.24
C GLY A 245 47.93 20.01 -0.18
N ALA A 246 48.26 20.53 -1.38
CA ALA A 246 49.63 20.67 -1.87
C ALA A 246 50.43 21.54 -1.01
N ILE A 247 49.91 22.69 -0.46
CA ILE A 247 50.75 23.62 0.29
C ILE A 247 51.16 22.86 1.51
N LEU A 248 50.22 22.03 2.12
CA LEU A 248 50.62 21.28 3.33
C LEU A 248 51.70 20.28 3.09
N LYS A 249 51.61 19.58 1.93
CA LYS A 249 52.49 18.60 1.50
C LYS A 249 53.85 19.15 1.20
N ILE A 250 53.85 20.35 0.58
CA ILE A 250 55.08 21.11 0.17
C ILE A 250 55.81 21.45 1.39
N PHE A 251 55.02 21.85 2.49
CA PHE A 251 55.75 22.24 3.79
C PHE A 251 56.42 21.05 4.31
N GLN A 252 55.83 19.83 4.25
CA GLN A 252 56.48 18.64 4.75
C GLN A 252 57.74 18.32 4.02
N GLN A 253 57.76 18.46 2.73
CA GLN A 253 58.83 18.22 1.84
C GLN A 253 59.96 19.12 2.08
N LYS A 254 59.56 20.37 2.34
CA LYS A 254 60.43 21.50 2.64
C LYS A 254 61.18 21.36 3.92
N ILE A 255 60.62 20.73 5.05
CA ILE A 255 61.27 20.43 6.23
C ILE A 255 62.31 19.45 5.99
N LEU A 256 62.08 18.42 5.17
CA LEU A 256 63.11 17.41 4.76
C LEU A 256 64.18 18.04 3.98
N GLU A 257 63.82 18.97 3.13
CA GLU A 257 64.73 19.70 2.20
C GLU A 257 65.76 20.59 2.83
N ASN A 258 65.33 21.17 3.99
CA ASN A 258 66.08 21.92 4.91
C ASN A 258 67.15 21.00 5.41
N LEU A 259 66.89 19.71 5.48
CA LEU A 259 67.79 18.57 5.82
C LEU A 259 68.26 18.68 7.26
N GLY A 260 69.34 18.00 7.59
CA GLY A 260 69.84 17.95 8.91
C GLY A 260 70.42 19.23 9.47
N ASP A 261 69.54 19.84 10.33
CA ASP A 261 69.76 21.07 11.07
C ASP A 261 68.66 21.29 12.15
N ARG A 262 69.01 20.86 13.34
CA ARG A 262 68.08 20.55 14.45
C ARG A 262 67.23 21.71 14.77
N SER A 263 67.76 22.95 14.96
CA SER A 263 67.06 24.07 15.47
C SER A 263 65.91 24.47 14.51
N SER A 264 66.21 24.73 13.21
CA SER A 264 65.34 25.25 12.25
C SER A 264 64.24 24.23 11.95
N VAL A 265 64.66 22.96 11.67
CA VAL A 265 63.69 21.92 11.31
C VAL A 265 62.77 21.75 12.48
N MET A 266 63.26 21.64 13.69
CA MET A 266 62.43 21.36 14.85
C MET A 266 61.43 22.53 15.03
N PHE A 267 61.83 23.82 14.79
CA PHE A 267 60.99 24.99 14.86
C PHE A 267 59.83 24.84 13.91
N LEU A 268 60.21 24.53 12.65
CA LEU A 268 59.31 24.32 11.58
C LEU A 268 58.40 23.17 11.66
N LYS A 269 58.91 22.07 12.19
CA LYS A 269 58.09 20.83 12.49
C LYS A 269 57.02 21.01 13.53
N LYS A 270 57.40 21.81 14.56
CA LYS A 270 56.35 22.19 15.54
C LYS A 270 55.23 22.96 14.81
N LEU A 271 55.60 23.85 13.90
CA LEU A 271 54.70 24.75 13.21
C LEU A 271 53.78 24.09 12.28
N LEU A 272 54.32 22.97 11.71
CA LEU A 272 53.58 22.03 10.91
C LEU A 272 52.60 21.42 11.81
N ASN A 273 53.00 21.04 13.05
CA ASN A 273 52.14 20.28 13.95
C ASN A 273 50.85 20.91 14.35
N ASN A 274 50.85 22.22 14.79
CA ASN A 274 49.60 22.82 15.06
C ASN A 274 48.81 23.04 13.80
N ILE A 275 49.44 23.29 12.59
CA ILE A 275 48.67 23.27 11.33
C ILE A 275 48.10 21.88 11.06
N SER A 276 48.86 20.85 11.26
CA SER A 276 48.35 19.46 11.08
C SER A 276 47.35 19.00 12.02
N GLN A 277 47.33 19.66 13.18
CA GLN A 277 46.40 19.49 14.23
C GLN A 277 44.99 19.74 13.82
N ASP A 278 44.74 20.80 12.95
CA ASP A 278 43.49 21.09 12.30
C ASP A 278 43.14 20.04 11.28
N TYR A 279 44.21 19.56 10.56
CA TYR A 279 44.13 18.58 9.58
C TYR A 279 43.60 17.28 10.21
N CYS A 280 44.13 16.84 11.39
CA CYS A 280 43.72 15.69 12.08
C CYS A 280 42.30 15.77 12.52
N THR A 281 41.75 16.93 12.96
CA THR A 281 40.36 17.18 13.34
C THR A 281 39.48 16.98 12.16
N MET A 282 39.83 17.50 10.96
CA MET A 282 39.02 17.40 9.73
C MET A 282 38.90 16.02 9.28
N LEU A 283 40.05 15.28 9.29
CA LEU A 283 40.22 13.91 8.88
C LEU A 283 39.40 13.00 9.80
N TYR A 284 39.45 13.30 11.10
CA TYR A 284 38.73 12.58 12.15
C TYR A 284 37.32 12.66 11.98
N GLU A 285 36.81 13.89 11.67
CA GLU A 285 35.37 14.11 11.47
C GLU A 285 34.86 13.36 10.28
N TRP A 286 35.62 13.38 9.19
CA TRP A 286 35.31 12.76 7.98
C TRP A 286 35.36 11.24 8.27
N LEU A 287 36.47 10.70 8.78
CA LEU A 287 36.46 9.31 8.96
C LEU A 287 35.54 8.68 9.98
N THR A 288 35.39 9.25 11.20
CA THR A 288 34.48 8.72 12.20
C THR A 288 32.99 9.18 12.10
N GLN A 289 32.71 10.38 11.63
CA GLN A 289 31.42 10.90 11.63
C GLN A 289 30.96 11.50 10.25
N GLY A 290 31.73 11.14 9.18
CA GLY A 290 31.36 11.51 7.82
C GLY A 290 30.94 13.01 7.74
N ILE A 291 31.83 13.88 8.12
CA ILE A 291 31.44 15.30 8.14
C ILE A 291 32.71 16.12 7.84
N LEU A 292 32.49 17.23 7.19
CA LEU A 292 33.54 18.14 6.70
C LEU A 292 32.84 19.42 6.30
N ASN A 293 33.59 20.49 6.30
CA ASN A 293 32.97 21.79 5.92
C ASN A 293 34.17 22.37 5.22
N ASP A 294 33.86 23.41 4.42
CA ASP A 294 34.88 23.97 3.57
C ASP A 294 34.68 25.48 3.69
N PRO A 295 35.42 26.21 4.50
CA PRO A 295 35.26 27.63 4.63
C PRO A 295 36.19 28.22 3.55
N TYR A 296 37.42 27.73 3.47
CA TYR A 296 38.26 28.11 2.34
C TYR A 296 39.24 27.04 2.04
N GLN A 297 38.88 26.24 1.02
CA GLN A 297 39.81 25.23 0.44
C GLN A 297 40.50 24.22 1.41
N GLU A 298 39.68 23.42 2.04
CA GLU A 298 40.23 22.44 2.90
C GLU A 298 39.91 21.09 2.29
N PHE A 299 39.08 20.90 1.24
CA PHE A 299 38.71 19.61 0.66
C PHE A 299 38.49 19.93 -0.78
N MET A 300 38.55 18.92 -1.66
CA MET A 300 38.29 18.97 -3.06
C MET A 300 37.05 18.28 -3.37
N THR A 301 36.35 17.87 -2.38
CA THR A 301 35.11 17.17 -2.47
C THR A 301 34.12 18.24 -2.27
N TYR A 302 33.06 18.32 -3.12
CA TYR A 302 31.97 19.21 -2.91
C TYR A 302 30.76 18.42 -3.12
N ASP A 303 29.70 18.84 -2.43
CA ASP A 303 28.48 18.04 -2.45
C ASP A 303 27.56 18.41 -3.59
N ASP A 304 26.86 17.42 -4.17
CA ASP A 304 26.00 17.66 -5.34
C ASP A 304 24.60 18.00 -4.81
N TRP A 320 15.94 13.86 -0.53
CA TRP A 320 16.73 13.08 -1.55
C TRP A 320 18.01 12.55 -0.95
N ASP A 321 19.03 12.14 -1.75
CA ASP A 321 20.25 11.51 -1.27
C ASP A 321 21.26 12.23 -2.22
N THR A 322 22.36 12.81 -1.63
CA THR A 322 23.47 13.57 -2.25
C THR A 322 24.64 12.69 -2.54
N GLN A 323 25.54 13.21 -3.40
CA GLN A 323 26.76 12.53 -3.81
C GLN A 323 27.78 13.69 -3.78
N TYR A 324 29.07 13.46 -3.95
CA TYR A 324 30.07 14.50 -3.82
C TYR A 324 30.98 14.32 -4.95
N PHE A 325 31.76 15.34 -5.49
CA PHE A 325 32.66 14.99 -6.52
C PHE A 325 33.93 15.79 -6.45
N ILE A 326 34.83 15.38 -7.35
CA ILE A 326 36.30 15.61 -7.45
C ILE A 326 36.84 16.94 -7.67
N ARG A 327 36.19 17.79 -8.50
CA ARG A 327 36.78 19.00 -9.05
C ARG A 327 37.84 18.74 -10.11
N LYS A 328 38.04 19.72 -11.09
CA LYS A 328 38.98 19.71 -12.18
C LYS A 328 39.59 21.12 -12.32
N ASP A 329 39.25 22.11 -11.43
CA ASP A 329 39.55 23.54 -11.63
C ASP A 329 40.34 24.19 -10.41
N VAL A 330 40.12 23.72 -9.16
CA VAL A 330 40.65 24.22 -7.90
C VAL A 330 40.86 23.04 -7.02
N LEU A 331 40.80 21.83 -7.65
CA LEU A 331 41.19 20.61 -6.97
C LEU A 331 42.45 20.59 -6.15
N LEU A 332 42.37 20.01 -4.91
CA LEU A 332 43.54 19.88 -4.06
C LEU A 332 44.36 18.72 -4.55
N ARG A 333 45.68 18.79 -4.14
CA ARG A 333 46.73 17.88 -4.48
C ARG A 333 47.27 17.17 -3.27
N ASP A 334 47.49 15.84 -3.36
CA ASP A 334 47.97 14.95 -2.34
C ASP A 334 48.11 13.71 -3.20
N CYS A 335 49.06 13.72 -4.22
CA CYS A 335 49.63 12.69 -5.00
C CYS A 335 48.70 12.22 -6.06
N ASP A 336 49.29 11.70 -7.17
CA ASP A 336 48.45 11.14 -8.21
C ASP A 336 49.14 9.99 -8.81
N SER A 337 48.61 8.77 -8.65
CA SER A 337 49.06 7.48 -9.19
C SER A 337 47.93 6.58 -9.13
N GLU A 338 47.98 5.36 -9.82
CA GLU A 338 46.94 4.37 -9.65
C GLU A 338 46.94 3.88 -8.19
N GLU A 339 48.14 3.76 -7.59
CA GLU A 339 48.26 3.34 -6.23
C GLU A 339 47.67 4.25 -5.20
N ASP A 340 47.89 5.52 -5.45
CA ASP A 340 47.37 6.70 -4.74
C ASP A 340 45.84 6.68 -4.79
N LYS A 341 45.28 6.48 -6.04
CA LYS A 341 43.92 6.68 -6.38
C LYS A 341 43.10 5.67 -5.60
N ASN A 342 43.68 4.44 -5.54
CA ASN A 342 43.02 3.34 -4.77
C ASN A 342 42.97 3.62 -3.27
N LEU A 343 44.00 4.18 -2.67
CA LEU A 343 43.95 4.47 -1.26
C LEU A 343 42.95 5.51 -0.90
N LEU A 344 42.82 6.61 -1.80
CA LEU A 344 41.85 7.64 -1.62
C LEU A 344 40.53 7.15 -1.72
N PHE A 345 40.33 6.26 -2.68
CA PHE A 345 39.01 5.71 -2.91
C PHE A 345 38.52 4.95 -1.74
N LYS A 346 39.30 4.12 -1.10
CA LYS A 346 38.88 3.35 0.08
C LYS A 346 38.54 4.23 1.21
N MET A 347 39.32 5.29 1.49
CA MET A 347 39.17 6.25 2.57
C MET A 347 37.92 7.00 2.33
N LEU A 348 37.55 7.41 1.06
CA LEU A 348 36.33 8.15 0.70
C LEU A 348 35.15 7.26 0.97
N ARG A 349 35.22 5.94 0.63
CA ARG A 349 34.20 4.93 0.78
C ARG A 349 33.85 4.74 2.19
N THR A 350 34.86 4.70 3.12
CA THR A 350 34.62 4.59 4.58
C THR A 350 33.85 5.80 5.09
N GLY A 351 34.25 7.04 4.59
CA GLY A 351 33.58 8.30 4.91
C GLY A 351 32.15 8.52 4.47
N ILE A 352 31.91 8.04 3.25
CA ILE A 352 30.59 8.06 2.63
C ILE A 352 29.70 7.14 3.44
N LEU A 353 30.21 5.95 3.92
CA LEU A 353 29.45 5.06 4.73
C LEU A 353 29.11 5.76 6.00
N LEU A 354 29.99 6.49 6.64
CA LEU A 354 29.66 7.16 7.92
C LEU A 354 28.59 8.24 7.75
N LYS A 355 28.65 9.02 6.69
CA LYS A 355 27.67 10.10 6.42
C LYS A 355 26.36 9.51 6.18
N VAL A 356 26.29 8.32 5.47
CA VAL A 356 25.00 7.65 5.29
C VAL A 356 24.36 7.18 6.55
N VAL A 357 25.06 6.67 7.55
CA VAL A 357 24.50 6.32 8.86
C VAL A 357 24.00 7.56 9.55
N ARG A 358 24.78 8.72 9.32
CA ARG A 358 24.48 10.00 9.86
C ARG A 358 23.15 10.52 9.31
N ALA A 359 22.87 10.26 7.96
CA ALA A 359 21.62 10.64 7.30
C ALA A 359 20.54 9.90 8.01
N SER A 360 20.81 8.66 8.41
CA SER A 360 19.78 7.78 8.97
C SER A 360 19.11 8.24 10.24
N LEU A 361 19.52 9.41 10.75
CA LEU A 361 19.24 10.05 11.98
C LEU A 361 19.18 9.09 13.18
N GLN A 362 20.03 8.07 13.11
CA GLN A 362 20.18 7.08 14.12
C GLN A 362 20.96 7.57 15.25
N ILE A 363 22.05 8.33 14.98
CA ILE A 363 22.79 8.79 16.16
C ILE A 363 23.56 10.03 15.65
N PRO A 364 23.93 10.99 16.43
CA PRO A 364 24.78 12.08 15.92
C PRO A 364 26.14 12.00 16.47
N THR A 365 26.43 10.97 17.32
CA THR A 365 27.76 10.76 17.78
C THR A 365 28.14 9.29 17.44
N ILE A 366 29.09 8.66 18.16
CA ILE A 366 29.57 7.35 18.04
C ILE A 366 29.10 6.61 19.32
N PRO A 367 28.69 5.31 19.30
CA PRO A 367 28.23 4.76 20.59
C PRO A 367 29.31 4.55 21.65
N SER A 368 30.56 4.38 21.18
CA SER A 368 31.71 3.93 21.92
C SER A 368 31.44 2.61 22.59
N ASN A 369 30.78 1.66 21.88
CA ASN A 369 30.33 0.43 22.43
C ASN A 369 31.12 -0.67 21.79
N SER A 370 31.99 -0.35 20.80
CA SER A 370 32.85 -1.26 20.06
C SER A 370 33.91 -0.37 19.33
N SER A 371 33.74 0.94 19.34
CA SER A 371 34.63 1.93 18.79
C SER A 371 36.00 2.03 19.44
N ASP A 372 36.91 2.99 19.06
CA ASP A 372 38.27 2.91 19.68
C ASP A 372 38.86 4.32 19.70
N ILE A 373 39.08 4.73 20.93
CA ILE A 373 39.50 6.00 21.37
C ILE A 373 40.95 6.26 20.84
N THR A 374 41.79 5.22 20.86
CA THR A 374 43.17 5.30 20.54
C THR A 374 43.46 5.76 19.16
N ILE A 375 42.67 5.27 18.14
CA ILE A 375 43.03 5.61 16.75
C ILE A 375 42.88 7.22 16.66
N GLN A 376 41.82 7.87 17.26
CA GLN A 376 41.74 9.29 17.30
C GLN A 376 42.78 10.06 18.04
N GLU A 377 43.15 9.55 19.28
CA GLU A 377 44.18 10.23 20.11
C GLU A 377 45.57 10.26 19.45
N ILE A 378 46.00 9.12 18.81
CA ILE A 378 47.25 8.92 18.07
C ILE A 378 47.19 9.86 16.86
N ASN A 379 46.04 10.03 16.19
CA ASN A 379 45.89 10.86 14.99
C ASN A 379 46.20 12.30 15.20
N ASP A 380 45.68 12.82 16.36
CA ASP A 380 45.89 14.17 16.73
C ASP A 380 47.38 14.45 16.94
N PHE A 381 47.97 13.44 17.60
CA PHE A 381 49.37 13.41 17.96
C PHE A 381 50.31 13.36 16.75
N ALA A 382 49.80 12.73 15.66
CA ALA A 382 50.53 12.24 14.54
C ALA A 382 51.42 13.19 13.84
N ASP A 383 50.95 14.42 13.55
CA ASP A 383 51.70 15.45 12.87
C ASP A 383 52.07 14.96 11.49
N LEU A 384 53.29 14.39 11.28
CA LEU A 384 53.63 13.83 10.02
C LEU A 384 52.60 12.71 9.59
N MET A 385 52.54 12.43 8.29
CA MET A 385 51.78 11.41 7.75
C MET A 385 52.55 10.14 7.75
N GLU A 386 51.81 9.03 7.73
CA GLU A 386 52.47 7.81 7.55
C GLU A 386 51.48 7.04 6.85
N GLY A 387 51.88 6.15 5.86
CA GLY A 387 50.90 5.36 5.13
C GLY A 387 50.22 4.43 5.94
N SER A 388 51.04 3.81 6.75
CA SER A 388 50.61 2.78 7.62
C SER A 388 49.60 3.31 8.59
N ASN A 389 49.86 4.53 9.16
CA ASN A 389 49.09 5.15 10.15
C ASN A 389 47.76 5.38 9.57
N LEU A 390 47.68 5.88 8.30
CA LEU A 390 46.41 6.13 7.72
C LEU A 390 45.62 4.87 7.51
N GLU A 391 46.28 3.76 7.04
CA GLU A 391 45.55 2.52 6.89
C GLU A 391 45.02 1.87 8.15
N LEU A 392 45.72 1.91 9.29
CA LEU A 392 45.20 1.38 10.50
C LEU A 392 43.91 2.13 10.90
N TYR A 393 43.96 3.48 10.74
CA TYR A 393 42.83 4.30 11.08
C TYR A 393 41.66 3.94 10.21
N VAL A 394 41.87 3.84 8.86
CA VAL A 394 40.78 3.52 7.95
C VAL A 394 40.23 2.21 8.11
N ASP A 395 41.08 1.12 8.28
CA ASP A 395 40.56 -0.23 8.47
C ASP A 395 39.71 -0.46 9.72
N LYS A 396 40.19 0.22 10.81
CA LYS A 396 39.40 0.27 12.07
C LYS A 396 38.02 0.98 11.93
N CYS A 397 37.97 2.15 11.29
CA CYS A 397 36.69 2.86 11.15
C CYS A 397 35.74 2.05 10.23
N TYR A 398 36.31 1.41 9.17
CA TYR A 398 35.70 0.73 8.09
C TYR A 398 34.98 -0.48 8.64
N SER A 399 35.72 -1.25 9.46
CA SER A 399 35.23 -2.46 10.03
C SER A 399 34.00 -2.14 10.93
N ARG A 400 34.16 -1.02 11.69
CA ARG A 400 33.14 -0.46 12.62
C ARG A 400 31.91 -0.04 11.89
N ALA A 401 32.12 0.63 10.73
CA ALA A 401 31.05 1.10 9.85
C ALA A 401 30.25 -0.06 9.31
N ASN A 402 31.00 -1.11 8.96
CA ASN A 402 30.48 -2.29 8.33
C ASN A 402 29.60 -2.99 9.32
N GLU A 403 30.08 -3.08 10.58
CA GLU A 403 29.43 -3.78 11.66
C GLU A 403 28.16 -3.09 11.87
N ILE A 404 28.18 -1.74 11.87
CA ILE A 404 27.03 -0.85 12.04
C ILE A 404 26.09 -1.07 10.96
N PHE A 405 26.55 -1.30 9.69
CA PHE A 405 25.71 -1.55 8.55
C PHE A 405 24.98 -2.83 8.70
N LEU A 406 25.64 -3.93 9.17
CA LEU A 406 24.95 -5.22 9.32
C LEU A 406 23.81 -5.06 10.31
N LYS A 407 24.07 -4.40 11.47
CA LYS A 407 22.97 -4.12 12.41
C LYS A 407 21.84 -3.25 11.86
N LEU A 408 22.21 -2.17 11.07
CA LEU A 408 21.23 -1.24 10.49
C LEU A 408 20.27 -1.86 9.53
N PHE A 409 20.82 -2.70 8.68
CA PHE A 409 20.02 -3.45 7.69
C PHE A 409 19.21 -4.52 8.31
N PHE A 410 19.89 -5.37 9.08
CA PHE A 410 19.23 -6.44 9.64
C PHE A 410 18.22 -6.12 10.68
N GLN A 411 18.61 -5.38 11.72
CA GLN A 411 17.66 -5.14 12.79
C GLN A 411 16.59 -4.19 12.37
N GLY A 412 17.05 -2.93 11.94
CA GLY A 412 16.08 -1.89 11.65
C GLY A 412 15.35 -2.02 10.34
N TYR A 413 16.08 -2.20 9.21
CA TYR A 413 15.51 -2.33 7.88
C TYR A 413 14.91 -3.67 7.52
N ASP A 414 15.42 -4.70 8.17
CA ASP A 414 15.20 -6.14 7.83
C ASP A 414 15.84 -6.47 6.40
N LEU A 415 17.11 -6.75 6.39
CA LEU A 415 17.97 -7.11 5.29
C LEU A 415 17.42 -8.36 4.67
N ILE A 416 17.08 -9.31 5.50
CA ILE A 416 16.57 -10.67 5.13
C ILE A 416 15.31 -10.64 4.29
N ASN A 417 14.40 -9.72 4.69
CA ASN A 417 13.15 -9.41 4.02
C ASN A 417 13.47 -8.83 2.62
N VAL A 418 14.48 -7.96 2.57
CA VAL A 418 14.89 -7.35 1.32
C VAL A 418 15.41 -8.36 0.38
N LEU A 419 16.15 -9.33 0.87
CA LEU A 419 16.57 -10.44 -0.02
C LEU A 419 15.43 -11.18 -0.65
N LYS A 420 14.33 -11.47 0.15
CA LYS A 420 13.21 -12.20 -0.26
C LYS A 420 12.54 -11.50 -1.43
N HIS A 421 12.39 -10.14 -1.31
CA HIS A 421 11.83 -9.26 -2.33
C HIS A 421 12.55 -9.18 -3.61
N LEU A 422 13.86 -9.16 -3.56
CA LEU A 422 14.71 -9.30 -4.71
C LEU A 422 14.52 -10.72 -5.32
N GLN A 423 14.38 -11.79 -4.59
CA GLN A 423 14.05 -13.08 -5.14
C GLN A 423 12.66 -13.09 -5.84
N GLN A 424 11.63 -12.47 -5.27
CA GLN A 424 10.34 -12.45 -5.94
C GLN A 424 10.30 -11.71 -7.25
N ILE A 425 10.84 -10.46 -7.30
CA ILE A 425 10.82 -9.61 -8.51
C ILE A 425 11.85 -10.10 -9.53
N PHE A 426 13.15 -10.10 -9.14
CA PHE A 426 14.27 -10.34 -9.96
C PHE A 426 14.39 -11.80 -10.38
N LEU A 427 14.14 -12.70 -9.35
CA LEU A 427 14.24 -14.09 -9.61
C LEU A 427 13.17 -14.69 -10.51
N GLY A 428 12.21 -13.87 -10.84
CA GLY A 428 11.37 -14.16 -12.00
C GLY A 428 10.07 -14.65 -11.45
N TYR A 429 9.27 -13.89 -10.68
CA TYR A 429 8.12 -14.34 -9.99
C TYR A 429 8.47 -15.49 -9.05
N GLN A 430 7.43 -16.16 -8.49
CA GLN A 430 7.69 -17.30 -7.67
C GLN A 430 6.49 -18.20 -7.89
N SER A 431 5.46 -17.79 -8.75
CA SER A 431 4.40 -18.70 -9.17
C SER A 431 3.81 -18.24 -10.48
N GLY A 432 3.40 -19.26 -11.36
CA GLY A 432 2.86 -19.02 -12.66
C GLY A 432 1.56 -18.25 -12.82
N HIS A 433 0.61 -18.53 -11.82
CA HIS A 433 -0.85 -18.19 -11.93
C HIS A 433 -1.10 -16.77 -12.07
N ASN A 434 -0.34 -15.92 -11.33
CA ASN A 434 -0.48 -14.50 -11.37
C ASN A 434 -0.18 -14.00 -12.75
N VAL A 435 0.92 -14.54 -13.36
CA VAL A 435 1.36 -14.24 -14.70
C VAL A 435 0.39 -14.74 -15.74
N LEU A 436 -0.19 -15.95 -15.51
CA LEU A 436 -1.08 -16.63 -16.33
C LEU A 436 -2.33 -15.92 -16.53
N LYS A 437 -3.00 -15.45 -15.48
CA LYS A 437 -4.22 -14.67 -15.60
C LYS A 437 -3.98 -13.29 -16.14
N PHE A 438 -2.78 -12.74 -15.86
CA PHE A 438 -2.32 -11.51 -16.48
C PHE A 438 -2.20 -11.66 -18.00
N LEU A 439 -1.58 -12.78 -18.43
CA LEU A 439 -1.41 -13.15 -19.87
C LEU A 439 -2.77 -13.30 -20.50
N THR A 440 -3.78 -13.90 -19.87
CA THR A 440 -5.14 -14.12 -20.41
C THR A 440 -5.81 -12.86 -20.63
N LYS A 441 -5.69 -11.93 -19.64
CA LYS A 441 -6.30 -10.64 -19.61
C LYS A 441 -5.79 -9.62 -20.66
N ASN A 442 -4.48 -9.60 -20.85
CA ASN A 442 -3.69 -8.85 -21.76
C ASN A 442 -3.68 -9.22 -23.20
N MET A 443 -4.05 -10.49 -23.55
CA MET A 443 -3.78 -11.10 -24.82
C MET A 443 -4.25 -10.32 -26.02
N GLY A 444 -5.52 -9.70 -25.99
CA GLY A 444 -5.99 -8.88 -27.13
C GLY A 444 -5.13 -7.67 -27.39
N GLU A 445 -4.69 -7.06 -26.30
CA GLU A 445 -3.95 -5.78 -26.18
C GLU A 445 -2.52 -6.03 -26.72
N LEU A 446 -1.89 -7.18 -26.40
CA LEU A 446 -0.50 -7.55 -26.72
C LEU A 446 -0.47 -7.96 -28.19
N THR A 447 -1.58 -8.51 -28.74
CA THR A 447 -1.64 -9.03 -30.12
C THR A 447 -1.37 -8.05 -31.17
N LYS A 448 -1.92 -6.83 -30.90
CA LYS A 448 -1.64 -5.61 -31.70
C LYS A 448 -0.45 -4.94 -31.02
N HIS A 449 0.19 -4.02 -31.76
CA HIS A 449 1.48 -3.44 -31.36
C HIS A 449 1.62 -1.94 -31.55
N TYR A 450 0.53 -1.26 -31.78
CA TYR A 450 0.59 0.18 -32.01
C TYR A 450 -0.86 0.75 -31.94
N ARG A 451 -1.30 0.93 -30.74
CA ARG A 451 -2.42 1.76 -30.55
C ARG A 451 -2.37 2.11 -29.09
N ASN A 452 -2.84 3.29 -28.76
CA ASN A 452 -2.89 3.93 -27.49
C ASN A 452 -3.68 3.21 -26.40
N ASP A 453 -4.81 2.52 -26.81
CA ASP A 453 -5.76 2.02 -25.93
C ASP A 453 -5.31 0.86 -25.17
N ASN A 454 -4.33 0.08 -25.69
CA ASN A 454 -3.70 -1.09 -25.10
C ASN A 454 -3.23 -0.86 -23.76
N ASN A 455 -2.48 0.35 -23.69
CA ASN A 455 -1.86 0.97 -22.54
C ASN A 455 -2.87 1.26 -21.51
N ALA A 456 -4.06 1.80 -21.91
CA ALA A 456 -5.13 2.16 -21.02
C ALA A 456 -5.62 0.90 -20.33
N ASN A 457 -5.90 -0.20 -21.09
CA ASN A 457 -6.40 -1.42 -20.46
C ASN A 457 -5.37 -2.12 -19.63
N TYR A 458 -4.07 -2.04 -20.00
CA TYR A 458 -2.96 -2.61 -19.29
C TYR A 458 -2.74 -2.04 -17.90
N ASP A 459 -2.89 -0.75 -17.86
CA ASP A 459 -2.78 0.04 -16.72
C ASP A 459 -3.87 -0.33 -15.75
N LYS A 460 -5.11 -0.54 -16.27
CA LYS A 460 -6.15 -0.86 -15.30
C LYS A 460 -5.89 -2.21 -14.63
N LEU A 461 -5.46 -3.17 -15.47
CA LEU A 461 -5.14 -4.55 -15.01
C LEU A 461 -3.98 -4.51 -14.00
N LEU A 462 -3.02 -3.60 -14.24
CA LEU A 462 -1.88 -3.36 -13.38
C LEU A 462 -2.37 -2.88 -12.08
N GLN A 463 -3.36 -1.96 -12.11
CA GLN A 463 -3.91 -1.50 -10.80
C GLN A 463 -4.62 -2.51 -10.00
N ASN A 464 -5.46 -3.41 -10.68
CA ASN A 464 -6.19 -4.47 -9.91
C ASN A 464 -5.24 -5.35 -9.28
N PHE A 465 -4.13 -5.76 -9.98
CA PHE A 465 -3.19 -6.70 -9.51
C PHE A 465 -2.42 -6.02 -8.35
N GLU A 466 -2.17 -4.71 -8.41
CA GLU A 466 -1.52 -3.95 -7.40
C GLU A 466 -2.22 -4.02 -6.12
N LEU A 467 -3.59 -3.99 -6.08
CA LEU A 467 -4.40 -4.22 -4.92
C LEU A 467 -4.28 -5.55 -4.39
N GLU A 468 -4.32 -6.54 -5.33
CA GLU A 468 -4.21 -8.00 -5.15
C GLU A 468 -2.91 -8.46 -4.58
N ARG A 469 -1.77 -7.71 -4.87
CA ARG A 469 -0.43 -7.98 -4.56
C ARG A 469 -0.07 -7.68 -3.18
N GLN A 470 -0.93 -6.89 -2.48
CA GLN A 470 -0.65 -6.48 -1.14
C GLN A 470 -0.58 -7.68 -0.16
N SER A 471 0.52 -7.81 0.69
CA SER A 471 0.64 -8.91 1.59
C SER A 471 0.54 -8.36 3.03
N GLU A 472 0.87 -9.13 4.07
CA GLU A 472 0.90 -8.81 5.50
C GLU A 472 1.79 -7.47 5.68
N ASN A 473 1.34 -6.59 6.60
CA ASN A 473 1.80 -5.13 6.81
C ASN A 473 1.22 -4.35 5.70
N PRO A 474 0.73 -3.11 5.81
CA PRO A 474 0.23 -2.38 4.68
C PRO A 474 1.21 -2.02 3.62
N ASN A 475 2.52 -2.16 3.89
CA ASN A 475 3.51 -1.59 3.08
C ASN A 475 4.29 -2.77 2.65
N ASN A 476 4.44 -2.90 1.28
CA ASN A 476 5.00 -4.05 0.68
C ASN A 476 5.93 -3.61 -0.40
N LEU A 477 7.27 -4.04 -0.35
CA LEU A 477 8.23 -3.58 -1.37
C LEU A 477 7.91 -3.97 -2.78
N MET A 478 7.51 -5.20 -2.98
CA MET A 478 7.35 -5.81 -4.29
C MET A 478 6.22 -5.12 -5.00
N ARG A 479 5.16 -4.90 -4.24
CA ARG A 479 3.92 -4.34 -4.69
C ARG A 479 4.08 -2.90 -5.14
N GLN A 480 4.70 -2.06 -4.25
CA GLN A 480 4.82 -0.64 -4.24
C GLN A 480 5.75 -0.24 -5.32
N LEU A 481 7.01 -0.81 -5.41
CA LEU A 481 8.02 -0.25 -6.30
C LEU A 481 7.75 -0.69 -7.78
N LEU A 482 7.18 -1.88 -8.08
CA LEU A 482 7.13 -2.44 -9.41
C LEU A 482 5.94 -1.98 -10.12
N MET A 483 6.24 -1.48 -11.41
CA MET A 483 5.28 -1.08 -12.40
C MET A 483 5.87 -1.65 -13.64
N ILE A 484 4.96 -1.88 -14.59
CA ILE A 484 5.23 -2.27 -15.93
C ILE A 484 4.94 -1.04 -16.78
N GLN A 485 5.82 -0.80 -17.76
CA GLN A 485 5.79 0.24 -18.77
C GLN A 485 5.54 -0.34 -20.10
N PHE A 486 4.87 0.46 -20.95
CA PHE A 486 4.51 0.15 -22.32
C PHE A 486 4.96 1.32 -23.29
N ASP A 487 5.56 1.04 -24.46
CA ASP A 487 5.92 1.99 -25.49
C ASP A 487 5.11 1.75 -26.74
N THR A 488 3.92 1.08 -26.63
CA THR A 488 3.00 0.73 -27.78
C THR A 488 2.07 1.85 -28.15
N GLU A 489 2.52 2.67 -29.18
CA GLU A 489 1.86 3.87 -29.60
C GLU A 489 1.51 4.76 -28.40
N THR A 490 2.43 4.84 -27.41
CA THR A 490 2.18 5.60 -26.21
C THR A 490 3.61 5.94 -25.78
N LYS A 554 5.75 -1.72 -34.40
CA LYS A 554 6.65 -2.91 -34.55
C LYS A 554 6.18 -4.11 -33.74
N SER A 555 6.67 -4.34 -32.49
CA SER A 555 6.20 -5.41 -31.59
C SER A 555 5.88 -4.86 -30.25
N ALA A 556 4.70 -5.28 -29.70
CA ALA A 556 4.15 -4.92 -28.40
C ALA A 556 5.00 -5.35 -27.20
N ILE A 557 5.58 -6.61 -27.36
CA ILE A 557 6.55 -7.23 -26.47
C ILE A 557 7.79 -6.51 -26.33
N TYR A 558 8.41 -5.92 -27.44
CA TYR A 558 9.65 -5.15 -27.29
C TYR A 558 9.37 -3.97 -26.41
N HIS A 559 8.24 -3.31 -26.64
CA HIS A 559 7.79 -2.06 -26.10
C HIS A 559 7.45 -2.18 -24.65
N LEU A 560 7.23 -3.46 -24.14
CA LEU A 560 6.86 -3.70 -22.80
C LEU A 560 8.20 -3.62 -22.02
N LYS A 561 8.30 -2.94 -20.83
CA LYS A 561 9.56 -2.82 -20.04
C LYS A 561 9.09 -2.64 -18.58
N PHE A 562 9.98 -2.79 -17.56
CA PHE A 562 9.60 -2.76 -16.19
C PHE A 562 10.30 -1.63 -15.55
N ASP A 563 9.63 -0.95 -14.53
CA ASP A 563 10.17 0.16 -13.87
C ASP A 563 9.94 -0.05 -12.36
N ILE A 564 10.98 0.08 -11.47
CA ILE A 564 11.00 -0.11 -10.10
C ILE A 564 11.26 1.20 -9.39
N ASN A 565 10.48 1.60 -8.37
CA ASN A 565 10.79 2.89 -7.70
C ASN A 565 11.87 2.64 -6.70
N ILE A 566 12.51 3.72 -6.13
CA ILE A 566 13.65 3.69 -5.31
C ILE A 566 13.25 3.73 -3.84
N PRO A 567 13.81 2.87 -2.97
CA PRO A 567 13.57 2.83 -1.50
C PRO A 567 14.48 3.75 -0.79
N TYR A 568 14.00 4.58 0.16
CA TYR A 568 14.89 5.35 0.99
C TYR A 568 15.60 4.53 2.07
N PRO A 569 16.88 4.71 2.45
CA PRO A 569 17.91 5.63 1.85
C PRO A 569 18.84 4.60 1.14
N LEU A 570 18.28 3.33 1.04
CA LEU A 570 18.77 2.00 0.50
C LEU A 570 19.02 2.16 -0.98
N ASN A 571 18.36 3.15 -1.62
CA ASN A 571 18.36 3.35 -3.05
C ASN A 571 19.73 3.47 -3.63
N ILE A 572 20.74 3.97 -2.90
CA ILE A 572 22.11 4.15 -3.32
C ILE A 572 22.80 2.89 -3.76
N ILE A 573 22.59 1.75 -3.04
CA ILE A 573 23.03 0.32 -3.23
C ILE A 573 22.66 -0.12 -4.64
N ILE A 574 21.41 0.25 -5.06
CA ILE A 574 20.75 -0.13 -6.23
C ILE A 574 21.19 0.89 -7.26
N SER A 575 21.95 0.43 -8.31
CA SER A 575 22.51 1.27 -9.35
C SER A 575 21.59 1.15 -10.43
N ARG A 576 21.62 2.09 -11.36
CA ARG A 576 20.80 2.06 -12.54
C ARG A 576 21.13 0.85 -13.41
N THR A 577 22.43 0.50 -13.49
CA THR A 577 22.82 -0.59 -14.31
C THR A 577 22.27 -1.96 -13.90
N CYS A 578 22.21 -2.25 -12.58
CA CYS A 578 21.53 -3.48 -12.23
C CYS A 578 20.04 -3.61 -12.52
N MET A 579 19.29 -2.53 -12.23
CA MET A 579 17.89 -2.48 -12.47
C MET A 579 17.56 -2.58 -13.92
N ILE A 580 18.32 -1.97 -14.83
CA ILE A 580 18.16 -2.16 -16.25
C ILE A 580 18.45 -3.54 -16.75
N LYS A 581 19.49 -4.26 -16.19
CA LYS A 581 19.83 -5.55 -16.49
C LYS A 581 18.65 -6.44 -16.09
N TYR A 582 18.07 -6.32 -14.84
CA TYR A 582 16.96 -7.11 -14.49
C TYR A 582 15.67 -6.98 -15.34
N GLN A 583 15.31 -5.76 -15.76
CA GLN A 583 14.07 -5.58 -16.49
C GLN A 583 14.13 -6.25 -17.82
N ILE A 584 15.31 -6.32 -18.49
CA ILE A 584 15.43 -7.08 -19.67
C ILE A 584 15.31 -8.51 -19.44
N ILE A 585 15.93 -9.09 -18.35
CA ILE A 585 15.82 -10.57 -18.18
C ILE A 585 14.45 -11.05 -17.95
N LEU A 586 13.67 -10.22 -17.16
CA LEU A 586 12.26 -10.42 -16.88
C LEU A 586 11.53 -10.45 -18.19
N ARG A 587 11.93 -9.50 -19.08
CA ARG A 587 11.24 -9.37 -20.37
C ARG A 587 11.30 -10.58 -21.29
N TYR A 588 12.48 -11.24 -21.40
CA TYR A 588 12.65 -12.44 -22.12
C TYR A 588 11.95 -13.58 -21.50
N GLN A 589 12.00 -13.74 -20.09
CA GLN A 589 11.44 -14.79 -19.29
C GLN A 589 10.00 -14.76 -19.47
N LEU A 590 9.43 -13.53 -19.44
CA LEU A 590 8.05 -13.33 -19.62
C LEU A 590 7.51 -13.78 -20.95
N VAL A 591 8.29 -13.46 -22.02
CA VAL A 591 7.98 -13.74 -23.38
C VAL A 591 7.91 -15.18 -23.68
N LEU A 592 8.83 -15.88 -23.06
CA LEU A 592 8.97 -17.27 -23.21
C LEU A 592 7.78 -17.91 -22.69
N GLN A 593 7.30 -17.51 -21.45
CA GLN A 593 6.19 -18.05 -20.74
C GLN A 593 4.98 -17.75 -21.48
N TYR A 594 4.90 -16.54 -22.16
CA TYR A 594 3.64 -16.03 -22.81
C TYR A 594 3.33 -17.05 -23.95
N HIS A 595 4.44 -17.37 -24.66
CA HIS A 595 4.32 -18.35 -25.72
C HIS A 595 3.96 -19.70 -25.16
N SER A 596 4.50 -20.09 -23.98
CA SER A 596 4.21 -21.44 -23.51
C SER A 596 2.80 -21.62 -23.26
N ARG A 597 2.19 -20.64 -22.64
CA ARG A 597 0.78 -20.69 -22.24
C ARG A 597 -0.12 -20.82 -23.49
N LEU A 598 0.34 -20.05 -24.51
CA LEU A 598 -0.40 -19.95 -25.80
C LEU A 598 -0.46 -21.23 -26.54
N LEU A 599 0.68 -21.96 -26.55
CA LEU A 599 0.73 -23.32 -27.01
C LEU A 599 -0.11 -24.28 -26.15
N ASP A 600 -0.09 -24.27 -24.75
CA ASP A 600 -0.83 -25.20 -23.94
C ASP A 600 -2.36 -25.17 -24.12
N GLU A 601 -2.98 -24.04 -24.21
CA GLU A 601 -4.34 -23.88 -24.39
C GLU A 601 -4.89 -24.42 -25.67
N THR A 602 -4.10 -24.20 -26.75
CA THR A 602 -4.36 -24.65 -28.11
C THR A 602 -4.36 -26.15 -28.21
N TRP A 603 -3.38 -26.81 -27.58
CA TRP A 603 -3.11 -28.27 -27.50
C TRP A 603 -4.21 -28.92 -26.70
N MET A 604 -4.71 -28.32 -25.60
CA MET A 604 -5.93 -28.86 -24.90
C MET A 604 -7.16 -28.93 -25.80
N ASP A 605 -7.38 -27.87 -26.61
CA ASP A 605 -8.48 -27.83 -27.51
C ASP A 605 -8.50 -28.92 -28.63
N LEU A 606 -7.31 -29.25 -29.21
CA LEU A 606 -7.08 -30.19 -30.30
C LEU A 606 -7.37 -31.59 -30.02
N ASN A 607 -7.21 -31.99 -28.74
CA ASN A 607 -7.56 -33.28 -28.11
C ASN A 607 -9.04 -33.47 -28.08
N LYS A 608 -9.82 -32.33 -28.10
CA LYS A 608 -11.26 -32.50 -28.08
C LYS A 608 -11.79 -32.51 -29.54
N THR A 609 -12.71 -31.57 -29.78
CA THR A 609 -13.50 -31.42 -30.97
C THR A 609 -12.81 -31.18 -32.27
N PRO A 610 -11.72 -30.35 -32.55
CA PRO A 610 -11.30 -30.11 -33.92
C PRO A 610 -10.83 -31.38 -34.68
N SER A 611 -10.28 -32.38 -33.93
CA SER A 611 -9.65 -33.58 -34.54
C SER A 611 -10.71 -34.57 -34.95
N TRP A 612 -11.95 -34.44 -34.32
CA TRP A 612 -12.92 -35.49 -34.53
C TRP A 612 -13.59 -35.43 -35.91
N LYS A 613 -13.57 -36.68 -36.58
CA LYS A 613 -14.10 -37.08 -37.85
C LYS A 613 -15.49 -36.70 -38.14
N TYR A 614 -15.54 -36.25 -39.48
CA TYR A 614 -16.64 -35.90 -40.25
C TYR A 614 -17.29 -37.15 -40.92
N ARG A 623 -6.10 -34.96 -42.83
CA ARG A 623 -6.01 -36.33 -42.32
C ARG A 623 -4.55 -36.51 -41.94
N ARG A 624 -3.72 -36.55 -42.98
CA ARG A 624 -2.27 -36.78 -42.82
C ARG A 624 -1.69 -35.49 -42.07
N ILE A 625 -2.20 -34.34 -42.47
CA ILE A 625 -1.77 -33.09 -41.91
C ILE A 625 -1.99 -32.92 -40.41
N VAL A 626 -3.16 -33.51 -39.94
CA VAL A 626 -3.61 -33.63 -38.62
C VAL A 626 -2.61 -34.34 -37.74
N ARG A 627 -2.11 -35.53 -38.25
CA ARG A 627 -1.17 -36.33 -37.52
C ARG A 627 0.14 -35.54 -37.40
N ALA A 628 0.60 -34.75 -38.42
CA ALA A 628 1.80 -33.94 -38.46
C ALA A 628 1.72 -32.87 -37.44
N THR A 629 0.57 -32.14 -37.27
CA THR A 629 0.39 -31.05 -36.29
C THR A 629 0.57 -31.57 -34.97
N ARG A 630 0.08 -32.83 -34.63
CA ARG A 630 0.26 -33.41 -33.26
C ARG A 630 1.72 -33.59 -32.90
N VAL A 631 2.50 -34.14 -33.86
CA VAL A 631 3.92 -34.31 -33.56
C VAL A 631 4.64 -32.99 -33.40
N LEU A 632 4.43 -32.05 -34.34
CA LEU A 632 5.12 -30.83 -34.39
C LEU A 632 4.93 -29.96 -33.19
N HIS A 633 3.72 -29.89 -32.67
CA HIS A 633 3.42 -29.23 -31.43
C HIS A 633 4.20 -29.84 -30.24
N ALA A 634 4.16 -31.17 -30.24
CA ALA A 634 4.74 -32.05 -29.19
C ALA A 634 6.22 -31.88 -29.09
N LYS A 635 6.84 -31.83 -30.25
CA LYS A 635 8.28 -31.62 -30.48
C LYS A 635 8.71 -30.26 -30.00
N MET A 636 7.82 -29.26 -30.37
CA MET A 636 8.05 -27.90 -30.06
C MET A 636 8.04 -27.72 -28.60
N ASN A 637 7.13 -28.49 -27.89
CA ASN A 637 6.99 -28.46 -26.42
C ASN A 637 8.25 -28.97 -25.78
N HIS A 638 8.89 -30.04 -26.41
CA HIS A 638 10.05 -30.64 -25.80
C HIS A 638 11.13 -29.70 -25.72
N PHE A 639 11.27 -29.03 -26.95
CA PHE A 639 12.35 -28.04 -27.19
C PHE A 639 12.20 -26.84 -26.26
N ILE A 640 10.92 -26.22 -26.09
CA ILE A 640 10.68 -25.05 -25.22
C ILE A 640 10.99 -25.41 -23.80
N LYS A 641 10.58 -26.64 -23.39
CA LYS A 641 10.81 -27.19 -22.09
C LYS A 641 12.23 -27.28 -21.76
N THR A 642 13.11 -27.68 -22.67
CA THR A 642 14.56 -27.83 -22.54
C THR A 642 15.21 -26.49 -22.37
N ILE A 643 14.65 -25.50 -23.16
CA ILE A 643 15.12 -24.12 -22.98
C ILE A 643 14.82 -23.64 -21.56
N MET A 644 13.67 -23.91 -21.00
CA MET A 644 13.39 -23.51 -19.64
C MET A 644 14.32 -24.25 -18.62
N GLU A 645 14.67 -25.63 -18.84
CA GLU A 645 15.56 -26.41 -17.99
C GLU A 645 16.99 -25.81 -17.98
N TYR A 646 17.53 -25.53 -19.14
CA TYR A 646 18.84 -24.98 -19.30
C TYR A 646 18.76 -23.55 -18.72
N PHE A 647 17.75 -22.67 -18.94
CA PHE A 647 17.73 -21.31 -18.40
C PHE A 647 17.83 -21.34 -16.89
N ASN A 648 17.03 -22.23 -16.29
CA ASN A 648 17.01 -22.32 -14.86
C ASN A 648 18.31 -22.86 -14.30
N GLN A 649 18.76 -23.97 -14.93
CA GLN A 649 19.92 -24.70 -14.39
C GLN A 649 21.19 -24.01 -14.52
N ASN A 650 21.50 -23.63 -15.78
CA ASN A 650 22.79 -23.11 -16.14
C ASN A 650 22.95 -21.70 -15.62
N VAL A 651 21.85 -20.97 -15.38
CA VAL A 651 21.86 -19.55 -15.02
C VAL A 651 21.52 -19.35 -13.65
N ILE A 652 20.20 -19.34 -13.37
CA ILE A 652 19.57 -18.86 -12.21
C ILE A 652 20.01 -19.59 -10.99
N ASP A 653 19.95 -20.99 -10.91
CA ASP A 653 20.17 -21.78 -9.70
C ASP A 653 21.58 -21.69 -9.26
N LYS A 654 22.48 -21.67 -10.29
CA LYS A 654 23.93 -21.46 -10.01
C LYS A 654 24.22 -20.10 -9.40
N GLU A 655 23.65 -18.99 -10.00
CA GLU A 655 23.83 -17.67 -9.32
C GLU A 655 23.14 -17.52 -7.99
N VAL A 656 21.85 -18.00 -7.79
CA VAL A 656 21.24 -17.77 -6.54
C VAL A 656 21.89 -18.41 -5.28
N TYR A 657 22.37 -19.62 -5.53
CA TYR A 657 23.13 -20.43 -4.53
C TYR A 657 24.39 -19.66 -4.15
N SER A 658 25.11 -19.10 -5.19
CA SER A 658 26.35 -18.38 -4.87
C SER A 658 26.21 -17.13 -4.05
N LEU A 659 25.18 -16.42 -4.26
CA LEU A 659 24.73 -15.28 -3.48
C LEU A 659 24.47 -15.69 -2.07
N GLU A 660 23.77 -16.83 -1.82
CA GLU A 660 23.46 -17.19 -0.51
C GLU A 660 24.69 -17.52 0.28
N LYS A 661 25.70 -18.24 -0.29
CA LYS A 661 26.91 -18.46 0.45
C LYS A 661 27.67 -17.24 0.77
N CYS A 662 27.83 -16.33 -0.26
CA CYS A 662 28.62 -15.20 -0.19
C CYS A 662 28.13 -14.22 0.91
N TYR A 663 26.78 -14.01 1.11
CA TYR A 663 26.32 -13.26 2.21
C TYR A 663 26.71 -13.93 3.47
N ARG A 664 26.53 -15.31 3.54
CA ARG A 664 26.75 -16.02 4.73
C ARG A 664 28.13 -16.15 5.26
N ASN A 665 29.11 -16.41 4.41
CA ASN A 665 30.42 -16.77 4.90
C ASN A 665 31.16 -15.64 5.69
N PRO A 666 31.35 -14.43 5.21
CA PRO A 666 32.06 -13.42 6.00
C PRO A 666 30.90 -12.66 6.51
N THR A 667 30.98 -11.30 6.32
CA THR A 667 30.00 -10.30 6.68
C THR A 667 30.35 -9.01 6.01
N LEU A 668 31.41 -9.12 5.14
CA LEU A 668 32.00 -8.03 4.37
C LEU A 668 30.95 -7.64 3.37
N ALA A 669 30.54 -6.35 3.38
CA ALA A 669 29.50 -5.81 2.46
C ALA A 669 29.95 -5.87 1.06
N VAL A 670 31.24 -5.64 0.85
CA VAL A 670 31.94 -5.55 -0.43
C VAL A 670 31.80 -6.88 -1.18
N ALA A 671 31.84 -8.02 -0.41
CA ALA A 671 31.64 -9.35 -0.96
C ALA A 671 30.28 -9.53 -1.55
N ILE A 672 29.18 -9.00 -0.96
CA ILE A 672 27.87 -9.01 -1.61
C ILE A 672 27.80 -8.15 -2.83
N GLN A 673 28.36 -6.96 -2.77
CA GLN A 673 28.35 -5.97 -3.82
C GLN A 673 28.99 -6.55 -5.03
N ASN A 674 30.06 -7.31 -4.77
CA ASN A 674 30.84 -8.08 -5.71
C ASN A 674 29.99 -9.07 -6.39
N GLU A 675 29.19 -9.86 -5.67
CA GLU A 675 28.30 -10.94 -6.17
C GLU A 675 27.19 -10.35 -7.00
N LEU A 676 26.62 -9.18 -6.62
CA LEU A 676 25.57 -8.53 -7.39
C LEU A 676 26.06 -8.11 -8.76
N GLU A 677 27.31 -7.58 -8.78
CA GLU A 677 27.99 -7.30 -10.08
C GLU A 677 28.25 -8.54 -10.91
N GLY A 678 28.70 -9.66 -10.25
CA GLY A 678 29.10 -10.93 -10.92
C GLY A 678 27.88 -11.46 -11.59
N GLY A 679 26.73 -11.38 -10.89
CA GLY A 679 25.43 -11.92 -11.28
C GLY A 679 25.00 -11.24 -12.57
N LEU A 680 25.15 -9.89 -12.66
CA LEU A 680 24.79 -9.03 -13.73
C LEU A 680 25.71 -9.45 -14.86
N THR A 681 27.00 -9.80 -14.68
CA THR A 681 28.06 -10.22 -15.62
C THR A 681 27.70 -11.48 -16.25
N ASN A 682 27.09 -12.38 -15.49
CA ASN A 682 26.61 -13.66 -15.95
C ASN A 682 25.59 -13.60 -16.98
N ILE A 683 24.64 -12.67 -16.74
CA ILE A 683 23.54 -12.28 -17.60
C ILE A 683 24.07 -11.70 -18.87
N MET A 684 25.19 -10.89 -18.73
CA MET A 684 25.77 -10.32 -19.92
C MET A 684 26.31 -11.43 -20.78
N THR A 685 26.98 -12.47 -20.20
CA THR A 685 27.59 -13.61 -20.84
C THR A 685 26.54 -14.39 -21.50
N ASN A 686 25.38 -14.54 -20.79
CA ASN A 686 24.18 -15.25 -21.23
C ASN A 686 23.54 -14.59 -22.45
N ARG A 687 23.58 -13.22 -22.59
CA ARG A 687 23.13 -12.43 -23.73
C ARG A 687 23.94 -13.04 -24.85
N CYS A 688 25.28 -13.12 -24.69
CA CYS A 688 26.28 -13.43 -25.72
C CYS A 688 26.16 -14.90 -26.19
N LEU A 689 26.00 -15.81 -25.15
CA LEU A 689 25.96 -17.26 -25.35
C LEU A 689 24.71 -17.59 -26.17
N SER A 690 23.53 -16.95 -25.93
CA SER A 690 22.29 -17.37 -26.47
C SER A 690 21.62 -16.25 -27.27
N ASP A 691 21.25 -16.48 -28.57
CA ASP A 691 20.54 -15.49 -29.36
C ASP A 691 19.56 -16.37 -30.10
N LEU A 692 18.73 -17.20 -29.31
CA LEU A 692 17.75 -18.13 -29.73
C LEU A 692 16.60 -17.35 -30.38
N ILE A 693 16.27 -16.20 -29.78
CA ILE A 693 15.12 -15.40 -29.92
C ILE A 693 14.97 -14.83 -31.29
N PRO A 694 15.79 -14.31 -32.18
CA PRO A 694 15.21 -13.89 -33.47
C PRO A 694 14.64 -15.03 -34.35
N LEU A 695 15.34 -16.17 -34.29
CA LEU A 695 14.89 -17.32 -35.08
C LEU A 695 13.55 -17.83 -34.58
N GLN A 696 13.52 -17.94 -33.18
CA GLN A 696 12.42 -18.40 -32.36
C GLN A 696 11.21 -17.44 -32.47
N LEU A 697 11.31 -16.08 -32.56
CA LEU A 697 10.29 -15.13 -32.71
C LEU A 697 9.61 -15.44 -34.08
N GLN A 698 10.45 -15.73 -35.14
CA GLN A 698 9.77 -16.06 -36.37
C GLN A 698 8.97 -17.31 -36.41
N ILE A 699 9.53 -18.40 -35.78
CA ILE A 699 8.84 -19.67 -35.70
C ILE A 699 7.58 -19.37 -34.91
N PHE A 700 7.53 -18.56 -33.84
CA PHE A 700 6.38 -18.33 -33.06
C PHE A 700 5.26 -17.71 -33.81
N ASP A 701 5.56 -16.70 -34.75
CA ASP A 701 4.49 -16.04 -35.51
C ASP A 701 3.80 -17.08 -36.40
N ILE A 702 4.57 -17.99 -36.97
CA ILE A 702 4.09 -19.02 -37.83
C ILE A 702 3.13 -19.88 -37.03
N VAL A 703 3.55 -20.22 -35.80
CA VAL A 703 2.78 -21.09 -34.90
C VAL A 703 1.47 -20.43 -34.55
N TYR A 704 1.47 -19.07 -34.28
CA TYR A 704 0.34 -18.23 -33.82
C TYR A 704 -0.68 -18.28 -34.91
N LYS A 705 -0.21 -18.19 -36.17
CA LYS A 705 -1.06 -18.27 -37.39
C LYS A 705 -1.69 -19.64 -37.41
N PHE A 706 -0.86 -20.65 -37.10
CA PHE A 706 -1.28 -22.02 -37.04
C PHE A 706 -2.37 -22.19 -36.00
N CYS A 707 -2.15 -21.62 -34.81
CA CYS A 707 -3.03 -21.62 -33.67
C CYS A 707 -4.31 -20.97 -33.99
N LYS A 708 -4.40 -19.83 -34.75
CA LYS A 708 -5.65 -19.23 -35.13
C LYS A 708 -6.39 -20.14 -36.04
N PHE A 709 -5.72 -20.84 -37.02
CA PHE A 709 -6.28 -21.73 -37.96
C PHE A 709 -6.92 -22.91 -37.29
N ILE A 710 -6.20 -23.52 -36.35
CA ILE A 710 -6.56 -24.76 -35.66
C ILE A 710 -7.89 -24.48 -34.90
N LYS A 711 -8.09 -23.27 -34.31
CA LYS A 711 -9.36 -23.03 -33.64
C LYS A 711 -10.55 -23.15 -34.54
N SER A 712 -10.44 -22.91 -35.85
CA SER A 712 -11.64 -22.90 -36.74
C SER A 712 -12.49 -24.16 -36.90
N MET A 713 -11.89 -25.31 -36.59
CA MET A 713 -12.49 -26.67 -36.69
C MET A 713 -13.09 -27.00 -38.03
N ARG A 714 -14.09 -27.95 -38.04
CA ARG A 714 -14.75 -28.34 -39.29
C ARG A 714 -15.65 -27.15 -39.79
N GLU A 754 -11.53 -26.49 -48.65
CA GLU A 754 -11.45 -27.77 -49.40
C GLU A 754 -10.39 -27.59 -50.51
N ASP A 755 -10.71 -26.82 -51.55
CA ASP A 755 -9.83 -26.35 -52.54
C ASP A 755 -8.87 -25.41 -51.88
N ALA A 756 -9.46 -24.53 -51.01
CA ALA A 756 -8.82 -23.39 -50.29
C ALA A 756 -7.85 -24.03 -49.36
N ALA A 757 -8.34 -25.17 -48.76
CA ALA A 757 -7.68 -25.98 -47.76
C ALA A 757 -6.40 -26.57 -48.29
N LEU A 758 -6.33 -27.06 -49.56
CA LEU A 758 -5.16 -27.65 -50.16
C LEU A 758 -4.04 -26.72 -50.30
N GLU A 759 -4.33 -25.50 -50.65
CA GLU A 759 -3.35 -24.46 -50.68
C GLU A 759 -2.91 -24.12 -49.28
N LEU A 760 -3.85 -23.98 -48.29
CA LEU A 760 -3.33 -23.67 -46.99
C LEU A 760 -2.39 -24.75 -46.40
N ILE A 761 -2.81 -26.04 -46.54
CA ILE A 761 -1.96 -27.18 -46.04
C ILE A 761 -0.60 -27.28 -46.72
N GLN A 762 -0.54 -27.00 -48.02
CA GLN A 762 0.75 -27.12 -48.73
C GLN A 762 1.74 -26.17 -48.18
N LYS A 763 1.26 -24.86 -47.94
CA LYS A 763 2.15 -23.83 -47.37
C LYS A 763 2.63 -24.19 -45.95
N LEU A 764 1.74 -24.69 -45.15
CA LEU A 764 2.07 -25.12 -43.79
C LEU A 764 3.02 -26.27 -43.79
N ILE A 765 2.98 -27.30 -44.61
CA ILE A 765 3.88 -28.36 -44.63
C ILE A 765 5.32 -28.00 -45.04
N GLU A 766 5.55 -27.11 -46.03
CA GLU A 766 6.86 -26.66 -46.34
C GLU A 766 7.49 -25.84 -45.23
N TYR A 767 6.64 -25.02 -44.58
CA TYR A 767 7.02 -24.19 -43.39
C TYR A 767 7.40 -25.06 -42.25
N ILE A 768 6.57 -26.13 -42.01
CA ILE A 768 6.68 -27.10 -40.94
C ILE A 768 8.00 -27.82 -41.09
N SER A 769 8.36 -28.19 -42.30
CA SER A 769 9.59 -28.85 -42.69
C SER A 769 10.76 -28.01 -42.45
N ASN A 770 10.70 -26.69 -42.78
CA ASN A 770 11.84 -25.81 -42.41
C ASN A 770 12.02 -25.67 -40.92
N ALA A 771 10.91 -25.45 -40.19
CA ALA A 771 10.87 -25.33 -38.75
C ALA A 771 11.32 -26.60 -38.09
N SER A 772 10.96 -27.79 -38.63
CA SER A 772 11.36 -29.10 -38.20
C SER A 772 12.85 -29.25 -38.34
N SER A 773 13.42 -28.80 -39.44
CA SER A 773 14.82 -29.00 -39.72
C SER A 773 15.67 -28.22 -38.64
N ILE A 774 15.15 -26.95 -38.35
CA ILE A 774 15.82 -26.06 -37.39
C ILE A 774 15.82 -26.70 -36.02
N PHE A 775 14.69 -27.36 -35.55
CA PHE A 775 14.57 -28.10 -34.26
C PHE A 775 15.63 -29.21 -34.24
N ARG A 776 15.85 -29.98 -35.35
CA ARG A 776 16.91 -30.95 -35.30
C ARG A 776 18.28 -30.28 -35.06
N LYS A 777 18.58 -29.20 -35.75
CA LYS A 777 19.75 -28.46 -35.71
C LYS A 777 20.05 -27.79 -34.38
N CYS A 778 19.07 -27.19 -33.65
CA CYS A 778 19.36 -26.60 -32.36
C CYS A 778 19.83 -27.58 -31.24
N LEU A 779 19.42 -28.85 -31.30
CA LEU A 779 19.80 -29.87 -30.30
C LEU A 779 21.37 -30.12 -30.27
N ILE A 780 21.86 -30.05 -31.53
CA ILE A 780 23.20 -30.19 -32.00
C ILE A 780 23.99 -29.03 -31.38
N ASN A 781 23.47 -27.77 -31.28
CA ASN A 781 24.22 -26.61 -30.79
C ASN A 781 24.84 -26.67 -29.44
N PHE A 782 24.13 -27.30 -28.41
CA PHE A 782 24.61 -27.52 -27.03
C PHE A 782 25.84 -28.38 -27.14
N THR A 783 25.85 -29.38 -28.04
CA THR A 783 26.88 -30.35 -28.36
C THR A 783 28.12 -29.70 -28.99
N GLN A 784 27.88 -28.85 -30.06
CA GLN A 784 28.97 -28.44 -30.92
C GLN A 784 29.88 -27.54 -30.21
N GLU A 785 29.25 -26.75 -29.28
CA GLU A 785 29.71 -25.60 -28.54
C GLU A 785 29.93 -24.58 -29.65
N LEU A 786 28.97 -24.52 -30.56
CA LEU A 786 28.96 -23.59 -31.69
C LEU A 786 27.54 -23.65 -32.11
N SER A 787 27.15 -22.63 -32.93
CA SER A 787 25.82 -22.51 -33.50
C SER A 787 25.89 -22.07 -34.98
N THR A 788 26.80 -22.60 -35.79
CA THR A 788 26.92 -22.21 -37.17
C THR A 788 25.82 -22.76 -37.98
N GLU A 789 25.40 -24.03 -37.65
CA GLU A 789 24.29 -24.63 -38.35
C GLU A 789 23.04 -23.86 -38.22
N LYS A 790 22.73 -23.30 -36.97
CA LYS A 790 21.63 -22.47 -36.64
C LYS A 790 21.82 -21.13 -37.45
N PHE A 791 23.06 -20.61 -37.69
CA PHE A 791 23.27 -19.38 -38.37
C PHE A 791 22.64 -19.42 -39.72
N ASP A 792 22.95 -20.45 -40.51
CA ASP A 792 22.40 -20.56 -41.87
C ASP A 792 20.95 -20.74 -41.81
N PHE A 793 20.48 -21.54 -40.81
CA PHE A 793 19.09 -21.83 -40.62
C PHE A 793 18.36 -20.47 -40.33
N TYR A 794 18.95 -19.57 -39.53
CA TYR A 794 18.46 -18.28 -39.09
C TYR A 794 18.36 -17.42 -40.30
N ASP A 795 19.36 -17.42 -41.28
CA ASP A 795 19.30 -16.79 -42.58
C ASP A 795 18.20 -17.34 -43.43
N SER A 796 18.06 -18.66 -43.46
CA SER A 796 16.93 -19.30 -44.08
C SER A 796 15.77 -19.02 -43.21
N SER A 797 14.54 -19.28 -43.75
CA SER A 797 13.30 -18.84 -43.20
C SER A 797 13.03 -17.34 -43.33
N SER A 798 14.11 -16.50 -43.48
CA SER A 798 13.87 -15.16 -43.99
C SER A 798 13.50 -15.40 -45.49
N VAL A 799 14.37 -16.11 -46.25
CA VAL A 799 14.16 -16.45 -47.63
C VAL A 799 13.06 -17.44 -47.85
N ASP A 800 12.98 -18.49 -46.95
CA ASP A 800 11.97 -19.51 -47.05
C ASP A 800 10.66 -19.09 -46.28
N PRO B 180 62.44 66.13 26.18
CA PRO B 180 61.94 65.12 25.30
C PRO B 180 61.37 64.01 26.10
N GLU B 181 62.16 63.37 26.99
CA GLU B 181 61.76 62.16 27.71
C GLU B 181 60.63 62.48 28.56
N GLU B 182 60.60 63.63 29.30
CA GLU B 182 59.48 64.09 30.14
C GLU B 182 58.24 64.41 29.35
N ASP B 183 58.47 65.09 28.23
CA ASP B 183 57.42 65.57 27.31
C ASP B 183 56.68 64.39 26.75
N ILE B 184 57.42 63.33 26.27
CA ILE B 184 56.89 62.10 25.73
C ILE B 184 56.15 61.41 26.84
N LEU B 185 56.61 61.38 28.13
CA LEU B 185 55.84 60.72 29.20
C LEU B 185 54.50 61.31 29.31
N LYS B 186 54.34 62.68 29.27
CA LYS B 186 53.05 63.37 29.32
C LYS B 186 52.07 63.06 28.26
N TYR B 187 52.66 63.15 27.05
CA TYR B 187 52.00 62.91 25.81
C TYR B 187 51.60 61.46 25.68
N VAL B 188 52.47 60.48 26.02
CA VAL B 188 52.24 59.04 25.91
C VAL B 188 51.10 58.72 26.88
N SER B 189 51.13 59.35 28.05
CA SER B 189 50.02 59.13 28.99
C SER B 189 48.77 59.67 28.49
N TYR B 190 48.82 60.82 27.74
CA TYR B 190 47.64 61.38 27.13
C TYR B 190 47.05 60.49 26.07
N THR B 191 47.90 59.86 25.26
CA THR B 191 47.46 58.95 24.23
C THR B 191 46.83 57.69 24.81
N LEU B 192 47.45 57.25 25.89
CA LEU B 192 46.94 56.08 26.53
C LEU B 192 45.55 56.31 27.13
N LEU B 193 45.24 57.56 27.49
CA LEU B 193 43.87 57.98 27.84
C LEU B 193 42.95 58.17 26.63
N ALA B 194 43.60 58.09 25.39
CA ALA B 194 43.01 58.23 24.11
C ALA B 194 42.42 59.62 23.92
N THR B 195 43.28 60.61 24.28
CA THR B 195 42.95 62.00 24.23
C THR B 195 44.04 62.75 23.52
N THR B 196 43.70 63.95 23.00
CA THR B 196 44.57 64.95 22.45
C THR B 196 45.90 65.14 23.06
N SER B 197 46.83 65.84 22.43
CA SER B 197 48.10 66.17 22.83
C SER B 197 48.37 67.47 22.08
N ALA B 198 49.33 68.27 22.56
CA ALA B 198 49.57 69.56 21.94
C ALA B 198 50.36 69.51 20.63
N LEU B 199 51.04 68.43 20.45
CA LEU B 199 51.87 68.25 19.27
C LEU B 199 51.04 68.02 18.06
N PHE B 200 50.11 67.05 18.22
CA PHE B 200 49.04 66.85 17.38
C PHE B 200 47.75 67.01 18.15
N PRO B 201 47.03 68.07 18.03
CA PRO B 201 45.74 68.20 18.69
C PRO B 201 44.77 67.22 18.09
N PHE B 202 43.87 66.72 18.86
CA PHE B 202 42.99 65.61 18.44
C PHE B 202 41.64 66.26 18.22
N ASP B 203 41.29 66.51 16.92
CA ASP B 203 40.06 66.96 16.49
C ASP B 203 39.15 65.78 16.51
N HIS B 204 37.82 66.03 16.45
CA HIS B 204 36.86 65.00 16.26
C HIS B 204 37.03 64.22 14.95
N GLU B 205 37.71 64.82 13.92
CA GLU B 205 38.15 64.12 12.73
C GLU B 205 39.30 63.17 12.98
N GLN B 206 40.46 63.65 13.52
CA GLN B 206 41.68 62.86 13.57
C GLN B 206 42.71 63.75 14.20
N ILE B 207 43.93 63.17 14.48
CA ILE B 207 44.94 63.87 15.17
C ILE B 207 45.70 64.62 14.09
N GLN B 208 46.04 65.95 14.31
CA GLN B 208 46.51 66.73 13.19
C GLN B 208 47.98 66.99 13.29
N ILE B 209 48.63 66.67 12.15
CA ILE B 209 50.02 66.78 11.86
C ILE B 209 50.55 68.14 11.72
N PRO B 210 51.70 68.46 12.24
CA PRO B 210 52.20 69.83 12.10
C PRO B 210 53.45 69.69 11.22
N SER B 211 54.59 70.14 11.61
CA SER B 211 55.81 70.03 10.83
C SER B 211 56.95 70.33 11.74
N LYS B 212 56.61 70.74 12.99
CA LYS B 212 57.44 71.09 14.07
C LYS B 212 58.29 69.98 14.58
N ILE B 213 57.70 68.78 14.82
CA ILE B 213 58.42 67.80 15.54
C ILE B 213 59.36 67.04 14.62
N PRO B 214 60.53 66.48 15.01
CA PRO B 214 61.53 65.92 14.17
C PRO B 214 61.04 64.87 13.17
N ASN B 215 61.69 64.77 12.03
CA ASN B 215 61.38 64.04 10.84
C ASN B 215 61.19 62.55 11.23
N PHE B 216 62.17 61.85 11.86
CA PHE B 216 62.13 60.42 11.99
C PHE B 216 61.33 59.95 13.21
N GLU B 217 61.08 60.90 14.15
CA GLU B 217 60.27 60.65 15.33
C GLU B 217 58.87 60.30 14.93
N SER B 218 58.43 61.00 13.87
CA SER B 218 57.14 61.09 13.36
C SER B 218 56.69 59.72 12.85
N GLY B 219 57.60 58.81 12.33
CA GLY B 219 57.14 57.47 11.85
C GLY B 219 56.48 56.57 12.97
N LEU B 220 57.02 56.45 14.20
CA LEU B 220 56.42 55.70 15.32
C LEU B 220 55.14 56.34 15.70
N LEU B 221 55.16 57.70 15.67
CA LEU B 221 54.05 58.50 15.94
C LEU B 221 52.90 58.21 14.94
N HIS B 222 53.26 57.96 13.69
CA HIS B 222 52.42 57.70 12.53
C HIS B 222 51.66 56.36 12.85
N LEU B 223 52.43 55.33 13.37
CA LEU B 223 51.84 54.01 13.67
C LEU B 223 50.76 54.04 14.87
N ILE B 224 51.09 54.77 15.88
CA ILE B 224 50.17 55.06 16.93
C ILE B 224 48.97 55.91 16.55
N PHE B 225 49.23 56.82 15.53
CA PHE B 225 48.21 57.77 15.13
C PHE B 225 46.99 57.12 14.55
N GLU B 226 47.18 55.96 13.82
CA GLU B 226 46.05 55.19 13.45
C GLU B 226 45.27 54.56 14.66
N ALA B 227 45.99 54.00 15.64
CA ALA B 227 45.39 53.33 16.76
C ALA B 227 44.47 54.18 17.60
N GLY B 228 44.83 55.44 17.93
CA GLY B 228 44.13 56.44 18.74
C GLY B 228 42.88 56.91 18.00
N LEU B 229 42.92 57.02 16.70
CA LEU B 229 41.79 57.39 15.80
C LEU B 229 40.74 56.30 15.92
N LEU B 230 41.23 55.01 15.94
CA LEU B 230 40.39 53.83 16.08
C LEU B 230 39.66 53.87 17.41
N TYR B 231 40.33 54.18 18.52
CA TYR B 231 39.68 54.16 19.86
C TYR B 231 38.52 55.13 19.97
N GLN B 232 38.70 56.33 19.43
CA GLN B 232 37.71 57.35 19.37
C GLN B 232 36.59 56.96 18.44
N SER B 233 36.92 56.29 17.29
CA SER B 233 35.87 55.91 16.36
C SER B 233 34.85 54.87 16.91
N LEU B 234 35.47 53.84 17.52
CA LEU B 234 34.76 52.78 18.23
C LEU B 234 33.92 53.32 19.39
N GLY B 235 34.50 54.23 20.16
CA GLY B 235 33.81 54.81 21.30
C GLY B 235 32.57 55.52 20.83
N TYR B 236 32.68 56.18 19.64
CA TYR B 236 31.44 56.79 19.00
C TYR B 236 30.41 55.78 18.60
N LYS B 237 30.87 54.66 17.99
CA LYS B 237 30.00 53.59 17.51
C LYS B 237 29.23 52.94 18.65
N VAL B 238 29.92 52.58 19.79
CA VAL B 238 29.31 52.00 20.96
C VAL B 238 28.27 53.00 21.48
N GLU B 239 28.59 54.32 21.51
CA GLU B 239 27.61 55.21 22.08
C GLU B 239 26.36 55.24 21.28
N LYS B 240 26.38 55.28 19.94
CA LYS B 240 25.21 55.40 19.09
C LYS B 240 24.33 54.22 19.08
N PHE B 241 24.97 53.00 19.08
CA PHE B 241 24.32 51.71 18.98
C PHE B 241 23.62 51.51 20.25
N ARG B 242 24.08 52.07 21.39
CA ARG B 242 23.27 52.10 22.60
C ARG B 242 22.32 53.27 22.38
N MET B 243 21.13 53.19 23.03
CA MET B 243 20.04 54.13 23.13
C MET B 243 19.81 54.89 21.79
N LEU B 244 19.58 53.99 20.83
CA LEU B 244 19.09 54.27 19.52
C LEU B 244 19.74 53.15 18.72
N ASN B 245 18.97 52.47 17.83
CA ASN B 245 19.36 51.31 17.03
C ASN B 245 19.43 50.15 17.98
N ILE B 246 18.41 50.07 18.92
CA ILE B 246 18.25 49.12 19.95
C ILE B 246 17.84 47.78 19.31
N SER B 247 18.39 46.60 19.76
CA SER B 247 18.00 45.26 19.45
C SER B 247 18.67 44.47 20.49
N PRO B 248 18.10 43.30 20.94
CA PRO B 248 18.70 42.43 21.94
C PRO B 248 19.85 41.75 21.31
N MET B 249 19.88 41.57 19.99
CA MET B 249 21.04 40.89 19.42
C MET B 249 22.34 41.65 19.54
N LYS B 250 22.08 42.99 19.31
CA LYS B 250 22.97 44.09 19.53
C LYS B 250 23.33 44.23 20.96
N LYS B 251 22.35 44.19 21.90
CA LYS B 251 22.74 44.44 23.27
C LYS B 251 23.78 43.34 23.81
N ALA B 252 23.60 42.01 23.49
CA ALA B 252 24.51 40.94 23.86
C ALA B 252 25.89 41.21 23.21
N LEU B 253 25.90 41.73 21.98
CA LEU B 253 27.14 42.02 21.22
C LEU B 253 27.93 43.09 21.92
N ILE B 254 27.26 44.22 22.32
CA ILE B 254 27.71 45.38 23.04
C ILE B 254 28.19 44.98 24.41
N ILE B 255 27.55 44.01 25.12
CA ILE B 255 28.01 43.49 26.44
C ILE B 255 29.36 42.82 26.24
N GLU B 256 29.53 42.04 25.12
CA GLU B 256 30.90 41.58 24.90
C GLU B 256 31.88 42.63 24.48
N ILE B 257 31.50 43.64 23.71
CA ILE B 257 32.40 44.70 23.32
C ILE B 257 32.87 45.50 24.49
N SER B 258 31.93 45.83 25.39
CA SER B 258 32.24 46.71 26.48
C SER B 258 33.35 46.14 27.29
N GLU B 259 33.41 44.74 27.39
CA GLU B 259 34.45 44.09 28.20
C GLU B 259 35.74 44.29 27.63
N GLU B 260 35.80 44.22 26.31
CA GLU B 260 37.05 44.35 25.53
C GLU B 260 37.69 45.77 25.61
N LEU B 261 36.85 46.83 25.77
CA LEU B 261 37.24 48.10 26.07
C LEU B 261 37.83 48.36 27.38
N GLN B 262 37.41 47.58 28.46
CA GLN B 262 37.94 47.52 29.77
C GLN B 262 39.35 47.14 29.72
N ASN B 263 39.71 46.23 28.77
CA ASN B 263 40.99 45.61 28.61
C ASN B 263 42.02 46.65 28.35
N TYR B 264 41.64 47.66 27.56
CA TYR B 264 42.51 48.77 27.27
C TYR B 264 42.90 49.51 28.52
N THR B 265 41.91 49.81 29.41
CA THR B 265 42.19 50.42 30.66
C THR B 265 43.02 49.62 31.51
N ALA B 266 42.80 48.28 31.47
CA ALA B 266 43.58 47.37 32.23
C ALA B 266 45.08 47.40 31.85
N PHE B 267 45.35 47.49 30.54
CA PHE B 267 46.68 47.57 29.98
C PHE B 267 47.40 48.85 30.41
N VAL B 268 46.68 49.98 30.44
CA VAL B 268 47.26 51.29 30.88
C VAL B 268 47.66 51.16 32.38
N ASN B 269 46.78 50.50 33.19
CA ASN B 269 47.10 50.24 34.56
C ASN B 269 48.31 49.32 34.69
N ASN B 270 48.48 48.27 33.85
CA ASN B 270 49.60 47.43 33.91
C ASN B 270 50.86 48.18 33.54
N LEU B 271 50.82 49.06 32.52
CA LEU B 271 52.00 49.77 32.06
C LEU B 271 52.54 50.74 33.14
N VAL B 272 51.64 51.45 33.79
CA VAL B 272 52.03 52.34 34.84
C VAL B 272 52.63 51.58 35.96
N SER B 273 52.01 50.40 36.30
CA SER B 273 52.30 49.57 37.46
C SER B 273 53.63 49.00 37.46
N SER B 274 54.14 48.68 36.26
CA SER B 274 55.41 48.09 35.97
C SER B 274 56.46 48.93 36.57
N GLY B 275 56.63 50.07 35.89
CA GLY B 275 57.69 51.02 36.11
C GLY B 275 58.47 50.91 34.85
N THR B 276 57.80 50.49 33.66
CA THR B 276 58.21 50.11 32.34
C THR B 276 59.12 51.11 31.71
N VAL B 277 59.97 50.66 30.68
CA VAL B 277 60.76 51.56 29.89
C VAL B 277 59.89 52.31 28.99
N VAL B 278 59.79 53.72 29.23
CA VAL B 278 58.90 54.56 28.45
C VAL B 278 59.66 55.14 27.36
N SER B 279 59.16 54.84 26.15
CA SER B 279 59.76 55.15 24.89
C SER B 279 58.68 54.66 23.94
N LEU B 280 58.42 55.36 22.79
CA LEU B 280 57.40 54.89 21.88
C LEU B 280 57.75 53.46 21.33
N LYS B 281 59.02 53.15 21.12
CA LYS B 281 59.42 51.94 20.64
C LYS B 281 58.95 50.80 21.56
N SER B 282 59.13 50.95 22.86
CA SER B 282 58.75 49.95 23.83
C SER B 282 57.29 49.82 23.93
N LEU B 283 56.65 50.97 23.80
CA LEU B 283 55.19 50.96 24.00
C LEU B 283 54.53 50.03 22.94
N TYR B 284 55.08 50.23 21.75
CA TYR B 284 54.66 49.56 20.54
C TYR B 284 54.91 48.08 20.60
N ARG B 285 56.09 47.56 21.06
CA ARG B 285 56.27 46.12 21.21
C ARG B 285 55.35 45.55 22.18
N GLU B 286 55.09 46.21 23.35
CA GLU B 286 54.27 45.57 24.34
C GLU B 286 52.84 45.32 23.97
N ILE B 287 52.27 46.27 23.20
CA ILE B 287 50.91 46.14 22.69
C ILE B 287 50.76 45.72 21.31
N TYR B 288 51.62 44.77 20.72
CA TYR B 288 51.55 44.55 19.30
C TYR B 288 50.22 43.86 19.03
N GLU B 289 49.89 42.89 19.93
CA GLU B 289 48.62 42.24 19.87
C GLU B 289 47.38 43.06 20.03
N ASN B 290 47.41 44.05 20.91
CA ASN B 290 46.26 44.88 21.24
C ASN B 290 45.67 45.68 20.10
N ILE B 291 46.59 46.19 19.12
CA ILE B 291 46.18 46.96 17.98
C ILE B 291 45.38 46.07 17.11
N ILE B 292 45.78 44.79 16.97
CA ILE B 292 45.16 43.83 16.08
C ILE B 292 43.81 43.50 16.60
N ARG B 293 43.68 43.28 17.90
CA ARG B 293 42.50 42.83 18.59
C ARG B 293 41.48 43.84 18.49
N LEU B 294 41.89 45.10 18.78
CA LEU B 294 40.89 46.13 18.70
C LEU B 294 40.32 46.25 17.33
N ARG B 295 41.24 46.19 16.35
CA ARG B 295 41.04 46.38 14.93
C ARG B 295 40.15 45.33 14.35
N ILE B 296 40.33 44.02 14.69
CA ILE B 296 39.55 42.99 14.11
C ILE B 296 38.14 43.15 14.47
N TYR B 297 37.84 43.39 15.76
CA TYR B 297 36.47 43.48 16.16
C TYR B 297 35.71 44.58 15.44
N CYS B 298 36.49 45.69 15.18
CA CYS B 298 35.98 46.91 14.51
C CYS B 298 35.51 46.58 13.12
N ARG B 299 36.22 45.62 12.44
CA ARG B 299 35.83 45.22 11.15
C ARG B 299 34.40 44.59 11.19
N PHE B 300 34.11 43.75 12.20
CA PHE B 300 32.88 43.04 12.41
C PHE B 300 31.72 43.95 12.54
N THR B 301 32.01 45.02 13.36
CA THR B 301 31.17 46.15 13.59
C THR B 301 30.87 46.96 12.35
N GLU B 302 31.87 47.19 11.48
CA GLU B 302 31.89 48.05 10.33
C GLU B 302 30.93 47.59 9.33
N HIS B 303 30.98 46.23 9.04
CA HIS B 303 30.03 45.68 8.08
C HIS B 303 28.59 45.86 8.65
N LEU B 304 28.52 45.77 10.05
CA LEU B 304 27.22 45.94 10.74
C LEU B 304 26.54 47.29 10.49
N GLU B 305 27.43 48.34 10.18
CA GLU B 305 27.06 49.71 9.94
C GLU B 305 26.04 49.86 8.88
N GLU B 306 26.12 48.97 7.85
CA GLU B 306 25.29 48.99 6.60
C GLU B 306 23.88 48.60 7.07
N LEU B 307 23.75 47.59 7.86
CA LEU B 307 22.47 46.90 8.00
C LEU B 307 22.59 46.23 9.30
N SER B 308 21.49 46.26 10.10
CA SER B 308 21.54 45.68 11.41
C SER B 308 20.29 44.79 11.45
N GLY B 309 20.05 44.12 12.59
CA GLY B 309 18.97 43.22 12.83
C GLY B 309 19.39 41.84 12.54
N ASP B 310 18.54 41.20 11.66
CA ASP B 310 18.67 39.77 11.20
C ASP B 310 19.96 39.46 10.41
N THR B 311 20.50 40.50 9.80
CA THR B 311 21.76 40.38 9.02
C THR B 311 22.84 39.91 9.92
N PHE B 312 22.78 40.30 11.20
CA PHE B 312 23.74 39.94 12.28
C PHE B 312 23.80 38.41 12.42
N LEU B 313 22.60 37.71 12.31
CA LEU B 313 22.57 36.27 12.45
C LEU B 313 23.45 35.59 11.37
N ILE B 314 23.38 36.07 10.17
CA ILE B 314 23.98 35.62 8.98
C ILE B 314 25.49 35.80 9.05
N GLU B 315 25.86 37.05 9.55
CA GLU B 315 27.21 37.49 9.80
C GLU B 315 27.80 36.54 10.85
N LEU B 316 27.00 36.24 11.93
CA LEU B 316 27.40 35.43 13.09
C LEU B 316 27.69 34.03 12.62
N ASN B 317 26.90 33.50 11.63
CA ASN B 317 27.05 32.14 11.13
C ASN B 317 28.44 31.98 10.43
N ILE B 318 28.76 33.04 9.61
CA ILE B 318 30.04 33.10 8.84
C ILE B 318 31.25 33.15 9.77
N PHE B 319 31.13 33.99 10.79
CA PHE B 319 32.18 34.27 11.75
C PHE B 319 32.62 33.07 12.55
N LYS B 320 31.66 32.17 12.98
CA LYS B 320 32.03 30.90 13.60
C LYS B 320 32.87 30.03 12.66
N SER B 321 32.66 30.10 11.31
CA SER B 321 33.50 29.46 10.40
C SER B 321 34.95 29.96 10.33
N HIS B 322 35.16 31.27 10.60
CA HIS B 322 36.45 31.91 10.36
C HIS B 322 37.63 31.38 11.03
N GLY B 323 38.68 31.00 10.22
CA GLY B 323 39.95 30.32 10.53
C GLY B 323 40.75 31.26 11.36
N ASP B 324 41.71 30.64 12.09
CA ASP B 324 42.28 31.29 13.27
C ASP B 324 41.49 31.09 14.44
N LEU B 325 42.05 30.32 15.37
CA LEU B 325 41.42 29.83 16.43
C LEU B 325 40.75 30.83 17.26
N THR B 326 41.49 31.91 17.54
CA THR B 326 41.13 32.96 18.46
C THR B 326 39.99 33.71 18.02
N ILE B 327 39.82 34.11 16.69
CA ILE B 327 38.76 34.84 16.20
C ILE B 327 37.49 34.00 16.29
N ARG B 328 37.62 32.71 15.92
CA ARG B 328 36.54 31.71 16.12
C ARG B 328 36.07 31.45 17.57
N LYS B 329 37.03 31.36 18.52
CA LYS B 329 36.80 31.09 19.87
C LYS B 329 35.96 32.16 20.46
N ILE B 330 36.31 33.42 20.08
CA ILE B 330 35.62 34.62 20.49
C ILE B 330 34.27 34.60 19.99
N ALA B 331 34.11 34.25 18.70
CA ALA B 331 32.86 34.22 17.96
C ALA B 331 31.92 33.25 18.57
N THR B 332 32.39 32.08 19.03
CA THR B 332 31.56 31.03 19.59
C THR B 332 30.92 31.59 20.83
N ASN B 333 31.77 32.34 21.55
CA ASN B 333 31.21 32.96 22.71
C ASN B 333 30.03 33.95 22.44
N LEU B 334 30.12 34.77 21.33
CA LEU B 334 29.09 35.73 20.95
C LEU B 334 27.84 34.96 20.62
N PHE B 335 28.04 33.83 19.96
CA PHE B 335 27.05 32.89 19.47
C PHE B 335 26.26 32.30 20.65
N ASN B 336 26.94 31.91 21.74
CA ASN B 336 26.39 31.29 22.93
C ASN B 336 25.35 32.23 23.61
N SER B 337 25.73 33.53 23.66
CA SER B 337 24.85 34.57 24.15
C SER B 337 23.66 34.76 23.26
N MET B 338 23.85 34.71 21.94
CA MET B 338 22.81 34.82 21.00
C MET B 338 21.83 33.67 21.08
N ILE B 339 22.35 32.40 21.22
CA ILE B 339 21.45 31.23 21.38
C ILE B 339 20.56 31.30 22.63
N SER B 340 21.01 31.96 23.73
CA SER B 340 20.34 32.32 24.97
C SER B 340 19.11 33.10 24.71
N LEU B 341 19.09 33.96 23.76
CA LEU B 341 17.92 34.75 23.26
C LEU B 341 16.93 33.79 22.61
N TYR B 342 17.47 32.81 21.84
CA TYR B 342 16.66 31.80 21.28
C TYR B 342 16.03 30.98 22.36
N TYR B 343 16.71 30.56 23.45
CA TYR B 343 16.20 29.70 24.43
C TYR B 343 15.03 30.30 25.12
N GLU B 344 15.16 31.62 25.37
CA GLU B 344 14.19 32.49 25.90
C GLU B 344 13.00 32.55 25.05
N TYR B 345 13.16 32.69 23.72
CA TYR B 345 12.05 32.80 22.84
C TYR B 345 11.28 31.55 22.79
N LEU B 346 12.01 30.39 22.78
CA LEU B 346 11.50 29.05 22.71
C LEU B 346 10.66 28.78 23.91
N MET B 347 11.20 29.25 25.10
CA MET B 347 10.51 29.20 26.36
C MET B 347 9.21 29.99 26.31
N ASN B 348 9.17 31.25 25.72
CA ASN B 348 7.97 32.07 25.58
C ASN B 348 6.91 31.43 24.69
N TRP B 349 7.31 30.94 23.53
CA TRP B 349 6.44 30.29 22.63
C TRP B 349 5.83 29.00 23.18
N LEU B 350 6.70 28.00 23.60
CA LEU B 350 6.23 26.70 23.95
C LEU B 350 5.41 26.72 25.18
N THR B 351 5.80 27.50 26.18
CA THR B 351 5.14 27.53 27.46
C THR B 351 3.93 28.48 27.53
N LYS B 352 3.88 29.62 26.78
CA LYS B 352 2.77 30.57 26.86
C LYS B 352 2.14 30.99 25.50
N GLY B 353 2.55 30.28 24.46
CA GLY B 353 2.08 30.59 23.12
C GLY B 353 2.65 31.95 22.69
N LEU B 354 3.59 32.53 23.43
CA LEU B 354 4.13 33.85 23.27
C LEU B 354 5.25 33.90 22.25
N LEU B 355 5.13 34.73 21.26
CA LEU B 355 6.14 35.11 20.35
C LEU B 355 6.75 36.45 20.80
N ARG B 356 7.98 36.72 20.36
CA ARG B 356 8.59 38.01 20.51
C ARG B 356 9.66 38.17 19.44
N ALA B 357 9.18 38.53 18.25
CA ALA B 357 10.02 38.61 17.05
C ALA B 357 11.12 39.55 17.19
N THR B 358 10.70 40.76 17.73
CA THR B 358 11.48 41.94 18.05
C THR B 358 11.99 42.77 16.87
N TYR B 359 12.51 42.11 15.85
CA TYR B 359 13.05 42.64 14.66
C TYR B 359 12.90 41.56 13.62
N GLY B 360 12.07 40.58 13.79
CA GLY B 360 11.83 39.59 12.76
C GLY B 360 12.83 38.44 13.00
N GLU B 361 13.48 38.43 14.21
CA GLU B 361 14.48 37.55 14.61
C GLU B 361 13.98 36.11 14.77
N PHE B 362 12.77 35.97 15.42
CA PHE B 362 12.14 34.76 15.74
C PHE B 362 11.47 34.36 14.47
N PHE B 363 11.55 33.04 14.20
CA PHE B 363 11.10 32.52 12.97
C PHE B 363 9.61 32.40 12.66
N ILE B 364 8.80 32.73 13.67
CA ILE B 364 7.39 32.73 13.68
C ILE B 364 6.93 34.13 13.51
N ALA B 365 5.97 34.36 12.57
CA ALA B 365 5.53 35.69 12.23
C ALA B 365 4.04 35.70 12.47
N GLU B 366 3.57 36.88 12.89
CA GLU B 366 2.11 37.19 13.12
C GLU B 366 1.49 37.46 11.77
N ASN B 367 0.20 37.11 11.54
CA ASN B 367 -0.55 36.99 10.31
C ASN B 367 -0.03 35.68 9.67
N TYR B 379 -10.11 36.09 16.07
CA TYR B 379 -10.46 36.88 14.85
C TYR B 379 -9.42 36.45 13.78
N HIS B 380 -9.38 37.25 12.71
CA HIS B 380 -8.63 37.18 11.47
C HIS B 380 -7.19 37.51 11.69
N ILE B 381 -6.60 37.24 12.85
CA ILE B 381 -5.19 37.37 13.09
C ILE B 381 -4.70 35.99 13.51
N PRO B 382 -4.00 35.13 12.68
CA PRO B 382 -3.34 33.98 13.19
C PRO B 382 -1.85 34.30 13.20
N ILE B 383 -1.03 33.25 13.46
CA ILE B 383 0.37 33.41 13.45
C ILE B 383 0.86 32.12 12.71
N GLU B 384 2.07 32.13 12.17
CA GLU B 384 2.59 30.98 11.46
C GLU B 384 4.04 30.91 11.39
N PHE B 385 4.64 29.72 11.08
CA PHE B 385 6.03 29.55 10.91
C PHE B 385 6.46 29.86 9.46
N ASN B 386 7.57 30.60 9.38
CA ASN B 386 8.20 31.14 8.26
C ASN B 386 9.38 30.32 7.99
N GLN B 387 9.17 29.42 7.08
CA GLN B 387 9.95 28.30 6.62
C GLN B 387 11.13 28.90 5.98
N GLU B 388 10.94 30.09 5.31
CA GLU B 388 12.03 30.88 4.74
C GLU B 388 12.95 31.26 5.85
N ARG B 389 12.42 31.63 7.02
CA ARG B 389 13.18 32.01 8.15
C ARG B 389 13.79 30.82 8.85
N VAL B 390 13.32 29.51 8.78
CA VAL B 390 13.88 28.60 9.78
C VAL B 390 15.34 28.25 9.52
N PRO B 391 16.05 27.85 10.54
CA PRO B 391 17.45 27.62 10.25
C PRO B 391 17.69 26.15 10.12
N ALA B 392 18.97 25.79 9.90
CA ALA B 392 19.47 24.46 9.77
C ALA B 392 20.56 24.41 10.79
N PHE B 393 20.85 25.53 11.59
CA PHE B 393 21.93 25.69 12.54
C PHE B 393 21.52 24.81 13.73
N ILE B 394 20.23 25.10 13.99
CA ILE B 394 19.33 24.28 14.77
C ILE B 394 18.38 23.80 13.79
N PRO B 395 18.45 22.47 13.40
CA PRO B 395 17.76 21.75 12.31
C PRO B 395 16.33 22.21 12.01
N LYS B 396 15.94 22.29 10.67
CA LYS B 396 14.69 22.71 10.16
C LYS B 396 13.57 21.78 10.70
N GLU B 397 13.79 20.51 10.84
CA GLU B 397 12.84 19.50 11.35
C GLU B 397 12.46 19.80 12.75
N LEU B 398 13.46 20.17 13.60
CA LEU B 398 13.41 20.45 15.00
C LEU B 398 12.52 21.68 15.14
N ALA B 399 12.67 22.74 14.20
CA ALA B 399 11.99 23.98 14.13
C ALA B 399 10.49 23.75 13.87
N TYR B 400 10.17 22.76 12.97
CA TYR B 400 8.76 22.36 12.86
C TYR B 400 8.07 21.73 14.11
N LYS B 401 8.74 20.83 14.86
CA LYS B 401 8.14 20.20 15.97
C LYS B 401 7.82 21.21 17.03
N ILE B 402 8.72 22.18 17.32
CA ILE B 402 8.42 23.11 18.30
C ILE B 402 7.29 23.92 17.91
N PHE B 403 7.16 24.30 16.60
CA PHE B 403 6.09 25.12 16.05
C PHE B 403 4.77 24.45 16.30
N MET B 404 4.63 23.11 16.09
CA MET B 404 3.42 22.49 16.46
C MET B 404 3.16 22.55 17.93
N ILE B 405 4.22 22.29 18.83
CA ILE B 405 3.89 22.11 20.22
C ILE B 405 3.35 23.40 20.81
N GLY B 406 3.96 24.52 20.46
CA GLY B 406 3.61 25.85 20.80
C GLY B 406 2.32 26.26 20.29
N LYS B 407 2.13 25.82 19.01
CA LYS B 407 0.88 26.11 18.20
C LYS B 407 -0.28 25.44 18.88
N SER B 408 -0.10 24.18 19.40
CA SER B 408 -1.10 23.50 20.26
C SER B 408 -1.40 24.16 21.53
N TYR B 409 -0.44 24.68 22.26
CA TYR B 409 -0.66 25.39 23.50
C TYR B 409 -1.44 26.73 23.31
N ILE B 410 -1.05 27.47 22.23
CA ILE B 410 -1.77 28.70 21.96
C ILE B 410 -3.26 28.38 21.62
N PHE B 411 -3.49 27.31 20.84
CA PHE B 411 -4.81 26.89 20.35
C PHE B 411 -5.74 26.52 21.50
N LEU B 412 -5.19 25.84 22.55
CA LEU B 412 -5.90 25.37 23.80
C LEU B 412 -6.33 26.53 24.56
N GLU B 413 -5.46 27.57 24.56
CA GLU B 413 -5.66 28.86 25.16
C GLU B 413 -6.82 29.53 24.51
N LYS B 414 -6.86 29.40 23.15
CA LYS B 414 -7.99 30.01 22.40
C LYS B 414 -9.30 29.37 22.85
N TYR B 415 -9.24 28.03 23.14
CA TYR B 415 -10.40 27.27 23.53
C TYR B 415 -11.01 27.75 24.85
N CYS B 416 -10.04 27.86 25.76
CA CYS B 416 -10.24 28.31 27.11
C CYS B 416 -8.93 28.18 27.76
N LYS B 417 -8.71 28.07 29.10
CA LYS B 417 -7.46 27.71 29.61
C LYS B 417 -7.00 26.35 29.31
N GLU B 418 -7.82 25.26 29.56
CA GLU B 418 -7.45 23.87 29.39
C GLU B 418 -6.42 23.53 30.40
N VAL B 419 -6.63 24.09 31.68
CA VAL B 419 -5.85 24.03 32.85
C VAL B 419 -4.56 23.35 32.79
N GLN B 420 -3.53 24.17 33.03
CA GLN B 420 -2.15 23.94 32.84
C GLN B 420 -1.46 24.00 34.15
N TRP B 421 -0.62 22.98 34.35
CA TRP B 421 -0.08 22.66 35.66
C TRP B 421 1.40 22.62 35.50
N THR B 422 1.95 21.35 35.67
CA THR B 422 3.35 21.06 35.65
C THR B 422 4.02 21.19 34.26
N ASN B 423 3.23 21.12 33.16
CA ASN B 423 3.80 21.24 31.81
C ASN B 423 4.58 22.52 31.52
N GLU B 424 4.12 23.68 32.03
CA GLU B 424 4.84 24.93 31.99
C GLU B 424 6.09 24.80 32.74
N PHE B 425 6.07 24.13 33.87
CA PHE B 425 7.22 23.92 34.75
C PHE B 425 8.21 23.12 34.10
N SER B 426 7.74 22.09 33.43
CA SER B 426 8.56 21.04 32.83
C SER B 426 9.40 21.65 31.79
N LYS B 427 8.80 22.56 31.04
CA LYS B 427 9.52 23.30 30.02
C LYS B 427 10.55 24.14 30.64
N LYS B 428 10.29 24.77 31.78
CA LYS B 428 11.23 25.65 32.36
C LYS B 428 12.40 24.90 32.74
N TYR B 429 12.30 23.65 33.29
CA TYR B 429 13.38 22.87 33.70
C TYR B 429 14.17 22.56 32.46
N HIS B 430 13.54 22.19 31.29
CA HIS B 430 14.27 21.90 30.11
C HIS B 430 15.04 22.98 29.53
N VAL B 431 14.41 24.18 29.52
CA VAL B 431 15.11 25.38 29.05
C VAL B 431 16.28 25.71 29.87
N LEU B 432 16.12 25.53 31.22
CA LEU B 432 17.08 25.72 32.24
C LEU B 432 18.24 24.73 32.14
N TYR B 433 17.98 23.41 31.79
CA TYR B 433 19.03 22.51 31.57
C TYR B 433 19.91 22.90 30.49
N GLN B 434 19.38 23.35 29.36
CA GLN B 434 20.22 23.76 28.28
C GLN B 434 20.96 24.99 28.64
N SER B 435 20.34 25.90 29.41
CA SER B 435 20.91 27.09 29.98
C SER B 435 22.11 26.84 30.98
N ASN B 436 22.05 25.68 31.63
CA ASN B 436 22.96 25.29 32.75
C ASN B 436 24.38 25.06 32.22
N SER B 437 24.44 24.55 30.97
CA SER B 437 25.73 24.23 30.37
C SER B 437 25.91 25.21 29.28
N TYR B 438 27.20 25.46 28.88
CA TYR B 438 27.56 26.24 27.71
C TYR B 438 26.82 25.88 26.44
N ARG B 439 26.68 24.57 26.20
CA ARG B 439 26.13 24.02 25.03
C ARG B 439 24.68 24.02 25.22
N GLY B 440 23.94 24.12 24.07
CA GLY B 440 22.49 24.25 24.08
C GLY B 440 22.03 23.35 23.02
N ILE B 441 22.82 22.21 22.70
CA ILE B 441 22.74 21.38 21.54
C ILE B 441 21.38 20.86 21.17
N SER B 442 21.24 20.61 19.83
CA SER B 442 19.99 20.31 19.15
C SER B 442 19.51 18.98 19.66
N THR B 443 20.42 17.96 19.84
CA THR B 443 20.08 16.57 20.21
C THR B 443 19.42 16.50 21.60
N ASN B 444 19.90 17.20 22.63
CA ASN B 444 19.30 17.20 23.94
C ASN B 444 17.97 17.78 23.93
N PHE B 445 17.93 18.90 23.19
CA PHE B 445 16.67 19.58 23.01
C PHE B 445 15.66 18.78 22.29
N PHE B 446 16.17 18.08 21.24
CA PHE B 446 15.26 17.26 20.49
C PHE B 446 14.58 16.12 21.32
N GLU B 447 15.37 15.38 22.17
CA GLU B 447 14.78 14.24 22.92
C GLU B 447 13.72 14.80 23.84
N ILE B 448 14.04 15.98 24.39
CA ILE B 448 13.24 16.79 25.29
C ILE B 448 11.92 17.21 24.54
N ILE B 449 11.99 17.73 23.28
CA ILE B 449 10.88 18.15 22.43
C ILE B 449 10.03 16.94 22.09
N ASN B 450 10.55 15.80 21.72
CA ASN B 450 9.74 14.63 21.38
C ASN B 450 8.96 14.17 22.51
N ASP B 451 9.52 14.22 23.76
CA ASP B 451 8.84 13.78 24.92
C ASP B 451 7.64 14.70 25.13
N GLN B 452 7.82 16.07 24.94
CA GLN B 452 6.88 17.05 25.13
C GLN B 452 5.80 16.93 24.11
N TYR B 453 6.19 16.62 22.89
CA TYR B 453 5.35 16.53 21.71
C TYR B 453 4.43 15.38 21.92
N SER B 454 4.97 14.20 22.34
CA SER B 454 4.18 12.95 22.45
C SER B 454 3.09 13.17 23.51
N GLU B 455 3.58 13.92 24.58
CA GLU B 455 2.85 14.36 25.80
C GLU B 455 1.78 15.28 25.33
N ILE B 456 2.11 16.15 24.40
CA ILE B 456 1.14 17.13 23.89
C ILE B 456 -0.02 16.49 23.14
N VAL B 457 0.32 15.48 22.25
CA VAL B 457 -0.63 14.76 21.51
C VAL B 457 -1.48 13.92 22.37
N ASN B 458 -0.93 13.23 23.39
CA ASN B 458 -1.77 12.43 24.25
C ASN B 458 -2.77 13.29 24.99
N HIS B 459 -2.24 14.44 25.59
CA HIS B 459 -3.00 15.38 26.38
C HIS B 459 -4.01 16.01 25.46
N THR B 460 -3.59 16.16 24.22
CA THR B 460 -4.56 16.67 23.23
C THR B 460 -5.63 15.66 22.94
N ASN B 461 -5.34 14.31 22.90
CA ASN B 461 -6.36 13.39 22.70
C ASN B 461 -7.35 13.49 23.85
N GLN B 462 -6.89 13.53 25.10
CA GLN B 462 -7.73 13.50 26.34
C GLN B 462 -8.64 14.70 26.32
N ILE B 463 -8.11 15.90 25.96
CA ILE B 463 -8.83 17.17 25.89
C ILE B 463 -9.91 17.03 24.86
N LEU B 464 -9.62 16.45 23.66
CA LEU B 464 -10.61 16.34 22.62
C LEU B 464 -11.78 15.38 22.91
N ASN B 465 -11.38 14.12 23.22
CA ASN B 465 -12.19 12.98 23.43
C ASN B 465 -12.99 13.04 24.66
N GLN B 466 -12.30 13.24 25.82
CA GLN B 466 -13.07 13.18 27.03
C GLN B 466 -13.88 14.47 27.25
N LYS B 467 -13.21 15.61 27.09
CA LYS B 467 -13.79 16.84 27.53
C LYS B 467 -14.84 17.38 26.62
N PHE B 468 -14.59 17.39 25.28
CA PHE B 468 -15.59 18.01 24.43
C PHE B 468 -15.91 16.96 23.47
N HIS B 469 -15.93 15.68 23.85
CA HIS B 469 -16.51 14.53 23.13
C HIS B 469 -16.32 14.59 21.62
N TYR B 470 -15.19 15.10 21.08
CA TYR B 470 -15.04 15.51 19.68
C TYR B 470 -15.17 14.34 18.77
N ARG B 471 -14.59 13.15 19.07
CA ARG B 471 -14.49 11.97 18.30
C ARG B 471 -15.88 11.49 17.96
N ASP B 472 -16.72 11.57 18.92
CA ASP B 472 -18.13 11.33 19.05
C ASP B 472 -18.86 12.39 18.17
N VAL B 473 -18.44 13.67 18.13
CA VAL B 473 -19.04 14.67 17.27
C VAL B 473 -18.80 14.31 15.80
N VAL B 474 -17.57 13.79 15.37
CA VAL B 474 -17.37 13.34 14.01
C VAL B 474 -18.29 12.22 13.63
N PHE B 475 -18.51 11.25 14.57
CA PHE B 475 -19.45 10.20 14.30
C PHE B 475 -20.90 10.69 14.00
N ALA B 476 -21.34 11.63 14.84
CA ALA B 476 -22.57 12.33 14.87
C ALA B 476 -22.81 13.21 13.61
N LEU B 477 -21.71 13.84 13.18
CA LEU B 477 -21.60 14.69 12.09
C LEU B 477 -21.84 13.90 10.87
N LYS B 478 -21.29 12.68 10.80
CA LYS B 478 -21.59 11.75 9.71
C LYS B 478 -23.08 11.41 9.77
N ASN B 479 -23.66 11.25 10.99
CA ASN B 479 -25.02 10.82 11.15
C ASN B 479 -26.04 11.74 10.51
N ILE B 480 -26.04 13.06 10.76
CA ILE B 480 -26.92 13.97 10.17
C ILE B 480 -26.51 14.43 8.77
N LEU B 481 -25.28 14.93 8.60
CA LEU B 481 -24.84 15.59 7.36
C LEU B 481 -24.80 14.47 6.26
N LEU B 482 -24.24 13.29 6.53
CA LEU B 482 -24.21 12.17 5.58
C LEU B 482 -25.34 11.20 5.83
N MET B 483 -26.46 11.66 6.46
CA MET B 483 -27.69 10.89 6.47
C MET B 483 -27.50 9.45 6.93
N GLY B 484 -26.77 9.32 8.01
CA GLY B 484 -26.55 8.14 8.84
C GLY B 484 -27.62 8.17 9.92
N LYS B 485 -28.70 8.93 9.68
CA LYS B 485 -29.86 9.19 10.52
C LYS B 485 -31.00 9.80 9.70
N SER B 486 -31.66 8.96 9.01
CA SER B 486 -32.73 9.30 8.01
C SER B 486 -34.00 9.91 8.56
N ASP B 487 -34.44 9.40 9.75
CA ASP B 487 -35.75 9.58 10.22
C ASP B 487 -36.11 11.00 10.50
N PHE B 488 -35.24 11.83 11.10
CA PHE B 488 -35.69 13.17 11.42
C PHE B 488 -36.02 13.93 10.20
N MET B 489 -35.10 13.84 9.18
CA MET B 489 -35.23 14.58 8.01
C MET B 489 -36.51 14.18 7.25
N ASP B 490 -36.74 12.86 7.23
CA ASP B 490 -37.87 12.37 6.47
C ASP B 490 -39.19 12.85 7.03
N ALA B 491 -39.39 12.91 8.38
CA ALA B 491 -40.52 13.56 9.00
C ALA B 491 -40.52 15.11 8.77
N LEU B 492 -39.32 15.78 8.85
CA LEU B 492 -39.20 17.27 8.73
C LEU B 492 -39.70 17.69 7.36
N ILE B 493 -39.24 16.94 6.32
CA ILE B 493 -39.74 17.26 4.99
C ILE B 493 -41.18 17.12 4.77
N GLU B 494 -41.77 16.00 5.32
CA GLU B 494 -43.13 15.65 5.21
C GLU B 494 -43.98 16.72 5.78
N LYS B 495 -43.63 17.14 7.04
CA LYS B 495 -44.35 18.12 7.84
C LYS B 495 -44.26 19.55 7.23
N ALA B 496 -43.03 19.85 6.85
CA ALA B 496 -42.66 21.09 6.30
C ALA B 496 -43.27 21.33 4.89
N ASN B 497 -43.51 20.26 4.08
CA ASN B 497 -43.80 20.15 2.66
C ASN B 497 -44.87 21.07 2.31
N ASP B 498 -46.01 21.25 3.02
CA ASP B 498 -47.05 22.16 2.63
C ASP B 498 -46.62 23.62 2.59
N ILE B 499 -45.94 24.00 3.61
CA ILE B 499 -45.47 25.39 3.73
C ILE B 499 -44.38 25.81 2.75
N LEU B 500 -43.47 24.86 2.50
CA LEU B 500 -42.33 25.03 1.53
C LEU B 500 -42.72 25.01 0.03
N ALA B 501 -43.76 24.22 -0.30
CA ALA B 501 -44.27 24.05 -1.61
C ALA B 501 -44.73 25.34 -2.12
N THR B 502 -45.37 26.19 -1.26
CA THR B 502 -45.82 27.52 -1.56
C THR B 502 -44.73 28.47 -1.11
N PRO B 503 -44.67 29.70 -1.55
CA PRO B 503 -43.56 30.56 -1.18
C PRO B 503 -43.53 30.80 0.31
N SER B 504 -42.35 30.98 0.95
CA SER B 504 -42.18 31.02 2.37
C SER B 504 -41.57 32.35 2.65
N ASP B 505 -41.62 32.75 3.94
CA ASP B 505 -41.24 34.04 4.42
C ASP B 505 -40.67 33.76 5.81
N SER B 506 -40.56 34.86 6.59
CA SER B 506 -39.93 34.88 7.91
C SER B 506 -40.70 34.13 8.87
N LEU B 507 -42.06 34.25 8.91
CA LEU B 507 -42.83 33.63 9.93
C LEU B 507 -42.86 32.09 9.83
N PRO B 508 -42.91 31.57 8.53
CA PRO B 508 -42.62 30.17 8.22
C PRO B 508 -41.24 29.70 8.75
N ASN B 509 -40.18 30.52 8.68
CA ASN B 509 -38.86 30.17 9.12
C ASN B 509 -38.90 29.83 10.54
N TYR B 510 -39.65 30.60 11.43
CA TYR B 510 -39.73 30.31 12.77
C TYR B 510 -40.45 28.98 13.11
N LYS B 511 -41.61 28.78 12.40
CA LYS B 511 -42.48 27.62 12.53
C LYS B 511 -41.75 26.39 12.13
N LEU B 512 -41.02 26.55 10.99
CA LEU B 512 -40.26 25.49 10.43
C LEU B 512 -39.16 25.02 11.29
N THR B 513 -38.49 26.00 11.97
CA THR B 513 -37.38 25.72 12.84
C THR B 513 -37.89 24.86 14.03
N ARG B 514 -39.10 25.12 14.60
CA ARG B 514 -39.73 24.41 15.72
C ARG B 514 -39.94 22.98 15.22
N VAL B 515 -40.48 22.81 14.01
CA VAL B 515 -40.73 21.47 13.32
C VAL B 515 -39.48 20.77 13.13
N LEU B 516 -38.37 21.51 12.83
CA LEU B 516 -37.02 21.00 12.68
C LEU B 516 -36.54 20.39 13.95
N GLN B 517 -36.68 21.07 15.06
CA GLN B 517 -36.27 20.71 16.42
C GLN B 517 -37.04 19.50 17.00
N GLU B 518 -38.33 19.55 16.72
CA GLU B 518 -39.24 18.51 17.05
C GLU B 518 -38.97 17.18 16.34
N ALA B 519 -38.53 17.20 15.01
CA ALA B 519 -38.12 16.06 14.23
C ALA B 519 -36.95 15.38 14.77
N VAL B 520 -35.94 16.13 15.31
CA VAL B 520 -34.79 15.48 16.05
C VAL B 520 -35.23 14.74 17.16
N GLN B 521 -36.17 15.28 17.98
CA GLN B 521 -36.63 14.52 19.11
C GLN B 521 -37.38 13.28 18.74
N LEU B 522 -38.26 13.35 17.73
CA LEU B 522 -38.98 12.21 17.31
C LEU B 522 -38.11 11.07 16.84
N SER B 523 -37.02 11.41 16.10
CA SER B 523 -36.12 10.47 15.62
C SER B 523 -35.20 9.90 16.66
N SER B 524 -35.33 10.36 17.87
CA SER B 524 -34.56 10.13 19.09
C SER B 524 -33.17 10.76 19.11
N LEU B 525 -32.92 11.10 20.36
CA LEU B 525 -31.64 11.58 20.84
C LEU B 525 -31.10 10.50 21.76
N ARG B 526 -29.83 10.10 21.69
CA ARG B 526 -29.34 8.82 22.08
C ARG B 526 -28.85 8.86 23.50
N HIS B 527 -29.18 9.97 24.18
CA HIS B 527 -28.78 10.01 25.53
C HIS B 527 -29.59 11.13 26.23
N LEU B 528 -29.72 10.94 27.56
CA LEU B 528 -30.33 11.87 28.52
C LEU B 528 -29.24 12.21 29.50
N MET B 529 -28.19 11.39 29.24
CA MET B 529 -26.89 11.59 29.89
C MET B 529 -26.34 12.86 29.30
N ASN B 530 -25.15 13.31 29.83
CA ASN B 530 -24.42 14.53 29.34
C ASN B 530 -23.52 14.05 28.21
N SER B 531 -23.90 12.94 27.50
CA SER B 531 -23.20 12.50 26.28
C SER B 531 -24.04 13.15 25.16
N PRO B 532 -24.89 12.71 24.35
CA PRO B 532 -25.61 13.55 23.37
C PRO B 532 -26.51 14.68 23.80
N ARG B 533 -26.99 14.86 25.09
CA ARG B 533 -27.70 16.10 25.46
C ARG B 533 -26.87 17.32 25.21
N ASN B 534 -25.57 17.20 25.45
CA ASN B 534 -24.52 18.17 25.22
C ASN B 534 -24.29 18.60 23.78
N SER B 535 -24.66 17.70 22.94
CA SER B 535 -24.38 17.79 21.51
C SER B 535 -24.70 19.05 20.87
N SER B 536 -23.83 19.38 19.99
CA SER B 536 -23.96 20.53 19.11
C SER B 536 -25.14 20.48 18.22
N VAL B 537 -25.39 19.29 17.68
CA VAL B 537 -26.36 19.11 16.61
C VAL B 537 -27.75 19.41 17.24
N ILE B 538 -27.99 18.79 18.46
CA ILE B 538 -29.24 19.02 19.15
C ILE B 538 -29.43 20.42 19.66
N ASN B 539 -28.38 20.96 20.31
CA ASN B 539 -28.30 22.29 20.96
C ASN B 539 -28.32 23.49 20.16
N GLY B 540 -27.69 23.39 18.96
CA GLY B 540 -27.52 24.55 18.16
C GLY B 540 -27.95 24.10 16.80
N LEU B 541 -29.20 24.51 16.35
CA LEU B 541 -29.55 24.31 14.98
C LEU B 541 -30.47 25.39 14.55
N ASP B 542 -30.04 26.20 13.57
CA ASP B 542 -30.81 27.36 13.11
C ASP B 542 -30.97 27.15 11.66
N ALA B 543 -32.08 27.68 11.10
CA ALA B 543 -32.41 27.75 9.73
C ALA B 543 -31.95 29.07 9.25
N ARG B 544 -31.39 29.01 8.00
CA ARG B 544 -30.67 30.03 7.26
C ARG B 544 -31.42 30.36 5.99
N VAL B 545 -31.21 31.60 5.51
CA VAL B 545 -31.87 31.94 4.26
C VAL B 545 -30.76 32.33 3.31
N LEU B 546 -30.77 31.86 2.01
CA LEU B 546 -29.76 32.13 1.05
C LEU B 546 -30.42 32.85 -0.06
N ASP B 547 -29.73 33.91 -0.64
CA ASP B 547 -30.31 34.78 -1.67
C ASP B 547 -30.86 34.10 -2.84
N LEU B 548 -32.23 33.89 -2.91
CA LEU B 548 -32.91 33.25 -4.00
C LEU B 548 -34.35 33.62 -3.88
N GLY B 549 -34.79 34.33 -2.79
CA GLY B 549 -36.22 34.69 -2.70
C GLY B 549 -36.55 35.74 -3.71
N HIS B 550 -37.68 35.63 -4.34
CA HIS B 550 -38.01 36.55 -5.43
C HIS B 550 -39.39 36.39 -5.74
N GLY B 551 -40.14 35.52 -5.00
CA GLY B 551 -41.59 35.29 -5.28
C GLY B 551 -41.71 33.79 -5.59
N SER B 552 -40.61 33.14 -5.87
CA SER B 552 -40.27 31.77 -6.00
C SER B 552 -40.69 30.99 -4.79
N VAL B 553 -41.01 29.73 -5.07
CA VAL B 553 -41.40 28.78 -4.07
C VAL B 553 -40.41 28.67 -2.92
N GLY B 554 -40.90 28.22 -1.75
CA GLY B 554 -40.17 28.25 -0.48
C GLY B 554 -38.92 27.42 -0.37
N TRP B 555 -38.97 26.21 -0.96
CA TRP B 555 -38.05 25.16 -0.71
C TRP B 555 -36.62 25.60 -1.05
N ASP B 556 -36.44 26.19 -2.23
CA ASP B 556 -35.11 26.64 -2.73
C ASP B 556 -34.45 27.81 -2.10
N VAL B 557 -35.19 28.76 -1.52
CA VAL B 557 -34.71 29.84 -0.69
C VAL B 557 -34.19 29.35 0.63
N PHE B 558 -34.66 28.13 1.11
CA PHE B 558 -34.23 27.55 2.33
C PHE B 558 -32.79 27.05 2.47
N THR B 559 -32.09 27.26 3.63
CA THR B 559 -30.75 26.71 3.87
C THR B 559 -30.73 26.45 5.39
N LEU B 560 -29.64 25.73 5.85
CA LEU B 560 -29.50 25.09 7.16
C LEU B 560 -28.21 25.59 7.77
N ASP B 561 -28.24 25.96 9.08
CA ASP B 561 -27.04 26.44 9.69
C ASP B 561 -26.76 25.60 10.91
N TYR B 562 -25.58 25.18 11.04
CA TYR B 562 -25.08 24.36 12.13
C TYR B 562 -24.05 25.20 12.76
N ILE B 563 -24.25 25.34 14.16
CA ILE B 563 -23.34 26.05 14.97
C ILE B 563 -21.91 25.75 14.82
N LEU B 564 -21.08 26.80 15.10
CA LEU B 564 -19.67 26.61 15.13
C LEU B 564 -19.09 27.60 16.13
N TYR B 565 -18.10 27.08 16.93
CA TYR B 565 -17.59 27.62 18.18
C TYR B 565 -16.33 26.79 18.33
N PRO B 566 -15.43 27.11 19.32
CA PRO B 566 -14.09 26.48 19.43
C PRO B 566 -13.90 24.93 19.20
N PRO B 567 -14.78 23.92 19.40
CA PRO B 567 -14.37 22.48 19.12
C PRO B 567 -14.31 22.33 17.68
N LEU B 568 -15.13 23.11 16.94
CA LEU B 568 -15.56 23.03 15.53
C LEU B 568 -14.92 24.11 14.79
N SER B 569 -14.27 25.04 15.54
CA SER B 569 -13.68 26.23 15.06
C SER B 569 -12.33 26.13 15.49
N LEU B 570 -11.63 25.23 14.85
CA LEU B 570 -10.21 24.94 14.91
C LEU B 570 -9.93 23.94 13.80
N VAL B 571 -11.08 23.69 13.05
CA VAL B 571 -11.05 23.00 11.77
C VAL B 571 -11.68 24.00 10.90
N LEU B 572 -12.11 25.16 11.39
CA LEU B 572 -12.85 26.26 10.82
C LEU B 572 -12.72 27.41 11.74
N ASN B 573 -11.51 27.67 12.22
CA ASN B 573 -11.19 28.71 13.30
C ASN B 573 -11.70 30.08 12.85
N VAL B 574 -12.37 30.80 13.86
CA VAL B 574 -12.72 32.17 13.77
C VAL B 574 -11.57 33.01 13.19
N ASN B 575 -11.75 33.61 11.97
CA ASN B 575 -10.80 34.30 11.11
C ASN B 575 -11.69 34.79 9.96
N ARG B 576 -11.09 35.10 8.82
CA ARG B 576 -11.90 35.50 7.66
C ARG B 576 -12.73 34.32 7.24
N PRO B 577 -14.09 34.44 7.13
CA PRO B 577 -15.08 33.35 7.03
C PRO B 577 -14.98 32.64 5.66
N PHE B 578 -13.96 32.98 4.77
CA PHE B 578 -13.78 32.37 3.45
C PHE B 578 -13.67 30.95 3.62
N GLY B 579 -12.91 30.46 4.66
CA GLY B 579 -12.73 29.06 5.06
C GLY B 579 -14.08 28.36 5.44
N ARG B 580 -14.97 29.04 6.24
CA ARG B 580 -16.32 28.51 6.59
C ARG B 580 -17.26 28.49 5.39
N LYS B 581 -17.14 29.49 4.48
CA LYS B 581 -17.94 29.59 3.27
C LYS B 581 -17.63 28.39 2.36
N GLU B 582 -16.34 27.94 2.21
CA GLU B 582 -15.95 26.86 1.32
C GLU B 582 -16.59 25.58 1.74
N TYR B 583 -16.47 25.34 3.13
CA TYR B 583 -17.10 24.21 3.70
C TYR B 583 -18.56 24.19 3.54
N LEU B 584 -19.21 25.35 3.66
CA LEU B 584 -20.61 25.38 3.47
C LEU B 584 -20.94 24.99 2.07
N ARG B 585 -20.10 25.34 1.02
CA ARG B 585 -20.40 25.07 -0.37
C ARG B 585 -20.48 23.63 -0.66
N ILE B 586 -19.56 22.70 -0.19
CA ILE B 586 -19.76 21.33 -0.40
C ILE B 586 -20.91 20.71 0.22
N PHE B 587 -21.11 21.21 1.51
CA PHE B 587 -22.23 20.82 2.34
C PHE B 587 -23.60 21.10 1.69
N ASN B 588 -23.73 22.23 1.10
CA ASN B 588 -24.88 22.73 0.45
C ASN B 588 -25.23 21.88 -0.75
N PHE B 589 -24.19 21.52 -1.59
CA PHE B 589 -24.48 20.86 -2.86
C PHE B 589 -25.04 19.56 -2.57
N LEU B 590 -24.49 18.79 -1.67
CA LEU B 590 -24.98 17.53 -1.26
C LEU B 590 -26.33 17.54 -0.57
N TRP B 591 -26.57 18.54 0.36
CA TRP B 591 -27.77 18.73 1.07
C TRP B 591 -28.93 18.96 0.15
N ARG B 592 -28.67 19.77 -0.93
CA ARG B 592 -29.59 20.17 -1.96
C ARG B 592 -30.10 19.03 -2.73
N PHE B 593 -29.16 18.09 -3.05
CA PHE B 593 -29.44 16.87 -3.72
C PHE B 593 -30.40 16.02 -2.92
N LYS B 594 -30.13 15.92 -1.63
CA LYS B 594 -30.93 15.20 -0.69
C LYS B 594 -32.30 15.76 -0.54
N LYS B 595 -32.47 17.09 -0.54
CA LYS B 595 -33.74 17.76 -0.41
C LYS B 595 -34.70 17.44 -1.65
N ASN B 596 -34.08 17.53 -2.87
CA ASN B 596 -34.75 17.21 -4.14
C ASN B 596 -35.16 15.78 -4.21
N ASN B 597 -34.24 14.89 -3.68
CA ASN B 597 -34.31 13.44 -3.69
C ASN B 597 -35.50 13.07 -2.89
N TYR B 598 -35.75 13.75 -1.74
CA TYR B 598 -36.83 13.55 -0.85
C TYR B 598 -38.12 13.90 -1.52
N PHE B 599 -38.12 15.01 -2.32
CA PHE B 599 -39.38 15.45 -2.90
C PHE B 599 -39.89 14.44 -3.89
N TYR B 600 -38.94 13.87 -4.65
CA TYR B 600 -39.06 12.83 -5.67
C TYR B 600 -39.58 11.68 -4.87
N GLN B 601 -39.07 11.33 -3.66
CA GLN B 601 -39.59 10.22 -2.79
C GLN B 601 -40.98 10.42 -2.32
N LYS B 602 -41.43 11.63 -1.93
CA LYS B 602 -42.81 11.90 -1.49
C LYS B 602 -43.74 11.65 -2.61
N GLU B 603 -43.36 12.06 -3.86
CA GLU B 603 -44.14 11.84 -5.05
C GLU B 603 -44.28 10.36 -5.28
N MET B 604 -43.24 9.58 -5.11
CA MET B 604 -43.33 8.15 -5.31
C MET B 604 -44.19 7.37 -4.32
N LEU B 605 -44.06 7.77 -2.99
CA LEU B 605 -44.71 7.35 -1.80
C LEU B 605 -46.25 7.59 -1.91
N LYS B 606 -46.69 8.72 -2.54
CA LYS B 606 -48.07 9.11 -2.71
C LYS B 606 -48.79 8.12 -3.54
N SER B 607 -48.08 7.70 -4.66
CA SER B 607 -48.67 6.97 -5.74
C SER B 607 -48.80 5.49 -5.53
N ASN B 608 -48.76 5.02 -4.27
CA ASN B 608 -48.99 3.66 -3.87
C ASN B 608 -50.38 3.60 -3.38
N ASP B 609 -51.18 4.70 -3.43
CA ASP B 609 -52.59 4.79 -3.10
C ASP B 609 -53.35 4.39 -4.42
N ILE B 610 -54.74 4.11 -4.35
CA ILE B 610 -55.61 3.70 -5.41
C ILE B 610 -56.18 4.86 -6.15
N ILE B 611 -55.76 6.12 -5.71
CA ILE B 611 -56.10 7.24 -6.54
C ILE B 611 -55.27 8.47 -6.28
N ARG B 612 -54.53 8.57 -5.23
CA ARG B 612 -53.72 9.75 -5.01
C ARG B 612 -52.26 9.49 -5.61
N ILE B 628 -60.02 -1.10 -13.74
CA ILE B 628 -60.27 -2.06 -14.87
C ILE B 628 -58.96 -2.44 -15.53
N ASN B 629 -58.18 -1.46 -16.04
CA ASN B 629 -56.85 -1.79 -16.71
C ASN B 629 -55.99 -0.51 -16.49
N LYS B 630 -54.66 -0.70 -16.57
CA LYS B 630 -53.55 0.25 -16.44
C LYS B 630 -53.23 0.79 -15.04
N LEU B 631 -53.80 0.14 -13.97
CA LEU B 631 -53.48 0.35 -12.58
C LEU B 631 -52.09 -0.20 -12.29
N SER B 632 -51.89 -1.44 -12.85
CA SER B 632 -50.72 -2.19 -12.72
C SER B 632 -49.62 -1.54 -13.49
N ARG B 633 -49.83 -0.86 -14.61
CA ARG B 633 -48.75 -0.29 -15.25
C ARG B 633 -47.98 0.80 -14.56
N ILE B 634 -48.76 1.74 -13.99
CA ILE B 634 -48.33 2.92 -13.35
C ILE B 634 -47.47 2.57 -12.17
N SER B 635 -47.93 1.45 -11.49
CA SER B 635 -47.26 0.90 -10.36
C SER B 635 -45.87 0.48 -10.64
N ILE B 636 -45.69 -0.19 -11.82
CA ILE B 636 -44.36 -0.74 -12.20
C ILE B 636 -43.45 0.45 -12.46
N LEU B 637 -43.93 1.51 -13.20
CA LEU B 637 -43.17 2.68 -13.66
C LEU B 637 -42.62 3.42 -12.41
N ARG B 638 -43.51 3.57 -11.35
CA ARG B 638 -43.04 4.21 -10.13
C ARG B 638 -41.93 3.52 -9.38
N THR B 639 -42.05 2.17 -9.27
CA THR B 639 -41.10 1.37 -8.61
C THR B 639 -39.78 1.29 -9.26
N GLN B 640 -39.75 1.21 -10.60
CA GLN B 640 -38.52 1.30 -11.39
C GLN B 640 -37.79 2.64 -11.32
N PHE B 641 -38.49 3.75 -11.36
CA PHE B 641 -37.83 5.00 -11.18
C PHE B 641 -37.21 5.18 -9.84
N GLN B 642 -37.94 4.64 -8.86
CA GLN B 642 -37.46 4.72 -7.49
C GLN B 642 -36.19 3.90 -7.29
N GLN B 643 -36.12 2.71 -7.96
CA GLN B 643 -35.06 1.71 -7.94
C GLN B 643 -33.86 2.28 -8.50
N PHE B 644 -34.00 2.99 -9.61
CA PHE B 644 -32.80 3.54 -10.22
C PHE B 644 -32.14 4.56 -9.34
N ASN B 645 -32.98 5.44 -8.80
CA ASN B 645 -32.51 6.57 -7.96
C ASN B 645 -31.84 6.08 -6.66
N SER B 646 -32.49 5.03 -6.06
CA SER B 646 -32.03 4.27 -4.91
C SER B 646 -30.70 3.55 -5.07
N LYS B 647 -30.42 3.04 -6.27
CA LYS B 647 -29.22 2.37 -6.71
C LYS B 647 -28.09 3.41 -6.77
N MET B 648 -28.36 4.65 -7.30
CA MET B 648 -27.36 5.71 -7.34
C MET B 648 -26.87 6.11 -5.92
N GLU B 649 -27.83 6.27 -4.99
CA GLU B 649 -27.53 6.63 -3.64
C GLU B 649 -26.79 5.54 -2.89
N SER B 650 -27.18 4.25 -3.19
CA SER B 650 -26.54 3.13 -2.59
C SER B 650 -25.07 3.05 -2.87
N TYR B 651 -24.73 3.10 -4.21
CA TYR B 651 -23.39 2.99 -4.64
C TYR B 651 -22.49 4.14 -4.25
N TYR B 652 -23.02 5.40 -4.38
CA TYR B 652 -22.39 6.57 -4.00
C TYR B 652 -22.07 6.62 -2.50
N LEU B 653 -23.06 6.20 -1.66
CA LEU B 653 -22.83 6.20 -0.20
C LEU B 653 -21.83 5.19 0.14
N ASN B 654 -21.98 3.91 -0.36
CA ASN B 654 -21.10 2.86 0.17
C ASN B 654 -19.69 2.95 -0.35
N CYS B 655 -19.48 3.08 -1.66
CA CYS B 655 -18.19 3.01 -2.33
C CYS B 655 -17.36 4.25 -1.99
N ILE B 656 -17.98 5.49 -2.04
CA ILE B 656 -17.26 6.68 -1.72
C ILE B 656 -17.31 7.04 -0.27
N ILE B 657 -18.52 7.29 0.21
CA ILE B 657 -18.57 8.07 1.43
C ILE B 657 -18.09 7.30 2.69
N GLU B 658 -18.81 6.13 2.86
CA GLU B 658 -18.64 5.27 4.00
C GLU B 658 -17.23 4.70 4.01
N GLU B 659 -16.77 4.31 2.79
CA GLU B 659 -15.48 3.65 2.68
C GLU B 659 -14.40 4.64 3.07
N ASN B 660 -14.47 5.97 2.56
CA ASN B 660 -13.40 6.94 2.87
C ASN B 660 -13.51 7.20 4.39
N PHE B 661 -14.73 7.35 4.96
CA PHE B 661 -14.85 7.75 6.30
C PHE B 661 -14.20 6.65 7.23
N LYS B 662 -14.44 5.37 6.92
CA LYS B 662 -13.86 4.27 7.69
C LYS B 662 -12.34 4.31 7.68
N GLU B 663 -11.71 4.54 6.51
CA GLU B 663 -10.28 4.46 6.43
C GLU B 663 -9.65 5.57 7.29
N MET B 664 -10.22 6.80 7.31
CA MET B 664 -9.67 7.86 8.11
C MET B 664 -9.63 7.63 9.57
N THR B 665 -10.77 7.06 10.14
CA THR B 665 -10.82 6.82 11.54
C THR B 665 -9.80 5.74 11.88
N ARG B 666 -9.68 4.71 11.04
CA ARG B 666 -8.82 3.56 11.25
C ARG B 666 -7.38 4.11 11.30
N LYS B 667 -6.92 5.05 10.37
CA LYS B 667 -5.57 5.48 10.41
C LYS B 667 -5.31 6.16 11.76
N LEU B 668 -6.23 6.99 12.28
CA LEU B 668 -6.13 7.71 13.52
C LEU B 668 -6.04 6.76 14.73
N GLN B 669 -6.89 5.69 14.70
CA GLN B 669 -7.03 4.78 15.83
C GLN B 669 -5.77 3.93 16.03
N ARG B 670 -5.23 3.40 14.87
CA ARG B 670 -4.10 2.46 14.79
C ARG B 670 -2.89 3.20 15.38
N THR B 671 -2.72 4.46 15.02
CA THR B 671 -1.71 5.30 15.57
C THR B 671 -2.11 5.68 16.99
N LEU B 719 -0.23 15.48 13.01
CA LEU B 719 -0.96 15.28 14.27
C LEU B 719 -1.69 16.51 14.70
N ASN B 720 -1.94 16.65 16.01
CA ASN B 720 -2.63 17.79 16.65
C ASN B 720 -3.90 18.08 15.83
N ILE B 721 -4.28 19.36 15.70
CA ILE B 721 -5.40 19.84 14.89
C ILE B 721 -5.22 19.57 13.41
N ASP B 722 -3.97 19.61 12.87
CA ASP B 722 -3.51 19.48 11.48
C ASP B 722 -3.95 18.17 10.87
N GLU B 723 -3.97 17.02 11.56
CA GLU B 723 -4.47 15.76 11.13
C GLU B 723 -6.00 15.73 10.85
N LEU B 724 -6.82 16.50 11.61
CA LEU B 724 -8.23 16.75 11.48
C LEU B 724 -8.52 17.44 10.20
N GLU B 725 -7.72 18.50 9.96
CA GLU B 725 -7.95 19.31 8.71
C GLU B 725 -7.75 18.40 7.52
N SER B 726 -6.64 17.58 7.64
CA SER B 726 -6.23 16.66 6.61
C SER B 726 -7.31 15.68 6.39
N VAL B 727 -7.86 15.00 7.35
CA VAL B 727 -8.90 14.01 7.17
C VAL B 727 -10.14 14.62 6.59
N HIS B 728 -10.54 15.80 7.09
CA HIS B 728 -11.72 16.44 6.68
C HIS B 728 -11.65 16.81 5.20
N ASN B 729 -10.48 17.30 4.77
CA ASN B 729 -10.11 17.67 3.44
C ASN B 729 -10.07 16.66 2.37
N THR B 730 -9.52 15.46 2.67
CA THR B 730 -9.39 14.28 1.81
C THR B 730 -10.78 13.82 1.59
N PHE B 731 -11.66 13.84 2.66
CA PHE B 731 -13.03 13.49 2.55
C PHE B 731 -13.62 14.50 1.49
N LEU B 732 -13.41 15.81 1.58
CA LEU B 732 -14.00 16.74 0.71
C LEU B 732 -13.54 16.53 -0.72
N THR B 733 -12.20 16.28 -0.94
CA THR B 733 -11.71 16.14 -2.30
C THR B 733 -12.25 14.98 -3.05
N ASN B 734 -12.42 13.80 -2.40
CA ASN B 734 -12.92 12.66 -3.15
C ASN B 734 -14.26 12.87 -3.69
N ILE B 735 -15.03 13.44 -2.77
CA ILE B 735 -16.39 13.89 -2.96
C ILE B 735 -16.39 14.94 -4.16
N LEU B 736 -15.42 15.87 -4.22
CA LEU B 736 -15.32 16.86 -5.29
C LEU B 736 -15.02 16.28 -6.65
N SER B 737 -14.07 15.24 -6.66
CA SER B 737 -13.72 14.60 -7.91
C SER B 737 -14.92 13.94 -8.58
N HIS B 738 -15.65 13.16 -7.72
CA HIS B 738 -16.84 12.47 -8.20
C HIS B 738 -17.99 13.40 -8.71
N LYS B 739 -18.15 14.52 -7.98
CA LYS B 739 -19.13 15.55 -8.31
C LYS B 739 -18.85 16.12 -9.69
N LEU B 740 -17.59 16.51 -9.96
CA LEU B 740 -17.18 17.10 -11.17
C LEU B 740 -17.24 16.15 -12.32
N PHE B 741 -16.78 14.92 -12.26
CA PHE B 741 -16.97 14.08 -13.42
C PHE B 741 -18.36 13.57 -13.74
N ALA B 742 -19.02 12.86 -12.80
CA ALA B 742 -20.32 12.29 -12.95
C ALA B 742 -21.50 13.21 -12.82
N THR B 743 -21.50 13.91 -11.62
CA THR B 743 -22.72 14.43 -10.97
C THR B 743 -22.77 15.97 -11.33
N GLN B 756 -21.61 15.81 -15.32
CA GLN B 756 -22.53 16.84 -15.69
C GLN B 756 -23.75 16.15 -16.27
N PRO B 757 -23.70 15.08 -17.09
CA PRO B 757 -24.91 14.46 -17.60
C PRO B 757 -25.78 13.86 -16.54
N TYR B 758 -25.23 13.31 -15.42
CA TYR B 758 -26.21 12.60 -14.58
C TYR B 758 -27.32 13.52 -13.93
N PRO B 759 -27.18 14.68 -13.25
CA PRO B 759 -28.24 15.54 -12.77
C PRO B 759 -29.08 15.99 -13.90
N THR B 760 -28.51 16.10 -15.12
CA THR B 760 -29.26 16.58 -16.21
C THR B 760 -30.34 15.50 -16.55
N SER B 761 -29.93 14.22 -16.52
CA SER B 761 -30.86 13.13 -16.79
C SER B 761 -31.88 13.06 -15.68
N LEU B 762 -31.37 13.18 -14.43
CA LEU B 762 -32.22 13.08 -13.27
C LEU B 762 -33.26 14.13 -13.10
N VAL B 763 -32.89 15.42 -13.41
CA VAL B 763 -33.83 16.48 -13.29
C VAL B 763 -34.94 16.30 -14.28
N LEU B 764 -34.65 15.74 -15.56
CA LEU B 764 -35.77 15.40 -16.37
C LEU B 764 -36.65 14.34 -15.81
N LEU B 765 -36.11 13.28 -15.22
CA LEU B 765 -37.00 12.24 -14.70
C LEU B 765 -37.96 12.80 -13.64
N LEU B 766 -37.45 13.71 -12.76
CA LEU B 766 -38.21 14.36 -11.72
C LEU B 766 -39.35 15.15 -12.29
N ASN B 767 -39.12 15.96 -13.38
CA ASN B 767 -40.14 16.88 -13.88
C ASN B 767 -41.31 16.06 -14.42
N SER B 768 -41.02 14.95 -15.14
CA SER B 768 -41.93 13.98 -15.72
C SER B 768 -42.86 13.30 -14.62
N VAL B 769 -42.27 12.92 -13.46
CA VAL B 769 -42.91 12.39 -12.28
C VAL B 769 -43.87 13.36 -11.71
N TYR B 770 -43.55 14.68 -11.65
CA TYR B 770 -44.44 15.71 -11.12
C TYR B 770 -45.66 15.87 -11.93
N GLU B 771 -45.53 15.83 -13.26
CA GLU B 771 -46.67 15.89 -14.17
C GLU B 771 -47.55 14.64 -13.93
N PHE B 772 -46.84 13.44 -13.79
CA PHE B 772 -47.48 12.14 -13.67
C PHE B 772 -48.41 12.03 -12.49
N VAL B 773 -47.97 12.46 -11.26
CA VAL B 773 -48.79 12.56 -10.04
C VAL B 773 -50.00 13.45 -10.10
N LYS B 774 -49.85 14.62 -10.78
CA LYS B 774 -50.88 15.56 -10.93
C LYS B 774 -52.08 14.90 -11.72
N VAL B 775 -51.87 14.14 -12.83
CA VAL B 775 -52.96 13.52 -13.67
C VAL B 775 -53.69 12.55 -12.81
N TYR B 776 -52.89 11.70 -12.03
CA TYR B 776 -53.42 10.65 -11.19
C TYR B 776 -54.30 11.18 -10.08
N CYS B 777 -53.91 12.25 -9.40
CA CYS B 777 -54.72 12.82 -8.33
C CYS B 777 -56.08 13.36 -8.79
N ASN B 778 -56.04 13.91 -10.07
CA ASN B 778 -57.20 14.61 -10.59
C ASN B 778 -58.43 13.76 -10.66
N LEU B 779 -58.17 12.53 -11.13
CA LEU B 779 -59.08 11.51 -11.44
C LEU B 779 -60.34 11.32 -10.51
N ASN B 780 -61.51 11.10 -11.14
CA ASN B 780 -62.82 10.93 -10.56
C ASN B 780 -62.95 9.68 -9.65
N SER B 798 -66.25 13.06 -16.20
CA SER B 798 -66.49 11.67 -16.56
C SER B 798 -65.90 11.33 -17.92
N ASN B 799 -66.62 11.63 -19.08
CA ASN B 799 -66.18 11.27 -20.46
C ASN B 799 -64.92 12.01 -20.76
N GLY B 800 -64.80 13.28 -20.37
CA GLY B 800 -63.65 14.10 -20.61
C GLY B 800 -62.36 13.62 -19.91
N LEU B 801 -62.48 13.18 -18.63
CA LEU B 801 -61.44 12.68 -17.74
C LEU B 801 -60.85 11.44 -18.32
N LEU B 802 -61.73 10.48 -18.87
CA LEU B 802 -61.34 9.24 -19.47
C LEU B 802 -60.53 9.44 -20.72
N GLY B 803 -61.00 10.42 -21.58
CA GLY B 803 -60.32 10.73 -22.76
C GLY B 803 -58.96 11.32 -22.43
N LYS B 804 -58.87 12.23 -21.44
CA LYS B 804 -57.65 12.93 -21.15
C LYS B 804 -56.58 11.99 -20.69
N PHE B 805 -56.92 11.01 -19.82
CA PHE B 805 -55.91 10.06 -19.38
C PHE B 805 -55.39 9.19 -20.44
N ASN B 806 -56.24 8.62 -21.39
CA ASN B 806 -55.68 7.70 -22.42
C ASN B 806 -54.67 8.39 -23.33
N THR B 807 -55.01 9.65 -23.73
CA THR B 807 -54.07 10.37 -24.53
C THR B 807 -52.76 10.69 -23.74
N ASN B 808 -52.86 11.13 -22.40
CA ASN B 808 -51.68 11.55 -21.63
C ASN B 808 -50.73 10.32 -21.47
N LEU B 809 -51.24 9.08 -21.21
CA LEU B 809 -50.57 7.90 -20.99
C LEU B 809 -49.85 7.47 -22.15
N LYS B 810 -50.42 7.57 -23.28
CA LYS B 810 -49.73 7.22 -24.53
C LYS B 810 -48.54 8.06 -24.87
N GLU B 811 -48.62 9.40 -24.76
CA GLU B 811 -47.46 10.30 -24.93
C GLU B 811 -46.47 10.04 -23.78
N ILE B 812 -46.88 9.88 -22.52
CA ILE B 812 -46.04 9.68 -21.38
C ILE B 812 -45.28 8.39 -21.38
N VAL B 813 -45.92 7.25 -21.86
CA VAL B 813 -45.24 5.98 -21.98
C VAL B 813 -44.09 5.96 -23.00
N SER B 814 -44.34 6.67 -24.16
CA SER B 814 -43.39 6.77 -25.26
C SER B 814 -42.12 7.50 -24.85
N GLN B 815 -42.24 8.61 -24.08
CA GLN B 815 -41.09 9.41 -23.60
C GLN B 815 -40.21 8.64 -22.67
N TYR B 816 -40.89 7.88 -21.79
CA TYR B 816 -40.29 7.00 -20.81
C TYR B 816 -39.45 5.88 -21.42
N LYS B 817 -39.93 5.25 -22.50
CA LYS B 817 -39.26 4.19 -23.24
C LYS B 817 -38.00 4.77 -23.82
N ASN B 818 -37.99 6.01 -24.35
CA ASN B 818 -36.87 6.69 -24.93
C ASN B 818 -35.79 6.92 -23.85
N PHE B 819 -36.20 7.37 -22.58
CA PHE B 819 -35.31 7.59 -21.49
C PHE B 819 -34.66 6.34 -20.99
N LYS B 820 -35.49 5.21 -20.95
CA LYS B 820 -35.04 3.90 -20.50
C LYS B 820 -33.99 3.37 -21.45
N ASP B 821 -34.14 3.59 -22.75
CA ASP B 821 -33.16 3.21 -23.73
C ASP B 821 -31.82 3.93 -23.54
N ARG B 822 -31.86 5.24 -23.26
CA ARG B 822 -30.68 6.01 -22.94
C ARG B 822 -29.96 5.57 -21.63
N LEU B 823 -30.77 5.23 -20.62
CA LEU B 823 -30.30 4.75 -19.34
C LEU B 823 -29.59 3.47 -19.44
N TYR B 824 -30.05 2.57 -20.29
CA TYR B 824 -29.53 1.22 -20.53
C TYR B 824 -28.17 1.22 -21.04
N ILE B 825 -27.88 2.14 -21.99
CA ILE B 825 -26.50 2.43 -22.51
C ILE B 825 -25.61 2.97 -21.39
N PHE B 826 -26.20 3.86 -20.50
CA PHE B 826 -25.56 4.46 -19.32
C PHE B 826 -25.19 3.40 -18.33
N ARG B 827 -26.00 2.34 -18.13
CA ARG B 827 -25.73 1.24 -17.25
C ARG B 827 -24.54 0.45 -17.70
N ALA B 828 -24.41 0.29 -19.02
CA ALA B 828 -23.29 -0.43 -19.57
C ALA B 828 -21.97 0.20 -19.29
N ASP B 829 -22.03 1.56 -19.40
CA ASP B 829 -20.91 2.46 -19.07
C ASP B 829 -20.55 2.38 -17.65
N LEU B 830 -21.53 2.30 -16.68
CA LEU B 830 -21.49 2.20 -15.23
C LEU B 830 -20.90 0.96 -14.77
N LYS B 831 -21.16 -0.21 -15.45
CA LYS B 831 -20.51 -1.48 -15.16
C LYS B 831 -19.04 -1.43 -15.38
N ASN B 832 -18.61 -0.82 -16.51
CA ASN B 832 -17.25 -0.63 -16.85
C ASN B 832 -16.63 0.39 -15.94
N ASP B 833 -17.39 1.02 -15.06
CA ASP B 833 -17.03 2.05 -14.11
C ASP B 833 -16.58 3.28 -14.79
N GLY B 834 -17.34 3.95 -15.70
CA GLY B 834 -16.99 5.12 -16.47
C GLY B 834 -16.61 4.50 -17.82
N ASP B 835 -17.04 5.10 -18.97
CA ASP B 835 -16.75 4.59 -20.26
C ASP B 835 -16.95 5.70 -21.27
N GLU B 836 -17.20 5.32 -22.56
CA GLU B 836 -17.40 6.09 -23.69
C GLU B 836 -18.68 6.85 -23.67
N GLU B 837 -19.79 6.20 -23.23
CA GLU B 837 -21.13 6.80 -23.37
C GLU B 837 -21.29 8.07 -22.59
N LEU B 838 -20.73 8.14 -21.37
CA LEU B 838 -20.84 9.32 -20.57
C LEU B 838 -20.12 10.52 -21.14
N PHE B 839 -18.92 10.39 -21.77
CA PHE B 839 -18.27 11.39 -22.50
C PHE B 839 -19.09 11.84 -23.64
N LEU B 840 -19.71 10.90 -24.43
CA LEU B 840 -20.57 11.26 -25.51
C LEU B 840 -21.79 12.06 -25.11
N LEU B 841 -22.41 11.68 -23.97
CA LEU B 841 -23.47 12.51 -23.37
C LEU B 841 -23.00 13.84 -22.91
N SER B 842 -21.79 13.97 -22.25
CA SER B 842 -21.34 15.29 -21.75
C SER B 842 -21.16 16.32 -22.89
N LYS B 843 -20.72 15.80 -24.08
CA LYS B 843 -20.54 16.54 -25.24
C LYS B 843 -21.88 16.59 -25.83
N SER B 844 -21.93 16.42 -27.20
CA SER B 844 -23.03 16.60 -28.08
C SER B 844 -23.42 17.98 -28.34
N LEU B 845 -22.63 18.96 -27.77
CA LEU B 845 -22.86 20.41 -27.92
C LEU B 845 -21.54 21.05 -27.51
N ARG B 846 -20.60 20.27 -26.96
CA ARG B 846 -19.26 20.76 -26.79
C ARG B 846 -18.52 20.15 -27.96
N MET C 1 -6.05 -17.05 -6.16
CA MET C 1 -7.22 -17.78 -6.76
C MET C 1 -6.52 -19.09 -7.11
N GLY C 2 -5.78 -19.16 -8.33
CA GLY C 2 -5.03 -20.34 -8.70
C GLY C 2 -5.96 -21.20 -9.39
N GLY C 3 -5.45 -22.34 -9.88
CA GLY C 3 -6.16 -23.36 -10.52
C GLY C 3 -6.50 -24.42 -9.62
N GLU C 4 -7.83 -24.48 -9.27
CA GLU C 4 -8.37 -25.39 -8.32
C GLU C 4 -8.45 -26.73 -8.88
N ILE C 5 -8.31 -27.66 -7.90
CA ILE C 5 -8.53 -29.07 -8.11
C ILE C 5 -9.43 -29.54 -7.15
N ILE C 6 -10.40 -30.36 -7.64
CA ILE C 6 -11.45 -30.95 -6.85
C ILE C 6 -11.12 -32.38 -6.84
N THR C 7 -11.18 -33.06 -5.65
CA THR C 7 -10.76 -34.40 -5.50
C THR C 7 -12.00 -35.16 -5.29
N LEU C 8 -12.14 -36.29 -6.01
CA LEU C 8 -13.38 -37.09 -5.88
C LEU C 8 -12.87 -38.35 -5.36
N GLN C 9 -13.52 -38.79 -4.25
CA GLN C 9 -13.04 -40.07 -3.63
C GLN C 9 -14.18 -41.04 -3.77
N ALA C 10 -13.90 -42.21 -4.36
CA ALA C 10 -14.88 -43.25 -4.67
C ALA C 10 -14.39 -44.62 -4.29
N GLY C 11 -15.34 -45.45 -3.72
CA GLY C 11 -15.06 -46.82 -3.32
C GLY C 11 -14.28 -46.79 -2.08
N GLN C 12 -13.99 -47.92 -1.58
CA GLN C 12 -13.32 -48.18 -0.31
C GLN C 12 -11.92 -47.64 -0.43
N CYS C 13 -11.19 -47.98 -1.52
CA CYS C 13 -9.85 -47.59 -1.78
C CYS C 13 -9.70 -46.16 -2.00
N GLY C 14 -10.56 -45.51 -2.83
CA GLY C 14 -10.41 -44.08 -3.13
C GLY C 14 -10.51 -43.26 -1.86
N ASN C 15 -11.48 -43.55 -0.95
CA ASN C 15 -11.63 -42.82 0.26
C ASN C 15 -10.46 -43.07 1.20
N HIS C 16 -9.99 -44.34 1.21
CA HIS C 16 -8.90 -44.66 2.05
C HIS C 16 -7.55 -43.99 1.72
N VAL C 17 -7.15 -44.06 0.46
CA VAL C 17 -5.92 -43.45 0.08
C VAL C 17 -6.02 -41.97 0.18
N GLY C 18 -7.23 -41.45 -0.21
CA GLY C 18 -7.55 -40.06 -0.24
C GLY C 18 -7.49 -39.46 1.18
N LYS C 19 -7.98 -40.16 2.27
CA LYS C 19 -7.89 -39.68 3.59
C LYS C 19 -6.49 -39.55 4.03
N PHE C 20 -5.61 -40.60 3.64
CA PHE C 20 -4.26 -40.61 4.00
C PHE C 20 -3.48 -39.46 3.40
N LEU C 21 -3.87 -39.14 2.10
CA LEU C 21 -3.20 -38.10 1.33
C LEU C 21 -3.35 -36.77 2.09
N TRP C 22 -4.58 -36.46 2.59
CA TRP C 22 -4.76 -35.24 3.30
C TRP C 22 -3.99 -35.12 4.61
N SER C 23 -3.89 -36.25 5.43
CA SER C 23 -3.19 -36.28 6.72
C SER C 23 -1.74 -35.99 6.59
N GLN C 24 -1.22 -36.58 5.52
CA GLN C 24 0.19 -36.48 5.05
C GLN C 24 0.47 -35.05 4.60
N LEU C 25 -0.36 -34.32 3.87
CA LEU C 25 -0.19 -32.92 3.53
C LEU C 25 -0.26 -32.06 4.76
N ALA C 26 -1.20 -32.35 5.73
CA ALA C 26 -1.45 -31.53 6.97
C ALA C 26 -0.22 -31.50 7.83
N LYS C 27 0.49 -32.68 7.95
CA LYS C 27 1.63 -32.83 8.67
C LYS C 27 2.74 -32.03 8.13
N GLU C 28 2.87 -32.09 6.81
CA GLU C 28 3.95 -31.49 6.08
C GLU C 28 3.87 -29.95 6.07
N HIS C 29 2.63 -29.49 5.98
CA HIS C 29 2.29 -28.03 5.98
C HIS C 29 2.35 -27.37 7.32
N ALA C 30 2.48 -28.20 8.36
CA ALA C 30 2.52 -27.83 9.77
C ALA C 30 1.27 -27.01 10.23
N ILE C 31 0.09 -27.65 9.94
CA ILE C 31 -1.25 -27.22 10.28
C ILE C 31 -1.78 -28.43 11.03
N GLY C 32 -2.92 -28.29 11.65
CA GLY C 32 -3.42 -29.22 12.61
C GLY C 32 -4.19 -30.43 12.03
N THR C 33 -4.85 -31.17 12.95
CA THR C 33 -5.66 -32.34 12.57
C THR C 33 -7.08 -31.89 12.29
N ASP C 34 -7.32 -30.57 12.28
CA ASP C 34 -8.48 -29.92 11.71
C ASP C 34 -7.97 -28.86 10.75
N GLY C 35 -6.63 -28.84 10.37
CA GLY C 35 -6.09 -27.90 9.40
C GLY C 35 -5.73 -26.58 10.08
N LEU C 36 -5.65 -26.56 11.40
CA LEU C 36 -5.34 -25.44 12.19
C LEU C 36 -4.21 -24.55 11.79
N SER C 37 -4.45 -23.29 11.59
CA SER C 37 -3.42 -22.38 11.12
C SER C 37 -2.73 -21.85 12.33
N GLN C 38 -1.39 -21.81 12.26
CA GLN C 38 -0.56 -21.43 13.35
C GLN C 38 0.14 -20.08 12.97
N LEU C 39 -0.34 -19.00 13.62
CA LEU C 39 0.25 -17.71 13.52
C LEU C 39 1.52 -17.59 14.41
N PRO C 40 1.77 -18.36 15.54
CA PRO C 40 3.08 -18.08 16.31
C PRO C 40 4.25 -18.59 15.60
N ASP C 41 4.13 -19.63 14.80
CA ASP C 41 5.07 -20.32 13.97
C ASP C 41 5.66 -19.44 12.93
N SER C 42 4.77 -18.83 12.12
CA SER C 42 5.19 -17.81 11.17
C SER C 42 3.89 -17.00 11.09
N SER C 43 4.05 -15.67 10.88
CA SER C 43 2.93 -14.78 10.66
C SER C 43 3.06 -14.20 9.26
N THR C 44 4.04 -14.69 8.48
CA THR C 44 4.34 -14.17 7.14
C THR C 44 3.94 -15.31 6.16
N GLU C 45 4.86 -16.28 5.85
CA GLU C 45 4.48 -17.36 5.07
C GLU C 45 5.36 -18.61 5.40
N ARG C 46 4.92 -19.88 5.15
CA ARG C 46 5.73 -20.94 5.43
C ARG C 46 5.41 -21.97 4.34
N ASP C 47 4.33 -21.81 3.50
CA ASP C 47 4.08 -22.65 2.36
C ASP C 47 3.20 -21.69 1.50
N ASP C 48 3.03 -21.96 0.18
CA ASP C 48 2.24 -21.16 -0.65
C ASP C 48 1.82 -22.04 -1.80
N ASP C 49 0.87 -21.45 -2.53
CA ASP C 49 0.09 -22.02 -3.58
C ASP C 49 -0.93 -23.00 -3.08
N THR C 50 -1.66 -22.67 -1.94
CA THR C 50 -2.33 -23.72 -1.16
C THR C 50 -3.84 -23.45 -1.29
N LYS C 51 -4.31 -22.50 -2.14
CA LYS C 51 -5.72 -22.30 -2.52
C LYS C 51 -6.18 -23.44 -3.40
N PRO C 52 -5.48 -23.92 -4.34
CA PRO C 52 -6.01 -25.02 -5.15
C PRO C 52 -6.37 -26.23 -4.37
N PHE C 53 -5.58 -26.73 -3.41
CA PHE C 53 -6.03 -27.98 -2.77
C PHE C 53 -7.02 -27.66 -1.67
N PHE C 54 -6.81 -26.56 -0.99
CA PHE C 54 -7.54 -26.23 0.26
C PHE C 54 -8.34 -24.91 0.20
N ARG C 55 -9.30 -24.80 1.10
CA ARG C 55 -10.14 -23.63 1.23
C ARG C 55 -10.09 -23.35 2.71
N GLU C 56 -10.32 -22.07 3.15
CA GLU C 56 -10.31 -21.88 4.60
C GLU C 56 -11.73 -21.58 5.07
N ASN C 57 -11.98 -22.25 6.20
CA ASN C 57 -13.25 -22.29 6.90
C ASN C 57 -13.29 -21.05 7.79
N CYS C 58 -14.48 -20.79 8.39
CA CYS C 58 -14.97 -19.71 9.24
C CYS C 58 -14.31 -19.75 10.62
N ARG C 59 -12.98 -19.94 10.75
CA ARG C 59 -12.27 -20.12 12.00
C ARG C 59 -10.78 -19.93 11.75
N ASN C 60 -10.41 -19.79 10.46
CA ASN C 60 -9.04 -19.65 9.95
C ASN C 60 -8.31 -20.99 10.17
N LYS C 61 -8.83 -22.00 9.49
CA LYS C 61 -8.27 -23.28 9.40
C LYS C 61 -8.59 -23.66 8.05
N PHE C 62 -7.70 -24.54 7.56
CA PHE C 62 -7.71 -25.13 6.22
C PHE C 62 -8.67 -26.26 6.16
N THR C 63 -9.35 -26.44 5.04
CA THR C 63 -10.23 -27.51 4.88
C THR C 63 -9.92 -28.08 3.50
N PRO C 64 -9.91 -29.40 3.27
CA PRO C 64 -9.62 -29.97 1.96
C PRO C 64 -10.72 -29.73 0.98
N ARG C 65 -10.36 -29.45 -0.25
CA ARG C 65 -11.33 -29.51 -1.28
C ARG C 65 -11.37 -30.92 -1.87
N ALA C 66 -12.23 -31.77 -1.22
CA ALA C 66 -12.44 -33.15 -1.53
C ALA C 66 -13.91 -33.44 -1.40
N ILE C 67 -14.41 -34.37 -2.31
CA ILE C 67 -15.83 -34.79 -2.36
C ILE C 67 -15.81 -36.27 -2.10
N MET C 68 -16.70 -36.78 -1.20
CA MET C 68 -16.73 -38.21 -0.81
C MET C 68 -18.04 -38.68 -1.39
N MET C 69 -17.91 -39.83 -2.07
CA MET C 69 -18.89 -40.60 -2.55
C MET C 69 -18.42 -42.02 -2.19
N ASP C 70 -19.40 -42.82 -1.74
CA ASP C 70 -19.18 -44.15 -1.30
C ASP C 70 -20.49 -44.55 -0.64
N SER C 71 -20.44 -45.55 0.24
CA SER C 71 -21.58 -45.90 1.17
C SER C 71 -21.02 -45.80 2.59
N GLU C 72 -21.61 -46.57 3.53
CA GLU C 72 -21.34 -46.49 4.95
C GLU C 72 -19.91 -46.91 5.35
N PRO C 73 -19.18 -47.95 4.98
CA PRO C 73 -17.93 -48.37 5.60
C PRO C 73 -16.82 -47.32 5.84
N SER C 74 -16.42 -46.60 4.81
CA SER C 74 -15.37 -45.61 4.83
C SER C 74 -15.72 -44.38 5.64
N VAL C 75 -17.00 -43.90 5.43
CA VAL C 75 -17.51 -42.75 6.11
C VAL C 75 -17.58 -42.96 7.50
N ILE C 76 -17.97 -44.17 7.94
CA ILE C 76 -18.19 -44.51 9.33
C ILE C 76 -16.84 -44.37 10.09
N ALA C 77 -15.73 -44.81 9.39
CA ALA C 77 -14.36 -44.73 9.85
C ALA C 77 -14.04 -43.28 10.03
N ASP C 78 -14.45 -42.35 9.13
CA ASP C 78 -14.19 -40.95 9.20
C ASP C 78 -14.82 -40.33 10.40
N VAL C 79 -16.07 -40.83 10.68
CA VAL C 79 -16.93 -40.30 11.68
C VAL C 79 -16.41 -40.49 13.09
N GLU C 80 -15.69 -41.58 13.29
CA GLU C 80 -14.98 -41.81 14.54
C GLU C 80 -13.84 -40.88 14.72
N ASN C 81 -13.16 -40.58 13.61
CA ASN C 81 -11.97 -39.76 13.57
C ASN C 81 -12.19 -38.37 14.12
N THR C 82 -11.12 -37.79 14.64
CA THR C 82 -11.07 -36.51 15.27
C THR C 82 -10.51 -35.68 14.17
N PHE C 83 -10.72 -36.07 12.88
CA PHE C 83 -10.35 -35.30 11.73
C PHE C 83 -11.60 -34.74 11.11
N ARG C 84 -12.76 -34.91 11.78
CA ARG C 84 -14.00 -34.27 11.35
C ARG C 84 -13.91 -32.81 11.81
N GLY C 85 -14.16 -31.87 10.85
CA GLY C 85 -13.65 -30.53 11.04
C GLY C 85 -12.48 -30.24 10.16
N PHE C 86 -12.12 -31.24 9.39
CA PHE C 86 -11.14 -31.24 8.31
C PHE C 86 -11.81 -31.87 7.18
N PHE C 87 -13.11 -31.95 7.22
CA PHE C 87 -13.98 -32.65 6.33
C PHE C 87 -15.29 -31.86 6.39
N ASP C 88 -15.90 -31.59 5.26
CA ASP C 88 -17.17 -31.02 5.04
C ASP C 88 -18.18 -32.14 5.06
N PRO C 89 -19.02 -32.26 6.06
CA PRO C 89 -20.08 -33.26 6.14
C PRO C 89 -21.06 -32.97 4.95
N ARG C 90 -21.23 -31.74 4.36
CA ARG C 90 -22.00 -31.57 3.18
C ARG C 90 -21.39 -32.27 1.91
N ASN C 91 -20.01 -32.35 1.78
CA ASN C 91 -19.41 -33.12 0.69
C ASN C 91 -19.51 -34.65 0.77
N THR C 92 -19.80 -35.09 1.96
CA THR C 92 -19.93 -36.55 2.10
C THR C 92 -21.38 -37.01 1.81
N TRP C 93 -21.43 -38.01 0.84
CA TRP C 93 -22.65 -38.58 0.27
C TRP C 93 -22.52 -40.06 0.34
N VAL C 94 -23.59 -40.74 0.97
CA VAL C 94 -23.59 -42.17 1.21
C VAL C 94 -24.91 -42.78 0.70
N ALA C 95 -24.77 -43.89 -0.15
CA ALA C 95 -25.85 -44.46 -0.85
C ALA C 95 -26.35 -45.65 -0.18
N SER C 96 -27.71 -45.86 -0.42
CA SER C 96 -28.35 -47.05 -0.06
C SER C 96 -29.61 -47.11 -0.82
N ASP C 97 -29.65 -46.52 -1.94
CA ASP C 97 -30.82 -46.23 -2.67
C ASP C 97 -31.22 -47.38 -3.53
N GLY C 98 -30.19 -48.30 -3.75
CA GLY C 98 -30.41 -49.55 -4.48
C GLY C 98 -29.86 -50.69 -3.72
N ALA C 99 -30.06 -50.65 -2.38
CA ALA C 99 -29.42 -51.63 -1.43
C ALA C 99 -27.98 -51.61 -1.48
N SER C 100 -27.36 -50.43 -1.12
CA SER C 100 -25.90 -50.34 -1.00
C SER C 100 -25.18 -50.36 -2.32
N ALA C 101 -23.81 -50.40 -2.26
CA ALA C 101 -22.86 -50.38 -3.33
C ALA C 101 -22.91 -51.62 -4.23
N GLY C 102 -23.11 -52.80 -3.60
CA GLY C 102 -23.38 -54.00 -4.28
C GLY C 102 -22.15 -54.78 -4.78
N ASN C 103 -20.95 -54.17 -4.63
CA ASN C 103 -19.61 -54.69 -4.95
C ASN C 103 -19.52 -55.38 -6.34
N SER C 104 -20.05 -54.63 -7.40
CA SER C 104 -20.10 -55.03 -8.80
C SER C 104 -20.43 -53.79 -9.60
N TRP C 105 -19.99 -53.71 -10.90
CA TRP C 105 -20.07 -52.55 -11.78
C TRP C 105 -21.46 -52.20 -12.03
N ALA C 106 -22.31 -53.22 -12.35
CA ALA C 106 -23.69 -52.90 -12.65
C ALA C 106 -24.46 -52.27 -11.45
N ASN C 107 -24.26 -52.76 -10.18
CA ASN C 107 -25.02 -52.33 -9.00
C ASN C 107 -24.84 -50.88 -8.71
N GLY C 108 -23.52 -50.61 -8.82
CA GLY C 108 -23.06 -49.28 -8.71
C GLY C 108 -23.53 -48.37 -9.80
N TYR C 109 -23.54 -48.82 -11.06
CA TYR C 109 -23.91 -47.97 -12.19
C TYR C 109 -25.40 -47.60 -12.10
N ASP C 110 -26.20 -48.60 -11.77
CA ASP C 110 -27.61 -48.48 -11.67
C ASP C 110 -28.06 -47.52 -10.58
N ILE C 111 -27.42 -47.50 -9.39
CA ILE C 111 -27.72 -46.53 -8.35
C ILE C 111 -27.33 -45.11 -8.82
N GLY C 112 -26.25 -44.94 -9.56
CA GLY C 112 -25.84 -43.68 -10.04
C GLY C 112 -26.98 -43.10 -10.88
N THR C 113 -27.67 -43.92 -11.73
CA THR C 113 -28.69 -43.46 -12.68
C THR C 113 -29.86 -42.86 -11.96
N ARG C 114 -30.19 -43.47 -10.73
CA ARG C 114 -31.14 -43.11 -9.78
C ARG C 114 -30.85 -41.80 -9.12
N ASN C 115 -29.55 -41.61 -8.69
CA ASN C 115 -29.14 -40.46 -7.99
C ASN C 115 -28.32 -39.52 -8.86
N GLN C 116 -28.76 -39.18 -10.10
CA GLN C 116 -27.91 -38.33 -10.88
C GLN C 116 -27.80 -36.94 -10.26
N ASP C 117 -28.97 -36.43 -9.82
CA ASP C 117 -29.14 -35.06 -9.40
C ASP C 117 -28.31 -34.86 -8.12
N ASP C 118 -28.38 -35.87 -7.19
CA ASP C 118 -27.81 -35.71 -5.86
C ASP C 118 -26.37 -35.55 -5.96
N ILE C 119 -25.72 -36.40 -6.82
CA ILE C 119 -24.24 -36.42 -7.00
C ILE C 119 -23.85 -35.12 -7.62
N LEU C 120 -24.66 -34.68 -8.66
CA LEU C 120 -24.40 -33.49 -9.47
C LEU C 120 -24.54 -32.31 -8.61
N ASN C 121 -25.46 -32.20 -7.55
CA ASN C 121 -25.64 -31.10 -6.68
C ASN C 121 -24.39 -30.87 -5.90
N LYS C 122 -23.64 -32.00 -5.44
CA LYS C 122 -22.36 -31.96 -4.73
C LYS C 122 -21.30 -31.40 -5.57
N ILE C 123 -21.24 -31.92 -6.86
CA ILE C 123 -20.30 -31.37 -7.80
C ILE C 123 -20.63 -29.87 -8.18
N ASP C 124 -21.86 -29.49 -8.44
CA ASP C 124 -22.16 -28.11 -8.82
C ASP C 124 -21.81 -27.05 -7.69
N LYS C 125 -22.04 -27.40 -6.41
CA LYS C 125 -21.77 -26.56 -5.17
C LYS C 125 -20.34 -26.19 -5.00
N GLU C 126 -19.44 -27.24 -5.09
CA GLU C 126 -17.97 -27.08 -5.05
C GLU C 126 -17.58 -26.31 -6.28
N ILE C 127 -18.22 -26.62 -7.48
CA ILE C 127 -17.82 -25.97 -8.66
C ILE C 127 -18.10 -24.49 -8.59
N ASP C 128 -19.33 -24.01 -8.16
CA ASP C 128 -19.64 -22.62 -8.18
C ASP C 128 -18.74 -21.86 -7.18
N SER C 129 -18.35 -22.56 -6.02
CA SER C 129 -17.53 -21.89 -4.97
C SER C 129 -16.15 -21.64 -5.43
N THR C 130 -15.68 -22.27 -6.54
CA THR C 130 -14.30 -22.19 -7.10
C THR C 130 -13.86 -20.76 -7.41
N ASP C 131 -12.56 -20.62 -7.53
CA ASP C 131 -11.92 -19.35 -7.76
C ASP C 131 -11.52 -19.30 -9.24
N ASN C 132 -11.42 -20.52 -9.95
CA ASN C 132 -11.09 -20.78 -11.30
C ASN C 132 -10.51 -22.16 -11.20
N PHE C 133 -11.35 -23.08 -11.78
CA PHE C 133 -11.18 -24.48 -11.65
C PHE C 133 -10.24 -24.95 -12.66
N GLU C 134 -9.06 -25.54 -12.32
CA GLU C 134 -8.15 -26.16 -13.24
C GLU C 134 -8.69 -27.52 -13.70
N GLY C 135 -9.21 -28.37 -12.74
CA GLY C 135 -9.73 -29.64 -13.20
C GLY C 135 -9.89 -30.58 -12.04
N PHE C 136 -10.14 -31.84 -12.38
CA PHE C 136 -10.69 -32.75 -11.45
C PHE C 136 -9.61 -33.78 -11.23
N GLN C 137 -9.60 -34.44 -10.08
CA GLN C 137 -8.82 -35.68 -9.86
C GLN C 137 -9.82 -36.68 -9.34
N LEU C 138 -9.94 -37.92 -9.97
CA LEU C 138 -10.83 -39.03 -9.40
C LEU C 138 -9.86 -40.06 -8.90
N LEU C 139 -10.13 -40.48 -7.65
CA LEU C 139 -9.42 -41.51 -7.02
C LEU C 139 -10.36 -42.67 -6.85
N HIS C 140 -10.10 -43.92 -7.36
CA HIS C 140 -11.01 -45.07 -7.15
C HIS C 140 -10.53 -46.39 -7.62
N SER C 141 -11.41 -47.34 -7.23
CA SER C 141 -11.18 -48.73 -7.18
C SER C 141 -12.03 -49.56 -8.11
N VAL C 142 -11.49 -50.67 -8.53
CA VAL C 142 -12.05 -51.68 -9.38
C VAL C 142 -12.49 -52.81 -8.57
N ALA C 143 -12.28 -52.68 -7.22
CA ALA C 143 -12.84 -53.53 -6.19
C ALA C 143 -14.05 -52.82 -5.65
N GLY C 144 -14.30 -51.54 -6.07
CA GLY C 144 -15.47 -50.79 -5.66
C GLY C 144 -16.70 -51.31 -6.40
N GLY C 145 -17.89 -51.21 -5.77
CA GLY C 145 -19.19 -51.28 -6.40
C GLY C 145 -19.48 -49.94 -6.90
N THR C 146 -19.32 -48.97 -5.97
CA THR C 146 -19.48 -47.54 -6.11
C THR C 146 -18.31 -47.09 -6.94
N GLY C 147 -17.04 -47.36 -6.52
CA GLY C 147 -15.91 -46.75 -7.16
C GLY C 147 -15.90 -47.16 -8.53
N SER C 148 -16.17 -48.48 -8.85
CA SER C 148 -16.28 -48.89 -10.27
C SER C 148 -17.55 -48.39 -10.97
N GLY C 149 -18.80 -48.77 -10.57
CA GLY C 149 -20.03 -48.47 -11.31
C GLY C 149 -20.52 -47.06 -11.35
N LEU C 150 -20.60 -46.49 -10.17
CA LEU C 150 -21.04 -45.11 -9.94
C LEU C 150 -20.13 -44.08 -10.49
N GLY C 151 -18.86 -44.31 -10.33
CA GLY C 151 -17.73 -43.59 -10.77
C GLY C 151 -17.74 -43.58 -12.28
N SER C 152 -18.05 -44.72 -12.98
CA SER C 152 -18.17 -44.70 -14.39
C SER C 152 -19.25 -43.83 -14.95
N ASN C 153 -20.47 -43.79 -14.28
CA ASN C 153 -21.64 -43.04 -14.65
C ASN C 153 -21.29 -41.65 -14.55
N LEU C 154 -20.61 -41.29 -13.43
CA LEU C 154 -20.24 -39.93 -13.04
C LEU C 154 -19.30 -39.31 -13.98
N LEU C 155 -18.32 -40.11 -14.53
CA LEU C 155 -17.21 -39.74 -15.45
C LEU C 155 -17.83 -39.25 -16.74
N GLU C 156 -18.92 -39.95 -17.20
CA GLU C 156 -19.67 -39.56 -18.42
C GLU C 156 -20.33 -38.24 -18.21
N ALA C 157 -20.95 -38.00 -16.99
CA ALA C 157 -21.73 -36.81 -16.68
C ALA C 157 -20.82 -35.59 -16.74
N LEU C 158 -19.61 -35.71 -16.17
CA LEU C 158 -18.57 -34.62 -16.22
C LEU C 158 -18.06 -34.27 -17.57
N CYS C 159 -17.90 -35.29 -18.41
CA CYS C 159 -17.39 -35.16 -19.74
C CYS C 159 -18.25 -34.23 -20.61
N ASP C 160 -19.54 -34.53 -20.57
CA ASP C 160 -20.52 -33.68 -21.27
C ASP C 160 -20.67 -32.33 -20.51
N ARG C 161 -20.79 -32.40 -19.14
CA ARG C 161 -21.28 -31.26 -18.42
C ARG C 161 -20.41 -30.10 -18.43
N TYR C 162 -19.18 -30.32 -18.12
CA TYR C 162 -18.17 -29.32 -18.17
C TYR C 162 -17.21 -29.82 -19.16
N PRO C 163 -17.28 -29.45 -20.42
CA PRO C 163 -16.42 -30.01 -21.42
C PRO C 163 -15.13 -29.20 -21.41
N LYS C 164 -14.99 -27.93 -20.99
CA LYS C 164 -13.69 -27.21 -21.01
C LYS C 164 -12.56 -27.82 -20.31
N LYS C 165 -12.77 -28.05 -19.03
CA LYS C 165 -11.80 -28.37 -18.01
C LYS C 165 -11.15 -29.76 -18.06
N ILE C 166 -10.09 -30.00 -17.23
CA ILE C 166 -9.22 -31.18 -17.16
C ILE C 166 -9.73 -32.23 -16.24
N LEU C 167 -9.62 -33.56 -16.60
CA LEU C 167 -9.88 -34.75 -15.85
C LEU C 167 -8.66 -35.52 -15.77
N THR C 168 -8.21 -35.79 -14.50
CA THR C 168 -7.07 -36.58 -14.21
C THR C 168 -7.64 -37.66 -13.38
N THR C 169 -7.18 -38.94 -13.51
CA THR C 169 -7.64 -39.93 -12.63
C THR C 169 -6.44 -40.66 -12.14
N TYR C 170 -6.60 -41.19 -10.86
CA TYR C 170 -5.77 -42.13 -10.21
C TYR C 170 -6.53 -43.39 -10.15
N SER C 171 -6.15 -44.31 -11.05
CA SER C 171 -6.98 -45.46 -11.26
C SER C 171 -6.26 -46.70 -10.71
N VAL C 172 -6.90 -47.56 -9.85
CA VAL C 172 -6.26 -48.74 -9.33
C VAL C 172 -6.62 -49.85 -10.18
N PHE C 173 -5.65 -50.61 -10.73
CA PHE C 173 -5.77 -51.84 -11.52
C PHE C 173 -5.54 -52.94 -10.53
N PRO C 174 -6.14 -54.08 -10.56
CA PRO C 174 -5.91 -55.14 -9.55
C PRO C 174 -4.70 -55.98 -9.97
N ALA C 175 -4.93 -57.16 -10.59
CA ALA C 175 -3.95 -58.18 -11.03
C ALA C 175 -4.50 -58.88 -12.26
N ARG C 176 -3.68 -59.57 -13.10
CA ARG C 176 -4.17 -60.24 -14.30
C ARG C 176 -4.65 -61.61 -13.92
N SER C 177 -4.60 -62.03 -12.57
CA SER C 177 -4.87 -63.35 -12.05
C SER C 177 -5.27 -63.10 -10.66
N SER C 178 -6.62 -63.24 -10.48
CA SER C 178 -7.32 -62.78 -9.34
C SER C 178 -8.35 -63.84 -8.92
N GLU C 179 -8.81 -63.61 -7.66
CA GLU C 179 -9.74 -64.51 -6.93
C GLU C 179 -11.11 -64.48 -7.49
N VAL C 180 -11.55 -63.51 -8.30
CA VAL C 180 -12.87 -63.48 -8.92
C VAL C 180 -12.78 -63.57 -10.36
N VAL C 181 -13.70 -64.36 -10.90
CA VAL C 181 -13.80 -64.64 -12.29
C VAL C 181 -14.31 -63.42 -12.99
N VAL C 182 -15.25 -62.69 -12.36
CA VAL C 182 -15.81 -61.50 -12.90
C VAL C 182 -14.92 -60.36 -13.01
N GLN C 183 -13.65 -60.50 -12.54
CA GLN C 183 -12.70 -59.39 -12.44
C GLN C 183 -12.63 -58.48 -13.70
N SER C 184 -12.49 -59.11 -14.87
CA SER C 184 -12.30 -58.52 -16.13
C SER C 184 -13.51 -57.76 -16.63
N TYR C 185 -14.73 -58.33 -16.17
CA TYR C 185 -15.98 -57.63 -16.50
C TYR C 185 -16.03 -56.27 -15.87
N ASN C 186 -15.70 -56.26 -14.54
CA ASN C 186 -15.67 -55.05 -13.75
C ASN C 186 -14.66 -54.03 -14.30
N THR C 187 -13.48 -54.54 -14.62
CA THR C 187 -12.41 -53.67 -15.14
C THR C 187 -12.72 -53.02 -16.51
N ILE C 188 -13.22 -53.86 -17.43
CA ILE C 188 -13.45 -53.50 -18.86
C ILE C 188 -14.50 -52.43 -18.94
N LEU C 189 -15.65 -52.66 -18.24
CA LEU C 189 -16.80 -51.74 -18.19
C LEU C 189 -16.35 -50.40 -17.61
N ALA C 190 -15.44 -50.37 -16.57
CA ALA C 190 -14.79 -49.16 -16.16
C ALA C 190 -13.79 -48.54 -17.15
N LEU C 191 -12.93 -49.37 -17.83
CA LEU C 191 -11.84 -48.83 -18.63
C LEU C 191 -12.32 -47.99 -19.78
N ARG C 192 -13.51 -48.32 -20.31
CA ARG C 192 -14.23 -47.60 -21.37
C ARG C 192 -14.49 -46.16 -21.01
N ARG C 193 -15.07 -45.99 -19.78
CA ARG C 193 -15.39 -44.68 -19.20
C ARG C 193 -14.18 -43.96 -18.90
N LEU C 194 -13.06 -44.63 -18.41
CA LEU C 194 -11.81 -43.98 -18.04
C LEU C 194 -11.14 -43.38 -19.24
N ILE C 195 -11.11 -44.11 -20.43
CA ILE C 195 -10.51 -43.68 -21.65
C ILE C 195 -11.25 -42.52 -22.33
N GLU C 196 -12.61 -42.58 -22.47
CA GLU C 196 -13.30 -41.53 -23.22
C GLU C 196 -13.53 -40.33 -22.38
N ASP C 197 -13.96 -40.50 -21.08
CA ASP C 197 -14.44 -39.40 -20.32
C ASP C 197 -13.37 -38.65 -19.67
N SER C 198 -12.15 -39.24 -19.63
CA SER C 198 -10.98 -38.66 -19.00
C SER C 198 -9.88 -38.44 -19.91
N ASP C 199 -9.34 -37.17 -19.90
CA ASP C 199 -8.17 -36.74 -20.61
C ASP C 199 -6.84 -37.36 -20.18
N ALA C 200 -6.66 -37.78 -18.90
CA ALA C 200 -5.38 -38.35 -18.51
C ALA C 200 -5.68 -39.42 -17.44
N THR C 201 -4.98 -40.53 -17.51
CA THR C 201 -5.10 -41.69 -16.64
C THR C 201 -3.70 -42.19 -16.14
N VAL C 202 -3.48 -42.21 -14.79
CA VAL C 202 -2.32 -42.83 -14.14
C VAL C 202 -2.68 -44.21 -13.78
N VAL C 203 -2.02 -45.22 -14.31
CA VAL C 203 -2.35 -46.62 -13.96
C VAL C 203 -1.55 -46.97 -12.70
N PHE C 204 -2.20 -47.45 -11.66
CA PHE C 204 -1.62 -47.99 -10.45
C PHE C 204 -1.88 -49.49 -10.30
N ASP C 205 -0.84 -50.33 -10.47
CA ASP C 205 -1.03 -51.74 -10.58
C ASP C 205 -0.89 -52.23 -9.19
N ASN C 206 -1.91 -52.90 -8.62
CA ASN C 206 -1.91 -53.48 -7.25
C ASN C 206 -0.99 -54.64 -6.95
N ALA C 207 -0.70 -55.46 -7.97
CA ALA C 207 0.25 -56.53 -7.89
C ALA C 207 1.66 -56.07 -7.54
N SER C 208 2.09 -55.00 -8.21
CA SER C 208 3.39 -54.48 -8.07
C SER C 208 3.55 -53.78 -6.70
N LEU C 209 2.45 -53.04 -6.37
CA LEU C 209 2.29 -52.26 -5.15
C LEU C 209 2.28 -53.09 -3.90
N LEU C 210 1.67 -54.33 -3.95
CA LEU C 210 1.67 -55.36 -2.87
C LEU C 210 3.09 -55.87 -2.66
N ASN C 211 3.80 -56.13 -3.77
CA ASN C 211 5.18 -56.60 -3.64
C ASN C 211 6.08 -55.62 -2.99
N ILE C 212 5.92 -54.25 -3.30
CA ILE C 212 6.63 -53.22 -2.60
C ILE C 212 6.36 -53.12 -1.13
N SER C 213 5.06 -53.16 -0.79
CA SER C 213 4.65 -53.10 0.64
C SER C 213 5.27 -54.21 1.46
N GLY C 214 5.09 -55.53 1.05
CA GLY C 214 5.60 -56.68 1.81
C GLY C 214 7.08 -56.67 1.83
N LYS C 215 7.76 -56.45 0.62
CA LYS C 215 9.18 -56.47 0.59
C LYS C 215 9.99 -55.33 1.15
N VAL C 216 9.79 -54.06 0.63
CA VAL C 216 10.55 -52.92 1.08
C VAL C 216 10.11 -52.38 2.46
N PHE C 217 8.80 -52.24 2.51
CA PHE C 217 8.13 -51.64 3.70
C PHE C 217 8.18 -52.60 4.88
N ARG C 218 8.26 -53.96 4.61
CA ARG C 218 8.50 -54.95 5.62
C ARG C 218 7.57 -54.91 6.79
N ASN C 219 6.31 -55.25 6.53
CA ASN C 219 5.23 -55.39 7.46
C ASN C 219 5.06 -56.80 7.59
N PRO C 220 4.77 -57.37 8.73
CA PRO C 220 4.21 -58.74 8.82
C PRO C 220 2.77 -58.66 8.42
N ASN C 221 2.28 -59.71 7.75
CA ASN C 221 0.87 -60.04 7.52
C ASN C 221 0.26 -58.98 6.59
N ILE C 222 0.63 -59.10 5.30
CA ILE C 222 0.43 -58.28 4.12
C ILE C 222 -1.08 -57.99 4.01
N ASP C 223 -1.47 -56.73 3.61
CA ASP C 223 -2.85 -56.35 3.26
C ASP C 223 -2.75 -55.01 2.62
N LEU C 224 -3.97 -54.56 2.20
CA LEU C 224 -4.39 -53.38 1.49
C LEU C 224 -4.17 -52.07 2.19
N GLN C 225 -4.35 -51.99 3.48
CA GLN C 225 -4.16 -50.87 4.34
C GLN C 225 -2.73 -50.44 4.36
N HIS C 226 -1.75 -51.32 4.36
CA HIS C 226 -0.32 -51.13 4.36
C HIS C 226 0.04 -50.52 3.03
N THR C 227 -0.57 -51.08 1.97
CA THR C 227 -0.36 -50.71 0.62
C THR C 227 -0.85 -49.37 0.31
N ASN C 228 -1.97 -48.97 0.98
CA ASN C 228 -2.60 -47.65 0.76
C ASN C 228 -1.73 -46.50 1.11
N GLN C 229 -0.79 -46.76 2.10
CA GLN C 229 0.19 -45.75 2.47
C GLN C 229 1.12 -45.32 1.46
N LEU C 230 1.57 -46.30 0.60
CA LEU C 230 2.48 -46.15 -0.49
C LEU C 230 1.91 -45.30 -1.48
N ILE C 231 0.58 -45.62 -1.80
CA ILE C 231 -0.21 -44.98 -2.82
C ILE C 231 -0.41 -43.53 -2.47
N SER C 232 -0.73 -43.27 -1.18
CA SER C 232 -0.99 -41.91 -0.75
C SER C 232 0.26 -41.05 -0.85
N THR C 233 1.47 -41.66 -0.58
CA THR C 233 2.84 -41.04 -0.53
C THR C 233 3.09 -40.53 -1.93
N ILE C 234 2.79 -41.36 -2.98
CA ILE C 234 3.07 -41.10 -4.41
C ILE C 234 2.22 -39.99 -4.78
N ILE C 235 0.90 -40.06 -4.43
CA ILE C 235 -0.07 -39.06 -4.83
C ILE C 235 0.35 -37.70 -4.16
N SER C 236 0.80 -37.72 -2.87
CA SER C 236 1.10 -36.56 -2.13
C SER C 236 2.24 -35.83 -2.79
N SER C 237 3.29 -36.60 -3.17
CA SER C 237 4.52 -36.12 -3.74
C SER C 237 4.33 -35.45 -5.08
N VAL C 238 3.42 -35.88 -5.98
CA VAL C 238 3.24 -35.27 -7.25
C VAL C 238 2.79 -33.84 -7.10
N THR C 239 1.98 -33.52 -6.08
CA THR C 239 1.56 -32.16 -5.82
C THR C 239 2.50 -31.18 -5.05
N ASN C 240 3.61 -31.70 -4.53
CA ASN C 240 4.72 -31.01 -3.89
C ASN C 240 5.35 -29.87 -4.62
N SER C 241 5.55 -30.11 -5.95
CA SER C 241 6.19 -29.27 -6.92
C SER C 241 5.44 -28.03 -7.18
N ILE C 242 4.15 -28.13 -6.95
CA ILE C 242 3.18 -27.07 -7.18
C ILE C 242 3.38 -26.07 -6.10
N ARG C 243 3.53 -26.62 -4.87
CA ARG C 243 3.57 -25.79 -3.70
C ARG C 243 4.87 -25.00 -3.52
N PHE C 244 6.09 -25.42 -4.10
CA PHE C 244 7.33 -24.70 -3.82
C PHE C 244 7.26 -23.33 -4.50
N PRO C 245 7.80 -22.28 -3.92
CA PRO C 245 7.92 -21.00 -4.52
C PRO C 245 9.17 -20.92 -5.47
N SER C 246 9.17 -20.20 -6.64
CA SER C 246 10.32 -20.06 -7.52
C SER C 246 10.20 -21.18 -8.53
N TYR C 247 9.01 -21.75 -8.58
CA TYR C 247 8.59 -22.75 -9.53
C TYR C 247 7.33 -22.21 -10.14
N MET C 248 7.14 -22.56 -11.48
CA MET C 248 5.93 -22.10 -12.21
C MET C 248 5.70 -22.93 -13.40
N TYR C 249 6.65 -23.91 -13.66
CA TYR C 249 6.58 -24.81 -14.74
C TYR C 249 5.99 -26.08 -14.23
N SER C 250 5.74 -26.14 -12.93
CA SER C 250 5.24 -27.15 -12.07
C SER C 250 3.81 -27.32 -12.40
N SER C 251 3.22 -26.24 -13.02
CA SER C 251 1.91 -26.17 -13.56
C SER C 251 1.56 -27.40 -14.38
N MET C 252 0.27 -27.69 -14.16
CA MET C 252 -0.48 -28.81 -14.75
C MET C 252 -0.61 -28.66 -16.23
N SER C 253 -0.94 -27.45 -16.74
CA SER C 253 -1.19 -27.31 -18.17
C SER C 253 0.03 -27.57 -19.07
N SER C 254 1.18 -27.06 -18.66
CA SER C 254 2.49 -27.20 -19.25
C SER C 254 3.03 -28.59 -19.14
N ILE C 255 2.76 -29.25 -18.05
CA ILE C 255 3.06 -30.61 -17.89
C ILE C 255 2.27 -31.56 -18.80
N TYR C 256 0.93 -31.35 -18.97
CA TYR C 256 0.06 -32.13 -19.81
C TYR C 256 0.46 -32.05 -21.24
N SER C 257 0.74 -30.81 -21.64
CA SER C 257 0.97 -30.50 -23.00
C SER C 257 2.21 -31.27 -23.50
N THR C 258 3.26 -31.26 -22.72
CA THR C 258 4.46 -32.03 -23.12
C THR C 258 4.26 -33.53 -23.14
N LEU C 259 3.64 -34.09 -22.10
CA LEU C 259 3.40 -35.49 -22.04
C LEU C 259 2.33 -36.04 -22.99
N ILE C 260 1.17 -35.44 -23.32
CA ILE C 260 0.05 -36.00 -24.05
C ILE C 260 0.02 -35.27 -25.39
N PRO C 261 0.44 -35.94 -26.52
CA PRO C 261 0.38 -35.27 -27.85
C PRO C 261 -0.89 -35.61 -28.64
N SER C 262 -1.60 -36.72 -28.39
CA SER C 262 -2.82 -37.06 -29.18
C SER C 262 -3.87 -37.65 -28.30
N PRO C 263 -5.20 -37.78 -28.67
CA PRO C 263 -6.16 -38.32 -27.64
C PRO C 263 -5.95 -39.78 -27.18
N GLU C 264 -5.49 -40.79 -28.03
CA GLU C 264 -5.27 -42.17 -27.64
C GLU C 264 -4.17 -42.21 -26.59
N LEU C 265 -3.02 -41.49 -26.78
CA LEU C 265 -1.87 -41.50 -25.94
C LEU C 265 -2.17 -40.64 -24.72
N HIS C 266 -2.41 -41.28 -23.53
CA HIS C 266 -2.69 -40.59 -22.30
C HIS C 266 -2.53 -41.59 -21.17
N PHE C 267 -2.07 -42.85 -21.37
CA PHE C 267 -1.91 -43.82 -20.25
C PHE C 267 -0.53 -43.56 -19.70
N LEU C 268 -0.44 -43.26 -18.35
CA LEU C 268 0.78 -43.01 -17.66
C LEU C 268 1.07 -44.23 -16.76
N SER C 269 2.40 -44.47 -16.60
CA SER C 269 2.89 -45.40 -15.70
C SER C 269 3.73 -44.58 -14.81
N PRO C 270 3.69 -44.76 -13.47
CA PRO C 270 4.60 -44.10 -12.56
C PRO C 270 5.70 -45.02 -12.17
N SER C 271 6.89 -44.49 -11.66
CA SER C 271 7.86 -45.31 -11.01
C SER C 271 8.28 -44.34 -9.92
N PHE C 272 8.73 -44.90 -8.70
CA PHE C 272 9.10 -44.21 -7.53
C PHE C 272 10.16 -45.00 -6.82
N THR C 273 11.02 -44.27 -6.12
CA THR C 273 11.96 -44.88 -5.24
C THR C 273 12.26 -43.83 -4.22
N PRO C 274 12.47 -44.00 -2.95
CA PRO C 274 12.39 -45.23 -2.20
C PRO C 274 11.25 -45.15 -1.17
N PHE C 275 11.16 -46.18 -0.29
CA PHE C 275 10.25 -46.28 0.86
C PHE C 275 11.11 -46.88 1.94
N THR C 276 12.39 -46.44 1.91
CA THR C 276 13.45 -46.87 2.84
C THR C 276 13.07 -46.55 4.26
N SER C 277 12.53 -45.32 4.60
CA SER C 277 12.24 -44.96 5.98
C SER C 277 11.05 -45.79 6.42
N ASP C 278 11.04 -46.17 7.82
CA ASP C 278 10.02 -46.93 8.42
C ASP C 278 9.82 -46.50 9.89
N TYR C 279 9.23 -47.35 10.81
CA TYR C 279 9.05 -46.99 12.19
C TYR C 279 10.38 -47.21 12.97
N ILE C 280 11.24 -48.17 12.54
CA ILE C 280 12.51 -48.26 13.16
C ILE C 280 13.33 -48.37 11.93
N HIS C 281 14.38 -47.52 11.85
CA HIS C 281 15.26 -47.48 10.68
C HIS C 281 16.46 -48.39 10.92
N ASP C 282 16.94 -48.96 9.75
CA ASP C 282 18.09 -49.74 9.69
C ASP C 282 18.67 -49.66 8.26
N ASP C 283 18.27 -48.63 7.50
CA ASP C 283 18.38 -48.61 6.02
C ASP C 283 18.63 -47.20 5.45
N ILE C 284 19.09 -46.32 6.32
CA ILE C 284 19.55 -45.03 5.95
C ILE C 284 20.83 -45.22 5.12
N ALA C 285 20.76 -44.59 3.98
CA ALA C 285 21.79 -44.66 2.95
C ALA C 285 21.18 -44.35 1.66
N HIS C 286 21.84 -43.51 0.93
CA HIS C 286 21.25 -43.00 -0.28
C HIS C 286 22.21 -43.08 -1.36
N LYS C 287 21.66 -42.85 -2.57
CA LYS C 287 22.29 -43.07 -3.90
C LYS C 287 22.55 -41.79 -4.67
N CYS C 288 23.32 -41.86 -5.76
CA CYS C 288 23.60 -40.75 -6.69
C CYS C 288 22.49 -40.64 -7.67
N HIS C 289 22.42 -39.58 -8.46
CA HIS C 289 21.41 -39.35 -9.50
C HIS C 289 21.56 -40.47 -10.56
N SER C 290 22.80 -40.90 -10.92
CA SER C 290 22.96 -41.88 -11.99
C SER C 290 22.26 -43.16 -11.69
N SER C 291 22.48 -43.58 -10.37
CA SER C 291 21.99 -44.76 -9.74
C SER C 291 20.49 -44.66 -9.70
N TYR C 292 20.02 -43.39 -9.39
CA TYR C 292 18.62 -43.11 -9.24
C TYR C 292 17.86 -43.33 -10.54
N ASP C 293 18.43 -42.80 -11.65
CA ASP C 293 17.74 -42.86 -12.95
C ASP C 293 17.60 -44.31 -13.38
N VAL C 294 18.68 -45.09 -13.09
CA VAL C 294 18.61 -46.59 -13.43
C VAL C 294 17.49 -47.35 -12.58
N MET C 295 17.36 -47.03 -11.30
CA MET C 295 16.58 -47.65 -10.30
C MET C 295 15.12 -47.49 -10.62
N LEU C 296 14.61 -46.38 -11.25
CA LEU C 296 13.23 -46.16 -11.63
C LEU C 296 12.81 -47.20 -12.60
N ASP C 297 13.80 -47.74 -13.42
CA ASP C 297 13.50 -48.75 -14.45
C ASP C 297 13.18 -50.03 -13.80
N LEU C 298 13.69 -50.33 -12.64
CA LEU C 298 13.64 -51.63 -12.02
C LEU C 298 12.28 -51.92 -11.59
N LEU C 299 11.98 -53.23 -11.62
CA LEU C 299 10.71 -53.89 -11.58
C LEU C 299 9.87 -53.73 -10.36
N ASP C 300 10.52 -53.66 -9.13
CA ASP C 300 9.82 -53.35 -7.86
C ASP C 300 9.89 -51.92 -7.55
N PRO C 301 10.96 -51.09 -7.96
CA PRO C 301 10.85 -49.67 -7.95
C PRO C 301 10.05 -49.13 -9.15
N SER C 302 9.38 -49.98 -9.90
CA SER C 302 8.44 -49.58 -10.98
C SER C 302 7.19 -49.96 -10.35
N ASN C 303 6.17 -49.09 -10.34
CA ASN C 303 5.01 -49.19 -9.44
C ASN C 303 3.89 -49.79 -10.24
N SER C 304 4.20 -50.21 -11.50
CA SER C 304 3.30 -50.96 -12.31
C SER C 304 4.23 -51.90 -12.90
N LEU C 305 3.71 -53.09 -13.17
CA LEU C 305 4.35 -54.25 -13.78
C LEU C 305 3.39 -54.73 -14.77
N VAL C 306 3.87 -54.65 -16.04
CA VAL C 306 3.10 -55.00 -17.26
C VAL C 306 3.99 -55.77 -18.19
N SER C 307 5.00 -56.37 -17.57
CA SER C 307 6.25 -56.95 -18.10
C SER C 307 6.97 -55.96 -19.09
N THR C 308 7.86 -55.12 -18.55
CA THR C 308 8.64 -54.21 -19.31
C THR C 308 9.89 -53.88 -18.62
N ALA C 309 10.79 -53.21 -19.39
CA ALA C 309 12.03 -52.59 -19.02
C ALA C 309 13.08 -53.63 -18.97
N MET C 310 12.82 -54.81 -18.32
CA MET C 310 13.71 -55.87 -18.15
C MET C 310 13.11 -56.95 -19.05
N ASN C 311 12.01 -56.63 -19.86
CA ASN C 311 11.32 -57.74 -20.50
C ASN C 311 10.95 -57.12 -21.84
N ASN C 312 11.10 -55.82 -21.97
CA ASN C 312 10.99 -55.15 -23.24
C ASN C 312 12.08 -54.14 -23.09
N PRO C 313 12.69 -53.60 -24.14
CA PRO C 313 13.67 -52.54 -24.06
C PRO C 313 12.93 -51.24 -23.70
N THR C 314 11.55 -51.27 -23.65
CA THR C 314 10.56 -50.31 -23.55
C THR C 314 10.58 -49.19 -24.55
N TYR C 315 9.45 -48.53 -24.76
CA TYR C 315 9.25 -47.50 -25.74
C TYR C 315 8.64 -46.41 -24.91
N PHE C 316 9.29 -45.27 -24.83
CA PHE C 316 8.76 -44.05 -24.22
C PHE C 316 8.09 -43.23 -25.25
N ASN C 317 6.89 -42.81 -25.04
CA ASN C 317 6.29 -41.82 -25.88
C ASN C 317 6.87 -40.57 -25.36
N VAL C 318 6.94 -40.43 -24.01
CA VAL C 318 7.53 -39.24 -23.42
C VAL C 318 7.97 -39.59 -22.02
N TYR C 319 8.97 -38.84 -21.46
CA TYR C 319 9.43 -39.12 -20.13
C TYR C 319 9.60 -37.81 -19.44
N ASN C 320 9.14 -37.80 -18.19
CA ASN C 320 9.37 -36.67 -17.30
C ASN C 320 9.81 -37.49 -16.09
N THR C 321 10.94 -37.08 -15.50
CA THR C 321 11.32 -37.60 -14.25
C THR C 321 11.37 -36.40 -13.39
N ILE C 322 10.71 -36.42 -12.20
CA ILE C 322 10.74 -35.31 -11.20
C ILE C 322 11.54 -35.88 -10.05
N ILE C 323 12.70 -35.22 -9.83
CA ILE C 323 13.71 -35.60 -8.93
C ILE C 323 13.63 -34.66 -7.78
N GLY C 324 13.69 -35.24 -6.54
CA GLY C 324 13.56 -34.48 -5.31
C GLY C 324 14.72 -34.72 -4.47
N ASN C 325 15.44 -33.67 -4.07
CA ASN C 325 16.67 -33.73 -3.35
C ASN C 325 17.36 -32.42 -3.68
N VAL C 326 18.46 -32.18 -2.91
CA VAL C 326 19.27 -31.03 -3.02
C VAL C 326 20.55 -31.28 -3.80
N GLU C 327 20.58 -32.38 -4.60
CA GLU C 327 21.70 -32.85 -5.36
C GLU C 327 22.28 -31.84 -6.42
N PRO C 328 23.53 -31.45 -6.57
CA PRO C 328 24.01 -30.50 -7.64
C PRO C 328 23.61 -30.95 -9.03
N ARG C 329 22.91 -30.07 -9.74
CA ARG C 329 22.34 -30.37 -11.05
C ARG C 329 23.40 -30.66 -12.15
N GLN C 330 24.58 -29.99 -12.05
CA GLN C 330 25.64 -29.95 -12.97
C GLN C 330 26.27 -31.29 -13.25
N ILE C 331 26.51 -32.10 -12.25
CA ILE C 331 27.04 -33.48 -12.41
C ILE C 331 25.98 -34.36 -13.13
N SER C 332 24.71 -34.22 -12.75
CA SER C 332 23.61 -34.92 -13.32
C SER C 332 23.31 -34.60 -14.70
N ARG C 333 23.49 -33.27 -15.06
CA ARG C 333 23.19 -32.78 -16.43
C ARG C 333 24.14 -33.42 -17.36
N ALA C 334 25.42 -33.49 -16.90
CA ALA C 334 26.37 -34.14 -17.77
C ALA C 334 26.11 -35.65 -18.06
N MET C 335 25.74 -36.38 -16.99
CA MET C 335 25.47 -37.80 -17.14
C MET C 335 24.23 -38.08 -18.01
N THR C 336 23.21 -37.21 -17.83
CA THR C 336 21.96 -37.32 -18.50
C THR C 336 22.11 -37.13 -19.94
N LYS C 337 22.99 -36.18 -20.35
CA LYS C 337 23.22 -35.98 -21.77
C LYS C 337 23.82 -37.19 -22.32
N LEU C 338 24.71 -37.83 -21.57
CA LEU C 338 25.29 -39.02 -22.10
C LEU C 338 24.30 -40.07 -22.23
N GLN C 339 23.35 -40.21 -21.27
CA GLN C 339 22.34 -41.25 -21.18
C GLN C 339 21.44 -41.20 -22.44
N GLN C 340 21.07 -39.97 -22.88
CA GLN C 340 20.20 -39.82 -24.02
C GLN C 340 20.90 -40.22 -25.26
N ARG C 341 22.17 -39.83 -25.44
CA ARG C 341 23.03 -40.06 -26.57
C ARG C 341 23.29 -41.48 -26.76
N ILE C 342 23.48 -42.25 -25.64
CA ILE C 342 23.67 -43.76 -25.64
C ILE C 342 22.42 -44.44 -26.20
N LYS C 343 21.16 -43.85 -25.96
CA LYS C 343 19.97 -44.40 -26.50
C LYS C 343 19.58 -45.77 -26.03
N PHE C 344 19.57 -45.88 -24.67
CA PHE C 344 19.20 -47.08 -23.90
C PHE C 344 17.81 -47.59 -24.34
N PRO C 345 16.63 -46.92 -24.57
CA PRO C 345 15.43 -47.59 -24.89
C PRO C 345 15.37 -47.60 -26.40
N SER C 346 14.40 -48.32 -27.00
CA SER C 346 14.23 -48.31 -28.40
C SER C 346 13.19 -47.31 -28.60
N TRP C 347 13.32 -46.63 -29.74
CA TRP C 347 12.48 -45.56 -30.06
C TRP C 347 12.18 -45.59 -31.53
N SER C 348 11.03 -44.90 -31.89
CA SER C 348 10.56 -44.57 -33.17
C SER C 348 11.55 -43.75 -33.87
N SER C 349 11.69 -43.99 -35.20
CA SER C 349 12.61 -43.22 -35.98
C SER C 349 11.83 -42.09 -36.57
N SER C 350 10.56 -41.84 -36.16
CA SER C 350 9.66 -40.82 -36.58
C SER C 350 10.14 -39.55 -36.00
N ALA C 351 10.35 -39.45 -34.67
CA ALA C 351 10.77 -38.23 -34.07
C ALA C 351 11.83 -38.51 -32.97
N MET C 352 12.44 -37.37 -32.59
CA MET C 352 13.48 -37.23 -31.56
C MET C 352 12.85 -37.34 -30.22
N HIS C 353 13.51 -37.96 -29.21
CA HIS C 353 13.07 -38.19 -27.84
C HIS C 353 12.54 -36.97 -27.16
N VAL C 354 11.49 -37.11 -26.35
CA VAL C 354 10.92 -36.10 -25.46
C VAL C 354 11.29 -36.59 -24.17
N ASN C 355 12.35 -36.06 -23.51
CA ASN C 355 12.84 -36.51 -22.28
C ASN C 355 13.10 -35.29 -21.45
N ILE C 356 12.45 -35.34 -20.26
CA ILE C 356 12.58 -34.09 -19.40
C ILE C 356 13.05 -34.65 -18.07
N GLY C 357 13.71 -33.84 -17.28
CA GLY C 357 13.95 -34.13 -15.91
C GLY C 357 13.59 -32.84 -15.21
N ARG C 358 13.02 -32.89 -14.01
CA ARG C 358 12.57 -31.81 -13.17
C ARG C 358 13.22 -31.93 -11.85
N ARG C 359 13.64 -30.79 -11.28
CA ARG C 359 14.43 -30.81 -10.10
C ARG C 359 13.59 -30.08 -9.12
N SER C 360 13.53 -30.58 -7.92
CA SER C 360 12.67 -30.02 -6.93
C SER C 360 13.39 -30.16 -5.62
N PRO C 361 13.30 -29.33 -4.57
CA PRO C 361 13.95 -29.57 -3.28
C PRO C 361 12.87 -30.24 -2.47
N TYR C 362 13.08 -30.26 -1.09
CA TYR C 362 12.29 -30.76 -0.03
C TYR C 362 11.73 -29.55 0.81
N LEU C 363 10.60 -29.68 1.53
CA LEU C 363 9.97 -28.53 2.26
C LEU C 363 10.84 -28.07 3.44
N PRO C 364 10.64 -26.83 4.07
CA PRO C 364 11.37 -26.38 5.28
C PRO C 364 10.82 -27.14 6.43
N LEU C 365 9.87 -28.11 6.32
CA LEU C 365 9.31 -28.93 7.41
C LEU C 365 10.44 -29.93 7.80
N GLN C 366 10.99 -30.59 6.72
CA GLN C 366 12.15 -31.40 6.89
C GLN C 366 12.96 -31.54 5.63
N PRO C 367 14.22 -31.03 5.52
CA PRO C 367 15.14 -31.34 4.45
C PRO C 367 15.85 -32.61 4.66
N ASN C 368 16.69 -32.91 3.62
CA ASN C 368 17.58 -34.09 3.32
C ASN C 368 18.34 -34.37 4.56
N GLU C 369 18.09 -35.54 5.13
CA GLU C 369 18.95 -36.01 6.23
C GLU C 369 20.23 -36.50 5.47
N ASN C 370 20.05 -37.23 4.35
CA ASN C 370 21.07 -37.61 3.39
C ASN C 370 20.28 -38.19 2.21
N GLU C 371 18.96 -38.13 2.28
CA GLU C 371 17.98 -38.62 1.41
C GLU C 371 18.08 -38.12 -0.03
N VAL C 372 17.58 -39.01 -0.98
CA VAL C 372 17.49 -38.58 -2.39
C VAL C 372 16.36 -39.43 -2.82
N SER C 373 15.31 -38.84 -3.56
CA SER C 373 14.20 -39.59 -4.03
C SER C 373 13.86 -39.13 -5.35
N GLY C 374 12.99 -39.81 -6.02
CA GLY C 374 12.46 -39.36 -7.32
C GLY C 374 11.09 -40.03 -7.61
N MET C 375 10.48 -39.50 -8.66
CA MET C 375 9.33 -40.04 -9.28
C MET C 375 9.63 -39.93 -10.72
N MET C 376 9.16 -40.93 -11.51
CA MET C 376 9.19 -40.97 -12.96
C MET C 376 7.72 -41.06 -13.44
N LEU C 377 7.39 -40.30 -14.47
CA LEU C 377 6.18 -40.42 -15.24
C LEU C 377 6.51 -40.64 -16.58
N SER C 378 6.00 -41.76 -17.12
CA SER C 378 6.26 -42.01 -18.47
C SER C 378 5.05 -42.53 -19.01
N ASN C 379 4.94 -42.31 -20.34
CA ASN C 379 3.93 -42.86 -21.16
C ASN C 379 4.63 -43.89 -22.00
N MET C 380 4.40 -45.20 -21.78
CA MET C 380 5.14 -46.20 -22.48
C MET C 380 4.00 -47.07 -23.03
N SER C 381 4.12 -47.56 -24.27
CA SER C 381 3.15 -48.40 -24.97
C SER C 381 3.02 -49.77 -24.33
N THR C 382 4.04 -50.23 -23.59
CA THR C 382 4.13 -51.54 -22.89
C THR C 382 3.08 -51.80 -21.79
N VAL C 383 2.48 -50.70 -21.21
CA VAL C 383 1.39 -50.68 -20.23
C VAL C 383 0.18 -51.46 -20.70
N VAL C 384 -0.02 -51.61 -22.05
CA VAL C 384 -1.17 -52.23 -22.65
C VAL C 384 -1.37 -53.64 -22.13
N ASN C 385 -0.20 -54.32 -21.83
CA ASN C 385 -0.30 -55.79 -21.68
C ASN C 385 -1.14 -56.41 -20.66
N VAL C 386 -1.19 -55.65 -19.50
CA VAL C 386 -2.09 -56.02 -18.42
C VAL C 386 -3.54 -55.98 -18.81
N PHE C 387 -3.92 -54.95 -19.50
CA PHE C 387 -5.25 -54.69 -20.09
C PHE C 387 -5.52 -55.77 -21.13
N GLU C 388 -4.47 -56.20 -21.92
CA GLU C 388 -4.65 -57.27 -22.90
C GLU C 388 -4.98 -58.60 -22.27
N ASN C 389 -4.38 -58.92 -21.11
CA ASN C 389 -4.69 -60.10 -20.29
C ASN C 389 -6.07 -60.15 -19.75
N ALA C 390 -6.64 -58.93 -19.37
CA ALA C 390 -8.04 -58.82 -18.88
C ALA C 390 -8.96 -59.18 -20.02
N CYS C 391 -8.56 -58.64 -21.26
CA CYS C 391 -9.46 -58.83 -22.41
C CYS C 391 -9.62 -60.35 -22.78
N ASN C 392 -8.48 -61.00 -22.80
CA ASN C 392 -8.49 -62.33 -23.19
C ASN C 392 -9.17 -63.21 -22.16
N THR C 393 -9.05 -62.86 -20.82
CA THR C 393 -9.72 -63.54 -19.75
C THR C 393 -11.21 -63.26 -19.84
N PHE C 394 -11.60 -62.03 -20.27
CA PHE C 394 -13.00 -61.71 -20.58
C PHE C 394 -13.61 -62.56 -21.77
N ASP C 395 -12.76 -62.70 -22.87
CA ASP C 395 -13.23 -63.35 -24.10
C ASP C 395 -13.58 -64.84 -23.92
N LYS C 396 -12.73 -65.47 -23.06
CA LYS C 396 -12.90 -66.88 -22.67
C LYS C 396 -14.21 -67.21 -22.02
N VAL C 397 -14.47 -66.30 -20.97
CA VAL C 397 -15.69 -66.46 -20.19
C VAL C 397 -16.94 -66.26 -20.97
N PHE C 398 -17.04 -65.28 -21.95
CA PHE C 398 -18.24 -65.06 -22.68
C PHE C 398 -18.58 -66.12 -23.67
N ALA C 399 -17.49 -66.81 -24.22
CA ALA C 399 -17.48 -67.92 -25.17
C ALA C 399 -18.17 -69.07 -24.59
N LYS C 400 -17.89 -69.45 -23.31
CA LYS C 400 -18.47 -70.57 -22.58
C LYS C 400 -19.90 -70.19 -22.29
N GLY C 401 -20.16 -68.87 -22.08
CA GLY C 401 -21.50 -68.38 -21.90
C GLY C 401 -21.86 -68.81 -20.52
N ALA C 402 -20.88 -68.95 -19.61
CA ALA C 402 -20.95 -69.49 -18.27
C ALA C 402 -20.26 -68.45 -17.45
N PHE C 403 -20.99 -67.81 -16.45
CA PHE C 403 -20.48 -66.98 -15.38
C PHE C 403 -20.42 -65.55 -15.95
N LEU C 404 -20.86 -65.48 -17.26
CA LEU C 404 -21.37 -64.36 -17.92
C LEU C 404 -22.82 -64.10 -17.43
N ASN C 405 -23.50 -65.23 -17.16
CA ASN C 405 -24.94 -65.35 -17.04
C ASN C 405 -25.61 -64.42 -16.05
N ASN C 406 -24.92 -64.14 -14.90
CA ASN C 406 -25.53 -63.11 -13.96
C ASN C 406 -25.52 -61.70 -14.42
N TYR C 407 -24.55 -61.28 -15.26
CA TYR C 407 -24.53 -59.95 -15.79
C TYR C 407 -25.65 -59.62 -16.66
N ASN C 408 -26.23 -60.59 -17.43
CA ASN C 408 -27.42 -60.50 -18.35
C ASN C 408 -28.65 -60.07 -17.68
N VAL C 409 -28.80 -60.42 -16.42
CA VAL C 409 -29.95 -60.07 -15.57
C VAL C 409 -29.95 -58.57 -15.29
N GLY C 410 -28.79 -57.90 -15.33
CA GLY C 410 -28.82 -56.42 -15.29
C GLY C 410 -29.59 -55.85 -16.44
N ASP C 411 -30.30 -54.74 -16.27
CA ASP C 411 -31.22 -54.27 -17.27
C ASP C 411 -30.60 -53.88 -18.59
N LEU C 412 -29.47 -53.21 -18.46
CA LEU C 412 -28.66 -52.72 -19.55
C LEU C 412 -28.20 -53.95 -20.27
N PHE C 413 -27.82 -55.09 -19.59
CA PHE C 413 -27.26 -56.23 -20.30
C PHE C 413 -28.33 -57.12 -20.80
N GLN C 414 -29.55 -57.00 -20.26
CA GLN C 414 -30.72 -57.81 -20.70
C GLN C 414 -31.18 -57.37 -22.09
N SER C 415 -31.28 -56.02 -22.29
CA SER C 415 -31.43 -55.40 -23.63
C SER C 415 -30.26 -55.60 -24.56
N MET C 416 -29.12 -54.96 -24.18
CA MET C 416 -27.94 -55.08 -25.04
C MET C 416 -26.75 -55.63 -24.20
N GLN C 417 -26.19 -56.80 -24.76
CA GLN C 417 -25.07 -57.60 -24.39
C GLN C 417 -24.04 -57.44 -25.50
N ASN C 418 -24.49 -56.82 -26.69
CA ASN C 418 -23.68 -56.63 -27.84
C ASN C 418 -22.65 -55.62 -27.38
N VAL C 419 -23.08 -54.59 -26.54
CA VAL C 419 -22.36 -53.40 -26.19
C VAL C 419 -21.04 -53.67 -25.44
N GLN C 420 -21.01 -54.66 -24.57
CA GLN C 420 -19.84 -55.13 -23.88
C GLN C 420 -18.86 -55.88 -24.84
N ASP C 421 -19.36 -56.70 -25.80
CA ASP C 421 -18.61 -57.50 -26.81
C ASP C 421 -17.89 -56.59 -27.77
N GLU C 422 -18.58 -55.47 -28.11
CA GLU C 422 -18.26 -54.34 -29.02
C GLU C 422 -17.03 -53.67 -28.40
N PHE C 423 -17.08 -53.42 -27.05
CA PHE C 423 -15.92 -52.80 -26.43
C PHE C 423 -14.76 -53.71 -26.36
N ALA C 424 -15.00 -55.05 -26.16
CA ALA C 424 -13.97 -56.07 -26.01
C ALA C 424 -12.97 -56.12 -27.25
N GLU C 425 -13.60 -55.97 -28.43
CA GLU C 425 -12.92 -55.78 -29.71
C GLU C 425 -12.18 -54.43 -29.77
N SER C 426 -12.91 -53.37 -29.32
CA SER C 426 -12.32 -52.06 -29.32
C SER C 426 -11.11 -51.81 -28.43
N ARG C 427 -11.05 -52.38 -27.16
CA ARG C 427 -9.92 -52.25 -26.30
C ARG C 427 -8.76 -52.90 -26.87
N GLU C 428 -9.03 -54.07 -27.46
CA GLU C 428 -7.99 -54.87 -28.04
C GLU C 428 -7.34 -54.13 -29.20
N VAL C 429 -8.12 -53.48 -30.06
CA VAL C 429 -7.56 -52.77 -31.15
C VAL C 429 -6.75 -51.52 -30.83
N VAL C 430 -7.15 -50.83 -29.82
CA VAL C 430 -6.46 -49.68 -29.26
C VAL C 430 -5.15 -49.98 -28.73
N GLN C 431 -5.00 -51.07 -27.99
CA GLN C 431 -3.78 -51.61 -27.40
C GLN C 431 -2.90 -51.97 -28.53
N SER C 432 -3.39 -52.55 -29.66
CA SER C 432 -2.67 -52.89 -30.86
C SER C 432 -2.03 -51.62 -31.51
N LEU C 433 -2.77 -50.52 -31.54
CA LEU C 433 -2.51 -49.24 -32.09
C LEU C 433 -1.34 -48.61 -31.34
N MET C 434 -1.25 -48.76 -29.97
CA MET C 434 -0.17 -48.26 -29.15
C MET C 434 1.09 -48.92 -29.50
N GLU C 435 0.98 -50.23 -29.82
CA GLU C 435 2.11 -51.02 -30.26
C GLU C 435 2.69 -50.55 -31.65
N ASP C 436 1.76 -50.14 -32.55
CA ASP C 436 2.14 -49.62 -33.88
C ASP C 436 2.93 -48.35 -33.80
N TYR C 437 2.60 -47.53 -32.77
CA TYR C 437 3.22 -46.34 -32.42
C TYR C 437 4.74 -46.54 -32.02
N VAL C 438 5.12 -47.77 -31.47
CA VAL C 438 6.50 -48.00 -31.12
C VAL C 438 7.34 -48.00 -32.39
N ALA C 439 6.77 -48.41 -33.56
CA ALA C 439 7.37 -48.46 -34.86
C ALA C 439 7.48 -47.08 -35.49
N ALA C 440 8.42 -46.92 -36.46
CA ALA C 440 8.56 -45.75 -37.37
C ALA C 440 7.32 -45.68 -38.25
N GLU C 441 6.76 -46.88 -38.55
CA GLU C 441 5.64 -47.18 -39.40
C GLU C 441 4.34 -46.49 -38.88
N GLN C 442 4.36 -46.04 -37.62
CA GLN C 442 3.17 -45.60 -36.89
C GLN C 442 2.27 -44.53 -37.55
N ASP C 443 2.79 -43.48 -38.21
CA ASP C 443 1.90 -42.45 -38.70
C ASP C 443 1.92 -42.53 -40.21
N SER C 444 2.07 -41.33 -40.94
CA SER C 444 2.14 -41.20 -42.41
C SER C 444 3.48 -41.70 -42.90
N TYR C 445 4.45 -41.53 -41.97
CA TYR C 445 5.87 -41.99 -41.98
C TYR C 445 5.85 -43.39 -41.28
N MET D 1 -45.61 9.81 15.87
CA MET D 1 -44.29 9.51 15.20
C MET D 1 -44.11 8.01 14.98
N GLY D 2 -43.09 7.69 14.18
CA GLY D 2 -42.74 6.32 13.81
C GLY D 2 -43.75 5.69 12.88
N GLY D 3 -43.40 4.43 12.68
CA GLY D 3 -44.29 3.60 11.87
C GLY D 3 -44.56 2.44 12.71
N GLU D 4 -45.66 2.49 13.51
CA GLU D 4 -45.97 1.38 14.40
C GLU D 4 -46.55 0.32 13.61
N ILE D 5 -46.36 -0.92 14.09
CA ILE D 5 -46.73 -2.21 13.61
C ILE D 5 -47.45 -2.76 14.80
N ILE D 6 -48.58 -3.32 14.47
CA ILE D 6 -49.40 -4.13 15.31
C ILE D 6 -49.29 -5.43 14.68
N THR D 7 -49.07 -6.46 15.48
CA THR D 7 -48.97 -7.89 15.10
C THR D 7 -50.18 -8.52 15.58
N LEU D 8 -50.90 -9.39 14.79
CA LEU D 8 -52.03 -10.19 15.15
C LEU D 8 -51.56 -11.56 15.06
N GLN D 9 -51.83 -12.24 16.17
CA GLN D 9 -51.39 -13.64 16.21
C GLN D 9 -52.66 -14.46 16.37
N ALA D 10 -52.78 -15.43 15.43
CA ALA D 10 -53.92 -16.17 15.34
C ALA D 10 -53.50 -17.58 15.26
N GLY D 11 -54.32 -18.42 15.97
CA GLY D 11 -54.08 -19.82 15.93
C GLY D 11 -53.12 -20.20 17.02
N GLN D 12 -52.94 -21.55 17.19
CA GLN D 12 -52.04 -22.14 18.12
C GLN D 12 -50.61 -21.80 17.62
N CYS D 13 -50.39 -22.04 16.34
CA CYS D 13 -49.10 -21.90 15.78
C CYS D 13 -48.65 -20.44 15.84
N GLY D 14 -49.44 -19.45 15.43
CA GLY D 14 -49.12 -18.08 15.52
C GLY D 14 -48.85 -17.61 16.90
N ASN D 15 -49.65 -18.08 17.87
CA ASN D 15 -49.44 -17.70 19.26
C ASN D 15 -48.11 -18.33 19.85
N HIS D 16 -47.89 -19.67 19.50
CA HIS D 16 -46.70 -20.35 20.08
C HIS D 16 -45.43 -19.76 19.60
N VAL D 17 -45.35 -19.63 18.26
CA VAL D 17 -44.23 -19.06 17.65
C VAL D 17 -43.99 -17.68 17.86
N GLY D 18 -45.09 -16.86 17.90
CA GLY D 18 -45.09 -15.47 18.15
C GLY D 18 -44.58 -15.22 19.53
N LYS D 19 -44.95 -16.04 20.53
CA LYS D 19 -44.47 -15.89 21.98
C LYS D 19 -43.01 -16.07 22.06
N PHE D 20 -42.39 -17.10 21.34
CA PHE D 20 -40.96 -17.22 21.30
C PHE D 20 -40.21 -16.17 20.68
N LEU D 21 -40.74 -15.61 19.58
CA LEU D 21 -40.21 -14.46 18.85
C LEU D 21 -40.10 -13.20 19.67
N TRP D 22 -41.16 -12.80 20.43
CA TRP D 22 -41.10 -11.64 21.24
C TRP D 22 -40.13 -11.74 22.38
N SER D 23 -40.04 -12.98 22.90
CA SER D 23 -39.13 -13.46 23.96
C SER D 23 -37.73 -13.30 23.52
N GLN D 24 -37.39 -13.64 22.25
CA GLN D 24 -36.11 -13.38 21.73
C GLN D 24 -35.73 -11.94 21.51
N LEU D 25 -36.64 -11.04 21.04
CA LEU D 25 -36.34 -9.62 20.94
C LEU D 25 -36.11 -8.95 22.24
N ALA D 26 -36.87 -9.28 23.31
CA ALA D 26 -36.70 -8.65 24.65
C ALA D 26 -35.26 -9.00 25.14
N LYS D 27 -34.90 -10.31 24.88
CA LYS D 27 -33.61 -10.75 25.25
C LYS D 27 -32.44 -10.10 24.49
N GLU D 28 -32.59 -9.94 23.17
CA GLU D 28 -31.59 -9.37 22.29
C GLU D 28 -31.34 -7.89 22.60
N HIS D 29 -32.44 -7.21 22.88
CA HIS D 29 -32.43 -5.77 22.90
C HIS D 29 -32.32 -5.30 24.32
N ALA D 30 -31.77 -6.17 25.18
CA ALA D 30 -31.19 -5.71 26.45
C ALA D 30 -32.07 -5.17 27.47
N ILE D 31 -33.25 -5.80 27.57
CA ILE D 31 -34.24 -5.30 28.54
C ILE D 31 -34.81 -6.56 29.04
N GLY D 32 -35.45 -6.40 30.24
CA GLY D 32 -35.72 -7.54 31.11
C GLY D 32 -36.83 -8.53 30.67
N THR D 33 -37.24 -9.30 31.63
CA THR D 33 -38.16 -10.38 31.42
C THR D 33 -39.57 -9.96 31.37
N ASP D 34 -39.77 -8.73 31.87
CA ASP D 34 -41.03 -7.96 31.72
C ASP D 34 -40.81 -6.73 30.89
N GLY D 35 -39.58 -6.58 30.42
CA GLY D 35 -39.15 -5.46 29.49
C GLY D 35 -38.52 -4.34 30.19
N LEU D 36 -38.29 -4.45 31.44
CA LEU D 36 -37.81 -3.40 32.30
C LEU D 36 -36.48 -2.97 31.75
N SER D 37 -36.26 -1.61 31.87
CA SER D 37 -35.27 -0.87 31.14
C SER D 37 -33.85 -1.49 31.05
N GLN D 38 -33.04 -0.99 30.03
CA GLN D 38 -31.68 -1.50 29.71
C GLN D 38 -30.81 -2.04 30.79
N LEU D 39 -30.25 -3.33 30.59
CA LEU D 39 -29.44 -3.91 31.60
C LEU D 39 -28.01 -3.28 31.61
N PRO D 40 -27.29 -2.95 30.45
CA PRO D 40 -26.13 -2.02 30.49
C PRO D 40 -26.59 -0.58 30.93
N ASP D 41 -25.73 0.24 31.47
CA ASP D 41 -26.22 1.57 31.86
C ASP D 41 -25.07 2.59 31.74
N SER D 42 -25.36 3.78 31.20
CA SER D 42 -24.49 4.80 30.62
C SER D 42 -24.28 4.54 29.11
N SER D 43 -25.23 3.75 28.54
CA SER D 43 -25.05 3.38 27.17
C SER D 43 -26.38 3.31 26.50
N THR D 44 -27.47 4.10 27.00
CA THR D 44 -28.77 3.91 26.49
C THR D 44 -28.78 4.23 24.99
N GLU D 45 -29.58 3.37 24.35
CA GLU D 45 -29.93 3.32 22.96
C GLU D 45 -28.85 2.66 22.10
N ARG D 46 -29.33 1.67 21.39
CA ARG D 46 -28.70 0.91 20.36
C ARG D 46 -29.70 0.35 19.43
N ASP D 47 -31.04 0.37 19.78
CA ASP D 47 -32.15 -0.01 19.02
C ASP D 47 -32.91 1.27 18.74
N ASP D 48 -33.82 1.15 17.74
CA ASP D 48 -34.82 2.06 17.28
C ASP D 48 -35.98 1.21 16.91
N ASP D 49 -36.00 -0.13 17.37
CA ASP D 49 -37.05 -1.07 17.23
C ASP D 49 -38.16 -0.66 18.12
N THR D 50 -37.79 -0.03 19.27
CA THR D 50 -38.58 0.19 20.40
C THR D 50 -39.83 0.93 20.05
N LYS D 51 -39.87 2.20 19.52
CA LYS D 51 -41.15 2.90 19.41
C LYS D 51 -42.12 2.26 18.37
N PRO D 52 -41.73 1.88 17.11
CA PRO D 52 -42.68 1.18 16.21
C PRO D 52 -43.22 -0.14 16.78
N PHE D 53 -42.33 -1.01 17.28
CA PHE D 53 -42.78 -2.39 17.68
C PHE D 53 -43.28 -2.50 19.03
N PHE D 54 -42.77 -1.71 19.98
CA PHE D 54 -43.01 -1.90 21.40
C PHE D 54 -43.64 -0.59 21.81
N ARG D 55 -44.31 -0.63 22.93
CA ARG D 55 -44.78 0.59 23.48
C ARG D 55 -44.42 0.42 24.90
N GLU D 56 -44.35 1.55 25.56
CA GLU D 56 -43.75 1.67 26.83
C GLU D 56 -44.81 1.92 27.78
N ASN D 57 -44.76 1.15 28.93
CA ASN D 57 -45.47 1.28 30.19
C ASN D 57 -44.86 2.42 30.90
N CYS D 58 -45.65 3.25 31.68
CA CYS D 58 -45.18 4.32 32.54
C CYS D 58 -44.70 3.72 33.84
N ARG D 59 -43.62 2.96 33.64
CA ARG D 59 -42.76 2.16 34.59
C ARG D 59 -41.49 1.86 33.84
N ASN D 60 -41.45 2.32 32.61
CA ASN D 60 -40.42 2.24 31.56
C ASN D 60 -40.14 0.91 31.11
N LYS D 61 -41.07 -0.06 31.29
CA LYS D 61 -40.92 -1.35 30.75
C LYS D 61 -41.80 -1.37 29.56
N PHE D 62 -41.20 -1.97 28.53
CA PHE D 62 -41.75 -2.23 27.24
C PHE D 62 -42.73 -3.36 27.22
N THR D 63 -43.77 -3.30 26.44
CA THR D 63 -44.75 -4.36 26.27
C THR D 63 -44.89 -4.36 24.79
N PRO D 64 -44.94 -5.44 24.08
CA PRO D 64 -45.01 -5.63 22.63
C PRO D 64 -46.32 -5.15 22.18
N ARG D 65 -46.38 -4.47 21.06
CA ARG D 65 -47.71 -4.14 20.43
C ARG D 65 -48.19 -5.31 19.68
N ALA D 66 -48.74 -6.35 20.33
CA ALA D 66 -49.15 -7.59 19.59
C ALA D 66 -50.47 -7.91 20.28
N ILE D 67 -51.44 -8.48 19.52
CA ILE D 67 -52.67 -8.99 20.03
C ILE D 67 -52.59 -10.43 19.72
N MET D 68 -53.01 -11.24 20.77
CA MET D 68 -52.83 -12.73 20.75
C MET D 68 -54.25 -13.18 20.74
N MET D 69 -54.65 -14.02 19.80
CA MET D 69 -56.00 -14.67 19.68
C MET D 69 -55.78 -16.14 19.36
N ASP D 70 -56.64 -17.07 20.01
CA ASP D 70 -56.61 -18.56 20.02
C ASP D 70 -57.62 -18.97 21.11
N SER D 71 -57.55 -20.19 21.63
CA SER D 71 -58.26 -20.52 22.85
C SER D 71 -57.31 -20.48 24.04
N GLU D 72 -57.65 -21.18 25.17
CA GLU D 72 -56.91 -21.06 26.39
C GLU D 72 -55.48 -21.62 26.32
N PRO D 73 -55.03 -22.76 25.73
CA PRO D 73 -53.71 -23.32 25.98
C PRO D 73 -52.52 -22.42 25.93
N SER D 74 -52.34 -21.71 24.73
CA SER D 74 -51.19 -20.94 24.37
C SER D 74 -51.18 -19.74 25.24
N VAL D 75 -52.31 -19.05 25.44
CA VAL D 75 -52.38 -17.85 26.30
C VAL D 75 -52.07 -18.10 27.77
N ILE D 76 -52.55 -19.28 28.31
CA ILE D 76 -52.28 -19.70 29.72
C ILE D 76 -50.82 -19.86 29.86
N ALA D 77 -50.11 -20.47 28.86
CA ALA D 77 -48.73 -20.81 28.99
C ALA D 77 -47.82 -19.61 29.22
N ASP D 78 -48.11 -18.57 28.46
CA ASP D 78 -47.37 -17.30 28.51
C ASP D 78 -47.48 -16.55 29.76
N VAL D 79 -48.66 -16.59 30.44
CA VAL D 79 -48.93 -16.05 31.76
C VAL D 79 -48.11 -16.84 32.84
N GLU D 80 -47.94 -18.21 32.67
CA GLU D 80 -47.20 -19.07 33.59
C GLU D 80 -45.70 -18.86 33.58
N ASN D 81 -45.18 -18.52 32.41
CA ASN D 81 -43.76 -18.34 32.02
C ASN D 81 -43.27 -17.06 32.69
N THR D 82 -41.88 -17.14 32.89
CA THR D 82 -41.09 -16.06 33.49
C THR D 82 -41.13 -14.77 32.75
N PHE D 83 -41.34 -14.98 31.44
CA PHE D 83 -41.74 -13.80 30.77
C PHE D 83 -43.24 -13.72 30.87
N ARG D 84 -43.85 -12.62 31.42
CA ARG D 84 -45.27 -12.65 31.69
C ARG D 84 -45.67 -11.17 31.72
N GLY D 85 -44.65 -10.33 31.84
CA GLY D 85 -44.82 -8.87 31.88
C GLY D 85 -44.49 -8.31 30.49
N PHE D 86 -44.08 -9.21 29.59
CA PHE D 86 -43.82 -8.98 28.20
C PHE D 86 -45.01 -9.58 27.43
N PHE D 87 -46.02 -10.15 28.19
CA PHE D 87 -47.11 -10.90 27.70
C PHE D 87 -48.25 -10.58 28.56
N ASP D 88 -48.49 -9.22 28.64
CA ASP D 88 -49.59 -8.54 29.27
C ASP D 88 -50.98 -9.16 29.04
N PRO D 89 -51.85 -9.35 30.02
CA PRO D 89 -53.21 -9.93 29.82
C PRO D 89 -54.11 -9.02 28.98
N ARG D 90 -53.80 -7.67 28.97
CA ARG D 90 -54.62 -6.77 28.24
C ARG D 90 -54.60 -6.91 26.78
N ASN D 91 -53.45 -7.30 26.22
CA ASN D 91 -53.16 -7.64 24.88
C ASN D 91 -53.79 -8.95 24.43
N THR D 92 -54.14 -9.72 25.45
CA THR D 92 -54.63 -11.08 25.33
C THR D 92 -56.11 -11.14 25.23
N TRP D 93 -56.53 -11.81 24.14
CA TRP D 93 -57.93 -12.01 23.84
C TRP D 93 -57.92 -13.51 23.67
N VAL D 94 -58.77 -14.13 24.46
CA VAL D 94 -58.89 -15.58 24.56
C VAL D 94 -60.30 -15.90 24.37
N ALA D 95 -60.46 -16.79 23.37
CA ALA D 95 -61.72 -17.36 23.08
C ALA D 95 -62.08 -18.36 24.13
N SER D 96 -63.17 -17.94 24.95
CA SER D 96 -63.84 -18.62 26.04
C SER D 96 -65.31 -18.63 25.60
N ASP D 97 -65.60 -18.23 24.35
CA ASP D 97 -66.94 -18.09 23.78
C ASP D 97 -66.67 -18.44 22.35
N GLY D 98 -67.57 -19.24 21.82
CA GLY D 98 -67.41 -19.91 20.54
C GLY D 98 -66.66 -21.15 20.78
N ALA D 99 -66.92 -22.23 19.98
CA ALA D 99 -66.12 -23.40 20.21
C ALA D 99 -66.25 -24.28 19.01
N SER D 100 -65.29 -25.23 18.97
CA SER D 100 -65.30 -26.41 18.12
C SER D 100 -65.17 -26.13 16.72
N ALA D 101 -64.01 -25.57 16.34
CA ALA D 101 -63.77 -25.24 14.97
C ALA D 101 -63.73 -26.43 14.11
N GLY D 102 -63.03 -27.52 14.58
CA GLY D 102 -62.87 -28.78 13.98
C GLY D 102 -62.34 -28.81 12.62
N ASN D 103 -61.36 -27.90 12.34
CA ASN D 103 -60.58 -27.64 11.20
C ASN D 103 -61.49 -27.02 10.11
N SER D 104 -62.45 -26.13 10.41
CA SER D 104 -63.28 -25.46 9.51
C SER D 104 -63.02 -23.94 9.73
N TRP D 105 -62.84 -23.23 8.54
CA TRP D 105 -62.57 -21.87 8.29
C TRP D 105 -63.78 -21.10 8.79
N ALA D 106 -64.99 -21.62 8.47
CA ALA D 106 -66.32 -21.12 8.63
C ALA D 106 -66.67 -20.96 10.05
N ASN D 107 -66.28 -21.93 10.92
CA ASN D 107 -66.49 -21.72 12.35
C ASN D 107 -65.70 -20.58 12.93
N GLY D 108 -64.47 -20.43 12.53
CA GLY D 108 -63.56 -19.40 12.94
C GLY D 108 -63.93 -18.00 12.52
N TYR D 109 -64.38 -17.86 11.26
CA TYR D 109 -64.80 -16.65 10.66
C TYR D 109 -66.04 -16.15 11.35
N ASP D 110 -67.02 -17.11 11.57
CA ASP D 110 -68.30 -16.83 12.22
C ASP D 110 -68.16 -16.38 13.71
N ILE D 111 -67.19 -17.01 14.45
CA ILE D 111 -67.00 -16.52 15.77
C ILE D 111 -66.46 -15.18 15.89
N GLY D 112 -65.50 -14.71 15.03
CA GLY D 112 -64.85 -13.40 15.07
C GLY D 112 -65.95 -12.32 14.99
N THR D 113 -66.95 -12.60 14.08
CA THR D 113 -68.08 -11.75 13.82
C THR D 113 -68.97 -11.55 15.02
N ARG D 114 -69.13 -12.67 15.74
CA ARG D 114 -69.92 -12.91 16.93
C ARG D 114 -69.26 -11.97 17.95
N ASN D 115 -67.96 -12.00 17.94
CA ASN D 115 -67.10 -11.35 18.92
C ASN D 115 -66.53 -10.09 18.27
N GLN D 116 -67.33 -9.33 17.48
CA GLN D 116 -66.95 -8.13 16.72
C GLN D 116 -66.54 -7.02 17.66
N ASP D 117 -67.33 -6.81 18.71
CA ASP D 117 -67.13 -5.77 19.73
C ASP D 117 -65.89 -6.03 20.56
N ASP D 118 -65.66 -7.32 20.91
CA ASP D 118 -64.53 -7.77 21.69
C ASP D 118 -63.21 -7.51 21.06
N ILE D 119 -63.12 -7.92 19.79
CA ILE D 119 -61.89 -7.72 18.99
C ILE D 119 -61.78 -6.24 18.77
N LEU D 120 -62.81 -5.42 18.53
CA LEU D 120 -62.68 -4.01 18.30
C LEU D 120 -62.14 -3.20 19.51
N ASN D 121 -62.52 -3.64 20.79
CA ASN D 121 -61.93 -3.05 21.97
C ASN D 121 -60.47 -3.20 22.07
N LYS D 122 -59.96 -4.40 21.75
CA LYS D 122 -58.56 -4.76 21.83
C LYS D 122 -57.81 -3.91 20.77
N ILE D 123 -58.41 -3.90 19.52
CA ILE D 123 -57.81 -3.36 18.38
C ILE D 123 -57.67 -1.89 18.56
N ASP D 124 -58.79 -1.19 19.01
CA ASP D 124 -58.78 0.16 19.29
C ASP D 124 -57.83 0.54 20.34
N LYS D 125 -57.59 -0.27 21.41
CA LYS D 125 -56.71 0.04 22.44
C LYS D 125 -55.32 0.14 21.92
N GLU D 126 -55.04 -0.89 21.08
CA GLU D 126 -53.74 -1.04 20.44
C GLU D 126 -53.49 0.11 19.45
N ILE D 127 -54.55 0.44 18.70
CA ILE D 127 -54.54 1.54 17.74
C ILE D 127 -54.37 2.90 18.48
N ASP D 128 -55.11 3.14 19.58
CA ASP D 128 -55.01 4.46 20.31
C ASP D 128 -53.67 4.72 20.91
N SER D 129 -52.95 3.64 21.42
CA SER D 129 -51.63 3.74 21.97
C SER D 129 -50.55 4.11 20.81
N THR D 130 -50.94 3.82 19.50
CA THR D 130 -50.15 4.18 18.39
C THR D 130 -50.21 5.64 18.07
N ASP D 131 -49.07 6.27 17.70
CA ASP D 131 -48.81 7.62 17.35
C ASP D 131 -49.02 7.91 15.91
N ASN D 132 -48.55 7.01 14.96
CA ASN D 132 -48.68 7.02 13.50
C ASN D 132 -48.37 5.59 13.00
N PHE D 133 -49.44 4.91 12.67
CA PHE D 133 -49.40 3.53 12.33
C PHE D 133 -49.09 3.39 10.93
N GLU D 134 -47.93 2.62 10.72
CA GLU D 134 -47.65 2.14 9.41
C GLU D 134 -48.57 1.03 9.09
N GLY D 135 -48.77 0.00 9.96
CA GLY D 135 -49.58 -1.10 9.42
C GLY D 135 -49.55 -2.39 10.19
N PHE D 136 -50.09 -3.45 9.64
CA PHE D 136 -50.29 -4.66 10.36
C PHE D 136 -49.48 -5.78 9.85
N GLN D 137 -49.20 -6.70 10.77
CA GLN D 137 -48.61 -8.01 10.44
C GLN D 137 -49.47 -9.06 10.98
N LEU D 138 -49.84 -10.03 10.12
CA LEU D 138 -50.65 -11.13 10.64
C LEU D 138 -49.74 -12.30 10.61
N LEU D 139 -49.69 -13.04 11.73
CA LEU D 139 -48.87 -14.26 11.88
C LEU D 139 -49.88 -15.33 12.06
N HIS D 140 -49.86 -16.35 11.13
CA HIS D 140 -50.89 -17.43 11.22
C HIS D 140 -50.76 -18.64 10.34
N SER D 141 -51.73 -19.56 10.54
CA SER D 141 -51.85 -20.79 9.79
C SER D 141 -53.15 -20.82 9.08
N VAL D 142 -53.20 -21.51 7.91
CA VAL D 142 -54.39 -21.60 7.06
C VAL D 142 -54.88 -23.02 7.00
N ALA D 143 -54.04 -23.94 7.52
CA ALA D 143 -54.41 -25.35 7.64
C ALA D 143 -55.37 -25.52 8.84
N GLY D 144 -55.30 -24.51 9.76
CA GLY D 144 -56.11 -24.45 10.95
C GLY D 144 -57.49 -24.07 10.58
N GLY D 145 -58.36 -24.32 11.60
CA GLY D 145 -59.73 -23.82 11.62
C GLY D 145 -59.66 -22.46 12.16
N THR D 146 -58.98 -22.32 13.35
CA THR D 146 -58.92 -21.22 14.26
C THR D 146 -58.08 -20.26 13.56
N GLY D 147 -56.88 -20.80 13.12
CA GLY D 147 -55.91 -19.96 12.46
C GLY D 147 -56.47 -19.36 11.21
N SER D 148 -57.20 -20.13 10.36
CA SER D 148 -57.69 -19.75 9.08
C SER D 148 -58.79 -18.74 9.26
N GLY D 149 -59.79 -19.14 9.98
CA GLY D 149 -61.10 -18.50 9.96
C GLY D 149 -61.21 -17.12 10.63
N LEU D 150 -60.76 -16.96 11.88
CA LEU D 150 -60.77 -15.67 12.55
C LEU D 150 -59.83 -14.74 11.85
N GLY D 151 -58.64 -15.17 11.42
CA GLY D 151 -57.71 -14.26 10.74
C GLY D 151 -58.21 -13.62 9.41
N SER D 152 -58.87 -14.43 8.55
CA SER D 152 -59.46 -13.92 7.32
C SER D 152 -60.59 -12.91 7.58
N ASN D 153 -61.40 -13.15 8.66
CA ASN D 153 -62.46 -12.28 9.05
C ASN D 153 -61.96 -10.92 9.50
N LEU D 154 -60.82 -10.89 10.35
CA LEU D 154 -60.25 -9.73 10.95
C LEU D 154 -59.69 -8.87 9.85
N LEU D 155 -59.08 -9.53 8.83
CA LEU D 155 -58.39 -8.87 7.76
C LEU D 155 -59.38 -7.96 6.99
N GLU D 156 -60.56 -8.58 6.71
CA GLU D 156 -61.54 -7.81 5.97
C GLU D 156 -62.04 -6.68 6.76
N ALA D 157 -62.23 -6.86 8.07
CA ALA D 157 -62.71 -5.76 8.90
C ALA D 157 -61.69 -4.64 8.91
N LEU D 158 -60.38 -5.02 8.99
CA LEU D 158 -59.30 -4.01 9.12
C LEU D 158 -59.23 -3.10 7.90
N CYS D 159 -59.42 -3.62 6.66
CA CYS D 159 -59.38 -2.90 5.45
C CYS D 159 -60.37 -1.81 5.43
N ASP D 160 -61.54 -2.26 5.80
CA ASP D 160 -62.78 -1.54 5.72
C ASP D 160 -62.70 -0.44 6.71
N ARG D 161 -62.19 -0.78 7.99
CA ARG D 161 -62.15 0.10 9.09
C ARG D 161 -61.26 1.25 8.78
N TYR D 162 -60.01 1.02 8.40
CA TYR D 162 -59.10 2.08 8.01
C TYR D 162 -58.53 1.77 6.61
N PRO D 163 -58.74 2.56 5.55
CA PRO D 163 -58.25 2.21 4.24
C PRO D 163 -57.00 3.03 4.02
N LYS D 164 -56.17 3.20 5.07
CA LYS D 164 -55.02 4.01 5.03
C LYS D 164 -53.75 3.22 5.45
N LYS D 165 -53.80 1.89 5.69
CA LYS D 165 -52.63 1.15 6.24
C LYS D 165 -52.30 -0.03 5.28
N ILE D 166 -50.98 -0.44 5.44
CA ILE D 166 -50.44 -1.59 4.70
C ILE D 166 -50.74 -2.87 5.49
N LEU D 167 -51.09 -4.01 4.93
CA LEU D 167 -51.27 -5.24 5.62
C LEU D 167 -50.31 -6.18 4.87
N THR D 168 -49.31 -6.68 5.61
CA THR D 168 -48.31 -7.61 5.21
C THR D 168 -48.47 -8.82 6.20
N THR D 169 -48.24 -10.03 5.71
CA THR D 169 -48.46 -11.27 6.45
C THR D 169 -47.29 -12.26 6.36
N TYR D 170 -47.15 -13.10 7.41
CA TYR D 170 -46.34 -14.29 7.45
C TYR D 170 -47.35 -15.49 7.53
N SER D 171 -47.54 -16.19 6.42
CA SER D 171 -48.53 -17.22 6.16
C SER D 171 -47.84 -18.52 6.06
N VAL D 172 -48.24 -19.59 6.81
CA VAL D 172 -47.66 -20.97 6.71
C VAL D 172 -48.48 -21.70 5.71
N PHE D 173 -47.81 -22.27 4.68
CA PHE D 173 -48.30 -23.22 3.72
C PHE D 173 -48.02 -24.57 4.25
N PRO D 174 -48.77 -25.61 4.04
CA PRO D 174 -48.41 -26.83 4.71
C PRO D 174 -47.51 -27.57 3.81
N ALA D 175 -47.92 -27.86 2.54
CA ALA D 175 -47.11 -28.45 1.51
C ALA D 175 -47.92 -28.25 0.36
N ARG D 176 -47.31 -28.43 -0.87
CA ARG D 176 -47.98 -28.30 -2.15
C ARG D 176 -48.92 -29.58 -2.17
N SER D 177 -48.37 -30.84 -1.96
CA SER D 177 -49.14 -32.07 -2.08
C SER D 177 -50.03 -32.27 -0.91
N SER D 178 -51.18 -32.96 -1.13
CA SER D 178 -52.18 -33.27 -0.13
C SER D 178 -52.12 -34.69 0.47
N GLU D 179 -52.77 -34.80 1.65
CA GLU D 179 -52.88 -36.05 2.34
C GLU D 179 -53.94 -35.78 3.33
N VAL D 180 -54.59 -34.56 3.36
CA VAL D 180 -55.72 -34.11 4.08
C VAL D 180 -56.54 -33.68 3.00
N VAL D 181 -57.88 -33.96 3.14
CA VAL D 181 -58.92 -33.77 2.09
C VAL D 181 -59.34 -32.33 2.24
N VAL D 182 -59.76 -32.01 3.44
CA VAL D 182 -60.41 -30.74 3.63
C VAL D 182 -59.57 -29.47 3.63
N GLN D 183 -58.21 -29.58 3.50
CA GLN D 183 -57.27 -28.52 3.40
C GLN D 183 -57.62 -27.52 2.32
N SER D 184 -58.10 -28.03 1.17
CA SER D 184 -58.57 -27.14 0.02
C SER D 184 -59.78 -26.29 0.37
N TYR D 185 -60.73 -26.78 1.19
CA TYR D 185 -61.87 -25.93 1.54
C TYR D 185 -61.40 -24.79 2.33
N ASN D 186 -60.57 -25.14 3.32
CA ASN D 186 -60.07 -24.07 4.15
C ASN D 186 -59.23 -23.01 3.49
N THR D 187 -58.24 -23.50 2.60
CA THR D 187 -57.32 -22.62 1.89
C THR D 187 -58.09 -21.80 0.90
N ILE D 188 -59.03 -22.38 0.14
CA ILE D 188 -59.77 -21.67 -0.92
C ILE D 188 -60.54 -20.50 -0.32
N LEU D 189 -61.28 -20.79 0.78
CA LEU D 189 -62.13 -19.81 1.35
C LEU D 189 -61.32 -18.62 1.90
N ALA D 190 -60.18 -18.91 2.56
CA ALA D 190 -59.29 -17.89 3.07
C ALA D 190 -58.61 -17.09 2.01
N LEU D 191 -58.18 -17.75 0.89
CA LEU D 191 -57.38 -17.17 -0.13
C LEU D 191 -58.03 -16.00 -0.81
N ARG D 192 -59.43 -16.07 -0.85
CA ARG D 192 -60.17 -14.91 -1.35
C ARG D 192 -59.91 -13.67 -0.50
N ARG D 193 -59.96 -13.83 0.81
CA ARG D 193 -59.57 -12.79 1.77
C ARG D 193 -58.09 -12.55 1.66
N LEU D 194 -57.22 -13.55 1.47
CA LEU D 194 -55.78 -13.27 1.42
C LEU D 194 -55.32 -12.42 0.24
N ILE D 195 -55.89 -12.60 -0.98
CA ILE D 195 -55.64 -11.73 -2.16
C ILE D 195 -56.24 -10.32 -2.00
N GLU D 196 -57.56 -10.26 -1.55
CA GLU D 196 -58.27 -9.02 -1.48
C GLU D 196 -57.93 -8.16 -0.25
N ASP D 197 -57.94 -8.77 0.93
CA ASP D 197 -57.62 -8.08 2.15
C ASP D 197 -56.17 -7.90 2.58
N SER D 198 -55.21 -8.59 2.00
CA SER D 198 -53.80 -8.57 2.32
C SER D 198 -53.10 -8.21 1.10
N ASP D 199 -52.43 -7.08 1.11
CA ASP D 199 -51.57 -6.50 0.11
C ASP D 199 -50.31 -7.36 -0.17
N ALA D 200 -49.64 -7.94 0.83
CA ALA D 200 -48.39 -8.63 0.49
C ALA D 200 -48.27 -9.80 1.43
N THR D 201 -47.83 -11.01 1.02
CA THR D 201 -47.76 -12.27 1.80
C THR D 201 -46.42 -13.03 1.70
N VAL D 202 -45.81 -13.32 2.83
CA VAL D 202 -44.54 -13.98 2.99
C VAL D 202 -44.90 -15.44 3.23
N VAL D 203 -44.54 -16.30 2.26
CA VAL D 203 -44.85 -17.74 2.18
C VAL D 203 -43.73 -18.43 3.00
N PHE D 204 -44.16 -19.34 3.98
CA PHE D 204 -43.34 -20.26 4.76
C PHE D 204 -43.89 -21.67 4.42
N ASP D 205 -43.18 -22.49 3.67
CA ASP D 205 -43.72 -23.83 3.41
C ASP D 205 -43.19 -24.75 4.55
N ASN D 206 -44.10 -25.42 5.31
CA ASN D 206 -43.76 -26.26 6.49
C ASN D 206 -42.97 -27.46 6.11
N ALA D 207 -43.18 -28.02 4.87
CA ALA D 207 -42.46 -29.11 4.35
C ALA D 207 -40.97 -28.79 4.24
N SER D 208 -40.62 -27.54 3.71
CA SER D 208 -39.23 -27.02 3.59
C SER D 208 -38.73 -26.74 4.93
N LEU D 209 -39.56 -26.13 5.84
CA LEU D 209 -39.14 -25.68 7.20
C LEU D 209 -38.72 -26.90 8.00
N LEU D 210 -39.50 -27.96 7.83
CA LEU D 210 -39.37 -29.17 8.55
C LEU D 210 -38.03 -29.80 8.14
N ASN D 211 -37.65 -29.76 6.83
CA ASN D 211 -36.32 -30.29 6.46
C ASN D 211 -35.21 -29.58 7.18
N ILE D 212 -35.28 -28.23 7.29
CA ILE D 212 -34.30 -27.34 7.82
C ILE D 212 -34.08 -27.67 9.32
N SER D 213 -35.19 -27.83 10.03
CA SER D 213 -35.27 -28.15 11.44
C SER D 213 -34.68 -29.48 11.73
N GLY D 214 -35.02 -30.49 10.87
CA GLY D 214 -34.74 -31.87 10.95
C GLY D 214 -33.26 -32.04 10.83
N LYS D 215 -32.66 -31.42 9.83
CA LYS D 215 -31.20 -31.43 9.58
C LYS D 215 -30.44 -30.65 10.56
N VAL D 216 -30.63 -29.31 10.80
CA VAL D 216 -29.74 -28.53 11.67
C VAL D 216 -29.79 -28.66 13.23
N PHE D 217 -30.93 -28.58 13.80
CA PHE D 217 -31.01 -28.55 15.27
C PHE D 217 -30.44 -29.77 15.99
N ARG D 218 -30.44 -30.92 15.32
CA ARG D 218 -29.81 -32.14 15.95
C ARG D 218 -30.64 -32.77 17.04
N ASN D 219 -31.94 -32.96 16.88
CA ASN D 219 -32.74 -33.69 17.77
C ASN D 219 -33.47 -34.54 16.79
N PRO D 220 -33.35 -35.86 16.70
CA PRO D 220 -34.01 -36.74 15.71
C PRO D 220 -35.48 -36.71 15.81
N ASN D 221 -36.13 -36.37 16.90
CA ASN D 221 -37.56 -36.28 16.93
C ASN D 221 -37.79 -34.81 16.88
N ILE D 222 -38.89 -34.35 16.27
CA ILE D 222 -39.08 -32.87 15.99
C ILE D 222 -40.40 -32.50 16.64
N ASP D 223 -40.42 -31.27 17.09
CA ASP D 223 -41.50 -30.65 17.79
C ASP D 223 -41.67 -29.31 17.14
N LEU D 224 -42.79 -28.68 17.46
CA LEU D 224 -43.10 -27.30 17.07
C LEU D 224 -42.07 -26.40 17.76
N GLN D 225 -41.74 -26.82 19.03
CA GLN D 225 -40.80 -26.09 19.86
C GLN D 225 -39.48 -26.01 19.21
N HIS D 226 -38.99 -27.14 18.55
CA HIS D 226 -37.72 -27.28 17.79
C HIS D 226 -37.76 -26.36 16.53
N THR D 227 -38.93 -26.35 15.77
CA THR D 227 -39.07 -25.55 14.56
C THR D 227 -39.06 -23.99 14.79
N ASN D 228 -39.70 -23.52 15.92
CA ASN D 228 -39.84 -22.11 16.11
C ASN D 228 -38.56 -21.35 16.35
N GLN D 229 -37.48 -22.11 16.81
CA GLN D 229 -36.23 -21.48 17.02
C GLN D 229 -35.74 -20.86 15.69
N LEU D 230 -35.89 -21.57 14.49
CA LEU D 230 -35.63 -21.15 13.16
C LEU D 230 -36.62 -20.05 12.78
N ILE D 231 -37.94 -20.09 13.06
CA ILE D 231 -38.92 -19.13 12.55
C ILE D 231 -38.52 -17.81 13.18
N SER D 232 -38.16 -17.74 14.49
CA SER D 232 -37.91 -16.52 15.29
C SER D 232 -36.70 -15.79 14.76
N THR D 233 -35.70 -16.57 14.38
CA THR D 233 -34.46 -16.01 13.79
C THR D 233 -34.71 -15.35 12.42
N ILE D 234 -35.57 -16.01 11.56
CA ILE D 234 -35.91 -15.50 10.25
C ILE D 234 -36.70 -14.20 10.38
N ILE D 235 -37.72 -14.21 11.26
CA ILE D 235 -38.62 -13.14 11.51
C ILE D 235 -37.91 -11.93 12.08
N SER D 236 -36.95 -12.20 13.02
CA SER D 236 -36.26 -11.13 13.61
C SER D 236 -35.39 -10.44 12.51
N SER D 237 -34.75 -11.24 11.65
CA SER D 237 -33.79 -10.74 10.67
C SER D 237 -34.47 -9.87 9.67
N VAL D 238 -35.72 -10.12 9.21
CA VAL D 238 -36.43 -9.28 8.29
C VAL D 238 -36.71 -7.97 8.92
N THR D 239 -36.85 -7.89 10.30
CA THR D 239 -37.10 -6.66 11.05
C THR D 239 -35.85 -5.75 11.27
N ASN D 240 -34.66 -6.32 11.02
CA ASN D 240 -33.38 -5.63 11.36
C ASN D 240 -33.23 -4.25 10.87
N SER D 241 -33.60 -4.00 9.56
CA SER D 241 -33.31 -2.77 8.80
C SER D 241 -34.13 -1.70 9.42
N ILE D 242 -35.25 -2.04 10.06
CA ILE D 242 -36.08 -1.05 10.70
C ILE D 242 -35.45 -0.60 11.97
N ARG D 243 -34.87 -1.53 12.78
CA ARG D 243 -34.30 -1.17 14.09
C ARG D 243 -32.94 -0.52 13.86
N PHE D 244 -32.29 -0.66 12.67
CA PHE D 244 -31.11 0.14 12.29
C PHE D 244 -31.44 0.87 11.00
N PRO D 245 -32.29 1.97 11.14
CA PRO D 245 -32.86 2.71 9.96
C PRO D 245 -31.65 3.22 9.24
N SER D 246 -30.72 3.90 10.00
CA SER D 246 -29.48 4.40 9.53
C SER D 246 -29.59 5.18 8.23
N TYR D 247 -29.37 4.41 7.11
CA TYR D 247 -29.49 4.75 5.69
C TYR D 247 -30.92 5.16 5.39
N MET D 248 -31.12 5.45 4.12
CA MET D 248 -32.41 5.90 3.58
C MET D 248 -33.04 4.93 2.63
N TYR D 249 -32.49 3.70 2.65
CA TYR D 249 -32.97 2.64 1.86
C TYR D 249 -33.01 1.41 2.70
N SER D 250 -33.56 1.57 3.89
CA SER D 250 -33.71 0.55 4.94
C SER D 250 -34.53 1.28 5.89
N SER D 251 -35.90 1.21 5.81
CA SER D 251 -36.87 1.60 6.73
C SER D 251 -38.07 0.71 6.46
N MET D 252 -39.13 0.87 7.24
CA MET D 252 -40.41 0.17 7.08
C MET D 252 -40.99 0.59 5.73
N SER D 253 -40.94 1.88 5.44
CA SER D 253 -41.54 2.48 4.23
C SER D 253 -40.85 2.02 3.02
N SER D 254 -39.56 2.00 3.10
CA SER D 254 -38.72 1.72 2.01
C SER D 254 -38.94 0.27 1.60
N ILE D 255 -39.12 -0.57 2.63
CA ILE D 255 -39.30 -1.99 2.47
C ILE D 255 -40.60 -2.18 1.74
N TYR D 256 -41.69 -1.45 2.14
CA TYR D 256 -42.95 -1.56 1.52
C TYR D 256 -42.98 -1.15 0.06
N SER D 257 -42.37 0.02 -0.31
CA SER D 257 -42.38 0.49 -1.64
C SER D 257 -41.70 -0.46 -2.64
N THR D 258 -40.46 -0.99 -2.16
CA THR D 258 -39.42 -1.78 -2.82
C THR D 258 -40.09 -3.12 -3.09
N LEU D 259 -40.79 -3.64 -2.12
CA LEU D 259 -41.31 -5.03 -2.21
C LEU D 259 -42.46 -5.28 -3.21
N ILE D 260 -43.41 -4.35 -3.33
CA ILE D 260 -44.65 -4.51 -4.15
C ILE D 260 -44.47 -3.69 -5.35
N PRO D 261 -44.30 -4.07 -6.54
CA PRO D 261 -44.16 -3.20 -7.66
C PRO D 261 -45.47 -3.22 -8.42
N SER D 262 -46.38 -4.26 -8.16
CA SER D 262 -47.59 -4.36 -8.88
C SER D 262 -48.63 -4.73 -7.82
N PRO D 263 -49.91 -4.62 -8.15
CA PRO D 263 -50.82 -4.90 -7.10
C PRO D 263 -51.28 -6.30 -7.30
N GLU D 264 -50.80 -7.02 -8.37
CA GLU D 264 -51.08 -8.36 -8.71
C GLU D 264 -49.99 -9.11 -8.01
N LEU D 265 -48.74 -8.91 -8.42
CA LEU D 265 -47.65 -9.73 -7.89
C LEU D 265 -47.17 -9.11 -6.57
N HIS D 266 -46.92 -9.92 -5.52
CA HIS D 266 -46.56 -9.38 -4.26
C HIS D 266 -46.38 -10.52 -3.35
N PHE D 267 -46.52 -11.79 -3.89
CA PHE D 267 -46.36 -13.01 -3.09
C PHE D 267 -44.93 -13.34 -3.10
N LEU D 268 -44.36 -13.42 -1.87
CA LEU D 268 -42.91 -13.47 -1.62
C LEU D 268 -42.39 -14.80 -1.13
N SER D 269 -41.12 -15.14 -1.45
CA SER D 269 -40.46 -16.27 -0.89
C SER D 269 -39.25 -15.71 -0.12
N PRO D 270 -38.96 -16.22 1.14
CA PRO D 270 -37.70 -15.93 1.85
C PRO D 270 -36.65 -17.04 1.70
N SER D 271 -35.35 -16.73 1.94
CA SER D 271 -34.28 -17.57 2.05
C SER D 271 -33.48 -16.93 3.16
N PHE D 272 -32.67 -17.66 3.92
CA PHE D 272 -31.87 -17.17 5.02
C PHE D 272 -30.63 -18.06 5.10
N THR D 273 -29.51 -17.47 5.54
CA THR D 273 -28.37 -18.23 5.73
C THR D 273 -27.68 -17.42 6.84
N PRO D 274 -27.04 -17.86 7.86
CA PRO D 274 -26.85 -19.28 8.10
C PRO D 274 -28.21 -19.95 8.56
N PHE D 275 -28.25 -21.27 8.79
CA PHE D 275 -29.47 -22.03 9.19
C PHE D 275 -28.84 -22.93 10.15
N THR D 276 -29.00 -22.54 11.44
CA THR D 276 -28.33 -23.10 12.47
C THR D 276 -29.13 -22.88 13.81
N SER D 277 -30.39 -22.35 13.66
CA SER D 277 -31.33 -21.88 14.69
C SER D 277 -30.81 -20.79 15.64
N ASP D 278 -30.94 -21.05 16.88
CA ASP D 278 -30.76 -20.14 17.96
C ASP D 278 -29.32 -20.05 18.40
N TYR D 279 -28.34 -20.51 17.61
CA TYR D 279 -26.90 -20.49 17.84
C TYR D 279 -26.19 -20.46 16.51
N ILE D 280 -24.88 -20.27 16.56
CA ILE D 280 -24.07 -20.40 15.36
C ILE D 280 -22.80 -21.10 15.82
N HIS D 281 -22.41 -22.28 15.23
CA HIS D 281 -21.26 -23.10 15.65
C HIS D 281 -20.06 -22.35 15.14
N ASP D 282 -20.06 -21.72 13.93
CA ASP D 282 -19.05 -20.80 13.44
C ASP D 282 -18.82 -19.61 14.37
N ASP D 283 -17.57 -19.06 14.36
CA ASP D 283 -17.16 -18.01 15.25
C ASP D 283 -16.84 -16.68 14.55
N ILE D 284 -15.60 -16.58 14.00
CA ILE D 284 -15.16 -15.41 13.25
C ILE D 284 -14.79 -15.95 11.88
N ALA D 285 -15.34 -15.26 10.89
CA ALA D 285 -15.31 -15.60 9.47
C ALA D 285 -13.94 -15.73 8.93
N HIS D 286 -13.76 -16.45 7.93
CA HIS D 286 -12.58 -16.54 7.15
C HIS D 286 -13.08 -17.09 5.90
N LYS D 287 -14.41 -16.90 5.65
CA LYS D 287 -15.26 -17.39 4.58
C LYS D 287 -15.78 -16.22 3.92
N CYS D 288 -15.80 -16.27 2.51
CA CYS D 288 -16.02 -15.12 1.68
C CYS D 288 -17.38 -14.62 1.65
N HIS D 289 -17.63 -13.39 1.13
CA HIS D 289 -18.94 -12.74 0.87
C HIS D 289 -19.68 -13.48 -0.23
N SER D 290 -18.86 -14.06 -1.16
CA SER D 290 -19.36 -14.82 -2.31
C SER D 290 -20.02 -15.98 -1.66
N SER D 291 -19.48 -16.58 -0.57
CA SER D 291 -20.07 -17.75 0.04
C SER D 291 -21.43 -17.49 0.59
N TYR D 292 -21.60 -16.33 1.26
CA TYR D 292 -22.88 -15.94 1.84
C TYR D 292 -23.89 -15.80 0.75
N ASP D 293 -23.50 -15.10 -0.33
CA ASP D 293 -24.33 -14.66 -1.46
C ASP D 293 -24.79 -15.93 -2.21
N VAL D 294 -23.85 -16.92 -2.33
CA VAL D 294 -24.21 -18.14 -3.02
C VAL D 294 -25.22 -18.89 -2.21
N MET D 295 -25.06 -18.91 -0.85
CA MET D 295 -25.94 -19.69 0.01
C MET D 295 -27.44 -19.26 0.00
N LEU D 296 -27.66 -17.93 -0.15
CA LEU D 296 -28.96 -17.38 -0.40
C LEU D 296 -29.59 -17.83 -1.74
N ASP D 297 -28.84 -18.18 -2.81
CA ASP D 297 -29.28 -18.65 -4.08
C ASP D 297 -29.76 -20.08 -4.00
N LEU D 298 -29.13 -20.80 -3.01
CA LEU D 298 -29.34 -22.24 -2.74
C LEU D 298 -30.64 -22.43 -2.06
N LEU D 299 -31.35 -23.59 -2.35
CA LEU D 299 -32.74 -23.87 -1.97
C LEU D 299 -32.65 -24.76 -0.81
N ASP D 300 -31.37 -25.15 -0.52
CA ASP D 300 -30.95 -26.03 0.56
C ASP D 300 -31.15 -25.45 1.97
N PRO D 301 -30.92 -24.19 2.16
CA PRO D 301 -31.27 -23.55 3.38
C PRO D 301 -32.61 -22.95 3.39
N SER D 302 -33.37 -22.87 2.26
CA SER D 302 -34.62 -22.32 2.13
C SER D 302 -35.67 -23.02 2.95
N ASN D 303 -36.71 -22.21 3.33
CA ASN D 303 -37.78 -22.57 4.23
C ASN D 303 -39.12 -22.57 3.57
N SER D 304 -39.10 -22.36 2.22
CA SER D 304 -40.26 -22.25 1.48
C SER D 304 -39.92 -22.86 0.11
N LEU D 305 -41.03 -23.35 -0.53
CA LEU D 305 -41.02 -24.03 -1.82
C LEU D 305 -42.29 -23.50 -2.44
N VAL D 306 -42.18 -22.62 -3.42
CA VAL D 306 -43.38 -22.02 -4.02
C VAL D 306 -43.23 -22.44 -5.50
N SER D 307 -42.37 -23.49 -5.72
CA SER D 307 -41.92 -24.10 -6.90
C SER D 307 -40.81 -23.39 -7.64
N THR D 308 -39.87 -22.85 -6.85
CA THR D 308 -38.67 -22.07 -7.05
C THR D 308 -37.95 -22.47 -8.25
N ALA D 309 -37.49 -21.50 -9.04
CA ALA D 309 -36.86 -21.83 -10.27
C ALA D 309 -36.15 -20.58 -10.65
N MET D 310 -35.05 -20.72 -11.47
CA MET D 310 -34.29 -19.74 -12.20
C MET D 310 -34.16 -20.37 -13.54
N ASN D 311 -33.97 -19.52 -14.53
CA ASN D 311 -33.80 -19.88 -15.99
C ASN D 311 -35.12 -20.33 -16.57
N ASN D 312 -35.27 -20.09 -17.88
CA ASN D 312 -36.43 -20.29 -18.73
C ASN D 312 -37.56 -19.35 -18.17
N PRO D 313 -38.80 -19.26 -18.56
CA PRO D 313 -39.76 -18.34 -17.91
C PRO D 313 -40.05 -18.75 -16.51
N THR D 314 -39.97 -17.73 -15.58
CA THR D 314 -40.05 -17.93 -14.12
C THR D 314 -39.80 -16.57 -13.53
N TYR D 315 -40.19 -15.49 -14.36
CA TYR D 315 -40.03 -14.06 -14.12
C TYR D 315 -39.95 -13.65 -12.63
N PHE D 316 -38.74 -13.18 -12.26
CA PHE D 316 -38.49 -12.62 -10.95
C PHE D 316 -38.70 -11.15 -11.15
N ASN D 317 -39.59 -10.48 -10.39
CA ASN D 317 -39.80 -9.06 -10.40
C ASN D 317 -38.72 -8.35 -9.61
N VAL D 318 -38.32 -8.88 -8.38
CA VAL D 318 -37.38 -8.20 -7.54
C VAL D 318 -36.80 -9.23 -6.67
N TYR D 319 -35.56 -8.98 -6.12
CA TYR D 319 -34.94 -9.89 -5.23
C TYR D 319 -34.34 -8.80 -4.32
N ASN D 320 -34.48 -9.00 -2.99
CA ASN D 320 -33.94 -7.98 -2.08
C ASN D 320 -33.15 -8.74 -1.06
N THR D 321 -31.95 -8.23 -0.73
CA THR D 321 -31.00 -8.98 0.19
C THR D 321 -30.80 -8.08 1.36
N ILE D 322 -30.97 -8.70 2.53
CA ILE D 322 -30.74 -8.04 3.77
C ILE D 322 -29.48 -8.65 4.37
N ILE D 323 -28.37 -7.85 4.54
CA ILE D 323 -27.06 -8.31 4.86
C ILE D 323 -26.94 -7.85 6.31
N GLY D 324 -26.44 -8.81 7.12
CA GLY D 324 -26.20 -8.52 8.54
C GLY D 324 -24.74 -8.85 8.67
N ASN D 325 -23.93 -7.85 9.14
CA ASN D 325 -22.58 -7.78 9.60
C ASN D 325 -21.67 -6.67 8.92
N VAL D 326 -20.35 -6.67 9.38
CA VAL D 326 -19.29 -5.80 8.96
C VAL D 326 -18.26 -6.75 8.29
N GLU D 327 -18.12 -6.48 7.01
CA GLU D 327 -17.15 -7.19 6.11
C GLU D 327 -16.77 -6.13 5.08
N PRO D 328 -15.62 -6.21 4.30
CA PRO D 328 -15.31 -5.22 3.33
C PRO D 328 -16.32 -5.05 2.19
N ARG D 329 -16.90 -3.80 2.11
CA ARG D 329 -17.92 -3.40 1.20
C ARG D 329 -17.49 -3.45 -0.30
N GLN D 330 -16.25 -3.06 -0.67
CA GLN D 330 -15.96 -3.06 -2.07
C GLN D 330 -15.94 -4.43 -2.80
N ILE D 331 -15.39 -5.45 -2.02
CA ILE D 331 -15.39 -6.74 -2.58
C ILE D 331 -16.79 -7.25 -2.81
N SER D 332 -17.64 -7.00 -1.80
CA SER D 332 -19.02 -7.44 -1.92
C SER D 332 -19.74 -6.72 -3.05
N ARG D 333 -19.51 -5.34 -3.27
CA ARG D 333 -20.22 -4.69 -4.31
C ARG D 333 -19.79 -5.10 -5.69
N ALA D 334 -18.53 -5.36 -5.90
CA ALA D 334 -18.09 -5.96 -7.13
C ALA D 334 -18.68 -7.33 -7.42
N MET D 335 -18.82 -8.13 -6.31
CA MET D 335 -19.43 -9.38 -6.28
C MET D 335 -20.93 -9.32 -6.72
N THR D 336 -21.70 -8.34 -6.15
CA THR D 336 -23.10 -8.02 -6.38
C THR D 336 -23.36 -7.69 -7.83
N LYS D 337 -22.42 -6.98 -8.46
CA LYS D 337 -22.48 -6.61 -9.87
C LYS D 337 -22.42 -7.85 -10.62
N LEU D 338 -21.59 -8.84 -10.23
CA LEU D 338 -21.51 -10.05 -11.01
C LEU D 338 -22.84 -10.82 -11.01
N GLN D 339 -23.46 -10.90 -9.82
CA GLN D 339 -24.60 -11.65 -9.65
C GLN D 339 -25.75 -11.16 -10.53
N GLN D 340 -25.92 -9.82 -10.59
CA GLN D 340 -26.87 -9.21 -11.48
C GLN D 340 -26.53 -9.42 -12.90
N ARG D 341 -25.25 -9.22 -13.28
CA ARG D 341 -24.88 -9.17 -14.69
C ARG D 341 -24.94 -10.45 -15.43
N ILE D 342 -24.68 -11.61 -14.71
CA ILE D 342 -24.71 -12.88 -15.35
C ILE D 342 -26.12 -13.48 -15.14
N LYS D 343 -27.08 -12.60 -14.76
CA LYS D 343 -28.48 -12.79 -14.65
C LYS D 343 -28.89 -14.16 -14.15
N PHE D 344 -28.65 -14.38 -12.81
CA PHE D 344 -29.02 -15.62 -12.17
C PHE D 344 -30.50 -15.70 -12.15
N PRO D 345 -31.29 -14.70 -11.66
CA PRO D 345 -32.69 -14.70 -11.74
C PRO D 345 -33.27 -14.33 -13.06
N SER D 346 -34.57 -14.67 -13.40
CA SER D 346 -35.12 -14.52 -14.75
C SER D 346 -35.96 -13.28 -14.73
N TRP D 347 -36.22 -12.86 -15.97
CA TRP D 347 -36.64 -11.59 -16.33
C TRP D 347 -37.47 -11.70 -17.54
N SER D 348 -38.36 -10.76 -17.69
CA SER D 348 -39.31 -10.65 -18.80
C SER D 348 -38.73 -10.09 -20.06
N SER D 349 -39.49 -10.23 -21.18
CA SER D 349 -39.15 -9.55 -22.41
C SER D 349 -39.77 -8.10 -22.40
N SER D 350 -39.95 -7.61 -21.16
CA SER D 350 -40.41 -6.23 -20.91
C SER D 350 -39.72 -5.75 -19.63
N ALA D 351 -38.73 -6.54 -19.02
CA ALA D 351 -38.07 -6.16 -17.80
C ALA D 351 -36.68 -6.53 -17.91
N MET D 352 -35.80 -5.85 -17.13
CA MET D 352 -34.40 -6.05 -17.17
C MET D 352 -33.93 -6.15 -15.73
N HIS D 353 -32.77 -6.79 -15.46
CA HIS D 353 -32.23 -7.10 -14.12
C HIS D 353 -32.36 -6.08 -13.01
N VAL D 354 -32.70 -6.57 -11.83
CA VAL D 354 -32.57 -5.80 -10.64
C VAL D 354 -32.48 -6.82 -9.52
N ASN D 355 -31.29 -6.75 -8.87
CA ASN D 355 -31.07 -7.63 -7.69
C ASN D 355 -30.43 -6.59 -6.80
N ILE D 356 -31.01 -6.33 -5.65
CA ILE D 356 -30.54 -5.23 -4.77
C ILE D 356 -30.23 -5.74 -3.37
N GLY D 357 -29.32 -5.08 -2.63
CA GLY D 357 -28.92 -5.40 -1.23
C GLY D 357 -28.90 -4.17 -0.38
N ARG D 358 -29.26 -4.41 0.88
CA ARG D 358 -29.10 -3.48 1.99
C ARG D 358 -28.39 -4.12 3.15
N ARG D 359 -27.49 -3.33 3.77
CA ARG D 359 -26.57 -3.87 4.79
C ARG D 359 -26.93 -3.11 6.06
N SER D 360 -26.89 -3.92 7.18
CA SER D 360 -27.18 -3.42 8.48
C SER D 360 -26.19 -4.17 9.36
N PRO D 361 -25.85 -3.55 10.52
CA PRO D 361 -25.04 -4.16 11.60
C PRO D 361 -25.83 -5.00 12.43
N TYR D 362 -25.18 -5.64 13.41
CA TYR D 362 -25.62 -6.53 14.38
C TYR D 362 -25.69 -5.71 15.65
N LEU D 363 -26.44 -6.28 16.63
CA LEU D 363 -26.61 -5.81 17.95
C LEU D 363 -25.36 -6.22 18.76
N PRO D 364 -24.84 -5.33 19.60
CA PRO D 364 -23.50 -5.48 20.26
C PRO D 364 -23.70 -6.10 21.70
N LEU D 365 -24.96 -6.38 22.09
CA LEU D 365 -25.18 -7.04 23.33
C LEU D 365 -24.89 -8.53 23.24
N GLN D 366 -25.06 -9.18 22.06
CA GLN D 366 -24.69 -10.56 21.84
C GLN D 366 -23.22 -10.60 21.74
N PRO D 367 -22.55 -11.65 22.19
CA PRO D 367 -21.08 -11.89 22.12
C PRO D 367 -20.57 -11.57 20.74
N ASN D 368 -19.51 -10.65 20.63
CA ASN D 368 -19.17 -9.97 19.39
C ASN D 368 -18.06 -10.77 18.77
N GLU D 369 -18.54 -11.36 17.64
CA GLU D 369 -17.74 -12.27 16.85
C GLU D 369 -18.40 -12.06 15.47
N ASN D 370 -17.44 -11.97 14.49
CA ASN D 370 -17.73 -11.66 13.10
C ASN D 370 -18.37 -12.85 12.45
N GLU D 371 -19.68 -12.80 12.22
CA GLU D 371 -20.29 -13.79 11.39
C GLU D 371 -20.74 -12.94 10.21
N VAL D 372 -21.18 -13.64 9.12
CA VAL D 372 -21.86 -13.07 7.95
C VAL D 372 -23.21 -13.72 7.93
N SER D 373 -24.29 -12.92 7.76
CA SER D 373 -25.57 -13.46 7.57
C SER D 373 -26.31 -12.75 6.46
N GLY D 374 -27.44 -13.40 6.00
CA GLY D 374 -28.30 -12.68 5.09
C GLY D 374 -29.59 -13.36 5.07
N MET D 375 -30.66 -12.58 4.66
CA MET D 375 -32.00 -12.96 4.38
C MET D 375 -32.32 -12.42 3.00
N MET D 376 -33.17 -13.18 2.27
CA MET D 376 -33.60 -12.79 0.97
C MET D 376 -35.15 -12.64 1.16
N LEU D 377 -35.69 -11.61 0.52
CA LEU D 377 -37.16 -11.51 0.14
C LEU D 377 -37.17 -11.37 -1.35
N SER D 378 -37.87 -12.21 -2.03
CA SER D 378 -37.93 -12.10 -3.49
C SER D 378 -39.29 -12.31 -3.94
N ASN D 379 -39.68 -11.64 -5.09
CA ASN D 379 -40.99 -11.72 -5.76
C ASN D 379 -40.79 -12.46 -7.04
N MET D 380 -41.31 -13.71 -7.04
CA MET D 380 -41.11 -14.68 -8.08
C MET D 380 -42.41 -15.23 -8.58
N SER D 381 -42.48 -15.48 -9.87
CA SER D 381 -43.64 -15.86 -10.63
C SER D 381 -44.07 -17.23 -10.37
N THR D 382 -43.18 -18.07 -9.75
CA THR D 382 -43.43 -19.46 -9.49
C THR D 382 -44.65 -19.70 -8.58
N VAL D 383 -45.02 -18.68 -7.73
CA VAL D 383 -46.00 -18.72 -6.71
C VAL D 383 -47.27 -19.17 -7.37
N VAL D 384 -47.45 -18.89 -8.70
CA VAL D 384 -48.63 -19.24 -9.53
C VAL D 384 -49.00 -20.65 -9.63
N ASN D 385 -47.99 -21.47 -9.52
CA ASN D 385 -48.13 -22.88 -9.49
C ASN D 385 -49.00 -23.35 -8.24
N VAL D 386 -48.85 -22.63 -7.14
CA VAL D 386 -49.64 -22.96 -6.01
C VAL D 386 -51.08 -22.72 -6.23
N PHE D 387 -51.49 -21.56 -6.90
CA PHE D 387 -52.88 -21.18 -7.12
C PHE D 387 -53.49 -22.25 -7.98
N GLU D 388 -52.75 -22.76 -8.99
CA GLU D 388 -53.20 -23.81 -9.83
C GLU D 388 -53.48 -25.16 -9.17
N ASN D 389 -52.59 -25.50 -8.26
CA ASN D 389 -52.67 -26.66 -7.44
C ASN D 389 -53.88 -26.57 -6.52
N ALA D 390 -54.17 -25.35 -6.00
CA ALA D 390 -55.32 -25.13 -5.19
C ALA D 390 -56.63 -25.37 -5.97
N CYS D 391 -56.63 -24.89 -7.24
CA CYS D 391 -57.75 -25.07 -8.18
C CYS D 391 -57.92 -26.57 -8.49
N ASN D 392 -56.83 -27.33 -8.70
CA ASN D 392 -56.97 -28.76 -8.91
C ASN D 392 -57.44 -29.50 -7.67
N THR D 393 -56.96 -29.11 -6.50
CA THR D 393 -57.43 -29.68 -5.24
C THR D 393 -58.85 -29.32 -5.03
N PHE D 394 -59.21 -28.06 -5.37
CA PHE D 394 -60.62 -27.56 -5.27
C PHE D 394 -61.60 -28.28 -6.17
N ASP D 395 -61.24 -28.53 -7.39
CA ASP D 395 -62.20 -29.27 -8.24
C ASP D 395 -62.50 -30.65 -7.75
N LYS D 396 -61.45 -31.36 -7.24
CA LYS D 396 -61.64 -32.66 -6.61
C LYS D 396 -62.50 -32.61 -5.34
N VAL D 397 -62.35 -31.67 -4.38
CA VAL D 397 -63.15 -31.72 -3.17
C VAL D 397 -64.63 -31.48 -3.39
N PHE D 398 -65.02 -30.56 -4.32
CA PHE D 398 -66.34 -30.28 -4.75
C PHE D 398 -66.97 -31.46 -5.48
N ALA D 399 -66.17 -32.15 -6.32
CA ALA D 399 -66.51 -33.30 -7.09
C ALA D 399 -66.93 -34.39 -6.19
N LYS D 400 -66.27 -34.63 -5.03
CA LYS D 400 -66.56 -35.65 -4.05
C LYS D 400 -67.83 -35.44 -3.37
N GLY D 401 -68.19 -34.16 -3.14
CA GLY D 401 -69.50 -33.80 -2.55
C GLY D 401 -69.58 -34.29 -1.08
N ALA D 402 -68.43 -34.28 -0.36
CA ALA D 402 -68.26 -34.86 0.95
C ALA D 402 -68.33 -33.76 1.95
N PHE D 403 -69.22 -34.01 2.98
CA PHE D 403 -69.41 -33.22 4.15
C PHE D 403 -69.54 -31.77 3.89
N LEU D 404 -70.60 -31.43 3.08
CA LEU D 404 -70.94 -30.03 2.76
C LEU D 404 -71.62 -29.37 3.84
N ASN D 405 -72.24 -30.13 4.68
CA ASN D 405 -73.19 -29.68 5.64
C ASN D 405 -72.85 -28.60 6.59
N ASN D 406 -71.66 -28.58 7.24
CA ASN D 406 -71.32 -27.46 8.13
C ASN D 406 -71.23 -26.11 7.36
N TYR D 407 -70.67 -26.15 6.13
CA TYR D 407 -70.45 -25.02 5.26
C TYR D 407 -71.83 -24.47 4.91
N ASN D 408 -72.82 -25.35 4.62
CA ASN D 408 -74.15 -25.07 4.10
C ASN D 408 -74.90 -24.17 5.03
N VAL D 409 -74.73 -24.25 6.35
CA VAL D 409 -75.58 -23.63 7.31
C VAL D 409 -75.51 -22.13 7.01
N GLY D 410 -74.36 -21.60 6.53
CA GLY D 410 -74.22 -20.21 6.10
C GLY D 410 -75.01 -19.94 4.89
N ASP D 411 -75.60 -18.71 4.82
CA ASP D 411 -76.53 -18.32 3.75
C ASP D 411 -75.85 -18.33 2.40
N LEU D 412 -74.56 -17.96 2.32
CA LEU D 412 -73.78 -17.88 1.16
C LEU D 412 -73.74 -19.26 0.57
N PHE D 413 -73.64 -20.32 1.40
CA PHE D 413 -73.39 -21.61 0.83
C PHE D 413 -74.67 -22.39 1.08
N GLN D 414 -75.87 -21.79 1.12
CA GLN D 414 -77.03 -22.59 1.18
C GLN D 414 -77.44 -23.11 -0.18
N SER D 415 -77.58 -22.25 -1.14
CA SER D 415 -77.97 -22.61 -2.46
C SER D 415 -76.93 -23.48 -3.07
N MET D 416 -75.62 -23.09 -2.92
CA MET D 416 -74.46 -23.90 -3.29
C MET D 416 -73.30 -23.11 -2.83
N GLN D 417 -72.14 -23.73 -2.78
CA GLN D 417 -70.91 -23.03 -2.40
C GLN D 417 -70.34 -21.96 -3.39
N ASN D 418 -71.12 -20.80 -3.48
CA ASN D 418 -70.91 -19.81 -4.48
C ASN D 418 -69.62 -19.07 -4.28
N VAL D 419 -69.26 -18.85 -3.06
CA VAL D 419 -68.04 -18.04 -2.78
C VAL D 419 -66.82 -18.70 -3.31
N GLN D 420 -66.79 -20.09 -3.24
CA GLN D 420 -65.67 -20.89 -3.86
C GLN D 420 -65.65 -20.80 -5.36
N ASP D 421 -66.84 -20.81 -5.99
CA ASP D 421 -66.96 -20.78 -7.39
C ASP D 421 -66.39 -19.48 -7.94
N GLU D 422 -66.76 -18.39 -7.18
CA GLU D 422 -66.40 -17.04 -7.53
C GLU D 422 -64.93 -16.84 -7.51
N PHE D 423 -64.37 -17.39 -6.44
CA PHE D 423 -62.95 -17.43 -6.14
C PHE D 423 -62.19 -18.21 -7.23
N ALA D 424 -62.74 -19.38 -7.67
CA ALA D 424 -62.10 -20.16 -8.72
C ALA D 424 -61.90 -19.47 -10.10
N GLU D 425 -62.92 -18.69 -10.54
CA GLU D 425 -62.83 -17.86 -11.69
C GLU D 425 -61.79 -16.70 -11.54
N SER D 426 -61.90 -16.07 -10.37
CA SER D 426 -61.16 -14.89 -9.99
C SER D 426 -59.69 -15.18 -9.92
N ARG D 427 -59.37 -16.39 -9.34
CA ARG D 427 -58.07 -16.97 -9.20
C ARG D 427 -57.49 -17.21 -10.48
N GLU D 428 -58.35 -17.70 -11.43
CA GLU D 428 -57.91 -17.92 -12.81
C GLU D 428 -57.51 -16.69 -13.51
N VAL D 429 -58.24 -15.62 -13.29
CA VAL D 429 -57.93 -14.29 -13.94
C VAL D 429 -56.62 -13.86 -13.44
N VAL D 430 -56.32 -14.05 -12.15
CA VAL D 430 -54.97 -13.70 -11.57
C VAL D 430 -53.93 -14.48 -12.27
N GLN D 431 -54.05 -15.83 -12.49
CA GLN D 431 -53.02 -16.69 -13.00
C GLN D 431 -52.64 -16.26 -14.42
N SER D 432 -53.69 -15.94 -15.27
CA SER D 432 -53.56 -15.72 -16.71
C SER D 432 -52.70 -14.52 -16.93
N LEU D 433 -53.02 -13.57 -16.04
CA LEU D 433 -52.28 -12.33 -16.03
C LEU D 433 -50.85 -12.44 -15.60
N MET D 434 -50.69 -13.34 -14.68
CA MET D 434 -49.38 -13.58 -14.19
C MET D 434 -48.44 -14.07 -15.25
N GLU D 435 -48.97 -14.96 -16.06
CA GLU D 435 -48.31 -15.55 -17.20
C GLU D 435 -48.01 -14.62 -18.32
N ASP D 436 -48.91 -13.67 -18.57
CA ASP D 436 -48.72 -12.68 -19.59
C ASP D 436 -47.54 -11.76 -19.26
N TYR D 437 -47.31 -11.52 -17.95
CA TYR D 437 -46.43 -10.66 -17.31
C TYR D 437 -44.99 -11.05 -17.47
N VAL D 438 -44.78 -12.32 -17.71
CA VAL D 438 -43.50 -12.90 -18.00
C VAL D 438 -42.93 -12.50 -19.32
N ALA D 439 -43.71 -12.09 -20.34
CA ALA D 439 -43.17 -11.87 -21.64
C ALA D 439 -43.35 -10.42 -21.78
N ALA D 440 -43.43 -10.08 -23.05
CA ALA D 440 -43.60 -8.79 -23.74
C ALA D 440 -44.97 -8.21 -23.37
N GLU D 441 -45.98 -9.19 -23.11
CA GLU D 441 -47.39 -8.88 -22.97
C GLU D 441 -47.65 -7.99 -21.80
N GLN D 442 -46.66 -7.88 -20.91
CA GLN D 442 -46.49 -7.05 -19.78
C GLN D 442 -46.71 -5.60 -20.17
N ASP D 443 -46.12 -5.21 -21.35
CA ASP D 443 -46.41 -3.89 -22.03
C ASP D 443 -47.84 -3.82 -22.38
N SER D 444 -48.54 -2.72 -22.07
CA SER D 444 -49.88 -2.46 -22.40
C SER D 444 -49.90 -1.71 -23.72
N TYR D 445 -48.74 -1.24 -24.25
CA TYR D 445 -48.57 -0.56 -25.56
C TYR D 445 -47.13 -0.83 -25.81
N UNK E 1 33.81 47.15 5.67
CA UNK E 1 33.25 46.82 4.35
C UNK E 1 34.30 47.05 3.22
N UNK E 2 34.25 46.27 2.11
CA UNK E 2 35.19 46.41 0.97
C UNK E 2 35.08 47.80 0.30
N UNK E 3 33.78 48.29 0.26
CA UNK E 3 33.31 49.52 -0.33
C UNK E 3 33.96 50.68 0.34
N UNK E 4 34.17 50.68 1.69
CA UNK E 4 34.73 51.70 2.48
C UNK E 4 36.14 51.87 2.00
N UNK E 5 36.86 50.75 1.79
CA UNK E 5 38.23 50.73 1.38
C UNK E 5 38.35 51.32 0.01
N UNK E 6 37.46 50.95 -0.92
CA UNK E 6 37.51 51.45 -2.26
C UNK E 6 37.27 52.94 -2.36
N UNK E 7 36.26 53.53 -1.64
CA UNK E 7 36.08 55.00 -1.77
C UNK E 7 37.24 55.84 -1.31
N UNK E 8 37.92 55.26 -0.31
CA UNK E 8 39.16 55.79 0.30
C UNK E 8 40.28 55.83 -0.71
N UNK E 9 40.43 54.77 -1.53
CA UNK E 9 41.40 54.59 -2.59
C UNK E 9 41.18 55.56 -3.68
N UNK E 10 39.92 55.84 -4.04
CA UNK E 10 39.67 56.87 -5.03
C UNK E 10 40.12 58.24 -4.60
N UNK E 11 39.75 58.50 -3.30
CA UNK E 11 40.13 59.80 -2.64
C UNK E 11 41.69 59.92 -2.58
N UNK E 12 42.30 58.86 -2.19
CA UNK E 12 43.78 58.65 -2.02
C UNK E 12 44.36 58.80 -3.36
N UNK E 13 43.94 58.12 -4.52
CA UNK E 13 44.72 58.24 -5.83
C UNK E 13 44.67 59.65 -6.36
N UNK E 14 43.54 60.41 -6.25
CA UNK E 14 43.61 61.85 -6.59
C UNK E 14 44.56 62.62 -5.73
N UNK E 15 44.56 62.30 -4.42
CA UNK E 15 45.51 62.89 -3.50
C UNK E 15 46.94 62.66 -3.84
N UNK E 16 47.38 61.43 -4.19
CA UNK E 16 48.74 61.11 -4.48
C UNK E 16 49.23 61.93 -5.58
N UNK E 17 48.39 62.15 -6.61
CA UNK E 17 48.76 62.88 -7.80
C UNK E 17 49.00 64.28 -7.38
N UNK E 18 48.10 64.83 -6.60
CA UNK E 18 48.26 66.17 -6.03
C UNK E 18 49.44 66.39 -5.09
N UNK E 19 49.71 65.43 -4.20
CA UNK E 19 50.76 65.44 -3.19
C UNK E 19 52.04 65.47 -3.91
N UNK E 20 52.09 64.73 -5.03
CA UNK E 20 53.25 64.65 -5.88
C UNK E 20 53.60 65.90 -6.51
N UNK E 21 52.52 66.58 -7.03
CA UNK E 21 52.73 67.88 -7.65
C UNK E 21 53.28 68.91 -6.62
N UNK E 22 52.91 68.79 -5.30
CA UNK E 22 53.43 69.60 -4.23
C UNK E 22 54.87 69.45 -4.00
N UNK E 23 55.39 68.21 -3.98
CA UNK E 23 56.75 67.84 -3.73
C UNK E 23 57.58 68.46 -4.84
N UNK E 24 57.06 68.37 -6.09
CA UNK E 24 57.75 68.90 -7.23
C UNK E 24 57.97 70.38 -7.12
N UNK E 25 56.92 71.17 -6.78
CA UNK E 25 57.09 72.62 -6.70
C UNK E 25 58.08 72.98 -5.55
N UNK E 26 58.02 72.29 -4.38
CA UNK E 26 58.82 72.54 -3.20
C UNK E 26 60.25 72.23 -3.57
N UNK E 27 60.53 71.10 -4.25
CA UNK E 27 61.90 70.72 -4.50
C UNK E 27 62.58 71.71 -5.53
N UNK E 28 61.76 72.29 -6.45
CA UNK E 28 62.15 73.33 -7.44
C UNK E 28 62.59 74.64 -6.71
N UNK E 29 61.89 74.91 -5.54
CA UNK E 29 62.24 76.06 -4.71
C UNK E 29 63.64 75.97 -4.11
N UNK E 30 64.11 74.79 -3.69
CA UNK E 30 65.44 74.49 -3.06
C UNK E 30 66.55 74.91 -4.03
N UNK E 31 66.36 74.67 -5.35
CA UNK E 31 67.32 74.95 -6.44
C UNK E 31 67.46 76.48 -6.60
N UNK E 32 66.34 77.19 -6.56
CA UNK E 32 66.18 78.63 -6.71
C UNK E 32 66.86 79.27 -5.56
N UNK E 33 66.72 78.67 -4.34
CA UNK E 33 67.34 79.02 -3.06
C UNK E 33 68.87 78.85 -3.25
N UNK E 34 69.32 77.72 -3.85
CA UNK E 34 70.65 77.28 -4.04
C UNK E 34 71.36 78.19 -4.97
N UNK E 35 70.64 78.68 -5.96
CA UNK E 35 71.24 79.58 -6.93
C UNK E 35 71.72 81.03 -6.33
N UNK E 36 71.02 81.61 -5.32
CA UNK E 36 71.37 82.84 -4.62
C UNK E 36 72.63 82.58 -3.84
N UNK E 37 72.79 81.41 -3.23
CA UNK E 37 73.95 81.03 -2.51
C UNK E 37 75.15 80.90 -3.41
N UNK E 38 74.90 80.36 -4.60
CA UNK E 38 75.92 80.13 -5.58
C UNK E 38 76.45 81.48 -6.01
N UNK E 39 75.59 82.48 -6.27
CA UNK E 39 75.87 83.82 -6.78
C UNK E 39 76.71 84.54 -5.82
N UNK E 40 76.33 84.48 -4.51
CA UNK E 40 76.98 85.21 -3.44
C UNK E 40 78.35 84.68 -3.27
N UNK E 41 78.55 83.30 -3.31
CA UNK E 41 79.73 82.59 -3.23
C UNK E 41 80.59 82.83 -4.35
N UNK E 42 80.07 82.84 -5.61
CA UNK E 42 80.72 82.96 -6.86
C UNK E 42 81.53 84.26 -6.93
N UNK E 43 80.95 85.33 -6.40
CA UNK E 43 81.51 86.65 -6.37
C UNK E 43 82.76 86.70 -5.60
N UNK E 44 82.78 86.02 -4.49
CA UNK E 44 83.94 85.90 -3.68
C UNK E 44 84.80 84.75 -3.96
N UNK F 1 31.88 48.49 -22.03
CA UNK F 1 31.29 48.20 -20.71
C UNK F 1 31.77 49.26 -19.78
N UNK F 2 30.91 49.58 -18.80
CA UNK F 2 31.03 50.62 -17.76
C UNK F 2 32.16 50.38 -16.85
N UNK F 3 32.34 49.10 -16.53
CA UNK F 3 33.33 48.44 -15.69
C UNK F 3 34.73 48.65 -16.22
N UNK F 4 34.92 48.41 -17.52
CA UNK F 4 36.24 48.56 -18.14
C UNK F 4 36.66 50.03 -18.13
N UNK F 5 35.66 50.89 -18.37
CA UNK F 5 35.72 52.35 -18.33
C UNK F 5 36.10 52.94 -17.02
N UNK F 6 35.53 52.40 -15.94
CA UNK F 6 35.86 52.78 -14.58
C UNK F 6 37.28 52.45 -14.23
N UNK F 7 37.66 51.19 -14.61
CA UNK F 7 38.98 50.55 -14.38
C UNK F 7 40.01 51.30 -15.10
N UNK F 8 39.71 51.72 -16.41
CA UNK F 8 40.63 52.31 -17.32
C UNK F 8 41.07 53.63 -16.75
N UNK F 9 40.12 54.36 -16.11
CA UNK F 9 40.45 55.68 -15.55
C UNK F 9 41.52 55.69 -14.43
N UNK F 10 41.48 54.66 -13.55
CA UNK F 10 42.35 54.41 -12.46
C UNK F 10 43.72 54.20 -13.04
N UNK F 11 43.87 53.41 -14.18
CA UNK F 11 45.13 53.19 -14.78
C UNK F 11 45.78 54.43 -15.33
N UNK F 12 44.93 55.33 -15.92
CA UNK F 12 45.35 56.59 -16.48
C UNK F 12 45.94 57.48 -15.38
N UNK F 13 45.31 57.63 -14.18
CA UNK F 13 45.76 58.41 -13.07
C UNK F 13 47.00 57.79 -12.50
N UNK F 14 47.05 56.46 -12.43
CA UNK F 14 48.21 55.73 -11.88
C UNK F 14 49.46 55.99 -12.69
N UNK F 15 49.27 55.97 -14.04
CA UNK F 15 50.35 56.28 -15.07
C UNK F 15 50.87 57.69 -14.94
N UNK F 16 49.85 58.68 -14.75
CA UNK F 16 50.18 60.07 -14.61
C UNK F 16 51.07 60.27 -13.37
N UNK F 17 50.74 59.65 -12.24
CA UNK F 17 51.39 59.63 -10.89
C UNK F 17 52.80 58.99 -11.02
N UNK F 18 52.94 57.94 -11.74
CA UNK F 18 54.18 57.20 -11.93
C UNK F 18 55.14 58.07 -12.58
N UNK F 19 54.72 58.77 -13.63
CA UNK F 19 55.56 59.82 -14.26
C UNK F 19 55.90 60.99 -13.38
N UNK F 20 54.90 61.42 -12.56
CA UNK F 20 55.17 62.43 -11.57
C UNK F 20 56.21 62.16 -10.50
N UNK F 21 56.35 60.87 -10.10
CA UNK F 21 57.31 60.38 -9.20
C UNK F 21 58.65 60.34 -9.84
N UNK F 22 58.78 59.81 -11.14
CA UNK F 22 60.00 59.54 -11.92
C UNK F 22 60.56 60.89 -12.04
N UNK F 23 59.78 61.92 -12.46
CA UNK F 23 60.33 63.33 -12.58
C UNK F 23 60.74 63.97 -11.25
N UNK F 24 59.94 63.68 -10.22
CA UNK F 24 60.13 64.27 -8.88
C UNK F 24 61.37 63.85 -8.21
N UNK F 25 61.81 62.56 -8.39
CA UNK F 25 63.10 62.00 -7.81
C UNK F 25 64.31 62.55 -8.43
N UNK F 26 64.18 62.97 -9.75
CA UNK F 26 65.18 63.69 -10.54
C UNK F 26 65.56 64.94 -9.90
N UNK F 27 64.62 65.72 -9.28
CA UNK F 27 64.85 66.99 -8.58
C UNK F 27 65.67 66.73 -7.38
N UNK F 28 65.52 65.59 -6.67
CA UNK F 28 66.22 65.10 -5.46
C UNK F 28 67.72 65.03 -5.82
N UNK F 29 67.98 64.47 -7.00
CA UNK F 29 69.36 64.28 -7.59
C UNK F 29 69.94 65.61 -7.99
N UNK F 30 69.06 66.44 -8.64
CA UNK F 30 69.39 67.75 -9.14
C UNK F 30 69.85 68.61 -7.99
N UNK F 31 69.16 68.55 -6.78
CA UNK F 31 69.46 69.34 -5.60
C UNK F 31 70.81 68.88 -5.13
N UNK F 32 71.12 67.58 -5.22
CA UNK F 32 72.36 66.96 -4.79
C UNK F 32 73.57 67.41 -5.55
N UNK F 33 73.45 67.55 -6.86
CA UNK F 33 74.49 68.08 -7.71
C UNK F 33 74.63 69.45 -7.30
N UNK F 34 73.59 70.26 -7.10
CA UNK F 34 73.65 71.66 -6.67
C UNK F 34 74.26 71.88 -5.27
N UNK F 35 74.01 70.89 -4.31
CA UNK F 35 74.66 70.79 -3.02
C UNK F 35 76.12 70.58 -3.21
N UNK F 36 76.57 69.63 -4.04
CA UNK F 36 77.97 69.40 -4.19
C UNK F 36 78.60 70.63 -4.93
N UNK F 37 77.88 71.26 -5.88
CA UNK F 37 78.33 72.47 -6.54
C UNK F 37 78.64 73.71 -5.68
N UNK F 38 77.77 73.92 -4.65
CA UNK F 38 77.98 74.97 -3.62
C UNK F 38 79.20 74.64 -2.79
N UNK F 39 79.41 73.34 -2.43
CA UNK F 39 80.46 72.85 -1.59
C UNK F 39 81.87 73.15 -2.25
N UNK F 40 82.06 72.84 -3.54
CA UNK F 40 83.27 73.18 -4.24
C UNK F 40 83.56 74.64 -4.41
N UNK F 41 82.49 75.40 -4.72
CA UNK F 41 82.43 76.83 -4.93
C UNK F 41 82.87 77.60 -3.66
N UNK F 42 82.32 77.07 -2.50
CA UNK F 42 82.28 77.63 -1.18
C UNK F 42 83.70 77.75 -0.58
N UNK F 43 84.41 76.62 -0.77
CA UNK F 43 85.73 76.37 -0.22
C UNK F 43 86.58 77.45 -0.96
N UNK F 44 86.46 77.57 -2.30
CA UNK F 44 87.12 78.61 -3.03
C UNK F 44 86.67 79.97 -2.44
N GLN A 55 77.20 63.00 17.64
CA GLN A 55 77.93 61.83 18.15
C GLN A 55 78.07 60.69 17.19
N GLU A 56 79.06 59.77 17.47
CA GLU A 56 79.23 58.53 16.88
C GLU A 56 77.99 57.70 17.20
N ALA A 57 77.59 57.87 18.48
CA ALA A 57 76.47 57.21 19.11
C ALA A 57 75.22 57.62 18.42
N LEU A 58 75.11 58.95 18.10
CA LEU A 58 73.85 59.44 17.55
C LEU A 58 73.62 58.82 16.21
N VAL A 59 74.68 58.71 15.36
CA VAL A 59 74.63 58.15 14.01
C VAL A 59 74.28 56.69 13.90
N VAL A 60 74.87 55.84 14.89
CA VAL A 60 74.47 54.48 15.16
C VAL A 60 73.07 54.40 15.62
N LYS A 61 72.63 55.26 16.46
CA LYS A 61 71.23 55.24 16.97
C LYS A 61 70.31 55.46 15.85
N ASP A 62 70.66 56.41 14.96
CA ASP A 62 69.89 56.71 13.79
C ASP A 62 69.78 55.51 12.86
N LEU A 63 70.90 54.68 12.65
CA LEU A 63 70.79 53.57 11.82
C LEU A 63 69.87 52.55 12.31
N LEU A 64 69.93 52.31 13.65
CA LEU A 64 69.09 51.26 14.22
C LEU A 64 67.58 51.58 14.07
N ASN A 65 67.17 52.87 14.35
CA ASN A 65 65.84 53.35 14.25
C ASN A 65 65.33 53.27 12.83
N VAL A 66 66.19 53.63 11.87
CA VAL A 66 65.77 53.64 10.49
C VAL A 66 65.46 52.26 10.05
N LEU A 67 66.26 51.35 10.47
CA LEU A 67 66.22 49.98 10.10
C LEU A 67 64.88 49.29 10.57
N ILE A 68 64.33 49.75 11.71
CA ILE A 68 63.01 49.23 12.09
C ILE A 68 61.99 49.70 11.16
N GLY A 69 62.08 50.86 10.45
CA GLY A 69 61.12 51.24 9.44
C GLY A 69 60.52 52.51 10.06
N LEU A 70 60.78 53.68 9.40
CA LEU A 70 60.32 55.01 9.69
C LEU A 70 59.90 55.58 8.39
N GLU A 71 59.11 56.71 8.41
CA GLU A 71 58.69 57.35 7.20
C GLU A 71 59.03 58.85 7.38
N GLY A 72 59.22 59.58 6.25
CA GLY A 72 59.50 60.97 6.51
C GLY A 72 59.85 61.62 5.19
N THR A 73 60.21 62.93 5.31
CA THR A 73 60.76 63.66 4.22
C THR A 73 62.14 63.18 3.85
N TYR A 74 62.92 62.79 4.88
CA TYR A 74 64.20 62.13 4.99
C TYR A 74 64.48 60.79 4.24
N ILE A 75 63.57 59.88 4.63
CA ILE A 75 63.57 58.48 4.21
C ILE A 75 62.52 58.23 3.15
N ARG A 76 62.87 58.06 1.87
CA ARG A 76 61.76 58.03 0.83
C ARG A 76 61.33 56.59 0.61
N TYR A 77 60.13 56.42 -0.01
CA TYR A 77 59.49 55.18 -0.25
C TYR A 77 59.37 54.87 -1.73
N PHE A 78 59.89 53.67 -2.17
CA PHE A 78 59.66 53.15 -3.52
C PHE A 78 58.79 51.90 -3.16
N ASN A 79 57.67 51.75 -3.84
CA ASN A 79 56.57 50.89 -3.47
C ASN A 79 56.88 49.49 -3.51
N ASP A 80 57.54 48.93 -4.55
CA ASP A 80 57.85 47.47 -4.61
C ASP A 80 58.75 47.01 -3.46
N ILE A 90 62.19 49.44 -4.19
CA ILE A 90 63.29 49.36 -3.27
C ILE A 90 62.62 49.14 -1.90
N GLU A 91 61.47 49.85 -1.55
CA GLU A 91 60.89 49.92 -0.23
C GLU A 91 61.53 51.21 0.13
N PHE A 92 61.78 51.34 1.39
CA PHE A 92 62.40 52.48 2.04
C PHE A 92 63.89 52.58 1.61
N LYS A 93 64.36 53.82 1.40
CA LYS A 93 65.74 54.10 1.00
C LYS A 93 66.20 55.37 1.72
N ILE A 94 67.49 55.50 2.10
CA ILE A 94 68.18 56.72 2.56
C ILE A 94 69.47 56.81 1.76
N ALA A 95 70.03 58.01 1.54
CA ALA A 95 71.35 58.25 0.89
C ALA A 95 72.40 57.64 1.80
N LYS A 96 73.41 56.95 1.14
CA LYS A 96 74.46 56.34 1.87
C LYS A 96 75.63 57.30 1.56
N LYS A 97 76.41 57.61 2.65
CA LYS A 97 77.38 58.69 2.57
C LYS A 97 78.56 58.23 3.44
N MET A 98 78.20 57.37 4.47
CA MET A 98 78.97 56.84 5.52
C MET A 98 80.38 56.25 5.21
N ASP A 99 81.20 56.00 6.29
CA ASP A 99 82.52 55.38 6.08
C ASP A 99 82.45 54.01 5.37
N PRO A 100 83.40 53.51 4.58
CA PRO A 100 83.23 52.16 4.05
C PRO A 100 83.21 51.07 5.05
N SER A 101 83.93 51.31 6.19
CA SER A 101 84.06 50.42 7.32
C SER A 101 82.70 50.25 7.87
N PHE A 102 82.00 51.33 8.13
CA PHE A 102 80.61 51.26 8.54
C PHE A 102 79.77 50.70 7.49
N LYS A 103 79.88 51.07 6.17
CA LYS A 103 78.99 50.67 5.15
C LYS A 103 78.85 49.17 4.95
N THR A 104 79.93 48.33 4.96
CA THR A 104 79.87 46.88 4.62
C THR A 104 78.94 46.24 5.63
N PHE A 105 79.19 46.62 6.87
CA PHE A 105 78.55 46.08 8.03
C PHE A 105 77.11 46.47 7.98
N SER A 106 76.80 47.74 7.58
CA SER A 106 75.51 48.33 7.41
C SER A 106 74.81 47.58 6.34
N ARG A 107 75.56 47.19 5.30
CA ARG A 107 74.98 46.56 4.15
C ARG A 107 74.41 45.28 4.49
N ARG A 108 75.08 44.48 5.34
CA ARG A 108 74.55 43.24 5.85
C ARG A 108 73.28 43.53 6.65
N ILE A 109 73.32 44.58 7.45
CA ILE A 109 72.11 45.01 8.28
C ILE A 109 70.91 45.35 7.45
N VAL A 110 71.21 45.98 6.25
CA VAL A 110 70.15 46.35 5.28
C VAL A 110 69.37 45.16 4.93
N ARG A 111 70.01 44.02 4.61
CA ARG A 111 69.37 42.78 4.13
C ARG A 111 68.43 42.27 5.28
N TYR A 112 68.91 42.33 6.55
CA TYR A 112 68.12 41.96 7.72
C TYR A 112 66.88 42.87 7.81
N GLY A 113 67.00 44.22 7.60
CA GLY A 113 65.94 45.17 7.74
C GLY A 113 64.84 45.05 6.80
N LYS A 114 65.28 44.72 5.57
CA LYS A 114 64.47 44.46 4.43
C LYS A 114 63.68 43.25 4.66
N GLN A 115 64.33 42.21 5.19
CA GLN A 115 63.69 40.95 5.41
C GLN A 115 62.61 41.06 6.36
N TYR A 116 62.86 41.87 7.45
CA TYR A 116 61.89 42.24 8.50
C TYR A 116 60.71 42.94 7.93
N MET A 117 60.87 43.87 6.99
CA MET A 117 59.85 44.61 6.34
C MET A 117 58.94 43.78 5.50
N ILE A 118 59.52 42.82 4.72
CA ILE A 118 58.85 41.92 3.78
C ILE A 118 57.97 41.05 4.57
N LEU A 119 58.52 40.54 5.76
CA LEU A 119 57.73 39.71 6.69
C LEU A 119 56.56 40.45 7.25
N THR A 120 56.71 41.73 7.63
CA THR A 120 55.63 42.60 8.16
C THR A 120 54.43 42.74 7.17
N ARG A 121 54.76 42.86 5.83
CA ARG A 121 53.86 42.90 4.74
C ARG A 121 53.07 41.61 4.64
N ALA A 122 53.80 40.45 4.77
CA ALA A 122 53.38 39.06 4.64
C ALA A 122 52.36 38.75 5.72
N TYR A 123 52.52 39.18 6.97
CA TYR A 123 51.63 38.94 8.05
C TYR A 123 50.32 39.61 7.68
N GLU A 124 50.32 40.85 7.12
CA GLU A 124 49.23 41.70 6.79
C GLU A 124 48.31 41.02 5.78
N LYS A 125 48.98 40.28 4.88
CA LYS A 125 48.34 39.67 3.77
C LYS A 125 47.26 38.67 4.27
N TRP A 126 47.56 37.83 5.24
CA TRP A 126 46.64 36.73 5.61
C TRP A 126 46.05 37.02 6.92
N SER A 127 45.77 38.33 7.09
CA SER A 127 44.91 38.97 8.08
C SER A 127 44.10 39.99 7.28
N ASP A 128 42.88 40.35 7.75
CA ASP A 128 41.90 41.26 7.27
C ASP A 128 41.33 40.87 6.00
N THR A 129 41.59 39.61 5.67
CA THR A 129 41.26 38.88 4.46
C THR A 129 42.20 37.74 4.57
N SER A 130 41.65 36.51 4.83
CA SER A 130 42.43 35.27 4.69
C SER A 130 41.52 34.29 4.06
N PHE A 131 42.12 33.49 3.18
CA PHE A 131 41.51 32.32 2.55
C PHE A 131 42.55 31.28 2.40
N GLY A 132 43.79 31.57 2.91
CA GLY A 132 44.95 30.73 3.02
C GLY A 132 45.17 30.71 4.48
N MET A 133 44.40 29.82 5.17
CA MET A 133 44.31 29.69 6.58
C MET A 133 45.61 29.20 7.16
N VAL A 134 46.18 28.30 6.43
CA VAL A 134 47.43 27.69 6.86
C VAL A 134 48.53 28.72 6.88
N LEU A 135 48.52 29.57 5.87
CA LEU A 135 49.47 30.64 5.69
C LEU A 135 49.35 31.67 6.84
N GLN A 136 48.03 32.00 7.21
CA GLN A 136 47.77 32.91 8.31
C GLN A 136 48.24 32.36 9.67
N ARG A 137 48.03 31.06 9.88
CA ARG A 137 48.28 30.40 11.15
C ARG A 137 49.73 30.42 11.50
N PHE A 138 50.62 30.22 10.48
CA PHE A 138 52.03 30.35 10.66
C PHE A 138 52.33 31.73 11.01
N ALA A 139 51.70 32.74 10.31
CA ALA A 139 52.08 34.16 10.44
C ALA A 139 51.84 34.65 11.88
N TYR A 140 50.72 34.23 12.47
CA TYR A 140 50.44 34.64 13.90
C TYR A 140 51.42 34.10 14.87
N GLU A 141 51.79 32.76 14.73
CA GLU A 141 52.74 32.23 15.70
C GLU A 141 54.13 32.77 15.72
N ILE A 142 54.65 32.93 14.43
CA ILE A 142 55.96 33.52 14.23
C ILE A 142 56.06 34.98 14.67
N ARG A 143 54.99 35.81 14.31
CA ARG A 143 55.03 37.24 14.50
C ARG A 143 55.19 37.58 15.99
N ARG A 144 54.38 36.82 16.79
CA ARG A 144 54.44 37.00 18.28
C ARG A 144 55.73 36.57 18.93
N PHE A 145 56.28 35.44 18.47
CA PHE A 145 57.51 34.95 19.03
C PHE A 145 58.65 35.82 18.78
N LEU A 146 58.71 36.30 17.48
CA LEU A 146 59.74 37.15 16.98
C LEU A 146 59.67 38.46 17.74
N GLU A 147 58.43 38.97 17.95
CA GLU A 147 58.25 40.31 18.51
C GLU A 147 58.81 40.32 19.94
N ASP A 148 58.58 39.29 20.69
CA ASP A 148 59.06 39.22 22.06
C ASP A 148 60.56 39.26 22.03
N VAL A 149 61.16 38.52 21.12
CA VAL A 149 62.63 38.34 21.11
C VAL A 149 63.35 39.60 20.85
N TYR A 150 62.88 40.28 19.78
CA TYR A 150 63.53 41.43 19.18
C TYR A 150 63.53 42.56 20.05
N LEU A 151 62.31 42.81 20.65
CA LEU A 151 62.00 44.00 21.37
C LEU A 151 62.87 44.05 22.63
N LYS A 152 62.96 42.85 23.30
CA LYS A 152 63.61 42.67 24.63
C LYS A 152 65.01 42.96 24.52
N THR A 153 65.66 42.33 23.53
CA THR A 153 67.09 42.46 23.34
C THR A 153 67.52 43.81 22.97
N LEU A 154 66.79 44.40 21.98
CA LEU A 154 67.22 45.59 21.30
C LEU A 154 67.24 46.69 22.30
N VAL A 155 66.13 46.79 23.07
CA VAL A 155 65.93 47.90 23.94
C VAL A 155 66.99 47.79 25.03
N GLU A 156 67.30 46.59 25.60
CA GLU A 156 68.08 46.57 26.76
C GLU A 156 69.47 47.09 26.47
N ARG A 157 69.95 46.58 25.32
CA ARG A 157 71.26 46.77 24.77
C ARG A 157 71.49 48.20 24.44
N LEU A 158 70.51 48.78 23.81
CA LEU A 158 70.60 50.10 23.32
C LEU A 158 70.65 51.10 24.47
N GLU A 159 69.86 50.82 25.49
CA GLU A 159 69.85 51.68 26.70
C GLU A 159 71.26 51.62 27.41
N ARG A 160 71.85 50.46 27.50
CA ARG A 160 73.11 50.19 28.11
C ARG A 160 74.14 50.92 27.36
N ASP A 161 74.17 50.94 26.03
CA ASP A 161 75.16 51.63 25.29
C ASP A 161 75.19 53.11 25.45
N PHE A 162 74.03 53.86 25.46
CA PHE A 162 74.05 55.27 25.60
C PHE A 162 74.61 55.52 26.97
N ASN A 163 74.08 54.71 27.93
CA ASN A 163 74.38 54.86 29.31
C ASN A 163 75.82 54.70 29.72
N LYS A 164 76.51 53.63 29.17
CA LYS A 164 77.86 53.37 29.55
C LYS A 164 78.89 54.42 29.20
N VAL A 165 78.91 54.78 27.88
CA VAL A 165 79.78 55.72 27.30
C VAL A 165 78.92 55.71 26.10
N PRO A 166 78.24 56.75 25.64
CA PRO A 166 77.40 56.92 24.49
C PRO A 166 77.65 56.00 23.35
N ASN A 167 78.86 56.10 22.86
CA ASN A 167 79.31 55.30 21.74
C ASN A 167 79.65 53.91 22.15
N PHE A 168 79.14 52.81 21.47
CA PHE A 168 79.47 51.39 21.87
C PHE A 168 79.21 50.47 20.72
N SER A 169 79.70 49.24 20.96
CA SER A 169 79.85 48.21 19.95
C SER A 169 78.52 47.45 19.73
N ILE A 170 78.07 47.57 18.47
CA ILE A 170 76.90 47.07 17.72
C ILE A 170 76.91 45.54 17.66
N ARG A 171 78.16 45.14 17.47
CA ARG A 171 78.66 43.86 17.02
C ARG A 171 78.24 42.70 17.88
N GLU A 172 78.29 42.79 19.31
CA GLU A 172 77.95 41.65 20.18
C GLU A 172 76.48 41.29 20.10
N LEU A 173 75.68 42.36 20.05
CA LEU A 173 74.17 42.48 19.93
C LEU A 173 73.98 41.80 18.58
N GLU A 174 74.83 42.18 17.56
CA GLU A 174 74.59 41.75 16.15
C GLU A 174 74.68 40.21 16.11
N GLN A 175 75.66 39.63 16.76
CA GLN A 175 75.91 38.24 16.71
C GLN A 175 74.80 37.47 17.23
N ILE A 176 74.20 37.87 18.42
CA ILE A 176 73.14 37.13 18.99
C ILE A 176 71.89 37.14 18.14
N ILE A 177 71.43 38.29 17.61
CA ILE A 177 70.20 38.38 16.93
C ILE A 177 70.36 37.48 15.73
N ASN A 178 71.49 37.44 15.11
CA ASN A 178 71.72 36.79 13.84
C ASN A 178 71.48 35.33 13.90
N GLU A 179 71.85 34.56 14.96
CA GLU A 179 71.45 33.12 14.90
C GLU A 179 69.94 32.95 14.96
N THR A 180 69.19 33.62 15.90
CA THR A 180 67.74 33.39 15.80
C THR A 180 67.13 33.85 14.52
N GLU A 181 67.40 35.10 14.06
CA GLU A 181 66.65 35.75 13.00
C GLU A 181 66.86 34.88 11.79
N VAL A 182 68.12 34.48 11.57
CA VAL A 182 68.50 33.97 10.30
C VAL A 182 67.73 32.79 9.91
N ASN A 183 67.75 31.80 10.87
CA ASN A 183 67.36 30.42 10.52
C ASN A 183 65.85 30.43 10.16
N LYS A 184 65.07 31.02 11.14
CA LYS A 184 63.66 30.84 11.14
C LYS A 184 63.01 31.50 9.97
N GLN A 185 63.38 32.83 9.88
CA GLN A 185 62.70 33.88 9.09
C GLN A 185 62.96 33.55 7.67
N MET A 186 64.22 33.19 7.34
CA MET A 186 64.69 32.99 5.96
C MET A 186 63.95 31.82 5.34
N GLU A 187 63.82 30.76 6.06
CA GLU A 187 63.28 29.55 5.43
C GLU A 187 61.86 29.70 5.07
N LEU A 188 61.04 30.32 6.04
CA LEU A 188 59.67 30.45 5.89
C LEU A 188 59.36 31.35 4.71
N LEU A 189 60.05 32.51 4.67
CA LEU A 189 59.75 33.51 3.72
C LEU A 189 60.15 33.01 2.35
N TYR A 190 61.28 32.22 2.14
CA TYR A 190 61.70 31.78 0.86
C TYR A 190 60.73 30.93 0.15
N ASN A 191 60.16 30.00 0.96
CA ASN A 191 59.18 29.02 0.59
C ASN A 191 57.97 29.77 0.14
N ILE A 192 57.66 30.76 0.95
CA ILE A 192 56.48 31.62 0.77
C ILE A 192 56.53 32.45 -0.47
N TYR A 193 57.70 33.04 -0.84
CA TYR A 193 57.85 33.79 -2.08
C TYR A 193 57.66 32.98 -3.27
N GLU A 194 58.20 31.75 -3.18
CA GLU A 194 58.00 30.86 -4.29
C GLU A 194 56.57 30.53 -4.54
N GLU A 195 55.88 30.31 -3.43
CA GLU A 195 54.50 29.96 -3.44
C GLU A 195 53.62 31.07 -4.08
N ILE A 196 53.91 32.38 -3.80
CA ILE A 196 53.16 33.53 -4.36
C ILE A 196 53.36 33.59 -5.86
N PHE A 197 54.62 33.33 -6.29
CA PHE A 197 54.88 33.29 -7.71
C PHE A 197 54.17 32.24 -8.41
N ARG A 198 54.10 31.04 -7.81
CA ARG A 198 53.50 29.86 -8.46
C ARG A 198 52.04 30.20 -8.70
N GLU A 199 51.34 30.88 -7.71
CA GLU A 199 49.96 31.27 -7.74
C GLU A 199 49.56 32.28 -8.76
N ILE A 200 50.48 33.37 -8.97
CA ILE A 200 50.26 34.28 -9.99
C ILE A 200 50.32 33.63 -11.34
N GLU A 201 51.27 32.72 -11.61
CA GLU A 201 51.39 31.91 -12.83
C GLU A 201 50.21 30.97 -13.07
N GLU A 202 49.69 30.35 -11.99
CA GLU A 202 48.67 29.40 -11.96
C GLU A 202 47.38 29.97 -12.43
N ARG A 203 47.03 31.16 -12.03
CA ARG A 203 45.91 31.91 -12.52
C ARG A 203 46.01 32.27 -14.00
N ARG A 204 47.25 32.67 -14.46
CA ARG A 204 47.48 32.91 -15.88
C ARG A 204 47.40 31.81 -16.81
N THR A 205 47.91 30.63 -16.40
CA THR A 205 47.89 29.43 -17.25
C THR A 205 46.48 28.78 -17.08
N LYS A 243 43.71 21.83 -3.43
CA LYS A 243 45.11 22.26 -3.25
C LYS A 243 45.75 21.91 -1.90
N GLY A 244 44.97 21.79 -0.84
CA GLY A 244 45.38 21.78 0.57
C GLY A 244 46.38 20.79 1.10
N GLY A 245 46.12 19.47 0.89
CA GLY A 245 47.00 18.42 1.33
C GLY A 245 48.28 18.50 0.57
N ALA A 246 48.19 18.88 -0.76
CA ALA A 246 49.33 19.13 -1.62
C ALA A 246 50.18 20.27 -1.12
N ILE A 247 49.61 21.39 -0.58
CA ILE A 247 50.34 22.53 -0.01
C ILE A 247 51.13 22.08 1.22
N LEU A 248 50.52 21.20 2.03
CA LEU A 248 51.18 20.64 3.17
C LEU A 248 52.43 19.76 2.94
N LYS A 249 52.36 18.94 1.88
CA LYS A 249 53.31 18.07 1.40
C LYS A 249 54.50 18.87 0.86
N ILE A 250 54.20 19.99 0.19
CA ILE A 250 55.26 20.90 -0.31
C ILE A 250 56.03 21.47 0.87
N PHE A 251 55.31 21.81 1.95
CA PHE A 251 55.91 22.29 3.17
C PHE A 251 56.78 21.24 3.81
N GLN A 252 56.35 19.98 3.83
CA GLN A 252 57.03 18.84 4.38
C GLN A 252 58.28 18.64 3.53
N GLN A 253 58.29 18.80 2.15
CA GLN A 253 59.39 18.64 1.17
C GLN A 253 60.45 19.69 1.42
N LYS A 254 60.03 20.93 1.73
CA LYS A 254 60.95 21.98 2.11
C LYS A 254 61.61 21.67 3.36
N ILE A 255 60.87 21.06 4.37
CA ILE A 255 61.39 20.62 5.70
C ILE A 255 62.41 19.52 5.43
N LEU A 256 62.19 18.64 4.45
CA LEU A 256 63.10 17.56 4.09
C LEU A 256 64.41 18.13 3.60
N GLU A 257 64.44 19.25 2.81
CA GLU A 257 65.73 19.90 2.37
C GLU A 257 66.48 20.49 3.51
N ASN A 258 65.67 21.20 4.33
CA ASN A 258 66.08 21.93 5.45
C ASN A 258 66.46 21.05 6.52
N LEU A 259 65.95 19.78 6.45
CA LEU A 259 66.06 18.71 7.46
C LEU A 259 67.48 18.60 7.92
N GLY A 260 68.52 18.89 7.04
CA GLY A 260 69.87 18.95 7.51
C GLY A 260 70.05 19.97 8.61
N ASP A 261 69.90 21.30 8.38
CA ASP A 261 70.05 22.38 9.38
C ASP A 261 68.96 22.57 10.47
N ARG A 262 69.24 21.92 11.60
CA ARG A 262 68.32 21.64 12.62
C ARG A 262 67.55 22.68 13.32
N SER A 263 68.13 23.89 13.64
CA SER A 263 67.41 24.93 14.36
C SER A 263 66.16 25.43 13.56
N SER A 264 66.27 25.67 12.27
CA SER A 264 65.11 26.05 11.51
C SER A 264 64.15 24.87 11.49
N VAL A 265 64.65 23.59 11.33
CA VAL A 265 63.78 22.40 11.31
C VAL A 265 62.97 22.33 12.50
N MET A 266 63.59 22.37 13.68
CA MET A 266 62.99 22.10 14.92
C MET A 266 61.85 23.09 15.15
N PHE A 267 62.13 24.34 14.79
CA PHE A 267 61.08 25.33 14.71
C PHE A 267 59.95 24.95 13.68
N LEU A 268 60.30 24.63 12.44
CA LEU A 268 59.38 24.38 11.41
C LEU A 268 58.46 23.21 11.61
N LYS A 269 58.96 22.08 12.15
CA LYS A 269 58.21 20.96 12.52
C LYS A 269 57.29 21.20 13.56
N LYS A 270 57.72 22.05 14.53
CA LYS A 270 56.78 22.45 15.54
C LYS A 270 55.62 23.17 14.95
N LEU A 271 55.91 24.07 13.99
CA LEU A 271 54.88 24.92 13.41
C LEU A 271 53.87 24.03 12.67
N LEU A 272 54.46 22.98 11.95
CA LEU A 272 53.63 22.16 11.10
C LEU A 272 52.65 21.55 11.93
N ASN A 273 53.12 21.09 13.08
CA ASN A 273 52.32 20.22 13.99
C ASN A 273 51.13 20.99 14.31
N ASN A 274 51.28 22.29 14.63
CA ASN A 274 50.20 23.10 15.02
C ASN A 274 49.23 23.32 13.92
N ILE A 275 49.65 23.46 12.64
CA ILE A 275 48.75 23.52 11.54
C ILE A 275 48.01 22.21 11.44
N SER A 276 48.74 21.07 11.58
CA SER A 276 48.25 19.76 11.27
C SER A 276 47.14 19.42 12.17
N GLN A 277 47.10 20.02 13.38
CA GLN A 277 46.07 19.73 14.39
C GLN A 277 44.68 20.00 13.90
N ASP A 278 44.48 21.19 13.12
CA ASP A 278 43.25 21.50 12.44
C ASP A 278 42.99 20.51 11.34
N TYR A 279 44.08 20.08 10.57
CA TYR A 279 43.94 19.12 9.51
C TYR A 279 43.48 17.78 9.99
N CYS A 280 44.07 17.31 11.10
CA CYS A 280 43.91 16.10 11.80
C CYS A 280 42.51 15.97 12.36
N THR A 281 41.99 17.14 12.81
CA THR A 281 40.59 17.29 13.25
C THR A 281 39.67 17.03 12.12
N MET A 282 40.02 17.63 10.94
CA MET A 282 39.14 17.50 9.75
C MET A 282 39.08 16.08 9.32
N LEU A 283 40.26 15.37 9.32
CA LEU A 283 40.32 13.98 8.99
C LEU A 283 39.56 13.13 9.90
N TYR A 284 39.66 13.37 11.20
CA TYR A 284 39.05 12.62 12.29
C TYR A 284 37.54 12.72 12.12
N GLU A 285 37.07 13.93 11.78
CA GLU A 285 35.70 14.18 11.55
C GLU A 285 35.17 13.33 10.41
N TRP A 286 35.99 13.35 9.30
CA TRP A 286 35.55 12.63 8.17
C TRP A 286 35.51 11.15 8.45
N LEU A 287 36.60 10.66 8.86
CA LEU A 287 36.78 9.20 8.87
C LEU A 287 35.89 8.56 9.89
N THR A 288 35.73 9.17 11.12
CA THR A 288 34.85 8.67 12.17
C THR A 288 33.42 8.93 12.14
N GLN A 289 33.00 10.13 11.70
CA GLN A 289 31.56 10.34 11.53
C GLN A 289 31.27 11.12 10.36
N GLY A 290 32.12 11.05 9.32
CA GLY A 290 31.69 11.55 8.01
C GLY A 290 31.38 13.00 7.89
N ILE A 291 32.30 13.89 8.29
CA ILE A 291 31.96 15.29 8.13
C ILE A 291 33.21 16.00 7.73
N LEU A 292 33.03 16.93 6.73
CA LEU A 292 34.08 17.80 6.13
C LEU A 292 33.27 18.96 5.64
N ASN A 293 34.08 20.07 5.57
CA ASN A 293 33.66 21.30 4.99
C ASN A 293 34.90 21.94 4.45
N ASP A 294 34.79 22.77 3.42
CA ASP A 294 35.89 23.47 2.89
C ASP A 294 35.45 24.86 2.44
N PRO A 295 35.43 25.86 3.36
CA PRO A 295 34.97 27.19 2.89
C PRO A 295 36.14 27.89 2.32
N TYR A 296 37.32 27.33 2.35
CA TYR A 296 38.56 28.03 1.96
C TYR A 296 39.47 27.11 1.21
N GLN A 297 38.95 26.02 0.62
CA GLN A 297 39.65 25.00 -0.19
C GLN A 297 40.49 24.19 0.71
N GLU A 298 39.93 23.51 1.77
CA GLU A 298 40.53 22.44 2.54
C GLU A 298 40.47 21.06 1.95
N PHE A 299 39.48 20.74 1.08
CA PHE A 299 39.21 19.39 0.72
C PHE A 299 38.47 19.55 -0.53
N MET A 300 38.70 18.51 -1.38
CA MET A 300 38.14 18.46 -2.73
C MET A 300 36.87 17.77 -2.80
N THR A 301 36.09 17.77 -1.65
CA THR A 301 34.76 17.11 -1.68
C THR A 301 33.85 18.23 -1.76
N TYR A 302 32.84 18.14 -2.68
CA TYR A 302 31.73 19.13 -2.83
C TYR A 302 30.45 18.38 -2.97
N ASP A 303 29.33 18.97 -2.52
CA ASP A 303 28.05 18.42 -2.68
C ASP A 303 27.62 18.68 -4.08
N ASP A 304 26.93 17.72 -4.66
CA ASP A 304 26.30 17.79 -5.89
C ASP A 304 24.80 18.13 -5.60
N TRP A 320 15.64 14.02 -0.60
CA TRP A 320 16.12 12.82 -1.38
C TRP A 320 17.51 12.29 -0.98
N ASP A 321 18.19 11.46 -1.83
CA ASP A 321 19.47 10.88 -1.60
C ASP A 321 20.20 11.51 -2.74
N THR A 322 21.20 12.34 -2.39
CA THR A 322 22.00 13.20 -3.17
C THR A 322 23.44 12.62 -3.20
N GLN A 323 24.41 13.29 -3.89
CA GLN A 323 25.76 12.71 -4.17
C GLN A 323 26.70 13.82 -3.92
N TYR A 324 27.99 13.44 -3.89
CA TYR A 324 29.16 14.26 -3.72
C TYR A 324 30.10 13.72 -4.74
N PHE A 325 31.05 14.61 -5.10
CA PHE A 325 32.03 14.25 -6.11
C PHE A 325 33.28 15.16 -5.80
N ILE A 326 34.36 14.84 -6.58
CA ILE A 326 35.67 15.45 -6.39
C ILE A 326 35.73 16.64 -7.32
N ARG A 327 36.19 17.84 -6.86
CA ARG A 327 36.42 18.99 -7.65
C ARG A 327 37.66 18.74 -8.38
N LYS A 328 37.58 18.13 -9.58
CA LYS A 328 38.78 17.63 -10.30
C LYS A 328 39.62 18.80 -10.70
N ASP A 329 38.98 19.98 -11.09
CA ASP A 329 39.65 21.22 -11.51
C ASP A 329 40.51 21.89 -10.48
N VAL A 330 40.10 21.84 -9.18
CA VAL A 330 40.82 22.53 -8.12
C VAL A 330 42.10 21.83 -7.82
N LEU A 331 42.21 20.59 -8.29
CA LEU A 331 43.22 19.51 -8.12
C LEU A 331 43.96 19.37 -6.82
N LEU A 332 44.46 18.18 -6.44
CA LEU A 332 45.30 17.92 -5.29
C LEU A 332 46.42 17.09 -5.91
N ARG A 333 47.63 17.63 -6.06
CA ARG A 333 48.81 17.19 -6.77
C ARG A 333 49.42 15.90 -6.23
N ASP A 334 49.34 15.83 -4.89
CA ASP A 334 49.90 14.76 -4.14
C ASP A 334 49.41 13.31 -4.42
N CYS A 335 48.09 13.17 -4.68
CA CYS A 335 47.49 11.86 -4.71
C CYS A 335 47.07 11.39 -6.10
N ASP A 336 47.95 11.64 -7.11
CA ASP A 336 47.88 11.04 -8.41
C ASP A 336 48.81 9.91 -8.34
N SER A 337 48.42 8.79 -8.98
CA SER A 337 49.07 7.49 -9.05
C SER A 337 47.92 6.50 -8.75
N GLU A 338 48.11 5.27 -9.15
CA GLU A 338 47.09 4.24 -9.03
C GLU A 338 46.81 3.94 -7.57
N GLU A 339 47.95 3.73 -6.84
CA GLU A 339 48.03 3.39 -5.46
C GLU A 339 47.55 4.58 -4.64
N ASP A 340 47.95 5.79 -5.06
CA ASP A 340 47.57 6.95 -4.34
C ASP A 340 46.08 7.16 -4.41
N LYS A 341 45.50 6.95 -5.67
CA LYS A 341 44.05 7.06 -5.88
C LYS A 341 43.28 6.02 -5.15
N ASN A 342 43.77 4.80 -5.12
CA ASN A 342 43.00 3.77 -4.46
C ASN A 342 42.89 3.97 -2.99
N LEU A 343 43.97 4.47 -2.28
CA LEU A 343 43.92 4.71 -0.87
C LEU A 343 42.92 5.78 -0.57
N LEU A 344 42.97 6.78 -1.45
CA LEU A 344 42.08 7.88 -1.31
C LEU A 344 40.63 7.51 -1.48
N PHE A 345 40.33 6.61 -2.46
CA PHE A 345 38.99 6.18 -2.72
C PHE A 345 38.50 5.49 -1.50
N LYS A 346 39.37 4.64 -0.87
CA LYS A 346 38.97 3.86 0.28
C LYS A 346 38.59 4.77 1.42
N MET A 347 39.36 5.86 1.59
CA MET A 347 39.07 6.77 2.62
C MET A 347 37.76 7.47 2.44
N LEU A 348 37.49 7.85 1.14
CA LEU A 348 36.26 8.56 0.78
C LEU A 348 35.11 7.81 1.00
N ARG A 349 35.11 6.52 0.68
CA ARG A 349 34.03 5.64 0.91
C ARG A 349 33.75 5.45 2.39
N THR A 350 34.79 5.32 3.25
CA THR A 350 34.51 5.15 4.67
C THR A 350 33.82 6.36 5.35
N GLY A 351 34.22 7.63 5.07
CA GLY A 351 33.49 8.77 5.52
C GLY A 351 32.12 8.98 5.04
N ILE A 352 31.84 8.75 3.68
CA ILE A 352 30.50 8.93 3.17
C ILE A 352 29.53 7.95 3.75
N LEU A 353 29.92 6.68 3.91
CA LEU A 353 29.10 5.61 4.44
C LEU A 353 28.75 6.00 5.89
N LEU A 354 29.70 6.49 6.58
CA LEU A 354 29.59 7.00 7.96
C LEU A 354 28.67 8.24 8.03
N LYS A 355 28.75 9.11 7.00
CA LYS A 355 27.85 10.27 6.86
C LYS A 355 26.45 9.88 6.67
N VAL A 356 26.21 8.81 5.92
CA VAL A 356 24.89 8.27 5.78
C VAL A 356 24.23 7.69 6.99
N VAL A 357 25.03 7.00 7.91
CA VAL A 357 24.48 6.55 9.20
C VAL A 357 24.08 7.71 10.13
N ARG A 358 24.80 8.85 10.12
CA ARG A 358 24.33 10.05 10.80
C ARG A 358 23.08 10.67 10.17
N ALA A 359 22.96 10.64 8.78
CA ALA A 359 21.86 11.06 8.02
C ALA A 359 20.59 10.26 8.34
N SER A 360 20.68 8.96 8.67
CA SER A 360 19.56 8.10 8.90
C SER A 360 18.74 8.53 10.13
N LEU A 361 19.00 9.68 10.72
CA LEU A 361 18.54 10.24 11.91
C LEU A 361 18.28 9.26 13.02
N GLN A 362 19.35 8.45 13.32
CA GLN A 362 19.37 7.49 14.29
C GLN A 362 20.65 7.64 15.00
N ILE A 363 21.74 8.13 14.33
CA ILE A 363 23.05 8.04 14.87
C ILE A 363 23.51 9.40 15.21
N PRO A 364 24.23 9.63 16.42
CA PRO A 364 24.70 10.99 16.74
C PRO A 364 26.20 10.80 16.98
N THR A 365 26.61 9.60 16.75
CA THR A 365 27.89 9.01 17.00
C THR A 365 27.81 8.23 18.26
N ILE A 366 27.84 6.91 18.22
CA ILE A 366 27.82 6.02 19.33
C ILE A 366 29.05 5.30 19.27
N PRO A 367 30.00 5.50 20.17
CA PRO A 367 31.16 4.68 20.21
C PRO A 367 31.22 3.90 21.50
N SER A 368 30.05 3.76 22.23
CA SER A 368 30.07 3.04 23.52
C SER A 368 30.25 1.59 23.43
N ASN A 369 30.26 1.10 22.20
CA ASN A 369 30.46 -0.29 21.85
C ASN A 369 31.08 0.01 20.45
N SER A 370 31.81 -0.93 19.83
CA SER A 370 32.48 -1.02 18.46
C SER A 370 33.44 0.21 18.60
N SER A 371 34.39 0.21 19.59
CA SER A 371 35.42 1.24 19.88
C SER A 371 36.47 1.33 18.83
N ASP A 372 36.72 2.58 18.40
CA ASP A 372 37.87 2.76 17.53
C ASP A 372 38.32 4.23 17.62
N ILE A 373 37.67 4.99 18.55
CA ILE A 373 37.87 6.42 18.80
C ILE A 373 39.23 6.65 19.38
N THR A 374 39.72 5.81 20.34
CA THR A 374 40.88 6.02 21.16
C THR A 374 42.15 6.07 20.38
N ILE A 375 42.29 5.16 19.40
CA ILE A 375 43.33 5.14 18.43
C ILE A 375 43.24 6.32 17.56
N GLN A 376 42.00 6.72 17.12
CA GLN A 376 41.91 7.95 16.33
C GLN A 376 42.32 9.24 17.02
N GLU A 377 41.92 9.44 18.28
CA GLU A 377 42.30 10.64 19.02
C GLU A 377 43.76 10.84 19.27
N ILE A 378 44.48 9.73 19.60
CA ILE A 378 45.90 9.70 19.76
C ILE A 378 46.64 10.02 18.46
N ASN A 379 46.06 9.44 17.34
CA ASN A 379 46.58 9.79 16.04
C ASN A 379 46.44 11.21 15.71
N ASP A 380 45.36 11.91 15.98
CA ASP A 380 45.17 13.24 15.56
C ASP A 380 46.25 14.05 16.23
N PHE A 381 46.54 13.72 17.54
CA PHE A 381 47.59 14.48 18.22
C PHE A 381 48.95 14.24 17.68
N ALA A 382 49.17 12.99 17.14
CA ALA A 382 50.43 12.41 16.66
C ALA A 382 51.16 13.18 15.60
N ASP A 383 50.49 13.63 14.54
CA ASP A 383 51.11 14.36 13.44
C ASP A 383 51.98 13.50 12.66
N LEU A 384 51.50 12.23 12.38
CA LEU A 384 52.35 11.26 11.67
C LEU A 384 51.97 11.33 10.18
N MET A 385 52.95 11.35 9.23
CA MET A 385 52.61 11.54 7.80
C MET A 385 53.35 10.47 7.07
N GLU A 386 52.54 9.71 6.26
CA GLU A 386 52.84 8.56 5.58
C GLU A 386 51.51 7.92 5.38
N GLY A 387 51.31 7.28 4.20
CA GLY A 387 50.08 6.62 3.91
C GLY A 387 49.75 5.44 4.77
N SER A 388 50.79 4.60 5.05
CA SER A 388 50.59 3.38 5.70
C SER A 388 49.99 3.39 7.12
N ASN A 389 50.47 4.24 8.08
CA ASN A 389 49.93 4.36 9.43
C ASN A 389 48.53 4.86 9.28
N LEU A 390 48.25 5.80 8.38
CA LEU A 390 46.95 6.41 8.17
C LEU A 390 46.01 5.36 7.71
N GLU A 391 46.41 4.42 6.77
CA GLU A 391 45.59 3.34 6.20
C GLU A 391 45.27 2.38 7.25
N LEU A 392 46.18 2.12 8.26
CA LEU A 392 45.94 1.13 9.35
C LEU A 392 44.72 1.47 10.12
N TYR A 393 44.63 2.80 10.38
CA TYR A 393 43.52 3.43 10.98
C TYR A 393 42.24 3.27 10.17
N VAL A 394 42.33 3.52 8.85
CA VAL A 394 41.18 3.56 7.92
C VAL A 394 40.58 2.18 7.92
N ASP A 395 41.47 1.18 7.85
CA ASP A 395 40.99 -0.16 7.81
C ASP A 395 40.20 -0.55 9.05
N LYS A 396 40.72 -0.11 10.17
CA LYS A 396 40.13 -0.42 11.48
C LYS A 396 38.72 0.17 11.61
N CYS A 397 38.56 1.46 11.25
CA CYS A 397 37.38 2.32 11.31
C CYS A 397 36.42 1.68 10.34
N TYR A 398 36.84 1.19 9.20
CA TYR A 398 36.07 0.67 8.11
C TYR A 398 35.37 -0.56 8.62
N SER A 399 36.08 -1.52 9.28
CA SER A 399 35.56 -2.72 9.77
C SER A 399 34.50 -2.49 10.76
N ARG A 400 34.77 -1.53 11.67
CA ARG A 400 33.93 -1.20 12.80
C ARG A 400 32.61 -0.75 12.22
N ALA A 401 32.76 0.09 11.17
CA ALA A 401 31.72 0.79 10.48
C ALA A 401 30.80 -0.24 9.84
N ASN A 402 31.44 -1.29 9.26
CA ASN A 402 30.91 -2.32 8.45
C ASN A 402 29.95 -3.13 9.34
N GLU A 403 30.50 -3.42 10.59
CA GLU A 403 29.83 -4.22 11.55
C GLU A 403 28.54 -3.48 11.97
N ILE A 404 28.59 -2.13 12.19
CA ILE A 404 27.45 -1.29 12.41
C ILE A 404 26.49 -1.20 11.22
N PHE A 405 26.98 -1.19 9.99
CA PHE A 405 26.08 -1.18 8.84
C PHE A 405 25.35 -2.46 8.80
N LEU A 406 25.98 -3.64 9.03
CA LEU A 406 25.33 -4.88 9.00
C LEU A 406 24.26 -4.93 10.05
N LYS A 407 24.56 -4.52 11.29
CA LYS A 407 23.65 -4.53 12.44
C LYS A 407 22.44 -3.68 12.20
N LEU A 408 22.64 -2.51 11.57
CA LEU A 408 21.68 -1.51 11.20
C LEU A 408 20.69 -1.98 10.26
N PHE A 409 21.22 -2.71 9.29
CA PHE A 409 20.51 -3.24 8.04
C PHE A 409 19.59 -4.31 8.60
N PHE A 410 20.16 -5.28 9.34
CA PHE A 410 19.36 -6.43 9.76
C PHE A 410 18.34 -6.12 10.73
N GLN A 411 18.71 -5.33 11.74
CA GLN A 411 17.91 -4.98 12.81
C GLN A 411 17.49 -3.56 12.56
N GLY A 412 16.14 -3.36 12.42
CA GLY A 412 15.72 -2.00 12.12
C GLY A 412 15.61 -1.63 10.59
N TYR A 413 15.92 -2.59 9.61
CA TYR A 413 15.66 -2.36 8.21
C TYR A 413 15.41 -3.73 7.44
N ASP A 414 15.49 -4.80 8.21
CA ASP A 414 15.36 -6.24 7.94
C ASP A 414 15.84 -6.62 6.51
N LEU A 415 17.19 -6.50 6.36
CA LEU A 415 17.82 -6.59 5.00
C LEU A 415 17.59 -7.87 4.29
N ILE A 416 17.72 -8.96 5.08
CA ILE A 416 17.63 -10.31 4.64
C ILE A 416 16.30 -10.62 4.02
N ASN A 417 15.22 -10.15 4.58
CA ASN A 417 13.82 -10.18 4.20
C ASN A 417 13.56 -9.39 2.92
N VAL A 418 14.20 -8.24 2.82
CA VAL A 418 14.15 -7.42 1.60
C VAL A 418 14.88 -8.21 0.52
N LEU A 419 15.97 -8.94 0.84
CA LEU A 419 16.74 -9.72 -0.12
C LEU A 419 15.81 -10.74 -0.75
N LYS A 420 14.96 -11.38 0.11
CA LYS A 420 13.93 -12.30 -0.36
C LYS A 420 12.99 -11.61 -1.26
N HIS A 421 12.59 -10.37 -0.97
CA HIS A 421 11.69 -9.75 -1.85
C HIS A 421 12.33 -9.49 -3.23
N LEU A 422 13.63 -9.17 -3.20
CA LEU A 422 14.40 -8.88 -4.42
C LEU A 422 14.50 -10.12 -5.31
N GLN A 423 14.73 -11.32 -4.65
CA GLN A 423 14.67 -12.56 -5.35
C GLN A 423 13.32 -12.82 -5.92
N GLN A 424 12.27 -12.52 -5.15
CA GLN A 424 10.98 -12.79 -5.71
C GLN A 424 10.67 -11.96 -6.90
N ILE A 425 10.81 -10.67 -6.92
CA ILE A 425 10.48 -9.83 -8.06
C ILE A 425 11.50 -9.92 -9.13
N PHE A 426 12.84 -9.58 -8.89
CA PHE A 426 13.78 -9.41 -9.93
C PHE A 426 14.08 -10.74 -10.54
N LEU A 427 14.31 -11.71 -9.70
CA LEU A 427 14.62 -13.08 -10.10
C LEU A 427 13.49 -13.83 -10.71
N GLY A 428 12.29 -13.36 -10.21
CA GLY A 428 11.01 -13.61 -10.81
C GLY A 428 10.45 -14.95 -10.49
N TYR A 429 11.38 -15.85 -10.12
CA TYR A 429 11.12 -17.31 -10.17
C TYR A 429 9.96 -17.76 -9.18
N GLN A 430 9.81 -17.03 -8.07
CA GLN A 430 8.93 -17.40 -6.99
C GLN A 430 7.47 -17.37 -7.38
N SER A 431 6.99 -16.25 -7.98
CA SER A 431 5.56 -16.08 -8.08
C SER A 431 4.76 -16.80 -9.23
N GLY A 432 5.55 -17.33 -10.21
CA GLY A 432 5.19 -18.25 -11.25
C GLY A 432 3.81 -18.19 -11.86
N HIS A 433 2.88 -18.88 -11.19
CA HIS A 433 1.48 -19.24 -11.50
C HIS A 433 0.69 -17.99 -11.67
N ASN A 434 0.97 -17.07 -10.80
CA ASN A 434 0.32 -15.75 -10.73
C ASN A 434 0.60 -14.91 -11.99
N VAL A 435 1.89 -15.00 -12.52
CA VAL A 435 2.34 -14.25 -13.69
C VAL A 435 1.57 -14.71 -14.90
N LEU A 436 1.36 -16.11 -14.99
CA LEU A 436 0.58 -16.78 -16.08
C LEU A 436 -0.79 -16.24 -15.95
N LYS A 437 -1.36 -16.14 -14.75
CA LYS A 437 -2.72 -15.68 -14.60
C LYS A 437 -2.81 -14.18 -15.09
N PHE A 438 -1.78 -13.39 -14.75
CA PHE A 438 -1.67 -11.99 -15.15
C PHE A 438 -1.59 -11.84 -16.65
N LEU A 439 -0.81 -12.72 -17.31
CA LEU A 439 -0.63 -12.79 -18.75
C LEU A 439 -1.87 -13.19 -19.39
N THR A 440 -2.74 -14.11 -18.83
CA THR A 440 -3.94 -14.65 -19.39
C THR A 440 -4.91 -13.54 -19.59
N LYS A 441 -5.14 -12.71 -18.53
CA LYS A 441 -5.88 -11.50 -18.53
C LYS A 441 -5.16 -10.51 -19.44
N ASN A 442 -6.03 -10.05 -20.28
CA ASN A 442 -5.61 -9.14 -21.35
C ASN A 442 -4.75 -9.89 -22.32
N MET A 443 -5.22 -11.07 -22.81
CA MET A 443 -4.51 -11.93 -23.72
C MET A 443 -4.33 -11.22 -25.04
N GLY A 444 -5.46 -10.50 -25.41
CA GLY A 444 -5.77 -9.87 -26.78
C GLY A 444 -4.79 -8.78 -27.18
N GLU A 445 -4.40 -7.95 -26.21
CA GLU A 445 -3.68 -6.72 -26.40
C GLU A 445 -2.30 -6.86 -26.85
N LEU A 446 -1.59 -7.92 -26.29
CA LEU A 446 -0.17 -8.33 -26.61
C LEU A 446 -0.12 -9.03 -27.90
N THR A 447 -1.18 -9.76 -28.32
CA THR A 447 -1.30 -10.36 -29.70
C THR A 447 -1.29 -9.36 -30.78
N LYS A 448 -1.89 -8.18 -30.57
CA LYS A 448 -1.86 -7.14 -31.54
C LYS A 448 -0.48 -6.36 -31.40
N HIS A 449 -0.13 -5.50 -32.45
CA HIS A 449 1.06 -4.69 -32.48
C HIS A 449 1.01 -3.52 -31.50
N TYR A 450 1.57 -2.28 -31.83
CA TYR A 450 1.51 -1.07 -30.98
C TYR A 450 0.09 -0.61 -31.14
N ARG A 451 -0.58 -0.18 -30.05
CA ARG A 451 -1.90 0.45 -30.20
C ARG A 451 -2.09 1.21 -29.00
N ASN A 452 -2.98 2.21 -29.08
CA ASN A 452 -3.25 3.28 -28.10
C ASN A 452 -3.82 2.79 -26.79
N ASP A 453 -4.94 2.01 -26.89
CA ASP A 453 -5.69 1.54 -25.73
C ASP A 453 -4.97 0.48 -24.95
N ASN A 454 -4.06 -0.32 -25.62
CA ASN A 454 -3.49 -1.53 -25.11
C ASN A 454 -2.85 -1.31 -23.71
N ASN A 455 -2.00 -0.23 -23.65
CA ASN A 455 -1.35 0.24 -22.48
C ASN A 455 -2.20 0.71 -21.37
N ALA A 456 -3.30 1.45 -21.70
CA ALA A 456 -4.20 1.96 -20.63
C ALA A 456 -4.87 0.81 -19.92
N ASN A 457 -5.37 -0.19 -20.74
CA ASN A 457 -6.13 -1.34 -20.21
C ASN A 457 -5.26 -2.17 -19.33
N TYR A 458 -4.00 -2.38 -19.85
CA TYR A 458 -2.96 -3.01 -19.06
C TYR A 458 -2.51 -2.37 -17.78
N ASP A 459 -2.35 -1.02 -17.78
CA ASP A 459 -1.90 -0.32 -16.58
C ASP A 459 -2.91 -0.47 -15.48
N LYS A 460 -4.23 -0.34 -15.84
CA LYS A 460 -5.27 -0.39 -14.94
C LYS A 460 -5.34 -1.81 -14.34
N LEU A 461 -5.14 -2.84 -15.18
CA LEU A 461 -5.05 -4.20 -14.75
C LEU A 461 -3.83 -4.54 -13.83
N LEU A 462 -2.68 -3.88 -14.07
CA LEU A 462 -1.50 -3.90 -13.25
C LEU A 462 -1.83 -3.28 -11.86
N GLN A 463 -2.56 -2.13 -11.76
CA GLN A 463 -2.85 -1.56 -10.53
C GLN A 463 -3.78 -2.35 -9.63
N ASN A 464 -4.83 -2.91 -10.24
CA ASN A 464 -5.77 -3.79 -9.56
C ASN A 464 -5.10 -5.03 -9.14
N PHE A 465 -4.16 -5.61 -9.90
CA PHE A 465 -3.40 -6.82 -9.52
C PHE A 465 -2.57 -6.48 -8.32
N GLU A 466 -1.98 -5.29 -8.22
CA GLU A 466 -1.28 -4.91 -7.03
C GLU A 466 -2.21 -4.88 -5.80
N LEU A 467 -3.46 -4.38 -5.98
CA LEU A 467 -4.36 -4.42 -4.89
C LEU A 467 -4.76 -5.76 -4.45
N GLU A 468 -5.04 -6.62 -5.46
CA GLU A 468 -5.39 -7.98 -5.18
C GLU A 468 -4.23 -8.79 -4.51
N ARG A 469 -2.95 -8.42 -4.81
CA ARG A 469 -1.80 -9.06 -4.20
C ARG A 469 -1.56 -8.55 -2.86
N GLN A 470 -2.21 -7.46 -2.41
CA GLN A 470 -2.20 -6.94 -1.04
C GLN A 470 -0.73 -6.72 -0.56
N SER A 471 -0.54 -6.54 0.78
CA SER A 471 0.75 -6.33 1.37
C SER A 471 0.80 -7.14 2.60
N GLU A 472 2.01 -7.13 3.17
CA GLU A 472 2.29 -7.79 4.43
C GLU A 472 2.66 -6.72 5.44
N ASN A 473 2.47 -5.45 4.94
CA ASN A 473 2.91 -4.29 5.60
C ASN A 473 2.01 -3.18 5.08
N PRO A 474 2.05 -1.90 5.48
CA PRO A 474 1.07 -0.94 4.96
C PRO A 474 1.44 -0.56 3.55
N ASN A 475 2.66 -0.87 3.04
CA ASN A 475 3.09 -0.47 1.71
C ASN A 475 4.20 -1.44 1.43
N ASN A 476 4.21 -2.23 0.38
CA ASN A 476 5.10 -3.32 0.14
C ASN A 476 5.93 -3.08 -1.09
N LEU A 477 7.07 -3.74 -0.94
CA LEU A 477 8.24 -3.78 -1.89
C LEU A 477 7.86 -4.38 -3.18
N MET A 478 7.03 -5.43 -3.17
CA MET A 478 6.55 -6.19 -4.31
C MET A 478 5.69 -5.30 -5.12
N ARG A 479 4.76 -4.50 -4.47
CA ARG A 479 3.88 -3.63 -5.07
C ARG A 479 4.62 -2.50 -5.74
N GLN A 480 5.47 -1.78 -4.99
CA GLN A 480 6.12 -0.53 -5.45
C GLN A 480 7.16 -0.72 -6.46
N LEU A 481 8.16 -1.61 -6.24
CA LEU A 481 9.38 -1.67 -7.06
C LEU A 481 9.08 -2.42 -8.37
N LEU A 482 8.11 -3.36 -8.43
CA LEU A 482 7.73 -4.04 -9.71
C LEU A 482 6.47 -3.34 -10.21
N MET A 483 6.64 -2.57 -11.31
CA MET A 483 5.60 -1.89 -12.01
C MET A 483 5.96 -2.14 -13.49
N ILE A 484 5.02 -2.01 -14.41
CA ILE A 484 5.17 -2.26 -15.83
C ILE A 484 5.18 -1.01 -16.59
N GLN A 485 6.01 -0.92 -17.67
CA GLN A 485 6.10 0.15 -18.54
C GLN A 485 5.81 -0.36 -19.94
N PHE A 486 5.21 0.46 -20.84
CA PHE A 486 4.99 0.28 -22.28
C PHE A 486 5.60 1.44 -23.05
N ASP A 487 6.20 1.13 -24.27
CA ASP A 487 6.75 2.13 -25.17
C ASP A 487 5.70 2.37 -26.28
N THR A 488 4.57 1.68 -26.25
CA THR A 488 3.44 1.96 -27.07
C THR A 488 2.37 2.73 -26.25
N GLU A 489 1.65 3.56 -27.02
CA GLU A 489 0.74 4.61 -26.75
C GLU A 489 0.19 5.16 -28.01
N THR A 490 0.61 4.55 -29.10
CA THR A 490 0.07 4.90 -30.38
C THR A 490 -0.11 3.51 -31.05
N LYS A 554 7.32 -1.79 -33.34
CA LYS A 554 7.20 -3.15 -33.93
C LYS A 554 5.92 -3.86 -33.50
N SER A 555 5.78 -4.24 -32.26
CA SER A 555 4.59 -4.89 -31.85
C SER A 555 4.51 -4.64 -30.37
N ALA A 556 3.41 -5.05 -29.68
CA ALA A 556 3.16 -4.86 -28.29
C ALA A 556 4.20 -5.60 -27.48
N ILE A 557 4.54 -6.77 -28.00
CA ILE A 557 5.48 -7.71 -27.50
C ILE A 557 6.87 -7.03 -27.42
N TYR A 558 7.25 -6.24 -28.44
CA TYR A 558 8.51 -5.52 -28.50
C TYR A 558 8.52 -4.48 -27.38
N HIS A 559 7.35 -3.75 -27.08
CA HIS A 559 7.29 -2.55 -26.28
C HIS A 559 6.98 -2.85 -24.80
N LEU A 560 7.41 -4.02 -24.28
CA LEU A 560 7.22 -4.45 -22.89
C LEU A 560 8.44 -4.02 -22.20
N LYS A 561 8.36 -3.30 -21.05
CA LYS A 561 9.37 -2.91 -20.16
C LYS A 561 8.86 -2.83 -18.79
N PHE A 562 9.74 -2.77 -17.78
CA PHE A 562 9.54 -2.78 -16.33
C PHE A 562 10.10 -1.57 -15.74
N ASP A 563 9.33 -1.03 -14.74
CA ASP A 563 9.49 0.28 -14.15
C ASP A 563 9.60 0.06 -12.70
N ILE A 564 10.56 0.84 -12.08
CA ILE A 564 10.91 0.80 -10.68
C ILE A 564 10.64 2.09 -10.02
N ASN A 565 10.02 2.08 -8.85
CA ASN A 565 9.86 3.23 -7.96
C ASN A 565 10.57 2.75 -6.74
N ILE A 566 11.61 3.46 -6.30
CA ILE A 566 12.60 3.14 -5.28
C ILE A 566 12.09 3.42 -3.90
N PRO A 567 12.70 2.70 -2.91
CA PRO A 567 12.54 2.97 -1.47
C PRO A 567 13.49 4.05 -1.04
N TYR A 568 13.59 4.36 0.26
CA TYR A 568 14.51 5.41 0.71
C TYR A 568 14.95 5.04 2.07
N PRO A 569 16.18 5.20 2.52
CA PRO A 569 17.37 5.77 1.87
C PRO A 569 18.11 4.64 1.33
N LEU A 570 17.43 3.42 1.35
CA LEU A 570 17.86 2.15 0.97
C LEU A 570 18.23 1.98 -0.49
N ASN A 571 17.74 2.77 -1.40
CA ASN A 571 17.99 2.77 -2.78
C ASN A 571 19.47 2.90 -3.25
N ILE A 572 20.31 3.62 -2.47
CA ILE A 572 21.75 3.84 -2.80
C ILE A 572 22.60 2.61 -2.90
N ILE A 573 22.28 1.65 -1.93
CA ILE A 573 22.83 0.28 -1.72
C ILE A 573 22.93 -0.40 -3.04
N ILE A 574 21.80 -0.47 -3.80
CA ILE A 574 21.68 -1.04 -5.04
C ILE A 574 21.89 -0.03 -6.11
N SER A 575 22.52 -0.35 -7.25
CA SER A 575 22.90 0.59 -8.23
C SER A 575 21.86 0.62 -9.26
N ARG A 576 21.74 1.76 -10.01
CA ARG A 576 20.70 1.95 -11.06
C ARG A 576 20.89 1.01 -12.21
N THR A 577 22.22 0.78 -12.59
CA THR A 577 22.58 -0.02 -13.65
C THR A 577 22.13 -1.42 -13.40
N CYS A 578 22.24 -1.96 -12.19
CA CYS A 578 21.81 -3.34 -11.81
C CYS A 578 20.32 -3.48 -12.02
N MET A 579 19.50 -2.45 -11.63
CA MET A 579 18.10 -2.47 -11.87
C MET A 579 17.62 -2.47 -13.34
N ILE A 580 18.33 -1.73 -14.16
CA ILE A 580 18.27 -1.67 -15.57
C ILE A 580 18.64 -3.01 -16.21
N LYS A 581 19.60 -3.72 -15.66
CA LYS A 581 19.89 -5.08 -16.07
C LYS A 581 18.69 -5.98 -15.80
N TYR A 582 18.13 -5.93 -14.58
CA TYR A 582 17.07 -6.84 -14.17
C TYR A 582 15.83 -6.83 -14.94
N GLN A 583 15.49 -5.55 -15.31
CA GLN A 583 14.30 -5.35 -16.14
C GLN A 583 14.29 -5.95 -17.52
N ILE A 584 15.51 -5.96 -18.19
CA ILE A 584 15.73 -6.57 -19.51
C ILE A 584 15.52 -8.05 -19.36
N ILE A 585 16.06 -8.67 -18.22
CA ILE A 585 15.97 -10.13 -17.98
C ILE A 585 14.52 -10.54 -17.83
N LEU A 586 13.78 -9.63 -17.11
CA LEU A 586 12.34 -9.77 -16.94
C LEU A 586 11.58 -9.82 -18.16
N ARG A 587 11.96 -8.93 -19.08
CA ARG A 587 11.32 -8.86 -20.41
C ARG A 587 11.54 -10.12 -21.30
N TYR A 588 12.76 -10.69 -21.28
CA TYR A 588 13.12 -11.98 -21.95
C TYR A 588 12.37 -13.17 -21.32
N GLN A 589 12.31 -13.23 -19.96
CA GLN A 589 11.67 -14.30 -19.26
C GLN A 589 10.17 -14.22 -19.54
N LEU A 590 9.63 -13.00 -19.54
CA LEU A 590 8.19 -12.82 -19.74
C LEU A 590 7.72 -13.31 -21.10
N VAL A 591 8.55 -13.07 -22.18
CA VAL A 591 8.16 -13.52 -23.50
C VAL A 591 8.14 -15.06 -23.56
N LEU A 592 9.07 -15.71 -22.86
CA LEU A 592 9.11 -17.18 -22.79
C LEU A 592 7.84 -17.62 -22.11
N GLN A 593 7.39 -16.98 -21.00
CA GLN A 593 6.16 -17.42 -20.26
C GLN A 593 4.93 -17.29 -21.04
N TYR A 594 4.86 -16.12 -21.80
CA TYR A 594 3.64 -15.73 -22.47
C TYR A 594 3.40 -16.76 -23.56
N HIS A 595 4.48 -17.12 -24.22
CA HIS A 595 4.46 -18.12 -25.23
C HIS A 595 4.06 -19.47 -24.78
N SER A 596 4.53 -19.88 -23.58
CA SER A 596 4.15 -21.13 -22.98
C SER A 596 2.71 -21.16 -22.73
N ARG A 597 2.12 -20.12 -22.28
CA ARG A 597 0.65 -20.16 -22.09
C ARG A 597 -0.20 -20.40 -23.31
N LEU A 598 0.19 -19.66 -24.35
CA LEU A 598 -0.61 -19.63 -25.60
C LEU A 598 -0.55 -21.01 -26.24
N LEU A 599 0.62 -21.63 -26.15
CA LEU A 599 0.94 -22.92 -26.67
C LEU A 599 0.15 -23.97 -26.01
N ASP A 600 0.02 -23.91 -24.64
CA ASP A 600 -0.82 -24.86 -23.92
C ASP A 600 -2.23 -24.81 -24.30
N GLU A 601 -2.85 -23.61 -24.52
CA GLU A 601 -4.24 -23.55 -24.78
C GLU A 601 -4.56 -24.23 -26.07
N THR A 602 -3.65 -23.99 -27.07
CA THR A 602 -3.97 -24.44 -28.38
C THR A 602 -4.06 -25.89 -28.42
N TRP A 603 -3.10 -26.55 -27.73
CA TRP A 603 -3.03 -27.98 -27.57
C TRP A 603 -4.17 -28.52 -26.76
N MET A 604 -4.61 -27.90 -25.64
CA MET A 604 -5.66 -28.41 -24.81
C MET A 604 -6.96 -28.55 -25.62
N ASP A 605 -7.26 -27.59 -26.44
CA ASP A 605 -8.42 -27.61 -27.33
C ASP A 605 -8.36 -28.73 -28.40
N LEU A 606 -7.15 -29.10 -28.95
CA LEU A 606 -6.92 -30.08 -29.97
C LEU A 606 -7.24 -31.50 -29.66
N ASN A 607 -7.01 -31.75 -28.35
CA ASN A 607 -7.22 -33.04 -27.66
C ASN A 607 -8.71 -33.34 -27.58
N LYS A 608 -9.48 -32.24 -27.73
CA LYS A 608 -10.93 -32.34 -27.73
C LYS A 608 -11.57 -32.44 -29.06
N THR A 609 -12.71 -31.72 -29.18
CA THR A 609 -13.61 -31.78 -30.37
C THR A 609 -13.23 -31.37 -31.80
N PRO A 610 -12.48 -30.31 -32.16
CA PRO A 610 -12.30 -29.80 -33.54
C PRO A 610 -11.61 -30.81 -34.39
N SER A 611 -10.75 -31.72 -33.75
CA SER A 611 -9.93 -32.62 -34.62
C SER A 611 -10.68 -33.79 -35.19
N TRP A 612 -11.83 -34.21 -34.52
CA TRP A 612 -12.42 -35.45 -34.83
C TRP A 612 -12.88 -35.56 -36.23
N LYS A 613 -13.05 -36.79 -36.86
CA LYS A 613 -13.60 -36.79 -38.22
C LYS A 613 -15.06 -36.59 -38.36
N TYR A 614 -15.46 -35.74 -39.38
CA TYR A 614 -16.77 -35.27 -39.69
C TYR A 614 -17.45 -36.37 -40.53
N ARG A 623 -7.38 -36.04 -42.62
CA ARG A 623 -6.77 -37.17 -41.84
C ARG A 623 -5.26 -36.91 -41.78
N ARG A 624 -4.52 -36.78 -42.92
CA ARG A 624 -3.03 -36.58 -42.99
C ARG A 624 -2.76 -35.21 -42.37
N ILE A 625 -3.64 -34.20 -42.65
CA ILE A 625 -3.30 -32.86 -42.04
C ILE A 625 -3.22 -32.93 -40.47
N VAL A 626 -4.12 -33.73 -39.84
CA VAL A 626 -4.20 -33.79 -38.39
C VAL A 626 -2.88 -34.25 -37.80
N ARG A 627 -2.40 -35.32 -38.44
CA ARG A 627 -1.30 -36.12 -37.98
C ARG A 627 -0.06 -35.24 -37.98
N ALA A 628 0.04 -34.39 -39.04
CA ALA A 628 1.10 -33.34 -39.22
C ALA A 628 1.04 -32.27 -38.03
N THR A 629 -0.13 -31.81 -37.65
CA THR A 629 -0.37 -30.82 -36.61
C THR A 629 0.13 -31.38 -35.32
N ARG A 630 -0.16 -32.72 -35.09
CA ARG A 630 0.25 -33.41 -33.91
C ARG A 630 1.76 -33.51 -33.73
N VAL A 631 2.45 -33.83 -34.86
CA VAL A 631 3.93 -34.06 -34.83
C VAL A 631 4.60 -32.77 -34.52
N LEU A 632 4.21 -31.65 -35.15
CA LEU A 632 4.80 -30.33 -35.03
C LEU A 632 4.63 -29.86 -33.60
N HIS A 633 3.44 -30.08 -32.98
CA HIS A 633 3.06 -29.78 -31.64
C HIS A 633 3.92 -30.50 -30.64
N ALA A 634 4.19 -31.79 -30.91
CA ALA A 634 5.00 -32.67 -30.06
C ALA A 634 6.41 -32.13 -29.93
N LYS A 635 7.05 -31.71 -31.03
CA LYS A 635 8.38 -31.11 -31.15
C LYS A 635 8.55 -29.74 -30.47
N MET A 636 7.56 -28.86 -30.70
CA MET A 636 7.49 -27.54 -30.18
C MET A 636 7.39 -27.57 -28.64
N ASN A 637 6.61 -28.56 -28.10
CA ASN A 637 6.51 -28.89 -26.67
C ASN A 637 7.82 -29.43 -26.07
N HIS A 638 8.58 -30.28 -26.82
CA HIS A 638 9.91 -30.69 -26.27
C HIS A 638 10.89 -29.55 -26.20
N PHE A 639 10.86 -28.68 -27.22
CA PHE A 639 11.68 -27.54 -27.30
C PHE A 639 11.47 -26.68 -26.11
N ILE A 640 10.20 -26.32 -25.80
CA ILE A 640 9.86 -25.34 -24.74
C ILE A 640 10.32 -25.84 -23.42
N LYS A 641 10.13 -27.17 -23.09
CA LYS A 641 10.65 -27.72 -21.82
C LYS A 641 12.20 -27.59 -21.74
N THR A 642 12.96 -27.84 -22.85
CA THR A 642 14.43 -27.89 -22.82
C THR A 642 15.02 -26.51 -22.57
N ILE A 643 14.47 -25.41 -23.14
CA ILE A 643 14.78 -24.07 -22.98
C ILE A 643 14.55 -23.69 -21.50
N MET A 644 13.42 -24.06 -20.92
CA MET A 644 13.16 -23.68 -19.51
C MET A 644 14.11 -24.31 -18.60
N GLU A 645 14.50 -25.58 -18.83
CA GLU A 645 15.41 -26.43 -18.01
C GLU A 645 16.75 -25.67 -18.06
N TYR A 646 17.24 -25.30 -19.25
CA TYR A 646 18.54 -24.71 -19.45
C TYR A 646 18.54 -23.32 -18.82
N PHE A 647 17.50 -22.48 -18.98
CA PHE A 647 17.44 -21.13 -18.45
C PHE A 647 17.53 -21.17 -16.93
N ASN A 648 16.72 -22.12 -16.41
CA ASN A 648 16.76 -22.26 -14.99
C ASN A 648 18.03 -22.74 -14.41
N GLN A 649 18.47 -23.88 -14.94
CA GLN A 649 19.66 -24.53 -14.41
C GLN A 649 20.97 -23.84 -14.69
N ASN A 650 21.26 -23.48 -15.93
CA ASN A 650 22.56 -23.00 -16.30
C ASN A 650 22.85 -21.54 -15.91
N VAL A 651 21.79 -20.83 -15.71
CA VAL A 651 21.87 -19.46 -15.32
C VAL A 651 21.48 -19.24 -13.85
N ILE A 652 20.11 -19.14 -13.66
CA ILE A 652 19.66 -18.56 -12.38
C ILE A 652 19.98 -19.26 -11.09
N ASP A 653 19.62 -20.56 -11.02
CA ASP A 653 19.71 -21.19 -9.75
C ASP A 653 21.12 -21.32 -9.32
N LYS A 654 22.04 -21.53 -10.29
CA LYS A 654 23.44 -21.62 -10.00
C LYS A 654 24.01 -20.23 -9.46
N GLU A 655 23.71 -19.11 -10.08
CA GLU A 655 24.20 -17.91 -9.56
C GLU A 655 23.68 -17.52 -8.22
N VAL A 656 22.37 -17.72 -8.00
CA VAL A 656 21.78 -17.32 -6.77
C VAL A 656 22.33 -18.03 -5.59
N TYR A 657 22.64 -19.35 -5.75
CA TYR A 657 23.16 -20.21 -4.70
C TYR A 657 24.47 -19.78 -4.16
N SER A 658 25.35 -19.44 -5.12
CA SER A 658 26.70 -18.87 -4.78
C SER A 658 26.67 -17.64 -4.15
N LEU A 659 25.74 -16.77 -4.51
CA LEU A 659 25.40 -15.42 -3.97
C LEU A 659 24.98 -15.67 -2.56
N GLU A 660 24.21 -16.70 -2.25
CA GLU A 660 23.72 -16.96 -0.88
C GLU A 660 24.91 -17.27 0.07
N LYS A 661 25.90 -18.08 -0.41
CA LYS A 661 27.06 -18.50 0.33
C LYS A 661 27.91 -17.35 0.63
N CYS A 662 28.14 -16.42 -0.40
CA CYS A 662 28.85 -15.20 -0.18
C CYS A 662 28.15 -14.30 0.84
N TYR A 663 26.76 -14.20 0.77
CA TYR A 663 26.10 -13.47 1.82
C TYR A 663 26.19 -14.00 3.20
N ARG A 664 26.04 -15.32 3.45
CA ARG A 664 26.08 -15.74 4.81
C ARG A 664 27.49 -15.59 5.44
N ASN A 665 28.58 -15.98 4.69
CA ASN A 665 29.81 -16.16 5.44
C ASN A 665 30.53 -14.93 6.16
N PRO A 666 30.82 -13.82 5.60
CA PRO A 666 31.41 -12.74 6.36
C PRO A 666 30.32 -11.72 6.66
N THR A 667 30.88 -10.57 7.10
CA THR A 667 30.17 -9.37 7.23
C THR A 667 30.62 -8.27 6.27
N LEU A 668 31.41 -8.64 5.20
CA LEU A 668 32.07 -7.78 4.30
C LEU A 668 31.09 -7.62 3.19
N ALA A 669 30.34 -6.47 3.20
CA ALA A 669 29.30 -6.00 2.30
C ALA A 669 29.76 -5.76 0.87
N VAL A 670 30.98 -5.27 0.63
CA VAL A 670 31.52 -4.99 -0.66
C VAL A 670 31.54 -6.29 -1.43
N ALA A 671 31.86 -7.51 -0.82
CA ALA A 671 31.84 -8.82 -1.41
C ALA A 671 30.47 -9.21 -1.85
N ILE A 672 29.39 -8.86 -1.11
CA ILE A 672 28.06 -9.29 -1.50
C ILE A 672 27.74 -8.57 -2.75
N GLN A 673 28.03 -7.27 -2.83
CA GLN A 673 27.75 -6.39 -4.00
C GLN A 673 28.51 -6.85 -5.27
N ASN A 674 29.75 -7.27 -4.98
CA ASN A 674 30.74 -7.72 -5.96
C ASN A 674 30.19 -8.93 -6.69
N GLU A 675 29.68 -9.85 -5.82
CA GLU A 675 29.05 -11.12 -6.11
C GLU A 675 27.77 -10.75 -6.90
N LEU A 676 26.98 -9.68 -6.56
CA LEU A 676 25.77 -9.26 -7.33
C LEU A 676 26.20 -8.85 -8.70
N GLU A 677 27.32 -8.16 -8.85
CA GLU A 677 27.85 -7.77 -10.20
C GLU A 677 28.20 -8.97 -11.05
N GLY A 678 28.87 -10.00 -10.42
CA GLY A 678 29.43 -11.17 -11.07
C GLY A 678 28.29 -11.91 -11.64
N GLY A 679 27.16 -12.03 -10.91
CA GLY A 679 25.95 -12.66 -11.33
C GLY A 679 25.35 -11.98 -12.51
N LEU A 680 25.32 -10.67 -12.47
CA LEU A 680 24.77 -9.93 -13.59
C LEU A 680 25.57 -10.04 -14.87
N THR A 681 26.90 -9.99 -14.76
CA THR A 681 27.80 -10.08 -15.88
C THR A 681 27.59 -11.55 -16.49
N ASN A 682 27.43 -12.60 -15.61
CA ASN A 682 27.28 -13.95 -16.16
C ASN A 682 25.93 -14.05 -17.05
N ILE A 683 24.86 -13.35 -16.51
CA ILE A 683 23.55 -13.40 -17.04
C ILE A 683 23.64 -12.81 -18.46
N MET A 684 24.40 -11.74 -18.59
CA MET A 684 24.64 -10.97 -19.74
C MET A 684 25.37 -11.79 -20.77
N THR A 685 26.39 -12.63 -20.38
CA THR A 685 27.16 -13.54 -21.25
C THR A 685 26.08 -14.51 -21.80
N ASN A 686 25.07 -15.07 -20.98
CA ASN A 686 24.13 -15.96 -21.51
C ASN A 686 23.22 -15.44 -22.57
N ARG A 687 22.79 -14.15 -22.40
CA ARG A 687 21.96 -13.27 -23.22
C ARG A 687 22.69 -13.13 -24.55
N CYS A 688 24.07 -12.87 -24.54
CA CYS A 688 24.88 -12.60 -25.66
C CYS A 688 24.93 -13.83 -26.47
N LEU A 689 25.10 -14.99 -25.77
CA LEU A 689 25.26 -16.26 -26.42
C LEU A 689 23.93 -16.63 -27.17
N SER A 690 22.77 -16.40 -26.48
CA SER A 690 21.41 -16.80 -27.00
C SER A 690 20.92 -15.81 -28.00
N ASP A 691 20.41 -16.29 -29.10
CA ASP A 691 19.87 -15.46 -30.23
C ASP A 691 18.69 -16.25 -30.81
N LEU A 692 17.89 -16.92 -29.92
CA LEU A 692 16.72 -17.73 -30.09
C LEU A 692 15.57 -16.88 -30.59
N ILE A 693 15.40 -15.63 -30.08
CA ILE A 693 14.23 -14.83 -30.22
C ILE A 693 13.89 -14.48 -31.65
N PRO A 694 14.75 -14.12 -32.73
CA PRO A 694 14.26 -13.82 -34.03
C PRO A 694 13.62 -15.07 -34.64
N LEU A 695 14.16 -16.34 -34.45
CA LEU A 695 13.54 -17.56 -34.87
C LEU A 695 12.22 -17.93 -34.09
N GLN A 696 12.23 -17.75 -32.78
CA GLN A 696 11.17 -18.06 -31.84
C GLN A 696 9.99 -17.24 -32.22
N LEU A 697 10.19 -15.93 -32.67
CA LEU A 697 9.13 -15.06 -33.01
C LEU A 697 8.31 -15.68 -34.20
N GLN A 698 9.06 -16.27 -35.13
CA GLN A 698 8.49 -16.95 -36.26
C GLN A 698 7.71 -18.10 -35.91
N ILE A 699 8.16 -18.93 -34.96
CA ILE A 699 7.51 -20.16 -34.48
C ILE A 699 6.20 -19.65 -33.91
N PHE A 700 6.20 -18.54 -33.17
CA PHE A 700 5.02 -17.95 -32.68
C PHE A 700 3.90 -17.54 -33.67
N ASP A 701 4.21 -16.88 -34.80
CA ASP A 701 3.18 -16.46 -35.74
C ASP A 701 2.57 -17.69 -36.33
N ILE A 702 3.43 -18.69 -36.58
CA ILE A 702 3.09 -19.98 -37.11
C ILE A 702 2.16 -20.78 -36.24
N VAL A 703 2.37 -20.71 -34.96
CA VAL A 703 1.49 -21.16 -33.92
C VAL A 703 0.15 -20.45 -33.93
N TYR A 704 0.02 -19.13 -34.08
CA TYR A 704 -1.21 -18.39 -34.11
C TYR A 704 -2.09 -18.73 -35.28
N LYS A 705 -1.44 -18.93 -36.47
CA LYS A 705 -2.09 -19.34 -37.74
C LYS A 705 -2.68 -20.75 -37.46
N PHE A 706 -1.90 -21.62 -36.69
CA PHE A 706 -2.41 -22.88 -36.26
C PHE A 706 -3.63 -22.72 -35.43
N CYS A 707 -3.63 -21.81 -34.41
CA CYS A 707 -4.78 -21.66 -33.51
C CYS A 707 -6.02 -21.34 -34.25
N LYS A 708 -5.98 -20.34 -35.26
CA LYS A 708 -7.13 -19.95 -35.98
C LYS A 708 -7.61 -21.09 -36.78
N PHE A 709 -6.73 -21.91 -37.43
CA PHE A 709 -7.03 -23.04 -38.25
C PHE A 709 -7.71 -24.16 -37.58
N ILE A 710 -7.20 -24.56 -36.39
CA ILE A 710 -7.77 -25.65 -35.69
C ILE A 710 -9.20 -25.45 -35.25
N LYS A 711 -9.49 -24.23 -34.89
CA LYS A 711 -10.82 -23.81 -34.37
C LYS A 711 -11.93 -24.12 -35.35
N SER A 712 -11.72 -23.97 -36.67
CA SER A 712 -12.61 -24.38 -37.72
C SER A 712 -12.81 -25.84 -37.89
N MET A 713 -13.99 -26.22 -38.50
CA MET A 713 -14.38 -27.56 -38.73
C MET A 713 -15.66 -27.38 -39.40
N ARG A 714 -15.90 -28.22 -40.44
CA ARG A 714 -17.01 -28.10 -41.41
C ARG A 714 -18.26 -28.28 -40.58
N GLU A 754 -12.94 -24.97 -49.73
CA GLU A 754 -13.07 -26.30 -49.17
C GLU A 754 -11.85 -27.06 -49.65
N ASP A 755 -11.88 -27.49 -50.92
CA ASP A 755 -10.71 -28.04 -51.58
C ASP A 755 -9.61 -27.01 -51.70
N ALA A 756 -9.94 -25.72 -52.04
CA ALA A 756 -8.95 -24.67 -52.12
C ALA A 756 -8.31 -24.40 -50.80
N ALA A 757 -9.09 -24.40 -49.66
CA ALA A 757 -8.63 -24.23 -48.37
C ALA A 757 -7.62 -25.37 -47.97
N LEU A 758 -7.92 -26.70 -48.32
CA LEU A 758 -7.14 -27.80 -48.07
C LEU A 758 -5.85 -27.74 -48.81
N GLU A 759 -5.81 -27.26 -50.08
CA GLU A 759 -4.63 -27.13 -50.93
C GLU A 759 -3.69 -26.07 -50.36
N LEU A 760 -4.26 -24.87 -49.96
CA LEU A 760 -3.45 -23.81 -49.42
C LEU A 760 -2.79 -24.21 -48.08
N ILE A 761 -3.52 -24.91 -47.22
CA ILE A 761 -3.16 -25.38 -45.94
C ILE A 761 -1.99 -26.36 -46.08
N GLN A 762 -1.99 -27.23 -47.12
CA GLN A 762 -0.89 -28.14 -47.43
C GLN A 762 0.38 -27.43 -47.87
N LYS A 763 0.31 -26.38 -48.70
CA LYS A 763 1.53 -25.64 -49.12
C LYS A 763 2.22 -24.98 -47.93
N LEU A 764 1.39 -24.35 -47.02
CA LEU A 764 1.89 -23.73 -45.81
C LEU A 764 2.54 -24.74 -44.90
N ILE A 765 1.94 -25.97 -44.76
CA ILE A 765 2.47 -27.01 -43.95
C ILE A 765 3.86 -27.46 -44.47
N GLU A 766 4.11 -27.58 -45.78
CA GLU A 766 5.40 -28.00 -46.24
C GLU A 766 6.51 -26.99 -45.87
N TYR A 767 6.25 -25.66 -45.93
CA TYR A 767 7.26 -24.64 -45.50
C TYR A 767 7.66 -24.72 -44.03
N ILE A 768 6.63 -24.90 -43.20
CA ILE A 768 6.77 -25.14 -41.82
C ILE A 768 7.55 -26.36 -41.60
N SER A 769 7.27 -27.44 -42.36
CA SER A 769 7.89 -28.78 -42.21
C SER A 769 9.34 -28.69 -42.42
N ASN A 770 9.74 -27.90 -43.50
CA ASN A 770 11.20 -27.82 -43.81
C ASN A 770 11.99 -27.12 -42.75
N ALA A 771 11.51 -25.97 -42.28
CA ALA A 771 12.04 -25.13 -41.30
C ALA A 771 12.10 -25.95 -40.04
N SER A 772 11.10 -26.73 -39.81
CA SER A 772 10.98 -27.61 -38.60
C SER A 772 12.05 -28.56 -38.62
N SER A 773 12.37 -29.14 -39.80
CA SER A 773 13.41 -30.19 -39.94
C SER A 773 14.74 -29.59 -39.61
N ILE A 774 15.05 -28.36 -40.04
CA ILE A 774 16.29 -27.61 -39.71
C ILE A 774 16.33 -27.34 -38.18
N PHE A 775 15.15 -26.96 -37.61
CA PHE A 775 14.96 -26.69 -36.18
C PHE A 775 15.27 -27.89 -35.34
N ARG A 776 14.81 -29.11 -35.77
CA ARG A 776 14.95 -30.43 -35.20
C ARG A 776 16.37 -30.79 -35.17
N LYS A 777 17.18 -30.49 -36.26
CA LYS A 777 18.62 -30.70 -36.30
C LYS A 777 19.32 -29.84 -35.22
N CYS A 778 18.88 -28.57 -35.01
CA CYS A 778 19.43 -27.63 -34.04
C CYS A 778 19.22 -28.13 -32.60
N LEU A 779 18.10 -28.92 -32.32
CA LEU A 779 17.75 -29.18 -30.93
C LEU A 779 18.79 -29.87 -30.10
N ILE A 780 19.54 -30.81 -30.65
CA ILE A 780 20.73 -31.40 -29.96
C ILE A 780 21.76 -30.35 -29.72
N ASN A 781 21.88 -29.53 -30.76
CA ASN A 781 22.86 -28.42 -30.79
C ASN A 781 22.72 -27.39 -29.67
N PHE A 782 21.44 -27.02 -29.27
CA PHE A 782 21.15 -26.07 -28.19
C PHE A 782 21.69 -26.49 -26.86
N THR A 783 21.49 -27.75 -26.60
CA THR A 783 21.86 -28.43 -25.39
C THR A 783 23.36 -28.48 -25.30
N GLN A 784 24.06 -28.98 -26.42
CA GLN A 784 25.46 -29.11 -26.32
C GLN A 784 26.22 -27.74 -26.39
N GLU A 785 25.62 -26.71 -27.08
CA GLU A 785 26.24 -25.43 -27.36
C GLU A 785 27.58 -25.56 -28.18
N LEU A 786 28.06 -24.38 -28.71
CA LEU A 786 29.28 -24.11 -29.57
C LEU A 786 29.39 -25.01 -30.73
N SER A 787 28.25 -25.26 -31.40
CA SER A 787 28.22 -26.15 -32.53
C SER A 787 27.56 -25.36 -33.60
N THR A 788 27.76 -25.84 -34.84
CA THR A 788 27.58 -25.30 -36.13
C THR A 788 26.15 -25.11 -36.63
N GLU A 789 25.33 -26.09 -36.31
CA GLU A 789 23.98 -26.30 -36.85
C GLU A 789 22.93 -25.16 -36.60
N LYS A 790 23.01 -24.59 -35.36
CA LYS A 790 21.99 -23.60 -34.99
C LYS A 790 22.04 -22.40 -35.90
N PHE A 791 23.26 -21.97 -36.25
CA PHE A 791 23.51 -20.82 -37.11
C PHE A 791 22.87 -20.93 -38.54
N ASP A 792 23.00 -22.16 -39.17
CA ASP A 792 22.50 -22.46 -40.55
C ASP A 792 21.04 -22.27 -40.58
N PHE A 793 20.30 -22.71 -39.51
CA PHE A 793 18.88 -22.49 -39.45
C PHE A 793 18.57 -20.98 -39.38
N TYR A 794 19.30 -20.16 -38.68
CA TYR A 794 19.06 -18.72 -38.74
C TYR A 794 19.22 -18.06 -40.10
N ASP A 795 20.29 -18.44 -40.86
CA ASP A 795 20.56 -17.93 -42.17
C ASP A 795 19.38 -18.27 -43.11
N SER A 796 18.91 -19.55 -42.91
CA SER A 796 17.83 -20.18 -43.63
C SER A 796 16.54 -19.49 -43.47
N SER A 797 16.26 -18.87 -42.27
CA SER A 797 14.99 -18.22 -41.91
C SER A 797 14.71 -17.05 -42.78
N SER A 798 15.77 -16.34 -43.22
CA SER A 798 15.64 -15.15 -44.06
C SER A 798 14.91 -15.50 -45.33
N VAL A 799 15.35 -16.66 -45.94
CA VAL A 799 14.78 -17.19 -47.14
C VAL A 799 14.47 -18.60 -46.77
N ASP A 800 13.30 -18.79 -46.10
CA ASP A 800 13.01 -20.16 -45.64
C ASP A 800 12.25 -20.84 -46.86
N PRO B 180 60.81 57.05 26.99
CA PRO B 180 61.15 58.25 26.19
C PRO B 180 61.31 59.44 27.20
N GLU B 181 61.30 60.77 26.73
CA GLU B 181 61.34 61.94 27.53
C GLU B 181 60.04 62.01 28.26
N GLU B 182 60.05 62.66 29.45
CA GLU B 182 58.98 62.60 30.43
C GLU B 182 57.79 63.18 29.81
N ASP B 183 57.93 64.22 29.03
CA ASP B 183 56.82 64.87 28.35
C ASP B 183 56.11 63.90 27.37
N ILE B 184 56.97 63.08 26.63
CA ILE B 184 56.60 62.10 25.71
C ILE B 184 55.84 61.01 26.50
N LEU B 185 56.24 60.63 27.73
CA LEU B 185 55.60 59.63 28.61
C LEU B 185 54.21 60.19 28.89
N LYS B 186 54.05 61.50 29.21
CA LYS B 186 52.68 62.08 29.53
C LYS B 186 51.77 61.97 28.33
N TYR B 187 52.25 62.35 27.07
CA TYR B 187 51.49 62.37 25.86
C TYR B 187 51.03 61.00 25.47
N VAL B 188 51.89 59.97 25.65
CA VAL B 188 51.53 58.59 25.36
C VAL B 188 50.44 58.16 26.24
N SER B 189 50.44 58.45 27.56
CA SER B 189 49.39 58.12 28.44
C SER B 189 48.05 58.81 28.01
N TYR B 190 48.05 60.11 27.58
CA TYR B 190 46.79 60.68 27.22
C TYR B 190 46.22 59.95 26.03
N THR B 191 47.12 59.65 25.06
CA THR B 191 46.69 59.05 23.82
C THR B 191 46.06 57.65 24.04
N LEU B 192 46.61 56.69 24.87
CA LEU B 192 45.96 55.40 24.90
C LEU B 192 44.51 55.43 25.42
N LEU B 193 44.14 56.40 26.30
CA LEU B 193 42.79 56.60 26.75
C LEU B 193 41.75 57.18 25.71
N ALA B 194 42.31 57.74 24.63
CA ALA B 194 41.83 58.51 23.53
C ALA B 194 41.65 60.00 23.73
N THR B 195 42.30 60.61 24.77
CA THR B 195 42.37 62.03 24.92
C THR B 195 43.49 62.69 24.13
N THR B 196 43.53 64.02 24.20
CA THR B 196 44.28 64.94 23.38
C THR B 196 45.78 64.76 23.44
N SER B 197 46.33 65.07 22.30
CA SER B 197 47.74 65.27 22.20
C SER B 197 47.78 66.69 21.65
N ALA B 198 48.45 67.61 22.40
CA ALA B 198 48.66 68.98 21.92
C ALA B 198 50.04 69.03 21.38
N LEU B 199 50.76 67.85 21.40
CA LEU B 199 52.10 67.55 20.92
C LEU B 199 52.27 67.73 19.46
N PHE B 200 51.24 67.21 18.81
CA PHE B 200 50.88 67.34 17.40
C PHE B 200 49.38 67.33 17.54
N PRO B 201 48.78 68.25 16.96
CA PRO B 201 47.38 68.64 17.17
C PRO B 201 46.43 67.52 17.02
N PHE B 202 45.58 67.35 18.05
CA PHE B 202 44.68 66.25 18.13
C PHE B 202 43.39 66.82 17.99
N ASP B 203 42.61 66.11 17.13
CA ASP B 203 41.22 66.40 16.85
C ASP B 203 40.65 65.05 16.57
N HIS B 204 39.23 65.03 16.44
CA HIS B 204 38.51 63.78 16.28
C HIS B 204 38.58 63.22 14.88
N GLU B 205 39.02 64.10 13.91
CA GLU B 205 39.23 63.80 12.45
C GLU B 205 40.63 63.10 12.38
N GLN B 206 41.65 63.70 12.93
CA GLN B 206 43.02 63.17 12.74
C GLN B 206 43.97 63.74 13.76
N ILE B 207 45.24 63.27 13.78
CA ILE B 207 46.34 63.80 14.51
C ILE B 207 47.19 64.23 13.37
N GLN B 208 47.43 65.60 13.38
CA GLN B 208 48.01 66.34 12.32
C GLN B 208 49.50 66.49 12.45
N ILE B 209 50.15 66.75 11.33
CA ILE B 209 51.57 66.81 11.21
C ILE B 209 51.95 68.20 10.81
N PRO B 210 52.47 68.95 11.74
CA PRO B 210 53.13 70.21 11.45
C PRO B 210 54.51 69.68 11.49
N SER B 211 55.54 70.56 11.14
CA SER B 211 56.96 70.24 11.18
C SER B 211 57.46 70.71 12.52
N LYS B 212 57.81 69.83 13.47
CA LYS B 212 58.11 70.33 14.77
C LYS B 212 59.00 69.20 15.49
N ILE B 213 58.94 68.02 14.94
CA ILE B 213 59.78 66.86 15.47
C ILE B 213 60.27 66.23 14.24
N PRO B 214 61.43 65.54 14.44
CA PRO B 214 62.06 64.79 13.34
C PRO B 214 61.13 63.65 12.85
N ASN B 215 61.55 63.02 11.73
CA ASN B 215 60.85 61.95 11.02
C ASN B 215 60.65 60.71 11.90
N PHE B 216 61.69 60.37 12.69
CA PHE B 216 61.88 59.13 13.41
C PHE B 216 60.74 58.97 14.27
N GLU B 217 60.48 60.08 14.99
CA GLU B 217 59.45 60.24 15.99
C GLU B 217 58.13 60.16 15.27
N SER B 218 58.09 60.78 14.11
CA SER B 218 56.85 60.78 13.34
C SER B 218 56.28 59.42 12.92
N GLY B 219 57.17 58.50 12.47
CA GLY B 219 56.74 57.13 12.04
C GLY B 219 56.11 56.31 13.13
N LEU B 220 56.77 56.35 14.31
CA LEU B 220 56.23 55.68 15.47
C LEU B 220 54.85 56.34 15.84
N LEU B 221 54.84 57.65 15.81
CA LEU B 221 53.59 58.37 16.12
C LEU B 221 52.52 58.08 15.14
N HIS B 222 52.82 57.80 13.92
CA HIS B 222 51.90 57.38 12.82
C HIS B 222 51.16 56.10 13.11
N LEU B 223 51.99 55.09 13.51
CA LEU B 223 51.28 53.81 13.82
C LEU B 223 50.36 53.89 15.02
N ILE B 224 50.78 54.57 16.15
CA ILE B 224 49.95 54.83 17.25
C ILE B 224 48.76 55.72 16.94
N PHE B 225 48.94 56.72 15.98
CA PHE B 225 47.86 57.70 15.73
C PHE B 225 46.58 57.08 15.21
N GLU B 226 46.65 56.04 14.39
CA GLU B 226 45.59 55.21 14.02
C GLU B 226 45.01 54.48 15.27
N ALA B 227 45.86 53.94 16.18
CA ALA B 227 45.26 53.28 17.33
C ALA B 227 44.35 54.15 18.23
N GLY B 228 44.72 55.43 18.63
CA GLY B 228 43.84 56.24 19.41
C GLY B 228 42.59 56.68 18.63
N LEU B 229 42.74 56.95 17.31
CA LEU B 229 41.65 57.44 16.47
C LEU B 229 40.56 56.45 16.45
N LEU B 230 40.94 55.18 16.26
CA LEU B 230 40.12 53.99 16.19
C LEU B 230 39.41 53.76 17.51
N TYR B 231 40.16 53.95 18.65
CA TYR B 231 39.52 53.75 19.95
C TYR B 231 38.37 54.67 20.16
N GLN B 232 38.58 55.97 19.76
CA GLN B 232 37.49 56.94 19.85
C GLN B 232 36.34 56.61 18.90
N SER B 233 36.61 56.08 17.67
CA SER B 233 35.65 55.77 16.61
C SER B 233 34.71 54.71 17.19
N LEU B 234 35.25 53.68 17.86
CA LEU B 234 34.46 52.61 18.41
C LEU B 234 33.56 53.18 19.45
N GLY B 235 34.14 54.10 20.29
CA GLY B 235 33.48 54.69 21.41
C GLY B 235 32.26 55.42 21.02
N TYR B 236 32.26 56.17 19.83
CA TYR B 236 31.13 56.83 19.29
C TYR B 236 30.09 55.75 18.90
N LYS B 237 30.55 54.60 18.26
CA LYS B 237 29.64 53.61 17.73
C LYS B 237 28.77 52.93 18.82
N VAL B 238 29.49 52.51 19.98
CA VAL B 238 28.82 51.83 21.08
C VAL B 238 27.86 52.77 21.61
N GLU B 239 28.21 54.07 21.73
CA GLU B 239 27.35 55.07 22.37
C GLU B 239 26.02 55.17 21.58
N LYS B 240 26.06 55.14 20.20
CA LYS B 240 24.86 55.27 19.36
C LYS B 240 23.94 54.15 19.62
N PHE B 241 24.41 52.87 19.61
CA PHE B 241 23.51 51.75 19.67
C PHE B 241 22.99 51.69 21.07
N ARG B 242 23.69 52.20 22.13
CA ARG B 242 23.19 52.28 23.51
C ARG B 242 21.97 53.07 23.61
N MET B 243 20.85 52.43 23.83
CA MET B 243 19.63 53.01 24.22
C MET B 243 19.02 53.90 23.15
N LEU B 244 19.49 54.07 21.95
CA LEU B 244 19.00 54.95 20.88
C LEU B 244 18.34 53.95 20.00
N ASN B 245 19.10 53.39 19.04
CA ASN B 245 18.67 52.42 18.01
C ASN B 245 19.16 51.07 18.52
N ILE B 246 18.22 50.35 19.07
CA ILE B 246 18.35 49.15 19.85
C ILE B 246 17.69 48.08 19.04
N SER B 247 18.13 46.91 19.36
CA SER B 247 17.45 45.65 19.05
C SER B 247 17.92 44.83 20.16
N PRO B 248 17.24 43.77 20.64
CA PRO B 248 17.77 42.94 21.70
C PRO B 248 18.90 42.11 21.11
N MET B 249 18.91 41.84 19.79
CA MET B 249 19.94 41.20 19.08
C MET B 249 21.15 42.09 19.13
N LYS B 250 21.02 43.38 18.94
CA LYS B 250 22.10 44.35 19.00
C LYS B 250 22.59 44.37 20.47
N LYS B 251 21.67 44.41 21.47
CA LYS B 251 21.95 44.57 22.81
C LYS B 251 22.89 43.51 23.36
N ALA B 252 22.60 42.23 22.96
CA ALA B 252 23.48 41.10 23.36
C ALA B 252 24.87 41.26 22.78
N LEU B 253 24.85 41.73 21.56
CA LEU B 253 26.11 42.06 20.97
C LEU B 253 26.81 43.19 21.64
N ILE B 254 26.11 44.33 21.98
CA ILE B 254 26.59 45.52 22.60
C ILE B 254 27.14 45.22 23.97
N ILE B 255 26.50 44.38 24.82
CA ILE B 255 27.08 44.05 26.09
C ILE B 255 28.37 43.33 25.90
N GLU B 256 28.56 42.39 24.90
CA GLU B 256 29.74 41.65 24.67
C GLU B 256 30.91 42.50 24.16
N ILE B 257 30.66 43.53 23.24
CA ILE B 257 31.58 44.48 22.82
C ILE B 257 31.97 45.27 24.01
N SER B 258 31.14 45.75 24.86
CA SER B 258 31.58 46.50 26.06
C SER B 258 32.47 45.84 26.98
N GLU B 259 32.25 44.51 27.09
CA GLU B 259 32.99 43.67 28.02
C GLU B 259 34.42 43.65 27.49
N GLU B 260 34.57 43.59 26.11
CA GLU B 260 35.89 43.54 25.44
C GLU B 260 36.57 44.80 25.69
N LEU B 261 35.83 45.96 25.71
CA LEU B 261 36.55 47.20 25.97
C LEU B 261 37.13 47.37 27.35
N GLN B 262 36.50 46.67 28.34
CA GLN B 262 36.95 46.68 29.70
C GLN B 262 38.43 46.25 29.79
N ASN B 263 38.75 45.26 28.97
CA ASN B 263 40.07 44.64 28.91
C ASN B 263 41.19 45.54 28.54
N TYR B 264 40.83 46.40 27.55
CA TYR B 264 41.73 47.36 26.97
C TYR B 264 42.25 48.28 28.06
N THR B 265 41.18 48.76 28.83
CA THR B 265 41.28 49.62 29.88
C THR B 265 42.11 49.02 31.00
N ALA B 266 41.92 47.71 31.25
CA ALA B 266 42.80 46.96 32.15
C ALA B 266 44.24 46.97 31.68
N PHE B 267 44.50 46.82 30.33
CA PHE B 267 45.84 46.85 29.82
C PHE B 267 46.57 48.08 30.04
N VAL B 268 45.98 49.29 29.80
CA VAL B 268 46.62 50.50 30.03
C VAL B 268 46.92 50.59 31.50
N ASN B 269 45.99 50.17 32.36
CA ASN B 269 46.15 50.22 33.74
C ASN B 269 47.29 49.41 34.18
N ASN B 270 47.53 48.19 33.60
CA ASN B 270 48.60 47.32 33.87
C ASN B 270 49.86 47.93 33.48
N LEU B 271 49.90 48.60 32.27
CA LEU B 271 51.05 49.28 31.72
C LEU B 271 51.46 50.42 32.59
N VAL B 272 50.52 51.25 33.13
CA VAL B 272 50.76 52.29 34.05
C VAL B 272 51.32 51.75 35.34
N SER B 273 50.72 50.61 35.79
CA SER B 273 51.10 49.99 37.01
C SER B 273 52.48 49.51 36.92
N SER B 274 52.86 48.99 35.75
CA SER B 274 54.21 48.56 35.46
C SER B 274 55.17 49.70 35.68
N GLY B 275 55.08 50.65 34.78
CA GLY B 275 55.68 51.97 34.97
C GLY B 275 57.16 51.88 34.74
N THR B 276 57.71 50.72 34.16
CA THR B 276 59.05 50.60 33.61
C THR B 276 59.11 51.39 32.36
N VAL B 277 60.15 52.26 32.22
CA VAL B 277 60.37 53.00 31.05
C VAL B 277 60.61 52.03 29.92
N VAL B 278 59.76 52.05 28.88
CA VAL B 278 59.85 51.22 27.76
C VAL B 278 59.80 52.03 26.55
N SER B 279 60.33 51.59 25.40
CA SER B 279 60.26 52.27 24.17
C SER B 279 58.84 52.22 23.67
N LEU B 280 58.44 53.10 22.75
CA LEU B 280 57.11 53.11 22.15
C LEU B 280 56.85 51.76 21.39
N LYS B 281 57.95 51.22 20.73
CA LYS B 281 58.04 49.98 19.97
C LYS B 281 57.71 48.77 20.83
N SER B 282 58.24 48.75 22.07
CA SER B 282 57.97 47.72 23.06
C SER B 282 56.54 47.74 23.50
N LEU B 283 55.94 48.96 23.68
CA LEU B 283 54.59 49.19 24.06
C LEU B 283 53.61 48.64 23.06
N TYR B 284 54.00 48.93 21.83
CA TYR B 284 53.29 48.60 20.60
C TYR B 284 53.22 47.14 20.43
N ARG B 285 54.28 46.35 20.68
CA ARG B 285 54.23 44.88 20.64
C ARG B 285 53.25 44.44 21.63
N GLU B 286 53.35 44.95 22.89
CA GLU B 286 52.51 44.43 23.96
C GLU B 286 51.02 44.70 23.84
N ILE B 287 50.69 45.84 23.25
CA ILE B 287 49.34 46.18 23.02
C ILE B 287 48.80 45.91 21.60
N TYR B 288 49.49 44.97 20.97
CA TYR B 288 49.32 44.67 19.58
C TYR B 288 48.01 44.03 19.16
N GLU B 289 47.67 43.01 20.02
CA GLU B 289 46.53 42.19 19.82
C GLU B 289 45.20 42.86 19.79
N ASN B 290 44.95 43.83 20.67
CA ASN B 290 43.58 44.55 20.70
C ASN B 290 43.42 45.37 19.47
N ILE B 291 44.51 45.85 18.81
CA ILE B 291 44.48 46.61 17.58
C ILE B 291 43.91 45.73 16.50
N ILE B 292 44.24 44.43 16.49
CA ILE B 292 43.69 43.44 15.59
C ILE B 292 42.27 43.15 15.87
N ARG B 293 41.89 42.91 17.18
CA ARG B 293 40.67 42.34 17.58
C ARG B 293 39.55 43.27 17.28
N LEU B 294 39.71 44.59 17.62
CA LEU B 294 38.88 45.68 17.31
C LEU B 294 38.70 45.92 15.87
N ARG B 295 39.83 45.82 15.03
CA ARG B 295 39.77 46.25 13.60
C ARG B 295 38.87 45.47 12.70
N ILE B 296 38.89 44.16 12.86
CA ILE B 296 38.03 43.27 12.17
C ILE B 296 36.60 43.54 12.54
N TYR B 297 36.37 43.63 13.87
CA TYR B 297 35.07 43.90 14.50
C TYR B 297 34.45 45.21 14.11
N CYS B 298 35.27 46.22 13.90
CA CYS B 298 34.73 47.52 13.53
C CYS B 298 34.01 47.43 12.23
N ARG B 299 34.55 46.63 11.35
CA ARG B 299 33.90 46.32 10.10
C ARG B 299 32.58 45.61 10.24
N PHE B 300 32.46 44.71 11.11
CA PHE B 300 31.25 43.97 11.48
C PHE B 300 30.21 45.01 11.96
N THR B 301 30.57 46.06 12.85
CA THR B 301 29.81 47.12 13.39
C THR B 301 29.25 48.00 12.35
N GLU B 302 30.06 48.26 11.30
CA GLU B 302 29.56 49.07 10.24
C GLU B 302 28.39 48.44 9.48
N HIS B 303 28.59 47.18 9.13
CA HIS B 303 27.64 46.45 8.35
C HIS B 303 26.34 46.24 9.09
N LEU B 304 26.50 46.15 10.43
CA LEU B 304 25.46 45.96 11.45
C LEU B 304 24.50 47.05 11.37
N GLU B 305 24.95 48.27 10.95
CA GLU B 305 24.14 49.44 10.94
C GLU B 305 22.88 49.16 10.08
N GLU B 306 23.10 48.51 8.90
CA GLU B 306 22.16 48.19 7.94
C GLU B 306 21.33 47.11 8.38
N LEU B 307 22.02 46.14 9.03
CA LEU B 307 21.36 44.94 9.31
C LEU B 307 20.71 44.93 10.60
N SER B 308 19.96 43.88 10.82
CA SER B 308 19.05 43.80 11.89
C SER B 308 18.78 42.36 12.01
N GLY B 309 18.13 41.93 13.14
CA GLY B 309 17.50 40.66 13.23
C GLY B 309 18.49 39.51 13.00
N ASP B 310 18.00 38.44 12.28
CA ASP B 310 18.60 37.16 11.97
C ASP B 310 19.79 37.15 11.13
N THR B 311 20.12 38.14 10.35
CA THR B 311 21.26 38.16 9.47
C THR B 311 22.61 38.13 10.20
N PHE B 312 22.54 38.60 11.48
CA PHE B 312 23.60 38.58 12.44
C PHE B 312 24.00 37.18 12.72
N LEU B 313 23.00 36.27 12.77
CA LEU B 313 23.22 34.94 13.08
C LEU B 313 24.20 34.28 12.11
N ILE B 314 24.05 34.61 10.80
CA ILE B 314 24.81 34.10 9.63
C ILE B 314 26.21 34.54 9.65
N GLU B 315 26.37 35.86 10.00
CA GLU B 315 27.59 36.66 10.06
C GLU B 315 28.46 35.98 11.11
N LEU B 316 27.92 35.66 12.29
CA LEU B 316 28.59 35.02 13.42
C LEU B 316 29.07 33.59 13.04
N ASN B 317 28.22 32.91 12.27
CA ASN B 317 28.57 31.59 11.85
C ASN B 317 29.83 31.69 10.94
N ILE B 318 29.94 32.64 9.97
CA ILE B 318 31.07 32.84 9.05
C ILE B 318 32.30 33.23 9.86
N PHE B 319 32.18 34.10 10.85
CA PHE B 319 33.29 34.57 11.59
C PHE B 319 34.04 33.50 12.34
N LYS B 320 33.24 32.53 12.86
CA LYS B 320 33.84 31.38 13.57
C LYS B 320 34.84 30.58 12.75
N SER B 321 34.54 30.44 11.45
CA SER B 321 35.35 29.84 10.43
C SER B 321 36.66 30.59 10.26
N HIS B 322 36.68 31.99 10.37
CA HIS B 322 37.86 32.77 10.16
C HIS B 322 39.00 32.31 10.94
N GLY B 323 40.22 32.20 10.31
CA GLY B 323 41.43 31.52 10.76
C GLY B 323 42.01 32.36 11.95
N ASP B 324 42.93 31.69 12.76
CA ASP B 324 43.55 32.25 13.95
C ASP B 324 42.62 31.98 15.09
N LEU B 325 43.14 31.28 16.16
CA LEU B 325 42.38 30.65 17.25
C LEU B 325 41.51 31.60 17.93
N THR B 326 42.01 32.77 18.26
CA THR B 326 41.40 33.77 19.02
C THR B 326 40.23 34.29 18.34
N ILE B 327 40.18 34.54 16.99
CA ILE B 327 39.08 35.21 16.36
C ILE B 327 37.92 34.23 16.44
N ARG B 328 38.32 33.05 16.17
CA ARG B 328 37.36 31.98 16.13
C ARG B 328 36.61 31.68 17.52
N LYS B 329 37.39 31.76 18.57
CA LYS B 329 36.98 31.68 19.96
C LYS B 329 36.11 32.77 20.35
N ILE B 330 36.44 34.04 19.93
CA ILE B 330 35.67 35.17 20.31
C ILE B 330 34.30 35.01 19.69
N ALA B 331 34.26 34.60 18.42
CA ALA B 331 33.06 34.52 17.61
C ALA B 331 32.14 33.56 18.24
N THR B 332 32.70 32.44 18.75
CA THR B 332 31.90 31.42 19.50
C THR B 332 31.29 32.05 20.71
N ASN B 333 32.00 32.87 21.46
CA ASN B 333 31.52 33.49 22.67
C ASN B 333 30.31 34.40 22.48
N LEU B 334 30.35 35.17 21.36
CA LEU B 334 29.29 36.07 20.96
C LEU B 334 28.04 35.36 20.62
N PHE B 335 28.30 34.22 19.94
CA PHE B 335 27.31 33.33 19.52
C PHE B 335 26.59 32.77 20.75
N ASN B 336 27.33 32.38 21.82
CA ASN B 336 26.81 31.78 22.97
C ASN B 336 25.80 32.66 23.65
N SER B 337 26.05 34.00 23.73
CA SER B 337 25.06 34.89 24.23
C SER B 337 23.88 34.90 23.32
N MET B 338 24.12 34.88 21.95
CA MET B 338 23.02 34.94 21.01
C MET B 338 22.05 33.75 21.10
N ILE B 339 22.61 32.58 21.23
CA ILE B 339 21.71 31.43 21.38
C ILE B 339 20.78 31.50 22.60
N SER B 340 21.31 32.13 23.74
CA SER B 340 20.55 32.28 24.97
C SER B 340 19.22 32.96 24.74
N LEU B 341 19.29 33.96 23.79
CA LEU B 341 18.11 34.70 23.37
C LEU B 341 17.15 33.90 22.61
N TYR B 342 17.64 33.01 21.80
CA TYR B 342 16.89 32.08 21.02
C TYR B 342 16.12 31.23 21.92
N TYR B 343 16.78 30.63 22.99
CA TYR B 343 16.21 29.73 23.94
C TYR B 343 15.06 30.43 24.65
N GLU B 344 15.21 31.72 24.98
CA GLU B 344 14.19 32.57 25.57
C GLU B 344 12.98 32.69 24.68
N TYR B 345 13.21 32.88 23.33
CA TYR B 345 12.08 32.96 22.46
C TYR B 345 11.33 31.63 22.40
N LEU B 346 12.12 30.48 22.34
CA LEU B 346 11.57 29.12 22.27
C LEU B 346 10.77 28.90 23.54
N MET B 347 11.30 29.31 24.68
CA MET B 347 10.65 29.11 25.99
C MET B 347 9.33 29.83 26.10
N ASN B 348 9.36 31.14 25.56
CA ASN B 348 8.23 32.05 25.68
C ASN B 348 7.07 31.47 24.91
N TRP B 349 7.39 30.96 23.72
CA TRP B 349 6.48 30.29 22.81
C TRP B 349 6.06 29.01 23.40
N LEU B 350 7.01 28.09 23.77
CA LEU B 350 6.65 26.78 24.10
C LEU B 350 5.81 26.75 25.35
N THR B 351 6.26 27.53 26.35
CA THR B 351 5.52 27.53 27.56
C THR B 351 4.32 28.47 27.62
N LYS B 352 4.37 29.67 26.96
CA LYS B 352 3.30 30.64 26.99
C LYS B 352 2.76 31.26 25.68
N GLY B 353 3.12 30.74 24.48
CA GLY B 353 2.62 31.21 23.19
C GLY B 353 3.01 32.67 22.97
N LEU B 354 4.09 33.20 23.61
CA LEU B 354 4.60 34.47 23.50
C LEU B 354 5.39 34.47 22.27
N LEU B 355 5.64 35.73 21.73
CA LEU B 355 6.49 35.85 20.64
C LEU B 355 7.20 37.07 21.00
N ARG B 356 8.38 37.28 20.33
CA ARG B 356 9.30 38.39 20.58
C ARG B 356 9.99 38.26 19.35
N ALA B 357 9.34 38.67 18.25
CA ALA B 357 9.89 38.79 16.85
C ALA B 357 9.92 40.32 16.67
N THR B 358 10.88 40.97 17.39
CA THR B 358 11.00 42.35 17.58
C THR B 358 11.74 42.96 16.40
N TYR B 359 12.51 42.24 15.56
CA TYR B 359 13.14 42.74 14.38
C TYR B 359 13.34 41.66 13.38
N GLY B 360 12.31 40.78 13.11
CA GLY B 360 12.37 39.70 12.26
C GLY B 360 13.23 38.61 12.88
N GLU B 361 13.56 38.76 14.19
CA GLU B 361 14.33 37.88 14.94
C GLU B 361 13.72 36.53 15.27
N PHE B 362 12.42 36.37 15.68
CA PHE B 362 11.82 35.10 15.88
C PHE B 362 11.25 34.84 14.58
N PHE B 363 10.86 33.54 14.35
CA PHE B 363 10.56 33.05 12.94
C PHE B 363 9.19 32.66 12.81
N ILE B 364 8.32 33.06 13.81
CA ILE B 364 6.94 32.97 13.79
C ILE B 364 6.38 34.32 13.49
N ALA B 365 5.45 34.56 12.53
CA ALA B 365 4.95 35.93 12.30
C ALA B 365 3.46 35.74 12.35
N GLU B 366 2.75 36.79 12.86
CA GLU B 366 1.35 36.95 13.01
C GLU B 366 0.73 37.39 11.80
N ASN B 367 -0.62 37.06 11.59
CA ASN B 367 -1.40 37.17 10.42
C ASN B 367 -0.87 36.10 9.46
N TYR B 379 -10.91 40.31 10.22
CA TYR B 379 -9.68 39.70 10.81
C TYR B 379 -9.89 39.08 12.20
N HIS B 380 -9.33 37.93 12.49
CA HIS B 380 -9.35 37.23 13.73
C HIS B 380 -7.92 36.88 14.05
N ILE B 381 -7.12 36.80 12.91
CA ILE B 381 -5.65 36.56 12.85
C ILE B 381 -5.35 35.18 13.37
N PRO B 382 -4.85 34.33 12.46
CA PRO B 382 -4.13 33.15 12.80
C PRO B 382 -2.69 33.70 12.67
N ILE B 383 -1.71 32.96 13.16
CA ILE B 383 -0.26 33.15 13.24
C ILE B 383 0.36 31.99 12.44
N GLU B 384 1.65 32.08 11.97
CA GLU B 384 2.24 31.11 11.07
C GLU B 384 3.75 31.17 11.22
N PHE B 385 4.45 30.08 10.66
CA PHE B 385 5.84 29.89 10.60
C PHE B 385 6.48 30.46 9.43
N ASN B 386 7.68 31.06 9.63
CA ASN B 386 8.49 31.63 8.56
C ASN B 386 9.52 30.67 8.38
N GLN B 387 9.26 29.78 7.45
CA GLN B 387 10.08 28.69 7.10
C GLN B 387 11.38 29.26 6.51
N GLU B 388 11.34 30.39 5.77
CA GLU B 388 12.44 31.01 5.07
C GLU B 388 13.51 31.40 6.05
N ARG B 389 13.10 31.91 7.27
CA ARG B 389 14.08 32.21 8.29
C ARG B 389 14.72 31.05 8.99
N VAL B 390 14.01 29.94 9.07
CA VAL B 390 14.48 28.91 9.97
C VAL B 390 15.72 28.19 9.49
N PRO B 391 16.62 27.76 10.45
CA PRO B 391 17.81 27.12 10.02
C PRO B 391 17.64 25.70 10.26
N ALA B 392 18.70 24.91 10.06
CA ALA B 392 18.76 23.50 10.39
C ALA B 392 19.81 23.42 11.44
N PHE B 393 20.08 24.52 12.22
CA PHE B 393 21.02 24.58 13.32
C PHE B 393 20.53 23.75 14.48
N ILE B 394 19.24 23.94 14.63
CA ILE B 394 18.37 23.11 15.33
C ILE B 394 17.52 22.76 14.22
N PRO B 395 17.34 21.48 13.94
CA PRO B 395 16.53 20.95 12.74
C PRO B 395 15.21 21.61 12.44
N LYS B 396 14.95 21.86 11.15
CA LYS B 396 13.81 22.58 10.64
C LYS B 396 12.46 21.98 10.97
N GLU B 397 12.43 20.59 10.92
CA GLU B 397 11.24 19.75 11.15
C GLU B 397 10.81 19.99 12.55
N LEU B 398 11.72 20.09 13.50
CA LEU B 398 11.54 20.31 14.88
C LEU B 398 10.93 21.63 15.12
N ALA B 399 11.38 22.72 14.37
CA ALA B 399 10.84 24.07 14.54
C ALA B 399 9.43 24.08 14.19
N TYR B 400 9.08 23.37 13.16
CA TYR B 400 7.74 23.20 12.72
C TYR B 400 6.89 22.51 13.74
N LYS B 401 7.34 21.44 14.40
CA LYS B 401 6.63 20.75 15.41
C LYS B 401 6.31 21.56 16.62
N ILE B 402 7.33 22.38 17.00
CA ILE B 402 7.32 23.32 18.07
C ILE B 402 6.27 24.42 17.78
N PHE B 403 6.24 24.83 16.48
CA PHE B 403 5.36 25.88 16.05
C PHE B 403 3.91 25.44 16.25
N MET B 404 3.63 24.12 15.82
CA MET B 404 2.26 23.61 15.89
C MET B 404 1.80 23.55 17.31
N ILE B 405 2.68 23.08 18.25
CA ILE B 405 2.40 23.00 19.66
C ILE B 405 2.19 24.29 20.38
N GLY B 406 2.97 25.37 20.12
CA GLY B 406 2.72 26.59 20.86
C GLY B 406 1.34 27.22 20.56
N LYS B 407 0.98 27.19 19.24
CA LYS B 407 -0.30 27.79 18.87
C LYS B 407 -1.48 27.07 19.48
N SER B 408 -1.39 25.71 19.47
CA SER B 408 -2.36 24.86 20.03
C SER B 408 -2.54 24.99 21.48
N TYR B 409 -1.48 25.15 22.27
CA TYR B 409 -1.67 25.37 23.69
C TYR B 409 -2.33 26.66 24.01
N ILE B 410 -2.01 27.78 23.36
CA ILE B 410 -2.71 28.97 23.83
C ILE B 410 -4.22 28.84 23.56
N PHE B 411 -4.60 28.27 22.43
CA PHE B 411 -6.00 28.10 22.08
C PHE B 411 -6.64 27.18 23.05
N LEU B 412 -5.93 26.14 23.55
CA LEU B 412 -6.42 25.22 24.43
C LEU B 412 -6.81 25.86 25.76
N GLU B 413 -5.95 26.87 26.24
CA GLU B 413 -6.36 27.74 27.24
C GLU B 413 -7.54 28.60 26.87
N LYS B 414 -7.66 29.16 25.64
CA LYS B 414 -8.92 29.96 25.31
C LYS B 414 -10.17 29.08 25.33
N TYR B 415 -9.98 27.77 24.98
CA TYR B 415 -11.06 26.73 25.02
C TYR B 415 -11.71 26.58 26.39
N CYS B 416 -10.74 26.46 27.34
CA CYS B 416 -10.85 26.41 28.79
C CYS B 416 -9.49 25.84 29.24
N LYS B 417 -8.94 26.38 30.31
CA LYS B 417 -7.69 26.13 31.03
C LYS B 417 -7.64 24.70 31.46
N GLU B 418 -6.44 24.13 31.34
CA GLU B 418 -6.04 22.79 31.72
C GLU B 418 -5.11 23.09 32.80
N VAL B 419 -4.86 22.22 33.73
CA VAL B 419 -4.00 22.48 34.93
C VAL B 419 -2.59 22.65 34.49
N GLN B 420 -1.85 23.47 35.15
CA GLN B 420 -0.52 23.81 34.71
C GLN B 420 0.42 23.00 35.46
N TRP B 421 0.91 21.95 34.80
CA TRP B 421 1.62 20.85 35.32
C TRP B 421 3.09 21.22 35.41
N THR B 422 3.89 20.15 35.35
CA THR B 422 5.31 20.13 35.29
C THR B 422 5.87 20.61 34.05
N ASN B 423 5.04 20.66 32.93
CA ASN B 423 5.48 21.12 31.67
C ASN B 423 6.11 22.50 31.62
N GLU B 424 5.59 23.50 32.38
CA GLU B 424 6.30 24.77 32.40
C GLU B 424 7.69 24.76 32.95
N PHE B 425 7.85 23.98 34.08
CA PHE B 425 9.12 23.78 34.74
C PHE B 425 10.04 23.06 33.89
N SER B 426 9.60 22.01 33.20
CA SER B 426 10.38 21.13 32.41
C SER B 426 10.99 21.94 31.24
N LYS B 427 10.17 22.88 30.60
CA LYS B 427 10.77 23.78 29.65
C LYS B 427 11.84 24.77 30.17
N LYS B 428 11.58 25.29 31.39
CA LYS B 428 12.39 26.28 32.06
C LYS B 428 13.76 25.75 32.39
N TYR B 429 13.76 24.49 32.89
CA TYR B 429 14.75 23.54 33.28
C TYR B 429 15.58 23.19 32.06
N HIS B 430 14.95 22.95 30.87
CA HIS B 430 15.52 22.64 29.61
C HIS B 430 16.39 23.81 29.04
N VAL B 431 15.88 25.10 29.25
CA VAL B 431 16.61 26.34 28.96
C VAL B 431 17.81 26.41 29.89
N LEU B 432 17.69 26.01 31.17
CA LEU B 432 18.75 25.88 32.17
C LEU B 432 19.77 24.83 31.80
N TYR B 433 19.34 23.64 31.26
CA TYR B 433 20.22 22.54 30.82
C TYR B 433 21.11 22.96 29.67
N GLN B 434 20.60 23.69 28.80
CA GLN B 434 21.41 24.22 27.77
C GLN B 434 22.40 25.19 28.34
N SER B 435 21.94 25.97 29.33
CA SER B 435 22.89 26.78 30.11
C SER B 435 23.94 25.97 30.89
N ASN B 436 23.61 24.70 31.28
CA ASN B 436 24.43 23.83 32.04
C ASN B 436 25.65 23.37 31.25
N SER B 437 25.41 23.21 29.97
CA SER B 437 26.31 22.84 28.97
C SER B 437 26.93 24.21 28.62
N TYR B 438 28.22 24.36 28.24
CA TYR B 438 28.76 25.69 28.00
C TYR B 438 28.13 26.37 26.85
N ARG B 439 27.77 25.64 25.82
CA ARG B 439 27.01 26.08 24.67
C ARG B 439 25.84 25.14 24.71
N GLY B 440 24.63 25.57 24.25
CA GLY B 440 23.56 24.68 24.30
C GLY B 440 23.62 23.61 23.21
N ILE B 441 23.21 22.36 23.55
CA ILE B 441 23.41 21.19 22.71
C ILE B 441 22.05 20.86 22.22
N SER B 442 21.96 21.08 20.89
CA SER B 442 20.78 21.09 20.06
C SER B 442 20.26 19.75 20.00
N THR B 443 21.10 18.61 19.87
CA THR B 443 20.67 17.26 19.88
C THR B 443 20.05 16.85 21.13
N ASN B 444 20.67 17.23 22.27
CA ASN B 444 20.13 16.84 23.53
C ASN B 444 18.78 17.56 23.71
N PHE B 445 18.71 18.83 23.27
CA PHE B 445 17.56 19.66 23.30
C PHE B 445 16.46 19.14 22.45
N PHE B 446 16.77 18.64 21.22
CA PHE B 446 15.73 18.01 20.37
C PHE B 446 15.17 16.82 21.03
N GLU B 447 16.05 16.00 21.66
CA GLU B 447 15.55 14.80 22.28
C GLU B 447 14.56 15.06 23.36
N ILE B 448 14.73 16.02 24.25
CA ILE B 448 13.82 16.47 25.28
C ILE B 448 12.64 17.09 24.70
N ILE B 449 12.78 17.93 23.65
CA ILE B 449 11.64 18.63 23.07
C ILE B 449 10.70 17.71 22.46
N ASN B 450 11.24 16.71 21.70
CA ASN B 450 10.43 15.67 21.14
C ASN B 450 9.75 14.80 22.13
N ASP B 451 10.47 14.48 23.31
CA ASP B 451 9.81 13.74 24.36
C ASP B 451 8.68 14.56 24.95
N GLN B 452 8.90 15.84 25.20
CA GLN B 452 7.86 16.60 25.84
C GLN B 452 6.67 16.72 24.91
N TYR B 453 7.00 16.91 23.58
CA TYR B 453 6.10 17.17 22.53
C TYR B 453 5.15 16.01 22.33
N SER B 454 5.69 14.75 22.23
CA SER B 454 4.81 13.63 22.03
C SER B 454 3.76 13.38 23.16
N GLU B 455 4.27 13.58 24.47
CA GLU B 455 3.40 13.48 25.62
C GLU B 455 2.34 14.52 25.55
N ILE B 456 2.65 15.83 25.26
CA ILE B 456 1.67 16.91 25.26
C ILE B 456 0.73 16.74 24.15
N VAL B 457 1.10 16.29 22.97
CA VAL B 457 0.17 16.04 21.90
C VAL B 457 -0.80 14.97 22.14
N ASN B 458 -0.31 13.82 22.71
CA ASN B 458 -1.21 12.75 22.97
C ASN B 458 -2.21 13.11 24.08
N HIS B 459 -1.79 13.77 25.14
CA HIS B 459 -2.68 14.26 26.21
C HIS B 459 -3.69 15.32 25.85
N THR B 460 -3.28 16.17 24.89
CA THR B 460 -4.06 17.26 24.25
C THR B 460 -5.09 16.59 23.42
N ASN B 461 -4.78 15.42 22.75
CA ASN B 461 -5.76 14.64 22.00
C ASN B 461 -6.79 14.04 23.00
N GLN B 462 -6.36 13.56 24.10
CA GLN B 462 -7.21 13.03 25.07
C GLN B 462 -8.19 14.09 25.64
N ILE B 463 -7.60 15.33 25.85
CA ILE B 463 -8.34 16.44 26.33
C ILE B 463 -9.47 16.79 25.27
N LEU B 464 -9.15 16.79 23.98
CA LEU B 464 -10.19 17.03 22.92
C LEU B 464 -11.21 15.88 22.77
N ASN B 465 -10.75 14.64 22.61
CA ASN B 465 -11.62 13.49 22.40
C ASN B 465 -12.43 13.15 23.66
N GLN B 466 -11.81 12.94 24.85
CA GLN B 466 -12.48 12.49 26.02
C GLN B 466 -13.26 13.64 26.52
N LYS B 467 -12.65 14.81 26.78
CA LYS B 467 -13.23 15.91 27.45
C LYS B 467 -14.11 16.72 26.60
N PHE B 468 -13.62 17.09 25.36
CA PHE B 468 -14.46 17.90 24.42
C PHE B 468 -15.47 17.01 23.73
N HIS B 469 -15.25 15.66 23.58
CA HIS B 469 -16.01 14.77 22.74
C HIS B 469 -15.89 15.05 21.27
N TYR B 470 -14.67 15.44 20.71
CA TYR B 470 -14.62 15.74 19.26
C TYR B 470 -14.96 14.52 18.41
N ARG B 471 -14.47 13.34 18.75
CA ARG B 471 -14.68 12.19 17.99
C ARG B 471 -16.14 11.90 17.83
N ASP B 472 -16.87 12.07 18.92
CA ASP B 472 -18.29 11.82 19.05
C ASP B 472 -19.02 12.75 18.18
N VAL B 473 -18.64 14.03 18.17
CA VAL B 473 -19.35 15.06 17.32
C VAL B 473 -19.12 14.78 15.86
N VAL B 474 -17.90 14.24 15.50
CA VAL B 474 -17.58 13.86 14.09
C VAL B 474 -18.54 12.77 13.54
N PHE B 475 -18.80 11.80 14.41
CA PHE B 475 -19.72 10.78 14.13
C PHE B 475 -21.16 11.26 13.86
N ALA B 476 -21.61 12.18 14.74
CA ALA B 476 -22.88 12.87 14.69
C ALA B 476 -23.01 13.69 13.43
N LEU B 477 -21.92 14.33 12.99
CA LEU B 477 -21.85 15.10 11.77
C LEU B 477 -22.08 14.13 10.65
N LYS B 478 -21.47 12.90 10.64
CA LYS B 478 -21.66 11.95 9.58
C LYS B 478 -23.14 11.55 9.58
N ASN B 479 -23.75 11.37 10.79
CA ASN B 479 -25.14 10.93 10.90
C ASN B 479 -26.03 11.95 10.28
N ILE B 480 -25.89 13.26 10.60
CA ILE B 480 -26.77 14.37 10.05
C ILE B 480 -26.34 14.82 8.65
N LEU B 481 -25.12 15.26 8.42
CA LEU B 481 -24.70 15.77 7.15
C LEU B 481 -24.67 14.74 6.06
N LEU B 482 -24.14 13.54 6.34
CA LEU B 482 -24.26 12.45 5.37
C LEU B 482 -25.45 11.52 5.59
N MET B 483 -26.38 11.89 6.47
CA MET B 483 -27.63 11.16 6.44
C MET B 483 -27.72 9.66 6.84
N GLY B 484 -26.85 9.32 7.72
CA GLY B 484 -26.87 7.98 8.26
C GLY B 484 -27.94 7.93 9.43
N LYS B 485 -28.79 9.04 9.59
CA LYS B 485 -29.87 9.02 10.58
C LYS B 485 -31.00 9.58 9.81
N SER B 486 -31.73 8.57 9.18
CA SER B 486 -32.75 8.74 8.21
C SER B 486 -33.96 9.47 8.80
N ASP B 487 -34.34 9.16 10.11
CA ASP B 487 -35.56 9.49 10.74
C ASP B 487 -35.71 11.04 10.79
N PHE B 488 -34.65 11.78 11.13
CA PHE B 488 -34.74 13.21 11.33
C PHE B 488 -35.16 13.93 10.13
N MET B 489 -34.55 13.60 8.97
CA MET B 489 -34.94 14.15 7.63
C MET B 489 -36.37 13.71 7.27
N ASP B 490 -36.66 12.48 7.57
CA ASP B 490 -37.91 11.89 7.17
C ASP B 490 -39.07 12.60 7.80
N ALA B 491 -39.01 12.92 9.11
CA ALA B 491 -39.94 13.76 9.73
C ALA B 491 -39.85 15.18 9.19
N LEU B 492 -38.61 15.79 8.91
CA LEU B 492 -38.48 17.13 8.58
C LEU B 492 -39.16 17.43 7.29
N ILE B 493 -38.97 16.56 6.30
CA ILE B 493 -39.59 16.70 5.01
C ILE B 493 -41.06 16.62 5.09
N GLU B 494 -41.59 15.66 5.89
CA GLU B 494 -43.03 15.47 5.95
C GLU B 494 -43.79 16.68 6.52
N LYS B 495 -43.31 17.24 7.69
CA LYS B 495 -43.89 18.44 8.35
C LYS B 495 -43.70 19.72 7.58
N ALA B 496 -42.48 19.85 7.08
CA ALA B 496 -42.11 21.01 6.32
C ALA B 496 -42.80 21.09 4.94
N ASN B 497 -43.12 19.88 4.34
CA ASN B 497 -43.34 19.79 2.91
C ASN B 497 -44.27 20.75 2.27
N ASP B 498 -45.42 20.97 2.98
CA ASP B 498 -46.52 21.83 2.68
C ASP B 498 -46.04 23.29 2.61
N ILE B 499 -45.15 23.70 3.58
CA ILE B 499 -44.67 25.03 3.72
C ILE B 499 -43.74 25.41 2.58
N LEU B 500 -42.88 24.46 2.09
CA LEU B 500 -41.90 24.64 1.06
C LEU B 500 -42.48 24.64 -0.29
N ALA B 501 -43.59 23.94 -0.49
CA ALA B 501 -44.21 23.73 -1.78
C ALA B 501 -44.55 25.07 -2.30
N THR B 502 -45.00 25.98 -1.42
CA THR B 502 -45.41 27.30 -1.76
C THR B 502 -44.24 28.14 -1.44
N PRO B 503 -44.09 29.36 -2.15
CA PRO B 503 -43.11 30.42 -1.94
C PRO B 503 -43.00 30.82 -0.43
N SER B 504 -41.71 30.61 0.15
CA SER B 504 -41.41 30.98 1.50
C SER B 504 -40.98 32.39 1.62
N ASP B 505 -41.58 33.08 2.59
CA ASP B 505 -41.34 34.41 3.02
C ASP B 505 -40.85 34.21 4.43
N SER B 506 -40.71 35.37 5.19
CA SER B 506 -40.15 35.57 6.53
C SER B 506 -40.86 34.82 7.51
N LEU B 507 -42.22 34.82 7.49
CA LEU B 507 -42.97 34.11 8.51
C LEU B 507 -42.82 32.54 8.39
N PRO B 508 -42.73 31.94 7.17
CA PRO B 508 -42.53 30.55 6.90
C PRO B 508 -41.28 30.06 7.58
N ASN B 509 -40.29 30.92 7.58
CA ASN B 509 -38.97 30.61 8.13
C ASN B 509 -39.08 30.25 9.61
N TYR B 510 -39.91 31.05 10.35
CA TYR B 510 -40.11 30.80 11.78
C TYR B 510 -40.87 29.50 11.92
N LYS B 511 -41.88 29.24 11.15
CA LYS B 511 -42.66 28.05 11.31
C LYS B 511 -41.80 26.81 10.95
N LEU B 512 -40.99 26.94 9.94
CA LEU B 512 -40.11 25.91 9.51
C LEU B 512 -39.09 25.57 10.52
N THR B 513 -38.59 26.56 11.23
CA THR B 513 -37.64 26.43 12.38
C THR B 513 -38.21 25.72 13.54
N ARG B 514 -39.48 25.95 13.90
CA ARG B 514 -40.12 25.19 14.95
C ARG B 514 -40.19 23.75 14.50
N VAL B 515 -40.54 23.61 13.23
CA VAL B 515 -40.67 22.32 12.55
C VAL B 515 -39.33 21.58 12.56
N LEU B 516 -38.20 22.26 12.44
CA LEU B 516 -36.82 21.75 12.58
C LEU B 516 -36.50 21.25 13.95
N GLN B 517 -36.90 22.01 15.00
CA GLN B 517 -36.75 21.50 16.37
C GLN B 517 -37.62 20.29 16.67
N GLU B 518 -38.89 20.32 16.22
CA GLU B 518 -39.78 19.22 16.51
C GLU B 518 -39.25 17.94 15.82
N ALA B 519 -38.65 18.04 14.59
CA ALA B 519 -38.10 16.91 13.96
C ALA B 519 -36.94 16.23 14.71
N VAL B 520 -36.03 17.00 15.30
CA VAL B 520 -34.89 16.51 16.09
C VAL B 520 -35.44 15.81 17.30
N GLN B 521 -36.54 16.31 17.95
CA GLN B 521 -37.15 15.67 19.09
C GLN B 521 -37.70 14.39 18.70
N LEU B 522 -38.42 14.38 17.53
CA LEU B 522 -39.14 13.25 17.06
C LEU B 522 -38.19 12.12 16.77
N SER B 523 -37.01 12.51 16.23
CA SER B 523 -36.00 11.65 15.81
C SER B 523 -35.29 10.99 16.94
N SER B 524 -35.68 11.48 18.16
CA SER B 524 -35.14 11.02 19.39
C SER B 524 -33.62 11.19 19.37
N LEU B 525 -33.10 12.39 19.01
CA LEU B 525 -31.71 12.70 19.06
C LEU B 525 -31.50 12.88 20.54
N ARG B 526 -30.39 12.32 21.04
CA ARG B 526 -30.06 12.34 22.43
C ARG B 526 -28.61 12.57 22.75
N HIS B 527 -28.33 13.09 24.00
CA HIS B 527 -27.01 13.52 24.41
C HIS B 527 -26.99 13.51 25.94
N LEU B 528 -28.00 12.87 26.52
CA LEU B 528 -28.25 12.70 27.90
C LEU B 528 -28.15 11.21 28.18
N MET B 529 -27.69 10.40 27.19
CA MET B 529 -27.59 8.99 27.29
C MET B 529 -26.21 8.68 27.42
N ASN B 530 -25.83 8.18 28.58
CA ASN B 530 -24.58 7.58 28.94
C ASN B 530 -23.45 8.57 28.97
N SER B 531 -23.83 9.87 29.14
CA SER B 531 -23.00 11.03 29.06
C SER B 531 -23.88 12.23 28.89
N PRO B 532 -23.95 13.12 29.87
CA PRO B 532 -24.86 14.26 29.68
C PRO B 532 -24.33 15.44 28.97
N ARG B 533 -25.25 16.23 28.35
CA ARG B 533 -25.16 17.59 27.78
C ARG B 533 -24.11 17.56 26.67
N ASN B 534 -24.00 16.46 25.86
CA ASN B 534 -22.92 16.38 24.82
C ASN B 534 -23.48 16.11 23.41
N SER B 535 -23.77 17.22 22.72
CA SER B 535 -24.15 17.17 21.31
C SER B 535 -23.73 18.55 20.84
N SER B 536 -23.95 18.82 19.52
CA SER B 536 -23.75 20.06 18.84
C SER B 536 -24.87 20.48 18.01
N VAL B 537 -25.75 19.51 17.72
CA VAL B 537 -26.85 19.58 16.82
C VAL B 537 -28.05 19.58 17.72
N ILE B 538 -28.05 18.71 18.77
CA ILE B 538 -29.10 18.74 19.78
C ILE B 538 -28.62 19.47 21.06
N ASN B 539 -27.79 20.39 20.79
CA ASN B 539 -27.21 21.42 21.69
C ASN B 539 -26.74 22.50 20.84
N GLY B 540 -27.32 22.76 19.64
CA GLY B 540 -26.79 23.83 18.84
C GLY B 540 -27.24 23.93 17.40
N LEU B 541 -28.52 23.63 17.03
CA LEU B 541 -28.98 23.81 15.65
C LEU B 541 -29.77 25.04 15.64
N ASP B 542 -29.56 25.87 14.59
CA ASP B 542 -30.32 27.08 14.31
C ASP B 542 -30.66 27.10 12.83
N ALA B 543 -31.76 27.79 12.45
CA ALA B 543 -32.16 27.82 11.08
C ALA B 543 -31.69 29.08 10.45
N ARG B 544 -31.25 28.94 9.20
CA ARG B 544 -30.59 29.95 8.31
C ARG B 544 -31.50 30.26 7.13
N VAL B 545 -31.35 31.47 6.58
CA VAL B 545 -32.05 31.88 5.38
C VAL B 545 -30.82 32.12 4.51
N LEU B 546 -30.97 31.49 3.30
CA LEU B 546 -29.88 31.33 2.32
C LEU B 546 -29.43 32.66 1.72
N ASP B 547 -30.38 33.52 1.35
CA ASP B 547 -30.13 34.79 0.56
C ASP B 547 -29.26 34.62 -0.62
N LEU B 548 -29.68 33.66 -1.50
CA LEU B 548 -29.19 33.42 -2.83
C LEU B 548 -30.29 32.59 -3.53
N GLY B 549 -31.25 32.23 -2.67
CA GLY B 549 -32.48 31.59 -3.10
C GLY B 549 -33.43 32.78 -3.29
N HIS B 550 -34.49 32.65 -4.17
CA HIS B 550 -35.36 33.70 -4.42
C HIS B 550 -36.67 33.03 -4.57
N GLY B 551 -37.62 33.75 -3.88
CA GLY B 551 -39.00 33.54 -3.69
C GLY B 551 -39.86 33.43 -4.95
N SER B 552 -40.06 32.15 -5.34
CA SER B 552 -40.77 31.71 -6.49
C SER B 552 -41.18 30.29 -6.07
N VAL B 553 -40.45 29.71 -5.09
CA VAL B 553 -40.91 28.43 -4.45
C VAL B 553 -40.00 28.46 -3.22
N GLY B 554 -40.49 27.81 -2.13
CA GLY B 554 -39.84 27.73 -0.80
C GLY B 554 -38.57 27.08 -0.64
N TRP B 555 -38.29 25.94 -1.33
CA TRP B 555 -37.23 25.04 -0.96
C TRP B 555 -35.86 25.58 -0.92
N ASP B 556 -35.56 26.33 -1.98
CA ASP B 556 -34.28 26.80 -2.34
C ASP B 556 -33.69 27.80 -1.33
N VAL B 557 -34.58 28.65 -0.68
CA VAL B 557 -34.33 29.60 0.33
C VAL B 557 -33.82 28.95 1.58
N PHE B 558 -34.24 27.74 1.91
CA PHE B 558 -33.98 27.11 3.25
C PHE B 558 -32.51 26.76 3.47
N THR B 559 -31.98 27.00 4.66
CA THR B 559 -30.70 26.51 5.08
C THR B 559 -30.76 26.27 6.58
N LEU B 560 -29.71 25.64 7.04
CA LEU B 560 -29.36 25.25 8.40
C LEU B 560 -28.08 25.87 8.84
N ASP B 561 -27.95 26.23 10.09
CA ASP B 561 -26.79 26.80 10.73
C ASP B 561 -26.37 26.08 12.03
N TYR B 562 -25.04 25.72 12.08
CA TYR B 562 -24.53 24.88 13.13
C TYR B 562 -23.61 25.78 13.91
N ILE B 563 -23.79 25.76 15.25
CA ILE B 563 -23.01 26.56 16.21
C ILE B 563 -21.55 26.47 15.95
N LEU B 564 -20.84 27.38 16.60
CA LEU B 564 -19.44 27.64 16.42
C LEU B 564 -18.61 26.37 16.64
N TYR B 565 -17.43 26.34 16.02
CA TYR B 565 -16.44 25.29 16.09
C TYR B 565 -15.40 26.19 16.61
N PRO B 566 -14.95 26.13 17.87
CA PRO B 566 -14.18 27.25 18.39
C PRO B 566 -12.82 27.52 17.74
N PRO B 567 -12.00 26.62 17.24
CA PRO B 567 -10.80 26.97 16.48
C PRO B 567 -11.01 27.65 15.16
N LEU B 568 -12.16 27.42 14.62
CA LEU B 568 -12.52 27.85 13.34
C LEU B 568 -13.25 29.17 13.40
N SER B 569 -13.07 29.88 14.53
CA SER B 569 -13.60 31.14 14.85
C SER B 569 -12.44 32.09 14.99
N LEU B 570 -11.19 31.59 14.90
CA LEU B 570 -9.93 32.30 14.96
C LEU B 570 -9.38 32.39 13.55
N VAL B 571 -9.89 31.52 12.66
CA VAL B 571 -9.65 31.49 11.27
C VAL B 571 -11.02 31.36 10.65
N LEU B 572 -11.22 31.45 9.35
CA LEU B 572 -12.51 31.32 8.75
C LEU B 572 -13.37 32.52 8.94
N ASN B 573 -12.75 33.73 8.87
CA ASN B 573 -13.37 35.00 9.15
C ASN B 573 -12.22 35.92 9.23
N VAL B 574 -10.97 35.56 8.67
CA VAL B 574 -9.82 36.45 8.59
C VAL B 574 -10.16 37.41 7.50
N ASN B 575 -10.80 36.95 6.40
CA ASN B 575 -11.29 37.81 5.33
C ASN B 575 -12.64 37.40 4.88
N ARG B 576 -12.84 36.10 4.92
CA ARG B 576 -13.99 35.29 4.38
C ARG B 576 -14.03 33.96 5.09
N PRO B 577 -15.16 33.21 5.09
CA PRO B 577 -15.25 31.84 5.67
C PRO B 577 -15.30 30.95 4.57
N PHE B 578 -14.21 30.80 3.82
CA PHE B 578 -14.25 29.93 2.67
C PHE B 578 -14.50 28.48 3.05
N GLY B 579 -13.81 27.93 4.02
CA GLY B 579 -13.95 26.52 4.44
C GLY B 579 -15.36 26.19 4.94
N ARG B 580 -15.96 27.08 5.70
CA ARG B 580 -17.40 26.83 6.18
C ARG B 580 -18.46 26.76 5.09
N LYS B 581 -18.25 27.70 4.07
CA LYS B 581 -19.02 27.70 2.85
C LYS B 581 -18.81 26.40 2.09
N GLU B 582 -17.54 25.92 1.98
CA GLU B 582 -17.25 24.76 1.18
C GLU B 582 -17.89 23.53 1.69
N TYR B 583 -17.85 23.26 2.98
CA TYR B 583 -18.55 22.21 3.66
C TYR B 583 -20.07 22.23 3.53
N LEU B 584 -20.64 23.53 3.56
CA LEU B 584 -22.00 23.77 3.22
C LEU B 584 -22.32 23.45 1.83
N ARG B 585 -21.41 23.68 0.86
CA ARG B 585 -21.72 23.44 -0.49
C ARG B 585 -21.98 22.03 -0.80
N ILE B 586 -21.11 21.09 -0.30
CA ILE B 586 -21.27 19.72 -0.46
C ILE B 586 -22.52 19.17 0.21
N PHE B 587 -22.82 19.66 1.44
CA PHE B 587 -24.06 19.31 2.16
C PHE B 587 -25.31 19.56 1.42
N ASN B 588 -25.36 20.77 0.74
CA ASN B 588 -26.50 21.32 0.01
C ASN B 588 -26.86 20.46 -1.12
N PHE B 589 -25.78 19.97 -1.83
CA PHE B 589 -26.01 19.23 -3.00
C PHE B 589 -26.67 17.96 -2.67
N LEU B 590 -26.14 17.34 -1.61
CA LEU B 590 -26.69 16.07 -1.10
C LEU B 590 -28.10 16.22 -0.59
N TRP B 591 -28.40 17.28 0.21
CA TRP B 591 -29.72 17.46 0.81
C TRP B 591 -30.81 17.63 -0.19
N ARG B 592 -30.53 18.39 -1.25
CA ARG B 592 -31.48 18.81 -2.29
C ARG B 592 -32.00 17.58 -2.93
N PHE B 593 -31.09 16.58 -3.19
CA PHE B 593 -31.38 15.26 -3.72
C PHE B 593 -32.26 14.52 -2.86
N LYS B 594 -32.00 14.51 -1.59
CA LYS B 594 -32.79 13.73 -0.54
C LYS B 594 -34.20 14.26 -0.51
N LYS B 595 -34.44 15.57 -0.64
CA LYS B 595 -35.76 16.11 -0.62
C LYS B 595 -36.56 15.68 -1.80
N ASN B 596 -35.99 15.70 -3.05
CA ASN B 596 -36.62 15.29 -4.24
C ASN B 596 -37.00 13.78 -4.23
N ASN B 597 -36.09 12.93 -3.70
CA ASN B 597 -36.23 11.54 -3.48
C ASN B 597 -37.36 11.27 -2.58
N TYR B 598 -37.53 12.06 -1.52
CA TYR B 598 -38.58 11.91 -0.60
C TYR B 598 -39.91 12.17 -1.31
N PHE B 599 -40.00 13.22 -2.19
CA PHE B 599 -41.15 13.62 -2.83
C PHE B 599 -41.65 12.53 -3.78
N TYR B 600 -40.72 11.85 -4.49
CA TYR B 600 -41.07 10.66 -5.32
C TYR B 600 -41.65 9.50 -4.49
N GLN B 601 -41.02 9.18 -3.32
CA GLN B 601 -41.48 8.06 -2.46
C GLN B 601 -42.85 8.35 -2.01
N LYS B 602 -43.10 9.64 -1.58
CA LYS B 602 -44.38 9.96 -1.03
C LYS B 602 -45.48 9.82 -2.06
N GLU B 603 -45.25 10.21 -3.28
CA GLU B 603 -46.28 10.04 -4.41
C GLU B 603 -46.60 8.58 -4.63
N MET B 604 -45.54 7.72 -4.68
CA MET B 604 -45.65 6.33 -4.99
C MET B 604 -46.39 5.56 -3.95
N LEU B 605 -46.00 5.91 -2.67
CA LEU B 605 -46.56 5.30 -1.48
C LEU B 605 -48.03 5.64 -1.46
N LYS B 606 -48.44 6.89 -1.88
CA LYS B 606 -49.83 7.34 -1.94
C LYS B 606 -50.67 6.52 -2.81
N SER B 607 -50.18 6.16 -3.98
CA SER B 607 -50.84 5.31 -4.91
C SER B 607 -50.84 3.91 -4.37
N ASN B 608 -51.90 3.17 -4.74
CA ASN B 608 -52.26 1.75 -4.36
C ASN B 608 -52.48 1.77 -2.86
N ASP B 609 -53.33 2.73 -2.43
CA ASP B 609 -53.96 2.82 -1.18
C ASP B 609 -55.33 3.36 -1.55
N ILE B 610 -55.31 4.61 -2.12
CA ILE B 610 -56.34 5.20 -2.82
C ILE B 610 -55.60 5.56 -4.02
N ILE B 611 -56.19 5.20 -5.21
CA ILE B 611 -55.60 5.19 -6.54
C ILE B 611 -55.68 6.61 -6.88
N ARG B 612 -54.54 7.28 -7.08
CA ARG B 612 -54.49 8.69 -7.42
C ARG B 612 -53.18 8.91 -8.37
N ILE B 628 -59.77 -2.65 -13.63
CA ILE B 628 -59.32 -2.74 -14.97
C ILE B 628 -57.80 -2.73 -15.04
N ASN B 629 -57.41 -2.86 -16.35
CA ASN B 629 -56.03 -3.00 -16.86
C ASN B 629 -55.19 -1.81 -16.65
N LYS B 630 -55.71 -0.63 -16.78
CA LYS B 630 -55.02 0.63 -16.67
C LYS B 630 -54.39 0.92 -15.34
N LEU B 631 -55.10 0.44 -14.21
CA LEU B 631 -54.61 0.60 -12.84
C LEU B 631 -53.23 -0.12 -12.54
N SER B 632 -53.11 -1.40 -13.08
CA SER B 632 -51.89 -2.17 -13.01
C SER B 632 -50.80 -1.48 -13.83
N ARG B 633 -51.18 -0.90 -14.98
CA ARG B 633 -50.20 -0.30 -15.82
C ARG B 633 -49.57 0.89 -15.08
N ILE B 634 -50.29 1.78 -14.32
CA ILE B 634 -49.77 2.92 -13.60
C ILE B 634 -48.79 2.54 -12.57
N SER B 635 -49.08 1.41 -11.82
CA SER B 635 -48.27 0.83 -10.75
C SER B 635 -46.95 0.40 -11.28
N ILE B 636 -46.90 -0.27 -12.47
CA ILE B 636 -45.63 -0.74 -13.02
C ILE B 636 -44.77 0.39 -13.40
N LEU B 637 -45.36 1.43 -14.12
CA LEU B 637 -44.51 2.55 -14.51
C LEU B 637 -43.82 3.42 -13.49
N ARG B 638 -44.66 3.77 -12.43
CA ARG B 638 -44.14 4.46 -11.26
C ARG B 638 -43.09 3.73 -10.47
N THR B 639 -43.38 2.35 -10.22
CA THR B 639 -42.52 1.47 -9.37
C THR B 639 -41.18 1.24 -10.03
N GLN B 640 -41.26 1.05 -11.41
CA GLN B 640 -40.01 0.89 -12.14
C GLN B 640 -39.18 2.08 -12.07
N PHE B 641 -39.82 3.28 -12.23
CA PHE B 641 -39.03 4.50 -12.25
C PHE B 641 -38.34 4.77 -10.88
N GLN B 642 -39.05 4.49 -9.79
CA GLN B 642 -38.63 4.59 -8.39
C GLN B 642 -37.54 3.59 -8.06
N GLN B 643 -37.50 2.35 -8.63
CA GLN B 643 -36.46 1.37 -8.57
C GLN B 643 -35.20 1.83 -9.22
N PHE B 644 -35.22 2.47 -10.42
CA PHE B 644 -34.01 3.04 -11.11
C PHE B 644 -33.36 4.20 -10.37
N ASN B 645 -34.19 5.21 -9.82
CA ASN B 645 -33.65 6.31 -8.99
C ASN B 645 -33.01 5.75 -7.70
N SER B 646 -33.72 4.73 -7.09
CA SER B 646 -33.22 4.19 -5.80
C SER B 646 -31.88 3.61 -5.94
N LYS B 647 -31.57 2.87 -7.09
CA LYS B 647 -30.35 2.21 -7.36
C LYS B 647 -29.27 3.22 -7.55
N MET B 648 -29.52 4.35 -8.26
CA MET B 648 -28.47 5.32 -8.39
C MET B 648 -28.01 5.93 -7.05
N GLU B 649 -28.97 6.30 -6.18
CA GLU B 649 -28.68 6.94 -4.92
C GLU B 649 -27.97 6.04 -3.93
N SER B 650 -28.35 4.78 -4.01
CA SER B 650 -27.77 3.68 -3.33
C SER B 650 -26.35 3.56 -3.71
N TYR B 651 -25.98 3.52 -5.04
CA TYR B 651 -24.62 3.24 -5.50
C TYR B 651 -23.81 4.42 -5.10
N TYR B 652 -24.29 5.67 -5.25
CA TYR B 652 -23.53 6.81 -4.79
C TYR B 652 -23.10 6.92 -3.37
N LEU B 653 -24.13 6.62 -2.47
CA LEU B 653 -23.83 6.68 -1.06
C LEU B 653 -22.89 5.58 -0.59
N ASN B 654 -23.32 4.36 -0.99
CA ASN B 654 -22.62 3.24 -0.39
C ASN B 654 -21.24 3.22 -0.97
N CYS B 655 -21.07 3.18 -2.31
CA CYS B 655 -19.82 2.99 -3.04
C CYS B 655 -18.90 4.20 -2.96
N ILE B 656 -19.35 5.46 -3.14
CA ILE B 656 -18.46 6.58 -2.90
C ILE B 656 -18.36 7.14 -1.54
N ILE B 657 -19.41 7.68 -0.95
CA ILE B 657 -19.26 8.46 0.25
C ILE B 657 -18.92 7.58 1.40
N GLU B 658 -19.64 6.52 1.62
CA GLU B 658 -19.61 5.72 2.84
C GLU B 658 -18.25 5.06 3.01
N GLU B 659 -17.72 4.53 1.92
CA GLU B 659 -16.43 3.89 1.81
C GLU B 659 -15.35 4.88 2.10
N ASN B 660 -15.47 6.10 1.51
CA ASN B 660 -14.47 7.14 1.72
C ASN B 660 -14.47 7.57 3.13
N PHE B 661 -15.62 7.78 3.84
CA PHE B 661 -15.68 8.15 5.25
C PHE B 661 -15.12 7.16 6.11
N LYS B 662 -15.36 5.89 5.84
CA LYS B 662 -14.83 4.79 6.63
C LYS B 662 -13.36 4.65 6.70
N GLU B 663 -12.73 4.77 5.55
CA GLU B 663 -11.30 4.74 5.37
C GLU B 663 -10.66 5.93 6.13
N MET B 664 -11.30 7.07 6.13
CA MET B 664 -10.80 8.22 6.93
C MET B 664 -10.77 7.94 8.38
N THR B 665 -11.82 7.32 8.90
CA THR B 665 -12.09 7.04 10.31
C THR B 665 -11.03 6.09 10.81
N ARG B 666 -10.73 5.10 9.98
CA ARG B 666 -9.71 4.11 10.23
C ARG B 666 -8.37 4.64 10.33
N LYS B 667 -7.97 5.54 9.44
CA LYS B 667 -6.62 6.11 9.47
C LYS B 667 -6.31 6.85 10.76
N LEU B 668 -7.40 7.63 11.18
CA LEU B 668 -7.37 8.37 12.42
C LEU B 668 -7.23 7.47 13.55
N GLN B 669 -7.99 6.37 13.46
CA GLN B 669 -8.08 5.35 14.55
C GLN B 669 -6.79 4.60 14.70
N ARG B 670 -6.15 4.26 13.53
CA ARG B 670 -4.99 3.31 13.35
C ARG B 670 -3.88 3.93 14.15
N THR B 671 -3.56 5.25 13.96
CA THR B 671 -2.49 5.82 14.76
C THR B 671 -2.85 5.74 16.29
N LEU B 719 -1.55 12.76 15.89
CA LEU B 719 -2.38 13.59 15.04
C LEU B 719 -2.78 14.85 15.75
N ASN B 720 -3.42 15.80 14.98
CA ASN B 720 -3.80 17.10 15.50
C ASN B 720 -5.11 17.29 14.78
N ILE B 721 -5.83 18.39 15.03
CA ILE B 721 -7.05 18.81 14.44
C ILE B 721 -6.90 19.05 12.96
N ASP B 722 -5.71 19.58 12.52
CA ASP B 722 -5.35 19.78 11.11
C ASP B 722 -5.35 18.50 10.28
N GLU B 723 -4.96 17.39 10.89
CA GLU B 723 -4.97 16.09 10.25
C GLU B 723 -6.35 15.59 9.88
N LEU B 724 -7.33 15.91 10.79
CA LEU B 724 -8.79 15.72 10.61
C LEU B 724 -9.28 16.58 9.53
N GLU B 725 -8.87 17.90 9.50
CA GLU B 725 -9.26 18.81 8.46
C GLU B 725 -8.81 18.43 7.05
N SER B 726 -7.54 17.95 6.97
CA SER B 726 -6.98 17.40 5.73
C SER B 726 -7.67 16.20 5.21
N VAL B 727 -7.88 15.14 6.05
CA VAL B 727 -8.53 13.97 5.56
C VAL B 727 -9.96 14.23 5.13
N HIS B 728 -10.75 15.04 5.85
CA HIS B 728 -12.10 15.41 5.49
C HIS B 728 -12.15 16.17 4.24
N ASN B 729 -11.16 17.11 4.01
CA ASN B 729 -10.96 17.98 2.92
C ASN B 729 -10.71 17.15 1.72
N THR B 730 -9.90 16.11 1.78
CA THR B 730 -9.54 15.16 0.68
C THR B 730 -10.85 14.40 0.26
N PHE B 731 -11.71 13.98 1.30
CA PHE B 731 -12.91 13.25 1.11
C PHE B 731 -13.89 13.96 0.26
N LEU B 732 -14.09 15.27 0.69
CA LEU B 732 -15.00 16.11 -0.08
C LEU B 732 -14.42 16.41 -1.43
N THR B 733 -13.10 16.65 -1.63
CA THR B 733 -12.62 16.84 -2.99
C THR B 733 -12.85 15.59 -3.92
N ASN B 734 -12.64 14.29 -3.54
CA ASN B 734 -12.83 13.13 -4.43
C ASN B 734 -14.28 13.09 -4.81
N ILE B 735 -15.16 13.38 -3.81
CA ILE B 735 -16.65 13.43 -3.93
C ILE B 735 -16.95 14.55 -5.01
N LEU B 736 -16.22 15.67 -5.00
CA LEU B 736 -16.32 16.77 -5.92
C LEU B 736 -15.96 16.42 -7.30
N SER B 737 -14.91 15.61 -7.54
CA SER B 737 -14.56 15.27 -8.93
C SER B 737 -15.69 14.46 -9.65
N HIS B 738 -16.27 13.49 -8.90
CA HIS B 738 -17.20 12.53 -9.37
C HIS B 738 -18.50 13.12 -9.86
N LYS B 739 -18.88 14.20 -9.04
CA LYS B 739 -19.99 15.20 -9.22
C LYS B 739 -19.83 16.03 -10.47
N LEU B 740 -18.67 16.59 -10.81
CA LEU B 740 -18.33 17.42 -11.89
C LEU B 740 -18.45 16.53 -13.16
N PHE B 741 -17.85 15.27 -13.12
CA PHE B 741 -17.95 14.49 -14.34
C PHE B 741 -19.41 13.98 -14.63
N ALA B 742 -19.97 13.16 -13.77
CA ALA B 742 -21.20 12.56 -13.93
C ALA B 742 -22.52 13.37 -13.67
N THR B 743 -22.62 13.88 -12.42
CA THR B 743 -23.79 14.29 -11.71
C THR B 743 -23.82 15.85 -11.92
N GLN B 756 -22.36 15.88 -15.91
CA GLN B 756 -23.48 16.73 -16.17
C GLN B 756 -24.74 15.99 -16.40
N PRO B 757 -24.85 14.78 -17.04
CA PRO B 757 -26.13 14.18 -17.40
C PRO B 757 -27.09 13.76 -16.30
N TYR B 758 -26.61 13.26 -15.13
CA TYR B 758 -27.64 12.64 -14.27
C TYR B 758 -28.68 13.64 -13.70
N PRO B 759 -28.45 14.81 -13.10
CA PRO B 759 -29.52 15.71 -12.75
C PRO B 759 -30.41 16.20 -13.89
N THR B 760 -29.86 16.29 -15.12
CA THR B 760 -30.58 16.80 -16.21
C THR B 760 -31.70 15.87 -16.52
N SER B 761 -31.45 14.54 -16.52
CA SER B 761 -32.57 13.68 -16.70
C SER B 761 -33.58 13.71 -15.58
N LEU B 762 -32.98 13.70 -14.32
CA LEU B 762 -33.85 13.53 -13.11
C LEU B 762 -34.83 14.60 -12.85
N VAL B 763 -34.39 15.85 -13.05
CA VAL B 763 -35.23 16.99 -12.80
C VAL B 763 -36.40 17.06 -13.66
N LEU B 764 -36.15 16.67 -14.96
CA LEU B 764 -37.24 16.71 -15.96
C LEU B 764 -38.30 15.69 -15.60
N LEU B 765 -37.83 14.56 -15.16
CA LEU B 765 -38.74 13.56 -14.72
C LEU B 765 -39.64 13.99 -13.56
N LEU B 766 -39.06 14.71 -12.57
CA LEU B 766 -39.78 14.94 -11.34
C LEU B 766 -41.08 15.75 -11.56
N ASN B 767 -40.97 16.76 -12.42
CA ASN B 767 -42.07 17.61 -12.78
C ASN B 767 -43.07 16.82 -13.52
N SER B 768 -42.55 15.88 -14.43
CA SER B 768 -43.38 14.99 -15.17
C SER B 768 -44.23 14.01 -14.34
N VAL B 769 -43.66 13.42 -13.25
CA VAL B 769 -44.38 12.62 -12.33
C VAL B 769 -45.52 13.38 -11.64
N TYR B 770 -45.23 14.67 -11.24
CA TYR B 770 -46.17 15.57 -10.58
C TYR B 770 -47.35 15.90 -11.45
N GLU B 771 -47.01 16.12 -12.73
CA GLU B 771 -48.08 16.39 -13.71
C GLU B 771 -48.99 15.24 -13.87
N PHE B 772 -48.41 14.04 -14.01
CA PHE B 772 -49.10 12.82 -14.24
C PHE B 772 -50.03 12.43 -13.14
N VAL B 773 -49.58 12.48 -11.91
CA VAL B 773 -50.39 12.17 -10.74
C VAL B 773 -51.60 13.10 -10.54
N LYS B 774 -51.48 14.39 -10.88
CA LYS B 774 -52.43 15.43 -10.69
C LYS B 774 -53.65 15.10 -11.46
N VAL B 775 -53.57 14.65 -12.77
CA VAL B 775 -54.72 14.26 -13.65
C VAL B 775 -55.39 13.06 -13.07
N TYR B 776 -54.56 12.07 -12.67
CA TYR B 776 -55.01 10.75 -12.19
C TYR B 776 -55.77 10.91 -10.95
N CYS B 777 -55.36 11.78 -10.03
CA CYS B 777 -55.97 11.96 -8.71
C CYS B 777 -57.48 12.43 -8.69
N ASN B 778 -57.83 13.30 -9.69
CA ASN B 778 -59.14 13.88 -9.74
C ASN B 778 -60.27 12.89 -9.75
N LEU B 779 -60.10 11.86 -10.65
CA LEU B 779 -61.04 10.74 -10.85
C LEU B 779 -62.52 11.09 -11.21
N ASN B 780 -63.29 10.04 -11.42
CA ASN B 780 -64.71 10.18 -11.65
C ASN B 780 -65.38 10.08 -10.28
N SER B 798 -66.20 14.07 -16.26
CA SER B 798 -66.67 12.72 -16.49
C SER B 798 -65.97 12.14 -17.68
N ASN B 799 -66.62 12.06 -18.81
CA ASN B 799 -66.29 11.34 -20.00
C ASN B 799 -64.96 11.93 -20.65
N GLY B 800 -64.91 13.30 -20.60
CA GLY B 800 -63.80 14.03 -21.12
C GLY B 800 -62.50 13.71 -20.35
N LEU B 801 -62.56 13.61 -19.06
CA LEU B 801 -61.47 13.32 -18.13
C LEU B 801 -61.00 11.93 -18.47
N LEU B 802 -61.90 10.94 -18.73
CA LEU B 802 -61.53 9.54 -19.05
C LEU B 802 -60.75 9.46 -20.34
N GLY B 803 -61.19 10.21 -21.36
CA GLY B 803 -60.60 10.27 -22.67
C GLY B 803 -59.23 10.85 -22.53
N LYS B 804 -59.07 11.89 -21.72
CA LYS B 804 -57.89 12.64 -21.47
C LYS B 804 -56.89 11.70 -20.82
N PHE B 805 -57.32 10.81 -19.89
CA PHE B 805 -56.59 9.83 -19.17
C PHE B 805 -56.03 8.80 -19.98
N ASN B 806 -56.76 8.26 -20.97
CA ASN B 806 -56.23 7.35 -21.88
C ASN B 806 -55.11 7.89 -22.73
N THR B 807 -55.26 9.15 -23.23
CA THR B 807 -54.29 9.79 -24.11
C THR B 807 -52.99 9.98 -23.36
N ASN B 808 -53.09 10.45 -22.06
CA ASN B 808 -52.03 10.74 -21.14
C ASN B 808 -51.30 9.47 -20.84
N LEU B 809 -52.07 8.28 -20.68
CA LEU B 809 -51.51 7.03 -20.36
C LEU B 809 -50.60 6.59 -21.46
N LYS B 810 -50.96 6.78 -22.75
CA LYS B 810 -50.15 6.38 -23.86
C LYS B 810 -48.82 7.20 -23.89
N GLU B 811 -48.96 8.54 -23.62
CA GLU B 811 -47.81 9.48 -23.72
C GLU B 811 -46.81 9.15 -22.71
N ILE B 812 -47.24 8.83 -21.45
CA ILE B 812 -46.26 8.51 -20.39
C ILE B 812 -45.51 7.27 -20.71
N VAL B 813 -46.23 6.20 -21.28
CA VAL B 813 -45.66 4.94 -21.56
C VAL B 813 -44.55 4.99 -22.60
N SER B 814 -44.81 5.81 -23.68
CA SER B 814 -43.88 6.03 -24.79
C SER B 814 -42.57 6.77 -24.32
N GLN B 815 -42.82 7.79 -23.42
CA GLN B 815 -41.76 8.59 -22.88
C GLN B 815 -40.85 7.83 -22.03
N TYR B 816 -41.37 6.92 -21.19
CA TYR B 816 -40.66 6.06 -20.30
C TYR B 816 -39.81 5.14 -21.17
N LYS B 817 -40.29 4.59 -22.34
CA LYS B 817 -39.58 3.68 -23.22
C LYS B 817 -38.35 4.45 -23.78
N ASN B 818 -38.37 5.73 -24.22
CA ASN B 818 -37.18 6.39 -24.78
C ASN B 818 -36.17 6.50 -23.66
N PHE B 819 -36.62 6.87 -22.46
CA PHE B 819 -35.78 7.17 -21.34
C PHE B 819 -35.06 5.90 -20.95
N LYS B 820 -35.84 4.78 -21.03
CA LYS B 820 -35.36 3.43 -20.64
C LYS B 820 -34.22 2.99 -21.58
N ASP B 821 -34.30 3.27 -22.91
CA ASP B 821 -33.25 2.94 -23.89
C ASP B 821 -31.96 3.74 -23.57
N ARG B 822 -32.11 5.07 -23.23
CA ARG B 822 -31.02 5.99 -22.91
C ARG B 822 -30.33 5.54 -21.69
N LEU B 823 -31.18 5.09 -20.73
CA LEU B 823 -30.84 4.56 -19.47
C LEU B 823 -30.07 3.29 -19.63
N TYR B 824 -30.35 2.41 -20.61
CA TYR B 824 -29.61 1.18 -20.86
C TYR B 824 -28.27 1.60 -21.25
N ILE B 825 -28.10 2.68 -22.10
CA ILE B 825 -26.71 3.05 -22.51
C ILE B 825 -25.90 3.49 -21.30
N PHE B 826 -26.61 4.24 -20.44
CA PHE B 826 -26.05 4.74 -19.21
C PHE B 826 -25.63 3.50 -18.33
N ARG B 827 -26.46 2.44 -18.31
CA ARG B 827 -26.24 1.19 -17.61
C ARG B 827 -25.04 0.40 -18.04
N ALA B 828 -24.74 0.32 -19.36
CA ALA B 828 -23.51 -0.28 -19.88
C ALA B 828 -22.39 0.50 -19.37
N ASP B 829 -22.52 1.82 -19.28
CA ASP B 829 -21.47 2.63 -18.73
C ASP B 829 -21.18 2.36 -17.32
N LEU B 830 -22.24 2.20 -16.53
CA LEU B 830 -22.18 2.02 -15.05
C LEU B 830 -21.49 0.69 -14.78
N LYS B 831 -21.69 -0.42 -15.58
CA LYS B 831 -21.16 -1.64 -15.20
C LYS B 831 -19.66 -1.85 -15.14
N ASN B 832 -18.86 -1.29 -16.17
CA ASN B 832 -17.39 -1.29 -15.92
C ASN B 832 -16.97 0.04 -15.28
N ASP B 833 -17.94 0.82 -14.82
CA ASP B 833 -17.81 2.20 -14.43
C ASP B 833 -17.43 3.06 -15.61
N GLY B 834 -17.21 4.34 -15.32
CA GLY B 834 -16.81 5.39 -16.28
C GLY B 834 -16.06 4.99 -17.51
N ASP B 835 -16.75 5.15 -18.70
CA ASP B 835 -16.19 4.85 -19.99
C ASP B 835 -16.88 5.65 -20.97
N GLU B 836 -16.99 5.11 -22.20
CA GLU B 836 -17.25 5.80 -23.39
C GLU B 836 -18.62 6.40 -23.44
N GLU B 837 -19.62 5.71 -23.00
CA GLU B 837 -20.98 6.12 -23.08
C GLU B 837 -21.15 7.43 -22.35
N LEU B 838 -20.50 7.56 -21.15
CA LEU B 838 -20.71 8.83 -20.44
C LEU B 838 -20.10 9.95 -21.16
N PHE B 839 -18.89 9.78 -21.78
CA PHE B 839 -18.25 10.79 -22.54
C PHE B 839 -19.03 11.21 -23.72
N LEU B 840 -19.66 10.32 -24.43
CA LEU B 840 -20.58 10.73 -25.52
C LEU B 840 -21.78 11.56 -25.13
N LEU B 841 -22.43 11.23 -24.06
CA LEU B 841 -23.44 12.05 -23.47
C LEU B 841 -22.93 13.39 -22.94
N SER B 842 -21.74 13.38 -22.35
CA SER B 842 -21.01 14.55 -21.88
C SER B 842 -20.70 15.46 -22.99
N LYS B 843 -20.41 14.87 -24.22
CA LYS B 843 -20.14 15.44 -25.48
C LYS B 843 -21.39 15.87 -26.00
N SER B 844 -21.44 17.15 -26.60
CA SER B 844 -22.62 17.81 -27.18
C SER B 844 -23.53 18.10 -26.01
N LEU B 845 -22.81 18.59 -24.92
CA LEU B 845 -23.43 18.98 -23.65
C LEU B 845 -22.21 19.56 -22.90
N ARG B 846 -21.21 20.16 -23.70
CA ARG B 846 -19.86 20.54 -23.22
C ARG B 846 -19.70 21.87 -22.57
N MET C 1 -4.01 -18.90 -5.49
CA MET C 1 -5.00 -17.99 -6.12
C MET C 1 -6.02 -18.78 -6.83
N GLY C 2 -5.97 -18.99 -8.18
CA GLY C 2 -7.01 -19.77 -8.93
C GLY C 2 -6.44 -21.17 -9.09
N GLY C 3 -7.00 -21.95 -10.03
CA GLY C 3 -6.54 -23.27 -10.42
C GLY C 3 -6.90 -24.34 -9.51
N GLU C 4 -8.18 -24.27 -9.02
CA GLU C 4 -8.61 -25.13 -8.00
C GLU C 4 -8.82 -26.43 -8.64
N ILE C 5 -8.61 -27.44 -7.75
CA ILE C 5 -8.71 -28.83 -8.05
C ILE C 5 -9.69 -29.43 -7.05
N ILE C 6 -10.64 -30.27 -7.60
CA ILE C 6 -11.61 -30.92 -6.78
C ILE C 6 -11.14 -32.35 -6.86
N THR C 7 -11.06 -33.02 -5.73
CA THR C 7 -10.52 -34.33 -5.54
C THR C 7 -11.76 -35.16 -5.25
N LEU C 8 -11.91 -36.34 -5.92
CA LEU C 8 -13.00 -37.24 -5.65
C LEU C 8 -12.55 -38.46 -5.16
N GLN C 9 -13.08 -38.97 -4.03
CA GLN C 9 -12.66 -40.24 -3.48
C GLN C 9 -13.87 -41.14 -3.60
N ALA C 10 -13.70 -42.35 -4.24
CA ALA C 10 -14.74 -43.28 -4.47
C ALA C 10 -14.26 -44.67 -4.01
N GLY C 11 -15.19 -45.42 -3.40
CA GLY C 11 -14.91 -46.77 -3.10
C GLY C 11 -14.23 -46.85 -1.75
N GLN C 12 -13.84 -48.08 -1.23
CA GLN C 12 -13.16 -48.23 0.02
C GLN C 12 -11.76 -47.59 -0.11
N CYS C 13 -11.05 -47.92 -1.22
CA CYS C 13 -9.73 -47.63 -1.50
C CYS C 13 -9.47 -46.20 -1.65
N GLY C 14 -10.30 -45.55 -2.45
CA GLY C 14 -10.23 -44.14 -2.81
C GLY C 14 -10.36 -43.28 -1.63
N ASN C 15 -11.32 -43.61 -0.72
CA ASN C 15 -11.51 -42.94 0.61
C ASN C 15 -10.38 -43.20 1.62
N HIS C 16 -9.80 -44.46 1.71
CA HIS C 16 -8.70 -44.76 2.72
C HIS C 16 -7.43 -44.02 2.39
N VAL C 17 -7.02 -44.08 1.09
CA VAL C 17 -5.94 -43.40 0.50
C VAL C 17 -6.08 -41.89 0.40
N GLY C 18 -7.33 -41.38 0.07
CA GLY C 18 -7.64 -40.02 0.05
C GLY C 18 -7.53 -39.36 1.39
N LYS C 19 -8.01 -40.07 2.42
CA LYS C 19 -7.90 -39.61 3.77
C LYS C 19 -6.50 -39.48 4.27
N PHE C 20 -5.64 -40.48 3.96
CA PHE C 20 -4.25 -40.48 4.50
C PHE C 20 -3.54 -39.31 3.89
N LEU C 21 -3.80 -38.96 2.56
CA LEU C 21 -3.13 -37.92 1.79
C LEU C 21 -3.34 -36.58 2.41
N TRP C 22 -4.65 -36.24 2.87
CA TRP C 22 -4.85 -34.96 3.48
C TRP C 22 -4.16 -34.88 4.79
N SER C 23 -4.19 -35.99 5.49
CA SER C 23 -3.58 -36.13 6.83
C SER C 23 -2.01 -35.86 6.73
N GLN C 24 -1.39 -36.39 5.67
CA GLN C 24 0.04 -36.27 5.34
C GLN C 24 0.52 -34.92 4.99
N LEU C 25 -0.31 -34.25 4.14
CA LEU C 25 -0.13 -32.96 3.66
C LEU C 25 -0.25 -31.98 4.79
N ALA C 26 -1.17 -32.24 5.74
CA ALA C 26 -1.30 -31.54 7.00
C ALA C 26 -0.10 -31.63 7.90
N LYS C 27 0.55 -32.89 8.01
CA LYS C 27 1.74 -33.06 8.85
C LYS C 27 2.85 -32.20 8.22
N GLU C 28 3.03 -32.22 6.87
CA GLU C 28 4.10 -31.61 6.11
C GLU C 28 4.07 -30.11 6.18
N HIS C 29 2.86 -29.47 6.21
CA HIS C 29 2.80 -28.05 6.04
C HIS C 29 2.60 -27.49 7.35
N ALA C 30 3.01 -28.21 8.41
CA ALA C 30 2.86 -27.73 9.77
C ALA C 30 1.43 -27.32 10.12
N ILE C 31 0.42 -28.22 9.87
CA ILE C 31 -0.98 -27.91 10.01
C ILE C 31 -1.52 -28.93 10.93
N GLY C 32 -2.44 -28.56 11.85
CA GLY C 32 -3.23 -29.35 12.78
C GLY C 32 -4.22 -30.23 12.09
N THR C 33 -5.07 -30.87 12.88
CA THR C 33 -5.93 -31.93 12.29
C THR C 33 -7.25 -31.28 11.84
N ASP C 34 -7.29 -29.96 11.77
CA ASP C 34 -8.47 -29.26 11.32
C ASP C 34 -8.23 -27.96 10.54
N GLY C 35 -6.92 -27.72 10.24
CA GLY C 35 -6.45 -26.57 9.55
C GLY C 35 -5.73 -25.62 10.38
N LEU C 36 -5.59 -25.93 11.69
CA LEU C 36 -4.81 -25.19 12.64
C LEU C 36 -3.40 -24.90 12.16
N SER C 37 -2.98 -23.64 12.45
CA SER C 37 -1.70 -23.19 11.98
C SER C 37 -0.74 -23.26 13.08
N GLN C 38 0.49 -23.78 12.81
CA GLN C 38 1.57 -23.87 13.75
C GLN C 38 2.69 -23.03 13.28
N LEU C 39 2.40 -22.33 12.22
CA LEU C 39 3.19 -21.26 11.72
C LEU C 39 2.62 -20.06 12.44
N PRO C 40 3.24 -19.28 13.38
CA PRO C 40 2.61 -18.30 14.21
C PRO C 40 2.68 -16.93 13.53
N ASP C 41 3.42 -16.93 12.34
CA ASP C 41 3.74 -15.70 11.62
C ASP C 41 2.59 -15.47 10.66
N SER C 42 2.42 -14.20 10.17
CA SER C 42 1.31 -13.79 9.33
C SER C 42 1.68 -12.66 8.43
N SER C 43 2.96 -12.53 8.14
CA SER C 43 3.48 -11.57 7.17
C SER C 43 4.33 -12.43 6.29
N THR C 44 4.32 -13.77 6.52
CA THR C 44 5.23 -14.70 5.74
C THR C 44 4.33 -15.84 5.50
N GLU C 45 4.62 -16.57 4.37
CA GLU C 45 3.92 -17.71 4.01
C GLU C 45 4.92 -18.46 3.17
N ARG C 46 4.50 -19.68 2.72
CA ARG C 46 5.33 -20.60 2.04
C ARG C 46 4.56 -21.63 1.29
N ASP C 47 3.23 -21.41 1.21
CA ASP C 47 2.22 -22.28 0.64
C ASP C 47 1.45 -21.58 -0.44
N ASP C 48 1.61 -22.15 -1.68
CA ASP C 48 0.92 -21.78 -2.93
C ASP C 48 -0.11 -22.84 -3.20
N ASP C 49 -0.17 -23.93 -2.32
CA ASP C 49 -1.14 -25.04 -2.33
C ASP C 49 -2.50 -24.54 -1.84
N THR C 50 -2.44 -23.50 -0.98
CA THR C 50 -3.59 -23.28 -0.14
C THR C 50 -4.89 -23.08 -0.90
N LYS C 51 -5.11 -22.08 -1.80
CA LYS C 51 -6.38 -21.90 -2.45
C LYS C 51 -6.67 -23.05 -3.33
N PRO C 52 -5.74 -23.58 -4.14
CA PRO C 52 -6.08 -24.72 -4.99
C PRO C 52 -6.52 -26.04 -4.42
N PHE C 53 -5.74 -26.59 -3.41
CA PHE C 53 -6.15 -27.85 -2.76
C PHE C 53 -7.12 -27.59 -1.68
N PHE C 54 -7.05 -26.45 -0.91
CA PHE C 54 -7.72 -26.16 0.38
C PHE C 54 -8.60 -24.91 0.24
N ARG C 55 -9.60 -24.73 1.14
CA ARG C 55 -10.51 -23.65 1.17
C ARG C 55 -10.49 -23.29 2.61
N GLU C 56 -10.80 -22.01 2.92
CA GLU C 56 -10.75 -21.42 4.19
C GLU C 56 -12.05 -21.18 4.85
N ASN C 57 -12.14 -21.61 6.15
CA ASN C 57 -13.22 -21.40 7.05
C ASN C 57 -13.33 -19.97 7.49
N CYS C 58 -12.33 -19.15 7.18
CA CYS C 58 -12.24 -17.74 7.44
C CYS C 58 -11.81 -17.52 8.85
N ARG C 59 -10.87 -18.42 9.41
CA ARG C 59 -10.30 -18.40 10.75
C ARG C 59 -8.93 -19.00 10.67
N ASN C 60 -8.36 -19.08 9.44
CA ASN C 60 -7.07 -19.63 9.09
C ASN C 60 -7.09 -21.10 9.40
N LYS C 61 -8.30 -21.68 9.12
CA LYS C 61 -8.53 -23.03 9.36
C LYS C 61 -8.96 -23.60 8.05
N PHE C 62 -7.98 -24.25 7.39
CA PHE C 62 -8.03 -24.76 5.98
C PHE C 62 -8.77 -26.05 5.99
N THR C 63 -9.52 -26.27 4.90
CA THR C 63 -10.26 -27.54 4.76
C THR C 63 -9.97 -27.99 3.35
N PRO C 64 -9.66 -29.32 3.13
CA PRO C 64 -9.47 -29.84 1.81
C PRO C 64 -10.71 -29.77 0.98
N ARG C 65 -10.50 -29.36 -0.31
CA ARG C 65 -11.58 -29.31 -1.34
C ARG C 65 -11.74 -30.68 -1.90
N ALA C 66 -12.57 -31.48 -1.21
CA ALA C 66 -12.63 -32.92 -1.38
C ALA C 66 -14.05 -33.29 -1.33
N ILE C 67 -14.47 -34.30 -2.10
CA ILE C 67 -15.69 -34.98 -2.21
C ILE C 67 -15.39 -36.39 -1.80
N MET C 68 -16.27 -36.90 -0.86
CA MET C 68 -16.31 -38.31 -0.54
C MET C 68 -17.56 -38.92 -0.99
N MET C 69 -17.42 -40.09 -1.75
CA MET C 69 -18.58 -40.78 -2.24
C MET C 69 -18.20 -42.24 -1.98
N ASP C 70 -19.16 -43.04 -1.52
CA ASP C 70 -19.00 -44.46 -1.45
C ASP C 70 -20.18 -44.90 -0.57
N SER C 71 -20.15 -46.07 0.12
CA SER C 71 -21.16 -46.49 1.08
C SER C 71 -20.76 -46.09 2.42
N GLU C 72 -21.48 -46.56 3.52
CA GLU C 72 -21.35 -46.15 4.87
C GLU C 72 -19.99 -46.47 5.55
N PRO C 73 -19.33 -47.65 5.48
CA PRO C 73 -18.17 -47.96 6.23
C PRO C 73 -17.09 -47.03 6.27
N SER C 74 -16.54 -46.62 5.09
CA SER C 74 -15.44 -45.74 5.04
C SER C 74 -15.72 -44.33 5.50
N VAL C 75 -16.89 -43.76 5.09
CA VAL C 75 -17.30 -42.42 5.39
C VAL C 75 -17.50 -42.15 6.87
N ILE C 76 -18.01 -43.22 7.59
CA ILE C 76 -18.22 -43.31 8.98
C ILE C 76 -16.93 -43.27 9.81
N ALA C 77 -15.93 -43.97 9.24
CA ALA C 77 -14.53 -43.99 9.75
C ALA C 77 -13.96 -42.59 9.70
N ASP C 78 -14.22 -41.81 8.62
CA ASP C 78 -13.91 -40.37 8.42
C ASP C 78 -14.61 -39.46 9.43
N VAL C 79 -15.89 -39.70 9.81
CA VAL C 79 -16.70 -39.05 10.81
C VAL C 79 -16.15 -39.24 12.21
N GLU C 80 -15.57 -40.43 12.48
CA GLU C 80 -15.13 -40.77 13.77
C GLU C 80 -13.93 -40.00 14.20
N ASN C 81 -13.12 -39.71 13.19
CA ASN C 81 -11.79 -39.20 13.20
C ASN C 81 -11.83 -37.74 13.59
N THR C 82 -10.68 -37.21 14.06
CA THR C 82 -10.60 -35.82 14.38
C THR C 82 -10.50 -34.88 13.23
N PHE C 83 -10.40 -35.51 12.06
CA PHE C 83 -10.17 -34.83 10.81
C PHE C 83 -11.45 -34.56 10.15
N ARG C 84 -12.56 -34.48 10.85
CA ARG C 84 -13.89 -34.03 10.41
C ARG C 84 -13.90 -32.67 9.97
N GLY C 85 -13.14 -31.72 10.67
CA GLY C 85 -13.10 -30.29 10.46
C GLY C 85 -12.20 -30.09 9.31
N PHE C 86 -11.46 -31.20 8.91
CA PHE C 86 -10.58 -31.27 7.82
C PHE C 86 -11.21 -32.15 6.72
N PHE C 87 -12.60 -32.04 6.61
CA PHE C 87 -13.41 -32.70 5.65
C PHE C 87 -14.64 -31.87 5.76
N ASP C 88 -15.72 -32.17 5.04
CA ASP C 88 -16.94 -31.47 5.23
C ASP C 88 -18.04 -32.46 5.09
N PRO C 89 -19.12 -32.61 5.98
CA PRO C 89 -20.19 -33.57 5.88
C PRO C 89 -21.09 -33.39 4.66
N ARG C 90 -21.25 -32.22 4.09
CA ARG C 90 -22.07 -32.09 2.89
C ARG C 90 -21.38 -32.77 1.70
N ASN C 91 -20.03 -32.75 1.66
CA ASN C 91 -19.16 -33.37 0.73
C ASN C 91 -19.22 -34.78 0.84
N THR C 92 -19.71 -35.37 2.04
CA THR C 92 -19.89 -36.79 2.29
C THR C 92 -21.36 -37.17 1.93
N TRP C 93 -21.35 -38.17 1.02
CA TRP C 93 -22.45 -38.67 0.34
C TRP C 93 -22.31 -40.12 0.48
N VAL C 94 -23.42 -40.79 0.87
CA VAL C 94 -23.37 -42.16 1.13
C VAL C 94 -24.51 -42.85 0.32
N ALA C 95 -24.14 -43.92 -0.40
CA ALA C 95 -25.04 -44.75 -1.13
C ALA C 95 -25.93 -45.45 -0.10
N SER C 96 -27.25 -45.18 -0.15
CA SER C 96 -28.30 -45.70 0.66
C SER C 96 -29.58 -45.63 -0.15
N ASP C 97 -29.41 -45.45 -1.52
CA ASP C 97 -30.44 -44.95 -2.43
C ASP C 97 -31.09 -46.00 -3.29
N GLY C 98 -30.71 -47.26 -3.02
CA GLY C 98 -31.43 -48.38 -3.62
C GLY C 98 -30.67 -49.63 -3.52
N ALA C 99 -30.32 -50.02 -2.25
CA ALA C 99 -29.56 -51.19 -1.90
C ALA C 99 -28.19 -51.32 -2.54
N SER C 100 -27.36 -50.19 -2.46
CA SER C 100 -25.88 -50.08 -2.70
C SER C 100 -25.51 -50.70 -4.11
N ALA C 101 -24.23 -50.98 -4.38
CA ALA C 101 -23.92 -51.67 -5.57
C ALA C 101 -23.83 -53.21 -5.25
N GLY C 102 -23.32 -53.54 -4.06
CA GLY C 102 -23.16 -54.92 -3.68
C GLY C 102 -22.10 -55.62 -4.50
N ASN C 103 -21.11 -54.86 -4.93
CA ASN C 103 -20.00 -55.22 -5.68
C ASN C 103 -20.48 -55.84 -7.04
N SER C 104 -21.22 -54.99 -7.82
CA SER C 104 -21.70 -55.33 -9.10
C SER C 104 -21.63 -54.10 -9.87
N TRP C 105 -20.95 -54.20 -11.03
CA TRP C 105 -20.67 -53.07 -11.90
C TRP C 105 -22.01 -52.55 -12.39
N ALA C 106 -22.93 -53.41 -12.81
CA ALA C 106 -24.18 -52.98 -13.35
C ALA C 106 -25.02 -52.22 -12.40
N ASN C 107 -25.08 -52.71 -11.19
CA ASN C 107 -25.87 -52.20 -10.09
C ASN C 107 -25.43 -50.83 -9.71
N GLY C 108 -24.09 -50.67 -9.69
CA GLY C 108 -23.39 -49.47 -9.38
C GLY C 108 -23.66 -48.49 -10.46
N TYR C 109 -23.64 -48.96 -11.77
CA TYR C 109 -23.80 -47.98 -12.83
C TYR C 109 -25.21 -47.48 -12.64
N ASP C 110 -26.17 -48.37 -12.42
CA ASP C 110 -27.65 -48.06 -12.40
C ASP C 110 -28.09 -47.09 -11.35
N ILE C 111 -27.50 -47.23 -10.12
CA ILE C 111 -27.76 -46.40 -9.00
C ILE C 111 -27.26 -44.98 -9.28
N GLY C 112 -26.14 -44.88 -9.99
CA GLY C 112 -25.58 -43.63 -10.36
C GLY C 112 -26.48 -42.80 -11.17
N THR C 113 -27.15 -43.49 -12.10
CA THR C 113 -28.12 -42.88 -12.93
C THR C 113 -29.31 -42.30 -12.16
N ARG C 114 -29.83 -42.95 -11.16
CA ARG C 114 -30.97 -42.48 -10.37
C ARG C 114 -30.63 -41.27 -9.54
N ASN C 115 -29.46 -41.25 -8.97
CA ASN C 115 -29.09 -40.12 -8.15
C ASN C 115 -28.13 -39.18 -8.88
N GLN C 116 -28.41 -39.00 -10.17
CA GLN C 116 -27.55 -38.24 -11.07
C GLN C 116 -27.51 -36.78 -10.65
N ASP C 117 -28.71 -36.28 -10.35
CA ASP C 117 -29.10 -34.94 -9.90
C ASP C 117 -28.56 -34.65 -8.59
N ASP C 118 -28.65 -35.64 -7.70
CA ASP C 118 -28.20 -35.54 -6.29
C ASP C 118 -26.72 -35.38 -6.15
N ILE C 119 -25.96 -36.14 -6.90
CA ILE C 119 -24.53 -36.21 -7.01
C ILE C 119 -24.08 -34.90 -7.63
N LEU C 120 -24.85 -34.49 -8.65
CA LEU C 120 -24.60 -33.34 -9.39
C LEU C 120 -24.71 -32.18 -8.55
N ASN C 121 -25.67 -32.18 -7.52
CA ASN C 121 -25.92 -31.11 -6.62
C ASN C 121 -24.69 -30.80 -5.76
N LYS C 122 -23.96 -31.89 -5.34
CA LYS C 122 -22.77 -31.78 -4.58
C LYS C 122 -21.65 -31.16 -5.35
N ILE C 123 -21.48 -31.67 -6.62
CA ILE C 123 -20.45 -31.23 -7.56
C ILE C 123 -20.71 -29.75 -7.94
N ASP C 124 -21.98 -29.41 -8.28
CA ASP C 124 -22.26 -28.09 -8.65
C ASP C 124 -22.06 -27.03 -7.53
N LYS C 125 -22.32 -27.38 -6.21
CA LYS C 125 -22.02 -26.36 -5.22
C LYS C 125 -20.56 -26.07 -5.18
N GLU C 126 -19.69 -27.09 -5.22
CA GLU C 126 -18.23 -27.05 -5.17
C GLU C 126 -17.76 -26.34 -6.44
N ILE C 127 -18.38 -26.62 -7.61
CA ILE C 127 -18.03 -26.04 -8.95
C ILE C 127 -18.35 -24.60 -8.74
N ASP C 128 -19.52 -24.20 -8.12
CA ASP C 128 -19.80 -22.76 -7.99
C ASP C 128 -18.78 -22.02 -7.04
N SER C 129 -18.37 -22.70 -6.02
CA SER C 129 -17.51 -22.27 -4.94
C SER C 129 -16.08 -22.01 -5.33
N THR C 130 -15.62 -22.55 -6.47
CA THR C 130 -14.33 -22.48 -7.01
C THR C 130 -13.97 -21.01 -7.25
N ASP C 131 -12.61 -20.76 -7.43
CA ASP C 131 -11.99 -19.47 -7.76
C ASP C 131 -11.55 -19.42 -9.19
N ASN C 132 -11.48 -20.57 -9.87
CA ASN C 132 -11.14 -20.81 -11.25
C ASN C 132 -10.91 -22.27 -11.35
N PHE C 133 -11.90 -23.04 -11.81
CA PHE C 133 -11.73 -24.44 -11.64
C PHE C 133 -10.85 -24.92 -12.80
N GLU C 134 -9.65 -25.50 -12.43
CA GLU C 134 -8.63 -26.16 -13.26
C GLU C 134 -9.10 -27.55 -13.66
N GLY C 135 -9.62 -28.28 -12.63
CA GLY C 135 -9.97 -29.66 -13.01
C GLY C 135 -10.16 -30.63 -11.94
N PHE C 136 -10.27 -31.95 -12.34
CA PHE C 136 -10.58 -33.00 -11.38
C PHE C 136 -9.45 -33.86 -11.29
N GLN C 137 -9.34 -34.44 -10.04
CA GLN C 137 -8.63 -35.63 -9.89
C GLN C 137 -9.52 -36.64 -9.27
N LEU C 138 -9.60 -37.85 -9.85
CA LEU C 138 -10.41 -38.89 -9.29
C LEU C 138 -9.42 -39.88 -8.79
N LEU C 139 -9.58 -40.31 -7.51
CA LEU C 139 -8.77 -41.31 -6.91
C LEU C 139 -9.76 -42.47 -6.70
N HIS C 140 -9.54 -43.71 -7.19
CA HIS C 140 -10.44 -44.81 -6.85
C HIS C 140 -9.89 -46.09 -7.31
N SER C 141 -10.61 -47.15 -6.96
CA SER C 141 -10.37 -48.52 -7.37
C SER C 141 -11.57 -49.03 -8.13
N VAL C 142 -11.29 -49.95 -9.08
CA VAL C 142 -12.24 -50.68 -9.90
C VAL C 142 -12.66 -51.84 -9.00
N ALA C 143 -11.87 -52.10 -7.88
CA ALA C 143 -12.12 -53.02 -6.83
C ALA C 143 -13.45 -52.76 -6.12
N GLY C 144 -13.83 -51.51 -5.89
CA GLY C 144 -15.12 -51.08 -5.35
C GLY C 144 -16.34 -51.38 -6.22
N GLY C 145 -17.53 -51.41 -5.55
CA GLY C 145 -18.82 -51.53 -6.22
C GLY C 145 -19.26 -50.16 -6.68
N THR C 146 -19.20 -49.29 -5.65
CA THR C 146 -19.58 -47.89 -5.75
C THR C 146 -18.50 -47.16 -6.55
N GLY C 147 -17.17 -47.34 -6.09
CA GLY C 147 -16.06 -46.58 -6.76
C GLY C 147 -15.99 -47.00 -8.26
N SER C 148 -16.12 -48.34 -8.63
CA SER C 148 -16.13 -48.70 -10.03
C SER C 148 -17.39 -48.21 -10.72
N GLY C 149 -18.67 -48.70 -10.33
CA GLY C 149 -19.89 -48.61 -11.10
C GLY C 149 -20.44 -47.23 -11.18
N LEU C 150 -20.60 -46.50 -10.01
CA LEU C 150 -21.02 -45.16 -9.93
C LEU C 150 -20.02 -44.30 -10.51
N GLY C 151 -18.71 -44.53 -10.32
CA GLY C 151 -17.57 -43.73 -10.81
C GLY C 151 -17.56 -43.70 -12.31
N SER C 152 -17.79 -44.89 -12.93
CA SER C 152 -17.81 -44.89 -14.40
C SER C 152 -18.92 -44.11 -15.08
N ASN C 153 -20.11 -44.15 -14.42
CA ASN C 153 -21.28 -43.45 -14.77
C ASN C 153 -21.05 -41.98 -14.63
N LEU C 154 -20.48 -41.47 -13.54
CA LEU C 154 -20.24 -40.04 -13.32
C LEU C 154 -19.25 -39.45 -14.36
N LEU C 155 -18.20 -40.34 -14.67
CA LEU C 155 -17.17 -39.92 -15.60
C LEU C 155 -17.73 -39.64 -16.89
N GLU C 156 -18.71 -40.51 -17.29
CA GLU C 156 -19.40 -40.34 -18.51
C GLU C 156 -20.22 -39.08 -18.48
N ALA C 157 -20.96 -38.70 -17.36
CA ALA C 157 -21.79 -37.41 -17.30
C ALA C 157 -20.96 -36.19 -17.39
N LEU C 158 -19.76 -36.19 -16.66
CA LEU C 158 -18.82 -35.09 -16.53
C LEU C 158 -18.27 -34.81 -17.90
N CYS C 159 -18.04 -35.86 -18.74
CA CYS C 159 -17.44 -35.84 -20.08
C CYS C 159 -18.27 -34.93 -20.96
N ASP C 160 -19.57 -35.18 -20.95
CA ASP C 160 -20.57 -34.39 -21.63
C ASP C 160 -20.85 -33.06 -21.10
N ARG C 161 -21.08 -32.95 -19.78
CA ARG C 161 -21.54 -31.71 -19.18
C ARG C 161 -20.48 -30.56 -19.28
N TYR C 162 -19.28 -30.78 -18.86
CA TYR C 162 -18.07 -29.93 -18.90
C TYR C 162 -17.10 -30.52 -19.86
N PRO C 163 -16.79 -29.86 -20.99
CA PRO C 163 -15.62 -30.22 -21.86
C PRO C 163 -14.66 -29.10 -21.76
N LYS C 164 -14.67 -28.33 -20.71
CA LYS C 164 -13.84 -27.10 -20.69
C LYS C 164 -12.74 -27.16 -19.65
N LYS C 165 -12.43 -28.38 -19.17
CA LYS C 165 -11.65 -28.68 -17.95
C LYS C 165 -10.99 -29.95 -18.09
N ILE C 166 -9.88 -30.11 -17.30
CA ILE C 166 -8.97 -31.30 -17.27
C ILE C 166 -9.57 -32.37 -16.36
N LEU C 167 -9.42 -33.68 -16.80
CA LEU C 167 -9.80 -34.85 -16.10
C LEU C 167 -8.48 -35.65 -15.99
N THR C 168 -8.11 -35.90 -14.66
CA THR C 168 -7.09 -36.89 -14.33
C THR C 168 -7.74 -37.86 -13.47
N THR C 169 -7.30 -39.13 -13.62
CA THR C 169 -7.70 -40.15 -12.69
C THR C 169 -6.44 -40.90 -12.27
N TYR C 170 -6.52 -41.46 -11.05
CA TYR C 170 -5.59 -42.38 -10.40
C TYR C 170 -6.54 -43.59 -10.38
N SER C 171 -6.35 -44.54 -11.28
CA SER C 171 -7.17 -45.72 -11.21
C SER C 171 -6.31 -46.93 -10.81
N VAL C 172 -6.78 -47.65 -9.77
CA VAL C 172 -6.07 -48.78 -9.30
C VAL C 172 -6.65 -50.09 -10.00
N PHE C 173 -5.86 -50.92 -10.71
CA PHE C 173 -6.10 -52.16 -11.42
C PHE C 173 -5.78 -53.36 -10.61
N PRO C 174 -6.37 -54.55 -10.71
CA PRO C 174 -6.03 -55.68 -9.84
C PRO C 174 -4.93 -56.41 -10.50
N ALA C 175 -4.67 -57.64 -9.97
CA ALA C 175 -3.74 -58.52 -10.61
C ALA C 175 -4.41 -59.32 -11.70
N ARG C 176 -3.71 -59.62 -12.85
CA ARG C 176 -4.27 -60.13 -14.08
C ARG C 176 -5.18 -61.38 -13.95
N SER C 177 -4.88 -62.23 -12.92
CA SER C 177 -5.65 -63.38 -12.55
C SER C 177 -5.52 -63.41 -11.06
N SER C 178 -6.64 -63.50 -10.25
CA SER C 178 -6.82 -63.59 -8.88
C SER C 178 -8.30 -63.13 -8.69
N GLU C 179 -8.82 -63.48 -7.48
CA GLU C 179 -10.13 -63.19 -7.03
C GLU C 179 -11.15 -63.91 -7.89
N VAL C 180 -12.43 -63.54 -7.71
CA VAL C 180 -13.56 -64.04 -8.49
C VAL C 180 -13.49 -63.79 -9.97
N VAL C 181 -13.72 -64.84 -10.85
CA VAL C 181 -13.46 -64.73 -12.29
C VAL C 181 -14.25 -63.67 -13.02
N VAL C 182 -15.32 -63.12 -12.32
CA VAL C 182 -16.12 -62.06 -12.87
C VAL C 182 -15.34 -60.72 -12.88
N GLN C 183 -14.10 -60.67 -12.31
CA GLN C 183 -13.15 -59.57 -12.21
C GLN C 183 -12.87 -58.85 -13.48
N SER C 184 -12.72 -59.70 -14.57
CA SER C 184 -12.54 -59.24 -15.93
C SER C 184 -13.61 -58.46 -16.63
N TYR C 185 -14.88 -58.83 -16.35
CA TYR C 185 -16.04 -58.12 -16.88
C TYR C 185 -16.06 -56.77 -16.28
N ASN C 186 -15.90 -56.78 -14.93
CA ASN C 186 -15.91 -55.52 -14.24
C ASN C 186 -14.83 -54.53 -14.68
N THR C 187 -13.59 -55.02 -14.85
CA THR C 187 -12.42 -54.27 -15.31
C THR C 187 -12.66 -53.78 -16.64
N ILE C 188 -13.15 -54.58 -17.61
CA ILE C 188 -13.34 -54.16 -18.99
C ILE C 188 -14.36 -53.10 -19.06
N LEU C 189 -15.56 -53.25 -18.39
CA LEU C 189 -16.73 -52.39 -18.38
C LEU C 189 -16.40 -50.97 -17.82
N ALA C 190 -15.57 -50.89 -16.77
CA ALA C 190 -15.00 -49.65 -16.29
C ALA C 190 -14.01 -49.06 -17.26
N LEU C 191 -13.12 -49.82 -17.95
CA LEU C 191 -12.08 -49.26 -18.83
C LEU C 191 -12.52 -48.42 -19.96
N ARG C 192 -13.72 -48.77 -20.48
CA ARG C 192 -14.40 -48.10 -21.62
C ARG C 192 -14.56 -46.60 -21.29
N ARG C 193 -15.12 -46.41 -20.10
CA ARG C 193 -15.39 -45.15 -19.54
C ARG C 193 -14.20 -44.36 -19.15
N LEU C 194 -13.18 -45.00 -18.61
CA LEU C 194 -11.95 -44.43 -18.23
C LEU C 194 -11.14 -43.87 -19.40
N ILE C 195 -11.20 -44.66 -20.55
CA ILE C 195 -10.41 -44.31 -21.77
C ILE C 195 -11.00 -43.07 -22.34
N GLU C 196 -12.33 -43.03 -22.52
CA GLU C 196 -12.96 -41.96 -23.26
C GLU C 196 -13.14 -40.67 -22.38
N ASP C 197 -13.64 -40.87 -21.15
CA ASP C 197 -14.16 -39.82 -20.30
C ASP C 197 -13.14 -39.05 -19.55
N SER C 198 -11.87 -39.57 -19.52
CA SER C 198 -10.75 -38.93 -18.86
C SER C 198 -9.66 -38.72 -19.90
N ASP C 199 -9.01 -37.51 -19.81
CA ASP C 199 -7.86 -37.17 -20.66
C ASP C 199 -6.53 -37.89 -20.26
N ALA C 200 -6.35 -38.24 -18.90
CA ALA C 200 -5.10 -38.89 -18.50
C ALA C 200 -5.51 -39.85 -17.37
N THR C 201 -4.91 -41.06 -17.36
CA THR C 201 -5.16 -42.05 -16.38
C THR C 201 -3.80 -42.49 -15.91
N VAL C 202 -3.57 -42.38 -14.59
CA VAL C 202 -2.30 -42.85 -13.94
C VAL C 202 -2.63 -44.22 -13.42
N VAL C 203 -2.00 -45.26 -14.03
CA VAL C 203 -2.37 -46.59 -13.86
C VAL C 203 -1.61 -47.11 -12.65
N PHE C 204 -2.40 -47.70 -11.73
CA PHE C 204 -1.81 -48.29 -10.54
C PHE C 204 -2.01 -49.74 -10.56
N ASP C 205 -0.91 -50.58 -10.78
CA ASP C 205 -1.07 -52.06 -10.86
C ASP C 205 -0.84 -52.65 -9.48
N ASN C 206 -1.93 -53.36 -8.96
CA ASN C 206 -1.88 -53.88 -7.61
C ASN C 206 -0.84 -54.94 -7.35
N ALA C 207 -0.50 -55.74 -8.35
CA ALA C 207 0.50 -56.73 -8.26
C ALA C 207 1.92 -56.31 -7.91
N SER C 208 2.36 -55.22 -8.60
CA SER C 208 3.68 -54.66 -8.29
C SER C 208 3.65 -53.97 -7.01
N LEU C 209 2.58 -53.25 -6.71
CA LEU C 209 2.28 -52.43 -5.53
C LEU C 209 2.24 -53.28 -4.29
N LEU C 210 1.66 -54.46 -4.40
CA LEU C 210 1.59 -55.45 -3.39
C LEU C 210 2.94 -56.01 -3.02
N ASN C 211 3.84 -56.31 -4.07
CA ASN C 211 5.20 -56.73 -3.89
C ASN C 211 6.02 -55.66 -3.18
N ILE C 212 5.74 -54.39 -3.50
CA ILE C 212 6.36 -53.25 -2.84
C ILE C 212 6.04 -53.23 -1.39
N SER C 213 4.80 -53.38 -1.01
CA SER C 213 4.34 -53.30 0.40
C SER C 213 4.93 -54.48 1.15
N GLY C 214 4.97 -55.69 0.63
CA GLY C 214 5.56 -56.87 1.25
C GLY C 214 7.09 -56.67 1.38
N LYS C 215 7.80 -56.28 0.22
CA LYS C 215 9.23 -56.15 0.24
C LYS C 215 9.78 -54.89 0.99
N VAL C 216 9.37 -53.68 0.64
CA VAL C 216 9.95 -52.39 1.22
C VAL C 216 9.39 -52.17 2.61
N PHE C 217 8.07 -52.31 2.81
CA PHE C 217 7.44 -51.96 4.06
C PHE C 217 7.74 -52.92 5.16
N ARG C 218 7.96 -54.23 4.80
CA ARG C 218 8.35 -55.30 5.72
C ARG C 218 7.23 -55.58 6.65
N ASN C 219 5.97 -55.72 6.04
CA ASN C 219 4.77 -56.02 6.81
C ASN C 219 4.67 -57.49 7.18
N PRO C 220 4.26 -57.88 8.43
CA PRO C 220 4.15 -59.23 8.91
C PRO C 220 2.98 -59.96 8.24
N ASN C 221 2.00 -59.13 7.79
CA ASN C 221 0.87 -59.67 7.02
C ASN C 221 0.65 -58.52 6.11
N ILE C 222 0.70 -58.83 4.76
CA ILE C 222 0.55 -57.87 3.76
C ILE C 222 -0.90 -57.66 3.53
N ASP C 223 -1.29 -56.39 3.15
CA ASP C 223 -2.69 -56.07 3.22
C ASP C 223 -2.83 -54.85 2.31
N LEU C 224 -4.10 -54.57 1.96
CA LEU C 224 -4.61 -53.45 1.12
C LEU C 224 -4.33 -52.22 1.85
N GLN C 225 -4.50 -52.14 3.20
CA GLN C 225 -4.34 -50.96 4.07
C GLN C 225 -2.94 -50.49 4.03
N HIS C 226 -2.03 -51.56 4.04
CA HIS C 226 -0.63 -51.39 3.98
C HIS C 226 -0.20 -50.76 2.72
N THR C 227 -0.69 -51.19 1.56
CA THR C 227 -0.37 -50.73 0.22
C THR C 227 -0.88 -49.33 0.10
N ASN C 228 -2.05 -48.99 0.76
CA ASN C 228 -2.68 -47.65 0.49
C ASN C 228 -1.75 -46.51 0.96
N GLN C 229 -0.89 -46.79 1.97
CA GLN C 229 0.14 -45.90 2.44
C GLN C 229 1.22 -45.61 1.35
N LEU C 230 1.62 -46.57 0.52
CA LEU C 230 2.49 -46.36 -0.63
C LEU C 230 1.81 -45.49 -1.66
N ILE C 231 0.50 -45.76 -1.97
CA ILE C 231 -0.17 -45.07 -3.02
C ILE C 231 -0.29 -43.56 -2.66
N SER C 232 -0.66 -43.32 -1.38
CA SER C 232 -0.88 -42.00 -0.81
C SER C 232 0.39 -41.19 -0.86
N THR C 233 1.54 -41.87 -0.55
CA THR C 233 2.86 -41.17 -0.55
C THR C 233 3.22 -40.72 -1.92
N ILE C 234 3.06 -41.58 -2.94
CA ILE C 234 3.48 -41.23 -4.29
C ILE C 234 2.61 -40.14 -4.91
N ILE C 235 1.26 -40.14 -4.80
CA ILE C 235 0.31 -39.08 -5.31
C ILE C 235 0.66 -37.80 -4.55
N SER C 236 0.90 -37.90 -3.23
CA SER C 236 1.10 -36.73 -2.38
C SER C 236 2.40 -36.01 -2.80
N SER C 237 3.44 -36.74 -3.13
CA SER C 237 4.69 -36.24 -3.51
C SER C 237 4.55 -35.50 -4.83
N VAL C 238 3.68 -35.86 -5.81
CA VAL C 238 3.65 -35.28 -7.15
C VAL C 238 3.32 -33.84 -7.19
N THR C 239 2.44 -33.38 -6.21
CA THR C 239 1.98 -31.98 -6.21
C THR C 239 3.01 -31.06 -5.60
N ASN C 240 4.09 -31.64 -4.95
CA ASN C 240 5.07 -30.84 -4.19
C ASN C 240 5.72 -29.68 -4.85
N SER C 241 6.15 -29.88 -6.11
CA SER C 241 6.83 -28.83 -6.82
C SER C 241 6.06 -27.57 -7.25
N ILE C 242 4.82 -27.89 -7.35
CA ILE C 242 3.80 -26.97 -7.70
C ILE C 242 3.50 -26.02 -6.59
N ARG C 243 3.39 -26.61 -5.39
CA ARG C 243 3.12 -25.81 -4.19
C ARG C 243 4.34 -25.13 -3.66
N PHE C 244 5.50 -25.61 -4.09
CA PHE C 244 6.78 -25.04 -3.67
C PHE C 244 7.03 -23.73 -4.33
N PRO C 245 7.73 -22.78 -3.69
CA PRO C 245 7.97 -21.52 -4.32
C PRO C 245 9.21 -21.77 -5.16
N SER C 246 9.60 -20.74 -5.98
CA SER C 246 10.78 -20.76 -6.90
C SER C 246 10.51 -21.61 -8.06
N TYR C 247 9.29 -21.63 -8.62
CA TYR C 247 8.92 -22.35 -9.77
C TYR C 247 7.77 -21.59 -10.47
N MET C 248 7.66 -21.90 -11.78
CA MET C 248 6.85 -21.23 -12.77
C MET C 248 6.51 -22.20 -13.84
N TYR C 249 7.32 -23.25 -14.09
CA TYR C 249 7.04 -24.19 -15.19
C TYR C 249 6.65 -25.50 -14.58
N SER C 250 6.46 -25.48 -13.19
CA SER C 250 6.14 -26.63 -12.42
C SER C 250 4.70 -27.09 -12.64
N SER C 251 3.90 -26.03 -13.09
CA SER C 251 2.43 -26.01 -13.49
C SER C 251 1.93 -27.34 -14.11
N MET C 252 0.66 -27.69 -13.89
CA MET C 252 -0.07 -28.84 -14.43
C MET C 252 -0.14 -28.73 -15.86
N SER C 253 -0.42 -27.49 -16.38
CA SER C 253 -0.76 -27.24 -17.77
C SER C 253 0.31 -27.57 -18.66
N SER C 254 1.48 -27.11 -18.33
CA SER C 254 2.56 -27.36 -19.29
C SER C 254 3.01 -28.85 -19.23
N ILE C 255 2.81 -29.49 -18.08
CA ILE C 255 3.11 -30.93 -17.90
C ILE C 255 2.19 -31.74 -18.71
N TYR C 256 0.89 -31.37 -18.74
CA TYR C 256 -0.13 -32.01 -19.51
C TYR C 256 0.15 -31.95 -21.03
N SER C 257 0.51 -30.71 -21.49
CA SER C 257 0.74 -30.46 -22.92
C SER C 257 1.87 -31.27 -23.51
N THR C 258 3.02 -31.37 -22.79
CA THR C 258 4.25 -31.96 -23.14
C THR C 258 4.13 -33.49 -23.21
N LEU C 259 3.47 -34.11 -22.22
CA LEU C 259 3.36 -35.53 -22.12
C LEU C 259 2.55 -36.24 -23.12
N ILE C 260 1.40 -35.67 -23.57
CA ILE C 260 0.49 -36.39 -24.46
C ILE C 260 0.31 -35.59 -25.70
N PRO C 261 0.60 -36.11 -26.90
CA PRO C 261 0.49 -35.24 -28.06
C PRO C 261 -0.89 -35.62 -28.62
N SER C 262 -1.31 -36.93 -28.60
CA SER C 262 -2.58 -37.35 -29.04
C SER C 262 -3.15 -37.86 -27.76
N PRO C 263 -4.48 -37.77 -27.51
CA PRO C 263 -5.02 -38.00 -26.23
C PRO C 263 -5.20 -39.45 -26.08
N GLU C 264 -5.07 -40.16 -27.18
CA GLU C 264 -5.25 -41.57 -27.29
C GLU C 264 -4.20 -42.30 -26.52
N LEU C 265 -2.94 -41.89 -26.63
CA LEU C 265 -1.93 -42.55 -25.85
C LEU C 265 -1.94 -41.60 -24.67
N HIS C 266 -2.50 -42.04 -23.52
CA HIS C 266 -2.63 -41.25 -22.33
C HIS C 266 -2.52 -42.03 -21.03
N PHE C 267 -2.00 -43.31 -21.21
CA PHE C 267 -1.82 -44.17 -20.05
C PHE C 267 -0.48 -43.84 -19.60
N LEU C 268 -0.43 -43.40 -18.32
CA LEU C 268 0.90 -43.06 -17.76
C LEU C 268 1.17 -44.10 -16.76
N SER C 269 2.52 -44.37 -16.59
CA SER C 269 2.83 -45.31 -15.54
C SER C 269 3.68 -44.50 -14.65
N PRO C 270 3.53 -44.59 -13.29
CA PRO C 270 4.52 -44.01 -12.41
C PRO C 270 5.52 -44.99 -11.87
N SER C 271 6.69 -44.36 -11.41
CA SER C 271 7.80 -44.90 -10.65
C SER C 271 8.26 -43.88 -9.66
N PHE C 272 8.83 -44.40 -8.58
CA PHE C 272 9.30 -43.71 -7.46
C PHE C 272 10.53 -44.54 -6.98
N THR C 273 11.54 -43.85 -6.40
CA THR C 273 12.71 -44.44 -5.84
C THR C 273 13.12 -43.54 -4.79
N PRO C 274 13.50 -43.87 -3.58
CA PRO C 274 13.42 -45.08 -2.81
C PRO C 274 12.16 -44.99 -1.97
N PHE C 275 12.09 -45.93 -1.02
CA PHE C 275 11.02 -46.02 0.02
C PHE C 275 11.71 -46.36 1.25
N THR C 276 12.61 -45.53 1.70
CA THR C 276 13.48 -45.79 2.87
C THR C 276 12.66 -45.90 4.13
N SER C 277 11.64 -44.96 4.26
CA SER C 277 10.81 -44.74 5.45
C SER C 277 9.72 -45.81 5.59
N ASP C 278 9.80 -46.47 6.78
CA ASP C 278 8.83 -47.44 7.29
C ASP C 278 8.67 -47.01 8.78
N TYR C 279 8.61 -48.08 9.73
CA TYR C 279 8.52 -47.76 11.17
C TYR C 279 9.83 -47.33 11.77
N ILE C 280 10.92 -47.79 11.12
CA ILE C 280 12.38 -47.55 11.26
C ILE C 280 13.06 -47.74 12.52
N HIS C 281 14.34 -48.27 12.35
CA HIS C 281 15.28 -48.67 13.39
C HIS C 281 16.58 -48.99 12.59
N ASP C 282 16.49 -48.86 11.25
CA ASP C 282 17.57 -48.93 10.35
C ASP C 282 17.10 -48.08 9.20
N ASP C 283 18.03 -47.37 8.53
CA ASP C 283 17.82 -46.61 7.36
C ASP C 283 18.58 -47.13 6.22
N ILE C 284 17.99 -47.03 4.96
CA ILE C 284 18.76 -47.30 3.79
C ILE C 284 19.54 -46.09 3.46
N ALA C 285 20.92 -46.30 3.39
CA ALA C 285 21.98 -45.35 3.00
C ALA C 285 21.61 -44.44 1.84
N HIS C 286 22.09 -43.12 1.95
CA HIS C 286 21.78 -42.06 1.02
C HIS C 286 22.20 -42.28 -0.39
N LYS C 287 21.17 -42.14 -1.31
CA LYS C 287 21.34 -42.35 -2.72
C LYS C 287 21.91 -41.14 -3.34
N CYS C 288 22.21 -41.22 -4.63
CA CYS C 288 22.74 -40.15 -5.49
C CYS C 288 21.80 -40.16 -6.66
N HIS C 289 21.98 -39.08 -7.60
CA HIS C 289 21.18 -39.00 -8.79
C HIS C 289 21.39 -40.19 -9.73
N SER C 290 22.63 -40.74 -9.86
CA SER C 290 22.86 -41.91 -10.67
C SER C 290 22.10 -43.19 -10.19
N SER C 291 22.12 -43.41 -8.80
CA SER C 291 21.47 -44.49 -8.02
C SER C 291 19.99 -44.37 -8.22
N TYR C 292 19.52 -43.13 -8.15
CA TYR C 292 18.17 -42.84 -8.35
C TYR C 292 17.65 -43.17 -9.75
N ASP C 293 18.41 -42.73 -10.82
CA ASP C 293 17.86 -42.97 -12.16
C ASP C 293 17.76 -44.43 -12.54
N VAL C 294 18.81 -45.28 -12.09
CA VAL C 294 18.85 -46.66 -12.41
C VAL C 294 17.76 -47.39 -11.83
N MET C 295 17.36 -47.08 -10.57
CA MET C 295 16.24 -47.81 -9.89
C MET C 295 14.86 -47.77 -10.39
N LEU C 296 14.43 -46.61 -10.99
CA LEU C 296 13.14 -46.44 -11.55
C LEU C 296 12.80 -47.40 -12.69
N ASP C 297 13.88 -47.77 -13.46
CA ASP C 297 13.81 -48.61 -14.61
C ASP C 297 13.56 -50.00 -14.15
N LEU C 298 14.01 -50.42 -12.90
CA LEU C 298 13.77 -51.74 -12.43
C LEU C 298 12.28 -51.80 -12.14
N LEU C 299 11.77 -53.04 -12.45
CA LEU C 299 10.31 -53.14 -12.53
C LEU C 299 9.73 -53.37 -11.20
N ASP C 300 10.36 -53.59 -10.06
CA ASP C 300 9.69 -53.75 -8.81
C ASP C 300 9.82 -52.45 -7.99
N PRO C 301 10.84 -51.53 -8.19
CA PRO C 301 10.77 -50.17 -7.59
C PRO C 301 9.83 -49.33 -8.38
N SER C 302 9.22 -49.81 -9.48
CA SER C 302 8.25 -49.08 -10.25
C SER C 302 6.95 -49.61 -9.72
N ASN C 303 5.91 -48.72 -9.70
CA ASN C 303 4.54 -48.97 -9.07
C ASN C 303 3.56 -49.57 -10.07
N SER C 304 4.15 -50.21 -11.14
CA SER C 304 3.40 -51.06 -12.07
C SER C 304 4.29 -52.07 -12.73
N LEU C 305 3.66 -53.25 -13.06
CA LEU C 305 4.37 -54.25 -13.77
C LEU C 305 3.66 -54.30 -15.05
N VAL C 306 4.38 -54.14 -16.22
CA VAL C 306 3.83 -53.98 -17.51
C VAL C 306 4.14 -55.12 -18.45
N SER C 307 4.90 -56.11 -17.87
CA SER C 307 5.40 -57.19 -18.72
C SER C 307 6.39 -56.74 -19.85
N THR C 308 7.49 -56.11 -19.46
CA THR C 308 8.59 -55.71 -20.35
C THR C 308 9.78 -56.34 -19.76
N ALA C 309 10.90 -56.42 -20.51
CA ALA C 309 12.12 -56.91 -20.16
C ALA C 309 12.78 -56.07 -19.10
N MET C 310 12.69 -54.75 -19.33
CA MET C 310 13.11 -53.65 -18.53
C MET C 310 12.69 -52.45 -19.41
N ASN C 311 13.02 -52.59 -20.74
CA ASN C 311 12.61 -51.67 -21.73
C ASN C 311 12.40 -52.63 -22.93
N ASN C 312 11.36 -52.50 -23.77
CA ASN C 312 11.15 -53.30 -24.95
C ASN C 312 11.42 -52.43 -26.10
N PRO C 313 11.62 -52.84 -27.32
CA PRO C 313 11.71 -52.00 -28.49
C PRO C 313 10.66 -51.00 -28.81
N THR C 314 9.42 -51.22 -28.27
CA THR C 314 8.28 -50.38 -28.62
C THR C 314 8.57 -49.02 -28.10
N TYR C 315 8.09 -47.99 -28.82
CA TYR C 315 8.47 -46.65 -28.55
C TYR C 315 7.76 -46.29 -27.19
N PHE C 316 8.52 -45.59 -26.33
CA PHE C 316 8.11 -44.96 -25.06
C PHE C 316 7.93 -43.59 -25.55
N ASN C 317 6.78 -43.00 -25.26
CA ASN C 317 6.43 -41.72 -25.91
C ASN C 317 7.11 -40.55 -25.31
N VAL C 318 7.17 -40.50 -23.97
CA VAL C 318 7.69 -39.35 -23.32
C VAL C 318 8.08 -39.93 -22.00
N TYR C 319 9.11 -39.35 -21.33
CA TYR C 319 9.55 -39.58 -19.98
C TYR C 319 9.77 -38.23 -19.33
N ASN C 320 9.43 -38.06 -18.06
CA ASN C 320 9.73 -36.83 -17.33
C ASN C 320 10.27 -37.35 -16.03
N THR C 321 11.39 -36.83 -15.66
CA THR C 321 12.01 -37.48 -14.54
C THR C 321 12.00 -36.25 -13.57
N ILE C 322 11.47 -36.51 -12.36
CA ILE C 322 11.34 -35.50 -11.30
C ILE C 322 12.36 -35.99 -10.36
N ILE C 323 13.39 -35.16 -10.19
CA ILE C 323 14.50 -35.49 -9.37
C ILE C 323 14.32 -34.58 -8.16
N GLY C 324 14.44 -35.09 -6.92
CA GLY C 324 14.42 -34.22 -5.80
C GLY C 324 15.71 -34.51 -5.12
N ASN C 325 16.49 -33.46 -4.88
CA ASN C 325 17.81 -33.62 -4.29
C ASN C 325 18.16 -32.23 -3.89
N VAL C 326 19.31 -31.99 -3.31
CA VAL C 326 19.95 -30.74 -2.99
C VAL C 326 21.36 -30.74 -3.62
N GLU C 327 21.65 -31.85 -4.46
CA GLU C 327 22.87 -31.96 -5.27
C GLU C 327 22.95 -30.88 -6.31
N PRO C 328 24.15 -30.39 -6.81
CA PRO C 328 24.20 -29.41 -7.84
C PRO C 328 23.80 -29.99 -9.12
N ARG C 329 23.15 -29.16 -9.94
CA ARG C 329 22.47 -29.47 -11.18
C ARG C 329 23.41 -30.03 -12.26
N GLN C 330 24.68 -29.53 -12.36
CA GLN C 330 25.61 -29.89 -13.38
C GLN C 330 25.95 -31.31 -13.32
N ILE C 331 26.13 -31.88 -12.14
CA ILE C 331 26.42 -33.27 -12.05
C ILE C 331 25.28 -34.11 -12.54
N SER C 332 24.00 -33.77 -12.19
CA SER C 332 22.85 -34.57 -12.64
C SER C 332 22.71 -34.50 -14.15
N ARG C 333 22.92 -33.33 -14.76
CA ARG C 333 22.87 -33.01 -16.16
C ARG C 333 23.99 -33.76 -16.88
N ALA C 334 25.20 -33.82 -16.32
CA ALA C 334 26.21 -34.61 -17.00
C ALA C 334 26.00 -36.09 -17.09
N MET C 335 25.50 -36.72 -16.00
CA MET C 335 25.19 -38.11 -16.12
C MET C 335 24.05 -38.43 -17.12
N THR C 336 23.04 -37.59 -17.06
CA THR C 336 21.88 -37.65 -17.90
C THR C 336 22.20 -37.45 -19.32
N LYS C 337 23.19 -36.54 -19.69
CA LYS C 337 23.64 -36.28 -20.98
C LYS C 337 24.24 -37.55 -21.54
N LEU C 338 24.99 -38.30 -20.73
CA LEU C 338 25.52 -39.54 -21.14
C LEU C 338 24.48 -40.59 -21.40
N GLN C 339 23.38 -40.69 -20.56
CA GLN C 339 22.34 -41.67 -20.71
C GLN C 339 21.64 -41.45 -21.95
N GLN C 340 21.41 -40.21 -22.33
CA GLN C 340 20.93 -39.88 -23.62
C GLN C 340 21.87 -40.16 -24.77
N ARG C 341 23.23 -39.86 -24.71
CA ARG C 341 24.14 -40.00 -25.82
C ARG C 341 24.19 -41.44 -26.18
N ILE C 342 24.20 -42.27 -25.15
CA ILE C 342 24.11 -43.73 -25.22
C ILE C 342 22.82 -44.28 -25.78
N LYS C 343 21.77 -43.55 -25.54
CA LYS C 343 20.46 -43.86 -26.03
C LYS C 343 19.84 -44.98 -25.34
N PHE C 344 19.94 -44.89 -23.97
CA PHE C 344 19.56 -45.80 -22.98
C PHE C 344 18.19 -46.39 -23.15
N PRO C 345 17.07 -45.75 -23.56
CA PRO C 345 15.82 -46.37 -23.88
C PRO C 345 15.71 -46.73 -25.33
N SER C 346 14.91 -47.83 -25.63
CA SER C 346 14.78 -48.34 -26.99
C SER C 346 13.64 -47.45 -27.57
N TRP C 347 13.97 -46.63 -28.61
CA TRP C 347 12.99 -45.73 -29.10
C TRP C 347 12.92 -45.92 -30.59
N SER C 348 11.73 -45.44 -31.13
CA SER C 348 11.28 -45.60 -32.49
C SER C 348 12.28 -45.12 -33.56
N SER C 349 12.08 -45.62 -34.81
CA SER C 349 12.55 -44.93 -35.96
C SER C 349 11.52 -43.97 -36.39
N SER C 350 12.05 -42.86 -36.94
CA SER C 350 11.37 -41.74 -37.49
C SER C 350 10.59 -41.06 -36.50
N ALA C 351 11.23 -40.70 -35.33
CA ALA C 351 10.78 -39.90 -34.26
C ALA C 351 11.87 -39.70 -33.27
N MET C 352 11.91 -38.51 -32.68
CA MET C 352 12.95 -38.06 -31.76
C MET C 352 12.29 -38.03 -30.41
N HIS C 353 12.87 -38.75 -29.47
CA HIS C 353 12.18 -38.89 -28.16
C HIS C 353 12.20 -37.63 -27.31
N VAL C 354 11.08 -37.39 -26.48
CA VAL C 354 10.94 -36.22 -25.61
C VAL C 354 11.30 -36.72 -24.30
N ASN C 355 12.31 -36.06 -23.75
CA ASN C 355 12.81 -36.47 -22.51
C ASN C 355 12.97 -35.21 -21.71
N ILE C 356 12.31 -35.21 -20.59
CA ILE C 356 12.31 -33.98 -19.80
C ILE C 356 12.86 -34.26 -18.40
N GLY C 357 13.41 -33.25 -17.73
CA GLY C 357 13.75 -33.47 -16.37
C GLY C 357 13.30 -32.26 -15.64
N ARG C 358 12.82 -32.47 -14.41
CA ARG C 358 12.32 -31.51 -13.41
C ARG C 358 13.12 -31.73 -12.17
N ARG C 359 13.40 -30.58 -11.51
CA ARG C 359 14.26 -30.49 -10.40
C ARG C 359 13.51 -29.96 -9.25
N SER C 360 13.65 -30.44 -8.00
CA SER C 360 12.84 -30.05 -6.89
C SER C 360 13.77 -30.07 -5.65
N PRO C 361 13.52 -29.33 -4.58
CA PRO C 361 14.24 -29.47 -3.41
C PRO C 361 13.45 -30.36 -2.47
N TYR C 362 13.81 -30.52 -1.15
CA TYR C 362 12.96 -31.22 -0.24
C TYR C 362 11.96 -30.29 0.38
N LEU C 363 11.23 -30.79 1.36
CA LEU C 363 10.18 -30.13 2.10
C LEU C 363 10.79 -29.06 3.01
N PRO C 364 9.99 -27.98 3.34
CA PRO C 364 10.33 -26.83 4.07
C PRO C 364 10.23 -27.17 5.55
N LEU C 365 9.86 -28.43 5.85
CA LEU C 365 9.79 -28.95 7.16
C LEU C 365 10.67 -30.12 6.92
N GLN C 366 11.82 -30.23 7.69
CA GLN C 366 12.73 -31.36 7.65
C GLN C 366 13.19 -31.71 9.08
N PRO C 367 12.76 -32.80 9.71
CA PRO C 367 13.19 -33.01 11.07
C PRO C 367 13.94 -34.35 11.19
N ASN C 368 14.39 -35.04 10.09
CA ASN C 368 14.97 -36.34 9.97
C ASN C 368 16.11 -36.25 9.03
N GLU C 369 16.64 -37.39 8.52
CA GLU C 369 17.75 -37.39 7.59
C GLU C 369 17.07 -37.25 6.26
N ASN C 370 17.86 -36.92 5.17
CA ASN C 370 17.24 -36.73 3.85
C ASN C 370 18.12 -37.19 2.81
N GLU C 371 17.56 -37.78 1.68
CA GLU C 371 18.33 -38.36 0.62
C GLU C 371 17.65 -38.15 -0.64
N VAL C 372 18.36 -38.33 -1.76
CA VAL C 372 17.88 -38.12 -3.09
C VAL C 372 16.80 -39.07 -3.28
N SER C 373 15.65 -38.62 -3.79
CA SER C 373 14.51 -39.39 -4.04
C SER C 373 14.00 -38.86 -5.34
N GLY C 374 13.08 -39.52 -6.04
CA GLY C 374 12.63 -38.96 -7.33
C GLY C 374 11.37 -39.69 -7.79
N MET C 375 10.64 -39.12 -8.74
CA MET C 375 9.51 -39.71 -9.34
C MET C 375 9.70 -39.69 -10.78
N MET C 376 9.14 -40.74 -11.45
CA MET C 376 9.10 -40.73 -12.92
C MET C 376 7.63 -40.75 -13.21
N LEU C 377 7.26 -39.95 -14.22
CA LEU C 377 5.98 -39.92 -14.82
C LEU C 377 6.29 -40.20 -16.31
N SER C 378 5.73 -41.26 -16.91
CA SER C 378 6.09 -41.73 -18.20
C SER C 378 4.86 -42.24 -18.95
N ASN C 379 4.96 -42.14 -20.29
CA ASN C 379 4.08 -42.78 -21.22
C ASN C 379 4.90 -43.86 -21.79
N MET C 380 4.49 -45.07 -21.60
CA MET C 380 5.12 -46.14 -22.28
C MET C 380 4.09 -46.98 -23.04
N SER C 381 4.46 -47.56 -24.19
CA SER C 381 3.60 -48.45 -24.95
C SER C 381 3.45 -49.78 -24.23
N THR C 382 4.29 -50.08 -23.31
CA THR C 382 4.22 -51.27 -22.57
C THR C 382 3.02 -51.59 -21.68
N VAL C 383 2.34 -50.47 -21.27
CA VAL C 383 1.12 -50.66 -20.45
C VAL C 383 0.09 -51.45 -21.02
N VAL C 384 0.00 -51.56 -22.38
CA VAL C 384 -1.02 -52.37 -23.05
C VAL C 384 -1.07 -53.80 -22.69
N ASN C 385 0.15 -54.41 -22.35
CA ASN C 385 0.16 -55.80 -22.08
C ASN C 385 -0.72 -56.22 -20.92
N VAL C 386 -0.81 -55.38 -19.91
CA VAL C 386 -1.64 -55.68 -18.69
C VAL C 386 -3.04 -55.76 -19.08
N PHE C 387 -3.50 -54.81 -20.00
CA PHE C 387 -4.82 -54.71 -20.61
C PHE C 387 -5.13 -55.85 -21.49
N GLU C 388 -4.14 -56.37 -22.28
CA GLU C 388 -4.32 -57.51 -23.18
C GLU C 388 -4.70 -58.73 -22.37
N ASN C 389 -4.05 -58.92 -21.15
CA ASN C 389 -4.23 -60.10 -20.32
C ASN C 389 -5.63 -60.19 -19.88
N ALA C 390 -6.15 -59.06 -19.45
CA ALA C 390 -7.60 -58.89 -19.09
C ALA C 390 -8.67 -59.08 -20.20
N CYS C 391 -8.38 -58.55 -21.47
CA CYS C 391 -9.27 -58.63 -22.61
C CYS C 391 -9.37 -60.10 -22.95
N ASN C 392 -8.23 -60.79 -22.86
CA ASN C 392 -8.10 -62.16 -23.14
C ASN C 392 -8.92 -62.92 -22.25
N THR C 393 -8.91 -62.66 -20.88
CA THR C 393 -9.61 -63.30 -19.80
C THR C 393 -11.07 -63.03 -19.99
N PHE C 394 -11.47 -61.82 -20.44
CA PHE C 394 -12.87 -61.54 -20.79
C PHE C 394 -13.33 -62.36 -21.97
N ASP C 395 -12.51 -62.56 -23.07
CA ASP C 395 -12.89 -63.33 -24.23
C ASP C 395 -13.10 -64.73 -23.79
N LYS C 396 -12.28 -65.36 -22.87
CA LYS C 396 -12.46 -66.72 -22.49
C LYS C 396 -13.80 -67.01 -21.82
N VAL C 397 -14.21 -66.09 -20.86
CA VAL C 397 -15.39 -66.21 -20.16
C VAL C 397 -16.60 -66.07 -21.07
N PHE C 398 -16.45 -65.16 -22.04
CA PHE C 398 -17.43 -64.91 -23.07
C PHE C 398 -17.66 -66.18 -23.97
N ALA C 399 -16.51 -66.83 -24.29
CA ALA C 399 -16.46 -68.04 -25.18
C ALA C 399 -17.34 -69.14 -24.53
N LYS C 400 -17.23 -69.34 -23.19
CA LYS C 400 -18.09 -70.29 -22.49
C LYS C 400 -19.53 -69.86 -22.44
N GLY C 401 -19.90 -68.53 -22.33
CA GLY C 401 -21.27 -68.08 -22.23
C GLY C 401 -21.85 -68.13 -20.83
N ALA C 402 -20.98 -68.40 -19.84
CA ALA C 402 -21.39 -68.74 -18.52
C ALA C 402 -20.78 -67.67 -17.63
N PHE C 403 -21.55 -67.38 -16.58
CA PHE C 403 -21.35 -66.35 -15.61
C PHE C 403 -21.66 -64.97 -16.15
N LEU C 404 -22.31 -64.91 -17.34
CA LEU C 404 -22.96 -63.77 -18.04
C LEU C 404 -24.33 -63.49 -17.36
N ASN C 405 -24.88 -64.51 -16.61
CA ASN C 405 -26.25 -64.52 -16.16
C ASN C 405 -26.67 -63.23 -15.50
N ASN C 406 -26.02 -62.74 -14.47
CA ASN C 406 -26.31 -61.60 -13.73
C ASN C 406 -26.13 -60.27 -14.54
N TYR C 407 -25.17 -60.20 -15.47
CA TYR C 407 -24.97 -59.01 -16.33
C TYR C 407 -26.14 -58.82 -17.20
N ASN C 408 -26.68 -59.94 -17.72
CA ASN C 408 -27.75 -59.93 -18.65
C ASN C 408 -28.99 -59.27 -18.08
N VAL C 409 -29.15 -59.48 -16.73
CA VAL C 409 -30.28 -58.99 -15.93
C VAL C 409 -30.32 -57.48 -15.94
N GLY C 410 -29.14 -56.82 -16.00
CA GLY C 410 -28.97 -55.38 -16.08
C GLY C 410 -29.54 -54.91 -17.43
N ASP C 411 -29.96 -53.61 -17.52
CA ASP C 411 -30.61 -53.12 -18.72
C ASP C 411 -29.80 -53.18 -19.99
N LEU C 412 -28.47 -52.92 -19.79
CA LEU C 412 -27.51 -52.84 -20.86
C LEU C 412 -27.41 -54.15 -21.66
N PHE C 413 -27.48 -55.37 -21.04
CA PHE C 413 -27.25 -56.64 -21.66
C PHE C 413 -28.56 -57.42 -21.67
N GLN C 414 -29.70 -56.69 -21.68
CA GLN C 414 -31.00 -57.16 -21.72
C GLN C 414 -31.24 -57.80 -23.08
N SER C 415 -30.69 -57.10 -24.09
CA SER C 415 -30.96 -57.57 -25.43
C SER C 415 -29.75 -57.41 -26.29
N MET C 416 -28.65 -56.83 -25.73
CA MET C 416 -27.46 -56.42 -26.48
C MET C 416 -26.28 -56.97 -25.81
N GLN C 417 -25.10 -56.89 -26.51
CA GLN C 417 -23.85 -57.42 -25.97
C GLN C 417 -22.72 -56.59 -26.59
N ASN C 418 -23.10 -55.35 -27.06
CA ASN C 418 -22.37 -54.45 -27.83
C ASN C 418 -21.25 -53.92 -27.07
N VAL C 419 -21.38 -53.61 -25.69
CA VAL C 419 -20.38 -52.89 -24.86
C VAL C 419 -19.05 -53.58 -24.81
N GLN C 420 -19.09 -54.94 -24.73
CA GLN C 420 -17.87 -55.73 -24.71
C GLN C 420 -17.15 -55.70 -26.03
N ASP C 421 -17.99 -55.76 -27.13
CA ASP C 421 -17.47 -55.86 -28.45
C ASP C 421 -16.69 -54.66 -28.83
N GLU C 422 -17.26 -53.48 -28.38
CA GLU C 422 -16.83 -52.13 -28.50
C GLU C 422 -15.51 -51.98 -27.78
N PHE C 423 -15.42 -52.50 -26.53
CA PHE C 423 -14.13 -52.47 -25.82
C PHE C 423 -13.08 -53.35 -26.31
N ALA C 424 -13.43 -54.57 -26.85
CA ALA C 424 -12.54 -55.53 -27.43
C ALA C 424 -11.78 -54.90 -28.63
N GLU C 425 -12.55 -54.07 -29.46
CA GLU C 425 -12.02 -53.30 -30.53
C GLU C 425 -11.10 -52.18 -30.12
N SER C 426 -11.50 -51.36 -29.10
CA SER C 426 -10.76 -50.25 -28.53
C SER C 426 -9.54 -50.67 -27.92
N ARG C 427 -9.46 -51.80 -27.26
CA ARG C 427 -8.19 -52.23 -26.83
C ARG C 427 -7.22 -52.61 -27.96
N GLU C 428 -7.81 -53.23 -29.03
CA GLU C 428 -7.04 -53.58 -30.20
C GLU C 428 -6.48 -52.43 -30.96
N VAL C 429 -7.26 -51.36 -31.17
CA VAL C 429 -6.74 -50.22 -31.83
C VAL C 429 -5.64 -49.50 -31.03
N VAL C 430 -5.74 -49.45 -29.67
CA VAL C 430 -4.77 -48.80 -28.86
C VAL C 430 -3.44 -49.40 -29.02
N GLN C 431 -3.42 -50.80 -29.00
CA GLN C 431 -2.17 -51.51 -29.18
C GLN C 431 -1.59 -51.19 -30.55
N SER C 432 -2.43 -51.19 -31.61
CA SER C 432 -2.05 -50.91 -32.93
C SER C 432 -1.50 -49.46 -33.11
N LEU C 433 -2.02 -48.44 -32.52
CA LEU C 433 -1.61 -47.06 -32.54
C LEU C 433 -0.26 -46.80 -31.93
N MET C 434 0.12 -47.47 -30.85
CA MET C 434 1.43 -47.35 -30.23
C MET C 434 2.46 -47.85 -31.21
N GLU C 435 2.10 -48.97 -31.96
CA GLU C 435 2.87 -49.68 -32.96
C GLU C 435 3.12 -48.83 -34.12
N ASP C 436 2.10 -48.01 -34.53
CA ASP C 436 2.34 -47.19 -35.69
C ASP C 436 3.42 -46.14 -35.50
N TYR C 437 3.58 -45.57 -34.26
CA TYR C 437 4.66 -44.67 -33.97
C TYR C 437 6.05 -45.35 -34.06
N VAL C 438 6.16 -46.68 -33.80
CA VAL C 438 7.34 -47.40 -34.04
C VAL C 438 7.67 -47.45 -35.52
N ALA C 439 6.63 -47.49 -36.35
CA ALA C 439 6.70 -47.64 -37.79
C ALA C 439 6.82 -46.34 -38.43
N ALA C 440 7.23 -46.33 -39.70
CA ALA C 440 7.41 -45.30 -40.59
C ALA C 440 6.06 -44.68 -40.92
N GLU C 441 4.95 -45.42 -40.94
CA GLU C 441 3.65 -44.98 -41.42
C GLU C 441 3.08 -43.73 -40.66
N GLN C 442 3.56 -43.36 -39.44
CA GLN C 442 3.05 -42.19 -38.75
C GLN C 442 3.03 -40.93 -39.50
N ASP C 443 4.17 -40.70 -40.27
CA ASP C 443 4.38 -39.83 -41.34
C ASP C 443 3.17 -39.66 -42.25
N SER C 444 2.78 -38.46 -42.65
CA SER C 444 1.56 -38.20 -43.40
C SER C 444 1.84 -37.49 -44.71
N TYR C 445 2.95 -36.67 -44.70
CA TYR C 445 3.56 -36.10 -45.80
C TYR C 445 5.05 -36.36 -45.67
N MET D 1 -38.93 9.63 14.09
CA MET D 1 -39.28 8.24 14.36
C MET D 1 -40.83 7.90 14.41
N GLY D 2 -41.11 6.59 14.60
CA GLY D 2 -42.51 6.13 14.63
C GLY D 2 -42.45 5.01 13.71
N GLY D 3 -43.58 4.75 12.93
CA GLY D 3 -43.75 3.69 12.03
C GLY D 3 -44.15 2.45 12.84
N GLU D 4 -45.16 2.50 13.70
CA GLU D 4 -45.50 1.36 14.55
C GLU D 4 -46.24 0.24 13.90
N ILE D 5 -46.04 -0.99 14.46
CA ILE D 5 -46.56 -2.18 13.88
C ILE D 5 -47.40 -2.90 14.95
N ILE D 6 -48.58 -3.40 14.58
CA ILE D 6 -49.39 -4.19 15.52
C ILE D 6 -49.34 -5.51 14.95
N THR D 7 -49.04 -6.46 15.85
CA THR D 7 -48.82 -7.86 15.50
C THR D 7 -50.09 -8.52 16.00
N LEU D 8 -50.67 -9.40 15.13
CA LEU D 8 -51.84 -10.11 15.39
C LEU D 8 -51.21 -11.48 15.43
N GLN D 9 -51.43 -12.25 16.52
CA GLN D 9 -51.08 -13.57 16.66
C GLN D 9 -52.37 -14.38 16.82
N ALA D 10 -52.52 -15.41 15.94
CA ALA D 10 -53.76 -16.22 15.90
C ALA D 10 -53.33 -17.65 15.89
N GLY D 11 -54.12 -18.54 16.61
CA GLY D 11 -53.89 -19.95 16.53
C GLY D 11 -52.81 -20.29 17.43
N GLN D 12 -52.44 -21.60 17.56
CA GLN D 12 -51.39 -22.17 18.36
C GLN D 12 -50.15 -21.63 17.73
N CYS D 13 -49.98 -21.74 16.36
CA CYS D 13 -48.76 -21.46 15.67
C CYS D 13 -48.36 -20.00 15.78
N GLY D 14 -49.32 -19.09 15.51
CA GLY D 14 -49.06 -17.70 15.60
C GLY D 14 -48.62 -17.28 17.00
N ASN D 15 -49.31 -17.78 18.07
CA ASN D 15 -49.11 -17.40 19.45
C ASN D 15 -47.76 -17.81 19.99
N HIS D 16 -47.34 -19.01 19.59
CA HIS D 16 -46.05 -19.63 19.97
C HIS D 16 -44.94 -18.82 19.40
N VAL D 17 -45.10 -18.51 18.11
CA VAL D 17 -44.04 -17.74 17.39
C VAL D 17 -43.85 -16.33 17.83
N GLY D 18 -45.03 -15.68 18.12
CA GLY D 18 -45.03 -14.37 18.68
C GLY D 18 -44.35 -14.37 20.02
N LYS D 19 -44.60 -15.35 20.91
CA LYS D 19 -44.05 -15.30 22.21
C LYS D 19 -42.55 -15.38 22.30
N PHE D 20 -41.98 -16.27 21.46
CA PHE D 20 -40.53 -16.42 21.36
C PHE D 20 -39.96 -15.18 20.77
N LEU D 21 -40.67 -14.49 19.83
CA LEU D 21 -40.22 -13.30 19.14
C LEU D 21 -39.99 -12.19 20.14
N TRP D 22 -40.85 -12.01 21.10
CA TRP D 22 -40.69 -11.02 22.09
C TRP D 22 -39.54 -11.31 22.97
N SER D 23 -39.40 -12.64 23.26
CA SER D 23 -38.34 -13.11 24.09
C SER D 23 -36.93 -12.91 23.56
N GLN D 24 -36.70 -13.13 22.28
CA GLN D 24 -35.42 -12.85 21.59
C GLN D 24 -35.09 -11.38 21.50
N LEU D 25 -36.05 -10.52 21.14
CA LEU D 25 -35.83 -9.05 21.00
C LEU D 25 -35.49 -8.46 22.36
N ALA D 26 -36.20 -8.91 23.41
CA ALA D 26 -35.97 -8.42 24.70
C ALA D 26 -34.53 -8.67 25.25
N LYS D 27 -34.01 -9.89 25.02
CA LYS D 27 -32.67 -10.26 25.39
C LYS D 27 -31.68 -9.41 24.62
N GLU D 28 -31.94 -9.27 23.28
CA GLU D 28 -31.01 -8.71 22.33
C GLU D 28 -30.74 -7.26 22.54
N HIS D 29 -31.79 -6.53 22.98
CA HIS D 29 -31.77 -5.06 23.18
C HIS D 29 -31.46 -4.86 24.69
N ALA D 30 -30.88 -5.86 25.40
CA ALA D 30 -30.50 -5.81 26.75
C ALA D 30 -31.51 -5.14 27.63
N ILE D 31 -32.76 -5.67 27.69
CA ILE D 31 -33.78 -5.19 28.59
C ILE D 31 -34.24 -6.49 29.27
N GLY D 32 -34.75 -6.32 30.49
CA GLY D 32 -35.00 -7.29 31.56
C GLY D 32 -36.11 -8.36 31.16
N THR D 33 -36.64 -9.03 32.22
CA THR D 33 -37.57 -10.05 32.10
C THR D 33 -38.99 -9.51 31.99
N ASP D 34 -39.19 -8.28 32.31
CA ASP D 34 -40.42 -7.54 32.14
C ASP D 34 -40.17 -6.31 31.26
N GLY D 35 -38.89 -6.06 30.86
CA GLY D 35 -38.53 -5.07 29.89
C GLY D 35 -37.87 -3.88 30.43
N LEU D 36 -37.51 -3.98 31.76
CA LEU D 36 -36.87 -2.84 32.32
C LEU D 36 -35.50 -2.65 31.64
N SER D 37 -35.08 -1.44 31.17
CA SER D 37 -33.79 -1.28 30.53
C SER D 37 -32.78 -1.39 31.61
N GLN D 38 -31.73 -2.08 31.29
CA GLN D 38 -30.69 -2.42 32.24
C GLN D 38 -29.63 -1.35 32.21
N LEU D 39 -28.73 -1.35 33.24
CA LEU D 39 -27.59 -0.43 33.42
C LEU D 39 -26.95 0.03 32.11
N PRO D 40 -26.64 1.35 31.97
CA PRO D 40 -26.42 2.03 30.70
C PRO D 40 -25.49 1.30 29.81
N ASP D 41 -25.90 1.14 28.52
CA ASP D 41 -25.26 0.25 27.54
C ASP D 41 -25.77 0.67 26.22
N SER D 42 -26.45 1.82 26.17
CA SER D 42 -27.01 2.33 24.93
C SER D 42 -26.89 3.85 24.77
N SER D 43 -26.64 4.37 23.48
CA SER D 43 -26.52 5.83 23.37
C SER D 43 -27.10 6.24 22.02
N THR D 44 -28.09 7.20 22.09
CA THR D 44 -28.98 7.70 21.09
C THR D 44 -29.70 6.58 20.39
N GLU D 45 -30.20 5.72 21.28
CA GLU D 45 -30.81 4.46 20.92
C GLU D 45 -29.87 3.46 20.36
N ARG D 46 -29.70 2.33 21.04
CA ARG D 46 -28.85 1.24 20.51
C ARG D 46 -29.47 0.68 19.22
N ASP D 47 -30.78 0.32 19.23
CA ASP D 47 -31.60 -0.13 18.18
C ASP D 47 -32.32 1.17 17.79
N ASP D 48 -33.68 1.13 17.69
CA ASP D 48 -34.46 2.35 17.39
C ASP D 48 -35.35 2.73 18.53
N ASP D 49 -35.23 1.85 19.62
CA ASP D 49 -35.84 1.92 20.92
C ASP D 49 -36.86 0.74 20.94
N THR D 50 -36.74 -0.20 19.95
CA THR D 50 -37.63 -1.24 19.54
C THR D 50 -39.08 -0.68 19.57
N LYS D 51 -39.06 0.57 18.95
CA LYS D 51 -40.23 1.41 19.00
C LYS D 51 -41.37 0.91 18.11
N PRO D 52 -41.33 0.25 16.97
CA PRO D 52 -42.59 -0.20 16.35
C PRO D 52 -43.39 -1.23 17.15
N PHE D 53 -42.67 -2.19 17.80
CA PHE D 53 -43.42 -3.30 18.39
C PHE D 53 -43.78 -3.02 19.80
N PHE D 54 -42.98 -2.20 20.50
CA PHE D 54 -43.11 -2.02 21.97
C PHE D 54 -43.27 -0.56 22.22
N ARG D 55 -43.85 -0.21 23.43
CA ARG D 55 -44.06 1.16 23.90
C ARG D 55 -43.56 1.04 25.28
N GLU D 56 -43.28 2.20 25.95
CA GLU D 56 -42.74 2.19 27.26
C GLU D 56 -43.69 2.60 28.26
N ASN D 57 -43.77 1.83 29.38
CA ASN D 57 -44.45 2.01 30.63
C ASN D 57 -43.65 2.95 31.52
N CYS D 58 -44.29 3.67 32.47
CA CYS D 58 -43.54 4.64 33.30
C CYS D 58 -42.84 3.95 34.48
N ARG D 59 -42.39 2.71 34.31
CA ARG D 59 -41.41 1.96 35.11
C ARG D 59 -40.14 1.87 34.26
N ASN D 60 -40.31 2.31 33.03
CA ASN D 60 -39.35 2.27 31.97
C ASN D 60 -39.11 0.83 31.52
N LYS D 61 -40.21 -0.04 31.81
CA LYS D 61 -40.35 -1.33 31.21
C LYS D 61 -41.04 -1.16 29.86
N PHE D 62 -40.57 -1.88 28.83
CA PHE D 62 -41.20 -2.03 27.54
C PHE D 62 -42.27 -3.05 27.56
N THR D 63 -43.36 -2.81 26.79
CA THR D 63 -44.47 -3.70 26.57
C THR D 63 -44.73 -3.74 25.08
N PRO D 64 -45.07 -4.87 24.49
CA PRO D 64 -45.48 -5.01 23.12
C PRO D 64 -46.89 -4.51 22.80
N ARG D 65 -47.09 -3.86 21.59
CA ARG D 65 -48.45 -3.64 21.10
C ARG D 65 -48.81 -4.82 20.19
N ALA D 66 -49.35 -5.94 20.76
CA ALA D 66 -49.58 -7.17 20.11
C ALA D 66 -50.88 -7.60 20.60
N ILE D 67 -51.66 -8.25 19.72
CA ILE D 67 -52.91 -8.82 20.19
C ILE D 67 -52.75 -10.34 19.97
N MET D 68 -53.14 -11.08 21.04
CA MET D 68 -52.99 -12.51 21.03
C MET D 68 -54.40 -12.99 21.07
N MET D 69 -54.70 -13.90 20.07
CA MET D 69 -56.00 -14.52 19.97
C MET D 69 -55.88 -15.97 19.71
N ASP D 70 -56.73 -16.70 20.40
CA ASP D 70 -56.94 -18.11 20.24
C ASP D 70 -57.77 -18.45 21.42
N SER D 71 -57.64 -19.77 21.72
CA SER D 71 -58.33 -20.39 22.85
C SER D 71 -57.41 -20.31 24.01
N GLU D 72 -57.78 -20.93 25.16
CA GLU D 72 -57.08 -20.80 26.43
C GLU D 72 -55.64 -21.42 26.48
N PRO D 73 -55.27 -22.62 25.95
CA PRO D 73 -54.05 -23.27 26.11
C PRO D 73 -52.81 -22.46 25.83
N SER D 74 -52.76 -21.83 24.65
CA SER D 74 -51.59 -21.08 24.32
C SER D 74 -51.48 -19.83 25.17
N VAL D 75 -52.67 -19.12 25.38
CA VAL D 75 -52.64 -17.96 26.18
C VAL D 75 -52.26 -18.15 27.58
N ILE D 76 -52.74 -19.28 28.20
CA ILE D 76 -52.36 -19.54 29.58
C ILE D 76 -50.87 -19.72 29.67
N ALA D 77 -50.21 -20.42 28.72
CA ALA D 77 -48.84 -20.70 28.83
C ALA D 77 -47.99 -19.46 28.89
N ASP D 78 -48.28 -18.42 28.07
CA ASP D 78 -47.54 -17.15 28.05
C ASP D 78 -47.71 -16.40 29.29
N VAL D 79 -48.93 -16.39 29.92
CA VAL D 79 -49.25 -15.66 31.19
C VAL D 79 -48.54 -16.26 32.36
N GLU D 80 -48.36 -17.58 32.31
CA GLU D 80 -47.66 -18.40 33.31
C GLU D 80 -46.23 -18.16 33.33
N ASN D 81 -45.58 -17.85 32.15
CA ASN D 81 -44.13 -17.75 31.93
C ASN D 81 -43.56 -16.67 32.79
N THR D 82 -42.30 -16.78 33.21
CA THR D 82 -41.58 -15.90 34.04
C THR D 82 -40.90 -14.88 33.09
N PHE D 83 -41.74 -14.26 32.26
CA PHE D 83 -41.37 -13.29 31.23
C PHE D 83 -42.62 -12.55 30.85
N ARG D 84 -43.55 -12.55 31.80
CA ARG D 84 -44.89 -12.04 31.74
C ARG D 84 -45.08 -10.56 31.61
N GLY D 85 -44.01 -9.78 31.53
CA GLY D 85 -44.13 -8.29 31.42
C GLY D 85 -44.28 -7.95 29.92
N PHE D 86 -44.45 -8.96 29.07
CA PHE D 86 -44.59 -8.82 27.69
C PHE D 86 -45.68 -9.72 27.25
N PHE D 87 -46.05 -10.70 28.19
CA PHE D 87 -47.12 -11.67 27.98
C PHE D 87 -48.31 -11.32 28.82
N ASP D 88 -48.19 -10.08 29.31
CA ASP D 88 -49.12 -9.25 30.08
C ASP D 88 -50.52 -9.44 29.62
N PRO D 89 -51.44 -9.43 30.55
CA PRO D 89 -52.86 -9.70 30.29
C PRO D 89 -53.57 -8.72 29.44
N ARG D 90 -53.20 -7.43 29.32
CA ARG D 90 -53.95 -6.52 28.53
C ARG D 90 -53.92 -6.82 27.11
N ASN D 91 -52.80 -7.33 26.62
CA ASN D 91 -52.57 -7.69 25.25
C ASN D 91 -53.33 -8.93 24.79
N THR D 92 -53.81 -9.71 25.82
CA THR D 92 -54.39 -11.02 25.70
C THR D 92 -55.85 -10.98 25.45
N TRP D 93 -56.27 -11.62 24.37
CA TRP D 93 -57.67 -11.73 23.99
C TRP D 93 -57.84 -13.22 23.85
N VAL D 94 -58.81 -13.79 24.56
CA VAL D 94 -59.08 -15.15 24.49
C VAL D 94 -60.51 -15.39 24.22
N ALA D 95 -60.88 -16.16 23.17
CA ALA D 95 -62.20 -16.59 22.89
C ALA D 95 -62.69 -17.70 23.85
N SER D 96 -63.93 -17.67 24.15
CA SER D 96 -64.61 -18.53 25.07
C SER D 96 -66.09 -18.42 24.63
N ASP D 97 -66.35 -17.84 23.43
CA ASP D 97 -67.64 -17.77 22.88
C ASP D 97 -67.63 -18.35 21.49
N GLY D 98 -68.31 -19.52 21.28
CA GLY D 98 -68.32 -20.35 20.07
C GLY D 98 -67.26 -21.42 20.35
N ALA D 99 -67.52 -22.70 20.07
CA ALA D 99 -66.65 -23.86 20.48
C ALA D 99 -66.79 -24.90 19.45
N SER D 100 -65.92 -25.89 19.41
CA SER D 100 -65.95 -27.06 18.56
C SER D 100 -65.87 -26.71 17.11
N ALA D 101 -64.87 -25.76 16.89
CA ALA D 101 -64.56 -25.08 15.63
C ALA D 101 -64.10 -26.16 14.67
N GLY D 102 -63.20 -27.01 15.16
CA GLY D 102 -62.86 -28.23 14.52
C GLY D 102 -62.41 -28.09 13.10
N ASN D 103 -61.47 -27.14 12.78
CA ASN D 103 -60.81 -26.86 11.57
C ASN D 103 -61.75 -26.45 10.44
N SER D 104 -62.84 -25.77 10.76
CA SER D 104 -63.78 -25.31 9.88
C SER D 104 -63.48 -23.87 9.76
N TRP D 105 -63.36 -23.32 8.51
CA TRP D 105 -62.98 -21.93 8.24
C TRP D 105 -64.10 -20.99 8.78
N ALA D 106 -65.33 -21.45 8.51
CA ALA D 106 -66.53 -20.79 8.74
C ALA D 106 -66.81 -20.52 10.21
N ASN D 107 -66.51 -21.54 11.06
CA ASN D 107 -66.68 -21.47 12.53
C ASN D 107 -65.74 -20.39 13.12
N GLY D 108 -64.40 -20.27 12.62
CA GLY D 108 -63.51 -19.26 13.06
C GLY D 108 -63.95 -17.81 12.62
N TYR D 109 -64.39 -17.70 11.41
CA TYR D 109 -64.85 -16.48 10.75
C TYR D 109 -66.11 -15.98 11.43
N ASP D 110 -67.04 -16.85 11.69
CA ASP D 110 -68.29 -16.52 12.39
C ASP D 110 -68.03 -16.07 13.82
N ILE D 111 -67.07 -16.67 14.57
CA ILE D 111 -66.79 -16.22 15.94
C ILE D 111 -66.27 -14.83 15.94
N GLY D 112 -65.46 -14.51 14.90
CA GLY D 112 -64.89 -13.14 14.77
C GLY D 112 -65.95 -12.06 14.68
N THR D 113 -67.06 -12.28 13.92
CA THR D 113 -68.18 -11.39 13.72
C THR D 113 -68.94 -11.09 15.01
N ARG D 114 -69.06 -12.24 15.80
CA ARG D 114 -69.80 -12.29 17.07
C ARG D 114 -69.17 -11.40 18.05
N ASN D 115 -67.81 -11.48 18.05
CA ASN D 115 -66.92 -10.71 18.85
C ASN D 115 -66.25 -9.61 18.03
N GLN D 116 -66.88 -8.90 17.06
CA GLN D 116 -66.28 -7.84 16.27
C GLN D 116 -65.90 -6.70 17.18
N ASP D 117 -66.88 -6.40 18.02
CA ASP D 117 -66.74 -5.41 18.96
C ASP D 117 -65.74 -5.67 19.93
N ASP D 118 -65.62 -6.86 20.48
CA ASP D 118 -64.67 -7.19 21.56
C ASP D 118 -63.25 -7.05 21.07
N ILE D 119 -62.99 -7.58 19.83
CA ILE D 119 -61.72 -7.47 19.21
C ILE D 119 -61.38 -6.03 18.92
N LEU D 120 -62.29 -5.24 18.36
CA LEU D 120 -62.09 -3.87 17.88
C LEU D 120 -61.81 -3.03 19.09
N ASN D 121 -62.40 -3.39 20.27
CA ASN D 121 -62.06 -2.70 21.52
C ASN D 121 -60.55 -2.75 21.86
N LYS D 122 -59.95 -3.92 21.68
CA LYS D 122 -58.59 -4.30 21.92
C LYS D 122 -57.73 -3.56 20.96
N ILE D 123 -58.17 -3.58 19.65
CA ILE D 123 -57.53 -3.09 18.48
C ILE D 123 -57.50 -1.57 18.69
N ASP D 124 -58.58 -0.87 19.13
CA ASP D 124 -58.62 0.56 19.36
C ASP D 124 -57.57 0.93 20.44
N LYS D 125 -57.40 0.12 21.52
CA LYS D 125 -56.36 0.42 22.48
C LYS D 125 -54.94 0.41 21.88
N GLU D 126 -54.70 -0.63 21.08
CA GLU D 126 -53.41 -0.76 20.48
C GLU D 126 -53.17 0.37 19.48
N ILE D 127 -54.18 0.78 18.66
CA ILE D 127 -53.99 1.89 17.78
C ILE D 127 -53.82 3.17 18.52
N ASP D 128 -54.64 3.49 19.59
CA ASP D 128 -54.51 4.77 20.21
C ASP D 128 -53.17 4.87 20.91
N SER D 129 -52.58 3.82 21.45
CA SER D 129 -51.29 3.90 22.18
C SER D 129 -50.14 4.21 21.19
N THR D 130 -50.30 3.97 19.90
CA THR D 130 -49.39 4.22 18.80
C THR D 130 -49.26 5.69 18.53
N ASP D 131 -48.04 6.08 18.21
CA ASP D 131 -47.59 7.35 17.79
C ASP D 131 -47.94 7.59 16.40
N ASN D 132 -47.31 6.86 15.49
CA ASN D 132 -47.60 6.82 14.10
C ASN D 132 -47.63 5.41 13.60
N PHE D 133 -48.84 4.97 13.19
CA PHE D 133 -49.09 3.56 12.82
C PHE D 133 -48.66 3.47 11.36
N GLU D 134 -47.65 2.62 11.07
CA GLU D 134 -47.53 2.17 9.74
C GLU D 134 -48.47 1.08 9.27
N GLY D 135 -48.77 0.01 10.12
CA GLY D 135 -49.62 -1.10 9.61
C GLY D 135 -49.53 -2.25 10.49
N PHE D 136 -50.11 -3.34 9.98
CA PHE D 136 -50.33 -4.57 10.70
C PHE D 136 -49.54 -5.67 10.13
N GLN D 137 -49.21 -6.58 11.10
CA GLN D 137 -48.55 -7.83 10.83
C GLN D 137 -49.42 -8.91 11.40
N LEU D 138 -49.73 -9.89 10.58
CA LEU D 138 -50.55 -11.05 10.98
C LEU D 138 -49.64 -12.19 11.00
N LEU D 139 -49.54 -13.04 12.08
CA LEU D 139 -48.80 -14.23 12.23
C LEU D 139 -49.91 -15.24 12.28
N HIS D 140 -49.96 -16.35 11.40
CA HIS D 140 -50.98 -17.43 11.38
C HIS D 140 -50.66 -18.62 10.42
N SER D 141 -51.54 -19.59 10.54
CA SER D 141 -51.54 -20.87 9.79
C SER D 141 -52.83 -20.91 8.97
N VAL D 142 -52.78 -21.59 7.77
CA VAL D 142 -53.84 -21.50 6.75
C VAL D 142 -54.55 -22.84 6.44
N ALA D 143 -54.77 -23.64 7.51
CA ALA D 143 -55.48 -24.91 7.29
C ALA D 143 -56.16 -25.21 8.55
N GLY D 144 -55.87 -24.43 9.62
CA GLY D 144 -56.49 -24.57 10.87
C GLY D 144 -57.93 -24.01 10.82
N GLY D 145 -58.70 -24.11 11.87
CA GLY D 145 -59.93 -23.44 12.04
C GLY D 145 -59.78 -22.08 12.52
N THR D 146 -59.00 -22.00 13.65
CA THR D 146 -58.88 -20.81 14.38
C THR D 146 -58.05 -19.76 13.75
N GLY D 147 -56.84 -20.18 13.37
CA GLY D 147 -55.79 -19.35 12.73
C GLY D 147 -56.25 -18.81 11.40
N SER D 148 -56.91 -19.66 10.67
CA SER D 148 -57.48 -19.45 9.38
C SER D 148 -58.68 -18.55 9.29
N GLY D 149 -59.84 -18.98 9.95
CA GLY D 149 -61.16 -18.39 9.88
C GLY D 149 -61.22 -17.05 10.56
N LEU D 150 -60.78 -17.05 11.82
CA LEU D 150 -60.86 -15.79 12.61
C LEU D 150 -59.97 -14.72 12.08
N GLY D 151 -58.75 -15.16 11.63
CA GLY D 151 -57.82 -14.25 11.00
C GLY D 151 -58.37 -13.67 9.76
N SER D 152 -59.01 -14.44 8.91
CA SER D 152 -59.56 -13.93 7.64
C SER D 152 -60.65 -12.91 7.89
N ASN D 153 -61.54 -13.09 8.99
CA ASN D 153 -62.59 -12.16 9.29
C ASN D 153 -62.12 -10.77 9.66
N LEU D 154 -61.08 -10.77 10.53
CA LEU D 154 -60.33 -9.55 10.97
C LEU D 154 -59.58 -8.86 9.86
N LEU D 155 -59.02 -9.58 8.94
CA LEU D 155 -58.31 -8.96 7.77
C LEU D 155 -59.18 -8.16 6.88
N GLU D 156 -60.39 -8.78 6.68
CA GLU D 156 -61.39 -8.16 5.86
C GLU D 156 -61.89 -6.93 6.42
N ALA D 157 -62.17 -6.87 7.73
CA ALA D 157 -62.61 -5.73 8.57
C ALA D 157 -61.65 -4.60 8.66
N LEU D 158 -60.36 -5.01 8.80
CA LEU D 158 -59.25 -4.09 8.88
C LEU D 158 -59.10 -3.28 7.58
N CYS D 159 -59.36 -3.93 6.45
CA CYS D 159 -59.33 -3.32 5.16
C CYS D 159 -60.31 -2.19 5.02
N ASP D 160 -61.61 -2.41 5.44
CA ASP D 160 -62.70 -1.49 5.41
C ASP D 160 -62.54 -0.35 6.46
N ARG D 161 -62.21 -0.67 7.70
CA ARG D 161 -62.02 0.13 8.82
C ARG D 161 -60.85 1.07 8.75
N TYR D 162 -59.64 0.56 8.39
CA TYR D 162 -58.49 1.36 8.27
C TYR D 162 -58.16 1.49 6.75
N PRO D 163 -58.17 2.66 5.98
CA PRO D 163 -58.14 2.53 4.51
C PRO D 163 -57.02 3.32 4.03
N LYS D 164 -55.86 3.30 4.79
CA LYS D 164 -54.73 4.06 4.51
C LYS D 164 -53.43 3.34 4.96
N LYS D 165 -53.50 2.11 5.61
CA LYS D 165 -52.41 1.45 6.30
C LYS D 165 -52.16 0.15 5.62
N ILE D 166 -50.92 -0.40 5.84
CA ILE D 166 -50.50 -1.64 5.24
C ILE D 166 -50.91 -2.85 5.99
N LEU D 167 -51.31 -3.90 5.26
CA LEU D 167 -51.66 -5.17 5.85
C LEU D 167 -50.75 -6.14 5.25
N THR D 168 -49.91 -6.76 6.16
CA THR D 168 -48.97 -7.76 5.84
C THR D 168 -49.27 -8.99 6.60
N THR D 169 -49.02 -10.21 6.08
CA THR D 169 -49.20 -11.49 6.75
C THR D 169 -47.89 -12.33 6.53
N TYR D 170 -47.65 -13.19 7.53
CA TYR D 170 -46.73 -14.34 7.52
C TYR D 170 -47.58 -15.55 7.59
N SER D 171 -47.74 -16.26 6.42
CA SER D 171 -48.64 -17.41 6.37
C SER D 171 -47.85 -18.67 6.19
N VAL D 172 -48.16 -19.69 7.10
CA VAL D 172 -47.56 -21.00 6.96
C VAL D 172 -48.43 -21.90 6.15
N PHE D 173 -47.97 -22.50 5.06
CA PHE D 173 -48.66 -23.46 4.18
C PHE D 173 -48.18 -24.80 4.63
N PRO D 174 -48.95 -25.83 4.66
CA PRO D 174 -48.44 -27.11 4.91
C PRO D 174 -47.52 -27.76 3.81
N ALA D 175 -47.97 -27.97 2.61
CA ALA D 175 -47.10 -28.51 1.53
C ALA D 175 -47.70 -28.01 0.20
N ARG D 176 -46.90 -27.63 -0.80
CA ARG D 176 -47.32 -26.99 -2.04
C ARG D 176 -47.76 -27.99 -3.04
N SER D 177 -47.97 -29.16 -2.59
CA SER D 177 -48.40 -30.36 -3.33
C SER D 177 -49.42 -30.94 -2.36
N SER D 178 -50.47 -30.19 -2.15
CA SER D 178 -51.53 -30.64 -1.27
C SER D 178 -52.55 -31.45 -2.12
N GLU D 179 -53.57 -32.14 -1.42
CA GLU D 179 -54.64 -32.89 -2.02
C GLU D 179 -55.46 -33.40 -0.86
N VAL D 180 -55.27 -33.02 0.41
CA VAL D 180 -56.04 -33.47 1.55
C VAL D 180 -57.43 -32.78 1.56
N VAL D 181 -58.42 -33.22 2.38
CA VAL D 181 -59.82 -32.86 2.19
C VAL D 181 -60.19 -31.45 2.61
N VAL D 182 -60.68 -31.20 3.90
CA VAL D 182 -61.12 -29.84 4.25
C VAL D 182 -60.16 -28.77 4.48
N GLN D 183 -58.82 -29.10 4.39
CA GLN D 183 -57.77 -28.16 4.21
C GLN D 183 -57.84 -27.20 3.09
N SER D 184 -58.37 -27.83 1.99
CA SER D 184 -58.60 -27.10 0.78
C SER D 184 -59.64 -25.98 0.92
N TYR D 185 -60.72 -26.25 1.65
CA TYR D 185 -61.74 -25.28 1.97
C TYR D 185 -61.20 -24.22 2.81
N ASN D 186 -60.47 -24.61 3.83
CA ASN D 186 -59.86 -23.58 4.66
C ASN D 186 -58.88 -22.61 3.97
N THR D 187 -57.94 -23.20 3.09
CA THR D 187 -57.03 -22.43 2.35
C THR D 187 -57.68 -21.49 1.34
N ILE D 188 -58.68 -22.05 0.62
CA ILE D 188 -59.44 -21.36 -0.47
C ILE D 188 -60.19 -20.24 0.02
N LEU D 189 -60.87 -20.38 1.09
CA LEU D 189 -61.65 -19.33 1.66
C LEU D 189 -60.83 -18.17 2.12
N ALA D 190 -59.66 -18.49 2.71
CA ALA D 190 -58.75 -17.53 3.15
C ALA D 190 -58.13 -16.82 1.96
N LEU D 191 -57.78 -17.50 0.88
CA LEU D 191 -57.00 -16.91 -0.29
C LEU D 191 -57.68 -15.73 -0.96
N ARG D 192 -59.04 -15.74 -1.02
CA ARG D 192 -59.85 -14.67 -1.55
C ARG D 192 -59.66 -13.35 -0.74
N ARG D 193 -59.64 -13.50 0.59
CA ARG D 193 -59.34 -12.46 1.59
C ARG D 193 -57.87 -12.08 1.55
N LEU D 194 -56.93 -13.05 1.36
CA LEU D 194 -55.50 -12.72 1.26
C LEU D 194 -55.19 -11.87 0.03
N ILE D 195 -55.86 -12.13 -1.13
CA ILE D 195 -55.73 -11.30 -2.25
C ILE D 195 -56.29 -9.88 -2.21
N GLU D 196 -57.56 -9.78 -1.74
CA GLU D 196 -58.21 -8.46 -1.69
C GLU D 196 -57.84 -7.62 -0.47
N ASP D 197 -57.83 -8.22 0.76
CA ASP D 197 -57.57 -7.50 2.02
C ASP D 197 -56.10 -7.35 2.24
N SER D 198 -55.21 -8.12 1.49
CA SER D 198 -53.77 -7.96 1.93
C SER D 198 -52.96 -7.70 0.74
N ASP D 199 -52.15 -6.59 0.90
CA ASP D 199 -51.18 -6.16 0.05
C ASP D 199 -49.96 -6.91 0.11
N ALA D 200 -49.60 -7.67 1.15
CA ALA D 200 -48.33 -8.33 1.09
C ALA D 200 -48.54 -9.61 1.87
N THR D 201 -47.95 -10.75 1.34
CA THR D 201 -47.97 -12.05 1.93
C THR D 201 -46.62 -12.68 1.92
N VAL D 202 -46.14 -13.08 3.11
CA VAL D 202 -44.86 -13.77 3.24
C VAL D 202 -45.23 -15.21 3.27
N VAL D 203 -44.85 -15.96 2.15
CA VAL D 203 -45.20 -17.33 2.01
C VAL D 203 -44.12 -18.15 2.71
N PHE D 204 -44.53 -19.05 3.66
CA PHE D 204 -43.75 -20.06 4.31
C PHE D 204 -44.20 -21.50 3.95
N ASP D 205 -43.35 -22.30 3.17
CA ASP D 205 -43.75 -23.62 2.78
C ASP D 205 -43.15 -24.43 3.98
N ASN D 206 -44.05 -25.15 4.74
CA ASN D 206 -43.72 -25.93 5.96
C ASN D 206 -42.83 -27.10 5.68
N ALA D 207 -42.90 -27.69 4.49
CA ALA D 207 -42.05 -28.84 4.05
C ALA D 207 -40.61 -28.50 4.04
N SER D 208 -40.25 -27.37 3.55
CA SER D 208 -38.90 -26.84 3.45
C SER D 208 -38.50 -26.51 4.87
N LEU D 209 -39.40 -25.90 5.65
CA LEU D 209 -39.12 -25.57 7.01
C LEU D 209 -38.89 -26.78 7.81
N LEU D 210 -39.67 -27.89 7.56
CA LEU D 210 -39.65 -29.10 8.30
C LEU D 210 -38.28 -29.68 8.13
N ASN D 211 -37.76 -29.62 6.86
CA ASN D 211 -36.46 -30.23 6.51
C ASN D 211 -35.25 -29.64 7.29
N ILE D 212 -35.32 -28.30 7.47
CA ILE D 212 -34.35 -27.49 8.21
C ILE D 212 -34.28 -27.90 9.66
N SER D 213 -35.44 -28.00 10.26
CA SER D 213 -35.79 -28.31 11.61
C SER D 213 -35.33 -29.71 11.82
N GLY D 214 -35.53 -30.67 10.84
CA GLY D 214 -35.00 -31.93 11.05
C GLY D 214 -33.42 -31.92 11.10
N LYS D 215 -32.77 -31.29 10.09
CA LYS D 215 -31.33 -31.35 10.00
C LYS D 215 -30.50 -30.53 10.94
N VAL D 216 -30.77 -29.19 11.07
CA VAL D 216 -30.12 -28.27 11.93
C VAL D 216 -30.51 -28.47 13.38
N PHE D 217 -31.82 -28.56 13.69
CA PHE D 217 -32.29 -28.60 15.09
C PHE D 217 -31.87 -29.90 15.64
N ARG D 218 -31.83 -30.96 14.78
CA ARG D 218 -31.09 -32.14 15.00
C ARG D 218 -31.50 -32.86 16.31
N ASN D 219 -32.81 -33.15 16.48
CA ASN D 219 -33.35 -33.97 17.52
C ASN D 219 -34.20 -35.02 16.83
N PRO D 220 -34.39 -36.27 17.39
CA PRO D 220 -35.19 -37.27 16.72
C PRO D 220 -36.59 -36.79 16.31
N ASN D 221 -37.23 -36.20 17.29
CA ASN D 221 -38.49 -35.50 17.11
C ASN D 221 -38.34 -34.05 17.43
N ILE D 222 -38.59 -33.18 16.43
CA ILE D 222 -38.50 -31.76 16.40
C ILE D 222 -39.62 -31.08 17.12
N ASP D 223 -40.83 -31.62 16.84
CA ASP D 223 -42.04 -31.01 17.34
C ASP D 223 -42.27 -29.55 16.79
N LEU D 224 -43.43 -28.99 17.14
CA LEU D 224 -43.83 -27.62 16.81
C LEU D 224 -42.95 -26.56 17.41
N GLN D 225 -42.56 -26.76 18.65
CA GLN D 225 -41.77 -25.84 19.45
C GLN D 225 -40.41 -25.60 18.88
N HIS D 226 -39.74 -26.70 18.36
CA HIS D 226 -38.41 -26.53 17.66
C HIS D 226 -38.49 -25.71 16.40
N THR D 227 -39.46 -25.97 15.58
CA THR D 227 -39.72 -25.30 14.35
C THR D 227 -40.16 -23.85 14.54
N ASN D 228 -40.92 -23.53 15.59
CA ASN D 228 -41.29 -22.14 15.87
C ASN D 228 -40.06 -21.25 16.13
N GLN D 229 -38.93 -21.87 16.72
CA GLN D 229 -37.63 -21.18 17.00
C GLN D 229 -36.90 -20.70 15.81
N LEU D 230 -36.93 -21.49 14.73
CA LEU D 230 -36.34 -21.07 13.47
C LEU D 230 -37.11 -19.91 12.90
N ILE D 231 -38.46 -19.95 12.94
CA ILE D 231 -39.39 -19.09 12.39
C ILE D 231 -39.11 -17.81 13.15
N SER D 232 -38.97 -17.85 14.49
CA SER D 232 -38.83 -16.64 15.24
C SER D 232 -37.52 -15.92 14.89
N THR D 233 -36.52 -16.70 14.60
CA THR D 233 -35.19 -16.16 14.19
C THR D 233 -35.39 -15.41 12.87
N ILE D 234 -36.16 -16.01 11.87
CA ILE D 234 -36.43 -15.44 10.53
C ILE D 234 -37.30 -14.13 10.72
N ILE D 235 -38.42 -14.11 11.56
CA ILE D 235 -39.27 -12.93 11.73
C ILE D 235 -38.42 -11.80 12.35
N SER D 236 -37.55 -12.08 13.36
CA SER D 236 -36.76 -11.11 14.04
C SER D 236 -35.79 -10.48 13.03
N SER D 237 -35.14 -11.32 12.17
CA SER D 237 -34.17 -10.89 11.22
C SER D 237 -34.88 -10.00 10.21
N VAL D 238 -36.20 -10.24 9.81
CA VAL D 238 -36.91 -9.44 8.82
C VAL D 238 -37.10 -8.04 9.16
N THR D 239 -37.28 -7.86 10.50
CA THR D 239 -37.43 -6.52 11.07
C THR D 239 -36.17 -5.81 11.27
N ASN D 240 -35.01 -6.49 11.09
CA ASN D 240 -33.67 -6.03 11.30
C ASN D 240 -33.32 -4.71 10.64
N SER D 241 -33.71 -4.46 9.34
CA SER D 241 -33.36 -3.19 8.69
C SER D 241 -34.09 -1.99 9.24
N ILE D 242 -35.27 -2.21 9.87
CA ILE D 242 -36.07 -1.19 10.52
C ILE D 242 -35.43 -0.76 11.78
N ARG D 243 -34.99 -1.81 12.60
CA ARG D 243 -34.45 -1.54 13.93
C ARG D 243 -33.03 -1.03 13.89
N PHE D 244 -32.30 -1.14 12.77
CA PHE D 244 -31.05 -0.50 12.41
C PHE D 244 -31.25 0.17 11.10
N PRO D 245 -31.61 1.42 11.11
CA PRO D 245 -31.77 2.14 9.86
C PRO D 245 -30.69 3.15 9.77
N SER D 246 -30.37 3.52 8.53
CA SER D 246 -29.44 4.50 8.16
C SER D 246 -29.88 5.16 6.90
N TYR D 247 -30.67 4.49 6.06
CA TYR D 247 -31.12 5.09 4.88
C TYR D 247 -32.65 5.00 4.98
N MET D 248 -33.29 5.70 4.12
CA MET D 248 -34.62 5.97 4.03
C MET D 248 -35.37 5.00 3.17
N TYR D 249 -34.68 3.99 2.73
CA TYR D 249 -35.28 2.87 2.10
C TYR D 249 -34.99 1.68 2.95
N SER D 250 -34.52 1.84 4.26
CA SER D 250 -34.28 0.79 5.20
C SER D 250 -35.59 0.55 5.94
N SER D 251 -36.62 1.42 5.62
CA SER D 251 -37.94 1.31 6.19
C SER D 251 -38.72 0.22 5.59
N MET D 252 -39.73 -0.33 6.29
CA MET D 252 -40.56 -1.45 5.80
C MET D 252 -41.39 -1.03 4.59
N SER D 253 -42.03 0.18 4.62
CA SER D 253 -42.95 0.78 3.67
C SER D 253 -42.23 1.05 2.40
N SER D 254 -41.05 1.65 2.47
CA SER D 254 -40.33 1.97 1.23
C SER D 254 -39.79 0.74 0.61
N ILE D 255 -39.50 -0.30 1.40
CA ILE D 255 -39.10 -1.70 0.95
C ILE D 255 -40.31 -2.33 0.22
N TYR D 256 -41.53 -2.24 0.75
CA TYR D 256 -42.70 -2.81 0.13
C TYR D 256 -43.03 -2.08 -1.16
N SER D 257 -42.84 -0.74 -1.22
CA SER D 257 -43.07 -0.03 -2.46
C SER D 257 -42.17 -0.52 -3.58
N THR D 258 -40.87 -0.78 -3.36
CA THR D 258 -39.95 -1.34 -4.36
C THR D 258 -40.28 -2.76 -4.75
N LEU D 259 -40.55 -3.66 -3.77
CA LEU D 259 -40.75 -5.09 -4.05
C LEU D 259 -42.05 -5.35 -4.78
N ILE D 260 -43.16 -4.61 -4.42
CA ILE D 260 -44.51 -4.70 -5.01
C ILE D 260 -44.62 -3.83 -6.21
N PRO D 261 -44.99 -4.26 -7.44
CA PRO D 261 -44.96 -3.36 -8.58
C PRO D 261 -46.28 -3.42 -9.26
N SER D 262 -47.16 -4.41 -8.94
CA SER D 262 -48.40 -4.52 -9.64
C SER D 262 -49.36 -4.94 -8.57
N PRO D 263 -50.66 -4.81 -8.77
CA PRO D 263 -51.55 -5.07 -7.65
C PRO D 263 -51.72 -6.55 -7.46
N GLU D 264 -51.21 -7.40 -8.36
CA GLU D 264 -51.25 -8.83 -8.20
C GLU D 264 -50.00 -9.38 -7.48
N LEU D 265 -48.80 -8.94 -7.98
CA LEU D 265 -47.55 -9.45 -7.46
C LEU D 265 -47.22 -8.69 -6.19
N HIS D 266 -47.07 -9.46 -5.11
CA HIS D 266 -46.63 -9.02 -3.77
C HIS D 266 -46.51 -10.18 -2.86
N PHE D 267 -46.44 -11.35 -3.47
CA PHE D 267 -46.30 -12.55 -2.68
C PHE D 267 -44.78 -12.64 -2.52
N LEU D 268 -44.19 -12.69 -1.25
CA LEU D 268 -42.76 -12.74 -1.19
C LEU D 268 -42.36 -14.15 -0.72
N SER D 269 -41.16 -14.51 -1.16
CA SER D 269 -40.48 -15.69 -0.80
C SER D 269 -39.19 -15.13 -0.14
N PRO D 270 -38.87 -15.81 0.93
CA PRO D 270 -37.71 -15.64 1.74
C PRO D 270 -36.59 -16.60 1.45
N SER D 271 -35.35 -16.24 1.87
CA SER D 271 -34.29 -17.13 2.04
C SER D 271 -33.59 -16.56 3.25
N PHE D 272 -32.90 -17.43 3.98
CA PHE D 272 -32.24 -17.08 5.16
C PHE D 272 -31.08 -17.93 5.35
N THR D 273 -30.04 -17.43 5.99
CA THR D 273 -28.96 -18.32 6.51
C THR D 273 -28.34 -17.51 7.66
N PRO D 274 -27.91 -18.12 8.78
CA PRO D 274 -28.04 -19.53 9.25
C PRO D 274 -29.23 -19.60 10.14
N PHE D 275 -29.27 -20.68 10.96
CA PHE D 275 -30.23 -20.96 11.99
C PHE D 275 -29.54 -21.64 13.16
N THR D 276 -28.24 -21.33 13.20
CA THR D 276 -27.34 -21.84 14.10
C THR D 276 -27.52 -21.32 15.46
N SER D 277 -28.19 -20.13 15.58
CA SER D 277 -28.59 -19.54 16.85
C SER D 277 -29.62 -20.27 17.63
N ASP D 278 -30.13 -21.48 17.13
CA ASP D 278 -31.13 -22.31 17.72
C ASP D 278 -30.54 -23.59 17.84
N TYR D 279 -30.63 -24.31 19.00
CA TYR D 279 -30.05 -25.56 19.34
C TYR D 279 -28.57 -25.30 19.48
N ILE D 280 -27.73 -26.39 19.59
CA ILE D 280 -26.26 -26.28 19.61
C ILE D 280 -25.79 -25.85 18.17
N HIS D 281 -24.67 -25.18 18.13
CA HIS D 281 -24.24 -24.74 16.81
C HIS D 281 -23.33 -25.84 16.23
N ASP D 282 -22.75 -25.47 15.05
CA ASP D 282 -21.96 -26.33 14.31
C ASP D 282 -20.65 -25.55 14.27
N ASP D 283 -20.54 -24.32 14.85
CA ASP D 283 -19.36 -23.51 14.85
C ASP D 283 -19.52 -22.59 13.69
N ILE D 284 -19.57 -21.25 14.01
CA ILE D 284 -19.88 -20.30 12.96
C ILE D 284 -19.00 -19.18 13.45
N ALA D 285 -18.18 -18.61 12.53
CA ALA D 285 -17.44 -17.38 12.83
C ALA D 285 -16.90 -16.71 11.56
N HIS D 286 -17.01 -17.33 10.34
CA HIS D 286 -16.48 -16.69 9.10
C HIS D 286 -16.99 -17.60 8.09
N LYS D 287 -17.02 -17.16 6.79
CA LYS D 287 -17.66 -17.67 5.69
C LYS D 287 -17.62 -16.47 4.76
N CYS D 288 -16.91 -16.53 3.70
CA CYS D 288 -16.87 -15.43 2.66
C CYS D 288 -18.24 -15.13 2.21
N HIS D 289 -18.33 -13.89 1.77
CA HIS D 289 -19.48 -13.37 1.21
C HIS D 289 -19.92 -14.09 -0.05
N SER D 290 -18.92 -14.54 -0.91
CA SER D 290 -19.25 -15.30 -2.12
C SER D 290 -19.96 -16.57 -1.70
N SER D 291 -19.39 -17.16 -0.60
CA SER D 291 -19.93 -18.48 -0.06
C SER D 291 -21.32 -18.29 0.40
N TYR D 292 -21.48 -17.15 1.05
CA TYR D 292 -22.72 -16.78 1.77
C TYR D 292 -23.78 -16.66 0.68
N ASP D 293 -23.36 -15.98 -0.45
CA ASP D 293 -24.25 -15.63 -1.54
C ASP D 293 -24.84 -16.82 -2.26
N VAL D 294 -24.04 -17.82 -2.44
CA VAL D 294 -24.35 -19.07 -3.06
C VAL D 294 -25.39 -19.80 -2.14
N MET D 295 -25.15 -19.74 -0.84
CA MET D 295 -26.05 -20.40 0.05
C MET D 295 -27.50 -20.00 0.20
N LEU D 296 -27.78 -18.67 0.07
CA LEU D 296 -29.18 -18.26 0.07
C LEU D 296 -30.02 -18.83 -1.06
N ASP D 297 -29.49 -19.16 -2.25
CA ASP D 297 -30.08 -19.78 -3.43
C ASP D 297 -30.36 -21.25 -3.19
N LEU D 298 -29.61 -22.02 -2.28
CA LEU D 298 -29.87 -23.39 -1.87
C LEU D 298 -31.16 -23.48 -1.21
N LEU D 299 -31.87 -24.57 -1.49
CA LEU D 299 -33.25 -24.89 -1.20
C LEU D 299 -33.41 -25.13 0.28
N ASP D 300 -32.51 -25.73 1.04
CA ASP D 300 -32.87 -25.91 2.46
C ASP D 300 -32.75 -24.59 3.23
N PRO D 301 -31.74 -23.67 2.99
CA PRO D 301 -31.77 -22.32 3.54
C PRO D 301 -32.96 -21.52 3.07
N SER D 302 -33.45 -21.76 1.87
CA SER D 302 -34.78 -21.19 1.43
C SER D 302 -35.87 -21.85 2.28
N ASN D 303 -36.97 -21.06 2.57
CA ASN D 303 -38.00 -21.44 3.44
C ASN D 303 -39.25 -21.82 2.73
N SER D 304 -39.36 -21.60 1.41
CA SER D 304 -40.39 -22.03 0.54
C SER D 304 -39.73 -22.99 -0.42
N LEU D 305 -40.48 -23.82 -1.16
CA LEU D 305 -39.95 -24.80 -2.10
C LEU D 305 -40.17 -24.32 -3.57
N VAL D 306 -39.08 -24.24 -4.31
CA VAL D 306 -39.15 -23.83 -5.64
C VAL D 306 -39.37 -25.02 -6.59
N SER D 307 -39.25 -26.30 -6.09
CA SER D 307 -39.50 -27.48 -6.91
C SER D 307 -38.66 -27.59 -8.08
N THR D 308 -38.88 -28.74 -8.75
CA THR D 308 -38.19 -29.22 -9.92
C THR D 308 -38.51 -28.34 -11.05
N ALA D 309 -37.50 -27.77 -11.77
CA ALA D 309 -37.69 -26.94 -12.86
C ALA D 309 -37.95 -27.59 -14.14
N MET D 310 -38.45 -26.72 -15.08
CA MET D 310 -38.63 -27.17 -16.45
C MET D 310 -38.79 -26.00 -17.30
N ASN D 311 -38.69 -24.74 -16.64
CA ASN D 311 -38.83 -23.48 -17.40
C ASN D 311 -38.31 -22.33 -16.57
N ASN D 312 -37.87 -22.76 -15.31
CA ASN D 312 -37.35 -21.87 -14.31
C ASN D 312 -38.46 -21.20 -13.48
N PRO D 313 -38.65 -21.62 -12.23
CA PRO D 313 -39.61 -21.07 -11.33
C PRO D 313 -38.83 -20.04 -10.47
N THR D 314 -37.63 -19.68 -10.86
CA THR D 314 -36.85 -18.84 -9.97
C THR D 314 -36.68 -17.52 -10.61
N TYR D 315 -37.65 -17.08 -11.48
CA TYR D 315 -37.58 -15.78 -12.18
C TYR D 315 -37.89 -14.72 -11.18
N PHE D 316 -36.90 -13.86 -10.81
CA PHE D 316 -37.03 -12.78 -9.85
C PHE D 316 -37.52 -11.54 -10.58
N ASN D 317 -38.59 -11.03 -9.94
CA ASN D 317 -39.12 -9.76 -10.41
C ASN D 317 -38.24 -8.73 -9.86
N VAL D 318 -37.91 -8.93 -8.55
CA VAL D 318 -37.06 -8.17 -7.63
C VAL D 318 -36.67 -9.13 -6.55
N TYR D 319 -35.51 -8.79 -5.95
CA TYR D 319 -34.67 -9.25 -4.88
C TYR D 319 -34.16 -8.03 -4.06
N ASN D 320 -34.19 -8.31 -2.71
CA ASN D 320 -33.72 -7.42 -1.75
C ASN D 320 -32.84 -8.31 -0.82
N THR D 321 -31.62 -7.90 -0.48
CA THR D 321 -30.82 -8.67 0.46
C THR D 321 -30.49 -7.80 1.66
N ILE D 322 -30.70 -8.30 2.89
CA ILE D 322 -30.31 -7.56 4.02
C ILE D 322 -29.21 -8.24 4.67
N ILE D 323 -27.98 -7.55 4.68
CA ILE D 323 -26.82 -8.20 5.15
C ILE D 323 -26.54 -7.49 6.47
N GLY D 324 -26.25 -8.37 7.46
CA GLY D 324 -25.97 -8.02 8.86
C GLY D 324 -24.58 -8.56 9.33
N ASN D 325 -23.70 -7.60 9.90
CA ASN D 325 -22.39 -7.86 10.49
C ASN D 325 -21.41 -7.62 9.50
N VAL D 326 -20.71 -6.46 9.79
CA VAL D 326 -19.74 -5.82 8.97
C VAL D 326 -18.53 -6.74 8.72
N GLU D 327 -18.14 -6.89 7.44
CA GLU D 327 -16.92 -7.54 6.96
C GLU D 327 -16.65 -6.73 5.75
N PRO D 328 -15.32 -6.55 5.29
CA PRO D 328 -14.96 -5.75 4.16
C PRO D 328 -16.01 -5.36 3.06
N ARG D 329 -16.64 -4.13 3.32
CA ARG D 329 -17.78 -3.69 2.49
C ARG D 329 -17.50 -3.46 1.04
N GLN D 330 -16.32 -2.90 0.71
CA GLN D 330 -15.98 -2.48 -0.61
C GLN D 330 -15.90 -3.70 -1.52
N ILE D 331 -15.34 -4.83 -0.97
CA ILE D 331 -15.27 -6.09 -1.65
C ILE D 331 -16.65 -6.68 -1.90
N SER D 332 -17.57 -6.62 -0.91
CA SER D 332 -18.87 -7.16 -1.05
C SER D 332 -19.63 -6.42 -2.16
N ARG D 333 -19.46 -5.08 -2.24
CA ARG D 333 -20.08 -4.16 -3.14
C ARG D 333 -19.50 -4.45 -4.52
N ALA D 334 -18.18 -4.79 -4.67
CA ALA D 334 -17.62 -5.20 -5.97
C ALA D 334 -18.25 -6.47 -6.46
N MET D 335 -18.47 -7.38 -5.49
CA MET D 335 -19.23 -8.61 -5.77
C MET D 335 -20.61 -8.42 -6.19
N THR D 336 -21.36 -7.50 -5.53
CA THR D 336 -22.68 -7.19 -5.97
C THR D 336 -22.86 -6.57 -7.40
N LYS D 337 -21.92 -5.70 -7.79
CA LYS D 337 -21.87 -5.06 -9.05
C LYS D 337 -21.70 -6.17 -10.18
N LEU D 338 -20.77 -7.19 -9.96
CA LEU D 338 -20.56 -8.25 -10.93
C LEU D 338 -21.74 -9.11 -11.01
N GLN D 339 -22.44 -9.36 -9.89
CA GLN D 339 -23.60 -10.19 -9.88
C GLN D 339 -24.80 -9.69 -10.70
N GLN D 340 -24.99 -8.38 -10.57
CA GLN D 340 -26.00 -7.72 -11.33
C GLN D 340 -25.69 -7.71 -12.83
N ARG D 341 -24.43 -7.38 -13.23
CA ARG D 341 -24.13 -7.37 -14.60
C ARG D 341 -24.29 -8.73 -15.24
N ILE D 342 -23.82 -9.80 -14.49
CA ILE D 342 -23.92 -11.20 -14.86
C ILE D 342 -25.34 -11.71 -14.94
N LYS D 343 -26.24 -11.04 -14.08
CA LYS D 343 -27.61 -11.40 -13.96
C LYS D 343 -27.74 -12.81 -13.42
N PHE D 344 -27.12 -12.89 -12.20
CA PHE D 344 -26.84 -14.05 -11.39
C PHE D 344 -28.04 -15.01 -11.28
N PRO D 345 -29.25 -14.56 -11.05
CA PRO D 345 -30.44 -15.44 -10.91
C PRO D 345 -31.19 -15.12 -12.25
N SER D 346 -32.46 -15.59 -12.42
CA SER D 346 -33.23 -15.19 -13.60
C SER D 346 -34.10 -14.02 -13.35
N TRP D 347 -34.60 -13.45 -14.45
CA TRP D 347 -35.36 -12.20 -14.38
C TRP D 347 -36.33 -12.26 -15.47
N SER D 348 -37.48 -11.58 -15.30
CA SER D 348 -38.56 -11.47 -16.35
C SER D 348 -38.10 -10.62 -17.46
N SER D 349 -38.66 -10.93 -18.61
CA SER D 349 -38.26 -10.35 -19.85
C SER D 349 -38.21 -8.79 -19.94
N SER D 350 -39.19 -8.12 -19.39
CA SER D 350 -39.39 -6.69 -19.62
C SER D 350 -39.02 -6.01 -18.27
N ALA D 351 -38.30 -6.74 -17.40
CA ALA D 351 -37.92 -6.21 -16.12
C ALA D 351 -36.66 -6.86 -15.71
N MET D 352 -35.58 -6.65 -16.50
CA MET D 352 -34.28 -7.28 -16.25
C MET D 352 -33.56 -6.61 -15.08
N HIS D 353 -32.85 -7.36 -14.27
CA HIS D 353 -31.91 -7.01 -13.13
C HIS D 353 -32.39 -5.93 -12.27
N VAL D 354 -33.47 -6.25 -11.49
CA VAL D 354 -33.97 -5.37 -10.46
C VAL D 354 -33.44 -6.00 -9.16
N ASN D 355 -32.20 -5.58 -8.67
CA ASN D 355 -31.64 -6.09 -7.48
C ASN D 355 -31.07 -5.05 -6.59
N ILE D 356 -31.56 -4.98 -5.29
CA ILE D 356 -31.10 -4.03 -4.34
C ILE D 356 -30.59 -4.74 -3.04
N GLY D 357 -29.68 -4.04 -2.27
CA GLY D 357 -29.02 -4.60 -1.10
C GLY D 357 -28.97 -3.53 -0.03
N ARG D 358 -29.16 -4.02 1.19
CA ARG D 358 -29.15 -3.23 2.42
C ARG D 358 -28.16 -3.85 3.34
N ARG D 359 -27.41 -3.00 4.13
CA ARG D 359 -26.47 -3.37 5.16
C ARG D 359 -26.94 -2.80 6.44
N SER D 360 -26.88 -3.60 7.57
CA SER D 360 -27.20 -3.18 8.91
C SER D 360 -26.29 -3.73 9.98
N PRO D 361 -26.14 -3.06 11.12
CA PRO D 361 -25.38 -3.59 12.26
C PRO D 361 -25.97 -4.78 12.90
N TYR D 362 -25.11 -5.37 13.82
CA TYR D 362 -25.46 -6.59 14.52
C TYR D 362 -25.53 -6.01 15.93
N LEU D 363 -25.78 -6.71 16.99
CA LEU D 363 -25.86 -6.16 18.35
C LEU D 363 -24.60 -6.60 19.06
N PRO D 364 -23.82 -5.77 19.69
CA PRO D 364 -22.68 -6.24 20.41
C PRO D 364 -23.08 -6.60 21.82
N LEU D 365 -24.42 -6.45 22.14
CA LEU D 365 -25.02 -6.82 23.45
C LEU D 365 -24.95 -8.29 23.55
N GLN D 366 -24.99 -8.98 22.46
CA GLN D 366 -24.89 -10.40 22.32
C GLN D 366 -23.54 -10.73 21.95
N PRO D 367 -22.87 -11.74 22.45
CA PRO D 367 -21.49 -12.17 22.00
C PRO D 367 -21.17 -12.13 20.47
N ASN D 368 -20.23 -11.23 20.05
CA ASN D 368 -19.78 -10.95 18.72
C ASN D 368 -19.48 -12.07 17.85
N GLU D 369 -19.52 -11.86 16.51
CA GLU D 369 -19.10 -12.83 15.53
C GLU D 369 -18.50 -11.99 14.56
N ASN D 370 -17.79 -12.61 13.63
CA ASN D 370 -17.14 -11.93 12.54
C ASN D 370 -17.66 -12.70 11.26
N GLU D 371 -18.88 -13.39 11.32
CA GLU D 371 -19.42 -14.09 10.15
C GLU D 371 -20.50 -13.20 9.61
N VAL D 372 -20.63 -13.04 8.28
CA VAL D 372 -21.68 -12.34 7.73
C VAL D 372 -22.89 -13.19 7.79
N SER D 373 -24.13 -12.58 7.96
CA SER D 373 -25.30 -13.40 7.80
C SER D 373 -26.27 -12.60 7.08
N GLY D 374 -27.34 -13.19 6.52
CA GLY D 374 -28.12 -12.45 5.60
C GLY D 374 -29.52 -12.90 5.52
N MET D 375 -30.44 -12.13 4.90
CA MET D 375 -31.79 -12.39 4.78
C MET D 375 -32.18 -12.05 3.34
N MET D 376 -33.09 -12.81 2.63
CA MET D 376 -33.57 -12.42 1.32
C MET D 376 -34.96 -12.21 1.35
N LEU D 377 -35.43 -11.12 0.71
CA LEU D 377 -36.82 -10.91 0.40
C LEU D 377 -36.86 -10.73 -1.08
N SER D 378 -37.60 -11.59 -1.77
CA SER D 378 -37.66 -11.52 -3.25
C SER D 378 -39.08 -11.82 -3.59
N ASN D 379 -39.49 -11.32 -4.76
CA ASN D 379 -40.77 -11.60 -5.33
C ASN D 379 -40.41 -12.54 -6.48
N MET D 380 -40.81 -13.87 -6.28
CA MET D 380 -40.31 -14.98 -7.05
C MET D 380 -41.47 -15.74 -7.62
N SER D 381 -41.30 -16.24 -8.91
CA SER D 381 -42.29 -16.79 -9.81
C SER D 381 -42.80 -18.12 -9.38
N THR D 382 -42.06 -18.76 -8.46
CA THR D 382 -42.40 -20.12 -8.01
C THR D 382 -43.73 -20.17 -7.30
N VAL D 383 -44.22 -19.04 -6.75
CA VAL D 383 -45.48 -18.95 -6.10
C VAL D 383 -46.65 -19.41 -6.99
N VAL D 384 -46.52 -19.33 -8.34
CA VAL D 384 -47.51 -19.64 -9.35
C VAL D 384 -47.97 -21.06 -9.26
N ASN D 385 -47.06 -22.01 -8.80
CA ASN D 385 -47.42 -23.39 -8.50
C ASN D 385 -48.47 -23.53 -7.42
N VAL D 386 -48.50 -22.59 -6.39
CA VAL D 386 -49.51 -22.57 -5.36
C VAL D 386 -50.83 -22.27 -6.07
N PHE D 387 -50.91 -21.32 -7.05
CA PHE D 387 -52.24 -20.97 -7.58
C PHE D 387 -52.85 -22.15 -8.33
N GLU D 388 -52.04 -22.95 -9.06
CA GLU D 388 -52.54 -24.19 -9.67
C GLU D 388 -53.01 -25.27 -8.73
N ASN D 389 -52.24 -25.39 -7.63
CA ASN D 389 -52.31 -26.37 -6.60
C ASN D 389 -53.64 -26.30 -5.84
N ALA D 390 -54.04 -25.04 -5.55
CA ALA D 390 -55.34 -24.67 -5.02
C ALA D 390 -56.44 -24.99 -5.91
N CYS D 391 -56.29 -24.75 -7.25
CA CYS D 391 -57.35 -25.05 -8.15
C CYS D 391 -57.70 -26.45 -8.20
N ASN D 392 -56.67 -27.30 -8.28
CA ASN D 392 -56.82 -28.69 -8.16
C ASN D 392 -57.29 -29.26 -6.90
N THR D 393 -56.83 -28.79 -5.70
CA THR D 393 -57.33 -29.30 -4.43
C THR D 393 -58.79 -28.94 -4.30
N PHE D 394 -59.20 -27.67 -4.76
CA PHE D 394 -60.59 -27.27 -4.69
C PHE D 394 -61.45 -28.19 -5.59
N ASP D 395 -60.96 -28.49 -6.81
CA ASP D 395 -61.77 -29.31 -7.59
C ASP D 395 -62.06 -30.69 -7.00
N LYS D 396 -61.04 -31.42 -6.39
CA LYS D 396 -61.19 -32.74 -5.86
C LYS D 396 -62.18 -32.81 -4.72
N VAL D 397 -62.06 -31.82 -3.83
CA VAL D 397 -62.86 -31.70 -2.64
C VAL D 397 -64.28 -31.49 -2.88
N PHE D 398 -64.54 -30.64 -3.90
CA PHE D 398 -65.81 -30.22 -4.43
C PHE D 398 -66.48 -31.36 -5.02
N ALA D 399 -65.76 -32.21 -5.79
CA ALA D 399 -66.25 -33.37 -6.52
C ALA D 399 -66.84 -34.40 -5.56
N LYS D 400 -66.16 -34.62 -4.40
CA LYS D 400 -66.79 -35.54 -3.45
C LYS D 400 -68.06 -35.12 -2.83
N GLY D 401 -68.27 -33.82 -2.56
CA GLY D 401 -69.40 -33.23 -1.94
C GLY D 401 -69.32 -33.38 -0.46
N ALA D 402 -68.10 -33.17 0.07
CA ALA D 402 -67.77 -33.32 1.43
C ALA D 402 -68.32 -32.18 2.24
N PHE D 403 -69.17 -32.59 3.21
CA PHE D 403 -69.63 -31.66 4.35
C PHE D 403 -70.04 -30.26 3.74
N LEU D 404 -70.96 -30.29 2.74
CA LEU D 404 -71.44 -29.09 2.15
C LEU D 404 -72.45 -28.46 3.07
N ASN D 405 -73.10 -29.23 3.95
CA ASN D 405 -74.27 -28.98 4.72
C ASN D 405 -74.12 -27.68 5.51
N ASN D 406 -73.00 -27.48 6.21
CA ASN D 406 -72.71 -26.28 7.03
C ASN D 406 -72.63 -24.98 6.22
N TYR D 407 -72.04 -25.15 4.98
CA TYR D 407 -71.93 -24.01 4.04
C TYR D 407 -73.22 -23.43 3.53
N ASN D 408 -74.12 -24.36 3.19
CA ASN D 408 -75.50 -24.10 2.58
C ASN D 408 -76.33 -23.31 3.48
N VAL D 409 -76.16 -23.45 4.77
CA VAL D 409 -76.88 -22.69 5.84
C VAL D 409 -76.58 -21.23 5.62
N GLY D 410 -75.37 -20.94 5.16
CA GLY D 410 -74.79 -19.68 4.80
C GLY D 410 -75.42 -19.15 3.54
N ASP D 411 -75.82 -17.81 3.60
CA ASP D 411 -76.45 -17.12 2.52
C ASP D 411 -75.62 -17.03 1.22
N LEU D 412 -74.31 -16.90 1.45
CA LEU D 412 -73.22 -16.75 0.52
C LEU D 412 -73.08 -17.93 -0.32
N PHE D 413 -73.30 -19.19 0.28
CA PHE D 413 -73.13 -20.47 -0.35
C PHE D 413 -74.51 -21.19 -0.50
N GLN D 414 -75.59 -20.39 -0.58
CA GLN D 414 -76.90 -20.94 -0.72
C GLN D 414 -77.04 -21.95 -1.82
N SER D 415 -76.52 -21.57 -3.03
CA SER D 415 -76.76 -22.40 -4.23
C SER D 415 -75.90 -23.63 -4.22
N MET D 416 -74.58 -23.52 -3.69
CA MET D 416 -73.78 -24.77 -3.58
C MET D 416 -72.54 -24.32 -2.95
N GLN D 417 -71.57 -23.80 -3.65
CA GLN D 417 -70.33 -23.37 -3.07
C GLN D 417 -70.02 -22.30 -4.05
N ASN D 418 -70.77 -21.13 -3.94
CA ASN D 418 -70.60 -19.97 -4.78
C ASN D 418 -69.33 -19.25 -4.56
N VAL D 419 -68.89 -19.15 -3.28
CA VAL D 419 -67.68 -18.36 -2.93
C VAL D 419 -66.48 -18.91 -3.59
N GLN D 420 -66.42 -20.28 -3.65
CA GLN D 420 -65.37 -21.13 -4.26
C GLN D 420 -65.31 -21.04 -5.72
N ASP D 421 -66.50 -21.05 -6.37
CA ASP D 421 -66.59 -20.77 -7.74
C ASP D 421 -66.16 -19.37 -8.21
N GLU D 422 -66.60 -18.31 -7.42
CA GLU D 422 -66.30 -16.88 -7.67
C GLU D 422 -64.77 -16.73 -7.57
N PHE D 423 -64.11 -17.37 -6.55
CA PHE D 423 -62.74 -17.45 -6.24
C PHE D 423 -62.00 -18.14 -7.35
N ALA D 424 -62.54 -19.23 -7.92
CA ALA D 424 -61.91 -19.93 -8.98
C ALA D 424 -61.64 -19.06 -10.22
N GLU D 425 -62.65 -18.24 -10.52
CA GLU D 425 -62.62 -17.40 -11.64
C GLU D 425 -61.57 -16.33 -11.44
N SER D 426 -61.54 -15.74 -10.19
CA SER D 426 -60.56 -14.79 -9.88
C SER D 426 -59.09 -15.40 -9.87
N ARG D 427 -58.87 -16.61 -9.33
CA ARG D 427 -57.57 -17.21 -9.27
C ARG D 427 -56.93 -17.53 -10.62
N GLU D 428 -57.78 -18.04 -11.60
CA GLU D 428 -57.32 -18.36 -12.92
C GLU D 428 -56.84 -17.11 -13.79
N VAL D 429 -57.59 -15.98 -13.67
CA VAL D 429 -57.19 -14.72 -14.29
C VAL D 429 -55.89 -14.16 -13.70
N VAL D 430 -55.65 -14.27 -12.35
CA VAL D 430 -54.45 -13.79 -11.74
C VAL D 430 -53.19 -14.50 -12.31
N GLN D 431 -53.37 -15.85 -12.41
CA GLN D 431 -52.34 -16.77 -12.87
C GLN D 431 -51.90 -16.57 -14.20
N SER D 432 -52.88 -16.33 -15.10
CA SER D 432 -52.59 -16.10 -16.50
C SER D 432 -51.74 -14.90 -16.66
N LEU D 433 -52.08 -13.81 -15.88
CA LEU D 433 -51.49 -12.51 -15.87
C LEU D 433 -50.08 -12.73 -15.41
N MET D 434 -49.85 -13.68 -14.39
CA MET D 434 -48.52 -13.89 -13.80
C MET D 434 -47.58 -14.35 -14.96
N GLU D 435 -48.14 -15.24 -15.86
CA GLU D 435 -47.43 -15.80 -16.93
C GLU D 435 -47.04 -14.79 -17.92
N ASP D 436 -47.98 -13.83 -18.12
CA ASP D 436 -47.81 -12.68 -19.02
C ASP D 436 -46.72 -11.79 -18.56
N TYR D 437 -46.49 -11.60 -17.21
CA TYR D 437 -45.31 -10.94 -16.68
C TYR D 437 -43.93 -11.57 -16.91
N VAL D 438 -43.87 -12.91 -17.04
CA VAL D 438 -42.64 -13.61 -17.46
C VAL D 438 -42.29 -13.26 -18.85
N ALA D 439 -43.18 -12.87 -19.75
CA ALA D 439 -42.86 -12.73 -21.14
C ALA D 439 -42.91 -11.26 -21.43
N ALA D 440 -42.91 -10.96 -22.81
CA ALA D 440 -42.92 -9.59 -23.31
C ALA D 440 -44.18 -8.90 -22.90
N GLU D 441 -45.28 -9.65 -22.81
CA GLU D 441 -46.66 -9.24 -22.65
C GLU D 441 -46.84 -8.46 -21.40
N GLN D 442 -45.84 -8.55 -20.52
CA GLN D 442 -45.61 -7.71 -19.30
C GLN D 442 -45.64 -6.26 -19.68
N ASP D 443 -44.94 -5.85 -20.82
CA ASP D 443 -45.07 -4.51 -21.31
C ASP D 443 -46.05 -4.54 -22.39
N SER D 444 -46.97 -3.55 -22.43
CA SER D 444 -48.05 -3.42 -23.42
C SER D 444 -48.45 -1.97 -23.32
N TYR D 445 -49.11 -1.49 -24.36
CA TYR D 445 -49.59 -0.11 -24.43
C TYR D 445 -50.82 0.07 -23.53
N UNK E 1 28.91 49.54 4.29
CA UNK E 1 29.17 48.15 3.84
C UNK E 1 30.62 48.01 3.48
N UNK E 2 31.02 46.71 3.19
CA UNK E 2 32.29 46.27 2.70
C UNK E 2 32.54 46.78 1.36
N UNK E 3 31.43 46.79 0.49
CA UNK E 3 31.51 47.27 -0.88
C UNK E 3 31.90 48.74 -0.95
N UNK E 4 31.28 49.47 0.03
CA UNK E 4 31.48 50.87 0.32
C UNK E 4 32.90 51.16 0.81
N UNK E 5 33.45 50.24 1.60
CA UNK E 5 34.79 50.36 2.13
C UNK E 5 35.87 50.39 1.06
N UNK E 6 35.73 49.52 0.01
CA UNK E 6 36.65 49.37 -1.10
C UNK E 6 36.63 50.61 -1.96
N UNK E 7 35.46 51.31 -2.17
CA UNK E 7 35.36 52.68 -2.89
C UNK E 7 36.17 53.78 -2.23
N UNK E 8 36.16 53.73 -0.89
CA UNK E 8 36.79 54.66 -0.03
C UNK E 8 38.40 54.65 -0.26
N UNK E 9 38.95 53.38 -0.45
CA UNK E 9 40.38 53.06 -0.74
C UNK E 9 40.61 53.71 -2.03
N UNK E 10 39.71 53.64 -2.98
CA UNK E 10 39.92 54.36 -4.29
C UNK E 10 39.97 55.88 -4.23
N UNK E 11 39.03 56.54 -3.49
CA UNK E 11 38.87 58.00 -3.36
C UNK E 11 40.10 58.55 -2.73
N UNK E 12 40.55 57.77 -1.73
CA UNK E 12 41.70 58.07 -0.94
C UNK E 12 42.87 58.11 -1.82
N UNK E 13 43.14 57.12 -2.67
CA UNK E 13 44.28 57.02 -3.56
C UNK E 13 44.23 58.11 -4.56
N UNK E 14 43.03 58.56 -5.14
CA UNK E 14 42.99 59.73 -5.96
C UNK E 14 43.46 61.03 -5.23
N UNK E 15 43.10 61.25 -3.93
CA UNK E 15 43.52 62.36 -3.03
C UNK E 15 45.04 62.24 -2.89
N UNK E 16 45.65 61.05 -2.74
CA UNK E 16 47.07 60.78 -2.54
C UNK E 16 47.81 61.19 -3.78
N UNK E 17 47.27 61.05 -5.03
CA UNK E 17 47.94 61.53 -6.27
C UNK E 17 48.01 63.02 -6.25
N UNK E 18 46.92 63.71 -5.88
CA UNK E 18 46.94 65.15 -5.79
C UNK E 18 47.91 65.65 -4.76
N UNK E 19 48.00 64.95 -3.57
CA UNK E 19 48.90 65.29 -2.47
C UNK E 19 50.36 65.16 -2.92
N UNK E 20 50.73 64.15 -3.71
CA UNK E 20 52.01 63.84 -4.25
C UNK E 20 52.39 64.96 -5.20
N UNK E 21 51.46 65.42 -6.05
CA UNK E 21 51.68 66.46 -6.96
C UNK E 21 51.99 67.73 -6.31
N UNK E 22 51.52 68.05 -5.07
CA UNK E 22 51.82 69.16 -4.14
C UNK E 22 53.29 69.09 -3.71
N UNK E 23 53.80 67.86 -3.38
CA UNK E 23 55.13 67.56 -2.98
C UNK E 23 56.15 67.90 -4.01
N UNK E 24 55.92 67.60 -5.30
CA UNK E 24 56.71 67.85 -6.42
C UNK E 24 56.93 69.35 -6.60
N UNK E 25 55.86 70.15 -6.47
CA UNK E 25 55.94 71.63 -6.56
C UNK E 25 56.83 72.16 -5.46
N UNK E 26 56.69 71.61 -4.24
CA UNK E 26 57.38 71.94 -2.99
C UNK E 26 58.84 71.61 -3.16
N UNK E 27 59.17 70.49 -3.67
CA UNK E 27 60.46 69.91 -3.85
C UNK E 27 61.22 70.62 -4.90
N UNK E 28 60.44 71.19 -5.90
CA UNK E 28 60.99 72.05 -6.93
C UNK E 28 61.55 73.35 -6.38
N UNK E 29 60.92 73.81 -5.23
CA UNK E 29 61.21 75.08 -4.60
C UNK E 29 62.67 75.00 -4.07
N UNK E 30 63.17 73.91 -3.59
CA UNK E 30 64.52 73.74 -3.07
C UNK E 30 65.54 73.96 -4.09
N UNK E 31 65.30 73.64 -5.40
CA UNK E 31 66.16 73.78 -6.53
C UNK E 31 66.39 75.28 -6.65
N UNK E 32 65.30 76.11 -6.51
CA UNK E 32 65.35 77.54 -6.64
C UNK E 32 66.22 78.09 -5.46
N UNK E 33 66.07 77.59 -4.23
CA UNK E 33 66.81 78.02 -3.06
C UNK E 33 68.30 77.71 -3.28
N UNK E 34 68.66 76.48 -3.80
CA UNK E 34 70.04 76.09 -4.04
C UNK E 34 70.66 76.91 -5.09
N UNK E 35 69.88 77.21 -6.19
CA UNK E 35 70.35 78.02 -7.32
C UNK E 35 70.63 79.33 -6.87
N UNK E 36 69.85 79.94 -5.90
CA UNK E 36 70.11 81.28 -5.43
C UNK E 36 71.32 81.32 -4.72
N UNK E 37 71.58 80.25 -4.00
CA UNK E 37 72.77 80.11 -3.17
C UNK E 37 74.08 80.11 -3.99
N UNK E 38 73.99 79.42 -5.20
CA UNK E 38 75.10 79.32 -6.12
C UNK E 38 75.43 80.63 -6.67
N UNK E 39 74.47 81.50 -7.06
CA UNK E 39 74.58 82.84 -7.65
C UNK E 39 75.30 83.61 -6.64
N UNK E 40 74.86 83.56 -5.37
CA UNK E 40 75.40 84.37 -4.32
C UNK E 40 76.84 84.08 -4.04
N UNK E 41 77.21 82.77 -3.88
CA UNK E 41 78.60 82.49 -3.62
C UNK E 41 79.53 82.83 -4.81
N UNK E 42 79.15 82.54 -6.06
CA UNK E 42 79.89 82.64 -7.27
C UNK E 42 80.40 84.09 -7.37
N UNK E 43 79.45 85.13 -7.01
CA UNK E 43 79.88 86.50 -7.23
C UNK E 43 80.98 86.72 -6.27
N UNK E 44 80.98 86.32 -4.99
CA UNK E 44 82.03 86.49 -4.01
C UNK E 44 83.16 85.50 -4.35
N UNK F 1 31.32 47.25 -21.20
CA UNK F 1 30.55 47.57 -19.99
C UNK F 1 31.02 48.82 -19.26
N UNK F 2 30.25 49.31 -18.31
CA UNK F 2 30.66 50.50 -17.47
C UNK F 2 31.85 50.21 -16.59
N UNK F 3 31.93 48.96 -15.98
CA UNK F 3 32.99 48.60 -15.05
C UNK F 3 34.28 48.67 -15.77
N UNK F 4 34.33 48.13 -17.03
CA UNK F 4 35.62 48.07 -17.75
C UNK F 4 36.21 49.50 -18.04
N UNK F 5 35.24 50.43 -18.47
CA UNK F 5 35.53 51.80 -18.81
C UNK F 5 36.07 52.54 -17.60
N UNK F 6 35.42 52.25 -16.42
CA UNK F 6 35.70 52.75 -15.11
C UNK F 6 37.09 52.22 -14.62
N UNK F 7 37.42 50.89 -14.89
CA UNK F 7 38.68 50.26 -14.58
C UNK F 7 39.87 50.93 -15.37
N UNK F 8 39.69 51.22 -16.68
CA UNK F 8 40.64 51.83 -17.53
C UNK F 8 41.04 53.20 -17.10
N UNK F 9 40.07 53.99 -16.56
CA UNK F 9 40.24 55.35 -15.98
C UNK F 9 41.11 55.25 -14.85
N UNK F 10 40.94 54.18 -14.06
CA UNK F 10 41.70 54.00 -12.84
C UNK F 10 43.19 53.86 -13.10
N UNK F 11 43.44 53.03 -14.17
CA UNK F 11 44.72 52.66 -14.75
C UNK F 11 45.34 53.94 -15.30
N UNK F 12 44.52 54.88 -15.91
CA UNK F 12 45.00 56.18 -16.46
C UNK F 12 45.62 57.04 -15.38
N UNK F 13 44.90 57.21 -14.16
CA UNK F 13 45.37 58.04 -13.08
C UNK F 13 46.58 57.38 -12.44
N UNK F 14 46.60 56.05 -12.34
CA UNK F 14 47.69 55.32 -11.94
C UNK F 14 48.93 55.45 -12.91
N UNK F 15 48.75 55.45 -14.29
CA UNK F 15 49.94 55.57 -15.17
C UNK F 15 50.67 56.87 -14.95
N UNK F 16 49.83 57.94 -14.83
CA UNK F 16 50.27 59.32 -14.55
C UNK F 16 50.98 59.38 -13.18
N UNK F 17 50.46 58.61 -12.12
CA UNK F 17 51.13 58.54 -10.81
C UNK F 17 52.54 57.98 -10.93
N UNK F 18 52.72 56.92 -11.75
CA UNK F 18 54.09 56.40 -11.86
C UNK F 18 54.98 57.40 -12.45
N UNK F 19 54.57 58.06 -13.50
CA UNK F 19 55.37 59.04 -14.22
C UNK F 19 55.76 60.21 -13.28
N UNK F 20 54.85 60.68 -12.47
CA UNK F 20 55.08 61.67 -11.53
C UNK F 20 56.15 61.25 -10.52
N UNK F 21 56.28 59.95 -10.20
CA UNK F 21 57.21 59.41 -9.24
C UNK F 21 58.62 59.48 -9.83
N UNK F 22 58.65 59.03 -11.14
CA UNK F 22 59.82 58.88 -11.97
C UNK F 22 60.44 60.24 -12.23
N UNK F 23 59.66 61.19 -12.60
CA UNK F 23 59.92 62.53 -12.96
C UNK F 23 60.37 63.26 -11.75
N UNK F 24 59.77 62.93 -10.62
CA UNK F 24 60.03 63.37 -9.28
C UNK F 24 61.37 62.89 -8.82
N UNK F 25 61.88 61.65 -9.22
CA UNK F 25 63.15 61.09 -8.78
C UNK F 25 64.32 61.85 -9.38
N UNK F 26 64.05 62.35 -10.58
CA UNK F 26 64.98 63.29 -11.32
C UNK F 26 65.25 64.49 -10.49
N UNK F 27 64.25 65.02 -9.74
CA UNK F 27 64.38 66.15 -8.83
C UNK F 27 65.29 65.85 -7.62
N UNK F 28 65.25 64.60 -7.09
CA UNK F 28 66.08 64.03 -6.07
C UNK F 28 67.56 64.14 -6.44
N UNK F 29 67.88 63.75 -7.70
CA UNK F 29 69.12 63.72 -8.37
C UNK F 29 69.42 65.12 -8.62
N UNK F 30 68.51 66.00 -9.06
CA UNK F 30 68.75 67.37 -9.36
C UNK F 30 69.22 68.12 -8.19
N UNK F 31 68.56 67.86 -7.03
CA UNK F 31 68.90 68.50 -5.79
C UNK F 31 70.24 68.10 -5.30
N UNK F 32 70.69 66.84 -5.51
CA UNK F 32 72.04 66.22 -5.26
C UNK F 32 73.11 66.95 -6.09
N UNK F 33 72.85 67.23 -7.35
CA UNK F 33 73.78 68.00 -8.13
C UNK F 33 73.93 69.46 -7.67
N UNK F 34 72.82 70.19 -7.36
CA UNK F 34 72.88 71.57 -6.90
C UNK F 34 73.57 71.70 -5.52
N UNK F 35 73.40 70.66 -4.60
CA UNK F 35 74.14 70.46 -3.32
C UNK F 35 75.57 70.20 -3.66
N UNK F 36 75.89 69.36 -4.63
CA UNK F 36 77.25 69.07 -4.87
C UNK F 36 77.96 70.32 -5.41
N UNK F 37 77.21 71.13 -6.30
CA UNK F 37 77.70 72.40 -6.87
C UNK F 37 78.01 73.40 -5.77
N UNK F 38 77.19 73.45 -4.67
CA UNK F 38 77.30 74.36 -3.54
C UNK F 38 78.54 74.05 -2.76
N UNK F 39 78.79 72.71 -2.53
CA UNK F 39 79.84 72.22 -1.71
C UNK F 39 81.16 72.58 -2.12
N UNK F 40 81.39 72.33 -3.44
CA UNK F 40 82.62 72.71 -4.07
C UNK F 40 82.87 74.22 -4.14
N UNK F 41 81.74 74.92 -4.43
CA UNK F 41 81.63 76.37 -4.64
C UNK F 41 82.02 77.09 -3.34
N UNK F 42 81.56 76.57 -2.19
CA UNK F 42 81.78 77.16 -0.90
C UNK F 42 83.21 77.13 -0.48
N UNK F 43 83.90 76.02 -0.69
CA UNK F 43 85.26 75.78 -0.42
C UNK F 43 86.09 76.68 -1.23
N UNK F 44 85.68 76.78 -2.46
CA UNK F 44 86.23 77.71 -3.45
C UNK F 44 87.78 77.57 -3.77
N GLN A 55 84.55 62.56 16.35
CA GLN A 55 84.43 62.74 14.87
C GLN A 55 83.77 61.54 14.32
N GLU A 56 84.53 60.41 14.63
CA GLU A 56 84.28 58.99 14.49
C GLU A 56 83.17 58.61 15.36
N ALA A 57 83.17 59.18 16.60
CA ALA A 57 82.28 58.97 17.71
C ALA A 57 80.85 59.37 17.40
N LEU A 58 80.73 60.50 16.69
CA LEU A 58 79.52 61.19 16.30
C LEU A 58 78.78 60.21 15.38
N VAL A 59 79.56 59.49 14.47
CA VAL A 59 79.11 58.48 13.58
C VAL A 59 78.62 57.32 14.39
N VAL A 60 79.26 56.88 15.51
CA VAL A 60 78.80 55.73 16.32
C VAL A 60 77.40 56.03 16.92
N LYS A 61 77.13 57.26 17.45
CA LYS A 61 75.82 57.62 17.97
C LYS A 61 74.73 57.59 16.96
N ASP A 62 75.06 58.12 15.75
CA ASP A 62 74.10 58.21 14.62
C ASP A 62 73.69 56.88 14.16
N LEU A 63 74.71 55.94 14.12
CA LEU A 63 74.61 54.61 13.69
C LEU A 63 73.69 53.89 14.61
N LEU A 64 73.79 54.07 15.96
CA LEU A 64 73.02 53.49 17.02
C LEU A 64 71.57 53.93 16.77
N ASN A 65 71.40 55.25 16.42
CA ASN A 65 70.04 55.79 16.18
C ASN A 65 69.31 55.13 15.02
N VAL A 66 70.12 54.92 14.03
CA VAL A 66 69.87 54.28 12.77
C VAL A 66 69.48 52.78 12.86
N LEU A 67 70.16 51.99 13.74
CA LEU A 67 70.22 50.57 13.88
C LEU A 67 68.90 49.96 14.22
N ILE A 68 68.12 50.73 14.95
CA ILE A 68 66.84 50.38 15.42
C ILE A 68 65.85 50.23 14.29
N GLY A 69 66.10 50.97 13.18
CA GLY A 69 65.39 50.74 11.96
C GLY A 69 64.41 51.79 11.71
N LEU A 70 64.71 52.95 12.30
CA LEU A 70 63.95 54.15 12.30
C LEU A 70 64.99 55.24 12.09
N GLU A 71 64.54 56.22 11.21
CA GLU A 71 65.38 57.21 10.58
C GLU A 71 64.47 58.35 10.29
N GLY A 72 65.00 59.45 9.71
CA GLY A 72 64.17 60.64 9.38
C GLY A 72 63.80 60.62 7.93
N THR A 73 64.74 60.38 7.00
CA THR A 73 64.53 60.26 5.65
C THR A 73 65.66 59.54 4.97
N TYR A 74 66.64 59.06 5.76
CA TYR A 74 67.81 58.39 5.23
C TYR A 74 67.57 57.17 4.40
N ILE A 75 66.71 56.24 4.90
CA ILE A 75 66.36 55.06 4.14
C ILE A 75 64.98 55.44 3.71
N ARG A 76 64.79 55.85 2.45
CA ARG A 76 63.53 56.32 2.06
C ARG A 76 62.76 55.14 1.49
N TYR A 77 61.45 55.38 1.35
CA TYR A 77 60.45 54.45 0.86
C TYR A 77 59.77 54.82 -0.39
N PHE A 78 59.81 53.90 -1.42
CA PHE A 78 58.85 53.97 -2.48
C PHE A 78 58.15 52.72 -2.35
N ASN A 79 56.86 52.77 -2.31
CA ASN A 79 56.05 51.71 -1.83
C ASN A 79 55.95 50.36 -2.51
N ASP A 80 55.81 50.35 -3.83
CA ASP A 80 55.45 49.20 -4.65
C ASP A 80 54.41 48.22 -3.99
N ILE A 90 58.90 51.30 -5.97
CA ILE A 90 59.95 50.36 -6.23
C ILE A 90 60.55 49.62 -5.05
N GLU A 91 60.67 50.31 -3.85
CA GLU A 91 61.18 49.88 -2.53
C GLU A 91 62.09 50.87 -1.90
N PHE A 92 63.01 50.31 -1.13
CA PHE A 92 64.01 51.00 -0.32
C PHE A 92 65.07 51.68 -1.11
N LYS A 93 65.44 52.84 -0.68
CA LYS A 93 66.70 53.39 -1.17
C LYS A 93 67.35 54.02 -0.06
N ILE A 94 68.71 54.15 -0.06
CA ILE A 94 69.47 54.59 1.06
C ILE A 94 70.46 55.69 0.82
N ALA A 95 70.70 56.46 1.91
CA ALA A 95 71.69 57.48 2.11
C ALA A 95 73.04 56.91 2.04
N LYS A 96 74.07 57.57 1.52
CA LYS A 96 75.45 57.14 1.51
C LYS A 96 76.26 58.31 1.95
N LYS A 97 77.56 57.98 1.94
CA LYS A 97 78.76 58.78 2.29
C LYS A 97 79.16 58.49 3.65
N MET A 98 80.21 57.66 3.79
CA MET A 98 80.75 57.25 5.06
C MET A 98 82.14 56.84 4.92
N ASP A 99 82.74 56.53 6.08
CA ASP A 99 84.00 55.87 6.27
C ASP A 99 83.82 54.51 5.65
N PRO A 100 84.79 53.83 5.09
CA PRO A 100 84.70 52.56 4.49
C PRO A 100 84.35 51.49 5.44
N SER A 101 84.82 51.68 6.67
CA SER A 101 84.65 50.84 7.83
C SER A 101 83.24 50.84 8.15
N PHE A 102 82.62 52.07 8.29
CA PHE A 102 81.24 52.20 8.47
C PHE A 102 80.38 51.73 7.35
N LYS A 103 80.75 52.06 6.11
CA LYS A 103 79.97 51.64 4.94
C LYS A 103 79.85 50.20 4.79
N THR A 104 80.90 49.41 5.02
CA THR A 104 80.88 47.96 4.92
C THR A 104 79.90 47.27 5.90
N PHE A 105 80.04 47.83 7.11
CA PHE A 105 79.29 47.45 8.24
C PHE A 105 77.79 47.72 7.96
N SER A 106 77.44 48.90 7.45
CA SER A 106 76.18 49.28 7.07
C SER A 106 75.66 48.41 5.94
N ARG A 107 76.51 47.94 4.99
CA ARG A 107 76.06 47.08 3.92
C ARG A 107 75.60 45.79 4.60
N ARG A 108 76.37 45.24 5.56
CA ARG A 108 75.97 43.91 6.20
C ARG A 108 74.70 44.10 6.95
N ILE A 109 74.56 45.24 7.69
CA ILE A 109 73.40 45.56 8.53
C ILE A 109 72.23 45.68 7.66
N VAL A 110 72.37 46.19 6.39
CA VAL A 110 71.29 46.30 5.45
C VAL A 110 70.66 45.07 5.16
N ARG A 111 71.38 43.91 4.95
CA ARG A 111 70.73 42.72 4.59
C ARG A 111 69.79 42.19 5.65
N TYR A 112 70.24 42.18 6.91
CA TYR A 112 69.44 41.79 8.01
C TYR A 112 68.15 42.65 8.17
N GLY A 113 68.38 44.01 7.99
CA GLY A 113 67.40 45.05 8.06
C GLY A 113 66.31 44.95 6.98
N LYS A 114 66.78 44.52 5.77
CA LYS A 114 66.10 44.33 4.50
C LYS A 114 65.07 43.23 4.84
N GLN A 115 65.60 42.16 5.46
CA GLN A 115 64.79 40.98 5.78
C GLN A 115 63.73 41.33 6.74
N TYR A 116 64.04 42.20 7.73
CA TYR A 116 63.16 42.69 8.74
C TYR A 116 61.94 43.44 8.07
N MET A 117 62.18 44.27 7.01
CA MET A 117 61.17 44.92 6.20
C MET A 117 60.31 43.99 5.41
N ILE A 118 60.85 42.96 4.79
CA ILE A 118 60.28 41.94 3.92
C ILE A 118 59.34 41.05 4.77
N LEU A 119 59.82 40.68 6.00
CA LEU A 119 58.98 39.89 6.92
C LEU A 119 57.78 40.66 7.31
N THR A 120 57.86 42.05 7.60
CA THR A 120 56.78 42.99 7.99
C THR A 120 55.72 43.06 6.90
N ARG A 121 56.20 43.05 5.61
CA ARG A 121 55.31 43.04 4.47
C ARG A 121 54.45 41.78 4.46
N ALA A 122 55.12 40.61 4.70
CA ALA A 122 54.39 39.34 4.66
C ALA A 122 53.35 39.28 5.77
N TYR A 123 53.66 39.74 7.01
CA TYR A 123 52.60 39.58 8.01
C TYR A 123 51.38 40.41 7.78
N GLU A 124 51.62 41.66 7.30
CA GLU A 124 50.69 42.66 6.91
C GLU A 124 49.83 42.16 5.89
N LYS A 125 50.35 41.41 4.97
CA LYS A 125 49.63 40.86 3.82
C LYS A 125 48.54 39.90 4.34
N TRP A 126 48.93 39.00 5.28
CA TRP A 126 48.02 38.04 5.74
C TRP A 126 46.95 38.56 6.61
N SER A 127 47.35 39.61 7.31
CA SER A 127 46.50 40.41 8.19
C SER A 127 45.34 40.94 7.46
N ASP A 128 44.21 40.80 8.13
CA ASP A 128 42.90 41.21 7.60
C ASP A 128 42.51 40.64 6.26
N THR A 129 42.74 39.33 6.08
CA THR A 129 42.50 38.51 4.91
C THR A 129 42.60 37.14 5.48
N SER A 130 42.28 36.18 4.53
CA SER A 130 42.58 34.80 4.71
C SER A 130 42.93 34.38 3.34
N PHE A 131 43.91 33.42 3.15
CA PHE A 131 44.14 32.82 1.83
C PHE A 131 43.93 31.36 1.90
N GLY A 132 43.32 30.94 3.01
CA GLY A 132 43.25 29.60 3.44
C GLY A 132 43.69 29.73 4.80
N MET A 133 42.93 29.08 5.67
CA MET A 133 43.03 29.17 7.13
C MET A 133 44.28 28.64 7.68
N VAL A 134 44.82 27.49 7.15
CA VAL A 134 46.03 26.79 7.64
C VAL A 134 47.24 27.63 7.50
N LEU A 135 47.30 28.32 6.35
CA LEU A 135 48.34 29.23 5.97
C LEU A 135 48.33 30.40 6.93
N GLN A 136 47.10 30.91 7.26
CA GLN A 136 46.90 32.06 8.07
C GLN A 136 47.42 31.84 9.48
N ARG A 137 47.20 30.63 10.04
CA ARG A 137 47.60 30.14 11.34
C ARG A 137 49.02 30.09 11.38
N PHE A 138 49.69 29.67 10.25
CA PHE A 138 51.14 29.63 10.16
C PHE A 138 51.65 31.05 10.30
N ALA A 139 51.06 32.02 9.59
CA ALA A 139 51.52 33.37 9.58
C ALA A 139 51.43 33.95 11.00
N TYR A 140 50.35 33.64 11.74
CA TYR A 140 50.16 34.15 13.09
C TYR A 140 51.24 33.66 14.00
N GLU A 141 51.63 32.28 13.89
CA GLU A 141 52.53 31.74 14.83
C GLU A 141 53.90 32.35 14.74
N ILE A 142 54.37 32.57 13.49
CA ILE A 142 55.65 33.21 13.27
C ILE A 142 55.77 34.61 13.77
N ARG A 143 54.72 35.39 13.49
CA ARG A 143 54.68 36.80 13.86
C ARG A 143 54.74 36.94 15.32
N ARG A 144 53.98 36.08 16.01
CA ARG A 144 53.84 36.10 17.49
C ARG A 144 55.09 35.79 18.18
N PHE A 145 55.79 34.80 17.67
CA PHE A 145 57.04 34.43 18.15
C PHE A 145 58.07 35.43 17.92
N LEU A 146 58.13 35.98 16.71
CA LEU A 146 59.17 36.82 16.30
C LEU A 146 59.15 38.01 17.16
N GLU A 147 57.94 38.56 17.47
CA GLU A 147 57.88 39.78 18.16
C GLU A 147 58.43 39.63 19.47
N ASP A 148 58.16 38.51 20.16
CA ASP A 148 58.64 38.42 21.54
C ASP A 148 60.16 38.46 21.74
N VAL A 149 60.78 37.66 20.85
CA VAL A 149 62.18 37.45 20.86
C VAL A 149 62.98 38.62 20.56
N TYR A 150 62.53 39.26 19.44
CA TYR A 150 63.17 40.32 18.80
C TYR A 150 63.13 41.46 19.73
N LEU A 151 61.94 41.68 20.35
CA LEU A 151 61.76 42.86 21.14
C LEU A 151 62.63 42.87 22.31
N LYS A 152 62.68 41.76 23.01
CA LYS A 152 63.33 41.60 24.33
C LYS A 152 64.82 41.85 24.10
N THR A 153 65.46 41.23 23.11
CA THR A 153 66.82 41.32 22.95
C THR A 153 67.29 42.71 22.62
N LEU A 154 66.53 43.25 21.62
CA LEU A 154 66.95 44.45 20.97
C LEU A 154 66.87 45.60 21.94
N VAL A 155 65.75 45.74 22.71
CA VAL A 155 65.59 46.88 23.56
C VAL A 155 66.62 46.94 24.69
N GLU A 156 66.85 45.76 25.32
CA GLU A 156 67.65 45.78 26.50
C GLU A 156 69.04 46.19 26.26
N ARG A 157 69.58 45.69 25.21
CA ARG A 157 70.90 45.88 24.65
C ARG A 157 71.09 47.26 24.21
N LEU A 158 70.12 47.86 23.56
CA LEU A 158 70.22 49.25 23.02
C LEU A 158 70.32 50.22 24.12
N GLU A 159 69.51 49.92 25.20
CA GLU A 159 69.49 50.81 26.36
C GLU A 159 70.75 50.92 27.10
N ARG A 160 71.42 49.71 27.24
CA ARG A 160 72.64 49.41 28.01
C ARG A 160 73.73 50.22 27.30
N ASP A 161 73.67 50.19 25.89
CA ASP A 161 74.66 50.80 25.13
C ASP A 161 74.64 52.35 25.37
N PHE A 162 73.46 52.99 25.40
CA PHE A 162 73.34 54.38 25.71
C PHE A 162 73.73 54.69 27.07
N ASN A 163 73.29 53.91 28.10
CA ASN A 163 73.65 54.21 29.47
C ASN A 163 75.14 54.13 29.86
N LYS A 164 75.97 53.07 29.49
CA LYS A 164 77.32 52.88 29.94
C LYS A 164 78.20 53.97 29.45
N VAL A 165 78.14 54.30 28.09
CA VAL A 165 78.90 55.32 27.53
C VAL A 165 77.78 55.84 26.64
N PRO A 166 77.46 57.16 26.32
CA PRO A 166 76.27 57.61 25.60
C PRO A 166 76.07 56.91 24.30
N ASN A 167 77.01 56.10 23.77
CA ASN A 167 76.82 55.17 22.62
C ASN A 167 77.81 54.12 22.91
N PHE A 168 77.69 52.92 22.26
CA PHE A 168 78.54 51.79 22.54
C PHE A 168 78.51 50.81 21.40
N SER A 169 79.35 49.74 21.37
CA SER A 169 79.60 48.78 20.30
C SER A 169 78.43 47.91 19.92
N ILE A 170 78.05 48.08 18.64
CA ILE A 170 77.05 47.27 17.92
C ILE A 170 77.37 45.80 17.71
N ARG A 171 78.66 45.46 17.44
CA ARG A 171 79.03 44.25 16.77
C ARG A 171 78.59 42.88 17.34
N GLU A 172 78.76 42.67 18.65
CA GLU A 172 78.45 41.42 19.42
C GLU A 172 76.90 41.19 19.48
N LEU A 173 76.18 42.30 19.71
CA LEU A 173 74.73 42.44 19.84
C LEU A 173 74.06 42.01 18.66
N GLU A 174 74.67 42.52 17.59
CA GLU A 174 74.28 42.30 16.25
C GLU A 174 74.44 40.85 15.88
N GLN A 175 75.53 40.20 16.31
CA GLN A 175 75.76 38.86 15.83
C GLN A 175 74.67 37.92 16.33
N ILE A 176 74.37 38.12 17.68
CA ILE A 176 73.47 37.16 18.30
C ILE A 176 72.08 37.12 17.84
N ILE A 177 71.55 38.36 17.77
CA ILE A 177 70.16 38.59 17.35
C ILE A 177 69.99 38.13 15.92
N ASN A 178 71.05 38.42 15.09
CA ASN A 178 71.04 37.93 13.73
C ASN A 178 71.01 36.42 13.52
N GLU A 179 71.72 35.64 14.33
CA GLU A 179 71.74 34.24 14.09
C GLU A 179 70.36 33.59 14.29
N THR A 180 69.71 33.96 15.44
CA THR A 180 68.45 33.28 15.75
C THR A 180 67.46 33.60 14.70
N GLU A 181 67.38 34.96 14.41
CA GLU A 181 66.32 35.47 13.52
C GLU A 181 66.48 34.84 12.17
N VAL A 182 67.69 34.86 11.62
CA VAL A 182 67.95 34.70 10.13
C VAL A 182 67.46 33.40 9.61
N ASN A 183 67.85 32.33 10.34
CA ASN A 183 67.67 31.02 9.77
C ASN A 183 66.18 30.79 9.65
N LYS A 184 65.43 31.00 10.79
CA LYS A 184 64.08 30.50 10.82
C LYS A 184 63.29 31.27 9.80
N GLN A 185 63.35 32.66 9.83
CA GLN A 185 62.35 33.49 9.11
C GLN A 185 62.58 33.35 7.68
N MET A 186 63.89 33.35 7.20
CA MET A 186 64.31 33.51 5.80
C MET A 186 63.79 32.36 5.05
N GLU A 187 63.91 31.12 5.56
CA GLU A 187 63.56 29.94 4.80
C GLU A 187 62.15 29.86 4.49
N LEU A 188 61.31 30.12 5.53
CA LEU A 188 59.86 29.94 5.39
C LEU A 188 59.31 30.92 4.44
N LEU A 189 59.68 32.22 4.58
CA LEU A 189 59.11 33.33 3.88
C LEU A 189 59.51 33.17 2.44
N TYR A 190 60.73 32.69 2.20
CA TYR A 190 61.24 32.49 0.85
C TYR A 190 60.50 31.46 -0.02
N ASN A 191 60.15 30.29 0.66
CA ASN A 191 59.33 29.17 0.07
C ASN A 191 57.99 29.74 -0.24
N ILE A 192 57.38 30.53 0.68
CA ILE A 192 56.06 31.08 0.62
C ILE A 192 55.97 32.01 -0.58
N TYR A 193 57.05 32.83 -0.79
CA TYR A 193 57.15 33.77 -1.85
C TYR A 193 57.12 33.10 -3.13
N GLU A 194 57.83 32.05 -3.17
CA GLU A 194 58.06 31.31 -4.44
C GLU A 194 56.75 30.79 -4.92
N GLU A 195 55.88 30.30 -3.98
CA GLU A 195 54.58 29.78 -4.30
C GLU A 195 53.67 30.77 -4.82
N ILE A 196 53.68 32.00 -4.23
CA ILE A 196 52.74 33.05 -4.59
C ILE A 196 53.01 33.44 -6.06
N PHE A 197 54.29 33.50 -6.43
CA PHE A 197 54.67 33.87 -7.80
C PHE A 197 54.17 32.92 -8.84
N ARG A 198 54.29 31.67 -8.40
CA ARG A 198 53.80 30.46 -9.13
C ARG A 198 52.36 30.42 -9.33
N GLU A 199 51.66 30.80 -8.29
CA GLU A 199 50.25 30.96 -8.19
C GLU A 199 49.78 32.07 -9.13
N ILE A 200 50.33 33.24 -9.36
CA ILE A 200 49.74 34.22 -10.27
C ILE A 200 49.76 33.62 -11.61
N GLU A 201 50.88 32.97 -11.91
CA GLU A 201 51.15 32.26 -13.14
C GLU A 201 50.22 31.09 -13.39
N GLU A 202 49.89 30.31 -12.35
CA GLU A 202 49.01 29.19 -12.47
C GLU A 202 47.64 29.65 -12.86
N ARG A 203 47.05 30.78 -12.30
CA ARG A 203 45.76 31.31 -12.69
C ARG A 203 45.79 31.78 -14.14
N ARG A 204 46.91 32.47 -14.58
CA ARG A 204 47.09 32.91 -15.93
C ARG A 204 47.18 31.85 -17.00
N THR A 205 47.89 30.73 -16.74
CA THR A 205 48.08 29.67 -17.73
C THR A 205 46.94 28.65 -17.43
N LYS A 243 45.13 28.14 -2.86
CA LYS A 243 45.23 26.70 -3.05
C LYS A 243 45.85 25.96 -1.89
N GLY A 244 44.86 25.49 -1.05
CA GLY A 244 45.10 25.01 0.29
C GLY A 244 46.05 23.82 0.32
N GLY A 245 45.76 22.77 -0.49
CA GLY A 245 46.34 21.47 -0.56
C GLY A 245 47.75 21.51 -1.01
N ALA A 246 48.00 22.45 -1.96
CA ALA A 246 49.28 22.76 -2.56
C ALA A 246 50.19 23.28 -1.43
N ILE A 247 49.64 24.07 -0.47
CA ILE A 247 50.39 24.62 0.62
C ILE A 247 50.88 23.45 1.54
N LEU A 248 49.99 22.43 1.75
CA LEU A 248 50.51 21.27 2.52
C LEU A 248 51.63 20.54 1.82
N LYS A 249 51.45 20.42 0.48
CA LYS A 249 52.33 19.63 -0.28
C LYS A 249 53.71 20.25 -0.27
N ILE A 250 53.81 21.61 -0.39
CA ILE A 250 55.03 22.41 -0.38
C ILE A 250 55.65 22.28 0.98
N PHE A 251 54.88 22.30 2.05
CA PHE A 251 55.38 22.28 3.46
C PHE A 251 56.06 20.96 3.79
N GLN A 252 55.48 19.84 3.24
CA GLN A 252 56.03 18.55 3.33
C GLN A 252 57.34 18.51 2.62
N GLN A 253 57.39 19.15 1.47
CA GLN A 253 58.59 19.21 0.68
C GLN A 253 59.69 19.94 1.46
N LYS A 254 59.27 21.08 2.16
CA LYS A 254 60.21 21.90 2.89
C LYS A 254 60.84 21.20 4.03
N ILE A 255 60.05 20.34 4.77
CA ILE A 255 60.70 19.66 5.86
C ILE A 255 61.80 18.71 5.33
N LEU A 256 61.48 17.99 4.25
CA LEU A 256 62.46 17.10 3.57
C LEU A 256 63.64 17.88 3.02
N GLU A 257 63.47 19.08 2.45
CA GLU A 257 64.51 19.95 1.85
C GLU A 257 65.52 20.52 2.82
N ASN A 258 65.04 20.85 4.05
CA ASN A 258 65.88 21.33 5.18
C ASN A 258 66.85 20.25 5.53
N LEU A 259 66.50 18.93 5.35
CA LEU A 259 67.37 17.84 5.63
C LEU A 259 67.96 17.87 6.98
N GLY A 260 67.11 18.20 8.02
CA GLY A 260 67.50 18.09 9.44
C GLY A 260 68.33 19.24 10.00
N ASP A 261 68.21 20.47 9.39
CA ASP A 261 68.78 21.74 9.88
C ASP A 261 68.18 22.06 11.18
N ARG A 262 68.95 21.92 12.29
CA ARG A 262 68.47 22.20 13.61
C ARG A 262 68.15 23.67 13.97
N SER A 263 66.96 23.82 14.51
CA SER A 263 66.30 24.99 15.02
C SER A 263 65.30 25.42 14.06
N SER A 264 65.63 25.37 12.73
CA SER A 264 64.80 25.74 11.65
C SER A 264 63.85 24.63 11.45
N VAL A 265 64.36 23.38 11.29
CA VAL A 265 63.54 22.18 11.06
C VAL A 265 62.68 21.91 12.21
N MET A 266 63.14 22.07 13.43
CA MET A 266 62.48 21.96 14.63
C MET A 266 61.37 22.88 14.90
N PHE A 267 61.61 24.18 14.55
CA PHE A 267 60.58 25.18 14.62
C PHE A 267 59.47 24.85 13.67
N LEU A 268 59.86 24.51 12.45
CA LEU A 268 59.01 24.30 11.30
C LEU A 268 58.08 23.18 11.62
N LYS A 269 58.69 22.14 12.26
CA LYS A 269 58.00 21.01 12.79
C LYS A 269 56.99 21.39 13.82
N LYS A 270 57.32 22.28 14.80
CA LYS A 270 56.32 22.73 15.71
C LYS A 270 55.16 23.46 15.08
N LEU A 271 55.41 24.33 14.06
CA LEU A 271 54.40 25.04 13.37
C LEU A 271 53.43 24.11 12.65
N LEU A 272 54.10 23.09 12.03
CA LEU A 272 53.50 22.09 11.16
C LEU A 272 52.59 21.38 12.03
N ASN A 273 52.98 21.05 13.26
CA ASN A 273 52.26 20.18 14.13
C ASN A 273 50.96 20.83 14.36
N ASN A 274 50.96 22.18 14.57
CA ASN A 274 49.74 22.89 14.70
C ASN A 274 48.87 22.94 13.44
N ILE A 275 49.55 22.99 12.24
CA ILE A 275 48.87 22.88 10.95
C ILE A 275 48.24 21.59 10.74
N SER A 276 48.88 20.43 11.08
CA SER A 276 48.30 19.12 11.02
C SER A 276 47.19 19.03 11.95
N GLN A 277 47.15 19.89 13.05
CA GLN A 277 46.01 19.73 13.89
C GLN A 277 44.68 20.00 13.20
N ASP A 278 44.62 20.96 12.30
CA ASP A 278 43.45 21.29 11.56
C ASP A 278 43.06 20.13 10.70
N TYR A 279 44.09 19.47 10.10
CA TYR A 279 43.89 18.30 9.26
C TYR A 279 43.29 17.16 10.11
N CYS A 280 43.86 16.90 11.32
CA CYS A 280 43.58 15.80 12.19
C CYS A 280 42.12 15.90 12.58
N THR A 281 41.70 17.17 12.80
CA THR A 281 40.33 17.49 13.16
C THR A 281 39.41 17.10 12.02
N MET A 282 39.76 17.41 10.70
CA MET A 282 39.00 17.14 9.52
C MET A 282 38.91 15.62 9.40
N LEU A 283 40.05 14.97 9.69
CA LEU A 283 40.17 13.49 9.66
C LEU A 283 39.27 13.01 10.70
N TYR A 284 39.20 13.57 11.92
CA TYR A 284 38.46 13.05 13.05
C TYR A 284 36.94 13.03 12.71
N GLU A 285 36.49 14.13 12.07
CA GLU A 285 35.16 14.24 11.55
C GLU A 285 34.98 13.19 10.50
N TRP A 286 35.92 13.01 9.61
CA TRP A 286 35.83 12.09 8.47
C TRP A 286 35.77 10.66 8.89
N LEU A 287 36.76 10.26 9.71
CA LEU A 287 36.94 8.95 10.11
C LEU A 287 35.91 8.40 10.91
N THR A 288 35.26 9.21 11.78
CA THR A 288 34.18 8.55 12.66
C THR A 288 32.82 9.06 12.39
N GLN A 289 32.64 10.02 11.41
CA GLN A 289 31.31 10.36 11.26
C GLN A 289 31.03 10.85 9.85
N GLY A 290 32.10 10.91 8.97
CA GLY A 290 31.91 11.18 7.59
C GLY A 290 31.64 12.64 7.42
N ILE A 291 32.53 13.50 7.92
CA ILE A 291 32.23 14.88 7.80
C ILE A 291 33.54 15.52 7.35
N LEU A 292 33.36 16.61 6.53
CA LEU A 292 34.47 17.35 5.89
C LEU A 292 33.83 18.68 5.59
N ASN A 293 34.60 19.84 5.40
CA ASN A 293 34.09 21.12 4.99
C ASN A 293 35.10 21.90 4.32
N ASP A 294 34.54 22.93 3.66
CA ASP A 294 35.19 23.94 2.87
C ASP A 294 34.69 25.33 3.37
N PRO A 295 35.15 25.78 4.55
CA PRO A 295 34.71 27.14 5.14
C PRO A 295 35.54 28.31 4.47
N TYR A 296 36.61 28.00 3.73
CA TYR A 296 37.39 28.96 3.05
C TYR A 296 38.14 28.15 2.04
N GLN A 297 37.46 27.12 1.53
CA GLN A 297 38.01 26.19 0.59
C GLN A 297 39.01 25.27 1.20
N GLU A 298 38.66 24.32 2.13
CA GLU A 298 39.63 23.42 2.69
C GLU A 298 39.12 22.12 2.26
N PHE A 299 40.14 21.23 2.04
CA PHE A 299 40.05 20.04 1.30
C PHE A 299 39.65 20.23 -0.09
N MET A 300 38.90 19.32 -0.78
CA MET A 300 38.74 19.56 -2.18
C MET A 300 37.66 18.74 -2.72
N THR A 301 36.93 17.97 -1.81
CA THR A 301 35.81 17.14 -2.28
C THR A 301 34.76 18.11 -1.89
N TYR A 302 33.76 18.38 -2.81
CA TYR A 302 32.80 19.43 -2.65
C TYR A 302 31.49 18.70 -2.92
N ASP A 303 30.36 19.09 -2.30
CA ASP A 303 29.08 18.49 -2.52
C ASP A 303 28.51 18.89 -3.82
N ASP A 304 27.65 18.01 -4.38
CA ASP A 304 27.01 18.10 -5.69
C ASP A 304 28.12 17.98 -6.75
N TRP A 320 18.02 14.83 -1.17
CA TRP A 320 17.54 13.47 -1.71
C TRP A 320 18.67 12.61 -1.43
N ASP A 321 19.54 12.48 -2.44
CA ASP A 321 20.81 11.90 -2.41
C ASP A 321 21.76 12.77 -3.24
N THR A 322 22.99 12.79 -2.86
CA THR A 322 23.94 13.77 -3.28
C THR A 322 25.18 13.07 -3.79
N GLN A 323 26.01 13.79 -4.53
CA GLN A 323 27.23 13.24 -4.89
C GLN A 323 28.33 14.28 -4.56
N TYR A 324 29.69 13.98 -4.66
CA TYR A 324 30.71 14.84 -4.22
C TYR A 324 31.69 14.70 -5.36
N PHE A 325 32.59 15.64 -5.65
CA PHE A 325 33.57 15.51 -6.66
C PHE A 325 34.70 16.37 -6.30
N ILE A 326 35.77 16.22 -7.07
CA ILE A 326 37.08 16.90 -6.80
C ILE A 326 37.29 18.30 -7.42
N ARG A 327 37.82 19.31 -6.67
CA ARG A 327 38.20 20.56 -7.25
C ARG A 327 39.68 20.43 -7.59
N LYS A 328 39.89 20.25 -8.89
CA LYS A 328 41.11 19.74 -9.37
C LYS A 328 42.33 20.68 -9.14
N ASP A 329 42.13 22.07 -9.26
CA ASP A 329 43.24 22.99 -9.08
C ASP A 329 43.93 23.04 -7.74
N VAL A 330 43.18 22.96 -6.59
CA VAL A 330 43.64 23.09 -5.26
C VAL A 330 44.45 21.90 -4.68
N LEU A 331 44.30 20.75 -5.31
CA LEU A 331 44.73 19.36 -4.88
C LEU A 331 45.80 19.27 -3.88
N LEU A 332 45.84 18.35 -2.94
CA LEU A 332 46.83 18.18 -1.89
C LEU A 332 47.80 17.06 -2.14
N ARG A 333 48.85 16.91 -1.29
CA ARG A 333 49.90 15.90 -1.34
C ARG A 333 49.37 14.53 -1.84
N ASP A 334 49.73 14.07 -3.05
CA ASP A 334 49.27 12.83 -3.50
C ASP A 334 50.26 12.36 -4.59
N CYS A 335 50.20 11.05 -4.83
CA CYS A 335 50.94 10.52 -5.98
C CYS A 335 50.04 10.58 -7.23
N ASP A 336 50.25 9.65 -8.20
CA ASP A 336 49.53 9.72 -9.45
C ASP A 336 49.33 8.36 -9.96
N SER A 337 48.54 8.31 -11.07
CA SER A 337 48.09 7.23 -11.89
C SER A 337 47.32 6.28 -11.00
N GLU A 338 47.30 4.96 -11.37
CA GLU A 338 46.46 4.02 -10.66
C GLU A 338 46.71 3.85 -9.17
N GLU A 339 47.97 3.88 -8.74
CA GLU A 339 48.26 3.60 -7.30
C GLU A 339 47.66 4.64 -6.44
N ASP A 340 47.67 5.92 -6.93
CA ASP A 340 47.07 7.06 -6.28
C ASP A 340 45.64 6.84 -6.08
N LYS A 341 45.02 6.46 -7.20
CA LYS A 341 43.61 6.37 -7.23
C LYS A 341 43.06 5.33 -6.29
N ASN A 342 43.81 4.13 -6.23
CA ASN A 342 43.41 2.96 -5.40
C ASN A 342 43.42 3.25 -3.89
N LEU A 343 44.48 4.02 -3.39
CA LEU A 343 44.59 4.48 -2.03
C LEU A 343 43.49 5.44 -1.62
N LEU A 344 43.17 6.39 -2.56
CA LEU A 344 42.22 7.44 -2.49
C LEU A 344 40.89 6.82 -2.39
N PHE A 345 40.57 5.73 -3.11
CA PHE A 345 39.29 5.08 -2.95
C PHE A 345 39.10 4.56 -1.59
N LYS A 346 40.17 3.95 -0.98
CA LYS A 346 39.88 3.44 0.29
C LYS A 346 39.49 4.49 1.32
N MET A 347 40.18 5.65 1.35
CA MET A 347 39.79 6.73 2.24
C MET A 347 38.41 7.36 1.92
N LEU A 348 38.14 7.53 0.57
CA LEU A 348 36.89 8.12 0.13
C LEU A 348 35.64 7.36 0.44
N ARG A 349 35.69 6.05 0.25
CA ARG A 349 34.70 5.04 0.45
C ARG A 349 34.33 4.93 1.91
N THR A 350 35.38 4.97 2.80
CA THR A 350 35.14 4.83 4.22
C THR A 350 34.29 6.00 4.67
N GLY A 351 34.65 7.26 4.15
CA GLY A 351 33.98 8.49 4.54
C GLY A 351 32.51 8.47 4.14
N ILE A 352 32.21 7.93 2.90
CA ILE A 352 30.87 7.85 2.32
C ILE A 352 30.10 6.95 3.18
N LEU A 353 30.63 5.83 3.64
CA LEU A 353 29.86 4.92 4.51
C LEU A 353 29.44 5.51 5.83
N LEU A 354 30.40 6.27 6.41
CA LEU A 354 30.13 6.92 7.66
C LEU A 354 29.10 7.99 7.49
N LYS A 355 29.13 8.74 6.42
CA LYS A 355 28.15 9.78 6.13
C LYS A 355 26.75 9.26 5.94
N VAL A 356 26.56 8.10 5.30
CA VAL A 356 25.33 7.45 5.17
C VAL A 356 24.72 6.92 6.42
N VAL A 357 25.48 6.41 7.38
CA VAL A 357 25.02 6.03 8.70
C VAL A 357 24.56 7.20 9.58
N ARG A 358 25.30 8.35 9.45
CA ARG A 358 24.99 9.59 10.15
C ARG A 358 23.67 10.19 9.65
N ALA A 359 23.42 10.07 8.33
CA ALA A 359 22.32 10.63 7.59
C ALA A 359 21.00 10.18 8.00
N SER A 360 20.77 8.90 8.48
CA SER A 360 19.52 8.34 8.95
C SER A 360 18.96 9.02 10.19
N LEU A 361 19.53 10.22 10.58
CA LEU A 361 19.09 11.07 11.66
C LEU A 361 19.39 10.51 13.03
N GLN A 362 18.71 9.39 13.41
CA GLN A 362 18.74 8.77 14.70
C GLN A 362 19.92 8.03 15.13
N ILE A 363 20.91 7.91 14.19
CA ILE A 363 22.27 7.44 14.38
C ILE A 363 23.10 8.76 14.46
N PRO A 364 23.87 9.03 15.55
CA PRO A 364 24.75 10.16 15.53
C PRO A 364 26.15 9.40 15.51
N THR A 365 27.05 9.49 16.57
CA THR A 365 28.29 8.67 16.69
C THR A 365 28.15 8.09 18.09
N ILE A 366 28.46 6.78 18.25
CA ILE A 366 28.36 6.12 19.56
C ILE A 366 29.83 5.81 19.95
N PRO A 367 30.23 5.62 21.18
CA PRO A 367 31.60 5.22 21.54
C PRO A 367 31.41 3.76 21.95
N SER A 368 30.19 3.28 22.03
CA SER A 368 29.78 1.96 22.38
C SER A 368 29.89 1.05 21.28
N ASN A 369 30.61 -0.16 21.47
CA ASN A 369 30.95 -1.14 20.56
C ASN A 369 31.82 -0.55 19.48
N SER A 370 32.71 0.44 19.89
CA SER A 370 33.60 1.24 19.03
C SER A 370 34.85 1.08 19.86
N SER A 371 35.94 0.76 19.13
CA SER A 371 37.32 0.59 19.58
C SER A 371 38.16 1.25 18.51
N ASP A 372 37.80 2.49 18.18
CA ASP A 372 38.38 3.40 17.19
C ASP A 372 38.52 4.67 17.97
N ILE A 373 38.19 4.62 19.30
CA ILE A 373 38.43 5.69 20.21
C ILE A 373 39.92 5.88 20.36
N THR A 374 40.67 4.72 20.46
CA THR A 374 42.07 4.74 20.51
C THR A 374 42.62 5.29 19.24
N ILE A 375 42.08 4.92 18.08
CA ILE A 375 42.48 5.43 16.79
C ILE A 375 42.20 6.90 16.62
N GLN A 376 41.04 7.43 17.05
CA GLN A 376 40.78 8.88 16.99
C GLN A 376 41.66 9.81 17.84
N GLU A 377 41.99 9.38 19.10
CA GLU A 377 42.84 10.14 19.96
C GLU A 377 44.20 10.23 19.42
N ILE A 378 44.66 9.08 18.90
CA ILE A 378 45.92 8.99 18.27
C ILE A 378 45.98 9.82 17.03
N ASN A 379 44.92 9.87 16.19
CA ASN A 379 44.98 10.64 14.94
C ASN A 379 45.17 12.07 15.21
N ASP A 380 44.50 12.63 16.22
CA ASP A 380 44.70 13.97 16.62
C ASP A 380 46.03 14.34 17.17
N PHE A 381 46.63 13.43 17.99
CA PHE A 381 47.94 13.63 18.51
C PHE A 381 49.07 13.63 17.49
N ALA A 382 48.85 12.85 16.39
CA ALA A 382 49.89 12.38 15.53
C ALA A 382 50.77 13.33 14.90
N ASP A 383 50.10 14.40 14.39
CA ASP A 383 50.57 15.64 13.87
C ASP A 383 51.75 15.53 12.95
N LEU A 384 51.78 14.31 12.28
CA LEU A 384 52.75 14.01 11.30
C LEU A 384 52.11 12.96 10.50
N MET A 385 52.41 12.93 9.22
CA MET A 385 51.82 11.98 8.32
C MET A 385 52.62 10.75 8.28
N GLU A 386 52.00 9.68 7.68
CA GLU A 386 52.64 8.43 7.52
C GLU A 386 51.48 7.79 6.86
N GLY A 387 51.68 7.35 5.54
CA GLY A 387 50.63 6.81 4.68
C GLY A 387 50.14 5.50 5.23
N SER A 388 51.06 4.63 5.69
CA SER A 388 50.84 3.38 6.29
C SER A 388 49.99 3.45 7.60
N ASN A 389 50.34 4.38 8.47
CA ASN A 389 49.60 4.59 9.64
C ASN A 389 48.14 5.04 9.56
N LEU A 390 47.95 5.97 8.61
CA LEU A 390 46.72 6.53 8.17
C LEU A 390 45.82 5.51 7.55
N GLU A 391 46.42 4.64 6.72
CA GLU A 391 45.68 3.55 6.07
C GLU A 391 45.16 2.56 7.03
N LEU A 392 45.99 2.23 8.06
CA LEU A 392 45.55 1.29 9.11
C LEU A 392 44.32 1.88 9.81
N TYR A 393 44.32 3.22 10.14
CA TYR A 393 43.34 3.88 10.94
C TYR A 393 42.08 3.84 10.14
N VAL A 394 42.16 4.04 8.84
CA VAL A 394 41.06 4.06 7.91
C VAL A 394 40.36 2.72 7.88
N ASP A 395 41.22 1.64 7.80
CA ASP A 395 40.80 0.29 7.75
C ASP A 395 40.07 -0.21 8.97
N LYS A 396 40.54 0.26 10.16
CA LYS A 396 39.94 -0.10 11.44
C LYS A 396 38.55 0.46 11.49
N CYS A 397 38.47 1.74 11.03
CA CYS A 397 37.24 2.52 10.99
C CYS A 397 36.27 1.94 10.07
N TYR A 398 36.78 1.47 8.96
CA TYR A 398 36.08 0.95 7.90
C TYR A 398 35.40 -0.27 8.40
N SER A 399 36.13 -1.21 9.08
CA SER A 399 35.64 -2.48 9.51
C SER A 399 34.55 -2.34 10.45
N ARG A 400 34.76 -1.34 11.37
CA ARG A 400 33.81 -1.00 12.42
C ARG A 400 32.56 -0.51 11.77
N ALA A 401 32.72 0.27 10.76
CA ALA A 401 31.65 0.82 9.96
C ALA A 401 30.92 -0.26 9.29
N ASN A 402 31.70 -1.28 8.79
CA ASN A 402 31.09 -2.38 8.06
C ASN A 402 30.18 -3.21 8.98
N GLU A 403 30.61 -3.58 10.21
CA GLU A 403 29.77 -4.36 11.15
C GLU A 403 28.55 -3.56 11.58
N ILE A 404 28.59 -2.25 11.94
CA ILE A 404 27.41 -1.55 12.28
C ILE A 404 26.45 -1.45 11.18
N PHE A 405 27.02 -1.33 9.94
CA PHE A 405 26.28 -1.24 8.65
C PHE A 405 25.55 -2.50 8.51
N LEU A 406 26.15 -3.66 8.70
CA LEU A 406 25.54 -4.93 8.53
C LEU A 406 24.35 -4.98 9.52
N LYS A 407 24.60 -4.58 10.79
CA LYS A 407 23.68 -4.57 11.87
C LYS A 407 22.44 -3.76 11.57
N LEU A 408 22.64 -2.57 10.99
CA LEU A 408 21.66 -1.67 10.56
C LEU A 408 20.78 -2.30 9.49
N PHE A 409 21.37 -3.00 8.46
CA PHE A 409 20.73 -3.63 7.38
C PHE A 409 20.02 -4.80 7.89
N PHE A 410 20.62 -5.69 8.64
CA PHE A 410 19.86 -6.87 9.01
C PHE A 410 18.75 -6.58 9.93
N GLN A 411 18.99 -5.85 10.99
CA GLN A 411 17.93 -5.41 11.99
C GLN A 411 17.84 -3.91 12.14
N GLY A 412 16.61 -3.43 12.35
CA GLY A 412 16.34 -2.02 12.16
C GLY A 412 15.52 -1.83 10.90
N TYR A 413 16.15 -2.15 9.78
CA TYR A 413 15.60 -2.35 8.50
C TYR A 413 15.92 -3.80 8.36
N ASP A 414 15.53 -4.45 7.30
CA ASP A 414 15.77 -5.89 7.21
C ASP A 414 16.37 -6.34 5.85
N LEU A 415 17.68 -6.70 5.83
CA LEU A 415 18.36 -7.33 4.67
C LEU A 415 17.79 -8.63 4.23
N ILE A 416 17.43 -9.52 5.15
CA ILE A 416 16.96 -10.85 4.83
C ILE A 416 15.67 -10.79 3.97
N ASN A 417 14.85 -9.85 4.37
CA ASN A 417 13.60 -9.59 3.71
C ASN A 417 13.93 -9.02 2.31
N VAL A 418 14.93 -8.09 2.24
CA VAL A 418 15.22 -7.44 1.01
C VAL A 418 15.76 -8.49 0.01
N LEU A 419 16.55 -9.52 0.45
CA LEU A 419 17.02 -10.64 -0.42
C LEU A 419 15.77 -11.35 -0.97
N LYS A 420 14.73 -11.58 -0.09
CA LYS A 420 13.53 -12.31 -0.35
C LYS A 420 12.71 -11.71 -1.47
N HIS A 421 12.61 -10.35 -1.40
CA HIS A 421 12.03 -9.47 -2.43
C HIS A 421 12.80 -9.55 -3.76
N LEU A 422 14.21 -9.58 -3.71
CA LEU A 422 15.03 -9.68 -4.86
C LEU A 422 14.76 -11.07 -5.56
N GLN A 423 14.65 -12.14 -4.77
CA GLN A 423 14.24 -13.38 -5.41
C GLN A 423 12.82 -13.32 -6.02
N GLN A 424 11.95 -12.65 -5.36
CA GLN A 424 10.51 -12.70 -5.69
C GLN A 424 10.21 -12.22 -7.03
N ILE A 425 10.70 -10.94 -7.41
CA ILE A 425 10.35 -10.30 -8.66
C ILE A 425 11.21 -10.91 -9.73
N PHE A 426 12.56 -10.90 -9.58
CA PHE A 426 13.40 -11.15 -10.63
C PHE A 426 13.29 -12.60 -11.17
N LEU A 427 13.38 -13.65 -10.27
CA LEU A 427 13.32 -15.08 -10.57
C LEU A 427 11.98 -15.36 -11.06
N GLY A 428 11.01 -14.72 -10.36
CA GLY A 428 9.62 -14.50 -10.76
C GLY A 428 8.79 -15.74 -10.86
N TYR A 429 9.32 -16.97 -10.46
CA TYR A 429 8.71 -18.30 -10.63
C TYR A 429 7.99 -18.44 -9.28
N GLN A 430 8.28 -17.48 -8.34
CA GLN A 430 7.56 -17.33 -7.11
C GLN A 430 6.23 -16.82 -7.51
N SER A 431 6.12 -15.72 -8.30
CA SER A 431 4.87 -15.05 -8.63
C SER A 431 4.03 -15.83 -9.59
N GLY A 432 4.73 -16.71 -10.34
CA GLY A 432 4.18 -17.92 -11.07
C GLY A 432 2.85 -17.88 -11.71
N HIS A 433 1.85 -18.21 -10.88
CA HIS A 433 0.47 -18.23 -11.29
C HIS A 433 -0.04 -16.88 -11.77
N ASN A 434 0.30 -15.80 -11.03
CA ASN A 434 -0.20 -14.49 -11.22
C ASN A 434 0.09 -13.88 -12.58
N VAL A 435 1.34 -14.07 -12.89
CA VAL A 435 1.94 -13.64 -14.16
C VAL A 435 1.26 -14.44 -15.28
N LEU A 436 0.98 -15.77 -15.12
CA LEU A 436 0.34 -16.53 -16.20
C LEU A 436 -1.01 -15.98 -16.55
N LYS A 437 -1.86 -15.76 -15.53
CA LYS A 437 -3.26 -15.32 -15.67
C LYS A 437 -3.24 -13.87 -16.15
N PHE A 438 -2.24 -13.02 -15.79
CA PHE A 438 -1.94 -11.70 -16.40
C PHE A 438 -1.66 -11.68 -17.86
N LEU A 439 -0.85 -12.67 -18.33
CA LEU A 439 -0.49 -12.88 -19.68
C LEU A 439 -1.74 -13.27 -20.49
N THR A 440 -2.64 -14.07 -19.91
CA THR A 440 -3.92 -14.49 -20.52
C THR A 440 -4.87 -13.28 -20.65
N LYS A 441 -4.94 -12.46 -19.55
CA LYS A 441 -5.64 -11.22 -19.59
C LYS A 441 -5.05 -10.29 -20.65
N ASN A 442 -5.97 -9.75 -21.45
CA ASN A 442 -5.71 -8.86 -22.55
C ASN A 442 -4.76 -9.42 -23.54
N MET A 443 -5.08 -10.67 -24.07
CA MET A 443 -4.17 -11.42 -24.97
C MET A 443 -4.06 -10.67 -26.27
N GLY A 444 -5.29 -10.17 -26.72
CA GLY A 444 -5.53 -9.64 -28.08
C GLY A 444 -4.66 -8.43 -28.26
N GLU A 445 -4.52 -7.56 -27.21
CA GLU A 445 -3.77 -6.35 -27.31
C GLU A 445 -2.27 -6.46 -27.41
N LEU A 446 -1.65 -7.44 -26.63
CA LEU A 446 -0.24 -7.59 -26.73
C LEU A 446 0.24 -8.30 -27.95
N THR A 447 -0.58 -9.25 -28.47
CA THR A 447 -0.39 -9.96 -29.70
C THR A 447 -0.39 -8.97 -30.86
N LYS A 448 -1.21 -7.88 -30.81
CA LYS A 448 -1.29 -6.86 -31.82
C LYS A 448 -0.11 -5.94 -31.66
N HIS A 449 0.11 -5.16 -32.70
CA HIS A 449 1.05 -4.08 -32.65
C HIS A 449 0.57 -2.95 -31.89
N TYR A 450 1.54 -2.13 -31.37
CA TYR A 450 1.36 -0.89 -30.60
C TYR A 450 -0.05 -0.27 -30.53
N ARG A 451 -0.66 -0.11 -29.28
CA ARG A 451 -1.97 0.58 -29.09
C ARG A 451 -1.76 1.55 -28.00
N ASN A 452 -2.86 1.91 -27.27
CA ASN A 452 -2.79 2.94 -26.26
C ASN A 452 -3.75 2.62 -25.10
N ASP A 453 -4.84 1.93 -25.37
CA ASP A 453 -5.79 1.49 -24.37
C ASP A 453 -5.18 0.45 -23.54
N ASN A 454 -4.21 -0.35 -24.08
CA ASN A 454 -3.50 -1.34 -23.43
C ASN A 454 -2.82 -0.70 -22.20
N ASN A 455 -2.19 0.54 -22.29
CA ASN A 455 -1.46 1.11 -21.16
C ASN A 455 -2.26 1.28 -19.95
N ALA A 456 -3.51 1.85 -20.04
CA ALA A 456 -4.43 1.96 -18.93
C ALA A 456 -4.89 0.58 -18.46
N ASN A 457 -5.23 -0.29 -19.37
CA ASN A 457 -5.89 -1.53 -19.01
C ASN A 457 -5.00 -2.44 -18.13
N TYR A 458 -3.69 -2.48 -18.51
CA TYR A 458 -2.68 -3.14 -17.77
C TYR A 458 -2.47 -2.54 -16.43
N ASP A 459 -2.47 -1.23 -16.36
CA ASP A 459 -2.22 -0.57 -15.14
C ASP A 459 -3.29 -0.81 -14.14
N LYS A 460 -4.59 -0.85 -14.53
CA LYS A 460 -5.64 -1.16 -13.60
C LYS A 460 -5.51 -2.59 -13.10
N LEU A 461 -5.18 -3.59 -13.94
CA LEU A 461 -4.95 -5.00 -13.56
C LEU A 461 -3.79 -5.15 -12.62
N LEU A 462 -2.71 -4.36 -12.81
CA LEU A 462 -1.59 -4.31 -12.03
C LEU A 462 -1.93 -3.78 -10.67
N GLN A 463 -2.78 -2.76 -10.62
CA GLN A 463 -3.31 -2.06 -9.46
C GLN A 463 -4.19 -2.95 -8.57
N ASN A 464 -5.04 -3.73 -9.27
CA ASN A 464 -5.85 -4.76 -8.60
C ASN A 464 -4.94 -5.75 -7.94
N PHE A 465 -3.86 -6.16 -8.62
CA PHE A 465 -2.89 -7.13 -8.10
C PHE A 465 -2.10 -6.56 -6.93
N GLU A 466 -1.84 -5.23 -6.91
CA GLU A 466 -1.17 -4.53 -5.84
C GLU A 466 -1.99 -4.68 -4.55
N LEU A 467 -3.37 -4.63 -4.66
CA LEU A 467 -4.11 -4.91 -3.42
C LEU A 467 -3.88 -6.32 -3.01
N GLU A 468 -3.93 -7.26 -4.00
CA GLU A 468 -3.91 -8.67 -3.82
C GLU A 468 -2.70 -9.26 -3.21
N ARG A 469 -1.52 -8.64 -3.49
CA ARG A 469 -0.25 -9.02 -3.06
C ARG A 469 0.11 -8.68 -1.60
N GLN A 470 -0.67 -7.81 -0.86
CA GLN A 470 -0.58 -7.31 0.47
C GLN A 470 0.25 -8.14 1.45
N SER A 471 -0.11 -9.48 1.56
CA SER A 471 0.72 -10.36 2.41
C SER A 471 0.79 -9.89 3.84
N GLU A 472 1.78 -10.37 4.62
CA GLU A 472 1.92 -10.12 6.06
C GLU A 472 2.10 -8.65 6.32
N ASN A 473 2.83 -7.96 5.40
CA ASN A 473 3.36 -6.67 5.63
C ASN A 473 2.34 -5.64 5.17
N PRO A 474 2.30 -4.49 5.75
CA PRO A 474 1.40 -3.40 5.33
C PRO A 474 1.93 -2.82 4.07
N ASN A 475 3.27 -2.94 3.78
CA ASN A 475 3.91 -2.30 2.65
C ASN A 475 5.09 -3.19 2.25
N ASN A 476 5.47 -3.14 0.98
CA ASN A 476 6.58 -3.93 0.50
C ASN A 476 7.01 -3.33 -0.76
N LEU A 477 8.21 -3.73 -1.14
CA LEU A 477 8.88 -3.38 -2.31
C LEU A 477 8.17 -3.82 -3.62
N MET A 478 7.54 -5.02 -3.71
CA MET A 478 7.01 -5.61 -4.92
C MET A 478 5.82 -4.81 -5.44
N ARG A 479 4.86 -4.40 -4.59
CA ARG A 479 3.68 -3.72 -4.98
C ARG A 479 3.98 -2.34 -5.53
N GLN A 480 4.77 -1.55 -4.79
CA GLN A 480 5.05 -0.14 -5.04
C GLN A 480 5.91 0.10 -6.29
N LEU A 481 7.06 -0.62 -6.38
CA LEU A 481 8.07 -0.34 -7.27
C LEU A 481 7.77 -0.82 -8.67
N LEU A 482 6.99 -1.91 -8.79
CA LEU A 482 6.60 -2.51 -10.00
C LEU A 482 5.65 -1.59 -10.76
N MET A 483 6.06 -1.00 -11.93
CA MET A 483 5.21 -0.32 -12.83
C MET A 483 5.67 -0.96 -14.17
N ILE A 484 4.76 -1.10 -15.15
CA ILE A 484 4.97 -1.74 -16.43
C ILE A 484 5.05 -0.50 -17.32
N GLN A 485 6.00 -0.45 -18.27
CA GLN A 485 6.04 0.70 -19.16
C GLN A 485 5.66 0.22 -20.54
N PHE A 486 5.12 1.12 -21.32
CA PHE A 486 4.84 0.91 -22.79
C PHE A 486 5.54 2.04 -23.56
N ASP A 487 6.26 1.71 -24.70
CA ASP A 487 6.70 2.74 -25.56
C ASP A 487 5.64 2.98 -26.60
N THR A 488 4.72 1.98 -26.72
CA THR A 488 3.57 2.01 -27.62
C THR A 488 2.64 3.19 -27.42
N GLU A 489 2.25 3.68 -28.58
CA GLU A 489 1.24 4.72 -28.80
C GLU A 489 0.44 4.14 -29.98
N THR A 490 -0.88 4.26 -29.93
CA THR A 490 -1.74 3.85 -31.06
C THR A 490 -1.49 4.72 -32.30
N LYS A 554 6.08 -3.71 -35.47
CA LYS A 554 6.69 -4.85 -34.73
C LYS A 554 5.64 -5.63 -34.04
N SER A 555 5.35 -5.23 -32.76
CA SER A 555 4.40 -5.90 -31.88
C SER A 555 4.38 -4.88 -30.80
N ALA A 556 3.40 -5.11 -29.88
CA ALA A 556 3.25 -4.48 -28.59
C ALA A 556 4.47 -4.90 -27.69
N ILE A 557 4.89 -6.19 -27.78
CA ILE A 557 5.85 -6.90 -26.87
C ILE A 557 7.21 -6.28 -26.85
N TYR A 558 7.70 -5.80 -27.99
CA TYR A 558 8.98 -5.16 -28.09
C TYR A 558 8.99 -3.90 -27.25
N HIS A 559 7.86 -3.17 -27.31
CA HIS A 559 7.72 -1.88 -26.71
C HIS A 559 7.17 -1.93 -25.31
N LEU A 560 7.42 -3.04 -24.61
CA LEU A 560 6.85 -3.32 -23.34
C LEU A 560 8.03 -3.61 -22.53
N LYS A 561 8.16 -2.91 -21.31
CA LYS A 561 9.32 -3.04 -20.49
C LYS A 561 8.80 -2.91 -19.09
N PHE A 562 9.65 -3.14 -18.07
CA PHE A 562 9.38 -3.11 -16.67
C PHE A 562 10.20 -1.96 -16.07
N ASP A 563 9.69 -1.21 -15.04
CA ASP A 563 10.20 -0.07 -14.42
C ASP A 563 10.05 -0.16 -12.95
N ILE A 564 11.16 0.00 -12.16
CA ILE A 564 11.23 -0.12 -10.74
C ILE A 564 11.50 1.25 -10.18
N ASN A 565 10.73 1.60 -9.16
CA ASN A 565 10.92 2.81 -8.39
C ASN A 565 12.09 2.51 -7.41
N ILE A 566 12.09 3.27 -6.22
CA ILE A 566 13.26 3.24 -5.31
C ILE A 566 12.75 3.36 -3.85
N PRO A 567 13.44 2.72 -2.86
CA PRO A 567 12.97 2.74 -1.45
C PRO A 567 13.67 3.83 -0.71
N TYR A 568 12.92 4.70 -0.04
CA TYR A 568 13.30 6.01 0.48
C TYR A 568 14.33 6.04 1.59
N PRO A 569 14.43 5.15 2.53
CA PRO A 569 15.46 5.32 3.48
C PRO A 569 16.62 4.48 2.93
N LEU A 570 16.44 3.60 1.96
CA LEU A 570 17.31 2.49 1.59
C LEU A 570 17.67 2.78 0.23
N ASN A 571 17.69 4.08 -0.20
CA ASN A 571 17.93 4.47 -1.53
C ASN A 571 19.45 4.69 -1.71
N ILE A 572 20.23 4.27 -0.69
CA ILE A 572 21.60 4.50 -0.48
C ILE A 572 22.46 3.30 -0.81
N ILE A 573 21.91 2.19 -1.40
CA ILE A 573 22.71 1.10 -1.85
C ILE A 573 22.42 0.90 -3.33
N ILE A 574 21.27 1.49 -3.73
CA ILE A 574 20.66 1.47 -5.01
C ILE A 574 21.62 1.95 -6.12
N SER A 575 21.68 1.22 -7.12
CA SER A 575 22.57 1.45 -8.26
C SER A 575 21.56 1.23 -9.42
N ARG A 576 21.51 2.16 -10.39
CA ARG A 576 20.55 2.11 -11.49
C ARG A 576 20.72 0.89 -12.37
N THR A 577 21.94 0.48 -12.61
CA THR A 577 22.23 -0.57 -13.54
C THR A 577 21.72 -1.88 -13.20
N CYS A 578 21.79 -2.34 -11.90
CA CYS A 578 21.39 -3.70 -11.53
C CYS A 578 19.99 -3.93 -11.83
N MET A 579 19.11 -2.95 -11.53
CA MET A 579 17.68 -3.02 -11.93
C MET A 579 17.46 -3.06 -13.42
N ILE A 580 18.36 -2.27 -14.18
CA ILE A 580 18.22 -2.25 -15.67
C ILE A 580 18.50 -3.58 -16.24
N LYS A 581 19.51 -4.31 -15.74
CA LYS A 581 19.81 -5.64 -16.18
C LYS A 581 18.71 -6.60 -15.90
N TYR A 582 18.12 -6.64 -14.70
CA TYR A 582 16.96 -7.48 -14.42
C TYR A 582 15.76 -7.23 -15.26
N GLN A 583 15.49 -5.98 -15.63
CA GLN A 583 14.37 -5.62 -16.48
C GLN A 583 14.43 -6.27 -17.84
N ILE A 584 15.66 -6.33 -18.43
CA ILE A 584 15.88 -6.94 -19.71
C ILE A 584 15.66 -8.42 -19.68
N ILE A 585 16.16 -9.01 -18.59
CA ILE A 585 16.06 -10.42 -18.34
C ILE A 585 14.62 -10.83 -18.20
N LEU A 586 13.85 -9.94 -17.46
CA LEU A 586 12.42 -10.08 -17.28
C LEU A 586 11.68 -10.08 -18.61
N ARG A 587 12.05 -9.18 -19.56
CA ARG A 587 11.36 -9.22 -20.81
C ARG A 587 11.60 -10.56 -21.57
N TYR A 588 12.85 -11.09 -21.58
CA TYR A 588 13.06 -12.35 -22.26
C TYR A 588 12.36 -13.52 -21.62
N GLN A 589 12.36 -13.62 -20.29
CA GLN A 589 11.55 -14.69 -19.61
C GLN A 589 10.15 -14.61 -19.87
N LEU A 590 9.63 -13.36 -19.83
CA LEU A 590 8.23 -13.07 -19.97
C LEU A 590 7.73 -13.51 -21.35
N VAL A 591 8.58 -13.26 -22.44
CA VAL A 591 8.26 -13.60 -23.84
C VAL A 591 8.05 -15.11 -24.03
N LEU A 592 8.93 -15.90 -23.36
CA LEU A 592 8.85 -17.35 -23.30
C LEU A 592 7.56 -17.87 -22.54
N GLN A 593 7.24 -17.25 -21.41
CA GLN A 593 6.15 -17.64 -20.54
C GLN A 593 4.77 -17.49 -21.26
N TYR A 594 4.60 -16.39 -22.01
CA TYR A 594 3.41 -16.18 -22.73
C TYR A 594 3.32 -17.11 -23.85
N HIS A 595 4.46 -17.41 -24.58
CA HIS A 595 4.39 -18.34 -25.67
C HIS A 595 3.97 -19.76 -25.22
N SER A 596 4.45 -20.19 -24.02
CA SER A 596 3.97 -21.40 -23.39
C SER A 596 2.49 -21.49 -23.00
N ARG A 597 1.88 -20.41 -22.45
CA ARG A 597 0.51 -20.34 -22.17
C ARG A 597 -0.28 -20.42 -23.47
N LEU A 598 0.18 -19.72 -24.54
CA LEU A 598 -0.54 -19.81 -25.79
C LEU A 598 -0.50 -21.18 -26.37
N LEU A 599 0.60 -21.87 -26.24
CA LEU A 599 0.80 -23.22 -26.75
C LEU A 599 -0.07 -24.20 -26.08
N ASP A 600 -0.15 -24.13 -24.72
CA ASP A 600 -0.83 -25.09 -23.93
C ASP A 600 -2.31 -25.18 -24.28
N GLU A 601 -2.90 -24.00 -24.50
CA GLU A 601 -4.32 -23.93 -24.77
C GLU A 601 -4.70 -24.63 -26.13
N THR A 602 -3.88 -24.50 -27.21
CA THR A 602 -4.12 -25.18 -28.45
C THR A 602 -4.08 -26.65 -28.41
N TRP A 603 -3.10 -27.26 -27.70
CA TRP A 603 -2.97 -28.70 -27.56
C TRP A 603 -4.13 -29.23 -26.74
N MET A 604 -4.58 -28.57 -25.67
CA MET A 604 -5.75 -29.08 -24.94
C MET A 604 -6.97 -29.21 -25.75
N ASP A 605 -7.24 -28.17 -26.59
CA ASP A 605 -8.36 -28.13 -27.55
C ASP A 605 -8.31 -29.25 -28.60
N LEU A 606 -7.14 -29.64 -29.14
CA LEU A 606 -6.97 -30.65 -30.16
C LEU A 606 -7.34 -32.01 -29.61
N ASN A 607 -7.16 -32.27 -28.34
CA ASN A 607 -7.59 -33.57 -27.80
C ASN A 607 -9.13 -33.64 -27.79
N LYS A 608 -9.76 -32.51 -27.78
CA LYS A 608 -11.25 -32.36 -27.94
C LYS A 608 -11.67 -32.46 -29.42
N THR A 609 -12.65 -31.63 -29.87
CA THR A 609 -13.31 -31.61 -31.11
C THR A 609 -12.51 -31.33 -32.42
N PRO A 610 -11.45 -30.48 -32.55
CA PRO A 610 -10.91 -30.09 -33.87
C PRO A 610 -10.33 -31.19 -34.69
N SER A 611 -9.78 -32.23 -33.96
CA SER A 611 -9.15 -33.34 -34.67
C SER A 611 -10.11 -34.30 -35.19
N TRP A 612 -11.33 -34.27 -34.57
CA TRP A 612 -12.33 -35.26 -34.70
C TRP A 612 -13.14 -35.19 -35.93
N LYS A 613 -13.67 -36.40 -36.30
CA LYS A 613 -14.47 -36.76 -37.50
C LYS A 613 -15.44 -35.77 -38.03
N TYR A 614 -15.72 -35.76 -39.31
CA TYR A 614 -16.78 -35.06 -40.08
C TYR A 614 -17.71 -36.22 -40.44
N ARG A 623 -7.33 -34.61 -44.42
CA ARG A 623 -6.62 -35.87 -44.56
C ARG A 623 -5.29 -35.81 -43.80
N ARG A 624 -4.17 -35.40 -44.43
CA ARG A 624 -2.86 -35.40 -43.90
C ARG A 624 -2.59 -34.39 -42.77
N ILE A 625 -3.26 -33.22 -42.92
CA ILE A 625 -2.99 -32.03 -42.18
C ILE A 625 -3.15 -32.21 -40.68
N VAL A 626 -4.18 -33.01 -40.26
CA VAL A 626 -4.42 -33.28 -38.87
C VAL A 626 -3.29 -33.96 -38.23
N ARG A 627 -2.71 -34.95 -38.91
CA ARG A 627 -1.65 -35.74 -38.47
C ARG A 627 -0.39 -34.99 -38.23
N ALA A 628 -0.15 -34.06 -39.14
CA ALA A 628 0.96 -33.20 -39.19
C ALA A 628 1.02 -32.31 -38.04
N THR A 629 -0.20 -31.70 -37.72
CA THR A 629 -0.26 -30.84 -36.53
C THR A 629 0.02 -31.55 -35.25
N ARG A 630 -0.42 -32.78 -35.07
CA ARG A 630 -0.13 -33.54 -33.88
C ARG A 630 1.33 -33.80 -33.63
N VAL A 631 2.06 -34.19 -34.75
CA VAL A 631 3.54 -34.45 -34.69
C VAL A 631 4.23 -33.18 -34.42
N LEU A 632 3.92 -32.07 -35.11
CA LEU A 632 4.62 -30.84 -34.95
C LEU A 632 4.52 -30.26 -33.62
N HIS A 633 3.27 -30.25 -33.00
CA HIS A 633 3.07 -29.73 -31.66
C HIS A 633 3.87 -30.49 -30.73
N ALA A 634 3.87 -31.83 -30.92
CA ALA A 634 4.57 -32.68 -29.92
C ALA A 634 6.05 -32.38 -29.86
N LYS A 635 6.63 -32.25 -31.03
CA LYS A 635 8.02 -32.01 -31.12
C LYS A 635 8.42 -30.67 -30.51
N MET A 636 7.64 -29.58 -30.80
CA MET A 636 7.84 -28.24 -30.28
C MET A 636 7.68 -28.27 -28.77
N ASN A 637 6.69 -29.08 -28.26
CA ASN A 637 6.56 -29.03 -26.83
C ASN A 637 7.77 -29.60 -26.11
N HIS A 638 8.41 -30.73 -26.67
CA HIS A 638 9.63 -31.33 -26.08
C HIS A 638 10.72 -30.32 -26.18
N PHE A 639 10.94 -29.61 -27.29
CA PHE A 639 12.02 -28.69 -27.54
C PHE A 639 12.06 -27.55 -26.64
N ILE A 640 10.84 -26.95 -26.49
CA ILE A 640 10.55 -25.84 -25.61
C ILE A 640 10.74 -26.22 -24.17
N LYS A 641 10.28 -27.46 -23.73
CA LYS A 641 10.53 -27.89 -22.35
C LYS A 641 11.98 -28.00 -21.92
N THR A 642 12.76 -28.56 -22.81
CA THR A 642 14.23 -28.79 -22.69
C THR A 642 14.98 -27.53 -22.67
N ILE A 643 14.57 -26.51 -23.57
CA ILE A 643 15.13 -25.22 -23.64
C ILE A 643 14.97 -24.43 -22.36
N MET A 644 13.71 -24.43 -21.78
CA MET A 644 13.33 -23.70 -20.60
C MET A 644 14.13 -24.21 -19.43
N GLU A 645 14.32 -25.58 -19.45
CA GLU A 645 15.06 -26.28 -18.49
C GLU A 645 16.55 -25.85 -18.44
N TYR A 646 17.18 -25.82 -19.64
CA TYR A 646 18.53 -25.40 -19.71
C TYR A 646 18.68 -23.92 -19.34
N PHE A 647 17.78 -22.99 -19.88
CA PHE A 647 17.89 -21.63 -19.42
C PHE A 647 17.79 -21.36 -17.95
N ASN A 648 16.73 -21.94 -17.25
CA ASN A 648 16.69 -21.79 -15.81
C ASN A 648 17.83 -22.53 -15.12
N GLN A 649 18.09 -23.85 -15.37
CA GLN A 649 19.08 -24.64 -14.64
C GLN A 649 20.48 -24.38 -14.81
N ASN A 650 21.03 -24.42 -16.11
CA ASN A 650 22.42 -24.32 -16.36
C ASN A 650 22.90 -22.91 -16.16
N VAL A 651 21.98 -21.97 -16.26
CA VAL A 651 22.39 -20.63 -16.19
C VAL A 651 21.90 -20.18 -14.83
N ILE A 652 20.65 -19.77 -14.73
CA ILE A 652 20.19 -18.87 -13.64
C ILE A 652 20.26 -19.35 -12.26
N ASP A 653 19.71 -20.60 -11.92
CA ASP A 653 19.56 -21.17 -10.67
C ASP A 653 20.97 -21.41 -10.12
N LYS A 654 21.91 -21.84 -10.92
CA LYS A 654 23.30 -22.06 -10.54
C LYS A 654 24.01 -20.75 -10.16
N GLU A 655 23.82 -19.65 -10.97
CA GLU A 655 24.48 -18.43 -10.71
C GLU A 655 24.06 -17.82 -9.44
N VAL A 656 22.71 -17.85 -9.19
CA VAL A 656 22.02 -17.37 -8.03
C VAL A 656 22.39 -18.12 -6.79
N TYR A 657 22.62 -19.41 -6.99
CA TYR A 657 23.09 -20.35 -5.94
C TYR A 657 24.43 -19.95 -5.36
N SER A 658 25.40 -19.61 -6.26
CA SER A 658 26.72 -19.17 -5.91
C SER A 658 26.63 -17.84 -5.17
N LEU A 659 25.71 -16.94 -5.54
CA LEU A 659 25.54 -15.68 -4.91
C LEU A 659 25.17 -15.92 -3.49
N GLU A 660 24.24 -16.88 -3.29
CA GLU A 660 23.69 -17.21 -2.00
C GLU A 660 24.76 -17.78 -1.09
N LYS A 661 25.64 -18.67 -1.67
CA LYS A 661 26.67 -19.42 -0.94
C LYS A 661 27.66 -18.41 -0.39
N CYS A 662 28.03 -17.46 -1.27
CA CYS A 662 28.98 -16.37 -0.93
C CYS A 662 28.38 -15.49 0.06
N TYR A 663 27.05 -15.26 -0.01
CA TYR A 663 26.44 -14.54 1.04
C TYR A 663 26.51 -15.22 2.42
N ARG A 664 26.27 -16.51 2.44
CA ARG A 664 26.28 -17.27 3.69
C ARG A 664 27.59 -17.40 4.40
N ASN A 665 28.72 -17.64 3.64
CA ASN A 665 29.88 -18.04 4.33
C ASN A 665 30.37 -16.84 5.21
N PRO A 666 30.61 -15.63 4.91
CA PRO A 666 31.01 -14.55 5.80
C PRO A 666 29.74 -13.82 6.26
N THR A 667 29.86 -12.47 6.49
CA THR A 667 28.73 -11.68 6.84
C THR A 667 29.25 -10.21 6.61
N LEU A 668 30.34 -10.09 5.82
CA LEU A 668 31.07 -8.83 5.72
C LEU A 668 30.53 -8.09 4.51
N ALA A 669 30.57 -6.73 4.61
CA ALA A 669 30.03 -5.87 3.61
C ALA A 669 30.64 -5.97 2.26
N VAL A 670 31.98 -6.13 2.19
CA VAL A 670 32.73 -6.27 0.98
C VAL A 670 32.26 -7.42 0.18
N ALA A 671 31.91 -8.57 0.88
CA ALA A 671 31.33 -9.70 0.20
C ALA A 671 30.02 -9.49 -0.48
N ILE A 672 29.17 -8.68 0.12
CA ILE A 672 27.85 -8.44 -0.46
C ILE A 672 28.03 -7.75 -1.81
N GLN A 673 28.85 -6.70 -1.77
CA GLN A 673 29.07 -5.84 -2.97
C GLN A 673 29.67 -6.61 -4.12
N ASN A 674 30.56 -7.47 -3.81
CA ASN A 674 31.33 -8.37 -4.64
C ASN A 674 30.33 -9.24 -5.33
N GLU A 675 29.35 -9.77 -4.55
CA GLU A 675 28.31 -10.67 -4.98
C GLU A 675 27.35 -10.04 -5.97
N LEU A 676 26.99 -8.73 -5.72
CA LEU A 676 26.13 -7.99 -6.66
C LEU A 676 26.94 -7.82 -7.99
N GLU A 677 28.26 -7.62 -7.82
CA GLU A 677 29.10 -7.56 -8.99
C GLU A 677 29.14 -8.88 -9.77
N GLY A 678 29.22 -10.04 -9.08
CA GLY A 678 29.46 -11.30 -9.64
C GLY A 678 28.24 -11.55 -10.51
N GLY A 679 27.09 -11.22 -9.98
CA GLY A 679 25.77 -11.37 -10.48
C GLY A 679 25.69 -10.55 -11.74
N LEU A 680 26.23 -9.29 -11.80
CA LEU A 680 26.12 -8.46 -12.98
C LEU A 680 26.87 -9.09 -14.12
N THR A 681 28.11 -9.68 -13.74
CA THR A 681 29.07 -10.26 -14.68
C THR A 681 28.40 -11.48 -15.34
N ASN A 682 27.65 -12.24 -14.57
CA ASN A 682 26.94 -13.45 -15.03
C ASN A 682 25.90 -13.13 -16.06
N ILE A 683 25.21 -11.98 -15.81
CA ILE A 683 24.23 -11.44 -16.77
C ILE A 683 24.89 -11.11 -18.01
N MET A 684 26.11 -10.55 -17.96
CA MET A 684 26.84 -10.18 -19.11
C MET A 684 27.24 -11.33 -19.96
N THR A 685 27.68 -12.38 -19.36
CA THR A 685 28.14 -13.57 -20.09
C THR A 685 26.96 -14.16 -20.82
N ASN A 686 25.82 -14.19 -20.05
CA ASN A 686 24.59 -14.72 -20.54
C ASN A 686 24.01 -14.01 -21.73
N ARG A 687 24.16 -12.71 -21.82
CA ARG A 687 23.87 -11.76 -22.84
C ARG A 687 24.59 -12.19 -24.07
N CYS A 688 25.94 -12.48 -23.99
CA CYS A 688 26.73 -12.90 -25.09
C CYS A 688 26.46 -14.21 -25.61
N LEU A 689 26.27 -15.25 -24.65
CA LEU A 689 26.09 -16.66 -24.92
C LEU A 689 24.79 -16.97 -25.63
N SER A 690 23.73 -16.32 -25.23
CA SER A 690 22.43 -16.72 -25.68
C SER A 690 22.00 -15.78 -26.72
N ASP A 691 21.52 -16.27 -27.90
CA ASP A 691 21.17 -15.46 -29.03
C ASP A 691 20.19 -16.20 -29.81
N LEU A 692 19.58 -17.19 -29.18
CA LEU A 692 18.56 -18.16 -29.74
C LEU A 692 17.18 -17.50 -30.07
N ILE A 693 16.80 -16.59 -29.19
CA ILE A 693 15.46 -16.00 -29.01
C ILE A 693 14.96 -15.29 -30.16
N PRO A 694 15.58 -14.42 -30.99
CA PRO A 694 14.88 -13.83 -32.10
C PRO A 694 14.41 -14.78 -33.12
N LEU A 695 15.11 -15.89 -33.54
CA LEU A 695 14.67 -16.85 -34.52
C LEU A 695 13.46 -17.54 -33.92
N GLN A 696 13.54 -17.88 -32.62
CA GLN A 696 12.50 -18.57 -31.95
C GLN A 696 11.21 -17.67 -31.88
N LEU A 697 11.21 -16.33 -31.72
CA LEU A 697 10.07 -15.49 -31.87
C LEU A 697 9.41 -15.53 -33.30
N GLN A 698 10.19 -15.51 -34.34
CA GLN A 698 9.67 -15.52 -35.71
C GLN A 698 9.01 -16.79 -36.11
N ILE A 699 9.58 -17.96 -35.67
CA ILE A 699 8.96 -19.20 -35.84
C ILE A 699 7.65 -19.33 -35.09
N PHE A 700 7.62 -18.74 -33.86
CA PHE A 700 6.47 -18.69 -33.08
C PHE A 700 5.38 -17.97 -33.75
N ASP A 701 5.67 -16.82 -34.46
CA ASP A 701 4.63 -16.04 -35.07
C ASP A 701 4.02 -16.91 -36.07
N ILE A 702 4.77 -17.69 -36.80
CA ILE A 702 4.22 -18.58 -37.78
C ILE A 702 3.32 -19.67 -37.19
N VAL A 703 3.77 -20.20 -36.02
CA VAL A 703 2.96 -21.18 -35.22
C VAL A 703 1.62 -20.61 -34.75
N TYR A 704 1.59 -19.35 -34.28
CA TYR A 704 0.43 -18.63 -33.77
C TYR A 704 -0.56 -18.50 -34.91
N LYS A 705 -0.08 -18.19 -36.13
CA LYS A 705 -1.00 -18.20 -37.29
C LYS A 705 -1.62 -19.53 -37.65
N PHE A 706 -0.81 -20.64 -37.62
CA PHE A 706 -1.39 -21.95 -37.76
C PHE A 706 -2.41 -22.31 -36.69
N CYS A 707 -2.03 -22.04 -35.40
CA CYS A 707 -2.80 -22.41 -34.27
C CYS A 707 -4.19 -21.75 -34.25
N LYS A 708 -4.20 -20.46 -34.70
CA LYS A 708 -5.31 -19.71 -34.94
C LYS A 708 -6.12 -20.30 -36.02
N PHE A 709 -5.50 -20.75 -37.13
CA PHE A 709 -6.37 -21.34 -38.17
C PHE A 709 -7.17 -22.59 -37.79
N ILE A 710 -6.45 -23.51 -37.13
CA ILE A 710 -6.89 -24.86 -36.69
C ILE A 710 -7.98 -24.91 -35.67
N LYS A 711 -7.93 -23.94 -34.70
CA LYS A 711 -8.81 -23.95 -33.53
C LYS A 711 -10.29 -23.93 -34.00
N SER A 712 -10.52 -23.07 -35.07
CA SER A 712 -11.80 -23.03 -35.66
C SER A 712 -11.92 -24.06 -36.81
N MET A 713 -12.88 -24.98 -36.72
CA MET A 713 -12.78 -26.06 -37.72
C MET A 713 -14.16 -26.67 -37.77
N ARG A 714 -14.64 -27.04 -38.98
CA ARG A 714 -15.91 -27.75 -39.17
C ARG A 714 -15.68 -29.11 -39.71
N GLU A 754 -13.10 -25.40 -49.83
CA GLU A 754 -12.44 -26.29 -48.83
C GLU A 754 -11.16 -26.83 -49.32
N ASP A 755 -11.03 -27.39 -50.54
CA ASP A 755 -9.78 -27.91 -51.04
C ASP A 755 -8.64 -26.99 -51.21
N ALA A 756 -8.84 -25.72 -51.72
CA ALA A 756 -7.78 -24.78 -52.02
C ALA A 756 -7.09 -24.52 -50.72
N ALA A 757 -7.94 -24.32 -49.67
CA ALA A 757 -7.40 -24.04 -48.41
C ALA A 757 -6.60 -25.10 -47.85
N LEU A 758 -7.06 -26.35 -48.02
CA LEU A 758 -6.35 -27.47 -47.44
C LEU A 758 -4.94 -27.65 -48.02
N GLU A 759 -4.78 -27.44 -49.42
CA GLU A 759 -3.56 -27.50 -50.17
C GLU A 759 -2.59 -26.37 -49.77
N LEU A 760 -3.15 -25.11 -49.64
CA LEU A 760 -2.32 -23.93 -49.24
C LEU A 760 -1.80 -24.09 -47.82
N ILE A 761 -2.65 -24.59 -46.93
CA ILE A 761 -2.35 -24.85 -45.50
C ILE A 761 -1.22 -25.88 -45.46
N GLN A 762 -1.26 -26.85 -46.35
CA GLN A 762 -0.21 -27.90 -46.44
C GLN A 762 1.19 -27.41 -46.86
N LYS A 763 1.21 -26.48 -47.81
CA LYS A 763 2.40 -25.89 -48.27
C LYS A 763 3.01 -25.16 -47.15
N LEU A 764 2.24 -24.44 -46.38
CA LEU A 764 2.70 -23.85 -45.12
C LEU A 764 3.16 -24.84 -44.04
N ILE A 765 2.52 -25.98 -43.85
CA ILE A 765 2.78 -27.04 -42.88
C ILE A 765 4.17 -27.59 -43.30
N GLU A 766 4.54 -27.75 -44.60
CA GLU A 766 5.89 -28.20 -45.01
C GLU A 766 6.96 -27.26 -44.65
N TYR A 767 6.75 -25.97 -44.74
CA TYR A 767 7.67 -24.89 -44.43
C TYR A 767 8.09 -24.80 -42.95
N ILE A 768 7.08 -24.92 -42.06
CA ILE A 768 7.29 -25.05 -40.62
C ILE A 768 8.04 -26.28 -40.33
N SER A 769 7.75 -27.47 -41.05
CA SER A 769 8.34 -28.79 -40.96
C SER A 769 9.86 -28.66 -41.34
N ASN A 770 10.25 -27.89 -42.39
CA ASN A 770 11.66 -27.73 -42.74
C ASN A 770 12.35 -27.00 -41.56
N ALA A 771 11.76 -25.90 -41.10
CA ALA A 771 12.38 -25.16 -40.07
C ALA A 771 12.52 -25.99 -38.84
N SER A 772 11.48 -26.77 -38.54
CA SER A 772 11.36 -27.71 -37.43
C SER A 772 12.42 -28.81 -37.52
N SER A 773 12.73 -29.33 -38.72
CA SER A 773 13.77 -30.37 -38.94
C SER A 773 15.12 -29.77 -38.60
N ILE A 774 15.37 -28.50 -38.97
CA ILE A 774 16.65 -27.78 -38.54
C ILE A 774 16.71 -27.61 -37.13
N PHE A 775 15.60 -27.25 -36.51
CA PHE A 775 15.48 -27.11 -35.04
C PHE A 775 15.84 -28.32 -34.25
N ARG A 776 15.43 -29.52 -34.65
CA ARG A 776 15.63 -30.84 -34.07
C ARG A 776 17.08 -31.06 -34.04
N LYS A 777 17.74 -30.67 -35.26
CA LYS A 777 19.17 -30.79 -35.43
C LYS A 777 19.83 -29.89 -34.42
N CYS A 778 19.25 -28.66 -34.21
CA CYS A 778 19.77 -27.60 -33.33
C CYS A 778 19.88 -28.00 -31.89
N LEU A 779 19.00 -28.86 -31.34
CA LEU A 779 18.79 -29.15 -29.95
C LEU A 779 20.08 -29.68 -29.26
N ILE A 780 20.84 -30.51 -29.96
CA ILE A 780 22.18 -30.96 -29.55
C ILE A 780 23.13 -29.85 -29.44
N ASN A 781 23.08 -28.86 -30.38
CA ASN A 781 23.95 -27.69 -30.39
C ASN A 781 23.81 -26.82 -29.18
N PHE A 782 22.62 -26.66 -28.60
CA PHE A 782 22.46 -25.74 -27.54
C PHE A 782 23.35 -26.14 -26.34
N THR A 783 23.35 -27.48 -25.99
CA THR A 783 24.17 -28.10 -25.05
C THR A 783 25.67 -28.12 -25.47
N GLN A 784 26.02 -28.54 -26.70
CA GLN A 784 27.36 -28.78 -27.26
C GLN A 784 28.19 -27.59 -27.51
N GLU A 785 27.57 -26.39 -27.90
CA GLU A 785 28.23 -25.10 -28.32
C GLU A 785 29.08 -25.17 -29.54
N LEU A 786 29.12 -23.99 -30.27
CA LEU A 786 30.03 -23.59 -31.34
C LEU A 786 29.91 -24.60 -32.53
N SER A 787 28.71 -24.68 -33.12
CA SER A 787 28.51 -25.53 -34.25
C SER A 787 27.58 -24.91 -35.29
N THR A 788 27.32 -25.74 -36.31
CA THR A 788 26.73 -25.42 -37.62
C THR A 788 25.30 -25.19 -37.41
N GLU A 789 24.59 -25.99 -36.60
CA GLU A 789 23.18 -26.04 -36.59
C GLU A 789 22.56 -24.73 -36.24
N LYS A 790 23.11 -23.97 -35.27
CA LYS A 790 22.55 -22.66 -34.96
C LYS A 790 22.60 -21.62 -36.09
N PHE A 791 23.71 -21.52 -36.86
CA PHE A 791 23.90 -20.65 -38.02
C PHE A 791 22.83 -21.10 -39.00
N ASP A 792 22.64 -22.42 -39.14
CA ASP A 792 21.79 -23.14 -40.10
C ASP A 792 20.43 -22.79 -39.94
N PHE A 793 20.07 -22.63 -38.65
CA PHE A 793 18.77 -22.04 -38.24
C PHE A 793 18.64 -20.59 -38.71
N TYR A 794 19.69 -19.64 -38.63
CA TYR A 794 19.46 -18.29 -39.14
C TYR A 794 19.16 -18.36 -40.62
N ASP A 795 19.95 -19.14 -41.34
CA ASP A 795 19.71 -19.30 -42.74
C ASP A 795 18.39 -19.89 -43.18
N SER A 796 17.95 -20.93 -42.45
CA SER A 796 16.70 -21.70 -42.59
C SER A 796 15.46 -20.85 -42.37
N SER A 797 15.58 -19.99 -41.30
CA SER A 797 14.49 -19.08 -40.98
C SER A 797 14.31 -18.10 -42.15
N SER A 798 15.43 -17.63 -42.76
CA SER A 798 15.31 -16.75 -43.94
C SER A 798 14.71 -17.32 -45.21
N VAL A 799 14.98 -18.63 -45.44
CA VAL A 799 14.37 -19.33 -46.51
C VAL A 799 12.86 -19.39 -46.39
N ASP A 800 12.43 -19.68 -45.18
CA ASP A 800 11.06 -19.85 -44.73
C ASP A 800 10.73 -18.54 -44.00
N PRO B 180 64.44 66.95 24.47
CA PRO B 180 63.77 67.10 25.73
C PRO B 180 62.47 66.24 25.60
N GLU B 181 62.60 65.09 24.94
CA GLU B 181 61.49 64.17 24.68
C GLU B 181 60.95 63.28 25.74
N GLU B 182 61.26 63.58 27.08
CA GLU B 182 60.63 63.09 28.25
C GLU B 182 59.20 63.47 28.13
N ASP B 183 59.00 64.75 27.64
CA ASP B 183 57.68 65.36 27.50
C ASP B 183 56.86 64.56 26.53
N ILE B 184 57.41 64.08 25.45
CA ILE B 184 56.70 63.28 24.52
C ILE B 184 56.29 62.02 25.20
N LEU B 185 57.09 61.31 26.05
CA LEU B 185 56.62 60.08 26.68
C LEU B 185 55.50 60.25 27.57
N LYS B 186 55.46 61.33 28.40
CA LYS B 186 54.32 61.60 29.24
C LYS B 186 53.07 61.93 28.45
N TYR B 187 53.24 62.72 27.37
CA TYR B 187 52.23 63.12 26.47
C TYR B 187 51.60 61.98 25.71
N VAL B 188 52.42 61.00 25.28
CA VAL B 188 52.10 59.75 24.62
C VAL B 188 51.30 58.88 25.54
N SER B 189 51.65 58.84 26.87
CA SER B 189 50.95 58.07 27.83
C SER B 189 49.54 58.57 28.01
N TYR B 190 49.35 59.92 27.99
CA TYR B 190 48.09 60.56 28.05
C TYR B 190 47.23 60.29 26.86
N THR B 191 47.75 60.22 25.59
CA THR B 191 47.05 59.88 24.34
C THR B 191 46.49 58.51 24.30
N LEU B 192 47.26 57.51 24.79
CA LEU B 192 46.77 56.17 24.78
C LEU B 192 45.54 55.93 25.66
N LEU B 193 45.34 56.72 26.73
CA LEU B 193 44.22 56.81 27.64
C LEU B 193 42.99 57.48 26.95
N ALA B 194 43.21 57.99 25.82
CA ALA B 194 42.31 58.83 25.11
C ALA B 194 42.10 60.19 25.68
N THR B 195 43.27 60.94 26.01
CA THR B 195 43.15 62.33 26.44
C THR B 195 44.23 63.16 25.58
N THR B 196 43.79 64.09 24.75
CA THR B 196 44.59 64.76 23.77
C THR B 196 45.63 65.58 24.41
N SER B 197 46.85 65.61 23.77
CA SER B 197 47.99 66.30 24.30
C SER B 197 47.96 67.65 23.60
N ALA B 198 48.65 68.62 24.22
CA ALA B 198 48.71 69.88 23.60
C ALA B 198 49.40 69.93 22.26
N LEU B 199 50.51 69.15 22.13
CA LEU B 199 51.40 69.15 21.01
C LEU B 199 50.76 68.34 19.85
N PHE B 200 49.95 67.35 20.25
CA PHE B 200 49.20 66.57 19.25
C PHE B 200 47.89 66.25 19.82
N PRO B 201 46.91 67.09 19.52
CA PRO B 201 45.56 66.74 19.89
C PRO B 201 44.93 65.98 18.80
N PHE B 202 43.91 65.22 19.20
CA PHE B 202 43.19 64.38 18.30
C PHE B 202 41.77 64.92 18.27
N ASP B 203 41.39 65.64 17.21
CA ASP B 203 40.05 66.20 16.92
C ASP B 203 39.41 65.17 16.07
N HIS B 204 38.04 65.32 15.77
CA HIS B 204 37.28 64.57 14.80
C HIS B 204 37.94 64.71 13.42
N GLU B 205 38.72 65.81 13.22
CA GLU B 205 39.45 66.09 12.08
C GLU B 205 40.58 65.18 11.77
N GLN B 206 41.43 64.84 12.79
CA GLN B 206 42.57 63.98 12.74
C GLN B 206 43.42 64.33 13.93
N ILE B 207 44.66 63.77 14.00
CA ILE B 207 45.75 64.08 14.89
C ILE B 207 46.44 65.31 14.36
N GLN B 208 46.70 66.39 15.18
CA GLN B 208 47.21 67.61 14.64
C GLN B 208 48.69 67.34 14.73
N ILE B 209 49.35 67.47 13.56
CA ILE B 209 50.72 67.11 13.40
C ILE B 209 51.38 68.43 13.16
N PRO B 210 52.46 68.79 13.84
CA PRO B 210 53.13 70.03 13.65
C PRO B 210 54.36 69.71 12.81
N SER B 211 55.22 70.68 12.61
CA SER B 211 56.52 70.45 11.95
C SER B 211 57.68 70.34 12.91
N LYS B 212 57.46 70.23 14.28
CA LYS B 212 58.49 70.18 15.27
C LYS B 212 59.20 68.82 15.10
N ILE B 213 58.36 67.71 14.98
CA ILE B 213 58.83 66.35 15.03
C ILE B 213 59.62 65.89 13.83
N PRO B 214 60.58 65.04 13.85
CA PRO B 214 61.25 64.61 12.63
C PRO B 214 60.78 63.30 12.13
N ASN B 215 61.43 62.76 11.07
CA ASN B 215 60.95 61.57 10.44
C ASN B 215 60.79 60.26 11.23
N PHE B 216 61.79 59.97 12.14
CA PHE B 216 61.88 58.86 13.02
C PHE B 216 60.62 58.92 13.89
N GLU B 217 60.45 60.09 14.45
CA GLU B 217 59.42 60.33 15.49
C GLU B 217 58.06 60.25 14.80
N SER B 218 57.97 60.78 13.49
CA SER B 218 56.84 60.81 12.61
C SER B 218 56.39 59.42 12.26
N GLY B 219 57.33 58.44 12.03
CA GLY B 219 57.04 57.05 11.73
C GLY B 219 56.37 56.36 12.89
N LEU B 220 56.83 56.63 14.11
CA LEU B 220 56.18 56.20 15.31
C LEU B 220 54.84 56.89 15.39
N LEU B 221 54.72 58.15 14.94
CA LEU B 221 53.51 58.94 14.95
C LEU B 221 52.46 58.33 14.12
N HIS B 222 52.92 57.70 12.97
CA HIS B 222 52.03 57.02 12.13
C HIS B 222 51.37 55.82 12.78
N LEU B 223 52.10 54.98 13.49
CA LEU B 223 51.54 53.71 14.03
C LEU B 223 50.49 54.13 15.02
N ILE B 224 50.90 55.18 15.77
CA ILE B 224 50.09 55.82 16.80
C ILE B 224 48.81 56.47 16.22
N PHE B 225 48.93 57.09 14.95
CA PHE B 225 47.73 57.76 14.38
C PHE B 225 46.60 56.74 14.13
N GLU B 226 46.90 55.50 13.69
CA GLU B 226 45.86 54.53 13.49
C GLU B 226 45.12 54.19 14.83
N ALA B 227 45.92 53.99 15.95
CA ALA B 227 45.46 53.71 17.28
C ALA B 227 44.56 54.75 17.91
N GLY B 228 44.87 56.03 17.80
CA GLY B 228 43.98 57.17 18.26
C GLY B 228 42.69 57.34 17.45
N LEU B 229 42.81 57.08 16.13
CA LEU B 229 41.75 57.16 15.18
C LEU B 229 40.65 56.13 15.47
N LEU B 230 41.09 54.90 15.74
CA LEU B 230 40.23 53.79 16.08
C LEU B 230 39.59 54.05 17.35
N TYR B 231 40.32 54.59 18.34
CA TYR B 231 39.75 54.90 19.60
C TYR B 231 38.56 55.88 19.42
N GLN B 232 38.70 56.94 18.53
CA GLN B 232 37.65 57.95 18.36
C GLN B 232 36.49 57.37 17.72
N SER B 233 36.69 56.50 16.76
CA SER B 233 35.68 55.85 15.98
C SER B 233 34.90 54.92 16.90
N LEU B 234 35.59 54.18 17.76
CA LEU B 234 34.97 53.19 18.60
C LEU B 234 33.99 53.93 19.49
N GLY B 235 34.43 55.08 20.08
CA GLY B 235 33.64 55.82 21.02
C GLY B 235 32.32 56.28 20.36
N TYR B 236 32.36 56.74 19.08
CA TYR B 236 31.15 57.12 18.35
C TYR B 236 30.18 56.03 18.09
N LYS B 237 30.70 54.83 17.64
CA LYS B 237 29.86 53.70 17.36
C LYS B 237 29.13 53.24 18.64
N VAL B 238 29.93 53.13 19.68
CA VAL B 238 29.53 52.72 21.00
C VAL B 238 28.50 53.61 21.55
N GLU B 239 28.67 54.92 21.37
CA GLU B 239 27.84 56.00 21.85
C GLU B 239 26.42 55.99 21.28
N LYS B 240 26.35 55.70 19.99
CA LYS B 240 25.06 55.58 19.33
C LYS B 240 24.30 54.40 19.87
N PHE B 241 25.03 53.26 20.00
CA PHE B 241 24.46 51.95 20.32
C PHE B 241 24.08 51.88 21.80
N ARG B 242 24.80 52.72 22.61
CA ARG B 242 24.39 52.95 24.00
C ARG B 242 23.11 53.69 24.03
N MET B 243 23.02 54.87 23.27
CA MET B 243 21.91 55.79 23.32
C MET B 243 20.64 55.19 22.83
N LEU B 244 20.66 54.54 21.65
CA LEU B 244 19.53 53.83 21.19
C LEU B 244 20.09 52.62 20.50
N ASN B 245 19.40 51.47 20.80
CA ASN B 245 19.80 50.15 20.27
C ASN B 245 18.55 49.38 20.10
N ILE B 246 18.70 48.42 19.21
CA ILE B 246 17.61 47.61 18.79
C ILE B 246 18.18 46.25 18.85
N SER B 247 17.29 45.23 19.05
CA SER B 247 17.53 43.85 18.84
C SER B 247 18.24 43.34 20.09
N PRO B 248 17.81 42.32 20.82
CA PRO B 248 18.44 41.89 21.99
C PRO B 248 19.71 41.19 21.70
N MET B 249 19.81 40.62 20.52
CA MET B 249 20.94 39.95 20.00
C MET B 249 22.05 40.91 19.78
N LYS B 250 21.73 42.20 19.24
CA LYS B 250 22.69 43.24 19.03
C LYS B 250 23.21 43.63 20.41
N LYS B 251 22.34 43.79 21.44
CA LYS B 251 22.70 44.11 22.80
C LYS B 251 23.62 43.16 23.49
N ALA B 252 23.35 41.83 23.26
CA ALA B 252 24.17 40.82 23.83
C ALA B 252 25.57 40.99 23.26
N LEU B 253 25.64 41.32 21.94
CA LEU B 253 26.92 41.58 21.32
C LEU B 253 27.52 42.80 21.89
N ILE B 254 26.82 43.91 22.09
CA ILE B 254 27.42 45.16 22.56
C ILE B 254 28.04 45.04 23.90
N ILE B 255 27.40 44.38 24.91
CA ILE B 255 27.90 44.23 26.24
C ILE B 255 29.15 43.32 26.14
N GLU B 256 29.24 42.30 25.24
CA GLU B 256 30.45 41.62 25.10
C GLU B 256 31.61 42.43 24.58
N ILE B 257 31.33 43.32 23.57
CA ILE B 257 32.43 44.20 23.11
C ILE B 257 32.88 45.16 24.08
N SER B 258 31.94 45.82 24.75
CA SER B 258 32.21 46.79 25.80
C SER B 258 33.06 46.25 26.95
N GLU B 259 32.87 44.90 27.31
CA GLU B 259 33.63 44.22 28.32
C GLU B 259 35.06 44.03 27.84
N GLU B 260 35.15 43.74 26.56
CA GLU B 260 36.42 43.60 25.94
C GLU B 260 37.20 44.92 25.92
N LEU B 261 36.55 46.08 25.77
CA LEU B 261 37.25 47.30 25.88
C LEU B 261 37.72 47.56 27.31
N GLN B 262 37.00 46.99 28.36
CA GLN B 262 37.32 47.25 29.69
C GLN B 262 38.72 46.88 30.03
N ASN B 263 39.14 45.74 29.46
CA ASN B 263 40.42 45.12 29.49
C ASN B 263 41.48 45.93 28.92
N TYR B 264 41.20 46.64 27.79
CA TYR B 264 42.28 47.47 27.16
C TYR B 264 42.81 48.52 28.01
N THR B 265 41.88 49.30 28.68
CA THR B 265 42.19 50.29 29.61
C THR B 265 42.88 49.72 30.84
N ALA B 266 42.49 48.48 31.38
CA ALA B 266 43.14 47.80 32.47
C ALA B 266 44.55 47.47 32.18
N PHE B 267 44.81 47.02 30.88
CA PHE B 267 46.15 46.77 30.40
C PHE B 267 46.97 47.91 30.43
N VAL B 268 46.52 49.11 29.96
CA VAL B 268 47.33 50.34 30.06
C VAL B 268 47.61 50.62 31.55
N ASN B 269 46.56 50.46 32.44
CA ASN B 269 46.80 50.89 33.79
C ASN B 269 47.97 50.06 34.45
N ASN B 270 47.98 48.74 34.19
CA ASN B 270 49.16 47.91 34.61
C ASN B 270 50.41 48.15 33.89
N LEU B 271 50.36 48.43 32.56
CA LEU B 271 51.52 48.59 31.82
C LEU B 271 52.27 49.78 32.30
N VAL B 272 51.60 50.99 32.57
CA VAL B 272 52.15 52.18 33.05
C VAL B 272 52.75 52.07 34.49
N SER B 273 52.05 51.27 35.41
CA SER B 273 52.49 51.06 36.77
C SER B 273 53.86 50.50 36.84
N SER B 274 54.07 49.44 35.96
CA SER B 274 55.30 48.67 35.90
C SER B 274 56.39 49.64 35.57
N GLY B 275 56.49 50.05 34.29
CA GLY B 275 57.49 50.98 33.86
C GLY B 275 56.92 51.43 32.55
N THR B 276 57.18 52.75 32.24
CA THR B 276 56.88 53.36 30.99
C THR B 276 58.15 53.92 30.38
N VAL B 277 59.31 53.38 30.80
CA VAL B 277 60.63 53.75 30.34
C VAL B 277 60.97 52.86 29.21
N VAL B 278 60.17 51.82 28.94
CA VAL B 278 60.19 50.91 27.85
C VAL B 278 59.77 51.59 26.55
N SER B 279 60.43 51.20 25.42
CA SER B 279 60.20 51.70 24.10
C SER B 279 58.81 51.63 23.55
N LEU B 280 58.54 52.46 22.57
CA LEU B 280 57.22 52.41 21.89
C LEU B 280 56.97 51.11 21.20
N LYS B 281 58.08 50.51 20.69
CA LYS B 281 58.12 49.20 20.05
C LYS B 281 57.64 48.11 21.00
N SER B 282 58.11 48.06 22.24
CA SER B 282 57.69 47.06 23.22
C SER B 282 56.29 47.27 23.56
N LEU B 283 55.89 48.55 23.74
CA LEU B 283 54.54 48.88 24.14
C LEU B 283 53.60 48.42 22.98
N TYR B 284 54.01 48.56 21.72
CA TYR B 284 53.32 48.19 20.49
C TYR B 284 53.10 46.75 20.41
N ARG B 285 54.15 45.92 20.74
CA ARG B 285 54.01 44.48 20.75
C ARG B 285 52.99 44.08 21.80
N GLU B 286 53.04 44.71 23.01
CA GLU B 286 52.25 44.39 24.25
C GLU B 286 50.83 44.61 23.96
N ILE B 287 50.36 45.66 23.19
CA ILE B 287 48.92 45.74 22.80
C ILE B 287 48.74 45.38 21.38
N TYR B 288 49.46 44.35 20.83
CA TYR B 288 49.32 44.08 19.41
C TYR B 288 47.95 43.49 19.10
N GLU B 289 47.57 42.52 20.00
CA GLU B 289 46.40 41.75 19.89
C GLU B 289 45.17 42.65 19.94
N ASN B 290 45.22 43.66 20.84
CA ASN B 290 44.04 44.46 21.15
C ASN B 290 43.54 45.23 19.95
N ILE B 291 44.49 45.65 19.05
CA ILE B 291 44.34 46.35 17.77
C ILE B 291 43.55 45.39 16.89
N ILE B 292 43.82 44.11 16.95
CA ILE B 292 43.22 43.10 16.15
C ILE B 292 41.76 42.94 16.52
N ARG B 293 41.51 42.82 17.82
CA ARG B 293 40.20 42.45 18.24
C ARG B 293 39.23 43.55 17.79
N LEU B 294 39.71 44.83 18.11
CA LEU B 294 38.94 45.97 17.78
C LEU B 294 38.74 45.99 16.25
N ARG B 295 39.75 45.70 15.44
CA ARG B 295 39.69 45.75 14.00
C ARG B 295 38.72 44.71 13.46
N ILE B 296 38.63 43.51 13.96
CA ILE B 296 37.68 42.51 13.45
C ILE B 296 36.27 42.93 13.63
N TYR B 297 35.98 43.40 14.86
CA TYR B 297 34.71 43.94 15.19
C TYR B 297 34.35 45.15 14.38
N CYS B 298 35.29 46.02 14.07
CA CYS B 298 34.97 47.29 13.36
C CYS B 298 34.42 47.03 11.98
N ARG B 299 34.99 45.93 11.35
CA ARG B 299 34.47 45.48 10.01
C ARG B 299 33.03 45.07 10.04
N PHE B 300 32.65 44.28 11.13
CA PHE B 300 31.36 43.68 11.34
C PHE B 300 30.38 44.87 11.37
N THR B 301 30.82 45.87 12.12
CA THR B 301 30.09 47.09 12.35
C THR B 301 29.88 47.86 11.05
N GLU B 302 30.87 47.91 10.10
CA GLU B 302 30.70 48.72 8.89
C GLU B 302 29.53 48.09 8.04
N HIS B 303 29.51 46.70 7.80
CA HIS B 303 28.41 46.03 7.12
C HIS B 303 27.11 46.03 7.88
N LEU B 304 27.14 46.01 9.22
CA LEU B 304 25.98 46.12 10.14
C LEU B 304 25.19 47.34 9.99
N GLU B 305 25.78 48.45 9.57
CA GLU B 305 25.01 49.66 9.41
C GLU B 305 23.80 49.47 8.45
N GLU B 306 23.99 48.70 7.40
CA GLU B 306 23.08 48.31 6.37
C GLU B 306 22.07 47.36 6.96
N LEU B 307 22.61 46.42 7.77
CA LEU B 307 21.85 45.22 8.24
C LEU B 307 21.27 45.35 9.59
N SER B 308 20.52 44.36 9.88
CA SER B 308 19.73 44.29 11.10
C SER B 308 19.46 42.87 11.35
N GLY B 309 19.02 42.50 12.56
CA GLY B 309 18.43 41.19 12.85
C GLY B 309 19.21 39.86 12.61
N ASP B 310 18.52 38.80 12.12
CA ASP B 310 19.05 37.47 11.98
C ASP B 310 20.22 37.25 11.02
N THR B 311 20.43 38.18 10.09
CA THR B 311 21.49 38.15 9.15
C THR B 311 22.90 38.22 9.83
N PHE B 312 22.99 38.99 11.00
CA PHE B 312 24.14 39.15 11.85
C PHE B 312 24.67 37.77 12.28
N LEU B 313 23.69 36.84 12.61
CA LEU B 313 23.98 35.46 13.02
C LEU B 313 24.65 34.65 11.99
N ILE B 314 24.27 34.79 10.69
CA ILE B 314 24.81 34.08 9.53
C ILE B 314 26.24 34.50 9.35
N GLU B 315 26.57 35.87 9.44
CA GLU B 315 27.89 36.45 9.36
C GLU B 315 28.74 35.94 10.48
N LEU B 316 28.19 35.99 11.68
CA LEU B 316 28.89 35.53 12.86
C LEU B 316 29.28 34.07 12.89
N ASN B 317 28.44 33.13 12.43
CA ASN B 317 28.73 31.66 12.42
C ASN B 317 29.79 31.42 11.39
N ILE B 318 29.74 32.10 10.24
CA ILE B 318 30.68 31.92 9.10
C ILE B 318 32.05 32.37 9.61
N PHE B 319 32.06 33.54 10.31
CA PHE B 319 33.34 34.01 10.78
C PHE B 319 33.96 33.09 11.75
N LYS B 320 33.13 32.41 12.64
CA LYS B 320 33.60 31.44 13.61
C LYS B 320 34.27 30.28 13.00
N SER B 321 33.69 30.00 11.76
CA SER B 321 34.21 28.88 10.87
C SER B 321 35.57 29.08 10.40
N HIS B 322 35.94 30.38 10.16
CA HIS B 322 37.20 30.71 9.58
C HIS B 322 38.34 30.84 10.61
N GLY B 323 39.58 30.86 10.07
CA GLY B 323 40.87 30.64 10.69
C GLY B 323 41.16 31.52 11.77
N ASP B 324 42.29 31.16 12.44
CA ASP B 324 42.86 31.85 13.60
C ASP B 324 42.02 31.46 14.76
N LEU B 325 42.62 30.70 15.74
CA LEU B 325 42.00 30.16 16.93
C LEU B 325 41.31 31.17 17.76
N THR B 326 41.99 32.32 17.97
CA THR B 326 41.50 33.43 18.76
C THR B 326 40.19 34.18 18.23
N ILE B 327 40.11 34.47 16.91
CA ILE B 327 38.99 35.14 16.32
C ILE B 327 37.87 34.11 16.44
N ARG B 328 38.08 32.77 16.15
CA ARG B 328 37.04 31.79 16.18
C ARG B 328 36.43 31.70 17.56
N LYS B 329 37.31 31.71 18.60
CA LYS B 329 37.02 31.56 19.93
C LYS B 329 36.13 32.82 20.30
N ILE B 330 36.49 34.06 19.76
CA ILE B 330 35.75 35.28 19.99
C ILE B 330 34.38 35.06 19.35
N ALA B 331 34.28 34.53 18.15
CA ALA B 331 33.02 34.38 17.51
C ALA B 331 32.13 33.46 18.26
N THR B 332 32.72 32.37 18.82
CA THR B 332 31.99 31.41 19.64
C THR B 332 31.44 32.00 20.85
N ASN B 333 32.21 32.90 21.56
CA ASN B 333 31.73 33.52 22.79
C ASN B 333 30.44 34.39 22.56
N LEU B 334 30.45 35.14 21.41
CA LEU B 334 29.40 35.84 20.91
C LEU B 334 28.22 34.93 20.55
N PHE B 335 28.47 33.75 19.94
CA PHE B 335 27.43 32.77 19.58
C PHE B 335 26.68 32.32 20.84
N ASN B 336 27.49 32.03 21.93
CA ASN B 336 26.92 31.50 23.18
C ASN B 336 25.89 32.51 23.74
N SER B 337 26.19 33.85 23.67
CA SER B 337 25.31 34.93 24.02
C SER B 337 24.07 34.99 23.14
N MET B 338 24.26 34.78 21.81
CA MET B 338 23.10 34.76 20.94
C MET B 338 22.12 33.68 21.12
N ILE B 339 22.65 32.50 21.27
CA ILE B 339 21.86 31.26 21.47
C ILE B 339 21.04 31.27 22.73
N SER B 340 21.50 31.98 23.86
CA SER B 340 20.74 32.08 25.12
C SER B 340 19.38 32.64 24.89
N LEU B 341 19.36 33.54 23.96
CA LEU B 341 18.17 34.17 23.44
C LEU B 341 17.30 33.18 22.72
N TYR B 342 17.90 32.25 21.87
CA TYR B 342 17.20 31.30 21.14
C TYR B 342 16.53 30.32 22.09
N TYR B 343 17.20 29.88 23.12
CA TYR B 343 16.66 28.93 24.12
C TYR B 343 15.48 29.48 24.88
N GLU B 344 15.49 30.77 25.22
CA GLU B 344 14.50 31.58 25.78
C GLU B 344 13.30 31.68 24.96
N TYR B 345 13.47 31.92 23.61
CA TYR B 345 12.38 32.09 22.64
C TYR B 345 11.69 30.80 22.57
N LEU B 346 12.58 29.73 22.53
CA LEU B 346 12.03 28.38 22.41
C LEU B 346 11.17 27.96 23.58
N MET B 347 11.70 28.29 24.85
CA MET B 347 11.06 27.94 26.12
C MET B 347 9.74 28.65 26.24
N ASN B 348 9.70 29.92 25.80
CA ASN B 348 8.58 30.80 25.80
C ASN B 348 7.46 30.30 24.95
N TRP B 349 7.82 29.84 23.71
CA TRP B 349 6.82 29.33 22.78
C TRP B 349 6.21 28.03 23.28
N LEU B 350 7.12 27.09 23.58
CA LEU B 350 6.61 25.82 23.99
C LEU B 350 5.80 25.87 25.30
N THR B 351 6.33 26.56 26.33
CA THR B 351 5.55 26.61 27.56
C THR B 351 4.50 27.65 27.75
N LYS B 352 4.68 28.83 27.17
CA LYS B 352 3.90 29.98 27.49
C LYS B 352 3.34 30.52 26.22
N GLY B 353 3.38 29.83 25.07
CA GLY B 353 2.73 30.20 23.77
C GLY B 353 2.96 31.58 23.33
N LEU B 354 4.15 32.14 23.47
CA LEU B 354 4.36 33.60 23.16
C LEU B 354 5.71 33.53 22.65
N LEU B 355 6.04 34.52 21.77
CA LEU B 355 7.28 34.61 21.06
C LEU B 355 7.51 36.04 20.92
N ARG B 356 8.81 36.21 20.53
CA ARG B 356 9.20 37.58 20.31
C ARG B 356 10.05 37.58 19.10
N ALA B 357 10.08 38.78 18.41
CA ALA B 357 10.70 38.99 17.11
C ALA B 357 10.53 40.54 16.98
N THR B 358 11.28 41.26 17.75
CA THR B 358 11.02 42.69 18.07
C THR B 358 11.61 43.58 17.01
N TYR B 359 12.44 42.96 16.13
CA TYR B 359 12.92 43.47 14.91
C TYR B 359 13.04 42.36 13.93
N GLY B 360 12.18 41.31 14.08
CA GLY B 360 12.13 40.17 13.20
C GLY B 360 13.22 39.14 13.52
N GLU B 361 13.44 38.94 14.85
CA GLU B 361 14.50 38.02 15.26
C GLU B 361 14.26 36.57 15.04
N PHE B 362 13.02 36.09 15.27
CA PHE B 362 12.64 34.72 15.38
C PHE B 362 11.89 34.44 14.13
N PHE B 363 12.16 33.23 13.53
CA PHE B 363 11.67 32.68 12.32
C PHE B 363 10.25 32.29 12.41
N ILE B 364 9.52 32.32 13.58
CA ILE B 364 8.06 32.21 13.58
C ILE B 364 7.66 33.66 13.75
N ALA B 365 6.71 34.19 12.95
CA ALA B 365 6.32 35.58 12.86
C ALA B 365 4.83 35.65 13.00
N GLU B 366 4.27 36.77 13.59
CA GLU B 366 2.87 37.08 13.75
C GLU B 366 2.28 37.63 12.42
N ASN B 367 0.97 37.39 12.22
CA ASN B 367 0.18 37.79 11.12
C ASN B 367 0.79 37.15 9.84
N TYR B 379 -2.46 40.95 7.58
CA TYR B 379 -3.95 41.26 7.61
C TYR B 379 -4.57 40.42 8.69
N HIS B 380 -4.61 39.07 8.49
CA HIS B 380 -5.09 37.95 9.28
C HIS B 380 -4.22 37.93 10.55
N ILE B 381 -4.71 37.66 11.76
CA ILE B 381 -3.92 37.59 12.97
C ILE B 381 -3.37 36.25 13.24
N PRO B 382 -3.71 35.10 12.63
CA PRO B 382 -3.00 33.82 12.93
C PRO B 382 -1.48 33.97 12.63
N ILE B 383 -0.68 33.29 13.46
CA ILE B 383 0.73 33.32 13.45
C ILE B 383 1.08 32.48 12.26
N GLU B 384 2.31 32.57 11.86
CA GLU B 384 2.82 31.73 10.80
C GLU B 384 4.32 31.60 10.94
N PHE B 385 4.79 30.59 10.14
CA PHE B 385 6.24 30.24 10.24
C PHE B 385 6.81 31.15 9.15
N ASN B 386 7.95 31.81 9.42
CA ASN B 386 8.68 32.64 8.50
C ASN B 386 9.82 31.84 8.00
N GLN B 387 9.48 31.32 6.79
CA GLN B 387 10.28 30.30 6.12
C GLN B 387 11.58 30.84 5.69
N GLU B 388 11.69 32.15 5.28
CA GLU B 388 12.93 32.66 4.79
C GLU B 388 14.14 32.59 5.84
N ARG B 389 13.83 32.90 7.17
CA ARG B 389 14.75 32.98 8.26
C ARG B 389 15.29 31.66 8.79
N VAL B 390 14.43 30.57 8.53
CA VAL B 390 14.46 29.19 9.05
C VAL B 390 15.91 28.62 9.46
N PRO B 391 16.13 28.04 10.61
CA PRO B 391 17.46 27.57 11.02
C PRO B 391 17.55 26.13 10.70
N ALA B 392 18.83 25.73 10.56
CA ALA B 392 19.31 24.43 10.20
C ALA B 392 20.29 23.93 11.16
N PHE B 393 20.79 24.88 12.04
CA PHE B 393 21.78 24.67 13.04
C PHE B 393 21.19 23.72 14.01
N ILE B 394 19.92 23.97 14.30
CA ILE B 394 19.03 23.03 14.88
C ILE B 394 18.06 22.82 13.69
N PRO B 395 18.04 21.69 13.00
CA PRO B 395 17.35 21.46 11.73
C PRO B 395 16.02 22.10 11.49
N LYS B 396 15.69 22.36 10.17
CA LYS B 396 14.47 22.96 9.72
C LYS B 396 13.23 22.11 10.08
N GLU B 397 13.43 20.82 10.00
CA GLU B 397 12.48 19.85 10.36
C GLU B 397 12.06 19.88 11.84
N LEU B 398 13.08 20.10 12.70
CA LEU B 398 12.87 20.31 14.09
C LEU B 398 12.08 21.54 14.25
N ALA B 399 12.39 22.62 13.49
CA ALA B 399 11.64 23.91 13.74
C ALA B 399 10.14 23.78 13.49
N TYR B 400 9.82 23.04 12.41
CA TYR B 400 8.46 22.79 12.06
C TYR B 400 7.68 22.02 13.10
N LYS B 401 8.34 21.00 13.68
CA LYS B 401 7.74 20.22 14.80
C LYS B 401 7.51 21.00 15.96
N ILE B 402 8.41 21.90 16.33
CA ILE B 402 8.32 22.85 17.40
C ILE B 402 7.18 23.82 17.18
N PHE B 403 6.99 24.37 15.92
CA PHE B 403 6.00 25.35 15.52
C PHE B 403 4.67 24.78 15.75
N MET B 404 4.48 23.49 15.34
CA MET B 404 3.26 22.79 15.52
C MET B 404 2.90 22.56 16.95
N ILE B 405 3.93 22.18 17.84
CA ILE B 405 3.70 21.98 19.30
C ILE B 405 3.29 23.31 19.87
N GLY B 406 3.94 24.38 19.45
CA GLY B 406 3.62 25.73 19.93
C GLY B 406 2.25 26.26 19.59
N LYS B 407 1.87 25.95 18.33
CA LYS B 407 0.58 26.25 17.66
C LYS B 407 -0.55 25.51 18.35
N SER B 408 -0.34 24.27 18.73
CA SER B 408 -1.18 23.51 19.51
C SER B 408 -1.32 24.14 20.89
N TYR B 409 -0.25 24.64 21.53
CA TYR B 409 -0.37 25.24 22.88
C TYR B 409 -1.26 26.54 22.93
N ILE B 410 -1.08 27.38 21.94
CA ILE B 410 -1.87 28.52 21.72
C ILE B 410 -3.34 28.24 21.40
N PHE B 411 -3.63 27.21 20.62
CA PHE B 411 -4.96 26.83 20.21
C PHE B 411 -5.74 26.42 21.45
N LEU B 412 -5.03 25.75 22.40
CA LEU B 412 -5.63 25.41 23.71
C LEU B 412 -5.97 26.57 24.52
N GLU B 413 -5.08 27.63 24.46
CA GLU B 413 -5.45 28.85 25.09
C GLU B 413 -6.68 29.53 24.45
N LYS B 414 -6.73 29.52 23.07
CA LYS B 414 -7.74 30.13 22.22
C LYS B 414 -9.10 29.58 22.42
N TYR B 415 -9.09 28.23 22.70
CA TYR B 415 -10.25 27.45 22.98
C TYR B 415 -10.87 27.94 24.27
N CYS B 416 -10.07 28.13 25.33
CA CYS B 416 -10.44 28.33 26.69
C CYS B 416 -9.19 27.53 27.22
N LYS B 417 -8.16 28.29 27.73
CA LYS B 417 -7.05 27.78 28.32
C LYS B 417 -7.46 26.88 29.45
N GLU B 418 -6.90 25.71 29.43
CA GLU B 418 -7.13 24.58 30.27
C GLU B 418 -5.86 23.96 30.33
N VAL B 419 -4.81 24.70 30.71
CA VAL B 419 -3.46 24.24 30.70
C VAL B 419 -3.34 23.15 31.73
N GLN B 420 -2.29 22.34 31.48
CA GLN B 420 -2.04 21.05 32.13
C GLN B 420 -1.32 21.41 33.38
N TRP B 421 -1.70 22.59 34.00
CA TRP B 421 -1.26 23.09 35.31
C TRP B 421 0.31 22.96 35.43
N THR B 422 0.79 22.15 36.37
CA THR B 422 2.15 21.97 36.69
C THR B 422 2.90 21.33 35.60
N ASN B 423 2.23 20.59 34.67
CA ASN B 423 3.04 20.12 33.56
C ASN B 423 3.78 21.12 32.72
N GLU B 424 3.24 22.28 32.39
CA GLU B 424 3.92 23.31 31.63
C GLU B 424 5.07 23.85 32.37
N PHE B 425 4.82 24.01 33.72
CA PHE B 425 5.77 24.61 34.65
C PHE B 425 6.99 23.81 34.80
N SER B 426 6.77 22.49 34.89
CA SER B 426 7.80 21.52 35.02
C SER B 426 8.68 21.52 33.81
N LYS B 427 8.07 21.62 32.60
CA LYS B 427 8.70 21.72 31.28
C LYS B 427 9.53 22.99 31.13
N LYS B 428 9.10 24.19 31.65
CA LYS B 428 9.90 25.39 31.56
C LYS B 428 11.09 25.22 32.32
N TYR B 429 10.99 24.61 33.51
CA TYR B 429 12.08 24.38 34.33
C TYR B 429 13.08 23.46 33.66
N HIS B 430 12.58 22.37 33.02
CA HIS B 430 13.42 21.44 32.32
C HIS B 430 14.18 22.04 31.13
N VAL B 431 13.58 22.92 30.29
CA VAL B 431 14.27 23.59 29.22
C VAL B 431 15.34 24.57 29.77
N LEU B 432 14.98 25.25 30.85
CA LEU B 432 15.93 26.13 31.49
C LEU B 432 17.15 25.49 32.04
N TYR B 433 16.91 24.32 32.63
CA TYR B 433 17.94 23.43 33.13
C TYR B 433 18.88 22.95 32.05
N GLN B 434 18.31 22.56 30.88
CA GLN B 434 19.22 22.02 29.83
C GLN B 434 20.16 23.10 29.28
N SER B 435 19.68 24.36 29.12
CA SER B 435 20.52 25.44 28.83
C SER B 435 21.63 25.77 29.81
N ASN B 436 21.28 25.48 31.06
CA ASN B 436 22.18 25.69 32.24
C ASN B 436 23.33 24.73 32.22
N SER B 437 23.08 23.50 31.69
CA SER B 437 24.00 22.37 31.68
C SER B 437 24.82 22.55 30.48
N TYR B 438 25.80 23.41 30.75
CA TYR B 438 26.82 23.98 29.93
C TYR B 438 26.18 24.59 28.69
N ARG B 439 26.74 24.43 27.43
CA ARG B 439 26.07 25.01 26.33
C ARG B 439 24.96 24.04 26.00
N GLY B 440 23.75 24.53 25.57
CA GLY B 440 22.66 23.66 25.25
C GLY B 440 23.05 22.63 24.30
N ILE B 441 22.48 21.38 24.45
CA ILE B 441 22.83 20.24 23.56
C ILE B 441 21.53 19.89 22.84
N SER B 442 21.56 19.83 21.45
CA SER B 442 20.42 19.70 20.58
C SER B 442 19.81 18.38 20.84
N THR B 443 20.64 17.27 21.06
CA THR B 443 20.09 15.95 21.25
C THR B 443 19.15 15.99 22.51
N ASN B 444 19.64 16.60 23.66
CA ASN B 444 18.91 16.70 24.86
C ASN B 444 17.66 17.54 24.71
N PHE B 445 17.82 18.68 23.94
CA PHE B 445 16.71 19.59 23.64
C PHE B 445 15.68 18.87 22.80
N PHE B 446 16.01 18.04 21.76
CA PHE B 446 15.09 17.30 20.94
C PHE B 446 14.37 16.33 21.73
N GLU B 447 15.18 15.64 22.61
CA GLU B 447 14.60 14.61 23.39
C GLU B 447 13.49 15.05 24.31
N ILE B 448 13.57 16.19 25.04
CA ILE B 448 12.54 16.79 25.82
C ILE B 448 11.44 17.23 24.94
N ILE B 449 11.70 17.81 23.72
CA ILE B 449 10.75 18.38 22.75
C ILE B 449 9.88 17.25 22.27
N ASN B 450 10.41 16.08 21.91
CA ASN B 450 9.75 14.86 21.43
C ASN B 450 8.77 14.40 22.61
N ASP B 451 9.19 14.52 23.84
CA ASP B 451 8.45 14.29 25.02
C ASP B 451 7.29 15.20 25.23
N GLN B 452 7.58 16.50 24.95
CA GLN B 452 6.54 17.51 25.05
C GLN B 452 5.47 17.23 24.00
N TYR B 453 5.97 16.85 22.80
CA TYR B 453 4.99 16.66 21.70
C TYR B 453 4.11 15.55 22.00
N SER B 454 4.63 14.35 22.44
CA SER B 454 3.92 13.13 22.65
C SER B 454 2.88 13.35 23.71
N GLU B 455 3.29 14.07 24.78
CA GLU B 455 2.36 14.40 25.79
C GLU B 455 1.20 15.33 25.36
N ILE B 456 1.50 16.30 24.53
CA ILE B 456 0.59 17.26 23.96
C ILE B 456 -0.39 16.54 23.06
N VAL B 457 0.04 15.54 22.25
CA VAL B 457 -0.75 14.74 21.33
C VAL B 457 -1.72 13.95 22.14
N ASN B 458 -1.25 13.28 23.21
CA ASN B 458 -2.17 12.52 24.08
C ASN B 458 -3.18 13.38 24.79
N HIS B 459 -2.70 14.50 25.34
CA HIS B 459 -3.43 15.46 26.15
C HIS B 459 -4.44 16.16 25.41
N THR B 460 -4.10 16.39 24.08
CA THR B 460 -4.95 17.01 23.14
C THR B 460 -6.03 16.04 22.91
N ASN B 461 -5.69 14.73 22.82
CA ASN B 461 -6.69 13.66 22.64
C ASN B 461 -7.60 13.67 23.84
N GLN B 462 -7.04 13.76 25.05
CA GLN B 462 -7.86 13.78 26.22
C GLN B 462 -8.79 15.08 26.19
N ILE B 463 -8.25 16.31 25.83
CA ILE B 463 -9.01 17.49 25.84
C ILE B 463 -10.19 17.40 24.85
N LEU B 464 -9.90 16.93 23.68
CA LEU B 464 -10.93 16.90 22.65
C LEU B 464 -11.98 15.93 22.96
N ASN B 465 -11.48 14.67 23.17
CA ASN B 465 -12.28 13.48 23.19
C ASN B 465 -13.21 13.38 24.38
N GLN B 466 -12.71 13.44 25.61
CA GLN B 466 -13.58 13.31 26.73
C GLN B 466 -14.30 14.56 26.93
N LYS B 467 -13.59 15.71 26.91
CA LYS B 467 -14.29 16.85 27.38
C LYS B 467 -15.32 17.41 26.45
N PHE B 468 -15.09 17.60 25.13
CA PHE B 468 -16.11 18.17 24.34
C PHE B 468 -16.32 17.26 23.19
N HIS B 469 -16.23 15.93 23.51
CA HIS B 469 -16.64 14.80 22.70
C HIS B 469 -16.27 14.86 21.25
N TYR B 470 -15.10 15.47 20.86
CA TYR B 470 -14.90 15.90 19.48
C TYR B 470 -14.89 14.79 18.46
N ARG B 471 -14.25 13.63 18.64
CA ARG B 471 -14.33 12.49 17.80
C ARG B 471 -15.72 11.94 17.63
N ASP B 472 -16.43 11.94 18.79
CA ASP B 472 -17.74 11.39 18.96
C ASP B 472 -18.66 12.14 18.16
N VAL B 473 -18.42 13.46 18.20
CA VAL B 473 -19.10 14.52 17.44
C VAL B 473 -18.72 14.31 15.95
N VAL B 474 -17.55 13.90 15.53
CA VAL B 474 -17.26 13.61 14.11
C VAL B 474 -18.19 12.47 13.66
N PHE B 475 -18.45 11.37 14.47
CA PHE B 475 -19.36 10.31 14.10
C PHE B 475 -20.70 10.82 13.91
N ALA B 476 -21.13 11.73 14.85
CA ALA B 476 -22.42 12.42 14.81
C ALA B 476 -22.59 13.27 13.55
N LEU B 477 -21.46 13.96 13.19
CA LEU B 477 -21.36 14.91 12.06
C LEU B 477 -21.62 14.18 10.80
N LYS B 478 -21.02 12.95 10.62
CA LYS B 478 -21.21 12.19 9.39
C LYS B 478 -22.69 11.88 9.31
N ASN B 479 -23.33 11.57 10.44
CA ASN B 479 -24.76 11.23 10.44
C ASN B 479 -25.69 12.42 10.07
N ILE B 480 -25.46 13.61 10.65
CA ILE B 480 -26.30 14.75 10.42
C ILE B 480 -26.04 15.52 9.15
N LEU B 481 -24.75 15.93 9.02
CA LEU B 481 -24.20 16.81 7.98
C LEU B 481 -24.25 16.17 6.61
N LEU B 482 -23.82 14.83 6.59
CA LEU B 482 -23.71 14.12 5.38
C LEU B 482 -24.90 13.11 5.27
N MET B 483 -25.91 13.36 6.19
CA MET B 483 -27.17 12.72 6.11
C MET B 483 -27.11 11.21 6.08
N GLY B 484 -26.48 10.64 7.11
CA GLY B 484 -26.43 9.24 7.51
C GLY B 484 -27.37 9.15 8.72
N LYS B 485 -28.42 9.94 8.70
CA LYS B 485 -29.40 9.86 9.77
C LYS B 485 -30.52 10.24 8.79
N SER B 486 -31.03 9.22 8.08
CA SER B 486 -32.06 9.30 7.02
C SER B 486 -33.40 9.74 7.62
N ASP B 487 -33.67 9.22 8.81
CA ASP B 487 -34.93 9.26 9.53
C ASP B 487 -35.25 10.67 9.84
N PHE B 488 -34.22 11.48 10.29
CA PHE B 488 -34.40 12.85 10.59
C PHE B 488 -34.85 13.67 9.39
N MET B 489 -34.16 13.43 8.24
CA MET B 489 -34.47 14.12 7.09
C MET B 489 -35.83 13.86 6.56
N ASP B 490 -36.33 12.60 6.59
CA ASP B 490 -37.72 12.39 6.20
C ASP B 490 -38.77 13.05 7.06
N ALA B 491 -38.60 13.03 8.40
CA ALA B 491 -39.57 13.56 9.28
C ALA B 491 -39.62 15.03 9.01
N LEU B 492 -38.36 15.59 8.88
CA LEU B 492 -38.31 17.01 8.66
C LEU B 492 -39.05 17.36 7.37
N ILE B 493 -38.82 16.60 6.26
CA ILE B 493 -39.49 16.80 4.97
C ILE B 493 -40.99 16.66 4.92
N GLU B 494 -41.58 15.60 5.62
CA GLU B 494 -43.03 15.51 5.61
C GLU B 494 -43.69 16.68 6.30
N LYS B 495 -43.17 17.07 7.49
CA LYS B 495 -43.81 18.16 8.15
C LYS B 495 -43.56 19.51 7.33
N ALA B 496 -42.30 19.75 6.82
CA ALA B 496 -41.83 20.95 6.15
C ALA B 496 -42.40 21.26 4.72
N ASN B 497 -42.76 20.08 4.04
CA ASN B 497 -43.08 20.08 2.59
C ASN B 497 -44.08 21.16 2.17
N ASP B 498 -45.17 21.33 2.96
CA ASP B 498 -46.29 22.23 2.72
C ASP B 498 -45.84 23.67 2.66
N ILE B 499 -44.96 23.96 3.65
CA ILE B 499 -44.47 25.28 4.03
C ILE B 499 -43.59 25.94 2.99
N LEU B 500 -42.76 25.01 2.42
CA LEU B 500 -41.88 25.26 1.33
C LEU B 500 -42.55 25.34 0.04
N ALA B 501 -43.66 24.67 -0.21
CA ALA B 501 -44.39 24.75 -1.44
C ALA B 501 -44.82 26.19 -1.69
N THR B 502 -45.19 26.92 -0.54
CA THR B 502 -45.63 28.28 -0.51
C THR B 502 -44.37 29.00 -0.62
N PRO B 503 -44.15 30.04 -1.43
CA PRO B 503 -42.91 30.86 -1.35
C PRO B 503 -42.53 31.46 0.02
N SER B 504 -41.23 31.84 0.20
CA SER B 504 -40.59 32.31 1.44
C SER B 504 -41.27 33.57 1.87
N ASP B 505 -41.46 33.63 3.21
CA ASP B 505 -41.78 34.90 3.86
C ASP B 505 -41.17 34.68 5.21
N SER B 506 -41.15 35.70 6.08
CA SER B 506 -40.57 35.60 7.36
C SER B 506 -41.19 34.61 8.25
N LEU B 507 -42.54 34.51 8.18
CA LEU B 507 -43.28 33.60 9.08
C LEU B 507 -42.99 32.20 8.77
N PRO B 508 -42.78 31.70 7.54
CA PRO B 508 -42.46 30.36 7.26
C PRO B 508 -41.23 29.79 7.98
N ASN B 509 -40.15 30.65 8.10
CA ASN B 509 -38.84 30.40 8.68
C ASN B 509 -38.95 30.02 10.13
N TYR B 510 -39.79 30.74 11.00
CA TYR B 510 -39.96 30.40 12.33
C TYR B 510 -40.58 29.12 12.43
N LYS B 511 -41.64 28.94 11.62
CA LYS B 511 -42.55 27.80 11.70
C LYS B 511 -41.76 26.58 11.39
N LEU B 512 -40.83 26.67 10.36
CA LEU B 512 -39.94 25.66 9.84
C LEU B 512 -39.01 25.21 10.86
N THR B 513 -38.59 26.24 11.64
CA THR B 513 -37.64 26.14 12.79
C THR B 513 -38.29 25.30 13.86
N ARG B 514 -39.64 25.48 14.10
CA ARG B 514 -40.34 24.61 15.01
C ARG B 514 -40.42 23.19 14.51
N VAL B 515 -40.70 23.02 13.24
CA VAL B 515 -40.74 21.75 12.55
C VAL B 515 -39.32 21.08 12.62
N LEU B 516 -38.20 21.86 12.52
CA LEU B 516 -36.87 21.42 12.74
C LEU B 516 -36.61 20.94 14.15
N GLN B 517 -37.09 21.68 15.12
CA GLN B 517 -36.92 21.25 16.49
C GLN B 517 -37.70 19.96 16.80
N GLU B 518 -38.96 19.83 16.30
CA GLU B 518 -39.83 18.66 16.36
C GLU B 518 -39.23 17.52 15.64
N ALA B 519 -38.55 17.73 14.46
CA ALA B 519 -37.99 16.62 13.76
C ALA B 519 -36.95 15.89 14.59
N VAL B 520 -36.12 16.70 15.33
CA VAL B 520 -35.11 16.19 16.27
C VAL B 520 -35.67 15.41 17.35
N GLN B 521 -36.78 15.86 17.96
CA GLN B 521 -37.37 15.20 19.10
C GLN B 521 -37.87 13.86 18.69
N LEU B 522 -38.58 13.84 17.51
CA LEU B 522 -39.03 12.61 16.96
C LEU B 522 -37.90 11.58 16.59
N SER B 523 -36.75 12.13 16.10
CA SER B 523 -35.57 11.35 15.70
C SER B 523 -34.83 10.71 16.84
N SER B 524 -35.21 11.11 18.09
CA SER B 524 -34.65 10.82 19.36
C SER B 524 -33.48 11.67 19.67
N LEU B 525 -33.80 12.81 20.34
CA LEU B 525 -32.85 13.68 20.90
C LEU B 525 -32.08 13.09 22.12
N ARG B 526 -30.72 13.19 22.14
CA ARG B 526 -29.88 12.37 22.97
C ARG B 526 -29.62 13.00 24.29
N HIS B 527 -29.63 12.22 25.45
CA HIS B 527 -29.39 12.75 26.78
C HIS B 527 -28.55 11.70 27.51
N LEU B 528 -28.68 11.59 28.83
CA LEU B 528 -27.97 10.64 29.72
C LEU B 528 -26.44 10.64 29.54
N MET B 529 -25.83 9.47 29.91
CA MET B 529 -24.39 9.24 29.86
C MET B 529 -24.20 7.90 29.31
N ASN B 530 -25.28 7.33 28.74
CA ASN B 530 -25.45 6.08 28.14
C ASN B 530 -25.61 6.44 26.68
N SER B 531 -25.60 7.76 26.42
CA SER B 531 -25.68 8.49 25.21
C SER B 531 -25.19 9.85 25.54
N PRO B 532 -24.93 10.75 24.63
CA PRO B 532 -24.34 11.97 24.98
C PRO B 532 -25.34 12.80 25.83
N ARG B 533 -24.92 13.39 27.00
CA ARG B 533 -25.72 14.30 27.80
C ARG B 533 -25.83 15.64 27.12
N ASN B 534 -24.67 16.22 26.83
CA ASN B 534 -24.63 17.40 25.97
C ASN B 534 -24.37 16.92 24.55
N SER B 535 -25.26 17.29 23.69
CA SER B 535 -25.26 16.85 22.33
C SER B 535 -25.00 18.05 21.47
N SER B 536 -24.63 17.69 20.17
CA SER B 536 -24.53 18.60 19.03
C SER B 536 -25.84 19.27 18.64
N VAL B 537 -26.94 18.42 18.60
CA VAL B 537 -28.29 18.75 18.27
C VAL B 537 -28.81 19.67 19.36
N ILE B 538 -28.48 19.32 20.60
CA ILE B 538 -28.86 20.00 21.83
C ILE B 538 -28.12 21.35 21.68
N ASN B 539 -26.85 21.32 21.36
CA ASN B 539 -26.04 22.57 21.35
C ASN B 539 -26.37 23.59 20.40
N GLY B 540 -26.77 23.22 19.12
CA GLY B 540 -27.07 24.28 18.20
C GLY B 540 -27.44 23.96 16.77
N LEU B 541 -28.66 24.30 16.34
CA LEU B 541 -29.10 24.34 14.96
C LEU B 541 -30.00 25.55 14.90
N ASP B 542 -29.77 26.36 13.96
CA ASP B 542 -30.53 27.67 13.77
C ASP B 542 -30.94 27.56 12.28
N ALA B 543 -32.10 28.05 11.77
CA ALA B 543 -32.38 27.91 10.31
C ALA B 543 -31.93 29.22 9.79
N ARG B 544 -31.27 29.11 8.62
CA ARG B 544 -30.45 30.06 7.92
C ARG B 544 -31.01 30.43 6.57
N VAL B 545 -30.84 31.58 6.04
CA VAL B 545 -31.23 32.08 4.69
C VAL B 545 -29.90 32.63 4.20
N LEU B 546 -29.68 32.33 2.89
CA LEU B 546 -28.54 32.73 2.10
C LEU B 546 -29.01 34.01 1.43
N ASP B 547 -28.32 34.36 0.30
CA ASP B 547 -28.62 35.51 -0.57
C ASP B 547 -28.45 35.14 -2.06
N LEU B 548 -28.14 33.85 -2.32
CA LEU B 548 -27.93 33.28 -3.63
C LEU B 548 -29.03 32.33 -3.71
N GLY B 549 -29.70 32.31 -4.89
CA GLY B 549 -30.60 31.40 -5.49
C GLY B 549 -31.91 31.36 -4.76
N HIS B 550 -32.23 32.39 -4.05
CA HIS B 550 -33.36 32.52 -3.21
C HIS B 550 -34.29 33.55 -3.68
N GLY B 551 -35.56 33.41 -3.24
CA GLY B 551 -36.55 34.44 -3.54
C GLY B 551 -37.52 33.97 -4.54
N SER B 552 -37.67 32.63 -4.74
CA SER B 552 -38.61 32.06 -5.70
C SER B 552 -39.63 31.20 -5.06
N VAL B 553 -39.25 29.99 -4.64
CA VAL B 553 -40.18 29.09 -3.99
C VAL B 553 -39.56 28.81 -2.67
N GLY B 554 -40.20 28.24 -1.59
CA GLY B 554 -39.57 28.07 -0.28
C GLY B 554 -38.43 27.22 -0.21
N TRP B 555 -38.45 26.12 -0.99
CA TRP B 555 -37.53 25.04 -0.76
C TRP B 555 -36.09 25.40 -0.84
N ASP B 556 -35.74 26.15 -1.89
CA ASP B 556 -34.36 26.63 -2.12
C ASP B 556 -33.92 27.61 -1.13
N VAL B 557 -34.82 28.44 -0.56
CA VAL B 557 -34.41 29.55 0.27
C VAL B 557 -33.85 29.04 1.61
N PHE B 558 -34.21 27.80 2.00
CA PHE B 558 -33.80 27.18 3.23
C PHE B 558 -32.29 26.88 3.25
N THR B 559 -31.68 27.13 4.46
CA THR B 559 -30.41 26.58 4.86
C THR B 559 -30.38 26.33 6.34
N LEU B 560 -29.31 25.66 6.77
CA LEU B 560 -29.20 25.20 8.16
C LEU B 560 -27.88 25.77 8.67
N ASP B 561 -27.82 26.23 9.89
CA ASP B 561 -26.61 26.77 10.49
C ASP B 561 -26.44 26.06 11.72
N TYR B 562 -25.16 25.74 11.93
CA TYR B 562 -24.60 25.06 13.06
C TYR B 562 -23.59 25.87 13.73
N ILE B 563 -23.74 25.94 15.07
CA ILE B 563 -22.88 26.65 15.97
C ILE B 563 -21.43 26.28 15.85
N LEU B 564 -20.58 27.32 16.10
CA LEU B 564 -19.14 27.25 15.87
C LEU B 564 -18.52 26.29 16.87
N TYR B 565 -17.56 25.67 16.26
CA TYR B 565 -16.78 24.60 16.90
C TYR B 565 -15.34 25.14 16.79
N PRO B 566 -14.31 24.55 17.49
CA PRO B 566 -13.00 25.14 17.61
C PRO B 566 -12.28 25.38 16.23
N PRO B 567 -12.38 24.68 15.05
CA PRO B 567 -11.85 25.07 13.76
C PRO B 567 -12.36 26.37 13.25
N LEU B 568 -13.57 26.68 13.63
CA LEU B 568 -14.44 27.78 13.18
C LEU B 568 -14.35 28.83 14.18
N SER B 569 -13.57 28.58 15.24
CA SER B 569 -13.24 29.61 16.18
C SER B 569 -11.85 30.03 15.95
N LEU B 570 -11.15 29.40 14.97
CA LEU B 570 -9.87 29.92 14.60
C LEU B 570 -10.12 31.15 13.81
N VAL B 571 -11.11 31.07 12.92
CA VAL B 571 -11.43 32.12 12.02
C VAL B 571 -12.59 32.77 12.55
N LEU B 572 -12.36 33.85 13.27
CA LEU B 572 -13.44 34.51 14.04
C LEU B 572 -12.92 35.89 14.29
N ASN B 573 -11.81 36.25 13.63
CA ASN B 573 -11.06 37.41 13.93
C ASN B 573 -11.29 38.26 12.68
N VAL B 574 -10.44 39.28 12.39
CA VAL B 574 -10.47 40.04 11.18
C VAL B 574 -9.52 39.33 10.18
N ASN B 575 -10.10 38.23 9.64
CA ASN B 575 -9.41 37.29 8.84
C ASN B 575 -10.02 37.19 7.56
N ARG B 576 -11.23 37.78 7.40
CA ARG B 576 -12.27 37.56 6.39
C ARG B 576 -12.78 36.08 6.56
N PRO B 577 -13.34 35.62 7.69
CA PRO B 577 -13.51 34.21 8.09
C PRO B 577 -14.24 33.50 6.95
N PHE B 578 -13.60 32.42 6.55
CA PHE B 578 -14.08 31.62 5.49
C PHE B 578 -13.66 30.20 5.86
N GLY B 579 -13.76 29.26 4.90
CA GLY B 579 -13.36 27.86 5.00
C GLY B 579 -14.49 27.12 5.57
N ARG B 580 -15.39 27.89 6.18
CA ARG B 580 -16.75 27.58 6.66
C ARG B 580 -17.57 27.38 5.42
N LYS B 581 -17.36 28.19 4.37
CA LYS B 581 -18.08 28.20 3.20
C LYS B 581 -17.91 26.95 2.48
N GLU B 582 -16.72 26.35 2.40
CA GLU B 582 -16.33 25.12 1.74
C GLU B 582 -17.06 23.93 2.47
N TYR B 583 -17.15 23.83 3.84
CA TYR B 583 -18.00 22.78 4.47
C TYR B 583 -19.45 22.96 4.06
N LEU B 584 -19.89 24.27 3.97
CA LEU B 584 -21.17 24.57 3.46
C LEU B 584 -21.38 24.18 2.00
N ARG B 585 -20.37 24.32 1.10
CA ARG B 585 -20.64 24.00 -0.29
C ARG B 585 -20.95 22.58 -0.52
N ILE B 586 -20.14 21.68 0.13
CA ILE B 586 -20.45 20.28 0.02
C ILE B 586 -21.80 19.86 0.62
N PHE B 587 -22.06 20.50 1.78
CA PHE B 587 -23.30 20.28 2.46
C PHE B 587 -24.54 20.54 1.67
N ASN B 588 -24.48 21.65 0.99
CA ASN B 588 -25.53 22.14 0.15
C ASN B 588 -25.88 21.29 -0.99
N PHE B 589 -24.82 20.71 -1.65
CA PHE B 589 -25.09 19.88 -2.76
C PHE B 589 -25.83 18.68 -2.32
N LEU B 590 -25.30 18.11 -1.18
CA LEU B 590 -25.89 16.87 -0.74
C LEU B 590 -27.32 16.98 -0.36
N TRP B 591 -27.63 18.09 0.41
CA TRP B 591 -28.94 18.41 0.93
C TRP B 591 -30.04 18.65 -0.03
N ARG B 592 -29.61 19.30 -1.06
CA ARG B 592 -30.50 19.59 -2.19
C ARG B 592 -30.99 18.35 -2.87
N PHE B 593 -30.11 17.31 -3.06
CA PHE B 593 -30.43 16.10 -3.73
C PHE B 593 -31.41 15.40 -2.84
N LYS B 594 -31.15 15.49 -1.54
CA LYS B 594 -31.99 14.81 -0.52
C LYS B 594 -33.45 15.29 -0.45
N LYS B 595 -33.63 16.61 -0.58
CA LYS B 595 -34.89 17.25 -0.67
C LYS B 595 -35.69 16.90 -1.91
N ASN B 596 -35.06 16.89 -3.05
CA ASN B 596 -35.65 16.52 -4.31
C ASN B 596 -36.09 15.04 -4.34
N ASN B 597 -35.23 14.25 -3.71
CA ASN B 597 -35.27 12.81 -3.59
C ASN B 597 -36.50 12.43 -2.75
N TYR B 598 -36.75 13.31 -1.72
CA TYR B 598 -37.97 13.19 -0.95
C TYR B 598 -39.29 13.41 -1.74
N PHE B 599 -39.27 14.47 -2.58
CA PHE B 599 -40.44 14.91 -3.34
C PHE B 599 -40.85 13.89 -4.29
N TYR B 600 -39.82 13.19 -4.94
CA TYR B 600 -40.08 12.06 -5.75
C TYR B 600 -40.67 10.95 -4.94
N GLN B 601 -40.18 10.59 -3.69
CA GLN B 601 -40.63 9.53 -2.88
C GLN B 601 -42.07 9.72 -2.54
N LYS B 602 -42.49 10.97 -2.21
CA LYS B 602 -43.88 11.28 -1.91
C LYS B 602 -44.84 11.14 -3.03
N GLU B 603 -44.44 11.47 -4.28
CA GLU B 603 -45.22 11.31 -5.47
C GLU B 603 -45.48 9.84 -5.66
N MET B 604 -44.49 8.99 -5.50
CA MET B 604 -44.64 7.56 -5.60
C MET B 604 -45.58 7.00 -4.49
N LEU B 605 -45.43 7.49 -3.22
CA LEU B 605 -46.20 7.06 -2.03
C LEU B 605 -47.63 7.34 -2.34
N LYS B 606 -48.00 8.54 -2.95
CA LYS B 606 -49.38 8.89 -3.19
C LYS B 606 -50.05 7.90 -4.12
N SER B 607 -49.27 7.48 -5.12
CA SER B 607 -49.71 6.63 -6.22
C SER B 607 -50.03 5.19 -5.80
N ASN B 608 -49.43 4.67 -4.73
CA ASN B 608 -49.81 3.34 -4.26
C ASN B 608 -51.22 3.38 -3.68
N ASP B 609 -51.70 4.52 -3.23
CA ASP B 609 -53.03 4.63 -2.76
C ASP B 609 -53.99 4.53 -3.92
N ILE B 610 -55.33 4.42 -3.59
CA ILE B 610 -56.43 4.14 -4.53
C ILE B 610 -56.68 5.31 -5.47
N ILE B 611 -56.23 6.54 -5.12
CA ILE B 611 -56.32 7.67 -6.01
C ILE B 611 -55.18 8.57 -5.66
N ARG B 612 -54.89 9.59 -6.58
CA ARG B 612 -53.86 10.65 -6.48
C ARG B 612 -52.44 10.06 -6.71
N ILE B 628 -59.24 0.16 -15.67
CA ILE B 628 -58.93 -1.22 -15.88
C ILE B 628 -57.42 -1.47 -15.93
N ASN B 629 -56.82 -1.19 -17.12
CA ASN B 629 -55.40 -1.40 -17.41
C ASN B 629 -54.47 -0.49 -16.60
N LYS B 630 -54.94 0.80 -16.41
CA LYS B 630 -54.16 1.95 -16.05
C LYS B 630 -53.48 1.80 -14.73
N LEU B 631 -54.10 1.10 -13.76
CA LEU B 631 -53.62 1.00 -12.43
C LEU B 631 -52.26 0.41 -12.38
N SER B 632 -52.10 -0.69 -13.22
CA SER B 632 -50.92 -1.44 -13.43
C SER B 632 -49.90 -0.68 -14.09
N ARG B 633 -50.23 0.25 -15.05
CA ARG B 633 -49.25 1.13 -15.69
C ARG B 633 -48.66 2.09 -14.67
N ILE B 634 -49.47 2.68 -13.78
CA ILE B 634 -48.82 3.60 -12.80
C ILE B 634 -47.79 2.89 -11.93
N SER B 635 -48.19 1.66 -11.50
CA SER B 635 -47.44 0.81 -10.57
C SER B 635 -46.17 0.45 -11.14
N ILE B 636 -46.13 0.04 -12.43
CA ILE B 636 -44.81 -0.44 -12.96
C ILE B 636 -43.84 0.81 -12.98
N LEU B 637 -44.33 1.99 -13.44
CA LEU B 637 -43.52 3.17 -13.47
C LEU B 637 -43.02 3.71 -12.23
N ARG B 638 -43.91 3.80 -11.17
CA ARG B 638 -43.52 4.47 -9.88
C ARG B 638 -42.40 3.70 -9.29
N THR B 639 -42.53 2.30 -9.31
CA THR B 639 -41.49 1.41 -8.82
C THR B 639 -40.20 1.43 -9.64
N GLN B 640 -40.36 1.53 -11.00
CA GLN B 640 -39.22 1.49 -11.99
C GLN B 640 -38.33 2.64 -11.83
N PHE B 641 -38.98 3.85 -11.69
CA PHE B 641 -38.26 5.09 -11.36
C PHE B 641 -37.62 5.09 -9.97
N GLN B 642 -38.28 4.49 -8.91
CA GLN B 642 -37.72 4.39 -7.52
C GLN B 642 -36.55 3.55 -7.44
N GLN B 643 -36.52 2.45 -8.23
CA GLN B 643 -35.47 1.46 -8.32
C GLN B 643 -34.21 2.02 -8.85
N PHE B 644 -34.23 2.81 -9.93
CA PHE B 644 -33.05 3.39 -10.42
C PHE B 644 -32.47 4.45 -9.40
N ASN B 645 -33.29 5.36 -8.82
CA ASN B 645 -32.64 6.36 -7.96
C ASN B 645 -31.98 5.78 -6.74
N SER B 646 -32.69 4.81 -6.16
CA SER B 646 -32.25 4.18 -4.93
C SER B 646 -30.91 3.44 -5.02
N LYS B 647 -30.65 2.77 -6.12
CA LYS B 647 -29.40 2.07 -6.36
C LYS B 647 -28.26 3.08 -6.52
N MET B 648 -28.55 4.15 -7.26
CA MET B 648 -27.51 5.13 -7.37
C MET B 648 -27.07 5.79 -6.11
N GLU B 649 -28.08 6.15 -5.26
CA GLU B 649 -27.89 6.80 -3.96
C GLU B 649 -27.14 5.96 -2.89
N SER B 650 -27.46 4.69 -2.87
CA SER B 650 -26.87 3.64 -2.08
C SER B 650 -25.42 3.45 -2.38
N TYR B 651 -25.08 3.33 -3.71
CA TYR B 651 -23.70 3.11 -4.23
C TYR B 651 -22.88 4.27 -3.96
N TYR B 652 -23.44 5.44 -4.22
CA TYR B 652 -22.71 6.60 -3.86
C TYR B 652 -22.35 6.77 -2.39
N LEU B 653 -23.32 6.50 -1.51
CA LEU B 653 -23.19 6.68 -0.07
C LEU B 653 -22.22 5.64 0.49
N ASN B 654 -22.36 4.38 0.14
CA ASN B 654 -21.61 3.29 0.65
C ASN B 654 -20.19 3.25 0.26
N CYS B 655 -19.99 3.20 -1.13
CA CYS B 655 -18.68 3.04 -1.69
C CYS B 655 -17.80 4.29 -1.62
N ILE B 656 -18.38 5.52 -1.75
CA ILE B 656 -17.53 6.68 -1.60
C ILE B 656 -17.50 7.12 -0.14
N ILE B 657 -18.62 7.49 0.36
CA ILE B 657 -18.58 8.26 1.58
C ILE B 657 -18.18 7.44 2.83
N GLU B 658 -18.92 6.32 3.05
CA GLU B 658 -18.80 5.49 4.22
C GLU B 658 -17.48 4.87 4.25
N GLU B 659 -16.91 4.36 3.10
CA GLU B 659 -15.64 3.78 2.97
C GLU B 659 -14.62 4.90 3.28
N ASN B 660 -14.79 6.11 2.74
CA ASN B 660 -13.84 7.16 3.02
C ASN B 660 -13.72 7.63 4.43
N PHE B 661 -14.85 7.82 5.12
CA PHE B 661 -15.03 8.16 6.51
C PHE B 661 -14.46 7.05 7.38
N LYS B 662 -14.62 5.74 6.99
CA LYS B 662 -14.09 4.60 7.74
C LYS B 662 -12.63 4.68 7.79
N GLU B 663 -12.05 4.99 6.63
CA GLU B 663 -10.61 5.13 6.54
C GLU B 663 -10.06 6.26 7.40
N MET B 664 -10.72 7.42 7.52
CA MET B 664 -10.16 8.59 8.31
C MET B 664 -9.96 8.16 9.75
N THR B 665 -10.99 7.52 10.26
CA THR B 665 -10.88 7.05 11.61
C THR B 665 -9.85 6.02 11.70
N ARG B 666 -9.73 5.10 10.68
CA ARG B 666 -8.80 3.97 10.79
C ARG B 666 -7.30 4.39 10.94
N LYS B 667 -6.84 5.36 10.09
CA LYS B 667 -5.54 6.00 10.13
C LYS B 667 -5.32 6.71 11.39
N LEU B 668 -6.37 7.44 11.88
CA LEU B 668 -6.24 8.19 13.10
C LEU B 668 -6.00 7.26 14.32
N GLN B 669 -6.81 6.16 14.31
CA GLN B 669 -6.92 5.09 15.32
C GLN B 669 -5.68 4.24 15.31
N ARG B 670 -5.08 3.91 14.11
CA ARG B 670 -3.96 2.97 14.01
C ARG B 670 -2.80 3.47 14.73
N THR B 671 -2.49 4.81 14.55
CA THR B 671 -1.55 5.55 15.31
C THR B 671 -1.96 5.52 16.81
N LEU B 719 -2.84 13.95 12.68
CA LEU B 719 -2.92 14.54 14.12
C LEU B 719 -3.20 15.97 14.15
N ASN B 720 -3.30 16.67 15.28
CA ASN B 720 -3.39 18.04 15.49
C ASN B 720 -4.48 18.69 14.74
N ILE B 721 -4.26 19.88 14.22
CA ILE B 721 -5.14 20.61 13.38
C ILE B 721 -5.33 19.87 12.11
N ASP B 722 -4.24 19.29 11.66
CA ASP B 722 -3.92 18.67 10.45
C ASP B 722 -4.88 17.52 10.26
N GLU B 723 -5.26 16.79 11.40
CA GLU B 723 -6.22 15.71 11.33
C GLU B 723 -7.55 16.14 10.85
N LEU B 724 -7.96 17.37 11.29
CA LEU B 724 -9.16 18.02 10.88
C LEU B 724 -9.26 18.45 9.41
N GLU B 725 -8.16 19.11 8.92
CA GLU B 725 -8.05 19.54 7.57
C GLU B 725 -8.10 18.37 6.61
N SER B 726 -7.41 17.26 7.04
CA SER B 726 -7.29 15.96 6.30
C SER B 726 -8.63 15.31 6.12
N VAL B 727 -9.45 15.14 7.17
CA VAL B 727 -10.69 14.55 7.00
C VAL B 727 -11.64 15.35 6.12
N HIS B 728 -11.66 16.71 6.20
CA HIS B 728 -12.44 17.48 5.28
C HIS B 728 -12.00 17.40 3.84
N ASN B 729 -10.67 17.42 3.66
CA ASN B 729 -10.06 17.46 2.37
C ASN B 729 -10.36 16.25 1.58
N THR B 730 -10.31 15.05 2.21
CA THR B 730 -10.53 13.70 1.56
C THR B 730 -11.90 13.53 1.03
N PHE B 731 -12.93 13.95 1.82
CA PHE B 731 -14.34 14.05 1.34
C PHE B 731 -14.51 14.99 0.20
N LEU B 732 -13.94 16.22 0.38
CA LEU B 732 -14.15 17.25 -0.57
C LEU B 732 -13.47 16.83 -1.84
N THR B 733 -12.30 16.20 -1.86
CA THR B 733 -11.62 15.72 -3.11
C THR B 733 -12.44 14.66 -3.79
N ASN B 734 -13.05 13.70 -3.06
CA ASN B 734 -13.85 12.63 -3.71
C ASN B 734 -15.11 13.09 -4.45
N ILE B 735 -15.82 14.04 -3.78
CA ILE B 735 -16.99 14.77 -4.28
C ILE B 735 -16.57 15.59 -5.49
N LEU B 736 -15.33 16.14 -5.49
CA LEU B 736 -14.86 16.98 -6.55
C LEU B 736 -14.71 16.28 -7.84
N SER B 737 -14.13 15.06 -7.80
CA SER B 737 -14.00 14.16 -8.96
C SER B 737 -15.25 13.70 -9.52
N HIS B 738 -16.17 13.29 -8.61
CA HIS B 738 -17.48 12.83 -8.99
C HIS B 738 -18.38 13.91 -9.61
N LYS B 739 -18.18 15.12 -9.10
CA LYS B 739 -18.82 16.31 -9.68
C LYS B 739 -18.45 16.54 -11.06
N LEU B 740 -17.13 16.42 -11.33
CA LEU B 740 -16.60 16.74 -12.65
C LEU B 740 -17.07 15.70 -13.71
N PHE B 741 -16.98 14.35 -13.38
CA PHE B 741 -17.43 13.41 -14.39
C PHE B 741 -18.98 13.34 -14.59
N ALA B 742 -19.82 13.03 -13.55
CA ALA B 742 -21.27 12.84 -13.65
C ALA B 742 -22.22 14.05 -13.78
N THR B 743 -21.93 14.85 -12.83
CA THR B 743 -22.78 15.97 -12.31
C THR B 743 -22.60 17.18 -13.11
N GLN B 756 -22.31 16.26 -16.64
CA GLN B 756 -23.52 17.02 -16.56
C GLN B 756 -24.74 16.30 -17.08
N PRO B 757 -24.81 15.21 -17.74
CA PRO B 757 -26.09 14.57 -18.12
C PRO B 757 -26.90 14.05 -16.95
N TYR B 758 -26.27 13.51 -15.93
CA TYR B 758 -26.99 12.79 -14.90
C TYR B 758 -28.01 13.53 -14.07
N PRO B 759 -27.74 14.77 -13.43
CA PRO B 759 -28.80 15.56 -12.82
C PRO B 759 -29.82 16.03 -13.75
N THR B 760 -29.47 16.24 -15.01
CA THR B 760 -30.41 16.67 -16.00
C THR B 760 -31.49 15.64 -16.33
N SER B 761 -31.06 14.33 -16.46
CA SER B 761 -31.95 13.21 -16.70
C SER B 761 -32.83 13.05 -15.47
N LEU B 762 -32.26 13.15 -14.20
CA LEU B 762 -33.09 12.90 -13.00
C LEU B 762 -34.20 13.93 -12.83
N VAL B 763 -33.78 15.17 -13.17
CA VAL B 763 -34.69 16.31 -13.15
C VAL B 763 -35.84 16.15 -14.09
N LEU B 764 -35.62 15.63 -15.37
CA LEU B 764 -36.76 15.28 -16.24
C LEU B 764 -37.62 14.18 -15.76
N LEU B 765 -37.05 13.11 -15.13
CA LEU B 765 -37.83 12.04 -14.67
C LEU B 765 -38.83 12.47 -13.59
N LEU B 766 -38.35 13.41 -12.67
CA LEU B 766 -39.11 14.02 -11.58
C LEU B 766 -40.26 14.78 -11.96
N ASN B 767 -40.01 15.52 -13.04
CA ASN B 767 -40.97 16.32 -13.69
C ASN B 767 -42.15 15.55 -14.26
N SER B 768 -41.85 14.37 -14.94
CA SER B 768 -42.96 13.52 -15.42
C SER B 768 -43.81 12.96 -14.25
N VAL B 769 -43.14 12.60 -13.17
CA VAL B 769 -43.87 12.06 -12.01
C VAL B 769 -44.91 12.98 -11.37
N TYR B 770 -44.64 14.30 -11.17
CA TYR B 770 -45.50 15.39 -10.68
C TYR B 770 -46.63 15.58 -11.68
N GLU B 771 -46.28 15.54 -13.03
CA GLU B 771 -47.35 15.61 -14.01
C GLU B 771 -48.30 14.44 -13.93
N PHE B 772 -47.84 13.22 -13.77
CA PHE B 772 -48.54 11.97 -13.65
C PHE B 772 -49.50 11.91 -12.51
N VAL B 773 -48.99 12.33 -11.32
CA VAL B 773 -49.74 12.41 -10.13
C VAL B 773 -50.89 13.34 -10.24
N LYS B 774 -50.73 14.55 -10.91
CA LYS B 774 -51.74 15.50 -11.04
C LYS B 774 -52.91 14.99 -11.80
N VAL B 775 -52.58 14.32 -12.92
CA VAL B 775 -53.51 13.71 -13.84
C VAL B 775 -54.31 12.53 -13.22
N TYR B 776 -53.65 11.70 -12.41
CA TYR B 776 -54.23 10.60 -11.63
C TYR B 776 -55.23 11.11 -10.63
N CYS B 777 -54.92 12.25 -9.96
CA CYS B 777 -55.89 12.79 -9.06
C CYS B 777 -57.21 13.23 -9.60
N ASN B 778 -57.17 13.86 -10.83
CA ASN B 778 -58.30 14.52 -11.35
C ASN B 778 -59.48 13.61 -11.64
N LEU B 779 -59.21 12.42 -12.11
CA LEU B 779 -60.30 11.44 -12.54
C LEU B 779 -61.40 11.20 -11.47
N ASN B 780 -62.64 10.87 -11.84
CA ASN B 780 -63.80 10.66 -11.00
C ASN B 780 -63.54 9.69 -9.80
N SER B 798 -66.66 14.43 -17.33
CA SER B 798 -66.52 13.00 -17.15
C SER B 798 -65.81 12.53 -18.39
N ASN B 799 -66.44 12.76 -19.59
CA ASN B 799 -66.13 12.31 -20.97
C ASN B 799 -64.82 12.90 -21.37
N GLY B 800 -64.59 14.21 -21.03
CA GLY B 800 -63.40 14.84 -21.45
C GLY B 800 -62.29 14.19 -20.80
N LEU B 801 -62.45 13.88 -19.47
CA LEU B 801 -61.39 13.34 -18.59
C LEU B 801 -60.95 11.95 -19.04
N LEU B 802 -61.86 11.04 -19.43
CA LEU B 802 -61.65 9.66 -19.83
C LEU B 802 -60.84 9.66 -21.07
N GLY B 803 -61.09 10.54 -22.03
CA GLY B 803 -60.26 10.77 -23.15
C GLY B 803 -58.89 11.28 -22.89
N LYS B 804 -58.87 12.26 -21.92
CA LYS B 804 -57.64 12.89 -21.61
C LYS B 804 -56.64 11.89 -21.02
N PHE B 805 -57.02 10.99 -20.16
CA PHE B 805 -56.13 10.01 -19.56
C PHE B 805 -55.62 9.10 -20.57
N ASN B 806 -56.45 8.61 -21.52
CA ASN B 806 -55.91 7.68 -22.45
C ASN B 806 -54.85 8.22 -23.35
N THR B 807 -55.04 9.48 -23.84
CA THR B 807 -54.01 10.13 -24.61
C THR B 807 -52.72 10.41 -23.89
N ASN B 808 -52.88 10.95 -22.62
CA ASN B 808 -51.75 11.29 -21.75
C ASN B 808 -50.96 10.05 -21.33
N LEU B 809 -51.71 8.97 -21.06
CA LEU B 809 -51.17 7.66 -20.69
C LEU B 809 -50.32 7.04 -21.83
N LYS B 810 -50.80 7.19 -23.05
CA LYS B 810 -50.03 6.75 -24.26
C LYS B 810 -48.74 7.54 -24.45
N GLU B 811 -48.82 8.85 -24.26
CA GLU B 811 -47.69 9.76 -24.45
C GLU B 811 -46.57 9.58 -23.45
N ILE B 812 -46.95 9.33 -22.05
CA ILE B 812 -45.95 9.03 -21.05
C ILE B 812 -45.17 7.69 -21.30
N VAL B 813 -45.84 6.59 -21.79
CA VAL B 813 -45.21 5.30 -22.04
C VAL B 813 -44.18 5.39 -23.13
N SER B 814 -44.48 6.17 -24.24
CA SER B 814 -43.58 6.32 -25.33
C SER B 814 -42.26 6.96 -24.91
N GLN B 815 -42.49 7.99 -24.05
CA GLN B 815 -41.48 8.81 -23.44
C GLN B 815 -40.58 8.01 -22.53
N TYR B 816 -41.23 7.09 -21.76
CA TYR B 816 -40.48 6.12 -20.80
C TYR B 816 -39.56 5.21 -21.48
N LYS B 817 -40.02 4.65 -22.66
CA LYS B 817 -39.28 3.71 -23.43
C LYS B 817 -37.94 4.28 -24.00
N ASN B 818 -38.08 5.56 -24.48
CA ASN B 818 -37.01 6.28 -25.00
C ASN B 818 -35.98 6.51 -23.86
N PHE B 819 -36.47 6.85 -22.68
CA PHE B 819 -35.63 7.13 -21.48
C PHE B 819 -34.91 5.98 -21.04
N LYS B 820 -35.54 4.78 -21.03
CA LYS B 820 -34.97 3.44 -20.66
C LYS B 820 -33.91 3.01 -21.53
N ASP B 821 -34.06 3.26 -22.85
CA ASP B 821 -32.99 2.89 -23.72
C ASP B 821 -31.69 3.63 -23.45
N ARG B 822 -31.84 4.97 -23.19
CA ARG B 822 -30.78 5.84 -22.90
C ARG B 822 -30.16 5.35 -21.56
N LEU B 823 -30.97 4.95 -20.58
CA LEU B 823 -30.55 4.42 -19.34
C LEU B 823 -29.84 3.12 -19.40
N TYR B 824 -30.19 2.14 -20.28
CA TYR B 824 -29.50 0.84 -20.47
C TYR B 824 -28.18 1.14 -20.97
N ILE B 825 -27.99 2.07 -21.92
CA ILE B 825 -26.61 2.36 -22.38
C ILE B 825 -25.74 2.96 -21.25
N PHE B 826 -26.37 3.83 -20.45
CA PHE B 826 -25.79 4.46 -19.27
C PHE B 826 -25.34 3.55 -18.13
N ARG B 827 -26.15 2.54 -17.90
CA ARG B 827 -25.81 1.45 -17.05
C ARG B 827 -24.66 0.64 -17.49
N ALA B 828 -24.53 0.44 -18.81
CA ALA B 828 -23.42 -0.34 -19.36
C ALA B 828 -22.20 0.41 -19.00
N ASP B 829 -22.30 1.75 -19.16
CA ASP B 829 -21.25 2.64 -18.84
C ASP B 829 -20.79 2.69 -17.36
N LEU B 830 -21.80 2.60 -16.41
CA LEU B 830 -21.77 2.55 -14.95
C LEU B 830 -21.07 1.25 -14.58
N LYS B 831 -21.34 0.13 -15.35
CA LYS B 831 -20.78 -1.19 -15.27
C LYS B 831 -19.30 -1.18 -15.58
N ASN B 832 -18.94 -0.40 -16.61
CA ASN B 832 -17.53 -0.33 -17.04
C ASN B 832 -16.83 0.51 -16.01
N ASP B 833 -17.56 1.41 -15.30
CA ASP B 833 -16.95 2.26 -14.34
C ASP B 833 -16.12 3.31 -14.98
N GLY B 834 -16.76 4.05 -15.88
CA GLY B 834 -16.13 5.08 -16.62
C GLY B 834 -16.02 4.39 -17.92
N ASP B 835 -16.48 5.10 -18.97
CA ASP B 835 -16.40 4.49 -20.30
C ASP B 835 -16.61 5.70 -21.22
N GLU B 836 -16.41 5.46 -22.49
CA GLU B 836 -16.33 6.49 -23.53
C GLU B 836 -17.68 7.05 -23.75
N GLU B 837 -18.79 6.28 -23.73
CA GLU B 837 -20.10 6.66 -24.06
C GLU B 837 -20.73 7.82 -23.28
N LEU B 838 -20.53 7.91 -21.93
CA LEU B 838 -21.05 9.00 -21.12
C LEU B 838 -20.39 10.34 -21.47
N PHE B 839 -19.04 10.16 -21.70
CA PHE B 839 -18.17 11.22 -22.13
C PHE B 839 -18.73 11.70 -23.44
N LEU B 840 -19.11 10.75 -24.33
CA LEU B 840 -19.71 11.06 -25.61
C LEU B 840 -21.01 11.75 -25.47
N LEU B 841 -21.89 11.34 -24.52
CA LEU B 841 -23.10 12.01 -24.36
C LEU B 841 -22.99 13.48 -23.94
N SER B 842 -22.11 13.76 -22.96
CA SER B 842 -21.79 15.11 -22.44
C SER B 842 -21.11 15.99 -23.55
N LYS B 843 -20.30 15.35 -24.45
CA LYS B 843 -19.72 15.93 -25.62
C LYS B 843 -20.78 16.39 -26.52
N SER B 844 -21.82 15.59 -26.72
CA SER B 844 -22.90 15.94 -27.63
C SER B 844 -23.53 17.20 -27.12
N LEU B 845 -23.74 17.30 -25.81
CA LEU B 845 -24.37 18.51 -25.25
C LEU B 845 -23.66 19.79 -25.54
N ARG B 846 -22.33 19.70 -25.57
CA ARG B 846 -21.46 20.86 -26.01
C ARG B 846 -21.49 20.85 -27.55
N MET C 1 -6.03 -17.57 -5.28
CA MET C 1 -5.05 -17.95 -6.32
C MET C 1 -5.78 -18.35 -7.59
N GLY C 2 -6.44 -19.54 -7.61
CA GLY C 2 -7.17 -20.02 -8.75
C GLY C 2 -6.47 -21.26 -9.23
N GLY C 3 -7.14 -22.18 -9.89
CA GLY C 3 -6.64 -23.34 -10.58
C GLY C 3 -7.05 -24.46 -9.66
N GLU C 4 -8.33 -24.48 -9.11
CA GLU C 4 -8.71 -25.36 -8.02
C GLU C 4 -8.91 -26.77 -8.57
N ILE C 5 -8.64 -27.77 -7.64
CA ILE C 5 -8.77 -29.12 -8.03
C ILE C 5 -9.67 -29.56 -6.94
N ILE C 6 -10.66 -30.33 -7.44
CA ILE C 6 -11.65 -30.86 -6.55
C ILE C 6 -11.36 -32.34 -6.57
N THR C 7 -11.29 -32.93 -5.35
CA THR C 7 -10.85 -34.25 -5.28
C THR C 7 -12.10 -34.95 -5.01
N LEU C 8 -12.30 -36.05 -5.74
CA LEU C 8 -13.49 -36.96 -5.61
C LEU C 8 -12.86 -38.26 -5.13
N GLN C 9 -13.38 -38.77 -4.04
CA GLN C 9 -12.83 -39.99 -3.44
C GLN C 9 -14.12 -40.94 -3.61
N ALA C 10 -13.90 -42.10 -4.27
CA ALA C 10 -14.95 -43.03 -4.64
C ALA C 10 -14.45 -44.38 -4.21
N GLY C 11 -15.38 -45.24 -3.67
CA GLY C 11 -15.04 -46.55 -3.18
C GLY C 11 -14.49 -46.31 -1.80
N GLN C 12 -14.09 -47.52 -1.24
CA GLN C 12 -13.35 -47.79 -0.02
C GLN C 12 -11.96 -47.23 -0.17
N CYS C 13 -11.31 -47.55 -1.30
CA CYS C 13 -9.90 -47.29 -1.57
C CYS C 13 -9.74 -45.79 -1.63
N GLY C 14 -10.59 -45.08 -2.38
CA GLY C 14 -10.43 -43.56 -2.58
C GLY C 14 -10.53 -42.92 -1.17
N ASN C 15 -11.47 -43.34 -0.38
CA ASN C 15 -11.65 -42.72 0.93
C ASN C 15 -10.50 -42.96 1.91
N HIS C 16 -9.92 -44.19 1.95
CA HIS C 16 -8.75 -44.40 2.71
C HIS C 16 -7.49 -43.66 2.26
N VAL C 17 -7.18 -43.68 0.94
CA VAL C 17 -6.03 -43.00 0.35
C VAL C 17 -6.19 -41.53 0.46
N GLY C 18 -7.48 -41.03 0.24
CA GLY C 18 -7.69 -39.58 0.42
C GLY C 18 -7.42 -39.06 1.79
N LYS C 19 -7.86 -39.83 2.86
CA LYS C 19 -7.69 -39.48 4.25
C LYS C 19 -6.22 -39.38 4.68
N PHE C 20 -5.49 -40.37 4.20
CA PHE C 20 -4.06 -40.40 4.44
C PHE C 20 -3.24 -39.28 3.82
N LEU C 21 -3.70 -38.91 2.61
CA LEU C 21 -3.14 -37.82 1.74
C LEU C 21 -3.23 -36.47 2.47
N TRP C 22 -4.42 -36.17 3.11
CA TRP C 22 -4.63 -34.98 3.79
C TRP C 22 -3.78 -34.88 4.98
N SER C 23 -3.62 -36.06 5.67
CA SER C 23 -2.78 -36.19 6.83
C SER C 23 -1.35 -35.87 6.43
N GLN C 24 -0.84 -36.38 5.27
CA GLN C 24 0.49 -36.08 4.83
C GLN C 24 0.75 -34.65 4.40
N LEU C 25 -0.25 -34.00 3.75
CA LEU C 25 -0.07 -32.61 3.36
C LEU C 25 0.07 -31.66 4.58
N ALA C 26 -0.76 -31.97 5.62
CA ALA C 26 -0.81 -31.23 6.84
C ALA C 26 0.52 -31.34 7.54
N LYS C 27 1.10 -32.58 7.57
CA LYS C 27 2.32 -32.96 8.16
C LYS C 27 3.40 -32.23 7.39
N GLU C 28 3.38 -32.14 6.04
CA GLU C 28 4.39 -31.46 5.29
C GLU C 28 4.42 -29.99 5.63
N HIS C 29 3.30 -29.24 5.80
CA HIS C 29 3.36 -27.83 5.99
C HIS C 29 3.17 -27.54 7.46
N ALA C 30 3.53 -28.45 8.42
CA ALA C 30 3.49 -28.16 9.88
C ALA C 30 2.10 -27.82 10.56
N ILE C 31 1.00 -27.85 9.77
CA ILE C 31 -0.36 -27.57 10.08
C ILE C 31 -0.90 -28.64 11.00
N GLY C 32 -2.03 -28.39 11.74
CA GLY C 32 -2.61 -29.38 12.65
C GLY C 32 -3.44 -30.44 11.99
N THR C 33 -4.06 -31.19 12.87
CA THR C 33 -4.83 -32.38 12.71
C THR C 33 -6.21 -32.03 12.15
N ASP C 34 -6.61 -30.75 12.23
CA ASP C 34 -7.95 -30.40 11.76
C ASP C 34 -7.75 -29.36 10.76
N GLY C 35 -6.49 -28.69 10.63
CA GLY C 35 -6.19 -27.70 9.61
C GLY C 35 -5.89 -26.53 10.42
N LEU C 36 -5.51 -26.68 11.73
CA LEU C 36 -5.10 -25.65 12.63
C LEU C 36 -3.80 -25.06 12.19
N SER C 37 -3.93 -23.79 11.78
CA SER C 37 -2.72 -23.03 11.44
C SER C 37 -2.10 -22.47 12.73
N GLN C 38 -0.76 -22.47 12.73
CA GLN C 38 0.10 -22.10 13.85
C GLN C 38 0.81 -20.75 13.45
N LEU C 39 0.05 -19.65 13.50
CA LEU C 39 0.51 -18.28 13.22
C LEU C 39 1.66 -17.83 14.05
N PRO C 40 1.75 -18.22 15.40
CA PRO C 40 2.88 -17.91 16.22
C PRO C 40 4.10 -18.47 15.72
N ASP C 41 4.04 -19.61 15.09
CA ASP C 41 5.16 -20.25 14.55
C ASP C 41 5.41 -19.89 13.12
N SER C 42 4.42 -19.23 12.40
CA SER C 42 4.59 -18.65 11.11
C SER C 42 4.87 -19.75 10.09
N SER C 43 3.90 -20.72 9.97
CA SER C 43 4.03 -21.97 9.22
C SER C 43 3.87 -21.76 7.82
N THR C 44 3.06 -20.76 7.65
CA THR C 44 2.67 -20.36 6.32
C THR C 44 3.70 -19.43 5.68
N GLU C 45 3.72 -19.28 4.27
CA GLU C 45 4.51 -18.48 3.36
C GLU C 45 5.44 -19.47 2.71
N ARG C 46 5.09 -20.78 2.84
CA ARG C 46 5.75 -21.84 2.14
C ARG C 46 4.61 -22.55 1.40
N ASP C 47 3.39 -22.46 1.94
CA ASP C 47 2.27 -23.18 1.32
C ASP C 47 1.78 -22.46 0.04
N ASP C 48 1.51 -23.21 -1.09
CA ASP C 48 0.90 -22.72 -2.25
C ASP C 48 -0.24 -23.75 -2.58
N ASP C 49 -0.31 -24.78 -1.69
CA ASP C 49 -1.25 -25.91 -1.70
C ASP C 49 -2.60 -25.51 -1.31
N THR C 50 -2.63 -24.43 -0.45
CA THR C 50 -3.81 -24.11 0.35
C THR C 50 -5.03 -23.89 -0.46
N LYS C 51 -5.12 -22.86 -1.40
CA LYS C 51 -6.36 -22.64 -2.14
C LYS C 51 -6.80 -23.67 -3.10
N PRO C 52 -5.96 -24.25 -3.93
CA PRO C 52 -6.44 -25.28 -4.86
C PRO C 52 -7.05 -26.47 -4.25
N PHE C 53 -6.33 -27.01 -3.26
CA PHE C 53 -6.87 -28.18 -2.57
C PHE C 53 -7.77 -27.93 -1.41
N PHE C 54 -7.63 -26.88 -0.66
CA PHE C 54 -8.26 -26.64 0.58
C PHE C 54 -9.07 -25.42 0.38
N ARG C 55 -10.06 -25.30 1.26
CA ARG C 55 -10.81 -24.08 1.34
C ARG C 55 -10.86 -23.85 2.85
N GLU C 56 -11.12 -22.56 3.18
CA GLU C 56 -10.97 -21.90 4.44
C GLU C 56 -12.26 -21.68 5.06
N ASN C 57 -12.30 -21.90 6.34
CA ASN C 57 -13.29 -21.64 7.27
C ASN C 57 -13.38 -20.09 7.50
N CYS C 58 -12.38 -19.39 6.95
CA CYS C 58 -11.91 -18.01 7.27
C CYS C 58 -10.90 -17.99 8.46
N ARG C 59 -9.58 -17.88 8.08
CA ARG C 59 -8.37 -17.63 8.86
C ARG C 59 -7.60 -18.95 9.25
N ASN C 60 -8.19 -19.84 10.07
CA ASN C 60 -7.48 -20.87 10.75
C ASN C 60 -7.75 -22.13 10.02
N LYS C 61 -8.72 -22.90 10.47
CA LYS C 61 -8.97 -24.28 10.15
C LYS C 61 -9.26 -24.49 8.68
N PHE C 62 -8.38 -25.22 7.92
CA PHE C 62 -8.53 -25.63 6.57
C PHE C 62 -9.41 -26.80 6.55
N THR C 63 -10.21 -26.91 5.48
CA THR C 63 -10.98 -28.13 5.27
C THR C 63 -10.62 -28.43 3.85
N PRO C 64 -10.41 -29.70 3.49
CA PRO C 64 -10.13 -30.14 2.09
C PRO C 64 -11.32 -30.03 1.24
N ARG C 65 -11.13 -29.60 -0.02
CA ARG C 65 -12.19 -29.71 -1.08
C ARG C 65 -12.27 -31.09 -1.61
N ALA C 66 -13.01 -31.96 -0.83
CA ALA C 66 -13.20 -33.33 -1.10
C ALA C 66 -14.61 -33.79 -0.83
N ILE C 67 -14.99 -34.74 -1.71
CA ILE C 67 -16.27 -35.38 -1.66
C ILE C 67 -15.92 -36.84 -1.47
N MET C 68 -16.60 -37.48 -0.52
CA MET C 68 -16.45 -38.79 -0.14
C MET C 68 -17.69 -39.47 -0.51
N MET C 69 -17.53 -40.65 -1.23
CA MET C 69 -18.63 -41.46 -1.73
C MET C 69 -18.27 -42.89 -1.44
N ASP C 70 -19.22 -43.74 -1.00
CA ASP C 70 -19.11 -45.15 -0.79
C ASP C 70 -20.44 -45.49 -0.10
N SER C 71 -20.48 -46.65 0.56
CA SER C 71 -21.51 -47.04 1.52
C SER C 71 -20.87 -46.54 2.82
N GLU C 72 -21.54 -46.82 3.95
CA GLU C 72 -21.19 -46.21 5.14
C GLU C 72 -19.85 -46.60 5.72
N PRO C 73 -19.27 -47.86 5.81
CA PRO C 73 -18.21 -48.15 6.74
C PRO C 73 -16.97 -47.27 6.60
N SER C 74 -16.47 -47.08 5.41
CA SER C 74 -15.24 -46.34 5.30
C SER C 74 -15.35 -44.87 5.61
N VAL C 75 -16.43 -44.35 5.06
CA VAL C 75 -16.76 -42.91 5.16
C VAL C 75 -16.94 -42.46 6.59
N ILE C 76 -17.56 -43.34 7.40
CA ILE C 76 -17.76 -43.12 8.82
C ILE C 76 -16.51 -43.05 9.64
N ALA C 77 -15.55 -43.94 9.30
CA ALA C 77 -14.20 -43.99 10.02
C ALA C 77 -13.44 -42.69 9.87
N ASP C 78 -13.47 -42.14 8.62
CA ASP C 78 -12.86 -40.85 8.31
C ASP C 78 -13.43 -39.66 8.98
N VAL C 79 -14.78 -39.60 9.14
CA VAL C 79 -15.49 -38.64 9.88
C VAL C 79 -15.22 -38.71 11.40
N GLU C 80 -15.05 -39.93 11.96
CA GLU C 80 -14.88 -40.20 13.35
C GLU C 80 -13.59 -39.76 13.89
N ASN C 81 -12.50 -39.80 13.03
CA ASN C 81 -11.17 -39.44 13.42
C ASN C 81 -11.08 -38.06 13.99
N THR C 82 -10.04 -37.68 14.84
CA THR C 82 -9.83 -36.41 15.46
C THR C 82 -9.27 -35.48 14.42
N PHE C 83 -9.70 -35.66 13.17
CA PHE C 83 -9.46 -34.93 12.00
C PHE C 83 -10.85 -34.57 11.63
N ARG C 84 -11.74 -34.33 12.59
CA ARG C 84 -13.15 -34.13 12.22
C ARG C 84 -13.35 -32.75 11.74
N GLY C 85 -12.42 -31.83 11.93
CA GLY C 85 -12.41 -30.42 11.51
C GLY C 85 -12.14 -30.29 10.02
N PHE C 86 -11.80 -31.43 9.33
CA PHE C 86 -11.44 -31.51 7.96
C PHE C 86 -12.61 -32.11 7.28
N PHE C 87 -13.75 -32.53 7.92
CA PHE C 87 -14.87 -33.30 7.30
C PHE C 87 -16.12 -32.55 7.75
N ASP C 88 -17.18 -32.62 6.93
CA ASP C 88 -18.42 -32.02 7.43
C ASP C 88 -19.48 -32.68 6.68
N PRO C 89 -20.72 -32.44 6.92
CA PRO C 89 -21.77 -33.11 6.28
C PRO C 89 -21.93 -32.86 4.73
N ARG C 90 -21.46 -31.71 4.22
CA ARG C 90 -21.57 -31.47 2.79
C ARG C 90 -20.73 -32.43 2.02
N ASN C 91 -19.59 -32.78 2.61
CA ASN C 91 -18.57 -33.68 2.17
C ASN C 91 -18.97 -35.14 2.23
N THR C 92 -20.01 -35.46 3.02
CA THR C 92 -20.43 -36.82 3.13
C THR C 92 -21.50 -37.29 2.19
N TRP C 93 -21.20 -38.35 1.49
CA TRP C 93 -22.15 -39.06 0.70
C TRP C 93 -21.99 -40.53 1.05
N VAL C 94 -23.15 -41.22 1.38
CA VAL C 94 -23.23 -42.66 1.67
C VAL C 94 -24.38 -43.05 0.76
N ALA C 95 -24.16 -44.10 -0.11
CA ALA C 95 -25.19 -44.70 -0.90
C ALA C 95 -25.88 -45.64 0.01
N SER C 96 -27.17 -45.96 -0.31
CA SER C 96 -27.89 -46.99 0.40
C SER C 96 -29.18 -47.10 -0.46
N ASP C 97 -29.12 -46.94 -1.81
CA ASP C 97 -30.38 -46.77 -2.43
C ASP C 97 -30.49 -48.06 -3.21
N GLY C 98 -31.34 -49.00 -2.73
CA GLY C 98 -31.59 -50.35 -3.20
C GLY C 98 -30.76 -51.41 -2.51
N ALA C 99 -29.46 -51.13 -2.58
CA ALA C 99 -28.38 -52.01 -2.28
C ALA C 99 -27.29 -51.08 -1.95
N SER C 100 -26.37 -51.55 -1.06
CA SER C 100 -25.31 -50.75 -0.56
C SER C 100 -24.35 -50.30 -1.57
N ALA C 101 -23.89 -51.25 -2.35
CA ALA C 101 -23.01 -51.09 -3.49
C ALA C 101 -23.47 -51.92 -4.57
N GLY C 102 -24.05 -53.08 -4.23
CA GLY C 102 -24.57 -54.06 -5.12
C GLY C 102 -23.50 -55.07 -5.56
N ASN C 103 -22.29 -54.87 -5.00
CA ASN C 103 -21.11 -55.71 -5.26
C ASN C 103 -20.60 -55.89 -6.72
N SER C 104 -21.14 -55.17 -7.71
CA SER C 104 -20.70 -55.30 -9.08
C SER C 104 -20.90 -53.98 -9.72
N TRP C 105 -20.31 -53.89 -10.92
CA TRP C 105 -20.31 -52.63 -11.71
C TRP C 105 -21.68 -52.29 -12.11
N ALA C 106 -22.54 -53.22 -12.61
CA ALA C 106 -23.83 -52.94 -13.12
C ALA C 106 -24.80 -52.37 -12.18
N ASN C 107 -24.76 -52.96 -10.95
CA ASN C 107 -25.58 -52.60 -9.84
C ASN C 107 -25.27 -51.17 -9.37
N GLY C 108 -23.90 -50.84 -9.36
CA GLY C 108 -23.29 -49.58 -9.03
C GLY C 108 -23.62 -48.47 -10.00
N TYR C 109 -23.59 -48.83 -11.28
CA TYR C 109 -23.92 -48.01 -12.45
C TYR C 109 -25.40 -47.67 -12.37
N ASP C 110 -26.29 -48.65 -12.08
CA ASP C 110 -27.74 -48.50 -11.92
C ASP C 110 -28.05 -47.59 -10.79
N ILE C 111 -27.26 -47.68 -9.67
CA ILE C 111 -27.46 -46.79 -8.50
C ILE C 111 -27.19 -45.35 -8.89
N GLY C 112 -26.17 -45.10 -9.74
CA GLY C 112 -25.79 -43.77 -10.16
C GLY C 112 -26.91 -43.09 -10.82
N THR C 113 -27.68 -43.85 -11.65
CA THR C 113 -28.81 -43.43 -12.38
C THR C 113 -29.94 -42.95 -11.48
N ARG C 114 -30.18 -43.69 -10.36
CA ARG C 114 -31.19 -43.28 -9.45
C ARG C 114 -30.96 -41.98 -8.73
N ASN C 115 -29.76 -41.75 -8.26
CA ASN C 115 -29.44 -40.58 -7.58
C ASN C 115 -28.57 -39.62 -8.44
N GLN C 116 -28.85 -39.54 -9.77
CA GLN C 116 -28.06 -38.90 -10.78
C GLN C 116 -27.99 -37.42 -10.51
N ASP C 117 -29.16 -36.85 -10.19
CA ASP C 117 -29.46 -35.41 -9.91
C ASP C 117 -28.71 -35.00 -8.66
N ASP C 118 -28.77 -35.85 -7.57
CA ASP C 118 -28.22 -35.64 -6.25
C ASP C 118 -26.64 -35.56 -6.27
N ILE C 119 -26.05 -36.50 -7.03
CA ILE C 119 -24.65 -36.53 -7.19
C ILE C 119 -24.27 -35.31 -7.93
N LEU C 120 -25.08 -34.93 -9.06
CA LEU C 120 -24.68 -33.82 -9.90
C LEU C 120 -24.71 -32.54 -9.13
N ASN C 121 -25.70 -32.40 -8.20
CA ASN C 121 -25.96 -31.31 -7.32
C ASN C 121 -24.86 -31.02 -6.34
N LYS C 122 -24.19 -32.08 -5.81
CA LYS C 122 -23.02 -32.13 -4.88
C LYS C 122 -21.88 -31.56 -5.65
N ILE C 123 -21.67 -32.02 -6.89
CA ILE C 123 -20.49 -31.60 -7.76
C ILE C 123 -20.79 -30.10 -8.01
N ASP C 124 -22.07 -29.71 -8.33
CA ASP C 124 -22.40 -28.31 -8.70
C ASP C 124 -22.13 -27.29 -7.57
N LYS C 125 -22.40 -27.64 -6.32
CA LYS C 125 -22.12 -26.82 -5.17
C LYS C 125 -20.62 -26.63 -5.08
N GLU C 126 -19.84 -27.73 -5.27
CA GLU C 126 -18.41 -27.61 -5.22
C GLU C 126 -17.78 -26.77 -6.32
N ILE C 127 -18.25 -26.92 -7.61
CA ILE C 127 -17.73 -26.15 -8.77
C ILE C 127 -18.14 -24.74 -8.51
N ASP C 128 -19.35 -24.42 -8.09
CA ASP C 128 -19.70 -23.01 -7.89
C ASP C 128 -18.86 -22.38 -6.76
N SER C 129 -18.53 -23.13 -5.68
CA SER C 129 -17.80 -22.59 -4.57
C SER C 129 -16.35 -22.27 -4.87
N THR C 130 -15.82 -22.82 -5.99
CA THR C 130 -14.49 -22.70 -6.59
C THR C 130 -14.20 -21.46 -7.32
N ASP C 131 -13.02 -20.86 -7.17
CA ASP C 131 -12.69 -19.64 -7.79
C ASP C 131 -12.42 -19.72 -9.33
N ASN C 132 -11.60 -20.69 -9.92
CA ASN C 132 -11.57 -20.95 -11.38
C ASN C 132 -11.08 -22.40 -11.46
N PHE C 133 -11.85 -23.34 -11.98
CA PHE C 133 -11.68 -24.74 -11.78
C PHE C 133 -10.58 -25.22 -12.72
N GLU C 134 -9.48 -25.85 -12.23
CA GLU C 134 -8.53 -26.45 -13.14
C GLU C 134 -9.08 -27.71 -13.71
N GLY C 135 -9.64 -28.53 -12.85
CA GLY C 135 -10.13 -29.75 -13.21
C GLY C 135 -10.33 -30.64 -11.98
N PHE C 136 -10.59 -31.93 -12.27
CA PHE C 136 -10.99 -32.88 -11.29
C PHE C 136 -9.86 -33.86 -11.21
N GLN C 137 -9.76 -34.45 -10.02
CA GLN C 137 -8.96 -35.62 -9.78
C GLN C 137 -10.01 -36.62 -9.22
N LEU C 138 -10.04 -37.85 -9.82
CA LEU C 138 -10.81 -38.98 -9.25
C LEU C 138 -9.88 -40.05 -8.74
N LEU C 139 -10.15 -40.47 -7.43
CA LEU C 139 -9.40 -41.50 -6.78
C LEU C 139 -10.26 -42.69 -6.58
N HIS C 140 -9.87 -43.90 -7.07
CA HIS C 140 -10.59 -45.08 -6.72
C HIS C 140 -9.91 -46.35 -7.17
N SER C 141 -10.59 -47.45 -6.77
CA SER C 141 -10.27 -48.77 -7.18
C SER C 141 -11.36 -49.31 -7.91
N VAL C 142 -11.07 -50.22 -8.89
CA VAL C 142 -12.12 -51.05 -9.54
C VAL C 142 -12.23 -52.29 -8.61
N ALA C 143 -12.91 -52.21 -7.40
CA ALA C 143 -12.88 -53.33 -6.47
C ALA C 143 -14.04 -53.11 -5.56
N GLY C 144 -14.87 -52.16 -6.00
CA GLY C 144 -16.13 -51.83 -5.37
C GLY C 144 -17.25 -52.24 -6.34
N GLY C 145 -18.52 -52.24 -5.91
CA GLY C 145 -19.75 -52.35 -6.68
C GLY C 145 -20.00 -50.94 -7.15
N THR C 146 -20.00 -50.06 -6.09
CA THR C 146 -20.29 -48.64 -6.17
C THR C 146 -19.15 -47.93 -6.77
N GLY C 147 -17.87 -48.07 -6.34
CA GLY C 147 -16.71 -47.35 -6.84
C GLY C 147 -16.50 -47.63 -8.32
N SER C 148 -16.63 -48.88 -8.72
CA SER C 148 -16.50 -49.27 -10.05
C SER C 148 -17.70 -48.78 -10.86
N GLY C 149 -18.99 -49.11 -10.57
CA GLY C 149 -20.09 -48.76 -11.46
C GLY C 149 -20.47 -47.35 -11.52
N LEU C 150 -20.66 -46.74 -10.37
CA LEU C 150 -21.11 -45.42 -10.18
C LEU C 150 -20.06 -44.42 -10.65
N GLY C 151 -18.77 -44.76 -10.36
CA GLY C 151 -17.65 -43.92 -10.80
C GLY C 151 -17.59 -43.81 -12.34
N SER C 152 -17.81 -44.91 -13.14
CA SER C 152 -17.88 -45.00 -14.54
C SER C 152 -19.07 -44.20 -15.10
N ASN C 153 -20.25 -44.17 -14.33
CA ASN C 153 -21.39 -43.42 -14.77
C ASN C 153 -21.05 -41.92 -14.81
N LEU C 154 -20.37 -41.52 -13.69
CA LEU C 154 -19.99 -40.19 -13.36
C LEU C 154 -18.99 -39.58 -14.31
N LEU C 155 -18.03 -40.45 -14.73
CA LEU C 155 -17.01 -40.05 -15.65
C LEU C 155 -17.64 -39.67 -16.93
N GLU C 156 -18.65 -40.47 -17.40
CA GLU C 156 -19.38 -40.20 -18.58
C GLU C 156 -20.19 -38.92 -18.48
N ALA C 157 -20.92 -38.60 -17.34
CA ALA C 157 -21.59 -37.25 -17.33
C ALA C 157 -20.60 -36.02 -17.35
N LEU C 158 -19.57 -36.18 -16.56
CA LEU C 158 -18.66 -35.09 -16.34
C LEU C 158 -17.93 -34.65 -17.59
N CYS C 159 -17.55 -35.60 -18.44
CA CYS C 159 -16.85 -35.46 -19.72
C CYS C 159 -17.66 -34.64 -20.61
N ASP C 160 -19.02 -34.96 -20.70
CA ASP C 160 -19.99 -34.36 -21.59
C ASP C 160 -20.39 -32.90 -21.28
N ARG C 161 -20.68 -32.63 -19.93
CA ARG C 161 -21.33 -31.43 -19.50
C ARG C 161 -20.50 -30.26 -19.77
N TYR C 162 -19.23 -30.32 -19.24
CA TYR C 162 -18.20 -29.45 -19.48
C TYR C 162 -17.10 -30.27 -20.26
N PRO C 163 -16.79 -29.86 -21.46
CA PRO C 163 -15.71 -30.49 -22.16
C PRO C 163 -14.59 -29.47 -22.28
N LYS C 164 -14.17 -28.91 -21.16
CA LYS C 164 -13.23 -27.82 -21.20
C LYS C 164 -12.44 -27.90 -19.93
N LYS C 165 -12.51 -29.04 -19.16
CA LYS C 165 -11.88 -29.20 -17.91
C LYS C 165 -10.99 -30.50 -17.98
N ILE C 166 -9.90 -30.54 -17.18
CA ILE C 166 -8.94 -31.64 -17.16
C ILE C 166 -9.55 -32.61 -16.21
N LEU C 167 -9.41 -33.94 -16.69
CA LEU C 167 -9.89 -35.02 -15.94
C LEU C 167 -8.62 -35.84 -15.74
N THR C 168 -8.19 -35.97 -14.45
CA THR C 168 -7.16 -36.86 -14.08
C THR C 168 -7.81 -37.85 -13.17
N THR C 169 -7.31 -39.06 -13.27
CA THR C 169 -7.69 -40.13 -12.38
C THR C 169 -6.40 -40.78 -11.94
N TYR C 170 -6.52 -41.32 -10.71
CA TYR C 170 -5.74 -42.34 -10.06
C TYR C 170 -6.52 -43.58 -9.90
N SER C 171 -6.26 -44.56 -10.74
CA SER C 171 -7.05 -45.85 -10.71
C SER C 171 -6.27 -47.03 -10.25
N VAL C 172 -6.77 -47.85 -9.29
CA VAL C 172 -6.15 -49.12 -8.88
C VAL C 172 -6.73 -50.20 -9.63
N PHE C 173 -5.77 -50.89 -10.27
CA PHE C 173 -5.93 -52.07 -11.09
C PHE C 173 -5.66 -53.27 -10.23
N PRO C 174 -6.35 -54.44 -10.36
CA PRO C 174 -6.07 -55.67 -9.63
C PRO C 174 -4.89 -56.42 -10.20
N ALA C 175 -4.63 -57.64 -9.71
CA ALA C 175 -3.63 -58.49 -10.28
C ALA C 175 -4.23 -59.35 -11.39
N ARG C 176 -3.47 -59.44 -12.49
CA ARG C 176 -3.89 -60.01 -13.70
C ARG C 176 -4.49 -61.42 -13.68
N SER C 177 -4.06 -62.24 -12.71
CA SER C 177 -4.58 -63.57 -12.61
C SER C 177 -4.74 -63.80 -11.14
N SER C 178 -5.91 -63.51 -10.61
CA SER C 178 -6.30 -63.66 -9.21
C SER C 178 -7.80 -63.75 -9.14
N GLU C 179 -8.26 -64.17 -7.97
CA GLU C 179 -9.63 -64.23 -7.47
C GLU C 179 -10.71 -64.60 -8.50
N VAL C 180 -11.83 -63.92 -8.46
CA VAL C 180 -13.05 -64.10 -9.23
C VAL C 180 -12.78 -63.98 -10.71
N VAL C 181 -13.64 -64.60 -11.56
CA VAL C 181 -13.46 -64.66 -13.00
C VAL C 181 -14.06 -63.42 -13.56
N VAL C 182 -15.12 -62.92 -12.94
CA VAL C 182 -15.90 -61.74 -13.32
C VAL C 182 -15.22 -60.46 -13.10
N GLN C 183 -14.00 -60.48 -12.54
CA GLN C 183 -13.03 -59.44 -12.39
C GLN C 183 -12.69 -58.76 -13.69
N SER C 184 -12.61 -59.57 -14.77
CA SER C 184 -12.34 -59.08 -16.09
C SER C 184 -13.35 -58.22 -16.63
N TYR C 185 -14.65 -58.52 -16.37
CA TYR C 185 -15.76 -57.71 -16.86
C TYR C 185 -15.68 -56.36 -16.23
N ASN C 186 -15.49 -56.38 -14.93
CA ASN C 186 -15.42 -55.16 -14.16
C ASN C 186 -14.28 -54.25 -14.56
N THR C 187 -13.12 -54.81 -14.75
CA THR C 187 -11.99 -54.03 -15.26
C THR C 187 -12.15 -53.49 -16.62
N ILE C 188 -12.68 -54.34 -17.65
CA ILE C 188 -12.87 -54.05 -19.04
C ILE C 188 -13.89 -52.96 -19.26
N LEU C 189 -15.07 -53.08 -18.52
CA LEU C 189 -16.12 -52.12 -18.51
C LEU C 189 -15.72 -50.78 -18.02
N ALA C 190 -14.86 -50.77 -16.93
CA ALA C 190 -14.37 -49.49 -16.35
C ALA C 190 -13.41 -48.77 -17.35
N LEU C 191 -12.54 -49.57 -18.03
CA LEU C 191 -11.49 -49.24 -18.92
C LEU C 191 -11.96 -48.43 -20.13
N ARG C 192 -13.21 -48.70 -20.59
CA ARG C 192 -13.85 -47.86 -21.56
C ARG C 192 -13.99 -46.46 -21.20
N ARG C 193 -14.48 -46.14 -20.04
CA ARG C 193 -14.61 -44.85 -19.45
C ARG C 193 -13.27 -44.23 -19.14
N LEU C 194 -12.29 -44.94 -18.63
CA LEU C 194 -11.07 -44.32 -18.35
C LEU C 194 -10.37 -43.78 -19.52
N ILE C 195 -10.41 -44.57 -20.67
CA ILE C 195 -9.86 -44.09 -21.88
C ILE C 195 -10.68 -42.93 -22.42
N GLU C 196 -11.99 -43.07 -22.52
CA GLU C 196 -12.71 -42.04 -23.28
C GLU C 196 -12.94 -40.77 -22.43
N ASP C 197 -13.42 -40.95 -21.24
CA ASP C 197 -13.83 -39.85 -20.44
C ASP C 197 -12.75 -39.13 -19.68
N SER C 198 -11.57 -39.73 -19.52
CA SER C 198 -10.44 -39.13 -18.83
C SER C 198 -9.41 -38.86 -19.97
N ASP C 199 -8.74 -37.66 -20.03
CA ASP C 199 -7.71 -37.29 -20.97
C ASP C 199 -6.38 -37.69 -20.41
N ALA C 200 -6.19 -38.07 -19.10
CA ALA C 200 -4.94 -38.57 -18.51
C ALA C 200 -5.39 -39.57 -17.57
N THR C 201 -4.72 -40.73 -17.51
CA THR C 201 -4.98 -41.81 -16.59
C THR C 201 -3.67 -42.19 -15.98
N VAL C 202 -3.61 -42.15 -14.65
CA VAL C 202 -2.47 -42.66 -13.92
C VAL C 202 -2.80 -44.06 -13.48
N VAL C 203 -2.11 -45.10 -14.01
CA VAL C 203 -2.40 -46.50 -13.76
C VAL C 203 -1.60 -46.85 -12.50
N PHE C 204 -2.26 -47.41 -11.47
CA PHE C 204 -1.63 -47.96 -10.31
C PHE C 204 -1.94 -49.45 -10.37
N ASP C 205 -0.89 -50.34 -10.67
CA ASP C 205 -1.04 -51.80 -10.70
C ASP C 205 -0.73 -52.39 -9.36
N ASN C 206 -1.69 -53.12 -8.79
CA ASN C 206 -1.66 -53.87 -7.56
C ASN C 206 -0.79 -55.03 -7.42
N ALA C 207 -0.49 -55.78 -8.55
CA ALA C 207 0.46 -56.89 -8.42
C ALA C 207 1.85 -56.48 -7.92
N SER C 208 2.29 -55.39 -8.57
CA SER C 208 3.52 -54.70 -8.31
C SER C 208 3.52 -53.97 -7.00
N LEU C 209 2.38 -53.28 -6.71
CA LEU C 209 2.16 -52.49 -5.53
C LEU C 209 2.19 -53.37 -4.27
N LEU C 210 1.57 -54.53 -4.33
CA LEU C 210 1.66 -55.49 -3.23
C LEU C 210 3.02 -56.05 -3.00
N ASN C 211 3.82 -56.44 -4.07
CA ASN C 211 5.17 -57.01 -3.94
C ASN C 211 6.10 -56.05 -3.23
N ILE C 212 5.97 -54.73 -3.56
CA ILE C 212 6.68 -53.65 -2.98
C ILE C 212 6.33 -53.52 -1.54
N SER C 213 4.98 -53.58 -1.15
CA SER C 213 4.53 -53.45 0.22
C SER C 213 4.93 -54.50 1.17
N GLY C 214 4.81 -55.81 0.72
CA GLY C 214 5.18 -57.00 1.48
C GLY C 214 6.70 -57.03 1.70
N LYS C 215 7.49 -56.92 0.58
CA LYS C 215 8.94 -56.94 0.76
C LYS C 215 9.59 -55.69 1.36
N VAL C 216 9.34 -54.61 0.73
CA VAL C 216 10.05 -53.36 1.06
C VAL C 216 9.58 -52.75 2.35
N PHE C 217 8.24 -52.55 2.42
CA PHE C 217 7.68 -51.89 3.60
C PHE C 217 7.69 -52.74 4.80
N ARG C 218 7.58 -54.09 4.58
CA ARG C 218 7.64 -55.17 5.56
C ARG C 218 6.30 -55.07 6.20
N ASN C 219 5.50 -56.18 5.94
CA ASN C 219 4.24 -56.37 6.56
C ASN C 219 4.11 -57.86 6.68
N PRO C 220 4.23 -58.56 7.81
CA PRO C 220 4.10 -59.98 7.99
C PRO C 220 2.65 -60.43 7.76
N ASN C 221 1.72 -59.45 7.66
CA ASN C 221 0.34 -59.76 7.61
C ASN C 221 -0.22 -58.75 6.64
N ILE C 222 0.38 -58.67 5.42
CA ILE C 222 0.11 -57.80 4.29
C ILE C 222 -1.33 -57.80 3.83
N ASP C 223 -1.84 -56.66 3.39
CA ASP C 223 -3.24 -56.36 3.10
C ASP C 223 -3.26 -55.03 2.24
N LEU C 224 -4.44 -54.67 1.65
CA LEU C 224 -4.67 -53.50 0.76
C LEU C 224 -4.43 -52.13 1.47
N GLN C 225 -4.84 -52.02 2.76
CA GLN C 225 -4.76 -50.91 3.74
C GLN C 225 -3.32 -50.53 4.02
N HIS C 226 -2.45 -51.45 4.13
CA HIS C 226 -1.00 -51.30 4.28
C HIS C 226 -0.48 -50.70 2.98
N THR C 227 -0.97 -51.23 1.85
CA THR C 227 -0.57 -50.88 0.51
C THR C 227 -1.03 -49.48 0.21
N ASN C 228 -2.16 -49.00 0.68
CA ASN C 228 -2.74 -47.68 0.37
C ASN C 228 -1.90 -46.59 0.93
N GLN C 229 -1.05 -46.82 1.98
CA GLN C 229 -0.06 -45.93 2.58
C GLN C 229 1.02 -45.57 1.54
N LEU C 230 1.47 -46.58 0.67
CA LEU C 230 2.37 -46.37 -0.45
C LEU C 230 1.58 -45.48 -1.43
N ILE C 231 0.30 -45.70 -1.70
CA ILE C 231 -0.35 -44.95 -2.73
C ILE C 231 -0.46 -43.46 -2.47
N SER C 232 -0.83 -43.19 -1.19
CA SER C 232 -0.93 -41.90 -0.69
C SER C 232 0.39 -41.20 -0.76
N THR C 233 1.52 -41.88 -0.43
CA THR C 233 2.83 -41.28 -0.51
C THR C 233 3.19 -40.91 -1.88
N ILE C 234 2.93 -41.74 -2.90
CA ILE C 234 3.25 -41.43 -4.24
C ILE C 234 2.43 -40.19 -4.67
N ILE C 235 1.05 -40.19 -4.39
CA ILE C 235 0.17 -39.19 -4.96
C ILE C 235 0.49 -37.82 -4.45
N SER C 236 0.78 -37.74 -3.18
CA SER C 236 1.10 -36.55 -2.51
C SER C 236 2.35 -35.99 -2.96
N SER C 237 3.42 -36.81 -3.14
CA SER C 237 4.75 -36.33 -3.41
C SER C 237 4.77 -35.66 -4.75
N VAL C 238 3.96 -36.17 -5.64
CA VAL C 238 3.86 -35.67 -7.05
C VAL C 238 3.42 -34.29 -7.09
N THR C 239 2.52 -33.86 -6.17
CA THR C 239 2.16 -32.43 -6.08
C THR C 239 3.13 -31.59 -5.36
N ASN C 240 4.14 -32.17 -4.66
CA ASN C 240 4.99 -31.42 -3.79
C ASN C 240 5.65 -30.16 -4.34
N SER C 241 6.17 -30.15 -5.61
CA SER C 241 6.73 -28.98 -6.17
C SER C 241 5.82 -27.78 -6.50
N ILE C 242 4.54 -28.13 -6.72
CA ILE C 242 3.40 -27.32 -7.05
C ILE C 242 3.03 -26.56 -5.80
N ARG C 243 3.03 -27.28 -4.64
CA ARG C 243 2.63 -26.78 -3.35
C ARG C 243 3.73 -25.94 -2.80
N PHE C 244 4.95 -26.11 -3.35
CA PHE C 244 6.10 -25.25 -3.02
C PHE C 244 6.04 -24.06 -3.98
N PRO C 245 6.61 -22.89 -3.65
CA PRO C 245 6.70 -21.70 -4.47
C PRO C 245 8.05 -21.86 -5.22
N SER C 246 8.36 -20.91 -6.16
CA SER C 246 9.50 -20.83 -7.01
C SER C 246 9.35 -21.86 -8.13
N TYR C 247 8.03 -22.26 -8.35
CA TYR C 247 7.64 -23.16 -9.37
C TYR C 247 6.32 -22.83 -9.91
N MET C 248 6.12 -23.08 -11.24
CA MET C 248 4.81 -22.89 -11.93
C MET C 248 4.80 -23.63 -13.20
N TYR C 249 5.92 -24.22 -13.45
CA TYR C 249 6.18 -25.12 -14.56
C TYR C 249 5.86 -26.52 -14.06
N SER C 250 5.62 -26.67 -12.72
CA SER C 250 5.24 -27.89 -12.15
C SER C 250 3.76 -27.99 -12.19
N SER C 251 3.15 -26.91 -12.66
CA SER C 251 1.69 -26.87 -12.91
C SER C 251 1.16 -27.98 -13.82
N MET C 252 -0.17 -28.22 -13.52
CA MET C 252 -0.97 -29.34 -14.10
C MET C 252 -1.04 -29.12 -15.56
N SER C 253 -1.34 -27.89 -15.98
CA SER C 253 -1.59 -27.58 -17.38
C SER C 253 -0.44 -27.78 -18.26
N SER C 254 0.77 -27.28 -17.88
CA SER C 254 1.98 -27.30 -18.70
C SER C 254 2.46 -28.76 -18.81
N ILE C 255 2.20 -29.50 -17.71
CA ILE C 255 2.46 -30.96 -17.74
C ILE C 255 1.61 -31.80 -18.66
N TYR C 256 0.24 -31.50 -18.65
CA TYR C 256 -0.72 -32.17 -19.46
C TYR C 256 -0.45 -31.94 -20.86
N SER C 257 -0.13 -30.67 -21.28
CA SER C 257 0.18 -30.36 -22.68
C SER C 257 1.34 -31.03 -23.31
N THR C 258 2.56 -31.13 -22.55
CA THR C 258 3.70 -31.91 -23.07
C THR C 258 3.58 -33.38 -23.17
N LEU C 259 3.09 -34.00 -22.11
CA LEU C 259 3.04 -35.42 -22.03
C LEU C 259 2.04 -36.10 -22.90
N ILE C 260 0.87 -35.55 -23.04
CA ILE C 260 -0.25 -36.17 -23.71
C ILE C 260 -0.39 -35.49 -25.10
N PRO C 261 -0.28 -36.22 -26.25
CA PRO C 261 -0.47 -35.51 -27.52
C PRO C 261 -1.55 -36.13 -28.19
N SER C 262 -2.21 -37.16 -27.64
CA SER C 262 -3.38 -37.69 -28.35
C SER C 262 -4.18 -38.26 -27.25
N PRO C 263 -5.46 -38.63 -27.35
CA PRO C 263 -6.23 -39.03 -26.13
C PRO C 263 -5.92 -40.44 -25.69
N GLU C 264 -5.39 -41.30 -26.66
CA GLU C 264 -4.99 -42.75 -26.47
C GLU C 264 -3.76 -42.98 -25.64
N LEU C 265 -2.65 -42.13 -25.90
CA LEU C 265 -1.40 -42.16 -25.25
C LEU C 265 -1.72 -41.37 -24.04
N HIS C 266 -1.92 -42.00 -22.89
CA HIS C 266 -2.30 -41.29 -21.70
C HIS C 266 -2.22 -42.17 -20.51
N PHE C 267 -1.80 -43.40 -20.64
CA PHE C 267 -1.66 -44.28 -19.52
C PHE C 267 -0.26 -44.06 -18.90
N LEU C 268 -0.21 -43.72 -17.60
CA LEU C 268 1.01 -43.33 -16.96
C LEU C 268 1.38 -44.42 -15.99
N SER C 269 2.70 -44.49 -15.81
CA SER C 269 3.22 -45.34 -14.82
C SER C 269 4.01 -44.37 -13.90
N PRO C 270 4.01 -44.57 -12.56
CA PRO C 270 4.97 -43.96 -11.78
C PRO C 270 6.06 -44.90 -11.45
N SER C 271 7.26 -44.34 -11.04
CA SER C 271 8.38 -45.14 -10.53
C SER C 271 8.85 -44.23 -9.41
N PHE C 272 9.50 -44.87 -8.39
CA PHE C 272 9.85 -44.06 -7.23
C PHE C 272 11.12 -44.68 -6.67
N THR C 273 12.01 -43.86 -6.04
CA THR C 273 13.05 -44.33 -5.21
C THR C 273 13.28 -43.22 -4.15
N PRO C 274 13.51 -43.39 -2.79
CA PRO C 274 13.55 -44.70 -2.15
C PRO C 274 12.20 -44.75 -1.51
N PHE C 275 11.65 -45.95 -1.24
CA PHE C 275 10.45 -46.12 -0.59
C PHE C 275 10.46 -45.90 0.96
N THR C 276 11.53 -46.28 1.75
CA THR C 276 11.52 -46.24 3.16
C THR C 276 12.97 -46.38 3.73
N SER C 277 13.91 -46.63 2.87
CA SER C 277 15.33 -46.95 3.21
C SER C 277 16.07 -45.61 2.96
N ASP C 278 17.04 -45.25 3.85
CA ASP C 278 17.84 -43.97 3.71
C ASP C 278 18.99 -44.13 4.56
N TYR C 279 19.07 -45.25 5.27
CA TYR C 279 20.16 -45.71 6.17
C TYR C 279 20.23 -47.20 6.15
N ILE C 280 21.37 -47.88 6.22
CA ILE C 280 21.49 -49.31 6.45
C ILE C 280 22.25 -49.35 7.75
N HIS C 281 22.12 -50.43 8.50
CA HIS C 281 22.72 -50.39 9.86
C HIS C 281 24.10 -50.91 9.75
N ASP C 282 24.97 -50.22 10.54
CA ASP C 282 26.39 -50.29 10.45
C ASP C 282 26.95 -50.05 9.07
N ASP C 283 26.49 -48.99 8.40
CA ASP C 283 26.82 -48.56 7.11
C ASP C 283 26.79 -47.14 7.21
N ILE C 284 27.37 -46.52 6.16
CA ILE C 284 27.35 -45.08 6.00
C ILE C 284 26.03 -44.61 5.31
N ALA C 285 26.23 -43.37 4.71
CA ALA C 285 25.38 -42.53 3.88
C ALA C 285 24.46 -43.22 2.85
N HIS C 286 23.52 -42.47 2.30
CA HIS C 286 22.42 -42.85 1.47
C HIS C 286 22.85 -43.18 0.04
N LYS C 287 22.54 -42.27 -0.96
CA LYS C 287 22.58 -42.54 -2.38
C LYS C 287 22.99 -41.28 -3.02
N CYS C 288 23.37 -41.41 -4.31
CA CYS C 288 23.72 -40.34 -5.20
C CYS C 288 22.65 -40.32 -6.35
N HIS C 289 22.76 -39.26 -7.20
CA HIS C 289 21.81 -38.99 -8.29
C HIS C 289 21.81 -40.14 -9.31
N SER C 290 22.95 -40.71 -9.68
CA SER C 290 23.15 -41.80 -10.63
C SER C 290 22.50 -43.07 -10.12
N SER C 291 22.66 -43.26 -8.74
CA SER C 291 21.98 -44.34 -8.05
C SER C 291 20.51 -44.33 -8.06
N TYR C 292 20.00 -43.09 -7.88
CA TYR C 292 18.61 -42.90 -7.98
C TYR C 292 18.07 -43.16 -9.36
N ASP C 293 18.76 -42.62 -10.47
CA ASP C 293 18.19 -42.79 -11.76
C ASP C 293 18.16 -44.24 -12.20
N VAL C 294 19.20 -45.01 -11.89
CA VAL C 294 19.24 -46.43 -12.33
C VAL C 294 18.17 -47.22 -11.59
N MET C 295 17.92 -46.95 -10.24
CA MET C 295 17.01 -47.81 -9.40
C MET C 295 15.57 -47.83 -9.82
N LEU C 296 15.00 -46.72 -10.35
CA LEU C 296 13.58 -46.61 -10.75
C LEU C 296 13.22 -47.60 -11.82
N ASP C 297 14.25 -47.86 -12.72
CA ASP C 297 13.99 -48.50 -14.05
C ASP C 297 13.65 -49.97 -13.86
N LEU C 298 14.21 -50.59 -12.73
CA LEU C 298 13.89 -51.92 -12.33
C LEU C 298 12.40 -51.98 -12.08
N LEU C 299 11.87 -53.12 -12.45
CA LEU C 299 10.54 -53.58 -12.41
C LEU C 299 9.75 -53.57 -11.10
N ASP C 300 10.49 -53.55 -9.96
CA ASP C 300 9.85 -53.52 -8.66
C ASP C 300 10.02 -52.19 -7.92
N PRO C 301 11.02 -51.32 -8.16
CA PRO C 301 10.96 -49.92 -7.75
C PRO C 301 9.95 -49.09 -8.56
N SER C 302 9.36 -49.70 -9.60
CA SER C 302 8.32 -49.23 -10.54
C SER C 302 7.08 -49.81 -9.94
N ASN C 303 6.10 -48.94 -9.79
CA ASN C 303 4.87 -49.27 -9.10
C ASN C 303 3.80 -49.76 -10.08
N SER C 304 4.34 -50.30 -11.20
CA SER C 304 3.55 -50.97 -12.17
C SER C 304 4.49 -52.13 -12.56
N LEU C 305 3.78 -53.23 -13.01
CA LEU C 305 4.30 -54.49 -13.50
C LEU C 305 3.76 -54.67 -14.83
N VAL C 306 4.66 -54.89 -15.80
CA VAL C 306 4.27 -55.07 -17.21
C VAL C 306 5.16 -56.25 -17.58
N SER C 307 5.76 -56.37 -18.87
CA SER C 307 6.60 -57.52 -19.22
C SER C 307 7.99 -57.04 -18.99
N THR C 308 8.49 -57.14 -17.72
CA THR C 308 9.83 -56.79 -17.27
C THR C 308 9.97 -55.32 -17.50
N ALA C 309 11.14 -54.81 -17.40
CA ALA C 309 11.42 -53.44 -17.56
C ALA C 309 12.82 -53.35 -17.82
N MET C 310 13.52 -54.54 -17.98
CA MET C 310 14.83 -54.81 -18.52
C MET C 310 14.59 -55.89 -19.39
N ASN C 311 14.86 -55.63 -20.63
CA ASN C 311 14.62 -56.43 -21.82
C ASN C 311 13.26 -56.04 -22.28
N ASN C 312 12.99 -54.73 -22.02
CA ASN C 312 11.81 -54.01 -22.37
C ASN C 312 12.32 -52.66 -22.20
N PRO C 313 13.01 -52.16 -23.25
CA PRO C 313 13.43 -50.76 -23.28
C PRO C 313 12.40 -50.02 -24.06
N THR C 314 11.34 -50.75 -24.45
CA THR C 314 10.09 -50.50 -25.19
C THR C 314 9.72 -49.09 -25.13
N TYR C 315 9.35 -48.61 -26.39
CA TYR C 315 8.98 -47.28 -26.65
C TYR C 315 8.50 -46.47 -25.50
N PHE C 316 9.18 -45.37 -25.21
CA PHE C 316 8.80 -44.36 -24.31
C PHE C 316 8.09 -43.45 -25.32
N ASN C 317 6.88 -43.02 -25.03
CA ASN C 317 6.17 -42.00 -25.62
C ASN C 317 6.67 -40.71 -25.04
N VAL C 318 6.85 -40.65 -23.67
CA VAL C 318 7.41 -39.53 -22.98
C VAL C 318 8.01 -39.99 -21.58
N TYR C 319 8.93 -39.18 -21.12
CA TYR C 319 9.54 -39.46 -19.82
C TYR C 319 9.78 -38.11 -19.10
N ASN C 320 9.49 -37.97 -17.78
CA ASN C 320 9.92 -36.91 -16.95
C ASN C 320 10.45 -37.47 -15.71
N THR C 321 11.62 -37.01 -15.15
CA THR C 321 12.15 -37.64 -13.97
C THR C 321 12.07 -36.48 -13.10
N ILE C 322 11.49 -36.67 -11.94
CA ILE C 322 11.38 -35.61 -10.99
C ILE C 322 12.28 -35.92 -9.83
N ILE C 323 13.38 -35.07 -9.61
CA ILE C 323 14.35 -35.35 -8.69
C ILE C 323 14.18 -34.39 -7.55
N GLY C 324 14.18 -34.84 -6.26
CA GLY C 324 13.99 -34.06 -5.08
C GLY C 324 15.10 -34.19 -4.18
N ASN C 325 15.72 -33.06 -3.72
CA ASN C 325 16.82 -32.98 -2.75
C ASN C 325 17.43 -31.65 -3.05
N VAL C 326 18.63 -31.33 -2.46
CA VAL C 326 19.44 -30.21 -2.85
C VAL C 326 20.84 -30.77 -3.19
N GLU C 327 21.33 -30.60 -4.51
CA GLU C 327 22.67 -31.03 -4.95
C GLU C 327 22.99 -30.14 -6.08
N PRO C 328 24.26 -29.81 -6.44
CA PRO C 328 24.69 -29.09 -7.60
C PRO C 328 24.03 -29.82 -8.81
N ARG C 329 23.21 -29.06 -9.52
CA ARG C 329 22.38 -29.46 -10.61
C ARG C 329 23.20 -29.88 -11.77
N GLN C 330 24.35 -29.27 -11.94
CA GLN C 330 25.30 -29.46 -12.97
C GLN C 330 25.94 -30.82 -12.96
N ILE C 331 26.22 -31.41 -11.71
CA ILE C 331 26.89 -32.66 -11.70
C ILE C 331 26.01 -33.74 -12.33
N SER C 332 24.69 -33.65 -11.98
CA SER C 332 23.63 -34.45 -12.47
C SER C 332 23.33 -34.18 -13.92
N ARG C 333 23.42 -32.89 -14.44
CA ARG C 333 23.18 -32.58 -15.81
C ARG C 333 24.13 -33.14 -16.70
N ALA C 334 25.49 -33.10 -16.30
CA ALA C 334 26.52 -33.63 -17.13
C ALA C 334 26.28 -35.07 -17.28
N MET C 335 25.87 -35.71 -16.18
CA MET C 335 25.57 -37.13 -16.17
C MET C 335 24.29 -37.43 -17.02
N THR C 336 23.29 -36.52 -16.97
CA THR C 336 22.10 -36.68 -17.74
C THR C 336 22.33 -36.60 -19.21
N LYS C 337 23.24 -35.75 -19.73
CA LYS C 337 23.56 -35.63 -21.13
C LYS C 337 24.14 -36.96 -21.63
N LEU C 338 25.09 -37.57 -20.73
CA LEU C 338 25.72 -38.81 -21.06
C LEU C 338 24.75 -39.92 -21.08
N GLN C 339 23.74 -39.90 -20.25
CA GLN C 339 22.68 -40.87 -20.30
C GLN C 339 21.95 -40.82 -21.63
N GLN C 340 21.67 -39.59 -22.14
CA GLN C 340 20.89 -39.42 -23.38
C GLN C 340 21.67 -39.95 -24.56
N ARG C 341 22.96 -39.63 -24.61
CA ARG C 341 23.83 -39.86 -25.73
C ARG C 341 23.90 -41.26 -26.04
N ILE C 342 24.09 -42.10 -25.02
CA ILE C 342 24.16 -43.58 -25.10
C ILE C 342 22.78 -44.01 -24.77
N LYS C 343 21.91 -44.26 -25.79
CA LYS C 343 20.45 -44.20 -25.69
C LYS C 343 20.01 -45.49 -25.07
N PHE C 344 19.49 -45.38 -23.87
CA PHE C 344 18.91 -46.53 -23.16
C PHE C 344 17.59 -47.09 -23.73
N PRO C 345 16.59 -46.32 -24.05
CA PRO C 345 15.33 -46.86 -24.62
C PRO C 345 15.51 -47.04 -26.10
N SER C 346 14.47 -47.56 -26.78
CA SER C 346 14.45 -47.84 -28.21
C SER C 346 13.21 -47.13 -28.77
N TRP C 347 13.51 -46.38 -29.82
CA TRP C 347 12.67 -45.45 -30.47
C TRP C 347 12.92 -45.51 -31.94
N SER C 348 11.80 -45.12 -32.63
CA SER C 348 11.70 -45.23 -34.08
C SER C 348 12.46 -44.19 -34.79
N SER C 349 12.70 -44.39 -36.15
CA SER C 349 13.31 -43.42 -36.96
C SER C 349 12.16 -42.53 -37.55
N SER C 350 11.16 -42.30 -36.76
CA SER C 350 9.95 -41.67 -37.14
C SER C 350 9.61 -40.94 -35.83
N ALA C 351 10.56 -40.85 -34.92
CA ALA C 351 10.22 -40.19 -33.65
C ALA C 351 11.50 -39.72 -33.04
N MET C 352 11.25 -38.69 -32.23
CA MET C 352 12.22 -37.99 -31.54
C MET C 352 12.01 -38.32 -30.10
N HIS C 353 13.13 -38.27 -29.28
CA HIS C 353 12.99 -38.66 -27.89
C HIS C 353 12.53 -37.53 -27.05
N VAL C 354 11.58 -37.76 -26.06
CA VAL C 354 11.18 -36.69 -25.21
C VAL C 354 11.67 -37.11 -23.85
N ASN C 355 12.64 -36.28 -23.37
CA ASN C 355 13.21 -36.63 -22.12
C ASN C 355 13.23 -35.32 -21.37
N ILE C 356 12.61 -35.44 -20.22
CA ILE C 356 12.29 -34.29 -19.44
C ILE C 356 12.94 -34.54 -18.06
N GLY C 357 13.22 -33.39 -17.36
CA GLY C 357 13.63 -33.47 -16.00
C GLY C 357 12.88 -32.41 -15.28
N ARG C 358 12.44 -32.72 -13.99
CA ARG C 358 11.81 -31.74 -13.14
C ARG C 358 12.72 -31.86 -11.93
N ARG C 359 12.97 -30.67 -11.33
CA ARG C 359 13.90 -30.59 -10.19
C ARG C 359 13.13 -29.99 -9.02
N SER C 360 13.33 -30.56 -7.72
CA SER C 360 12.45 -30.16 -6.64
C SER C 360 13.39 -30.06 -5.43
N PRO C 361 13.19 -29.32 -4.40
CA PRO C 361 13.99 -29.27 -3.15
C PRO C 361 13.30 -30.15 -2.17
N TYR C 362 13.82 -30.10 -0.88
CA TYR C 362 13.34 -30.81 0.33
C TYR C 362 11.95 -30.27 0.78
N LEU C 363 11.73 -30.29 2.19
CA LEU C 363 10.49 -29.93 2.77
C LEU C 363 10.77 -28.98 3.88
N PRO C 364 9.82 -28.09 4.20
CA PRO C 364 9.90 -27.01 5.17
C PRO C 364 10.02 -27.48 6.57
N LEU C 365 9.39 -28.65 6.83
CA LEU C 365 9.38 -29.35 8.04
C LEU C 365 9.90 -30.64 7.67
N GLN C 366 11.09 -31.06 8.28
CA GLN C 366 11.75 -32.24 7.81
C GLN C 366 12.55 -32.88 8.91
N PRO C 367 12.29 -34.20 9.24
CA PRO C 367 13.17 -34.90 10.20
C PRO C 367 13.95 -35.83 9.35
N ASN C 368 15.18 -35.40 8.89
CA ASN C 368 16.04 -35.96 7.93
C ASN C 368 16.88 -37.09 8.59
N GLU C 369 17.49 -37.89 7.63
CA GLU C 369 18.27 -39.12 7.79
C GLU C 369 19.27 -39.21 6.58
N ASN C 370 19.35 -38.08 5.85
CA ASN C 370 20.17 -37.84 4.67
C ASN C 370 19.57 -38.60 3.58
N GLU C 371 19.10 -37.90 2.54
CA GLU C 371 18.41 -38.53 1.45
C GLU C 371 18.38 -37.65 0.19
N VAL C 372 18.15 -38.47 -0.83
CA VAL C 372 18.04 -38.12 -2.21
C VAL C 372 16.77 -38.88 -2.51
N SER C 373 15.87 -38.21 -3.17
CA SER C 373 14.67 -38.92 -3.49
C SER C 373 14.33 -38.51 -4.89
N GLY C 374 13.41 -39.21 -5.57
CA GLY C 374 12.90 -38.80 -6.86
C GLY C 374 11.71 -39.70 -7.14
N MET C 375 10.84 -39.27 -8.08
CA MET C 375 9.74 -39.95 -8.64
C MET C 375 10.13 -39.82 -10.12
N MET C 376 9.77 -40.81 -10.91
CA MET C 376 9.82 -40.80 -12.41
C MET C 376 8.33 -40.93 -12.83
N LEU C 377 7.86 -40.15 -13.80
CA LEU C 377 6.56 -40.29 -14.31
C LEU C 377 6.79 -40.51 -15.75
N SER C 378 6.29 -41.64 -16.35
CA SER C 378 6.55 -41.84 -17.75
C SER C 378 5.39 -42.45 -18.41
N ASN C 379 5.24 -42.24 -19.75
CA ASN C 379 4.24 -42.84 -20.57
C ASN C 379 5.06 -43.84 -21.34
N MET C 380 4.91 -45.16 -21.12
CA MET C 380 5.70 -46.14 -21.82
C MET C 380 4.78 -47.13 -22.35
N SER C 381 5.01 -47.64 -23.53
CA SER C 381 4.04 -48.46 -24.34
C SER C 381 3.73 -49.89 -23.81
N THR C 382 4.66 -50.39 -22.97
CA THR C 382 4.68 -51.65 -22.42
C THR C 382 3.49 -51.82 -21.48
N VAL C 383 2.81 -50.78 -20.96
CA VAL C 383 1.69 -50.72 -20.07
C VAL C 383 0.48 -51.47 -20.61
N VAL C 384 0.27 -51.60 -21.92
CA VAL C 384 -0.81 -52.39 -22.50
C VAL C 384 -0.75 -53.79 -22.15
N ASN C 385 0.39 -54.45 -21.79
CA ASN C 385 0.51 -55.81 -21.42
C ASN C 385 -0.31 -56.23 -20.23
N VAL C 386 -0.51 -55.38 -19.19
CA VAL C 386 -1.47 -55.68 -18.05
C VAL C 386 -2.86 -55.83 -18.62
N PHE C 387 -3.26 -54.92 -19.53
CA PHE C 387 -4.50 -54.90 -20.19
C PHE C 387 -4.68 -56.10 -21.13
N GLU C 388 -3.61 -56.53 -21.83
CA GLU C 388 -3.69 -57.65 -22.72
C GLU C 388 -3.95 -58.93 -22.04
N ASN C 389 -3.37 -59.15 -20.89
CA ASN C 389 -3.63 -60.33 -20.09
C ASN C 389 -5.07 -60.42 -19.57
N ALA C 390 -5.59 -59.21 -19.18
CA ALA C 390 -7.00 -59.06 -18.83
C ALA C 390 -7.94 -59.31 -19.97
N CYS C 391 -7.56 -58.78 -21.20
CA CYS C 391 -8.40 -58.75 -22.37
C CYS C 391 -8.66 -60.18 -22.78
N ASN C 392 -7.55 -60.99 -22.71
CA ASN C 392 -7.55 -62.30 -23.08
C ASN C 392 -8.41 -63.13 -22.23
N THR C 393 -8.36 -62.89 -20.94
CA THR C 393 -9.12 -63.60 -19.94
C THR C 393 -10.54 -63.34 -20.16
N PHE C 394 -10.85 -62.11 -20.52
CA PHE C 394 -12.22 -61.60 -20.78
C PHE C 394 -12.78 -62.30 -21.95
N ASP C 395 -12.05 -62.46 -23.09
CA ASP C 395 -12.60 -63.06 -24.30
C ASP C 395 -12.96 -64.45 -24.03
N LYS C 396 -12.14 -65.23 -23.29
CA LYS C 396 -12.46 -66.62 -23.09
C LYS C 396 -13.75 -66.84 -22.34
N VAL C 397 -14.03 -65.96 -21.30
CA VAL C 397 -15.22 -66.09 -20.48
C VAL C 397 -16.45 -65.97 -21.29
N PHE C 398 -16.50 -64.97 -22.24
CA PHE C 398 -17.57 -64.75 -23.11
C PHE C 398 -17.77 -65.88 -24.08
N ALA C 399 -16.61 -66.48 -24.56
CA ALA C 399 -16.54 -67.59 -25.47
C ALA C 399 -17.22 -68.76 -24.79
N LYS C 400 -16.97 -69.01 -23.49
CA LYS C 400 -17.58 -70.12 -22.76
C LYS C 400 -19.08 -69.97 -22.50
N GLY C 401 -19.52 -68.75 -22.39
CA GLY C 401 -20.88 -68.40 -22.16
C GLY C 401 -21.42 -68.52 -20.82
N ALA C 402 -20.60 -68.51 -19.80
CA ALA C 402 -20.92 -68.58 -18.39
C ALA C 402 -20.53 -67.31 -17.65
N PHE C 403 -21.50 -66.80 -16.87
CA PHE C 403 -21.39 -65.76 -15.97
C PHE C 403 -21.58 -64.35 -16.56
N LEU C 404 -22.19 -64.31 -17.73
CA LEU C 404 -22.64 -63.12 -18.38
C LEU C 404 -23.99 -62.78 -17.73
N ASN C 405 -24.79 -63.77 -17.14
CA ASN C 405 -26.19 -63.62 -16.60
C ASN C 405 -26.25 -62.57 -15.51
N ASN C 406 -25.24 -62.57 -14.65
CA ASN C 406 -25.33 -61.60 -13.55
C ASN C 406 -25.34 -60.21 -14.07
N TYR C 407 -24.51 -59.93 -15.11
CA TYR C 407 -24.53 -58.63 -15.80
C TYR C 407 -25.84 -58.41 -16.55
N ASN C 408 -26.38 -59.45 -17.14
CA ASN C 408 -27.53 -59.48 -18.01
C ASN C 408 -28.71 -58.96 -17.19
N VAL C 409 -28.75 -59.20 -15.82
CA VAL C 409 -29.84 -58.80 -14.99
C VAL C 409 -30.02 -57.27 -15.08
N GLY C 410 -28.92 -56.43 -15.20
CA GLY C 410 -29.01 -54.99 -15.25
C GLY C 410 -29.85 -54.54 -16.44
N ASP C 411 -30.44 -53.30 -16.35
CA ASP C 411 -31.24 -52.63 -17.33
C ASP C 411 -30.53 -52.35 -18.60
N LEU C 412 -29.24 -52.00 -18.42
CA LEU C 412 -28.22 -51.63 -19.42
C LEU C 412 -27.90 -52.69 -20.41
N PHE C 413 -27.93 -53.88 -19.86
CA PHE C 413 -27.48 -55.14 -20.54
C PHE C 413 -28.68 -56.07 -20.70
N GLN C 414 -29.91 -55.50 -20.87
CA GLN C 414 -31.09 -56.28 -21.04
C GLN C 414 -31.19 -56.56 -22.53
N SER C 415 -30.50 -55.67 -23.36
CA SER C 415 -30.35 -55.78 -24.78
C SER C 415 -29.05 -56.57 -25.07
N MET C 416 -28.79 -57.57 -24.17
CA MET C 416 -27.63 -58.35 -24.09
C MET C 416 -26.34 -57.63 -23.76
N GLN C 417 -25.25 -58.36 -23.77
CA GLN C 417 -23.90 -57.91 -23.46
C GLN C 417 -23.24 -57.54 -24.78
N ASN C 418 -23.98 -56.80 -25.65
CA ASN C 418 -23.44 -56.31 -26.90
C ASN C 418 -22.43 -55.21 -26.73
N VAL C 419 -22.61 -54.35 -25.69
CA VAL C 419 -21.80 -53.27 -25.28
C VAL C 419 -20.37 -53.80 -24.91
N GLN C 420 -20.31 -54.99 -24.25
CA GLN C 420 -19.11 -55.66 -23.90
C GLN C 420 -18.34 -56.16 -25.10
N ASP C 421 -19.09 -56.73 -26.08
CA ASP C 421 -18.57 -57.20 -27.35
C ASP C 421 -17.99 -56.07 -28.17
N GLU C 422 -18.65 -54.90 -28.19
CA GLU C 422 -18.35 -53.69 -28.88
C GLU C 422 -17.01 -53.08 -28.39
N PHE C 423 -16.85 -53.05 -27.07
CA PHE C 423 -15.73 -52.62 -26.40
C PHE C 423 -14.64 -53.61 -26.64
N ALA C 424 -14.88 -54.91 -26.75
CA ALA C 424 -13.87 -55.91 -27.05
C ALA C 424 -13.10 -55.71 -28.23
N GLU C 425 -13.82 -55.29 -29.28
CA GLU C 425 -13.20 -54.89 -30.52
C GLU C 425 -12.39 -53.61 -30.42
N SER C 426 -12.92 -52.57 -29.74
CA SER C 426 -12.24 -51.29 -29.49
C SER C 426 -11.00 -51.42 -28.67
N ARG C 427 -11.02 -52.24 -27.59
CA ARG C 427 -9.82 -52.40 -26.82
C ARG C 427 -8.67 -53.03 -27.48
N GLU C 428 -8.94 -54.05 -28.38
CA GLU C 428 -7.93 -54.69 -29.26
C GLU C 428 -7.40 -53.67 -30.20
N VAL C 429 -8.23 -52.76 -30.74
CA VAL C 429 -7.73 -51.66 -31.58
C VAL C 429 -6.84 -50.73 -30.91
N VAL C 430 -7.18 -50.37 -29.65
CA VAL C 430 -6.38 -49.46 -28.87
C VAL C 430 -5.03 -49.97 -28.64
N GLN C 431 -4.96 -51.24 -28.27
CA GLN C 431 -3.73 -51.97 -28.02
C GLN C 431 -2.85 -52.09 -29.26
N SER C 432 -3.44 -52.42 -30.45
CA SER C 432 -2.58 -52.53 -31.63
C SER C 432 -1.96 -51.23 -32.05
N LEU C 433 -2.72 -50.07 -31.97
CA LEU C 433 -2.34 -48.80 -32.41
C LEU C 433 -1.20 -48.26 -31.61
N MET C 434 -1.21 -48.51 -30.30
CA MET C 434 -0.28 -48.19 -29.32
C MET C 434 1.04 -48.86 -29.57
N GLU C 435 1.01 -50.11 -29.99
CA GLU C 435 2.09 -50.90 -30.49
C GLU C 435 2.55 -50.38 -31.86
N ASP C 436 1.65 -49.84 -32.79
CA ASP C 436 2.07 -49.33 -34.11
C ASP C 436 3.00 -48.16 -33.86
N TYR C 437 2.80 -47.38 -32.79
CA TYR C 437 3.55 -46.18 -32.48
C TYR C 437 4.97 -46.49 -32.26
N VAL C 438 5.27 -47.73 -31.78
CA VAL C 438 6.58 -48.19 -31.41
C VAL C 438 7.56 -48.29 -32.58
N ALA C 439 7.09 -48.60 -33.82
CA ALA C 439 7.87 -48.83 -35.04
C ALA C 439 7.91 -47.66 -35.91
N ALA C 440 8.39 -47.95 -37.12
CA ALA C 440 8.43 -47.05 -38.30
C ALA C 440 7.09 -46.69 -38.80
N GLU C 441 6.20 -47.74 -38.58
CA GLU C 441 4.87 -47.83 -39.09
C GLU C 441 3.91 -46.73 -38.63
N GLN C 442 4.39 -46.05 -37.55
CA GLN C 442 3.67 -45.10 -36.80
C GLN C 442 3.04 -44.01 -37.65
N ASP C 443 3.72 -43.41 -38.66
CA ASP C 443 3.16 -42.45 -39.56
C ASP C 443 2.00 -43.08 -40.34
N SER C 444 1.07 -42.26 -40.80
CA SER C 444 -0.22 -42.66 -41.45
C SER C 444 -0.46 -41.51 -42.45
N TYR C 445 0.47 -40.62 -42.53
CA TYR C 445 0.55 -39.47 -43.54
C TYR C 445 0.79 -39.97 -44.91
N MET D 1 -39.12 7.81 17.33
CA MET D 1 -38.44 7.53 16.00
C MET D 1 -38.97 6.20 15.52
N GLY D 2 -39.57 6.11 14.24
CA GLY D 2 -40.10 4.92 13.60
C GLY D 2 -41.58 4.89 13.81
N GLY D 3 -42.34 4.49 12.76
CA GLY D 3 -43.77 4.38 12.72
C GLY D 3 -44.18 3.02 13.26
N GLU D 4 -45.29 2.88 14.00
CA GLU D 4 -45.53 1.64 14.68
C GLU D 4 -46.08 0.64 13.79
N ILE D 5 -45.80 -0.61 14.07
CA ILE D 5 -46.38 -1.73 13.42
C ILE D 5 -46.93 -2.56 14.60
N ILE D 6 -48.20 -3.09 14.44
CA ILE D 6 -48.78 -3.87 15.45
C ILE D 6 -48.88 -5.27 14.84
N THR D 7 -48.49 -6.25 15.62
CA THR D 7 -48.31 -7.58 15.15
C THR D 7 -49.43 -8.35 15.80
N LEU D 8 -50.12 -9.23 15.06
CA LEU D 8 -51.23 -9.98 15.49
C LEU D 8 -50.72 -11.44 15.43
N GLN D 9 -50.84 -12.25 16.48
CA GLN D 9 -50.42 -13.66 16.54
C GLN D 9 -51.67 -14.38 16.77
N ALA D 10 -51.92 -15.37 15.87
CA ALA D 10 -53.15 -16.13 15.79
C ALA D 10 -52.84 -17.58 15.69
N GLY D 11 -53.58 -18.44 16.36
CA GLY D 11 -53.63 -19.90 16.34
C GLY D 11 -52.59 -20.31 17.38
N GLN D 12 -52.40 -21.62 17.51
CA GLN D 12 -51.56 -22.29 18.50
C GLN D 12 -50.11 -21.96 18.36
N CYS D 13 -49.55 -22.09 17.15
CA CYS D 13 -48.25 -21.93 16.56
C CYS D 13 -47.80 -20.52 16.61
N GLY D 14 -48.69 -19.60 16.20
CA GLY D 14 -48.41 -18.23 16.13
C GLY D 14 -48.06 -17.73 17.45
N ASN D 15 -48.83 -18.13 18.52
CA ASN D 15 -48.60 -17.74 19.92
C ASN D 15 -47.34 -18.34 20.45
N HIS D 16 -47.03 -19.63 20.13
CA HIS D 16 -45.80 -20.24 20.68
C HIS D 16 -44.60 -19.53 20.18
N VAL D 17 -44.57 -19.38 18.81
CA VAL D 17 -43.44 -18.80 18.15
C VAL D 17 -43.25 -17.37 18.52
N GLY D 18 -44.36 -16.64 18.65
CA GLY D 18 -44.45 -15.25 18.98
C GLY D 18 -43.92 -14.95 20.31
N LYS D 19 -44.17 -15.78 21.35
CA LYS D 19 -43.69 -15.57 22.67
C LYS D 19 -42.18 -15.62 22.65
N PHE D 20 -41.58 -16.59 21.93
CA PHE D 20 -40.15 -16.73 21.76
C PHE D 20 -39.53 -15.61 21.05
N LEU D 21 -40.23 -15.03 20.01
CA LEU D 21 -39.78 -13.84 19.25
C LEU D 21 -39.63 -12.60 20.13
N TRP D 22 -40.58 -12.26 21.05
CA TRP D 22 -40.35 -11.16 22.03
C TRP D 22 -39.33 -11.33 23.06
N SER D 23 -39.19 -12.61 23.57
CA SER D 23 -38.13 -12.94 24.46
C SER D 23 -36.79 -12.74 23.78
N GLN D 24 -36.66 -13.09 22.50
CA GLN D 24 -35.43 -13.05 21.77
C GLN D 24 -35.00 -11.68 21.65
N LEU D 25 -35.99 -10.77 21.32
CA LEU D 25 -35.72 -9.33 21.14
C LEU D 25 -35.31 -8.68 22.45
N ALA D 26 -35.93 -9.04 23.61
CA ALA D 26 -35.47 -8.44 24.91
C ALA D 26 -34.03 -8.78 25.27
N LYS D 27 -33.57 -10.05 25.06
CA LYS D 27 -32.24 -10.58 25.34
C LYS D 27 -31.19 -9.92 24.56
N GLU D 28 -31.42 -9.72 23.23
CA GLU D 28 -30.55 -9.10 22.21
C GLU D 28 -30.31 -7.61 22.45
N HIS D 29 -31.43 -6.91 22.86
CA HIS D 29 -31.38 -5.46 22.93
C HIS D 29 -31.14 -5.07 24.34
N ALA D 30 -30.50 -5.97 25.12
CA ALA D 30 -30.11 -5.80 26.55
C ALA D 30 -31.14 -5.07 27.41
N ILE D 31 -32.26 -5.70 27.54
CA ILE D 31 -33.35 -5.30 28.33
C ILE D 31 -33.82 -6.59 28.99
N GLY D 32 -34.58 -6.50 30.11
CA GLY D 32 -34.99 -7.66 30.90
C GLY D 32 -36.10 -8.41 30.19
N THR D 33 -36.54 -9.62 30.75
CA THR D 33 -37.59 -10.40 30.15
C THR D 33 -38.91 -9.54 30.23
N ASP D 34 -39.09 -8.86 31.41
CA ASP D 34 -40.05 -7.97 31.79
C ASP D 34 -40.01 -6.77 30.87
N GLY D 35 -38.86 -6.24 30.50
CA GLY D 35 -38.70 -5.16 29.59
C GLY D 35 -38.04 -4.03 30.35
N LEU D 36 -37.15 -4.45 31.26
CA LEU D 36 -36.35 -3.68 32.18
C LEU D 36 -35.42 -2.86 31.38
N SER D 37 -35.51 -1.54 31.57
CA SER D 37 -34.58 -0.63 30.99
C SER D 37 -33.34 -0.60 31.93
N GLN D 38 -32.23 -0.82 31.20
CA GLN D 38 -30.98 -1.21 31.82
C GLN D 38 -30.08 -0.04 31.65
N LEU D 39 -29.75 0.42 32.90
CA LEU D 39 -28.80 1.41 33.16
C LEU D 39 -27.42 0.90 33.15
N PRO D 40 -27.01 -0.31 33.60
CA PRO D 40 -25.73 -0.87 33.43
C PRO D 40 -25.22 -0.89 31.98
N ASP D 41 -26.13 -1.23 31.04
CA ASP D 41 -25.84 -1.26 29.65
C ASP D 41 -26.02 0.14 29.25
N SER D 42 -24.85 0.80 28.93
CA SER D 42 -24.65 2.24 28.75
C SER D 42 -24.75 2.52 27.32
N SER D 43 -25.70 1.86 26.62
CA SER D 43 -25.79 2.03 25.28
C SER D 43 -27.26 2.17 24.98
N THR D 44 -27.63 3.25 24.23
CA THR D 44 -29.09 3.51 24.04
C THR D 44 -29.22 4.15 22.68
N GLU D 45 -30.25 3.71 21.89
CA GLU D 45 -30.43 4.06 20.50
C GLU D 45 -29.65 3.05 19.67
N ARG D 46 -29.21 2.01 20.39
CA ARG D 46 -28.65 0.76 19.86
C ARG D 46 -29.80 0.03 19.14
N ASP D 47 -31.04 0.22 19.67
CA ASP D 47 -32.26 -0.45 19.26
C ASP D 47 -33.25 0.56 19.13
N ASP D 48 -34.00 0.41 18.06
CA ASP D 48 -35.09 1.18 17.61
C ASP D 48 -36.18 0.15 17.12
N ASP D 49 -36.00 -1.16 17.46
CA ASP D 49 -37.01 -2.20 17.23
C ASP D 49 -38.16 -1.97 18.14
N THR D 50 -37.70 -1.38 19.27
CA THR D 50 -38.38 -1.14 20.50
C THR D 50 -39.66 -0.35 20.27
N LYS D 51 -39.48 0.86 19.78
CA LYS D 51 -40.62 1.78 19.67
C LYS D 51 -41.65 1.32 18.65
N PRO D 52 -41.37 0.82 17.42
CA PRO D 52 -42.35 0.27 16.55
C PRO D 52 -43.13 -0.91 17.09
N PHE D 53 -42.52 -2.03 17.74
CA PHE D 53 -43.32 -3.19 18.16
C PHE D 53 -43.93 -2.95 19.55
N PHE D 54 -43.25 -2.21 20.43
CA PHE D 54 -43.44 -2.01 21.87
C PHE D 54 -43.67 -0.60 22.15
N ARG D 55 -44.28 -0.33 23.33
CA ARG D 55 -44.53 1.03 23.76
C ARG D 55 -44.05 1.04 25.17
N GLU D 56 -43.74 2.23 25.74
CA GLU D 56 -43.23 2.25 27.06
C GLU D 56 -44.20 2.75 28.08
N ASN D 57 -44.33 2.03 29.21
CA ASN D 57 -45.07 2.50 30.36
C ASN D 57 -44.18 3.51 31.02
N CYS D 58 -44.71 4.55 31.65
CA CYS D 58 -43.87 5.62 32.30
C CYS D 58 -42.94 5.05 33.34
N ARG D 59 -41.66 4.84 32.94
CA ARG D 59 -40.44 4.52 33.72
C ARG D 59 -39.37 4.21 32.67
N ASN D 60 -39.86 4.33 31.41
CA ASN D 60 -39.21 4.21 30.14
C ASN D 60 -39.14 2.69 29.79
N LYS D 61 -39.74 1.76 30.59
CA LYS D 61 -39.76 0.35 30.30
C LYS D 61 -40.98 0.10 29.43
N PHE D 62 -40.73 -0.75 28.39
CA PHE D 62 -41.54 -1.26 27.35
C PHE D 62 -42.37 -2.42 27.80
N THR D 63 -43.61 -2.41 27.20
CA THR D 63 -44.69 -3.37 27.27
C THR D 63 -45.07 -3.58 25.85
N PRO D 64 -45.44 -4.78 25.39
CA PRO D 64 -45.65 -4.94 23.99
C PRO D 64 -46.90 -4.29 23.42
N ARG D 65 -46.83 -3.72 22.17
CA ARG D 65 -47.91 -3.38 21.29
C ARG D 65 -48.00 -4.65 20.39
N ALA D 66 -48.50 -5.79 20.89
CA ALA D 66 -48.66 -7.03 20.13
C ALA D 66 -49.94 -7.57 20.56
N ILE D 67 -50.69 -8.23 19.71
CA ILE D 67 -52.04 -8.72 19.99
C ILE D 67 -51.92 -10.25 19.89
N MET D 68 -52.48 -10.97 20.88
CA MET D 68 -52.54 -12.36 20.96
C MET D 68 -53.98 -12.71 20.83
N MET D 69 -54.25 -13.68 19.91
CA MET D 69 -55.51 -14.24 19.67
C MET D 69 -55.32 -15.78 19.57
N ASP D 70 -56.30 -16.52 20.23
CA ASP D 70 -56.21 -17.94 20.22
C ASP D 70 -57.31 -18.31 21.19
N SER D 71 -57.26 -19.58 21.75
CA SER D 71 -58.08 -20.06 22.83
C SER D 71 -57.26 -20.03 24.16
N GLU D 72 -57.78 -20.54 25.28
CA GLU D 72 -57.17 -20.44 26.62
C GLU D 72 -55.83 -21.21 26.78
N PRO D 73 -55.48 -22.51 26.36
CA PRO D 73 -54.25 -23.29 26.71
C PRO D 73 -52.88 -22.58 26.55
N SER D 74 -52.63 -22.03 25.31
CA SER D 74 -51.26 -21.50 25.07
C SER D 74 -50.97 -20.24 25.87
N VAL D 75 -51.97 -19.32 25.89
CA VAL D 75 -51.86 -18.11 26.65
C VAL D 75 -51.68 -18.35 28.12
N ILE D 76 -52.42 -19.36 28.65
CA ILE D 76 -52.35 -19.66 30.05
C ILE D 76 -50.99 -20.10 30.45
N ALA D 77 -50.32 -20.88 29.59
CA ALA D 77 -48.96 -21.30 29.72
C ALA D 77 -47.94 -20.18 29.71
N ASP D 78 -48.07 -19.15 28.82
CA ASP D 78 -47.06 -18.08 28.66
C ASP D 78 -46.97 -17.35 29.95
N VAL D 79 -48.11 -17.04 30.65
CA VAL D 79 -48.07 -16.34 31.90
C VAL D 79 -47.46 -17.15 32.92
N GLU D 80 -47.72 -18.50 32.77
CA GLU D 80 -47.50 -19.39 33.83
C GLU D 80 -46.04 -19.52 34.20
N ASN D 81 -45.15 -19.51 33.22
CA ASN D 81 -43.73 -19.46 33.31
C ASN D 81 -43.38 -18.03 33.77
N THR D 82 -42.30 -17.87 34.53
CA THR D 82 -41.90 -16.56 35.05
C THR D 82 -41.01 -15.86 34.07
N PHE D 83 -40.94 -16.48 32.86
CA PHE D 83 -40.27 -15.82 31.74
C PHE D 83 -41.33 -15.06 31.03
N ARG D 84 -42.62 -15.02 31.57
CA ARG D 84 -43.80 -14.43 30.98
C ARG D 84 -43.46 -13.06 30.32
N GLY D 85 -42.71 -12.22 31.10
CA GLY D 85 -42.19 -10.93 30.61
C GLY D 85 -43.16 -10.07 29.83
N PHE D 86 -42.86 -9.81 28.50
CA PHE D 86 -43.66 -9.09 27.58
C PHE D 86 -44.96 -9.83 27.41
N PHE D 87 -46.07 -9.17 27.78
CA PHE D 87 -47.42 -9.72 27.91
C PHE D 87 -48.19 -8.59 28.42
N ASP D 88 -49.37 -8.35 27.87
CA ASP D 88 -50.27 -7.45 28.39
C ASP D 88 -51.55 -8.16 28.23
N PRO D 89 -52.35 -8.44 29.24
CA PRO D 89 -53.59 -9.24 29.20
C PRO D 89 -54.65 -8.56 28.44
N ARG D 90 -54.68 -7.19 28.26
CA ARG D 90 -55.68 -6.53 27.42
C ARG D 90 -55.55 -6.80 25.94
N ASN D 91 -54.26 -6.93 25.55
CA ASN D 91 -53.98 -7.24 24.15
C ASN D 91 -54.35 -8.61 23.76
N THR D 92 -54.48 -9.44 24.81
CA THR D 92 -54.66 -10.92 24.73
C THR D 92 -56.17 -11.18 24.74
N TRP D 93 -56.72 -11.85 23.76
CA TRP D 93 -58.06 -12.18 23.67
C TRP D 93 -58.03 -13.57 23.42
N VAL D 94 -58.80 -14.33 24.19
CA VAL D 94 -58.91 -15.75 24.17
C VAL D 94 -60.34 -15.98 24.12
N ALA D 95 -60.70 -16.82 23.05
CA ALA D 95 -62.05 -17.15 22.81
C ALA D 95 -62.41 -18.26 23.71
N SER D 96 -63.67 -18.22 24.25
CA SER D 96 -64.17 -19.22 25.15
C SER D 96 -65.24 -20.01 24.42
N ASP D 97 -65.16 -19.96 23.01
CA ASP D 97 -66.10 -20.56 22.17
C ASP D 97 -65.29 -21.24 21.12
N GLY D 98 -65.39 -22.61 21.19
CA GLY D 98 -64.74 -23.55 20.35
C GLY D 98 -65.77 -23.98 19.31
N ALA D 99 -66.38 -25.18 19.54
CA ALA D 99 -67.48 -25.74 18.83
C ALA D 99 -67.30 -26.02 17.39
N SER D 100 -66.28 -26.91 17.03
CA SER D 100 -65.81 -27.51 15.75
C SER D 100 -65.25 -26.44 14.86
N ALA D 101 -64.39 -25.61 15.45
CA ALA D 101 -63.71 -24.59 14.71
C ALA D 101 -62.30 -25.04 14.52
N GLY D 102 -62.03 -26.37 14.90
CA GLY D 102 -60.80 -27.04 14.55
C GLY D 102 -60.93 -27.46 13.12
N ASN D 103 -60.17 -26.82 12.17
CA ASN D 103 -60.12 -27.09 10.76
C ASN D 103 -61.45 -26.83 10.06
N SER D 104 -62.12 -25.71 10.40
CA SER D 104 -63.37 -25.38 9.73
C SER D 104 -63.24 -23.88 9.64
N TRP D 105 -63.18 -23.26 8.42
CA TRP D 105 -62.99 -21.83 8.29
C TRP D 105 -64.16 -21.05 8.87
N ALA D 106 -65.42 -21.49 8.59
CA ALA D 106 -66.68 -20.88 8.93
C ALA D 106 -66.97 -20.76 10.38
N ASN D 107 -66.67 -21.80 11.16
CA ASN D 107 -66.79 -21.80 12.66
C ASN D 107 -65.87 -20.83 13.35
N GLY D 108 -64.57 -20.71 12.87
CA GLY D 108 -63.53 -19.78 13.36
C GLY D 108 -63.97 -18.37 13.03
N TYR D 109 -64.49 -18.26 11.77
CA TYR D 109 -64.94 -17.00 11.25
C TYR D 109 -66.15 -16.41 11.95
N ASP D 110 -67.22 -17.26 12.22
CA ASP D 110 -68.45 -16.88 12.87
C ASP D 110 -68.19 -16.40 14.28
N ILE D 111 -67.30 -16.92 15.06
CA ILE D 111 -67.02 -16.42 16.43
C ILE D 111 -66.46 -15.01 16.36
N GLY D 112 -65.61 -14.78 15.35
CA GLY D 112 -65.05 -13.49 15.13
C GLY D 112 -66.10 -12.45 14.91
N THR D 113 -67.14 -12.78 14.17
CA THR D 113 -68.37 -11.93 14.00
C THR D 113 -69.18 -11.70 15.24
N ARG D 114 -69.33 -12.68 16.11
CA ARG D 114 -70.08 -12.55 17.32
C ARG D 114 -69.44 -11.55 18.25
N ASN D 115 -68.09 -11.70 18.31
CA ASN D 115 -67.20 -11.01 19.23
C ASN D 115 -66.50 -10.00 18.39
N GLN D 116 -67.21 -9.34 17.43
CA GLN D 116 -66.72 -8.32 16.55
C GLN D 116 -66.34 -7.06 17.38
N ASP D 117 -67.19 -6.71 18.33
CA ASP D 117 -67.05 -5.59 19.23
C ASP D 117 -65.87 -5.78 20.15
N ASP D 118 -65.65 -7.04 20.73
CA ASP D 118 -64.54 -7.26 21.66
C ASP D 118 -63.19 -7.07 21.07
N ILE D 119 -63.03 -7.64 19.87
CA ILE D 119 -61.84 -7.57 19.12
C ILE D 119 -61.60 -6.17 18.71
N LEU D 120 -62.68 -5.46 18.27
CA LEU D 120 -62.56 -4.08 17.86
C LEU D 120 -62.19 -3.22 19.06
N ASN D 121 -62.59 -3.53 20.32
CA ASN D 121 -62.18 -2.74 21.54
C ASN D 121 -60.74 -2.66 21.77
N LYS D 122 -60.11 -3.89 21.58
CA LYS D 122 -58.73 -4.13 21.66
C LYS D 122 -57.99 -3.43 20.58
N ILE D 123 -58.48 -3.51 19.30
CA ILE D 123 -57.81 -2.94 18.12
C ILE D 123 -57.80 -1.50 18.22
N ASP D 124 -58.94 -0.91 18.57
CA ASP D 124 -58.99 0.48 18.75
C ASP D 124 -58.15 1.00 19.82
N LYS D 125 -57.95 0.24 20.97
CA LYS D 125 -57.06 0.65 22.05
C LYS D 125 -55.68 0.77 21.60
N GLU D 126 -55.19 -0.26 20.86
CA GLU D 126 -53.85 -0.36 20.27
C GLU D 126 -53.53 0.67 19.12
N ILE D 127 -54.47 0.96 18.22
CA ILE D 127 -54.34 2.01 17.19
C ILE D 127 -54.25 3.34 17.87
N ASP D 128 -55.11 3.63 18.87
CA ASP D 128 -55.12 4.91 19.58
C ASP D 128 -53.81 5.02 20.39
N SER D 129 -53.19 3.99 20.95
CA SER D 129 -51.95 4.05 21.65
C SER D 129 -50.69 4.38 20.85
N THR D 130 -50.78 4.16 19.49
CA THR D 130 -49.74 4.33 18.46
C THR D 130 -49.59 5.77 18.22
N ASP D 131 -48.28 6.19 17.92
CA ASP D 131 -47.98 7.56 17.54
C ASP D 131 -48.28 7.95 16.11
N ASN D 132 -47.83 7.07 15.22
CA ASN D 132 -48.09 7.18 13.83
C ASN D 132 -48.01 5.74 13.22
N PHE D 133 -49.21 5.22 12.84
CA PHE D 133 -49.33 3.80 12.45
C PHE D 133 -48.97 3.57 11.02
N GLU D 134 -47.91 2.73 10.83
CA GLU D 134 -47.63 2.16 9.53
C GLU D 134 -48.53 1.05 8.98
N GLY D 135 -48.83 0.01 9.86
CA GLY D 135 -49.59 -1.12 9.35
C GLY D 135 -49.52 -2.31 10.30
N PHE D 136 -50.03 -3.46 9.75
CA PHE D 136 -50.16 -4.66 10.49
C PHE D 136 -49.28 -5.76 10.00
N GLN D 137 -48.87 -6.64 10.85
CA GLN D 137 -48.19 -7.86 10.46
C GLN D 137 -49.09 -8.93 11.09
N LEU D 138 -49.57 -9.97 10.30
CA LEU D 138 -50.35 -11.08 10.88
C LEU D 138 -49.53 -12.39 10.84
N LEU D 139 -49.44 -13.12 11.92
CA LEU D 139 -48.79 -14.34 11.98
C LEU D 139 -49.85 -15.36 12.19
N HIS D 140 -49.96 -16.36 11.24
CA HIS D 140 -50.98 -17.44 11.27
C HIS D 140 -50.61 -18.46 10.19
N SER D 141 -51.44 -19.49 10.24
CA SER D 141 -51.48 -20.55 9.30
C SER D 141 -52.87 -20.51 8.69
N VAL D 142 -52.98 -20.96 7.38
CA VAL D 142 -54.21 -21.04 6.66
C VAL D 142 -54.53 -22.50 6.76
N ALA D 143 -53.71 -23.42 7.38
CA ALA D 143 -54.00 -24.83 7.55
C ALA D 143 -55.03 -25.04 8.62
N GLY D 144 -54.82 -24.22 9.70
CA GLY D 144 -55.69 -24.17 10.84
C GLY D 144 -57.12 -23.87 10.45
N GLY D 145 -57.94 -24.08 11.47
CA GLY D 145 -59.36 -23.55 11.61
C GLY D 145 -59.31 -22.15 12.19
N THR D 146 -58.58 -22.11 13.31
CA THR D 146 -58.39 -21.00 14.26
C THR D 146 -57.52 -19.99 13.61
N GLY D 147 -56.36 -20.44 13.13
CA GLY D 147 -55.49 -19.55 12.44
C GLY D 147 -56.22 -18.95 11.17
N SER D 148 -56.93 -19.84 10.43
CA SER D 148 -57.50 -19.46 9.16
C SER D 148 -58.70 -18.51 9.22
N GLY D 149 -59.75 -18.92 9.89
CA GLY D 149 -61.03 -18.25 9.95
C GLY D 149 -61.02 -17.01 10.72
N LEU D 150 -60.52 -17.04 11.98
CA LEU D 150 -60.55 -15.88 12.80
C LEU D 150 -59.65 -14.77 12.29
N GLY D 151 -58.46 -15.14 11.75
CA GLY D 151 -57.53 -14.32 10.96
C GLY D 151 -58.15 -13.87 9.71
N SER D 152 -58.92 -14.68 8.94
CA SER D 152 -59.59 -14.16 7.81
C SER D 152 -60.64 -13.11 8.20
N ASN D 153 -61.41 -13.28 9.38
CA ASN D 153 -62.41 -12.29 9.78
C ASN D 153 -61.68 -10.95 10.09
N LEU D 154 -60.55 -10.96 10.85
CA LEU D 154 -59.93 -9.74 11.21
C LEU D 154 -59.36 -8.92 10.03
N LEU D 155 -58.75 -9.63 9.01
CA LEU D 155 -58.12 -9.05 7.90
C LEU D 155 -59.15 -8.26 7.03
N GLU D 156 -60.37 -8.95 6.89
CA GLU D 156 -61.39 -8.43 6.10
C GLU D 156 -61.93 -7.20 6.68
N ALA D 157 -62.14 -7.15 8.04
CA ALA D 157 -62.65 -6.00 8.72
C ALA D 157 -61.65 -4.86 8.60
N LEU D 158 -60.37 -5.16 8.77
CA LEU D 158 -59.31 -4.13 8.73
C LEU D 158 -59.22 -3.44 7.38
N CYS D 159 -59.44 -4.22 6.30
CA CYS D 159 -59.31 -3.77 4.92
C CYS D 159 -60.27 -2.63 4.72
N ASP D 160 -61.51 -2.88 5.16
CA ASP D 160 -62.69 -2.00 5.03
C ASP D 160 -62.47 -0.76 5.92
N ARG D 161 -62.09 -0.98 7.19
CA ARG D 161 -62.05 0.19 8.06
C ARG D 161 -60.98 1.26 7.78
N TYR D 162 -59.67 0.84 7.64
CA TYR D 162 -58.52 1.73 7.64
C TYR D 162 -57.91 1.55 6.28
N PRO D 163 -58.07 2.49 5.34
CA PRO D 163 -57.66 2.29 3.93
C PRO D 163 -56.39 3.15 3.62
N LYS D 164 -55.47 3.27 4.61
CA LYS D 164 -54.24 4.07 4.37
C LYS D 164 -53.14 3.32 5.12
N LYS D 165 -53.41 2.01 5.36
CA LYS D 165 -52.68 1.18 6.24
C LYS D 165 -52.23 -0.02 5.48
N ILE D 166 -50.96 -0.53 5.74
CA ILE D 166 -50.34 -1.64 5.06
C ILE D 166 -50.81 -2.88 5.85
N LEU D 167 -51.13 -3.99 5.15
CA LEU D 167 -51.31 -5.22 5.79
C LEU D 167 -50.34 -6.19 5.21
N THR D 168 -49.46 -6.79 6.02
CA THR D 168 -48.40 -7.73 5.57
C THR D 168 -48.72 -9.03 6.31
N THR D 169 -48.49 -10.28 5.71
CA THR D 169 -48.85 -11.45 6.46
C THR D 169 -47.60 -12.36 6.41
N TYR D 170 -47.51 -13.15 7.50
CA TYR D 170 -46.73 -14.29 7.56
C TYR D 170 -47.63 -15.48 7.65
N SER D 171 -47.75 -16.16 6.49
CA SER D 171 -48.73 -17.18 6.32
C SER D 171 -47.95 -18.45 6.24
N VAL D 172 -48.33 -19.46 7.05
CA VAL D 172 -47.81 -20.79 6.98
C VAL D 172 -48.76 -21.54 6.08
N PHE D 173 -48.17 -22.05 5.08
CA PHE D 173 -48.84 -22.96 4.17
C PHE D 173 -48.47 -24.39 4.63
N PRO D 174 -49.31 -25.38 4.53
CA PRO D 174 -48.92 -26.70 4.98
C PRO D 174 -48.36 -27.42 3.82
N ALA D 175 -47.73 -28.63 4.11
CA ALA D 175 -47.29 -29.58 3.17
C ALA D 175 -48.46 -30.15 2.48
N ARG D 176 -48.20 -30.84 1.33
CA ARG D 176 -49.15 -31.37 0.41
C ARG D 176 -49.17 -32.87 0.67
N SER D 177 -48.56 -33.26 1.77
CA SER D 177 -48.47 -34.62 2.24
C SER D 177 -49.28 -34.77 3.49
N SER D 178 -50.09 -33.82 3.86
CA SER D 178 -50.93 -33.71 5.03
C SER D 178 -51.99 -34.85 4.89
N GLU D 179 -52.43 -35.38 6.04
CA GLU D 179 -53.40 -36.49 6.27
C GLU D 179 -54.85 -36.17 5.81
N VAL D 180 -55.29 -34.90 6.16
CA VAL D 180 -56.64 -34.45 6.04
C VAL D 180 -56.78 -33.75 4.73
N VAL D 181 -58.04 -33.71 4.23
CA VAL D 181 -58.40 -33.16 2.94
C VAL D 181 -59.24 -32.05 3.25
N VAL D 182 -59.78 -31.89 4.49
CA VAL D 182 -60.64 -30.70 4.91
C VAL D 182 -59.82 -29.40 5.03
N GLN D 183 -58.43 -29.60 4.88
CA GLN D 183 -57.46 -28.61 4.70
C GLN D 183 -57.75 -27.61 3.68
N SER D 184 -58.24 -28.17 2.54
CA SER D 184 -58.56 -27.58 1.21
C SER D 184 -59.63 -26.61 1.41
N TYR D 185 -60.65 -26.88 2.28
CA TYR D 185 -61.62 -25.81 2.49
C TYR D 185 -60.98 -24.61 3.17
N ASN D 186 -60.21 -24.90 4.28
CA ASN D 186 -59.67 -23.82 5.04
C ASN D 186 -58.69 -22.91 4.21
N THR D 187 -57.80 -23.55 3.46
CA THR D 187 -56.82 -22.82 2.65
C THR D 187 -57.58 -22.01 1.57
N ILE D 188 -58.56 -22.63 0.84
CA ILE D 188 -59.27 -21.95 -0.20
C ILE D 188 -60.05 -20.71 0.21
N LEU D 189 -60.92 -20.81 1.29
CA LEU D 189 -61.82 -19.77 1.77
C LEU D 189 -61.03 -18.52 2.23
N ALA D 190 -59.92 -18.83 2.93
CA ALA D 190 -58.94 -17.81 3.37
C ALA D 190 -58.14 -17.12 2.36
N LEU D 191 -57.66 -17.89 1.32
CA LEU D 191 -56.68 -17.39 0.34
C LEU D 191 -57.25 -16.21 -0.36
N ARG D 192 -58.60 -16.21 -0.54
CA ARG D 192 -59.24 -15.06 -1.22
C ARG D 192 -59.09 -13.73 -0.53
N ARG D 193 -59.29 -13.74 0.77
CA ARG D 193 -59.20 -12.70 1.77
C ARG D 193 -57.76 -12.34 1.97
N LEU D 194 -56.75 -13.28 1.96
CA LEU D 194 -55.41 -12.96 1.97
C LEU D 194 -54.96 -12.20 0.67
N ILE D 195 -55.50 -12.54 -0.47
CA ILE D 195 -55.19 -11.81 -1.67
C ILE D 195 -55.66 -10.40 -1.72
N GLU D 196 -56.94 -10.19 -1.45
CA GLU D 196 -57.59 -8.92 -1.60
C GLU D 196 -57.30 -8.05 -0.43
N ASP D 197 -57.41 -8.61 0.79
CA ASP D 197 -57.32 -7.74 2.01
C ASP D 197 -55.92 -7.46 2.42
N SER D 198 -54.94 -8.28 1.82
CA SER D 198 -53.53 -8.10 2.18
C SER D 198 -52.81 -7.49 1.11
N ASP D 199 -52.15 -6.38 1.44
CA ASP D 199 -51.19 -5.76 0.51
C ASP D 199 -50.07 -6.71 0.17
N ALA D 200 -49.65 -7.55 1.18
CA ALA D 200 -48.38 -8.30 1.00
C ALA D 200 -48.55 -9.61 1.67
N THR D 201 -48.01 -10.68 1.03
CA THR D 201 -48.05 -12.03 1.61
C THR D 201 -46.64 -12.76 1.57
N VAL D 202 -46.16 -13.18 2.71
CA VAL D 202 -45.07 -14.05 2.84
C VAL D 202 -45.47 -15.52 3.01
N VAL D 203 -45.16 -16.39 2.01
CA VAL D 203 -45.57 -17.69 2.08
C VAL D 203 -44.49 -18.53 2.82
N PHE D 204 -44.92 -19.27 3.90
CA PHE D 204 -44.01 -20.13 4.60
C PHE D 204 -44.51 -21.56 4.34
N ASP D 205 -43.76 -22.32 3.53
CA ASP D 205 -44.17 -23.68 3.16
C ASP D 205 -43.53 -24.65 4.17
N ASN D 206 -44.42 -25.34 4.88
CA ASN D 206 -44.05 -26.19 5.99
C ASN D 206 -43.19 -27.37 5.57
N ALA D 207 -43.29 -27.92 4.35
CA ALA D 207 -42.54 -29.07 3.93
C ALA D 207 -41.00 -28.88 3.94
N SER D 208 -40.58 -27.73 3.45
CA SER D 208 -39.20 -27.29 3.38
C SER D 208 -38.72 -26.97 4.75
N LEU D 209 -39.54 -26.30 5.55
CA LEU D 209 -39.23 -25.87 6.89
C LEU D 209 -39.02 -27.04 7.77
N LEU D 210 -39.83 -28.13 7.58
CA LEU D 210 -39.83 -29.39 8.25
C LEU D 210 -38.52 -30.12 7.97
N ASN D 211 -38.02 -30.06 6.69
CA ASN D 211 -36.78 -30.60 6.29
C ASN D 211 -35.54 -30.00 7.01
N ILE D 212 -35.58 -28.68 7.24
CA ILE D 212 -34.63 -27.97 8.04
C ILE D 212 -34.63 -28.42 9.43
N SER D 213 -35.84 -28.54 10.00
CA SER D 213 -36.02 -28.89 11.37
C SER D 213 -35.45 -30.27 11.69
N GLY D 214 -35.72 -31.35 10.84
CA GLY D 214 -35.16 -32.73 10.99
C GLY D 214 -33.66 -32.64 10.75
N LYS D 215 -33.19 -31.97 9.66
CA LYS D 215 -31.74 -31.94 9.48
C LYS D 215 -30.89 -31.08 10.35
N VAL D 216 -31.18 -29.78 10.38
CA VAL D 216 -30.36 -28.75 10.88
C VAL D 216 -30.36 -28.79 12.41
N PHE D 217 -31.55 -28.90 13.05
CA PHE D 217 -31.72 -28.97 14.48
C PHE D 217 -31.28 -30.28 14.97
N ARG D 218 -31.40 -31.30 14.09
CA ARG D 218 -30.89 -32.60 14.45
C ARG D 218 -31.33 -33.21 15.86
N ASN D 219 -32.60 -33.35 16.18
CA ASN D 219 -33.06 -34.11 17.28
C ASN D 219 -33.87 -35.21 16.63
N PRO D 220 -33.85 -36.51 17.10
CA PRO D 220 -34.59 -37.60 16.47
C PRO D 220 -36.04 -37.34 16.38
N ASN D 221 -36.73 -36.71 17.40
CA ASN D 221 -38.14 -36.33 17.40
C ASN D 221 -38.04 -34.90 17.92
N ILE D 222 -38.76 -34.06 17.26
CA ILE D 222 -38.68 -32.64 17.32
C ILE D 222 -40.10 -32.01 17.57
N ASP D 223 -40.18 -31.30 18.63
CA ASP D 223 -41.31 -30.65 19.10
C ASP D 223 -41.43 -29.31 18.46
N LEU D 224 -42.65 -28.63 18.74
CA LEU D 224 -42.98 -27.37 18.10
C LEU D 224 -41.95 -26.27 18.57
N GLN D 225 -41.52 -26.31 19.86
CA GLN D 225 -40.66 -25.36 20.53
C GLN D 225 -39.38 -25.33 19.85
N HIS D 226 -38.86 -26.54 19.41
CA HIS D 226 -37.69 -26.67 18.60
C HIS D 226 -37.83 -26.07 17.19
N THR D 227 -38.92 -26.31 16.48
CA THR D 227 -39.18 -25.75 15.13
C THR D 227 -39.33 -24.21 15.12
N ASN D 228 -39.92 -23.74 16.24
CA ASN D 228 -40.15 -22.26 16.46
C ASN D 228 -38.96 -21.39 16.54
N GLN D 229 -37.84 -21.97 17.04
CA GLN D 229 -36.58 -21.30 17.15
C GLN D 229 -36.05 -20.84 15.82
N LEU D 230 -36.19 -21.61 14.76
CA LEU D 230 -35.92 -21.28 13.33
C LEU D 230 -36.82 -20.25 12.84
N ILE D 231 -38.10 -20.35 13.18
CA ILE D 231 -39.14 -19.35 12.82
C ILE D 231 -38.85 -17.98 13.42
N SER D 232 -38.47 -17.94 14.70
CA SER D 232 -38.08 -16.76 15.40
C SER D 232 -36.91 -16.06 14.85
N THR D 233 -35.85 -16.80 14.36
CA THR D 233 -34.64 -16.28 13.78
C THR D 233 -34.95 -15.50 12.50
N ILE D 234 -35.83 -16.12 11.72
CA ILE D 234 -36.22 -15.67 10.40
C ILE D 234 -36.93 -14.36 10.60
N ILE D 235 -37.93 -14.27 11.55
CA ILE D 235 -38.73 -13.09 11.83
C ILE D 235 -37.82 -11.98 12.32
N SER D 236 -36.84 -12.36 13.19
CA SER D 236 -35.94 -11.48 13.92
C SER D 236 -35.07 -10.75 12.89
N SER D 237 -34.54 -11.50 11.91
CA SER D 237 -33.71 -10.94 10.85
C SER D 237 -34.54 -9.98 9.99
N VAL D 238 -35.89 -10.20 9.70
CA VAL D 238 -36.62 -9.32 8.81
C VAL D 238 -36.67 -7.90 9.53
N THR D 239 -36.70 -7.89 10.91
CA THR D 239 -36.75 -6.69 11.76
C THR D 239 -35.43 -6.01 12.01
N ASN D 240 -34.28 -6.59 11.60
CA ASN D 240 -32.91 -6.17 11.91
C ASN D 240 -32.75 -4.75 11.58
N SER D 241 -33.30 -4.32 10.37
CA SER D 241 -33.19 -3.08 9.72
C SER D 241 -33.86 -1.96 10.42
N ILE D 242 -34.86 -2.30 11.27
CA ILE D 242 -35.60 -1.36 12.06
C ILE D 242 -34.76 -0.92 13.14
N ARG D 243 -34.06 -1.81 13.84
CA ARG D 243 -33.23 -1.38 14.92
C ARG D 243 -31.93 -0.74 14.56
N PHE D 244 -31.33 -0.87 13.36
CA PHE D 244 -30.22 0.05 12.91
C PHE D 244 -30.79 1.19 12.10
N PRO D 245 -30.39 2.46 12.31
CA PRO D 245 -30.91 3.56 11.53
C PRO D 245 -30.00 3.88 10.43
N SER D 246 -30.63 4.58 9.41
CA SER D 246 -29.98 4.82 8.12
C SER D 246 -29.48 3.45 7.51
N TYR D 247 -30.25 2.36 7.80
CA TYR D 247 -30.11 0.99 7.29
C TYR D 247 -31.48 0.41 7.45
N MET D 248 -32.46 1.35 7.40
CA MET D 248 -33.91 1.11 7.64
C MET D 248 -34.45 1.37 6.27
N TYR D 249 -33.77 0.68 5.35
CA TYR D 249 -34.14 0.69 3.92
C TYR D 249 -34.88 -0.56 3.61
N SER D 250 -35.08 -1.44 4.67
CA SER D 250 -35.98 -2.55 4.64
C SER D 250 -37.11 -2.26 5.55
N SER D 251 -37.38 -0.95 5.83
CA SER D 251 -38.55 -0.59 6.53
C SER D 251 -39.74 -0.70 5.59
N MET D 252 -40.94 -0.51 6.19
CA MET D 252 -42.32 -0.66 5.65
C MET D 252 -42.57 0.25 4.55
N SER D 253 -42.22 1.55 4.57
CA SER D 253 -42.38 2.36 3.44
C SER D 253 -41.58 2.00 2.21
N SER D 254 -40.28 1.77 2.41
CA SER D 254 -39.36 1.41 1.34
C SER D 254 -39.45 0.10 0.74
N ILE D 255 -39.94 -0.97 1.50
CA ILE D 255 -40.30 -2.29 1.05
C ILE D 255 -41.52 -2.21 0.20
N TYR D 256 -42.54 -1.40 0.63
CA TYR D 256 -43.80 -1.31 0.02
C TYR D 256 -43.54 -0.75 -1.36
N SER D 257 -42.67 0.29 -1.49
CA SER D 257 -42.33 0.91 -2.77
C SER D 257 -41.64 -0.03 -3.70
N THR D 258 -40.69 -0.87 -3.28
CA THR D 258 -40.02 -1.84 -4.10
C THR D 258 -40.79 -3.07 -4.66
N LEU D 259 -41.62 -3.73 -3.77
CA LEU D 259 -42.23 -5.05 -3.99
C LEU D 259 -43.33 -5.17 -5.01
N ILE D 260 -44.20 -4.11 -5.05
CA ILE D 260 -45.43 -4.21 -5.80
C ILE D 260 -45.20 -3.29 -7.08
N PRO D 261 -44.95 -3.82 -8.27
CA PRO D 261 -44.92 -2.95 -9.49
C PRO D 261 -46.17 -3.26 -10.33
N SER D 262 -47.06 -4.10 -9.87
CA SER D 262 -48.29 -4.41 -10.52
C SER D 262 -49.20 -4.65 -9.25
N PRO D 263 -50.47 -4.44 -9.32
CA PRO D 263 -51.43 -4.57 -8.18
C PRO D 263 -51.60 -6.01 -7.87
N GLU D 264 -51.42 -6.92 -8.81
CA GLU D 264 -51.65 -8.31 -8.54
C GLU D 264 -50.55 -8.84 -7.75
N LEU D 265 -49.32 -8.46 -8.18
CA LEU D 265 -48.08 -8.98 -7.69
C LEU D 265 -47.58 -8.30 -6.36
N HIS D 266 -47.29 -9.15 -5.36
CA HIS D 266 -46.96 -8.73 -4.05
C HIS D 266 -46.82 -9.97 -3.22
N PHE D 267 -46.74 -11.13 -3.88
CA PHE D 267 -46.65 -12.43 -3.31
C PHE D 267 -45.12 -12.67 -3.12
N LEU D 268 -44.68 -13.01 -1.89
CA LEU D 268 -43.35 -13.28 -1.58
C LEU D 268 -43.12 -14.67 -1.29
N SER D 269 -41.82 -15.08 -1.62
CA SER D 269 -41.18 -16.31 -1.11
C SER D 269 -40.01 -15.73 -0.39
N PRO D 270 -39.73 -16.32 0.75
CA PRO D 270 -38.58 -15.90 1.54
C PRO D 270 -37.40 -16.84 1.35
N SER D 271 -36.15 -16.47 1.60
CA SER D 271 -34.97 -17.38 1.77
C SER D 271 -34.11 -16.83 2.83
N PHE D 272 -33.33 -17.66 3.55
CA PHE D 272 -32.58 -17.13 4.65
C PHE D 272 -31.31 -17.97 4.74
N THR D 273 -30.08 -17.44 5.21
CA THR D 273 -28.84 -18.22 5.45
C THR D 273 -28.16 -17.54 6.61
N PRO D 274 -27.54 -18.13 7.68
CA PRO D 274 -27.67 -19.54 8.04
C PRO D 274 -28.33 -19.46 9.38
N PHE D 275 -27.93 -20.26 10.35
CA PHE D 275 -28.50 -20.18 11.70
C PHE D 275 -27.28 -20.36 12.67
N THR D 276 -27.48 -20.03 13.93
CA THR D 276 -26.55 -20.21 15.06
C THR D 276 -27.35 -20.11 16.30
N SER D 277 -28.67 -19.95 16.26
CA SER D 277 -29.55 -19.61 17.48
C SER D 277 -30.41 -20.81 17.86
N ASP D 278 -29.95 -22.00 17.49
CA ASP D 278 -30.60 -23.23 17.67
C ASP D 278 -29.61 -24.14 18.29
N TYR D 279 -29.54 -25.36 17.86
CA TYR D 279 -28.75 -26.44 18.32
C TYR D 279 -27.24 -26.30 18.12
N ILE D 280 -26.42 -27.07 18.89
CA ILE D 280 -25.01 -26.96 18.78
C ILE D 280 -24.48 -27.29 17.43
N HIS D 281 -23.64 -26.36 16.98
CA HIS D 281 -23.01 -26.39 15.67
C HIS D 281 -21.95 -25.33 15.65
N ASP D 282 -20.94 -25.59 14.76
CA ASP D 282 -19.83 -24.75 14.61
C ASP D 282 -20.10 -23.85 13.49
N ASP D 283 -20.01 -22.55 13.68
CA ASP D 283 -20.34 -21.53 12.69
C ASP D 283 -19.34 -20.32 12.81
N ILE D 284 -18.15 -20.62 13.43
CA ILE D 284 -17.09 -19.69 13.26
C ILE D 284 -16.58 -19.85 11.84
N ALA D 285 -16.95 -20.98 11.15
CA ALA D 285 -16.44 -21.40 9.77
C ALA D 285 -16.85 -20.29 8.79
N HIS D 286 -15.79 -19.91 7.94
CA HIS D 286 -15.85 -18.76 7.04
C HIS D 286 -16.94 -18.95 6.05
N LYS D 287 -17.44 -17.84 5.62
CA LYS D 287 -18.52 -17.63 4.63
C LYS D 287 -18.04 -16.32 4.13
N CYS D 288 -18.65 -15.86 3.03
CA CYS D 288 -18.27 -14.65 2.29
C CYS D 288 -19.51 -14.13 1.82
N HIS D 289 -19.57 -13.02 1.18
CA HIS D 289 -20.81 -12.57 0.54
C HIS D 289 -21.19 -13.44 -0.58
N SER D 290 -20.25 -13.97 -1.33
CA SER D 290 -20.50 -15.03 -2.34
C SER D 290 -21.04 -16.32 -1.79
N SER D 291 -20.54 -16.78 -0.66
CA SER D 291 -20.88 -18.02 -0.02
C SER D 291 -22.33 -18.01 0.36
N TYR D 292 -22.72 -16.85 0.93
CA TYR D 292 -24.01 -16.54 1.35
C TYR D 292 -24.93 -16.51 0.11
N ASP D 293 -24.51 -15.83 -0.99
CA ASP D 293 -25.31 -15.64 -2.12
C ASP D 293 -25.57 -17.04 -2.85
N VAL D 294 -24.54 -17.98 -2.88
CA VAL D 294 -24.78 -19.35 -3.40
C VAL D 294 -25.74 -20.12 -2.54
N MET D 295 -25.61 -19.97 -1.21
CA MET D 295 -26.48 -20.67 -0.27
C MET D 295 -27.91 -20.44 -0.24
N LEU D 296 -28.38 -19.20 -0.53
CA LEU D 296 -29.76 -18.82 -0.56
C LEU D 296 -30.49 -19.57 -1.62
N ASP D 297 -29.88 -19.97 -2.74
CA ASP D 297 -30.48 -20.76 -3.75
C ASP D 297 -30.76 -22.26 -3.37
N LEU D 298 -29.88 -22.80 -2.48
CA LEU D 298 -30.05 -24.11 -1.91
C LEU D 298 -31.38 -24.23 -1.15
N LEU D 299 -32.05 -25.40 -1.33
CA LEU D 299 -33.43 -25.68 -0.98
C LEU D 299 -33.64 -25.87 0.44
N ASP D 300 -32.60 -26.42 1.26
CA ASP D 300 -32.88 -26.56 2.67
C ASP D 300 -32.85 -25.29 3.44
N PRO D 301 -31.83 -24.38 3.35
CA PRO D 301 -31.82 -23.04 3.83
C PRO D 301 -33.03 -22.17 3.64
N SER D 302 -33.81 -22.50 2.60
CA SER D 302 -34.95 -21.81 2.20
C SER D 302 -36.04 -22.49 2.93
N ASN D 303 -36.76 -21.63 3.68
CA ASN D 303 -37.65 -22.08 4.72
C ASN D 303 -39.02 -22.28 4.10
N SER D 304 -39.21 -22.10 2.76
CA SER D 304 -40.35 -22.31 2.00
C SER D 304 -39.93 -23.12 0.84
N LEU D 305 -40.90 -23.87 0.13
CA LEU D 305 -40.61 -24.64 -1.04
C LEU D 305 -40.49 -23.64 -2.17
N VAL D 306 -39.24 -23.40 -2.66
CA VAL D 306 -38.93 -22.50 -3.74
C VAL D 306 -39.55 -22.85 -5.04
N SER D 307 -39.64 -24.13 -5.31
CA SER D 307 -40.22 -24.72 -6.55
C SER D 307 -39.62 -24.04 -7.76
N THR D 308 -38.32 -23.72 -7.67
CA THR D 308 -37.65 -22.96 -8.71
C THR D 308 -37.14 -23.95 -9.75
N ALA D 309 -37.60 -25.23 -9.67
CA ALA D 309 -37.40 -26.44 -10.51
C ALA D 309 -38.40 -26.53 -11.63
N MET D 310 -39.00 -25.42 -11.99
CA MET D 310 -39.94 -25.31 -13.03
C MET D 310 -39.38 -25.45 -14.43
N ASN D 311 -40.13 -26.05 -15.31
CA ASN D 311 -39.78 -26.30 -16.68
C ASN D 311 -39.44 -25.11 -17.58
N ASN D 312 -40.17 -24.07 -17.39
CA ASN D 312 -39.79 -22.80 -17.99
C ASN D 312 -38.93 -22.19 -17.04
N PRO D 313 -37.92 -21.45 -17.37
CA PRO D 313 -36.93 -20.91 -16.36
C PRO D 313 -37.54 -19.87 -15.47
N THR D 314 -37.33 -20.06 -14.14
CA THR D 314 -37.82 -19.28 -13.08
C THR D 314 -37.79 -17.74 -13.31
N TYR D 315 -38.92 -17.08 -13.38
CA TYR D 315 -38.94 -15.64 -13.65
C TYR D 315 -38.96 -14.96 -12.36
N PHE D 316 -37.89 -14.29 -11.86
CA PHE D 316 -37.93 -13.54 -10.64
C PHE D 316 -38.30 -12.15 -11.02
N ASN D 317 -39.30 -11.63 -10.33
CA ASN D 317 -39.82 -10.28 -10.44
C ASN D 317 -38.98 -9.28 -9.71
N VAL D 318 -38.55 -9.58 -8.45
CA VAL D 318 -37.71 -8.64 -7.72
C VAL D 318 -37.02 -9.55 -6.73
N TYR D 319 -35.80 -9.13 -6.31
CA TYR D 319 -35.05 -9.86 -5.37
C TYR D 319 -34.53 -8.77 -4.49
N ASN D 320 -34.59 -8.98 -3.17
CA ASN D 320 -34.12 -7.97 -2.31
C ASN D 320 -33.22 -8.80 -1.34
N THR D 321 -31.97 -8.32 -1.07
CA THR D 321 -31.14 -8.93 -0.02
C THR D 321 -30.76 -7.90 1.09
N ILE D 322 -30.99 -8.28 2.38
CA ILE D 322 -30.49 -7.51 3.53
C ILE D 322 -29.40 -8.35 4.23
N ILE D 323 -28.15 -7.77 4.25
CA ILE D 323 -26.95 -8.36 4.69
C ILE D 323 -26.53 -7.89 6.09
N GLY D 324 -26.16 -8.80 7.06
CA GLY D 324 -25.74 -8.36 8.34
C GLY D 324 -24.40 -9.05 8.46
N ASN D 325 -23.37 -8.19 8.68
CA ASN D 325 -22.01 -8.60 8.54
C ASN D 325 -21.02 -7.67 9.23
N VAL D 326 -19.69 -8.14 9.10
CA VAL D 326 -18.55 -7.41 9.48
C VAL D 326 -17.59 -7.38 8.31
N GLU D 327 -17.78 -8.20 7.20
CA GLU D 327 -16.88 -8.39 6.05
C GLU D 327 -16.61 -7.09 5.25
N PRO D 328 -15.49 -6.80 4.63
CA PRO D 328 -15.13 -5.62 3.85
C PRO D 328 -16.18 -5.32 2.85
N ARG D 329 -16.83 -4.15 2.94
CA ARG D 329 -17.87 -3.71 2.02
C ARG D 329 -17.58 -3.50 0.54
N GLN D 330 -16.34 -2.98 0.24
CA GLN D 330 -15.89 -2.73 -1.15
C GLN D 330 -15.79 -3.98 -1.94
N ILE D 331 -15.30 -5.10 -1.28
CA ILE D 331 -15.26 -6.43 -1.88
C ILE D 331 -16.69 -6.84 -2.10
N SER D 332 -17.62 -6.61 -1.11
CA SER D 332 -19.02 -7.00 -1.19
C SER D 332 -19.72 -6.25 -2.27
N ARG D 333 -19.42 -4.94 -2.46
CA ARG D 333 -20.05 -4.15 -3.50
C ARG D 333 -19.66 -4.66 -4.91
N ALA D 334 -18.35 -5.05 -5.04
CA ALA D 334 -17.90 -5.57 -6.32
C ALA D 334 -18.64 -6.87 -6.70
N MET D 335 -18.85 -7.76 -5.72
CA MET D 335 -19.66 -8.98 -6.01
C MET D 335 -21.09 -8.73 -6.34
N THR D 336 -21.68 -7.72 -5.59
CA THR D 336 -23.09 -7.33 -5.74
C THR D 336 -23.27 -6.76 -7.14
N LYS D 337 -22.30 -6.02 -7.73
CA LYS D 337 -22.38 -5.59 -9.04
C LYS D 337 -22.42 -6.68 -10.05
N LEU D 338 -21.62 -7.77 -9.93
CA LEU D 338 -21.66 -8.85 -10.85
C LEU D 338 -22.97 -9.56 -10.75
N GLN D 339 -23.44 -9.70 -9.45
CA GLN D 339 -24.65 -10.54 -9.26
C GLN D 339 -25.86 -10.00 -9.94
N GLN D 340 -25.88 -8.70 -9.85
CA GLN D 340 -26.85 -7.96 -10.50
C GLN D 340 -26.87 -7.91 -11.96
N ARG D 341 -25.67 -7.73 -12.58
CA ARG D 341 -25.44 -7.71 -14.01
C ARG D 341 -25.72 -8.96 -14.72
N ILE D 342 -25.35 -10.11 -14.16
CA ILE D 342 -25.58 -11.38 -14.79
C ILE D 342 -27.04 -11.74 -14.96
N LYS D 343 -27.90 -11.21 -13.97
CA LYS D 343 -29.35 -11.37 -13.85
C LYS D 343 -29.69 -12.81 -13.91
N PHE D 344 -29.11 -13.62 -12.95
CA PHE D 344 -29.20 -15.05 -12.89
C PHE D 344 -30.47 -15.78 -13.05
N PRO D 345 -31.60 -15.39 -12.54
CA PRO D 345 -32.88 -16.02 -12.95
C PRO D 345 -33.37 -15.15 -14.06
N SER D 346 -34.40 -15.64 -14.84
CA SER D 346 -35.04 -14.87 -15.91
C SER D 346 -35.90 -13.64 -15.35
N TRP D 347 -36.42 -12.69 -16.25
CA TRP D 347 -37.27 -11.62 -15.80
C TRP D 347 -38.24 -11.37 -16.93
N SER D 348 -39.18 -10.45 -16.73
CA SER D 348 -40.10 -9.90 -17.69
C SER D 348 -39.53 -9.59 -19.11
N SER D 349 -40.41 -9.49 -20.07
CA SER D 349 -40.01 -8.94 -21.39
C SER D 349 -40.79 -7.72 -21.61
N SER D 350 -41.59 -7.25 -20.65
CA SER D 350 -42.21 -5.98 -20.73
C SER D 350 -41.42 -5.00 -19.92
N ALA D 351 -40.40 -5.51 -19.18
CA ALA D 351 -39.54 -4.67 -18.40
C ALA D 351 -38.29 -5.39 -18.13
N MET D 352 -37.25 -4.71 -17.61
CA MET D 352 -36.01 -5.24 -17.12
C MET D 352 -36.11 -5.86 -15.79
N HIS D 353 -34.97 -6.32 -15.21
CA HIS D 353 -34.91 -7.01 -13.86
C HIS D 353 -34.54 -5.99 -12.81
N VAL D 354 -34.77 -6.23 -11.50
CA VAL D 354 -34.39 -5.40 -10.39
C VAL D 354 -33.83 -6.32 -9.34
N ASN D 355 -32.57 -6.06 -8.91
CA ASN D 355 -31.98 -6.89 -7.85
C ASN D 355 -31.34 -5.83 -6.94
N ILE D 356 -31.68 -5.74 -5.60
CA ILE D 356 -31.11 -4.78 -4.72
C ILE D 356 -30.52 -5.46 -3.54
N GLY D 357 -29.58 -4.74 -2.88
CA GLY D 357 -28.86 -5.16 -1.72
C GLY D 357 -28.84 -4.03 -0.78
N ARG D 358 -28.92 -4.34 0.52
CA ARG D 358 -28.80 -3.48 1.65
C ARG D 358 -27.71 -4.12 2.51
N ARG D 359 -26.84 -3.34 3.13
CA ARG D 359 -25.78 -3.79 4.00
C ARG D 359 -26.22 -3.16 5.33
N SER D 360 -26.19 -3.83 6.52
CA SER D 360 -26.53 -3.23 7.79
C SER D 360 -25.57 -3.92 8.85
N PRO D 361 -25.17 -3.32 9.96
CA PRO D 361 -24.35 -4.00 10.93
C PRO D 361 -25.35 -4.59 11.94
N TYR D 362 -24.84 -5.39 12.92
CA TYR D 362 -25.69 -6.12 13.90
C TYR D 362 -25.23 -5.72 15.28
N LEU D 363 -26.10 -6.01 16.27
CA LEU D 363 -25.83 -5.86 17.65
C LEU D 363 -24.67 -6.61 18.32
N PRO D 364 -23.81 -6.00 19.21
CA PRO D 364 -22.84 -6.64 20.04
C PRO D 364 -23.50 -6.78 21.40
N LEU D 365 -23.69 -8.02 21.92
CA LEU D 365 -24.51 -8.33 23.13
C LEU D 365 -24.03 -9.69 23.68
N GLN D 366 -23.31 -10.44 22.84
CA GLN D 366 -22.76 -11.68 23.27
C GLN D 366 -21.38 -11.68 22.62
N PRO D 367 -20.54 -12.64 22.90
CA PRO D 367 -19.34 -12.81 22.11
C PRO D 367 -19.68 -12.90 20.61
N ASN D 368 -18.97 -12.00 19.79
CA ASN D 368 -19.21 -11.77 18.43
C ASN D 368 -18.49 -12.97 17.72
N GLU D 369 -19.28 -13.78 17.01
CA GLU D 369 -18.94 -14.95 16.21
C GLU D 369 -18.24 -14.44 14.90
N ASN D 370 -18.65 -13.25 14.36
CA ASN D 370 -18.22 -12.53 13.15
C ASN D 370 -18.68 -13.40 11.96
N GLU D 371 -19.87 -13.98 11.95
CA GLU D 371 -20.38 -14.73 10.82
C GLU D 371 -21.49 -14.06 10.17
N VAL D 372 -21.33 -13.84 8.84
CA VAL D 372 -22.22 -13.13 7.94
C VAL D 372 -23.47 -13.92 7.75
N SER D 373 -24.59 -13.20 7.71
CA SER D 373 -25.88 -13.72 7.57
C SER D 373 -26.52 -12.76 6.64
N GLY D 374 -27.68 -13.21 6.12
CA GLY D 374 -28.51 -12.38 5.33
C GLY D 374 -29.86 -13.00 5.17
N MET D 375 -30.94 -12.16 4.77
CA MET D 375 -32.24 -12.55 4.49
C MET D 375 -32.60 -12.07 3.12
N MET D 376 -33.36 -12.86 2.36
CA MET D 376 -33.81 -12.57 0.98
C MET D 376 -35.29 -12.51 1.06
N LEU D 377 -35.77 -11.47 0.41
CA LEU D 377 -37.20 -11.23 0.24
C LEU D 377 -37.32 -11.15 -1.24
N SER D 378 -38.16 -12.02 -1.89
CA SER D 378 -38.29 -12.09 -3.33
C SER D 378 -39.64 -12.29 -3.72
N ASN D 379 -39.92 -11.82 -4.95
CA ASN D 379 -41.11 -12.01 -5.77
C ASN D 379 -40.70 -12.92 -6.87
N MET D 380 -41.21 -14.19 -6.80
CA MET D 380 -40.91 -15.25 -7.75
C MET D 380 -42.25 -15.86 -8.27
N SER D 381 -42.32 -16.21 -9.57
CA SER D 381 -43.45 -16.72 -10.34
C SER D 381 -43.83 -18.11 -10.04
N THR D 382 -42.90 -18.82 -9.33
CA THR D 382 -43.06 -20.12 -8.91
C THR D 382 -44.18 -20.35 -7.94
N VAL D 383 -44.63 -19.32 -7.22
CA VAL D 383 -45.68 -19.35 -6.29
C VAL D 383 -46.91 -19.86 -6.94
N VAL D 384 -47.07 -19.72 -8.29
CA VAL D 384 -48.23 -20.21 -9.06
C VAL D 384 -48.46 -21.71 -8.83
N ASN D 385 -47.37 -22.43 -8.66
CA ASN D 385 -47.42 -23.87 -8.39
C ASN D 385 -48.24 -24.27 -7.17
N VAL D 386 -48.17 -23.44 -6.08
CA VAL D 386 -48.98 -23.74 -4.91
C VAL D 386 -50.47 -23.62 -5.31
N PHE D 387 -50.75 -22.51 -6.10
CA PHE D 387 -52.14 -22.16 -6.43
C PHE D 387 -52.80 -23.19 -7.23
N GLU D 388 -52.07 -23.83 -8.18
CA GLU D 388 -52.55 -24.97 -9.01
C GLU D 388 -52.86 -26.23 -8.21
N ASN D 389 -52.00 -26.51 -7.23
CA ASN D 389 -52.19 -27.57 -6.28
C ASN D 389 -53.46 -27.36 -5.44
N ALA D 390 -53.77 -26.11 -5.00
CA ALA D 390 -54.90 -25.72 -4.19
C ALA D 390 -56.17 -25.97 -5.01
N CYS D 391 -56.05 -25.65 -6.35
CA CYS D 391 -57.21 -25.93 -7.33
C CYS D 391 -57.51 -27.36 -7.44
N ASN D 392 -56.40 -28.21 -7.51
CA ASN D 392 -56.49 -29.67 -7.74
C ASN D 392 -57.25 -30.25 -6.55
N THR D 393 -56.89 -29.81 -5.30
CA THR D 393 -57.50 -30.23 -4.07
C THR D 393 -58.95 -29.80 -4.00
N PHE D 394 -59.25 -28.53 -4.47
CA PHE D 394 -60.56 -27.98 -4.38
C PHE D 394 -61.53 -28.74 -5.22
N ASP D 395 -61.10 -29.11 -6.44
CA ASP D 395 -61.96 -29.80 -7.30
C ASP D 395 -62.34 -31.15 -6.66
N LYS D 396 -61.37 -31.91 -6.05
CA LYS D 396 -61.74 -33.16 -5.35
C LYS D 396 -62.66 -33.09 -4.10
N VAL D 397 -62.46 -32.10 -3.18
CA VAL D 397 -63.31 -31.99 -2.01
C VAL D 397 -64.78 -31.66 -2.30
N PHE D 398 -64.96 -30.71 -3.29
CA PHE D 398 -66.27 -30.26 -3.83
C PHE D 398 -66.97 -31.43 -4.52
N ALA D 399 -66.18 -32.22 -5.32
CA ALA D 399 -66.67 -33.35 -6.06
C ALA D 399 -67.24 -34.44 -5.20
N LYS D 400 -66.50 -34.67 -4.09
CA LYS D 400 -66.91 -35.75 -3.12
C LYS D 400 -68.17 -35.48 -2.40
N GLY D 401 -68.46 -34.19 -2.03
CA GLY D 401 -69.63 -33.73 -1.36
C GLY D 401 -69.38 -33.87 0.12
N ALA D 402 -68.18 -33.53 0.62
CA ALA D 402 -67.84 -33.92 1.97
C ALA D 402 -68.04 -32.60 2.67
N PHE D 403 -69.06 -32.67 3.59
CA PHE D 403 -69.31 -31.69 4.60
C PHE D 403 -69.66 -30.31 4.07
N LEU D 404 -70.64 -30.32 3.03
CA LEU D 404 -71.11 -29.11 2.41
C LEU D 404 -72.09 -28.34 3.22
N ASN D 405 -72.81 -29.06 4.12
CA ASN D 405 -73.85 -28.64 4.99
C ASN D 405 -73.57 -27.49 5.83
N ASN D 406 -72.38 -27.43 6.56
CA ASN D 406 -72.14 -26.34 7.47
C ASN D 406 -72.08 -25.00 6.81
N TYR D 407 -71.50 -24.85 5.61
CA TYR D 407 -71.39 -23.80 4.65
C TYR D 407 -72.64 -23.35 4.04
N ASN D 408 -73.56 -24.31 3.69
CA ASN D 408 -74.80 -23.95 3.06
C ASN D 408 -75.75 -23.07 3.87
N VAL D 409 -75.77 -23.09 5.25
CA VAL D 409 -76.57 -22.28 6.13
C VAL D 409 -76.24 -20.88 5.94
N GLY D 410 -75.00 -20.53 5.63
CA GLY D 410 -74.58 -19.15 5.36
C GLY D 410 -74.90 -18.77 3.94
N ASP D 411 -75.32 -17.49 3.78
CA ASP D 411 -75.85 -16.85 2.66
C ASP D 411 -74.88 -16.76 1.53
N LEU D 412 -73.57 -16.55 1.88
CA LEU D 412 -72.50 -16.37 0.86
C LEU D 412 -72.36 -17.58 -0.03
N PHE D 413 -72.51 -18.81 0.63
CA PHE D 413 -72.28 -20.20 0.13
C PHE D 413 -73.61 -20.86 0.08
N GLN D 414 -74.80 -20.25 -0.07
CA GLN D 414 -76.07 -20.83 0.00
C GLN D 414 -76.43 -22.09 -0.80
N SER D 415 -75.96 -22.29 -1.97
CA SER D 415 -76.10 -23.49 -2.80
C SER D 415 -74.62 -23.82 -3.17
N MET D 416 -74.18 -25.05 -2.87
CA MET D 416 -72.82 -25.59 -2.93
C MET D 416 -71.90 -24.65 -2.21
N GLN D 417 -70.88 -24.11 -2.89
CA GLN D 417 -70.10 -23.02 -2.32
C GLN D 417 -69.91 -22.13 -3.45
N ASN D 418 -70.65 -21.02 -3.46
CA ASN D 418 -70.51 -20.08 -4.52
C ASN D 418 -69.18 -19.34 -4.49
N VAL D 419 -68.71 -19.05 -3.22
CA VAL D 419 -67.43 -18.58 -2.94
C VAL D 419 -66.31 -19.45 -3.35
N GLN D 420 -66.39 -20.80 -3.17
CA GLN D 420 -65.28 -21.56 -3.60
C GLN D 420 -64.96 -21.58 -5.10
N ASP D 421 -66.08 -21.69 -5.85
CA ASP D 421 -66.07 -21.65 -7.32
C ASP D 421 -65.58 -20.25 -7.79
N GLU D 422 -66.09 -19.13 -7.14
CA GLU D 422 -65.78 -17.77 -7.54
C GLU D 422 -64.28 -17.43 -7.35
N PHE D 423 -63.70 -17.88 -6.18
CA PHE D 423 -62.31 -17.76 -5.85
C PHE D 423 -61.46 -18.53 -6.79
N ALA D 424 -61.89 -19.79 -7.16
CA ALA D 424 -61.17 -20.70 -8.03
C ALA D 424 -60.89 -20.08 -9.42
N GLU D 425 -61.92 -19.38 -9.98
CA GLU D 425 -61.80 -18.71 -11.20
C GLU D 425 -60.90 -17.53 -11.18
N SER D 426 -60.99 -16.71 -10.12
CA SER D 426 -60.23 -15.46 -9.94
C SER D 426 -58.77 -15.74 -9.89
N ARG D 427 -58.43 -16.78 -9.06
CA ARG D 427 -57.04 -17.17 -8.81
C ARG D 427 -56.28 -17.71 -10.06
N GLU D 428 -57.01 -18.44 -10.99
CA GLU D 428 -56.58 -18.92 -12.33
C GLU D 428 -56.26 -17.71 -13.18
N VAL D 429 -57.06 -16.62 -13.13
CA VAL D 429 -56.85 -15.41 -13.92
C VAL D 429 -55.56 -14.76 -13.46
N VAL D 430 -55.31 -14.82 -12.12
CA VAL D 430 -54.14 -14.23 -11.48
C VAL D 430 -52.93 -14.87 -12.00
N GLN D 431 -52.91 -16.26 -12.08
CA GLN D 431 -51.79 -17.07 -12.51
C GLN D 431 -51.41 -16.86 -13.95
N SER D 432 -52.44 -16.68 -14.84
CA SER D 432 -52.20 -16.38 -16.21
C SER D 432 -51.52 -15.04 -16.33
N LEU D 433 -51.93 -14.08 -15.52
CA LEU D 433 -51.38 -12.72 -15.60
C LEU D 433 -49.97 -12.77 -15.26
N MET D 434 -49.55 -13.61 -14.25
CA MET D 434 -48.17 -13.66 -13.76
C MET D 434 -47.33 -14.21 -14.91
N GLU D 435 -47.89 -15.17 -15.73
CA GLU D 435 -47.31 -15.72 -16.92
C GLU D 435 -47.20 -14.64 -17.98
N ASP D 436 -48.19 -13.72 -18.08
CA ASP D 436 -48.32 -12.65 -19.06
C ASP D 436 -47.23 -11.66 -18.87
N TYR D 437 -46.73 -11.48 -17.59
CA TYR D 437 -45.82 -10.45 -17.32
C TYR D 437 -44.56 -10.70 -18.09
N VAL D 438 -44.30 -11.98 -18.36
CA VAL D 438 -43.13 -12.31 -19.17
C VAL D 438 -43.28 -11.79 -20.63
N ALA D 439 -44.50 -11.74 -21.17
CA ALA D 439 -44.81 -11.21 -22.40
C ALA D 439 -44.59 -9.66 -22.39
N ALA D 440 -43.95 -9.21 -23.49
CA ALA D 440 -43.60 -7.85 -23.80
C ALA D 440 -44.80 -6.88 -24.00
N GLU D 441 -45.94 -7.48 -24.54
CA GLU D 441 -47.12 -6.79 -25.10
C GLU D 441 -47.90 -5.91 -24.16
N GLN D 442 -47.61 -6.13 -22.82
CA GLN D 442 -48.32 -5.44 -21.73
C GLN D 442 -48.30 -3.91 -21.87
N ASP D 443 -47.12 -3.42 -22.28
CA ASP D 443 -46.95 -2.09 -22.79
C ASP D 443 -46.64 -2.26 -24.24
N SER D 444 -47.18 -1.40 -25.06
CA SER D 444 -47.04 -1.42 -26.53
C SER D 444 -47.50 -0.03 -26.89
N TYR D 445 -47.70 0.79 -25.88
CA TYR D 445 -48.17 2.13 -26.14
C TYR D 445 -47.05 3.11 -26.57
N UNK E 1 33.05 47.08 4.06
CA UNK E 1 34.49 46.76 4.47
C UNK E 1 35.42 47.12 3.39
N UNK E 2 35.36 46.19 2.36
CA UNK E 2 36.03 46.30 1.11
C UNK E 2 35.54 47.49 0.26
N UNK E 3 34.21 47.80 0.33
CA UNK E 3 33.48 48.93 -0.24
C UNK E 3 34.06 50.16 0.38
N UNK E 4 34.32 50.12 1.70
CA UNK E 4 34.91 51.29 2.34
C UNK E 4 36.27 51.61 1.85
N UNK E 5 37.12 50.53 1.56
CA UNK E 5 38.43 50.70 0.96
C UNK E 5 38.28 51.25 -0.43
N UNK E 6 37.27 50.80 -1.30
CA UNK E 6 37.30 51.25 -2.70
C UNK E 6 37.15 52.74 -2.79
N UNK E 7 36.19 53.31 -1.95
CA UNK E 7 35.94 54.79 -1.97
C UNK E 7 37.19 55.57 -1.61
N UNK E 8 37.89 54.97 -0.59
CA UNK E 8 39.16 55.47 -0.03
C UNK E 8 40.21 55.49 -1.10
N UNK E 9 40.24 54.40 -1.94
CA UNK E 9 41.28 54.18 -2.91
C UNK E 9 41.24 55.24 -3.89
N UNK E 10 40.03 55.63 -4.37
CA UNK E 10 39.83 56.72 -5.36
C UNK E 10 40.25 58.01 -4.83
N UNK E 11 39.91 58.31 -3.53
CA UNK E 11 40.34 59.53 -2.90
C UNK E 11 41.91 59.61 -2.79
N UNK E 12 42.51 58.48 -2.39
CA UNK E 12 43.89 58.32 -2.16
C UNK E 12 44.61 58.48 -3.52
N UNK E 13 44.23 57.84 -4.64
CA UNK E 13 45.03 57.91 -5.87
C UNK E 13 45.13 59.36 -6.39
N UNK E 14 44.01 60.19 -6.34
CA UNK E 14 44.08 61.65 -6.64
C UNK E 14 45.02 62.44 -5.65
N UNK E 15 44.96 62.07 -4.34
CA UNK E 15 45.71 62.74 -3.29
C UNK E 15 47.11 62.57 -3.56
N UNK E 16 47.52 61.40 -4.03
CA UNK E 16 48.89 60.98 -4.32
C UNK E 16 49.57 61.74 -5.37
N UNK E 17 48.83 62.08 -6.44
CA UNK E 17 49.27 62.89 -7.55
C UNK E 17 49.52 64.27 -7.10
N UNK E 18 48.56 64.79 -6.26
CA UNK E 18 48.50 66.11 -5.65
C UNK E 18 49.63 66.29 -4.77
N UNK E 19 49.92 65.21 -4.02
CA UNK E 19 50.97 65.05 -3.08
C UNK E 19 52.27 65.25 -3.76
N UNK E 20 52.39 64.61 -5.02
CA UNK E 20 53.57 64.49 -5.83
C UNK E 20 53.92 65.87 -6.25
N UNK E 21 52.90 66.73 -6.67
CA UNK E 21 53.22 68.02 -7.10
C UNK E 21 53.90 68.85 -6.02
N UNK E 22 53.63 68.62 -4.78
CA UNK E 22 54.23 69.27 -3.66
C UNK E 22 55.72 69.14 -3.52
N UNK E 23 56.24 67.92 -3.60
CA UNK E 23 57.62 67.50 -3.54
C UNK E 23 58.34 68.13 -4.71
N UNK E 24 57.70 68.10 -5.88
CA UNK E 24 58.28 68.58 -7.05
C UNK E 24 58.53 70.07 -6.95
N UNK E 25 57.51 70.80 -6.37
CA UNK E 25 57.56 72.19 -6.08
C UNK E 25 58.61 72.59 -5.10
N UNK E 26 58.77 71.78 -4.01
CA UNK E 26 59.71 71.88 -2.92
C UNK E 26 61.16 71.79 -3.29
N UNK E 27 61.60 70.71 -4.00
CA UNK E 27 62.98 70.56 -4.33
C UNK E 27 63.52 71.55 -5.36
N UNK E 28 62.64 72.01 -6.25
CA UNK E 28 63.03 73.05 -7.21
C UNK E 28 63.29 74.37 -6.40
N UNK E 29 62.60 74.54 -5.19
CA UNK E 29 62.85 75.68 -4.37
C UNK E 29 64.29 75.62 -3.87
N UNK E 30 64.81 74.48 -3.47
CA UNK E 30 66.15 74.27 -2.89
C UNK E 30 67.25 74.70 -3.94
N UNK E 31 66.96 74.41 -5.23
CA UNK E 31 67.82 74.70 -6.27
C UNK E 31 67.93 76.21 -6.41
N UNK E 32 66.83 77.00 -6.24
CA UNK E 32 66.89 78.47 -6.23
C UNK E 32 67.61 78.94 -5.11
N UNK E 33 67.40 78.34 -3.91
CA UNK E 33 68.00 78.72 -2.64
C UNK E 33 69.47 78.49 -2.73
N UNK E 34 69.85 77.37 -3.28
CA UNK E 34 71.25 77.02 -3.59
C UNK E 34 71.82 77.90 -4.64
N UNK E 35 71.10 78.26 -5.74
CA UNK E 35 71.61 79.13 -6.78
C UNK E 35 71.90 80.49 -6.22
N UNK E 36 71.16 81.06 -5.21
CA UNK E 36 71.42 82.36 -4.50
C UNK E 36 72.73 82.23 -3.75
N UNK E 37 73.00 81.12 -3.16
CA UNK E 37 74.17 80.86 -2.41
C UNK E 37 75.43 80.84 -3.16
N UNK E 38 75.31 80.24 -4.42
CA UNK E 38 76.30 80.08 -5.39
C UNK E 38 76.68 81.44 -5.93
N UNK E 39 75.63 82.24 -6.16
CA UNK E 39 75.78 83.57 -6.66
C UNK E 39 76.62 84.40 -5.71
N UNK E 40 76.38 84.47 -4.34
CA UNK E 40 77.02 85.40 -3.47
C UNK E 40 78.48 85.03 -3.31
N UNK E 41 78.81 83.71 -3.20
CA UNK E 41 80.13 83.08 -3.02
C UNK E 41 80.95 83.40 -4.27
N UNK E 42 80.25 83.19 -5.42
CA UNK E 42 80.86 83.36 -6.74
C UNK E 42 81.40 84.75 -6.89
N UNK E 43 80.62 85.81 -6.44
CA UNK E 43 81.16 87.09 -6.57
C UNK E 43 82.36 87.28 -5.71
N UNK E 44 82.26 86.81 -4.43
CA UNK E 44 83.25 86.97 -3.48
C UNK E 44 84.55 86.19 -3.73
N UNK F 1 31.72 48.43 -21.41
CA UNK F 1 31.28 48.44 -19.96
C UNK F 1 32.04 49.44 -19.15
N UNK F 2 31.37 49.87 -18.08
CA UNK F 2 31.85 50.89 -17.20
C UNK F 2 33.10 50.66 -16.41
N UNK F 3 33.25 49.42 -15.93
CA UNK F 3 34.24 48.91 -15.01
C UNK F 3 35.62 49.06 -15.68
N UNK F 4 35.62 48.69 -16.96
CA UNK F 4 36.80 48.76 -17.85
C UNK F 4 37.22 50.22 -18.05
N UNK F 5 36.28 51.08 -18.26
CA UNK F 5 36.48 52.47 -18.44
C UNK F 5 37.07 53.20 -17.31
N UNK F 6 36.59 52.86 -16.05
CA UNK F 6 37.09 53.35 -14.82
C UNK F 6 38.51 52.87 -14.53
N UNK F 7 38.83 51.58 -14.80
CA UNK F 7 40.08 50.91 -14.62
C UNK F 7 41.11 51.54 -15.52
N UNK F 8 40.78 51.88 -16.76
CA UNK F 8 41.72 52.61 -17.66
C UNK F 8 42.00 53.98 -17.02
N UNK F 9 41.00 54.66 -16.40
CA UNK F 9 41.28 55.97 -15.86
C UNK F 9 42.30 55.86 -14.82
N UNK F 10 42.21 54.88 -13.97
CA UNK F 10 43.02 54.60 -12.83
C UNK F 10 44.46 54.31 -13.28
N UNK F 11 44.70 53.50 -14.31
CA UNK F 11 46.06 53.29 -14.89
C UNK F 11 46.58 54.61 -15.51
N UNK F 12 45.82 55.44 -16.18
CA UNK F 12 46.29 56.65 -16.74
C UNK F 12 46.84 57.61 -15.62
N UNK F 13 46.06 57.73 -14.48
CA UNK F 13 46.36 58.58 -13.32
C UNK F 13 47.58 57.96 -12.70
N UNK F 14 47.66 56.62 -12.58
CA UNK F 14 48.84 56.00 -11.96
C UNK F 14 50.07 56.25 -12.71
N UNK F 15 50.02 56.23 -14.07
CA UNK F 15 51.20 56.44 -14.94
C UNK F 15 51.75 57.79 -14.76
N UNK F 16 50.87 58.86 -14.65
CA UNK F 16 51.21 60.25 -14.44
C UNK F 16 51.97 60.56 -13.17
N UNK F 17 51.43 59.85 -12.12
CA UNK F 17 51.96 59.76 -10.80
C UNK F 17 53.33 59.14 -10.76
N UNK F 18 53.51 58.01 -11.53
CA UNK F 18 54.75 57.29 -11.61
C UNK F 18 55.77 58.23 -12.24
N UNK F 19 55.57 58.95 -13.31
CA UNK F 19 56.46 59.88 -13.91
C UNK F 19 56.81 60.99 -13.00
N UNK F 20 55.84 61.46 -12.22
CA UNK F 20 55.88 62.44 -11.27
C UNK F 20 56.83 62.13 -10.18
N UNK F 21 57.00 60.80 -9.89
CA UNK F 21 57.90 60.12 -8.98
C UNK F 21 59.32 60.16 -9.55
N UNK F 22 59.49 59.77 -10.85
CA UNK F 22 60.74 59.60 -11.67
C UNK F 22 61.38 61.05 -11.80
N UNK F 23 60.65 62.10 -12.10
CA UNK F 23 61.00 63.51 -12.30
C UNK F 23 61.44 64.01 -10.90
N UNK F 24 60.81 63.50 -9.78
CA UNK F 24 61.20 63.81 -8.46
C UNK F 24 62.49 63.30 -8.11
N UNK F 25 62.81 62.12 -8.62
CA UNK F 25 64.23 61.60 -8.40
C UNK F 25 65.14 62.46 -9.22
N UNK F 26 64.85 63.05 -10.43
CA UNK F 26 65.79 63.91 -11.09
C UNK F 26 66.15 65.11 -10.29
N UNK F 27 65.21 65.67 -9.50
CA UNK F 27 65.41 66.80 -8.63
C UNK F 27 66.39 66.51 -7.50
N UNK F 28 66.30 65.29 -6.95
CA UNK F 28 67.03 64.60 -5.90
C UNK F 28 68.47 64.74 -6.35
N UNK F 29 68.75 64.32 -7.63
CA UNK F 29 70.02 64.34 -8.24
C UNK F 29 70.44 65.73 -8.52
N UNK F 30 69.62 66.64 -9.01
CA UNK F 30 69.92 68.06 -9.40
C UNK F 30 70.42 68.79 -8.13
N UNK F 31 69.76 68.57 -6.92
CA UNK F 31 70.18 69.19 -5.63
C UNK F 31 71.49 68.72 -5.18
N UNK F 32 71.80 67.44 -5.42
CA UNK F 32 73.08 66.81 -5.15
C UNK F 32 74.22 67.46 -6.01
N UNK F 33 74.01 67.72 -7.33
CA UNK F 33 74.96 68.33 -8.20
C UNK F 33 75.14 69.72 -7.76
N UNK F 34 74.03 70.50 -7.41
CA UNK F 34 74.17 71.82 -6.83
C UNK F 34 74.79 71.88 -5.46
N UNK F 35 74.69 70.89 -4.62
CA UNK F 35 75.34 70.84 -3.34
C UNK F 35 76.82 70.81 -3.41
N UNK F 36 77.46 70.02 -4.24
CA UNK F 36 78.95 69.95 -4.13
C UNK F 36 79.65 71.25 -4.58
N UNK F 37 79.01 71.92 -5.53
CA UNK F 37 79.43 73.19 -6.13
C UNK F 37 79.59 74.28 -5.10
N UNK F 38 78.72 74.33 -4.06
CA UNK F 38 78.74 75.27 -3.04
C UNK F 38 79.96 75.20 -2.18
N UNK F 39 80.41 73.91 -1.86
CA UNK F 39 81.52 73.62 -1.11
C UNK F 39 82.70 74.20 -1.74
N UNK F 40 82.84 73.96 -3.07
CA UNK F 40 84.00 74.33 -3.89
C UNK F 40 84.11 75.83 -3.96
N UNK F 41 82.95 76.53 -4.03
CA UNK F 41 82.69 77.95 -4.04
C UNK F 41 83.14 78.60 -2.82
N UNK F 42 82.83 78.02 -1.64
CA UNK F 42 83.16 78.61 -0.34
C UNK F 42 84.71 78.61 -0.24
N UNK F 43 85.38 77.51 -0.63
CA UNK F 43 86.85 77.43 -0.57
C UNK F 43 87.44 78.47 -1.52
N UNK F 44 86.99 78.60 -2.77
CA UNK F 44 87.53 79.52 -3.84
C UNK F 44 86.64 80.76 -3.79
N GLN A 55 84.34 63.76 14.75
CA GLN A 55 85.29 62.92 14.05
C GLN A 55 84.96 61.55 14.49
N GLU A 56 85.79 61.02 15.47
CA GLU A 56 85.43 59.73 16.04
C GLU A 56 84.11 59.82 16.82
N ALA A 57 83.83 61.00 17.45
CA ALA A 57 82.61 61.28 18.11
C ALA A 57 81.52 61.21 17.15
N LEU A 58 81.66 61.74 15.90
CA LEU A 58 80.61 61.73 14.99
C LEU A 58 80.29 60.27 14.62
N VAL A 59 81.30 59.41 14.34
CA VAL A 59 81.08 58.06 13.77
C VAL A 59 80.32 57.25 14.80
N VAL A 60 80.73 57.42 16.09
CA VAL A 60 80.06 56.63 17.20
C VAL A 60 78.59 57.03 17.32
N LYS A 61 78.33 58.33 17.19
CA LYS A 61 77.06 58.90 17.29
C LYS A 61 76.11 58.36 16.18
N ASP A 62 76.65 58.25 14.96
CA ASP A 62 76.01 57.79 13.75
C ASP A 62 75.58 56.37 13.90
N LEU A 63 76.45 55.64 14.51
CA LEU A 63 76.35 54.14 14.83
C LEU A 63 75.18 54.01 15.77
N LEU A 64 74.96 54.87 16.72
CA LEU A 64 73.81 54.79 17.65
C LEU A 64 72.52 54.99 16.81
N ASN A 65 72.50 55.94 15.89
CA ASN A 65 71.41 56.33 15.09
C ASN A 65 71.00 55.15 14.15
N VAL A 66 71.96 54.39 13.58
CA VAL A 66 71.80 53.23 12.69
C VAL A 66 71.12 52.07 13.42
N LEU A 67 71.44 51.83 14.72
CA LEU A 67 70.98 50.69 15.52
C LEU A 67 69.48 50.77 15.62
N ILE A 68 68.85 52.03 15.71
CA ILE A 68 67.40 52.18 15.83
C ILE A 68 66.73 51.82 14.63
N GLY A 69 67.36 51.77 13.45
CA GLY A 69 66.58 51.36 12.29
C GLY A 69 65.83 52.47 11.67
N LEU A 70 66.20 53.77 11.93
CA LEU A 70 65.43 54.99 11.45
C LEU A 70 65.13 55.04 10.02
N GLU A 71 63.91 55.49 9.74
CA GLU A 71 63.47 55.62 8.35
C GLU A 71 62.50 56.76 8.40
N GLY A 72 62.47 57.64 7.39
CA GLY A 72 61.70 58.92 7.48
C GLY A 72 61.86 59.78 6.28
N THR A 73 62.38 60.98 6.47
CA THR A 73 62.75 61.91 5.45
C THR A 73 64.26 61.79 5.31
N TYR A 74 64.92 60.90 6.08
CA TYR A 74 66.37 60.83 6.19
C TYR A 74 66.84 59.74 5.27
N ILE A 75 66.46 58.47 5.57
CA ILE A 75 66.72 57.23 4.77
C ILE A 75 65.46 56.87 4.09
N ARG A 76 65.40 57.15 2.72
CA ARG A 76 64.08 57.22 2.06
C ARG A 76 63.67 55.93 1.49
N TYR A 77 62.32 55.86 1.17
CA TYR A 77 61.55 54.81 0.67
C TYR A 77 60.89 55.02 -0.69
N PHE A 78 61.18 54.07 -1.60
CA PHE A 78 60.53 53.91 -2.90
C PHE A 78 59.85 52.58 -2.61
N ASN A 79 58.55 52.49 -2.93
CA ASN A 79 57.60 51.59 -2.29
C ASN A 79 57.77 50.11 -2.43
N ASP A 80 58.15 49.45 -3.58
CA ASP A 80 58.11 47.93 -3.56
C ASP A 80 59.51 47.47 -3.06
N ILE A 90 61.29 50.69 -5.40
CA ILE A 90 62.45 49.80 -5.21
C ILE A 90 62.73 49.34 -3.84
N GLU A 91 62.70 50.23 -2.84
CA GLU A 91 63.02 50.10 -1.43
C GLU A 91 63.70 51.37 -0.99
N PHE A 92 64.54 51.22 -0.02
CA PHE A 92 65.35 52.03 0.77
C PHE A 92 66.50 52.50 0.05
N LYS A 93 66.82 53.79 0.14
CA LYS A 93 68.06 54.26 -0.36
C LYS A 93 68.57 55.10 0.73
N ILE A 94 69.90 55.18 0.67
CA ILE A 94 70.68 55.64 1.79
C ILE A 94 71.68 56.66 1.35
N ALA A 95 72.09 57.52 2.34
CA ALA A 95 73.20 58.51 2.26
C ALA A 95 74.49 57.71 2.04
N LYS A 96 75.40 58.17 1.10
CA LYS A 96 76.62 57.45 0.78
C LYS A 96 77.79 57.96 1.48
N LYS A 97 77.74 59.04 2.29
CA LYS A 97 78.90 59.60 2.91
C LYS A 97 79.75 58.64 3.77
N MET A 98 79.10 57.74 4.47
CA MET A 98 79.71 56.81 5.35
C MET A 98 80.85 55.82 4.82
N ASP A 99 81.90 55.66 5.62
CA ASP A 99 83.10 54.85 5.55
C ASP A 99 82.78 53.42 5.00
N PRO A 100 83.76 52.73 4.42
CA PRO A 100 83.59 51.38 3.87
C PRO A 100 83.22 50.38 4.83
N SER A 101 83.80 50.34 6.07
CA SER A 101 83.49 49.33 7.05
C SER A 101 82.10 49.43 7.60
N PHE A 102 81.69 50.73 7.85
CA PHE A 102 80.49 51.15 8.41
C PHE A 102 79.44 50.67 7.39
N LYS A 103 79.71 50.89 6.07
CA LYS A 103 78.88 50.58 4.96
C LYS A 103 78.62 49.09 4.87
N THR A 104 79.67 48.29 5.11
CA THR A 104 79.56 46.84 5.08
C THR A 104 78.63 46.37 6.20
N PHE A 105 78.77 46.94 7.45
CA PHE A 105 77.97 46.57 8.45
C PHE A 105 76.52 46.82 8.24
N SER A 106 76.18 48.07 7.73
CA SER A 106 74.90 48.47 7.35
C SER A 106 74.39 47.56 6.23
N ARG A 107 75.18 47.01 5.27
CA ARG A 107 74.72 46.23 4.15
C ARG A 107 74.16 45.02 4.78
N ARG A 108 74.82 44.41 5.81
CA ARG A 108 74.20 43.29 6.35
C ARG A 108 72.87 43.54 7.00
N ILE A 109 72.86 44.64 7.79
CA ILE A 109 71.75 45.18 8.44
C ILE A 109 70.54 45.58 7.57
N VAL A 110 70.74 46.16 6.35
CA VAL A 110 69.68 46.53 5.44
C VAL A 110 68.99 45.26 5.01
N ARG A 111 69.74 44.08 4.80
CA ARG A 111 69.14 42.84 4.35
C ARG A 111 68.13 42.37 5.36
N TYR A 112 68.60 42.42 6.63
CA TYR A 112 67.74 42.12 7.76
C TYR A 112 66.52 42.95 7.96
N GLY A 113 66.64 44.30 7.85
CA GLY A 113 65.59 45.23 8.03
C GLY A 113 64.51 45.12 7.01
N LYS A 114 65.07 44.81 5.76
CA LYS A 114 64.26 44.65 4.57
C LYS A 114 63.33 43.49 4.78
N GLN A 115 63.90 42.33 5.26
CA GLN A 115 63.24 41.10 5.46
C GLN A 115 62.14 41.38 6.56
N TYR A 116 62.47 42.18 7.61
CA TYR A 116 61.50 42.38 8.64
C TYR A 116 60.21 43.02 8.15
N MET A 117 60.42 44.04 7.29
CA MET A 117 59.44 44.88 6.65
C MET A 117 58.62 44.04 5.71
N ILE A 118 59.36 43.14 5.01
CA ILE A 118 58.87 42.28 4.03
C ILE A 118 57.92 41.29 4.55
N LEU A 119 58.26 40.67 5.71
CA LEU A 119 57.41 39.80 6.42
C LEU A 119 56.17 40.48 6.91
N THR A 120 56.25 41.74 7.36
CA THR A 120 55.11 42.55 7.86
C THR A 120 54.10 42.66 6.80
N ARG A 121 54.53 42.86 5.54
CA ARG A 121 53.68 42.86 4.39
C ARG A 121 53.00 41.52 4.18
N ALA A 122 53.77 40.46 4.25
CA ALA A 122 53.39 39.07 3.94
C ALA A 122 52.39 38.59 4.90
N TYR A 123 52.58 38.86 6.22
CA TYR A 123 51.67 38.42 7.23
C TYR A 123 50.33 39.10 7.13
N GLU A 124 50.32 40.44 6.80
CA GLU A 124 49.07 41.22 6.70
C GLU A 124 48.21 40.53 5.67
N LYS A 125 48.79 40.06 4.52
CA LYS A 125 48.16 39.40 3.35
C LYS A 125 47.59 38.14 3.73
N TRP A 126 48.30 37.39 4.53
CA TRP A 126 48.04 36.05 4.96
C TRP A 126 46.94 36.02 5.93
N SER A 127 46.74 37.16 6.71
CA SER A 127 45.57 37.33 7.59
C SER A 127 44.77 38.36 6.84
N ASP A 128 43.81 38.98 7.64
CA ASP A 128 42.89 40.05 7.20
C ASP A 128 41.90 39.70 6.18
N THR A 129 42.32 39.55 4.93
CA THR A 129 41.33 39.43 3.81
C THR A 129 41.52 38.11 3.09
N SER A 130 42.06 37.12 3.77
CA SER A 130 42.45 35.88 3.24
C SER A 130 41.46 34.81 3.25
N PHE A 131 41.83 33.75 2.46
CA PHE A 131 41.00 32.64 2.06
C PHE A 131 41.87 31.40 2.31
N GLY A 132 42.65 31.41 3.38
CA GLY A 132 43.52 30.37 3.82
C GLY A 132 43.58 30.22 5.32
N MET A 133 43.10 29.06 5.85
CA MET A 133 43.15 28.89 7.26
C MET A 133 44.55 28.80 7.71
N VAL A 134 45.44 28.09 6.93
CA VAL A 134 46.84 27.80 7.22
C VAL A 134 47.68 29.04 7.27
N LEU A 135 47.42 29.90 6.35
CA LEU A 135 47.95 31.23 6.21
C LEU A 135 47.53 32.05 7.40
N GLN A 136 46.23 32.04 7.89
CA GLN A 136 46.07 32.83 9.08
C GLN A 136 46.78 32.42 10.34
N ARG A 137 46.77 31.06 10.52
CA ARG A 137 47.38 30.55 11.69
C ARG A 137 48.84 30.75 11.77
N PHE A 138 49.46 30.58 10.56
CA PHE A 138 50.88 30.70 10.26
C PHE A 138 51.34 32.18 10.47
N ALA A 139 50.50 33.16 9.93
CA ALA A 139 50.84 34.54 10.17
C ALA A 139 50.84 34.87 11.66
N TYR A 140 49.82 34.35 12.39
CA TYR A 140 49.64 34.80 13.76
C TYR A 140 50.84 34.39 14.60
N GLU A 141 51.20 33.12 14.36
CA GLU A 141 52.22 32.56 15.15
C GLU A 141 53.55 33.18 14.96
N ILE A 142 53.85 33.48 13.69
CA ILE A 142 55.11 33.93 13.24
C ILE A 142 55.28 35.23 13.84
N ARG A 143 54.20 36.02 13.80
CA ARG A 143 54.27 37.38 14.25
C ARG A 143 54.62 37.47 15.75
N ARG A 144 53.93 36.58 16.53
CA ARG A 144 54.21 36.61 17.95
C ARG A 144 55.64 36.24 18.31
N PHE A 145 56.21 35.19 17.67
CA PHE A 145 57.51 34.72 18.01
C PHE A 145 58.62 35.68 17.70
N LEU A 146 58.50 36.22 16.46
CA LEU A 146 59.54 37.17 15.94
C LEU A 146 59.56 38.38 16.76
N GLU A 147 58.33 38.89 17.13
CA GLU A 147 58.23 40.12 17.83
C GLU A 147 58.88 40.05 19.16
N ASP A 148 58.64 38.96 19.85
CA ASP A 148 59.16 38.82 21.19
C ASP A 148 60.67 38.83 21.20
N VAL A 149 61.32 38.10 20.28
CA VAL A 149 62.75 38.04 20.33
C VAL A 149 63.32 39.37 20.06
N TYR A 150 62.81 40.02 18.95
CA TYR A 150 63.55 41.16 18.35
C TYR A 150 63.56 42.34 19.32
N LEU A 151 62.31 42.52 19.83
CA LEU A 151 62.00 43.56 20.76
C LEU A 151 62.77 43.52 22.06
N LYS A 152 62.84 42.37 22.67
CA LYS A 152 63.53 42.27 23.97
C LYS A 152 64.98 42.61 23.91
N THR A 153 65.59 41.94 22.90
CA THR A 153 66.98 41.86 22.75
C THR A 153 67.59 43.16 22.47
N LEU A 154 66.92 43.81 21.49
CA LEU A 154 67.40 45.04 20.89
C LEU A 154 67.31 46.08 21.94
N VAL A 155 66.17 46.14 22.69
CA VAL A 155 65.92 47.24 23.60
C VAL A 155 66.93 47.26 24.77
N GLU A 156 67.16 46.07 25.28
CA GLU A 156 68.00 45.90 26.45
C GLU A 156 69.41 46.33 26.08
N ARG A 157 69.88 45.97 24.88
CA ARG A 157 71.21 46.40 24.48
C ARG A 157 71.37 47.88 24.36
N LEU A 158 70.33 48.49 23.72
CA LEU A 158 70.31 49.88 23.39
C LEU A 158 70.30 50.80 24.63
N GLU A 159 69.47 50.43 25.66
CA GLU A 159 69.38 51.15 26.83
C GLU A 159 70.68 51.13 27.60
N ARG A 160 71.34 49.94 27.62
CA ARG A 160 72.64 49.85 28.18
C ARG A 160 73.66 50.67 27.38
N ASP A 161 73.66 50.65 26.03
CA ASP A 161 74.62 51.37 25.17
C ASP A 161 74.50 52.81 25.32
N PHE A 162 73.30 53.41 25.41
CA PHE A 162 73.27 54.89 25.57
C PHE A 162 73.87 55.17 26.88
N ASN A 163 73.49 54.40 27.88
CA ASN A 163 73.84 54.65 29.32
C ASN A 163 75.29 54.68 29.62
N LYS A 164 76.03 53.66 29.10
CA LYS A 164 77.40 53.39 29.55
C LYS A 164 78.24 54.55 29.17
N VAL A 165 78.19 54.99 27.89
CA VAL A 165 78.88 56.04 27.30
C VAL A 165 77.81 56.40 26.36
N PRO A 166 77.62 57.65 25.87
CA PRO A 166 76.44 57.97 25.01
C PRO A 166 76.32 57.21 23.71
N ASN A 167 77.38 56.40 23.38
CA ASN A 167 77.42 55.59 22.21
C ASN A 167 78.16 54.32 22.69
N PHE A 168 77.92 53.16 22.00
CA PHE A 168 78.52 51.90 22.34
C PHE A 168 78.47 50.94 21.21
N SER A 169 79.38 49.96 21.23
CA SER A 169 79.51 48.91 20.16
C SER A 169 78.36 48.05 19.73
N ILE A 170 78.08 48.06 18.37
CA ILE A 170 77.06 47.24 17.73
C ILE A 170 77.27 45.69 17.81
N ARG A 171 78.56 45.38 17.65
CA ARG A 171 78.94 44.09 17.12
C ARG A 171 78.44 42.88 17.90
N GLU A 172 78.54 42.83 19.29
CA GLU A 172 78.23 41.67 20.11
C GLU A 172 76.77 41.40 20.05
N LEU A 173 75.83 42.46 20.05
CA LEU A 173 74.44 42.36 19.96
C LEU A 173 74.19 41.73 18.68
N GLU A 174 74.87 42.21 17.60
CA GLU A 174 74.56 41.75 16.28
C GLU A 174 74.86 40.36 16.08
N GLN A 175 76.02 39.83 16.56
CA GLN A 175 76.26 38.44 16.35
C GLN A 175 75.27 37.44 17.07
N ILE A 176 74.86 37.65 18.41
CA ILE A 176 74.03 36.69 19.08
C ILE A 176 72.69 36.63 18.36
N ILE A 177 72.05 37.77 18.06
CA ILE A 177 70.74 37.94 17.47
C ILE A 177 70.78 37.32 16.15
N ASN A 178 71.91 37.51 15.44
CA ASN A 178 71.98 37.10 14.04
C ASN A 178 71.74 35.66 13.86
N GLU A 179 72.25 34.75 14.71
CA GLU A 179 72.06 33.33 14.41
C GLU A 179 70.59 33.01 14.52
N THR A 180 70.00 33.54 15.61
CA THR A 180 68.64 33.13 15.91
C THR A 180 67.73 33.59 14.81
N GLU A 181 67.84 34.86 14.38
CA GLU A 181 67.00 35.64 13.48
C GLU A 181 66.91 35.04 12.18
N VAL A 182 68.21 34.75 11.65
CA VAL A 182 68.44 34.53 10.24
C VAL A 182 67.66 33.37 9.75
N ASN A 183 67.86 32.26 10.56
CA ASN A 183 67.51 31.03 10.06
C ASN A 183 66.06 31.03 9.90
N LYS A 184 65.37 31.47 11.01
CA LYS A 184 63.93 31.20 10.99
C LYS A 184 63.41 32.00 9.88
N GLN A 185 63.71 33.31 9.83
CA GLN A 185 62.90 34.18 9.08
C GLN A 185 63.06 33.93 7.58
N MET A 186 64.36 33.75 7.14
CA MET A 186 64.68 33.64 5.76
C MET A 186 64.14 32.46 5.07
N GLU A 187 64.19 31.26 5.68
CA GLU A 187 63.74 30.10 5.05
C GLU A 187 62.30 30.12 4.84
N LEU A 188 61.48 30.59 5.88
CA LEU A 188 60.04 30.63 5.67
C LEU A 188 59.67 31.55 4.58
N LEU A 189 60.14 32.80 4.51
CA LEU A 189 59.71 33.75 3.54
C LEU A 189 60.09 33.40 2.09
N TYR A 190 61.26 32.93 1.83
CA TYR A 190 61.72 32.55 0.50
C TYR A 190 60.94 31.40 -0.13
N ASN A 191 60.60 30.33 0.65
CA ASN A 191 59.73 29.26 0.19
C ASN A 191 58.30 29.69 -0.12
N ILE A 192 57.70 30.50 0.76
CA ILE A 192 56.33 30.97 0.62
C ILE A 192 56.14 31.85 -0.60
N TYR A 193 57.09 32.78 -0.86
CA TYR A 193 57.13 33.74 -1.91
C TYR A 193 57.21 32.96 -3.23
N GLU A 194 58.03 31.87 -3.20
CA GLU A 194 58.22 31.08 -4.44
C GLU A 194 56.83 30.48 -4.82
N GLU A 195 56.06 29.98 -3.78
CA GLU A 195 54.76 29.42 -3.92
C GLU A 195 53.77 30.50 -4.43
N ILE A 196 53.85 31.74 -3.91
CA ILE A 196 52.95 32.80 -4.08
C ILE A 196 52.93 33.18 -5.57
N PHE A 197 54.15 33.22 -6.16
CA PHE A 197 54.35 33.41 -7.63
C PHE A 197 53.77 32.28 -8.42
N ARG A 198 53.98 30.98 -7.88
CA ARG A 198 53.50 29.82 -8.65
C ARG A 198 51.99 29.92 -8.70
N GLU A 199 51.31 30.29 -7.61
CA GLU A 199 49.90 30.38 -7.53
C GLU A 199 49.28 31.42 -8.44
N ILE A 200 49.91 32.59 -8.55
CA ILE A 200 49.46 33.62 -9.44
C ILE A 200 49.60 33.16 -10.87
N GLU A 201 50.68 32.48 -11.27
CA GLU A 201 50.93 31.94 -12.57
C GLU A 201 49.97 30.87 -12.97
N GLU A 202 49.52 29.94 -12.09
CA GLU A 202 48.59 28.92 -12.46
C GLU A 202 47.29 29.59 -12.79
N ARG A 203 46.85 30.65 -12.08
CA ARG A 203 45.67 31.43 -12.48
C ARG A 203 45.85 32.16 -13.77
N ARG A 204 47.02 32.72 -14.01
CA ARG A 204 47.40 33.42 -15.26
C ARG A 204 47.42 32.47 -16.46
N THR A 205 47.96 31.24 -16.36
CA THR A 205 48.14 30.31 -17.46
C THR A 205 46.99 29.27 -17.55
N LYS A 243 44.38 24.97 -2.73
CA LYS A 243 45.03 23.65 -3.20
C LYS A 243 45.82 23.04 -2.05
N GLY A 244 44.99 22.70 -1.07
CA GLY A 244 45.31 22.46 0.30
C GLY A 244 46.29 21.39 0.55
N GLY A 245 46.04 20.16 0.03
CA GLY A 245 46.83 18.97 0.17
C GLY A 245 48.16 19.20 -0.52
N ALA A 246 48.18 19.94 -1.70
CA ALA A 246 49.42 20.22 -2.31
C ALA A 246 50.43 21.05 -1.55
N ILE A 247 49.92 22.10 -0.83
CA ILE A 247 50.64 23.01 0.01
C ILE A 247 51.27 22.40 1.16
N LEU A 248 50.54 21.47 1.79
CA LEU A 248 51.03 20.68 2.97
C LEU A 248 52.19 19.89 2.43
N LYS A 249 52.08 19.33 1.21
CA LYS A 249 53.13 18.54 0.64
C LYS A 249 54.40 19.28 0.42
N ILE A 250 54.34 20.57 -0.09
CA ILE A 250 55.50 21.39 -0.34
C ILE A 250 56.11 21.57 1.02
N PHE A 251 55.34 21.82 2.12
CA PHE A 251 55.86 22.08 3.47
C PHE A 251 56.58 20.86 3.95
N GLN A 252 56.13 19.61 3.67
CA GLN A 252 56.88 18.42 4.05
C GLN A 252 58.20 18.34 3.33
N GLN A 253 58.22 18.70 2.03
CA GLN A 253 59.36 18.59 1.16
C GLN A 253 60.46 19.50 1.62
N LYS A 254 60.08 20.71 1.99
CA LYS A 254 60.86 21.78 2.53
C LYS A 254 61.43 21.36 3.91
N ILE A 255 60.58 20.63 4.64
CA ILE A 255 60.97 20.07 5.92
C ILE A 255 62.09 19.07 5.76
N LEU A 256 62.03 18.30 4.75
CA LEU A 256 63.01 17.40 4.31
C LEU A 256 64.29 18.08 3.92
N GLU A 257 64.31 19.24 3.19
CA GLU A 257 65.52 19.95 2.75
C GLU A 257 66.29 20.41 3.98
N ASN A 258 65.46 20.96 4.91
CA ASN A 258 65.78 21.54 6.16
C ASN A 258 66.24 20.51 7.12
N LEU A 259 65.91 19.20 6.91
CA LEU A 259 66.12 18.07 7.82
C LEU A 259 67.59 18.00 8.30
N GLY A 260 68.56 18.30 7.36
CA GLY A 260 69.93 18.43 7.60
C GLY A 260 70.39 19.26 8.77
N ASP A 261 69.58 20.27 9.20
CA ASP A 261 69.82 21.08 10.35
C ASP A 261 68.77 20.73 11.33
N ARG A 262 69.07 20.00 12.45
CA ARG A 262 68.24 19.50 13.53
C ARG A 262 67.47 20.48 14.14
N SER A 263 68.11 21.64 14.38
CA SER A 263 67.53 22.79 15.08
C SER A 263 66.46 23.34 14.28
N SER A 264 66.72 23.57 13.00
CA SER A 264 65.81 24.28 12.10
C SER A 264 64.59 23.56 11.91
N VAL A 265 64.78 22.25 11.64
CA VAL A 265 63.65 21.32 11.44
C VAL A 265 62.82 21.24 12.56
N MET A 266 63.36 21.14 13.78
CA MET A 266 62.48 21.03 14.97
C MET A 266 61.63 22.29 15.17
N PHE A 267 62.24 23.47 14.96
CA PHE A 267 61.50 24.67 15.09
C PHE A 267 60.34 24.74 14.16
N LEU A 268 60.62 24.45 12.89
CA LEU A 268 59.71 24.58 11.81
C LEU A 268 58.56 23.57 12.06
N LYS A 269 58.95 22.38 12.61
CA LYS A 269 58.13 21.29 12.95
C LYS A 269 57.11 21.71 13.94
N LYS A 270 57.52 22.51 14.95
CA LYS A 270 56.60 22.97 15.98
C LYS A 270 55.51 23.76 15.33
N LEU A 271 55.84 24.64 14.28
CA LEU A 271 54.94 25.45 13.54
C LEU A 271 53.99 24.67 12.70
N LEU A 272 54.61 23.55 12.13
CA LEU A 272 53.94 22.59 11.28
C LEU A 272 52.88 21.86 12.02
N ASN A 273 53.15 21.52 13.31
CA ASN A 273 52.22 20.90 14.11
C ASN A 273 51.02 21.74 14.28
N ASN A 274 51.31 23.03 14.54
CA ASN A 274 50.14 23.88 14.81
C ASN A 274 49.19 24.08 13.62
N ILE A 275 49.70 24.17 12.36
CA ILE A 275 48.87 24.16 11.18
C ILE A 275 48.15 22.83 10.94
N SER A 276 48.90 21.75 11.17
CA SER A 276 48.46 20.34 10.97
C SER A 276 47.31 19.98 11.87
N GLN A 277 47.10 20.61 13.00
CA GLN A 277 45.99 20.36 13.87
C GLN A 277 44.74 20.57 13.26
N ASP A 278 44.69 21.61 12.40
CA ASP A 278 43.44 21.90 11.69
C ASP A 278 43.12 20.76 10.70
N TYR A 279 44.19 20.27 10.09
CA TYR A 279 44.09 19.13 9.20
C TYR A 279 43.66 17.89 9.97
N CYS A 280 44.21 17.59 11.14
CA CYS A 280 44.03 16.47 11.94
C CYS A 280 42.62 16.39 12.40
N THR A 281 41.98 17.49 12.78
CA THR A 281 40.60 17.64 13.17
C THR A 281 39.71 17.33 12.04
N MET A 282 40.04 17.80 10.80
CA MET A 282 39.21 17.46 9.65
C MET A 282 39.29 15.98 9.39
N LEU A 283 40.43 15.37 9.45
CA LEU A 283 40.60 13.95 9.18
C LEU A 283 39.82 13.13 10.25
N TYR A 284 39.90 13.58 11.55
CA TYR A 284 39.25 12.83 12.63
C TYR A 284 37.75 12.77 12.39
N GLU A 285 37.17 13.94 12.04
CA GLU A 285 35.77 14.13 11.88
C GLU A 285 35.32 13.22 10.76
N TRP A 286 36.12 13.24 9.68
CA TRP A 286 35.82 12.48 8.54
C TRP A 286 35.89 11.00 8.77
N LEU A 287 37.01 10.44 9.27
CA LEU A 287 37.11 9.03 9.29
C LEU A 287 36.10 8.49 10.25
N THR A 288 35.97 9.11 11.37
CA THR A 288 35.16 8.58 12.39
C THR A 288 33.72 8.89 12.34
N GLN A 289 33.40 10.07 11.85
CA GLN A 289 32.00 10.58 12.04
C GLN A 289 31.45 11.05 10.71
N GLY A 290 32.17 10.70 9.59
CA GLY A 290 31.59 10.90 8.32
C GLY A 290 31.42 12.30 7.85
N ILE A 291 32.06 13.29 8.45
CA ILE A 291 31.85 14.70 8.16
C ILE A 291 33.16 15.51 7.99
N LEU A 292 33.13 16.47 7.04
CA LEU A 292 34.14 17.47 6.79
C LEU A 292 33.73 18.49 5.85
N ASN A 293 34.08 19.76 6.13
CA ASN A 293 33.72 20.81 5.26
C ASN A 293 34.72 21.84 5.56
N ASP A 294 34.92 22.85 4.62
CA ASP A 294 35.97 23.86 4.71
C ASP A 294 35.24 25.04 4.22
N PRO A 295 35.50 26.25 4.87
CA PRO A 295 34.74 27.44 4.46
C PRO A 295 35.17 27.89 3.08
N TYR A 296 36.47 27.67 2.68
CA TYR A 296 36.89 28.27 1.50
C TYR A 296 37.12 27.09 0.57
N GLN A 297 36.54 25.95 0.93
CA GLN A 297 36.78 24.71 0.17
C GLN A 297 38.21 24.58 -0.40
N GLU A 298 39.08 24.06 0.49
CA GLU A 298 40.45 23.78 0.14
C GLU A 298 40.61 22.34 -0.27
N PHE A 299 39.51 21.59 -0.32
CA PHE A 299 39.33 20.24 -0.70
C PHE A 299 38.89 20.33 -2.16
N MET A 300 38.89 19.22 -2.87
CA MET A 300 38.37 19.18 -4.23
C MET A 300 37.24 18.20 -4.12
N THR A 301 36.83 17.73 -2.99
CA THR A 301 35.57 17.10 -2.80
C THR A 301 34.62 18.12 -2.23
N TYR A 302 33.42 18.20 -2.79
CA TYR A 302 32.27 19.17 -2.60
C TYR A 302 31.02 18.42 -2.39
N ASP A 303 30.04 19.03 -1.53
CA ASP A 303 28.76 18.42 -1.28
C ASP A 303 27.78 18.72 -2.44
N ASP A 304 26.71 17.90 -2.66
CA ASP A 304 25.58 17.93 -3.62
C ASP A 304 26.08 17.41 -4.92
N TRP A 320 15.65 13.70 -1.00
CA TRP A 320 16.83 13.34 -1.87
C TRP A 320 17.87 12.70 -1.00
N ASP A 321 18.76 11.92 -1.58
CA ASP A 321 19.77 11.19 -0.75
C ASP A 321 21.02 11.60 -1.28
N THR A 322 21.02 12.49 -2.24
CA THR A 322 22.12 13.34 -2.83
C THR A 322 23.45 12.57 -3.14
N GLN A 323 24.57 13.36 -3.31
CA GLN A 323 25.89 12.81 -3.58
C GLN A 323 26.92 13.73 -3.05
N TYR A 324 28.20 13.38 -3.35
CA TYR A 324 29.34 14.20 -3.03
C TYR A 324 30.12 14.06 -4.33
N PHE A 325 30.99 15.02 -4.80
CA PHE A 325 31.74 14.66 -5.94
C PHE A 325 33.04 15.46 -5.87
N ILE A 326 33.98 15.08 -6.82
CA ILE A 326 35.33 15.64 -7.07
C ILE A 326 35.27 16.68 -8.12
N ARG A 327 35.89 17.89 -7.99
CA ARG A 327 36.07 18.96 -8.99
C ARG A 327 37.40 18.80 -9.37
N LYS A 328 37.56 18.51 -10.67
CA LYS A 328 38.84 18.26 -11.33
C LYS A 328 39.76 19.46 -11.36
N ASP A 329 39.16 20.73 -11.55
CA ASP A 329 39.80 22.01 -11.61
C ASP A 329 40.60 22.37 -10.35
N VAL A 330 39.94 22.11 -9.24
CA VAL A 330 40.46 22.48 -7.94
C VAL A 330 41.63 21.64 -7.34
N LEU A 331 41.67 20.39 -7.94
CA LEU A 331 42.50 19.24 -7.57
C LEU A 331 43.82 19.49 -6.88
N LEU A 332 44.19 18.67 -5.76
CA LEU A 332 45.35 18.65 -4.92
C LEU A 332 45.81 17.29 -4.40
N ARG A 333 46.28 16.45 -5.32
CA ARG A 333 46.88 15.15 -5.00
C ARG A 333 47.95 15.14 -3.97
N ASP A 334 48.33 13.98 -3.53
CA ASP A 334 49.22 13.68 -2.49
C ASP A 334 50.04 12.51 -2.74
N CYS A 335 49.68 11.82 -3.88
CA CYS A 335 50.40 10.76 -4.58
C CYS A 335 49.75 10.65 -5.88
N ASP A 336 50.15 9.70 -6.75
CA ASP A 336 49.62 9.66 -8.08
C ASP A 336 49.44 8.16 -8.50
N SER A 337 48.55 8.01 -9.44
CA SER A 337 48.26 6.83 -10.11
C SER A 337 47.36 6.02 -9.26
N GLU A 338 47.29 4.75 -9.57
CA GLU A 338 46.32 3.87 -8.94
C GLU A 338 46.40 3.63 -7.49
N GLU A 339 47.59 3.60 -6.91
CA GLU A 339 47.80 3.36 -5.49
C GLU A 339 47.16 4.39 -4.57
N ASP A 340 47.40 5.65 -5.14
CA ASP A 340 46.83 6.86 -4.56
C ASP A 340 45.33 6.68 -4.58
N LYS A 341 44.70 6.26 -5.69
CA LYS A 341 43.29 6.18 -5.84
C LYS A 341 42.71 5.15 -4.86
N ASN A 342 43.43 3.94 -4.69
CA ASN A 342 42.86 2.92 -3.81
C ASN A 342 42.70 3.33 -2.37
N LEU A 343 43.77 4.04 -1.84
CA LEU A 343 43.83 4.60 -0.47
C LEU A 343 42.80 5.65 -0.34
N LEU A 344 42.67 6.50 -1.45
CA LEU A 344 41.80 7.58 -1.39
C LEU A 344 40.40 7.11 -1.28
N PHE A 345 40.18 6.05 -2.02
CA PHE A 345 38.92 5.38 -2.18
C PHE A 345 38.51 4.83 -0.87
N LYS A 346 39.38 4.24 -0.01
CA LYS A 346 39.00 3.80 1.27
C LYS A 346 38.61 4.91 2.15
N MET A 347 39.31 6.09 2.15
CA MET A 347 38.91 7.12 3.02
C MET A 347 37.51 7.65 2.70
N LEU A 348 37.26 7.80 1.37
CA LEU A 348 35.98 8.25 0.91
C LEU A 348 34.87 7.38 1.18
N ARG A 349 34.97 6.02 1.03
CA ARG A 349 33.86 5.19 1.39
C ARG A 349 33.50 5.19 2.88
N THR A 350 34.38 5.14 3.88
CA THR A 350 34.03 5.10 5.27
C THR A 350 33.30 6.38 5.71
N GLY A 351 33.78 7.57 5.24
CA GLY A 351 33.02 8.83 5.56
C GLY A 351 31.65 8.97 5.00
N ILE A 352 31.45 8.58 3.74
CA ILE A 352 30.15 8.58 3.11
C ILE A 352 29.22 7.62 3.76
N LEU A 353 29.77 6.39 4.12
CA LEU A 353 28.98 5.29 4.66
C LEU A 353 28.36 5.67 5.97
N LEU A 354 29.19 6.34 6.81
CA LEU A 354 28.75 6.96 7.99
C LEU A 354 27.78 8.07 7.78
N LYS A 355 27.99 8.88 6.75
CA LYS A 355 27.15 9.99 6.54
C LYS A 355 25.73 9.55 6.25
N VAL A 356 25.55 8.43 5.48
CA VAL A 356 24.23 7.82 5.31
C VAL A 356 23.62 7.25 6.55
N VAL A 357 24.47 6.66 7.46
CA VAL A 357 23.95 6.28 8.68
C VAL A 357 23.47 7.46 9.48
N ARG A 358 24.17 8.66 9.42
CA ARG A 358 23.74 9.89 10.08
C ARG A 358 22.46 10.45 9.48
N ALA A 359 22.20 10.38 8.13
CA ALA A 359 21.01 10.85 7.46
C ALA A 359 19.80 10.02 8.02
N SER A 360 20.01 8.74 8.30
CA SER A 360 19.07 7.82 8.92
C SER A 360 18.64 8.26 10.31
N LEU A 361 19.10 9.38 10.84
CA LEU A 361 19.13 9.91 12.22
C LEU A 361 19.55 8.97 13.29
N GLN A 362 20.50 8.04 12.95
CA GLN A 362 20.78 6.98 13.76
C GLN A 362 22.05 7.33 14.45
N ILE A 363 23.11 7.73 13.66
CA ILE A 363 24.34 8.13 14.34
C ILE A 363 24.25 9.63 14.29
N PRO A 364 24.14 10.26 15.48
CA PRO A 364 24.42 11.71 15.60
C PRO A 364 25.73 11.63 16.39
N THR A 365 26.15 10.48 16.89
CA THR A 365 27.32 10.31 17.68
C THR A 365 27.49 8.82 17.48
N ILE A 366 28.77 8.37 17.49
CA ILE A 366 29.11 6.95 17.43
C ILE A 366 28.80 6.33 18.79
N PRO A 367 28.64 5.02 18.93
CA PRO A 367 28.32 4.38 20.20
C PRO A 367 29.66 4.19 20.83
N SER A 368 29.56 3.64 22.07
CA SER A 368 30.60 3.29 22.98
C SER A 368 31.37 2.10 22.29
N ASN A 369 30.60 1.27 21.53
CA ASN A 369 30.97 0.08 20.91
C ASN A 369 31.79 0.54 19.74
N SER A 370 33.14 0.39 19.79
CA SER A 370 34.08 0.90 18.78
C SER A 370 35.40 0.16 18.82
N SER A 371 36.13 0.38 17.76
CA SER A 371 37.48 -0.03 17.47
C SER A 371 38.49 0.92 18.10
N ASP A 372 37.93 1.56 19.19
CA ASP A 372 38.49 2.46 20.20
C ASP A 372 38.66 3.80 19.56
N ILE A 373 37.89 4.75 20.12
CA ILE A 373 37.88 6.17 19.82
C ILE A 373 39.18 6.83 20.27
N THR A 374 39.72 6.40 21.46
CA THR A 374 40.90 6.98 22.04
C THR A 374 42.18 6.81 21.19
N ILE A 375 42.37 5.59 20.62
CA ILE A 375 43.51 5.27 19.78
C ILE A 375 43.59 6.07 18.47
N GLN A 376 42.35 6.20 17.92
CA GLN A 376 42.02 6.92 16.74
C GLN A 376 42.31 8.37 16.92
N GLU A 377 41.98 8.92 18.13
CA GLU A 377 42.28 10.27 18.46
C GLU A 377 43.72 10.66 18.52
N ILE A 378 44.56 9.74 19.12
CA ILE A 378 45.99 9.91 19.26
C ILE A 378 46.63 9.98 17.91
N ASN A 379 46.12 9.05 16.97
CA ASN A 379 46.63 9.06 15.62
C ASN A 379 46.44 10.29 14.82
N ASP A 380 45.21 10.91 14.92
CA ASP A 380 44.90 12.15 14.16
C ASP A 380 45.82 13.29 14.61
N PHE A 381 46.02 13.36 15.94
CA PHE A 381 46.83 14.39 16.54
C PHE A 381 48.30 14.36 16.14
N ALA A 382 48.77 13.07 15.95
CA ALA A 382 50.12 12.76 15.82
C ALA A 382 50.78 13.52 14.66
N ASP A 383 50.08 13.49 13.49
CA ASP A 383 50.50 13.96 12.23
C ASP A 383 51.76 13.27 11.63
N LEU A 384 51.71 11.91 11.45
CA LEU A 384 52.74 11.23 10.69
C LEU A 384 52.20 11.10 9.29
N MET A 385 53.01 11.36 8.28
CA MET A 385 52.62 11.52 6.91
C MET A 385 52.93 10.32 6.16
N GLU A 386 53.15 9.26 6.92
CA GLU A 386 53.32 7.90 6.40
C GLU A 386 52.02 7.32 6.01
N GLY A 387 52.05 6.55 4.86
CA GLY A 387 50.91 5.91 4.35
C GLY A 387 50.52 4.88 5.34
N SER A 388 51.39 4.13 5.95
CA SER A 388 51.12 3.03 6.82
C SER A 388 50.31 3.33 8.03
N ASN A 389 50.65 4.40 8.81
CA ASN A 389 49.81 4.73 9.96
C ASN A 389 48.43 5.22 9.53
N LEU A 390 48.41 5.96 8.40
CA LEU A 390 47.16 6.39 7.82
C LEU A 390 46.36 5.24 7.34
N GLU A 391 46.90 4.19 6.70
CA GLU A 391 46.18 3.08 6.24
C GLU A 391 45.58 2.30 7.43
N LEU A 392 46.32 2.16 8.52
CA LEU A 392 45.85 1.50 9.63
C LEU A 392 44.60 2.04 10.33
N TYR A 393 44.61 3.39 10.48
CA TYR A 393 43.60 4.19 11.11
C TYR A 393 42.36 4.17 10.25
N VAL A 394 42.51 4.20 8.90
CA VAL A 394 41.51 4.08 7.86
C VAL A 394 40.90 2.69 8.03
N ASP A 395 41.70 1.62 8.21
CA ASP A 395 41.10 0.31 8.42
C ASP A 395 40.30 0.07 9.65
N LYS A 396 40.64 0.72 10.77
CA LYS A 396 39.87 0.65 12.01
C LYS A 396 38.57 1.22 11.86
N CYS A 397 38.53 2.39 11.22
CA CYS A 397 37.26 3.10 10.89
C CYS A 397 36.44 2.37 9.89
N TYR A 398 37.14 1.76 8.90
CA TYR A 398 36.49 1.02 7.82
C TYR A 398 35.80 -0.15 8.27
N SER A 399 36.45 -0.99 9.08
CA SER A 399 35.97 -2.23 9.68
C SER A 399 34.78 -1.88 10.57
N ARG A 400 34.89 -0.73 11.33
CA ARG A 400 33.83 -0.31 12.14
C ARG A 400 32.61 0.01 11.45
N ALA A 401 32.83 0.74 10.30
CA ALA A 401 31.74 1.18 9.45
C ALA A 401 31.01 0.15 8.82
N ASN A 402 31.68 -0.88 8.36
CA ASN A 402 31.18 -2.13 7.77
C ASN A 402 30.37 -2.91 8.74
N GLU A 403 30.86 -3.19 9.98
CA GLU A 403 30.13 -3.96 10.97
C GLU A 403 28.89 -3.28 11.43
N ILE A 404 28.96 -1.93 11.68
CA ILE A 404 27.84 -1.08 12.00
C ILE A 404 26.89 -1.03 10.92
N PHE A 405 27.40 -1.04 9.67
CA PHE A 405 26.50 -1.02 8.55
C PHE A 405 25.57 -2.22 8.43
N LEU A 406 26.19 -3.39 8.58
CA LEU A 406 25.43 -4.63 8.54
C LEU A 406 24.45 -4.76 9.64
N LYS A 407 24.86 -4.43 10.89
CA LYS A 407 24.11 -4.46 12.11
C LYS A 407 22.89 -3.54 11.93
N LEU A 408 23.12 -2.32 11.33
CA LEU A 408 22.12 -1.33 11.05
C LEU A 408 21.00 -1.86 10.08
N PHE A 409 21.48 -2.53 9.02
CA PHE A 409 20.77 -3.08 7.88
C PHE A 409 20.03 -4.23 8.38
N PHE A 410 20.65 -5.21 9.10
CA PHE A 410 20.14 -6.42 9.61
C PHE A 410 19.15 -6.14 10.63
N GLN A 411 19.45 -5.28 11.61
CA GLN A 411 18.56 -5.06 12.76
C GLN A 411 17.70 -3.92 12.35
N GLY A 412 16.37 -4.13 12.48
CA GLY A 412 15.29 -3.22 12.29
C GLY A 412 15.06 -2.67 10.89
N TYR A 413 15.71 -3.34 9.89
CA TYR A 413 15.64 -2.99 8.49
C TYR A 413 16.07 -4.25 7.65
N ASP A 414 16.12 -5.38 8.36
CA ASP A 414 16.49 -6.68 7.88
C ASP A 414 17.03 -6.88 6.50
N LEU A 415 18.41 -6.76 6.37
CA LEU A 415 19.06 -6.81 5.03
C LEU A 415 18.74 -8.13 4.43
N ILE A 416 18.76 -9.27 5.19
CA ILE A 416 18.41 -10.58 4.69
C ILE A 416 16.97 -10.65 4.11
N ASN A 417 15.98 -10.03 4.82
CA ASN A 417 14.59 -10.06 4.44
C ASN A 417 14.34 -9.35 3.13
N VAL A 418 15.01 -8.16 2.92
CA VAL A 418 14.91 -7.32 1.76
C VAL A 418 15.45 -8.01 0.61
N LEU A 419 16.58 -8.78 0.88
CA LEU A 419 17.26 -9.63 -0.10
C LEU A 419 16.35 -10.66 -0.63
N LYS A 420 15.53 -11.30 0.21
CA LYS A 420 14.60 -12.34 -0.14
C LYS A 420 13.65 -11.82 -1.10
N HIS A 421 13.17 -10.60 -0.82
CA HIS A 421 12.18 -9.87 -1.64
C HIS A 421 12.61 -9.47 -2.97
N LEU A 422 13.91 -9.07 -3.05
CA LEU A 422 14.63 -8.73 -4.23
C LEU A 422 14.72 -9.99 -5.03
N GLN A 423 15.00 -11.15 -4.39
CA GLN A 423 14.94 -12.32 -5.21
C GLN A 423 13.59 -12.65 -5.83
N GLN A 424 12.49 -12.39 -5.10
CA GLN A 424 11.19 -12.61 -5.60
C GLN A 424 10.87 -11.86 -6.83
N ILE A 425 11.00 -10.54 -6.75
CA ILE A 425 10.66 -9.69 -7.88
C ILE A 425 11.64 -9.54 -8.93
N PHE A 426 12.90 -9.09 -8.51
CA PHE A 426 13.94 -8.76 -9.50
C PHE A 426 14.40 -9.88 -10.24
N LEU A 427 14.73 -11.03 -9.57
CA LEU A 427 15.15 -12.21 -10.26
C LEU A 427 13.91 -12.82 -11.00
N GLY A 428 12.70 -12.63 -10.42
CA GLY A 428 11.48 -12.92 -11.16
C GLY A 428 11.05 -14.40 -11.16
N TYR A 429 11.73 -15.18 -10.27
CA TYR A 429 11.61 -16.58 -10.20
C TYR A 429 10.51 -16.90 -9.28
N GLN A 430 10.19 -16.10 -8.24
CA GLN A 430 9.42 -16.59 -7.18
C GLN A 430 7.98 -16.24 -7.23
N SER A 431 7.58 -15.41 -8.30
CA SER A 431 6.14 -15.01 -8.32
C SER A 431 5.59 -15.66 -9.58
N GLY A 432 6.04 -16.88 -10.00
CA GLY A 432 5.83 -17.47 -11.29
C GLY A 432 4.37 -17.84 -11.54
N HIS A 433 3.68 -18.40 -10.51
CA HIS A 433 2.27 -18.77 -10.66
C HIS A 433 1.40 -17.55 -10.78
N ASN A 434 1.75 -16.45 -10.01
CA ASN A 434 1.01 -15.18 -10.12
C ASN A 434 1.11 -14.60 -11.44
N VAL A 435 2.36 -14.56 -12.03
CA VAL A 435 2.78 -13.98 -13.27
C VAL A 435 2.12 -14.66 -14.36
N LEU A 436 1.98 -16.04 -14.18
CA LEU A 436 1.27 -16.95 -15.10
C LEU A 436 -0.21 -16.48 -15.13
N LYS A 437 -0.92 -16.23 -14.01
CA LYS A 437 -2.31 -15.78 -14.13
C LYS A 437 -2.41 -14.35 -14.65
N PHE A 438 -1.36 -13.41 -14.37
CA PHE A 438 -1.23 -12.05 -14.92
C PHE A 438 -1.17 -12.09 -16.40
N LEU A 439 -0.33 -12.99 -16.89
CA LEU A 439 -0.12 -13.20 -18.29
C LEU A 439 -1.38 -13.64 -19.00
N THR A 440 -2.15 -14.52 -18.40
CA THR A 440 -3.43 -15.11 -18.77
C THR A 440 -4.50 -14.02 -18.87
N LYS A 441 -4.55 -13.13 -17.82
CA LYS A 441 -5.45 -11.98 -17.68
C LYS A 441 -5.21 -10.89 -18.73
N ASN A 442 -3.95 -10.58 -18.98
CA ASN A 442 -3.46 -9.67 -20.01
C ASN A 442 -3.50 -10.18 -21.43
N MET A 443 -3.63 -11.53 -21.60
CA MET A 443 -3.33 -12.27 -22.85
C MET A 443 -4.06 -11.73 -24.09
N GLY A 444 -5.36 -11.39 -23.89
CA GLY A 444 -6.24 -10.94 -24.99
C GLY A 444 -5.77 -9.69 -25.69
N GLU A 445 -5.41 -8.77 -24.82
CA GLU A 445 -4.94 -7.46 -25.07
C GLU A 445 -3.57 -7.36 -25.61
N LEU A 446 -2.69 -8.34 -25.16
CA LEU A 446 -1.28 -8.43 -25.48
C LEU A 446 -1.08 -8.97 -26.89
N THR A 447 -2.08 -9.86 -27.31
CA THR A 447 -2.07 -10.50 -28.62
C THR A 447 -2.12 -9.53 -29.77
N LYS A 448 -2.82 -8.43 -29.43
CA LYS A 448 -2.86 -7.31 -30.30
C LYS A 448 -1.73 -6.37 -29.94
N HIS A 449 -1.04 -5.90 -30.93
CA HIS A 449 0.13 -5.17 -30.67
C HIS A 449 0.10 -3.79 -31.19
N TYR A 450 0.75 -2.88 -30.42
CA TYR A 450 1.06 -1.45 -30.59
C TYR A 450 -0.21 -0.61 -30.84
N ARG A 451 -0.88 -0.15 -29.77
CA ARG A 451 -2.10 0.63 -29.98
C ARG A 451 -2.50 1.38 -28.74
N ASN A 452 -3.26 2.56 -28.89
CA ASN A 452 -3.58 3.56 -27.86
C ASN A 452 -4.37 3.00 -26.65
N ASP A 453 -5.41 2.08 -26.85
CA ASP A 453 -6.19 1.54 -25.75
C ASP A 453 -5.36 0.50 -24.91
N ASN A 454 -4.44 -0.20 -25.65
CA ASN A 454 -3.78 -1.39 -25.16
C ASN A 454 -3.04 -1.07 -23.91
N ASN A 455 -2.39 0.08 -23.70
CA ASN A 455 -1.79 0.46 -22.46
C ASN A 455 -2.67 0.63 -21.24
N ALA A 456 -3.81 1.25 -21.47
CA ALA A 456 -4.85 1.61 -20.59
C ALA A 456 -5.53 0.46 -20.01
N ASN A 457 -5.82 -0.57 -20.83
CA ASN A 457 -6.48 -1.75 -20.31
C ASN A 457 -5.71 -2.56 -19.26
N TYR A 458 -4.39 -2.76 -19.48
CA TYR A 458 -3.58 -3.48 -18.52
C TYR A 458 -2.86 -2.62 -17.55
N ASP A 459 -3.11 -1.30 -17.58
CA ASP A 459 -2.69 -0.41 -16.55
C ASP A 459 -3.58 -0.62 -15.42
N LYS A 460 -4.84 -0.83 -15.77
CA LYS A 460 -5.94 -1.05 -14.80
C LYS A 460 -5.75 -2.40 -14.12
N LEU A 461 -5.31 -3.37 -14.95
CA LEU A 461 -4.90 -4.67 -14.47
C LEU A 461 -3.69 -4.84 -13.54
N LEU A 462 -2.66 -4.02 -13.81
CA LEU A 462 -1.50 -3.94 -13.04
C LEU A 462 -1.86 -3.38 -11.67
N GLN A 463 -2.68 -2.33 -11.54
CA GLN A 463 -3.13 -1.65 -10.32
C GLN A 463 -3.97 -2.46 -9.51
N ASN A 464 -4.85 -3.21 -10.21
CA ASN A 464 -5.64 -4.16 -9.65
C ASN A 464 -4.90 -5.22 -9.01
N PHE A 465 -3.83 -5.71 -9.64
CA PHE A 465 -2.92 -6.75 -9.23
C PHE A 465 -2.08 -6.30 -8.03
N GLU A 466 -1.71 -5.02 -7.97
CA GLU A 466 -1.07 -4.52 -6.78
C GLU A 466 -1.81 -4.59 -5.45
N LEU A 467 -3.11 -4.23 -5.57
CA LEU A 467 -4.17 -4.22 -4.60
C LEU A 467 -4.40 -5.75 -4.23
N GLU A 468 -4.36 -6.58 -5.26
CA GLU A 468 -4.63 -8.00 -5.23
C GLU A 468 -3.67 -8.74 -4.40
N ARG A 469 -2.38 -8.28 -4.24
CA ARG A 469 -1.39 -9.04 -3.52
C ARG A 469 -1.08 -8.44 -2.16
N GLN A 470 -2.09 -7.69 -1.62
CA GLN A 470 -2.25 -7.20 -0.25
C GLN A 470 -0.92 -6.67 0.26
N SER A 471 -0.71 -6.85 1.56
CA SER A 471 0.55 -6.52 2.14
C SER A 471 0.72 -7.35 3.44
N GLU A 472 2.02 -7.38 3.79
CA GLU A 472 2.48 -8.09 4.99
C GLU A 472 2.91 -7.03 5.96
N ASN A 473 2.49 -5.78 5.74
CA ASN A 473 3.13 -4.66 6.27
C ASN A 473 2.38 -3.44 5.76
N PRO A 474 2.67 -2.26 6.29
CA PRO A 474 2.07 -1.04 5.94
C PRO A 474 2.11 -0.78 4.52
N ASN A 475 3.29 -0.83 3.89
CA ASN A 475 3.41 -0.59 2.41
C ASN A 475 4.50 -1.61 2.03
N ASN A 476 4.33 -2.19 0.87
CA ASN A 476 5.20 -3.20 0.48
C ASN A 476 6.03 -2.88 -0.74
N LEU A 477 7.27 -3.43 -0.89
CA LEU A 477 8.14 -3.21 -2.01
C LEU A 477 7.50 -3.68 -3.32
N MET A 478 6.80 -4.82 -3.23
CA MET A 478 6.21 -5.42 -4.40
C MET A 478 5.10 -4.61 -4.94
N ARG A 479 4.34 -4.02 -3.96
CA ARG A 479 3.19 -3.22 -4.18
C ARG A 479 3.48 -1.85 -4.91
N GLN A 480 4.40 -1.01 -4.29
CA GLN A 480 4.73 0.32 -4.75
C GLN A 480 5.57 0.38 -5.99
N LEU A 481 6.68 -0.39 -5.92
CA LEU A 481 7.73 -0.18 -6.89
C LEU A 481 7.51 -0.80 -8.29
N LEU A 482 6.76 -1.89 -8.38
CA LEU A 482 6.58 -2.54 -9.71
C LEU A 482 5.61 -1.68 -10.62
N MET A 483 6.07 -1.25 -11.80
CA MET A 483 5.27 -0.61 -12.79
C MET A 483 5.56 -1.11 -14.18
N ILE A 484 4.60 -1.04 -15.13
CA ILE A 484 4.84 -1.38 -16.52
C ILE A 484 4.87 -0.14 -17.42
N GLN A 485 5.85 -0.12 -18.42
CA GLN A 485 5.87 1.03 -19.39
C GLN A 485 5.58 0.41 -20.74
N PHE A 486 5.08 1.32 -21.65
CA PHE A 486 4.73 1.07 -23.03
C PHE A 486 5.49 2.07 -23.77
N ASP A 487 6.34 1.72 -24.79
CA ASP A 487 7.10 2.66 -25.63
C ASP A 487 6.19 3.26 -26.68
N THR A 488 5.28 2.40 -27.31
CA THR A 488 4.40 2.81 -28.38
C THR A 488 3.18 3.40 -27.83
N GLU A 489 2.43 4.07 -28.74
CA GLU A 489 1.13 4.71 -28.71
C GLU A 489 0.49 4.80 -27.35
N THR A 490 0.73 5.95 -26.63
CA THR A 490 0.31 6.32 -25.30
C THR A 490 0.78 5.30 -24.26
N LYS A 554 5.63 -2.73 -34.48
CA LYS A 554 6.13 -4.18 -34.36
C LYS A 554 5.23 -5.00 -33.47
N SER A 555 5.71 -5.19 -32.25
CA SER A 555 5.01 -5.98 -31.31
C SER A 555 5.16 -5.36 -29.98
N ALA A 556 4.15 -5.61 -29.17
CA ALA A 556 3.88 -4.96 -27.88
C ALA A 556 5.00 -5.28 -27.04
N ILE A 557 5.52 -6.49 -27.10
CA ILE A 557 6.53 -7.04 -26.28
C ILE A 557 7.79 -6.30 -26.34
N TYR A 558 8.23 -5.84 -27.55
CA TYR A 558 9.41 -4.95 -27.67
C TYR A 558 9.19 -3.63 -27.00
N HIS A 559 7.98 -3.02 -27.20
CA HIS A 559 7.62 -1.72 -26.54
C HIS A 559 7.39 -1.87 -25.08
N LEU A 560 7.23 -3.16 -24.66
CA LEU A 560 6.88 -3.44 -23.23
C LEU A 560 8.20 -3.33 -22.46
N LYS A 561 8.20 -2.71 -21.24
CA LYS A 561 9.30 -2.78 -20.26
C LYS A 561 8.69 -2.59 -18.95
N PHE A 562 9.53 -2.84 -17.90
CA PHE A 562 9.09 -2.83 -16.52
C PHE A 562 10.00 -1.81 -15.82
N ASP A 563 9.41 -0.94 -14.95
CA ASP A 563 10.11 0.13 -14.29
C ASP A 563 9.86 -0.07 -12.72
N ILE A 564 11.04 0.06 -12.00
CA ILE A 564 11.14 -0.21 -10.60
C ILE A 564 11.48 1.09 -9.87
N ASN A 565 10.74 1.37 -8.83
CA ASN A 565 11.00 2.57 -8.15
C ASN A 565 11.90 2.17 -7.00
N ILE A 566 12.58 3.22 -6.47
CA ILE A 566 13.54 3.13 -5.35
C ILE A 566 12.98 3.43 -3.97
N PRO A 567 13.12 2.73 -2.83
CA PRO A 567 12.64 3.18 -1.48
C PRO A 567 13.70 3.81 -0.56
N TYR A 568 13.46 5.08 -0.13
CA TYR A 568 14.33 5.93 0.65
C TYR A 568 14.48 5.40 2.04
N PRO A 569 15.65 5.56 2.65
CA PRO A 569 16.96 6.03 2.11
C PRO A 569 17.78 4.76 1.87
N LEU A 570 17.16 3.56 2.02
CA LEU A 570 17.68 2.22 1.92
C LEU A 570 18.19 1.91 0.56
N ASN A 571 17.57 2.60 -0.45
CA ASN A 571 17.68 2.36 -1.89
C ASN A 571 19.04 2.40 -2.50
N ILE A 572 19.95 3.25 -1.85
CA ILE A 572 21.29 3.61 -2.11
C ILE A 572 22.20 2.50 -2.14
N ILE A 573 22.07 1.46 -1.22
CA ILE A 573 22.92 0.31 -1.26
C ILE A 573 22.94 -0.37 -2.61
N ILE A 574 21.74 -0.40 -3.27
CA ILE A 574 21.46 -1.02 -4.51
C ILE A 574 21.80 0.11 -5.57
N SER A 575 22.21 -0.19 -6.81
CA SER A 575 22.47 0.85 -7.80
C SER A 575 21.53 0.77 -8.95
N ARG A 576 21.53 1.87 -9.74
CA ARG A 576 20.67 2.16 -10.88
C ARG A 576 20.96 1.15 -12.00
N THR A 577 22.27 0.78 -12.23
CA THR A 577 22.70 -0.17 -13.19
C THR A 577 22.24 -1.51 -12.90
N CYS A 578 22.28 -1.92 -11.66
CA CYS A 578 21.84 -3.24 -11.23
C CYS A 578 20.36 -3.52 -11.49
N MET A 579 19.60 -2.48 -11.20
CA MET A 579 18.21 -2.43 -11.60
C MET A 579 17.96 -2.45 -13.16
N ILE A 580 18.84 -1.80 -13.87
CA ILE A 580 18.79 -1.79 -15.32
C ILE A 580 19.04 -3.17 -15.88
N LYS A 581 19.93 -3.93 -15.27
CA LYS A 581 20.16 -5.34 -15.62
C LYS A 581 18.97 -6.23 -15.42
N TYR A 582 18.40 -6.09 -14.21
CA TYR A 582 17.25 -6.86 -13.80
C TYR A 582 16.03 -6.69 -14.71
N GLN A 583 15.80 -5.45 -15.22
CA GLN A 583 14.74 -5.10 -16.10
C GLN A 583 14.81 -5.83 -17.44
N ILE A 584 16.11 -6.01 -17.93
CA ILE A 584 16.39 -6.75 -19.13
C ILE A 584 16.05 -8.21 -19.00
N ILE A 585 16.41 -8.85 -17.88
CA ILE A 585 16.12 -10.35 -17.62
C ILE A 585 14.67 -10.55 -17.56
N LEU A 586 14.00 -9.58 -16.96
CA LEU A 586 12.51 -9.65 -16.92
C LEU A 586 11.83 -9.72 -18.20
N ARG A 587 12.28 -8.89 -19.18
CA ARG A 587 11.75 -8.84 -20.50
C ARG A 587 11.97 -10.07 -21.27
N TYR A 588 13.20 -10.62 -21.09
CA TYR A 588 13.61 -11.88 -21.72
C TYR A 588 12.84 -13.01 -21.23
N GLN A 589 12.69 -13.03 -19.95
CA GLN A 589 11.86 -14.00 -19.31
C GLN A 589 10.44 -13.86 -19.76
N LEU A 590 9.90 -12.64 -19.84
CA LEU A 590 8.50 -12.45 -20.11
C LEU A 590 8.16 -12.94 -21.51
N VAL A 591 9.05 -12.74 -22.52
CA VAL A 591 8.72 -13.17 -23.84
C VAL A 591 8.57 -14.60 -23.99
N LEU A 592 9.40 -15.35 -23.32
CA LEU A 592 9.41 -16.77 -23.31
C LEU A 592 8.14 -17.34 -22.67
N GLN A 593 7.66 -16.76 -21.54
CA GLN A 593 6.42 -17.08 -20.87
C GLN A 593 5.18 -16.81 -21.74
N TYR A 594 5.26 -15.67 -22.50
CA TYR A 594 4.21 -15.26 -23.35
C TYR A 594 4.04 -16.33 -24.40
N HIS A 595 5.18 -16.73 -25.05
CA HIS A 595 5.11 -17.66 -26.10
C HIS A 595 4.67 -19.05 -25.64
N SER A 596 5.08 -19.43 -24.47
CA SER A 596 4.74 -20.64 -23.85
C SER A 596 3.26 -20.73 -23.64
N ARG A 597 2.61 -19.58 -23.17
CA ARG A 597 1.21 -19.57 -22.86
C ARG A 597 0.32 -19.79 -24.11
N LEU A 598 0.74 -19.15 -25.24
CA LEU A 598 0.11 -19.37 -26.51
C LEU A 598 0.25 -20.74 -27.03
N LEU A 599 1.40 -21.35 -26.82
CA LEU A 599 1.51 -22.75 -27.19
C LEU A 599 0.59 -23.75 -26.41
N ASP A 600 0.46 -23.63 -25.10
CA ASP A 600 -0.27 -24.44 -24.26
C ASP A 600 -1.73 -24.43 -24.57
N GLU A 601 -2.27 -23.25 -24.86
CA GLU A 601 -3.73 -23.15 -25.09
C GLU A 601 -4.16 -23.96 -26.26
N THR A 602 -3.30 -23.91 -27.34
CA THR A 602 -3.53 -24.56 -28.57
C THR A 602 -3.57 -26.03 -28.41
N TRP A 603 -2.62 -26.55 -27.61
CA TRP A 603 -2.37 -28.01 -27.34
C TRP A 603 -3.49 -28.61 -26.61
N MET A 604 -4.11 -27.99 -25.59
CA MET A 604 -5.27 -28.41 -24.81
C MET A 604 -6.44 -28.60 -25.75
N ASP A 605 -6.63 -27.62 -26.70
CA ASP A 605 -7.64 -27.57 -27.78
C ASP A 605 -7.55 -28.63 -28.78
N LEU A 606 -6.25 -29.07 -29.08
CA LEU A 606 -6.11 -30.11 -30.03
C LEU A 606 -6.63 -31.48 -29.65
N ASN A 607 -6.49 -31.75 -28.30
CA ASN A 607 -6.86 -33.02 -27.60
C ASN A 607 -8.34 -33.20 -27.51
N LYS A 608 -9.12 -32.13 -27.65
CA LYS A 608 -10.55 -32.14 -27.66
C LYS A 608 -11.20 -32.85 -28.91
N THR A 609 -12.51 -33.24 -28.76
CA THR A 609 -13.32 -33.94 -29.73
C THR A 609 -13.44 -33.23 -31.01
N PRO A 610 -13.76 -31.89 -31.15
CA PRO A 610 -14.07 -31.23 -32.41
C PRO A 610 -13.10 -31.31 -33.51
N SER A 611 -11.74 -31.39 -33.26
CA SER A 611 -10.63 -31.20 -34.15
C SER A 611 -10.42 -32.41 -35.02
N TRP A 612 -10.90 -33.63 -34.66
CA TRP A 612 -10.80 -34.74 -35.60
C TRP A 612 -12.16 -35.00 -36.36
N LYS A 613 -12.21 -35.66 -37.59
CA LYS A 613 -13.35 -36.18 -38.32
C LYS A 613 -14.38 -35.16 -38.78
N TYR A 614 -15.45 -35.72 -39.34
CA TYR A 614 -16.52 -35.14 -40.11
C TYR A 614 -17.81 -35.20 -39.40
N ARG A 623 -7.12 -36.32 -42.45
CA ARG A 623 -6.46 -37.57 -42.18
C ARG A 623 -5.02 -37.18 -41.89
N ARG A 624 -4.21 -36.94 -42.96
CA ARG A 624 -2.80 -36.75 -42.91
C ARG A 624 -2.53 -35.41 -42.16
N ILE A 625 -3.33 -34.32 -42.28
CA ILE A 625 -3.10 -33.05 -41.63
C ILE A 625 -3.06 -33.13 -40.09
N VAL A 626 -3.95 -34.05 -39.61
CA VAL A 626 -4.14 -34.38 -38.19
C VAL A 626 -2.80 -34.89 -37.59
N ARG A 627 -2.18 -35.85 -38.38
CA ARG A 627 -0.98 -36.57 -37.90
C ARG A 627 0.09 -35.55 -37.75
N ALA A 628 0.11 -34.60 -38.68
CA ALA A 628 1.05 -33.53 -38.64
C ALA A 628 0.91 -32.60 -37.43
N THR A 629 -0.36 -32.16 -37.06
CA THR A 629 -0.55 -31.32 -35.97
C THR A 629 -0.07 -32.00 -34.69
N ARG A 630 -0.31 -33.32 -34.50
CA ARG A 630 0.13 -34.02 -33.34
C ARG A 630 1.69 -34.09 -33.17
N VAL A 631 2.43 -34.36 -34.22
CA VAL A 631 3.91 -34.55 -34.09
C VAL A 631 4.67 -33.27 -33.69
N LEU A 632 4.27 -32.22 -34.32
CA LEU A 632 4.79 -30.86 -34.10
C LEU A 632 4.53 -30.43 -32.73
N HIS A 633 3.31 -30.74 -32.22
CA HIS A 633 2.87 -30.37 -30.85
C HIS A 633 3.74 -30.91 -29.80
N ALA A 634 4.07 -32.18 -30.02
CA ALA A 634 5.03 -32.93 -29.20
C ALA A 634 6.44 -32.42 -29.21
N LYS A 635 6.94 -32.07 -30.44
CA LYS A 635 8.27 -31.60 -30.54
C LYS A 635 8.39 -30.28 -29.82
N MET A 636 7.38 -29.35 -30.02
CA MET A 636 7.36 -27.99 -29.52
C MET A 636 7.35 -28.00 -27.97
N ASN A 637 6.64 -28.96 -27.34
CA ASN A 637 6.64 -29.20 -25.93
C ASN A 637 7.96 -29.67 -25.41
N HIS A 638 8.66 -30.56 -26.17
CA HIS A 638 9.96 -30.98 -25.78
C HIS A 638 10.87 -29.78 -25.82
N PHE A 639 10.79 -28.92 -26.88
CA PHE A 639 11.68 -27.83 -27.04
C PHE A 639 11.56 -26.81 -25.92
N ILE A 640 10.28 -26.41 -25.56
CA ILE A 640 10.07 -25.40 -24.56
C ILE A 640 10.60 -25.88 -23.26
N LYS A 641 10.36 -27.18 -22.89
CA LYS A 641 10.81 -27.79 -21.66
C LYS A 641 12.24 -27.82 -21.56
N THR A 642 12.98 -28.12 -22.68
CA THR A 642 14.39 -28.07 -22.58
C THR A 642 14.87 -26.63 -22.42
N ILE A 643 14.31 -25.59 -23.15
CA ILE A 643 14.73 -24.22 -23.13
C ILE A 643 14.65 -23.63 -21.77
N MET A 644 13.43 -23.88 -21.06
CA MET A 644 13.29 -23.47 -19.69
C MET A 644 14.20 -24.10 -18.71
N GLU A 645 14.44 -25.43 -18.86
CA GLU A 645 15.33 -26.29 -18.01
C GLU A 645 16.76 -25.73 -18.12
N TYR A 646 17.33 -25.46 -19.35
CA TYR A 646 18.72 -25.02 -19.46
C TYR A 646 18.97 -23.59 -18.92
N PHE A 647 18.04 -22.64 -19.27
CA PHE A 647 18.11 -21.28 -18.83
C PHE A 647 18.12 -21.29 -17.23
N ASN A 648 17.22 -22.11 -16.58
CA ASN A 648 17.14 -22.14 -15.15
C ASN A 648 18.41 -22.74 -14.56
N GLN A 649 18.86 -23.93 -15.02
CA GLN A 649 19.95 -24.59 -14.33
C GLN A 649 21.21 -23.83 -14.61
N ASN A 650 21.56 -23.51 -15.94
CA ASN A 650 22.86 -23.00 -16.37
C ASN A 650 23.09 -21.59 -16.02
N VAL A 651 22.03 -20.76 -15.79
CA VAL A 651 22.05 -19.37 -15.52
C VAL A 651 21.72 -19.13 -14.05
N ILE A 652 20.41 -19.11 -13.80
CA ILE A 652 19.81 -18.55 -12.62
C ILE A 652 20.21 -19.22 -11.34
N ASP A 653 20.04 -20.58 -11.37
CA ASP A 653 20.26 -21.39 -10.17
C ASP A 653 21.68 -21.26 -9.76
N LYS A 654 22.59 -21.33 -10.71
CA LYS A 654 24.03 -21.25 -10.46
C LYS A 654 24.49 -19.98 -9.84
N GLU A 655 24.03 -18.87 -10.44
CA GLU A 655 24.32 -17.58 -9.91
C GLU A 655 23.67 -17.29 -8.54
N VAL A 656 22.39 -17.68 -8.26
CA VAL A 656 21.83 -17.45 -6.92
C VAL A 656 22.57 -18.23 -5.82
N TYR A 657 23.01 -19.46 -6.14
CA TYR A 657 23.68 -20.24 -5.11
C TYR A 657 24.95 -19.58 -4.62
N SER A 658 25.74 -19.13 -5.58
CA SER A 658 26.90 -18.44 -5.15
C SER A 658 26.61 -17.14 -4.41
N LEU A 659 25.54 -16.29 -4.80
CA LEU A 659 25.29 -15.04 -4.12
C LEU A 659 24.99 -15.24 -2.65
N GLU A 660 24.14 -16.24 -2.30
CA GLU A 660 23.75 -16.60 -0.98
C GLU A 660 24.77 -17.16 -0.07
N LYS A 661 25.65 -17.99 -0.58
CA LYS A 661 26.74 -18.49 0.21
C LYS A 661 27.71 -17.40 0.68
N CYS A 662 27.99 -16.55 -0.34
CA CYS A 662 28.96 -15.43 -0.16
C CYS A 662 28.37 -14.57 0.88
N TYR A 663 27.05 -14.38 0.82
CA TYR A 663 26.30 -13.63 1.81
C TYR A 663 26.30 -14.19 3.22
N ARG A 664 26.15 -15.50 3.41
CA ARG A 664 26.06 -16.17 4.61
C ARG A 664 27.21 -16.21 5.47
N ASN A 665 28.42 -16.49 4.92
CA ASN A 665 29.62 -16.63 5.70
C ASN A 665 30.17 -15.43 6.45
N PRO A 666 30.43 -14.23 5.86
CA PRO A 666 31.14 -13.22 6.56
C PRO A 666 30.18 -12.13 7.08
N THR A 667 30.71 -10.96 7.46
CA THR A 667 30.03 -9.77 7.86
C THR A 667 30.36 -8.56 6.88
N LEU A 668 31.24 -8.83 5.92
CA LEU A 668 31.74 -7.92 4.90
C LEU A 668 30.71 -7.68 3.82
N ALA A 669 29.99 -6.46 3.78
CA ALA A 669 29.02 -6.12 2.79
C ALA A 669 29.59 -6.00 1.42
N VAL A 670 30.79 -5.45 1.31
CA VAL A 670 31.36 -5.19 0.00
C VAL A 670 31.54 -6.42 -0.83
N ALA A 671 31.95 -7.60 -0.30
CA ALA A 671 32.17 -8.84 -1.04
C ALA A 671 30.85 -9.20 -1.67
N ILE A 672 29.74 -8.97 -0.94
CA ILE A 672 28.40 -9.40 -1.30
C ILE A 672 27.96 -8.69 -2.53
N GLN A 673 28.19 -7.36 -2.40
CA GLN A 673 27.81 -6.33 -3.41
C GLN A 673 28.53 -6.58 -4.69
N ASN A 674 29.80 -7.00 -4.51
CA ASN A 674 30.73 -7.49 -5.53
C ASN A 674 30.33 -8.66 -6.29
N GLU A 675 29.87 -9.67 -5.54
CA GLU A 675 29.36 -10.95 -6.01
C GLU A 675 28.10 -10.65 -6.76
N LEU A 676 27.23 -9.71 -6.30
CA LEU A 676 25.98 -9.39 -6.93
C LEU A 676 26.25 -8.79 -8.24
N GLU A 677 27.28 -7.97 -8.30
CA GLU A 677 27.76 -7.45 -9.64
C GLU A 677 28.23 -8.53 -10.54
N GLY A 678 28.97 -9.54 -10.08
CA GLY A 678 29.49 -10.62 -10.84
C GLY A 678 28.38 -11.49 -11.41
N GLY A 679 27.34 -11.78 -10.59
CA GLY A 679 26.19 -12.67 -10.92
C GLY A 679 25.44 -12.05 -12.05
N LEU A 680 25.25 -10.72 -11.88
CA LEU A 680 24.59 -9.92 -12.96
C LEU A 680 25.39 -9.89 -14.23
N THR A 681 26.75 -9.74 -14.11
CA THR A 681 27.56 -9.71 -15.28
C THR A 681 27.54 -11.05 -16.04
N ASN A 682 27.54 -12.19 -15.25
CA ASN A 682 27.48 -13.52 -15.85
C ASN A 682 26.20 -13.82 -16.56
N ILE A 683 25.00 -13.40 -16.04
CA ILE A 683 23.71 -13.60 -16.67
C ILE A 683 23.74 -12.88 -18.01
N MET A 684 24.35 -11.64 -18.08
CA MET A 684 24.40 -10.86 -19.24
C MET A 684 25.22 -11.54 -20.27
N THR A 685 26.41 -12.18 -19.91
CA THR A 685 27.33 -12.85 -20.80
C THR A 685 26.67 -14.05 -21.43
N ASN A 686 25.91 -14.83 -20.61
CA ASN A 686 25.13 -16.00 -21.19
C ASN A 686 24.14 -15.56 -22.12
N ARG A 687 23.43 -14.43 -21.89
CA ARG A 687 22.40 -13.90 -22.75
C ARG A 687 22.90 -13.58 -24.12
N CYS A 688 24.09 -12.90 -24.21
CA CYS A 688 24.80 -12.51 -25.37
C CYS A 688 25.33 -13.74 -26.09
N LEU A 689 25.80 -14.65 -25.27
CA LEU A 689 26.39 -15.85 -25.76
C LEU A 689 25.44 -16.76 -26.49
N SER A 690 24.20 -16.95 -25.99
CA SER A 690 23.25 -17.81 -26.58
C SER A 690 22.09 -16.92 -26.99
N ASP A 691 21.82 -16.71 -28.31
CA ASP A 691 20.86 -15.81 -28.89
C ASP A 691 19.83 -16.59 -29.61
N LEU A 692 18.90 -17.17 -28.81
CA LEU A 692 17.84 -18.03 -29.28
C LEU A 692 16.85 -17.30 -30.07
N ILE A 693 16.59 -16.11 -29.48
CA ILE A 693 15.43 -15.30 -29.65
C ILE A 693 15.20 -14.81 -31.10
N PRO A 694 16.03 -14.21 -31.97
CA PRO A 694 15.61 -13.71 -33.31
C PRO A 694 14.99 -14.83 -34.11
N LEU A 695 15.58 -16.03 -34.02
CA LEU A 695 14.99 -17.20 -34.61
C LEU A 695 13.67 -17.70 -34.04
N GLN A 696 13.63 -17.68 -32.68
CA GLN A 696 12.48 -18.12 -31.93
C GLN A 696 11.30 -17.29 -32.21
N LEU A 697 11.49 -15.97 -32.38
CA LEU A 697 10.37 -15.11 -32.73
C LEU A 697 9.73 -15.38 -33.98
N GLN A 698 10.55 -15.74 -35.01
CA GLN A 698 10.06 -16.10 -36.36
C GLN A 698 9.21 -17.31 -36.32
N ILE A 699 9.75 -18.28 -35.57
CA ILE A 699 9.00 -19.52 -35.47
C ILE A 699 7.67 -19.28 -34.82
N PHE A 700 7.75 -18.37 -33.76
CA PHE A 700 6.59 -18.03 -32.91
C PHE A 700 5.56 -17.45 -33.84
N ASP A 701 5.90 -16.58 -34.81
CA ASP A 701 4.92 -16.02 -35.73
C ASP A 701 4.23 -17.02 -36.54
N ILE A 702 4.99 -18.01 -37.10
CA ILE A 702 4.30 -19.08 -37.83
C ILE A 702 3.43 -19.88 -36.94
N VAL A 703 3.91 -20.13 -35.71
CA VAL A 703 3.10 -20.91 -34.74
C VAL A 703 1.83 -20.33 -34.42
N TYR A 704 1.83 -19.05 -34.27
CA TYR A 704 0.64 -18.23 -33.95
C TYR A 704 -0.31 -18.33 -35.06
N LYS A 705 0.13 -18.26 -36.38
CA LYS A 705 -0.70 -18.35 -37.56
C LYS A 705 -1.35 -19.72 -37.70
N PHE A 706 -0.54 -20.80 -37.42
CA PHE A 706 -0.82 -22.21 -37.46
C PHE A 706 -1.97 -22.40 -36.42
N CYS A 707 -1.80 -21.81 -35.23
CA CYS A 707 -2.70 -21.83 -34.12
C CYS A 707 -4.07 -21.23 -34.47
N LYS A 708 -4.04 -20.10 -35.24
CA LYS A 708 -5.17 -19.33 -35.71
C LYS A 708 -5.98 -20.18 -36.61
N PHE A 709 -5.31 -20.95 -37.48
CA PHE A 709 -5.98 -21.87 -38.42
C PHE A 709 -6.75 -22.92 -37.60
N ILE A 710 -6.06 -23.50 -36.56
CA ILE A 710 -6.50 -24.63 -35.69
C ILE A 710 -7.73 -24.24 -34.96
N LYS A 711 -7.91 -23.03 -34.50
CA LYS A 711 -9.14 -22.72 -33.75
C LYS A 711 -10.41 -22.98 -34.48
N SER A 712 -10.30 -22.77 -35.87
CA SER A 712 -11.43 -22.95 -36.77
C SER A 712 -12.12 -24.30 -36.72
N MET A 713 -11.37 -25.41 -36.36
CA MET A 713 -11.93 -26.75 -36.22
C MET A 713 -12.47 -27.26 -37.64
N ARG A 714 -13.47 -28.17 -37.66
CA ARG A 714 -14.17 -28.68 -38.84
C ARG A 714 -15.00 -27.58 -39.52
N GLU A 754 -12.03 -26.12 -49.05
CA GLU A 754 -12.01 -27.58 -48.75
C GLU A 754 -10.68 -27.93 -49.32
N ASP A 755 -10.58 -28.10 -50.70
CA ASP A 755 -9.35 -28.33 -51.39
C ASP A 755 -8.34 -27.19 -51.34
N ALA A 756 -8.89 -25.96 -51.49
CA ALA A 756 -8.10 -24.79 -51.37
C ALA A 756 -7.49 -24.55 -49.99
N ALA A 757 -8.27 -24.84 -48.91
CA ALA A 757 -7.89 -24.77 -47.49
C ALA A 757 -6.84 -25.71 -47.26
N LEU A 758 -7.02 -26.90 -47.89
CA LEU A 758 -6.17 -28.03 -47.75
C LEU A 758 -4.83 -27.68 -48.36
N GLU A 759 -4.87 -26.94 -49.51
CA GLU A 759 -3.70 -26.56 -50.29
C GLU A 759 -2.87 -25.61 -49.56
N LEU A 760 -3.56 -24.57 -48.93
CA LEU A 760 -2.93 -23.48 -48.23
C LEU A 760 -2.22 -24.09 -47.07
N ILE A 761 -2.94 -25.06 -46.47
CA ILE A 761 -2.48 -25.80 -45.32
C ILE A 761 -1.21 -26.61 -45.54
N GLN A 762 -1.10 -27.26 -46.77
CA GLN A 762 -0.05 -28.01 -47.24
C GLN A 762 1.17 -27.11 -47.52
N LYS A 763 0.93 -25.91 -48.06
CA LYS A 763 2.02 -24.92 -48.27
C LYS A 763 2.70 -24.45 -47.00
N LEU A 764 1.83 -24.20 -46.02
CA LEU A 764 2.24 -23.74 -44.74
C LEU A 764 3.10 -24.77 -44.06
N ILE A 765 2.72 -26.05 -44.22
CA ILE A 765 3.35 -27.26 -43.68
C ILE A 765 4.66 -27.35 -44.32
N GLU A 766 4.86 -27.05 -45.59
CA GLU A 766 6.23 -27.19 -46.15
C GLU A 766 7.19 -26.24 -45.46
N TYR A 767 6.73 -24.97 -45.18
CA TYR A 767 7.47 -24.00 -44.42
C TYR A 767 7.72 -24.48 -43.06
N ILE A 768 6.72 -25.07 -42.39
CA ILE A 768 6.85 -25.65 -41.02
C ILE A 768 7.81 -26.73 -40.99
N SER A 769 7.84 -27.63 -41.97
CA SER A 769 8.65 -28.79 -42.05
C SER A 769 10.12 -28.43 -42.05
N ASN A 770 10.44 -27.38 -42.88
CA ASN A 770 11.86 -26.87 -43.05
C ASN A 770 12.25 -26.29 -41.64
N ALA A 771 11.38 -25.47 -41.02
CA ALA A 771 11.62 -24.87 -39.70
C ALA A 771 11.76 -25.84 -38.56
N SER A 772 10.92 -26.90 -38.54
CA SER A 772 10.92 -28.00 -37.52
C SER A 772 12.20 -28.81 -37.61
N SER A 773 12.65 -29.01 -38.91
CA SER A 773 13.80 -29.74 -39.25
C SER A 773 15.02 -28.98 -38.70
N ILE A 774 14.99 -27.60 -38.80
CA ILE A 774 16.00 -26.72 -38.31
C ILE A 774 16.11 -26.82 -36.85
N PHE A 775 14.92 -26.85 -36.17
CA PHE A 775 14.78 -27.02 -34.75
C PHE A 775 15.37 -28.33 -34.23
N ARG A 776 15.12 -29.49 -34.91
CA ARG A 776 15.62 -30.84 -34.59
C ARG A 776 17.04 -30.88 -34.63
N LYS A 777 17.69 -30.24 -35.64
CA LYS A 777 19.08 -30.15 -35.79
C LYS A 777 19.65 -29.34 -34.57
N CYS A 778 18.88 -28.29 -34.24
CA CYS A 778 19.28 -27.30 -33.22
C CYS A 778 19.44 -27.91 -31.83
N LEU A 779 18.62 -28.97 -31.44
CA LEU A 779 18.57 -29.49 -30.10
C LEU A 779 19.96 -30.01 -29.76
N ILE A 780 20.59 -30.63 -30.81
CA ILE A 780 21.96 -31.16 -30.79
C ILE A 780 22.97 -30.07 -30.57
N ASN A 781 22.73 -28.86 -31.27
CA ASN A 781 23.57 -27.67 -31.16
C ASN A 781 23.54 -27.22 -29.66
N PHE A 782 22.40 -27.31 -28.90
CA PHE A 782 22.23 -26.82 -27.47
C PHE A 782 23.22 -27.59 -26.61
N THR A 783 23.23 -28.91 -26.92
CA THR A 783 23.99 -29.99 -26.25
C THR A 783 25.45 -29.74 -26.49
N GLN A 784 25.87 -29.57 -27.77
CA GLN A 784 27.23 -29.44 -28.16
C GLN A 784 27.76 -28.06 -27.74
N GLU A 785 26.89 -27.03 -27.71
CA GLU A 785 27.22 -25.68 -27.54
C GLU A 785 28.00 -25.09 -28.61
N LEU A 786 27.27 -24.09 -29.33
CA LEU A 786 27.67 -23.21 -30.46
C LEU A 786 28.70 -23.80 -31.39
N SER A 787 28.19 -24.42 -32.48
CA SER A 787 28.95 -25.02 -33.54
C SER A 787 28.50 -24.30 -34.86
N THR A 788 28.52 -25.12 -36.01
CA THR A 788 28.16 -24.82 -37.41
C THR A 788 26.72 -24.69 -37.51
N GLU A 789 25.87 -25.56 -36.85
CA GLU A 789 24.48 -25.56 -37.13
C GLU A 789 23.76 -24.27 -36.88
N LYS A 790 24.09 -23.56 -35.76
CA LYS A 790 23.33 -22.39 -35.36
C LYS A 790 23.36 -21.28 -36.30
N PHE A 791 24.55 -21.12 -36.95
CA PHE A 791 24.70 -20.16 -38.10
C PHE A 791 23.75 -20.53 -39.30
N ASP A 792 23.74 -21.90 -39.63
CA ASP A 792 23.05 -22.39 -40.86
C ASP A 792 21.60 -22.13 -40.68
N PHE A 793 21.06 -22.23 -39.44
CA PHE A 793 19.68 -22.06 -39.16
C PHE A 793 19.17 -20.69 -39.45
N TYR A 794 20.01 -19.64 -39.08
CA TYR A 794 19.79 -18.24 -39.25
C TYR A 794 19.65 -17.98 -40.75
N ASP A 795 20.58 -18.53 -41.51
CA ASP A 795 20.43 -18.29 -42.95
C ASP A 795 19.18 -18.88 -43.60
N SER A 796 18.84 -20.08 -43.12
CA SER A 796 17.68 -20.87 -43.59
C SER A 796 16.39 -20.14 -43.37
N SER A 797 16.28 -19.52 -42.17
CA SER A 797 15.24 -18.65 -41.63
C SER A 797 15.08 -17.37 -42.41
N SER A 798 16.21 -16.70 -42.86
CA SER A 798 16.31 -15.49 -43.66
C SER A 798 15.70 -15.80 -45.01
N VAL A 799 16.09 -16.98 -45.59
CA VAL A 799 15.59 -17.45 -46.88
C VAL A 799 14.17 -17.66 -46.73
N ASP A 800 13.76 -18.33 -45.61
CA ASP A 800 12.33 -18.63 -45.32
C ASP A 800 11.78 -17.45 -44.40
N PRO B 180 61.36 57.02 26.52
CA PRO B 180 61.30 58.40 26.00
C PRO B 180 61.35 59.30 27.20
N GLU B 181 61.06 60.62 26.96
CA GLU B 181 61.24 61.59 28.07
C GLU B 181 60.04 61.55 28.97
N GLU B 182 60.06 62.18 30.13
CA GLU B 182 58.98 62.04 31.11
C GLU B 182 57.73 62.63 30.58
N ASP B 183 57.89 63.82 29.92
CA ASP B 183 56.81 64.60 29.44
C ASP B 183 56.13 63.76 28.34
N ILE B 184 56.94 63.11 27.47
CA ILE B 184 56.49 62.39 26.37
C ILE B 184 55.66 61.19 26.81
N LEU B 185 56.13 60.52 27.82
CA LEU B 185 55.44 59.34 28.37
C LEU B 185 54.15 59.63 28.94
N LYS B 186 54.02 60.81 29.64
CA LYS B 186 52.79 61.19 30.20
C LYS B 186 51.79 61.46 29.07
N TYR B 187 52.32 62.13 27.99
CA TYR B 187 51.55 62.56 26.86
C TYR B 187 51.01 61.41 26.08
N VAL B 188 51.84 60.40 25.97
CA VAL B 188 51.61 59.12 25.39
C VAL B 188 50.57 58.40 26.13
N SER B 189 50.52 58.44 27.53
CA SER B 189 49.51 57.69 28.26
C SER B 189 48.14 58.25 27.89
N TYR B 190 48.06 59.61 27.80
CA TYR B 190 46.85 60.29 27.41
C TYR B 190 46.36 59.97 26.08
N THR B 191 47.33 59.86 25.15
CA THR B 191 47.21 59.57 23.75
C THR B 191 46.62 58.25 23.34
N LEU B 192 47.05 57.26 24.09
CA LEU B 192 46.67 55.89 23.97
C LEU B 192 45.19 55.79 24.31
N LEU B 193 44.70 56.63 25.23
CA LEU B 193 43.28 56.69 25.49
C LEU B 193 42.47 57.30 24.35
N ALA B 194 43.13 58.28 23.71
CA ALA B 194 42.74 59.02 22.48
C ALA B 194 42.44 60.41 22.89
N THR B 195 42.83 60.77 24.16
CA THR B 195 42.83 62.17 24.60
C THR B 195 44.19 62.66 24.22
N THR B 196 44.40 63.97 24.49
CA THR B 196 45.62 64.58 24.11
C THR B 196 45.99 65.65 25.12
N SER B 197 47.30 65.74 25.43
CA SER B 197 47.96 66.87 26.05
C SER B 197 47.48 68.10 25.36
N ALA B 198 47.72 69.23 26.00
CA ALA B 198 47.65 70.50 25.31
C ALA B 198 48.61 70.63 24.22
N LEU B 199 49.89 70.16 24.47
CA LEU B 199 51.02 70.19 23.59
C LEU B 199 50.83 69.40 22.30
N PHE B 200 50.32 68.15 22.38
CA PHE B 200 50.19 67.32 21.22
C PHE B 200 48.79 67.40 20.83
N PRO B 201 48.39 67.64 19.63
CA PRO B 201 46.98 67.86 19.33
C PRO B 201 46.44 66.63 18.66
N PHE B 202 45.31 66.05 19.21
CA PHE B 202 44.50 65.09 18.51
C PHE B 202 43.18 65.75 18.45
N ASP B 203 42.73 65.96 17.22
CA ASP B 203 41.42 66.39 16.78
C ASP B 203 40.63 65.09 16.60
N HIS B 204 39.32 65.29 16.34
CA HIS B 204 38.35 64.37 15.89
C HIS B 204 38.81 63.77 14.59
N GLU B 205 39.50 64.56 13.72
CA GLU B 205 40.08 64.30 12.45
C GLU B 205 41.27 63.37 12.55
N GLN B 206 42.32 63.86 13.28
CA GLN B 206 43.53 63.19 13.76
C GLN B 206 44.51 64.21 14.10
N ILE B 207 45.81 63.77 14.23
CA ILE B 207 47.00 64.51 14.52
C ILE B 207 47.64 65.15 13.36
N GLN B 208 47.87 66.43 13.57
CA GLN B 208 48.61 67.26 12.62
C GLN B 208 49.58 67.89 13.60
N ILE B 209 50.93 67.62 13.43
CA ILE B 209 51.84 68.16 14.37
C ILE B 209 53.18 68.25 13.57
N PRO B 210 53.99 69.33 13.72
CA PRO B 210 55.25 69.52 13.02
C PRO B 210 56.48 69.09 13.81
N SER B 211 57.71 69.36 13.30
CA SER B 211 58.96 69.00 13.82
C SER B 211 59.17 69.30 15.29
N LYS B 212 60.10 68.49 15.86
CA LYS B 212 60.70 68.35 17.15
C LYS B 212 60.39 67.03 17.61
N ILE B 213 59.45 66.31 16.90
CA ILE B 213 59.14 64.96 17.21
C ILE B 213 59.76 64.31 16.00
N PRO B 214 60.75 63.42 16.13
CA PRO B 214 61.42 62.77 15.02
C PRO B 214 60.63 61.82 14.28
N ASN B 215 61.11 61.56 13.07
CA ASN B 215 60.58 60.75 12.06
C ASN B 215 60.37 59.26 12.47
N PHE B 216 61.30 58.68 13.24
CA PHE B 216 61.32 57.35 13.80
C PHE B 216 60.14 57.13 14.68
N GLU B 217 59.87 58.05 15.64
CA GLU B 217 58.74 58.00 16.49
C GLU B 217 57.54 58.41 15.72
N SER B 218 57.60 59.32 14.71
CA SER B 218 56.50 59.78 13.89
C SER B 218 55.88 58.66 13.15
N GLY B 219 56.67 57.65 12.62
CA GLY B 219 56.11 56.47 12.06
C GLY B 219 55.36 55.62 13.00
N LEU B 220 55.87 55.35 14.23
CA LEU B 220 55.15 54.65 15.26
C LEU B 220 53.90 55.33 15.68
N LEU B 221 53.99 56.68 15.74
CA LEU B 221 52.93 57.57 16.00
C LEU B 221 51.87 57.44 14.96
N HIS B 222 52.30 57.21 13.73
CA HIS B 222 51.41 57.01 12.61
C HIS B 222 50.54 55.83 12.87
N LEU B 223 51.15 54.64 13.32
CA LEU B 223 50.43 53.44 13.63
C LEU B 223 49.48 53.65 14.81
N ILE B 224 49.90 54.35 15.89
CA ILE B 224 49.15 54.70 17.06
C ILE B 224 47.97 55.57 16.68
N PHE B 225 48.10 56.46 15.73
CA PHE B 225 47.09 57.40 15.37
C PHE B 225 45.87 56.65 14.84
N GLU B 226 46.06 55.52 14.11
CA GLU B 226 44.93 54.69 13.73
C GLU B 226 44.25 54.16 14.93
N ALA B 227 45.06 53.66 15.90
CA ALA B 227 44.58 53.00 17.14
C ALA B 227 43.69 53.90 18.00
N GLY B 228 44.13 55.21 18.15
CA GLY B 228 43.37 56.21 18.89
C GLY B 228 42.08 56.59 18.20
N LEU B 229 42.06 56.57 16.79
CA LEU B 229 40.92 56.88 15.91
C LEU B 229 39.82 55.88 16.12
N LEU B 230 40.17 54.63 16.21
CA LEU B 230 39.22 53.55 16.41
C LEU B 230 38.60 53.82 17.73
N TYR B 231 39.40 54.19 18.79
CA TYR B 231 38.84 54.40 20.14
C TYR B 231 37.74 55.44 20.16
N GLN B 232 38.01 56.52 19.37
CA GLN B 232 37.04 57.61 19.14
C GLN B 232 35.85 57.09 18.42
N SER B 233 36.08 56.22 17.37
CA SER B 233 35.08 55.78 16.45
C SER B 233 34.05 54.99 17.20
N LEU B 234 34.54 54.03 18.09
CA LEU B 234 33.78 53.17 18.96
C LEU B 234 33.02 53.96 19.94
N GLY B 235 33.53 55.06 20.62
CA GLY B 235 32.68 55.80 21.52
C GLY B 235 31.49 56.41 20.85
N TYR B 236 31.61 57.00 19.62
CA TYR B 236 30.45 57.61 18.96
C TYR B 236 29.48 56.56 18.58
N LYS B 237 30.07 55.43 18.10
CA LYS B 237 29.27 54.29 17.69
C LYS B 237 28.44 53.69 18.86
N VAL B 238 29.09 53.49 20.04
CA VAL B 238 28.55 52.93 21.26
C VAL B 238 27.42 53.84 21.78
N GLU B 239 27.66 55.13 21.75
CA GLU B 239 26.77 56.16 22.26
C GLU B 239 25.49 56.12 21.45
N LYS B 240 25.60 55.95 20.13
CA LYS B 240 24.50 55.95 19.26
C LYS B 240 23.53 54.79 19.48
N PHE B 241 24.16 53.55 19.59
CA PHE B 241 23.35 52.39 19.73
C PHE B 241 22.76 52.22 21.04
N ARG B 242 23.35 52.79 22.09
CA ARG B 242 22.76 52.80 23.40
C ARG B 242 21.71 53.89 23.47
N MET B 243 20.59 53.71 24.17
CA MET B 243 19.50 54.56 24.37
C MET B 243 18.66 54.60 23.11
N LEU B 244 18.99 53.70 22.13
CA LEU B 244 18.16 53.48 20.97
C LEU B 244 18.90 52.36 20.21
N ASN B 245 18.43 51.07 20.46
CA ASN B 245 19.05 49.88 19.89
C ASN B 245 17.91 49.24 19.12
N ILE B 246 18.23 48.28 18.25
CA ILE B 246 17.42 47.61 17.31
C ILE B 246 17.95 46.27 17.44
N SER B 247 17.08 45.21 17.57
CA SER B 247 17.48 43.81 17.78
C SER B 247 18.00 43.66 19.21
N PRO B 248 17.56 42.82 20.07
CA PRO B 248 18.17 42.46 21.37
C PRO B 248 19.38 41.70 21.29
N MET B 249 19.53 41.03 20.13
CA MET B 249 20.68 40.23 19.66
C MET B 249 21.77 41.20 19.44
N LYS B 250 21.53 42.40 18.89
CA LYS B 250 22.53 43.44 18.69
C LYS B 250 23.03 43.92 20.04
N LYS B 251 22.13 44.17 21.02
CA LYS B 251 22.40 44.64 22.35
C LYS B 251 23.29 43.70 23.09
N ALA B 252 23.12 42.33 22.90
CA ALA B 252 23.93 41.31 23.50
C ALA B 252 25.31 41.33 23.09
N LEU B 253 25.57 41.68 21.78
CA LEU B 253 26.89 41.93 21.30
C LEU B 253 27.53 43.12 21.92
N ILE B 254 26.73 44.26 22.01
CA ILE B 254 27.33 45.52 22.46
C ILE B 254 27.86 45.29 23.83
N ILE B 255 27.10 44.54 24.67
CA ILE B 255 27.52 44.28 26.00
C ILE B 255 28.79 43.49 26.00
N GLU B 256 28.90 42.48 25.09
CA GLU B 256 30.10 41.74 25.01
C GLU B 256 31.34 42.61 24.54
N ILE B 257 31.15 43.49 23.52
CA ILE B 257 32.18 44.37 23.03
C ILE B 257 32.70 45.36 24.07
N SER B 258 31.74 46.02 24.80
CA SER B 258 32.05 47.03 25.77
C SER B 258 32.97 46.51 26.83
N GLU B 259 32.78 45.20 27.16
CA GLU B 259 33.65 44.39 28.05
C GLU B 259 34.95 44.20 27.43
N GLU B 260 35.05 43.91 26.08
CA GLU B 260 36.32 43.81 25.54
C GLU B 260 37.02 45.15 25.54
N LEU B 261 36.35 46.35 25.37
CA LEU B 261 37.09 47.59 25.50
C LEU B 261 37.49 47.87 26.92
N GLN B 262 36.83 47.36 27.98
CA GLN B 262 37.24 47.54 29.34
C GLN B 262 38.62 47.07 29.58
N ASN B 263 38.94 45.86 28.96
CA ASN B 263 40.17 45.17 29.04
C ASN B 263 41.31 45.98 28.49
N TYR B 264 41.05 46.74 27.31
CA TYR B 264 42.02 47.54 26.65
C TYR B 264 42.45 48.57 27.63
N THR B 265 41.49 49.20 28.34
CA THR B 265 41.78 50.14 29.39
C THR B 265 42.51 49.55 30.55
N ALA B 266 42.17 48.30 30.88
CA ALA B 266 42.80 47.56 31.97
C ALA B 266 44.23 47.39 31.69
N PHE B 267 44.50 47.12 30.36
CA PHE B 267 45.94 47.01 29.96
C PHE B 267 46.80 48.19 30.15
N VAL B 268 46.16 49.37 29.72
CA VAL B 268 46.89 50.61 29.84
C VAL B 268 47.19 50.86 31.24
N ASN B 269 46.23 50.56 32.15
CA ASN B 269 46.48 50.66 33.54
C ASN B 269 47.56 49.77 34.02
N ASN B 270 47.59 48.53 33.48
CA ASN B 270 48.70 47.62 33.84
C ASN B 270 50.06 48.13 33.36
N LEU B 271 50.22 48.69 32.14
CA LEU B 271 51.56 49.13 31.87
C LEU B 271 52.04 50.31 32.82
N VAL B 272 51.11 51.27 33.05
CA VAL B 272 51.50 52.42 33.87
C VAL B 272 51.88 52.10 35.35
N SER B 273 51.10 51.13 35.97
CA SER B 273 51.22 50.59 37.27
C SER B 273 52.45 49.96 37.52
N SER B 274 52.96 49.21 36.58
CA SER B 274 54.23 48.62 36.74
C SER B 274 55.27 49.63 36.77
N GLY B 275 55.11 50.80 36.16
CA GLY B 275 56.07 51.86 36.16
C GLY B 275 57.14 51.64 35.09
N THR B 276 56.98 50.59 34.24
CA THR B 276 57.79 50.29 33.12
C THR B 276 57.79 51.38 32.15
N VAL B 277 59.01 51.69 31.65
CA VAL B 277 59.31 52.55 30.61
C VAL B 277 59.98 51.74 29.59
N VAL B 278 59.52 51.74 28.34
CA VAL B 278 60.11 51.00 27.26
C VAL B 278 59.91 51.88 26.02
N SER B 279 60.40 51.50 24.81
CA SER B 279 60.24 52.13 23.56
C SER B 279 58.80 52.12 23.22
N LEU B 280 58.32 52.98 22.35
CA LEU B 280 56.99 53.04 21.88
C LEU B 280 56.59 51.80 21.11
N LYS B 281 57.55 51.23 20.39
CA LYS B 281 57.39 50.06 19.61
C LYS B 281 57.00 48.91 20.51
N SER B 282 57.69 48.83 21.66
CA SER B 282 57.38 47.84 22.63
C SER B 282 56.02 47.99 23.20
N LEU B 283 55.55 49.25 23.46
CA LEU B 283 54.22 49.40 24.02
C LEU B 283 53.13 48.90 23.10
N TYR B 284 53.40 49.23 21.83
CA TYR B 284 52.43 48.98 20.70
C TYR B 284 52.26 47.54 20.52
N ARG B 285 53.49 46.91 20.59
CA ARG B 285 53.68 45.50 20.45
C ARG B 285 52.98 44.78 21.51
N GLU B 286 53.05 45.26 22.77
CA GLU B 286 52.53 44.56 23.93
C GLU B 286 51.03 44.36 23.80
N ILE B 287 50.29 45.43 23.32
CA ILE B 287 48.86 45.33 23.02
C ILE B 287 48.61 45.35 21.53
N TYR B 288 49.38 44.61 20.73
CA TYR B 288 49.33 44.56 19.31
C TYR B 288 48.06 43.90 18.81
N GLU B 289 47.75 42.79 19.50
CA GLU B 289 46.61 42.00 19.17
C GLU B 289 45.30 42.70 19.25
N ASN B 290 45.00 43.59 20.24
CA ASN B 290 43.70 44.25 20.37
C ASN B 290 43.41 45.14 19.28
N ILE B 291 44.43 45.75 18.65
CA ILE B 291 44.36 46.69 17.53
C ILE B 291 43.77 46.08 16.29
N ILE B 292 44.22 44.84 16.18
CA ILE B 292 43.70 43.88 15.24
C ILE B 292 42.32 43.41 15.52
N ARG B 293 42.07 43.07 16.81
CA ARG B 293 40.77 42.57 17.21
C ARG B 293 39.73 43.58 17.04
N LEU B 294 39.93 44.84 17.41
CA LEU B 294 39.00 45.99 17.29
C LEU B 294 38.65 46.25 15.89
N ARG B 295 39.69 46.14 15.02
CA ARG B 295 39.66 46.49 13.63
C ARG B 295 38.67 45.62 12.84
N ILE B 296 38.65 44.34 13.05
CA ILE B 296 37.75 43.41 12.35
C ILE B 296 36.36 43.71 12.69
N TYR B 297 36.17 43.98 14.05
CA TYR B 297 34.87 44.28 14.53
C TYR B 297 34.18 45.48 13.94
N CYS B 298 34.93 46.49 13.64
CA CYS B 298 34.38 47.69 12.94
C CYS B 298 33.84 47.52 11.56
N ARG B 299 34.48 46.62 10.80
CA ARG B 299 34.02 46.35 9.48
C ARG B 299 32.62 45.76 9.47
N PHE B 300 32.36 44.82 10.41
CA PHE B 300 31.04 44.24 10.65
C PHE B 300 30.11 45.33 11.04
N THR B 301 30.52 46.27 11.99
CA THR B 301 29.67 47.28 12.57
C THR B 301 29.14 48.16 11.50
N GLU B 302 29.97 48.55 10.50
CA GLU B 302 29.53 49.45 9.46
C GLU B 302 28.42 48.70 8.71
N HIS B 303 28.56 47.41 8.27
CA HIS B 303 27.53 46.63 7.47
C HIS B 303 26.29 46.43 8.32
N LEU B 304 26.40 46.25 9.66
CA LEU B 304 25.34 45.97 10.60
C LEU B 304 24.34 47.07 10.63
N GLU B 305 24.86 48.28 10.27
CA GLU B 305 24.03 49.43 10.26
C GLU B 305 22.80 49.34 9.39
N GLU B 306 22.89 48.61 8.27
CA GLU B 306 21.76 48.19 7.46
C GLU B 306 20.91 47.15 8.09
N LEU B 307 21.66 46.18 8.60
CA LEU B 307 21.25 44.87 8.92
C LEU B 307 20.42 44.79 10.22
N SER B 308 19.57 43.71 10.33
CA SER B 308 18.77 43.45 11.42
C SER B 308 18.46 42.01 11.27
N GLY B 309 17.90 41.28 12.26
CA GLY B 309 17.44 39.89 12.08
C GLY B 309 18.56 38.84 11.89
N ASP B 310 18.20 37.91 11.02
CA ASP B 310 18.84 36.66 10.70
C ASP B 310 20.27 36.76 10.11
N THR B 311 20.58 37.95 9.49
CA THR B 311 21.90 38.13 8.95
C THR B 311 23.03 38.06 9.96
N PHE B 312 22.77 38.50 11.24
CA PHE B 312 23.71 38.39 12.29
C PHE B 312 24.14 37.00 12.58
N LEU B 313 23.24 35.97 12.54
CA LEU B 313 23.64 34.53 12.73
C LEU B 313 24.56 33.98 11.74
N ILE B 314 24.36 34.37 10.49
CA ILE B 314 25.07 33.98 9.29
C ILE B 314 26.42 34.51 9.44
N GLU B 315 26.60 35.70 9.87
CA GLU B 315 27.88 36.44 10.03
C GLU B 315 28.71 35.78 10.98
N LEU B 316 28.13 35.42 12.13
CA LEU B 316 28.70 34.69 13.19
C LEU B 316 29.09 33.27 12.80
N ASN B 317 28.28 32.57 11.95
CA ASN B 317 28.50 31.19 11.53
C ASN B 317 29.83 31.30 10.79
N ILE B 318 29.92 32.36 9.87
CA ILE B 318 31.10 32.48 9.04
C ILE B 318 32.32 32.80 9.87
N PHE B 319 32.26 33.72 10.89
CA PHE B 319 33.34 34.03 11.72
C PHE B 319 33.91 32.88 12.52
N LYS B 320 33.00 32.00 13.05
CA LYS B 320 33.46 30.81 13.77
C LYS B 320 34.36 29.84 13.01
N SER B 321 34.03 29.81 11.64
CA SER B 321 34.75 28.92 10.68
C SER B 321 36.18 29.28 10.50
N HIS B 322 36.44 30.58 10.58
CA HIS B 322 37.73 31.19 10.47
C HIS B 322 38.62 30.75 11.57
N GLY B 323 39.89 30.43 11.18
CA GLY B 323 41.02 29.87 11.96
C GLY B 323 41.60 30.85 12.91
N ASP B 324 42.63 30.40 13.65
CA ASP B 324 43.29 31.05 14.75
C ASP B 324 42.41 30.92 15.94
N LEU B 325 43.01 30.35 17.01
CA LEU B 325 42.32 29.96 18.15
C LEU B 325 41.48 31.24 18.70
N THR B 326 42.15 32.43 18.69
CA THR B 326 41.57 33.64 19.15
C THR B 326 40.38 34.14 18.32
N ILE B 327 40.41 34.09 17.03
CA ILE B 327 39.32 34.57 16.18
C ILE B 327 38.07 33.64 16.41
N ARG B 328 38.26 32.28 16.41
CA ARG B 328 37.25 31.30 16.69
C ARG B 328 36.71 31.51 18.08
N LYS B 329 37.58 31.78 19.12
CA LYS B 329 37.23 31.95 20.50
C LYS B 329 36.33 33.15 20.61
N ILE B 330 36.63 34.30 19.85
CA ILE B 330 35.76 35.43 19.95
C ILE B 330 34.42 35.11 19.46
N ALA B 331 34.41 34.44 18.32
CA ALA B 331 33.19 34.08 17.67
C ALA B 331 32.29 33.20 18.40
N THR B 332 32.86 32.17 19.10
CA THR B 332 32.15 31.25 19.93
C THR B 332 31.49 31.90 21.03
N ASN B 333 32.21 32.86 21.70
CA ASN B 333 31.67 33.57 22.82
C ASN B 333 30.51 34.31 22.39
N LEU B 334 30.58 34.91 21.18
CA LEU B 334 29.49 35.69 20.58
C LEU B 334 28.33 34.88 20.38
N PHE B 335 28.54 33.62 19.87
CA PHE B 335 27.49 32.64 19.56
C PHE B 335 26.68 32.31 20.76
N ASN B 336 27.41 32.11 21.93
CA ASN B 336 26.95 31.65 23.23
C ASN B 336 25.90 32.63 23.81
N SER B 337 26.23 33.92 23.68
CA SER B 337 25.34 35.00 23.98
C SER B 337 24.16 35.10 23.00
N MET B 338 24.28 34.77 21.70
CA MET B 338 23.19 34.76 20.74
C MET B 338 22.19 33.75 21.10
N ILE B 339 22.70 32.58 21.55
CA ILE B 339 21.99 31.44 21.95
C ILE B 339 21.12 31.69 23.16
N SER B 340 21.58 32.62 24.02
CA SER B 340 20.82 33.14 25.10
C SER B 340 19.48 33.76 24.65
N LEU B 341 19.54 34.44 23.47
CA LEU B 341 18.40 34.83 22.76
C LEU B 341 17.57 33.67 22.21
N TYR B 342 18.25 32.59 21.72
CA TYR B 342 17.54 31.45 21.18
C TYR B 342 16.69 30.82 22.27
N TYR B 343 17.32 30.60 23.41
CA TYR B 343 16.78 29.88 24.60
C TYR B 343 15.60 30.66 25.08
N GLU B 344 15.75 32.05 25.02
CA GLU B 344 14.62 33.04 25.42
C GLU B 344 13.43 32.89 24.56
N TYR B 345 13.63 32.73 23.19
CA TYR B 345 12.56 32.50 22.26
C TYR B 345 11.89 31.16 22.53
N LEU B 346 12.65 30.10 22.78
CA LEU B 346 12.15 28.81 23.07
C LEU B 346 11.36 28.78 24.32
N MET B 347 11.88 29.46 25.39
CA MET B 347 11.18 29.49 26.66
C MET B 347 9.89 30.15 26.59
N ASN B 348 9.79 31.27 25.82
CA ASN B 348 8.60 31.97 25.65
C ASN B 348 7.50 31.11 24.93
N TRP B 349 7.98 30.45 23.86
CA TRP B 349 7.18 29.61 23.03
C TRP B 349 6.68 28.41 23.81
N LEU B 350 7.55 27.58 24.41
CA LEU B 350 7.17 26.36 25.06
C LEU B 350 6.30 26.57 26.28
N THR B 351 6.64 27.58 27.10
CA THR B 351 5.93 27.89 28.35
C THR B 351 4.72 28.68 28.18
N LYS B 352 4.70 29.62 27.18
CA LYS B 352 3.58 30.51 27.04
C LYS B 352 2.99 30.69 25.62
N GLY B 353 3.38 29.73 24.70
CA GLY B 353 2.89 29.66 23.32
C GLY B 353 3.11 30.99 22.52
N LEU B 354 4.20 31.73 22.90
CA LEU B 354 4.33 33.12 22.57
C LEU B 354 5.71 33.40 22.19
N LEU B 355 5.96 34.41 21.33
CA LEU B 355 7.22 34.75 20.88
C LEU B 355 7.24 36.28 20.83
N ARG B 356 8.36 36.84 21.25
CA ARG B 356 8.72 38.18 21.19
C ARG B 356 9.87 38.30 20.28
N ALA B 357 9.42 38.15 18.98
CA ALA B 357 10.21 38.26 17.75
C ALA B 357 10.89 39.66 17.84
N THR B 358 10.10 40.73 18.15
CA THR B 358 10.44 42.12 18.34
C THR B 358 10.70 42.86 17.14
N TYR B 359 11.94 42.70 16.57
CA TYR B 359 12.46 43.37 15.43
C TYR B 359 12.54 42.31 14.38
N GLY B 360 11.79 41.10 14.48
CA GLY B 360 11.86 40.09 13.46
C GLY B 360 13.08 39.26 13.56
N GLU B 361 13.36 38.73 14.76
CA GLU B 361 14.49 37.92 15.07
C GLU B 361 14.06 36.50 14.85
N PHE B 362 12.77 36.18 15.24
CA PHE B 362 12.30 34.78 15.10
C PHE B 362 11.52 34.50 13.88
N PHE B 363 10.40 33.70 13.88
CA PHE B 363 9.55 33.19 12.77
C PHE B 363 8.08 33.30 13.10
N ILE B 364 7.73 34.30 13.99
CA ILE B 364 6.34 34.64 14.10
C ILE B 364 5.90 35.88 13.32
N ALA B 365 4.77 35.75 12.51
CA ALA B 365 4.22 36.86 11.76
C ALA B 365 2.84 37.14 12.18
N GLU B 366 2.41 38.46 12.04
CA GLU B 366 1.15 38.95 12.45
C GLU B 366 0.13 38.34 11.59
N ASN B 367 0.45 38.11 10.30
CA ASN B 367 -0.45 37.40 9.39
C ASN B 367 -0.07 35.92 9.25
N TYR B 379 -10.80 40.89 5.66
CA TYR B 379 -9.34 40.98 5.75
C TYR B 379 -8.82 39.78 6.45
N HIS B 380 -7.54 39.51 6.38
CA HIS B 380 -6.98 38.24 6.85
C HIS B 380 -5.68 38.50 7.60
N ILE B 381 -5.59 38.16 8.95
CA ILE B 381 -4.55 38.59 9.88
C ILE B 381 -4.35 37.58 10.97
N PRO B 382 -4.60 36.27 10.91
CA PRO B 382 -4.27 35.38 12.02
C PRO B 382 -2.75 35.15 12.24
N ILE B 383 -2.29 34.95 13.44
CA ILE B 383 -0.85 34.89 13.67
C ILE B 383 -0.44 33.57 13.14
N GLU B 384 0.78 33.51 12.53
CA GLU B 384 1.33 32.31 11.90
C GLU B 384 2.89 32.27 11.84
N PHE B 385 3.47 31.12 11.46
CA PHE B 385 4.92 30.72 11.35
C PHE B 385 5.48 31.04 9.98
N ASN B 386 6.68 31.60 9.93
CA ASN B 386 7.31 31.92 8.75
C ASN B 386 8.34 30.87 8.50
N GLN B 387 7.90 29.82 7.73
CA GLN B 387 8.64 28.63 7.52
C GLN B 387 9.86 28.86 6.74
N GLU B 388 9.72 29.82 5.79
CA GLU B 388 10.79 30.10 4.89
C GLU B 388 12.05 30.54 5.53
N ARG B 389 11.98 31.36 6.61
CA ARG B 389 13.11 31.89 7.32
C ARG B 389 13.89 30.93 8.26
N VAL B 390 13.13 29.88 8.76
CA VAL B 390 13.50 28.91 9.69
C VAL B 390 14.76 28.19 9.27
N PRO B 391 15.87 28.05 10.01
CA PRO B 391 17.10 27.36 9.55
C PRO B 391 16.97 25.95 10.01
N ALA B 392 18.02 25.19 9.63
CA ALA B 392 18.21 23.76 9.91
C ALA B 392 19.27 23.70 11.01
N PHE B 393 19.75 24.83 11.56
CA PHE B 393 20.80 24.87 12.58
C PHE B 393 20.41 24.03 13.77
N ILE B 394 19.09 23.94 14.08
CA ILE B 394 18.55 22.76 14.72
C ILE B 394 17.45 22.45 13.71
N PRO B 395 17.27 21.32 13.02
CA PRO B 395 16.51 20.98 11.85
C PRO B 395 15.20 21.75 11.61
N LYS B 396 14.80 22.07 10.32
CA LYS B 396 13.59 22.82 10.03
C LYS B 396 12.33 22.13 10.55
N GLU B 397 12.26 20.78 10.45
CA GLU B 397 11.08 19.96 10.82
C GLU B 397 10.74 20.04 12.28
N LEU B 398 11.80 20.04 13.15
CA LEU B 398 11.91 20.10 14.53
C LEU B 398 11.36 21.46 14.85
N ALA B 399 11.71 22.47 14.10
CA ALA B 399 11.13 23.83 14.27
C ALA B 399 9.63 24.02 14.02
N TYR B 400 9.10 23.36 12.98
CA TYR B 400 7.74 23.38 12.76
C TYR B 400 6.95 22.72 13.83
N LYS B 401 7.45 21.56 14.31
CA LYS B 401 6.82 20.74 15.30
C LYS B 401 6.70 21.45 16.59
N ILE B 402 7.76 22.23 17.06
CA ILE B 402 7.83 23.00 18.27
C ILE B 402 6.83 24.09 18.18
N PHE B 403 6.70 24.70 16.92
CA PHE B 403 5.75 25.73 16.64
C PHE B 403 4.47 25.11 16.90
N MET B 404 4.18 23.91 16.50
CA MET B 404 2.88 23.39 16.60
C MET B 404 2.38 23.25 17.99
N ILE B 405 3.26 22.77 18.84
CA ILE B 405 2.93 22.58 20.23
C ILE B 405 2.63 23.82 20.95
N GLY B 406 3.37 24.91 20.75
CA GLY B 406 2.95 26.17 21.41
C GLY B 406 1.65 26.74 21.00
N LYS B 407 1.42 26.65 19.65
CA LYS B 407 0.24 27.25 19.07
C LYS B 407 -1.02 26.65 19.57
N SER B 408 -0.95 25.32 19.66
CA SER B 408 -2.01 24.55 20.28
C SER B 408 -2.29 24.80 21.69
N TYR B 409 -1.18 25.00 22.53
CA TYR B 409 -1.36 25.17 23.92
C TYR B 409 -2.09 26.47 24.23
N ILE B 410 -1.76 27.60 23.53
CA ILE B 410 -2.48 28.84 23.66
C ILE B 410 -3.92 28.74 23.22
N PHE B 411 -4.21 27.98 22.11
CA PHE B 411 -5.57 27.77 21.57
C PHE B 411 -6.38 27.00 22.59
N LEU B 412 -5.82 26.05 23.32
CA LEU B 412 -6.47 25.25 24.33
C LEU B 412 -6.91 26.16 25.47
N GLU B 413 -6.08 27.12 25.79
CA GLU B 413 -6.42 28.05 26.78
C GLU B 413 -7.60 28.89 26.32
N LYS B 414 -7.60 29.26 24.99
CA LYS B 414 -8.66 30.02 24.33
C LYS B 414 -9.95 29.22 24.27
N TYR B 415 -9.84 27.86 24.19
CA TYR B 415 -10.89 26.87 24.19
C TYR B 415 -11.70 26.98 25.41
N CYS B 416 -10.89 27.12 26.53
CA CYS B 416 -11.13 27.41 27.88
C CYS B 416 -10.15 26.68 28.60
N LYS B 417 -9.52 27.32 29.64
CA LYS B 417 -8.52 26.91 30.65
C LYS B 417 -7.73 25.68 30.28
N GLU B 418 -7.39 24.92 31.34
CA GLU B 418 -6.58 23.73 31.38
C GLU B 418 -5.16 24.21 31.23
N VAL B 419 -4.69 25.14 32.00
CA VAL B 419 -3.31 25.53 32.03
C VAL B 419 -2.65 24.34 32.71
N GLN B 420 -1.60 23.80 32.02
CA GLN B 420 -0.84 22.59 32.40
C GLN B 420 0.07 23.01 33.53
N TRP B 421 -0.29 22.43 34.70
CA TRP B 421 0.20 22.85 36.00
C TRP B 421 1.65 22.34 36.15
N THR B 422 2.08 21.37 35.26
CA THR B 422 3.46 20.91 35.20
C THR B 422 3.94 21.61 33.99
N ASN B 423 3.87 20.89 32.85
CA ASN B 423 4.85 20.88 31.83
C ASN B 423 6.27 20.46 32.20
N GLU B 424 6.55 19.87 33.43
CA GLU B 424 7.57 20.35 34.34
C GLU B 424 8.18 21.71 34.04
N PHE B 425 7.56 22.77 34.69
CA PHE B 425 7.19 23.97 33.94
C PHE B 425 8.08 24.35 32.75
N SER B 426 7.45 24.40 31.53
CA SER B 426 7.96 23.95 30.23
C SER B 426 9.45 24.10 30.02
N LYS B 427 10.00 22.90 30.09
CA LYS B 427 11.31 22.48 30.59
C LYS B 427 12.30 23.63 30.72
N LYS B 428 12.16 24.45 31.76
CA LYS B 428 13.14 25.40 32.25
C LYS B 428 14.27 24.71 32.78
N TYR B 429 13.99 23.62 33.40
CA TYR B 429 14.97 22.80 34.08
C TYR B 429 15.98 22.34 33.01
N HIS B 430 15.42 21.99 31.80
CA HIS B 430 16.22 21.62 30.68
C HIS B 430 17.03 22.81 30.26
N VAL B 431 16.44 24.03 30.24
CA VAL B 431 17.08 25.17 29.68
C VAL B 431 18.27 25.47 30.51
N LEU B 432 18.10 25.29 31.90
CA LEU B 432 19.11 25.50 32.85
C LEU B 432 20.23 24.52 32.62
N TYR B 433 19.94 23.25 32.27
CA TYR B 433 20.89 22.20 31.87
C TYR B 433 21.77 22.54 30.59
N GLN B 434 21.10 23.09 29.56
CA GLN B 434 21.72 23.48 28.25
C GLN B 434 22.68 24.62 28.40
N SER B 435 22.28 25.56 29.43
CA SER B 435 23.22 26.67 29.75
C SER B 435 24.60 26.20 30.23
N ASN B 436 24.67 25.05 30.80
CA ASN B 436 25.84 24.47 31.39
C ASN B 436 26.74 24.11 30.26
N SER B 437 26.23 23.70 29.03
CA SER B 437 26.89 23.33 27.82
C SER B 437 27.40 24.64 27.13
N TYR B 438 28.05 24.56 26.00
CA TYR B 438 28.41 25.71 25.21
C TYR B 438 27.28 26.46 24.60
N ARG B 439 26.26 25.76 24.14
CA ARG B 439 25.12 26.39 23.52
C ARG B 439 23.98 25.46 23.51
N GLY B 440 24.10 24.29 24.24
CA GLY B 440 23.04 23.31 24.35
C GLY B 440 23.07 22.11 23.32
N ILE B 441 22.70 20.90 23.69
CA ILE B 441 22.69 19.78 22.78
C ILE B 441 21.42 19.77 22.00
N SER B 442 21.42 19.58 20.66
CA SER B 442 20.28 19.61 19.84
C SER B 442 19.35 18.50 20.08
N THR B 443 20.02 17.30 20.23
CA THR B 443 19.36 15.97 20.44
C THR B 443 18.61 16.00 21.72
N ASN B 444 19.27 16.58 22.73
CA ASN B 444 18.68 16.76 24.03
C ASN B 444 17.50 17.66 23.89
N PHE B 445 17.54 18.80 23.10
CA PHE B 445 16.39 19.71 22.94
C PHE B 445 15.32 19.03 22.30
N PHE B 446 15.61 18.22 21.27
CA PHE B 446 14.59 17.49 20.58
C PHE B 446 13.95 16.50 21.46
N GLU B 447 14.72 15.83 22.28
CA GLU B 447 14.23 14.74 23.16
C GLU B 447 13.14 15.22 24.09
N ILE B 448 13.39 16.41 24.72
CA ILE B 448 12.36 16.93 25.51
C ILE B 448 11.20 17.36 24.74
N ILE B 449 11.34 18.01 23.56
CA ILE B 449 10.21 18.46 22.80
C ILE B 449 9.36 17.37 22.28
N ASN B 450 9.98 16.27 21.72
CA ASN B 450 9.15 15.20 21.26
C ASN B 450 8.38 14.48 22.49
N ASP B 451 8.98 14.32 23.77
CA ASP B 451 8.16 13.67 24.76
C ASP B 451 6.99 14.49 25.15
N GLN B 452 7.24 15.79 25.26
CA GLN B 452 6.10 16.68 25.69
C GLN B 452 5.07 16.75 24.61
N TYR B 453 5.41 16.76 23.30
CA TYR B 453 4.51 16.83 22.19
C TYR B 453 3.60 15.63 22.12
N SER B 454 4.10 14.34 22.21
CA SER B 454 3.27 13.11 22.17
C SER B 454 2.32 13.21 23.34
N GLU B 455 2.88 13.62 24.51
CA GLU B 455 2.12 13.65 25.73
C GLU B 455 0.87 14.60 25.75
N ILE B 456 1.18 15.82 25.20
CA ILE B 456 0.25 16.89 24.97
C ILE B 456 -0.76 16.56 23.93
N VAL B 457 -0.39 15.89 22.84
CA VAL B 457 -1.25 15.49 21.75
C VAL B 457 -2.23 14.50 22.29
N ASN B 458 -1.76 13.47 23.04
CA ASN B 458 -2.70 12.49 23.51
C ASN B 458 -3.66 13.07 24.50
N HIS B 459 -3.15 13.87 25.45
CA HIS B 459 -3.97 14.44 26.54
C HIS B 459 -4.93 15.41 25.93
N THR B 460 -4.54 16.11 24.86
CA THR B 460 -5.35 17.02 24.14
C THR B 460 -6.39 16.23 23.34
N ASN B 461 -6.11 15.05 22.77
CA ASN B 461 -7.08 14.16 22.10
C ASN B 461 -8.04 13.81 23.20
N GLN B 462 -7.70 13.41 24.46
CA GLN B 462 -8.57 12.95 25.51
C GLN B 462 -9.54 14.11 25.92
N ILE B 463 -8.90 15.31 25.94
CA ILE B 463 -9.75 16.55 26.09
C ILE B 463 -10.72 16.82 25.04
N LEU B 464 -10.33 16.66 23.79
CA LEU B 464 -11.19 17.00 22.72
C LEU B 464 -12.29 16.04 22.69
N ASN B 465 -11.88 14.75 22.64
CA ASN B 465 -12.71 13.64 22.42
C ASN B 465 -13.64 13.32 23.56
N GLN B 466 -13.06 13.13 24.75
CA GLN B 466 -13.79 12.75 25.94
C GLN B 466 -14.59 13.83 26.48
N LYS B 467 -13.77 14.92 26.61
CA LYS B 467 -14.29 16.09 27.22
C LYS B 467 -15.18 16.92 26.36
N PHE B 468 -14.82 17.17 25.05
CA PHE B 468 -15.56 18.09 24.21
C PHE B 468 -16.04 17.44 22.97
N HIS B 469 -16.22 16.12 23.05
CA HIS B 469 -16.91 15.21 22.26
C HIS B 469 -16.69 15.23 20.78
N TYR B 470 -15.45 15.37 20.35
CA TYR B 470 -15.06 15.45 18.98
C TYR B 470 -15.25 14.32 18.07
N ARG B 471 -14.91 13.16 18.66
CA ARG B 471 -15.14 11.84 18.05
C ARG B 471 -16.63 11.69 17.81
N ASP B 472 -17.49 12.14 18.79
CA ASP B 472 -18.91 12.10 18.71
C ASP B 472 -19.37 12.99 17.60
N VAL B 473 -18.75 14.17 17.52
CA VAL B 473 -19.20 15.19 16.51
C VAL B 473 -18.94 14.79 15.13
N VAL B 474 -17.84 14.12 14.86
CA VAL B 474 -17.58 13.66 13.50
C VAL B 474 -18.63 12.66 13.05
N PHE B 475 -19.07 11.69 13.99
CA PHE B 475 -20.07 10.70 13.73
C PHE B 475 -21.42 11.42 13.36
N ALA B 476 -21.76 12.47 14.12
CA ALA B 476 -22.91 13.29 14.02
C ALA B 476 -23.01 13.99 12.75
N LEU B 477 -21.84 14.44 12.25
CA LEU B 477 -21.75 15.20 10.96
C LEU B 477 -22.16 14.30 9.91
N LYS B 478 -21.67 13.11 10.01
CA LYS B 478 -21.96 12.05 9.03
C LYS B 478 -23.36 11.77 9.02
N ASN B 479 -24.02 11.68 10.19
CA ASN B 479 -25.41 11.42 10.31
C ASN B 479 -26.29 12.51 9.73
N ILE B 480 -25.98 13.75 9.95
CA ILE B 480 -26.83 14.79 9.40
C ILE B 480 -26.52 14.90 7.89
N LEU B 481 -25.26 15.28 7.68
CA LEU B 481 -24.79 15.82 6.38
C LEU B 481 -24.73 14.80 5.28
N LEU B 482 -24.16 13.64 5.58
CA LEU B 482 -24.00 12.49 4.74
C LEU B 482 -25.11 11.51 4.94
N MET B 483 -26.17 11.99 5.70
CA MET B 483 -27.48 11.43 5.90
C MET B 483 -27.56 10.06 6.45
N GLY B 484 -26.72 9.90 7.49
CA GLY B 484 -26.68 8.70 8.34
C GLY B 484 -27.65 8.79 9.44
N LYS B 485 -28.85 9.37 9.18
CA LYS B 485 -29.94 9.59 10.07
C LYS B 485 -30.96 10.09 9.08
N SER B 486 -31.51 9.13 8.29
CA SER B 486 -32.40 9.43 7.24
C SER B 486 -33.76 9.93 7.88
N ASP B 487 -34.09 9.52 9.13
CA ASP B 487 -35.36 9.65 9.85
C ASP B 487 -35.71 11.03 10.08
N PHE B 488 -34.69 11.85 10.51
CA PHE B 488 -34.82 13.25 10.79
C PHE B 488 -35.24 14.03 9.58
N MET B 489 -34.61 13.78 8.38
CA MET B 489 -35.04 14.50 7.13
C MET B 489 -36.41 14.16 6.71
N ASP B 490 -36.78 12.83 6.86
CA ASP B 490 -38.12 12.46 6.54
C ASP B 490 -39.18 13.11 7.42
N ALA B 491 -39.03 13.16 8.78
CA ALA B 491 -39.99 13.86 9.66
C ALA B 491 -40.05 15.31 9.33
N LEU B 492 -38.92 15.90 9.10
CA LEU B 492 -38.87 17.27 8.80
C LEU B 492 -39.60 17.65 7.53
N ILE B 493 -39.46 16.89 6.44
CA ILE B 493 -40.13 17.04 5.17
C ILE B 493 -41.58 16.86 5.26
N GLU B 494 -42.07 15.82 6.06
CA GLU B 494 -43.48 15.62 6.22
C GLU B 494 -44.09 16.88 6.85
N LYS B 495 -43.52 17.42 7.91
CA LYS B 495 -44.13 18.64 8.47
C LYS B 495 -44.02 19.85 7.61
N ALA B 496 -42.77 20.00 7.05
CA ALA B 496 -42.38 21.14 6.26
C ALA B 496 -42.96 21.39 4.94
N ASN B 497 -43.38 20.30 4.23
CA ASN B 497 -43.74 20.32 2.82
C ASN B 497 -44.77 21.39 2.38
N ASP B 498 -45.81 21.61 3.18
CA ASP B 498 -46.86 22.53 2.86
C ASP B 498 -46.47 24.00 2.68
N ILE B 499 -45.68 24.39 3.69
CA ILE B 499 -45.11 25.71 3.85
C ILE B 499 -44.08 26.07 2.84
N LEU B 500 -43.22 25.14 2.45
CA LEU B 500 -42.14 25.26 1.47
C LEU B 500 -42.69 25.27 0.11
N ALA B 501 -43.83 24.58 -0.08
CA ALA B 501 -44.49 24.39 -1.33
C ALA B 501 -44.86 25.66 -1.90
N THR B 502 -45.28 26.69 -1.13
CA THR B 502 -45.63 28.02 -1.69
C THR B 502 -44.36 28.84 -1.70
N PRO B 503 -44.21 29.92 -2.51
CA PRO B 503 -43.07 30.89 -2.45
C PRO B 503 -42.92 31.57 -1.12
N SER B 504 -41.73 31.99 -0.75
CA SER B 504 -41.21 32.43 0.53
C SER B 504 -41.98 33.50 1.27
N ASP B 505 -42.01 33.33 2.66
CA ASP B 505 -42.61 34.29 3.53
C ASP B 505 -41.93 34.23 4.90
N SER B 506 -42.33 35.18 5.81
CA SER B 506 -41.68 35.29 7.14
C SER B 506 -41.86 34.07 8.00
N LEU B 507 -42.99 33.34 7.95
CA LEU B 507 -43.27 32.23 8.79
C LEU B 507 -42.42 30.98 8.55
N PRO B 508 -41.98 30.55 7.37
CA PRO B 508 -41.29 29.27 7.21
C PRO B 508 -40.10 29.08 8.09
N ASN B 509 -39.25 30.09 8.30
CA ASN B 509 -38.02 29.97 9.02
C ASN B 509 -38.15 29.52 10.45
N TYR B 510 -39.19 30.11 11.19
CA TYR B 510 -39.53 29.71 12.52
C TYR B 510 -40.09 28.33 12.51
N LYS B 511 -40.98 28.10 11.52
CA LYS B 511 -41.71 26.85 11.49
C LYS B 511 -40.77 25.73 11.30
N LEU B 512 -39.76 25.89 10.41
CA LEU B 512 -38.71 24.96 10.09
C LEU B 512 -37.85 24.71 11.29
N THR B 513 -37.58 25.69 12.21
CA THR B 513 -36.86 25.48 13.44
C THR B 513 -37.75 24.57 14.33
N ARG B 514 -39.06 24.71 14.45
CA ARG B 514 -39.90 23.77 15.22
C ARG B 514 -39.88 22.37 14.64
N VAL B 515 -40.04 22.28 13.25
CA VAL B 515 -40.01 20.97 12.68
C VAL B 515 -38.69 20.25 12.84
N LEU B 516 -37.60 21.00 12.79
CA LEU B 516 -36.32 20.43 13.02
C LEU B 516 -36.20 19.90 14.42
N GLN B 517 -36.71 20.62 15.48
CA GLN B 517 -36.67 20.12 16.80
C GLN B 517 -37.52 18.86 17.01
N GLU B 518 -38.75 18.88 16.45
CA GLU B 518 -39.65 17.78 16.60
C GLU B 518 -39.07 16.54 15.91
N ALA B 519 -38.38 16.80 14.78
CA ALA B 519 -37.67 15.79 13.99
C ALA B 519 -36.53 15.17 14.92
N VAL B 520 -35.78 15.90 15.76
CA VAL B 520 -34.84 15.34 16.74
C VAL B 520 -35.52 14.44 17.76
N GLN B 521 -36.73 14.76 18.32
CA GLN B 521 -37.53 13.96 19.23
C GLN B 521 -38.03 12.64 18.67
N LEU B 522 -38.55 12.72 17.46
CA LEU B 522 -39.13 11.73 16.55
C LEU B 522 -38.04 10.71 16.21
N SER B 523 -36.77 11.33 16.02
CA SER B 523 -35.54 10.56 15.76
C SER B 523 -35.06 9.85 17.02
N SER B 524 -35.66 9.98 18.21
CA SER B 524 -35.25 9.29 19.42
C SER B 524 -33.87 9.54 19.79
N LEU B 525 -33.51 10.92 19.94
CA LEU B 525 -32.09 11.20 20.28
C LEU B 525 -32.07 11.09 21.78
N ARG B 526 -31.04 10.52 22.46
CA ARG B 526 -31.01 10.31 23.83
C ARG B 526 -30.26 11.45 24.37
N HIS B 527 -30.83 11.85 25.52
CA HIS B 527 -30.43 13.03 26.25
C HIS B 527 -29.99 12.61 27.63
N LEU B 528 -29.71 11.31 27.80
CA LEU B 528 -29.10 10.75 29.04
C LEU B 528 -27.59 10.84 29.07
N MET B 529 -26.90 10.64 30.20
CA MET B 529 -25.46 10.46 30.11
C MET B 529 -25.14 9.02 30.07
N ASN B 530 -23.93 8.77 29.50
CA ASN B 530 -23.38 7.50 28.98
C ASN B 530 -23.93 7.26 27.59
N SER B 531 -24.48 8.35 26.99
CA SER B 531 -25.05 8.53 25.64
C SER B 531 -24.97 10.03 25.45
N PRO B 532 -25.61 10.69 24.46
CA PRO B 532 -25.44 12.12 24.37
C PRO B 532 -26.19 12.84 25.41
N ARG B 533 -25.75 14.03 25.88
CA ARG B 533 -26.58 14.78 26.80
C ARG B 533 -26.19 16.27 26.74
N ASN B 534 -24.98 16.55 27.17
CA ASN B 534 -24.28 17.76 27.26
C ASN B 534 -23.88 18.00 25.84
N SER B 535 -23.63 17.01 24.97
CA SER B 535 -23.29 17.08 23.62
C SER B 535 -23.94 18.18 22.87
N SER B 536 -23.23 18.80 21.96
CA SER B 536 -23.68 19.94 21.15
C SER B 536 -24.58 19.50 20.04
N VAL B 537 -24.76 18.16 19.95
CA VAL B 537 -25.61 17.56 18.99
C VAL B 537 -27.02 17.78 19.41
N ILE B 538 -27.25 17.55 20.72
CA ILE B 538 -28.45 17.82 21.50
C ILE B 538 -28.73 19.24 21.45
N ASN B 539 -27.71 20.05 21.43
CA ASN B 539 -27.92 21.45 21.47
C ASN B 539 -26.92 22.17 20.56
N GLY B 540 -27.37 22.43 19.28
CA GLY B 540 -26.51 23.08 18.41
C GLY B 540 -27.02 23.32 17.02
N LEU B 541 -28.28 23.02 16.67
CA LEU B 541 -28.89 23.34 15.40
C LEU B 541 -29.79 24.51 15.38
N ASP B 542 -29.60 25.44 14.41
CA ASP B 542 -30.42 26.65 14.29
C ASP B 542 -30.75 26.62 12.77
N ALA B 543 -31.99 27.10 12.32
CA ALA B 543 -32.26 27.09 10.90
C ALA B 543 -31.88 28.45 10.46
N ARG B 544 -31.22 28.48 9.22
CA ARG B 544 -30.65 29.66 8.70
C ARG B 544 -31.36 29.97 7.42
N VAL B 545 -31.42 31.21 7.01
CA VAL B 545 -31.93 31.70 5.72
C VAL B 545 -30.82 32.49 5.13
N LEU B 546 -30.57 32.31 3.80
CA LEU B 546 -29.47 32.89 3.11
C LEU B 546 -30.02 33.42 1.83
N ASP B 547 -29.13 34.17 1.20
CA ASP B 547 -29.25 34.89 -0.09
C ASP B 547 -28.85 33.81 -1.08
N LEU B 548 -29.37 33.89 -2.32
CA LEU B 548 -29.27 33.03 -3.51
C LEU B 548 -30.11 31.86 -3.44
N GLY B 549 -31.21 31.89 -4.28
CA GLY B 549 -32.24 30.83 -4.41
C GLY B 549 -33.41 31.45 -3.77
N HIS B 550 -33.86 32.61 -4.24
CA HIS B 550 -35.05 33.23 -3.69
C HIS B 550 -35.82 33.82 -4.84
N GLY B 551 -37.18 33.86 -4.60
CA GLY B 551 -38.16 34.44 -5.51
C GLY B 551 -38.55 33.40 -6.49
N SER B 552 -38.31 32.17 -6.06
CA SER B 552 -38.62 30.91 -6.79
C SER B 552 -39.75 30.22 -6.05
N VAL B 553 -39.34 29.50 -4.99
CA VAL B 553 -40.24 28.87 -4.11
C VAL B 553 -39.64 28.86 -2.75
N GLY B 554 -40.40 28.48 -1.65
CA GLY B 554 -39.95 28.54 -0.23
C GLY B 554 -38.74 27.70 0.10
N TRP B 555 -38.69 26.50 -0.54
CA TRP B 555 -37.73 25.42 -0.34
C TRP B 555 -36.27 25.93 -0.70
N ASP B 556 -36.01 26.68 -1.82
CA ASP B 556 -34.76 27.09 -2.38
C ASP B 556 -34.10 28.04 -1.33
N VAL B 557 -34.83 28.90 -0.60
CA VAL B 557 -34.24 29.87 0.26
C VAL B 557 -33.57 29.15 1.51
N PHE B 558 -34.07 27.95 1.77
CA PHE B 558 -33.66 27.30 2.96
C PHE B 558 -32.24 26.88 3.12
N THR B 559 -31.67 27.08 4.36
CA THR B 559 -30.38 26.60 4.72
C THR B 559 -30.43 26.30 6.24
N LEU B 560 -29.35 25.60 6.71
CA LEU B 560 -29.18 25.02 8.05
C LEU B 560 -27.91 25.33 8.66
N ASP B 561 -27.75 25.70 9.96
CA ASP B 561 -26.58 26.18 10.57
C ASP B 561 -26.38 25.27 11.74
N TYR B 562 -25.09 24.84 11.94
CA TYR B 562 -24.74 24.05 13.08
C TYR B 562 -23.79 25.02 13.71
N ILE B 563 -23.89 25.20 15.00
CA ILE B 563 -23.12 26.12 15.81
C ILE B 563 -21.90 25.33 16.11
N LEU B 564 -20.67 25.96 16.02
CA LEU B 564 -19.41 25.29 16.16
C LEU B 564 -18.54 26.45 15.91
N TYR B 565 -17.72 26.76 16.94
CA TYR B 565 -16.72 27.82 16.94
C TYR B 565 -15.30 27.32 17.03
N PRO B 566 -14.84 26.40 17.84
CA PRO B 566 -13.46 25.92 17.65
C PRO B 566 -13.36 24.89 16.56
N PRO B 567 -12.25 24.69 15.91
CA PRO B 567 -11.04 25.34 16.13
C PRO B 567 -11.06 26.53 15.13
N LEU B 568 -12.24 26.89 14.61
CA LEU B 568 -12.39 27.98 13.67
C LEU B 568 -12.00 29.36 14.17
N SER B 569 -12.12 29.61 15.49
CA SER B 569 -12.05 30.93 16.08
C SER B 569 -10.77 31.75 15.80
N LEU B 570 -9.61 31.07 15.51
CA LEU B 570 -8.33 31.63 15.09
C LEU B 570 -8.50 32.37 13.76
N VAL B 571 -9.26 31.80 12.78
CA VAL B 571 -9.46 32.43 11.46
C VAL B 571 -10.94 32.75 11.72
N LEU B 572 -11.24 33.91 12.38
CA LEU B 572 -12.50 34.37 12.72
C LEU B 572 -12.18 35.62 13.49
N ASN B 573 -11.04 36.23 13.26
CA ASN B 573 -10.73 37.41 14.02
C ASN B 573 -11.44 38.62 13.39
N VAL B 574 -11.38 38.63 12.04
CA VAL B 574 -12.02 39.49 11.13
C VAL B 574 -11.98 38.70 9.89
N ASN B 575 -11.37 37.48 9.90
CA ASN B 575 -11.07 36.63 8.81
C ASN B 575 -12.22 35.78 8.45
N ARG B 576 -12.16 35.04 7.32
CA ARG B 576 -13.33 34.32 6.75
C ARG B 576 -13.00 32.86 6.69
N PRO B 577 -13.60 32.00 7.47
CA PRO B 577 -13.12 30.58 7.30
C PRO B 577 -14.05 30.01 6.21
N PHE B 578 -13.54 29.82 4.96
CA PHE B 578 -14.31 29.14 3.92
C PHE B 578 -14.22 27.59 3.85
N GLY B 579 -13.80 27.01 5.04
CA GLY B 579 -13.90 25.62 5.44
C GLY B 579 -15.35 25.34 5.59
N ARG B 580 -16.05 26.31 6.29
CA ARG B 580 -17.41 26.32 6.55
C ARG B 580 -18.20 26.53 5.35
N LYS B 581 -17.72 27.39 4.41
CA LYS B 581 -18.29 27.56 3.12
C LYS B 581 -18.17 26.34 2.26
N GLU B 582 -17.07 25.57 2.32
CA GLU B 582 -17.05 24.30 1.62
C GLU B 582 -18.04 23.18 1.94
N TYR B 583 -18.14 22.89 3.23
CA TYR B 583 -19.08 21.97 3.83
C TYR B 583 -20.48 22.32 3.59
N LEU B 584 -20.87 23.65 3.58
CA LEU B 584 -22.12 24.10 3.20
C LEU B 584 -22.46 23.74 1.77
N ARG B 585 -21.48 23.85 0.85
CA ARG B 585 -21.73 23.50 -0.47
C ARG B 585 -22.03 22.08 -0.72
N ILE B 586 -21.29 21.10 -0.14
CA ILE B 586 -21.67 19.66 -0.34
C ILE B 586 -23.03 19.36 0.29
N PHE B 587 -23.25 19.97 1.50
CA PHE B 587 -24.47 19.71 2.17
C PHE B 587 -25.70 20.02 1.35
N ASN B 588 -25.65 21.19 0.64
CA ASN B 588 -26.74 21.69 -0.09
C ASN B 588 -27.15 20.83 -1.22
N PHE B 589 -26.12 20.30 -1.90
CA PHE B 589 -26.35 19.44 -3.07
C PHE B 589 -27.01 18.17 -2.67
N LEU B 590 -26.49 17.56 -1.60
CA LEU B 590 -27.11 16.44 -1.14
C LEU B 590 -28.56 16.65 -0.65
N TRP B 591 -28.82 17.75 0.17
CA TRP B 591 -30.11 18.01 0.78
C TRP B 591 -31.19 18.29 -0.30
N ARG B 592 -30.78 18.98 -1.44
CA ARG B 592 -31.68 19.28 -2.52
C ARG B 592 -32.21 18.06 -3.16
N PHE B 593 -31.26 17.12 -3.35
CA PHE B 593 -31.74 15.85 -3.90
C PHE B 593 -32.60 14.99 -3.13
N LYS B 594 -32.29 14.92 -1.75
CA LYS B 594 -32.93 14.13 -0.75
C LYS B 594 -34.36 14.54 -0.65
N LYS B 595 -34.62 15.83 -0.72
CA LYS B 595 -35.89 16.47 -0.77
C LYS B 595 -36.66 16.13 -2.00
N ASN B 596 -36.04 16.11 -3.26
CA ASN B 596 -36.77 15.70 -4.35
C ASN B 596 -37.24 14.32 -4.32
N ASN B 597 -36.31 13.44 -3.82
CA ASN B 597 -36.49 11.94 -3.73
C ASN B 597 -37.70 11.68 -2.87
N TYR B 598 -37.92 12.33 -1.73
CA TYR B 598 -39.08 12.24 -0.93
C TYR B 598 -40.32 12.69 -1.69
N PHE B 599 -40.23 13.82 -2.45
CA PHE B 599 -41.47 14.22 -3.11
C PHE B 599 -41.92 13.18 -4.13
N TYR B 600 -40.96 12.57 -4.88
CA TYR B 600 -41.17 11.59 -5.90
C TYR B 600 -41.78 10.34 -5.19
N GLN B 601 -41.25 9.93 -4.00
CA GLN B 601 -41.73 8.85 -3.20
C GLN B 601 -43.13 9.07 -2.72
N LYS B 602 -43.45 10.29 -2.34
CA LYS B 602 -44.83 10.64 -1.83
C LYS B 602 -45.92 10.45 -2.87
N GLU B 603 -45.52 10.87 -4.08
CA GLU B 603 -46.41 10.89 -5.26
C GLU B 603 -46.83 9.53 -5.61
N MET B 604 -45.85 8.57 -5.63
CA MET B 604 -46.02 7.21 -5.78
C MET B 604 -46.77 6.48 -4.72
N LEU B 605 -46.46 6.77 -3.44
CA LEU B 605 -47.09 6.24 -2.29
C LEU B 605 -48.57 6.59 -2.35
N LYS B 606 -48.98 7.83 -2.74
CA LYS B 606 -50.35 8.27 -2.79
C LYS B 606 -51.25 7.53 -3.73
N SER B 607 -50.67 7.20 -4.86
CA SER B 607 -51.33 6.49 -6.00
C SER B 607 -51.59 5.09 -5.63
N ASN B 608 -50.69 4.56 -4.81
CA ASN B 608 -50.68 3.20 -4.31
C ASN B 608 -51.79 2.99 -3.33
N ASP B 609 -52.20 4.07 -2.55
CA ASP B 609 -53.17 3.94 -1.50
C ASP B 609 -54.44 4.49 -2.13
N ILE B 610 -54.48 4.47 -3.48
CA ILE B 610 -55.53 4.86 -4.47
C ILE B 610 -56.15 6.19 -4.30
N ILE B 611 -56.43 6.88 -5.48
CA ILE B 611 -57.27 8.08 -5.50
C ILE B 611 -57.83 7.92 -6.91
N ARG B 612 -59.09 8.37 -7.03
CA ARG B 612 -59.96 8.38 -8.18
C ARG B 612 -60.61 9.77 -8.30
N ILE B 628 -60.18 -2.62 -14.88
CA ILE B 628 -60.12 -2.49 -16.45
C ILE B 628 -58.64 -2.51 -16.91
N ASN B 629 -58.39 -2.09 -18.22
CA ASN B 629 -57.14 -2.02 -18.80
C ASN B 629 -56.28 -1.00 -18.16
N LYS B 630 -56.87 0.12 -17.64
CA LYS B 630 -56.15 1.22 -17.07
C LYS B 630 -55.31 0.76 -15.94
N LEU B 631 -55.97 -0.07 -15.05
CA LEU B 631 -55.30 -0.62 -13.85
C LEU B 631 -54.22 -1.63 -14.28
N SER B 632 -53.27 -1.98 -13.33
CA SER B 632 -52.19 -2.87 -13.60
C SER B 632 -51.07 -2.25 -14.45
N ARG B 633 -51.41 -1.42 -15.44
CA ARG B 633 -50.48 -0.63 -16.20
C ARG B 633 -49.96 0.51 -15.34
N ILE B 634 -50.89 1.13 -14.62
CA ILE B 634 -50.47 2.19 -13.62
C ILE B 634 -49.57 1.58 -12.53
N SER B 635 -49.92 0.35 -12.07
CA SER B 635 -49.24 -0.35 -11.01
C SER B 635 -47.84 -0.68 -11.44
N ILE B 636 -47.64 -1.14 -12.77
CA ILE B 636 -46.27 -1.43 -13.29
C ILE B 636 -45.46 -0.28 -13.42
N LEU B 637 -46.01 0.81 -13.97
CA LEU B 637 -45.22 2.02 -14.19
C LEU B 637 -44.70 2.59 -12.85
N ARG B 638 -45.50 2.64 -11.82
CA ARG B 638 -45.25 3.14 -10.49
C ARG B 638 -44.13 2.38 -9.87
N THR B 639 -44.15 1.00 -10.04
CA THR B 639 -43.11 0.15 -9.65
C THR B 639 -41.83 0.40 -10.46
N GLN B 640 -41.87 0.70 -11.82
CA GLN B 640 -40.67 0.93 -12.68
C GLN B 640 -39.92 2.13 -12.25
N PHE B 641 -40.72 3.20 -11.94
CA PHE B 641 -40.14 4.46 -11.41
C PHE B 641 -39.43 4.33 -10.07
N GLN B 642 -40.05 3.46 -9.16
CA GLN B 642 -39.48 3.26 -7.80
C GLN B 642 -38.09 2.61 -7.91
N GLN B 643 -37.98 1.64 -8.86
CA GLN B 643 -36.71 0.90 -9.18
C GLN B 643 -35.59 1.76 -9.77
N PHE B 644 -35.98 2.72 -10.70
CA PHE B 644 -35.01 3.57 -11.30
C PHE B 644 -34.34 4.33 -10.22
N ASN B 645 -35.17 4.98 -9.37
CA ASN B 645 -34.63 5.90 -8.33
C ASN B 645 -33.80 5.24 -7.25
N SER B 646 -34.29 4.05 -6.75
CA SER B 646 -33.62 3.26 -5.68
C SER B 646 -32.26 2.82 -6.13
N LYS B 647 -32.04 2.47 -7.39
CA LYS B 647 -30.72 2.12 -7.88
C LYS B 647 -29.84 3.30 -7.85
N MET B 648 -30.23 4.51 -8.24
CA MET B 648 -29.36 5.60 -8.16
C MET B 648 -28.90 5.90 -6.78
N GLU B 649 -29.80 5.93 -5.80
CA GLU B 649 -29.58 6.27 -4.43
C GLU B 649 -28.68 5.28 -3.74
N SER B 650 -28.86 4.03 -4.10
CA SER B 650 -28.18 2.89 -3.67
C SER B 650 -26.73 2.90 -3.96
N TYR B 651 -26.50 3.15 -5.27
CA TYR B 651 -25.19 3.28 -5.74
C TYR B 651 -24.50 4.53 -5.19
N TYR B 652 -25.12 5.73 -5.10
CA TYR B 652 -24.44 6.89 -4.54
C TYR B 652 -23.99 6.68 -3.13
N LEU B 653 -24.86 6.07 -2.28
CA LEU B 653 -24.60 5.86 -0.87
C LEU B 653 -23.47 4.85 -0.75
N ASN B 654 -23.47 3.67 -1.41
CA ASN B 654 -22.41 2.71 -1.11
C ASN B 654 -21.05 3.13 -1.72
N CYS B 655 -21.12 3.49 -2.98
CA CYS B 655 -19.85 3.79 -3.78
C CYS B 655 -19.15 5.07 -3.38
N ILE B 656 -19.95 6.15 -3.17
CA ILE B 656 -19.37 7.38 -2.84
C ILE B 656 -19.27 7.47 -1.30
N ILE B 657 -20.44 7.41 -0.59
CA ILE B 657 -20.54 7.80 0.81
C ILE B 657 -19.84 6.86 1.75
N GLU B 658 -20.15 5.59 1.73
CA GLU B 658 -19.74 4.44 2.64
C GLU B 658 -18.28 4.21 2.49
N GLU B 659 -17.83 4.29 1.21
CA GLU B 659 -16.44 4.19 0.85
C GLU B 659 -15.67 5.38 1.45
N ASN B 660 -16.14 6.66 1.33
CA ASN B 660 -15.45 7.85 1.95
C ASN B 660 -15.52 7.78 3.47
N PHE B 661 -16.65 7.32 4.02
CA PHE B 661 -16.91 7.24 5.45
C PHE B 661 -15.95 6.33 6.05
N LYS B 662 -15.59 5.17 5.41
CA LYS B 662 -14.67 4.14 5.79
C LYS B 662 -13.32 4.73 5.93
N GLU B 663 -12.90 5.60 4.96
CA GLU B 663 -11.57 6.24 4.94
C GLU B 663 -11.35 7.15 6.17
N MET B 664 -12.39 7.90 6.57
CA MET B 664 -12.38 8.71 7.76
C MET B 664 -12.15 7.81 8.94
N THR B 665 -12.86 6.66 9.02
CA THR B 665 -12.83 5.86 10.19
C THR B 665 -11.53 5.26 10.44
N ARG B 666 -10.98 4.79 9.24
CA ARG B 666 -9.65 4.15 9.19
C ARG B 666 -8.56 5.07 9.50
N LYS B 667 -8.60 6.32 8.96
CA LYS B 667 -7.56 7.25 9.32
C LYS B 667 -7.58 7.60 10.79
N LEU B 668 -8.78 7.75 11.39
CA LEU B 668 -8.91 8.06 12.76
C LEU B 668 -8.28 6.92 13.60
N GLN B 669 -8.55 5.71 13.22
CA GLN B 669 -8.17 4.48 13.84
C GLN B 669 -6.75 4.14 13.77
N ARG B 670 -6.10 4.39 12.55
CA ARG B 670 -4.70 4.14 12.36
C ARG B 670 -3.91 5.00 13.30
N THR B 671 -4.17 6.33 13.29
CA THR B 671 -3.55 7.22 14.18
C THR B 671 -4.04 7.05 15.58
N LEU B 719 -4.94 13.83 15.51
CA LEU B 719 -3.64 14.43 15.40
C LEU B 719 -3.68 15.87 15.33
N ASN B 720 -4.23 16.36 14.23
CA ASN B 720 -4.36 17.74 13.92
C ASN B 720 -5.69 17.92 13.35
N ILE B 721 -6.00 19.23 13.12
CA ILE B 721 -7.12 19.81 12.39
C ILE B 721 -7.03 19.38 10.95
N ASP B 722 -5.79 19.37 10.47
CA ASP B 722 -5.49 19.09 9.09
C ASP B 722 -5.94 17.73 8.71
N GLU B 723 -5.93 16.69 9.53
CA GLU B 723 -6.35 15.32 9.25
C GLU B 723 -7.80 15.42 8.91
N LEU B 724 -8.55 16.36 9.64
CA LEU B 724 -9.94 16.46 9.39
C LEU B 724 -10.19 16.97 7.99
N GLU B 725 -9.44 18.00 7.66
CA GLU B 725 -9.47 18.69 6.41
C GLU B 725 -9.09 17.79 5.28
N SER B 726 -8.08 16.96 5.53
CA SER B 726 -7.63 15.94 4.59
C SER B 726 -8.74 14.95 4.36
N VAL B 727 -9.42 14.42 5.44
CA VAL B 727 -10.41 13.34 5.44
C VAL B 727 -11.55 13.95 4.61
N HIS B 728 -11.90 15.29 4.80
CA HIS B 728 -12.84 16.00 4.10
C HIS B 728 -12.48 16.14 2.63
N ASN B 729 -11.21 16.39 2.34
CA ASN B 729 -10.72 16.62 0.98
C ASN B 729 -10.86 15.40 0.10
N THR B 730 -10.60 14.20 0.66
CA THR B 730 -10.67 12.97 0.03
C THR B 730 -12.10 12.69 -0.35
N PHE B 731 -13.06 13.03 0.55
CA PHE B 731 -14.50 12.96 0.30
C PHE B 731 -14.87 13.82 -0.82
N LEU B 732 -14.43 15.10 -0.79
CA LEU B 732 -14.66 16.11 -1.75
C LEU B 732 -14.06 15.80 -3.09
N THR B 733 -12.83 15.22 -3.17
CA THR B 733 -12.19 14.87 -4.43
C THR B 733 -13.02 13.90 -5.11
N ASN B 734 -13.55 12.88 -4.36
CA ASN B 734 -14.40 11.82 -5.06
C ASN B 734 -15.70 12.43 -5.68
N ILE B 735 -16.29 13.30 -4.90
CA ILE B 735 -17.46 14.13 -5.23
C ILE B 735 -17.12 15.05 -6.39
N LEU B 736 -15.89 15.63 -6.54
CA LEU B 736 -15.60 16.47 -7.65
C LEU B 736 -15.58 15.67 -8.92
N SER B 737 -14.95 14.42 -8.93
CA SER B 737 -14.87 13.63 -10.13
C SER B 737 -16.32 13.18 -10.56
N HIS B 738 -17.19 12.80 -9.60
CA HIS B 738 -18.58 12.43 -9.88
C HIS B 738 -19.41 13.55 -10.45
N LYS B 739 -19.15 14.77 -9.90
CA LYS B 739 -19.85 15.99 -10.33
C LYS B 739 -19.67 16.28 -11.77
N LEU B 740 -18.36 16.32 -12.24
CA LEU B 740 -18.02 16.72 -13.59
C LEU B 740 -18.50 15.69 -14.60
N PHE B 741 -18.30 14.35 -14.40
CA PHE B 741 -18.75 13.40 -15.46
C PHE B 741 -20.26 13.25 -15.52
N ALA B 742 -20.96 12.88 -14.41
CA ALA B 742 -22.39 12.68 -14.30
C ALA B 742 -23.32 13.89 -14.19
N THR B 743 -23.12 14.74 -13.21
CA THR B 743 -23.99 15.73 -12.55
C THR B 743 -23.96 17.02 -13.38
N GLN B 756 -22.97 16.02 -16.91
CA GLN B 756 -24.15 16.90 -16.88
C GLN B 756 -25.50 16.15 -16.86
N PRO B 757 -25.74 15.05 -17.50
CA PRO B 757 -27.13 14.54 -17.69
C PRO B 757 -28.01 14.08 -16.49
N TYR B 758 -27.47 13.45 -15.39
CA TYR B 758 -28.39 12.88 -14.38
C TYR B 758 -29.28 13.84 -13.60
N PRO B 759 -28.95 14.94 -13.01
CA PRO B 759 -29.93 15.81 -12.42
C PRO B 759 -30.95 16.28 -13.51
N THR B 760 -30.59 16.37 -14.77
CA THR B 760 -31.45 16.77 -15.92
C THR B 760 -32.49 15.75 -16.14
N SER B 761 -32.14 14.45 -16.12
CA SER B 761 -33.11 13.38 -16.18
C SER B 761 -33.99 13.37 -15.00
N LEU B 762 -33.39 13.50 -13.78
CA LEU B 762 -34.21 13.49 -12.59
C LEU B 762 -35.20 14.58 -12.51
N VAL B 763 -34.79 15.84 -12.95
CA VAL B 763 -35.84 16.88 -12.87
C VAL B 763 -37.09 16.68 -13.77
N LEU B 764 -36.86 16.15 -15.01
CA LEU B 764 -38.00 15.83 -15.93
C LEU B 764 -38.92 14.75 -15.42
N LEU B 765 -38.28 13.74 -14.85
CA LEU B 765 -38.98 12.67 -14.19
C LEU B 765 -39.87 13.20 -13.05
N LEU B 766 -39.36 14.16 -12.24
CA LEU B 766 -40.21 14.66 -11.19
C LEU B 766 -41.47 15.34 -11.59
N ASN B 767 -41.37 16.16 -12.67
CA ASN B 767 -42.41 16.93 -13.19
C ASN B 767 -43.47 15.96 -13.69
N SER B 768 -42.96 14.88 -14.36
CA SER B 768 -43.78 13.83 -14.94
C SER B 768 -44.66 13.05 -13.94
N VAL B 769 -44.01 12.67 -12.83
CA VAL B 769 -44.71 11.97 -11.77
C VAL B 769 -45.83 12.80 -11.13
N TYR B 770 -45.62 14.15 -10.89
CA TYR B 770 -46.61 15.08 -10.38
C TYR B 770 -47.78 15.17 -11.35
N GLU B 771 -47.48 15.21 -12.68
CA GLU B 771 -48.51 15.32 -13.71
C GLU B 771 -49.46 14.18 -13.74
N PHE B 772 -48.87 12.96 -13.63
CA PHE B 772 -49.61 11.75 -13.65
C PHE B 772 -50.59 11.77 -12.46
N VAL B 773 -50.00 12.08 -11.26
CA VAL B 773 -50.81 12.12 -10.01
C VAL B 773 -51.87 13.10 -10.22
N LYS B 774 -51.70 14.29 -10.83
CA LYS B 774 -52.76 15.29 -10.88
C LYS B 774 -53.93 14.73 -11.67
N VAL B 775 -53.62 14.05 -12.78
CA VAL B 775 -54.57 13.40 -13.70
C VAL B 775 -55.35 12.29 -12.98
N TYR B 776 -54.62 11.43 -12.21
CA TYR B 776 -55.16 10.29 -11.45
C TYR B 776 -56.11 10.80 -10.39
N CYS B 777 -55.87 11.89 -9.61
CA CYS B 777 -56.73 12.45 -8.66
C CYS B 777 -58.01 12.97 -9.23
N ASN B 778 -58.00 13.60 -10.38
CA ASN B 778 -59.07 14.34 -11.12
C ASN B 778 -60.25 13.54 -11.53
N LEU B 779 -60.08 12.21 -11.97
CA LEU B 779 -60.91 11.50 -12.98
C LEU B 779 -62.35 11.42 -12.73
N ASN B 780 -62.81 10.97 -11.49
CA ASN B 780 -64.24 10.57 -11.36
C ASN B 780 -64.58 10.57 -9.88
N SER B 798 -67.88 13.66 -16.98
CA SER B 798 -67.47 12.17 -16.87
C SER B 798 -66.62 11.61 -18.01
N ASN B 799 -67.15 11.59 -19.25
CA ASN B 799 -66.52 11.06 -20.46
C ASN B 799 -65.23 11.84 -20.82
N GLY B 800 -65.25 13.24 -20.72
CA GLY B 800 -64.13 14.06 -21.23
C GLY B 800 -62.82 13.79 -20.52
N LEU B 801 -62.90 13.64 -19.21
CA LEU B 801 -61.87 13.47 -18.27
C LEU B 801 -61.17 12.18 -18.57
N LEU B 802 -62.01 11.18 -18.84
CA LEU B 802 -61.56 9.82 -19.08
C LEU B 802 -60.71 9.79 -20.40
N GLY B 803 -61.19 10.56 -21.51
CA GLY B 803 -60.54 10.61 -22.76
C GLY B 803 -59.19 11.20 -22.69
N LYS B 804 -59.09 12.28 -21.92
CA LYS B 804 -57.92 13.13 -21.67
C LYS B 804 -56.96 12.22 -20.95
N PHE B 805 -57.43 11.39 -20.01
CA PHE B 805 -56.68 10.48 -19.20
C PHE B 805 -56.04 9.42 -20.07
N ASN B 806 -56.81 8.88 -21.07
CA ASN B 806 -56.33 7.92 -21.98
C ASN B 806 -55.24 8.49 -22.85
N THR B 807 -55.41 9.72 -23.32
CA THR B 807 -54.48 10.37 -24.18
C THR B 807 -53.19 10.64 -23.42
N ASN B 808 -53.24 11.07 -22.15
CA ASN B 808 -52.12 11.35 -21.20
C ASN B 808 -51.32 10.15 -20.83
N LEU B 809 -51.97 9.00 -20.63
CA LEU B 809 -51.39 7.78 -20.30
C LEU B 809 -50.52 7.35 -21.48
N LYS B 810 -51.01 7.53 -22.76
CA LYS B 810 -50.30 7.09 -23.95
C LYS B 810 -49.05 7.88 -24.01
N GLU B 811 -49.04 9.23 -23.75
CA GLU B 811 -47.85 10.12 -23.69
C GLU B 811 -46.79 9.93 -22.63
N ILE B 812 -47.22 9.66 -21.37
CA ILE B 812 -46.27 9.35 -20.34
C ILE B 812 -45.48 8.01 -20.62
N VAL B 813 -46.20 7.00 -21.12
CA VAL B 813 -45.58 5.71 -21.56
C VAL B 813 -44.57 5.99 -22.75
N SER B 814 -44.94 6.91 -23.72
CA SER B 814 -43.96 7.13 -24.79
C SER B 814 -42.59 7.79 -24.24
N GLN B 815 -42.75 8.78 -23.33
CA GLN B 815 -41.65 9.57 -22.82
C GLN B 815 -40.69 8.70 -22.06
N TYR B 816 -41.33 7.74 -21.25
CA TYR B 816 -40.67 6.70 -20.47
C TYR B 816 -39.92 5.73 -21.37
N LYS B 817 -40.50 5.34 -22.56
CA LYS B 817 -39.93 4.41 -23.50
C LYS B 817 -38.66 5.04 -23.95
N ASN B 818 -38.66 6.38 -24.22
CA ASN B 818 -37.40 7.03 -24.62
C ASN B 818 -36.36 7.04 -23.57
N PHE B 819 -36.79 7.27 -22.33
CA PHE B 819 -35.97 7.34 -21.19
C PHE B 819 -35.36 6.08 -20.87
N LYS B 820 -36.05 4.94 -20.97
CA LYS B 820 -35.61 3.55 -20.72
C LYS B 820 -34.51 3.14 -21.61
N ASP B 821 -34.59 3.54 -22.95
CA ASP B 821 -33.56 3.21 -23.90
C ASP B 821 -32.23 3.88 -23.56
N ARG B 822 -32.36 5.15 -23.12
CA ARG B 822 -31.24 5.90 -22.58
C ARG B 822 -30.70 5.33 -21.31
N LEU B 823 -31.55 4.87 -20.40
CA LEU B 823 -31.29 4.25 -19.15
C LEU B 823 -30.54 2.89 -19.36
N TYR B 824 -30.81 2.08 -20.39
CA TYR B 824 -30.00 0.92 -20.74
C TYR B 824 -28.58 1.30 -21.18
N ILE B 825 -28.41 2.36 -21.95
CA ILE B 825 -27.16 2.84 -22.42
C ILE B 825 -26.27 3.30 -21.24
N PHE B 826 -26.90 4.00 -20.21
CA PHE B 826 -26.25 4.33 -19.02
C PHE B 826 -25.83 3.17 -18.18
N ARG B 827 -26.67 2.12 -18.16
CA ARG B 827 -26.48 0.88 -17.47
C ARG B 827 -25.28 0.15 -17.98
N ALA B 828 -25.05 0.23 -19.29
CA ALA B 828 -23.84 -0.31 -19.87
C ALA B 828 -22.63 0.46 -19.31
N ASP B 829 -22.81 1.77 -19.20
CA ASP B 829 -21.79 2.61 -18.70
C ASP B 829 -21.40 2.33 -17.21
N LEU B 830 -22.42 2.06 -16.38
CA LEU B 830 -22.40 1.69 -15.00
C LEU B 830 -21.72 0.34 -14.82
N LYS B 831 -21.93 -0.60 -15.73
CA LYS B 831 -21.40 -1.95 -15.78
C LYS B 831 -19.89 -1.89 -15.99
N ASN B 832 -19.46 -0.97 -16.91
CA ASN B 832 -18.07 -0.78 -17.33
C ASN B 832 -17.36 -0.05 -16.13
N ASP B 833 -18.14 0.75 -15.30
CA ASP B 833 -17.70 1.70 -14.28
C ASP B 833 -17.17 2.92 -14.85
N GLY B 834 -18.03 3.60 -15.65
CA GLY B 834 -17.72 4.79 -16.40
C GLY B 834 -17.28 4.28 -17.70
N ASP B 835 -17.69 4.94 -18.82
CA ASP B 835 -17.20 4.45 -20.07
C ASP B 835 -17.31 5.64 -20.94
N GLU B 836 -17.18 5.35 -22.27
CA GLU B 836 -17.16 6.36 -23.29
C GLU B 836 -18.53 6.85 -23.39
N GLU B 837 -19.59 6.00 -23.33
CA GLU B 837 -20.95 6.55 -23.76
C GLU B 837 -21.45 7.63 -22.95
N LEU B 838 -21.26 7.62 -21.57
CA LEU B 838 -21.70 8.76 -20.78
C LEU B 838 -20.93 10.02 -21.16
N PHE B 839 -19.57 9.90 -21.37
CA PHE B 839 -18.53 10.90 -21.64
C PHE B 839 -18.99 11.56 -22.91
N LEU B 840 -19.40 10.62 -23.88
CA LEU B 840 -19.94 10.94 -25.19
C LEU B 840 -21.13 11.66 -25.13
N LEU B 841 -22.04 11.28 -24.22
CA LEU B 841 -23.31 11.98 -24.09
C LEU B 841 -23.24 13.37 -23.63
N SER B 842 -22.38 13.47 -22.61
CA SER B 842 -21.98 14.69 -21.95
C SER B 842 -21.27 15.60 -22.91
N LYS B 843 -20.44 14.96 -23.78
CA LYS B 843 -19.66 15.58 -24.83
C LYS B 843 -20.52 16.23 -25.85
N SER B 844 -21.58 15.45 -26.29
CA SER B 844 -22.43 15.90 -27.40
C SER B 844 -23.14 17.17 -27.01
N LEU B 845 -23.61 17.18 -25.77
CA LEU B 845 -24.26 18.36 -25.16
C LEU B 845 -23.34 19.55 -25.20
N ARG B 846 -22.04 19.43 -24.90
CA ARG B 846 -21.04 20.51 -24.84
C ARG B 846 -20.58 20.75 -26.25
N MET C 1 -5.36 -16.78 -3.81
CA MET C 1 -5.39 -16.96 -5.36
C MET C 1 -6.19 -18.10 -5.78
N GLY C 2 -6.16 -18.30 -7.10
CA GLY C 2 -6.86 -19.38 -7.71
C GLY C 2 -6.04 -20.58 -7.83
N GLY C 3 -6.42 -21.36 -8.80
CA GLY C 3 -5.78 -22.55 -9.27
C GLY C 3 -6.28 -23.77 -8.61
N GLU C 4 -7.57 -23.87 -8.38
CA GLU C 4 -8.15 -24.91 -7.51
C GLU C 4 -8.20 -26.26 -8.10
N ILE C 5 -8.13 -27.25 -7.22
CA ILE C 5 -8.36 -28.61 -7.54
C ILE C 5 -9.39 -29.12 -6.63
N ILE C 6 -10.32 -29.90 -7.25
CA ILE C 6 -11.14 -30.74 -6.41
C ILE C 6 -10.80 -32.18 -6.60
N THR C 7 -10.67 -32.90 -5.47
CA THR C 7 -10.20 -34.25 -5.42
C THR C 7 -11.37 -35.08 -5.07
N LEU C 8 -11.62 -36.22 -5.82
CA LEU C 8 -12.76 -37.00 -5.70
C LEU C 8 -12.28 -38.32 -5.22
N GLN C 9 -12.92 -38.87 -4.14
CA GLN C 9 -12.53 -40.10 -3.53
C GLN C 9 -13.75 -40.92 -3.80
N ALA C 10 -13.63 -42.15 -4.41
CA ALA C 10 -14.65 -43.12 -4.70
C ALA C 10 -14.25 -44.50 -4.30
N GLY C 11 -15.21 -45.32 -3.74
CA GLY C 11 -15.11 -46.71 -3.41
C GLY C 11 -14.48 -46.75 -2.06
N GLN C 12 -14.19 -47.99 -1.57
CA GLN C 12 -13.63 -48.17 -0.23
C GLN C 12 -12.27 -47.57 -0.24
N CYS C 13 -11.48 -47.91 -1.24
CA CYS C 13 -10.06 -47.67 -1.41
C CYS C 13 -9.83 -46.16 -1.54
N GLY C 14 -10.57 -45.47 -2.38
CA GLY C 14 -10.42 -44.03 -2.73
C GLY C 14 -10.59 -43.15 -1.59
N ASN C 15 -11.56 -43.39 -0.75
CA ASN C 15 -11.72 -42.64 0.49
C ASN C 15 -10.67 -42.89 1.55
N HIS C 16 -10.29 -44.18 1.72
CA HIS C 16 -9.24 -44.45 2.69
C HIS C 16 -7.96 -43.90 2.29
N VAL C 17 -7.52 -44.12 1.04
CA VAL C 17 -6.27 -43.50 0.58
C VAL C 17 -6.37 -41.97 0.52
N GLY C 18 -7.47 -41.29 0.09
CA GLY C 18 -7.69 -39.83 -0.01
C GLY C 18 -7.59 -39.22 1.36
N LYS C 19 -8.16 -39.88 2.40
CA LYS C 19 -8.12 -39.35 3.79
C LYS C 19 -6.69 -39.30 4.24
N PHE C 20 -5.91 -40.36 3.91
CA PHE C 20 -4.49 -40.46 4.28
C PHE C 20 -3.67 -39.40 3.63
N LEU C 21 -4.01 -39.05 2.35
CA LEU C 21 -3.38 -38.07 1.56
C LEU C 21 -3.51 -36.77 2.22
N TRP C 22 -4.69 -36.41 2.75
CA TRP C 22 -5.01 -35.17 3.45
C TRP C 22 -4.30 -35.08 4.75
N SER C 23 -4.12 -36.18 5.55
CA SER C 23 -3.23 -36.13 6.76
C SER C 23 -1.82 -35.81 6.43
N GLN C 24 -1.24 -36.37 5.34
CA GLN C 24 0.15 -36.13 4.96
C GLN C 24 0.39 -34.73 4.53
N LEU C 25 -0.48 -34.13 3.71
CA LEU C 25 -0.23 -32.79 3.39
C LEU C 25 -0.30 -31.84 4.57
N ALA C 26 -1.31 -32.12 5.47
CA ALA C 26 -1.56 -31.28 6.63
C ALA C 26 -0.41 -31.19 7.64
N LYS C 27 0.21 -32.42 7.88
CA LYS C 27 1.48 -32.58 8.75
C LYS C 27 2.66 -31.85 8.07
N GLU C 28 2.80 -32.02 6.73
CA GLU C 28 3.94 -31.47 5.99
C GLU C 28 3.93 -29.96 5.93
N HIS C 29 2.76 -29.31 5.84
CA HIS C 29 2.63 -27.85 5.75
C HIS C 29 2.21 -27.26 7.09
N ALA C 30 2.50 -27.97 8.21
CA ALA C 30 2.34 -27.51 9.58
C ALA C 30 1.03 -26.93 9.88
N ILE C 31 -0.04 -27.67 9.67
CA ILE C 31 -1.43 -27.27 9.83
C ILE C 31 -1.84 -28.14 11.04
N GLY C 32 -2.97 -27.78 11.78
CA GLY C 32 -3.56 -28.55 12.84
C GLY C 32 -4.10 -29.90 12.44
N THR C 33 -4.60 -30.66 13.42
CA THR C 33 -5.08 -31.98 13.12
C THR C 33 -6.60 -31.96 12.79
N ASP C 34 -7.18 -30.77 12.96
CA ASP C 34 -8.56 -30.49 12.58
C ASP C 34 -8.46 -29.29 11.72
N GLY C 35 -7.22 -29.00 11.19
CA GLY C 35 -6.96 -28.02 10.24
C GLY C 35 -6.64 -26.60 10.70
N LEU C 36 -6.62 -26.42 12.05
CA LEU C 36 -6.24 -25.18 12.71
C LEU C 36 -4.83 -24.92 12.79
N SER C 37 -4.25 -24.22 11.78
CA SER C 37 -2.88 -24.00 11.64
C SER C 37 -2.16 -23.42 12.80
N GLN C 38 -0.81 -23.67 12.75
CA GLN C 38 0.14 -23.02 13.60
C GLN C 38 0.44 -21.73 12.91
N LEU C 39 0.46 -20.58 13.71
CA LEU C 39 0.63 -19.25 13.24
C LEU C 39 1.73 -18.44 13.81
N PRO C 40 2.26 -18.78 14.99
CA PRO C 40 3.43 -18.01 15.56
C PRO C 40 4.64 -18.39 14.76
N ASP C 41 4.61 -19.64 14.19
CA ASP C 41 5.63 -20.10 13.28
C ASP C 41 4.83 -20.12 12.00
N SER C 42 5.46 -20.06 10.82
CA SER C 42 4.87 -19.91 9.55
C SER C 42 4.07 -18.63 9.43
N SER C 43 4.67 -17.55 9.95
CA SER C 43 4.14 -16.20 9.76
C SER C 43 4.59 -15.71 8.49
N THR C 44 3.99 -14.63 7.98
CA THR C 44 4.29 -13.94 6.70
C THR C 44 4.18 -14.77 5.39
N GLU C 45 3.14 -15.66 5.31
CA GLU C 45 2.94 -16.55 4.14
C GLU C 45 4.05 -17.57 3.97
N ARG C 46 3.62 -18.71 3.52
CA ARG C 46 4.56 -19.78 3.29
C ARG C 46 4.02 -20.58 2.19
N ASP C 47 2.95 -21.21 2.54
CA ASP C 47 2.38 -22.24 1.70
C ASP C 47 1.91 -21.74 0.29
N ASP C 48 1.97 -22.63 -0.67
CA ASP C 48 1.37 -22.34 -1.94
C ASP C 48 0.25 -23.43 -2.18
N ASP C 49 0.23 -24.55 -1.40
CA ASP C 49 -0.79 -25.54 -1.52
C ASP C 49 -2.06 -25.03 -1.02
N THR C 50 -2.08 -24.09 -0.11
CA THR C 50 -3.22 -23.78 0.65
C THR C 50 -4.38 -23.40 -0.17
N LYS C 51 -4.31 -22.32 -0.94
CA LYS C 51 -5.45 -21.83 -1.63
C LYS C 51 -5.98 -22.79 -2.76
N PRO C 52 -5.17 -23.39 -3.61
CA PRO C 52 -5.62 -24.47 -4.57
C PRO C 52 -6.26 -25.72 -3.96
N PHE C 53 -5.50 -26.27 -2.94
CA PHE C 53 -5.97 -27.58 -2.33
C PHE C 53 -6.99 -27.45 -1.20
N PHE C 54 -6.86 -26.35 -0.45
CA PHE C 54 -7.61 -26.05 0.84
C PHE C 54 -8.36 -24.78 0.70
N ARG C 55 -9.41 -24.70 1.62
CA ARG C 55 -10.41 -23.63 1.70
C ARG C 55 -10.36 -23.27 3.05
N GLU C 56 -10.76 -22.00 3.26
CA GLU C 56 -10.68 -21.37 4.57
C GLU C 56 -12.04 -21.29 5.17
N ASN C 57 -12.10 -21.66 6.50
CA ASN C 57 -13.25 -21.26 7.26
C ASN C 57 -13.20 -19.74 7.65
N CYS C 58 -11.99 -19.18 7.44
CA CYS C 58 -11.72 -17.80 7.74
C CYS C 58 -11.64 -17.74 9.24
N ARG C 59 -10.78 -18.69 9.79
CA ARG C 59 -10.36 -18.67 11.17
C ARG C 59 -8.96 -19.17 11.11
N ASN C 60 -8.41 -19.42 9.88
CA ASN C 60 -7.05 -20.01 9.54
C ASN C 60 -7.13 -21.49 9.63
N LYS C 61 -8.37 -21.97 9.66
CA LYS C 61 -8.69 -23.37 9.89
C LYS C 61 -8.89 -23.80 8.49
N PHE C 62 -7.90 -24.52 7.90
CA PHE C 62 -7.89 -24.92 6.51
C PHE C 62 -8.67 -26.16 6.47
N THR C 63 -9.42 -26.29 5.37
CA THR C 63 -10.39 -27.41 5.25
C THR C 63 -10.12 -28.05 3.90
N PRO C 64 -10.03 -29.32 3.64
CA PRO C 64 -9.77 -29.88 2.28
C PRO C 64 -10.92 -29.62 1.34
N ARG C 65 -10.60 -29.25 0.08
CA ARG C 65 -11.53 -29.13 -1.04
C ARG C 65 -11.64 -30.45 -1.80
N ALA C 66 -12.37 -31.34 -1.09
CA ALA C 66 -12.41 -32.77 -1.49
C ALA C 66 -13.83 -33.31 -1.33
N ILE C 67 -14.30 -34.21 -2.18
CA ILE C 67 -15.59 -34.83 -2.10
C ILE C 67 -15.29 -36.35 -1.90
N MET C 68 -16.04 -36.87 -0.85
CA MET C 68 -15.87 -38.26 -0.35
C MET C 68 -17.17 -38.87 -0.72
N MET C 69 -17.08 -40.00 -1.41
CA MET C 69 -18.20 -40.84 -1.83
C MET C 69 -17.85 -42.25 -1.55
N ASP C 70 -18.90 -43.02 -1.07
CA ASP C 70 -18.96 -44.45 -0.87
C ASP C 70 -20.25 -44.66 -0.11
N SER C 71 -20.35 -45.86 0.56
CA SER C 71 -21.46 -46.12 1.46
C SER C 71 -20.91 -45.85 2.87
N GLU C 72 -21.56 -46.59 3.83
CA GLU C 72 -21.39 -46.41 5.24
C GLU C 72 -19.98 -46.74 5.66
N PRO C 73 -19.36 -47.88 5.33
CA PRO C 73 -18.09 -48.27 5.89
C PRO C 73 -16.96 -47.23 5.91
N SER C 74 -16.66 -46.60 4.72
CA SER C 74 -15.66 -45.59 4.64
C SER C 74 -16.00 -44.28 5.34
N VAL C 75 -17.24 -43.82 5.15
CA VAL C 75 -17.77 -42.53 5.65
C VAL C 75 -17.77 -42.45 7.20
N ILE C 76 -18.12 -43.65 7.80
CA ILE C 76 -18.12 -43.87 9.24
C ILE C 76 -16.76 -43.76 9.86
N ALA C 77 -15.75 -44.29 9.10
CA ALA C 77 -14.41 -44.08 9.45
C ALA C 77 -13.94 -42.70 9.46
N ASP C 78 -14.36 -41.80 8.47
CA ASP C 78 -13.93 -40.42 8.40
C ASP C 78 -14.33 -39.63 9.62
N VAL C 79 -15.63 -39.87 10.01
CA VAL C 79 -16.21 -39.20 11.17
C VAL C 79 -15.57 -39.66 12.52
N GLU C 80 -15.09 -40.88 12.56
CA GLU C 80 -14.35 -41.36 13.75
C GLU C 80 -13.00 -40.71 13.94
N ASN C 81 -12.35 -40.44 12.80
CA ASN C 81 -11.05 -39.81 12.70
C ASN C 81 -11.13 -38.31 12.96
N THR C 82 -10.02 -37.61 13.26
CA THR C 82 -9.83 -36.21 13.57
C THR C 82 -10.12 -35.37 12.36
N PHE C 83 -10.53 -36.00 11.20
CA PHE C 83 -11.06 -35.37 10.05
C PHE C 83 -12.55 -35.38 10.20
N ARG C 84 -13.05 -35.25 11.43
CA ARG C 84 -14.42 -35.22 11.72
C ARG C 84 -14.85 -33.78 11.52
N GLY C 85 -13.98 -32.82 12.00
CA GLY C 85 -14.13 -31.45 11.92
C GLY C 85 -13.32 -30.81 10.86
N PHE C 86 -12.16 -31.41 10.45
CA PHE C 86 -11.40 -30.87 9.39
C PHE C 86 -12.09 -31.06 8.06
N PHE C 87 -12.76 -32.25 7.81
CA PHE C 87 -13.53 -32.52 6.59
C PHE C 87 -14.91 -32.16 6.86
N ASP C 88 -15.53 -31.29 6.04
CA ASP C 88 -16.94 -30.72 6.17
C ASP C 88 -17.88 -31.75 5.72
N PRO C 89 -18.98 -31.87 6.47
CA PRO C 89 -19.90 -32.96 6.26
C PRO C 89 -20.61 -32.92 4.96
N ARG C 90 -20.72 -31.72 4.34
CA ARG C 90 -21.61 -31.57 3.17
C ARG C 90 -21.18 -32.28 1.94
N ASN C 91 -19.85 -32.38 1.78
CA ASN C 91 -19.01 -32.93 0.75
C ASN C 91 -19.03 -34.37 0.71
N THR C 92 -19.54 -34.92 1.84
CA THR C 92 -19.65 -36.32 2.22
C THR C 92 -21.00 -36.66 1.68
N TRP C 93 -20.91 -37.68 0.81
CA TRP C 93 -21.94 -38.32 0.14
C TRP C 93 -21.76 -39.73 0.39
N VAL C 94 -22.87 -40.35 0.86
CA VAL C 94 -23.05 -41.68 1.36
C VAL C 94 -24.17 -42.30 0.65
N ALA C 95 -23.92 -43.50 0.08
CA ALA C 95 -25.02 -44.23 -0.65
C ALA C 95 -25.78 -44.95 0.39
N SER C 96 -27.09 -45.01 0.11
CA SER C 96 -28.09 -45.60 0.94
C SER C 96 -29.34 -45.70 0.06
N ASP C 97 -29.22 -45.18 -1.20
CA ASP C 97 -30.34 -45.00 -2.06
C ASP C 97 -31.16 -46.19 -2.43
N GLY C 98 -30.56 -47.37 -2.77
CA GLY C 98 -31.22 -48.51 -3.24
C GLY C 98 -30.40 -49.66 -2.76
N ALA C 99 -30.09 -49.79 -1.48
CA ALA C 99 -29.24 -50.73 -0.90
C ALA C 99 -27.91 -50.99 -1.50
N SER C 100 -27.02 -49.99 -1.65
CA SER C 100 -25.65 -50.13 -2.11
C SER C 100 -25.60 -50.65 -3.53
N ALA C 101 -24.33 -51.00 -3.90
CA ALA C 101 -24.17 -51.65 -5.21
C ALA C 101 -23.70 -53.05 -5.19
N GLY C 102 -23.33 -53.49 -3.98
CA GLY C 102 -23.02 -54.92 -3.66
C GLY C 102 -22.02 -55.51 -4.61
N ASN C 103 -20.89 -54.82 -4.76
CA ASN C 103 -19.77 -55.29 -5.60
C ASN C 103 -20.20 -55.61 -7.06
N SER C 104 -20.90 -54.71 -7.73
CA SER C 104 -21.45 -55.05 -8.99
C SER C 104 -21.26 -53.79 -9.79
N TRP C 105 -20.61 -54.03 -11.03
CA TRP C 105 -20.36 -52.87 -11.88
C TRP C 105 -21.65 -52.24 -12.39
N ALA C 106 -22.59 -53.12 -12.80
CA ALA C 106 -23.94 -52.77 -13.22
C ALA C 106 -24.83 -52.12 -12.20
N ASN C 107 -24.80 -52.59 -10.94
CA ASN C 107 -25.66 -52.06 -9.89
C ASN C 107 -25.42 -50.65 -9.51
N GLY C 108 -24.06 -50.39 -9.42
CA GLY C 108 -23.43 -49.14 -9.13
C GLY C 108 -23.70 -48.23 -10.27
N TYR C 109 -23.61 -48.70 -11.54
CA TYR C 109 -23.85 -47.77 -12.57
C TYR C 109 -25.37 -47.35 -12.50
N ASP C 110 -26.31 -48.29 -12.34
CA ASP C 110 -27.72 -47.97 -12.39
C ASP C 110 -28.21 -47.09 -11.29
N ILE C 111 -27.76 -47.21 -10.01
CA ILE C 111 -28.10 -46.34 -8.91
C ILE C 111 -27.55 -44.97 -9.16
N GLY C 112 -26.35 -44.86 -9.80
CA GLY C 112 -25.61 -43.67 -10.20
C GLY C 112 -26.41 -42.76 -11.14
N THR C 113 -27.10 -43.43 -12.08
CA THR C 113 -28.06 -42.85 -12.93
C THR C 113 -29.29 -42.25 -12.28
N ARG C 114 -29.79 -42.92 -11.23
CA ARG C 114 -30.90 -42.49 -10.48
C ARG C 114 -30.63 -41.20 -9.76
N ASN C 115 -29.37 -41.24 -9.22
CA ASN C 115 -28.92 -40.21 -8.42
C ASN C 115 -27.94 -39.34 -9.08
N GLN C 116 -28.21 -39.05 -10.36
CA GLN C 116 -27.45 -38.19 -11.25
C GLN C 116 -27.47 -36.73 -10.79
N ASP C 117 -28.69 -36.30 -10.45
CA ASP C 117 -28.97 -34.95 -10.02
C ASP C 117 -28.34 -34.58 -8.73
N ASP C 118 -28.40 -35.51 -7.75
CA ASP C 118 -27.92 -35.28 -6.40
C ASP C 118 -26.45 -35.07 -6.38
N ILE C 119 -25.73 -35.91 -7.10
CA ILE C 119 -24.27 -35.85 -7.18
C ILE C 119 -23.81 -34.59 -7.89
N LEU C 120 -24.55 -34.31 -9.03
CA LEU C 120 -24.25 -33.14 -9.91
C LEU C 120 -24.49 -31.86 -9.16
N ASN C 121 -25.47 -31.82 -8.25
CA ASN C 121 -25.80 -30.74 -7.39
C ASN C 121 -24.62 -30.38 -6.50
N LYS C 122 -23.96 -31.48 -5.95
CA LYS C 122 -22.86 -31.40 -5.06
C LYS C 122 -21.69 -30.80 -5.76
N ILE C 123 -21.41 -31.34 -7.01
CA ILE C 123 -20.26 -31.02 -7.88
C ILE C 123 -20.38 -29.66 -8.32
N ASP C 124 -21.56 -29.22 -8.74
CA ASP C 124 -21.78 -27.87 -9.17
C ASP C 124 -21.56 -26.81 -8.19
N LYS C 125 -21.96 -27.11 -6.89
CA LYS C 125 -21.75 -26.31 -5.69
C LYS C 125 -20.36 -26.07 -5.37
N GLU C 126 -19.48 -27.18 -5.42
CA GLU C 126 -18.06 -27.27 -5.18
C GLU C 126 -17.41 -26.49 -6.29
N ILE C 127 -17.90 -26.58 -7.57
CA ILE C 127 -17.35 -25.72 -8.64
C ILE C 127 -17.68 -24.34 -8.41
N ASP C 128 -18.91 -23.95 -8.01
CA ASP C 128 -19.18 -22.51 -7.86
C ASP C 128 -18.27 -21.98 -6.68
N SER C 129 -17.97 -22.75 -5.64
CA SER C 129 -17.19 -22.25 -4.57
C SER C 129 -15.70 -21.97 -4.90
N THR C 130 -15.07 -22.46 -6.00
CA THR C 130 -13.68 -22.27 -6.38
C THR C 130 -13.54 -20.98 -7.10
N ASP C 131 -12.33 -20.57 -7.27
CA ASP C 131 -11.98 -19.36 -7.95
C ASP C 131 -11.73 -19.80 -9.39
N ASN C 132 -10.42 -19.85 -9.77
CA ASN C 132 -9.99 -20.29 -11.07
C ASN C 132 -9.80 -21.79 -10.99
N PHE C 133 -10.82 -22.52 -11.47
CA PHE C 133 -10.93 -23.96 -11.21
C PHE C 133 -10.11 -24.58 -12.25
N GLU C 134 -9.04 -25.37 -11.89
CA GLU C 134 -8.42 -26.17 -12.91
C GLU C 134 -9.12 -27.37 -13.41
N GLY C 135 -9.63 -28.20 -12.50
CA GLY C 135 -10.06 -29.50 -12.88
C GLY C 135 -10.21 -30.41 -11.70
N PHE C 136 -10.41 -31.70 -12.02
CA PHE C 136 -10.70 -32.79 -11.10
C PHE C 136 -9.56 -33.81 -11.03
N GLN C 137 -9.43 -34.46 -9.85
CA GLN C 137 -8.51 -35.61 -9.69
C GLN C 137 -9.39 -36.71 -9.15
N LEU C 138 -9.38 -37.96 -9.74
CA LEU C 138 -10.23 -39.02 -9.25
C LEU C 138 -9.35 -40.02 -8.64
N LEU C 139 -9.73 -40.40 -7.42
CA LEU C 139 -9.08 -41.47 -6.70
C LEU C 139 -10.07 -42.57 -6.63
N HIS C 140 -9.57 -43.74 -7.13
CA HIS C 140 -10.26 -44.94 -6.81
C HIS C 140 -9.54 -46.14 -7.27
N SER C 141 -10.16 -47.28 -6.85
CA SER C 141 -9.91 -48.62 -7.20
C SER C 141 -11.21 -49.10 -7.91
N VAL C 142 -11.07 -50.08 -8.89
CA VAL C 142 -12.16 -50.76 -9.52
C VAL C 142 -12.63 -51.88 -8.70
N ALA C 143 -12.32 -51.94 -7.37
CA ALA C 143 -12.58 -53.00 -6.45
C ALA C 143 -13.88 -52.78 -5.70
N GLY C 144 -14.51 -51.65 -6.10
CA GLY C 144 -15.84 -51.19 -5.56
C GLY C 144 -16.91 -51.69 -6.46
N GLY C 145 -18.17 -51.64 -5.95
CA GLY C 145 -19.41 -51.77 -6.72
C GLY C 145 -19.71 -50.41 -7.21
N THR C 146 -19.72 -49.53 -6.22
CA THR C 146 -20.00 -48.14 -6.15
C THR C 146 -18.73 -47.50 -6.81
N GLY C 147 -17.50 -47.82 -6.40
CA GLY C 147 -16.32 -47.14 -6.94
C GLY C 147 -16.27 -47.38 -8.41
N SER C 148 -16.55 -48.60 -8.84
CA SER C 148 -16.52 -48.91 -10.28
C SER C 148 -17.63 -48.27 -11.12
N GLY C 149 -18.91 -48.71 -10.82
CA GLY C 149 -20.13 -48.34 -11.55
C GLY C 149 -20.62 -46.90 -11.41
N LEU C 150 -20.76 -46.40 -10.11
CA LEU C 150 -21.26 -45.00 -9.92
C LEU C 150 -20.25 -43.97 -10.47
N GLY C 151 -18.97 -44.23 -10.28
CA GLY C 151 -17.87 -43.49 -10.83
C GLY C 151 -17.84 -43.52 -12.35
N SER C 152 -18.08 -44.68 -12.95
CA SER C 152 -18.06 -44.83 -14.37
C SER C 152 -19.16 -44.03 -14.98
N ASN C 153 -20.31 -43.97 -14.32
CA ASN C 153 -21.49 -43.17 -14.74
C ASN C 153 -21.20 -41.71 -14.63
N LEU C 154 -20.43 -41.27 -13.53
CA LEU C 154 -20.12 -39.90 -13.32
C LEU C 154 -19.27 -39.38 -14.36
N LEU C 155 -18.25 -40.17 -14.86
CA LEU C 155 -17.35 -39.76 -15.77
C LEU C 155 -17.99 -39.42 -17.10
N GLU C 156 -18.97 -40.25 -17.49
CA GLU C 156 -19.69 -40.05 -18.76
C GLU C 156 -20.45 -38.83 -18.80
N ALA C 157 -21.15 -38.49 -17.73
CA ALA C 157 -21.91 -37.22 -17.61
C ALA C 157 -20.96 -36.06 -17.62
N LEU C 158 -19.81 -36.14 -16.89
CA LEU C 158 -18.89 -35.01 -16.88
C LEU C 158 -18.32 -34.61 -18.18
N CYS C 159 -17.99 -35.62 -19.06
CA CYS C 159 -17.48 -35.63 -20.42
C CYS C 159 -18.45 -34.86 -21.28
N ASP C 160 -19.74 -35.22 -21.13
CA ASP C 160 -20.81 -34.69 -21.90
C ASP C 160 -20.99 -33.21 -21.48
N ARG C 161 -21.07 -32.93 -20.16
CA ARG C 161 -21.60 -31.70 -19.74
C ARG C 161 -20.81 -30.48 -20.01
N TYR C 162 -19.47 -30.59 -19.65
CA TYR C 162 -18.50 -29.62 -19.97
C TYR C 162 -17.17 -30.32 -20.08
N PRO C 163 -16.41 -30.24 -21.23
CA PRO C 163 -15.14 -30.96 -21.38
C PRO C 163 -13.94 -30.06 -21.34
N LYS C 164 -14.17 -28.75 -21.03
CA LYS C 164 -13.03 -27.85 -21.12
C LYS C 164 -11.98 -28.17 -20.06
N LYS C 165 -12.36 -28.41 -18.72
CA LYS C 165 -11.39 -28.58 -17.64
C LYS C 165 -10.77 -30.00 -17.72
N ILE C 166 -9.64 -30.24 -16.96
CA ILE C 166 -8.81 -31.40 -16.99
C ILE C 166 -9.43 -32.37 -16.05
N LEU C 167 -9.38 -33.63 -16.43
CA LEU C 167 -9.81 -34.72 -15.59
C LEU C 167 -8.56 -35.57 -15.50
N THR C 168 -7.98 -35.86 -14.27
CA THR C 168 -6.88 -36.75 -14.08
C THR C 168 -7.38 -37.83 -13.19
N THR C 169 -6.93 -39.10 -13.31
CA THR C 169 -7.37 -40.23 -12.51
C THR C 169 -6.11 -40.88 -11.96
N TYR C 170 -6.26 -41.48 -10.80
CA TYR C 170 -5.46 -42.52 -10.19
C TYR C 170 -6.41 -43.72 -10.18
N SER C 171 -6.12 -44.70 -11.13
CA SER C 171 -6.93 -45.90 -11.23
C SER C 171 -6.11 -47.09 -10.80
N VAL C 172 -6.63 -47.91 -9.89
CA VAL C 172 -6.02 -49.16 -9.39
C VAL C 172 -6.53 -50.31 -10.22
N PHE C 173 -5.60 -51.11 -10.80
CA PHE C 173 -5.85 -52.31 -11.61
C PHE C 173 -5.63 -53.43 -10.57
N PRO C 174 -6.41 -54.53 -10.62
CA PRO C 174 -6.26 -55.63 -9.73
C PRO C 174 -5.03 -56.47 -10.08
N ALA C 175 -4.89 -57.63 -9.33
CA ALA C 175 -3.95 -58.65 -9.65
C ALA C 175 -4.44 -59.49 -10.79
N ARG C 176 -3.49 -60.31 -11.34
CA ARG C 176 -3.60 -61.19 -12.43
C ARG C 176 -4.02 -62.54 -11.91
N SER C 177 -5.14 -63.10 -12.46
CA SER C 177 -5.76 -64.37 -11.99
C SER C 177 -6.19 -64.28 -10.56
N SER C 178 -6.94 -63.23 -10.14
CA SER C 178 -7.49 -63.11 -8.82
C SER C 178 -8.54 -64.15 -8.55
N GLU C 179 -9.15 -64.03 -7.27
CA GLU C 179 -10.16 -64.91 -6.67
C GLU C 179 -11.49 -64.91 -7.41
N VAL C 180 -11.90 -63.73 -7.95
CA VAL C 180 -13.16 -63.50 -8.55
C VAL C 180 -12.96 -63.77 -10.00
N VAL C 181 -14.13 -64.07 -10.66
CA VAL C 181 -14.14 -64.53 -12.01
C VAL C 181 -14.94 -63.54 -12.65
N VAL C 182 -15.86 -62.84 -11.91
CA VAL C 182 -16.55 -61.71 -12.44
C VAL C 182 -15.70 -60.45 -12.64
N GLN C 183 -14.43 -60.58 -12.16
CA GLN C 183 -13.45 -59.46 -12.38
C GLN C 183 -13.26 -59.00 -13.77
N SER C 184 -13.29 -59.81 -14.81
CA SER C 184 -13.14 -59.38 -16.14
C SER C 184 -14.20 -58.48 -16.65
N TYR C 185 -15.48 -58.76 -16.27
CA TYR C 185 -16.61 -57.89 -16.63
C TYR C 185 -16.42 -56.55 -15.99
N ASN C 186 -16.12 -56.62 -14.67
CA ASN C 186 -16.03 -55.33 -13.96
C ASN C 186 -14.95 -54.50 -14.55
N THR C 187 -13.76 -55.11 -14.82
CA THR C 187 -12.66 -54.40 -15.32
C THR C 187 -12.92 -53.76 -16.72
N ILE C 188 -13.51 -54.59 -17.67
CA ILE C 188 -13.76 -54.20 -19.13
C ILE C 188 -14.71 -53.04 -19.23
N LEU C 189 -15.82 -53.15 -18.50
CA LEU C 189 -16.83 -52.11 -18.61
C LEU C 189 -16.31 -50.79 -18.11
N ALA C 190 -15.57 -50.76 -16.97
CA ALA C 190 -14.93 -49.64 -16.47
C ALA C 190 -13.82 -49.15 -17.35
N LEU C 191 -12.95 -49.98 -17.95
CA LEU C 191 -11.80 -49.56 -18.80
C LEU C 191 -12.30 -48.73 -19.98
N ARG C 192 -13.50 -49.02 -20.49
CA ARG C 192 -14.10 -48.19 -21.55
C ARG C 192 -14.38 -46.75 -21.19
N ARG C 193 -14.98 -46.55 -19.95
CA ARG C 193 -15.22 -45.21 -19.49
C ARG C 193 -13.98 -44.42 -19.14
N LEU C 194 -12.92 -45.05 -18.51
CA LEU C 194 -11.67 -44.38 -18.19
C LEU C 194 -10.95 -44.02 -19.41
N ILE C 195 -10.91 -44.82 -20.48
CA ILE C 195 -10.23 -44.42 -21.75
C ILE C 195 -10.95 -43.25 -22.48
N GLU C 196 -12.28 -43.32 -22.69
CA GLU C 196 -13.02 -42.37 -23.46
C GLU C 196 -13.37 -41.12 -22.68
N ASP C 197 -13.85 -41.26 -21.42
CA ASP C 197 -14.42 -40.09 -20.75
C ASP C 197 -13.41 -39.14 -20.11
N SER C 198 -12.09 -39.59 -19.86
CA SER C 198 -11.02 -38.87 -19.13
C SER C 198 -10.15 -38.20 -20.16
N ASP C 199 -9.15 -37.47 -19.56
CA ASP C 199 -8.10 -36.84 -20.30
C ASP C 199 -6.86 -37.58 -19.95
N ALA C 200 -6.49 -38.01 -18.75
CA ALA C 200 -5.26 -38.74 -18.35
C ALA C 200 -5.53 -39.73 -17.27
N THR C 201 -4.85 -40.93 -17.37
CA THR C 201 -5.02 -41.98 -16.42
C THR C 201 -3.65 -42.49 -15.96
N VAL C 202 -3.50 -42.46 -14.61
CA VAL C 202 -2.28 -42.99 -13.95
C VAL C 202 -2.67 -44.43 -13.59
N VAL C 203 -2.04 -45.43 -14.22
CA VAL C 203 -2.33 -46.78 -13.96
C VAL C 203 -1.46 -47.16 -12.82
N PHE C 204 -2.15 -47.73 -11.77
CA PHE C 204 -1.49 -48.27 -10.60
C PHE C 204 -1.82 -49.72 -10.66
N ASP C 205 -0.84 -50.62 -10.96
CA ASP C 205 -1.15 -52.07 -11.05
C ASP C 205 -0.87 -52.46 -9.65
N ASN C 206 -1.94 -53.02 -9.06
CA ASN C 206 -2.02 -53.46 -7.68
C ASN C 206 -1.09 -54.65 -7.50
N ALA C 207 -0.84 -55.45 -8.58
CA ALA C 207 0.09 -56.61 -8.42
C ALA C 207 1.49 -56.22 -7.97
N SER C 208 2.06 -55.15 -8.61
CA SER C 208 3.36 -54.60 -8.37
C SER C 208 3.42 -53.91 -7.10
N LEU C 209 2.36 -53.14 -6.78
CA LEU C 209 2.24 -52.44 -5.57
C LEU C 209 2.17 -53.41 -4.45
N LEU C 210 1.46 -54.56 -4.59
CA LEU C 210 1.34 -55.45 -3.48
C LEU C 210 2.67 -56.03 -3.09
N ASN C 211 3.51 -56.43 -4.11
CA ASN C 211 4.74 -57.05 -3.89
C ASN C 211 5.65 -56.16 -3.13
N ILE C 212 5.65 -54.87 -3.46
CA ILE C 212 6.40 -53.85 -2.84
C ILE C 212 6.01 -53.68 -1.38
N SER C 213 4.73 -53.62 -1.04
CA SER C 213 4.29 -53.47 0.28
C SER C 213 4.68 -54.58 1.10
N GLY C 214 4.48 -55.80 0.62
CA GLY C 214 4.86 -56.90 1.48
C GLY C 214 6.33 -57.01 1.76
N LYS C 215 7.07 -56.97 0.66
CA LYS C 215 8.49 -57.15 0.60
C LYS C 215 9.26 -55.93 1.13
N VAL C 216 9.07 -54.71 0.59
CA VAL C 216 9.74 -53.52 0.99
C VAL C 216 9.25 -52.89 2.27
N PHE C 217 7.94 -52.67 2.41
CA PHE C 217 7.41 -51.97 3.53
C PHE C 217 7.51 -52.72 4.75
N ARG C 218 7.43 -54.08 4.57
CA ARG C 218 7.50 -55.16 5.52
C ARG C 218 6.29 -55.06 6.38
N ASN C 219 5.44 -56.10 6.37
CA ASN C 219 4.21 -56.22 7.07
C ASN C 219 4.14 -57.65 7.39
N PRO C 220 3.76 -58.05 8.63
CA PRO C 220 3.60 -59.38 9.07
C PRO C 220 2.49 -60.08 8.30
N ASN C 221 1.48 -59.26 7.95
CA ASN C 221 0.42 -59.77 7.19
C ASN C 221 -0.03 -58.57 6.38
N ILE C 222 -0.56 -58.84 5.15
CA ILE C 222 -0.78 -57.84 4.15
C ILE C 222 -2.22 -57.59 3.93
N ASP C 223 -2.59 -56.36 3.52
CA ASP C 223 -4.01 -56.08 3.15
C ASP C 223 -3.90 -54.95 2.20
N LEU C 224 -5.10 -54.48 1.71
CA LEU C 224 -5.27 -53.28 0.91
C LEU C 224 -4.88 -51.99 1.70
N GLN C 225 -5.21 -51.94 3.02
CA GLN C 225 -5.02 -50.81 3.88
C GLN C 225 -3.51 -50.45 4.00
N HIS C 226 -2.63 -51.52 4.08
CA HIS C 226 -1.26 -51.43 4.07
C HIS C 226 -0.85 -50.88 2.72
N THR C 227 -1.41 -51.35 1.57
CA THR C 227 -0.98 -50.97 0.23
C THR C 227 -1.32 -49.52 0.00
N ASN C 228 -2.43 -49.06 0.64
CA ASN C 228 -2.86 -47.72 0.51
C ASN C 228 -1.87 -46.84 1.06
N GLN C 229 -1.02 -47.19 2.08
CA GLN C 229 -0.04 -46.28 2.61
C GLN C 229 1.03 -45.87 1.58
N LEU C 230 1.43 -46.77 0.71
CA LEU C 230 2.37 -46.61 -0.39
C LEU C 230 1.78 -45.65 -1.43
N ILE C 231 0.45 -45.81 -1.80
CA ILE C 231 -0.23 -45.05 -2.75
C ILE C 231 -0.30 -43.62 -2.24
N SER C 232 -0.54 -43.40 -0.96
CA SER C 232 -0.74 -42.11 -0.38
C SER C 232 0.45 -41.29 -0.52
N THR C 233 1.60 -42.03 -0.28
CA THR C 233 2.92 -41.49 -0.43
C THR C 233 3.15 -41.06 -1.96
N ILE C 234 2.77 -41.92 -2.88
CA ILE C 234 2.87 -41.62 -4.34
C ILE C 234 1.94 -40.48 -4.78
N ILE C 235 0.62 -40.43 -4.45
CA ILE C 235 -0.18 -39.37 -4.92
C ILE C 235 0.21 -38.02 -4.42
N SER C 236 0.58 -37.81 -3.15
CA SER C 236 0.96 -36.64 -2.48
C SER C 236 2.24 -36.18 -3.20
N SER C 237 3.23 -37.04 -3.53
CA SER C 237 4.51 -36.68 -4.01
C SER C 237 4.36 -36.00 -5.33
N VAL C 238 3.36 -36.42 -6.20
CA VAL C 238 3.31 -35.95 -7.57
C VAL C 238 3.05 -34.40 -7.57
N THR C 239 2.37 -33.95 -6.52
CA THR C 239 1.90 -32.59 -6.35
C THR C 239 2.99 -31.61 -5.93
N ASN C 240 4.17 -32.23 -5.50
CA ASN C 240 5.14 -31.46 -4.76
C ASN C 240 5.56 -30.17 -5.38
N SER C 241 5.81 -30.10 -6.71
CA SER C 241 6.35 -28.89 -7.38
C SER C 241 5.45 -27.69 -7.44
N ILE C 242 4.08 -27.84 -7.45
CA ILE C 242 3.09 -26.71 -7.45
C ILE C 242 3.06 -26.10 -6.08
N ARG C 243 3.06 -27.00 -5.07
CA ARG C 243 2.95 -26.55 -3.70
C ARG C 243 4.30 -26.04 -3.21
N PHE C 244 5.43 -26.35 -3.97
CA PHE C 244 6.67 -25.65 -3.67
C PHE C 244 6.74 -24.37 -4.32
N PRO C 245 7.12 -23.22 -3.66
CA PRO C 245 7.28 -21.97 -4.21
C PRO C 245 8.31 -21.94 -5.30
N SER C 246 8.35 -20.77 -5.97
CA SER C 246 9.27 -20.47 -7.04
C SER C 246 9.20 -21.50 -8.22
N TYR C 247 8.01 -21.67 -8.86
CA TYR C 247 7.76 -22.64 -9.97
C TYR C 247 6.61 -22.16 -10.68
N MET C 248 6.33 -22.65 -11.90
CA MET C 248 5.31 -22.11 -12.79
C MET C 248 5.20 -23.00 -13.98
N TYR C 249 6.00 -24.00 -14.04
CA TYR C 249 5.97 -25.02 -15.08
C TYR C 249 5.36 -26.34 -14.51
N SER C 250 4.96 -26.24 -13.24
CA SER C 250 4.32 -27.26 -12.40
C SER C 250 2.83 -27.25 -12.43
N SER C 251 2.27 -26.49 -13.42
CA SER C 251 0.93 -26.24 -13.78
C SER C 251 0.40 -27.51 -14.41
N MET C 252 -0.88 -27.77 -14.15
CA MET C 252 -1.60 -28.99 -14.58
C MET C 252 -1.60 -29.03 -16.06
N SER C 253 -1.86 -27.85 -16.71
CA SER C 253 -1.86 -27.64 -18.09
C SER C 253 -0.56 -27.83 -18.71
N SER C 254 0.59 -27.35 -18.21
CA SER C 254 1.88 -27.52 -18.88
C SER C 254 2.26 -28.99 -18.86
N ILE C 255 1.93 -29.68 -17.75
CA ILE C 255 2.23 -31.15 -17.52
C ILE C 255 1.45 -31.92 -18.56
N TYR C 256 0.16 -31.52 -18.76
CA TYR C 256 -0.68 -32.22 -19.70
C TYR C 256 -0.17 -32.14 -21.14
N SER C 257 0.25 -30.91 -21.56
CA SER C 257 0.70 -30.81 -22.96
C SER C 257 1.85 -31.64 -23.35
N THR C 258 2.91 -31.56 -22.40
CA THR C 258 4.13 -32.25 -22.70
C THR C 258 3.93 -33.76 -22.65
N LEU C 259 3.23 -34.21 -21.64
CA LEU C 259 3.03 -35.63 -21.47
C LEU C 259 2.10 -36.32 -22.48
N ILE C 260 0.96 -35.70 -22.91
CA ILE C 260 -0.10 -36.29 -23.74
C ILE C 260 -0.31 -35.41 -24.97
N PRO C 261 -0.14 -35.95 -26.20
CA PRO C 261 -0.30 -35.07 -27.36
C PRO C 261 -1.42 -35.71 -28.20
N SER C 262 -1.93 -36.92 -27.85
CA SER C 262 -2.96 -37.55 -28.64
C SER C 262 -3.78 -38.18 -27.55
N PRO C 263 -5.16 -38.20 -27.61
CA PRO C 263 -6.03 -38.76 -26.52
C PRO C 263 -5.72 -40.21 -26.07
N GLU C 264 -5.16 -41.04 -27.01
CA GLU C 264 -4.96 -42.43 -26.70
C GLU C 264 -3.79 -42.73 -25.89
N LEU C 265 -2.74 -41.85 -26.07
CA LEU C 265 -1.50 -42.07 -25.37
C LEU C 265 -1.67 -41.15 -24.19
N HIS C 266 -2.15 -41.82 -23.08
CA HIS C 266 -2.42 -41.09 -21.89
C HIS C 266 -2.33 -41.97 -20.73
N PHE C 267 -1.92 -43.30 -20.98
CA PHE C 267 -1.76 -44.21 -19.85
C PHE C 267 -0.36 -43.85 -19.53
N LEU C 268 -0.20 -43.45 -18.25
CA LEU C 268 1.02 -43.11 -17.71
C LEU C 268 1.34 -44.19 -16.72
N SER C 269 2.66 -44.49 -16.52
CA SER C 269 3.10 -45.47 -15.47
C SER C 269 3.98 -44.62 -14.59
N PRO C 270 3.97 -44.74 -13.23
CA PRO C 270 4.95 -44.15 -12.37
C PRO C 270 6.02 -45.17 -11.87
N SER C 271 7.16 -44.66 -11.41
CA SER C 271 8.12 -45.40 -10.66
C SER C 271 8.61 -44.37 -9.68
N PHE C 272 9.04 -44.86 -8.54
CA PHE C 272 9.41 -44.00 -7.48
C PHE C 272 10.53 -44.57 -6.67
N THR C 273 11.37 -43.74 -6.01
CA THR C 273 12.34 -44.20 -5.02
C THR C 273 12.51 -42.95 -4.04
N PRO C 274 12.59 -43.05 -2.70
CA PRO C 274 12.54 -44.31 -1.86
C PRO C 274 11.10 -44.79 -1.63
N PHE C 275 10.98 -46.01 -0.97
CA PHE C 275 9.70 -46.57 -0.59
C PHE C 275 9.57 -46.64 0.91
N THR C 276 10.71 -46.82 1.72
CA THR C 276 10.50 -46.81 3.19
C THR C 276 11.41 -45.71 3.71
N SER C 277 12.69 -46.17 3.87
CA SER C 277 13.74 -45.36 4.41
C SER C 277 13.47 -44.87 5.85
N ASP C 278 13.44 -45.82 6.81
CA ASP C 278 13.06 -45.57 8.17
C ASP C 278 14.28 -45.53 8.89
N TYR C 279 14.33 -45.01 10.11
CA TYR C 279 15.56 -44.84 10.78
C TYR C 279 15.68 -45.86 11.84
N ILE C 280 14.73 -46.79 11.90
CA ILE C 280 14.77 -47.85 12.92
C ILE C 280 16.01 -48.84 12.67
N HIS C 281 16.34 -48.99 11.37
CA HIS C 281 17.45 -49.71 10.82
C HIS C 281 17.70 -49.04 9.48
N ASP C 282 18.83 -49.44 8.81
CA ASP C 282 19.35 -48.62 7.78
C ASP C 282 18.76 -49.23 6.50
N ASP C 283 17.66 -48.62 6.13
CA ASP C 283 16.96 -48.86 4.84
C ASP C 283 17.06 -47.56 4.07
N ILE C 284 17.81 -46.56 4.61
CA ILE C 284 18.04 -45.32 4.06
C ILE C 284 19.02 -45.45 2.87
N ALA C 285 18.77 -44.70 1.81
CA ALA C 285 19.70 -44.72 0.69
C ALA C 285 19.92 -43.29 0.26
N HIS C 286 21.26 -42.88 0.28
CA HIS C 286 21.45 -41.51 -0.18
C HIS C 286 21.83 -41.78 -1.60
N LYS C 287 21.07 -41.09 -2.56
CA LYS C 287 21.28 -41.35 -3.97
C LYS C 287 22.17 -40.35 -4.63
N CYS C 288 22.66 -40.65 -5.81
CA CYS C 288 23.24 -39.74 -6.71
C CYS C 288 22.45 -39.84 -7.92
N HIS C 289 22.73 -39.03 -8.96
CA HIS C 289 21.81 -38.98 -10.09
C HIS C 289 21.71 -40.31 -10.79
N SER C 290 22.85 -41.06 -10.92
CA SER C 290 22.76 -42.37 -11.49
C SER C 290 21.96 -43.33 -10.75
N SER C 291 22.10 -43.28 -9.37
CA SER C 291 21.46 -44.28 -8.58
C SER C 291 19.90 -44.41 -8.66
N TYR C 292 19.35 -43.18 -8.57
CA TYR C 292 17.92 -42.91 -8.66
C TYR C 292 17.45 -43.29 -10.02
N ASP C 293 18.21 -42.86 -11.06
CA ASP C 293 17.81 -43.09 -12.45
C ASP C 293 17.73 -44.56 -12.77
N VAL C 294 18.71 -45.33 -12.23
CA VAL C 294 18.84 -46.77 -12.39
C VAL C 294 17.63 -47.53 -11.72
N MET C 295 17.15 -47.11 -10.53
CA MET C 295 16.04 -47.72 -9.86
C MET C 295 14.70 -47.57 -10.57
N LEU C 296 14.49 -46.45 -11.26
CA LEU C 296 13.32 -46.13 -11.99
C LEU C 296 13.02 -47.09 -13.25
N ASP C 297 14.07 -47.67 -13.86
CA ASP C 297 13.95 -48.55 -15.02
C ASP C 297 13.35 -49.85 -14.53
N LEU C 298 13.58 -50.33 -13.23
CA LEU C 298 13.17 -51.61 -12.69
C LEU C 298 11.70 -51.60 -12.59
N LEU C 299 10.97 -52.60 -13.18
CA LEU C 299 9.59 -52.59 -13.41
C LEU C 299 8.72 -53.17 -12.37
N ASP C 300 9.32 -53.81 -11.30
CA ASP C 300 8.47 -54.15 -10.16
C ASP C 300 8.31 -52.87 -9.39
N PRO C 301 9.36 -52.00 -9.15
CA PRO C 301 9.14 -50.73 -8.50
C PRO C 301 8.31 -49.78 -9.32
N SER C 302 7.93 -50.14 -10.61
CA SER C 302 7.10 -49.30 -11.45
C SER C 302 5.83 -50.06 -11.33
N ASN C 303 4.96 -50.04 -12.30
CA ASN C 303 3.66 -50.64 -12.25
C ASN C 303 3.38 -51.06 -13.58
N SER C 304 3.04 -52.38 -13.69
CA SER C 304 2.56 -53.04 -14.90
C SER C 304 3.54 -54.14 -14.94
N LEU C 305 3.04 -55.39 -15.14
CA LEU C 305 3.82 -56.59 -15.13
C LEU C 305 4.02 -56.88 -16.57
N VAL C 306 5.27 -56.85 -17.11
CA VAL C 306 5.58 -57.23 -18.45
C VAL C 306 6.77 -58.05 -18.37
N SER C 307 7.92 -57.40 -18.13
CA SER C 307 9.21 -57.96 -18.01
C SER C 307 9.74 -57.36 -16.70
N THR C 308 10.83 -57.97 -16.05
CA THR C 308 11.43 -57.68 -14.78
C THR C 308 12.07 -56.33 -14.66
N ALA C 309 12.45 -55.70 -15.78
CA ALA C 309 13.01 -54.32 -15.90
C ALA C 309 12.61 -53.98 -17.30
N MET C 310 12.72 -52.73 -17.76
CA MET C 310 12.33 -52.33 -19.12
C MET C 310 13.23 -53.08 -20.06
N ASN C 311 12.59 -53.97 -20.85
CA ASN C 311 13.33 -54.82 -21.74
C ASN C 311 12.51 -54.82 -22.97
N ASN C 312 11.57 -53.87 -23.10
CA ASN C 312 10.54 -53.84 -24.07
C ASN C 312 11.05 -53.21 -25.31
N PRO C 313 10.51 -53.54 -26.47
CA PRO C 313 10.93 -52.94 -27.75
C PRO C 313 10.02 -51.90 -28.15
N THR C 314 8.78 -51.77 -27.66
CA THR C 314 7.85 -50.69 -28.07
C THR C 314 8.41 -49.35 -27.64
N TYR C 315 7.94 -48.24 -28.30
CA TYR C 315 8.39 -46.90 -28.12
C TYR C 315 7.92 -46.19 -26.82
N PHE C 316 8.73 -45.24 -26.35
CA PHE C 316 8.33 -44.27 -25.34
C PHE C 316 7.84 -43.07 -25.98
N ASN C 317 6.64 -42.69 -25.53
CA ASN C 317 5.94 -41.50 -25.91
C ASN C 317 6.49 -40.29 -25.18
N VAL C 318 6.76 -40.38 -23.86
CA VAL C 318 7.41 -39.38 -23.11
C VAL C 318 8.00 -40.02 -21.86
N TYR C 319 9.00 -39.37 -21.34
CA TYR C 319 9.62 -39.77 -20.12
C TYR C 319 9.85 -38.46 -19.38
N ASN C 320 9.55 -38.46 -18.06
CA ASN C 320 9.81 -37.34 -17.15
C ASN C 320 10.46 -37.81 -15.90
N THR C 321 11.56 -37.08 -15.55
CA THR C 321 12.22 -37.46 -14.33
C THR C 321 12.11 -36.20 -13.47
N ILE C 322 11.64 -36.45 -12.21
CA ILE C 322 11.44 -35.50 -11.15
C ILE C 322 12.46 -35.79 -10.05
N ILE C 323 13.43 -34.87 -9.79
CA ILE C 323 14.57 -35.08 -8.86
C ILE C 323 14.13 -34.31 -7.64
N GLY C 324 14.26 -34.88 -6.45
CA GLY C 324 13.78 -34.32 -5.17
C GLY C 324 15.08 -34.29 -4.36
N ASN C 325 15.29 -33.09 -3.96
CA ASN C 325 16.39 -32.52 -3.21
C ASN C 325 17.61 -32.27 -4.05
N VAL C 326 18.32 -31.23 -3.48
CA VAL C 326 19.55 -30.61 -4.01
C VAL C 326 20.57 -31.61 -4.34
N GLU C 327 21.19 -31.35 -5.50
CA GLU C 327 22.36 -32.02 -6.10
C GLU C 327 22.80 -31.12 -7.25
N PRO C 328 24.05 -30.82 -7.48
CA PRO C 328 24.47 -30.04 -8.67
C PRO C 328 23.98 -30.54 -9.98
N ARG C 329 23.26 -29.65 -10.63
CA ARG C 329 22.51 -29.81 -11.91
C ARG C 329 23.29 -30.11 -13.18
N GLN C 330 24.48 -29.54 -13.36
CA GLN C 330 25.36 -29.77 -14.48
C GLN C 330 25.89 -31.18 -14.63
N ILE C 331 26.21 -31.75 -13.49
CA ILE C 331 26.73 -33.08 -13.31
C ILE C 331 25.59 -34.01 -13.80
N SER C 332 24.27 -33.78 -13.45
CA SER C 332 23.08 -34.56 -13.88
C SER C 332 22.84 -34.45 -15.32
N ARG C 333 23.06 -33.23 -15.82
CA ARG C 333 22.82 -32.97 -17.21
C ARG C 333 23.76 -33.73 -18.10
N ALA C 334 25.06 -33.81 -17.70
CA ALA C 334 26.07 -34.62 -18.44
C ALA C 334 25.68 -36.03 -18.36
N MET C 335 25.18 -36.50 -17.18
CA MET C 335 24.71 -37.84 -17.09
C MET C 335 23.51 -38.15 -17.97
N THR C 336 22.48 -37.22 -18.08
CA THR C 336 21.25 -37.40 -18.91
C THR C 336 21.55 -37.45 -20.42
N LYS C 337 22.50 -36.65 -20.81
CA LYS C 337 22.96 -36.73 -22.23
C LYS C 337 23.56 -37.98 -22.63
N LEU C 338 24.33 -38.58 -21.74
CA LEU C 338 24.99 -39.85 -21.92
C LEU C 338 23.99 -41.01 -21.98
N GLN C 339 22.93 -40.90 -21.12
CA GLN C 339 21.80 -41.81 -21.07
C GLN C 339 21.08 -41.80 -22.39
N GLN C 340 20.93 -40.65 -23.03
CA GLN C 340 20.37 -40.49 -24.37
C GLN C 340 21.22 -41.13 -25.45
N ARG C 341 22.57 -40.88 -25.30
CA ARG C 341 23.54 -41.42 -26.25
C ARG C 341 23.54 -42.89 -26.25
N ILE C 342 23.50 -43.56 -25.08
CA ILE C 342 23.38 -45.04 -24.93
C ILE C 342 22.09 -45.51 -25.46
N LYS C 343 21.01 -44.70 -25.33
CA LYS C 343 19.69 -45.06 -25.89
C LYS C 343 19.13 -46.13 -25.00
N PHE C 344 19.10 -45.82 -23.67
CA PHE C 344 18.42 -46.68 -22.66
C PHE C 344 17.03 -47.14 -22.98
N PRO C 345 16.15 -46.24 -23.39
CA PRO C 345 14.79 -46.65 -23.66
C PRO C 345 14.89 -47.29 -25.06
N SER C 346 13.70 -47.67 -25.52
CA SER C 346 13.66 -48.05 -26.92
C SER C 346 12.56 -47.20 -27.49
N TRP C 347 12.84 -46.49 -28.61
CA TRP C 347 11.94 -45.46 -29.16
C TRP C 347 11.78 -45.49 -30.66
N SER C 348 10.68 -44.82 -31.11
CA SER C 348 10.02 -44.63 -32.39
C SER C 348 10.91 -44.40 -33.58
N SER C 349 10.31 -44.61 -34.73
CA SER C 349 11.07 -44.51 -35.96
C SER C 349 10.51 -43.45 -36.78
N SER C 350 9.31 -42.95 -36.48
CA SER C 350 8.64 -41.83 -37.23
C SER C 350 8.80 -40.63 -36.41
N ALA C 351 9.57 -40.77 -35.30
CA ALA C 351 9.71 -39.66 -34.29
C ALA C 351 10.97 -39.96 -33.59
N MET C 352 11.37 -38.99 -32.71
CA MET C 352 12.46 -39.14 -31.87
C MET C 352 11.91 -39.55 -30.50
N HIS C 353 12.10 -38.65 -29.46
CA HIS C 353 11.60 -38.83 -28.11
C HIS C 353 11.38 -37.49 -27.55
N VAL C 354 10.75 -37.48 -26.39
CA VAL C 354 10.56 -36.21 -25.69
C VAL C 354 10.97 -36.48 -24.27
N ASN C 355 11.90 -35.62 -23.74
CA ASN C 355 12.54 -35.99 -22.51
C ASN C 355 12.52 -34.73 -21.64
N ILE C 356 11.92 -34.88 -20.41
CA ILE C 356 11.84 -33.76 -19.50
C ILE C 356 12.46 -34.24 -18.21
N GLY C 357 12.96 -33.21 -17.51
CA GLY C 357 13.52 -33.34 -16.15
C GLY C 357 12.96 -32.22 -15.33
N ARG C 358 12.70 -32.45 -14.08
CA ARG C 358 12.26 -31.47 -13.04
C ARG C 358 13.21 -31.69 -11.97
N ARG C 359 13.63 -30.58 -11.34
CA ARG C 359 14.41 -30.62 -10.16
C ARG C 359 13.47 -29.94 -9.23
N SER C 360 13.40 -30.38 -7.96
CA SER C 360 12.60 -29.80 -6.90
C SER C 360 13.40 -30.03 -5.59
N PRO C 361 13.20 -29.21 -4.61
CA PRO C 361 13.82 -29.34 -3.29
C PRO C 361 12.86 -30.16 -2.42
N TYR C 362 12.43 -29.68 -1.22
CA TYR C 362 11.58 -30.31 -0.23
C TYR C 362 11.09 -29.22 0.66
N LEU C 363 10.16 -29.64 1.59
CA LEU C 363 9.40 -28.70 2.43
C LEU C 363 10.28 -28.06 3.45
N PRO C 364 10.14 -26.81 3.80
CA PRO C 364 10.98 -26.24 4.82
C PRO C 364 10.42 -26.52 6.19
N LEU C 365 9.18 -26.93 6.36
CA LEU C 365 8.58 -27.20 7.57
C LEU C 365 9.03 -28.50 8.05
N GLN C 366 9.37 -29.40 7.11
CA GLN C 366 9.76 -30.73 7.48
C GLN C 366 11.22 -30.79 7.29
N PRO C 367 12.04 -31.16 8.23
CA PRO C 367 13.51 -31.19 8.20
C PRO C 367 13.87 -32.59 7.75
N ASN C 368 15.00 -32.72 7.02
CA ASN C 368 15.45 -34.02 6.50
C ASN C 368 16.91 -33.92 6.41
N GLU C 369 17.48 -35.11 5.93
CA GLU C 369 18.85 -35.38 5.55
C GLU C 369 19.30 -34.97 4.18
N ASN C 370 18.29 -34.35 3.49
CA ASN C 370 18.11 -33.79 2.15
C ASN C 370 18.68 -34.69 1.12
N GLU C 371 18.43 -36.03 1.19
CA GLU C 371 18.83 -37.06 0.25
C GLU C 371 18.14 -36.88 -1.13
N VAL C 372 18.88 -37.19 -2.26
CA VAL C 372 18.32 -37.20 -3.64
C VAL C 372 17.28 -38.36 -3.56
N SER C 373 16.11 -38.13 -4.12
CA SER C 373 15.04 -38.99 -4.29
C SER C 373 14.49 -38.76 -5.63
N GLY C 374 13.67 -39.67 -6.18
CA GLY C 374 13.15 -39.26 -7.52
C GLY C 374 11.92 -40.05 -7.90
N MET C 375 11.16 -39.45 -8.88
CA MET C 375 9.88 -39.96 -9.40
C MET C 375 10.06 -40.02 -10.90
N MET C 376 9.53 -41.04 -11.52
CA MET C 376 9.50 -41.23 -12.93
C MET C 376 8.01 -41.15 -13.26
N LEU C 377 7.72 -40.36 -14.30
CA LEU C 377 6.44 -40.43 -14.95
C LEU C 377 6.65 -40.69 -16.35
N SER C 378 6.12 -41.77 -16.98
CA SER C 378 6.41 -41.94 -18.42
C SER C 378 5.16 -42.42 -19.11
N ASN C 379 4.96 -42.17 -20.41
CA ASN C 379 3.84 -42.69 -21.20
C ASN C 379 4.47 -43.72 -22.07
N MET C 380 4.22 -44.95 -21.78
CA MET C 380 4.91 -46.01 -22.44
C MET C 380 3.86 -46.98 -22.90
N SER C 381 4.05 -47.58 -24.07
CA SER C 381 3.13 -48.51 -24.73
C SER C 381 3.09 -49.82 -23.97
N THR C 382 4.13 -50.18 -23.10
CA THR C 382 4.16 -51.42 -22.40
C THR C 382 2.97 -51.62 -21.40
N VAL C 383 2.33 -50.52 -20.94
CA VAL C 383 1.26 -50.50 -19.95
C VAL C 383 0.14 -51.39 -20.42
N VAL C 384 -0.01 -51.54 -21.72
CA VAL C 384 -1.15 -52.37 -22.27
C VAL C 384 -1.10 -53.86 -21.82
N ASN C 385 0.09 -54.34 -21.49
CA ASN C 385 0.35 -55.77 -21.31
C ASN C 385 -0.60 -56.32 -20.20
N VAL C 386 -0.90 -55.58 -19.14
CA VAL C 386 -1.81 -55.97 -18.11
C VAL C 386 -3.23 -56.14 -18.74
N PHE C 387 -3.58 -55.16 -19.66
CA PHE C 387 -4.86 -55.07 -20.32
C PHE C 387 -5.08 -56.32 -21.26
N GLU C 388 -4.02 -56.82 -21.97
CA GLU C 388 -4.14 -57.96 -22.88
C GLU C 388 -4.51 -59.12 -22.16
N ASN C 389 -3.93 -59.26 -20.94
CA ASN C 389 -4.04 -60.41 -20.06
C ASN C 389 -5.54 -60.44 -19.66
N ALA C 390 -6.16 -59.18 -19.36
CA ALA C 390 -7.61 -59.02 -19.18
C ALA C 390 -8.48 -59.30 -20.35
N CYS C 391 -8.13 -58.85 -21.57
CA CYS C 391 -8.96 -59.04 -22.72
C CYS C 391 -9.11 -60.51 -23.05
N ASN C 392 -7.97 -61.27 -22.88
CA ASN C 392 -7.81 -62.71 -23.18
C ASN C 392 -8.76 -63.45 -22.25
N THR C 393 -8.74 -63.03 -20.93
CA THR C 393 -9.55 -63.62 -19.93
C THR C 393 -10.96 -63.33 -20.27
N PHE C 394 -11.29 -62.09 -20.77
CA PHE C 394 -12.61 -61.60 -21.05
C PHE C 394 -13.15 -62.48 -22.13
N ASP C 395 -12.39 -62.82 -23.14
CA ASP C 395 -12.86 -63.64 -24.22
C ASP C 395 -13.28 -65.01 -23.77
N LYS C 396 -12.49 -65.81 -22.89
CA LYS C 396 -12.98 -67.12 -22.50
C LYS C 396 -14.24 -67.21 -21.68
N VAL C 397 -14.34 -66.28 -20.67
CA VAL C 397 -15.50 -66.15 -19.77
C VAL C 397 -16.69 -65.74 -20.53
N PHE C 398 -16.59 -64.78 -21.53
CA PHE C 398 -17.73 -64.44 -22.33
C PHE C 398 -18.21 -65.53 -23.19
N ALA C 399 -17.32 -66.26 -23.83
CA ALA C 399 -17.64 -67.33 -24.85
C ALA C 399 -18.44 -68.44 -24.24
N LYS C 400 -18.10 -68.92 -23.02
CA LYS C 400 -18.80 -70.07 -22.36
C LYS C 400 -20.19 -69.48 -22.04
N GLY C 401 -20.32 -68.10 -21.80
CA GLY C 401 -21.61 -67.52 -21.72
C GLY C 401 -22.11 -67.39 -20.31
N ALA C 402 -21.38 -68.08 -19.38
CA ALA C 402 -21.77 -68.29 -18.02
C ALA C 402 -21.15 -67.13 -17.25
N PHE C 403 -21.96 -66.57 -16.29
CA PHE C 403 -21.72 -65.43 -15.44
C PHE C 403 -22.06 -64.08 -16.13
N LEU C 404 -22.52 -64.23 -17.34
CA LEU C 404 -23.04 -63.13 -18.12
C LEU C 404 -24.45 -62.75 -17.65
N ASN C 405 -25.09 -63.77 -17.02
CA ASN C 405 -26.46 -63.76 -16.59
C ASN C 405 -26.70 -62.61 -15.74
N ASN C 406 -25.69 -62.43 -14.79
CA ASN C 406 -25.99 -61.44 -13.76
C ASN C 406 -26.13 -60.03 -14.22
N TYR C 407 -25.31 -59.62 -15.20
CA TYR C 407 -25.27 -58.42 -15.96
C TYR C 407 -26.48 -58.20 -16.84
N ASN C 408 -26.92 -59.28 -17.50
CA ASN C 408 -28.11 -59.29 -18.36
C ASN C 408 -29.27 -58.95 -17.63
N VAL C 409 -29.43 -59.22 -16.33
CA VAL C 409 -30.57 -58.81 -15.58
C VAL C 409 -30.66 -57.34 -15.54
N GLY C 410 -29.59 -56.54 -15.57
CA GLY C 410 -29.53 -55.15 -15.54
C GLY C 410 -29.81 -54.73 -16.97
N ASP C 411 -29.99 -53.36 -16.99
CA ASP C 411 -30.45 -52.65 -18.15
C ASP C 411 -29.60 -52.68 -19.37
N LEU C 412 -28.20 -52.60 -19.21
CA LEU C 412 -27.26 -52.58 -20.30
C LEU C 412 -27.29 -53.79 -21.14
N PHE C 413 -27.48 -54.99 -20.54
CA PHE C 413 -27.48 -56.20 -21.26
C PHE C 413 -28.85 -56.83 -21.25
N GLN C 414 -29.97 -56.03 -21.14
CA GLN C 414 -31.37 -56.45 -20.92
C GLN C 414 -31.88 -56.98 -22.18
N SER C 415 -31.09 -56.74 -23.28
CA SER C 415 -31.48 -57.00 -24.64
C SER C 415 -30.27 -56.93 -25.51
N MET C 416 -29.09 -56.87 -24.90
CA MET C 416 -27.83 -56.64 -25.60
C MET C 416 -26.70 -57.38 -24.95
N GLN C 417 -25.56 -57.32 -25.59
CA GLN C 417 -24.37 -57.94 -25.06
C GLN C 417 -23.23 -57.20 -25.69
N ASN C 418 -23.60 -56.12 -26.35
CA ASN C 418 -22.68 -55.36 -27.16
C ASN C 418 -21.61 -54.62 -26.40
N VAL C 419 -21.79 -53.95 -25.20
CA VAL C 419 -20.98 -52.98 -24.52
C VAL C 419 -19.61 -53.58 -24.20
N GLN C 420 -19.48 -54.85 -23.77
CA GLN C 420 -18.27 -55.57 -23.54
C GLN C 420 -17.51 -55.74 -24.96
N ASP C 421 -18.34 -56.05 -26.01
CA ASP C 421 -17.85 -56.27 -27.35
C ASP C 421 -17.21 -55.03 -28.00
N GLU C 422 -17.85 -53.83 -27.77
CA GLU C 422 -17.37 -52.53 -28.19
C GLU C 422 -16.06 -52.18 -27.50
N PHE C 423 -15.86 -52.46 -26.11
CA PHE C 423 -14.57 -52.18 -25.51
C PHE C 423 -13.47 -53.05 -26.17
N ALA C 424 -13.73 -54.34 -26.42
CA ALA C 424 -12.73 -55.21 -26.97
C ALA C 424 -12.22 -54.74 -28.28
N GLU C 425 -13.16 -54.31 -29.08
CA GLU C 425 -12.95 -53.84 -30.41
C GLU C 425 -12.16 -52.55 -30.39
N SER C 426 -12.49 -51.56 -29.45
CA SER C 426 -11.70 -50.37 -29.26
C SER C 426 -10.31 -50.65 -28.80
N ARG C 427 -10.15 -51.62 -27.86
CA ARG C 427 -8.93 -51.97 -27.21
C ARG C 427 -7.97 -52.52 -28.26
N GLU C 428 -8.50 -53.27 -29.23
CA GLU C 428 -7.63 -53.81 -30.24
C GLU C 428 -6.99 -52.75 -31.10
N VAL C 429 -7.87 -51.72 -31.38
CA VAL C 429 -7.46 -50.54 -32.14
C VAL C 429 -6.45 -49.72 -31.44
N VAL C 430 -6.52 -49.60 -30.08
CA VAL C 430 -5.56 -48.97 -29.24
C VAL C 430 -4.19 -49.61 -29.35
N GLN C 431 -4.15 -50.95 -29.30
CA GLN C 431 -2.92 -51.70 -29.45
C GLN C 431 -2.31 -51.45 -30.83
N SER C 432 -3.11 -51.43 -31.86
CA SER C 432 -2.67 -51.21 -33.23
C SER C 432 -2.06 -49.85 -33.48
N LEU C 433 -2.64 -48.73 -32.90
CA LEU C 433 -2.19 -47.35 -33.02
C LEU C 433 -0.80 -47.28 -32.35
N MET C 434 -0.60 -47.93 -31.24
CA MET C 434 0.78 -47.91 -30.67
C MET C 434 1.78 -48.58 -31.60
N GLU C 435 1.47 -49.65 -32.31
CA GLU C 435 2.37 -50.32 -33.31
C GLU C 435 2.68 -49.43 -34.44
N ASP C 436 1.68 -48.63 -34.95
CA ASP C 436 1.99 -47.80 -36.08
C ASP C 436 3.03 -46.74 -35.72
N TYR C 437 2.98 -46.26 -34.47
CA TYR C 437 3.95 -45.35 -33.88
C TYR C 437 5.35 -45.86 -33.74
N VAL C 438 5.59 -47.20 -33.60
CA VAL C 438 6.95 -47.75 -33.57
C VAL C 438 7.60 -47.56 -34.89
N ALA C 439 6.85 -47.60 -35.99
CA ALA C 439 7.23 -47.46 -37.38
C ALA C 439 7.25 -46.06 -37.81
N ALA C 440 8.08 -45.81 -38.89
CA ALA C 440 8.19 -44.56 -39.75
C ALA C 440 6.89 -44.32 -40.53
N GLU C 441 6.24 -45.47 -40.83
CA GLU C 441 5.09 -45.56 -41.65
C GLU C 441 3.95 -44.78 -41.17
N GLN C 442 3.91 -44.41 -39.88
CA GLN C 442 2.95 -43.54 -39.28
C GLN C 442 2.80 -42.24 -39.96
N ASP C 443 3.94 -41.59 -40.32
CA ASP C 443 4.00 -40.39 -41.10
C ASP C 443 3.25 -40.58 -42.39
N SER C 444 2.48 -39.56 -42.71
CA SER C 444 1.71 -39.51 -43.96
C SER C 444 1.49 -38.09 -44.15
N TYR C 445 1.95 -37.57 -45.32
CA TYR C 445 2.07 -36.10 -45.51
C TYR C 445 0.72 -35.66 -46.18
N MET D 1 -37.03 5.04 16.29
CA MET D 1 -37.37 5.18 14.86
C MET D 1 -38.64 5.83 14.61
N GLY D 2 -39.73 5.13 15.06
CA GLY D 2 -41.09 5.46 14.77
C GLY D 2 -41.63 4.69 13.60
N GLY D 3 -42.99 4.54 13.38
CA GLY D 3 -43.74 3.83 12.45
C GLY D 3 -44.08 2.66 13.21
N GLU D 4 -45.17 2.64 14.04
CA GLU D 4 -45.44 1.48 14.90
C GLU D 4 -46.04 0.36 14.13
N ILE D 5 -45.78 -0.86 14.64
CA ILE D 5 -46.26 -2.04 14.07
C ILE D 5 -46.95 -2.74 15.25
N ILE D 6 -48.13 -3.27 14.87
CA ILE D 6 -49.06 -3.96 15.75
C ILE D 6 -49.02 -5.37 15.36
N THR D 7 -48.92 -6.38 16.29
CA THR D 7 -48.84 -7.80 16.03
C THR D 7 -50.13 -8.52 16.46
N LEU D 8 -50.65 -9.42 15.50
CA LEU D 8 -51.85 -10.28 15.76
C LEU D 8 -51.34 -11.71 15.76
N GLN D 9 -51.64 -12.50 16.84
CA GLN D 9 -51.11 -13.83 17.00
C GLN D 9 -52.32 -14.67 16.97
N ALA D 10 -52.36 -15.68 16.09
CA ALA D 10 -53.53 -16.50 15.83
C ALA D 10 -53.12 -17.93 15.84
N GLY D 11 -53.97 -18.79 16.38
CA GLY D 11 -53.76 -20.21 16.55
C GLY D 11 -52.67 -20.49 17.61
N GLN D 12 -52.33 -21.81 17.64
CA GLN D 12 -51.24 -22.33 18.43
C GLN D 12 -49.91 -21.81 17.96
N CYS D 13 -49.66 -21.85 16.65
CA CYS D 13 -48.32 -21.50 16.12
C CYS D 13 -48.02 -20.04 16.37
N GLY D 14 -48.94 -19.13 16.02
CA GLY D 14 -48.79 -17.71 16.02
C GLY D 14 -48.47 -17.18 17.45
N ASN D 15 -49.19 -17.73 18.48
CA ASN D 15 -48.99 -17.45 19.85
C ASN D 15 -47.72 -17.96 20.26
N HIS D 16 -47.35 -19.18 19.73
CA HIS D 16 -46.05 -19.75 20.10
C HIS D 16 -44.85 -18.98 19.60
N VAL D 17 -44.83 -18.63 18.35
CA VAL D 17 -43.74 -17.92 17.73
C VAL D 17 -43.71 -16.52 18.37
N GLY D 18 -44.89 -15.84 18.64
CA GLY D 18 -44.84 -14.51 19.12
C GLY D 18 -44.18 -14.49 20.43
N LYS D 19 -44.48 -15.44 21.32
CA LYS D 19 -43.79 -15.34 22.65
C LYS D 19 -42.31 -15.49 22.59
N PHE D 20 -41.84 -16.47 21.77
CA PHE D 20 -40.38 -16.79 21.66
C PHE D 20 -39.68 -15.67 20.98
N LEU D 21 -40.28 -14.96 20.00
CA LEU D 21 -39.78 -13.77 19.38
C LEU D 21 -39.60 -12.67 20.43
N TRP D 22 -40.52 -12.44 21.35
CA TRP D 22 -40.42 -11.30 22.25
C TRP D 22 -39.26 -11.50 23.18
N SER D 23 -38.98 -12.76 23.65
CA SER D 23 -37.90 -13.13 24.49
C SER D 23 -36.57 -12.87 23.82
N GLN D 24 -36.51 -13.17 22.51
CA GLN D 24 -35.30 -12.85 21.72
C GLN D 24 -35.02 -11.30 21.56
N LEU D 25 -36.08 -10.48 21.26
CA LEU D 25 -35.98 -9.01 21.06
C LEU D 25 -35.56 -8.39 22.36
N ALA D 26 -36.13 -8.90 23.48
CA ALA D 26 -35.84 -8.35 24.80
C ALA D 26 -34.37 -8.49 25.10
N LYS D 27 -33.78 -9.68 24.75
CA LYS D 27 -32.40 -9.87 24.89
C LYS D 27 -31.46 -9.03 24.10
N GLU D 28 -31.76 -8.91 22.86
CA GLU D 28 -30.92 -8.33 21.78
C GLU D 28 -30.80 -6.82 22.07
N HIS D 29 -31.87 -6.28 22.55
CA HIS D 29 -31.92 -4.83 22.82
C HIS D 29 -31.75 -4.55 24.26
N ALA D 30 -31.11 -5.48 24.92
CA ALA D 30 -30.69 -5.53 26.31
C ALA D 30 -31.68 -4.94 27.33
N ILE D 31 -32.95 -5.48 27.37
CA ILE D 31 -33.96 -4.98 28.28
C ILE D 31 -34.26 -6.21 28.96
N GLY D 32 -34.84 -5.99 30.20
CA GLY D 32 -35.13 -7.10 31.08
C GLY D 32 -36.26 -7.79 30.51
N THR D 33 -36.91 -8.72 31.27
CA THR D 33 -38.02 -9.53 30.71
C THR D 33 -39.29 -9.00 31.17
N ASP D 34 -39.23 -7.77 31.78
CA ASP D 34 -40.41 -7.00 32.11
C ASP D 34 -40.28 -5.81 31.23
N GLY D 35 -39.11 -5.63 30.61
CA GLY D 35 -38.92 -4.53 29.66
C GLY D 35 -38.12 -3.54 30.33
N LEU D 36 -37.82 -3.72 31.59
CA LEU D 36 -37.07 -2.80 32.33
C LEU D 36 -35.65 -2.89 31.92
N SER D 37 -35.13 -1.73 31.38
CA SER D 37 -33.79 -1.46 30.86
C SER D 37 -32.81 -1.66 32.00
N GLN D 38 -31.62 -2.20 31.59
CA GLN D 38 -30.53 -2.47 32.51
C GLN D 38 -29.84 -1.23 32.95
N LEU D 39 -29.24 -1.27 34.17
CA LEU D 39 -28.75 -0.12 34.93
C LEU D 39 -27.54 0.57 34.30
N PRO D 40 -26.44 -0.06 33.78
CA PRO D 40 -25.37 0.65 33.16
C PRO D 40 -25.80 0.75 31.70
N ASP D 41 -25.07 1.63 30.90
CA ASP D 41 -25.49 1.92 29.57
C ASP D 41 -25.16 0.65 28.76
N SER D 42 -26.28 0.04 28.36
CA SER D 42 -26.23 -1.28 27.75
C SER D 42 -26.01 -1.10 26.24
N SER D 43 -26.69 -0.21 25.50
CA SER D 43 -26.52 0.02 24.09
C SER D 43 -27.82 0.73 23.75
N THR D 44 -27.96 1.97 24.23
CA THR D 44 -29.23 2.72 24.13
C THR D 44 -29.40 3.18 22.73
N GLU D 45 -28.29 3.52 22.06
CA GLU D 45 -28.22 4.10 20.76
C GLU D 45 -28.64 3.10 19.63
N ARG D 46 -28.38 1.74 19.81
CA ARG D 46 -28.87 0.68 18.96
C ARG D 46 -30.40 0.49 19.04
N ASP D 47 -30.98 0.67 20.28
CA ASP D 47 -32.30 0.35 20.62
C ASP D 47 -33.34 1.26 20.04
N ASP D 48 -33.76 0.91 18.82
CA ASP D 48 -34.74 1.63 17.98
C ASP D 48 -35.77 0.68 17.57
N ASP D 49 -35.68 -0.51 18.11
CA ASP D 49 -36.64 -1.62 18.04
C ASP D 49 -37.81 -1.28 18.86
N THR D 50 -37.52 -0.51 19.94
CA THR D 50 -38.35 -0.11 21.04
C THR D 50 -39.55 0.55 20.57
N LYS D 51 -39.43 1.69 19.89
CA LYS D 51 -40.54 2.42 19.61
C LYS D 51 -41.42 1.66 18.62
N PRO D 52 -41.03 1.01 17.56
CA PRO D 52 -42.04 0.23 16.75
C PRO D 52 -42.83 -0.91 17.40
N PHE D 53 -42.10 -1.81 18.10
CA PHE D 53 -42.67 -2.97 18.68
C PHE D 53 -43.27 -2.72 20.03
N PHE D 54 -42.70 -1.79 20.78
CA PHE D 54 -42.85 -1.65 22.18
C PHE D 54 -43.39 -0.29 22.40
N ARG D 55 -44.00 -0.13 23.61
CA ARG D 55 -44.48 1.14 24.06
C ARG D 55 -43.99 1.13 25.49
N GLU D 56 -43.94 2.28 26.08
CA GLU D 56 -43.41 2.56 27.41
C GLU D 56 -44.48 2.83 28.45
N ASN D 57 -44.23 2.09 29.62
CA ASN D 57 -44.85 2.39 30.89
C ASN D 57 -43.96 3.47 31.45
N CYS D 58 -44.60 4.29 32.29
CA CYS D 58 -43.85 5.31 32.97
C CYS D 58 -43.12 4.70 34.18
N ARG D 59 -42.60 3.42 34.16
CA ARG D 59 -41.77 2.91 35.16
C ARG D 59 -40.55 2.32 34.38
N ASN D 60 -40.51 2.54 33.00
CA ASN D 60 -39.53 2.17 31.99
C ASN D 60 -39.51 0.66 31.75
N LYS D 61 -40.75 0.08 31.81
CA LYS D 61 -40.99 -1.31 31.45
C LYS D 61 -41.63 -1.26 30.12
N PHE D 62 -40.89 -1.63 29.07
CA PHE D 62 -41.36 -1.59 27.71
C PHE D 62 -42.30 -2.80 27.61
N THR D 63 -43.37 -2.68 26.84
CA THR D 63 -44.27 -3.81 26.62
C THR D 63 -44.58 -3.92 25.12
N PRO D 64 -44.68 -5.12 24.57
CA PRO D 64 -45.03 -5.33 23.19
C PRO D 64 -46.45 -5.05 22.79
N ARG D 65 -46.63 -4.47 21.57
CA ARG D 65 -47.95 -4.07 20.98
C ARG D 65 -48.36 -5.35 20.27
N ALA D 66 -49.03 -6.28 21.05
CA ALA D 66 -49.38 -7.60 20.55
C ALA D 66 -50.69 -7.91 21.06
N ILE D 67 -51.46 -8.68 20.20
CA ILE D 67 -52.70 -9.25 20.58
C ILE D 67 -52.40 -10.72 20.41
N MET D 68 -52.80 -11.49 21.42
CA MET D 68 -52.77 -12.88 21.44
C MET D 68 -54.24 -13.14 21.40
N MET D 69 -54.58 -14.03 20.44
CA MET D 69 -55.90 -14.47 20.15
C MET D 69 -55.71 -15.92 20.01
N ASP D 70 -56.69 -16.73 20.62
CA ASP D 70 -56.90 -18.07 20.37
C ASP D 70 -57.90 -18.34 21.44
N SER D 71 -58.10 -19.60 21.76
CA SER D 71 -58.79 -20.14 22.88
C SER D 71 -57.92 -20.12 24.13
N GLU D 72 -58.37 -20.59 25.37
CA GLU D 72 -57.65 -20.40 26.59
C GLU D 72 -56.35 -21.12 26.70
N PRO D 73 -56.16 -22.43 26.27
CA PRO D 73 -54.97 -23.22 26.65
C PRO D 73 -53.66 -22.57 26.32
N SER D 74 -53.47 -22.12 25.10
CA SER D 74 -52.24 -21.48 24.73
C SER D 74 -52.00 -20.12 25.36
N VAL D 75 -53.02 -19.25 25.47
CA VAL D 75 -52.90 -17.92 26.12
C VAL D 75 -52.52 -18.03 27.60
N ILE D 76 -53.11 -19.06 28.29
CA ILE D 76 -52.90 -19.19 29.71
C ILE D 76 -51.48 -19.48 29.96
N ALA D 77 -50.82 -20.33 29.10
CA ALA D 77 -49.45 -20.72 29.27
C ALA D 77 -48.46 -19.62 29.22
N ASP D 78 -48.78 -18.70 28.22
CA ASP D 78 -48.09 -17.46 28.01
C ASP D 78 -48.16 -16.47 29.18
N VAL D 79 -49.37 -16.32 29.84
CA VAL D 79 -49.43 -15.58 31.05
C VAL D 79 -48.70 -16.23 32.12
N GLU D 80 -48.64 -17.53 32.12
CA GLU D 80 -48.01 -18.28 33.23
C GLU D 80 -46.48 -18.04 33.32
N ASN D 81 -45.80 -17.90 32.16
CA ASN D 81 -44.39 -17.80 32.05
C ASN D 81 -43.73 -16.85 32.91
N THR D 82 -42.53 -17.15 33.42
CA THR D 82 -41.77 -16.27 34.28
C THR D 82 -40.91 -15.33 33.47
N PHE D 83 -41.24 -15.08 32.21
CA PHE D 83 -40.60 -14.15 31.35
C PHE D 83 -41.64 -13.12 31.06
N ARG D 84 -42.71 -13.11 31.83
CA ARG D 84 -43.85 -12.27 31.76
C ARG D 84 -43.45 -10.89 32.18
N GLY D 85 -44.51 -10.02 32.00
CA GLY D 85 -44.31 -8.59 32.02
C GLY D 85 -44.06 -8.14 30.57
N PHE D 86 -44.31 -9.03 29.62
CA PHE D 86 -44.42 -8.92 28.19
C PHE D 86 -45.72 -9.59 27.89
N PHE D 87 -46.01 -10.61 28.72
CA PHE D 87 -47.11 -11.49 28.49
C PHE D 87 -48.22 -11.06 29.44
N ASP D 88 -48.30 -9.78 29.88
CA ASP D 88 -49.32 -9.12 30.69
C ASP D 88 -50.74 -9.49 30.17
N PRO D 89 -51.77 -9.36 31.05
CA PRO D 89 -53.26 -9.57 30.75
C PRO D 89 -53.81 -8.59 29.76
N ARG D 90 -53.18 -7.38 29.60
CA ARG D 90 -53.72 -6.33 28.73
C ARG D 90 -53.70 -6.77 27.28
N ASN D 91 -52.66 -7.54 26.94
CA ASN D 91 -52.40 -8.16 25.69
C ASN D 91 -53.20 -9.34 25.31
N THR D 92 -53.86 -9.98 26.23
CA THR D 92 -54.59 -11.23 26.10
C THR D 92 -56.02 -11.18 25.72
N TRP D 93 -56.45 -11.85 24.66
CA TRP D 93 -57.82 -11.99 24.24
C TRP D 93 -58.04 -13.45 24.04
N VAL D 94 -59.09 -14.08 24.67
CA VAL D 94 -59.41 -15.48 24.79
C VAL D 94 -60.78 -15.71 24.39
N ALA D 95 -60.97 -16.68 23.48
CA ALA D 95 -62.23 -17.06 23.07
C ALA D 95 -62.71 -18.14 24.08
N SER D 96 -63.73 -17.74 24.84
CA SER D 96 -64.39 -18.46 25.86
C SER D 96 -65.84 -18.69 25.49
N ASP D 97 -66.12 -18.45 24.20
CA ASP D 97 -67.46 -18.35 23.75
C ASP D 97 -67.70 -19.15 22.51
N GLY D 98 -66.60 -19.32 21.64
CA GLY D 98 -66.60 -20.15 20.46
C GLY D 98 -66.07 -21.44 20.96
N ALA D 99 -66.23 -22.50 20.14
CA ALA D 99 -65.74 -23.85 20.37
C ALA D 99 -65.99 -24.55 19.11
N SER D 100 -65.54 -25.80 19.05
CA SER D 100 -65.82 -26.80 18.02
C SER D 100 -65.52 -26.21 16.58
N ALA D 101 -64.25 -25.63 16.49
CA ALA D 101 -63.68 -25.12 15.25
C ALA D 101 -63.63 -26.21 14.20
N GLY D 102 -63.28 -27.48 14.67
CA GLY D 102 -63.31 -28.65 13.86
C GLY D 102 -62.47 -28.59 12.60
N ASN D 103 -61.52 -27.65 12.53
CA ASN D 103 -60.52 -27.26 11.50
C ASN D 103 -61.25 -26.88 10.24
N SER D 104 -62.34 -26.12 10.43
CA SER D 104 -63.29 -25.60 9.46
C SER D 104 -63.27 -24.08 9.60
N TRP D 105 -63.04 -23.54 8.42
CA TRP D 105 -62.70 -22.19 8.16
C TRP D 105 -63.88 -21.34 8.60
N ALA D 106 -65.09 -21.84 8.20
CA ALA D 106 -66.40 -21.33 8.38
C ALA D 106 -66.78 -21.21 9.83
N ASN D 107 -66.54 -22.14 10.74
CA ASN D 107 -66.77 -22.06 12.22
C ASN D 107 -65.91 -20.99 12.85
N GLY D 108 -64.61 -20.94 12.37
CA GLY D 108 -63.64 -19.95 12.84
C GLY D 108 -64.02 -18.52 12.45
N TYR D 109 -64.52 -18.36 11.20
CA TYR D 109 -64.88 -17.10 10.62
C TYR D 109 -66.06 -16.54 11.42
N ASP D 110 -67.05 -17.43 11.70
CA ASP D 110 -68.30 -17.13 12.38
C ASP D 110 -68.12 -16.69 13.82
N ILE D 111 -67.15 -17.28 14.56
CA ILE D 111 -66.81 -16.83 15.90
C ILE D 111 -66.26 -15.43 15.89
N GLY D 112 -65.44 -15.01 14.86
CA GLY D 112 -65.03 -13.66 14.78
C GLY D 112 -66.11 -12.64 14.68
N THR D 113 -67.11 -12.97 13.90
CA THR D 113 -68.26 -12.17 13.60
C THR D 113 -69.08 -11.88 14.84
N ARG D 114 -69.24 -12.89 15.74
CA ARG D 114 -69.88 -12.91 17.03
C ARG D 114 -69.21 -12.01 17.99
N ASN D 115 -67.85 -12.04 17.96
CA ASN D 115 -67.06 -11.30 18.91
C ASN D 115 -66.44 -10.16 18.21
N GLN D 116 -67.15 -9.43 17.29
CA GLN D 116 -66.66 -8.32 16.58
C GLN D 116 -66.32 -7.17 17.60
N ASP D 117 -67.28 -6.96 18.54
CA ASP D 117 -67.21 -5.86 19.41
C ASP D 117 -66.04 -6.00 20.31
N ASP D 118 -65.83 -7.23 20.83
CA ASP D 118 -64.80 -7.54 21.83
C ASP D 118 -63.48 -7.37 21.24
N ILE D 119 -63.32 -7.84 19.99
CA ILE D 119 -62.11 -7.82 19.28
C ILE D 119 -61.69 -6.39 18.95
N LEU D 120 -62.68 -5.53 18.46
CA LEU D 120 -62.46 -4.15 18.07
C LEU D 120 -62.12 -3.34 19.21
N ASN D 121 -62.62 -3.65 20.39
CA ASN D 121 -62.26 -2.99 21.70
C ASN D 121 -60.80 -3.10 21.94
N LYS D 122 -60.22 -4.33 21.72
CA LYS D 122 -58.85 -4.74 21.94
C LYS D 122 -58.02 -3.94 20.95
N ILE D 123 -58.48 -3.90 19.67
CA ILE D 123 -57.80 -3.35 18.52
C ILE D 123 -57.73 -1.85 18.86
N ASP D 124 -58.84 -1.22 19.29
CA ASP D 124 -58.92 0.20 19.55
C ASP D 124 -57.97 0.67 20.65
N LYS D 125 -57.78 -0.13 21.70
CA LYS D 125 -56.85 0.15 22.77
C LYS D 125 -55.47 0.17 22.16
N GLU D 126 -55.10 -0.77 21.26
CA GLU D 126 -53.84 -0.89 20.63
C GLU D 126 -53.61 0.33 19.74
N ILE D 127 -54.70 0.79 19.05
CA ILE D 127 -54.68 1.97 18.20
C ILE D 127 -54.48 3.21 19.04
N ASP D 128 -55.17 3.43 20.16
CA ASP D 128 -54.99 4.65 20.97
C ASP D 128 -53.63 4.76 21.56
N SER D 129 -53.06 3.61 21.94
CA SER D 129 -51.68 3.51 22.46
C SER D 129 -50.55 3.79 21.36
N THR D 130 -50.95 3.66 20.08
CA THR D 130 -50.11 3.97 18.94
C THR D 130 -50.49 5.36 18.36
N ASP D 131 -49.54 6.04 17.61
CA ASP D 131 -49.74 7.34 17.08
C ASP D 131 -49.39 7.51 15.63
N ASN D 132 -48.97 6.41 15.01
CA ASN D 132 -48.72 6.36 13.58
C ASN D 132 -48.30 4.86 13.39
N PHE D 133 -49.33 3.96 13.20
CA PHE D 133 -49.18 2.55 12.87
C PHE D 133 -49.02 2.58 11.33
N GLU D 134 -47.97 1.95 10.90
CA GLU D 134 -47.60 1.63 9.56
C GLU D 134 -48.55 0.57 9.20
N GLY D 135 -48.72 -0.39 10.15
CA GLY D 135 -49.69 -1.40 9.89
C GLY D 135 -49.51 -2.51 10.82
N PHE D 136 -50.15 -3.64 10.39
CA PHE D 136 -50.34 -4.78 11.24
C PHE D 136 -49.65 -5.95 10.64
N GLN D 137 -49.24 -6.83 11.51
CA GLN D 137 -48.60 -8.05 11.14
C GLN D 137 -49.46 -9.21 11.77
N LEU D 138 -49.84 -10.20 11.00
CA LEU D 138 -50.57 -11.35 11.38
C LEU D 138 -49.67 -12.51 11.27
N LEU D 139 -49.57 -13.34 12.37
CA LEU D 139 -48.83 -14.57 12.42
C LEU D 139 -49.87 -15.68 12.52
N HIS D 140 -49.94 -16.71 11.63
CA HIS D 140 -50.93 -17.70 11.59
C HIS D 140 -50.66 -18.85 10.65
N SER D 141 -51.60 -19.87 10.62
CA SER D 141 -51.48 -21.03 9.85
C SER D 141 -52.77 -20.86 9.01
N VAL D 142 -52.69 -21.39 7.75
CA VAL D 142 -53.86 -21.31 6.74
C VAL D 142 -54.56 -22.61 6.55
N ALA D 143 -54.20 -23.54 7.38
CA ALA D 143 -54.73 -24.89 7.34
C ALA D 143 -55.41 -25.26 8.64
N GLY D 144 -55.42 -24.30 9.61
CA GLY D 144 -56.02 -24.42 10.94
C GLY D 144 -57.55 -24.15 10.94
N GLY D 145 -58.17 -24.29 12.10
CA GLY D 145 -59.52 -23.71 12.33
C GLY D 145 -59.32 -22.27 12.68
N THR D 146 -58.39 -22.09 13.73
CA THR D 146 -58.09 -20.89 14.46
C THR D 146 -57.26 -19.91 13.66
N GLY D 147 -56.15 -20.39 13.11
CA GLY D 147 -55.23 -19.55 12.28
C GLY D 147 -55.98 -19.05 11.02
N SER D 148 -56.76 -19.98 10.43
CA SER D 148 -57.58 -19.68 9.30
C SER D 148 -58.80 -18.79 9.49
N GLY D 149 -59.76 -19.17 10.24
CA GLY D 149 -61.07 -18.53 10.27
C GLY D 149 -61.08 -17.17 10.88
N LEU D 150 -60.56 -16.97 12.08
CA LEU D 150 -60.37 -15.64 12.66
C LEU D 150 -59.39 -14.79 11.91
N GLY D 151 -58.20 -15.32 11.38
CA GLY D 151 -57.18 -14.63 10.72
C GLY D 151 -57.72 -14.01 9.52
N SER D 152 -58.50 -14.77 8.80
CA SER D 152 -59.19 -14.20 7.67
C SER D 152 -60.24 -13.15 8.03
N ASN D 153 -60.99 -13.29 9.20
CA ASN D 153 -61.97 -12.28 9.63
C ASN D 153 -61.33 -10.90 9.99
N LEU D 154 -60.20 -10.92 10.76
CA LEU D 154 -59.57 -9.73 11.15
C LEU D 154 -59.04 -9.08 9.93
N LEU D 155 -58.44 -9.80 8.87
CA LEU D 155 -57.93 -9.19 7.67
C LEU D 155 -58.98 -8.50 6.86
N GLU D 156 -60.21 -9.03 6.65
CA GLU D 156 -61.26 -8.37 5.93
C GLU D 156 -61.73 -7.17 6.64
N ALA D 157 -61.85 -7.25 7.98
CA ALA D 157 -62.34 -6.17 8.87
C ALA D 157 -61.39 -5.02 8.82
N LEU D 158 -60.04 -5.34 8.85
CA LEU D 158 -59.02 -4.28 8.87
C LEU D 158 -59.06 -3.50 7.67
N CYS D 159 -59.31 -4.23 6.54
CA CYS D 159 -59.31 -3.64 5.17
C CYS D 159 -60.31 -2.58 5.12
N ASP D 160 -61.52 -2.91 5.66
CA ASP D 160 -62.72 -2.17 5.69
C ASP D 160 -62.49 -0.98 6.59
N ARG D 161 -62.01 -1.15 7.81
CA ARG D 161 -61.91 -0.16 8.84
C ARG D 161 -60.96 0.93 8.50
N TYR D 162 -59.70 0.67 8.14
CA TYR D 162 -58.72 1.66 7.80
C TYR D 162 -58.17 1.48 6.43
N PRO D 163 -58.36 2.33 5.44
CA PRO D 163 -57.98 1.99 4.10
C PRO D 163 -56.85 2.78 3.52
N LYS D 164 -55.63 2.76 4.09
CA LYS D 164 -54.44 3.29 3.54
C LYS D 164 -53.33 2.63 4.25
N LYS D 165 -53.56 1.97 5.42
CA LYS D 165 -52.54 1.32 6.24
C LYS D 165 -52.44 -0.15 5.83
N ILE D 166 -51.17 -0.65 5.85
CA ILE D 166 -50.73 -1.89 5.28
C ILE D 166 -50.96 -3.15 6.23
N LEU D 167 -51.37 -4.27 5.59
CA LEU D 167 -51.64 -5.46 6.34
C LEU D 167 -50.60 -6.36 5.60
N THR D 168 -49.66 -6.90 6.42
CA THR D 168 -48.75 -7.95 5.94
C THR D 168 -48.98 -9.10 6.85
N THR D 169 -48.86 -10.33 6.25
CA THR D 169 -49.06 -11.46 7.02
C THR D 169 -47.85 -12.35 6.71
N TYR D 170 -47.59 -13.14 7.78
CA TYR D 170 -46.62 -14.22 7.77
C TYR D 170 -47.38 -15.50 7.89
N SER D 171 -47.52 -16.26 6.80
CA SER D 171 -48.44 -17.37 6.79
C SER D 171 -47.62 -18.65 6.72
N VAL D 172 -47.93 -19.62 7.62
CA VAL D 172 -47.30 -20.90 7.57
C VAL D 172 -48.19 -21.75 6.73
N PHE D 173 -47.58 -22.32 5.65
CA PHE D 173 -48.17 -23.10 4.67
C PHE D 173 -47.94 -24.56 5.07
N PRO D 174 -48.84 -25.53 4.78
CA PRO D 174 -48.53 -26.88 5.23
C PRO D 174 -47.56 -27.58 4.23
N ALA D 175 -47.86 -27.70 2.92
CA ALA D 175 -47.07 -28.30 1.93
C ALA D 175 -47.64 -27.93 0.59
N ARG D 176 -46.79 -28.11 -0.41
CA ARG D 176 -47.07 -27.74 -1.77
C ARG D 176 -48.17 -28.56 -2.41
N SER D 177 -48.38 -29.70 -1.78
CA SER D 177 -49.21 -30.74 -2.24
C SER D 177 -49.74 -31.31 -0.97
N SER D 178 -51.03 -31.75 -0.99
CA SER D 178 -51.77 -32.18 0.19
C SER D 178 -51.19 -33.25 1.03
N GLU D 179 -51.64 -33.18 2.37
CA GLU D 179 -51.23 -33.97 3.48
C GLU D 179 -52.50 -34.40 4.19
N VAL D 180 -53.67 -33.71 4.03
CA VAL D 180 -54.86 -34.30 4.66
C VAL D 180 -55.95 -33.80 3.72
N VAL D 181 -57.12 -34.44 3.80
CA VAL D 181 -58.26 -34.15 2.89
C VAL D 181 -58.93 -32.83 3.19
N VAL D 182 -59.10 -32.47 4.51
CA VAL D 182 -59.78 -31.25 4.87
C VAL D 182 -58.94 -30.04 4.56
N GLN D 183 -57.67 -30.24 4.07
CA GLN D 183 -56.88 -29.16 3.55
C GLN D 183 -57.53 -28.30 2.54
N SER D 184 -58.22 -29.07 1.66
CA SER D 184 -58.79 -28.58 0.43
C SER D 184 -59.86 -27.60 0.76
N TYR D 185 -60.68 -27.79 1.77
CA TYR D 185 -61.60 -26.75 2.24
C TYR D 185 -60.87 -25.54 2.81
N ASN D 186 -59.89 -25.82 3.70
CA ASN D 186 -59.26 -24.74 4.39
C ASN D 186 -58.57 -23.70 3.55
N THR D 187 -57.81 -24.29 2.54
CA THR D 187 -57.11 -23.56 1.52
C THR D 187 -57.97 -22.80 0.54
N ILE D 188 -59.07 -23.37 0.06
CA ILE D 188 -59.88 -22.65 -0.83
C ILE D 188 -60.52 -21.33 -0.34
N LEU D 189 -61.18 -21.45 0.82
CA LEU D 189 -61.67 -20.33 1.51
C LEU D 189 -60.62 -19.36 1.94
N ALA D 190 -59.46 -19.74 2.50
CA ALA D 190 -58.48 -18.72 2.93
C ALA D 190 -57.85 -17.91 1.82
N LEU D 191 -57.48 -18.52 0.69
CA LEU D 191 -56.81 -17.75 -0.37
C LEU D 191 -57.53 -16.61 -1.00
N ARG D 192 -58.90 -16.62 -1.12
CA ARG D 192 -59.67 -15.51 -1.63
C ARG D 192 -59.55 -14.23 -0.87
N ARG D 193 -59.64 -14.46 0.48
CA ARG D 193 -59.48 -13.40 1.51
C ARG D 193 -58.07 -12.91 1.48
N LEU D 194 -57.08 -13.85 1.37
CA LEU D 194 -55.65 -13.47 1.29
C LEU D 194 -55.21 -12.73 0.08
N ILE D 195 -55.77 -13.01 -1.12
CA ILE D 195 -55.43 -12.17 -2.21
C ILE D 195 -55.96 -10.80 -2.08
N GLU D 196 -57.30 -10.72 -1.73
CA GLU D 196 -57.95 -9.42 -1.73
C GLU D 196 -57.69 -8.56 -0.52
N ASP D 197 -57.81 -9.10 0.70
CA ASP D 197 -57.73 -8.35 1.94
C ASP D 197 -56.30 -8.09 2.46
N SER D 198 -55.35 -8.81 1.92
CA SER D 198 -53.98 -8.71 2.37
C SER D 198 -53.09 -8.13 1.32
N ASP D 199 -52.28 -7.12 1.66
CA ASP D 199 -51.37 -6.49 0.72
C ASP D 199 -50.07 -7.33 0.55
N ALA D 200 -49.68 -8.06 1.60
CA ALA D 200 -48.42 -8.88 1.45
C ALA D 200 -48.55 -10.12 2.24
N THR D 201 -48.07 -11.28 1.69
CA THR D 201 -48.04 -12.53 2.39
C THR D 201 -46.63 -13.12 2.23
N VAL D 202 -45.97 -13.42 3.36
CA VAL D 202 -44.67 -14.01 3.40
C VAL D 202 -45.01 -15.51 3.57
N VAL D 203 -44.70 -16.34 2.56
CA VAL D 203 -45.04 -17.68 2.60
C VAL D 203 -43.97 -18.49 3.28
N PHE D 204 -44.33 -19.33 4.33
CA PHE D 204 -43.48 -20.28 5.06
C PHE D 204 -43.92 -21.67 4.81
N ASP D 205 -43.14 -22.46 4.04
CA ASP D 205 -43.59 -23.84 3.84
C ASP D 205 -42.95 -24.76 4.80
N ASN D 206 -43.84 -25.60 5.45
CA ASN D 206 -43.30 -26.39 6.49
C ASN D 206 -42.33 -27.39 5.98
N ALA D 207 -42.48 -27.88 4.68
CA ALA D 207 -41.60 -28.93 4.18
C ALA D 207 -40.16 -28.54 4.20
N SER D 208 -39.80 -27.27 3.73
CA SER D 208 -38.41 -26.80 3.64
C SER D 208 -37.82 -26.48 4.97
N LEU D 209 -38.72 -25.91 5.77
CA LEU D 209 -38.53 -25.47 7.13
C LEU D 209 -38.23 -26.72 7.94
N LEU D 210 -38.89 -27.87 7.73
CA LEU D 210 -38.70 -29.19 8.37
C LEU D 210 -37.40 -29.79 8.01
N ASN D 211 -36.88 -29.68 6.74
CA ASN D 211 -35.63 -30.28 6.47
C ASN D 211 -34.55 -29.62 7.32
N ILE D 212 -34.55 -28.24 7.56
CA ILE D 212 -33.74 -27.34 8.31
C ILE D 212 -33.81 -27.74 9.75
N SER D 213 -35.01 -28.00 10.19
CA SER D 213 -35.30 -28.45 11.59
C SER D 213 -34.64 -29.79 11.86
N GLY D 214 -34.72 -30.72 10.89
CA GLY D 214 -34.04 -31.93 11.03
C GLY D 214 -32.59 -31.88 11.05
N LYS D 215 -32.04 -31.20 10.03
CA LYS D 215 -30.64 -31.24 9.87
C LYS D 215 -29.94 -30.49 10.89
N VAL D 216 -30.22 -29.16 11.02
CA VAL D 216 -29.46 -28.27 11.88
C VAL D 216 -29.70 -28.36 13.35
N PHE D 217 -30.95 -28.35 13.75
CA PHE D 217 -31.18 -28.48 15.22
C PHE D 217 -30.86 -29.91 15.67
N ARG D 218 -31.06 -30.88 14.77
CA ARG D 218 -30.74 -32.27 14.98
C ARG D 218 -31.38 -32.73 16.23
N ASN D 219 -32.76 -32.79 16.13
CA ASN D 219 -33.52 -33.29 17.29
C ASN D 219 -34.38 -34.45 16.82
N PRO D 220 -34.40 -35.59 17.54
CA PRO D 220 -35.24 -36.65 17.01
C PRO D 220 -36.63 -36.69 17.54
N ASN D 221 -36.89 -35.69 18.40
CA ASN D 221 -38.09 -35.47 19.19
C ASN D 221 -38.65 -34.12 18.78
N ILE D 222 -38.48 -33.84 17.41
CA ILE D 222 -38.94 -32.63 16.80
C ILE D 222 -40.41 -32.39 16.96
N ASP D 223 -40.71 -31.11 17.34
CA ASP D 223 -41.91 -30.62 17.70
C ASP D 223 -42.00 -29.29 17.09
N LEU D 224 -43.27 -28.65 17.22
CA LEU D 224 -43.63 -27.40 16.65
C LEU D 224 -42.76 -26.29 17.33
N GLN D 225 -42.51 -26.39 18.66
CA GLN D 225 -41.91 -25.41 19.49
C GLN D 225 -40.46 -25.13 19.03
N HIS D 226 -39.84 -26.23 18.69
CA HIS D 226 -38.51 -26.38 18.16
C HIS D 226 -38.35 -25.74 16.77
N THR D 227 -39.37 -25.94 15.85
CA THR D 227 -39.41 -25.37 14.53
C THR D 227 -39.57 -23.84 14.60
N ASN D 228 -40.32 -23.42 15.58
CA ASN D 228 -40.75 -22.07 15.71
C ASN D 228 -39.61 -21.16 15.94
N GLN D 229 -38.50 -21.71 16.50
CA GLN D 229 -37.23 -21.01 16.82
C GLN D 229 -36.69 -20.50 15.52
N LEU D 230 -36.78 -21.30 14.38
CA LEU D 230 -36.33 -20.89 13.09
C LEU D 230 -37.23 -19.72 12.66
N ILE D 231 -38.52 -19.79 12.86
CA ILE D 231 -39.50 -18.85 12.35
C ILE D 231 -39.21 -17.52 12.98
N SER D 232 -38.93 -17.54 14.32
CA SER D 232 -38.64 -16.39 15.17
C SER D 232 -37.43 -15.71 14.75
N THR D 233 -36.37 -16.43 14.29
CA THR D 233 -35.08 -15.91 13.84
C THR D 233 -35.33 -15.10 12.64
N ILE D 234 -36.18 -15.70 11.74
CA ILE D 234 -36.58 -15.10 10.46
C ILE D 234 -37.41 -13.90 10.69
N ILE D 235 -38.41 -13.88 11.60
CA ILE D 235 -39.31 -12.73 11.83
C ILE D 235 -38.37 -11.59 12.35
N SER D 236 -37.42 -11.97 13.26
CA SER D 236 -36.61 -10.94 13.88
C SER D 236 -35.76 -10.28 12.81
N SER D 237 -35.13 -11.13 11.92
CA SER D 237 -34.20 -10.73 10.90
C SER D 237 -34.87 -9.86 9.86
N VAL D 238 -36.14 -10.00 9.43
CA VAL D 238 -36.80 -9.08 8.48
C VAL D 238 -36.98 -7.69 9.01
N THR D 239 -37.15 -7.65 10.35
CA THR D 239 -37.37 -6.45 11.10
C THR D 239 -36.10 -5.73 11.37
N ASN D 240 -34.92 -6.29 11.01
CA ASN D 240 -33.62 -5.67 11.34
C ASN D 240 -33.61 -4.23 10.89
N SER D 241 -34.09 -3.83 9.71
CA SER D 241 -34.02 -2.45 9.21
C SER D 241 -34.88 -1.40 9.95
N ILE D 242 -36.00 -1.83 10.64
CA ILE D 242 -36.78 -1.07 11.60
C ILE D 242 -36.09 -0.98 12.98
N ARG D 243 -35.52 -2.09 13.42
CA ARG D 243 -34.94 -2.16 14.72
C ARG D 243 -33.59 -1.53 14.94
N PHE D 244 -32.81 -1.25 13.93
CA PHE D 244 -31.47 -0.65 14.09
C PHE D 244 -31.58 0.63 13.30
N PRO D 245 -30.81 1.69 13.70
CA PRO D 245 -30.77 2.92 12.94
C PRO D 245 -29.47 2.76 12.16
N SER D 246 -28.97 1.56 11.86
CA SER D 246 -27.57 1.28 11.54
C SER D 246 -27.42 1.59 10.09
N TYR D 247 -28.57 1.30 9.35
CA TYR D 247 -28.85 1.57 7.97
C TYR D 247 -30.29 1.86 7.81
N MET D 248 -30.68 3.16 8.13
CA MET D 248 -32.06 3.55 8.27
C MET D 248 -32.53 4.26 6.97
N TYR D 249 -31.65 4.09 5.87
CA TYR D 249 -32.10 4.40 4.54
C TYR D 249 -33.15 3.43 4.10
N SER D 250 -32.92 2.17 4.51
CA SER D 250 -33.78 1.11 4.38
C SER D 250 -34.42 0.96 5.69
N SER D 251 -35.76 1.00 5.59
CA SER D 251 -36.62 0.85 6.72
C SER D 251 -37.70 0.00 6.18
N MET D 252 -38.76 -0.36 6.97
CA MET D 252 -39.83 -1.32 6.51
C MET D 252 -40.62 -0.73 5.34
N SER D 253 -40.95 0.59 5.47
CA SER D 253 -41.78 1.31 4.55
C SER D 253 -41.12 1.41 3.18
N SER D 254 -39.81 1.74 3.20
CA SER D 254 -39.03 2.02 1.95
C SER D 254 -38.77 0.73 1.12
N ILE D 255 -38.61 -0.36 1.85
CA ILE D 255 -38.44 -1.69 1.34
C ILE D 255 -39.72 -2.14 0.67
N TYR D 256 -40.88 -1.83 1.33
CA TYR D 256 -42.18 -2.28 0.90
C TYR D 256 -42.42 -1.65 -0.42
N SER D 257 -42.09 -0.35 -0.53
CA SER D 257 -42.38 0.33 -1.79
C SER D 257 -41.66 -0.25 -3.00
N THR D 258 -40.35 -0.59 -2.89
CA THR D 258 -39.55 -1.13 -4.00
C THR D 258 -39.96 -2.54 -4.43
N LEU D 259 -40.14 -3.38 -3.32
CA LEU D 259 -40.16 -4.81 -3.51
C LEU D 259 -41.44 -5.26 -4.20
N ILE D 260 -42.61 -4.60 -3.89
CA ILE D 260 -43.90 -4.97 -4.50
C ILE D 260 -43.86 -4.83 -5.96
N PRO D 261 -44.18 -5.75 -6.87
CA PRO D 261 -44.12 -5.63 -8.32
C PRO D 261 -45.29 -4.90 -8.86
N SER D 262 -46.38 -4.94 -8.06
CA SER D 262 -47.69 -4.39 -8.36
C SER D 262 -48.46 -5.12 -7.34
N PRO D 263 -49.57 -4.56 -6.76
CA PRO D 263 -50.32 -5.12 -5.59
C PRO D 263 -51.00 -6.45 -5.87
N GLU D 264 -51.11 -6.83 -7.19
CA GLU D 264 -51.70 -8.01 -7.73
C GLU D 264 -50.95 -9.27 -7.41
N LEU D 265 -49.66 -9.10 -7.16
CA LEU D 265 -48.71 -10.13 -6.94
C LEU D 265 -48.02 -9.55 -5.68
N HIS D 266 -47.86 -10.37 -4.63
CA HIS D 266 -47.43 -9.83 -3.37
C HIS D 266 -46.89 -10.88 -2.46
N PHE D 267 -46.76 -12.12 -2.94
CA PHE D 267 -46.39 -13.27 -2.22
C PHE D 267 -44.89 -13.38 -2.21
N LEU D 268 -44.32 -13.47 -0.95
CA LEU D 268 -42.84 -13.47 -0.87
C LEU D 268 -42.39 -14.85 -0.47
N SER D 269 -41.13 -15.19 -0.88
CA SER D 269 -40.45 -16.45 -0.56
C SER D 269 -39.20 -16.07 0.23
N PRO D 270 -38.85 -16.77 1.33
CA PRO D 270 -37.59 -16.55 1.97
C PRO D 270 -36.53 -17.56 1.58
N SER D 271 -35.25 -17.18 1.80
CA SER D 271 -34.10 -18.07 1.90
C SER D 271 -33.25 -17.45 3.00
N PHE D 272 -32.44 -18.26 3.67
CA PHE D 272 -31.77 -17.75 4.84
C PHE D 272 -30.56 -18.55 4.78
N THR D 273 -29.39 -18.00 5.29
CA THR D 273 -28.21 -18.85 5.45
C THR D 273 -27.39 -18.33 6.61
N PRO D 274 -26.76 -19.05 7.54
CA PRO D 274 -26.73 -20.52 7.67
C PRO D 274 -27.56 -20.97 9.02
N PHE D 275 -28.02 -19.94 9.92
CA PHE D 275 -28.73 -20.05 11.15
C PHE D 275 -27.79 -20.34 12.23
N THR D 276 -28.06 -19.68 13.37
CA THR D 276 -27.34 -19.75 14.54
C THR D 276 -28.35 -19.69 15.67
N SER D 277 -29.52 -18.99 15.47
CA SER D 277 -30.64 -18.90 16.45
C SER D 277 -30.32 -18.85 17.98
N ASP D 278 -30.92 -19.78 18.73
CA ASP D 278 -30.86 -19.73 20.15
C ASP D 278 -31.19 -21.12 20.58
N TYR D 279 -31.48 -22.03 19.63
CA TYR D 279 -31.77 -23.44 19.88
C TYR D 279 -30.63 -24.21 19.23
N ILE D 280 -30.22 -25.28 19.87
CA ILE D 280 -29.18 -26.29 19.64
C ILE D 280 -28.71 -26.57 18.24
N HIS D 281 -27.33 -26.50 18.01
CA HIS D 281 -26.61 -26.76 16.73
C HIS D 281 -25.49 -27.58 17.05
N ASP D 282 -24.89 -28.19 16.03
CA ASP D 282 -23.87 -29.27 16.07
C ASP D 282 -22.65 -28.57 15.61
N ASP D 283 -22.67 -27.28 15.14
CA ASP D 283 -21.47 -26.58 14.60
C ASP D 283 -21.84 -25.12 14.60
N ILE D 284 -20.80 -24.25 14.53
CA ILE D 284 -20.89 -22.77 14.35
C ILE D 284 -20.17 -22.56 13.08
N ALA D 285 -20.89 -22.20 12.05
CA ALA D 285 -20.33 -21.85 10.72
C ALA D 285 -19.40 -20.65 10.66
N HIS D 286 -18.41 -20.78 9.72
CA HIS D 286 -17.53 -19.75 9.47
C HIS D 286 -17.23 -19.86 7.98
N LYS D 287 -17.45 -18.73 7.25
CA LYS D 287 -17.18 -18.65 5.83
C LYS D 287 -16.88 -17.18 5.55
N CYS D 288 -16.47 -16.96 4.27
CA CYS D 288 -16.25 -15.61 3.75
C CYS D 288 -17.58 -15.08 3.20
N HIS D 289 -17.65 -13.80 2.83
CA HIS D 289 -18.77 -13.09 2.24
C HIS D 289 -19.12 -13.72 0.86
N SER D 290 -18.08 -14.06 0.04
CA SER D 290 -18.36 -14.61 -1.27
C SER D 290 -19.06 -15.99 -1.14
N SER D 291 -18.56 -16.77 -0.17
CA SER D 291 -19.03 -18.07 0.16
C SER D 291 -20.47 -18.03 0.59
N TYR D 292 -20.88 -17.06 1.45
CA TYR D 292 -22.19 -16.73 2.03
C TYR D 292 -23.06 -16.37 0.86
N ASP D 293 -22.58 -15.56 -0.04
CA ASP D 293 -23.35 -14.91 -1.16
C ASP D 293 -23.84 -16.00 -2.12
N VAL D 294 -22.96 -16.98 -2.30
CA VAL D 294 -23.29 -18.24 -3.01
C VAL D 294 -24.31 -19.11 -2.36
N MET D 295 -24.25 -19.32 -1.06
CA MET D 295 -25.08 -20.12 -0.29
C MET D 295 -26.49 -19.67 -0.15
N LEU D 296 -26.67 -18.32 -0.17
CA LEU D 296 -27.87 -17.61 -0.10
C LEU D 296 -28.77 -17.91 -1.27
N ASP D 297 -28.18 -18.18 -2.43
CA ASP D 297 -28.90 -18.49 -3.62
C ASP D 297 -29.44 -19.91 -3.57
N LEU D 298 -28.79 -20.83 -2.82
CA LEU D 298 -29.20 -22.26 -2.69
C LEU D 298 -30.52 -22.35 -2.00
N LEU D 299 -31.23 -23.46 -2.31
CA LEU D 299 -32.60 -23.60 -1.87
C LEU D 299 -32.60 -24.78 -0.85
N ASP D 300 -31.36 -25.16 -0.38
CA ASP D 300 -31.18 -26.20 0.55
C ASP D 300 -31.28 -25.62 1.95
N PRO D 301 -30.74 -24.52 2.40
CA PRO D 301 -30.98 -23.92 3.71
C PRO D 301 -32.23 -23.15 3.78
N SER D 302 -32.96 -22.99 2.67
CA SER D 302 -34.22 -22.33 2.48
C SER D 302 -35.27 -23.07 3.28
N ASN D 303 -36.40 -22.29 3.56
CA ASN D 303 -37.51 -22.51 4.44
C ASN D 303 -38.84 -22.36 3.66
N SER D 304 -38.85 -22.32 2.29
CA SER D 304 -40.08 -22.45 1.58
C SER D 304 -39.76 -23.35 0.37
N LEU D 305 -40.53 -24.45 0.13
CA LEU D 305 -40.24 -25.35 -1.03
C LEU D 305 -40.72 -24.53 -2.23
N VAL D 306 -40.05 -24.69 -3.35
CA VAL D 306 -40.31 -23.93 -4.59
C VAL D 306 -40.62 -24.91 -5.58
N SER D 307 -40.93 -24.43 -6.84
CA SER D 307 -41.40 -25.29 -7.92
C SER D 307 -40.23 -25.44 -8.73
N THR D 308 -39.79 -26.71 -8.82
CA THR D 308 -38.55 -27.09 -9.53
C THR D 308 -38.89 -27.21 -11.04
N ALA D 309 -40.20 -27.47 -11.40
CA ALA D 309 -40.78 -27.56 -12.71
C ALA D 309 -40.14 -28.46 -13.73
N MET D 310 -40.58 -28.38 -14.98
CA MET D 310 -40.17 -29.37 -15.97
C MET D 310 -39.60 -28.60 -17.16
N ASN D 311 -40.20 -27.45 -17.44
CA ASN D 311 -39.80 -26.68 -18.53
C ASN D 311 -40.13 -25.23 -18.15
N ASN D 312 -39.55 -24.32 -18.95
CA ASN D 312 -39.57 -22.85 -18.96
C ASN D 312 -38.73 -22.30 -17.76
N PRO D 313 -37.79 -21.41 -17.90
CA PRO D 313 -37.23 -20.70 -16.75
C PRO D 313 -38.25 -19.97 -15.95
N THR D 314 -38.37 -20.23 -14.59
CA THR D 314 -39.18 -19.59 -13.63
C THR D 314 -38.64 -18.23 -13.47
N TYR D 315 -39.38 -17.31 -14.11
CA TYR D 315 -39.10 -15.90 -14.12
C TYR D 315 -39.38 -15.25 -12.84
N PHE D 316 -38.28 -14.90 -12.13
CA PHE D 316 -38.36 -14.30 -10.76
C PHE D 316 -38.41 -12.74 -10.93
N ASN D 317 -39.38 -12.11 -10.25
CA ASN D 317 -39.54 -10.65 -10.35
C ASN D 317 -38.56 -9.78 -9.52
N VAL D 318 -38.27 -10.09 -8.25
CA VAL D 318 -37.43 -9.16 -7.44
C VAL D 318 -36.75 -9.87 -6.29
N TYR D 319 -35.59 -9.30 -5.87
CA TYR D 319 -34.74 -9.89 -4.82
C TYR D 319 -34.42 -8.73 -3.96
N ASN D 320 -34.41 -8.91 -2.64
CA ASN D 320 -33.92 -8.04 -1.60
C ASN D 320 -33.06 -9.02 -0.69
N THR D 321 -31.86 -8.62 -0.30
CA THR D 321 -30.90 -9.31 0.45
C THR D 321 -30.61 -8.44 1.69
N ILE D 322 -30.71 -9.17 2.81
CA ILE D 322 -30.45 -8.56 4.10
C ILE D 322 -29.19 -9.14 4.56
N ILE D 323 -28.06 -8.41 4.76
CA ILE D 323 -26.76 -9.07 5.08
C ILE D 323 -26.51 -8.70 6.52
N GLY D 324 -26.13 -9.68 7.36
CA GLY D 324 -25.84 -9.48 8.75
C GLY D 324 -24.47 -9.94 9.01
N ASN D 325 -23.63 -9.02 9.61
CA ASN D 325 -22.27 -9.16 10.13
C ASN D 325 -21.34 -8.17 9.58
N VAL D 326 -20.39 -7.72 10.43
CA VAL D 326 -19.25 -6.94 10.04
C VAL D 326 -18.34 -7.68 9.07
N GLU D 327 -18.16 -7.21 7.79
CA GLU D 327 -17.26 -7.91 6.81
C GLU D 327 -16.79 -6.70 6.01
N PRO D 328 -15.90 -6.68 5.11
CA PRO D 328 -15.45 -5.45 4.37
C PRO D 328 -16.48 -5.31 3.28
N ARG D 329 -17.39 -4.30 3.51
CA ARG D 329 -18.56 -4.07 2.75
C ARG D 329 -18.34 -3.74 1.31
N GLN D 330 -17.29 -2.94 0.89
CA GLN D 330 -17.03 -2.61 -0.47
C GLN D 330 -16.69 -3.87 -1.35
N ILE D 331 -15.91 -4.87 -0.86
CA ILE D 331 -15.61 -6.05 -1.62
C ILE D 331 -16.86 -6.88 -1.84
N SER D 332 -17.70 -6.98 -0.75
CA SER D 332 -18.94 -7.67 -0.74
C SER D 332 -19.85 -6.95 -1.65
N ARG D 333 -19.83 -5.57 -1.70
CA ARG D 333 -20.63 -4.80 -2.51
C ARG D 333 -20.21 -5.17 -3.94
N ALA D 334 -18.89 -5.31 -4.19
CA ALA D 334 -18.42 -5.63 -5.53
C ALA D 334 -18.97 -7.01 -5.93
N MET D 335 -19.00 -8.02 -4.97
CA MET D 335 -19.50 -9.37 -5.22
C MET D 335 -20.95 -9.35 -5.53
N THR D 336 -21.76 -8.47 -4.79
CA THR D 336 -23.18 -8.42 -5.08
C THR D 336 -23.45 -7.94 -6.43
N LYS D 337 -22.62 -7.00 -6.86
CA LYS D 337 -22.72 -6.44 -8.22
C LYS D 337 -22.42 -7.50 -9.20
N LEU D 338 -21.41 -8.34 -8.89
CA LEU D 338 -21.05 -9.33 -9.84
C LEU D 338 -22.08 -10.34 -10.03
N GLN D 339 -22.73 -10.78 -8.92
CA GLN D 339 -23.72 -11.86 -8.89
C GLN D 339 -24.86 -11.51 -9.68
N GLN D 340 -25.27 -10.20 -9.60
CA GLN D 340 -26.34 -9.77 -10.39
C GLN D 340 -26.03 -9.75 -11.85
N ARG D 341 -24.89 -9.25 -12.28
CA ARG D 341 -24.37 -9.15 -13.63
C ARG D 341 -24.14 -10.51 -14.27
N ILE D 342 -23.65 -11.50 -13.51
CA ILE D 342 -23.45 -12.89 -13.92
C ILE D 342 -24.78 -13.53 -14.27
N LYS D 343 -25.95 -13.13 -13.61
CA LYS D 343 -27.31 -13.57 -13.80
C LYS D 343 -27.59 -14.88 -13.18
N PHE D 344 -27.44 -14.98 -11.80
CA PHE D 344 -27.64 -16.15 -10.97
C PHE D 344 -29.16 -16.46 -10.98
N PRO D 345 -30.15 -15.54 -10.95
CA PRO D 345 -31.59 -15.85 -11.00
C PRO D 345 -31.97 -15.70 -12.48
N SER D 346 -33.28 -15.27 -12.74
CA SER D 346 -33.72 -15.10 -14.05
C SER D 346 -34.91 -14.18 -13.87
N TRP D 347 -35.40 -13.48 -14.96
CA TRP D 347 -36.39 -12.51 -14.72
C TRP D 347 -37.17 -12.35 -16.02
N SER D 348 -38.40 -11.74 -15.87
CA SER D 348 -39.39 -11.44 -16.99
C SER D 348 -38.80 -10.60 -18.08
N SER D 349 -39.46 -10.43 -19.19
CA SER D 349 -38.96 -9.78 -20.39
C SER D 349 -38.69 -8.32 -20.23
N SER D 350 -39.52 -7.57 -19.39
CA SER D 350 -39.35 -6.13 -19.30
C SER D 350 -38.76 -5.82 -17.98
N ALA D 351 -38.92 -6.69 -16.97
CA ALA D 351 -38.35 -6.44 -15.70
C ALA D 351 -37.00 -7.16 -15.70
N MET D 352 -35.90 -6.33 -15.48
CA MET D 352 -34.58 -6.92 -15.61
C MET D 352 -34.09 -7.20 -14.24
N HIS D 353 -32.79 -6.88 -14.06
CA HIS D 353 -32.15 -7.20 -12.81
C HIS D 353 -32.38 -6.12 -11.74
N VAL D 354 -33.25 -6.29 -10.73
CA VAL D 354 -33.48 -5.45 -9.61
C VAL D 354 -33.24 -6.44 -8.44
N ASN D 355 -32.11 -6.23 -7.74
CA ASN D 355 -31.63 -6.84 -6.58
C ASN D 355 -31.08 -5.76 -5.70
N ILE D 356 -31.60 -5.59 -4.44
CA ILE D 356 -31.16 -4.52 -3.62
C ILE D 356 -30.66 -5.18 -2.38
N GLY D 357 -29.79 -4.51 -1.58
CA GLY D 357 -29.16 -5.10 -0.40
C GLY D 357 -29.22 -4.12 0.74
N ARG D 358 -29.37 -4.67 1.94
CA ARG D 358 -29.31 -3.81 3.11
C ARG D 358 -28.21 -4.48 3.91
N ARG D 359 -27.40 -3.65 4.52
CA ARG D 359 -26.19 -4.18 5.11
C ARG D 359 -26.43 -3.80 6.54
N SER D 360 -26.11 -4.78 7.38
CA SER D 360 -26.28 -4.69 8.77
C SER D 360 -25.18 -5.40 9.40
N PRO D 361 -24.82 -5.04 10.65
CA PRO D 361 -23.82 -5.82 11.42
C PRO D 361 -24.43 -6.80 12.39
N TYR D 362 -23.94 -6.96 13.64
CA TYR D 362 -24.33 -7.91 14.65
C TYR D 362 -24.49 -7.06 15.92
N LEU D 363 -25.28 -7.53 16.91
CA LEU D 363 -25.59 -6.91 18.19
C LEU D 363 -24.33 -6.86 19.05
N PRO D 364 -24.17 -5.98 20.02
CA PRO D 364 -22.85 -6.03 20.73
C PRO D 364 -23.14 -6.98 21.89
N LEU D 365 -24.38 -7.58 21.97
CA LEU D 365 -24.76 -8.58 22.91
C LEU D 365 -23.82 -9.75 23.05
N GLN D 366 -23.45 -10.42 21.89
CA GLN D 366 -22.36 -11.38 21.88
C GLN D 366 -21.34 -10.77 20.95
N PRO D 367 -20.04 -11.05 21.22
CA PRO D 367 -18.97 -10.59 20.46
C PRO D 367 -19.10 -10.95 19.04
N ASN D 368 -18.60 -10.11 18.11
CA ASN D 368 -18.69 -10.33 16.65
C ASN D 368 -17.91 -11.54 16.25
N GLU D 369 -18.72 -12.49 15.68
CA GLU D 369 -18.25 -13.70 15.07
C GLU D 369 -17.81 -13.39 13.71
N ASN D 370 -17.26 -14.47 13.04
CA ASN D 370 -16.74 -14.44 11.71
C ASN D 370 -17.67 -15.17 10.90
N GLU D 371 -18.88 -15.33 11.44
CA GLU D 371 -20.03 -15.96 10.95
C GLU D 371 -20.76 -14.82 10.31
N VAL D 372 -21.36 -15.00 9.11
CA VAL D 372 -21.92 -14.00 8.30
C VAL D 372 -23.27 -14.59 8.07
N SER D 373 -24.40 -13.91 8.17
CA SER D 373 -25.62 -14.59 7.87
C SER D 373 -26.40 -13.66 7.01
N GLY D 374 -27.49 -14.17 6.39
CA GLY D 374 -28.30 -13.34 5.53
C GLY D 374 -29.67 -13.92 5.38
N MET D 375 -30.57 -13.03 4.98
CA MET D 375 -31.87 -13.37 4.61
C MET D 375 -32.14 -12.83 3.27
N MET D 376 -32.94 -13.59 2.46
CA MET D 376 -33.47 -13.20 1.15
C MET D 376 -34.92 -13.14 1.23
N LEU D 377 -35.50 -12.03 0.57
CA LEU D 377 -36.94 -11.81 0.34
C LEU D 377 -37.11 -11.63 -1.17
N SER D 378 -37.93 -12.53 -1.80
CA SER D 378 -38.04 -12.42 -3.26
C SER D 378 -39.51 -12.67 -3.69
N ASN D 379 -39.83 -12.06 -4.86
CA ASN D 379 -41.11 -12.36 -5.51
C ASN D 379 -40.71 -13.19 -6.64
N MET D 380 -41.09 -14.51 -6.56
CA MET D 380 -40.71 -15.56 -7.49
C MET D 380 -41.96 -16.28 -7.92
N SER D 381 -41.99 -16.65 -9.21
CA SER D 381 -43.15 -17.20 -9.91
C SER D 381 -43.60 -18.53 -9.44
N THR D 382 -42.77 -19.16 -8.57
CA THR D 382 -43.02 -20.55 -8.10
C THR D 382 -44.35 -20.66 -7.33
N VAL D 383 -44.81 -19.51 -6.81
CA VAL D 383 -45.99 -19.32 -6.05
C VAL D 383 -47.25 -19.83 -6.82
N VAL D 384 -47.13 -19.80 -8.15
CA VAL D 384 -48.11 -20.13 -9.15
C VAL D 384 -48.50 -21.56 -8.90
N ASN D 385 -47.55 -22.42 -8.33
CA ASN D 385 -47.93 -23.82 -7.96
C ASN D 385 -49.03 -23.91 -6.98
N VAL D 386 -49.04 -22.93 -5.97
CA VAL D 386 -50.00 -22.96 -4.93
C VAL D 386 -51.40 -22.79 -5.51
N PHE D 387 -51.53 -21.84 -6.46
CA PHE D 387 -52.79 -21.72 -7.18
C PHE D 387 -53.19 -22.83 -8.02
N GLU D 388 -52.29 -23.54 -8.73
CA GLU D 388 -52.67 -24.72 -9.61
C GLU D 388 -53.23 -25.86 -8.75
N ASN D 389 -52.64 -26.02 -7.57
CA ASN D 389 -52.96 -26.86 -6.44
C ASN D 389 -54.27 -26.46 -5.92
N ALA D 390 -54.63 -25.15 -5.81
CA ALA D 390 -55.86 -24.65 -5.36
C ALA D 390 -56.96 -25.08 -6.26
N CYS D 391 -56.77 -25.06 -7.57
CA CYS D 391 -57.74 -25.49 -8.51
C CYS D 391 -58.03 -26.89 -8.33
N ASN D 392 -56.96 -27.75 -8.12
CA ASN D 392 -57.04 -29.19 -7.95
C ASN D 392 -57.87 -29.60 -6.75
N THR D 393 -57.58 -28.86 -5.64
CA THR D 393 -58.22 -28.95 -4.36
C THR D 393 -59.73 -28.55 -4.39
N PHE D 394 -60.11 -27.48 -5.17
CA PHE D 394 -61.49 -27.02 -5.29
C PHE D 394 -62.26 -28.13 -5.92
N ASP D 395 -61.66 -28.75 -7.02
CA ASP D 395 -62.36 -29.79 -7.75
C ASP D 395 -62.58 -31.04 -6.89
N LYS D 396 -61.54 -31.37 -6.01
CA LYS D 396 -61.60 -32.49 -5.07
C LYS D 396 -62.71 -32.38 -4.02
N VAL D 397 -62.91 -31.18 -3.48
CA VAL D 397 -63.99 -30.86 -2.56
C VAL D 397 -65.29 -31.01 -3.35
N PHE D 398 -65.36 -30.64 -4.61
CA PHE D 398 -66.60 -30.68 -5.31
C PHE D 398 -67.07 -32.09 -5.42
N ALA D 399 -66.05 -32.94 -5.73
CA ALA D 399 -66.04 -34.31 -5.95
C ALA D 399 -66.50 -35.09 -4.73
N LYS D 400 -66.01 -34.64 -3.49
CA LYS D 400 -66.34 -35.32 -2.22
C LYS D 400 -67.83 -35.18 -1.92
N GLY D 401 -68.47 -34.00 -2.26
CA GLY D 401 -69.86 -33.67 -1.94
C GLY D 401 -70.12 -33.69 -0.50
N ALA D 402 -69.11 -33.43 0.37
CA ALA D 402 -69.33 -33.69 1.84
C ALA D 402 -69.25 -32.52 2.69
N PHE D 403 -70.05 -32.37 3.78
CA PHE D 403 -70.11 -31.25 4.74
C PHE D 403 -70.27 -29.93 4.09
N LEU D 404 -71.20 -29.90 3.12
CA LEU D 404 -71.62 -28.76 2.36
C LEU D 404 -72.57 -28.00 3.26
N ASN D 405 -73.17 -28.74 4.20
CA ASN D 405 -74.32 -28.38 4.98
C ASN D 405 -74.25 -27.10 5.73
N ASN D 406 -73.13 -26.89 6.42
CA ASN D 406 -72.88 -25.76 7.25
C ASN D 406 -72.89 -24.54 6.51
N TYR D 407 -72.30 -24.62 5.27
CA TYR D 407 -72.20 -23.55 4.27
C TYR D 407 -73.55 -23.12 3.71
N ASN D 408 -74.48 -24.07 3.42
CA ASN D 408 -75.70 -23.79 2.71
C ASN D 408 -76.67 -22.87 3.37
N VAL D 409 -76.67 -22.85 4.68
CA VAL D 409 -77.43 -21.89 5.49
C VAL D 409 -77.05 -20.43 5.25
N GLY D 410 -75.80 -20.20 4.97
CA GLY D 410 -75.28 -18.89 4.67
C GLY D 410 -75.55 -18.44 3.30
N ASP D 411 -75.98 -17.16 3.14
CA ASP D 411 -76.42 -16.57 1.98
C ASP D 411 -75.28 -16.54 0.93
N LEU D 412 -74.07 -16.29 1.47
CA LEU D 412 -72.81 -16.18 0.71
C LEU D 412 -72.47 -17.53 0.00
N PHE D 413 -72.75 -18.62 0.75
CA PHE D 413 -72.37 -19.95 0.36
C PHE D 413 -73.61 -20.81 0.02
N GLN D 414 -74.74 -20.17 -0.46
CA GLN D 414 -76.07 -20.86 -0.58
C GLN D 414 -76.12 -22.03 -1.59
N SER D 415 -75.68 -21.67 -2.88
CA SER D 415 -75.76 -22.68 -3.95
C SER D 415 -74.34 -23.29 -3.93
N MET D 416 -74.20 -24.55 -3.48
CA MET D 416 -73.04 -25.33 -3.24
C MET D 416 -72.22 -24.36 -2.33
N GLN D 417 -71.08 -23.81 -2.81
CA GLN D 417 -70.49 -22.72 -2.16
C GLN D 417 -70.17 -21.66 -3.25
N ASN D 418 -70.84 -20.53 -3.23
CA ASN D 418 -70.82 -19.54 -4.27
C ASN D 418 -69.44 -18.87 -4.29
N VAL D 419 -68.87 -18.69 -3.09
CA VAL D 419 -67.53 -18.23 -2.80
C VAL D 419 -66.47 -19.12 -3.38
N GLN D 420 -66.58 -20.45 -3.33
CA GLN D 420 -65.55 -21.27 -3.96
C GLN D 420 -65.57 -21.06 -5.43
N ASP D 421 -66.75 -20.97 -6.08
CA ASP D 421 -66.86 -20.74 -7.53
C ASP D 421 -66.28 -19.43 -7.85
N GLU D 422 -66.53 -18.39 -6.98
CA GLU D 422 -66.05 -17.03 -7.23
C GLU D 422 -64.52 -16.81 -7.25
N PHE D 423 -63.81 -17.40 -6.31
CA PHE D 423 -62.40 -17.48 -6.06
C PHE D 423 -61.80 -18.19 -7.23
N ALA D 424 -62.45 -19.30 -7.70
CA ALA D 424 -62.03 -20.11 -8.76
C ALA D 424 -61.90 -19.33 -10.01
N GLU D 425 -62.88 -18.43 -10.33
CA GLU D 425 -62.86 -17.51 -11.53
C GLU D 425 -61.77 -16.50 -11.41
N SER D 426 -61.56 -15.91 -10.15
CA SER D 426 -60.50 -14.91 -9.89
C SER D 426 -59.16 -15.50 -10.06
N ARG D 427 -58.92 -16.74 -9.58
CA ARG D 427 -57.64 -17.38 -9.53
C ARG D 427 -57.08 -17.57 -10.94
N GLU D 428 -57.94 -17.95 -11.94
CA GLU D 428 -57.54 -18.29 -13.26
C GLU D 428 -56.88 -17.02 -13.96
N VAL D 429 -57.52 -15.84 -13.72
CA VAL D 429 -57.00 -14.57 -14.25
C VAL D 429 -55.67 -14.16 -13.71
N VAL D 430 -55.60 -14.42 -12.40
CA VAL D 430 -54.39 -14.09 -11.62
C VAL D 430 -53.18 -14.83 -12.17
N GLN D 431 -53.35 -16.11 -12.46
CA GLN D 431 -52.30 -16.95 -13.00
C GLN D 431 -51.89 -16.48 -14.37
N SER D 432 -52.92 -16.07 -15.15
CA SER D 432 -52.82 -15.58 -16.51
C SER D 432 -52.03 -14.29 -16.59
N LEU D 433 -52.18 -13.33 -15.64
CA LEU D 433 -51.46 -12.14 -15.50
C LEU D 433 -50.04 -12.38 -15.18
N MET D 434 -49.75 -13.41 -14.31
CA MET D 434 -48.35 -13.69 -13.96
C MET D 434 -47.55 -14.07 -15.14
N GLU D 435 -48.21 -14.84 -16.03
CA GLU D 435 -47.82 -15.29 -17.36
C GLU D 435 -47.70 -14.20 -18.37
N ASP D 436 -48.56 -13.21 -18.38
CA ASP D 436 -48.56 -12.11 -19.30
C ASP D 436 -47.29 -11.21 -19.19
N TYR D 437 -46.80 -11.09 -17.91
CA TYR D 437 -45.59 -10.45 -17.58
C TYR D 437 -44.35 -11.10 -18.19
N VAL D 438 -44.37 -12.42 -18.48
CA VAL D 438 -43.25 -13.01 -19.13
C VAL D 438 -43.00 -12.53 -20.59
N ALA D 439 -44.08 -12.10 -21.22
CA ALA D 439 -44.20 -11.64 -22.61
C ALA D 439 -44.09 -10.10 -22.64
N ALA D 440 -43.95 -9.66 -23.93
CA ALA D 440 -43.82 -8.31 -24.41
C ALA D 440 -45.06 -7.54 -24.07
N GLU D 441 -46.25 -8.22 -24.05
CA GLU D 441 -47.59 -7.71 -23.88
C GLU D 441 -47.73 -6.99 -22.52
N GLN D 442 -46.74 -7.29 -21.63
CA GLN D 442 -46.56 -6.56 -20.34
C GLN D 442 -46.50 -5.09 -20.54
N ASP D 443 -45.77 -4.70 -21.57
CA ASP D 443 -45.77 -3.39 -22.07
C ASP D 443 -47.03 -3.26 -22.93
N SER D 444 -48.18 -2.70 -22.51
CA SER D 444 -49.38 -2.73 -23.25
C SER D 444 -49.54 -1.51 -24.11
N TYR D 445 -48.65 -1.27 -25.10
CA TYR D 445 -48.66 -0.01 -25.90
C TYR D 445 -49.23 -0.41 -27.26
N UNK E 1 33.12 48.71 6.51
CA UNK E 1 33.26 47.45 5.67
C UNK E 1 34.17 47.63 4.47
N UNK E 2 34.02 46.71 3.51
CA UNK E 2 34.83 46.66 2.34
C UNK E 2 34.55 47.91 1.57
N UNK E 3 33.27 48.33 1.56
CA UNK E 3 32.80 49.52 0.90
C UNK E 3 33.47 50.72 1.47
N UNK E 4 33.58 50.79 2.85
CA UNK E 4 34.17 51.95 3.51
C UNK E 4 35.63 52.15 3.21
N UNK E 5 36.47 51.03 3.17
CA UNK E 5 37.86 51.15 2.73
C UNK E 5 37.99 51.55 1.34
N UNK E 6 37.16 51.08 0.40
CA UNK E 6 37.19 51.39 -1.02
C UNK E 6 36.95 52.83 -1.27
N UNK E 7 36.00 53.49 -0.51
CA UNK E 7 35.88 54.97 -0.68
C UNK E 7 37.10 55.73 -0.38
N UNK E 8 37.78 55.30 0.65
CA UNK E 8 39.11 55.77 1.04
C UNK E 8 40.25 55.54 0.08
N UNK E 9 40.30 54.37 -0.60
CA UNK E 9 41.22 54.03 -1.66
C UNK E 9 41.10 54.82 -2.89
N UNK E 10 39.87 55.17 -3.41
CA UNK E 10 39.62 56.05 -4.50
C UNK E 10 40.13 57.50 -4.11
N UNK E 11 39.83 57.94 -2.80
CA UNK E 11 40.25 59.21 -2.29
C UNK E 11 41.77 59.27 -2.32
N UNK E 12 42.42 58.22 -1.87
CA UNK E 12 43.86 58.06 -1.77
C UNK E 12 44.42 58.12 -3.13
N UNK E 13 43.99 57.39 -4.21
CA UNK E 13 44.77 57.51 -5.49
C UNK E 13 44.72 58.91 -6.02
N UNK E 14 43.57 59.64 -5.96
CA UNK E 14 43.56 61.04 -6.39
C UNK E 14 44.45 61.94 -5.59
N UNK E 15 44.48 61.67 -4.28
CA UNK E 15 45.28 62.29 -3.28
C UNK E 15 46.69 62.04 -3.67
N UNK E 16 47.13 60.88 -4.11
CA UNK E 16 48.54 60.47 -4.31
C UNK E 16 49.16 61.36 -5.38
N UNK E 17 48.31 61.57 -6.45
CA UNK E 17 48.59 62.48 -7.53
C UNK E 17 48.60 63.97 -7.05
N UNK E 18 47.64 64.35 -6.24
CA UNK E 18 47.65 65.73 -5.65
C UNK E 18 48.86 65.94 -4.81
N UNK E 19 49.29 64.92 -3.99
CA UNK E 19 50.41 64.85 -3.13
C UNK E 19 51.66 65.04 -3.93
N UNK E 20 51.72 64.38 -5.11
CA UNK E 20 52.91 64.35 -5.93
C UNK E 20 53.19 65.65 -6.47
N UNK E 21 52.18 66.34 -6.94
CA UNK E 21 52.41 67.68 -7.52
C UNK E 21 52.91 68.63 -6.52
N UNK E 22 52.57 68.52 -5.20
CA UNK E 22 53.05 69.32 -4.05
C UNK E 22 54.57 69.08 -3.81
N UNK E 23 54.99 67.80 -3.87
CA UNK E 23 56.40 67.34 -3.76
C UNK E 23 57.18 67.94 -4.84
N UNK E 24 56.56 67.95 -6.10
CA UNK E 24 57.24 68.50 -7.24
C UNK E 24 57.56 69.91 -7.07
N UNK E 25 56.58 70.65 -6.53
CA UNK E 25 56.71 72.08 -6.28
C UNK E 25 57.74 72.44 -5.32
N UNK E 26 57.81 71.66 -4.22
CA UNK E 26 58.68 71.79 -3.05
C UNK E 26 60.11 71.69 -3.45
N UNK E 27 60.51 70.58 -4.18
CA UNK E 27 61.88 70.23 -4.59
C UNK E 27 62.32 71.28 -5.63
N UNK E 28 61.37 71.87 -6.38
CA UNK E 28 61.84 73.01 -7.24
C UNK E 28 62.32 74.23 -6.53
N UNK E 29 61.70 74.43 -5.36
CA UNK E 29 62.03 75.58 -4.52
C UNK E 29 63.44 75.48 -4.06
N UNK E 30 63.78 74.24 -3.73
CA UNK E 30 65.07 73.88 -3.10
C UNK E 30 66.25 74.25 -4.06
N UNK E 31 66.00 74.06 -5.38
CA UNK E 31 66.87 74.40 -6.48
C UNK E 31 67.01 75.92 -6.60
N UNK E 32 65.91 76.66 -6.44
CA UNK E 32 65.94 78.09 -6.56
C UNK E 32 66.81 78.76 -5.45
N UNK E 33 66.65 78.24 -4.18
CA UNK E 33 67.30 78.57 -2.92
C UNK E 33 68.73 78.32 -3.00
N UNK E 34 69.11 77.11 -3.55
CA UNK E 34 70.45 76.64 -3.82
C UNK E 34 71.13 77.52 -4.93
N UNK E 35 70.44 77.91 -5.99
CA UNK E 35 70.92 78.72 -7.12
C UNK E 35 71.31 80.13 -6.60
N UNK E 36 70.64 80.69 -5.62
CA UNK E 36 70.98 81.91 -4.90
C UNK E 36 72.22 81.86 -4.06
N UNK E 37 72.43 80.63 -3.35
CA UNK E 37 73.67 80.36 -2.59
C UNK E 37 74.88 80.30 -3.55
N UNK E 38 74.71 79.64 -4.74
CA UNK E 38 75.73 79.48 -5.74
C UNK E 38 76.12 80.87 -6.32
N UNK E 39 75.15 81.76 -6.61
CA UNK E 39 75.41 83.12 -7.13
C UNK E 39 76.23 83.98 -6.25
N UNK E 40 75.81 83.99 -4.92
CA UNK E 40 76.39 84.77 -3.86
C UNK E 40 77.84 84.30 -3.57
N UNK E 41 78.01 82.97 -3.48
CA UNK E 41 79.30 82.38 -3.22
C UNK E 41 80.31 82.57 -4.31
N UNK E 42 79.90 82.29 -5.58
CA UNK E 42 80.77 82.17 -6.74
C UNK E 42 81.49 83.47 -6.89
N UNK E 43 80.75 84.58 -6.70
CA UNK E 43 81.29 85.94 -6.87
C UNK E 43 82.33 86.27 -5.84
N UNK E 44 81.96 85.84 -4.63
CA UNK E 44 82.81 85.93 -3.45
C UNK E 44 84.13 85.03 -3.57
N UNK F 1 32.13 46.09 -20.58
CA UNK F 1 31.10 46.57 -19.66
C UNK F 1 31.48 47.87 -19.04
N UNK F 2 30.57 48.38 -18.15
CA UNK F 2 30.70 49.66 -17.48
C UNK F 2 31.84 49.65 -16.61
N UNK F 3 31.96 48.47 -16.03
CA UNK F 3 32.98 48.14 -15.02
C UNK F 3 34.32 48.26 -15.55
N UNK F 4 34.49 47.76 -16.72
CA UNK F 4 35.76 47.68 -17.44
C UNK F 4 36.18 49.09 -17.76
N UNK F 5 35.17 49.96 -18.16
CA UNK F 5 35.46 51.34 -18.48
C UNK F 5 35.97 52.11 -17.24
N UNK F 6 35.33 51.81 -16.11
CA UNK F 6 35.51 52.41 -14.78
C UNK F 6 36.87 52.02 -14.25
N UNK F 7 37.33 50.74 -14.41
CA UNK F 7 38.59 50.24 -13.93
C UNK F 7 39.71 50.87 -14.66
N UNK F 8 39.50 51.18 -15.99
CA UNK F 8 40.45 51.79 -16.93
C UNK F 8 40.89 53.11 -16.55
N UNK F 9 39.91 53.87 -15.97
CA UNK F 9 40.19 55.19 -15.33
C UNK F 9 41.10 55.19 -14.17
N UNK F 10 40.99 54.21 -13.25
CA UNK F 10 41.74 54.03 -12.01
C UNK F 10 43.16 53.82 -12.47
N UNK F 11 43.39 53.02 -13.52
CA UNK F 11 44.68 52.77 -14.12
C UNK F 11 45.23 54.08 -14.72
N UNK F 12 44.45 54.93 -15.37
CA UNK F 12 44.89 56.17 -16.01
C UNK F 12 45.48 57.22 -15.09
N UNK F 13 44.84 57.49 -13.96
CA UNK F 13 45.23 58.36 -12.90
C UNK F 13 46.48 57.71 -12.24
N UNK F 14 46.41 56.38 -12.16
CA UNK F 14 47.56 55.64 -11.69
C UNK F 14 48.79 55.78 -12.59
N UNK F 15 48.56 55.74 -13.92
CA UNK F 15 49.64 55.94 -14.90
C UNK F 15 50.25 57.33 -14.80
N UNK F 16 49.35 58.35 -14.59
CA UNK F 16 49.72 59.75 -14.43
C UNK F 16 50.62 59.92 -13.25
N UNK F 17 50.32 59.20 -12.17
CA UNK F 17 51.04 59.10 -10.86
C UNK F 17 52.50 58.60 -10.95
N UNK F 18 52.76 57.57 -11.75
CA UNK F 18 53.98 56.92 -12.00
C UNK F 18 54.87 57.94 -12.67
N UNK F 19 54.34 58.73 -13.75
CA UNK F 19 55.16 59.71 -14.51
C UNK F 19 55.61 60.76 -13.52
N UNK F 20 54.69 61.15 -12.56
CA UNK F 20 54.93 62.13 -11.47
C UNK F 20 56.01 61.75 -10.55
N UNK F 21 56.20 60.43 -10.34
CA UNK F 21 57.22 59.75 -9.60
C UNK F 21 58.50 59.85 -10.31
N UNK F 22 58.53 59.54 -11.64
CA UNK F 22 59.69 59.48 -12.46
C UNK F 22 60.36 60.81 -12.58
N UNK F 23 59.66 61.86 -12.86
CA UNK F 23 60.14 63.20 -13.01
C UNK F 23 60.56 63.76 -11.70
N UNK F 24 59.94 63.44 -10.55
CA UNK F 24 60.29 63.81 -9.22
C UNK F 24 61.57 63.21 -8.69
N UNK F 25 61.88 61.96 -9.08
CA UNK F 25 63.14 61.29 -8.64
C UNK F 25 64.27 62.05 -9.35
N UNK F 26 64.00 62.54 -10.58
CA UNK F 26 64.97 63.36 -11.15
C UNK F 26 65.27 64.63 -10.41
N UNK F 27 64.33 65.27 -9.65
CA UNK F 27 64.45 66.52 -8.92
C UNK F 27 65.47 66.40 -7.75
N UNK F 28 65.40 65.20 -7.09
CA UNK F 28 66.15 64.65 -5.99
C UNK F 28 67.66 64.69 -6.36
N UNK F 29 67.91 64.17 -7.53
CA UNK F 29 69.11 63.96 -8.31
C UNK F 29 69.63 65.34 -8.79
N UNK F 30 68.75 66.26 -9.27
CA UNK F 30 69.12 67.58 -9.64
C UNK F 30 69.66 68.33 -8.42
N UNK F 31 68.94 68.02 -7.26
CA UNK F 31 69.24 68.63 -6.00
C UNK F 31 70.61 68.23 -5.55
N UNK F 32 71.05 67.03 -5.79
CA UNK F 32 72.33 66.37 -5.36
C UNK F 32 73.45 67.11 -5.99
N UNK F 33 73.26 67.46 -7.32
CA UNK F 33 74.22 68.13 -8.22
C UNK F 33 74.36 69.48 -7.65
N UNK F 34 73.26 70.15 -7.25
CA UNK F 34 73.29 71.42 -6.59
C UNK F 34 73.93 71.46 -5.30
N UNK F 35 73.79 70.36 -4.55
CA UNK F 35 74.41 70.15 -3.28
C UNK F 35 75.94 70.08 -3.47
N UNK F 36 76.47 69.32 -4.52
CA UNK F 36 77.90 69.31 -4.80
C UNK F 36 78.45 70.57 -5.33
N UNK F 37 77.63 71.30 -6.18
CA UNK F 37 78.04 72.52 -6.77
C UNK F 37 78.37 73.57 -5.68
N UNK F 38 77.54 73.66 -4.63
CA UNK F 38 77.70 74.63 -3.53
C UNK F 38 78.98 74.39 -2.74
N UNK F 39 79.28 73.16 -2.49
CA UNK F 39 80.45 72.68 -1.74
C UNK F 39 81.66 73.12 -2.42
N UNK F 40 81.76 72.95 -3.78
CA UNK F 40 82.88 73.30 -4.60
C UNK F 40 83.05 74.81 -4.56
N UNK F 41 81.96 75.60 -4.62
CA UNK F 41 81.88 77.00 -4.57
C UNK F 41 82.36 77.63 -3.34
N UNK F 42 82.00 77.02 -2.21
CA UNK F 42 82.26 77.35 -0.83
C UNK F 42 83.74 77.28 -0.53
N UNK F 43 84.50 76.27 -1.03
CA UNK F 43 85.90 76.31 -0.84
C UNK F 43 86.54 77.52 -1.48
N UNK F 44 86.21 77.74 -2.80
CA UNK F 44 86.83 78.81 -3.59
C UNK F 44 86.19 80.16 -3.25
N GLN A 55 85.60 63.34 12.42
CA GLN A 55 86.55 62.60 13.31
C GLN A 55 85.79 61.72 14.25
N GLU A 56 86.42 61.31 15.34
CA GLU A 56 85.91 60.24 16.10
C GLU A 56 84.58 60.45 16.76
N ALA A 57 84.29 61.63 17.32
CA ALA A 57 83.05 61.91 17.97
C ALA A 57 81.85 61.84 17.06
N LEU A 58 82.03 62.37 15.86
CA LEU A 58 81.05 62.36 14.81
C LEU A 58 80.82 60.91 14.39
N VAL A 59 81.95 60.03 14.29
CA VAL A 59 81.70 58.68 13.99
C VAL A 59 80.94 57.86 15.01
N VAL A 60 81.21 57.96 16.32
CA VAL A 60 80.47 57.27 17.36
C VAL A 60 79.04 57.73 17.47
N LYS A 61 78.85 59.09 17.36
CA LYS A 61 77.56 59.75 17.52
C LYS A 61 76.60 59.24 16.41
N ASP A 62 77.17 59.12 15.18
CA ASP A 62 76.51 58.72 13.93
C ASP A 62 76.03 57.32 14.07
N LEU A 63 76.90 56.47 14.77
CA LEU A 63 76.65 55.08 14.99
C LEU A 63 75.43 54.92 15.86
N LEU A 64 75.34 55.79 16.85
CA LEU A 64 74.32 55.75 17.83
C LEU A 64 72.98 55.92 17.23
N ASN A 65 72.96 56.91 16.28
CA ASN A 65 71.83 57.31 15.52
C ASN A 65 71.28 56.25 14.58
N VAL A 66 72.25 55.54 13.96
CA VAL A 66 72.13 54.45 12.97
C VAL A 66 71.50 53.24 13.57
N LEU A 67 71.87 53.01 14.81
CA LEU A 67 71.66 51.80 15.49
C LEU A 67 70.26 51.32 15.70
N ILE A 68 69.30 52.26 15.89
CA ILE A 68 67.91 51.91 16.03
C ILE A 68 67.23 51.37 14.75
N GLY A 69 67.80 51.74 13.57
CA GLY A 69 67.48 51.06 12.34
C GLY A 69 66.24 51.57 11.71
N LEU A 70 65.67 52.62 12.25
CA LEU A 70 64.60 53.36 11.74
C LEU A 70 65.09 54.79 11.99
N GLU A 71 65.16 55.59 10.94
CA GLU A 71 65.81 56.83 10.85
C GLU A 71 64.72 57.65 10.14
N GLY A 72 65.12 58.91 9.70
CA GLY A 72 64.35 59.99 9.19
C GLY A 72 64.01 59.85 7.81
N THR A 73 63.64 61.03 7.15
CA THR A 73 63.15 61.13 5.82
C THR A 73 64.23 60.83 4.81
N TYR A 74 65.49 60.93 5.23
CA TYR A 74 66.60 60.72 4.34
C TYR A 74 66.73 59.32 3.83
N ILE A 75 66.22 58.34 4.51
CA ILE A 75 66.22 56.99 4.09
C ILE A 75 64.72 56.90 3.54
N ARG A 76 64.63 56.98 2.21
CA ARG A 76 63.36 57.01 1.52
C ARG A 76 62.83 55.69 1.20
N TYR A 77 61.58 55.62 0.95
CA TYR A 77 60.87 54.51 0.62
C TYR A 77 60.20 54.63 -0.64
N PHE A 78 60.47 53.68 -1.57
CA PHE A 78 59.90 53.52 -2.82
C PHE A 78 59.33 52.11 -2.86
N ASN A 79 58.11 51.95 -3.36
CA ASN A 79 57.41 50.78 -2.95
C ASN A 79 57.89 49.42 -3.41
N ASP A 80 58.25 49.17 -4.69
CA ASP A 80 58.44 47.86 -5.15
C ASP A 80 59.60 48.06 -6.10
N ILE A 90 61.12 51.03 -5.48
CA ILE A 90 62.46 50.38 -5.53
C ILE A 90 62.99 50.05 -4.19
N GLU A 91 62.16 50.32 -3.17
CA GLU A 91 62.37 49.85 -1.77
C GLU A 91 63.05 50.99 -1.11
N PHE A 92 63.86 50.69 -0.04
CA PHE A 92 64.59 51.61 0.67
C PHE A 92 65.72 52.13 -0.09
N LYS A 93 66.10 53.39 0.04
CA LYS A 93 67.37 53.80 -0.41
C LYS A 93 67.84 54.78 0.66
N ILE A 94 69.17 54.89 0.86
CA ILE A 94 69.70 55.93 1.67
C ILE A 94 70.90 56.60 0.96
N ALA A 95 71.16 57.84 1.39
CA ALA A 95 72.31 58.61 1.08
C ALA A 95 73.54 58.01 1.63
N LYS A 96 74.64 58.00 0.86
CA LYS A 96 75.89 57.50 1.41
C LYS A 96 76.76 58.65 1.60
N LYS A 97 77.73 58.55 2.49
CA LYS A 97 78.48 59.64 3.03
C LYS A 97 79.45 59.16 4.08
N MET A 98 79.54 57.82 4.29
CA MET A 98 80.30 57.30 5.40
C MET A 98 81.43 56.53 4.86
N ASP A 99 82.35 56.22 5.77
CA ASP A 99 83.61 55.57 5.64
C ASP A 99 83.36 54.15 5.38
N PRO A 100 84.28 53.35 4.71
CA PRO A 100 84.08 51.94 4.32
C PRO A 100 83.64 50.91 5.33
N SER A 101 84.22 51.02 6.52
CA SER A 101 84.02 50.01 7.62
C SER A 101 82.59 49.98 7.89
N PHE A 102 82.11 51.16 8.22
CA PHE A 102 80.77 51.41 8.58
C PHE A 102 79.95 51.10 7.40
N LYS A 103 80.30 51.50 6.17
CA LYS A 103 79.46 51.25 5.05
C LYS A 103 79.25 49.82 4.81
N THR A 104 80.28 48.95 4.98
CA THR A 104 80.28 47.44 4.84
C THR A 104 79.34 46.89 5.93
N PHE A 105 79.41 47.36 7.20
CA PHE A 105 78.55 46.91 8.26
C PHE A 105 77.13 47.19 7.98
N SER A 106 76.90 48.38 7.46
CA SER A 106 75.59 48.86 7.13
C SER A 106 74.96 48.07 6.13
N ARG A 107 75.78 47.53 5.16
CA ARG A 107 75.22 46.69 4.07
C ARG A 107 74.69 45.51 4.59
N ARG A 108 75.44 44.88 5.50
CA ARG A 108 75.10 43.63 6.08
C ARG A 108 73.80 43.81 6.88
N ILE A 109 73.69 44.95 7.65
CA ILE A 109 72.59 45.42 8.47
C ILE A 109 71.34 45.70 7.65
N VAL A 110 71.42 46.21 6.35
CA VAL A 110 70.32 46.44 5.43
C VAL A 110 69.62 45.19 5.23
N ARG A 111 70.33 44.01 5.06
CA ARG A 111 69.77 42.70 4.87
C ARG A 111 68.92 42.33 6.03
N TYR A 112 69.42 42.59 7.29
CA TYR A 112 68.61 42.36 8.48
C TYR A 112 67.28 43.17 8.50
N GLY A 113 67.31 44.48 8.16
CA GLY A 113 66.10 45.25 8.07
C GLY A 113 65.17 44.89 7.04
N LYS A 114 65.74 44.50 5.88
CA LYS A 114 65.04 44.23 4.69
C LYS A 114 64.19 43.06 4.88
N GLN A 115 64.73 42.04 5.49
CA GLN A 115 63.96 40.84 5.88
C GLN A 115 62.86 41.16 6.84
N TYR A 116 63.04 42.02 7.93
CA TYR A 116 61.91 42.42 8.79
C TYR A 116 60.84 43.05 8.03
N MET A 117 61.22 43.92 7.03
CA MET A 117 60.37 44.68 6.25
C MET A 117 59.46 43.92 5.36
N ILE A 118 59.98 42.87 4.67
CA ILE A 118 59.32 41.92 3.81
C ILE A 118 58.43 41.12 4.71
N LEU A 119 58.93 40.70 5.92
CA LEU A 119 58.13 39.94 6.85
C LEU A 119 56.94 40.65 7.26
N THR A 120 56.97 41.94 7.59
CA THR A 120 55.82 42.66 8.04
C THR A 120 54.67 42.69 7.01
N ARG A 121 55.09 42.88 5.75
CA ARG A 121 54.27 42.92 4.58
C ARG A 121 53.62 41.59 4.36
N ALA A 122 54.40 40.52 4.57
CA ALA A 122 53.98 39.18 4.41
C ALA A 122 52.92 38.89 5.35
N TYR A 123 53.11 39.31 6.64
CA TYR A 123 52.07 38.94 7.57
C TYR A 123 50.77 39.59 7.28
N GLU A 124 50.82 40.90 6.81
CA GLU A 124 49.66 41.69 6.38
C GLU A 124 48.99 41.00 5.26
N LYS A 125 49.81 40.35 4.35
CA LYS A 125 49.32 39.63 3.17
C LYS A 125 48.45 38.50 3.54
N TRP A 126 48.90 37.70 4.53
CA TRP A 126 48.21 36.48 4.79
C TRP A 126 47.60 36.66 6.19
N SER A 127 47.02 37.85 6.44
CA SER A 127 46.18 38.21 7.53
C SER A 127 45.32 39.26 7.03
N ASP A 128 44.38 39.64 7.93
CA ASP A 128 43.52 40.82 7.78
C ASP A 128 42.27 40.52 7.06
N THR A 129 42.24 39.68 6.02
CA THR A 129 41.16 39.75 5.06
C THR A 129 41.24 38.51 4.24
N SER A 130 42.26 37.69 4.32
CA SER A 130 42.72 36.77 3.36
C SER A 130 42.17 35.43 3.73
N PHE A 131 42.12 34.64 2.71
CA PHE A 131 41.60 33.30 2.68
C PHE A 131 42.65 32.26 2.63
N GLY A 132 42.34 30.94 2.92
CA GLY A 132 43.30 29.85 2.97
C GLY A 132 43.83 29.92 4.39
N MET A 133 43.30 29.07 5.24
CA MET A 133 43.33 29.00 6.73
C MET A 133 44.66 28.75 7.31
N VAL A 134 45.45 27.85 6.67
CA VAL A 134 46.71 27.35 7.05
C VAL A 134 47.64 28.49 7.02
N LEU A 135 47.53 29.37 6.03
CA LEU A 135 48.33 30.55 5.89
C LEU A 135 48.18 31.57 6.99
N GLN A 136 46.90 31.79 7.32
CA GLN A 136 46.52 32.74 8.30
C GLN A 136 47.08 32.35 9.63
N ARG A 137 47.03 31.02 9.98
CA ARG A 137 47.54 30.49 11.16
C ARG A 137 48.99 30.61 11.25
N PHE A 138 49.68 30.39 10.14
CA PHE A 138 51.06 30.68 10.13
C PHE A 138 51.42 32.12 10.34
N ALA A 139 50.80 33.16 9.67
CA ALA A 139 51.22 34.51 9.88
C ALA A 139 51.04 35.09 11.25
N TYR A 140 49.93 34.85 12.02
CA TYR A 140 49.90 35.31 13.36
C TYR A 140 50.86 34.70 14.30
N GLU A 141 50.98 33.35 14.19
CA GLU A 141 51.90 32.69 15.14
C GLU A 141 53.33 33.12 14.98
N ILE A 142 53.83 33.21 13.73
CA ILE A 142 55.20 33.55 13.40
C ILE A 142 55.41 34.98 13.86
N ARG A 143 54.42 35.82 13.61
CA ARG A 143 54.52 37.23 13.93
C ARG A 143 54.68 37.32 15.44
N ARG A 144 53.93 36.55 16.24
CA ARG A 144 54.09 36.71 17.67
C ARG A 144 55.48 36.39 18.24
N PHE A 145 55.99 35.23 17.72
CA PHE A 145 57.25 34.66 18.25
C PHE A 145 58.44 35.58 17.94
N LEU A 146 58.41 36.05 16.64
CA LEU A 146 59.52 36.91 16.22
C LEU A 146 59.49 38.13 17.05
N GLU A 147 58.33 38.70 17.28
CA GLU A 147 58.13 39.92 17.89
C GLU A 147 58.70 39.91 19.33
N ASP A 148 58.49 38.83 20.12
CA ASP A 148 59.02 38.77 21.47
C ASP A 148 60.52 38.80 21.61
N VAL A 149 61.19 37.99 20.76
CA VAL A 149 62.62 37.88 20.79
C VAL A 149 63.27 39.18 20.44
N TYR A 150 62.81 39.77 19.32
CA TYR A 150 63.43 40.86 18.65
C TYR A 150 63.36 42.05 19.52
N LEU A 151 62.17 42.27 20.12
CA LEU A 151 61.92 43.41 20.95
C LEU A 151 62.83 43.33 22.16
N LYS A 152 62.92 42.17 22.82
CA LYS A 152 63.55 42.05 24.11
C LYS A 152 64.98 42.40 24.01
N THR A 153 65.52 41.76 22.98
CA THR A 153 66.97 41.77 22.78
C THR A 153 67.43 43.23 22.48
N LEU A 154 66.72 43.91 21.53
CA LEU A 154 67.16 45.22 21.07
C LEU A 154 67.07 46.24 22.08
N VAL A 155 65.92 46.26 22.83
CA VAL A 155 65.70 47.29 23.79
C VAL A 155 66.65 47.28 24.97
N GLU A 156 66.97 46.11 25.53
CA GLU A 156 67.89 46.05 26.62
C GLU A 156 69.25 46.50 26.23
N ARG A 157 69.77 46.08 25.02
CA ARG A 157 71.05 46.37 24.49
C ARG A 157 71.22 47.88 24.22
N LEU A 158 70.10 48.49 23.60
CA LEU A 158 70.13 49.92 23.15
C LEU A 158 70.26 50.84 24.27
N GLU A 159 69.46 50.55 25.34
CA GLU A 159 69.46 51.33 26.50
C GLU A 159 70.81 51.24 27.20
N ARG A 160 71.44 50.02 27.23
CA ARG A 160 72.68 49.81 27.86
C ARG A 160 73.72 50.65 27.16
N ASP A 161 73.72 50.71 25.79
CA ASP A 161 74.69 51.37 25.00
C ASP A 161 74.62 52.82 25.26
N PHE A 162 73.35 53.43 25.36
CA PHE A 162 73.25 54.86 25.65
C PHE A 162 73.75 55.21 27.08
N ASN A 163 73.30 54.38 28.03
CA ASN A 163 73.46 54.54 29.53
C ASN A 163 74.89 54.54 29.94
N LYS A 164 75.74 53.59 29.45
CA LYS A 164 77.09 53.57 29.97
C LYS A 164 77.81 54.82 29.60
N VAL A 165 77.78 55.11 28.37
CA VAL A 165 78.36 56.25 27.75
C VAL A 165 77.53 56.34 26.51
N PRO A 166 76.95 57.45 25.93
CA PRO A 166 76.16 57.51 24.70
C PRO A 166 77.01 56.81 23.64
N ASN A 167 76.45 55.68 23.14
CA ASN A 167 77.11 54.75 22.22
C ASN A 167 77.98 53.75 22.96
N PHE A 168 77.92 52.53 22.49
CA PHE A 168 78.81 51.37 22.68
C PHE A 168 78.65 50.51 21.33
N SER A 169 79.61 49.64 21.06
CA SER A 169 79.67 48.95 19.75
C SER A 169 78.53 48.01 19.50
N ILE A 170 78.13 48.00 18.24
CA ILE A 170 77.09 47.18 17.55
C ILE A 170 77.34 45.72 17.55
N ARG A 171 78.64 45.33 17.46
CA ARG A 171 79.05 43.98 17.14
C ARG A 171 78.59 42.85 17.92
N GLU A 172 78.66 43.00 19.26
CA GLU A 172 78.19 41.95 20.15
C GLU A 172 76.72 41.75 20.03
N LEU A 173 75.88 42.86 19.94
CA LEU A 173 74.43 42.91 19.88
C LEU A 173 74.07 42.20 18.60
N GLU A 174 74.85 42.55 17.54
CA GLU A 174 74.65 42.17 16.24
C GLU A 174 74.79 40.71 16.18
N GLN A 175 75.77 40.12 16.89
CA GLN A 175 75.98 38.66 16.80
C GLN A 175 74.83 37.87 17.38
N ILE A 176 74.34 38.30 18.57
CA ILE A 176 73.32 37.54 19.28
C ILE A 176 72.10 37.54 18.45
N ILE A 177 71.67 38.74 17.92
CA ILE A 177 70.47 38.85 17.19
C ILE A 177 70.53 38.02 15.98
N ASN A 178 71.77 37.99 15.31
CA ASN A 178 72.04 37.27 14.13
C ASN A 178 71.84 35.79 14.22
N GLU A 179 72.21 35.02 15.26
CA GLU A 179 71.94 33.59 15.18
C GLU A 179 70.46 33.31 15.11
N THR A 180 69.79 34.03 16.08
CA THR A 180 68.43 33.61 16.28
C THR A 180 67.56 33.85 15.05
N GLU A 181 67.71 35.08 14.54
CA GLU A 181 66.93 35.65 13.48
C GLU A 181 67.11 34.78 12.25
N VAL A 182 68.43 34.50 11.95
CA VAL A 182 68.91 34.10 10.67
C VAL A 182 68.18 32.87 10.33
N ASN A 183 68.21 31.87 11.28
CA ASN A 183 67.73 30.57 10.77
C ASN A 183 66.25 30.65 10.42
N LYS A 184 65.49 31.19 11.50
CA LYS A 184 64.06 30.95 11.50
C LYS A 184 63.44 31.65 10.33
N GLN A 185 63.79 32.94 10.30
CA GLN A 185 63.15 33.91 9.63
C GLN A 185 63.37 33.68 8.18
N MET A 186 64.63 33.34 7.79
CA MET A 186 65.10 33.39 6.38
C MET A 186 64.35 32.38 5.57
N GLU A 187 64.26 31.17 6.21
CA GLU A 187 63.75 30.01 5.48
C GLU A 187 62.27 30.12 5.16
N LEU A 188 61.55 30.60 6.17
CA LEU A 188 60.12 30.70 6.16
C LEU A 188 59.76 31.69 5.15
N LEU A 189 60.49 32.83 5.22
CA LEU A 189 60.12 34.01 4.29
C LEU A 189 60.34 33.59 2.88
N TYR A 190 61.48 32.88 2.63
CA TYR A 190 61.74 32.50 1.27
C TYR A 190 60.77 31.56 0.64
N ASN A 191 60.33 30.47 1.36
CA ASN A 191 59.50 29.37 0.81
C ASN A 191 58.19 29.91 0.37
N ILE A 192 57.75 30.74 1.31
CA ILE A 192 56.50 31.46 1.05
C ILE A 192 56.55 32.45 -0.06
N TYR A 193 57.60 33.21 -0.18
CA TYR A 193 57.70 34.24 -1.20
C TYR A 193 57.66 33.63 -2.59
N GLU A 194 58.39 32.47 -2.76
CA GLU A 194 58.45 31.74 -4.00
C GLU A 194 57.11 31.22 -4.37
N GLU A 195 56.41 30.77 -3.31
CA GLU A 195 55.09 30.22 -3.46
C GLU A 195 54.15 31.22 -3.95
N ILE A 196 54.17 32.51 -3.47
CA ILE A 196 53.31 33.54 -3.93
C ILE A 196 53.54 33.85 -5.35
N PHE A 197 54.83 33.90 -5.79
CA PHE A 197 55.12 34.18 -7.22
C PHE A 197 54.55 33.15 -8.06
N ARG A 198 54.68 31.89 -7.70
CA ARG A 198 54.08 30.78 -8.38
C ARG A 198 52.59 30.82 -8.34
N GLU A 199 51.99 31.17 -7.18
CA GLU A 199 50.54 31.18 -7.20
C GLU A 199 49.89 32.17 -8.17
N ILE A 200 50.50 33.37 -8.21
CA ILE A 200 49.91 34.42 -9.03
C ILE A 200 50.05 33.90 -10.52
N GLU A 201 51.22 33.30 -10.85
CA GLU A 201 51.38 32.75 -12.19
C GLU A 201 50.48 31.62 -12.56
N GLU A 202 50.20 30.66 -11.63
CA GLU A 202 49.39 29.53 -11.88
C GLU A 202 47.98 29.95 -12.20
N ARG A 203 47.49 30.97 -11.45
CA ARG A 203 46.18 31.56 -11.64
C ARG A 203 46.03 32.26 -12.97
N ARG A 204 47.12 32.97 -13.38
CA ARG A 204 47.32 33.59 -14.63
C ARG A 204 47.37 32.65 -15.79
N THR A 205 48.03 31.52 -15.65
CA THR A 205 48.08 30.53 -16.70
C THR A 205 46.70 29.94 -16.87
N LYS A 243 44.42 27.69 -3.88
CA LYS A 243 44.80 26.23 -4.07
C LYS A 243 45.32 25.75 -2.75
N GLY A 244 44.39 25.60 -1.71
CA GLY A 244 44.75 25.36 -0.31
C GLY A 244 45.49 24.05 -0.07
N GLY A 245 44.91 22.91 -0.59
CA GLY A 245 45.32 21.57 -0.28
C GLY A 245 46.66 21.43 -0.83
N ALA A 246 46.98 22.07 -2.06
CA ALA A 246 48.24 21.99 -2.67
C ALA A 246 49.32 22.56 -1.80
N ILE A 247 49.04 23.75 -1.09
CA ILE A 247 50.01 24.45 -0.26
C ILE A 247 50.47 23.65 0.92
N LEU A 248 49.49 22.96 1.54
CA LEU A 248 49.84 22.14 2.69
C LEU A 248 50.76 21.02 2.41
N LYS A 249 50.49 20.41 1.22
CA LYS A 249 51.22 19.31 0.72
C LYS A 249 52.62 19.72 0.43
N ILE A 250 52.77 20.94 -0.18
CA ILE A 250 54.03 21.57 -0.51
C ILE A 250 54.83 21.84 0.72
N PHE A 251 54.21 22.36 1.86
CA PHE A 251 54.92 22.72 3.04
C PHE A 251 55.53 21.54 3.67
N GLN A 252 54.81 20.45 3.70
CA GLN A 252 55.33 19.25 4.28
C GLN A 252 56.53 18.80 3.41
N GLN A 253 56.43 18.91 2.10
CA GLN A 253 57.48 18.55 1.24
C GLN A 253 58.68 19.39 1.46
N LYS A 254 58.46 20.73 1.65
CA LYS A 254 59.55 21.68 1.86
C LYS A 254 60.28 21.40 3.12
N ILE A 255 59.55 21.03 4.18
CA ILE A 255 60.09 20.70 5.50
C ILE A 255 60.92 19.50 5.41
N LEU A 256 60.56 18.50 4.66
CA LEU A 256 61.40 17.35 4.48
C LEU A 256 62.74 17.69 3.77
N GLU A 257 62.74 18.57 2.78
CA GLU A 257 63.99 19.06 2.08
C GLU A 257 64.84 19.87 3.01
N ASN A 258 64.19 20.66 3.95
CA ASN A 258 64.87 21.44 4.95
C ASN A 258 65.69 20.58 5.89
N LEU A 259 65.22 19.32 6.13
CA LEU A 259 65.77 18.41 7.09
C LEU A 259 67.27 18.53 7.39
N GLY A 260 67.65 18.79 8.61
CA GLY A 260 68.94 19.10 9.08
C GLY A 260 68.95 20.58 9.32
N ASP A 261 69.89 21.12 10.10
CA ASP A 261 69.80 22.44 10.75
C ASP A 261 68.73 22.32 11.70
N ARG A 262 68.90 21.30 12.59
CA ARG A 262 67.82 20.60 13.29
C ARG A 262 66.87 21.59 13.92
N SER A 263 67.36 22.70 14.47
CA SER A 263 66.76 23.75 15.24
C SER A 263 65.67 24.35 14.36
N SER A 264 66.08 24.72 13.10
CA SER A 264 65.19 25.36 12.17
C SER A 264 64.13 24.32 11.88
N VAL A 265 64.53 23.13 11.51
CA VAL A 265 63.54 22.06 11.07
C VAL A 265 62.53 21.80 12.21
N MET A 266 63.10 21.73 13.45
CA MET A 266 62.34 21.44 14.63
C MET A 266 61.33 22.55 14.85
N PHE A 267 61.71 23.85 14.69
CA PHE A 267 60.84 25.08 14.84
C PHE A 267 59.74 24.99 13.86
N LEU A 268 60.05 24.69 12.56
CA LEU A 268 59.01 24.59 11.52
C LEU A 268 58.03 23.51 11.73
N LYS A 269 58.55 22.33 12.25
CA LYS A 269 57.73 21.20 12.63
C LYS A 269 56.78 21.67 13.70
N LYS A 270 57.28 22.44 14.65
CA LYS A 270 56.38 22.89 15.78
C LYS A 270 55.22 23.77 15.22
N LEU A 271 55.50 24.66 14.26
CA LEU A 271 54.42 25.44 13.67
C LEU A 271 53.37 24.68 12.86
N LEU A 272 53.97 23.61 12.12
CA LEU A 272 53.29 22.68 11.26
C LEU A 272 52.38 21.92 12.10
N ASN A 273 52.78 21.50 13.29
CA ASN A 273 52.15 20.70 14.28
C ASN A 273 50.85 21.39 14.72
N ASN A 274 50.93 22.78 15.00
CA ASN A 274 49.70 23.50 15.38
C ASN A 274 48.75 23.60 14.31
N ILE A 275 49.22 23.67 13.06
CA ILE A 275 48.26 23.44 11.93
C ILE A 275 47.72 22.08 11.83
N SER A 276 48.66 21.09 12.07
CA SER A 276 48.27 19.69 11.80
C SER A 276 47.20 19.18 12.71
N GLN A 277 47.08 19.78 13.91
CA GLN A 277 46.05 19.34 14.80
C GLN A 277 44.64 19.52 14.24
N ASP A 278 44.41 20.64 13.52
CA ASP A 278 43.18 20.86 12.81
C ASP A 278 42.97 19.90 11.72
N TYR A 279 44.05 19.51 10.96
CA TYR A 279 44.04 18.58 9.85
C TYR A 279 43.67 17.26 10.42
N CYS A 280 44.31 16.89 11.55
CA CYS A 280 44.14 15.63 12.20
C CYS A 280 42.65 15.51 12.65
N THR A 281 42.09 16.67 13.10
CA THR A 281 40.73 16.80 13.54
C THR A 281 39.81 16.55 12.46
N MET A 282 40.00 17.14 11.30
CA MET A 282 39.18 17.00 10.18
C MET A 282 39.15 15.67 9.66
N LEU A 283 40.35 15.10 9.69
CA LEU A 283 40.57 13.74 9.19
C LEU A 283 39.78 12.79 10.06
N TYR A 284 39.85 12.95 11.38
CA TYR A 284 39.16 12.09 12.36
C TYR A 284 37.70 12.26 12.26
N GLU A 285 37.22 13.45 12.06
CA GLU A 285 35.80 13.85 11.97
C GLU A 285 35.18 13.16 10.81
N TRP A 286 35.95 13.11 9.64
CA TRP A 286 35.60 12.43 8.39
C TRP A 286 35.57 10.94 8.66
N LEU A 287 36.66 10.36 9.14
CA LEU A 287 36.73 8.96 9.33
C LEU A 287 35.84 8.45 10.41
N THR A 288 35.69 9.20 11.55
CA THR A 288 34.87 8.71 12.63
C THR A 288 33.43 8.98 12.53
N GLN A 289 32.99 10.11 11.91
CA GLN A 289 31.58 10.41 11.90
C GLN A 289 31.30 10.80 10.49
N GLY A 290 32.14 10.57 9.42
CA GLY A 290 31.63 10.86 8.07
C GLY A 290 31.15 12.28 7.88
N ILE A 291 31.97 13.23 8.30
CA ILE A 291 31.53 14.55 8.16
C ILE A 291 32.83 15.27 7.99
N LEU A 292 32.86 16.28 7.09
CA LEU A 292 34.06 17.11 6.91
C LEU A 292 33.78 18.17 5.90
N ASN A 293 34.04 19.42 6.42
CA ASN A 293 33.75 20.57 5.57
C ASN A 293 34.76 21.61 5.85
N ASP A 294 34.92 22.52 4.83
CA ASP A 294 35.90 23.66 4.91
C ASP A 294 35.18 24.81 4.33
N PRO A 295 35.11 25.98 5.03
CA PRO A 295 34.27 27.09 4.62
C PRO A 295 35.00 27.85 3.55
N TYR A 296 36.30 27.67 3.49
CA TYR A 296 37.13 28.23 2.49
C TYR A 296 37.40 27.27 1.39
N GLN A 297 36.80 26.13 1.45
CA GLN A 297 36.85 25.01 0.53
C GLN A 297 38.20 24.69 -0.03
N GLU A 298 39.14 24.38 0.94
CA GLU A 298 40.52 24.09 0.78
C GLU A 298 40.59 22.54 0.64
N PHE A 299 39.37 21.91 0.56
CA PHE A 299 39.14 20.42 0.56
C PHE A 299 38.90 20.27 -0.89
N MET A 300 39.41 19.14 -1.47
CA MET A 300 39.45 18.83 -2.91
C MET A 300 38.07 18.35 -3.37
N THR A 301 37.41 17.63 -2.42
CA THR A 301 36.10 17.02 -2.82
C THR A 301 35.13 17.93 -2.26
N TYR A 302 34.15 18.28 -3.06
CA TYR A 302 33.20 19.28 -2.74
C TYR A 302 31.89 18.59 -3.05
N ASP A 303 30.83 18.97 -2.29
CA ASP A 303 29.52 18.35 -2.23
C ASP A 303 28.83 18.80 -3.44
N ASP A 304 27.77 18.02 -3.83
CA ASP A 304 26.92 18.17 -5.04
C ASP A 304 27.80 17.81 -6.22
N TRP A 320 17.45 15.33 -0.16
CA TRP A 320 17.18 14.22 -1.08
C TRP A 320 18.36 13.27 -1.03
N ASP A 321 19.37 13.42 -1.91
CA ASP A 321 20.61 12.77 -1.91
C ASP A 321 21.53 13.67 -2.63
N THR A 322 22.85 13.32 -2.63
CA THR A 322 23.81 14.23 -3.28
C THR A 322 24.98 13.31 -3.58
N GLN A 323 25.85 13.64 -4.68
CA GLN A 323 27.17 13.08 -4.83
C GLN A 323 28.15 14.22 -4.48
N TYR A 324 29.42 13.91 -4.78
CA TYR A 324 30.52 14.75 -4.49
C TYR A 324 31.40 14.59 -5.73
N PHE A 325 32.29 15.53 -5.94
CA PHE A 325 33.17 15.48 -7.07
C PHE A 325 34.35 16.32 -6.70
N ILE A 326 35.28 16.24 -7.63
CA ILE A 326 36.55 16.87 -7.47
C ILE A 326 36.53 18.20 -8.22
N ARG A 327 37.08 19.19 -7.55
CA ARG A 327 37.26 20.53 -8.13
C ARG A 327 38.68 20.56 -8.57
N LYS A 328 38.93 20.57 -9.97
CA LYS A 328 40.27 20.21 -10.51
C LYS A 328 41.37 21.26 -10.16
N ASP A 329 40.86 22.51 -10.12
CA ASP A 329 41.68 23.73 -9.96
C ASP A 329 42.49 23.72 -8.70
N VAL A 330 41.90 23.29 -7.49
CA VAL A 330 42.62 23.29 -6.23
C VAL A 330 43.70 22.29 -5.94
N LEU A 331 43.64 21.14 -6.69
CA LEU A 331 44.61 20.07 -6.70
C LEU A 331 44.92 19.44 -5.35
N LEU A 332 44.88 18.08 -5.31
CA LEU A 332 45.33 17.24 -4.25
C LEU A 332 46.50 16.57 -4.87
N ARG A 333 47.69 17.08 -4.41
CA ARG A 333 48.95 16.90 -5.18
C ARG A 333 49.42 15.51 -5.34
N ASP A 334 49.19 14.73 -4.26
CA ASP A 334 49.85 13.45 -3.96
C ASP A 334 49.64 12.29 -4.97
N CYS A 335 48.50 12.12 -5.62
CA CYS A 335 48.13 10.96 -6.31
C CYS A 335 48.06 10.89 -7.81
N ASP A 336 48.94 11.61 -8.55
CA ASP A 336 48.95 11.33 -10.01
C ASP A 336 49.68 10.06 -10.21
N SER A 337 48.97 9.19 -11.04
CA SER A 337 49.28 7.84 -11.36
C SER A 337 48.02 7.07 -11.03
N GLU A 338 47.77 5.91 -11.65
CA GLU A 338 46.67 4.99 -11.38
C GLU A 338 46.82 4.46 -10.05
N GLU A 339 48.00 3.92 -9.65
CA GLU A 339 48.27 3.24 -8.38
C GLU A 339 48.18 4.27 -7.28
N ASP A 340 48.68 5.54 -7.41
CA ASP A 340 48.53 6.53 -6.35
C ASP A 340 47.10 6.85 -6.16
N LYS A 341 46.31 6.99 -7.22
CA LYS A 341 44.90 7.28 -7.26
C LYS A 341 44.12 6.17 -6.64
N ASN A 342 44.50 4.87 -6.86
CA ASN A 342 43.81 3.71 -6.36
C ASN A 342 43.87 3.63 -4.88
N LEU A 343 45.00 4.02 -4.24
CA LEU A 343 45.02 4.12 -2.80
C LEU A 343 44.14 5.12 -2.29
N LEU A 344 44.15 6.25 -2.98
CA LEU A 344 43.34 7.38 -2.57
C LEU A 344 41.83 7.06 -2.60
N PHE A 345 41.39 6.33 -3.60
CA PHE A 345 40.01 5.92 -3.82
C PHE A 345 39.59 5.03 -2.74
N LYS A 346 40.50 4.10 -2.29
CA LYS A 346 40.15 3.19 -1.18
C LYS A 346 39.90 4.00 0.00
N MET A 347 40.70 5.09 0.25
CA MET A 347 40.49 5.95 1.35
C MET A 347 39.17 6.68 1.18
N LEU A 348 38.85 7.13 -0.06
CA LEU A 348 37.65 7.82 -0.36
C LEU A 348 36.34 7.05 -0.18
N ARG A 349 36.35 5.78 -0.60
CA ARG A 349 35.28 4.82 -0.50
C ARG A 349 34.99 4.62 0.98
N THR A 350 35.99 4.49 1.86
CA THR A 350 35.72 4.39 3.25
C THR A 350 35.06 5.68 3.80
N GLY A 351 35.48 6.90 3.40
CA GLY A 351 34.82 8.11 3.87
C GLY A 351 33.38 8.23 3.37
N ILE A 352 33.05 7.90 2.09
CA ILE A 352 31.76 8.00 1.51
C ILE A 352 30.80 7.01 2.28
N LEU A 353 31.25 5.80 2.59
CA LEU A 353 30.47 4.89 3.35
C LEU A 353 30.13 5.44 4.73
N LEU A 354 31.11 6.09 5.43
CA LEU A 354 30.93 6.63 6.74
C LEU A 354 29.96 7.74 6.73
N LYS A 355 29.96 8.63 5.68
CA LYS A 355 29.01 9.76 5.45
C LYS A 355 27.65 9.19 5.26
N VAL A 356 27.56 8.06 4.61
CA VAL A 356 26.28 7.41 4.40
C VAL A 356 25.67 6.95 5.71
N VAL A 357 26.51 6.50 6.65
CA VAL A 357 26.20 6.10 8.07
C VAL A 357 25.74 7.34 8.85
N ARG A 358 26.41 8.49 8.50
CA ARG A 358 26.10 9.74 9.06
C ARG A 358 24.66 10.15 8.64
N ALA A 359 24.22 9.79 7.38
CA ALA A 359 22.89 10.05 6.85
C ALA A 359 21.83 9.35 7.74
N SER A 360 22.20 8.20 8.26
CA SER A 360 21.41 7.30 9.11
C SER A 360 20.95 7.81 10.41
N LEU A 361 21.12 9.10 10.65
CA LEU A 361 20.99 9.88 11.90
C LEU A 361 19.56 10.03 12.23
N GLN A 362 18.71 9.31 11.41
CA GLN A 362 17.28 9.06 11.63
C GLN A 362 17.12 8.42 13.00
N ILE A 363 18.06 7.51 13.26
CA ILE A 363 18.27 6.92 14.54
C ILE A 363 19.61 7.59 14.88
N PRO A 364 19.84 8.55 15.77
CA PRO A 364 21.07 9.31 15.96
C PRO A 364 22.29 8.46 15.93
N THR A 365 23.37 8.91 15.31
CA THR A 365 24.55 8.09 15.08
C THR A 365 25.58 8.84 15.86
N ILE A 366 26.20 8.18 16.88
CA ILE A 366 27.24 8.85 17.64
C ILE A 366 28.08 7.61 18.04
N PRO A 367 29.32 7.44 17.79
CA PRO A 367 30.12 6.24 18.06
C PRO A 367 30.21 5.94 19.54
N SER A 368 29.84 4.71 19.90
CA SER A 368 29.60 4.31 21.28
C SER A 368 29.53 2.81 21.17
N ASN A 369 29.64 2.11 22.35
CA ASN A 369 29.48 0.68 22.54
C ASN A 369 30.72 -0.01 22.07
N SER A 370 31.12 0.33 20.73
CA SER A 370 32.26 -0.23 20.12
C SER A 370 33.35 0.75 20.37
N SER A 371 34.57 0.23 20.44
CA SER A 371 35.72 1.03 20.67
C SER A 371 36.36 1.17 19.25
N ASP A 372 36.84 2.40 19.05
CA ASP A 372 37.55 2.80 17.93
C ASP A 372 38.19 4.05 18.44
N ILE A 373 37.93 4.40 19.71
CA ILE A 373 38.32 5.63 20.32
C ILE A 373 39.84 5.71 20.48
N THR A 374 40.54 4.62 20.90
CA THR A 374 41.94 4.71 21.11
C THR A 374 42.68 5.09 19.84
N ILE A 375 42.28 4.51 18.70
CA ILE A 375 42.83 4.85 17.42
C ILE A 375 42.58 6.25 16.97
N GLN A 376 41.41 6.77 17.13
CA GLN A 376 41.01 8.11 16.81
C GLN A 376 41.76 9.17 17.59
N GLU A 377 41.97 8.92 18.89
CA GLU A 377 42.71 9.75 19.79
C GLU A 377 44.18 9.79 19.36
N ILE A 378 44.67 8.58 18.95
CA ILE A 378 46.02 8.38 18.48
C ILE A 378 46.43 9.09 17.15
N ASN A 379 45.48 9.04 16.17
CA ASN A 379 45.52 9.75 14.90
C ASN A 379 45.52 11.25 15.09
N ASP A 380 44.73 11.73 16.00
CA ASP A 380 44.55 13.10 16.24
C ASP A 380 45.81 13.72 16.70
N PHE A 381 46.58 13.07 17.55
CA PHE A 381 47.90 13.34 18.11
C PHE A 381 49.00 13.33 17.10
N ALA A 382 48.84 12.47 16.03
CA ALA A 382 49.92 11.93 15.23
C ALA A 382 50.87 12.84 14.58
N ASP A 383 50.33 13.87 13.89
CA ASP A 383 51.06 14.90 13.19
C ASP A 383 52.08 14.31 12.22
N LEU A 384 51.81 13.22 11.45
CA LEU A 384 52.73 12.63 10.58
C LEU A 384 51.91 11.99 9.49
N MET A 385 52.51 11.72 8.37
CA MET A 385 52.00 11.06 7.18
C MET A 385 52.75 9.83 7.32
N GLU A 386 52.03 8.68 7.36
CA GLU A 386 52.65 7.44 7.46
C GLU A 386 52.04 6.69 6.38
N GLY A 387 50.69 6.63 6.37
CA GLY A 387 49.94 5.93 5.33
C GLY A 387 49.83 4.47 5.66
N SER A 388 50.48 4.13 6.82
CA SER A 388 50.41 2.89 7.50
C SER A 388 49.43 3.08 8.63
N ASN A 389 49.81 4.07 9.41
CA ASN A 389 49.14 4.49 10.64
C ASN A 389 47.77 5.04 10.32
N LEU A 390 47.65 5.76 9.16
CA LEU A 390 46.52 6.37 8.57
C LEU A 390 45.64 5.31 8.00
N GLU A 391 46.24 4.27 7.35
CA GLU A 391 45.53 3.15 6.77
C GLU A 391 44.87 2.34 7.88
N LEU A 392 45.63 2.24 9.02
CA LEU A 392 45.20 1.44 10.22
C LEU A 392 43.87 2.00 10.75
N TYR A 393 43.80 3.37 10.80
CA TYR A 393 42.60 4.11 11.15
C TYR A 393 41.48 3.87 10.17
N VAL A 394 41.79 3.89 8.83
CA VAL A 394 40.76 3.74 7.77
C VAL A 394 40.14 2.35 7.92
N ASP A 395 40.96 1.34 8.11
CA ASP A 395 40.58 -0.01 8.31
C ASP A 395 39.76 -0.17 9.60
N LYS A 396 40.05 0.49 10.69
CA LYS A 396 39.36 0.42 11.91
C LYS A 396 38.00 0.98 11.75
N CYS A 397 37.84 2.12 11.09
CA CYS A 397 36.58 2.80 10.76
C CYS A 397 35.74 1.98 9.86
N TYR A 398 36.38 1.30 8.86
CA TYR A 398 35.75 0.50 7.80
C TYR A 398 35.08 -0.61 8.49
N SER A 399 35.78 -1.27 9.38
CA SER A 399 35.32 -2.44 10.13
C SER A 399 34.09 -1.92 10.94
N ARG A 400 34.07 -0.75 11.57
CA ARG A 400 32.83 -0.29 12.24
C ARG A 400 31.71 -0.12 11.24
N ALA A 401 32.02 0.42 10.08
CA ALA A 401 31.07 0.72 9.06
C ALA A 401 30.39 -0.51 8.56
N ASN A 402 31.15 -1.61 8.37
CA ASN A 402 30.69 -2.93 7.93
C ASN A 402 29.73 -3.57 8.94
N GLU A 403 30.21 -3.53 10.21
CA GLU A 403 29.45 -4.10 11.26
C GLU A 403 28.17 -3.36 11.46
N ILE A 404 28.19 -1.99 11.39
CA ILE A 404 27.06 -1.15 11.51
C ILE A 404 26.09 -1.36 10.38
N PHE A 405 26.54 -1.64 9.20
CA PHE A 405 25.72 -2.02 8.10
C PHE A 405 24.94 -3.20 8.37
N LEU A 406 25.57 -4.29 8.82
CA LEU A 406 24.81 -5.55 8.99
C LEU A 406 23.69 -5.37 9.97
N LYS A 407 24.03 -4.74 11.08
CA LYS A 407 23.10 -4.37 12.15
C LYS A 407 21.98 -3.41 11.71
N LEU A 408 22.31 -2.37 10.88
CA LEU A 408 21.48 -1.34 10.43
C LEU A 408 20.32 -1.88 9.63
N PHE A 409 20.73 -2.78 8.69
CA PHE A 409 19.96 -3.48 7.70
C PHE A 409 19.16 -4.43 8.46
N PHE A 410 19.71 -5.30 9.30
CA PHE A 410 19.08 -6.43 9.94
C PHE A 410 18.09 -6.03 10.91
N GLN A 411 18.42 -5.10 11.80
CA GLN A 411 17.51 -4.74 12.82
C GLN A 411 16.94 -3.40 12.37
N GLY A 412 15.59 -3.45 12.51
CA GLY A 412 14.67 -2.33 12.24
C GLY A 412 14.54 -2.04 10.73
N TYR A 413 15.08 -2.89 9.86
CA TYR A 413 14.77 -2.68 8.45
C TYR A 413 14.68 -4.07 7.67
N ASP A 414 15.05 -5.14 8.41
CA ASP A 414 15.03 -6.58 8.02
C ASP A 414 15.54 -6.88 6.58
N LEU A 415 16.87 -7.04 6.34
CA LEU A 415 17.59 -7.35 5.12
C LEU A 415 17.25 -8.62 4.52
N ILE A 416 17.08 -9.71 5.31
CA ILE A 416 16.87 -11.05 4.84
C ILE A 416 15.67 -11.10 3.98
N ASN A 417 14.64 -10.41 4.42
CA ASN A 417 13.45 -10.28 3.65
C ASN A 417 13.61 -9.48 2.40
N VAL A 418 14.38 -8.40 2.40
CA VAL A 418 14.54 -7.61 1.22
C VAL A 418 15.28 -8.50 0.15
N LEU A 419 16.29 -9.32 0.58
CA LEU A 419 17.00 -10.19 -0.31
C LEU A 419 16.09 -11.25 -1.00
N LYS A 420 15.20 -11.82 -0.18
CA LYS A 420 14.12 -12.70 -0.67
C LYS A 420 13.25 -11.96 -1.69
N HIS A 421 12.83 -10.66 -1.48
CA HIS A 421 11.95 -9.91 -2.38
C HIS A 421 12.59 -9.67 -3.73
N LEU A 422 13.87 -9.44 -3.78
CA LEU A 422 14.71 -9.22 -4.99
C LEU A 422 14.68 -10.45 -5.84
N GLN A 423 14.83 -11.64 -5.16
CA GLN A 423 14.81 -13.02 -5.69
C GLN A 423 13.44 -13.30 -6.25
N GLN A 424 12.40 -12.77 -5.57
CA GLN A 424 11.07 -13.02 -5.94
C GLN A 424 10.62 -12.48 -7.27
N ILE A 425 11.07 -11.27 -7.57
CA ILE A 425 10.94 -10.84 -8.94
C ILE A 425 12.08 -11.17 -9.85
N PHE A 426 13.35 -10.75 -9.56
CA PHE A 426 14.38 -10.92 -10.55
C PHE A 426 14.78 -12.31 -10.76
N LEU A 427 14.95 -13.12 -9.63
CA LEU A 427 15.52 -14.41 -9.65
C LEU A 427 14.67 -15.46 -10.32
N GLY A 428 13.47 -15.08 -10.82
CA GLY A 428 12.75 -15.98 -11.63
C GLY A 428 11.33 -15.84 -11.27
N TYR A 429 10.65 -17.02 -11.44
CA TYR A 429 9.24 -17.29 -11.30
C TYR A 429 9.06 -18.07 -10.07
N GLN A 430 9.27 -17.37 -8.97
CA GLN A 430 8.98 -17.78 -7.64
C GLN A 430 7.67 -17.09 -7.21
N SER A 431 6.96 -16.52 -8.19
CA SER A 431 5.72 -15.85 -8.05
C SER A 431 5.04 -15.98 -9.38
N GLY A 432 5.49 -16.97 -10.19
CA GLY A 432 5.20 -17.20 -11.59
C GLY A 432 3.74 -17.52 -11.92
N HIS A 433 2.99 -18.21 -11.02
CA HIS A 433 1.56 -18.63 -11.22
C HIS A 433 0.68 -17.47 -11.41
N ASN A 434 0.88 -16.38 -10.58
CA ASN A 434 0.28 -15.05 -10.71
C ASN A 434 0.59 -14.33 -11.98
N VAL A 435 1.85 -14.42 -12.39
CA VAL A 435 2.31 -13.81 -13.62
C VAL A 435 1.69 -14.41 -14.88
N LEU A 436 1.56 -15.70 -14.91
CA LEU A 436 1.05 -16.52 -15.94
C LEU A 436 -0.42 -16.20 -16.21
N LYS A 437 -1.26 -16.15 -15.18
CA LYS A 437 -2.64 -15.76 -15.36
C LYS A 437 -2.75 -14.22 -15.69
N PHE A 438 -1.84 -13.39 -15.22
CA PHE A 438 -1.78 -11.95 -15.50
C PHE A 438 -1.70 -11.81 -17.01
N LEU A 439 -0.75 -12.63 -17.63
CA LEU A 439 -0.45 -12.71 -19.02
C LEU A 439 -1.64 -13.17 -19.83
N THR A 440 -2.43 -14.16 -19.27
CA THR A 440 -3.61 -14.76 -19.88
C THR A 440 -4.67 -13.65 -20.01
N LYS A 441 -4.85 -12.87 -18.90
CA LYS A 441 -5.89 -11.84 -18.93
C LYS A 441 -5.52 -10.76 -19.91
N ASN A 442 -4.21 -10.33 -19.91
CA ASN A 442 -3.64 -9.26 -20.73
C ASN A 442 -3.49 -9.83 -22.18
N MET A 443 -3.50 -11.14 -22.46
CA MET A 443 -3.08 -11.75 -23.68
C MET A 443 -3.74 -11.19 -24.89
N GLY A 444 -5.10 -10.94 -24.86
CA GLY A 444 -5.91 -10.42 -25.97
C GLY A 444 -5.42 -9.03 -26.36
N GLU A 445 -5.12 -8.19 -25.39
CA GLU A 445 -4.72 -6.75 -25.61
C GLU A 445 -3.37 -6.78 -26.23
N LEU A 446 -2.47 -7.72 -25.81
CA LEU A 446 -1.07 -7.87 -26.16
C LEU A 446 -0.84 -8.43 -27.52
N THR A 447 -1.73 -9.28 -28.00
CA THR A 447 -1.65 -9.95 -29.31
C THR A 447 -1.60 -9.00 -30.48
N LYS A 448 -2.36 -7.91 -30.40
CA LYS A 448 -2.31 -6.74 -31.31
C LYS A 448 -1.06 -6.00 -31.15
N HIS A 449 -0.85 -5.07 -32.18
CA HIS A 449 0.33 -4.19 -32.28
C HIS A 449 -0.03 -2.93 -31.52
N TYR A 450 0.92 -2.02 -31.30
CA TYR A 450 0.80 -0.81 -30.57
C TYR A 450 -0.42 -0.03 -30.92
N ARG A 451 -1.29 0.21 -29.91
CA ARG A 451 -2.41 0.96 -30.01
C ARG A 451 -2.57 1.77 -28.83
N ASN A 452 -3.18 2.96 -28.88
CA ASN A 452 -3.33 3.90 -27.79
C ASN A 452 -4.13 3.45 -26.51
N ASP A 453 -5.21 2.69 -26.75
CA ASP A 453 -6.08 2.28 -25.67
C ASP A 453 -5.39 1.23 -24.78
N ASN A 454 -4.46 0.44 -25.34
CA ASN A 454 -3.80 -0.63 -24.70
C ASN A 454 -3.11 -0.29 -23.41
N ASN A 455 -2.36 0.88 -23.34
CA ASN A 455 -1.60 1.32 -22.12
C ASN A 455 -2.50 1.48 -20.96
N ALA A 456 -3.66 2.09 -21.16
CA ALA A 456 -4.76 2.35 -20.21
C ALA A 456 -5.39 1.03 -19.73
N ASN A 457 -5.69 0.03 -20.64
CA ASN A 457 -6.34 -1.22 -20.25
C ASN A 457 -5.38 -2.00 -19.37
N TYR A 458 -4.03 -1.96 -19.72
CA TYR A 458 -2.97 -2.62 -19.00
C TYR A 458 -2.85 -2.07 -17.68
N ASP A 459 -2.96 -0.75 -17.52
CA ASP A 459 -2.80 -0.12 -16.24
C ASP A 459 -3.89 -0.52 -15.32
N LYS A 460 -5.13 -0.62 -15.83
CA LYS A 460 -6.23 -1.05 -14.92
C LYS A 460 -5.99 -2.50 -14.44
N LEU A 461 -5.56 -3.40 -15.34
CA LEU A 461 -5.27 -4.78 -15.02
C LEU A 461 -4.11 -4.75 -14.01
N LEU A 462 -3.10 -3.80 -14.17
CA LEU A 462 -2.03 -3.69 -13.19
C LEU A 462 -2.38 -3.22 -11.80
N GLN A 463 -3.24 -2.17 -11.72
CA GLN A 463 -3.64 -1.55 -10.48
C GLN A 463 -4.45 -2.61 -9.71
N ASN A 464 -5.34 -3.39 -10.43
CA ASN A 464 -6.22 -4.46 -9.88
C ASN A 464 -5.28 -5.55 -9.30
N PHE A 465 -4.18 -5.84 -10.00
CA PHE A 465 -3.13 -6.74 -9.59
C PHE A 465 -2.31 -6.22 -8.42
N GLU A 466 -2.12 -4.85 -8.28
CA GLU A 466 -1.54 -4.32 -7.05
C GLU A 466 -2.33 -4.60 -5.80
N LEU A 467 -3.69 -4.49 -5.95
CA LEU A 467 -4.69 -4.75 -4.90
C LEU A 467 -4.57 -6.24 -4.60
N GLU A 468 -4.45 -7.12 -5.60
CA GLU A 468 -4.25 -8.53 -5.47
C GLU A 468 -2.93 -8.83 -4.77
N ARG A 469 -1.90 -7.89 -4.97
CA ARG A 469 -0.64 -8.20 -4.42
C ARG A 469 -0.62 -7.97 -2.94
N GLN A 470 -1.58 -7.23 -2.42
CA GLN A 470 -1.79 -6.92 -0.98
C GLN A 470 -0.46 -6.63 -0.23
N SER A 471 -0.42 -6.85 1.08
CA SER A 471 0.58 -6.56 2.06
C SER A 471 0.64 -7.54 3.12
N GLU A 472 1.75 -7.41 3.90
CA GLU A 472 2.04 -8.24 5.10
C GLU A 472 2.90 -7.28 5.83
N ASN A 473 2.75 -5.98 5.64
CA ASN A 473 3.82 -5.03 6.01
C ASN A 473 3.08 -3.69 5.93
N PRO A 474 3.55 -2.50 6.34
CA PRO A 474 2.80 -1.23 6.27
C PRO A 474 2.39 -0.93 4.81
N ASN A 475 3.46 -1.00 3.96
CA ASN A 475 3.36 -0.87 2.49
C ASN A 475 4.29 -1.92 1.95
N ASN A 476 3.91 -2.66 0.85
CA ASN A 476 4.64 -3.71 0.25
C ASN A 476 5.53 -3.00 -0.74
N LEU A 477 6.82 -3.51 -0.68
CA LEU A 477 7.83 -3.16 -1.62
C LEU A 477 7.49 -3.58 -3.07
N MET A 478 6.93 -4.80 -3.23
CA MET A 478 6.55 -5.36 -4.54
C MET A 478 5.45 -4.61 -5.13
N ARG A 479 4.32 -4.23 -4.38
CA ARG A 479 3.16 -3.56 -4.93
C ARG A 479 3.57 -2.16 -5.43
N GLN A 480 4.22 -1.38 -4.53
CA GLN A 480 4.54 0.03 -4.70
C GLN A 480 5.59 0.18 -5.68
N LEU A 481 6.70 -0.58 -5.50
CA LEU A 481 7.83 -0.27 -6.37
C LEU A 481 7.76 -0.79 -7.76
N LEU A 482 7.04 -1.87 -8.04
CA LEU A 482 6.86 -2.45 -9.38
C LEU A 482 5.87 -1.63 -10.13
N MET A 483 6.30 -1.19 -11.36
CA MET A 483 5.50 -0.41 -12.26
C MET A 483 5.78 -1.00 -13.62
N ILE A 484 4.90 -0.69 -14.61
CA ILE A 484 4.97 -1.08 -15.97
C ILE A 484 5.40 -0.01 -16.88
N GLN A 485 6.29 -0.19 -17.91
CA GLN A 485 6.52 0.89 -18.86
C GLN A 485 6.04 0.38 -20.17
N PHE A 486 5.56 1.32 -21.01
CA PHE A 486 5.20 0.96 -22.37
C PHE A 486 5.88 1.72 -23.48
N ASP A 487 6.30 0.98 -24.47
CA ASP A 487 6.78 1.61 -25.60
C ASP A 487 5.71 1.53 -26.73
N THR A 488 4.42 1.22 -26.36
CA THR A 488 3.32 1.29 -27.38
C THR A 488 2.95 2.72 -27.63
N GLU A 489 1.60 2.95 -27.75
CA GLU A 489 0.88 4.08 -28.22
C GLU A 489 1.02 4.30 -29.62
N THR A 490 -0.02 4.78 -30.33
CA THR A 490 0.02 5.12 -31.74
C THR A 490 -0.46 6.59 -31.79
N LYS A 554 7.21 -2.44 -33.34
CA LYS A 554 6.70 -3.47 -34.29
C LYS A 554 5.44 -3.99 -33.80
N SER A 555 5.41 -4.64 -32.62
CA SER A 555 4.20 -5.08 -32.02
C SER A 555 4.08 -4.62 -30.55
N ALA A 556 2.89 -4.80 -29.92
CA ALA A 556 2.71 -4.50 -28.50
C ALA A 556 3.60 -5.40 -27.63
N ILE A 557 3.69 -6.66 -28.06
CA ILE A 557 4.50 -7.62 -27.36
C ILE A 557 5.98 -7.16 -27.32
N TYR A 558 6.56 -6.62 -28.42
CA TYR A 558 7.96 -6.14 -28.42
C TYR A 558 8.13 -5.02 -27.43
N HIS A 559 7.18 -4.09 -27.38
CA HIS A 559 7.30 -2.79 -26.68
C HIS A 559 7.29 -2.97 -25.20
N LEU A 560 6.83 -4.15 -24.69
CA LEU A 560 6.68 -4.39 -23.30
C LEU A 560 7.85 -4.25 -22.30
N LYS A 561 7.67 -3.47 -21.23
CA LYS A 561 8.77 -3.28 -20.36
C LYS A 561 8.16 -3.08 -19.01
N PHE A 562 8.99 -3.17 -17.89
CA PHE A 562 8.68 -2.91 -16.49
C PHE A 562 9.75 -2.03 -16.02
N ASP A 563 9.43 -1.08 -15.20
CA ASP A 563 10.38 -0.15 -14.60
C ASP A 563 10.05 -0.23 -13.06
N ILE A 564 11.14 -0.33 -12.29
CA ILE A 564 11.07 -0.46 -10.84
C ILE A 564 11.65 0.72 -10.13
N ASN A 565 10.91 1.25 -9.13
CA ASN A 565 11.31 2.37 -8.26
C ASN A 565 12.30 1.80 -7.20
N ILE A 566 12.74 2.75 -6.33
CA ILE A 566 13.71 2.61 -5.32
C ILE A 566 13.11 3.14 -4.01
N PRO A 567 13.45 2.78 -2.75
CA PRO A 567 12.78 3.38 -1.58
C PRO A 567 13.82 3.82 -0.59
N TYR A 568 13.68 5.10 -0.08
CA TYR A 568 14.41 5.67 1.00
C TYR A 568 14.07 4.94 2.31
N PRO A 569 14.92 4.78 3.24
CA PRO A 569 16.36 5.16 3.25
C PRO A 569 17.21 4.14 2.51
N LEU A 570 16.66 2.97 2.21
CA LEU A 570 17.39 1.79 1.77
C LEU A 570 18.15 2.04 0.42
N ASN A 571 17.65 2.99 -0.40
CA ASN A 571 17.97 3.29 -1.77
C ASN A 571 19.40 3.63 -2.00
N ILE A 572 20.06 4.23 -0.97
CA ILE A 572 21.48 4.72 -0.89
C ILE A 572 22.40 3.59 -1.05
N ILE A 573 22.08 2.37 -0.48
CA ILE A 573 22.90 1.16 -0.59
C ILE A 573 22.88 0.61 -1.98
N ILE A 574 21.71 0.56 -2.71
CA ILE A 574 21.57 -0.02 -4.06
C ILE A 574 22.11 0.78 -5.13
N SER A 575 22.62 0.02 -6.16
CA SER A 575 23.28 0.53 -7.35
C SER A 575 22.16 0.37 -8.32
N ARG A 576 21.56 1.58 -8.62
CA ARG A 576 20.29 1.68 -9.31
C ARG A 576 20.46 1.13 -10.74
N THR A 577 21.64 1.43 -11.36
CA THR A 577 21.94 1.04 -12.72
C THR A 577 22.00 -0.46 -12.87
N CYS A 578 22.64 -1.13 -11.83
CA CYS A 578 22.82 -2.60 -11.81
C CYS A 578 21.39 -3.19 -11.82
N MET A 579 20.50 -2.58 -10.98
CA MET A 579 19.15 -2.95 -10.79
C MET A 579 18.39 -2.77 -12.04
N ILE A 580 18.66 -1.73 -12.84
CA ILE A 580 18.01 -1.39 -14.07
C ILE A 580 18.25 -2.40 -15.02
N LYS A 581 19.54 -2.95 -15.02
CA LYS A 581 20.02 -3.97 -15.84
C LYS A 581 19.32 -5.23 -15.60
N TYR A 582 19.11 -5.61 -14.31
CA TYR A 582 18.42 -6.80 -13.83
C TYR A 582 16.97 -6.86 -14.30
N GLN A 583 16.36 -5.62 -14.29
CA GLN A 583 15.03 -5.47 -14.77
C GLN A 583 14.91 -5.85 -16.24
N ILE A 584 15.96 -5.52 -17.05
CA ILE A 584 16.06 -5.80 -18.46
C ILE A 584 16.11 -7.25 -18.67
N ILE A 585 16.93 -7.98 -17.82
CA ILE A 585 16.98 -9.41 -17.96
C ILE A 585 15.64 -9.99 -17.63
N LEU A 586 14.92 -9.45 -16.60
CA LEU A 586 13.66 -10.05 -16.14
C LEU A 586 12.65 -10.10 -17.25
N ARG A 587 12.60 -9.05 -18.01
CA ARG A 587 11.81 -8.70 -19.17
C ARG A 587 12.11 -9.63 -20.31
N TYR A 588 13.35 -9.92 -20.49
CA TYR A 588 13.80 -10.87 -21.50
C TYR A 588 13.30 -12.29 -21.13
N GLN A 589 13.37 -12.69 -19.80
CA GLN A 589 12.97 -13.96 -19.28
C GLN A 589 11.45 -14.09 -19.54
N LEU A 590 10.75 -13.00 -19.26
CA LEU A 590 9.30 -12.97 -19.44
C LEU A 590 8.96 -13.14 -20.89
N VAL A 591 9.68 -12.58 -21.88
CA VAL A 591 9.33 -12.80 -23.23
C VAL A 591 9.35 -14.24 -23.64
N LEU A 592 10.36 -15.01 -23.23
CA LEU A 592 10.38 -16.44 -23.57
C LEU A 592 9.25 -17.11 -22.92
N GLN A 593 9.07 -16.67 -21.63
CA GLN A 593 8.06 -17.23 -20.80
C GLN A 593 6.63 -17.03 -21.24
N TYR A 594 6.20 -15.84 -21.75
CA TYR A 594 4.83 -15.59 -22.22
C TYR A 594 4.55 -16.35 -23.49
N HIS A 595 5.59 -16.39 -24.37
CA HIS A 595 5.38 -17.20 -25.65
C HIS A 595 5.16 -18.68 -25.30
N SER A 596 5.85 -19.21 -24.22
CA SER A 596 5.63 -20.55 -23.68
C SER A 596 4.29 -20.75 -23.16
N ARG A 597 3.76 -19.69 -22.43
CA ARG A 597 2.44 -19.75 -21.88
C ARG A 597 1.30 -19.78 -22.94
N LEU A 598 1.47 -19.00 -24.02
CA LEU A 598 0.61 -19.04 -25.14
C LEU A 598 0.71 -20.34 -25.79
N LEU A 599 1.90 -21.04 -25.92
CA LEU A 599 2.04 -22.39 -26.51
C LEU A 599 1.35 -23.38 -25.74
N ASP A 600 1.41 -23.49 -24.41
CA ASP A 600 0.68 -24.59 -23.79
C ASP A 600 -0.79 -24.49 -23.94
N GLU A 601 -1.34 -23.23 -23.92
CA GLU A 601 -2.77 -23.07 -23.97
C GLU A 601 -3.32 -23.57 -25.25
N THR A 602 -2.62 -23.26 -26.39
CA THR A 602 -2.99 -23.66 -27.68
C THR A 602 -2.94 -25.20 -27.83
N TRP A 603 -1.92 -25.89 -27.33
CA TRP A 603 -1.82 -27.30 -27.39
C TRP A 603 -2.82 -28.03 -26.62
N MET A 604 -3.11 -27.55 -25.32
CA MET A 604 -4.11 -28.15 -24.42
C MET A 604 -5.43 -28.11 -25.04
N ASP A 605 -5.92 -27.04 -25.77
CA ASP A 605 -7.21 -27.07 -26.56
C ASP A 605 -7.31 -28.06 -27.69
N LEU A 606 -6.21 -28.28 -28.39
CA LEU A 606 -6.01 -29.07 -29.57
C LEU A 606 -6.18 -30.53 -29.37
N ASN A 607 -5.86 -31.00 -28.16
CA ASN A 607 -5.99 -32.45 -27.86
C ASN A 607 -7.47 -32.83 -27.77
N LYS A 608 -8.33 -31.81 -27.51
CA LYS A 608 -9.72 -32.07 -27.35
C LYS A 608 -10.51 -32.12 -28.72
N THR A 609 -11.72 -31.59 -28.68
CA THR A 609 -12.73 -31.70 -29.67
C THR A 609 -12.46 -31.25 -31.08
N PRO A 610 -11.91 -30.07 -31.39
CA PRO A 610 -11.83 -29.57 -32.75
C PRO A 610 -11.12 -30.45 -33.81
N SER A 611 -10.11 -31.28 -33.53
CA SER A 611 -9.41 -32.04 -34.49
C SER A 611 -10.14 -33.27 -34.95
N TRP A 612 -11.15 -33.70 -34.14
CA TRP A 612 -11.89 -34.94 -34.42
C TRP A 612 -12.79 -34.82 -35.69
N LYS A 613 -13.09 -36.02 -36.20
CA LYS A 613 -13.86 -36.33 -37.35
C LYS A 613 -15.39 -36.17 -37.19
N TYR A 614 -16.21 -35.65 -38.19
CA TYR A 614 -17.63 -35.43 -38.15
C TYR A 614 -18.40 -36.62 -38.79
N ARG A 623 -7.03 -34.56 -42.94
CA ARG A 623 -6.73 -35.95 -42.40
C ARG A 623 -5.29 -36.02 -42.05
N ARG A 624 -4.36 -36.07 -43.02
CA ARG A 624 -2.97 -36.32 -42.85
C ARG A 624 -2.33 -35.06 -42.14
N ILE A 625 -2.88 -33.87 -42.46
CA ILE A 625 -2.49 -32.62 -41.85
C ILE A 625 -2.70 -32.59 -40.37
N VAL A 626 -3.79 -33.27 -39.84
CA VAL A 626 -4.13 -33.33 -38.45
C VAL A 626 -3.10 -33.93 -37.69
N ARG A 627 -2.60 -35.04 -38.19
CA ARG A 627 -1.63 -35.88 -37.69
C ARG A 627 -0.31 -35.20 -37.59
N ALA A 628 0.01 -34.38 -38.63
CA ALA A 628 1.20 -33.53 -38.59
C ALA A 628 1.15 -32.52 -37.51
N THR A 629 -0.05 -31.81 -37.35
CA THR A 629 -0.14 -30.66 -36.34
C THR A 629 0.13 -31.25 -34.99
N ARG A 630 -0.36 -32.50 -34.78
CA ARG A 630 -0.14 -33.19 -33.52
C ARG A 630 1.25 -33.48 -33.10
N VAL A 631 2.04 -34.00 -34.09
CA VAL A 631 3.48 -34.30 -33.86
C VAL A 631 4.24 -33.11 -33.66
N LEU A 632 4.03 -32.01 -34.45
CA LEU A 632 4.81 -30.82 -34.33
C LEU A 632 4.65 -30.05 -33.04
N HIS A 633 3.41 -29.95 -32.54
CA HIS A 633 3.20 -29.33 -31.29
C HIS A 633 3.94 -30.01 -30.23
N ALA A 634 3.90 -31.40 -30.18
CA ALA A 634 4.48 -32.07 -29.07
C ALA A 634 5.97 -31.87 -28.98
N LYS A 635 6.56 -32.00 -30.14
CA LYS A 635 8.02 -31.92 -30.31
C LYS A 635 8.51 -30.47 -29.89
N MET A 636 7.81 -29.41 -30.38
CA MET A 636 8.14 -28.02 -30.00
C MET A 636 7.99 -27.74 -28.48
N ASN A 637 7.02 -28.34 -27.83
CA ASN A 637 6.84 -28.24 -26.45
C ASN A 637 7.95 -28.84 -25.63
N HIS A 638 8.51 -30.00 -26.10
CA HIS A 638 9.68 -30.59 -25.51
C HIS A 638 10.89 -29.66 -25.71
N PHE A 639 11.09 -29.09 -26.87
CA PHE A 639 12.06 -28.15 -27.15
C PHE A 639 11.96 -26.84 -26.32
N ILE A 640 10.81 -26.16 -26.18
CA ILE A 640 10.74 -24.95 -25.39
C ILE A 640 11.08 -25.29 -23.96
N LYS A 641 10.55 -26.45 -23.46
CA LYS A 641 10.72 -26.85 -22.01
C LYS A 641 12.14 -27.03 -21.69
N THR A 642 12.87 -27.66 -22.61
CA THR A 642 14.28 -27.88 -22.47
C THR A 642 15.10 -26.63 -22.52
N ILE A 643 14.79 -25.63 -23.44
CA ILE A 643 15.46 -24.38 -23.50
C ILE A 643 15.32 -23.67 -22.19
N MET A 644 14.07 -23.58 -21.64
CA MET A 644 13.76 -22.86 -20.46
C MET A 644 14.49 -23.49 -19.23
N GLU A 645 14.57 -24.84 -19.16
CA GLU A 645 15.11 -25.79 -18.15
C GLU A 645 16.63 -25.53 -18.02
N TYR A 646 17.23 -25.49 -19.18
CA TYR A 646 18.68 -25.31 -19.27
C TYR A 646 19.03 -23.91 -18.85
N PHE A 647 18.25 -22.93 -19.29
CA PHE A 647 18.31 -21.50 -19.06
C PHE A 647 18.26 -21.14 -17.59
N ASN A 648 17.30 -21.67 -16.84
CA ASN A 648 17.20 -21.52 -15.43
C ASN A 648 18.36 -22.28 -14.74
N GLN A 649 18.66 -23.56 -15.07
CA GLN A 649 19.60 -24.30 -14.28
C GLN A 649 21.02 -23.95 -14.41
N ASN A 650 21.48 -23.88 -15.65
CA ASN A 650 22.84 -23.62 -15.92
C ASN A 650 23.26 -22.18 -15.74
N VAL A 651 22.27 -21.32 -15.78
CA VAL A 651 22.49 -19.89 -15.73
C VAL A 651 22.05 -19.49 -14.25
N ILE A 652 20.72 -19.22 -14.07
CA ILE A 652 20.21 -18.57 -12.90
C ILE A 652 20.47 -19.41 -11.59
N ASP A 653 20.15 -20.71 -11.45
CA ASP A 653 20.16 -21.56 -10.27
C ASP A 653 21.57 -21.58 -9.77
N LYS A 654 22.63 -21.72 -10.64
CA LYS A 654 23.98 -21.74 -10.21
C LYS A 654 24.46 -20.45 -9.63
N GLU A 655 24.16 -19.37 -10.31
CA GLU A 655 24.61 -18.07 -9.79
C GLU A 655 24.00 -17.70 -8.48
N VAL A 656 22.67 -17.95 -8.31
CA VAL A 656 21.99 -17.56 -7.03
C VAL A 656 22.47 -18.26 -5.81
N TYR A 657 22.84 -19.55 -5.96
CA TYR A 657 23.38 -20.31 -4.88
C TYR A 657 24.66 -19.66 -4.44
N SER A 658 25.50 -19.28 -5.43
CA SER A 658 26.80 -18.75 -5.11
C SER A 658 26.66 -17.41 -4.33
N LEU A 659 25.66 -16.53 -4.68
CA LEU A 659 25.37 -15.23 -4.03
C LEU A 659 25.05 -15.56 -2.64
N GLU A 660 24.20 -16.61 -2.39
CA GLU A 660 23.77 -16.80 -1.01
C GLU A 660 24.82 -17.19 -0.01
N LYS A 661 25.69 -18.13 -0.37
CA LYS A 661 26.85 -18.57 0.47
C LYS A 661 27.81 -17.48 0.67
N CYS A 662 28.12 -16.78 -0.45
CA CYS A 662 29.02 -15.72 -0.39
C CYS A 662 28.62 -14.54 0.42
N TYR A 663 27.31 -14.14 0.46
CA TYR A 663 26.95 -13.14 1.50
C TYR A 663 27.07 -13.54 2.92
N ARG A 664 26.56 -14.81 3.17
CA ARG A 664 26.34 -15.38 4.50
C ARG A 664 27.66 -15.61 5.25
N ASN A 665 28.66 -16.14 4.54
CA ASN A 665 29.87 -16.57 5.20
C ASN A 665 30.75 -15.44 5.81
N PRO A 666 31.09 -14.43 5.02
CA PRO A 666 31.88 -13.30 5.56
C PRO A 666 30.98 -12.22 6.05
N THR A 667 31.48 -11.00 6.26
CA THR A 667 30.59 -9.81 6.63
C THR A 667 31.30 -8.61 6.08
N LEU A 668 31.36 -8.54 4.73
CA LEU A 668 31.95 -7.51 4.01
C LEU A 668 31.00 -7.05 3.06
N ALA A 669 30.61 -5.83 3.17
CA ALA A 669 29.58 -5.20 2.36
C ALA A 669 30.03 -5.14 0.86
N VAL A 670 31.37 -4.93 0.67
CA VAL A 670 31.95 -4.89 -0.65
C VAL A 670 31.73 -6.21 -1.41
N ALA A 671 31.82 -7.39 -0.71
CA ALA A 671 31.62 -8.61 -1.36
C ALA A 671 30.22 -8.77 -1.97
N ILE A 672 29.17 -8.25 -1.25
CA ILE A 672 27.81 -8.43 -1.62
C ILE A 672 27.49 -7.75 -2.92
N GLN A 673 27.88 -6.45 -3.07
CA GLN A 673 27.71 -5.73 -4.30
C GLN A 673 28.53 -6.40 -5.47
N ASN A 674 29.75 -6.89 -5.24
CA ASN A 674 30.65 -7.53 -6.15
C ASN A 674 29.96 -8.70 -6.66
N GLU A 675 29.29 -9.53 -5.87
CA GLU A 675 28.65 -10.74 -6.19
C GLU A 675 27.54 -10.38 -7.17
N LEU A 676 26.81 -9.28 -6.85
CA LEU A 676 25.69 -8.88 -7.70
C LEU A 676 26.20 -8.50 -9.07
N GLU A 677 27.34 -7.81 -9.10
CA GLU A 677 27.88 -7.41 -10.42
C GLU A 677 28.21 -8.58 -11.23
N GLY A 678 28.85 -9.66 -10.67
CA GLY A 678 29.27 -10.87 -11.28
C GLY A 678 28.08 -11.66 -11.75
N GLY A 679 27.01 -11.79 -10.91
CA GLY A 679 25.88 -12.63 -11.28
C GLY A 679 25.23 -11.98 -12.55
N LEU A 680 25.04 -10.62 -12.56
CA LEU A 680 24.35 -9.90 -13.65
C LEU A 680 25.10 -9.96 -14.94
N THR A 681 26.52 -9.87 -14.80
CA THR A 681 27.31 -9.98 -16.01
C THR A 681 27.25 -11.25 -16.71
N ASN A 682 27.26 -12.34 -15.94
CA ASN A 682 27.31 -13.68 -16.53
C ASN A 682 26.10 -13.87 -17.36
N ILE A 683 24.99 -13.37 -16.84
CA ILE A 683 23.67 -13.48 -17.49
C ILE A 683 23.65 -12.83 -18.75
N MET A 684 24.32 -11.64 -18.85
CA MET A 684 24.48 -10.84 -20.06
C MET A 684 25.33 -11.54 -21.12
N THR A 685 26.46 -12.22 -20.77
CA THR A 685 27.28 -12.94 -21.69
C THR A 685 26.48 -14.10 -22.32
N ASN A 686 25.69 -14.81 -21.38
CA ASN A 686 24.96 -15.92 -21.80
C ASN A 686 23.90 -15.61 -22.85
N ARG A 687 23.29 -14.40 -22.59
CA ARG A 687 22.27 -13.71 -23.36
C ARG A 687 22.58 -13.41 -24.71
N CYS A 688 23.74 -12.75 -24.89
CA CYS A 688 24.21 -12.24 -26.21
C CYS A 688 24.52 -13.46 -27.05
N LEU A 689 25.13 -14.49 -26.39
CA LEU A 689 25.55 -15.73 -27.05
C LEU A 689 24.26 -16.41 -27.55
N SER A 690 23.23 -16.36 -26.72
CA SER A 690 21.99 -17.12 -27.07
C SER A 690 21.13 -16.22 -27.91
N ASP A 691 21.29 -16.40 -29.21
CA ASP A 691 20.61 -15.74 -30.28
C ASP A 691 19.26 -16.41 -30.53
N LEU A 692 18.52 -16.86 -29.49
CA LEU A 692 17.24 -17.62 -29.64
C LEU A 692 16.10 -16.82 -30.17
N ILE A 693 16.04 -15.57 -29.84
CA ILE A 693 14.82 -14.75 -30.06
C ILE A 693 14.33 -14.60 -31.46
N PRO A 694 15.07 -14.38 -32.58
CA PRO A 694 14.46 -14.16 -33.93
C PRO A 694 13.66 -15.36 -34.47
N LEU A 695 14.18 -16.62 -34.16
CA LEU A 695 13.69 -17.99 -34.44
C LEU A 695 12.41 -18.18 -33.66
N GLN A 696 12.41 -17.80 -32.39
CA GLN A 696 11.30 -17.93 -31.47
C GLN A 696 10.02 -17.11 -31.91
N LEU A 697 10.29 -15.91 -32.45
CA LEU A 697 9.21 -15.12 -33.08
C LEU A 697 8.48 -15.68 -34.33
N GLN A 698 9.25 -16.38 -35.21
CA GLN A 698 8.77 -17.11 -36.37
C GLN A 698 7.88 -18.21 -35.97
N ILE A 699 8.31 -18.91 -34.89
CA ILE A 699 7.42 -19.95 -34.31
C ILE A 699 6.10 -19.33 -33.78
N PHE A 700 6.20 -18.13 -33.08
CA PHE A 700 5.13 -17.50 -32.43
C PHE A 700 4.08 -17.13 -33.46
N ASP A 701 4.53 -16.64 -34.67
CA ASP A 701 3.52 -16.34 -35.65
C ASP A 701 2.73 -17.59 -36.07
N ILE A 702 3.56 -18.66 -36.22
CA ILE A 702 3.00 -19.95 -36.63
C ILE A 702 2.07 -20.53 -35.60
N VAL A 703 2.29 -20.44 -34.25
CA VAL A 703 1.32 -20.85 -33.30
C VAL A 703 0.03 -20.08 -33.40
N TYR A 704 0.04 -18.75 -33.62
CA TYR A 704 -1.21 -18.09 -33.78
C TYR A 704 -2.04 -18.56 -34.98
N LYS A 705 -1.32 -18.77 -36.12
CA LYS A 705 -1.96 -19.34 -37.26
C LYS A 705 -2.49 -20.69 -37.04
N PHE A 706 -1.70 -21.58 -36.34
CA PHE A 706 -2.21 -22.94 -36.08
C PHE A 706 -3.49 -22.90 -35.32
N CYS A 707 -3.59 -22.14 -34.22
CA CYS A 707 -4.71 -22.10 -33.35
C CYS A 707 -5.91 -21.66 -34.08
N LYS A 708 -5.71 -20.65 -34.95
CA LYS A 708 -6.77 -20.05 -35.71
C LYS A 708 -7.44 -21.00 -36.70
N PHE A 709 -6.59 -21.78 -37.38
CA PHE A 709 -6.91 -22.85 -38.33
C PHE A 709 -7.56 -24.00 -37.73
N ILE A 710 -7.11 -24.45 -36.49
CA ILE A 710 -7.77 -25.52 -35.85
C ILE A 710 -9.28 -25.21 -35.53
N LYS A 711 -9.53 -23.92 -35.14
CA LYS A 711 -10.89 -23.44 -34.81
C LYS A 711 -11.84 -23.59 -35.92
N SER A 712 -11.27 -23.56 -37.21
CA SER A 712 -12.22 -23.63 -38.35
C SER A 712 -13.18 -24.78 -38.45
N MET A 713 -12.83 -25.98 -37.87
CA MET A 713 -13.65 -27.16 -37.89
C MET A 713 -15.18 -27.03 -37.94
N ARG A 714 -15.81 -27.72 -38.91
CA ARG A 714 -17.22 -27.92 -39.02
C ARG A 714 -17.55 -29.42 -38.79
N GLU A 754 -12.58 -26.03 -48.12
CA GLU A 754 -12.88 -27.43 -47.95
C GLU A 754 -11.67 -28.02 -48.63
N ASP A 755 -11.79 -28.40 -49.91
CA ASP A 755 -10.66 -28.79 -50.75
C ASP A 755 -9.75 -27.66 -50.95
N ALA A 756 -10.24 -26.42 -51.21
CA ALA A 756 -9.43 -25.28 -51.46
C ALA A 756 -8.58 -24.96 -50.21
N ALA A 757 -9.20 -25.12 -48.98
CA ALA A 757 -8.59 -24.90 -47.72
C ALA A 757 -7.44 -25.84 -47.51
N LEU A 758 -7.56 -27.13 -47.92
CA LEU A 758 -6.57 -28.13 -47.87
C LEU A 758 -5.37 -27.79 -48.75
N GLU A 759 -5.62 -27.24 -50.01
CA GLU A 759 -4.55 -26.93 -50.90
C GLU A 759 -3.69 -25.84 -50.35
N LEU A 760 -4.38 -24.74 -49.84
CA LEU A 760 -3.63 -23.60 -49.31
C LEU A 760 -2.81 -24.07 -48.09
N ILE A 761 -3.38 -24.96 -47.22
CA ILE A 761 -2.82 -25.45 -46.06
C ILE A 761 -1.57 -26.22 -46.28
N GLN A 762 -1.52 -27.04 -47.39
CA GLN A 762 -0.40 -27.90 -47.72
C GLN A 762 0.81 -27.04 -48.03
N LYS A 763 0.58 -25.99 -48.72
CA LYS A 763 1.60 -25.05 -49.03
C LYS A 763 2.22 -24.39 -47.85
N LEU A 764 1.41 -24.04 -46.88
CA LEU A 764 1.92 -23.52 -45.60
C LEU A 764 2.74 -24.46 -44.80
N ILE A 765 2.22 -25.76 -44.87
CA ILE A 765 2.75 -26.91 -44.24
C ILE A 765 4.14 -27.28 -44.73
N GLU A 766 4.32 -27.06 -46.08
CA GLU A 766 5.61 -27.24 -46.70
C GLU A 766 6.63 -26.25 -46.09
N TYR A 767 6.24 -24.96 -45.87
CA TYR A 767 7.13 -23.99 -45.29
C TYR A 767 7.52 -24.28 -43.87
N ILE A 768 6.52 -24.72 -43.09
CA ILE A 768 6.67 -25.11 -41.73
C ILE A 768 7.56 -26.33 -41.52
N SER A 769 7.35 -27.24 -42.45
CA SER A 769 8.13 -28.50 -42.35
C SER A 769 9.58 -28.35 -42.49
N ASN A 770 9.96 -27.50 -43.48
CA ASN A 770 11.41 -27.27 -43.66
C ASN A 770 11.95 -26.58 -42.49
N ALA A 771 11.23 -25.48 -41.98
CA ALA A 771 11.73 -24.75 -40.80
C ALA A 771 11.84 -25.60 -39.60
N SER A 772 10.88 -26.54 -39.35
CA SER A 772 10.88 -27.52 -38.29
C SER A 772 11.93 -28.53 -38.32
N SER A 773 12.24 -29.03 -39.50
CA SER A 773 13.30 -29.99 -39.70
C SER A 773 14.68 -29.42 -39.42
N ILE A 774 14.98 -28.14 -39.86
CA ILE A 774 16.20 -27.47 -39.53
C ILE A 774 16.41 -27.18 -38.06
N PHE A 775 15.35 -26.75 -37.37
CA PHE A 775 15.22 -26.56 -35.93
C PHE A 775 15.46 -27.80 -35.16
N ARG A 776 14.90 -28.98 -35.65
CA ARG A 776 15.05 -30.27 -35.00
C ARG A 776 16.57 -30.65 -34.98
N LYS A 777 17.29 -30.40 -36.11
CA LYS A 777 18.76 -30.67 -36.09
C LYS A 777 19.40 -29.76 -35.05
N CYS A 778 18.90 -28.48 -35.03
CA CYS A 778 19.43 -27.44 -34.15
C CYS A 778 19.33 -27.68 -32.68
N LEU A 779 18.36 -28.36 -32.12
CA LEU A 779 18.08 -28.56 -30.73
C LEU A 779 19.24 -29.27 -30.03
N ILE A 780 19.93 -30.25 -30.70
CA ILE A 780 21.18 -30.91 -30.26
C ILE A 780 22.28 -29.88 -30.08
N ASN A 781 22.38 -28.86 -31.03
CA ASN A 781 23.31 -27.76 -31.01
C ASN A 781 23.10 -26.94 -29.70
N PHE A 782 21.82 -26.72 -29.23
CA PHE A 782 21.64 -25.88 -27.98
C PHE A 782 22.32 -26.46 -26.87
N THR A 783 22.17 -27.80 -26.72
CA THR A 783 22.75 -28.64 -25.72
C THR A 783 24.28 -28.78 -25.87
N GLN A 784 24.76 -29.14 -27.07
CA GLN A 784 26.10 -29.45 -27.41
C GLN A 784 26.94 -28.22 -27.41
N GLU A 785 26.36 -27.07 -27.69
CA GLU A 785 27.00 -25.78 -27.82
C GLU A 785 28.06 -25.64 -28.87
N LEU A 786 28.15 -24.39 -29.42
CA LEU A 786 29.15 -23.96 -30.46
C LEU A 786 29.09 -24.66 -31.81
N SER A 787 27.99 -25.30 -32.20
CA SER A 787 27.91 -26.12 -33.42
C SER A 787 27.38 -25.32 -34.58
N THR A 788 27.29 -25.97 -35.78
CA THR A 788 26.85 -25.44 -37.04
C THR A 788 25.39 -25.13 -37.26
N GLU A 789 24.47 -26.07 -36.75
CA GLU A 789 23.13 -26.12 -37.16
C GLU A 789 22.33 -24.89 -36.87
N LYS A 790 22.47 -24.24 -35.68
CA LYS A 790 21.73 -23.03 -35.34
C LYS A 790 22.13 -21.89 -36.31
N PHE A 791 23.43 -21.83 -36.71
CA PHE A 791 23.99 -20.84 -37.63
C PHE A 791 23.29 -20.91 -38.96
N ASP A 792 23.15 -22.18 -39.50
CA ASP A 792 22.49 -22.52 -40.75
C ASP A 792 21.00 -22.16 -40.68
N PHE A 793 20.26 -22.36 -39.53
CA PHE A 793 18.84 -22.12 -39.42
C PHE A 793 18.63 -20.63 -39.58
N TYR A 794 19.50 -19.75 -38.95
CA TYR A 794 19.51 -18.30 -38.99
C TYR A 794 19.73 -17.94 -40.41
N ASP A 795 20.65 -18.67 -41.15
CA ASP A 795 20.90 -18.35 -42.56
C ASP A 795 19.64 -18.51 -43.30
N SER A 796 18.84 -19.56 -43.07
CA SER A 796 17.57 -19.73 -43.73
C SER A 796 16.59 -18.67 -43.47
N SER A 797 16.50 -18.10 -42.27
CA SER A 797 15.55 -17.10 -41.99
C SER A 797 15.64 -15.85 -42.79
N SER A 798 16.89 -15.49 -43.11
CA SER A 798 17.12 -14.35 -43.93
C SER A 798 16.59 -14.39 -45.33
N VAL A 799 16.49 -15.66 -45.90
CA VAL A 799 16.05 -15.86 -47.23
C VAL A 799 14.66 -15.34 -47.37
N ASP A 800 13.86 -15.74 -46.34
CA ASP A 800 12.43 -15.61 -46.26
C ASP A 800 12.12 -14.12 -46.05
N PRO B 180 63.63 65.04 25.49
CA PRO B 180 62.29 65.22 26.17
C PRO B 180 61.54 63.88 26.43
N GLU B 181 62.30 62.72 26.66
CA GLU B 181 61.74 61.36 26.51
C GLU B 181 60.60 61.10 27.48
N GLU B 182 60.74 61.31 28.86
CA GLU B 182 59.85 60.86 29.89
C GLU B 182 58.59 61.60 29.80
N ASP B 183 58.60 62.90 29.59
CA ASP B 183 57.52 63.78 29.62
C ASP B 183 56.59 63.47 28.49
N ILE B 184 57.18 63.13 27.30
CA ILE B 184 56.54 62.80 26.07
C ILE B 184 55.76 61.46 26.36
N LEU B 185 56.44 60.52 27.07
CA LEU B 185 55.86 59.19 27.38
C LEU B 185 54.65 59.35 28.27
N LYS B 186 54.71 60.25 29.23
CA LYS B 186 53.55 60.51 30.05
C LYS B 186 52.36 61.13 29.23
N TYR B 187 52.68 62.04 28.29
CA TYR B 187 51.71 62.76 27.49
C TYR B 187 50.96 61.77 26.49
N VAL B 188 51.71 60.77 25.88
CA VAL B 188 51.35 59.60 25.02
C VAL B 188 50.49 58.69 25.90
N SER B 189 50.88 58.47 27.27
CA SER B 189 50.07 57.55 28.11
C SER B 189 48.71 58.14 28.31
N TYR B 190 48.53 59.47 28.45
CA TYR B 190 47.20 60.13 28.51
C TYR B 190 46.54 59.96 27.16
N THR B 191 47.26 60.13 26.02
CA THR B 191 46.81 60.12 24.60
C THR B 191 46.23 58.84 24.20
N LEU B 192 46.81 57.70 24.62
CA LEU B 192 46.54 56.36 24.19
C LEU B 192 45.11 56.00 24.56
N LEU B 193 44.52 56.60 25.69
CA LEU B 193 43.11 56.42 26.17
C LEU B 193 42.20 57.15 25.24
N ALA B 194 42.86 57.99 24.36
CA ALA B 194 42.29 58.98 23.46
C ALA B 194 41.90 60.17 24.19
N THR B 195 42.86 60.66 25.05
CA THR B 195 42.71 62.04 25.59
C THR B 195 43.97 62.74 25.24
N THR B 196 43.90 63.51 24.17
CA THR B 196 44.97 64.22 23.54
C THR B 196 45.59 65.23 24.53
N SER B 197 46.91 65.48 24.46
CA SER B 197 47.57 66.45 25.30
C SER B 197 47.56 67.71 24.44
N ALA B 198 47.96 68.72 25.14
CA ALA B 198 47.91 70.13 24.64
C ALA B 198 48.90 70.36 23.55
N LEU B 199 50.00 69.56 23.47
CA LEU B 199 51.03 69.66 22.46
C LEU B 199 50.79 68.62 21.33
N PHE B 200 49.63 67.92 21.35
CA PHE B 200 49.28 66.99 20.27
C PHE B 200 48.05 67.40 19.58
N PRO B 201 48.00 67.70 18.22
CA PRO B 201 46.76 68.21 17.60
C PRO B 201 46.06 67.05 17.03
N PHE B 202 45.14 66.46 17.77
CA PHE B 202 44.52 65.27 17.31
C PHE B 202 43.15 65.34 17.83
N ASP B 203 42.19 65.07 16.85
CA ASP B 203 40.72 64.98 17.07
C ASP B 203 40.27 63.75 16.39
N HIS B 204 38.96 63.73 16.11
CA HIS B 204 38.38 62.71 15.28
C HIS B 204 38.08 63.38 13.92
N GLU B 205 38.45 64.66 13.78
CA GLU B 205 38.29 65.50 12.53
C GLU B 205 39.62 65.97 12.25
N GLN B 206 40.61 65.39 12.87
CA GLN B 206 41.96 65.85 12.65
C GLN B 206 42.88 64.66 13.00
N ILE B 207 43.91 64.57 12.21
CA ILE B 207 45.03 63.64 12.32
C ILE B 207 46.21 64.38 12.04
N GLN B 208 46.80 65.03 13.13
CA GLN B 208 47.91 65.92 12.90
C GLN B 208 48.90 65.69 14.03
N ILE B 209 50.16 65.99 13.58
CA ILE B 209 51.37 65.88 14.27
C ILE B 209 51.76 67.26 14.70
N PRO B 210 52.61 67.48 15.66
CA PRO B 210 53.07 68.77 16.12
C PRO B 210 54.39 69.02 15.40
N SER B 211 55.48 69.51 16.08
CA SER B 211 56.83 69.76 15.58
C SER B 211 57.77 69.00 16.52
N LYS B 212 59.11 69.29 16.40
CA LYS B 212 60.17 68.58 17.04
C LYS B 212 60.03 67.10 16.97
N ILE B 213 60.10 66.60 15.71
CA ILE B 213 59.93 65.20 15.36
C ILE B 213 61.05 65.06 14.35
N PRO B 214 61.84 64.02 14.41
CA PRO B 214 63.05 63.82 13.63
C PRO B 214 62.70 62.86 12.56
N ASN B 215 61.47 62.30 12.61
CA ASN B 215 60.79 61.36 11.72
C ASN B 215 60.86 59.93 12.16
N PHE B 216 61.58 59.59 13.24
CA PHE B 216 61.57 58.27 13.94
C PHE B 216 60.28 58.16 14.64
N GLU B 217 59.94 59.23 15.34
CA GLU B 217 58.78 59.37 16.18
C GLU B 217 57.58 59.36 15.39
N SER B 218 57.66 60.05 14.21
CA SER B 218 56.55 60.27 13.27
C SER B 218 55.99 58.90 12.73
N GLY B 219 56.87 57.95 12.38
CA GLY B 219 56.51 56.62 11.88
C GLY B 219 55.79 55.86 12.94
N LEU B 220 56.30 55.91 14.22
CA LEU B 220 55.64 55.33 15.30
C LEU B 220 54.26 55.96 15.57
N LEU B 221 54.20 57.33 15.45
CA LEU B 221 53.00 58.15 15.68
C LEU B 221 51.96 57.71 14.68
N HIS B 222 52.34 57.34 13.46
CA HIS B 222 51.43 56.99 12.42
C HIS B 222 50.66 55.79 12.83
N LEU B 223 51.43 54.82 13.36
CA LEU B 223 50.75 53.64 13.86
C LEU B 223 49.82 54.04 15.07
N ILE B 224 50.31 54.95 16.00
CA ILE B 224 49.47 55.32 17.12
C ILE B 224 48.19 56.01 16.70
N PHE B 225 48.21 56.89 15.65
CA PHE B 225 47.07 57.68 15.28
C PHE B 225 45.92 56.92 14.81
N GLU B 226 46.20 55.86 14.08
CA GLU B 226 45.23 54.88 13.74
C GLU B 226 44.59 54.18 14.93
N ALA B 227 45.43 53.78 15.93
CA ALA B 227 44.81 53.24 17.13
C ALA B 227 43.84 54.16 17.87
N GLY B 228 44.20 55.46 18.03
CA GLY B 228 43.34 56.39 18.72
C GLY B 228 42.04 56.71 17.98
N LEU B 229 42.10 56.76 16.70
CA LEU B 229 40.95 57.07 15.82
C LEU B 229 39.87 55.98 16.00
N LEU B 230 40.35 54.72 16.01
CA LEU B 230 39.39 53.61 16.15
C LEU B 230 38.72 53.58 17.46
N TYR B 231 39.52 53.87 18.54
CA TYR B 231 38.94 54.03 19.86
C TYR B 231 37.87 55.10 19.90
N GLN B 232 38.05 56.21 19.28
CA GLN B 232 37.03 57.30 19.25
C GLN B 232 35.79 56.84 18.52
N SER B 233 35.97 56.13 17.37
CA SER B 233 34.92 55.75 16.43
C SER B 233 34.03 54.79 17.11
N LEU B 234 34.69 53.86 17.77
CA LEU B 234 34.00 52.79 18.49
C LEU B 234 33.13 53.37 19.54
N GLY B 235 33.67 54.34 20.30
CA GLY B 235 32.93 54.97 21.37
C GLY B 235 31.65 55.64 20.85
N TYR B 236 31.68 56.33 19.66
CA TYR B 236 30.49 56.95 19.07
C TYR B 236 29.40 55.93 18.75
N LYS B 237 29.91 54.81 18.10
CA LYS B 237 29.22 53.73 17.65
C LYS B 237 28.56 53.00 18.74
N VAL B 238 29.19 52.65 19.94
CA VAL B 238 28.59 51.95 21.09
C VAL B 238 27.44 52.75 21.65
N GLU B 239 27.60 54.04 21.74
CA GLU B 239 26.68 54.94 22.30
C GLU B 239 25.41 54.90 21.50
N LYS B 240 25.53 54.84 20.17
CA LYS B 240 24.43 54.91 19.21
C LYS B 240 23.56 53.75 19.37
N PHE B 241 24.23 52.57 19.50
CA PHE B 241 23.49 51.39 19.58
C PHE B 241 22.82 51.24 20.90
N ARG B 242 23.32 51.82 21.98
CA ARG B 242 22.85 51.88 23.40
C ARG B 242 21.42 52.45 23.61
N MET B 243 20.93 53.36 22.84
CA MET B 243 19.57 53.76 23.05
C MET B 243 18.68 53.20 21.97
N LEU B 244 19.27 52.50 20.96
CA LEU B 244 18.50 52.05 19.80
C LEU B 244 18.66 50.60 19.82
N ASN B 245 17.56 49.96 20.06
CA ASN B 245 17.44 48.58 19.99
C ASN B 245 17.19 48.11 18.60
N ILE B 246 17.96 47.11 18.05
CA ILE B 246 17.90 46.64 16.74
C ILE B 246 17.57 45.19 16.74
N SER B 247 17.60 44.67 17.96
CA SER B 247 17.15 43.34 18.22
C SER B 247 17.79 43.16 19.55
N PRO B 248 17.38 42.16 20.33
CA PRO B 248 17.98 41.83 21.57
C PRO B 248 19.32 41.20 21.30
N MET B 249 19.50 40.60 20.07
CA MET B 249 20.76 39.91 19.70
C MET B 249 21.87 40.95 19.60
N LYS B 250 21.62 42.17 19.06
CA LYS B 250 22.44 43.29 18.89
C LYS B 250 22.76 43.84 20.27
N LYS B 251 21.77 43.96 21.21
CA LYS B 251 22.02 44.40 22.53
C LYS B 251 22.90 43.52 23.32
N ALA B 252 22.76 42.22 23.14
CA ALA B 252 23.76 41.29 23.66
C ALA B 252 25.14 41.43 23.13
N LEU B 253 25.27 41.74 21.82
CA LEU B 253 26.52 41.88 21.12
C LEU B 253 27.32 43.09 21.64
N ILE B 254 26.65 44.23 21.79
CA ILE B 254 27.21 45.44 22.35
C ILE B 254 27.61 45.14 23.76
N ILE B 255 26.86 44.40 24.57
CA ILE B 255 27.29 43.98 25.82
C ILE B 255 28.52 43.08 25.85
N GLU B 256 28.68 42.10 24.95
CA GLU B 256 29.89 41.35 24.90
C GLU B 256 31.11 42.10 24.55
N ILE B 257 31.08 43.07 23.54
CA ILE B 257 32.24 43.86 23.14
C ILE B 257 32.63 44.69 24.32
N SER B 258 31.60 45.32 24.99
CA SER B 258 31.80 46.25 26.11
C SER B 258 32.55 45.65 27.25
N GLU B 259 32.31 44.33 27.53
CA GLU B 259 33.02 43.65 28.55
C GLU B 259 34.51 43.54 28.16
N GLU B 260 34.71 43.25 26.88
CA GLU B 260 36.02 43.04 26.35
C GLU B 260 36.87 44.24 26.44
N LEU B 261 36.24 45.38 26.20
CA LEU B 261 36.99 46.63 26.19
C LEU B 261 37.50 47.10 27.45
N GLN B 262 36.83 46.67 28.56
CA GLN B 262 37.31 47.02 29.84
C GLN B 262 38.71 46.61 30.05
N ASN B 263 38.95 45.39 29.45
CA ASN B 263 40.26 44.70 29.47
C ASN B 263 41.43 45.41 28.86
N TYR B 264 41.18 46.05 27.67
CA TYR B 264 42.17 46.91 26.95
C TYR B 264 42.59 48.08 27.89
N THR B 265 41.48 48.70 28.53
CA THR B 265 41.65 49.81 29.44
C THR B 265 42.45 49.41 30.70
N ALA B 266 42.20 48.20 31.15
CA ALA B 266 42.90 47.58 32.20
C ALA B 266 44.38 47.39 31.93
N PHE B 267 44.75 47.00 30.73
CA PHE B 267 46.13 46.81 30.28
C PHE B 267 46.96 48.12 30.31
N VAL B 268 46.28 49.12 29.84
CA VAL B 268 46.91 50.42 29.97
C VAL B 268 47.14 50.91 31.37
N ASN B 269 46.23 50.66 32.36
CA ASN B 269 46.47 51.00 33.80
C ASN B 269 47.60 50.23 34.31
N ASN B 270 47.69 48.90 34.01
CA ASN B 270 48.75 48.06 34.53
C ASN B 270 50.00 48.39 34.07
N LEU B 271 50.12 48.79 32.72
CA LEU B 271 51.43 49.04 32.18
C LEU B 271 52.06 50.26 32.85
N VAL B 272 51.18 51.21 33.26
CA VAL B 272 51.59 52.27 34.17
C VAL B 272 52.12 51.77 35.52
N SER B 273 51.44 50.72 36.05
CA SER B 273 51.80 50.14 37.29
C SER B 273 53.26 49.59 37.40
N SER B 274 53.59 48.87 36.30
CA SER B 274 54.95 48.30 36.22
C SER B 274 56.08 49.27 36.28
N GLY B 275 55.74 50.56 35.95
CA GLY B 275 56.66 51.67 36.15
C GLY B 275 57.57 51.77 35.00
N THR B 276 57.35 50.84 34.01
CA THR B 276 58.15 50.82 32.86
C THR B 276 58.16 52.04 32.01
N VAL B 277 59.25 52.30 31.30
CA VAL B 277 59.57 53.51 30.64
C VAL B 277 59.81 53.21 29.17
N VAL B 278 59.37 52.01 28.77
CA VAL B 278 59.72 51.44 27.43
C VAL B 278 59.24 52.05 26.20
N SER B 279 60.04 51.79 25.16
CA SER B 279 59.85 52.30 23.84
C SER B 279 58.43 52.11 23.38
N LEU B 280 58.03 52.98 22.39
CA LEU B 280 56.76 52.89 21.77
C LEU B 280 56.66 51.57 20.98
N LYS B 281 57.73 51.02 20.38
CA LYS B 281 57.71 49.77 19.69
C LYS B 281 57.32 48.64 20.60
N SER B 282 57.88 48.58 21.85
CA SER B 282 57.56 47.61 22.83
C SER B 282 56.18 47.67 23.30
N LEU B 283 55.60 48.84 23.49
CA LEU B 283 54.22 49.07 23.84
C LEU B 283 53.28 48.58 22.77
N TYR B 284 53.62 48.79 21.50
CA TYR B 284 52.77 48.48 20.39
C TYR B 284 52.56 47.02 20.31
N ARG B 285 53.70 46.29 20.44
CA ARG B 285 53.78 44.90 20.38
C ARG B 285 53.01 44.26 21.42
N GLU B 286 53.11 44.81 22.63
CA GLU B 286 52.33 44.28 23.74
C GLU B 286 50.82 44.39 23.55
N ILE B 287 50.28 45.52 23.02
CA ILE B 287 48.81 45.60 22.85
C ILE B 287 48.37 45.42 21.43
N TYR B 288 49.11 44.52 20.68
CA TYR B 288 48.82 44.32 19.32
C TYR B 288 47.56 43.65 19.09
N GLU B 289 47.32 42.60 19.94
CA GLU B 289 46.24 41.73 19.89
C GLU B 289 44.87 42.37 19.98
N ASN B 290 44.68 43.37 20.88
CA ASN B 290 43.47 44.13 21.08
C ASN B 290 43.16 44.88 19.85
N ILE B 291 44.15 45.34 19.10
CA ILE B 291 44.05 46.12 17.85
C ILE B 291 43.38 45.33 16.77
N ILE B 292 43.62 44.00 16.67
CA ILE B 292 43.02 43.07 15.69
C ILE B 292 41.54 42.88 16.01
N ARG B 293 41.22 42.60 17.32
CA ARG B 293 39.90 42.12 17.77
C ARG B 293 38.96 43.25 17.49
N LEU B 294 39.38 44.50 17.82
CA LEU B 294 38.77 45.78 17.59
C LEU B 294 38.51 46.03 16.18
N ARG B 295 39.58 45.69 15.33
CA ARG B 295 39.52 46.00 13.93
C ARG B 295 38.42 45.33 13.16
N ILE B 296 38.22 44.05 13.36
CA ILE B 296 37.17 43.30 12.71
C ILE B 296 35.84 43.78 13.16
N TYR B 297 35.63 44.05 14.44
CA TYR B 297 34.39 44.45 14.88
C TYR B 297 33.84 45.72 14.22
N CYS B 298 34.67 46.73 13.88
CA CYS B 298 34.32 47.92 13.24
C CYS B 298 33.75 47.65 11.84
N ARG B 299 34.21 46.69 11.05
CA ARG B 299 33.69 46.38 9.81
C ARG B 299 32.24 45.91 9.89
N PHE B 300 31.89 45.05 10.90
CA PHE B 300 30.62 44.55 11.29
C PHE B 300 29.66 45.75 11.69
N THR B 301 30.16 46.76 12.45
CA THR B 301 29.33 47.88 12.92
C THR B 301 28.77 48.66 11.74
N GLU B 302 29.64 48.85 10.70
CA GLU B 302 29.25 49.60 9.49
C GLU B 302 28.16 48.84 8.82
N HIS B 303 28.46 47.54 8.69
CA HIS B 303 27.64 46.60 8.07
C HIS B 303 26.41 46.35 8.73
N LEU B 304 26.35 46.51 10.07
CA LEU B 304 25.21 46.35 11.00
C LEU B 304 24.12 47.28 10.64
N GLU B 305 24.53 48.37 10.07
CA GLU B 305 23.58 49.42 9.60
C GLU B 305 22.60 48.93 8.67
N GLU B 306 23.08 48.00 7.86
CA GLU B 306 22.28 47.25 6.92
C GLU B 306 21.37 46.25 7.53
N LEU B 307 21.90 45.62 8.57
CA LEU B 307 21.40 44.33 9.00
C LEU B 307 20.58 44.42 10.29
N SER B 308 19.87 43.34 10.52
CA SER B 308 19.11 43.05 11.64
C SER B 308 18.79 41.58 11.68
N GLY B 309 18.20 41.11 12.80
CA GLY B 309 17.59 39.85 12.85
C GLY B 309 18.51 38.69 12.53
N ASP B 310 17.96 37.66 11.80
CA ASP B 310 18.61 36.35 11.59
C ASP B 310 19.88 36.47 10.87
N THR B 311 20.08 37.55 10.11
CA THR B 311 21.36 37.66 9.31
C THR B 311 22.60 37.63 10.24
N PHE B 312 22.46 38.27 11.49
CA PHE B 312 23.48 38.41 12.56
C PHE B 312 23.99 37.09 12.97
N LEU B 313 23.08 36.09 13.07
CA LEU B 313 23.36 34.69 13.35
C LEU B 313 24.22 34.00 12.27
N ILE B 314 23.96 34.34 11.01
CA ILE B 314 24.70 33.73 9.92
C ILE B 314 26.15 34.21 10.02
N GLU B 315 26.26 35.53 10.27
CA GLU B 315 27.59 36.12 10.28
C GLU B 315 28.35 35.49 11.41
N LEU B 316 27.75 35.35 12.63
CA LEU B 316 28.41 34.78 13.78
C LEU B 316 28.79 33.34 13.56
N ASN B 317 27.95 32.53 12.88
CA ASN B 317 28.21 31.17 12.57
C ASN B 317 29.41 31.05 11.65
N ILE B 318 29.49 31.86 10.56
CA ILE B 318 30.46 31.77 9.56
C ILE B 318 31.88 32.06 10.12
N PHE B 319 31.88 33.13 10.90
CA PHE B 319 33.03 33.82 11.51
C PHE B 319 33.77 32.84 12.49
N LYS B 320 32.92 32.06 13.19
CA LYS B 320 33.37 31.01 14.07
C LYS B 320 34.16 30.01 13.34
N SER B 321 33.81 29.79 12.06
CA SER B 321 34.45 28.90 11.22
C SER B 321 35.83 29.19 10.89
N HIS B 322 36.19 30.48 10.80
CA HIS B 322 37.39 31.00 10.35
C HIS B 322 38.56 30.93 11.32
N GLY B 323 39.70 30.78 10.68
CA GLY B 323 40.98 30.31 11.23
C GLY B 323 41.61 31.42 12.08
N ASP B 324 42.48 30.92 12.96
CA ASP B 324 42.94 31.51 14.18
C ASP B 324 41.84 31.39 15.20
N LEU B 325 42.19 30.64 16.25
CA LEU B 325 41.46 30.11 17.28
C LEU B 325 40.71 31.17 18.00
N THR B 326 41.36 32.33 18.21
CA THR B 326 40.93 33.48 19.04
C THR B 326 39.73 34.23 18.52
N ILE B 327 39.67 34.53 17.19
CA ILE B 327 38.56 35.21 16.56
C ILE B 327 37.31 34.39 16.54
N ARG B 328 37.51 33.07 16.18
CA ARG B 328 36.56 31.96 16.13
C ARG B 328 36.05 31.79 17.53
N LYS B 329 36.97 31.88 18.51
CA LYS B 329 36.63 31.73 19.91
C LYS B 329 35.70 32.77 20.45
N ILE B 330 35.97 34.06 20.08
CA ILE B 330 35.19 35.16 20.50
C ILE B 330 33.81 35.03 19.92
N ALA B 331 33.72 34.64 18.62
CA ALA B 331 32.44 34.44 17.97
C ALA B 331 31.59 33.35 18.66
N THR B 332 32.29 32.18 19.13
CA THR B 332 31.52 31.19 19.81
C THR B 332 30.91 31.71 21.04
N ASN B 333 31.64 32.53 21.85
CA ASN B 333 31.11 33.15 23.02
C ASN B 333 29.96 34.07 22.86
N LEU B 334 29.98 34.95 21.80
CA LEU B 334 28.92 35.92 21.48
C LEU B 334 27.66 35.18 21.09
N PHE B 335 27.95 34.09 20.39
CA PHE B 335 26.93 33.18 19.91
C PHE B 335 26.17 32.54 20.97
N ASN B 336 26.86 32.09 22.10
CA ASN B 336 26.20 31.33 23.17
C ASN B 336 25.18 32.21 23.69
N SER B 337 25.48 33.51 23.88
CA SER B 337 24.51 34.41 24.38
C SER B 337 23.39 34.63 23.34
N MET B 338 23.67 34.66 21.99
CA MET B 338 22.52 34.80 21.08
C MET B 338 21.54 33.66 21.12
N ILE B 339 22.04 32.40 21.16
CA ILE B 339 21.20 31.29 21.24
C ILE B 339 20.41 31.29 22.46
N SER B 340 20.95 31.88 23.56
CA SER B 340 20.25 32.08 24.84
C SER B 340 18.97 32.84 24.77
N LEU B 341 18.95 33.89 23.86
CA LEU B 341 17.79 34.65 23.55
C LEU B 341 16.77 33.72 22.84
N TYR B 342 17.14 32.86 21.89
CA TYR B 342 16.31 31.83 21.22
C TYR B 342 15.79 30.83 22.26
N TYR B 343 16.60 30.30 23.25
CA TYR B 343 16.09 29.32 24.23
C TYR B 343 14.92 29.97 25.08
N GLU B 344 15.10 31.27 25.40
CA GLU B 344 14.12 32.14 26.14
C GLU B 344 12.88 32.22 25.31
N TYR B 345 12.97 32.45 24.05
CA TYR B 345 11.87 32.56 23.15
C TYR B 345 11.13 31.27 23.07
N LEU B 346 11.82 30.13 22.95
CA LEU B 346 11.21 28.84 22.86
C LEU B 346 10.41 28.43 24.10
N MET B 347 11.04 28.73 25.29
CA MET B 347 10.35 28.38 26.55
C MET B 347 9.06 29.11 26.82
N ASN B 348 9.18 30.43 26.42
CA ASN B 348 8.11 31.28 26.41
C ASN B 348 7.01 30.89 25.48
N TRP B 349 7.30 30.49 24.28
CA TRP B 349 6.39 30.01 23.22
C TRP B 349 5.77 28.67 23.64
N LEU B 350 6.51 27.64 23.95
CA LEU B 350 5.92 26.36 24.22
C LEU B 350 5.10 26.30 25.44
N THR B 351 5.56 26.95 26.54
CA THR B 351 4.81 27.06 27.74
C THR B 351 3.73 28.08 27.84
N LYS B 352 3.91 29.26 27.31
CA LYS B 352 3.08 30.42 27.53
C LYS B 352 2.69 31.15 26.22
N GLY B 353 2.87 30.51 25.07
CA GLY B 353 2.50 31.11 23.80
C GLY B 353 2.80 32.52 23.48
N LEU B 354 4.11 32.78 23.59
CA LEU B 354 4.63 34.08 23.34
C LEU B 354 5.93 33.95 22.56
N LEU B 355 6.13 34.71 21.53
CA LEU B 355 7.34 34.63 20.79
C LEU B 355 7.71 36.11 20.73
N ARG B 356 8.96 36.37 20.20
CA ARG B 356 9.31 37.77 20.11
C ARG B 356 10.12 37.84 18.86
N ALA B 357 9.77 38.92 18.08
CA ALA B 357 10.22 39.17 16.78
C ALA B 357 10.17 40.66 16.66
N THR B 358 10.85 41.41 17.60
CA THR B 358 10.77 42.85 17.63
C THR B 358 11.45 43.44 16.36
N TYR B 359 12.60 42.82 15.94
CA TYR B 359 13.24 43.19 14.68
C TYR B 359 13.44 41.96 13.86
N GLY B 360 12.41 41.06 13.90
CA GLY B 360 12.23 39.99 12.97
C GLY B 360 13.13 38.80 13.34
N GLU B 361 13.38 38.56 14.67
CA GLU B 361 14.19 37.50 15.06
C GLU B 361 13.44 36.19 14.80
N PHE B 362 12.11 36.04 15.15
CA PHE B 362 11.50 34.78 15.06
C PHE B 362 10.49 34.93 14.04
N PHE B 363 9.94 33.79 13.79
CA PHE B 363 9.11 33.36 12.70
C PHE B 363 7.73 33.66 12.95
N ILE B 364 7.38 34.97 13.27
CA ILE B 364 6.01 35.48 13.45
C ILE B 364 5.75 36.09 12.19
N ALA B 365 4.44 35.80 11.77
CA ALA B 365 3.75 36.43 10.72
C ALA B 365 2.45 36.93 11.27
N GLU B 366 1.95 38.06 10.67
CA GLU B 366 0.61 38.64 10.77
C GLU B 366 -0.21 37.83 9.83
N ASN B 367 -1.49 37.88 10.16
CA ASN B 367 -2.48 37.08 9.54
C ASN B 367 -2.47 37.12 8.03
N TYR B 379 -7.59 38.90 15.80
CA TYR B 379 -9.04 38.40 15.98
C TYR B 379 -9.37 37.11 15.21
N HIS B 380 -8.72 36.85 14.10
CA HIS B 380 -8.91 35.73 13.23
C HIS B 380 -7.51 35.15 13.10
N ILE B 381 -6.82 34.80 14.20
CA ILE B 381 -5.51 34.28 14.44
C ILE B 381 -4.45 35.19 13.67
N PRO B 382 -3.71 36.06 14.40
CA PRO B 382 -2.69 36.96 13.80
C PRO B 382 -1.30 36.54 14.14
N ILE B 383 -1.09 35.27 14.40
CA ILE B 383 0.23 34.74 14.61
C ILE B 383 0.26 33.56 13.77
N GLU B 384 1.28 33.47 12.91
CA GLU B 384 1.52 32.43 11.96
C GLU B 384 2.95 32.31 11.74
N PHE B 385 3.33 31.23 11.07
CA PHE B 385 4.77 30.84 10.86
C PHE B 385 5.31 31.53 9.70
N ASN B 386 6.55 32.04 9.76
CA ASN B 386 7.32 32.56 8.64
C ASN B 386 8.33 31.47 8.43
N GLN B 387 8.02 30.55 7.58
CA GLN B 387 8.78 29.44 7.28
C GLN B 387 10.10 29.78 6.60
N GLU B 388 10.18 30.79 5.74
CA GLU B 388 11.36 31.19 4.98
C GLU B 388 12.54 31.61 5.86
N ARG B 389 12.39 32.33 6.94
CA ARG B 389 13.50 32.71 7.86
C ARG B 389 14.02 31.68 8.75
N VAL B 390 13.23 30.62 9.02
CA VAL B 390 13.52 29.51 9.86
C VAL B 390 14.88 28.99 9.42
N PRO B 391 15.76 28.68 10.33
CA PRO B 391 17.12 28.30 10.09
C PRO B 391 17.08 26.81 10.10
N ALA B 392 18.14 26.10 9.53
CA ALA B 392 18.23 24.65 9.53
C ALA B 392 19.29 24.32 10.57
N PHE B 393 19.80 25.32 11.30
CA PHE B 393 20.87 25.21 12.22
C PHE B 393 20.69 24.04 13.18
N ILE B 394 19.35 23.88 13.57
CA ILE B 394 18.66 22.76 14.18
C ILE B 394 17.64 22.70 13.12
N PRO B 395 17.47 21.63 12.29
CA PRO B 395 16.62 21.51 11.11
C PRO B 395 15.36 22.30 11.06
N LYS B 396 15.04 22.80 9.82
CA LYS B 396 13.79 23.55 9.53
C LYS B 396 12.57 22.64 9.83
N GLU B 397 12.60 21.28 9.58
CA GLU B 397 11.46 20.38 9.93
C GLU B 397 11.29 20.38 11.48
N LEU B 398 12.43 20.35 12.24
CA LEU B 398 12.46 20.33 13.66
C LEU B 398 11.85 21.60 14.29
N ALA B 399 12.20 22.77 13.68
CA ALA B 399 11.72 24.06 14.04
C ALA B 399 10.17 24.16 13.83
N TYR B 400 9.69 23.57 12.70
CA TYR B 400 8.35 23.54 12.27
C TYR B 400 7.53 22.76 13.29
N LYS B 401 8.08 21.64 13.82
CA LYS B 401 7.38 20.88 14.77
C LYS B 401 7.13 21.57 16.01
N ILE B 402 8.15 22.38 16.48
CA ILE B 402 8.01 23.19 17.67
C ILE B 402 6.96 24.20 17.44
N PHE B 403 6.95 24.82 16.26
CA PHE B 403 6.07 25.84 15.91
C PHE B 403 4.57 25.46 15.91
N MET B 404 4.32 24.30 15.36
CA MET B 404 3.01 23.62 15.28
C MET B 404 2.52 23.31 16.68
N ILE B 405 3.47 22.81 17.52
CA ILE B 405 3.28 22.48 18.92
C ILE B 405 2.94 23.72 19.69
N GLY B 406 3.62 24.79 19.38
CA GLY B 406 3.39 26.05 19.94
C GLY B 406 2.06 26.66 19.69
N LYS B 407 1.51 26.54 18.40
CA LYS B 407 0.20 26.96 18.04
C LYS B 407 -0.86 26.23 18.74
N SER B 408 -0.70 24.91 18.86
CA SER B 408 -1.69 24.08 19.59
C SER B 408 -1.80 24.47 21.07
N TYR B 409 -0.63 24.77 21.70
CA TYR B 409 -0.57 25.22 23.04
C TYR B 409 -1.20 26.58 23.27
N ILE B 410 -1.01 27.61 22.37
CA ILE B 410 -1.66 28.89 22.50
C ILE B 410 -3.17 28.79 22.37
N PHE B 411 -3.74 27.97 21.46
CA PHE B 411 -5.25 27.82 21.36
C PHE B 411 -5.89 27.21 22.56
N LEU B 412 -5.16 26.21 23.14
CA LEU B 412 -5.57 25.52 24.28
C LEU B 412 -5.66 26.43 25.47
N GLU B 413 -4.73 27.40 25.60
CA GLU B 413 -4.86 28.45 26.59
C GLU B 413 -6.05 29.29 26.24
N LYS B 414 -6.38 29.57 24.98
CA LYS B 414 -7.57 30.33 24.75
C LYS B 414 -8.86 29.67 25.17
N TYR B 415 -8.99 28.34 24.92
CA TYR B 415 -10.04 27.52 25.40
C TYR B 415 -10.05 27.44 26.89
N CYS B 416 -8.79 27.39 27.44
CA CYS B 416 -8.44 26.90 28.74
C CYS B 416 -9.48 26.54 29.78
N LYS B 417 -9.25 25.35 30.32
CA LYS B 417 -9.78 24.83 31.55
C LYS B 417 -8.64 24.09 32.21
N GLU B 418 -7.56 24.05 31.38
CA GLU B 418 -6.45 23.31 31.81
C GLU B 418 -5.66 23.91 32.96
N VAL B 419 -4.98 23.06 33.73
CA VAL B 419 -4.05 23.43 34.81
C VAL B 419 -2.78 23.46 34.12
N GLN B 420 -1.97 24.40 34.54
CA GLN B 420 -0.62 24.51 34.11
C GLN B 420 0.24 23.62 34.91
N TRP B 421 0.62 22.52 34.25
CA TRP B 421 1.21 21.46 34.99
C TRP B 421 2.72 21.56 35.21
N THR B 422 3.38 20.38 35.40
CA THR B 422 4.82 20.38 35.62
C THR B 422 5.57 20.76 34.32
N ASN B 423 4.93 20.71 33.10
CA ASN B 423 5.45 20.86 31.76
C ASN B 423 6.12 22.22 31.70
N GLU B 424 5.56 23.27 32.32
CA GLU B 424 6.14 24.52 32.53
C GLU B 424 7.39 24.47 33.39
N PHE B 425 7.38 23.73 34.46
CA PHE B 425 8.50 23.76 35.38
C PHE B 425 9.72 23.26 34.78
N SER B 426 9.49 22.11 34.02
CA SER B 426 10.45 21.35 33.30
C SER B 426 10.98 22.25 32.23
N LYS B 427 10.17 23.07 31.58
CA LYS B 427 10.64 23.90 30.50
C LYS B 427 11.68 24.91 31.01
N LYS B 428 11.46 25.45 32.20
CA LYS B 428 12.35 26.37 32.89
C LYS B 428 13.66 25.64 33.23
N TYR B 429 13.54 24.31 33.68
CA TYR B 429 14.61 23.51 34.06
C TYR B 429 15.47 23.32 32.81
N HIS B 430 14.85 23.06 31.66
CA HIS B 430 15.40 22.68 30.44
C HIS B 430 16.28 23.82 29.94
N VAL B 431 15.80 25.06 30.08
CA VAL B 431 16.60 26.18 29.63
C VAL B 431 17.90 26.33 30.48
N LEU B 432 17.72 26.06 31.81
CA LEU B 432 18.87 26.10 32.72
C LEU B 432 19.89 25.05 32.41
N TYR B 433 19.33 23.88 32.05
CA TYR B 433 20.12 22.69 31.75
C TYR B 433 20.99 23.04 30.53
N GLN B 434 20.45 23.76 29.52
CA GLN B 434 21.31 24.17 28.39
C GLN B 434 22.46 25.18 28.79
N SER B 435 22.16 26.09 29.71
CA SER B 435 23.24 26.94 30.27
C SER B 435 24.30 26.10 30.96
N ASN B 436 23.88 24.92 31.54
CA ASN B 436 24.82 23.99 32.29
C ASN B 436 25.79 23.36 31.36
N SER B 437 25.24 23.14 30.12
CA SER B 437 25.98 22.45 29.09
C SER B 437 26.52 23.35 28.06
N TYR B 438 26.55 24.68 28.46
CA TYR B 438 26.93 25.83 27.76
C TYR B 438 25.88 26.12 26.66
N ARG B 439 25.93 25.40 25.54
CA ARG B 439 24.96 25.62 24.43
C ARG B 439 23.70 24.93 24.60
N GLY B 440 22.75 25.30 23.72
CA GLY B 440 21.45 24.71 23.72
C GLY B 440 21.66 23.52 22.83
N ILE B 441 22.11 22.38 23.49
CA ILE B 441 22.31 21.17 22.81
C ILE B 441 21.01 20.69 22.19
N SER B 442 21.20 20.34 20.89
CA SER B 442 20.18 19.99 19.92
C SER B 442 19.51 18.64 20.36
N THR B 443 20.30 17.66 20.76
CA THR B 443 19.80 16.35 21.12
C THR B 443 18.89 16.47 22.23
N ASN B 444 19.40 17.28 23.21
CA ASN B 444 18.60 17.63 24.48
C ASN B 444 17.40 18.40 24.11
N PHE B 445 17.47 19.39 23.17
CA PHE B 445 16.30 20.07 22.79
C PHE B 445 15.26 19.20 22.12
N PHE B 446 15.73 18.31 21.22
CA PHE B 446 14.89 17.40 20.51
C PHE B 446 14.17 16.39 21.40
N GLU B 447 14.91 15.86 22.43
CA GLU B 447 14.36 14.96 23.44
C GLU B 447 13.29 15.71 24.20
N ILE B 448 13.52 17.01 24.55
CA ILE B 448 12.55 17.76 25.29
C ILE B 448 11.29 17.99 24.53
N ILE B 449 11.47 18.27 23.18
CA ILE B 449 10.36 18.46 22.26
C ILE B 449 9.56 17.26 22.09
N ASN B 450 10.25 16.10 21.88
CA ASN B 450 9.47 14.80 21.74
C ASN B 450 8.70 14.42 22.97
N ASP B 451 9.24 14.60 24.16
CA ASP B 451 8.61 14.27 25.36
C ASP B 451 7.37 15.02 25.64
N GLN B 452 7.47 16.31 25.39
CA GLN B 452 6.40 17.27 25.43
C GLN B 452 5.36 16.98 24.31
N TYR B 453 5.82 16.55 23.10
CA TYR B 453 4.94 16.17 22.05
C TYR B 453 4.12 15.00 22.48
N SER B 454 4.70 13.94 23.00
CA SER B 454 3.93 12.75 23.38
C SER B 454 2.92 13.10 24.45
N GLU B 455 3.31 13.91 25.47
CA GLU B 455 2.49 14.34 26.57
C GLU B 455 1.36 15.15 25.96
N ILE B 456 1.63 16.03 24.98
CA ILE B 456 0.60 16.81 24.25
C ILE B 456 -0.35 15.99 23.49
N VAL B 457 0.17 14.90 22.79
CA VAL B 457 -0.61 14.00 21.99
C VAL B 457 -1.61 13.31 22.88
N ASN B 458 -1.17 12.77 24.00
CA ASN B 458 -1.99 12.09 25.02
C ASN B 458 -2.94 13.03 25.65
N HIS B 459 -2.47 14.23 25.95
CA HIS B 459 -3.27 15.30 26.54
C HIS B 459 -4.36 15.75 25.58
N THR B 460 -4.00 15.73 24.26
CA THR B 460 -4.79 16.13 23.14
C THR B 460 -5.85 15.13 22.99
N ASN B 461 -5.54 13.82 23.24
CA ASN B 461 -6.47 12.69 23.26
C ASN B 461 -7.49 12.99 24.32
N GLN B 462 -7.06 13.42 25.51
CA GLN B 462 -7.89 13.79 26.59
C GLN B 462 -8.82 14.99 26.14
N ILE B 463 -8.31 16.01 25.43
CA ILE B 463 -9.12 17.09 24.89
C ILE B 463 -10.12 16.58 23.91
N LEU B 464 -9.73 15.65 23.02
CA LEU B 464 -10.56 15.20 21.95
C LEU B 464 -11.66 14.36 22.47
N ASN B 465 -11.33 13.31 23.33
CA ASN B 465 -12.42 12.52 23.79
C ASN B 465 -13.36 13.30 24.78
N GLN B 466 -12.76 13.83 25.88
CA GLN B 466 -13.35 14.51 27.03
C GLN B 466 -13.76 15.90 26.98
N LYS B 467 -12.92 16.79 26.43
CA LYS B 467 -13.21 18.22 26.47
C LYS B 467 -14.27 18.69 25.57
N PHE B 468 -14.20 18.30 24.30
CA PHE B 468 -15.09 18.62 23.30
C PHE B 468 -14.90 17.38 22.60
N HIS B 469 -15.97 16.55 22.62
CA HIS B 469 -16.11 15.18 22.28
C HIS B 469 -16.17 15.15 20.79
N TYR B 470 -15.01 15.33 20.17
CA TYR B 470 -14.89 15.42 18.75
C TYR B 470 -15.19 14.22 18.01
N ARG B 471 -14.70 13.08 18.51
CA ARG B 471 -14.92 11.78 17.88
C ARG B 471 -16.36 11.50 17.75
N ASP B 472 -17.06 11.88 18.86
CA ASP B 472 -18.47 11.71 18.92
C ASP B 472 -19.09 12.62 17.88
N VAL B 473 -18.57 13.91 17.69
CA VAL B 473 -19.14 14.76 16.67
C VAL B 473 -18.92 14.36 15.28
N VAL B 474 -17.80 13.80 14.92
CA VAL B 474 -17.57 13.34 13.54
C VAL B 474 -18.63 12.31 13.22
N PHE B 475 -18.88 11.40 14.20
CA PHE B 475 -19.83 10.36 14.04
C PHE B 475 -21.25 10.84 13.76
N ALA B 476 -21.66 11.85 14.60
CA ALA B 476 -22.95 12.55 14.59
C ALA B 476 -23.05 13.22 13.23
N LEU B 477 -21.94 13.79 12.72
CA LEU B 477 -21.86 14.46 11.42
C LEU B 477 -22.15 13.47 10.37
N LYS B 478 -21.56 12.29 10.52
CA LYS B 478 -21.86 11.19 9.53
C LYS B 478 -23.32 10.91 9.63
N ASN B 479 -23.89 10.87 10.84
CA ASN B 479 -25.34 10.64 10.92
C ASN B 479 -26.29 11.64 10.30
N ILE B 480 -26.13 12.96 10.64
CA ILE B 480 -26.96 14.06 10.12
C ILE B 480 -26.58 14.61 8.70
N LEU B 481 -25.28 15.04 8.50
CA LEU B 481 -24.73 15.75 7.38
C LEU B 481 -24.74 14.83 6.21
N LEU B 482 -24.25 13.59 6.42
CA LEU B 482 -24.16 12.48 5.45
C LEU B 482 -25.36 11.55 5.46
N MET B 483 -26.29 11.94 6.35
CA MET B 483 -27.72 11.62 6.44
C MET B 483 -27.92 10.07 6.60
N GLY B 484 -27.05 9.43 7.43
CA GLY B 484 -27.16 8.02 7.75
C GLY B 484 -28.27 7.80 8.71
N LYS B 485 -28.78 8.83 9.40
CA LYS B 485 -30.08 8.79 10.14
C LYS B 485 -31.03 9.59 9.34
N SER B 486 -31.64 8.86 8.27
CA SER B 486 -32.59 9.28 7.21
C SER B 486 -33.88 9.61 7.81
N ASP B 487 -34.26 8.95 8.93
CA ASP B 487 -35.54 8.93 9.57
C ASP B 487 -35.74 10.38 9.99
N PHE B 488 -34.68 11.09 10.52
CA PHE B 488 -34.85 12.47 10.93
C PHE B 488 -35.27 13.40 9.74
N MET B 489 -34.59 13.18 8.63
CA MET B 489 -34.84 13.92 7.40
C MET B 489 -36.19 13.65 6.92
N ASP B 490 -36.63 12.39 6.97
CA ASP B 490 -37.92 11.94 6.38
C ASP B 490 -39.09 12.63 6.99
N ALA B 491 -38.99 12.65 8.34
CA ALA B 491 -39.98 13.29 9.15
C ALA B 491 -39.97 14.75 8.87
N LEU B 492 -38.77 15.39 8.71
CA LEU B 492 -38.59 16.81 8.52
C LEU B 492 -39.21 17.22 7.24
N ILE B 493 -38.99 16.43 6.17
CA ILE B 493 -39.58 16.70 4.85
C ILE B 493 -41.05 16.66 4.88
N GLU B 494 -41.63 15.64 5.59
CA GLU B 494 -43.05 15.30 5.59
C GLU B 494 -43.85 16.38 6.14
N LYS B 495 -43.34 16.84 7.31
CA LYS B 495 -43.95 17.99 7.92
C LYS B 495 -43.72 19.36 7.14
N ALA B 496 -42.53 19.62 6.62
CA ALA B 496 -42.11 20.88 5.97
C ALA B 496 -42.82 21.13 4.64
N ASN B 497 -43.21 20.05 3.92
CA ASN B 497 -43.52 20.03 2.50
C ASN B 497 -44.50 21.08 2.11
N ASP B 498 -45.54 21.24 2.92
CA ASP B 498 -46.61 22.11 2.58
C ASP B 498 -46.11 23.50 2.38
N ILE B 499 -45.20 23.91 3.33
CA ILE B 499 -44.65 25.24 3.44
C ILE B 499 -43.72 25.62 2.31
N LEU B 500 -42.89 24.66 1.90
CA LEU B 500 -41.87 24.70 0.88
C LEU B 500 -42.47 24.63 -0.50
N ALA B 501 -43.63 23.92 -0.66
CA ALA B 501 -44.28 23.86 -1.96
C ALA B 501 -44.67 25.22 -2.52
N THR B 502 -45.18 26.19 -1.63
CA THR B 502 -45.60 27.51 -1.86
C THR B 502 -44.31 28.28 -1.61
N PRO B 503 -44.14 29.45 -2.24
CA PRO B 503 -43.12 30.41 -1.88
C PRO B 503 -43.26 30.68 -0.44
N SER B 504 -42.13 31.00 0.25
CA SER B 504 -42.09 31.19 1.66
C SER B 504 -41.50 32.57 1.86
N ASP B 505 -41.74 33.13 3.06
CA ASP B 505 -41.16 34.37 3.56
C ASP B 505 -40.76 34.14 4.99
N SER B 506 -40.70 35.22 5.83
CA SER B 506 -40.19 35.34 7.18
C SER B 506 -40.82 34.46 8.22
N LEU B 507 -42.12 34.40 8.25
CA LEU B 507 -42.89 33.69 9.22
C LEU B 507 -42.69 32.17 9.04
N PRO B 508 -42.55 31.66 7.83
CA PRO B 508 -42.24 30.26 7.56
C PRO B 508 -41.05 29.88 8.30
N ASN B 509 -40.02 30.80 8.35
CA ASN B 509 -38.70 30.51 8.82
C ASN B 509 -38.73 30.05 10.24
N TYR B 510 -39.48 30.76 11.16
CA TYR B 510 -39.61 30.34 12.59
C TYR B 510 -40.38 29.09 12.66
N LYS B 511 -41.46 28.95 11.92
CA LYS B 511 -42.38 27.78 11.95
C LYS B 511 -41.61 26.60 11.58
N LEU B 512 -40.74 26.70 10.54
CA LEU B 512 -39.92 25.65 9.98
C LEU B 512 -38.94 25.17 10.98
N THR B 513 -38.34 26.14 11.84
CA THR B 513 -37.36 25.83 12.82
C THR B 513 -37.92 25.00 13.87
N ARG B 514 -39.19 25.30 14.23
CA ARG B 514 -39.85 24.52 15.21
C ARG B 514 -40.06 23.14 14.77
N VAL B 515 -40.48 22.96 13.53
CA VAL B 515 -40.71 21.69 12.87
C VAL B 515 -39.40 20.96 12.89
N LEU B 516 -38.21 21.60 12.67
CA LEU B 516 -36.96 20.98 12.74
C LEU B 516 -36.65 20.50 14.13
N GLN B 517 -36.96 21.32 15.24
CA GLN B 517 -36.68 20.91 16.61
C GLN B 517 -37.57 19.73 16.89
N GLU B 518 -38.82 19.76 16.47
CA GLU B 518 -39.78 18.75 16.68
C GLU B 518 -39.38 17.42 16.07
N ALA B 519 -38.83 17.48 14.86
CA ALA B 519 -38.28 16.41 14.10
C ALA B 519 -37.15 15.82 14.87
N VAL B 520 -36.24 16.56 15.55
CA VAL B 520 -35.10 15.95 16.31
C VAL B 520 -35.58 15.11 17.48
N GLN B 521 -36.64 15.57 18.14
CA GLN B 521 -37.38 14.79 19.18
C GLN B 521 -38.03 13.53 18.69
N LEU B 522 -38.70 13.67 17.50
CA LEU B 522 -39.44 12.70 16.70
C LEU B 522 -38.56 11.58 16.19
N SER B 523 -37.28 11.86 15.80
CA SER B 523 -36.41 10.78 15.38
C SER B 523 -35.85 9.93 16.47
N SER B 524 -36.23 10.28 17.76
CA SER B 524 -35.94 9.62 18.95
C SER B 524 -34.45 9.49 19.17
N LEU B 525 -33.75 10.68 19.10
CA LEU B 525 -32.33 10.73 19.32
C LEU B 525 -32.06 10.84 20.81
N ARG B 526 -30.80 10.83 21.21
CA ARG B 526 -30.39 10.87 22.56
C ARG B 526 -30.49 12.26 23.04
N HIS B 527 -30.98 12.22 24.30
CA HIS B 527 -31.27 13.40 25.05
C HIS B 527 -30.98 13.02 26.47
N LEU B 528 -30.03 12.08 26.71
CA LEU B 528 -29.60 11.61 28.00
C LEU B 528 -28.28 12.25 28.09
N MET B 529 -27.70 12.17 29.39
CA MET B 529 -26.35 12.54 29.82
C MET B 529 -25.45 11.39 29.48
N ASN B 530 -24.20 11.70 29.19
CA ASN B 530 -23.14 10.90 28.67
C ASN B 530 -23.58 10.36 27.32
N SER B 531 -24.34 11.26 26.60
CA SER B 531 -24.97 10.98 25.33
C SER B 531 -25.44 12.32 24.94
N PRO B 532 -25.76 12.66 23.71
CA PRO B 532 -26.13 13.99 23.26
C PRO B 532 -27.29 14.65 24.14
N ARG B 533 -26.90 15.78 24.78
CA ARG B 533 -27.67 16.59 25.64
C ARG B 533 -26.61 17.10 26.55
N ASN B 534 -25.67 16.23 26.88
CA ASN B 534 -24.33 16.56 27.44
C ASN B 534 -23.68 17.35 26.35
N SER B 535 -23.79 16.85 25.11
CA SER B 535 -23.19 17.42 23.96
C SER B 535 -24.28 18.33 23.34
N SER B 536 -23.78 19.29 22.57
CA SER B 536 -24.69 20.31 22.05
C SER B 536 -24.87 20.05 20.56
N VAL B 537 -24.73 18.83 20.07
CA VAL B 537 -25.13 18.42 18.71
C VAL B 537 -26.61 18.33 18.55
N ILE B 538 -27.34 18.01 19.63
CA ILE B 538 -28.71 18.02 19.84
C ILE B 538 -29.11 19.35 20.33
N ASN B 539 -28.20 20.35 20.42
CA ASN B 539 -28.59 21.64 20.97
C ASN B 539 -27.69 22.67 20.26
N GLY B 540 -27.61 22.60 18.91
CA GLY B 540 -26.85 23.56 18.16
C GLY B 540 -27.35 23.82 16.74
N LEU B 541 -28.74 23.69 16.55
CA LEU B 541 -29.27 23.89 15.24
C LEU B 541 -29.86 25.30 15.09
N ASP B 542 -29.64 25.98 14.01
CA ASP B 542 -30.24 27.30 13.67
C ASP B 542 -30.68 27.23 12.19
N ALA B 543 -31.79 27.91 11.83
CA ALA B 543 -32.27 27.83 10.44
C ALA B 543 -31.78 29.10 9.73
N ARG B 544 -31.33 28.91 8.47
CA ARG B 544 -30.59 29.87 7.69
C ARG B 544 -31.35 30.29 6.52
N VAL B 545 -31.09 31.53 6.12
CA VAL B 545 -31.72 32.02 4.92
C VAL B 545 -30.58 32.46 4.06
N LEU B 546 -30.63 31.97 2.78
CA LEU B 546 -29.58 32.12 1.78
C LEU B 546 -29.54 33.44 1.15
N ASP B 547 -28.37 33.70 0.53
CA ASP B 547 -28.08 34.79 -0.38
C ASP B 547 -28.18 34.41 -1.84
N LEU B 548 -28.28 33.15 -2.18
CA LEU B 548 -28.44 32.71 -3.50
C LEU B 548 -29.53 31.66 -3.54
N GLY B 549 -30.54 31.92 -4.43
CA GLY B 549 -31.59 31.00 -4.74
C GLY B 549 -32.73 31.42 -3.84
N HIS B 550 -33.57 32.37 -4.27
CA HIS B 550 -34.61 32.91 -3.44
C HIS B 550 -35.66 33.57 -4.32
N GLY B 551 -36.86 33.89 -3.74
CA GLY B 551 -37.92 34.57 -4.43
C GLY B 551 -38.84 33.70 -5.24
N SER B 552 -38.32 32.50 -5.55
CA SER B 552 -39.16 31.48 -6.23
C SER B 552 -39.96 30.75 -5.20
N VAL B 553 -39.94 29.36 -5.25
CA VAL B 553 -40.68 28.67 -4.18
C VAL B 553 -39.87 28.68 -2.95
N GLY B 554 -40.44 28.13 -1.82
CA GLY B 554 -39.87 28.02 -0.43
C GLY B 554 -38.62 27.24 -0.24
N TRP B 555 -38.52 26.15 -0.95
CA TRP B 555 -37.45 25.11 -0.79
C TRP B 555 -36.11 25.71 -1.04
N ASP B 556 -35.93 26.50 -2.08
CA ASP B 556 -34.66 27.06 -2.57
C ASP B 556 -34.17 28.03 -1.52
N VAL B 557 -35.01 28.77 -0.84
CA VAL B 557 -34.67 29.77 0.16
C VAL B 557 -34.02 29.18 1.42
N PHE B 558 -34.29 27.86 1.67
CA PHE B 558 -33.87 27.14 2.87
C PHE B 558 -32.38 26.87 2.90
N THR B 559 -31.83 27.03 4.16
CA THR B 559 -30.60 26.32 4.49
C THR B 559 -30.74 26.01 6.02
N LEU B 560 -29.79 25.18 6.53
CA LEU B 560 -29.69 24.71 7.93
C LEU B 560 -28.21 25.09 8.35
N ASP B 561 -28.09 25.60 9.63
CA ASP B 561 -26.76 25.94 10.08
C ASP B 561 -26.65 25.25 11.38
N TYR B 562 -25.49 24.62 11.50
CA TYR B 562 -24.89 24.05 12.65
C TYR B 562 -23.73 24.86 12.90
N ILE B 563 -23.67 25.29 14.18
CA ILE B 563 -22.74 26.22 14.71
C ILE B 563 -21.28 25.89 14.52
N LEU B 564 -20.39 26.98 14.52
CA LEU B 564 -19.01 26.97 14.26
C LEU B 564 -18.25 27.65 15.42
N TYR B 565 -18.74 27.68 16.68
CA TYR B 565 -18.08 28.20 17.83
C TYR B 565 -16.86 27.45 18.24
N PRO B 566 -16.09 27.79 19.28
CA PRO B 566 -14.91 26.97 19.59
C PRO B 566 -15.17 25.51 19.91
N PRO B 567 -14.26 24.62 19.85
CA PRO B 567 -12.90 24.82 19.41
C PRO B 567 -12.79 24.98 17.94
N LEU B 568 -13.95 24.85 17.15
CA LEU B 568 -13.98 24.91 15.73
C LEU B 568 -13.61 26.31 15.34
N SER B 569 -13.71 27.43 16.18
CA SER B 569 -13.35 28.83 15.83
C SER B 569 -11.96 29.01 15.35
N LEU B 570 -11.10 28.09 15.80
CA LEU B 570 -9.71 28.10 15.43
C LEU B 570 -9.59 27.97 13.95
N VAL B 571 -10.40 27.06 13.39
CA VAL B 571 -10.47 26.77 12.08
C VAL B 571 -11.28 27.79 11.44
N LEU B 572 -12.57 27.98 11.86
CA LEU B 572 -13.40 28.96 11.21
C LEU B 572 -13.21 30.25 11.97
N ASN B 573 -12.44 31.13 11.42
CA ASN B 573 -12.16 32.37 12.04
C ASN B 573 -13.29 33.36 11.67
N VAL B 574 -13.11 34.54 12.21
CA VAL B 574 -13.99 35.64 12.19
C VAL B 574 -13.65 36.59 11.08
N ASN B 575 -12.92 36.10 10.04
CA ASN B 575 -12.75 36.96 8.88
C ASN B 575 -12.30 36.04 7.80
N ARG B 576 -12.74 36.40 6.51
CA ARG B 576 -12.49 35.73 5.28
C ARG B 576 -13.12 34.35 5.31
N PRO B 577 -14.40 34.35 4.91
CA PRO B 577 -15.25 33.21 5.26
C PRO B 577 -15.38 32.29 4.06
N PHE B 578 -14.22 31.89 3.52
CA PHE B 578 -14.05 30.99 2.42
C PHE B 578 -14.33 29.57 2.81
N GLY B 579 -13.73 29.17 3.98
CA GLY B 579 -13.64 27.82 4.46
C GLY B 579 -15.03 27.30 4.76
N ARG B 580 -15.80 28.22 5.45
CA ARG B 580 -17.15 27.92 5.92
C ARG B 580 -18.09 27.71 4.83
N LYS B 581 -17.84 28.51 3.72
CA LYS B 581 -18.42 28.38 2.43
C LYS B 581 -18.11 27.07 1.75
N GLU B 582 -16.88 26.57 1.88
CA GLU B 582 -16.57 25.34 1.21
C GLU B 582 -17.44 24.14 1.72
N TYR B 583 -17.54 24.01 3.06
CA TYR B 583 -18.30 22.88 3.66
C TYR B 583 -19.75 22.93 3.27
N LEU B 584 -20.24 24.21 3.23
CA LEU B 584 -21.57 24.51 2.83
C LEU B 584 -21.93 24.11 1.42
N ARG B 585 -21.01 24.26 0.42
CA ARG B 585 -21.31 23.83 -0.90
C ARG B 585 -21.46 22.33 -0.98
N ILE B 586 -20.61 21.49 -0.34
CA ILE B 586 -20.84 20.01 -0.41
C ILE B 586 -22.14 19.69 0.23
N PHE B 587 -22.36 20.41 1.38
CA PHE B 587 -23.48 20.22 2.27
C PHE B 587 -24.89 20.32 1.54
N ASN B 588 -24.94 21.41 0.71
CA ASN B 588 -26.01 21.74 -0.16
C ASN B 588 -26.23 20.77 -1.25
N PHE B 589 -25.22 20.21 -1.94
CA PHE B 589 -25.51 19.26 -2.97
C PHE B 589 -26.13 18.01 -2.43
N LEU B 590 -25.54 17.49 -1.36
CA LEU B 590 -26.09 16.27 -0.79
C LEU B 590 -27.47 16.47 -0.31
N TRP B 591 -27.76 17.55 0.44
CA TRP B 591 -29.12 17.78 0.98
C TRP B 591 -30.25 18.01 0.03
N ARG B 592 -29.90 18.72 -1.13
CA ARG B 592 -30.78 18.93 -2.18
C ARG B 592 -31.23 17.69 -2.79
N PHE B 593 -30.33 16.70 -3.02
CA PHE B 593 -30.61 15.41 -3.59
C PHE B 593 -31.63 14.71 -2.67
N LYS B 594 -31.37 14.64 -1.31
CA LYS B 594 -32.14 13.86 -0.44
C LYS B 594 -33.55 14.35 -0.43
N LYS B 595 -33.74 15.69 -0.46
CA LYS B 595 -34.99 16.35 -0.38
C LYS B 595 -35.90 16.08 -1.55
N ASN B 596 -35.31 16.14 -2.76
CA ASN B 596 -35.98 15.77 -4.00
C ASN B 596 -36.38 14.31 -4.05
N ASN B 597 -35.53 13.33 -3.56
CA ASN B 597 -35.77 11.91 -3.59
C ASN B 597 -36.96 11.64 -2.78
N TYR B 598 -37.05 12.35 -1.64
CA TYR B 598 -38.15 12.20 -0.73
C TYR B 598 -39.47 12.61 -1.40
N PHE B 599 -39.45 13.71 -2.16
CA PHE B 599 -40.57 14.29 -2.73
C PHE B 599 -41.10 13.36 -3.74
N TYR B 600 -40.19 12.69 -4.51
CA TYR B 600 -40.46 11.78 -5.52
C TYR B 600 -41.15 10.63 -5.01
N GLN B 601 -40.65 10.06 -3.86
CA GLN B 601 -41.18 8.95 -3.13
C GLN B 601 -42.53 9.18 -2.55
N LYS B 602 -42.74 10.43 -2.04
CA LYS B 602 -43.98 10.88 -1.47
C LYS B 602 -45.10 10.82 -2.59
N GLU B 603 -44.74 11.21 -3.83
CA GLU B 603 -45.56 11.27 -4.97
C GLU B 603 -46.01 9.96 -5.27
N MET B 604 -45.11 8.90 -5.21
CA MET B 604 -45.41 7.50 -5.41
C MET B 604 -46.28 6.91 -4.40
N LEU B 605 -46.03 7.23 -3.17
CA LEU B 605 -46.82 6.80 -2.03
C LEU B 605 -48.26 7.28 -2.13
N LYS B 606 -48.48 8.58 -2.57
CA LYS B 606 -49.77 9.11 -2.82
C LYS B 606 -50.48 8.37 -3.91
N SER B 607 -49.69 7.98 -4.92
CA SER B 607 -50.13 7.20 -6.09
C SER B 607 -50.59 5.78 -5.77
N ASN B 608 -50.01 5.19 -4.71
CA ASN B 608 -50.17 3.78 -4.39
C ASN B 608 -51.59 3.55 -3.98
N ASP B 609 -52.18 4.66 -3.37
CA ASP B 609 -53.58 4.58 -2.91
C ASP B 609 -54.52 4.31 -4.11
N ILE B 610 -55.59 3.65 -3.82
CA ILE B 610 -56.54 3.00 -4.70
C ILE B 610 -57.24 3.93 -5.71
N ILE B 611 -57.75 5.15 -5.21
CA ILE B 611 -58.47 6.05 -6.03
C ILE B 611 -58.00 7.43 -5.79
N ARG B 612 -57.73 8.04 -6.94
CA ARG B 612 -57.14 9.37 -7.12
C ARG B 612 -57.72 9.88 -8.49
N ILE B 628 -59.69 -0.64 -17.20
CA ILE B 628 -59.60 -1.90 -16.26
C ILE B 628 -58.16 -2.46 -16.42
N ASN B 629 -57.57 -2.46 -17.62
CA ASN B 629 -56.19 -2.73 -17.95
C ASN B 629 -55.31 -1.61 -17.39
N LYS B 630 -55.85 -0.36 -17.40
CA LYS B 630 -55.24 0.85 -17.10
C LYS B 630 -54.72 0.92 -15.71
N LEU B 631 -55.39 0.32 -14.70
CA LEU B 631 -54.93 0.24 -13.34
C LEU B 631 -53.59 -0.45 -13.16
N SER B 632 -53.37 -1.63 -13.85
CA SER B 632 -52.16 -2.40 -13.88
C SER B 632 -51.08 -1.61 -14.54
N ARG B 633 -51.42 -0.77 -15.61
CA ARG B 633 -50.35 -0.04 -16.31
C ARG B 633 -49.73 0.95 -15.32
N ILE B 634 -50.59 1.70 -14.57
CA ILE B 634 -50.07 2.71 -13.67
C ILE B 634 -49.24 2.15 -12.56
N SER B 635 -49.62 0.96 -12.01
CA SER B 635 -48.98 0.36 -10.92
C SER B 635 -47.56 -0.02 -11.30
N ILE B 636 -47.36 -0.56 -12.51
CA ILE B 636 -46.08 -0.89 -12.94
C ILE B 636 -45.19 0.29 -13.15
N LEU B 637 -45.79 1.34 -13.89
CA LEU B 637 -44.94 2.49 -14.31
C LEU B 637 -44.38 3.26 -13.10
N ARG B 638 -45.23 3.50 -12.02
CA ARG B 638 -44.76 4.14 -10.81
C ARG B 638 -43.73 3.39 -10.10
N THR B 639 -43.93 2.06 -10.01
CA THR B 639 -42.92 1.25 -9.28
C THR B 639 -41.58 1.22 -10.04
N GLN B 640 -41.59 1.13 -11.36
CA GLN B 640 -40.47 1.03 -12.24
C GLN B 640 -39.65 2.25 -12.14
N PHE B 641 -40.29 3.43 -12.14
CA PHE B 641 -39.53 4.63 -12.01
C PHE B 641 -38.85 4.70 -10.67
N GLN B 642 -39.59 4.19 -9.67
CA GLN B 642 -39.10 4.18 -8.30
C GLN B 642 -37.84 3.29 -8.18
N GLN B 643 -37.76 2.12 -8.87
CA GLN B 643 -36.66 1.17 -8.84
C GLN B 643 -35.44 1.81 -9.46
N PHE B 644 -35.55 2.59 -10.62
CA PHE B 644 -34.36 3.22 -11.26
C PHE B 644 -33.81 4.17 -10.30
N ASN B 645 -34.71 4.97 -9.71
CA ASN B 645 -34.20 6.02 -8.81
C ASN B 645 -33.45 5.56 -7.66
N SER B 646 -34.00 4.48 -7.02
CA SER B 646 -33.42 3.80 -5.88
C SER B 646 -32.09 3.15 -6.12
N LYS B 647 -31.93 2.59 -7.37
CA LYS B 647 -30.71 1.96 -7.74
C LYS B 647 -29.58 2.97 -7.86
N MET B 648 -29.86 4.14 -8.45
CA MET B 648 -28.87 5.21 -8.62
C MET B 648 -28.36 5.74 -7.21
N GLU B 649 -29.40 5.96 -6.28
CA GLU B 649 -29.13 6.50 -4.96
C GLU B 649 -28.26 5.59 -4.06
N SER B 650 -28.55 4.30 -4.14
CA SER B 650 -27.99 3.23 -3.41
C SER B 650 -26.54 3.22 -3.72
N TYR B 651 -26.20 3.23 -5.06
CA TYR B 651 -24.91 3.16 -5.62
C TYR B 651 -24.06 4.40 -5.37
N TYR B 652 -24.65 5.67 -5.52
CA TYR B 652 -23.98 6.86 -5.17
C TYR B 652 -23.62 6.81 -3.67
N LEU B 653 -24.58 6.38 -2.82
CA LEU B 653 -24.45 6.43 -1.39
C LEU B 653 -23.40 5.45 -0.97
N ASN B 654 -23.38 4.18 -1.49
CA ASN B 654 -22.38 3.24 -1.03
C ASN B 654 -21.00 3.59 -1.61
N CYS B 655 -20.87 3.72 -2.94
CA CYS B 655 -19.68 3.78 -3.63
C CYS B 655 -18.84 5.00 -3.47
N ILE B 656 -19.41 6.29 -3.52
CA ILE B 656 -18.56 7.42 -3.24
C ILE B 656 -18.52 7.84 -1.78
N ILE B 657 -19.69 8.27 -1.21
CA ILE B 657 -19.69 8.98 0.09
C ILE B 657 -19.33 8.00 1.21
N GLU B 658 -20.00 6.80 1.31
CA GLU B 658 -19.79 5.86 2.44
C GLU B 658 -18.44 5.33 2.46
N GLU B 659 -17.99 5.00 1.24
CA GLU B 659 -16.59 4.49 1.09
C GLU B 659 -15.51 5.51 1.48
N ASN B 660 -15.56 6.83 1.05
CA ASN B 660 -14.53 7.85 1.30
C ASN B 660 -14.52 8.11 2.78
N PHE B 661 -15.71 8.16 3.37
CA PHE B 661 -15.81 8.38 4.82
C PHE B 661 -15.20 7.22 5.51
N LYS B 662 -15.39 6.00 5.08
CA LYS B 662 -14.88 4.93 5.83
C LYS B 662 -13.39 5.01 5.99
N GLU B 663 -12.62 5.29 4.93
CA GLU B 663 -11.15 5.36 4.92
C GLU B 663 -10.76 6.46 5.78
N MET B 664 -11.52 7.54 5.77
CA MET B 664 -11.14 8.74 6.50
C MET B 664 -11.04 8.50 8.01
N THR B 665 -12.08 7.79 8.48
CA THR B 665 -12.20 7.38 9.87
C THR B 665 -11.15 6.37 10.24
N ARG B 666 -10.89 5.41 9.32
CA ARG B 666 -9.90 4.36 9.57
C ARG B 666 -8.56 4.84 9.66
N LYS B 667 -8.16 5.81 8.81
CA LYS B 667 -6.83 6.44 8.96
C LYS B 667 -6.72 7.08 10.26
N LEU B 668 -7.71 7.83 10.78
CA LEU B 668 -7.74 8.49 12.05
C LEU B 668 -7.63 7.57 13.24
N GLN B 669 -8.37 6.48 13.18
CA GLN B 669 -8.43 5.44 14.19
C GLN B 669 -7.16 4.61 14.31
N ARG B 670 -6.62 4.28 13.17
CA ARG B 670 -5.56 3.31 13.07
C ARG B 670 -4.33 3.68 13.79
N THR B 671 -3.93 4.96 13.62
CA THR B 671 -2.66 5.49 14.11
C THR B 671 -2.69 5.55 15.65
N LEU B 719 -2.03 13.10 16.95
CA LEU B 719 -2.10 13.89 15.65
C LEU B 719 -2.23 15.34 15.92
N ASN B 720 -3.19 16.09 15.24
CA ASN B 720 -3.47 17.48 15.40
C ASN B 720 -4.87 17.74 14.93
N ILE B 721 -5.27 19.04 15.23
CA ILE B 721 -6.51 19.63 14.76
C ILE B 721 -6.49 19.74 13.25
N ASP B 722 -5.28 20.09 12.75
CA ASP B 722 -4.97 20.22 11.35
C ASP B 722 -5.17 18.97 10.62
N GLU B 723 -4.89 17.79 11.24
CA GLU B 723 -5.09 16.49 10.58
C GLU B 723 -6.53 16.24 10.26
N LEU B 724 -7.44 16.66 11.19
CA LEU B 724 -8.82 16.47 11.06
C LEU B 724 -9.37 17.25 9.89
N GLU B 725 -8.96 18.52 9.78
CA GLU B 725 -9.38 19.34 8.64
C GLU B 725 -8.88 18.79 7.33
N SER B 726 -7.62 18.31 7.30
CA SER B 726 -6.91 17.76 6.16
C SER B 726 -7.61 16.53 5.62
N VAL B 727 -7.93 15.58 6.58
CA VAL B 727 -8.62 14.36 6.29
C VAL B 727 -9.94 14.78 5.74
N HIS B 728 -10.65 15.81 6.27
CA HIS B 728 -11.95 16.30 5.77
C HIS B 728 -11.85 16.84 4.28
N ASN B 729 -10.75 17.55 3.95
CA ASN B 729 -10.41 18.04 2.60
C ASN B 729 -10.19 16.92 1.63
N THR B 730 -9.50 15.87 2.08
CA THR B 730 -9.24 14.74 1.29
C THR B 730 -10.49 13.98 0.87
N PHE B 731 -11.41 13.89 1.83
CA PHE B 731 -12.76 13.36 1.63
C PHE B 731 -13.51 14.17 0.57
N LEU B 732 -13.47 15.51 0.76
CA LEU B 732 -14.10 16.55 0.04
C LEU B 732 -13.61 16.63 -1.44
N THR B 733 -12.31 16.45 -1.67
CA THR B 733 -11.68 16.37 -3.00
C THR B 733 -12.27 15.17 -3.66
N ASN B 734 -12.52 13.97 -3.09
CA ASN B 734 -13.01 12.82 -3.80
C ASN B 734 -14.42 13.15 -4.36
N ILE B 735 -15.29 13.84 -3.50
CA ILE B 735 -16.59 14.24 -3.88
C ILE B 735 -16.48 15.23 -5.04
N LEU B 736 -15.47 16.15 -5.08
CA LEU B 736 -15.36 17.14 -6.17
C LEU B 736 -15.07 16.46 -7.48
N SER B 737 -14.14 15.45 -7.53
CA SER B 737 -13.82 14.80 -8.80
C SER B 737 -15.15 14.10 -9.29
N HIS B 738 -15.84 13.45 -8.36
CA HIS B 738 -17.07 12.63 -8.59
C HIS B 738 -18.35 13.39 -9.12
N LYS B 739 -18.49 14.58 -8.53
CA LYS B 739 -19.41 15.57 -9.02
C LYS B 739 -19.09 15.98 -10.45
N LEU B 740 -17.78 16.24 -10.68
CA LEU B 740 -17.39 16.79 -11.97
C LEU B 740 -17.54 15.84 -13.11
N PHE B 741 -17.10 14.57 -13.08
CA PHE B 741 -17.25 13.80 -14.29
C PHE B 741 -18.72 13.37 -14.58
N ALA B 742 -19.33 12.69 -13.61
CA ALA B 742 -20.66 12.08 -13.64
C ALA B 742 -21.81 13.14 -13.39
N THR B 743 -21.67 13.79 -12.20
CA THR B 743 -22.90 14.36 -11.51
C THR B 743 -22.85 15.91 -11.13
N GLN B 756 -21.99 16.30 -14.81
CA GLN B 756 -23.16 17.10 -15.27
C GLN B 756 -24.29 16.46 -16.04
N PRO B 757 -24.14 15.38 -16.83
CA PRO B 757 -25.33 14.76 -17.42
C PRO B 757 -26.32 14.15 -16.43
N TYR B 758 -25.86 13.57 -15.33
CA TYR B 758 -26.83 13.00 -14.50
C TYR B 758 -27.83 13.97 -13.83
N PRO B 759 -27.59 15.08 -13.20
CA PRO B 759 -28.49 15.94 -12.55
C PRO B 759 -29.55 16.41 -13.57
N THR B 760 -29.18 16.46 -14.88
CA THR B 760 -30.04 16.76 -15.94
C THR B 760 -31.09 15.67 -16.06
N SER B 761 -30.59 14.40 -15.97
CA SER B 761 -31.52 13.24 -16.22
C SER B 761 -32.55 13.21 -15.16
N LEU B 762 -32.10 13.42 -13.88
CA LEU B 762 -32.90 13.41 -12.67
C LEU B 762 -33.94 14.44 -12.57
N VAL B 763 -33.63 15.69 -12.98
CA VAL B 763 -34.70 16.76 -13.04
C VAL B 763 -35.74 16.40 -13.96
N LEU B 764 -35.40 15.77 -15.14
CA LEU B 764 -36.44 15.26 -16.05
C LEU B 764 -37.32 14.15 -15.56
N LEU B 765 -36.75 13.14 -14.87
CA LEU B 765 -37.52 12.04 -14.33
C LEU B 765 -38.59 12.61 -13.30
N LEU B 766 -38.11 13.62 -12.46
CA LEU B 766 -38.96 14.26 -11.48
C LEU B 766 -40.08 14.95 -12.12
N ASN B 767 -39.85 15.66 -13.29
CA ASN B 767 -40.87 16.41 -13.93
C ASN B 767 -41.97 15.56 -14.39
N SER B 768 -41.63 14.39 -14.96
CA SER B 768 -42.58 13.38 -15.40
C SER B 768 -43.45 12.83 -14.26
N VAL B 769 -42.83 12.62 -13.06
CA VAL B 769 -43.42 12.16 -11.85
C VAL B 769 -44.50 13.15 -11.38
N TYR B 770 -44.24 14.47 -11.43
CA TYR B 770 -45.16 15.47 -11.08
C TYR B 770 -46.36 15.51 -11.97
N GLU B 771 -46.13 15.34 -13.31
CA GLU B 771 -47.08 15.39 -14.32
C GLU B 771 -48.00 14.23 -14.10
N PHE B 772 -47.39 13.03 -13.80
CA PHE B 772 -48.05 11.83 -13.56
C PHE B 772 -49.00 11.90 -12.42
N VAL B 773 -48.63 12.40 -11.21
CA VAL B 773 -49.53 12.54 -10.05
C VAL B 773 -50.66 13.49 -10.37
N LYS B 774 -50.39 14.61 -11.09
CA LYS B 774 -51.49 15.53 -11.43
C LYS B 774 -52.53 14.97 -12.35
N VAL B 775 -52.16 14.19 -13.40
CA VAL B 775 -53.05 13.60 -14.32
C VAL B 775 -53.97 12.67 -13.51
N TYR B 776 -53.33 11.90 -12.64
CA TYR B 776 -53.96 10.92 -11.80
C TYR B 776 -54.91 11.54 -10.79
N CYS B 777 -54.57 12.72 -10.13
CA CYS B 777 -55.45 13.41 -9.21
C CYS B 777 -56.71 13.92 -9.87
N ASN B 778 -56.64 14.48 -11.13
CA ASN B 778 -57.68 15.08 -11.92
C ASN B 778 -58.78 14.16 -12.26
N LEU B 779 -58.40 12.91 -12.49
CA LEU B 779 -59.29 11.84 -12.96
C LEU B 779 -60.30 11.46 -11.90
N ASN B 780 -61.55 11.26 -12.32
CA ASN B 780 -62.60 10.79 -11.42
C ASN B 780 -62.36 9.28 -11.17
N SER B 798 -65.51 13.65 -16.76
CA SER B 798 -65.80 12.13 -16.85
C SER B 798 -64.91 11.39 -17.86
N ASN B 799 -65.50 11.26 -19.07
CA ASN B 799 -65.03 10.68 -20.33
C ASN B 799 -63.88 11.50 -20.82
N GLY B 800 -63.98 12.83 -20.70
CA GLY B 800 -62.96 13.81 -21.18
C GLY B 800 -61.67 13.66 -20.47
N LEU B 801 -61.73 13.43 -19.13
CA LEU B 801 -60.65 13.11 -18.17
C LEU B 801 -60.02 11.78 -18.49
N LEU B 802 -60.86 10.79 -18.84
CA LEU B 802 -60.33 9.49 -19.24
C LEU B 802 -59.50 9.49 -20.50
N GLY B 803 -59.98 10.27 -21.44
CA GLY B 803 -59.41 10.38 -22.73
C GLY B 803 -58.01 10.99 -22.68
N LYS B 804 -57.93 12.08 -21.81
CA LYS B 804 -56.70 12.80 -21.53
C LYS B 804 -55.71 11.91 -20.87
N PHE B 805 -56.20 11.05 -19.90
CA PHE B 805 -55.35 10.17 -19.18
C PHE B 805 -54.75 9.20 -20.10
N ASN B 806 -55.53 8.65 -21.07
CA ASN B 806 -54.89 7.63 -21.91
C ASN B 806 -53.79 8.17 -22.70
N THR B 807 -54.00 9.34 -23.23
CA THR B 807 -53.09 10.00 -24.17
C THR B 807 -51.75 10.39 -23.56
N ASN B 808 -51.85 10.94 -22.31
CA ASN B 808 -50.72 11.32 -21.49
C ASN B 808 -49.92 10.02 -21.16
N LEU B 809 -50.60 8.87 -20.87
CA LEU B 809 -50.06 7.59 -20.42
C LEU B 809 -49.12 7.06 -21.52
N LYS B 810 -49.54 7.23 -22.85
CA LYS B 810 -48.79 6.94 -24.09
C LYS B 810 -47.58 7.77 -24.27
N GLU B 811 -47.70 9.07 -24.00
CA GLU B 811 -46.58 9.98 -24.16
C GLU B 811 -45.50 9.58 -23.13
N ILE B 812 -45.91 9.26 -21.90
CA ILE B 812 -44.98 8.91 -20.83
C ILE B 812 -44.23 7.61 -21.16
N VAL B 813 -44.95 6.62 -21.75
CA VAL B 813 -44.21 5.38 -22.07
C VAL B 813 -43.14 5.64 -23.10
N SER B 814 -43.42 6.45 -24.12
CA SER B 814 -42.39 6.68 -25.12
C SER B 814 -41.16 7.38 -24.56
N GLN B 815 -41.38 8.37 -23.69
CA GLN B 815 -40.29 9.11 -23.13
C GLN B 815 -39.37 8.30 -22.26
N TYR B 816 -40.00 7.42 -21.44
CA TYR B 816 -39.43 6.47 -20.59
C TYR B 816 -38.67 5.46 -21.25
N LYS B 817 -39.12 4.94 -22.39
CA LYS B 817 -38.46 3.95 -23.13
C LYS B 817 -37.17 4.45 -23.67
N ASN B 818 -37.00 5.66 -24.21
CA ASN B 818 -35.73 6.28 -24.73
C ASN B 818 -34.75 6.55 -23.60
N PHE B 819 -35.24 7.00 -22.45
CA PHE B 819 -34.43 7.16 -21.25
C PHE B 819 -33.90 5.85 -20.75
N LYS B 820 -34.73 4.74 -20.79
CA LYS B 820 -34.36 3.44 -20.36
C LYS B 820 -33.22 2.89 -21.19
N ASP B 821 -33.16 3.09 -22.55
CA ASP B 821 -32.12 2.58 -23.38
C ASP B 821 -30.80 3.24 -22.92
N ARG B 822 -30.95 4.58 -22.62
CA ARG B 822 -29.79 5.46 -22.26
C ARG B 822 -29.25 4.93 -20.97
N LEU B 823 -30.14 4.52 -20.07
CA LEU B 823 -29.79 4.05 -18.72
C LEU B 823 -28.99 2.78 -18.83
N TYR B 824 -29.35 1.91 -19.77
CA TYR B 824 -28.66 0.66 -20.00
C TYR B 824 -27.21 0.88 -20.43
N ILE B 825 -26.95 1.88 -21.33
CA ILE B 825 -25.60 2.26 -21.75
C ILE B 825 -24.81 2.82 -20.42
N PHE B 826 -25.57 3.60 -19.55
CA PHE B 826 -25.04 4.10 -18.29
C PHE B 826 -24.72 3.04 -17.38
N ARG B 827 -25.50 1.99 -17.32
CA ARG B 827 -25.38 0.83 -16.45
C ARG B 827 -24.05 0.19 -16.81
N ALA B 828 -23.70 0.15 -18.15
CA ALA B 828 -22.49 -0.41 -18.63
C ALA B 828 -21.28 0.38 -18.07
N ASP B 829 -21.47 1.69 -18.05
CA ASP B 829 -20.51 2.54 -17.49
C ASP B 829 -20.29 2.31 -16.07
N LEU B 830 -21.32 2.05 -15.30
CA LEU B 830 -21.22 1.77 -13.90
C LEU B 830 -20.49 0.48 -13.64
N LYS B 831 -20.76 -0.57 -14.49
CA LYS B 831 -20.16 -1.84 -14.37
C LYS B 831 -18.69 -1.79 -14.64
N ASN B 832 -18.28 -1.05 -15.63
CA ASN B 832 -16.94 -0.88 -16.03
C ASN B 832 -16.13 -0.02 -15.07
N ASP B 833 -16.95 0.82 -14.45
CA ASP B 833 -16.51 1.97 -13.73
C ASP B 833 -15.77 2.98 -14.54
N GLY B 834 -16.39 3.54 -15.58
CA GLY B 834 -15.80 4.55 -16.48
C GLY B 834 -15.57 3.73 -17.65
N ASP B 835 -16.14 4.26 -18.77
CA ASP B 835 -15.94 3.69 -20.06
C ASP B 835 -16.22 4.88 -21.04
N GLU B 836 -16.67 4.55 -22.22
CA GLU B 836 -17.03 5.44 -23.28
C GLU B 836 -18.27 6.18 -23.01
N GLU B 837 -19.28 5.51 -22.48
CA GLU B 837 -20.61 5.97 -22.61
C GLU B 837 -20.91 7.31 -22.00
N LEU B 838 -20.38 7.66 -20.82
CA LEU B 838 -20.58 8.92 -20.23
C LEU B 838 -19.93 9.98 -21.01
N PHE B 839 -18.74 9.60 -21.54
CA PHE B 839 -17.99 10.43 -22.41
C PHE B 839 -18.81 10.75 -23.65
N LEU B 840 -19.48 9.82 -24.30
CA LEU B 840 -20.36 10.14 -25.41
C LEU B 840 -21.53 11.03 -25.09
N LEU B 841 -22.21 10.83 -23.93
CA LEU B 841 -23.28 11.77 -23.55
C LEU B 841 -22.70 13.09 -23.27
N SER B 842 -21.53 13.21 -22.53
CA SER B 842 -20.89 14.49 -22.20
C SER B 842 -20.45 15.22 -23.37
N LYS B 843 -19.97 14.48 -24.43
CA LYS B 843 -19.57 14.96 -25.69
C LYS B 843 -20.73 15.59 -26.39
N SER B 844 -21.90 14.87 -26.32
CA SER B 844 -23.04 15.20 -27.07
C SER B 844 -23.63 16.56 -26.69
N LEU B 845 -23.64 16.84 -25.38
CA LEU B 845 -23.99 18.03 -24.67
C LEU B 845 -23.13 19.17 -25.02
N ARG B 846 -21.79 18.93 -25.08
CA ARG B 846 -20.86 20.01 -25.29
C ARG B 846 -20.26 19.77 -26.65
N MET C 1 -6.82 -18.13 -5.57
CA MET C 1 -5.54 -17.84 -6.21
C MET C 1 -5.19 -19.05 -6.95
N GLY C 2 -4.82 -18.84 -8.26
CA GLY C 2 -4.40 -19.99 -9.08
C GLY C 2 -5.49 -20.94 -9.44
N GLY C 3 -5.14 -21.81 -10.39
CA GLY C 3 -5.99 -22.93 -10.79
C GLY C 3 -6.13 -23.96 -9.70
N GLU C 4 -7.30 -23.91 -9.01
CA GLU C 4 -7.59 -24.78 -7.91
C GLU C 4 -8.01 -26.22 -8.35
N ILE C 5 -7.76 -27.22 -7.46
CA ILE C 5 -8.00 -28.62 -7.81
C ILE C 5 -8.95 -29.13 -6.71
N ILE C 6 -10.00 -29.83 -7.20
CA ILE C 6 -10.86 -30.63 -6.31
C ILE C 6 -10.71 -32.09 -6.58
N THR C 7 -10.63 -32.87 -5.43
CA THR C 7 -10.33 -34.28 -5.44
C THR C 7 -11.60 -35.05 -5.12
N LEU C 8 -11.83 -36.08 -5.89
CA LEU C 8 -13.00 -36.95 -5.78
C LEU C 8 -12.46 -38.29 -5.39
N GLN C 9 -12.94 -38.92 -4.28
CA GLN C 9 -12.46 -40.15 -3.65
C GLN C 9 -13.72 -41.01 -3.87
N ALA C 10 -13.50 -42.17 -4.51
CA ALA C 10 -14.58 -43.10 -4.80
C ALA C 10 -14.24 -44.54 -4.40
N GLY C 11 -15.21 -45.33 -3.85
CA GLY C 11 -15.05 -46.69 -3.43
C GLY C 11 -14.34 -46.67 -2.17
N GLN C 12 -14.08 -47.87 -1.64
CA GLN C 12 -13.49 -48.11 -0.37
C GLN C 12 -12.07 -47.60 -0.45
N CYS C 13 -11.38 -48.02 -1.54
CA CYS C 13 -9.93 -47.78 -1.66
C CYS C 13 -9.73 -46.27 -1.74
N GLY C 14 -10.52 -45.65 -2.62
CA GLY C 14 -10.36 -44.23 -2.88
C GLY C 14 -10.56 -43.34 -1.66
N ASN C 15 -11.60 -43.59 -0.82
CA ASN C 15 -11.86 -42.90 0.39
C ASN C 15 -10.87 -43.11 1.46
N HIS C 16 -10.39 -44.42 1.56
CA HIS C 16 -9.31 -44.69 2.41
C HIS C 16 -7.97 -44.07 2.07
N VAL C 17 -7.50 -44.16 0.82
CA VAL C 17 -6.24 -43.66 0.39
C VAL C 17 -6.28 -42.18 0.43
N GLY C 18 -7.37 -41.54 0.05
CA GLY C 18 -7.65 -40.11 0.04
C GLY C 18 -7.63 -39.52 1.42
N LYS C 19 -8.17 -40.17 2.47
CA LYS C 19 -8.17 -39.75 3.87
C LYS C 19 -6.80 -39.67 4.45
N PHE C 20 -5.99 -40.66 4.14
CA PHE C 20 -4.57 -40.85 4.52
C PHE C 20 -3.74 -39.75 3.92
N LEU C 21 -4.03 -39.32 2.66
CA LEU C 21 -3.38 -38.27 1.91
C LEU C 21 -3.49 -36.92 2.55
N TRP C 22 -4.72 -36.57 3.01
CA TRP C 22 -4.97 -35.32 3.61
C TRP C 22 -4.21 -35.18 4.95
N SER C 23 -4.14 -36.29 5.73
CA SER C 23 -3.42 -36.38 6.99
C SER C 23 -1.94 -36.12 6.77
N GLN C 24 -1.41 -36.71 5.62
CA GLN C 24 -0.04 -36.65 5.24
C GLN C 24 0.44 -35.26 4.88
N LEU C 25 -0.39 -34.55 4.11
CA LEU C 25 -0.28 -33.15 3.67
C LEU C 25 -0.36 -32.32 4.86
N ALA C 26 -1.18 -32.56 5.88
CA ALA C 26 -1.21 -31.77 7.05
C ALA C 26 0.02 -31.76 7.77
N LYS C 27 0.66 -32.95 7.87
CA LYS C 27 1.92 -33.19 8.51
C LYS C 27 3.00 -32.43 7.80
N GLU C 28 3.05 -32.50 6.47
CA GLU C 28 4.07 -31.90 5.65
C GLU C 28 3.95 -30.39 5.74
N HIS C 29 2.80 -29.79 5.86
CA HIS C 29 2.63 -28.34 5.78
C HIS C 29 2.50 -27.81 7.15
N ALA C 30 3.00 -28.54 8.19
CA ALA C 30 2.94 -28.18 9.55
C ALA C 30 1.60 -27.69 10.06
N ILE C 31 0.53 -28.51 9.94
CA ILE C 31 -0.78 -28.21 10.42
C ILE C 31 -1.43 -29.46 10.91
N GLY C 32 -2.32 -29.29 11.85
CA GLY C 32 -2.92 -30.34 12.60
C GLY C 32 -3.98 -31.18 12.02
N THR C 33 -4.69 -31.89 12.95
CA THR C 33 -5.76 -32.80 12.63
C THR C 33 -6.91 -32.10 11.96
N ASP C 34 -7.17 -30.83 12.32
CA ASP C 34 -8.24 -30.09 11.74
C ASP C 34 -7.65 -28.92 11.02
N GLY C 35 -6.32 -28.93 10.68
CA GLY C 35 -5.71 -27.85 9.90
C GLY C 35 -5.14 -26.78 10.88
N LEU C 36 -4.72 -27.13 12.08
CA LEU C 36 -4.16 -26.21 12.98
C LEU C 36 -2.93 -25.44 12.54
N SER C 37 -3.19 -24.14 12.18
CA SER C 37 -2.10 -23.18 11.91
C SER C 37 -1.28 -22.97 13.17
N GLN C 38 0.07 -22.99 13.03
CA GLN C 38 0.93 -22.89 14.20
C GLN C 38 1.37 -21.54 14.41
N LEU C 39 2.12 -21.21 15.50
CA LEU C 39 2.48 -19.84 15.86
C LEU C 39 3.33 -19.15 14.81
N PRO C 40 4.34 -19.74 14.14
CA PRO C 40 5.11 -18.92 13.18
C PRO C 40 4.43 -19.14 11.87
N ASP C 41 3.32 -19.89 11.82
CA ASP C 41 2.63 -20.09 10.64
C ASP C 41 1.46 -19.16 10.55
N SER C 42 1.61 -18.11 11.35
CA SER C 42 0.62 -17.13 11.48
C SER C 42 1.36 -15.87 11.89
N SER C 43 2.72 -15.84 11.62
CA SER C 43 3.49 -14.63 11.78
C SER C 43 3.72 -14.08 10.40
N THR C 44 4.22 -14.99 9.51
CA THR C 44 4.60 -14.65 8.16
C THR C 44 4.14 -15.88 7.32
N GLU C 45 4.04 -15.68 5.99
CA GLU C 45 3.65 -16.62 4.92
C GLU C 45 4.70 -17.75 4.86
N ARG C 46 4.27 -18.98 4.45
CA ARG C 46 5.20 -20.06 4.17
C ARG C 46 4.62 -21.13 3.28
N ASP C 47 3.42 -20.85 2.69
CA ASP C 47 2.69 -21.85 1.96
C ASP C 47 2.44 -21.33 0.57
N ASP C 48 1.96 -22.22 -0.32
CA ASP C 48 1.56 -21.94 -1.70
C ASP C 48 0.68 -23.11 -2.05
N ASP C 49 0.70 -24.19 -1.16
CA ASP C 49 -0.11 -25.39 -1.31
C ASP C 49 -1.67 -25.15 -0.99
N THR C 50 -1.84 -24.14 -0.14
CA THR C 50 -3.03 -23.79 0.54
C THR C 50 -4.20 -23.49 -0.36
N LYS C 51 -4.09 -22.45 -1.20
CA LYS C 51 -5.27 -22.04 -1.91
C LYS C 51 -5.72 -22.98 -2.89
N PRO C 52 -4.90 -23.64 -3.76
CA PRO C 52 -5.38 -24.65 -4.68
C PRO C 52 -6.09 -25.83 -4.05
N PHE C 53 -5.52 -26.53 -3.02
CA PHE C 53 -6.13 -27.77 -2.52
C PHE C 53 -7.21 -27.46 -1.47
N PHE C 54 -6.97 -26.39 -0.65
CA PHE C 54 -7.70 -26.22 0.54
C PHE C 54 -8.34 -24.90 0.42
N ARG C 55 -9.36 -24.76 1.26
CA ARG C 55 -9.93 -23.49 1.57
C ARG C 55 -10.10 -23.44 3.03
N GLU C 56 -10.23 -22.21 3.62
CA GLU C 56 -10.37 -21.98 5.00
C GLU C 56 -11.86 -21.90 5.19
N ASN C 57 -12.48 -22.52 6.25
CA ASN C 57 -13.96 -22.47 6.37
C ASN C 57 -14.26 -21.31 7.21
N CYS C 58 -15.01 -21.51 8.32
CA CYS C 58 -15.46 -20.53 9.21
C CYS C 58 -14.42 -20.35 10.28
N ARG C 59 -13.19 -20.83 10.03
CA ARG C 59 -12.13 -20.65 10.92
C ARG C 59 -10.97 -20.41 9.92
N ASN C 60 -9.81 -19.87 10.39
CA ASN C 60 -8.61 -19.64 9.59
C ASN C 60 -7.92 -20.95 9.29
N LYS C 61 -8.25 -21.93 10.09
CA LYS C 61 -7.79 -23.27 9.89
C LYS C 61 -8.35 -23.84 8.67
N PHE C 62 -7.48 -24.52 7.96
CA PHE C 62 -7.64 -25.07 6.69
C PHE C 62 -8.38 -26.36 6.60
N THR C 63 -9.13 -26.43 5.54
CA THR C 63 -10.03 -27.59 5.28
C THR C 63 -9.70 -28.03 3.85
N PRO C 64 -9.65 -29.32 3.48
CA PRO C 64 -9.48 -29.83 2.08
C PRO C 64 -10.74 -29.61 1.32
N ARG C 65 -10.67 -29.26 0.07
CA ARG C 65 -11.81 -29.28 -0.78
C ARG C 65 -11.85 -30.54 -1.49
N ALA C 66 -12.39 -31.69 -0.91
CA ALA C 66 -12.36 -32.99 -1.44
C ALA C 66 -13.71 -33.57 -1.10
N ILE C 67 -14.27 -34.43 -2.00
CA ILE C 67 -15.53 -35.12 -1.84
C ILE C 67 -15.33 -36.62 -1.84
N MET C 68 -16.04 -37.32 -0.90
CA MET C 68 -15.95 -38.74 -0.59
C MET C 68 -17.29 -39.33 -0.94
N MET C 69 -17.21 -40.44 -1.69
CA MET C 69 -18.42 -41.18 -2.08
C MET C 69 -18.04 -42.64 -1.81
N ASP C 70 -19.06 -43.39 -1.26
CA ASP C 70 -19.05 -44.80 -0.81
C ASP C 70 -20.42 -44.89 -0.15
N SER C 71 -20.65 -45.90 0.71
CA SER C 71 -21.83 -46.04 1.58
C SER C 71 -21.17 -45.76 2.91
N GLU C 72 -21.71 -46.28 4.08
CA GLU C 72 -21.28 -45.95 5.42
C GLU C 72 -19.88 -46.40 5.72
N PRO C 73 -19.19 -47.57 5.54
CA PRO C 73 -17.90 -47.93 6.12
C PRO C 73 -16.72 -46.87 6.05
N SER C 74 -16.36 -46.36 4.85
CA SER C 74 -15.18 -45.48 4.83
C SER C 74 -15.41 -44.11 5.49
N VAL C 75 -16.57 -43.47 5.21
CA VAL C 75 -17.01 -42.17 5.63
C VAL C 75 -17.12 -42.17 7.23
N ILE C 76 -17.57 -43.30 7.80
CA ILE C 76 -17.70 -43.52 9.23
C ILE C 76 -16.39 -43.48 9.87
N ALA C 77 -15.38 -44.08 9.17
CA ALA C 77 -14.02 -43.97 9.77
C ALA C 77 -13.44 -42.57 9.94
N ASP C 78 -13.57 -41.65 8.97
CA ASP C 78 -12.99 -40.27 9.00
C ASP C 78 -13.63 -39.43 10.13
N VAL C 79 -14.99 -39.68 10.26
CA VAL C 79 -15.84 -39.16 11.29
C VAL C 79 -15.54 -39.68 12.69
N GLU C 80 -15.06 -40.96 12.78
CA GLU C 80 -14.66 -41.54 14.04
C GLU C 80 -13.43 -40.79 14.50
N ASN C 81 -12.50 -40.40 13.60
CA ASN C 81 -11.30 -39.66 13.97
C ASN C 81 -11.76 -38.28 14.33
N THR C 82 -10.76 -37.56 14.94
CA THR C 82 -10.83 -36.18 15.20
C THR C 82 -10.32 -35.41 14.01
N PHE C 83 -10.17 -36.07 12.84
CA PHE C 83 -9.70 -35.45 11.62
C PHE C 83 -10.75 -34.63 10.96
N ARG C 84 -11.97 -35.14 11.16
CA ARG C 84 -13.27 -34.63 10.81
C ARG C 84 -13.46 -33.22 11.23
N GLY C 85 -13.52 -32.29 10.24
CA GLY C 85 -13.27 -30.89 10.42
C GLY C 85 -12.10 -30.72 9.43
N PHE C 86 -11.91 -31.60 8.46
CA PHE C 86 -11.09 -31.53 7.28
C PHE C 86 -12.10 -31.70 6.21
N PHE C 87 -13.06 -32.60 6.50
CA PHE C 87 -14.08 -33.02 5.62
C PHE C 87 -15.24 -32.29 6.23
N ASP C 88 -16.27 -32.02 5.38
CA ASP C 88 -17.45 -31.28 5.84
C ASP C 88 -18.57 -32.18 5.50
N PRO C 89 -19.69 -32.13 6.18
CA PRO C 89 -20.68 -33.13 5.89
C PRO C 89 -21.21 -33.02 4.49
N ARG C 90 -21.14 -31.85 3.80
CA ARG C 90 -21.70 -31.71 2.50
C ARG C 90 -21.01 -32.47 1.51
N ASN C 91 -19.69 -32.60 1.72
CA ASN C 91 -18.74 -33.23 0.89
C ASN C 91 -18.90 -34.70 0.88
N THR C 92 -19.58 -35.21 1.93
CA THR C 92 -19.77 -36.56 2.31
C THR C 92 -21.00 -37.04 1.59
N TRP C 93 -20.91 -38.14 0.83
CA TRP C 93 -21.92 -38.74 -0.01
C TRP C 93 -21.96 -40.28 0.28
N VAL C 94 -23.21 -40.72 0.56
CA VAL C 94 -23.57 -42.08 0.87
C VAL C 94 -24.69 -42.34 -0.09
N ALA C 95 -24.57 -43.47 -0.86
CA ALA C 95 -25.59 -43.95 -1.70
C ALA C 95 -25.65 -45.33 -1.24
N SER C 96 -26.88 -45.78 -1.05
CA SER C 96 -27.12 -47.13 -0.47
C SER C 96 -28.55 -47.49 -0.69
N ASP C 97 -29.29 -46.67 -1.53
CA ASP C 97 -30.69 -46.81 -1.82
C ASP C 97 -30.82 -47.81 -2.94
N GLY C 98 -31.80 -48.76 -2.84
CA GLY C 98 -31.82 -49.90 -3.80
C GLY C 98 -30.90 -50.99 -3.54
N ALA C 99 -30.68 -51.49 -2.25
CA ALA C 99 -29.85 -52.56 -1.79
C ALA C 99 -28.42 -52.33 -2.31
N SER C 100 -27.99 -51.03 -2.33
CA SER C 100 -26.61 -50.60 -2.65
C SER C 100 -25.97 -51.09 -3.96
N ALA C 101 -24.63 -50.97 -4.03
CA ALA C 101 -23.84 -51.47 -5.10
C ALA C 101 -23.72 -52.94 -4.95
N GLY C 102 -23.18 -53.36 -3.78
CA GLY C 102 -23.15 -54.76 -3.41
C GLY C 102 -21.83 -55.30 -3.96
N ASN C 103 -20.86 -54.43 -4.40
CA ASN C 103 -19.56 -54.74 -4.98
C ASN C 103 -19.70 -55.36 -6.33
N SER C 104 -20.49 -54.68 -7.20
CA SER C 104 -20.78 -55.17 -8.54
C SER C 104 -20.92 -53.84 -9.26
N TRP C 105 -20.40 -53.79 -10.51
CA TRP C 105 -20.37 -52.68 -11.41
C TRP C 105 -21.75 -52.19 -11.84
N ALA C 106 -22.66 -53.22 -12.18
CA ALA C 106 -23.94 -52.87 -12.68
C ALA C 106 -24.82 -52.09 -11.76
N ASN C 107 -24.89 -52.54 -10.49
CA ASN C 107 -25.67 -51.92 -9.37
C ASN C 107 -25.12 -50.60 -9.03
N GLY C 108 -23.80 -50.43 -9.14
CA GLY C 108 -23.17 -49.16 -8.94
C GLY C 108 -23.58 -48.25 -10.03
N TYR C 109 -23.68 -48.71 -11.30
CA TYR C 109 -24.07 -47.87 -12.41
C TYR C 109 -25.55 -47.43 -12.20
N ASP C 110 -26.48 -48.37 -11.84
CA ASP C 110 -27.91 -48.16 -11.64
C ASP C 110 -28.17 -47.22 -10.50
N ILE C 111 -27.42 -47.23 -9.35
CA ILE C 111 -27.49 -46.23 -8.32
C ILE C 111 -26.99 -44.89 -8.77
N GLY C 112 -25.91 -44.88 -9.64
CA GLY C 112 -25.47 -43.64 -10.16
C GLY C 112 -26.53 -42.86 -10.91
N THR C 113 -27.34 -43.57 -11.72
CA THR C 113 -28.46 -43.04 -12.52
C THR C 113 -29.55 -42.46 -11.72
N ARG C 114 -29.84 -43.18 -10.53
CA ARG C 114 -30.87 -42.67 -9.69
C ARG C 114 -30.54 -41.35 -9.06
N ASN C 115 -29.24 -41.24 -8.57
CA ASN C 115 -28.84 -40.07 -7.87
C ASN C 115 -27.87 -39.21 -8.71
N GLN C 116 -28.22 -39.12 -10.02
CA GLN C 116 -27.47 -38.39 -10.99
C GLN C 116 -27.60 -36.96 -10.56
N ASP C 117 -28.86 -36.54 -10.17
CA ASP C 117 -29.12 -35.17 -9.77
C ASP C 117 -28.38 -34.70 -8.50
N ASP C 118 -28.34 -35.52 -7.42
CA ASP C 118 -27.77 -35.27 -6.12
C ASP C 118 -26.25 -35.11 -6.23
N ILE C 119 -25.49 -35.94 -6.95
CA ILE C 119 -24.03 -35.78 -7.14
C ILE C 119 -23.71 -34.52 -7.94
N LEU C 120 -24.48 -34.21 -9.07
CA LEU C 120 -24.14 -33.06 -9.79
C LEU C 120 -24.40 -31.79 -8.89
N ASN C 121 -25.42 -31.74 -7.99
CA ASN C 121 -25.65 -30.56 -7.20
C ASN C 121 -24.41 -30.25 -6.33
N LYS C 122 -23.86 -31.36 -5.78
CA LYS C 122 -22.76 -31.33 -4.84
C LYS C 122 -21.48 -30.82 -5.47
N ILE C 123 -21.20 -31.43 -6.61
CA ILE C 123 -19.95 -31.17 -7.32
C ILE C 123 -20.04 -29.72 -7.74
N ASP C 124 -21.21 -29.21 -8.34
CA ASP C 124 -21.43 -27.92 -8.84
C ASP C 124 -21.34 -26.85 -7.75
N LYS C 125 -21.80 -27.15 -6.49
CA LYS C 125 -21.72 -26.23 -5.37
C LYS C 125 -20.27 -25.97 -5.14
N GLU C 126 -19.50 -27.05 -5.14
CA GLU C 126 -18.10 -27.04 -4.85
C GLU C 126 -17.39 -26.28 -5.91
N ILE C 127 -17.73 -26.44 -7.17
CA ILE C 127 -17.17 -25.85 -8.36
C ILE C 127 -17.46 -24.37 -8.35
N ASP C 128 -18.72 -23.95 -8.04
CA ASP C 128 -19.00 -22.51 -7.98
C ASP C 128 -18.22 -21.72 -6.87
N SER C 129 -17.95 -22.35 -5.70
CA SER C 129 -17.22 -21.79 -4.55
C SER C 129 -15.76 -21.60 -4.90
N THR C 130 -15.25 -22.29 -5.96
CA THR C 130 -13.84 -22.25 -6.41
C THR C 130 -13.75 -21.13 -7.36
N ASP C 131 -12.96 -20.15 -6.99
CA ASP C 131 -12.77 -18.92 -7.58
C ASP C 131 -12.34 -19.01 -9.00
N ASN C 132 -11.29 -19.76 -9.27
CA ASN C 132 -10.83 -20.11 -10.60
C ASN C 132 -10.45 -21.57 -10.57
N PHE C 133 -11.35 -22.45 -10.91
CA PHE C 133 -11.14 -23.92 -10.90
C PHE C 133 -10.42 -24.48 -12.18
N GLU C 134 -9.24 -25.16 -12.03
CA GLU C 134 -8.55 -25.88 -13.10
C GLU C 134 -9.20 -27.22 -13.56
N GLY C 135 -9.56 -28.05 -12.59
CA GLY C 135 -10.10 -29.33 -12.93
C GLY C 135 -10.07 -30.20 -11.71
N PHE C 136 -10.29 -31.54 -12.00
CA PHE C 136 -10.65 -32.60 -11.09
C PHE C 136 -9.59 -33.63 -10.99
N GLN C 137 -9.51 -34.32 -9.79
CA GLN C 137 -8.65 -35.45 -9.58
C GLN C 137 -9.54 -36.55 -9.07
N LEU C 138 -9.48 -37.80 -9.76
CA LEU C 138 -10.33 -38.94 -9.30
C LEU C 138 -9.44 -39.96 -8.74
N LEU C 139 -9.72 -40.49 -7.48
CA LEU C 139 -9.05 -41.70 -6.88
C LEU C 139 -9.97 -42.84 -6.77
N HIS C 140 -9.67 -44.03 -7.30
CA HIS C 140 -10.52 -45.15 -7.07
C HIS C 140 -10.02 -46.47 -7.53
N SER C 141 -10.78 -47.54 -7.23
CA SER C 141 -10.55 -48.91 -7.50
C SER C 141 -11.71 -49.38 -8.41
N VAL C 142 -11.41 -50.40 -9.30
CA VAL C 142 -12.40 -51.17 -10.02
C VAL C 142 -12.95 -52.25 -9.09
N ALA C 143 -12.28 -52.42 -7.90
CA ALA C 143 -12.65 -53.33 -6.88
C ALA C 143 -13.82 -52.75 -6.17
N GLY C 144 -14.20 -51.44 -6.41
CA GLY C 144 -15.32 -50.89 -5.78
C GLY C 144 -16.55 -51.41 -6.50
N GLY C 145 -17.64 -51.29 -5.78
CA GLY C 145 -18.96 -51.31 -6.35
C GLY C 145 -19.19 -49.94 -6.82
N THR C 146 -18.96 -49.06 -5.83
CA THR C 146 -19.33 -47.58 -5.92
C THR C 146 -18.29 -47.04 -6.91
N GLY C 147 -16.96 -47.25 -6.73
CA GLY C 147 -15.99 -46.67 -7.53
C GLY C 147 -16.17 -47.11 -8.97
N SER C 148 -16.42 -48.45 -9.13
CA SER C 148 -16.52 -49.00 -10.48
C SER C 148 -17.81 -48.56 -11.16
N GLY C 149 -19.01 -48.82 -10.66
CA GLY C 149 -20.20 -48.42 -11.37
C GLY C 149 -20.61 -46.93 -11.50
N LEU C 150 -20.66 -46.30 -10.24
CA LEU C 150 -21.11 -44.91 -10.06
C LEU C 150 -20.04 -44.04 -10.75
N GLY C 151 -18.72 -44.45 -10.63
CA GLY C 151 -17.61 -43.79 -11.24
C GLY C 151 -17.72 -43.79 -12.76
N SER C 152 -18.09 -44.87 -13.36
CA SER C 152 -18.23 -44.82 -14.84
C SER C 152 -19.34 -43.92 -15.40
N ASN C 153 -20.53 -43.79 -14.76
CA ASN C 153 -21.52 -42.87 -15.26
C ASN C 153 -21.09 -41.41 -15.10
N LEU C 154 -20.48 -41.07 -13.99
CA LEU C 154 -20.00 -39.74 -13.55
C LEU C 154 -18.89 -39.33 -14.49
N LEU C 155 -17.95 -40.23 -15.00
CA LEU C 155 -16.88 -39.78 -15.98
C LEU C 155 -17.57 -39.32 -17.27
N GLU C 156 -18.63 -40.04 -17.70
CA GLU C 156 -19.44 -39.71 -18.86
C GLU C 156 -20.21 -38.36 -18.63
N ALA C 157 -20.75 -38.19 -17.41
CA ALA C 157 -21.49 -37.01 -17.09
C ALA C 157 -20.67 -35.74 -17.11
N LEU C 158 -19.44 -35.79 -16.49
CA LEU C 158 -18.56 -34.74 -16.39
C LEU C 158 -18.07 -34.22 -17.76
N CYS C 159 -17.89 -35.14 -18.77
CA CYS C 159 -17.57 -34.75 -20.14
C CYS C 159 -18.62 -33.86 -20.72
N ASP C 160 -19.93 -34.28 -20.61
CA ASP C 160 -20.94 -33.53 -21.29
C ASP C 160 -21.08 -32.18 -20.58
N ARG C 161 -21.21 -32.27 -19.21
CA ARG C 161 -21.65 -31.18 -18.38
C ARG C 161 -20.64 -30.08 -18.49
N TYR C 162 -19.37 -30.41 -18.24
CA TYR C 162 -18.28 -29.54 -18.42
C TYR C 162 -17.27 -30.11 -19.44
N PRO C 163 -17.17 -29.56 -20.61
CA PRO C 163 -16.34 -30.09 -21.63
C PRO C 163 -15.00 -29.39 -21.59
N LYS C 164 -14.86 -28.33 -20.77
CA LYS C 164 -13.77 -27.42 -20.81
C LYS C 164 -12.72 -27.44 -19.69
N LYS C 165 -12.63 -28.49 -18.84
CA LYS C 165 -11.82 -28.54 -17.60
C LYS C 165 -10.99 -29.83 -17.68
N ILE C 166 -9.86 -29.88 -16.86
CA ILE C 166 -8.92 -30.99 -16.96
C ILE C 166 -9.44 -32.08 -16.07
N LEU C 167 -9.35 -33.37 -16.52
CA LEU C 167 -9.65 -34.49 -15.71
C LEU C 167 -8.42 -35.37 -15.61
N THR C 168 -7.95 -35.63 -14.33
CA THR C 168 -6.83 -36.48 -14.08
C THR C 168 -7.35 -37.56 -13.24
N THR C 169 -6.84 -38.80 -13.35
CA THR C 169 -7.27 -39.93 -12.52
C THR C 169 -6.05 -40.63 -11.97
N TYR C 170 -6.20 -41.25 -10.83
CA TYR C 170 -5.31 -42.29 -10.32
C TYR C 170 -6.26 -43.49 -10.37
N SER C 171 -6.10 -44.44 -11.35
CA SER C 171 -6.99 -45.58 -11.45
C SER C 171 -6.13 -46.77 -11.03
N VAL C 172 -6.68 -47.58 -10.02
CA VAL C 172 -5.94 -48.75 -9.54
C VAL C 172 -6.41 -49.99 -10.30
N PHE C 173 -5.44 -50.64 -10.97
CA PHE C 173 -5.54 -51.79 -11.71
C PHE C 173 -5.18 -52.89 -10.75
N PRO C 174 -5.78 -54.07 -10.80
CA PRO C 174 -5.61 -55.09 -9.76
C PRO C 174 -4.46 -56.01 -10.21
N ALA C 175 -4.73 -57.09 -10.88
CA ALA C 175 -3.73 -57.92 -11.34
C ALA C 175 -4.17 -58.62 -12.58
N ARG C 176 -3.36 -59.49 -13.17
CA ARG C 176 -3.61 -60.17 -14.42
C ARG C 176 -4.65 -61.20 -14.30
N SER C 177 -4.58 -61.98 -13.18
CA SER C 177 -5.60 -62.95 -12.85
C SER C 177 -5.81 -62.65 -11.40
N SER C 178 -7.06 -62.57 -11.04
CA SER C 178 -7.55 -62.27 -9.69
C SER C 178 -8.38 -63.43 -9.21
N GLU C 179 -8.74 -63.32 -7.88
CA GLU C 179 -9.42 -64.49 -7.27
C GLU C 179 -10.82 -64.58 -7.55
N VAL C 180 -11.48 -63.42 -7.96
CA VAL C 180 -12.88 -63.36 -8.26
C VAL C 180 -12.92 -63.52 -9.73
N VAL C 181 -13.85 -64.38 -10.22
CA VAL C 181 -13.92 -64.79 -11.64
C VAL C 181 -14.40 -63.64 -12.49
N VAL C 182 -15.28 -62.83 -11.93
CA VAL C 182 -15.84 -61.81 -12.66
C VAL C 182 -14.87 -60.61 -12.95
N GLN C 183 -13.56 -60.70 -12.49
CA GLN C 183 -12.56 -59.66 -12.53
C GLN C 183 -12.50 -58.99 -13.86
N SER C 184 -12.46 -59.73 -14.99
CA SER C 184 -12.42 -59.22 -16.32
C SER C 184 -13.62 -58.49 -16.74
N TYR C 185 -14.82 -58.94 -16.28
CA TYR C 185 -16.05 -58.27 -16.58
C TYR C 185 -16.17 -56.92 -16.04
N ASN C 186 -15.83 -56.79 -14.72
CA ASN C 186 -15.78 -55.50 -14.13
C ASN C 186 -14.74 -54.56 -14.75
N THR C 187 -13.51 -55.04 -15.02
CA THR C 187 -12.43 -54.20 -15.50
C THR C 187 -12.68 -53.57 -16.78
N ILE C 188 -13.14 -54.39 -17.76
CA ILE C 188 -13.47 -54.04 -19.08
C ILE C 188 -14.71 -53.12 -19.07
N LEU C 189 -15.77 -53.39 -18.26
CA LEU C 189 -16.89 -52.46 -18.17
C LEU C 189 -16.45 -51.13 -17.69
N ALA C 190 -15.53 -50.95 -16.67
CA ALA C 190 -15.04 -49.60 -16.27
C ALA C 190 -14.16 -48.89 -17.31
N LEU C 191 -13.27 -49.68 -17.96
CA LEU C 191 -12.22 -49.19 -18.77
C LEU C 191 -12.65 -48.36 -19.92
N ARG C 192 -13.88 -48.60 -20.49
CA ARG C 192 -14.35 -47.83 -21.59
C ARG C 192 -14.45 -46.41 -21.32
N ARG C 193 -15.11 -46.09 -20.18
CA ARG C 193 -15.24 -44.76 -19.76
C ARG C 193 -13.90 -44.27 -19.35
N LEU C 194 -13.00 -45.08 -18.66
CA LEU C 194 -11.74 -44.53 -18.21
C LEU C 194 -10.87 -44.11 -19.42
N ILE C 195 -10.87 -44.91 -20.55
CA ILE C 195 -10.09 -44.51 -21.64
C ILE C 195 -10.63 -43.31 -22.31
N GLU C 196 -11.92 -43.16 -22.67
CA GLU C 196 -12.40 -42.08 -23.47
C GLU C 196 -12.62 -40.87 -22.62
N ASP C 197 -13.25 -40.92 -21.41
CA ASP C 197 -13.72 -39.75 -20.70
C ASP C 197 -12.62 -39.05 -19.93
N SER C 198 -11.43 -39.65 -19.65
CA SER C 198 -10.36 -38.99 -19.03
C SER C 198 -9.32 -38.52 -20.15
N ASP C 199 -8.56 -37.41 -19.74
CA ASP C 199 -7.52 -36.71 -20.45
C ASP C 199 -6.24 -37.39 -20.14
N ALA C 200 -6.00 -37.78 -18.86
CA ALA C 200 -4.79 -38.40 -18.50
C ALA C 200 -5.09 -39.38 -17.43
N THR C 201 -4.43 -40.54 -17.48
CA THR C 201 -4.73 -41.60 -16.57
C THR C 201 -3.40 -42.03 -16.01
N VAL C 202 -3.31 -41.99 -14.65
CA VAL C 202 -2.13 -42.48 -13.98
C VAL C 202 -2.46 -43.89 -13.58
N VAL C 203 -1.78 -44.92 -14.19
CA VAL C 203 -2.09 -46.27 -13.96
C VAL C 203 -1.32 -46.81 -12.74
N PHE C 204 -2.01 -47.42 -11.73
CA PHE C 204 -1.42 -48.03 -10.50
C PHE C 204 -1.70 -49.53 -10.52
N ASP C 205 -0.74 -50.45 -10.72
CA ASP C 205 -0.92 -51.90 -10.69
C ASP C 205 -0.64 -52.30 -9.26
N ASN C 206 -1.73 -52.90 -8.70
CA ASN C 206 -1.84 -53.33 -7.38
C ASN C 206 -0.87 -54.45 -7.15
N ALA C 207 -0.56 -55.29 -8.19
CA ALA C 207 0.43 -56.35 -8.09
C ALA C 207 1.85 -55.92 -7.74
N SER C 208 2.29 -54.89 -8.44
CA SER C 208 3.65 -54.37 -8.24
C SER C 208 3.68 -53.71 -6.91
N LEU C 209 2.61 -52.94 -6.56
CA LEU C 209 2.48 -52.06 -5.36
C LEU C 209 2.57 -52.94 -4.17
N LEU C 210 1.91 -54.12 -4.21
CA LEU C 210 1.82 -55.11 -3.14
C LEU C 210 3.25 -55.68 -2.96
N ASN C 211 4.04 -55.90 -4.10
CA ASN C 211 5.38 -56.38 -3.93
C ASN C 211 6.30 -55.44 -3.14
N ILE C 212 6.19 -54.09 -3.36
CA ILE C 212 6.96 -53.08 -2.69
C ILE C 212 6.61 -53.05 -1.18
N SER C 213 5.22 -53.12 -0.81
CA SER C 213 4.77 -53.11 0.55
C SER C 213 5.16 -54.22 1.39
N GLY C 214 5.01 -55.42 0.73
CA GLY C 214 5.43 -56.60 1.46
C GLY C 214 6.94 -56.62 1.65
N LYS C 215 7.72 -56.41 0.51
CA LYS C 215 9.16 -56.58 0.54
C LYS C 215 9.93 -55.46 1.24
N VAL C 216 9.80 -54.19 0.80
CA VAL C 216 10.56 -53.15 1.42
C VAL C 216 9.99 -52.75 2.75
N PHE C 217 8.67 -52.53 2.83
CA PHE C 217 7.98 -51.92 3.96
C PHE C 217 7.94 -52.78 5.08
N ARG C 218 7.91 -54.10 4.75
CA ARG C 218 7.92 -55.14 5.70
C ARG C 218 6.55 -55.24 6.43
N ASN C 219 5.76 -56.33 6.19
CA ASN C 219 4.58 -56.55 6.87
C ASN C 219 4.55 -58.04 7.14
N PRO C 220 3.95 -58.57 8.23
CA PRO C 220 3.95 -59.99 8.46
C PRO C 220 2.71 -60.52 7.90
N ASN C 221 1.65 -59.67 7.94
CA ASN C 221 0.37 -59.97 7.35
C ASN C 221 0.07 -58.77 6.49
N ILE C 222 0.13 -58.86 5.16
CA ILE C 222 0.15 -57.76 4.19
C ILE C 222 -1.30 -57.46 3.72
N ASP C 223 -1.65 -56.19 3.54
CA ASP C 223 -3.02 -55.76 3.21
C ASP C 223 -2.95 -54.48 2.38
N LEU C 224 -4.17 -54.11 1.82
CA LEU C 224 -4.50 -53.05 0.97
C LEU C 224 -4.29 -51.80 1.70
N GLN C 225 -4.54 -51.64 3.05
CA GLN C 225 -4.35 -50.51 3.82
C GLN C 225 -2.87 -50.04 3.89
N HIS C 226 -1.98 -50.99 4.01
CA HIS C 226 -0.55 -50.78 4.14
C HIS C 226 -0.06 -50.13 2.85
N THR C 227 -0.54 -50.68 1.74
CA THR C 227 -0.20 -50.32 0.33
C THR C 227 -0.70 -48.95 -0.01
N ASN C 228 -1.87 -48.52 0.61
CA ASN C 228 -2.35 -47.20 0.47
C ASN C 228 -1.44 -46.15 1.02
N GLN C 229 -0.64 -46.43 2.05
CA GLN C 229 0.29 -45.48 2.66
C GLN C 229 1.25 -45.12 1.61
N LEU C 230 1.71 -46.08 0.71
CA LEU C 230 2.62 -45.90 -0.40
C LEU C 230 2.04 -45.05 -1.47
N ILE C 231 0.74 -45.27 -1.89
CA ILE C 231 -0.09 -44.65 -2.93
C ILE C 231 -0.25 -43.16 -2.56
N SER C 232 -0.51 -42.90 -1.29
CA SER C 232 -0.64 -41.60 -0.72
C SER C 232 0.65 -40.87 -0.86
N THR C 233 1.80 -41.57 -0.65
CA THR C 233 3.08 -41.02 -0.70
C THR C 233 3.34 -40.55 -2.06
N ILE C 234 2.97 -41.41 -3.05
CA ILE C 234 3.27 -41.16 -4.45
C ILE C 234 2.51 -39.96 -5.04
N ILE C 235 1.19 -39.96 -4.78
CA ILE C 235 0.28 -38.93 -5.24
C ILE C 235 0.61 -37.58 -4.71
N SER C 236 0.95 -37.49 -3.47
CA SER C 236 1.36 -36.25 -2.79
C SER C 236 2.65 -35.75 -3.46
N SER C 237 3.65 -36.72 -3.68
CA SER C 237 4.95 -36.39 -4.26
C SER C 237 4.75 -35.88 -5.72
N VAL C 238 3.80 -36.41 -6.47
CA VAL C 238 3.58 -36.05 -7.91
C VAL C 238 3.21 -34.59 -8.10
N THR C 239 2.42 -34.00 -7.12
CA THR C 239 2.11 -32.60 -7.26
C THR C 239 3.20 -31.65 -6.78
N ASN C 240 4.27 -32.22 -6.13
CA ASN C 240 5.11 -31.40 -5.35
C ASN C 240 5.70 -30.18 -5.92
N SER C 241 6.20 -30.29 -7.20
CA SER C 241 6.95 -29.23 -7.86
C SER C 241 6.20 -27.96 -8.23
N ILE C 242 4.82 -28.04 -8.45
CA ILE C 242 3.96 -26.83 -8.44
C ILE C 242 3.64 -26.23 -7.12
N ARG C 243 3.33 -27.09 -6.10
CA ARG C 243 2.74 -26.63 -4.84
C ARG C 243 3.69 -26.06 -3.84
N PHE C 244 5.01 -26.24 -4.01
CA PHE C 244 5.97 -25.61 -3.12
C PHE C 244 6.03 -24.17 -3.38
N PRO C 245 6.46 -23.37 -2.46
CA PRO C 245 6.68 -21.95 -2.58
C PRO C 245 8.02 -21.70 -3.24
N SER C 246 8.00 -20.70 -4.19
CA SER C 246 9.06 -20.22 -4.97
C SER C 246 9.26 -21.09 -6.16
N TYR C 247 8.44 -22.16 -6.39
CA TYR C 247 8.52 -23.00 -7.56
C TYR C 247 7.15 -23.20 -8.08
N MET C 248 6.87 -22.65 -9.27
CA MET C 248 5.56 -22.59 -9.92
C MET C 248 5.86 -22.07 -11.27
N TYR C 249 7.06 -22.47 -11.76
CA TYR C 249 7.54 -22.31 -13.08
C TYR C 249 6.78 -23.33 -13.87
N SER C 250 6.49 -24.51 -13.21
CA SER C 250 5.80 -25.52 -13.82
C SER C 250 4.34 -25.25 -13.52
N SER C 251 3.48 -25.62 -14.48
CA SER C 251 1.99 -25.51 -14.32
C SER C 251 1.44 -26.78 -14.77
N MET C 252 0.10 -26.98 -14.57
CA MET C 252 -0.68 -28.13 -14.91
C MET C 252 -0.66 -28.19 -16.37
N SER C 253 -0.82 -27.04 -17.11
CA SER C 253 -1.04 -26.96 -18.55
C SER C 253 0.15 -27.53 -19.26
N SER C 254 1.34 -27.09 -18.75
CA SER C 254 2.63 -27.33 -19.39
C SER C 254 2.87 -28.79 -19.30
N ILE C 255 2.49 -29.44 -18.20
CA ILE C 255 2.47 -30.85 -17.97
C ILE C 255 1.53 -31.60 -18.83
N TYR C 256 0.32 -31.13 -19.05
CA TYR C 256 -0.64 -31.74 -19.94
C TYR C 256 -0.23 -31.76 -21.36
N SER C 257 0.24 -30.65 -21.87
CA SER C 257 0.55 -30.50 -23.27
C SER C 257 1.65 -31.49 -23.71
N THR C 258 2.73 -31.58 -22.87
CA THR C 258 3.80 -32.51 -23.17
C THR C 258 3.48 -33.94 -23.11
N LEU C 259 2.78 -34.31 -22.05
CA LEU C 259 2.45 -35.72 -21.84
C LEU C 259 1.44 -36.30 -22.73
N ILE C 260 0.35 -35.59 -23.17
CA ILE C 260 -0.60 -36.21 -24.09
C ILE C 260 -0.58 -35.24 -25.31
N PRO C 261 -0.09 -35.78 -26.47
CA PRO C 261 -0.01 -35.05 -27.69
C PRO C 261 -0.98 -35.61 -28.67
N SER C 262 -1.59 -36.77 -28.38
CA SER C 262 -2.61 -37.36 -29.22
C SER C 262 -3.57 -38.15 -28.33
N PRO C 263 -4.84 -38.32 -28.56
CA PRO C 263 -5.82 -38.76 -27.54
C PRO C 263 -5.77 -40.25 -27.39
N GLU C 264 -4.66 -40.93 -27.86
CA GLU C 264 -4.49 -42.34 -27.68
C GLU C 264 -3.32 -42.56 -26.68
N LEU C 265 -2.49 -41.49 -26.50
CA LEU C 265 -1.32 -41.51 -25.71
C LEU C 265 -1.69 -40.70 -24.51
N HIS C 266 -1.94 -41.44 -23.37
CA HIS C 266 -2.36 -40.76 -22.18
C HIS C 266 -2.14 -41.61 -20.91
N PHE C 267 -1.66 -42.87 -21.00
CA PHE C 267 -1.46 -43.73 -19.87
C PHE C 267 -0.08 -43.54 -19.27
N LEU C 268 0.06 -43.20 -17.97
CA LEU C 268 1.34 -42.82 -17.33
C LEU C 268 1.77 -43.89 -16.37
N SER C 269 3.06 -44.10 -16.19
CA SER C 269 3.59 -45.01 -15.17
C SER C 269 4.44 -44.09 -14.30
N PRO C 270 4.40 -44.23 -13.04
CA PRO C 270 5.42 -43.65 -12.15
C PRO C 270 6.50 -44.63 -11.66
N SER C 271 7.68 -44.06 -11.20
CA SER C 271 8.59 -44.94 -10.52
C SER C 271 8.99 -43.88 -9.48
N PHE C 272 9.44 -44.33 -8.36
CA PHE C 272 9.83 -43.44 -7.27
C PHE C 272 10.92 -44.18 -6.60
N THR C 273 11.80 -43.38 -5.98
CA THR C 273 12.85 -43.90 -5.14
C THR C 273 13.08 -42.72 -4.23
N PRO C 274 13.36 -42.91 -2.93
CA PRO C 274 13.40 -44.14 -2.15
C PRO C 274 11.96 -44.49 -1.83
N PHE C 275 11.95 -45.55 -1.02
CA PHE C 275 10.80 -46.00 -0.24
C PHE C 275 11.21 -45.92 1.16
N THR C 276 11.94 -46.86 1.73
CA THR C 276 12.43 -46.94 3.14
C THR C 276 13.86 -47.54 2.96
N SER C 277 14.67 -47.53 4.04
CA SER C 277 16.06 -47.98 4.13
C SER C 277 16.80 -46.87 4.86
N ASP C 278 16.90 -46.98 6.22
CA ASP C 278 17.53 -45.99 7.04
C ASP C 278 17.94 -46.63 8.35
N TYR C 279 17.98 -47.96 8.48
CA TYR C 279 18.44 -48.57 9.73
C TYR C 279 19.46 -49.59 9.22
N ILE C 280 20.59 -49.66 9.95
CA ILE C 280 21.62 -50.65 9.59
C ILE C 280 22.39 -50.91 10.91
N HIS C 281 23.34 -51.85 10.95
CA HIS C 281 24.23 -52.15 12.15
C HIS C 281 25.15 -50.99 12.39
N ASP C 282 25.89 -50.56 11.34
CA ASP C 282 26.86 -49.55 11.39
C ASP C 282 26.59 -48.75 10.14
N ASP C 283 26.49 -47.39 10.39
CA ASP C 283 26.06 -46.40 9.51
C ASP C 283 26.75 -46.43 8.18
N ILE C 284 25.94 -46.25 7.13
CA ILE C 284 26.25 -45.84 5.79
C ILE C 284 25.04 -45.04 5.43
N ALA C 285 25.17 -44.30 4.32
CA ALA C 285 24.14 -43.50 3.74
C ALA C 285 23.49 -44.39 2.65
N HIS C 286 22.15 -44.35 2.52
CA HIS C 286 21.44 -45.43 1.79
C HIS C 286 21.18 -45.06 0.33
N LYS C 287 21.73 -43.88 -0.11
CA LYS C 287 21.63 -43.54 -1.52
C LYS C 287 22.66 -42.58 -2.00
N CYS C 288 22.82 -42.36 -3.29
CA CYS C 288 23.57 -41.34 -3.94
C CYS C 288 22.83 -41.07 -5.25
N HIS C 289 23.34 -40.02 -6.08
CA HIS C 289 22.64 -39.60 -7.27
C HIS C 289 22.52 -40.72 -8.30
N SER C 290 23.64 -41.46 -8.51
CA SER C 290 23.77 -42.53 -9.47
C SER C 290 22.70 -43.64 -9.06
N SER C 291 22.64 -43.88 -7.71
CA SER C 291 21.74 -44.88 -7.18
C SER C 291 20.37 -44.60 -7.47
N TYR C 292 19.91 -43.33 -7.32
CA TYR C 292 18.57 -42.89 -7.76
C TYR C 292 18.32 -43.04 -9.24
N ASP C 293 19.31 -42.58 -9.98
CA ASP C 293 19.13 -42.42 -11.41
C ASP C 293 18.95 -43.72 -12.15
N VAL C 294 19.77 -44.76 -11.72
CA VAL C 294 19.51 -46.14 -12.11
C VAL C 294 18.24 -46.75 -11.66
N MET C 295 17.85 -46.53 -10.37
CA MET C 295 16.69 -47.22 -9.84
C MET C 295 15.29 -46.97 -10.43
N LEU C 296 15.12 -45.74 -10.90
CA LEU C 296 13.86 -45.26 -11.44
C LEU C 296 13.36 -46.05 -12.68
N ASP C 297 14.32 -46.55 -13.47
CA ASP C 297 14.17 -47.41 -14.62
C ASP C 297 13.76 -48.79 -14.25
N LEU C 298 14.17 -49.30 -13.03
CA LEU C 298 13.92 -50.61 -12.58
C LEU C 298 12.43 -50.96 -12.36
N LEU C 299 12.09 -52.22 -12.64
CA LEU C 299 10.69 -52.72 -12.72
C LEU C 299 9.84 -52.79 -11.45
N ASP C 300 10.39 -53.07 -10.27
CA ASP C 300 9.60 -53.19 -9.03
C ASP C 300 9.67 -51.88 -8.24
N PRO C 301 10.83 -51.12 -8.37
CA PRO C 301 10.82 -49.68 -7.94
C PRO C 301 9.76 -48.85 -8.70
N SER C 302 9.39 -49.33 -9.96
CA SER C 302 8.34 -48.74 -10.72
C SER C 302 7.11 -49.36 -10.14
N ASN C 303 6.01 -48.58 -10.20
CA ASN C 303 4.88 -48.87 -9.40
C ASN C 303 3.88 -49.61 -10.19
N SER C 304 4.21 -49.95 -11.47
CA SER C 304 3.47 -50.78 -12.36
C SER C 304 4.54 -51.84 -12.83
N LEU C 305 3.99 -53.09 -12.98
CA LEU C 305 4.54 -54.28 -13.59
C LEU C 305 3.42 -54.61 -14.57
N VAL C 306 3.78 -54.81 -15.88
CA VAL C 306 2.80 -55.14 -16.88
C VAL C 306 3.26 -56.30 -17.64
N SER C 307 4.63 -56.50 -17.66
CA SER C 307 5.36 -57.52 -18.35
C SER C 307 6.60 -56.80 -18.63
N THR C 308 7.71 -57.13 -18.00
CA THR C 308 8.91 -56.45 -18.16
C THR C 308 9.44 -56.27 -19.59
N ALA C 309 10.00 -55.09 -19.95
CA ALA C 309 10.37 -54.83 -21.33
C ALA C 309 11.14 -53.63 -21.21
N MET C 310 12.26 -53.71 -20.52
CA MET C 310 13.17 -52.67 -20.30
C MET C 310 13.78 -52.35 -21.65
N ASN C 311 14.01 -51.01 -21.84
CA ASN C 311 14.65 -50.42 -23.06
C ASN C 311 13.52 -50.18 -24.07
N ASN C 312 12.44 -50.95 -24.05
CA ASN C 312 11.23 -50.84 -24.76
C ASN C 312 11.27 -51.08 -26.24
N PRO C 313 10.51 -52.05 -26.66
CA PRO C 313 10.37 -52.39 -28.12
C PRO C 313 9.16 -51.69 -28.61
N THR C 314 8.30 -51.16 -27.71
CA THR C 314 7.16 -50.37 -28.02
C THR C 314 7.46 -49.18 -27.18
N TYR C 315 8.02 -48.18 -27.86
CA TYR C 315 8.68 -47.06 -27.21
C TYR C 315 7.98 -46.17 -26.18
N PHE C 316 8.73 -45.14 -25.71
CA PHE C 316 8.35 -44.05 -24.81
C PHE C 316 7.79 -42.85 -25.61
N ASN C 317 6.67 -42.40 -25.16
CA ASN C 317 6.16 -41.14 -25.77
C ASN C 317 6.87 -39.96 -25.15
N VAL C 318 7.02 -39.99 -23.77
CA VAL C 318 7.63 -38.79 -23.14
C VAL C 318 8.24 -39.18 -21.79
N TYR C 319 9.25 -38.46 -21.25
CA TYR C 319 9.90 -38.86 -20.05
C TYR C 319 10.04 -37.57 -19.32
N ASN C 320 9.75 -37.58 -18.02
CA ASN C 320 10.00 -36.51 -17.09
C ASN C 320 10.65 -37.10 -15.87
N THR C 321 11.74 -36.51 -15.38
CA THR C 321 12.25 -36.90 -14.12
C THR C 321 12.19 -35.63 -13.33
N ILE C 322 11.55 -35.73 -12.10
CA ILE C 322 11.55 -34.66 -11.14
C ILE C 322 12.36 -35.17 -10.03
N ILE C 323 13.48 -34.40 -9.83
CA ILE C 323 14.57 -34.78 -8.94
C ILE C 323 14.41 -33.84 -7.75
N GLY C 324 14.49 -34.41 -6.51
CA GLY C 324 14.23 -33.69 -5.27
C GLY C 324 15.45 -33.90 -4.58
N ASN C 325 16.15 -32.83 -4.17
CA ASN C 325 17.24 -32.71 -3.40
C ASN C 325 17.80 -31.38 -3.81
N VAL C 326 18.33 -30.72 -2.73
CA VAL C 326 18.99 -29.49 -2.92
C VAL C 326 20.46 -29.76 -2.84
N GLU C 327 20.86 -31.00 -3.18
CA GLU C 327 22.24 -31.37 -3.30
C GLU C 327 22.70 -30.98 -4.71
N PRO C 328 24.04 -30.71 -4.91
CA PRO C 328 24.59 -30.17 -6.17
C PRO C 328 24.02 -30.82 -7.51
N ARG C 329 23.27 -29.95 -8.23
CA ARG C 329 22.61 -30.21 -9.48
C ARG C 329 23.54 -30.57 -10.66
N GLN C 330 24.77 -29.91 -10.61
CA GLN C 330 25.69 -29.96 -11.69
C GLN C 330 26.24 -31.29 -12.07
N ILE C 331 26.60 -32.10 -11.05
CA ILE C 331 27.10 -33.48 -11.33
C ILE C 331 25.97 -34.32 -11.91
N SER C 332 24.74 -34.15 -11.29
CA SER C 332 23.55 -34.90 -11.72
C SER C 332 23.12 -34.59 -13.10
N ARG C 333 23.20 -33.31 -13.46
CA ARG C 333 22.83 -32.84 -14.80
C ARG C 333 23.70 -33.30 -15.88
N ALA C 334 25.06 -33.33 -15.62
CA ALA C 334 26.02 -33.90 -16.51
C ALA C 334 25.74 -35.45 -16.64
N MET C 335 25.41 -36.14 -15.54
CA MET C 335 25.12 -37.55 -15.57
C MET C 335 23.92 -37.88 -16.46
N THR C 336 22.80 -37.09 -16.29
CA THR C 336 21.63 -37.32 -17.08
C THR C 336 21.92 -37.03 -18.59
N LYS C 337 22.73 -36.01 -18.91
CA LYS C 337 23.03 -35.59 -20.27
C LYS C 337 23.77 -36.71 -20.99
N LEU C 338 24.66 -37.27 -20.19
CA LEU C 338 25.56 -38.35 -20.70
C LEU C 338 24.77 -39.66 -21.08
N GLN C 339 23.77 -39.92 -20.19
CA GLN C 339 22.79 -40.92 -20.30
C GLN C 339 21.94 -40.72 -21.50
N GLN C 340 21.53 -39.54 -21.86
CA GLN C 340 20.75 -39.20 -23.10
C GLN C 340 21.48 -39.40 -24.40
N ARG C 341 22.75 -38.94 -24.39
CA ARG C 341 23.69 -38.96 -25.46
C ARG C 341 24.09 -40.31 -25.83
N ILE C 342 24.19 -41.22 -24.82
CA ILE C 342 24.48 -42.64 -24.93
C ILE C 342 23.43 -43.35 -25.73
N LYS C 343 22.11 -42.90 -25.64
CA LYS C 343 20.94 -43.55 -26.23
C LYS C 343 20.66 -44.76 -25.38
N PHE C 344 20.58 -44.60 -24.04
CA PHE C 344 20.24 -45.59 -23.04
C PHE C 344 18.84 -46.14 -23.32
N PRO C 345 17.86 -45.37 -23.57
CA PRO C 345 16.56 -45.85 -24.19
C PRO C 345 16.79 -45.93 -25.69
N SER C 346 15.86 -46.40 -26.45
CA SER C 346 15.88 -46.47 -27.89
C SER C 346 14.54 -45.88 -28.21
N TRP C 347 14.39 -45.48 -29.47
CA TRP C 347 13.22 -44.60 -29.74
C TRP C 347 12.77 -44.80 -31.18
N SER C 348 11.47 -44.38 -31.44
CA SER C 348 10.75 -44.45 -32.58
C SER C 348 11.46 -44.22 -33.88
N SER C 349 10.89 -44.70 -34.99
CA SER C 349 11.20 -44.44 -36.38
C SER C 349 10.81 -42.97 -36.59
N SER C 350 11.80 -42.14 -36.96
CA SER C 350 11.63 -40.73 -37.28
C SER C 350 11.07 -39.94 -36.15
N ALA C 351 11.61 -40.00 -34.87
CA ALA C 351 11.09 -39.36 -33.70
C ALA C 351 11.86 -39.96 -32.60
N MET C 352 12.51 -39.13 -31.79
CA MET C 352 13.57 -39.54 -30.88
C MET C 352 13.37 -38.73 -29.65
N HIS C 353 13.96 -39.24 -28.56
CA HIS C 353 13.92 -38.86 -27.14
C HIS C 353 13.30 -37.48 -26.76
N VAL C 354 12.31 -37.41 -25.93
CA VAL C 354 11.69 -36.22 -25.40
C VAL C 354 11.89 -36.54 -23.97
N ASN C 355 12.79 -35.82 -23.30
CA ASN C 355 13.13 -36.07 -21.89
C ASN C 355 13.17 -34.64 -21.29
N ILE C 356 12.42 -34.38 -20.21
CA ILE C 356 12.39 -33.09 -19.62
C ILE C 356 12.74 -33.36 -18.17
N GLY C 357 13.31 -32.42 -17.41
CA GLY C 357 13.68 -32.65 -16.07
C GLY C 357 13.17 -31.45 -15.37
N ARG C 358 12.73 -31.70 -14.14
CA ARG C 358 12.22 -30.78 -13.23
C ARG C 358 13.09 -30.95 -11.89
N ARG C 359 13.39 -29.79 -11.19
CA ARG C 359 14.34 -29.80 -10.07
C ARG C 359 13.50 -29.30 -8.85
N SER C 360 13.67 -29.94 -7.63
CA SER C 360 12.90 -29.46 -6.48
C SER C 360 13.77 -29.64 -5.33
N PRO C 361 13.75 -28.97 -4.17
CA PRO C 361 14.67 -29.30 -3.07
C PRO C 361 13.86 -30.23 -2.17
N TYR C 362 14.13 -30.33 -0.84
CA TYR C 362 13.42 -31.01 0.23
C TYR C 362 12.44 -29.99 0.62
N LEU C 363 11.27 -30.39 1.26
CA LEU C 363 10.25 -29.39 1.61
C LEU C 363 10.69 -28.28 2.55
N PRO C 364 10.50 -27.01 2.28
CA PRO C 364 10.79 -25.96 3.26
C PRO C 364 9.61 -26.06 4.29
N LEU C 365 8.53 -26.84 4.00
CA LEU C 365 7.38 -27.00 4.80
C LEU C 365 7.76 -28.01 5.90
N GLN C 366 8.71 -28.98 5.67
CA GLN C 366 9.15 -29.95 6.68
C GLN C 366 10.56 -30.49 6.31
N PRO C 367 11.56 -29.64 6.59
CA PRO C 367 12.95 -30.08 6.53
C PRO C 367 13.24 -31.21 7.43
N ASN C 368 13.99 -32.22 6.87
CA ASN C 368 14.58 -33.33 7.51
C ASN C 368 14.98 -34.20 6.36
N GLU C 369 16.26 -34.69 6.35
CA GLU C 369 16.75 -35.57 5.25
C GLU C 369 17.70 -36.63 5.72
N ASN C 370 17.78 -37.74 4.89
CA ASN C 370 18.65 -38.87 5.13
C ASN C 370 18.98 -39.55 3.81
N GLU C 371 18.20 -39.30 2.72
CA GLU C 371 18.37 -39.87 1.36
C GLU C 371 17.87 -38.84 0.46
N VAL C 372 18.46 -38.76 -0.76
CA VAL C 372 18.13 -37.82 -1.86
C VAL C 372 16.96 -38.52 -2.58
N SER C 373 16.20 -37.90 -3.43
CA SER C 373 15.05 -38.56 -4.06
C SER C 373 14.93 -38.24 -5.49
N GLY C 374 14.09 -39.03 -6.20
CA GLY C 374 13.65 -38.63 -7.47
C GLY C 374 12.43 -39.50 -7.86
N MET C 375 11.70 -39.00 -8.78
CA MET C 375 10.50 -39.66 -9.31
C MET C 375 10.71 -39.66 -10.82
N MET C 376 10.23 -40.73 -11.56
CA MET C 376 10.25 -40.70 -12.97
C MET C 376 8.83 -40.81 -13.18
N LEU C 377 8.40 -39.96 -14.12
CA LEU C 377 7.03 -40.00 -14.64
C LEU C 377 7.16 -40.24 -16.15
N SER C 378 6.56 -41.34 -16.69
CA SER C 378 6.70 -41.58 -18.12
C SER C 378 5.47 -42.10 -18.73
N ASN C 379 5.28 -41.82 -20.05
CA ASN C 379 4.18 -42.35 -20.82
C ASN C 379 4.90 -43.36 -21.72
N MET C 380 4.78 -44.66 -21.52
CA MET C 380 5.47 -45.63 -22.29
C MET C 380 4.41 -46.61 -22.72
N SER C 381 4.60 -47.07 -23.93
CA SER C 381 3.65 -48.01 -24.52
C SER C 381 3.56 -49.33 -23.95
N THR C 382 4.55 -49.80 -23.20
CA THR C 382 4.63 -51.15 -22.61
C THR C 382 3.54 -51.39 -21.58
N VAL C 383 2.95 -50.33 -20.99
CA VAL C 383 1.86 -50.39 -20.01
C VAL C 383 0.71 -51.17 -20.56
N VAL C 384 0.50 -51.24 -21.96
CA VAL C 384 -0.55 -51.93 -22.59
C VAL C 384 -0.68 -53.38 -22.32
N ASN C 385 0.52 -54.09 -22.05
CA ASN C 385 0.66 -55.50 -22.00
C ASN C 385 -0.25 -56.19 -21.03
N VAL C 386 -0.49 -55.58 -19.84
CA VAL C 386 -1.45 -55.96 -18.90
C VAL C 386 -2.89 -55.84 -19.49
N PHE C 387 -3.16 -54.66 -20.21
CA PHE C 387 -4.48 -54.49 -20.74
C PHE C 387 -4.91 -55.54 -21.77
N GLU C 388 -3.88 -55.89 -22.60
CA GLU C 388 -3.96 -56.92 -23.65
C GLU C 388 -4.29 -58.27 -22.96
N ASN C 389 -3.65 -58.52 -21.79
CA ASN C 389 -3.81 -59.71 -21.03
C ASN C 389 -5.29 -59.82 -20.58
N ALA C 390 -5.90 -58.65 -20.10
CA ALA C 390 -7.29 -58.48 -19.66
C ALA C 390 -8.24 -58.72 -20.78
N CYS C 391 -7.99 -58.24 -22.04
CA CYS C 391 -8.87 -58.44 -23.14
C CYS C 391 -8.93 -59.99 -23.43
N ASN C 392 -7.76 -60.70 -23.36
CA ASN C 392 -7.63 -62.06 -23.67
C ASN C 392 -8.41 -62.91 -22.73
N THR C 393 -8.29 -62.67 -21.38
CA THR C 393 -8.89 -63.36 -20.31
C THR C 393 -10.34 -63.16 -20.32
N PHE C 394 -10.77 -61.90 -20.67
CA PHE C 394 -12.13 -61.46 -20.97
C PHE C 394 -12.72 -62.22 -22.13
N ASP C 395 -12.02 -62.33 -23.26
CA ASP C 395 -12.69 -62.97 -24.31
C ASP C 395 -12.97 -64.44 -24.06
N LYS C 396 -12.03 -65.21 -23.47
CA LYS C 396 -12.29 -66.63 -23.29
C LYS C 396 -13.42 -66.90 -22.34
N VAL C 397 -13.55 -66.14 -21.23
CA VAL C 397 -14.78 -66.30 -20.41
C VAL C 397 -16.11 -65.93 -21.10
N PHE C 398 -16.04 -64.82 -21.90
CA PHE C 398 -17.15 -64.29 -22.72
C PHE C 398 -17.60 -65.28 -23.78
N ALA C 399 -16.64 -65.96 -24.44
CA ALA C 399 -16.83 -67.00 -25.46
C ALA C 399 -17.63 -68.17 -24.97
N LYS C 400 -17.11 -68.61 -23.77
CA LYS C 400 -17.75 -69.76 -23.06
C LYS C 400 -19.04 -69.40 -22.46
N GLY C 401 -19.23 -68.08 -22.13
CA GLY C 401 -20.43 -67.50 -21.62
C GLY C 401 -20.80 -67.85 -20.22
N ALA C 402 -19.87 -68.04 -19.26
CA ALA C 402 -20.21 -68.49 -17.96
C ALA C 402 -19.87 -67.39 -17.04
N PHE C 403 -20.70 -67.14 -16.04
CA PHE C 403 -20.46 -66.11 -15.01
C PHE C 403 -20.70 -64.73 -15.43
N LEU C 404 -21.34 -64.68 -16.62
CA LEU C 404 -22.10 -63.60 -17.22
C LEU C 404 -23.45 -63.49 -16.65
N ASN C 405 -23.94 -64.59 -16.00
CA ASN C 405 -25.25 -64.95 -15.62
C ASN C 405 -25.90 -63.87 -14.90
N ASN C 406 -25.26 -63.30 -13.89
CA ASN C 406 -25.79 -62.22 -13.11
C ASN C 406 -25.97 -60.92 -13.85
N TYR C 407 -25.04 -60.61 -14.77
CA TYR C 407 -25.03 -59.41 -15.53
C TYR C 407 -26.13 -59.18 -16.53
N ASN C 408 -26.47 -60.23 -17.26
CA ASN C 408 -27.49 -60.16 -18.31
C ASN C 408 -28.89 -59.80 -17.88
N VAL C 409 -29.18 -60.14 -16.62
CA VAL C 409 -30.45 -60.02 -15.94
C VAL C 409 -30.92 -58.63 -15.85
N GLY C 410 -29.83 -57.77 -15.72
CA GLY C 410 -29.97 -56.35 -15.64
C GLY C 410 -30.37 -55.74 -16.96
N ASP C 411 -31.14 -54.58 -16.98
CA ASP C 411 -31.82 -53.95 -18.14
C ASP C 411 -30.97 -53.45 -19.28
N LEU C 412 -29.86 -52.78 -19.00
CA LEU C 412 -28.86 -52.33 -20.00
C LEU C 412 -28.25 -53.54 -20.71
N PHE C 413 -28.01 -54.64 -19.97
CA PHE C 413 -27.37 -55.83 -20.55
C PHE C 413 -28.34 -56.65 -21.29
N GLN C 414 -29.67 -56.44 -21.04
CA GLN C 414 -30.70 -57.16 -21.72
C GLN C 414 -30.83 -56.57 -23.09
N SER C 415 -30.48 -55.27 -23.23
CA SER C 415 -30.56 -54.61 -24.50
C SER C 415 -29.43 -55.04 -25.33
N MET C 416 -28.24 -55.15 -24.78
CA MET C 416 -27.07 -55.44 -25.51
C MET C 416 -26.10 -56.15 -24.57
N GLN C 417 -25.51 -57.28 -25.01
CA GLN C 417 -24.42 -57.87 -24.33
C GLN C 417 -23.22 -57.78 -25.25
N ASN C 418 -23.45 -57.11 -26.43
CA ASN C 418 -22.60 -56.85 -27.53
C ASN C 418 -21.49 -55.90 -27.16
N VAL C 419 -21.79 -54.87 -26.37
CA VAL C 419 -21.07 -53.63 -25.91
C VAL C 419 -19.82 -53.93 -25.13
N GLN C 420 -19.82 -54.97 -24.25
CA GLN C 420 -18.65 -55.32 -23.53
C GLN C 420 -17.57 -55.88 -24.45
N ASP C 421 -18.00 -56.76 -25.35
CA ASP C 421 -17.27 -57.46 -26.40
C ASP C 421 -16.78 -56.44 -27.42
N GLU C 422 -17.64 -55.40 -27.77
CA GLU C 422 -17.47 -54.39 -28.73
C GLU C 422 -16.36 -53.60 -28.28
N PHE C 423 -16.25 -53.27 -26.98
CA PHE C 423 -15.18 -52.54 -26.40
C PHE C 423 -13.96 -53.40 -26.36
N ALA C 424 -14.03 -54.76 -26.18
CA ALA C 424 -12.86 -55.63 -26.16
C ALA C 424 -12.12 -55.51 -27.42
N GLU C 425 -12.83 -55.40 -28.55
CA GLU C 425 -12.33 -55.18 -29.91
C GLU C 425 -11.75 -53.84 -30.03
N SER C 426 -12.51 -52.85 -29.53
CA SER C 426 -12.18 -51.45 -29.73
C SER C 426 -10.89 -51.06 -29.02
N ARG C 427 -10.66 -51.63 -27.80
CA ARG C 427 -9.52 -51.40 -26.98
C ARG C 427 -8.30 -52.01 -27.71
N GLU C 428 -8.45 -53.11 -28.38
CA GLU C 428 -7.43 -53.77 -29.08
C GLU C 428 -6.88 -53.01 -30.19
N VAL C 429 -7.74 -52.31 -30.94
CA VAL C 429 -7.46 -51.38 -32.08
C VAL C 429 -6.71 -50.12 -31.57
N VAL C 430 -7.09 -49.64 -30.34
CA VAL C 430 -6.47 -48.52 -29.69
C VAL C 430 -5.03 -48.93 -29.40
N GLN C 431 -4.80 -50.16 -28.97
CA GLN C 431 -3.41 -50.63 -28.73
C GLN C 431 -2.58 -50.71 -30.03
N SER C 432 -3.18 -51.10 -31.21
CA SER C 432 -2.51 -51.12 -32.54
C SER C 432 -2.04 -49.73 -32.93
N LEU C 433 -2.88 -48.69 -32.68
CA LEU C 433 -2.62 -47.28 -32.93
C LEU C 433 -1.45 -46.68 -32.01
N MET C 434 -1.31 -47.11 -30.75
CA MET C 434 -0.18 -46.72 -30.00
C MET C 434 1.17 -47.23 -30.58
N GLU C 435 1.13 -48.46 -31.17
CA GLU C 435 2.19 -49.10 -31.93
C GLU C 435 2.53 -48.42 -33.31
N ASP C 436 1.49 -48.00 -34.05
CA ASP C 436 1.55 -47.41 -35.36
C ASP C 436 2.21 -46.00 -35.22
N TYR C 437 2.16 -45.32 -34.05
CA TYR C 437 2.74 -44.08 -33.68
C TYR C 437 4.28 -44.09 -33.71
N VAL C 438 4.90 -45.28 -33.51
CA VAL C 438 6.28 -45.53 -33.73
C VAL C 438 6.67 -45.40 -35.17
N ALA C 439 5.71 -45.76 -36.07
CA ALA C 439 5.92 -45.56 -37.50
C ALA C 439 5.38 -44.20 -37.71
N ALA C 440 6.40 -43.29 -37.87
CA ALA C 440 6.07 -41.83 -38.14
C ALA C 440 5.40 -41.79 -39.48
N GLU C 441 5.77 -42.72 -40.36
CA GLU C 441 5.44 -42.77 -41.79
C GLU C 441 4.00 -42.82 -42.13
N GLN C 442 3.05 -43.19 -41.27
CA GLN C 442 1.63 -43.21 -41.49
C GLN C 442 1.15 -41.87 -41.99
N ASP C 443 1.60 -40.71 -41.40
CA ASP C 443 1.36 -39.35 -41.80
C ASP C 443 2.04 -39.14 -43.11
N SER C 444 1.23 -38.68 -44.09
CA SER C 444 1.59 -38.65 -45.43
C SER C 444 1.62 -37.27 -46.01
N TYR C 445 1.40 -36.18 -45.24
CA TYR C 445 1.47 -34.81 -45.63
C TYR C 445 2.52 -34.07 -44.76
N MET D 1 -38.23 6.61 16.34
CA MET D 1 -38.79 7.28 15.20
C MET D 1 -40.30 7.36 15.35
N GLY D 2 -41.00 6.33 14.81
CA GLY D 2 -42.41 6.12 14.84
C GLY D 2 -42.56 4.89 13.96
N GLY D 3 -43.57 4.86 13.01
CA GLY D 3 -43.66 3.79 12.03
C GLY D 3 -44.31 2.63 12.61
N GLU D 4 -45.24 2.74 13.53
CA GLU D 4 -45.48 1.66 14.41
C GLU D 4 -46.29 0.56 13.68
N ILE D 5 -46.09 -0.73 14.14
CA ILE D 5 -46.69 -1.87 13.63
C ILE D 5 -47.37 -2.65 14.70
N ILE D 6 -48.58 -3.15 14.44
CA ILE D 6 -49.28 -4.00 15.40
C ILE D 6 -49.41 -5.36 14.80
N THR D 7 -49.12 -6.40 15.64
CA THR D 7 -49.05 -7.84 15.21
C THR D 7 -50.26 -8.51 15.80
N LEU D 8 -50.98 -9.30 14.92
CA LEU D 8 -52.11 -10.04 15.30
C LEU D 8 -51.69 -11.51 15.17
N GLN D 9 -51.88 -12.33 16.30
CA GLN D 9 -51.55 -13.70 16.37
C GLN D 9 -52.74 -14.56 16.56
N ALA D 10 -52.87 -15.52 15.64
CA ALA D 10 -53.93 -16.49 15.47
C ALA D 10 -53.45 -17.85 15.29
N GLY D 11 -54.21 -18.82 15.93
CA GLY D 11 -53.99 -20.16 15.98
C GLY D 11 -53.16 -20.52 17.18
N GLN D 12 -52.80 -21.79 17.40
CA GLN D 12 -51.83 -22.30 18.28
C GLN D 12 -50.50 -21.80 17.80
N CYS D 13 -50.23 -21.98 16.44
CA CYS D 13 -48.95 -21.76 15.88
C CYS D 13 -48.54 -20.33 16.04
N GLY D 14 -49.42 -19.33 15.70
CA GLY D 14 -49.14 -17.90 15.79
C GLY D 14 -48.84 -17.49 17.23
N ASN D 15 -49.59 -17.95 18.24
CA ASN D 15 -49.37 -17.57 19.62
C ASN D 15 -48.04 -18.14 20.14
N HIS D 16 -47.69 -19.37 19.80
CA HIS D 16 -46.54 -20.05 20.22
C HIS D 16 -45.28 -19.42 19.68
N VAL D 17 -45.17 -19.09 18.35
CA VAL D 17 -44.05 -18.46 17.73
C VAL D 17 -43.97 -17.07 18.30
N GLY D 18 -45.12 -16.36 18.50
CA GLY D 18 -45.21 -15.00 18.93
C GLY D 18 -44.64 -14.75 20.24
N LYS D 19 -44.91 -15.65 21.25
CA LYS D 19 -44.27 -15.59 22.57
C LYS D 19 -42.76 -15.81 22.47
N PHE D 20 -42.29 -16.79 21.65
CA PHE D 20 -40.80 -16.96 21.50
C PHE D 20 -40.10 -15.80 20.87
N LEU D 21 -40.81 -15.19 19.84
CA LEU D 21 -40.30 -14.02 19.10
C LEU D 21 -40.09 -12.84 20.03
N TRP D 22 -41.00 -12.52 20.97
CA TRP D 22 -40.79 -11.48 21.97
C TRP D 22 -39.72 -11.73 22.98
N SER D 23 -39.58 -13.00 23.44
CA SER D 23 -38.49 -13.39 24.35
C SER D 23 -37.14 -13.16 23.67
N GLN D 24 -37.05 -13.50 22.40
CA GLN D 24 -35.90 -13.44 21.56
C GLN D 24 -35.54 -11.98 21.38
N LEU D 25 -36.57 -11.08 21.15
CA LEU D 25 -36.22 -9.62 21.06
C LEU D 25 -35.65 -9.08 22.34
N ALA D 26 -36.22 -9.47 23.54
CA ALA D 26 -35.70 -8.96 24.76
C ALA D 26 -34.30 -9.22 25.13
N LYS D 27 -33.90 -10.48 24.91
CA LYS D 27 -32.50 -10.81 25.15
C LYS D 27 -31.54 -10.10 24.23
N GLU D 28 -31.90 -10.06 22.89
CA GLU D 28 -31.06 -9.66 21.79
C GLU D 28 -30.74 -8.20 21.88
N HIS D 29 -31.71 -7.37 22.35
CA HIS D 29 -31.68 -5.94 22.26
C HIS D 29 -31.31 -5.33 23.54
N ALA D 30 -30.68 -6.08 24.44
CA ALA D 30 -30.15 -5.56 25.72
C ALA D 30 -31.26 -4.85 26.48
N ILE D 31 -32.29 -5.68 26.82
CA ILE D 31 -33.44 -5.50 27.60
C ILE D 31 -33.48 -6.58 28.52
N GLY D 32 -34.10 -6.34 29.70
CA GLY D 32 -34.28 -7.30 30.71
C GLY D 32 -35.42 -8.26 30.28
N THR D 33 -35.79 -9.14 31.27
CA THR D 33 -36.94 -10.00 31.02
C THR D 33 -38.16 -9.41 31.74
N ASP D 34 -37.97 -8.22 32.40
CA ASP D 34 -39.04 -7.38 32.88
C ASP D 34 -39.27 -6.25 31.88
N GLY D 35 -38.46 -6.23 30.82
CA GLY D 35 -38.53 -5.21 29.78
C GLY D 35 -38.04 -3.86 30.17
N LEU D 36 -37.45 -3.75 31.36
CA LEU D 36 -36.83 -2.51 31.74
C LEU D 36 -35.40 -2.59 31.18
N SER D 37 -34.85 -1.43 30.76
CA SER D 37 -33.52 -1.25 30.26
C SER D 37 -32.41 -1.86 31.08
N GLN D 38 -31.45 -2.46 30.40
CA GLN D 38 -30.28 -3.08 31.00
C GLN D 38 -29.44 -2.09 31.74
N LEU D 39 -28.79 -2.60 32.83
CA LEU D 39 -28.01 -1.95 33.79
C LEU D 39 -27.05 -0.81 33.28
N PRO D 40 -26.14 -1.03 32.32
CA PRO D 40 -25.27 -0.02 31.93
C PRO D 40 -26.05 0.99 31.12
N ASP D 41 -25.58 2.29 31.17
CA ASP D 41 -26.19 3.28 30.38
C ASP D 41 -26.12 3.04 28.92
N SER D 42 -27.07 3.76 28.24
CA SER D 42 -27.13 3.80 26.82
C SER D 42 -26.54 5.09 26.57
N SER D 43 -25.34 4.99 25.87
CA SER D 43 -24.50 6.17 25.62
C SER D 43 -24.74 6.62 24.21
N THR D 44 -25.59 5.80 23.54
CA THR D 44 -26.02 6.09 22.21
C THR D 44 -27.21 5.21 22.12
N GLU D 45 -28.04 5.39 21.05
CA GLU D 45 -29.21 4.62 20.84
C GLU D 45 -28.73 3.29 20.26
N ARG D 46 -28.89 2.18 21.11
CA ARG D 46 -28.56 0.79 20.83
C ARG D 46 -29.36 0.11 19.75
N ASP D 47 -30.71 0.55 19.73
CA ASP D 47 -31.74 -0.08 18.91
C ASP D 47 -32.71 0.92 18.38
N ASP D 48 -33.30 0.64 17.19
CA ASP D 48 -34.30 1.46 16.49
C ASP D 48 -35.63 0.59 16.30
N ASP D 49 -35.65 -0.58 17.00
CA ASP D 49 -36.83 -1.40 17.08
C ASP D 49 -37.88 -0.92 17.92
N THR D 50 -37.40 -0.10 18.90
CA THR D 50 -38.04 0.12 20.20
C THR D 50 -39.42 0.65 19.95
N LYS D 51 -39.54 1.81 19.32
CA LYS D 51 -40.80 2.50 19.12
C LYS D 51 -41.69 1.75 18.22
N PRO D 52 -41.26 1.18 17.06
CA PRO D 52 -42.15 0.45 16.17
C PRO D 52 -42.81 -0.73 16.75
N PHE D 53 -42.05 -1.54 17.46
CA PHE D 53 -42.71 -2.67 18.11
C PHE D 53 -43.38 -2.46 19.43
N PHE D 54 -42.78 -1.56 20.31
CA PHE D 54 -43.07 -1.51 21.73
C PHE D 54 -43.55 -0.10 21.98
N ARG D 55 -44.28 0.04 23.12
CA ARG D 55 -44.70 1.28 23.57
C ARG D 55 -44.29 1.26 24.99
N GLU D 56 -44.15 2.50 25.55
CA GLU D 56 -43.38 2.76 26.69
C GLU D 56 -44.33 2.99 27.92
N ASN D 57 -43.92 2.26 29.01
CA ASN D 57 -44.44 2.56 30.26
C ASN D 57 -43.80 3.77 30.89
N CYS D 58 -44.50 4.63 31.71
CA CYS D 58 -43.90 5.85 32.17
C CYS D 58 -42.78 5.64 33.13
N ARG D 59 -42.60 4.39 33.59
CA ARG D 59 -41.45 3.89 34.38
C ARG D 59 -40.37 3.12 33.61
N ASN D 60 -40.54 3.24 32.27
CA ASN D 60 -39.54 3.00 31.20
C ASN D 60 -39.37 1.49 30.84
N LYS D 61 -40.41 0.74 31.06
CA LYS D 61 -40.45 -0.66 30.64
C LYS D 61 -41.06 -0.61 29.27
N PHE D 62 -40.56 -1.47 28.33
CA PHE D 62 -41.12 -1.66 27.00
C PHE D 62 -42.33 -2.60 27.15
N THR D 63 -43.42 -2.42 26.37
CA THR D 63 -44.49 -3.33 26.39
C THR D 63 -44.75 -3.60 24.93
N PRO D 64 -45.09 -4.80 24.52
CA PRO D 64 -45.38 -5.20 23.13
C PRO D 64 -46.65 -4.70 22.69
N ARG D 65 -46.61 -4.29 21.41
CA ARG D 65 -47.80 -3.83 20.67
C ARG D 65 -48.38 -4.94 19.86
N ALA D 66 -48.83 -6.08 20.54
CA ALA D 66 -49.27 -7.22 19.88
C ALA D 66 -50.49 -7.75 20.64
N ILE D 67 -51.42 -8.34 19.83
CA ILE D 67 -52.63 -8.88 20.28
C ILE D 67 -52.70 -10.35 19.92
N MET D 68 -53.11 -11.22 20.91
CA MET D 68 -53.18 -12.66 20.84
C MET D 68 -54.65 -12.99 20.96
N MET D 69 -55.10 -13.82 20.00
CA MET D 69 -56.44 -14.31 20.02
C MET D 69 -56.26 -15.77 19.71
N ASP D 70 -57.05 -16.62 20.42
CA ASP D 70 -57.05 -18.04 20.37
C ASP D 70 -57.93 -18.47 21.45
N SER D 71 -57.82 -19.74 21.93
CA SER D 71 -58.35 -20.14 23.19
C SER D 71 -57.29 -20.11 24.22
N GLU D 72 -57.52 -20.84 25.32
CA GLU D 72 -56.88 -20.87 26.58
C GLU D 72 -55.45 -21.38 26.54
N PRO D 73 -55.04 -22.52 25.89
CA PRO D 73 -53.81 -23.25 26.04
C PRO D 73 -52.59 -22.37 26.04
N SER D 74 -52.44 -21.56 24.97
CA SER D 74 -51.28 -20.76 24.67
C SER D 74 -51.15 -19.69 25.67
N VAL D 75 -52.23 -19.05 26.01
CA VAL D 75 -52.21 -17.97 26.98
C VAL D 75 -51.76 -18.38 28.31
N ILE D 76 -52.19 -19.56 28.72
CA ILE D 76 -51.92 -20.14 30.02
C ILE D 76 -50.43 -20.39 30.16
N ALA D 77 -49.78 -20.84 29.06
CA ALA D 77 -48.35 -20.99 28.97
C ALA D 77 -47.69 -19.69 29.14
N ASP D 78 -48.18 -18.57 28.55
CA ASP D 78 -47.49 -17.27 28.72
C ASP D 78 -47.50 -16.88 30.20
N VAL D 79 -48.58 -17.16 30.96
CA VAL D 79 -48.84 -16.90 32.38
C VAL D 79 -47.86 -17.72 33.18
N GLU D 80 -47.55 -18.97 32.73
CA GLU D 80 -46.62 -19.83 33.44
C GLU D 80 -45.26 -19.20 33.27
N ASN D 81 -44.95 -18.54 32.13
CA ASN D 81 -43.63 -18.06 31.79
C ASN D 81 -43.28 -16.90 32.56
N THR D 82 -41.96 -16.85 32.74
CA THR D 82 -41.25 -15.82 33.48
C THR D 82 -40.99 -14.67 32.58
N PHE D 83 -41.79 -14.61 31.51
CA PHE D 83 -41.65 -13.62 30.46
C PHE D 83 -42.92 -12.85 30.38
N ARG D 84 -43.67 -12.77 31.45
CA ARG D 84 -44.90 -12.08 31.53
C ARG D 84 -44.64 -10.62 31.80
N GLY D 85 -43.36 -10.27 32.04
CA GLY D 85 -42.94 -8.94 32.19
C GLY D 85 -42.58 -8.36 30.88
N PHE D 86 -42.74 -9.08 29.76
CA PHE D 86 -42.36 -8.67 28.46
C PHE D 86 -43.42 -9.22 27.57
N PHE D 87 -44.65 -9.23 28.18
CA PHE D 87 -45.95 -9.51 27.56
C PHE D 87 -46.86 -8.65 28.28
N ASP D 88 -48.16 -8.62 27.86
CA ASP D 88 -49.19 -8.06 28.69
C ASP D 88 -50.46 -8.90 28.47
N PRO D 89 -51.10 -9.29 29.58
CA PRO D 89 -52.29 -10.16 29.58
C PRO D 89 -53.44 -9.42 28.95
N ARG D 90 -53.45 -8.04 28.89
CA ARG D 90 -54.61 -7.33 28.55
C ARG D 90 -54.95 -7.59 27.06
N ASN D 91 -53.79 -7.69 26.32
CA ASN D 91 -53.74 -8.00 24.90
C ASN D 91 -54.06 -9.43 24.52
N THR D 92 -54.01 -10.33 25.54
CA THR D 92 -54.17 -11.77 25.42
C THR D 92 -55.65 -12.02 25.64
N TRP D 93 -56.31 -12.65 24.63
CA TRP D 93 -57.73 -12.97 24.53
C TRP D 93 -57.92 -14.40 24.15
N VAL D 94 -58.81 -15.07 24.96
CA VAL D 94 -59.14 -16.49 24.99
C VAL D 94 -60.61 -16.64 24.86
N ALA D 95 -60.88 -17.45 23.90
CA ALA D 95 -62.16 -17.78 23.50
C ALA D 95 -62.90 -18.68 24.50
N SER D 96 -64.20 -18.65 24.45
CA SER D 96 -65.18 -19.41 25.26
C SER D 96 -66.48 -19.02 24.67
N ASP D 97 -66.57 -18.15 23.61
CA ASP D 97 -67.83 -17.73 22.96
C ASP D 97 -68.03 -18.76 21.88
N GLY D 98 -66.91 -19.48 21.69
CA GLY D 98 -66.93 -20.45 20.58
C GLY D 98 -66.05 -21.57 21.05
N ALA D 99 -64.74 -21.25 20.96
CA ALA D 99 -63.61 -22.12 21.24
C ALA D 99 -63.76 -23.45 20.56
N SER D 100 -64.23 -23.35 19.28
CA SER D 100 -64.54 -24.58 18.58
C SER D 100 -64.44 -24.33 17.15
N ALA D 101 -63.77 -25.20 16.32
CA ALA D 101 -63.76 -24.98 14.85
C ALA D 101 -63.51 -26.37 14.33
N GLY D 102 -62.32 -26.87 14.52
CA GLY D 102 -61.98 -28.24 14.16
C GLY D 102 -61.51 -28.27 12.76
N ASN D 103 -60.72 -27.21 12.35
CA ASN D 103 -60.27 -27.08 10.97
C ASN D 103 -61.56 -26.74 10.22
N SER D 104 -62.31 -25.68 10.59
CA SER D 104 -63.49 -25.29 9.86
C SER D 104 -63.32 -23.80 9.81
N TRP D 105 -63.30 -23.22 8.55
CA TRP D 105 -63.20 -21.80 8.28
C TRP D 105 -64.45 -21.15 8.80
N ALA D 106 -65.60 -21.74 8.56
CA ALA D 106 -66.86 -21.14 8.85
C ALA D 106 -67.17 -20.87 10.28
N ASN D 107 -66.82 -21.89 11.10
CA ASN D 107 -66.96 -21.74 12.53
C ASN D 107 -66.08 -20.63 13.04
N GLY D 108 -64.80 -20.60 12.52
CA GLY D 108 -63.83 -19.64 12.86
C GLY D 108 -64.11 -18.20 12.51
N TYR D 109 -64.62 -18.02 11.27
CA TYR D 109 -65.02 -16.73 10.72
C TYR D 109 -66.19 -16.22 11.52
N ASP D 110 -67.12 -17.09 11.75
CA ASP D 110 -68.39 -16.82 12.45
C ASP D 110 -68.21 -16.39 13.92
N ILE D 111 -67.29 -17.01 14.65
CA ILE D 111 -67.06 -16.63 16.03
C ILE D 111 -66.50 -15.22 16.14
N GLY D 112 -65.63 -14.81 15.17
CA GLY D 112 -65.05 -13.49 15.17
C GLY D 112 -66.05 -12.35 15.15
N THR D 113 -67.11 -12.48 14.39
CA THR D 113 -68.19 -11.55 14.31
C THR D 113 -68.91 -11.40 15.67
N ARG D 114 -69.04 -12.57 16.30
CA ARG D 114 -69.79 -12.61 17.60
C ARG D 114 -68.98 -11.77 18.59
N ASN D 115 -67.62 -11.90 18.60
CA ASN D 115 -66.81 -11.28 19.64
C ASN D 115 -66.20 -10.10 18.99
N GLN D 116 -66.89 -9.39 18.06
CA GLN D 116 -66.32 -8.32 17.30
C GLN D 116 -65.90 -7.06 18.11
N ASP D 117 -66.76 -6.69 19.04
CA ASP D 117 -66.57 -5.53 19.95
C ASP D 117 -65.40 -5.61 20.93
N ASP D 118 -65.26 -6.79 21.56
CA ASP D 118 -64.24 -7.04 22.57
C ASP D 118 -62.81 -7.00 21.90
N ILE D 119 -62.74 -7.62 20.72
CA ILE D 119 -61.55 -7.65 19.92
C ILE D 119 -61.27 -6.21 19.42
N LEU D 120 -62.24 -5.41 19.03
CA LEU D 120 -62.09 -4.02 18.69
C LEU D 120 -61.67 -3.18 19.85
N ASN D 121 -62.14 -3.52 21.12
CA ASN D 121 -61.78 -2.79 22.30
C ASN D 121 -60.30 -2.84 22.53
N LYS D 122 -59.80 -4.05 22.34
CA LYS D 122 -58.37 -4.28 22.44
C LYS D 122 -57.69 -3.54 21.28
N ILE D 123 -58.19 -3.64 20.02
CA ILE D 123 -57.55 -3.17 18.86
C ILE D 123 -57.52 -1.68 18.98
N ASP D 124 -58.60 -1.05 19.35
CA ASP D 124 -58.85 0.33 19.50
C ASP D 124 -57.90 0.89 20.55
N LYS D 125 -57.55 0.18 21.66
CA LYS D 125 -56.53 0.59 22.67
C LYS D 125 -55.15 0.67 22.00
N GLU D 126 -54.74 -0.32 21.13
CA GLU D 126 -53.50 -0.17 20.42
C GLU D 126 -53.45 0.95 19.40
N ILE D 127 -54.57 1.14 18.67
CA ILE D 127 -54.64 2.20 17.66
C ILE D 127 -54.62 3.55 18.40
N ASP D 128 -55.40 3.68 19.51
CA ASP D 128 -55.42 4.99 20.13
C ASP D 128 -54.04 5.36 20.68
N SER D 129 -53.24 4.39 21.22
CA SER D 129 -51.92 4.59 21.76
C SER D 129 -50.89 4.95 20.66
N THR D 130 -51.21 4.67 19.38
CA THR D 130 -50.22 4.80 18.27
C THR D 130 -49.79 6.19 18.09
N ASP D 131 -48.55 6.31 17.54
CA ASP D 131 -48.08 7.56 16.94
C ASP D 131 -47.49 7.16 15.61
N ASN D 132 -48.13 7.68 14.53
CA ASN D 132 -47.78 7.63 13.09
C ASN D 132 -47.72 6.20 12.65
N PHE D 133 -48.87 5.58 12.51
CA PHE D 133 -48.96 4.14 12.36
C PHE D 133 -48.69 3.70 10.96
N GLU D 134 -47.63 2.85 10.79
CA GLU D 134 -47.38 2.18 9.53
C GLU D 134 -48.31 1.02 9.11
N GLY D 135 -48.58 0.04 10.02
CA GLY D 135 -49.50 -1.05 9.60
C GLY D 135 -49.60 -2.40 10.42
N PHE D 136 -50.26 -3.48 9.86
CA PHE D 136 -50.53 -4.64 10.68
C PHE D 136 -49.72 -5.80 10.06
N GLN D 137 -49.34 -6.75 10.93
CA GLN D 137 -48.73 -8.04 10.54
C GLN D 137 -49.59 -9.22 11.13
N LEU D 138 -50.03 -10.21 10.31
CA LEU D 138 -50.81 -11.32 10.82
C LEU D 138 -49.93 -12.53 10.78
N LEU D 139 -49.83 -13.29 11.95
CA LEU D 139 -49.03 -14.49 12.02
C LEU D 139 -50.10 -15.60 12.15
N HIS D 140 -50.05 -16.60 11.22
CA HIS D 140 -51.03 -17.64 11.11
C HIS D 140 -50.76 -18.77 10.19
N SER D 141 -51.67 -19.77 10.20
CA SER D 141 -51.70 -20.81 9.25
C SER D 141 -53.04 -20.78 8.47
N VAL D 142 -52.98 -21.19 7.18
CA VAL D 142 -54.06 -21.19 6.25
C VAL D 142 -54.81 -22.55 6.19
N ALA D 143 -54.42 -23.59 7.03
CA ALA D 143 -55.01 -24.82 7.13
C ALA D 143 -55.88 -24.86 8.37
N GLY D 144 -55.70 -24.03 9.40
CA GLY D 144 -56.39 -23.89 10.67
C GLY D 144 -57.92 -23.80 10.61
N GLY D 145 -58.60 -23.99 11.75
CA GLY D 145 -59.97 -23.53 11.98
C GLY D 145 -59.94 -22.10 12.43
N THR D 146 -59.08 -21.91 13.49
CA THR D 146 -58.78 -20.64 14.13
C THR D 146 -57.88 -19.76 13.25
N GLY D 147 -56.68 -20.32 12.73
CA GLY D 147 -55.78 -19.47 11.92
C GLY D 147 -56.39 -18.91 10.69
N SER D 148 -57.14 -19.79 10.01
CA SER D 148 -57.89 -19.50 8.85
C SER D 148 -59.10 -18.63 8.89
N GLY D 149 -60.08 -19.13 9.62
CA GLY D 149 -61.37 -18.45 9.78
C GLY D 149 -61.50 -17.19 10.57
N LEU D 150 -60.97 -17.26 11.87
CA LEU D 150 -60.92 -16.08 12.68
C LEU D 150 -59.91 -15.00 12.07
N GLY D 151 -58.75 -15.47 11.52
CA GLY D 151 -57.79 -14.58 10.85
C GLY D 151 -58.27 -13.92 9.68
N SER D 152 -59.02 -14.65 8.83
CA SER D 152 -59.59 -14.13 7.59
C SER D 152 -60.67 -13.05 7.93
N ASN D 153 -61.42 -13.27 9.03
CA ASN D 153 -62.44 -12.35 9.55
C ASN D 153 -61.86 -11.06 10.00
N LEU D 154 -60.75 -11.19 10.73
CA LEU D 154 -60.04 -10.08 11.20
C LEU D 154 -59.41 -9.26 10.09
N LEU D 155 -58.86 -9.90 9.03
CA LEU D 155 -58.24 -9.19 7.89
C LEU D 155 -59.21 -8.32 7.17
N GLU D 156 -60.42 -8.90 7.05
CA GLU D 156 -61.51 -8.20 6.38
C GLU D 156 -61.92 -7.02 7.16
N ALA D 157 -62.04 -7.02 8.50
CA ALA D 157 -62.38 -5.81 9.30
C ALA D 157 -61.27 -4.87 9.15
N LEU D 158 -59.98 -5.30 9.21
CA LEU D 158 -58.86 -4.33 9.17
C LEU D 158 -58.74 -3.57 7.88
N CYS D 159 -59.02 -4.18 6.75
CA CYS D 159 -59.10 -3.48 5.51
C CYS D 159 -60.11 -2.43 5.43
N ASP D 160 -61.34 -2.77 5.90
CA ASP D 160 -62.46 -1.89 5.81
C ASP D 160 -62.35 -0.64 6.72
N ARG D 161 -62.04 -0.86 8.04
CA ARG D 161 -61.95 0.12 9.11
C ARG D 161 -60.82 1.08 8.86
N TYR D 162 -59.56 0.50 8.57
CA TYR D 162 -58.35 1.31 8.30
C TYR D 162 -57.87 1.07 6.90
N PRO D 163 -58.24 1.95 5.90
CA PRO D 163 -57.98 1.73 4.52
C PRO D 163 -56.88 2.61 4.06
N LYS D 164 -55.87 2.68 4.89
CA LYS D 164 -54.60 3.41 4.60
C LYS D 164 -53.44 2.75 5.22
N LYS D 165 -53.62 1.57 5.88
CA LYS D 165 -52.63 0.98 6.64
C LYS D 165 -52.38 -0.28 5.87
N ILE D 166 -51.09 -0.63 6.00
CA ILE D 166 -50.51 -1.69 5.24
C ILE D 166 -50.82 -2.91 5.96
N LEU D 167 -51.11 -3.98 5.25
CA LEU D 167 -51.38 -5.30 5.77
C LEU D 167 -50.39 -6.25 5.13
N THR D 168 -49.64 -6.88 6.04
CA THR D 168 -48.55 -7.84 5.75
C THR D 168 -48.99 -9.10 6.45
N THR D 169 -48.72 -10.31 5.92
CA THR D 169 -49.05 -11.52 6.71
C THR D 169 -47.76 -12.40 6.59
N TYR D 170 -47.50 -13.20 7.66
CA TYR D 170 -46.56 -14.30 7.63
C TYR D 170 -47.45 -15.59 7.69
N SER D 171 -47.60 -16.26 6.53
CA SER D 171 -48.57 -17.37 6.41
C SER D 171 -47.85 -18.72 6.26
N VAL D 172 -48.22 -19.71 7.06
CA VAL D 172 -47.58 -21.04 6.85
C VAL D 172 -48.55 -21.83 5.90
N PHE D 173 -48.00 -22.35 4.72
CA PHE D 173 -48.67 -23.19 3.73
C PHE D 173 -48.30 -24.63 4.01
N PRO D 174 -49.18 -25.57 3.73
CA PRO D 174 -48.86 -26.99 3.85
C PRO D 174 -48.10 -27.50 2.57
N ALA D 175 -47.68 -28.84 2.46
CA ALA D 175 -47.09 -29.48 1.27
C ALA D 175 -47.91 -29.42 -0.04
N ARG D 176 -47.40 -29.99 -1.15
CA ARG D 176 -48.00 -29.92 -2.43
C ARG D 176 -48.81 -31.08 -2.70
N SER D 177 -49.02 -31.91 -1.69
CA SER D 177 -49.83 -33.10 -1.58
C SER D 177 -50.79 -32.92 -0.47
N SER D 178 -51.88 -33.76 -0.38
CA SER D 178 -52.85 -33.63 0.68
C SER D 178 -52.97 -34.87 1.48
N GLU D 179 -52.99 -34.75 2.86
CA GLU D 179 -53.17 -35.74 3.81
C GLU D 179 -54.40 -35.44 4.53
N VAL D 180 -55.15 -34.36 4.17
CA VAL D 180 -56.38 -34.02 4.86
C VAL D 180 -57.32 -33.43 3.85
N VAL D 181 -58.62 -33.82 3.85
CA VAL D 181 -59.50 -33.50 2.77
C VAL D 181 -59.99 -32.08 2.94
N VAL D 182 -60.38 -31.68 4.14
CA VAL D 182 -60.92 -30.33 4.31
C VAL D 182 -59.99 -29.14 4.25
N GLN D 183 -58.63 -29.37 4.13
CA GLN D 183 -57.62 -28.37 3.87
C GLN D 183 -57.98 -27.58 2.69
N SER D 184 -58.60 -28.23 1.67
CA SER D 184 -58.84 -27.56 0.42
C SER D 184 -59.77 -26.40 0.53
N TYR D 185 -60.82 -26.57 1.36
CA TYR D 185 -61.72 -25.50 1.72
C TYR D 185 -61.18 -24.46 2.51
N ASN D 186 -60.48 -24.84 3.59
CA ASN D 186 -59.97 -23.85 4.56
C ASN D 186 -59.04 -22.93 3.81
N THR D 187 -58.15 -23.49 2.96
CA THR D 187 -57.19 -22.79 2.12
C THR D 187 -57.77 -21.98 1.05
N ILE D 188 -58.79 -22.49 0.38
CA ILE D 188 -59.42 -21.71 -0.69
C ILE D 188 -60.13 -20.46 -0.19
N LEU D 189 -60.92 -20.67 0.89
CA LEU D 189 -61.73 -19.64 1.53
C LEU D 189 -60.93 -18.54 2.12
N ALA D 190 -59.84 -18.84 2.76
CA ALA D 190 -58.87 -17.93 3.30
C ALA D 190 -58.06 -17.11 2.34
N LEU D 191 -57.65 -17.83 1.23
CA LEU D 191 -56.78 -17.31 0.18
C LEU D 191 -57.39 -16.14 -0.45
N ARG D 192 -58.72 -16.05 -0.54
CA ARG D 192 -59.41 -14.88 -1.08
C ARG D 192 -59.17 -13.65 -0.29
N ARG D 193 -59.23 -13.74 1.00
CA ARG D 193 -58.90 -12.69 2.00
C ARG D 193 -57.44 -12.46 1.95
N LEU D 194 -56.61 -13.50 1.84
CA LEU D 194 -55.17 -13.28 1.77
C LEU D 194 -54.66 -12.49 0.50
N ILE D 195 -55.26 -12.76 -0.71
CA ILE D 195 -54.92 -11.90 -1.85
C ILE D 195 -55.42 -10.51 -1.71
N GLU D 196 -56.72 -10.33 -1.34
CA GLU D 196 -57.32 -9.07 -1.34
C GLU D 196 -57.00 -8.19 -0.10
N ASP D 197 -57.08 -8.80 1.07
CA ASP D 197 -56.93 -8.16 2.37
C ASP D 197 -55.50 -8.04 2.74
N SER D 198 -54.53 -8.73 2.12
CA SER D 198 -53.15 -8.52 2.54
C SER D 198 -52.54 -8.08 1.36
N ASP D 199 -51.73 -7.00 1.49
CA ASP D 199 -51.12 -6.32 0.39
C ASP D 199 -49.84 -6.95 0.22
N ALA D 200 -49.37 -7.71 1.20
CA ALA D 200 -48.16 -8.45 1.06
C ALA D 200 -48.44 -9.66 1.83
N THR D 201 -47.93 -10.80 1.27
CA THR D 201 -47.94 -12.05 1.88
C THR D 201 -46.58 -12.67 1.78
N VAL D 202 -45.95 -13.08 2.97
CA VAL D 202 -44.68 -13.78 3.02
C VAL D 202 -45.06 -15.26 3.16
N VAL D 203 -44.74 -16.08 2.13
CA VAL D 203 -45.12 -17.47 2.13
C VAL D 203 -44.11 -18.35 2.80
N PHE D 204 -44.57 -19.19 3.80
CA PHE D 204 -43.68 -20.17 4.47
C PHE D 204 -44.13 -21.60 4.22
N ASP D 205 -43.49 -22.44 3.48
CA ASP D 205 -43.92 -23.81 3.17
C ASP D 205 -43.36 -24.79 4.19
N ASN D 206 -44.25 -25.43 4.84
CA ASN D 206 -44.00 -26.33 5.89
C ASN D 206 -43.22 -27.52 5.48
N ALA D 207 -43.27 -28.05 4.23
CA ALA D 207 -42.53 -29.20 3.83
C ALA D 207 -41.02 -28.94 3.97
N SER D 208 -40.62 -27.72 3.49
CA SER D 208 -39.21 -27.15 3.45
C SER D 208 -38.78 -26.84 4.81
N LEU D 209 -39.71 -26.21 5.63
CA LEU D 209 -39.50 -25.78 6.97
C LEU D 209 -39.23 -27.00 7.83
N LEU D 210 -39.89 -28.18 7.61
CA LEU D 210 -39.67 -29.42 8.25
C LEU D 210 -38.27 -30.06 7.95
N ASN D 211 -37.82 -29.95 6.62
CA ASN D 211 -36.54 -30.48 6.29
C ASN D 211 -35.39 -29.79 7.08
N ILE D 212 -35.42 -28.46 7.29
CA ILE D 212 -34.53 -27.65 8.10
C ILE D 212 -34.49 -28.00 9.61
N SER D 213 -35.72 -28.15 10.18
CA SER D 213 -35.85 -28.58 11.56
C SER D 213 -35.24 -29.99 11.75
N GLY D 214 -35.57 -31.01 10.91
CA GLY D 214 -35.04 -32.29 11.08
C GLY D 214 -33.49 -32.28 10.81
N LYS D 215 -33.05 -31.68 9.67
CA LYS D 215 -31.65 -31.72 9.28
C LYS D 215 -30.70 -30.91 10.09
N VAL D 216 -30.91 -29.52 10.11
CA VAL D 216 -30.00 -28.55 10.69
C VAL D 216 -30.08 -28.63 12.22
N PHE D 217 -31.33 -28.56 12.79
CA PHE D 217 -31.59 -28.60 14.30
C PHE D 217 -31.35 -29.96 14.85
N ARG D 218 -31.55 -31.11 14.15
CA ARG D 218 -31.39 -32.42 14.60
C ARG D 218 -32.42 -32.63 15.74
N ASN D 219 -33.74 -32.24 15.48
CA ASN D 219 -34.87 -32.31 16.43
C ASN D 219 -35.09 -33.76 16.79
N PRO D 220 -35.01 -34.36 18.01
CA PRO D 220 -35.05 -35.74 18.28
C PRO D 220 -36.18 -36.53 17.67
N ASN D 221 -37.47 -36.04 17.86
CA ASN D 221 -38.60 -36.48 17.15
C ASN D 221 -39.27 -35.24 16.60
N ILE D 222 -40.23 -34.65 17.36
CA ILE D 222 -40.94 -33.50 17.00
C ILE D 222 -41.06 -32.79 18.31
N ASP D 223 -40.76 -31.45 18.27
CA ASP D 223 -40.60 -30.60 19.39
C ASP D 223 -40.91 -29.32 18.85
N LEU D 224 -42.06 -28.77 19.36
CA LEU D 224 -42.57 -27.54 18.84
C LEU D 224 -41.59 -26.43 19.06
N GLN D 225 -40.89 -26.41 20.25
CA GLN D 225 -40.04 -25.38 20.70
C GLN D 225 -38.84 -25.14 19.87
N HIS D 226 -38.17 -26.22 19.37
CA HIS D 226 -37.06 -26.28 18.49
C HIS D 226 -37.35 -25.74 17.15
N THR D 227 -38.47 -26.08 16.61
CA THR D 227 -38.93 -25.53 15.37
C THR D 227 -39.26 -24.06 15.47
N ASN D 228 -39.79 -23.59 16.66
CA ASN D 228 -40.10 -22.18 16.92
C ASN D 228 -38.87 -21.30 16.87
N GLN D 229 -37.67 -21.92 17.22
CA GLN D 229 -36.45 -21.21 17.12
C GLN D 229 -36.08 -20.74 15.74
N LEU D 230 -36.30 -21.65 14.70
CA LEU D 230 -35.95 -21.25 13.31
C LEU D 230 -36.80 -20.14 12.82
N ILE D 231 -38.13 -20.21 13.07
CA ILE D 231 -39.13 -19.30 12.61
C ILE D 231 -38.94 -17.90 13.20
N SER D 232 -38.61 -17.87 14.55
CA SER D 232 -38.37 -16.61 15.24
C SER D 232 -37.23 -15.91 14.65
N THR D 233 -36.17 -16.61 14.27
CA THR D 233 -34.98 -16.12 13.64
C THR D 233 -35.25 -15.55 12.32
N ILE D 234 -36.09 -16.20 11.50
CA ILE D 234 -36.42 -15.68 10.18
C ILE D 234 -37.21 -14.34 10.31
N ILE D 235 -38.23 -14.36 11.18
CA ILE D 235 -39.19 -13.32 11.41
C ILE D 235 -38.51 -12.11 11.94
N SER D 236 -37.53 -12.26 12.90
CA SER D 236 -36.74 -11.19 13.33
C SER D 236 -35.76 -10.57 12.23
N SER D 237 -35.11 -11.43 11.43
CA SER D 237 -34.15 -11.00 10.46
C SER D 237 -34.83 -10.17 9.39
N VAL D 238 -36.10 -10.57 9.07
CA VAL D 238 -36.83 -9.89 8.03
C VAL D 238 -37.10 -8.43 8.46
N THR D 239 -37.29 -8.20 9.80
CA THR D 239 -37.46 -6.90 10.43
C THR D 239 -36.17 -6.18 10.69
N ASN D 240 -34.91 -6.71 10.53
CA ASN D 240 -33.68 -6.17 10.95
C ASN D 240 -33.44 -4.75 10.55
N SER D 241 -33.81 -4.39 9.26
CA SER D 241 -33.51 -3.10 8.73
C SER D 241 -34.33 -2.05 9.43
N ILE D 242 -35.49 -2.40 10.03
CA ILE D 242 -36.23 -1.47 10.87
C ILE D 242 -35.66 -1.30 12.27
N ARG D 243 -35.19 -2.43 12.82
CA ARG D 243 -34.77 -2.54 14.17
C ARG D 243 -33.40 -1.93 14.45
N PHE D 244 -32.58 -1.69 13.37
CA PHE D 244 -31.19 -1.23 13.49
C PHE D 244 -31.20 -0.02 12.55
N PRO D 245 -30.35 0.96 12.88
CA PRO D 245 -30.30 2.30 12.38
C PRO D 245 -30.28 2.34 10.80
N SER D 246 -31.18 3.17 10.26
CA SER D 246 -31.82 3.07 8.97
C SER D 246 -31.51 4.26 8.13
N TYR D 247 -31.55 3.89 6.89
CA TYR D 247 -31.58 4.71 5.68
C TYR D 247 -32.96 4.86 5.32
N MET D 248 -33.15 5.42 4.12
CA MET D 248 -34.42 5.85 3.49
C MET D 248 -35.13 4.58 2.97
N TYR D 249 -34.30 3.63 2.48
CA TYR D 249 -34.79 2.39 1.89
C TYR D 249 -34.79 1.29 3.01
N SER D 250 -34.54 1.60 4.32
CA SER D 250 -34.61 0.61 5.42
C SER D 250 -35.86 0.70 6.04
N SER D 251 -36.70 1.55 5.58
CA SER D 251 -38.15 1.57 5.89
C SER D 251 -38.87 0.42 5.26
N MET D 252 -39.91 -0.09 5.97
CA MET D 252 -40.69 -1.29 5.65
C MET D 252 -41.44 -1.11 4.29
N SER D 253 -42.03 0.07 4.18
CA SER D 253 -42.88 0.56 3.16
C SER D 253 -42.05 0.62 1.92
N SER D 254 -40.79 1.16 1.94
CA SER D 254 -39.98 1.29 0.81
C SER D 254 -39.44 0.02 0.21
N ILE D 255 -39.19 -1.01 1.07
CA ILE D 255 -38.81 -2.39 0.88
C ILE D 255 -39.95 -3.18 0.20
N TYR D 256 -41.18 -2.96 0.68
CA TYR D 256 -42.39 -3.53 0.09
C TYR D 256 -42.54 -2.97 -1.33
N SER D 257 -42.33 -1.65 -1.58
CA SER D 257 -42.56 -0.98 -2.86
C SER D 257 -41.70 -1.59 -3.91
N THR D 258 -40.41 -1.83 -3.64
CA THR D 258 -39.53 -2.30 -4.61
C THR D 258 -39.82 -3.65 -5.05
N LEU D 259 -40.12 -4.54 -4.08
CA LEU D 259 -40.35 -5.98 -4.36
C LEU D 259 -41.61 -6.26 -5.08
N ILE D 260 -42.73 -5.55 -4.80
CA ILE D 260 -44.04 -5.80 -5.33
C ILE D 260 -44.34 -4.79 -6.43
N PRO D 261 -44.19 -5.11 -7.70
CA PRO D 261 -44.33 -4.14 -8.76
C PRO D 261 -45.75 -3.64 -8.89
N SER D 262 -46.78 -4.44 -8.39
CA SER D 262 -48.16 -4.21 -8.39
C SER D 262 -48.69 -5.22 -7.42
N PRO D 263 -49.79 -5.09 -6.78
CA PRO D 263 -50.23 -5.93 -5.65
C PRO D 263 -50.74 -7.24 -6.04
N GLU D 264 -50.87 -7.42 -7.36
CA GLU D 264 -51.25 -8.64 -7.96
C GLU D 264 -50.19 -9.69 -7.71
N LEU D 265 -48.90 -9.31 -7.88
CA LEU D 265 -47.83 -10.21 -7.65
C LEU D 265 -47.31 -9.71 -6.32
N HIS D 266 -47.54 -10.46 -5.21
CA HIS D 266 -47.15 -9.90 -3.95
C HIS D 266 -46.91 -11.09 -3.00
N PHE D 267 -46.73 -12.36 -3.54
CA PHE D 267 -46.32 -13.50 -2.79
C PHE D 267 -44.76 -13.43 -2.79
N LEU D 268 -44.11 -13.43 -1.62
CA LEU D 268 -42.69 -13.33 -1.46
C LEU D 268 -42.22 -14.66 -0.95
N SER D 269 -40.92 -15.01 -1.29
CA SER D 269 -40.31 -16.18 -0.83
C SER D 269 -39.14 -15.58 -0.10
N PRO D 270 -38.76 -16.07 1.10
CA PRO D 270 -37.47 -15.77 1.76
C PRO D 270 -36.53 -16.89 1.46
N SER D 271 -35.19 -16.54 1.61
CA SER D 271 -34.09 -17.48 1.80
C SER D 271 -33.23 -16.81 2.78
N PHE D 272 -32.46 -17.63 3.58
CA PHE D 272 -31.63 -17.10 4.75
C PHE D 272 -30.41 -18.00 4.83
N THR D 273 -29.19 -17.50 5.31
CA THR D 273 -28.13 -18.37 5.64
C THR D 273 -27.21 -17.75 6.73
N PRO D 274 -26.62 -18.32 7.77
CA PRO D 274 -26.71 -19.73 8.15
C PRO D 274 -27.28 -19.68 9.50
N PHE D 275 -27.76 -20.81 10.09
CA PHE D 275 -28.23 -20.90 11.50
C PHE D 275 -27.10 -21.06 12.40
N THR D 276 -26.95 -20.07 13.26
CA THR D 276 -25.89 -19.91 14.21
C THR D 276 -26.45 -19.90 15.57
N SER D 277 -27.44 -19.09 15.74
CA SER D 277 -28.01 -18.72 16.96
C SER D 277 -29.19 -19.55 17.34
N ASP D 278 -29.09 -20.92 17.20
CA ASP D 278 -30.21 -21.89 17.38
C ASP D 278 -29.54 -23.18 17.90
N TYR D 279 -28.82 -23.83 17.00
CA TYR D 279 -28.16 -25.02 17.37
C TYR D 279 -26.71 -24.77 17.12
N ILE D 280 -25.88 -25.78 17.19
CA ILE D 280 -24.42 -25.64 17.07
C ILE D 280 -24.05 -25.19 15.67
N HIS D 281 -23.17 -24.22 15.75
CA HIS D 281 -22.44 -23.63 14.63
C HIS D 281 -21.41 -22.88 15.37
N ASP D 282 -20.48 -22.28 14.59
CA ASP D 282 -19.42 -21.51 15.22
C ASP D 282 -19.47 -20.17 14.57
N ASP D 283 -19.64 -19.11 15.42
CA ASP D 283 -19.81 -17.69 14.99
C ASP D 283 -18.43 -17.20 14.89
N ILE D 284 -17.74 -17.39 13.77
CA ILE D 284 -16.37 -17.00 13.60
C ILE D 284 -16.37 -16.71 12.11
N ALA D 285 -15.77 -15.63 11.58
CA ALA D 285 -15.74 -15.41 10.11
C ALA D 285 -14.41 -15.66 9.64
N HIS D 286 -14.32 -16.06 8.36
CA HIS D 286 -13.29 -16.40 7.41
C HIS D 286 -13.98 -16.79 6.13
N LYS D 287 -15.33 -16.74 6.14
CA LYS D 287 -16.18 -17.00 5.02
C LYS D 287 -16.22 -15.69 4.29
N CYS D 288 -15.83 -15.66 3.04
CA CYS D 288 -15.69 -14.47 2.19
C CYS D 288 -17.05 -14.03 1.80
N HIS D 289 -17.14 -12.79 1.30
CA HIS D 289 -18.45 -12.23 0.89
C HIS D 289 -19.08 -13.01 -0.25
N SER D 290 -18.25 -13.52 -1.23
CA SER D 290 -18.83 -14.33 -2.29
C SER D 290 -19.45 -15.60 -1.73
N SER D 291 -18.77 -16.19 -0.75
CA SER D 291 -19.09 -17.47 -0.07
C SER D 291 -20.41 -17.39 0.59
N TYR D 292 -20.60 -16.27 1.26
CA TYR D 292 -21.83 -15.82 1.93
C TYR D 292 -22.94 -15.64 0.84
N ASP D 293 -22.60 -14.94 -0.34
CA ASP D 293 -23.52 -14.67 -1.34
C ASP D 293 -24.05 -15.87 -2.03
N VAL D 294 -23.20 -16.92 -2.37
CA VAL D 294 -23.66 -18.12 -3.03
C VAL D 294 -24.49 -18.84 -2.07
N MET D 295 -24.09 -18.92 -0.73
CA MET D 295 -24.81 -19.79 0.19
C MET D 295 -26.22 -19.37 0.45
N LEU D 296 -26.48 -18.03 0.41
CA LEU D 296 -27.74 -17.29 0.50
C LEU D 296 -28.71 -17.55 -0.52
N ASP D 297 -28.22 -17.86 -1.74
CA ASP D 297 -28.97 -18.15 -2.86
C ASP D 297 -29.63 -19.45 -2.77
N LEU D 298 -29.02 -20.39 -2.02
CA LEU D 298 -29.43 -21.74 -1.92
C LEU D 298 -30.72 -21.85 -1.17
N LEU D 299 -31.38 -22.85 -1.69
CA LEU D 299 -32.62 -23.34 -1.25
C LEU D 299 -32.35 -24.74 -0.72
N ASP D 300 -31.09 -24.92 -0.22
CA ASP D 300 -30.85 -26.02 0.64
C ASP D 300 -31.13 -25.54 2.07
N PRO D 301 -30.91 -24.22 2.27
CA PRO D 301 -31.55 -23.54 3.37
C PRO D 301 -32.85 -23.08 2.79
N SER D 302 -33.89 -23.82 3.14
CA SER D 302 -35.22 -23.63 2.54
C SER D 302 -36.22 -23.79 3.54
N ASN D 303 -37.05 -22.79 3.67
CA ASN D 303 -38.11 -22.70 4.72
C ASN D 303 -39.36 -22.40 4.02
N SER D 304 -39.24 -22.40 2.61
CA SER D 304 -40.25 -22.21 1.75
C SER D 304 -40.00 -22.99 0.47
N LEU D 305 -41.01 -23.23 -0.37
CA LEU D 305 -40.98 -24.02 -1.62
C LEU D 305 -39.70 -23.86 -2.36
N VAL D 306 -39.06 -25.01 -2.64
CA VAL D 306 -37.87 -25.17 -3.46
C VAL D 306 -38.25 -25.05 -4.88
N SER D 307 -37.52 -24.23 -5.72
CA SER D 307 -37.84 -24.04 -7.10
C SER D 307 -37.28 -25.16 -7.88
N THR D 308 -38.16 -25.93 -8.44
CA THR D 308 -37.66 -27.03 -9.31
C THR D 308 -37.60 -26.51 -10.76
N ALA D 309 -36.60 -26.91 -11.51
CA ALA D 309 -36.29 -26.30 -12.80
C ALA D 309 -35.55 -27.31 -13.70
N MET D 310 -35.66 -27.37 -15.07
CA MET D 310 -36.41 -26.43 -15.89
C MET D 310 -37.09 -27.26 -17.00
N ASN D 311 -38.31 -26.65 -17.26
CA ASN D 311 -39.22 -26.90 -18.39
C ASN D 311 -39.88 -25.55 -18.59
N ASN D 312 -39.80 -24.67 -17.58
CA ASN D 312 -40.37 -23.34 -17.62
C ASN D 312 -39.26 -22.49 -16.92
N PRO D 313 -39.21 -21.16 -16.99
CA PRO D 313 -38.48 -20.34 -16.08
C PRO D 313 -39.19 -20.05 -14.81
N THR D 314 -38.47 -20.20 -13.71
CA THR D 314 -38.94 -19.84 -12.39
C THR D 314 -37.97 -18.72 -12.16
N TYR D 315 -38.46 -17.51 -12.28
CA TYR D 315 -37.73 -16.31 -12.37
C TYR D 315 -37.95 -15.42 -11.30
N PHE D 316 -37.03 -14.49 -11.11
CA PHE D 316 -37.12 -13.55 -10.08
C PHE D 316 -37.84 -12.34 -10.63
N ASN D 317 -38.91 -11.89 -9.96
CA ASN D 317 -39.47 -10.60 -10.27
C ASN D 317 -38.59 -9.52 -9.61
N VAL D 318 -38.17 -9.68 -8.31
CA VAL D 318 -37.24 -8.77 -7.60
C VAL D 318 -36.68 -9.58 -6.40
N TYR D 319 -35.41 -9.20 -5.97
CA TYR D 319 -34.80 -9.66 -4.83
C TYR D 319 -34.04 -8.60 -4.12
N ASN D 320 -34.15 -8.67 -2.73
CA ASN D 320 -33.61 -7.73 -1.89
C ASN D 320 -32.85 -8.60 -1.00
N THR D 321 -31.60 -8.24 -0.67
CA THR D 321 -30.77 -8.97 0.30
C THR D 321 -30.37 -8.09 1.45
N ILE D 322 -30.59 -8.65 2.67
CA ILE D 322 -30.28 -7.90 3.86
C ILE D 322 -29.07 -8.58 4.46
N ILE D 323 -27.88 -7.86 4.49
CA ILE D 323 -26.61 -8.41 4.83
C ILE D 323 -26.49 -7.86 6.28
N GLY D 324 -26.09 -8.70 7.25
CA GLY D 324 -25.82 -8.35 8.64
C GLY D 324 -24.39 -8.78 8.84
N ASN D 325 -23.68 -7.77 9.29
CA ASN D 325 -22.28 -7.79 9.67
C ASN D 325 -21.25 -7.35 8.69
N VAL D 326 -20.08 -6.96 9.30
CA VAL D 326 -18.94 -6.41 8.71
C VAL D 326 -18.33 -7.30 7.67
N GLU D 327 -17.62 -6.66 6.74
CA GLU D 327 -16.93 -7.15 5.59
C GLU D 327 -16.98 -5.97 4.64
N PRO D 328 -15.84 -5.62 3.90
CA PRO D 328 -15.75 -4.49 2.95
C PRO D 328 -16.79 -4.51 1.88
N ARG D 329 -17.58 -3.41 1.79
CA ARG D 329 -18.72 -3.27 0.87
C ARG D 329 -18.47 -3.33 -0.62
N GLN D 330 -17.33 -2.74 -1.12
CA GLN D 330 -17.08 -2.59 -2.53
C GLN D 330 -16.96 -3.91 -3.22
N ILE D 331 -16.30 -4.87 -2.56
CA ILE D 331 -16.09 -6.20 -3.01
C ILE D 331 -17.34 -6.98 -3.17
N SER D 332 -18.22 -6.86 -2.18
CA SER D 332 -19.49 -7.50 -2.13
C SER D 332 -20.37 -7.01 -3.24
N ARG D 333 -20.26 -5.70 -3.43
CA ARG D 333 -21.00 -4.91 -4.39
C ARG D 333 -20.60 -5.24 -5.77
N ALA D 334 -19.36 -5.47 -5.93
CA ALA D 334 -18.76 -5.96 -7.19
C ALA D 334 -19.28 -7.32 -7.56
N MET D 335 -19.43 -8.28 -6.58
CA MET D 335 -20.07 -9.59 -6.79
C MET D 335 -21.53 -9.47 -7.11
N THR D 336 -22.30 -8.60 -6.51
CA THR D 336 -23.68 -8.43 -6.85
C THR D 336 -23.95 -7.92 -8.23
N LYS D 337 -23.05 -6.98 -8.73
CA LYS D 337 -23.10 -6.33 -9.98
C LYS D 337 -22.98 -7.35 -11.03
N LEU D 338 -22.02 -8.35 -10.77
CA LEU D 338 -21.77 -9.49 -11.57
C LEU D 338 -22.93 -10.50 -11.66
N GLN D 339 -23.59 -10.72 -10.46
CA GLN D 339 -24.69 -11.68 -10.34
C GLN D 339 -25.80 -11.30 -11.17
N GLN D 340 -26.02 -9.95 -11.22
CA GLN D 340 -27.00 -9.36 -12.10
C GLN D 340 -26.68 -9.51 -13.54
N ARG D 341 -25.36 -9.23 -13.87
CA ARG D 341 -24.79 -9.16 -15.17
C ARG D 341 -24.77 -10.44 -15.91
N ILE D 342 -24.51 -11.57 -15.20
CA ILE D 342 -24.52 -12.85 -15.83
C ILE D 342 -25.79 -13.38 -16.42
N LYS D 343 -26.96 -12.99 -15.79
CA LYS D 343 -28.32 -13.40 -16.07
C LYS D 343 -28.64 -14.52 -15.18
N PHE D 344 -27.92 -14.46 -13.99
CA PHE D 344 -28.25 -15.34 -12.86
C PHE D 344 -29.63 -15.16 -12.41
N PRO D 345 -30.15 -13.91 -12.18
CA PRO D 345 -31.60 -13.90 -12.07
C PRO D 345 -32.14 -13.80 -13.47
N SER D 346 -33.34 -14.41 -13.70
CA SER D 346 -34.05 -14.32 -14.94
C SER D 346 -35.20 -13.35 -14.59
N TRP D 347 -35.91 -12.82 -15.56
CA TRP D 347 -36.94 -11.76 -15.32
C TRP D 347 -38.00 -11.92 -16.32
N SER D 348 -38.77 -10.83 -16.54
CA SER D 348 -40.00 -10.69 -17.27
C SER D 348 -39.64 -10.38 -18.69
N SER D 349 -39.64 -9.07 -19.06
CA SER D 349 -39.05 -8.64 -20.36
C SER D 349 -39.05 -7.13 -20.30
N SER D 350 -39.92 -6.57 -19.44
CA SER D 350 -39.91 -5.09 -19.34
C SER D 350 -39.26 -4.74 -17.97
N ALA D 351 -39.48 -5.69 -17.04
CA ALA D 351 -38.99 -5.74 -15.72
C ALA D 351 -37.81 -6.56 -15.94
N MET D 352 -36.64 -5.96 -15.57
CA MET D 352 -35.30 -6.42 -15.82
C MET D 352 -34.83 -6.88 -14.54
N HIS D 353 -33.54 -6.72 -14.25
CA HIS D 353 -32.95 -7.16 -13.05
C HIS D 353 -33.03 -6.02 -12.10
N VAL D 354 -33.61 -6.34 -10.91
CA VAL D 354 -33.83 -5.40 -9.81
C VAL D 354 -33.34 -6.19 -8.66
N ASN D 355 -32.17 -5.79 -8.14
CA ASN D 355 -31.55 -6.43 -7.09
C ASN D 355 -31.12 -5.32 -6.22
N ILE D 356 -31.57 -5.28 -4.94
CA ILE D 356 -31.36 -4.17 -4.08
C ILE D 356 -30.68 -4.89 -2.89
N GLY D 357 -29.99 -4.03 -2.16
CA GLY D 357 -29.25 -4.44 -0.98
C GLY D 357 -29.46 -3.51 0.15
N ARG D 358 -29.52 -4.12 1.37
CA ARG D 358 -29.52 -3.44 2.62
C ARG D 358 -28.33 -4.12 3.28
N ARG D 359 -27.47 -3.37 4.00
CA ARG D 359 -26.39 -3.81 4.80
C ARG D 359 -26.76 -3.20 6.18
N SER D 360 -26.60 -3.94 7.30
CA SER D 360 -27.11 -3.40 8.53
C SER D 360 -26.33 -3.70 9.82
N PRO D 361 -26.30 -3.00 10.88
CA PRO D 361 -25.63 -3.27 12.11
C PRO D 361 -26.00 -4.46 12.93
N TYR D 362 -25.07 -4.87 13.78
CA TYR D 362 -25.31 -5.99 14.63
C TYR D 362 -26.02 -5.49 15.94
N LEU D 363 -26.58 -6.47 16.72
CA LEU D 363 -27.19 -6.35 18.06
C LEU D 363 -26.21 -5.69 19.02
N PRO D 364 -26.70 -4.86 20.01
CA PRO D 364 -25.83 -4.20 20.95
C PRO D 364 -25.23 -5.22 21.97
N LEU D 365 -26.06 -6.03 22.65
CA LEU D 365 -25.59 -7.08 23.51
C LEU D 365 -25.30 -8.19 22.65
N GLN D 366 -24.02 -8.59 22.69
CA GLN D 366 -23.52 -9.75 21.97
C GLN D 366 -22.43 -10.39 22.80
N PRO D 367 -22.46 -11.80 22.98
CA PRO D 367 -21.40 -12.59 23.57
C PRO D 367 -20.70 -13.19 22.51
N ASN D 368 -21.17 -12.91 21.23
CA ASN D 368 -20.50 -13.43 20.05
C ASN D 368 -19.68 -12.49 19.35
N GLU D 369 -18.99 -12.91 18.26
CA GLU D 369 -17.95 -12.21 17.57
C GLU D 369 -18.46 -11.87 16.16
N ASN D 370 -17.68 -12.14 15.13
CA ASN D 370 -17.97 -11.96 13.71
C ASN D 370 -18.41 -13.29 13.23
N GLU D 371 -19.18 -13.22 12.11
CA GLU D 371 -19.89 -14.22 11.31
C GLU D 371 -20.90 -13.39 10.56
N VAL D 372 -20.83 -13.41 9.21
CA VAL D 372 -21.82 -12.65 8.42
C VAL D 372 -23.04 -13.45 8.19
N SER D 373 -24.24 -12.85 8.12
CA SER D 373 -25.41 -13.63 7.77
C SER D 373 -26.24 -12.80 6.86
N GLY D 374 -27.33 -13.38 6.28
CA GLY D 374 -28.09 -12.49 5.47
C GLY D 374 -29.40 -13.19 5.19
N MET D 375 -30.38 -12.39 4.69
CA MET D 375 -31.75 -12.70 4.53
C MET D 375 -31.89 -12.29 3.14
N MET D 376 -32.80 -12.99 2.46
CA MET D 376 -33.26 -12.67 1.16
C MET D 376 -34.79 -12.46 1.36
N LEU D 377 -35.29 -11.38 0.69
CA LEU D 377 -36.69 -11.19 0.48
C LEU D 377 -36.87 -11.09 -0.99
N SER D 378 -37.70 -11.95 -1.64
CA SER D 378 -37.91 -11.91 -3.03
C SER D 378 -39.35 -12.12 -3.41
N ASN D 379 -39.76 -11.64 -4.55
CA ASN D 379 -41.05 -11.88 -5.17
C ASN D 379 -40.74 -12.79 -6.32
N MET D 380 -41.15 -14.10 -6.27
CA MET D 380 -40.64 -15.15 -7.08
C MET D 380 -41.79 -15.95 -7.70
N SER D 381 -41.58 -16.38 -8.94
CA SER D 381 -42.49 -17.02 -9.82
C SER D 381 -42.88 -18.44 -9.41
N THR D 382 -42.10 -19.14 -8.54
CA THR D 382 -42.31 -20.49 -8.21
C THR D 382 -43.64 -20.63 -7.46
N VAL D 383 -44.13 -19.54 -6.91
CA VAL D 383 -45.42 -19.46 -6.25
C VAL D 383 -46.58 -19.88 -7.10
N VAL D 384 -46.65 -19.78 -8.46
CA VAL D 384 -47.73 -20.27 -9.18
C VAL D 384 -47.98 -21.72 -9.12
N ASN D 385 -46.88 -22.57 -8.80
CA ASN D 385 -47.03 -23.98 -8.55
C ASN D 385 -47.92 -24.22 -7.48
N VAL D 386 -47.83 -23.34 -6.52
CA VAL D 386 -48.71 -23.35 -5.35
C VAL D 386 -50.13 -23.09 -5.77
N PHE D 387 -50.39 -22.18 -6.65
CA PHE D 387 -51.72 -21.78 -7.07
C PHE D 387 -52.42 -22.99 -7.77
N GLU D 388 -51.71 -23.80 -8.61
CA GLU D 388 -52.10 -25.01 -9.28
C GLU D 388 -52.43 -26.09 -8.28
N ASN D 389 -51.67 -26.21 -7.17
CA ASN D 389 -51.88 -27.21 -6.11
C ASN D 389 -53.23 -26.98 -5.45
N ALA D 390 -53.46 -25.68 -5.22
CA ALA D 390 -54.71 -25.27 -4.68
C ALA D 390 -55.90 -25.58 -5.62
N CYS D 391 -55.73 -25.36 -6.97
CA CYS D 391 -56.81 -25.70 -7.87
C CYS D 391 -57.17 -27.23 -7.89
N ASN D 392 -56.16 -28.09 -7.90
CA ASN D 392 -56.36 -29.47 -8.03
C ASN D 392 -57.18 -30.03 -6.85
N THR D 393 -56.72 -29.58 -5.62
CA THR D 393 -57.27 -29.93 -4.34
C THR D 393 -58.64 -29.40 -4.15
N PHE D 394 -59.03 -28.17 -4.60
CA PHE D 394 -60.40 -27.76 -4.49
C PHE D 394 -61.27 -28.64 -5.29
N ASP D 395 -60.81 -29.00 -6.53
CA ASP D 395 -61.62 -29.70 -7.51
C ASP D 395 -61.96 -31.03 -6.95
N LYS D 396 -61.05 -31.76 -6.33
CA LYS D 396 -61.42 -33.04 -5.73
C LYS D 396 -62.40 -33.09 -4.60
N VAL D 397 -62.23 -32.17 -3.63
CA VAL D 397 -63.09 -32.09 -2.50
C VAL D 397 -64.53 -31.72 -2.96
N PHE D 398 -64.60 -30.79 -3.95
CA PHE D 398 -65.88 -30.20 -4.47
C PHE D 398 -66.68 -31.32 -5.12
N ALA D 399 -65.91 -32.14 -5.89
CA ALA D 399 -66.37 -33.26 -6.70
C ALA D 399 -67.03 -34.23 -5.72
N LYS D 400 -66.41 -34.46 -4.52
CA LYS D 400 -66.99 -35.42 -3.60
C LYS D 400 -68.32 -34.90 -3.02
N GLY D 401 -68.39 -33.60 -2.79
CA GLY D 401 -69.53 -32.85 -2.28
C GLY D 401 -69.57 -32.98 -0.78
N ALA D 402 -68.44 -33.06 -0.11
CA ALA D 402 -68.26 -33.31 1.30
C ALA D 402 -68.51 -32.13 2.19
N PHE D 403 -69.36 -32.37 3.24
CA PHE D 403 -69.64 -31.56 4.39
C PHE D 403 -70.01 -30.19 3.99
N LEU D 404 -71.04 -30.15 3.04
CA LEU D 404 -71.59 -28.95 2.47
C LEU D 404 -72.55 -28.39 3.50
N ASN D 405 -73.06 -29.25 4.38
CA ASN D 405 -74.14 -28.80 5.30
C ASN D 405 -73.87 -27.55 6.14
N ASN D 406 -72.66 -27.47 6.79
CA ASN D 406 -72.28 -26.42 7.67
C ASN D 406 -72.25 -25.08 6.88
N TYR D 407 -71.78 -25.12 5.62
CA TYR D 407 -71.70 -24.00 4.76
C TYR D 407 -73.04 -23.44 4.33
N ASN D 408 -73.95 -24.41 4.08
CA ASN D 408 -75.27 -24.13 3.58
C ASN D 408 -75.96 -23.26 4.56
N VAL D 409 -75.71 -23.36 5.89
CA VAL D 409 -76.33 -22.54 6.99
C VAL D 409 -76.00 -21.10 6.81
N GLY D 410 -74.76 -20.91 6.29
CA GLY D 410 -74.27 -19.60 5.98
C GLY D 410 -74.81 -19.09 4.68
N ASP D 411 -75.18 -17.78 4.71
CA ASP D 411 -75.93 -17.08 3.62
C ASP D 411 -75.20 -16.95 2.28
N LEU D 412 -73.87 -16.81 2.37
CA LEU D 412 -72.88 -16.76 1.30
C LEU D 412 -72.86 -18.01 0.48
N PHE D 413 -73.01 -19.14 1.20
CA PHE D 413 -72.99 -20.47 0.57
C PHE D 413 -74.26 -21.22 0.58
N GLN D 414 -75.41 -20.53 0.59
CA GLN D 414 -76.68 -21.20 0.85
C GLN D 414 -77.13 -22.27 -0.16
N SER D 415 -77.08 -21.98 -1.52
CA SER D 415 -77.53 -22.91 -2.50
C SER D 415 -76.48 -22.97 -3.57
N MET D 416 -75.41 -22.28 -3.31
CA MET D 416 -74.30 -21.88 -4.16
C MET D 416 -73.04 -22.05 -3.41
N GLN D 417 -71.90 -22.09 -4.08
CA GLN D 417 -70.59 -22.13 -3.43
C GLN D 417 -69.78 -21.19 -4.25
N ASN D 418 -70.40 -19.98 -4.40
CA ASN D 418 -69.90 -19.01 -5.34
C ASN D 418 -68.62 -18.46 -4.91
N VAL D 419 -68.38 -18.25 -3.61
CA VAL D 419 -67.16 -17.60 -3.15
C VAL D 419 -65.92 -18.40 -3.60
N GLN D 420 -66.01 -19.76 -3.51
CA GLN D 420 -64.97 -20.63 -3.89
C GLN D 420 -64.67 -20.58 -5.36
N ASP D 421 -65.76 -20.54 -6.20
CA ASP D 421 -65.69 -20.44 -7.65
C ASP D 421 -65.02 -19.13 -8.10
N GLU D 422 -65.44 -17.95 -7.40
CA GLU D 422 -65.04 -16.60 -7.80
C GLU D 422 -63.57 -16.50 -7.64
N PHE D 423 -63.05 -17.08 -6.47
CA PHE D 423 -61.64 -17.05 -6.26
C PHE D 423 -60.87 -17.82 -7.24
N ALA D 424 -61.40 -19.03 -7.60
CA ALA D 424 -60.77 -19.92 -8.48
C ALA D 424 -60.51 -19.30 -9.86
N GLU D 425 -61.50 -18.57 -10.41
CA GLU D 425 -61.48 -17.92 -11.65
C GLU D 425 -60.53 -16.77 -11.67
N SER D 426 -60.52 -15.99 -10.52
CA SER D 426 -59.67 -14.89 -10.29
C SER D 426 -58.22 -15.29 -10.27
N ARG D 427 -57.85 -16.42 -9.64
CA ARG D 427 -56.45 -16.88 -9.44
C ARG D 427 -55.82 -17.21 -10.78
N GLU D 428 -56.63 -17.85 -11.70
CA GLU D 428 -56.12 -18.18 -13.03
C GLU D 428 -55.79 -17.06 -13.88
N VAL D 429 -56.57 -15.96 -13.79
CA VAL D 429 -56.38 -14.71 -14.49
C VAL D 429 -55.13 -14.13 -14.10
N VAL D 430 -54.81 -14.17 -12.77
CA VAL D 430 -53.59 -13.60 -12.22
C VAL D 430 -52.42 -14.27 -12.69
N GLN D 431 -52.47 -15.62 -12.79
CA GLN D 431 -51.52 -16.51 -13.35
C GLN D 431 -51.31 -16.19 -14.79
N SER D 432 -52.38 -15.96 -15.62
CA SER D 432 -52.27 -15.65 -17.04
C SER D 432 -51.55 -14.40 -17.18
N LEU D 433 -51.79 -13.45 -16.27
CA LEU D 433 -51.12 -12.19 -16.26
C LEU D 433 -49.65 -12.29 -16.00
N MET D 434 -49.21 -13.19 -15.12
CA MET D 434 -47.80 -13.33 -14.71
C MET D 434 -46.92 -13.68 -15.90
N GLU D 435 -47.50 -14.56 -16.70
CA GLU D 435 -47.00 -15.04 -17.96
C GLU D 435 -46.97 -13.94 -19.07
N ASP D 436 -47.99 -13.13 -19.01
CA ASP D 436 -48.13 -12.03 -19.94
C ASP D 436 -47.00 -11.13 -19.73
N TYR D 437 -46.52 -10.91 -18.47
CA TYR D 437 -45.44 -10.03 -18.18
C TYR D 437 -44.05 -10.40 -18.83
N VAL D 438 -43.87 -11.73 -19.10
CA VAL D 438 -42.73 -12.23 -19.73
C VAL D 438 -42.64 -11.80 -21.18
N ALA D 439 -43.77 -11.54 -21.78
CA ALA D 439 -43.96 -11.17 -23.14
C ALA D 439 -44.05 -9.65 -23.35
N ALA D 440 -43.84 -9.15 -24.63
CA ALA D 440 -43.82 -7.82 -25.05
C ALA D 440 -45.12 -7.10 -24.86
N GLU D 441 -46.17 -7.91 -25.03
CA GLU D 441 -47.62 -7.49 -25.10
C GLU D 441 -48.07 -6.82 -23.81
N GLN D 442 -47.34 -6.84 -22.62
CA GLN D 442 -47.67 -6.14 -21.40
C GLN D 442 -47.89 -4.71 -21.67
N ASP D 443 -46.95 -4.18 -22.52
CA ASP D 443 -46.97 -2.84 -22.98
C ASP D 443 -48.05 -2.65 -23.97
N SER D 444 -48.62 -1.41 -24.02
CA SER D 444 -49.62 -1.03 -25.01
C SER D 444 -49.07 0.01 -25.91
N TYR D 445 -47.88 0.45 -25.56
CA TYR D 445 -46.93 1.42 -26.29
C TYR D 445 -47.40 2.90 -26.24
N UNK E 1 33.37 48.26 4.32
CA UNK E 1 33.60 47.47 3.07
C UNK E 1 34.87 47.70 2.29
N UNK E 2 35.24 46.82 1.38
CA UNK E 2 36.42 46.91 0.56
C UNK E 2 36.29 48.17 -0.37
N UNK E 3 35.00 48.42 -0.81
CA UNK E 3 34.46 49.57 -1.42
C UNK E 3 34.58 50.84 -0.61
N UNK E 4 34.35 50.83 0.79
CA UNK E 4 34.51 51.99 1.56
C UNK E 4 36.00 52.40 1.52
N UNK E 5 36.87 51.43 1.58
CA UNK E 5 38.27 51.68 1.45
C UNK E 5 38.70 52.22 0.10
N UNK E 6 38.16 51.71 -1.01
CA UNK E 6 38.49 52.10 -2.38
C UNK E 6 38.17 53.55 -2.74
N UNK E 7 37.05 54.13 -2.27
CA UNK E 7 36.77 55.51 -2.61
C UNK E 7 37.82 56.49 -2.14
N UNK E 8 38.35 56.12 -0.88
CA UNK E 8 39.44 56.75 -0.18
C UNK E 8 40.67 56.62 -1.05
N UNK E 9 40.87 55.43 -1.70
CA UNK E 9 41.96 55.14 -2.52
C UNK E 9 42.06 55.98 -3.82
N UNK E 10 40.87 56.18 -4.45
CA UNK E 10 40.86 57.02 -5.64
C UNK E 10 41.28 58.48 -5.31
N UNK E 11 40.75 58.99 -4.20
CA UNK E 11 41.02 60.27 -3.59
C UNK E 11 42.57 60.31 -3.21
N UNK E 12 43.06 59.17 -2.61
CA UNK E 12 44.41 59.12 -2.14
C UNK E 12 45.43 59.15 -3.20
N UNK E 13 45.28 58.38 -4.32
CA UNK E 13 46.18 58.30 -5.42
C UNK E 13 46.20 59.68 -5.99
N UNK E 14 44.99 60.33 -6.13
CA UNK E 14 44.97 61.65 -6.70
C UNK E 14 45.72 62.65 -5.87
N UNK E 15 45.56 62.48 -4.51
CA UNK E 15 46.20 63.35 -3.49
C UNK E 15 47.73 63.28 -3.54
N UNK E 16 48.22 62.06 -3.76
CA UNK E 16 49.60 61.73 -3.87
C UNK E 16 50.31 62.40 -5.00
N UNK E 17 49.61 62.45 -6.18
CA UNK E 17 50.11 63.13 -7.31
C UNK E 17 50.17 64.59 -6.99
N UNK E 18 49.10 65.14 -6.34
CA UNK E 18 49.20 66.56 -5.97
C UNK E 18 50.29 66.93 -5.02
N UNK E 19 50.52 66.10 -3.93
CA UNK E 19 51.43 66.13 -2.77
C UNK E 19 52.81 66.06 -3.30
N UNK E 20 53.04 65.24 -4.36
CA UNK E 20 54.25 65.01 -5.15
C UNK E 20 54.63 66.22 -5.86
N UNK E 21 53.70 66.94 -6.50
CA UNK E 21 54.05 68.19 -7.16
C UNK E 21 54.56 69.26 -6.19
N UNK E 22 54.07 69.14 -4.96
CA UNK E 22 54.56 69.97 -3.89
C UNK E 22 56.00 69.71 -3.55
N UNK E 23 56.36 68.41 -3.52
CA UNK E 23 57.73 67.93 -3.17
C UNK E 23 58.68 68.50 -4.18
N UNK E 24 58.30 68.45 -5.39
CA UNK E 24 58.98 69.02 -6.48
C UNK E 24 59.17 70.52 -6.41
N UNK E 25 58.07 71.25 -6.05
CA UNK E 25 58.09 72.72 -5.98
C UNK E 25 59.05 73.23 -4.91
N UNK E 26 58.96 72.56 -3.80
CA UNK E 26 59.94 72.78 -2.71
C UNK E 26 61.39 72.36 -3.04
N UNK E 27 61.58 71.14 -3.62
CA UNK E 27 62.96 70.67 -3.71
C UNK E 27 63.75 71.51 -4.74
N UNK E 28 62.97 72.02 -5.71
CA UNK E 28 63.35 73.02 -6.71
C UNK E 28 63.65 74.40 -6.12
N UNK E 29 63.02 74.71 -4.94
CA UNK E 29 63.17 75.98 -4.24
C UNK E 29 64.60 76.17 -3.76
N UNK E 30 65.22 75.03 -3.28
CA UNK E 30 66.59 74.95 -2.82
C UNK E 30 67.53 75.25 -3.88
N UNK E 31 67.20 74.87 -5.15
CA UNK E 31 68.07 75.04 -6.33
C UNK E 31 68.29 76.56 -6.62
N UNK E 32 67.25 77.41 -6.59
CA UNK E 32 67.29 78.90 -6.73
C UNK E 32 67.97 79.58 -5.58
N UNK E 33 67.68 79.08 -4.35
CA UNK E 33 68.32 79.67 -3.19
C UNK E 33 69.82 79.45 -3.26
N UNK E 34 70.16 78.18 -3.59
CA UNK E 34 71.52 77.78 -3.76
C UNK E 34 72.20 78.40 -4.95
N UNK E 35 71.61 78.53 -6.18
CA UNK E 35 72.32 79.13 -7.33
C UNK E 35 72.50 80.61 -7.02
N UNK E 36 71.67 81.28 -6.14
CA UNK E 36 71.90 82.57 -5.64
C UNK E 36 73.09 82.73 -4.70
N UNK E 37 73.33 81.74 -3.82
CA UNK E 37 74.47 81.60 -2.92
C UNK E 37 75.73 81.37 -3.66
N UNK E 38 75.70 80.58 -4.82
CA UNK E 38 76.82 80.22 -5.75
C UNK E 38 77.28 81.54 -6.34
N UNK E 39 76.34 82.41 -6.75
CA UNK E 39 76.49 83.75 -7.39
C UNK E 39 77.22 84.64 -6.39
N UNK E 40 76.79 84.67 -5.06
CA UNK E 40 77.43 85.47 -4.05
C UNK E 40 78.78 85.04 -3.67
N UNK E 41 79.02 83.70 -3.52
CA UNK E 41 80.32 83.05 -3.18
C UNK E 41 81.28 83.28 -4.27
N UNK E 42 80.82 83.11 -5.49
CA UNK E 42 81.57 83.21 -6.74
C UNK E 42 82.24 84.55 -6.90
N UNK E 43 81.68 85.69 -6.51
CA UNK E 43 82.31 87.00 -6.61
C UNK E 43 83.60 86.96 -5.72
N UNK E 44 83.42 86.43 -4.48
CA UNK E 44 84.44 86.29 -3.39
C UNK E 44 85.25 84.95 -3.37
N UNK F 1 31.29 48.69 -22.01
CA UNK F 1 30.90 48.52 -20.54
C UNK F 1 31.69 49.42 -19.68
N UNK F 2 31.08 49.77 -18.54
CA UNK F 2 31.48 50.67 -17.51
C UNK F 2 32.76 50.25 -16.83
N UNK F 3 32.89 48.88 -16.60
CA UNK F 3 33.98 48.32 -15.78
C UNK F 3 35.28 48.66 -16.40
N UNK F 4 35.40 48.51 -17.74
CA UNK F 4 36.55 48.82 -18.56
C UNK F 4 36.84 50.29 -18.55
N UNK F 5 35.78 51.09 -18.60
CA UNK F 5 35.86 52.55 -18.51
C UNK F 5 36.46 53.01 -17.13
N UNK F 6 35.92 52.34 -16.07
CA UNK F 6 36.25 52.73 -14.71
C UNK F 6 37.73 52.35 -14.50
N UNK F 7 38.15 51.17 -15.02
CA UNK F 7 39.44 50.51 -14.96
C UNK F 7 40.44 51.39 -15.63
N UNK F 8 40.14 52.12 -16.74
CA UNK F 8 41.10 53.04 -17.34
C UNK F 8 41.54 54.24 -16.54
N UNK F 9 40.56 54.75 -15.78
CA UNK F 9 40.76 55.91 -14.96
C UNK F 9 41.74 55.74 -13.91
N UNK F 10 41.76 54.58 -13.24
CA UNK F 10 42.79 54.25 -12.24
C UNK F 10 44.13 54.24 -12.96
N UNK F 11 44.15 53.64 -14.16
CA UNK F 11 45.44 53.63 -14.87
C UNK F 11 45.99 54.97 -15.26
N UNK F 12 45.13 55.94 -15.69
CA UNK F 12 45.57 57.27 -15.95
C UNK F 12 46.12 57.97 -14.75
N UNK F 13 45.50 57.97 -13.50
CA UNK F 13 46.03 58.52 -12.31
C UNK F 13 47.24 57.77 -11.80
N UNK F 14 47.31 56.43 -11.90
CA UNK F 14 48.47 55.63 -11.57
C UNK F 14 49.71 55.98 -12.46
N UNK F 15 49.52 56.22 -13.76
CA UNK F 15 50.53 56.75 -14.66
C UNK F 15 50.92 58.12 -14.20
N UNK F 16 50.04 59.01 -13.79
CA UNK F 16 50.52 60.37 -13.40
C UNK F 16 51.48 60.38 -12.26
N UNK F 17 51.13 59.51 -11.26
CA UNK F 17 51.90 59.32 -10.06
C UNK F 17 53.32 58.81 -10.34
N UNK F 18 53.45 57.78 -11.27
CA UNK F 18 54.74 57.25 -11.56
C UNK F 18 55.58 58.34 -12.24
N UNK F 19 55.07 59.13 -13.22
CA UNK F 19 55.86 60.06 -13.90
C UNK F 19 56.46 61.14 -12.94
N UNK F 20 55.60 61.57 -11.99
CA UNK F 20 55.97 62.46 -10.85
C UNK F 20 57.12 61.86 -9.92
N UNK F 21 57.20 60.45 -9.80
CA UNK F 21 58.21 59.76 -8.99
C UNK F 21 59.51 59.90 -9.74
N UNK F 22 59.48 59.66 -11.07
CA UNK F 22 60.65 59.60 -11.93
C UNK F 22 61.39 60.94 -11.96
N UNK F 23 60.56 61.97 -12.14
CA UNK F 23 60.93 63.37 -12.16
C UNK F 23 61.32 63.83 -10.83
N UNK F 24 60.70 63.33 -9.78
CA UNK F 24 60.97 63.74 -8.43
C UNK F 24 62.37 63.33 -8.01
N UNK F 25 62.85 62.20 -8.51
CA UNK F 25 64.22 61.65 -8.39
C UNK F 25 65.25 62.48 -9.23
N UNK F 26 64.85 63.05 -10.36
CA UNK F 26 65.80 63.91 -11.08
C UNK F 26 66.31 65.09 -10.25
N UNK F 27 65.39 65.66 -9.41
CA UNK F 27 65.63 66.78 -8.51
C UNK F 27 66.54 66.39 -7.37
N UNK F 28 66.37 65.15 -7.00
CA UNK F 28 67.20 64.43 -6.01
C UNK F 28 68.61 64.48 -6.52
N UNK F 29 68.90 64.20 -7.87
CA UNK F 29 70.21 64.26 -8.46
C UNK F 29 70.67 65.65 -8.59
N UNK F 30 69.78 66.56 -9.03
CA UNK F 30 70.04 67.92 -9.28
C UNK F 30 70.53 68.70 -8.02
N UNK F 31 69.87 68.46 -6.90
CA UNK F 31 70.22 69.04 -5.62
C UNK F 31 71.63 68.59 -5.09
N UNK F 32 72.00 67.30 -5.36
CA UNK F 32 73.25 66.66 -5.01
C UNK F 32 74.38 67.40 -5.73
N UNK F 33 74.08 67.70 -7.01
CA UNK F 33 74.98 68.43 -7.90
C UNK F 33 75.14 69.85 -7.39
N UNK F 34 74.04 70.52 -6.97
CA UNK F 34 74.16 71.83 -6.28
C UNK F 34 74.92 71.74 -4.97
N UNK F 35 74.80 70.69 -4.13
CA UNK F 35 75.39 70.54 -2.81
C UNK F 35 76.92 70.52 -2.92
N UNK F 36 77.37 69.72 -3.92
CA UNK F 36 78.76 69.63 -4.30
C UNK F 36 79.19 70.95 -4.90
N UNK F 37 78.34 71.67 -5.67
CA UNK F 37 78.67 72.98 -6.25
C UNK F 37 79.02 74.00 -5.08
N UNK F 38 78.26 73.92 -3.98
CA UNK F 38 78.37 74.84 -2.84
C UNK F 38 79.68 74.77 -2.17
N UNK F 39 80.06 73.48 -2.06
CA UNK F 39 81.33 73.02 -1.47
C UNK F 39 82.45 73.60 -2.23
N UNK F 40 82.43 73.52 -3.56
CA UNK F 40 83.44 73.93 -4.42
C UNK F 40 83.61 75.43 -4.33
N UNK F 41 82.53 76.14 -4.29
CA UNK F 41 82.44 77.60 -4.16
C UNK F 41 82.99 78.13 -2.85
N UNK F 42 82.69 77.47 -1.74
CA UNK F 42 83.10 77.80 -0.38
C UNK F 42 84.57 77.73 -0.13
N UNK F 43 85.13 76.62 -0.59
CA UNK F 43 86.49 76.24 -0.39
C UNK F 43 87.45 77.19 -1.13
N UNK F 44 87.06 77.41 -2.44
CA UNK F 44 87.50 78.38 -3.43
C UNK F 44 87.70 79.78 -2.88
#